data_4V5W
#
_entry.id   4V5W
#
_cell.length_a   283.600
_cell.length_b   295.500
_cell.length_c   394.300
_cell.angle_alpha   90.00
_cell.angle_beta   91.60
_cell.angle_gamma   90.00
#
_symmetry.space_group_name_H-M   'P 1 21 1'
#
_entity_poly.entity_id   1
_entity_poly.type   'polypeptide(L)'
_entity_poly.pdbx_seq_one_letter_code
;GLAGRGVIYIPKDCQANRYLGTLNIRDMISDFKGVQYEKWITAGLVMPTFKIVIRLPANAFTGLTWVMSFDAYNRITSRI
TASADPVYTLSVPHWLIHHKLGTFSCEIDYGELCGHAMWFKSTTFESPRLHFTCLTGNNKELAADWQAVVELYAELEEAT
SFLGKPTLVFDPGVFNGKFQFLTCPPIFFDLTAVTALRSAGLTLGQVPMVGTTKVYNLNSTLVSCVLGMGGTVRGRVHIC
APIFYSIVLWVVSEWNGTTMDWNELFKYPGVYVEEDGSFEVKIRSPYHRTPARLLAGQSQRDMSSLNFYAIAGPIAPSGE
TAQLPIVVQIDEIVRPDLSLPSFEDDYFVWVDFSEFTLDKEEIEIGSRFFDFTSNTCRVSMGENPFAAMIACHGLHSGVL
DLKLQWSLNTEFGKSSGSVTITKLVGDKAMGLDGPSHVFAIQKLEGTTELLVGNFAGANPNTRFSLYSRWMAIKLDQAKS
IKVLRVLCKPRPGFSFYGRTSFPV
;
_entity_poly.pdbx_strand_id   AA,AB,AC,AD,AE,AF,AG,AH,AI,AJ,AK,AL,AM,AN,AO,AP,AQ,AR,AS,AT,BA,BB,BC,BD,BE,BF,BG,BH,BI,BJ,BK,BL,BM,BN,BO,BP,BQ,BR,BS,BT,CA,CB,CC,CD,CE,CF,CG,CH,CI,CJ,CK,CL,CM,CN,CO,CP,CQ,CR,CS,CT
#
# COMPACT_ATOMS: atom_id res chain seq x y z
N GLY A 1 83.74 -20.79 74.85
CA GLY A 1 84.40 -19.96 75.85
C GLY A 1 85.81 -20.43 76.21
N LEU A 2 86.54 -19.60 76.95
CA LEU A 2 87.87 -19.99 77.38
C LEU A 2 87.79 -21.27 78.23
N ALA A 3 88.53 -22.29 77.82
CA ALA A 3 88.39 -23.62 78.41
C ALA A 3 89.59 -23.99 79.25
N GLY A 4 90.74 -23.48 78.86
CA GLY A 4 91.97 -23.75 79.59
C GLY A 4 93.06 -22.80 79.17
N ARG A 5 94.15 -22.75 79.94
CA ARG A 5 95.25 -21.87 79.59
C ARG A 5 96.57 -22.35 80.15
N GLY A 6 97.64 -21.71 79.69
CA GLY A 6 98.99 -22.13 80.03
C GLY A 6 99.99 -21.08 79.61
N VAL A 7 101.23 -21.26 80.03
CA VAL A 7 102.23 -20.24 79.76
C VAL A 7 103.49 -20.87 79.23
N ILE A 8 104.04 -20.28 78.17
CA ILE A 8 105.33 -20.69 77.65
C ILE A 8 106.38 -19.61 77.99
N TYR A 9 107.50 -20.01 78.59
CA TYR A 9 108.55 -19.04 78.92
C TYR A 9 109.60 -18.98 77.83
N ILE A 10 109.90 -17.76 77.40
CA ILE A 10 110.88 -17.49 76.33
C ILE A 10 112.18 -16.88 76.87
N PRO A 11 113.32 -17.55 76.62
CA PRO A 11 114.63 -16.99 76.99
C PRO A 11 114.96 -15.71 76.22
N LYS A 12 115.64 -14.78 76.90
CA LYS A 12 116.04 -13.53 76.25
C LYS A 12 116.86 -13.82 75.01
N ASP A 13 117.73 -14.83 75.08
CA ASP A 13 118.39 -15.36 73.89
C ASP A 13 117.72 -16.68 73.47
N CYS A 14 116.78 -16.58 72.54
CA CYS A 14 116.04 -17.74 72.06
C CYS A 14 116.67 -18.21 70.75
N GLN A 15 117.61 -19.15 70.85
CA GLN A 15 118.35 -19.68 69.71
C GLN A 15 117.53 -20.71 68.91
N ALA A 16 117.96 -21.01 67.70
CA ALA A 16 117.23 -22.02 66.93
C ALA A 16 117.35 -23.39 67.59
N ASN A 17 116.22 -24.09 67.59
CA ASN A 17 116.11 -25.44 68.12
C ASN A 17 115.89 -25.50 69.62
N ARG A 18 115.77 -24.33 70.27
CA ARG A 18 115.53 -24.37 71.71
C ARG A 18 114.18 -24.98 72.01
N TYR A 19 114.13 -25.86 72.99
CA TYR A 19 112.84 -26.35 73.48
C TYR A 19 112.29 -25.36 74.51
N LEU A 20 111.04 -24.95 74.33
CA LEU A 20 110.46 -23.90 75.16
C LEU A 20 109.53 -24.45 76.22
N GLY A 21 108.93 -25.59 75.93
CA GLY A 21 108.07 -26.25 76.89
C GLY A 21 106.96 -27.06 76.28
N THR A 22 106.29 -27.86 77.11
CA THR A 22 105.14 -28.63 76.64
C THR A 22 103.96 -28.35 77.53
N LEU A 23 102.81 -28.11 76.92
CA LEU A 23 101.58 -27.95 77.67
C LEU A 23 100.77 -29.21 77.50
N ASN A 24 100.16 -29.65 78.58
CA ASN A 24 99.31 -30.82 78.51
C ASN A 24 97.84 -30.38 78.33
N ILE A 25 97.26 -30.69 77.18
CA ILE A 25 95.96 -30.14 76.85
C ILE A 25 94.94 -30.42 77.92
N ARG A 26 94.93 -31.64 78.45
CA ARG A 26 93.90 -31.96 79.43
C ARG A 26 94.16 -31.26 80.77
N ASP A 27 95.43 -31.15 81.16
CA ASP A 27 95.79 -30.36 82.35
C ASP A 27 95.47 -28.86 82.23
N MET A 28 95.62 -28.28 81.03
CA MET A 28 95.22 -26.88 80.84
C MET A 28 93.75 -26.67 81.19
N ILE A 29 92.91 -27.62 80.79
CA ILE A 29 91.48 -27.50 81.03
C ILE A 29 91.13 -27.81 82.49
N SER A 30 91.79 -28.80 83.08
CA SER A 30 91.45 -29.21 84.44
C SER A 30 92.04 -28.31 85.52
N ASP A 31 93.20 -27.70 85.24
CA ASP A 31 93.81 -26.76 86.20
C ASP A 31 93.03 -25.45 86.23
N PHE A 32 92.45 -25.11 85.09
CA PHE A 32 91.66 -23.91 84.95
C PHE A 32 90.33 -24.08 85.70
N LYS A 33 89.51 -25.04 85.24
CA LYS A 33 88.48 -25.66 86.09
C LYS A 33 87.39 -24.71 86.56
N GLY A 34 86.87 -23.83 85.70
CA GLY A 34 86.69 -24.03 84.27
C GLY A 34 85.18 -24.26 84.15
N VAL A 35 84.43 -23.36 83.51
CA VAL A 35 83.03 -23.67 83.20
C VAL A 35 83.00 -24.84 82.22
N GLN A 36 83.93 -24.85 81.27
CA GLN A 36 84.03 -25.94 80.30
C GLN A 36 84.47 -27.25 80.95
N TYR A 37 85.46 -27.16 81.84
CA TYR A 37 85.87 -28.35 82.59
C TYR A 37 84.67 -28.98 83.29
N GLU A 38 83.84 -28.17 83.93
CA GLU A 38 82.71 -28.71 84.66
C GLU A 38 81.64 -29.29 83.74
N LYS A 39 81.45 -28.71 82.55
CA LYS A 39 80.54 -29.29 81.57
C LYS A 39 81.06 -30.66 81.13
N TRP A 40 82.39 -30.80 81.18
CA TRP A 40 83.08 -31.98 80.67
C TRP A 40 82.79 -33.16 81.58
N ILE A 41 82.90 -32.92 82.89
CA ILE A 41 82.62 -33.94 83.90
C ILE A 41 81.25 -34.58 83.69
N THR A 42 80.28 -33.76 83.30
CA THR A 42 78.93 -34.27 83.08
C THR A 42 78.79 -35.02 81.78
N ALA A 43 79.49 -34.55 80.75
CA ALA A 43 79.45 -35.19 79.44
C ALA A 43 80.11 -36.56 79.50
N GLY A 44 81.20 -36.63 80.25
CA GLY A 44 82.02 -37.82 80.28
C GLY A 44 83.02 -37.76 79.14
N LEU A 45 82.51 -37.89 77.91
CA LEU A 45 83.33 -37.87 76.71
C LEU A 45 83.15 -36.58 75.91
N VAL A 46 84.24 -35.98 75.46
CA VAL A 46 84.15 -34.81 74.58
C VAL A 46 85.03 -34.98 73.31
N MET A 47 84.56 -34.46 72.18
CA MET A 47 85.33 -34.48 70.93
C MET A 47 85.50 -33.08 70.39
N PRO A 48 86.14 -32.22 71.18
CA PRO A 48 86.08 -30.76 70.98
C PRO A 48 86.55 -30.29 69.61
N THR A 49 86.08 -29.12 69.21
CA THR A 49 86.79 -28.34 68.23
C THR A 49 87.40 -27.17 68.99
N PHE A 50 88.72 -27.18 69.12
CA PHE A 50 89.44 -26.14 69.84
C PHE A 50 89.84 -25.00 68.93
N LYS A 51 89.80 -23.79 69.47
CA LYS A 51 90.53 -22.69 68.88
C LYS A 51 91.71 -22.50 69.83
N ILE A 52 92.92 -22.64 69.32
CA ILE A 52 94.08 -22.33 70.12
C ILE A 52 94.54 -20.92 69.83
N VAL A 53 94.80 -20.14 70.86
CA VAL A 53 95.28 -18.79 70.67
C VAL A 53 96.55 -18.58 71.46
N ILE A 54 97.62 -18.17 70.77
CA ILE A 54 98.87 -17.85 71.44
C ILE A 54 99.09 -16.35 71.50
N ARG A 55 99.06 -15.79 72.71
CA ARG A 55 99.21 -14.35 72.89
C ARG A 55 100.66 -13.98 73.12
N LEU A 56 101.08 -12.95 72.41
CA LEU A 56 102.43 -12.90 71.88
C LEU A 56 102.57 -11.49 71.33
N PRO A 57 103.52 -10.71 71.86
CA PRO A 57 103.66 -9.33 71.39
C PRO A 57 104.29 -9.29 69.99
N ALA A 58 103.57 -8.70 69.03
CA ALA A 58 104.07 -8.66 67.66
C ALA A 58 105.37 -7.85 67.58
N ASN A 59 106.34 -8.34 66.83
CA ASN A 59 107.60 -7.63 66.70
C ASN A 59 108.30 -7.97 65.39
N ALA A 60 108.62 -6.95 64.60
CA ALA A 60 109.26 -7.20 63.31
C ALA A 60 110.80 -7.15 63.36
N PHE A 61 111.35 -7.00 64.56
CA PHE A 61 112.77 -6.75 64.66
C PHE A 61 113.57 -7.91 65.28
N THR A 62 113.00 -9.12 65.28
CA THR A 62 113.69 -10.22 65.93
C THR A 62 114.04 -11.35 64.98
N GLY A 63 113.13 -11.67 64.06
CA GLY A 63 113.36 -12.79 63.16
C GLY A 63 112.89 -14.11 63.73
N LEU A 64 112.36 -14.05 64.96
CA LEU A 64 111.88 -15.24 65.65
C LEU A 64 110.70 -15.92 64.98
N THR A 65 110.84 -17.23 64.77
CA THR A 65 109.73 -18.07 64.35
C THR A 65 109.68 -19.32 65.22
N TRP A 66 108.51 -19.64 65.75
CA TRP A 66 108.33 -20.79 66.62
C TRP A 66 107.45 -21.82 65.95
N VAL A 67 107.46 -23.04 66.49
CA VAL A 67 106.56 -24.08 65.99
C VAL A 67 105.72 -24.64 67.13
N MET A 68 104.41 -24.61 66.96
CA MET A 68 103.53 -25.36 67.86
C MET A 68 103.26 -26.71 67.23
N SER A 69 103.59 -27.78 67.93
CA SER A 69 103.41 -29.13 67.40
C SER A 69 102.32 -29.85 68.22
N PHE A 70 101.28 -30.32 67.53
CA PHE A 70 100.21 -31.05 68.20
C PHE A 70 100.55 -32.53 68.24
N ASP A 71 100.96 -32.99 69.41
CA ASP A 71 101.39 -34.37 69.62
C ASP A 71 100.37 -35.12 70.46
N ALA A 72 99.28 -35.55 69.84
CA ALA A 72 98.18 -36.12 70.61
C ALA A 72 98.53 -37.48 71.21
N TYR A 73 99.55 -38.14 70.65
CA TYR A 73 99.89 -39.50 71.09
C TYR A 73 101.27 -39.60 71.69
N ASN A 74 101.83 -38.44 72.04
CA ASN A 74 103.06 -38.36 72.83
C ASN A 74 104.23 -39.08 72.17
N ARG A 75 104.47 -38.77 70.89
CA ARG A 75 105.42 -39.54 70.10
C ARG A 75 106.77 -38.85 69.92
N ILE A 76 106.82 -37.53 70.14
CA ILE A 76 108.10 -36.82 70.00
C ILE A 76 108.62 -36.15 71.29
N THR A 77 107.79 -36.12 72.32
CA THR A 77 108.21 -35.56 73.60
C THR A 77 109.62 -35.97 74.03
N SER A 78 109.81 -37.26 74.28
CA SER A 78 111.09 -37.83 74.72
C SER A 78 112.31 -37.19 74.02
N ARG A 79 112.18 -36.94 72.73
CA ARG A 79 113.34 -36.64 71.92
C ARG A 79 113.60 -35.15 71.70
N ILE A 80 112.71 -34.30 72.21
CA ILE A 80 112.88 -32.87 71.97
C ILE A 80 113.16 -32.05 73.21
N THR A 81 113.06 -32.67 74.38
CA THR A 81 113.13 -31.93 75.64
C THR A 81 114.48 -31.29 75.91
N ALA A 82 115.56 -31.88 75.42
CA ALA A 82 116.88 -31.29 75.54
C ALA A 82 117.10 -30.34 74.39
N SER A 83 116.88 -30.86 73.19
CA SER A 83 117.02 -30.08 71.98
C SER A 83 115.98 -30.49 70.95
N ALA A 84 115.45 -29.52 70.24
CA ALA A 84 114.34 -29.80 69.34
C ALA A 84 114.75 -29.67 67.88
N ASP A 85 115.09 -30.79 67.28
CA ASP A 85 115.40 -30.80 65.86
C ASP A 85 114.10 -30.63 65.09
N PRO A 86 114.11 -29.76 64.07
CA PRO A 86 112.91 -29.54 63.25
C PRO A 86 112.34 -30.80 62.63
N VAL A 87 113.15 -31.83 62.38
CA VAL A 87 112.62 -33.05 61.81
C VAL A 87 111.57 -33.68 62.71
N TYR A 88 111.79 -33.63 64.02
CA TYR A 88 110.79 -34.11 64.96
C TYR A 88 109.58 -33.19 65.04
N THR A 89 109.83 -31.90 65.26
CA THR A 89 108.75 -30.95 65.53
C THR A 89 107.80 -30.77 64.35
N LEU A 90 108.28 -31.04 63.14
CA LEU A 90 107.48 -30.89 61.92
C LEU A 90 106.86 -32.23 61.44
N SER A 91 107.10 -33.30 62.18
CA SER A 91 106.68 -34.63 61.77
C SER A 91 105.26 -34.96 62.23
N VAL A 92 104.70 -34.07 63.06
CA VAL A 92 103.31 -34.18 63.49
C VAL A 92 102.59 -32.91 63.08
N PRO A 93 101.24 -32.92 63.16
CA PRO A 93 100.54 -31.67 62.83
C PRO A 93 101.12 -30.47 63.59
N HIS A 94 101.31 -29.36 62.88
CA HIS A 94 102.03 -28.24 63.45
C HIS A 94 101.70 -26.95 62.74
N TRP A 95 102.10 -25.85 63.35
CA TRP A 95 101.81 -24.50 62.85
C TRP A 95 103.03 -23.60 63.06
N LEU A 96 103.32 -22.78 62.06
CA LEU A 96 104.39 -21.80 62.20
C LEU A 96 103.87 -20.54 62.87
N ILE A 97 104.60 -20.08 63.87
CA ILE A 97 104.22 -18.87 64.57
C ILE A 97 105.26 -17.79 64.31
N HIS A 98 104.90 -16.82 63.48
CA HIS A 98 105.85 -15.75 63.13
C HIS A 98 105.74 -14.56 64.08
N HIS A 99 106.88 -14.12 64.58
CA HIS A 99 106.89 -13.08 65.60
C HIS A 99 106.37 -11.77 65.01
N LYS A 100 106.63 -11.55 63.73
CA LYS A 100 106.17 -10.32 63.10
C LYS A 100 104.64 -10.22 63.08
N LEU A 101 103.94 -11.34 63.17
CA LEU A 101 102.49 -11.34 63.06
C LEU A 101 101.77 -11.24 64.41
N GLY A 102 102.55 -11.29 65.47
CA GLY A 102 102.01 -11.21 66.82
C GLY A 102 101.11 -12.37 67.19
N THR A 103 99.99 -12.05 67.84
CA THR A 103 99.09 -13.06 68.37
C THR A 103 98.61 -14.03 67.30
N PHE A 104 98.68 -15.32 67.61
CA PHE A 104 98.44 -16.39 66.66
C PHE A 104 97.22 -17.19 67.03
N SER A 105 96.50 -17.67 66.03
CA SER A 105 95.33 -18.48 66.27
C SER A 105 95.17 -19.62 65.24
N CYS A 106 94.62 -20.75 65.66
CA CYS A 106 94.28 -21.83 64.71
C CYS A 106 93.18 -22.73 65.28
N GLU A 107 92.60 -23.56 64.42
CA GLU A 107 91.59 -24.51 64.85
C GLU A 107 92.11 -25.92 64.84
N ILE A 108 91.72 -26.67 65.85
CA ILE A 108 92.07 -28.07 65.92
C ILE A 108 90.76 -28.81 66.06
N ASP A 109 90.38 -29.53 64.99
CA ASP A 109 89.24 -30.42 65.09
C ASP A 109 89.77 -31.70 65.69
N TYR A 110 89.51 -31.89 66.98
CA TYR A 110 90.08 -33.02 67.70
C TYR A 110 89.60 -34.34 67.10
N GLY A 111 88.42 -34.31 66.46
CA GLY A 111 87.91 -35.46 65.74
C GLY A 111 88.83 -35.96 64.64
N GLU A 112 89.41 -35.02 63.89
CA GLU A 112 90.35 -35.35 62.83
C GLU A 112 91.78 -35.53 63.32
N LEU A 113 92.37 -34.46 63.85
CA LEU A 113 93.77 -34.49 64.26
C LEU A 113 94.09 -35.51 65.34
N CYS A 114 93.08 -35.89 66.11
CA CYS A 114 93.31 -36.88 67.16
C CYS A 114 92.57 -38.22 66.92
N GLY A 115 91.23 -38.17 66.83
CA GLY A 115 90.47 -39.36 66.47
C GLY A 115 89.73 -40.10 67.57
N HIS A 116 90.17 -39.95 68.82
CA HIS A 116 89.40 -40.51 69.93
C HIS A 116 88.91 -39.44 70.93
N ALA A 117 87.75 -39.67 71.54
CA ALA A 117 87.15 -38.71 72.47
C ALA A 117 87.80 -38.72 73.85
N MET A 118 87.84 -37.54 74.48
CA MET A 118 88.52 -37.38 75.75
C MET A 118 87.64 -37.71 76.95
N TRP A 119 88.16 -38.54 77.83
CA TRP A 119 87.45 -38.98 79.02
C TRP A 119 87.82 -38.09 80.19
N PHE A 120 86.81 -37.53 80.85
CA PHE A 120 87.03 -36.53 81.88
C PHE A 120 87.98 -36.95 83.04
N LYS A 121 87.94 -38.22 83.44
CA LYS A 121 88.63 -38.63 84.66
C LYS A 121 90.07 -39.08 84.48
N SER A 122 90.44 -39.49 83.27
CA SER A 122 91.78 -39.99 83.05
C SER A 122 92.11 -40.12 81.56
N THR A 123 93.41 -40.10 81.28
CA THR A 123 93.87 -40.31 79.92
C THR A 123 93.50 -41.74 79.48
N THR A 124 92.97 -41.86 78.26
CA THR A 124 92.59 -43.17 77.71
C THR A 124 93.80 -43.85 77.11
N PHE A 125 94.35 -43.28 76.05
CA PHE A 125 95.53 -43.90 75.44
C PHE A 125 96.79 -43.21 75.92
N GLU A 126 97.17 -42.17 75.22
CA GLU A 126 98.21 -41.33 75.78
C GLU A 126 97.66 -39.92 75.94
N SER A 127 98.38 -39.11 76.72
CA SER A 127 97.96 -37.75 77.09
C SER A 127 98.39 -36.72 76.05
N PRO A 128 97.43 -36.04 75.41
CA PRO A 128 97.65 -35.09 74.30
C PRO A 128 98.46 -33.87 74.69
N ARG A 129 99.54 -33.57 73.95
CA ARG A 129 100.42 -32.44 74.29
C ARG A 129 100.51 -31.39 73.19
N LEU A 130 100.81 -30.17 73.59
CA LEU A 130 101.26 -29.14 72.66
C LEU A 130 102.71 -28.81 72.96
N HIS A 131 103.58 -28.94 71.97
CA HIS A 131 104.99 -28.61 72.15
C HIS A 131 105.32 -27.25 71.53
N PHE A 132 106.12 -26.46 72.23
CA PHE A 132 106.55 -25.19 71.68
C PHE A 132 108.06 -25.10 71.53
N THR A 133 108.51 -24.97 70.29
CA THR A 133 109.92 -25.01 69.98
C THR A 133 110.26 -23.81 69.14
N CYS A 134 111.54 -23.45 69.10
CA CYS A 134 111.99 -22.33 68.27
C CYS A 134 112.59 -22.83 66.96
N LEU A 135 112.00 -22.44 65.83
CA LEU A 135 112.41 -22.94 64.52
C LEU A 135 113.57 -22.13 63.96
N THR A 136 113.43 -20.81 63.99
CA THR A 136 114.48 -19.87 63.61
C THR A 136 114.69 -18.91 64.77
N GLY A 137 115.95 -18.69 65.13
CA GLY A 137 116.28 -17.91 66.32
C GLY A 137 116.23 -16.40 66.11
N ASN A 138 116.36 -15.67 67.22
CA ASN A 138 116.46 -14.22 67.13
C ASN A 138 117.81 -13.79 66.56
N ASN A 139 117.85 -12.64 65.93
CA ASN A 139 119.06 -12.19 65.24
C ASN A 139 120.14 -11.79 66.24
N LYS A 140 119.68 -11.33 67.40
CA LYS A 140 120.52 -10.98 68.54
C LYS A 140 119.61 -11.16 69.74
N GLU A 141 120.18 -11.36 70.93
CA GLU A 141 119.31 -11.61 72.08
C GLU A 141 118.42 -10.39 72.33
N LEU A 142 117.26 -10.62 72.95
CA LEU A 142 116.38 -9.54 73.34
C LEU A 142 116.83 -8.93 74.68
N ALA A 143 116.09 -7.93 75.16
CA ALA A 143 116.49 -7.22 76.38
C ALA A 143 116.36 -8.07 77.64
N ALA A 144 115.34 -8.94 77.68
CA ALA A 144 115.08 -9.74 78.88
C ALA A 144 114.22 -10.97 78.60
N ASP A 145 114.18 -11.89 79.57
CA ASP A 145 113.30 -13.06 79.46
C ASP A 145 111.87 -12.55 79.41
N TRP A 146 111.00 -13.30 78.73
CA TRP A 146 109.58 -12.98 78.66
C TRP A 146 108.72 -14.24 78.57
N GLN A 147 107.42 -14.05 78.44
CA GLN A 147 106.53 -15.19 78.34
C GLN A 147 105.43 -14.95 77.32
N ALA A 148 104.85 -16.05 76.83
CA ALA A 148 103.68 -15.99 75.97
C ALA A 148 102.59 -16.78 76.65
N VAL A 149 101.34 -16.44 76.38
CA VAL A 149 100.21 -17.14 76.98
C VAL A 149 99.48 -18.00 75.95
N VAL A 150 99.21 -19.26 76.29
CA VAL A 150 98.47 -20.16 75.40
C VAL A 150 97.05 -20.37 75.93
N GLU A 151 96.05 -20.19 75.07
CA GLU A 151 94.67 -20.34 75.51
C GLU A 151 93.86 -21.30 74.64
N LEU A 152 93.06 -22.15 75.29
CA LEU A 152 92.14 -23.06 74.60
C LEU A 152 90.71 -22.56 74.69
N TYR A 153 90.07 -22.35 73.55
CA TYR A 153 88.69 -21.92 73.52
C TYR A 153 87.90 -23.06 72.93
N ALA A 154 86.77 -23.38 73.56
CA ALA A 154 85.93 -24.49 73.10
C ALA A 154 84.57 -24.41 73.73
N GLU A 155 83.56 -24.93 73.03
CA GLU A 155 82.27 -25.15 73.67
C GLU A 155 82.03 -26.65 73.77
N LEU A 156 82.48 -27.23 74.89
CA LEU A 156 82.43 -28.69 75.05
C LEU A 156 81.01 -29.22 75.12
N GLU A 157 80.72 -30.21 74.30
CA GLU A 157 79.46 -30.93 74.42
C GLU A 157 79.71 -32.44 74.42
N GLU A 158 78.74 -33.19 74.92
CA GLU A 158 78.91 -34.63 75.07
C GLU A 158 79.10 -35.30 73.73
N ALA A 159 80.10 -36.16 73.68
CA ALA A 159 80.44 -36.92 72.49
C ALA A 159 79.53 -38.15 72.31
N THR A 160 79.05 -38.32 71.10
CA THR A 160 78.11 -39.37 70.79
C THR A 160 78.82 -40.71 70.54
N SER A 161 80.03 -40.66 69.99
CA SER A 161 80.81 -41.86 69.67
C SER A 161 82.22 -41.78 70.25
N PHE A 162 82.87 -42.93 70.42
CA PHE A 162 84.26 -42.92 70.90
C PHE A 162 85.23 -42.48 69.82
N LEU A 163 84.98 -42.90 68.60
CA LEU A 163 85.89 -42.68 67.50
C LEU A 163 85.44 -41.51 66.63
N GLY A 164 86.41 -40.77 66.12
CA GLY A 164 86.19 -39.72 65.15
C GLY A 164 85.92 -40.28 63.77
N LYS A 165 86.12 -39.46 62.75
CA LYS A 165 86.07 -39.93 61.37
C LYS A 165 87.52 -40.19 61.00
N PRO A 166 87.78 -41.28 60.27
CA PRO A 166 89.16 -41.66 59.93
C PRO A 166 89.85 -40.64 59.02
N THR A 167 91.00 -40.15 59.45
CA THR A 167 91.87 -39.29 58.65
C THR A 167 92.27 -39.96 57.31
N LEU A 168 92.43 -41.28 57.32
CA LEU A 168 92.94 -42.01 56.15
C LEU A 168 92.36 -43.43 56.04
N VAL A 169 92.04 -43.84 54.82
CA VAL A 169 91.62 -45.21 54.61
C VAL A 169 92.53 -45.89 53.62
N PHE A 170 93.03 -47.06 53.98
CA PHE A 170 94.07 -47.71 53.20
C PHE A 170 93.66 -48.06 51.79
N ASP A 171 94.47 -47.57 50.85
CA ASP A 171 94.31 -47.79 49.41
C ASP A 171 95.66 -47.56 48.70
N PRO A 172 96.22 -48.63 48.10
CA PRO A 172 97.53 -48.66 47.46
C PRO A 172 97.57 -47.72 46.30
N GLY A 173 96.45 -47.70 45.56
CA GLY A 173 96.37 -46.97 44.32
C GLY A 173 95.94 -45.52 44.50
N VAL A 174 96.03 -45.00 45.73
CA VAL A 174 95.55 -43.65 45.96
C VAL A 174 96.47 -42.83 46.86
N PHE A 175 97.23 -42.00 46.14
CA PHE A 175 98.01 -40.89 46.63
C PHE A 175 97.67 -39.78 45.64
N ASN A 176 96.80 -38.86 46.05
CA ASN A 176 96.37 -37.73 45.21
C ASN A 176 97.53 -36.90 44.67
N GLY A 177 98.40 -36.42 45.55
CA GLY A 177 99.41 -35.46 45.17
C GLY A 177 99.27 -34.19 45.99
N LYS A 178 98.20 -34.12 46.80
CA LYS A 178 98.03 -33.04 47.76
C LYS A 178 98.64 -33.43 49.12
N PHE A 179 99.26 -32.46 49.82
CA PHE A 179 99.85 -32.72 51.12
C PHE A 179 99.26 -31.83 52.20
N GLN A 180 99.29 -32.29 53.45
CA GLN A 180 99.13 -31.38 54.59
C GLN A 180 100.33 -31.53 55.53
N PHE A 181 100.68 -30.42 56.18
CA PHE A 181 101.74 -30.41 57.18
C PHE A 181 103.09 -30.88 56.66
N LEU A 182 103.39 -30.54 55.40
CA LEU A 182 104.69 -30.86 54.84
C LEU A 182 105.52 -29.61 54.87
N THR A 183 106.33 -29.49 55.92
CA THR A 183 107.21 -28.34 56.10
C THR A 183 108.67 -28.79 56.10
N CYS A 184 109.50 -28.16 55.27
CA CYS A 184 110.92 -28.48 55.23
C CYS A 184 111.65 -27.76 56.34
N PRO A 185 112.61 -28.42 56.98
CA PRO A 185 113.48 -27.72 57.93
C PRO A 185 114.11 -26.49 57.31
N PRO A 186 114.43 -25.49 58.15
CA PRO A 186 114.88 -24.19 57.65
C PRO A 186 116.16 -24.31 56.85
N ILE A 187 116.22 -23.54 55.78
CA ILE A 187 117.40 -23.39 54.94
C ILE A 187 118.09 -22.07 55.31
N PHE A 188 119.41 -22.04 55.43
CA PHE A 188 120.06 -20.79 55.88
C PHE A 188 121.02 -20.18 54.87
N PHE A 189 121.02 -18.84 54.78
CA PHE A 189 121.97 -18.12 53.90
C PHE A 189 122.88 -17.21 54.70
N ASP A 190 124.19 -17.29 54.44
CA ASP A 190 125.14 -16.45 55.15
C ASP A 190 125.18 -15.10 54.47
N LEU A 191 125.35 -14.05 55.26
CA LEU A 191 125.45 -12.73 54.63
C LEU A 191 126.88 -12.38 54.25
N THR A 192 127.79 -13.29 54.56
CA THR A 192 129.18 -13.13 54.15
C THR A 192 129.43 -13.75 52.79
N ALA A 193 128.36 -13.96 52.03
CA ALA A 193 128.46 -14.58 50.72
C ALA A 193 127.67 -13.82 49.67
N VAL A 194 128.35 -13.40 48.62
CA VAL A 194 127.70 -12.58 47.59
C VAL A 194 126.61 -13.32 46.81
N THR A 195 126.82 -14.61 46.54
CA THR A 195 125.75 -15.46 46.06
C THR A 195 125.82 -16.79 46.79
N ALA A 196 124.78 -17.61 46.66
CA ALA A 196 124.80 -18.93 47.27
C ALA A 196 123.73 -19.84 46.74
N LEU A 197 123.95 -21.15 46.91
CA LEU A 197 122.94 -22.13 46.53
C LEU A 197 122.52 -22.98 47.71
N ARG A 198 121.23 -23.24 47.85
CA ARG A 198 120.76 -24.24 48.81
C ARG A 198 119.80 -25.19 48.12
N SER A 199 120.12 -26.48 48.17
CA SER A 199 119.27 -27.49 47.56
C SER A 199 118.28 -28.08 48.54
N ALA A 200 117.07 -28.34 48.04
CA ALA A 200 116.11 -29.15 48.77
C ALA A 200 115.78 -30.35 47.91
N GLY A 201 115.99 -31.54 48.44
CA GLY A 201 115.72 -32.75 47.68
C GLY A 201 114.23 -32.92 47.42
N LEU A 202 113.88 -33.48 46.27
CA LEU A 202 112.48 -33.70 45.95
C LEU A 202 112.15 -35.18 45.96
N THR A 203 113.05 -35.98 46.51
CA THR A 203 112.81 -37.41 46.66
C THR A 203 112.01 -37.65 47.95
N LEU A 204 110.73 -37.28 47.91
CA LEU A 204 109.92 -37.10 49.11
C LEU A 204 109.53 -38.36 49.86
N GLY A 205 109.76 -39.52 49.27
CA GLY A 205 109.47 -40.80 49.92
C GLY A 205 110.55 -41.25 50.90
N GLN A 206 111.66 -40.52 50.88
CA GLN A 206 112.83 -40.82 51.71
C GLN A 206 112.43 -40.55 53.15
N VAL A 207 112.81 -41.44 54.07
CA VAL A 207 112.50 -41.22 55.47
C VAL A 207 113.56 -40.33 56.13
N PRO A 208 113.11 -39.25 56.77
CA PRO A 208 113.98 -38.21 57.34
C PRO A 208 114.73 -38.77 58.52
N MET A 209 115.92 -38.24 58.80
CA MET A 209 116.68 -38.75 59.93
C MET A 209 117.23 -37.67 60.85
N VAL A 210 117.42 -38.04 62.10
CA VAL A 210 118.07 -37.17 63.07
C VAL A 210 119.16 -38.02 63.70
N GLY A 211 120.39 -37.82 63.24
CA GLY A 211 121.46 -38.73 63.59
C GLY A 211 121.20 -40.10 63.05
N THR A 212 121.18 -41.09 63.92
CA THR A 212 120.91 -42.47 63.54
C THR A 212 119.42 -42.82 63.66
N THR A 213 118.63 -41.87 64.12
CA THR A 213 117.20 -42.08 64.34
C THR A 213 116.33 -41.80 63.09
N LYS A 214 115.61 -42.81 62.62
CA LYS A 214 114.68 -42.65 61.52
C LYS A 214 113.38 -42.06 62.05
N VAL A 215 112.88 -41.02 61.41
CA VAL A 215 111.59 -40.47 61.81
C VAL A 215 110.52 -40.74 60.76
N TYR A 216 109.82 -41.86 60.89
CA TYR A 216 108.73 -42.19 59.98
C TYR A 216 107.60 -41.19 60.12
N ASN A 217 107.10 -40.70 58.98
CA ASN A 217 105.98 -39.77 59.02
C ASN A 217 105.01 -40.01 57.88
N LEU A 218 103.78 -39.53 58.01
CA LEU A 218 102.75 -39.87 57.03
C LEU A 218 103.07 -39.36 55.62
N ASN A 219 103.65 -38.15 55.52
CA ASN A 219 103.92 -37.61 54.19
C ASN A 219 104.90 -38.45 53.36
N SER A 220 106.05 -38.77 53.93
CA SER A 220 106.99 -39.59 53.18
C SER A 220 106.37 -40.97 52.92
N THR A 221 105.59 -41.48 53.87
CA THR A 221 104.87 -42.74 53.71
C THR A 221 103.92 -42.69 52.52
N LEU A 222 103.15 -41.61 52.40
CA LEU A 222 102.28 -41.42 51.25
C LEU A 222 103.04 -41.44 49.93
N VAL A 223 104.08 -40.62 49.83
CA VAL A 223 104.88 -40.57 48.61
C VAL A 223 105.44 -41.96 48.24
N SER A 224 105.77 -42.77 49.24
CA SER A 224 106.32 -44.10 48.98
C SER A 224 105.31 -45.05 48.31
N CYS A 225 104.03 -44.67 48.31
CA CYS A 225 102.95 -45.45 47.70
C CYS A 225 102.94 -45.36 46.19
N VAL A 226 103.86 -44.57 45.67
CA VAL A 226 103.99 -44.33 44.25
C VAL A 226 105.46 -44.63 43.82
N LEU A 227 105.71 -44.85 42.53
CA LEU A 227 107.07 -45.15 42.10
C LEU A 227 107.86 -43.86 41.87
N GLY A 228 107.15 -42.81 41.50
CA GLY A 228 107.79 -41.52 41.23
C GLY A 228 106.73 -40.50 40.84
N MET A 229 107.16 -39.26 40.64
CA MET A 229 106.22 -38.18 40.37
C MET A 229 106.88 -37.08 39.56
N GLY A 230 106.09 -36.46 38.70
CA GLY A 230 106.49 -35.28 37.97
C GLY A 230 105.38 -34.25 38.10
N GLY A 231 105.60 -33.05 37.59
CA GLY A 231 104.57 -32.04 37.67
C GLY A 231 105.12 -30.77 38.27
N THR A 232 104.23 -29.98 38.87
CA THR A 232 104.66 -28.72 39.42
C THR A 232 104.50 -28.70 40.94
N VAL A 233 105.57 -28.31 41.61
CA VAL A 233 105.54 -28.15 43.06
C VAL A 233 104.92 -26.81 43.43
N ARG A 234 103.77 -26.83 44.12
CA ARG A 234 103.15 -25.60 44.61
C ARG A 234 103.45 -25.51 46.09
N GLY A 235 104.03 -24.39 46.51
CA GLY A 235 104.35 -24.24 47.91
C GLY A 235 104.31 -22.80 48.38
N ARG A 236 104.75 -22.58 49.61
CA ARG A 236 104.90 -21.25 50.16
C ARG A 236 106.31 -21.09 50.72
N VAL A 237 106.85 -19.88 50.59
CA VAL A 237 108.15 -19.55 51.14
C VAL A 237 108.00 -18.52 52.24
N HIS A 238 108.57 -18.81 53.40
CA HIS A 238 108.63 -17.80 54.46
C HIS A 238 110.04 -17.29 54.69
N ILE A 239 110.20 -15.97 54.66
CA ILE A 239 111.48 -15.38 54.97
C ILE A 239 111.50 -14.96 56.45
N CYS A 240 112.27 -15.68 57.26
CA CYS A 240 112.17 -15.57 58.71
C CYS A 240 113.30 -14.75 59.32
N ALA A 241 113.30 -13.45 59.01
CA ALA A 241 114.31 -12.55 59.51
C ALA A 241 113.68 -11.19 59.85
N PRO A 242 114.41 -10.33 60.56
CA PRO A 242 113.99 -8.96 60.87
C PRO A 242 113.70 -8.12 59.62
N ILE A 243 112.85 -7.07 59.70
CA ILE A 243 112.53 -6.24 58.52
C ILE A 243 113.78 -5.65 57.88
N PHE A 244 114.86 -5.55 58.65
CA PHE A 244 116.06 -4.93 58.13
C PHE A 244 117.02 -5.91 57.44
N TYR A 245 116.63 -7.19 57.42
CA TYR A 245 117.27 -8.19 56.56
C TYR A 245 116.48 -8.27 55.28
N SER A 246 117.12 -8.59 54.16
CA SER A 246 116.37 -8.80 52.93
C SER A 246 117.17 -9.59 51.90
N ILE A 247 116.46 -10.25 51.00
CA ILE A 247 117.11 -11.13 50.06
C ILE A 247 116.32 -11.25 48.77
N VAL A 248 116.97 -11.65 47.69
CA VAL A 248 116.28 -12.00 46.44
C VAL A 248 116.74 -13.36 45.97
N LEU A 249 115.77 -14.24 45.71
CA LEU A 249 116.08 -15.62 45.38
C LEU A 249 115.59 -15.95 43.99
N TRP A 250 116.37 -16.75 43.28
CA TRP A 250 115.95 -17.41 42.04
C TRP A 250 115.69 -18.87 42.41
N VAL A 251 114.44 -19.30 42.29
CA VAL A 251 114.08 -20.64 42.71
C VAL A 251 113.74 -21.51 41.49
N VAL A 252 114.50 -22.59 41.30
CA VAL A 252 114.35 -23.38 40.08
C VAL A 252 114.65 -24.84 40.32
N SER A 253 114.18 -25.72 39.43
CA SER A 253 114.43 -27.15 39.60
C SER A 253 115.56 -27.62 38.70
N GLU A 254 116.44 -28.46 39.23
CA GLU A 254 117.54 -29.00 38.44
C GLU A 254 117.73 -30.51 38.62
N TRP A 255 118.30 -31.16 37.61
CA TRP A 255 118.47 -32.60 37.65
C TRP A 255 119.95 -33.00 37.76
N ASN A 256 120.23 -33.88 38.72
CA ASN A 256 121.56 -34.45 38.90
C ASN A 256 122.68 -33.43 38.89
N GLY A 257 122.82 -32.70 39.98
CA GLY A 257 123.81 -31.65 40.07
C GLY A 257 123.20 -30.33 39.65
N THR A 258 124.05 -29.32 39.52
CA THR A 258 123.59 -28.01 39.13
C THR A 258 124.50 -27.47 38.03
N THR A 259 123.98 -26.58 37.21
CA THR A 259 124.83 -25.96 36.21
C THR A 259 125.75 -24.96 36.89
N MET A 260 126.91 -24.75 36.27
CA MET A 260 127.89 -23.84 36.81
C MET A 260 127.89 -22.52 36.05
N ASP A 261 127.07 -22.47 34.99
CA ASP A 261 126.97 -21.30 34.10
C ASP A 261 125.75 -20.44 34.42
N TRP A 262 125.99 -19.25 34.96
CA TRP A 262 124.91 -18.35 35.36
C TRP A 262 123.92 -18.06 34.23
N ASN A 263 124.41 -18.03 33.01
CA ASN A 263 123.53 -17.76 31.89
C ASN A 263 122.60 -18.92 31.58
N GLU A 264 123.11 -20.14 31.68
CA GLU A 264 122.26 -21.31 31.48
C GLU A 264 121.21 -21.34 32.59
N LEU A 265 121.64 -21.02 33.81
CA LEU A 265 120.76 -21.05 34.97
C LEU A 265 119.49 -20.23 34.73
N PHE A 266 119.64 -19.08 34.08
CA PHE A 266 118.49 -18.20 33.87
C PHE A 266 117.73 -18.46 32.58
N LYS A 267 118.11 -19.52 31.88
CA LYS A 267 117.33 -19.98 30.75
C LYS A 267 116.34 -21.04 31.21
N TYR A 268 116.47 -21.48 32.46
CA TYR A 268 115.54 -22.46 33.05
C TYR A 268 114.28 -21.74 33.50
N PRO A 269 113.16 -22.49 33.64
CA PRO A 269 111.89 -21.95 34.11
C PRO A 269 111.80 -21.91 35.63
N GLY A 270 112.31 -20.81 36.21
CA GLY A 270 112.24 -20.59 37.64
C GLY A 270 111.38 -19.38 38.00
N VAL A 271 111.39 -19.03 39.29
CA VAL A 271 110.62 -17.88 39.77
C VAL A 271 111.46 -17.07 40.75
N TYR A 272 111.19 -15.78 40.85
CA TYR A 272 111.90 -14.95 41.81
C TYR A 272 111.13 -14.88 43.12
N VAL A 273 111.83 -14.90 44.24
CA VAL A 273 111.20 -14.74 45.54
C VAL A 273 111.91 -13.61 46.30
N GLU A 274 111.15 -12.55 46.63
CA GLU A 274 111.69 -11.38 47.32
C GLU A 274 111.13 -11.33 48.72
N GLU A 275 110.06 -12.08 48.96
CA GLU A 275 109.31 -11.93 50.19
C GLU A 275 108.36 -13.11 50.44
N ASP A 276 107.84 -13.21 51.66
CA ASP A 276 106.82 -14.22 51.99
C ASP A 276 105.85 -14.33 50.82
N GLY A 277 105.56 -15.56 50.40
CA GLY A 277 104.61 -15.79 49.33
C GLY A 277 104.54 -17.23 48.85
N SER A 278 103.64 -17.50 47.91
CA SER A 278 103.56 -18.83 47.32
C SER A 278 104.43 -18.89 46.06
N PHE A 279 104.69 -20.10 45.58
CA PHE A 279 105.50 -20.31 44.37
C PHE A 279 105.07 -21.59 43.67
N GLU A 280 105.27 -21.65 42.35
CA GLU A 280 105.09 -22.89 41.58
C GLU A 280 106.32 -23.13 40.74
N VAL A 281 106.97 -24.26 40.92
CA VAL A 281 108.12 -24.61 40.09
C VAL A 281 107.91 -25.98 39.47
N LYS A 282 108.23 -26.08 38.18
CA LYS A 282 108.11 -27.37 37.48
C LYS A 282 109.24 -28.29 37.92
N ILE A 283 108.92 -29.55 38.20
CA ILE A 283 109.92 -30.56 38.52
C ILE A 283 110.61 -30.94 37.23
N ARG A 284 111.91 -30.65 37.17
CA ARG A 284 112.72 -30.82 35.97
C ARG A 284 113.47 -32.15 35.96
N SER A 285 113.27 -32.96 34.92
CA SER A 285 113.90 -34.28 34.84
C SER A 285 113.86 -34.85 33.44
N PRO A 286 114.91 -35.59 33.09
CA PRO A 286 115.04 -36.29 31.80
C PRO A 286 113.89 -37.24 31.57
N TYR A 287 113.24 -37.65 32.65
CA TYR A 287 112.11 -38.59 32.58
C TYR A 287 110.79 -37.90 32.91
N HIS A 288 110.88 -36.60 33.14
CA HIS A 288 109.73 -35.79 33.50
C HIS A 288 109.21 -36.11 34.92
N ARG A 289 109.77 -37.15 35.54
CA ARG A 289 109.41 -37.54 36.89
C ARG A 289 110.69 -37.79 37.67
N THR A 290 110.64 -37.61 38.98
CA THR A 290 111.76 -38.01 39.83
C THR A 290 111.28 -39.20 40.67
N PRO A 291 112.17 -40.15 40.97
CA PRO A 291 111.77 -41.35 41.71
C PRO A 291 111.40 -41.03 43.15
N ALA A 292 110.44 -41.80 43.68
CA ALA A 292 109.91 -41.61 45.03
C ALA A 292 110.91 -41.90 46.14
N ARG A 293 111.74 -42.92 45.94
CA ARG A 293 112.78 -43.25 46.92
C ARG A 293 114.14 -43.54 46.26
N LEU A 294 115.21 -43.61 47.05
CA LEU A 294 116.53 -43.86 46.50
C LEU A 294 116.91 -45.32 46.54
N LEU A 295 117.79 -45.71 45.63
CA LEU A 295 118.40 -47.03 45.67
C LEU A 295 119.77 -46.92 46.32
N ALA A 296 120.33 -48.06 46.67
CA ALA A 296 121.66 -48.13 47.26
C ALA A 296 122.62 -47.22 46.51
N GLY A 297 123.37 -46.39 47.24
CA GLY A 297 124.43 -45.60 46.65
C GLY A 297 124.00 -44.34 45.91
N GLN A 298 122.69 -44.13 45.82
CA GLN A 298 122.12 -42.92 45.23
C GLN A 298 121.95 -41.80 46.26
N SER A 299 122.08 -40.56 45.82
CA SER A 299 121.92 -39.42 46.71
C SER A 299 120.70 -38.65 46.27
N GLN A 300 120.10 -37.88 47.17
CA GLN A 300 118.94 -37.12 46.77
C GLN A 300 119.29 -36.04 45.71
N ARG A 301 120.57 -35.65 45.64
CA ARG A 301 120.99 -34.62 44.69
C ARG A 301 121.21 -35.20 43.30
N ASP A 302 121.13 -36.53 43.21
CA ASP A 302 121.32 -37.22 41.94
C ASP A 302 120.08 -37.15 41.07
N MET A 303 118.93 -36.83 41.70
CA MET A 303 117.65 -36.74 41.02
C MET A 303 117.19 -35.29 40.87
N SER A 304 115.88 -35.09 40.92
CA SER A 304 115.32 -33.76 40.79
C SER A 304 115.30 -33.04 42.14
N SER A 305 115.79 -31.80 42.15
CA SER A 305 115.83 -31.00 43.38
C SER A 305 115.20 -29.62 43.16
N LEU A 306 114.76 -29.02 44.26
CA LEU A 306 114.23 -27.67 44.26
C LEU A 306 115.33 -26.75 44.77
N ASN A 307 115.92 -25.96 43.88
CA ASN A 307 117.11 -25.16 44.22
C ASN A 307 116.86 -23.69 44.50
N PHE A 308 117.40 -23.21 45.60
CA PHE A 308 117.23 -21.83 46.00
C PHE A 308 118.54 -21.06 45.85
N TYR A 309 118.59 -20.21 44.83
CA TYR A 309 119.77 -19.41 44.53
C TYR A 309 119.61 -18.00 45.05
N ALA A 310 120.49 -17.60 45.96
CA ALA A 310 120.52 -16.22 46.38
C ALA A 310 121.26 -15.41 45.31
N ILE A 311 120.54 -14.56 44.60
CA ILE A 311 121.14 -13.79 43.53
C ILE A 311 121.40 -12.32 43.90
N ALA A 312 120.78 -11.85 44.98
CA ALA A 312 121.07 -10.52 45.48
C ALA A 312 120.86 -10.52 46.98
N GLY A 313 121.94 -10.40 47.73
CA GLY A 313 121.86 -10.55 49.18
C GLY A 313 122.11 -11.98 49.64
N PRO A 314 121.72 -12.28 50.88
CA PRO A 314 121.04 -11.37 51.80
C PRO A 314 121.89 -10.19 52.20
N ILE A 315 121.23 -9.09 52.56
CA ILE A 315 121.89 -7.94 53.14
C ILE A 315 121.27 -7.58 54.48
N ALA A 316 122.08 -6.98 55.35
CA ALA A 316 121.61 -6.46 56.62
C ALA A 316 122.53 -5.33 57.05
N PRO A 317 122.07 -4.49 57.97
CA PRO A 317 122.92 -3.38 58.43
C PRO A 317 124.06 -3.97 59.23
N SER A 318 125.16 -3.25 59.41
CA SER A 318 126.20 -3.77 60.30
C SER A 318 125.73 -3.44 61.71
N GLY A 319 126.15 -4.24 62.69
CA GLY A 319 126.89 -5.46 62.47
C GLY A 319 125.98 -6.59 62.88
N GLU A 320 125.15 -7.01 61.94
CA GLU A 320 124.34 -8.19 62.15
C GLU A 320 125.20 -9.39 61.74
N THR A 321 124.91 -10.56 62.30
CA THR A 321 125.75 -11.71 62.03
C THR A 321 124.90 -12.94 61.72
N ALA A 322 123.65 -12.90 62.19
CA ALA A 322 122.71 -14.01 62.02
C ALA A 322 122.54 -14.36 60.55
N GLN A 323 122.36 -15.65 60.26
CA GLN A 323 122.05 -16.05 58.90
C GLN A 323 120.59 -15.72 58.61
N LEU A 324 120.23 -15.62 57.32
CA LEU A 324 118.84 -15.40 56.96
C LEU A 324 118.21 -16.75 56.63
N PRO A 325 117.19 -17.14 57.40
CA PRO A 325 116.50 -18.43 57.22
C PRO A 325 115.29 -18.34 56.29
N ILE A 326 115.12 -19.37 55.47
CA ILE A 326 113.99 -19.53 54.57
C ILE A 326 113.28 -20.81 54.99
N VAL A 327 111.99 -20.72 55.31
CA VAL A 327 111.22 -21.94 55.58
C VAL A 327 110.29 -22.27 54.41
N VAL A 328 110.49 -23.44 53.82
CA VAL A 328 109.65 -23.83 52.68
C VAL A 328 108.54 -24.82 53.06
N GLN A 329 107.32 -24.55 52.60
CA GLN A 329 106.21 -25.48 52.78
C GLN A 329 105.74 -25.99 51.42
N ILE A 330 105.58 -27.30 51.28
CA ILE A 330 105.09 -27.87 50.04
C ILE A 330 103.61 -28.27 50.18
N ASP A 331 102.76 -27.69 49.34
CA ASP A 331 101.32 -27.85 49.50
C ASP A 331 100.79 -28.95 48.62
N GLU A 332 101.20 -28.95 47.37
CA GLU A 332 100.81 -30.06 46.49
C GLU A 332 101.65 -30.15 45.22
N ILE A 333 101.53 -31.29 44.54
CA ILE A 333 102.01 -31.42 43.19
C ILE A 333 100.81 -31.14 42.28
N VAL A 334 100.82 -29.98 41.62
CA VAL A 334 99.71 -29.62 40.73
C VAL A 334 100.00 -30.14 39.34
N ARG A 335 98.95 -30.49 38.60
CA ARG A 335 99.13 -31.05 37.26
C ARG A 335 100.11 -32.21 37.34
N PRO A 336 99.79 -33.19 38.17
CA PRO A 336 100.74 -34.25 38.52
C PRO A 336 100.91 -35.27 37.41
N ASP A 337 102.15 -35.68 37.20
CA ASP A 337 102.46 -36.80 36.33
C ASP A 337 102.94 -37.95 37.20
N LEU A 338 102.02 -38.81 37.63
CA LEU A 338 102.38 -39.87 38.57
C LEU A 338 102.85 -41.16 37.90
N SER A 339 103.73 -41.89 38.58
CA SER A 339 104.12 -43.20 38.14
C SER A 339 103.03 -44.19 38.52
N LEU A 340 103.22 -45.46 38.18
CA LEU A 340 102.40 -46.52 38.74
C LEU A 340 102.45 -46.48 40.26
N PRO A 341 101.37 -46.94 40.90
CA PRO A 341 101.45 -47.16 42.34
C PRO A 341 102.58 -48.15 42.60
N SER A 342 103.31 -48.01 43.70
CA SER A 342 104.37 -48.95 43.99
C SER A 342 103.81 -50.36 44.37
N PHE A 343 102.64 -50.38 45.00
CA PHE A 343 101.97 -51.65 45.33
C PHE A 343 100.61 -51.77 44.69
N GLU A 344 100.24 -53.00 44.37
CA GLU A 344 98.92 -53.26 43.83
C GLU A 344 97.97 -53.68 44.97
N ASP A 345 96.72 -53.94 44.66
CA ASP A 345 95.80 -54.43 45.69
C ASP A 345 96.05 -55.92 45.91
N ASP A 346 97.10 -56.20 46.66
CA ASP A 346 97.62 -57.54 46.76
C ASP A 346 98.11 -57.75 48.19
N TYR A 347 98.58 -58.97 48.47
CA TYR A 347 99.19 -59.27 49.73
C TYR A 347 100.57 -58.62 49.80
N PHE A 348 101.07 -58.47 51.03
CA PHE A 348 102.45 -58.08 51.23
C PHE A 348 102.96 -58.76 52.50
N VAL A 349 104.27 -58.78 52.68
CA VAL A 349 104.84 -59.53 53.77
C VAL A 349 104.62 -58.84 55.10
N TRP A 350 104.10 -59.60 56.06
CA TRP A 350 103.99 -59.13 57.44
C TRP A 350 105.21 -59.61 58.23
N VAL A 351 105.42 -60.92 58.26
CA VAL A 351 106.54 -61.46 59.03
C VAL A 351 107.00 -62.83 58.52
N ASP A 352 108.31 -63.08 58.63
CA ASP A 352 108.87 -64.41 58.39
C ASP A 352 109.42 -64.97 59.70
N PHE A 353 109.01 -66.19 60.05
CA PHE A 353 109.63 -66.90 61.18
C PHE A 353 110.55 -68.00 60.64
N SER A 354 111.75 -68.11 61.20
CA SER A 354 112.73 -69.07 60.73
C SER A 354 113.67 -69.50 61.83
N GLU A 355 114.52 -70.47 61.54
CA GLU A 355 115.54 -70.89 62.50
C GLU A 355 114.92 -71.20 63.87
N PHE A 356 113.94 -72.11 63.89
CA PHE A 356 113.28 -72.55 65.12
C PHE A 356 114.19 -73.42 65.96
N THR A 357 114.23 -73.16 67.26
CA THR A 357 115.11 -73.93 68.13
C THR A 357 114.34 -74.97 68.94
N LEU A 358 113.03 -74.73 69.12
CA LEU A 358 112.18 -75.68 69.81
C LEU A 358 111.10 -76.21 68.88
N ASP A 359 110.70 -77.46 69.09
CA ASP A 359 109.66 -78.05 68.27
C ASP A 359 108.31 -77.43 68.65
N LYS A 360 108.11 -77.16 69.94
CA LYS A 360 106.88 -76.49 70.38
C LYS A 360 107.08 -74.97 70.36
N GLU A 361 106.34 -74.29 69.50
CA GLU A 361 106.44 -72.84 69.39
C GLU A 361 105.04 -72.27 69.32
N GLU A 362 104.78 -71.20 70.05
CA GLU A 362 103.45 -70.58 70.00
C GLU A 362 103.53 -69.05 69.91
N ILE A 363 103.10 -68.53 68.76
CA ILE A 363 103.20 -67.12 68.46
C ILE A 363 101.85 -66.46 68.73
N GLU A 364 101.77 -65.62 69.76
CA GLU A 364 100.53 -64.91 70.07
C GLU A 364 100.40 -63.65 69.24
N ILE A 365 99.25 -63.49 68.59
CA ILE A 365 98.96 -62.34 67.76
C ILE A 365 97.87 -61.51 68.42
N GLY A 366 96.81 -62.17 68.88
CA GLY A 366 95.72 -61.52 69.56
C GLY A 366 94.86 -60.76 68.58
N SER A 367 94.80 -59.44 68.77
CA SER A 367 94.02 -58.63 67.85
C SER A 367 94.87 -57.48 67.29
N ARG A 368 96.21 -57.63 67.30
CA ARG A 368 97.09 -56.53 66.92
C ARG A 368 97.87 -56.83 65.66
N PHE A 369 98.20 -55.77 64.93
CA PHE A 369 99.20 -55.85 63.88
C PHE A 369 100.44 -55.13 64.43
N PHE A 370 101.56 -55.84 64.55
CA PHE A 370 102.69 -55.30 65.29
C PHE A 370 104.00 -56.03 65.00
N ASP A 371 105.08 -55.58 65.63
CA ASP A 371 106.38 -56.23 65.47
C ASP A 371 106.58 -57.37 66.48
N PHE A 372 106.89 -58.56 65.98
CA PHE A 372 107.13 -59.74 66.83
C PHE A 372 108.54 -59.76 67.40
N THR A 373 108.69 -60.42 68.54
CA THR A 373 110.01 -60.79 69.05
C THR A 373 110.00 -62.22 69.55
N SER A 374 111.12 -62.91 69.45
CA SER A 374 111.21 -64.27 69.97
C SER A 374 112.61 -64.60 70.47
N ASN A 375 112.65 -65.36 71.55
CA ASN A 375 113.91 -65.85 72.09
C ASN A 375 114.25 -67.21 71.50
N THR A 376 113.25 -67.85 70.90
CA THR A 376 113.37 -69.23 70.49
C THR A 376 113.41 -69.39 68.98
N CYS A 377 113.19 -68.28 68.26
CA CYS A 377 113.31 -68.32 66.80
C CYS A 377 113.60 -66.94 66.21
N ARG A 378 113.91 -66.92 64.92
CA ARG A 378 114.29 -65.68 64.24
C ARG A 378 113.09 -64.99 63.61
N VAL A 379 112.85 -63.76 64.03
CA VAL A 379 111.77 -62.97 63.48
C VAL A 379 112.32 -61.98 62.46
N SER A 380 111.74 -61.94 61.27
CA SER A 380 112.12 -60.95 60.25
C SER A 380 110.87 -60.20 59.85
N MET A 381 110.80 -58.93 60.23
CA MET A 381 109.59 -58.16 59.98
C MET A 381 109.59 -57.53 58.59
N GLY A 382 108.40 -57.42 57.97
CA GLY A 382 108.31 -56.78 56.67
C GLY A 382 108.30 -55.28 56.81
N GLU A 383 108.89 -54.56 55.84
CA GLU A 383 108.78 -53.10 55.76
C GLU A 383 108.03 -52.66 54.49
N ASN A 384 106.87 -52.03 54.66
CA ASN A 384 106.04 -51.55 53.56
C ASN A 384 105.15 -50.41 53.99
N PRO A 385 104.51 -49.75 53.01
CA PRO A 385 103.71 -48.57 53.36
C PRO A 385 102.62 -48.87 54.38
N PHE A 386 101.97 -50.02 54.27
CA PHE A 386 100.94 -50.33 55.26
C PHE A 386 101.48 -50.29 56.71
N ALA A 387 102.61 -50.95 56.95
CA ALA A 387 103.22 -50.97 58.27
C ALA A 387 103.59 -49.56 58.74
N ALA A 388 104.08 -48.73 57.82
CA ALA A 388 104.38 -47.34 58.14
C ALA A 388 103.09 -46.56 58.51
N MET A 389 102.02 -46.77 57.75
CA MET A 389 100.77 -46.13 58.09
C MET A 389 100.28 -46.54 59.48
N ILE A 390 100.50 -47.79 59.86
CA ILE A 390 100.12 -48.24 61.18
C ILE A 390 100.91 -47.46 62.25
N ALA A 391 102.17 -47.19 61.93
CA ALA A 391 103.10 -46.53 62.83
C ALA A 391 102.89 -45.01 62.87
N CYS A 392 102.26 -44.46 61.84
CA CYS A 392 102.12 -43.01 61.74
C CYS A 392 100.73 -42.53 62.08
N HIS A 393 99.96 -43.37 62.76
CA HIS A 393 98.66 -42.96 63.24
C HIS A 393 98.49 -43.41 64.67
N GLY A 394 97.72 -42.65 65.42
CA GLY A 394 97.48 -42.93 66.81
C GLY A 394 96.67 -44.20 66.98
N LEU A 395 95.62 -44.33 66.16
CA LEU A 395 94.73 -45.49 66.21
C LEU A 395 94.47 -46.06 64.82
N HIS A 396 94.16 -47.35 64.74
CA HIS A 396 93.77 -47.96 63.47
C HIS A 396 92.77 -49.06 63.74
N SER A 397 92.10 -49.51 62.69
CA SER A 397 91.11 -50.59 62.81
C SER A 397 90.76 -51.16 61.44
N GLY A 398 90.67 -52.48 61.35
CA GLY A 398 90.28 -53.11 60.11
C GLY A 398 90.38 -54.60 60.15
N VAL A 399 90.28 -55.22 58.99
CA VAL A 399 90.44 -56.67 58.92
C VAL A 399 91.54 -57.04 57.94
N LEU A 400 92.42 -57.94 58.35
CA LEU A 400 93.49 -58.43 57.49
C LEU A 400 93.22 -59.84 57.03
N ASP A 401 93.29 -60.08 55.73
CA ASP A 401 93.30 -61.44 55.23
C ASP A 401 94.73 -61.96 55.28
N LEU A 402 94.92 -63.13 55.87
CA LEU A 402 96.27 -63.71 55.96
C LEU A 402 96.49 -64.90 55.03
N LYS A 403 97.67 -64.95 54.43
CA LYS A 403 98.13 -66.15 53.75
C LYS A 403 99.35 -66.64 54.50
N LEU A 404 99.31 -67.90 54.92
CA LEU A 404 100.45 -68.54 55.53
C LEU A 404 101.11 -69.49 54.53
N GLN A 405 102.44 -69.39 54.40
CA GLN A 405 103.20 -70.30 53.56
C GLN A 405 104.40 -70.86 54.32
N TRP A 406 104.74 -72.12 54.08
CA TRP A 406 105.90 -72.68 54.72
C TRP A 406 106.58 -73.77 53.90
N SER A 407 107.90 -73.91 54.11
CA SER A 407 108.69 -74.93 53.43
C SER A 407 109.26 -75.84 54.50
N LEU A 408 109.54 -77.09 54.14
CA LEU A 408 110.09 -78.04 55.12
C LEU A 408 111.62 -78.01 55.29
N ASN A 409 112.05 -78.28 56.52
CA ASN A 409 113.47 -78.41 56.86
C ASN A 409 113.93 -79.87 56.81
N THR A 410 113.03 -80.78 57.19
CA THR A 410 113.28 -82.22 57.13
C THR A 410 112.75 -82.83 55.83
N GLU A 411 112.99 -84.13 55.63
CA GLU A 411 112.49 -84.80 54.44
C GLU A 411 110.95 -84.86 54.48
N PHE A 412 110.34 -84.62 53.33
CA PHE A 412 108.89 -84.60 53.24
C PHE A 412 108.27 -85.89 53.76
N GLY A 413 108.87 -87.03 53.42
CA GLY A 413 108.34 -88.32 53.80
C GLY A 413 108.36 -88.56 55.30
N LYS A 414 109.14 -87.76 56.02
CA LYS A 414 109.29 -87.95 57.47
C LYS A 414 108.40 -86.99 58.23
N SER A 415 107.79 -86.06 57.51
CA SER A 415 107.09 -84.95 58.14
C SER A 415 105.86 -85.38 58.91
N SER A 416 105.57 -84.65 59.98
CA SER A 416 104.34 -84.85 60.75
C SER A 416 103.97 -83.54 61.42
N GLY A 417 102.80 -83.49 62.04
CA GLY A 417 102.38 -82.31 62.79
C GLY A 417 101.63 -81.28 61.94
N SER A 418 101.59 -80.05 62.44
CA SER A 418 100.69 -79.03 61.89
C SER A 418 101.10 -77.59 62.19
N VAL A 419 100.63 -76.68 61.33
CA VAL A 419 100.53 -75.26 61.66
C VAL A 419 99.08 -75.07 62.09
N THR A 420 98.86 -74.76 63.36
CA THR A 420 97.50 -74.58 63.87
C THR A 420 97.19 -73.13 64.14
N ILE A 421 96.04 -72.67 63.66
CA ILE A 421 95.61 -71.31 63.94
C ILE A 421 94.54 -71.34 65.02
N THR A 422 94.89 -70.91 66.21
CA THR A 422 93.89 -70.79 67.26
C THR A 422 93.12 -69.46 67.14
N LYS A 423 91.79 -69.55 67.07
CA LYS A 423 90.96 -68.36 67.04
C LYS A 423 89.99 -68.35 68.21
N LEU A 424 90.13 -67.36 69.09
CA LEU A 424 89.27 -67.27 70.26
C LEU A 424 88.54 -65.94 70.27
N VAL A 425 87.62 -65.82 71.21
CA VAL A 425 87.09 -64.52 71.58
C VAL A 425 87.33 -64.38 73.07
N GLY A 426 88.16 -63.43 73.46
CA GLY A 426 88.51 -63.28 74.84
C GLY A 426 90.02 -63.38 74.98
N ASP A 427 90.48 -64.39 75.72
CA ASP A 427 91.90 -64.66 75.86
C ASP A 427 92.13 -66.15 76.00
N LYS A 428 93.39 -66.54 76.09
CA LYS A 428 93.70 -67.96 76.17
C LYS A 428 93.02 -68.59 77.39
N ALA A 429 92.87 -67.83 78.47
CA ALA A 429 92.36 -68.35 79.73
C ALA A 429 90.83 -68.58 79.84
N MET A 430 90.03 -67.65 79.33
CA MET A 430 88.59 -67.70 79.54
C MET A 430 87.82 -67.50 78.24
N GLY A 431 88.49 -67.64 77.11
CA GLY A 431 87.89 -67.33 75.83
C GLY A 431 86.92 -68.34 75.25
N LEU A 432 86.20 -67.90 74.23
CA LEU A 432 85.26 -68.74 73.51
C LEU A 432 85.99 -69.23 72.25
N ASP A 433 85.55 -70.36 71.72
CA ASP A 433 86.20 -70.96 70.56
C ASP A 433 85.61 -70.60 69.22
N GLY A 434 86.43 -69.95 68.40
CA GLY A 434 86.01 -69.52 67.08
C GLY A 434 86.43 -70.47 65.97
N PRO A 435 86.70 -69.91 64.78
CA PRO A 435 87.10 -70.69 63.61
C PRO A 435 88.59 -71.05 63.68
N SER A 436 88.98 -71.73 64.75
CA SER A 436 90.33 -72.28 64.85
C SER A 436 90.49 -73.29 63.74
N HIS A 437 91.72 -73.63 63.42
CA HIS A 437 91.96 -74.26 62.15
C HIS A 437 93.27 -75.04 62.20
N VAL A 438 93.22 -76.31 61.80
CA VAL A 438 94.41 -77.17 61.86
C VAL A 438 94.89 -77.48 60.45
N PHE A 439 96.04 -76.94 60.10
CA PHE A 439 96.65 -77.23 58.82
C PHE A 439 97.71 -78.31 59.00
N ALA A 440 97.47 -79.51 58.51
CA ALA A 440 98.50 -80.53 58.53
C ALA A 440 99.72 -79.93 57.85
N ILE A 441 100.90 -80.18 58.40
CA ILE A 441 102.10 -79.55 57.90
C ILE A 441 102.33 -79.79 56.42
N GLN A 442 101.84 -80.93 55.91
CA GLN A 442 101.98 -81.26 54.49
C GLN A 442 101.19 -80.37 53.52
N LYS A 443 100.20 -79.64 54.02
CA LYS A 443 99.46 -78.65 53.21
C LYS A 443 100.41 -77.58 52.68
N LEU A 444 101.37 -77.20 53.51
CA LEU A 444 102.42 -76.28 53.12
C LEU A 444 101.92 -74.83 52.95
N GLU A 445 100.62 -74.61 53.21
CA GLU A 445 100.01 -73.28 53.17
C GLU A 445 98.64 -73.28 53.79
N GLY A 446 98.20 -72.10 54.21
CA GLY A 446 96.86 -71.94 54.78
C GLY A 446 96.41 -70.49 54.80
N THR A 447 95.12 -70.27 54.99
CA THR A 447 94.59 -68.90 55.02
C THR A 447 93.70 -68.66 56.23
N THR A 448 93.59 -67.40 56.62
CA THR A 448 92.73 -67.04 57.74
C THR A 448 92.47 -65.53 57.73
N GLU A 449 91.47 -65.07 58.47
CA GLU A 449 91.26 -63.63 58.65
C GLU A 449 91.76 -63.22 60.02
N LEU A 450 92.15 -61.96 60.18
CA LEU A 450 92.51 -61.43 61.51
C LEU A 450 91.80 -60.12 61.76
N LEU A 451 91.06 -60.02 62.85
CA LEU A 451 90.44 -58.76 63.19
C LEU A 451 91.45 -57.92 63.92
N VAL A 452 91.78 -56.78 63.35
CA VAL A 452 92.65 -55.80 64.02
C VAL A 452 91.75 -54.73 64.61
N GLY A 453 91.46 -54.88 65.90
CA GLY A 453 90.52 -54.01 66.58
C GLY A 453 90.06 -54.61 67.89
N ASN A 454 88.97 -54.10 68.43
CA ASN A 454 88.47 -54.58 69.71
C ASN A 454 87.12 -53.95 69.99
N PHE A 455 86.52 -54.30 71.13
CA PHE A 455 85.18 -53.80 71.47
C PHE A 455 85.08 -52.27 71.41
N ALA A 456 86.17 -51.58 71.72
CA ALA A 456 86.12 -50.12 71.73
C ALA A 456 86.12 -49.55 70.33
N GLY A 457 86.75 -50.27 69.40
CA GLY A 457 86.66 -49.92 67.98
C GLY A 457 87.95 -49.71 67.23
N ALA A 458 89.08 -49.60 67.95
CA ALA A 458 90.36 -49.26 67.33
C ALA A 458 91.52 -49.63 68.23
N ASN A 459 92.68 -49.86 67.62
CA ASN A 459 93.88 -50.20 68.38
C ASN A 459 94.86 -49.05 68.38
N PRO A 460 95.46 -48.77 69.53
CA PRO A 460 96.62 -47.89 69.59
C PRO A 460 97.85 -48.63 69.05
N ASN A 461 98.92 -47.90 68.79
CA ASN A 461 100.12 -48.52 68.26
C ASN A 461 101.07 -48.89 69.39
N THR A 462 100.49 -49.41 70.48
CA THR A 462 101.22 -49.86 71.65
C THR A 462 100.57 -51.15 72.13
N ARG A 463 101.09 -51.72 73.21
CA ARG A 463 100.40 -52.85 73.85
C ARG A 463 99.24 -52.27 74.65
N PHE A 464 98.12 -52.97 74.65
CA PHE A 464 96.91 -52.53 75.35
C PHE A 464 96.15 -53.80 75.69
N SER A 465 95.18 -53.71 76.58
CA SER A 465 94.38 -54.88 76.91
C SER A 465 92.90 -54.55 76.79
N LEU A 466 92.29 -54.86 75.64
CA LEU A 466 90.87 -54.60 75.46
C LEU A 466 90.19 -55.80 74.84
N TYR A 467 89.15 -56.32 75.49
CA TYR A 467 88.42 -57.49 75.04
C TYR A 467 88.19 -57.48 73.53
N SER A 468 88.63 -58.54 72.88
CA SER A 468 88.44 -58.68 71.43
C SER A 468 88.58 -60.14 71.00
N ARG A 469 88.57 -60.37 69.70
CA ARG A 469 88.94 -61.66 69.18
C ARG A 469 90.45 -61.85 69.40
N TRP A 470 90.90 -63.10 69.37
CA TRP A 470 92.26 -63.41 69.79
C TRP A 470 92.82 -64.53 68.92
N MET A 471 94.01 -64.31 68.37
CA MET A 471 94.60 -65.28 67.45
C MET A 471 96.00 -65.70 67.85
N ALA A 472 96.33 -66.97 67.59
CA ALA A 472 97.67 -67.47 67.85
C ALA A 472 98.04 -68.50 66.81
N ILE A 473 99.32 -68.58 66.48
CA ILE A 473 99.82 -69.63 65.60
C ILE A 473 100.56 -70.63 66.49
N LYS A 474 100.21 -71.90 66.38
CA LYS A 474 100.81 -72.97 67.19
C LYS A 474 101.55 -74.00 66.33
N LEU A 475 102.88 -74.03 66.48
CA LEU A 475 103.70 -75.05 65.85
C LEU A 475 104.01 -76.21 66.81
N ASP A 476 103.92 -77.45 66.34
CA ASP A 476 104.24 -78.62 67.18
C ASP A 476 105.49 -79.35 66.69
N GLN A 477 105.91 -79.03 65.47
CA GLN A 477 107.08 -79.66 64.86
C GLN A 477 107.91 -78.58 64.19
N ALA A 478 108.10 -77.48 64.90
CA ALA A 478 108.66 -76.26 64.32
C ALA A 478 110.02 -76.48 63.72
N LYS A 479 110.79 -77.41 64.27
CA LYS A 479 112.14 -77.64 63.77
C LYS A 479 112.10 -78.26 62.37
N SER A 480 110.94 -78.78 61.97
CA SER A 480 110.75 -79.32 60.64
C SER A 480 110.38 -78.25 59.62
N ILE A 481 110.30 -77.00 60.07
CA ILE A 481 109.96 -75.89 59.19
C ILE A 481 111.16 -74.99 58.89
N LYS A 482 111.49 -74.80 57.62
CA LYS A 482 112.60 -73.94 57.25
C LYS A 482 112.21 -72.47 57.36
N VAL A 483 110.98 -72.17 56.94
CA VAL A 483 110.43 -70.81 57.06
C VAL A 483 108.90 -70.82 57.11
N LEU A 484 108.34 -70.00 57.98
CA LEU A 484 106.90 -69.76 58.02
C LEU A 484 106.69 -68.31 57.65
N ARG A 485 106.07 -68.06 56.50
CA ARG A 485 105.85 -66.70 56.04
C ARG A 485 104.39 -66.32 56.20
N VAL A 486 104.16 -65.12 56.74
CA VAL A 486 102.80 -64.62 56.88
C VAL A 486 102.62 -63.35 56.03
N LEU A 487 101.78 -63.46 54.99
CA LEU A 487 101.40 -62.30 54.19
C LEU A 487 100.02 -61.82 54.60
N CYS A 488 99.75 -60.54 54.41
CA CYS A 488 98.44 -60.00 54.71
C CYS A 488 98.00 -59.04 53.61
N LYS A 489 96.68 -58.83 53.55
CA LYS A 489 96.04 -57.98 52.54
C LYS A 489 94.83 -57.35 53.20
N PRO A 490 94.93 -56.05 53.50
CA PRO A 490 93.85 -55.36 54.24
C PRO A 490 92.56 -55.37 53.42
N ARG A 491 91.47 -55.77 54.05
CA ARG A 491 90.15 -55.62 53.47
C ARG A 491 89.79 -54.15 53.37
N PRO A 492 89.02 -53.80 52.34
CA PRO A 492 88.66 -52.43 52.04
C PRO A 492 88.08 -51.79 53.28
N GLY A 493 88.48 -50.54 53.54
CA GLY A 493 87.96 -49.79 54.67
C GLY A 493 88.82 -49.89 55.90
N PHE A 494 90.06 -50.37 55.75
CA PHE A 494 90.98 -50.39 56.86
C PHE A 494 91.28 -48.94 57.21
N SER A 495 91.03 -48.54 58.45
CA SER A 495 91.00 -47.13 58.82
C SER A 495 92.11 -46.70 59.76
N PHE A 496 92.57 -45.46 59.58
CA PHE A 496 93.58 -44.87 60.43
C PHE A 496 93.06 -43.57 61.04
N TYR A 497 93.37 -43.35 62.31
CA TYR A 497 92.90 -42.16 63.02
C TYR A 497 94.06 -41.36 63.58
N GLY A 498 94.04 -40.04 63.36
CA GLY A 498 95.03 -39.13 63.95
C GLY A 498 96.47 -39.24 63.47
N ARG A 499 96.79 -38.52 62.40
CA ARG A 499 98.15 -38.57 61.84
C ARG A 499 99.18 -38.12 62.85
N THR A 500 100.27 -38.86 62.90
CA THR A 500 101.38 -38.56 63.82
C THR A 500 102.70 -39.11 63.24
N SER A 501 103.71 -39.25 64.08
CA SER A 501 104.99 -39.78 63.62
C SER A 501 105.53 -40.87 64.54
N PHE A 502 106.64 -41.49 64.12
CA PHE A 502 107.17 -42.63 64.85
C PHE A 502 108.69 -42.71 64.71
N PRO A 503 109.41 -42.12 65.67
CA PRO A 503 110.89 -42.19 65.69
C PRO A 503 111.36 -43.55 66.18
N VAL A 504 112.32 -44.13 65.46
CA VAL A 504 113.02 -45.34 65.91
C VAL A 504 114.53 -45.22 65.69
N GLY B 1 38.10 -71.74 80.29
CA GLY B 1 37.62 -72.05 81.63
C GLY B 1 38.71 -72.54 82.55
N LEU B 2 38.38 -72.68 83.83
CA LEU B 2 39.35 -73.23 84.77
C LEU B 2 39.77 -74.66 84.35
N ALA B 3 41.06 -74.84 84.16
CA ALA B 3 41.59 -76.08 83.59
C ALA B 3 42.28 -76.96 84.62
N GLY B 4 42.89 -76.30 85.59
CA GLY B 4 43.58 -77.01 86.66
C GLY B 4 43.90 -76.09 87.82
N ARG B 5 44.28 -76.67 88.95
CA ARG B 5 44.57 -75.86 90.12
C ARG B 5 45.56 -76.56 91.05
N GLY B 6 46.06 -75.78 92.00
CA GLY B 6 47.04 -76.26 92.95
C GLY B 6 47.20 -75.28 94.11
N VAL B 7 47.97 -75.68 95.12
CA VAL B 7 48.08 -74.86 96.31
C VAL B 7 49.53 -74.71 96.70
N ILE B 8 49.94 -73.49 97.00
CA ILE B 8 51.28 -73.23 97.52
C ILE B 8 51.17 -72.90 99.01
N TYR B 9 51.96 -73.58 99.85
CA TYR B 9 51.94 -73.26 101.27
C TYR B 9 53.07 -72.29 101.65
N ILE B 10 52.65 -71.20 102.29
CA ILE B 10 53.55 -70.16 102.78
C ILE B 10 53.73 -70.25 104.30
N PRO B 11 54.97 -70.33 104.80
CA PRO B 11 55.24 -70.29 106.24
C PRO B 11 55.03 -68.89 106.84
N LYS B 12 54.77 -68.81 108.14
CA LYS B 12 54.57 -67.51 108.77
C LYS B 12 55.87 -66.71 108.76
N ASP B 13 57.00 -67.38 108.75
CA ASP B 13 58.26 -66.69 108.52
C ASP B 13 58.80 -67.10 107.17
N CYS B 14 58.46 -66.30 106.17
CA CYS B 14 58.86 -66.53 104.80
C CYS B 14 60.08 -65.66 104.49
N GLN B 15 61.26 -66.26 104.55
CA GLN B 15 62.54 -65.53 104.39
C GLN B 15 62.97 -65.46 102.94
N ALA B 16 63.94 -64.60 102.63
CA ALA B 16 64.47 -64.60 101.27
C ALA B 16 65.08 -65.95 100.92
N ASN B 17 64.79 -66.42 99.72
CA ASN B 17 65.35 -67.66 99.21
C ASN B 17 64.62 -68.94 99.57
N ARG B 18 63.52 -68.86 100.34
CA ARG B 18 62.72 -70.05 100.68
C ARG B 18 62.03 -70.73 99.49
N TYR B 19 62.30 -72.03 99.33
CA TYR B 19 61.51 -72.86 98.42
C TYR B 19 60.09 -73.06 98.96
N LEU B 20 59.07 -72.68 98.18
CA LEU B 20 57.68 -72.79 98.62
C LEU B 20 56.98 -74.02 98.04
N GLY B 21 57.44 -74.46 96.89
CA GLY B 21 56.92 -75.67 96.29
C GLY B 21 56.89 -75.63 94.77
N THR B 22 56.62 -76.78 94.17
CA THR B 22 56.51 -76.88 92.73
C THR B 22 55.16 -77.48 92.34
N LEU B 23 54.49 -76.89 91.36
CA LEU B 23 53.28 -77.46 90.82
C LEU B 23 53.61 -78.07 89.49
N ASN B 24 53.07 -79.24 89.22
CA ASN B 24 53.25 -79.87 87.93
C ASN B 24 52.07 -79.51 87.01
N ILE B 25 52.34 -78.78 85.93
CA ILE B 25 51.26 -78.22 85.11
C ILE B 25 50.33 -79.30 84.59
N ARG B 26 50.88 -80.42 84.17
CA ARG B 26 50.00 -81.44 83.64
C ARG B 26 49.18 -82.13 84.75
N ASP B 27 49.80 -82.35 85.90
CA ASP B 27 49.08 -82.87 87.06
C ASP B 27 47.98 -81.92 87.55
N MET B 28 48.20 -80.62 87.48
CA MET B 28 47.14 -79.66 87.87
C MET B 28 45.89 -79.89 87.03
N ILE B 29 46.08 -80.17 85.75
CA ILE B 29 44.95 -80.34 84.85
C ILE B 29 44.33 -81.72 84.99
N SER B 30 45.16 -82.73 85.19
CA SER B 30 44.64 -84.09 85.29
C SER B 30 44.01 -84.44 86.64
N ASP B 31 44.49 -83.82 87.72
CA ASP B 31 43.94 -84.09 89.05
C ASP B 31 42.59 -83.41 89.17
N PHE B 32 42.45 -82.29 88.48
CA PHE B 32 41.22 -81.52 88.47
C PHE B 32 40.16 -82.29 87.68
N LYS B 33 40.41 -82.49 86.39
CA LYS B 33 39.75 -83.56 85.65
C LYS B 33 38.21 -83.44 85.52
N GLY B 34 37.66 -82.26 85.24
CA GLY B 34 38.23 -81.20 84.45
C GLY B 34 37.43 -81.25 83.13
N VAL B 35 36.63 -80.23 82.82
CA VAL B 35 36.04 -80.19 81.47
C VAL B 35 37.14 -80.07 80.43
N GLN B 36 38.15 -79.26 80.73
CA GLN B 36 39.29 -79.08 79.83
C GLN B 36 40.14 -80.36 79.72
N TYR B 37 40.37 -81.03 80.85
CA TYR B 37 41.10 -82.30 80.82
C TYR B 37 40.41 -83.29 79.89
N GLU B 38 39.10 -83.36 79.94
CA GLU B 38 38.41 -84.32 79.10
C GLU B 38 38.47 -83.91 77.63
N LYS B 39 38.45 -82.60 77.34
CA LYS B 39 38.60 -82.13 75.97
C LYS B 39 39.97 -82.52 75.45
N TRP B 40 40.94 -82.57 76.36
CA TRP B 40 42.33 -82.86 76.06
C TRP B 40 42.51 -84.29 75.57
N ILE B 41 41.91 -85.24 76.31
CA ILE B 41 41.96 -86.64 75.93
C ILE B 41 41.53 -86.87 74.49
N THR B 42 40.55 -86.10 74.03
CA THR B 42 40.04 -86.26 72.68
C THR B 42 40.96 -85.62 71.65
N ALA B 43 41.52 -84.49 72.01
CA ALA B 43 42.41 -83.78 71.12
C ALA B 43 43.69 -84.58 70.93
N GLY B 44 44.15 -85.21 72.00
CA GLY B 44 45.44 -85.88 71.99
C GLY B 44 46.54 -84.87 72.29
N LEU B 45 46.74 -83.94 71.38
CA LEU B 45 47.76 -82.90 71.52
C LEU B 45 47.15 -81.52 71.76
N VAL B 46 47.69 -80.77 72.70
CA VAL B 46 47.26 -79.39 72.91
C VAL B 46 48.46 -78.43 72.96
N MET B 47 48.29 -77.22 72.42
CA MET B 47 49.30 -76.15 72.49
C MET B 47 48.72 -74.91 73.17
N PRO B 48 48.32 -75.05 74.44
CA PRO B 48 47.46 -74.07 75.09
C PRO B 48 48.05 -72.67 75.16
N THR B 49 47.17 -71.70 75.27
CA THR B 49 47.54 -70.41 75.81
C THR B 49 46.92 -70.36 77.20
N PHE B 50 47.74 -70.47 78.24
CA PHE B 50 47.27 -70.43 79.62
C PHE B 50 47.18 -69.02 80.18
N LYS B 51 46.16 -68.79 81.00
CA LYS B 51 46.18 -67.65 81.91
C LYS B 51 46.44 -68.26 83.28
N ILE B 52 47.54 -67.89 83.89
CA ILE B 52 47.82 -68.33 85.22
C ILE B 52 47.38 -67.25 86.18
N VAL B 53 46.64 -67.66 87.20
CA VAL B 53 46.18 -66.73 88.22
C VAL B 53 46.61 -67.24 89.60
N ILE B 54 47.32 -66.38 90.33
CA ILE B 54 47.68 -66.72 91.70
C ILE B 54 46.83 -65.89 92.67
N ARG B 55 45.98 -66.58 93.42
CA ARG B 55 45.12 -65.90 94.39
C ARG B 55 45.77 -65.84 95.76
N LEU B 56 45.70 -64.65 96.34
CA LEU B 56 46.75 -64.12 97.17
C LEU B 56 46.16 -62.87 97.83
N PRO B 57 46.10 -62.84 99.16
CA PRO B 57 45.51 -61.66 99.80
C PRO B 57 46.47 -60.49 99.74
N ALA B 58 46.02 -59.39 99.15
CA ALA B 58 46.88 -58.23 99.03
C ALA B 58 47.25 -57.64 100.39
N ASN B 59 48.51 -57.25 100.55
CA ASN B 59 48.97 -56.71 101.82
C ASN B 59 50.20 -55.82 101.66
N ALA B 60 50.09 -54.57 102.10
CA ALA B 60 51.19 -53.63 101.92
C ALA B 60 52.15 -53.61 103.08
N PHE B 61 51.95 -54.50 104.05
CA PHE B 61 52.66 -54.40 105.33
C PHE B 61 53.66 -55.52 105.57
N THR B 62 54.08 -56.19 104.50
CA THR B 62 54.96 -57.35 104.67
C THR B 62 56.30 -57.18 103.97
N GLY B 63 56.28 -56.61 102.75
CA GLY B 63 57.50 -56.52 101.95
C GLY B 63 57.78 -57.76 101.09
N LEU B 64 56.91 -58.75 101.21
CA LEU B 64 57.05 -60.03 100.53
C LEU B 64 56.99 -59.87 99.01
N THR B 65 57.97 -60.47 98.34
CA THR B 65 57.93 -60.63 96.89
C THR B 65 58.31 -62.05 96.51
N TRP B 66 57.50 -62.69 95.66
CA TRP B 66 57.75 -64.08 95.26
C TRP B 66 58.08 -64.13 93.79
N VAL B 67 58.63 -65.26 93.35
CA VAL B 67 58.90 -65.48 91.94
C VAL B 67 58.26 -66.77 91.47
N MET B 68 57.41 -66.68 90.46
CA MET B 68 56.92 -67.87 89.77
C MET B 68 57.86 -68.13 88.59
N SER B 69 58.44 -69.32 88.55
CA SER B 69 59.39 -69.65 87.50
C SER B 69 58.79 -70.75 86.63
N PHE B 70 58.71 -70.49 85.32
CA PHE B 70 58.19 -71.47 84.39
C PHE B 70 59.32 -72.33 83.86
N ASP B 71 59.39 -73.54 84.39
CA ASP B 71 60.47 -74.47 84.03
C ASP B 71 59.92 -75.63 83.21
N ALA B 72 59.70 -75.40 81.92
CA ALA B 72 59.02 -76.40 81.11
C ALA B 72 59.87 -77.66 80.90
N TYR B 73 61.18 -77.52 81.08
CA TYR B 73 62.08 -78.62 80.79
C TYR B 73 62.83 -79.12 82.02
N ASN B 74 62.33 -78.74 83.19
CA ASN B 74 62.79 -79.30 84.44
C ASN B 74 64.30 -79.13 84.66
N ARG B 75 64.79 -77.91 84.40
CA ARG B 75 66.22 -77.64 84.43
C ARG B 75 66.74 -77.07 85.75
N ILE B 76 65.91 -76.31 86.48
CA ILE B 76 66.29 -75.81 87.81
C ILE B 76 65.71 -76.49 89.07
N THR B 77 64.73 -77.40 88.90
CA THR B 77 64.10 -78.06 90.07
C THR B 77 65.10 -78.67 91.06
N SER B 78 65.97 -79.52 90.54
CA SER B 78 66.98 -80.25 91.33
C SER B 78 67.80 -79.35 92.28
N ARG B 79 67.96 -78.09 91.90
CA ARG B 79 68.94 -77.22 92.55
C ARG B 79 68.30 -76.17 93.45
N ILE B 80 66.97 -76.20 93.59
CA ILE B 80 66.25 -75.21 94.38
C ILE B 80 65.38 -75.74 95.52
N THR B 81 65.29 -77.07 95.65
CA THR B 81 64.35 -77.69 96.61
C THR B 81 64.79 -77.56 98.08
N ALA B 82 66.03 -77.17 98.31
CA ALA B 82 66.51 -76.90 99.67
C ALA B 82 66.34 -75.43 99.95
N SER B 83 66.99 -74.65 99.11
CA SER B 83 66.94 -73.21 99.19
C SER B 83 67.08 -72.71 97.75
N ALA B 84 66.37 -71.65 97.40
CA ALA B 84 66.38 -71.17 96.03
C ALA B 84 67.21 -69.90 95.81
N ASP B 85 68.40 -70.05 95.22
CA ASP B 85 69.19 -68.87 94.88
C ASP B 85 68.50 -68.16 93.72
N PRO B 86 68.27 -66.85 93.86
CA PRO B 86 67.66 -66.09 92.77
C PRO B 86 68.32 -66.31 91.40
N VAL B 87 69.61 -66.64 91.36
CA VAL B 87 70.27 -66.88 90.08
C VAL B 87 69.61 -68.01 89.33
N TYR B 88 69.18 -69.06 90.05
CA TYR B 88 68.43 -70.15 89.42
C TYR B 88 67.00 -69.74 89.04
N THR B 89 66.28 -69.16 89.99
CA THR B 89 64.86 -68.89 89.80
C THR B 89 64.62 -67.83 88.73
N LEU B 90 65.60 -66.96 88.48
CA LEU B 90 65.45 -65.92 87.44
C LEU B 90 66.08 -66.27 86.09
N SER B 91 66.62 -67.48 85.99
CA SER B 91 67.33 -67.91 84.79
C SER B 91 66.40 -68.53 83.75
N VAL B 92 65.14 -68.74 84.14
CA VAL B 92 64.12 -69.22 83.21
C VAL B 92 63.00 -68.20 83.19
N PRO B 93 62.08 -68.31 82.21
CA PRO B 93 60.96 -67.36 82.20
C PRO B 93 60.30 -67.28 83.58
N HIS B 94 60.02 -66.06 84.04
CA HIS B 94 59.54 -65.87 85.40
C HIS B 94 58.80 -64.55 85.59
N TRP B 95 58.11 -64.47 86.71
CA TRP B 95 57.30 -63.30 87.00
C TRP B 95 57.46 -62.90 88.47
N LEU B 96 57.56 -61.59 88.73
CA LEU B 96 57.58 -61.11 90.10
C LEU B 96 56.17 -60.97 90.65
N ILE B 97 55.95 -61.53 91.83
CA ILE B 97 54.65 -61.43 92.47
C ILE B 97 54.77 -60.57 93.72
N HIS B 98 54.27 -59.33 93.64
CA HIS B 98 54.35 -58.41 94.78
C HIS B 98 53.15 -58.52 95.71
N HIS B 99 53.43 -58.68 97.00
CA HIS B 99 52.37 -58.93 97.96
C HIS B 99 51.43 -57.72 98.02
N LYS B 100 51.99 -56.53 97.79
CA LYS B 100 51.18 -55.33 97.89
C LYS B 100 50.09 -55.30 96.83
N LEU B 101 50.29 -56.03 95.74
CA LEU B 101 49.36 -55.97 94.60
C LEU B 101 48.28 -57.05 94.67
N GLY B 102 48.40 -57.93 95.64
CA GLY B 102 47.45 -59.00 95.80
C GLY B 102 47.44 -59.99 94.64
N THR B 103 46.22 -60.38 94.23
CA THR B 103 46.05 -61.45 93.26
C THR B 103 46.77 -61.13 91.96
N PHE B 104 47.49 -62.12 91.44
CA PHE B 104 48.39 -61.93 90.31
C PHE B 104 47.93 -62.74 89.12
N SER B 105 48.20 -62.23 87.93
CA SER B 105 47.82 -62.93 86.72
C SER B 105 48.83 -62.69 85.60
N CYS B 106 49.03 -63.69 84.75
CA CYS B 106 49.87 -63.54 83.55
C CYS B 106 49.48 -64.54 82.47
N GLU B 107 49.94 -64.32 81.24
CA GLU B 107 49.67 -65.25 80.15
C GLU B 107 50.92 -66.02 79.78
N ILE B 108 50.73 -67.29 79.50
CA ILE B 108 51.80 -68.13 79.04
C ILE B 108 51.37 -68.71 77.71
N ASP B 109 52.01 -68.25 76.64
CA ASP B 109 51.80 -68.88 75.34
C ASP B 109 52.70 -70.09 75.27
N TYR B 110 52.12 -71.26 75.50
CA TYR B 110 52.88 -72.48 75.60
C TYR B 110 53.64 -72.75 74.31
N GLY B 111 53.10 -72.26 73.20
CA GLY B 111 53.78 -72.35 71.93
C GLY B 111 55.14 -71.65 71.91
N GLU B 112 55.23 -70.48 72.55
CA GLU B 112 56.49 -69.74 72.64
C GLU B 112 57.38 -70.19 73.80
N LEU B 113 56.87 -70.03 75.02
CA LEU B 113 57.67 -70.35 76.22
C LEU B 113 58.07 -71.81 76.33
N CYS B 114 57.32 -72.70 75.67
CA CYS B 114 57.68 -74.09 75.75
C CYS B 114 58.10 -74.68 74.41
N GLY B 115 57.22 -74.64 73.40
CA GLY B 115 57.60 -75.03 72.06
C GLY B 115 57.12 -76.38 71.55
N HIS B 116 56.81 -77.30 72.44
CA HIS B 116 56.23 -78.57 71.97
C HIS B 116 54.85 -78.81 72.58
N ALA B 117 53.97 -79.46 71.82
CA ALA B 117 52.60 -79.72 72.26
C ALA B 117 52.50 -80.85 73.30
N MET B 118 51.53 -80.70 74.21
CA MET B 118 51.37 -81.63 75.32
C MET B 118 50.51 -82.82 74.95
N TRP B 119 51.02 -84.01 75.23
CA TRP B 119 50.32 -85.25 74.94
C TRP B 119 49.51 -85.69 76.16
N PHE B 120 48.22 -85.95 75.97
CA PHE B 120 47.31 -86.22 77.07
C PHE B 120 47.74 -87.39 78.01
N LYS B 121 48.36 -88.43 77.45
CA LYS B 121 48.59 -89.65 78.21
C LYS B 121 49.89 -89.73 78.98
N SER B 122 50.88 -88.96 78.56
CA SER B 122 52.18 -89.00 79.21
C SER B 122 53.07 -87.83 78.82
N THR B 123 54.05 -87.57 79.66
CA THR B 123 55.03 -86.55 79.37
C THR B 123 55.85 -87.00 78.14
N THR B 124 56.07 -86.08 77.20
CA THR B 124 56.86 -86.38 76.01
C THR B 124 58.35 -86.25 76.33
N PHE B 125 58.80 -85.04 76.60
CA PHE B 125 60.20 -84.85 76.93
C PHE B 125 60.41 -84.80 78.43
N GLU B 126 60.30 -83.62 79.01
CA GLU B 126 60.24 -83.57 80.45
C GLU B 126 58.92 -82.93 80.86
N SER B 127 58.58 -83.07 82.14
CA SER B 127 57.30 -82.62 82.68
C SER B 127 57.35 -81.18 83.15
N PRO B 128 56.53 -80.31 82.55
CA PRO B 128 56.54 -78.85 82.78
C PRO B 128 56.15 -78.45 84.20
N ARG B 129 56.98 -77.64 84.87
CA ARG B 129 56.74 -77.25 86.25
C ARG B 129 56.57 -75.75 86.44
N LEU B 130 55.83 -75.36 87.47
CA LEU B 130 55.86 -74.00 87.99
C LEU B 130 56.50 -74.01 89.37
N HIS B 131 57.58 -73.25 89.56
CA HIS B 131 58.23 -73.15 90.87
C HIS B 131 57.85 -71.86 91.57
N PHE B 132 57.58 -71.95 92.87
CA PHE B 132 57.29 -70.77 93.66
C PHE B 132 58.32 -70.58 94.75
N THR B 133 59.04 -69.46 94.67
CA THR B 133 60.12 -69.17 95.60
C THR B 133 59.94 -67.76 96.15
N CYS B 134 60.58 -67.49 97.28
CA CYS B 134 60.48 -66.17 97.87
C CYS B 134 61.71 -65.35 97.53
N LEU B 135 61.53 -64.21 96.86
CA LEU B 135 62.66 -63.39 96.39
C LEU B 135 63.15 -62.42 97.47
N THR B 136 62.20 -61.70 98.06
CA THR B 136 62.47 -60.86 99.23
C THR B 136 61.53 -61.29 100.37
N GLY B 137 62.10 -61.42 101.57
CA GLY B 137 61.35 -61.94 102.70
C GLY B 137 60.49 -60.91 103.40
N ASN B 138 59.66 -61.39 104.32
CA ASN B 138 58.81 -60.50 105.12
C ASN B 138 59.68 -59.75 106.15
N ASN B 139 59.24 -58.56 106.54
CA ASN B 139 60.06 -57.72 107.40
C ASN B 139 60.12 -58.29 108.81
N LYS B 140 59.04 -58.99 109.19
CA LYS B 140 58.90 -59.70 110.45
C LYS B 140 57.95 -60.82 110.13
N GLU B 141 57.97 -61.90 110.91
CA GLU B 141 57.06 -63.01 110.58
C GLU B 141 55.60 -62.55 110.68
N LEU B 142 54.73 -63.25 109.97
CA LEU B 142 53.30 -62.99 110.03
C LEU B 142 52.67 -63.73 111.21
N ALA B 143 51.36 -63.60 111.36
CA ALA B 143 50.69 -64.16 112.52
C ALA B 143 50.61 -65.69 112.46
N ALA B 144 50.46 -66.24 111.26
CA ALA B 144 50.31 -67.69 111.14
C ALA B 144 50.63 -68.16 109.74
N ASP B 145 50.86 -69.47 109.60
CA ASP B 145 50.99 -70.10 108.29
C ASP B 145 49.75 -69.80 107.44
N TRP B 146 49.93 -69.70 106.12
CA TRP B 146 48.81 -69.53 105.22
C TRP B 146 49.06 -70.20 103.88
N GLN B 147 48.14 -70.03 102.95
CA GLN B 147 48.29 -70.61 101.62
C GLN B 147 47.85 -69.65 100.51
N ALA B 148 48.35 -69.90 99.31
CA ALA B 148 47.90 -69.21 98.11
C ALA B 148 47.39 -70.26 97.12
N VAL B 149 46.44 -69.88 96.28
CA VAL B 149 45.89 -70.81 95.29
C VAL B 149 46.36 -70.45 93.89
N VAL B 150 46.82 -71.44 93.13
CA VAL B 150 47.26 -71.24 91.76
C VAL B 150 46.26 -71.85 90.81
N GLU B 151 45.82 -71.09 89.81
CA GLU B 151 44.80 -71.57 88.88
C GLU B 151 45.25 -71.43 87.42
N LEU B 152 44.99 -72.46 86.63
CA LEU B 152 45.22 -72.45 85.18
C LEU B 152 43.91 -72.30 84.42
N TYR B 153 43.80 -71.24 83.63
CA TYR B 153 42.62 -71.04 82.79
C TYR B 153 43.04 -71.22 81.36
N ALA B 154 42.25 -71.95 80.59
CA ALA B 154 42.59 -72.21 79.20
C ALA B 154 41.37 -72.76 78.47
N GLU B 155 41.30 -72.52 77.17
CA GLU B 155 40.33 -73.20 76.33
C GLU B 155 41.08 -74.13 75.40
N LEU B 156 41.28 -75.37 75.84
CA LEU B 156 42.09 -76.34 75.11
C LEU B 156 41.47 -76.76 73.80
N GLU B 157 42.22 -76.62 72.72
CA GLU B 157 41.78 -77.17 71.45
C GLU B 157 42.90 -78.02 70.84
N GLU B 158 42.52 -78.91 69.93
CA GLU B 158 43.48 -79.82 69.33
C GLU B 158 44.60 -79.07 68.61
N ALA B 159 45.83 -79.49 68.87
CA ALA B 159 47.00 -78.92 68.23
C ALA B 159 47.23 -79.50 66.83
N THR B 160 47.49 -78.61 65.88
CA THR B 160 47.66 -78.98 64.50
C THR B 160 49.09 -79.52 64.23
N SER B 161 50.09 -78.99 64.93
CA SER B 161 51.50 -79.38 64.73
C SER B 161 52.14 -79.77 66.04
N PHE B 162 53.21 -80.55 65.98
CA PHE B 162 53.95 -80.91 67.20
C PHE B 162 54.74 -79.71 67.73
N LEU B 163 55.35 -78.96 66.82
CA LEU B 163 56.25 -77.89 67.19
C LEU B 163 55.58 -76.53 67.16
N GLY B 164 55.97 -75.65 68.08
CA GLY B 164 55.52 -74.27 68.10
C GLY B 164 56.23 -73.44 67.05
N LYS B 165 56.28 -72.13 67.26
CA LYS B 165 57.11 -71.27 66.45
C LYS B 165 58.40 -71.07 67.24
N PRO B 166 59.56 -71.06 66.56
CA PRO B 166 60.84 -70.97 67.24
C PRO B 166 61.02 -69.62 67.94
N THR B 167 61.33 -69.67 69.22
CA THR B 167 61.70 -68.51 70.01
C THR B 167 62.91 -67.76 69.42
N LEU B 168 63.86 -68.51 68.85
CA LEU B 168 65.12 -67.92 68.37
C LEU B 168 65.65 -68.63 67.15
N VAL B 169 66.21 -67.88 66.20
CA VAL B 169 66.88 -68.51 65.06
C VAL B 169 68.31 -68.04 64.99
N PHE B 170 69.23 -68.99 64.87
CA PHE B 170 70.65 -68.69 65.01
C PHE B 170 71.15 -67.71 63.98
N ASP B 171 71.77 -66.64 64.47
CA ASP B 171 72.38 -65.61 63.65
C ASP B 171 73.41 -64.84 64.51
N PRO B 172 74.69 -64.94 64.13
CA PRO B 172 75.83 -64.39 64.85
C PRO B 172 75.74 -62.88 64.91
N GLY B 173 75.29 -62.30 63.80
CA GLY B 173 75.30 -60.86 63.62
C GLY B 173 74.04 -60.20 64.13
N VAL B 174 73.27 -60.93 64.95
CA VAL B 174 72.01 -60.38 65.41
C VAL B 174 71.71 -60.62 66.90
N PHE B 175 72.01 -59.54 67.62
CA PHE B 175 71.63 -59.28 68.99
C PHE B 175 71.11 -57.85 68.96
N ASN B 176 69.79 -57.70 68.96
CA ASN B 176 69.15 -56.38 68.90
C ASN B 176 69.61 -55.41 69.98
N GLY B 177 69.48 -55.83 71.23
CA GLY B 177 69.72 -54.93 72.36
C GLY B 177 68.50 -54.92 73.27
N LYS B 178 67.43 -55.57 72.83
CA LYS B 178 66.23 -55.77 73.67
C LYS B 178 66.32 -57.11 74.43
N PHE B 179 65.87 -57.11 75.68
CA PHE B 179 65.91 -58.32 76.49
C PHE B 179 64.50 -58.73 76.94
N GLN B 180 64.31 -60.02 77.23
CA GLN B 180 63.17 -60.45 78.04
C GLN B 180 63.64 -61.27 79.23
N PHE B 181 62.92 -61.17 80.33
CA PHE B 181 63.24 -61.94 81.54
C PHE B 181 64.66 -61.73 82.07
N LEU B 182 65.16 -60.50 81.94
CA LEU B 182 66.44 -60.16 82.54
C LEU B 182 66.22 -59.46 83.88
N THR B 183 66.30 -60.23 84.95
CA THR B 183 66.04 -59.69 86.29
C THR B 183 67.28 -59.91 87.14
N CYS B 184 67.77 -58.85 87.78
CA CYS B 184 68.94 -58.94 88.66
C CYS B 184 68.51 -59.41 90.04
N PRO B 185 69.29 -60.29 90.65
CA PRO B 185 69.03 -60.65 92.05
C PRO B 185 68.92 -59.40 92.91
N PRO B 186 68.17 -59.52 94.01
CA PRO B 186 67.88 -58.37 94.87
C PRO B 186 69.14 -57.75 95.42
N ILE B 187 69.11 -56.42 95.50
CA ILE B 187 70.15 -55.60 96.11
C ILE B 187 69.61 -55.12 97.47
N PHE B 188 70.45 -55.15 98.52
CA PHE B 188 69.95 -54.82 99.87
C PHE B 188 70.60 -53.61 100.53
N PHE B 189 69.79 -52.79 101.19
CA PHE B 189 70.30 -51.64 101.93
C PHE B 189 70.01 -51.77 103.40
N ASP B 190 71.03 -51.58 104.24
CA ASP B 190 70.85 -51.62 105.69
C ASP B 190 70.29 -50.30 106.17
N LEU B 191 69.42 -50.34 107.19
CA LEU B 191 68.92 -49.09 107.71
C LEU B 191 69.81 -48.51 108.80
N THR B 192 70.87 -49.23 109.11
CA THR B 192 71.84 -48.77 110.08
C THR B 192 72.94 -47.97 109.41
N ALA B 193 72.66 -47.52 108.19
CA ALA B 193 73.65 -46.81 107.39
C ALA B 193 73.06 -45.52 106.82
N VAL B 194 73.67 -44.40 107.13
CA VAL B 194 73.16 -43.11 106.68
C VAL B 194 73.22 -42.90 105.15
N THR B 195 74.27 -43.42 104.51
CA THR B 195 74.31 -43.53 103.05
C THR B 195 74.91 -44.89 102.68
N ALA B 196 74.81 -45.26 101.41
CA ALA B 196 75.39 -46.54 100.98
C ALA B 196 75.44 -46.65 99.46
N LEU B 197 76.32 -47.53 99.00
CA LEU B 197 76.41 -47.79 97.59
C LEU B 197 76.19 -49.27 97.32
N ARG B 198 75.47 -49.58 96.25
CA ARG B 198 75.41 -50.95 95.73
C ARG B 198 75.64 -50.95 94.24
N SER B 199 76.62 -51.71 93.82
CA SER B 199 76.94 -51.79 92.39
C SER B 199 76.28 -52.97 91.70
N ALA B 200 75.86 -52.74 90.47
CA ALA B 200 75.41 -53.82 89.62
C ALA B 200 76.29 -53.80 88.37
N GLY B 201 76.97 -54.92 88.11
CA GLY B 201 77.87 -54.99 86.98
C GLY B 201 77.10 -54.89 85.69
N LEU B 202 77.68 -54.27 84.68
CA LEU B 202 77.03 -54.16 83.38
C LEU B 202 77.72 -55.03 82.33
N THR B 203 78.60 -55.92 82.79
CA THR B 203 79.26 -56.88 81.91
C THR B 203 78.35 -58.11 81.69
N LEU B 204 77.29 -57.90 80.92
CA LEU B 204 76.15 -58.82 80.90
C LEU B 204 76.40 -60.16 80.23
N GLY B 205 77.54 -60.32 79.58
CA GLY B 205 77.84 -61.58 78.93
C GLY B 205 78.46 -62.59 79.88
N GLN B 206 78.81 -62.11 81.07
CA GLN B 206 79.40 -62.95 82.11
C GLN B 206 78.38 -64.02 82.54
N VAL B 207 78.83 -65.25 82.71
CA VAL B 207 77.92 -66.29 83.17
C VAL B 207 77.79 -66.27 84.68
N PRO B 208 76.54 -66.19 85.17
CA PRO B 208 76.23 -66.07 86.61
C PRO B 208 76.61 -67.34 87.33
N MET B 209 76.95 -67.23 88.61
CA MET B 209 77.33 -68.40 89.38
C MET B 209 76.64 -68.54 90.73
N VAL B 210 76.49 -69.79 91.16
CA VAL B 210 75.97 -70.08 92.48
C VAL B 210 76.98 -71.04 93.08
N GLY B 211 77.87 -70.52 93.92
CA GLY B 211 78.99 -71.30 94.38
C GLY B 211 79.90 -71.65 93.22
N THR B 212 80.13 -72.94 93.02
CA THR B 212 81.00 -73.37 91.93
C THR B 212 80.19 -73.71 90.69
N THR B 213 78.87 -73.60 90.81
CA THR B 213 77.96 -73.94 89.69
C THR B 213 77.72 -72.79 88.71
N LYS B 214 78.08 -73.00 87.43
CA LYS B 214 77.79 -72.03 86.37
C LYS B 214 76.33 -72.18 85.92
N VAL B 215 75.60 -71.08 85.82
CA VAL B 215 74.22 -71.13 85.36
C VAL B 215 74.10 -70.46 84.01
N TYR B 216 74.30 -71.23 82.94
CA TYR B 216 74.18 -70.68 81.60
C TYR B 216 72.74 -70.26 81.36
N ASN B 217 72.54 -69.08 80.79
CA ASN B 217 71.21 -68.63 80.44
C ASN B 217 71.18 -67.85 79.13
N LEU B 218 69.99 -67.71 78.54
CA LEU B 218 69.89 -67.11 77.23
C LEU B 218 70.37 -65.66 77.18
N ASN B 219 70.03 -64.87 78.19
CA ASN B 219 70.44 -63.47 78.16
C ASN B 219 71.95 -63.25 78.12
N SER B 220 72.68 -63.86 79.04
CA SER B 220 74.13 -63.69 79.00
C SER B 220 74.70 -64.27 77.70
N THR B 221 74.11 -65.37 77.23
CA THR B 221 74.50 -65.94 75.94
C THR B 221 74.33 -64.94 74.80
N LEU B 222 73.19 -64.27 74.75
CA LEU B 222 72.95 -63.27 73.72
C LEU B 222 74.01 -62.18 73.77
N VAL B 223 74.22 -61.59 74.95
CA VAL B 223 75.21 -60.53 75.07
C VAL B 223 76.58 -60.98 74.58
N SER B 224 76.92 -62.24 74.80
CA SER B 224 78.24 -62.75 74.43
C SER B 224 78.44 -62.74 72.90
N CYS B 225 77.33 -62.63 72.17
CA CYS B 225 77.35 -62.60 70.70
C CYS B 225 77.90 -61.31 70.13
N VAL B 226 78.24 -60.40 71.04
CA VAL B 226 78.74 -59.08 70.72
C VAL B 226 80.08 -58.85 71.47
N LEU B 227 80.91 -57.92 71.00
CA LEU B 227 82.17 -57.67 71.70
C LEU B 227 81.98 -56.72 72.88
N GLY B 228 80.99 -55.85 72.77
CA GLY B 228 80.70 -54.90 73.83
C GLY B 228 79.52 -54.04 73.42
N MET B 229 79.10 -53.15 74.31
CA MET B 229 77.91 -52.35 74.10
C MET B 229 77.97 -51.03 74.87
N GLY B 230 77.38 -50.01 74.28
CA GLY B 230 77.23 -48.73 74.94
C GLY B 230 75.82 -48.28 74.67
N GLY B 231 75.42 -47.18 75.28
CA GLY B 231 74.08 -46.68 75.07
C GLY B 231 73.40 -46.43 76.38
N THR B 232 72.07 -46.50 76.37
CA THR B 232 71.32 -46.25 77.59
C THR B 232 70.59 -47.50 78.08
N VAL B 233 70.77 -47.80 79.37
CA VAL B 233 70.07 -48.91 80.01
C VAL B 233 68.66 -48.47 80.41
N ARG B 234 67.64 -49.07 79.80
CA ARG B 234 66.26 -48.81 80.19
C ARG B 234 65.80 -49.96 81.05
N GLY B 235 65.33 -49.66 82.25
CA GLY B 235 64.85 -50.72 83.11
C GLY B 235 63.77 -50.28 84.06
N ARG B 236 63.43 -51.16 85.00
CA ARG B 236 62.44 -50.86 86.03
C ARG B 236 63.07 -51.18 87.38
N VAL B 237 62.72 -50.38 88.37
CA VAL B 237 63.16 -50.61 89.75
C VAL B 237 61.94 -50.94 90.62
N HIS B 238 62.05 -52.00 91.40
CA HIS B 238 61.01 -52.33 92.37
C HIS B 238 61.54 -52.19 93.80
N ILE B 239 60.83 -51.42 94.60
CA ILE B 239 61.18 -51.31 95.99
C ILE B 239 60.33 -52.26 96.81
N CYS B 240 60.97 -53.29 97.34
CA CYS B 240 60.27 -54.45 97.89
C CYS B 240 60.25 -54.45 99.41
N ALA B 241 59.56 -53.47 99.96
CA ALA B 241 59.46 -53.32 101.41
C ALA B 241 58.07 -52.83 101.78
N PRO B 242 57.71 -52.92 103.06
CA PRO B 242 56.41 -52.45 103.58
C PRO B 242 56.21 -50.95 103.32
N ILE B 243 54.96 -50.48 103.23
CA ILE B 243 54.70 -49.04 103.01
C ILE B 243 55.43 -48.14 103.99
N PHE B 244 55.77 -48.65 105.17
CA PHE B 244 56.38 -47.82 106.24
C PHE B 244 57.92 -47.78 106.14
N TYR B 245 58.47 -48.50 105.17
CA TYR B 245 59.87 -48.33 104.76
C TYR B 245 59.92 -47.38 103.58
N SER B 246 60.97 -46.58 103.49
CA SER B 246 61.11 -45.70 102.33
C SER B 246 62.55 -45.28 102.12
N ILE B 247 62.86 -44.89 100.88
CA ILE B 247 64.24 -44.64 100.53
C ILE B 247 64.31 -43.69 99.35
N VAL B 248 65.45 -43.03 99.19
CA VAL B 248 65.70 -42.22 98.00
C VAL B 248 67.05 -42.61 97.43
N LEU B 249 67.06 -42.98 96.15
CA LEU B 249 68.28 -43.42 95.49
C LEU B 249 68.72 -42.46 94.38
N TRP B 250 70.05 -42.28 94.28
CA TRP B 250 70.67 -41.65 93.12
C TRP B 250 71.25 -42.78 92.30
N VAL B 251 70.76 -42.97 91.09
CA VAL B 251 71.20 -44.07 90.24
C VAL B 251 72.01 -43.55 89.07
N VAL B 252 73.26 -43.98 88.99
CA VAL B 252 74.15 -43.45 87.98
C VAL B 252 75.17 -44.50 87.51
N SER B 253 75.73 -44.30 86.32
CA SER B 253 76.75 -45.21 85.82
C SER B 253 78.17 -44.68 86.06
N GLU B 254 79.07 -45.58 86.46
CA GLU B 254 80.47 -45.20 86.69
C GLU B 254 81.45 -46.20 86.09
N TRP B 255 82.64 -45.70 85.78
CA TRP B 255 83.67 -46.53 85.14
C TRP B 255 84.84 -46.80 86.07
N ASN B 256 85.09 -48.09 86.25
CA ASN B 256 86.27 -48.57 86.90
C ASN B 256 86.43 -47.85 88.17
N GLY B 257 85.38 -47.79 88.94
CA GLY B 257 85.50 -47.14 90.20
C GLY B 257 84.19 -46.66 90.75
N THR B 258 84.30 -45.71 91.63
CA THR B 258 83.22 -44.87 92.01
C THR B 258 84.07 -43.75 92.52
N THR B 259 83.49 -42.59 92.68
CA THR B 259 84.30 -41.48 93.06
C THR B 259 83.81 -41.16 94.41
N MET B 260 84.73 -41.03 95.33
CA MET B 260 84.40 -40.83 96.73
C MET B 260 83.69 -39.54 97.07
N ASP B 261 84.05 -38.44 96.42
CA ASP B 261 83.50 -37.17 96.79
C ASP B 261 82.22 -36.87 96.08
N TRP B 262 81.15 -36.72 96.83
CA TRP B 262 79.87 -36.46 96.22
C TRP B 262 79.81 -35.19 95.43
N ASN B 263 80.42 -34.15 95.91
CA ASN B 263 80.08 -32.90 95.30
C ASN B 263 80.34 -33.17 93.86
N GLU B 264 81.39 -33.89 93.53
CA GLU B 264 81.58 -34.32 92.16
C GLU B 264 80.55 -35.30 91.68
N LEU B 265 80.16 -36.23 92.51
CA LEU B 265 79.44 -37.33 91.95
C LEU B 265 78.27 -36.72 91.26
N PHE B 266 77.66 -35.73 91.85
CA PHE B 266 76.42 -35.22 91.31
C PHE B 266 76.56 -34.48 90.03
N LYS B 267 77.77 -34.19 89.61
CA LYS B 267 77.88 -33.53 88.34
C LYS B 267 77.56 -34.50 87.20
N TYR B 268 77.51 -35.78 87.54
CA TYR B 268 77.21 -36.86 86.60
C TYR B 268 75.78 -36.93 86.18
N PRO B 269 75.48 -37.61 85.10
CA PRO B 269 74.10 -37.73 84.69
C PRO B 269 73.52 -38.99 85.23
N GLY B 270 72.72 -38.85 86.27
CA GLY B 270 71.98 -39.92 86.91
C GLY B 270 70.52 -39.58 87.04
N VAL B 271 69.78 -40.43 87.75
CA VAL B 271 68.36 -40.22 87.99
C VAL B 271 68.03 -40.51 89.44
N TYR B 272 66.98 -39.89 89.95
CA TYR B 272 66.53 -40.19 91.30
C TYR B 272 65.43 -41.27 91.28
N VAL B 273 65.46 -42.18 92.25
CA VAL B 273 64.40 -43.18 92.37
C VAL B 273 63.84 -43.13 93.80
N GLU B 274 62.55 -42.81 93.93
CA GLU B 274 61.91 -42.71 95.23
C GLU B 274 60.94 -43.86 95.41
N GLU B 275 60.58 -44.51 94.29
CA GLU B 275 59.51 -45.49 94.30
C GLU B 275 59.53 -46.40 93.06
N ASP B 276 58.73 -47.46 93.09
CA ASP B 276 58.58 -48.35 91.94
C ASP B 276 58.48 -47.48 90.69
N GLY B 277 59.19 -47.85 89.63
CA GLY B 277 59.13 -47.12 88.37
C GLY B 277 60.19 -47.51 87.37
N SER B 278 60.15 -46.93 86.18
CA SER B 278 61.19 -47.19 85.19
C SER B 278 62.31 -46.15 85.29
N PHE B 279 63.44 -46.42 84.66
CA PHE B 279 64.60 -45.52 84.68
C PHE B 279 65.41 -45.69 83.40
N GLU B 280 66.10 -44.62 82.99
CA GLU B 280 67.07 -44.71 81.90
C GLU B 280 68.38 -44.13 82.36
N VAL B 281 69.44 -44.91 82.33
CA VAL B 281 70.76 -44.38 82.67
C VAL B 281 71.76 -44.65 81.55
N LYS B 282 72.54 -43.64 81.20
CA LYS B 282 73.58 -43.76 80.16
C LYS B 282 74.73 -44.60 80.67
N ILE B 283 75.16 -45.59 79.89
CA ILE B 283 76.35 -46.37 80.18
C ILE B 283 77.59 -45.47 80.00
N ARG B 284 78.28 -45.22 81.08
CA ARG B 284 79.40 -44.30 81.12
C ARG B 284 80.74 -45.01 80.98
N SER B 285 81.53 -44.62 79.99
CA SER B 285 82.80 -45.30 79.73
C SER B 285 83.72 -44.49 78.85
N PRO B 286 85.04 -44.60 79.08
CA PRO B 286 86.09 -43.91 78.30
C PRO B 286 86.01 -44.26 76.82
N TYR B 287 85.41 -45.42 76.52
CA TYR B 287 85.27 -45.91 75.16
C TYR B 287 83.82 -45.87 74.69
N HIS B 288 82.95 -45.36 75.55
CA HIS B 288 81.51 -45.23 75.28
C HIS B 288 80.80 -46.58 75.26
N ARG B 289 81.59 -47.65 75.37
CA ARG B 289 81.04 -49.00 75.43
C ARG B 289 81.74 -49.71 76.59
N THR B 290 81.06 -50.70 77.17
CA THR B 290 81.70 -51.62 78.11
C THR B 290 81.80 -53.01 77.44
N PRO B 291 82.88 -53.76 77.73
CA PRO B 291 83.05 -55.06 77.10
C PRO B 291 82.01 -56.06 77.59
N ALA B 292 81.64 -56.98 76.69
CA ALA B 292 80.61 -57.96 76.93
C ALA B 292 81.03 -59.02 77.95
N ARG B 293 82.30 -59.41 77.92
CA ARG B 293 82.80 -60.39 78.89
C ARG B 293 84.15 -59.96 79.48
N LEU B 294 84.57 -60.62 80.56
CA LEU B 294 85.83 -60.28 81.20
C LEU B 294 87.00 -61.11 80.70
N LEU B 295 88.18 -60.47 80.72
CA LEU B 295 89.44 -61.18 80.57
C LEU B 295 89.94 -61.62 81.94
N ALA B 296 90.94 -62.49 81.92
CA ALA B 296 91.45 -63.08 83.15
C ALA B 296 91.85 -61.98 84.10
N GLY B 297 91.54 -62.18 85.38
CA GLY B 297 91.96 -61.25 86.40
C GLY B 297 91.40 -59.85 86.21
N GLN B 298 90.37 -59.73 85.38
CA GLN B 298 89.60 -58.50 85.37
C GLN B 298 88.42 -58.75 86.29
N SER B 299 87.76 -57.68 86.69
CA SER B 299 86.57 -57.77 87.54
C SER B 299 85.44 -56.95 86.94
N GLN B 300 84.20 -57.33 87.25
CA GLN B 300 83.08 -56.59 86.69
C GLN B 300 83.15 -55.09 86.97
N ARG B 301 83.72 -54.73 88.12
CA ARG B 301 83.69 -53.31 88.52
C ARG B 301 84.75 -52.46 87.81
N ASP B 302 85.74 -53.12 87.20
CA ASP B 302 86.78 -52.40 86.48
C ASP B 302 86.20 -51.77 85.22
N MET B 303 85.00 -52.22 84.84
CA MET B 303 84.34 -51.67 83.67
C MET B 303 83.19 -50.73 84.04
N SER B 304 82.17 -50.71 83.20
CA SER B 304 81.00 -49.88 83.45
C SER B 304 80.01 -50.60 84.37
N SER B 305 79.54 -49.88 85.38
CA SER B 305 78.56 -50.44 86.32
C SER B 305 77.37 -49.51 86.51
N LEU B 306 76.27 -50.09 86.95
CA LEU B 306 75.06 -49.33 87.26
C LEU B 306 75.03 -49.20 88.77
N ASN B 307 75.26 -47.99 89.29
CA ASN B 307 75.42 -47.78 90.73
C ASN B 307 74.22 -47.19 91.46
N PHE B 308 73.85 -47.83 92.57
CA PHE B 308 72.69 -47.41 93.33
C PHE B 308 73.15 -46.81 94.64
N TYR B 309 73.06 -45.49 94.74
CA TYR B 309 73.47 -44.74 95.93
C TYR B 309 72.26 -44.36 96.75
N ALA B 310 72.23 -44.85 97.99
CA ALA B 310 71.19 -44.43 98.91
C ALA B 310 71.60 -43.08 99.49
N ILE B 311 70.87 -42.03 99.13
CA ILE B 311 71.24 -40.68 99.56
C ILE B 311 70.35 -40.14 100.66
N ALA B 312 69.21 -40.79 100.88
CA ALA B 312 68.32 -40.48 102.02
C ALA B 312 67.58 -41.74 102.46
N GLY B 313 67.94 -42.24 103.63
CA GLY B 313 67.40 -43.51 104.08
C GLY B 313 68.27 -44.68 103.68
N PRO B 314 67.71 -45.89 103.72
CA PRO B 314 66.32 -46.18 104.07
C PRO B 314 65.95 -45.83 105.50
N ILE B 315 64.68 -45.50 105.72
CA ILE B 315 64.18 -45.29 107.06
C ILE B 315 63.03 -46.22 107.30
N ALA B 316 62.82 -46.56 108.58
CA ALA B 316 61.65 -47.32 109.00
C ALA B 316 61.38 -46.99 110.45
N PRO B 317 60.16 -47.28 110.93
CA PRO B 317 59.84 -47.06 112.35
C PRO B 317 60.64 -48.04 113.21
N SER B 318 60.85 -47.73 114.49
CA SER B 318 61.51 -48.72 115.33
C SER B 318 60.43 -49.68 115.72
N GLY B 319 60.80 -50.94 115.97
CA GLY B 319 62.15 -51.42 115.79
C GLY B 319 62.09 -52.43 114.66
N GLU B 320 62.21 -51.89 113.44
CA GLU B 320 62.34 -52.74 112.29
C GLU B 320 63.81 -53.08 112.12
N THR B 321 64.11 -54.24 111.55
CA THR B 321 65.49 -54.66 111.43
C THR B 321 65.84 -55.11 110.02
N ALA B 322 64.80 -55.51 109.28
CA ALA B 322 64.94 -55.98 107.91
C ALA B 322 65.67 -54.97 107.02
N GLN B 323 66.47 -55.49 106.09
CA GLN B 323 67.07 -54.62 105.09
C GLN B 323 66.00 -54.26 104.06
N LEU B 324 66.22 -53.17 103.32
CA LEU B 324 65.31 -52.75 102.26
C LEU B 324 65.85 -53.26 100.95
N PRO B 325 65.10 -54.16 100.29
CA PRO B 325 65.56 -54.75 99.03
C PRO B 325 65.07 -53.95 97.82
N ILE B 326 65.94 -53.87 96.81
CA ILE B 326 65.65 -53.27 95.52
C ILE B 326 65.78 -54.36 94.47
N VAL B 327 64.74 -54.61 93.68
CA VAL B 327 64.85 -55.55 92.56
C VAL B 327 64.92 -54.81 91.22
N VAL B 328 66.03 -54.96 90.50
CA VAL B 328 66.20 -54.26 89.23
C VAL B 328 65.94 -55.16 88.01
N GLN B 329 65.13 -54.68 87.07
CA GLN B 329 64.89 -55.38 85.80
C GLN B 329 65.43 -54.56 84.64
N ILE B 330 66.19 -55.19 83.76
CA ILE B 330 66.75 -54.48 82.62
C ILE B 330 65.99 -54.88 81.38
N ASP B 331 65.39 -53.89 80.72
CA ASP B 331 64.47 -54.17 79.61
C ASP B 331 65.16 -54.08 78.26
N GLU B 332 65.94 -53.03 78.07
CA GLU B 332 66.71 -52.95 76.84
C GLU B 332 67.83 -51.94 76.91
N ILE B 333 68.74 -52.04 75.94
CA ILE B 333 69.69 -50.97 75.69
C ILE B 333 69.11 -50.11 74.59
N VAL B 334 68.68 -48.90 74.95
CA VAL B 334 68.05 -47.99 73.98
C VAL B 334 69.14 -47.12 73.37
N ARG B 335 68.94 -46.73 72.11
CA ARG B 335 69.94 -45.94 71.40
C ARG B 335 71.29 -46.63 71.54
N PRO B 336 71.37 -47.90 71.11
CA PRO B 336 72.52 -48.77 71.39
C PRO B 336 73.73 -48.43 70.54
N ASP B 337 74.90 -48.47 71.16
CA ASP B 337 76.15 -48.35 70.43
C ASP B 337 76.84 -49.69 70.53
N LEU B 338 76.59 -50.57 69.56
CA LEU B 338 77.13 -51.91 69.65
C LEU B 338 78.52 -52.05 69.05
N SER B 339 79.28 -53.02 69.56
CA SER B 339 80.55 -53.39 68.95
C SER B 339 80.28 -54.33 67.79
N LEU B 340 81.35 -54.76 67.13
CA LEU B 340 81.23 -55.81 66.14
C LEU B 340 80.61 -57.02 66.82
N PRO B 341 79.90 -57.83 66.05
CA PRO B 341 79.54 -59.16 66.55
C PRO B 341 80.84 -59.90 66.93
N SER B 342 80.80 -60.69 67.99
CA SER B 342 81.98 -61.46 68.38
C SER B 342 82.29 -62.59 67.38
N PHE B 343 81.27 -63.12 66.72
CA PHE B 343 81.50 -64.16 65.71
C PHE B 343 80.91 -63.74 64.39
N GLU B 344 81.55 -64.17 63.30
CA GLU B 344 81.06 -63.90 61.95
C GLU B 344 80.28 -65.11 61.48
N ASP B 345 79.76 -65.04 60.26
CA ASP B 345 79.02 -66.19 59.73
C ASP B 345 80.03 -67.23 59.21
N ASP B 346 80.60 -67.96 60.14
CA ASP B 346 81.73 -68.78 59.85
C ASP B 346 81.62 -70.08 60.66
N TYR B 347 82.58 -70.97 60.48
CA TYR B 347 82.66 -72.17 61.25
C TYR B 347 83.17 -71.83 62.65
N PHE B 348 82.93 -72.73 63.60
CA PHE B 348 83.51 -72.63 64.92
C PHE B 348 83.75 -74.04 65.43
N VAL B 349 84.56 -74.16 66.48
CA VAL B 349 84.95 -75.47 66.96
C VAL B 349 83.84 -76.19 67.70
N TRP B 350 83.56 -77.41 67.24
CA TRP B 350 82.64 -78.29 67.96
C TRP B 350 83.43 -79.18 68.93
N VAL B 351 84.38 -79.95 68.41
CA VAL B 351 85.17 -80.85 69.25
C VAL B 351 86.55 -81.18 68.67
N ASP B 352 87.54 -81.36 69.55
CA ASP B 352 88.83 -81.91 69.16
C ASP B 352 89.02 -83.30 69.78
N PHE B 353 89.36 -84.30 68.97
CA PHE B 353 89.78 -85.59 69.50
C PHE B 353 91.29 -85.71 69.37
N SER B 354 91.94 -86.18 70.43
CA SER B 354 93.39 -86.33 70.44
C SER B 354 93.82 -87.48 71.34
N GLU B 355 95.12 -87.75 71.35
CA GLU B 355 95.66 -88.75 72.28
C GLU B 355 94.91 -90.07 72.18
N PHE B 356 94.85 -90.62 70.96
CA PHE B 356 94.17 -91.90 70.76
C PHE B 356 94.97 -93.05 71.31
N THR B 357 94.31 -94.00 71.99
CA THR B 357 95.02 -95.13 72.55
C THR B 357 94.84 -96.42 71.74
N LEU B 358 93.76 -96.49 70.98
CA LEU B 358 93.52 -97.62 70.08
C LEU B 358 93.51 -97.19 68.63
N ASP B 359 93.98 -98.05 67.74
CA ASP B 359 93.95 -97.74 66.32
C ASP B 359 92.51 -97.74 65.78
N LYS B 360 91.68 -98.66 66.27
CA LYS B 360 90.26 -98.69 65.92
C LYS B 360 89.45 -97.82 66.89
N GLU B 361 88.91 -96.73 66.38
CA GLU B 361 88.08 -95.83 67.18
C GLU B 361 86.79 -95.51 66.41
N GLU B 362 85.65 -95.49 67.08
CA GLU B 362 84.43 -95.13 66.38
C GLU B 362 83.59 -94.19 67.23
N ILE B 363 83.46 -92.96 66.75
CA ILE B 363 82.72 -91.91 67.43
C ILE B 363 81.30 -91.80 66.90
N GLU B 364 80.31 -92.20 67.69
CA GLU B 364 78.90 -92.09 67.27
C GLU B 364 78.35 -90.68 67.51
N ILE B 365 77.74 -90.11 66.48
CA ILE B 365 77.16 -88.79 66.56
C ILE B 365 75.62 -88.90 66.46
N GLY B 366 75.17 -89.70 65.50
CA GLY B 366 73.76 -89.90 65.28
C GLY B 366 73.09 -88.69 64.66
N SER B 367 72.17 -88.10 65.39
CA SER B 367 71.50 -86.90 64.89
C SER B 367 71.60 -85.74 65.90
N ARG B 368 72.56 -85.84 66.83
CA ARG B 368 72.62 -84.88 67.95
C ARG B 368 73.81 -83.96 67.89
N PHE B 369 73.65 -82.76 68.44
CA PHE B 369 74.79 -81.90 68.72
C PHE B 369 74.95 -81.92 70.23
N PHE B 370 76.07 -82.43 70.73
CA PHE B 370 76.21 -82.68 72.16
C PHE B 370 77.67 -82.79 72.63
N ASP B 371 77.86 -83.01 73.93
CA ASP B 371 79.21 -83.20 74.48
C ASP B 371 79.67 -84.67 74.44
N PHE B 372 80.83 -84.92 73.84
CA PHE B 372 81.34 -86.28 73.70
C PHE B 372 82.06 -86.72 74.96
N THR B 373 82.12 -88.03 75.17
CA THR B 373 83.03 -88.61 76.17
C THR B 373 83.70 -89.84 75.58
N SER B 374 84.93 -90.11 76.00
CA SER B 374 85.63 -91.30 75.53
C SER B 374 86.56 -91.86 76.60
N ASN B 375 86.64 -93.19 76.63
CA ASN B 375 87.56 -93.90 77.53
C ASN B 375 88.88 -94.18 76.83
N THR B 376 88.85 -94.04 75.51
CA THR B 376 89.97 -94.46 74.68
C THR B 376 90.71 -93.29 74.05
N CYS B 377 90.18 -92.09 74.22
CA CYS B 377 90.87 -90.91 73.71
C CYS B 377 90.42 -89.65 74.43
N ARG B 378 91.13 -88.56 74.17
CA ARG B 378 90.88 -87.28 74.84
C ARG B 378 89.91 -86.42 74.07
N VAL B 379 88.78 -86.11 74.70
CA VAL B 379 87.80 -85.22 74.09
C VAL B 379 87.96 -83.80 74.62
N SER B 380 88.04 -82.81 73.73
CA SER B 380 88.08 -81.40 74.15
C SER B 380 86.95 -80.66 73.47
N MET B 381 85.96 -80.24 74.24
CA MET B 381 84.77 -79.66 73.65
C MET B 381 84.94 -78.14 73.42
N GLY B 382 84.32 -77.61 72.38
CA GLY B 382 84.39 -76.18 72.14
C GLY B 382 83.36 -75.46 73.00
N GLU B 383 83.68 -74.25 73.42
CA GLU B 383 82.70 -73.39 74.09
C GLU B 383 82.47 -72.10 73.27
N ASN B 384 81.23 -71.94 72.79
CA ASN B 384 80.84 -70.77 71.99
C ASN B 384 79.35 -70.50 72.12
N PRO B 385 78.90 -69.35 71.62
CA PRO B 385 77.50 -69.00 71.82
C PRO B 385 76.55 -70.03 71.26
N PHE B 386 76.90 -70.65 70.14
CA PHE B 386 75.99 -71.65 69.57
C PHE B 386 75.75 -72.79 70.56
N ALA B 387 76.82 -73.29 71.16
CA ALA B 387 76.71 -74.38 72.10
C ALA B 387 75.88 -73.96 73.31
N ALA B 388 76.03 -72.71 73.73
CA ALA B 388 75.23 -72.19 74.84
C ALA B 388 73.76 -72.11 74.45
N MET B 389 73.49 -71.68 73.22
CA MET B 389 72.12 -71.59 72.78
C MET B 389 71.48 -72.97 72.74
N ILE B 390 72.26 -74.00 72.40
CA ILE B 390 71.75 -75.36 72.41
C ILE B 390 71.33 -75.76 73.84
N ALA B 391 72.14 -75.30 74.78
CA ALA B 391 71.98 -75.65 76.18
C ALA B 391 70.87 -74.85 76.84
N CYS B 392 70.54 -73.70 76.27
CA CYS B 392 69.58 -72.79 76.89
C CYS B 392 68.20 -72.86 76.23
N HIS B 393 67.96 -73.90 75.45
CA HIS B 393 66.63 -74.13 74.94
C HIS B 393 66.22 -75.57 75.15
N GLY B 394 64.91 -75.77 75.29
CA GLY B 394 64.37 -77.10 75.49
C GLY B 394 64.55 -78.00 74.27
N LEU B 395 64.26 -77.43 73.09
CA LEU B 395 64.39 -78.14 71.83
C LEU B 395 65.13 -77.30 70.78
N HIS B 396 65.79 -77.97 69.85
CA HIS B 396 66.42 -77.30 68.70
C HIS B 396 66.35 -78.18 67.47
N SER B 397 66.60 -77.58 66.30
CA SER B 397 66.58 -78.32 65.04
C SER B 397 67.22 -77.52 63.92
N GLY B 398 67.99 -78.21 63.09
CA GLY B 398 68.64 -77.54 61.97
C GLY B 398 69.64 -78.43 61.26
N VAL B 399 70.45 -77.81 60.42
CA VAL B 399 71.50 -78.55 59.75
C VAL B 399 72.87 -77.91 59.97
N LEU B 400 73.86 -78.74 60.29
CA LEU B 400 75.22 -78.26 60.52
C LEU B 400 76.12 -78.70 59.40
N ASP B 401 76.84 -77.76 58.82
CA ASP B 401 77.90 -78.12 57.88
C ASP B 401 79.16 -78.40 58.70
N LEU B 402 79.80 -79.53 58.43
CA LEU B 402 81.00 -79.89 59.18
C LEU B 402 82.26 -79.78 58.32
N LYS B 403 83.33 -79.31 58.94
CA LYS B 403 84.66 -79.41 58.37
C LYS B 403 85.46 -80.27 59.30
N LEU B 404 86.07 -81.32 58.77
CA LEU B 404 87.00 -82.14 59.54
C LEU B 404 88.45 -81.84 59.10
N GLN B 405 89.33 -81.62 60.08
CA GLN B 405 90.74 -81.42 59.83
C GLN B 405 91.56 -82.32 60.73
N TRP B 406 92.67 -82.84 60.22
CA TRP B 406 93.55 -83.65 61.07
C TRP B 406 95.02 -83.52 60.70
N SER B 407 95.89 -83.71 61.68
CA SER B 407 97.33 -83.73 61.44
C SER B 407 97.88 -85.11 61.82
N LEU B 408 99.01 -85.51 61.22
CA LEU B 408 99.53 -86.85 61.48
C LEU B 408 100.45 -86.93 62.70
N ASN B 409 100.44 -88.09 63.34
CA ASN B 409 101.32 -88.38 64.47
C ASN B 409 102.56 -89.15 64.00
N THR B 410 102.38 -90.01 62.99
CA THR B 410 103.48 -90.77 62.41
C THR B 410 104.05 -90.05 61.20
N GLU B 411 105.09 -90.62 60.58
CA GLU B 411 105.64 -90.04 59.37
C GLU B 411 104.65 -90.15 58.20
N PHE B 412 104.53 -89.08 57.43
CA PHE B 412 103.61 -89.03 56.31
C PHE B 412 103.80 -90.21 55.34
N GLY B 413 105.05 -90.55 55.05
CA GLY B 413 105.32 -91.61 54.10
C GLY B 413 104.90 -92.97 54.60
N LYS B 414 104.68 -93.10 55.90
CA LYS B 414 104.29 -94.39 56.47
C LYS B 414 102.79 -94.52 56.63
N SER B 415 102.07 -93.42 56.37
CA SER B 415 100.65 -93.32 56.71
C SER B 415 99.77 -94.23 55.87
N SER B 416 98.69 -94.72 56.47
CA SER B 416 97.70 -95.52 55.76
C SER B 416 96.36 -95.33 56.43
N GLY B 417 95.31 -95.92 55.86
CA GLY B 417 93.97 -95.83 56.44
C GLY B 417 93.18 -94.58 56.13
N SER B 418 92.17 -94.30 56.95
CA SER B 418 91.14 -93.31 56.62
C SER B 418 90.38 -92.73 57.80
N VAL B 419 89.85 -91.54 57.59
CA VAL B 419 88.78 -91.00 58.39
C VAL B 419 87.52 -91.28 57.57
N THR B 420 86.67 -92.19 58.05
CA THR B 420 85.45 -92.54 57.34
C THR B 420 84.22 -91.94 58.01
N ILE B 421 83.35 -91.31 57.22
CA ILE B 421 82.11 -90.79 57.76
C ILE B 421 81.00 -91.73 57.34
N THR B 422 80.48 -92.50 58.30
CA THR B 422 79.30 -93.31 58.04
C THR B 422 78.00 -92.50 58.13
N LYS B 423 77.21 -92.51 57.07
CA LYS B 423 75.92 -91.84 57.07
C LYS B 423 74.80 -92.83 56.80
N LEU B 424 73.92 -93.01 57.78
CA LEU B 424 72.80 -93.94 57.68
C LEU B 424 71.47 -93.24 57.89
N VAL B 425 70.39 -93.95 57.59
CA VAL B 425 69.08 -93.53 58.04
C VAL B 425 68.56 -94.68 58.88
N GLY B 426 68.35 -94.43 60.16
CA GLY B 426 67.95 -95.49 61.06
C GLY B 426 68.97 -95.59 62.15
N ASP B 427 69.61 -96.75 62.24
CA ASP B 427 70.65 -96.97 63.23
C ASP B 427 71.65 -97.96 62.67
N LYS B 428 72.72 -98.20 63.43
CA LYS B 428 73.79 -99.07 62.98
C LYS B 428 73.25 -100.45 62.60
N ALA B 429 72.22 -100.90 63.31
CA ALA B 429 71.69 -102.26 63.16
C ALA B 429 70.79 -102.52 61.94
N MET B 430 69.86 -101.61 61.64
CA MET B 430 68.85 -101.83 60.62
C MET B 430 68.74 -100.69 59.64
N GLY B 431 69.71 -99.77 59.66
CA GLY B 431 69.66 -98.57 58.86
C GLY B 431 69.87 -98.70 57.35
N LEU B 432 69.55 -97.62 56.64
CA LEU B 432 69.74 -97.55 55.21
C LEU B 432 71.01 -96.76 54.98
N ASP B 433 71.66 -96.99 53.83
CA ASP B 433 72.94 -96.35 53.54
C ASP B 433 72.82 -95.06 52.76
N GLY B 434 73.32 -93.97 53.37
CA GLY B 434 73.29 -92.67 52.74
C GLY B 434 74.62 -92.27 52.14
N PRO B 435 74.93 -90.97 52.18
CA PRO B 435 76.17 -90.43 51.62
C PRO B 435 77.37 -90.66 52.54
N SER B 436 77.63 -91.93 52.88
CA SER B 436 78.83 -92.31 53.63
C SER B 436 80.04 -91.96 52.78
N HIS B 437 81.18 -91.81 53.41
CA HIS B 437 82.26 -91.08 52.74
C HIS B 437 83.60 -91.52 53.34
N VAL B 438 84.51 -91.96 52.47
CA VAL B 438 85.82 -92.44 52.89
C VAL B 438 86.91 -91.41 52.54
N PHE B 439 87.47 -90.78 53.56
CA PHE B 439 88.58 -89.86 53.34
C PHE B 439 89.89 -90.58 53.62
N ALA B 440 90.65 -90.89 52.58
CA ALA B 440 91.99 -91.42 52.81
C ALA B 440 92.69 -90.50 53.80
N ILE B 441 93.40 -91.07 54.77
CA ILE B 441 94.02 -90.26 55.81
C ILE B 441 94.94 -89.17 55.23
N GLN B 442 95.52 -89.40 54.05
CA GLN B 442 96.41 -88.42 53.43
C GLN B 442 95.69 -87.16 52.94
N LYS B 443 94.37 -87.19 52.83
CA LYS B 443 93.60 -86.00 52.45
C LYS B 443 93.75 -84.92 53.50
N LEU B 444 93.86 -85.34 54.76
CA LEU B 444 94.12 -84.43 55.89
C LEU B 444 92.97 -83.46 56.18
N GLU B 445 91.86 -83.61 55.45
CA GLU B 445 90.64 -82.85 55.72
C GLU B 445 89.47 -83.41 54.92
N GLY B 446 88.26 -83.09 55.37
CA GLY B 446 87.05 -83.52 54.67
C GLY B 446 85.83 -82.75 55.15
N THR B 447 84.73 -82.84 54.41
CA THR B 447 83.53 -82.10 54.77
C THR B 447 82.31 -83.00 54.74
N THR B 448 81.29 -82.64 55.52
CA THR B 448 80.02 -83.37 55.49
C THR B 448 78.93 -82.52 56.11
N GLU B 449 77.67 -82.88 55.88
CA GLU B 449 76.56 -82.20 56.53
C GLU B 449 76.05 -83.08 57.65
N LEU B 450 75.50 -82.49 58.69
CA LEU B 450 74.85 -83.28 59.75
C LEU B 450 73.44 -82.77 60.04
N LEU B 451 72.44 -83.66 59.95
CA LEU B 451 71.09 -83.25 60.31
C LEU B 451 70.95 -83.37 61.80
N VAL B 452 70.69 -82.24 62.46
CA VAL B 452 70.39 -82.22 63.88
C VAL B 452 68.88 -82.13 64.01
N GLY B 453 68.26 -83.29 64.23
CA GLY B 453 66.81 -83.37 64.27
C GLY B 453 66.35 -84.81 64.12
N ASN B 454 65.09 -84.99 63.76
CA ASN B 454 64.53 -86.34 63.65
C ASN B 454 63.13 -86.28 63.07
N PHE B 455 62.47 -87.43 62.93
CA PHE B 455 61.13 -87.47 62.34
C PHE B 455 60.11 -86.57 63.06
N ALA B 456 60.24 -86.42 64.37
CA ALA B 456 59.33 -85.58 65.12
C ALA B 456 59.53 -84.09 64.86
N GLY B 457 60.78 -83.67 64.61
CA GLY B 457 61.05 -82.31 64.15
C GLY B 457 62.09 -81.53 64.93
N ALA B 458 62.46 -82.02 66.11
CA ALA B 458 63.38 -81.29 66.99
C ALA B 458 64.02 -82.22 68.01
N ASN B 459 65.19 -81.82 68.52
CA ASN B 459 65.91 -82.58 69.53
C ASN B 459 65.83 -81.90 70.90
N PRO B 460 65.61 -82.70 71.95
CA PRO B 460 65.78 -82.21 73.32
C PRO B 460 67.26 -82.13 73.62
N ASN B 461 67.62 -81.45 74.70
CA ASN B 461 69.04 -81.35 75.03
C ASN B 461 69.45 -82.47 75.98
N THR B 462 68.96 -83.67 75.69
CA THR B 462 69.27 -84.86 76.47
C THR B 462 69.46 -86.02 75.49
N ARG B 463 69.72 -87.21 76.01
CA ARG B 463 69.70 -88.39 75.15
C ARG B 463 68.22 -88.75 74.92
N PHE B 464 67.93 -89.20 73.70
CA PHE B 464 66.57 -89.56 73.28
C PHE B 464 66.72 -90.59 72.16
N SER B 465 65.67 -91.31 71.85
CA SER B 465 65.73 -92.26 70.75
C SER B 465 64.56 -92.04 69.79
N LEU B 466 64.81 -91.27 68.73
CA LEU B 466 63.78 -91.01 67.72
C LEU B 466 64.35 -91.22 66.31
N TYR B 467 63.72 -92.08 65.52
CA TYR B 467 64.16 -92.37 64.16
C TYR B 467 64.61 -91.13 63.39
N SER B 468 65.84 -91.19 62.89
CA SER B 468 66.38 -90.06 62.12
C SER B 468 67.55 -90.53 61.28
N ARG B 469 68.22 -89.60 60.62
CA ARG B 469 69.49 -89.89 60.00
C ARG B 469 70.51 -90.15 61.11
N TRP B 470 71.59 -90.85 60.77
CA TRP B 470 72.55 -91.32 61.77
C TRP B 470 73.98 -91.17 61.23
N MET B 471 74.85 -90.57 62.02
CA MET B 471 76.22 -90.34 61.57
C MET B 471 77.27 -90.87 62.55
N ALA B 472 78.39 -91.34 62.02
CA ALA B 472 79.48 -91.78 62.88
C ALA B 472 80.79 -91.51 62.20
N ILE B 473 81.84 -91.23 62.98
CA ILE B 473 83.19 -91.07 62.44
C ILE B 473 83.96 -92.32 62.80
N LYS B 474 84.60 -92.94 61.82
CA LYS B 474 85.31 -94.21 62.02
C LYS B 474 86.78 -94.06 61.70
N LEU B 475 87.64 -94.19 62.71
CA LEU B 475 89.08 -94.21 62.51
C LEU B 475 89.63 -95.65 62.49
N ASP B 476 90.51 -95.98 61.55
CA ASP B 476 91.12 -97.32 61.53
C ASP B 476 92.62 -97.28 61.88
N GLN B 477 93.19 -96.07 61.88
CA GLN B 477 94.60 -95.90 62.19
C GLN B 477 94.74 -94.70 63.09
N ALA B 478 93.90 -94.68 64.13
CA ALA B 478 93.74 -93.48 64.96
C ALA B 478 95.03 -93.06 65.66
N LYS B 479 95.88 -94.03 65.97
CA LYS B 479 97.15 -93.72 66.62
C LYS B 479 98.09 -92.92 65.71
N SER B 480 97.79 -92.90 64.41
CA SER B 480 98.57 -92.11 63.45
C SER B 480 98.07 -90.67 63.35
N ILE B 481 97.06 -90.34 64.16
CA ILE B 481 96.46 -89.00 64.14
C ILE B 481 96.81 -88.23 65.40
N LYS B 482 97.42 -87.05 65.23
CA LYS B 482 97.76 -86.23 66.40
C LYS B 482 96.53 -85.50 66.93
N VAL B 483 95.69 -85.05 66.00
CA VAL B 483 94.44 -84.38 66.37
C VAL B 483 93.43 -84.46 65.23
N LEU B 484 92.18 -84.75 65.59
CA LEU B 484 91.05 -84.68 64.66
C LEU B 484 90.17 -83.56 65.15
N ARG B 485 90.06 -82.49 64.38
CA ARG B 485 89.24 -81.34 64.77
C ARG B 485 87.95 -81.30 63.95
N VAL B 486 86.82 -81.09 64.63
CA VAL B 486 85.54 -80.96 63.95
C VAL B 486 84.98 -79.55 64.14
N LEU B 487 84.90 -78.79 63.04
CA LEU B 487 84.25 -77.48 63.05
C LEU B 487 82.87 -77.57 62.44
N CYS B 488 81.95 -76.73 62.91
CA CYS B 488 80.61 -76.70 62.33
C CYS B 488 80.14 -75.28 62.05
N LYS B 489 79.17 -75.15 61.14
CA LYS B 489 78.62 -73.87 60.70
C LYS B 489 77.16 -74.09 60.41
N PRO B 490 76.29 -73.59 61.29
CA PRO B 490 74.86 -73.85 61.15
C PRO B 490 74.32 -73.21 59.88
N ARG B 491 73.55 -73.99 59.12
CA ARG B 491 72.85 -73.47 57.97
C ARG B 491 71.74 -72.58 58.45
N PRO B 492 71.42 -71.55 57.65
CA PRO B 492 70.42 -70.55 57.98
C PRO B 492 69.11 -71.23 58.38
N GLY B 493 68.49 -70.72 59.43
CA GLY B 493 67.24 -71.26 59.90
C GLY B 493 67.40 -72.30 61.00
N PHE B 494 68.59 -72.39 61.58
CA PHE B 494 68.75 -73.29 62.71
C PHE B 494 67.90 -72.74 63.86
N SER B 495 66.98 -73.57 64.35
CA SER B 495 65.92 -73.11 65.23
C SER B 495 65.97 -73.60 66.68
N PHE B 496 65.58 -72.73 67.60
CA PHE B 496 65.56 -73.09 69.01
C PHE B 496 64.16 -72.86 69.56
N TYR B 497 63.72 -73.74 70.45
CA TYR B 497 62.38 -73.68 71.01
C TYR B 497 62.42 -73.67 72.54
N GLY B 498 61.69 -72.74 73.13
CA GLY B 498 61.52 -72.68 74.58
C GLY B 498 62.75 -72.29 75.40
N ARG B 499 62.93 -70.99 75.60
CA ARG B 499 64.10 -70.53 76.34
C ARG B 499 64.10 -71.10 77.75
N THR B 500 65.27 -71.51 78.20
CA THR B 500 65.44 -72.05 79.55
C THR B 500 66.89 -71.84 80.01
N SER B 501 67.32 -72.61 81.00
CA SER B 501 68.70 -72.45 81.49
C SER B 501 69.34 -73.80 81.68
N PHE B 502 70.62 -73.77 82.05
CA PHE B 502 71.42 -74.98 82.13
C PHE B 502 72.54 -74.86 83.15
N PRO B 503 72.27 -75.32 84.38
CA PRO B 503 73.28 -75.33 85.44
C PRO B 503 74.26 -76.51 85.28
N VAL B 504 75.55 -76.22 85.41
CA VAL B 504 76.60 -77.23 85.46
C VAL B 504 77.60 -76.91 86.56
N GLY C 1 37.45 -106.00 21.16
CA GLY C 1 36.81 -107.31 21.09
C GLY C 1 37.45 -108.36 21.98
N LEU C 2 36.80 -109.51 22.13
CA LEU C 2 37.37 -110.58 22.93
C LEU C 2 38.68 -111.05 22.29
N ALA C 3 39.76 -110.98 23.07
CA ALA C 3 41.11 -111.20 22.55
C ALA C 3 41.68 -112.55 22.98
N GLY C 4 41.27 -112.99 24.16
CA GLY C 4 41.72 -114.27 24.71
C GLY C 4 40.90 -114.67 25.92
N ARG C 5 41.03 -115.93 26.31
CA ARG C 5 40.27 -116.42 27.44
C ARG C 5 40.96 -117.57 28.14
N GLY C 6 40.42 -117.91 29.30
CA GLY C 6 41.01 -118.93 30.17
C GLY C 6 40.04 -119.33 31.26
N VAL C 7 40.37 -120.37 31.99
CA VAL C 7 39.47 -120.89 32.99
C VAL C 7 40.19 -121.12 34.32
N ILE C 8 39.59 -120.66 35.41
CA ILE C 8 40.11 -120.95 36.74
C ILE C 8 39.24 -121.97 37.45
N TYR C 9 39.88 -122.95 38.09
CA TYR C 9 39.13 -123.96 38.81
C TYR C 9 39.10 -123.70 40.30
N ILE C 10 37.90 -123.75 40.84
CA ILE C 10 37.66 -123.55 42.25
C ILE C 10 37.26 -124.88 42.89
N PRO C 11 37.91 -125.22 44.00
CA PRO C 11 37.52 -126.33 44.85
C PRO C 11 36.24 -126.01 45.60
N LYS C 12 35.48 -127.05 45.97
CA LYS C 12 34.27 -126.88 46.77
C LYS C 12 34.63 -126.32 48.15
N ASP C 13 35.84 -126.64 48.61
CA ASP C 13 36.36 -126.00 49.80
C ASP C 13 37.53 -125.09 49.41
N CYS C 14 37.18 -123.85 49.09
CA CYS C 14 38.17 -122.83 48.82
C CYS C 14 38.51 -122.11 50.13
N GLN C 15 39.59 -122.57 50.77
CA GLN C 15 40.08 -122.00 52.03
C GLN C 15 40.97 -120.79 51.77
N ALA C 16 41.10 -119.92 52.77
CA ALA C 16 42.07 -118.82 52.69
C ALA C 16 43.46 -119.31 52.28
N ASN C 17 44.06 -118.58 51.35
CA ASN C 17 45.38 -118.86 50.82
C ASN C 17 45.49 -119.95 49.78
N ARG C 18 44.37 -120.47 49.26
CA ARG C 18 44.46 -121.44 48.18
C ARG C 18 45.04 -120.83 46.89
N TYR C 19 45.99 -121.52 46.29
CA TYR C 19 46.40 -121.15 44.94
C TYR C 19 45.39 -121.74 43.98
N LEU C 20 44.83 -120.92 43.11
CA LEU C 20 43.80 -121.39 42.20
C LEU C 20 44.34 -121.63 40.81
N GLY C 21 45.40 -120.91 40.46
CA GLY C 21 46.02 -121.09 39.16
C GLY C 21 46.60 -119.83 38.59
N THR C 22 47.37 -119.98 37.52
CA THR C 22 47.96 -118.84 36.81
C THR C 22 47.59 -118.87 35.33
N LEU C 23 47.18 -117.73 34.79
CA LEU C 23 46.93 -117.63 33.36
C LEU C 23 48.06 -116.83 32.77
N ASN C 24 48.53 -117.28 31.62
CA ASN C 24 49.57 -116.57 30.92
C ASN C 24 48.90 -115.64 29.88
N ILE C 25 49.04 -114.33 30.07
CA ILE C 25 48.32 -113.38 29.24
C ILE C 25 48.59 -113.58 27.75
N ARG C 26 49.83 -113.86 27.38
CA ARG C 26 50.11 -113.99 25.95
C ARG C 26 49.58 -115.31 25.39
N ASP C 27 49.67 -116.38 26.18
CA ASP C 27 49.02 -117.65 25.83
C ASP C 27 47.50 -117.57 25.72
N MET C 28 46.82 -116.82 26.60
CA MET C 28 45.38 -116.61 26.46
C MET C 28 45.02 -116.07 25.08
N ILE C 29 45.83 -115.14 24.58
CA ILE C 29 45.55 -114.51 23.29
C ILE C 29 45.95 -115.43 22.13
N SER C 30 47.06 -116.14 22.28
CA SER C 30 47.54 -116.98 21.19
C SER C 30 46.80 -118.31 21.06
N ASP C 31 46.32 -118.86 22.18
CA ASP C 31 45.57 -120.11 22.14
C ASP C 31 44.18 -119.87 21.55
N PHE C 32 43.68 -118.66 21.75
CA PHE C 32 42.37 -118.28 21.28
C PHE C 32 42.43 -118.07 19.77
N LYS C 33 43.25 -117.10 19.33
CA LYS C 33 43.78 -117.10 17.96
C LYS C 33 42.75 -116.97 16.83
N GLY C 34 41.74 -116.11 16.95
CA GLY C 34 41.78 -114.84 17.66
C GLY C 34 41.83 -113.79 16.53
N VAL C 35 40.79 -112.98 16.35
CA VAL C 35 40.89 -111.86 15.40
C VAL C 35 41.94 -110.89 15.91
N GLN C 36 41.99 -110.69 17.23
CA GLN C 36 42.99 -109.81 17.81
C GLN C 36 44.39 -110.39 17.71
N TYR C 37 44.54 -111.70 17.96
CA TYR C 37 45.83 -112.36 17.80
C TYR C 37 46.39 -112.15 16.40
N GLU C 38 45.55 -112.30 15.39
CA GLU C 38 46.01 -112.13 14.03
C GLU C 38 46.35 -110.67 13.70
N LYS C 39 45.67 -109.71 14.29
CA LYS C 39 46.02 -108.30 14.11
C LYS C 39 47.38 -108.05 14.73
N TRP C 40 47.69 -108.83 15.77
CA TRP C 40 48.90 -108.68 16.55
C TRP C 40 50.12 -109.08 15.71
N ILE C 41 50.03 -110.25 15.07
CA ILE C 41 51.08 -110.71 14.18
C ILE C 41 51.51 -109.65 13.18
N THR C 42 50.56 -108.85 12.70
CA THR C 42 50.87 -107.85 11.69
C THR C 42 51.49 -106.60 12.31
N ALA C 43 50.99 -106.27 13.49
CA ALA C 43 51.49 -105.10 14.19
C ALA C 43 52.92 -105.36 14.62
N GLY C 44 53.19 -106.59 15.06
CA GLY C 44 54.46 -106.93 15.66
C GLY C 44 54.47 -106.59 17.15
N LEU C 45 54.42 -105.29 17.46
CA LEU C 45 54.41 -104.79 18.83
C LEU C 45 53.07 -104.22 19.22
N VAL C 46 52.56 -104.60 20.39
CA VAL C 46 51.29 -104.01 20.90
C VAL C 46 51.46 -103.49 22.33
N MET C 47 50.81 -102.36 22.65
CA MET C 47 50.79 -101.81 24.01
C MET C 47 49.39 -101.70 24.55
N PRO C 48 48.68 -102.84 24.67
CA PRO C 48 47.22 -102.86 24.81
C PRO C 48 46.68 -102.10 26.01
N THR C 49 45.44 -101.66 25.90
CA THR C 49 44.65 -101.40 27.10
C THR C 49 43.65 -102.54 27.20
N PHE C 50 43.85 -103.42 28.18
CA PHE C 50 42.98 -104.57 28.36
C PHE C 50 41.81 -104.25 29.28
N LYS C 51 40.64 -104.82 28.97
CA LYS C 51 39.57 -104.96 29.95
C LYS C 51 39.59 -106.43 30.33
N ILE C 52 39.82 -106.69 31.61
CA ILE C 52 39.78 -108.06 32.08
C ILE C 52 38.43 -108.27 32.70
N VAL C 53 37.79 -109.37 32.34
CA VAL C 53 36.49 -109.70 32.90
C VAL C 53 36.53 -111.10 33.49
N ILE C 54 36.18 -111.23 34.76
CA ILE C 54 36.08 -112.54 35.35
C ILE C 54 34.62 -112.91 35.55
N ARG C 55 34.17 -113.94 34.85
CA ARG C 55 32.78 -114.39 34.96
C ARG C 55 32.61 -115.48 36.01
N LEU C 56 31.57 -115.30 36.81
CA LEU C 56 31.63 -115.68 38.21
C LEU C 56 30.20 -115.54 38.70
N PRO C 57 29.60 -116.62 39.19
CA PRO C 57 28.21 -116.51 39.65
C PRO C 57 28.12 -115.77 40.99
N ALA C 58 27.39 -114.66 41.02
CA ALA C 58 27.30 -113.88 42.25
C ALA C 58 26.63 -114.68 43.35
N ASN C 59 27.15 -114.57 44.56
CA ASN C 59 26.60 -115.31 45.68
C ASN C 59 26.92 -114.65 47.01
N ALA C 60 25.88 -114.36 47.80
CA ALA C 60 26.10 -113.65 49.05
C ALA C 60 26.26 -114.58 50.26
N PHE C 61 26.29 -115.88 50.01
CA PHE C 61 26.22 -116.84 51.09
C PHE C 61 27.51 -117.63 51.31
N THR C 62 28.64 -117.13 50.82
CA THR C 62 29.88 -117.89 50.93
C THR C 62 30.97 -117.17 51.70
N GLY C 63 31.06 -115.85 51.53
CA GLY C 63 32.11 -115.11 52.19
C GLY C 63 33.41 -115.09 51.42
N LEU C 64 33.41 -115.75 50.26
CA LEU C 64 34.59 -115.86 49.41
C LEU C 64 35.06 -114.52 48.84
N THR C 65 36.35 -114.27 48.96
CA THR C 65 37.00 -113.15 48.29
C THR C 65 38.30 -113.63 47.67
N TRP C 66 38.51 -113.30 46.40
CA TRP C 66 39.71 -113.75 45.70
C TRP C 66 40.56 -112.55 45.33
N VAL C 67 41.81 -112.80 45.00
CA VAL C 67 42.69 -111.74 44.51
C VAL C 67 43.26 -112.09 43.14
N MET C 68 43.05 -111.21 42.18
CA MET C 68 43.75 -111.32 40.90
C MET C 68 45.00 -110.47 41.00
N SER C 69 46.16 -111.06 40.78
CA SER C 69 47.44 -110.35 40.86
C SER C 69 48.07 -110.25 39.48
N PHE C 70 48.33 -109.03 39.03
CA PHE C 70 48.99 -108.81 37.75
C PHE C 70 50.52 -108.82 37.92
N ASP C 71 51.13 -109.93 37.51
CA ASP C 71 52.55 -110.13 37.71
C ASP C 71 53.26 -110.09 36.36
N ALA C 72 53.47 -108.89 35.82
CA ALA C 72 53.97 -108.81 34.46
C ALA C 72 55.40 -109.33 34.33
N TYR C 73 56.13 -109.36 35.44
CA TYR C 73 57.56 -109.71 35.40
C TYR C 73 57.89 -110.99 36.15
N ASN C 74 56.85 -111.77 36.43
CA ASN C 74 56.98 -113.12 36.95
C ASN C 74 57.78 -113.16 38.25
N ARG C 75 57.40 -112.31 39.20
CA ARG C 75 58.23 -112.14 40.39
C ARG C 75 57.69 -112.84 41.64
N ILE C 76 56.41 -113.26 41.63
CA ILE C 76 55.87 -113.98 42.78
C ILE C 76 55.43 -115.44 42.51
N THR C 77 55.32 -115.80 41.23
CA THR C 77 54.87 -117.13 40.83
C THR C 77 55.46 -118.28 41.63
N SER C 78 56.75 -118.49 41.45
CA SER C 78 57.57 -119.44 42.20
C SER C 78 57.13 -119.67 43.66
N ARG C 79 56.73 -118.60 44.34
CA ARG C 79 56.49 -118.61 45.78
C ARG C 79 55.03 -118.74 46.21
N ILE C 80 54.12 -118.79 45.25
CA ILE C 80 52.69 -118.95 45.59
C ILE C 80 52.02 -120.20 45.05
N THR C 81 52.78 -121.12 44.48
CA THR C 81 52.16 -122.22 43.73
C THR C 81 51.70 -123.37 44.61
N ALA C 82 52.15 -123.42 45.86
CA ALA C 82 51.71 -124.44 46.80
C ALA C 82 50.72 -123.83 47.78
N SER C 83 51.12 -122.70 48.35
CA SER C 83 50.22 -121.84 49.09
C SER C 83 50.51 -120.40 48.73
N ALA C 84 49.48 -119.57 48.72
CA ALA C 84 49.67 -118.19 48.38
C ALA C 84 49.46 -117.33 49.61
N ASP C 85 50.55 -116.81 50.17
CA ASP C 85 50.44 -115.84 51.26
C ASP C 85 50.00 -114.47 50.73
N PRO C 86 49.07 -113.81 51.43
CA PRO C 86 48.61 -112.49 50.96
C PRO C 86 49.73 -111.46 50.82
N VAL C 87 50.81 -111.57 51.60
CA VAL C 87 51.94 -110.65 51.46
C VAL C 87 52.53 -110.67 50.05
N TYR C 88 52.60 -111.86 49.45
CA TYR C 88 53.05 -111.96 48.06
C TYR C 88 51.98 -111.45 47.09
N THR C 89 50.76 -111.94 47.24
CA THR C 89 49.72 -111.68 46.25
C THR C 89 49.31 -110.20 46.20
N LEU C 90 49.54 -109.47 47.30
CA LEU C 90 49.19 -108.05 47.36
C LEU C 90 50.38 -107.13 47.09
N SER C 91 51.56 -107.70 46.82
CA SER C 91 52.79 -106.94 46.62
C SER C 91 52.98 -106.47 45.17
N VAL C 92 52.10 -106.92 44.29
CA VAL C 92 52.08 -106.43 42.92
C VAL C 92 50.70 -105.86 42.62
N PRO C 93 50.55 -105.15 41.49
CA PRO C 93 49.20 -104.62 41.20
C PRO C 93 48.14 -105.73 41.29
N HIS C 94 47.01 -105.42 41.92
CA HIS C 94 46.04 -106.47 42.20
C HIS C 94 44.64 -105.91 42.43
N TRP C 95 43.65 -106.79 42.41
CA TRP C 95 42.27 -106.39 42.54
C TRP C 95 41.54 -107.39 43.44
N LEU C 96 40.71 -106.87 44.34
CA LEU C 96 39.87 -107.74 45.15
C LEU C 96 38.61 -108.15 44.40
N ILE C 97 38.32 -109.43 44.41
CA ILE C 97 37.14 -109.96 43.76
C ILE C 97 36.19 -110.50 44.79
N HIS C 98 35.11 -109.76 45.05
CA HIS C 98 34.14 -110.19 46.05
C HIS C 98 33.06 -111.08 45.44
N HIS C 99 32.80 -112.22 46.07
CA HIS C 99 31.83 -113.17 45.56
C HIS C 99 30.43 -112.58 45.53
N LYS C 100 30.14 -111.71 46.51
CA LYS C 100 28.80 -111.14 46.60
C LYS C 100 28.49 -110.25 45.39
N LEU C 101 29.52 -109.73 44.71
CA LEU C 101 29.34 -108.80 43.60
C LEU C 101 29.27 -109.48 42.24
N GLY C 102 29.52 -110.78 42.23
CA GLY C 102 29.51 -111.54 41.00
C GLY C 102 30.58 -111.17 39.98
N THR C 103 30.17 -111.09 38.72
CA THR C 103 31.11 -110.85 37.63
C THR C 103 31.90 -109.56 37.84
N PHE C 104 33.21 -109.67 37.65
CA PHE C 104 34.16 -108.61 37.97
C PHE C 104 34.85 -108.09 36.73
N SER C 105 35.15 -106.80 36.73
CA SER C 105 35.85 -106.21 35.59
C SER C 105 36.83 -105.13 36.02
N CYS C 106 37.92 -104.96 35.27
CA CYS C 106 38.85 -103.86 35.52
C CYS C 106 39.65 -103.55 34.28
N GLU C 107 40.31 -102.40 34.28
CA GLU C 107 41.19 -102.04 33.16
C GLU C 107 42.66 -102.12 33.50
N ILE C 108 43.43 -102.63 32.57
CA ILE C 108 44.85 -102.69 32.75
C ILE C 108 45.47 -101.93 31.59
N ASP C 109 46.00 -100.75 31.88
CA ASP C 109 46.77 -100.02 30.88
C ASP C 109 48.16 -100.62 30.87
N TYR C 110 48.42 -101.49 29.89
CA TYR C 110 49.66 -102.24 29.86
C TYR C 110 50.86 -101.30 29.76
N GLY C 111 50.62 -100.10 29.21
CA GLY C 111 51.63 -99.06 29.16
C GLY C 111 52.13 -98.63 30.53
N GLU C 112 51.21 -98.51 31.49
CA GLU C 112 51.57 -98.15 32.86
C GLU C 112 51.96 -99.33 33.74
N LEU C 113 51.05 -100.29 33.90
CA LEU C 113 51.29 -101.44 34.76
C LEU C 113 52.43 -102.34 34.33
N CYS C 114 52.75 -102.33 33.05
CA CYS C 114 53.85 -103.15 32.59
C CYS C 114 55.05 -102.34 32.08
N GLY C 115 54.85 -101.48 31.08
CA GLY C 115 55.92 -100.60 30.61
C GLY C 115 56.61 -100.94 29.29
N HIS C 116 56.65 -102.20 28.91
CA HIS C 116 57.19 -102.55 27.61
C HIS C 116 56.15 -103.21 26.69
N ALA C 117 56.28 -102.98 25.39
CA ALA C 117 55.33 -103.53 24.43
C ALA C 117 55.54 -105.03 24.12
N MET C 118 54.45 -105.71 23.80
CA MET C 118 54.48 -107.17 23.62
C MET C 118 54.80 -107.56 22.20
N TRP C 119 55.76 -108.46 22.05
CA TRP C 119 56.21 -108.95 20.74
C TRP C 119 55.46 -110.23 20.37
N PHE C 120 54.84 -110.22 19.20
CA PHE C 120 53.96 -111.31 18.81
C PHE C 120 54.58 -112.73 18.87
N LYS C 121 55.88 -112.85 18.58
CA LYS C 121 56.46 -114.17 18.35
C LYS C 121 57.08 -114.81 19.57
N SER C 122 57.42 -113.99 20.57
CA SER C 122 58.07 -114.51 21.77
C SER C 122 58.09 -113.52 22.93
N THR C 123 58.24 -114.05 24.12
CA THR C 123 58.39 -113.21 25.29
C THR C 123 59.71 -112.43 25.18
N THR C 124 59.66 -111.12 25.44
CA THR C 124 60.85 -110.29 25.41
C THR C 124 61.65 -110.44 26.72
N PHE C 125 61.07 -109.97 27.82
CA PHE C 125 61.75 -110.09 29.10
C PHE C 125 61.26 -111.28 29.87
N GLU C 126 60.22 -111.10 30.66
CA GLU C 126 59.56 -112.26 31.20
C GLU C 126 58.12 -112.29 30.71
N SER C 127 57.49 -113.45 30.86
CA SER C 127 56.12 -113.69 30.39
C SER C 127 55.07 -113.23 31.41
N PRO C 128 54.22 -112.26 31.02
CA PRO C 128 53.21 -111.64 31.90
C PRO C 128 52.13 -112.63 32.37
N ARG C 129 51.91 -112.70 33.69
CA ARG C 129 50.94 -113.61 34.28
C ARG C 129 49.80 -112.92 35.07
N LEU C 130 48.66 -113.59 35.11
CA LEU C 130 47.61 -113.26 36.06
C LEU C 130 47.48 -114.38 37.09
N HIS C 131 47.67 -114.08 38.37
CA HIS C 131 47.51 -115.11 39.39
C HIS C 131 46.17 -114.98 40.10
N PHE C 132 45.52 -116.12 40.35
CA PHE C 132 44.27 -116.13 41.09
C PHE C 132 44.38 -116.90 42.39
N THR C 133 44.19 -116.18 43.49
CA THR C 133 44.36 -116.76 44.80
C THR C 133 43.12 -116.44 45.65
N CYS C 134 42.95 -117.21 46.71
CA CYS C 134 41.83 -116.98 47.62
C CYS C 134 42.28 -116.21 48.86
N LEU C 135 41.73 -115.00 49.06
CA LEU C 135 42.13 -114.10 50.16
C LEU C 135 41.43 -114.45 51.46
N THR C 136 40.11 -114.59 51.37
CA THR C 136 39.30 -115.04 52.51
C THR C 136 38.50 -116.25 52.02
N GLY C 137 38.47 -117.30 52.84
CA GLY C 137 37.83 -118.55 52.45
C GLY C 137 36.32 -118.56 52.61
N ASN C 138 35.69 -119.61 52.10
CA ASN C 138 34.25 -119.80 52.27
C ASN C 138 33.94 -120.21 53.71
N ASN C 139 32.76 -119.85 54.19
CA ASN C 139 32.41 -120.08 55.57
C ASN C 139 32.22 -121.58 55.87
N LYS C 140 31.80 -122.31 54.83
CA LYS C 140 31.66 -123.75 54.86
C LYS C 140 31.84 -124.14 53.41
N GLU C 141 32.23 -125.39 53.15
CA GLU C 141 32.44 -125.77 51.76
C GLU C 141 31.16 -125.63 50.96
N LEU C 142 31.29 -125.46 49.64
CA LEU C 142 30.15 -125.41 48.75
C LEU C 142 29.70 -126.82 48.34
N ALA C 143 28.70 -126.90 47.49
CA ALA C 143 28.13 -128.20 47.16
C ALA C 143 29.05 -129.03 46.25
N ALA C 144 29.77 -128.36 45.35
CA ALA C 144 30.65 -129.06 44.40
C ALA C 144 31.74 -128.17 43.84
N ASP C 145 32.72 -128.79 43.19
CA ASP C 145 33.74 -128.02 42.49
C ASP C 145 33.08 -127.20 41.40
N TRP C 146 33.66 -126.04 41.07
CA TRP C 146 33.18 -125.20 39.98
C TRP C 146 34.29 -124.44 39.27
N GLN C 147 33.93 -123.59 38.33
CA GLN C 147 34.93 -122.83 37.61
C GLN C 147 34.50 -121.40 37.33
N ALA C 148 35.48 -120.53 37.12
CA ALA C 148 35.23 -119.17 36.68
C ALA C 148 35.92 -118.98 35.36
N VAL C 149 35.40 -118.07 34.53
CA VAL C 149 36.00 -117.80 33.23
C VAL C 149 36.66 -116.42 33.23
N VAL C 150 37.90 -116.35 32.75
CA VAL C 150 38.61 -115.09 32.64
C VAL C 150 38.70 -114.66 31.17
N GLU C 151 38.33 -113.41 30.88
CA GLU C 151 38.33 -112.93 29.50
C GLU C 151 39.11 -111.64 29.31
N LEU C 152 39.86 -111.55 28.21
CA LEU C 152 40.63 -110.35 27.88
C LEU C 152 39.99 -109.69 26.71
N TYR C 153 39.59 -108.43 26.88
CA TYR C 153 39.01 -107.65 25.79
C TYR C 153 39.99 -106.56 25.46
N ALA C 154 40.23 -106.34 24.17
CA ALA C 154 41.19 -105.35 23.74
C ALA C 154 41.00 -105.06 22.26
N GLU C 155 41.34 -103.84 21.83
CA GLU C 155 41.44 -103.57 20.40
C GLU C 155 42.91 -103.30 20.09
N LEU C 156 43.65 -104.36 19.76
CA LEU C 156 45.09 -104.28 19.54
C LEU C 156 45.44 -103.42 18.34
N GLU C 157 46.31 -102.45 18.55
CA GLU C 157 46.89 -101.71 17.45
C GLU C 157 48.41 -101.65 17.58
N GLU C 158 49.07 -101.40 16.46
CA GLU C 158 50.52 -101.39 16.42
C GLU C 158 51.08 -100.34 17.36
N ALA C 159 52.03 -100.77 18.18
CA ALA C 159 52.74 -99.89 19.10
C ALA C 159 53.82 -99.06 18.40
N THR C 160 53.83 -97.78 18.73
CA THR C 160 54.74 -96.84 18.11
C THR C 160 56.14 -96.86 18.75
N SER C 161 56.20 -97.14 20.05
CA SER C 161 57.46 -97.16 20.81
C SER C 161 57.60 -98.44 21.60
N PHE C 162 58.83 -98.78 21.97
CA PHE C 162 59.04 -100.00 22.78
C PHE C 162 58.61 -99.77 24.23
N LEU C 163 58.90 -98.57 24.73
CA LEU C 163 58.70 -98.25 26.13
C LEU C 163 57.41 -97.47 26.35
N GLY C 164 56.77 -97.74 27.49
CA GLY C 164 55.60 -96.99 27.91
C GLY C 164 55.99 -95.63 28.47
N LYS C 165 55.12 -95.07 29.31
CA LYS C 165 55.48 -93.87 30.06
C LYS C 165 55.89 -94.40 31.41
N PRO C 166 56.92 -93.78 32.02
CA PRO C 166 57.43 -94.27 33.29
C PRO C 166 56.44 -94.08 34.45
N THR C 167 56.18 -95.17 35.18
CA THR C 167 55.35 -95.17 36.39
C THR C 167 55.92 -94.22 37.44
N LEU C 168 57.24 -94.09 37.49
CA LEU C 168 57.92 -93.37 38.56
C LEU C 168 59.25 -92.75 38.10
N VAL C 169 59.51 -91.53 38.53
CA VAL C 169 60.80 -90.93 38.26
C VAL C 169 61.51 -90.57 39.57
N PHE C 170 62.74 -91.04 39.71
CA PHE C 170 63.44 -90.92 40.98
C PHE C 170 63.57 -89.49 41.47
N ASP C 171 63.16 -89.28 42.72
CA ASP C 171 63.23 -87.99 43.39
C ASP C 171 63.10 -88.24 44.90
N PRO C 172 64.18 -87.96 45.66
CA PRO C 172 64.30 -88.19 47.10
C PRO C 172 63.27 -87.40 47.87
N GLY C 173 63.08 -86.15 47.44
CA GLY C 173 62.23 -85.21 48.12
C GLY C 173 60.77 -85.31 47.71
N VAL C 174 60.38 -86.42 47.07
CA VAL C 174 59.00 -86.53 46.63
C VAL C 174 58.36 -87.90 46.85
N PHE C 175 57.58 -87.89 47.93
CA PHE C 175 56.62 -88.89 48.33
C PHE C 175 55.39 -88.06 48.70
N ASN C 176 54.40 -88.01 47.80
CA ASN C 176 53.19 -87.23 48.01
C ASN C 176 52.43 -87.57 49.30
N GLY C 177 52.11 -88.85 49.47
CA GLY C 177 51.28 -89.26 50.58
C GLY C 177 50.08 -90.05 50.06
N LYS C 178 49.94 -90.08 48.73
CA LYS C 178 48.93 -90.92 48.08
C LYS C 178 49.53 -92.30 47.71
N PHE C 179 48.73 -93.36 47.85
CA PHE C 179 49.19 -94.71 47.53
C PHE C 179 48.31 -95.33 46.45
N GLN C 180 48.85 -96.32 45.75
CA GLN C 180 48.02 -97.26 44.99
C GLN C 180 48.40 -98.68 45.37
N PHE C 181 47.42 -99.57 45.32
CA PHE C 181 47.62 -101.01 45.58
C PHE C 181 48.22 -101.31 46.95
N LEU C 182 47.83 -100.51 47.94
CA LEU C 182 48.25 -100.78 49.32
C LEU C 182 47.10 -101.45 50.03
N THR C 183 47.17 -102.77 50.08
CA THR C 183 46.13 -103.59 50.72
C THR C 183 46.76 -104.39 51.87
N CYS C 184 46.19 -104.28 53.06
CA CYS C 184 46.67 -105.05 54.22
C CYS C 184 46.12 -106.45 54.19
N PRO C 185 46.95 -107.43 54.54
CA PRO C 185 46.45 -108.81 54.68
C PRO C 185 45.25 -108.84 55.62
N PRO C 186 44.38 -109.82 55.42
CA PRO C 186 43.11 -109.90 56.16
C PRO C 186 43.32 -109.97 57.65
N ILE C 187 42.46 -109.28 58.38
CA ILE C 187 42.40 -109.30 59.83
C ILE C 187 41.20 -110.18 60.21
N PHE C 188 41.32 -111.04 61.23
CA PHE C 188 40.23 -111.97 61.56
C PHE C 188 39.64 -111.82 62.96
N PHE C 189 38.33 -111.91 63.07
CA PHE C 189 37.66 -111.86 64.37
C PHE C 189 36.95 -113.17 64.67
N ASP C 190 37.18 -113.71 65.87
CA ASP C 190 36.50 -114.95 66.27
C ASP C 190 35.11 -114.62 66.75
N LEU C 191 34.16 -115.53 66.52
CA LEU C 191 32.82 -115.27 67.01
C LEU C 191 32.59 -115.85 68.40
N THR C 192 33.63 -116.49 68.91
CA THR C 192 33.61 -116.99 70.28
C THR C 192 34.13 -115.96 71.26
N ALA C 193 34.14 -114.70 70.83
CA ALA C 193 34.66 -113.62 71.65
C ALA C 193 33.72 -112.44 71.67
N VAL C 194 33.30 -112.04 72.86
CA VAL C 194 32.34 -110.96 72.98
C VAL C 194 32.88 -109.59 72.52
N THR C 195 34.16 -109.32 72.77
CA THR C 195 34.83 -108.17 72.16
C THR C 195 36.22 -108.61 71.75
N ALA C 196 36.90 -107.78 70.96
CA ALA C 196 38.24 -108.12 70.51
C ALA C 196 38.96 -106.94 69.92
N LEU C 197 40.30 -107.00 69.94
CA LEU C 197 41.10 -105.98 69.32
C LEU C 197 41.98 -106.58 68.23
N ARG C 198 42.11 -105.89 67.11
CA ARG C 198 43.11 -106.24 66.13
C ARG C 198 43.88 -105.00 65.72
N SER C 199 45.20 -105.05 65.89
CA SER C 199 46.06 -103.93 65.51
C SER C 199 46.62 -104.02 64.10
N ALA C 200 46.68 -102.88 63.43
CA ALA C 200 47.40 -102.79 62.18
C ALA C 200 48.47 -101.73 62.37
N GLY C 201 49.73 -102.12 62.17
CA GLY C 201 50.84 -101.19 62.34
C GLY C 201 50.83 -100.11 61.29
N LEU C 202 51.24 -98.90 61.67
CA LEU C 202 51.25 -97.77 60.73
C LEU C 202 52.67 -97.35 60.38
N THR C 203 53.63 -98.19 60.76
CA THR C 203 55.02 -97.98 60.38
C THR C 203 55.25 -98.56 58.98
N LEU C 204 54.75 -97.82 57.98
CA LEU C 204 54.54 -98.35 56.64
C LEU C 204 55.80 -98.55 55.82
N GLY C 205 56.93 -98.05 56.32
CA GLY C 205 58.20 -98.23 55.64
C GLY C 205 58.87 -99.57 55.91
N GLN C 206 58.31 -100.29 56.88
CA GLN C 206 58.81 -101.59 57.27
C GLN C 206 58.62 -102.56 56.09
N VAL C 207 59.62 -103.40 55.84
CA VAL C 207 59.48 -104.38 54.76
C VAL C 207 58.76 -105.62 55.27
N PRO C 208 57.67 -106.01 54.59
CA PRO C 208 56.83 -107.16 54.98
C PRO C 208 57.58 -108.45 54.83
N MET C 209 57.22 -109.45 55.63
CA MET C 209 57.92 -110.72 55.57
C MET C 209 57.01 -111.92 55.53
N VAL C 210 57.50 -112.99 54.92
CA VAL C 210 56.79 -114.26 54.92
C VAL C 210 57.82 -115.29 55.37
N GLY C 211 57.75 -115.65 56.63
CA GLY C 211 58.80 -116.46 57.22
C GLY C 211 60.09 -115.67 57.27
N THR C 212 61.15 -116.24 56.71
CA THR C 212 62.43 -115.54 56.65
C THR C 212 62.61 -114.71 55.36
N THR C 213 61.61 -114.77 54.48
CA THR C 213 61.67 -114.07 53.20
C THR C 213 61.18 -112.61 53.28
N LYS C 214 62.06 -111.67 52.92
CA LYS C 214 61.68 -110.26 52.82
C LYS C 214 60.98 -110.03 51.48
N VAL C 215 59.84 -109.33 51.51
CA VAL C 215 59.14 -109.00 50.27
C VAL C 215 59.18 -107.49 49.99
N TYR C 216 60.22 -107.04 49.30
CA TYR C 216 60.36 -105.62 48.99
C TYR C 216 59.24 -105.23 48.05
N ASN C 217 58.63 -104.08 48.32
CA ASN C 217 57.57 -103.60 47.44
C ASN C 217 57.61 -102.08 47.35
N LEU C 218 56.96 -101.54 46.31
CA LEU C 218 57.07 -100.11 46.05
C LEU C 218 56.49 -99.25 47.16
N ASN C 219 55.38 -99.68 47.76
CA ASN C 219 54.74 -98.85 48.79
C ASN C 219 55.60 -98.66 50.03
N SER C 220 56.12 -99.74 50.59
CA SER C 220 57.01 -99.58 51.72
C SER C 220 58.27 -98.80 51.31
N THR C 221 58.74 -99.04 50.10
CA THR C 221 59.89 -98.31 49.58
C THR C 221 59.61 -96.80 49.55
N LEU C 222 58.44 -96.42 49.05
CA LEU C 222 58.08 -95.02 49.02
C LEU C 222 58.08 -94.41 50.43
N VAL C 223 57.39 -95.06 51.35
CA VAL C 223 57.32 -94.53 52.70
C VAL C 223 58.72 -94.35 53.32
N SER C 224 59.65 -95.23 52.96
CA SER C 224 61.02 -95.15 53.50
C SER C 224 61.78 -93.90 53.03
N CYS C 225 61.25 -93.23 52.00
CA CYS C 225 61.84 -92.01 51.47
C CYS C 225 61.61 -90.79 52.36
N VAL C 226 60.91 -91.01 53.46
CA VAL C 226 60.55 -89.98 54.41
C VAL C 226 60.98 -90.45 55.83
N LEU C 227 61.12 -89.53 56.78
CA LEU C 227 61.55 -89.96 58.13
C LEU C 227 60.37 -90.41 58.97
N GLY C 228 59.20 -89.85 58.66
CA GLY C 228 57.97 -90.20 59.36
C GLY C 228 56.82 -89.40 58.80
N MET C 229 55.63 -89.67 59.30
CA MET C 229 54.41 -89.05 58.76
C MET C 229 53.32 -88.95 59.82
N GLY C 230 52.53 -87.90 59.71
CA GLY C 230 51.36 -87.75 60.55
C GLY C 230 50.23 -87.32 59.65
N GLY C 231 49.03 -87.23 60.19
CA GLY C 231 47.92 -86.80 59.35
C GLY C 231 46.80 -87.77 59.50
N THR C 232 45.94 -87.83 58.49
CA THR C 232 44.79 -88.71 58.56
C THR C 232 44.89 -89.83 57.54
N VAL C 233 44.69 -91.06 58.00
CA VAL C 233 44.66 -92.22 57.12
C VAL C 233 43.28 -92.34 56.48
N ARG C 234 43.20 -92.22 55.14
CA ARG C 234 41.97 -92.43 54.39
C ARG C 234 42.04 -93.81 53.75
N GLY C 235 41.05 -94.63 54.00
CA GLY C 235 41.06 -95.96 53.45
C GLY C 235 39.67 -96.52 53.24
N ARG C 236 39.62 -97.80 52.88
CA ARG C 236 38.36 -98.50 52.72
C ARG C 236 38.42 -99.79 53.54
N VAL C 237 37.28 -100.16 54.12
CA VAL C 237 37.16 -101.41 54.84
C VAL C 237 36.21 -102.33 54.09
N HIS C 238 36.63 -103.57 53.90
CA HIS C 238 35.75 -104.58 53.36
C HIS C 238 35.46 -105.68 54.35
N ILE C 239 34.16 -105.92 54.59
CA ILE C 239 33.75 -107.02 55.46
C ILE C 239 33.45 -108.26 54.62
N CYS C 240 34.32 -109.25 54.73
CA CYS C 240 34.35 -110.38 53.80
C CYS C 240 33.73 -111.64 54.36
N ALA C 241 32.42 -111.57 54.61
CA ALA C 241 31.68 -112.70 55.17
C ALA C 241 30.30 -112.77 54.52
N PRO C 242 29.59 -113.89 54.73
CA PRO C 242 28.22 -114.08 54.24
C PRO C 242 27.24 -113.03 54.80
N ILE C 243 26.12 -112.74 54.12
CA ILE C 243 25.15 -111.75 54.61
C ILE C 243 24.69 -112.04 56.02
N PHE C 244 24.74 -113.30 56.43
CA PHE C 244 24.24 -113.68 57.75
C PHE C 244 25.27 -113.55 58.89
N TYR C 245 26.48 -113.10 58.54
CA TYR C 245 27.49 -112.66 59.52
C TYR C 245 27.41 -111.15 59.61
N SER C 246 27.69 -110.59 60.78
CA SER C 246 27.67 -109.13 60.91
C SER C 246 28.48 -108.67 62.11
N ILE C 247 28.94 -107.43 62.07
CA ILE C 247 29.82 -106.96 63.11
C ILE C 247 29.74 -105.46 63.22
N VAL C 248 30.13 -104.93 64.36
CA VAL C 248 30.28 -103.48 64.52
C VAL C 248 31.65 -103.18 65.09
N LEU C 249 32.41 -102.32 64.41
CA LEU C 249 33.78 -101.99 64.82
C LEU C 249 33.90 -100.54 65.24
N TRP C 250 34.71 -100.31 66.26
CA TRP C 250 35.21 -98.98 66.60
C TRP C 250 36.65 -98.92 66.09
N VAL C 251 36.91 -98.03 65.14
CA VAL C 251 38.24 -97.94 64.54
C VAL C 251 38.92 -96.66 64.98
N VAL C 252 40.06 -96.80 65.65
CA VAL C 252 40.73 -95.64 66.22
C VAL C 252 42.24 -95.81 66.25
N SER C 253 42.97 -94.70 66.31
CA SER C 253 44.43 -94.75 66.37
C SER C 253 44.97 -94.62 67.81
N GLU C 254 45.95 -95.45 68.16
CA GLU C 254 46.56 -95.38 69.50
C GLU C 254 48.07 -95.42 69.44
N TRP C 255 48.71 -94.86 70.47
CA TRP C 255 50.17 -94.78 70.50
C TRP C 255 50.75 -95.66 71.59
N ASN C 256 51.71 -96.49 71.20
CA ASN C 256 52.46 -97.32 72.13
C ASN C 256 51.59 -98.11 73.10
N GLY C 257 50.98 -99.18 72.62
CA GLY C 257 50.07 -99.94 73.44
C GLY C 257 48.65 -99.45 73.25
N THR C 258 47.75 -99.95 74.09
CA THR C 258 46.36 -99.58 73.96
C THR C 258 45.85 -99.32 75.36
N THR C 259 44.83 -98.49 75.48
CA THR C 259 44.24 -98.27 76.79
C THR C 259 43.42 -99.48 77.19
N MET C 260 43.30 -99.68 78.50
CA MET C 260 42.58 -100.83 79.01
C MET C 260 41.20 -100.40 79.51
N ASP C 261 40.96 -99.09 79.48
CA ASP C 261 39.73 -98.49 79.98
C ASP C 261 38.77 -98.18 78.83
N TRP C 262 37.67 -98.93 78.76
CA TRP C 262 36.69 -98.72 77.71
C TRP C 262 36.18 -97.29 77.63
N ASN C 263 36.10 -96.60 78.76
CA ASN C 263 35.61 -95.23 78.73
C ASN C 263 36.62 -94.27 78.12
N GLU C 264 37.90 -94.46 78.40
CA GLU C 264 38.93 -93.65 77.76
C GLU C 264 38.94 -93.91 76.25
N LEU C 265 38.83 -95.19 75.88
CA LEU C 265 38.81 -95.60 74.47
C LEU C 265 37.84 -94.78 73.63
N PHE C 266 36.66 -94.50 74.18
CA PHE C 266 35.62 -93.80 73.41
C PHE C 266 35.67 -92.29 73.56
N LYS C 267 36.69 -91.79 74.24
CA LYS C 267 36.94 -90.36 74.29
C LYS C 267 37.93 -90.01 73.19
N TYR C 268 38.50 -91.04 72.54
CA TYR C 268 39.38 -90.85 71.38
C TYR C 268 38.55 -90.56 70.13
N PRO C 269 39.18 -89.92 69.12
CA PRO C 269 38.52 -89.64 67.84
C PRO C 269 38.60 -90.81 66.86
N GLY C 270 37.63 -91.71 66.99
CA GLY C 270 37.53 -92.84 66.08
C GLY C 270 36.26 -92.79 65.24
N VAL C 271 36.01 -93.88 64.52
CA VAL C 271 34.84 -93.97 63.65
C VAL C 271 34.23 -95.36 63.77
N TYR C 272 32.93 -95.47 63.53
CA TYR C 272 32.25 -96.76 63.60
C TYR C 272 32.18 -97.37 62.20
N VAL C 273 32.38 -98.69 62.11
CA VAL C 273 32.29 -99.38 60.83
C VAL C 273 31.33 -100.54 60.99
N GLU C 274 30.22 -100.51 60.26
CA GLU C 274 29.18 -101.55 60.35
C GLU C 274 29.17 -102.37 59.07
N GLU C 275 29.80 -101.83 58.03
CA GLU C 275 29.69 -102.41 56.69
C GLU C 275 30.76 -101.88 55.73
N ASP C 276 30.89 -102.55 54.58
CA ASP C 276 31.78 -102.07 53.51
C ASP C 276 31.69 -100.54 53.43
N GLY C 277 32.82 -99.87 53.38
CA GLY C 277 32.83 -98.42 53.23
C GLY C 277 34.20 -97.82 53.39
N SER C 278 34.31 -96.51 53.22
CA SER C 278 35.56 -95.81 53.46
C SER C 278 35.61 -95.27 54.89
N PHE C 279 36.80 -94.87 55.34
CA PHE C 279 36.99 -94.34 56.69
C PHE C 279 38.15 -93.36 56.70
N GLU C 280 38.13 -92.43 57.65
CA GLU C 280 39.26 -91.53 57.88
C GLU C 280 39.58 -91.55 59.37
N VAL C 281 40.81 -91.91 59.72
CA VAL C 281 41.20 -91.88 61.11
C VAL C 281 42.48 -91.08 61.28
N LYS C 282 42.50 -90.18 62.27
CA LYS C 282 43.69 -89.39 62.55
C LYS C 282 44.78 -90.25 63.16
N ILE C 283 46.01 -90.10 62.65
CA ILE C 283 47.18 -90.76 63.23
C ILE C 283 47.52 -90.08 64.56
N ARG C 284 47.39 -90.84 65.63
CA ARG C 284 47.55 -90.33 66.98
C ARG C 284 48.96 -90.58 67.51
N SER C 285 49.64 -89.51 67.90
CA SER C 285 51.02 -89.63 68.41
C SER C 285 51.46 -88.41 69.21
N PRO C 286 52.32 -88.64 70.20
CA PRO C 286 52.86 -87.58 71.06
C PRO C 286 53.65 -86.57 70.24
N TYR C 287 54.10 -86.99 69.05
CA TYR C 287 54.88 -86.15 68.15
C TYR C 287 54.07 -85.77 66.91
N HIS C 288 52.82 -86.21 66.88
CA HIS C 288 51.90 -85.94 65.78
C HIS C 288 52.25 -86.72 64.53
N ARG C 289 53.40 -87.38 64.56
CA ARG C 289 53.86 -88.21 63.45
C ARG C 289 54.32 -89.53 64.01
N THR C 290 54.26 -90.59 63.20
CA THR C 290 54.87 -91.88 63.56
C THR C 290 56.07 -92.09 62.62
N PRO C 291 57.15 -92.71 63.12
CA PRO C 291 58.34 -92.93 62.30
C PRO C 291 58.09 -93.90 61.17
N ALA C 292 58.79 -93.66 60.06
CA ALA C 292 58.62 -94.44 58.83
C ALA C 292 59.13 -95.88 58.96
N ARG C 293 60.24 -96.07 59.68
CA ARG C 293 60.79 -97.41 59.93
C ARG C 293 61.17 -97.62 61.40
N LEU C 294 61.44 -98.86 61.76
CA LEU C 294 61.82 -99.15 63.15
C LEU C 294 63.33 -99.17 63.39
N LEU C 295 63.71 -98.84 64.62
CA LEU C 295 65.09 -99.00 65.06
C LEU C 295 65.22 -100.39 65.67
N ALA C 296 66.41 -100.75 66.13
CA ALA C 296 66.60 -102.10 66.64
C ALA C 296 65.80 -102.37 67.93
N GLY C 297 65.13 -103.53 67.97
CA GLY C 297 64.35 -103.94 69.12
C GLY C 297 63.10 -103.11 69.38
N GLN C 298 62.73 -102.27 68.43
CA GLN C 298 61.47 -101.55 68.50
C GLN C 298 60.42 -102.37 67.78
N SER C 299 59.19 -102.22 68.25
CA SER C 299 58.05 -102.99 67.73
C SER C 299 57.16 -102.01 67.01
N GLN C 300 56.42 -102.49 66.02
CA GLN C 300 55.49 -101.61 65.32
C GLN C 300 54.43 -101.04 66.29
N ARG C 301 54.19 -101.78 67.38
CA ARG C 301 53.10 -101.43 68.30
C ARG C 301 53.51 -100.33 69.28
N ASP C 302 54.82 -100.13 69.40
CA ASP C 302 55.41 -99.03 70.18
C ASP C 302 55.10 -97.68 69.59
N MET C 303 54.70 -97.67 68.33
CA MET C 303 54.39 -96.40 67.69
C MET C 303 52.88 -96.22 67.52
N SER C 304 52.52 -95.49 66.46
CA SER C 304 51.12 -95.29 66.10
C SER C 304 50.54 -96.50 65.33
N SER C 305 49.38 -96.98 65.76
CA SER C 305 48.71 -98.09 65.10
C SER C 305 47.27 -97.73 64.78
N LEU C 306 46.70 -98.42 63.81
CA LEU C 306 45.29 -98.30 63.48
C LEU C 306 44.60 -99.50 64.11
N ASN C 307 43.79 -99.24 65.13
CA ASN C 307 43.16 -100.31 65.91
C ASN C 307 41.70 -100.61 65.61
N PHE C 308 41.42 -101.89 65.42
CA PHE C 308 40.07 -102.32 65.11
C PHE C 308 39.46 -103.06 66.28
N TYR C 309 38.53 -102.40 66.96
CA TYR C 309 37.85 -102.95 68.12
C TYR C 309 36.47 -103.48 67.75
N ALA C 310 36.25 -104.77 67.97
CA ALA C 310 34.92 -105.33 67.77
C ALA C 310 34.14 -105.00 69.02
N ILE C 311 33.15 -104.12 68.91
CA ILE C 311 32.36 -103.73 70.07
C ILE C 311 30.97 -104.40 70.12
N ALA C 312 30.54 -104.98 69.02
CA ALA C 312 29.31 -105.75 68.99
C ALA C 312 29.44 -106.83 67.94
N GLY C 313 29.52 -108.07 68.40
CA GLY C 313 29.78 -109.17 67.49
C GLY C 313 31.26 -109.46 67.33
N PRO C 314 31.61 -110.20 66.27
CA PRO C 314 30.71 -110.68 65.22
C PRO C 314 29.66 -111.69 65.69
N ILE C 315 28.52 -111.73 65.01
CA ILE C 315 27.51 -112.75 65.27
C ILE C 315 27.23 -113.52 64.00
N ALA C 316 26.76 -114.75 64.16
CA ALA C 316 26.33 -115.56 63.05
C ALA C 316 25.36 -116.58 63.58
N PRO C 317 24.55 -117.17 62.70
CA PRO C 317 23.63 -118.23 63.14
C PRO C 317 24.43 -119.46 63.57
N SER C 318 23.86 -120.33 64.41
CA SER C 318 24.59 -121.57 64.69
C SER C 318 24.33 -122.48 63.49
N GLY C 319 25.26 -123.38 63.20
CA GLY C 319 26.52 -123.47 63.87
C GLY C 319 27.58 -123.09 62.84
N GLU C 320 27.79 -121.80 62.73
CA GLU C 320 28.86 -121.32 61.90
C GLU C 320 30.11 -121.33 62.77
N THR C 321 31.28 -121.45 62.14
CA THR C 321 32.52 -121.57 62.91
C THR C 321 33.62 -120.67 62.35
N ALA C 322 33.49 -120.35 61.06
CA ALA C 322 34.42 -119.45 60.39
C ALA C 322 34.62 -118.13 61.13
N GLN C 323 35.83 -117.59 61.04
CA GLN C 323 36.08 -116.27 61.59
C GLN C 323 35.55 -115.23 60.59
N LEU C 324 35.28 -114.02 61.06
CA LEU C 324 34.85 -112.94 60.19
C LEU C 324 36.05 -112.10 59.80
N PRO C 325 36.41 -112.08 58.51
CA PRO C 325 37.59 -111.35 58.02
C PRO C 325 37.29 -109.92 57.60
N ILE C 326 38.20 -109.02 57.91
CA ILE C 326 38.13 -107.61 57.51
C ILE C 326 39.35 -107.37 56.63
N VAL C 327 39.14 -106.85 55.42
CA VAL C 327 40.28 -106.46 54.58
C VAL C 327 40.37 -104.94 54.51
N VAL C 328 41.50 -104.40 54.96
CA VAL C 328 41.68 -102.95 54.94
C VAL C 328 42.55 -102.47 53.79
N GLN C 329 42.10 -101.42 53.10
CA GLN C 329 42.91 -100.79 52.06
C GLN C 329 43.22 -99.37 52.48
N ILE C 330 44.48 -98.97 52.34
CA ILE C 330 44.90 -97.61 52.66
C ILE C 330 45.13 -96.82 51.38
N ASP C 331 44.38 -95.74 51.21
CA ASP C 331 44.36 -95.00 49.95
C ASP C 331 45.31 -93.82 49.99
N GLU C 332 45.26 -93.04 51.07
CA GLU C 332 46.21 -91.96 51.23
C GLU C 332 46.28 -91.41 52.64
N ILE C 333 47.34 -90.64 52.89
CA ILE C 333 47.41 -89.81 54.07
C ILE C 333 46.92 -88.42 53.68
N VAL C 334 45.71 -88.07 54.11
CA VAL C 334 45.14 -86.77 53.78
C VAL C 334 45.56 -85.76 54.82
N ARG C 335 45.68 -84.50 54.40
CA ARG C 335 46.13 -83.44 55.29
C ARG C 335 47.41 -83.88 55.98
N PRO C 336 48.42 -84.24 55.19
CA PRO C 336 49.63 -84.91 55.69
C PRO C 336 50.58 -83.98 56.44
N ASP C 337 51.13 -84.49 57.54
CA ASP C 337 52.19 -83.80 58.26
C ASP C 337 53.47 -84.61 58.09
N LEU C 338 54.23 -84.32 57.04
CA LEU C 338 55.39 -85.14 56.76
C LEU C 338 56.66 -84.68 57.46
N SER C 339 57.56 -85.62 57.69
CA SER C 339 58.87 -85.31 58.21
C SER C 339 59.72 -84.81 57.06
N LEU C 340 60.97 -84.49 57.36
CA LEU C 340 61.96 -84.29 56.31
C LEU C 340 62.08 -85.54 55.48
N PRO C 341 62.47 -85.38 54.22
CA PRO C 341 62.81 -86.55 53.41
C PRO C 341 63.96 -87.26 54.13
N SER C 342 64.02 -88.58 54.07
CA SER C 342 65.14 -89.29 54.70
C SER C 342 66.46 -89.08 53.94
N PHE C 343 66.39 -88.90 52.64
CA PHE C 343 67.59 -88.61 51.86
C PHE C 343 67.49 -87.28 51.14
N GLU C 344 68.63 -86.62 50.97
CA GLU C 344 68.64 -85.39 50.21
C GLU C 344 69.07 -85.69 48.78
N ASP C 345 69.16 -84.66 47.94
CA ASP C 345 69.60 -84.88 46.57
C ASP C 345 71.12 -84.99 46.57
N ASP C 346 71.60 -86.14 46.99
CA ASP C 346 73.00 -86.35 47.25
C ASP C 346 73.39 -87.75 46.79
N TYR C 347 74.67 -88.06 46.96
CA TYR C 347 75.18 -89.37 46.67
C TYR C 347 74.73 -90.31 47.76
N PHE C 348 74.71 -91.62 47.45
CA PHE C 348 74.53 -92.66 48.45
C PHE C 348 75.37 -93.88 48.06
N VAL C 349 75.52 -94.79 49.00
CA VAL C 349 76.46 -95.88 48.79
C VAL C 349 75.90 -96.92 47.87
N TRP C 350 76.66 -97.26 46.84
CA TRP C 350 76.29 -98.36 45.96
C TRP C 350 76.97 -99.64 46.45
N VAL C 351 78.30 -99.59 46.57
CA VAL C 351 79.06 -100.78 46.96
C VAL C 351 80.44 -100.44 47.56
N ASP C 352 80.86 -101.25 48.54
CA ASP C 352 82.22 -101.21 49.07
C ASP C 352 82.93 -102.51 48.71
N PHE C 353 84.12 -102.38 48.12
CA PHE C 353 84.99 -103.53 47.91
C PHE C 353 86.14 -103.45 48.92
N SER C 354 86.44 -104.59 49.54
CA SER C 354 87.49 -104.65 50.57
C SER C 354 88.10 -106.03 50.63
N GLU C 355 89.17 -106.15 51.42
CA GLU C 355 89.79 -107.45 51.67
C GLU C 355 90.19 -108.15 50.38
N PHE C 356 90.97 -107.46 49.53
CA PHE C 356 91.38 -108.00 48.24
C PHE C 356 92.42 -109.06 48.43
N THR C 357 92.31 -110.15 47.69
CA THR C 357 93.26 -111.26 47.85
C THR C 357 94.26 -111.32 46.71
N LEU C 358 93.88 -110.75 45.57
CA LEU C 358 94.78 -110.65 44.43
C LEU C 358 95.10 -109.20 44.11
N ASP C 359 96.31 -108.94 43.63
CA ASP C 359 96.68 -107.59 43.20
C ASP C 359 95.94 -107.20 41.93
N LYS C 360 95.76 -108.14 41.00
CA LYS C 360 94.97 -107.89 39.79
C LYS C 360 93.50 -108.23 40.03
N GLU C 361 92.64 -107.21 39.98
CA GLU C 361 91.21 -107.39 40.19
C GLU C 361 90.46 -106.61 39.13
N GLU C 362 89.42 -107.19 38.56
CA GLU C 362 88.67 -106.45 37.56
C GLU C 362 87.18 -106.66 37.76
N ILE C 363 86.50 -105.58 38.14
CA ILE C 363 85.07 -105.59 38.44
C ILE C 363 84.28 -105.12 37.23
N GLU C 364 83.53 -106.02 36.59
CA GLU C 364 82.71 -105.63 35.44
C GLU C 364 81.37 -105.08 35.88
N ILE C 365 81.02 -103.91 35.36
CA ILE C 365 79.76 -103.25 35.66
C ILE C 365 78.86 -103.27 34.44
N GLY C 366 79.43 -102.90 33.28
CA GLY C 366 78.72 -102.91 32.02
C GLY C 366 77.77 -101.73 31.91
N SER C 367 76.47 -102.03 31.82
CA SER C 367 75.49 -100.97 31.80
C SER C 367 74.42 -101.18 32.86
N ARG C 368 74.74 -101.94 33.90
CA ARG C 368 73.74 -102.33 34.91
C ARG C 368 73.98 -101.72 36.27
N PHE C 369 72.91 -101.51 37.02
CA PHE C 369 73.04 -101.22 38.44
C PHE C 369 72.52 -102.47 39.16
N PHE C 370 73.37 -103.14 39.93
CA PHE C 370 73.04 -104.47 40.44
C PHE C 370 73.89 -104.87 41.65
N ASP C 371 73.67 -106.08 42.15
CA ASP C 371 74.46 -106.61 43.26
C ASP C 371 75.69 -107.38 42.79
N PHE C 372 76.85 -106.98 43.27
CA PHE C 372 78.12 -107.61 42.90
C PHE C 372 78.38 -108.90 43.68
N THR C 373 79.16 -109.81 43.10
CA THR C 373 79.70 -110.94 43.85
C THR C 373 81.15 -111.12 43.45
N SER C 374 81.98 -111.57 44.41
CA SER C 374 83.39 -111.84 44.12
C SER C 374 83.92 -113.03 44.91
N ASN C 375 84.77 -113.82 44.26
CA ASN C 375 85.48 -114.90 44.91
C ASN C 375 86.84 -114.45 45.45
N THR C 376 87.29 -113.28 45.00
CA THR C 376 88.62 -112.82 45.29
C THR C 376 88.64 -111.62 46.22
N CYS C 377 87.46 -111.07 46.53
CA CYS C 377 87.36 -109.97 47.49
C CYS C 377 85.99 -109.89 48.13
N ARG C 378 85.90 -109.05 49.17
CA ARG C 378 84.65 -108.89 49.92
C ARG C 378 83.76 -107.78 49.37
N VAL C 379 82.57 -108.16 48.94
CA VAL C 379 81.60 -107.19 48.43
C VAL C 379 80.60 -106.82 49.53
N SER C 380 80.40 -105.52 49.76
CA SER C 380 79.39 -105.07 50.71
C SER C 380 78.43 -104.13 50.00
N MET C 381 77.20 -104.59 49.79
CA MET C 381 76.27 -103.80 49.01
C MET C 381 75.54 -102.76 49.87
N GLY C 382 75.19 -101.61 49.28
CA GLY C 382 74.43 -100.60 49.99
C GLY C 382 72.97 -100.94 49.96
N GLU C 383 72.25 -100.64 51.04
CA GLU C 383 70.79 -100.72 51.05
C GLU C 383 70.16 -99.33 51.24
N ASN C 384 69.41 -98.86 50.23
CA ASN C 384 68.73 -97.55 50.25
C ASN C 384 67.51 -97.55 49.35
N PRO C 385 66.70 -96.48 49.43
CA PRO C 385 65.48 -96.48 48.63
C PRO C 385 65.73 -96.65 47.14
N PHE C 386 66.81 -96.06 46.64
CA PHE C 386 67.04 -96.17 45.21
C PHE C 386 67.21 -97.63 44.78
N ALA C 387 67.98 -98.39 45.53
CA ALA C 387 68.20 -99.79 45.20
C ALA C 387 66.89 -100.58 45.29
N ALA C 388 66.07 -100.25 46.29
CA ALA C 388 64.75 -100.86 46.40
C ALA C 388 63.89 -100.53 45.18
N MET C 389 63.91 -99.27 44.76
CA MET C 389 63.13 -98.90 43.59
C MET C 389 63.58 -99.65 42.34
N ILE C 390 64.88 -99.89 42.20
CA ILE C 390 65.39 -100.70 41.11
C ILE C 390 64.80 -102.11 41.15
N ALA C 391 64.67 -102.63 42.37
CA ALA C 391 64.20 -104.00 42.60
C ALA C 391 62.70 -104.13 42.45
N CYS C 392 61.97 -103.02 42.60
CA CYS C 392 60.53 -103.07 42.64
C CYS C 392 59.92 -102.58 41.35
N HIS C 393 60.71 -102.57 40.29
CA HIS C 393 60.17 -102.26 38.98
C HIS C 393 60.73 -103.24 37.97
N GLY C 394 59.98 -103.48 36.91
CA GLY C 394 60.34 -104.43 35.90
C GLY C 394 61.48 -103.91 35.05
N LEU C 395 61.42 -102.61 34.72
CA LEU C 395 62.47 -101.96 33.92
C LEU C 395 62.86 -100.61 34.51
N HIS C 396 64.10 -100.19 34.25
CA HIS C 396 64.52 -98.86 34.67
C HIS C 396 65.52 -98.32 33.65
N SER C 397 65.78 -97.02 33.71
CA SER C 397 66.75 -96.40 32.82
C SER C 397 67.14 -95.00 33.28
N GLY C 398 68.42 -94.67 33.16
CA GLY C 398 68.89 -93.37 33.60
C GLY C 398 70.40 -93.27 33.60
N VAL C 399 70.91 -92.19 34.18
CA VAL C 399 72.35 -92.02 34.29
C VAL C 399 72.76 -91.81 35.74
N LEU C 400 73.80 -92.53 36.15
CA LEU C 400 74.33 -92.40 37.51
C LEU C 400 75.67 -91.69 37.50
N ASP C 401 75.79 -90.66 38.33
CA ASP C 401 77.09 -90.06 38.57
C ASP C 401 77.77 -90.85 39.67
N LEU C 402 79.01 -91.25 39.44
CA LEU C 402 79.72 -92.04 40.43
C LEU C 402 80.85 -91.24 41.09
N LYS C 403 81.00 -91.44 42.39
CA LYS C 403 82.19 -91.00 43.11
C LYS C 403 82.89 -92.25 43.62
N LEU C 404 84.18 -92.39 43.29
CA LEU C 404 84.99 -93.47 43.84
C LEU C 404 85.92 -92.90 44.91
N GLN C 405 85.99 -93.55 46.05
CA GLN C 405 86.92 -93.17 47.12
C GLN C 405 87.66 -94.40 47.60
N TRP C 406 88.94 -94.23 47.95
CA TRP C 406 89.67 -95.37 48.49
C TRP C 406 90.75 -94.96 49.48
N SER C 407 91.05 -95.88 50.41
CA SER C 407 92.11 -95.65 51.38
C SER C 407 93.19 -96.72 51.18
N LEU C 408 94.43 -96.41 51.57
CA LEU C 408 95.53 -97.35 51.36
C LEU C 408 95.73 -98.36 52.49
N ASN C 409 96.16 -99.55 52.10
CA ASN C 409 96.46 -100.62 53.03
C ASN C 409 97.95 -100.66 53.36
N THR C 410 98.78 -100.28 52.38
CA THR C 410 100.23 -100.19 52.55
C THR C 410 100.65 -98.76 52.88
N GLU C 411 101.95 -98.54 53.11
CA GLU C 411 102.45 -97.20 53.40
C GLU C 411 102.34 -96.32 52.14
N PHE C 412 101.93 -95.08 52.35
CA PHE C 412 101.70 -94.16 51.23
C PHE C 412 102.94 -94.03 50.34
N GLY C 413 104.10 -93.98 50.97
CA GLY C 413 105.35 -93.77 50.26
C GLY C 413 105.72 -94.93 49.37
N LYS C 414 105.11 -96.08 49.62
CA LYS C 414 105.42 -97.30 48.87
C LYS C 414 104.42 -97.55 47.75
N SER C 415 103.37 -96.73 47.72
CA SER C 415 102.24 -96.99 46.83
C SER C 415 102.58 -96.83 45.36
N SER C 416 101.91 -97.62 44.52
CA SER C 416 102.05 -97.50 43.07
C SER C 416 100.77 -98.00 42.45
N GLY C 417 100.65 -97.88 41.14
CA GLY C 417 99.48 -98.38 40.43
C GLY C 417 98.31 -97.40 40.37
N SER C 418 97.12 -97.94 40.09
CA SER C 418 95.96 -97.13 39.74
C SER C 418 94.62 -97.83 39.95
N VAL C 419 93.58 -97.00 40.14
CA VAL C 419 92.20 -97.39 39.93
C VAL C 419 91.86 -96.91 38.51
N THR C 420 91.64 -97.85 37.60
CA THR C 420 91.34 -97.48 36.20
C THR C 420 89.87 -97.75 35.86
N ILE C 421 89.23 -96.78 35.24
CA ILE C 421 87.86 -96.95 34.80
C ILE C 421 87.85 -97.18 33.30
N THR C 422 87.60 -98.41 32.89
CA THR C 422 87.46 -98.70 31.47
C THR C 422 86.06 -98.33 30.98
N LYS C 423 85.99 -97.48 29.96
CA LYS C 423 84.71 -97.13 29.36
C LYS C 423 84.67 -97.52 27.88
N LEU C 424 83.78 -98.43 27.52
CA LEU C 424 83.67 -98.92 26.15
C LEU C 424 82.29 -98.69 25.62
N VAL C 425 82.12 -98.92 24.32
CA VAL C 425 80.79 -99.08 23.74
C VAL C 425 80.82 -100.41 23.03
N GLY C 426 80.00 -101.35 23.50
CA GLY C 426 80.04 -102.69 22.98
C GLY C 426 80.34 -103.65 24.11
N ASP C 427 81.46 -104.36 24.00
CA ASP C 427 81.91 -105.28 25.05
C ASP C 427 83.44 -105.31 25.05
N LYS C 428 84.00 -106.06 26.00
CA LYS C 428 85.45 -106.11 26.16
C LYS C 428 86.09 -106.60 24.85
N ALA C 429 85.40 -107.48 24.13
CA ALA C 429 85.99 -108.12 22.95
C ALA C 429 86.03 -107.29 21.66
N MET C 430 84.96 -106.55 21.36
CA MET C 430 84.83 -105.87 20.08
C MET C 430 84.42 -104.40 20.24
N GLY C 431 84.49 -103.88 21.45
CA GLY C 431 84.04 -102.53 21.74
C GLY C 431 84.88 -101.36 21.24
N LEU C 432 84.27 -100.17 21.30
CA LEU C 432 84.92 -98.92 20.93
C LEU C 432 85.34 -98.25 22.21
N ASP C 433 86.39 -97.43 22.13
CA ASP C 433 86.95 -96.81 23.33
C ASP C 433 86.38 -95.45 23.65
N GLY C 434 85.80 -95.33 24.84
CA GLY C 434 85.18 -94.08 25.25
C GLY C 434 86.08 -93.35 26.23
N PRO C 435 85.47 -92.63 27.18
CA PRO C 435 86.19 -91.82 28.19
C PRO C 435 86.74 -92.69 29.33
N SER C 436 87.56 -93.69 28.98
CA SER C 436 88.29 -94.47 29.95
C SER C 436 89.22 -93.53 30.70
N HIS C 437 89.64 -93.93 31.88
CA HIS C 437 90.19 -92.95 32.80
C HIS C 437 91.13 -93.65 33.78
N VAL C 438 92.35 -93.15 33.89
CA VAL C 438 93.35 -93.72 34.79
C VAL C 438 93.58 -92.82 36.00
N PHE C 439 93.15 -93.29 37.17
CA PHE C 439 93.39 -92.56 38.42
C PHE C 439 94.59 -93.18 39.12
N ALA C 440 95.70 -92.46 39.15
CA ALA C 440 96.85 -92.91 39.92
C ALA C 440 96.36 -93.18 41.33
N ILE C 441 96.82 -94.26 41.94
CA ILE C 441 96.29 -94.67 43.24
C ILE C 441 96.41 -93.58 44.28
N GLN C 442 97.40 -92.71 44.11
CA GLN C 442 97.66 -91.60 45.06
C GLN C 442 96.60 -90.51 45.03
N LYS C 443 95.78 -90.46 43.97
CA LYS C 443 94.68 -89.51 43.90
C LYS C 443 93.70 -89.79 45.04
N LEU C 444 93.51 -91.08 45.33
CA LEU C 444 92.66 -91.50 46.45
C LEU C 444 91.16 -91.25 46.24
N GLU C 445 90.80 -90.77 45.06
CA GLU C 445 89.42 -90.58 44.66
C GLU C 445 89.30 -90.25 43.18
N GLY C 446 88.12 -90.51 42.62
CA GLY C 446 87.86 -90.22 41.22
C GLY C 446 86.37 -90.20 40.90
N THR C 447 86.00 -89.62 39.75
CA THR C 447 84.59 -89.56 39.39
C THR C 447 84.37 -90.06 37.98
N THR C 448 83.16 -90.57 37.72
CA THR C 448 82.78 -90.98 36.36
C THR C 448 81.25 -91.01 36.24
N GLU C 449 80.74 -91.06 35.02
CA GLU C 449 79.31 -91.27 34.82
C GLU C 449 79.09 -92.71 34.41
N LEU C 450 77.90 -93.25 34.68
CA LEU C 450 77.52 -94.59 34.21
C LEU C 450 76.15 -94.56 33.55
N LEU C 451 76.06 -95.02 32.31
CA LEU C 451 74.76 -95.13 31.66
C LEU C 451 74.15 -96.45 32.09
N VAL C 452 73.00 -96.36 32.76
CA VAL C 452 72.21 -97.53 33.10
C VAL C 452 71.08 -97.64 32.10
N GLY C 453 71.28 -98.49 31.09
CA GLY C 453 70.36 -98.58 29.97
C GLY C 453 71.03 -99.28 28.80
N ASN C 454 70.46 -99.14 27.61
CA ASN C 454 70.98 -99.82 26.41
C ASN C 454 70.24 -99.34 25.17
N PHE C 455 70.64 -99.85 24.00
CA PHE C 455 69.99 -99.43 22.77
C PHE C 455 68.46 -99.52 22.80
N ALA C 456 67.92 -100.51 23.49
CA ALA C 456 66.47 -100.71 23.54
C ALA C 456 65.76 -99.66 24.38
N GLY C 457 66.43 -99.18 25.43
CA GLY C 457 65.93 -98.05 26.20
C GLY C 457 65.82 -98.25 27.70
N ALA C 458 65.94 -99.48 28.17
CA ALA C 458 65.75 -99.77 29.59
C ALA C 458 66.33 -101.12 29.98
N ASN C 459 66.62 -101.29 31.26
CA ASN C 459 67.19 -102.53 31.76
C ASN C 459 66.19 -103.26 32.60
N PRO C 460 66.13 -104.58 32.44
CA PRO C 460 65.36 -105.44 33.35
C PRO C 460 66.17 -105.61 34.62
N ASN C 461 65.56 -106.11 35.67
CA ASN C 461 66.29 -106.30 36.91
C ASN C 461 66.89 -107.70 36.97
N THR C 462 67.43 -108.14 35.84
CA THR C 462 68.07 -109.45 35.73
C THR C 462 69.30 -109.28 34.85
N ARG C 463 70.01 -110.37 34.60
CA ARG C 463 71.09 -110.32 33.62
C ARG C 463 70.43 -110.38 32.24
N PHE C 464 71.01 -109.64 31.31
CA PHE C 464 70.49 -109.53 29.95
C PHE C 464 71.71 -109.17 29.07
N SER C 465 71.57 -109.33 27.76
CA SER C 465 72.65 -108.96 26.86
C SER C 465 72.14 -108.07 25.76
N LEU C 466 72.25 -106.75 25.95
CA LEU C 466 71.80 -105.80 24.92
C LEU C 466 72.87 -104.73 24.69
N TYR C 467 73.29 -104.58 23.44
CA TYR C 467 74.32 -103.63 23.07
C TYR C 467 74.16 -102.29 23.80
N SER C 468 75.22 -101.87 24.48
CA SER C 468 75.20 -100.59 25.16
C SER C 468 76.62 -100.14 25.47
N ARG C 469 76.74 -99.03 26.20
CA ARG C 469 78.00 -98.64 26.78
C ARG C 469 78.39 -99.66 27.86
N TRP C 470 79.68 -99.75 28.16
CA TRP C 470 80.20 -100.81 29.00
C TRP C 470 81.30 -100.26 29.90
N MET C 471 81.19 -100.55 31.20
CA MET C 471 82.15 -100.01 32.16
C MET C 471 82.77 -101.10 33.01
N ALA C 472 84.00 -100.89 33.42
CA ALA C 472 84.68 -101.82 34.31
C ALA C 472 85.65 -101.06 35.19
N ILE C 473 85.85 -101.55 36.43
CA ILE C 473 86.87 -100.99 37.30
C ILE C 473 88.04 -101.97 37.33
N LYS C 474 89.25 -101.48 37.05
CA LYS C 474 90.44 -102.31 36.99
C LYS C 474 91.46 -101.91 38.05
N LEU C 475 91.68 -102.80 39.01
CA LEU C 475 92.74 -102.62 40.00
C LEU C 475 94.03 -103.38 39.60
N ASP C 476 95.21 -102.76 39.74
CA ASP C 476 96.46 -103.47 39.45
C ASP C 476 97.30 -103.70 40.70
N GLN C 477 96.92 -103.03 41.80
CA GLN C 477 97.62 -103.12 43.07
C GLN C 477 96.60 -103.22 44.19
N ALA C 478 95.62 -104.10 44.00
CA ALA C 478 94.44 -104.12 44.83
C ALA C 478 94.76 -104.40 46.29
N LYS C 479 95.83 -105.16 46.53
CA LYS C 479 96.19 -105.50 47.91
C LYS C 479 96.66 -104.26 48.68
N SER C 480 96.97 -103.19 47.96
CA SER C 480 97.38 -101.93 48.59
C SER C 480 96.17 -101.05 48.94
N ILE C 481 94.97 -101.54 48.67
CA ILE C 481 93.76 -100.80 48.97
C ILE C 481 92.99 -101.41 50.14
N LYS C 482 92.70 -100.61 51.16
CA LYS C 482 91.96 -101.13 52.30
C LYS C 482 90.47 -101.18 51.99
N VAL C 483 90.00 -100.19 51.24
CA VAL C 483 88.62 -100.16 50.81
C VAL C 483 88.43 -99.31 49.57
N LEU C 484 87.63 -99.81 48.63
CA LEU C 484 87.21 -99.04 47.47
C LEU C 484 85.71 -98.80 47.60
N ARG C 485 85.30 -97.56 47.82
CA ARG C 485 83.89 -97.25 47.98
C ARG C 485 83.35 -96.57 46.73
N VAL C 486 82.19 -97.05 46.26
CA VAL C 486 81.52 -96.46 45.11
C VAL C 486 80.18 -95.83 45.50
N LEU C 487 80.09 -94.51 45.43
CA LEU C 487 78.82 -93.80 45.64
C LEU C 487 78.21 -93.40 44.30
N CYS C 488 76.89 -93.30 44.28
CA CYS C 488 76.22 -92.84 43.08
C CYS C 488 75.13 -91.83 43.42
N LYS C 489 74.74 -91.05 42.41
CA LYS C 489 73.74 -89.99 42.54
C LYS C 489 73.04 -89.91 41.21
N PRO C 490 71.79 -90.38 41.16
CA PRO C 490 71.04 -90.44 39.90
C PRO C 490 70.82 -89.04 39.34
N ARG C 491 71.12 -88.85 38.06
CA ARG C 491 70.77 -87.63 37.34
C ARG C 491 69.27 -87.56 37.16
N PRO C 492 68.74 -86.33 37.16
CA PRO C 492 67.30 -86.08 37.10
C PRO C 492 66.69 -86.83 35.95
N GLY C 493 65.54 -87.44 36.17
CA GLY C 493 64.87 -88.17 35.12
C GLY C 493 65.20 -89.65 35.08
N PHE C 494 65.77 -90.17 36.17
CA PHE C 494 65.99 -91.60 36.24
C PHE C 494 64.63 -92.28 36.35
N SER C 495 64.34 -93.17 35.41
CA SER C 495 62.98 -93.65 35.25
C SER C 495 62.76 -95.13 35.58
N PHE C 496 61.59 -95.42 36.12
CA PHE C 496 61.20 -96.78 36.44
C PHE C 496 59.89 -97.13 35.74
N TYR C 497 59.81 -98.37 35.27
CA TYR C 497 58.64 -98.83 34.52
C TYR C 497 58.04 -100.08 35.14
N GLY C 498 56.73 -100.08 35.34
CA GLY C 498 56.01 -101.26 35.80
C GLY C 498 56.25 -101.67 37.24
N ARG C 499 55.48 -101.11 38.17
CA ARG C 499 55.64 -101.46 39.59
C ARG C 499 55.41 -102.95 39.85
N THR C 500 56.27 -103.53 40.69
CA THR C 500 56.22 -104.94 41.02
C THR C 500 56.87 -105.16 42.40
N SER C 501 57.22 -106.39 42.71
CA SER C 501 57.86 -106.69 43.98
C SER C 501 59.08 -107.60 43.81
N PHE C 502 59.77 -107.83 44.93
CA PHE C 502 61.04 -108.54 44.89
C PHE C 502 61.29 -109.29 46.18
N PRO C 503 60.89 -110.57 46.22
CA PRO C 503 61.14 -111.42 47.38
C PRO C 503 62.60 -111.92 47.41
N VAL C 504 63.23 -111.83 48.58
CA VAL C 504 64.54 -112.42 48.84
C VAL C 504 64.57 -113.15 50.18
N GLY D 1 82.41 -76.30 -21.13
CA GLY D 1 82.85 -77.03 -22.31
C GLY D 1 83.58 -78.33 -22.02
N LEU D 2 83.82 -79.13 -23.06
CA LEU D 2 84.57 -80.36 -22.87
C LEU D 2 85.97 -80.04 -22.36
N ALA D 3 86.30 -80.64 -21.21
CA ALA D 3 87.51 -80.30 -20.48
C ALA D 3 88.56 -81.41 -20.60
N GLY D 4 88.10 -82.64 -20.68
CA GLY D 4 88.99 -83.78 -20.80
C GLY D 4 88.23 -85.02 -21.20
N ARG D 5 88.96 -86.06 -21.58
CA ARG D 5 88.30 -87.29 -22.03
C ARG D 5 89.18 -88.50 -21.82
N GLY D 6 88.59 -89.67 -21.97
CA GLY D 6 89.27 -90.93 -21.76
C GLY D 6 88.45 -92.08 -22.28
N VAL D 7 89.05 -93.26 -22.31
CA VAL D 7 88.39 -94.41 -22.90
C VAL D 7 88.43 -95.61 -21.97
N ILE D 8 87.28 -96.27 -21.80
CA ILE D 8 87.23 -97.52 -21.04
C ILE D 8 87.03 -98.68 -22.02
N TYR D 9 87.85 -99.71 -21.92
CA TYR D 9 87.63 -100.91 -22.75
C TYR D 9 86.84 -101.98 -22.01
N ILE D 10 85.73 -102.38 -22.62
CA ILE D 10 84.89 -103.44 -22.12
C ILE D 10 85.14 -104.75 -22.88
N PRO D 11 85.35 -105.85 -22.14
CA PRO D 11 85.49 -107.18 -22.75
C PRO D 11 84.16 -107.71 -23.25
N LYS D 12 84.19 -108.48 -24.33
CA LYS D 12 82.99 -109.15 -24.81
C LYS D 12 82.38 -110.00 -23.69
N ASP D 13 83.19 -110.67 -22.89
CA ASP D 13 82.67 -111.29 -21.67
C ASP D 13 82.94 -110.42 -20.45
N CYS D 14 81.95 -109.63 -20.06
CA CYS D 14 82.11 -108.75 -18.91
C CYS D 14 81.39 -109.33 -17.69
N GLN D 15 82.14 -109.90 -16.76
CA GLN D 15 81.53 -110.59 -15.63
C GLN D 15 81.52 -109.73 -14.39
N ALA D 16 80.69 -110.10 -13.43
CA ALA D 16 80.68 -109.40 -12.14
C ALA D 16 82.10 -109.34 -11.58
N ASN D 17 82.44 -108.17 -11.04
CA ASN D 17 83.75 -107.91 -10.45
C ASN D 17 84.93 -107.64 -11.39
N ARG D 18 84.72 -107.65 -12.71
CA ARG D 18 85.80 -107.27 -13.62
C ARG D 18 86.21 -105.81 -13.41
N TYR D 19 87.51 -105.61 -13.25
CA TYR D 19 88.11 -104.28 -13.29
C TYR D 19 88.26 -103.84 -14.75
N LEU D 20 87.69 -102.69 -15.09
CA LEU D 20 87.69 -102.23 -16.47
C LEU D 20 88.78 -101.19 -16.75
N GLY D 21 89.19 -100.47 -15.72
CA GLY D 21 90.23 -99.48 -15.85
C GLY D 21 90.06 -98.28 -14.94
N THR D 22 91.11 -97.47 -14.85
CA THR D 22 91.07 -96.24 -14.06
C THR D 22 91.45 -95.05 -14.91
N LEU D 23 90.69 -93.98 -14.83
CA LEU D 23 91.07 -92.74 -15.52
C LEU D 23 91.57 -91.80 -14.46
N ASN D 24 92.63 -91.09 -14.80
CA ASN D 24 93.17 -90.09 -13.92
C ASN D 24 92.58 -88.71 -14.30
N ILE D 25 91.78 -88.12 -13.41
CA ILE D 25 91.04 -86.92 -13.75
C ILE D 25 91.95 -85.81 -14.25
N ARG D 26 93.10 -85.62 -13.61
CA ARG D 26 93.92 -84.51 -14.03
C ARG D 26 94.61 -84.81 -15.36
N ASP D 27 95.02 -86.06 -15.56
CA ASP D 27 95.54 -86.49 -16.88
C ASP D 27 94.52 -86.37 -18.02
N MET D 28 93.25 -86.66 -17.76
CA MET D 28 92.22 -86.48 -18.78
C MET D 28 92.21 -85.04 -19.28
N ILE D 29 92.37 -84.10 -18.36
CA ILE D 29 92.32 -82.69 -18.71
C ILE D 29 93.60 -82.25 -19.38
N SER D 30 94.73 -82.74 -18.89
CA SER D 30 96.02 -82.31 -19.42
C SER D 30 96.42 -82.96 -20.73
N ASP D 31 95.97 -84.20 -20.96
CA ASP D 31 96.27 -84.87 -22.22
C ASP D 31 95.43 -84.28 -23.34
N PHE D 32 94.26 -83.78 -22.98
CA PHE D 32 93.34 -83.18 -23.93
C PHE D 32 93.88 -81.80 -24.35
N LYS D 33 93.99 -80.89 -23.39
CA LYS D 33 94.90 -79.75 -23.51
C LYS D 33 94.59 -78.77 -24.65
N GLY D 34 93.33 -78.39 -24.85
CA GLY D 34 92.30 -78.30 -23.85
C GLY D 34 92.12 -76.78 -23.70
N VAL D 35 90.99 -76.20 -24.12
CA VAL D 35 90.76 -74.78 -23.80
C VAL D 35 90.69 -74.63 -22.28
N GLN D 36 90.04 -75.59 -21.63
CA GLN D 36 89.90 -75.56 -20.19
C GLN D 36 91.23 -75.78 -19.52
N TYR D 37 92.05 -76.70 -20.04
CA TYR D 37 93.39 -76.91 -19.49
C TYR D 37 94.20 -75.63 -19.50
N GLU D 38 94.14 -74.90 -20.60
CA GLU D 38 94.90 -73.66 -20.70
C GLU D 38 94.37 -72.56 -19.76
N LYS D 39 93.06 -72.51 -19.55
CA LYS D 39 92.49 -71.59 -18.56
C LYS D 39 93.01 -71.94 -17.18
N TRP D 40 93.28 -73.23 -16.97
CA TRP D 40 93.68 -73.76 -15.68
C TRP D 40 95.06 -73.29 -15.32
N ILE D 41 95.98 -73.37 -16.28
CA ILE D 41 97.35 -72.89 -16.08
C ILE D 41 97.40 -71.45 -15.58
N THR D 42 96.50 -70.62 -16.05
CA THR D 42 96.47 -69.22 -15.65
C THR D 42 95.84 -69.04 -14.28
N ALA D 43 94.82 -69.84 -14.00
CA ALA D 43 94.15 -69.78 -12.72
C ALA D 43 95.08 -70.26 -11.59
N GLY D 44 95.88 -71.28 -11.89
CA GLY D 44 96.68 -71.94 -10.89
C GLY D 44 95.85 -72.97 -10.13
N LEU D 45 94.88 -72.50 -9.36
CA LEU D 45 93.99 -73.36 -8.59
C LEU D 45 92.57 -73.40 -9.15
N VAL D 46 91.99 -74.59 -9.25
CA VAL D 46 90.60 -74.70 -9.66
C VAL D 46 89.80 -75.60 -8.70
N MET D 47 88.53 -75.25 -8.46
CA MET D 47 87.62 -76.06 -7.63
C MET D 47 86.38 -76.44 -8.42
N PRO D 48 86.57 -77.19 -9.53
CA PRO D 48 85.56 -77.32 -10.57
C PRO D 48 84.24 -77.94 -10.09
N THR D 49 83.18 -77.62 -10.80
CA THR D 49 82.01 -78.48 -10.77
C THR D 49 82.01 -79.22 -12.11
N PHE D 50 82.31 -80.51 -12.08
CA PHE D 50 82.34 -81.34 -13.28
C PHE D 50 80.97 -81.93 -13.62
N LYS D 51 80.67 -82.03 -14.90
CA LYS D 51 79.64 -82.94 -15.37
C LYS D 51 80.41 -84.08 -16.01
N ILE D 52 80.24 -85.28 -15.48
CA ILE D 52 80.85 -86.43 -16.09
C ILE D 52 79.81 -87.09 -16.99
N VAL D 53 80.21 -87.44 -18.19
CA VAL D 53 79.32 -88.10 -19.11
C VAL D 53 79.98 -89.37 -19.63
N ILE D 54 79.30 -90.49 -19.50
CA ILE D 54 79.82 -91.74 -20.04
C ILE D 54 78.99 -92.13 -21.24
N ARG D 55 79.62 -92.15 -22.40
CA ARG D 55 78.95 -92.52 -23.63
C ARG D 55 79.09 -93.99 -23.95
N LEU D 56 77.96 -94.59 -24.32
CA LEU D 56 77.66 -95.94 -23.93
C LEU D 56 76.41 -96.30 -24.73
N PRO D 57 76.50 -97.31 -25.58
CA PRO D 57 75.31 -97.68 -26.38
C PRO D 57 74.24 -98.36 -25.53
N ALA D 58 73.04 -97.77 -25.50
CA ALA D 58 71.99 -98.33 -24.66
C ALA D 58 71.61 -99.73 -25.14
N ASN D 59 71.41 -100.65 -24.20
CA ASN D 59 71.02 -102.01 -24.58
C ASN D 59 70.26 -102.74 -23.47
N ALA D 60 69.07 -103.23 -23.79
CA ALA D 60 68.25 -103.87 -22.77
C ALA D 60 68.45 -105.40 -22.68
N PHE D 61 69.36 -105.92 -23.49
CA PHE D 61 69.50 -107.35 -23.62
C PHE D 61 70.77 -107.96 -23.02
N THR D 62 71.41 -107.26 -22.10
CA THR D 62 72.67 -107.75 -21.54
C THR D 62 72.62 -107.98 -20.03
N GLY D 63 71.95 -107.09 -19.30
CA GLY D 63 71.93 -107.19 -17.85
C GLY D 63 73.11 -106.50 -17.18
N LEU D 64 73.99 -105.93 -17.99
CA LEU D 64 75.20 -105.25 -17.53
C LEU D 64 74.94 -104.02 -16.68
N THR D 65 75.58 -103.98 -15.51
CA THR D 65 75.56 -102.79 -14.67
C THR D 65 76.98 -102.52 -14.21
N TRP D 66 77.44 -101.27 -14.38
CA TRP D 66 78.80 -100.89 -14.00
C TRP D 66 78.77 -99.90 -12.86
N VAL D 67 79.92 -99.75 -12.19
CA VAL D 67 80.06 -98.74 -11.16
C VAL D 67 81.20 -97.78 -11.43
N MET D 68 80.91 -96.49 -11.47
CA MET D 68 81.95 -95.48 -11.52
C MET D 68 82.18 -95.04 -10.10
N SER D 69 83.42 -95.18 -9.63
CA SER D 69 83.79 -94.84 -8.25
C SER D 69 84.73 -93.65 -8.27
N PHE D 70 84.34 -92.59 -7.57
CA PHE D 70 85.16 -91.38 -7.45
C PHE D 70 86.12 -91.52 -6.27
N ASP D 71 87.38 -91.82 -6.56
CA ASP D 71 88.37 -92.04 -5.54
C ASP D 71 89.38 -90.91 -5.50
N ALA D 72 89.01 -89.79 -4.88
CA ALA D 72 89.83 -88.58 -5.00
C ALA D 72 91.17 -88.71 -4.30
N TYR D 73 91.23 -89.63 -3.33
CA TYR D 73 92.42 -89.77 -2.51
C TYR D 73 93.12 -91.11 -2.69
N ASN D 74 92.80 -91.78 -3.78
CA ASN D 74 93.52 -92.97 -4.20
C ASN D 74 93.56 -94.07 -3.14
N ARG D 75 92.40 -94.41 -2.61
CA ARG D 75 92.33 -95.28 -1.44
C ARG D 75 92.00 -96.72 -1.78
N ILE D 76 91.27 -96.95 -2.88
CA ILE D 76 90.95 -98.34 -3.25
C ILE D 76 91.65 -98.87 -4.50
N THR D 77 92.42 -98.02 -5.18
CA THR D 77 93.07 -98.43 -6.43
C THR D 77 93.90 -99.72 -6.29
N SER D 78 94.82 -99.73 -5.33
CA SER D 78 95.68 -100.88 -5.06
C SER D 78 94.90 -102.18 -4.91
N ARG D 79 93.67 -102.07 -4.43
CA ARG D 79 92.93 -103.24 -3.99
C ARG D 79 91.98 -103.80 -5.04
N ILE D 80 91.78 -103.06 -6.14
CA ILE D 80 90.79 -103.48 -7.14
C ILE D 80 91.35 -103.78 -8.51
N THR D 81 92.67 -103.69 -8.69
CA THR D 81 93.22 -103.78 -10.05
C THR D 81 93.27 -105.20 -10.64
N ALA D 82 93.21 -106.21 -9.79
CA ALA D 82 93.12 -107.60 -10.25
C ALA D 82 91.67 -108.03 -10.38
N SER D 83 90.89 -107.66 -9.37
CA SER D 83 89.46 -107.92 -9.33
C SER D 83 88.83 -106.98 -8.31
N ALA D 84 87.65 -106.46 -8.64
CA ALA D 84 87.06 -105.46 -7.78
C ALA D 84 85.87 -105.98 -6.98
N ASP D 85 86.06 -106.20 -5.69
CA ASP D 85 84.96 -106.57 -4.83
C ASP D 85 84.07 -105.34 -4.63
N PRO D 86 82.75 -105.51 -4.81
CA PRO D 86 81.83 -104.38 -4.64
C PRO D 86 81.99 -103.65 -3.29
N VAL D 87 82.44 -104.34 -2.25
CA VAL D 87 82.67 -103.67 -0.97
C VAL D 87 83.67 -102.52 -1.10
N TYR D 88 84.71 -102.68 -1.91
CA TYR D 88 85.64 -101.59 -2.19
C TYR D 88 84.99 -100.53 -3.09
N THR D 89 84.42 -100.95 -4.21
CA THR D 89 83.97 -99.99 -5.22
C THR D 89 82.81 -99.12 -4.71
N LEU D 90 82.07 -99.62 -3.73
CA LEU D 90 80.90 -98.90 -3.20
C LEU D 90 81.21 -98.14 -1.91
N SER D 91 82.47 -98.22 -1.47
CA SER D 91 82.87 -97.60 -0.22
C SER D 91 83.29 -96.12 -0.37
N VAL D 92 83.35 -95.66 -1.61
CA VAL D 92 83.63 -94.25 -1.90
C VAL D 92 82.47 -93.72 -2.71
N PRO D 93 82.37 -92.38 -2.87
CA PRO D 93 81.27 -91.87 -3.71
C PRO D 93 81.24 -92.58 -5.06
N HIS D 94 80.03 -92.96 -5.50
CA HIS D 94 79.91 -93.80 -6.67
C HIS D 94 78.53 -93.72 -7.32
N TRP D 95 78.45 -94.21 -8.55
CA TRP D 95 77.22 -94.13 -9.33
C TRP D 95 76.99 -95.44 -10.07
N LEU D 96 75.73 -95.89 -10.08
CA LEU D 96 75.40 -97.08 -10.85
C LEU D 96 75.11 -96.73 -12.28
N ILE D 97 75.75 -97.45 -13.20
CA ILE D 97 75.53 -97.22 -14.62
C ILE D 97 74.82 -98.42 -15.23
N HIS D 98 73.55 -98.24 -15.56
CA HIS D 98 72.73 -99.31 -16.10
C HIS D 98 72.78 -99.31 -17.62
N HIS D 99 73.05 -100.48 -18.20
CA HIS D 99 73.25 -100.61 -19.64
C HIS D 99 71.94 -100.30 -20.36
N LYS D 100 70.83 -100.62 -19.72
CA LYS D 100 69.54 -100.39 -20.36
C LYS D 100 69.28 -98.90 -20.58
N LEU D 101 69.90 -98.04 -19.79
CA LEU D 101 69.66 -96.59 -19.85
C LEU D 101 70.59 -95.85 -20.78
N GLY D 102 71.58 -96.56 -21.30
CA GLY D 102 72.54 -95.96 -22.22
C GLY D 102 73.44 -94.91 -21.62
N THR D 103 73.66 -93.84 -22.38
CA THR D 103 74.57 -92.77 -21.97
C THR D 103 74.22 -92.23 -20.58
N PHE D 104 75.24 -92.08 -19.75
CA PHE D 104 75.08 -91.74 -18.35
C PHE D 104 75.72 -90.41 -18.03
N SER D 105 75.11 -89.69 -17.10
CA SER D 105 75.64 -88.39 -16.70
C SER D 105 75.44 -88.11 -15.19
N CYS D 106 76.39 -87.42 -14.57
CA CYS D 106 76.22 -86.97 -13.20
C CYS D 106 77.07 -85.75 -12.91
N GLU D 107 76.79 -85.08 -11.78
CA GLU D 107 77.59 -83.92 -11.38
C GLU D 107 78.48 -84.22 -10.20
N ILE D 108 79.69 -83.70 -10.27
CA ILE D 108 80.62 -83.85 -9.18
C ILE D 108 81.01 -82.45 -8.76
N ASP D 109 80.53 -82.02 -7.61
CA ASP D 109 81.01 -80.77 -7.04
C ASP D 109 82.32 -81.08 -6.32
N TYR D 110 83.43 -80.74 -6.98
CA TYR D 110 84.75 -81.09 -6.48
C TYR D 110 85.02 -80.45 -5.12
N GLY D 111 84.33 -79.35 -4.85
CA GLY D 111 84.35 -78.73 -3.54
C GLY D 111 83.86 -79.62 -2.41
N GLU D 112 82.77 -80.36 -2.66
CA GLU D 112 82.22 -81.28 -1.66
C GLU D 112 82.91 -82.65 -1.70
N LEU D 113 82.80 -83.35 -2.83
CA LEU D 113 83.31 -84.71 -2.93
C LEU D 113 84.82 -84.85 -2.73
N CYS D 114 85.55 -83.77 -2.98
CA CYS D 114 86.99 -83.82 -2.79
C CYS D 114 87.49 -82.92 -1.65
N GLY D 115 87.25 -81.62 -1.73
CA GLY D 115 87.57 -80.71 -0.64
C GLY D 115 88.77 -79.79 -0.80
N HIS D 116 89.73 -80.17 -1.63
CA HIS D 116 90.87 -79.30 -1.91
C HIS D 116 90.96 -78.94 -3.40
N ALA D 117 91.45 -77.73 -3.68
CA ALA D 117 91.56 -77.24 -5.04
C ALA D 117 92.74 -77.83 -5.82
N MET D 118 92.54 -77.99 -7.13
CA MET D 118 93.55 -78.64 -7.97
C MET D 118 94.60 -77.69 -8.50
N TRP D 119 95.87 -78.04 -8.32
CA TRP D 119 96.98 -77.22 -8.75
C TRP D 119 97.43 -77.66 -10.15
N PHE D 120 97.54 -76.71 -11.06
CA PHE D 120 97.78 -77.02 -12.46
C PHE D 120 99.04 -77.81 -12.74
N LYS D 121 100.10 -77.59 -11.97
CA LYS D 121 101.40 -78.16 -12.31
C LYS D 121 101.69 -79.55 -11.74
N SER D 122 101.02 -79.92 -10.66
CA SER D 122 101.29 -81.19 -10.01
C SER D 122 100.21 -81.57 -9.02
N THR D 123 100.14 -82.85 -8.71
CA THR D 123 99.25 -83.32 -7.69
C THR D 123 99.69 -82.75 -6.34
N THR D 124 98.73 -82.26 -5.55
CA THR D 124 99.03 -81.75 -4.21
C THR D 124 99.09 -82.90 -3.20
N PHE D 125 97.97 -83.56 -2.95
CA PHE D 125 98.00 -84.67 -2.02
C PHE D 125 98.11 -85.99 -2.75
N GLU D 126 96.97 -86.56 -3.13
CA GLU D 126 97.05 -87.68 -4.03
C GLU D 126 96.30 -87.31 -5.30
N SER D 127 96.52 -88.11 -6.34
CA SER D 127 95.96 -87.87 -7.68
C SER D 127 94.57 -88.48 -7.83
N PRO D 128 93.54 -87.64 -8.08
CA PRO D 128 92.12 -88.05 -8.14
C PRO D 128 91.81 -89.01 -9.28
N ARG D 129 91.18 -90.14 -8.99
CA ARG D 129 90.88 -91.15 -10.00
C ARG D 129 89.38 -91.45 -10.14
N LEU D 130 89.00 -91.87 -11.34
CA LEU D 130 87.70 -92.50 -11.58
C LEU D 130 87.92 -94.00 -11.91
N HIS D 131 87.32 -94.88 -11.12
CA HIS D 131 87.43 -96.31 -11.36
C HIS D 131 86.17 -96.85 -12.04
N PHE D 132 86.36 -97.71 -13.03
CA PHE D 132 85.23 -98.35 -13.69
C PHE D 132 85.24 -99.85 -13.53
N THR D 133 84.22 -100.35 -12.87
CA THR D 133 84.13 -101.76 -12.52
C THR D 133 82.76 -102.31 -12.92
N CYS D 134 82.68 -103.61 -13.09
CA CYS D 134 81.42 -104.23 -13.46
C CYS D 134 80.74 -104.81 -12.22
N LEU D 135 79.53 -104.34 -11.92
CA LEU D 135 78.84 -104.73 -10.69
C LEU D 135 78.06 -106.02 -10.89
N THR D 136 77.31 -106.07 -11.99
CA THR D 136 76.57 -107.25 -12.39
C THR D 136 76.97 -107.56 -13.83
N GLY D 137 77.30 -108.83 -14.10
CA GLY D 137 77.77 -109.24 -15.42
C GLY D 137 76.72 -109.41 -16.50
N ASN D 138 77.18 -109.57 -17.73
CA ASN D 138 76.26 -109.84 -18.83
C ASN D 138 75.73 -111.27 -18.72
N ASN D 139 74.52 -111.50 -19.23
CA ASN D 139 73.85 -112.77 -19.07
C ASN D 139 74.54 -113.85 -19.91
N LYS D 140 75.13 -113.41 -21.01
CA LYS D 140 75.94 -114.24 -21.91
C LYS D 140 76.92 -113.27 -22.54
N GLU D 141 78.05 -113.75 -23.05
CA GLU D 141 79.01 -112.81 -23.63
C GLU D 141 78.39 -112.09 -24.83
N LEU D 142 78.93 -110.91 -25.14
CA LEU D 142 78.45 -110.17 -26.29
C LEU D 142 79.21 -110.62 -27.53
N ALA D 143 78.93 -109.98 -28.66
CA ALA D 143 79.50 -110.42 -29.92
C ALA D 143 81.00 -110.13 -30.02
N ALA D 144 81.44 -109.00 -29.46
CA ALA D 144 82.84 -108.59 -29.59
C ALA D 144 83.24 -107.62 -28.49
N ASP D 145 84.54 -107.42 -28.33
CA ASP D 145 85.05 -106.39 -27.44
C ASP D 145 84.54 -105.01 -27.91
N TRP D 146 84.35 -104.09 -26.98
CA TRP D 146 83.92 -102.73 -27.33
C TRP D 146 84.52 -101.70 -26.38
N GLN D 147 84.12 -100.44 -26.54
CA GLN D 147 84.60 -99.39 -25.64
C GLN D 147 83.51 -98.38 -25.29
N ALA D 148 83.69 -97.73 -24.16
CA ALA D 148 82.87 -96.60 -23.77
C ALA D 148 83.75 -95.35 -23.65
N VAL D 149 83.17 -94.17 -23.87
CA VAL D 149 83.92 -92.92 -23.78
C VAL D 149 83.53 -92.12 -22.55
N VAL D 150 84.51 -91.65 -21.79
CA VAL D 150 84.24 -90.86 -20.59
C VAL D 150 84.62 -89.41 -20.84
N GLU D 151 83.72 -88.49 -20.57
CA GLU D 151 83.97 -87.08 -20.85
C GLU D 151 83.79 -86.19 -19.62
N LEU D 152 84.71 -85.25 -19.41
CA LEU D 152 84.60 -84.26 -18.36
C LEU D 152 84.22 -82.92 -18.95
N TYR D 153 83.09 -82.36 -18.51
CA TYR D 153 82.67 -81.03 -18.92
C TYR D 153 82.78 -80.12 -17.71
N ALA D 154 83.31 -78.93 -17.93
CA ALA D 154 83.50 -77.97 -16.84
C ALA D 154 83.78 -76.60 -17.40
N GLU D 155 83.43 -75.56 -16.65
CA GLU D 155 83.92 -74.23 -16.96
C GLU D 155 84.86 -73.80 -15.85
N LEU D 156 86.15 -74.08 -16.02
CA LEU D 156 87.13 -73.84 -14.97
C LEU D 156 87.34 -72.36 -14.72
N GLU D 157 87.25 -71.96 -13.45
CA GLU D 157 87.61 -70.60 -13.06
C GLU D 157 88.52 -70.63 -11.84
N GLU D 158 89.24 -69.55 -11.63
CA GLU D 158 90.24 -69.53 -10.57
C GLU D 158 89.59 -69.71 -9.23
N ALA D 159 90.18 -70.59 -8.42
CA ALA D 159 89.71 -70.84 -7.06
C ALA D 159 90.18 -69.77 -6.09
N THR D 160 89.26 -69.33 -5.25
CA THR D 160 89.53 -68.27 -4.30
C THR D 160 90.21 -68.80 -3.02
N SER D 161 89.88 -70.03 -2.61
CA SER D 161 90.43 -70.64 -1.40
C SER D 161 91.05 -72.00 -1.69
N PHE D 162 91.93 -72.49 -0.82
CA PHE D 162 92.46 -73.83 -1.00
C PHE D 162 91.44 -74.91 -0.64
N LEU D 163 90.69 -74.65 0.43
CA LEU D 163 89.79 -75.64 0.99
C LEU D 163 88.35 -75.43 0.54
N GLY D 164 87.62 -76.53 0.35
CA GLY D 164 86.20 -76.48 0.08
C GLY D 164 85.38 -76.17 1.31
N LYS D 165 84.11 -76.54 1.29
CA LYS D 165 83.29 -76.49 2.48
C LYS D 165 83.32 -77.90 3.03
N PRO D 166 83.39 -78.04 4.35
CA PRO D 166 83.52 -79.36 4.98
C PRO D 166 82.26 -80.22 4.78
N THR D 167 82.46 -81.42 4.26
CA THR D 167 81.42 -82.45 4.14
C THR D 167 80.79 -82.80 5.51
N LEU D 168 81.59 -82.78 6.57
CA LEU D 168 81.14 -83.25 7.87
C LEU D 168 81.81 -82.48 9.02
N VAL D 169 81.05 -82.15 10.06
CA VAL D 169 81.66 -81.54 11.24
C VAL D 169 81.37 -82.39 12.44
N PHE D 170 82.43 -82.70 13.21
CA PHE D 170 82.31 -83.69 14.26
C PHE D 170 81.32 -83.30 15.34
N ASP D 171 80.41 -84.22 15.61
CA ASP D 171 79.38 -84.08 16.63
C ASP D 171 78.84 -85.48 16.97
N PRO D 172 79.05 -85.90 18.22
CA PRO D 172 78.71 -87.23 18.74
C PRO D 172 77.21 -87.47 18.72
N GLY D 173 76.48 -86.41 19.06
CA GLY D 173 75.05 -86.48 19.21
C GLY D 173 74.28 -86.23 17.92
N VAL D 174 74.98 -86.32 16.78
CA VAL D 174 74.33 -86.02 15.51
C VAL D 174 74.66 -87.00 14.36
N PHE D 175 73.70 -87.91 14.22
CA PHE D 175 73.51 -88.82 13.11
C PHE D 175 72.02 -88.67 12.81
N ASN D 176 71.69 -87.93 11.76
CA ASN D 176 70.31 -87.68 11.35
C ASN D 176 69.50 -88.97 11.10
N GLY D 177 70.02 -89.85 10.26
CA GLY D 177 69.27 -91.00 9.83
C GLY D 177 69.18 -91.01 8.32
N LYS D 178 69.68 -89.95 7.67
CA LYS D 178 69.78 -89.87 6.22
C LYS D 178 71.17 -90.35 5.75
N PHE D 179 71.23 -91.06 4.63
CA PHE D 179 72.49 -91.56 4.10
C PHE D 179 72.74 -91.04 2.69
N GLN D 180 74.01 -90.99 2.29
CA GLN D 180 74.34 -90.89 0.87
C GLN D 180 75.31 -92.01 0.52
N PHE D 181 75.23 -92.49 -0.71
CA PHE D 181 76.17 -93.49 -1.22
C PHE D 181 76.20 -94.77 -0.41
N LEU D 182 75.04 -95.16 0.10
CA LEU D 182 74.91 -96.43 0.79
C LEU D 182 74.30 -97.43 -0.15
N THR D 183 75.16 -98.22 -0.78
CA THR D 183 74.74 -99.24 -1.75
C THR D 183 75.18 -100.61 -1.26
N CYS D 184 74.26 -101.56 -1.20
CA CYS D 184 74.57 -102.92 -0.80
C CYS D 184 75.09 -103.71 -1.99
N PRO D 185 76.12 -104.52 -1.78
CA PRO D 185 76.57 -105.41 -2.84
C PRO D 185 75.41 -106.24 -3.38
N PRO D 186 75.53 -106.67 -4.64
CA PRO D 186 74.43 -107.32 -5.33
C PRO D 186 74.01 -108.61 -4.64
N ILE D 187 72.70 -108.82 -4.59
CA ILE D 187 72.08 -110.04 -4.12
C ILE D 187 71.65 -110.90 -5.34
N PHE D 188 71.89 -112.21 -5.32
CA PHE D 188 71.60 -113.02 -6.51
C PHE D 188 70.53 -114.09 -6.33
N PHE D 189 69.68 -114.26 -7.33
CA PHE D 189 68.66 -115.34 -7.30
C PHE D 189 68.87 -116.34 -8.44
N ASP D 190 68.85 -117.62 -8.10
CA ASP D 190 69.03 -118.67 -9.11
C ASP D 190 67.71 -118.92 -9.78
N LEU D 191 67.73 -119.23 -11.07
CA LEU D 191 66.47 -119.50 -11.74
C LEU D 191 66.11 -120.98 -11.69
N THR D 192 67.00 -121.75 -11.07
CA THR D 192 66.75 -123.16 -10.82
C THR D 192 66.03 -123.38 -9.49
N ALA D 193 65.46 -122.32 -8.96
CA ALA D 193 64.78 -122.38 -7.67
C ALA D 193 63.41 -121.75 -7.74
N VAL D 194 62.40 -122.54 -7.39
CA VAL D 194 61.02 -122.05 -7.45
C VAL D 194 60.71 -120.89 -6.48
N THR D 195 61.31 -120.93 -5.29
CA THR D 195 61.30 -119.78 -4.39
C THR D 195 62.67 -119.65 -3.76
N ALA D 196 62.94 -118.51 -3.11
CA ALA D 196 64.20 -118.33 -2.42
C ALA D 196 64.18 -117.17 -1.47
N LEU D 197 65.12 -117.18 -0.54
CA LEU D 197 65.28 -116.05 0.37
C LEU D 197 66.68 -115.50 0.28
N ARG D 198 66.78 -114.17 0.30
CA ARG D 198 68.08 -113.52 0.51
C ARG D 198 67.98 -112.48 1.60
N SER D 199 68.83 -112.62 2.61
CA SER D 199 68.83 -111.66 3.70
C SER D 199 69.85 -110.54 3.50
N ALA D 200 69.46 -109.34 3.92
CA ALA D 200 70.41 -108.24 4.05
C ALA D 200 70.40 -107.80 5.51
N GLY D 201 71.56 -107.83 6.16
CA GLY D 201 71.64 -107.42 7.55
C GLY D 201 71.35 -105.94 7.71
N LEU D 202 70.72 -105.57 8.81
CA LEU D 202 70.41 -104.16 9.05
C LEU D 202 71.26 -103.61 10.20
N THR D 203 72.27 -104.37 10.57
CA THR D 203 73.23 -103.94 11.59
C THR D 203 74.30 -103.06 10.94
N LEU D 204 73.91 -101.85 10.58
CA LEU D 204 74.66 -101.01 9.64
C LEU D 204 75.94 -100.40 10.16
N GLY D 205 76.19 -100.51 11.45
CA GLY D 205 77.45 -100.01 12.02
C GLY D 205 78.60 -100.99 11.87
N GLN D 206 78.27 -102.20 11.41
CA GLN D 206 79.25 -103.27 11.27
C GLN D 206 80.21 -102.87 10.15
N VAL D 207 81.51 -103.07 10.36
CA VAL D 207 82.46 -102.74 9.31
C VAL D 207 82.54 -103.87 8.29
N PRO D 208 82.38 -103.54 7.00
CA PRO D 208 82.36 -104.52 5.90
C PRO D 208 83.73 -105.13 5.70
N MET D 209 83.77 -106.36 5.22
CA MET D 209 85.06 -107.01 5.02
C MET D 209 85.21 -107.68 3.66
N VAL D 210 86.45 -107.78 3.21
CA VAL D 210 86.77 -108.49 1.99
C VAL D 210 87.89 -109.40 2.39
N GLY D 211 87.56 -110.66 2.62
CA GLY D 211 88.52 -111.59 3.19
C GLY D 211 88.88 -111.16 4.60
N THR D 212 90.17 -110.94 4.85
CA THR D 212 90.63 -110.50 6.16
C THR D 212 90.74 -108.98 6.26
N THR D 213 90.46 -108.30 5.15
CA THR D 213 90.61 -106.86 5.07
C THR D 213 89.34 -106.10 5.53
N LYS D 214 89.49 -105.25 6.54
CA LYS D 214 88.41 -104.39 6.99
C LYS D 214 88.33 -103.17 6.08
N VAL D 215 87.13 -102.81 5.65
CA VAL D 215 86.98 -101.63 4.82
C VAL D 215 86.19 -100.56 5.55
N TYR D 216 86.87 -99.72 6.31
CA TYR D 216 86.20 -98.67 7.06
C TYR D 216 85.57 -97.69 6.07
N ASN D 217 84.33 -97.27 6.35
CA ASN D 217 83.69 -96.28 5.49
C ASN D 217 82.82 -95.35 6.28
N LEU D 218 82.51 -94.19 5.72
CA LEU D 218 81.75 -93.19 6.46
C LEU D 218 80.38 -93.65 6.92
N ASN D 219 79.66 -94.37 6.08
CA ASN D 219 78.31 -94.78 6.48
C ASN D 219 78.26 -95.66 7.72
N SER D 220 79.04 -96.73 7.74
CA SER D 220 79.08 -97.59 8.94
C SER D 220 79.59 -96.79 10.13
N THR D 221 80.54 -95.90 9.89
CA THR D 221 81.06 -95.05 10.94
C THR D 221 79.94 -94.19 11.53
N LEU D 222 79.11 -93.60 10.67
CA LEU D 222 78.01 -92.77 11.14
C LEU D 222 77.07 -93.57 12.03
N VAL D 223 76.62 -94.72 11.52
CA VAL D 223 75.70 -95.56 12.28
C VAL D 223 76.28 -95.93 13.65
N SER D 224 77.60 -96.11 13.71
CA SER D 224 78.23 -96.50 14.96
C SER D 224 78.14 -95.38 16.04
N CYS D 225 77.78 -94.17 15.62
CA CYS D 225 77.63 -93.03 16.53
C CYS D 225 76.37 -93.10 17.37
N VAL D 226 75.62 -94.17 17.16
CA VAL D 226 74.35 -94.38 17.80
C VAL D 226 74.35 -95.80 18.39
N LEU D 227 73.48 -96.05 19.39
CA LEU D 227 73.47 -97.37 20.00
C LEU D 227 72.62 -98.33 19.19
N GLY D 228 71.61 -97.81 18.50
CA GLY D 228 70.74 -98.63 17.68
C GLY D 228 69.71 -97.75 17.04
N MET D 229 68.86 -98.34 16.21
CA MET D 229 67.90 -97.56 15.42
C MET D 229 66.68 -98.40 15.08
N GLY D 230 65.54 -97.73 15.03
CA GLY D 230 64.30 -98.34 14.58
C GLY D 230 63.66 -97.38 13.60
N GLY D 231 62.59 -97.81 12.95
CA GLY D 231 61.91 -96.94 12.03
C GLY D 231 61.65 -97.62 10.71
N THR D 232 61.56 -96.81 9.66
CA THR D 232 61.33 -97.37 8.35
C THR D 232 62.49 -97.13 7.40
N VAL D 233 62.91 -98.22 6.74
CA VAL D 233 64.00 -98.18 5.78
C VAL D 233 63.44 -97.72 4.44
N ARG D 234 63.83 -96.53 3.97
CA ARG D 234 63.46 -96.07 2.63
C ARG D 234 64.63 -96.32 1.68
N GLY D 235 64.37 -97.02 0.59
CA GLY D 235 65.43 -97.32 -0.34
C GLY D 235 64.95 -97.47 -1.76
N ARG D 236 65.86 -97.91 -2.63
CA ARG D 236 65.52 -98.20 -3.99
C ARG D 236 66.03 -99.59 -4.34
N VAL D 237 65.28 -100.30 -5.16
CA VAL D 237 65.67 -101.60 -5.66
C VAL D 237 65.92 -101.54 -7.18
N HIS D 238 67.08 -102.04 -7.61
CA HIS D 238 67.35 -102.18 -9.03
C HIS D 238 67.41 -103.63 -9.46
N ILE D 239 66.63 -103.97 -10.48
CA ILE D 239 66.67 -105.30 -11.02
C ILE D 239 67.58 -105.30 -12.23
N CYS D 240 68.74 -105.93 -12.07
CA CYS D 240 69.84 -105.81 -13.04
C CYS D 240 69.96 -107.01 -13.97
N ALA D 241 68.97 -107.18 -14.83
CA ALA D 241 68.94 -108.29 -15.76
C ALA D 241 68.33 -107.83 -17.07
N PRO D 242 68.47 -108.66 -18.13
CA PRO D 242 67.89 -108.38 -19.45
C PRO D 242 66.34 -108.27 -19.40
N ILE D 243 65.69 -107.57 -20.34
CA ILE D 243 64.21 -107.43 -20.33
C ILE D 243 63.49 -108.75 -20.30
N PHE D 244 64.17 -109.81 -20.75
CA PHE D 244 63.54 -111.13 -20.83
C PHE D 244 63.68 -111.96 -19.55
N TYR D 245 64.35 -111.39 -18.56
CA TYR D 245 64.35 -111.92 -17.19
C TYR D 245 63.28 -111.17 -16.40
N SER D 246 62.61 -111.85 -15.47
CA SER D 246 61.67 -111.14 -14.59
C SER D 246 61.42 -111.89 -13.30
N ILE D 247 61.01 -111.13 -12.29
CA ILE D 247 60.88 -111.68 -10.97
C ILE D 247 59.83 -110.91 -10.16
N VAL D 248 59.28 -111.55 -9.14
CA VAL D 248 58.42 -110.88 -8.17
C VAL D 248 58.91 -111.16 -6.76
N LEU D 249 59.15 -110.10 -5.99
CA LEU D 249 59.71 -110.24 -4.66
C LEU D 249 58.72 -109.77 -3.59
N TRP D 250 58.71 -110.49 -2.47
CA TRP D 250 58.08 -110.01 -1.24
C TRP D 250 59.21 -109.54 -0.34
N VAL D 251 59.21 -108.26 0.00
CA VAL D 251 60.29 -107.68 0.79
C VAL D 251 59.78 -107.27 2.16
N VAL D 252 60.35 -107.90 3.19
CA VAL D 252 59.84 -107.68 4.54
C VAL D 252 60.97 -107.75 5.57
N SER D 253 60.74 -107.18 6.75
CA SER D 253 61.72 -107.25 7.83
C SER D 253 61.39 -108.35 8.86
N GLU D 254 62.40 -109.08 9.29
CA GLU D 254 62.22 -110.13 10.28
C GLU D 254 63.29 -110.09 11.38
N TRP D 255 62.94 -110.60 12.56
CA TRP D 255 63.85 -110.57 13.70
C TRP D 255 64.35 -111.96 14.06
N ASN D 256 65.65 -112.09 14.21
CA ASN D 256 66.29 -113.33 14.65
C ASN D 256 65.82 -114.58 13.92
N GLY D 257 66.28 -114.77 12.70
CA GLY D 257 65.85 -115.90 11.91
C GLY D 257 64.67 -115.50 11.05
N THR D 258 64.05 -116.49 10.42
CA THR D 258 62.91 -116.21 9.55
C THR D 258 61.85 -117.23 9.84
N THR D 259 60.59 -116.88 9.59
CA THR D 259 59.52 -117.84 9.77
C THR D 259 59.57 -118.87 8.67
N MET D 260 59.08 -120.08 8.98
CA MET D 260 59.11 -121.15 8.02
C MET D 260 57.71 -121.36 7.42
N ASP D 261 56.76 -120.60 7.93
CA ASP D 261 55.35 -120.70 7.55
C ASP D 261 54.97 -119.61 6.57
N TRP D 262 54.74 -119.99 5.31
CA TRP D 262 54.37 -119.03 4.27
C TRP D 262 53.17 -118.16 4.64
N ASN D 263 52.23 -118.70 5.41
CA ASN D 263 51.07 -117.90 5.78
C ASN D 263 51.38 -116.83 6.82
N GLU D 264 52.26 -117.16 7.76
CA GLU D 264 52.70 -116.16 8.73
C GLU D 264 53.46 -115.06 7.99
N LEU D 265 54.32 -115.47 7.07
CA LEU D 265 55.15 -114.55 6.30
C LEU D 265 54.34 -113.43 5.68
N PHE D 266 53.14 -113.76 5.20
CA PHE D 266 52.32 -112.77 4.51
C PHE D 266 51.35 -112.03 5.42
N LYS D 267 51.45 -112.29 6.71
CA LYS D 267 50.73 -111.49 7.68
C LYS D 267 51.64 -110.35 8.17
N TYR D 268 52.92 -110.38 7.77
CA TYR D 268 53.85 -109.31 8.12
C TYR D 268 53.62 -108.13 7.19
N PRO D 269 54.05 -106.92 7.62
CA PRO D 269 53.97 -105.71 6.79
C PRO D 269 55.13 -105.56 5.81
N GLY D 270 55.00 -106.19 4.66
CA GLY D 270 55.99 -106.10 3.60
C GLY D 270 55.46 -105.40 2.36
N VAL D 271 56.28 -105.39 1.31
CA VAL D 271 55.93 -104.75 0.05
C VAL D 271 56.30 -105.66 -1.10
N TYR D 272 55.61 -105.55 -2.23
CA TYR D 272 55.96 -106.33 -3.42
C TYR D 272 56.86 -105.50 -4.32
N VAL D 273 57.86 -106.14 -4.92
CA VAL D 273 58.73 -105.47 -5.88
C VAL D 273 58.75 -106.29 -7.17
N GLU D 274 58.28 -105.69 -8.26
CA GLU D 274 58.22 -106.39 -9.55
C GLU D 274 59.25 -105.79 -10.50
N GLU D 275 59.76 -104.61 -10.16
CA GLU D 275 60.58 -103.85 -11.08
C GLU D 275 61.34 -102.74 -10.37
N ASP D 276 62.31 -102.13 -11.06
CA ASP D 276 63.06 -100.99 -10.53
C ASP D 276 62.08 -100.05 -9.81
N GLY D 277 62.45 -99.57 -8.63
CA GLY D 277 61.61 -98.64 -7.90
C GLY D 277 62.06 -98.42 -6.46
N SER D 278 61.39 -97.54 -5.74
CA SER D 278 61.69 -97.31 -4.33
C SER D 278 60.81 -98.20 -3.46
N PHE D 279 61.16 -98.32 -2.18
CA PHE D 279 60.41 -99.16 -1.23
C PHE D 279 60.56 -98.59 0.18
N GLU D 280 59.56 -98.83 1.03
CA GLU D 280 59.69 -98.51 2.46
C GLU D 280 59.30 -99.74 3.25
N VAL D 281 60.19 -100.21 4.12
CA VAL D 281 59.87 -101.35 4.97
C VAL D 281 60.18 -101.00 6.42
N LYS D 282 59.25 -101.32 7.31
CA LYS D 282 59.42 -101.06 8.74
C LYS D 282 60.44 -102.05 9.29
N ILE D 283 61.39 -101.52 10.09
CA ILE D 283 62.32 -102.36 10.82
C ILE D 283 61.59 -103.09 11.96
N ARG D 284 61.55 -104.41 11.86
CA ARG D 284 60.78 -105.23 12.77
C ARG D 284 61.64 -105.80 13.92
N SER D 285 61.26 -105.53 15.17
CA SER D 285 62.07 -105.97 16.30
C SER D 285 61.29 -105.91 17.60
N PRO D 286 61.58 -106.85 18.51
CA PRO D 286 60.97 -106.94 19.84
C PRO D 286 61.16 -105.66 20.63
N TYR D 287 62.18 -104.90 20.27
CA TYR D 287 62.54 -103.68 20.98
C TYR D 287 62.28 -102.45 20.12
N HIS D 288 61.74 -102.71 18.93
CA HIS D 288 61.41 -101.67 17.96
C HIS D 288 62.66 -101.05 17.33
N ARG D 289 63.82 -101.44 17.83
CA ARG D 289 65.09 -100.98 17.29
C ARG D 289 65.99 -102.19 17.13
N THR D 290 66.94 -102.11 16.19
CA THR D 290 68.02 -103.10 16.08
C THR D 290 69.34 -102.42 16.48
N PRO D 291 70.23 -103.16 17.16
CA PRO D 291 71.49 -102.57 17.63
C PRO D 291 72.40 -102.19 16.47
N ALA D 292 73.17 -101.13 16.67
CA ALA D 292 74.06 -100.57 15.66
C ALA D 292 75.24 -101.48 15.32
N ARG D 293 75.78 -102.15 16.34
CA ARG D 293 76.87 -103.09 16.11
C ARG D 293 76.68 -104.42 16.86
N LEU D 294 77.46 -105.43 16.49
CA LEU D 294 77.34 -106.73 17.14
C LEU D 294 78.28 -106.89 18.33
N LEU D 295 77.83 -107.66 19.32
CA LEU D 295 78.70 -108.12 20.39
C LEU D 295 79.40 -109.40 19.94
N ALA D 296 80.18 -110.00 20.83
CA ALA D 296 80.97 -111.16 20.46
C ALA D 296 80.05 -112.34 20.18
N GLY D 297 80.31 -113.08 19.10
CA GLY D 297 79.52 -114.25 18.77
C GLY D 297 78.06 -114.02 18.34
N GLN D 298 77.67 -112.76 18.27
CA GLN D 298 76.40 -112.39 17.65
C GLN D 298 76.55 -112.38 16.12
N SER D 299 75.44 -112.64 15.45
CA SER D 299 75.43 -112.73 13.99
C SER D 299 74.45 -111.70 13.50
N GLN D 300 74.65 -111.22 12.29
CA GLN D 300 73.80 -110.15 11.83
C GLN D 300 72.34 -110.63 11.71
N ARG D 301 72.16 -111.94 11.55
CA ARG D 301 70.83 -112.49 11.37
C ARG D 301 70.11 -112.62 12.70
N ASP D 302 70.89 -112.59 13.78
CA ASP D 302 70.33 -112.59 15.12
C ASP D 302 69.42 -111.39 15.42
N MET D 303 69.60 -110.29 14.66
CA MET D 303 68.84 -109.06 14.89
C MET D 303 67.80 -108.83 13.78
N SER D 304 67.57 -107.55 13.47
CA SER D 304 66.63 -107.17 12.43
C SER D 304 67.29 -107.20 11.05
N SER D 305 66.62 -107.83 10.09
CA SER D 305 67.14 -107.94 8.73
C SER D 305 66.08 -107.52 7.71
N LEU D 306 66.55 -107.12 6.54
CA LEU D 306 65.69 -106.78 5.42
C LEU D 306 65.72 -107.98 4.49
N ASN D 307 64.60 -108.71 4.44
CA ASN D 307 64.55 -109.99 3.72
C ASN D 307 63.89 -109.93 2.35
N PHE D 308 64.56 -110.51 1.36
CA PHE D 308 64.05 -110.52 -0.01
C PHE D 308 63.63 -111.93 -0.41
N TYR D 309 62.31 -112.13 -0.46
CA TYR D 309 61.72 -113.42 -0.81
C TYR D 309 61.29 -113.43 -2.28
N ALA D 310 61.90 -114.30 -3.07
CA ALA D 310 61.42 -114.51 -4.42
C ALA D 310 60.17 -115.40 -4.37
N ILE D 311 59.01 -114.83 -4.67
CA ILE D 311 57.77 -115.58 -4.60
C ILE D 311 57.22 -116.04 -5.95
N ALA D 312 57.73 -115.43 -7.03
CA ALA D 312 57.43 -115.88 -8.38
C ALA D 312 58.60 -115.64 -9.30
N GLY D 313 59.26 -116.70 -9.74
CA GLY D 313 60.48 -116.55 -10.51
C GLY D 313 61.72 -116.58 -9.63
N PRO D 314 62.84 -116.08 -10.15
CA PRO D 314 62.96 -115.47 -11.47
C PRO D 314 62.69 -116.45 -12.59
N ILE D 315 62.22 -115.93 -13.73
CA ILE D 315 62.11 -116.74 -14.95
C ILE D 315 62.91 -116.11 -16.09
N ALA D 316 63.31 -116.96 -17.03
CA ALA D 316 63.98 -116.49 -18.24
C ALA D 316 63.77 -117.56 -19.29
N PRO D 317 63.94 -117.20 -20.57
CA PRO D 317 63.82 -118.17 -21.66
C PRO D 317 64.94 -119.20 -21.59
N SER D 318 64.78 -120.37 -22.19
CA SER D 318 65.91 -121.29 -22.20
C SER D 318 66.80 -120.83 -23.33
N GLY D 319 68.12 -121.06 -23.22
CA GLY D 319 68.74 -121.64 -22.05
C GLY D 319 69.61 -120.56 -21.46
N GLU D 320 68.99 -119.74 -20.64
CA GLU D 320 69.73 -118.75 -19.89
C GLU D 320 70.21 -119.43 -18.63
N THR D 321 71.34 -118.95 -18.08
CA THR D 321 71.92 -119.61 -16.94
C THR D 321 72.28 -118.62 -15.85
N ALA D 322 72.45 -117.37 -16.27
CA ALA D 322 72.85 -116.30 -15.35
C ALA D 322 71.89 -116.15 -14.20
N GLN D 323 72.41 -115.81 -13.03
CA GLN D 323 71.54 -115.49 -11.91
C GLN D 323 70.95 -114.11 -12.12
N LEU D 324 69.83 -113.83 -11.47
CA LEU D 324 69.22 -112.51 -11.55
C LEU D 324 69.65 -111.69 -10.35
N PRO D 325 70.40 -110.62 -10.58
CA PRO D 325 70.91 -109.77 -9.51
C PRO D 325 69.97 -108.63 -9.11
N ILE D 326 69.91 -108.36 -7.82
CA ILE D 326 69.15 -107.25 -7.25
C ILE D 326 70.15 -106.35 -6.55
N VAL D 327 70.19 -105.08 -6.92
CA VAL D 327 71.02 -104.12 -6.19
C VAL D 327 70.16 -103.23 -5.30
N VAL D 328 70.40 -103.27 -4.00
CA VAL D 328 69.63 -102.43 -3.09
C VAL D 328 70.37 -101.18 -2.64
N GLN D 329 69.69 -100.03 -2.67
CA GLN D 329 70.26 -98.79 -2.12
C GLN D 329 69.42 -98.30 -0.97
N ILE D 330 70.06 -97.95 0.14
CA ILE D 330 69.34 -97.45 1.29
C ILE D 330 69.53 -95.94 1.41
N ASP D 331 68.43 -95.22 1.37
CA ASP D 331 68.48 -93.76 1.30
C ASP D 331 68.36 -93.11 2.66
N GLU D 332 67.43 -93.58 3.47
CA GLU D 332 67.30 -93.08 4.82
C GLU D 332 66.42 -93.93 5.72
N ILE D 333 66.51 -93.66 7.03
CA ILE D 333 65.59 -94.22 7.98
C ILE D 333 64.57 -93.12 8.21
N VAL D 334 63.36 -93.31 7.68
CA VAL D 334 62.31 -92.30 7.82
C VAL D 334 61.54 -92.59 9.08
N ARG D 335 61.02 -91.53 9.71
CA ARG D 335 60.29 -91.67 10.97
C ARG D 335 61.15 -92.47 11.95
N PRO D 336 62.36 -91.98 12.22
CA PRO D 336 63.38 -92.76 12.92
C PRO D 336 63.11 -92.86 14.41
N ASP D 337 63.34 -94.02 14.98
CA ASP D 337 63.33 -94.20 16.42
C ASP D 337 64.76 -94.48 16.86
N LEU D 338 65.51 -93.45 17.20
CA LEU D 338 66.92 -93.64 17.51
C LEU D 338 67.19 -93.93 18.98
N SER D 339 68.29 -94.63 19.23
CA SER D 339 68.74 -94.86 20.58
C SER D 339 69.53 -93.63 21.02
N LEU D 340 70.04 -93.68 22.24
CA LEU D 340 70.97 -92.67 22.69
C LEU D 340 72.15 -92.67 21.76
N PRO D 341 72.82 -91.51 21.66
CA PRO D 341 74.11 -91.50 20.97
C PRO D 341 75.01 -92.47 21.71
N SER D 342 75.91 -93.17 21.01
CA SER D 342 76.85 -94.06 21.68
C SER D 342 77.93 -93.30 22.48
N PHE D 343 78.29 -92.11 22.01
CA PHE D 343 79.21 -91.25 22.77
C PHE D 343 78.61 -89.91 23.16
N GLU D 344 79.05 -89.39 24.29
CA GLU D 344 78.59 -88.07 24.72
C GLU D 344 79.63 -87.03 24.31
N ASP D 345 79.39 -85.76 24.60
CA ASP D 345 80.37 -84.73 24.26
C ASP D 345 81.46 -84.74 25.32
N ASP D 346 82.33 -85.72 25.20
CA ASP D 346 83.28 -86.05 26.24
C ASP D 346 84.61 -86.42 25.61
N TYR D 347 85.59 -86.73 26.46
CA TYR D 347 86.86 -87.22 26.01
C TYR D 347 86.71 -88.67 25.57
N PHE D 348 87.65 -89.14 24.76
CA PHE D 348 87.74 -90.55 24.46
C PHE D 348 89.22 -90.90 24.28
N VAL D 349 89.50 -92.19 24.26
CA VAL D 349 90.90 -92.62 24.26
C VAL D 349 91.58 -92.46 22.91
N TRP D 350 92.71 -91.77 22.91
CA TRP D 350 93.52 -91.66 21.72
C TRP D 350 94.57 -92.77 21.74
N VAL D 351 95.38 -92.80 22.78
CA VAL D 351 96.46 -93.78 22.85
C VAL D 351 96.92 -94.06 24.29
N ASP D 352 97.28 -95.31 24.55
CA ASP D 352 97.96 -95.70 25.78
C ASP D 352 99.41 -96.08 25.47
N PHE D 353 100.36 -95.53 26.21
CA PHE D 353 101.75 -95.98 26.13
C PHE D 353 102.07 -96.73 27.42
N SER D 354 102.71 -97.88 27.28
CA SER D 354 103.02 -98.73 28.44
C SER D 354 104.29 -99.53 28.18
N GLU D 355 104.74 -100.25 29.21
CA GLU D 355 105.87 -101.17 29.03
C GLU D 355 107.10 -100.46 28.44
N PHE D 356 107.48 -99.35 29.05
CA PHE D 356 108.65 -98.59 28.59
C PHE D 356 109.95 -99.32 28.90
N THR D 357 110.85 -99.35 27.92
CA THR D 357 112.12 -100.06 28.09
C THR D 357 113.28 -99.11 28.39
N LEU D 358 113.12 -97.86 27.99
CA LEU D 358 114.14 -96.84 28.24
C LEU D 358 113.54 -95.76 29.13
N ASP D 359 114.37 -95.18 29.99
CA ASP D 359 113.95 -94.06 30.84
C ASP D 359 113.74 -92.80 30.00
N LYS D 360 114.58 -92.59 28.98
CA LYS D 360 114.39 -91.45 28.07
C LYS D 360 113.53 -91.87 26.89
N GLU D 361 112.35 -91.28 26.78
CA GLU D 361 111.43 -91.60 25.70
C GLU D 361 110.86 -90.28 25.17
N GLU D 362 110.79 -90.12 23.86
CA GLU D 362 110.22 -88.91 23.30
C GLU D 362 109.27 -89.23 22.16
N ILE D 363 107.99 -88.94 22.38
CA ILE D 363 106.93 -89.23 21.44
C ILE D 363 106.59 -87.99 20.62
N GLU D 364 106.93 -87.99 19.33
CA GLU D 364 106.60 -86.85 18.47
C GLU D 364 105.17 -86.94 17.94
N ILE D 365 104.42 -85.86 18.10
CA ILE D 365 103.05 -85.77 17.64
C ILE D 365 102.99 -84.79 16.47
N GLY D 366 103.61 -83.62 16.65
CA GLY D 366 103.64 -82.59 15.64
C GLY D 366 102.31 -81.88 15.55
N SER D 367 101.65 -81.99 14.39
CA SER D 367 100.34 -81.39 14.21
C SER D 367 99.31 -82.41 13.73
N ARG D 368 99.60 -83.71 13.95
CA ARG D 368 98.76 -84.79 13.39
C ARG D 368 97.98 -85.55 14.45
N PHE D 369 96.81 -86.05 14.06
CA PHE D 369 96.16 -87.09 14.83
C PHE D 369 96.33 -88.38 14.04
N PHE D 370 96.99 -89.38 14.62
CA PHE D 370 97.40 -90.55 13.83
C PHE D 370 97.73 -91.75 14.72
N ASP D 371 98.10 -92.88 14.10
CA ASP D 371 98.52 -94.08 14.83
C ASP D 371 100.01 -94.09 15.14
N PHE D 372 100.36 -94.22 16.42
CA PHE D 372 101.76 -94.24 16.85
C PHE D 372 102.40 -95.61 16.65
N THR D 373 103.73 -95.63 16.51
CA THR D 373 104.49 -96.87 16.60
C THR D 373 105.73 -96.61 17.43
N SER D 374 106.18 -97.62 18.16
CA SER D 374 107.41 -97.51 18.95
C SER D 374 108.18 -98.81 19.01
N ASN D 375 109.51 -98.70 19.00
CA ASN D 375 110.41 -99.83 19.16
C ASN D 375 110.79 -100.00 20.62
N THR D 376 110.55 -98.96 21.41
CA THR D 376 111.02 -98.91 22.78
C THR D 376 109.90 -99.02 23.81
N CYS D 377 108.65 -99.00 23.34
CA CYS D 377 107.52 -99.16 24.25
C CYS D 377 106.30 -99.68 23.53
N ARG D 378 105.28 -100.02 24.32
CA ARG D 378 104.04 -100.60 23.78
C ARG D 378 103.00 -99.55 23.49
N VAL D 379 102.60 -99.45 22.24
CA VAL D 379 101.55 -98.52 21.84
C VAL D 379 100.21 -99.27 21.73
N SER D 380 99.17 -98.74 22.37
CA SER D 380 97.81 -99.29 22.21
C SER D 380 96.89 -98.18 21.74
N MET D 381 96.46 -98.27 20.49
CA MET D 381 95.65 -97.20 19.92
C MET D 381 94.17 -97.36 20.26
N GLY D 382 93.47 -96.25 20.42
CA GLY D 382 92.03 -96.33 20.67
C GLY D 382 91.28 -96.52 19.37
N GLU D 383 90.14 -97.21 19.43
CA GLU D 383 89.23 -97.29 18.29
C GLU D 383 87.87 -96.67 18.65
N ASN D 384 87.48 -95.61 17.96
CA ASN D 384 86.21 -94.92 18.18
C ASN D 384 85.76 -94.18 16.92
N PRO D 385 84.53 -93.66 16.94
CA PRO D 385 84.02 -93.05 15.70
C PRO D 385 84.91 -91.90 15.23
N PHE D 386 85.43 -91.10 16.15
CA PHE D 386 86.25 -89.97 15.70
C PHE D 386 87.44 -90.45 14.87
N ALA D 387 88.17 -91.43 15.37
CA ALA D 387 89.28 -91.99 14.64
C ALA D 387 88.86 -92.52 13.27
N ALA D 388 87.70 -93.17 13.20
CA ALA D 388 87.21 -93.67 11.93
C ALA D 388 86.90 -92.51 10.99
N MET D 389 86.32 -91.44 11.53
CA MET D 389 86.03 -90.27 10.71
C MET D 389 87.30 -89.65 10.12
N ILE D 390 88.38 -89.66 10.91
CA ILE D 390 89.67 -89.18 10.44
C ILE D 390 90.14 -90.02 9.26
N ALA D 391 89.85 -91.31 9.35
CA ALA D 391 90.30 -92.29 8.37
C ALA D 391 89.44 -92.29 7.12
N CYS D 392 88.20 -91.85 7.25
CA CYS D 392 87.25 -91.90 6.14
C CYS D 392 87.07 -90.57 5.43
N HIS D 393 88.01 -89.65 5.61
CA HIS D 393 88.01 -88.42 4.87
C HIS D 393 89.41 -88.13 4.35
N GLY D 394 89.48 -87.43 3.22
CA GLY D 394 90.75 -87.09 2.63
C GLY D 394 91.52 -86.07 3.45
N LEU D 395 90.82 -85.07 3.98
CA LEU D 395 91.42 -84.02 4.80
C LEU D 395 90.60 -83.75 6.06
N HIS D 396 91.26 -83.28 7.11
CA HIS D 396 90.56 -82.85 8.31
C HIS D 396 91.30 -81.68 8.95
N SER D 397 90.63 -80.99 9.86
CA SER D 397 91.24 -79.87 10.57
C SER D 397 90.45 -79.50 11.80
N GLY D 398 91.14 -79.20 12.90
CA GLY D 398 90.46 -78.78 14.11
C GLY D 398 91.40 -78.70 15.29
N VAL D 399 90.82 -78.55 16.48
CA VAL D 399 91.62 -78.53 17.68
C VAL D 399 91.18 -79.60 18.66
N LEU D 400 92.13 -80.35 19.20
CA LEU D 400 91.84 -81.37 20.21
C LEU D 400 92.30 -80.90 21.58
N ASP D 401 91.41 -81.02 22.56
CA ASP D 401 91.83 -80.85 23.94
C ASP D 401 92.33 -82.20 24.46
N LEU D 402 93.52 -82.22 25.04
CA LEU D 402 94.09 -83.45 25.55
C LEU D 402 94.06 -83.52 27.08
N LYS D 403 93.78 -84.72 27.59
CA LYS D 403 93.99 -85.02 28.99
C LYS D 403 95.03 -86.11 29.03
N LEU D 404 96.09 -85.91 29.82
CA LEU D 404 97.10 -86.94 30.04
C LEU D 404 96.94 -87.47 31.45
N GLN D 405 96.94 -88.79 31.59
CA GLN D 405 96.88 -89.46 32.88
C GLN D 405 97.95 -90.52 32.97
N TRP D 406 98.54 -90.69 34.14
CA TRP D 406 99.53 -91.74 34.31
C TRP D 406 99.60 -92.31 35.73
N SER D 407 99.97 -93.58 35.82
CA SER D 407 100.15 -94.25 37.11
C SER D 407 101.61 -94.67 37.22
N LEU D 408 102.11 -94.79 38.46
CA LEU D 408 103.51 -95.13 38.68
C LEU D 408 103.82 -96.63 38.72
N ASN D 409 105.03 -96.96 38.26
CA ASN D 409 105.52 -98.33 38.27
C ASN D 409 106.42 -98.58 39.47
N THR D 410 107.14 -97.53 39.88
CA THR D 410 107.96 -97.58 41.10
C THR D 410 107.21 -97.05 42.33
N GLU D 411 107.84 -97.12 43.50
CA GLU D 411 107.22 -96.55 44.70
C GLU D 411 107.11 -95.02 44.62
N PHE D 412 105.95 -94.50 45.04
CA PHE D 412 105.69 -93.07 44.94
C PHE D 412 106.79 -92.25 45.61
N GLY D 413 107.28 -92.73 46.73
CA GLY D 413 108.25 -91.96 47.47
C GLY D 413 109.58 -91.85 46.77
N LYS D 414 109.81 -92.75 45.82
CA LYS D 414 111.10 -92.79 45.14
C LYS D 414 111.05 -91.99 43.84
N SER D 415 109.84 -91.57 43.46
CA SER D 415 109.59 -91.01 42.12
C SER D 415 110.30 -89.69 41.89
N SER D 416 110.68 -89.45 40.65
CA SER D 416 111.29 -88.18 40.24
C SER D 416 111.01 -87.96 38.76
N GLY D 417 111.40 -86.79 38.26
CA GLY D 417 111.22 -86.51 36.84
C GLY D 417 109.83 -85.97 36.48
N SER D 418 109.49 -86.10 35.19
CA SER D 418 108.37 -85.35 34.61
C SER D 418 107.81 -85.96 33.33
N VAL D 419 106.53 -85.68 33.07
CA VAL D 419 105.94 -85.74 31.74
C VAL D 419 106.01 -84.31 31.22
N THR D 420 106.82 -84.08 30.18
CA THR D 420 106.95 -82.73 29.63
C THR D 420 106.28 -82.62 28.27
N ILE D 421 105.49 -81.58 28.08
CA ILE D 421 104.86 -81.33 26.79
C ILE D 421 105.60 -80.22 26.08
N THR D 422 106.36 -80.56 25.04
CA THR D 422 107.04 -79.55 24.24
C THR D 422 106.08 -78.97 23.20
N LYS D 423 105.92 -77.65 23.20
CA LYS D 423 105.07 -77.00 22.20
C LYS D 423 105.86 -75.98 21.41
N LEU D 424 105.98 -76.22 20.11
CA LEU D 424 106.77 -75.35 19.25
C LEU D 424 105.92 -74.85 18.12
N VAL D 425 106.46 -73.87 17.38
CA VAL D 425 105.95 -73.52 16.06
C VAL D 425 107.10 -73.72 15.09
N GLY D 426 106.93 -74.65 14.16
CA GLY D 426 107.99 -74.98 13.24
C GLY D 426 108.35 -76.44 13.37
N ASP D 427 109.59 -76.71 13.77
CA ASP D 427 110.05 -78.08 14.04
C ASP D 427 111.08 -78.08 15.15
N LYS D 428 111.52 -79.26 15.53
CA LYS D 428 112.45 -79.38 16.64
C LYS D 428 113.71 -78.54 16.35
N ALA D 429 114.10 -78.45 15.08
CA ALA D 429 115.37 -77.83 14.70
C ALA D 429 115.42 -76.30 14.69
N MET D 430 114.37 -75.68 14.17
CA MET D 430 114.37 -74.23 13.95
C MET D 430 113.13 -73.53 14.53
N GLY D 431 112.36 -74.25 15.34
CA GLY D 431 111.08 -73.77 15.82
C GLY D 431 111.11 -72.67 16.87
N LEU D 432 109.96 -72.06 17.08
CA LEU D 432 109.76 -71.06 18.12
C LEU D 432 109.09 -71.73 19.32
N ASP D 433 109.31 -71.19 20.50
CA ASP D 433 108.82 -71.82 21.71
C ASP D 433 107.44 -71.32 22.13
N GLY D 434 106.49 -72.24 22.21
CA GLY D 434 105.13 -71.90 22.62
C GLY D 434 104.87 -72.24 24.07
N PRO D 435 103.65 -72.65 24.36
CA PRO D 435 103.23 -73.01 25.73
C PRO D 435 103.66 -74.44 26.15
N SER D 436 104.98 -74.69 26.07
CA SER D 436 105.55 -75.93 26.57
C SER D 436 105.28 -76.01 28.06
N HIS D 437 105.33 -77.21 28.61
CA HIS D 437 104.71 -77.40 29.91
C HIS D 437 105.36 -78.58 30.61
N VAL D 438 105.79 -78.37 31.84
CA VAL D 438 106.49 -79.41 32.59
C VAL D 438 105.59 -79.92 33.71
N PHE D 439 105.13 -81.16 33.59
CA PHE D 439 104.35 -81.76 34.64
C PHE D 439 105.26 -82.64 35.50
N ALA D 440 105.53 -82.23 36.74
CA ALA D 440 106.26 -83.09 37.66
C ALA D 440 105.55 -84.45 37.68
N ILE D 441 106.30 -85.55 37.62
CA ILE D 441 105.66 -86.87 37.52
C ILE D 441 104.64 -87.10 38.64
N GLN D 442 104.84 -86.46 39.80
CA GLN D 442 103.92 -86.62 40.93
C GLN D 442 102.54 -86.01 40.71
N LYS D 443 102.39 -85.14 39.72
CA LYS D 443 101.06 -84.58 39.39
C LYS D 443 100.11 -85.70 38.94
N LEU D 444 100.66 -86.66 38.21
CA LEU D 444 99.93 -87.86 37.79
C LEU D 444 98.87 -87.57 36.73
N GLU D 445 98.82 -86.31 36.28
CA GLU D 445 97.93 -85.92 35.20
C GLU D 445 98.25 -84.51 34.70
N GLY D 446 97.83 -84.21 33.48
CA GLY D 446 98.03 -82.89 32.90
C GLY D 446 97.16 -82.67 31.69
N THR D 447 97.03 -81.41 31.27
CA THR D 447 96.19 -81.10 30.12
C THR D 447 96.93 -80.22 29.11
N THR D 448 96.52 -80.29 27.85
CA THR D 448 97.08 -79.41 26.82
C THR D 448 96.14 -79.39 25.60
N GLU D 449 96.32 -78.42 24.71
CA GLU D 449 95.58 -78.39 23.47
C GLU D 449 96.49 -78.85 22.36
N LEU D 450 95.92 -79.42 21.29
CA LEU D 450 96.70 -79.79 20.12
C LEU D 450 96.04 -79.26 18.87
N LEU D 451 96.75 -78.46 18.08
CA LEU D 451 96.24 -78.03 16.79
C LEU D 451 96.48 -79.13 15.78
N VAL D 452 95.41 -79.65 15.22
CA VAL D 452 95.48 -80.63 14.13
C VAL D 452 95.23 -79.88 12.83
N GLY D 453 96.31 -79.47 12.16
CA GLY D 453 96.20 -78.65 10.99
C GLY D 453 97.56 -78.06 10.64
N ASN D 454 97.56 -77.03 9.82
CA ASN D 454 98.80 -76.39 9.38
C ASN D 454 98.51 -75.13 8.58
N PHE D 455 99.56 -74.47 8.09
CA PHE D 455 99.37 -73.18 7.41
C PHE D 455 98.42 -73.27 6.22
N ALA D 456 98.38 -74.43 5.56
CA ALA D 456 97.50 -74.62 4.41
C ALA D 456 96.02 -74.75 4.79
N GLY D 457 95.75 -75.29 5.98
CA GLY D 457 94.40 -75.33 6.53
C GLY D 457 93.84 -76.69 6.93
N ALA D 458 94.48 -77.77 6.52
CA ALA D 458 93.96 -79.11 6.75
C ALA D 458 95.05 -80.19 6.58
N ASN D 459 94.82 -81.34 7.20
CA ASN D 459 95.80 -82.43 7.15
C ASN D 459 95.24 -83.55 6.32
N PRO D 460 96.09 -84.16 5.50
CA PRO D 460 95.76 -85.42 4.83
C PRO D 460 95.92 -86.54 5.83
N ASN D 461 95.40 -87.73 5.51
CA ASN D 461 95.49 -88.84 6.45
C ASN D 461 96.74 -89.67 6.15
N THR D 462 97.82 -88.96 5.87
CA THR D 462 99.10 -89.59 5.59
C THR D 462 100.18 -88.73 6.26
N ARG D 463 101.44 -89.12 6.11
CA ARG D 463 102.51 -88.27 6.56
C ARG D 463 102.67 -87.16 5.50
N PHE D 464 102.95 -85.94 5.97
CA PHE D 464 103.10 -84.77 5.10
C PHE D 464 104.05 -83.83 5.84
N SER D 465 104.60 -82.85 5.14
CA SER D 465 105.43 -81.87 5.80
C SER D 465 104.98 -80.45 5.48
N LEU D 466 104.15 -79.87 6.35
CA LEU D 466 103.69 -78.50 6.15
C LEU D 466 103.85 -77.71 7.43
N TYR D 467 104.53 -76.57 7.35
CA TYR D 467 104.76 -75.67 8.50
C TYR D 467 103.53 -75.50 9.38
N SER D 468 103.69 -75.81 10.67
CA SER D 468 102.59 -75.69 11.64
C SER D 468 103.13 -75.64 13.06
N ARG D 469 102.22 -75.63 14.02
CA ARG D 469 102.59 -75.86 15.41
C ARG D 469 103.05 -77.32 15.56
N TRP D 470 103.84 -77.57 16.60
CA TRP D 470 104.51 -78.86 16.73
C TRP D 470 104.50 -79.28 18.19
N MET D 471 104.03 -80.50 18.45
CA MET D 471 103.97 -81.03 19.81
C MET D 471 104.74 -82.33 20.03
N ALA D 472 105.29 -82.50 21.23
CA ALA D 472 105.97 -83.73 21.58
C ALA D 472 105.79 -84.02 23.07
N ILE D 473 105.71 -85.29 23.43
CA ILE D 473 105.70 -85.67 24.84
C ILE D 473 107.07 -86.24 25.19
N LYS D 474 107.68 -85.73 26.25
CA LYS D 474 109.02 -86.11 26.65
C LYS D 474 109.02 -86.73 28.06
N LEU D 475 109.36 -88.02 28.11
CA LEU D 475 109.54 -88.72 29.38
C LEU D 475 111.04 -88.80 29.75
N ASP D 476 111.38 -88.55 31.01
CA ASP D 476 112.78 -88.69 31.44
C ASP D 476 112.98 -89.83 32.41
N GLN D 477 111.86 -90.34 32.93
CA GLN D 477 111.86 -91.45 33.89
C GLN D 477 110.80 -92.44 33.51
N ALA D 478 110.77 -92.78 32.23
CA ALA D 478 109.67 -93.52 31.66
C ALA D 478 109.47 -94.87 32.31
N LYS D 479 110.55 -95.49 32.78
CA LYS D 479 110.44 -96.81 33.39
C LYS D 479 109.69 -96.73 34.72
N SER D 480 109.53 -95.52 35.26
CA SER D 480 108.75 -95.32 36.49
C SER D 480 107.26 -95.17 36.22
N ILE D 481 106.87 -95.24 34.94
CA ILE D 481 105.45 -95.09 34.56
C ILE D 481 104.86 -96.43 34.11
N LYS D 482 103.75 -96.82 34.74
CA LYS D 482 103.11 -98.07 34.36
C LYS D 482 102.26 -97.87 33.12
N VAL D 483 101.60 -96.73 33.03
CA VAL D 483 100.86 -96.38 31.82
C VAL D 483 100.70 -94.87 31.67
N LEU D 484 100.88 -94.39 30.43
CA LEU D 484 100.59 -93.02 30.07
C LEU D 484 99.39 -93.06 29.14
N ARG D 485 98.25 -92.54 29.59
CA ARG D 485 97.06 -92.52 28.75
C ARG D 485 96.76 -91.11 28.22
N VAL D 486 96.47 -91.01 26.93
CA VAL D 486 96.15 -89.74 26.31
C VAL D 486 94.71 -89.76 25.80
N LEU D 487 93.85 -88.97 26.43
CA LEU D 487 92.48 -88.79 25.95
C LEU D 487 92.36 -87.47 25.19
N CYS D 488 91.44 -87.42 24.24
CA CYS D 488 91.17 -86.18 23.52
C CYS D 488 89.68 -85.92 23.38
N LYS D 489 89.33 -84.65 23.16
CA LYS D 489 87.96 -84.18 23.03
C LYS D 489 88.00 -83.04 22.03
N PRO D 490 87.50 -83.29 20.80
CA PRO D 490 87.56 -82.29 19.74
C PRO D 490 86.73 -81.06 20.09
N ARG D 491 87.33 -79.89 19.91
CA ARG D 491 86.63 -78.63 20.06
C ARG D 491 85.63 -78.48 18.93
N PRO D 492 84.51 -77.82 19.20
CA PRO D 492 83.42 -77.65 18.25
C PRO D 492 83.96 -77.13 16.95
N GLY D 493 83.49 -77.68 15.85
CA GLY D 493 83.92 -77.20 14.55
C GLY D 493 85.06 -78.02 13.95
N PHE D 494 85.36 -79.17 14.55
CA PHE D 494 86.35 -80.04 13.95
C PHE D 494 85.84 -80.56 12.61
N SER D 495 86.58 -80.28 11.54
CA SER D 495 86.05 -80.43 10.19
C SER D 495 86.69 -81.54 9.36
N PHE D 496 85.86 -82.18 8.53
CA PHE D 496 86.32 -83.24 7.64
C PHE D 496 85.95 -82.87 6.19
N TYR D 497 86.86 -83.18 5.27
CA TYR D 497 86.69 -82.82 3.86
C TYR D 497 86.82 -84.05 2.98
N GLY D 498 85.85 -84.24 2.08
CA GLY D 498 85.91 -85.30 1.08
C GLY D 498 85.76 -86.73 1.58
N ARG D 499 84.51 -87.20 1.67
CA ARG D 499 84.26 -88.55 2.15
C ARG D 499 84.95 -89.61 1.28
N THR D 500 85.54 -90.60 1.95
CA THR D 500 86.23 -91.69 1.28
C THR D 500 86.25 -92.92 2.18
N SER D 501 87.13 -93.87 1.88
CA SER D 501 87.23 -95.09 2.69
C SER D 501 88.67 -95.44 3.02
N PHE D 502 88.84 -96.50 3.81
CA PHE D 502 90.14 -96.82 4.37
C PHE D 502 90.23 -98.31 4.66
N PRO D 503 90.75 -99.06 3.71
CA PRO D 503 90.99 -100.49 3.87
C PRO D 503 92.23 -100.76 4.69
N VAL D 504 92.10 -101.65 5.68
CA VAL D 504 93.26 -102.16 6.43
C VAL D 504 93.20 -103.68 6.56
N GLY E 1 111.37 -23.66 12.10
CA GLY E 1 112.58 -23.06 11.57
C GLY E 1 113.75 -24.03 11.51
N LEU E 2 114.82 -23.62 10.85
CA LEU E 2 116.03 -24.45 10.80
C LEU E 2 116.59 -24.67 12.20
N ALA E 3 116.66 -25.94 12.58
CA ALA E 3 116.97 -26.30 13.95
C ALA E 3 118.41 -26.79 14.12
N GLY E 4 118.91 -27.47 13.08
CA GLY E 4 120.26 -27.98 13.07
C GLY E 4 120.70 -28.37 11.69
N ARG E 5 121.99 -28.61 11.51
CA ARG E 5 122.48 -28.98 10.20
C ARG E 5 123.72 -29.83 10.29
N GLY E 6 124.11 -30.40 9.15
CA GLY E 6 125.27 -31.28 9.08
C GLY E 6 125.67 -31.52 7.64
N VAL E 7 126.80 -32.16 7.43
CA VAL E 7 127.30 -32.36 6.09
C VAL E 7 127.70 -33.83 5.86
N ILE E 8 127.30 -34.40 4.73
CA ILE E 8 127.75 -35.73 4.36
C ILE E 8 128.72 -35.63 3.20
N TYR E 9 129.86 -36.31 3.29
CA TYR E 9 130.85 -36.26 2.19
C TYR E 9 130.75 -37.46 1.25
N ILE E 10 130.40 -37.15 0.02
CA ILE E 10 130.30 -38.13 -1.04
C ILE E 10 131.63 -38.21 -1.81
N PRO E 11 132.20 -39.42 -1.92
CA PRO E 11 133.37 -39.71 -2.74
C PRO E 11 132.99 -39.75 -4.21
N LYS E 12 133.87 -39.23 -5.07
CA LYS E 12 133.62 -39.23 -6.51
C LYS E 12 133.29 -40.63 -7.05
N ASP E 13 133.91 -41.66 -6.49
CA ASP E 13 133.48 -43.02 -6.82
C ASP E 13 132.63 -43.54 -5.67
N CYS E 14 131.32 -43.40 -5.83
CA CYS E 14 130.40 -43.84 -4.79
C CYS E 14 129.79 -45.19 -5.14
N GLN E 15 130.36 -46.26 -4.60
CA GLN E 15 129.98 -47.63 -4.90
C GLN E 15 128.82 -48.10 -4.00
N ALA E 16 128.11 -49.13 -4.42
CA ALA E 16 127.05 -49.65 -3.58
C ALA E 16 127.66 -50.17 -2.28
N ASN E 17 126.98 -49.87 -1.18
CA ASN E 17 127.41 -50.24 0.17
C ASN E 17 128.42 -49.36 0.87
N ARG E 18 128.86 -48.29 0.21
CA ARG E 18 129.73 -47.32 0.86
C ARG E 18 129.06 -46.64 2.05
N TYR E 19 129.71 -46.65 3.20
CA TYR E 19 129.27 -45.81 4.32
C TYR E 19 129.67 -44.36 4.07
N LEU E 20 128.73 -43.45 4.20
CA LEU E 20 129.01 -42.06 3.89
C LEU E 20 129.23 -41.23 5.15
N GLY E 21 128.61 -41.67 6.24
CA GLY E 21 128.78 -41.00 7.51
C GLY E 21 127.54 -41.07 8.40
N THR E 22 127.70 -40.65 9.64
CA THR E 22 126.58 -40.60 10.56
C THR E 22 126.47 -39.21 11.18
N LEU E 23 125.26 -38.68 11.24
CA LEU E 23 125.02 -37.41 11.90
C LEU E 23 124.33 -37.71 13.19
N ASN E 24 124.73 -37.01 14.24
CA ASN E 24 124.10 -37.18 15.53
C ASN E 24 123.01 -36.10 15.69
N ILE E 25 121.74 -36.51 15.74
CA ILE E 25 120.65 -35.54 15.72
C ILE E 25 120.76 -34.49 16.80
N ARG E 26 121.15 -34.89 18.00
CA ARG E 26 121.21 -33.91 19.06
C ARG E 26 122.42 -32.98 18.88
N ASP E 27 123.53 -33.51 18.38
CA ASP E 27 124.69 -32.66 18.08
C ASP E 27 124.43 -31.68 16.94
N MET E 28 123.63 -32.08 15.94
CA MET E 28 123.26 -31.15 14.87
C MET E 28 122.56 -29.92 15.44
N ILE E 29 121.70 -30.12 16.43
CA ILE E 29 120.95 -29.04 17.03
C ILE E 29 121.81 -28.23 17.98
N SER E 30 122.68 -28.89 18.74
CA SER E 30 123.47 -28.17 19.72
C SER E 30 124.68 -27.46 19.13
N ASP E 31 125.23 -27.98 18.04
CA ASP E 31 126.40 -27.34 17.42
C ASP E 31 125.94 -26.09 16.68
N PHE E 32 124.70 -26.11 16.24
CA PHE E 32 124.12 -25.02 15.50
C PHE E 32 123.79 -23.87 16.46
N LYS E 33 122.91 -24.14 17.42
CA LYS E 33 122.87 -23.35 18.65
C LYS E 33 122.55 -21.87 18.50
N GLY E 34 121.56 -21.50 17.70
CA GLY E 34 120.37 -22.26 17.38
C GLY E 34 119.24 -21.54 18.12
N VAL E 35 118.32 -20.87 17.43
CA VAL E 35 117.15 -20.36 18.16
C VAL E 35 116.38 -21.52 18.77
N GLN E 36 116.28 -22.61 18.03
CA GLN E 36 115.57 -23.79 18.51
C GLN E 36 116.31 -24.47 19.65
N TYR E 37 117.64 -24.54 19.55
CA TYR E 37 118.44 -25.10 20.63
C TYR E 37 118.18 -24.35 21.93
N GLU E 38 118.11 -23.03 21.85
CA GLU E 38 117.91 -22.23 23.05
C GLU E 38 116.49 -22.37 23.61
N LYS E 39 115.51 -22.56 22.74
CA LYS E 39 114.15 -22.86 23.22
C LYS E 39 114.15 -24.20 23.97
N TRP E 40 115.02 -25.10 23.53
CA TRP E 40 115.09 -26.45 24.05
C TRP E 40 115.57 -26.44 25.48
N ILE E 41 116.64 -25.71 25.72
CA ILE E 41 117.16 -25.55 27.07
C ILE E 41 116.10 -25.15 28.08
N THR E 42 115.16 -24.31 27.67
CA THR E 42 114.11 -23.84 28.56
C THR E 42 113.01 -24.88 28.74
N ALA E 43 112.75 -25.61 27.67
CA ALA E 43 111.71 -26.61 27.68
C ALA E 43 112.15 -27.76 28.58
N GLY E 44 113.44 -28.07 28.50
CA GLY E 44 113.95 -29.27 29.13
C GLY E 44 113.75 -30.49 28.25
N LEU E 45 112.50 -30.91 28.10
CA LEU E 45 112.11 -32.03 27.26
C LEU E 45 111.42 -31.60 25.96
N VAL E 46 111.81 -32.19 24.83
CA VAL E 46 111.11 -31.94 23.58
C VAL E 46 110.73 -33.26 22.87
N MET E 47 109.57 -33.28 22.21
CA MET E 47 109.12 -34.44 21.42
C MET E 47 108.88 -34.05 19.97
N PRO E 48 109.92 -33.55 19.28
CA PRO E 48 109.76 -32.79 18.03
C PRO E 48 109.07 -33.55 16.91
N THR E 49 108.48 -32.79 16.01
CA THR E 49 108.21 -33.34 14.70
C THR E 49 109.18 -32.66 13.77
N PHE E 50 110.16 -33.42 13.28
CA PHE E 50 111.21 -32.88 12.42
C PHE E 50 110.80 -32.95 10.97
N LYS E 51 111.22 -31.96 10.20
CA LYS E 51 111.29 -32.10 8.76
C LYS E 51 112.78 -32.23 8.44
N ILE E 52 113.16 -33.34 7.85
CA ILE E 52 114.54 -33.52 7.45
C ILE E 52 114.63 -33.18 5.98
N VAL E 53 115.59 -32.33 5.63
CA VAL E 53 115.82 -31.99 4.24
C VAL E 53 117.26 -32.28 3.87
N ILE E 54 117.45 -33.06 2.81
CA ILE E 54 118.78 -33.30 2.29
C ILE E 54 118.98 -32.55 0.98
N ARG E 55 119.88 -31.57 0.99
CA ARG E 55 120.15 -30.79 -0.21
C ARG E 55 121.28 -31.38 -1.01
N LEU E 56 121.06 -31.42 -2.30
CA LEU E 56 121.53 -32.51 -3.12
C LEU E 56 121.26 -32.08 -4.57
N PRO E 57 122.29 -31.97 -5.40
CA PRO E 57 122.04 -31.52 -6.77
C PRO E 57 121.43 -32.63 -7.59
N ALA E 58 120.25 -32.38 -8.14
CA ALA E 58 119.58 -33.41 -8.91
C ALA E 58 120.40 -33.80 -10.15
N ASN E 59 120.46 -35.09 -10.43
CA ASN E 59 121.18 -35.56 -11.60
C ASN E 59 120.66 -36.90 -12.12
N ALA E 60 120.31 -36.94 -13.40
CA ALA E 60 119.72 -38.16 -13.95
C ALA E 60 120.76 -39.07 -14.60
N PHE E 61 122.03 -38.72 -14.50
CA PHE E 61 123.06 -39.42 -15.25
C PHE E 61 124.04 -40.24 -14.40
N THR E 62 123.63 -40.61 -13.19
CA THR E 62 124.54 -41.30 -12.28
C THR E 62 124.01 -42.66 -11.85
N GLY E 63 122.71 -42.72 -11.55
CA GLY E 63 122.11 -43.97 -11.09
C GLY E 63 122.22 -44.13 -9.58
N LEU E 64 122.79 -43.11 -8.93
CA LEU E 64 123.01 -43.15 -7.50
C LEU E 64 121.71 -43.16 -6.72
N THR E 65 121.61 -44.08 -5.75
CA THR E 65 120.54 -44.07 -4.78
C THR E 65 121.12 -44.26 -3.38
N TRP E 66 120.75 -43.40 -2.44
CA TRP E 66 121.24 -43.50 -1.07
C TRP E 66 120.14 -43.91 -0.12
N VAL E 67 120.52 -44.30 1.09
CA VAL E 67 119.53 -44.58 2.11
C VAL E 67 119.84 -43.78 3.36
N MET E 68 118.87 -43.00 3.84
CA MET E 68 118.97 -42.40 5.16
C MET E 68 118.28 -43.33 6.16
N SER E 69 118.98 -43.74 7.20
CA SER E 69 118.43 -44.68 8.15
C SER E 69 118.33 -43.98 9.50
N PHE E 70 117.13 -43.97 10.07
CA PHE E 70 116.88 -43.36 11.37
C PHE E 70 117.10 -44.40 12.45
N ASP E 71 118.24 -44.26 13.13
CA ASP E 71 118.65 -45.21 14.16
C ASP E 71 118.59 -44.56 15.54
N ALA E 72 117.40 -44.44 16.12
CA ALA E 72 117.26 -43.65 17.32
C ALA E 72 117.93 -44.32 18.52
N TYR E 73 118.13 -45.63 18.43
CA TYR E 73 118.66 -46.39 19.56
C TYR E 73 120.04 -46.99 19.32
N ASN E 74 120.69 -46.50 18.27
CA ASN E 74 122.08 -46.83 18.00
C ASN E 74 122.31 -48.33 17.85
N ARG E 75 121.44 -48.99 17.10
CA ARG E 75 121.42 -50.44 17.02
C ARG E 75 122.17 -50.95 15.81
N ILE E 76 122.44 -50.10 14.84
CA ILE E 76 123.20 -50.55 13.68
C ILE E 76 124.56 -49.87 13.43
N THR E 77 124.88 -48.81 14.17
CA THR E 77 126.09 -48.04 13.88
C THR E 77 127.35 -48.88 13.80
N SER E 78 127.62 -49.63 14.87
CA SER E 78 128.79 -50.52 14.94
C SER E 78 128.99 -51.35 13.69
N ARG E 79 127.89 -51.75 13.07
CA ARG E 79 127.92 -52.75 12.02
C ARG E 79 127.96 -52.22 10.58
N ILE E 80 128.03 -50.91 10.40
CA ILE E 80 128.01 -50.36 9.05
C ILE E 80 129.08 -49.31 8.80
N THR E 81 129.94 -49.05 9.78
CA THR E 81 130.90 -47.96 9.67
C THR E 81 132.11 -48.23 8.78
N ALA E 82 132.30 -49.49 8.42
CA ALA E 82 133.29 -49.85 7.41
C ALA E 82 132.54 -50.08 6.11
N SER E 83 131.54 -50.94 6.18
CA SER E 83 130.72 -51.17 5.02
C SER E 83 129.29 -51.35 5.46
N ALA E 84 128.37 -50.86 4.64
CA ALA E 84 126.97 -50.95 4.99
C ALA E 84 126.24 -51.97 4.14
N ASP E 85 126.05 -53.18 4.66
CA ASP E 85 125.15 -54.09 4.00
C ASP E 85 123.73 -53.52 4.07
N PRO E 86 122.99 -53.60 2.97
CA PRO E 86 121.61 -53.15 2.95
C PRO E 86 120.72 -53.84 4.00
N VAL E 87 121.02 -55.08 4.39
CA VAL E 87 120.21 -55.74 5.41
C VAL E 87 120.21 -54.97 6.71
N TYR E 88 121.35 -54.36 7.04
CA TYR E 88 121.41 -53.49 8.23
C TYR E 88 120.68 -52.16 7.99
N THR E 89 121.01 -51.49 6.89
CA THR E 89 120.54 -50.12 6.67
C THR E 89 119.04 -50.06 6.45
N LEU E 90 118.44 -51.16 6.01
CA LEU E 90 116.99 -51.20 5.79
C LEU E 90 116.20 -51.84 6.94
N SER E 91 116.89 -52.23 8.00
CA SER E 91 116.26 -52.93 9.13
C SER E 91 115.68 -51.97 10.15
N VAL E 92 115.97 -50.68 9.96
CA VAL E 92 115.39 -49.62 10.80
C VAL E 92 114.59 -48.65 9.92
N PRO E 93 113.77 -47.79 10.53
CA PRO E 93 113.08 -46.84 9.66
C PRO E 93 114.05 -46.13 8.72
N HIS E 94 113.68 -46.01 7.44
CA HIS E 94 114.60 -45.51 6.43
C HIS E 94 113.87 -44.97 5.22
N TRP E 95 114.63 -44.26 4.38
CA TRP E 95 114.10 -43.55 3.22
C TRP E 95 115.07 -43.72 2.06
N LEU E 96 114.52 -43.99 0.88
CA LEU E 96 115.33 -44.02 -0.31
C LEU E 96 115.54 -42.60 -0.88
N ILE E 97 116.77 -42.28 -1.21
CA ILE E 97 117.07 -40.99 -1.78
C ILE E 97 117.59 -41.17 -3.18
N HIS E 98 116.76 -40.85 -4.18
CA HIS E 98 117.14 -41.01 -5.58
C HIS E 98 117.79 -39.75 -6.15
N HIS E 99 118.96 -39.94 -6.75
CA HIS E 99 119.73 -38.82 -7.24
C HIS E 99 118.96 -38.08 -8.33
N LYS E 100 118.18 -38.81 -9.09
CA LYS E 100 117.44 -38.17 -10.16
C LYS E 100 116.43 -37.13 -9.63
N LEU E 101 116.00 -37.27 -8.38
CA LEU E 101 114.93 -36.41 -7.84
C LEU E 101 115.48 -35.20 -7.11
N GLY E 102 116.81 -35.16 -6.98
CA GLY E 102 117.47 -34.06 -6.29
C GLY E 102 117.15 -33.96 -4.82
N THR E 103 116.90 -32.73 -4.38
CA THR E 103 116.68 -32.43 -2.97
C THR E 103 115.53 -33.25 -2.39
N PHE E 104 115.79 -33.85 -1.22
CA PHE E 104 114.91 -34.82 -0.60
C PHE E 104 114.38 -34.31 0.72
N SER E 105 113.15 -34.68 1.05
CA SER E 105 112.56 -34.26 2.29
C SER E 105 111.65 -35.33 2.87
N CYS E 106 111.56 -35.42 4.20
CA CYS E 106 110.60 -36.31 4.85
C CYS E 106 110.28 -35.82 6.25
N GLU E 107 109.22 -36.38 6.85
CA GLU E 107 108.88 -36.05 8.23
C GLU E 107 109.17 -37.18 9.19
N ILE E 108 109.69 -36.82 10.34
CA ILE E 108 109.95 -37.78 11.37
C ILE E 108 109.17 -37.34 12.59
N ASP E 109 108.11 -38.07 12.92
CA ASP E 109 107.41 -37.81 14.17
C ASP E 109 108.18 -38.54 15.25
N TYR E 110 108.98 -37.80 16.00
CA TYR E 110 109.87 -38.38 16.98
C TYR E 110 109.09 -39.15 18.03
N GLY E 111 107.82 -38.78 18.22
CA GLY E 111 106.94 -39.48 19.13
C GLY E 111 106.71 -40.91 18.73
N GLU E 112 106.54 -41.14 17.44
CA GLU E 112 106.31 -42.49 16.90
C GLU E 112 107.61 -43.24 16.64
N LEU E 113 108.44 -42.72 15.74
CA LEU E 113 109.68 -43.38 15.34
C LEU E 113 110.69 -43.58 16.48
N CYS E 114 110.60 -42.76 17.50
CA CYS E 114 111.51 -42.91 18.61
C CYS E 114 110.82 -43.32 19.93
N GLY E 115 109.90 -42.50 20.42
CA GLY E 115 109.11 -42.87 21.58
C GLY E 115 109.42 -42.22 22.91
N HIS E 116 110.63 -41.73 23.10
CA HIS E 116 110.93 -40.99 24.32
C HIS E 116 111.40 -39.55 24.01
N ALA E 117 111.07 -38.64 24.92
CA ALA E 117 111.41 -37.22 24.72
C ALA E 117 112.88 -36.92 24.99
N MET E 118 113.42 -35.96 24.23
CA MET E 118 114.83 -35.59 24.32
C MET E 118 115.14 -34.57 25.41
N TRP E 119 116.13 -34.89 26.23
CA TRP E 119 116.53 -34.05 27.34
C TRP E 119 117.67 -33.15 26.90
N PHE E 120 117.52 -31.86 27.14
CA PHE E 120 118.45 -30.88 26.58
C PHE E 120 119.91 -31.08 26.97
N LYS E 121 120.17 -31.57 28.18
CA LYS E 121 121.53 -31.58 28.71
C LYS E 121 122.36 -32.84 28.42
N SER E 122 121.69 -33.94 28.13
CA SER E 122 122.40 -35.19 27.91
C SER E 122 121.51 -36.25 27.31
N THR E 123 122.15 -37.24 26.72
CA THR E 123 121.42 -38.34 26.14
C THR E 123 120.79 -39.16 27.29
N THR E 124 119.53 -39.53 27.14
CA THR E 124 118.84 -40.33 28.15
C THR E 124 119.17 -41.80 27.98
N PHE E 125 118.73 -42.40 26.88
CA PHE E 125 119.06 -43.81 26.68
C PHE E 125 120.25 -43.96 25.77
N GLU E 126 120.01 -43.99 24.47
CA GLU E 126 121.13 -43.88 23.56
C GLU E 126 120.93 -42.64 22.70
N SER E 127 122.00 -42.22 22.03
CA SER E 127 122.02 -41.01 21.23
C SER E 127 121.55 -41.26 19.81
N PRO E 128 120.44 -40.61 19.40
CA PRO E 128 119.78 -40.79 18.10
C PRO E 128 120.64 -40.38 16.89
N ARG E 129 120.79 -41.28 15.91
CA ARG E 129 121.64 -41.05 14.76
C ARG E 129 120.89 -41.09 13.44
N LEU E 130 121.39 -40.38 12.44
CA LEU E 130 121.00 -40.58 11.05
C LEU E 130 122.17 -41.15 10.28
N HIS E 131 122.00 -42.31 9.65
CA HIS E 131 123.10 -42.89 8.87
C HIS E 131 122.87 -42.68 7.39
N PHE E 132 123.93 -42.35 6.66
CA PHE E 132 123.83 -42.19 5.22
C PHE E 132 124.73 -43.18 4.49
N THR E 133 124.09 -44.04 3.72
CA THR E 133 124.77 -45.11 3.02
C THR E 133 124.39 -45.12 1.56
N CYS E 134 125.21 -45.73 0.73
CA CYS E 134 124.91 -45.82 -0.69
C CYS E 134 124.30 -47.19 -1.03
N LEU E 135 123.07 -47.20 -1.55
CA LEU E 135 122.32 -48.44 -1.82
C LEU E 135 122.67 -49.02 -3.18
N THR E 136 122.61 -48.16 -4.21
CA THR E 136 123.07 -48.49 -5.55
C THR E 136 124.14 -47.48 -5.98
N GLY E 137 125.23 -47.95 -6.55
CA GLY E 137 126.34 -47.07 -6.87
C GLY E 137 126.20 -46.32 -8.18
N ASN E 138 127.13 -45.40 -8.42
CA ASN E 138 127.15 -44.67 -9.67
C ASN E 138 127.65 -45.57 -10.80
N ASN E 139 127.20 -45.30 -12.01
CA ASN E 139 127.49 -46.16 -13.15
C ASN E 139 128.95 -46.08 -13.54
N LYS E 140 129.55 -44.91 -13.30
CA LYS E 140 130.97 -44.64 -13.48
C LYS E 140 131.26 -43.55 -12.47
N GLU E 141 132.51 -43.37 -12.09
CA GLU E 141 132.80 -42.33 -11.11
C GLU E 141 132.43 -40.94 -11.65
N LEU E 142 132.17 -40.01 -10.75
CA LEU E 142 131.88 -38.65 -11.14
C LEU E 142 133.18 -37.86 -11.27
N ALA E 143 133.08 -36.58 -11.60
CA ALA E 143 134.27 -35.80 -11.90
C ALA E 143 135.13 -35.50 -10.67
N ALA E 144 134.48 -35.33 -9.52
CA ALA E 144 135.20 -35.00 -8.28
C ALA E 144 134.40 -35.30 -7.02
N ASP E 145 135.08 -35.31 -5.88
CA ASP E 145 134.38 -35.46 -4.61
C ASP E 145 133.40 -34.30 -4.46
N TRP E 146 132.31 -34.53 -3.74
CA TRP E 146 131.34 -33.46 -3.44
C TRP E 146 130.69 -33.66 -2.08
N GLN E 147 129.73 -32.81 -1.74
CA GLN E 147 129.03 -32.96 -0.47
C GLN E 147 127.53 -32.70 -0.60
N ALA E 148 126.78 -33.19 0.37
CA ALA E 148 125.36 -32.91 0.47
C ALA E 148 125.11 -32.32 1.85
N VAL E 149 124.09 -31.47 1.97
CA VAL E 149 123.80 -30.85 3.25
C VAL E 149 122.53 -31.45 3.83
N VAL E 150 122.57 -31.80 5.12
CA VAL E 150 121.40 -32.32 5.82
C VAL E 150 120.86 -31.27 6.79
N GLU E 151 119.56 -30.99 6.72
CA GLU E 151 118.98 -29.96 7.58
C GLU E 151 117.79 -30.48 8.39
N LEU E 152 117.74 -30.10 9.68
CA LEU E 152 116.61 -30.40 10.54
C LEU E 152 115.77 -29.15 10.74
N TYR E 153 114.50 -29.22 10.37
CA TYR E 153 113.55 -28.13 10.62
C TYR E 153 112.57 -28.58 11.66
N ALA E 154 112.30 -27.73 12.64
CA ALA E 154 111.38 -28.06 13.72
C ALA E 154 110.97 -26.83 14.48
N GLU E 155 109.78 -26.86 15.06
CA GLU E 155 109.39 -25.84 16.03
C GLU E 155 109.29 -26.50 17.38
N LEU E 156 110.39 -26.48 18.12
CA LEU E 156 110.45 -27.19 19.40
C LEU E 156 109.56 -26.56 20.45
N GLU E 157 108.70 -27.37 21.06
CA GLU E 157 107.97 -26.92 22.22
C GLU E 157 108.13 -27.94 23.36
N GLU E 158 107.87 -27.48 24.58
CA GLU E 158 108.04 -28.33 25.76
C GLU E 158 107.14 -29.56 25.71
N ALA E 159 107.74 -30.71 26.01
CA ALA E 159 107.04 -31.98 26.02
C ALA E 159 106.27 -32.19 27.33
N THR E 160 105.03 -32.62 27.20
CA THR E 160 104.17 -32.79 28.35
C THR E 160 104.45 -34.13 29.08
N SER E 161 104.80 -35.17 28.32
CA SER E 161 105.06 -36.52 28.87
C SER E 161 106.41 -37.06 28.45
N PHE E 162 106.94 -38.03 29.19
CA PHE E 162 108.21 -38.62 28.81
C PHE E 162 108.05 -39.54 27.61
N LEU E 163 106.96 -40.30 27.61
CA LEU E 163 106.75 -41.32 26.61
C LEU E 163 105.85 -40.84 25.49
N GLY E 164 106.10 -41.32 24.28
CA GLY E 164 105.23 -41.10 23.15
C GLY E 164 103.98 -41.97 23.17
N LYS E 165 103.40 -42.20 22.01
CA LYS E 165 102.32 -43.16 21.90
C LYS E 165 102.99 -44.40 21.36
N PRO E 166 102.58 -45.58 21.87
CA PRO E 166 103.23 -46.84 21.49
C PRO E 166 103.03 -47.17 20.02
N THR E 167 104.12 -47.42 19.31
CA THR E 167 104.11 -47.92 17.93
C THR E 167 103.34 -49.25 17.81
N LEU E 168 103.41 -50.09 18.84
CA LEU E 168 102.85 -51.44 18.76
C LEU E 168 102.36 -51.95 20.12
N VAL E 169 101.23 -52.66 20.14
CA VAL E 169 100.77 -53.27 21.38
C VAL E 169 100.63 -54.75 21.16
N PHE E 170 101.18 -55.54 22.08
CA PHE E 170 101.31 -56.97 21.86
C PHE E 170 99.96 -57.65 21.76
N ASP E 171 99.79 -58.43 20.68
CA ASP E 171 98.60 -59.20 20.40
C ASP E 171 98.96 -60.27 19.37
N PRO E 172 98.87 -61.55 19.77
CA PRO E 172 99.25 -62.75 19.01
C PRO E 172 98.42 -62.87 17.77
N GLY E 173 97.13 -62.59 17.93
CA GLY E 173 96.14 -62.78 16.88
C GLY E 173 96.03 -61.58 15.94
N VAL E 174 97.02 -60.68 15.96
CA VAL E 174 96.92 -59.48 15.14
C VAL E 174 98.21 -59.09 14.41
N PHE E 175 98.20 -59.53 13.16
CA PHE E 175 99.08 -59.12 12.09
C PHE E 175 98.14 -58.81 10.93
N ASN E 176 97.90 -57.51 10.68
CA ASN E 176 97.00 -57.06 9.61
C ASN E 176 97.36 -57.60 8.22
N GLY E 177 98.59 -57.36 7.80
CA GLY E 177 99.00 -57.69 6.46
C GLY E 177 99.56 -56.45 5.79
N LYS E 178 99.46 -55.32 6.46
CA LYS E 178 100.11 -54.08 6.02
C LYS E 178 101.52 -53.95 6.63
N PHE E 179 102.48 -53.44 5.85
CA PHE E 179 103.84 -53.26 6.34
C PHE E 179 104.28 -51.81 6.27
N GLN E 180 105.24 -51.42 7.10
CA GLN E 180 105.99 -50.20 6.85
C GLN E 180 107.48 -50.49 6.83
N PHE E 181 108.23 -49.73 6.04
CA PHE E 181 109.68 -49.86 5.96
C PHE E 181 110.17 -51.25 5.58
N LEU E 182 109.41 -51.93 4.72
CA LEU E 182 109.83 -53.23 4.21
C LEU E 182 110.44 -53.07 2.82
N THR E 183 111.76 -52.97 2.78
CA THR E 183 112.48 -52.74 1.54
C THR E 183 113.43 -53.90 1.33
N CYS E 184 113.41 -54.50 0.15
CA CYS E 184 114.30 -55.61 -0.19
C CYS E 184 115.62 -55.09 -0.68
N PRO E 185 116.71 -55.73 -0.28
CA PRO E 185 118.01 -55.35 -0.84
C PRO E 185 117.97 -55.37 -2.35
N PRO E 186 118.82 -54.56 -3.00
CA PRO E 186 118.80 -54.38 -4.44
C PRO E 186 119.04 -55.70 -5.19
N ILE E 187 118.32 -55.84 -6.29
CA ILE E 187 118.44 -56.96 -7.21
C ILE E 187 119.19 -56.43 -8.43
N PHE E 188 120.13 -57.21 -8.98
CA PHE E 188 120.96 -56.68 -10.09
C PHE E 188 120.85 -57.46 -11.38
N PHE E 189 120.79 -56.77 -12.51
CA PHE E 189 120.76 -57.40 -13.82
C PHE E 189 121.98 -57.04 -14.63
N ASP E 190 122.67 -58.03 -15.18
CA ASP E 190 123.84 -57.79 -16.02
C ASP E 190 123.38 -57.39 -17.41
N LEU E 191 124.13 -56.54 -18.08
CA LEU E 191 123.73 -56.17 -19.43
C LEU E 191 124.38 -57.07 -20.46
N THR E 192 125.18 -58.02 -19.98
CA THR E 192 125.81 -59.01 -20.85
C THR E 192 124.93 -60.23 -21.01
N ALA E 193 123.66 -60.08 -20.67
CA ALA E 193 122.71 -61.18 -20.67
C ALA E 193 121.43 -60.79 -21.40
N VAL E 194 121.10 -61.56 -22.42
CA VAL E 194 119.91 -61.24 -23.20
C VAL E 194 118.60 -61.39 -22.41
N THR E 195 118.52 -62.39 -21.54
CA THR E 195 117.42 -62.49 -20.58
C THR E 195 118.00 -62.90 -19.24
N ALA E 196 117.19 -62.78 -18.19
CA ALA E 196 117.63 -63.19 -16.86
C ALA E 196 116.50 -63.35 -15.88
N LEU E 197 116.73 -64.12 -14.81
CA LEU E 197 115.76 -64.20 -13.75
C LEU E 197 116.39 -63.81 -12.44
N ARG E 198 115.65 -63.06 -11.64
CA ARG E 198 116.02 -62.84 -10.25
C ARG E 198 114.86 -63.14 -9.31
N SER E 199 115.10 -64.03 -8.33
CA SER E 199 114.04 -64.40 -7.41
C SER E 199 114.11 -63.58 -6.13
N ALA E 200 112.95 -63.24 -5.61
CA ALA E 200 112.84 -62.70 -4.27
C ALA E 200 111.95 -63.64 -3.47
N GLY E 201 112.48 -64.19 -2.38
CA GLY E 201 111.71 -65.08 -1.54
C GLY E 201 110.53 -64.40 -0.86
N LEU E 202 109.42 -65.12 -0.72
CA LEU E 202 108.23 -64.53 -0.09
C LEU E 202 107.98 -65.16 1.28
N THR E 203 108.98 -65.87 1.78
CA THR E 203 108.90 -66.44 3.12
C THR E 203 109.34 -65.38 4.13
N LEU E 204 108.49 -64.37 4.32
CA LEU E 204 108.85 -63.12 4.99
C LEU E 204 109.13 -63.18 6.50
N GLY E 205 108.84 -64.31 7.13
CA GLY E 205 109.12 -64.48 8.54
C GLY E 205 110.56 -64.91 8.83
N GLN E 206 111.28 -65.23 7.77
CA GLN E 206 112.67 -65.67 7.86
C GLN E 206 113.52 -64.51 8.34
N VAL E 207 114.44 -64.76 9.24
CA VAL E 207 115.29 -63.67 9.74
C VAL E 207 116.48 -63.49 8.82
N PRO E 208 116.68 -62.25 8.35
CA PRO E 208 117.71 -61.91 7.36
C PRO E 208 119.09 -62.06 7.97
N MET E 209 120.10 -62.34 7.15
CA MET E 209 121.44 -62.52 7.69
C MET E 209 122.51 -61.79 6.92
N VAL E 210 123.57 -61.44 7.63
CA VAL E 210 124.73 -60.82 7.02
C VAL E 210 125.90 -61.63 7.51
N GLY E 211 126.35 -62.57 6.69
CA GLY E 211 127.33 -63.54 7.11
C GLY E 211 126.72 -64.45 8.16
N THR E 212 127.37 -64.53 9.32
CA THR E 212 126.85 -65.34 10.41
C THR E 212 125.94 -64.55 11.35
N THR E 213 125.80 -63.26 11.09
CA THR E 213 125.00 -62.36 11.94
C THR E 213 123.52 -62.33 11.58
N LYS E 214 122.67 -62.65 12.56
CA LYS E 214 121.22 -62.58 12.38
C LYS E 214 120.81 -61.15 12.64
N VAL E 215 120.00 -60.59 11.75
CA VAL E 215 119.46 -59.25 11.96
C VAL E 215 117.96 -59.30 12.24
N TYR E 216 117.58 -59.44 13.51
CA TYR E 216 116.16 -59.45 13.85
C TYR E 216 115.55 -58.10 13.53
N ASN E 217 114.36 -58.12 12.92
CA ASN E 217 113.65 -56.87 12.64
C ASN E 217 112.16 -57.02 12.80
N LEU E 218 111.47 -55.90 12.95
CA LEU E 218 110.04 -55.94 13.24
C LEU E 218 109.21 -56.62 12.17
N ASN E 219 109.51 -56.36 10.89
CA ASN E 219 108.70 -56.94 9.82
C ASN E 219 108.73 -58.46 9.79
N SER E 220 109.92 -59.06 9.82
CA SER E 220 109.95 -60.51 9.83
C SER E 220 109.32 -61.05 11.11
N THR E 221 109.52 -60.34 12.21
CA THR E 221 108.89 -60.69 13.48
C THR E 221 107.37 -60.69 13.38
N LEU E 222 106.80 -59.67 12.76
CA LEU E 222 105.35 -59.62 12.53
C LEU E 222 104.88 -60.83 11.75
N VAL E 223 105.49 -61.09 10.60
CA VAL E 223 105.09 -62.21 9.76
C VAL E 223 105.15 -63.52 10.54
N SER E 224 106.09 -63.65 11.46
CA SER E 224 106.24 -64.90 12.18
C SER E 224 105.07 -65.15 13.13
N CYS E 225 104.26 -64.12 13.35
CA CYS E 225 103.08 -64.21 14.21
C CYS E 225 101.94 -65.00 13.59
N VAL E 226 102.16 -65.41 12.35
CA VAL E 226 101.17 -66.10 11.54
C VAL E 226 101.82 -67.42 11.03
N LEU E 227 101.01 -68.39 10.61
CA LEU E 227 101.57 -69.65 10.12
C LEU E 227 101.93 -69.56 8.64
N GLY E 228 101.20 -68.74 7.91
CA GLY E 228 101.44 -68.52 6.50
C GLY E 228 100.47 -67.49 5.94
N MET E 229 100.64 -67.14 4.67
CA MET E 229 99.84 -66.08 4.05
C MET E 229 99.67 -66.30 2.56
N GLY E 230 98.50 -65.92 2.07
CA GLY E 230 98.25 -65.91 0.65
C GLY E 230 97.62 -64.58 0.30
N GLY E 231 97.41 -64.33 -0.99
CA GLY E 231 96.83 -63.06 -1.38
C GLY E 231 97.67 -62.35 -2.43
N THR E 232 97.52 -61.03 -2.48
CA THR E 232 98.25 -60.27 -3.48
C THR E 232 99.29 -59.36 -2.83
N VAL E 233 100.52 -59.43 -3.34
CA VAL E 233 101.61 -58.54 -2.92
C VAL E 233 101.50 -57.19 -3.62
N ARG E 234 101.23 -56.13 -2.86
CA ARG E 234 101.23 -54.78 -3.42
C ARG E 234 102.53 -54.12 -3.05
N GLY E 235 103.26 -53.63 -4.04
CA GLY E 235 104.53 -52.99 -3.77
C GLY E 235 104.91 -51.94 -4.78
N ARG E 236 106.13 -51.43 -4.66
CA ARG E 236 106.66 -50.46 -5.60
C ARG E 236 108.00 -50.97 -6.11
N VAL E 237 108.30 -50.67 -7.37
CA VAL E 237 109.57 -51.02 -7.97
C VAL E 237 110.30 -49.74 -8.33
N HIS E 238 111.56 -49.65 -7.93
CA HIS E 238 112.41 -48.55 -8.36
C HIS E 238 113.53 -49.03 -9.25
N ILE E 239 113.63 -48.42 -10.43
CA ILE E 239 114.72 -48.70 -11.33
C ILE E 239 115.85 -47.70 -11.15
N CYS E 240 116.94 -48.15 -10.54
CA CYS E 240 117.99 -47.27 -10.04
C CYS E 240 119.19 -47.19 -10.95
N ALA E 241 118.98 -46.62 -12.12
CA ALA E 241 120.03 -46.46 -13.10
C ALA E 241 119.91 -45.11 -13.82
N PRO E 242 120.96 -44.71 -14.54
CA PRO E 242 120.93 -43.50 -15.39
C PRO E 242 119.80 -43.51 -16.44
N ILE E 243 119.32 -42.35 -16.90
CA ILE E 243 118.25 -42.31 -17.92
C ILE E 243 118.61 -43.07 -19.18
N PHE E 244 119.91 -43.26 -19.44
CA PHE E 244 120.34 -43.98 -20.65
C PHE E 244 120.39 -45.52 -20.50
N TYR E 245 120.07 -46.02 -19.30
CA TYR E 245 119.84 -47.43 -19.06
C TYR E 245 118.36 -47.67 -19.13
N SER E 246 117.94 -48.84 -19.60
CA SER E 246 116.53 -49.17 -19.59
C SER E 246 116.28 -50.67 -19.66
N ILE E 247 115.11 -51.08 -19.17
CA ILE E 247 114.82 -52.49 -19.06
C ILE E 247 113.32 -52.75 -19.13
N VAL E 248 112.93 -53.97 -19.47
CA VAL E 248 111.54 -54.38 -19.37
C VAL E 248 111.46 -55.69 -18.59
N LEU E 249 110.65 -55.69 -17.54
CA LEU E 249 110.53 -56.87 -16.68
C LEU E 249 109.15 -57.49 -16.74
N TRP E 250 109.12 -58.82 -16.72
CA TRP E 250 107.91 -59.60 -16.45
C TRP E 250 108.02 -60.03 -15.00
N VAL E 251 107.11 -59.55 -14.17
CA VAL E 251 107.11 -59.89 -12.75
C VAL E 251 105.94 -60.83 -12.40
N VAL E 252 106.28 -62.02 -11.92
CA VAL E 252 105.26 -63.02 -11.65
C VAL E 252 105.61 -63.90 -10.46
N SER E 253 104.62 -64.52 -9.84
CA SER E 253 104.90 -65.42 -8.73
C SER E 253 104.95 -66.89 -9.15
N GLU E 254 105.90 -67.63 -8.63
CA GLU E 254 106.03 -69.06 -8.94
C GLU E 254 106.24 -69.92 -7.69
N TRP E 255 105.83 -71.19 -7.79
CA TRP E 255 105.94 -72.12 -6.67
C TRP E 255 107.00 -73.21 -6.90
N ASN E 256 107.91 -73.35 -5.93
CA ASN E 256 108.91 -74.39 -5.93
C ASN E 256 109.66 -74.54 -7.25
N GLY E 257 110.61 -73.65 -7.49
CA GLY E 257 111.32 -73.62 -8.75
C GLY E 257 110.63 -72.70 -9.74
N THR E 258 111.09 -72.76 -10.98
CA THR E 258 110.51 -71.92 -12.01
C THR E 258 110.32 -72.78 -13.23
N THR E 259 109.37 -72.40 -14.08
CA THR E 259 109.21 -73.12 -15.32
C THR E 259 110.36 -72.78 -16.26
N MET E 260 110.66 -73.70 -17.17
CA MET E 260 111.73 -73.51 -18.12
C MET E 260 111.15 -73.19 -19.50
N ASP E 261 109.83 -73.19 -19.60
CA ASP E 261 109.11 -72.96 -20.86
C ASP E 261 108.58 -71.54 -20.94
N TRP E 262 109.18 -70.72 -21.81
CA TRP E 262 108.77 -69.32 -21.95
C TRP E 262 107.28 -69.14 -22.22
N ASN E 263 106.68 -70.08 -22.93
CA ASN E 263 105.26 -69.97 -23.23
C ASN E 263 104.41 -70.21 -22.01
N GLU E 264 104.80 -71.16 -21.16
CA GLU E 264 104.06 -71.41 -19.92
C GLU E 264 104.18 -70.18 -19.03
N LEU E 265 105.37 -69.59 -18.98
CA LEU E 265 105.66 -68.42 -18.16
C LEU E 265 104.69 -67.29 -18.39
N PHE E 266 104.32 -67.08 -19.65
CA PHE E 266 103.42 -65.99 -20.00
C PHE E 266 101.94 -66.35 -19.96
N LYS E 267 101.62 -67.56 -19.51
CA LYS E 267 100.25 -67.95 -19.25
C LYS E 267 99.93 -67.69 -17.79
N TYR E 268 100.95 -67.34 -17.01
CA TYR E 268 100.77 -66.99 -15.61
C TYR E 268 100.29 -65.55 -15.48
N PRO E 269 99.68 -65.21 -14.34
CA PRO E 269 99.20 -63.85 -14.08
C PRO E 269 100.27 -62.95 -13.50
N GLY E 270 101.06 -62.35 -14.39
CA GLY E 270 102.10 -61.41 -14.02
C GLY E 270 101.84 -59.99 -14.50
N VAL E 271 102.81 -59.11 -14.30
CA VAL E 271 102.67 -57.73 -14.72
C VAL E 271 103.96 -57.28 -15.37
N TYR E 272 103.88 -56.31 -16.26
CA TYR E 272 105.09 -55.78 -16.90
C TYR E 272 105.57 -54.53 -16.16
N VAL E 273 106.88 -54.40 -16.00
CA VAL E 273 107.44 -53.21 -15.37
C VAL E 273 108.48 -52.63 -16.31
N GLU E 274 108.29 -51.39 -16.73
CA GLU E 274 109.20 -50.70 -17.67
C GLU E 274 109.89 -49.56 -16.96
N GLU E 275 109.35 -49.17 -15.80
CA GLU E 275 109.76 -47.95 -15.10
C GLU E 275 109.31 -47.90 -13.64
N ASP E 276 109.88 -46.96 -12.88
CA ASP E 276 109.44 -46.73 -11.50
C ASP E 276 107.93 -46.81 -11.45
N GLY E 277 107.38 -47.54 -10.48
CA GLY E 277 105.94 -47.62 -10.31
C GLY E 277 105.51 -48.66 -9.29
N SER E 278 104.20 -48.74 -9.04
CA SER E 278 103.68 -49.77 -8.15
C SER E 278 103.30 -51.03 -8.94
N PHE E 279 103.08 -52.14 -8.24
CA PHE E 279 102.71 -53.42 -8.87
C PHE E 279 101.85 -54.24 -7.90
N GLU E 280 101.02 -55.10 -8.45
CA GLU E 280 100.31 -56.09 -7.64
C GLU E 280 100.51 -57.48 -8.28
N VAL E 281 101.04 -58.43 -7.54
CA VAL E 281 101.17 -59.77 -8.06
C VAL E 281 100.54 -60.76 -7.08
N LYS E 282 99.76 -61.71 -7.61
CA LYS E 282 99.13 -62.73 -6.78
C LYS E 282 100.16 -63.74 -6.32
N ILE E 283 100.13 -64.07 -5.02
CA ILE E 283 100.98 -65.13 -4.47
C ILE E 283 100.50 -66.48 -4.94
N ARG E 284 101.33 -67.14 -5.74
CA ARG E 284 100.97 -68.39 -6.40
C ARG E 284 101.43 -69.61 -5.62
N SER E 285 100.49 -70.48 -5.26
CA SER E 285 100.82 -71.67 -4.47
C SER E 285 99.73 -72.72 -4.51
N PRO E 286 100.14 -74.01 -4.46
CA PRO E 286 99.24 -75.17 -4.45
C PRO E 286 98.29 -75.12 -3.28
N TYR E 287 98.64 -74.33 -2.26
CA TYR E 287 97.82 -74.21 -1.05
C TYR E 287 97.23 -72.82 -0.93
N HIS E 288 97.50 -72.00 -1.94
CA HIS E 288 97.03 -70.61 -2.00
C HIS E 288 97.74 -69.71 -0.99
N ARG E 289 98.55 -70.32 -0.12
CA ARG E 289 99.32 -69.59 0.88
C ARG E 289 100.74 -70.13 0.83
N THR E 290 101.71 -69.30 1.20
CA THR E 290 103.08 -69.76 1.43
C THR E 290 103.36 -69.70 2.95
N PRO E 291 104.14 -70.64 3.47
CA PRO E 291 104.46 -70.66 4.91
C PRO E 291 105.28 -69.47 5.34
N ALA E 292 105.05 -69.04 6.57
CA ALA E 292 105.71 -67.86 7.13
C ALA E 292 107.21 -68.07 7.37
N ARG E 293 107.59 -69.28 7.81
CA ARG E 293 109.01 -69.58 8.03
C ARG E 293 109.37 -70.96 7.47
N LEU E 294 110.66 -71.24 7.38
CA LEU E 294 111.09 -72.51 6.84
C LEU E 294 111.34 -73.56 7.91
N LEU E 295 111.21 -74.82 7.52
CA LEU E 295 111.65 -75.95 8.34
C LEU E 295 113.06 -76.33 7.94
N ALA E 296 113.72 -77.12 8.76
CA ALA E 296 115.05 -77.61 8.40
C ALA E 296 115.02 -78.26 7.04
N GLY E 297 116.08 -78.04 6.27
CA GLY E 297 116.21 -78.62 4.96
C GLY E 297 115.71 -77.69 3.87
N GLN E 298 114.58 -77.04 4.15
CA GLN E 298 113.85 -76.24 3.16
C GLN E 298 114.56 -74.98 2.73
N SER E 299 114.36 -74.63 1.47
CA SER E 299 114.88 -73.39 0.88
C SER E 299 113.69 -72.46 0.62
N GLN E 300 113.95 -71.16 0.58
CA GLN E 300 112.86 -70.20 0.44
C GLN E 300 112.30 -70.32 -0.97
N ARG E 301 113.12 -70.87 -1.85
CA ARG E 301 112.76 -71.02 -3.24
C ARG E 301 111.77 -72.19 -3.43
N ASP E 302 111.71 -73.05 -2.43
CA ASP E 302 110.86 -74.25 -2.44
C ASP E 302 109.40 -73.88 -2.25
N MET E 303 109.17 -72.65 -1.83
CA MET E 303 107.82 -72.14 -1.63
C MET E 303 107.45 -71.11 -2.69
N SER E 304 106.63 -70.14 -2.30
CA SER E 304 106.20 -69.09 -3.19
C SER E 304 107.24 -67.96 -3.27
N SER E 305 107.58 -67.56 -4.49
CA SER E 305 108.55 -66.49 -4.69
C SER E 305 108.01 -65.44 -5.66
N LEU E 306 108.55 -64.23 -5.56
CA LEU E 306 108.22 -63.14 -6.45
C LEU E 306 109.37 -63.06 -7.46
N ASN E 307 109.10 -63.45 -8.70
CA ASN E 307 110.15 -63.57 -9.71
C ASN E 307 110.24 -62.42 -10.70
N PHE E 308 111.45 -61.91 -10.88
CA PHE E 308 111.69 -60.80 -11.80
C PHE E 308 112.46 -61.27 -13.04
N TYR E 309 111.75 -61.35 -14.16
CA TYR E 309 112.31 -61.83 -15.42
C TYR E 309 112.62 -60.65 -16.33
N ALA E 310 113.89 -60.51 -16.68
CA ALA E 310 114.25 -59.50 -17.67
C ALA E 310 113.98 -60.07 -19.06
N ILE E 311 112.97 -59.50 -19.73
CA ILE E 311 112.55 -60.04 -21.02
C ILE E 311 113.02 -59.18 -22.19
N ALA E 312 113.41 -57.95 -21.91
CA ALA E 312 114.05 -57.11 -22.92
C ALA E 312 115.05 -56.18 -22.24
N GLY E 313 116.32 -56.40 -22.48
CA GLY E 313 117.33 -55.63 -21.79
C GLY E 313 117.83 -56.36 -20.56
N PRO E 314 118.52 -55.64 -19.68
CA PRO E 314 118.77 -54.21 -19.79
C PRO E 314 119.67 -53.83 -20.96
N ILE E 315 119.50 -52.63 -21.46
CA ILE E 315 120.42 -52.09 -22.47
C ILE E 315 121.03 -50.77 -21.98
N ALA E 316 122.21 -50.47 -22.51
CA ALA E 316 122.85 -49.19 -22.24
C ALA E 316 123.79 -48.92 -23.38
N PRO E 317 124.22 -47.66 -23.53
CA PRO E 317 125.18 -47.31 -24.57
C PRO E 317 126.54 -47.91 -24.25
N SER E 318 127.40 -48.13 -25.24
CA SER E 318 128.75 -48.60 -24.88
C SER E 318 129.50 -47.39 -24.41
N GLY E 319 130.48 -47.59 -23.54
CA GLY E 319 130.78 -48.87 -22.95
C GLY E 319 130.47 -48.73 -21.47
N GLU E 320 129.20 -48.95 -21.15
CA GLU E 320 128.79 -48.98 -19.78
C GLU E 320 129.02 -50.40 -19.29
N THR E 321 129.25 -50.57 -17.99
CA THR E 321 129.57 -51.88 -17.48
C THR E 321 128.75 -52.22 -16.26
N ALA E 322 128.28 -51.17 -15.58
CA ALA E 322 127.49 -51.29 -14.37
C ALA E 322 126.26 -52.16 -14.56
N GLN E 323 125.89 -52.89 -13.52
CA GLN E 323 124.67 -53.66 -13.57
C GLN E 323 123.49 -52.71 -13.37
N LEU E 324 122.30 -53.10 -13.81
CA LEU E 324 121.11 -52.32 -13.56
C LEU E 324 120.38 -52.83 -12.32
N PRO E 325 120.32 -52.01 -11.28
CA PRO E 325 119.71 -52.42 -10.02
C PRO E 325 118.20 -52.13 -9.94
N ILE E 326 117.46 -53.03 -9.33
CA ILE E 326 116.03 -52.88 -9.08
C ILE E 326 115.86 -52.91 -7.57
N VAL E 327 115.22 -51.90 -7.01
CA VAL E 327 114.89 -51.94 -5.57
C VAL E 327 113.39 -52.16 -5.37
N VAL E 328 113.05 -53.25 -4.70
CA VAL E 328 111.63 -53.57 -4.47
C VAL E 328 111.17 -53.22 -3.06
N GLN E 329 110.04 -52.53 -2.95
CA GLN E 329 109.42 -52.29 -1.66
C GLN E 329 108.09 -53.02 -1.59
N ILE E 330 107.84 -53.72 -0.48
CA ILE E 330 106.57 -54.39 -0.29
C ILE E 330 105.70 -53.61 0.68
N ASP E 331 104.52 -53.20 0.24
CA ASP E 331 103.69 -52.30 1.05
C ASP E 331 102.64 -53.07 1.85
N GLU E 332 101.97 -54.01 1.20
CA GLU E 332 101.02 -54.84 1.93
C GLU E 332 100.61 -56.08 1.17
N ILE E 333 100.01 -57.00 1.89
CA ILE E 333 99.30 -58.11 1.28
C ILE E 333 97.84 -57.71 1.20
N VAL E 334 97.37 -57.42 -0.01
CA VAL E 334 95.99 -56.97 -0.20
C VAL E 334 95.13 -58.20 -0.44
N ARG E 335 93.88 -58.12 0.00
CA ARG E 335 92.97 -59.25 -0.14
C ARG E 335 93.65 -60.48 0.43
N PRO E 336 94.05 -60.40 1.71
CA PRO E 336 94.90 -61.40 2.34
C PRO E 336 94.15 -62.67 2.69
N ASP E 337 94.81 -63.79 2.46
CA ASP E 337 94.32 -65.10 2.90
C ASP E 337 95.28 -65.60 3.97
N LEU E 338 94.98 -65.28 5.23
CA LEU E 338 95.90 -65.60 6.31
C LEU E 338 95.66 -66.98 6.91
N SER E 339 96.73 -67.59 7.41
CA SER E 339 96.60 -68.80 8.20
C SER E 339 96.17 -68.46 9.61
N LEU E 340 96.04 -69.48 10.44
CA LEU E 340 95.85 -69.25 11.86
C LEU E 340 97.03 -68.46 12.38
N PRO E 341 96.80 -67.69 13.45
CA PRO E 341 97.94 -67.11 14.17
C PRO E 341 98.84 -68.25 14.63
N SER E 342 100.15 -68.03 14.65
CA SER E 342 101.05 -69.08 15.09
C SER E 342 100.94 -69.28 16.61
N PHE E 343 100.63 -68.21 17.35
CA PHE E 343 100.43 -68.32 18.80
C PHE E 343 99.03 -67.87 19.22
N GLU E 344 98.52 -68.51 20.26
CA GLU E 344 97.23 -68.13 20.81
C GLU E 344 97.44 -67.18 22.00
N ASP E 345 96.37 -66.72 22.62
CA ASP E 345 96.53 -65.86 23.79
C ASP E 345 96.84 -66.74 24.99
N ASP E 346 98.09 -67.18 25.05
CA ASP E 346 98.48 -68.19 26.00
C ASP E 346 99.88 -67.85 26.52
N TYR E 347 100.35 -68.68 27.45
CA TYR E 347 101.70 -68.56 27.97
C TYR E 347 102.67 -69.03 26.90
N PHE E 348 103.92 -68.60 27.02
CA PHE E 348 105.02 -69.13 26.21
C PHE E 348 106.28 -69.16 27.05
N VAL E 349 107.27 -69.90 26.59
CA VAL E 349 108.46 -70.11 27.38
C VAL E 349 109.36 -68.88 27.43
N TRP E 350 109.70 -68.47 28.64
CA TRP E 350 110.67 -67.39 28.83
C TRP E 350 112.06 -68.03 29.02
N VAL E 351 112.19 -68.88 30.02
CA VAL E 351 113.49 -69.47 30.31
C VAL E 351 113.37 -70.82 31.06
N ASP E 352 114.30 -71.74 30.77
CA ASP E 352 114.47 -72.95 31.57
C ASP E 352 115.80 -72.89 32.30
N PHE E 353 115.77 -73.17 33.61
CA PHE E 353 117.00 -73.33 34.37
C PHE E 353 117.18 -74.79 34.71
N SER E 354 118.39 -75.30 34.52
CA SER E 354 118.66 -76.72 34.74
C SER E 354 120.10 -76.95 35.15
N GLU E 355 120.42 -78.20 35.47
CA GLU E 355 121.80 -78.56 35.75
C GLU E 355 122.42 -77.64 36.82
N PHE E 356 121.74 -77.51 37.95
CA PHE E 356 122.24 -76.67 39.05
C PHE E 356 123.43 -77.29 39.75
N THR E 357 124.42 -76.46 40.07
CA THR E 357 125.66 -76.98 40.65
C THR E 357 125.73 -76.66 42.13
N LEU E 358 125.03 -75.61 42.53
CA LEU E 358 124.95 -75.24 43.95
C LEU E 358 123.53 -75.34 44.46
N ASP E 359 123.39 -75.73 45.73
CA ASP E 359 122.07 -75.82 46.36
C ASP E 359 121.47 -74.42 46.57
N LYS E 360 122.29 -73.45 46.91
CA LYS E 360 121.84 -72.06 47.01
C LYS E 360 122.02 -71.33 45.67
N GLU E 361 120.89 -70.96 45.07
CA GLU E 361 120.90 -70.27 43.79
C GLU E 361 119.95 -69.09 43.90
N GLU E 362 120.35 -67.94 43.38
CA GLU E 362 119.45 -66.80 43.37
C GLU E 362 119.50 -66.05 42.04
N ILE E 363 118.37 -66.11 41.32
CA ILE E 363 118.23 -65.52 40.00
C ILE E 363 117.56 -64.17 40.12
N GLU E 364 118.32 -63.09 39.87
CA GLU E 364 117.75 -61.74 39.89
C GLU E 364 117.06 -61.38 38.58
N ILE E 365 115.82 -60.90 38.70
CA ILE E 365 115.05 -60.52 37.55
C ILE E 365 114.84 -59.01 37.55
N GLY E 366 114.49 -58.48 38.72
CA GLY E 366 114.29 -57.05 38.88
C GLY E 366 113.00 -56.59 38.24
N SER E 367 113.12 -55.69 37.26
CA SER E 367 111.94 -55.25 36.54
C SER E 367 112.10 -55.44 35.02
N ARG E 368 112.98 -56.36 34.62
CA ARG E 368 113.33 -56.52 33.21
C ARG E 368 112.86 -57.85 32.63
N PHE E 369 112.57 -57.85 31.33
CA PHE E 369 112.44 -59.09 30.58
C PHE E 369 113.68 -59.18 29.68
N PHE E 370 114.50 -60.21 29.86
CA PHE E 370 115.81 -60.23 29.22
C PHE E 370 116.42 -61.63 29.16
N ASP E 371 117.64 -61.74 28.63
CA ASP E 371 118.35 -63.01 28.56
C ASP E 371 119.23 -63.23 29.79
N PHE E 372 119.02 -64.36 30.45
CA PHE E 372 119.78 -64.72 31.65
C PHE E 372 121.15 -65.32 31.33
N THR E 373 122.09 -65.17 32.24
CA THR E 373 123.34 -65.93 32.18
C THR E 373 123.68 -66.43 33.56
N SER E 374 124.32 -67.59 33.65
CA SER E 374 124.72 -68.14 34.94
C SER E 374 126.00 -68.93 34.82
N ASN E 375 126.82 -68.82 35.86
CA ASN E 375 128.04 -69.59 35.98
C ASN E 375 127.78 -70.87 36.75
N THR E 376 126.65 -70.88 37.45
CA THR E 376 126.35 -71.96 38.38
C THR E 376 125.22 -72.88 37.92
N CYS E 377 124.59 -72.52 36.81
CA CYS E 377 123.58 -73.41 36.21
C CYS E 377 123.38 -73.16 34.73
N ARG E 378 122.61 -74.03 34.09
CA ARG E 378 122.40 -73.95 32.64
C ARG E 378 121.15 -73.14 32.31
N VAL E 379 121.35 -72.06 31.57
CA VAL E 379 120.23 -71.23 31.14
C VAL E 379 119.85 -71.57 29.71
N SER E 380 118.58 -71.80 29.46
CA SER E 380 118.08 -72.03 28.11
C SER E 380 116.97 -71.05 27.83
N MET E 381 117.23 -70.10 26.93
CA MET E 381 116.28 -69.03 26.70
C MET E 381 115.23 -69.43 25.65
N GLY E 382 113.99 -68.98 25.81
CA GLY E 382 112.99 -69.23 24.80
C GLY E 382 113.14 -68.26 23.62
N GLU E 383 112.81 -68.74 22.42
CA GLU E 383 112.72 -67.87 21.25
C GLU E 383 111.27 -67.86 20.70
N ASN E 384 110.65 -66.68 20.75
CA ASN E 384 109.29 -66.49 20.25
C ASN E 384 109.06 -65.03 19.81
N PRO E 385 107.92 -64.77 19.14
CA PRO E 385 107.69 -63.42 18.65
C PRO E 385 107.72 -62.36 19.74
N PHE E 386 107.21 -62.67 20.93
CA PHE E 386 107.24 -61.66 21.97
C PHE E 386 108.68 -61.21 22.26
N ALA E 387 109.58 -62.18 22.42
CA ALA E 387 110.97 -61.87 22.71
C ALA E 387 111.60 -61.07 21.59
N ALA E 388 111.24 -61.40 20.36
CA ALA E 388 111.73 -60.62 19.22
C ALA E 388 111.19 -59.18 19.26
N MET E 389 109.91 -59.02 19.62
CA MET E 389 109.35 -57.69 19.69
C MET E 389 110.04 -56.86 20.75
N ILE E 390 110.44 -57.50 21.84
CA ILE E 390 111.20 -56.81 22.87
C ILE E 390 112.52 -56.28 22.31
N ALA E 391 113.13 -57.11 21.47
CA ALA E 391 114.43 -56.83 20.88
C ALA E 391 114.37 -55.82 19.74
N CYS E 392 113.21 -55.67 19.14
CA CYS E 392 113.06 -54.83 17.96
C CYS E 392 112.41 -53.50 18.25
N HIS E 393 112.37 -53.12 19.53
CA HIS E 393 111.91 -51.79 19.87
C HIS E 393 112.88 -51.20 20.88
N GLY E 394 112.98 -49.87 20.85
CA GLY E 394 113.83 -49.12 21.76
C GLY E 394 113.37 -49.21 23.21
N LEU E 395 112.07 -49.06 23.43
CA LEU E 395 111.49 -49.16 24.77
C LEU E 395 110.27 -50.08 24.80
N HIS E 396 109.99 -50.68 25.95
CA HIS E 396 108.75 -51.44 26.16
C HIS E 396 108.25 -51.27 27.60
N SER E 397 107.00 -51.66 27.83
CA SER E 397 106.42 -51.59 29.16
C SER E 397 105.14 -52.40 29.25
N GLY E 398 104.95 -53.09 30.37
CA GLY E 398 103.76 -53.90 30.54
C GLY E 398 103.86 -54.80 31.74
N VAL E 399 102.91 -55.74 31.85
CA VAL E 399 102.92 -56.67 32.96
C VAL E 399 102.89 -58.09 32.43
N LEU E 400 103.77 -58.93 32.99
CA LEU E 400 103.82 -60.35 32.62
C LEU E 400 103.26 -61.23 33.73
N ASP E 401 102.34 -62.12 33.37
CA ASP E 401 101.92 -63.17 34.29
C ASP E 401 102.91 -64.32 34.13
N LEU E 402 103.44 -64.81 35.25
CA LEU E 402 104.39 -65.90 35.21
C LEU E 402 103.79 -67.19 35.77
N LYS E 403 104.12 -68.30 35.10
CA LYS E 403 103.88 -69.64 35.63
C LYS E 403 105.24 -70.28 35.83
N LEU E 404 105.52 -70.76 37.03
CA LEU E 404 106.72 -71.51 37.27
C LEU E 404 106.35 -72.96 37.42
N GLN E 405 107.11 -73.83 36.75
CA GLN E 405 106.94 -75.28 36.88
C GLN E 405 108.30 -75.92 37.14
N TRP E 406 108.33 -76.96 37.96
CA TRP E 406 109.57 -77.69 38.16
C TRP E 406 109.41 -79.18 38.45
N SER E 407 110.39 -79.98 38.07
CA SER E 407 110.40 -81.40 38.38
C SER E 407 111.57 -81.71 39.30
N LEU E 408 111.47 -82.80 40.07
CA LEU E 408 112.52 -83.14 41.02
C LEU E 408 113.65 -84.00 40.43
N ASN E 409 114.84 -83.80 40.98
CA ASN E 409 116.02 -84.56 40.63
C ASN E 409 116.28 -85.70 41.62
N THR E 410 115.98 -85.44 42.90
CA THR E 410 116.03 -86.44 43.96
C THR E 410 114.69 -87.16 44.16
N GLU E 411 114.67 -88.17 45.03
CA GLU E 411 113.43 -88.85 45.38
C GLU E 411 112.44 -87.90 46.09
N PHE E 412 111.16 -87.97 45.69
CA PHE E 412 110.11 -87.09 46.21
C PHE E 412 110.06 -87.15 47.73
N GLY E 413 110.20 -88.35 48.28
CA GLY E 413 110.12 -88.55 49.72
C GLY E 413 111.23 -87.88 50.50
N LYS E 414 112.32 -87.57 49.82
CA LYS E 414 113.49 -86.97 50.47
C LYS E 414 113.51 -85.47 50.30
N SER E 415 112.60 -84.94 49.50
CA SER E 415 112.63 -83.54 49.11
C SER E 415 112.38 -82.58 50.27
N SER E 416 113.01 -81.40 50.18
CA SER E 416 112.78 -80.35 51.17
C SER E 416 113.04 -79.02 50.50
N GLY E 417 112.75 -77.92 51.19
CA GLY E 417 113.06 -76.59 50.70
C GLY E 417 111.97 -76.00 49.84
N SER E 418 112.33 -75.00 49.02
CA SER E 418 111.36 -74.16 48.34
C SER E 418 111.89 -73.43 47.11
N VAL E 419 110.95 -73.08 46.23
CA VAL E 419 111.16 -72.05 45.23
C VAL E 419 110.53 -70.81 45.83
N THR E 420 111.33 -69.81 46.17
CA THR E 420 110.79 -68.59 46.75
C THR E 420 110.84 -67.45 45.75
N ILE E 421 109.75 -66.71 45.65
CA ILE E 421 109.72 -65.50 44.84
C ILE E 421 109.83 -64.27 45.72
N THR E 422 110.97 -63.61 45.69
CA THR E 422 111.12 -62.37 46.42
C THR E 422 110.57 -61.21 45.60
N LYS E 423 109.65 -60.45 46.19
CA LYS E 423 109.11 -59.26 45.54
C LYS E 423 109.36 -58.04 46.40
N LEU E 424 110.11 -57.09 45.85
CA LEU E 424 110.43 -55.87 46.55
C LEU E 424 110.02 -54.64 45.76
N VAL E 425 110.08 -53.48 46.41
CA VAL E 425 110.04 -52.22 45.69
C VAL E 425 111.33 -51.53 46.08
N GLY E 426 112.18 -51.31 45.09
CA GLY E 426 113.47 -50.71 45.35
C GLY E 426 114.55 -51.63 44.85
N ASP E 427 115.38 -52.09 45.78
CA ASP E 427 116.43 -53.05 45.48
C ASP E 427 116.67 -53.95 46.69
N LYS E 428 117.55 -54.93 46.53
CA LYS E 428 117.81 -55.88 47.60
C LYS E 428 118.26 -55.16 48.88
N ALA E 429 118.95 -54.04 48.72
CA ALA E 429 119.58 -53.37 49.87
C ALA E 429 118.66 -52.47 50.71
N MET E 430 117.77 -51.72 50.06
CA MET E 430 116.96 -50.73 50.76
C MET E 430 115.48 -50.82 50.42
N GLY E 431 115.07 -51.92 49.81
CA GLY E 431 113.71 -52.06 49.30
C GLY E 431 112.61 -52.34 50.31
N LEU E 432 111.36 -52.19 49.85
CA LEU E 432 110.21 -52.45 50.67
C LEU E 432 109.70 -53.82 50.27
N ASP E 433 109.00 -54.49 51.18
CA ASP E 433 108.57 -55.86 50.95
C ASP E 433 107.18 -55.97 50.38
N GLY E 434 107.09 -56.59 49.20
CA GLY E 434 105.83 -56.76 48.52
C GLY E 434 105.27 -58.15 48.71
N PRO E 435 104.54 -58.63 47.70
CA PRO E 435 103.92 -59.97 47.71
C PRO E 435 104.94 -61.10 47.42
N SER E 436 106.00 -61.15 48.24
CA SER E 436 106.96 -62.24 48.19
C SER E 436 106.20 -63.50 48.51
N HIS E 437 106.76 -64.63 48.13
CA HIS E 437 105.93 -65.83 48.07
C HIS E 437 106.81 -67.07 48.20
N VAL E 438 106.45 -67.96 49.13
CA VAL E 438 107.22 -69.16 49.38
C VAL E 438 106.47 -70.38 48.90
N PHE E 439 106.98 -71.00 47.83
CA PHE E 439 106.42 -72.24 47.32
C PHE E 439 107.23 -73.41 47.84
N ALA E 440 106.66 -74.19 48.76
CA ALA E 440 107.33 -75.41 49.19
C ALA E 440 107.65 -76.22 47.94
N ILE E 441 108.84 -76.83 47.88
CA ILE E 441 109.29 -77.49 46.66
C ILE E 441 108.31 -78.55 46.18
N GLN E 442 107.56 -79.14 47.12
CA GLN E 442 106.57 -80.18 46.79
C GLN E 442 105.34 -79.69 46.01
N LYS E 443 105.10 -78.38 45.98
CA LYS E 443 104.01 -77.82 45.17
C LYS E 443 104.27 -78.08 43.70
N LEU E 444 105.54 -78.05 43.31
CA LEU E 444 105.95 -78.37 41.95
C LEU E 444 105.48 -77.35 40.91
N GLU E 445 104.84 -76.28 41.38
CA GLU E 445 104.47 -75.18 40.50
C GLU E 445 104.03 -73.96 41.28
N GLY E 446 104.10 -72.79 40.64
CA GLY E 446 103.71 -71.55 41.29
C GLY E 446 103.43 -70.45 40.29
N THR E 447 102.72 -69.40 40.71
CA THR E 447 102.42 -68.29 39.82
C THR E 447 102.80 -66.95 40.44
N THR E 448 103.11 -65.97 39.59
CA THR E 448 103.34 -64.61 40.08
C THR E 448 103.21 -63.61 38.93
N GLU E 449 103.08 -62.33 39.25
CA GLU E 449 103.08 -61.28 38.23
C GLU E 449 104.45 -60.64 38.22
N LEU E 450 104.86 -60.07 37.09
CA LEU E 450 106.09 -59.28 37.04
C LEU E 450 105.83 -57.97 36.34
N LEU E 451 106.16 -56.86 36.99
CA LEU E 451 106.07 -55.55 36.32
C LEU E 451 107.33 -55.35 35.50
N VAL E 452 107.15 -55.20 34.18
CA VAL E 452 108.25 -54.86 33.30
C VAL E 452 108.13 -53.38 33.03
N GLY E 453 108.87 -52.58 33.77
CA GLY E 453 108.80 -51.14 33.67
C GLY E 453 109.46 -50.49 34.87
N ASN E 454 109.17 -49.22 35.12
CA ASN E 454 109.80 -48.50 36.20
C ASN E 454 109.14 -47.14 36.37
N PHE E 455 109.64 -46.33 37.31
CA PHE E 455 109.01 -45.04 37.61
C PHE E 455 108.92 -44.12 36.38
N ALA E 456 109.88 -44.23 35.47
CA ALA E 456 109.88 -43.40 34.27
C ALA E 456 108.83 -43.84 33.26
N GLY E 457 108.54 -45.15 33.21
CA GLY E 457 107.41 -45.66 32.45
C GLY E 457 107.69 -46.74 31.42
N ALA E 458 108.97 -46.98 31.13
CA ALA E 458 109.34 -47.95 30.11
C ALA E 458 110.78 -48.42 30.30
N ASN E 459 111.09 -49.60 29.77
CA ASN E 459 112.44 -50.14 29.84
C ASN E 459 113.12 -50.10 28.49
N PRO E 460 114.41 -49.72 28.46
CA PRO E 460 115.25 -49.91 27.28
C PRO E 460 115.61 -51.37 27.16
N ASN E 461 116.12 -51.79 26.02
CA ASN E 461 116.50 -53.19 25.85
C ASN E 461 117.98 -53.41 26.21
N THR E 462 118.39 -52.77 27.31
CA THR E 462 119.76 -52.86 27.80
C THR E 462 119.67 -52.93 29.32
N ARG E 463 120.81 -52.98 30.00
CA ARG E 463 120.81 -52.81 31.44
C ARG E 463 120.66 -51.31 31.75
N PHE E 464 119.92 -51.00 32.81
CA PHE E 464 119.63 -49.64 33.21
C PHE E 464 119.37 -49.70 34.72
N SER E 465 119.39 -48.55 35.38
CA SER E 465 119.08 -48.51 36.78
C SER E 465 118.03 -47.44 37.07
N LEU E 466 116.77 -47.85 37.11
CA LEU E 466 115.69 -46.92 37.44
C LEU E 466 114.77 -47.52 38.49
N TYR E 467 114.56 -46.78 39.59
CA TYR E 467 113.72 -47.25 40.70
C TYR E 467 112.45 -47.93 40.19
N SER E 468 112.21 -49.16 40.63
CA SER E 468 111.00 -49.88 40.27
C SER E 468 110.74 -51.01 41.22
N ARG E 469 109.76 -51.85 40.90
CA ARG E 469 109.55 -53.06 41.65
C ARG E 469 110.69 -54.00 41.28
N TRP E 470 110.94 -54.99 42.12
CA TRP E 470 112.12 -55.82 41.99
C TRP E 470 111.80 -57.27 42.33
N MET E 471 112.17 -58.19 41.46
CA MET E 471 111.84 -59.59 41.67
C MET E 471 113.07 -60.50 41.60
N ALA E 472 113.05 -61.57 42.38
CA ALA E 472 114.12 -62.55 42.32
C ALA E 472 113.57 -63.93 42.60
N ILE E 473 114.18 -64.96 42.03
CA ILE E 473 113.81 -66.33 42.35
C ILE E 473 114.93 -66.91 43.21
N LYS E 474 114.58 -67.48 44.37
CA LYS E 474 115.55 -68.02 45.32
C LYS E 474 115.35 -69.51 45.52
N LEU E 475 116.35 -70.28 45.11
CA LEU E 475 116.36 -71.71 45.37
C LEU E 475 117.25 -72.01 46.59
N ASP E 476 116.79 -72.90 47.47
CA ASP E 476 117.65 -73.31 48.60
C ASP E 476 118.06 -74.79 48.51
N GLN E 477 117.42 -75.53 47.61
CA GLN E 477 117.73 -76.92 47.37
C GLN E 477 117.81 -77.19 45.88
N ALA E 478 118.55 -76.32 45.19
CA ALA E 478 118.52 -76.30 43.73
C ALA E 478 118.97 -77.59 43.11
N LYS E 479 119.88 -78.31 43.77
CA LYS E 479 120.36 -79.57 43.23
C LYS E 479 119.27 -80.65 43.19
N SER E 480 118.19 -80.42 43.94
CA SER E 480 117.02 -81.32 43.96
C SER E 480 116.05 -81.03 42.81
N ILE E 481 116.39 -80.05 41.98
CA ILE E 481 115.53 -79.66 40.86
C ILE E 481 116.12 -80.06 39.51
N LYS E 482 115.37 -80.84 38.73
CA LYS E 482 115.86 -81.25 37.44
C LYS E 482 115.70 -80.13 36.42
N VAL E 483 114.59 -79.41 36.54
CA VAL E 483 114.35 -78.23 35.70
C VAL E 483 113.38 -77.25 36.33
N LEU E 484 113.69 -75.97 36.22
CA LEU E 484 112.78 -74.92 36.64
C LEU E 484 112.38 -74.17 35.37
N ARG E 485 111.13 -74.30 34.98
CA ARG E 485 110.68 -73.62 33.77
C ARG E 485 109.87 -72.39 34.11
N VAL E 486 110.14 -71.27 33.44
CA VAL E 486 109.36 -70.06 33.62
C VAL E 486 108.60 -69.69 32.35
N LEU E 487 107.27 -69.74 32.40
CA LEU E 487 106.46 -69.28 31.28
C LEU E 487 105.88 -67.92 31.59
N CYS E 488 105.63 -67.12 30.55
CA CYS E 488 104.98 -65.82 30.75
C CYS E 488 103.86 -65.59 29.72
N LYS E 489 102.94 -64.69 30.08
CA LYS E 489 101.78 -64.35 29.26
C LYS E 489 101.50 -62.88 29.48
N PRO E 490 101.82 -62.05 28.49
CA PRO E 490 101.68 -60.60 28.65
C PRO E 490 100.22 -60.20 28.87
N ARG E 491 99.98 -59.39 29.89
CA ARG E 491 98.66 -58.81 30.10
C ARG E 491 98.38 -57.81 28.99
N PRO E 492 97.10 -57.66 28.65
CA PRO E 492 96.66 -56.80 27.54
C PRO E 492 97.23 -55.42 27.71
N GLY E 493 97.71 -54.83 26.63
CA GLY E 493 98.24 -53.49 26.69
C GLY E 493 99.75 -53.45 26.89
N PHE E 494 100.41 -54.58 26.66
CA PHE E 494 101.86 -54.58 26.73
C PHE E 494 102.41 -53.76 25.54
N SER E 495 103.14 -52.69 25.84
CA SER E 495 103.45 -51.69 24.85
C SER E 495 104.91 -51.62 24.40
N PHE E 496 105.10 -51.32 23.12
CA PHE E 496 106.43 -51.17 22.53
C PHE E 496 106.57 -49.80 21.88
N TYR E 497 107.73 -49.20 22.04
CA TYR E 497 107.98 -47.85 21.54
C TYR E 497 109.19 -47.81 20.62
N GLY E 498 109.03 -47.16 19.46
CA GLY E 498 110.13 -46.95 18.52
C GLY E 498 110.71 -48.18 17.83
N ARG E 499 110.14 -48.54 16.68
CA ARG E 499 110.62 -49.72 15.98
C ARG E 499 112.09 -49.58 15.57
N THR E 500 112.83 -50.68 15.72
CA THR E 500 114.24 -50.72 15.37
C THR E 500 114.65 -52.16 15.06
N SER E 501 115.95 -52.44 15.13
CA SER E 501 116.43 -53.80 14.86
C SER E 501 117.44 -54.26 15.88
N PHE E 502 117.85 -55.50 15.75
CA PHE E 502 118.72 -56.13 16.75
C PHE E 502 119.61 -57.19 16.13
N PRO E 503 120.82 -56.81 15.73
CA PRO E 503 121.81 -57.75 15.21
C PRO E 503 122.48 -58.58 16.32
N VAL E 504 122.54 -59.90 16.12
CA VAL E 504 123.32 -60.79 16.99
C VAL E 504 124.15 -61.76 16.18
N GLY F 1 -82.22 16.29 -77.43
CA GLY F 1 -83.42 17.10 -77.38
C GLY F 1 -84.50 16.61 -78.32
N LEU F 2 -85.68 17.20 -78.27
CA LEU F 2 -86.75 16.82 -79.17
C LEU F 2 -86.31 17.09 -80.62
N ALA F 3 -86.34 16.04 -81.43
CA ALA F 3 -85.79 16.11 -82.78
C ALA F 3 -86.88 16.12 -83.84
N GLY F 4 -87.99 15.46 -83.53
CA GLY F 4 -89.12 15.40 -84.45
C GLY F 4 -90.38 14.89 -83.77
N ARG F 5 -91.52 15.05 -84.42
CA ARG F 5 -92.77 14.61 -83.83
C ARG F 5 -93.81 14.26 -84.87
N GLY F 6 -94.89 13.64 -84.42
CA GLY F 6 -95.94 13.19 -85.31
C GLY F 6 -97.17 12.81 -84.51
N VAL F 7 -98.25 12.53 -85.20
CA VAL F 7 -99.51 12.25 -84.51
C VAL F 7 -100.15 10.99 -85.08
N ILE F 8 -100.60 10.10 -84.20
CA ILE F 8 -101.40 8.95 -84.62
C ILE F 8 -102.86 9.14 -84.21
N TYR F 9 -103.80 8.81 -85.09
CA TYR F 9 -105.22 8.92 -84.71
C TYR F 9 -105.89 7.60 -84.38
N ILE F 10 -106.46 7.56 -83.18
CA ILE F 10 -107.18 6.40 -82.73
C ILE F 10 -108.70 6.58 -82.96
N PRO F 11 -109.35 5.57 -83.56
CA PRO F 11 -110.80 5.67 -83.67
C PRO F 11 -111.43 5.30 -82.34
N LYS F 12 -112.64 5.80 -82.10
CA LYS F 12 -113.33 5.49 -80.87
C LYS F 12 -113.63 4.00 -80.76
N ASP F 13 -113.82 3.33 -81.89
CA ASP F 13 -113.85 1.86 -81.87
C ASP F 13 -112.59 1.30 -82.56
N CYS F 14 -111.61 0.94 -81.73
CA CYS F 14 -110.32 0.51 -82.20
C CYS F 14 -110.20 -1.00 -82.06
N GLN F 15 -110.43 -1.74 -83.16
CA GLN F 15 -110.51 -3.20 -83.12
C GLN F 15 -109.17 -3.88 -83.39
N ALA F 16 -109.07 -5.14 -83.00
CA ALA F 16 -107.87 -5.93 -83.29
C ALA F 16 -107.58 -5.81 -84.75
N ASN F 17 -106.31 -5.55 -85.07
CA ASN F 17 -105.84 -5.51 -86.46
C ASN F 17 -106.06 -4.22 -87.22
N ARG F 18 -106.51 -3.15 -86.56
CA ARG F 18 -106.70 -1.87 -87.27
C ARG F 18 -105.41 -1.10 -87.52
N TYR F 19 -105.20 -0.74 -88.78
CA TYR F 19 -104.06 0.08 -89.13
C TYR F 19 -104.33 1.53 -88.72
N LEU F 20 -103.43 2.09 -87.92
CA LEU F 20 -103.61 3.42 -87.33
C LEU F 20 -102.85 4.52 -88.09
N GLY F 21 -101.78 4.13 -88.77
CA GLY F 21 -101.00 5.06 -89.56
C GLY F 21 -99.51 4.76 -89.58
N THR F 22 -98.78 5.44 -90.45
CA THR F 22 -97.34 5.31 -90.51
C THR F 22 -96.69 6.68 -90.41
N LEU F 23 -95.64 6.78 -89.60
CA LEU F 23 -94.88 8.01 -89.54
C LEU F 23 -93.57 7.76 -90.27
N ASN F 24 -93.14 8.76 -91.01
CA ASN F 24 -91.88 8.65 -91.71
C ASN F 24 -90.80 9.34 -90.86
N ILE F 25 -89.84 8.57 -90.35
CA ILE F 25 -88.88 9.07 -89.39
C ILE F 25 -88.14 10.28 -89.88
N ARG F 26 -87.75 10.28 -91.16
CA ARG F 26 -86.99 11.44 -91.65
C ARG F 26 -87.88 12.68 -91.83
N ASP F 27 -89.12 12.47 -92.29
CA ASP F 27 -90.11 13.55 -92.34
C ASP F 27 -90.47 14.14 -90.96
N MET F 28 -90.57 13.31 -89.92
CA MET F 28 -90.81 13.81 -88.57
C MET F 28 -89.74 14.84 -88.18
N ILE F 29 -88.49 14.57 -88.55
CA ILE F 29 -87.38 15.44 -88.17
C ILE F 29 -87.31 16.67 -89.07
N SER F 30 -87.61 16.50 -90.36
CA SER F 30 -87.51 17.61 -91.31
C SER F 30 -88.72 18.55 -91.28
N ASP F 31 -89.91 18.04 -90.96
CA ASP F 31 -91.10 18.89 -90.84
C ASP F 31 -91.02 19.74 -89.58
N PHE F 32 -90.38 19.19 -88.56
CA PHE F 32 -90.22 19.88 -87.28
C PHE F 32 -89.21 21.01 -87.46
N LYS F 33 -87.96 20.66 -87.79
CA LYS F 33 -87.04 21.61 -88.44
C LYS F 33 -86.64 22.84 -87.62
N GLY F 34 -86.35 22.70 -86.32
CA GLY F 34 -85.76 21.55 -85.71
C GLY F 34 -84.33 22.02 -85.40
N VAL F 35 -83.93 22.16 -84.14
CA VAL F 35 -82.50 22.39 -83.86
C VAL F 35 -81.69 21.19 -84.32
N GLN F 36 -82.23 20.00 -84.10
CA GLN F 36 -81.56 18.78 -84.50
C GLN F 36 -81.53 18.63 -86.01
N TYR F 37 -82.64 18.97 -86.69
CA TYR F 37 -82.65 18.95 -88.15
C TYR F 37 -81.55 19.83 -88.73
N GLU F 38 -81.37 21.01 -88.17
CA GLU F 38 -80.36 21.91 -88.67
C GLU F 38 -78.94 21.42 -88.37
N LYS F 39 -78.73 20.75 -87.24
CA LYS F 39 -77.42 20.14 -86.97
C LYS F 39 -77.13 19.06 -88.01
N TRP F 40 -78.19 18.42 -88.48
CA TRP F 40 -78.12 17.29 -89.40
C TRP F 40 -77.61 17.74 -90.75
N ILE F 41 -78.16 18.84 -91.26
CA ILE F 41 -77.72 19.41 -92.54
C ILE F 41 -76.23 19.63 -92.56
N THR F 42 -75.66 20.06 -91.43
CA THR F 42 -74.22 20.31 -91.36
C THR F 42 -73.41 19.03 -91.26
N ALA F 43 -73.97 18.06 -90.56
CA ALA F 43 -73.31 16.78 -90.40
C ALA F 43 -73.25 16.03 -91.71
N GLY F 44 -74.32 16.16 -92.49
CA GLY F 44 -74.52 15.34 -93.68
C GLY F 44 -75.06 13.97 -93.33
N LEU F 45 -74.22 13.15 -92.70
CA LEU F 45 -74.62 11.81 -92.26
C LEU F 45 -74.81 11.70 -90.75
N VAL F 46 -75.90 11.06 -90.32
CA VAL F 46 -76.11 10.81 -88.89
C VAL F 46 -76.43 9.34 -88.60
N MET F 47 -75.95 8.82 -87.46
CA MET F 47 -76.26 7.44 -87.05
C MET F 47 -76.92 7.41 -85.69
N PRO F 48 -78.09 8.06 -85.55
CA PRO F 48 -78.62 8.47 -84.25
C PRO F 48 -78.87 7.32 -83.30
N THR F 49 -78.87 7.63 -82.02
CA THR F 49 -79.57 6.78 -81.06
C THR F 49 -80.82 7.56 -80.65
N PHE F 50 -81.97 7.07 -81.10
CA PHE F 50 -83.23 7.71 -80.82
C PHE F 50 -83.85 7.20 -79.52
N LYS F 51 -84.47 8.11 -78.77
CA LYS F 51 -85.45 7.74 -77.78
C LYS F 51 -86.81 8.07 -78.39
N ILE F 52 -87.64 7.06 -78.57
CA ILE F 52 -88.98 7.27 -79.06
C ILE F 52 -89.92 7.29 -77.86
N VAL F 53 -90.78 8.30 -77.83
CA VAL F 53 -91.75 8.44 -76.77
C VAL F 53 -93.14 8.57 -77.37
N ILE F 54 -94.05 7.70 -76.96
CA ILE F 54 -95.42 7.80 -77.38
C ILE F 54 -96.27 8.30 -76.23
N ARG F 55 -96.83 9.49 -76.37
CA ARG F 55 -97.66 10.06 -75.34
C ARG F 55 -99.13 9.76 -75.54
N LEU F 56 -99.78 9.36 -74.46
CA LEU F 56 -100.81 8.35 -74.50
C LEU F 56 -101.40 8.36 -73.12
N PRO F 57 -102.70 8.64 -73.01
CA PRO F 57 -103.30 8.69 -71.67
C PRO F 57 -103.48 7.28 -71.09
N ALA F 58 -102.87 7.03 -69.94
CA ALA F 58 -102.97 5.71 -69.34
C ALA F 58 -104.42 5.36 -68.99
N ASN F 59 -104.81 4.12 -69.25
CA ASN F 59 -106.18 3.70 -68.95
C ASN F 59 -106.29 2.19 -68.77
N ALA F 60 -106.81 1.78 -67.61
CA ALA F 60 -106.89 0.36 -67.32
C ALA F 60 -108.23 -0.27 -67.70
N PHE F 61 -109.07 0.50 -68.36
CA PHE F 61 -110.43 0.05 -68.61
C PHE F 61 -110.76 -0.21 -70.08
N THR F 62 -109.74 -0.42 -70.90
CA THR F 62 -109.98 -0.61 -72.34
C THR F 62 -109.54 -1.96 -72.87
N GLY F 63 -108.36 -2.43 -72.43
CA GLY F 63 -107.83 -3.69 -72.94
C GLY F 63 -106.97 -3.47 -74.17
N LEU F 64 -106.86 -2.21 -74.58
CA LEU F 64 -106.13 -1.85 -75.80
C LEU F 64 -104.64 -2.13 -75.71
N THR F 65 -104.12 -2.81 -76.73
CA THR F 65 -102.67 -2.97 -76.87
C THR F 65 -102.29 -2.70 -78.31
N TRP F 66 -101.30 -1.85 -78.52
CA TRP F 66 -100.86 -1.48 -79.86
C TRP F 66 -99.45 -2.00 -80.12
N VAL F 67 -99.06 -2.02 -81.39
CA VAL F 67 -97.69 -2.39 -81.75
C VAL F 67 -97.05 -1.30 -82.58
N MET F 68 -95.91 -0.80 -82.12
CA MET F 68 -95.07 0.07 -82.95
C MET F 68 -94.03 -0.80 -83.65
N SER F 69 -94.02 -0.75 -84.98
CA SER F 69 -93.13 -1.60 -85.76
C SER F 69 -92.11 -0.73 -86.48
N PHE F 70 -90.83 -1.00 -86.24
CA PHE F 70 -89.76 -0.25 -86.87
C PHE F 70 -89.39 -0.90 -88.21
N ASP F 71 -89.85 -0.29 -89.28
CA ASP F 71 -89.64 -0.84 -90.61
C ASP F 71 -88.67 0.02 -91.39
N ALA F 72 -87.38 -0.13 -91.11
CA ALA F 72 -86.40 0.80 -91.70
C ALA F 72 -86.28 0.64 -93.21
N TYR F 73 -86.68 -0.52 -93.73
CA TYR F 73 -86.49 -0.81 -95.15
C TYR F 73 -87.78 -0.97 -95.92
N ASN F 74 -88.87 -0.51 -95.31
CA ASN F 74 -90.16 -0.39 -95.96
C ASN F 74 -90.68 -1.71 -96.52
N ARG F 75 -90.76 -2.74 -95.69
CA ARG F 75 -91.06 -4.08 -96.19
C ARG F 75 -92.48 -4.63 -95.90
N ILE F 76 -93.19 -3.98 -95.00
CA ILE F 76 -94.52 -4.45 -94.66
C ILE F 76 -95.58 -3.37 -94.87
N THR F 77 -95.12 -2.15 -95.12
CA THR F 77 -96.05 -1.05 -95.43
C THR F 77 -97.20 -1.40 -96.40
N SER F 78 -96.81 -1.88 -97.58
CA SER F 78 -97.75 -2.29 -98.63
C SER F 78 -98.87 -3.20 -98.11
N ARG F 79 -98.53 -4.09 -97.18
CA ARG F 79 -99.44 -5.16 -96.80
C ARG F 79 -100.23 -4.90 -95.52
N ILE F 80 -100.01 -3.76 -94.87
CA ILE F 80 -100.76 -3.48 -93.63
C ILE F 80 -101.60 -2.21 -93.65
N THR F 81 -101.73 -1.57 -94.79
CA THR F 81 -102.46 -0.29 -94.82
C THR F 81 -103.98 -0.42 -94.90
N ALA F 82 -104.48 -1.61 -95.24
CA ALA F 82 -105.93 -1.84 -95.12
C ALA F 82 -106.20 -2.51 -93.78
N SER F 83 -105.54 -3.64 -93.58
CA SER F 83 -105.61 -4.32 -92.31
C SER F 83 -104.21 -4.80 -91.94
N ALA F 84 -103.87 -4.66 -90.68
CA ALA F 84 -102.58 -5.08 -90.20
C ALA F 84 -102.66 -6.44 -89.53
N ASP F 85 -102.23 -7.50 -90.21
CA ASP F 85 -102.17 -8.80 -89.54
C ASP F 85 -100.95 -8.83 -88.64
N PRO F 86 -101.11 -9.36 -87.42
CA PRO F 86 -99.97 -9.43 -86.49
C PRO F 86 -98.74 -10.13 -87.08
N VAL F 87 -98.91 -11.10 -87.97
CA VAL F 87 -97.76 -11.77 -88.56
C VAL F 87 -96.83 -10.77 -89.25
N TYR F 88 -97.41 -9.78 -89.93
CA TYR F 88 -96.60 -8.74 -90.54
C TYR F 88 -95.98 -7.80 -89.49
N THR F 89 -96.83 -7.27 -88.62
CA THR F 89 -96.41 -6.22 -87.71
C THR F 89 -95.36 -6.71 -86.72
N LEU F 90 -95.33 -8.02 -86.46
CA LEU F 90 -94.37 -8.59 -85.50
C LEU F 90 -93.11 -9.19 -86.16
N SER F 91 -93.06 -9.10 -87.48
CA SER F 91 -91.96 -9.73 -88.24
C SER F 91 -90.73 -8.83 -88.37
N VAL F 92 -90.88 -7.59 -87.91
CA VAL F 92 -89.78 -6.64 -87.87
C VAL F 92 -89.58 -6.20 -86.41
N PRO F 93 -88.45 -5.54 -86.10
CA PRO F 93 -88.33 -5.03 -84.73
C PRO F 93 -89.57 -4.23 -84.30
N HIS F 94 -90.04 -4.49 -83.09
CA HIS F 94 -91.32 -3.94 -82.63
C HIS F 94 -91.46 -3.91 -81.11
N TRP F 95 -92.45 -3.15 -80.65
CA TRP F 95 -92.63 -2.93 -79.23
C TRP F 95 -94.10 -2.98 -78.90
N LEU F 96 -94.45 -3.65 -77.79
CA LEU F 96 -95.84 -3.68 -77.36
C LEU F 96 -96.15 -2.45 -76.54
N ILE F 97 -97.26 -1.81 -76.86
CA ILE F 97 -97.68 -0.62 -76.12
C ILE F 97 -98.98 -0.90 -75.39
N HIS F 98 -98.89 -1.10 -74.08
CA HIS F 98 -100.07 -1.39 -73.27
C HIS F 98 -100.75 -0.12 -72.76
N HIS F 99 -102.05 -0.05 -72.96
CA HIS F 99 -102.81 1.14 -72.62
C HIS F 99 -102.79 1.36 -71.12
N LYS F 100 -102.75 0.28 -70.35
CA LYS F 100 -102.74 0.40 -68.90
C LYS F 100 -101.49 1.12 -68.40
N LEU F 101 -100.39 1.09 -69.17
CA LEU F 101 -99.11 1.67 -68.73
C LEU F 101 -98.91 3.10 -69.13
N GLY F 102 -99.85 3.62 -69.92
CA GLY F 102 -99.77 4.99 -70.39
C GLY F 102 -98.58 5.28 -71.30
N THR F 103 -97.96 6.44 -71.09
CA THR F 103 -96.88 6.91 -71.95
C THR F 103 -95.77 5.89 -72.06
N PHE F 104 -95.30 5.68 -73.29
CA PHE F 104 -94.39 4.60 -73.61
C PHE F 104 -93.10 5.17 -74.15
N SER F 105 -91.99 4.50 -73.84
CA SER F 105 -90.70 4.94 -74.34
C SER F 105 -89.78 3.76 -74.67
N CYS F 106 -88.89 3.92 -75.64
CA CYS F 106 -87.88 2.89 -75.95
C CYS F 106 -86.71 3.50 -76.70
N GLU F 107 -85.61 2.76 -76.80
CA GLU F 107 -84.43 3.24 -77.53
C GLU F 107 -84.24 2.48 -78.80
N ILE F 108 -83.88 3.22 -79.84
CA ILE F 108 -83.58 2.61 -81.11
C ILE F 108 -82.17 3.03 -81.45
N ASP F 109 -81.24 2.07 -81.39
CA ASP F 109 -79.88 2.33 -81.86
C ASP F 109 -79.89 2.13 -83.37
N TYR F 110 -79.93 3.23 -84.10
CA TYR F 110 -80.12 3.16 -85.53
C TYR F 110 -78.98 2.41 -86.19
N GLY F 111 -77.82 2.41 -85.52
CA GLY F 111 -76.68 1.64 -85.97
C GLY F 111 -76.95 0.16 -86.05
N GLU F 112 -77.69 -0.37 -85.06
CA GLU F 112 -78.01 -1.79 -85.01
C GLU F 112 -79.28 -2.12 -85.79
N LEU F 113 -80.40 -1.52 -85.37
CA LEU F 113 -81.69 -1.82 -85.98
C LEU F 113 -81.82 -1.44 -87.45
N CYS F 114 -80.99 -0.50 -87.90
CA CYS F 114 -81.04 -0.12 -89.31
C CYS F 114 -79.76 -0.47 -90.07
N GLY F 115 -78.61 0.05 -89.64
CA GLY F 115 -77.33 -0.33 -90.23
C GLY F 115 -76.65 0.66 -91.17
N HIS F 116 -77.42 1.55 -91.79
CA HIS F 116 -76.80 2.59 -92.62
C HIS F 116 -77.15 4.01 -92.13
N ALA F 117 -76.22 4.95 -92.32
CA ALA F 117 -76.39 6.31 -91.84
C ALA F 117 -77.32 7.13 -92.73
N MET F 118 -78.07 8.03 -92.09
CA MET F 118 -79.06 8.87 -92.78
C MET F 118 -78.50 10.13 -93.43
N TRP F 119 -78.80 10.31 -94.71
CA TRP F 119 -78.29 11.44 -95.47
C TRP F 119 -79.32 12.56 -95.43
N PHE F 120 -78.86 13.76 -95.06
CA PHE F 120 -79.78 14.86 -94.79
C PHE F 120 -80.70 15.22 -95.95
N LYS F 121 -80.22 15.10 -97.18
CA LYS F 121 -80.95 15.64 -98.34
C LYS F 121 -81.98 14.68 -99.00
N SER F 122 -81.79 13.38 -98.84
CA SER F 122 -82.65 12.42 -99.50
C SER F 122 -82.48 11.03 -98.94
N THR F 123 -83.50 10.21 -99.15
CA THR F 123 -83.42 8.82 -98.76
C THR F 123 -82.33 8.12 -99.58
N THR F 124 -81.51 7.31 -98.92
CA THR F 124 -80.46 6.57 -99.59
C THR F 124 -81.04 5.29 -100.18
N PHE F 125 -81.46 4.37 -99.33
CA PHE F 125 -82.04 3.12 -99.85
C PHE F 125 -83.54 3.18 -99.86
N GLU F 126 -84.16 2.83 -98.74
CA GLU F 126 -85.56 3.12 -98.61
C GLU F 126 -85.76 4.02 -97.40
N SER F 127 -86.95 4.61 -97.32
CA SER F 127 -87.29 5.59 -96.29
C SER F 127 -87.83 4.91 -95.03
N PRO F 128 -87.12 5.05 -93.89
CA PRO F 128 -87.44 4.41 -92.60
C PRO F 128 -88.80 4.83 -92.00
N ARG F 129 -89.66 3.86 -91.68
CA ARG F 129 -91.00 4.13 -91.16
C ARG F 129 -91.26 3.56 -89.78
N LEU F 130 -92.16 4.21 -89.05
CA LEU F 130 -92.74 3.63 -87.85
C LEU F 130 -94.22 3.32 -88.12
N HIS F 131 -94.63 2.06 -87.99
CA HIS F 131 -96.03 1.71 -88.17
C HIS F 131 -96.74 1.53 -86.83
N PHE F 132 -97.95 2.07 -86.72
CA PHE F 132 -98.75 1.88 -85.53
C PHE F 132 -100.03 1.09 -85.81
N THR F 133 -100.13 -0.07 -85.19
CA THR F 133 -101.25 -0.96 -85.42
C THR F 133 -101.84 -1.38 -84.08
N CYS F 134 -103.07 -1.84 -84.09
CA CYS F 134 -103.73 -2.29 -82.88
C CYS F 134 -103.69 -3.81 -82.78
N LEU F 135 -103.06 -4.33 -81.73
CA LEU F 135 -102.82 -5.78 -81.58
C LEU F 135 -104.02 -6.46 -80.95
N THR F 136 -104.50 -5.88 -79.85
CA THR F 136 -105.72 -6.34 -79.19
C THR F 136 -106.63 -5.14 -79.04
N GLY F 137 -107.89 -5.33 -79.38
CA GLY F 137 -108.84 -4.23 -79.43
C GLY F 137 -109.44 -3.83 -78.10
N ASN F 138 -110.16 -2.71 -78.09
CA ASN F 138 -110.87 -2.31 -76.88
C ASN F 138 -112.08 -3.20 -76.61
N ASN F 139 -112.42 -3.36 -75.34
CA ASN F 139 -113.46 -4.29 -74.94
C ASN F 139 -114.84 -3.81 -75.41
N LYS F 140 -114.98 -2.50 -75.50
CA LYS F 140 -116.15 -1.79 -76.02
C LYS F 140 -115.61 -0.47 -76.56
N GLU F 141 -116.33 0.16 -77.46
CA GLU F 141 -115.80 1.41 -77.99
C GLU F 141 -115.64 2.46 -76.88
N LEU F 142 -114.75 3.41 -77.09
CA LEU F 142 -114.58 4.50 -76.16
C LEU F 142 -115.59 5.61 -76.46
N ALA F 143 -115.52 6.70 -75.73
CA ALA F 143 -116.50 7.77 -75.87
C ALA F 143 -116.35 8.57 -77.16
N ALA F 144 -115.12 8.74 -77.62
CA ALA F 144 -114.87 9.56 -78.80
C ALA F 144 -113.52 9.27 -79.46
N ASP F 145 -113.34 9.71 -80.69
CA ASP F 145 -112.05 9.61 -81.35
C ASP F 145 -111.02 10.37 -80.53
N TRP F 146 -109.76 9.93 -80.56
CA TRP F 146 -108.68 10.64 -79.88
C TRP F 146 -107.36 10.53 -80.64
N GLN F 147 -106.29 11.07 -80.07
CA GLN F 147 -105.00 10.95 -80.72
C GLN F 147 -103.89 10.68 -79.72
N ALA F 148 -102.79 10.15 -80.21
CA ALA F 148 -101.57 9.99 -79.42
C ALA F 148 -100.46 10.76 -80.13
N VAL F 149 -99.47 11.22 -79.39
CA VAL F 149 -98.35 11.96 -79.96
C VAL F 149 -97.08 11.12 -79.94
N VAL F 150 -96.37 11.07 -81.07
CA VAL F 150 -95.10 10.35 -81.15
C VAL F 150 -93.94 11.34 -81.22
N GLU F 151 -92.92 11.14 -80.38
CA GLU F 151 -91.80 12.08 -80.32
C GLU F 151 -90.45 11.39 -80.44
N LEU F 152 -89.56 11.97 -81.26
CA LEU F 152 -88.20 11.48 -81.41
C LEU F 152 -87.24 12.39 -80.67
N TYR F 153 -86.48 11.82 -79.75
CA TYR F 153 -85.47 12.58 -79.04
C TYR F 153 -84.13 12.03 -79.45
N ALA F 154 -83.19 12.93 -79.74
CA ALA F 154 -81.86 12.52 -80.17
C ALA F 154 -80.88 13.67 -80.04
N GLU F 155 -79.61 13.36 -79.89
CA GLU F 155 -78.57 14.36 -80.05
C GLU F 155 -77.72 14.02 -81.26
N LEU F 156 -78.15 14.53 -82.41
CA LEU F 156 -77.52 14.17 -83.68
C LEU F 156 -76.09 14.66 -83.75
N GLU F 157 -75.18 13.74 -84.05
CA GLU F 157 -73.82 14.14 -84.39
C GLU F 157 -73.36 13.50 -85.71
N GLU F 158 -72.35 14.09 -86.33
CA GLU F 158 -71.86 13.61 -87.62
C GLU F 158 -71.39 12.17 -87.54
N ALA F 159 -71.85 11.36 -88.49
CA ALA F 159 -71.48 9.96 -88.57
C ALA F 159 -70.11 9.81 -89.23
N THR F 160 -69.28 8.97 -88.62
CA THR F 160 -67.92 8.74 -89.08
C THR F 160 -67.86 7.73 -90.25
N SER F 161 -68.77 6.76 -90.25
CA SER F 161 -68.82 5.71 -91.28
C SER F 161 -70.20 5.56 -91.89
N PHE F 162 -70.28 5.00 -93.09
CA PHE F 162 -71.58 4.79 -93.72
C PHE F 162 -72.32 3.63 -93.05
N LEU F 163 -71.57 2.58 -92.74
CA LEU F 163 -72.16 1.37 -92.22
C LEU F 163 -72.09 1.27 -90.72
N GLY F 164 -73.13 0.67 -90.12
CA GLY F 164 -73.14 0.38 -88.69
C GLY F 164 -72.26 -0.81 -88.35
N LYS F 165 -72.55 -1.44 -87.22
CA LYS F 165 -71.93 -2.72 -86.89
C LYS F 165 -72.95 -3.76 -87.30
N PRO F 166 -72.48 -4.89 -87.87
CA PRO F 166 -73.39 -5.90 -88.41
C PRO F 166 -74.20 -6.58 -87.30
N THR F 167 -75.52 -6.60 -87.45
CA THR F 167 -76.43 -7.32 -86.57
C THR F 167 -76.14 -8.82 -86.52
N LEU F 168 -75.65 -9.37 -87.64
CA LEU F 168 -75.46 -10.82 -87.78
C LEU F 168 -74.31 -11.18 -88.74
N VAL F 169 -73.50 -12.18 -88.38
CA VAL F 169 -72.48 -12.64 -89.29
C VAL F 169 -72.69 -14.11 -89.56
N PHE F 170 -72.69 -14.47 -90.85
CA PHE F 170 -73.10 -15.81 -91.25
C PHE F 170 -72.21 -16.90 -90.69
N ASP F 171 -72.86 -17.87 -90.04
CA ASP F 171 -72.22 -19.04 -89.46
C ASP F 171 -73.27 -20.12 -89.25
N PRO F 172 -73.13 -21.24 -89.97
CA PRO F 172 -74.06 -22.38 -90.02
C PRO F 172 -74.22 -23.03 -88.67
N GLY F 173 -73.07 -23.13 -87.99
CA GLY F 173 -72.99 -23.85 -86.74
C GLY F 173 -73.30 -22.98 -85.53
N VAL F 174 -73.90 -21.81 -85.77
CA VAL F 174 -74.19 -20.90 -84.66
C VAL F 174 -75.59 -20.27 -84.68
N PHE F 175 -76.41 -20.91 -83.85
CA PHE F 175 -77.71 -20.46 -83.38
C PHE F 175 -77.65 -20.72 -81.87
N ASN F 176 -77.43 -19.65 -81.10
CA ASN F 176 -77.33 -19.74 -79.64
C ASN F 176 -78.53 -20.42 -78.97
N GLY F 177 -79.72 -19.90 -79.24
CA GLY F 177 -80.91 -20.32 -78.53
C GLY F 177 -81.58 -19.12 -77.89
N LYS F 178 -80.92 -17.97 -77.95
CA LYS F 178 -81.52 -16.70 -77.53
C LYS F 178 -82.22 -15.98 -78.71
N PHE F 179 -83.35 -15.34 -78.45
CA PHE F 179 -84.11 -14.64 -79.48
C PHE F 179 -84.29 -13.17 -79.13
N GLN F 180 -84.49 -12.34 -80.14
CA GLN F 180 -85.05 -11.00 -79.92
C GLN F 180 -86.24 -10.80 -80.83
N PHE F 181 -87.22 -10.04 -80.36
CA PHE F 181 -88.41 -9.70 -81.14
C PHE F 181 -89.20 -10.91 -81.63
N LEU F 182 -89.24 -11.96 -80.81
CA LEU F 182 -90.05 -13.11 -81.13
C LEU F 182 -91.35 -13.01 -80.35
N THR F 183 -92.38 -12.49 -81.01
CA THR F 183 -93.69 -12.30 -80.38
C THR F 183 -94.74 -13.12 -81.14
N CYS F 184 -95.50 -13.93 -80.42
CA CYS F 184 -96.57 -14.72 -81.03
C CYS F 184 -97.83 -13.88 -81.18
N PRO F 185 -98.52 -14.01 -82.33
CA PRO F 185 -99.83 -13.37 -82.47
C PRO F 185 -100.73 -13.72 -81.29
N PRO F 186 -101.65 -12.82 -80.97
CA PRO F 186 -102.52 -12.96 -79.79
C PRO F 186 -103.34 -14.23 -79.83
N ILE F 187 -103.49 -14.83 -78.65
CA ILE F 187 -104.30 -16.02 -78.45
C ILE F 187 -105.55 -15.55 -77.73
N PHE F 188 -106.74 -16.04 -78.11
CA PHE F 188 -107.97 -15.51 -77.51
C PHE F 188 -108.79 -16.55 -76.75
N PHE F 189 -109.32 -16.15 -75.59
CA PHE F 189 -110.23 -17.01 -74.81
C PHE F 189 -111.65 -16.45 -74.70
N ASP F 190 -112.65 -17.27 -74.98
CA ASP F 190 -114.05 -16.82 -74.92
C ASP F 190 -114.49 -16.89 -73.49
N LEU F 191 -115.36 -15.98 -73.06
CA LEU F 191 -115.83 -16.02 -71.69
C LEU F 191 -117.10 -16.84 -71.58
N THR F 192 -117.57 -17.32 -72.72
CA THR F 192 -118.73 -18.21 -72.76
C THR F 192 -118.29 -19.67 -72.62
N ALA F 193 -117.07 -19.88 -72.13
CA ALA F 193 -116.51 -21.20 -72.00
C ALA F 193 -115.89 -21.43 -70.62
N VAL F 194 -116.38 -22.45 -69.93
CA VAL F 194 -115.90 -22.70 -68.56
C VAL F 194 -114.42 -23.13 -68.49
N THR F 195 -113.96 -23.89 -69.48
CA THR F 195 -112.53 -24.14 -69.67
C THR F 195 -112.20 -24.07 -71.16
N ALA F 196 -110.91 -24.05 -71.47
CA ALA F 196 -110.51 -24.00 -72.86
C ALA F 196 -109.04 -24.26 -73.05
N LEU F 197 -108.69 -24.69 -74.25
CA LEU F 197 -107.30 -24.89 -74.59
C LEU F 197 -106.90 -24.05 -75.79
N ARG F 198 -105.70 -23.46 -75.74
CA ARG F 198 -105.13 -22.84 -76.92
C ARG F 198 -103.70 -23.31 -77.10
N SER F 199 -103.41 -23.89 -78.24
CA SER F 199 -102.07 -24.37 -78.53
C SER F 199 -101.21 -23.32 -79.24
N ALA F 200 -99.93 -23.29 -78.88
CA ALA F 200 -98.94 -22.56 -79.66
C ALA F 200 -97.91 -23.57 -80.13
N GLY F 201 -97.70 -23.66 -81.43
CA GLY F 201 -96.73 -24.59 -81.98
C GLY F 201 -95.31 -24.20 -81.58
N LEU F 202 -94.45 -25.19 -81.39
CA LEU F 202 -93.07 -24.89 -81.01
C LEU F 202 -92.13 -25.26 -82.14
N THR F 203 -92.68 -25.53 -83.31
CA THR F 203 -91.88 -25.80 -84.49
C THR F 203 -91.46 -24.48 -85.13
N LEU F 204 -90.52 -23.81 -84.47
CA LEU F 204 -90.23 -22.39 -84.71
C LEU F 204 -89.53 -22.05 -86.02
N GLY F 205 -89.05 -23.07 -86.73
CA GLY F 205 -88.41 -22.84 -88.02
C GLY F 205 -89.41 -22.72 -89.17
N GLN F 206 -90.67 -23.01 -88.87
CA GLN F 206 -91.76 -22.94 -89.85
C GLN F 206 -91.93 -21.48 -90.28
N VAL F 207 -92.14 -21.24 -91.56
CA VAL F 207 -92.34 -19.88 -92.02
C VAL F 207 -93.80 -19.48 -91.89
N PRO F 208 -94.07 -18.35 -91.20
CA PRO F 208 -95.42 -17.88 -90.88
C PRO F 208 -96.14 -17.45 -92.14
N MET F 209 -97.46 -17.57 -92.17
CA MET F 209 -98.20 -17.18 -93.37
C MET F 209 -99.39 -16.28 -93.10
N VAL F 210 -99.73 -15.48 -94.09
CA VAL F 210 -100.93 -14.66 -94.05
C VAL F 210 -101.65 -14.93 -95.35
N GLY F 211 -102.67 -15.78 -95.28
CA GLY F 211 -103.27 -16.30 -96.50
C GLY F 211 -102.28 -17.12 -97.28
N THR F 212 -102.05 -16.73 -98.53
CA THR F 212 -101.10 -17.47 -99.37
C THR F 212 -99.72 -16.83 -99.33
N THR F 213 -99.60 -15.73 -98.59
CA THR F 213 -98.34 -15.00 -98.48
C THR F 213 -97.41 -15.55 -97.38
N LYS F 214 -96.20 -15.96 -97.78
CA LYS F 214 -95.15 -16.39 -96.83
C LYS F 214 -94.48 -15.15 -96.28
N VAL F 215 -94.31 -15.08 -94.96
CA VAL F 215 -93.59 -13.97 -94.35
C VAL F 215 -92.25 -14.42 -93.76
N TYR F 216 -91.20 -14.37 -94.56
CA TYR F 216 -89.89 -14.80 -94.11
C TYR F 216 -89.42 -13.83 -93.06
N ASN F 217 -88.89 -14.35 -91.95
CA ASN F 217 -88.34 -13.51 -90.90
C ASN F 217 -87.07 -14.10 -90.28
N LEU F 218 -86.29 -13.27 -89.61
CA LEU F 218 -85.00 -13.72 -89.09
C LEU F 218 -85.13 -14.82 -88.04
N ASN F 219 -86.12 -14.73 -87.15
CA ASN F 219 -86.26 -15.75 -86.10
C ASN F 219 -86.49 -17.16 -86.63
N SER F 220 -87.48 -17.32 -87.50
CA SER F 220 -87.73 -18.65 -88.08
C SER F 220 -86.51 -19.08 -88.89
N THR F 221 -85.90 -18.14 -89.58
CA THR F 221 -84.67 -18.43 -90.33
C THR F 221 -83.55 -18.96 -89.42
N LEU F 222 -83.34 -18.33 -88.27
CA LEU F 222 -82.35 -18.80 -87.31
C LEU F 222 -82.65 -20.23 -86.87
N VAL F 223 -83.88 -20.48 -86.43
CA VAL F 223 -84.24 -21.82 -85.98
C VAL F 223 -83.99 -22.88 -87.05
N SER F 224 -84.21 -22.52 -88.31
CA SER F 224 -84.01 -23.47 -89.41
C SER F 224 -82.54 -23.89 -89.58
N CYS F 225 -81.63 -23.16 -88.93
CA CYS F 225 -80.19 -23.46 -88.97
C CYS F 225 -79.81 -24.66 -88.14
N VAL F 226 -80.80 -25.22 -87.48
CA VAL F 226 -80.64 -26.36 -86.59
C VAL F 226 -81.64 -27.45 -87.01
N LEU F 227 -81.40 -28.70 -86.61
CA LEU F 227 -82.33 -29.77 -86.99
C LEU F 227 -83.53 -29.84 -86.03
N GLY F 228 -83.29 -29.46 -84.77
CA GLY F 228 -84.33 -29.50 -83.76
C GLY F 228 -83.77 -28.98 -82.45
N MET F 229 -84.63 -28.86 -81.46
CA MET F 229 -84.24 -28.26 -80.17
C MET F 229 -85.07 -28.81 -79.02
N GLY F 230 -84.44 -28.93 -77.87
CA GLY F 230 -85.12 -29.29 -76.65
C GLY F 230 -84.67 -28.34 -75.57
N GLY F 231 -85.27 -28.42 -74.39
CA GLY F 231 -84.84 -27.55 -73.32
C GLY F 231 -86.01 -26.84 -72.72
N THR F 232 -85.76 -25.68 -72.14
CA THR F 232 -86.83 -24.94 -71.50
C THR F 232 -87.12 -23.62 -72.24
N VAL F 233 -88.40 -23.39 -72.54
CA VAL F 233 -88.84 -22.15 -73.15
C VAL F 233 -89.00 -21.06 -72.06
N ARG F 234 -88.20 -20.00 -72.13
CA ARG F 234 -88.34 -18.87 -71.21
C ARG F 234 -89.03 -17.76 -71.96
N GLY F 235 -90.11 -17.26 -71.42
CA GLY F 235 -90.88 -16.23 -72.09
C GLY F 235 -91.62 -15.32 -71.15
N ARG F 236 -92.43 -14.42 -71.71
CA ARG F 236 -93.29 -13.55 -70.92
C ARG F 236 -94.71 -13.67 -71.44
N VAL F 237 -95.67 -13.56 -70.54
CA VAL F 237 -97.08 -13.59 -70.90
C VAL F 237 -97.71 -12.25 -70.57
N HIS F 238 -98.43 -11.68 -71.53
CA HIS F 238 -99.17 -10.46 -71.27
C HIS F 238 -100.66 -10.71 -71.36
N ILE F 239 -101.39 -10.32 -70.32
CA ILE F 239 -102.84 -10.45 -70.33
C ILE F 239 -103.43 -9.12 -70.72
N CYS F 240 -103.99 -9.07 -71.92
CA CYS F 240 -104.37 -7.81 -72.56
C CYS F 240 -105.85 -7.51 -72.48
N ALA F 241 -106.34 -7.29 -71.28
CA ALA F 241 -107.74 -6.98 -71.06
C ALA F 241 -107.87 -5.93 -69.96
N PRO F 242 -109.07 -5.36 -69.81
CA PRO F 242 -109.39 -4.40 -68.73
C PRO F 242 -109.20 -5.00 -67.31
N ILE F 243 -108.92 -4.18 -66.29
CA ILE F 243 -108.73 -4.70 -64.90
C ILE F 243 -109.86 -5.56 -64.43
N PHE F 244 -111.04 -5.42 -65.04
CA PHE F 244 -112.24 -6.14 -64.58
C PHE F 244 -112.41 -7.49 -65.29
N TYR F 245 -111.50 -7.79 -66.20
CA TYR F 245 -111.36 -9.13 -66.78
C TYR F 245 -110.28 -9.86 -65.99
N SER F 246 -110.42 -11.17 -65.83
CA SER F 246 -109.36 -11.93 -65.16
C SER F 246 -109.43 -13.39 -65.50
N ILE F 247 -108.29 -14.07 -65.38
CA ILE F 247 -108.18 -15.44 -65.82
C ILE F 247 -107.09 -16.17 -65.06
N VAL F 248 -107.21 -17.50 -64.99
CA VAL F 248 -106.12 -18.35 -64.49
C VAL F 248 -105.77 -19.44 -65.48
N LEU F 249 -104.49 -19.51 -65.85
CA LEU F 249 -104.03 -20.44 -66.87
C LEU F 249 -103.09 -21.48 -66.30
N TRP F 250 -103.23 -22.71 -66.79
CA TRP F 250 -102.22 -23.76 -66.60
C TRP F 250 -101.46 -23.84 -67.91
N VAL F 251 -100.18 -23.53 -67.87
CA VAL F 251 -99.35 -23.53 -69.08
C VAL F 251 -98.36 -24.70 -69.07
N VAL F 252 -98.48 -25.59 -70.06
CA VAL F 252 -97.69 -26.82 -70.05
C VAL F 252 -97.35 -27.27 -71.47
N SER F 253 -96.30 -28.08 -71.60
CA SER F 253 -95.93 -28.59 -72.91
C SER F 253 -96.45 -30.00 -73.15
N GLU F 254 -96.97 -30.25 -74.35
CA GLU F 254 -97.45 -31.59 -74.70
C GLU F 254 -96.98 -32.07 -76.08
N TRP F 255 -96.90 -33.39 -76.24
CA TRP F 255 -96.43 -33.97 -77.49
C TRP F 255 -97.54 -34.68 -78.24
N ASN F 256 -97.66 -34.34 -79.52
CA ASN F 256 -98.58 -35.01 -80.44
C ASN F 256 -99.98 -35.14 -79.87
N GLY F 257 -100.72 -34.04 -79.89
CA GLY F 257 -102.06 -34.01 -79.34
C GLY F 257 -102.02 -33.59 -77.90
N THR F 258 -103.16 -33.73 -77.23
CA THR F 258 -103.25 -33.37 -75.82
C THR F 258 -103.98 -34.48 -75.07
N THR F 259 -103.70 -34.62 -73.78
CA THR F 259 -104.42 -35.59 -72.98
C THR F 259 -105.85 -35.11 -72.75
N MET F 260 -106.75 -36.06 -72.57
CA MET F 260 -108.15 -35.72 -72.37
C MET F 260 -108.50 -35.86 -70.90
N ASP F 261 -107.55 -36.32 -70.10
CA ASP F 261 -107.75 -36.58 -68.70
C ASP F 261 -107.17 -35.47 -67.83
N TRP F 262 -108.05 -34.68 -67.20
CA TRP F 262 -107.64 -33.56 -66.36
C TRP F 262 -106.63 -33.95 -65.26
N ASN F 263 -106.74 -35.15 -64.75
CA ASN F 263 -105.80 -35.58 -63.71
C ASN F 263 -104.42 -35.82 -64.27
N GLU F 264 -104.33 -36.39 -65.48
CA GLU F 264 -103.02 -36.60 -66.10
C GLU F 264 -102.41 -35.24 -66.40
N LEU F 265 -103.24 -34.33 -66.89
CA LEU F 265 -102.78 -32.99 -67.25
C LEU F 265 -102.01 -32.34 -66.13
N PHE F 266 -102.48 -32.52 -64.91
CA PHE F 266 -101.85 -31.85 -63.77
C PHE F 266 -100.72 -32.63 -63.13
N LYS F 267 -100.37 -33.76 -63.74
CA LYS F 267 -99.19 -34.53 -63.31
C LYS F 267 -98.01 -34.11 -64.18
N TYR F 268 -98.28 -33.29 -65.20
CA TYR F 268 -97.22 -32.72 -66.04
C TYR F 268 -96.57 -31.54 -65.35
N PRO F 269 -95.33 -31.22 -65.73
CA PRO F 269 -94.61 -30.07 -65.20
C PRO F 269 -94.97 -28.75 -65.91
N GLY F 270 -96.03 -28.12 -65.44
CA GLY F 270 -96.47 -26.85 -65.96
C GLY F 270 -96.36 -25.74 -64.94
N VAL F 271 -96.88 -24.56 -65.28
CA VAL F 271 -96.85 -23.40 -64.40
C VAL F 271 -98.19 -22.68 -64.45
N TYR F 272 -98.55 -21.99 -63.38
CA TYR F 272 -99.80 -21.24 -63.38
C TYR F 272 -99.52 -19.78 -63.78
N VAL F 273 -100.45 -19.18 -64.50
CA VAL F 273 -100.31 -17.79 -64.89
C VAL F 273 -101.61 -17.10 -64.54
N GLU F 274 -101.53 -16.10 -63.65
CA GLU F 274 -102.71 -15.35 -63.21
C GLU F 274 -102.65 -13.93 -63.73
N GLU F 275 -101.45 -13.52 -64.15
CA GLU F 275 -101.20 -12.12 -64.49
C GLU F 275 -99.95 -11.94 -65.34
N ASP F 276 -99.79 -10.74 -65.90
CA ASP F 276 -98.56 -10.39 -66.62
C ASP F 276 -97.36 -10.95 -65.85
N GLY F 277 -96.43 -11.57 -66.57
CA GLY F 277 -95.21 -12.08 -65.97
C GLY F 277 -94.40 -12.98 -66.87
N SER F 278 -93.26 -13.46 -66.38
CA SER F 278 -92.45 -14.40 -67.15
C SER F 278 -92.83 -15.84 -66.78
N PHE F 279 -92.36 -16.80 -67.58
CA PHE F 279 -92.65 -18.23 -67.36
C PHE F 279 -91.51 -19.06 -67.92
N GLU F 280 -91.31 -20.26 -67.36
CA GLU F 280 -90.40 -21.23 -67.95
C GLU F 280 -91.14 -22.56 -68.05
N VAL F 281 -91.21 -23.11 -69.25
CA VAL F 281 -91.82 -24.42 -69.43
C VAL F 281 -90.88 -25.35 -70.18
N LYS F 282 -90.77 -26.59 -69.69
CA LYS F 282 -89.91 -27.59 -70.33
C LYS F 282 -90.57 -28.07 -71.62
N ILE F 283 -89.79 -28.12 -72.70
CA ILE F 283 -90.25 -28.69 -73.97
C ILE F 283 -90.36 -30.20 -73.82
N ARG F 284 -91.58 -30.71 -73.92
CA ARG F 284 -91.86 -32.11 -73.64
C ARG F 284 -91.90 -32.94 -74.90
N SER F 285 -91.07 -33.99 -74.98
CA SER F 285 -91.00 -34.81 -76.19
C SER F 285 -90.36 -36.17 -75.94
N PRO F 286 -90.83 -37.19 -76.66
CA PRO F 286 -90.30 -38.56 -76.59
C PRO F 286 -88.83 -38.59 -76.92
N TYR F 287 -88.35 -37.57 -77.64
CA TYR F 287 -86.96 -37.46 -78.09
C TYR F 287 -86.23 -36.34 -77.36
N HIS F 288 -86.97 -35.68 -76.45
CA HIS F 288 -86.44 -34.58 -75.65
C HIS F 288 -86.26 -33.31 -76.48
N ARG F 289 -86.45 -33.44 -77.79
CA ARG F 289 -86.31 -32.31 -78.70
C ARG F 289 -87.52 -32.35 -79.63
N THR F 290 -87.90 -31.19 -80.17
CA THR F 290 -88.89 -31.12 -81.23
C THR F 290 -88.17 -30.67 -82.50
N PRO F 291 -88.59 -31.19 -83.65
CA PRO F 291 -87.93 -30.81 -84.91
C PRO F 291 -88.14 -29.35 -85.26
N ALA F 292 -87.12 -28.77 -85.93
CA ALA F 292 -87.10 -27.36 -86.34
C ALA F 292 -88.12 -27.00 -87.42
N ARG F 293 -88.33 -27.90 -88.37
CA ARG F 293 -89.35 -27.69 -89.39
C ARG F 293 -90.18 -28.96 -89.66
N LEU F 294 -91.29 -28.80 -90.37
CA LEU F 294 -92.15 -29.94 -90.68
C LEU F 294 -91.80 -30.62 -92.02
N LEU F 295 -91.99 -31.93 -92.07
CA LEU F 295 -91.98 -32.62 -93.35
C LEU F 295 -93.40 -32.58 -93.92
N ALA F 296 -93.56 -33.05 -95.15
CA ALA F 296 -94.85 -32.99 -95.80
C ALA F 296 -95.90 -33.82 -95.06
N GLY F 297 -97.11 -33.29 -94.94
CA GLY F 297 -98.20 -34.01 -94.31
C GLY F 297 -98.23 -33.93 -92.79
N GLN F 298 -97.19 -33.36 -92.21
CA GLN F 298 -97.15 -33.16 -90.77
C GLN F 298 -97.78 -31.83 -90.38
N SER F 299 -98.29 -31.79 -89.15
CA SER F 299 -98.88 -30.58 -88.61
C SER F 299 -97.99 -30.12 -87.47
N GLN F 300 -98.11 -28.87 -87.05
CA GLN F 300 -97.27 -28.43 -85.95
C GLN F 300 -97.72 -29.08 -84.62
N ARG F 301 -98.99 -29.49 -84.58
CA ARG F 301 -99.57 -30.04 -83.35
C ARG F 301 -99.12 -31.49 -83.13
N ASP F 302 -98.56 -32.08 -84.18
CA ASP F 302 -98.04 -33.45 -84.14
C ASP F 302 -96.73 -33.56 -83.33
N MET F 303 -96.08 -32.42 -83.10
CA MET F 303 -94.82 -32.38 -82.34
C MET F 303 -95.02 -31.78 -80.94
N SER F 304 -94.00 -31.09 -80.45
CA SER F 304 -94.08 -30.42 -79.15
C SER F 304 -94.76 -29.04 -79.28
N SER F 305 -95.71 -28.79 -78.38
CA SER F 305 -96.44 -27.52 -78.37
C SER F 305 -96.47 -26.95 -76.97
N LEU F 306 -96.68 -25.63 -76.90
CA LEU F 306 -96.82 -24.89 -75.64
C LEU F 306 -98.30 -24.64 -75.46
N ASN F 307 -98.91 -25.33 -74.51
CA ASN F 307 -100.36 -25.30 -74.37
C ASN F 307 -100.88 -24.41 -73.26
N PHE F 308 -101.86 -23.58 -73.58
CA PHE F 308 -102.44 -22.67 -72.60
C PHE F 308 -103.86 -23.10 -72.24
N TYR F 309 -104.01 -23.64 -71.03
CA TYR F 309 -105.28 -24.15 -70.54
C TYR F 309 -105.91 -23.15 -69.60
N ALA F 310 -107.07 -22.62 -69.98
CA ALA F 310 -107.84 -21.79 -69.07
C ALA F 310 -108.54 -22.71 -68.09
N ILE F 311 -108.13 -22.65 -66.82
CA ILE F 311 -108.70 -23.54 -65.80
C ILE F 311 -109.67 -22.83 -64.86
N ALA F 312 -109.63 -21.51 -64.85
CA ALA F 312 -110.62 -20.72 -64.11
C ALA F 312 -110.83 -19.39 -64.83
N GLY F 313 -112.01 -19.23 -65.40
CA GLY F 313 -112.25 -18.08 -66.25
C GLY F 313 -111.95 -18.32 -67.73
N PRO F 314 -111.81 -17.24 -68.50
CA PRO F 314 -111.92 -15.85 -68.05
C PRO F 314 -113.30 -15.47 -67.51
N ILE F 315 -113.31 -14.49 -66.62
CA ILE F 315 -114.55 -13.90 -66.13
C ILE F 315 -114.53 -12.39 -66.35
N ALA F 316 -115.72 -11.83 -66.52
CA ALA F 316 -115.90 -10.39 -66.61
C ALA F 316 -117.31 -10.06 -66.17
N PRO F 317 -117.55 -8.78 -65.83
CA PRO F 317 -118.89 -8.36 -65.41
C PRO F 317 -119.83 -8.45 -66.60
N SER F 318 -121.14 -8.55 -66.38
CA SER F 318 -122.03 -8.47 -67.53
C SER F 318 -122.18 -7.00 -67.86
N GLY F 319 -122.43 -6.66 -69.13
CA GLY F 319 -122.45 -7.62 -70.22
C GLY F 319 -121.26 -7.30 -71.11
N GLU F 320 -120.12 -7.85 -70.74
CA GLU F 320 -118.95 -7.78 -71.57
C GLU F 320 -119.03 -8.93 -72.59
N THR F 321 -118.42 -8.74 -73.75
CA THR F 321 -118.54 -9.75 -74.79
C THR F 321 -117.18 -10.08 -75.41
N ALA F 322 -116.28 -9.10 -75.31
CA ALA F 322 -114.92 -9.24 -75.82
C ALA F 322 -114.22 -10.50 -75.33
N GLN F 323 -113.39 -11.08 -76.18
CA GLN F 323 -112.60 -12.21 -75.75
C GLN F 323 -111.43 -11.69 -74.92
N LEU F 324 -110.86 -12.52 -74.07
CA LEU F 324 -109.66 -12.14 -73.33
C LEU F 324 -108.41 -12.60 -74.07
N PRO F 325 -107.59 -11.64 -74.53
CA PRO F 325 -106.38 -11.98 -75.30
C PRO F 325 -105.13 -12.15 -74.43
N ILE F 326 -104.31 -13.12 -74.81
CA ILE F 326 -103.02 -13.39 -74.21
C ILE F 326 -101.98 -13.17 -75.30
N VAL F 327 -100.99 -12.32 -75.05
CA VAL F 327 -99.84 -12.19 -75.97
C VAL F 327 -98.61 -12.86 -75.38
N VAL F 328 -98.07 -13.86 -76.08
CA VAL F 328 -96.87 -14.57 -75.60
C VAL F 328 -95.60 -14.12 -76.30
N GLN F 329 -94.55 -13.84 -75.53
CA GLN F 329 -93.22 -13.56 -76.08
C GLN F 329 -92.25 -14.62 -75.68
N ILE F 330 -91.46 -15.11 -76.64
CA ILE F 330 -90.47 -16.12 -76.35
C ILE F 330 -89.09 -15.50 -76.35
N ASP F 331 -88.41 -15.58 -75.22
CA ASP F 331 -87.14 -14.88 -75.04
C ASP F 331 -85.96 -15.77 -75.35
N GLU F 332 -85.96 -16.99 -74.83
CA GLU F 332 -84.91 -17.93 -75.18
C GLU F 332 -85.24 -19.37 -74.84
N ILE F 333 -84.45 -20.28 -75.39
CA ILE F 333 -84.41 -21.65 -74.94
C ILE F 333 -83.27 -21.78 -73.92
N VAL F 334 -83.61 -21.88 -72.64
CA VAL F 334 -82.61 -21.98 -71.60
C VAL F 334 -82.25 -23.43 -71.39
N ARG F 335 -80.99 -23.68 -71.03
CA ARG F 335 -80.51 -25.05 -70.83
C ARG F 335 -80.87 -25.84 -72.07
N PRO F 336 -80.38 -25.38 -73.23
CA PRO F 336 -80.80 -25.91 -74.52
C PRO F 336 -80.18 -27.27 -74.84
N ASP F 337 -81.00 -28.15 -75.41
CA ASP F 337 -80.52 -29.41 -75.94
C ASP F 337 -80.66 -29.33 -77.44
N LEU F 338 -79.62 -28.86 -78.13
CA LEU F 338 -79.75 -28.66 -79.57
C LEU F 338 -79.38 -29.89 -80.40
N SER F 339 -79.97 -30.00 -81.57
CA SER F 339 -79.57 -31.01 -82.53
C SER F 339 -78.29 -30.55 -83.24
N LEU F 340 -77.84 -31.36 -84.18
CA LEU F 340 -76.80 -30.93 -85.09
C LEU F 340 -77.27 -29.72 -85.83
N PRO F 341 -76.34 -28.86 -86.22
CA PRO F 341 -76.70 -27.81 -87.18
C PRO F 341 -77.27 -28.47 -88.44
N SER F 342 -78.24 -27.85 -89.08
CA SER F 342 -78.79 -28.43 -90.31
C SER F 342 -77.80 -28.34 -91.48
N PHE F 343 -76.98 -27.29 -91.50
CA PHE F 343 -75.93 -27.18 -92.51
C PHE F 343 -74.51 -27.15 -91.93
N GLU F 344 -73.56 -27.70 -92.66
CA GLU F 344 -72.18 -27.67 -92.23
C GLU F 344 -71.51 -26.49 -92.92
N ASP F 345 -70.22 -26.28 -92.66
CA ASP F 345 -69.50 -25.19 -93.34
C ASP F 345 -69.09 -25.66 -94.73
N ASP F 346 -70.07 -25.64 -95.62
CA ASP F 346 -69.94 -26.26 -96.91
C ASP F 346 -70.64 -25.40 -97.93
N TYR F 347 -70.58 -25.84 -99.19
CA TYR F 347 -71.31 -25.18 -100.27
C TYR F 347 -72.79 -25.51 -100.16
N PHE F 348 -73.61 -24.67 -100.78
CA PHE F 348 -75.03 -24.97 -100.94
C PHE F 348 -75.50 -24.39 -102.27
N VAL F 349 -76.68 -24.84 -102.71
CA VAL F 349 -77.12 -24.50 -104.04
C VAL F 349 -77.61 -23.06 -104.12
N TRP F 350 -77.08 -22.33 -105.08
CA TRP F 350 -77.54 -20.98 -105.37
C TRP F 350 -78.59 -21.05 -106.47
N VAL F 351 -78.20 -21.60 -107.62
CA VAL F 351 -79.11 -21.67 -108.76
C VAL F 351 -78.75 -22.78 -109.75
N ASP F 352 -79.80 -23.39 -110.34
CA ASP F 352 -79.64 -24.32 -111.48
C ASP F 352 -80.19 -23.69 -112.76
N PHE F 353 -79.38 -23.68 -113.82
CA PHE F 353 -79.87 -23.28 -115.13
C PHE F 353 -80.03 -24.53 -116.00
N SER F 354 -81.15 -24.64 -116.71
CA SER F 354 -81.42 -25.82 -117.50
C SER F 354 -82.30 -25.46 -118.67
N GLU F 355 -82.53 -26.43 -119.56
CA GLU F 355 -83.47 -26.28 -120.66
C GLU F 355 -83.16 -25.01 -121.49
N PHE F 356 -81.91 -24.90 -121.94
CA PHE F 356 -81.51 -23.75 -122.74
C PHE F 356 -82.12 -23.78 -124.12
N THR F 357 -82.61 -22.64 -124.59
CA THR F 357 -83.26 -22.59 -125.91
C THR F 357 -82.35 -21.97 -126.96
N LEU F 358 -81.39 -21.17 -126.51
CA LEU F 358 -80.43 -20.55 -127.42
C LEU F 358 -79.04 -21.03 -127.08
N ASP F 359 -78.20 -21.16 -128.10
CA ASP F 359 -76.80 -21.55 -127.89
C ASP F 359 -76.03 -20.41 -127.20
N LYS F 360 -76.30 -19.17 -127.58
CA LYS F 360 -75.68 -18.02 -126.93
C LYS F 360 -76.56 -17.59 -125.74
N GLU F 361 -76.00 -17.70 -124.55
CA GLU F 361 -76.70 -17.30 -123.32
C GLU F 361 -75.73 -16.52 -122.44
N GLU F 362 -76.17 -15.41 -121.87
CA GLU F 362 -75.31 -14.63 -120.99
C GLU F 362 -76.06 -14.21 -119.73
N ILE F 363 -75.63 -14.77 -118.61
CA ILE F 363 -76.25 -14.54 -117.32
C ILE F 363 -75.48 -13.49 -116.55
N GLU F 364 -76.09 -12.31 -116.36
CA GLU F 364 -75.43 -11.23 -115.61
C GLU F 364 -75.64 -11.39 -114.12
N ILE F 365 -74.53 -11.32 -113.37
CA ILE F 365 -74.57 -11.44 -111.92
C ILE F 365 -74.21 -10.11 -111.28
N GLY F 366 -73.13 -9.52 -111.76
CA GLY F 366 -72.68 -8.23 -111.30
C GLY F 366 -72.00 -8.35 -109.94
N SER F 367 -72.58 -7.70 -108.94
CA SER F 367 -72.05 -7.81 -107.59
C SER F 367 -73.12 -8.25 -106.61
N ARG F 368 -74.21 -8.85 -107.11
CA ARG F 368 -75.36 -9.20 -106.26
C ARG F 368 -75.56 -10.70 -106.05
N PHE F 369 -76.14 -11.04 -104.90
CA PHE F 369 -76.67 -12.37 -104.71
C PHE F 369 -78.18 -12.22 -104.71
N PHE F 370 -78.84 -12.84 -105.67
CA PHE F 370 -80.27 -12.57 -105.91
C PHE F 370 -80.99 -13.67 -106.71
N ASP F 371 -82.29 -13.50 -106.95
CA ASP F 371 -83.05 -14.46 -107.76
C ASP F 371 -82.98 -14.13 -109.25
N PHE F 372 -82.57 -15.12 -110.05
CA PHE F 372 -82.47 -14.96 -111.50
C PHE F 372 -83.82 -15.14 -112.21
N THR F 373 -83.95 -14.51 -113.38
CA THR F 373 -85.07 -14.81 -114.27
C THR F 373 -84.53 -14.90 -115.68
N SER F 374 -85.15 -15.76 -116.50
CA SER F 374 -84.74 -15.88 -117.90
C SER F 374 -85.94 -16.18 -118.80
N ASN F 375 -85.91 -15.59 -119.99
CA ASN F 375 -86.91 -15.89 -121.02
C ASN F 375 -86.44 -17.00 -121.92
N THR F 376 -85.15 -17.28 -121.87
CA THR F 376 -84.52 -18.19 -122.81
C THR F 376 -84.10 -19.53 -122.18
N CYS F 377 -84.23 -19.63 -120.86
CA CYS F 377 -83.91 -20.87 -120.16
C CYS F 377 -84.61 -20.97 -118.82
N ARG F 378 -84.52 -22.16 -118.22
CA ARG F 378 -85.22 -22.42 -116.96
C ARG F 378 -84.32 -22.17 -115.76
N VAL F 379 -84.77 -21.24 -114.92
CA VAL F 379 -84.05 -20.93 -113.69
C VAL F 379 -84.70 -21.66 -112.51
N SER F 380 -83.90 -22.36 -111.72
CA SER F 380 -84.39 -23.00 -110.48
C SER F 380 -83.57 -22.47 -109.32
N MET F 381 -84.19 -21.70 -108.45
CA MET F 381 -83.44 -21.07 -107.39
C MET F 381 -83.35 -21.98 -106.16
N GLY F 382 -82.24 -21.92 -105.43
CA GLY F 382 -82.10 -22.70 -104.22
C GLY F 382 -82.80 -22.01 -103.06
N GLU F 383 -83.35 -22.80 -102.15
CA GLU F 383 -83.87 -22.28 -100.88
C GLU F 383 -83.08 -22.84 -99.69
N ASN F 384 -82.42 -21.95 -98.95
CA ASN F 384 -81.65 -22.31 -97.76
C ASN F 384 -81.53 -21.13 -96.79
N PRO F 385 -81.02 -21.40 -95.57
CA PRO F 385 -80.96 -20.33 -94.58
C PRO F 385 -80.18 -19.13 -95.09
N PHE F 386 -79.09 -19.34 -95.83
CA PHE F 386 -78.31 -18.18 -96.27
C PHE F 386 -79.15 -17.23 -97.12
N ALA F 387 -79.90 -17.79 -98.07
CA ALA F 387 -80.78 -16.99 -98.90
C ALA F 387 -81.84 -16.27 -98.09
N ALA F 388 -82.38 -16.95 -97.08
CA ALA F 388 -83.34 -16.29 -96.19
C ALA F 388 -82.70 -15.13 -95.43
N MET F 389 -81.47 -15.32 -94.95
CA MET F 389 -80.77 -14.27 -94.24
C MET F 389 -80.53 -13.06 -95.12
N ILE F 390 -80.23 -13.30 -96.39
CA ILE F 390 -80.11 -12.20 -97.33
C ILE F 390 -81.42 -11.41 -97.44
N ALA F 391 -82.53 -12.14 -97.37
CA ALA F 391 -83.86 -11.58 -97.56
C ALA F 391 -84.37 -10.89 -96.31
N CYS F 392 -83.84 -11.29 -95.16
CA CYS F 392 -84.34 -10.77 -93.90
C CYS F 392 -83.44 -9.72 -93.31
N HIS F 393 -82.59 -9.11 -94.14
CA HIS F 393 -81.81 -7.97 -93.69
C HIS F 393 -81.89 -6.88 -94.74
N GLY F 394 -81.75 -5.64 -94.30
CA GLY F 394 -81.79 -4.49 -95.19
C GLY F 394 -80.57 -4.45 -96.07
N LEU F 395 -79.38 -4.72 -95.50
CA LEU F 395 -78.10 -4.69 -96.23
C LEU F 395 -77.25 -5.90 -95.91
N HIS F 396 -76.39 -6.30 -96.84
CA HIS F 396 -75.45 -7.40 -96.60
C HIS F 396 -74.16 -7.14 -97.36
N SER F 397 -73.09 -7.86 -97.01
CA SER F 397 -71.82 -7.71 -97.70
C SER F 397 -70.87 -8.84 -97.36
N GLY F 398 -70.15 -9.34 -98.36
CA GLY F 398 -69.22 -10.42 -98.13
C GLY F 398 -68.70 -11.00 -99.42
N VAL F 399 -68.02 -12.13 -99.31
CA VAL F 399 -67.50 -12.80 -100.50
C VAL F 399 -68.01 -14.22 -100.57
N LEU F 400 -68.47 -14.61 -101.76
CA LEU F 400 -68.91 -15.97 -101.99
C LEU F 400 -67.91 -16.75 -102.85
N ASP F 401 -67.53 -17.93 -102.40
CA ASP F 401 -66.80 -18.82 -103.29
C ASP F 401 -67.82 -19.59 -104.11
N LEU F 402 -67.63 -19.63 -105.42
CA LEU F 402 -68.55 -20.38 -106.28
C LEU F 402 -67.93 -21.66 -106.83
N LYS F 403 -68.76 -22.69 -106.94
CA LYS F 403 -68.41 -23.89 -107.68
C LYS F 403 -69.44 -24.02 -108.79
N LEU F 404 -68.95 -24.15 -110.02
CA LEU F 404 -69.84 -24.39 -111.15
C LEU F 404 -69.66 -25.83 -111.60
N GLN F 405 -70.78 -26.52 -111.81
CA GLN F 405 -70.78 -27.89 -112.34
C GLN F 405 -71.77 -27.99 -113.48
N TRP F 406 -71.43 -28.77 -114.48
CA TRP F 406 -72.38 -28.98 -115.57
C TRP F 406 -72.27 -30.36 -116.20
N SER F 407 -73.39 -30.84 -116.76
CA SER F 407 -73.40 -32.09 -117.50
C SER F 407 -73.80 -31.81 -118.95
N LEU F 408 -73.38 -32.69 -119.85
CA LEU F 408 -73.67 -32.47 -121.28
C LEU F 408 -75.03 -33.01 -121.75
N ASN F 409 -75.59 -32.31 -122.73
CA ASN F 409 -76.83 -32.72 -123.38
C ASN F 409 -76.56 -33.47 -124.67
N THR F 410 -75.50 -33.07 -125.36
CA THR F 410 -75.04 -33.76 -126.58
C THR F 410 -73.99 -34.83 -126.28
N GLU F 411 -73.53 -35.56 -127.30
CA GLU F 411 -72.49 -36.57 -127.10
C GLU F 411 -71.16 -35.89 -126.77
N PHE F 412 -70.44 -36.46 -125.81
CA PHE F 412 -69.18 -35.88 -125.34
C PHE F 412 -68.21 -35.64 -126.49
N GLY F 413 -68.12 -36.59 -127.42
CA GLY F 413 -67.19 -36.50 -128.52
C GLY F 413 -67.50 -35.36 -129.48
N LYS F 414 -68.72 -34.86 -129.43
CA LYS F 414 -69.12 -33.82 -130.36
C LYS F 414 -69.00 -32.44 -129.72
N SER F 415 -68.69 -32.41 -128.43
CA SER F 415 -68.80 -31.19 -127.64
C SER F 415 -67.77 -30.14 -128.04
N SER F 416 -68.14 -28.88 -127.91
CA SER F 416 -67.21 -27.78 -128.15
C SER F 416 -67.65 -26.58 -127.31
N GLY F 417 -66.85 -25.52 -127.33
CA GLY F 417 -67.20 -24.30 -126.61
C GLY F 417 -66.81 -24.30 -125.14
N SER F 418 -67.48 -23.45 -124.36
CA SER F 418 -67.03 -23.12 -123.01
C SER F 418 -68.11 -22.54 -122.09
N VAL F 419 -67.90 -22.73 -120.79
CA VAL F 419 -68.49 -21.87 -119.76
C VAL F 419 -67.44 -20.78 -119.46
N THR F 420 -67.76 -19.52 -119.78
CA THR F 420 -66.81 -18.42 -119.53
C THR F 420 -67.28 -17.54 -118.38
N ILE F 421 -66.37 -17.23 -117.46
CA ILE F 421 -66.69 -16.33 -116.38
C ILE F 421 -66.05 -14.99 -116.66
N THR F 422 -66.85 -14.01 -117.03
CA THR F 422 -66.34 -12.65 -117.21
C THR F 422 -66.24 -11.93 -115.87
N LYS F 423 -65.06 -11.39 -115.57
CA LYS F 423 -64.89 -10.64 -114.34
C LYS F 423 -64.37 -9.25 -114.66
N LEU F 424 -65.16 -8.24 -114.33
CA LEU F 424 -64.77 -6.87 -114.62
C LEU F 424 -64.78 -6.06 -113.36
N VAL F 425 -64.31 -4.83 -113.48
CA VAL F 425 -64.53 -3.81 -112.46
C VAL F 425 -65.20 -2.65 -113.18
N GLY F 426 -66.41 -2.32 -112.80
CA GLY F 426 -67.16 -1.31 -113.50
C GLY F 426 -68.44 -1.94 -114.04
N ASP F 427 -68.58 -1.91 -115.37
CA ASP F 427 -69.71 -2.52 -116.05
C ASP F 427 -69.27 -3.05 -117.41
N LYS F 428 -70.20 -3.68 -118.11
CA LYS F 428 -69.87 -4.27 -119.40
C LYS F 428 -69.30 -3.20 -120.35
N ALA F 429 -69.81 -1.98 -120.23
CA ALA F 429 -69.49 -0.90 -121.17
C ALA F 429 -68.12 -0.22 -121.01
N MET F 430 -67.70 0.04 -119.78
CA MET F 430 -66.51 0.86 -119.53
C MET F 430 -65.57 0.22 -118.50
N GLY F 431 -65.81 -1.03 -118.18
CA GLY F 431 -65.09 -1.69 -117.11
C GLY F 431 -63.66 -2.09 -117.40
N LEU F 432 -62.95 -2.44 -116.33
CA LEU F 432 -61.59 -2.94 -116.40
C LEU F 432 -61.63 -4.46 -116.31
N ASP F 433 -60.62 -5.11 -116.88
CA ASP F 433 -60.61 -6.57 -116.95
C ASP F 433 -59.91 -7.24 -115.79
N GLY F 434 -60.67 -8.04 -115.04
CA GLY F 434 -60.12 -8.78 -113.92
C GLY F 434 -59.76 -10.22 -114.25
N PRO F 435 -59.92 -11.12 -113.26
CA PRO F 435 -59.61 -12.56 -113.42
C PRO F 435 -60.73 -13.33 -114.16
N SER F 436 -61.08 -12.85 -115.37
CA SER F 436 -61.99 -13.56 -116.26
C SER F 436 -61.37 -14.92 -116.57
N HIS F 437 -62.19 -15.85 -117.00
CA HIS F 437 -61.75 -17.22 -116.93
C HIS F 437 -62.56 -18.06 -117.94
N VAL F 438 -61.85 -18.80 -118.77
CA VAL F 438 -62.45 -19.64 -119.80
C VAL F 438 -62.37 -21.12 -119.44
N PHE F 439 -63.51 -21.70 -119.12
CA PHE F 439 -63.54 -23.12 -118.87
C PHE F 439 -64.01 -23.85 -120.13
N ALA F 440 -63.11 -24.55 -120.81
CA ALA F 440 -63.53 -25.41 -121.92
C ALA F 440 -64.69 -26.30 -121.43
N ILE F 441 -65.74 -26.43 -122.24
CA ILE F 441 -66.91 -27.16 -121.79
C ILE F 441 -66.56 -28.56 -121.26
N GLN F 442 -65.47 -29.14 -121.77
CA GLN F 442 -65.08 -30.51 -121.39
C GLN F 442 -64.56 -30.62 -119.96
N LYS F 443 -64.19 -29.49 -119.36
CA LYS F 443 -63.78 -29.49 -117.95
C LYS F 443 -64.92 -29.93 -117.06
N LEU F 444 -66.16 -29.57 -117.44
CA LEU F 444 -67.36 -30.02 -116.75
C LEU F 444 -67.53 -29.46 -115.33
N GLU F 445 -66.60 -28.56 -114.94
CA GLU F 445 -66.65 -27.84 -113.67
C GLU F 445 -65.64 -26.69 -113.63
N GLY F 446 -65.90 -25.73 -112.74
CA GLY F 446 -65.01 -24.60 -112.56
C GLY F 446 -65.29 -23.86 -111.26
N THR F 447 -64.35 -23.02 -110.83
CA THR F 447 -64.52 -22.28 -109.60
C THR F 447 -64.19 -20.81 -109.81
N THR F 448 -64.79 -19.97 -108.97
CA THR F 448 -64.51 -18.54 -109.00
C THR F 448 -64.97 -17.89 -107.69
N GLU F 449 -64.50 -16.69 -107.41
CA GLU F 449 -64.99 -15.93 -106.26
C GLU F 449 -65.95 -14.88 -106.76
N LEU F 450 -66.91 -14.48 -105.92
CA LEU F 450 -67.80 -13.37 -106.22
C LEU F 450 -67.84 -12.37 -105.08
N LEU F 451 -67.50 -11.11 -105.36
CA LEU F 451 -67.68 -10.07 -104.37
C LEU F 451 -69.14 -9.62 -104.33
N VAL F 452 -69.81 -9.84 -103.20
CA VAL F 452 -71.15 -9.32 -102.99
C VAL F 452 -71.03 -8.03 -102.17
N GLY F 453 -71.06 -6.90 -102.86
CA GLY F 453 -70.85 -5.61 -102.24
C GLY F 453 -70.52 -4.54 -103.28
N ASN F 454 -69.97 -3.43 -102.83
CA ASN F 454 -69.65 -2.33 -103.75
C ASN F 454 -68.85 -1.26 -103.03
N PHE F 455 -68.48 -0.20 -103.75
CA PHE F 455 -67.66 0.85 -103.15
C PHE F 455 -68.24 1.43 -101.85
N ALA F 456 -69.56 1.44 -101.72
CA ALA F 456 -70.18 1.99 -100.52
C ALA F 456 -70.06 1.07 -99.31
N GLY F 457 -70.07 -0.24 -99.56
CA GLY F 457 -69.75 -1.22 -98.53
C GLY F 457 -70.75 -2.34 -98.31
N ALA F 458 -71.94 -2.20 -98.88
CA ALA F 458 -73.00 -3.19 -98.68
C ALA F 458 -74.06 -3.11 -99.77
N ASN F 459 -74.79 -4.20 -99.96
CA ASN F 459 -75.87 -4.27 -100.93
C ASN F 459 -77.22 -4.29 -100.25
N PRO F 460 -78.17 -3.53 -100.80
CA PRO F 460 -79.58 -3.65 -100.41
C PRO F 460 -80.14 -4.89 -101.07
N ASN F 461 -81.31 -5.32 -100.63
CA ASN F 461 -81.89 -6.54 -101.19
C ASN F 461 -82.84 -6.18 -102.34
N THR F 462 -82.40 -5.24 -103.15
CA THR F 462 -83.15 -4.78 -104.31
C THR F 462 -82.16 -4.57 -105.44
N ARG F 463 -82.65 -4.12 -106.59
CA ARG F 463 -81.73 -3.68 -107.64
C ARG F 463 -81.22 -2.28 -107.24
N PHE F 464 -79.93 -2.04 -107.51
CA PHE F 464 -79.28 -0.78 -107.19
C PHE F 464 -78.16 -0.62 -108.22
N SER F 465 -77.61 0.58 -108.34
CA SER F 465 -76.50 0.79 -109.25
C SER F 465 -75.36 1.48 -108.53
N LEU F 466 -74.40 0.70 -108.03
CA LEU F 466 -73.23 1.26 -107.34
C LEU F 466 -71.94 0.63 -107.84
N TYR F 467 -70.98 1.47 -108.27
CA TYR F 467 -69.71 1.00 -108.83
C TYR F 467 -69.09 -0.12 -108.00
N SER F 468 -68.79 -1.24 -108.65
CA SER F 468 -68.20 -2.39 -107.97
C SER F 468 -67.59 -3.33 -108.99
N ARG F 469 -67.14 -4.49 -108.51
CA ARG F 469 -66.72 -5.55 -109.41
C ARG F 469 -67.98 -6.12 -110.06
N TRP F 470 -67.81 -6.77 -111.20
CA TRP F 470 -68.93 -7.18 -112.05
C TRP F 470 -68.66 -8.54 -112.67
N MET F 471 -69.62 -9.45 -112.52
CA MET F 471 -69.47 -10.82 -113.01
C MET F 471 -70.59 -11.27 -113.94
N ALA F 472 -70.22 -12.10 -114.92
CA ALA F 472 -71.22 -12.67 -115.82
C ALA F 472 -70.79 -14.06 -116.23
N ILE F 473 -71.77 -14.94 -116.45
CA ILE F 473 -71.50 -16.26 -116.99
C ILE F 473 -71.92 -16.23 -118.46
N LYS F 474 -71.02 -16.63 -119.35
CA LYS F 474 -71.27 -16.62 -120.79
C LYS F 474 -71.21 -18.04 -121.38
N LEU F 475 -72.35 -18.52 -121.85
CA LEU F 475 -72.43 -19.78 -122.59
C LEU F 475 -72.39 -19.54 -124.11
N ASP F 476 -71.63 -20.33 -124.86
CA ASP F 476 -71.63 -20.22 -126.33
C ASP F 476 -72.23 -21.46 -127.01
N GLN F 477 -72.41 -22.53 -126.23
CA GLN F 477 -72.96 -23.78 -126.73
C GLN F 477 -73.94 -24.31 -125.72
N ALA F 478 -74.83 -23.41 -125.28
CA ALA F 478 -75.70 -23.67 -124.14
C ALA F 478 -76.62 -24.87 -124.36
N LYS F 479 -77.01 -25.08 -125.62
CA LYS F 479 -77.90 -26.20 -125.92
C LYS F 479 -77.21 -27.55 -125.68
N SER F 480 -75.88 -27.53 -125.58
CA SER F 480 -75.11 -28.75 -125.30
C SER F 480 -75.01 -29.04 -123.80
N ILE F 481 -75.63 -28.18 -122.99
CA ILE F 481 -75.59 -28.34 -121.54
C ILE F 481 -76.94 -28.79 -121.00
N LYS F 482 -76.96 -29.91 -120.27
CA LYS F 482 -78.22 -30.36 -119.70
C LYS F 482 -78.56 -29.57 -118.42
N VAL F 483 -77.52 -29.24 -117.65
CA VAL F 483 -77.69 -28.41 -116.46
C VAL F 483 -76.40 -27.70 -116.08
N LEU F 484 -76.52 -26.44 -115.68
CA LEU F 484 -75.40 -25.69 -115.15
C LEU F 484 -75.78 -25.38 -113.72
N ARG F 485 -75.07 -25.98 -112.76
CA ARG F 485 -75.37 -25.73 -111.36
C ARG F 485 -74.35 -24.79 -110.72
N VAL F 486 -74.84 -23.81 -109.96
CA VAL F 486 -73.95 -22.90 -109.25
C VAL F 486 -74.11 -23.06 -107.73
N LEU F 487 -73.07 -23.55 -107.07
CA LEU F 487 -73.05 -23.62 -105.61
C LEU F 487 -72.20 -22.49 -105.05
N CYS F 488 -72.55 -22.03 -103.85
CA CYS F 488 -71.72 -21.01 -103.19
C CYS F 488 -71.46 -21.36 -101.73
N LYS F 489 -70.41 -20.76 -101.18
CA LYS F 489 -69.98 -20.99 -99.80
C LYS F 489 -69.41 -19.68 -99.28
N PRO F 490 -70.15 -18.99 -98.42
CA PRO F 490 -69.73 -17.67 -97.95
C PRO F 490 -68.42 -17.76 -97.19
N ARG F 491 -67.49 -16.87 -97.53
CA ARG F 491 -66.25 -16.74 -96.77
C ARG F 491 -66.57 -16.13 -95.42
N PRO F 492 -65.80 -16.51 -94.40
CA PRO F 492 -66.02 -16.06 -93.01
C PRO F 492 -66.12 -14.55 -92.95
N GLY F 493 -67.09 -14.06 -92.19
CA GLY F 493 -67.29 -12.64 -92.07
C GLY F 493 -68.34 -12.07 -93.01
N PHE F 494 -69.12 -12.93 -93.64
CA PHE F 494 -70.23 -12.44 -94.43
C PHE F 494 -71.25 -11.76 -93.53
N SER F 495 -71.51 -10.48 -93.78
CA SER F 495 -72.21 -9.65 -92.81
C SER F 495 -73.60 -9.22 -93.24
N PHE F 496 -74.49 -9.13 -92.26
CA PHE F 496 -75.85 -8.66 -92.48
C PHE F 496 -76.15 -7.47 -91.57
N TYR F 497 -76.87 -6.49 -92.11
CA TYR F 497 -77.21 -5.27 -91.38
C TYR F 497 -78.71 -5.03 -91.33
N GLY F 498 -79.22 -4.73 -90.15
CA GLY F 498 -80.62 -4.35 -89.98
C GLY F 498 -81.67 -5.42 -90.18
N ARG F 499 -81.97 -6.17 -89.12
CA ARG F 499 -82.94 -7.26 -89.26
C ARG F 499 -84.30 -6.73 -89.69
N THR F 500 -84.92 -7.45 -90.61
CA THR F 500 -86.25 -7.12 -91.10
C THR F 500 -86.96 -8.38 -91.63
N SER F 501 -87.95 -8.19 -92.48
CA SER F 501 -88.70 -9.33 -93.00
C SER F 501 -88.94 -9.22 -94.50
N PHE F 502 -89.49 -10.28 -95.08
CA PHE F 502 -89.63 -10.36 -96.53
C PHE F 502 -90.85 -11.18 -96.92
N PRO F 503 -91.98 -10.50 -97.15
CA PRO F 503 -93.20 -11.17 -97.60
C PRO F 503 -93.15 -11.48 -99.09
N VAL F 504 -93.54 -12.71 -99.45
CA VAL F 504 -93.72 -13.09 -100.84
C VAL F 504 -95.00 -13.88 -101.03
N GLY G 1 -21.86 22.64 -109.51
CA GLY G 1 -21.60 23.80 -110.34
C GLY G 1 -22.57 23.89 -111.49
N LEU G 2 -22.55 25.02 -112.21
CA LEU G 2 -23.38 25.17 -113.39
C LEU G 2 -23.00 24.13 -114.44
N ALA G 3 -23.97 23.33 -114.83
CA ALA G 3 -23.72 22.17 -115.67
C ALA G 3 -24.21 22.36 -117.09
N GLY G 4 -25.28 23.13 -117.23
CA GLY G 4 -25.86 23.41 -118.53
C GLY G 4 -26.83 24.59 -118.44
N ARG G 5 -27.20 25.13 -119.60
CA ARG G 5 -28.11 26.25 -119.63
C ARG G 5 -28.94 26.29 -120.91
N GLY G 6 -29.98 27.13 -120.90
CA GLY G 6 -30.85 27.27 -122.04
C GLY G 6 -31.68 28.52 -121.89
N VAL G 7 -32.42 28.87 -122.94
CA VAL G 7 -33.21 30.09 -122.93
C VAL G 7 -34.64 29.81 -123.38
N ILE G 8 -35.60 30.35 -122.64
CA ILE G 8 -37.00 30.32 -123.07
C ILE G 8 -37.44 31.72 -123.53
N TYR G 9 -38.07 31.81 -124.71
CA TYR G 9 -38.54 33.11 -125.20
C TYR G 9 -40.02 33.33 -124.86
N ILE G 10 -40.32 34.49 -124.26
CA ILE G 10 -41.67 34.82 -123.83
C ILE G 10 -42.21 35.98 -124.67
N PRO G 11 -43.43 35.83 -125.21
CA PRO G 11 -44.13 36.84 -126.02
C PRO G 11 -44.79 37.94 -125.18
N LYS G 12 -44.86 39.17 -125.70
CA LYS G 12 -45.53 40.23 -124.95
C LYS G 12 -46.98 39.86 -124.60
N ASP G 13 -47.66 39.16 -125.49
CA ASP G 13 -48.95 38.58 -125.15
C ASP G 13 -48.75 37.09 -124.90
N CYS G 14 -48.49 36.72 -123.64
CA CYS G 14 -48.36 35.33 -123.26
C CYS G 14 -49.72 34.81 -122.79
N GLN G 15 -50.45 34.14 -123.69
CA GLN G 15 -51.81 33.69 -123.41
C GLN G 15 -51.85 32.33 -122.73
N ALA G 16 -52.92 32.05 -121.98
CA ALA G 16 -53.08 30.71 -121.41
C ALA G 16 -52.97 29.64 -122.50
N ASN G 17 -52.07 28.68 -122.30
CA ASN G 17 -51.91 27.50 -123.18
C ASN G 17 -50.83 27.63 -124.24
N ARG G 18 -50.13 28.77 -124.27
CA ARG G 18 -49.02 28.93 -125.22
C ARG G 18 -47.81 28.06 -124.93
N TYR G 19 -47.39 27.30 -125.92
CA TYR G 19 -46.11 26.59 -125.84
C TYR G 19 -44.96 27.60 -125.99
N LEU G 20 -44.05 27.57 -125.03
CA LEU G 20 -42.95 28.51 -124.98
C LEU G 20 -41.64 27.89 -125.49
N GLY G 21 -41.53 26.58 -125.39
CA GLY G 21 -40.38 25.91 -125.92
C GLY G 21 -39.97 24.67 -125.13
N THR G 22 -39.05 23.92 -125.68
CA THR G 22 -38.53 22.73 -125.01
C THR G 22 -37.01 22.78 -124.94
N LEU G 23 -36.45 22.47 -123.79
CA LEU G 23 -35.02 22.37 -123.68
C LEU G 23 -34.67 20.92 -123.58
N ASN G 24 -33.62 20.51 -124.24
CA ASN G 24 -33.17 19.14 -124.16
C ASN G 24 -32.06 19.05 -123.10
N ILE G 25 -32.32 18.32 -122.01
CA ILE G 25 -31.42 18.34 -120.86
C ILE G 25 -30.00 17.95 -121.23
N ARG G 26 -29.86 16.96 -122.10
CA ARG G 26 -28.51 16.53 -122.42
C ARG G 26 -27.80 17.55 -123.33
N ASP G 27 -28.55 18.14 -124.25
CA ASP G 27 -28.01 19.22 -125.07
C ASP G 27 -27.62 20.45 -124.24
N MET G 28 -28.38 20.78 -123.20
CA MET G 28 -28.00 21.90 -122.33
C MET G 28 -26.62 21.70 -121.74
N ILE G 29 -26.31 20.46 -121.38
CA ILE G 29 -25.03 20.14 -120.77
C ILE G 29 -23.91 20.06 -121.81
N SER G 30 -24.21 19.48 -122.96
CA SER G 30 -23.18 19.30 -123.99
C SER G 30 -22.88 20.57 -124.79
N ASP G 31 -23.85 21.46 -124.95
CA ASP G 31 -23.62 22.70 -125.68
C ASP G 31 -22.81 23.66 -124.80
N PHE G 32 -22.99 23.52 -123.50
CA PHE G 32 -22.29 24.36 -122.55
C PHE G 32 -20.83 23.92 -122.47
N LYS G 33 -20.59 22.67 -122.06
CA LYS G 33 -19.34 21.97 -122.38
C LYS G 33 -18.04 22.60 -121.82
N GLY G 34 -18.02 23.04 -120.57
CA GLY G 34 -18.78 22.48 -119.47
C GLY G 34 -17.75 21.72 -118.62
N VAL G 35 -17.42 22.19 -117.41
CA VAL G 35 -16.56 21.38 -116.55
C VAL G 35 -17.29 20.09 -116.23
N GLN G 36 -18.60 20.19 -116.02
CA GLN G 36 -19.42 19.03 -115.68
C GLN G 36 -19.55 18.08 -116.87
N TYR G 37 -19.74 18.65 -118.06
CA TYR G 37 -19.78 17.86 -119.29
C TYR G 37 -18.52 17.02 -119.44
N GLU G 38 -17.37 17.64 -119.22
CA GLU G 38 -16.12 16.92 -119.36
C GLU G 38 -15.95 15.84 -118.29
N LYS G 39 -16.45 16.07 -117.08
CA LYS G 39 -16.41 15.05 -116.04
C LYS G 39 -17.28 13.88 -116.48
N TRP G 40 -18.34 14.20 -117.22
CA TRP G 40 -19.32 13.22 -117.66
C TRP G 40 -18.69 12.24 -118.65
N ILE G 41 -17.94 12.77 -119.61
CA ILE G 41 -17.26 11.94 -120.59
C ILE G 41 -16.39 10.86 -119.95
N THR G 42 -15.80 11.19 -118.81
CA THR G 42 -14.91 10.24 -118.15
C THR G 42 -15.69 9.24 -117.34
N ALA G 43 -16.77 9.71 -116.72
CA ALA G 43 -17.64 8.83 -115.95
C ALA G 43 -18.30 7.80 -116.86
N GLY G 44 -18.70 8.24 -118.06
CA GLY G 44 -19.53 7.45 -118.93
C GLY G 44 -21.00 7.57 -118.55
N LEU G 45 -21.36 7.01 -117.39
CA LEU G 45 -22.73 7.03 -116.88
C LEU G 45 -22.88 8.00 -115.72
N VAL G 46 -23.94 8.81 -115.73
CA VAL G 46 -24.24 9.68 -114.60
C VAL G 46 -25.71 9.54 -114.14
N MET G 47 -25.96 9.61 -112.83
CA MET G 47 -27.31 9.59 -112.27
C MET G 47 -27.58 10.84 -111.46
N PRO G 48 -27.52 12.01 -112.10
CA PRO G 48 -27.38 13.29 -111.39
C PRO G 48 -28.50 13.58 -110.40
N THR G 49 -28.19 14.42 -109.42
CA THR G 49 -29.21 15.18 -108.75
C THR G 49 -29.08 16.62 -109.24
N PHE G 50 -30.03 17.08 -110.05
CA PHE G 50 -30.00 18.41 -110.60
C PHE G 50 -30.72 19.40 -109.71
N LYS G 51 -30.20 20.60 -109.65
CA LYS G 51 -30.97 21.75 -109.19
C LYS G 51 -31.28 22.53 -110.46
N ILE G 52 -32.56 22.68 -110.76
CA ILE G 52 -32.94 23.50 -111.88
C ILE G 52 -33.29 24.88 -111.38
N VAL G 53 -32.75 25.90 -112.03
CA VAL G 53 -33.04 27.27 -111.66
C VAL G 53 -33.55 28.04 -112.86
N ILE G 54 -34.72 28.65 -112.73
CA ILE G 54 -35.26 29.48 -113.79
C ILE G 54 -35.15 30.92 -113.39
N ARG G 55 -34.34 31.69 -114.10
CA ARG G 55 -34.16 33.11 -113.79
C ARG G 55 -35.10 33.97 -114.59
N LEU G 56 -35.70 34.92 -113.90
CA LEU G 56 -37.09 35.30 -114.18
C LEU G 56 -37.33 36.54 -113.34
N PRO G 57 -37.66 37.66 -113.97
CA PRO G 57 -37.86 38.88 -113.17
C PRO G 57 -39.19 38.83 -112.43
N ALA G 58 -39.13 38.94 -111.12
CA ALA G 58 -40.34 38.85 -110.32
C ALA G 58 -41.29 40.01 -110.64
N ASN G 59 -42.56 39.72 -110.77
CA ASN G 59 -43.53 40.77 -111.06
C ASN G 59 -44.93 40.43 -110.57
N ALA G 60 -45.52 41.32 -109.77
CA ALA G 60 -46.82 41.01 -109.20
C ALA G 60 -47.99 41.53 -110.03
N PHE G 61 -47.69 42.11 -111.19
CA PHE G 61 -48.68 42.85 -111.93
C PHE G 61 -49.09 42.19 -113.24
N THR G 62 -48.85 40.89 -113.36
CA THR G 62 -49.14 40.21 -114.63
C THR G 62 -50.16 39.10 -114.51
N GLY G 63 -50.07 38.32 -113.44
CA GLY G 63 -50.95 37.17 -113.28
C GLY G 63 -50.42 35.90 -113.95
N LEU G 64 -49.25 36.05 -114.59
CA LEU G 64 -48.61 34.95 -115.30
C LEU G 64 -48.22 33.78 -114.41
N THR G 65 -48.60 32.57 -114.82
CA THR G 65 -48.12 31.35 -114.20
C THR G 65 -47.70 30.36 -115.29
N TRP G 66 -46.50 29.80 -115.17
CA TRP G 66 -45.99 28.87 -116.16
C TRP G 66 -45.87 27.48 -115.55
N VAL G 67 -45.75 26.48 -116.40
CA VAL G 67 -45.47 25.12 -115.93
C VAL G 67 -44.21 24.56 -116.57
N MET G 68 -43.27 24.14 -115.74
CA MET G 68 -42.15 23.36 -116.25
C MET G 68 -42.51 21.90 -116.13
N SER G 69 -42.45 21.16 -117.24
CA SER G 69 -42.82 19.76 -117.25
C SER G 69 -41.60 18.88 -117.54
N PHE G 70 -41.28 17.98 -116.62
CA PHE G 70 -40.17 17.07 -116.81
C PHE G 70 -40.62 15.82 -117.55
N ASP G 71 -40.27 15.76 -118.83
CA ASP G 71 -40.69 14.68 -119.71
C ASP G 71 -39.48 13.84 -120.08
N ALA G 72 -39.05 12.97 -119.18
CA ALA G 72 -37.81 12.24 -119.41
C ALA G 72 -37.92 11.26 -120.58
N TYR G 73 -39.14 10.86 -120.91
CA TYR G 73 -39.32 9.82 -121.91
C TYR G 73 -40.04 10.32 -123.16
N ASN G 74 -40.08 11.64 -123.30
CA ASN G 74 -40.60 12.26 -124.50
C ASN G 74 -42.04 11.82 -124.88
N ARG G 75 -42.95 11.83 -123.92
CA ARG G 75 -44.29 11.29 -124.14
C ARG G 75 -45.31 12.36 -124.50
N ILE G 76 -45.11 13.59 -124.05
CA ILE G 76 -46.07 14.64 -124.41
C ILE G 76 -45.60 15.66 -125.46
N THR G 77 -44.32 15.68 -125.79
CA THR G 77 -43.78 16.66 -126.73
C THR G 77 -44.62 16.86 -128.01
N SER G 78 -44.74 15.79 -128.80
CA SER G 78 -45.58 15.77 -130.02
C SER G 78 -46.91 16.53 -129.88
N ARG G 79 -47.59 16.31 -128.75
CA ARG G 79 -48.94 16.83 -128.57
C ARG G 79 -49.06 18.24 -128.00
N ILE G 80 -47.95 18.90 -127.68
CA ILE G 80 -48.06 20.22 -127.05
C ILE G 80 -47.46 21.35 -127.83
N THR G 81 -46.84 21.05 -128.98
CA THR G 81 -46.01 22.05 -129.66
C THR G 81 -46.77 23.14 -130.41
N ALA G 82 -48.01 22.87 -130.84
CA ALA G 82 -48.85 23.92 -131.42
C ALA G 82 -49.58 24.67 -130.31
N SER G 83 -50.13 23.91 -129.38
CA SER G 83 -50.76 24.47 -128.19
C SER G 83 -50.74 23.46 -127.08
N ALA G 84 -50.40 23.91 -125.88
CA ALA G 84 -50.28 23.00 -124.73
C ALA G 84 -51.51 22.98 -123.81
N ASP G 85 -52.33 21.92 -123.93
CA ASP G 85 -53.43 21.73 -122.99
C ASP G 85 -52.83 21.40 -121.63
N PRO G 86 -53.34 22.03 -120.58
CA PRO G 86 -52.86 21.69 -119.23
C PRO G 86 -52.98 20.18 -118.91
N VAL G 87 -53.94 19.46 -119.50
CA VAL G 87 -54.05 18.02 -119.25
C VAL G 87 -52.78 17.28 -119.61
N TYR G 88 -52.14 17.69 -120.71
CA TYR G 88 -50.84 17.11 -121.08
C TYR G 88 -49.70 17.61 -120.16
N THR G 89 -49.60 18.92 -119.99
CA THR G 89 -48.44 19.48 -119.30
C THR G 89 -48.41 19.08 -117.82
N LEU G 90 -49.57 18.75 -117.23
CA LEU G 90 -49.64 18.34 -115.82
C LEU G 90 -49.66 16.82 -115.61
N SER G 91 -49.56 16.06 -116.69
CA SER G 91 -49.64 14.60 -116.63
C SER G 91 -48.28 13.94 -116.37
N VAL G 92 -47.23 14.75 -116.37
CA VAL G 92 -45.89 14.28 -116.02
C VAL G 92 -45.38 15.11 -114.85
N PRO G 93 -44.28 14.67 -114.22
CA PRO G 93 -43.79 15.51 -113.11
C PRO G 93 -43.61 16.96 -113.55
N HIS G 94 -44.04 17.90 -112.72
CA HIS G 94 -44.08 19.29 -113.13
C HIS G 94 -44.09 20.25 -111.95
N TRP G 95 -43.86 21.52 -112.23
CA TRP G 95 -43.74 22.55 -111.19
C TRP G 95 -44.42 23.81 -111.66
N LEU G 96 -45.18 24.44 -110.77
CA LEU G 96 -45.76 25.74 -111.07
C LEU G 96 -44.77 26.88 -110.85
N ILE G 97 -44.66 27.77 -111.83
CA ILE G 97 -43.77 28.90 -111.72
C ILE G 97 -44.56 30.17 -111.69
N HIS G 98 -44.68 30.78 -110.52
CA HIS G 98 -45.47 31.99 -110.37
C HIS G 98 -44.63 33.24 -110.60
N HIS G 99 -45.14 34.12 -111.44
CA HIS G 99 -44.37 35.29 -111.84
C HIS G 99 -44.14 36.20 -110.64
N LYS G 100 -45.09 36.21 -109.71
CA LYS G 100 -44.96 37.08 -108.55
C LYS G 100 -43.76 36.69 -107.68
N LEU G 101 -43.32 35.45 -107.78
CA LEU G 101 -42.25 34.93 -106.92
C LEU G 101 -40.87 35.04 -107.56
N GLY G 102 -40.84 35.47 -108.81
CA GLY G 102 -39.57 35.64 -109.50
C GLY G 102 -38.82 34.35 -109.68
N THR G 103 -37.50 34.42 -109.51
CA THR G 103 -36.61 33.33 -109.84
C THR G 103 -37.03 32.06 -109.10
N PHE G 104 -37.07 30.96 -109.82
CA PHE G 104 -37.63 29.69 -109.36
C PHE G 104 -36.57 28.62 -109.30
N SER G 105 -36.70 27.71 -108.35
CA SER G 105 -35.73 26.63 -108.23
C SER G 105 -36.39 25.34 -107.74
N CYS G 106 -35.87 24.20 -108.18
CA CYS G 106 -36.34 22.92 -107.67
C CYS G 106 -35.27 21.85 -107.84
N GLU G 107 -35.45 20.71 -107.18
CA GLU G 107 -34.52 19.58 -107.33
C GLU G 107 -35.14 18.45 -108.10
N ILE G 108 -34.32 17.85 -108.94
CA ILE G 108 -34.76 16.71 -109.68
C ILE G 108 -33.78 15.60 -109.37
N ASP G 109 -34.23 14.60 -108.62
CA ASP G 109 -33.43 13.42 -108.41
C ASP G 109 -33.64 12.52 -109.63
N TYR G 110 -32.67 12.54 -110.53
CA TYR G 110 -32.82 11.85 -111.80
C TYR G 110 -32.99 10.35 -111.58
N GLY G 111 -32.47 9.86 -110.46
CA GLY G 111 -32.68 8.48 -110.07
C GLY G 111 -34.14 8.11 -109.86
N GLU G 112 -34.92 9.02 -109.26
CA GLU G 112 -36.36 8.79 -109.04
C GLU G 112 -37.20 9.18 -110.24
N LEU G 113 -37.17 10.46 -110.60
CA LEU G 113 -38.01 10.99 -111.66
C LEU G 113 -37.75 10.37 -113.03
N CYS G 114 -36.55 9.84 -113.23
CA CYS G 114 -36.26 9.24 -114.52
C CYS G 114 -35.99 7.73 -114.43
N GLY G 115 -35.01 7.31 -113.63
CA GLY G 115 -34.79 5.89 -113.39
C GLY G 115 -33.63 5.22 -114.08
N HIS G 116 -33.20 5.74 -115.22
CA HIS G 116 -32.00 5.20 -115.88
C HIS G 116 -30.89 6.23 -116.03
N ALA G 117 -29.64 5.76 -115.94
CA ALA G 117 -28.47 6.63 -115.97
C ALA G 117 -28.15 7.13 -117.38
N MET G 118 -27.65 8.36 -117.47
CA MET G 118 -27.35 9.00 -118.74
C MET G 118 -25.98 8.66 -119.31
N TRP G 119 -25.98 8.25 -120.56
CA TRP G 119 -24.76 7.86 -121.26
C TRP G 119 -24.20 9.07 -122.02
N PHE G 120 -22.93 9.38 -121.77
CA PHE G 120 -22.33 10.60 -122.31
C PHE G 120 -22.41 10.76 -123.84
N LYS G 121 -22.36 9.67 -124.59
CA LYS G 121 -22.19 9.76 -126.05
C LYS G 121 -23.47 9.80 -126.86
N SER G 122 -24.56 9.30 -126.27
CA SER G 122 -25.83 9.21 -126.99
C SER G 122 -27.01 8.93 -126.09
N THR G 123 -28.18 9.28 -126.55
CA THR G 123 -29.39 8.93 -125.84
C THR G 123 -29.57 7.39 -125.80
N THR G 124 -29.90 6.86 -124.62
CA THR G 124 -30.13 5.44 -124.49
C THR G 124 -31.54 5.06 -124.94
N PHE G 125 -32.54 5.52 -124.21
CA PHE G 125 -33.91 5.23 -124.60
C PHE G 125 -34.52 6.39 -125.36
N GLU G 126 -35.09 7.34 -124.64
CA GLU G 126 -35.46 8.57 -125.30
C GLU G 126 -34.71 9.73 -124.65
N SER G 127 -34.69 10.87 -125.34
CA SER G 127 -33.95 12.05 -124.91
C SER G 127 -34.78 12.94 -123.96
N PRO G 128 -34.32 13.09 -122.70
CA PRO G 128 -35.02 13.81 -121.63
C PRO G 128 -35.23 15.32 -121.91
N ARG G 129 -36.47 15.78 -121.82
CA ARG G 129 -36.82 17.17 -122.12
C ARG G 129 -37.44 17.94 -120.96
N LEU G 130 -37.23 19.25 -120.96
CA LEU G 130 -37.99 20.14 -120.10
C LEU G 130 -38.91 20.97 -120.99
N HIS G 131 -40.21 20.92 -120.76
CA HIS G 131 -41.15 21.75 -121.50
C HIS G 131 -41.58 22.98 -120.70
N PHE G 132 -41.68 24.12 -121.38
CA PHE G 132 -42.16 25.33 -120.72
C PHE G 132 -43.42 25.85 -121.39
N THR G 133 -44.50 25.85 -120.63
CA THR G 133 -45.79 26.24 -121.14
C THR G 133 -46.40 27.28 -120.23
N CYS G 134 -47.37 28.03 -120.76
CA CYS G 134 -48.06 29.03 -119.95
C CYS G 134 -49.40 28.46 -119.44
N LEU G 135 -49.57 28.37 -118.12
CA LEU G 135 -50.78 27.82 -117.50
C LEU G 135 -51.92 28.83 -117.38
N THR G 136 -51.61 30.01 -116.83
CA THR G 136 -52.53 31.15 -116.81
C THR G 136 -51.85 32.34 -117.48
N GLY G 137 -52.59 33.04 -118.34
CA GLY G 137 -52.02 34.12 -119.12
C GLY G 137 -51.91 35.47 -118.41
N ASN G 138 -51.24 36.41 -119.06
CA ASN G 138 -51.12 37.75 -118.51
C ASN G 138 -52.47 38.46 -118.64
N ASN G 139 -52.74 39.39 -117.73
CA ASN G 139 -54.02 40.07 -117.70
C ASN G 139 -54.20 41.02 -118.89
N LYS G 140 -53.07 41.54 -119.37
CA LYS G 140 -52.95 42.37 -120.57
C LYS G 140 -51.55 42.13 -121.06
N GLU G 141 -51.29 42.38 -122.33
CA GLU G 141 -49.94 42.10 -122.83
C GLU G 141 -48.93 42.99 -122.12
N LEU G 142 -47.68 42.55 -122.09
CA LEU G 142 -46.61 43.35 -121.51
C LEU G 142 -46.03 44.31 -122.55
N ALA G 143 -45.02 45.07 -122.17
CA ALA G 143 -44.51 46.13 -123.02
C ALA G 143 -43.75 45.58 -124.23
N ALA G 144 -43.07 44.44 -124.06
CA ALA G 144 -42.25 43.88 -125.13
C ALA G 144 -41.95 42.41 -124.91
N ASP G 145 -41.47 41.74 -125.96
CA ASP G 145 -40.99 40.36 -125.83
C ASP G 145 -39.85 40.33 -124.83
N TRP G 146 -39.68 39.22 -124.12
CA TRP G 146 -38.56 39.04 -123.22
C TRP G 146 -38.10 37.59 -123.17
N GLN G 147 -37.13 37.30 -122.30
CA GLN G 147 -36.67 35.92 -122.14
C GLN G 147 -36.42 35.55 -120.69
N ALA G 148 -36.46 34.26 -120.42
CA ALA G 148 -36.04 33.72 -119.14
C ALA G 148 -34.88 32.75 -119.35
N VAL G 149 -34.00 32.63 -118.35
CA VAL G 149 -32.85 31.73 -118.47
C VAL G 149 -33.05 30.48 -117.61
N VAL G 150 -32.78 29.31 -118.19
CA VAL G 150 -32.88 28.06 -117.45
C VAL G 150 -31.48 27.49 -117.19
N GLU G 151 -31.18 27.17 -115.93
CA GLU G 151 -29.86 26.68 -115.58
C GLU G 151 -29.90 25.34 -114.84
N LEU G 152 -29.01 24.41 -115.21
CA LEU G 152 -28.85 23.12 -114.54
C LEU G 152 -27.61 23.14 -113.68
N TYR G 153 -27.78 22.89 -112.39
CA TYR G 153 -26.64 22.81 -111.47
C TYR G 153 -26.54 21.38 -111.02
N ALA G 154 -25.31 20.86 -111.00
CA ALA G 154 -25.09 19.47 -110.63
C ALA G 154 -23.63 19.23 -110.37
N GLU G 155 -23.34 18.25 -109.52
CA GLU G 155 -21.98 17.74 -109.38
C GLU G 155 -21.95 16.31 -109.89
N LEU G 156 -21.69 16.16 -111.17
CA LEU G 156 -21.75 14.85 -111.81
C LEU G 156 -20.67 13.90 -111.31
N GLU G 157 -21.10 12.72 -110.88
CA GLU G 157 -20.14 11.68 -110.56
C GLU G 157 -20.55 10.38 -111.23
N GLU G 158 -19.59 9.48 -111.42
CA GLU G 158 -19.84 8.22 -112.12
C GLU G 158 -20.93 7.39 -111.44
N ALA G 159 -21.86 6.88 -112.26
CA ALA G 159 -22.95 6.07 -111.77
C ALA G 159 -22.52 4.63 -111.60
N THR G 160 -22.88 4.07 -110.46
CA THR G 160 -22.50 2.71 -110.11
C THR G 160 -23.39 1.66 -110.82
N SER G 161 -24.67 1.99 -111.01
CA SER G 161 -25.65 1.07 -111.60
C SER G 161 -26.39 1.71 -112.76
N PHE G 162 -26.95 0.90 -113.66
CA PHE G 162 -27.74 1.45 -114.77
C PHE G 162 -29.09 1.97 -114.28
N LEU G 163 -29.70 1.23 -113.36
CA LEU G 163 -31.05 1.51 -112.91
C LEU G 163 -31.08 2.27 -111.60
N GLY G 164 -32.06 3.17 -111.46
CA GLY G 164 -32.29 3.86 -110.21
C GLY G 164 -33.00 2.98 -109.21
N LYS G 165 -33.67 3.60 -108.25
CA LYS G 165 -34.55 2.86 -107.35
C LYS G 165 -35.94 3.02 -107.93
N PRO G 166 -36.74 1.94 -107.90
CA PRO G 166 -38.08 1.98 -108.52
C PRO G 166 -39.02 2.96 -107.81
N THR G 167 -39.63 3.85 -108.58
CA THR G 167 -40.66 4.77 -108.11
C THR G 167 -41.86 4.01 -107.53
N LEU G 168 -42.16 2.83 -108.09
CA LEU G 168 -43.37 2.11 -107.73
C LEU G 168 -43.19 0.59 -107.85
N VAL G 169 -43.72 -0.16 -106.90
CA VAL G 169 -43.73 -1.61 -107.04
C VAL G 169 -45.16 -2.13 -107.02
N PHE G 170 -45.48 -2.99 -107.99
CA PHE G 170 -46.87 -3.38 -108.19
C PHE G 170 -47.47 -4.10 -107.00
N ASP G 171 -48.60 -3.58 -106.54
CA ASP G 171 -49.37 -4.16 -105.44
C ASP G 171 -50.80 -3.65 -105.51
N PRO G 172 -51.76 -4.58 -105.73
CA PRO G 172 -53.18 -4.31 -105.95
C PRO G 172 -53.79 -3.67 -104.74
N GLY G 173 -53.38 -4.17 -103.57
CA GLY G 173 -53.97 -3.80 -102.31
C GLY G 173 -53.32 -2.58 -101.70
N VAL G 174 -52.55 -1.84 -102.49
CA VAL G 174 -51.84 -0.68 -101.94
C VAL G 174 -51.88 0.58 -102.80
N PHE G 175 -52.81 1.43 -102.36
CA PHE G 175 -52.97 2.83 -102.74
C PHE G 175 -53.15 3.55 -101.40
N ASN G 176 -52.10 4.21 -100.93
CA ASN G 176 -52.12 4.90 -99.64
C ASN G 176 -53.24 5.94 -99.51
N GLY G 177 -53.29 6.87 -100.45
CA GLY G 177 -54.19 7.99 -100.34
C GLY G 177 -53.40 9.29 -100.46
N LYS G 178 -52.06 9.17 -100.48
CA LYS G 178 -51.19 10.30 -100.77
C LYS G 178 -50.86 10.42 -102.27
N PHE G 179 -50.80 11.66 -102.78
CA PHE G 179 -50.52 11.88 -104.19
C PHE G 179 -49.28 12.73 -104.37
N GLN G 180 -48.60 12.57 -105.51
CA GLN G 180 -47.66 13.59 -105.97
C GLN G 180 -48.03 14.06 -107.38
N PHE G 181 -47.74 15.33 -107.67
CA PHE G 181 -47.97 15.90 -109.00
C PHE G 181 -49.41 15.79 -109.48
N LEU G 182 -50.36 15.88 -108.56
CA LEU G 182 -51.77 15.93 -108.92
C LEU G 182 -52.24 17.38 -108.93
N THR G 183 -52.21 17.97 -110.13
CA THR G 183 -52.61 19.36 -110.32
C THR G 183 -53.80 19.43 -111.28
N CYS G 184 -54.85 20.14 -110.86
CA CYS G 184 -56.05 20.29 -111.67
C CYS G 184 -55.86 21.45 -112.62
N PRO G 185 -56.26 21.28 -113.88
CA PRO G 185 -56.26 22.42 -114.80
C PRO G 185 -56.97 23.63 -114.20
N PRO G 186 -56.58 24.81 -114.65
CA PRO G 186 -57.06 26.05 -114.04
C PRO G 186 -58.58 26.19 -114.14
N ILE G 187 -59.16 26.73 -113.08
CA ILE G 187 -60.58 27.07 -113.02
C ILE G 187 -60.69 28.59 -113.17
N PHE G 188 -61.66 29.09 -113.92
CA PHE G 188 -61.70 30.54 -114.19
C PHE G 188 -62.99 31.20 -113.70
N PHE G 189 -62.86 32.41 -113.15
CA PHE G 189 -64.03 33.20 -112.73
C PHE G 189 -64.12 34.49 -113.51
N ASP G 190 -65.30 34.82 -114.02
CA ASP G 190 -65.50 36.08 -114.75
C ASP G 190 -65.75 37.18 -113.76
N LEU G 191 -65.29 38.39 -114.08
CA LEU G 191 -65.53 39.49 -113.15
C LEU G 191 -66.81 40.19 -113.49
N THR G 192 -67.47 39.71 -114.54
CA THR G 192 -68.78 40.25 -114.91
C THR G 192 -69.91 39.49 -114.21
N ALA G 193 -69.54 38.77 -113.15
CA ALA G 193 -70.52 37.97 -112.43
C ALA G 193 -70.40 38.21 -110.93
N VAL G 194 -71.53 38.60 -110.33
CA VAL G 194 -71.53 38.91 -108.90
C VAL G 194 -71.24 37.68 -108.00
N THR G 195 -71.74 36.51 -108.39
CA THR G 195 -71.34 35.26 -107.76
C THR G 195 -71.17 34.20 -108.85
N ALA G 196 -70.60 33.06 -108.49
CA ALA G 196 -70.42 32.01 -109.46
C ALA G 196 -70.03 30.71 -108.80
N LEU G 197 -70.27 29.61 -109.52
CA LEU G 197 -69.83 28.31 -109.06
C LEU G 197 -68.88 27.65 -110.06
N ARG G 198 -67.83 27.02 -109.56
CA ARG G 198 -67.04 26.13 -110.38
C ARG G 198 -66.83 24.79 -109.71
N SER G 199 -67.23 23.72 -110.39
CA SER G 199 -67.09 22.38 -109.84
C SER G 199 -65.79 21.71 -110.27
N ALA G 200 -65.20 20.97 -109.35
CA ALA G 200 -64.11 20.05 -109.68
C ALA G 200 -64.53 18.64 -109.29
N GLY G 201 -64.59 17.74 -110.26
CA GLY G 201 -65.00 16.39 -109.97
C GLY G 201 -64.01 15.69 -109.05
N LEU G 202 -64.52 14.81 -108.20
CA LEU G 202 -63.65 14.09 -107.28
C LEU G 202 -63.59 12.61 -107.65
N THR G 203 -64.08 12.28 -108.84
CA THR G 203 -64.01 10.91 -109.34
C THR G 203 -62.63 10.71 -110.00
N LEU G 204 -61.61 10.60 -109.16
CA LEU G 204 -60.22 10.76 -109.59
C LEU G 204 -59.66 9.63 -110.43
N GLY G 205 -60.36 8.50 -110.50
CA GLY G 205 -59.92 7.38 -111.31
C GLY G 205 -60.21 7.55 -112.80
N GLN G 206 -61.01 8.58 -113.10
CA GLN G 206 -61.45 8.85 -114.45
C GLN G 206 -60.24 9.28 -115.26
N VAL G 207 -60.10 8.77 -116.48
CA VAL G 207 -58.98 9.17 -117.32
C VAL G 207 -59.29 10.47 -118.04
N PRO G 208 -58.40 11.46 -117.89
CA PRO G 208 -58.58 12.82 -118.44
C PRO G 208 -58.53 12.79 -119.96
N MET G 209 -59.18 13.73 -120.60
CA MET G 209 -59.18 13.75 -122.06
C MET G 209 -58.91 15.11 -122.66
N VAL G 210 -58.33 15.10 -123.86
CA VAL G 210 -58.12 16.32 -124.62
C VAL G 210 -58.70 16.03 -125.98
N GLY G 211 -59.91 16.51 -126.22
CA GLY G 211 -60.65 16.12 -127.40
C GLY G 211 -60.96 14.64 -127.34
N THR G 212 -60.54 13.91 -128.37
CA THR G 212 -60.78 12.47 -128.41
C THR G 212 -59.59 11.68 -127.84
N THR G 213 -58.55 12.39 -127.43
CA THR G 213 -57.33 11.75 -126.91
C THR G 213 -57.39 11.46 -125.40
N LYS G 214 -57.27 10.18 -125.03
CA LYS G 214 -57.18 9.81 -123.63
C LYS G 214 -55.75 10.05 -123.14
N VAL G 215 -55.60 10.70 -121.99
CA VAL G 215 -54.27 10.88 -121.40
C VAL G 215 -54.11 10.05 -120.13
N TYR G 216 -53.65 8.80 -120.27
CA TYR G 216 -53.41 7.94 -119.12
C TYR G 216 -52.29 8.52 -118.27
N ASN G 217 -52.50 8.54 -116.96
CA ASN G 217 -51.47 9.04 -116.05
C ASN G 217 -51.46 8.25 -114.75
N LEU G 218 -50.36 8.35 -114.02
CA LEU G 218 -50.20 7.52 -112.83
C LEU G 218 -51.24 7.80 -111.76
N ASN G 219 -51.56 9.07 -111.53
CA ASN G 219 -52.52 9.39 -110.47
C ASN G 219 -53.91 8.77 -110.65
N SER G 220 -54.52 8.96 -111.81
CA SER G 220 -55.82 8.33 -112.07
C SER G 220 -55.66 6.82 -112.03
N THR G 221 -54.54 6.32 -112.55
CA THR G 221 -54.29 4.88 -112.48
C THR G 221 -54.27 4.37 -111.04
N LEU G 222 -53.58 5.08 -110.16
CA LEU G 222 -53.58 4.71 -108.74
C LEU G 222 -55.00 4.66 -108.17
N VAL G 223 -55.75 5.73 -108.36
CA VAL G 223 -57.09 5.78 -107.80
C VAL G 223 -57.94 4.61 -108.29
N SER G 224 -57.69 4.17 -109.52
CA SER G 224 -58.51 3.11 -110.11
C SER G 224 -58.24 1.76 -109.41
N CYS G 225 -57.19 1.71 -108.60
CA CYS G 225 -56.83 0.49 -107.86
C CYS G 225 -57.74 0.23 -106.68
N VAL G 226 -58.68 1.12 -106.49
CA VAL G 226 -59.60 1.13 -105.37
C VAL G 226 -61.03 1.25 -105.93
N LEU G 227 -62.04 0.85 -105.18
CA LEU G 227 -63.42 0.96 -105.67
C LEU G 227 -64.00 2.36 -105.44
N GLY G 228 -63.51 3.04 -104.41
CA GLY G 228 -63.98 4.36 -104.07
C GLY G 228 -63.26 4.88 -102.84
N MET G 229 -63.56 6.10 -102.44
CA MET G 229 -62.81 6.72 -101.36
C MET G 229 -63.65 7.80 -100.67
N GLY G 230 -63.43 7.92 -99.36
CA GLY G 230 -64.02 8.99 -98.58
C GLY G 230 -62.94 9.59 -97.70
N GLY G 231 -63.26 10.67 -97.00
CA GLY G 231 -62.27 11.26 -96.15
C GLY G 231 -62.17 12.74 -96.41
N THR G 232 -61.02 13.31 -96.09
CA THR G 232 -60.82 14.73 -96.30
C THR G 232 -59.77 15.02 -97.37
N VAL G 233 -60.13 15.89 -98.31
CA VAL G 233 -59.20 16.29 -99.37
C VAL G 233 -58.29 17.41 -98.83
N ARG G 234 -56.99 17.15 -98.76
CA ARG G 234 -56.03 18.18 -98.34
C ARG G 234 -55.34 18.66 -99.59
N GLY G 235 -55.40 19.96 -99.83
CA GLY G 235 -54.77 20.50 -101.02
C GLY G 235 -54.26 21.92 -100.84
N ARG G 236 -53.82 22.50 -101.95
CA ARG G 236 -53.40 23.90 -101.97
C ARG G 236 -54.16 24.64 -103.08
N VAL G 237 -54.48 25.89 -102.81
CA VAL G 237 -55.13 26.74 -103.81
C VAL G 237 -54.19 27.88 -104.19
N HIS G 238 -53.99 28.08 -105.48
CA HIS G 238 -53.22 29.23 -105.97
C HIS G 238 -54.11 30.21 -106.72
N ILE G 239 -54.07 31.47 -106.28
CA ILE G 239 -54.80 32.52 -106.99
C ILE G 239 -53.86 33.23 -107.96
N CYS G 240 -54.08 32.96 -109.25
CA CYS G 240 -53.11 33.31 -110.29
C CYS G 240 -53.51 34.57 -111.05
N ALA G 241 -53.48 35.69 -110.34
CA ALA G 241 -53.83 36.98 -110.92
C ALA G 241 -52.94 38.09 -110.33
N PRO G 242 -52.97 39.28 -110.96
CA PRO G 242 -52.23 40.44 -110.47
C PRO G 242 -52.65 40.86 -109.04
N ILE G 243 -51.77 41.50 -108.26
CA ILE G 243 -52.13 41.97 -106.91
C ILE G 243 -53.40 42.80 -106.89
N PHE G 244 -53.76 43.41 -108.01
CA PHE G 244 -54.95 44.28 -108.04
C PHE G 244 -56.26 43.53 -108.35
N TYR G 245 -56.15 42.23 -108.59
CA TYR G 245 -57.33 41.36 -108.64
C TYR G 245 -57.49 40.74 -107.27
N SER G 246 -58.72 40.46 -106.86
CA SER G 246 -58.92 39.75 -105.60
C SER G 246 -60.28 39.08 -105.55
N ILE G 247 -60.40 38.07 -104.69
CA ILE G 247 -61.59 37.26 -104.66
C ILE G 247 -61.76 36.61 -103.29
N VAL G 248 -62.98 36.20 -102.97
CA VAL G 248 -63.24 35.40 -101.78
C VAL G 248 -64.06 34.19 -102.16
N LEU G 249 -63.58 33.01 -101.78
CA LEU G 249 -64.25 31.78 -102.17
C LEU G 249 -64.76 31.01 -100.95
N TRP G 250 -65.94 30.42 -101.11
CA TRP G 250 -66.46 29.40 -100.19
C TRP G 250 -66.22 28.07 -100.86
N VAL G 251 -65.36 27.23 -100.28
CA VAL G 251 -65.03 25.94 -100.88
C VAL G 251 -65.66 24.79 -100.08
N VAL G 252 -66.51 24.01 -100.72
CA VAL G 252 -67.23 22.97 -100.01
C VAL G 252 -67.53 21.78 -100.91
N SER G 253 -67.79 20.63 -100.30
CA SER G 253 -68.11 19.43 -101.07
C SER G 253 -69.60 19.18 -101.13
N GLU G 254 -70.10 18.81 -102.32
CA GLU G 254 -71.52 18.50 -102.50
C GLU G 254 -71.75 17.21 -103.28
N TRP G 255 -72.90 16.60 -103.04
CA TRP G 255 -73.24 15.33 -103.70
C TRP G 255 -74.38 15.46 -104.69
N ASN G 256 -74.14 14.97 -105.91
CA ASN G 256 -75.15 14.91 -106.95
C ASN G 256 -75.88 16.22 -107.17
N GLY G 257 -75.22 17.18 -107.80
CA GLY G 257 -75.80 18.49 -108.00
C GLY G 257 -75.39 19.42 -106.89
N THR G 258 -75.93 20.62 -106.88
CA THR G 258 -75.53 21.54 -105.86
C THR G 258 -76.77 22.13 -105.27
N THR G 259 -76.86 22.18 -103.97
CA THR G 259 -78.10 22.63 -103.44
C THR G 259 -78.12 23.95 -104.04
N MET G 260 -79.31 24.50 -104.14
CA MET G 260 -79.48 25.83 -104.68
C MET G 260 -79.81 26.86 -103.63
N ASP G 261 -79.99 26.46 -102.39
CA ASP G 261 -80.41 27.42 -101.41
C ASP G 261 -79.27 27.89 -100.60
N TRP G 262 -78.87 29.12 -100.82
CA TRP G 262 -77.70 29.63 -100.16
C TRP G 262 -77.82 29.67 -98.68
N ASN G 263 -78.94 30.09 -98.15
CA ASN G 263 -78.93 30.40 -96.76
C ASN G 263 -78.44 29.09 -96.26
N GLU G 264 -78.89 28.02 -96.89
CA GLU G 264 -78.45 26.68 -96.52
C GLU G 264 -77.03 26.40 -96.76
N LEU G 265 -76.55 26.85 -97.90
CA LEU G 265 -75.33 26.31 -98.43
C LEU G 265 -74.21 26.50 -97.46
N PHE G 266 -74.22 27.62 -96.79
CA PHE G 266 -73.21 27.90 -95.84
C PHE G 266 -73.40 26.96 -94.72
N LYS G 267 -74.52 26.28 -94.66
CA LYS G 267 -74.68 25.30 -93.63
C LYS G 267 -73.69 24.16 -93.76
N TYR G 268 -73.37 23.77 -94.97
CA TYR G 268 -72.54 22.61 -95.13
C TYR G 268 -71.31 23.08 -94.51
N PRO G 269 -70.35 22.22 -94.27
CA PRO G 269 -69.11 22.66 -93.71
C PRO G 269 -68.10 22.66 -94.80
N GLY G 270 -67.65 23.88 -95.03
CA GLY G 270 -66.70 24.35 -96.01
C GLY G 270 -65.64 25.24 -95.38
N VAL G 271 -64.89 25.93 -96.24
CA VAL G 271 -63.97 26.94 -95.78
C VAL G 271 -63.67 28.05 -96.77
N TYR G 272 -63.30 29.21 -96.25
CA TYR G 272 -63.07 30.41 -97.02
C TYR G 272 -61.73 30.42 -97.65
N VAL G 273 -61.50 31.29 -98.62
CA VAL G 273 -60.21 31.29 -99.26
C VAL G 273 -59.76 32.56 -99.95
N GLU G 274 -59.34 33.58 -99.21
CA GLU G 274 -58.82 34.79 -99.81
C GLU G 274 -57.56 34.68 -100.65
N GLU G 275 -56.58 33.91 -100.21
CA GLU G 275 -55.25 34.02 -100.76
C GLU G 275 -54.61 32.68 -100.89
N ASP G 276 -53.56 32.54 -101.67
CA ASP G 276 -53.08 31.21 -101.91
C ASP G 276 -52.83 30.71 -100.55
N GLY G 277 -52.97 29.41 -100.39
CA GLY G 277 -52.88 28.66 -99.16
C GLY G 277 -53.32 27.22 -99.28
N SER G 278 -53.23 26.47 -98.19
CA SER G 278 -53.75 25.10 -98.18
C SER G 278 -55.20 25.06 -97.67
N PHE G 279 -55.87 23.93 -97.88
CA PHE G 279 -57.26 23.77 -97.47
C PHE G 279 -57.54 22.31 -97.19
N GLU G 280 -58.51 22.03 -96.33
CA GLU G 280 -59.00 20.68 -96.10
C GLU G 280 -60.50 20.70 -96.19
N VAL G 281 -61.06 19.90 -97.08
CA VAL G 281 -62.50 19.79 -97.18
C VAL G 281 -62.93 18.32 -97.11
N LYS G 282 -63.96 18.04 -96.32
CA LYS G 282 -64.51 16.70 -96.19
C LYS G 282 -65.25 16.32 -97.47
N ILE G 283 -64.96 15.12 -97.98
CA ILE G 283 -65.73 14.57 -99.09
C ILE G 283 -67.12 14.19 -98.60
N ARG G 284 -68.12 14.89 -99.11
CA ARG G 284 -69.51 14.74 -98.70
C ARG G 284 -70.29 13.74 -99.58
N SER G 285 -70.88 12.72 -98.97
CA SER G 285 -71.60 11.70 -99.73
C SER G 285 -72.52 10.88 -98.84
N PRO G 286 -73.67 10.45 -99.40
CA PRO G 286 -74.66 9.60 -98.75
C PRO G 286 -74.05 8.29 -98.26
N TYR G 287 -72.93 7.89 -98.88
CA TYR G 287 -72.22 6.64 -98.57
C TYR G 287 -70.87 6.90 -97.92
N HIS G 288 -70.60 8.19 -97.69
CA HIS G 288 -69.37 8.65 -97.06
C HIS G 288 -68.17 8.49 -97.97
N ARG G 289 -68.39 7.83 -99.10
CA ARG G 289 -67.33 7.64 -100.10
C ARG G 289 -67.88 8.02 -101.47
N THR G 290 -67.03 8.46 -102.37
CA THR G 290 -67.42 8.61 -103.78
C THR G 290 -66.70 7.52 -104.61
N PRO G 291 -67.37 7.00 -105.66
CA PRO G 291 -66.76 5.92 -106.47
C PRO G 291 -65.54 6.40 -107.24
N ALA G 292 -64.60 5.48 -107.44
CA ALA G 292 -63.35 5.79 -108.10
C ALA G 292 -63.49 6.08 -109.59
N ARG G 293 -64.42 5.39 -110.24
CA ARG G 293 -64.67 5.60 -111.67
C ARG G 293 -66.15 5.64 -111.97
N LEU G 294 -66.50 6.10 -113.17
CA LEU G 294 -67.91 6.17 -113.57
C LEU G 294 -68.39 4.92 -114.30
N LEU G 295 -69.65 4.57 -114.08
CA LEU G 295 -70.37 3.61 -114.93
C LEU G 295 -70.96 4.35 -116.14
N ALA G 296 -71.55 3.62 -117.06
CA ALA G 296 -72.03 4.24 -118.29
C ALA G 296 -73.14 5.23 -117.98
N GLY G 297 -73.07 6.40 -118.63
CA GLY G 297 -74.14 7.37 -118.56
C GLY G 297 -74.19 8.09 -117.23
N GLN G 298 -73.11 7.95 -116.48
CA GLN G 298 -72.95 8.70 -115.26
C GLN G 298 -72.05 9.91 -115.53
N SER G 299 -72.28 10.98 -114.77
CA SER G 299 -71.47 12.17 -114.87
C SER G 299 -70.62 12.29 -113.63
N GLN G 300 -69.56 13.09 -113.69
CA GLN G 300 -68.74 13.26 -112.50
C GLN G 300 -69.51 14.01 -111.41
N ARG G 301 -70.46 14.86 -111.82
CA ARG G 301 -71.23 15.68 -110.88
C ARG G 301 -72.32 14.92 -110.17
N ASP G 302 -72.69 13.75 -110.72
CA ASP G 302 -73.61 12.83 -110.08
C ASP G 302 -73.10 12.31 -108.74
N MET G 303 -71.79 12.42 -108.50
CA MET G 303 -71.17 11.92 -107.28
C MET G 303 -70.70 13.08 -106.38
N SER G 304 -69.61 12.84 -105.65
CA SER G 304 -69.02 13.88 -104.80
C SER G 304 -68.12 14.81 -105.61
N SER G 305 -68.32 16.12 -105.43
CA SER G 305 -67.48 17.13 -106.08
C SER G 305 -66.93 18.17 -105.10
N LEU G 306 -65.81 18.77 -105.47
CA LEU G 306 -65.22 19.86 -104.71
C LEU G 306 -65.66 21.16 -105.36
N ASN G 307 -66.53 21.91 -104.70
CA ASN G 307 -67.15 23.10 -105.31
C ASN G 307 -66.56 24.44 -104.86
N PHE G 308 -66.26 25.28 -105.83
CA PHE G 308 -65.68 26.58 -105.54
C PHE G 308 -66.70 27.67 -105.85
N TYR G 309 -67.24 28.26 -104.79
CA TYR G 309 -68.22 29.33 -104.89
C TYR G 309 -67.57 30.70 -104.70
N ALA G 310 -67.64 31.54 -105.71
CA ALA G 310 -67.23 32.92 -105.58
C ALA G 310 -68.34 33.68 -104.84
N ILE G 311 -68.08 34.07 -103.60
CA ILE G 311 -69.10 34.76 -102.81
C ILE G 311 -68.86 36.27 -102.71
N ALA G 312 -67.65 36.70 -103.04
CA ALA G 312 -67.35 38.14 -103.13
C ALA G 312 -66.29 38.38 -104.18
N GLY G 313 -66.69 39.00 -105.29
CA GLY G 313 -65.78 39.14 -106.41
C GLY G 313 -65.89 37.98 -107.40
N PRO G 314 -64.89 37.84 -108.27
CA PRO G 314 -63.67 38.65 -108.29
C PRO G 314 -63.92 40.12 -108.64
N ILE G 315 -63.03 40.99 -108.16
CA ILE G 315 -63.04 42.41 -108.53
C ILE G 315 -61.69 42.80 -109.10
N ALA G 316 -61.70 43.80 -109.96
CA ALA G 316 -60.48 44.37 -110.50
C ALA G 316 -60.79 45.80 -110.91
N PRO G 317 -59.75 46.61 -111.12
CA PRO G 317 -59.96 48.00 -111.54
C PRO G 317 -60.44 48.01 -112.98
N SER G 318 -61.12 49.07 -113.42
CA SER G 318 -61.47 49.12 -114.83
C SER G 318 -60.22 49.57 -115.55
N GLY G 319 -60.07 49.17 -116.81
CA GLY G 319 -60.94 48.21 -117.46
C GLY G 319 -60.13 46.95 -117.68
N GLU G 320 -60.13 46.09 -116.68
CA GLU G 320 -59.55 44.79 -116.82
C GLU G 320 -60.63 43.89 -117.40
N THR G 321 -60.21 42.86 -118.12
CA THR G 321 -61.19 41.98 -118.78
C THR G 321 -60.89 40.52 -118.53
N ALA G 322 -59.63 40.24 -118.20
CA ALA G 322 -59.17 38.88 -117.92
C ALA G 322 -59.98 38.19 -116.83
N GLN G 323 -60.14 36.87 -116.98
CA GLN G 323 -60.81 36.10 -115.96
C GLN G 323 -59.79 35.85 -114.86
N LEU G 324 -60.27 35.57 -113.64
CA LEU G 324 -59.39 35.28 -112.52
C LEU G 324 -59.26 33.78 -112.40
N PRO G 325 -58.05 33.26 -112.60
CA PRO G 325 -57.83 31.81 -112.56
C PRO G 325 -57.45 31.30 -111.16
N ILE G 326 -57.96 30.11 -110.84
CA ILE G 326 -57.63 29.40 -109.61
C ILE G 326 -56.99 28.08 -110.03
N VAL G 327 -55.77 27.81 -109.56
CA VAL G 327 -55.17 26.50 -109.79
C VAL G 327 -55.21 25.64 -108.50
N VAL G 328 -55.85 24.47 -108.58
CA VAL G 328 -55.98 23.63 -107.39
C VAL G 328 -55.01 22.45 -107.44
N GLN G 329 -54.28 22.22 -106.35
CA GLN G 329 -53.46 21.01 -106.22
C GLN G 329 -53.98 20.12 -105.11
N ILE G 330 -54.08 18.83 -105.37
CA ILE G 330 -54.57 17.89 -104.38
C ILE G 330 -53.40 17.07 -103.86
N ASP G 331 -53.17 17.15 -102.56
CA ASP G 331 -51.96 16.56 -101.97
C ASP G 331 -52.22 15.18 -101.39
N GLU G 332 -53.30 15.04 -100.65
CA GLU G 332 -53.68 13.73 -100.18
C GLU G 332 -55.11 13.66 -99.68
N ILE G 333 -55.59 12.43 -99.51
CA ILE G 333 -56.83 12.18 -98.78
C ILE G 333 -56.42 11.84 -97.34
N VAL G 334 -56.66 12.78 -96.42
CA VAL G 334 -56.26 12.58 -95.03
C VAL G 334 -57.40 11.89 -94.30
N ARG G 335 -57.06 11.07 -93.31
CA ARG G 335 -58.09 10.37 -92.55
C ARG G 335 -58.97 9.62 -93.52
N PRO G 336 -58.35 8.79 -94.37
CA PRO G 336 -59.04 8.20 -95.52
C PRO G 336 -59.99 7.09 -95.14
N ASP G 337 -61.13 7.05 -95.79
CA ASP G 337 -62.08 5.95 -95.68
C ASP G 337 -62.10 5.23 -97.02
N LEU G 338 -61.26 4.22 -97.16
CA LEU G 338 -61.13 3.58 -98.47
C LEU G 338 -62.06 2.39 -98.64
N SER G 339 -62.45 2.14 -99.88
CA SER G 339 -63.21 0.93 -100.22
C SER G 339 -62.26 -0.24 -100.33
N LEU G 340 -62.80 -1.40 -100.63
CA LEU G 340 -61.96 -2.53 -100.99
C LEU G 340 -61.07 -2.15 -102.15
N PRO G 341 -59.90 -2.79 -102.23
CA PRO G 341 -59.13 -2.68 -103.47
C PRO G 341 -60.00 -3.18 -104.61
N SER G 342 -59.87 -2.60 -105.80
CA SER G 342 -60.66 -3.07 -106.95
C SER G 342 -60.18 -4.45 -107.45
N PHE G 343 -58.89 -4.72 -107.32
CA PHE G 343 -58.36 -6.04 -107.67
C PHE G 343 -57.72 -6.74 -106.48
N GLU G 344 -57.79 -8.05 -106.48
CA GLU G 344 -57.12 -8.84 -105.45
C GLU G 344 -55.75 -9.30 -105.97
N ASP G 345 -54.99 -10.02 -105.17
CA ASP G 345 -53.71 -10.54 -105.65
C ASP G 345 -53.98 -11.79 -106.48
N ASP G 346 -54.43 -11.55 -107.71
CA ASP G 346 -54.94 -12.59 -108.56
C ASP G 346 -54.50 -12.33 -109.98
N TYR G 347 -54.85 -13.27 -110.87
CA TYR G 347 -54.60 -13.10 -112.29
C TYR G 347 -55.55 -12.05 -112.84
N PHE G 348 -55.18 -11.48 -113.99
CA PHE G 348 -56.08 -10.62 -114.75
C PHE G 348 -55.80 -10.80 -116.24
N VAL G 349 -56.72 -10.35 -117.06
CA VAL G 349 -56.63 -10.64 -118.48
C VAL G 349 -55.55 -9.81 -119.16
N TRP G 350 -54.68 -10.51 -119.88
CA TRP G 350 -53.68 -9.82 -120.70
C TRP G 350 -54.24 -9.69 -122.11
N VAL G 351 -54.60 -10.81 -122.72
CA VAL G 351 -55.06 -10.79 -124.10
C VAL G 351 -55.92 -12.01 -124.46
N ASP G 352 -56.91 -11.81 -125.31
CA ASP G 352 -57.68 -12.91 -125.93
C ASP G 352 -57.36 -12.96 -127.41
N PHE G 353 -57.04 -14.16 -127.91
CA PHE G 353 -56.93 -14.39 -129.35
C PHE G 353 -58.12 -15.20 -129.81
N SER G 354 -58.74 -14.78 -130.91
CA SER G 354 -59.94 -15.44 -131.40
C SER G 354 -60.03 -15.30 -132.92
N GLU G 355 -61.02 -15.99 -133.50
CA GLU G 355 -61.31 -15.85 -134.92
C GLU G 355 -60.07 -16.09 -135.78
N PHE G 356 -59.43 -17.24 -135.58
CA PHE G 356 -58.22 -17.60 -136.32
C PHE G 356 -58.56 -17.92 -137.78
N THR G 357 -57.76 -17.41 -138.70
CA THR G 357 -58.01 -17.66 -140.12
C THR G 357 -57.07 -18.70 -140.70
N LEU G 358 -55.90 -18.87 -140.09
CA LEU G 358 -54.95 -19.89 -140.50
C LEU G 358 -54.76 -20.92 -139.38
N ASP G 359 -54.55 -22.18 -139.77
CA ASP G 359 -54.26 -23.23 -138.80
C ASP G 359 -52.88 -23.03 -138.16
N LYS G 360 -51.89 -22.58 -138.93
CA LYS G 360 -50.56 -22.26 -138.38
C LYS G 360 -50.52 -20.79 -137.95
N GLU G 361 -50.39 -20.57 -136.65
CA GLU G 361 -50.32 -19.22 -136.10
C GLU G 361 -49.15 -19.17 -135.11
N GLU G 362 -48.35 -18.12 -135.17
CA GLU G 362 -47.28 -17.99 -134.19
C GLU G 362 -47.22 -16.56 -133.62
N ILE G 363 -47.52 -16.44 -132.33
CA ILE G 363 -47.55 -15.17 -131.61
C ILE G 363 -46.22 -14.94 -130.87
N GLU G 364 -45.42 -13.98 -131.34
CA GLU G 364 -44.16 -13.67 -130.67
C GLU G 364 -44.37 -12.71 -129.49
N ILE G 365 -43.81 -13.07 -128.34
CA ILE G 365 -43.95 -12.28 -127.14
C ILE G 365 -42.59 -11.72 -126.76
N GLY G 366 -41.57 -12.58 -126.77
CA GLY G 366 -40.20 -12.19 -126.49
C GLY G 366 -39.99 -11.97 -125.01
N SER G 367 -39.65 -10.76 -124.65
CA SER G 367 -39.48 -10.43 -123.24
C SER G 367 -40.32 -9.22 -122.86
N ARG G 368 -41.37 -8.94 -123.64
CA ARG G 368 -42.17 -7.73 -123.43
C ARG G 368 -43.59 -8.01 -122.94
N PHE G 369 -44.14 -7.04 -122.21
CA PHE G 369 -45.58 -7.00 -121.96
C PHE G 369 -46.10 -5.81 -122.76
N PHE G 370 -46.99 -6.08 -123.72
CA PHE G 370 -47.35 -5.05 -124.69
C PHE G 370 -48.67 -5.39 -125.41
N ASP G 371 -49.08 -4.50 -126.31
CA ASP G 371 -50.31 -4.72 -127.11
C ASP G 371 -50.01 -5.49 -128.40
N PHE G 372 -50.72 -6.59 -128.60
CA PHE G 372 -50.55 -7.41 -129.81
C PHE G 372 -51.33 -6.86 -131.01
N THR G 373 -50.85 -7.20 -132.20
CA THR G 373 -51.62 -6.98 -133.42
C THR G 373 -51.48 -8.22 -134.29
N SER G 374 -52.53 -8.52 -135.06
CA SER G 374 -52.48 -9.64 -136.00
C SER G 374 -53.32 -9.39 -137.25
N ASN G 375 -52.79 -9.87 -138.38
CA ASN G 375 -53.51 -9.80 -139.65
C ASN G 375 -54.32 -11.05 -139.87
N THR G 376 -54.00 -12.08 -139.11
CA THR G 376 -54.56 -13.41 -139.32
C THR G 376 -55.56 -13.83 -138.24
N CYS G 377 -55.69 -13.02 -137.20
CA CYS G 377 -56.67 -13.31 -136.16
C CYS G 377 -57.06 -12.07 -135.37
N ARG G 378 -58.06 -12.23 -134.52
CA ARG G 378 -58.58 -11.11 -133.73
C ARG G 378 -57.91 -11.00 -132.37
N VAL G 379 -57.28 -9.86 -132.14
CA VAL G 379 -56.65 -9.59 -130.85
C VAL G 379 -57.54 -8.70 -129.99
N SER G 380 -57.82 -9.12 -128.76
CA SER G 380 -58.57 -8.29 -127.83
C SER G 380 -57.74 -8.08 -126.57
N MET G 381 -57.29 -6.84 -126.38
CA MET G 381 -56.40 -6.56 -125.28
C MET G 381 -57.16 -6.28 -123.98
N GLY G 382 -56.60 -6.68 -122.84
CA GLY G 382 -57.21 -6.39 -121.55
C GLY G 382 -56.89 -4.97 -121.12
N GLU G 383 -57.83 -4.33 -120.43
CA GLU G 383 -57.57 -3.03 -119.80
C GLU G 383 -57.71 -3.14 -118.26
N ASN G 384 -56.60 -2.91 -117.56
CA ASN G 384 -56.56 -2.98 -116.09
C ASN G 384 -55.43 -2.12 -115.56
N PRO G 385 -55.41 -1.87 -114.23
CA PRO G 385 -54.42 -0.97 -113.66
C PRO G 385 -53.00 -1.39 -114.00
N PHE G 386 -52.71 -2.68 -114.00
CA PHE G 386 -51.35 -3.11 -114.29
C PHE G 386 -50.89 -2.61 -115.66
N ALA G 387 -51.71 -2.83 -116.69
CA ALA G 387 -51.41 -2.35 -118.04
C ALA G 387 -51.23 -0.82 -118.07
N ALA G 388 -52.05 -0.11 -117.31
CA ALA G 388 -51.90 1.33 -117.20
C ALA G 388 -50.58 1.68 -116.55
N MET G 389 -50.22 0.98 -115.49
CA MET G 389 -48.94 1.26 -114.85
C MET G 389 -47.76 1.03 -115.80
N ILE G 390 -47.85 0.00 -116.65
CA ILE G 390 -46.81 -0.25 -117.63
C ILE G 390 -46.70 0.95 -118.57
N ALA G 391 -47.84 1.55 -118.89
CA ALA G 391 -47.91 2.64 -119.84
C ALA G 391 -47.51 3.96 -119.23
N CYS G 392 -47.59 4.05 -117.91
CA CYS G 392 -47.36 5.33 -117.23
C CYS G 392 -46.00 5.40 -116.60
N HIS G 393 -45.09 4.50 -116.99
CA HIS G 393 -43.71 4.59 -116.55
C HIS G 393 -42.77 4.44 -117.73
N GLY G 394 -41.59 5.06 -117.62
CA GLY G 394 -40.57 4.98 -118.64
C GLY G 394 -40.00 3.57 -118.79
N LEU G 395 -39.70 2.93 -117.66
CA LEU G 395 -39.17 1.57 -117.64
C LEU G 395 -39.92 0.67 -116.64
N HIS G 396 -39.90 -0.63 -116.89
CA HIS G 396 -40.44 -1.59 -115.93
C HIS G 396 -39.64 -2.89 -115.99
N SER G 397 -39.81 -3.71 -114.96
CA SER G 397 -39.14 -5.02 -114.96
C SER G 397 -39.76 -5.95 -113.91
N GLY G 398 -39.84 -7.23 -114.25
CA GLY G 398 -40.40 -8.19 -113.33
C GLY G 398 -40.70 -9.52 -113.98
N VAL G 399 -41.45 -10.35 -113.26
CA VAL G 399 -41.81 -11.65 -113.81
C VAL G 399 -43.31 -11.83 -113.74
N LEU G 400 -43.88 -12.29 -114.84
CA LEU G 400 -45.31 -12.58 -114.91
C LEU G 400 -45.56 -14.07 -114.93
N ASP G 401 -46.49 -14.50 -114.08
CA ASP G 401 -47.00 -15.86 -114.17
C ASP G 401 -48.15 -15.86 -115.15
N LEU G 402 -48.13 -16.77 -116.11
CA LEU G 402 -49.19 -16.83 -117.12
C LEU G 402 -50.07 -18.07 -116.94
N LYS G 403 -51.37 -17.88 -117.15
CA LYS G 403 -52.31 -19.00 -117.29
C LYS G 403 -52.89 -18.89 -118.67
N LEU G 404 -52.80 -19.97 -119.44
CA LEU G 404 -53.43 -20.03 -120.76
C LEU G 404 -54.65 -20.93 -120.67
N GLN G 405 -55.78 -20.44 -121.20
CA GLN G 405 -57.02 -21.21 -121.28
C GLN G 405 -57.57 -21.14 -122.70
N TRP G 406 -58.15 -22.24 -123.15
CA TRP G 406 -58.77 -22.23 -124.47
C TRP G 406 -59.97 -23.17 -124.59
N SER G 407 -60.90 -22.81 -125.47
CA SER G 407 -62.05 -23.66 -125.78
C SER G 407 -61.99 -24.10 -127.24
N LEU G 408 -62.62 -25.22 -127.57
CA LEU G 408 -62.58 -25.74 -128.94
C LEU G 408 -63.66 -25.19 -129.87
N ASN G 409 -63.29 -25.07 -131.15
CA ASN G 409 -64.21 -24.64 -132.17
C ASN G 409 -64.80 -25.82 -132.90
N THR G 410 -64.00 -26.88 -133.04
CA THR G 410 -64.43 -28.14 -133.66
C THR G 410 -64.90 -29.15 -132.61
N GLU G 411 -65.35 -30.33 -133.04
CA GLU G 411 -65.78 -31.36 -132.10
C GLU G 411 -64.58 -31.92 -131.33
N PHE G 412 -64.75 -32.11 -130.03
CA PHE G 412 -63.68 -32.59 -129.18
C PHE G 412 -63.05 -33.88 -129.70
N GLY G 413 -63.89 -34.80 -130.16
CA GLY G 413 -63.42 -36.09 -130.63
C GLY G 413 -62.58 -35.99 -131.88
N LYS G 414 -62.67 -34.87 -132.59
CA LYS G 414 -61.91 -34.71 -133.84
C LYS G 414 -60.62 -33.92 -133.62
N SER G 415 -60.45 -33.42 -132.41
CA SER G 415 -59.34 -32.48 -132.12
C SER G 415 -57.97 -33.12 -132.21
N SER G 416 -56.99 -32.31 -132.60
CA SER G 416 -55.60 -32.74 -132.63
C SER G 416 -54.72 -31.52 -132.45
N GLY G 417 -53.41 -31.72 -132.32
CA GLY G 417 -52.50 -30.60 -132.24
C GLY G 417 -52.25 -30.08 -130.83
N SER G 418 -51.76 -28.85 -130.74
CA SER G 418 -51.24 -28.34 -129.49
C SER G 418 -51.17 -26.81 -129.43
N VAL G 419 -51.20 -26.30 -128.20
CA VAL G 419 -50.72 -24.97 -127.88
C VAL G 419 -49.28 -25.18 -127.38
N THR G 420 -48.30 -24.72 -128.14
CA THR G 420 -46.90 -24.88 -127.73
C THR G 420 -46.30 -23.57 -127.26
N ILE G 421 -45.61 -23.61 -126.13
CA ILE G 421 -44.92 -22.44 -125.62
C ILE G 421 -43.42 -22.60 -125.87
N THR G 422 -42.88 -21.84 -126.83
CA THR G 422 -41.46 -21.85 -127.10
C THR G 422 -40.76 -20.91 -126.12
N LYS G 423 -39.78 -21.45 -125.39
CA LYS G 423 -38.98 -20.63 -124.50
C LYS G 423 -37.49 -20.69 -124.90
N LEU G 424 -36.94 -19.55 -125.28
CA LEU G 424 -35.53 -19.47 -125.69
C LEU G 424 -34.79 -18.46 -124.86
N VAL G 425 -33.47 -18.47 -125.00
CA VAL G 425 -32.64 -17.37 -124.56
C VAL G 425 -31.88 -16.89 -125.77
N GLY G 426 -32.15 -15.65 -126.16
CA GLY G 426 -31.58 -15.10 -127.38
C GLY G 426 -32.69 -14.67 -128.31
N ASP G 427 -32.74 -15.30 -129.48
CA ASP G 427 -33.82 -15.06 -130.44
C ASP G 427 -34.11 -16.35 -131.22
N LYS G 428 -35.13 -16.28 -132.08
CA LYS G 428 -35.54 -17.46 -132.83
C LYS G 428 -34.35 -18.04 -133.63
N ALA G 429 -33.46 -17.15 -134.10
CA ALA G 429 -32.38 -17.54 -134.99
C ALA G 429 -31.15 -18.21 -134.35
N MET G 430 -30.72 -17.72 -133.19
CA MET G 430 -29.46 -18.19 -132.61
C MET G 430 -29.60 -18.52 -131.14
N GLY G 431 -30.83 -18.60 -130.64
CA GLY G 431 -31.10 -18.80 -129.23
C GLY G 431 -30.82 -20.17 -128.64
N LEU G 432 -30.82 -20.23 -127.32
CA LEU G 432 -30.65 -21.47 -126.57
C LEU G 432 -32.03 -21.93 -126.14
N ASP G 433 -32.19 -23.24 -125.93
CA ASP G 433 -33.50 -23.81 -125.61
C ASP G 433 -33.75 -23.92 -124.12
N GLY G 434 -34.80 -23.26 -123.67
CA GLY G 434 -35.18 -23.30 -122.26
C GLY G 434 -36.32 -24.25 -121.99
N PRO G 435 -37.19 -23.88 -121.04
CA PRO G 435 -38.35 -24.70 -120.66
C PRO G 435 -39.53 -24.53 -121.62
N SER G 436 -39.28 -24.81 -122.90
CA SER G 436 -40.35 -24.89 -123.90
C SER G 436 -41.29 -26.02 -123.50
N HIS G 437 -42.51 -25.97 -124.00
CA HIS G 437 -43.56 -26.73 -123.36
C HIS G 437 -44.66 -26.99 -124.38
N VAL G 438 -45.01 -28.27 -124.54
CA VAL G 438 -46.04 -28.68 -125.48
C VAL G 438 -47.33 -29.08 -124.74
N PHE G 439 -48.38 -28.27 -124.89
CA PHE G 439 -49.68 -28.61 -124.33
C PHE G 439 -50.55 -29.22 -125.42
N ALA G 440 -50.80 -30.52 -125.33
CA ALA G 440 -51.76 -31.12 -126.24
C ALA G 440 -53.06 -30.32 -126.18
N ILE G 441 -53.67 -30.06 -127.33
CA ILE G 441 -54.82 -29.17 -127.38
C ILE G 441 -55.92 -29.63 -126.43
N GLN G 442 -55.98 -30.94 -126.14
CA GLN G 442 -57.02 -31.50 -125.28
C GLN G 442 -56.86 -31.15 -123.81
N LYS G 443 -55.67 -30.68 -123.41
CA LYS G 443 -55.46 -30.18 -122.03
C LYS G 443 -56.35 -28.98 -121.75
N LEU G 444 -56.57 -28.15 -122.77
CA LEU G 444 -57.51 -27.03 -122.66
C LEU G 444 -57.02 -25.92 -121.75
N GLU G 445 -55.81 -26.08 -121.20
CA GLU G 445 -55.16 -25.05 -120.37
C GLU G 445 -53.71 -25.37 -120.12
N GLY G 446 -52.95 -24.34 -119.78
CA GLY G 446 -51.54 -24.51 -119.47
C GLY G 446 -50.97 -23.30 -118.74
N THR G 447 -49.79 -23.45 -118.14
CA THR G 447 -49.17 -22.36 -117.39
C THR G 447 -47.72 -22.19 -117.77
N THR G 448 -47.21 -20.97 -117.59
CA THR G 448 -45.81 -20.69 -117.84
C THR G 448 -45.39 -19.38 -117.15
N GLU G 449 -44.10 -19.14 -117.01
CA GLU G 449 -43.64 -17.86 -116.49
C GLU G 449 -43.13 -17.06 -117.66
N LEU G 450 -43.19 -15.73 -117.55
CA LEU G 450 -42.58 -14.86 -118.56
C LEU G 450 -41.67 -13.81 -117.90
N LEU G 451 -40.41 -13.77 -118.33
CA LEU G 451 -39.53 -12.72 -117.82
C LEU G 451 -39.77 -11.47 -118.64
N VAL G 452 -40.21 -10.42 -117.95
CA VAL G 452 -40.35 -9.10 -118.56
C VAL G 452 -39.14 -8.26 -118.16
N GLY G 453 -38.14 -8.25 -119.03
CA GLY G 453 -36.87 -7.60 -118.75
C GLY G 453 -35.81 -8.03 -119.74
N ASN G 454 -34.55 -7.79 -119.39
CA ASN G 454 -33.45 -8.15 -120.28
C ASN G 454 -32.13 -7.98 -119.57
N PHE G 455 -31.02 -8.24 -120.25
CA PHE G 455 -29.69 -8.13 -119.63
C PHE G 455 -29.41 -6.76 -119.01
N ALA G 456 -29.95 -5.68 -119.58
CA ALA G 456 -29.73 -4.35 -119.01
C ALA G 456 -30.49 -4.11 -117.71
N GLY G 457 -31.66 -4.73 -117.57
CA GLY G 457 -32.39 -4.73 -116.31
C GLY G 457 -33.85 -4.29 -116.33
N ALA G 458 -34.28 -3.69 -117.45
CA ALA G 458 -35.61 -3.10 -117.55
C ALA G 458 -36.04 -2.88 -118.99
N ASN G 459 -37.35 -2.87 -119.22
CA ASN G 459 -37.87 -2.62 -120.55
C ASN G 459 -38.46 -1.23 -120.66
N PRO G 460 -38.22 -0.56 -121.80
CA PRO G 460 -38.95 0.67 -122.13
C PRO G 460 -40.34 0.28 -122.63
N ASN G 461 -41.25 1.25 -122.71
CA ASN G 461 -42.59 0.95 -123.17
C ASN G 461 -42.70 1.14 -124.68
N THR G 462 -41.67 0.68 -125.40
CA THR G 462 -41.61 0.77 -126.85
C THR G 462 -40.99 -0.53 -127.34
N ARG G 463 -40.81 -0.66 -128.66
CA ARG G 463 -40.05 -1.79 -129.18
C ARG G 463 -38.57 -1.47 -128.96
N PHE G 464 -37.79 -2.49 -128.63
CA PHE G 464 -36.36 -2.34 -128.34
C PHE G 464 -35.74 -3.70 -128.66
N SER G 465 -34.42 -3.72 -128.84
CA SER G 465 -33.75 -4.99 -129.07
C SER G 465 -32.59 -5.19 -128.08
N LEU G 466 -32.86 -5.90 -126.98
CA LEU G 466 -31.83 -6.19 -125.99
C LEU G 466 -31.86 -7.66 -125.60
N TYR G 467 -30.70 -8.32 -125.70
CA TYR G 467 -30.58 -9.75 -125.38
C TYR G 467 -31.31 -10.13 -124.11
N SER G 468 -32.18 -11.14 -124.20
CA SER G 468 -32.95 -11.58 -123.04
C SER G 468 -33.52 -12.96 -123.32
N ARG G 469 -34.35 -13.45 -122.41
CA ARG G 469 -35.13 -14.64 -122.68
C ARG G 469 -36.20 -14.27 -123.72
N TRP G 470 -36.74 -15.29 -124.39
CA TRP G 470 -37.61 -15.08 -125.54
C TRP G 470 -38.73 -16.11 -125.55
N MET G 471 -39.96 -15.63 -125.69
CA MET G 471 -41.12 -16.50 -125.64
C MET G 471 -42.03 -16.36 -126.85
N ALA G 472 -42.63 -17.47 -127.25
CA ALA G 472 -43.59 -17.43 -128.33
C ALA G 472 -44.68 -18.47 -128.11
N ILE G 473 -45.91 -18.17 -128.53
CA ILE G 473 -46.99 -19.15 -128.52
C ILE G 473 -47.18 -19.67 -129.94
N LYS G 474 -47.17 -21.00 -130.12
CA LYS G 474 -47.28 -21.61 -131.44
C LYS G 474 -48.54 -22.48 -131.54
N LEU G 475 -49.48 -22.07 -132.38
CA LEU G 475 -50.65 -22.87 -132.70
C LEU G 475 -50.45 -23.65 -134.03
N ASP G 476 -50.85 -24.92 -134.06
CA ASP G 476 -50.75 -25.71 -135.31
C ASP G 476 -52.14 -26.10 -135.85
N GLN G 477 -53.15 -25.91 -135.01
CA GLN G 477 -54.52 -26.22 -135.37
C GLN G 477 -55.41 -25.10 -134.88
N ALA G 478 -55.00 -23.86 -135.18
CA ALA G 478 -55.63 -22.68 -134.60
C ALA G 478 -57.08 -22.57 -134.94
N LYS G 479 -57.48 -23.08 -136.11
CA LYS G 479 -58.88 -22.99 -136.53
C LYS G 479 -59.78 -23.84 -135.65
N SER G 480 -59.18 -24.76 -134.90
CA SER G 480 -59.92 -25.59 -133.96
C SER G 480 -60.10 -24.92 -132.60
N ILE G 481 -59.58 -23.71 -132.45
CA ILE G 481 -59.70 -22.99 -131.20
C ILE G 481 -60.68 -21.83 -131.31
N LYS G 482 -61.69 -21.81 -130.43
CA LYS G 482 -62.63 -20.71 -130.46
C LYS G 482 -62.04 -19.47 -129.79
N VAL G 483 -61.28 -19.68 -128.71
CA VAL G 483 -60.60 -18.59 -128.03
C VAL G 483 -59.38 -19.08 -127.25
N LEU G 484 -58.30 -18.33 -127.33
CA LEU G 484 -57.13 -18.55 -126.50
C LEU G 484 -57.02 -17.34 -125.59
N ARG G 485 -57.20 -17.55 -124.29
CA ARG G 485 -57.10 -16.46 -123.33
C ARG G 485 -55.79 -16.54 -122.56
N VAL G 486 -55.10 -15.41 -122.44
CA VAL G 486 -53.88 -15.33 -121.63
C VAL G 486 -54.08 -14.42 -120.41
N LEU G 487 -54.05 -15.02 -119.23
CA LEU G 487 -54.08 -14.24 -117.97
C LEU G 487 -52.66 -14.16 -117.39
N CYS G 488 -52.38 -13.07 -116.69
CA CYS G 488 -51.10 -12.94 -116.00
C CYS G 488 -51.28 -12.44 -114.57
N LYS G 489 -50.26 -12.71 -113.75
CA LYS G 489 -50.25 -12.35 -112.33
C LYS G 489 -48.81 -12.01 -111.99
N PRO G 490 -48.52 -10.72 -111.81
CA PRO G 490 -47.15 -10.30 -111.53
C PRO G 490 -46.64 -10.88 -110.20
N ARG G 491 -45.45 -11.48 -110.26
CA ARG G 491 -44.74 -11.90 -109.06
C ARG G 491 -44.31 -10.67 -108.27
N PRO G 492 -44.30 -10.82 -106.93
CA PRO G 492 -43.97 -9.74 -106.02
C PRO G 492 -42.68 -9.06 -106.44
N GLY G 493 -42.66 -7.72 -106.37
CA GLY G 493 -41.46 -7.00 -106.72
C GLY G 493 -41.40 -6.57 -108.18
N PHE G 494 -42.55 -6.60 -108.86
CA PHE G 494 -42.60 -6.08 -110.23
C PHE G 494 -42.43 -4.55 -110.16
N SER G 495 -41.44 -4.05 -110.88
CA SER G 495 -40.95 -2.70 -110.62
C SER G 495 -41.17 -1.72 -111.77
N PHE G 496 -41.47 -0.48 -111.41
CA PHE G 496 -41.68 0.57 -112.40
C PHE G 496 -40.73 1.74 -112.11
N TYR G 497 -40.17 2.31 -113.17
CA TYR G 497 -39.21 3.40 -113.03
C TYR G 497 -39.66 4.64 -113.81
N GLY G 498 -39.60 5.79 -113.14
CA GLY G 498 -39.87 7.08 -113.79
C GLY G 498 -41.30 7.32 -114.24
N ARG G 499 -42.10 7.88 -113.34
CA ARG G 499 -43.50 8.17 -113.64
C ARG G 499 -43.66 9.16 -114.80
N THR G 500 -44.59 8.84 -115.69
CA THR G 500 -44.87 9.66 -116.86
C THR G 500 -46.33 9.44 -117.31
N SER G 501 -46.63 9.81 -118.55
CA SER G 501 -47.98 9.64 -119.06
C SER G 501 -47.99 9.02 -120.45
N PHE G 502 -49.19 8.78 -120.96
CA PHE G 502 -49.34 8.01 -122.18
C PHE G 502 -50.63 8.38 -122.90
N PRO G 503 -50.53 9.34 -123.84
CA PRO G 503 -51.67 9.75 -124.63
C PRO G 503 -51.95 8.76 -125.75
N VAL G 504 -53.22 8.40 -125.92
CA VAL G 504 -53.67 7.61 -127.07
C VAL G 504 -54.96 8.17 -127.66
N GLY H 1 10.13 -37.73 -107.72
CA GLY H 1 11.26 -37.95 -108.60
C GLY H 1 10.92 -37.89 -110.08
N LEU H 2 11.94 -37.84 -110.93
CA LEU H 2 11.71 -37.83 -112.37
C LEU H 2 10.95 -39.13 -112.75
N ALA H 3 9.80 -38.95 -113.39
CA ALA H 3 8.90 -40.07 -113.64
C ALA H 3 8.88 -40.45 -115.12
N GLY H 4 9.08 -39.46 -115.98
CA GLY H 4 9.07 -39.69 -117.42
C GLY H 4 9.61 -38.49 -118.16
N ARG H 5 9.94 -38.67 -119.43
CA ARG H 5 10.51 -37.59 -120.22
C ARG H 5 10.21 -37.74 -121.70
N GLY H 6 10.51 -36.68 -122.44
CA GLY H 6 10.18 -36.64 -123.86
C GLY H 6 10.85 -35.45 -124.50
N VAL H 7 10.81 -35.37 -125.82
CA VAL H 7 11.56 -34.33 -126.52
C VAL H 7 10.67 -33.66 -127.56
N ILE H 8 10.71 -32.33 -127.58
CA ILE H 8 10.01 -31.58 -128.61
C ILE H 8 11.03 -30.98 -129.59
N TYR H 9 10.79 -31.12 -130.89
CA TYR H 9 11.73 -30.51 -131.84
C TYR H 9 11.24 -29.16 -132.32
N ILE H 10 12.17 -28.20 -132.38
CA ILE H 10 11.85 -26.87 -132.86
C ILE H 10 12.60 -26.56 -134.17
N PRO H 11 11.88 -26.12 -135.22
CA PRO H 11 12.49 -25.72 -136.49
C PRO H 11 13.25 -24.42 -136.36
N LYS H 12 14.30 -24.23 -137.16
CA LYS H 12 15.05 -22.97 -137.13
C LYS H 12 14.13 -21.79 -137.47
N ASP H 13 13.12 -22.04 -138.30
CA ASP H 13 12.05 -21.06 -138.51
C ASP H 13 10.76 -21.54 -137.81
N CYS H 14 10.60 -21.18 -136.53
CA CYS H 14 9.36 -21.48 -135.83
C CYS H 14 8.32 -20.38 -136.01
N GLN H 15 7.34 -20.61 -136.90
CA GLN H 15 6.33 -19.60 -137.21
C GLN H 15 5.11 -19.69 -136.30
N ALA H 16 4.36 -18.60 -136.23
CA ALA H 16 3.07 -18.61 -135.56
C ALA H 16 2.15 -19.74 -136.07
N ASN H 17 1.81 -20.64 -135.16
CA ASN H 17 0.87 -21.75 -135.40
C ASN H 17 1.51 -23.07 -135.80
N ARG H 18 2.85 -23.15 -135.82
CA ARG H 18 3.48 -24.44 -136.07
C ARG H 18 3.09 -25.47 -135.02
N TYR H 19 2.64 -26.63 -135.48
CA TYR H 19 2.48 -27.77 -134.61
C TYR H 19 3.87 -28.34 -134.34
N LEU H 20 4.26 -28.44 -133.07
CA LEU H 20 5.62 -28.89 -132.71
C LEU H 20 5.68 -30.38 -132.35
N GLY H 21 4.57 -30.87 -131.82
CA GLY H 21 4.48 -32.28 -131.47
C GLY H 21 3.57 -32.54 -130.31
N THR H 22 3.26 -33.81 -130.10
CA THR H 22 2.44 -34.22 -128.97
C THR H 22 3.16 -35.29 -128.15
N LEU H 23 3.14 -35.13 -126.84
CA LEU H 23 3.71 -36.17 -126.00
C LEU H 23 2.56 -36.86 -125.33
N ASN H 24 2.67 -38.18 -125.24
CA ASN H 24 1.64 -38.94 -124.57
C ASN H 24 2.07 -39.16 -123.10
N ILE H 25 1.32 -38.58 -122.16
CA ILE H 25 1.74 -38.60 -120.75
C ILE H 25 2.00 -40.01 -120.24
N ARG H 26 1.16 -40.96 -120.63
CA ARG H 26 1.36 -42.29 -120.06
C ARG H 26 2.55 -42.99 -120.70
N ASP H 27 2.76 -42.73 -122.00
CA ASP H 27 3.96 -43.21 -122.71
C ASP H 27 5.27 -42.60 -122.19
N MET H 28 5.27 -41.31 -121.84
CA MET H 28 6.45 -40.72 -121.22
C MET H 28 6.89 -41.50 -119.97
N ILE H 29 5.91 -41.92 -119.16
CA ILE H 29 6.22 -42.60 -117.91
C ILE H 29 6.60 -44.05 -118.16
N SER H 30 5.93 -44.69 -119.11
CA SER H 30 6.19 -46.12 -119.38
C SER H 30 7.45 -46.37 -120.21
N ASP H 31 7.81 -45.44 -121.10
CA ASP H 31 9.02 -45.60 -121.91
C ASP H 31 10.24 -45.36 -121.04
N PHE H 32 10.07 -44.52 -120.03
CA PHE H 32 11.15 -44.20 -119.11
C PHE H 32 11.40 -45.39 -118.19
N LYS H 33 10.40 -45.76 -117.39
CA LYS H 33 10.33 -47.11 -116.83
C LYS H 33 11.46 -47.51 -115.88
N GLY H 34 11.88 -46.64 -114.96
CA GLY H 34 11.08 -45.63 -114.30
C GLY H 34 10.88 -46.19 -112.89
N VAL H 35 11.46 -45.58 -111.86
CA VAL H 35 11.13 -45.98 -110.48
C VAL H 35 9.66 -45.70 -110.22
N GLN H 36 9.18 -44.58 -110.73
CA GLN H 36 7.77 -44.21 -110.60
C GLN H 36 6.86 -45.15 -111.39
N TYR H 37 7.27 -45.49 -112.62
CA TYR H 37 6.50 -46.43 -113.43
C TYR H 37 6.32 -47.74 -112.69
N GLU H 38 7.39 -48.24 -112.09
CA GLU H 38 7.27 -49.48 -111.35
C GLU H 38 6.40 -49.39 -110.08
N LYS H 39 6.41 -48.23 -109.42
CA LYS H 39 5.53 -48.03 -108.27
C LYS H 39 4.09 -48.06 -108.74
N TRP H 40 3.90 -47.61 -109.98
CA TRP H 40 2.58 -47.47 -110.57
C TRP H 40 1.94 -48.85 -110.79
N ILE H 41 2.72 -49.77 -111.39
CA ILE H 41 2.28 -51.13 -111.62
C ILE H 41 1.72 -51.77 -110.35
N THR H 42 2.29 -51.42 -109.20
CA THR H 42 1.85 -52.03 -107.95
C THR H 42 0.62 -51.35 -107.41
N ALA H 43 0.53 -50.05 -107.64
CA ALA H 43 -0.59 -49.27 -107.17
C ALA H 43 -1.84 -49.63 -107.97
N GLY H 44 -1.64 -49.87 -109.26
CA GLY H 44 -2.75 -50.09 -110.18
C GLY H 44 -3.31 -48.77 -110.67
N LEU H 45 -3.94 -48.03 -109.74
CA LEU H 45 -4.49 -46.70 -110.02
C LEU H 45 -3.67 -45.57 -109.40
N VAL H 46 -3.40 -44.51 -110.17
CA VAL H 46 -2.72 -43.31 -109.63
C VAL H 46 -3.48 -42.03 -109.98
N MET H 47 -3.50 -41.07 -109.06
CA MET H 47 -4.13 -39.74 -109.30
C MET H 47 -3.12 -38.64 -109.10
N PRO H 48 -2.03 -38.66 -109.88
CA PRO H 48 -0.82 -37.90 -109.58
C PRO H 48 -1.03 -36.40 -109.45
N THR H 49 -0.15 -35.75 -108.70
CA THR H 49 0.10 -34.35 -108.90
C THR H 49 1.45 -34.24 -109.62
N PHE H 50 1.41 -33.87 -110.90
CA PHE H 50 2.61 -33.71 -111.71
C PHE H 50 3.21 -32.32 -111.61
N LYS H 51 4.55 -32.25 -111.62
CA LYS H 51 5.23 -31.02 -111.93
C LYS H 51 5.77 -31.26 -113.33
N ILE H 52 5.36 -30.42 -114.27
CA ILE H 52 5.88 -30.49 -115.60
C ILE H 52 6.95 -29.45 -115.75
N VAL H 53 8.08 -29.85 -116.29
CA VAL H 53 9.19 -28.95 -116.49
C VAL H 53 9.64 -29.01 -117.94
N ILE H 54 9.66 -27.86 -118.60
CA ILE H 54 10.16 -27.79 -119.96
C ILE H 54 11.52 -27.09 -119.98
N ARG H 55 12.55 -27.84 -120.34
CA ARG H 55 13.90 -27.28 -120.38
C ARG H 55 14.24 -26.76 -121.76
N LEU H 56 14.84 -25.59 -121.75
CA LEU H 56 14.57 -24.61 -122.78
C LEU H 56 15.61 -23.53 -122.54
N PRO H 57 16.45 -23.25 -123.54
CA PRO H 57 17.47 -22.21 -123.32
C PRO H 57 16.86 -20.81 -123.38
N ALA H 58 17.01 -20.04 -122.30
CA ALA H 58 16.40 -18.71 -122.25
C ALA H 58 17.01 -17.81 -123.31
N ASN H 59 16.17 -17.03 -123.96
CA ASN H 59 16.65 -16.14 -124.99
C ASN H 59 15.72 -14.93 -125.22
N ALA H 60 16.27 -13.74 -125.12
CA ALA H 60 15.43 -12.55 -125.22
C ALA H 60 15.39 -11.99 -126.64
N PHE H 61 16.02 -12.68 -127.58
CA PHE H 61 16.21 -12.10 -128.89
C PHE H 61 15.41 -12.78 -129.99
N THR H 62 14.36 -13.51 -129.62
CA THR H 62 13.61 -14.26 -130.61
C THR H 62 12.16 -13.83 -130.74
N GLY H 63 11.52 -13.55 -129.61
CA GLY H 63 10.11 -13.20 -129.58
C GLY H 63 9.20 -14.43 -129.50
N LEU H 64 9.81 -15.61 -129.45
CA LEU H 64 9.09 -16.86 -129.45
C LEU H 64 8.26 -17.07 -128.21
N THR H 65 6.99 -17.45 -128.42
CA THR H 65 6.13 -17.87 -127.31
C THR H 65 5.40 -19.14 -127.72
N TRP H 66 5.43 -20.16 -126.87
CA TRP H 66 4.80 -21.46 -127.19
C TRP H 66 3.64 -21.69 -126.25
N VAL H 67 2.76 -22.61 -126.61
CA VAL H 67 1.66 -23.01 -125.74
C VAL H 67 1.69 -24.51 -125.48
N MET H 68 1.75 -24.88 -124.21
CA MET H 68 1.54 -26.27 -123.82
C MET H 68 0.07 -26.44 -123.48
N SER H 69 -0.59 -27.37 -124.18
CA SER H 69 -2.02 -27.60 -123.99
C SER H 69 -2.22 -28.98 -123.38
N PHE H 70 -2.86 -29.03 -122.22
CA PHE H 70 -3.18 -30.30 -121.58
C PHE H 70 -4.52 -30.82 -122.10
N ASP H 71 -4.43 -31.87 -122.92
CA ASP H 71 -5.60 -32.44 -123.57
C ASP H 71 -5.88 -33.84 -123.06
N ALA H 72 -6.44 -33.94 -121.85
CA ALA H 72 -6.56 -35.24 -121.21
C ALA H 72 -7.52 -36.17 -121.94
N TYR H 73 -8.41 -35.59 -122.74
CA TYR H 73 -9.45 -36.39 -123.37
C TYR H 73 -9.36 -36.39 -124.89
N ASN H 74 -8.21 -35.94 -125.39
CA ASN H 74 -7.88 -36.08 -126.80
C ASN H 74 -8.90 -35.41 -127.70
N ARG H 75 -9.31 -34.19 -127.35
CA ARG H 75 -10.37 -33.49 -128.08
C ARG H 75 -9.85 -32.52 -129.17
N ILE H 76 -8.65 -31.97 -129.02
CA ILE H 76 -8.08 -31.13 -130.09
C ILE H 76 -6.95 -31.72 -130.97
N THR H 77 -6.52 -32.96 -130.70
CA THR H 77 -5.39 -33.58 -131.43
C THR H 77 -5.62 -33.64 -132.94
N SER H 78 -6.70 -34.31 -133.32
CA SER H 78 -7.17 -34.42 -134.70
C SER H 78 -7.20 -33.10 -135.50
N ARG H 79 -7.33 -31.98 -134.79
CA ARG H 79 -7.60 -30.70 -135.44
C ARG H 79 -6.40 -29.76 -135.54
N ILE H 80 -5.28 -30.14 -134.91
CA ILE H 80 -4.08 -29.28 -134.87
C ILE H 80 -2.82 -29.84 -135.52
N THR H 81 -2.81 -31.13 -135.87
CA THR H 81 -1.59 -31.79 -136.39
C THR H 81 -1.02 -31.20 -137.69
N ALA H 82 -1.85 -30.65 -138.57
CA ALA H 82 -1.35 -29.89 -139.71
C ALA H 82 -0.93 -28.51 -139.24
N SER H 83 -1.91 -27.80 -138.69
CA SER H 83 -1.68 -26.47 -138.18
C SER H 83 -2.54 -26.21 -136.95
N ALA H 84 -1.92 -25.54 -135.98
CA ALA H 84 -2.61 -25.28 -134.73
C ALA H 84 -3.16 -23.85 -134.59
N ASP H 85 -4.45 -23.63 -134.91
CA ASP H 85 -5.06 -22.34 -134.60
C ASP H 85 -5.09 -22.19 -133.06
N PRO H 86 -4.80 -20.98 -132.56
CA PRO H 86 -4.84 -20.72 -131.12
C PRO H 86 -6.21 -20.96 -130.49
N VAL H 87 -7.29 -20.80 -131.25
CA VAL H 87 -8.62 -21.10 -130.72
C VAL H 87 -8.72 -22.54 -130.18
N TYR H 88 -8.11 -23.50 -130.88
CA TYR H 88 -8.03 -24.87 -130.39
C TYR H 88 -7.08 -25.02 -129.20
N THR H 89 -5.86 -24.52 -129.35
CA THR H 89 -4.84 -24.76 -128.34
C THR H 89 -5.14 -24.09 -126.99
N LEU H 90 -5.92 -23.01 -127.02
CA LEU H 90 -6.31 -22.29 -125.80
C LEU H 90 -7.69 -22.71 -125.22
N SER H 91 -8.33 -23.68 -125.85
CA SER H 91 -9.67 -24.09 -125.44
C SER H 91 -9.66 -25.20 -124.40
N VAL H 92 -8.46 -25.68 -124.08
CA VAL H 92 -8.27 -26.62 -122.98
C VAL H 92 -7.28 -26.05 -121.98
N PRO H 93 -7.18 -26.65 -120.78
CA PRO H 93 -6.15 -26.13 -119.85
C PRO H 93 -4.78 -25.98 -120.53
N HIS H 94 -4.13 -24.84 -120.33
CA HIS H 94 -2.91 -24.54 -121.06
C HIS H 94 -2.00 -23.55 -120.32
N TRP H 95 -0.77 -23.46 -120.79
CA TRP H 95 0.19 -22.57 -120.18
C TRP H 95 1.00 -21.87 -121.25
N LEU H 96 1.27 -20.58 -121.06
CA LEU H 96 2.14 -19.85 -121.97
C LEU H 96 3.60 -20.07 -121.59
N ILE H 97 4.42 -20.39 -122.59
CA ILE H 97 5.84 -20.57 -122.37
C ILE H 97 6.62 -19.49 -123.09
N HIS H 98 7.11 -18.52 -122.34
CA HIS H 98 7.88 -17.43 -122.94
C HIS H 98 9.36 -17.76 -123.04
N HIS H 99 9.92 -17.55 -124.23
CA HIS H 99 11.31 -17.89 -124.50
C HIS H 99 12.26 -17.05 -123.65
N LYS H 100 11.87 -15.81 -123.36
CA LYS H 100 12.72 -14.94 -122.56
C LYS H 100 12.89 -15.47 -121.13
N LEU H 101 11.97 -16.29 -120.65
CA LEU H 101 12.02 -16.79 -119.27
C LEU H 101 12.72 -18.13 -119.12
N GLY H 102 13.12 -18.71 -120.24
CA GLY H 102 13.81 -19.99 -120.24
C GLY H 102 13.00 -21.13 -119.69
N THR H 103 13.66 -21.96 -118.88
CA THR H 103 13.06 -23.19 -118.38
C THR H 103 11.73 -22.94 -117.63
N PHE H 104 10.71 -23.71 -117.99
CA PHE H 104 9.36 -23.46 -117.54
C PHE H 104 8.89 -24.60 -116.65
N SER H 105 8.03 -24.28 -115.70
CA SER H 105 7.50 -25.30 -114.81
C SER H 105 6.04 -24.99 -114.42
N CYS H 106 5.23 -26.03 -114.23
CA CYS H 106 3.89 -25.85 -113.68
C CYS H 106 3.39 -27.11 -112.99
N GLU H 107 2.32 -27.01 -112.22
CA GLU H 107 1.74 -28.17 -111.55
C GLU H 107 0.44 -28.59 -112.22
N ILE H 108 0.26 -29.89 -112.36
CA ILE H 108 -0.98 -30.41 -112.85
C ILE H 108 -1.54 -31.33 -111.80
N ASP H 109 -2.62 -30.93 -111.14
CA ASP H 109 -3.32 -31.82 -110.23
C ASP H 109 -4.25 -32.67 -111.08
N TYR H 110 -3.82 -33.89 -111.36
CA TYR H 110 -4.53 -34.75 -112.29
C TYR H 110 -5.95 -35.01 -111.78
N GLY H 111 -6.12 -34.91 -110.46
CA GLY H 111 -7.43 -35.04 -109.85
C GLY H 111 -8.41 -34.00 -110.33
N GLU H 112 -7.94 -32.75 -110.43
CA GLU H 112 -8.76 -31.65 -110.94
C GLU H 112 -8.82 -31.54 -112.48
N LEU H 113 -7.69 -31.26 -113.09
CA LEU H 113 -7.62 -31.11 -114.55
C LEU H 113 -8.09 -32.34 -115.36
N CYS H 114 -8.01 -33.52 -114.78
CA CYS H 114 -8.44 -34.71 -115.51
C CYS H 114 -9.68 -35.36 -114.90
N GLY H 115 -9.61 -35.76 -113.63
CA GLY H 115 -10.78 -36.32 -112.95
C GLY H 115 -10.88 -37.84 -112.78
N HIS H 116 -10.25 -38.61 -113.66
CA HIS H 116 -10.20 -40.05 -113.43
C HIS H 116 -8.77 -40.58 -113.23
N ALA H 117 -8.64 -41.64 -112.42
CA ALA H 117 -7.34 -42.22 -112.10
C ALA H 117 -6.77 -43.08 -113.24
N MET H 118 -5.45 -43.07 -113.36
CA MET H 118 -4.77 -43.78 -114.44
C MET H 118 -4.47 -45.25 -114.14
N TRP H 119 -4.87 -46.11 -115.06
CA TRP H 119 -4.70 -47.54 -114.91
C TRP H 119 -3.37 -47.96 -115.58
N PHE H 120 -2.52 -48.64 -114.82
CA PHE H 120 -1.18 -48.97 -115.28
C PHE H 120 -1.11 -49.72 -116.63
N LYS H 121 -2.08 -50.59 -116.92
CA LYS H 121 -1.94 -51.50 -118.05
C LYS H 121 -2.52 -51.00 -119.37
N SER H 122 -3.43 -50.03 -119.30
CA SER H 122 -4.10 -49.55 -120.50
C SER H 122 -4.85 -48.26 -120.25
N THR H 123 -5.07 -47.53 -121.33
CA THR H 123 -5.90 -46.34 -121.28
C THR H 123 -7.36 -46.73 -120.92
N THR H 124 -7.96 -46.02 -119.98
CA THR H 124 -9.34 -46.28 -119.61
C THR H 124 -10.31 -45.62 -120.60
N PHE H 125 -10.31 -44.29 -120.63
CA PHE H 125 -11.20 -43.60 -121.55
C PHE H 125 -10.47 -43.19 -122.78
N GLU H 126 -9.85 -42.02 -122.74
CA GLU H 126 -8.92 -41.69 -123.80
C GLU H 126 -7.53 -41.46 -123.18
N SER H 127 -6.53 -41.45 -124.04
CA SER H 127 -5.13 -41.31 -123.64
C SER H 127 -4.71 -39.85 -123.52
N PRO H 128 -4.32 -39.43 -122.30
CA PRO H 128 -3.95 -38.04 -121.97
C PRO H 128 -2.73 -37.52 -122.73
N ARG H 129 -2.88 -36.40 -123.42
CA ARG H 129 -1.80 -35.80 -124.20
C ARG H 129 -1.35 -34.40 -123.74
N LEU H 130 -0.08 -34.09 -124.01
CA LEU H 130 0.42 -32.73 -123.95
C LEU H 130 0.74 -32.26 -125.36
N HIS H 131 0.12 -31.17 -125.79
CA HIS H 131 0.42 -30.62 -127.11
C HIS H 131 1.32 -29.41 -127.02
N PHE H 132 2.28 -29.32 -127.93
CA PHE H 132 3.16 -28.18 -127.98
C PHE H 132 3.04 -27.45 -129.31
N THR H 133 2.62 -26.20 -129.23
CA THR H 133 2.37 -25.39 -130.40
C THR H 133 3.06 -24.05 -130.21
N CYS H 134 3.28 -23.35 -131.33
CA CYS H 134 3.89 -22.03 -131.28
C CYS H 134 2.81 -20.94 -131.38
N LEU H 135 2.70 -20.09 -130.35
CA LEU H 135 1.66 -19.06 -130.30
C LEU H 135 2.05 -17.81 -131.07
N THR H 136 3.27 -17.33 -130.79
CA THR H 136 3.87 -16.21 -131.52
C THR H 136 5.23 -16.66 -132.06
N GLY H 137 5.48 -16.37 -133.32
CA GLY H 137 6.69 -16.86 -133.99
C GLY H 137 7.94 -16.06 -133.70
N ASN H 138 9.08 -16.58 -134.12
CA ASN H 138 10.33 -15.86 -133.97
C ASN H 138 10.40 -14.70 -134.95
N ASN H 139 11.11 -13.64 -134.60
CA ASN H 139 11.13 -12.42 -135.41
C ASN H 139 11.88 -12.64 -136.73
N LYS H 140 12.80 -13.60 -136.71
CA LYS H 140 13.58 -14.03 -137.88
C LYS H 140 13.99 -15.43 -137.52
N GLU H 141 14.29 -16.25 -138.50
CA GLU H 141 14.63 -17.63 -138.16
C GLU H 141 15.90 -17.67 -137.30
N LEU H 142 16.06 -18.74 -136.53
CA LEU H 142 17.27 -18.94 -135.72
C LEU H 142 18.38 -19.58 -136.56
N ALA H 143 19.52 -19.84 -135.93
CA ALA H 143 20.66 -20.34 -136.68
C ALA H 143 20.47 -21.79 -137.14
N ALA H 144 19.77 -22.60 -136.34
CA ALA H 144 19.63 -24.02 -136.66
C ALA H 144 18.45 -24.64 -135.92
N ASP H 145 18.04 -25.82 -136.37
CA ASP H 145 17.04 -26.61 -135.63
C ASP H 145 17.53 -26.91 -134.21
N TRP H 146 16.63 -27.04 -133.26
CA TRP H 146 16.99 -27.39 -131.91
C TRP H 146 15.88 -28.21 -131.24
N GLN H 147 16.07 -28.51 -129.96
CA GLN H 147 15.07 -29.27 -129.23
C GLN H 147 14.91 -28.76 -127.80
N ALA H 148 13.75 -29.07 -127.23
CA ALA H 148 13.47 -28.84 -125.83
C ALA H 148 13.14 -30.16 -125.18
N VAL H 149 13.42 -30.26 -123.88
CA VAL H 149 13.12 -31.47 -123.14
C VAL H 149 11.94 -31.28 -122.19
N VAL H 150 10.99 -32.20 -122.23
CA VAL H 150 9.84 -32.17 -121.33
C VAL H 150 10.00 -33.25 -120.27
N GLU H 151 9.85 -32.89 -118.99
CA GLU H 151 10.01 -33.85 -117.91
C GLU H 151 8.83 -33.89 -116.95
N LEU H 152 8.40 -35.09 -116.55
CA LEU H 152 7.33 -35.26 -115.59
C LEU H 152 7.93 -35.67 -114.25
N TYR H 153 7.64 -34.91 -113.20
CA TYR H 153 8.07 -35.27 -111.86
C TYR H 153 6.85 -35.58 -111.04
N ALA H 154 6.90 -36.66 -110.27
CA ALA H 154 5.76 -37.08 -109.48
C ALA H 154 6.19 -38.10 -108.47
N GLU H 155 5.50 -38.16 -107.34
CA GLU H 155 5.64 -39.28 -106.43
C GLU H 155 4.35 -40.07 -106.46
N LEU H 156 4.26 -41.03 -107.38
CA LEU H 156 3.05 -41.83 -107.53
C LEU H 156 2.74 -42.68 -106.31
N GLU H 157 1.51 -42.56 -105.84
CA GLU H 157 1.00 -43.47 -104.82
C GLU H 157 -0.38 -44.01 -105.23
N GLU H 158 -0.76 -45.15 -104.64
CA GLU H 158 -2.00 -45.82 -105.01
C GLU H 158 -3.19 -44.89 -104.79
N ALA H 159 -4.05 -44.81 -105.80
CA ALA H 159 -5.29 -44.06 -105.74
C ALA H 159 -6.39 -44.80 -104.97
N THR H 160 -7.06 -44.08 -104.09
CA THR H 160 -8.07 -44.66 -103.23
C THR H 160 -9.43 -44.77 -103.94
N SER H 161 -9.72 -43.84 -104.85
CA SER H 161 -11.00 -43.81 -105.59
C SER H 161 -10.78 -43.66 -107.08
N PHE H 162 -11.78 -44.00 -107.88
CA PHE H 162 -11.65 -43.88 -109.33
C PHE H 162 -11.76 -42.43 -109.75
N LEU H 163 -12.68 -41.73 -109.09
CA LEU H 163 -13.02 -40.38 -109.50
C LEU H 163 -12.33 -39.35 -108.63
N GLY H 164 -11.92 -38.25 -109.27
CA GLY H 164 -11.40 -37.10 -108.56
C GLY H 164 -12.49 -36.31 -107.85
N LYS H 165 -12.22 -35.05 -107.56
CA LYS H 165 -13.24 -34.15 -107.04
C LYS H 165 -13.73 -33.39 -108.26
N PRO H 166 -15.05 -33.14 -108.35
CA PRO H 166 -15.63 -32.52 -109.54
C PRO H 166 -15.17 -31.07 -109.73
N THR H 167 -14.65 -30.77 -110.90
CA THR H 167 -14.28 -29.42 -111.29
C THR H 167 -15.47 -28.45 -111.19
N LEU H 168 -16.68 -28.95 -111.49
CA LEU H 168 -17.88 -28.11 -111.61
C LEU H 168 -19.15 -28.85 -111.21
N VAL H 169 -20.03 -28.17 -110.50
CA VAL H 169 -21.33 -28.76 -110.21
C VAL H 169 -22.43 -27.87 -110.77
N PHE H 170 -23.36 -28.47 -111.51
CA PHE H 170 -24.34 -27.69 -112.24
C PHE H 170 -25.24 -26.86 -111.37
N ASP H 171 -25.29 -25.57 -111.71
CA ASP H 171 -26.10 -24.57 -111.02
C ASP H 171 -26.28 -23.38 -111.94
N PRO H 172 -27.52 -23.12 -112.37
CA PRO H 172 -27.91 -22.09 -113.35
C PRO H 172 -27.63 -20.72 -112.81
N GLY H 173 -27.85 -20.56 -111.51
CA GLY H 173 -27.75 -19.28 -110.84
C GLY H 173 -26.36 -18.97 -110.35
N VAL H 174 -25.37 -19.73 -110.81
CA VAL H 174 -24.00 -19.50 -110.34
C VAL H 174 -22.92 -19.53 -111.43
N PHE H 175 -22.54 -18.29 -111.74
CA PHE H 175 -21.38 -17.89 -112.51
C PHE H 175 -20.78 -16.74 -111.71
N ASN H 176 -19.72 -17.02 -110.96
CA ASN H 176 -19.10 -16.04 -110.10
C ASN H 176 -18.66 -14.77 -110.83
N GLY H 177 -17.88 -14.94 -111.89
CA GLY H 177 -17.24 -13.83 -112.57
C GLY H 177 -15.72 -14.01 -112.63
N LYS H 178 -15.23 -15.04 -111.93
CA LYS H 178 -13.83 -15.43 -112.02
C LYS H 178 -13.63 -16.48 -113.13
N PHE H 179 -12.52 -16.39 -113.85
CA PHE H 179 -12.23 -17.35 -114.93
C PHE H 179 -10.93 -18.07 -114.66
N GLN H 180 -10.78 -19.27 -115.23
CA GLN H 180 -9.45 -19.87 -115.41
C GLN H 180 -9.24 -20.22 -116.87
N PHE H 181 -7.98 -20.18 -117.30
CA PHE H 181 -7.61 -20.54 -118.66
C PHE H 181 -8.35 -19.76 -119.76
N LEU H 182 -8.64 -18.49 -119.50
CA LEU H 182 -9.24 -17.64 -120.52
C LEU H 182 -8.16 -16.79 -121.16
N THR H 183 -7.65 -17.26 -122.29
CA THR H 183 -6.59 -16.59 -123.03
C THR H 183 -7.10 -16.23 -124.45
N CYS H 184 -6.94 -14.96 -124.82
CA CYS H 184 -7.35 -14.49 -126.14
C CYS H 184 -6.24 -14.77 -127.13
N PRO H 185 -6.62 -15.20 -128.34
CA PRO H 185 -5.61 -15.36 -129.39
C PRO H 185 -4.82 -14.08 -129.57
N PRO H 186 -3.58 -14.19 -130.04
CA PRO H 186 -2.67 -13.06 -130.16
C PRO H 186 -3.22 -11.96 -131.04
N ILE H 187 -2.97 -10.74 -130.62
CA ILE H 187 -3.31 -9.54 -131.36
C ILE H 187 -1.99 -9.01 -131.93
N PHE H 188 -2.00 -8.56 -133.19
CA PHE H 188 -0.75 -8.12 -133.83
C PHE H 188 -0.72 -6.65 -134.24
N PHE H 189 0.42 -5.99 -134.03
CA PHE H 189 0.63 -4.61 -134.50
C PHE H 189 1.75 -4.52 -135.53
N ASP H 190 1.47 -3.85 -136.64
CA ASP H 190 2.48 -3.66 -137.68
C ASP H 190 3.40 -2.52 -137.28
N LEU H 191 4.67 -2.61 -137.65
CA LEU H 191 5.58 -1.51 -137.33
C LEU H 191 5.64 -0.49 -138.45
N THR H 192 4.88 -0.77 -139.51
CA THR H 192 4.75 0.18 -140.61
C THR H 192 3.59 1.12 -140.39
N ALA H 193 3.14 1.24 -139.15
CA ALA H 193 2.00 2.06 -138.82
C ALA H 193 2.29 2.95 -137.60
N VAL H 194 2.15 4.25 -137.77
CA VAL H 194 2.46 5.15 -136.69
C VAL H 194 1.52 5.04 -135.47
N THR H 195 0.25 4.76 -135.72
CA THR H 195 -0.69 4.37 -134.66
C THR H 195 -1.58 3.24 -135.16
N ALA H 196 -2.32 2.62 -134.26
CA ALA H 196 -3.20 1.54 -134.68
C ALA H 196 -4.17 1.14 -133.60
N LEU H 197 -5.27 0.54 -134.01
CA LEU H 197 -6.24 0.04 -133.04
C LEU H 197 -6.45 -1.45 -133.24
N ARG H 198 -6.56 -2.20 -132.14
CA ARG H 198 -7.03 -3.58 -132.20
C ARG H 198 -8.10 -3.80 -131.16
N SER H 199 -9.25 -4.29 -131.62
CA SER H 199 -10.37 -4.54 -130.73
C SER H 199 -10.40 -5.99 -130.27
N ALA H 200 -10.76 -6.17 -129.00
CA ALA H 200 -11.08 -7.49 -128.49
C ALA H 200 -12.53 -7.45 -128.00
N GLY H 201 -13.38 -8.31 -128.56
CA GLY H 201 -14.78 -8.31 -128.17
C GLY H 201 -14.95 -8.76 -126.73
N LEU H 202 -15.94 -8.18 -126.04
CA LEU H 202 -16.21 -8.57 -124.66
C LEU H 202 -17.51 -9.34 -124.53
N THR H 203 -18.04 -9.78 -125.66
CA THR H 203 -19.23 -10.63 -125.67
C THR H 203 -18.83 -12.08 -125.46
N LEU H 204 -18.44 -12.40 -124.23
CA LEU H 204 -17.69 -13.61 -123.93
C LEU H 204 -18.46 -14.93 -124.01
N GLY H 205 -19.78 -14.84 -124.14
CA GLY H 205 -20.60 -16.04 -124.28
C GLY H 205 -20.62 -16.58 -125.69
N GLN H 206 -20.10 -15.79 -126.63
CA GLN H 206 -20.04 -16.14 -128.04
C GLN H 206 -19.13 -17.37 -128.20
N VAL H 207 -19.57 -18.35 -129.01
CA VAL H 207 -18.73 -19.52 -129.23
C VAL H 207 -17.70 -19.24 -130.32
N PRO H 208 -16.42 -19.43 -130.01
CA PRO H 208 -15.30 -19.15 -130.93
C PRO H 208 -15.34 -20.08 -132.12
N MET H 209 -14.81 -19.61 -133.25
CA MET H 209 -14.82 -20.44 -134.45
C MET H 209 -13.49 -20.51 -135.18
N VAL H 210 -13.30 -21.62 -135.85
CA VAL H 210 -12.14 -21.79 -136.72
C VAL H 210 -12.68 -22.23 -138.05
N GLY H 211 -12.78 -21.28 -138.99
CA GLY H 211 -13.47 -21.54 -140.24
C GLY H 211 -14.93 -21.80 -139.95
N THR H 212 -15.42 -22.96 -140.37
CA THR H 212 -16.81 -23.33 -140.12
C THR H 212 -16.97 -24.15 -138.86
N THR H 213 -15.86 -24.43 -138.18
CA THR H 213 -15.87 -25.24 -136.99
C THR H 213 -16.13 -24.44 -135.71
N LYS H 214 -17.19 -24.82 -134.98
CA LYS H 214 -17.48 -24.23 -133.67
C LYS H 214 -16.61 -24.90 -132.60
N VAL H 215 -15.94 -24.11 -131.77
CA VAL H 215 -15.17 -24.71 -130.68
C VAL H 215 -15.82 -24.40 -129.32
N TYR H 216 -16.72 -25.27 -128.88
CA TYR H 216 -17.35 -25.10 -127.58
C TYR H 216 -16.30 -25.23 -126.49
N ASN H 217 -16.31 -24.29 -125.55
CA ASN H 217 -15.43 -24.37 -124.39
C ASN H 217 -16.12 -23.94 -123.09
N LEU H 218 -15.53 -24.31 -121.96
CA LEU H 218 -16.18 -24.05 -120.69
C LEU H 218 -16.36 -22.57 -120.39
N ASN H 219 -15.38 -21.72 -120.74
CA ASN H 219 -15.50 -20.29 -120.42
C ASN H 219 -16.67 -19.61 -121.10
N SER H 220 -16.77 -19.76 -122.41
CA SER H 220 -17.92 -19.16 -123.10
C SER H 220 -19.22 -19.79 -122.59
N THR H 221 -19.21 -21.09 -122.32
CA THR H 221 -20.38 -21.75 -121.74
C THR H 221 -20.80 -21.14 -120.41
N LEU H 222 -19.84 -20.87 -119.52
CA LEU H 222 -20.13 -20.22 -118.26
C LEU H 222 -20.76 -18.85 -118.47
N VAL H 223 -20.14 -18.01 -119.29
CA VAL H 223 -20.68 -16.67 -119.54
C VAL H 223 -22.12 -16.75 -120.08
N SER H 224 -22.42 -17.76 -120.88
CA SER H 224 -23.77 -17.90 -121.43
C SER H 224 -24.84 -18.15 -120.35
N CYS H 225 -24.40 -18.51 -119.14
CA CYS H 225 -25.31 -18.78 -118.01
C CYS H 225 -25.89 -17.53 -117.41
N VAL H 226 -25.50 -16.40 -117.98
CA VAL H 226 -25.91 -15.09 -117.53
C VAL H 226 -26.44 -14.30 -118.75
N LEU H 227 -27.24 -13.25 -118.53
CA LEU H 227 -27.78 -12.49 -119.65
C LEU H 227 -26.78 -11.43 -120.12
N GLY H 228 -25.96 -10.97 -119.20
CA GLY H 228 -24.98 -9.95 -119.49
C GLY H 228 -24.17 -9.60 -118.25
N MET H 229 -23.17 -8.75 -118.42
CA MET H 229 -22.25 -8.43 -117.34
C MET H 229 -21.66 -7.05 -117.50
N GLY H 230 -21.42 -6.41 -116.37
CA GLY H 230 -20.74 -5.13 -116.34
C GLY H 230 -19.69 -5.24 -115.25
N GLY H 231 -18.85 -4.23 -115.14
CA GLY H 231 -17.86 -4.24 -114.08
C GLY H 231 -16.48 -3.95 -114.63
N THR H 232 -15.47 -4.43 -113.93
CA THR H 232 -14.11 -4.19 -114.39
C THR H 232 -13.42 -5.49 -114.83
N VAL H 233 -12.81 -5.43 -116.00
CA VAL H 233 -12.04 -6.56 -116.52
C VAL H 233 -10.63 -6.53 -115.92
N ARG H 234 -10.27 -7.56 -115.17
CA ARG H 234 -8.92 -7.68 -114.62
C ARG H 234 -8.21 -8.73 -115.42
N GLY H 235 -7.06 -8.38 -115.98
CA GLY H 235 -6.33 -9.32 -116.78
C GLY H 235 -4.83 -9.09 -116.77
N ARG H 236 -4.14 -9.83 -117.61
CA ARG H 236 -2.70 -9.64 -117.81
C ARG H 236 -2.41 -9.45 -119.29
N VAL H 237 -1.43 -8.60 -119.58
CA VAL H 237 -0.97 -8.41 -120.95
C VAL H 237 0.44 -8.92 -121.10
N HIS H 238 0.68 -9.75 -122.12
CA HIS H 238 2.04 -10.16 -122.44
C HIS H 238 2.51 -9.58 -123.77
N ILE H 239 3.66 -8.93 -123.74
CA ILE H 239 4.24 -8.42 -124.97
C ILE H 239 5.27 -9.41 -125.51
N CYS H 240 4.92 -10.08 -126.60
CA CYS H 240 5.67 -11.27 -127.05
C CYS H 240 6.62 -10.99 -128.21
N ALA H 241 7.62 -10.16 -127.93
CA ALA H 241 8.60 -9.77 -128.93
C ALA H 241 10.01 -9.71 -128.32
N PRO H 242 11.03 -9.61 -129.16
CA PRO H 242 12.42 -9.49 -128.70
C PRO H 242 12.63 -8.22 -127.86
N ILE H 243 13.66 -8.17 -126.99
CA ILE H 243 13.93 -6.98 -126.16
C ILE H 243 14.08 -5.71 -127.00
N PHE H 244 14.45 -5.87 -128.26
CA PHE H 244 14.70 -4.69 -129.12
C PHE H 244 13.46 -4.18 -129.84
N TYR H 245 12.33 -4.85 -129.62
CA TYR H 245 11.01 -4.33 -129.98
C TYR H 245 10.39 -3.67 -128.76
N SER H 246 9.59 -2.64 -128.97
CA SER H 246 8.91 -1.99 -127.86
C SER H 246 7.71 -1.19 -128.31
N ILE H 247 6.77 -1.00 -127.39
CA ILE H 247 5.50 -0.38 -127.75
C ILE H 247 4.89 0.28 -126.53
N VAL H 248 4.02 1.25 -126.77
CA VAL H 248 3.20 1.82 -125.69
C VAL H 248 1.74 1.80 -126.09
N LEU H 249 0.91 1.19 -125.27
CA LEU H 249 -0.51 1.05 -125.56
C LEU H 249 -1.40 1.86 -124.62
N TRP H 250 -2.47 2.41 -125.17
CA TRP H 250 -3.58 2.95 -124.39
C TRP H 250 -4.68 1.91 -124.49
N VAL H 251 -5.05 1.35 -123.34
CA VAL H 251 -6.07 0.31 -123.31
C VAL H 251 -7.34 0.80 -122.63
N VAL H 252 -8.44 0.79 -123.38
CA VAL H 252 -9.67 1.39 -122.89
C VAL H 252 -10.89 0.67 -123.43
N SER H 253 -12.02 0.80 -122.76
CA SER H 253 -13.25 0.18 -123.23
C SER H 253 -14.16 1.16 -123.99
N GLU H 254 -14.75 0.70 -125.10
CA GLU H 254 -15.65 1.55 -125.88
C GLU H 254 -16.92 0.82 -126.29
N TRP H 255 -17.99 1.58 -126.52
CA TRP H 255 -19.28 1.00 -126.88
C TRP H 255 -19.69 1.31 -128.30
N ASN H 256 -20.06 0.27 -129.03
CA ASN H 256 -20.58 0.39 -130.40
C ASN H 256 -19.72 1.30 -131.28
N GLY H 257 -18.59 0.77 -131.73
CA GLY H 257 -17.66 1.52 -132.55
C GLY H 257 -16.62 2.19 -131.69
N THR H 258 -15.87 3.10 -132.28
CA THR H 258 -14.83 3.79 -131.56
C THR H 258 -14.91 5.26 -131.90
N THR H 259 -14.43 6.11 -131.01
CA THR H 259 -14.34 7.52 -131.33
C THR H 259 -13.21 7.76 -132.33
N MET H 260 -13.37 8.81 -133.14
CA MET H 260 -12.39 9.16 -134.15
C MET H 260 -11.54 10.34 -133.67
N ASP H 261 -11.92 10.88 -132.52
CA ASP H 261 -11.28 12.05 -131.94
C ASP H 261 -10.27 11.69 -130.85
N TRP H 262 -8.99 11.87 -131.13
CA TRP H 262 -7.94 11.51 -130.18
C TRP H 262 -8.10 12.19 -128.81
N ASN H 263 -8.68 13.37 -128.79
CA ASN H 263 -8.84 14.07 -127.52
C ASN H 263 -9.96 13.46 -126.70
N GLU H 264 -11.05 13.06 -127.34
CA GLU H 264 -12.12 12.37 -126.64
C GLU H 264 -11.59 11.04 -126.10
N LEU H 265 -10.80 10.34 -126.90
CA LEU H 265 -10.27 9.03 -126.53
C LEU H 265 -9.56 9.07 -125.21
N PHE H 266 -8.83 10.15 -124.95
CA PHE H 266 -8.06 10.25 -123.71
C PHE H 266 -8.82 10.88 -122.54
N LYS H 267 -10.10 11.16 -122.74
CA LYS H 267 -10.95 11.59 -121.65
C LYS H 267 -11.63 10.36 -121.04
N TYR H 268 -11.48 9.22 -121.71
CA TYR H 268 -12.03 7.95 -121.21
C TYR H 268 -11.12 7.42 -120.12
N PRO H 269 -11.67 6.54 -119.25
CA PRO H 269 -10.89 5.86 -118.20
C PRO H 269 -10.16 4.60 -118.68
N GLY H 270 -8.96 4.79 -119.23
CA GLY H 270 -8.12 3.70 -119.68
C GLY H 270 -6.81 3.62 -118.89
N VAL H 271 -5.93 2.74 -119.33
CA VAL H 271 -4.64 2.52 -118.69
C VAL H 271 -3.56 2.38 -119.72
N TYR H 272 -2.33 2.74 -119.36
CA TYR H 272 -1.21 2.62 -120.28
C TYR H 272 -0.49 1.30 -120.05
N VAL H 273 -0.06 0.65 -121.12
CA VAL H 273 0.67 -0.61 -121.01
C VAL H 273 1.95 -0.48 -121.81
N GLU H 274 3.11 -0.56 -121.13
CA GLU H 274 4.44 -0.40 -121.76
C GLU H 274 5.15 -1.73 -121.78
N GLU H 275 4.67 -2.68 -120.99
CA GLU H 275 5.38 -3.92 -120.74
C GLU H 275 4.49 -4.99 -120.10
N ASP H 276 4.99 -6.22 -120.07
CA ASP H 276 4.28 -7.33 -119.41
C ASP H 276 3.71 -6.82 -118.09
N GLY H 277 2.45 -7.14 -117.81
CA GLY H 277 1.84 -6.73 -116.55
C GLY H 277 0.34 -6.98 -116.48
N SER H 278 -0.26 -6.69 -115.34
CA SER H 278 -1.71 -6.82 -115.21
C SER H 278 -2.36 -5.45 -115.51
N PHE H 279 -3.68 -5.47 -115.72
CA PHE H 279 -4.45 -4.26 -116.02
C PHE H 279 -5.89 -4.42 -115.52
N GLU H 280 -6.54 -3.30 -115.24
CA GLU H 280 -7.98 -3.30 -114.92
C GLU H 280 -8.65 -2.23 -115.76
N VAL H 281 -9.62 -2.63 -116.57
CA VAL H 281 -10.36 -1.65 -117.36
C VAL H 281 -11.85 -1.80 -117.11
N LYS H 282 -12.54 -0.68 -116.90
CA LYS H 282 -13.98 -0.68 -116.68
C LYS H 282 -14.70 -0.99 -117.99
N ILE H 283 -15.67 -1.91 -117.94
CA ILE H 283 -16.54 -2.18 -119.09
C ILE H 283 -17.49 -1.02 -119.30
N ARG H 284 -17.32 -0.34 -120.43
CA ARG H 284 -18.04 0.88 -120.73
C ARG H 284 -19.28 0.59 -121.57
N SER H 285 -20.45 1.01 -121.08
CA SER H 285 -21.70 0.77 -121.80
C SER H 285 -22.83 1.66 -121.33
N PRO H 286 -23.74 2.01 -122.24
CA PRO H 286 -24.92 2.82 -121.95
C PRO H 286 -25.80 2.19 -120.91
N TYR H 287 -25.68 0.87 -120.76
CA TYR H 287 -26.49 0.10 -119.80
C TYR H 287 -25.63 -0.40 -118.64
N HIS H 288 -24.35 -0.03 -118.68
CA HIS H 288 -23.38 -0.44 -117.66
C HIS H 288 -23.01 -1.92 -117.76
N ARG H 289 -23.72 -2.65 -118.62
CA ARG H 289 -23.42 -4.05 -118.86
C ARG H 289 -23.39 -4.28 -120.37
N THR H 290 -22.65 -5.30 -120.81
CA THR H 290 -22.71 -5.74 -122.21
C THR H 290 -23.37 -7.12 -122.21
N PRO H 291 -24.17 -7.42 -123.26
CA PRO H 291 -24.88 -8.69 -123.34
C PRO H 291 -23.92 -9.85 -123.48
N ALA H 292 -24.33 -10.99 -122.94
CA ALA H 292 -23.53 -12.21 -122.91
C ALA H 292 -23.35 -12.85 -124.29
N ARG H 293 -24.41 -12.81 -125.09
CA ARG H 293 -24.35 -13.35 -126.47
C ARG H 293 -24.98 -12.39 -127.49
N LEU H 294 -24.72 -12.65 -128.77
CA LEU H 294 -25.29 -11.80 -129.80
C LEU H 294 -26.62 -12.30 -130.34
N LEU H 295 -27.38 -11.37 -130.90
CA LEU H 295 -28.57 -11.72 -131.64
C LEU H 295 -28.24 -11.74 -133.11
N ALA H 296 -29.22 -12.15 -133.90
CA ALA H 296 -29.16 -12.10 -135.35
C ALA H 296 -28.60 -10.77 -135.86
N GLY H 297 -27.47 -10.83 -136.57
CA GLY H 297 -26.98 -9.67 -137.28
C GLY H 297 -26.24 -8.64 -136.45
N GLN H 298 -26.13 -8.91 -135.15
CA GLN H 298 -25.32 -8.05 -134.31
C GLN H 298 -23.86 -8.46 -134.43
N SER H 299 -22.99 -7.47 -134.29
CA SER H 299 -21.54 -7.67 -134.32
C SER H 299 -21.04 -7.61 -132.89
N GLN H 300 -19.83 -8.09 -132.65
CA GLN H 300 -19.31 -7.99 -131.30
C GLN H 300 -18.93 -6.54 -131.01
N ARG H 301 -18.66 -5.77 -132.06
CA ARG H 301 -18.19 -4.40 -131.89
C ARG H 301 -19.36 -3.46 -131.62
N ASP H 302 -20.57 -3.92 -131.92
CA ASP H 302 -21.78 -3.15 -131.63
C ASP H 302 -21.96 -2.98 -130.13
N MET H 303 -21.35 -3.86 -129.36
CA MET H 303 -21.49 -3.82 -127.91
C MET H 303 -20.23 -3.24 -127.26
N SER H 304 -19.94 -3.73 -126.06
CA SER H 304 -18.75 -3.29 -125.33
C SER H 304 -17.50 -4.07 -125.75
N SER H 305 -16.42 -3.35 -126.04
CA SER H 305 -15.18 -4.00 -126.44
C SER H 305 -13.99 -3.49 -125.62
N LEU H 306 -12.96 -4.30 -125.55
CA LEU H 306 -11.71 -3.90 -124.91
C LEU H 306 -10.75 -3.49 -126.02
N ASN H 307 -10.44 -2.20 -126.12
CA ASN H 307 -9.68 -1.67 -127.25
C ASN H 307 -8.22 -1.38 -126.95
N PHE H 308 -7.35 -1.86 -127.84
CA PHE H 308 -5.91 -1.65 -127.66
C PHE H 308 -5.35 -0.69 -128.69
N TYR H 309 -5.08 0.53 -128.24
CA TYR H 309 -4.57 1.58 -129.12
C TYR H 309 -3.06 1.70 -129.00
N ALA H 310 -2.36 1.47 -130.10
CA ALA H 310 -0.93 1.72 -130.14
C ALA H 310 -0.70 3.23 -130.32
N ILE H 311 -0.20 3.88 -129.27
CA ILE H 311 -0.04 5.33 -129.33
C ILE H 311 1.41 5.78 -129.52
N ALA H 312 2.36 4.87 -129.30
CA ALA H 312 3.75 5.13 -129.63
C ALA H 312 4.42 3.82 -130.01
N GLY H 313 4.79 3.68 -131.28
CA GLY H 313 5.30 2.41 -131.76
C GLY H 313 4.19 1.51 -132.32
N PRO H 314 4.49 0.22 -132.51
CA PRO H 314 5.75 -0.42 -132.14
C PRO H 314 6.97 0.09 -132.93
N ILE H 315 8.13 0.04 -132.30
CA ILE H 315 9.37 0.33 -133.01
C ILE H 315 10.30 -0.85 -132.92
N ALA H 316 11.17 -0.98 -133.90
CA ALA H 316 12.23 -1.99 -133.86
C ALA H 316 13.36 -1.48 -134.73
N PRO H 317 14.56 -2.06 -134.56
CA PRO H 317 15.70 -1.65 -135.39
C PRO H 317 15.45 -2.11 -136.84
N SER H 318 16.08 -1.48 -137.83
CA SER H 318 15.96 -2.02 -139.20
C SER H 318 16.90 -3.20 -139.27
N GLY H 319 16.59 -4.18 -140.12
CA GLY H 319 15.35 -4.24 -140.86
C GLY H 319 14.57 -5.42 -140.30
N GLU H 320 13.83 -5.14 -139.24
CA GLU H 320 12.93 -6.12 -138.70
C GLU H 320 11.62 -5.99 -139.48
N THR H 321 10.85 -7.06 -139.55
CA THR H 321 9.65 -7.04 -140.37
C THR H 321 8.46 -7.62 -139.63
N ALA H 322 8.77 -8.48 -138.65
CA ALA H 322 7.75 -9.16 -137.83
C ALA H 322 6.78 -8.17 -137.18
N GLN H 323 5.55 -8.61 -137.02
CA GLN H 323 4.60 -7.79 -136.29
C GLN H 323 4.85 -7.99 -134.81
N LEU H 324 4.43 -7.04 -133.98
CA LEU H 324 4.56 -7.17 -132.53
C LEU H 324 3.26 -7.74 -131.96
N PRO H 325 3.30 -8.94 -131.40
CA PRO H 325 2.12 -9.61 -130.86
C PRO H 325 1.87 -9.28 -129.39
N ILE H 326 0.59 -9.14 -129.05
CA ILE H 326 0.12 -8.93 -127.68
C ILE H 326 -0.79 -10.11 -127.35
N VAL H 327 -0.50 -10.82 -126.27
CA VAL H 327 -1.41 -11.87 -125.81
C VAL H 327 -2.16 -11.39 -124.57
N VAL H 328 -3.48 -11.36 -124.64
CA VAL H 328 -4.27 -10.92 -123.49
C VAL H 328 -4.90 -12.09 -122.72
N GLN H 329 -4.80 -12.09 -121.40
CA GLN H 329 -5.50 -13.06 -120.56
C GLN H 329 -6.49 -12.36 -119.66
N ILE H 330 -7.69 -12.89 -119.60
CA ILE H 330 -8.73 -12.31 -118.76
C ILE H 330 -8.93 -13.17 -117.54
N ASP H 331 -8.70 -12.59 -116.37
CA ASP H 331 -8.71 -13.35 -115.11
C ASP H 331 -10.03 -13.31 -114.41
N GLU H 332 -10.63 -12.12 -114.31
CA GLU H 332 -11.97 -12.02 -113.76
C GLU H 332 -12.66 -10.71 -114.04
N ILE H 333 -13.97 -10.70 -113.82
CA ILE H 333 -14.72 -9.46 -113.77
C ILE H 333 -14.81 -9.07 -112.29
N VAL H 334 -14.07 -8.03 -111.90
CA VAL H 334 -14.05 -7.59 -110.51
C VAL H 334 -15.16 -6.57 -110.31
N ARG H 335 -15.71 -6.53 -109.09
CA ARG H 335 -16.80 -5.62 -108.80
C ARG H 335 -17.87 -5.79 -109.86
N PRO H 336 -18.39 -7.02 -110.00
CA PRO H 336 -19.25 -7.38 -111.12
C PRO H 336 -20.66 -6.83 -111.00
N ASP H 337 -21.20 -6.38 -112.13
CA ASP H 337 -22.60 -6.02 -112.20
C ASP H 337 -23.24 -7.02 -113.12
N LEU H 338 -23.77 -8.11 -112.56
CA LEU H 338 -24.35 -9.16 -113.39
C LEU H 338 -25.83 -8.97 -113.71
N SER H 339 -26.25 -9.52 -114.84
CA SER H 339 -27.66 -9.59 -115.17
C SER H 339 -28.30 -10.72 -114.42
N LEU H 340 -29.60 -10.91 -114.63
CA LEU H 340 -30.24 -12.14 -114.22
C LEU H 340 -29.52 -13.33 -114.84
N PRO H 341 -29.58 -14.48 -114.16
CA PRO H 341 -29.14 -15.72 -114.83
C PRO H 341 -30.02 -15.90 -116.07
N SER H 342 -29.46 -16.44 -117.14
CA SER H 342 -30.26 -16.69 -118.33
C SER H 342 -31.28 -17.84 -118.14
N PHE H 343 -30.95 -18.81 -117.29
CA PHE H 343 -31.89 -19.88 -116.98
C PHE H 343 -32.19 -19.93 -115.49
N GLU H 344 -33.41 -20.35 -115.17
CA GLU H 344 -33.81 -20.53 -113.77
C GLU H 344 -33.64 -22.00 -113.41
N ASP H 345 -33.96 -22.35 -112.16
CA ASP H 345 -33.86 -23.76 -111.75
C ASP H 345 -35.10 -24.48 -112.25
N ASP H 346 -35.10 -24.80 -113.53
CA ASP H 346 -36.27 -25.27 -114.19
C ASP H 346 -35.87 -26.34 -115.19
N TYR H 347 -36.87 -26.90 -115.88
CA TYR H 347 -36.63 -27.82 -116.96
C TYR H 347 -36.10 -27.04 -118.18
N PHE H 348 -35.45 -27.77 -119.09
CA PHE H 348 -35.12 -27.23 -120.40
C PHE H 348 -35.20 -28.35 -121.42
N VAL H 349 -35.21 -27.98 -122.69
CA VAL H 349 -35.43 -28.95 -123.74
C VAL H 349 -34.23 -29.85 -123.98
N TRP H 350 -34.47 -31.16 -123.90
CA TRP H 350 -33.45 -32.12 -124.29
C TRP H 350 -33.60 -32.48 -125.78
N VAL H 351 -34.77 -32.97 -126.16
CA VAL H 351 -34.99 -33.41 -127.53
C VAL H 351 -36.47 -33.42 -127.94
N ASP H 352 -36.74 -33.05 -129.19
CA ASP H 352 -38.07 -33.23 -129.77
C ASP H 352 -38.01 -34.34 -130.82
N PHE H 353 -38.94 -35.29 -130.74
CA PHE H 353 -39.11 -36.27 -131.82
C PHE H 353 -40.40 -35.91 -132.58
N SER H 354 -40.32 -35.96 -133.90
CA SER H 354 -41.47 -35.60 -134.73
C SER H 354 -41.41 -36.35 -136.06
N GLU H 355 -42.47 -36.20 -136.85
CA GLU H 355 -42.50 -36.75 -138.21
C GLU H 355 -42.20 -38.25 -138.23
N PHE H 356 -42.93 -39.01 -137.44
CA PHE H 356 -42.72 -40.45 -137.34
C PHE H 356 -43.18 -41.14 -138.60
N THR H 357 -42.39 -42.09 -139.09
CA THR H 357 -42.76 -42.81 -140.32
C THR H 357 -43.29 -44.22 -140.04
N LEU H 358 -42.91 -44.77 -138.89
CA LEU H 358 -43.38 -46.09 -138.49
C LEU H 358 -44.19 -45.97 -137.21
N ASP H 359 -45.22 -46.80 -137.08
CA ASP H 359 -46.02 -46.84 -135.86
C ASP H 359 -45.20 -47.41 -134.69
N LYS H 360 -44.39 -48.42 -134.96
CA LYS H 360 -43.50 -48.95 -133.91
C LYS H 360 -42.16 -48.20 -133.92
N GLU H 361 -41.88 -47.49 -132.83
CA GLU H 361 -40.63 -46.75 -132.71
C GLU H 361 -40.07 -47.01 -131.32
N GLU H 362 -38.76 -47.24 -131.23
CA GLU H 362 -38.14 -47.45 -129.93
C GLU H 362 -36.83 -46.68 -129.81
N ILE H 363 -36.84 -45.67 -128.96
CA ILE H 363 -35.71 -44.80 -128.72
C ILE H 363 -34.91 -45.27 -127.50
N GLU H 364 -33.69 -45.77 -127.74
CA GLU H 364 -32.83 -46.23 -126.64
C GLU H 364 -32.06 -45.06 -126.02
N ILE H 365 -32.16 -44.93 -124.72
CA ILE H 365 -31.45 -43.89 -124.00
C ILE H 365 -30.32 -44.51 -123.17
N GLY H 366 -30.67 -45.57 -122.46
CA GLY H 366 -29.72 -46.27 -121.60
C GLY H 366 -29.39 -45.47 -120.34
N SER H 367 -28.14 -45.07 -120.20
CA SER H 367 -27.76 -44.29 -119.04
C SER H 367 -27.04 -43.01 -119.48
N ARG H 368 -27.24 -42.58 -120.72
CA ARG H 368 -26.49 -41.45 -121.27
C ARG H 368 -27.35 -40.23 -121.53
N PHE H 369 -26.72 -39.06 -121.43
CA PHE H 369 -27.34 -37.85 -121.97
C PHE H 369 -26.53 -37.52 -123.21
N PHE H 370 -27.19 -37.49 -124.38
CA PHE H 370 -26.46 -37.41 -125.64
C PHE H 370 -27.33 -36.94 -126.80
N ASP H 371 -26.73 -36.86 -128.00
CA ASP H 371 -27.46 -36.49 -129.22
C ASP H 371 -28.05 -37.72 -129.91
N PHE H 372 -29.36 -37.70 -130.14
CA PHE H 372 -30.05 -38.80 -130.81
C PHE H 372 -29.92 -38.72 -132.34
N THR H 373 -30.07 -39.87 -133.00
CA THR H 373 -30.23 -39.91 -134.46
C THR H 373 -31.28 -40.95 -134.78
N SER H 374 -32.02 -40.72 -135.86
CA SER H 374 -33.02 -41.70 -136.29
C SER H 374 -33.18 -41.71 -137.81
N ASN H 375 -33.40 -42.90 -138.35
CA ASN H 375 -33.68 -43.06 -139.76
C ASN H 375 -35.18 -43.04 -140.01
N THR H 376 -35.95 -43.20 -138.94
CA THR H 376 -37.38 -43.40 -139.05
C THR H 376 -38.18 -42.19 -138.55
N CYS H 377 -37.50 -41.20 -137.97
CA CYS H 377 -38.18 -39.99 -137.51
C CYS H 377 -37.23 -38.81 -137.39
N ARG H 378 -37.80 -37.63 -137.20
CA ARG H 378 -37.00 -36.40 -137.12
C ARG H 378 -36.60 -36.07 -135.70
N VAL H 379 -35.29 -36.02 -135.48
CA VAL H 379 -34.74 -35.64 -134.19
C VAL H 379 -34.34 -34.16 -134.19
N SER H 380 -34.81 -33.41 -133.19
CA SER H 380 -34.40 -32.02 -133.02
C SER H 380 -33.81 -31.85 -131.63
N MET H 381 -32.51 -31.65 -131.56
CA MET H 381 -31.84 -31.56 -130.28
C MET H 381 -31.89 -30.14 -129.68
N GLY H 382 -31.94 -30.07 -128.35
CA GLY H 382 -31.95 -28.78 -127.67
C GLY H 382 -30.53 -28.28 -127.54
N GLU H 383 -30.35 -26.96 -127.61
CA GLU H 383 -29.07 -26.33 -127.33
C GLU H 383 -29.23 -25.38 -126.11
N ASN H 384 -28.51 -25.70 -125.03
CA ASN H 384 -28.51 -24.92 -123.80
C ASN H 384 -27.20 -25.11 -123.02
N PRO H 385 -27.00 -24.30 -121.96
CA PRO H 385 -25.73 -24.40 -121.25
C PRO H 385 -25.48 -25.78 -120.67
N PHE H 386 -26.52 -26.46 -120.19
CA PHE H 386 -26.29 -27.80 -119.65
C PHE H 386 -25.67 -28.74 -120.67
N ALA H 387 -26.22 -28.77 -121.87
CA ALA H 387 -25.70 -29.61 -122.95
C ALA H 387 -24.26 -29.24 -123.30
N ALA H 388 -23.96 -27.94 -123.32
CA ALA H 388 -22.58 -27.50 -123.53
C ALA H 388 -21.66 -27.98 -122.41
N MET H 389 -22.13 -27.89 -121.17
CA MET H 389 -21.31 -28.36 -120.05
C MET H 389 -21.01 -29.84 -120.18
N ILE H 390 -21.98 -30.62 -120.66
CA ILE H 390 -21.75 -32.04 -120.88
C ILE H 390 -20.64 -32.24 -121.90
N ALA H 391 -20.62 -31.38 -122.91
CA ALA H 391 -19.69 -31.48 -124.02
C ALA H 391 -18.31 -30.96 -123.66
N CYS H 392 -18.26 -30.11 -122.65
CA CYS H 392 -17.01 -29.46 -122.30
C CYS H 392 -16.34 -30.06 -121.09
N HIS H 393 -16.73 -31.29 -120.74
CA HIS H 393 -16.04 -32.02 -119.69
C HIS H 393 -15.78 -33.45 -120.14
N GLY H 394 -14.73 -34.05 -119.60
CA GLY H 394 -14.35 -35.39 -119.96
C GLY H 394 -15.33 -36.39 -119.43
N LEU H 395 -15.77 -36.17 -118.18
CA LEU H 395 -16.73 -37.06 -117.52
C LEU H 395 -17.83 -36.26 -116.82
N HIS H 396 -19.01 -36.87 -116.68
CA HIS H 396 -20.10 -36.26 -115.89
C HIS H 396 -20.92 -37.35 -115.20
N SER H 397 -21.74 -36.95 -114.24
CA SER H 397 -22.59 -37.90 -113.54
C SER H 397 -23.67 -37.17 -112.75
N GLY H 398 -24.87 -37.70 -112.78
CA GLY H 398 -25.95 -37.09 -112.03
C GLY H 398 -27.29 -37.73 -112.33
N VAL H 399 -28.35 -37.08 -111.87
CA VAL H 399 -29.69 -37.59 -112.15
C VAL H 399 -30.49 -36.51 -112.82
N LEU H 400 -31.21 -36.89 -113.88
CA LEU H 400 -32.09 -35.98 -114.59
C LEU H 400 -33.54 -36.35 -114.36
N ASP H 401 -34.34 -35.35 -113.99
CA ASP H 401 -35.79 -35.53 -113.95
C ASP H 401 -36.32 -35.21 -115.33
N LEU H 402 -37.15 -36.10 -115.87
CA LEU H 402 -37.68 -35.91 -117.22
C LEU H 402 -39.17 -35.57 -117.18
N LYS H 403 -39.56 -34.65 -118.06
CA LYS H 403 -40.97 -34.43 -118.35
C LYS H 403 -41.17 -34.77 -119.82
N LEU H 404 -42.12 -35.66 -120.09
CA LEU H 404 -42.47 -35.98 -121.47
C LEU H 404 -43.81 -35.33 -121.78
N GLN H 405 -43.88 -34.63 -122.93
CA GLN H 405 -45.13 -34.04 -123.41
C GLN H 405 -45.34 -34.41 -124.86
N TRP H 406 -46.59 -34.64 -125.24
CA TRP H 406 -46.89 -34.96 -126.63
C TRP H 406 -48.28 -34.49 -127.09
N SER H 407 -48.38 -34.17 -128.38
CA SER H 407 -49.65 -33.77 -128.97
C SER H 407 -50.04 -34.81 -130.02
N LEU H 408 -51.34 -34.93 -130.28
CA LEU H 408 -51.82 -35.92 -131.27
C LEU H 408 -51.83 -35.45 -132.73
N ASN H 409 -51.58 -36.41 -133.63
CA ASN H 409 -51.62 -36.16 -135.06
C ASN H 409 -52.96 -36.57 -135.66
N THR H 410 -53.57 -37.61 -135.07
CA THR H 410 -54.89 -38.09 -135.45
C THR H 410 -55.97 -37.49 -134.54
N GLU H 411 -57.23 -37.79 -134.84
CA GLU H 411 -58.34 -37.32 -134.01
C GLU H 411 -58.33 -37.97 -132.63
N PHE H 412 -58.55 -37.16 -131.60
CA PHE H 412 -58.46 -37.65 -130.22
C PHE H 412 -59.33 -38.88 -129.97
N GLY H 413 -60.53 -38.87 -130.53
CA GLY H 413 -61.46 -39.96 -130.34
C GLY H 413 -61.00 -41.27 -130.95
N LYS H 414 -60.07 -41.20 -131.88
CA LYS H 414 -59.60 -42.38 -132.58
C LYS H 414 -58.32 -42.93 -131.97
N SER H 415 -57.76 -42.17 -131.04
CA SER H 415 -56.46 -42.51 -130.46
C SER H 415 -56.42 -43.82 -129.67
N SER H 416 -55.28 -44.49 -129.73
CA SER H 416 -55.03 -45.69 -128.94
C SER H 416 -53.53 -45.82 -128.68
N GLY H 417 -53.14 -46.78 -127.84
CA GLY H 417 -51.74 -47.05 -127.60
C GLY H 417 -51.15 -46.22 -126.48
N SER H 418 -49.82 -46.09 -126.48
CA SER H 418 -49.10 -45.55 -125.33
C SER H 418 -47.71 -45.03 -125.63
N VAL H 419 -47.24 -44.11 -124.79
CA VAL H 419 -45.82 -43.81 -124.64
C VAL H 419 -45.35 -44.65 -123.45
N THR H 420 -44.50 -45.65 -123.71
CA THR H 420 -44.03 -46.52 -122.62
C THR H 420 -42.58 -46.23 -122.27
N ILE H 421 -42.28 -46.11 -120.97
CA ILE H 421 -40.91 -45.90 -120.54
C ILE H 421 -40.40 -47.19 -119.96
N THR H 422 -39.53 -47.87 -120.69
CA THR H 422 -38.91 -49.08 -120.15
C THR H 422 -37.71 -48.73 -119.26
N LYS H 423 -37.74 -49.24 -118.03
CA LYS H 423 -36.65 -49.02 -117.09
C LYS H 423 -36.06 -50.36 -116.63
N LEU H 424 -34.79 -50.59 -116.98
CA LEU H 424 -34.12 -51.82 -116.63
C LEU H 424 -32.87 -51.55 -115.83
N VAL H 425 -32.29 -52.62 -115.32
CA VAL H 425 -30.93 -52.57 -114.82
C VAL H 425 -30.16 -53.65 -115.58
N GLY H 426 -29.17 -53.23 -116.33
CA GLY H 426 -28.45 -54.14 -117.20
C GLY H 426 -28.61 -53.69 -118.63
N ASP H 427 -29.21 -54.54 -119.46
CA ASP H 427 -29.49 -54.23 -120.86
C ASP H 427 -30.77 -54.91 -121.30
N LYS H 428 -31.19 -54.64 -122.54
CA LYS H 428 -32.43 -55.19 -123.04
C LYS H 428 -32.42 -56.72 -122.94
N ALA H 429 -31.25 -57.32 -123.13
CA ALA H 429 -31.12 -58.78 -123.21
C ALA H 429 -31.17 -59.56 -121.88
N MET H 430 -30.51 -59.05 -120.84
CA MET H 430 -30.37 -59.81 -119.59
C MET H 430 -30.73 -58.99 -118.36
N GLY H 431 -31.36 -57.84 -118.57
CA GLY H 431 -31.62 -56.90 -117.49
C GLY H 431 -32.69 -57.27 -116.49
N LEU H 432 -32.71 -56.52 -115.40
CA LEU H 432 -33.74 -56.67 -114.37
C LEU H 432 -34.77 -55.56 -114.57
N ASP H 433 -36.00 -55.79 -114.12
CA ASP H 433 -37.08 -54.84 -114.38
C ASP H 433 -37.30 -53.83 -113.27
N GLY H 434 -37.13 -52.56 -113.61
CA GLY H 434 -37.31 -51.48 -112.66
C GLY H 434 -38.67 -50.82 -112.75
N PRO H 435 -38.70 -49.51 -112.52
CA PRO H 435 -39.95 -48.73 -112.52
C PRO H 435 -40.37 -48.36 -113.95
N SER H 436 -40.54 -49.39 -114.80
CA SER H 436 -41.08 -49.20 -116.14
C SER H 436 -42.49 -48.68 -116.00
N HIS H 437 -42.99 -48.02 -117.04
CA HIS H 437 -44.12 -47.15 -116.85
C HIS H 437 -44.87 -47.02 -118.18
N VAL H 438 -46.17 -47.32 -118.15
CA VAL H 438 -47.02 -47.22 -119.34
C VAL H 438 -47.94 -46.00 -119.26
N PHE H 439 -47.68 -45.02 -120.11
CA PHE H 439 -48.57 -43.87 -120.24
C PHE H 439 -49.53 -44.06 -121.40
N ALA H 440 -50.79 -44.31 -121.11
CA ALA H 440 -51.79 -44.32 -122.17
C ALA H 440 -51.63 -43.03 -123.00
N ILE H 441 -51.70 -43.13 -124.32
CA ILE H 441 -51.42 -41.98 -125.17
C ILE H 441 -52.30 -40.78 -124.83
N GLN H 442 -53.48 -41.04 -124.27
CA GLN H 442 -54.44 -39.98 -123.92
C GLN H 442 -53.99 -39.13 -122.74
N LYS H 443 -53.02 -39.62 -121.95
CA LYS H 443 -52.48 -38.82 -120.86
C LYS H 443 -51.81 -37.56 -121.39
N LEU H 444 -51.17 -37.70 -122.55
CA LEU H 444 -50.57 -36.56 -123.25
C LEU H 444 -49.35 -35.97 -122.52
N GLU H 445 -48.95 -36.61 -121.42
CA GLU H 445 -47.74 -36.24 -120.70
C GLU H 445 -47.37 -37.29 -119.66
N GLY H 446 -46.10 -37.29 -119.25
CA GLY H 446 -45.63 -38.22 -118.25
C GLY H 446 -44.29 -37.79 -117.69
N THR H 447 -43.91 -38.38 -116.56
CA THR H 447 -42.63 -38.03 -115.92
C THR H 447 -41.82 -39.27 -115.56
N THR H 448 -40.50 -39.11 -115.48
CA THR H 448 -39.62 -40.19 -115.06
C THR H 448 -38.27 -39.62 -114.65
N GLU H 449 -37.47 -40.41 -113.94
CA GLU H 449 -36.11 -40.01 -113.62
C GLU H 449 -35.16 -40.77 -114.55
N LEU H 450 -33.99 -40.19 -114.83
CA LEU H 450 -32.94 -40.89 -115.58
C LEU H 450 -31.59 -40.81 -114.88
N LEU H 451 -31.00 -41.96 -114.59
CA LEU H 451 -29.68 -41.95 -114.01
C LEU H 451 -28.68 -41.79 -115.15
N VAL H 452 -27.93 -40.70 -115.11
CA VAL H 452 -26.83 -40.49 -116.04
C VAL H 452 -25.52 -40.85 -115.31
N GLY H 453 -25.07 -42.08 -115.52
CA GLY H 453 -23.91 -42.64 -114.83
C GLY H 453 -23.87 -44.15 -114.97
N ASN H 454 -23.12 -44.81 -114.09
CA ASN H 454 -22.94 -46.25 -114.17
C ASN H 454 -22.17 -46.77 -112.94
N PHE H 455 -21.92 -48.07 -112.88
CA PHE H 455 -21.24 -48.65 -111.72
C PHE H 455 -19.89 -47.99 -111.43
N ALA H 456 -19.19 -47.54 -112.47
CA ALA H 456 -17.88 -46.90 -112.26
C ALA H 456 -18.00 -45.51 -111.63
N GLY H 457 -19.07 -44.79 -111.96
CA GLY H 457 -19.39 -43.54 -111.28
C GLY H 457 -19.63 -42.34 -112.17
N ALA H 458 -19.28 -42.44 -113.46
CA ALA H 458 -19.35 -41.28 -114.38
C ALA H 458 -19.36 -41.72 -115.85
N ASN H 459 -19.89 -40.87 -116.72
CA ASN H 459 -19.95 -41.18 -118.14
C ASN H 459 -18.98 -40.30 -118.88
N PRO H 460 -18.28 -40.87 -119.87
CA PRO H 460 -17.51 -40.09 -120.83
C PRO H 460 -18.48 -39.48 -121.82
N ASN H 461 -18.02 -38.54 -122.62
CA ASN H 461 -18.90 -37.92 -123.61
C ASN H 461 -18.79 -38.63 -124.96
N THR H 462 -18.77 -39.96 -124.90
CA THR H 462 -18.72 -40.80 -126.07
C THR H 462 -19.60 -42.01 -125.80
N ARG H 463 -19.64 -42.93 -126.76
CA ARG H 463 -20.34 -44.19 -126.50
C ARG H 463 -19.37 -45.04 -125.66
N PHE H 464 -19.94 -45.79 -124.73
CA PHE H 464 -19.18 -46.64 -123.82
C PHE H 464 -20.12 -47.77 -123.40
N SER H 465 -19.57 -48.84 -122.84
CA SER H 465 -20.42 -49.92 -122.36
C SER H 465 -20.06 -50.26 -120.92
N LEU H 466 -20.80 -49.69 -119.97
CA LEU H 466 -20.56 -49.99 -118.55
C LEU H 466 -21.88 -50.27 -117.84
N TYR H 467 -21.97 -51.44 -117.19
CA TYR H 467 -23.20 -51.87 -116.50
C TYR H 467 -23.85 -50.74 -115.72
N SER H 468 -25.13 -50.51 -115.96
CA SER H 468 -25.86 -49.45 -115.28
C SER H 468 -27.35 -49.65 -115.45
N ARG H 469 -28.12 -48.68 -114.97
CA ARG H 469 -29.54 -48.67 -115.26
C ARG H 469 -29.71 -48.35 -116.75
N TRP H 470 -30.85 -48.71 -117.31
CA TRP H 470 -31.07 -48.64 -118.74
C TRP H 470 -32.51 -48.16 -119.06
N MET H 471 -32.62 -47.15 -119.89
CA MET H 471 -33.93 -46.61 -120.21
C MET H 471 -34.22 -46.57 -121.71
N ALA H 472 -35.49 -46.75 -122.05
CA ALA H 472 -35.92 -46.66 -123.44
C ALA H 472 -37.32 -46.09 -123.50
N ILE H 473 -37.60 -45.33 -124.58
CA ILE H 473 -38.96 -44.86 -124.83
C ILE H 473 -39.56 -45.71 -125.96
N LYS H 474 -40.71 -46.32 -125.74
CA LYS H 474 -41.35 -47.20 -126.73
C LYS H 474 -42.70 -46.64 -127.19
N LEU H 475 -42.78 -46.30 -128.47
CA LEU H 475 -44.02 -45.88 -129.09
C LEU H 475 -44.63 -47.05 -129.87
N ASP H 476 -45.95 -47.25 -129.74
CA ASP H 476 -46.62 -48.30 -130.52
C ASP H 476 -47.60 -47.70 -131.57
N GLN H 477 -47.88 -46.41 -131.45
CA GLN H 477 -48.77 -45.73 -132.37
C GLN H 477 -48.16 -44.39 -132.74
N ALA H 478 -46.88 -44.41 -133.07
CA ALA H 478 -46.07 -43.20 -133.21
C ALA H 478 -46.60 -42.26 -134.28
N LYS H 479 -47.22 -42.82 -135.32
CA LYS H 479 -47.80 -41.99 -136.37
C LYS H 479 -48.98 -41.13 -135.87
N SER H 480 -49.54 -41.50 -134.72
CA SER H 480 -50.60 -40.69 -134.10
C SER H 480 -50.06 -39.55 -133.25
N ILE H 481 -48.74 -39.41 -133.20
CA ILE H 481 -48.10 -38.35 -132.42
C ILE H 481 -47.47 -37.28 -133.31
N LYS H 482 -47.87 -36.03 -133.09
CA LYS H 482 -47.34 -34.94 -133.89
C LYS H 482 -45.96 -34.55 -133.38
N VAL H 483 -45.82 -34.58 -132.06
CA VAL H 483 -44.53 -34.30 -131.45
C VAL H 483 -44.40 -34.92 -130.06
N LEU H 484 -43.23 -35.49 -129.78
CA LEU H 484 -42.90 -36.00 -128.46
C LEU H 484 -41.75 -35.15 -127.95
N ARG H 485 -42.00 -34.35 -126.93
CA ARG H 485 -40.98 -33.48 -126.39
C ARG H 485 -40.45 -34.03 -125.06
N VAL H 486 -39.13 -34.06 -124.92
CA VAL H 486 -38.52 -34.47 -123.66
C VAL H 486 -37.76 -33.32 -123.01
N LEU H 487 -38.24 -32.89 -121.85
CA LEU H 487 -37.54 -31.88 -121.04
C LEU H 487 -36.85 -32.54 -119.87
N CYS H 488 -35.75 -31.94 -119.43
CA CYS H 488 -35.01 -32.45 -118.28
C CYS H 488 -34.62 -31.31 -117.33
N LYS H 489 -34.40 -31.69 -116.07
CA LYS H 489 -34.05 -30.77 -115.00
C LYS H 489 -33.09 -31.50 -114.06
N PRO H 490 -31.79 -31.16 -114.13
CA PRO H 490 -30.80 -31.87 -113.35
C PRO H 490 -31.08 -31.73 -111.86
N ARG H 491 -31.04 -32.85 -111.13
CA ARG H 491 -31.10 -32.83 -109.68
C ARG H 491 -29.81 -32.27 -109.14
N PRO H 492 -29.91 -31.58 -108.00
CA PRO H 492 -28.77 -30.88 -107.40
C PRO H 492 -27.60 -31.84 -107.26
N GLY H 493 -26.41 -31.33 -107.56
CA GLY H 493 -25.23 -32.15 -107.44
C GLY H 493 -24.84 -32.85 -108.72
N PHE H 494 -25.42 -32.44 -109.84
CA PHE H 494 -24.98 -33.01 -111.11
C PHE H 494 -23.54 -32.57 -111.35
N SER H 495 -22.65 -33.53 -111.53
CA SER H 495 -21.23 -33.23 -111.49
C SER H 495 -20.49 -33.38 -112.80
N PHE H 496 -19.51 -32.51 -113.00
CA PHE H 496 -18.65 -32.55 -114.17
C PHE H 496 -17.18 -32.70 -113.77
N TYR H 497 -16.43 -33.50 -114.53
CA TYR H 497 -15.04 -33.77 -114.23
C TYR H 497 -14.14 -33.42 -115.41
N GLY H 498 -13.09 -32.65 -115.15
CA GLY H 498 -12.08 -32.37 -116.16
C GLY H 498 -12.50 -31.46 -117.31
N ARG H 499 -12.31 -30.16 -117.12
CA ARG H 499 -12.68 -29.22 -118.15
C ARG H 499 -11.88 -29.44 -119.45
N THR H 500 -12.58 -29.35 -120.57
CA THR H 500 -11.99 -29.54 -121.88
C THR H 500 -12.81 -28.77 -122.92
N SER H 501 -12.66 -29.14 -124.19
CA SER H 501 -13.44 -28.50 -125.25
C SER H 501 -14.05 -29.49 -126.24
N PHE H 502 -14.85 -28.97 -127.17
CA PHE H 502 -15.58 -29.84 -128.07
C PHE H 502 -15.81 -29.16 -129.40
N PRO H 503 -14.93 -29.42 -130.38
CA PRO H 503 -15.10 -28.90 -131.74
C PRO H 503 -16.11 -29.70 -132.54
N VAL H 504 -16.99 -28.97 -133.25
CA VAL H 504 -17.94 -29.56 -134.20
C VAL H 504 -18.04 -28.72 -135.48
N GLY I 1 -30.15 -81.32 -73.59
CA GLY I 1 -29.89 -82.76 -73.64
C GLY I 1 -30.03 -83.35 -75.02
N LEU I 2 -29.56 -84.58 -75.21
CA LEU I 2 -29.71 -85.23 -76.50
C LEU I 2 -31.21 -85.36 -76.86
N ALA I 3 -31.57 -84.79 -78.00
CA ALA I 3 -32.96 -84.66 -78.37
C ALA I 3 -33.35 -85.63 -79.48
N GLY I 4 -32.38 -85.93 -80.36
CA GLY I 4 -32.60 -86.83 -81.48
C GLY I 4 -31.29 -87.26 -82.11
N ARG I 5 -31.34 -88.29 -82.95
CA ARG I 5 -30.13 -88.79 -83.57
C ARG I 5 -30.42 -89.49 -84.89
N GLY I 6 -29.35 -89.75 -85.62
CA GLY I 6 -29.44 -90.36 -86.93
C GLY I 6 -28.08 -90.84 -87.40
N VAL I 7 -28.07 -91.58 -88.50
CA VAL I 7 -26.83 -92.14 -89.00
C VAL I 7 -26.63 -91.85 -90.48
N ILE I 8 -25.44 -91.38 -90.85
CA ILE I 8 -25.09 -91.20 -92.25
C ILE I 8 -24.12 -92.30 -92.68
N TYR I 9 -24.40 -92.96 -93.82
CA TYR I 9 -23.50 -94.01 -94.29
C TYR I 9 -22.51 -93.46 -95.29
N ILE I 10 -21.24 -93.75 -95.03
CA ILE I 10 -20.16 -93.33 -95.91
C ILE I 10 -19.58 -94.54 -96.60
N PRO I 11 -19.60 -94.53 -97.94
CA PRO I 11 -19.00 -95.54 -98.81
C PRO I 11 -17.48 -95.50 -98.73
N LYS I 12 -16.84 -96.67 -98.77
CA LYS I 12 -15.38 -96.74 -98.81
C LYS I 12 -14.72 -95.91 -99.94
N ASP I 13 -15.40 -95.71 -101.06
CA ASP I 13 -14.90 -94.74 -102.03
C ASP I 13 -15.84 -93.54 -102.02
N CYS I 14 -15.46 -92.52 -101.28
CA CYS I 14 -16.28 -91.34 -101.22
C CYS I 14 -15.75 -90.29 -102.20
N GLN I 15 -16.39 -90.18 -103.36
CA GLN I 15 -15.95 -89.26 -104.41
C GLN I 15 -16.62 -87.91 -104.29
N ALA I 16 -16.08 -86.91 -104.96
CA ALA I 16 -16.66 -85.57 -104.87
C ALA I 16 -18.05 -85.59 -105.44
N ASN I 17 -18.98 -85.00 -104.69
CA ASN I 17 -20.40 -84.92 -105.06
C ASN I 17 -21.29 -86.11 -104.76
N ARG I 18 -20.80 -87.07 -103.98
CA ARG I 18 -21.67 -88.16 -103.61
C ARG I 18 -22.66 -87.65 -102.59
N TYR I 19 -23.93 -87.87 -102.89
CA TYR I 19 -24.97 -87.69 -101.90
C TYR I 19 -24.79 -88.80 -100.89
N LEU I 20 -24.78 -88.44 -99.61
CA LEU I 20 -24.59 -89.41 -98.53
C LEU I 20 -25.89 -89.75 -97.82
N GLY I 21 -26.83 -88.82 -97.86
CA GLY I 21 -28.13 -89.03 -97.24
C GLY I 21 -28.76 -87.77 -96.70
N THR I 22 -30.04 -87.88 -96.35
CA THR I 22 -30.76 -86.77 -95.71
C THR I 22 -31.37 -87.20 -94.38
N LEU I 23 -31.20 -86.39 -93.35
CA LEU I 23 -31.86 -86.65 -92.10
C LEU I 23 -33.01 -85.68 -91.97
N ASN I 24 -34.13 -86.18 -91.48
CA ASN I 24 -35.27 -85.32 -91.26
C ASN I 24 -35.27 -84.86 -89.79
N ILE I 25 -35.09 -83.55 -89.57
CA ILE I 25 -34.89 -83.05 -88.21
C ILE I 25 -36.01 -83.44 -87.27
N ARG I 26 -37.25 -83.35 -87.74
CA ARG I 26 -38.34 -83.70 -86.84
C ARG I 26 -38.44 -85.22 -86.58
N ASP I 27 -38.16 -86.01 -87.60
CA ASP I 27 -38.07 -87.46 -87.41
C ASP I 27 -36.93 -87.89 -86.48
N MET I 28 -35.80 -87.20 -86.52
CA MET I 28 -34.71 -87.51 -85.58
C MET I 28 -35.17 -87.38 -84.11
N ILE I 29 -35.98 -86.36 -83.85
CA ILE I 29 -36.45 -86.11 -82.51
C ILE I 29 -37.58 -87.07 -82.14
N SER I 30 -38.46 -87.37 -83.08
CA SER I 30 -39.63 -88.22 -82.78
C SER I 30 -39.31 -89.70 -82.75
N ASP I 31 -38.33 -90.14 -83.52
CA ASP I 31 -37.95 -91.56 -83.53
C ASP I 31 -37.20 -91.88 -82.27
N PHE I 32 -36.50 -90.89 -81.75
CA PHE I 32 -35.72 -91.04 -80.53
C PHE I 32 -36.66 -91.10 -79.31
N LYS I 33 -37.42 -90.04 -79.08
CA LYS I 33 -38.66 -90.12 -78.32
C LYS I 33 -38.50 -90.57 -76.86
N GLY I 34 -37.50 -90.06 -76.13
CA GLY I 34 -36.94 -88.73 -76.25
C GLY I 34 -37.51 -87.94 -75.06
N VAL I 35 -36.70 -87.57 -74.08
CA VAL I 35 -37.21 -86.66 -73.03
C VAL I 35 -37.60 -85.34 -73.66
N GLN I 36 -36.80 -84.86 -74.61
CA GLN I 36 -37.09 -83.63 -75.31
C GLN I 36 -38.32 -83.74 -76.20
N TYR I 37 -38.48 -84.85 -76.90
CA TYR I 37 -39.70 -85.11 -77.68
C TYR I 37 -40.95 -85.01 -76.83
N GLU I 38 -40.92 -85.64 -75.66
CA GLU I 38 -42.06 -85.57 -74.77
C GLU I 38 -42.34 -84.15 -74.21
N LYS I 39 -41.30 -83.36 -73.96
CA LYS I 39 -41.49 -81.97 -73.55
C LYS I 39 -42.16 -81.21 -74.68
N TRP I 40 -41.86 -81.62 -75.90
CA TRP I 40 -42.34 -80.95 -77.10
C TRP I 40 -43.84 -81.11 -77.25
N ILE I 41 -44.33 -82.33 -77.05
CA ILE I 41 -45.77 -82.61 -77.13
C ILE I 41 -46.57 -81.68 -76.21
N THR I 42 -46.00 -81.36 -75.06
CA THR I 42 -46.69 -80.49 -74.11
C THR I 42 -46.61 -79.01 -74.50
N ALA I 43 -45.47 -78.62 -75.05
CA ALA I 43 -45.27 -77.26 -75.47
C ALA I 43 -46.17 -76.95 -76.66
N GLY I 44 -46.34 -77.93 -77.53
CA GLY I 44 -47.01 -77.71 -78.81
C GLY I 44 -46.06 -77.11 -79.84
N LEU I 45 -45.65 -75.87 -79.59
CA LEU I 45 -44.73 -75.17 -80.47
C LEU I 45 -43.35 -74.99 -79.86
N VAL I 46 -42.30 -75.23 -80.64
CA VAL I 46 -40.93 -75.02 -80.15
C VAL I 46 -40.12 -74.22 -81.17
N MET I 47 -39.25 -73.33 -80.68
CA MET I 47 -38.34 -72.55 -81.53
C MET I 47 -36.89 -72.79 -81.16
N PRO I 48 -36.44 -74.04 -81.27
CA PRO I 48 -35.22 -74.49 -80.59
C PRO I 48 -33.95 -73.74 -80.99
N THR I 49 -32.98 -73.76 -80.09
CA THR I 49 -31.62 -73.52 -80.49
C THR I 49 -30.90 -74.87 -80.41
N PHE I 50 -30.59 -75.44 -81.56
CA PHE I 50 -29.97 -76.75 -81.64
C PHE I 50 -28.46 -76.63 -81.61
N LYS I 51 -27.81 -77.59 -80.95
CA LYS I 51 -26.40 -77.86 -81.18
C LYS I 51 -26.36 -79.16 -81.99
N ILE I 52 -25.83 -79.08 -83.20
CA ILE I 52 -25.70 -80.27 -84.00
C ILE I 52 -24.29 -80.78 -83.82
N VAL I 53 -24.17 -82.07 -83.60
CA VAL I 53 -22.85 -82.67 -83.45
C VAL I 53 -22.73 -83.86 -84.37
N ILE I 54 -21.70 -83.85 -85.20
CA ILE I 54 -21.45 -84.98 -86.09
C ILE I 54 -20.24 -85.74 -85.58
N ARG I 55 -20.46 -86.98 -85.16
CA ARG I 55 -19.38 -87.81 -84.67
C ARG I 55 -18.76 -88.68 -85.75
N LEU I 56 -17.44 -88.68 -85.75
CA LEU I 56 -16.69 -88.72 -86.99
C LEU I 56 -15.24 -88.94 -86.57
N PRO I 57 -14.62 -90.03 -87.01
CA PRO I 57 -13.25 -90.30 -86.56
C PRO I 57 -12.28 -89.38 -87.29
N ALA I 58 -11.52 -88.60 -86.54
CA ALA I 58 -10.59 -87.66 -87.15
C ALA I 58 -9.51 -88.40 -87.94
N ASN I 59 -9.21 -87.90 -89.13
CA ASN I 59 -8.19 -88.52 -89.96
C ASN I 59 -7.52 -87.53 -90.92
N ALA I 60 -6.20 -87.41 -90.84
CA ALA I 60 -5.48 -86.48 -91.70
C ALA I 60 -5.03 -87.08 -93.02
N PHE I 61 -5.39 -88.32 -93.30
CA PHE I 61 -4.81 -89.02 -94.44
C PHE I 61 -5.79 -89.31 -95.57
N THR I 62 -6.90 -88.59 -95.61
CA THR I 62 -7.92 -88.88 -96.62
C THR I 62 -8.17 -87.73 -97.56
N GLY I 63 -8.23 -86.52 -97.02
CA GLY I 63 -8.52 -85.35 -97.83
C GLY I 63 -10.01 -85.07 -97.92
N LEU I 64 -10.79 -85.91 -97.26
CA LEU I 64 -12.25 -85.82 -97.28
C LEU I 64 -12.77 -84.55 -96.64
N THR I 65 -13.67 -83.87 -97.35
CA THR I 65 -14.44 -82.75 -96.81
C THR I 65 -15.93 -82.90 -97.18
N TRP I 66 -16.81 -82.79 -96.19
CA TRP I 66 -18.24 -82.96 -96.43
C TRP I 66 -18.95 -81.66 -96.18
N VAL I 67 -20.18 -81.57 -96.67
CA VAL I 67 -21.01 -80.39 -96.41
C VAL I 67 -22.34 -80.79 -95.78
N MET I 68 -22.62 -80.25 -94.61
CA MET I 68 -23.95 -80.35 -94.04
C MET I 68 -24.73 -79.13 -94.50
N SER I 69 -25.88 -79.38 -95.14
CA SER I 69 -26.70 -78.29 -95.68
C SER I 69 -28.02 -78.27 -94.93
N PHE I 70 -28.35 -77.12 -94.33
CA PHE I 70 -29.61 -76.96 -93.61
C PHE I 70 -30.68 -76.46 -94.55
N ASP I 71 -31.56 -77.37 -94.94
CA ASP I 71 -32.61 -77.09 -95.91
C ASP I 71 -33.98 -77.10 -95.23
N ALA I 72 -34.33 -76.02 -94.55
CA ALA I 72 -35.53 -76.06 -93.71
C ALA I 72 -36.79 -76.10 -94.53
N TYR I 73 -36.69 -75.67 -95.78
CA TYR I 73 -37.87 -75.56 -96.63
C TYR I 73 -37.87 -76.52 -97.82
N ASN I 74 -37.00 -77.52 -97.75
CA ASN I 74 -36.95 -78.61 -98.72
C ASN I 74 -36.81 -78.15 -100.18
N ARG I 75 -35.83 -77.29 -100.46
CA ARG I 75 -35.69 -76.66 -101.78
C ARG I 75 -34.64 -77.34 -102.67
N ILE I 76 -33.53 -77.83 -102.09
CA ILE I 76 -32.58 -78.53 -102.93
C ILE I 76 -32.70 -80.07 -102.97
N THR I 77 -33.48 -80.66 -102.07
CA THR I 77 -33.55 -82.13 -101.95
C THR I 77 -33.77 -82.90 -103.26
N SER I 78 -34.83 -82.56 -103.98
CA SER I 78 -35.12 -83.16 -105.28
C SER I 78 -33.92 -83.22 -106.22
N ARG I 79 -33.09 -82.19 -106.18
CA ARG I 79 -32.03 -82.02 -107.16
C ARG I 79 -30.64 -82.55 -106.75
N ILE I 80 -30.54 -83.18 -105.57
CA ILE I 80 -29.25 -83.70 -105.11
C ILE I 80 -29.23 -85.20 -104.83
N THR I 81 -30.36 -85.87 -104.96
CA THR I 81 -30.43 -87.26 -104.52
C THR I 81 -29.71 -88.24 -105.42
N ALA I 82 -29.37 -87.81 -106.63
CA ALA I 82 -28.58 -88.64 -107.55
C ALA I 82 -27.15 -88.18 -107.50
N SER I 83 -26.99 -86.86 -107.49
CA SER I 83 -25.68 -86.27 -107.40
C SER I 83 -25.80 -84.83 -106.89
N ALA I 84 -24.91 -84.49 -105.96
CA ALA I 84 -24.99 -83.23 -105.26
C ALA I 84 -24.00 -82.19 -105.80
N ASP I 85 -24.42 -81.40 -106.78
CA ASP I 85 -23.57 -80.32 -107.25
C ASP I 85 -23.34 -79.30 -106.12
N PRO I 86 -22.06 -78.94 -105.87
CA PRO I 86 -21.80 -77.94 -104.83
C PRO I 86 -22.63 -76.65 -104.96
N VAL I 87 -23.02 -76.27 -106.18
CA VAL I 87 -23.83 -75.07 -106.34
C VAL I 87 -25.15 -75.19 -105.57
N TYR I 88 -25.75 -76.38 -105.58
CA TYR I 88 -26.95 -76.63 -104.76
C TYR I 88 -26.65 -76.70 -103.28
N THR I 89 -25.65 -77.51 -102.90
CA THR I 89 -25.42 -77.77 -101.49
C THR I 89 -24.94 -76.53 -100.74
N LEU I 90 -24.36 -75.57 -101.47
CA LEU I 90 -23.83 -74.35 -100.85
C LEU I 90 -24.78 -73.15 -100.96
N SER I 91 -25.95 -73.38 -101.53
CA SER I 91 -26.91 -72.30 -101.79
C SER I 91 -27.85 -72.09 -100.61
N VAL I 92 -27.75 -72.96 -99.62
CA VAL I 92 -28.54 -72.79 -98.38
C VAL I 92 -27.57 -72.75 -97.24
N PRO I 93 -28.03 -72.36 -96.04
CA PRO I 93 -27.09 -72.37 -94.91
C PRO I 93 -26.38 -73.73 -94.77
N HIS I 94 -25.08 -73.67 -94.55
CA HIS I 94 -24.27 -74.89 -94.61
C HIS I 94 -22.94 -74.77 -93.83
N TRP I 95 -22.34 -75.93 -93.61
CA TRP I 95 -21.10 -75.99 -92.85
C TRP I 95 -20.12 -76.96 -93.50
N LEU I 96 -18.85 -76.57 -93.53
CA LEU I 96 -17.83 -77.49 -94.01
C LEU I 96 -17.38 -78.42 -92.91
N ILE I 97 -17.35 -79.71 -93.20
CA ILE I 97 -16.88 -80.66 -92.23
C ILE I 97 -15.57 -81.27 -92.72
N HIS I 98 -14.46 -80.89 -92.08
CA HIS I 98 -13.15 -81.41 -92.48
C HIS I 98 -12.80 -82.69 -91.72
N HIS I 99 -12.40 -83.71 -92.47
CA HIS I 99 -12.10 -85.00 -91.87
C HIS I 99 -10.93 -84.88 -90.90
N LYS I 100 -9.98 -83.98 -91.20
CA LYS I 100 -8.81 -83.85 -90.34
C LYS I 100 -9.17 -83.37 -88.93
N LEU I 101 -10.31 -82.70 -88.80
CA LEU I 101 -10.71 -82.11 -87.52
C LEU I 101 -11.60 -83.01 -86.67
N GLY I 102 -11.96 -84.16 -87.22
CA GLY I 102 -12.80 -85.12 -86.52
C GLY I 102 -14.19 -84.60 -86.20
N THR I 103 -14.64 -84.92 -84.99
CA THR I 103 -16.00 -84.61 -84.57
C THR I 103 -16.31 -83.12 -84.72
N PHE I 104 -17.47 -82.85 -85.32
CA PHE I 104 -17.87 -81.50 -85.73
C PHE I 104 -19.09 -81.02 -84.94
N SER I 105 -19.14 -79.73 -84.69
CA SER I 105 -20.29 -79.18 -83.98
C SER I 105 -20.63 -77.77 -84.47
N CYS I 106 -21.91 -77.43 -84.46
CA CYS I 106 -22.34 -76.06 -84.73
C CYS I 106 -23.68 -75.75 -84.08
N GLU I 107 -24.04 -74.46 -84.04
CA GLU I 107 -25.36 -74.06 -83.52
C GLU I 107 -26.30 -73.62 -84.59
N ILE I 108 -27.54 -74.03 -84.46
CA ILE I 108 -28.56 -73.59 -85.36
C ILE I 108 -29.62 -72.90 -84.53
N ASP I 109 -29.70 -71.57 -84.63
CA ASP I 109 -30.82 -70.86 -84.03
C ASP I 109 -31.99 -70.98 -85.00
N TYR I 110 -32.92 -71.89 -84.68
CA TYR I 110 -34.02 -72.20 -85.56
C TYR I 110 -34.88 -70.97 -85.81
N GLY I 111 -34.89 -70.05 -84.86
CA GLY I 111 -35.55 -68.77 -85.04
C GLY I 111 -35.02 -67.96 -86.22
N GLU I 112 -33.70 -67.94 -86.40
CA GLU I 112 -33.08 -67.23 -87.53
C GLU I 112 -33.04 -68.04 -88.81
N LEU I 113 -32.33 -69.17 -88.78
CA LEU I 113 -32.15 -69.98 -89.98
C LEU I 113 -33.44 -70.52 -90.58
N CYS I 114 -34.47 -70.66 -89.76
CA CYS I 114 -35.73 -71.18 -90.27
C CYS I 114 -36.88 -70.16 -90.24
N GLY I 115 -37.23 -69.64 -89.06
CA GLY I 115 -38.21 -68.56 -88.97
C GLY I 115 -39.59 -68.89 -88.43
N HIS I 116 -40.02 -70.14 -88.57
CA HIS I 116 -41.30 -70.53 -88.00
C HIS I 116 -41.16 -71.65 -86.98
N ALA I 117 -42.03 -71.67 -85.98
CA ALA I 117 -41.95 -72.65 -84.89
C ALA I 117 -42.50 -74.02 -85.28
N MET I 118 -41.91 -75.06 -84.70
CA MET I 118 -42.27 -76.43 -85.07
C MET I 118 -43.44 -76.97 -84.28
N TRP I 119 -44.42 -77.51 -85.01
CA TRP I 119 -45.62 -78.08 -84.40
C TRP I 119 -45.46 -79.57 -84.15
N PHE I 120 -45.66 -79.99 -82.91
CA PHE I 120 -45.37 -81.37 -82.51
C PHE I 120 -46.02 -82.47 -83.37
N LYS I 121 -47.24 -82.24 -83.86
CA LYS I 121 -48.02 -83.30 -84.49
C LYS I 121 -47.83 -83.46 -86.00
N SER I 122 -47.38 -82.41 -86.67
CA SER I 122 -47.22 -82.47 -88.11
C SER I 122 -46.39 -81.34 -88.65
N THR I 123 -45.87 -81.54 -89.85
CA THR I 123 -45.17 -80.46 -90.55
C THR I 123 -46.15 -79.33 -90.90
N THR I 124 -45.75 -78.09 -90.64
CA THR I 124 -46.59 -76.95 -90.95
C THR I 124 -46.43 -76.56 -92.42
N PHE I 125 -45.24 -76.12 -92.81
CA PHE I 125 -45.02 -75.76 -94.21
C PHE I 125 -44.34 -76.87 -94.96
N GLU I 126 -43.02 -76.89 -94.91
CA GLU I 126 -42.35 -78.08 -95.38
C GLU I 126 -41.51 -78.64 -94.25
N SER I 127 -41.08 -79.89 -94.43
CA SER I 127 -40.35 -80.64 -93.41
C SER I 127 -38.85 -80.37 -93.46
N PRO I 128 -38.27 -79.80 -92.39
CA PRO I 128 -36.88 -79.39 -92.32
C PRO I 128 -35.86 -80.55 -92.44
N ARG I 129 -34.91 -80.43 -93.36
CA ARG I 129 -33.93 -81.49 -93.61
C ARG I 129 -32.48 -81.07 -93.38
N LEU I 130 -31.65 -82.04 -92.99
CA LEU I 130 -30.20 -81.90 -93.05
C LEU I 130 -29.65 -82.81 -94.18
N HIS I 131 -28.96 -82.21 -95.15
CA HIS I 131 -28.35 -82.99 -96.24
C HIS I 131 -26.86 -83.17 -96.04
N PHE I 132 -26.38 -84.39 -96.26
CA PHE I 132 -24.97 -84.66 -96.16
C PHE I 132 -24.38 -85.08 -97.49
N THR I 133 -23.47 -84.25 -97.98
CA THR I 133 -22.83 -84.45 -99.27
C THR I 133 -21.31 -84.38 -99.16
N CYS I 134 -20.62 -84.96 -100.12
CA CYS I 134 -19.17 -84.92 -100.12
C CYS I 134 -18.66 -83.82 -101.06
N LEU I 135 -17.95 -82.85 -100.51
CA LEU I 135 -17.49 -81.69 -101.27
C LEU I 135 -16.21 -82.00 -102.02
N THR I 136 -15.22 -82.54 -101.30
CA THR I 136 -13.95 -83.00 -101.87
C THR I 136 -13.76 -84.46 -101.50
N GLY I 137 -13.41 -85.29 -102.48
CA GLY I 137 -13.31 -86.73 -102.26
C GLY I 137 -12.04 -87.19 -101.58
N ASN I 138 -12.01 -88.47 -101.21
CA ASN I 138 -10.83 -89.08 -100.65
C ASN I 138 -9.77 -89.25 -101.74
N ASN I 139 -8.51 -89.22 -101.35
CA ASN I 139 -7.42 -89.29 -102.31
C ASN I 139 -7.33 -90.68 -102.94
N LYS I 140 -7.74 -91.69 -102.17
CA LYS I 140 -7.81 -93.08 -102.60
C LYS I 140 -8.90 -93.66 -101.71
N GLU I 141 -9.53 -94.76 -102.14
CA GLU I 141 -10.61 -95.30 -101.32
C GLU I 141 -10.05 -95.75 -99.98
N LEU I 142 -10.93 -95.81 -98.98
CA LEU I 142 -10.57 -96.28 -97.65
C LEU I 142 -10.66 -97.81 -97.58
N ALA I 143 -10.41 -98.36 -96.41
CA ALA I 143 -10.35 -99.82 -96.31
C ALA I 143 -11.74 -100.46 -96.40
N ALA I 144 -12.76 -99.78 -95.88
CA ALA I 144 -14.11 -100.34 -95.83
C ALA I 144 -15.19 -99.27 -95.69
N ASP I 145 -16.44 -99.65 -95.90
CA ASP I 145 -17.57 -98.76 -95.66
C ASP I 145 -17.61 -98.43 -94.18
N TRP I 146 -18.08 -97.22 -93.85
CA TRP I 146 -18.22 -96.80 -92.44
C TRP I 146 -19.43 -95.88 -92.24
N GLN I 147 -19.62 -95.40 -91.02
CA GLN I 147 -20.72 -94.49 -90.76
C GLN I 147 -20.31 -93.36 -89.83
N ALA I 148 -21.08 -92.28 -89.89
CA ALA I 148 -20.97 -91.19 -88.94
C ALA I 148 -22.30 -91.04 -88.22
N VAL I 149 -22.26 -90.54 -86.99
CA VAL I 149 -23.49 -90.33 -86.22
C VAL I 149 -23.81 -88.84 -86.13
N VAL I 150 -25.06 -88.48 -86.40
CA VAL I 150 -25.52 -87.11 -86.25
C VAL I 150 -26.41 -86.97 -85.01
N GLU I 151 -26.13 -85.99 -84.17
CA GLU I 151 -26.89 -85.80 -82.94
C GLU I 151 -27.44 -84.38 -82.78
N LEU I 152 -28.69 -84.27 -82.35
CA LEU I 152 -29.32 -82.98 -82.04
C LEU I 152 -29.41 -82.81 -80.54
N TYR I 153 -28.80 -81.74 -80.04
CA TYR I 153 -28.93 -81.41 -78.63
C TYR I 153 -29.75 -80.14 -78.51
N ALA I 154 -30.69 -80.11 -77.58
CA ALA I 154 -31.55 -78.95 -77.39
C ALA I 154 -32.25 -79.05 -76.05
N GLU I 155 -32.61 -77.89 -75.50
CA GLU I 155 -33.54 -77.86 -74.36
C GLU I 155 -34.83 -77.22 -74.80
N LEU I 156 -35.75 -78.05 -75.31
CA LEU I 156 -36.98 -77.53 -75.89
C LEU I 156 -37.88 -76.86 -74.85
N GLU I 157 -38.30 -75.65 -75.15
CA GLU I 157 -39.32 -74.99 -74.34
C GLU I 157 -40.43 -74.41 -75.23
N GLU I 158 -41.59 -74.20 -74.64
CA GLU I 158 -42.73 -73.75 -75.41
C GLU I 158 -42.43 -72.43 -76.08
N ALA I 159 -42.77 -72.34 -77.36
CA ALA I 159 -42.61 -71.14 -78.16
C ALA I 159 -43.76 -70.13 -77.91
N THR I 160 -43.37 -68.88 -77.71
CA THR I 160 -44.32 -67.84 -77.40
C THR I 160 -45.03 -67.30 -78.66
N SER I 161 -44.31 -67.28 -79.79
CA SER I 161 -44.84 -66.75 -81.05
C SER I 161 -44.65 -67.73 -82.18
N PHE I 162 -45.44 -67.59 -83.24
CA PHE I 162 -45.30 -68.49 -84.40
C PHE I 162 -44.06 -68.13 -85.21
N LEU I 163 -43.82 -66.83 -85.33
CA LEU I 163 -42.75 -66.34 -86.20
C LEU I 163 -41.50 -65.97 -85.42
N GLY I 164 -40.34 -66.19 -86.05
CA GLY I 164 -39.07 -65.79 -85.49
C GLY I 164 -38.85 -64.30 -85.65
N LYS I 165 -37.59 -63.89 -85.61
CA LYS I 165 -37.24 -62.53 -85.96
C LYS I 165 -36.78 -62.61 -87.41
N PRO I 166 -37.13 -61.60 -88.21
CA PRO I 166 -36.84 -61.64 -89.64
C PRO I 166 -35.35 -61.58 -89.93
N THR I 167 -34.85 -62.54 -90.70
CA THR I 167 -33.48 -62.56 -91.22
C THR I 167 -33.15 -61.29 -92.02
N LEU I 168 -34.14 -60.76 -92.74
CA LEU I 168 -33.90 -59.66 -93.69
C LEU I 168 -35.12 -58.75 -93.83
N VAL I 169 -34.90 -57.45 -93.89
CA VAL I 169 -35.99 -56.52 -94.16
C VAL I 169 -35.68 -55.73 -95.42
N PHE I 170 -36.63 -55.71 -96.35
CA PHE I 170 -36.39 -55.15 -97.66
C PHE I 170 -36.01 -53.68 -97.62
N ASP I 171 -34.90 -53.37 -98.28
CA ASP I 171 -34.36 -52.02 -98.40
C ASP I 171 -33.37 -52.00 -99.55
N PRO I 172 -33.70 -51.23 -100.60
CA PRO I 172 -32.96 -51.15 -101.87
C PRO I 172 -31.58 -50.60 -101.65
N GLY I 173 -31.52 -49.60 -100.78
CA GLY I 173 -30.28 -48.87 -100.55
C GLY I 173 -29.39 -49.49 -99.49
N VAL I 174 -29.65 -50.75 -99.16
CA VAL I 174 -28.87 -51.41 -98.10
C VAL I 174 -28.42 -52.86 -98.40
N PHE I 175 -27.16 -52.87 -98.82
CA PHE I 175 -26.29 -54.03 -98.95
C PHE I 175 -24.98 -53.58 -98.31
N ASN I 176 -24.74 -54.03 -97.07
CA ASN I 176 -23.55 -53.65 -96.30
C ASN I 176 -22.24 -53.95 -97.02
N GLY I 177 -22.07 -55.20 -97.43
CA GLY I 177 -20.81 -55.65 -97.97
C GLY I 177 -20.33 -56.86 -97.18
N LYS I 178 -21.03 -57.19 -96.11
CA LYS I 178 -20.77 -58.41 -95.33
C LYS I 178 -21.62 -59.59 -95.85
N PHE I 179 -21.04 -60.78 -95.89
CA PHE I 179 -21.77 -61.95 -96.36
C PHE I 179 -21.85 -63.02 -95.28
N GLN I 180 -22.88 -63.88 -95.36
CA GLN I 180 -22.85 -65.15 -94.66
C GLN I 180 -23.09 -66.29 -95.63
N PHE I 181 -22.48 -67.44 -95.36
CA PHE I 181 -22.68 -68.65 -96.17
C PHE I 181 -22.35 -68.47 -97.64
N LEU I 182 -21.34 -67.67 -97.93
CA LEU I 182 -20.87 -67.52 -99.30
C LEU I 182 -19.63 -68.37 -99.50
N THR I 183 -19.83 -69.57 -100.04
CA THR I 183 -18.76 -70.54 -100.25
C THR I 183 -18.67 -70.87 -101.73
N CYS I 184 -17.47 -70.73 -102.30
CA CYS I 184 -17.26 -71.05 -103.70
C CYS I 184 -17.05 -72.53 -103.86
N PRO I 185 -17.65 -73.13 -104.90
CA PRO I 185 -17.33 -74.53 -105.24
C PRO I 185 -15.82 -74.75 -105.31
N PRO I 186 -15.40 -75.99 -105.06
CA PRO I 186 -13.97 -76.32 -104.97
C PRO I 186 -13.24 -76.02 -106.27
N ILE I 187 -12.04 -75.48 -106.13
CA ILE I 187 -11.11 -75.26 -107.21
C ILE I 187 -10.05 -76.38 -107.19
N PHE I 188 -9.67 -76.94 -108.33
CA PHE I 188 -8.76 -78.10 -108.31
C PHE I 188 -7.43 -77.86 -109.00
N PHE I 189 -6.33 -78.36 -108.41
CA PHE I 189 -5.01 -78.30 -109.03
C PHE I 189 -4.45 -79.67 -109.31
N ASP I 190 -3.96 -79.88 -110.54
CA ASP I 190 -3.38 -81.17 -110.93
C ASP I 190 -1.96 -81.21 -110.44
N LEU I 191 -1.48 -82.38 -110.04
CA LEU I 191 -0.09 -82.47 -109.61
C LEU I 191 0.83 -82.80 -110.77
N THR I 192 0.26 -82.99 -111.95
CA THR I 192 1.02 -83.20 -113.16
C THR I 192 1.38 -81.88 -113.84
N ALA I 193 1.29 -80.80 -113.08
CA ALA I 193 1.54 -79.46 -113.61
C ALA I 193 2.45 -78.69 -112.72
N VAL I 194 3.55 -78.21 -113.28
CA VAL I 194 4.53 -77.48 -112.49
C VAL I 194 4.05 -76.11 -111.97
N THR I 195 3.25 -75.41 -112.77
CA THR I 195 2.50 -74.27 -112.27
C THR I 195 1.06 -74.33 -112.82
N ALA I 196 0.18 -73.48 -112.30
CA ALA I 196 -1.18 -73.44 -112.81
C ALA I 196 -1.94 -72.23 -112.32
N LEU I 197 -2.98 -71.87 -113.06
CA LEU I 197 -3.84 -70.78 -112.64
C LEU I 197 -5.28 -71.28 -112.50
N ARG I 198 -5.97 -70.81 -111.47
CA ARG I 198 -7.42 -70.99 -111.38
C ARG I 198 -8.10 -69.67 -111.06
N SER I 199 -9.03 -69.26 -111.91
CA SER I 199 -9.74 -68.02 -111.68
C SER I 199 -11.05 -68.24 -110.94
N ALA I 200 -11.36 -67.28 -110.08
CA ALA I 200 -12.67 -67.20 -109.46
C ALA I 200 -13.23 -65.84 -109.82
N GLY I 201 -14.39 -65.83 -110.47
CA GLY I 201 -15.00 -64.58 -110.88
C GLY I 201 -15.47 -63.78 -109.66
N LEU I 202 -15.38 -62.46 -109.75
CA LEU I 202 -15.81 -61.61 -108.65
C LEU I 202 -17.09 -60.85 -109.01
N THR I 203 -17.73 -61.25 -110.10
CA THR I 203 -19.00 -60.68 -110.49
C THR I 203 -20.14 -61.38 -109.73
N LEU I 204 -20.21 -61.09 -108.43
CA LEU I 204 -20.98 -61.88 -107.47
C LEU I 204 -22.50 -61.82 -107.61
N GLY I 205 -23.00 -60.91 -108.44
CA GLY I 205 -24.44 -60.79 -108.63
C GLY I 205 -24.97 -61.76 -109.67
N GLN I 206 -24.04 -62.42 -110.35
CA GLN I 206 -24.37 -63.40 -111.39
C GLN I 206 -25.07 -64.58 -110.73
N VAL I 207 -26.14 -65.08 -111.34
CA VAL I 207 -26.83 -66.23 -110.76
C VAL I 207 -26.15 -67.53 -111.19
N PRO I 208 -25.80 -68.37 -110.21
CA PRO I 208 -25.04 -69.61 -110.46
C PRO I 208 -25.88 -70.61 -111.21
N MET I 209 -25.25 -71.49 -111.97
CA MET I 209 -26.01 -72.46 -112.75
C MET I 209 -25.49 -73.87 -112.64
N VAL I 210 -26.42 -74.81 -112.79
CA VAL I 210 -26.08 -76.23 -112.86
C VAL I 210 -26.74 -76.78 -114.10
N GLY I 211 -25.96 -76.89 -115.16
CA GLY I 211 -26.53 -77.19 -116.47
C GLY I 211 -27.39 -76.04 -116.91
N THR I 212 -28.66 -76.33 -117.20
CA THR I 212 -29.59 -75.30 -117.63
C THR I 212 -30.39 -74.73 -116.48
N THR I 213 -30.16 -75.26 -115.28
CA THR I 213 -30.89 -74.84 -114.09
C THR I 213 -30.27 -73.63 -113.37
N LYS I 214 -31.04 -72.55 -113.24
CA LYS I 214 -30.58 -71.39 -112.48
C LYS I 214 -30.83 -71.65 -111.00
N VAL I 215 -29.84 -71.36 -110.16
CA VAL I 215 -30.01 -71.53 -108.73
C VAL I 215 -29.98 -70.17 -108.04
N TYR I 216 -31.14 -69.55 -107.90
CA TYR I 216 -31.24 -68.27 -107.25
C TYR I 216 -30.87 -68.44 -105.78
N ASN I 217 -30.04 -67.51 -105.28
CA ASN I 217 -29.68 -67.53 -103.87
C ASN I 217 -29.56 -66.14 -103.26
N LEU I 218 -29.63 -66.05 -101.95
CA LEU I 218 -29.66 -64.76 -101.29
C LEU I 218 -28.40 -63.92 -101.56
N ASN I 219 -27.22 -64.55 -101.53
CA ASN I 219 -25.99 -63.78 -101.72
C ASN I 219 -25.90 -63.09 -103.07
N SER I 220 -26.11 -63.82 -104.15
CA SER I 220 -26.08 -63.16 -105.46
C SER I 220 -27.19 -62.12 -105.54
N THR I 221 -28.34 -62.42 -104.95
CA THR I 221 -29.45 -61.47 -104.93
C THR I 221 -29.06 -60.16 -104.25
N LEU I 222 -28.38 -60.27 -103.10
CA LEU I 222 -27.91 -59.10 -102.38
C LEU I 222 -26.98 -58.26 -103.23
N VAL I 223 -25.97 -58.89 -103.82
CA VAL I 223 -25.00 -58.18 -104.65
C VAL I 223 -25.70 -57.45 -105.80
N SER I 224 -26.77 -58.04 -106.33
CA SER I 224 -27.47 -57.44 -107.45
C SER I 224 -28.18 -56.11 -107.07
N CYS I 225 -28.29 -55.85 -105.77
CA CYS I 225 -28.91 -54.62 -105.25
C CYS I 225 -28.03 -53.40 -105.41
N VAL I 226 -26.84 -53.62 -105.96
CA VAL I 226 -25.84 -52.61 -106.14
C VAL I 226 -25.39 -52.65 -107.60
N LEU I 227 -24.78 -51.57 -108.11
CA LEU I 227 -24.36 -51.56 -109.50
C LEU I 227 -23.01 -52.20 -109.65
N GLY I 228 -22.19 -52.10 -108.60
CA GLY I 228 -20.86 -52.67 -108.61
C GLY I 228 -20.18 -52.43 -107.28
N MET I 229 -18.96 -52.95 -107.13
CA MET I 229 -18.25 -52.88 -105.87
C MET I 229 -16.75 -52.91 -106.08
N GLY I 230 -16.05 -52.19 -105.21
CA GLY I 230 -14.60 -52.22 -105.16
C GLY I 230 -14.22 -52.38 -103.70
N GLY I 231 -12.93 -52.58 -103.44
CA GLY I 231 -12.48 -52.72 -102.06
C GLY I 231 -11.66 -53.97 -101.88
N THR I 232 -11.65 -54.48 -100.66
CA THR I 232 -10.81 -55.64 -100.39
C THR I 232 -11.67 -56.84 -100.04
N VAL I 233 -11.40 -57.97 -100.71
CA VAL I 233 -12.08 -59.23 -100.43
C VAL I 233 -11.44 -59.93 -99.24
N ARG I 234 -12.19 -60.09 -98.14
CA ARG I 234 -11.69 -60.80 -96.96
C ARG I 234 -12.32 -62.17 -96.97
N GLY I 235 -11.50 -63.20 -96.94
CA GLY I 235 -12.01 -64.55 -96.98
C GLY I 235 -11.14 -65.57 -96.26
N ARG I 236 -11.51 -66.83 -96.40
CA ARG I 236 -10.74 -67.94 -95.85
C ARG I 236 -10.49 -68.94 -96.96
N VAL I 237 -9.30 -69.53 -96.95
CA VAL I 237 -8.94 -70.59 -97.87
C VAL I 237 -8.77 -71.90 -97.12
N HIS I 238 -9.42 -72.95 -97.60
CA HIS I 238 -9.20 -74.27 -97.03
C HIS I 238 -8.49 -75.17 -98.02
N ILE I 239 -7.41 -75.81 -97.58
CA ILE I 239 -6.72 -76.76 -98.42
C ILE I 239 -7.17 -78.16 -98.03
N CYS I 240 -7.92 -78.79 -98.92
CA CYS I 240 -8.65 -80.01 -98.62
C CYS I 240 -7.98 -81.28 -99.16
N ALA I 241 -6.81 -81.56 -98.63
CA ALA I 241 -6.05 -82.73 -99.03
C ALA I 241 -5.38 -83.39 -97.81
N PRO I 242 -4.87 -84.62 -98.00
CA PRO I 242 -4.11 -85.32 -96.95
C PRO I 242 -2.87 -84.54 -96.49
N ILE I 243 -2.39 -84.73 -95.26
CA ILE I 243 -1.17 -84.05 -94.77
C ILE I 243 0.03 -84.19 -95.71
N PHE I 244 0.04 -85.26 -96.51
CA PHE I 244 1.18 -85.53 -97.37
C PHE I 244 1.10 -84.84 -98.74
N TYR I 245 0.00 -84.11 -98.96
CA TYR I 245 -0.12 -83.18 -100.08
C TYR I 245 0.25 -81.80 -99.57
N SER I 246 0.82 -80.98 -100.45
CA SER I 246 1.08 -79.60 -100.05
C SER I 246 1.30 -78.70 -101.27
N ILE I 247 1.05 -77.42 -101.06
CA ILE I 247 1.05 -76.48 -102.16
C ILE I 247 1.39 -75.10 -101.66
N VAL I 248 1.87 -74.24 -102.57
CA VAL I 248 2.05 -72.83 -102.28
C VAL I 248 1.37 -71.99 -103.34
N LEU I 249 0.49 -71.09 -102.92
CA LEU I 249 -0.30 -70.27 -103.84
C LEU I 249 0.05 -68.78 -103.76
N TRP I 250 0.06 -68.14 -104.92
CA TRP I 250 0.10 -66.69 -105.00
C TRP I 250 -1.32 -66.29 -105.35
N VAL I 251 -1.97 -65.55 -104.46
CA VAL I 251 -3.35 -65.16 -104.67
C VAL I 251 -3.46 -63.67 -104.94
N VAL I 252 -3.95 -63.31 -106.11
CA VAL I 252 -3.99 -61.90 -106.53
C VAL I 252 -5.19 -61.57 -107.40
N SER I 253 -5.56 -60.29 -107.44
CA SER I 253 -6.66 -59.86 -108.30
C SER I 253 -6.19 -59.29 -109.65
N GLU I 254 -6.85 -59.67 -110.73
CA GLU I 254 -6.51 -59.15 -112.05
C GLU I 254 -7.73 -58.71 -112.85
N TRP I 255 -7.51 -57.82 -113.81
CA TRP I 255 -8.60 -57.26 -114.60
C TRP I 255 -8.52 -57.71 -116.06
N ASN I 256 -9.64 -58.19 -116.58
CA ASN I 256 -9.75 -58.56 -117.98
C ASN I 256 -8.59 -59.40 -118.51
N GLY I 257 -8.56 -60.66 -118.15
CA GLY I 257 -7.48 -61.51 -118.58
C GLY I 257 -6.43 -61.56 -117.49
N THR I 258 -5.31 -62.18 -117.81
CA THR I 258 -4.21 -62.28 -116.85
C THR I 258 -2.94 -61.91 -117.57
N THR I 259 -1.94 -61.48 -116.83
CA THR I 259 -0.65 -61.20 -117.43
C THR I 259 0.06 -62.51 -117.71
N MET I 260 0.92 -62.49 -118.73
CA MET I 260 1.64 -63.69 -119.14
C MET I 260 3.07 -63.63 -118.63
N ASP I 261 3.42 -62.50 -118.03
CA ASP I 261 4.77 -62.23 -117.56
C ASP I 261 4.88 -62.44 -116.05
N TRP I 262 5.56 -63.51 -115.66
CA TRP I 262 5.75 -63.85 -114.25
C TRP I 262 6.29 -62.68 -113.41
N ASN I 263 7.11 -61.82 -114.01
CA ASN I 263 7.68 -60.73 -113.24
C ASN I 263 6.68 -59.63 -113.00
N GLU I 264 5.80 -59.40 -113.97
CA GLU I 264 4.75 -58.42 -113.77
C GLU I 264 3.79 -58.93 -112.67
N LEU I 265 3.48 -60.23 -112.74
CA LEU I 265 2.56 -60.87 -111.81
C LEU I 265 2.93 -60.61 -110.36
N PHE I 266 4.23 -60.60 -110.07
CA PHE I 266 4.68 -60.44 -108.69
C PHE I 266 4.94 -59.00 -108.31
N LYS I 267 4.65 -58.08 -109.23
CA LYS I 267 4.65 -56.66 -108.87
C LYS I 267 3.26 -56.24 -108.41
N TYR I 268 2.27 -57.14 -108.55
CA TYR I 268 0.90 -56.89 -108.09
C TYR I 268 0.82 -57.11 -106.59
N PRO I 269 -0.18 -56.51 -105.94
CA PRO I 269 -0.42 -56.71 -104.51
C PRO I 269 -1.22 -57.97 -104.20
N GLY I 270 -0.51 -59.10 -104.11
CA GLY I 270 -1.12 -60.36 -103.73
C GLY I 270 -0.67 -60.87 -102.38
N VAL I 271 -1.10 -62.09 -102.04
CA VAL I 271 -0.70 -62.74 -100.82
C VAL I 271 -0.30 -64.19 -101.09
N TYR I 272 0.54 -64.76 -100.23
CA TYR I 272 0.89 -66.18 -100.36
C TYR I 272 0.00 -67.03 -99.44
N VAL I 273 -0.37 -68.20 -99.92
CA VAL I 273 -1.16 -69.12 -99.11
C VAL I 273 -0.46 -70.47 -99.12
N GLU I 274 -0.06 -70.93 -97.95
CA GLU I 274 0.65 -72.20 -97.82
C GLU I 274 -0.25 -73.20 -97.11
N GLU I 275 -1.29 -72.69 -96.44
CA GLU I 275 -2.10 -73.52 -95.57
C GLU I 275 -3.44 -72.89 -95.25
N ASP I 276 -4.35 -73.68 -94.68
CA ASP I 276 -5.64 -73.17 -94.17
C ASP I 276 -5.40 -71.81 -93.52
N GLY I 277 -6.25 -70.84 -93.81
CA GLY I 277 -6.12 -69.53 -93.20
C GLY I 277 -7.00 -68.47 -93.86
N SER I 278 -7.00 -67.26 -93.31
CA SER I 278 -7.73 -66.16 -93.95
C SER I 278 -6.80 -65.39 -94.89
N PHE I 279 -7.39 -64.53 -95.73
CA PHE I 279 -6.66 -63.74 -96.73
C PHE I 279 -7.40 -62.44 -97.02
N GLU I 280 -6.67 -61.39 -97.40
CA GLU I 280 -7.29 -60.18 -97.88
C GLU I 280 -6.64 -59.81 -99.21
N VAL I 281 -7.44 -59.66 -100.26
CA VAL I 281 -6.90 -59.23 -101.54
C VAL I 281 -7.72 -58.05 -102.06
N LYS I 282 -7.02 -57.03 -102.56
CA LYS I 282 -7.66 -55.84 -103.12
C LYS I 282 -8.24 -56.16 -104.48
N ILE I 283 -9.49 -55.74 -104.69
CA ILE I 283 -10.14 -55.90 -105.99
C ILE I 283 -9.51 -54.92 -106.97
N ARG I 284 -8.86 -55.47 -107.98
CA ARG I 284 -8.09 -54.66 -108.92
C ARG I 284 -8.88 -54.33 -110.19
N SER I 285 -9.04 -53.05 -110.50
CA SER I 285 -9.84 -52.64 -111.66
C SER I 285 -9.52 -51.22 -112.08
N PRO I 286 -9.59 -50.95 -113.40
CA PRO I 286 -9.36 -49.62 -113.99
C PRO I 286 -10.31 -48.58 -113.40
N TYR I 287 -11.44 -49.06 -112.85
CA TYR I 287 -12.49 -48.21 -112.30
C TYR I 287 -12.58 -48.35 -110.80
N HIS I 288 -11.67 -49.15 -110.26
CA HIS I 288 -11.59 -49.42 -108.82
C HIS I 288 -12.74 -50.28 -108.32
N ARG I 289 -13.73 -50.51 -109.19
CA ARG I 289 -14.86 -51.35 -108.85
C ARG I 289 -15.07 -52.31 -110.01
N THR I 290 -15.68 -53.46 -109.72
CA THR I 290 -16.12 -54.40 -110.77
C THR I 290 -17.66 -54.44 -110.75
N PRO I 291 -18.28 -54.57 -111.94
CA PRO I 291 -19.74 -54.53 -112.02
C PRO I 291 -20.35 -55.72 -111.34
N ALA I 292 -21.54 -55.52 -110.77
CA ALA I 292 -22.29 -56.53 -110.03
C ALA I 292 -22.83 -57.67 -110.91
N ARG I 293 -23.25 -57.35 -112.13
CA ARG I 293 -23.72 -58.38 -113.06
C ARG I 293 -23.18 -58.15 -114.46
N LEU I 294 -23.33 -59.15 -115.32
CA LEU I 294 -22.81 -59.03 -116.68
C LEU I 294 -23.83 -58.52 -117.69
N LEU I 295 -23.33 -57.81 -118.70
CA LEU I 295 -24.13 -57.49 -119.88
C LEU I 295 -24.01 -58.61 -120.91
N ALA I 296 -24.96 -58.68 -121.83
CA ALA I 296 -24.99 -59.74 -122.82
C ALA I 296 -23.64 -59.91 -123.52
N GLY I 297 -23.12 -61.13 -123.53
CA GLY I 297 -21.88 -61.42 -124.20
C GLY I 297 -20.61 -61.08 -123.43
N GLN I 298 -20.74 -60.50 -122.25
CA GLN I 298 -19.58 -60.33 -121.38
C GLN I 298 -19.32 -61.61 -120.57
N SER I 299 -18.04 -61.88 -120.34
CA SER I 299 -17.61 -63.03 -119.55
C SER I 299 -17.22 -62.52 -118.17
N GLN I 300 -17.34 -63.35 -117.14
CA GLN I 300 -16.93 -62.92 -115.82
C GLN I 300 -15.43 -62.55 -115.79
N ARG I 301 -14.64 -63.24 -116.59
CA ARG I 301 -13.19 -63.00 -116.65
C ARG I 301 -12.81 -61.65 -117.23
N ASP I 302 -13.68 -61.08 -118.07
CA ASP I 302 -13.50 -59.74 -118.62
C ASP I 302 -13.36 -58.68 -117.53
N MET I 303 -13.97 -58.92 -116.37
CA MET I 303 -13.92 -57.98 -115.26
C MET I 303 -12.83 -58.30 -114.23
N SER I 304 -13.13 -57.96 -112.97
CA SER I 304 -12.20 -58.24 -111.91
C SER I 304 -12.35 -59.68 -111.40
N SER I 305 -11.25 -60.40 -111.30
CA SER I 305 -11.26 -61.78 -110.79
C SER I 305 -10.27 -62.00 -109.66
N LEU I 306 -10.54 -63.01 -108.85
CA LEU I 306 -9.65 -63.41 -107.76
C LEU I 306 -8.87 -64.62 -108.29
N ASN I 307 -7.58 -64.43 -108.56
CA ASN I 307 -6.77 -65.47 -109.22
C ASN I 307 -5.87 -66.28 -108.29
N PHE I 308 -5.91 -67.60 -108.44
CA PHE I 308 -5.13 -68.48 -107.61
C PHE I 308 -4.05 -69.12 -108.46
N TYR I 309 -2.81 -68.66 -108.26
CA TYR I 309 -1.64 -69.16 -108.97
C TYR I 309 -0.87 -70.18 -108.13
N ALA I 310 -0.79 -71.41 -108.61
CA ALA I 310 0.07 -72.39 -107.95
C ALA I 310 1.49 -72.12 -108.40
N ILE I 311 2.32 -71.62 -107.48
CA ILE I 311 3.72 -71.27 -107.82
C ILE I 311 4.75 -72.31 -107.36
N ALA I 312 4.36 -73.17 -106.42
CA ALA I 312 5.16 -74.33 -106.03
C ALA I 312 4.26 -75.51 -105.66
N GLY I 313 4.27 -76.55 -106.51
CA GLY I 313 3.37 -77.66 -106.30
C GLY I 313 2.09 -77.50 -107.09
N PRO I 314 1.06 -78.27 -106.73
CA PRO I 314 1.06 -79.18 -105.58
C PRO I 314 2.05 -80.34 -105.74
N ILE I 315 2.52 -80.86 -104.61
CA ILE I 315 3.30 -82.10 -104.61
C ILE I 315 2.65 -83.17 -103.73
N ALA I 316 2.90 -84.42 -104.05
CA ALA I 316 2.47 -85.54 -103.22
C ALA I 316 3.40 -86.70 -103.51
N PRO I 317 3.45 -87.68 -102.60
CA PRO I 317 4.29 -88.87 -102.79
C PRO I 317 3.73 -89.68 -103.97
N SER I 318 4.54 -90.53 -104.58
CA SER I 318 3.97 -91.38 -105.63
C SER I 318 3.31 -92.52 -104.89
N GLY I 319 2.27 -93.10 -105.47
CA GLY I 319 1.70 -92.64 -106.70
C GLY I 319 0.30 -92.17 -106.36
N GLU I 320 0.22 -90.92 -105.95
CA GLU I 320 -1.05 -90.29 -105.72
C GLU I 320 -1.49 -89.71 -107.05
N THR I 321 -2.80 -89.62 -107.25
CA THR I 321 -3.33 -89.17 -108.54
C THR I 321 -4.37 -88.09 -108.37
N ALA I 322 -4.99 -88.07 -107.20
CA ALA I 322 -6.01 -87.08 -106.88
C ALA I 322 -5.53 -85.63 -107.08
N GLN I 323 -6.46 -84.78 -107.51
CA GLN I 323 -6.15 -83.37 -107.60
C GLN I 323 -6.19 -82.77 -106.20
N LEU I 324 -5.50 -81.64 -106.00
CA LEU I 324 -5.55 -80.94 -104.73
C LEU I 324 -6.61 -79.86 -104.79
N PRO I 325 -7.67 -80.00 -103.96
CA PRO I 325 -8.78 -79.04 -103.96
C PRO I 325 -8.56 -77.88 -102.98
N ILE I 326 -8.99 -76.69 -103.40
CA ILE I 326 -8.98 -75.46 -102.60
C ILE I 326 -10.44 -75.00 -102.47
N VAL I 327 -10.94 -74.84 -101.24
CA VAL I 327 -12.28 -74.30 -101.06
C VAL I 327 -12.17 -72.87 -100.54
N VAL I 328 -12.71 -71.92 -101.31
CA VAL I 328 -12.65 -70.52 -100.89
C VAL I 328 -13.96 -70.03 -100.29
N GLN I 329 -13.87 -69.36 -99.14
CA GLN I 329 -15.03 -68.69 -98.55
C GLN I 329 -14.86 -67.18 -98.53
N ILE I 330 -15.87 -66.44 -98.96
CA ILE I 330 -15.78 -64.99 -98.97
C ILE I 330 -16.62 -64.43 -97.83
N ASP I 331 -15.98 -63.67 -96.96
CA ASP I 331 -16.64 -63.25 -95.73
C ASP I 331 -17.20 -61.85 -95.85
N GLU I 332 -16.40 -60.94 -96.39
CA GLU I 332 -16.90 -59.60 -96.64
C GLU I 332 -16.02 -58.79 -97.58
N ILE I 333 -16.59 -57.72 -98.10
CA ILE I 333 -15.80 -56.69 -98.75
C ILE I 333 -15.47 -55.63 -97.69
N VAL I 334 -14.19 -55.59 -97.28
CA VAL I 334 -13.77 -54.64 -96.26
C VAL I 334 -13.34 -53.36 -96.95
N ARG I 335 -13.53 -52.23 -96.26
CA ARG I 335 -13.16 -50.94 -96.82
C ARG I 335 -13.81 -50.84 -98.20
N PRO I 336 -15.15 -50.99 -98.24
CA PRO I 336 -15.87 -51.12 -99.50
C PRO I 336 -16.00 -49.81 -100.27
N ASP I 337 -15.82 -49.89 -101.58
CA ASP I 337 -16.12 -48.77 -102.45
C ASP I 337 -17.35 -49.15 -103.28
N LEU I 338 -18.53 -48.81 -102.79
CA LEU I 338 -19.74 -49.26 -103.47
C LEU I 338 -20.22 -48.29 -104.54
N SER I 339 -20.91 -48.82 -105.55
CA SER I 339 -21.60 -47.99 -106.53
C SER I 339 -22.92 -47.53 -105.95
N LEU I 340 -23.66 -46.78 -106.75
CA LEU I 340 -25.04 -46.48 -106.40
C LEU I 340 -25.78 -47.77 -106.20
N PRO I 341 -26.83 -47.75 -105.37
CA PRO I 341 -27.75 -48.88 -105.35
C PRO I 341 -28.33 -49.03 -106.76
N SER I 342 -28.62 -50.25 -107.19
CA SER I 342 -29.18 -50.44 -108.52
C SER I 342 -30.64 -49.97 -108.59
N PHE I 343 -31.37 -50.09 -107.46
CA PHE I 343 -32.72 -49.57 -107.40
C PHE I 343 -32.91 -48.49 -106.33
N GLU I 344 -33.80 -47.54 -106.60
CA GLU I 344 -34.12 -46.52 -105.61
C GLU I 344 -35.38 -46.93 -104.86
N ASP I 345 -35.80 -46.12 -103.89
CA ASP I 345 -37.01 -46.45 -103.15
C ASP I 345 -38.22 -46.07 -104.01
N ASP I 346 -38.50 -46.93 -104.97
CA ASP I 346 -39.45 -46.61 -106.00
C ASP I 346 -40.23 -47.87 -106.33
N TYR I 347 -41.18 -47.74 -107.25
CA TYR I 347 -41.95 -48.86 -107.73
C TYR I 347 -41.09 -49.66 -108.68
N PHE I 348 -41.46 -50.91 -108.89
CA PHE I 348 -40.82 -51.74 -109.92
C PHE I 348 -41.88 -52.69 -110.49
N VAL I 349 -41.57 -53.29 -111.63
CA VAL I 349 -42.57 -54.06 -112.35
C VAL I 349 -42.83 -55.39 -111.68
N TRP I 350 -44.12 -55.64 -111.40
CA TRP I 350 -44.54 -56.95 -110.92
C TRP I 350 -44.96 -57.82 -112.11
N VAL I 351 -45.90 -57.33 -112.90
CA VAL I 351 -46.43 -58.12 -114.02
C VAL I 351 -47.07 -57.26 -115.10
N ASP I 352 -46.92 -57.67 -116.37
CA ASP I 352 -47.68 -57.10 -117.48
C ASP I 352 -48.66 -58.12 -118.02
N PHE I 353 -49.93 -57.75 -118.14
CA PHE I 353 -50.91 -58.58 -118.87
C PHE I 353 -51.20 -57.95 -120.22
N SER I 354 -51.24 -58.77 -121.26
CA SER I 354 -51.39 -58.28 -122.63
C SER I 354 -52.06 -59.34 -123.49
N GLU I 355 -52.41 -58.97 -124.71
CA GLU I 355 -52.91 -59.94 -125.69
C GLU I 355 -54.12 -60.72 -125.13
N PHE I 356 -55.12 -59.98 -124.66
CA PHE I 356 -56.31 -60.60 -124.08
C PHE I 356 -57.18 -61.23 -125.15
N THR I 357 -57.71 -62.41 -124.88
CA THR I 357 -58.50 -63.12 -125.89
C THR I 357 -59.99 -63.05 -125.58
N LEU I 358 -60.31 -62.86 -124.31
CA LEU I 358 -61.70 -62.72 -123.88
C LEU I 358 -61.92 -61.32 -123.30
N ASP I 359 -63.12 -60.80 -123.48
CA ASP I 359 -63.45 -59.51 -122.90
C ASP I 359 -63.62 -59.63 -121.38
N LYS I 360 -64.15 -60.75 -120.90
CA LYS I 360 -64.23 -61.00 -119.46
C LYS I 360 -62.99 -61.75 -118.96
N GLU I 361 -62.19 -61.07 -118.14
CA GLU I 361 -60.97 -61.67 -117.58
C GLU I 361 -60.95 -61.36 -116.09
N GLU I 362 -60.59 -62.35 -115.26
CA GLU I 362 -60.48 -62.11 -113.82
C GLU I 362 -59.22 -62.73 -113.25
N ILE I 363 -58.31 -61.86 -112.82
CA ILE I 363 -57.02 -62.27 -112.30
C ILE I 363 -57.08 -62.32 -110.77
N GLU I 364 -57.02 -63.52 -110.19
CA GLU I 364 -56.99 -63.66 -108.73
C GLU I 364 -55.57 -63.50 -108.16
N ILE I 365 -55.47 -62.62 -107.17
CA ILE I 365 -54.22 -62.35 -106.51
C ILE I 365 -54.26 -62.93 -105.10
N GLY I 366 -55.36 -62.67 -104.40
CA GLY I 366 -55.54 -63.13 -103.03
C GLY I 366 -54.68 -62.34 -102.05
N SER I 367 -53.77 -63.05 -101.39
CA SER I 367 -52.88 -62.38 -100.45
C SER I 367 -51.42 -62.68 -100.77
N ARG I 368 -51.14 -63.11 -102.01
CA ARG I 368 -49.81 -63.57 -102.39
C ARG I 368 -49.10 -62.65 -103.38
N PHE I 369 -47.78 -62.65 -103.32
CA PHE I 369 -46.97 -62.08 -104.38
C PHE I 369 -46.32 -63.28 -105.08
N PHE I 370 -46.59 -63.45 -106.35
CA PHE I 370 -46.21 -64.70 -107.02
C PHE I 370 -46.20 -64.56 -108.55
N ASP I 371 -45.88 -65.67 -109.23
CA ASP I 371 -45.90 -65.70 -110.70
C ASP I 371 -47.28 -66.11 -111.25
N PHE I 372 -47.83 -65.28 -112.14
CA PHE I 372 -49.16 -65.53 -112.72
C PHE I 372 -49.07 -66.47 -113.91
N THR I 373 -50.15 -67.17 -114.19
CA THR I 373 -50.27 -67.92 -115.44
C THR I 373 -51.68 -67.71 -115.99
N SER I 374 -51.82 -67.68 -117.31
CA SER I 374 -53.14 -67.54 -117.93
C SER I 374 -53.25 -68.30 -119.23
N ASN I 375 -54.43 -68.87 -119.47
CA ASN I 375 -54.74 -69.55 -120.71
C ASN I 375 -55.38 -68.59 -121.70
N THR I 376 -55.84 -67.47 -121.17
CA THR I 376 -56.64 -66.54 -121.94
C THR I 376 -55.92 -65.23 -122.27
N CYS I 377 -54.72 -65.04 -121.69
CA CYS I 377 -53.91 -63.86 -122.01
C CYS I 377 -52.43 -64.09 -121.76
N ARG I 378 -51.62 -63.13 -122.22
CA ARG I 378 -50.18 -63.25 -122.08
C ARG I 378 -49.67 -62.63 -120.78
N VAL I 379 -49.04 -63.46 -119.95
CA VAL I 379 -48.43 -62.96 -118.73
C VAL I 379 -46.93 -62.73 -118.92
N SER I 380 -46.43 -61.55 -118.54
CA SER I 380 -44.98 -61.27 -118.55
C SER I 380 -44.56 -60.84 -117.16
N MET I 381 -43.82 -61.69 -116.47
CA MET I 381 -43.46 -61.40 -115.10
C MET I 381 -42.19 -60.53 -115.01
N GLY I 382 -42.12 -59.66 -114.01
CA GLY I 382 -40.94 -58.85 -113.80
C GLY I 382 -39.84 -59.64 -113.10
N GLU I 383 -38.59 -59.33 -113.42
CA GLU I 383 -37.45 -59.89 -112.68
C GLU I 383 -36.65 -58.77 -112.03
N ASN I 384 -36.60 -58.79 -110.69
CA ASN I 384 -35.88 -57.78 -109.90
C ASN I 384 -35.47 -58.35 -108.55
N PRO I 385 -34.61 -57.62 -107.81
CA PRO I 385 -34.16 -58.15 -106.51
C PRO I 385 -35.28 -58.47 -105.54
N PHE I 386 -36.34 -57.67 -105.51
CA PHE I 386 -37.44 -58.00 -104.60
C PHE I 386 -38.02 -59.40 -104.89
N ALA I 387 -38.32 -59.67 -106.15
CA ALA I 387 -38.86 -60.97 -106.52
C ALA I 387 -37.90 -62.10 -106.14
N ALA I 388 -36.60 -61.88 -106.32
CA ALA I 388 -35.60 -62.87 -105.94
C ALA I 388 -35.58 -63.07 -104.44
N MET I 389 -35.71 -61.99 -103.67
CA MET I 389 -35.74 -62.11 -102.22
C MET I 389 -36.95 -62.92 -101.78
N ILE I 390 -38.09 -62.73 -102.46
CA ILE I 390 -39.27 -63.53 -102.17
C ILE I 390 -39.01 -65.03 -102.39
N ALA I 391 -38.25 -65.32 -103.43
CA ALA I 391 -37.91 -66.68 -103.81
C ALA I 391 -36.86 -67.31 -102.94
N CYS I 392 -36.03 -66.48 -102.30
CA CYS I 392 -34.88 -66.97 -101.54
C CYS I 392 -35.10 -66.99 -100.04
N HIS I 393 -36.37 -66.92 -99.63
CA HIS I 393 -36.73 -67.08 -98.24
C HIS I 393 -37.91 -68.00 -98.10
N GLY I 394 -37.96 -68.70 -96.97
CA GLY I 394 -39.01 -69.65 -96.68
C GLY I 394 -40.33 -68.93 -96.50
N LEU I 395 -40.30 -67.81 -95.77
CA LEU I 395 -41.51 -67.01 -95.48
C LEU I 395 -41.27 -65.51 -95.68
N HIS I 396 -42.34 -64.79 -96.00
CA HIS I 396 -42.25 -63.35 -96.10
C HIS I 396 -43.57 -62.74 -95.66
N SER I 397 -43.55 -61.44 -95.39
CA SER I 397 -44.76 -60.73 -95.01
C SER I 397 -44.58 -59.24 -95.13
N GLY I 398 -45.61 -58.55 -95.61
CA GLY I 398 -45.56 -57.11 -95.72
C GLY I 398 -46.71 -56.50 -96.50
N VAL I 399 -46.59 -55.21 -96.81
CA VAL I 399 -47.60 -54.58 -97.60
C VAL I 399 -47.00 -53.96 -98.86
N LEU I 400 -47.65 -54.22 -100.01
CA LEU I 400 -47.23 -53.67 -101.28
C LEU I 400 -48.19 -52.59 -101.74
N ASP I 401 -47.63 -51.45 -102.09
CA ASP I 401 -48.44 -50.43 -102.77
C ASP I 401 -48.42 -50.74 -104.26
N LEU I 402 -49.61 -50.80 -104.87
CA LEU I 402 -49.69 -51.07 -106.31
C LEU I 402 -50.05 -49.82 -107.15
N LYS I 403 -49.42 -49.72 -108.31
CA LYS I 403 -49.83 -48.76 -109.34
C LYS I 403 -50.26 -49.59 -110.54
N LEU I 404 -51.48 -49.39 -111.02
CA LEU I 404 -51.94 -50.01 -112.25
C LEU I 404 -51.92 -48.97 -113.37
N GLN I 405 -51.37 -49.34 -114.52
CA GLN I 405 -51.39 -48.49 -115.71
C GLN I 405 -51.85 -49.30 -116.89
N TRP I 406 -52.62 -48.70 -117.78
CA TRP I 406 -53.05 -49.41 -118.99
C TRP I 406 -53.24 -48.47 -120.19
N SER I 407 -53.03 -49.02 -121.40
CA SER I 407 -53.25 -48.28 -122.64
C SER I 407 -54.35 -48.99 -123.42
N LEU I 408 -55.02 -48.25 -124.31
CA LEU I 408 -56.16 -48.82 -125.04
C LEU I 408 -55.77 -49.48 -126.35
N ASN I 409 -56.53 -50.51 -126.70
CA ASN I 409 -56.34 -51.22 -127.96
C ASN I 409 -57.31 -50.71 -129.01
N THR I 410 -58.50 -50.31 -128.57
CA THR I 410 -59.51 -49.72 -129.43
C THR I 410 -59.46 -48.18 -129.41
N GLU I 411 -60.28 -47.53 -130.22
CA GLU I 411 -60.32 -46.07 -130.24
C GLU I 411 -60.87 -45.52 -128.92
N PHE I 412 -60.25 -44.45 -128.44
CA PHE I 412 -60.60 -43.89 -127.16
C PHE I 412 -62.07 -43.56 -127.08
N GLY I 413 -62.60 -43.01 -128.17
CA GLY I 413 -63.98 -42.56 -128.20
C GLY I 413 -64.98 -43.71 -128.10
N LYS I 414 -64.53 -44.92 -128.38
CA LYS I 414 -65.42 -46.08 -128.39
C LYS I 414 -65.38 -46.82 -127.07
N SER I 415 -64.45 -46.41 -126.21
CA SER I 415 -64.14 -47.17 -125.00
C SER I 415 -65.28 -47.21 -123.97
N SER I 416 -65.36 -48.31 -123.24
CA SER I 416 -66.32 -48.45 -122.17
C SER I 416 -65.75 -49.44 -121.16
N GLY I 417 -66.44 -49.59 -120.03
CA GLY I 417 -66.04 -50.57 -119.04
C GLY I 417 -65.01 -50.07 -118.04
N SER I 418 -64.32 -51.01 -117.41
CA SER I 418 -63.51 -50.73 -116.22
C SER I 418 -62.42 -51.77 -115.90
N VAL I 419 -61.40 -51.29 -115.21
CA VAL I 419 -60.49 -52.13 -114.43
C VAL I 419 -61.04 -52.07 -113.00
N THR I 420 -61.52 -53.19 -112.49
CA THR I 420 -62.10 -53.21 -111.15
C THR I 420 -61.22 -53.99 -110.21
N ILE I 421 -60.93 -53.41 -109.04
CA ILE I 421 -60.15 -54.10 -108.02
C ILE I 421 -61.08 -54.59 -106.93
N THR I 422 -61.31 -55.89 -106.87
CA THR I 422 -62.13 -56.45 -105.82
C THR I 422 -61.28 -56.69 -104.58
N LYS I 423 -61.69 -56.13 -103.46
CA LYS I 423 -61.00 -56.34 -102.20
C LYS I 423 -61.94 -56.99 -101.18
N LEU I 424 -61.59 -58.19 -100.75
CA LEU I 424 -62.39 -58.92 -99.78
C LEU I 424 -61.58 -59.26 -98.54
N VAL I 425 -62.28 -59.75 -97.52
CA VAL I 425 -61.65 -60.46 -96.41
C VAL I 425 -62.29 -61.84 -96.37
N GLY I 426 -61.49 -62.86 -96.60
CA GLY I 426 -62.02 -64.21 -96.70
C GLY I 426 -61.71 -64.79 -98.07
N ASP I 427 -62.75 -65.13 -98.81
CA ASP I 427 -62.60 -65.61 -100.18
C ASP I 427 -63.79 -65.17 -101.02
N LYS I 428 -63.75 -65.48 -102.31
CA LYS I 428 -64.80 -65.04 -103.23
C LYS I 428 -66.17 -65.53 -102.73
N ALA I 429 -66.20 -66.71 -102.10
CA ALA I 429 -67.45 -67.34 -101.73
C ALA I 429 -68.15 -66.81 -100.46
N MET I 430 -67.39 -66.51 -99.42
CA MET I 430 -67.97 -66.17 -98.13
C MET I 430 -67.37 -64.91 -97.51
N GLY I 431 -66.62 -64.18 -98.32
CA GLY I 431 -65.87 -63.02 -97.85
C GLY I 431 -66.66 -61.78 -97.47
N LEU I 432 -65.99 -60.86 -96.81
CA LEU I 432 -66.56 -59.58 -96.45
C LEU I 432 -66.02 -58.54 -97.43
N ASP I 433 -66.76 -57.46 -97.64
CA ASP I 433 -66.38 -56.48 -98.65
C ASP I 433 -65.55 -55.33 -98.10
N GLY I 434 -64.34 -55.19 -98.63
CA GLY I 434 -63.42 -54.13 -98.23
C GLY I 434 -63.44 -52.99 -99.19
N PRO I 435 -62.29 -52.33 -99.37
CA PRO I 435 -62.12 -51.15 -100.25
C PRO I 435 -61.97 -51.54 -101.72
N SER I 436 -62.96 -52.29 -102.24
CA SER I 436 -63.06 -52.58 -103.65
C SER I 436 -63.21 -51.27 -104.40
N HIS I 437 -62.90 -51.27 -105.67
CA HIS I 437 -62.62 -50.02 -106.33
C HIS I 437 -62.86 -50.19 -107.83
N VAL I 438 -63.67 -49.30 -108.41
CA VAL I 438 -63.97 -49.37 -109.83
C VAL I 438 -63.28 -48.25 -110.58
N PHE I 439 -62.33 -48.60 -111.43
CA PHE I 439 -61.67 -47.60 -112.25
C PHE I 439 -62.28 -47.64 -113.64
N ALA I 440 -63.04 -46.60 -114.01
CA ALA I 440 -63.52 -46.49 -115.38
C ALA I 440 -62.32 -46.63 -116.30
N ILE I 441 -62.45 -47.38 -117.40
CA ILE I 441 -61.30 -47.66 -118.25
C ILE I 441 -60.62 -46.39 -118.75
N GLN I 442 -61.38 -45.30 -118.84
CA GLN I 442 -60.82 -44.02 -119.32
C GLN I 442 -59.83 -43.35 -118.35
N LYS I 443 -59.83 -43.76 -117.08
CA LYS I 443 -58.86 -43.25 -116.11
C LYS I 443 -57.45 -43.62 -116.53
N LEU I 444 -57.29 -44.81 -117.10
CA LEU I 444 -56.02 -45.25 -117.68
C LEU I 444 -54.93 -45.52 -116.64
N GLU I 445 -55.33 -45.42 -115.37
CA GLU I 445 -54.46 -45.77 -114.24
C GLU I 445 -55.22 -45.80 -112.92
N GLY I 446 -54.65 -46.50 -111.95
CA GLY I 446 -55.27 -46.61 -110.64
C GLY I 446 -54.28 -47.12 -109.60
N THR I 447 -54.62 -46.98 -108.33
CA THR I 447 -53.74 -47.42 -107.25
C THR I 447 -54.51 -48.23 -106.22
N THR I 448 -53.79 -49.10 -105.52
CA THR I 448 -54.37 -49.87 -104.43
C THR I 448 -53.25 -50.46 -103.55
N GLU I 449 -53.60 -50.90 -102.35
CA GLU I 449 -52.63 -51.56 -101.49
C GLU I 449 -52.90 -53.05 -101.57
N LEU I 450 -51.87 -53.88 -101.36
CA LEU I 450 -52.06 -55.33 -101.24
C LEU I 450 -51.39 -55.87 -99.97
N LEU I 451 -52.15 -56.56 -99.14
CA LEU I 451 -51.55 -57.21 -97.98
C LEU I 451 -51.00 -58.54 -98.43
N VAL I 452 -49.68 -58.69 -98.31
CA VAL I 452 -49.02 -59.98 -98.56
C VAL I 452 -48.77 -60.64 -97.21
N GLY I 453 -49.68 -61.54 -96.84
CA GLY I 453 -49.66 -62.14 -95.52
C GLY I 453 -51.00 -62.79 -95.19
N ASN I 454 -51.23 -63.09 -93.91
CA ASN I 454 -52.45 -63.76 -93.49
C ASN I 454 -52.55 -63.79 -91.98
N PHE I 455 -53.60 -64.41 -91.44
CA PHE I 455 -53.81 -64.44 -89.99
C PHE I 455 -52.62 -65.02 -89.24
N ALA I 456 -51.94 -66.00 -89.83
CA ALA I 456 -50.78 -66.61 -89.17
C ALA I 456 -49.57 -65.68 -89.10
N GLY I 457 -49.41 -64.81 -90.09
CA GLY I 457 -48.42 -63.76 -90.05
C GLY I 457 -47.42 -63.70 -91.20
N ALA I 458 -47.38 -64.73 -92.03
CA ALA I 458 -46.39 -64.79 -93.11
C ALA I 458 -46.79 -65.78 -94.20
N ASN I 459 -46.28 -65.58 -95.42
CA ASN I 459 -46.61 -66.46 -96.53
C ASN I 459 -45.42 -67.31 -96.88
N PRO I 460 -45.66 -68.60 -97.18
CA PRO I 460 -44.64 -69.47 -97.77
C PRO I 460 -44.55 -69.12 -99.25
N ASN I 461 -43.50 -69.57 -99.91
CA ASN I 461 -43.34 -69.24 -101.33
C ASN I 461 -43.97 -70.34 -102.18
N THR I 462 -45.14 -70.81 -101.76
CA THR I 462 -45.87 -71.84 -102.46
C THR I 462 -47.35 -71.45 -102.40
N ARG I 463 -48.22 -72.29 -102.96
CA ARG I 463 -49.65 -72.09 -102.75
C ARG I 463 -49.97 -72.61 -101.35
N PHE I 464 -50.89 -71.92 -100.68
CA PHE I 464 -51.29 -72.26 -99.32
C PHE I 464 -52.72 -71.73 -99.16
N SER I 465 -53.43 -72.19 -98.15
CA SER I 465 -54.76 -71.67 -97.89
C SER I 465 -54.90 -71.22 -96.43
N LEU I 466 -54.70 -69.94 -96.19
CA LEU I 466 -54.85 -69.38 -94.85
C LEU I 466 -55.68 -68.09 -94.86
N TYR I 467 -56.76 -68.06 -94.08
CA TYR I 467 -57.62 -66.89 -93.99
C TYR I 467 -56.86 -65.55 -94.00
N SER I 468 -57.23 -64.67 -94.93
CA SER I 468 -56.60 -63.37 -95.03
C SER I 468 -57.47 -62.44 -95.87
N ARG I 469 -56.96 -61.24 -96.14
CA ARG I 469 -57.53 -60.36 -97.15
C ARG I 469 -57.32 -60.96 -98.54
N TRP I 470 -58.17 -60.56 -99.49
CA TRP I 470 -58.22 -61.24 -100.78
C TRP I 470 -58.46 -60.22 -101.87
N MET I 471 -57.64 -60.27 -102.92
CA MET I 471 -57.71 -59.27 -103.98
C MET I 471 -57.82 -59.91 -105.35
N ALA I 472 -58.52 -59.23 -106.24
CA ALA I 472 -58.66 -59.70 -107.62
C ALA I 472 -58.79 -58.52 -108.55
N ILE I 473 -58.26 -58.64 -109.77
CA ILE I 473 -58.43 -57.63 -110.79
C ILE I 473 -59.46 -58.16 -111.77
N LYS I 474 -60.50 -57.37 -112.05
CA LYS I 474 -61.61 -57.79 -112.95
C LYS I 474 -61.71 -56.88 -114.18
N LEU I 475 -61.46 -57.46 -115.35
CA LEU I 475 -61.61 -56.77 -116.61
C LEU I 475 -62.96 -57.15 -117.25
N ASP I 476 -63.71 -56.18 -117.76
CA ASP I 476 -64.97 -56.49 -118.47
C ASP I 476 -64.90 -56.20 -119.98
N GLN I 477 -63.85 -55.47 -120.37
CA GLN I 477 -63.64 -55.10 -121.76
C GLN I 477 -62.17 -55.29 -122.09
N ALA I 478 -61.64 -56.46 -121.73
CA ALA I 478 -60.21 -56.70 -121.74
C ALA I 478 -59.61 -56.59 -123.13
N LYS I 479 -60.41 -56.89 -124.15
CA LYS I 479 -59.92 -56.83 -125.52
C LYS I 479 -59.66 -55.38 -125.94
N SER I 480 -60.18 -54.43 -125.19
CA SER I 480 -59.94 -53.01 -125.43
C SER I 480 -58.64 -52.53 -124.78
N ILE I 481 -57.95 -53.44 -124.12
CA ILE I 481 -56.72 -53.07 -123.42
C ILE I 481 -55.49 -53.65 -124.12
N LYS I 482 -54.55 -52.78 -124.49
CA LYS I 482 -53.33 -53.25 -125.15
C LYS I 482 -52.35 -53.81 -124.12
N VAL I 483 -52.29 -53.19 -122.95
CA VAL I 483 -51.47 -53.71 -121.87
C VAL I 483 -51.98 -53.24 -120.50
N LEU I 484 -52.03 -54.16 -119.54
CA LEU I 484 -52.25 -53.80 -118.16
C LEU I 484 -50.96 -54.04 -117.40
N ARG I 485 -50.31 -52.97 -116.93
CA ARG I 485 -49.07 -53.11 -116.17
C ARG I 485 -49.35 -52.93 -114.67
N VAL I 486 -48.79 -53.81 -113.85
CA VAL I 486 -48.87 -53.67 -112.40
C VAL I 486 -47.48 -53.44 -111.79
N LEU I 487 -47.25 -52.25 -111.24
CA LEU I 487 -46.05 -51.95 -110.47
C LEU I 487 -46.33 -52.06 -108.98
N CYS I 488 -45.29 -52.41 -108.21
CA CYS I 488 -45.40 -52.44 -106.76
C CYS I 488 -44.20 -51.78 -106.07
N LYS I 489 -44.41 -51.35 -104.84
CA LYS I 489 -43.42 -50.66 -104.03
C LYS I 489 -43.68 -51.09 -102.58
N PRO I 490 -42.80 -51.96 -102.04
CA PRO I 490 -42.99 -52.47 -100.68
C PRO I 490 -42.94 -51.35 -99.65
N ARG I 491 -43.92 -51.33 -98.77
CA ARG I 491 -43.92 -50.42 -97.63
C ARG I 491 -42.83 -50.87 -96.66
N PRO I 492 -42.24 -49.89 -95.97
CA PRO I 492 -41.12 -50.13 -95.06
C PRO I 492 -41.47 -51.25 -94.11
N GLY I 493 -40.51 -52.15 -93.87
CA GLY I 493 -40.72 -53.23 -92.92
C GLY I 493 -41.16 -54.52 -93.58
N PHE I 494 -41.05 -54.60 -94.90
CA PHE I 494 -41.39 -55.86 -95.59
C PHE I 494 -40.37 -56.90 -95.18
N SER I 495 -40.84 -57.99 -94.60
CA SER I 495 -39.95 -58.91 -93.90
C SER I 495 -39.80 -60.28 -94.54
N PHE I 496 -38.59 -60.82 -94.42
CA PHE I 496 -38.27 -62.14 -94.95
C PHE I 496 -37.73 -63.03 -93.85
N TYR I 497 -38.17 -64.29 -93.84
CA TYR I 497 -37.77 -65.25 -92.82
C TYR I 497 -37.09 -66.47 -93.43
N GLY I 498 -35.93 -66.84 -92.87
CA GLY I 498 -35.24 -68.08 -93.23
C GLY I 498 -34.61 -68.11 -94.60
N ARG I 499 -33.36 -67.69 -94.70
CA ARG I 499 -32.69 -67.67 -96.00
C ARG I 499 -32.58 -69.07 -96.59
N THR I 500 -32.82 -69.16 -97.89
CA THR I 500 -32.75 -70.43 -98.62
C THR I 500 -32.44 -70.15 -100.11
N SER I 501 -32.73 -71.13 -100.96
CA SER I 501 -32.50 -70.95 -102.41
C SER I 501 -33.66 -71.44 -103.24
N PHE I 502 -33.56 -71.21 -104.55
CA PHE I 502 -34.68 -71.48 -105.44
C PHE I 502 -34.22 -71.85 -106.84
N PRO I 503 -34.07 -73.16 -107.09
CA PRO I 503 -33.68 -73.65 -108.41
C PRO I 503 -34.84 -73.65 -109.38
N VAL I 504 -34.60 -73.12 -110.58
CA VAL I 504 -35.57 -73.18 -111.69
C VAL I 504 -34.86 -73.59 -112.97
N GLY J 1 -87.67 -48.29 -55.38
CA GLY J 1 -88.82 -49.03 -54.90
C GLY J 1 -89.39 -49.93 -55.96
N LEU J 2 -90.32 -50.80 -55.59
CA LEU J 2 -90.93 -51.70 -56.55
C LEU J 2 -91.68 -50.87 -57.58
N ALA J 3 -91.31 -51.08 -58.85
CA ALA J 3 -91.82 -50.24 -59.92
C ALA J 3 -92.83 -50.95 -60.81
N GLY J 4 -92.67 -52.27 -60.94
CA GLY J 4 -93.58 -53.08 -61.73
C GLY J 4 -93.38 -54.55 -61.44
N ARG J 5 -94.32 -55.37 -61.86
CA ARG J 5 -94.22 -56.80 -61.62
C ARG J 5 -94.96 -57.61 -62.68
N GLY J 6 -94.70 -58.91 -62.69
CA GLY J 6 -95.26 -59.81 -63.67
C GLY J 6 -95.08 -61.25 -63.24
N VAL J 7 -95.71 -62.17 -63.95
CA VAL J 7 -95.65 -63.57 -63.55
C VAL J 7 -95.30 -64.47 -64.74
N ILE J 8 -94.37 -65.39 -64.52
CA ILE J 8 -94.04 -66.41 -65.51
C ILE J 8 -94.58 -67.77 -65.04
N TYR J 9 -95.28 -68.50 -65.90
CA TYR J 9 -95.73 -69.85 -65.50
C TYR J 9 -94.82 -70.96 -66.00
N ILE J 10 -94.42 -71.83 -65.09
CA ILE J 10 -93.62 -73.00 -65.41
C ILE J 10 -94.52 -74.25 -65.50
N PRO J 11 -94.43 -75.01 -66.60
CA PRO J 11 -95.15 -76.28 -66.67
C PRO J 11 -94.47 -77.31 -65.79
N LYS J 12 -95.21 -78.29 -65.30
CA LYS J 12 -94.61 -79.35 -64.50
C LYS J 12 -93.53 -80.14 -65.28
N ASP J 13 -93.73 -80.35 -66.58
CA ASP J 13 -92.65 -80.86 -67.42
C ASP J 13 -92.01 -79.74 -68.22
N CYS J 14 -90.97 -79.15 -67.66
CA CYS J 14 -90.34 -78.01 -68.30
C CYS J 14 -89.11 -78.51 -69.06
N GLN J 15 -89.27 -78.75 -70.35
CA GLN J 15 -88.24 -79.33 -71.20
C GLN J 15 -87.29 -78.24 -71.71
N ALA J 16 -86.12 -78.62 -72.21
CA ALA J 16 -85.23 -77.62 -72.83
C ALA J 16 -85.90 -76.93 -74.02
N ASN J 17 -85.57 -75.66 -74.21
CA ASN J 17 -86.04 -74.86 -75.33
C ASN J 17 -87.47 -74.39 -75.20
N ARG J 18 -88.12 -74.79 -74.11
CA ARG J 18 -89.48 -74.38 -73.80
C ARG J 18 -89.59 -72.86 -73.69
N TYR J 19 -90.57 -72.29 -74.38
CA TYR J 19 -90.87 -70.87 -74.22
C TYR J 19 -91.78 -70.70 -73.01
N LEU J 20 -91.41 -69.83 -72.08
CA LEU J 20 -92.18 -69.68 -70.85
C LEU J 20 -93.06 -68.42 -70.85
N GLY J 21 -92.64 -67.42 -71.60
CA GLY J 21 -93.41 -66.19 -71.70
C GLY J 21 -92.59 -64.94 -71.88
N THR J 22 -93.26 -63.84 -72.21
CA THR J 22 -92.57 -62.58 -72.35
C THR J 22 -93.26 -61.54 -71.48
N LEU J 23 -92.47 -60.75 -70.77
CA LEU J 23 -93.02 -59.64 -70.02
C LEU J 23 -92.65 -58.37 -70.75
N ASN J 24 -93.59 -57.45 -70.81
CA ASN J 24 -93.32 -56.16 -71.42
C ASN J 24 -92.92 -55.15 -70.33
N ILE J 25 -91.68 -54.68 -70.36
CA ILE J 25 -91.16 -53.87 -69.26
C ILE J 25 -92.02 -52.65 -68.97
N ARG J 26 -92.50 -51.97 -70.01
CA ARG J 26 -93.27 -50.79 -69.75
C ARG J 26 -94.68 -51.13 -69.22
N ASP J 27 -95.27 -52.20 -69.73
CA ASP J 27 -96.53 -52.70 -69.18
C ASP J 27 -96.43 -53.16 -67.71
N MET J 28 -95.31 -53.78 -67.33
CA MET J 28 -95.13 -54.15 -65.92
C MET J 28 -95.23 -52.92 -65.01
N ILE J 29 -94.65 -51.81 -65.45
CA ILE J 29 -94.66 -50.58 -64.66
C ILE J 29 -96.03 -49.90 -64.71
N SER J 30 -96.67 -49.88 -65.86
CA SER J 30 -97.95 -49.19 -66.02
C SER J 30 -99.16 -49.96 -65.46
N ASP J 31 -99.10 -51.28 -65.48
CA ASP J 31 -100.20 -52.09 -64.94
C ASP J 31 -100.15 -52.04 -63.42
N PHE J 32 -98.94 -51.86 -62.89
CA PHE J 32 -98.74 -51.80 -61.45
C PHE J 32 -99.24 -50.45 -60.93
N LYS J 33 -98.62 -49.36 -61.40
CA LYS J 33 -99.27 -48.05 -61.38
C LYS J 33 -99.61 -47.47 -60.01
N GLY J 34 -98.73 -47.56 -59.01
CA GLY J 34 -97.30 -47.57 -59.16
C GLY J 34 -96.89 -46.18 -58.65
N VAL J 35 -96.18 -46.08 -57.53
CA VAL J 35 -95.61 -44.79 -57.15
C VAL J 35 -94.59 -44.37 -58.20
N GLN J 36 -93.81 -45.33 -58.69
CA GLN J 36 -92.81 -45.03 -59.70
C GLN J 36 -93.46 -44.66 -61.03
N TYR J 37 -94.51 -45.40 -61.42
CA TYR J 37 -95.26 -45.06 -62.63
C TYR J 37 -95.73 -43.61 -62.60
N GLU J 38 -96.25 -43.18 -61.46
CA GLU J 38 -96.75 -41.82 -61.35
C GLU J 38 -95.62 -40.79 -61.38
N LYS J 39 -94.44 -41.14 -60.88
CA LYS J 39 -93.28 -40.24 -60.96
C LYS J 39 -92.86 -40.11 -62.40
N TRP J 40 -93.09 -41.18 -63.14
CA TRP J 40 -92.71 -41.27 -64.55
C TRP J 40 -93.51 -40.31 -65.38
N ILE J 41 -94.84 -40.32 -65.21
CA ILE J 41 -95.73 -39.39 -65.92
C ILE J 41 -95.26 -37.94 -65.81
N THR J 42 -94.70 -37.57 -64.66
CA THR J 42 -94.27 -36.19 -64.45
C THR J 42 -92.90 -35.94 -65.07
N ALA J 43 -92.05 -36.95 -65.02
CA ALA J 43 -90.74 -36.82 -65.63
C ALA J 43 -90.86 -36.70 -67.14
N GLY J 44 -91.80 -37.45 -67.71
CA GLY J 44 -91.89 -37.64 -69.15
C GLY J 44 -90.93 -38.70 -69.65
N LEU J 45 -89.63 -38.42 -69.52
CA LEU J 45 -88.57 -39.32 -69.95
C LEU J 45 -87.83 -39.90 -68.77
N VAL J 46 -87.59 -41.22 -68.79
CA VAL J 46 -86.75 -41.85 -67.77
C VAL J 46 -85.65 -42.73 -68.39
N MET J 47 -84.47 -42.77 -67.75
CA MET J 47 -83.36 -43.63 -68.18
C MET J 47 -82.94 -44.56 -67.03
N PRO J 48 -83.87 -45.42 -66.58
CA PRO J 48 -83.74 -46.08 -65.27
C PRO J 48 -82.50 -46.95 -65.13
N THR J 49 -82.09 -47.15 -63.90
CA THR J 49 -81.27 -48.30 -63.58
C THR J 49 -82.17 -49.26 -62.82
N PHE J 50 -82.54 -50.36 -63.48
CA PHE J 50 -83.41 -51.35 -62.88
C PHE J 50 -82.63 -52.39 -62.09
N LYS J 51 -83.21 -52.83 -60.99
CA LYS J 51 -82.82 -54.10 -60.39
C LYS J 51 -83.95 -55.06 -60.74
N ILE J 52 -83.62 -56.11 -61.47
CA ILE J 52 -84.60 -57.14 -61.76
C ILE J 52 -84.44 -58.25 -60.76
N VAL J 53 -85.55 -58.66 -60.17
CA VAL J 53 -85.52 -59.77 -59.22
C VAL J 53 -86.52 -60.85 -59.66
N ILE J 54 -86.04 -62.08 -59.79
CA ILE J 54 -86.92 -63.19 -60.09
C ILE J 54 -87.07 -64.07 -58.85
N ARG J 55 -88.28 -64.10 -58.31
CA ARG J 55 -88.55 -64.92 -57.15
C ARG J 55 -89.03 -66.30 -57.50
N LEU J 56 -88.44 -67.27 -56.83
CA LEU J 56 -88.15 -68.55 -57.44
C LEU J 56 -87.73 -69.46 -56.29
N PRO J 57 -88.46 -70.55 -56.06
CA PRO J 57 -88.08 -71.40 -54.93
C PRO J 57 -86.81 -72.21 -55.25
N ALA J 58 -85.78 -72.06 -54.42
CA ALA J 58 -84.52 -72.76 -54.68
C ALA J 58 -84.68 -74.26 -54.58
N ASN J 59 -84.09 -74.98 -55.52
CA ASN J 59 -84.19 -76.42 -55.50
C ASN J 59 -83.00 -77.06 -56.18
N ALA J 60 -82.33 -77.96 -55.48
CA ALA J 60 -81.15 -78.61 -56.04
C ALA J 60 -81.45 -79.95 -56.75
N PHE J 61 -82.73 -80.30 -56.86
CA PHE J 61 -83.10 -81.64 -57.31
C PHE J 61 -83.80 -81.68 -58.66
N THR J 62 -83.61 -80.63 -59.47
CA THR J 62 -84.32 -80.56 -60.74
C THR J 62 -83.38 -80.49 -61.95
N GLY J 63 -82.32 -79.69 -61.84
CA GLY J 63 -81.41 -79.51 -62.96
C GLY J 63 -81.82 -78.35 -63.86
N LEU J 64 -82.95 -77.74 -63.52
CA LEU J 64 -83.49 -76.64 -64.30
C LEU J 64 -82.57 -75.42 -64.36
N THR J 65 -82.34 -74.92 -65.58
CA THR J 65 -81.69 -73.63 -65.77
C THR J 65 -82.48 -72.83 -66.82
N TRP J 66 -82.79 -71.58 -66.49
CA TRP J 66 -83.58 -70.72 -67.37
C TRP J 66 -82.72 -69.58 -67.89
N VAL J 67 -83.16 -68.95 -68.96
CA VAL J 67 -82.50 -67.74 -69.46
C VAL J 67 -83.45 -66.55 -69.53
N MET J 68 -83.10 -65.46 -68.85
CA MET J 68 -83.80 -64.22 -69.04
C MET J 68 -83.08 -63.45 -70.12
N SER J 69 -83.77 -63.09 -71.20
CA SER J 69 -83.14 -62.37 -72.29
C SER J 69 -83.73 -60.97 -72.37
N PHE J 70 -82.86 -59.96 -72.33
CA PHE J 70 -83.29 -58.56 -72.44
C PHE J 70 -83.31 -58.12 -73.90
N ASP J 71 -84.52 -58.02 -74.44
CA ASP J 71 -84.70 -57.73 -75.86
C ASP J 71 -85.33 -56.35 -76.01
N ALA J 72 -84.53 -55.31 -75.86
CA ALA J 72 -85.10 -53.96 -75.80
C ALA J 72 -85.73 -53.55 -77.12
N TYR J 73 -85.28 -54.18 -78.21
CA TYR J 73 -85.67 -53.76 -79.55
C TYR J 73 -86.49 -54.80 -80.29
N ASN J 74 -86.99 -55.77 -79.52
CA ASN J 74 -87.95 -56.74 -80.01
C ASN J 74 -87.45 -57.50 -81.23
N ARG J 75 -86.22 -58.00 -81.16
CA ARG J 75 -85.57 -58.56 -82.35
C ARG J 75 -85.74 -60.06 -82.42
N ILE J 76 -85.85 -60.72 -81.27
CA ILE J 76 -86.01 -62.17 -81.26
C ILE J 76 -87.40 -62.72 -80.85
N THR J 77 -88.34 -61.84 -80.51
CA THR J 77 -89.66 -62.28 -80.06
C THR J 77 -90.33 -63.24 -81.04
N SER J 78 -90.49 -62.79 -82.28
CA SER J 78 -91.16 -63.54 -83.33
C SER J 78 -90.62 -64.97 -83.54
N ARG J 79 -89.37 -65.18 -83.21
CA ARG J 79 -88.74 -66.45 -83.53
C ARG J 79 -88.69 -67.44 -82.35
N ILE J 80 -89.24 -67.06 -81.20
CA ILE J 80 -89.11 -67.93 -80.01
C ILE J 80 -90.40 -68.29 -79.34
N THR J 81 -91.51 -67.78 -79.85
CA THR J 81 -92.79 -68.02 -79.18
C THR J 81 -93.30 -69.47 -79.29
N ALA J 82 -92.91 -70.19 -80.35
CA ALA J 82 -93.25 -71.60 -80.45
C ALA J 82 -92.24 -72.43 -79.67
N SER J 83 -91.01 -72.40 -80.15
CA SER J 83 -89.91 -73.01 -79.43
C SER J 83 -88.77 -72.00 -79.39
N ALA J 84 -87.86 -72.14 -78.44
CA ALA J 84 -86.85 -71.13 -78.23
C ALA J 84 -85.46 -71.71 -78.26
N ASP J 85 -84.89 -71.74 -79.46
CA ASP J 85 -83.51 -72.16 -79.60
C ASP J 85 -82.56 -71.24 -78.85
N PRO J 86 -81.63 -71.85 -78.09
CA PRO J 86 -80.66 -71.07 -77.33
C PRO J 86 -79.88 -70.09 -78.21
N VAL J 87 -79.71 -70.36 -79.51
CA VAL J 87 -79.00 -69.42 -80.38
C VAL J 87 -79.66 -68.05 -80.41
N TYR J 88 -81.00 -68.04 -80.39
CA TYR J 88 -81.73 -66.79 -80.29
C TYR J 88 -81.64 -66.19 -78.88
N THR J 89 -81.98 -67.00 -77.88
CA THR J 89 -82.09 -66.47 -76.52
C THR J 89 -80.78 -65.93 -75.95
N LEU J 90 -79.65 -66.40 -76.47
CA LEU J 90 -78.33 -65.97 -75.99
C LEU J 90 -77.68 -64.88 -76.88
N SER J 91 -78.39 -64.48 -77.92
CA SER J 91 -77.83 -63.54 -78.89
C SER J 91 -78.05 -62.09 -78.48
N VAL J 92 -78.79 -61.89 -77.38
CA VAL J 92 -79.01 -60.55 -76.83
C VAL J 92 -78.58 -60.59 -75.37
N PRO J 93 -78.45 -59.42 -74.73
CA PRO J 93 -78.04 -59.47 -73.32
C PRO J 93 -78.92 -60.42 -72.51
N HIS J 94 -78.31 -61.24 -71.66
CA HIS J 94 -79.05 -62.30 -71.00
C HIS J 94 -78.35 -62.78 -69.74
N TRP J 95 -79.10 -63.55 -68.95
CA TRP J 95 -78.63 -64.01 -67.65
C TRP J 95 -79.07 -65.44 -67.44
N LEU J 96 -78.17 -66.26 -66.90
CA LEU J 96 -78.54 -67.61 -66.56
C LEU J 96 -79.18 -67.65 -65.16
N ILE J 97 -80.30 -68.33 -65.07
CA ILE J 97 -80.98 -68.49 -63.81
C ILE J 97 -80.94 -69.94 -63.38
N HIS J 98 -80.10 -70.25 -62.40
CA HIS J 98 -80.00 -71.61 -61.90
C HIS J 98 -80.97 -71.90 -60.77
N HIS J 99 -81.71 -72.99 -60.92
CA HIS J 99 -82.74 -73.35 -59.96
C HIS J 99 -82.13 -73.61 -58.59
N LYS J 100 -80.91 -74.12 -58.58
CA LYS J 100 -80.29 -74.47 -57.30
C LYS J 100 -80.03 -73.24 -56.47
N LEU J 101 -79.92 -72.07 -57.11
CA LEU J 101 -79.58 -70.82 -56.41
C LEU J 101 -80.78 -70.04 -55.94
N GLY J 102 -81.96 -70.49 -56.33
CA GLY J 102 -83.18 -69.82 -55.94
C GLY J 102 -83.34 -68.43 -56.52
N THR J 103 -83.81 -67.52 -55.67
CA THR J 103 -84.17 -66.18 -56.11
C THR J 103 -82.98 -65.48 -56.77
N PHE J 104 -83.24 -64.89 -57.92
CA PHE J 104 -82.20 -64.34 -58.76
C PHE J 104 -82.31 -62.83 -58.87
N SER J 105 -81.19 -62.15 -58.99
CA SER J 105 -81.22 -60.71 -59.15
C SER J 105 -80.10 -60.20 -60.09
N CYS J 106 -80.37 -59.09 -60.79
CA CYS J 106 -79.35 -58.45 -61.61
C CYS J 106 -79.66 -56.99 -61.87
N GLU J 107 -78.68 -56.24 -62.35
CA GLU J 107 -78.91 -54.84 -62.68
C GLU J 107 -78.90 -54.60 -64.17
N ILE J 108 -79.81 -53.76 -64.61
CA ILE J 108 -79.86 -53.39 -66.00
C ILE J 108 -79.75 -51.88 -66.04
N ASP J 109 -78.61 -51.39 -66.51
CA ASP J 109 -78.45 -49.96 -66.75
C ASP J 109 -79.08 -49.70 -68.10
N TYR J 110 -80.31 -49.19 -68.10
CA TYR J 110 -81.06 -49.00 -69.32
C TYR J 110 -80.33 -48.07 -70.27
N GLY J 111 -79.49 -47.19 -69.71
CA GLY J 111 -78.66 -46.30 -70.49
C GLY J 111 -77.67 -47.03 -71.37
N GLU J 112 -77.08 -48.11 -70.86
CA GLU J 112 -76.17 -48.95 -71.64
C GLU J 112 -76.87 -50.01 -72.49
N LEU J 113 -77.57 -50.94 -71.83
CA LEU J 113 -78.20 -52.06 -72.50
C LEU J 113 -79.27 -51.67 -73.53
N CYS J 114 -79.85 -50.49 -73.37
CA CYS J 114 -80.86 -50.04 -74.29
C CYS J 114 -80.45 -48.79 -75.10
N GLY J 115 -80.16 -47.68 -74.43
CA GLY J 115 -79.62 -46.52 -75.13
C GLY J 115 -80.54 -45.33 -75.34
N HIS J 116 -81.85 -45.55 -75.36
CA HIS J 116 -82.78 -44.43 -75.46
C HIS J 116 -83.72 -44.37 -74.27
N ALA J 117 -84.10 -43.15 -73.89
CA ALA J 117 -84.98 -42.93 -72.74
C ALA J 117 -86.46 -43.28 -73.01
N MET J 118 -87.14 -43.77 -71.97
CA MET J 118 -88.53 -44.21 -72.10
C MET J 118 -89.55 -43.09 -71.92
N TRP J 119 -90.45 -42.99 -72.88
CA TRP J 119 -91.49 -41.96 -72.87
C TRP J 119 -92.75 -42.53 -72.21
N PHE J 120 -93.27 -41.80 -71.22
CA PHE J 120 -94.35 -42.31 -70.39
C PHE J 120 -95.61 -42.73 -71.16
N LYS J 121 -95.92 -42.03 -72.26
CA LYS J 121 -97.22 -42.21 -72.90
C LYS J 121 -97.28 -43.26 -74.00
N SER J 122 -96.13 -43.60 -74.56
CA SER J 122 -96.10 -44.56 -75.66
C SER J 122 -94.70 -45.03 -75.98
N THR J 123 -94.63 -46.19 -76.62
CA THR J 123 -93.38 -46.70 -77.11
C THR J 123 -92.79 -45.76 -78.18
N THR J 124 -91.51 -45.45 -78.07
CA THR J 124 -90.84 -44.59 -79.05
C THR J 124 -90.41 -45.41 -80.26
N PHE J 125 -89.47 -46.32 -80.07
CA PHE J 125 -89.06 -47.17 -81.18
C PHE J 125 -89.76 -48.51 -81.17
N GLU J 126 -89.20 -49.47 -80.45
CA GLU J 126 -89.95 -50.68 -80.21
C GLU J 126 -90.10 -50.86 -78.71
N SER J 127 -91.01 -51.74 -78.32
CA SER J 127 -91.37 -51.96 -76.91
C SER J 127 -90.44 -52.99 -76.24
N PRO J 128 -89.70 -52.57 -75.21
CA PRO J 128 -88.72 -53.42 -74.51
C PRO J 128 -89.31 -54.64 -73.82
N ARG J 129 -88.79 -55.83 -74.12
CA ARG J 129 -89.29 -57.08 -73.54
C ARG J 129 -88.25 -57.85 -72.72
N LEU J 130 -88.76 -58.62 -71.74
CA LEU J 130 -87.96 -59.65 -71.08
C LEU J 130 -88.51 -61.00 -71.47
N HIS J 131 -87.68 -61.85 -72.06
CA HIS J 131 -88.10 -63.22 -72.43
C HIS J 131 -87.59 -64.24 -71.43
N PHE J 132 -88.44 -65.19 -71.09
CA PHE J 132 -88.06 -66.27 -70.20
C PHE J 132 -88.19 -67.61 -70.88
N THR J 133 -87.05 -68.28 -71.00
CA THR J 133 -86.96 -69.54 -71.72
C THR J 133 -86.24 -70.56 -70.85
N CYS J 134 -86.48 -71.83 -71.12
CA CYS J 134 -85.78 -72.88 -70.39
C CYS J 134 -84.55 -73.38 -71.17
N LEU J 135 -83.35 -73.26 -70.57
CA LEU J 135 -82.08 -73.59 -71.26
C LEU J 135 -81.75 -75.07 -71.14
N THR J 136 -81.83 -75.58 -69.91
CA THR J 136 -81.70 -77.00 -69.61
C THR J 136 -82.94 -77.45 -68.85
N GLY J 137 -83.50 -78.59 -69.25
CA GLY J 137 -84.74 -79.08 -68.67
C GLY J 137 -84.61 -79.77 -67.33
N ASN J 138 -85.74 -80.04 -66.70
CA ASN J 138 -85.75 -80.81 -65.46
C ASN J 138 -85.47 -82.29 -65.77
N ASN J 139 -84.89 -82.98 -64.80
CA ASN J 139 -84.42 -84.35 -65.01
C ASN J 139 -85.60 -85.30 -65.14
N LYS J 140 -86.70 -84.92 -64.50
CA LYS J 140 -87.98 -85.62 -64.55
C LYS J 140 -88.98 -84.55 -64.21
N GLU J 141 -90.24 -84.74 -64.61
CA GLU J 141 -91.22 -83.68 -64.38
C GLU J 141 -91.38 -83.46 -62.86
N LEU J 142 -91.81 -82.25 -62.50
CA LEU J 142 -92.10 -81.95 -61.10
C LEU J 142 -93.54 -82.37 -60.73
N ALA J 143 -93.93 -82.11 -59.49
CA ALA J 143 -95.22 -82.61 -59.01
C ALA J 143 -96.41 -81.88 -59.64
N ALA J 144 -96.25 -80.59 -59.93
CA ALA J 144 -97.34 -79.79 -60.45
C ALA J 144 -96.87 -78.55 -61.15
N ASP J 145 -97.74 -77.91 -61.92
CA ASP J 145 -97.45 -76.60 -62.50
C ASP J 145 -97.16 -75.59 -61.38
N TRP J 146 -96.31 -74.61 -61.66
CA TRP J 146 -96.03 -73.55 -60.70
C TRP J 146 -95.77 -72.22 -61.38
N GLN J 147 -95.40 -71.22 -60.58
CA GLN J 147 -95.10 -69.90 -61.15
C GLN J 147 -93.91 -69.24 -60.46
N ALA J 148 -93.27 -68.32 -61.18
CA ALA J 148 -92.24 -67.48 -60.62
C ALA J 148 -92.68 -66.01 -60.76
N VAL J 149 -92.23 -65.16 -59.86
CA VAL J 149 -92.60 -63.75 -59.89
C VAL J 149 -91.42 -62.90 -60.36
N VAL J 150 -91.66 -62.01 -61.31
CA VAL J 150 -90.64 -61.08 -61.78
C VAL J 150 -90.91 -59.66 -61.27
N GLU J 151 -89.91 -59.02 -60.67
CA GLU J 151 -90.11 -57.70 -60.11
C GLU J 151 -89.07 -56.69 -60.61
N LEU J 152 -89.52 -55.47 -60.93
CA LEU J 152 -88.64 -54.37 -61.32
C LEU J 152 -88.56 -53.38 -60.18
N TYR J 153 -87.33 -53.12 -59.71
CA TYR J 153 -87.10 -52.12 -58.70
C TYR J 153 -86.31 -50.99 -59.33
N ALA J 154 -86.73 -49.75 -59.08
CA ALA J 154 -86.08 -48.59 -59.65
C ALA J 154 -86.50 -47.34 -58.91
N GLU J 155 -85.64 -46.34 -58.90
CA GLU J 155 -86.03 -45.01 -58.46
C GLU J 155 -86.01 -44.08 -59.66
N LEU J 156 -87.15 -44.00 -60.34
CA LEU J 156 -87.25 -43.22 -61.57
C LEU J 156 -87.05 -41.74 -61.35
N GLU J 157 -86.12 -41.16 -62.11
CA GLU J 157 -86.00 -39.71 -62.15
C GLU J 157 -85.97 -39.20 -63.58
N GLU J 158 -86.32 -37.93 -63.76
CA GLU J 158 -86.39 -37.34 -65.09
C GLU J 158 -85.06 -37.48 -65.85
N ALA J 159 -85.15 -37.92 -67.08
CA ALA J 159 -83.98 -38.05 -67.93
C ALA J 159 -83.61 -36.69 -68.55
N THR J 160 -82.31 -36.41 -68.54
CA THR J 160 -81.79 -35.14 -69.02
C THR J 160 -81.61 -35.15 -70.55
N SER J 161 -81.26 -36.31 -71.11
CA SER J 161 -81.01 -36.45 -72.55
C SER J 161 -81.83 -37.58 -73.15
N PHE J 162 -82.03 -37.58 -74.46
CA PHE J 162 -82.74 -38.67 -75.12
C PHE J 162 -81.86 -39.94 -75.21
N LEU J 163 -80.59 -39.72 -75.52
CA LEU J 163 -79.68 -40.81 -75.79
C LEU J 163 -78.82 -41.14 -74.58
N GLY J 164 -78.51 -42.42 -74.41
CA GLY J 164 -77.56 -42.86 -73.40
C GLY J 164 -76.11 -42.60 -73.80
N LYS J 165 -75.19 -43.36 -73.23
CA LYS J 165 -73.82 -43.31 -73.68
C LYS J 165 -73.69 -44.49 -74.61
N PRO J 166 -72.94 -44.32 -75.71
CA PRO J 166 -72.83 -45.38 -76.72
C PRO J 166 -72.09 -46.61 -76.20
N THR J 167 -72.72 -47.78 -76.36
CA THR J 167 -72.13 -49.07 -76.06
C THR J 167 -70.84 -49.32 -76.87
N LEU J 168 -70.79 -48.80 -78.09
CA LEU J 168 -69.69 -49.11 -79.00
C LEU J 168 -69.43 -47.96 -79.97
N VAL J 169 -68.16 -47.69 -80.23
CA VAL J 169 -67.82 -46.70 -81.24
C VAL J 169 -66.96 -47.34 -82.31
N PHE J 170 -67.33 -47.13 -83.57
CA PHE J 170 -66.72 -47.86 -84.66
C PHE J 170 -65.24 -47.61 -84.81
N ASP J 171 -64.48 -48.71 -84.83
CA ASP J 171 -63.03 -48.67 -84.98
C ASP J 171 -62.58 -50.06 -85.44
N PRO J 172 -62.03 -50.13 -86.66
CA PRO J 172 -61.61 -51.37 -87.35
C PRO J 172 -60.50 -52.05 -86.58
N GLY J 173 -59.60 -51.22 -86.05
CA GLY J 173 -58.39 -51.71 -85.43
C GLY J 173 -58.56 -51.98 -83.94
N VAL J 174 -59.81 -52.09 -83.50
CA VAL J 174 -60.06 -52.29 -82.07
C VAL J 174 -61.16 -53.33 -81.73
N PHE J 175 -60.61 -54.51 -81.43
CA PHE J 175 -61.24 -55.63 -80.80
C PHE J 175 -60.27 -56.05 -79.69
N ASN J 176 -60.58 -55.68 -78.46
CA ASN J 176 -59.72 -55.98 -77.31
C ASN J 176 -59.40 -57.45 -77.14
N GLY J 177 -60.44 -58.27 -77.07
CA GLY J 177 -60.26 -59.66 -76.74
C GLY J 177 -61.12 -60.02 -75.54
N LYS J 178 -61.74 -59.01 -74.93
CA LYS J 178 -62.73 -59.21 -73.88
C LYS J 178 -64.17 -59.30 -74.45
N PHE J 179 -64.99 -60.16 -73.88
CA PHE J 179 -66.35 -60.34 -74.36
C PHE J 179 -67.35 -60.06 -73.25
N GLN J 180 -68.58 -59.69 -73.62
CA GLN J 180 -69.71 -59.80 -72.71
C GLN J 180 -70.82 -60.60 -73.36
N PHE J 181 -71.59 -61.31 -72.54
CA PHE J 181 -72.75 -62.06 -73.01
C PHE J 181 -72.43 -63.05 -74.10
N LEU J 182 -71.24 -63.66 -74.02
CA LEU J 182 -70.90 -64.75 -74.92
C LEU J 182 -71.13 -66.08 -74.22
N THR J 183 -72.28 -66.69 -74.49
CA THR J 183 -72.67 -67.94 -73.86
C THR J 183 -72.90 -68.98 -74.95
N CYS J 184 -72.24 -70.13 -74.85
CA CYS J 184 -72.42 -71.23 -75.80
C CYS J 184 -73.67 -72.03 -75.46
N PRO J 185 -74.43 -72.43 -76.47
CA PRO J 185 -75.55 -73.33 -76.23
C PRO J 185 -75.08 -74.56 -75.46
N PRO J 186 -76.00 -75.18 -74.70
CA PRO J 186 -75.67 -76.29 -73.82
C PRO J 186 -75.08 -77.46 -74.60
N ILE J 187 -74.09 -78.08 -73.98
CA ILE J 187 -73.45 -79.31 -74.45
C ILE J 187 -74.00 -80.44 -73.58
N PHE J 188 -74.33 -81.59 -74.18
CA PHE J 188 -74.95 -82.68 -73.41
C PHE J 188 -74.13 -83.98 -73.36
N PHE J 189 -74.10 -84.62 -72.19
CA PHE J 189 -73.44 -85.92 -72.02
C PHE J 189 -74.42 -87.00 -71.63
N ASP J 190 -74.40 -88.13 -72.35
CA ASP J 190 -75.29 -89.25 -72.05
C ASP J 190 -74.72 -90.05 -70.91
N LEU J 191 -75.58 -90.61 -70.05
CA LEU J 191 -75.04 -91.39 -68.96
C LEU J 191 -74.90 -92.86 -69.32
N THR J 192 -75.28 -93.17 -70.55
CA THR J 192 -75.13 -94.50 -71.09
C THR J 192 -73.78 -94.67 -71.78
N ALA J 193 -72.87 -93.74 -71.49
CA ALA J 193 -71.56 -93.75 -72.13
C ALA J 193 -70.44 -93.61 -71.10
N VAL J 194 -69.53 -94.57 -71.12
CA VAL J 194 -68.46 -94.58 -70.13
C VAL J 194 -67.47 -93.42 -70.31
N THR J 195 -67.21 -93.02 -71.55
CA THR J 195 -66.50 -91.77 -71.81
C THR J 195 -67.14 -91.08 -72.99
N ALA J 196 -66.80 -89.83 -73.22
CA ALA J 196 -67.36 -89.11 -74.35
C ALA J 196 -66.61 -87.83 -74.64
N LEU J 197 -66.75 -87.34 -75.87
CA LEU J 197 -66.16 -86.08 -76.25
C LEU J 197 -67.24 -85.14 -76.75
N ARG J 198 -67.17 -83.86 -76.36
CA ARG J 198 -67.96 -82.81 -76.99
C ARG J 198 -67.07 -81.66 -77.40
N SER J 199 -67.14 -81.29 -78.68
CA SER J 199 -66.32 -80.20 -79.18
C SER J 199 -67.09 -78.89 -79.19
N ALA J 200 -66.38 -77.82 -78.90
CA ALA J 200 -66.90 -76.48 -79.09
C ALA J 200 -65.95 -75.76 -80.03
N GLY J 201 -66.45 -75.28 -81.15
CA GLY J 201 -65.60 -74.58 -82.10
C GLY J 201 -65.08 -73.28 -81.53
N LEU J 202 -63.86 -72.91 -81.90
CA LEU J 202 -63.29 -71.65 -81.44
C LEU J 202 -63.15 -70.66 -82.59
N THR J 203 -63.82 -70.95 -83.71
CA THR J 203 -63.86 -70.03 -84.83
C THR J 203 -64.99 -69.02 -84.62
N LEU J 204 -64.75 -68.09 -83.69
CA LEU J 204 -65.81 -67.27 -83.09
C LEU J 204 -66.43 -66.21 -83.99
N GLY J 205 -65.83 -65.96 -85.14
CA GLY J 205 -66.39 -65.00 -86.09
C GLY J 205 -67.52 -65.57 -86.96
N GLN J 206 -67.69 -66.88 -86.86
CA GLN J 206 -68.68 -67.59 -87.66
C GLN J 206 -70.05 -67.14 -87.17
N VAL J 207 -70.96 -66.87 -88.10
CA VAL J 207 -72.31 -66.49 -87.71
C VAL J 207 -73.17 -67.71 -87.42
N PRO J 208 -73.77 -67.74 -86.22
CA PRO J 208 -74.55 -68.89 -85.72
C PRO J 208 -75.81 -69.06 -86.52
N MET J 209 -76.31 -70.29 -86.61
CA MET J 209 -77.54 -70.51 -87.38
C MET J 209 -78.57 -71.36 -86.66
N VAL J 210 -79.82 -71.18 -87.06
CA VAL J 210 -80.93 -71.97 -86.54
C VAL J 210 -81.70 -72.38 -87.78
N GLY J 211 -81.47 -73.61 -88.23
CA GLY J 211 -81.97 -74.04 -89.51
C GLY J 211 -81.31 -73.24 -90.63
N THR J 212 -82.12 -72.60 -91.46
CA THR J 212 -81.60 -71.77 -92.53
C THR J 212 -81.45 -70.29 -92.12
N THR J 213 -81.82 -69.98 -90.89
CA THR J 213 -81.78 -68.61 -90.38
C THR J 213 -80.43 -68.21 -89.77
N LYS J 214 -79.80 -67.18 -90.34
CA LYS J 214 -78.58 -66.61 -89.78
C LYS J 214 -78.94 -65.69 -88.61
N VAL J 215 -78.26 -65.87 -87.48
CA VAL J 215 -78.47 -64.97 -86.36
C VAL J 215 -77.23 -64.10 -86.13
N TYR J 216 -77.19 -62.94 -86.78
CA TYR J 216 -76.08 -62.00 -86.60
C TYR J 216 -76.08 -61.49 -85.17
N ASN J 217 -74.91 -61.46 -84.54
CA ASN J 217 -74.81 -60.92 -83.18
C ASN J 217 -73.51 -60.18 -82.99
N LEU J 218 -73.47 -59.32 -81.97
CA LEU J 218 -72.32 -58.44 -81.76
C LEU J 218 -71.00 -59.19 -81.54
N ASN J 219 -71.03 -60.29 -80.77
CA ASN J 219 -69.80 -61.02 -80.49
C ASN J 219 -69.10 -61.61 -81.72
N SER J 220 -69.84 -62.37 -82.53
CA SER J 220 -69.23 -62.89 -83.76
C SER J 220 -68.81 -61.73 -84.65
N THR J 221 -69.62 -60.68 -84.69
CA THR J 221 -69.25 -59.48 -85.45
C THR J 221 -67.91 -58.89 -85.01
N LEU J 222 -67.70 -58.79 -83.70
CA LEU J 222 -66.46 -58.28 -83.17
C LEU J 222 -65.29 -59.15 -83.60
N VAL J 223 -65.40 -60.45 -83.38
CA VAL J 223 -64.32 -61.35 -83.76
C VAL J 223 -63.98 -61.24 -85.24
N SER J 224 -64.97 -61.01 -86.08
CA SER J 224 -64.74 -60.89 -87.51
C SER J 224 -63.86 -59.67 -87.87
N CYS J 225 -63.69 -58.75 -86.93
CA CYS J 225 -62.88 -57.54 -87.13
C CYS J 225 -61.39 -57.82 -87.11
N VAL J 226 -61.08 -59.09 -86.91
CA VAL J 226 -59.72 -59.56 -86.79
C VAL J 226 -59.53 -60.75 -87.74
N LEU J 227 -58.28 -61.09 -88.10
CA LEU J 227 -58.06 -62.18 -89.05
C LEU J 227 -58.06 -63.51 -88.32
N GLY J 228 -57.63 -63.48 -87.06
CA GLY J 228 -57.53 -64.66 -86.23
C GLY J 228 -56.99 -64.30 -84.86
N MET J 229 -56.95 -65.28 -83.97
CA MET J 229 -56.58 -65.04 -82.58
C MET J 229 -55.95 -66.27 -81.97
N GLY J 230 -55.00 -66.02 -81.08
CA GLY J 230 -54.39 -67.06 -80.27
C GLY J 230 -54.35 -66.57 -78.83
N GLY J 231 -53.99 -67.44 -77.91
CA GLY J 231 -53.91 -67.03 -76.52
C GLY J 231 -54.62 -68.01 -75.63
N THR J 232 -55.09 -67.53 -74.48
CA THR J 232 -55.80 -68.39 -73.54
C THR J 232 -57.27 -68.00 -73.40
N VAL J 233 -58.15 -69.00 -73.51
CA VAL J 233 -59.58 -68.80 -73.35
C VAL J 233 -59.91 -68.84 -71.86
N ARG J 234 -60.36 -67.72 -71.31
CA ARG J 234 -60.83 -67.67 -69.91
C ARG J 234 -62.35 -67.70 -69.91
N GLY J 235 -62.92 -68.65 -69.19
CA GLY J 235 -64.35 -68.78 -69.17
C GLY J 235 -64.87 -69.40 -67.90
N ARG J 236 -66.17 -69.69 -67.88
CA ARG J 236 -66.81 -70.34 -66.76
C ARG J 236 -67.58 -71.55 -67.27
N VAL J 237 -67.62 -72.61 -66.48
CA VAL J 237 -68.38 -73.79 -66.80
C VAL J 237 -69.49 -73.97 -65.79
N HIS J 238 -70.70 -74.18 -66.26
CA HIS J 238 -71.81 -74.51 -65.35
C HIS J 238 -72.32 -75.92 -65.57
N ILE J 239 -72.38 -76.69 -64.50
CA ILE J 239 -72.92 -78.03 -64.57
C ILE J 239 -74.37 -78.00 -64.15
N CYS J 240 -75.25 -78.21 -65.12
CA CYS J 240 -76.69 -77.92 -64.95
C CYS J 240 -77.49 -79.18 -64.74
N ALA J 241 -77.27 -79.83 -63.61
CA ALA J 241 -77.98 -81.06 -63.27
C ALA J 241 -78.25 -81.10 -61.77
N PRO J 242 -79.13 -82.01 -61.36
CA PRO J 242 -79.43 -82.24 -59.93
C PRO J 242 -78.17 -82.61 -59.09
N ILE J 243 -78.17 -82.35 -57.78
CA ILE J 243 -77.01 -82.68 -56.93
C ILE J 243 -76.62 -84.14 -57.03
N PHE J 244 -77.55 -85.00 -57.41
CA PHE J 244 -77.27 -86.43 -57.46
C PHE J 244 -76.72 -86.89 -58.81
N TYR J 245 -76.54 -85.96 -59.74
CA TYR J 245 -75.75 -86.16 -60.97
C TYR J 245 -74.35 -85.64 -60.72
N SER J 246 -73.36 -86.27 -61.32
CA SER J 246 -72.00 -85.75 -61.21
C SER J 246 -71.07 -86.24 -62.31
N ILE J 247 -70.02 -85.49 -62.57
CA ILE J 247 -69.17 -85.78 -63.71
C ILE J 247 -67.79 -85.23 -63.49
N VAL J 248 -66.80 -85.78 -64.19
CA VAL J 248 -65.47 -85.20 -64.21
C VAL J 248 -65.01 -85.02 -65.63
N LEU J 249 -64.58 -83.81 -65.97
CA LEU J 249 -64.21 -83.50 -67.35
C LEU J 249 -62.75 -83.16 -67.45
N TRP J 250 -62.14 -83.57 -68.56
CA TRP J 250 -60.83 -83.09 -68.98
C TRP J 250 -61.09 -82.11 -70.10
N VAL J 251 -60.73 -80.84 -69.90
CA VAL J 251 -60.99 -79.81 -70.89
C VAL J 251 -59.69 -79.32 -71.51
N VAL J 252 -59.56 -79.49 -72.83
CA VAL J 252 -58.31 -79.18 -73.49
C VAL J 252 -58.55 -78.70 -74.92
N SER J 253 -57.59 -77.99 -75.49
CA SER J 253 -57.70 -77.53 -76.87
C SER J 253 -56.94 -78.43 -77.88
N GLU J 254 -57.56 -78.68 -79.02
CA GLU J 254 -56.96 -79.52 -80.04
C GLU J 254 -57.09 -78.92 -81.43
N TRP J 255 -56.15 -79.27 -82.32
CA TRP J 255 -56.16 -78.73 -83.67
C TRP J 255 -56.48 -79.79 -84.72
N ASN J 256 -57.43 -79.46 -85.59
CA ASN J 256 -57.81 -80.30 -86.72
C ASN J 256 -58.03 -81.76 -86.35
N GLY J 257 -59.17 -82.05 -85.75
CA GLY J 257 -59.45 -83.39 -85.28
C GLY J 257 -59.02 -83.56 -83.85
N THR J 258 -59.05 -84.79 -83.38
CA THR J 258 -58.68 -85.08 -82.01
C THR J 258 -57.78 -86.30 -82.02
N THR J 259 -56.93 -86.44 -81.01
CA THR J 259 -56.12 -87.63 -80.93
C THR J 259 -56.99 -88.79 -80.47
N MET J 260 -56.58 -89.99 -80.87
CA MET J 260 -57.32 -91.20 -80.52
C MET J 260 -56.63 -91.94 -79.38
N ASP J 261 -55.47 -91.41 -78.97
CA ASP J 261 -54.64 -92.03 -77.96
C ASP J 261 -54.80 -91.33 -76.61
N TRP J 262 -55.43 -92.03 -75.66
CA TRP J 262 -55.68 -91.47 -74.32
C TRP J 262 -54.42 -90.96 -73.64
N ASN J 263 -53.29 -91.61 -73.90
CA ASN J 263 -52.06 -91.16 -73.27
C ASN J 263 -51.55 -89.87 -73.87
N GLU J 264 -51.68 -89.71 -75.19
CA GLU J 264 -51.28 -88.45 -75.80
C GLU J 264 -52.18 -87.33 -75.27
N LEU J 265 -53.47 -87.62 -75.17
CA LEU J 265 -54.47 -86.65 -74.69
C LEU J 265 -54.08 -85.99 -73.39
N PHE J 266 -53.54 -86.78 -72.47
CA PHE J 266 -53.15 -86.26 -71.17
C PHE J 266 -51.75 -85.70 -71.08
N LYS J 267 -51.07 -85.63 -72.23
CA LYS J 267 -49.79 -84.94 -72.29
C LYS J 267 -50.04 -83.49 -72.73
N TYR J 268 -51.28 -83.20 -73.13
CA TYR J 268 -51.65 -81.84 -73.52
C TYR J 268 -51.92 -81.02 -72.28
N PRO J 269 -51.85 -79.68 -72.41
CA PRO J 269 -52.12 -78.74 -71.30
C PRO J 269 -53.60 -78.44 -71.15
N GLY J 270 -54.29 -79.30 -70.41
CA GLY J 270 -55.70 -79.11 -70.12
C GLY J 270 -55.96 -78.88 -68.65
N VAL J 271 -57.24 -78.82 -68.28
CA VAL J 271 -57.64 -78.62 -66.90
C VAL J 271 -58.79 -79.57 -66.56
N TYR J 272 -58.93 -79.92 -65.28
CA TYR J 272 -60.03 -80.79 -64.87
C TYR J 272 -61.20 -79.92 -64.37
N VAL J 273 -62.42 -80.34 -64.68
CA VAL J 273 -63.61 -79.66 -64.19
C VAL J 273 -64.51 -80.68 -63.51
N GLU J 274 -64.74 -80.49 -62.21
CA GLU J 274 -65.60 -81.40 -61.43
C GLU J 274 -66.91 -80.72 -61.07
N GLU J 275 -66.94 -79.39 -61.20
CA GLU J 275 -68.04 -78.60 -60.68
C GLU J 275 -68.04 -77.19 -61.24
N ASP J 276 -69.16 -76.48 -61.05
CA ASP J 276 -69.26 -75.06 -61.44
C ASP J 276 -67.93 -74.36 -61.13
N GLY J 277 -67.42 -73.55 -62.06
CA GLY J 277 -66.23 -72.79 -61.82
C GLY J 277 -65.65 -72.17 -63.08
N SER J 278 -64.55 -71.44 -62.94
CA SER J 278 -63.91 -70.84 -64.10
C SER J 278 -62.81 -71.78 -64.59
N PHE J 279 -62.29 -71.51 -65.80
CA PHE J 279 -61.23 -72.33 -66.39
C PHE J 279 -60.41 -71.45 -67.35
N GLU J 280 -59.14 -71.82 -67.55
CA GLU J 280 -58.31 -71.19 -68.58
C GLU J 280 -57.68 -72.29 -69.42
N VAL J 281 -57.90 -72.25 -70.72
CA VAL J 281 -57.26 -73.21 -71.60
C VAL J 281 -56.55 -72.49 -72.76
N LYS J 282 -55.31 -72.91 -73.03
CA LYS J 282 -54.54 -72.35 -74.13
C LYS J 282 -55.10 -72.82 -75.46
N ILE J 283 -55.30 -71.87 -76.38
CA ILE J 283 -55.70 -72.19 -77.75
C ILE J 283 -54.52 -72.84 -78.46
N ARG J 284 -54.71 -74.11 -78.83
CA ARG J 284 -53.66 -74.92 -79.40
C ARG J 284 -53.71 -74.92 -80.92
N SER J 285 -52.61 -74.55 -81.57
CA SER J 285 -52.59 -74.47 -83.03
C SER J 285 -51.18 -74.38 -83.59
N PRO J 286 -50.96 -74.98 -84.76
CA PRO J 286 -49.67 -75.00 -85.46
C PRO J 286 -49.17 -73.59 -85.74
N TYR J 287 -50.09 -72.64 -85.75
CA TYR J 287 -49.79 -71.24 -86.06
C TYR J 287 -49.96 -70.37 -84.83
N HIS J 288 -50.29 -71.03 -83.72
CA HIS J 288 -50.49 -70.37 -82.42
C HIS J 288 -51.77 -69.54 -82.40
N ARG J 289 -52.42 -69.41 -83.55
CA ARG J 289 -53.68 -68.68 -83.68
C ARG J 289 -54.65 -69.55 -84.45
N THR J 290 -55.95 -69.35 -84.25
CA THR J 290 -56.96 -69.98 -85.11
C THR J 290 -57.65 -68.85 -85.89
N PRO J 291 -58.01 -69.11 -87.16
CA PRO J 291 -58.63 -68.07 -87.98
C PRO J 291 -60.00 -67.68 -87.44
N ALA J 292 -60.35 -66.41 -87.63
CA ALA J 292 -61.60 -65.81 -87.16
C ALA J 292 -62.84 -66.37 -87.87
N ARG J 293 -62.73 -66.60 -89.17
CA ARG J 293 -63.85 -67.19 -89.93
C ARG J 293 -63.40 -68.34 -90.85
N LEU J 294 -64.35 -69.11 -91.35
CA LEU J 294 -64.03 -70.20 -92.26
C LEU J 294 -64.04 -69.80 -93.74
N LEU J 295 -63.18 -70.47 -94.52
CA LEU J 295 -63.23 -70.38 -95.97
C LEU J 295 -64.20 -71.46 -96.47
N ALA J 296 -64.36 -71.55 -97.79
CA ALA J 296 -65.29 -72.52 -98.34
C ALA J 296 -64.80 -73.95 -98.18
N GLY J 297 -65.66 -74.78 -97.61
CA GLY J 297 -65.36 -76.20 -97.45
C GLY J 297 -64.64 -76.52 -96.16
N GLN J 298 -64.27 -75.48 -95.43
CA GLN J 298 -63.64 -75.70 -94.13
C GLN J 298 -64.72 -75.98 -93.10
N SER J 299 -64.39 -76.78 -92.10
CA SER J 299 -65.27 -77.02 -90.98
C SER J 299 -64.63 -76.36 -89.76
N GLN J 300 -65.41 -76.13 -88.71
CA GLN J 300 -64.83 -75.43 -87.57
C GLN J 300 -63.93 -76.33 -86.73
N ARG J 301 -64.07 -77.64 -86.96
CA ARG J 301 -63.26 -78.64 -86.27
C ARG J 301 -61.91 -78.81 -86.96
N ASP J 302 -61.80 -78.27 -88.17
CA ASP J 302 -60.53 -78.27 -88.90
C ASP J 302 -59.49 -77.35 -88.27
N MET J 303 -59.97 -76.42 -87.46
CA MET J 303 -59.10 -75.44 -86.80
C MET J 303 -58.95 -75.78 -85.33
N SER J 304 -58.80 -74.74 -84.51
CA SER J 304 -58.68 -74.90 -83.08
C SER J 304 -60.07 -75.04 -82.40
N SER J 305 -60.20 -76.01 -81.51
CA SER J 305 -61.44 -76.22 -80.80
C SER J 305 -61.19 -76.41 -79.31
N LEU J 306 -62.24 -76.14 -78.53
CA LEU J 306 -62.20 -76.31 -77.09
C LEU J 306 -62.94 -77.62 -76.81
N ASN J 307 -62.20 -78.65 -76.40
CA ASN J 307 -62.75 -79.99 -76.28
C ASN J 307 -63.08 -80.44 -74.86
N PHE J 308 -64.29 -80.95 -74.68
CA PHE J 308 -64.74 -81.39 -73.38
C PHE J 308 -64.86 -82.90 -73.35
N TYR J 309 -63.90 -83.54 -72.68
CA TYR J 309 -63.82 -84.99 -72.54
C TYR J 309 -64.40 -85.44 -71.20
N ALA J 310 -65.44 -86.24 -71.24
CA ALA J 310 -65.96 -86.86 -70.03
C ALA J 310 -65.09 -88.05 -69.68
N ILE J 311 -64.31 -87.95 -68.62
CA ILE J 311 -63.37 -89.02 -68.29
C ILE J 311 -63.81 -89.87 -67.10
N ALA J 312 -64.80 -89.39 -66.36
CA ALA J 312 -65.46 -90.20 -65.33
C ALA J 312 -66.90 -89.77 -65.19
N GLY J 313 -67.83 -90.64 -65.59
CA GLY J 313 -69.22 -90.26 -65.63
C GLY J 313 -69.64 -89.70 -66.98
N PRO J 314 -70.79 -89.01 -67.01
CA PRO J 314 -71.63 -88.70 -65.87
C PRO J 314 -72.25 -89.93 -65.22
N ILE J 315 -72.52 -89.83 -63.92
CA ILE J 315 -73.26 -90.86 -63.22
C ILE J 315 -74.50 -90.28 -62.56
N ALA J 316 -75.52 -91.10 -62.39
CA ALA J 316 -76.71 -90.72 -61.66
C ALA J 316 -77.33 -91.99 -61.11
N PRO J 317 -78.20 -91.86 -60.11
CA PRO J 317 -78.90 -93.04 -59.55
C PRO J 317 -79.87 -93.60 -60.56
N SER J 318 -80.24 -94.88 -60.46
CA SER J 318 -81.25 -95.36 -61.39
C SER J 318 -82.58 -94.88 -60.84
N GLY J 319 -83.57 -94.67 -61.71
CA GLY J 319 -83.40 -94.77 -63.15
C GLY J 319 -83.59 -93.37 -63.69
N GLU J 320 -82.49 -92.64 -63.70
CA GLU J 320 -82.49 -91.34 -64.33
C GLU J 320 -82.18 -91.56 -65.81
N THR J 321 -82.65 -90.64 -66.65
CA THR J 321 -82.48 -90.86 -68.09
C THR J 321 -81.98 -89.60 -68.76
N ALA J 322 -82.21 -88.47 -68.12
CA ALA J 322 -81.79 -87.18 -68.63
C ALA J 322 -80.29 -87.11 -68.93
N GLN J 323 -79.94 -86.38 -69.97
CA GLN J 323 -78.53 -86.13 -70.22
C GLN J 323 -78.04 -85.07 -69.23
N LEU J 324 -76.73 -85.02 -69.01
CA LEU J 324 -76.15 -84.00 -68.15
C LEU J 324 -75.64 -82.87 -69.02
N PRO J 325 -76.21 -81.67 -68.85
CA PRO J 325 -75.85 -80.51 -69.65
C PRO J 325 -74.73 -79.69 -69.04
N ILE J 326 -73.84 -79.18 -69.90
CA ILE J 326 -72.77 -78.27 -69.53
C ILE J 326 -72.99 -76.94 -70.28
N VAL J 327 -73.11 -75.83 -69.57
CA VAL J 327 -73.19 -74.54 -70.23
C VAL J 327 -71.86 -73.80 -70.10
N VAL J 328 -71.24 -73.47 -71.23
CA VAL J 328 -69.96 -72.76 -71.21
C VAL J 328 -70.12 -71.28 -71.52
N GLN J 329 -69.49 -70.44 -70.72
CA GLN J 329 -69.39 -69.01 -71.01
C GLN J 329 -67.96 -68.60 -71.27
N ILE J 330 -67.73 -67.83 -72.32
CA ILE J 330 -66.40 -67.35 -72.64
C ILE J 330 -66.30 -65.88 -72.30
N ASP J 331 -65.38 -65.56 -71.41
CA ASP J 331 -65.26 -64.22 -70.85
C ASP J 331 -64.24 -63.37 -71.58
N GLU J 332 -63.09 -63.94 -71.86
CA GLU J 332 -62.08 -63.24 -72.65
C GLU J 332 -60.97 -64.12 -73.18
N ILE J 333 -60.23 -63.58 -74.13
CA ILE J 333 -58.97 -64.17 -74.52
C ILE J 333 -57.88 -63.41 -73.74
N VAL J 334 -57.30 -64.08 -72.74
CA VAL J 334 -56.27 -63.47 -71.93
C VAL J 334 -54.91 -63.71 -72.57
N ARG J 335 -54.00 -62.75 -72.40
CA ARG J 335 -52.67 -62.85 -73.00
C ARG J 335 -52.85 -63.13 -74.47
N PRO J 336 -53.55 -62.24 -75.16
CA PRO J 336 -54.01 -62.49 -76.54
C PRO J 336 -52.90 -62.34 -77.57
N ASP J 337 -52.87 -63.26 -78.52
CA ASP J 337 -52.02 -63.14 -79.70
C ASP J 337 -52.91 -62.85 -80.91
N LEU J 338 -53.13 -61.58 -81.19
CA LEU J 338 -54.05 -61.24 -82.27
C LEU J 338 -53.37 -61.14 -83.64
N SER J 339 -54.16 -61.40 -84.68
CA SER J 339 -53.72 -61.15 -86.04
C SER J 339 -53.90 -59.69 -86.36
N LEU J 340 -53.52 -59.31 -87.58
CA LEU J 340 -53.85 -58.00 -88.08
C LEU J 340 -55.36 -57.83 -88.01
N PRO J 341 -55.81 -56.57 -87.86
CA PRO J 341 -57.23 -56.29 -88.05
C PRO J 341 -57.59 -56.75 -89.46
N SER J 342 -58.80 -57.25 -89.66
CA SER J 342 -59.22 -57.65 -91.00
C SER J 342 -59.44 -56.44 -91.92
N PHE J 343 -59.85 -55.30 -91.34
CA PHE J 343 -60.01 -54.06 -92.12
C PHE J 343 -59.14 -52.94 -91.59
N GLU J 344 -58.68 -52.09 -92.50
CA GLU J 344 -57.93 -50.91 -92.11
C GLU J 344 -58.87 -49.70 -91.98
N ASP J 345 -58.33 -48.53 -91.65
CA ASP J 345 -59.17 -47.34 -91.58
C ASP J 345 -59.37 -46.81 -92.99
N ASP J 346 -60.23 -47.49 -93.73
CA ASP J 346 -60.38 -47.25 -95.15
C ASP J 346 -61.86 -47.32 -95.52
N TYR J 347 -62.14 -47.08 -96.79
CA TYR J 347 -63.48 -47.24 -97.33
C TYR J 347 -63.81 -48.72 -97.43
N PHE J 348 -65.10 -49.01 -97.50
CA PHE J 348 -65.55 -50.35 -97.82
C PHE J 348 -66.86 -50.25 -98.60
N VAL J 349 -67.25 -51.35 -99.23
CA VAL J 349 -68.37 -51.31 -100.15
C VAL J 349 -69.69 -51.23 -99.42
N TRP J 350 -70.48 -50.23 -99.77
CA TRP J 350 -71.84 -50.13 -99.27
C TRP J 350 -72.79 -50.82 -100.25
N VAL J 351 -72.79 -50.37 -101.50
CA VAL J 351 -73.71 -50.93 -102.50
C VAL J 351 -73.23 -50.75 -103.94
N ASP J 352 -73.52 -51.75 -104.78
CA ASP J 352 -73.32 -51.64 -106.22
C ASP J 352 -74.68 -51.60 -106.91
N PHE J 353 -74.88 -50.62 -107.77
CA PHE J 353 -76.04 -50.61 -108.67
C PHE J 353 -75.59 -50.97 -110.08
N SER J 354 -76.34 -51.87 -110.72
CA SER J 354 -75.96 -52.31 -112.07
C SER J 354 -77.20 -52.68 -112.87
N GLU J 355 -77.02 -52.99 -114.15
CA GLU J 355 -78.11 -53.53 -114.96
C GLU J 355 -79.34 -52.63 -114.92
N PHE J 356 -79.13 -51.35 -115.24
CA PHE J 356 -80.23 -50.38 -115.24
C PHE J 356 -81.16 -50.60 -116.42
N THR J 357 -82.46 -50.53 -116.17
CA THR J 357 -83.44 -50.76 -117.24
C THR J 357 -84.04 -49.46 -117.75
N LEU J 358 -84.01 -48.41 -116.92
CA LEU J 358 -84.52 -47.11 -117.31
C LEU J 358 -83.39 -46.11 -117.28
N ASP J 359 -83.42 -45.15 -118.20
CA ASP J 359 -82.44 -44.06 -118.21
C ASP J 359 -82.62 -43.12 -117.01
N LYS J 360 -83.87 -42.84 -116.63
CA LYS J 360 -84.12 -42.05 -115.43
C LYS J 360 -84.24 -42.98 -114.21
N GLU J 361 -83.30 -42.83 -113.27
CA GLU J 361 -83.29 -43.62 -112.06
C GLU J 361 -83.02 -42.67 -110.89
N GLU J 362 -83.75 -42.85 -109.79
CA GLU J 362 -83.51 -42.03 -108.60
C GLU J 362 -83.51 -42.87 -107.33
N ILE J 363 -82.34 -42.93 -106.71
CA ILE J 363 -82.13 -43.72 -105.51
C ILE J 363 -82.20 -42.84 -104.26
N GLU J 364 -83.27 -43.01 -103.47
CA GLU J 364 -83.41 -42.23 -102.23
C GLU J 364 -82.63 -42.85 -101.09
N ILE J 365 -81.81 -42.03 -100.44
CA ILE J 365 -81.02 -42.49 -99.32
C ILE J 365 -81.54 -41.86 -98.03
N GLY J 366 -81.81 -40.55 -98.10
CA GLY J 366 -82.33 -39.79 -96.97
C GLY J 366 -81.25 -39.59 -95.91
N SER J 367 -81.48 -40.13 -94.73
CA SER J 367 -80.49 -40.02 -93.66
C SER J 367 -80.16 -41.40 -93.08
N ARG J 368 -80.42 -42.45 -93.85
CA ARG J 368 -80.22 -43.82 -93.36
C ARG J 368 -79.03 -44.55 -94.00
N PHE J 369 -78.46 -45.49 -93.26
CA PHE J 369 -77.59 -46.50 -93.85
C PHE J 369 -78.37 -47.81 -93.81
N PHE J 370 -78.66 -48.39 -94.97
CA PHE J 370 -79.59 -49.53 -95.02
C PHE J 370 -79.44 -50.35 -96.31
N ASP J 371 -80.27 -51.39 -96.44
CA ASP J 371 -80.28 -52.24 -97.64
C ASP J 371 -81.26 -51.71 -98.68
N PHE J 372 -80.76 -51.45 -99.89
CA PHE J 372 -81.58 -50.94 -100.99
C PHE J 372 -82.36 -52.05 -101.69
N THR J 373 -83.46 -51.67 -102.33
CA THR J 373 -84.19 -52.57 -103.24
C THR J 373 -84.61 -51.77 -104.45
N SER J 374 -84.66 -52.42 -105.61
CA SER J 374 -85.11 -51.75 -106.83
C SER J 374 -85.82 -52.70 -107.78
N ASN J 375 -86.85 -52.18 -108.43
CA ASN J 375 -87.57 -52.93 -109.45
C ASN J 375 -87.00 -52.66 -110.82
N THR J 376 -86.20 -51.60 -110.90
CA THR J 376 -85.71 -51.11 -112.18
C THR J 376 -84.22 -51.36 -112.41
N CYS J 377 -83.53 -51.84 -111.39
CA CYS J 377 -82.11 -52.16 -111.51
C CYS J 377 -81.65 -53.18 -110.49
N ARG J 378 -80.43 -53.68 -110.66
CA ARG J 378 -79.89 -54.69 -109.77
C ARG J 378 -79.11 -54.08 -108.61
N VAL J 379 -79.57 -54.37 -107.39
CA VAL J 379 -78.87 -53.93 -106.19
C VAL J 379 -78.03 -55.06 -105.61
N SER J 380 -76.74 -54.79 -105.38
CA SER J 380 -75.85 -55.75 -104.71
C SER J 380 -75.29 -55.10 -103.46
N MET J 381 -75.69 -55.60 -102.29
CA MET J 381 -75.31 -54.97 -101.05
C MET J 381 -73.98 -55.52 -100.55
N GLY J 382 -73.20 -54.69 -99.88
CA GLY J 382 -71.93 -55.12 -99.31
C GLY J 382 -72.14 -55.82 -97.97
N GLU J 383 -71.32 -56.83 -97.67
CA GLU J 383 -71.34 -57.44 -96.34
C GLU J 383 -69.97 -57.23 -95.65
N ASN J 384 -69.98 -56.49 -94.55
CA ASN J 384 -68.77 -56.20 -93.78
C ASN J 384 -69.11 -55.93 -92.33
N PRO J 385 -68.10 -55.87 -91.46
CA PRO J 385 -68.39 -55.68 -90.03
C PRO J 385 -69.21 -54.42 -89.75
N PHE J 386 -68.94 -53.33 -90.46
CA PHE J 386 -69.70 -52.12 -90.17
C PHE J 386 -71.21 -52.38 -90.34
N ALA J 387 -71.58 -53.02 -91.43
CA ALA J 387 -72.99 -53.30 -91.71
C ALA J 387 -73.57 -54.20 -90.63
N ALA J 388 -72.79 -55.15 -90.16
CA ALA J 388 -73.26 -56.02 -89.12
C ALA J 388 -73.45 -55.24 -87.82
N MET J 389 -72.53 -54.32 -87.53
CA MET J 389 -72.67 -53.51 -86.32
C MET J 389 -73.93 -52.65 -86.38
N ILE J 390 -74.26 -52.14 -87.55
CA ILE J 390 -75.50 -51.40 -87.74
C ILE J 390 -76.70 -52.29 -87.39
N ALA J 391 -76.60 -53.55 -87.80
CA ALA J 391 -77.68 -54.51 -87.60
C ALA J 391 -77.79 -55.03 -86.19
N CYS J 392 -76.70 -54.93 -85.44
CA CYS J 392 -76.64 -55.54 -84.13
C CYS J 392 -76.77 -54.52 -83.01
N HIS J 393 -77.24 -53.32 -83.35
CA HIS J 393 -77.54 -52.35 -82.32
C HIS J 393 -78.92 -51.76 -82.60
N GLY J 394 -79.59 -51.32 -81.53
CA GLY J 394 -80.91 -50.72 -81.62
C GLY J 394 -80.86 -49.37 -82.32
N LEU J 395 -79.87 -48.56 -81.97
CA LEU J 395 -79.69 -47.23 -82.57
C LEU J 395 -78.24 -46.98 -82.96
N HIS J 396 -78.05 -46.09 -83.95
CA HIS J 396 -76.71 -45.68 -84.35
C HIS J 396 -76.74 -44.23 -84.83
N SER J 397 -75.57 -43.62 -84.93
CA SER J 397 -75.49 -42.25 -85.41
C SER J 397 -74.06 -41.90 -85.76
N GLY J 398 -73.88 -41.15 -86.86
CA GLY J 398 -72.56 -40.74 -87.28
C GLY J 398 -72.55 -40.14 -88.67
N VAL J 399 -71.36 -39.95 -89.20
CA VAL J 399 -71.22 -39.40 -90.55
C VAL J 399 -70.43 -40.36 -91.40
N LEU J 400 -70.92 -40.61 -92.61
CA LEU J 400 -70.23 -41.43 -93.58
C LEU J 400 -69.64 -40.60 -94.70
N ASP J 401 -68.35 -40.78 -94.98
CA ASP J 401 -67.79 -40.22 -96.21
C ASP J 401 -68.05 -41.21 -97.34
N LEU J 402 -68.58 -40.72 -98.46
CA LEU J 402 -68.89 -41.59 -99.60
C LEU J 402 -67.94 -41.34 -100.77
N LYS J 403 -67.54 -42.43 -101.41
CA LYS J 403 -66.88 -42.36 -102.70
C LYS J 403 -67.81 -43.03 -103.71
N LEU J 404 -68.12 -42.33 -104.79
CA LEU J 404 -68.90 -42.92 -105.88
C LEU J 404 -67.98 -43.17 -107.06
N GLN J 405 -68.07 -44.38 -107.63
CA GLN J 405 -67.29 -44.75 -108.80
C GLN J 405 -68.21 -45.37 -109.83
N TRP J 406 -67.95 -45.10 -111.10
CA TRP J 406 -68.77 -45.74 -112.14
C TRP J 406 -68.04 -45.95 -113.45
N SER J 407 -68.41 -47.00 -114.17
CA SER J 407 -67.85 -47.27 -115.49
C SER J 407 -68.96 -47.14 -116.54
N LEU J 408 -68.58 -46.84 -117.79
CA LEU J 408 -69.55 -46.68 -118.85
C LEU J 408 -70.00 -48.00 -119.55
N ASN J 409 -71.25 -48.03 -119.98
CA ASN J 409 -71.81 -49.13 -120.75
C ASN J 409 -71.78 -48.84 -122.25
N THR J 410 -71.94 -47.56 -122.59
CA THR J 410 -71.85 -47.09 -123.98
C THR J 410 -70.44 -46.57 -124.30
N GLU J 411 -70.21 -46.17 -125.56
CA GLU J 411 -68.93 -45.61 -125.95
C GLU J 411 -68.69 -44.25 -125.30
N PHE J 412 -67.47 -44.04 -124.80
CA PHE J 412 -67.14 -42.83 -124.08
C PHE J 412 -67.50 -41.56 -124.87
N GLY J 413 -67.23 -41.59 -126.17
CA GLY J 413 -67.44 -40.41 -126.99
C GLY J 413 -68.91 -40.05 -127.17
N LYS J 414 -69.79 -41.01 -126.86
CA LYS J 414 -71.21 -40.81 -127.06
C LYS J 414 -71.87 -40.39 -125.76
N SER J 415 -71.12 -40.46 -124.68
CA SER J 415 -71.66 -40.26 -123.34
C SER J 415 -72.20 -38.86 -123.09
N SER J 416 -73.24 -38.79 -122.26
CA SER J 416 -73.80 -37.51 -121.83
C SER J 416 -74.46 -37.72 -120.47
N GLY J 417 -74.87 -36.63 -119.84
CA GLY J 417 -75.59 -36.72 -118.58
C GLY J 417 -74.70 -36.71 -117.36
N SER J 418 -75.25 -37.20 -116.24
CA SER J 418 -74.63 -36.99 -114.93
C SER J 418 -75.08 -37.95 -113.86
N VAL J 419 -74.19 -38.14 -112.89
CA VAL J 419 -74.59 -38.68 -111.60
C VAL J 419 -74.78 -37.45 -110.70
N THR J 420 -76.02 -37.22 -110.26
CA THR J 420 -76.27 -36.03 -109.45
C THR J 420 -76.57 -36.42 -108.00
N ILE J 421 -75.92 -35.75 -107.06
CA ILE J 421 -76.21 -35.96 -105.65
C ILE J 421 -77.09 -34.84 -105.12
N THR J 422 -78.35 -35.16 -104.87
CA THR J 422 -79.25 -34.18 -104.27
C THR J 422 -79.07 -34.17 -102.74
N LYS J 423 -78.79 -32.99 -102.19
CA LYS J 423 -78.66 -32.84 -100.75
C LYS J 423 -79.65 -31.81 -100.23
N LEU J 424 -80.60 -32.27 -99.41
CA LEU J 424 -81.64 -31.39 -98.85
C LEU J 424 -81.60 -31.41 -97.33
N VAL J 425 -82.37 -30.50 -96.74
CA VAL J 425 -82.71 -30.61 -95.34
C VAL J 425 -84.22 -30.63 -95.27
N GLY J 426 -84.78 -31.72 -94.81
CA GLY J 426 -86.23 -31.88 -94.81
C GLY J 426 -86.60 -33.11 -95.61
N ASP J 427 -87.33 -32.88 -96.71
CA ASP J 427 -87.71 -33.95 -97.66
C ASP J 427 -87.80 -33.40 -99.07
N LYS J 428 -88.06 -34.27 -100.02
CA LYS J 428 -88.14 -33.85 -101.41
C LYS J 428 -89.18 -32.73 -101.58
N ALA J 429 -90.26 -32.80 -100.80
CA ALA J 429 -91.42 -31.92 -100.96
C ALA J 429 -91.27 -30.49 -100.43
N MET J 430 -90.68 -30.33 -99.25
CA MET J 430 -90.62 -29.03 -98.58
C MET J 430 -89.23 -28.67 -98.08
N GLY J 431 -88.22 -29.40 -98.53
CA GLY J 431 -86.87 -29.24 -98.02
C GLY J 431 -86.09 -28.01 -98.46
N LEU J 432 -84.98 -27.78 -97.79
CA LEU J 432 -84.07 -26.70 -98.11
C LEU J 432 -82.90 -27.28 -98.87
N ASP J 433 -82.26 -26.45 -99.70
CA ASP J 433 -81.20 -26.94 -100.59
C ASP J 433 -79.82 -26.83 -100.01
N GLY J 434 -79.16 -27.97 -99.85
CA GLY J 434 -77.82 -28.02 -99.32
C GLY J 434 -76.75 -28.09 -100.41
N PRO J 435 -75.65 -28.79 -100.11
CA PRO J 435 -74.53 -28.98 -101.04
C PRO J 435 -74.82 -30.08 -102.06
N SER J 436 -75.89 -29.88 -102.84
CA SER J 436 -76.22 -30.79 -103.95
C SER J 436 -75.11 -30.63 -104.96
N HIS J 437 -74.95 -31.62 -105.81
CA HIS J 437 -73.70 -31.74 -106.53
C HIS J 437 -73.94 -32.47 -107.87
N VAL J 438 -73.50 -31.85 -108.96
CA VAL J 438 -73.67 -32.45 -110.28
C VAL J 438 -72.34 -32.98 -110.82
N PHE J 439 -72.21 -34.29 -110.89
CA PHE J 439 -71.03 -34.89 -111.50
C PHE J 439 -71.33 -35.26 -112.96
N ALA J 440 -70.72 -34.54 -113.91
CA ALA J 440 -70.84 -34.92 -115.30
C ALA J 440 -70.43 -36.38 -115.41
N ILE J 441 -71.18 -37.16 -116.18
CA ILE J 441 -70.93 -38.59 -116.22
C ILE J 441 -69.48 -38.91 -116.57
N GLN J 442 -68.83 -38.02 -117.33
CA GLN J 442 -67.43 -38.23 -117.75
C GLN J 442 -66.41 -38.18 -116.62
N LYS J 443 -66.78 -37.59 -115.48
CA LYS J 443 -65.89 -37.56 -114.31
C LYS J 443 -65.58 -38.97 -113.84
N LEU J 444 -66.57 -39.85 -113.95
CA LEU J 444 -66.39 -41.28 -113.64
C LEU J 444 -66.21 -41.59 -112.14
N GLU J 445 -66.31 -40.54 -111.33
CA GLU J 445 -66.23 -40.65 -109.87
C GLU J 445 -66.60 -39.36 -109.18
N GLY J 446 -67.00 -39.46 -107.92
CA GLY J 446 -67.35 -38.29 -107.14
C GLY J 446 -67.39 -38.61 -105.66
N THR J 447 -67.40 -37.57 -104.82
CA THR J 447 -67.42 -37.77 -103.37
C THR J 447 -68.48 -36.93 -102.71
N THR J 448 -68.95 -37.40 -101.54
CA THR J 448 -69.91 -36.62 -100.76
C THR J 448 -69.93 -37.13 -99.31
N GLU J 449 -70.49 -36.35 -98.40
CA GLU J 449 -70.70 -36.82 -97.03
C GLU J 449 -72.16 -37.22 -96.87
N LEU J 450 -72.44 -38.14 -95.94
CA LEU J 450 -73.82 -38.47 -95.59
C LEU J 450 -74.02 -38.46 -94.09
N LEU J 451 -74.99 -37.66 -93.63
CA LEU J 451 -75.32 -37.68 -92.21
C LEU J 451 -76.26 -38.84 -91.95
N VAL J 452 -75.83 -39.78 -91.12
CA VAL J 452 -76.67 -40.88 -90.69
C VAL J 452 -77.18 -40.54 -89.29
N GLY J 453 -78.40 -40.03 -89.23
CA GLY J 453 -78.95 -39.51 -87.99
C GLY J 453 -80.08 -38.56 -88.26
N ASN J 454 -80.46 -37.78 -87.26
CA ASN J 454 -81.62 -36.90 -87.37
C ASN J 454 -81.73 -35.97 -86.16
N PHE J 455 -82.75 -35.11 -86.14
CA PHE J 455 -82.88 -34.13 -85.06
C PHE J 455 -82.90 -34.77 -83.68
N ALA J 456 -83.42 -35.98 -83.57
CA ALA J 456 -83.47 -36.68 -82.28
C ALA J 456 -82.11 -37.19 -81.80
N GLY J 457 -81.23 -37.54 -82.74
CA GLY J 457 -79.85 -37.87 -82.44
C GLY J 457 -79.34 -39.23 -82.92
N ALA J 458 -80.25 -40.12 -83.32
CA ALA J 458 -79.87 -41.48 -83.69
C ALA J 458 -80.92 -42.14 -84.57
N ASN J 459 -80.51 -43.15 -85.34
CA ASN J 459 -81.44 -43.89 -86.20
C ASN J 459 -81.66 -45.27 -85.65
N PRO J 460 -82.91 -45.74 -85.68
CA PRO J 460 -83.21 -47.15 -85.44
C PRO J 460 -82.86 -47.94 -86.70
N ASN J 461 -82.80 -49.26 -86.59
CA ASN J 461 -82.44 -50.07 -87.75
C ASN J 461 -83.69 -50.51 -88.51
N THR J 462 -84.61 -49.58 -88.67
CA THR J 462 -85.87 -49.81 -89.36
C THR J 462 -86.17 -48.54 -90.17
N ARG J 463 -87.29 -48.54 -90.86
CA ARG J 463 -87.76 -47.30 -91.46
C ARG J 463 -88.39 -46.44 -90.35
N PHE J 464 -88.20 -45.13 -90.45
CA PHE J 464 -88.70 -44.18 -89.45
C PHE J 464 -88.84 -42.87 -90.19
N SER J 465 -89.58 -41.93 -89.62
CA SER J 465 -89.69 -40.61 -90.22
C SER J 465 -89.34 -39.51 -89.22
N LEU J 466 -88.10 -39.05 -89.23
CA LEU J 466 -87.69 -37.98 -88.34
C LEU J 466 -86.91 -36.91 -89.12
N TYR J 467 -87.36 -35.65 -89.03
CA TYR J 467 -86.72 -34.53 -89.72
C TYR J 467 -85.19 -34.58 -89.67
N SER J 468 -84.56 -34.56 -90.83
CA SER J 468 -83.10 -34.60 -90.89
C SER J 468 -82.62 -34.09 -92.24
N ARG J 469 -81.32 -34.19 -92.48
CA ARG J 469 -80.81 -33.99 -93.82
C ARG J 469 -81.25 -35.15 -94.71
N TRP J 470 -81.26 -34.92 -96.02
CA TRP J 470 -81.86 -35.85 -96.96
C TRP J 470 -81.05 -35.94 -98.25
N MET J 471 -80.70 -37.17 -98.64
CA MET J 471 -79.84 -37.36 -99.81
C MET J 471 -80.45 -38.30 -100.81
N ALA J 472 -80.18 -38.01 -102.08
CA ALA J 472 -80.60 -38.90 -103.17
C ALA J 472 -79.58 -38.91 -104.30
N ILE J 473 -79.49 -40.05 -104.99
CA ILE J 473 -78.65 -40.12 -106.18
C ILE J 473 -79.57 -40.12 -107.37
N LYS J 474 -79.32 -39.23 -108.33
CA LYS J 474 -80.16 -39.09 -109.53
C LYS J 474 -79.39 -39.38 -110.80
N LEU J 475 -79.76 -40.47 -111.47
CA LEU J 475 -79.20 -40.80 -112.78
C LEU J 475 -80.14 -40.34 -113.91
N ASP J 476 -79.59 -39.73 -114.96
CA ASP J 476 -80.41 -39.31 -116.11
C ASP J 476 -80.09 -40.12 -117.37
N GLN J 477 -78.96 -40.80 -117.34
CA GLN J 477 -78.55 -41.64 -118.46
C GLN J 477 -78.11 -43.00 -117.94
N ALA J 478 -78.93 -43.57 -117.07
CA ALA J 478 -78.50 -44.71 -116.29
C ALA J 478 -78.11 -45.90 -117.16
N LYS J 479 -78.74 -46.03 -118.33
CA LYS J 479 -78.45 -47.16 -119.20
C LYS J 479 -77.03 -47.09 -119.77
N SER J 480 -76.43 -45.90 -119.68
CA SER J 480 -75.03 -45.70 -120.10
C SER J 480 -74.02 -46.08 -119.01
N ILE J 481 -74.51 -46.56 -117.87
CA ILE J 481 -73.63 -46.92 -116.76
C ILE J 481 -73.60 -48.43 -116.55
N LYS J 482 -72.40 -49.01 -116.57
CA LYS J 482 -72.33 -50.46 -116.40
C LYS J 482 -72.43 -50.81 -114.93
N VAL J 483 -71.85 -49.95 -114.09
CA VAL J 483 -71.94 -50.11 -112.63
C VAL J 483 -71.71 -48.79 -111.90
N LEU J 484 -72.53 -48.55 -110.88
CA LEU J 484 -72.33 -47.43 -109.98
C LEU J 484 -72.00 -48.03 -108.62
N ARG J 485 -70.77 -47.83 -108.16
CA ARG J 485 -70.37 -48.35 -106.86
C ARG J 485 -70.30 -47.25 -105.81
N VAL J 486 -70.86 -47.52 -104.63
CA VAL J 486 -70.82 -46.58 -103.51
C VAL J 486 -70.04 -47.15 -102.35
N LEU J 487 -68.87 -46.57 -102.06
CA LEU J 487 -68.07 -46.93 -100.91
C LEU J 487 -68.26 -45.91 -99.81
N CYS J 488 -68.14 -46.36 -98.56
CA CYS J 488 -68.24 -45.45 -97.43
C CYS J 488 -67.11 -45.70 -96.42
N LYS J 489 -66.84 -44.67 -95.62
CA LYS J 489 -65.78 -44.68 -94.60
C LYS J 489 -66.28 -43.83 -93.44
N PRO J 490 -66.64 -44.50 -92.34
CA PRO J 490 -67.22 -43.77 -91.20
C PRO J 490 -66.21 -42.79 -90.60
N ARG J 491 -66.65 -41.56 -90.40
CA ARG J 491 -65.85 -40.59 -89.64
C ARG J 491 -65.77 -41.01 -88.20
N PRO J 492 -64.64 -40.69 -87.56
CA PRO J 492 -64.38 -41.08 -86.17
C PRO J 492 -65.55 -40.69 -85.30
N GLY J 493 -65.93 -41.58 -84.39
CA GLY J 493 -67.00 -41.27 -83.47
C GLY J 493 -68.34 -41.79 -83.94
N PHE J 494 -68.34 -42.66 -84.93
CA PHE J 494 -69.60 -43.26 -85.36
C PHE J 494 -70.09 -44.18 -84.24
N SER J 495 -71.29 -43.92 -83.73
CA SER J 495 -71.74 -44.50 -82.46
C SER J 495 -72.88 -45.49 -82.57
N PHE J 496 -72.85 -46.49 -81.71
CA PHE J 496 -73.89 -47.50 -81.67
C PHE J 496 -74.44 -47.59 -80.26
N TYR J 497 -75.76 -47.77 -80.15
CA TYR J 497 -76.43 -47.82 -78.86
C TYR J 497 -77.23 -49.09 -78.70
N GLY J 498 -77.08 -49.74 -77.54
CA GLY J 498 -77.86 -50.92 -77.21
C GLY J 498 -77.59 -52.20 -78.01
N ARG J 499 -76.63 -53.00 -77.56
CA ARG J 499 -76.32 -54.24 -78.29
C ARG J 499 -77.51 -55.18 -78.35
N THR J 500 -77.71 -55.76 -79.53
CA THR J 500 -78.79 -56.71 -79.77
C THR J 500 -78.41 -57.68 -80.92
N SER J 501 -79.40 -58.34 -81.50
CA SER J 501 -79.12 -59.25 -82.61
C SER J 501 -80.07 -59.03 -83.78
N PHE J 502 -79.85 -59.78 -84.86
CA PHE J 502 -80.58 -59.57 -86.09
C PHE J 502 -80.68 -60.85 -86.90
N PRO J 503 -81.78 -61.58 -86.73
CA PRO J 503 -82.03 -62.80 -87.48
C PRO J 503 -82.53 -62.50 -88.88
N VAL J 504 -81.95 -63.19 -89.88
CA VAL J 504 -82.42 -63.13 -91.27
C VAL J 504 -82.45 -64.52 -91.89
N GLY K 1 48.57 3.11 -103.65
CA GLY K 1 48.30 3.95 -104.81
C GLY K 1 48.74 3.34 -106.14
N LEU K 2 48.43 4.02 -107.23
CA LEU K 2 48.81 3.50 -108.54
C LEU K 2 50.33 3.41 -108.62
N ALA K 3 50.82 2.22 -108.93
CA ALA K 3 52.26 1.92 -108.84
C ALA K 3 52.89 1.76 -110.23
N GLY K 4 52.09 1.26 -111.15
CA GLY K 4 52.55 1.08 -112.52
C GLY K 4 51.40 0.79 -113.46
N ARG K 5 51.64 0.90 -114.76
CA ARG K 5 50.58 0.67 -115.73
C ARG K 5 51.12 0.17 -117.07
N GLY K 6 50.22 -0.31 -117.91
CA GLY K 6 50.57 -0.83 -119.21
C GLY K 6 49.33 -0.96 -120.08
N VAL K 7 49.54 -1.29 -121.35
CA VAL K 7 48.44 -1.35 -122.28
C VAL K 7 48.46 -2.65 -123.08
N ILE K 8 47.31 -3.30 -123.18
CA ILE K 8 47.19 -4.49 -124.02
C ILE K 8 46.40 -4.12 -125.28
N TYR K 9 46.93 -4.50 -126.45
CA TYR K 9 46.21 -4.17 -127.69
C TYR K 9 45.36 -5.33 -128.17
N ILE K 10 44.06 -5.09 -128.24
CA ILE K 10 43.10 -6.06 -128.75
C ILE K 10 42.81 -5.84 -130.27
N PRO K 11 42.98 -6.90 -131.09
CA PRO K 11 42.61 -6.90 -132.51
C PRO K 11 41.10 -6.99 -132.69
N LYS K 12 40.56 -6.38 -133.74
CA LYS K 12 39.10 -6.38 -133.94
C LYS K 12 38.55 -7.79 -134.07
N ASP K 13 39.31 -8.68 -134.69
CA ASP K 13 38.95 -10.08 -134.73
C ASP K 13 39.83 -10.84 -133.73
N CYS K 14 39.28 -10.98 -132.52
CA CYS K 14 40.00 -11.65 -131.44
C CYS K 14 39.58 -13.10 -131.35
N GLN K 15 40.38 -13.98 -131.96
CA GLN K 15 40.11 -15.42 -132.02
C GLN K 15 40.57 -16.16 -130.75
N ALA K 16 40.06 -17.36 -130.54
CA ALA K 16 40.55 -18.14 -129.40
C ALA K 16 42.03 -18.45 -129.61
N ASN K 17 42.80 -18.37 -128.53
CA ASN K 17 44.21 -18.72 -128.53
C ASN K 17 45.13 -17.64 -129.06
N ARG K 18 44.58 -16.44 -129.25
CA ARG K 18 45.34 -15.29 -129.69
C ARG K 18 46.22 -14.74 -128.56
N TYR K 19 47.52 -14.68 -128.79
CA TYR K 19 48.40 -14.02 -127.81
C TYR K 19 48.24 -12.49 -127.93
N LEU K 20 48.00 -11.82 -126.82
CA LEU K 20 47.70 -10.39 -126.85
C LEU K 20 48.89 -9.52 -126.42
N GLY K 21 49.76 -10.10 -125.61
CA GLY K 21 50.95 -9.43 -125.18
C GLY K 21 51.35 -9.78 -123.78
N THR K 22 52.57 -9.38 -123.42
CA THR K 22 53.07 -9.61 -122.08
C THR K 22 53.50 -8.30 -121.44
N LEU K 23 53.09 -8.09 -120.20
CA LEU K 23 53.57 -6.95 -119.45
C LEU K 23 54.62 -7.42 -118.47
N ASN K 24 55.68 -6.65 -118.32
CA ASN K 24 56.70 -6.97 -117.35
C ASN K 24 56.41 -6.19 -116.05
N ILE K 25 56.10 -6.89 -114.97
CA ILE K 25 55.64 -6.22 -113.75
C ILE K 25 56.62 -5.20 -113.26
N ARG K 26 57.91 -5.52 -113.31
CA ARG K 26 58.87 -4.56 -112.77
C ARG K 26 59.02 -3.36 -113.70
N ASP K 27 59.00 -3.61 -115.00
CA ASP K 27 58.98 -2.51 -115.96
C ASP K 27 57.75 -1.58 -115.85
N MET K 28 56.58 -2.14 -115.55
CA MET K 28 55.38 -1.32 -115.36
C MET K 28 55.62 -0.28 -114.25
N ILE K 29 56.29 -0.72 -113.20
CA ILE K 29 56.51 0.15 -112.05
C ILE K 29 57.63 1.14 -112.32
N SER K 30 58.67 0.70 -113.02
CA SER K 30 59.84 1.56 -113.26
C SER K 30 59.65 2.55 -114.40
N ASP K 31 58.83 2.19 -115.39
CA ASP K 31 58.57 3.11 -116.49
C ASP K 31 57.64 4.22 -116.02
N PHE K 32 56.79 3.87 -115.06
CA PHE K 32 55.83 4.81 -114.50
C PHE K 32 56.59 5.82 -113.62
N LYS K 33 57.21 5.34 -112.55
CA LYS K 33 58.31 6.09 -111.92
C LYS K 33 57.96 7.45 -111.30
N GLY K 34 56.84 7.59 -110.58
CA GLY K 34 56.21 6.56 -109.81
C GLY K 34 56.50 6.98 -108.37
N VAL K 35 55.49 7.37 -107.58
CA VAL K 35 55.74 7.57 -106.14
C VAL K 35 56.14 6.25 -105.49
N GLN K 36 55.47 5.18 -105.89
CA GLN K 36 55.79 3.85 -105.39
C GLN K 36 57.17 3.37 -105.85
N TYR K 37 57.50 3.60 -107.11
CA TYR K 37 58.84 3.27 -107.62
C TYR K 37 59.94 3.92 -106.78
N GLU K 38 59.77 5.20 -106.46
CA GLU K 38 60.76 5.90 -105.67
C GLU K 38 60.82 5.40 -104.23
N LYS K 39 59.69 4.99 -103.65
CA LYS K 39 59.71 4.37 -102.32
C LYS K 39 60.48 3.05 -102.37
N TRP K 40 60.41 2.40 -103.52
CA TRP K 40 61.04 1.10 -103.74
C TRP K 40 62.56 1.21 -103.71
N ILE K 41 63.10 2.19 -104.42
CA ILE K 41 64.56 2.43 -104.41
C ILE K 41 65.13 2.56 -103.00
N THR K 42 64.36 3.13 -102.09
CA THR K 42 64.82 3.34 -100.72
C THR K 42 64.69 2.05 -99.90
N ALA K 43 63.63 1.30 -100.14
CA ALA K 43 63.40 0.05 -99.46
C ALA K 43 64.46 -0.96 -99.85
N GLY K 44 64.82 -0.95 -101.14
CA GLY K 44 65.68 -1.98 -101.70
C GLY K 44 64.86 -3.21 -102.08
N LEU K 45 64.33 -3.90 -101.07
CA LEU K 45 63.49 -5.08 -101.26
C LEU K 45 62.04 -4.84 -100.95
N VAL K 46 61.14 -5.29 -101.82
CA VAL K 46 59.71 -5.20 -101.55
C VAL K 46 59.01 -6.56 -101.74
N MET K 47 58.01 -6.85 -100.91
CA MET K 47 57.17 -8.07 -101.06
C MET K 47 55.72 -7.71 -101.21
N PRO K 48 55.36 -6.99 -102.28
CA PRO K 48 54.10 -6.25 -102.38
C PRO K 48 52.87 -7.13 -102.30
N THR K 49 51.76 -6.55 -101.88
CA THR K 49 50.47 -7.11 -102.19
C THR K 49 49.90 -6.21 -103.25
N PHE K 50 49.85 -6.69 -104.48
CA PHE K 50 49.30 -5.93 -105.61
C PHE K 50 47.78 -6.07 -105.72
N LYS K 51 47.13 -4.98 -106.11
CA LYS K 51 45.78 -5.08 -106.69
C LYS K 51 46.00 -4.84 -108.18
N ILE K 52 45.67 -5.84 -109.00
CA ILE K 52 45.72 -5.66 -110.44
C ILE K 52 44.35 -5.29 -110.95
N VAL K 53 44.28 -4.23 -111.74
CA VAL K 53 43.01 -3.81 -112.33
C VAL K 53 43.14 -3.73 -113.84
N ILE K 54 42.25 -4.43 -114.54
CA ILE K 54 42.23 -4.34 -115.99
C ILE K 54 41.01 -3.55 -116.41
N ARG K 55 41.24 -2.39 -117.01
CA ARG K 55 40.14 -1.55 -117.47
C ARG K 55 39.80 -1.84 -118.92
N LEU K 56 38.51 -1.90 -119.16
CA LEU K 56 37.97 -2.84 -120.13
C LEU K 56 36.50 -2.49 -120.25
N PRO K 57 36.06 -2.09 -121.45
CA PRO K 57 34.65 -1.70 -121.57
C PRO K 57 33.72 -2.92 -121.55
N ALA K 58 32.80 -2.94 -120.59
CA ALA K 58 31.91 -4.10 -120.44
C ALA K 58 31.03 -4.25 -121.68
N ASN K 59 30.85 -5.48 -122.13
CA ASN K 59 30.02 -5.74 -123.30
C ASN K 59 29.46 -7.16 -123.30
N ALA K 60 28.15 -7.26 -123.42
CA ALA K 60 27.53 -8.58 -123.37
C ALA K 60 27.33 -9.21 -124.73
N PHE K 61 27.82 -8.56 -125.78
CA PHE K 61 27.50 -8.96 -127.14
C PHE K 61 28.66 -9.56 -127.94
N THR K 62 29.70 -10.03 -127.25
CA THR K 62 30.90 -10.49 -127.94
C THR K 62 31.21 -11.95 -127.65
N GLY K 63 31.06 -12.36 -126.40
CA GLY K 63 31.42 -13.73 -126.05
C GLY K 63 32.89 -13.86 -125.67
N LEU K 64 33.61 -12.73 -125.73
CA LEU K 64 35.02 -12.68 -125.40
C LEU K 64 35.36 -13.04 -123.96
N THR K 65 36.32 -13.94 -123.78
CA THR K 65 36.88 -14.24 -122.48
C THR K 65 38.41 -14.32 -122.58
N TRP K 66 39.11 -13.60 -121.71
CA TRP K 66 40.56 -13.55 -121.74
C TRP K 66 41.12 -14.21 -120.49
N VAL K 67 42.40 -14.58 -120.55
CA VAL K 67 43.09 -15.09 -119.37
C VAL K 67 44.33 -14.26 -119.06
N MET K 68 44.37 -13.72 -117.84
CA MET K 68 45.61 -13.14 -117.31
C MET K 68 46.38 -14.23 -116.58
N SER K 69 47.61 -14.48 -117.01
CA SER K 69 48.42 -15.53 -116.41
C SER K 69 49.60 -14.89 -115.69
N PHE K 70 49.74 -15.19 -114.40
CA PHE K 70 50.87 -14.67 -113.61
C PHE K 70 52.05 -15.65 -113.69
N ASP K 71 53.04 -15.26 -114.48
CA ASP K 71 54.18 -16.12 -114.71
C ASP K 71 55.44 -15.51 -114.07
N ALA K 72 55.57 -15.67 -112.75
CA ALA K 72 56.63 -14.95 -112.03
C ALA K 72 58.02 -15.45 -112.40
N TYR K 73 58.09 -16.67 -112.94
CA TYR K 73 59.39 -17.28 -113.21
C TYR K 73 59.62 -17.53 -114.69
N ASN K 74 58.81 -16.87 -115.51
CA ASN K 74 59.03 -16.82 -116.95
C ASN K 74 59.09 -18.22 -117.58
N ARG K 75 58.09 -19.04 -117.30
CA ARG K 75 58.15 -20.43 -117.69
C ARG K 75 57.31 -20.74 -118.93
N ILE K 76 56.26 -19.94 -119.17
CA ILE K 76 55.45 -20.16 -120.38
C ILE K 76 55.67 -19.12 -121.50
N THR K 77 56.21 -17.96 -121.16
CA THR K 77 56.49 -16.92 -122.16
C THR K 77 56.98 -17.42 -123.52
N SER K 78 58.04 -18.21 -123.53
CA SER K 78 58.63 -18.68 -124.79
C SER K 78 57.65 -19.45 -125.67
N ARG K 79 56.63 -20.06 -125.07
CA ARG K 79 55.81 -21.03 -125.76
C ARG K 79 54.44 -20.48 -126.18
N ILE K 80 54.15 -19.23 -125.86
CA ILE K 80 52.82 -18.69 -126.17
C ILE K 80 52.80 -17.49 -127.12
N THR K 81 53.97 -17.00 -127.52
CA THR K 81 54.03 -15.74 -128.27
C THR K 81 53.56 -15.84 -129.72
N ALA K 82 53.48 -17.05 -130.25
CA ALA K 82 52.95 -17.26 -131.60
C ALA K 82 51.47 -17.55 -131.45
N SER K 83 51.17 -18.38 -130.47
CA SER K 83 49.82 -18.83 -130.24
C SER K 83 49.73 -19.42 -128.84
N ALA K 84 48.74 -18.95 -128.09
CA ALA K 84 48.60 -19.33 -126.69
C ALA K 84 47.64 -20.49 -126.47
N ASP K 85 48.17 -21.71 -126.34
CA ASP K 85 47.30 -22.86 -126.06
C ASP K 85 46.84 -22.76 -124.59
N PRO K 86 45.55 -22.99 -124.33
CA PRO K 86 45.05 -22.88 -122.95
C PRO K 86 45.81 -23.77 -121.94
N VAL K 87 46.37 -24.90 -122.38
CA VAL K 87 47.10 -25.75 -121.45
C VAL K 87 48.27 -25.02 -120.83
N TYR K 88 48.97 -24.19 -121.60
CA TYR K 88 50.02 -23.33 -121.05
C TYR K 88 49.46 -22.20 -120.18
N THR K 89 48.51 -21.46 -120.71
CA THR K 89 48.03 -20.26 -120.01
C THR K 89 47.33 -20.54 -118.70
N LEU K 90 46.78 -21.76 -118.55
CA LEU K 90 46.09 -22.15 -117.31
C LEU K 90 46.96 -22.96 -116.34
N SER K 91 48.21 -23.19 -116.71
CA SER K 91 49.14 -24.00 -115.91
C SER K 91 49.87 -23.21 -114.81
N VAL K 92 49.71 -21.89 -114.85
CA VAL K 92 50.24 -21.04 -113.80
C VAL K 92 49.09 -20.27 -113.17
N PRO K 93 49.33 -19.61 -112.03
CA PRO K 93 48.21 -18.86 -111.45
C PRO K 93 47.59 -17.92 -112.48
N HIS K 94 46.26 -17.89 -112.53
CA HIS K 94 45.58 -17.16 -113.58
C HIS K 94 44.16 -16.75 -113.22
N TRP K 95 43.60 -15.86 -114.02
CA TRP K 95 42.27 -15.33 -113.76
C TRP K 95 41.48 -15.23 -115.05
N LEU K 96 40.19 -15.60 -115.01
CA LEU K 96 39.32 -15.43 -116.17
C LEU K 96 38.75 -14.03 -116.21
N ILE K 97 38.85 -13.41 -117.38
CA ILE K 97 38.34 -12.05 -117.56
C ILE K 97 37.18 -12.09 -118.54
N HIS K 98 35.96 -12.00 -118.02
CA HIS K 98 34.78 -12.02 -118.88
C HIS K 98 34.41 -10.63 -119.38
N HIS K 99 34.18 -10.54 -120.69
CA HIS K 99 33.91 -9.26 -121.30
C HIS K 99 32.60 -8.69 -120.78
N LYS K 100 31.65 -9.56 -120.49
CA LYS K 100 30.34 -9.11 -120.01
C LYS K 100 30.42 -8.38 -118.65
N LEU K 101 31.47 -8.67 -117.88
CA LEU K 101 31.64 -8.07 -116.55
C LEU K 101 32.43 -6.76 -116.55
N GLY K 102 32.98 -6.39 -117.70
CA GLY K 102 33.77 -5.18 -117.81
C GLY K 102 35.05 -5.18 -116.98
N THR K 103 35.30 -4.03 -116.36
CA THR K 103 36.54 -3.83 -115.62
C THR K 103 36.76 -4.91 -114.56
N PHE K 104 37.96 -5.46 -114.56
CA PHE K 104 38.32 -6.61 -113.75
C PHE K 104 39.36 -6.26 -112.70
N SER K 105 39.29 -6.92 -111.56
CA SER K 105 40.25 -6.68 -110.50
C SER K 105 40.58 -7.97 -109.72
N CYS K 106 41.80 -8.08 -109.24
CA CYS K 106 42.17 -9.19 -108.35
C CYS K 106 43.35 -8.82 -107.46
N GLU K 107 43.60 -9.62 -106.44
CA GLU K 107 44.76 -9.41 -105.58
C GLU K 107 45.85 -10.45 -105.82
N ILE K 108 47.08 -9.98 -105.83
CA ILE K 108 48.22 -10.87 -105.93
C ILE K 108 49.10 -10.64 -104.70
N ASP K 109 49.11 -11.60 -103.79
CA ASP K 109 50.02 -11.52 -102.67
C ASP K 109 51.33 -12.08 -103.19
N TYR K 110 52.25 -11.19 -103.50
CA TYR K 110 53.50 -11.57 -104.13
C TYR K 110 54.29 -12.49 -103.22
N GLY K 111 54.04 -12.40 -101.92
CA GLY K 111 54.63 -13.32 -100.97
C GLY K 111 54.26 -14.78 -101.21
N GLU K 112 52.99 -15.03 -101.54
CA GLU K 112 52.53 -16.39 -101.83
C GLU K 112 52.76 -16.80 -103.27
N LEU K 113 52.15 -16.08 -104.21
CA LEU K 113 52.23 -16.44 -105.63
C LEU K 113 53.63 -16.42 -106.22
N CYS K 114 54.52 -15.63 -105.62
CA CYS K 114 55.87 -15.58 -106.12
C CYS K 114 56.91 -16.15 -105.15
N GLY K 115 56.99 -15.63 -103.93
CA GLY K 115 57.86 -16.18 -102.90
C GLY K 115 59.18 -15.49 -102.59
N HIS K 116 59.75 -14.76 -103.56
CA HIS K 116 60.93 -13.95 -103.28
C HIS K 116 60.69 -12.44 -103.44
N ALA K 117 61.38 -11.62 -102.63
CA ALA K 117 61.23 -10.17 -102.68
C ALA K 117 61.96 -9.51 -103.86
N MET K 118 61.38 -8.43 -104.34
CA MET K 118 61.86 -7.78 -105.55
C MET K 118 62.94 -6.74 -105.24
N TRP K 119 64.05 -6.84 -105.95
CA TRP K 119 65.16 -5.92 -105.79
C TRP K 119 65.05 -4.76 -106.78
N PHE K 120 65.11 -3.55 -106.25
CA PHE K 120 64.86 -2.36 -107.06
C PHE K 120 65.74 -2.21 -108.31
N LYS K 121 67.00 -2.65 -108.25
CA LYS K 121 67.94 -2.34 -109.33
C LYS K 121 68.00 -3.36 -110.45
N SER K 122 67.60 -4.59 -110.19
CA SER K 122 67.69 -5.64 -111.19
C SER K 122 66.88 -6.87 -110.81
N THR K 123 66.56 -7.66 -111.83
CA THR K 123 65.89 -8.92 -111.62
C THR K 123 66.82 -9.85 -110.84
N THR K 124 66.30 -10.51 -109.81
CA THR K 124 67.09 -11.46 -109.06
C THR K 124 67.16 -12.82 -109.77
N PHE K 125 66.01 -13.48 -109.89
CA PHE K 125 65.99 -14.77 -110.56
C PHE K 125 65.54 -14.65 -111.98
N GLU K 126 64.24 -14.69 -112.20
CA GLU K 126 63.74 -14.31 -113.49
C GLU K 126 62.79 -13.14 -113.32
N SER K 127 62.48 -12.47 -114.43
CA SER K 127 61.65 -11.27 -114.44
C SER K 127 60.17 -11.60 -114.53
N PRO K 128 59.38 -11.23 -113.50
CA PRO K 128 57.94 -11.56 -113.37
C PRO K 128 57.04 -10.94 -114.45
N ARG K 129 56.25 -11.77 -115.13
CA ARG K 129 55.42 -11.31 -116.23
C ARG K 129 53.92 -11.53 -116.01
N LEU K 130 53.11 -10.67 -116.62
CA LEU K 130 51.68 -10.91 -116.80
C LEU K 130 51.39 -11.19 -118.28
N HIS K 131 50.83 -12.35 -118.59
CA HIS K 131 50.48 -12.66 -119.97
C HIS K 131 48.99 -12.48 -120.21
N PHE K 132 48.63 -11.89 -121.34
CA PHE K 132 47.23 -11.74 -121.70
C PHE K 132 46.90 -12.49 -122.97
N THR K 133 46.02 -13.47 -122.84
CA THR K 133 45.65 -14.33 -123.96
C THR K 133 44.15 -14.40 -124.08
N CYS K 134 43.67 -14.79 -125.24
CA CYS K 134 42.23 -14.91 -125.43
C CYS K 134 41.80 -16.36 -125.32
N LEU K 135 40.91 -16.65 -124.37
CA LEU K 135 40.48 -18.04 -124.08
C LEU K 135 39.36 -18.50 -125.00
N THR K 136 38.32 -17.67 -125.11
CA THR K 136 37.22 -17.86 -126.04
C THR K 136 37.11 -16.61 -126.91
N GLY K 137 36.96 -16.81 -128.22
CA GLY K 137 36.96 -15.71 -129.15
C GLY K 137 35.63 -14.99 -129.28
N ASN K 138 35.64 -13.85 -129.99
CA ASN K 138 34.42 -13.11 -130.25
C ASN K 138 33.56 -13.85 -131.27
N ASN K 139 32.25 -13.69 -131.19
CA ASN K 139 31.33 -14.46 -132.02
C ASN K 139 31.43 -14.01 -133.48
N LYS K 140 31.80 -12.74 -133.66
CA LYS K 140 32.05 -12.13 -134.96
C LYS K 140 33.02 -11.01 -134.64
N GLU K 141 33.78 -10.54 -135.63
CA GLU K 141 34.76 -9.48 -135.34
C GLU K 141 34.04 -8.21 -134.88
N LEU K 142 34.74 -7.38 -134.14
CA LEU K 142 34.17 -6.13 -133.68
C LEU K 142 34.39 -5.06 -134.76
N ALA K 143 33.98 -3.84 -134.45
CA ALA K 143 34.06 -2.77 -135.44
C ALA K 143 35.48 -2.32 -135.75
N ALA K 144 36.34 -2.32 -134.74
CA ALA K 144 37.70 -1.81 -134.90
C ALA K 144 38.64 -2.34 -133.84
N ASP K 145 39.94 -2.18 -134.07
CA ASP K 145 40.96 -2.48 -133.07
C ASP K 145 40.71 -1.61 -131.83
N TRP K 146 41.03 -2.15 -130.65
CA TRP K 146 40.94 -1.38 -129.42
C TRP K 146 42.04 -1.73 -128.41
N GLN K 147 41.99 -1.12 -127.23
CA GLN K 147 42.96 -1.45 -126.21
C GLN K 147 42.33 -1.53 -124.83
N ALA K 148 43.02 -2.24 -123.93
CA ALA K 148 42.65 -2.29 -122.52
C ALA K 148 43.84 -1.77 -121.71
N VAL K 149 43.56 -1.22 -120.53
CA VAL K 149 44.61 -0.69 -119.69
C VAL K 149 44.80 -1.60 -118.48
N VAL K 150 46.05 -1.95 -118.18
CA VAL K 150 46.38 -2.72 -116.99
C VAL K 150 47.04 -1.82 -115.94
N GLU K 151 46.54 -1.86 -114.72
CA GLU K 151 47.08 -1.03 -113.65
C GLU K 151 47.49 -1.82 -112.41
N LEU K 152 48.65 -1.47 -111.83
CA LEU K 152 49.13 -2.07 -110.58
C LEU K 152 48.97 -1.07 -109.46
N TYR K 153 48.19 -1.43 -108.44
CA TYR K 153 48.05 -0.61 -107.25
C TYR K 153 48.74 -1.31 -106.10
N ALA K 154 49.52 -0.55 -105.32
CA ALA K 154 50.24 -1.15 -104.20
C ALA K 154 50.71 -0.05 -103.27
N GLU K 155 50.87 -0.38 -102.00
CA GLU K 155 51.61 0.50 -101.10
C GLU K 155 52.90 -0.16 -100.69
N LEU K 156 53.96 0.06 -101.48
CA LEU K 156 55.25 -0.59 -101.27
C LEU K 156 55.91 -0.21 -99.96
N GLU K 157 56.25 -1.21 -99.16
CA GLU K 157 57.09 -0.98 -97.99
C GLU K 157 58.26 -1.96 -97.96
N GLU K 158 59.32 -1.58 -97.23
CA GLU K 158 60.54 -2.37 -97.20
C GLU K 158 60.27 -3.78 -96.70
N ALA K 159 60.78 -4.75 -97.43
CA ALA K 159 60.67 -6.16 -97.07
C ALA K 159 61.68 -6.56 -96.00
N THR K 160 61.19 -7.28 -95.00
CA THR K 160 61.99 -7.68 -93.87
C THR K 160 62.84 -8.92 -94.17
N SER K 161 62.32 -9.82 -95.00
CA SER K 161 63.01 -11.07 -95.33
C SER K 161 63.10 -11.26 -96.83
N PHE K 162 64.03 -12.09 -97.29
CA PHE K 162 64.15 -12.36 -98.72
C PHE K 162 63.03 -13.28 -99.19
N LEU K 163 62.71 -14.27 -98.35
CA LEU K 163 61.76 -15.30 -98.74
C LEU K 163 60.38 -15.05 -98.18
N GLY K 164 59.37 -15.45 -98.94
CA GLY K 164 57.99 -15.40 -98.49
C GLY K 164 57.68 -16.54 -97.53
N LYS K 165 56.40 -16.86 -97.40
CA LYS K 165 55.99 -18.07 -96.69
C LYS K 165 55.79 -19.12 -97.76
N PRO K 166 56.21 -20.36 -97.48
CA PRO K 166 56.17 -21.42 -98.50
C PRO K 166 54.73 -21.78 -98.88
N THR K 167 54.44 -21.77 -100.17
CA THR K 167 53.16 -22.19 -100.73
C THR K 167 52.87 -23.65 -100.38
N LEU K 168 53.92 -24.47 -100.26
CA LEU K 168 53.77 -25.92 -100.10
C LEU K 168 54.92 -26.54 -99.32
N VAL K 169 54.62 -27.44 -98.41
CA VAL K 169 55.67 -28.21 -97.74
C VAL K 169 55.51 -29.70 -98.01
N PHE K 170 56.60 -30.33 -98.43
CA PHE K 170 56.54 -31.70 -98.92
C PHE K 170 56.05 -32.69 -97.89
N ASP K 171 55.02 -33.44 -98.28
CA ASP K 171 54.38 -34.47 -97.46
C ASP K 171 53.59 -35.42 -98.36
N PRO K 172 54.03 -36.68 -98.44
CA PRO K 172 53.51 -37.73 -99.30
C PRO K 172 52.07 -38.03 -98.96
N GLY K 173 51.79 -38.04 -97.67
CA GLY K 173 50.50 -38.46 -97.17
C GLY K 173 49.51 -37.31 -97.09
N VAL K 174 49.82 -36.21 -97.76
CA VAL K 174 48.92 -35.07 -97.70
C VAL K 174 48.63 -34.37 -99.04
N PHE K 175 47.45 -34.74 -99.54
CA PHE K 175 46.72 -34.14 -100.63
C PHE K 175 45.30 -34.05 -100.09
N ASN K 176 44.89 -32.85 -99.66
CA ASN K 176 43.57 -32.63 -99.08
C ASN K 176 42.40 -33.06 -99.97
N GLY K 177 42.39 -32.53 -101.19
CA GLY K 177 41.26 -32.71 -102.09
C GLY K 177 40.74 -31.36 -102.54
N LYS K 178 41.30 -30.28 -101.99
CA LYS K 178 40.99 -28.93 -102.42
C LYS K 178 42.02 -28.48 -103.47
N PHE K 179 41.58 -27.74 -104.50
CA PHE K 179 42.47 -27.26 -105.54
C PHE K 179 42.44 -25.73 -105.63
N GLN K 180 43.52 -25.14 -106.12
CA GLN K 180 43.45 -23.78 -106.64
C GLN K 180 43.94 -23.73 -108.09
N PHE K 181 43.38 -22.80 -108.86
CA PHE K 181 43.79 -22.59 -110.24
C PHE K 181 43.71 -23.83 -111.11
N LEU K 182 42.66 -24.62 -110.89
CA LEU K 182 42.41 -25.78 -111.73
C LEU K 182 41.31 -25.44 -112.70
N THR K 183 41.71 -25.02 -113.90
CA THR K 183 40.77 -24.62 -114.94
C THR K 183 40.95 -25.52 -116.16
N CYS K 184 39.86 -26.10 -116.64
CA CYS K 184 39.88 -26.95 -117.83
C CYS K 184 39.82 -26.09 -119.07
N PRO K 185 40.62 -26.43 -120.09
CA PRO K 185 40.47 -25.76 -121.38
C PRO K 185 39.03 -25.78 -121.86
N PRO K 186 38.65 -24.79 -122.67
CA PRO K 186 37.26 -24.62 -123.10
C PRO K 186 36.72 -25.82 -123.85
N ILE K 187 35.47 -26.15 -123.55
CA ILE K 187 34.71 -27.19 -124.25
C ILE K 187 33.75 -26.48 -125.22
N PHE K 188 33.62 -26.97 -126.45
CA PHE K 188 32.79 -26.27 -127.45
C PHE K 188 31.57 -27.05 -127.96
N PHE K 189 30.45 -26.36 -128.13
CA PHE K 189 29.23 -26.96 -128.67
C PHE K 189 28.84 -26.30 -129.98
N ASP K 190 28.61 -27.11 -131.01
CA ASP K 190 28.17 -26.57 -132.30
C ASP K 190 26.68 -26.27 -132.25
N LEU K 191 26.26 -25.21 -132.93
CA LEU K 191 24.81 -24.94 -132.97
C LEU K 191 24.12 -25.65 -134.12
N THR K 192 24.90 -26.38 -134.91
CA THR K 192 24.36 -27.19 -135.99
C THR K 192 24.04 -28.60 -135.49
N ALA K 193 23.95 -28.75 -134.18
CA ALA K 193 23.67 -30.05 -133.61
C ALA K 193 22.56 -29.98 -132.58
N VAL K 194 21.53 -30.80 -132.79
CA VAL K 194 20.36 -30.75 -131.89
C VAL K 194 20.65 -31.23 -130.47
N THR K 195 21.52 -32.23 -130.32
CA THR K 195 22.08 -32.55 -129.03
C THR K 195 23.58 -32.84 -129.20
N ALA K 196 24.29 -32.96 -128.08
CA ALA K 196 25.71 -33.25 -128.13
C ALA K 196 26.29 -33.66 -126.78
N LEU K 197 27.41 -34.36 -126.84
CA LEU K 197 28.12 -34.73 -125.63
C LEU K 197 29.54 -34.20 -125.68
N ARG K 198 30.00 -33.69 -124.55
CA ARG K 198 31.41 -33.41 -124.39
C ARG K 198 31.92 -34.00 -123.09
N SER K 199 32.95 -34.82 -123.20
CA SER K 199 33.53 -35.43 -122.01
C SER K 199 34.71 -34.63 -121.44
N ALA K 200 34.80 -34.59 -120.13
CA ALA K 200 35.98 -34.11 -119.45
C ALA K 200 36.52 -35.25 -118.59
N GLY K 201 37.76 -35.66 -118.82
CA GLY K 201 38.35 -36.75 -118.06
C GLY K 201 38.54 -36.34 -116.61
N LEU K 202 38.40 -37.31 -115.69
CA LEU K 202 38.55 -37.02 -114.29
C LEU K 202 39.81 -37.69 -113.74
N THR K 203 40.63 -38.20 -114.64
CA THR K 203 41.91 -38.78 -114.27
C THR K 203 42.94 -37.65 -114.11
N LEU K 204 42.79 -36.91 -113.02
CA LEU K 204 43.44 -35.61 -112.84
C LEU K 204 44.96 -35.63 -112.64
N GLY K 205 45.53 -36.81 -112.41
CA GLY K 205 46.97 -36.91 -112.21
C GLY K 205 47.73 -37.00 -113.53
N GLN K 206 46.98 -37.15 -114.61
CA GLN K 206 47.55 -37.23 -115.96
C GLN K 206 48.23 -35.90 -116.30
N VAL K 207 49.41 -35.96 -116.89
CA VAL K 207 50.08 -34.71 -117.26
C VAL K 207 49.59 -34.22 -118.62
N PRO K 208 49.15 -32.97 -118.68
CA PRO K 208 48.53 -32.38 -119.87
C PRO K 208 49.56 -32.23 -120.96
N MET K 209 49.11 -32.24 -122.20
CA MET K 209 50.07 -32.09 -123.30
C MET K 209 49.64 -31.09 -124.35
N VAL K 210 50.64 -30.52 -125.03
CA VAL K 210 50.41 -29.65 -126.16
C VAL K 210 51.32 -30.16 -127.27
N GLY K 211 50.73 -30.93 -128.18
CA GLY K 211 51.52 -31.65 -129.15
C GLY K 211 52.36 -32.71 -128.44
N THR K 212 53.68 -32.63 -128.64
CA THR K 212 54.60 -33.56 -128.01
C THR K 212 55.16 -33.02 -126.70
N THR K 213 54.76 -31.81 -126.35
CA THR K 213 55.24 -31.15 -125.15
C THR K 213 54.41 -31.48 -123.90
N LYS K 214 55.06 -32.06 -122.87
CA LYS K 214 54.43 -32.30 -121.58
C LYS K 214 54.44 -31.01 -120.76
N VAL K 215 53.31 -30.66 -120.17
CA VAL K 215 53.25 -29.47 -119.33
C VAL K 215 53.00 -29.83 -117.87
N TYR K 216 54.08 -30.09 -117.14
CA TYR K 216 53.97 -30.44 -115.74
C TYR K 216 53.39 -29.27 -114.97
N ASN K 217 52.44 -29.54 -114.09
CA ASN K 217 51.85 -28.49 -113.26
C ASN K 217 51.53 -29.00 -111.86
N LEU K 218 51.36 -28.08 -110.92
CA LEU K 218 51.18 -28.47 -109.53
C LEU K 218 49.94 -29.30 -109.27
N ASN K 219 48.83 -28.98 -109.93
CA ASN K 219 47.58 -29.70 -109.67
C ASN K 219 47.66 -31.18 -110.05
N SER K 220 48.12 -31.48 -111.26
CA SER K 220 48.25 -32.88 -111.64
C SER K 220 49.28 -33.57 -110.75
N THR K 221 50.33 -32.82 -110.41
CA THR K 221 51.34 -33.35 -109.49
C THR K 221 50.75 -33.75 -108.13
N LEU K 222 49.89 -32.89 -107.60
CA LEU K 222 49.21 -33.18 -106.33
C LEU K 222 48.36 -34.43 -106.43
N VAL K 223 47.52 -34.49 -107.45
CA VAL K 223 46.68 -35.67 -107.61
C VAL K 223 47.52 -36.97 -107.67
N SER K 224 48.69 -36.88 -108.28
CA SER K 224 49.54 -38.06 -108.47
C SER K 224 50.03 -38.60 -107.13
N CYS K 225 49.87 -37.81 -106.06
CA CYS K 225 50.34 -38.20 -104.74
C CYS K 225 49.40 -39.17 -104.06
N VAL K 226 48.33 -39.51 -104.78
CA VAL K 226 47.30 -40.41 -104.32
C VAL K 226 47.11 -41.54 -105.37
N LEU K 227 46.52 -42.66 -104.97
CA LEU K 227 46.33 -43.75 -105.95
C LEU K 227 45.08 -43.53 -106.76
N GLY K 228 44.10 -42.87 -106.15
CA GLY K 228 42.83 -42.57 -106.80
C GLY K 228 41.94 -41.79 -105.86
N MET K 229 40.76 -41.42 -106.34
CA MET K 229 39.85 -40.59 -105.57
C MET K 229 38.40 -40.81 -105.97
N GLY K 230 37.52 -40.72 -104.98
CA GLY K 230 36.09 -40.73 -105.23
C GLY K 230 35.48 -39.57 -104.49
N GLY K 231 34.20 -39.35 -104.68
CA GLY K 231 33.57 -38.27 -103.95
C GLY K 231 32.79 -37.38 -104.87
N THR K 232 32.59 -36.14 -104.45
CA THR K 232 31.85 -35.21 -105.27
C THR K 232 32.72 -34.09 -105.83
N VAL K 233 32.63 -33.86 -107.13
CA VAL K 233 33.35 -32.77 -107.77
C VAL K 233 32.56 -31.48 -107.61
N ARG K 234 33.11 -30.52 -106.87
CA ARG K 234 32.49 -29.19 -106.74
C ARG K 234 33.23 -28.24 -107.66
N GLY K 235 32.50 -27.57 -108.54
CA GLY K 235 33.13 -26.65 -109.46
C GLY K 235 32.25 -25.50 -109.88
N ARG K 236 32.73 -24.74 -110.86
CA ARG K 236 31.93 -23.67 -111.45
C ARG K 236 31.93 -23.84 -112.97
N VAL K 237 30.81 -23.48 -113.59
CA VAL K 237 30.69 -23.52 -115.04
C VAL K 237 30.51 -22.09 -115.56
N HIS K 238 31.29 -21.72 -116.57
CA HIS K 238 31.10 -20.43 -117.21
C HIS K 238 30.65 -20.62 -118.64
N ILE K 239 29.54 -19.97 -118.98
CA ILE K 239 29.05 -20.00 -120.36
C ILE K 239 29.53 -18.74 -121.09
N CYS K 240 30.47 -18.94 -122.01
CA CYS K 240 31.25 -17.84 -122.59
C CYS K 240 30.79 -17.46 -123.98
N ALA K 241 29.58 -16.91 -124.04
CA ALA K 241 28.96 -16.50 -125.30
C ALA K 241 28.14 -15.22 -125.09
N PRO K 242 27.74 -14.57 -126.20
CA PRO K 242 26.91 -13.36 -126.17
C PRO K 242 25.55 -13.63 -125.53
N ILE K 243 24.89 -12.61 -124.96
CA ILE K 243 23.56 -12.80 -124.31
C ILE K 243 22.55 -13.50 -125.22
N PHE K 244 22.74 -13.38 -126.52
CA PHE K 244 21.77 -13.92 -127.47
C PHE K 244 22.05 -15.36 -127.84
N TYR K 245 23.11 -15.94 -127.26
CA TYR K 245 23.34 -17.38 -127.30
C TYR K 245 22.77 -17.97 -126.02
N SER K 246 22.32 -19.22 -126.06
CA SER K 246 21.88 -19.87 -124.83
C SER K 246 21.84 -21.37 -124.97
N ILE K 247 21.90 -22.06 -123.85
CA ILE K 247 22.01 -23.50 -123.88
C ILE K 247 21.49 -24.10 -122.58
N VAL K 248 21.13 -25.38 -122.61
CA VAL K 248 20.79 -26.11 -121.39
C VAL K 248 21.57 -27.41 -121.37
N LEU K 249 22.28 -27.63 -120.27
CA LEU K 249 23.14 -28.81 -120.14
C LEU K 249 22.67 -29.75 -119.03
N TRP K 250 22.80 -31.04 -119.30
CA TRP K 250 22.68 -32.08 -118.29
C TRP K 250 24.10 -32.50 -117.99
N VAL K 251 24.55 -32.29 -116.75
CA VAL K 251 25.91 -32.61 -116.36
C VAL K 251 25.94 -33.79 -115.40
N VAL K 252 26.61 -34.86 -115.80
CA VAL K 252 26.60 -36.10 -115.03
C VAL K 252 27.89 -36.88 -115.18
N SER K 253 28.17 -37.75 -114.22
CA SER K 253 29.36 -38.58 -114.28
C SER K 253 29.05 -40.00 -114.80
N GLU K 254 29.93 -40.50 -115.66
CA GLU K 254 29.77 -41.85 -116.21
C GLU K 254 31.08 -42.63 -116.21
N TRP K 255 30.94 -43.96 -116.17
CA TRP K 255 32.11 -44.83 -116.11
C TRP K 255 32.29 -45.63 -117.40
N ASN K 256 33.51 -45.61 -117.92
CA ASN K 256 33.89 -46.41 -119.08
C ASN K 256 32.91 -46.32 -120.23
N GLY K 257 32.93 -45.22 -120.95
CA GLY K 257 31.99 -45.01 -122.03
C GLY K 257 30.76 -44.27 -121.53
N THR K 258 29.76 -44.16 -122.38
CA THR K 258 28.52 -43.48 -122.02
C THR K 258 27.35 -44.34 -122.43
N THR K 259 26.22 -44.19 -121.75
CA THR K 259 25.02 -44.88 -122.16
C THR K 259 24.45 -44.28 -123.44
N MET K 260 23.80 -45.11 -124.23
CA MET K 260 23.25 -44.67 -125.51
C MET K 260 21.75 -44.44 -125.36
N ASP K 261 21.23 -44.77 -124.18
CA ASP K 261 19.81 -44.70 -123.91
C ASP K 261 19.47 -43.44 -123.11
N TRP K 262 18.84 -42.47 -123.77
CA TRP K 262 18.44 -41.23 -123.12
C TRP K 262 17.67 -41.42 -121.81
N ASN K 263 16.85 -42.46 -121.72
CA ASN K 263 16.10 -42.69 -120.49
C ASN K 263 16.99 -43.14 -119.35
N GLU K 264 17.98 -43.98 -119.65
CA GLU K 264 18.92 -44.41 -118.61
C GLU K 264 19.70 -43.17 -118.13
N LEU K 265 20.09 -42.33 -119.09
CA LEU K 265 20.91 -41.15 -118.83
C LEU K 265 20.30 -40.29 -117.75
N PHE K 266 18.98 -40.18 -117.77
CA PHE K 266 18.27 -39.31 -116.81
C PHE K 266 17.85 -39.99 -115.53
N LYS K 267 18.25 -41.26 -115.39
CA LYS K 267 18.09 -41.95 -114.13
C LYS K 267 19.35 -41.78 -113.29
N TYR K 268 20.41 -41.23 -113.90
CA TYR K 268 21.66 -40.95 -113.18
C TYR K 268 21.53 -39.67 -112.37
N PRO K 269 22.36 -39.51 -111.33
CA PRO K 269 22.37 -38.31 -110.50
C PRO K 269 23.20 -37.20 -111.10
N GLY K 270 22.59 -36.44 -112.01
CA GLY K 270 23.20 -35.26 -112.59
C GLY K 270 22.55 -33.95 -112.17
N VAL K 271 22.99 -32.86 -112.79
CA VAL K 271 22.47 -31.54 -112.50
C VAL K 271 22.25 -30.79 -113.82
N TYR K 272 21.32 -29.84 -113.82
CA TYR K 272 21.10 -29.02 -115.01
C TYR K 272 21.88 -27.72 -114.89
N VAL K 273 22.43 -27.26 -116.01
CA VAL K 273 23.15 -26.00 -116.05
C VAL K 273 22.59 -25.16 -117.18
N GLU K 274 22.01 -24.00 -116.83
CA GLU K 274 21.40 -23.10 -117.82
C GLU K 274 22.24 -21.84 -117.96
N GLU K 275 23.12 -21.60 -116.98
CA GLU K 275 23.83 -20.33 -116.89
C GLU K 275 25.03 -20.43 -115.97
N ASP K 276 25.89 -19.41 -116.02
CA ASP K 276 27.05 -19.31 -115.12
C ASP K 276 26.61 -19.75 -113.72
N GLY K 277 27.40 -20.59 -113.06
CA GLY K 277 27.10 -21.01 -111.70
C GLY K 277 28.02 -22.11 -111.18
N SER K 278 27.80 -22.52 -109.93
CA SER K 278 28.54 -23.66 -109.41
C SER K 278 27.73 -24.95 -109.62
N PHE K 279 28.40 -26.11 -109.47
CA PHE K 279 27.77 -27.43 -109.60
C PHE K 279 28.46 -28.45 -108.70
N GLU K 280 27.72 -29.48 -108.31
CA GLU K 280 28.32 -30.59 -107.61
C GLU K 280 27.87 -31.88 -108.29
N VAL K 281 28.82 -32.69 -108.73
CA VAL K 281 28.47 -33.98 -109.33
C VAL K 281 29.24 -35.10 -108.67
N LYS K 282 28.53 -36.18 -108.35
CA LYS K 282 29.16 -37.35 -107.75
C LYS K 282 30.01 -38.08 -108.79
N ILE K 283 31.25 -38.42 -108.43
CA ILE K 283 32.11 -39.25 -109.26
C ILE K 283 31.55 -40.67 -109.26
N ARG K 284 31.12 -41.12 -110.44
CA ARG K 284 30.48 -42.41 -110.60
C ARG K 284 31.45 -43.51 -111.02
N SER K 285 31.53 -44.58 -110.25
CA SER K 285 32.47 -45.65 -110.56
C SER K 285 32.12 -46.95 -109.83
N PRO K 286 32.35 -48.08 -110.50
CA PRO K 286 32.15 -49.42 -109.92
C PRO K 286 32.92 -49.59 -108.63
N TYR K 287 33.98 -48.79 -108.46
CA TYR K 287 34.88 -48.88 -107.29
C TYR K 287 34.71 -47.67 -106.40
N HIS K 288 33.78 -46.80 -106.78
CA HIS K 288 33.49 -45.57 -106.04
C HIS K 288 34.62 -44.54 -106.13
N ARG K 289 35.74 -44.96 -106.72
CA ARG K 289 36.88 -44.08 -106.95
C ARG K 289 37.35 -44.27 -108.39
N THR K 290 37.99 -43.24 -108.95
CA THR K 290 38.66 -43.36 -110.25
C THR K 290 40.15 -43.23 -110.00
N PRO K 291 40.97 -43.98 -110.78
CA PRO K 291 42.42 -43.97 -110.56
C PRO K 291 43.00 -42.60 -110.90
N ALA K 292 44.06 -42.24 -110.19
CA ALA K 292 44.76 -40.97 -110.35
C ALA K 292 45.50 -40.85 -111.68
N ARG K 293 46.11 -41.92 -112.15
CA ARG K 293 46.81 -41.87 -113.44
C ARG K 293 46.46 -43.10 -114.28
N LEU K 294 46.80 -43.06 -115.56
CA LEU K 294 46.53 -44.18 -116.45
C LEU K 294 47.67 -45.19 -116.54
N LEU K 295 47.30 -46.44 -116.73
CA LEU K 295 48.28 -47.46 -117.07
C LEU K 295 48.41 -47.44 -118.59
N ALA K 296 49.32 -48.27 -119.10
CA ALA K 296 49.61 -48.27 -120.53
C ALA K 296 48.40 -48.75 -121.35
N GLY K 297 48.14 -48.03 -122.43
CA GLY K 297 47.05 -48.39 -123.32
C GLY K 297 45.66 -48.20 -122.73
N GLN K 298 45.57 -47.40 -121.66
CA GLN K 298 44.27 -47.02 -121.13
C GLN K 298 43.96 -45.62 -121.61
N SER K 299 42.69 -45.26 -121.51
CA SER K 299 42.20 -43.98 -121.99
C SER K 299 41.47 -43.32 -120.84
N GLN K 300 41.49 -41.99 -120.80
CA GLN K 300 40.83 -41.31 -119.69
C GLN K 300 39.32 -41.61 -119.64
N ARG K 301 38.75 -41.98 -120.78
CA ARG K 301 37.31 -42.23 -120.87
C ARG K 301 36.95 -43.64 -120.41
N ASP K 302 37.96 -44.48 -120.21
CA ASP K 302 37.74 -45.82 -119.69
C ASP K 302 37.38 -45.76 -118.23
N MET K 303 37.73 -44.65 -117.58
CA MET K 303 37.48 -44.50 -116.14
C MET K 303 36.29 -43.58 -115.92
N SER K 304 36.33 -42.85 -114.80
CA SER K 304 35.27 -41.90 -114.48
C SER K 304 35.47 -40.55 -115.19
N SER K 305 34.40 -40.04 -115.80
CA SER K 305 34.46 -38.76 -116.52
C SER K 305 33.31 -37.87 -116.10
N LEU K 306 33.50 -36.58 -116.29
CA LEU K 306 32.48 -35.58 -116.05
C LEU K 306 31.90 -35.20 -117.41
N ASN K 307 30.66 -35.64 -117.67
CA ASN K 307 30.05 -35.49 -119.00
C ASN K 307 29.06 -34.35 -119.17
N PHE K 308 29.25 -33.57 -120.22
CA PHE K 308 28.41 -32.42 -120.45
C PHE K 308 27.54 -32.67 -121.68
N TYR K 309 26.26 -32.93 -121.41
CA TYR K 309 25.26 -33.21 -122.44
C TYR K 309 24.45 -31.97 -122.78
N ALA K 310 24.54 -31.51 -124.02
CA ALA K 310 23.68 -30.44 -124.47
C ALA K 310 22.32 -31.03 -124.79
N ILE K 311 21.31 -30.73 -123.97
CA ILE K 311 19.98 -31.31 -124.16
C ILE K 311 18.98 -30.34 -124.80
N ALA K 312 19.29 -29.05 -124.80
CA ALA K 312 18.48 -28.06 -125.52
C ALA K 312 19.40 -26.95 -125.99
N GLY K 313 19.62 -26.88 -127.30
CA GLY K 313 20.56 -25.92 -127.84
C GLY K 313 21.93 -26.53 -128.03
N PRO K 314 22.94 -25.67 -128.19
CA PRO K 314 22.83 -24.21 -128.13
C PRO K 314 21.99 -23.63 -129.26
N ILE K 315 21.43 -22.45 -129.02
CA ILE K 315 20.71 -21.70 -130.05
C ILE K 315 21.26 -20.29 -130.13
N ALA K 316 21.15 -19.72 -131.32
CA ALA K 316 21.53 -18.34 -131.54
C ALA K 316 20.73 -17.83 -132.72
N PRO K 317 20.62 -16.51 -132.85
CA PRO K 317 19.94 -15.92 -134.01
C PRO K 317 20.74 -16.23 -135.29
N SER K 318 20.11 -16.20 -136.46
CA SER K 318 20.91 -16.34 -137.68
C SER K 318 21.52 -14.97 -137.96
N GLY K 319 22.67 -14.94 -138.61
CA GLY K 319 23.41 -16.14 -138.96
C GLY K 319 24.70 -16.09 -138.14
N GLU K 320 24.60 -16.62 -136.95
CA GLU K 320 25.75 -16.77 -136.10
C GLU K 320 26.38 -18.10 -136.48
N THR K 321 27.69 -18.22 -136.29
CA THR K 321 28.37 -19.43 -136.71
C THR K 321 29.27 -19.95 -135.61
N ALA K 322 29.69 -19.05 -134.73
CA ALA K 322 30.58 -19.38 -133.63
C ALA K 322 30.06 -20.54 -132.77
N GLN K 323 30.96 -21.37 -132.29
CA GLN K 323 30.56 -22.39 -131.34
C GLN K 323 30.28 -21.74 -129.98
N LEU K 324 29.51 -22.40 -129.13
CA LEU K 324 29.29 -21.94 -127.77
C LEU K 324 30.27 -22.62 -126.80
N PRO K 325 31.21 -21.85 -126.22
CA PRO K 325 32.22 -22.41 -125.31
C PRO K 325 31.75 -22.47 -123.84
N ILE K 326 32.15 -23.55 -123.17
CA ILE K 326 31.92 -23.75 -121.74
C ILE K 326 33.30 -23.85 -121.07
N VAL K 327 33.56 -22.99 -120.09
CA VAL K 327 34.80 -23.14 -119.33
C VAL K 327 34.50 -23.73 -117.95
N VAL K 328 35.08 -24.90 -117.65
CA VAL K 328 34.89 -25.54 -116.35
C VAL K 328 36.05 -25.33 -115.36
N GLN K 329 35.72 -24.93 -114.14
CA GLN K 329 36.71 -24.84 -113.08
C GLN K 329 36.40 -25.86 -111.99
N ILE K 330 37.40 -26.60 -111.57
CA ILE K 330 37.22 -27.57 -110.50
C ILE K 330 37.82 -27.03 -109.21
N ASP K 331 36.98 -26.89 -108.18
CA ASP K 331 37.40 -26.23 -106.95
C ASP K 331 37.86 -27.22 -105.90
N GLU K 332 37.08 -28.27 -105.68
CA GLU K 332 37.50 -29.34 -104.78
C GLU K 332 36.73 -30.62 -104.93
N ILE K 333 37.28 -31.68 -104.34
CA ILE K 333 36.55 -32.92 -104.14
C ILE K 333 35.97 -32.87 -102.73
N VAL K 334 34.66 -32.65 -102.64
CA VAL K 334 34.00 -32.57 -101.34
C VAL K 334 33.57 -33.96 -100.92
N ARG K 335 33.53 -34.18 -99.61
CA ARG K 335 33.19 -35.49 -99.08
C ARG K 335 34.05 -36.54 -99.77
N PRO K 336 35.38 -36.39 -99.70
CA PRO K 336 36.32 -37.17 -100.52
C PRO K 336 36.49 -38.60 -100.04
N ASP K 337 36.52 -39.53 -100.97
CA ASP K 337 36.87 -40.91 -100.67
C ASP K 337 38.23 -41.16 -101.30
N LEU K 338 39.30 -40.93 -100.54
CA LEU K 338 40.64 -41.07 -101.10
C LEU K 338 41.23 -42.48 -100.98
N SER K 339 42.11 -42.81 -101.92
CA SER K 339 42.86 -44.05 -101.82
C SER K 339 44.03 -43.84 -100.86
N LEU K 340 44.82 -44.88 -100.69
CA LEU K 340 46.09 -44.73 -100.02
C LEU K 340 46.90 -43.66 -100.75
N PRO K 341 47.79 -42.98 -100.01
CA PRO K 341 48.79 -42.17 -100.70
C PRO K 341 49.61 -43.09 -101.62
N SER K 342 50.06 -42.57 -102.76
CA SER K 342 50.85 -43.39 -103.66
C SER K 342 52.26 -43.66 -103.12
N PHE K 343 52.79 -42.70 -102.36
CA PHE K 343 54.10 -42.90 -101.70
C PHE K 343 54.01 -42.81 -100.19
N GLU K 344 54.87 -43.55 -99.53
CA GLU K 344 54.93 -43.49 -98.07
C GLU K 344 56.07 -42.54 -97.67
N ASP K 345 56.26 -42.32 -96.37
CA ASP K 345 57.36 -41.47 -95.92
C ASP K 345 58.67 -42.26 -96.00
N ASP K 346 59.16 -42.38 -97.22
CA ASP K 346 60.24 -43.30 -97.49
C ASP K 346 61.17 -42.65 -98.50
N TYR K 347 62.24 -43.37 -98.81
CA TYR K 347 63.15 -42.96 -99.85
C TYR K 347 62.49 -43.16 -101.21
N PHE K 348 63.00 -42.46 -102.22
CA PHE K 348 62.62 -42.73 -103.61
C PHE K 348 63.84 -42.48 -104.49
N VAL K 349 63.77 -42.91 -105.73
CA VAL K 349 64.92 -42.84 -106.61
C VAL K 349 65.17 -41.45 -107.13
N TRP K 350 66.39 -40.97 -106.94
CA TRP K 350 66.83 -39.71 -107.53
C TRP K 350 67.51 -40.00 -108.87
N VAL K 351 68.55 -40.82 -108.86
CA VAL K 351 69.28 -41.10 -110.08
C VAL K 351 70.04 -42.43 -110.04
N ASP K 352 70.12 -43.11 -111.19
CA ASP K 352 70.99 -44.26 -111.34
C ASP K 352 72.15 -43.88 -112.28
N PHE K 353 73.38 -44.18 -111.89
CA PHE K 353 74.51 -44.10 -112.82
C PHE K 353 74.95 -45.50 -113.21
N SER K 354 75.21 -45.71 -114.50
CA SER K 354 75.59 -47.03 -114.99
C SER K 354 76.46 -46.92 -116.23
N GLU K 355 76.95 -48.07 -116.69
CA GLU K 355 77.69 -48.10 -117.94
C GLU K 355 78.87 -47.10 -117.96
N PHE K 356 79.71 -47.18 -116.94
CA PHE K 356 80.84 -46.26 -116.82
C PHE K 356 81.91 -46.57 -117.85
N THR K 357 82.46 -45.55 -118.50
CA THR K 357 83.49 -45.77 -119.53
C THR K 357 84.89 -45.48 -119.02
N LEU K 358 84.97 -44.63 -117.99
CA LEU K 358 86.25 -44.31 -117.38
C LEU K 358 86.27 -44.77 -115.93
N ASP K 359 87.44 -45.17 -115.46
CA ASP K 359 87.60 -45.56 -114.06
C ASP K 359 87.51 -44.34 -113.14
N LYS K 360 88.05 -43.21 -113.57
CA LYS K 360 87.92 -41.96 -112.81
C LYS K 360 86.66 -41.21 -113.24
N GLU K 361 85.70 -41.09 -112.33
CA GLU K 361 84.47 -40.36 -112.62
C GLU K 361 84.17 -39.46 -111.44
N GLU K 362 83.74 -38.23 -111.70
CA GLU K 362 83.38 -37.32 -110.61
C GLU K 362 82.08 -36.58 -110.90
N ILE K 363 81.06 -36.88 -110.10
CA ILE K 363 79.74 -36.32 -110.29
C ILE K 363 79.54 -35.16 -109.34
N GLU K 364 79.50 -33.93 -109.87
CA GLU K 364 79.25 -32.76 -109.02
C GLU K 364 77.77 -32.53 -108.73
N ILE K 365 77.44 -32.40 -107.46
CA ILE K 365 76.07 -32.18 -107.04
C ILE K 365 75.90 -30.75 -106.52
N GLY K 366 76.84 -30.32 -105.69
CA GLY K 366 76.84 -28.99 -105.12
C GLY K 366 75.78 -28.83 -104.04
N SER K 367 74.82 -27.94 -104.28
CA SER K 367 73.74 -27.77 -103.33
C SER K 367 72.39 -27.88 -104.03
N ARG K 368 72.35 -28.53 -105.19
CA ARG K 368 71.13 -28.62 -106.01
C ARG K 368 70.51 -30.01 -106.09
N PHE K 369 69.20 -30.05 -106.26
CA PHE K 369 68.55 -31.28 -106.66
C PHE K 369 68.12 -31.05 -108.11
N PHE K 370 68.64 -31.85 -109.03
CA PHE K 370 68.47 -31.54 -110.45
C PHE K 370 68.70 -32.76 -111.35
N ASP K 371 68.55 -32.58 -112.67
CA ASP K 371 68.82 -33.64 -113.64
C ASP K 371 70.28 -33.68 -114.08
N PHE K 372 70.91 -34.85 -113.94
CA PHE K 372 72.32 -35.03 -114.31
C PHE K 372 72.49 -35.29 -115.80
N THR K 373 73.66 -34.95 -116.33
CA THR K 373 74.05 -35.40 -117.67
C THR K 373 75.50 -35.83 -117.63
N SER K 374 75.85 -36.82 -118.44
CA SER K 374 77.24 -37.26 -118.52
C SER K 374 77.61 -37.72 -119.93
N ASN K 375 78.86 -37.44 -120.30
CA ASN K 375 79.41 -37.92 -121.57
C ASN K 375 80.14 -39.24 -121.38
N THR K 376 80.43 -39.57 -120.13
CA THR K 376 81.28 -40.71 -119.82
C THR K 376 80.51 -41.86 -119.18
N CYS K 377 79.23 -41.64 -118.87
CA CYS K 377 78.39 -42.70 -118.30
C CYS K 377 76.92 -42.46 -118.54
N ARG K 378 76.11 -43.49 -118.25
CA ARG K 378 74.68 -43.41 -118.49
C ARG K 378 73.95 -42.90 -117.27
N VAL K 379 73.24 -41.80 -117.44
CA VAL K 379 72.41 -41.26 -116.38
C VAL K 379 70.95 -41.63 -116.59
N SER K 380 70.29 -42.19 -115.56
CA SER K 380 68.86 -42.48 -115.61
C SER K 380 68.18 -41.77 -114.46
N MET K 381 67.39 -40.76 -114.78
CA MET K 381 66.79 -39.95 -113.74
C MET K 381 65.49 -40.57 -113.23
N GLY K 382 65.17 -40.35 -111.95
CA GLY K 382 63.91 -40.84 -111.40
C GLY K 382 62.78 -39.87 -111.71
N GLU K 383 61.57 -40.41 -111.90
CA GLU K 383 60.39 -39.58 -112.01
C GLU K 383 59.42 -39.91 -110.87
N ASN K 384 59.16 -38.91 -110.02
CA ASN K 384 58.21 -39.06 -108.91
C ASN K 384 57.65 -37.70 -108.50
N PRO K 385 56.64 -37.70 -107.62
CA PRO K 385 56.00 -36.41 -107.29
C PRO K 385 56.99 -35.40 -106.74
N PHE K 386 57.96 -35.83 -105.94
CA PHE K 386 58.90 -34.86 -105.39
C PHE K 386 59.64 -34.08 -106.50
N ALA K 387 60.16 -34.81 -107.47
CA ALA K 387 60.84 -34.18 -108.60
C ALA K 387 59.91 -33.22 -109.34
N ALA K 388 58.64 -33.60 -109.48
CA ALA K 388 57.67 -32.72 -110.13
C ALA K 388 57.43 -31.47 -109.31
N MET K 389 57.35 -31.61 -107.99
CA MET K 389 57.16 -30.45 -107.14
C MET K 389 58.35 -29.51 -107.24
N ILE K 390 59.55 -30.06 -107.38
CA ILE K 390 60.73 -29.23 -107.58
C ILE K 390 60.59 -28.40 -108.86
N ALA K 391 60.03 -29.03 -109.88
CA ALA K 391 59.92 -28.44 -111.19
C ALA K 391 58.77 -27.47 -111.28
N CYS K 392 57.79 -27.60 -110.37
CA CYS K 392 56.58 -26.79 -110.47
C CYS K 392 56.57 -25.63 -109.48
N HIS K 393 57.74 -25.29 -108.93
CA HIS K 393 57.84 -24.13 -108.08
C HIS K 393 59.05 -23.32 -108.48
N GLY K 394 58.96 -22.01 -108.27
CA GLY K 394 60.04 -21.10 -108.58
C GLY K 394 61.28 -21.35 -107.72
N LEU K 395 61.06 -21.55 -106.42
CA LEU K 395 62.14 -21.77 -105.45
C LEU K 395 61.81 -22.92 -104.52
N HIS K 396 62.85 -23.59 -104.02
CA HIS K 396 62.67 -24.64 -103.02
C HIS K 396 63.86 -24.64 -102.06
N SER K 397 63.69 -25.28 -100.90
CA SER K 397 64.77 -25.40 -99.94
C SER K 397 64.47 -26.49 -98.92
N GLY K 398 65.52 -27.21 -98.54
CA GLY K 398 65.37 -28.28 -97.56
C GLY K 398 66.59 -29.17 -97.43
N VAL K 399 66.41 -30.28 -96.73
CA VAL K 399 67.51 -31.22 -96.61
C VAL K 399 67.09 -32.59 -97.10
N LEU K 400 67.92 -33.22 -97.91
CA LEU K 400 67.67 -34.57 -98.37
C LEU K 400 68.60 -35.57 -97.71
N ASP K 401 68.04 -36.64 -97.18
CA ASP K 401 68.87 -37.75 -96.73
C ASP K 401 69.10 -38.65 -97.93
N LEU K 402 70.35 -39.03 -98.15
CA LEU K 402 70.68 -39.88 -99.29
C LEU K 402 71.08 -41.29 -98.84
N LYS K 403 70.63 -42.27 -99.61
CA LYS K 403 71.15 -43.63 -99.53
C LYS K 403 71.81 -43.97 -100.86
N LEU K 404 73.07 -44.38 -100.81
CA LEU K 404 73.79 -44.82 -102.00
C LEU K 404 73.90 -46.34 -101.97
N GLN K 405 73.54 -46.98 -103.08
CA GLN K 405 73.70 -48.43 -103.23
C GLN K 405 74.41 -48.76 -104.52
N TRP K 406 75.24 -49.79 -104.51
CA TRP K 406 75.91 -50.18 -105.75
C TRP K 406 76.21 -51.68 -105.80
N SER K 407 76.27 -52.20 -107.02
CA SER K 407 76.65 -53.60 -107.23
C SER K 407 77.90 -53.63 -108.09
N LEU K 408 78.66 -54.72 -108.00
CA LEU K 408 79.92 -54.80 -108.72
C LEU K 408 79.79 -55.33 -110.14
N ASN K 409 80.66 -54.86 -111.02
CA ASN K 409 80.77 -55.35 -112.38
C ASN K 409 81.87 -56.42 -112.52
N THR K 410 82.94 -56.28 -111.74
CA THR K 410 84.03 -57.25 -111.73
C THR K 410 83.83 -58.26 -110.59
N GLU K 411 84.74 -59.22 -110.46
CA GLU K 411 84.66 -60.20 -109.38
C GLU K 411 84.94 -59.54 -108.02
N PHE K 412 84.17 -59.92 -107.01
CA PHE K 412 84.28 -59.31 -105.70
C PHE K 412 85.69 -59.41 -105.15
N GLY K 413 86.33 -60.56 -105.37
CA GLY K 413 87.68 -60.78 -104.87
C GLY K 413 88.74 -59.88 -105.48
N LYS K 414 88.42 -59.28 -106.62
CA LYS K 414 89.39 -58.48 -107.34
C LYS K 414 89.17 -56.99 -107.05
N SER K 415 88.07 -56.69 -106.36
CA SER K 415 87.63 -55.31 -106.18
C SER K 415 88.60 -54.45 -105.35
N SER K 416 88.66 -53.17 -105.70
CA SER K 416 89.44 -52.19 -104.93
C SER K 416 88.79 -50.80 -105.08
N GLY K 417 89.31 -49.83 -104.36
CA GLY K 417 88.83 -48.46 -104.49
C GLY K 417 87.60 -48.15 -103.65
N SER K 418 86.88 -47.11 -104.04
CA SER K 418 85.88 -46.49 -103.19
C SER K 418 84.83 -45.66 -103.92
N VAL K 419 83.67 -45.54 -103.29
CA VAL K 419 82.75 -44.45 -103.56
C VAL K 419 83.03 -43.38 -102.50
N THR K 420 83.54 -42.22 -102.92
CA THR K 420 83.87 -41.15 -101.98
C THR K 420 82.89 -39.99 -102.07
N ILE K 421 82.37 -39.55 -100.93
CA ILE K 421 81.49 -38.39 -100.90
C ILE K 421 82.26 -37.20 -100.41
N THR K 422 82.58 -36.28 -101.31
CA THR K 422 83.25 -35.04 -100.93
C THR K 422 82.23 -34.01 -100.42
N LYS K 423 82.44 -33.52 -99.21
CA LYS K 423 81.56 -32.49 -98.64
C LYS K 423 82.35 -31.24 -98.29
N LEU K 424 82.04 -30.13 -98.95
CA LEU K 424 82.75 -28.88 -98.74
C LEU K 424 81.78 -27.79 -98.35
N VAL K 425 82.33 -26.65 -97.93
CA VAL K 425 81.58 -25.42 -97.86
C VAL K 425 82.29 -24.42 -98.73
N GLY K 426 81.62 -23.95 -99.79
CA GLY K 426 82.27 -23.09 -100.75
C GLY K 426 82.22 -23.74 -102.11
N ASP K 427 83.40 -24.02 -102.68
CA ASP K 427 83.51 -24.72 -103.97
C ASP K 427 84.77 -25.56 -103.97
N LYS K 428 84.99 -26.30 -105.05
CA LYS K 428 86.14 -27.20 -105.14
C LYS K 428 87.44 -26.39 -104.97
N ALA K 429 87.45 -25.15 -105.44
CA ALA K 429 88.67 -24.34 -105.47
C ALA K 429 89.13 -23.72 -104.14
N MET K 430 88.20 -23.21 -103.35
CA MET K 430 88.55 -22.44 -102.15
C MET K 430 87.75 -22.87 -100.92
N GLY K 431 87.08 -23.99 -101.02
CA GLY K 431 86.17 -24.43 -99.98
C GLY K 431 86.80 -24.94 -98.69
N LEU K 432 85.95 -25.11 -97.68
CA LEU K 432 86.33 -25.68 -96.41
C LEU K 432 85.89 -27.14 -96.36
N ASP K 433 86.57 -27.95 -95.57
CA ASP K 433 86.30 -29.38 -95.55
C ASP K 433 85.31 -29.81 -94.50
N GLY K 434 84.21 -30.41 -94.94
CA GLY K 434 83.16 -30.86 -94.04
C GLY K 434 83.22 -32.35 -93.80
N PRO K 435 82.05 -32.97 -93.63
CA PRO K 435 81.95 -34.41 -93.35
C PRO K 435 82.12 -35.27 -94.61
N SER K 436 83.24 -35.08 -95.32
CA SER K 436 83.58 -35.92 -96.47
C SER K 436 83.71 -37.34 -95.96
N HIS K 437 83.58 -38.30 -96.85
CA HIS K 437 83.32 -39.65 -96.39
C HIS K 437 83.81 -40.65 -97.44
N VAL K 438 84.63 -41.60 -97.01
CA VAL K 438 85.18 -42.61 -97.93
C VAL K 438 84.55 -43.98 -97.70
N PHE K 439 83.76 -44.43 -98.66
CA PHE K 439 83.17 -45.75 -98.56
C PHE K 439 83.99 -46.71 -99.40
N ALA K 440 84.74 -47.60 -98.75
CA ALA K 440 85.43 -48.64 -99.49
C ALA K 440 84.41 -49.34 -100.39
N ILE K 441 84.79 -49.65 -101.63
CA ILE K 441 83.82 -50.17 -102.61
C ILE K 441 83.14 -51.43 -102.10
N GLN K 442 83.82 -52.17 -101.23
CA GLN K 442 83.26 -53.41 -100.70
C GLN K 442 82.10 -53.22 -99.73
N LYS K 443 81.92 -52.01 -99.21
CA LYS K 443 80.74 -51.69 -98.37
C LYS K 443 79.43 -51.85 -99.15
N LEU K 444 79.47 -51.51 -100.44
CA LEU K 444 78.35 -51.73 -101.33
C LEU K 444 77.15 -50.85 -101.03
N GLU K 445 77.31 -49.95 -100.06
CA GLU K 445 76.31 -48.93 -99.73
C GLU K 445 76.83 -47.86 -98.78
N GLY K 446 76.17 -46.71 -98.76
CA GLY K 446 76.56 -45.65 -97.88
C GLY K 446 75.47 -44.60 -97.74
N THR K 447 75.56 -43.77 -96.72
CA THR K 447 74.57 -42.73 -96.51
C THR K 447 75.21 -41.35 -96.33
N THR K 448 74.45 -40.30 -96.63
CA THR K 448 74.90 -38.93 -96.42
C THR K 448 73.70 -37.98 -96.45
N GLU K 449 73.87 -36.76 -95.96
CA GLU K 449 72.84 -35.73 -96.06
C GLU K 449 73.25 -34.75 -97.15
N LEU K 450 72.26 -34.12 -97.77
CA LEU K 450 72.56 -33.07 -98.76
C LEU K 450 71.73 -31.84 -98.48
N LEU K 451 72.40 -30.70 -98.32
CA LEU K 451 71.67 -29.45 -98.15
C LEU K 451 71.29 -28.94 -99.51
N VAL K 452 69.98 -28.83 -99.76
CA VAL K 452 69.46 -28.20 -100.96
C VAL K 452 69.04 -26.77 -100.62
N GLY K 453 69.96 -25.84 -100.88
CA GLY K 453 69.78 -24.46 -100.48
C GLY K 453 71.10 -23.71 -100.54
N ASN K 454 71.13 -22.53 -99.92
CA ASN K 454 72.33 -21.69 -99.95
C ASN K 454 72.16 -20.53 -98.98
N PHE K 455 73.17 -19.66 -98.91
CA PHE K 455 73.13 -18.56 -97.95
C PHE K 455 71.89 -17.69 -98.06
N ALA K 456 71.37 -17.54 -99.28
CA ALA K 456 70.19 -16.71 -99.49
C ALA K 456 68.92 -17.35 -98.96
N GLY K 457 68.86 -18.68 -98.98
CA GLY K 457 67.77 -19.42 -98.36
C GLY K 457 66.97 -20.40 -99.22
N ALA K 458 67.17 -20.34 -100.53
CA ALA K 458 66.38 -21.15 -101.46
C ALA K 458 67.06 -21.28 -102.83
N ASN K 459 66.74 -22.36 -103.56
CA ASN K 459 67.29 -22.57 -104.89
C ASN K 459 66.22 -22.34 -105.94
N PRO K 460 66.60 -21.68 -107.05
CA PRO K 460 65.76 -21.64 -108.24
C PRO K 460 65.88 -22.99 -108.96
N ASN K 461 64.98 -23.24 -109.90
CA ASN K 461 65.03 -24.50 -110.62
C ASN K 461 65.88 -24.37 -111.88
N THR K 462 66.99 -23.66 -111.75
CA THR K 462 67.92 -23.43 -112.83
C THR K 462 69.33 -23.53 -112.26
N ARG K 463 70.34 -23.37 -113.10
CA ARG K 463 71.69 -23.22 -112.59
C ARG K 463 71.82 -21.81 -112.01
N PHE K 464 72.56 -21.71 -110.91
CA PHE K 464 72.76 -20.43 -110.22
C PHE K 464 74.10 -20.58 -109.50
N SER K 465 74.68 -19.46 -109.04
CA SER K 465 75.91 -19.53 -108.28
C SER K 465 75.76 -18.76 -106.97
N LEU K 466 75.41 -19.45 -105.89
CA LEU K 466 75.31 -18.80 -104.58
C LEU K 466 76.03 -19.62 -103.51
N TYR K 467 76.93 -18.98 -102.78
CA TYR K 467 77.72 -19.66 -101.73
C TYR K 467 76.89 -20.58 -100.86
N SER K 468 77.34 -21.82 -100.73
CA SER K 468 76.61 -22.82 -99.93
C SER K 468 77.52 -24.00 -99.68
N ARG K 469 76.95 -25.03 -99.06
CA ARG K 469 77.66 -26.29 -98.95
C ARG K 469 77.76 -26.91 -100.34
N TRP K 470 78.71 -27.82 -100.52
CA TRP K 470 79.00 -28.35 -101.84
C TRP K 470 79.31 -29.84 -101.74
N MET K 471 78.65 -30.65 -102.58
CA MET K 471 78.83 -32.09 -102.54
C MET K 471 79.23 -32.68 -103.89
N ALA K 472 80.01 -33.75 -103.85
CA ALA K 472 80.39 -34.44 -105.06
C ALA K 472 80.57 -35.92 -104.78
N ILE K 473 80.25 -36.76 -105.74
CA ILE K 473 80.55 -38.18 -105.64
C ILE K 473 81.79 -38.48 -106.49
N LYS K 474 82.78 -39.13 -105.91
CA LYS K 474 84.03 -39.45 -106.61
C LYS K 474 84.26 -40.96 -106.74
N LEU K 475 84.23 -41.48 -107.96
CA LEU K 475 84.55 -42.88 -108.22
C LEU K 475 85.99 -43.00 -108.70
N ASP K 476 86.73 -44.00 -108.21
CA ASP K 476 88.10 -44.20 -108.70
C ASP K 476 88.26 -45.52 -109.45
N GLN K 477 87.25 -46.36 -109.33
CA GLN K 477 87.23 -47.66 -109.99
C GLN K 477 85.87 -47.88 -110.61
N ALA K 478 85.37 -46.85 -111.30
CA ALA K 478 83.98 -46.83 -111.75
C ALA K 478 83.63 -47.98 -112.68
N LYS K 479 84.60 -48.46 -113.44
CA LYS K 479 84.35 -49.57 -114.36
C LYS K 479 84.02 -50.86 -113.60
N SER K 480 84.34 -50.90 -112.31
CA SER K 480 84.04 -52.06 -111.48
C SER K 480 82.63 -51.98 -110.90
N ILE K 481 81.89 -50.95 -111.27
CA ILE K 481 80.55 -50.78 -110.73
C ILE K 481 79.52 -51.00 -111.82
N LYS K 482 78.57 -51.90 -111.58
CA LYS K 482 77.53 -52.14 -112.57
C LYS K 482 76.45 -51.06 -112.48
N VAL K 483 76.12 -50.64 -111.27
CA VAL K 483 75.19 -49.53 -111.09
C VAL K 483 75.41 -48.83 -109.76
N LEU K 484 75.32 -47.49 -109.79
CA LEU K 484 75.34 -46.69 -108.57
C LEU K 484 73.98 -46.04 -108.47
N ARG K 485 73.19 -46.42 -107.48
CA ARG K 485 71.86 -45.84 -107.32
C ARG K 485 71.84 -44.85 -106.15
N VAL K 486 71.24 -43.69 -106.37
CA VAL K 486 71.10 -42.69 -105.31
C VAL K 486 69.64 -42.47 -104.97
N LEU K 487 69.22 -42.86 -103.76
CA LEU K 487 67.86 -42.61 -103.28
C LEU K 487 67.89 -41.42 -102.33
N CYS K 488 66.78 -40.68 -102.26
CA CYS K 488 66.70 -39.59 -101.31
C CYS K 488 65.35 -39.61 -100.58
N LYS K 489 65.32 -38.97 -99.41
CA LYS K 489 64.15 -38.88 -98.54
C LYS K 489 64.19 -37.51 -97.88
N PRO K 490 63.30 -36.61 -98.32
CA PRO K 490 63.32 -35.23 -97.80
C PRO K 490 62.99 -35.22 -96.31
N ARG K 491 63.81 -34.50 -95.55
CA ARG K 491 63.54 -34.25 -94.14
C ARG K 491 62.36 -33.32 -94.02
N PRO K 492 61.58 -33.48 -92.95
CA PRO K 492 60.35 -32.73 -92.73
C PRO K 492 60.63 -31.24 -92.86
N GLY K 493 59.72 -30.54 -93.53
CA GLY K 493 59.86 -29.11 -93.70
C GLY K 493 60.53 -28.71 -95.01
N PHE K 494 60.64 -29.65 -95.95
CA PHE K 494 61.19 -29.30 -97.25
C PHE K 494 60.20 -28.38 -97.93
N SER K 495 60.66 -27.19 -98.30
CA SER K 495 59.73 -26.12 -98.68
C SER K 495 59.77 -25.69 -100.14
N PHE K 496 58.60 -25.34 -100.66
CA PHE K 496 58.47 -24.87 -102.03
C PHE K 496 57.82 -23.49 -102.05
N TYR K 497 58.32 -22.64 -102.93
CA TYR K 497 57.85 -21.26 -103.04
C TYR K 497 57.38 -20.93 -104.46
N GLY K 498 56.18 -20.34 -104.55
CA GLY K 498 55.66 -19.83 -105.81
C GLY K 498 55.30 -20.88 -106.84
N ARG K 499 54.04 -21.32 -106.81
CA ARG K 499 53.59 -22.36 -107.72
C ARG K 499 53.66 -21.89 -109.17
N THR K 500 54.12 -22.78 -110.05
CA THR K 500 54.28 -22.47 -111.47
C THR K 500 54.23 -23.76 -112.28
N SER K 501 54.68 -23.72 -113.53
CA SER K 501 54.69 -24.92 -114.37
C SER K 501 56.02 -25.13 -115.08
N PHE K 502 56.11 -26.24 -115.80
CA PHE K 502 57.37 -26.67 -116.38
C PHE K 502 57.14 -27.51 -117.62
N PRO K 503 57.14 -26.85 -118.79
CA PRO K 503 57.04 -27.53 -120.08
C PRO K 503 58.36 -28.17 -120.51
N VAL K 504 58.29 -29.42 -120.95
CA VAL K 504 59.41 -30.13 -121.55
C VAL K 504 58.97 -30.89 -122.81
N GLY L 1 98.87 -1.63 -57.03
CA GLY L 1 99.97 -0.68 -57.11
C GLY L 1 100.79 -0.82 -58.38
N LEU L 2 101.66 0.15 -58.62
CA LEU L 2 102.52 0.07 -59.79
C LEU L 2 103.38 -1.19 -59.72
N ALA L 3 103.26 -2.02 -60.76
CA ALA L 3 103.90 -3.33 -60.76
C ALA L 3 105.11 -3.40 -61.65
N GLY L 4 105.07 -2.63 -62.74
CA GLY L 4 106.17 -2.59 -63.69
C GLY L 4 106.05 -1.42 -64.64
N ARG L 5 107.12 -1.11 -65.33
CA ARG L 5 107.10 0.01 -66.25
C ARG L 5 108.06 -0.15 -67.42
N GLY L 6 107.92 0.71 -68.41
CA GLY L 6 108.71 0.63 -69.61
C GLY L 6 108.55 1.90 -70.41
N VAL L 7 109.36 2.04 -71.45
CA VAL L 7 109.37 3.27 -72.22
C VAL L 7 109.30 2.99 -73.71
N ILE L 8 108.43 3.70 -74.42
CA ILE L 8 108.38 3.61 -75.86
C ILE L 8 108.93 4.88 -76.45
N TYR L 9 109.85 4.76 -77.39
CA TYR L 9 110.45 5.95 -77.95
C TYR L 9 109.76 6.29 -79.29
N ILE L 10 109.09 7.42 -79.35
CA ILE L 10 108.55 7.95 -80.60
C ILE L 10 109.54 8.87 -81.37
N PRO L 11 109.67 8.66 -82.67
CA PRO L 11 110.52 9.52 -83.52
C PRO L 11 109.79 10.80 -83.93
N LYS L 12 110.54 11.81 -84.33
CA LYS L 12 109.91 13.07 -84.69
C LYS L 12 109.00 12.94 -85.93
N ASP L 13 109.36 12.06 -86.85
CA ASP L 13 108.47 11.85 -87.99
C ASP L 13 107.84 10.47 -87.82
N CYS L 14 106.70 10.42 -87.18
CA CYS L 14 106.03 9.13 -86.97
C CYS L 14 105.07 8.80 -88.09
N GLN L 15 105.56 8.06 -89.07
CA GLN L 15 104.76 7.72 -90.23
C GLN L 15 103.84 6.55 -89.88
N ALA L 16 102.67 6.49 -90.52
CA ALA L 16 101.83 5.30 -90.40
C ALA L 16 102.61 4.02 -90.68
N ASN L 17 102.36 3.01 -89.84
CA ASN L 17 102.99 1.69 -89.98
C ASN L 17 104.37 1.57 -89.38
N ARG L 18 104.80 2.63 -88.70
CA ARG L 18 106.07 2.61 -87.97
C ARG L 18 106.04 1.65 -86.80
N TYR L 19 107.10 0.86 -86.65
CA TYR L 19 107.22 0.03 -85.47
C TYR L 19 107.90 0.83 -84.36
N LEU L 20 107.28 0.89 -83.19
CA LEU L 20 107.80 1.74 -82.11
C LEU L 20 108.56 0.94 -81.05
N GLY L 21 108.18 -0.32 -80.88
CA GLY L 21 108.85 -1.17 -79.94
C GLY L 21 107.95 -2.21 -79.29
N THR L 22 108.57 -3.14 -78.58
CA THR L 22 107.82 -4.15 -77.86
C THR L 22 108.25 -4.18 -76.41
N LEU L 23 107.29 -4.20 -75.49
CA LEU L 23 107.60 -4.35 -74.09
C LEU L 23 107.27 -5.77 -73.71
N ASN L 24 108.11 -6.37 -72.91
CA ASN L 24 107.84 -7.70 -72.41
C ASN L 24 107.17 -7.60 -71.03
N ILE L 25 105.91 -8.02 -70.92
CA ILE L 25 105.16 -7.79 -69.69
C ILE L 25 105.85 -8.35 -68.47
N ARG L 26 106.46 -9.53 -68.58
CA ARG L 26 107.04 -10.10 -67.40
C ARG L 26 108.34 -9.38 -67.03
N ASP L 27 109.13 -9.00 -68.03
CA ASP L 27 110.31 -8.16 -67.81
C ASP L 27 110.00 -6.77 -67.21
N MET L 28 108.90 -6.15 -67.61
CA MET L 28 108.48 -4.89 -66.99
C MET L 28 108.32 -5.04 -65.48
N ILE L 29 107.76 -6.17 -65.04
CA ILE L 29 107.51 -6.39 -63.63
C ILE L 29 108.79 -6.78 -62.91
N SER L 30 109.62 -7.60 -63.55
CA SER L 30 110.84 -8.08 -62.90
C SER L 30 112.00 -7.07 -62.88
N ASP L 31 112.08 -6.20 -63.90
CA ASP L 31 113.13 -5.18 -63.92
C ASP L 31 112.83 -4.08 -62.92
N PHE L 32 111.54 -3.87 -62.66
CA PHE L 32 111.08 -2.89 -61.69
C PHE L 32 111.35 -3.41 -60.26
N LYS L 33 110.73 -4.52 -59.89
CA LYS L 33 111.24 -5.35 -58.80
C LYS L 33 111.28 -4.71 -57.42
N GLY L 34 110.24 -3.99 -57.00
CA GLY L 34 108.87 -4.20 -57.38
C GLY L 34 108.25 -4.76 -56.10
N VAL L 35 107.37 -4.05 -55.42
CA VAL L 35 106.64 -4.68 -54.31
C VAL L 35 105.80 -5.81 -54.86
N GLN L 36 105.20 -5.59 -56.02
CA GLN L 36 104.35 -6.59 -56.64
C GLN L 36 105.19 -7.77 -57.14
N TYR L 37 106.37 -7.48 -57.71
CA TYR L 37 107.27 -8.55 -58.14
C TYR L 37 107.61 -9.47 -56.99
N GLU L 38 107.92 -8.90 -55.84
CA GLU L 38 108.25 -9.71 -54.67
C GLU L 38 107.06 -10.51 -54.12
N LYS L 39 105.85 -9.96 -54.20
CA LYS L 39 104.64 -10.71 -53.82
C LYS L 39 104.47 -11.90 -54.77
N TRP L 40 104.93 -11.72 -56.00
CA TRP L 40 104.79 -12.71 -57.07
C TRP L 40 105.65 -13.93 -56.79
N ILE L 41 106.91 -13.70 -56.42
CA ILE L 41 107.82 -14.78 -56.06
C ILE L 41 107.23 -15.71 -55.00
N THR L 42 106.48 -15.15 -54.07
CA THR L 42 105.87 -15.94 -53.00
C THR L 42 104.64 -16.68 -53.47
N ALA L 43 103.87 -16.05 -54.33
CA ALA L 43 102.66 -16.64 -54.86
C ALA L 43 103.01 -17.82 -55.77
N GLY L 44 104.10 -17.67 -56.51
CA GLY L 44 104.44 -18.61 -57.56
C GLY L 44 103.68 -18.32 -58.83
N LEU L 45 102.36 -18.54 -58.79
CA LEU L 45 101.46 -18.30 -59.92
C LEU L 45 100.56 -17.09 -59.71
N VAL L 46 100.46 -16.24 -60.73
CA VAL L 46 99.54 -15.10 -60.70
C VAL L 46 98.64 -15.04 -61.94
N MET L 47 97.37 -14.65 -61.76
CA MET L 47 96.42 -14.45 -62.87
C MET L 47 95.89 -13.01 -62.88
N PRO L 48 96.80 -12.04 -63.03
CA PRO L 48 96.51 -10.64 -62.70
C PRO L 48 95.34 -10.05 -63.46
N THR L 49 94.71 -9.05 -62.86
CA THR L 49 93.96 -8.09 -63.66
C THR L 49 94.80 -6.82 -63.71
N PHE L 50 95.37 -6.52 -64.87
CA PHE L 50 96.22 -5.35 -65.06
C PHE L 50 95.42 -4.13 -65.44
N LYS L 51 95.83 -2.97 -64.95
CA LYS L 51 95.46 -1.69 -65.55
C LYS L 51 96.71 -1.22 -66.28
N ILE L 52 96.61 -1.03 -67.60
CA ILE L 52 97.74 -0.54 -68.35
C ILE L 52 97.51 0.93 -68.57
N VAL L 53 98.52 1.74 -68.29
CA VAL L 53 98.41 3.16 -68.48
C VAL L 53 99.54 3.63 -69.36
N ILE L 54 99.21 4.34 -70.44
CA ILE L 54 100.24 4.90 -71.29
C ILE L 54 100.25 6.41 -71.12
N ARG L 55 101.34 6.94 -70.57
CA ARG L 55 101.46 8.38 -70.36
C ARG L 55 102.14 9.09 -71.51
N LEU L 56 101.53 10.19 -71.90
CA LEU L 56 101.45 10.56 -73.29
C LEU L 56 100.91 11.98 -73.28
N PRO L 57 101.65 12.95 -73.82
CA PRO L 57 101.17 14.33 -73.75
C PRO L 57 100.07 14.57 -74.78
N ALA L 58 98.89 14.96 -74.30
CA ALA L 58 97.77 15.15 -75.22
C ALA L 58 98.06 16.25 -76.23
N ASN L 59 97.68 16.02 -77.46
CA ASN L 59 97.90 17.01 -78.50
C ASN L 59 96.92 16.87 -79.66
N ALA L 60 96.21 17.94 -79.97
CA ALA L 60 95.21 17.87 -81.03
C ALA L 60 95.75 18.28 -82.41
N PHE L 61 97.05 18.51 -82.52
CA PHE L 61 97.58 19.11 -83.73
C PHE L 61 98.49 18.19 -84.52
N THR L 62 98.37 16.89 -84.30
CA THR L 62 99.28 15.95 -84.96
C THR L 62 98.57 14.96 -85.85
N GLY L 63 97.43 14.44 -85.39
CA GLY L 63 96.72 13.42 -86.14
C GLY L 63 97.18 12.01 -85.84
N LEU L 64 98.14 11.90 -84.92
CA LEU L 64 98.73 10.62 -84.56
C LEU L 64 97.75 9.71 -83.86
N THR L 65 97.72 8.45 -84.31
CA THR L 65 97.00 7.39 -83.63
C THR L 65 97.88 6.16 -83.57
N TRP L 66 98.02 5.58 -82.39
CA TRP L 66 98.83 4.39 -82.20
C TRP L 66 97.98 3.18 -81.84
N VAL L 67 98.55 1.99 -81.98
CA VAL L 67 97.87 0.78 -81.55
C VAL L 67 98.72 0.01 -80.55
N MET L 68 98.14 -0.25 -79.39
CA MET L 68 98.77 -1.19 -78.46
C MET L 68 98.18 -2.56 -78.72
N SER L 69 99.04 -3.56 -78.99
CA SER L 69 98.58 -4.90 -79.35
C SER L 69 99.03 -5.86 -78.27
N PHE L 70 98.08 -6.55 -77.65
CA PHE L 70 98.41 -7.54 -76.63
C PHE L 70 98.64 -8.90 -77.26
N ASP L 71 99.90 -9.29 -77.33
CA ASP L 71 100.31 -10.51 -78.00
C ASP L 71 100.82 -11.53 -77.00
N ALA L 72 99.92 -12.16 -76.26
CA ALA L 72 100.34 -12.99 -75.13
C ALA L 72 101.12 -14.23 -75.58
N TYR L 73 100.94 -14.63 -76.83
CA TYR L 73 101.56 -15.86 -77.32
C TYR L 73 102.58 -15.62 -78.43
N ASN L 74 103.02 -14.38 -78.54
CA ASN L 74 104.13 -14.02 -79.40
C ASN L 74 103.91 -14.44 -80.85
N ARG L 75 102.74 -14.13 -81.37
CA ARG L 75 102.34 -14.59 -82.68
C ARG L 75 102.62 -13.57 -83.81
N ILE L 76 102.52 -12.28 -83.53
CA ILE L 76 102.83 -11.30 -84.59
C ILE L 76 104.24 -10.69 -84.53
N THR L 77 104.95 -10.88 -83.43
CA THR L 77 106.24 -10.22 -83.26
C THR L 77 107.18 -10.19 -84.46
N SER L 78 107.59 -11.38 -84.94
CA SER L 78 108.52 -11.52 -86.06
C SER L 78 108.12 -10.70 -87.29
N ARG L 79 106.82 -10.62 -87.50
CA ARG L 79 106.30 -10.02 -88.71
C ARG L 79 106.08 -8.51 -88.63
N ILE L 80 106.30 -7.90 -87.46
CA ILE L 80 106.09 -6.46 -87.35
C ILE L 80 107.32 -5.61 -87.06
N THR L 81 108.46 -6.24 -86.77
CA THR L 81 109.64 -5.49 -86.30
C THR L 81 110.33 -4.58 -87.33
N ALA L 82 110.20 -4.87 -88.63
CA ALA L 82 110.70 -3.94 -89.64
C ALA L 82 109.64 -2.89 -89.90
N SER L 83 108.44 -3.36 -90.19
CA SER L 83 107.31 -2.50 -90.41
C SER L 83 106.03 -3.25 -90.03
N ALA L 84 105.03 -2.49 -89.59
CA ALA L 84 103.84 -3.05 -88.99
C ALA L 84 102.61 -2.79 -89.84
N ASP L 85 102.31 -3.71 -90.76
CA ASP L 85 101.04 -3.65 -91.43
C ASP L 85 99.95 -3.74 -90.36
N PRO L 86 98.88 -2.91 -90.48
CA PRO L 86 97.73 -2.95 -89.57
C PRO L 86 97.01 -4.30 -89.52
N VAL L 87 97.07 -5.08 -90.60
CA VAL L 87 96.44 -6.40 -90.59
C VAL L 87 97.02 -7.30 -89.51
N TYR L 88 98.33 -7.20 -89.28
CA TYR L 88 98.93 -7.91 -88.15
C TYR L 88 98.55 -7.28 -86.81
N THR L 89 98.77 -5.98 -86.66
CA THR L 89 98.59 -5.34 -85.36
C THR L 89 97.16 -5.37 -84.84
N LEU L 90 96.19 -5.51 -85.73
CA LEU L 90 94.77 -5.53 -85.34
C LEU L 90 94.18 -6.95 -85.26
N SER L 91 95.03 -7.95 -85.51
CA SER L 91 94.60 -9.34 -85.55
C SER L 91 94.62 -9.99 -84.16
N VAL L 92 95.17 -9.28 -83.18
CA VAL L 92 95.14 -9.74 -81.79
C VAL L 92 94.46 -8.68 -80.96
N PRO L 93 94.11 -9.00 -79.69
CA PRO L 93 93.46 -7.96 -78.86
C PRO L 93 94.27 -6.66 -78.87
N HIS L 94 93.59 -5.53 -79.00
CA HIS L 94 94.30 -4.29 -79.24
C HIS L 94 93.46 -3.08 -78.86
N TRP L 95 94.12 -1.94 -78.75
CA TRP L 95 93.46 -0.71 -78.36
C TRP L 95 93.98 0.46 -79.17
N LEU L 96 93.06 1.33 -79.60
CA LEU L 96 93.47 2.53 -80.32
C LEU L 96 93.86 3.62 -79.33
N ILE L 97 95.02 4.22 -79.56
CA ILE L 97 95.47 5.32 -78.71
C ILE L 97 95.51 6.62 -79.49
N HIS L 98 94.53 7.47 -79.23
CA HIS L 98 94.44 8.73 -79.96
C HIS L 98 95.25 9.82 -79.26
N HIS L 99 96.09 10.51 -80.02
CA HIS L 99 96.94 11.55 -79.47
C HIS L 99 96.15 12.72 -78.91
N LYS L 100 94.97 12.98 -79.49
CA LYS L 100 94.16 14.07 -79.01
C LYS L 100 93.66 13.83 -77.58
N LEU L 101 93.55 12.57 -77.19
CA LEU L 101 93.00 12.22 -75.85
C LEU L 101 94.05 12.12 -74.75
N GLY L 102 95.31 12.26 -75.12
CA GLY L 102 96.40 12.18 -74.18
C GLY L 102 96.56 10.83 -73.51
N THR L 103 96.79 10.86 -72.19
CA THR L 103 97.06 9.66 -71.42
C THR L 103 95.95 8.62 -71.54
N PHE L 104 96.36 7.38 -71.79
CA PHE L 104 95.46 6.29 -72.16
C PHE L 104 95.50 5.19 -71.13
N SER L 105 94.34 4.56 -70.90
CA SER L 105 94.24 3.49 -69.92
C SER L 105 93.25 2.41 -70.36
N CYS L 106 93.51 1.18 -69.97
CA CYS L 106 92.60 0.07 -70.23
C CYS L 106 92.85 -1.09 -69.28
N GLU L 107 91.89 -2.00 -69.18
CA GLU L 107 92.05 -3.19 -68.34
C GLU L 107 92.30 -4.44 -69.14
N ILE L 108 93.17 -5.28 -68.63
CA ILE L 108 93.46 -6.54 -69.26
C ILE L 108 93.21 -7.59 -68.20
N ASP L 109 92.13 -8.34 -68.36
CA ASP L 109 91.91 -9.50 -67.49
C ASP L 109 92.75 -10.63 -68.09
N TYR L 110 93.90 -10.88 -67.49
CA TYR L 110 94.84 -11.86 -68.01
C TYR L 110 94.22 -13.26 -68.07
N GLY L 111 93.22 -13.51 -67.23
CA GLY L 111 92.47 -14.75 -67.27
C GLY L 111 91.73 -14.95 -68.56
N GLU L 112 91.14 -13.88 -69.12
CA GLU L 112 90.43 -13.97 -70.39
C GLU L 112 91.37 -13.83 -71.59
N LEU L 113 92.01 -12.67 -71.70
CA LEU L 113 92.83 -12.36 -72.86
C LEU L 113 94.02 -13.29 -73.03
N CYS L 114 94.45 -13.92 -71.95
CA CYS L 114 95.58 -14.83 -72.05
C CYS L 114 95.21 -16.29 -71.77
N GLY L 115 94.69 -16.59 -70.58
CA GLY L 115 94.21 -17.93 -70.28
C GLY L 115 95.04 -18.81 -69.36
N HIS L 116 96.35 -18.61 -69.32
CA HIS L 116 97.17 -19.35 -68.39
C HIS L 116 97.89 -18.44 -67.38
N ALA L 117 98.13 -18.94 -66.16
CA ALA L 117 98.76 -18.16 -65.09
C ALA L 117 100.27 -18.05 -65.26
N MET L 118 100.80 -16.91 -64.80
CA MET L 118 102.21 -16.60 -64.97
C MET L 118 103.10 -17.14 -63.85
N TRP L 119 104.14 -17.85 -64.24
CA TRP L 119 105.07 -18.46 -63.30
C TRP L 119 106.25 -17.53 -63.04
N PHE L 120 106.49 -17.24 -61.77
CA PHE L 120 107.46 -16.20 -61.41
C PHE L 120 108.88 -16.40 -62.00
N LYS L 121 109.32 -17.64 -62.15
CA LYS L 121 110.72 -17.91 -62.45
C LYS L 121 111.06 -18.01 -63.93
N SER L 122 110.06 -18.29 -64.76
CA SER L 122 110.32 -18.46 -66.19
C SER L 122 109.04 -18.47 -67.00
N THR L 123 109.19 -18.17 -68.28
CA THR L 123 108.06 -18.23 -69.19
C THR L 123 107.59 -19.70 -69.29
N THR L 124 106.28 -19.93 -69.22
CA THR L 124 105.74 -21.27 -69.38
C THR L 124 105.58 -21.65 -70.86
N PHE L 125 104.70 -20.97 -71.57
CA PHE L 125 104.58 -21.24 -72.99
C PHE L 125 105.38 -20.28 -73.85
N GLU L 126 104.78 -19.15 -74.18
CA GLU L 126 105.59 -18.11 -74.77
C GLU L 126 105.49 -16.86 -73.87
N SER L 127 106.41 -15.92 -74.10
CA SER L 127 106.53 -14.71 -73.29
C SER L 127 105.60 -13.59 -73.78
N PRO L 128 104.66 -13.16 -72.93
CA PRO L 128 103.63 -12.17 -73.28
C PRO L 128 104.18 -10.79 -73.61
N ARG L 129 103.81 -10.24 -74.77
CA ARG L 129 104.31 -8.95 -75.23
C ARG L 129 103.23 -7.88 -75.45
N LEU L 130 103.62 -6.62 -75.27
CA LEU L 130 102.82 -5.49 -75.74
C LEU L 130 103.55 -4.81 -76.90
N HIS L 131 102.91 -4.73 -78.07
CA HIS L 131 103.53 -4.07 -79.22
C HIS L 131 102.95 -2.68 -79.40
N PHE L 132 103.81 -1.72 -79.71
CA PHE L 132 103.36 -0.38 -80.00
C PHE L 132 103.70 0.04 -81.43
N THR L 133 102.67 0.35 -82.19
CA THR L 133 102.82 0.66 -83.59
C THR L 133 102.04 1.91 -83.90
N CYS L 134 102.37 2.56 -85.00
CA CYS L 134 101.68 3.76 -85.42
C CYS L 134 100.65 3.45 -86.52
N LEU L 135 99.38 3.71 -86.25
CA LEU L 135 98.29 3.34 -87.15
C LEU L 135 98.07 4.41 -88.20
N THR L 136 97.96 5.65 -87.75
CA THR L 136 97.91 6.82 -88.63
C THR L 136 99.02 7.79 -88.25
N GLY L 137 99.73 8.30 -89.26
CA GLY L 137 100.91 9.12 -89.01
C GLY L 137 100.62 10.58 -88.68
N ASN L 138 101.65 11.31 -88.26
CA ASN L 138 101.51 12.74 -88.01
C ASN L 138 101.41 13.48 -89.33
N ASN L 139 100.72 14.61 -89.32
CA ASN L 139 100.43 15.34 -90.55
C ASN L 139 101.70 15.96 -91.11
N LYS L 140 102.63 16.28 -90.22
CA LYS L 140 103.95 16.80 -90.54
C LYS L 140 104.79 16.38 -89.35
N GLU L 141 106.11 16.29 -89.52
CA GLU L 141 106.93 15.84 -88.40
C GLU L 141 106.79 16.81 -87.22
N LEU L 142 107.08 16.31 -86.03
CA LEU L 142 107.08 17.15 -84.84
C LEU L 142 108.44 17.83 -84.66
N ALA L 143 108.60 18.60 -83.59
CA ALA L 143 109.82 19.37 -83.43
C ALA L 143 111.03 18.49 -83.07
N ALA L 144 110.79 17.41 -82.33
CA ALA L 144 111.90 16.57 -81.88
C ALA L 144 111.43 15.17 -81.50
N ASP L 145 112.38 14.23 -81.39
CA ASP L 145 112.08 12.90 -80.85
C ASP L 145 111.53 13.03 -79.43
N TRP L 146 110.66 12.13 -79.04
CA TRP L 146 110.14 12.11 -77.68
C TRP L 146 109.88 10.70 -77.19
N GLN L 147 109.30 10.56 -76.00
CA GLN L 147 108.98 9.24 -75.47
C GLN L 147 107.65 9.19 -74.73
N ALA L 148 107.09 8.01 -74.62
CA ALA L 148 105.89 7.80 -73.83
C ALA L 148 106.23 6.74 -72.80
N VAL L 149 105.55 6.79 -71.66
CA VAL L 149 105.81 5.82 -70.61
C VAL L 149 104.66 4.85 -70.48
N VAL L 150 104.98 3.55 -70.40
CA VAL L 150 103.97 2.51 -70.21
C VAL L 150 104.03 1.94 -68.81
N GLU L 151 102.88 1.87 -68.12
CA GLU L 151 102.86 1.43 -66.73
C GLU L 151 101.84 0.32 -66.48
N LEU L 152 102.26 -0.70 -65.73
CA LEU L 152 101.36 -1.80 -65.35
C LEU L 152 100.97 -1.65 -63.91
N TYR L 153 99.67 -1.56 -63.64
CA TYR L 153 99.17 -1.50 -62.26
C TYR L 153 98.44 -2.79 -61.98
N ALA L 154 98.68 -3.37 -60.82
CA ALA L 154 98.06 -4.64 -60.48
C ALA L 154 98.21 -4.91 -58.99
N GLU L 155 97.27 -5.63 -58.40
CA GLU L 155 97.48 -6.18 -57.06
C GLU L 155 97.59 -7.69 -57.15
N LEU L 156 98.82 -8.17 -57.31
CA LEU L 156 99.04 -9.59 -57.57
C LEU L 156 98.69 -10.44 -56.38
N GLU L 157 97.87 -11.46 -56.62
CA GLU L 157 97.63 -12.47 -55.59
C GLU L 157 97.79 -13.87 -56.17
N GLU L 158 98.04 -14.85 -55.30
CA GLU L 158 98.29 -16.21 -55.74
C GLU L 158 97.13 -16.77 -56.55
N ALA L 159 97.48 -17.40 -57.67
CA ALA L 159 96.50 -18.02 -58.53
C ALA L 159 96.14 -19.41 -58.01
N THR L 160 94.83 -19.67 -58.01
CA THR L 160 94.31 -20.92 -57.50
C THR L 160 94.39 -22.04 -58.56
N SER L 161 94.24 -21.69 -59.84
CA SER L 161 94.26 -22.67 -60.94
C SER L 161 95.27 -22.29 -62.02
N PHE L 162 95.69 -23.25 -62.83
CA PHE L 162 96.59 -22.93 -63.92
C PHE L 162 95.86 -22.24 -65.05
N LEU L 163 94.63 -22.70 -65.31
CA LEU L 163 93.88 -22.24 -66.46
C LEU L 163 92.85 -21.19 -66.08
N GLY L 164 92.63 -20.24 -66.99
CA GLY L 164 91.58 -19.24 -66.83
C GLY L 164 90.22 -19.81 -67.16
N LYS L 165 89.28 -18.93 -67.49
CA LYS L 165 88.00 -19.38 -68.02
C LYS L 165 88.11 -19.31 -69.53
N PRO L 166 87.53 -20.29 -70.24
CA PRO L 166 87.71 -20.33 -71.69
C PRO L 166 87.03 -19.16 -72.38
N THR L 167 87.77 -18.43 -73.20
CA THR L 167 87.25 -17.38 -74.08
C THR L 167 86.14 -17.91 -75.01
N LEU L 168 86.29 -19.16 -75.48
CA LEU L 168 85.40 -19.72 -76.49
C LEU L 168 85.18 -21.23 -76.32
N VAL L 169 83.95 -21.68 -76.50
CA VAL L 169 83.69 -23.11 -76.52
C VAL L 169 83.08 -23.52 -77.84
N PHE L 170 83.68 -24.53 -78.46
CA PHE L 170 83.31 -24.92 -79.82
C PHE L 170 81.86 -25.31 -79.97
N ASP L 171 81.20 -24.65 -80.92
CA ASP L 171 79.81 -24.90 -81.27
C ASP L 171 79.57 -24.33 -82.68
N PRO L 172 79.29 -25.21 -83.64
CA PRO L 172 79.10 -24.90 -85.06
C PRO L 172 77.94 -23.96 -85.25
N GLY L 173 76.89 -24.20 -84.46
CA GLY L 173 75.62 -23.51 -84.63
C GLY L 173 75.55 -22.23 -83.84
N VAL L 174 76.72 -21.74 -83.38
CA VAL L 174 76.73 -20.53 -82.56
C VAL L 174 77.82 -19.49 -82.92
N PHE L 175 77.32 -18.52 -83.67
CA PHE L 175 77.95 -17.26 -83.97
C PHE L 175 76.83 -16.23 -83.72
N ASN L 176 76.87 -15.57 -82.58
CA ASN L 176 75.85 -14.56 -82.20
C ASN L 176 75.65 -13.46 -83.24
N GLY L 177 76.73 -12.80 -83.62
CA GLY L 177 76.65 -11.63 -84.48
C GLY L 177 77.33 -10.45 -83.80
N LYS L 178 77.74 -10.65 -82.55
CA LYS L 178 78.53 -9.67 -81.81
C LYS L 178 80.04 -9.92 -82.02
N PHE L 179 80.82 -8.84 -82.14
CA PHE L 179 82.27 -8.97 -82.30
C PHE L 179 83.03 -8.26 -81.19
N GLN L 180 84.25 -8.70 -80.94
CA GLN L 180 85.21 -7.86 -80.21
C GLN L 180 86.49 -7.73 -81.02
N PHE L 181 87.16 -6.60 -80.88
CA PHE L 181 88.45 -6.36 -81.52
C PHE L 181 88.41 -6.49 -83.04
N LEU L 182 87.28 -6.10 -83.63
CA LEU L 182 87.17 -6.06 -85.09
C LEU L 182 87.39 -4.65 -85.58
N THR L 183 88.63 -4.37 -85.97
CA THR L 183 89.02 -3.04 -86.43
C THR L 183 89.53 -3.12 -87.86
N CYS L 184 88.97 -2.29 -88.74
CA CYS L 184 89.42 -2.25 -90.14
C CYS L 184 90.63 -1.38 -90.26
N PRO L 185 91.59 -1.82 -91.09
CA PRO L 185 92.72 -0.94 -91.38
C PRO L 185 92.24 0.42 -91.85
N PRO L 186 93.07 1.45 -91.67
CA PRO L 186 92.68 2.83 -91.96
C PRO L 186 92.35 3.01 -93.44
N ILE L 187 91.31 3.80 -93.68
CA ILE L 187 90.88 4.24 -95.00
C ILE L 187 91.34 5.69 -95.19
N PHE L 188 91.86 6.05 -96.36
CA PHE L 188 92.44 7.38 -96.54
C PHE L 188 91.76 8.21 -97.60
N PHE L 189 91.57 9.51 -97.31
CA PHE L 189 91.01 10.45 -98.29
C PHE L 189 92.01 11.54 -98.63
N ASP L 190 92.23 11.77 -99.93
CA ASP L 190 93.13 12.83 -100.40
C ASP L 190 92.42 14.16 -100.32
N LEU L 191 93.15 15.23 -100.03
CA LEU L 191 92.50 16.54 -99.99
C LEU L 191 92.55 17.23 -101.34
N THR L 192 93.19 16.57 -102.29
CA THR L 192 93.22 17.05 -103.66
C THR L 192 92.04 16.55 -104.46
N ALA L 193 91.01 16.10 -103.76
CA ALA L 193 89.84 15.52 -104.42
C ALA L 193 88.57 16.10 -103.86
N VAL L 194 87.76 16.70 -104.73
CA VAL L 194 86.54 17.35 -104.28
C VAL L 194 85.48 16.38 -103.72
N THR L 195 85.39 15.18 -104.27
CA THR L 195 84.64 14.08 -103.65
C THR L 195 85.44 12.79 -103.82
N ALA L 196 85.02 11.74 -103.10
CA ALA L 196 85.70 10.45 -103.23
C ALA L 196 84.91 9.31 -102.61
N LEU L 197 85.21 8.11 -103.06
CA LEU L 197 84.60 6.93 -102.48
C LEU L 197 85.67 5.99 -101.93
N ARG L 198 85.38 5.41 -100.77
CA ARG L 198 86.20 4.32 -100.25
C ARG L 198 85.31 3.18 -99.80
N SER L 199 85.53 2.00 -100.37
CA SER L 199 84.74 0.84 -100.03
C SER L 199 85.39 0.01 -98.95
N ALA L 200 84.55 -0.52 -98.09
CA ALA L 200 84.97 -1.54 -97.15
C ALA L 200 84.14 -2.79 -97.41
N GLY L 201 84.79 -3.91 -97.71
CA GLY L 201 84.05 -5.12 -97.99
C GLY L 201 83.36 -5.64 -96.75
N LEU L 202 82.16 -6.21 -96.91
CA LEU L 202 81.46 -6.79 -95.78
C LEU L 202 81.46 -8.32 -95.80
N THR L 203 82.30 -8.90 -96.66
CA THR L 203 82.47 -10.34 -96.72
C THR L 203 83.45 -10.78 -95.64
N LEU L 204 82.99 -10.72 -94.39
CA LEU L 204 83.84 -10.76 -93.20
C LEU L 204 84.51 -12.11 -92.90
N GLY L 205 84.11 -13.17 -93.59
CA GLY L 205 84.72 -14.47 -93.38
C GLY L 205 86.01 -14.66 -94.18
N GLN L 206 86.27 -13.72 -95.07
CA GLN L 206 87.46 -13.73 -95.91
C GLN L 206 88.70 -13.56 -95.03
N VAL L 207 89.73 -14.36 -95.27
CA VAL L 207 90.95 -14.24 -94.48
C VAL L 207 91.84 -13.12 -95.03
N PRO L 208 92.23 -12.18 -94.15
CA PRO L 208 92.99 -10.97 -94.53
C PRO L 208 94.39 -11.35 -94.95
N MET L 209 95.00 -10.56 -95.81
CA MET L 209 96.33 -10.90 -96.26
C MET L 209 97.32 -9.73 -96.22
N VAL L 210 98.58 -10.07 -96.09
CA VAL L 210 99.65 -9.09 -96.17
C VAL L 210 100.64 -9.68 -97.14
N GLY L 211 100.57 -9.20 -98.39
CA GLY L 211 101.35 -9.81 -99.44
C GLY L 211 100.84 -11.22 -99.68
N THR L 212 101.73 -12.19 -99.62
CA THR L 212 101.34 -13.57 -99.82
C THR L 212 101.01 -14.27 -98.51
N THR L 213 101.14 -13.53 -97.41
CA THR L 213 100.89 -14.09 -96.07
C THR L 213 99.42 -14.01 -95.62
N LYS L 214 98.82 -15.17 -95.34
CA LYS L 214 97.47 -15.23 -94.80
C LYS L 214 97.54 -14.98 -93.30
N VAL L 215 96.69 -14.08 -92.81
CA VAL L 215 96.61 -13.82 -91.37
C VAL L 215 95.29 -14.33 -90.77
N TYR L 216 95.26 -15.60 -90.38
CA TYR L 216 94.07 -16.18 -89.77
C TYR L 216 93.77 -15.48 -88.47
N ASN L 217 92.50 -15.12 -88.25
CA ASN L 217 92.12 -14.49 -86.99
C ASN L 217 90.73 -14.92 -86.54
N LEU L 218 90.44 -14.72 -85.26
CA LEU L 218 89.21 -15.26 -84.70
C LEU L 218 87.95 -14.67 -85.33
N ASN L 219 87.96 -13.38 -85.64
CA ASN L 219 86.74 -12.78 -86.18
C ASN L 219 86.34 -13.33 -87.53
N SER L 220 87.28 -13.39 -88.46
CA SER L 220 86.94 -13.98 -89.76
C SER L 220 86.58 -15.44 -89.60
N THR L 221 87.27 -16.13 -88.69
CA THR L 221 86.95 -17.52 -88.40
C THR L 221 85.52 -17.68 -87.89
N LEU L 222 85.08 -16.80 -87.00
CA LEU L 222 83.70 -16.84 -86.51
C LEU L 222 82.70 -16.65 -87.64
N VAL L 223 82.91 -15.61 -88.46
CA VAL L 223 82.00 -15.34 -89.56
C VAL L 223 81.90 -16.55 -90.50
N SER L 224 83.00 -17.27 -90.68
CA SER L 224 83.01 -18.42 -91.59
C SER L 224 82.12 -19.56 -91.10
N CYS L 225 81.70 -19.50 -89.83
CA CYS L 225 80.81 -20.49 -89.21
C CYS L 225 79.36 -20.38 -89.67
N VAL L 226 79.14 -19.40 -90.51
CA VAL L 226 77.82 -19.11 -91.04
C VAL L 226 77.92 -19.06 -92.58
N LEU L 227 76.79 -19.17 -93.29
CA LEU L 227 76.84 -19.14 -94.75
C LEU L 227 76.80 -17.70 -95.25
N GLY L 228 76.17 -16.83 -94.48
CA GLY L 228 76.05 -15.42 -94.83
C GLY L 228 75.25 -14.69 -93.77
N MET L 229 75.09 -13.38 -93.95
CA MET L 229 74.49 -12.56 -92.92
C MET L 229 73.87 -11.31 -93.51
N GLY L 230 72.75 -10.90 -92.94
CA GLY L 230 72.15 -9.63 -93.27
C GLY L 230 71.83 -8.91 -91.98
N GLY L 231 71.38 -7.67 -92.08
CA GLY L 231 71.02 -6.96 -90.87
C GLY L 231 71.65 -5.60 -90.88
N THR L 232 71.86 -5.04 -89.69
CA THR L 232 72.46 -3.72 -89.59
C THR L 232 73.85 -3.78 -88.96
N VAL L 233 74.82 -3.16 -89.62
CA VAL L 233 76.17 -3.03 -89.10
C VAL L 233 76.22 -1.87 -88.09
N ARG L 234 76.49 -2.18 -86.82
CA ARG L 234 76.69 -1.15 -85.79
C ARG L 234 78.18 -1.02 -85.56
N GLY L 235 78.70 0.19 -85.69
CA GLY L 235 80.13 0.39 -85.50
C GLY L 235 80.46 1.78 -85.02
N ARG L 236 81.76 2.08 -85.00
CA ARG L 236 82.25 3.39 -84.60
C ARG L 236 83.21 3.88 -85.66
N VAL L 237 83.18 5.19 -85.92
CA VAL L 237 84.10 5.79 -86.85
C VAL L 237 85.01 6.73 -86.11
N HIS L 238 86.30 6.63 -86.37
CA HIS L 238 87.24 7.56 -85.81
C HIS L 238 87.89 8.39 -86.91
N ILE L 239 87.83 9.70 -86.76
CA ILE L 239 88.51 10.58 -87.70
C ILE L 239 89.87 10.98 -87.14
N CYS L 240 90.92 10.45 -87.76
CA CYS L 240 92.26 10.50 -87.20
C CYS L 240 93.14 11.57 -87.85
N ALA L 241 92.76 12.82 -87.63
CA ALA L 241 93.51 13.95 -88.18
C ALA L 241 93.52 15.11 -87.17
N PRO L 242 94.40 16.10 -87.41
CA PRO L 242 94.47 17.31 -86.59
C PRO L 242 93.13 18.08 -86.51
N ILE L 243 92.85 18.86 -85.45
CA ILE L 243 91.61 19.65 -85.36
C ILE L 243 91.37 20.53 -86.58
N PHE L 244 92.45 20.90 -87.28
CA PHE L 244 92.31 21.79 -88.44
C PHE L 244 92.01 21.06 -89.76
N TYR L 245 91.93 19.74 -89.70
CA TYR L 245 91.38 18.94 -90.80
C TYR L 245 89.91 18.66 -90.50
N SER L 246 89.09 18.56 -91.54
CA SER L 246 87.69 18.21 -91.33
C SER L 246 87.02 17.65 -92.57
N ILE L 247 85.97 16.87 -92.37
CA ILE L 247 85.37 16.16 -93.47
C ILE L 247 83.92 15.86 -93.16
N VAL L 248 83.13 15.63 -94.21
CA VAL L 248 81.77 15.15 -94.05
C VAL L 248 81.57 13.94 -94.94
N LEU L 249 81.10 12.84 -94.34
CA LEU L 249 80.92 11.60 -95.07
C LEU L 249 79.45 11.20 -95.17
N TRP L 250 79.10 10.65 -96.33
CA TRP L 250 77.85 9.90 -96.49
C TRP L 250 78.22 8.43 -96.45
N VAL L 251 77.73 7.72 -95.45
CA VAL L 251 78.05 6.31 -95.29
C VAL L 251 76.85 5.41 -95.58
N VAL L 252 76.98 4.56 -96.60
CA VAL L 252 75.85 3.76 -97.04
C VAL L 252 76.29 2.40 -97.59
N SER L 253 75.37 1.43 -97.61
CA SER L 253 75.70 0.12 -98.14
C SER L 253 75.21 -0.07 -99.57
N GLU L 254 76.05 -0.66 -100.41
CA GLU L 254 75.66 -0.92 -101.79
C GLU L 254 75.98 -2.35 -102.24
N TRP L 255 75.24 -2.83 -103.25
CA TRP L 255 75.44 -4.19 -103.73
C TRP L 255 76.04 -4.21 -105.13
N ASN L 256 77.09 -5.01 -105.28
CA ASN L 256 77.72 -5.25 -106.58
C ASN L 256 78.01 -3.98 -107.40
N GLY L 257 79.05 -3.26 -107.03
CA GLY L 257 79.36 -1.99 -107.64
C GLY L 257 78.69 -0.85 -106.88
N THR L 258 78.76 0.33 -107.48
CA THR L 258 78.18 1.52 -106.85
C THR L 258 77.42 2.25 -107.93
N THR L 259 76.42 3.02 -107.53
CA THR L 259 75.70 3.84 -108.48
C THR L 259 76.55 5.03 -108.87
N MET L 260 76.33 5.51 -110.10
CA MET L 260 77.11 6.61 -110.61
C MET L 260 76.31 7.91 -110.54
N ASP L 261 75.06 7.78 -110.12
CA ASP L 261 74.13 8.89 -110.05
C ASP L 261 73.99 9.42 -108.64
N TRP L 262 74.53 10.61 -108.40
CA TRP L 262 74.46 11.23 -107.07
C TRP L 262 73.05 11.29 -106.49
N ASN L 263 72.04 11.47 -107.34
CA ASN L 263 70.68 11.54 -106.82
C ASN L 263 70.19 10.19 -106.33
N GLU L 264 70.55 9.12 -107.05
CA GLU L 264 70.14 7.81 -106.60
C GLU L 264 70.83 7.51 -105.28
N LEU L 265 72.11 7.90 -105.20
CA LEU L 265 72.93 7.64 -104.02
C LEU L 265 72.24 8.13 -102.76
N PHE L 266 71.60 9.30 -102.85
CA PHE L 266 70.98 9.88 -101.67
C PHE L 266 69.54 9.45 -101.42
N LYS L 267 69.08 8.50 -102.22
CA LYS L 267 67.77 7.91 -101.99
C LYS L 267 67.96 6.62 -101.20
N TYR L 268 69.21 6.20 -101.06
CA TYR L 268 69.53 5.06 -100.21
C TYR L 268 69.49 5.43 -98.73
N PRO L 269 69.30 4.45 -97.84
CA PRO L 269 69.35 4.66 -96.39
C PRO L 269 70.77 4.66 -95.81
N GLY L 270 71.39 5.83 -95.84
CA GLY L 270 72.71 6.02 -95.27
C GLY L 270 72.69 6.97 -94.08
N VAL L 271 73.88 7.29 -93.57
CA VAL L 271 74.02 8.19 -92.44
C VAL L 271 75.17 9.15 -92.71
N TYR L 272 75.11 10.33 -92.10
CA TYR L 272 76.18 11.30 -92.27
C TYR L 272 77.17 11.17 -91.10
N VAL L 273 78.44 11.31 -91.38
CA VAL L 273 79.46 11.29 -90.34
C VAL L 273 80.33 12.55 -90.47
N GLU L 274 80.29 13.41 -89.45
CA GLU L 274 81.06 14.65 -89.45
C GLU L 274 82.22 14.55 -88.49
N GLU L 275 82.15 13.58 -87.58
CA GLU L 275 83.07 13.49 -86.47
C GLU L 275 83.09 12.11 -85.81
N ASP L 276 84.08 11.86 -84.95
CA ASP L 276 84.13 10.65 -84.14
C ASP L 276 82.72 10.33 -83.64
N GLY L 277 82.31 9.07 -83.75
CA GLY L 277 81.00 8.63 -83.29
C GLY L 277 80.62 7.23 -83.73
N SER L 278 79.47 6.75 -83.28
CA SER L 278 78.95 5.46 -83.73
C SER L 278 78.02 5.63 -84.93
N PHE L 279 77.74 4.53 -85.64
CA PHE L 279 76.87 4.56 -86.81
C PHE L 279 76.17 3.22 -86.94
N GLU L 280 74.98 3.24 -87.55
CA GLU L 280 74.29 2.01 -87.93
C GLU L 280 73.92 2.09 -89.40
N VAL L 281 74.40 1.14 -90.20
CA VAL L 281 74.01 1.07 -91.60
C VAL L 281 73.43 -0.30 -91.97
N LYS L 282 72.30 -0.29 -92.68
CA LYS L 282 71.67 -1.54 -93.11
C LYS L 282 72.49 -2.19 -94.21
N ILE L 283 72.76 -3.48 -94.09
CA ILE L 283 73.42 -4.25 -95.15
C ILE L 283 72.44 -4.41 -96.30
N ARG L 284 72.80 -3.83 -97.44
CA ARG L 284 71.93 -3.77 -98.61
C ARG L 284 72.25 -4.87 -99.61
N SER L 285 71.26 -5.69 -99.96
CA SER L 285 71.47 -6.82 -100.86
C SER L 285 70.16 -7.37 -101.43
N PRO L 286 70.22 -7.86 -102.67
CA PRO L 286 69.09 -8.48 -103.37
C PRO L 286 68.51 -9.66 -102.59
N TYR L 287 69.34 -10.24 -101.73
CA TYR L 287 68.95 -11.42 -100.96
C TYR L 287 68.81 -11.08 -99.49
N HIS L 288 69.03 -9.80 -99.18
CA HIS L 288 68.95 -9.27 -97.83
C HIS L 288 70.13 -9.73 -96.96
N ARG L 289 70.97 -10.61 -97.53
CA ARG L 289 72.15 -11.11 -96.85
C ARG L 289 73.32 -11.04 -97.82
N THR L 290 74.53 -10.89 -97.31
CA THR L 290 75.72 -11.05 -98.12
C THR L 290 76.41 -12.36 -97.68
N PRO L 291 77.01 -13.10 -98.64
CA PRO L 291 77.71 -14.35 -98.31
C PRO L 291 78.95 -14.12 -97.42
N ALA L 292 79.18 -15.10 -96.55
CA ALA L 292 80.26 -15.06 -95.58
C ALA L 292 81.66 -15.12 -96.23
N ARG L 293 81.79 -15.92 -97.29
CA ARG L 293 83.07 -16.03 -97.99
C ARG L 293 82.88 -15.95 -99.51
N LEU L 294 83.97 -15.72 -100.23
CA LEU L 294 83.90 -15.69 -101.69
C LEU L 294 84.14 -17.04 -102.38
N LEU L 295 83.54 -17.19 -103.56
CA LEU L 295 83.83 -18.32 -104.45
C LEU L 295 84.89 -17.88 -105.41
N ALA L 296 85.44 -18.84 -106.16
CA ALA L 296 86.53 -18.54 -107.08
C ALA L 296 86.16 -17.44 -108.07
N GLY L 297 87.11 -16.54 -108.32
CA GLY L 297 86.89 -15.47 -109.28
C GLY L 297 85.91 -14.39 -108.84
N GLN L 298 85.36 -14.52 -107.63
CA GLN L 298 84.52 -13.44 -107.10
C GLN L 298 85.38 -12.39 -106.39
N SER L 299 84.86 -11.18 -106.30
CA SER L 299 85.52 -10.08 -105.63
C SER L 299 84.60 -9.59 -104.51
N GLN L 300 85.13 -8.88 -103.52
CA GLN L 300 84.31 -8.56 -102.36
C GLN L 300 83.32 -7.46 -102.72
N ARG L 301 83.63 -6.77 -103.82
CA ARG L 301 82.83 -5.66 -104.26
C ARG L 301 81.61 -6.17 -105.02
N ASP L 302 81.64 -7.46 -105.33
CA ASP L 302 80.55 -8.10 -106.06
C ASP L 302 79.38 -8.33 -105.15
N MET L 303 79.62 -8.26 -103.83
CA MET L 303 78.56 -8.43 -102.84
C MET L 303 78.20 -7.12 -102.13
N SER L 304 77.82 -7.24 -100.85
CA SER L 304 77.44 -6.08 -100.06
C SER L 304 78.69 -5.42 -99.47
N SER L 305 78.77 -4.10 -99.62
CA SER L 305 79.89 -3.33 -99.09
C SER L 305 79.40 -2.14 -98.28
N LEU L 306 80.25 -1.68 -97.37
CA LEU L 306 80.00 -0.50 -96.56
C LEU L 306 80.80 0.63 -97.21
N ASN L 307 80.09 1.56 -97.84
CA ASN L 307 80.77 2.60 -98.65
C ASN L 307 80.86 3.97 -97.98
N PHE L 308 82.06 4.54 -98.04
CA PHE L 308 82.32 5.83 -97.43
C PHE L 308 82.54 6.89 -98.50
N TYR L 309 81.53 7.75 -98.68
CA TYR L 309 81.55 8.81 -99.68
C TYR L 309 81.92 10.13 -99.04
N ALA L 310 83.01 10.73 -99.48
CA ALA L 310 83.37 12.06 -99.03
C ALA L 310 82.58 13.04 -99.86
N ILE L 311 81.61 13.71 -99.22
CA ILE L 311 80.73 14.60 -99.95
C ILE L 311 81.07 16.07 -99.74
N ALA L 312 81.85 16.37 -98.72
CA ALA L 312 82.38 17.73 -98.51
C ALA L 312 83.73 17.64 -97.84
N GLY L 313 84.78 17.98 -98.59
CA GLY L 313 86.12 17.81 -98.09
C GLY L 313 86.70 16.45 -98.47
N PRO L 314 87.78 16.06 -97.77
CA PRO L 314 88.38 16.76 -96.65
C PRO L 314 88.99 18.11 -97.03
N ILE L 315 89.04 19.02 -96.06
CA ILE L 315 89.73 20.30 -96.20
C ILE L 315 90.78 20.48 -95.11
N ALA L 316 91.81 21.24 -95.43
CA ALA L 316 92.82 21.59 -94.45
C ALA L 316 93.44 22.88 -94.93
N PRO L 317 94.13 23.59 -94.03
CA PRO L 317 94.79 24.85 -94.40
C PRO L 317 95.97 24.54 -95.32
N SER L 318 96.44 25.49 -96.11
CA SER L 318 97.64 25.21 -96.91
C SER L 318 98.80 25.41 -95.96
N GLY L 319 99.90 24.68 -96.18
CA GLY L 319 100.00 23.70 -97.22
C GLY L 319 100.15 22.37 -96.51
N GLU L 320 99.02 21.78 -96.17
CA GLU L 320 99.00 20.44 -95.64
C GLU L 320 98.94 19.48 -96.81
N THR L 321 99.48 18.28 -96.63
CA THR L 321 99.59 17.35 -97.74
C THR L 321 99.08 15.99 -97.35
N ALA L 322 99.10 15.73 -96.04
CA ALA L 322 98.67 14.45 -95.49
C ALA L 322 97.26 14.07 -95.89
N GLN L 323 97.03 12.79 -96.09
CA GLN L 323 95.69 12.33 -96.35
C GLN L 323 94.93 12.33 -95.02
N LEU L 324 93.60 12.37 -95.08
CA LEU L 324 92.80 12.26 -93.88
C LEU L 324 92.34 10.82 -93.69
N PRO L 325 92.79 10.18 -92.59
CA PRO L 325 92.48 8.77 -92.34
C PRO L 325 91.19 8.59 -91.53
N ILE L 326 90.44 7.54 -91.87
CA ILE L 326 89.24 7.13 -91.16
C ILE L 326 89.50 5.71 -90.65
N VAL L 327 89.33 5.48 -89.36
CA VAL L 327 89.45 4.12 -88.83
C VAL L 327 88.06 3.62 -88.46
N VAL L 328 87.64 2.51 -89.05
CA VAL L 328 86.32 1.99 -88.74
C VAL L 328 86.38 0.76 -87.83
N GLN L 329 85.53 0.73 -86.81
CA GLN L 329 85.39 -0.45 -85.96
C GLN L 329 83.99 -0.99 -86.09
N ILE L 330 83.88 -2.30 -86.27
CA ILE L 330 82.58 -2.94 -86.35
C ILE L 330 82.30 -3.68 -85.06
N ASP L 331 81.20 -3.32 -84.41
CA ASP L 331 80.92 -3.82 -83.06
C ASP L 331 79.99 -5.02 -83.11
N GLU L 332 78.91 -4.90 -83.90
CA GLU L 332 78.00 -6.02 -84.06
C GLU L 332 77.07 -5.89 -85.25
N ILE L 333 76.45 -7.01 -85.60
CA ILE L 333 75.33 -7.01 -86.52
C ILE L 333 74.05 -7.01 -85.69
N VAL L 334 73.40 -5.86 -85.62
CA VAL L 334 72.19 -5.74 -84.82
C VAL L 334 70.99 -6.17 -85.64
N ARG L 335 69.97 -6.72 -84.98
CA ARG L 335 68.80 -7.19 -85.71
C ARG L 335 69.24 -8.10 -86.85
N PRO L 336 69.98 -9.16 -86.52
CA PRO L 336 70.68 -9.96 -87.51
C PRO L 336 69.75 -10.88 -88.28
N ASP L 337 69.98 -10.99 -89.57
CA ASP L 337 69.32 -11.99 -90.41
C ASP L 337 70.37 -13.01 -90.84
N LEU L 338 70.55 -14.06 -90.05
CA LEU L 338 71.63 -15.00 -90.37
C LEU L 338 71.19 -16.12 -91.30
N SER L 339 72.15 -16.65 -92.02
CA SER L 339 71.93 -17.86 -92.80
C SER L 339 72.00 -19.09 -91.91
N LEU L 340 71.84 -20.26 -92.51
CA LEU L 340 72.15 -21.49 -91.80
C LEU L 340 73.58 -21.46 -91.33
N PRO L 341 73.88 -22.18 -90.24
CA PRO L 341 75.28 -22.39 -89.92
C PRO L 341 75.94 -23.09 -91.10
N SER L 342 77.19 -22.78 -91.40
CA SER L 342 77.87 -23.49 -92.46
C SER L 342 78.14 -24.99 -92.13
N PHE L 343 78.35 -25.32 -90.85
CA PHE L 343 78.54 -26.70 -90.44
C PHE L 343 77.50 -27.13 -89.41
N GLU L 344 77.15 -28.41 -89.45
CA GLU L 344 76.22 -28.95 -88.47
C GLU L 344 77.01 -29.64 -87.37
N ASP L 345 76.31 -30.18 -86.36
CA ASP L 345 77.03 -30.87 -85.29
C ASP L 345 77.41 -32.25 -85.80
N ASP L 346 78.45 -32.28 -86.61
CA ASP L 346 78.82 -33.47 -87.34
C ASP L 346 80.34 -33.60 -87.37
N TYR L 347 80.80 -34.68 -87.98
CA TYR L 347 82.23 -34.88 -88.21
C TYR L 347 82.70 -33.91 -89.30
N PHE L 348 84.02 -33.69 -89.34
CA PHE L 348 84.63 -32.97 -90.45
C PHE L 348 86.02 -33.54 -90.64
N VAL L 349 86.61 -33.24 -91.79
CA VAL L 349 87.88 -33.85 -92.15
C VAL L 349 89.06 -33.26 -91.37
N TRP L 350 89.83 -34.15 -90.76
CA TRP L 350 91.06 -33.76 -90.10
C TRP L 350 92.23 -33.93 -91.08
N VAL L 351 92.40 -35.16 -91.56
CA VAL L 351 93.51 -35.46 -92.45
C VAL L 351 93.25 -36.68 -93.36
N ASP L 352 93.78 -36.61 -94.59
CA ASP L 352 93.81 -37.78 -95.48
C ASP L 352 95.25 -38.22 -95.66
N PHE L 353 95.52 -39.50 -95.47
CA PHE L 353 96.81 -40.06 -95.85
C PHE L 353 96.66 -40.89 -97.10
N SER L 354 97.58 -40.71 -98.04
CA SER L 354 97.51 -41.41 -99.32
C SER L 354 98.89 -41.63 -99.90
N GLU L 355 98.94 -42.36 -101.03
CA GLU L 355 100.19 -42.56 -101.74
C GLU L 355 101.31 -43.08 -100.82
N PHE L 356 101.05 -44.19 -100.13
CA PHE L 356 102.03 -44.79 -99.22
C PHE L 356 103.17 -45.43 -99.99
N THR L 357 104.40 -45.22 -99.54
CA THR L 357 105.56 -45.77 -100.23
C THR L 357 106.12 -47.00 -99.51
N LEU L 358 105.88 -47.04 -98.20
CA LEU L 358 106.32 -48.19 -97.40
C LEU L 358 105.13 -48.95 -96.84
N ASP L 359 105.25 -50.26 -96.73
CA ASP L 359 104.20 -51.06 -96.12
C ASP L 359 104.07 -50.80 -94.60
N LYS L 360 105.21 -50.58 -93.92
CA LYS L 360 105.20 -50.21 -92.51
C LYS L 360 105.17 -48.69 -92.37
N GLU L 361 104.09 -48.17 -91.80
CA GLU L 361 103.93 -46.75 -91.61
C GLU L 361 103.40 -46.55 -90.19
N GLU L 362 103.94 -45.57 -89.46
CA GLU L 362 103.41 -45.28 -88.13
C GLU L 362 103.25 -43.78 -87.91
N ILE L 363 102.00 -43.36 -87.77
CA ILE L 363 101.66 -41.95 -87.62
C ILE L 363 101.45 -41.61 -86.14
N GLU L 364 102.39 -40.86 -85.55
CA GLU L 364 102.23 -40.43 -84.17
C GLU L 364 101.32 -39.22 -84.02
N ILE L 365 100.35 -39.34 -83.13
CA ILE L 365 99.42 -38.26 -82.87
C ILE L 365 99.66 -37.72 -81.47
N GLY L 366 99.79 -38.62 -80.51
CA GLY L 366 100.02 -38.27 -79.11
C GLY L 366 98.79 -37.71 -78.44
N SER L 367 98.84 -36.45 -78.03
CA SER L 367 97.68 -35.80 -77.44
C SER L 367 97.36 -34.48 -78.14
N ARG L 368 97.84 -34.32 -79.37
CA ARG L 368 97.68 -33.05 -80.08
C ARG L 368 96.72 -33.11 -81.25
N PHE L 369 96.08 -31.98 -81.55
CA PHE L 369 95.43 -31.79 -82.84
C PHE L 369 96.29 -30.81 -83.66
N PHE L 370 96.83 -31.27 -84.80
CA PHE L 370 97.85 -30.49 -85.48
C PHE L 370 98.01 -30.88 -86.94
N ASP L 371 98.94 -30.22 -87.65
CA ASP L 371 99.25 -30.53 -89.06
C ASP L 371 100.33 -31.60 -89.20
N PHE L 372 100.03 -32.67 -89.93
CA PHE L 372 100.97 -33.79 -90.08
C PHE L 372 101.96 -33.51 -91.18
N THR L 373 103.11 -34.16 -91.12
CA THR L 373 104.04 -34.18 -92.24
C THR L 373 104.59 -35.60 -92.39
N SER L 374 104.90 -36.00 -93.62
CA SER L 374 105.49 -37.32 -93.86
C SER L 374 106.43 -37.31 -95.05
N ASN L 375 107.52 -38.06 -94.93
CA ASN L 375 108.47 -38.27 -96.01
C ASN L 375 108.11 -39.50 -96.82
N THR L 376 107.24 -40.33 -96.24
CA THR L 376 106.97 -41.65 -96.79
C THR L 376 105.55 -41.76 -97.36
N CYS L 377 104.74 -40.72 -97.15
CA CYS L 377 103.39 -40.68 -97.73
C CYS L 377 102.87 -39.28 -97.88
N ARG L 378 101.74 -39.16 -98.59
CA ARG L 378 101.11 -37.86 -98.86
C ARG L 378 100.10 -37.45 -97.80
N VAL L 379 100.36 -36.33 -97.15
CA VAL L 379 99.44 -35.80 -96.16
C VAL L 379 98.61 -34.70 -96.78
N SER L 380 97.30 -34.76 -96.60
CA SER L 380 96.40 -33.69 -97.05
C SER L 380 95.58 -33.25 -95.87
N MET L 381 95.84 -32.05 -95.39
CA MET L 381 95.17 -31.57 -94.20
C MET L 381 93.82 -30.92 -94.51
N GLY L 382 92.86 -31.07 -93.62
CA GLY L 382 91.57 -30.41 -93.82
C GLY L 382 91.62 -28.95 -93.39
N GLU L 383 90.85 -28.12 -94.06
CA GLU L 383 90.68 -26.74 -93.62
C GLU L 383 89.20 -26.50 -93.27
N ASN L 384 88.94 -26.18 -91.99
CA ASN L 384 87.61 -25.86 -91.50
C ASN L 384 87.67 -24.90 -90.31
N PRO L 385 86.50 -24.41 -89.88
CA PRO L 385 86.51 -23.47 -88.75
C PRO L 385 87.16 -24.05 -87.49
N PHE L 386 86.92 -25.30 -87.17
CA PHE L 386 87.55 -25.85 -85.97
C PHE L 386 89.08 -25.70 -86.02
N ALA L 387 89.68 -26.07 -87.15
CA ALA L 387 91.13 -25.99 -87.29
C ALA L 387 91.61 -24.55 -87.14
N ALA L 388 90.85 -23.60 -87.70
CA ALA L 388 91.19 -22.19 -87.52
C ALA L 388 91.09 -21.77 -86.07
N MET L 389 90.04 -22.21 -85.37
CA MET L 389 89.90 -21.89 -83.96
C MET L 389 91.06 -22.42 -83.13
N ILE L 390 91.55 -23.61 -83.47
CA ILE L 390 92.74 -24.13 -82.83
C ILE L 390 93.94 -23.19 -83.04
N ALA L 391 94.04 -22.65 -84.25
CA ALA L 391 95.15 -21.81 -84.65
C ALA L 391 95.02 -20.39 -84.11
N CYS L 392 93.81 -19.98 -83.75
CA CYS L 392 93.59 -18.62 -83.31
C CYS L 392 93.41 -18.48 -81.81
N HIS L 393 93.87 -19.49 -81.07
CA HIS L 393 93.91 -19.39 -79.63
C HIS L 393 95.27 -19.86 -79.11
N GLY L 394 95.68 -19.34 -77.98
CA GLY L 394 96.95 -19.73 -77.41
C GLY L 394 96.91 -21.13 -76.85
N LEU L 395 95.79 -21.50 -76.22
CA LEU L 395 95.59 -22.83 -75.63
C LEU L 395 94.22 -23.43 -75.97
N HIS L 396 94.14 -24.74 -76.03
CA HIS L 396 92.86 -25.41 -76.21
C HIS L 396 92.85 -26.71 -75.43
N SER L 397 91.68 -27.30 -75.28
CA SER L 397 91.53 -28.58 -74.57
C SER L 397 90.16 -29.19 -74.80
N GLY L 398 90.13 -30.50 -75.01
CA GLY L 398 88.86 -31.18 -75.21
C GLY L 398 89.04 -32.62 -75.66
N VAL L 399 87.95 -33.22 -76.09
CA VAL L 399 88.02 -34.58 -76.60
C VAL L 399 87.47 -34.63 -78.01
N LEU L 400 88.20 -35.29 -78.90
CA LEU L 400 87.75 -35.52 -80.28
C LEU L 400 87.29 -36.95 -80.49
N ASP L 401 86.09 -37.13 -81.03
CA ASP L 401 85.70 -38.46 -81.52
C ASP L 401 86.23 -38.63 -82.94
N LEU L 402 86.92 -39.74 -83.19
CA LEU L 402 87.47 -39.96 -84.52
C LEU L 402 86.75 -41.07 -85.28
N LYS L 403 86.56 -40.85 -86.58
CA LYS L 403 86.11 -41.89 -87.49
C LYS L 403 87.25 -42.09 -88.48
N LEU L 404 87.70 -43.34 -88.62
CA LEU L 404 88.68 -43.68 -89.64
C LEU L 404 87.97 -44.44 -90.75
N GLN L 405 88.25 -44.04 -91.99
CA GLN L 405 87.75 -44.73 -93.17
C GLN L 405 88.88 -44.99 -94.14
N TRP L 406 88.86 -46.15 -94.81
CA TRP L 406 89.86 -46.42 -95.81
C TRP L 406 89.37 -47.29 -96.96
N SER L 407 89.98 -47.09 -98.15
CA SER L 407 89.68 -47.91 -99.31
C SER L 407 90.94 -48.68 -99.71
N LEU L 408 90.77 -49.83 -100.36
CA LEU L 408 91.90 -50.65 -100.78
C LEU L 408 92.53 -50.30 -102.13
N ASN L 409 93.84 -50.52 -102.21
CA ASN L 409 94.61 -50.28 -103.41
C ASN L 409 94.81 -51.58 -104.17
N THR L 410 94.92 -52.67 -103.43
CA THR L 410 95.04 -54.01 -104.01
C THR L 410 93.68 -54.70 -104.09
N GLU L 411 93.65 -55.92 -104.62
CA GLU L 411 92.39 -56.66 -104.72
C GLU L 411 91.94 -57.09 -103.34
N PHE L 412 90.64 -56.97 -103.08
CA PHE L 412 90.06 -57.30 -101.77
C PHE L 412 90.40 -58.71 -101.31
N GLY L 413 90.35 -59.66 -102.22
CA GLY L 413 90.63 -61.05 -101.89
C GLY L 413 92.08 -61.30 -101.50
N LYS L 414 92.98 -60.38 -101.83
CA LYS L 414 94.41 -60.56 -101.54
C LYS L 414 94.80 -59.84 -100.27
N SER L 415 93.88 -59.04 -99.73
CA SER L 415 94.15 -58.15 -98.59
C SER L 415 94.52 -58.86 -97.29
N SER L 416 95.39 -58.23 -96.51
CA SER L 416 95.76 -58.72 -95.19
C SER L 416 96.19 -57.54 -94.33
N GLY L 417 96.41 -57.79 -93.04
CA GLY L 417 96.88 -56.75 -92.16
C GLY L 417 95.80 -55.91 -91.54
N SER L 418 96.18 -54.73 -91.04
CA SER L 418 95.33 -53.95 -90.16
C SER L 418 95.66 -52.47 -90.11
N VAL L 419 94.65 -51.69 -89.75
CA VAL L 419 94.85 -50.35 -89.22
C VAL L 419 94.78 -50.49 -87.70
N THR L 420 95.90 -50.27 -87.03
CA THR L 420 95.94 -50.44 -85.57
C THR L 420 96.04 -49.10 -84.86
N ILE L 421 95.18 -48.90 -83.86
CA ILE L 421 95.23 -47.68 -83.06
C ILE L 421 95.90 -48.01 -81.76
N THR L 422 97.13 -47.53 -81.59
CA THR L 422 97.80 -47.65 -80.30
C THR L 422 97.38 -46.55 -79.33
N LYS L 423 96.90 -46.94 -78.15
CA LYS L 423 96.52 -45.97 -77.13
C LYS L 423 97.32 -46.24 -75.86
N LEU L 424 98.14 -45.26 -75.49
CA LEU L 424 98.97 -45.37 -74.30
C LEU L 424 98.68 -44.22 -73.32
N VAL L 425 99.24 -44.35 -72.12
CA VAL L 425 99.35 -43.22 -71.22
C VAL L 425 100.83 -43.07 -70.91
N GLY L 426 101.40 -41.95 -71.33
CA GLY L 426 102.83 -41.73 -71.20
C GLY L 426 103.46 -41.48 -72.54
N ASP L 427 104.34 -42.38 -72.96
CA ASP L 427 104.96 -42.33 -74.28
C ASP L 427 105.25 -43.73 -74.78
N LYS L 428 105.78 -43.82 -76.00
CA LYS L 428 106.02 -45.11 -76.61
C LYS L 428 107.01 -45.90 -75.72
N ALA L 429 107.91 -45.21 -75.05
CA ALA L 429 108.99 -45.87 -74.32
C ALA L 429 108.61 -46.45 -72.95
N MET L 430 107.81 -45.72 -72.17
CA MET L 430 107.54 -46.11 -70.78
C MET L 430 106.06 -46.09 -70.43
N GLY L 431 105.21 -46.03 -71.45
CA GLY L 431 103.79 -45.85 -71.26
C GLY L 431 103.02 -47.05 -70.75
N LEU L 432 101.79 -46.79 -70.32
CA LEU L 432 100.86 -47.81 -69.89
C LEU L 432 99.91 -48.07 -71.05
N ASP L 433 99.34 -49.27 -71.09
CA ASP L 433 98.48 -49.68 -72.20
C ASP L 433 97.00 -49.41 -71.99
N GLY L 434 96.42 -48.59 -72.85
CA GLY L 434 95.02 -48.25 -72.77
C GLY L 434 94.19 -49.05 -73.75
N PRO L 435 93.09 -48.44 -74.25
CA PRO L 435 92.18 -49.06 -75.20
C PRO L 435 92.73 -49.07 -76.63
N SER L 436 93.92 -49.65 -76.81
CA SER L 436 94.49 -49.91 -78.14
C SER L 436 93.57 -50.84 -78.89
N HIS L 437 93.64 -50.81 -80.21
CA HIS L 437 92.54 -51.35 -80.98
C HIS L 437 93.07 -51.80 -82.34
N VAL L 438 92.79 -53.06 -82.69
CA VAL L 438 93.23 -53.62 -83.97
C VAL L 438 92.05 -53.77 -84.93
N PHE L 439 92.05 -52.97 -85.98
CA PHE L 439 91.04 -53.09 -87.03
C PHE L 439 91.60 -53.87 -88.20
N ALA L 440 91.12 -55.09 -88.39
CA ALA L 440 91.53 -55.85 -89.55
C ALA L 440 91.29 -55.00 -90.79
N ILE L 441 92.23 -54.97 -91.72
CA ILE L 441 92.09 -54.08 -92.87
C ILE L 441 90.74 -54.22 -93.60
N GLN L 442 90.12 -55.40 -93.52
CA GLN L 442 88.86 -55.68 -94.22
C GLN L 442 87.66 -54.98 -93.60
N LYS L 443 87.79 -54.49 -92.37
CA LYS L 443 86.71 -53.71 -91.75
C LYS L 443 86.45 -52.43 -92.52
N LEU L 444 87.50 -51.87 -93.08
CA LEU L 444 87.41 -50.70 -93.94
C LEU L 444 86.96 -49.42 -93.24
N GLU L 445 86.84 -49.50 -91.91
CA GLU L 445 86.53 -48.35 -91.05
C GLU L 445 86.67 -48.68 -89.57
N GLY L 446 86.85 -47.64 -88.76
CA GLY L 446 86.98 -47.84 -87.33
C GLY L 446 86.78 -46.52 -86.58
N THR L 447 86.56 -46.61 -85.28
CA THR L 447 86.33 -45.41 -84.47
C THR L 447 87.19 -45.40 -83.22
N THR L 448 87.49 -44.20 -82.72
CA THR L 448 88.22 -44.07 -81.49
C THR L 448 88.04 -42.65 -80.92
N GLU L 449 88.38 -42.47 -79.64
CA GLU L 449 88.40 -41.15 -79.04
C GLU L 449 89.84 -40.65 -78.97
N LEU L 450 90.04 -39.34 -79.02
CA LEU L 450 91.37 -38.78 -78.77
C LEU L 450 91.28 -37.66 -77.73
N LEU L 451 92.07 -37.79 -76.65
CA LEU L 451 92.16 -36.69 -75.69
C LEU L 451 93.13 -35.65 -76.23
N VAL L 452 92.63 -34.43 -76.44
CA VAL L 452 93.48 -33.30 -76.80
C VAL L 452 93.69 -32.46 -75.54
N GLY L 453 94.82 -32.70 -74.89
CA GLY L 453 95.12 -32.11 -73.61
C GLY L 453 96.27 -32.84 -72.91
N ASN L 454 96.40 -32.60 -71.60
CA ASN L 454 97.48 -33.21 -70.82
C ASN L 454 97.28 -32.93 -69.33
N PHE L 455 98.19 -33.44 -68.51
CA PHE L 455 98.04 -33.27 -67.06
C PHE L 455 97.86 -31.82 -66.63
N ALA L 456 98.44 -30.89 -67.36
CA ALA L 456 98.36 -29.46 -67.00
C ALA L 456 97.00 -28.84 -67.33
N GLY L 457 96.35 -29.36 -68.37
CA GLY L 457 94.96 -29.01 -68.64
C GLY L 457 94.65 -28.52 -70.04
N ALA L 458 95.69 -28.14 -70.79
CA ALA L 458 95.51 -27.53 -72.12
C ALA L 458 96.77 -27.63 -72.98
N ASN L 459 96.59 -27.57 -74.29
CA ASN L 459 97.70 -27.66 -75.22
C ASN L 459 97.93 -26.30 -75.84
N PRO L 460 99.20 -25.93 -76.00
CA PRO L 460 99.58 -24.78 -76.83
C PRO L 460 99.49 -25.19 -78.29
N ASN L 461 99.53 -24.23 -79.21
CA ASN L 461 99.44 -24.57 -80.61
C ASN L 461 100.84 -24.74 -81.20
N THR L 462 101.71 -25.39 -80.43
CA THR L 462 103.07 -25.68 -80.85
C THR L 462 103.39 -27.09 -80.37
N ARG L 463 104.63 -27.53 -80.62
CA ARG L 463 105.10 -28.78 -80.06
C ARG L 463 105.46 -28.51 -78.59
N PHE L 464 105.16 -29.47 -77.74
CA PHE L 464 105.38 -29.34 -76.30
C PHE L 464 105.54 -30.77 -75.78
N SER L 465 106.05 -30.92 -74.57
CA SER L 465 106.17 -32.25 -73.99
C SER L 465 105.59 -32.28 -72.59
N LEU L 466 104.32 -32.69 -72.45
CA LEU L 466 103.68 -32.78 -71.15
C LEU L 466 102.96 -34.11 -71.02
N TYR L 467 103.27 -34.86 -69.96
CA TYR L 467 102.65 -36.16 -69.71
C TYR L 467 101.16 -36.16 -69.99
N SER L 468 100.71 -37.11 -70.82
CA SER L 468 99.29 -37.23 -71.15
C SER L 468 99.03 -38.59 -71.77
N ARG L 469 97.81 -38.81 -72.23
CA ARG L 469 97.53 -39.97 -73.04
C ARG L 469 98.23 -39.82 -74.40
N TRP L 470 98.44 -40.94 -75.08
CA TRP L 470 99.27 -40.93 -76.29
C TRP L 470 98.66 -41.86 -77.34
N MET L 471 98.48 -41.35 -78.56
CA MET L 471 97.87 -42.15 -79.61
C MET L 471 98.75 -42.25 -80.84
N ALA L 472 98.67 -43.40 -81.52
CA ALA L 472 99.36 -43.56 -82.80
C ALA L 472 98.55 -44.46 -83.73
N ILE L 473 98.63 -44.21 -85.03
CA ILE L 473 98.05 -45.09 -86.03
C ILE L 473 99.18 -45.91 -86.65
N LYS L 474 99.04 -47.23 -86.62
CA LYS L 474 100.04 -48.14 -87.19
C LYS L 474 99.53 -48.95 -88.40
N LEU L 475 100.09 -48.68 -89.56
CA LEU L 475 99.80 -49.47 -90.76
C LEU L 475 100.86 -50.56 -90.98
N ASP L 476 100.45 -51.78 -91.28
CA ASP L 476 101.43 -52.84 -91.59
C ASP L 476 101.41 -53.26 -93.06
N GLN L 477 100.37 -52.83 -93.77
CA GLN L 477 100.19 -53.13 -95.17
C GLN L 477 99.76 -51.87 -95.90
N ALA L 478 100.47 -50.78 -95.63
CA ALA L 478 100.00 -49.47 -96.05
C ALA L 478 99.88 -49.34 -97.56
N LYS L 479 100.71 -50.07 -98.30
CA LYS L 479 100.69 -49.99 -99.77
C LYS L 479 99.39 -50.56 -100.33
N SER L 480 98.68 -51.32 -99.50
CA SER L 480 97.37 -51.87 -99.88
C SER L 480 96.25 -50.87 -99.62
N ILE L 481 96.58 -49.67 -99.15
CA ILE L 481 95.56 -48.67 -98.85
C ILE L 481 95.62 -47.50 -99.82
N LYS L 482 94.49 -47.20 -100.47
CA LYS L 482 94.50 -46.11 -101.43
C LYS L 482 94.35 -44.77 -100.70
N VAL L 483 93.57 -44.78 -99.62
CA VAL L 483 93.45 -43.60 -98.79
C VAL L 483 92.98 -43.96 -97.39
N LEU L 484 93.58 -43.31 -96.40
CA LEU L 484 93.12 -43.43 -95.02
C LEU L 484 92.62 -42.04 -94.63
N ARG L 485 91.32 -41.92 -94.39
CA ARG L 485 90.76 -40.63 -94.01
C ARG L 485 90.42 -40.61 -92.53
N VAL L 486 90.80 -39.52 -91.87
CA VAL L 486 90.47 -39.33 -90.47
C VAL L 486 89.52 -38.15 -90.26
N LEU L 487 88.30 -38.44 -89.83
CA LEU L 487 87.35 -37.39 -89.49
C LEU L 487 87.26 -37.24 -87.98
N CYS L 488 86.98 -36.02 -87.51
CA CYS L 488 86.78 -35.79 -86.09
C CYS L 488 85.53 -34.97 -85.80
N LYS L 489 85.04 -35.06 -84.57
CA LYS L 489 83.83 -34.39 -84.11
C LYS L 489 84.05 -34.07 -82.65
N PRO L 490 84.29 -32.79 -82.34
CA PRO L 490 84.59 -32.38 -80.96
C PRO L 490 83.42 -32.67 -80.03
N ARG L 491 83.69 -33.32 -78.91
CA ARG L 491 82.68 -33.49 -77.85
C ARG L 491 82.39 -32.15 -77.23
N PRO L 492 81.14 -31.98 -76.77
CA PRO L 492 80.66 -30.72 -76.23
C PRO L 492 81.61 -30.25 -75.15
N GLY L 493 81.91 -28.95 -75.14
CA GLY L 493 82.79 -28.41 -74.13
C GLY L 493 84.24 -28.33 -74.57
N PHE L 494 84.50 -28.49 -75.86
CA PHE L 494 85.87 -28.30 -76.33
C PHE L 494 86.23 -26.82 -76.17
N SER L 495 87.30 -26.54 -75.43
CA SER L 495 87.54 -25.18 -74.97
C SER L 495 88.76 -24.50 -75.54
N PHE L 496 88.65 -23.20 -75.77
CA PHE L 496 89.77 -22.40 -76.29
C PHE L 496 90.09 -21.26 -75.34
N TYR L 497 91.38 -20.98 -75.18
CA TYR L 497 91.84 -19.96 -74.24
C TYR L 497 92.69 -18.93 -74.93
N GLY L 498 92.37 -17.65 -74.71
CA GLY L 498 93.19 -16.55 -75.19
C GLY L 498 93.20 -16.31 -76.69
N ARG L 499 92.25 -15.51 -77.16
CA ARG L 499 92.18 -15.22 -78.59
C ARG L 499 93.44 -14.55 -79.12
N THR L 500 93.88 -15.02 -80.28
CA THR L 500 95.08 -14.49 -80.93
C THR L 500 94.98 -14.71 -82.45
N SER L 501 96.11 -14.65 -83.15
CA SER L 501 96.11 -14.85 -84.60
C SER L 501 97.22 -15.79 -85.05
N PHE L 502 97.22 -16.09 -86.34
CA PHE L 502 98.14 -17.09 -86.86
C PHE L 502 98.47 -16.82 -88.30
N PRO L 503 99.59 -16.12 -88.53
CA PRO L 503 100.09 -15.85 -89.88
C PRO L 503 100.81 -17.05 -90.50
N VAL L 504 100.45 -17.36 -91.75
CA VAL L 504 101.17 -18.38 -92.52
C VAL L 504 101.42 -17.89 -93.95
N GLY M 1 92.70 -61.91 -25.14
CA GLY M 1 93.82 -62.38 -24.33
C GLY M 1 95.07 -62.62 -25.14
N LEU M 2 96.19 -62.86 -24.48
CA LEU M 2 97.42 -63.21 -25.18
C LEU M 2 97.23 -64.50 -26.02
N ALA M 3 97.48 -64.37 -27.32
CA ALA M 3 97.17 -65.45 -28.23
C ALA M 3 98.42 -66.15 -28.72
N GLY M 4 99.51 -65.40 -28.84
CA GLY M 4 100.78 -65.93 -29.30
C GLY M 4 101.92 -64.98 -29.02
N ARG M 5 103.15 -65.47 -29.12
CA ARG M 5 104.29 -64.63 -28.83
C ARG M 5 105.52 -65.08 -29.60
N GLY M 6 106.53 -64.24 -29.60
CA GLY M 6 107.77 -64.51 -30.32
C GLY M 6 108.88 -63.56 -29.88
N VAL M 7 110.09 -63.80 -30.34
CA VAL M 7 111.21 -63.00 -29.89
C VAL M 7 112.05 -62.52 -31.08
N ILE M 8 112.41 -61.24 -31.08
CA ILE M 8 113.31 -60.71 -32.09
C ILE M 8 114.65 -60.41 -31.43
N TYR M 9 115.75 -60.88 -32.02
CA TYR M 9 117.09 -60.64 -31.44
C TYR M 9 117.77 -59.45 -32.06
N ILE M 10 118.15 -58.51 -31.20
CA ILE M 10 118.79 -57.29 -31.61
C ILE M 10 120.28 -57.38 -31.30
N PRO M 11 121.12 -57.21 -32.33
CA PRO M 11 122.58 -57.11 -32.21
C PRO M 11 123.01 -55.83 -31.54
N LYS M 12 124.12 -55.84 -30.81
CA LYS M 12 124.61 -54.62 -30.15
C LYS M 12 124.94 -53.52 -31.16
N ASP M 13 125.46 -53.88 -32.33
CA ASP M 13 125.56 -52.88 -33.38
C ASP M 13 124.46 -53.13 -34.41
N CYS M 14 123.31 -52.51 -34.18
CA CYS M 14 122.18 -52.64 -35.10
C CYS M 14 122.23 -51.48 -36.08
N GLN M 15 122.65 -51.74 -37.31
CA GLN M 15 122.86 -50.70 -38.31
C GLN M 15 121.65 -50.54 -39.21
N ALA M 16 121.63 -49.50 -40.03
CA ALA M 16 120.50 -49.33 -40.94
C ALA M 16 120.46 -50.46 -41.96
N ASN M 17 119.27 -50.99 -42.15
CA ASN M 17 119.03 -52.05 -43.13
C ASN M 17 119.26 -53.48 -42.65
N ARG M 18 119.52 -53.64 -41.35
CA ARG M 18 119.72 -54.98 -40.84
C ARG M 18 118.41 -55.71 -40.74
N TYR M 19 118.44 -56.97 -41.15
CA TYR M 19 117.29 -57.85 -41.00
C TYR M 19 117.35 -58.49 -39.63
N LEU M 20 116.31 -58.27 -38.84
CA LEU M 20 116.31 -58.74 -37.46
C LEU M 20 115.61 -60.09 -37.30
N GLY M 21 114.66 -60.39 -38.19
CA GLY M 21 114.00 -61.66 -38.20
C GLY M 21 112.58 -61.60 -38.69
N THR M 22 111.99 -62.77 -38.90
CA THR M 22 110.57 -62.85 -39.27
C THR M 22 109.81 -63.75 -38.31
N LEU M 23 108.65 -63.30 -37.87
CA LEU M 23 107.79 -64.14 -37.05
C LEU M 23 106.65 -64.61 -37.91
N ASN M 24 106.28 -65.86 -37.75
CA ASN M 24 105.16 -66.40 -38.49
C ASN M 24 103.89 -66.32 -37.62
N ILE M 25 102.93 -65.51 -38.02
CA ILE M 25 101.79 -65.22 -37.16
C ILE M 25 101.07 -66.47 -36.72
N ARG M 26 100.92 -67.43 -37.62
CA ARG M 26 100.18 -68.62 -37.22
C ARG M 26 100.99 -69.53 -36.29
N ASP M 27 102.29 -69.61 -36.54
CA ASP M 27 103.19 -70.33 -35.63
C ASP M 27 103.26 -69.68 -34.23
N MET M 28 103.20 -68.35 -34.16
CA MET M 28 103.19 -67.69 -32.85
C MET M 28 102.00 -68.16 -32.00
N ILE M 29 100.86 -68.35 -32.65
CA ILE M 29 99.67 -68.76 -31.95
C ILE M 29 99.68 -70.25 -31.64
N SER M 30 100.20 -71.05 -32.57
CA SER M 30 100.18 -72.51 -32.39
C SER M 30 101.28 -73.03 -31.49
N ASP M 31 102.42 -72.35 -31.44
CA ASP M 31 103.52 -72.76 -30.56
C ASP M 31 103.17 -72.42 -29.11
N PHE M 32 102.40 -71.36 -28.95
CA PHE M 32 102.00 -70.90 -27.64
C PHE M 32 100.96 -71.88 -27.10
N LYS M 33 99.83 -72.00 -27.78
CA LYS M 33 98.96 -73.17 -27.63
C LYS M 33 98.36 -73.42 -26.25
N GLY M 34 97.84 -72.41 -25.54
CA GLY M 34 97.21 -71.22 -26.10
C GLY M 34 95.73 -71.42 -25.80
N VAL M 35 95.10 -70.62 -24.94
CA VAL M 35 93.65 -70.71 -24.83
C VAL M 35 93.01 -70.30 -26.15
N GLN M 36 93.60 -69.30 -26.78
CA GLN M 36 93.09 -68.80 -28.05
C GLN M 36 93.33 -69.82 -29.15
N TYR M 37 94.50 -70.43 -29.15
CA TYR M 37 94.77 -71.49 -30.14
C TYR M 37 93.71 -72.60 -30.07
N GLU M 38 93.37 -73.03 -28.86
CA GLU M 38 92.37 -74.07 -28.69
C GLU M 38 90.96 -73.63 -29.10
N LYS M 39 90.61 -72.36 -28.88
CA LYS M 39 89.34 -71.84 -29.36
C LYS M 39 89.31 -71.88 -30.89
N TRP M 40 90.49 -71.74 -31.48
CA TRP M 40 90.64 -71.64 -32.93
C TRP M 40 90.35 -72.99 -33.57
N ILE M 41 90.91 -74.05 -33.00
CA ILE M 41 90.64 -75.40 -33.49
C ILE M 41 89.14 -75.72 -33.60
N THR M 42 88.35 -75.19 -32.68
CA THR M 42 86.92 -75.42 -32.67
C THR M 42 86.18 -74.54 -33.68
N ALA M 43 86.63 -73.31 -33.82
CA ALA M 43 86.04 -72.40 -34.77
C ALA M 43 86.30 -72.88 -36.20
N GLY M 44 87.49 -73.43 -36.42
CA GLY M 44 87.96 -73.72 -37.76
C GLY M 44 88.52 -72.51 -38.48
N LEU M 45 87.67 -71.53 -38.76
CA LEU M 45 88.06 -70.28 -39.39
C LEU M 45 88.00 -69.09 -38.44
N VAL M 46 89.04 -68.24 -38.44
CA VAL M 46 89.02 -67.01 -37.66
C VAL M 46 89.41 -65.80 -38.51
N MET M 47 88.78 -64.66 -38.25
CA MET M 47 89.11 -63.39 -38.91
C MET M 47 89.49 -62.35 -37.88
N PRO M 48 90.59 -62.60 -37.14
CA PRO M 48 90.88 -61.88 -35.90
C PRO M 48 91.04 -60.38 -36.07
N THR M 49 90.78 -59.64 -35.00
CA THR M 49 91.36 -58.32 -34.86
C THR M 49 92.47 -58.44 -33.83
N PHE M 50 93.71 -58.37 -34.29
CA PHE M 50 94.89 -58.48 -33.43
C PHE M 50 95.29 -57.13 -32.84
N LYS M 51 95.75 -57.15 -31.59
CA LYS M 51 96.56 -56.08 -31.06
C LYS M 51 97.97 -56.66 -31.02
N ILE M 52 98.88 -56.05 -31.75
CA ILE M 52 100.27 -56.45 -31.68
C ILE M 52 100.98 -55.53 -30.69
N VAL M 53 101.73 -56.13 -29.78
CA VAL M 53 102.51 -55.36 -28.82
C VAL M 53 103.97 -55.78 -28.89
N ILE M 54 104.86 -54.83 -29.12
CA ILE M 54 106.30 -55.10 -29.09
C ILE M 54 106.89 -54.50 -27.84
N ARG M 55 107.37 -55.37 -26.95
CA ARG M 55 108.00 -54.96 -25.71
C ARG M 55 109.49 -54.75 -25.83
N LEU M 56 109.94 -53.63 -25.31
CA LEU M 56 111.04 -52.91 -25.90
C LEU M 56 111.40 -51.85 -24.88
N PRO M 57 112.63 -51.86 -24.39
CA PRO M 57 112.99 -50.88 -23.36
C PRO M 57 113.18 -49.50 -23.97
N ALA M 58 112.41 -48.52 -23.49
CA ALA M 58 112.49 -47.17 -24.05
C ALA M 58 113.88 -46.55 -23.83
N ASN M 59 114.42 -45.91 -24.85
CA ASN M 59 115.71 -45.29 -24.72
C ASN M 59 115.87 -44.12 -25.68
N ALA M 60 116.23 -42.96 -25.15
CA ALA M 60 116.36 -41.77 -25.99
C ALA M 60 117.77 -41.54 -26.50
N PHE M 61 118.68 -42.45 -26.22
CA PHE M 61 120.10 -42.24 -26.47
C PHE M 61 120.69 -43.10 -27.58
N THR M 62 119.85 -43.63 -28.46
CA THR M 62 120.35 -44.54 -29.48
C THR M 62 120.07 -44.05 -30.89
N GLY M 63 118.90 -43.50 -31.12
CA GLY M 63 118.52 -43.08 -32.47
C GLY M 63 117.90 -44.19 -33.30
N LEU M 64 117.75 -45.36 -32.68
CA LEU M 64 117.21 -46.54 -33.34
C LEU M 64 115.75 -46.39 -33.71
N THR M 65 115.44 -46.73 -34.96
CA THR M 65 114.06 -46.85 -35.42
C THR M 65 113.94 -48.12 -36.23
N TRP M 66 112.94 -48.93 -35.91
CA TRP M 66 112.71 -50.18 -36.62
C TRP M 66 111.41 -50.12 -37.41
N VAL M 67 111.23 -51.05 -38.33
CA VAL M 67 109.97 -51.17 -39.03
C VAL M 67 109.40 -52.57 -38.86
N MET M 68 108.16 -52.67 -38.41
CA MET M 68 107.42 -53.92 -38.47
C MET M 68 106.60 -53.92 -39.76
N SER M 69 106.79 -54.93 -40.60
CA SER M 69 106.12 -55.01 -41.88
C SER M 69 105.17 -56.19 -41.89
N PHE M 70 103.88 -55.93 -42.12
CA PHE M 70 102.88 -56.99 -42.18
C PHE M 70 102.78 -57.56 -43.61
N ASP M 71 103.35 -58.73 -43.79
CA ASP M 71 103.44 -59.35 -45.11
C ASP M 71 102.55 -60.58 -45.18
N ALA M 72 101.25 -60.37 -45.31
CA ALA M 72 100.33 -61.49 -45.17
C ALA M 72 100.47 -62.52 -46.28
N TYR M 73 101.05 -62.10 -47.40
CA TYR M 73 101.12 -62.94 -48.59
C TYR M 73 102.54 -63.28 -49.00
N ASN M 74 103.47 -63.07 -48.06
CA ASN M 74 104.84 -63.52 -48.20
C ASN M 74 105.50 -63.03 -49.48
N ARG M 75 105.46 -61.73 -49.68
CA ARG M 75 105.85 -61.16 -50.97
C ARG M 75 107.23 -60.57 -50.91
N ILE M 76 107.66 -60.13 -49.74
CA ILE M 76 108.98 -59.54 -49.60
C ILE M 76 110.00 -60.43 -48.86
N THR M 77 109.54 -61.45 -48.15
CA THR M 77 110.45 -62.31 -47.39
C THR M 77 111.74 -62.69 -48.11
N SER M 78 111.60 -63.37 -49.25
CA SER M 78 112.75 -63.78 -50.06
C SER M 78 113.83 -62.68 -50.17
N ARG M 79 113.40 -61.42 -50.33
CA ARG M 79 114.29 -60.32 -50.72
C ARG M 79 114.82 -59.42 -49.60
N ILE M 80 114.51 -59.74 -48.34
CA ILE M 80 115.03 -58.91 -47.25
C ILE M 80 115.90 -59.68 -46.26
N THR M 81 116.06 -60.97 -46.47
CA THR M 81 116.74 -61.79 -45.48
C THR M 81 118.25 -61.65 -45.42
N ALA M 82 118.88 -61.03 -46.42
CA ALA M 82 120.32 -60.77 -46.30
C ALA M 82 120.52 -59.32 -45.91
N SER M 83 119.71 -58.47 -46.52
CA SER M 83 119.63 -57.08 -46.15
C SER M 83 118.30 -56.54 -46.61
N ALA M 84 117.70 -55.71 -45.75
CA ALA M 84 116.39 -55.18 -46.00
C ALA M 84 116.44 -53.73 -46.45
N ASP M 85 116.35 -53.50 -47.77
CA ASP M 85 116.15 -52.14 -48.28
C ASP M 85 114.79 -51.60 -47.81
N PRO M 86 114.76 -50.33 -47.40
CA PRO M 86 113.49 -49.73 -46.99
C PRO M 86 112.42 -49.76 -48.09
N VAL M 87 112.81 -49.75 -49.36
CA VAL M 87 111.82 -49.81 -50.44
C VAL M 87 110.96 -51.06 -50.33
N TYR M 88 111.57 -52.20 -50.00
CA TYR M 88 110.81 -53.41 -49.74
C TYR M 88 109.97 -53.33 -48.44
N THR M 89 110.61 -52.96 -47.33
CA THR M 89 109.96 -53.06 -46.04
C THR M 89 108.81 -52.09 -45.90
N LEU M 90 108.84 -51.00 -46.67
CA LEU M 90 107.76 -49.98 -46.63
C LEU M 90 106.69 -50.15 -47.74
N SER M 91 106.82 -51.19 -48.55
CA SER M 91 105.93 -51.43 -49.67
C SER M 91 104.69 -52.21 -49.29
N VAL M 92 104.68 -52.71 -48.04
CA VAL M 92 103.51 -53.41 -47.53
C VAL M 92 103.07 -52.69 -46.28
N PRO M 93 101.86 -53.00 -45.76
CA PRO M 93 101.45 -52.33 -44.52
C PRO M 93 102.53 -52.43 -43.45
N HIS M 94 102.80 -51.32 -42.76
CA HIS M 94 103.94 -51.26 -41.85
C HIS M 94 103.81 -50.18 -40.80
N TRP M 95 104.64 -50.29 -39.76
CA TRP M 95 104.60 -49.37 -38.66
C TRP M 95 106.00 -48.98 -38.23
N LEU M 96 106.21 -47.69 -37.92
CA LEU M 96 107.50 -47.25 -37.43
C LEU M 96 107.57 -47.44 -35.92
N ILE M 97 108.67 -48.03 -35.48
CA ILE M 97 108.85 -48.28 -34.06
C ILE M 97 110.02 -47.47 -33.57
N HIS M 98 109.72 -46.39 -32.86
CA HIS M 98 110.77 -45.50 -32.35
C HIS M 98 111.28 -45.92 -30.97
N HIS M 99 112.61 -46.03 -30.86
CA HIS M 99 113.21 -46.51 -29.63
C HIS M 99 112.92 -45.56 -28.48
N LYS M 100 112.82 -44.27 -28.78
CA LYS M 100 112.55 -43.29 -27.72
C LYS M 100 111.18 -43.48 -27.08
N LEU M 101 110.24 -44.11 -27.79
CA LEU M 101 108.87 -44.29 -27.29
C LEU M 101 108.63 -45.59 -26.54
N GLY M 102 109.65 -46.45 -26.56
CA GLY M 102 109.56 -47.70 -25.82
C GLY M 102 108.57 -48.66 -26.43
N THR M 103 107.82 -49.34 -25.54
CA THR M 103 106.87 -50.38 -25.94
C THR M 103 105.84 -49.87 -26.95
N PHE M 104 105.66 -50.65 -28.01
CA PHE M 104 104.88 -50.23 -29.16
C PHE M 104 103.64 -51.08 -29.31
N SER M 105 102.56 -50.50 -29.81
CA SER M 105 101.32 -51.25 -30.02
C SER M 105 100.57 -50.75 -31.25
N CYS M 106 99.89 -51.67 -31.93
CA CYS M 106 99.01 -51.27 -33.04
C CYS M 106 97.91 -52.31 -33.24
N GLU M 107 96.90 -51.97 -34.03
CA GLU M 107 95.83 -52.91 -34.34
C GLU M 107 95.89 -53.36 -35.76
N ILE M 108 95.68 -54.64 -35.95
CA ILE M 108 95.61 -55.19 -37.29
C ILE M 108 94.22 -55.80 -37.44
N ASP M 109 93.38 -55.20 -38.27
CA ASP M 109 92.11 -55.83 -38.63
C ASP M 109 92.41 -56.79 -39.77
N TYR M 110 92.51 -58.08 -39.45
CA TYR M 110 92.95 -59.07 -40.41
C TYR M 110 91.98 -59.14 -41.58
N GLY M 111 90.74 -58.73 -41.34
CA GLY M 111 89.75 -58.64 -42.39
C GLY M 111 90.10 -57.66 -43.49
N GLU M 112 90.67 -56.52 -43.09
CA GLU M 112 91.12 -55.50 -44.04
C GLU M 112 92.53 -55.78 -44.57
N LEU M 113 93.52 -55.79 -43.69
CA LEU M 113 94.91 -55.91 -44.10
C LEU M 113 95.24 -57.23 -44.77
N CYS M 114 94.43 -58.24 -44.51
CA CYS M 114 94.68 -59.52 -45.14
C CYS M 114 93.58 -59.96 -46.11
N GLY M 115 92.35 -60.10 -45.62
CA GLY M 115 91.24 -60.36 -46.51
C GLY M 115 90.66 -61.76 -46.53
N HIS M 116 91.45 -62.76 -46.16
CA HIS M 116 90.91 -64.11 -46.06
C HIS M 116 91.04 -64.69 -44.65
N ALA M 117 90.11 -65.54 -44.26
CA ALA M 117 90.10 -66.09 -42.91
C ALA M 117 91.11 -67.23 -42.73
N MET M 118 91.65 -67.33 -41.52
CA MET M 118 92.68 -68.32 -41.20
C MET M 118 92.15 -69.69 -40.79
N TRP M 119 92.65 -70.72 -41.46
CA TRP M 119 92.23 -72.07 -41.21
C TRP M 119 93.16 -72.71 -40.20
N PHE M 120 92.59 -73.26 -39.14
CA PHE M 120 93.36 -73.79 -38.02
C PHE M 120 94.44 -74.83 -38.37
N LYS M 121 94.19 -75.66 -39.37
CA LYS M 121 95.05 -76.82 -39.59
C LYS M 121 96.19 -76.59 -40.55
N SER M 122 96.06 -75.60 -41.42
CA SER M 122 97.09 -75.35 -42.43
C SER M 122 96.93 -74.01 -43.10
N THR M 123 98.01 -73.55 -43.70
CA THR M 123 97.99 -72.31 -44.44
C THR M 123 97.11 -72.51 -45.67
N THR M 124 96.23 -71.56 -45.96
CA THR M 124 95.37 -71.64 -47.15
C THR M 124 96.12 -71.15 -48.39
N PHE M 125 96.45 -69.87 -48.43
CA PHE M 125 97.20 -69.38 -49.56
C PHE M 125 98.68 -69.31 -49.26
N GLU M 126 99.12 -68.20 -48.70
CA GLU M 126 100.46 -68.19 -48.17
C GLU M 126 100.40 -67.91 -46.68
N SER M 127 101.52 -68.18 -46.00
CA SER M 127 101.61 -68.05 -44.55
C SER M 127 101.98 -66.62 -44.12
N PRO M 128 101.09 -65.96 -43.37
CA PRO M 128 101.24 -64.55 -42.96
C PRO M 128 102.45 -64.29 -42.04
N ARG M 129 103.30 -63.33 -42.41
CA ARG M 129 104.50 -63.03 -41.64
C ARG M 129 104.55 -61.60 -41.10
N LEU M 130 105.26 -61.43 -39.99
CA LEU M 130 105.70 -60.11 -39.51
C LEU M 130 107.22 -59.99 -39.66
N HIS M 131 107.68 -59.02 -40.44
CA HIS M 131 109.11 -58.81 -40.59
C HIS M 131 109.59 -57.66 -39.69
N PHE M 132 110.75 -57.83 -39.07
CA PHE M 132 111.35 -56.76 -38.29
C PHE M 132 112.70 -56.35 -38.83
N THR M 133 112.79 -55.10 -39.25
CA THR M 133 114.00 -54.59 -39.87
C THR M 133 114.36 -53.27 -39.21
N CYS M 134 115.62 -52.88 -39.36
CA CYS M 134 116.09 -51.64 -38.78
C CYS M 134 116.12 -50.54 -39.85
N LEU M 135 115.34 -49.47 -39.63
CA LEU M 135 115.20 -48.39 -40.61
C LEU M 135 116.32 -47.36 -40.49
N THR M 136 116.55 -46.88 -39.27
CA THR M 136 117.68 -46.02 -38.95
C THR M 136 118.49 -46.66 -37.84
N GLY M 137 119.82 -46.65 -38.00
CA GLY M 137 120.72 -47.35 -37.10
C GLY M 137 121.01 -46.62 -35.81
N ASN M 138 121.67 -47.31 -34.87
CA ASN M 138 122.08 -46.67 -33.63
C ASN M 138 123.26 -45.76 -33.92
N ASN M 139 123.43 -44.69 -33.13
CA ASN M 139 124.46 -43.70 -33.38
C ASN M 139 125.86 -44.28 -33.10
N LYS M 140 125.91 -45.22 -32.17
CA LYS M 140 127.10 -45.99 -31.82
C LYS M 140 126.55 -47.30 -31.27
N GLU M 141 127.36 -48.35 -31.29
CA GLU M 141 126.85 -49.64 -30.83
C GLU M 141 126.45 -49.55 -29.37
N LEU M 142 125.55 -50.43 -28.95
CA LEU M 142 125.14 -50.50 -27.56
C LEU M 142 126.10 -51.39 -26.77
N ALA M 143 125.82 -51.57 -25.49
CA ALA M 143 126.74 -52.32 -24.64
C ALA M 143 126.76 -53.81 -24.94
N ALA M 144 125.61 -54.37 -25.31
CA ALA M 144 125.54 -55.80 -25.57
C ALA M 144 124.32 -56.17 -26.42
N ASP M 145 124.31 -57.39 -26.95
CA ASP M 145 123.15 -57.91 -27.66
C ASP M 145 121.95 -57.92 -26.72
N TRP M 146 120.75 -57.77 -27.28
CA TRP M 146 119.53 -57.82 -26.50
C TRP M 146 118.37 -58.39 -27.30
N GLN M 147 117.18 -58.43 -26.70
CA GLN M 147 116.01 -58.91 -27.42
C GLN M 147 114.77 -58.09 -27.12
N ALA M 148 113.81 -58.16 -28.05
CA ALA M 148 112.50 -57.56 -27.85
C ALA M 148 111.48 -58.68 -27.97
N VAL M 149 110.35 -58.54 -27.27
CA VAL M 149 109.29 -59.55 -27.29
C VAL M 149 108.09 -59.07 -28.09
N VAL M 150 107.60 -59.90 -29.00
CA VAL M 150 106.43 -59.57 -29.78
C VAL M 150 105.21 -60.35 -29.27
N GLU M 151 104.10 -59.67 -29.03
CA GLU M 151 102.93 -60.37 -28.51
C GLU M 151 101.66 -60.12 -29.32
N LEU M 152 100.89 -61.18 -29.57
CA LEU M 152 99.60 -61.09 -30.26
C LEU M 152 98.45 -61.25 -29.28
N TYR M 153 97.59 -60.24 -29.21
CA TYR M 153 96.41 -60.29 -28.35
C TYR M 153 95.20 -60.32 -29.24
N ALA M 154 94.25 -61.20 -28.93
CA ALA M 154 93.05 -61.34 -29.74
C ALA M 154 92.04 -62.13 -28.97
N GLU M 155 90.77 -61.88 -29.26
CA GLU M 155 89.70 -62.78 -28.81
C GLU M 155 89.11 -63.48 -30.02
N LEU M 156 89.67 -64.64 -30.35
CA LEU M 156 89.28 -65.36 -31.54
C LEU M 156 87.86 -65.88 -31.48
N GLU M 157 87.06 -65.55 -32.48
CA GLU M 157 85.76 -66.15 -32.64
C GLU M 157 85.58 -66.72 -34.06
N GLU M 158 84.63 -67.64 -34.21
CA GLU M 158 84.43 -68.31 -35.49
C GLU M 158 84.05 -67.31 -36.57
N ALA M 159 84.74 -67.42 -37.71
CA ALA M 159 84.47 -66.58 -38.87
C ALA M 159 83.23 -67.05 -39.65
N THR M 160 82.37 -66.09 -39.99
CA THR M 160 81.13 -66.38 -40.69
C THR M 160 81.35 -66.57 -42.21
N SER M 161 82.31 -65.84 -42.79
CA SER M 161 82.59 -65.88 -44.22
C SER M 161 84.05 -66.12 -44.49
N PHE M 162 84.38 -66.59 -45.69
CA PHE M 162 85.78 -66.79 -46.04
C PHE M 162 86.48 -65.47 -46.32
N LEU M 163 85.77 -64.58 -46.98
CA LEU M 163 86.37 -63.35 -47.45
C LEU M 163 86.04 -62.20 -46.52
N GLY M 164 86.99 -61.27 -46.39
CA GLY M 164 86.79 -60.02 -45.66
C GLY M 164 85.98 -59.03 -46.48
N LYS M 165 86.11 -57.76 -46.15
CA LYS M 165 85.52 -56.71 -46.97
C LYS M 165 86.66 -56.23 -47.84
N PRO M 166 86.39 -55.92 -49.12
CA PRO M 166 87.44 -55.54 -50.06
C PRO M 166 88.10 -54.20 -49.70
N THR M 167 89.42 -54.19 -49.60
CA THR M 167 90.20 -53.00 -49.39
C THR M 167 89.96 -51.98 -50.51
N LEU M 168 89.73 -52.45 -51.74
CA LEU M 168 89.67 -51.57 -52.91
C LEU M 168 88.74 -52.13 -53.98
N VAL M 169 87.97 -51.25 -54.60
CA VAL M 169 87.14 -51.65 -55.74
C VAL M 169 87.53 -50.87 -56.98
N PHE M 170 87.83 -51.57 -58.07
CA PHE M 170 88.34 -50.93 -59.25
C PHE M 170 87.44 -49.86 -59.84
N ASP M 171 88.03 -48.69 -60.02
CA ASP M 171 87.38 -47.51 -60.59
C ASP M 171 88.47 -46.53 -61.06
N PRO M 172 88.53 -46.33 -62.39
CA PRO M 172 89.53 -45.54 -63.09
C PRO M 172 89.50 -44.09 -62.66
N GLY M 173 88.27 -43.62 -62.45
CA GLY M 173 88.02 -42.21 -62.17
C GLY M 173 88.06 -41.89 -60.68
N VAL M 174 88.63 -42.80 -59.89
CA VAL M 174 88.65 -42.58 -58.46
C VAL M 174 89.98 -42.92 -57.78
N PHE M 175 90.69 -41.81 -57.54
CA PHE M 175 91.85 -41.67 -56.70
C PHE M 175 91.56 -40.41 -55.92
N ASN M 176 91.14 -40.56 -54.67
CA ASN M 176 90.80 -39.45 -53.79
C ASN M 176 91.93 -38.42 -53.63
N GLY M 177 93.10 -38.87 -53.22
CA GLY M 177 94.19 -37.98 -52.88
C GLY M 177 94.68 -38.27 -51.48
N LYS M 178 93.96 -39.15 -50.77
CA LYS M 178 94.38 -39.63 -49.46
C LYS M 178 95.23 -40.92 -49.62
N PHE M 179 96.26 -41.08 -48.80
CA PHE M 179 97.10 -42.26 -48.83
C PHE M 179 97.09 -42.98 -47.48
N GLN M 180 97.38 -44.29 -47.51
CA GLN M 180 97.83 -44.99 -46.31
C GLN M 180 99.16 -45.68 -46.57
N PHE M 181 99.98 -45.79 -45.53
CA PHE M 181 101.24 -46.51 -45.60
C PHE M 181 102.18 -45.98 -46.66
N LEU M 182 102.18 -44.68 -46.87
CA LEU M 182 103.13 -44.06 -47.80
C LEU M 182 104.27 -43.46 -47.02
N THR M 183 105.36 -44.20 -46.91
CA THR M 183 106.52 -43.78 -46.11
C THR M 183 107.71 -43.71 -47.03
N CYS M 184 108.40 -42.58 -47.02
CA CYS M 184 109.60 -42.41 -47.84
C CYS M 184 110.79 -42.99 -47.12
N PRO M 185 111.68 -43.67 -47.85
CA PRO M 185 112.92 -44.12 -47.24
C PRO M 185 113.64 -42.96 -46.58
N PRO M 186 114.45 -43.25 -45.57
CA PRO M 186 115.10 -42.23 -44.75
C PRO M 186 116.01 -41.33 -45.57
N ILE M 187 115.98 -40.04 -45.23
CA ILE M 187 116.84 -39.02 -45.80
C ILE M 187 117.95 -38.72 -44.76
N PHE M 188 119.20 -38.57 -45.19
CA PHE M 188 120.29 -38.41 -44.20
C PHE M 188 121.05 -37.09 -44.32
N PHE M 189 121.38 -36.49 -43.18
CA PHE M 189 122.18 -35.26 -43.14
C PHE M 189 123.50 -35.47 -42.42
N ASP M 190 124.60 -35.04 -43.04
CA ASP M 190 125.91 -35.19 -42.43
C ASP M 190 126.10 -34.07 -41.47
N LEU M 191 126.81 -34.34 -40.37
CA LEU M 191 127.08 -33.24 -39.43
C LEU M 191 128.38 -32.51 -39.74
N THR M 192 129.06 -32.95 -40.79
CA THR M 192 130.26 -32.27 -41.29
C THR M 192 129.91 -31.23 -42.33
N ALA M 193 128.65 -30.82 -42.35
CA ALA M 193 128.15 -29.88 -43.34
C ALA M 193 127.35 -28.77 -42.69
N VAL M 194 127.77 -27.54 -42.91
CA VAL M 194 127.10 -26.40 -42.29
C VAL M 194 125.67 -26.15 -42.79
N THR M 195 125.42 -26.39 -44.07
CA THR M 195 124.06 -26.47 -44.59
C THR M 195 123.97 -27.63 -45.58
N ALA M 196 122.76 -28.00 -45.96
CA ALA M 196 122.59 -29.08 -46.93
C ALA M 196 121.20 -29.16 -47.50
N LEU M 197 121.08 -29.78 -48.65
CA LEU M 197 119.79 -29.97 -49.27
C LEU M 197 119.54 -31.45 -49.50
N ARG M 198 118.32 -31.89 -49.20
CA ARG M 198 117.88 -33.21 -49.63
C ARG M 198 116.55 -33.15 -50.33
N SER M 199 116.52 -33.63 -51.57
CA SER M 199 115.28 -33.64 -52.34
C SER M 199 114.49 -34.93 -52.21
N ALA M 200 113.18 -34.80 -52.15
CA ALA M 200 112.29 -35.94 -52.28
C ALA M 200 111.40 -35.67 -53.49
N GLY M 201 111.45 -36.55 -54.48
CA GLY M 201 110.62 -36.38 -55.66
C GLY M 201 109.13 -36.48 -55.34
N LEU M 202 108.32 -35.72 -56.07
CA LEU M 202 106.87 -35.74 -55.87
C LEU M 202 106.14 -36.39 -57.04
N THR M 203 106.90 -37.03 -57.92
CA THR M 203 106.35 -37.79 -59.03
C THR M 203 105.96 -39.19 -58.54
N LEU M 204 104.90 -39.22 -57.73
CA LEU M 204 104.53 -40.38 -56.93
C LEU M 204 104.06 -41.63 -57.68
N GLY M 205 103.78 -41.50 -58.98
CA GLY M 205 103.35 -42.63 -59.76
C GLY M 205 104.50 -43.49 -60.27
N GLN M 206 105.70 -42.98 -60.06
CA GLN M 206 106.92 -43.65 -60.48
C GLN M 206 107.06 -44.94 -59.65
N VAL M 207 107.44 -46.03 -60.29
CA VAL M 207 107.65 -47.28 -59.54
C VAL M 207 109.05 -47.32 -58.93
N PRO M 208 109.12 -47.56 -57.62
CA PRO M 208 110.37 -47.55 -56.86
C PRO M 208 111.25 -48.71 -57.27
N MET M 209 112.55 -48.55 -57.14
CA MET M 209 113.45 -49.62 -57.51
C MET M 209 114.52 -49.94 -56.46
N VAL M 210 114.97 -51.18 -56.49
CA VAL M 210 116.08 -51.62 -55.66
C VAL M 210 117.02 -52.32 -56.61
N GLY M 211 118.06 -51.61 -57.06
CA GLY M 211 118.92 -52.13 -58.10
C GLY M 211 118.13 -52.22 -59.38
N THR M 212 118.10 -53.42 -59.97
CA THR M 212 117.34 -53.61 -61.20
C THR M 212 115.92 -54.11 -60.95
N THR M 213 115.58 -54.33 -59.68
CA THR M 213 114.28 -54.85 -59.28
C THR M 213 113.22 -53.75 -59.11
N LYS M 214 112.13 -53.84 -59.86
CA LYS M 214 110.99 -52.94 -59.72
C LYS M 214 110.11 -53.44 -58.56
N VAL M 215 109.72 -52.53 -57.68
CA VAL M 215 108.85 -52.92 -56.59
C VAL M 215 107.48 -52.26 -56.74
N TYR M 216 106.57 -52.96 -57.41
CA TYR M 216 105.24 -52.42 -57.63
C TYR M 216 104.55 -52.34 -56.28
N ASN M 217 103.90 -51.22 -56.03
CA ASN M 217 103.11 -51.08 -54.81
C ASN M 217 101.81 -50.30 -55.03
N LEU M 218 100.87 -50.44 -54.09
CA LEU M 218 99.55 -49.87 -54.29
C LEU M 218 99.55 -48.35 -54.42
N ASN M 219 100.37 -47.68 -53.61
CA ASN M 219 100.38 -46.21 -53.65
C ASN M 219 100.79 -45.61 -54.98
N SER M 220 101.94 -46.04 -55.51
CA SER M 220 102.37 -45.57 -56.83
C SER M 220 101.33 -45.97 -57.88
N THR M 221 100.76 -47.16 -57.74
CA THR M 221 99.72 -47.60 -58.65
C THR M 221 98.53 -46.65 -58.62
N LEU M 222 98.11 -46.23 -57.42
CA LEU M 222 96.98 -45.31 -57.31
C LEU M 222 97.27 -43.99 -57.99
N VAL M 223 98.41 -43.40 -57.69
CA VAL M 223 98.80 -42.14 -58.32
C VAL M 223 98.80 -42.25 -59.86
N SER M 224 99.22 -43.39 -60.38
CA SER M 224 99.30 -43.58 -61.84
C SER M 224 97.91 -43.51 -62.51
N CYS M 225 96.85 -43.61 -61.70
CA CYS M 225 95.45 -43.54 -62.15
C CYS M 225 95.01 -42.14 -62.54
N VAL M 226 95.95 -41.20 -62.40
CA VAL M 226 95.71 -39.79 -62.64
C VAL M 226 96.84 -39.28 -63.54
N LEU M 227 96.63 -38.17 -64.25
CA LEU M 227 97.67 -37.67 -65.15
C LEU M 227 98.67 -36.82 -64.40
N GLY M 228 98.20 -36.15 -63.34
CA GLY M 228 99.04 -35.32 -62.51
C GLY M 228 98.24 -34.76 -61.34
N MET M 229 98.92 -34.05 -60.43
CA MET M 229 98.30 -33.56 -59.22
C MET M 229 98.95 -32.27 -58.72
N GLY M 230 98.13 -31.40 -58.16
CA GLY M 230 98.61 -30.19 -57.53
C GLY M 230 97.93 -30.08 -56.19
N GLY M 231 98.34 -29.12 -55.37
CA GLY M 231 97.69 -28.98 -54.10
C GLY M 231 98.70 -28.94 -52.99
N THR M 232 98.26 -29.29 -51.78
CA THR M 232 99.17 -29.24 -50.64
C THR M 232 99.50 -30.64 -50.12
N VAL M 233 100.79 -30.90 -49.94
CA VAL M 233 101.22 -32.18 -49.35
C VAL M 233 101.13 -32.13 -47.81
N ARG M 234 100.27 -32.95 -47.21
CA ARG M 234 100.16 -33.02 -45.76
C ARG M 234 100.88 -34.29 -45.32
N GLY M 235 101.83 -34.15 -44.41
CA GLY M 235 102.62 -35.27 -43.96
C GLY M 235 103.15 -35.13 -42.56
N ARG M 236 103.99 -36.07 -42.16
CA ARG M 236 104.62 -36.03 -40.86
C ARG M 236 106.11 -36.23 -41.06
N VAL M 237 106.91 -35.60 -40.22
CA VAL M 237 108.35 -35.73 -40.26
C VAL M 237 108.82 -36.33 -38.95
N HIS M 238 109.65 -37.36 -39.02
CA HIS M 238 110.22 -37.93 -37.82
C HIS M 238 111.72 -37.73 -37.82
N ILE M 239 112.23 -37.18 -36.73
CA ILE M 239 113.66 -36.99 -36.60
C ILE M 239 114.20 -38.15 -35.78
N CYS M 240 114.94 -39.03 -36.43
CA CYS M 240 115.34 -40.32 -35.86
C CYS M 240 116.77 -40.36 -35.39
N ALA M 241 117.05 -39.58 -34.34
CA ALA M 241 118.38 -39.50 -33.75
C ALA M 241 118.26 -39.38 -32.23
N PRO M 242 119.39 -39.52 -31.52
CA PRO M 242 119.42 -39.39 -30.06
C PRO M 242 119.04 -37.98 -29.59
N ILE M 243 118.55 -37.80 -28.35
CA ILE M 243 118.16 -36.47 -27.85
C ILE M 243 119.26 -35.45 -27.97
N PHE M 244 120.50 -35.90 -28.05
CA PHE M 244 121.64 -34.99 -28.10
C PHE M 244 122.04 -34.58 -29.52
N TYR M 245 121.32 -35.11 -30.51
CA TYR M 245 121.37 -34.61 -31.86
C TYR M 245 120.23 -33.62 -32.05
N SER M 246 120.43 -32.59 -32.87
CA SER M 246 119.32 -31.68 -33.21
C SER M 246 119.56 -30.94 -34.51
N ILE M 247 118.46 -30.50 -35.11
CA ILE M 247 118.55 -29.90 -36.42
C ILE M 247 117.39 -28.95 -36.65
N VAL M 248 117.56 -28.01 -37.57
CA VAL M 248 116.45 -27.14 -37.98
C VAL M 248 116.37 -27.16 -39.48
N LEU M 249 115.18 -27.46 -40.00
CA LEU M 249 114.99 -27.60 -41.43
C LEU M 249 114.03 -26.55 -41.98
N TRP M 250 114.35 -26.04 -43.17
CA TRP M 250 113.41 -25.29 -44.00
C TRP M 250 112.90 -26.24 -45.06
N VAL M 251 111.59 -26.53 -45.03
CA VAL M 251 110.96 -27.47 -45.96
C VAL M 251 110.08 -26.73 -46.95
N VAL M 252 110.42 -26.83 -48.23
CA VAL M 252 109.71 -26.08 -49.26
C VAL M 252 109.64 -26.85 -50.58
N SER M 253 108.70 -26.48 -51.44
CA SER M 253 108.60 -27.13 -52.75
C SER M 253 109.24 -26.30 -53.86
N GLU M 254 109.98 -26.95 -54.75
CA GLU M 254 110.61 -26.25 -55.88
C GLU M 254 110.43 -26.98 -57.21
N TRP M 255 110.47 -26.22 -58.30
CA TRP M 255 110.24 -26.79 -59.62
C TRP M 255 111.50 -26.78 -60.46
N ASN M 256 111.80 -27.94 -61.04
CA ASN M 256 112.90 -28.09 -61.98
C ASN M 256 114.23 -27.50 -61.51
N GLY M 257 114.88 -28.19 -60.58
CA GLY M 257 116.09 -27.68 -59.97
C GLY M 257 115.78 -26.89 -58.69
N THR M 258 116.78 -26.21 -58.17
CA THR M 258 116.61 -25.44 -56.95
C THR M 258 117.29 -24.11 -57.15
N THR M 259 116.83 -23.10 -56.42
CA THR M 259 117.46 -21.80 -56.49
C THR M 259 118.78 -21.85 -55.77
N MET M 260 119.72 -21.01 -56.20
CA MET M 260 121.03 -20.98 -55.60
C MET M 260 121.15 -19.78 -54.67
N ASP M 261 120.11 -18.95 -54.65
CA ASP M 261 120.09 -17.72 -53.87
C ASP M 261 119.29 -17.91 -52.57
N TRP M 262 119.99 -17.89 -51.44
CA TRP M 262 119.36 -18.08 -50.13
C TRP M 262 118.22 -17.09 -49.86
N ASN M 263 118.33 -15.88 -50.39
CA ASN M 263 117.27 -14.91 -50.17
C ASN M 263 116.01 -15.27 -50.94
N GLU M 264 116.16 -15.72 -52.19
CA GLU M 264 115.01 -16.16 -52.96
C GLU M 264 114.35 -17.35 -52.26
N LEU M 265 115.17 -18.26 -51.76
CA LEU M 265 114.69 -19.48 -51.10
C LEU M 265 113.70 -19.16 -50.02
N PHE M 266 113.95 -18.09 -49.27
CA PHE M 266 113.10 -17.76 -48.13
C PHE M 266 111.96 -16.83 -48.46
N LYS M 267 111.81 -16.53 -49.75
CA LYS M 267 110.63 -15.81 -50.21
C LYS M 267 109.57 -16.83 -50.64
N TYR M 268 109.95 -18.12 -50.69
CA TYR M 268 109.02 -19.19 -51.03
C TYR M 268 108.18 -19.54 -49.81
N PRO M 269 107.00 -20.17 -50.03
CA PRO M 269 106.12 -20.60 -48.94
C PRO M 269 106.48 -21.97 -48.41
N GLY M 270 107.40 -21.97 -47.46
CA GLY M 270 107.85 -23.19 -46.79
C GLY M 270 107.51 -23.19 -45.32
N VAL M 271 108.00 -24.20 -44.60
CA VAL M 271 107.72 -24.35 -43.18
C VAL M 271 108.99 -24.76 -42.46
N TYR M 272 109.10 -24.43 -41.18
CA TYR M 272 110.28 -24.82 -40.41
C TYR M 272 109.96 -26.12 -39.65
N VAL M 273 110.93 -27.03 -39.58
CA VAL M 273 110.77 -28.26 -38.82
C VAL M 273 111.95 -28.40 -37.85
N GLU M 274 111.67 -28.40 -36.55
CA GLU M 274 112.71 -28.47 -35.53
C GLU M 274 112.63 -29.82 -34.84
N GLU M 275 111.50 -30.50 -35.03
CA GLU M 275 111.22 -31.70 -34.26
C GLU M 275 110.09 -32.53 -34.86
N ASP M 276 109.94 -33.77 -34.37
CA ASP M 276 108.84 -34.64 -34.80
C ASP M 276 107.60 -33.79 -34.93
N GLY M 277 106.84 -33.97 -36.01
CA GLY M 277 105.57 -33.28 -36.19
C GLY M 277 104.98 -33.39 -37.58
N SER M 278 103.79 -32.82 -37.79
CA SER M 278 103.19 -32.79 -39.11
C SER M 278 103.60 -31.52 -39.86
N PHE M 279 103.36 -31.48 -41.18
CA PHE M 279 103.70 -30.33 -42.02
C PHE M 279 102.76 -30.26 -43.21
N GLU M 280 102.55 -29.06 -43.74
CA GLU M 280 101.82 -28.87 -45.00
C GLU M 280 102.64 -27.98 -45.92
N VAL M 281 102.98 -28.49 -47.10
CA VAL M 281 103.69 -27.68 -48.08
C VAL M 281 102.96 -27.70 -49.42
N LYS M 282 102.81 -26.53 -50.02
CA LYS M 282 102.17 -26.39 -51.33
C LYS M 282 103.08 -26.95 -52.41
N ILE M 283 102.50 -27.77 -53.29
CA ILE M 283 103.21 -28.25 -54.46
C ILE M 283 103.38 -27.09 -55.42
N ARG M 284 104.64 -26.72 -55.66
CA ARG M 284 104.97 -25.57 -56.47
C ARG M 284 105.30 -25.95 -57.91
N SER M 285 104.60 -25.35 -58.88
CA SER M 285 104.79 -25.69 -60.30
C SER M 285 104.19 -24.66 -61.23
N PRO M 286 104.81 -24.48 -62.40
CA PRO M 286 104.38 -23.53 -63.44
C PRO M 286 102.99 -23.86 -63.92
N TYR M 287 102.57 -25.10 -63.72
CA TYR M 287 101.25 -25.60 -64.15
C TYR M 287 100.35 -25.89 -62.97
N HIS M 288 100.86 -25.61 -61.77
CA HIS M 288 100.12 -25.81 -60.52
C HIS M 288 99.98 -27.28 -60.18
N ARG M 289 100.39 -28.14 -61.12
CA ARG M 289 100.35 -29.58 -60.92
C ARG M 289 101.68 -30.16 -61.36
N THR M 290 102.06 -31.29 -60.79
CA THR M 290 103.23 -32.03 -61.27
C THR M 290 102.71 -33.34 -61.87
N PRO M 291 103.35 -33.81 -62.97
CA PRO M 291 102.90 -35.04 -63.63
C PRO M 291 103.08 -36.27 -62.77
N ALA M 292 102.17 -37.23 -62.94
CA ALA M 292 102.10 -38.47 -62.15
C ALA M 292 103.25 -39.41 -62.45
N ARG M 293 103.69 -39.46 -63.70
CA ARG M 293 104.82 -40.30 -64.07
C ARG M 293 105.77 -39.58 -65.01
N LEU M 294 106.95 -40.14 -65.21
CA LEU M 294 107.94 -39.52 -66.07
C LEU M 294 107.90 -40.03 -67.49
N LEU M 295 108.30 -39.18 -68.42
CA LEU M 295 108.53 -39.60 -69.78
C LEU M 295 109.97 -40.05 -69.92
N ALA M 296 110.35 -40.48 -71.12
CA ALA M 296 111.71 -40.97 -71.32
C ALA M 296 112.67 -39.80 -71.26
N GLY M 297 113.82 -40.01 -70.62
CA GLY M 297 114.84 -38.98 -70.50
C GLY M 297 114.56 -37.94 -69.43
N GLN M 298 113.38 -37.99 -68.84
CA GLN M 298 113.03 -37.07 -67.77
C GLN M 298 113.54 -37.59 -66.44
N SER M 299 113.71 -36.67 -65.50
CA SER M 299 114.14 -37.01 -64.15
C SER M 299 113.14 -36.44 -63.16
N GLN M 300 113.04 -37.01 -61.97
CA GLN M 300 112.00 -36.60 -61.05
C GLN M 300 112.28 -35.19 -60.54
N ARG M 301 113.49 -34.74 -60.77
CA ARG M 301 113.96 -33.46 -60.28
C ARG M 301 113.60 -32.35 -61.26
N ASP M 302 113.22 -32.75 -62.47
CA ASP M 302 112.81 -31.81 -63.49
C ASP M 302 111.41 -31.28 -63.20
N MET M 303 110.70 -31.95 -62.29
CA MET M 303 109.35 -31.55 -61.94
C MET M 303 109.30 -30.95 -60.55
N SER M 304 108.17 -31.14 -59.88
CA SER M 304 107.97 -30.61 -58.54
C SER M 304 108.58 -31.56 -57.50
N SER M 305 109.36 -31.00 -56.58
CA SER M 305 109.98 -31.78 -55.50
C SER M 305 109.72 -31.15 -54.14
N LEU M 306 109.81 -31.98 -53.09
CA LEU M 306 109.69 -31.55 -51.71
C LEU M 306 111.11 -31.47 -51.17
N ASN M 307 111.60 -30.26 -50.94
CA ASN M 307 113.01 -30.07 -50.59
C ASN M 307 113.26 -29.82 -49.12
N PHE M 308 114.22 -30.55 -48.56
CA PHE M 308 114.57 -30.38 -47.17
C PHE M 308 115.93 -29.73 -47.02
N TYR M 309 115.91 -28.46 -46.59
CA TYR M 309 117.13 -27.68 -46.42
C TYR M 309 117.53 -27.62 -44.95
N ALA M 310 118.73 -28.10 -44.65
CA ALA M 310 119.27 -27.97 -43.30
C ALA M 310 119.87 -26.59 -43.18
N ILE M 311 119.22 -25.72 -42.41
CA ILE M 311 119.66 -24.34 -42.27
C ILE M 311 120.38 -24.05 -40.96
N ALA M 312 120.24 -24.94 -39.99
CA ALA M 312 121.05 -24.87 -38.77
C ALA M 312 121.31 -26.28 -38.24
N GLY M 313 122.57 -26.71 -38.32
CA GLY M 313 122.90 -28.09 -38.00
C GLY M 313 122.85 -29.03 -39.19
N PRO M 314 122.78 -30.34 -38.93
CA PRO M 314 122.66 -30.93 -37.59
C PRO M 314 123.90 -30.69 -36.72
N ILE M 315 123.67 -30.68 -35.41
CA ILE M 315 124.77 -30.66 -34.44
C ILE M 315 124.69 -31.86 -33.51
N ALA M 316 125.85 -32.27 -33.00
CA ALA M 316 125.91 -33.29 -31.96
C ALA M 316 127.21 -33.07 -31.20
N PRO M 317 127.30 -33.66 -30.02
CA PRO M 317 128.53 -33.57 -29.21
C PRO M 317 129.68 -34.31 -29.90
N SER M 318 130.94 -33.98 -29.62
CA SER M 318 132.01 -34.81 -30.17
C SER M 318 132.10 -36.02 -29.30
N GLY M 319 132.51 -37.16 -29.86
CA GLY M 319 132.77 -37.30 -31.28
C GLY M 319 131.73 -38.26 -31.78
N GLU M 320 130.59 -37.71 -32.14
CA GLU M 320 129.58 -38.47 -32.82
C GLU M 320 129.93 -38.47 -34.30
N THR M 321 129.51 -39.49 -35.04
CA THR M 321 129.87 -39.56 -36.46
C THR M 321 128.67 -39.88 -37.31
N ALA M 322 127.67 -40.49 -36.68
CA ALA M 322 126.44 -40.90 -37.35
C ALA M 322 125.78 -39.74 -38.09
N GLN M 323 125.16 -40.04 -39.22
CA GLN M 323 124.34 -39.03 -39.89
C GLN M 323 123.00 -38.87 -39.14
N LEU M 324 122.32 -37.73 -39.32
CA LEU M 324 121.02 -37.53 -38.71
C LEU M 324 119.98 -37.85 -39.75
N PRO M 325 119.16 -38.90 -39.50
CA PRO M 325 118.13 -39.34 -40.45
C PRO M 325 116.77 -38.67 -40.23
N ILE M 326 116.11 -38.35 -41.33
CA ILE M 326 114.77 -37.80 -41.34
C ILE M 326 113.88 -38.82 -42.07
N VAL M 327 112.81 -39.27 -41.43
CA VAL M 327 111.85 -40.13 -42.12
C VAL M 327 110.58 -39.34 -42.41
N VAL M 328 110.23 -39.23 -43.69
CA VAL M 328 109.03 -38.49 -44.09
C VAL M 328 107.85 -39.41 -44.43
N GLN M 329 106.68 -39.08 -43.91
CA GLN M 329 105.46 -39.79 -44.26
C GLN M 329 104.49 -38.85 -44.92
N ILE M 330 103.90 -39.27 -46.04
CA ILE M 330 102.95 -38.44 -46.75
C ILE M 330 101.54 -38.96 -46.52
N ASP M 331 100.69 -38.14 -45.94
CA ASP M 331 99.36 -38.60 -45.52
C ASP M 331 98.30 -38.32 -46.56
N GLU M 332 98.29 -37.11 -47.11
CA GLU M 332 97.39 -36.81 -48.22
C GLU M 332 97.76 -35.57 -48.99
N ILE M 333 97.15 -35.41 -50.16
CA ILE M 333 97.15 -34.14 -50.87
C ILE M 333 95.86 -33.40 -50.48
N VAL M 334 95.98 -32.36 -49.66
CA VAL M 334 94.81 -31.61 -49.20
C VAL M 334 94.53 -30.50 -50.19
N ARG M 335 93.26 -30.13 -50.31
CA ARG M 335 92.86 -29.10 -51.27
C ARG M 335 93.46 -29.44 -52.63
N PRO M 336 93.15 -30.63 -53.15
CA PRO M 336 93.82 -31.21 -54.33
C PRO M 336 93.37 -30.58 -55.63
N ASP M 337 94.33 -30.33 -56.50
CA ASP M 337 94.05 -29.92 -57.86
C ASP M 337 94.43 -31.07 -58.80
N LEU M 338 93.48 -31.95 -59.07
CA LEU M 338 93.81 -33.14 -59.85
C LEU M 338 93.67 -32.95 -61.35
N SER M 339 94.43 -33.72 -62.11
CA SER M 339 94.28 -33.75 -63.56
C SER M 339 93.12 -34.66 -63.91
N LEU M 340 92.88 -34.83 -65.20
CA LEU M 340 91.97 -35.88 -65.63
C LEU M 340 92.47 -37.21 -65.14
N PRO M 341 91.54 -38.17 -64.98
CA PRO M 341 91.99 -39.54 -64.76
C PRO M 341 92.82 -39.96 -65.97
N SER M 342 93.84 -40.78 -65.77
CA SER M 342 94.62 -41.25 -66.92
C SER M 342 93.84 -42.25 -67.79
N PHE M 343 92.94 -43.02 -67.17
CA PHE M 343 92.09 -43.92 -67.95
C PHE M 343 90.62 -43.61 -67.75
N GLU M 344 89.83 -43.87 -68.78
CA GLU M 344 88.40 -43.69 -68.70
C GLU M 344 87.75 -45.03 -68.41
N ASP M 345 86.43 -45.07 -68.27
CA ASP M 345 85.77 -46.35 -68.03
C ASP M 345 85.65 -47.05 -69.35
N ASP M 346 86.76 -47.65 -69.76
CA ASP M 346 86.88 -48.19 -71.09
C ASP M 346 87.66 -49.48 -71.03
N TYR M 347 87.85 -50.10 -72.18
CA TYR M 347 88.67 -51.30 -72.28
C TYR M 347 90.14 -50.89 -72.21
N PHE M 348 90.99 -51.85 -71.90
CA PHE M 348 92.43 -51.65 -71.99
C PHE M 348 93.09 -52.97 -72.37
N VAL M 349 94.32 -52.91 -72.81
CA VAL M 349 94.95 -54.10 -73.35
C VAL M 349 95.34 -55.09 -72.26
N TRP M 350 94.95 -56.34 -72.46
CA TRP M 350 95.36 -57.42 -71.58
C TRP M 350 96.57 -58.09 -72.19
N VAL M 351 96.44 -58.55 -73.43
CA VAL M 351 97.52 -59.31 -74.07
C VAL M 351 97.40 -59.32 -75.59
N ASP M 352 98.54 -59.27 -76.27
CA ASP M 352 98.60 -59.50 -77.72
C ASP M 352 99.32 -60.81 -77.99
N PHE M 353 98.72 -61.68 -78.81
CA PHE M 353 99.42 -62.87 -79.31
C PHE M 353 99.79 -62.65 -80.78
N SER M 354 101.03 -62.98 -81.13
CA SER M 354 101.50 -62.76 -82.48
C SER M 354 102.53 -63.79 -82.86
N GLU M 355 102.98 -63.76 -84.11
CA GLU M 355 104.07 -64.62 -84.55
C GLU M 355 103.81 -66.09 -84.22
N PHE M 356 102.65 -66.59 -84.64
CA PHE M 356 102.32 -67.99 -84.40
C PHE M 356 103.16 -68.94 -85.24
N THR M 357 103.64 -70.01 -84.64
CA THR M 357 104.46 -70.98 -85.37
C THR M 357 103.70 -72.23 -85.76
N LEU M 358 102.62 -72.52 -85.03
CA LEU M 358 101.78 -73.66 -85.33
C LEU M 358 100.39 -73.20 -85.69
N ASP M 359 99.75 -73.92 -86.60
CA ASP M 359 98.37 -73.60 -86.96
C ASP M 359 97.42 -73.94 -85.81
N LYS M 360 97.70 -75.03 -85.08
CA LYS M 360 96.89 -75.38 -83.91
C LYS M 360 97.48 -74.75 -82.65
N GLU M 361 96.75 -73.82 -82.05
CA GLU M 361 97.20 -73.13 -80.84
C GLU M 361 96.05 -73.10 -79.84
N GLU M 362 96.32 -73.42 -78.58
CA GLU M 362 95.28 -73.35 -77.58
C GLU M 362 95.78 -72.65 -76.30
N ILE M 363 95.23 -71.47 -76.05
CA ILE M 363 95.60 -70.64 -74.92
C ILE M 363 94.64 -70.85 -73.77
N GLU M 364 95.08 -71.50 -72.69
CA GLU M 364 94.22 -71.70 -71.50
C GLU M 364 94.21 -70.47 -70.59
N ILE M 365 93.02 -70.03 -70.25
CA ILE M 365 92.86 -68.87 -69.38
C ILE M 365 92.29 -69.32 -68.03
N GLY M 366 91.27 -70.15 -68.09
CA GLY M 366 90.66 -70.71 -66.90
C GLY M 366 89.78 -69.70 -66.21
N SER M 367 90.13 -69.39 -64.97
CA SER M 367 89.39 -68.36 -64.23
C SER M 367 90.33 -67.26 -63.73
N ARG M 368 91.50 -67.11 -64.37
CA ARG M 368 92.53 -66.19 -63.87
C ARG M 368 92.77 -65.00 -64.79
N PHE M 369 93.18 -63.89 -64.20
CA PHE M 369 93.76 -62.80 -64.96
C PHE M 369 95.23 -62.81 -64.61
N PHE M 370 96.09 -63.04 -65.60
CA PHE M 370 97.51 -63.29 -65.33
C PHE M 370 98.42 -63.05 -66.54
N ASP M 371 99.71 -63.27 -66.36
CA ASP M 371 100.68 -63.16 -67.46
C ASP M 371 100.86 -64.49 -68.21
N PHE M 372 100.66 -64.45 -69.53
CA PHE M 372 100.78 -65.62 -70.37
C PHE M 372 102.24 -65.92 -70.75
N THR M 373 102.52 -67.18 -71.04
CA THR M 373 103.78 -67.56 -71.68
C THR M 373 103.51 -68.59 -72.76
N SER M 374 104.31 -68.57 -73.82
CA SER M 374 104.14 -69.55 -74.90
C SER M 374 105.46 -69.89 -75.54
N ASN M 375 105.62 -71.17 -75.89
CA ASN M 375 106.79 -71.65 -76.62
C ASN M 375 106.55 -71.60 -78.11
N THR M 376 105.29 -71.46 -78.49
CA THR M 376 104.89 -71.57 -79.88
C THR M 376 104.46 -70.24 -80.48
N CYS M 377 104.34 -69.20 -79.66
CA CYS M 377 104.04 -67.87 -80.18
C CYS M 377 104.53 -66.77 -79.28
N ARG M 378 104.44 -65.54 -79.76
CA ARG M 378 104.92 -64.38 -79.01
C ARG M 378 103.81 -63.76 -78.17
N VAL M 379 104.03 -63.72 -76.86
CA VAL M 379 103.12 -63.07 -75.94
C VAL M 379 103.63 -61.65 -75.60
N SER M 380 102.76 -60.66 -75.71
CA SER M 380 103.09 -59.30 -75.29
C SER M 380 102.04 -58.85 -74.28
N MET M 381 102.44 -58.73 -73.03
CA MET M 381 101.47 -58.39 -72.01
C MET M 381 101.24 -56.88 -71.89
N GLY M 382 100.04 -56.48 -71.52
CA GLY M 382 99.76 -55.08 -71.33
C GLY M 382 100.22 -54.63 -69.96
N GLU M 383 100.68 -53.39 -69.84
CA GLU M 383 100.94 -52.77 -68.54
C GLU M 383 100.01 -51.57 -68.28
N ASN M 384 99.18 -51.68 -67.24
CA ASN M 384 98.23 -50.63 -66.88
C ASN M 384 97.87 -50.71 -65.38
N PRO M 385 97.20 -49.67 -64.86
CA PRO M 385 96.89 -49.69 -63.43
C PRO M 385 96.09 -50.92 -63.00
N PHE M 386 95.17 -51.40 -63.83
CA PHE M 386 94.42 -52.58 -63.41
C PHE M 386 95.36 -53.75 -63.12
N ALA M 387 96.27 -54.04 -64.04
CA ALA M 387 97.20 -55.15 -63.88
C ALA M 387 98.06 -54.98 -62.64
N ALA M 388 98.48 -53.74 -62.37
CA ALA M 388 99.22 -53.43 -61.15
C ALA M 388 98.39 -53.68 -59.89
N MET M 389 97.10 -53.30 -59.93
CA MET M 389 96.23 -53.53 -58.79
C MET M 389 96.06 -55.01 -58.51
N ILE M 390 96.01 -55.82 -59.57
CA ILE M 390 95.94 -57.27 -59.42
C ILE M 390 97.17 -57.78 -58.70
N ALA M 391 98.31 -57.19 -59.04
CA ALA M 391 99.61 -57.58 -58.51
C ALA M 391 99.86 -57.09 -57.08
N CYS M 392 99.17 -56.03 -56.68
CA CYS M 392 99.42 -55.39 -55.39
C CYS M 392 98.37 -55.77 -54.37
N HIS M 393 97.62 -56.83 -54.63
CA HIS M 393 96.72 -57.33 -53.61
C HIS M 393 96.88 -58.83 -53.50
N GLY M 394 96.58 -59.34 -52.32
CA GLY M 394 96.66 -60.76 -52.07
C GLY M 394 95.61 -61.54 -52.83
N LEU M 395 94.37 -61.04 -52.84
CA LEU M 395 93.24 -61.69 -53.51
C LEU M 395 92.46 -60.68 -54.34
N HIS M 396 91.81 -61.16 -55.39
CA HIS M 396 90.89 -60.31 -56.17
C HIS M 396 89.72 -61.14 -56.68
N SER M 397 88.67 -60.46 -57.13
CA SER M 397 87.51 -61.16 -57.69
C SER M 397 86.61 -60.23 -58.47
N GLY M 398 86.12 -60.68 -59.61
CA GLY M 398 85.25 -59.84 -60.42
C GLY M 398 84.97 -60.45 -61.76
N VAL M 399 84.34 -59.67 -62.62
CA VAL M 399 84.06 -60.13 -63.98
C VAL M 399 84.67 -59.18 -65.03
N LEU M 400 85.35 -59.73 -66.02
CA LEU M 400 85.95 -58.94 -67.08
C LEU M 400 85.20 -59.13 -68.36
N ASP M 401 84.84 -58.04 -69.00
CA ASP M 401 84.30 -58.13 -70.35
C ASP M 401 85.49 -58.13 -71.30
N LEU M 402 85.52 -59.08 -72.23
CA LEU M 402 86.60 -59.18 -73.20
C LEU M 402 86.18 -58.75 -74.61
N LYS M 403 87.06 -58.03 -75.29
CA LYS M 403 86.93 -57.80 -76.72
C LYS M 403 88.12 -58.46 -77.38
N LEU M 404 87.87 -59.32 -78.36
CA LEU M 404 88.95 -59.93 -79.13
C LEU M 404 88.97 -59.28 -80.51
N GLN M 405 90.17 -58.90 -80.96
CA GLN M 405 90.35 -58.35 -82.30
C GLN M 405 91.51 -59.04 -82.97
N TRP M 406 91.41 -59.26 -84.28
CA TRP M 406 92.53 -59.86 -85.00
C TRP M 406 92.59 -59.45 -86.46
N SER M 407 93.80 -59.41 -87.00
CA SER M 407 94.04 -59.09 -88.42
C SER M 407 94.65 -60.31 -89.09
N LEU M 408 94.49 -60.41 -90.40
CA LEU M 408 94.97 -61.61 -91.11
C LEU M 408 96.41 -61.49 -91.62
N ASN M 409 97.07 -62.65 -91.68
CA ASN M 409 98.44 -62.76 -92.18
C ASN M 409 98.45 -63.21 -93.64
N THR M 410 97.48 -64.05 -94.00
CA THR M 410 97.30 -64.51 -95.38
C THR M 410 96.25 -63.68 -96.11
N GLU M 411 96.04 -63.95 -97.39
CA GLU M 411 95.04 -63.21 -98.16
C GLU M 411 93.62 -63.52 -97.68
N PHE M 412 92.80 -62.48 -97.59
CA PHE M 412 91.46 -62.63 -97.03
C PHE M 412 90.68 -63.71 -97.75
N GLY M 413 90.82 -63.75 -99.07
CA GLY M 413 90.08 -64.69 -99.87
C GLY M 413 90.46 -66.14 -99.64
N LYS M 414 91.61 -66.36 -99.03
CA LYS M 414 92.10 -67.71 -98.82
C LYS M 414 91.80 -68.18 -97.41
N SER M 415 91.28 -67.26 -96.58
CA SER M 415 91.11 -67.50 -95.15
C SER M 415 90.10 -68.57 -94.83
N SER M 416 90.33 -69.27 -93.72
CA SER M 416 89.41 -70.31 -93.24
C SER M 416 89.61 -70.47 -91.74
N GLY M 417 88.76 -71.26 -91.11
CA GLY M 417 88.92 -71.53 -89.69
C GLY M 417 88.28 -70.48 -88.80
N SER M 418 88.73 -70.44 -87.53
CA SER M 418 88.05 -69.70 -86.46
C SER M 418 88.90 -69.34 -85.25
N VAL M 419 88.51 -68.28 -84.58
CA VAL M 419 88.88 -68.06 -83.19
C VAL M 419 87.71 -68.63 -82.36
N THR M 420 87.96 -69.69 -81.59
CA THR M 420 86.92 -70.32 -80.79
C THR M 420 87.13 -70.06 -79.30
N ILE M 421 86.08 -69.66 -78.62
CA ILE M 421 86.15 -69.44 -77.18
C ILE M 421 85.48 -70.60 -76.46
N THR M 422 86.26 -71.47 -75.86
CA THR M 422 85.68 -72.57 -75.08
C THR M 422 85.32 -72.08 -73.68
N LYS M 423 84.08 -72.28 -73.28
CA LYS M 423 83.66 -71.91 -71.93
C LYS M 423 83.10 -73.14 -71.21
N LEU M 424 83.74 -73.52 -70.12
CA LEU M 424 83.33 -74.69 -69.39
C LEU M 424 83.03 -74.32 -67.96
N VAL M 425 82.50 -75.27 -67.20
CA VAL M 425 82.49 -75.18 -65.74
C VAL M 425 83.17 -76.44 -65.22
N GLY M 426 84.31 -76.26 -64.58
CA GLY M 426 85.10 -77.39 -64.16
C GLY M 426 86.48 -77.31 -64.77
N ASP M 427 86.82 -78.29 -65.61
CA ASP M 427 88.08 -78.29 -66.33
C ASP M 427 87.90 -78.96 -67.68
N LYS M 428 88.96 -78.97 -68.48
CA LYS M 428 88.91 -79.56 -69.82
C LYS M 428 88.46 -81.03 -69.73
N ALA M 429 88.86 -81.74 -68.69
CA ALA M 429 88.60 -83.18 -68.57
C ALA M 429 87.18 -83.61 -68.17
N MET M 430 86.57 -82.92 -67.21
CA MET M 430 85.28 -83.37 -66.65
C MET M 430 84.26 -82.25 -66.59
N GLY M 431 84.53 -81.15 -67.29
CA GLY M 431 83.68 -79.98 -67.22
C GLY M 431 82.32 -80.01 -67.91
N LEU M 432 81.48 -79.03 -67.57
CA LEU M 432 80.19 -78.86 -68.18
C LEU M 432 80.29 -77.77 -69.23
N ASP M 433 79.43 -77.81 -70.24
CA ASP M 433 79.57 -76.90 -71.37
C ASP M 433 78.74 -75.66 -71.20
N GLY M 434 79.39 -74.51 -71.23
CA GLY M 434 78.68 -73.24 -71.10
C GLY M 434 78.52 -72.53 -72.42
N PRO M 435 78.63 -71.19 -72.41
CA PRO M 435 78.47 -70.35 -73.60
C PRO M 435 79.73 -70.29 -74.45
N SER M 436 80.26 -71.46 -74.82
CA SER M 436 81.32 -71.56 -75.82
C SER M 436 80.84 -70.90 -77.12
N HIS M 437 81.78 -70.51 -77.96
CA HIS M 437 81.46 -69.56 -78.99
C HIS M 437 82.45 -69.69 -80.14
N VAL M 438 81.94 -69.85 -81.36
CA VAL M 438 82.79 -70.02 -82.52
C VAL M 438 82.75 -68.76 -83.39
N PHE M 439 83.85 -68.03 -83.41
CA PHE M 439 83.97 -66.89 -84.32
C PHE M 439 84.68 -67.30 -85.60
N ALA M 440 83.95 -67.36 -86.71
CA ALA M 440 84.59 -67.58 -88.00
C ALA M 440 85.70 -66.53 -88.15
N ILE M 441 86.87 -66.95 -88.64
CA ILE M 441 88.03 -66.07 -88.68
C ILE M 441 87.71 -64.77 -89.42
N GLN M 442 86.76 -64.83 -90.34
CA GLN M 442 86.39 -63.66 -91.15
C GLN M 442 85.65 -62.59 -90.37
N LYS M 443 85.14 -62.93 -89.19
CA LYS M 443 84.49 -61.93 -88.33
C LYS M 443 85.51 -60.88 -87.89
N LEU M 444 86.74 -61.31 -87.68
CA LEU M 444 87.83 -60.40 -87.38
C LEU M 444 87.73 -59.76 -85.99
N GLU M 445 86.70 -60.13 -85.23
CA GLU M 445 86.50 -59.69 -83.84
C GLU M 445 85.42 -60.48 -83.14
N GLY M 446 85.45 -60.47 -81.81
CA GLY M 446 84.47 -61.18 -81.02
C GLY M 446 84.48 -60.70 -79.58
N THR M 447 83.41 -60.99 -78.84
CA THR M 447 83.34 -60.61 -77.45
C THR M 447 82.97 -61.78 -76.55
N THR M 448 83.36 -61.68 -75.27
CA THR M 448 82.98 -62.69 -74.29
C THR M 448 83.15 -62.12 -72.86
N GLU M 449 82.55 -62.78 -71.87
CA GLU M 449 82.79 -62.41 -70.48
C GLU M 449 83.76 -63.42 -69.89
N LEU M 450 84.53 -63.01 -68.88
CA LEU M 450 85.39 -63.92 -68.12
C LEU M 450 85.18 -63.77 -66.62
N LEU M 451 84.80 -64.85 -65.95
CA LEU M 451 84.73 -64.79 -64.50
C LEU M 451 86.13 -64.96 -63.94
N VAL M 452 86.61 -63.94 -63.22
CA VAL M 452 87.86 -64.03 -62.48
C VAL M 452 87.54 -64.30 -61.01
N GLY M 453 87.59 -65.57 -60.63
CA GLY M 453 87.12 -66.01 -59.33
C GLY M 453 86.91 -67.51 -59.29
N ASN M 454 86.18 -67.99 -58.28
CA ASN M 454 85.99 -69.42 -58.10
C ASN M 454 85.05 -69.68 -56.95
N PHE M 455 84.74 -70.94 -56.69
CA PHE M 455 83.74 -71.29 -55.68
C PHE M 455 84.05 -70.67 -54.31
N ALA M 456 85.32 -70.46 -54.01
CA ALA M 456 85.70 -69.91 -52.72
C ALA M 456 85.47 -68.39 -52.63
N GLY M 457 85.56 -67.71 -53.76
CA GLY M 457 85.15 -66.32 -53.85
C GLY M 457 86.17 -65.33 -54.38
N ALA M 458 87.43 -65.75 -54.47
CA ALA M 458 88.52 -64.85 -54.86
C ALA M 458 89.74 -65.63 -55.31
N ASN M 459 90.56 -64.99 -56.13
CA ASN M 459 91.79 -65.60 -56.65
C ASN M 459 93.00 -64.98 -55.99
N PRO M 460 94.00 -65.81 -55.67
CA PRO M 460 95.32 -65.33 -55.27
C PRO M 460 96.07 -64.92 -56.51
N ASN M 461 97.16 -64.18 -56.33
CA ASN M 461 97.93 -63.77 -57.50
C ASN M 461 99.02 -64.79 -57.84
N THR M 462 98.66 -66.07 -57.76
CA THR M 462 99.54 -67.17 -58.06
C THR M 462 98.72 -68.23 -58.78
N ARG M 463 99.36 -69.33 -59.15
CA ARG M 463 98.62 -70.47 -59.67
C ARG M 463 97.95 -71.17 -58.48
N PHE M 464 96.73 -71.65 -58.71
CA PHE M 464 95.94 -72.30 -57.67
C PHE M 464 95.00 -73.25 -58.42
N SER M 465 94.38 -74.18 -57.71
CA SER M 465 93.41 -75.06 -58.33
C SER M 465 92.11 -75.08 -57.53
N LEU M 466 91.15 -74.26 -57.93
CA LEU M 466 89.86 -74.22 -57.23
C LEU M 466 88.70 -74.25 -58.24
N TYR M 467 87.80 -75.22 -58.08
CA TYR M 467 86.66 -75.39 -58.99
C TYR M 467 86.02 -74.06 -59.38
N SER M 468 85.92 -73.81 -60.68
CA SER M 468 85.32 -72.57 -61.17
C SER M 468 84.91 -72.73 -62.62
N ARG M 469 84.44 -71.65 -63.22
CA ARG M 469 84.28 -71.60 -64.67
C ARG M 469 85.68 -71.59 -65.33
N TRP M 470 85.74 -71.98 -66.59
CA TRP M 470 87.01 -72.26 -67.24
C TRP M 470 86.93 -71.80 -68.68
N MET M 471 87.91 -71.01 -69.09
CA MET M 471 87.93 -70.47 -70.45
C MET M 471 89.20 -70.80 -71.22
N ALA M 472 89.07 -70.96 -72.52
CA ALA M 472 90.24 -71.15 -73.36
C ALA M 472 90.00 -70.53 -74.74
N ILE M 473 91.06 -70.03 -75.37
CA ILE M 473 90.99 -69.57 -76.75
C ILE M 473 91.63 -70.62 -77.63
N LYS M 474 90.90 -71.08 -78.66
CA LYS M 474 91.37 -72.13 -79.57
C LYS M 474 91.52 -71.61 -81.01
N LEU M 475 92.76 -71.58 -81.48
CA LEU M 475 93.04 -71.23 -82.88
C LEU M 475 93.27 -72.51 -83.71
N ASP M 476 92.70 -72.57 -84.93
CA ASP M 476 92.93 -73.74 -85.78
C ASP M 476 93.72 -73.38 -87.04
N GLN M 477 93.87 -72.08 -87.26
CA GLN M 477 94.55 -71.56 -88.43
C GLN M 477 95.38 -70.40 -87.98
N ALA M 478 96.09 -70.61 -86.88
CA ALA M 478 96.80 -69.52 -86.20
C ALA M 478 97.81 -68.81 -87.09
N LYS M 479 98.44 -69.55 -88.00
CA LYS M 479 99.44 -68.96 -88.89
C LYS M 479 98.84 -67.93 -89.84
N SER M 480 97.51 -67.95 -89.98
CA SER M 480 96.79 -66.97 -90.80
C SER M 480 96.46 -65.70 -90.01
N ILE M 481 96.87 -65.64 -88.76
CA ILE M 481 96.59 -64.47 -87.92
C ILE M 481 97.86 -63.68 -87.68
N LYS M 482 97.86 -62.38 -88.02
CA LYS M 482 99.04 -61.54 -87.77
C LYS M 482 99.13 -61.10 -86.31
N VAL M 483 97.97 -60.84 -85.72
CA VAL M 483 97.85 -60.52 -84.30
C VAL M 483 96.45 -60.80 -83.73
N LEU M 484 96.42 -61.39 -82.54
CA LEU M 484 95.18 -61.57 -81.80
C LEU M 484 95.31 -60.71 -80.57
N ARG M 485 94.50 -59.66 -80.47
CA ARG M 485 94.55 -58.75 -79.33
C ARG M 485 93.38 -59.02 -78.42
N VAL M 486 93.65 -59.09 -77.12
CA VAL M 486 92.60 -59.24 -76.12
C VAL M 486 92.50 -58.02 -75.20
N LEU M 487 91.41 -57.27 -75.30
CA LEU M 487 91.15 -56.14 -74.41
C LEU M 487 90.15 -56.56 -73.34
N CYS M 488 90.24 -55.96 -72.15
CA CYS M 488 89.26 -56.24 -71.10
C CYS M 488 88.78 -54.94 -70.46
N LYS M 489 87.62 -55.03 -69.80
CA LYS M 489 86.96 -53.91 -69.13
C LYS M 489 86.22 -54.45 -67.92
N PRO M 490 86.77 -54.19 -66.73
CA PRO M 490 86.20 -54.77 -65.53
C PRO M 490 84.79 -54.26 -65.30
N ARG M 491 83.86 -55.17 -65.03
CA ARG M 491 82.52 -54.81 -64.61
C ARG M 491 82.56 -54.21 -63.22
N PRO M 492 81.65 -53.28 -62.95
CA PRO M 492 81.60 -52.55 -61.69
C PRO M 492 81.62 -53.52 -60.53
N GLY M 493 82.40 -53.21 -59.50
CA GLY M 493 82.46 -54.05 -58.32
C GLY M 493 83.60 -55.04 -58.36
N PHE M 494 84.56 -54.85 -59.27
CA PHE M 494 85.74 -55.70 -59.28
C PHE M 494 86.53 -55.42 -58.01
N SER M 495 86.71 -56.44 -57.18
CA SER M 495 87.21 -56.25 -55.82
C SER M 495 88.63 -56.77 -55.54
N PHE M 496 89.36 -56.03 -54.71
CA PHE M 496 90.69 -56.41 -54.30
C PHE M 496 90.76 -56.52 -52.80
N TYR M 497 91.51 -57.52 -52.32
CA TYR M 497 91.61 -57.80 -50.88
C TYR M 497 93.07 -57.81 -50.40
N GLY M 498 93.34 -57.11 -49.31
CA GLY M 498 94.66 -57.12 -48.70
C GLY M 498 95.80 -56.47 -49.47
N ARG M 499 95.99 -55.17 -49.27
CA ARG M 499 97.05 -54.45 -50.00
C ARG M 499 98.42 -55.00 -49.67
N THR M 500 99.25 -55.12 -50.70
CA THR M 500 100.58 -55.67 -50.57
C THR M 500 101.47 -55.13 -51.71
N SER M 501 102.58 -55.80 -52.00
CA SER M 501 103.47 -55.37 -53.06
C SER M 501 103.92 -56.54 -53.91
N PHE M 502 104.65 -56.22 -54.98
CA PHE M 502 105.05 -57.22 -55.95
C PHE M 502 106.38 -56.85 -56.62
N PRO M 503 107.49 -57.38 -56.10
CA PRO M 503 108.81 -57.19 -56.68
C PRO M 503 109.04 -58.08 -57.89
N VAL M 504 109.54 -57.48 -58.97
CA VAL M 504 109.97 -58.22 -60.16
C VAL M 504 111.31 -57.72 -60.67
N GLY N 1 38.36 -94.56 -51.64
CA GLY N 1 38.23 -95.99 -51.40
C GLY N 1 39.37 -96.83 -51.94
N LEU N 2 39.40 -98.12 -51.58
CA LEU N 2 40.41 -99.02 -52.13
C LEU N 2 40.29 -99.12 -53.65
N ALA N 3 41.38 -98.77 -54.33
CA ALA N 3 41.35 -98.61 -55.77
C ALA N 3 42.05 -99.73 -56.49
N GLY N 4 43.04 -100.31 -55.83
CA GLY N 4 43.81 -101.40 -56.40
C GLY N 4 44.69 -102.03 -55.37
N ARG N 5 45.21 -103.21 -55.67
CA ARG N 5 46.06 -103.92 -54.72
C ARG N 5 47.04 -104.84 -55.41
N GLY N 6 48.01 -105.32 -54.63
CA GLY N 6 49.06 -106.17 -55.14
C GLY N 6 49.81 -106.83 -53.99
N VAL N 7 50.69 -107.77 -54.32
CA VAL N 7 51.39 -108.53 -53.30
C VAL N 7 52.87 -108.56 -53.58
N ILE N 8 53.67 -108.32 -52.54
CA ILE N 8 55.12 -108.48 -52.63
C ILE N 8 55.55 -109.72 -51.84
N TYR N 9 56.41 -110.57 -52.42
CA TYR N 9 56.89 -111.73 -51.65
C TYR N 9 58.30 -111.48 -51.08
N ILE N 10 58.43 -111.70 -49.77
CA ILE N 10 59.72 -111.56 -49.10
C ILE N 10 60.21 -112.98 -48.82
N PRO N 11 61.48 -113.25 -49.16
CA PRO N 11 62.17 -114.51 -48.84
C PRO N 11 62.59 -114.58 -47.37
N LYS N 12 62.79 -115.77 -46.82
CA LYS N 12 63.17 -115.87 -45.42
C LYS N 12 64.56 -115.27 -45.18
N ASP N 13 65.39 -115.26 -46.22
CA ASP N 13 66.64 -114.51 -46.18
C ASP N 13 66.53 -113.31 -47.12
N CYS N 14 66.12 -112.17 -46.54
CA CYS N 14 66.07 -110.93 -47.28
C CYS N 14 67.40 -110.21 -47.11
N GLN N 15 68.31 -110.42 -48.04
CA GLN N 15 69.64 -109.84 -47.92
C GLN N 15 69.61 -108.40 -48.44
N ALA N 16 70.55 -107.57 -48.01
CA ALA N 16 70.63 -106.20 -48.54
C ALA N 16 70.79 -106.24 -50.05
N ASN N 17 69.94 -105.47 -50.73
CA ASN N 17 69.94 -105.35 -52.20
C ASN N 17 69.06 -106.31 -52.97
N ARG N 18 68.35 -107.20 -52.27
CA ARG N 18 67.44 -108.09 -52.99
C ARG N 18 66.37 -107.32 -53.73
N TYR N 19 66.09 -107.72 -54.97
CA TYR N 19 64.91 -107.20 -55.65
C TYR N 19 63.66 -108.02 -55.29
N LEU N 20 62.60 -107.35 -54.82
CA LEU N 20 61.42 -108.06 -54.27
C LEU N 20 60.27 -108.14 -55.25
N GLY N 21 60.20 -107.17 -56.16
CA GLY N 21 59.21 -107.18 -57.21
C GLY N 21 58.78 -105.81 -57.65
N THR N 22 58.00 -105.76 -58.72
CA THR N 22 57.46 -104.50 -59.20
C THR N 22 55.96 -104.62 -59.35
N LEU N 23 55.23 -103.63 -58.86
CA LEU N 23 53.80 -103.57 -59.10
C LEU N 23 53.52 -102.51 -60.15
N ASN N 24 52.62 -102.82 -61.05
CA ASN N 24 52.25 -101.87 -62.08
C ASN N 24 51.00 -101.11 -61.62
N ILE N 25 51.12 -99.80 -61.38
CA ILE N 25 50.05 -99.05 -60.74
C ILE N 25 48.76 -99.17 -61.50
N ARG N 26 48.82 -99.13 -62.82
CA ARG N 26 47.57 -99.17 -63.56
C ARG N 26 46.96 -100.57 -63.56
N ASP N 27 47.81 -101.58 -63.60
CA ASP N 27 47.34 -102.96 -63.47
C ASP N 27 46.72 -103.24 -62.10
N MET N 28 47.28 -102.68 -61.03
CA MET N 28 46.70 -102.85 -59.71
C MET N 28 45.25 -102.38 -59.68
N ILE N 29 44.98 -101.28 -60.36
CA ILE N 29 43.63 -100.72 -60.39
C ILE N 29 42.71 -101.51 -61.34
N SER N 30 43.25 -101.94 -62.48
CA SER N 30 42.43 -102.62 -63.46
C SER N 30 42.19 -104.10 -63.16
N ASP N 31 43.11 -104.74 -62.47
CA ASP N 31 42.92 -106.14 -62.08
C ASP N 31 41.92 -106.25 -60.96
N PHE N 32 41.87 -105.21 -60.15
CA PHE N 32 40.95 -105.14 -59.02
C PHE N 32 39.52 -104.91 -59.53
N LYS N 33 39.30 -103.78 -60.19
CA LYS N 33 38.19 -103.62 -61.11
C LYS N 33 36.80 -103.75 -60.49
N GLY N 34 36.52 -103.14 -59.33
CA GLY N 34 37.12 -101.91 -58.86
C GLY N 34 35.98 -100.90 -59.00
N VAL N 35 35.42 -100.38 -57.90
CA VAL N 35 34.50 -99.22 -58.04
C VAL N 35 35.24 -98.03 -58.65
N GLN N 36 36.48 -97.84 -58.22
CA GLN N 36 37.31 -96.74 -58.73
C GLN N 36 37.73 -96.96 -60.17
N TYR N 37 38.08 -98.21 -60.52
CA TYR N 37 38.38 -98.54 -61.92
C TYR N 37 37.21 -98.17 -62.83
N GLU N 38 35.99 -98.48 -62.40
CA GLU N 38 34.83 -98.20 -63.22
C GLU N 38 34.53 -96.71 -63.32
N LYS N 39 34.78 -95.96 -62.24
CA LYS N 39 34.65 -94.51 -62.32
C LYS N 39 35.66 -93.94 -63.32
N TRP N 40 36.81 -94.62 -63.44
CA TRP N 40 37.91 -94.19 -64.28
C TRP N 40 37.54 -94.28 -65.75
N ILE N 41 36.94 -95.41 -66.13
CA ILE N 41 36.48 -95.59 -67.51
C ILE N 41 35.60 -94.45 -67.99
N THR N 42 34.76 -93.92 -67.11
CA THR N 42 33.85 -92.84 -67.46
C THR N 42 34.54 -91.49 -67.52
N ALA N 43 35.50 -91.30 -66.62
CA ALA N 43 36.27 -90.07 -66.58
C ALA N 43 37.14 -89.95 -67.82
N GLY N 44 37.71 -91.08 -68.24
CA GLY N 44 38.71 -91.09 -69.28
C GLY N 44 40.07 -90.80 -68.71
N LEU N 45 40.27 -89.55 -68.29
CA LEU N 45 41.51 -89.09 -67.67
C LEU N 45 41.41 -88.92 -66.16
N VAL N 46 42.39 -89.39 -65.41
CA VAL N 46 42.44 -89.13 -63.97
C VAL N 46 43.83 -88.58 -63.53
N MET N 47 43.83 -87.68 -62.55
CA MET N 47 45.07 -87.16 -61.97
C MET N 47 45.13 -87.42 -60.45
N PRO N 48 45.12 -88.69 -60.06
CA PRO N 48 44.78 -89.07 -58.69
C PRO N 48 45.70 -88.49 -57.63
N THR N 49 45.18 -88.37 -56.42
CA THR N 49 46.03 -88.32 -55.25
C THR N 49 45.88 -89.67 -54.56
N PHE N 50 46.92 -90.48 -54.62
CA PHE N 50 46.89 -91.82 -54.04
C PHE N 50 47.38 -91.79 -52.61
N LYS N 51 46.78 -92.64 -51.79
CA LYS N 51 47.38 -93.02 -50.51
C LYS N 51 47.85 -94.45 -50.73
N ILE N 52 49.15 -94.66 -50.65
CA ILE N 52 49.70 -96.00 -50.75
C ILE N 52 49.87 -96.56 -49.35
N VAL N 53 49.38 -97.78 -49.14
CA VAL N 53 49.51 -98.42 -47.83
C VAL N 53 50.17 -99.76 -48.03
N ILE N 54 51.27 -99.99 -47.32
CA ILE N 54 51.93 -101.30 -47.32
C ILE N 54 51.68 -102.01 -46.00
N ARG N 55 50.90 -103.09 -46.04
CA ARG N 55 50.59 -103.86 -44.84
C ARG N 55 51.61 -104.98 -44.62
N LEU N 56 52.02 -105.08 -43.37
CA LEU N 56 53.40 -105.43 -43.06
C LEU N 56 53.40 -105.66 -41.55
N PRO N 57 53.77 -106.85 -41.11
CA PRO N 57 53.75 -107.11 -39.66
C PRO N 57 54.93 -106.43 -38.99
N ALA N 58 54.65 -105.55 -38.04
CA ALA N 58 55.72 -104.84 -37.35
C ALA N 58 56.62 -105.79 -36.57
N ASN N 59 57.92 -105.56 -36.64
CA ASN N 59 58.86 -106.42 -35.94
C ASN N 59 60.18 -105.70 -35.65
N ALA N 60 60.55 -105.68 -34.38
CA ALA N 60 61.77 -104.96 -34.02
C ALA N 60 63.01 -105.85 -34.00
N PHE N 61 62.87 -107.10 -34.42
CA PHE N 61 63.93 -108.07 -34.22
C PHE N 61 64.59 -108.54 -35.51
N THR N 62 64.44 -107.76 -36.58
CA THR N 62 64.99 -108.19 -37.87
C THR N 62 66.03 -107.24 -38.43
N GLY N 63 65.80 -105.94 -38.30
CA GLY N 63 66.73 -104.96 -38.85
C GLY N 63 66.41 -104.63 -40.29
N LEU N 64 65.35 -105.23 -40.81
CA LEU N 64 64.94 -105.07 -42.21
C LEU N 64 64.45 -103.66 -42.51
N THR N 65 64.98 -103.10 -43.58
CA THR N 65 64.49 -101.83 -44.13
C THR N 65 64.33 -101.98 -45.64
N TRP N 66 63.17 -101.57 -46.17
CA TRP N 66 62.89 -101.70 -47.59
C TRP N 66 62.75 -100.34 -48.20
N VAL N 67 62.82 -100.27 -49.52
CA VAL N 67 62.58 -99.02 -50.23
C VAL N 67 61.49 -99.21 -51.28
N MET N 68 60.43 -98.40 -51.19
CA MET N 68 59.47 -98.32 -52.27
C MET N 68 59.88 -97.17 -53.18
N SER N 69 60.09 -97.47 -54.47
CA SER N 69 60.55 -96.46 -55.41
C SER N 69 59.43 -96.20 -56.42
N PHE N 70 59.02 -94.95 -56.54
CA PHE N 70 58.00 -94.55 -57.52
C PHE N 70 58.66 -94.20 -58.86
N ASP N 71 58.57 -95.15 -59.79
CA ASP N 71 59.18 -94.99 -61.10
C ASP N 71 58.13 -94.75 -62.17
N ALA N 72 57.60 -93.54 -62.26
CA ALA N 72 56.46 -93.30 -63.15
C ALA N 72 56.83 -93.45 -64.62
N TYR N 73 58.12 -93.32 -64.94
CA TYR N 73 58.55 -93.31 -66.32
C TYR N 73 59.45 -94.48 -66.67
N ASN N 74 59.43 -95.49 -65.81
CA ASN N 74 60.07 -96.76 -66.11
C ASN N 74 61.55 -96.62 -66.42
N ARG N 75 62.25 -95.86 -65.59
CA ARG N 75 63.66 -95.48 -65.82
C ARG N 75 64.71 -96.36 -65.14
N ILE N 76 64.38 -96.96 -63.99
CA ILE N 76 65.35 -97.83 -63.31
C ILE N 76 65.03 -99.33 -63.39
N THR N 77 63.81 -99.64 -63.82
CA THR N 77 63.35 -101.03 -63.86
C THR N 77 64.33 -102.06 -64.45
N SER N 78 64.80 -101.81 -65.67
CA SER N 78 65.70 -102.75 -66.37
C SER N 78 66.93 -103.08 -65.54
N ARG N 79 67.38 -102.13 -64.72
CA ARG N 79 68.67 -102.28 -64.04
C ARG N 79 68.58 -102.80 -62.61
N ILE N 80 67.35 -103.08 -62.13
CA ILE N 80 67.21 -103.55 -60.76
C ILE N 80 66.61 -104.94 -60.59
N THR N 81 66.37 -105.66 -61.67
CA THR N 81 65.60 -106.90 -61.57
C THR N 81 66.43 -108.13 -61.15
N ALA N 82 67.76 -108.07 -61.31
CA ALA N 82 68.62 -109.12 -60.79
C ALA N 82 69.01 -108.72 -59.37
N SER N 83 69.60 -107.54 -59.27
CA SER N 83 70.00 -106.98 -57.99
C SER N 83 69.85 -105.46 -57.98
N ALA N 84 69.22 -104.94 -56.92
CA ALA N 84 68.88 -103.54 -56.82
C ALA N 84 69.91 -102.71 -56.06
N ASP N 85 70.89 -102.15 -56.77
CA ASP N 85 71.81 -101.20 -56.15
C ASP N 85 71.05 -100.00 -55.58
N PRO N 86 71.35 -99.61 -54.33
CA PRO N 86 70.67 -98.44 -53.77
C PRO N 86 70.80 -97.17 -54.62
N VAL N 87 71.91 -97.02 -55.37
CA VAL N 87 72.06 -95.84 -56.23
C VAL N 87 70.92 -95.71 -57.22
N TYR N 88 70.44 -96.84 -57.76
CA TYR N 88 69.26 -96.81 -58.62
C TYR N 88 67.98 -96.55 -57.84
N THR N 89 67.77 -97.31 -56.77
CA THR N 89 66.49 -97.31 -56.09
C THR N 89 66.22 -96.00 -55.39
N LEU N 90 67.28 -95.27 -55.07
CA LEU N 90 67.14 -93.95 -54.41
C LEU N 90 67.23 -92.74 -55.37
N SER N 91 67.38 -93.02 -56.67
CA SER N 91 67.52 -91.97 -57.66
C SER N 91 66.20 -91.42 -58.18
N VAL N 92 65.10 -92.06 -57.77
CA VAL N 92 63.75 -91.60 -58.09
C VAL N 92 63.00 -91.36 -56.80
N PRO N 93 61.85 -90.70 -56.85
CA PRO N 93 61.08 -90.51 -55.60
C PRO N 93 60.89 -91.83 -54.87
N HIS N 94 61.14 -91.84 -53.57
CA HIS N 94 61.16 -93.07 -52.82
C HIS N 94 60.89 -92.88 -51.33
N TRP N 95 60.64 -93.98 -50.65
CA TRP N 95 60.29 -93.95 -49.25
C TRP N 95 60.97 -95.09 -48.53
N LEU N 96 61.49 -94.82 -47.33
CA LEU N 96 62.06 -95.89 -46.52
C LEU N 96 60.96 -96.58 -45.71
N ILE N 97 60.97 -97.89 -45.73
CA ILE N 97 60.00 -98.66 -44.97
C ILE N 97 60.74 -99.44 -43.90
N HIS N 98 60.60 -98.99 -42.66
CA HIS N 98 61.24 -99.66 -41.53
C HIS N 98 60.37 -100.75 -40.92
N HIS N 99 60.96 -101.93 -40.77
CA HIS N 99 60.22 -103.09 -40.29
C HIS N 99 59.72 -102.84 -38.87
N LYS N 100 60.50 -102.09 -38.09
CA LYS N 100 60.13 -101.87 -36.70
C LYS N 100 58.83 -101.06 -36.60
N LEU N 101 58.50 -100.31 -37.64
CA LEU N 101 57.32 -99.42 -37.60
C LEU N 101 56.06 -100.07 -38.16
N GLY N 102 56.21 -101.30 -38.67
CA GLY N 102 55.08 -102.01 -39.23
C GLY N 102 54.45 -101.35 -40.44
N THR N 103 53.11 -101.36 -40.47
CA THR N 103 52.35 -100.88 -41.62
C THR N 103 52.73 -99.44 -41.99
N PHE N 104 53.00 -99.24 -43.28
CA PHE N 104 53.53 -98.00 -43.81
C PHE N 104 52.53 -97.31 -44.69
N SER N 105 52.53 -95.98 -44.67
CA SER N 105 51.64 -95.23 -45.53
C SER N 105 52.31 -93.94 -46.05
N CYS N 106 51.93 -93.51 -47.26
CA CYS N 106 52.41 -92.24 -47.80
C CYS N 106 51.46 -91.70 -48.87
N GLU N 107 51.59 -90.42 -49.23
CA GLU N 107 50.77 -89.83 -50.27
C GLU N 107 51.56 -89.55 -51.52
N ILE N 108 50.95 -89.85 -52.65
CA ILE N 108 51.58 -89.56 -53.92
C ILE N 108 50.62 -88.66 -54.66
N ASP N 109 50.99 -87.40 -54.82
CA ASP N 109 50.22 -86.49 -55.67
C ASP N 109 50.69 -86.73 -57.10
N TYR N 110 49.91 -87.47 -57.85
CA TYR N 110 50.33 -87.91 -59.16
C TYR N 110 50.56 -86.71 -60.06
N GLY N 111 49.88 -85.61 -59.75
CA GLY N 111 50.10 -84.37 -60.45
C GLY N 111 51.53 -83.84 -60.36
N GLU N 112 52.14 -83.98 -59.18
CA GLU N 112 53.52 -83.55 -58.97
C GLU N 112 54.52 -84.63 -59.34
N LEU N 113 54.47 -85.76 -58.66
CA LEU N 113 55.44 -86.83 -58.85
C LEU N 113 55.47 -87.43 -60.25
N CYS N 114 54.36 -87.29 -60.96
CA CYS N 114 54.32 -87.83 -62.31
C CYS N 114 54.18 -86.76 -63.38
N GLY N 115 53.08 -86.00 -63.35
CA GLY N 115 52.94 -84.86 -64.25
C GLY N 115 51.96 -84.99 -65.40
N HIS N 116 51.64 -86.21 -65.81
CA HIS N 116 50.62 -86.38 -66.84
C HIS N 116 49.48 -87.28 -66.36
N ALA N 117 48.27 -87.01 -66.84
CA ALA N 117 47.08 -87.73 -66.42
C ALA N 117 46.96 -89.10 -67.06
N MET N 118 46.41 -90.05 -66.29
CA MET N 118 46.29 -91.44 -66.73
C MET N 118 45.06 -91.72 -67.60
N TRP N 119 45.30 -92.35 -68.74
CA TRP N 119 44.25 -92.67 -69.68
C TRP N 119 43.74 -94.10 -69.40
N PHE N 120 42.43 -94.25 -69.25
CA PHE N 120 41.86 -95.52 -68.80
C PHE N 120 42.18 -96.74 -69.66
N LYS N 121 42.32 -96.53 -70.97
CA LYS N 121 42.41 -97.64 -71.92
C LYS N 121 43.82 -98.15 -72.21
N SER N 122 44.82 -97.28 -72.04
CA SER N 122 46.18 -97.66 -72.37
C SER N 122 47.19 -96.70 -71.80
N THR N 123 48.41 -97.19 -71.65
CA THR N 123 49.50 -96.37 -71.20
C THR N 123 49.78 -95.29 -72.25
N THR N 124 49.91 -94.04 -71.81
CA THR N 124 50.23 -92.94 -72.72
C THR N 124 51.74 -92.89 -73.05
N PHE N 125 52.56 -92.61 -72.06
CA PHE N 125 53.98 -92.58 -72.31
C PHE N 125 54.64 -93.88 -71.90
N GLU N 126 55.01 -93.97 -70.62
CA GLU N 126 55.42 -95.27 -70.15
C GLU N 126 54.50 -95.63 -69.00
N SER N 127 54.53 -96.91 -68.63
CA SER N 127 53.66 -97.47 -67.59
C SER N 127 54.24 -97.32 -66.18
N PRO N 128 53.55 -96.58 -65.30
CA PRO N 128 54.04 -96.22 -63.94
C PRO N 128 54.19 -97.42 -63.01
N ARG N 129 55.37 -97.56 -62.41
CA ARG N 129 55.67 -98.72 -61.56
C ARG N 129 56.02 -98.37 -60.11
N LEU N 130 55.71 -99.29 -59.19
CA LEU N 130 56.28 -99.22 -57.85
C LEU N 130 57.27 -100.36 -57.68
N HIS N 131 58.53 -100.04 -57.36
CA HIS N 131 59.55 -101.08 -57.11
C HIS N 131 59.81 -101.30 -55.61
N PHE N 132 59.90 -102.56 -55.22
CA PHE N 132 60.17 -102.87 -53.83
C PHE N 132 61.49 -103.62 -53.69
N THR N 133 62.42 -102.99 -52.99
CA THR N 133 63.77 -103.52 -52.84
C THR N 133 64.13 -103.53 -51.38
N CYS N 134 65.13 -104.33 -51.03
CA CYS N 134 65.60 -104.37 -49.67
C CYS N 134 66.88 -103.52 -49.51
N LEU N 135 66.83 -102.52 -48.64
CA LEU N 135 67.93 -101.55 -48.47
C LEU N 135 68.96 -102.07 -47.49
N THR N 136 68.47 -102.51 -46.32
CA THR N 136 69.28 -103.19 -45.30
C THR N 136 68.66 -104.55 -45.00
N GLY N 137 69.48 -105.60 -44.98
CA GLY N 137 68.99 -106.95 -44.79
C GLY N 137 68.68 -107.34 -43.35
N ASN N 138 68.08 -108.51 -43.18
CA ASN N 138 67.80 -109.04 -41.86
C ASN N 138 69.08 -109.55 -41.22
N ASN N 139 69.14 -109.50 -39.90
CA ASN N 139 70.36 -109.82 -39.17
C ASN N 139 70.68 -111.30 -39.24
N LYS N 140 69.62 -112.10 -39.35
CA LYS N 140 69.66 -113.54 -39.58
C LYS N 140 68.38 -113.85 -40.33
N GLU N 141 68.34 -114.96 -41.05
CA GLU N 141 67.13 -115.26 -41.79
C GLU N 141 65.94 -115.45 -40.84
N LEU N 142 64.74 -115.23 -41.37
CA LEU N 142 63.54 -115.43 -40.58
C LEU N 142 63.12 -116.90 -40.64
N ALA N 143 62.00 -117.22 -39.99
CA ALA N 143 61.57 -118.61 -39.90
C ALA N 143 61.04 -119.16 -41.23
N ALA N 144 60.40 -118.32 -42.03
CA ALA N 144 59.81 -118.78 -43.29
C ALA N 144 59.59 -117.64 -44.27
N ASP N 145 59.34 -117.98 -45.53
CA ASP N 145 58.90 -117.00 -46.51
C ASP N 145 57.59 -116.34 -46.08
N TRP N 146 57.40 -115.09 -46.47
CA TRP N 146 56.18 -114.36 -46.16
C TRP N 146 55.80 -113.37 -47.26
N GLN N 147 54.74 -112.60 -47.04
CA GLN N 147 54.35 -111.61 -48.01
C GLN N 147 53.86 -110.32 -47.35
N ALA N 148 53.89 -109.24 -48.10
CA ALA N 148 53.32 -107.96 -47.66
C ALA N 148 52.28 -107.56 -48.69
N VAL N 149 51.29 -106.79 -48.27
CA VAL N 149 50.24 -106.38 -49.19
C VAL N 149 50.37 -104.89 -49.48
N VAL N 150 50.28 -104.52 -50.77
CA VAL N 150 50.33 -103.11 -51.16
C VAL N 150 48.95 -102.65 -51.62
N GLU N 151 48.46 -101.53 -51.07
CA GLU N 151 47.11 -101.05 -51.41
C GLU N 151 47.11 -99.59 -51.88
N LEU N 152 46.36 -99.33 -52.95
CA LEU N 152 46.17 -97.97 -53.45
C LEU N 152 44.80 -97.43 -53.07
N TYR N 153 44.76 -96.34 -52.32
CA TYR N 153 43.48 -95.71 -51.99
C TYR N 153 43.39 -94.42 -52.74
N ALA N 154 42.23 -94.16 -53.34
CA ALA N 154 42.03 -92.94 -54.12
C ALA N 154 40.55 -92.69 -54.35
N GLU N 155 40.19 -91.44 -54.54
CA GLU N 155 38.85 -91.10 -55.01
C GLU N 155 39.03 -90.48 -56.39
N LEU N 156 38.99 -91.32 -57.42
CA LEU N 156 39.26 -90.87 -58.78
C LEU N 156 38.18 -89.95 -59.31
N GLU N 157 38.58 -88.78 -59.79
CA GLU N 157 37.67 -87.91 -60.51
C GLU N 157 38.27 -87.46 -61.82
N GLU N 158 37.41 -87.04 -62.75
CA GLU N 158 37.85 -86.69 -64.10
C GLU N 158 38.85 -85.56 -64.07
N ALA N 159 39.93 -85.73 -64.82
CA ALA N 159 40.98 -84.73 -64.93
C ALA N 159 40.62 -83.66 -65.94
N THR N 160 40.85 -82.42 -65.55
CA THR N 160 40.48 -81.28 -66.36
C THR N 160 41.57 -81.00 -67.43
N SER N 161 42.83 -81.25 -67.11
CA SER N 161 43.94 -80.97 -68.02
C SER N 161 44.81 -82.19 -68.21
N PHE N 162 45.57 -82.23 -69.31
CA PHE N 162 46.50 -83.33 -69.51
C PHE N 162 47.68 -83.24 -68.59
N LEU N 163 48.22 -82.03 -68.44
CA LEU N 163 49.44 -81.79 -67.72
C LEU N 163 49.20 -81.35 -66.28
N GLY N 164 50.09 -81.77 -65.38
CA GLY N 164 50.05 -81.35 -64.00
C GLY N 164 50.62 -79.95 -63.85
N LYS N 165 51.10 -79.63 -62.64
CA LYS N 165 51.84 -78.41 -62.43
C LYS N 165 53.30 -78.83 -62.46
N PRO N 166 54.18 -77.99 -63.07
CA PRO N 166 55.59 -78.35 -63.27
C PRO N 166 56.33 -78.45 -61.95
N THR N 167 56.99 -79.57 -61.71
CA THR N 167 57.86 -79.78 -60.56
C THR N 167 59.00 -78.74 -60.54
N LEU N 168 59.46 -78.33 -61.71
CA LEU N 168 60.65 -77.47 -61.80
C LEU N 168 60.60 -76.53 -63.00
N VAL N 169 60.99 -75.28 -62.80
CA VAL N 169 61.12 -74.37 -63.94
C VAL N 169 62.56 -73.89 -64.11
N PHE N 170 63.09 -73.99 -65.32
CA PHE N 170 64.51 -73.74 -65.51
C PHE N 170 64.94 -72.34 -65.17
N ASP N 171 65.97 -72.26 -64.33
CA ASP N 171 66.56 -71.01 -63.88
C ASP N 171 67.95 -71.30 -63.32
N PRO N 172 68.99 -70.77 -63.98
CA PRO N 172 70.42 -71.01 -63.70
C PRO N 172 70.77 -70.50 -62.33
N GLY N 173 70.19 -69.35 -62.00
CA GLY N 173 70.52 -68.63 -60.78
C GLY N 173 69.69 -69.08 -59.59
N VAL N 174 69.04 -70.23 -59.69
CA VAL N 174 68.19 -70.68 -58.60
C VAL N 174 68.31 -72.16 -58.26
N PHE N 175 69.08 -72.35 -57.20
CA PHE N 175 69.21 -73.56 -56.41
C PHE N 175 69.11 -73.09 -54.97
N ASN N 176 67.94 -73.25 -54.35
CA ASN N 176 67.70 -72.80 -52.97
C ASN N 176 68.70 -73.34 -51.97
N GLY N 177 68.85 -74.66 -51.93
CA GLY N 177 69.65 -75.30 -50.91
C GLY N 177 68.81 -76.32 -50.16
N LYS N 178 67.51 -76.36 -50.46
CA LYS N 178 66.61 -77.39 -49.95
C LYS N 178 66.56 -78.60 -50.92
N PHE N 179 66.50 -79.81 -50.39
CA PHE N 179 66.44 -81.00 -51.23
C PHE N 179 65.18 -81.82 -50.93
N GLN N 180 64.74 -82.61 -51.89
CA GLN N 180 63.82 -83.71 -51.61
C GLN N 180 64.38 -85.01 -52.16
N PHE N 181 64.06 -86.11 -51.50
CA PHE N 181 64.48 -87.44 -51.92
C PHE N 181 65.98 -87.62 -52.07
N LEU N 182 66.75 -86.97 -51.21
CA LEU N 182 68.20 -87.13 -51.19
C LEU N 182 68.59 -88.07 -50.07
N THR N 183 68.73 -89.35 -50.43
CA THR N 183 69.07 -90.40 -49.49
C THR N 183 70.41 -91.03 -49.89
N CYS N 184 71.32 -91.14 -48.92
CA CYS N 184 72.62 -91.74 -49.17
C CYS N 184 72.51 -93.24 -49.02
N PRO N 185 73.18 -93.99 -49.89
CA PRO N 185 73.24 -95.44 -49.69
C PRO N 185 73.74 -95.78 -48.30
N PRO N 186 73.35 -96.94 -47.79
CA PRO N 186 73.64 -97.33 -46.41
C PRO N 186 75.13 -97.39 -46.14
N ILE N 187 75.50 -96.95 -44.94
CA ILE N 187 76.85 -97.00 -44.44
C ILE N 187 76.90 -98.15 -43.41
N PHE N 188 77.95 -98.97 -43.43
CA PHE N 188 77.97 -100.14 -42.53
C PHE N 188 79.12 -100.14 -41.51
N PHE N 189 78.82 -100.57 -40.28
CA PHE N 189 79.82 -100.71 -39.23
C PHE N 189 79.94 -102.15 -38.79
N ASP N 190 81.18 -102.66 -38.75
CA ASP N 190 81.44 -104.02 -38.27
C ASP N 190 81.44 -104.04 -36.75
N LEU N 191 80.96 -105.13 -36.17
CA LEU N 191 80.97 -105.19 -34.71
C LEU N 191 82.26 -105.83 -34.20
N THR N 192 83.13 -106.18 -35.13
CA THR N 192 84.43 -106.72 -34.78
C THR N 192 85.46 -105.62 -34.67
N ALA N 193 84.98 -104.41 -34.53
CA ALA N 193 85.85 -103.24 -34.49
C ALA N 193 85.48 -102.31 -33.35
N VAL N 194 86.44 -102.06 -32.48
CA VAL N 194 86.17 -101.24 -31.31
C VAL N 194 85.84 -99.78 -31.63
N THR N 195 86.47 -99.22 -32.67
CA THR N 195 86.05 -97.93 -33.24
C THR N 195 86.13 -98.01 -34.74
N ALA N 196 85.53 -97.03 -35.41
CA ALA N 196 85.58 -97.00 -36.87
C ALA N 196 85.17 -95.66 -37.44
N LEU N 197 85.59 -95.42 -38.67
CA LEU N 197 85.20 -94.23 -39.37
C LEU N 197 84.50 -94.60 -40.66
N ARG N 198 83.41 -93.89 -40.97
CA ARG N 198 82.84 -93.94 -42.31
C ARG N 198 82.63 -92.54 -42.85
N SER N 199 83.22 -92.27 -44.02
CA SER N 199 83.05 -90.97 -44.67
C SER N 199 81.89 -90.93 -45.66
N ALA N 200 81.18 -89.81 -45.67
CA ALA N 200 80.24 -89.52 -46.75
C ALA N 200 80.71 -88.23 -47.43
N GLY N 201 80.98 -88.30 -48.73
CA GLY N 201 81.42 -87.12 -49.47
C GLY N 201 80.33 -86.06 -49.50
N LEU N 202 80.74 -84.79 -49.48
CA LEU N 202 79.77 -83.70 -49.54
C LEU N 202 79.86 -82.96 -50.86
N THR N 203 80.57 -83.55 -51.81
CA THR N 203 80.65 -83.02 -53.16
C THR N 203 79.41 -83.47 -53.97
N LEU N 204 78.28 -82.86 -53.65
CA LEU N 204 76.97 -83.39 -54.03
C LEU N 204 76.62 -83.23 -55.50
N GLY N 205 77.44 -82.53 -56.27
CA GLY N 205 77.18 -82.37 -57.69
C GLY N 205 77.72 -83.52 -58.52
N GLN N 206 78.45 -84.39 -57.84
CA GLN N 206 79.12 -85.53 -58.50
C GLN N 206 78.06 -86.50 -58.92
N VAL N 207 78.16 -87.04 -60.13
CA VAL N 207 77.15 -88.00 -60.59
C VAL N 207 77.48 -89.40 -60.08
N PRO N 208 76.52 -90.02 -59.39
CA PRO N 208 76.69 -91.34 -58.75
C PRO N 208 76.89 -92.42 -59.78
N MET N 209 77.59 -93.48 -59.42
CA MET N 209 77.84 -94.55 -60.37
C MET N 209 77.58 -95.95 -59.81
N VAL N 210 77.24 -96.85 -60.72
CA VAL N 210 77.08 -98.25 -60.39
C VAL N 210 77.89 -99.00 -61.42
N GLY N 211 79.09 -99.40 -61.05
CA GLY N 211 80.04 -99.92 -62.01
C GLY N 211 80.45 -98.85 -63.00
N THR N 212 80.26 -99.11 -64.28
CA THR N 212 80.61 -98.14 -65.29
C THR N 212 79.40 -97.27 -65.66
N THR N 213 78.25 -97.56 -65.04
CA THR N 213 77.01 -96.85 -65.34
C THR N 213 76.82 -95.56 -64.55
N LYS N 214 76.71 -94.43 -65.25
CA LYS N 214 76.42 -93.15 -64.61
C LYS N 214 74.90 -93.07 -64.35
N VAL N 215 74.51 -92.70 -63.12
CA VAL N 215 73.09 -92.51 -62.81
C VAL N 215 72.77 -91.03 -62.58
N TYR N 216 72.42 -90.32 -63.66
CA TYR N 216 72.07 -88.92 -63.55
C TYR N 216 70.79 -88.80 -62.73
N ASN N 217 70.77 -87.85 -61.80
CA ASN N 217 69.57 -87.61 -61.00
C ASN N 217 69.38 -86.15 -60.68
N LEU N 218 68.16 -85.76 -60.33
CA LEU N 218 67.85 -84.34 -60.17
C LEU N 218 68.68 -83.65 -59.08
N ASN N 219 68.90 -84.33 -57.97
CA ASN N 219 69.63 -83.68 -56.87
C ASN N 219 71.05 -83.29 -57.25
N SER N 220 71.82 -84.23 -57.80
CA SER N 220 73.19 -83.88 -58.20
C SER N 220 73.15 -82.82 -59.29
N THR N 221 72.14 -82.91 -60.16
CA THR N 221 72.01 -81.93 -61.22
C THR N 221 71.77 -80.53 -60.62
N LEU N 222 70.90 -80.43 -59.62
CA LEU N 222 70.68 -79.15 -58.95
C LEU N 222 71.95 -78.56 -58.35
N VAL N 223 72.65 -79.36 -57.56
CA VAL N 223 73.88 -78.90 -56.95
C VAL N 223 74.89 -78.41 -58.01
N SER N 224 74.91 -79.03 -59.19
CA SER N 224 75.86 -78.64 -60.23
C SER N 224 75.58 -77.25 -60.77
N CYS N 225 74.41 -76.71 -60.44
CA CYS N 225 74.01 -75.37 -60.89
C CYS N 225 74.70 -74.27 -60.13
N VAL N 226 75.54 -74.67 -59.20
CA VAL N 226 76.26 -73.80 -58.30
C VAL N 226 77.76 -74.16 -58.36
N LEU N 227 78.66 -73.25 -57.96
CA LEU N 227 80.09 -73.57 -58.03
C LEU N 227 80.54 -74.31 -56.77
N GLY N 228 79.86 -74.04 -55.66
CA GLY N 228 80.15 -74.69 -54.38
C GLY N 228 79.19 -74.19 -53.31
N MET N 229 79.29 -74.76 -52.11
CA MET N 229 78.36 -74.44 -51.05
C MET N 229 79.01 -74.63 -49.70
N GLY N 230 78.58 -73.79 -48.75
CA GLY N 230 78.98 -73.91 -47.37
C GLY N 230 77.75 -73.76 -46.52
N GLY N 231 77.88 -73.99 -45.23
CA GLY N 231 76.72 -73.85 -44.38
C GLY N 231 76.57 -75.05 -43.51
N THR N 232 75.35 -75.30 -43.09
CA THR N 232 75.07 -76.42 -42.21
C THR N 232 74.22 -77.47 -42.91
N VAL N 233 74.68 -78.72 -42.88
CA VAL N 233 73.92 -79.85 -43.39
C VAL N 233 72.85 -80.29 -42.36
N ARG N 234 71.57 -80.13 -42.70
CA ARG N 234 70.50 -80.62 -41.83
C ARG N 234 70.02 -81.93 -42.42
N GLY N 235 70.00 -82.98 -41.62
CA GLY N 235 69.53 -84.26 -42.11
C GLY N 235 68.94 -85.16 -41.05
N ARG N 236 68.68 -86.41 -41.41
CA ARG N 236 68.16 -87.40 -40.49
C ARG N 236 69.03 -88.63 -40.57
N VAL N 237 69.21 -89.29 -39.45
CA VAL N 237 69.97 -90.53 -39.40
C VAL N 237 69.04 -91.66 -39.00
N HIS N 238 69.06 -92.75 -39.75
CA HIS N 238 68.32 -93.94 -39.36
C HIS N 238 69.23 -95.08 -39.00
N ILE N 239 69.02 -95.64 -37.81
CA ILE N 239 69.80 -96.81 -37.41
C ILE N 239 69.02 -98.07 -37.69
N CYS N 240 69.50 -98.82 -38.70
CA CYS N 240 68.71 -99.90 -39.29
C CYS N 240 69.14 -101.28 -38.82
N ALA N 241 68.93 -101.54 -37.54
CA ALA N 241 69.28 -102.82 -36.93
C ALA N 241 68.26 -103.21 -35.87
N PRO N 242 68.31 -104.47 -35.41
CA PRO N 242 67.41 -104.98 -34.38
C PRO N 242 67.52 -104.20 -33.06
N ILE N 243 66.49 -104.17 -32.19
CA ILE N 243 66.59 -103.46 -30.90
C ILE N 243 67.80 -103.90 -30.07
N PHE N 244 68.31 -105.10 -30.33
CA PHE N 244 69.41 -105.61 -29.50
C PHE N 244 70.78 -105.23 -30.03
N TYR N 245 70.82 -104.52 -31.16
CA TYR N 245 72.02 -103.83 -31.65
C TYR N 245 71.99 -102.38 -31.20
N SER N 246 73.15 -101.82 -30.91
CA SER N 246 73.17 -100.42 -30.54
C SER N 246 74.54 -99.81 -30.76
N ILE N 247 74.56 -98.50 -30.93
CA ILE N 247 75.81 -97.83 -31.28
C ILE N 247 75.77 -96.38 -30.82
N VAL N 248 76.94 -95.77 -30.69
CA VAL N 248 77.05 -94.34 -30.43
C VAL N 248 78.00 -93.71 -31.43
N LEU N 249 77.53 -92.69 -32.14
CA LEU N 249 78.32 -92.05 -33.18
C LEU N 249 78.68 -90.62 -32.85
N TRP N 250 79.91 -90.24 -33.19
CA TRP N 250 80.33 -88.83 -33.25
C TRP N 250 80.30 -88.43 -34.71
N VAL N 251 79.43 -87.50 -35.06
CA VAL N 251 79.29 -87.06 -36.45
C VAL N 251 79.81 -85.65 -36.62
N VAL N 252 80.81 -85.50 -37.49
CA VAL N 252 81.46 -84.21 -37.64
C VAL N 252 81.98 -84.02 -39.06
N SER N 253 82.19 -82.76 -39.45
CA SER N 253 82.74 -82.48 -40.77
C SER N 253 84.27 -82.26 -40.78
N GLU N 254 84.95 -82.83 -41.76
CA GLU N 254 86.40 -82.65 -41.87
C GLU N 254 86.85 -82.30 -43.28
N TRP N 255 87.98 -81.61 -43.39
CA TRP N 255 88.51 -81.19 -44.69
C TRP N 255 89.78 -81.93 -45.07
N ASN N 256 89.79 -82.46 -46.29
CA ASN N 256 90.96 -83.13 -46.87
C ASN N 256 91.64 -84.11 -45.93
N GLY N 257 91.05 -85.30 -45.79
CA GLY N 257 91.55 -86.28 -44.86
C GLY N 257 90.88 -86.15 -43.51
N THR N 258 91.41 -86.88 -42.54
CA THR N 258 90.85 -86.84 -41.21
C THR N 258 91.99 -86.73 -40.24
N THR N 259 91.72 -86.20 -39.05
CA THR N 259 92.76 -86.13 -38.05
C THR N 259 92.97 -87.51 -37.47
N MET N 260 94.19 -87.75 -36.99
CA MET N 260 94.53 -89.03 -36.40
C MET N 260 94.55 -88.95 -34.87
N ASP N 261 94.35 -87.74 -34.36
CA ASP N 261 94.39 -87.47 -32.93
C ASP N 261 92.99 -87.37 -32.34
N TRP N 262 92.61 -88.36 -31.54
CA TRP N 262 91.28 -88.40 -30.92
C TRP N 262 90.93 -87.12 -30.17
N ASN N 263 91.93 -86.49 -29.56
CA ASN N 263 91.66 -85.27 -28.80
C ASN N 263 91.35 -84.09 -29.69
N GLU N 264 92.02 -83.99 -30.83
CA GLU N 264 91.69 -82.93 -31.78
C GLU N 264 90.28 -83.16 -32.31
N LEU N 265 89.97 -84.41 -32.62
CA LEU N 265 88.66 -84.81 -33.16
C LEU N 265 87.52 -84.23 -32.35
N PHE N 266 87.64 -84.29 -31.04
CA PHE N 266 86.56 -83.83 -30.18
C PHE N 266 86.63 -82.36 -29.81
N LYS N 267 87.57 -81.64 -30.41
CA LYS N 267 87.59 -80.18 -30.31
C LYS N 267 86.80 -79.56 -31.48
N TYR N 268 86.43 -80.40 -32.46
CA TYR N 268 85.61 -79.97 -33.60
C TYR N 268 84.16 -79.87 -33.17
N PRO N 269 83.37 -79.11 -33.94
CA PRO N 269 81.92 -78.97 -33.70
C PRO N 269 81.09 -80.08 -34.35
N GLY N 270 80.95 -81.19 -33.64
CA GLY N 270 80.16 -82.32 -34.10
C GLY N 270 78.96 -82.58 -33.21
N VAL N 271 78.27 -83.68 -33.47
CA VAL N 271 77.10 -84.03 -32.68
C VAL N 271 77.12 -85.52 -32.40
N TYR N 272 76.47 -85.95 -31.31
CA TYR N 272 76.39 -87.36 -30.98
C TYR N 272 75.07 -87.93 -31.50
N VAL N 273 75.12 -89.15 -32.00
CA VAL N 273 73.93 -89.83 -32.49
C VAL N 273 73.88 -91.20 -31.83
N GLU N 274 72.83 -91.44 -31.04
CA GLU N 274 72.65 -92.71 -30.33
C GLU N 274 71.51 -93.48 -30.93
N GLU N 275 70.65 -92.79 -31.69
CA GLU N 275 69.40 -93.35 -32.17
C GLU N 275 68.80 -92.57 -33.32
N ASP N 276 67.81 -93.15 -33.99
CA ASP N 276 67.06 -92.46 -35.05
C ASP N 276 66.83 -91.00 -34.63
N GLY N 277 67.05 -90.07 -35.55
CA GLY N 277 66.83 -88.66 -35.28
C GLY N 277 67.41 -87.72 -36.33
N SER N 278 67.18 -86.43 -36.16
CA SER N 278 67.78 -85.45 -37.06
C SER N 278 69.13 -84.96 -36.51
N PHE N 279 69.89 -84.28 -37.36
CA PHE N 279 71.21 -83.74 -36.99
C PHE N 279 71.51 -82.50 -37.80
N GLU N 280 72.34 -81.61 -37.27
CA GLU N 280 72.88 -80.47 -38.03
C GLU N 280 74.38 -80.44 -37.85
N VAL N 281 75.13 -80.51 -38.94
CA VAL N 281 76.57 -80.40 -38.84
C VAL N 281 77.07 -79.31 -39.77
N LYS N 282 77.97 -78.46 -39.26
CA LYS N 282 78.57 -77.38 -40.07
C LYS N 282 79.55 -77.96 -41.09
N ILE N 283 79.43 -77.53 -42.35
CA ILE N 283 80.38 -77.91 -43.38
C ILE N 283 81.70 -77.19 -43.11
N ARG N 284 82.73 -77.96 -42.83
CA ARG N 284 84.03 -77.45 -42.41
C ARG N 284 85.00 -77.35 -43.58
N SER N 285 85.54 -76.16 -43.83
CA SER N 285 86.45 -75.97 -44.95
C SER N 285 87.24 -74.68 -44.84
N PRO N 286 88.48 -74.71 -45.34
CA PRO N 286 89.40 -73.59 -45.33
C PRO N 286 88.80 -72.40 -46.06
N TYR N 287 87.83 -72.68 -46.92
CA TYR N 287 87.19 -71.65 -47.75
C TYR N 287 85.75 -71.45 -47.34
N HIS N 288 85.34 -72.17 -46.29
CA HIS N 288 84.00 -72.11 -45.75
C HIS N 288 82.97 -72.76 -46.66
N ARG N 289 83.40 -73.11 -47.87
CA ARG N 289 82.55 -73.78 -48.86
C ARG N 289 83.32 -74.97 -49.41
N THR N 290 82.61 -76.02 -49.85
CA THR N 290 83.21 -77.13 -50.58
C THR N 290 82.71 -77.04 -52.03
N PRO N 291 83.58 -77.36 -53.01
CA PRO N 291 83.20 -77.27 -54.42
C PRO N 291 82.12 -78.27 -54.78
N ALA N 292 81.24 -77.86 -55.70
CA ALA N 292 80.11 -78.64 -56.16
C ALA N 292 80.50 -79.91 -56.92
N ARG N 293 81.57 -79.85 -57.71
CA ARG N 293 82.04 -81.02 -58.46
C ARG N 293 83.55 -81.14 -58.38
N LEU N 294 84.08 -82.29 -58.80
CA LEU N 294 85.52 -82.51 -58.78
C LEU N 294 86.21 -82.17 -60.09
N LEU N 295 87.48 -81.78 -59.97
CA LEU N 295 88.38 -81.71 -61.12
C LEU N 295 89.16 -83.01 -61.25
N ALA N 296 89.81 -83.21 -62.39
CA ALA N 296 90.55 -84.45 -62.68
C ALA N 296 91.58 -84.79 -61.59
N GLY N 297 91.62 -86.05 -61.19
CA GLY N 297 92.59 -86.51 -60.21
C GLY N 297 92.22 -86.23 -58.76
N GLN N 298 91.19 -85.42 -58.56
CA GLN N 298 90.66 -85.18 -57.23
C GLN N 298 89.76 -86.31 -56.72
N SER N 299 89.74 -86.47 -55.41
CA SER N 299 88.89 -87.44 -54.77
C SER N 299 87.86 -86.64 -54.00
N GLN N 300 86.76 -87.26 -53.61
CA GLN N 300 85.76 -86.51 -52.85
C GLN N 300 86.26 -86.23 -51.44
N ARG N 301 87.21 -87.07 -50.99
CA ARG N 301 87.71 -86.98 -49.63
C ARG N 301 88.73 -85.87 -49.50
N ASP N 302 89.15 -85.32 -50.64
CA ASP N 302 90.11 -84.24 -50.63
C ASP N 302 89.45 -82.94 -50.18
N MET N 303 88.12 -82.92 -50.20
CA MET N 303 87.32 -81.75 -49.83
C MET N 303 86.64 -81.92 -48.48
N SER N 304 85.45 -81.32 -48.34
CA SER N 304 84.65 -81.45 -47.13
C SER N 304 83.83 -82.75 -47.12
N SER N 305 83.88 -83.46 -46.00
CA SER N 305 83.11 -84.70 -45.85
C SER N 305 82.36 -84.70 -44.55
N LEU N 306 81.28 -85.47 -44.50
CA LEU N 306 80.49 -85.69 -43.30
C LEU N 306 80.92 -87.02 -42.69
N ASN N 307 81.61 -86.99 -41.56
CA ASN N 307 82.24 -88.19 -41.01
C ASN N 307 81.51 -88.81 -39.84
N PHE N 308 81.33 -90.12 -39.91
CA PHE N 308 80.62 -90.83 -38.88
C PHE N 308 81.59 -91.72 -38.12
N TYR N 309 81.91 -91.31 -36.89
CA TYR N 309 82.84 -92.04 -36.04
C TYR N 309 82.10 -92.87 -35.01
N ALA N 310 82.29 -94.18 -35.04
CA ALA N 310 81.70 -95.04 -34.02
C ALA N 310 82.61 -94.95 -32.80
N ILE N 311 82.11 -94.36 -31.71
CA ILE N 311 82.94 -94.14 -30.54
C ILE N 311 82.61 -95.11 -29.41
N ALA N 312 81.43 -95.72 -29.47
CA ALA N 312 81.08 -96.77 -28.52
C ALA N 312 80.19 -97.77 -29.23
N GLY N 313 80.73 -98.95 -29.46
CA GLY N 313 80.00 -99.95 -30.24
C GLY N 313 80.36 -99.91 -31.72
N PRO N 314 79.52 -100.54 -32.55
CA PRO N 314 78.25 -101.17 -32.18
C PRO N 314 78.43 -102.42 -31.32
N ILE N 315 77.43 -102.72 -30.49
CA ILE N 315 77.42 -103.93 -29.71
C ILE N 315 76.17 -104.71 -30.04
N ALA N 316 76.26 -106.02 -29.87
CA ALA N 316 75.10 -106.90 -30.00
C ALA N 316 75.36 -108.16 -29.19
N PRO N 317 74.28 -108.90 -28.85
CA PRO N 317 74.45 -110.13 -28.07
C PRO N 317 75.18 -111.13 -28.93
N SER N 318 75.83 -112.12 -28.36
CA SER N 318 76.40 -113.17 -29.20
C SER N 318 75.26 -114.09 -29.56
N GLY N 319 75.35 -114.74 -30.71
CA GLY N 319 76.41 -114.53 -31.67
C GLY N 319 75.75 -113.91 -32.90
N GLU N 320 75.61 -112.60 -32.85
CA GLU N 320 75.14 -111.86 -33.99
C GLU N 320 76.35 -111.59 -34.87
N THR N 321 76.13 -111.42 -36.16
CA THR N 321 77.26 -111.27 -37.08
C THR N 321 77.05 -110.12 -38.03
N ALA N 322 75.77 -109.79 -38.25
CA ALA N 322 75.39 -108.70 -39.12
C ALA N 322 76.07 -107.37 -38.77
N GLN N 323 76.40 -106.59 -39.79
CA GLN N 323 76.85 -105.24 -39.54
C GLN N 323 75.68 -104.33 -39.16
N LEU N 324 75.97 -103.22 -38.49
CA LEU N 324 74.94 -102.27 -38.12
C LEU N 324 74.92 -101.18 -39.16
N PRO N 325 73.83 -101.07 -39.90
CA PRO N 325 73.70 -100.06 -40.95
C PRO N 325 73.11 -98.72 -40.47
N ILE N 326 73.62 -97.65 -41.05
CA ILE N 326 73.15 -96.29 -40.80
C ILE N 326 72.67 -95.75 -42.15
N VAL N 327 71.43 -95.29 -42.23
CA VAL N 327 70.98 -94.61 -43.45
C VAL N 327 70.86 -93.11 -43.21
N VAL N 328 71.61 -92.32 -43.98
CA VAL N 328 71.58 -90.86 -43.82
C VAL N 328 70.72 -90.18 -44.88
N GLN N 329 69.85 -89.26 -44.44
CA GLN N 329 69.09 -88.41 -45.35
C GLN N 329 69.47 -86.95 -45.18
N ILE N 330 69.70 -86.26 -46.28
CA ILE N 330 70.09 -84.86 -46.24
C ILE N 330 68.93 -84.02 -46.70
N ASP N 331 68.45 -83.16 -45.81
CA ASP N 331 67.23 -82.42 -46.03
C ASP N 331 67.50 -81.05 -46.62
N GLU N 332 68.46 -80.32 -46.05
CA GLU N 332 68.83 -79.03 -46.63
C GLU N 332 70.16 -78.52 -46.13
N ILE N 333 70.68 -77.52 -46.83
CA ILE N 333 71.78 -76.72 -46.32
C ILE N 333 71.18 -75.48 -45.68
N VAL N 334 71.21 -75.41 -44.35
CA VAL N 334 70.61 -74.29 -43.63
C VAL N 334 71.66 -73.23 -43.45
N ARG N 335 71.23 -71.97 -43.43
CA ARG N 335 72.17 -70.86 -43.31
C ARG N 335 73.27 -71.03 -44.36
N PRO N 336 72.85 -71.10 -45.63
CA PRO N 336 73.75 -71.50 -46.72
C PRO N 336 74.70 -70.40 -47.13
N ASP N 337 75.95 -70.77 -47.40
CA ASP N 337 76.93 -69.85 -47.98
C ASP N 337 77.20 -70.33 -49.39
N LEU N 338 76.45 -69.83 -50.38
CA LEU N 338 76.58 -70.35 -51.72
C LEU N 338 77.61 -69.62 -52.55
N SER N 339 78.19 -70.33 -53.52
CA SER N 339 79.09 -69.72 -54.48
C SER N 339 78.23 -69.05 -55.55
N LEU N 340 78.90 -68.44 -56.53
CA LEU N 340 78.21 -67.97 -57.71
C LEU N 340 77.53 -69.14 -58.35
N PRO N 341 76.44 -68.88 -59.07
CA PRO N 341 75.87 -69.92 -59.93
C PRO N 341 76.95 -70.37 -60.91
N SER N 342 76.96 -71.64 -61.29
CA SER N 342 77.96 -72.09 -62.25
C SER N 342 77.68 -71.54 -63.67
N PHE N 343 76.38 -71.36 -63.97
CA PHE N 343 75.99 -70.78 -65.26
C PHE N 343 75.20 -69.50 -65.10
N GLU N 344 75.38 -68.60 -66.05
CA GLU N 344 74.62 -67.35 -66.08
C GLU N 344 73.40 -67.51 -66.98
N ASP N 345 72.56 -66.49 -67.08
CA ASP N 345 71.42 -66.57 -67.99
C ASP N 345 71.94 -66.31 -69.39
N ASP N 346 72.53 -67.34 -69.97
CA ASP N 346 73.24 -67.20 -71.22
C ASP N 346 73.01 -68.45 -72.05
N TYR N 347 73.57 -68.44 -73.26
CA TYR N 347 73.56 -69.61 -74.11
C TYR N 347 74.51 -70.67 -73.55
N PHE N 348 74.28 -71.93 -73.95
CA PHE N 348 75.21 -73.01 -73.71
C PHE N 348 75.19 -74.00 -74.87
N VAL N 349 76.21 -74.85 -74.92
CA VAL N 349 76.37 -75.68 -76.08
C VAL N 349 75.34 -76.78 -76.09
N TRP N 350 74.61 -76.88 -77.20
CA TRP N 350 73.76 -78.04 -77.44
C TRP N 350 74.55 -79.14 -78.19
N VAL N 351 75.04 -78.81 -79.38
CA VAL N 351 75.73 -79.80 -80.19
C VAL N 351 76.72 -79.15 -81.16
N ASP N 352 77.83 -79.86 -81.41
CA ASP N 352 78.74 -79.52 -82.49
C ASP N 352 78.71 -80.58 -83.58
N PHE N 353 78.55 -80.16 -84.84
CA PHE N 353 78.68 -81.08 -85.96
C PHE N 353 80.00 -80.78 -86.67
N SER N 354 80.75 -81.82 -86.98
CA SER N 354 82.04 -81.64 -87.63
C SER N 354 82.40 -82.85 -88.50
N GLU N 355 83.51 -82.74 -89.23
CA GLU N 355 83.97 -83.87 -90.02
C GLU N 355 82.87 -84.41 -90.95
N PHE N 356 82.29 -83.54 -91.78
CA PHE N 356 81.27 -83.95 -92.72
C PHE N 356 81.89 -84.76 -93.86
N THR N 357 81.22 -85.84 -94.24
CA THR N 357 81.71 -86.68 -95.34
C THR N 357 80.94 -86.46 -96.65
N LEU N 358 79.71 -85.96 -96.53
CA LEU N 358 78.89 -85.65 -97.69
C LEU N 358 78.60 -84.17 -97.77
N ASP N 359 78.55 -83.62 -98.99
CA ASP N 359 78.18 -82.23 -99.16
C ASP N 359 76.70 -81.99 -98.79
N LYS N 360 75.82 -82.93 -99.11
CA LYS N 360 74.41 -82.83 -98.74
C LYS N 360 74.20 -83.50 -97.38
N GLU N 361 73.84 -82.70 -96.38
CA GLU N 361 73.58 -83.20 -95.02
C GLU N 361 72.29 -82.58 -94.50
N GLU N 362 71.43 -83.38 -93.88
CA GLU N 362 70.20 -82.83 -93.34
C GLU N 362 69.95 -83.41 -91.95
N ILE N 363 69.99 -82.52 -90.97
CA ILE N 363 69.84 -82.88 -89.56
C ILE N 363 68.42 -82.59 -89.09
N GLU N 364 67.64 -83.64 -88.80
CA GLU N 364 66.26 -83.44 -88.35
C GLU N 364 66.18 -83.22 -86.86
N ILE N 365 65.50 -82.17 -86.46
CA ILE N 365 65.38 -81.82 -85.06
C ILE N 365 63.92 -82.02 -84.62
N GLY N 366 63.01 -81.54 -85.45
CA GLY N 366 61.60 -81.69 -85.15
C GLY N 366 61.16 -80.74 -84.07
N SER N 367 60.67 -81.30 -82.97
CA SER N 367 60.25 -80.49 -81.83
C SER N 367 60.94 -80.98 -80.56
N ARG N 368 62.07 -81.66 -80.69
CA ARG N 368 62.72 -82.29 -79.54
C ARG N 368 64.07 -81.66 -79.20
N PHE N 369 64.42 -81.72 -77.93
CA PHE N 369 65.79 -81.45 -77.50
C PHE N 369 66.38 -82.80 -77.12
N PHE N 370 67.40 -83.27 -77.83
CA PHE N 370 67.84 -84.65 -77.63
C PHE N 370 69.26 -84.87 -78.12
N ASP N 371 69.75 -86.11 -77.99
CA ASP N 371 71.08 -86.47 -78.47
C ASP N 371 71.06 -86.91 -79.92
N PHE N 372 71.86 -86.25 -80.77
CA PHE N 372 71.96 -86.57 -82.20
C PHE N 372 72.86 -87.78 -82.48
N THR N 373 72.62 -88.44 -83.59
CA THR N 373 73.57 -89.43 -84.13
C THR N 373 73.65 -89.26 -85.63
N SER N 374 74.83 -89.54 -86.19
CA SER N 374 75.02 -89.47 -87.64
C SER N 374 76.00 -90.50 -88.14
N ASN N 375 75.70 -91.04 -89.32
CA ASN N 375 76.60 -91.96 -90.01
C ASN N 375 77.52 -91.21 -90.94
N THR N 376 77.16 -89.96 -91.21
CA THR N 376 77.84 -89.19 -92.24
C THR N 376 78.69 -88.05 -91.68
N CYS N 377 78.55 -87.80 -90.39
CA CYS N 377 79.36 -86.76 -89.73
C CYS N 377 79.54 -87.01 -88.25
N ARG N 378 80.42 -86.23 -87.65
CA ARG N 378 80.74 -86.39 -86.23
C ARG N 378 79.87 -85.51 -85.34
N VAL N 379 79.14 -86.16 -84.45
CA VAL N 379 78.31 -85.45 -83.50
C VAL N 379 78.98 -85.37 -82.13
N SER N 380 79.08 -84.17 -81.58
CA SER N 380 79.64 -83.98 -80.24
C SER N 380 78.61 -83.28 -79.38
N MET N 381 78.03 -83.99 -78.43
CA MET N 381 76.94 -83.43 -77.66
C MET N 381 77.43 -82.63 -76.46
N GLY N 382 76.72 -81.55 -76.11
CA GLY N 382 77.07 -80.75 -74.94
C GLY N 382 76.59 -81.41 -73.65
N GLU N 383 77.37 -81.28 -72.57
CA GLU N 383 76.95 -81.74 -71.24
C GLU N 383 76.86 -80.52 -70.29
N ASN N 384 75.65 -80.23 -69.82
CA ASN N 384 75.39 -79.13 -68.91
C ASN N 384 74.13 -79.38 -68.11
N PRO N 385 73.86 -78.53 -67.10
CA PRO N 385 72.75 -78.85 -66.20
C PRO N 385 71.42 -78.91 -66.92
N PHE N 386 71.25 -78.06 -67.93
CA PHE N 386 69.99 -78.09 -68.65
C PHE N 386 69.73 -79.46 -69.26
N ALA N 387 70.74 -80.02 -69.92
CA ALA N 387 70.61 -81.34 -70.56
C ALA N 387 70.33 -82.41 -69.52
N ALA N 388 70.95 -82.30 -68.36
CA ALA N 388 70.67 -83.21 -67.26
C ALA N 388 69.24 -83.07 -66.76
N MET N 389 68.75 -81.84 -66.61
CA MET N 389 67.36 -81.64 -66.20
C MET N 389 66.37 -82.25 -67.18
N ILE N 390 66.65 -82.19 -68.47
CA ILE N 390 65.83 -82.82 -69.49
C ILE N 390 65.79 -84.33 -69.26
N ALA N 391 66.93 -84.89 -68.90
CA ALA N 391 67.09 -86.31 -68.68
C ALA N 391 66.48 -86.78 -67.39
N CYS N 392 66.32 -85.88 -66.43
CA CYS N 392 65.91 -86.28 -65.09
C CYS N 392 64.46 -85.92 -64.83
N HIS N 393 63.71 -85.68 -65.89
CA HIS N 393 62.28 -85.50 -65.76
C HIS N 393 61.55 -86.34 -66.79
N GLY N 394 60.31 -86.72 -66.47
CA GLY N 394 59.50 -87.51 -67.36
C GLY N 394 59.07 -86.72 -68.57
N LEU N 395 58.63 -85.49 -68.33
CA LEU N 395 58.19 -84.59 -69.40
C LEU N 395 58.80 -83.20 -69.27
N HIS N 396 58.93 -82.48 -70.39
CA HIS N 396 59.37 -81.09 -70.38
C HIS N 396 58.71 -80.31 -71.50
N SER N 397 58.76 -79.00 -71.41
CA SER N 397 58.19 -78.13 -72.44
C SER N 397 58.70 -76.69 -72.33
N GLY N 398 58.94 -76.07 -73.46
CA GLY N 398 59.43 -74.71 -73.46
C GLY N 398 59.89 -74.25 -74.82
N VAL N 399 60.55 -73.09 -74.83
CA VAL N 399 61.10 -72.60 -76.08
C VAL N 399 62.60 -72.34 -75.97
N LEU N 400 63.37 -72.77 -76.97
CA LEU N 400 64.80 -72.55 -76.96
C LEU N 400 65.14 -71.54 -78.02
N ASP N 401 65.92 -70.54 -77.65
CA ASP N 401 66.53 -69.66 -78.63
C ASP N 401 67.82 -70.31 -79.09
N LEU N 402 68.03 -70.39 -80.40
CA LEU N 402 69.24 -71.00 -80.92
C LEU N 402 70.19 -69.99 -81.55
N LYS N 403 71.48 -70.17 -81.33
CA LYS N 403 72.52 -69.48 -82.08
C LYS N 403 73.32 -70.51 -82.84
N LEU N 404 73.44 -70.33 -84.15
CA LEU N 404 74.26 -71.21 -84.98
C LEU N 404 75.51 -70.47 -85.36
N GLN N 405 76.66 -71.12 -85.18
CA GLN N 405 77.93 -70.57 -85.61
C GLN N 405 78.71 -71.60 -86.42
N TRP N 406 79.42 -71.15 -87.45
CA TRP N 406 80.25 -72.08 -88.21
C TRP N 406 81.51 -71.44 -88.78
N SER N 407 82.54 -72.26 -88.96
CA SER N 407 83.78 -71.81 -89.60
C SER N 407 84.00 -72.59 -90.89
N LEU N 408 84.75 -72.02 -91.83
CA LEU N 408 84.95 -72.68 -93.11
C LEU N 408 86.12 -73.67 -93.13
N ASN N 409 85.95 -74.72 -93.94
CA ASN N 409 87.01 -75.69 -94.19
C ASN N 409 87.80 -75.37 -95.47
N THR N 410 87.10 -74.84 -96.48
CA THR N 410 87.72 -74.41 -97.73
C THR N 410 88.09 -72.91 -97.68
N GLU N 411 88.70 -72.41 -98.75
CA GLU N 411 89.02 -70.98 -98.83
C GLU N 411 87.76 -70.10 -98.92
N PHE N 412 87.73 -69.02 -98.16
CA PHE N 412 86.57 -68.14 -98.11
C PHE N 412 86.13 -67.71 -99.49
N GLY N 413 87.11 -67.40 -100.35
CA GLY N 413 86.83 -66.90 -101.69
C GLY N 413 86.17 -67.92 -102.60
N LYS N 414 86.28 -69.19 -102.24
CA LYS N 414 85.72 -70.29 -103.02
C LYS N 414 84.35 -70.75 -102.49
N SER N 415 83.95 -70.22 -101.34
CA SER N 415 82.75 -70.68 -100.66
C SER N 415 81.45 -70.41 -101.42
N SER N 416 80.50 -71.32 -101.25
CA SER N 416 79.17 -71.18 -101.80
C SER N 416 78.20 -71.97 -100.95
N GLY N 417 76.91 -71.82 -101.22
CA GLY N 417 75.90 -72.55 -100.48
C GLY N 417 75.44 -71.88 -99.20
N SER N 418 74.85 -72.68 -98.31
CA SER N 418 74.09 -72.14 -97.19
C SER N 418 73.89 -73.12 -96.07
N VAL N 419 73.66 -72.56 -94.88
CA VAL N 419 73.03 -73.28 -93.77
C VAL N 419 71.57 -72.87 -93.82
N THR N 420 70.68 -73.82 -94.11
CA THR N 420 69.26 -73.50 -94.20
C THR N 420 68.53 -74.09 -93.02
N ILE N 421 67.66 -73.29 -92.40
CA ILE N 421 66.80 -73.76 -91.33
C ILE N 421 65.39 -73.93 -91.85
N THR N 422 64.98 -75.18 -91.97
CA THR N 422 63.63 -75.47 -92.40
C THR N 422 62.68 -75.45 -91.20
N LYS N 423 61.66 -74.60 -91.28
CA LYS N 423 60.65 -74.56 -90.22
C LYS N 423 59.28 -74.90 -90.76
N LEU N 424 58.70 -76.00 -90.26
CA LEU N 424 57.39 -76.44 -90.70
C LEU N 424 56.44 -76.55 -89.53
N VAL N 425 55.16 -76.78 -89.84
CA VAL N 425 54.20 -77.25 -88.87
C VAL N 425 53.63 -78.54 -89.42
N GLY N 426 53.89 -79.64 -88.74
CA GLY N 426 53.49 -80.93 -89.25
C GLY N 426 54.72 -81.82 -89.36
N ASP N 427 55.02 -82.24 -90.59
CA ASP N 427 56.20 -83.04 -90.87
C ASP N 427 56.68 -82.71 -92.27
N LYS N 428 57.79 -83.34 -92.66
CA LYS N 428 58.39 -83.06 -93.96
C LYS N 428 57.40 -83.35 -95.09
N ALA N 429 56.53 -84.36 -94.89
CA ALA N 429 55.61 -84.84 -95.93
C ALA N 429 54.37 -83.99 -96.19
N MET N 430 53.71 -83.52 -95.15
CA MET N 430 52.43 -82.83 -95.30
C MET N 430 52.36 -81.49 -94.58
N GLY N 431 53.53 -80.98 -94.16
CA GLY N 431 53.62 -79.82 -93.30
C GLY N 431 53.30 -78.50 -93.95
N LEU N 432 53.05 -77.49 -93.10
CA LEU N 432 52.84 -76.11 -93.53
C LEU N 432 54.16 -75.36 -93.38
N ASP N 433 54.35 -74.33 -94.18
CA ASP N 433 55.63 -73.61 -94.16
C ASP N 433 55.68 -72.40 -93.22
N GLY N 434 56.59 -72.45 -92.25
CA GLY N 434 56.76 -71.38 -91.30
C GLY N 434 57.92 -70.48 -91.63
N PRO N 435 58.58 -69.95 -90.60
CA PRO N 435 59.70 -69.02 -90.77
C PRO N 435 61.00 -69.77 -91.09
N SER N 436 60.99 -70.51 -92.20
CA SER N 436 62.20 -71.13 -92.73
C SER N 436 63.16 -70.02 -93.12
N HIS N 437 64.43 -70.34 -93.21
CA HIS N 437 65.42 -69.29 -93.19
C HIS N 437 66.69 -69.78 -93.89
N VAL N 438 67.16 -69.01 -94.86
CA VAL N 438 68.36 -69.37 -95.61
C VAL N 438 69.51 -68.45 -95.24
N PHE N 439 70.50 -69.02 -94.56
CA PHE N 439 71.71 -68.29 -94.24
C PHE N 439 72.79 -68.61 -95.26
N ALA N 440 73.13 -67.65 -96.11
CA ALA N 440 74.25 -67.86 -97.02
C ALA N 440 75.45 -68.26 -96.18
N ILE N 441 76.22 -69.23 -96.65
CA ILE N 441 77.33 -69.75 -95.85
C ILE N 441 78.30 -68.65 -95.38
N GLN N 442 78.41 -67.56 -96.13
CA GLN N 442 79.34 -66.49 -95.79
C GLN N 442 78.88 -65.66 -94.59
N LYS N 443 77.63 -65.81 -94.16
CA LYS N 443 77.15 -65.12 -92.95
C LYS N 443 77.91 -65.65 -91.74
N LEU N 444 78.24 -66.93 -91.77
CA LEU N 444 79.04 -67.56 -90.72
C LEU N 444 78.35 -67.68 -89.36
N GLU N 445 77.09 -67.25 -89.30
CA GLU N 445 76.25 -67.40 -88.11
C GLU N 445 74.78 -67.10 -88.42
N GLY N 446 73.91 -67.59 -87.55
CA GLY N 446 72.49 -67.36 -87.70
C GLY N 446 71.73 -67.66 -86.43
N THR N 447 70.49 -67.18 -86.34
CA THR N 447 69.68 -67.43 -85.17
C THR N 447 68.28 -67.94 -85.51
N THR N 448 67.67 -68.67 -84.57
CA THR N 448 66.32 -69.15 -84.75
C THR N 448 65.73 -69.58 -83.40
N GLU N 449 64.41 -69.74 -83.33
CA GLU N 449 63.76 -70.27 -82.13
C GLU N 449 63.38 -71.71 -82.41
N LEU N 450 63.31 -72.53 -81.36
CA LEU N 450 62.81 -73.90 -81.50
C LEU N 450 61.77 -74.16 -80.44
N LEU N 451 60.58 -74.57 -80.88
CA LEU N 451 59.57 -74.98 -79.90
C LEU N 451 59.84 -76.41 -79.50
N VAL N 452 60.08 -76.62 -78.19
CA VAL N 452 60.24 -77.95 -77.62
C VAL N 452 58.93 -78.31 -76.95
N GLY N 453 58.08 -79.00 -77.68
CA GLY N 453 56.74 -79.31 -77.21
C GLY N 453 55.89 -79.81 -78.35
N ASN N 454 54.57 -79.83 -78.15
CA ASN N 454 53.66 -80.33 -79.17
C ASN N 454 52.23 -80.03 -78.77
N PHE N 455 51.27 -80.44 -79.60
CA PHE N 455 49.86 -80.15 -79.33
C PHE N 455 49.38 -80.62 -77.96
N ALA N 456 49.94 -81.71 -77.45
CA ALA N 456 49.53 -82.23 -76.14
C ALA N 456 50.07 -81.39 -74.98
N GLY N 457 51.23 -80.76 -75.16
CA GLY N 457 51.75 -79.80 -74.20
C GLY N 457 53.15 -80.04 -73.66
N ALA N 458 53.69 -81.22 -73.89
CA ALA N 458 54.98 -81.58 -73.30
C ALA N 458 55.62 -82.78 -74.03
N ASN N 459 56.96 -82.89 -73.96
CA ASN N 459 57.68 -83.97 -74.60
C ASN N 459 58.20 -84.95 -73.57
N PRO N 460 58.07 -86.25 -73.83
CA PRO N 460 58.76 -87.27 -73.04
C PRO N 460 60.23 -87.28 -73.43
N ASN N 461 61.07 -87.96 -72.65
CA ASN N 461 62.49 -87.97 -72.97
C ASN N 461 62.84 -89.18 -73.84
N THR N 462 61.96 -89.46 -74.79
CA THR N 462 62.12 -90.59 -75.69
C THR N 462 61.67 -90.11 -77.07
N ARG N 463 61.72 -91.00 -78.06
CA ARG N 463 61.13 -90.68 -79.35
C ARG N 463 59.61 -90.84 -79.22
N PHE N 464 58.88 -89.97 -79.90
CA PHE N 464 57.44 -89.96 -79.83
C PHE N 464 56.96 -89.32 -81.13
N SER N 465 55.69 -89.48 -81.45
CA SER N 465 55.16 -88.86 -82.64
C SER N 465 53.89 -88.09 -82.31
N LEU N 466 54.01 -86.79 -82.07
CA LEU N 466 52.86 -85.93 -81.76
C LEU N 466 52.91 -84.64 -82.58
N TYR N 467 51.84 -84.36 -83.30
CA TYR N 467 51.77 -83.19 -84.18
C TYR N 467 52.33 -81.94 -83.50
N SER N 468 53.28 -81.27 -84.15
CA SER N 468 53.85 -80.05 -83.60
C SER N 468 54.57 -79.28 -84.70
N ARG N 469 55.25 -78.20 -84.34
CA ARG N 469 56.18 -77.54 -85.25
C ARG N 469 57.37 -78.45 -85.47
N TRP N 470 58.07 -78.23 -86.58
CA TRP N 470 59.08 -79.17 -87.04
C TRP N 470 60.26 -78.39 -87.63
N MET N 471 61.46 -78.70 -87.15
CA MET N 471 62.66 -78.00 -87.60
C MET N 471 63.75 -78.94 -88.14
N ALA N 472 64.50 -78.45 -89.12
CA ALA N 472 65.61 -79.22 -89.65
C ALA N 472 66.69 -78.26 -90.09
N ILE N 473 67.95 -78.67 -89.97
CA ILE N 473 69.08 -77.94 -90.53
C ILE N 473 69.54 -78.61 -91.81
N LYS N 474 69.60 -77.85 -92.91
CA LYS N 474 70.00 -78.39 -94.21
C LYS N 474 71.31 -77.78 -94.72
N LEU N 475 72.35 -78.62 -94.81
CA LEU N 475 73.60 -78.23 -95.41
C LEU N 475 73.71 -78.67 -96.88
N ASP N 476 74.16 -77.79 -97.77
CA ASP N 476 74.32 -78.19 -99.19
C ASP N 476 75.80 -78.23 -99.61
N GLN N 477 76.66 -77.66 -98.78
CA GLN N 477 78.08 -77.64 -99.03
C GLN N 477 78.79 -77.97 -97.76
N ALA N 478 78.33 -79.02 -97.09
CA ALA N 478 78.78 -79.34 -95.75
C ALA N 478 80.28 -79.60 -95.65
N LYS N 479 80.89 -80.08 -96.72
CA LYS N 479 82.33 -80.37 -96.70
C LYS N 479 83.17 -79.08 -96.62
N SER N 480 82.52 -77.94 -96.89
CA SER N 480 83.19 -76.64 -96.76
C SER N 480 83.08 -76.09 -95.34
N ILE N 481 82.48 -76.85 -94.44
CA ILE N 481 82.30 -76.40 -93.06
C ILE N 481 83.19 -77.20 -92.12
N LYS N 482 84.01 -76.50 -91.34
CA LYS N 482 84.89 -77.20 -90.41
C LYS N 482 84.14 -77.58 -89.14
N VAL N 483 83.23 -76.69 -88.73
CA VAL N 483 82.36 -77.00 -87.59
C VAL N 483 81.09 -76.18 -87.62
N LEU N 484 79.98 -76.83 -87.26
CA LEU N 484 78.70 -76.16 -87.10
C LEU N 484 78.35 -76.31 -85.64
N ARG N 485 78.34 -75.20 -84.92
CA ARG N 485 78.01 -75.24 -83.49
C ARG N 485 76.61 -74.70 -83.24
N VAL N 486 75.85 -75.41 -82.41
CA VAL N 486 74.51 -74.97 -82.06
C VAL N 486 74.45 -74.70 -80.57
N LEU N 487 74.24 -73.43 -80.22
CA LEU N 487 74.02 -73.03 -78.83
C LEU N 487 72.54 -72.76 -78.60
N CYS N 488 72.07 -73.03 -77.37
CA CYS N 488 70.70 -72.70 -77.00
C CYS N 488 70.61 -71.96 -75.67
N LYS N 489 69.50 -71.24 -75.49
CA LYS N 489 69.24 -70.45 -74.29
C LYS N 489 67.75 -70.51 -74.03
N PRO N 490 67.34 -71.27 -73.00
CA PRO N 490 65.90 -71.48 -72.74
C PRO N 490 65.22 -70.17 -72.41
N ARG N 491 64.09 -69.92 -73.04
CA ARG N 491 63.25 -68.78 -72.67
C ARG N 491 62.62 -69.06 -71.34
N PRO N 492 62.36 -67.99 -70.57
CA PRO N 492 61.84 -68.08 -69.21
C PRO N 492 60.58 -68.91 -69.18
N GLY N 493 60.45 -69.79 -68.20
CA GLY N 493 59.28 -70.64 -68.06
C GLY N 493 59.44 -72.00 -68.68
N PHE N 494 60.67 -72.38 -69.03
CA PHE N 494 60.91 -73.71 -69.54
C PHE N 494 60.62 -74.69 -68.41
N SER N 495 59.72 -75.65 -68.65
CA SER N 495 59.12 -76.43 -67.56
C SER N 495 59.45 -77.91 -67.59
N PHE N 496 59.59 -78.48 -66.40
CA PHE N 496 59.88 -79.89 -66.25
C PHE N 496 58.81 -80.55 -65.37
N TYR N 497 58.42 -81.76 -65.72
CA TYR N 497 57.36 -82.48 -65.02
C TYR N 497 57.86 -83.85 -64.57
N GLY N 498 57.60 -84.16 -63.30
CA GLY N 498 57.89 -85.47 -62.72
C GLY N 498 59.35 -85.84 -62.57
N ARG N 499 59.93 -85.55 -61.42
CA ARG N 499 61.35 -85.83 -61.23
C ARG N 499 61.61 -87.33 -61.27
N THR N 500 62.69 -87.70 -61.93
CA THR N 500 63.10 -89.09 -62.07
C THR N 500 64.62 -89.18 -62.28
N SER N 501 65.09 -90.31 -62.81
CA SER N 501 66.52 -90.47 -63.04
C SER N 501 66.79 -91.05 -64.41
N PHE N 502 68.07 -91.13 -64.76
CA PHE N 502 68.48 -91.54 -66.09
C PHE N 502 69.83 -92.24 -66.09
N PRO N 503 69.82 -93.57 -66.02
CA PRO N 503 71.04 -94.38 -66.06
C PRO N 503 71.57 -94.50 -67.48
N VAL N 504 72.87 -94.27 -67.66
CA VAL N 504 73.58 -94.54 -68.93
C VAL N 504 74.91 -95.27 -68.69
N GLY O 1 11.07 -54.27 -100.10
CA GLY O 1 10.12 -54.83 -101.05
C GLY O 1 10.70 -55.91 -101.93
N LEU O 2 9.84 -56.64 -102.63
CA LEU O 2 10.33 -57.70 -103.51
C LEU O 2 11.22 -57.08 -104.59
N ALA O 3 12.45 -57.57 -104.68
CA ALA O 3 13.45 -56.93 -105.54
C ALA O 3 13.76 -57.73 -106.79
N GLY O 4 13.62 -59.05 -106.68
CA GLY O 4 13.88 -59.95 -107.78
C GLY O 4 13.37 -61.34 -107.47
N ARG O 5 13.29 -62.20 -108.48
CA ARG O 5 12.80 -63.54 -108.29
C ARG O 5 13.34 -64.50 -109.33
N GLY O 6 13.10 -65.79 -109.07
CA GLY O 6 13.60 -66.84 -109.93
C GLY O 6 12.95 -68.16 -109.58
N VAL O 7 13.20 -69.16 -110.42
CA VAL O 7 12.56 -70.46 -110.22
C VAL O 7 13.58 -71.58 -110.26
N ILE O 8 13.46 -72.51 -109.31
CA ILE O 8 14.28 -73.72 -109.32
C ILE O 8 13.40 -74.93 -109.67
N TYR O 9 13.86 -75.78 -110.59
CA TYR O 9 13.06 -76.93 -111.01
C TYR O 9 13.46 -78.21 -110.31
N ILE O 10 12.47 -78.86 -109.72
CA ILE O 10 12.74 -80.09 -109.01
C ILE O 10 12.22 -81.29 -109.78
N PRO O 11 13.08 -82.29 -109.99
CA PRO O 11 12.71 -83.56 -110.61
C PRO O 11 11.80 -84.39 -109.69
N LYS O 12 10.97 -85.24 -110.29
CA LYS O 12 10.09 -86.06 -109.48
C LYS O 12 10.92 -87.02 -108.63
N ASP O 13 12.06 -87.44 -109.17
CA ASP O 13 13.05 -88.21 -108.41
C ASP O 13 14.28 -87.36 -108.14
N CYS O 14 14.22 -86.60 -107.05
CA CYS O 14 15.34 -85.79 -106.63
C CYS O 14 16.26 -86.63 -105.74
N GLN O 15 17.39 -87.09 -106.29
CA GLN O 15 18.33 -87.90 -105.49
C GLN O 15 19.41 -87.05 -104.81
N ALA O 16 20.06 -87.62 -103.80
CA ALA O 16 21.21 -86.95 -103.21
C ALA O 16 22.16 -86.49 -104.30
N ASN O 17 22.74 -85.33 -104.08
CA ASN O 17 23.78 -84.79 -104.95
C ASN O 17 23.32 -84.29 -106.29
N ARG O 18 22.01 -84.17 -106.49
CA ARG O 18 21.53 -83.58 -107.75
C ARG O 18 21.70 -82.07 -107.81
N TYR O 19 22.20 -81.60 -108.95
CA TYR O 19 22.25 -80.18 -109.21
C TYR O 19 20.89 -79.72 -109.72
N LEU O 20 20.30 -78.73 -109.06
CA LEU O 20 18.94 -78.26 -109.37
C LEU O 20 18.95 -76.99 -110.21
N GLY O 21 20.02 -76.21 -110.08
CA GLY O 21 20.18 -75.00 -110.87
C GLY O 21 20.90 -73.89 -110.13
N THR O 22 21.25 -72.85 -110.86
CA THR O 22 21.90 -71.69 -110.27
C THR O 22 21.15 -70.42 -110.64
N LEU O 23 20.91 -69.56 -109.68
CA LEU O 23 20.28 -68.28 -109.96
C LEU O 23 21.35 -67.24 -109.86
N ASN O 24 21.31 -66.28 -110.76
CA ASN O 24 22.26 -65.19 -110.73
C ASN O 24 21.62 -64.00 -110.00
N ILE O 25 22.17 -63.63 -108.85
CA ILE O 25 21.52 -62.66 -107.99
C ILE O 25 21.27 -61.36 -108.72
N ARG O 26 22.22 -60.91 -109.53
CA ARG O 26 22.03 -59.62 -110.19
C ARG O 26 21.01 -59.72 -111.32
N ASP O 27 21.05 -60.83 -112.06
CA ASP O 27 20.01 -61.11 -113.05
C ASP O 27 18.58 -61.22 -112.46
N MET O 28 18.43 -61.82 -111.28
CA MET O 28 17.12 -61.88 -110.63
C MET O 28 16.53 -60.48 -110.45
N ILE O 29 17.38 -59.53 -110.08
CA ILE O 29 16.93 -58.16 -109.80
C ILE O 29 16.70 -57.38 -111.10
N SER O 30 17.56 -57.59 -112.09
CA SER O 30 17.45 -56.86 -113.36
C SER O 30 16.38 -57.41 -114.31
N ASP O 31 16.12 -58.72 -114.27
CA ASP O 31 15.08 -59.31 -115.10
C ASP O 31 13.70 -58.92 -114.57
N PHE O 32 13.62 -58.75 -113.26
CA PHE O 32 12.39 -58.36 -112.60
C PHE O 32 12.09 -56.89 -112.92
N LYS O 33 12.97 -55.99 -112.48
CA LYS O 33 13.06 -54.66 -113.09
C LYS O 33 11.81 -53.78 -112.96
N GLY O 34 11.16 -53.72 -111.79
CA GLY O 34 11.74 -53.87 -110.48
C GLY O 34 11.74 -52.43 -109.95
N VAL O 35 10.97 -52.11 -108.91
CA VAL O 35 11.12 -50.80 -108.26
C VAL O 35 12.50 -50.68 -107.65
N GLN O 36 12.97 -51.76 -107.03
CA GLN O 36 14.30 -51.81 -106.45
C GLN O 36 15.41 -51.72 -107.52
N TYR O 37 15.23 -52.43 -108.63
CA TYR O 37 16.19 -52.33 -109.74
C TYR O 37 16.37 -50.89 -110.19
N GLU O 38 15.26 -50.18 -110.35
CA GLU O 38 15.34 -48.79 -110.77
C GLU O 38 15.96 -47.87 -109.70
N LYS O 39 15.75 -48.16 -108.42
CA LYS O 39 16.41 -47.38 -107.36
C LYS O 39 17.92 -47.60 -107.48
N TRP O 40 18.27 -48.79 -107.95
CA TRP O 40 19.66 -49.24 -108.01
C TRP O 40 20.42 -48.42 -109.06
N ILE O 41 19.82 -48.31 -110.24
CA ILE O 41 20.42 -47.53 -111.31
C ILE O 41 20.80 -46.14 -110.84
N THR O 42 20.00 -45.55 -109.94
CA THR O 42 20.26 -44.20 -109.47
C THR O 42 21.34 -44.16 -108.41
N ALA O 43 21.36 -45.21 -107.60
CA ALA O 43 22.35 -45.30 -106.54
C ALA O 43 23.73 -45.53 -107.14
N GLY O 44 23.76 -46.30 -108.23
CA GLY O 44 25.01 -46.81 -108.77
C GLY O 44 25.53 -48.03 -108.00
N LEU O 45 25.95 -47.80 -106.75
CA LEU O 45 26.45 -48.84 -105.87
C LEU O 45 25.48 -49.21 -104.76
N VAL O 46 25.26 -50.50 -104.52
CA VAL O 46 24.42 -50.95 -103.41
C VAL O 46 25.12 -52.02 -102.57
N MET O 47 24.90 -52.00 -101.26
CA MET O 47 25.46 -53.00 -100.33
C MET O 47 24.35 -53.70 -99.55
N PRO O 48 23.42 -54.34 -100.26
CA PRO O 48 22.12 -54.72 -99.70
C PRO O 48 22.22 -55.62 -98.49
N THR O 49 21.16 -55.58 -97.69
CA THR O 49 20.86 -56.70 -96.81
C THR O 49 19.64 -57.38 -97.41
N PHE O 50 19.86 -58.57 -97.96
CA PHE O 50 18.80 -59.34 -98.59
C PHE O 50 18.08 -60.23 -97.60
N LYS O 51 16.77 -60.39 -97.77
CA LYS O 51 16.04 -61.50 -97.18
C LYS O 51 15.76 -62.44 -98.35
N ILE O 52 16.29 -63.64 -98.30
CA ILE O 52 16.00 -64.60 -99.34
C ILE O 52 14.88 -65.49 -98.84
N VAL O 53 13.88 -65.70 -99.69
CA VAL O 53 12.75 -66.55 -99.33
C VAL O 53 12.54 -67.60 -100.38
N ILE O 54 12.53 -68.86 -99.97
CA ILE O 54 12.31 -69.93 -100.91
C ILE O 54 10.93 -70.52 -100.64
N ARG O 55 10.03 -70.38 -101.61
CA ARG O 55 8.67 -70.88 -101.48
C ARG O 55 8.52 -72.27 -102.05
N LEU O 56 7.85 -73.12 -101.27
CA LEU O 56 8.22 -74.51 -101.18
C LEU O 56 7.09 -75.14 -100.38
N PRO O 57 6.37 -76.10 -100.96
CA PRO O 57 5.26 -76.71 -100.22
C PRO O 57 5.75 -77.65 -99.15
N ALA O 58 5.37 -77.39 -97.90
CA ALA O 58 5.86 -78.21 -96.79
C ALA O 58 5.37 -79.64 -96.90
N ASN O 59 6.26 -80.58 -96.66
CA ASN O 59 5.90 -81.98 -96.73
C ASN O 59 6.76 -82.89 -95.84
N ALA O 60 6.11 -83.64 -94.96
CA ALA O 60 6.87 -84.46 -94.03
C ALA O 60 7.08 -85.87 -94.54
N PHE O 61 6.68 -86.14 -95.78
CA PHE O 61 6.65 -87.52 -96.26
C PHE O 61 7.67 -87.81 -97.35
N THR O 62 8.70 -86.97 -97.48
CA THR O 62 9.68 -87.15 -98.54
C THR O 62 11.09 -87.40 -98.03
N GLY O 63 11.50 -86.71 -96.98
CA GLY O 63 12.86 -86.84 -96.50
C GLY O 63 13.84 -85.90 -97.21
N LEU O 64 13.32 -85.13 -98.15
CA LEU O 64 14.14 -84.20 -98.96
C LEU O 64 14.76 -83.11 -98.11
N THR O 65 16.05 -82.91 -98.31
CA THR O 65 16.76 -81.75 -97.79
C THR O 65 17.63 -81.13 -98.88
N TRP O 66 17.52 -79.84 -99.08
CA TRP O 66 18.31 -79.14 -100.10
C TRP O 66 19.33 -78.22 -99.47
N VAL O 67 20.29 -77.76 -100.25
CA VAL O 67 21.25 -76.78 -99.78
C VAL O 67 21.29 -75.57 -100.70
N MET O 68 21.07 -74.39 -100.14
CA MET O 68 21.30 -73.17 -100.90
C MET O 68 22.70 -72.70 -100.56
N SER O 69 23.53 -72.54 -101.58
CA SER O 69 24.93 -72.16 -101.37
C SER O 69 25.14 -70.77 -101.96
N PHE O 70 25.61 -69.84 -101.13
CA PHE O 70 25.89 -68.48 -101.59
C PHE O 70 27.34 -68.38 -102.11
N ASP O 71 27.47 -68.32 -103.42
CA ASP O 71 28.77 -68.33 -104.05
C ASP O 71 29.04 -67.00 -104.72
N ALA O 72 29.43 -66.01 -103.92
CA ALA O 72 29.50 -64.65 -104.44
C ALA O 72 30.63 -64.48 -105.45
N TYR O 73 31.60 -65.38 -105.39
CA TYR O 73 32.79 -65.24 -106.21
C TYR O 73 32.96 -66.36 -107.22
N ASN O 74 31.86 -67.09 -107.43
CA ASN O 74 31.79 -68.06 -108.51
C ASN O 74 32.89 -69.13 -108.44
N ARG O 75 33.09 -69.69 -107.25
CA ARG O 75 34.21 -70.62 -107.01
C ARG O 75 33.84 -72.09 -107.06
N ILE O 76 32.64 -72.46 -106.63
CA ILE O 76 32.20 -73.86 -106.80
C ILE O 76 31.34 -74.15 -108.05
N THR O 77 30.93 -73.12 -108.78
CA THR O 77 30.02 -73.32 -109.91
C THR O 77 30.47 -74.39 -110.91
N SER O 78 31.68 -74.21 -111.43
CA SER O 78 32.25 -75.11 -112.44
C SER O 78 32.23 -76.57 -112.03
N ARG O 79 32.12 -76.85 -110.74
CA ARG O 79 32.34 -78.19 -110.24
C ARG O 79 31.09 -78.92 -109.74
N ILE O 80 29.95 -78.25 -109.81
CA ILE O 80 28.72 -78.84 -109.29
C ILE O 80 27.67 -79.06 -110.33
N THR O 81 27.92 -78.66 -111.57
CA THR O 81 26.85 -78.62 -112.57
C THR O 81 26.44 -79.99 -113.13
N ALA O 82 27.34 -80.97 -113.04
CA ALA O 82 26.98 -82.36 -113.32
C ALA O 82 26.43 -83.02 -112.06
N SER O 83 27.29 -83.11 -111.05
CA SER O 83 26.90 -83.65 -109.76
C SER O 83 27.47 -82.76 -108.67
N ALA O 84 26.66 -82.48 -107.65
CA ALA O 84 27.07 -81.60 -106.57
C ALA O 84 27.52 -82.37 -105.33
N ASP O 85 28.82 -82.59 -105.16
CA ASP O 85 29.29 -83.24 -103.94
C ASP O 85 29.09 -82.24 -102.81
N PRO O 86 28.60 -82.73 -101.65
CA PRO O 86 28.41 -81.86 -100.49
C PRO O 86 29.69 -81.13 -100.06
N VAL O 87 30.88 -81.68 -100.27
CA VAL O 87 32.10 -80.99 -99.89
C VAL O 87 32.20 -79.63 -100.56
N TYR O 88 31.77 -79.54 -101.82
CA TYR O 88 31.76 -78.26 -102.53
C TYR O 88 30.64 -77.35 -102.01
N THR O 89 29.43 -77.88 -101.96
CA THR O 89 28.25 -77.06 -101.66
C THR O 89 28.30 -76.50 -100.24
N LEU O 90 28.98 -77.18 -99.32
CA LEU O 90 29.08 -76.74 -97.93
C LEU O 90 30.36 -75.94 -97.61
N SER O 91 31.17 -75.70 -98.63
CA SER O 91 32.47 -75.04 -98.45
C SER O 91 32.35 -73.53 -98.54
N VAL O 92 31.16 -73.06 -98.91
CA VAL O 92 30.87 -71.62 -98.92
C VAL O 92 29.68 -71.35 -97.99
N PRO O 93 29.40 -70.07 -97.69
CA PRO O 93 28.23 -69.81 -96.85
C PRO O 93 26.97 -70.49 -97.41
N HIS O 94 26.20 -71.15 -96.55
CA HIS O 94 25.11 -71.99 -97.03
C HIS O 94 24.04 -72.21 -95.98
N TRP O 95 22.90 -72.72 -96.41
CA TRP O 95 21.75 -72.92 -95.54
C TRP O 95 21.07 -74.25 -95.86
N LEU O 96 20.69 -74.98 -94.82
CA LEU O 96 19.94 -76.21 -95.03
C LEU O 96 18.46 -75.88 -95.19
N ILE O 97 17.86 -76.46 -96.21
CA ILE O 97 16.44 -76.28 -96.43
C ILE O 97 15.74 -77.60 -96.24
N HIS O 98 15.04 -77.76 -95.12
CA HIS O 98 14.32 -78.99 -94.85
C HIS O 98 12.91 -78.95 -95.41
N HIS O 99 12.54 -80.00 -96.14
CA HIS O 99 11.23 -80.08 -96.77
C HIS O 99 10.12 -80.08 -95.74
N LYS O 100 10.36 -80.70 -94.58
CA LYS O 100 9.33 -80.73 -93.56
C LYS O 100 8.93 -79.33 -93.06
N LEU O 101 9.82 -78.36 -93.20
CA LEU O 101 9.59 -77.01 -92.66
C LEU O 101 8.93 -76.05 -93.65
N GLY O 102 8.79 -76.51 -94.89
CA GLY O 102 8.19 -75.69 -95.92
C GLY O 102 8.99 -74.46 -96.31
N THR O 103 8.27 -73.36 -96.46
CA THR O 103 8.88 -72.13 -96.94
C THR O 103 10.03 -71.67 -96.04
N PHE O 104 11.15 -71.33 -96.68
CA PHE O 104 12.40 -71.07 -95.97
C PHE O 104 12.78 -69.63 -96.15
N SER O 105 13.45 -69.07 -95.15
CA SER O 105 13.92 -67.69 -95.22
C SER O 105 15.26 -67.50 -94.51
N CYS O 106 16.07 -66.56 -94.99
CA CYS O 106 17.30 -66.19 -94.27
C CYS O 106 17.76 -64.80 -94.67
N GLU O 107 18.69 -64.24 -93.90
CA GLU O 107 19.24 -62.93 -94.24
C GLU O 107 20.65 -63.06 -94.77
N ILE O 108 20.96 -62.25 -95.77
CA ILE O 108 22.30 -62.17 -96.28
C ILE O 108 22.74 -60.72 -96.18
N ASP O 109 23.67 -60.44 -95.27
CA ASP O 109 24.26 -59.12 -95.20
C ASP O 109 25.38 -59.13 -96.22
N TYR O 110 25.10 -58.54 -97.38
CA TYR O 110 26.01 -58.58 -98.49
C TYR O 110 27.34 -57.92 -98.15
N GLY O 111 27.30 -56.99 -97.18
CA GLY O 111 28.49 -56.37 -96.66
C GLY O 111 29.45 -57.36 -96.03
N GLU O 112 28.90 -58.30 -95.28
CA GLU O 112 29.71 -59.37 -94.66
C GLU O 112 30.02 -60.55 -95.59
N LEU O 113 28.98 -61.28 -95.97
CA LEU O 113 29.16 -62.46 -96.80
C LEU O 113 29.84 -62.21 -98.15
N CYS O 114 29.79 -60.97 -98.63
CA CYS O 114 30.41 -60.66 -99.91
C CYS O 114 31.58 -59.68 -99.79
N GLY O 115 31.33 -58.49 -99.27
CA GLY O 115 32.41 -57.53 -99.04
C GLY O 115 32.57 -56.37 -100.01
N HIS O 116 32.17 -56.55 -101.27
CA HIS O 116 32.18 -55.42 -102.18
C HIS O 116 30.78 -55.01 -102.70
N ALA O 117 30.59 -53.72 -102.96
CA ALA O 117 29.30 -53.20 -103.38
C ALA O 117 29.00 -53.49 -104.85
N MET O 118 27.72 -53.66 -105.17
CA MET O 118 27.26 -54.03 -106.52
C MET O 118 27.02 -52.84 -107.43
N TRP O 119 27.64 -52.89 -108.60
CA TRP O 119 27.55 -51.83 -109.58
C TRP O 119 26.41 -52.15 -110.56
N PHE O 120 25.48 -51.22 -110.70
CA PHE O 120 24.27 -51.43 -111.47
C PHE O 120 24.49 -51.92 -112.91
N LYS O 121 25.54 -51.46 -113.59
CA LYS O 121 25.67 -51.69 -115.04
C LYS O 121 26.42 -52.96 -115.43
N SER O 122 27.25 -53.49 -114.52
CA SER O 122 28.05 -54.67 -114.86
C SER O 122 28.64 -55.29 -113.62
N THR O 123 29.00 -56.56 -113.76
CA THR O 123 29.73 -57.24 -112.72
C THR O 123 31.13 -56.61 -112.53
N THR O 124 31.51 -56.36 -111.27
CA THR O 124 32.83 -55.80 -110.99
C THR O 124 33.88 -56.94 -111.00
N PHE O 125 33.81 -57.83 -110.02
CA PHE O 125 34.78 -58.91 -109.98
C PHE O 125 34.23 -60.14 -110.61
N GLU O 126 33.53 -60.95 -109.84
CA GLU O 126 32.77 -62.02 -110.45
C GLU O 126 31.31 -61.83 -110.09
N SER O 127 30.46 -62.53 -110.83
CA SER O 127 29.00 -62.44 -110.70
C SER O 127 28.43 -63.36 -109.60
N PRO O 128 27.81 -62.76 -108.57
CA PRO O 128 27.30 -63.48 -107.37
C PRO O 128 26.18 -64.51 -107.69
N ARG O 129 26.36 -65.76 -107.28
CA ARG O 129 25.38 -66.82 -107.57
C ARG O 129 24.77 -67.46 -106.32
N LEU O 130 23.54 -67.95 -106.47
CA LEU O 130 22.95 -68.84 -105.48
C LEU O 130 22.82 -70.23 -106.12
N HIS O 131 23.44 -71.24 -105.52
CA HIS O 131 23.32 -72.61 -106.04
C HIS O 131 22.32 -73.42 -105.22
N PHE O 132 21.49 -74.19 -105.92
CA PHE O 132 20.57 -75.07 -105.22
C PHE O 132 20.86 -76.53 -105.55
N THR O 133 21.20 -77.28 -104.52
CA THR O 133 21.57 -78.67 -104.65
C THR O 133 20.75 -79.52 -103.67
N CYS O 134 20.68 -80.82 -103.93
CA CYS O 134 19.96 -81.70 -103.03
C CYS O 134 20.95 -82.44 -102.14
N LEU O 135 20.80 -82.27 -100.82
CA LEU O 135 21.75 -82.83 -99.86
C LEU O 135 21.40 -84.27 -99.50
N THR O 136 20.13 -84.47 -99.18
CA THR O 136 19.58 -85.80 -98.91
C THR O 136 18.37 -85.99 -99.80
N GLY O 137 18.28 -87.16 -100.42
CA GLY O 137 17.29 -87.39 -101.46
C GLY O 137 15.93 -87.79 -100.91
N ASN O 138 14.93 -87.85 -101.77
CA ASN O 138 13.62 -88.34 -101.37
C ASN O 138 13.65 -89.85 -101.16
N ASN O 139 12.77 -90.34 -100.31
CA ASN O 139 12.80 -91.74 -99.92
C ASN O 139 12.31 -92.61 -101.07
N LYS O 140 11.45 -92.02 -101.89
CA LYS O 140 10.93 -92.65 -103.09
C LYS O 140 10.58 -91.46 -103.97
N GLU O 141 10.52 -91.66 -105.28
CA GLU O 141 10.21 -90.52 -106.13
C GLU O 141 8.83 -89.96 -105.80
N LEU O 142 8.62 -88.69 -106.13
CA LEU O 142 7.31 -88.09 -105.93
C LEU O 142 6.40 -88.35 -107.14
N ALA O 143 5.20 -87.79 -107.12
CA ALA O 143 4.24 -88.06 -108.16
C ALA O 143 4.62 -87.41 -109.49
N ALA O 144 5.22 -86.21 -109.45
CA ALA O 144 5.53 -85.48 -110.68
C ALA O 144 6.61 -84.43 -110.46
N ASP O 145 7.17 -83.95 -111.56
CA ASP O 145 8.09 -82.80 -111.48
C ASP O 145 7.38 -81.61 -110.86
N TRP O 146 8.14 -80.75 -110.19
CA TRP O 146 7.59 -79.53 -109.60
C TRP O 146 8.61 -78.40 -109.59
N GLN O 147 8.23 -77.26 -109.01
CA GLN O 147 9.16 -76.16 -108.90
C GLN O 147 9.05 -75.43 -107.57
N ALA O 148 10.12 -74.73 -107.22
CA ALA O 148 10.13 -73.85 -106.07
C ALA O 148 10.44 -72.45 -106.57
N VAL O 149 9.97 -71.44 -105.85
CA VAL O 149 10.23 -70.04 -106.20
C VAL O 149 11.22 -69.40 -105.23
N VAL O 150 12.24 -68.73 -105.78
CA VAL O 150 13.21 -68.02 -104.96
C VAL O 150 12.94 -66.52 -105.07
N GLU O 151 12.85 -65.83 -103.94
CA GLU O 151 12.59 -64.39 -103.96
C GLU O 151 13.61 -63.57 -103.16
N LEU O 152 14.05 -62.43 -103.72
CA LEU O 152 14.94 -61.50 -103.03
C LEU O 152 14.15 -60.29 -102.56
N TYR O 153 14.19 -60.04 -101.26
CA TYR O 153 13.57 -58.85 -100.70
C TYR O 153 14.66 -57.93 -100.18
N ALA O 154 14.56 -56.63 -100.49
CA ALA O 154 15.59 -55.67 -100.09
C ALA O 154 15.07 -54.27 -100.24
N GLU O 155 15.58 -53.35 -99.43
CA GLU O 155 15.37 -51.94 -99.67
C GLU O 155 16.69 -51.31 -100.06
N LEU O 156 16.97 -51.31 -101.36
CA LEU O 156 18.27 -50.84 -101.85
C LEU O 156 18.47 -49.35 -101.62
N GLU O 157 19.58 -49.01 -101.00
CA GLU O 157 19.97 -47.62 -100.92
C GLU O 157 21.45 -47.44 -101.37
N GLU O 158 21.79 -46.22 -101.77
CA GLU O 158 23.13 -45.96 -102.29
C GLU O 158 24.19 -46.32 -101.25
N ALA O 159 25.20 -47.05 -101.72
CA ALA O 159 26.36 -47.43 -100.92
C ALA O 159 27.37 -46.28 -100.77
N THR O 160 27.81 -46.06 -99.54
CA THR O 160 28.72 -44.98 -99.23
C THR O 160 30.18 -45.32 -99.55
N SER O 161 30.54 -46.59 -99.40
CA SER O 161 31.91 -47.09 -99.65
C SER O 161 31.93 -48.27 -100.59
N PHE O 162 33.07 -48.54 -101.21
CA PHE O 162 33.16 -49.71 -102.08
C PHE O 162 33.28 -50.99 -101.27
N LEU O 163 34.00 -50.90 -100.17
CA LEU O 163 34.30 -52.09 -99.40
C LEU O 163 33.42 -52.21 -98.18
N GLY O 164 33.06 -53.45 -97.83
CA GLY O 164 32.34 -53.76 -96.61
C GLY O 164 33.21 -53.65 -95.37
N LYS O 165 32.80 -54.31 -94.30
CA LYS O 165 33.67 -54.46 -93.14
C LYS O 165 34.30 -55.84 -93.30
N PRO O 166 35.58 -55.97 -92.93
CA PRO O 166 36.30 -57.22 -93.18
C PRO O 166 35.76 -58.35 -92.31
N THR O 167 35.41 -59.47 -92.94
CA THR O 167 35.02 -60.70 -92.27
C THR O 167 36.11 -61.20 -91.31
N LEU O 168 37.38 -61.00 -91.68
CA LEU O 168 38.52 -61.55 -90.93
C LEU O 168 39.75 -60.67 -91.00
N VAL O 169 40.44 -60.54 -89.88
CA VAL O 169 41.73 -59.84 -89.88
C VAL O 169 42.84 -60.75 -89.42
N PHE O 170 43.92 -60.82 -90.20
CA PHE O 170 44.95 -61.82 -89.97
C PHE O 170 45.61 -61.69 -88.60
N ASP O 171 45.60 -62.79 -87.87
CA ASP O 171 46.24 -62.90 -86.56
C ASP O 171 46.49 -64.38 -86.24
N PRO O 172 47.77 -64.77 -86.12
CA PRO O 172 48.25 -66.14 -85.95
C PRO O 172 47.76 -66.71 -84.65
N GLY O 173 47.75 -65.85 -83.64
CA GLY O 173 47.44 -66.25 -82.28
C GLY O 173 45.97 -66.19 -81.97
N VAL O 174 45.13 -66.10 -83.01
CA VAL O 174 43.69 -65.97 -82.77
C VAL O 174 42.81 -66.84 -83.68
N PHE O 175 42.43 -67.95 -83.05
CA PHE O 175 41.37 -68.86 -83.45
C PHE O 175 40.57 -69.08 -82.16
N ASN O 176 39.41 -68.42 -82.05
CA ASN O 176 38.58 -68.51 -80.85
C ASN O 176 38.18 -69.93 -80.50
N GLY O 177 37.61 -70.65 -81.45
CA GLY O 177 37.03 -71.94 -81.17
C GLY O 177 35.56 -71.97 -81.58
N LYS O 178 35.04 -70.82 -81.99
CA LYS O 178 33.69 -70.73 -82.55
C LYS O 178 33.77 -70.86 -84.08
N PHE O 179 32.77 -71.51 -84.68
CA PHE O 179 32.72 -71.69 -86.13
C PHE O 179 31.44 -71.11 -86.72
N GLN O 180 31.48 -70.72 -87.99
CA GLN O 180 30.26 -70.55 -88.78
C GLN O 180 30.31 -71.40 -90.05
N PHE O 181 29.15 -71.85 -90.48
CA PHE O 181 29.04 -72.61 -91.71
C PHE O 181 29.91 -73.86 -91.74
N LEU O 182 30.06 -74.53 -90.59
CA LEU O 182 30.75 -75.80 -90.54
C LEU O 182 29.74 -76.93 -90.52
N THR O 183 29.47 -77.48 -91.72
CA THR O 183 28.48 -78.55 -91.86
C THR O 183 29.19 -79.79 -92.42
N CYS O 184 28.98 -80.93 -91.77
CA CYS O 184 29.58 -82.17 -92.23
C CYS O 184 28.69 -82.77 -93.29
N PRO O 185 29.30 -83.34 -94.34
CA PRO O 185 28.50 -84.12 -95.30
C PRO O 185 27.66 -85.19 -94.61
N PRO O 186 26.53 -85.54 -95.22
CA PRO O 186 25.56 -86.44 -94.60
C PRO O 186 26.18 -87.80 -94.26
N ILE O 187 25.76 -88.32 -93.12
CA ILE O 187 26.11 -89.64 -92.66
C ILE O 187 24.89 -90.54 -92.87
N PHE O 188 25.07 -91.77 -93.38
CA PHE O 188 23.91 -92.62 -93.71
C PHE O 188 23.84 -93.93 -92.94
N PHE O 189 22.63 -94.29 -92.51
CA PHE O 189 22.39 -95.56 -91.81
C PHE O 189 21.46 -96.47 -92.59
N ASP O 190 21.85 -97.73 -92.76
CA ASP O 190 21.03 -98.68 -93.51
C ASP O 190 19.97 -99.23 -92.57
N LEU O 191 18.79 -99.53 -93.10
CA LEU O 191 17.78 -100.13 -92.23
C LEU O 191 17.83 -101.65 -92.23
N THR O 192 18.78 -102.18 -92.99
CA THR O 192 19.01 -103.61 -93.00
C THR O 192 20.03 -103.99 -91.98
N ALA O 193 20.29 -103.08 -91.05
CA ALA O 193 21.27 -103.30 -90.00
C ALA O 193 20.69 -103.01 -88.60
N VAL O 194 20.77 -104.01 -87.72
CA VAL O 194 20.20 -103.85 -86.38
C VAL O 194 20.96 -102.84 -85.51
N THR O 195 22.28 -102.75 -85.66
CA THR O 195 23.07 -101.65 -85.09
C THR O 195 24.11 -101.19 -86.10
N ALA O 196 24.73 -100.05 -85.85
CA ALA O 196 25.75 -99.55 -86.77
C ALA O 196 26.55 -98.41 -86.20
N LEU O 197 27.74 -98.23 -86.75
CA LEU O 197 28.59 -97.14 -86.33
C LEU O 197 28.93 -96.25 -87.50
N ARG O 198 28.88 -94.94 -87.30
CA ARG O 198 29.46 -94.02 -88.28
C ARG O 198 30.37 -93.05 -87.57
N SER O 199 31.63 -92.98 -88.04
CA SER O 199 32.62 -92.07 -87.46
C SER O 199 32.72 -90.77 -88.21
N ALA O 200 32.91 -89.70 -87.45
CA ALA O 200 33.20 -88.39 -88.01
C ALA O 200 34.51 -87.96 -87.41
N GLY O 201 35.50 -87.72 -88.27
CA GLY O 201 36.82 -87.33 -87.78
C GLY O 201 36.80 -85.96 -87.14
N LEU O 202 37.60 -85.78 -86.10
CA LEU O 202 37.65 -84.48 -85.42
C LEU O 202 38.96 -83.75 -85.69
N THR O 203 39.71 -84.24 -86.66
CA THR O 203 40.93 -83.58 -87.08
C THR O 203 40.60 -82.47 -88.08
N LEU O 204 40.03 -81.38 -87.57
CA LEU O 204 39.32 -80.39 -88.37
C LEU O 204 40.20 -79.53 -89.27
N GLY O 205 41.50 -79.59 -89.09
CA GLY O 205 42.41 -78.81 -89.93
C GLY O 205 42.76 -79.48 -91.24
N GLN O 206 42.33 -80.74 -91.38
CA GLN O 206 42.55 -81.53 -92.58
C GLN O 206 41.77 -80.88 -93.74
N VAL O 207 42.38 -80.81 -94.90
CA VAL O 207 41.67 -80.25 -96.06
C VAL O 207 40.80 -81.33 -96.74
N PRO O 208 39.50 -81.04 -96.88
CA PRO O 208 38.54 -81.97 -97.47
C PRO O 208 38.84 -82.23 -98.93
N MET O 209 38.49 -83.42 -99.42
CA MET O 209 38.75 -83.75 -100.80
C MET O 209 37.56 -84.34 -101.55
N VAL O 210 37.56 -84.14 -102.86
CA VAL O 210 36.57 -84.73 -103.74
C VAL O 210 37.38 -85.36 -104.86
N GLY O 211 37.59 -86.66 -104.77
CA GLY O 211 38.49 -87.33 -105.68
C GLY O 211 39.90 -86.84 -105.43
N THR O 212 40.54 -86.32 -106.47
CA THR O 212 41.90 -85.81 -106.35
C THR O 212 41.91 -84.30 -106.09
N THR O 213 40.73 -83.71 -106.03
CA THR O 213 40.60 -82.27 -105.83
C THR O 213 40.57 -81.84 -104.36
N LYS O 214 41.51 -80.99 -103.96
CA LYS O 214 41.54 -80.43 -102.61
C LYS O 214 40.59 -79.24 -102.58
N VAL O 215 39.74 -79.16 -101.56
CA VAL O 215 38.82 -78.04 -101.41
C VAL O 215 39.20 -77.22 -100.19
N TYR O 216 40.09 -76.26 -100.37
CA TYR O 216 40.47 -75.38 -99.29
C TYR O 216 39.27 -74.57 -98.83
N ASN O 217 39.08 -74.50 -97.52
CA ASN O 217 38.00 -73.67 -96.98
C ASN O 217 38.41 -72.96 -95.68
N LEU O 218 37.67 -71.91 -95.32
CA LEU O 218 38.07 -71.10 -94.18
C LEU O 218 38.12 -71.86 -92.86
N ASN O 219 37.13 -72.71 -92.61
CA ASN O 219 37.07 -73.46 -91.35
C ASN O 219 38.29 -74.34 -91.10
N SER O 220 38.62 -75.23 -92.04
CA SER O 220 39.83 -76.04 -91.89
C SER O 220 41.08 -75.15 -91.80
N THR O 221 41.10 -74.06 -92.57
CA THR O 221 42.20 -73.10 -92.48
C THR O 221 42.33 -72.54 -91.07
N LEU O 222 41.22 -72.17 -90.45
CA LEU O 222 41.25 -71.62 -89.10
C LEU O 222 41.79 -72.63 -88.11
N VAL O 223 41.27 -73.85 -88.16
CA VAL O 223 41.75 -74.87 -87.24
C VAL O 223 43.27 -75.12 -87.43
N SER O 224 43.77 -74.98 -88.66
CA SER O 224 45.19 -75.22 -88.92
C SER O 224 46.11 -74.20 -88.22
N CYS O 225 45.51 -73.10 -87.72
CA CYS O 225 46.22 -72.00 -87.03
C CYS O 225 46.58 -72.37 -85.60
N VAL O 226 46.19 -73.56 -85.21
CA VAL O 226 46.45 -74.10 -83.88
C VAL O 226 47.13 -75.49 -84.02
N LEU O 227 47.77 -75.97 -82.97
CA LEU O 227 48.46 -77.27 -83.07
C LEU O 227 47.49 -78.41 -82.76
N GLY O 228 46.46 -78.11 -81.96
CA GLY O 228 45.47 -79.08 -81.58
C GLY O 228 44.46 -78.46 -80.64
N MET O 229 43.45 -79.24 -80.27
CA MET O 229 42.34 -78.72 -79.49
C MET O 229 41.69 -79.82 -78.67
N GLY O 230 41.24 -79.44 -77.49
CA GLY O 230 40.43 -80.31 -76.66
C GLY O 230 39.24 -79.51 -76.17
N GLY O 231 38.30 -80.18 -75.52
CA GLY O 231 37.15 -79.46 -75.03
C GLY O 231 35.90 -80.18 -75.42
N THR O 232 34.81 -79.43 -75.52
CA THR O 232 33.51 -80.04 -75.82
C THR O 232 33.03 -79.55 -77.18
N VAL O 233 32.60 -80.48 -78.04
CA VAL O 233 32.02 -80.13 -79.33
C VAL O 233 30.55 -79.82 -79.16
N ARG O 234 30.14 -78.58 -79.40
CA ARG O 234 28.72 -78.20 -79.36
C ARG O 234 28.25 -78.15 -80.79
N GLY O 235 27.19 -78.89 -81.11
CA GLY O 235 26.66 -78.88 -82.46
C GLY O 235 25.18 -79.13 -82.53
N ARG O 236 24.68 -79.30 -83.75
CA ARG O 236 23.29 -79.68 -84.00
C ARG O 236 23.23 -80.94 -84.87
N VAL O 237 22.23 -81.77 -84.63
CA VAL O 237 22.01 -82.95 -85.44
C VAL O 237 20.68 -82.83 -86.14
N HIS O 238 20.68 -83.04 -87.46
CA HIS O 238 19.43 -83.08 -88.21
C HIS O 238 19.14 -84.47 -88.75
N ILE O 239 17.96 -84.98 -88.44
CA ILE O 239 17.55 -86.27 -88.95
C ILE O 239 16.71 -86.05 -90.19
N CYS O 240 17.28 -86.39 -91.34
CA CYS O 240 16.71 -86.00 -92.63
C CYS O 240 15.94 -87.10 -93.33
N ALA O 241 14.83 -87.51 -92.74
CA ALA O 241 14.02 -88.59 -93.27
C ALA O 241 12.54 -88.28 -93.06
N PRO O 242 11.66 -89.03 -93.73
CA PRO O 242 10.21 -88.89 -93.56
C PRO O 242 9.75 -89.17 -92.12
N ILE O 243 8.61 -88.63 -91.68
CA ILE O 243 8.11 -88.83 -90.29
C ILE O 243 7.98 -90.28 -89.94
N PHE O 244 7.84 -91.15 -90.94
CA PHE O 244 7.66 -92.58 -90.68
C PHE O 244 8.96 -93.37 -90.57
N TYR O 245 10.10 -92.67 -90.74
CA TYR O 245 11.41 -93.20 -90.39
C TYR O 245 11.77 -92.73 -88.98
N SER O 246 12.51 -93.54 -88.23
CA SER O 246 12.95 -93.09 -86.91
C SER O 246 14.16 -93.86 -86.42
N ILE O 247 14.92 -93.27 -85.51
CA ILE O 247 16.17 -93.86 -85.09
C ILE O 247 16.54 -93.35 -83.70
N VAL O 248 17.38 -94.11 -82.99
CA VAL O 248 17.93 -93.64 -81.72
C VAL O 248 19.42 -93.82 -81.76
N LEU O 249 20.15 -92.73 -81.50
CA LEU O 249 21.61 -92.76 -81.59
C LEU O 249 22.27 -92.53 -80.23
N TRP O 250 23.38 -93.23 -80.00
CA TRP O 250 24.29 -92.95 -78.90
C TRP O 250 25.45 -92.22 -79.53
N VAL O 251 25.66 -90.96 -79.15
CA VAL O 251 26.75 -90.18 -79.73
C VAL O 251 27.86 -89.95 -78.70
N VAL O 252 29.07 -90.36 -79.04
CA VAL O 252 30.15 -90.34 -78.07
C VAL O 252 31.51 -90.19 -78.74
N SER O 253 32.51 -89.70 -78.01
CA SER O 253 33.84 -89.54 -78.56
C SER O 253 34.79 -90.66 -78.18
N GLU O 254 35.58 -91.13 -79.14
CA GLU O 254 36.53 -92.22 -78.88
C GLU O 254 37.90 -91.94 -79.47
N TRP O 255 38.93 -92.53 -78.87
CA TRP O 255 40.30 -92.31 -79.32
C TRP O 255 40.90 -93.55 -79.98
N ASN O 256 41.48 -93.34 -81.16
CA ASN O 256 42.21 -94.39 -81.86
C ASN O 256 41.46 -95.71 -81.92
N GLY O 257 40.48 -95.80 -82.80
CA GLY O 257 39.65 -96.98 -82.90
C GLY O 257 38.43 -96.86 -82.02
N THR O 258 37.70 -97.94 -81.89
CA THR O 258 36.49 -97.93 -81.10
C THR O 258 36.50 -99.19 -80.25
N THR O 259 35.80 -99.17 -79.13
CA THR O 259 35.70 -100.36 -78.32
C THR O 259 34.73 -101.32 -78.97
N MET O 260 34.93 -102.60 -78.70
CA MET O 260 34.11 -103.62 -79.31
C MET O 260 33.10 -104.12 -78.28
N ASP O 261 33.23 -103.63 -77.04
CA ASP O 261 32.43 -104.08 -75.91
C ASP O 261 31.30 -103.08 -75.65
N TRP O 262 30.08 -103.51 -75.94
CA TRP O 262 28.93 -102.64 -75.73
C TRP O 262 28.83 -102.10 -74.31
N ASN O 263 29.25 -102.88 -73.32
CA ASN O 263 29.19 -102.39 -71.96
C ASN O 263 30.21 -101.28 -71.67
N GLU O 264 31.40 -101.39 -72.25
CA GLU O 264 32.38 -100.35 -72.09
C GLU O 264 31.87 -99.08 -72.78
N LEU O 265 31.31 -99.26 -73.97
CA LEU O 265 30.80 -98.16 -74.75
C LEU O 265 29.87 -97.25 -73.94
N PHE O 266 29.04 -97.84 -73.09
CA PHE O 266 28.06 -97.07 -72.35
C PHE O 266 28.54 -96.60 -70.98
N LYS O 267 29.82 -96.84 -70.70
CA LYS O 267 30.46 -96.24 -69.54
C LYS O 267 31.11 -94.91 -69.93
N TYR O 268 31.16 -94.63 -71.24
CA TYR O 268 31.69 -93.36 -71.75
C TYR O 268 30.67 -92.25 -71.60
N PRO O 269 31.13 -90.99 -71.60
CA PRO O 269 30.24 -89.84 -71.50
C PRO O 269 29.70 -89.41 -72.86
N GLY O 270 28.61 -90.04 -73.27
CA GLY O 270 27.93 -89.73 -74.50
C GLY O 270 26.54 -89.15 -74.27
N VAL O 271 25.81 -88.93 -75.36
CA VAL O 271 24.46 -88.40 -75.30
C VAL O 271 23.55 -89.19 -76.26
N TYR O 272 22.25 -89.22 -75.95
CA TYR O 272 21.31 -89.89 -76.84
C TYR O 272 20.72 -88.86 -77.79
N VAL O 273 20.52 -89.25 -79.04
CA VAL O 273 19.84 -88.39 -80.01
C VAL O 273 18.68 -89.16 -80.65
N GLU O 274 17.45 -88.68 -80.45
CA GLU O 274 16.24 -89.32 -80.97
C GLU O 274 15.66 -88.48 -82.10
N GLU O 275 16.06 -87.22 -82.16
CA GLU O 275 15.41 -86.27 -83.06
C GLU O 275 16.26 -85.02 -83.27
N ASP O 276 15.89 -84.22 -84.27
CA ASP O 276 16.54 -82.93 -84.52
C ASP O 276 16.82 -82.26 -83.18
N GLY O 277 18.01 -81.71 -83.02
CA GLY O 277 18.38 -81.03 -81.80
C GLY O 277 19.87 -80.71 -81.70
N SER O 278 20.26 -80.05 -80.62
CA SER O 278 21.66 -79.76 -80.36
C SER O 278 22.26 -80.85 -79.50
N PHE O 279 23.59 -80.90 -79.42
CA PHE O 279 24.30 -81.88 -78.59
C PHE O 279 25.63 -81.30 -78.08
N GLU O 280 26.12 -81.80 -76.95
CA GLU O 280 27.48 -81.48 -76.52
C GLU O 280 28.20 -82.76 -76.19
N VAL O 281 29.34 -83.01 -76.82
CA VAL O 281 30.13 -84.20 -76.50
C VAL O 281 31.57 -83.82 -76.22
N LYS O 282 32.13 -84.35 -75.13
CA LYS O 282 33.53 -84.09 -74.76
C LYS O 282 34.46 -84.78 -75.72
N ILE O 283 35.46 -84.05 -76.22
CA ILE O 283 36.53 -84.64 -77.03
C ILE O 283 37.43 -85.50 -76.16
N ARG O 284 37.42 -86.80 -76.44
CA ARG O 284 38.06 -87.80 -75.59
C ARG O 284 39.43 -88.16 -76.13
N SER O 285 40.46 -88.04 -75.30
CA SER O 285 41.84 -88.24 -75.75
C SER O 285 42.82 -88.40 -74.62
N PRO O 286 43.85 -89.25 -74.81
CA PRO O 286 44.91 -89.51 -73.82
C PRO O 286 45.65 -88.24 -73.46
N TYR O 287 45.58 -87.24 -74.34
CA TYR O 287 46.26 -85.95 -74.17
C TYR O 287 45.27 -84.83 -73.91
N HIS O 288 43.99 -85.19 -73.85
CA HIS O 288 42.89 -84.26 -73.64
C HIS O 288 42.65 -83.35 -74.84
N ARG O 289 43.47 -83.54 -75.85
CA ARG O 289 43.37 -82.77 -77.06
C ARG O 289 43.47 -83.72 -78.20
N THR O 290 43.15 -83.27 -79.40
CA THR O 290 43.39 -84.04 -80.58
C THR O 290 44.07 -83.16 -81.56
N PRO O 291 45.10 -83.62 -82.23
CA PRO O 291 45.98 -82.76 -82.98
C PRO O 291 45.11 -82.23 -84.01
N ALA O 292 45.41 -81.10 -84.59
CA ALA O 292 44.60 -80.49 -85.59
C ALA O 292 44.86 -80.96 -86.97
N ARG O 293 45.84 -81.80 -87.18
CA ARG O 293 45.99 -82.38 -88.50
C ARG O 293 46.81 -83.63 -88.63
N LEU O 294 46.60 -84.31 -89.72
CA LEU O 294 47.21 -85.60 -89.87
C LEU O 294 48.67 -85.51 -90.18
N LEU O 295 49.43 -86.52 -89.79
CA LEU O 295 50.79 -86.69 -90.26
C LEU O 295 50.69 -87.87 -91.17
N ALA O 296 51.24 -87.80 -92.38
CA ALA O 296 51.03 -88.90 -93.28
C ALA O 296 51.64 -90.03 -92.53
N GLY O 297 51.15 -91.22 -92.76
CA GLY O 297 51.40 -92.36 -91.90
C GLY O 297 50.34 -92.50 -90.82
N GLN O 298 49.33 -91.65 -90.91
CA GLN O 298 48.36 -91.51 -89.85
C GLN O 298 47.01 -91.37 -90.45
N SER O 299 45.97 -91.68 -89.69
CA SER O 299 44.62 -91.49 -90.18
C SER O 299 43.68 -91.03 -89.10
N GLN O 300 42.64 -90.34 -89.52
CA GLN O 300 41.90 -89.42 -88.71
C GLN O 300 41.39 -90.24 -87.63
N ARG O 301 41.32 -91.49 -87.92
CA ARG O 301 40.79 -92.51 -87.02
C ARG O 301 41.67 -92.74 -85.81
N ASP O 302 42.96 -92.43 -85.98
CA ASP O 302 43.96 -92.68 -84.95
C ASP O 302 43.81 -91.71 -83.81
N MET O 303 43.01 -90.69 -84.06
CA MET O 303 42.86 -89.66 -83.07
C MET O 303 41.48 -89.66 -82.47
N SER O 304 41.02 -88.47 -82.11
CA SER O 304 39.71 -88.32 -81.51
C SER O 304 38.62 -88.19 -82.56
N SER O 305 37.56 -88.97 -82.41
CA SER O 305 36.44 -88.92 -83.35
C SER O 305 35.11 -88.75 -82.64
N LEU O 306 34.12 -88.23 -83.36
CA LEU O 306 32.77 -88.09 -82.87
C LEU O 306 31.97 -89.25 -83.45
N ASN O 307 31.61 -90.22 -82.62
CA ASN O 307 30.98 -91.46 -83.09
C ASN O 307 29.47 -91.55 -82.94
N PHE O 308 28.81 -91.96 -84.01
CA PHE O 308 27.37 -92.04 -83.98
C PHE O 308 26.95 -93.50 -84.04
N TYR O 309 26.47 -93.99 -82.91
CA TYR O 309 26.01 -95.38 -82.79
C TYR O 309 24.49 -95.45 -82.89
N ALA O 310 24.00 -96.17 -83.88
CA ALA O 310 22.58 -96.47 -83.92
C ALA O 310 22.28 -97.62 -82.97
N ILE O 311 21.59 -97.36 -81.86
CA ILE O 311 21.33 -98.39 -80.87
C ILE O 311 19.91 -98.95 -80.93
N ALA O 312 19.02 -98.23 -81.60
CA ALA O 312 17.66 -98.71 -81.86
C ALA O 312 17.19 -98.16 -83.18
N GLY O 313 17.07 -99.04 -84.17
CA GLY O 313 16.72 -98.56 -85.48
C GLY O 313 17.93 -98.32 -86.35
N PRO O 314 17.74 -97.64 -87.48
CA PRO O 314 16.49 -97.00 -87.90
C PRO O 314 15.40 -98.00 -88.27
N ILE O 315 14.16 -97.57 -88.13
CA ILE O 315 13.02 -98.37 -88.54
C ILE O 315 12.21 -97.57 -89.52
N ALA O 316 11.51 -98.28 -90.39
CA ALA O 316 10.55 -97.67 -91.30
C ALA O 316 9.54 -98.72 -91.70
N PRO O 317 8.37 -98.29 -92.19
CA PRO O 317 7.34 -99.24 -92.62
C PRO O 317 7.84 -99.99 -93.83
N SER O 318 7.33 -101.17 -94.14
CA SER O 318 7.71 -101.80 -95.39
C SER O 318 6.88 -101.14 -96.46
N GLY O 319 7.40 -101.09 -97.69
CA GLY O 319 8.75 -101.50 -98.00
C GLY O 319 9.52 -100.24 -98.38
N GLU O 320 10.04 -99.58 -97.37
CA GLU O 320 10.91 -98.47 -97.61
C GLU O 320 12.31 -99.05 -97.80
N THR O 321 13.15 -98.34 -98.53
CA THR O 321 14.49 -98.86 -98.81
C THR O 321 15.58 -97.83 -98.58
N ALA O 322 15.19 -96.56 -98.65
CA ALA O 322 16.11 -95.44 -98.43
C ALA O 322 16.86 -95.55 -97.11
N GLN O 323 18.11 -95.10 -97.11
CA GLN O 323 18.85 -95.01 -95.87
C GLN O 323 18.39 -93.78 -95.08
N LEU O 324 18.62 -93.77 -93.76
CA LEU O 324 18.25 -92.64 -92.93
C LEU O 324 19.50 -91.78 -92.77
N PRO O 325 19.44 -90.55 -93.29
CA PRO O 325 20.58 -89.63 -93.23
C PRO O 325 20.56 -88.73 -91.99
N ILE O 326 21.74 -88.50 -91.45
CA ILE O 326 21.96 -87.60 -90.32
C ILE O 326 22.88 -86.48 -90.81
N VAL O 327 22.46 -85.22 -90.68
CA VAL O 327 23.37 -84.11 -91.00
C VAL O 327 23.87 -83.42 -89.73
N VAL O 328 25.19 -83.40 -89.55
CA VAL O 328 25.76 -82.83 -88.34
C VAL O 328 26.35 -81.46 -88.58
N GLN O 329 26.00 -80.50 -87.74
CA GLN O 329 26.61 -79.18 -87.78
C GLN O 329 27.41 -78.93 -86.51
N ILE O 330 28.64 -78.47 -86.66
CA ILE O 330 29.48 -78.13 -85.51
C ILE O 330 29.54 -76.62 -85.30
N ASP O 331 29.10 -76.17 -84.12
CA ASP O 331 28.92 -74.74 -83.87
C ASP O 331 30.12 -74.15 -83.16
N GLU O 332 30.62 -74.84 -82.15
CA GLU O 332 31.83 -74.39 -81.50
C GLU O 332 32.47 -75.44 -80.62
N ILE O 333 33.71 -75.17 -80.23
CA ILE O 333 34.36 -75.89 -79.14
C ILE O 333 34.16 -75.07 -77.86
N VAL O 334 33.28 -75.54 -76.98
CA VAL O 334 33.00 -74.83 -75.73
C VAL O 334 33.97 -75.29 -74.66
N ARG O 335 34.31 -74.39 -73.74
CA ARG O 335 35.28 -74.72 -72.70
C ARG O 335 36.53 -75.31 -73.35
N PRO O 336 37.15 -74.55 -74.27
CA PRO O 336 38.20 -75.08 -75.14
C PRO O 336 39.52 -75.25 -74.43
N ASP O 337 40.20 -76.35 -74.73
CA ASP O 337 41.57 -76.55 -74.28
C ASP O 337 42.47 -76.49 -75.49
N LEU O 338 42.96 -75.30 -75.83
CA LEU O 338 43.71 -75.16 -77.06
C LEU O 338 45.20 -75.40 -76.88
N SER O 339 45.84 -75.85 -77.95
CA SER O 339 47.29 -75.97 -78.00
C SER O 339 47.89 -74.60 -78.29
N LEU O 340 49.20 -74.54 -78.36
CA LEU O 340 49.85 -73.34 -78.85
C LEU O 340 49.34 -73.05 -80.23
N PRO O 341 49.37 -71.78 -80.62
CA PRO O 341 49.18 -71.47 -82.05
C PRO O 341 50.25 -72.21 -82.86
N SER O 342 49.92 -72.64 -84.07
CA SER O 342 50.89 -73.33 -84.89
C SER O 342 51.96 -72.35 -85.42
N PHE O 343 51.56 -71.10 -85.66
CA PHE O 343 52.50 -70.07 -86.08
C PHE O 343 52.56 -68.91 -85.09
N GLU O 344 53.75 -68.32 -84.97
CA GLU O 344 53.91 -67.14 -84.14
C GLU O 344 53.82 -65.89 -85.01
N ASP O 345 53.92 -64.71 -84.41
CA ASP O 345 53.87 -63.49 -85.21
C ASP O 345 55.24 -63.29 -85.86
N ASP O 346 55.47 -64.02 -86.93
CA ASP O 346 56.78 -64.14 -87.52
C ASP O 346 56.64 -64.15 -89.03
N TYR O 347 57.77 -64.21 -89.72
CA TYR O 347 57.76 -64.39 -91.14
C TYR O 347 57.41 -65.85 -91.46
N PHE O 348 56.97 -66.07 -92.69
CA PHE O 348 56.81 -67.41 -93.22
C PHE O 348 57.17 -67.43 -94.72
N VAL O 349 57.36 -68.62 -95.26
CA VAL O 349 57.81 -68.70 -96.64
C VAL O 349 56.69 -68.34 -97.63
N TRP O 350 57.01 -67.40 -98.51
CA TRP O 350 56.15 -67.12 -99.65
C TRP O 350 56.58 -67.95 -100.86
N VAL O 351 57.83 -67.81 -101.29
CA VAL O 351 58.29 -68.53 -102.46
C VAL O 351 59.81 -68.72 -102.47
N ASP O 352 60.27 -69.87 -102.99
CA ASP O 352 61.68 -70.09 -103.29
C ASP O 352 61.86 -70.11 -104.80
N PHE O 353 62.82 -69.34 -105.30
CA PHE O 353 63.27 -69.50 -106.69
C PHE O 353 64.63 -70.22 -106.75
N SER O 354 64.76 -71.18 -107.66
CA SER O 354 65.98 -71.96 -107.78
C SER O 354 66.19 -72.47 -109.18
N GLU O 355 67.34 -73.07 -109.39
CA GLU O 355 67.61 -73.68 -110.69
C GLU O 355 67.43 -72.70 -111.85
N PHE O 356 68.11 -71.55 -111.78
CA PHE O 356 67.99 -70.54 -112.83
C PHE O 356 68.70 -70.98 -114.09
N THR O 357 68.07 -70.77 -115.24
CA THR O 357 68.68 -71.16 -116.52
C THR O 357 69.27 -69.96 -117.27
N LEU O 358 68.74 -68.78 -116.97
CA LEU O 358 69.24 -67.57 -117.60
C LEU O 358 69.85 -66.63 -116.55
N ASP O 359 70.91 -65.92 -116.91
CA ASP O 359 71.50 -64.94 -116.00
C ASP O 359 70.54 -63.75 -115.80
N LYS O 360 69.86 -63.33 -116.85
CA LYS O 360 68.86 -62.27 -116.73
C LYS O 360 67.49 -62.87 -116.40
N GLU O 361 66.99 -62.59 -115.22
CA GLU O 361 65.68 -63.06 -114.79
C GLU O 361 64.92 -61.90 -114.16
N GLU O 362 63.64 -61.75 -114.48
CA GLU O 362 62.82 -60.68 -113.91
C GLU O 362 61.46 -61.21 -113.49
N ILE O 363 61.23 -61.22 -112.17
CA ILE O 363 60.03 -61.75 -111.55
C ILE O 363 59.08 -60.59 -111.22
N GLU O 364 57.96 -60.50 -111.94
CA GLU O 364 56.99 -59.44 -111.68
C GLU O 364 56.03 -59.82 -110.57
N ILE O 365 55.88 -58.94 -109.59
CA ILE O 365 55.00 -59.18 -108.46
C ILE O 365 53.82 -58.23 -108.54
N GLY O 366 54.12 -56.95 -108.80
CA GLY O 366 53.10 -55.93 -108.94
C GLY O 366 52.50 -55.56 -107.60
N SER O 367 51.22 -55.80 -107.42
CA SER O 367 50.60 -55.51 -106.14
C SER O 367 49.88 -56.73 -105.58
N ARG O 368 50.27 -57.92 -106.06
CA ARG O 368 49.54 -59.15 -105.72
C ARG O 368 50.34 -60.10 -104.84
N PHE O 369 49.62 -60.85 -104.00
CA PHE O 369 50.19 -62.02 -103.35
C PHE O 369 49.60 -63.25 -104.04
N PHE O 370 50.42 -64.06 -104.69
CA PHE O 370 49.89 -65.10 -105.57
C PHE O 370 50.89 -66.22 -105.84
N ASP O 371 50.49 -67.19 -106.66
CA ASP O 371 51.39 -68.27 -107.07
C ASP O 371 52.16 -67.90 -108.35
N PHE O 372 53.50 -68.01 -108.29
CA PHE O 372 54.39 -67.73 -109.43
C PHE O 372 54.50 -68.91 -110.39
N THR O 373 54.78 -68.60 -111.65
CA THR O 373 55.21 -69.64 -112.60
C THR O 373 56.36 -69.11 -113.41
N SER O 374 57.27 -70.00 -113.79
CA SER O 374 58.40 -69.62 -114.65
C SER O 374 58.78 -70.72 -115.61
N ASN O 375 59.19 -70.31 -116.81
CA ASN O 375 59.71 -71.23 -117.81
C ASN O 375 61.21 -71.34 -117.71
N THR O 376 61.81 -70.38 -117.01
CA THR O 376 63.25 -70.21 -117.00
C THR O 376 63.88 -70.59 -115.67
N CYS O 377 63.05 -70.85 -114.67
CA CYS O 377 63.53 -71.29 -113.34
C CYS O 377 62.50 -72.07 -112.57
N ARG O 378 62.93 -72.65 -111.46
CA ARG O 378 62.04 -73.47 -110.63
C ARG O 378 61.38 -72.69 -109.52
N VAL O 379 60.05 -72.65 -109.55
CA VAL O 379 59.26 -72.00 -108.52
C VAL O 379 58.75 -73.00 -107.49
N SER O 380 58.98 -72.74 -106.21
CA SER O 380 58.45 -73.61 -105.16
C SER O 380 57.67 -72.71 -104.22
N MET O 381 56.35 -72.88 -104.23
CA MET O 381 55.50 -72.01 -103.42
C MET O 381 55.36 -72.53 -101.97
N GLY O 382 55.22 -71.61 -101.03
CA GLY O 382 55.00 -71.99 -99.64
C GLY O 382 53.54 -72.32 -99.41
N GLU O 383 53.27 -73.26 -98.50
CA GLU O 383 51.90 -73.57 -98.09
C GLU O 383 51.77 -73.32 -96.58
N ASN O 384 50.92 -72.37 -96.23
CA ASN O 384 50.67 -71.98 -94.83
C ASN O 384 49.30 -71.33 -94.68
N PRO O 385 48.87 -71.12 -93.43
CA PRO O 385 47.50 -70.62 -93.24
C PRO O 385 47.26 -69.30 -93.93
N PHE O 386 48.24 -68.41 -93.94
CA PHE O 386 48.04 -67.12 -94.58
C PHE O 386 47.68 -67.29 -96.06
N ALA O 387 48.42 -68.13 -96.76
CA ALA O 387 48.13 -68.38 -98.19
C ALA O 387 46.74 -68.98 -98.39
N ALA O 388 46.33 -69.85 -97.47
CA ALA O 388 44.99 -70.43 -97.51
C ALA O 388 43.94 -69.37 -97.28
N MET O 389 44.17 -68.47 -96.35
CA MET O 389 43.23 -67.38 -96.10
C MET O 389 43.08 -66.48 -97.31
N ILE O 390 44.17 -66.21 -98.01
CA ILE O 390 44.11 -65.48 -99.27
C ILE O 390 43.19 -66.17 -100.29
N ALA O 391 43.27 -67.50 -100.30
CA ALA O 391 42.54 -68.33 -101.26
C ALA O 391 41.07 -68.50 -100.87
N CYS O 392 40.77 -68.33 -99.59
CA CYS O 392 39.44 -68.61 -99.09
C CYS O 392 38.66 -67.37 -98.85
N HIS O 393 39.10 -66.25 -99.44
CA HIS O 393 38.29 -65.03 -99.43
C HIS O 393 38.23 -64.43 -100.81
N GLY O 394 37.14 -63.74 -101.10
CA GLY O 394 36.97 -63.12 -102.39
C GLY O 394 37.92 -61.96 -102.60
N LEU O 395 38.10 -61.14 -101.56
CA LEU O 395 39.01 -59.98 -101.62
C LEU O 395 39.89 -59.91 -100.38
N HIS O 396 41.08 -59.32 -100.53
CA HIS O 396 41.96 -59.09 -99.40
C HIS O 396 42.71 -57.80 -99.62
N SER O 397 43.33 -57.29 -98.55
CA SER O 397 44.14 -56.08 -98.63
C SER O 397 45.04 -55.91 -97.41
N GLY O 398 46.27 -55.46 -97.63
CA GLY O 398 47.16 -55.25 -96.52
C GLY O 398 48.58 -54.97 -96.96
N VAL O 399 49.51 -55.00 -96.02
CA VAL O 399 50.89 -54.78 -96.37
C VAL O 399 51.73 -55.94 -95.88
N LEU O 400 52.63 -56.41 -96.74
CA LEU O 400 53.54 -57.49 -96.37
C LEU O 400 54.95 -56.95 -96.23
N ASP O 401 55.59 -57.30 -95.12
CA ASP O 401 57.02 -57.07 -95.00
C ASP O 401 57.75 -58.28 -95.59
N LEU O 402 58.71 -58.02 -96.47
CA LEU O 402 59.44 -59.09 -97.10
C LEU O 402 60.88 -59.17 -96.58
N LYS O 403 61.37 -60.40 -96.41
CA LYS O 403 62.80 -60.66 -96.24
C LYS O 403 63.24 -61.50 -97.42
N LEU O 404 64.29 -61.06 -98.09
CA LEU O 404 64.88 -61.84 -99.17
C LEU O 404 66.20 -62.42 -98.68
N GLN O 405 66.39 -63.72 -98.93
CA GLN O 405 67.65 -64.37 -98.60
C GLN O 405 68.13 -65.15 -99.80
N TRP O 406 69.44 -65.19 -100.01
CA TRP O 406 69.98 -66.02 -101.07
C TRP O 406 71.36 -66.59 -100.77
N SER O 407 71.66 -67.73 -101.39
CA SER O 407 72.99 -68.35 -101.27
C SER O 407 73.61 -68.41 -102.65
N LEU O 408 74.94 -68.45 -102.71
CA LEU O 408 75.63 -68.46 -103.99
C LEU O 408 75.82 -69.86 -104.62
N ASN O 409 75.79 -69.91 -105.96
CA ASN O 409 76.07 -71.12 -106.72
C ASN O 409 77.52 -71.18 -107.19
N THR O 410 78.09 -70.01 -107.49
CA THR O 410 79.49 -69.88 -107.87
C THR O 410 80.37 -69.55 -106.66
N GLU O 411 81.68 -69.47 -106.86
CA GLU O 411 82.60 -69.09 -105.78
C GLU O 411 82.38 -67.62 -105.35
N PHE O 412 82.39 -67.39 -104.05
CA PHE O 412 82.12 -66.06 -103.52
C PHE O 412 83.03 -65.02 -104.14
N GLY O 413 84.31 -65.37 -104.29
CA GLY O 413 85.29 -64.45 -104.82
C GLY O 413 85.08 -64.03 -106.26
N LYS O 414 84.30 -64.81 -106.99
CA LYS O 414 84.02 -64.55 -108.39
C LYS O 414 82.70 -63.79 -108.59
N SER O 415 81.94 -63.62 -107.51
CA SER O 415 80.58 -63.12 -107.60
C SER O 415 80.51 -61.67 -108.05
N SER O 416 79.45 -61.34 -108.78
CA SER O 416 79.18 -59.97 -109.17
C SER O 416 77.67 -59.78 -109.35
N GLY O 417 77.22 -58.56 -109.58
CA GLY O 417 75.80 -58.34 -109.83
C GLY O 417 74.98 -58.11 -108.57
N SER O 418 73.66 -58.26 -108.70
CA SER O 418 72.72 -57.80 -107.68
C SER O 418 71.35 -58.48 -107.73
N VAL O 419 70.70 -58.49 -106.57
CA VAL O 419 69.25 -58.68 -106.49
C VAL O 419 68.66 -57.27 -106.40
N THR O 420 67.92 -56.86 -107.43
CA THR O 420 67.38 -55.51 -107.44
C THR O 420 65.88 -55.52 -107.25
N ILE O 421 65.37 -54.68 -106.36
CA ILE O 421 63.94 -54.59 -106.14
C ILE O 421 63.43 -53.33 -106.80
N THR O 422 62.71 -53.49 -107.91
CA THR O 422 62.10 -52.34 -108.56
C THR O 422 60.78 -51.99 -107.90
N LYS O 423 60.66 -50.74 -107.46
CA LYS O 423 59.40 -50.30 -106.89
C LYS O 423 58.88 -49.12 -107.70
N LEU O 424 57.70 -49.30 -108.27
CA LEU O 424 57.05 -48.25 -109.07
C LEU O 424 55.67 -47.92 -108.55
N VAL O 425 55.10 -46.84 -109.06
CA VAL O 425 53.67 -46.58 -108.93
C VAL O 425 53.10 -46.47 -110.35
N GLY O 426 52.23 -47.40 -110.71
CA GLY O 426 51.74 -47.48 -112.07
C GLY O 426 52.09 -48.83 -112.67
N ASP O 427 52.88 -48.83 -113.73
CA ASP O 427 53.36 -50.06 -114.36
C ASP O 427 54.74 -49.83 -114.95
N LYS O 428 55.31 -50.89 -115.53
CA LYS O 428 56.67 -50.82 -116.05
C LYS O 428 56.77 -49.71 -117.11
N ALA O 429 55.69 -49.52 -117.86
CA ALA O 429 55.69 -48.60 -118.99
C ALA O 429 55.58 -47.10 -118.70
N MET O 430 54.73 -46.72 -117.75
CA MET O 430 54.45 -45.30 -117.51
C MET O 430 54.52 -44.92 -116.03
N GLY O 431 55.13 -45.79 -115.21
CA GLY O 431 55.12 -45.62 -113.77
C GLY O 431 56.05 -44.57 -113.19
N LEU O 432 55.82 -44.26 -111.93
CA LEU O 432 56.67 -43.34 -111.19
C LEU O 432 57.63 -44.18 -110.34
N ASP O 433 58.79 -43.61 -110.04
CA ASP O 433 59.83 -44.35 -109.32
C ASP O 433 59.76 -44.19 -107.82
N GLY O 434 59.59 -45.30 -107.12
CA GLY O 434 59.51 -45.30 -105.67
C GLY O 434 60.82 -45.75 -105.05
N PRO O 435 60.73 -46.43 -103.90
CA PRO O 435 61.89 -46.87 -103.13
C PRO O 435 62.51 -48.14 -103.71
N SER O 436 62.87 -48.08 -105.00
CA SER O 436 63.61 -49.15 -105.65
C SER O 436 64.93 -49.31 -104.91
N HIS O 437 65.55 -50.47 -105.06
CA HIS O 437 66.57 -50.81 -104.11
C HIS O 437 67.52 -51.83 -104.76
N VAL O 438 68.82 -51.54 -104.72
CA VAL O 438 69.82 -52.43 -105.31
C VAL O 438 70.64 -53.12 -104.23
N PHE O 439 70.46 -54.43 -104.12
CA PHE O 439 71.24 -55.23 -103.19
C PHE O 439 72.37 -55.89 -103.96
N ALA O 440 73.60 -55.43 -103.74
CA ALA O 440 74.74 -56.14 -104.30
C ALA O 440 74.63 -57.62 -103.90
N ILE O 441 74.90 -58.52 -104.84
CA ILE O 441 74.70 -59.94 -104.56
C ILE O 441 75.44 -60.43 -103.31
N GLN O 442 76.56 -59.80 -102.98
CA GLN O 442 77.33 -60.17 -101.79
C GLN O 442 76.63 -59.86 -100.45
N LYS O 443 75.60 -59.02 -100.45
CA LYS O 443 74.84 -58.78 -99.22
C LYS O 443 74.17 -60.07 -98.77
N LEU O 444 73.73 -60.87 -99.73
CA LEU O 444 73.18 -62.19 -99.43
C LEU O 444 71.83 -62.13 -98.73
N GLU O 445 71.29 -60.92 -98.57
CA GLU O 445 69.95 -60.72 -98.02
C GLU O 445 69.49 -59.27 -98.17
N GLY O 446 68.18 -59.07 -98.16
CA GLY O 446 67.62 -57.73 -98.25
C GLY O 446 66.19 -57.72 -97.76
N THR O 447 65.68 -56.51 -97.51
CA THR O 447 64.31 -56.34 -97.02
C THR O 447 63.54 -55.32 -97.84
N THR O 448 62.21 -55.46 -97.88
CA THR O 448 61.35 -54.50 -98.55
C THR O 448 59.90 -54.65 -98.09
N GLU O 449 59.07 -53.65 -98.36
CA GLU O 449 57.65 -53.78 -98.07
C GLU O 449 56.93 -54.03 -99.38
N LEU O 450 55.77 -54.70 -99.32
CA LEU O 450 54.91 -54.87 -100.50
C LEU O 450 53.47 -54.49 -100.19
N LEU O 451 52.93 -53.53 -100.94
CA LEU O 451 51.52 -53.21 -100.77
C LEU O 451 50.72 -54.22 -101.56
N VAL O 452 49.89 -54.99 -100.86
CA VAL O 452 48.91 -55.89 -101.50
C VAL O 452 47.55 -55.18 -101.51
N GLY O 453 47.25 -54.54 -102.63
CA GLY O 453 46.05 -53.74 -102.77
C GLY O 453 46.13 -52.84 -104.00
N ASN O 454 45.29 -51.83 -104.04
CA ASN O 454 45.25 -50.93 -105.19
C ASN O 454 44.34 -49.75 -104.88
N PHE O 455 44.21 -48.83 -105.84
CA PHE O 455 43.38 -47.65 -105.63
C PHE O 455 41.95 -47.98 -105.16
N ALA O 456 41.39 -49.08 -105.62
CA ALA O 456 40.02 -49.45 -105.24
C ALA O 456 39.92 -49.91 -103.78
N GLY O 457 40.98 -50.53 -103.28
CA GLY O 457 41.06 -50.86 -101.87
C GLY O 457 41.35 -52.31 -101.52
N ALA O 458 41.24 -53.22 -102.50
CA ALA O 458 41.40 -54.64 -102.22
C ALA O 458 41.66 -55.43 -103.49
N ASN O 459 42.29 -56.60 -103.35
CA ASN O 459 42.57 -57.47 -104.48
C ASN O 459 41.65 -58.68 -104.50
N PRO O 460 41.17 -59.07 -105.69
CA PRO O 460 40.52 -60.37 -105.88
C PRO O 460 41.60 -61.44 -105.94
N ASN O 461 41.21 -62.70 -105.82
CA ASN O 461 42.18 -63.76 -105.86
C ASN O 461 42.33 -64.26 -107.28
N THR O 462 42.37 -63.33 -108.23
CA THR O 462 42.60 -63.64 -109.62
C THR O 462 43.50 -62.57 -110.21
N ARG O 463 43.79 -62.67 -111.51
CA ARG O 463 44.52 -61.59 -112.16
C ARG O 463 43.50 -60.47 -112.38
N PHE O 464 43.97 -59.24 -112.24
CA PHE O 464 43.14 -58.05 -112.41
C PHE O 464 44.07 -56.93 -112.84
N SER O 465 43.53 -55.83 -113.33
CA SER O 465 44.37 -54.70 -113.67
C SER O 465 43.84 -53.41 -113.06
N LEU O 466 44.36 -53.04 -111.89
CA LEU O 466 43.91 -51.81 -111.21
C LEU O 466 45.10 -51.00 -110.70
N TYR O 467 45.14 -49.73 -111.08
CA TYR O 467 46.27 -48.85 -110.77
C TYR O 467 46.71 -48.98 -109.32
N SER O 468 48.00 -49.24 -109.12
CA SER O 468 48.53 -49.40 -107.77
C SER O 468 50.04 -49.29 -107.79
N ARG O 469 50.66 -49.47 -106.63
CA ARG O 469 52.11 -49.63 -106.58
C ARG O 469 52.50 -50.94 -107.28
N TRP O 470 53.74 -51.01 -107.73
CA TRP O 470 54.17 -52.12 -108.58
C TRP O 470 55.58 -52.57 -108.21
N MET O 471 55.76 -53.87 -108.01
CA MET O 471 57.05 -54.38 -107.57
C MET O 471 57.58 -55.49 -108.47
N ALA O 472 58.89 -55.54 -108.62
CA ALA O 472 59.53 -56.62 -109.38
C ALA O 472 60.90 -56.93 -108.80
N ILE O 473 61.30 -58.18 -108.91
CA ILE O 473 62.64 -58.58 -108.51
C ILE O 473 63.44 -58.81 -109.79
N LYS O 474 64.62 -58.19 -109.89
CA LYS O 474 65.44 -58.27 -111.08
C LYS O 474 66.79 -58.92 -110.75
N LEU O 475 67.02 -60.11 -111.31
CA LEU O 475 68.33 -60.77 -111.25
C LEU O 475 69.18 -60.50 -112.50
N ASP O 476 70.46 -60.16 -112.33
CA ASP O 476 71.35 -59.96 -113.49
C ASP O 476 72.43 -61.06 -113.61
N GLN O 477 72.58 -61.83 -112.54
CA GLN O 477 73.56 -62.91 -112.47
C GLN O 477 72.88 -64.10 -111.82
N ALA O 478 71.69 -64.41 -112.30
CA ALA O 478 70.85 -65.40 -111.62
C ALA O 478 71.48 -66.79 -111.54
N LYS O 479 72.28 -67.16 -112.54
CA LYS O 479 72.94 -68.46 -112.51
C LYS O 479 73.94 -68.57 -111.34
N SER O 480 74.33 -67.43 -110.77
CA SER O 480 75.23 -67.44 -109.61
C SER O 480 74.47 -67.63 -108.30
N ILE O 481 73.14 -67.77 -108.38
CA ILE O 481 72.31 -67.93 -107.17
C ILE O 481 71.76 -69.36 -107.05
N LYS O 482 72.01 -70.00 -105.92
CA LYS O 482 71.55 -71.37 -105.75
C LYS O 482 70.10 -71.38 -105.32
N VAL O 483 69.74 -70.39 -104.51
CA VAL O 483 68.33 -70.21 -104.14
C VAL O 483 68.04 -68.78 -103.71
N LEU O 484 66.89 -68.27 -104.14
CA LEU O 484 66.41 -66.98 -103.68
C LEU O 484 65.15 -67.25 -102.92
N ARG O 485 65.17 -67.05 -101.62
CA ARG O 485 63.98 -67.27 -100.79
C ARG O 485 63.30 -65.96 -100.39
N VAL O 486 61.98 -65.93 -100.51
CA VAL O 486 61.23 -64.74 -100.13
C VAL O 486 60.29 -65.06 -98.97
N LEU O 487 60.56 -64.48 -97.80
CA LEU O 487 59.66 -64.62 -96.66
C LEU O 487 58.82 -63.36 -96.51
N CYS O 488 57.63 -63.51 -95.96
CA CYS O 488 56.79 -62.36 -95.70
C CYS O 488 56.16 -62.45 -94.32
N LYS O 489 55.76 -61.28 -93.81
CA LYS O 489 55.15 -61.12 -92.49
C LYS O 489 54.11 -60.02 -92.56
N PRO O 490 52.82 -60.39 -92.54
CA PRO O 490 51.77 -59.41 -92.76
C PRO O 490 51.78 -58.39 -91.64
N ARG O 491 51.69 -57.11 -91.98
CA ARG O 491 51.55 -56.06 -90.99
C ARG O 491 50.15 -56.12 -90.44
N PRO O 492 50.00 -55.73 -89.16
CA PRO O 492 48.74 -55.82 -88.44
C PRO O 492 47.62 -55.18 -89.23
N GLY O 493 46.45 -55.81 -89.26
CA GLY O 493 45.32 -55.26 -89.99
C GLY O 493 45.20 -55.76 -91.42
N PHE O 494 45.91 -56.84 -91.74
CA PHE O 494 45.77 -57.43 -93.06
C PHE O 494 44.36 -58.01 -93.14
N SER O 495 43.58 -57.56 -94.11
CA SER O 495 42.14 -57.81 -94.09
C SER O 495 41.63 -58.73 -95.19
N PHE O 496 40.62 -59.52 -94.84
CA PHE O 496 39.98 -60.43 -95.79
C PHE O 496 38.49 -60.17 -95.87
N TYR O 497 37.95 -60.23 -97.08
CA TYR O 497 36.54 -59.94 -97.30
C TYR O 497 35.83 -61.09 -97.98
N GLY O 498 34.68 -61.49 -97.45
CA GLY O 498 33.83 -62.48 -98.06
C GLY O 498 34.33 -63.91 -98.05
N ARG O 499 34.00 -64.65 -96.99
CA ARG O 499 34.51 -66.02 -96.90
C ARG O 499 33.97 -66.88 -98.04
N THR O 500 34.84 -67.71 -98.61
CA THR O 500 34.48 -68.61 -99.70
C THR O 500 35.41 -69.83 -99.69
N SER O 501 35.51 -70.53 -100.82
CA SER O 501 36.40 -71.71 -100.90
C SER O 501 37.20 -71.72 -102.17
N PHE O 502 38.09 -72.69 -102.30
CA PHE O 502 39.04 -72.72 -103.40
C PHE O 502 39.41 -74.14 -103.74
N PRO O 503 38.73 -74.72 -104.73
CA PRO O 503 39.07 -76.07 -105.16
C PRO O 503 40.29 -76.04 -106.09
N VAL O 504 41.22 -76.96 -105.87
CA VAL O 504 42.33 -77.23 -106.79
C VAL O 504 42.56 -78.73 -107.02
N GLY P 1 -68.38 -91.65 1.34
CA GLY P 1 -69.73 -91.89 1.84
C GLY P 1 -70.01 -93.33 2.17
N LEU P 2 -71.16 -93.58 2.81
CA LEU P 2 -71.53 -94.96 3.13
C LEU P 2 -71.72 -95.74 1.84
N ALA P 3 -70.98 -96.84 1.72
CA ALA P 3 -70.91 -97.59 0.46
C ALA P 3 -71.66 -98.92 0.53
N GLY P 4 -71.68 -99.51 1.72
CA GLY P 4 -72.36 -100.78 1.95
C GLY P 4 -72.51 -101.05 3.43
N ARG P 5 -73.37 -102.00 3.77
CA ARG P 5 -73.59 -102.32 5.17
C ARG P 5 -73.99 -103.79 5.36
N GLY P 6 -73.99 -104.22 6.62
CA GLY P 6 -74.33 -105.57 6.98
C GLY P 6 -74.56 -105.72 8.46
N VAL P 7 -75.03 -106.88 8.88
CA VAL P 7 -75.35 -107.06 10.27
C VAL P 7 -74.73 -108.36 10.80
N ILE P 8 -74.14 -108.30 11.98
CA ILE P 8 -73.67 -109.50 12.66
C ILE P 8 -74.60 -109.79 13.85
N TYR P 9 -75.07 -111.02 13.98
CA TYR P 9 -76.01 -111.39 15.05
C TYR P 9 -75.30 -112.02 16.24
N ILE P 10 -75.40 -111.41 17.42
CA ILE P 10 -74.69 -111.90 18.59
C ILE P 10 -75.64 -112.56 19.58
N PRO P 11 -75.46 -113.87 19.79
CA PRO P 11 -76.18 -114.71 20.75
C PRO P 11 -76.03 -114.16 22.16
N LYS P 12 -77.01 -114.34 23.03
CA LYS P 12 -76.88 -113.85 24.39
C LYS P 12 -75.68 -114.51 25.08
N ASP P 13 -75.40 -115.76 24.76
CA ASP P 13 -74.21 -116.45 25.31
C ASP P 13 -73.11 -116.59 24.27
N CYS P 14 -72.33 -115.51 24.11
CA CYS P 14 -71.25 -115.48 23.14
C CYS P 14 -69.96 -115.99 23.78
N GLN P 15 -69.63 -117.25 23.48
CA GLN P 15 -68.46 -117.92 24.05
C GLN P 15 -67.24 -117.70 23.17
N ALA P 16 -66.04 -117.89 23.73
CA ALA P 16 -64.85 -117.86 22.91
C ALA P 16 -65.00 -118.80 21.72
N ASN P 17 -64.38 -118.43 20.61
CA ASN P 17 -64.40 -119.21 19.37
C ASN P 17 -65.73 -119.29 18.63
N ARG P 18 -66.72 -118.52 19.05
CA ARG P 18 -68.02 -118.54 18.37
C ARG P 18 -67.89 -117.92 17.00
N TYR P 19 -68.36 -118.58 15.97
CA TYR P 19 -68.37 -117.96 14.65
C TYR P 19 -69.67 -117.18 14.52
N LEU P 20 -69.55 -115.88 14.26
CA LEU P 20 -70.70 -114.98 14.32
C LEU P 20 -71.28 -114.73 12.95
N GLY P 21 -70.45 -114.84 11.93
CA GLY P 21 -70.90 -114.69 10.56
C GLY P 21 -69.86 -114.12 9.64
N THR P 22 -70.16 -114.14 8.35
CA THR P 22 -69.26 -113.59 7.35
C THR P 22 -70.02 -112.62 6.47
N LEU P 23 -69.45 -111.45 6.25
CA LEU P 23 -70.03 -110.50 5.33
C LEU P 23 -69.23 -110.53 4.05
N ASN P 24 -69.90 -110.47 2.93
CA ASN P 24 -69.21 -110.46 1.66
C ASN P 24 -69.07 -109.00 1.20
N ILE P 25 -67.84 -108.48 1.16
CA ILE P 25 -67.63 -107.05 0.89
C ILE P 25 -68.31 -106.57 -0.38
N ARG P 26 -68.27 -107.35 -1.44
CA ARG P 26 -68.85 -106.85 -2.68
C ARG P 26 -70.37 -106.89 -2.63
N ASP P 27 -70.92 -107.91 -1.97
CA ASP P 27 -72.38 -107.97 -1.73
C ASP P 27 -72.88 -106.83 -0.83
N MET P 28 -72.11 -106.45 0.18
CA MET P 28 -72.49 -105.31 1.02
C MET P 28 -72.70 -104.06 0.16
N ILE P 29 -71.84 -103.86 -0.82
CA ILE P 29 -71.91 -102.66 -1.64
C ILE P 29 -73.02 -102.80 -2.68
N SER P 30 -73.17 -103.98 -3.24
CA SER P 30 -74.18 -104.18 -4.29
C SER P 30 -75.61 -104.32 -3.77
N ASP P 31 -75.80 -104.86 -2.57
CA ASP P 31 -77.14 -105.00 -1.99
C ASP P 31 -77.63 -103.63 -1.55
N PHE P 32 -76.70 -102.77 -1.16
CA PHE P 32 -77.02 -101.44 -0.71
C PHE P 32 -77.43 -100.59 -1.92
N LYS P 33 -76.52 -100.42 -2.88
CA LYS P 33 -76.89 -100.04 -4.25
C LYS P 33 -77.58 -98.69 -4.42
N GLY P 34 -77.15 -97.61 -3.76
CA GLY P 34 -75.79 -97.35 -3.35
C GLY P 34 -75.34 -96.25 -4.32
N VAL P 35 -75.10 -95.02 -3.87
CA VAL P 35 -74.47 -94.03 -4.76
C VAL P 35 -73.09 -94.50 -5.17
N GLN P 36 -72.35 -95.09 -4.24
CA GLN P 36 -71.04 -95.62 -4.52
C GLN P 36 -71.10 -96.83 -5.47
N TYR P 37 -72.08 -97.71 -5.27
CA TYR P 37 -72.26 -98.86 -6.15
C TYR P 37 -72.45 -98.40 -7.58
N GLU P 38 -73.27 -97.37 -7.77
CA GLU P 38 -73.51 -96.88 -9.12
C GLU P 38 -72.30 -96.18 -9.73
N LYS P 39 -71.49 -95.49 -8.93
CA LYS P 39 -70.23 -94.94 -9.43
C LYS P 39 -69.31 -96.08 -9.87
N TRP P 40 -69.42 -97.21 -9.19
CA TRP P 40 -68.58 -98.38 -9.43
C TRP P 40 -68.84 -98.98 -10.79
N ILE P 41 -70.11 -99.17 -11.12
CA ILE P 41 -70.49 -99.67 -12.43
C ILE P 41 -69.86 -98.88 -13.58
N THR P 42 -69.76 -97.56 -13.43
CA THR P 42 -69.19 -96.72 -14.47
C THR P 42 -67.67 -96.82 -14.51
N ALA P 43 -67.06 -96.90 -13.34
CA ALA P 43 -65.62 -97.03 -13.23
C ALA P 43 -65.16 -98.36 -13.84
N GLY P 44 -65.94 -99.41 -13.62
CA GLY P 44 -65.52 -100.76 -13.95
C GLY P 44 -64.63 -101.35 -12.87
N LEU P 45 -63.43 -100.81 -12.72
CA LEU P 45 -62.48 -101.24 -11.69
C LEU P 45 -62.31 -100.22 -10.57
N VAL P 46 -62.30 -100.69 -9.32
CA VAL P 46 -62.04 -99.80 -8.20
C VAL P 46 -60.97 -100.38 -7.26
N MET P 47 -60.11 -99.52 -6.70
CA MET P 47 -59.09 -99.95 -5.72
C MET P 47 -59.28 -99.21 -4.41
N PRO P 48 -60.42 -99.42 -3.75
CA PRO P 48 -60.88 -98.51 -2.69
C PRO P 48 -59.95 -98.40 -1.50
N THR P 49 -60.04 -97.27 -0.82
CA THR P 49 -59.59 -97.23 0.56
C THR P 49 -60.85 -97.18 1.40
N PHE P 50 -61.15 -98.29 2.09
CA PHE P 50 -62.34 -98.40 2.93
C PHE P 50 -62.10 -97.91 4.34
N LYS P 51 -63.10 -97.27 4.91
CA LYS P 51 -63.17 -97.14 6.37
C LYS P 51 -64.25 -98.12 6.80
N ILE P 52 -63.88 -99.08 7.62
CA ILE P 52 -64.86 -100.01 8.15
C ILE P 52 -65.25 -99.51 9.52
N VAL P 53 -66.54 -99.46 9.76
CA VAL P 53 -67.04 -99.07 11.06
C VAL P 53 -68.00 -100.13 11.60
N ILE P 54 -67.72 -100.61 12.81
CA ILE P 54 -68.61 -101.57 13.46
C ILE P 54 -69.33 -100.87 14.60
N ARG P 55 -70.65 -100.73 14.46
CA ARG P 55 -71.43 -100.09 15.50
C ARG P 55 -72.01 -101.10 16.47
N LEU P 56 -71.91 -100.75 17.74
CA LEU P 56 -71.64 -101.72 18.78
C LEU P 56 -71.80 -100.93 20.07
N PRO P 57 -72.74 -101.34 20.93
CA PRO P 57 -72.94 -100.60 22.18
C PRO P 57 -71.82 -100.85 23.18
N ALA P 58 -71.12 -99.80 23.58
CA ALA P 58 -69.98 -99.98 24.48
C ALA P 58 -70.44 -100.51 25.82
N ASN P 59 -69.69 -101.46 26.36
CA ASN P 59 -70.04 -102.04 27.64
C ASN P 59 -68.82 -102.62 28.38
N ALA P 60 -68.62 -102.20 29.62
CA ALA P 60 -67.43 -102.60 30.36
C ALA P 60 -67.66 -103.81 31.23
N PHE P 61 -68.86 -104.38 31.14
CA PHE P 61 -69.30 -105.41 32.08
C PHE P 61 -69.43 -106.81 31.49
N THR P 62 -68.83 -107.05 30.34
CA THR P 62 -69.00 -108.34 29.67
C THR P 62 -67.69 -109.11 29.48
N GLY P 63 -66.62 -108.41 29.14
CA GLY P 63 -65.33 -109.07 28.87
C GLY P 63 -65.20 -109.50 27.42
N LEU P 64 -66.23 -109.25 26.63
CA LEU P 64 -66.25 -109.66 25.23
C LEU P 64 -65.19 -108.98 24.38
N THR P 65 -64.48 -109.78 23.60
CA THR P 65 -63.57 -109.28 22.59
C THR P 65 -63.79 -110.09 21.32
N TRP P 66 -63.96 -109.39 20.19
CA TRP P 66 -64.22 -110.05 18.91
C TRP P 66 -63.05 -109.81 17.98
N VAL P 67 -62.99 -110.58 16.90
CA VAL P 67 -61.97 -110.36 15.89
C VAL P 67 -62.63 -110.20 14.54
N MET P 68 -62.35 -109.09 13.87
CA MET P 68 -62.70 -108.97 12.46
C MET P 68 -61.51 -109.44 11.63
N SER P 69 -61.72 -110.41 10.75
CA SER P 69 -60.63 -110.94 9.93
C SER P 69 -60.90 -110.61 8.48
N PHE P 70 -59.95 -109.93 7.83
CA PHE P 70 -60.08 -109.58 6.41
C PHE P 70 -59.49 -110.71 5.57
N ASP P 71 -60.39 -111.46 4.94
CA ASP P 71 -60.00 -112.64 4.18
C ASP P 71 -60.27 -112.40 2.70
N ALA P 72 -59.40 -111.64 2.05
CA ALA P 72 -59.69 -111.21 0.69
C ALA P 72 -59.70 -112.37 -0.30
N TYR P 73 -59.04 -113.47 0.07
CA TYR P 73 -58.86 -114.58 -0.86
C TYR P 73 -59.55 -115.87 -0.40
N ASN P 74 -60.44 -115.71 0.57
CA ASN P 74 -61.31 -116.78 1.01
C ASN P 74 -60.54 -118.03 1.46
N ARG P 75 -59.56 -117.83 2.32
CA ARG P 75 -58.64 -118.91 2.65
C ARG P 75 -58.96 -119.58 3.98
N ILE P 76 -59.68 -118.89 4.85
CA ILE P 76 -60.08 -119.52 6.11
C ILE P 76 -61.57 -119.84 6.27
N THR P 77 -62.42 -119.35 5.37
CA THR P 77 -63.86 -119.44 5.60
C THR P 77 -64.35 -120.83 5.92
N SER P 78 -63.89 -121.78 5.11
CA SER P 78 -64.31 -123.16 5.19
C SER P 78 -63.98 -123.76 6.55
N ARG P 79 -62.97 -123.21 7.21
CA ARG P 79 -62.48 -123.82 8.43
C ARG P 79 -63.01 -123.17 9.73
N ILE P 80 -63.81 -122.11 9.60
CA ILE P 80 -64.31 -121.43 10.79
C ILE P 80 -65.81 -121.47 10.99
N THR P 81 -66.55 -122.00 10.03
CA THR P 81 -68.01 -121.87 10.06
C THR P 81 -68.73 -122.69 11.13
N ALA P 82 -68.08 -123.72 11.67
CA ALA P 82 -68.61 -124.46 12.81
C ALA P 82 -68.09 -123.84 14.10
N SER P 83 -66.77 -123.73 14.17
CA SER P 83 -66.10 -123.00 15.24
C SER P 83 -64.83 -122.35 14.70
N ALA P 84 -64.49 -121.19 15.26
CA ALA P 84 -63.37 -120.44 14.72
C ALA P 84 -62.23 -120.42 15.70
N ASP P 85 -61.31 -121.38 15.53
CA ASP P 85 -60.09 -121.40 16.31
C ASP P 85 -59.29 -120.10 16.05
N PRO P 86 -58.81 -119.46 17.12
CA PRO P 86 -58.04 -118.23 16.94
C PRO P 86 -56.84 -118.37 16.00
N VAL P 87 -56.25 -119.55 15.88
CA VAL P 87 -55.13 -119.73 14.96
C VAL P 87 -55.53 -119.40 13.52
N TYR P 88 -56.75 -119.77 13.11
CA TYR P 88 -57.25 -119.40 11.80
C TYR P 88 -57.57 -117.90 11.74
N THR P 89 -58.35 -117.42 12.71
CA THR P 89 -58.88 -116.06 12.62
C THR P 89 -57.79 -115.00 12.72
N LEU P 90 -56.65 -115.35 13.31
CA LEU P 90 -55.54 -114.40 13.46
C LEU P 90 -54.44 -114.58 12.39
N SER P 91 -54.65 -115.50 11.46
CA SER P 91 -53.63 -115.84 10.48
C SER P 91 -53.73 -114.95 9.24
N VAL P 92 -54.79 -114.15 9.18
CA VAL P 92 -54.94 -113.16 8.12
C VAL P 92 -55.05 -111.77 8.75
N PRO P 93 -54.92 -110.70 7.94
CA PRO P 93 -55.08 -109.36 8.53
C PRO P 93 -56.34 -109.28 9.38
N HIS P 94 -56.23 -108.68 10.56
CA HIS P 94 -57.34 -108.74 11.52
C HIS P 94 -57.26 -107.62 12.56
N TRP P 95 -58.36 -107.41 13.26
CA TRP P 95 -58.46 -106.37 14.24
C TRP P 95 -59.20 -106.86 15.49
N LEU P 96 -58.72 -106.46 16.65
CA LEU P 96 -59.39 -106.79 17.89
C LEU P 96 -60.46 -105.77 18.19
N ILE P 97 -61.66 -106.25 18.47
CA ILE P 97 -62.76 -105.38 18.81
C ILE P 97 -63.13 -105.59 20.26
N HIS P 98 -62.75 -104.64 21.11
CA HIS P 98 -63.06 -104.70 22.54
C HIS P 98 -64.41 -104.08 22.90
N HIS P 99 -65.22 -104.84 23.62
CA HIS P 99 -66.59 -104.43 23.92
C HIS P 99 -66.58 -103.17 24.78
N LYS P 100 -65.57 -103.04 25.63
CA LYS P 100 -65.50 -101.88 26.52
C LYS P 100 -65.33 -100.58 25.73
N LEU P 101 -64.81 -100.67 24.51
CA LEU P 101 -64.51 -99.47 23.70
C LEU P 101 -65.65 -99.08 22.76
N GLY P 102 -66.68 -99.90 22.71
CA GLY P 102 -67.81 -99.61 21.87
C GLY P 102 -67.50 -99.59 20.39
N THR P 103 -68.11 -98.62 19.70
CA THR P 103 -68.03 -98.57 18.25
C THR P 103 -66.58 -98.55 17.79
N PHE P 104 -66.28 -99.39 16.80
CA PHE P 104 -64.92 -99.62 16.34
C PHE P 104 -64.75 -99.17 14.91
N SER P 105 -63.55 -98.72 14.58
CA SER P 105 -63.27 -98.29 13.22
C SER P 105 -61.83 -98.61 12.78
N CYS P 106 -61.63 -98.85 11.50
CA CYS P 106 -60.28 -99.04 10.99
C CYS P 106 -60.23 -98.76 9.50
N GLU P 107 -59.02 -98.60 8.95
CA GLU P 107 -58.85 -98.41 7.52
C GLU P 107 -58.30 -99.63 6.82
N ILE P 108 -58.84 -99.91 5.64
CA ILE P 108 -58.33 -101.00 4.85
C ILE P 108 -57.95 -100.39 3.52
N ASP P 109 -56.64 -100.31 3.27
CA ASP P 109 -56.16 -99.94 1.94
C ASP P 109 -56.19 -101.19 1.07
N TYR P 110 -57.23 -101.30 0.26
CA TYR P 110 -57.46 -102.49 -0.51
C TYR P 110 -56.28 -102.77 -1.44
N GLY P 111 -55.56 -101.72 -1.83
CA GLY P 111 -54.36 -101.86 -2.63
C GLY P 111 -53.29 -102.68 -1.94
N GLU P 112 -53.11 -102.48 -0.63
CA GLU P 112 -52.13 -103.23 0.16
C GLU P 112 -52.67 -104.58 0.63
N LEU P 113 -53.71 -104.55 1.45
CA LEU P 113 -54.24 -105.75 2.08
C LEU P 113 -54.78 -106.77 1.08
N CYS P 114 -55.16 -106.30 -0.11
CA CYS P 114 -55.68 -107.22 -1.12
C CYS P 114 -54.81 -107.34 -2.37
N GLY P 115 -54.57 -106.22 -3.06
CA GLY P 115 -53.62 -106.23 -4.17
C GLY P 115 -54.18 -106.21 -5.57
N HIS P 116 -55.40 -106.66 -5.77
CA HIS P 116 -56.03 -106.54 -7.09
C HIS P 116 -57.31 -105.73 -7.06
N ALA P 117 -57.60 -105.03 -8.15
CA ALA P 117 -58.77 -104.17 -8.23
C ALA P 117 -60.08 -104.92 -8.44
N MET P 118 -61.16 -104.39 -7.86
CA MET P 118 -62.47 -105.04 -7.91
C MET P 118 -63.29 -104.70 -9.15
N TRP P 119 -63.75 -105.74 -9.83
CA TRP P 119 -64.52 -105.60 -11.05
C TRP P 119 -66.01 -105.58 -10.73
N PHE P 120 -66.70 -104.57 -11.22
CA PHE P 120 -68.09 -104.34 -10.81
C PHE P 120 -69.04 -105.52 -11.04
N LYS P 121 -68.83 -106.29 -12.11
CA LYS P 121 -69.83 -107.25 -12.54
C LYS P 121 -69.67 -108.64 -11.95
N SER P 122 -68.47 -108.97 -11.48
CA SER P 122 -68.22 -110.31 -10.98
C SER P 122 -66.92 -110.42 -10.24
N THR P 123 -66.83 -111.42 -9.39
CA THR P 123 -65.59 -111.68 -8.69
C THR P 123 -64.50 -112.09 -9.70
N THR P 124 -63.30 -111.52 -9.57
CA THR P 124 -62.18 -111.86 -10.45
C THR P 124 -61.51 -113.15 -9.98
N PHE P 125 -60.87 -113.10 -8.83
CA PHE P 125 -60.24 -114.31 -8.30
C PHE P 125 -61.12 -115.03 -7.29
N GLU P 126 -61.03 -114.63 -6.04
CA GLU P 126 -62.02 -115.10 -5.09
C GLU P 126 -62.73 -113.88 -4.50
N SER P 127 -63.87 -114.13 -3.87
CA SER P 127 -64.72 -113.08 -3.32
C SER P 127 -64.33 -112.67 -1.91
N PRO P 128 -63.93 -111.40 -1.73
CA PRO P 128 -63.40 -110.86 -0.46
C PRO P 128 -64.38 -110.87 0.70
N ARG P 129 -64.00 -111.46 1.83
CA ARG P 129 -64.89 -111.60 2.99
C ARG P 129 -64.38 -110.90 4.26
N LEU P 130 -65.31 -110.50 5.10
CA LEU P 130 -65.00 -110.13 6.47
C LEU P 130 -65.60 -111.17 7.42
N HIS P 131 -64.78 -111.80 8.25
CA HIS P 131 -65.29 -112.76 9.21
C HIS P 131 -65.37 -112.15 10.60
N PHE P 132 -66.44 -112.46 11.31
CA PHE P 132 -66.59 -112.00 12.69
C PHE P 132 -66.70 -113.19 13.66
N THR P 133 -65.74 -113.23 14.57
CA THR P 133 -65.61 -114.34 15.49
C THR P 133 -65.42 -113.79 16.87
N CYS P 134 -65.72 -114.61 17.87
CA CYS P 134 -65.55 -114.18 19.25
C CYS P 134 -64.22 -114.74 19.80
N LEU P 135 -63.31 -113.85 20.22
CA LEU P 135 -62.00 -114.25 20.70
C LEU P 135 -61.99 -114.63 22.16
N THR P 136 -62.58 -113.76 22.98
CA THR P 136 -62.83 -114.05 24.40
C THR P 136 -64.31 -113.90 24.68
N GLY P 137 -64.89 -114.85 25.41
CA GLY P 137 -66.33 -114.86 25.67
C GLY P 137 -66.82 -113.94 26.77
N ASN P 138 -68.13 -113.79 26.88
CA ASN P 138 -68.70 -113.01 27.96
C ASN P 138 -68.55 -113.78 29.26
N ASN P 139 -68.48 -113.07 30.38
CA ASN P 139 -68.26 -113.70 31.69
C ASN P 139 -69.48 -114.50 32.15
N LYS P 140 -70.65 -114.05 31.70
CA LYS P 140 -71.91 -114.72 31.94
C LYS P 140 -72.76 -114.29 30.76
N GLU P 141 -73.80 -115.03 30.44
CA GLU P 141 -74.60 -114.66 29.28
C GLU P 141 -75.23 -113.30 29.50
N LEU P 142 -75.58 -112.62 28.42
CA LEU P 142 -76.29 -111.35 28.50
C LEU P 142 -77.81 -111.57 28.60
N ALA P 143 -78.56 -110.49 28.66
CA ALA P 143 -79.99 -110.62 28.89
C ALA P 143 -80.71 -111.17 27.66
N ALA P 144 -80.24 -110.85 26.47
CA ALA P 144 -80.91 -111.27 25.23
C ALA P 144 -79.99 -111.25 24.00
N ASP P 145 -80.40 -111.95 22.95
CA ASP P 145 -79.70 -111.86 21.67
C ASP P 145 -79.66 -110.39 21.25
N TRP P 146 -78.62 -110.00 20.53
CA TRP P 146 -78.53 -108.66 19.94
C TRP P 146 -77.78 -108.62 18.62
N GLN P 147 -77.62 -107.45 18.04
CA GLN P 147 -76.90 -107.36 16.77
C GLN P 147 -75.94 -106.20 16.75
N ALA P 148 -74.96 -106.27 15.87
CA ALA P 148 -74.05 -105.18 15.59
C ALA P 148 -74.14 -104.84 14.11
N VAL P 149 -73.88 -103.58 13.78
CA VAL P 149 -73.96 -103.14 12.38
C VAL P 149 -72.58 -102.90 11.81
N VAL P 150 -72.30 -103.42 10.62
CA VAL P 150 -71.02 -103.21 9.95
C VAL P 150 -71.22 -102.28 8.77
N GLU P 151 -70.42 -101.21 8.69
CA GLU P 151 -70.57 -100.24 7.61
C GLU P 151 -69.28 -100.01 6.83
N LEU P 152 -69.38 -99.93 5.51
CA LEU P 152 -68.22 -99.63 4.64
C LEU P 152 -68.35 -98.21 4.11
N TYR P 153 -67.38 -97.37 4.40
CA TYR P 153 -67.34 -96.00 3.88
C TYR P 153 -66.21 -95.91 2.90
N ALA P 154 -66.47 -95.31 1.76
CA ALA P 154 -65.46 -95.18 0.72
C ALA P 154 -65.87 -94.15 -0.30
N GLU P 155 -64.90 -93.53 -0.96
CA GLU P 155 -65.20 -92.70 -2.13
C GLU P 155 -64.60 -93.37 -3.33
N LEU P 156 -65.38 -94.23 -3.98
CA LEU P 156 -64.87 -95.05 -5.08
C LEU P 156 -64.52 -94.23 -6.30
N GLU P 157 -63.30 -94.40 -6.79
CA GLU P 157 -62.94 -93.81 -8.06
C GLU P 157 -62.31 -94.87 -8.97
N GLU P 158 -62.32 -94.61 -10.28
CA GLU P 158 -61.82 -95.57 -11.23
C GLU P 158 -60.35 -95.93 -10.97
N ALA P 159 -60.06 -97.22 -11.00
CA ALA P 159 -58.72 -97.71 -10.80
C ALA P 159 -57.93 -97.64 -12.12
N THR P 160 -56.69 -97.14 -11.99
CA THR P 160 -55.81 -96.93 -13.12
C THR P 160 -55.11 -98.23 -13.55
N SER P 161 -54.78 -99.09 -12.58
CA SER P 161 -54.07 -100.34 -12.84
C SER P 161 -54.81 -101.52 -12.23
N PHE P 162 -54.53 -102.73 -12.72
CA PHE P 162 -55.14 -103.93 -12.13
C PHE P 162 -54.51 -104.28 -10.80
N LEU P 163 -53.20 -104.12 -10.72
CA LEU P 163 -52.44 -104.54 -9.56
C LEU P 163 -52.14 -103.40 -8.62
N GLY P 164 -52.11 -103.68 -7.32
CA GLY P 164 -51.70 -102.71 -6.31
C GLY P 164 -50.20 -102.59 -6.25
N LYS P 165 -49.68 -102.13 -5.11
CA LYS P 165 -48.25 -102.15 -4.86
C LYS P 165 -47.99 -103.42 -4.06
N PRO P 166 -46.88 -104.11 -4.34
CA PRO P 166 -46.61 -105.40 -3.69
C PRO P 166 -46.33 -105.24 -2.21
N THR P 167 -47.07 -106.00 -1.40
CA THR P 167 -46.88 -106.07 0.04
C THR P 167 -45.45 -106.51 0.37
N LEU P 168 -44.86 -107.38 -0.46
CA LEU P 168 -43.59 -108.02 -0.16
C LEU P 168 -42.79 -108.34 -1.41
N VAL P 169 -41.49 -108.12 -1.37
CA VAL P 169 -40.63 -108.55 -2.47
C VAL P 169 -39.59 -109.52 -1.96
N PHE P 170 -39.46 -110.65 -2.64
CA PHE P 170 -38.63 -111.73 -2.14
C PHE P 170 -37.19 -111.34 -2.01
N ASP P 171 -36.65 -111.60 -0.81
CA ASP P 171 -35.26 -111.33 -0.45
C ASP P 171 -34.91 -112.16 0.79
N PRO P 172 -34.00 -113.12 0.64
CA PRO P 172 -33.57 -114.09 1.65
C PRO P 172 -32.95 -113.41 2.84
N GLY P 173 -32.15 -112.40 2.53
CA GLY P 173 -31.35 -111.71 3.53
C GLY P 173 -32.09 -110.57 4.18
N VAL P 174 -33.42 -110.53 4.03
CA VAL P 174 -34.19 -109.43 4.60
C VAL P 174 -35.49 -109.85 5.33
N PHE P 175 -35.30 -109.88 6.66
CA PHE P 175 -36.32 -109.96 7.67
C PHE P 175 -35.90 -108.90 8.68
N ASN P 176 -36.56 -107.74 8.65
CA ASN P 176 -36.23 -106.62 9.54
C ASN P 176 -36.27 -106.99 11.02
N GLY P 177 -37.39 -107.54 11.45
CA GLY P 177 -37.60 -107.77 12.86
C GLY P 177 -38.88 -107.08 13.30
N LYS P 178 -39.49 -106.32 12.40
CA LYS P 178 -40.79 -105.71 12.64
C LYS P 178 -41.91 -106.63 12.14
N PHE P 179 -43.02 -106.72 12.88
CA PHE P 179 -44.16 -107.55 12.47
C PHE P 179 -45.44 -106.73 12.28
N GLN P 180 -46.35 -107.21 11.44
CA GLN P 180 -47.73 -106.75 11.49
C GLN P 180 -48.65 -107.93 11.66
N PHE P 181 -49.76 -107.70 12.35
CA PHE P 181 -50.79 -108.72 12.55
C PHE P 181 -50.28 -109.98 13.23
N LEU P 182 -49.33 -109.84 14.15
CA LEU P 182 -48.89 -110.98 14.93
C LEU P 182 -49.57 -110.97 16.27
N THR P 183 -50.67 -111.72 16.37
CA THR P 183 -51.46 -111.80 17.59
C THR P 183 -51.45 -113.25 18.11
N CYS P 184 -51.15 -113.42 19.39
CA CYS P 184 -51.13 -114.74 19.99
C CYS P 184 -52.52 -115.09 20.45
N PRO P 185 -52.93 -116.35 20.26
CA PRO P 185 -54.20 -116.81 20.82
C PRO P 185 -54.28 -116.51 22.32
N PRO P 186 -55.49 -116.36 22.83
CA PRO P 186 -55.70 -115.90 24.21
C PRO P 186 -55.09 -116.86 25.21
N ILE P 187 -54.50 -116.31 26.25
CA ILE P 187 -53.98 -117.03 27.40
C ILE P 187 -54.98 -116.90 28.55
N PHE P 188 -55.26 -117.98 29.29
CA PHE P 188 -56.30 -117.92 30.33
C PHE P 188 -55.82 -118.18 31.76
N PHE P 189 -56.31 -117.39 32.71
CA PHE P 189 -55.95 -117.59 34.12
C PHE P 189 -57.22 -117.95 34.91
N ASP P 190 -57.14 -118.99 35.73
CA ASP P 190 -58.25 -119.40 36.57
C ASP P 190 -58.25 -118.55 37.81
N LEU P 191 -59.44 -118.24 38.34
CA LEU P 191 -59.48 -117.46 39.57
C LEU P 191 -59.47 -118.35 40.81
N THR P 192 -59.40 -119.65 40.58
CA THR P 192 -59.34 -120.62 41.67
C THR P 192 -57.90 -120.96 41.98
N ALA P 193 -57.01 -120.08 41.53
CA ALA P 193 -55.59 -120.30 41.71
C ALA P 193 -54.90 -119.05 42.25
N VAL P 194 -54.22 -119.19 43.38
CA VAL P 194 -53.58 -118.05 44.01
C VAL P 194 -52.41 -117.45 43.20
N THR P 195 -51.65 -118.31 42.53
CA THR P 195 -50.68 -117.86 41.52
C THR P 195 -50.73 -118.82 40.33
N ALA P 196 -50.11 -118.42 39.23
CA ALA P 196 -50.11 -119.26 38.03
C ALA P 196 -49.10 -118.80 37.01
N LEU P 197 -48.73 -119.74 36.15
CA LEU P 197 -47.81 -119.41 35.08
C LEU P 197 -48.45 -119.75 33.74
N ARG P 198 -48.29 -118.87 32.76
CA ARG P 198 -48.60 -119.24 31.38
C ARG P 198 -47.46 -118.89 30.45
N SER P 199 -46.99 -119.88 29.71
CA SER P 199 -45.86 -119.67 28.79
C SER P 199 -46.33 -119.37 27.39
N ALA P 200 -45.63 -118.46 26.73
CA ALA P 200 -45.79 -118.27 25.30
C ALA P 200 -44.44 -118.56 24.65
N GLY P 201 -44.41 -119.51 23.72
CA GLY P 201 -43.16 -119.83 23.07
C GLY P 201 -42.66 -118.68 22.21
N LEU P 202 -41.35 -118.51 22.12
CA LEU P 202 -40.79 -117.47 21.29
C LEU P 202 -40.09 -118.04 20.06
N THR P 203 -40.33 -119.32 19.80
CA THR P 203 -39.83 -119.95 18.59
C THR P 203 -40.77 -119.62 17.40
N LEU P 204 -40.70 -118.38 16.93
CA LEU P 204 -41.74 -117.82 16.07
C LEU P 204 -41.78 -118.34 14.64
N GLY P 205 -40.78 -119.10 14.25
CA GLY P 205 -40.78 -119.68 12.91
C GLY P 205 -41.59 -120.97 12.81
N GLN P 206 -41.99 -121.49 13.95
CA GLN P 206 -42.77 -122.72 14.03
C GLN P 206 -44.14 -122.49 13.37
N VAL P 207 -44.60 -123.45 12.58
CA VAL P 207 -45.91 -123.30 11.95
C VAL P 207 -47.02 -123.74 12.90
N PRO P 208 -48.00 -122.86 13.14
CA PRO P 208 -49.10 -123.06 14.10
C PRO P 208 -50.02 -124.16 13.63
N MET P 209 -50.65 -124.86 14.57
CA MET P 209 -51.52 -125.96 14.16
C MET P 209 -52.88 -125.93 14.82
N VAL P 210 -53.84 -126.54 14.13
CA VAL P 210 -55.17 -126.72 14.67
C VAL P 210 -55.46 -128.18 14.45
N GLY P 211 -55.24 -128.97 15.49
CA GLY P 211 -55.38 -130.40 15.33
C GLY P 211 -54.25 -130.87 14.43
N THR P 212 -54.60 -131.58 13.36
CA THR P 212 -53.59 -132.08 12.44
C THR P 212 -53.35 -131.08 11.29
N THR P 213 -54.08 -129.98 11.31
CA THR P 213 -54.02 -129.00 10.22
C THR P 213 -52.91 -127.97 10.46
N LYS P 214 -51.97 -127.87 9.52
CA LYS P 214 -50.94 -126.82 9.54
C LYS P 214 -51.51 -125.52 8.98
N VAL P 215 -51.33 -124.41 9.70
CA VAL P 215 -51.77 -123.12 9.20
C VAL P 215 -50.56 -122.25 8.86
N TYR P 216 -50.10 -122.34 7.61
CA TYR P 216 -49.00 -121.50 7.14
C TYR P 216 -49.42 -120.06 7.15
N ASN P 217 -48.58 -119.18 7.67
CA ASN P 217 -48.88 -117.76 7.66
C ASN P 217 -47.63 -116.94 7.44
N LEU P 218 -47.79 -115.67 7.05
CA LEU P 218 -46.65 -114.86 6.65
C LEU P 218 -45.66 -114.61 7.78
N ASN P 219 -46.15 -114.36 8.99
CA ASN P 219 -45.24 -114.08 10.10
C ASN P 219 -44.28 -115.21 10.44
N SER P 220 -44.79 -116.42 10.63
CA SER P 220 -43.88 -117.55 10.88
C SER P 220 -42.95 -117.77 9.68
N THR P 221 -43.48 -117.57 8.48
CA THR P 221 -42.66 -117.69 7.27
C THR P 221 -41.48 -116.70 7.30
N LEU P 222 -41.75 -115.45 7.62
CA LEU P 222 -40.69 -114.45 7.74
C LEU P 222 -39.63 -114.87 8.73
N VAL P 223 -40.04 -115.22 9.95
CA VAL P 223 -39.10 -115.65 10.96
C VAL P 223 -38.24 -116.83 10.48
N SER P 224 -38.83 -117.73 9.71
CA SER P 224 -38.06 -118.89 9.23
C SER P 224 -36.92 -118.50 8.28
N CYS P 225 -36.94 -117.25 7.81
CA CYS P 225 -35.93 -116.70 6.91
C CYS P 225 -34.61 -116.40 7.60
N VAL P 226 -34.61 -116.63 8.90
CA VAL P 226 -33.49 -116.36 9.77
C VAL P 226 -33.16 -117.63 10.57
N LEU P 227 -31.96 -117.76 11.12
CA LEU P 227 -31.62 -118.97 11.88
C LEU P 227 -32.08 -118.82 13.32
N GLY P 228 -32.15 -117.60 13.81
CA GLY P 228 -32.58 -117.34 15.16
C GLY P 228 -32.54 -115.86 15.44
N MET P 229 -32.96 -115.46 16.63
CA MET P 229 -33.08 -114.04 16.96
C MET P 229 -32.96 -113.81 18.44
N GLY P 230 -32.40 -112.66 18.79
CA GLY P 230 -32.28 -112.24 20.16
C GLY P 230 -32.70 -110.80 20.18
N GLY P 231 -32.84 -110.24 21.38
CA GLY P 231 -33.19 -108.84 21.45
C GLY P 231 -34.33 -108.63 22.39
N THR P 232 -35.06 -107.54 22.21
CA THR P 232 -36.17 -107.25 23.09
C THR P 232 -37.48 -107.39 22.34
N VAL P 233 -38.42 -108.11 22.93
CA VAL P 233 -39.77 -108.24 22.40
C VAL P 233 -40.60 -107.03 22.82
N ARG P 234 -41.03 -106.23 21.84
CA ARG P 234 -41.96 -105.11 22.11
C ARG P 234 -43.35 -105.54 21.71
N GLY P 235 -44.29 -105.45 22.64
CA GLY P 235 -45.64 -105.86 22.34
C GLY P 235 -46.68 -105.13 23.14
N ARG P 236 -47.93 -105.55 23.01
CA ARG P 236 -49.04 -104.98 23.77
C ARG P 236 -49.78 -106.11 24.44
N VAL P 237 -50.27 -105.84 25.63
CA VAL P 237 -51.07 -106.80 26.39
C VAL P 237 -52.48 -106.27 26.56
N HIS P 238 -53.46 -107.08 26.23
CA HIS P 238 -54.85 -106.72 26.46
C HIS P 238 -55.49 -107.62 27.53
N ILE P 239 -56.05 -107.00 28.54
CA ILE P 239 -56.75 -107.76 29.56
C ILE P 239 -58.24 -107.76 29.25
N CYS P 240 -58.74 -108.92 28.85
CA CYS P 240 -60.05 -109.02 28.23
C CYS P 240 -61.09 -109.56 29.18
N ALA P 241 -61.38 -108.79 30.22
CA ALA P 241 -62.38 -109.16 31.21
C ALA P 241 -63.20 -107.93 31.64
N PRO P 242 -64.31 -108.14 32.34
CA PRO P 242 -65.13 -107.06 32.90
C PRO P 242 -64.37 -106.16 33.87
N ILE P 243 -64.78 -104.90 34.07
CA ILE P 243 -64.06 -103.97 34.98
C ILE P 243 -63.93 -104.55 36.36
N PHE P 244 -64.79 -105.51 36.71
CA PHE P 244 -64.79 -106.04 38.07
C PHE P 244 -63.86 -107.24 38.25
N TYR P 245 -63.21 -107.63 37.15
CA TYR P 245 -62.10 -108.59 37.21
C TYR P 245 -60.80 -107.79 37.24
N SER P 246 -59.78 -108.30 37.91
CA SER P 246 -58.49 -107.62 37.85
C SER P 246 -57.35 -108.56 38.19
N ILE P 247 -56.15 -108.20 37.76
CA ILE P 247 -55.01 -109.09 37.91
C ILE P 247 -53.72 -108.30 37.88
N VAL P 248 -52.66 -108.90 38.42
CA VAL P 248 -51.34 -108.31 38.31
C VAL P 248 -50.38 -109.37 37.83
N LEU P 249 -49.67 -109.08 36.75
CA LEU P 249 -48.75 -110.04 36.16
C LEU P 249 -47.30 -109.60 36.25
N TRP P 250 -46.42 -110.57 36.46
CA TRP P 250 -44.99 -110.40 36.29
C TRP P 250 -44.67 -111.08 34.97
N VAL P 251 -44.18 -110.30 34.01
CA VAL P 251 -43.88 -110.83 32.68
C VAL P 251 -42.38 -110.84 32.45
N VAL P 252 -41.84 -112.03 32.20
CA VAL P 252 -40.40 -112.18 32.06
C VAL P 252 -40.01 -113.31 31.11
N SER P 253 -38.81 -113.26 30.57
CA SER P 253 -38.34 -114.31 29.67
C SER P 253 -37.48 -115.33 30.39
N GLU P 254 -37.69 -116.60 30.11
CA GLU P 254 -36.88 -117.67 30.69
C GLU P 254 -36.37 -118.68 29.67
N TRP P 255 -35.26 -119.34 29.98
CA TRP P 255 -34.69 -120.32 29.07
C TRP P 255 -34.84 -121.75 29.59
N ASN P 256 -35.34 -122.63 28.73
CA ASN P 256 -35.42 -124.06 29.02
C ASN P 256 -36.01 -124.39 30.37
N GLY P 257 -37.32 -124.27 30.49
CA GLY P 257 -37.99 -124.50 31.75
C GLY P 257 -38.14 -123.18 32.48
N THR P 258 -38.56 -123.27 33.73
CA THR P 258 -38.73 -122.09 34.56
C THR P 258 -38.11 -122.35 35.92
N THR P 259 -37.74 -121.28 36.62
CA THR P 259 -37.24 -121.45 37.97
C THR P 259 -38.38 -121.76 38.90
N MET P 260 -38.08 -122.49 39.96
CA MET P 260 -39.08 -122.85 40.95
C MET P 260 -38.97 -121.96 42.19
N ASP P 261 -37.97 -121.09 42.20
CA ASP P 261 -37.67 -120.22 43.32
C ASP P 261 -38.17 -118.80 43.07
N TRP P 262 -39.23 -118.43 43.79
CA TRP P 262 -39.83 -117.10 43.65
C TRP P 262 -38.83 -115.97 43.79
N ASN P 263 -37.81 -116.15 44.62
CA ASN P 263 -36.83 -115.09 44.79
C ASN P 263 -35.92 -114.96 43.58
N GLU P 264 -35.56 -116.07 42.95
CA GLU P 264 -34.73 -116.00 41.76
C GLU P 264 -35.56 -115.33 40.67
N LEU P 265 -36.83 -115.71 40.61
CA LEU P 265 -37.73 -115.20 39.59
C LEU P 265 -37.70 -113.68 39.51
N PHE P 266 -37.69 -113.04 40.67
CA PHE P 266 -37.73 -111.58 40.73
C PHE P 266 -36.36 -110.90 40.65
N LYS P 267 -35.32 -111.69 40.43
CA LYS P 267 -34.01 -111.13 40.17
C LYS P 267 -33.83 -111.01 38.66
N TYR P 268 -34.76 -111.60 37.90
CA TYR P 268 -34.74 -111.49 36.43
C TYR P 268 -35.28 -110.13 35.99
N PRO P 269 -34.90 -109.69 34.79
CA PRO P 269 -35.40 -108.42 34.22
C PRO P 269 -36.77 -108.56 33.55
N GLY P 270 -37.82 -108.45 34.36
CA GLY P 270 -39.18 -108.51 33.88
C GLY P 270 -39.92 -107.18 34.03
N VAL P 271 -41.21 -107.19 33.70
CA VAL P 271 -42.05 -106.00 33.85
C VAL P 271 -43.38 -106.39 34.49
N TYR P 272 -44.02 -105.44 35.15
CA TYR P 272 -45.33 -105.70 35.76
C TYR P 272 -46.41 -105.24 34.81
N VAL P 273 -47.49 -105.99 34.74
CA VAL P 273 -48.63 -105.60 33.91
C VAL P 273 -49.90 -105.66 34.77
N GLU P 274 -50.54 -104.51 34.95
CA GLU P 274 -51.75 -104.41 35.77
C GLU P 274 -52.96 -104.15 34.88
N GLU P 275 -52.69 -103.70 33.65
CA GLU P 275 -53.76 -103.25 32.75
C GLU P 275 -53.33 -103.20 31.29
N ASP P 276 -54.30 -103.03 30.39
CA ASP P 276 -54.01 -102.87 28.96
C ASP P 276 -52.79 -101.95 28.83
N GLY P 277 -51.84 -102.34 27.97
CA GLY P 277 -50.66 -101.51 27.73
C GLY P 277 -49.59 -102.18 26.89
N SER P 278 -48.51 -101.46 26.61
CA SER P 278 -47.39 -102.04 25.89
C SER P 278 -46.35 -102.56 26.90
N PHE P 279 -45.41 -103.37 26.43
CA PHE P 279 -44.37 -103.96 27.28
C PHE P 279 -43.14 -104.25 26.44
N GLU P 280 -41.97 -104.21 27.07
CA GLU P 280 -40.73 -104.65 26.43
C GLU P 280 -40.03 -105.66 27.34
N VAL P 281 -39.78 -106.85 26.83
CA VAL P 281 -39.06 -107.85 27.61
C VAL P 281 -37.88 -108.38 26.83
N LYS P 282 -36.72 -108.46 27.47
CA LYS P 282 -35.52 -109.00 26.85
C LYS P 282 -35.65 -110.51 26.67
N ILE P 283 -35.34 -110.99 25.48
CA ILE P 283 -35.26 -112.43 25.20
C ILE P 283 -34.05 -113.00 25.91
N ARG P 284 -34.30 -113.89 26.86
CA ARG P 284 -33.27 -114.41 27.72
C ARG P 284 -32.77 -115.78 27.24
N SER P 285 -31.46 -115.92 27.04
CA SER P 285 -30.90 -117.17 26.51
C SER P 285 -29.38 -117.23 26.67
N PRO P 286 -28.86 -118.45 26.90
CA PRO P 286 -27.44 -118.72 27.06
C PRO P 286 -26.63 -118.26 25.86
N TYR P 287 -27.31 -118.13 24.72
CA TYR P 287 -26.69 -117.77 23.45
C TYR P 287 -27.12 -116.39 23.01
N HIS P 288 -27.92 -115.75 23.86
CA HIS P 288 -28.46 -114.41 23.61
C HIS P 288 -29.51 -114.40 22.49
N ARG P 289 -29.67 -115.54 21.82
CA ARG P 289 -30.65 -115.70 20.74
C ARG P 289 -31.41 -117.00 20.98
N THR P 290 -32.65 -117.07 20.52
CA THR P 290 -33.38 -118.34 20.50
C THR P 290 -33.52 -118.75 19.02
N PRO P 291 -33.46 -120.08 18.75
CA PRO P 291 -33.57 -120.57 17.37
C PRO P 291 -34.96 -120.30 16.79
N ALA P 292 -34.96 -120.07 15.48
CA ALA P 292 -36.15 -119.72 14.73
C ALA P 292 -37.14 -120.89 14.65
N ARG P 293 -36.63 -122.11 14.47
CA ARG P 293 -37.48 -123.30 14.39
C ARG P 293 -36.94 -124.41 15.25
N LEU P 294 -37.76 -125.44 15.48
CA LEU P 294 -37.34 -126.57 16.29
C LEU P 294 -36.77 -127.75 15.48
N LEU P 295 -35.91 -128.53 16.13
CA LEU P 295 -35.43 -129.79 15.59
C LEU P 295 -36.24 -130.93 16.18
N ALA P 296 -36.07 -132.13 15.62
CA ALA P 296 -36.84 -133.30 16.02
C ALA P 296 -36.78 -133.51 17.50
N GLY P 297 -37.94 -133.73 18.12
CA GLY P 297 -38.01 -134.00 19.55
C GLY P 297 -37.77 -132.81 20.47
N GLN P 298 -37.58 -131.63 19.91
CA GLN P 298 -37.47 -130.43 20.71
C GLN P 298 -38.86 -129.87 21.07
N SER P 299 -38.93 -129.10 22.14
CA SER P 299 -40.18 -128.47 22.54
C SER P 299 -39.94 -126.97 22.55
N GLN P 300 -40.98 -126.17 22.40
CA GLN P 300 -40.78 -124.74 22.32
C GLN P 300 -40.33 -124.17 23.67
N ARG P 301 -40.55 -124.97 24.71
CA ARG P 301 -40.24 -124.55 26.06
C ARG P 301 -38.80 -124.84 26.40
N ASP P 302 -38.16 -125.69 25.59
CA ASP P 302 -36.74 -125.97 25.70
C ASP P 302 -35.88 -124.73 25.40
N MET P 303 -36.44 -123.77 24.67
CA MET P 303 -35.72 -122.55 24.28
C MET P 303 -36.17 -121.34 25.09
N SER P 304 -36.11 -120.17 24.47
CA SER P 304 -36.58 -118.93 25.09
C SER P 304 -38.11 -118.77 25.01
N SER P 305 -38.72 -118.45 26.15
CA SER P 305 -40.17 -118.21 26.20
C SER P 305 -40.49 -116.89 26.89
N LEU P 306 -41.66 -116.36 26.57
CA LEU P 306 -42.17 -115.17 27.22
C LEU P 306 -43.17 -115.66 28.27
N ASN P 307 -42.82 -115.52 29.54
CA ASN P 307 -43.62 -116.08 30.63
C ASN P 307 -44.52 -115.08 31.38
N PHE P 308 -45.78 -115.45 31.54
CA PHE P 308 -46.74 -114.62 32.24
C PHE P 308 -47.11 -115.23 33.59
N TYR P 309 -46.59 -114.62 34.65
CA TYR P 309 -46.82 -115.07 36.02
C TYR P 309 -47.90 -114.22 36.68
N ALA P 310 -49.00 -114.85 37.07
CA ALA P 310 -50.00 -114.16 37.88
C ALA P 310 -49.52 -114.11 39.32
N ILE P 311 -49.15 -112.92 39.79
CA ILE P 311 -48.60 -112.80 41.14
C ILE P 311 -49.60 -112.24 42.14
N ALA P 312 -50.67 -111.62 41.64
CA ALA P 312 -51.80 -111.19 42.50
C ALA P 312 -53.11 -111.28 41.72
N GLY P 313 -53.97 -112.21 42.14
CA GLY P 313 -55.16 -112.49 41.38
C GLY P 313 -54.98 -113.61 40.37
N PRO P 314 -55.89 -113.68 39.40
CA PRO P 314 -57.01 -112.74 39.21
C PRO P 314 -58.04 -112.81 40.34
N ILE P 315 -58.73 -111.70 40.58
CA ILE P 315 -59.84 -111.69 41.52
C ILE P 315 -61.09 -111.22 40.83
N ALA P 316 -62.22 -111.66 41.35
CA ALA P 316 -63.51 -111.23 40.87
C ALA P 316 -64.52 -111.36 42.02
N PRO P 317 -65.65 -110.66 41.93
CA PRO P 317 -66.68 -110.80 42.95
C PRO P 317 -67.29 -112.20 42.84
N SER P 318 -67.90 -112.74 43.90
CA SER P 318 -68.60 -114.01 43.76
C SER P 318 -69.93 -113.69 43.14
N GLY P 319 -70.49 -114.63 42.40
CA GLY P 319 -69.83 -115.88 42.08
C GLY P 319 -69.56 -115.85 40.59
N GLU P 320 -68.44 -115.27 40.24
CA GLU P 320 -67.98 -115.32 38.87
C GLU P 320 -67.23 -116.63 38.70
N THR P 321 -67.17 -117.13 37.48
CA THR P 321 -66.54 -118.42 37.25
C THR P 321 -65.62 -118.39 36.05
N ALA P 322 -65.88 -117.44 35.14
CA ALA P 322 -65.09 -117.28 33.93
C ALA P 322 -63.62 -117.10 34.21
N GLN P 323 -62.79 -117.58 33.30
CA GLN P 323 -61.37 -117.36 33.43
C GLN P 323 -61.06 -115.94 32.96
N LEU P 324 -59.90 -115.41 33.34
CA LEU P 324 -59.51 -114.08 32.90
C LEU P 324 -58.54 -114.26 31.75
N PRO P 325 -58.92 -113.82 30.56
CA PRO P 325 -58.09 -113.95 29.36
C PRO P 325 -57.14 -112.76 29.15
N ILE P 326 -55.94 -113.08 28.66
CA ILE P 326 -54.93 -112.11 28.28
C ILE P 326 -54.66 -112.33 26.81
N VAL P 327 -54.81 -111.30 25.99
CA VAL P 327 -54.42 -111.40 24.58
C VAL P 327 -53.11 -110.64 24.35
N VAL P 328 -52.09 -111.35 23.88
CA VAL P 328 -50.79 -110.71 23.61
C VAL P 328 -50.57 -110.43 22.11
N GLN P 329 -50.10 -109.22 21.80
CA GLN P 329 -49.69 -108.88 20.44
C GLN P 329 -48.21 -108.55 20.43
N ILE P 330 -47.48 -109.13 19.48
CA ILE P 330 -46.07 -108.84 19.34
C ILE P 330 -45.85 -107.92 18.15
N ASP P 331 -45.25 -106.77 18.42
CA ASP P 331 -45.13 -105.73 17.41
C ASP P 331 -43.79 -105.75 16.71
N GLU P 332 -42.72 -105.85 17.50
CA GLU P 332 -41.40 -106.03 16.90
C GLU P 332 -40.35 -106.56 17.85
N ILE P 333 -39.24 -107.02 17.29
CA ILE P 333 -38.02 -107.27 18.04
C ILE P 333 -37.15 -106.01 17.94
N VAL P 334 -37.09 -105.24 19.02
CA VAL P 334 -36.34 -103.99 19.02
C VAL P 334 -34.91 -104.29 19.42
N ARG P 335 -33.97 -103.50 18.91
CA ARG P 335 -32.56 -103.73 19.19
C ARG P 335 -32.24 -105.20 18.91
N PRO P 336 -32.51 -105.65 17.69
CA PRO P 336 -32.47 -107.07 17.35
C PRO P 336 -31.06 -107.61 17.21
N ASP P 337 -30.85 -108.82 17.71
CA ASP P 337 -29.62 -109.55 17.50
C ASP P 337 -29.95 -110.74 16.60
N LEU P 338 -29.86 -110.56 15.30
CA LEU P 338 -30.25 -111.62 14.39
C LEU P 338 -29.12 -112.59 14.06
N SER P 339 -29.50 -113.81 13.74
CA SER P 339 -28.57 -114.79 13.22
C SER P 339 -28.35 -114.53 11.75
N LEU P 340 -27.53 -115.36 11.13
CA LEU P 340 -27.44 -115.38 9.68
C LEU P 340 -28.82 -115.63 9.09
N PRO P 341 -29.05 -115.15 7.89
CA PRO P 341 -30.24 -115.58 7.16
C PRO P 341 -30.16 -117.09 7.02
N SER P 342 -31.28 -117.80 7.06
CA SER P 342 -31.25 -119.24 6.86
C SER P 342 -30.91 -119.64 5.40
N PHE P 343 -31.30 -118.80 4.44
CA PHE P 343 -30.96 -119.03 3.04
C PHE P 343 -30.15 -117.89 2.43
N GLU P 344 -29.26 -118.24 1.52
CA GLU P 344 -28.49 -117.23 0.80
C GLU P 344 -29.17 -116.90 -0.52
N ASP P 345 -28.60 -115.98 -1.30
CA ASP P 345 -29.21 -115.68 -2.61
C ASP P 345 -28.79 -116.76 -3.60
N ASP P 346 -29.47 -117.89 -3.50
CA ASP P 346 -29.04 -119.09 -4.19
C ASP P 346 -30.27 -119.85 -4.65
N TYR P 347 -30.02 -120.95 -5.35
CA TYR P 347 -31.08 -121.83 -5.76
C TYR P 347 -31.61 -122.59 -4.56
N PHE P 348 -32.83 -123.10 -4.69
CA PHE P 348 -33.38 -124.04 -3.70
C PHE P 348 -34.27 -125.03 -4.43
N VAL P 349 -34.65 -126.09 -3.74
CA VAL P 349 -35.32 -127.20 -4.42
C VAL P 349 -36.78 -126.89 -4.66
N TRP P 350 -37.21 -127.07 -5.90
CA TRP P 350 -38.61 -126.91 -6.23
C TRP P 350 -39.26 -128.29 -6.19
N VAL P 351 -38.72 -129.22 -6.97
CA VAL P 351 -39.31 -130.55 -7.07
C VAL P 351 -38.31 -131.60 -7.55
N ASP P 352 -38.42 -132.81 -7.00
CA ASP P 352 -37.72 -133.98 -7.53
C ASP P 352 -38.72 -134.94 -8.18
N PHE P 353 -38.43 -135.36 -9.40
CA PHE P 353 -39.19 -136.45 -10.01
C PHE P 353 -38.34 -137.73 -10.02
N SER P 354 -38.95 -138.85 -9.66
CA SER P 354 -38.23 -140.11 -9.57
C SER P 354 -39.16 -141.29 -9.81
N GLU P 355 -38.59 -142.48 -9.87
CA GLU P 355 -39.40 -143.70 -9.96
C GLU P 355 -40.37 -143.62 -11.15
N PHE P 356 -39.84 -143.33 -12.33
CA PHE P 356 -40.66 -143.27 -13.53
C PHE P 356 -41.15 -144.64 -13.98
N THR P 357 -42.42 -144.75 -14.37
CA THR P 357 -42.99 -146.02 -14.79
C THR P 357 -43.13 -146.13 -16.30
N LEU P 358 -43.21 -144.98 -16.96
CA LEU P 358 -43.31 -144.94 -18.41
C LEU P 358 -42.12 -144.22 -18.97
N ASP P 359 -41.68 -144.64 -20.15
CA ASP P 359 -40.57 -143.96 -20.84
C ASP P 359 -41.01 -142.58 -21.34
N LYS P 360 -42.25 -142.47 -21.82
CA LYS P 360 -42.79 -141.18 -22.23
C LYS P 360 -43.48 -140.48 -21.07
N GLU P 361 -42.93 -139.35 -20.63
CA GLU P 361 -43.47 -138.59 -19.52
C GLU P 361 -43.46 -137.13 -19.89
N GLU P 362 -44.56 -136.43 -19.63
CA GLU P 362 -44.60 -135.00 -19.92
C GLU P 362 -45.21 -134.20 -18.76
N ILE P 363 -44.37 -133.38 -18.14
CA ILE P 363 -44.76 -132.59 -16.99
C ILE P 363 -45.11 -131.16 -17.40
N GLU P 364 -46.39 -130.81 -17.34
CA GLU P 364 -46.81 -129.46 -17.69
C GLU P 364 -46.60 -128.48 -16.53
N ILE P 365 -45.95 -127.38 -16.82
CA ILE P 365 -45.70 -126.36 -15.82
C ILE P 365 -46.57 -125.14 -16.13
N GLY P 366 -46.53 -124.72 -17.40
CA GLY P 366 -47.26 -123.55 -17.86
C GLY P 366 -46.62 -122.25 -17.40
N SER P 367 -47.36 -121.47 -16.63
CA SER P 367 -46.80 -120.25 -16.10
C SER P 367 -46.91 -120.21 -14.59
N ARG P 368 -47.03 -121.36 -13.95
CA ARG P 368 -47.30 -121.41 -12.50
C ARG P 368 -46.15 -121.98 -11.70
N PHE P 369 -46.03 -121.53 -10.45
CA PHE P 369 -45.18 -122.22 -9.48
C PHE P 369 -46.13 -122.93 -8.51
N PHE P 370 -46.08 -124.26 -8.44
CA PHE P 370 -47.11 -124.99 -7.71
C PHE P 370 -46.69 -126.41 -7.33
N ASP P 371 -47.60 -127.15 -6.70
CA ASP P 371 -47.32 -128.53 -6.31
C ASP P 371 -47.76 -129.49 -7.42
N PHE P 372 -46.84 -130.33 -7.85
CA PHE P 372 -47.09 -131.31 -8.90
C PHE P 372 -47.74 -132.59 -8.36
N THR P 373 -48.47 -133.29 -9.23
CA THR P 373 -48.95 -134.63 -8.91
C THR P 373 -48.80 -135.50 -10.15
N SER P 374 -48.54 -136.78 -9.95
CA SER P 374 -48.38 -137.70 -11.08
C SER P 374 -48.87 -139.09 -10.73
N ASN P 375 -49.49 -139.75 -11.70
CA ASN P 375 -49.92 -141.13 -11.56
C ASN P 375 -48.85 -142.08 -12.06
N THR P 376 -47.89 -141.53 -12.79
CA THR P 376 -46.92 -142.35 -13.51
C THR P 376 -45.51 -142.22 -12.94
N CYS P 377 -45.32 -141.32 -11.98
CA CYS P 377 -44.03 -141.19 -11.30
C CYS P 377 -44.16 -140.56 -9.92
N ARG P 378 -43.07 -140.58 -9.17
CA ARG P 378 -43.08 -140.06 -7.81
C ARG P 378 -42.67 -138.59 -7.76
N VAL P 379 -43.55 -137.75 -7.22
CA VAL P 379 -43.27 -136.34 -7.06
C VAL P 379 -42.89 -136.06 -5.62
N SER P 380 -41.74 -135.39 -5.42
CA SER P 380 -41.34 -134.95 -4.07
C SER P 380 -41.16 -133.44 -4.08
N MET P 381 -42.04 -132.74 -3.40
CA MET P 381 -42.01 -131.29 -3.44
C MET P 381 -41.03 -130.71 -2.40
N GLY P 382 -40.40 -129.59 -2.72
CA GLY P 382 -39.53 -128.92 -1.77
C GLY P 382 -40.33 -128.05 -0.81
N GLU P 383 -39.88 -127.96 0.44
CA GLU P 383 -40.47 -127.04 1.41
C GLU P 383 -39.41 -125.98 1.84
N ASN P 384 -39.68 -124.73 1.52
CA ASN P 384 -38.80 -123.63 1.87
C ASN P 384 -39.58 -122.33 1.99
N PRO P 385 -38.93 -121.27 2.49
CA PRO P 385 -39.66 -120.02 2.70
C PRO P 385 -40.29 -119.49 1.42
N PHE P 386 -39.63 -119.61 0.28
CA PHE P 386 -40.21 -119.09 -0.93
C PHE P 386 -41.57 -119.75 -1.22
N ALA P 387 -41.63 -121.07 -1.10
CA ALA P 387 -42.89 -121.80 -1.35
C ALA P 387 -43.97 -121.37 -0.37
N ALA P 388 -43.57 -121.15 0.89
CA ALA P 388 -44.50 -120.65 1.87
C ALA P 388 -45.02 -119.26 1.52
N MET P 389 -44.12 -118.37 1.08
CA MET P 389 -44.54 -117.04 0.66
C MET P 389 -45.51 -117.07 -0.51
N ILE P 390 -45.32 -118.00 -1.44
CA ILE P 390 -46.28 -118.20 -2.52
C ILE P 390 -47.66 -118.56 -1.96
N ALA P 391 -47.65 -119.39 -0.91
CA ALA P 391 -48.87 -119.92 -0.30
C ALA P 391 -49.55 -118.91 0.59
N CYS P 392 -48.80 -117.92 1.07
CA CYS P 392 -49.32 -116.96 2.03
C CYS P 392 -49.64 -115.62 1.42
N HIS P 393 -49.76 -115.58 0.10
CA HIS P 393 -50.24 -114.39 -0.56
C HIS P 393 -51.30 -114.72 -1.58
N GLY P 394 -52.21 -113.79 -1.82
CA GLY P 394 -53.27 -114.01 -2.77
C GLY P 394 -52.78 -114.07 -4.18
N LEU P 395 -51.87 -113.16 -4.53
CA LEU P 395 -51.24 -113.10 -5.86
C LEU P 395 -49.72 -112.97 -5.80
N HIS P 396 -49.04 -113.46 -6.83
CA HIS P 396 -47.59 -113.29 -6.93
C HIS P 396 -47.22 -113.14 -8.39
N SER P 397 -46.00 -112.67 -8.65
CA SER P 397 -45.50 -112.55 -10.02
C SER P 397 -44.00 -112.35 -10.03
N GLY P 398 -43.33 -112.98 -11.00
CA GLY P 398 -41.90 -112.80 -11.15
C GLY P 398 -41.28 -113.76 -12.14
N VAL P 399 -39.96 -113.85 -12.11
CA VAL P 399 -39.27 -114.80 -12.98
C VAL P 399 -38.40 -115.72 -12.17
N LEU P 400 -38.47 -117.02 -12.48
CA LEU P 400 -37.62 -118.01 -11.81
C LEU P 400 -36.56 -118.54 -12.73
N ASP P 401 -35.31 -118.52 -12.29
CA ASP P 401 -34.25 -119.22 -13.04
C ASP P 401 -34.23 -120.67 -12.59
N LEU P 402 -34.23 -121.59 -13.54
CA LEU P 402 -34.28 -123.00 -13.21
C LEU P 402 -32.97 -123.69 -13.53
N LYS P 403 -32.57 -124.58 -12.63
CA LYS P 403 -31.50 -125.53 -12.89
C LYS P 403 -32.08 -126.91 -12.86
N LEU P 404 -31.90 -127.67 -13.93
CA LEU P 404 -32.32 -129.06 -13.97
C LEU P 404 -31.09 -129.96 -13.86
N GLN P 405 -31.16 -130.95 -12.98
CA GLN P 405 -30.10 -131.94 -12.81
C GLN P 405 -30.68 -133.34 -12.81
N TRP P 406 -29.96 -134.30 -13.37
CA TRP P 406 -30.45 -135.67 -13.36
C TRP P 406 -29.34 -136.69 -13.37
N SER P 407 -29.63 -137.85 -12.79
CA SER P 407 -28.69 -138.96 -12.78
C SER P 407 -29.29 -140.13 -13.54
N LEU P 408 -28.46 -141.00 -14.10
CA LEU P 408 -28.97 -142.13 -14.88
C LEU P 408 -29.32 -143.39 -14.07
N ASN P 409 -30.34 -144.10 -14.54
CA ASN P 409 -30.78 -145.36 -13.95
C ASN P 409 -30.16 -146.56 -14.67
N THR P 410 -29.98 -146.41 -15.99
CA THR P 410 -29.32 -147.42 -16.83
C THR P 410 -27.83 -147.14 -16.97
N GLU P 411 -27.11 -148.03 -17.66
CA GLU P 411 -25.68 -147.81 -17.90
C GLU P 411 -25.46 -146.62 -18.84
N PHE P 412 -24.46 -145.79 -18.52
CA PHE P 412 -24.19 -144.58 -19.30
C PHE P 412 -24.01 -144.87 -20.79
N GLY P 413 -23.29 -145.94 -21.08
CA GLY P 413 -23.01 -146.32 -22.46
C GLY P 413 -24.23 -146.69 -23.27
N LYS P 414 -25.32 -147.04 -22.59
CA LYS P 414 -26.53 -147.49 -23.27
C LYS P 414 -27.54 -146.35 -23.41
N SER P 415 -27.24 -145.22 -22.79
CA SER P 415 -28.17 -144.09 -22.73
C SER P 415 -28.53 -143.46 -24.08
N SER P 416 -29.75 -142.96 -24.16
CA SER P 416 -30.22 -142.23 -25.35
C SER P 416 -31.34 -141.29 -24.94
N GLY P 417 -31.76 -140.45 -25.87
CA GLY P 417 -32.88 -139.56 -25.60
C GLY P 417 -32.49 -138.26 -24.95
N SER P 418 -33.46 -137.60 -24.32
CA SER P 418 -33.33 -136.22 -23.88
C SER P 418 -34.28 -135.78 -22.78
N VAL P 419 -33.86 -134.74 -22.06
CA VAL P 419 -34.75 -133.90 -21.28
C VAL P 419 -35.04 -132.70 -22.17
N THR P 420 -36.27 -132.57 -22.63
CA THR P 420 -36.63 -131.44 -23.50
C THR P 420 -37.50 -130.42 -22.77
N ILE P 421 -37.16 -129.15 -22.90
CA ILE P 421 -37.94 -128.09 -22.31
C ILE P 421 -38.71 -127.42 -23.43
N THR P 422 -40.01 -127.66 -23.47
CA THR P 422 -40.87 -126.95 -24.39
C THR P 422 -41.26 -125.55 -23.87
N LYS P 423 -40.99 -124.53 -24.66
CA LYS P 423 -41.36 -123.18 -24.29
C LYS P 423 -42.29 -122.60 -25.36
N LEU P 424 -43.53 -122.30 -24.96
CA LEU P 424 -44.51 -121.73 -25.87
C LEU P 424 -45.02 -120.41 -25.38
N VAL P 425 -45.74 -119.72 -26.25
CA VAL P 425 -46.59 -118.61 -25.82
C VAL P 425 -48.01 -118.97 -26.25
N GLY P 426 -48.87 -119.18 -25.26
CA GLY P 426 -50.22 -119.61 -25.55
C GLY P 426 -50.51 -120.90 -24.80
N ASP P 427 -50.75 -121.96 -25.56
CA ASP P 427 -50.96 -123.28 -24.99
C ASP P 427 -50.46 -124.34 -25.96
N LYS P 428 -50.53 -125.60 -25.55
CA LYS P 428 -50.03 -126.68 -26.39
C LYS P 428 -50.73 -126.69 -27.75
N ALA P 429 -52.00 -126.29 -27.77
CA ALA P 429 -52.81 -126.40 -28.97
C ALA P 429 -52.62 -125.31 -30.04
N MET P 430 -52.46 -124.05 -29.62
CA MET P 430 -52.44 -122.93 -30.57
C MET P 430 -51.27 -121.98 -30.34
N GLY P 431 -50.30 -122.41 -29.55
CA GLY P 431 -49.21 -121.55 -29.12
C GLY P 431 -48.14 -121.23 -30.14
N LEU P 432 -47.32 -120.23 -29.80
CA LEU P 432 -46.20 -119.84 -30.62
C LEU P 432 -44.97 -120.45 -29.99
N ASP P 433 -43.94 -120.69 -30.81
CA ASP P 433 -42.74 -121.37 -30.32
C ASP P 433 -41.66 -120.43 -29.84
N GLY P 434 -41.26 -120.60 -28.58
CA GLY P 434 -40.23 -119.78 -27.98
C GLY P 434 -38.90 -120.50 -27.89
N PRO P 435 -38.15 -120.23 -26.83
CA PRO P 435 -36.80 -120.80 -26.65
C PRO P 435 -36.88 -122.21 -26.08
N SER P 436 -37.59 -123.09 -26.80
CA SER P 436 -37.62 -124.52 -26.47
C SER P 436 -36.19 -125.05 -26.57
N HIS P 437 -35.92 -126.17 -25.93
CA HIS P 437 -34.54 -126.50 -25.68
C HIS P 437 -34.39 -128.00 -25.50
N VAL P 438 -33.49 -128.62 -26.25
CA VAL P 438 -33.31 -130.06 -26.17
C VAL P 438 -31.98 -130.40 -25.51
N PHE P 439 -32.05 -130.98 -24.32
CA PHE P 439 -30.85 -131.40 -23.63
C PHE P 439 -30.67 -132.89 -23.83
N ALA P 440 -29.70 -133.28 -24.63
CA ALA P 440 -29.39 -134.69 -24.74
C ALA P 440 -29.23 -135.25 -23.32
N ILE P 441 -29.75 -136.45 -23.08
CA ILE P 441 -29.74 -136.99 -21.72
C ILE P 441 -28.33 -137.06 -21.12
N GLN P 442 -27.30 -137.19 -21.97
CA GLN P 442 -25.92 -137.29 -21.51
C GLN P 442 -25.37 -135.98 -20.95
N LYS P 443 -26.02 -134.84 -21.21
CA LYS P 443 -25.61 -133.57 -20.60
C LYS P 443 -25.76 -133.62 -19.08
N LEU P 444 -26.77 -134.35 -18.62
CA LEU P 444 -26.98 -134.57 -17.19
C LEU P 444 -27.36 -133.32 -16.40
N GLU P 445 -27.57 -132.21 -17.11
CA GLU P 445 -28.03 -130.97 -16.51
C GLU P 445 -28.39 -129.95 -17.56
N GLY P 446 -29.25 -129.00 -17.19
CA GLY P 446 -29.66 -127.96 -18.11
C GLY P 446 -30.28 -126.79 -17.36
N THR P 447 -30.40 -125.65 -18.03
CA THR P 447 -30.94 -124.44 -17.39
C THR P 447 -32.02 -123.81 -18.25
N THR P 448 -32.94 -123.10 -17.59
CA THR P 448 -33.97 -122.36 -18.30
C THR P 448 -34.58 -121.28 -17.40
N GLU P 449 -35.28 -120.31 -17.99
CA GLU P 449 -36.06 -119.35 -17.21
C GLU P 449 -37.53 -119.76 -17.24
N LEU P 450 -38.28 -119.41 -16.20
CA LEU P 450 -39.73 -119.59 -16.20
C LEU P 450 -40.43 -118.30 -15.78
N LEU P 451 -41.34 -117.84 -16.62
CA LEU P 451 -42.14 -116.67 -16.26
C LEU P 451 -43.28 -117.16 -15.40
N VAL P 452 -43.34 -116.67 -14.16
CA VAL P 452 -44.48 -116.94 -13.28
C VAL P 452 -45.38 -115.71 -13.29
N GLY P 453 -46.42 -115.76 -14.11
CA GLY P 453 -47.28 -114.63 -14.35
C GLY P 453 -48.12 -114.84 -15.60
N ASN P 454 -48.66 -113.75 -16.13
CA ASN P 454 -49.54 -113.82 -17.30
C ASN P 454 -49.89 -112.41 -17.78
N PHE P 455 -50.71 -112.32 -18.82
CA PHE P 455 -51.04 -111.01 -19.39
C PHE P 455 -51.67 -110.04 -18.39
N ALA P 456 -52.39 -110.57 -17.39
CA ALA P 456 -53.01 -109.73 -16.39
C ALA P 456 -52.02 -109.13 -15.40
N GLY P 457 -50.96 -109.87 -15.09
CA GLY P 457 -49.84 -109.36 -14.30
C GLY P 457 -49.42 -110.19 -13.09
N ALA P 458 -50.26 -111.14 -12.69
CA ALA P 458 -50.00 -111.90 -11.47
C ALA P 458 -50.79 -113.22 -11.45
N ASN P 459 -50.31 -114.19 -10.69
CA ASN P 459 -50.97 -115.48 -10.56
C ASN P 459 -51.60 -115.62 -9.19
N PRO P 460 -52.83 -116.14 -9.15
CA PRO P 460 -53.44 -116.58 -7.89
C PRO P 460 -52.78 -117.88 -7.47
N ASN P 461 -53.00 -118.29 -6.23
CA ASN P 461 -52.41 -119.55 -5.76
C ASN P 461 -53.38 -120.72 -5.97
N THR P 462 -54.03 -120.72 -7.12
CA THR P 462 -54.97 -121.77 -7.50
C THR P 462 -54.75 -122.04 -8.98
N ARG P 463 -55.52 -122.96 -9.54
CA ARG P 463 -55.52 -123.14 -10.99
C ARG P 463 -56.34 -122.01 -11.60
N PHE P 464 -55.86 -121.50 -12.74
CA PHE P 464 -56.50 -120.39 -13.43
C PHE P 464 -56.15 -120.55 -14.92
N SER P 465 -56.87 -119.87 -15.79
CA SER P 465 -56.55 -119.91 -17.20
C SER P 465 -56.40 -118.52 -17.79
N LEU P 466 -55.17 -118.01 -17.84
CA LEU P 466 -54.94 -116.68 -18.41
C LEU P 466 -53.77 -116.72 -19.36
N TYR P 467 -53.99 -116.25 -20.60
CA TYR P 467 -52.95 -116.26 -21.64
C TYR P 467 -51.60 -115.84 -21.11
N SER P 468 -50.60 -116.68 -21.32
CA SER P 468 -49.23 -116.38 -20.88
C SER P 468 -48.23 -117.26 -21.63
N ARG P 469 -46.96 -117.16 -21.24
CA ARG P 469 -45.97 -118.09 -21.73
C ARG P 469 -46.27 -119.45 -21.11
N TRP P 470 -45.80 -120.52 -21.73
CA TRP P 470 -46.17 -121.87 -21.33
C TRP P 470 -44.96 -122.80 -21.40
N MET P 471 -44.71 -123.56 -20.32
CA MET P 471 -43.55 -124.43 -20.27
C MET P 471 -43.93 -125.87 -19.94
N ALA P 472 -43.15 -126.80 -20.47
CA ALA P 472 -43.34 -128.21 -20.17
C ALA P 472 -42.01 -128.94 -20.22
N ILE P 473 -41.84 -129.95 -19.37
CA ILE P 473 -40.68 -130.81 -19.43
C ILE P 473 -41.09 -132.13 -20.09
N LYS P 474 -40.38 -132.54 -21.14
CA LYS P 474 -40.69 -133.76 -21.88
C LYS P 474 -39.59 -134.79 -21.79
N LEU P 475 -39.89 -135.92 -21.16
CA LEU P 475 -38.97 -137.04 -21.09
C LEU P 475 -39.33 -138.09 -22.15
N ASP P 476 -38.35 -138.63 -22.88
CA ASP P 476 -38.65 -139.70 -23.85
C ASP P 476 -38.04 -141.04 -23.43
N GLN P 477 -37.14 -140.98 -22.45
CA GLN P 477 -36.49 -142.17 -21.94
C GLN P 477 -36.48 -142.13 -20.42
N ALA P 478 -37.64 -141.82 -19.86
CA ALA P 478 -37.72 -141.50 -18.45
C ALA P 478 -37.29 -142.63 -17.55
N LYS P 479 -37.48 -143.87 -18.00
CA LYS P 479 -37.08 -145.02 -17.18
C LYS P 479 -35.55 -145.10 -17.02
N SER P 480 -34.81 -144.40 -17.88
CA SER P 480 -33.34 -144.30 -17.78
C SER P 480 -32.88 -143.23 -16.79
N ILE P 481 -33.82 -142.53 -16.15
CA ILE P 481 -33.47 -141.48 -15.19
C ILE P 481 -33.78 -141.90 -13.77
N LYS P 482 -32.80 -141.82 -12.89
CA LYS P 482 -33.02 -142.20 -11.50
C LYS P 482 -33.71 -141.06 -10.75
N VAL P 483 -33.35 -139.82 -11.11
CA VAL P 483 -33.96 -138.65 -10.53
C VAL P 483 -33.78 -137.43 -11.40
N LEU P 484 -34.85 -136.65 -11.53
CA LEU P 484 -34.81 -135.38 -12.20
C LEU P 484 -35.10 -134.35 -11.15
N ARG P 485 -34.11 -133.52 -10.82
CA ARG P 485 -34.27 -132.47 -9.80
C ARG P 485 -34.40 -131.11 -10.44
N VAL P 486 -35.37 -130.33 -9.99
CA VAL P 486 -35.55 -128.97 -10.46
C VAL P 486 -35.32 -127.95 -9.35
N LEU P 487 -34.26 -127.15 -9.48
CA LEU P 487 -34.01 -126.07 -8.53
C LEU P 487 -34.42 -124.76 -9.16
N CYS P 488 -34.83 -123.80 -8.34
CA CYS P 488 -35.15 -122.45 -8.83
C CYS P 488 -34.50 -121.38 -7.97
N LYS P 489 -34.37 -120.18 -8.54
CA LYS P 489 -33.77 -119.01 -7.90
C LYS P 489 -34.48 -117.78 -8.43
N PRO P 490 -35.35 -117.19 -7.61
CA PRO P 490 -36.15 -116.04 -8.06
C PRO P 490 -35.26 -114.87 -8.44
N ARG P 491 -35.53 -114.30 -9.62
CA ARG P 491 -34.88 -113.06 -10.03
C ARG P 491 -35.39 -111.91 -9.19
N PRO P 492 -34.53 -110.94 -8.95
CA PRO P 492 -34.83 -109.80 -8.09
C PRO P 492 -36.15 -109.20 -8.49
N GLY P 493 -36.99 -108.86 -7.51
CA GLY P 493 -38.24 -108.19 -7.78
C GLY P 493 -39.39 -109.17 -7.88
N PHE P 494 -39.18 -110.39 -7.42
CA PHE P 494 -40.30 -111.33 -7.37
C PHE P 494 -41.31 -110.81 -6.35
N SER P 495 -42.54 -110.58 -6.80
CA SER P 495 -43.49 -109.84 -5.98
C SER P 495 -44.68 -110.63 -5.45
N PHE P 496 -45.09 -110.28 -4.23
CA PHE P 496 -46.25 -110.90 -3.61
C PHE P 496 -47.29 -109.84 -3.28
N TYR P 497 -48.57 -110.16 -3.49
CA TYR P 497 -49.68 -109.25 -3.23
C TYR P 497 -50.68 -109.84 -2.23
N GLY P 498 -51.01 -109.07 -1.20
CA GLY P 498 -52.09 -109.44 -0.29
C GLY P 498 -51.80 -110.58 0.66
N ARG P 499 -51.19 -110.25 1.79
CA ARG P 499 -50.87 -111.25 2.78
C ARG P 499 -52.12 -112.01 3.27
N THR P 500 -51.99 -113.33 3.37
CA THR P 500 -53.06 -114.19 3.82
C THR P 500 -52.50 -115.48 4.45
N SER P 501 -53.30 -116.54 4.53
CA SER P 501 -52.80 -117.78 5.10
C SER P 501 -53.21 -118.96 4.27
N PHE P 502 -52.72 -120.13 4.65
CA PHE P 502 -52.92 -121.34 3.86
C PHE P 502 -52.96 -122.58 4.74
N PRO P 503 -54.17 -123.01 5.11
CA PRO P 503 -54.33 -124.23 5.91
C PRO P 503 -54.23 -125.47 5.04
N VAL P 504 -53.47 -126.47 5.51
CA VAL P 504 -53.42 -127.79 4.87
C VAL P 504 -53.49 -128.89 5.93
N GLY Q 1 -44.71 -84.17 -62.38
CA GLY Q 1 -45.67 -84.16 -63.46
C GLY Q 1 -46.39 -85.49 -63.63
N LEU Q 2 -47.40 -85.51 -64.48
CA LEU Q 2 -48.11 -86.76 -64.72
C LEU Q 2 -47.16 -87.81 -65.30
N ALA Q 3 -47.09 -88.95 -64.64
CA ALA Q 3 -46.08 -89.95 -64.95
C ALA Q 3 -46.68 -91.15 -65.65
N GLY Q 4 -47.92 -91.46 -65.29
CA GLY Q 4 -48.61 -92.61 -65.87
C GLY Q 4 -50.09 -92.55 -65.56
N ARG Q 5 -50.89 -93.36 -66.24
CA ARG Q 5 -52.31 -93.35 -66.03
C ARG Q 5 -52.95 -94.68 -66.36
N GLY Q 6 -54.21 -94.84 -65.97
CA GLY Q 6 -54.93 -96.08 -66.15
C GLY Q 6 -56.42 -95.85 -65.92
N VAL Q 7 -57.22 -96.85 -66.23
CA VAL Q 7 -58.66 -96.71 -66.10
C VAL Q 7 -59.27 -97.89 -65.37
N ILE Q 8 -60.16 -97.60 -64.42
CA ILE Q 8 -60.89 -98.65 -63.73
C ILE Q 8 -62.32 -98.58 -64.19
N TYR Q 9 -62.90 -99.74 -64.53
CA TYR Q 9 -64.28 -99.76 -65.02
C TYR Q 9 -65.27 -100.18 -63.95
N ILE Q 10 -66.27 -99.34 -63.72
CA ILE Q 10 -67.28 -99.57 -62.68
C ILE Q 10 -68.63 -100.04 -63.20
N PRO Q 11 -69.11 -101.18 -62.71
CA PRO Q 11 -70.43 -101.73 -63.05
C PRO Q 11 -71.54 -100.90 -62.44
N LYS Q 12 -72.66 -100.79 -63.16
CA LYS Q 12 -73.78 -99.96 -62.72
C LYS Q 12 -74.36 -100.48 -61.42
N ASP Q 13 -74.36 -101.80 -61.25
CA ASP Q 13 -74.62 -102.35 -59.93
C ASP Q 13 -73.29 -102.80 -59.35
N CYS Q 14 -72.62 -101.90 -58.63
CA CYS Q 14 -71.36 -102.21 -57.93
C CYS Q 14 -71.68 -102.63 -56.49
N GLN Q 15 -71.60 -103.95 -56.23
CA GLN Q 15 -71.97 -104.56 -54.95
C GLN Q 15 -70.71 -104.72 -54.09
N ALA Q 16 -70.85 -104.92 -52.79
CA ALA Q 16 -69.64 -105.11 -51.98
C ALA Q 16 -68.89 -106.40 -52.33
N ASN Q 17 -67.57 -106.27 -52.40
CA ASN Q 17 -66.66 -107.37 -52.74
C ASN Q 17 -66.38 -107.51 -54.23
N ARG Q 18 -66.96 -106.62 -55.05
CA ARG Q 18 -66.71 -106.63 -56.48
C ARG Q 18 -65.27 -106.27 -56.72
N TYR Q 19 -64.58 -107.13 -57.46
CA TYR Q 19 -63.24 -106.85 -57.92
C TYR Q 19 -63.38 -105.96 -59.15
N LEU Q 20 -62.76 -104.79 -59.11
CA LEU Q 20 -62.93 -103.81 -60.19
C LEU Q 20 -61.78 -103.83 -61.19
N GLY Q 21 -60.61 -104.22 -60.72
CA GLY Q 21 -59.47 -104.37 -61.61
C GLY Q 21 -58.17 -104.14 -60.92
N THR Q 22 -57.08 -104.44 -61.61
CA THR Q 22 -55.74 -104.17 -61.09
C THR Q 22 -54.94 -103.36 -62.10
N LEU Q 23 -54.29 -102.30 -61.62
CA LEU Q 23 -53.39 -101.55 -62.47
C LEU Q 23 -51.98 -101.93 -62.11
N ASN Q 24 -51.14 -102.09 -63.12
CA ASN Q 24 -49.75 -102.39 -62.88
C ASN Q 24 -48.94 -101.05 -62.90
N ILE Q 25 -48.39 -100.67 -61.75
CA ILE Q 25 -47.78 -99.36 -61.64
C ILE Q 25 -46.71 -99.13 -62.69
N ARG Q 26 -45.92 -100.15 -62.98
CA ARG Q 26 -44.85 -99.91 -63.94
C ARG Q 26 -45.38 -99.82 -65.36
N ASP Q 27 -46.39 -100.63 -65.67
CA ASP Q 27 -47.08 -100.52 -66.96
C ASP Q 27 -47.80 -99.19 -67.16
N MET Q 28 -48.39 -98.63 -66.11
CA MET Q 28 -49.01 -97.30 -66.21
C MET Q 28 -47.99 -96.26 -66.70
N ILE Q 29 -46.77 -96.33 -66.19
CA ILE Q 29 -45.75 -95.37 -66.55
C ILE Q 29 -45.17 -95.67 -67.93
N SER Q 30 -44.99 -96.94 -68.26
CA SER Q 30 -44.36 -97.30 -69.53
C SER Q 30 -45.32 -97.21 -70.72
N ASP Q 31 -46.61 -97.45 -70.49
CA ASP Q 31 -47.60 -97.34 -71.57
C ASP Q 31 -47.84 -95.88 -71.90
N PHE Q 32 -47.68 -95.03 -70.90
CA PHE Q 32 -47.89 -93.62 -71.08
C PHE Q 32 -46.72 -93.03 -71.87
N LYS Q 33 -45.51 -93.14 -71.32
CA LYS Q 33 -44.29 -93.06 -72.12
C LYS Q 33 -44.03 -91.71 -72.84
N GLY Q 34 -44.25 -90.56 -72.22
CA GLY Q 34 -44.15 -90.33 -70.79
C GLY Q 34 -42.85 -89.51 -70.69
N VAL Q 35 -42.90 -88.24 -70.29
CA VAL Q 35 -41.65 -87.51 -70.00
C VAL Q 35 -40.93 -88.16 -68.83
N GLN Q 36 -41.71 -88.61 -67.84
CA GLN Q 36 -41.15 -89.25 -66.67
C GLN Q 36 -40.59 -90.64 -67.00
N TYR Q 37 -41.30 -91.37 -67.87
CA TYR Q 37 -40.80 -92.66 -68.33
C TYR Q 37 -39.43 -92.53 -68.97
N GLU Q 38 -39.29 -91.52 -69.82
CA GLU Q 38 -38.02 -91.30 -70.49
C GLU Q 38 -36.90 -90.88 -69.52
N LYS Q 39 -37.23 -90.10 -68.50
CA LYS Q 39 -36.26 -89.73 -67.48
C LYS Q 39 -35.81 -90.99 -66.74
N TRP Q 40 -36.73 -91.95 -66.65
CA TRP Q 40 -36.51 -93.18 -65.91
C TRP Q 40 -35.46 -94.05 -66.60
N ILE Q 41 -35.62 -94.21 -67.91
CA ILE Q 41 -34.64 -94.96 -68.69
C ILE Q 41 -33.20 -94.50 -68.46
N THR Q 42 -33.01 -93.20 -68.29
CA THR Q 42 -31.68 -92.65 -68.08
C THR Q 42 -31.19 -92.85 -66.67
N ALA Q 43 -32.11 -92.74 -65.73
CA ALA Q 43 -31.78 -92.93 -64.33
C ALA Q 43 -31.38 -94.38 -64.08
N GLY Q 44 -32.12 -95.28 -64.72
CA GLY Q 44 -32.00 -96.71 -64.44
C GLY Q 44 -32.84 -97.11 -63.25
N LEU Q 45 -32.46 -96.65 -62.07
CA LEU Q 45 -33.18 -96.90 -60.83
C LEU Q 45 -33.92 -95.67 -60.30
N VAL Q 46 -35.18 -95.83 -59.90
CA VAL Q 46 -35.94 -94.73 -59.29
C VAL Q 46 -36.61 -95.18 -57.98
N MET Q 47 -36.67 -94.28 -57.00
CA MET Q 47 -37.34 -94.54 -55.70
C MET Q 47 -38.43 -93.52 -55.46
N PRO Q 48 -39.44 -93.48 -56.34
CA PRO Q 48 -40.31 -92.32 -56.46
C PRO Q 48 -41.07 -92.01 -55.18
N THR Q 49 -41.48 -90.76 -55.05
CA THR Q 49 -42.62 -90.44 -54.20
C THR Q 49 -43.77 -90.12 -55.14
N PHE Q 50 -44.77 -91.00 -55.17
CA PHE Q 50 -45.92 -90.84 -56.05
C PHE Q 50 -47.02 -90.07 -55.38
N LYS Q 51 -47.74 -89.27 -56.16
CA LYS Q 51 -49.06 -88.80 -55.75
C LYS Q 51 -50.02 -89.56 -56.63
N ILE Q 52 -50.89 -90.36 -56.02
CA ILE Q 52 -51.89 -91.09 -56.76
C ILE Q 52 -53.17 -90.29 -56.68
N VAL Q 53 -53.80 -90.09 -57.84
CA VAL Q 53 -55.06 -89.37 -57.90
C VAL Q 53 -56.09 -90.22 -58.62
N ILE Q 54 -57.22 -90.44 -57.98
CA ILE Q 54 -58.31 -91.16 -58.63
C ILE Q 54 -59.42 -90.19 -58.95
N ARG Q 55 -59.68 -90.00 -60.23
CA ARG Q 55 -60.73 -89.09 -60.66
C ARG Q 55 -62.07 -89.78 -60.87
N LEU Q 56 -63.10 -89.15 -60.33
CA LEU Q 56 -64.19 -89.89 -59.72
C LEU Q 56 -65.25 -88.82 -59.47
N PRO Q 57 -66.44 -88.98 -60.08
CA PRO Q 57 -67.46 -87.94 -59.88
C PRO Q 57 -68.08 -88.05 -58.50
N ALA Q 58 -68.02 -86.97 -57.73
CA ALA Q 58 -68.53 -87.00 -56.36
C ALA Q 58 -70.04 -87.20 -56.36
N ASN Q 59 -70.51 -88.05 -55.46
CA ASN Q 59 -71.94 -88.31 -55.36
C ASN Q 59 -72.36 -88.76 -53.97
N ALA Q 60 -73.32 -88.05 -53.39
CA ALA Q 60 -73.73 -88.40 -52.04
C ALA Q 60 -74.91 -89.36 -52.00
N PHE Q 61 -75.33 -89.88 -53.15
CA PHE Q 61 -76.56 -90.62 -53.20
C PHE Q 61 -76.40 -92.11 -53.51
N THR Q 62 -75.20 -92.64 -53.32
CA THR Q 62 -74.94 -94.03 -53.68
C THR Q 62 -74.53 -94.91 -52.50
N GLY Q 63 -73.70 -94.37 -51.62
CA GLY Q 63 -73.24 -95.13 -50.47
C GLY Q 63 -71.97 -95.91 -50.79
N LEU Q 64 -71.51 -95.75 -52.02
CA LEU Q 64 -70.34 -96.50 -52.51
C LEU Q 64 -69.06 -96.11 -51.78
N THR Q 65 -68.30 -97.14 -51.38
CA THR Q 65 -66.96 -96.94 -50.86
C THR Q 65 -66.05 -98.00 -51.44
N TRP Q 66 -64.94 -97.56 -52.02
CA TRP Q 66 -63.96 -98.48 -52.62
C TRP Q 66 -62.69 -98.52 -51.82
N VAL Q 67 -61.88 -99.56 -52.06
CA VAL Q 67 -60.56 -99.63 -51.44
C VAL Q 67 -59.48 -99.75 -52.50
N MET Q 68 -58.51 -98.83 -52.48
CA MET Q 68 -57.30 -98.98 -53.27
C MET Q 68 -56.26 -99.67 -52.39
N SER Q 69 -55.76 -100.82 -52.84
CA SER Q 69 -54.80 -101.62 -52.09
C SER Q 69 -53.45 -101.60 -52.81
N PHE Q 70 -52.40 -101.12 -52.14
CA PHE Q 70 -51.06 -101.11 -52.72
C PHE Q 70 -50.36 -102.43 -52.41
N ASP Q 71 -50.24 -103.26 -53.44
CA ASP Q 71 -49.69 -104.61 -53.29
C ASP Q 71 -48.37 -104.71 -54.03
N ALA Q 72 -47.31 -104.15 -53.45
CA ALA Q 72 -46.06 -104.02 -54.19
C ALA Q 72 -45.40 -105.36 -54.49
N TYR Q 73 -45.78 -106.39 -53.74
CA TYR Q 73 -45.13 -107.69 -53.87
C TYR Q 73 -46.08 -108.79 -54.34
N ASN Q 74 -47.23 -108.37 -54.87
CA ASN Q 74 -48.15 -109.24 -55.56
C ASN Q 74 -48.62 -110.38 -54.69
N ARG Q 75 -49.06 -110.05 -53.48
CA ARG Q 75 -49.38 -111.07 -52.48
C ARG Q 75 -50.89 -111.39 -52.42
N ILE Q 76 -51.75 -110.41 -52.64
CA ILE Q 76 -53.17 -110.68 -52.59
C ILE Q 76 -53.86 -110.88 -53.97
N THR Q 77 -53.15 -110.62 -55.06
CA THR Q 77 -53.77 -110.63 -56.40
C THR Q 77 -54.56 -111.90 -56.74
N SER Q 78 -53.90 -113.06 -56.67
CA SER Q 78 -54.53 -114.34 -56.99
C SER Q 78 -55.86 -114.56 -56.27
N ARG Q 79 -56.01 -114.00 -55.08
CA ARG Q 79 -57.13 -114.36 -54.22
C ARG Q 79 -58.31 -113.40 -54.24
N ILE Q 80 -58.23 -112.34 -55.04
CA ILE Q 80 -59.28 -111.32 -55.06
C ILE Q 80 -59.94 -111.12 -56.43
N THR Q 81 -59.41 -111.77 -57.46
CA THR Q 81 -59.82 -111.48 -58.83
C THR Q 81 -61.24 -111.93 -59.15
N ALA Q 82 -61.75 -112.94 -58.45
CA ALA Q 82 -63.16 -113.34 -58.63
C ALA Q 82 -64.05 -112.64 -57.61
N SER Q 83 -63.57 -112.61 -56.38
CA SER Q 83 -64.28 -111.95 -55.31
C SER Q 83 -63.29 -111.43 -54.26
N ALA Q 84 -63.48 -110.17 -53.90
CA ALA Q 84 -62.54 -109.47 -53.02
C ALA Q 84 -63.04 -109.41 -51.59
N ASP Q 85 -62.65 -110.39 -50.77
CA ASP Q 85 -62.92 -110.29 -49.34
C ASP Q 85 -62.09 -109.16 -48.69
N PRO Q 86 -62.76 -108.32 -47.88
CA PRO Q 86 -62.06 -107.21 -47.23
C PRO Q 86 -60.84 -107.64 -46.41
N VAL Q 87 -60.85 -108.86 -45.86
CA VAL Q 87 -59.68 -109.33 -45.12
C VAL Q 87 -58.40 -109.31 -45.96
N TYR Q 88 -58.51 -109.69 -47.24
CA TYR Q 88 -57.39 -109.56 -48.15
C TYR Q 88 -57.06 -108.10 -48.48
N THR Q 89 -58.08 -107.35 -48.92
CA THR Q 89 -57.83 -106.03 -49.46
C THR Q 89 -57.31 -105.05 -48.40
N LEU Q 90 -57.58 -105.34 -47.13
CA LEU Q 90 -57.14 -104.44 -46.06
C LEU Q 90 -55.87 -104.94 -45.37
N SER Q 91 -55.30 -106.04 -45.86
CA SER Q 91 -54.15 -106.66 -45.23
C SER Q 91 -52.83 -106.11 -45.75
N VAL Q 92 -52.92 -105.24 -46.76
CA VAL Q 92 -51.76 -104.52 -47.26
C VAL Q 92 -52.04 -103.02 -47.16
N PRO Q 93 -51.00 -102.18 -47.33
CA PRO Q 93 -51.26 -100.73 -47.28
C PRO Q 93 -52.43 -100.35 -48.20
N HIS Q 94 -53.33 -99.52 -47.70
CA HIS Q 94 -54.57 -99.27 -48.42
C HIS Q 94 -55.23 -97.93 -48.02
N TRP Q 95 -56.21 -97.52 -48.83
CA TRP Q 95 -56.86 -96.23 -48.64
C TRP Q 95 -58.33 -96.36 -48.92
N LEU Q 96 -59.16 -95.77 -48.08
CA LEU Q 96 -60.60 -95.78 -48.33
C LEU Q 96 -60.97 -94.65 -49.26
N ILE Q 97 -61.76 -94.97 -50.28
CA ILE Q 97 -62.20 -93.97 -51.23
C ILE Q 97 -63.70 -93.82 -51.10
N HIS Q 98 -64.11 -92.71 -50.50
CA HIS Q 98 -65.52 -92.45 -50.33
C HIS Q 98 -66.13 -91.68 -51.50
N HIS Q 99 -67.27 -92.17 -51.99
CA HIS Q 99 -67.90 -91.62 -53.19
C HIS Q 99 -68.38 -90.21 -52.92
N LYS Q 100 -68.82 -89.94 -51.69
CA LYS Q 100 -69.30 -88.60 -51.35
C LYS Q 100 -68.22 -87.54 -51.46
N LEU Q 101 -66.94 -87.95 -51.38
CA LEU Q 101 -65.82 -87.00 -51.36
C LEU Q 101 -65.26 -86.72 -52.74
N GLY Q 102 -65.73 -87.47 -53.72
CA GLY Q 102 -65.25 -87.31 -55.09
C GLY Q 102 -63.79 -87.68 -55.31
N THR Q 103 -63.11 -86.85 -56.08
CA THR Q 103 -61.73 -87.11 -56.47
C THR Q 103 -60.82 -87.29 -55.27
N PHE Q 104 -60.04 -88.37 -55.32
CA PHE Q 104 -59.24 -88.83 -54.19
C PHE Q 104 -57.74 -88.70 -54.48
N SER Q 105 -56.96 -88.43 -53.45
CA SER Q 105 -55.53 -88.32 -53.63
C SER Q 105 -54.77 -88.85 -52.39
N CYS Q 106 -53.57 -89.40 -52.61
CA CYS Q 106 -52.71 -89.79 -51.49
C CYS Q 106 -51.27 -89.86 -51.95
N GLU Q 107 -50.34 -89.94 -51.00
CA GLU Q 107 -48.93 -90.08 -51.33
C GLU Q 107 -48.42 -91.47 -51.01
N ILE Q 108 -47.59 -91.98 -51.88
CA ILE Q 108 -46.94 -93.23 -51.65
C ILE Q 108 -45.45 -92.97 -51.71
N ASP Q 109 -44.78 -93.03 -50.56
CA ASP Q 109 -43.32 -93.01 -50.56
C ASP Q 109 -42.84 -94.42 -50.86
N TYR Q 110 -42.45 -94.64 -52.11
CA TYR Q 110 -42.12 -95.97 -52.57
C TYR Q 110 -40.94 -96.52 -51.76
N GLY Q 111 -40.14 -95.62 -51.21
CA GLY Q 111 -39.06 -96.00 -50.33
C GLY Q 111 -39.51 -96.73 -49.08
N GLU Q 112 -40.60 -96.26 -48.48
CA GLU Q 112 -41.17 -96.89 -47.29
C GLU Q 112 -42.13 -98.05 -47.61
N LEU Q 113 -43.20 -97.75 -48.32
CA LEU Q 113 -44.21 -98.76 -48.64
C LEU Q 113 -43.70 -99.95 -49.47
N CYS Q 114 -42.64 -99.74 -50.24
CA CYS Q 114 -42.12 -100.83 -51.04
C CYS Q 114 -40.72 -101.27 -50.61
N GLY Q 115 -39.73 -100.38 -50.63
CA GLY Q 115 -38.42 -100.72 -50.09
C GLY Q 115 -37.29 -100.96 -51.08
N HIS Q 116 -37.64 -101.36 -52.30
CA HIS Q 116 -36.60 -101.51 -53.33
C HIS Q 116 -36.85 -100.61 -54.54
N ALA Q 117 -35.77 -100.12 -55.16
CA ALA Q 117 -35.87 -99.23 -56.31
C ALA Q 117 -36.27 -99.95 -57.60
N MET Q 118 -37.02 -99.24 -58.43
CA MET Q 118 -37.53 -99.79 -59.68
C MET Q 118 -36.56 -99.71 -60.86
N TRP Q 119 -36.35 -100.83 -61.53
CA TRP Q 119 -35.44 -100.92 -62.65
C TRP Q 119 -36.22 -100.73 -63.95
N PHE Q 120 -35.77 -99.79 -64.77
CA PHE Q 120 -36.51 -99.38 -65.97
C PHE Q 120 -36.87 -100.53 -66.93
N LYS Q 121 -36.00 -101.52 -67.06
CA LYS Q 121 -36.16 -102.51 -68.12
C LYS Q 121 -36.99 -103.75 -67.78
N SER Q 122 -37.11 -104.06 -66.49
CA SER Q 122 -37.82 -105.25 -66.07
C SER Q 122 -38.10 -105.24 -64.59
N THR Q 123 -39.09 -106.03 -64.20
CA THR Q 123 -39.41 -106.20 -62.80
C THR Q 123 -38.23 -106.90 -62.12
N THR Q 124 -37.84 -106.42 -60.94
CA THR Q 124 -36.77 -107.04 -60.17
C THR Q 124 -37.28 -108.22 -59.36
N PHE Q 125 -38.14 -107.96 -58.38
CA PHE Q 125 -38.70 -109.05 -57.60
C PHE Q 125 -40.07 -109.44 -58.10
N GLU Q 126 -41.09 -108.75 -57.61
CA GLU Q 126 -42.38 -108.93 -58.23
C GLU Q 126 -42.86 -107.58 -58.72
N SER Q 127 -43.86 -107.61 -59.59
CA SER Q 127 -44.38 -106.41 -60.23
C SER Q 127 -45.44 -105.72 -59.39
N PRO Q 128 -45.20 -104.46 -58.96
CA PRO Q 128 -46.05 -103.68 -58.04
C PRO Q 128 -47.43 -103.35 -58.61
N ARG Q 129 -48.49 -103.70 -57.88
CA ARG Q 129 -49.87 -103.51 -58.35
C ARG Q 129 -50.70 -102.57 -57.48
N LEU Q 130 -51.69 -101.93 -58.09
CA LEU Q 130 -52.74 -101.25 -57.34
C LEU Q 130 -54.04 -102.01 -57.59
N HIS Q 131 -54.68 -102.51 -56.53
CA HIS Q 131 -55.97 -103.18 -56.69
C HIS Q 131 -57.14 -102.29 -56.32
N PHE Q 132 -58.20 -102.34 -57.11
CA PHE Q 132 -59.38 -101.55 -56.79
C PHE Q 132 -60.60 -102.46 -56.53
N THR Q 133 -61.12 -102.38 -55.32
CA THR Q 133 -62.20 -103.25 -54.92
C THR Q 133 -63.29 -102.40 -54.30
N CYS Q 134 -64.50 -102.96 -54.24
CA CYS Q 134 -65.60 -102.25 -53.62
C CYS Q 134 -65.84 -102.75 -52.17
N LEU Q 135 -65.72 -101.85 -51.21
CA LEU Q 135 -65.82 -102.21 -49.79
C LEU Q 135 -67.27 -102.26 -49.34
N THR Q 136 -67.99 -101.19 -49.62
CA THR Q 136 -69.43 -101.10 -49.37
C THR Q 136 -70.14 -100.78 -50.68
N GLY Q 137 -71.21 -101.53 -50.97
CA GLY Q 137 -71.91 -101.41 -52.23
C GLY Q 137 -72.85 -100.22 -52.34
N ASN Q 138 -73.35 -99.98 -53.54
CA ASN Q 138 -74.32 -98.92 -53.75
C ASN Q 138 -75.67 -99.37 -53.20
N ASN Q 139 -76.50 -98.41 -52.78
CA ASN Q 139 -77.76 -98.71 -52.10
C ASN Q 139 -78.76 -99.31 -53.08
N LYS Q 140 -78.63 -98.92 -54.34
CA LYS Q 140 -79.40 -99.41 -55.47
C LYS Q 140 -78.50 -99.19 -56.66
N GLU Q 141 -78.72 -99.91 -57.75
CA GLU Q 141 -77.82 -99.76 -58.90
C GLU Q 141 -77.93 -98.35 -59.46
N LEU Q 142 -76.86 -97.91 -60.11
CA LEU Q 142 -76.85 -96.61 -60.76
C LEU Q 142 -77.47 -96.72 -62.15
N ALA Q 143 -77.50 -95.61 -62.87
CA ALA Q 143 -78.18 -95.57 -64.15
C ALA Q 143 -77.44 -96.35 -65.23
N ALA Q 144 -76.12 -96.35 -65.19
CA ALA Q 144 -75.33 -97.01 -66.25
C ALA Q 144 -73.91 -97.34 -65.79
N ASP Q 145 -73.22 -98.17 -66.56
CA ASP Q 145 -71.81 -98.44 -66.29
C ASP Q 145 -71.03 -97.14 -66.43
N TRP Q 146 -69.94 -97.00 -65.69
CA TRP Q 146 -69.07 -95.83 -65.79
C TRP Q 146 -67.61 -96.17 -65.53
N GLN Q 147 -66.75 -95.16 -65.54
CA GLN Q 147 -65.35 -95.43 -65.26
C GLN Q 147 -64.74 -94.36 -64.38
N ALA Q 148 -63.62 -94.71 -63.74
CA ALA Q 148 -62.82 -93.76 -63.00
C ALA Q 148 -61.41 -93.77 -63.58
N VAL Q 149 -60.70 -92.66 -63.47
CA VAL Q 149 -59.35 -92.57 -64.00
C VAL Q 149 -58.33 -92.54 -62.85
N VAL Q 150 -57.30 -93.36 -62.96
CA VAL Q 150 -56.20 -93.36 -61.97
C VAL Q 150 -54.97 -92.72 -62.57
N GLU Q 151 -54.37 -91.78 -61.84
CA GLU Q 151 -53.19 -91.06 -62.34
C GLU Q 151 -52.00 -91.09 -61.37
N LEU Q 152 -50.81 -91.34 -61.90
CA LEU Q 152 -49.59 -91.27 -61.10
C LEU Q 152 -48.84 -89.99 -61.41
N TYR Q 153 -48.57 -89.19 -60.39
CA TYR Q 153 -47.76 -87.99 -60.53
C TYR Q 153 -46.47 -88.20 -59.76
N ALA Q 154 -45.34 -87.85 -60.40
CA ALA Q 154 -44.03 -88.04 -59.79
C ALA Q 154 -43.00 -87.23 -60.54
N GLU Q 155 -41.95 -86.82 -59.85
CA GLU Q 155 -40.76 -86.30 -60.51
C GLU Q 155 -39.64 -87.28 -60.32
N LEU Q 156 -39.52 -88.24 -61.25
CA LEU Q 156 -38.51 -89.30 -61.12
C LEU Q 156 -37.09 -88.78 -61.19
N GLU Q 157 -36.29 -89.16 -60.21
CA GLU Q 157 -34.87 -88.92 -60.29
C GLU Q 157 -34.10 -90.20 -59.97
N GLU Q 158 -32.84 -90.24 -60.42
CA GLU Q 158 -32.01 -91.43 -60.26
C GLU Q 158 -31.85 -91.80 -58.79
N ALA Q 159 -32.09 -93.07 -58.49
CA ALA Q 159 -31.93 -93.59 -57.15
C ALA Q 159 -30.46 -93.86 -56.81
N THR Q 160 -30.05 -93.43 -55.63
CA THR Q 160 -28.68 -93.55 -55.18
C THR Q 160 -28.37 -94.96 -54.62
N SER Q 161 -29.36 -95.59 -54.00
CA SER Q 161 -29.23 -96.91 -53.39
C SER Q 161 -30.30 -97.89 -53.87
N PHE Q 162 -30.03 -99.19 -53.76
CA PHE Q 162 -31.04 -100.18 -54.15
C PHE Q 162 -32.15 -100.25 -53.11
N LEU Q 163 -31.75 -100.18 -51.85
CA LEU Q 163 -32.68 -100.38 -50.75
C LEU Q 163 -33.15 -99.06 -50.16
N GLY Q 164 -34.41 -99.05 -49.72
CA GLY Q 164 -34.99 -97.92 -49.02
C GLY Q 164 -34.52 -97.88 -47.58
N LYS Q 165 -35.29 -97.21 -46.74
CA LYS Q 165 -35.05 -97.27 -45.31
C LYS Q 165 -36.01 -98.32 -44.78
N PRO Q 166 -35.57 -99.13 -43.82
CA PRO Q 166 -36.39 -100.23 -43.33
C PRO Q 166 -37.62 -99.74 -42.58
N THR Q 167 -38.80 -100.21 -43.01
CA THR Q 167 -40.07 -100.00 -42.33
C THR Q 167 -40.02 -100.48 -40.87
N LEU Q 168 -39.28 -101.55 -40.59
CA LEU Q 168 -39.32 -102.19 -39.26
C LEU Q 168 -38.00 -102.86 -38.92
N VAL Q 169 -37.57 -102.73 -37.67
CA VAL Q 169 -36.36 -103.42 -37.23
C VAL Q 169 -36.72 -104.31 -36.07
N PHE Q 170 -36.32 -105.58 -36.17
CA PHE Q 170 -36.77 -106.57 -35.20
C PHE Q 170 -36.34 -106.27 -33.78
N ASP Q 171 -37.33 -106.25 -32.89
CA ASP Q 171 -37.13 -106.04 -31.46
C ASP Q 171 -38.37 -106.59 -30.74
N PRO Q 172 -38.15 -107.62 -29.90
CA PRO Q 172 -39.17 -108.36 -29.15
C PRO Q 172 -39.89 -107.46 -28.18
N GLY Q 173 -39.12 -106.61 -27.52
CA GLY Q 173 -39.63 -105.76 -26.47
C GLY Q 173 -40.20 -104.43 -26.97
N VAL Q 174 -40.49 -104.35 -28.27
CA VAL Q 174 -40.99 -103.10 -28.81
C VAL Q 174 -42.15 -103.24 -29.80
N PHE Q 175 -43.32 -103.00 -29.20
CA PHE Q 175 -44.60 -102.76 -29.83
C PHE Q 175 -45.12 -101.53 -29.12
N ASN Q 176 -45.04 -100.37 -29.78
CA ASN Q 176 -45.47 -99.09 -29.19
C ASN Q 176 -46.93 -99.09 -28.71
N GLY Q 177 -47.84 -99.44 -29.61
CA GLY Q 177 -49.25 -99.32 -29.34
C GLY Q 177 -49.90 -98.47 -30.42
N LYS Q 178 -49.09 -97.87 -31.29
CA LYS Q 178 -49.57 -97.18 -32.48
C LYS Q 178 -49.67 -98.13 -33.70
N PHE Q 179 -50.70 -97.95 -34.52
CA PHE Q 179 -50.90 -98.80 -35.70
C PHE Q 179 -50.92 -97.95 -36.95
N GLN Q 180 -50.60 -98.57 -38.09
CA GLN Q 180 -50.97 -98.01 -39.39
C GLN Q 180 -51.72 -99.06 -40.20
N PHE Q 181 -52.64 -98.59 -41.04
CA PHE Q 181 -53.40 -99.48 -41.93
C PHE Q 181 -54.16 -100.59 -41.21
N LEU Q 182 -54.67 -100.30 -40.03
CA LEU Q 182 -55.51 -101.26 -39.34
C LEU Q 182 -56.97 -100.89 -39.55
N THR Q 183 -57.60 -101.54 -40.52
CA THR Q 183 -58.99 -101.24 -40.86
C THR Q 183 -59.79 -102.51 -40.66
N CYS Q 184 -60.90 -102.41 -39.92
CA CYS Q 184 -61.79 -103.56 -39.71
C CYS Q 184 -62.73 -103.69 -40.88
N PRO Q 185 -62.97 -104.93 -41.34
CA PRO Q 185 -64.01 -105.14 -42.35
C PRO Q 185 -65.33 -104.50 -41.92
N PRO Q 186 -66.15 -104.11 -42.89
CA PRO Q 186 -67.40 -103.38 -42.64
C PRO Q 186 -68.34 -104.14 -41.73
N ILE Q 187 -68.98 -103.39 -40.84
CA ILE Q 187 -70.02 -103.88 -39.95
C ILE Q 187 -71.37 -103.41 -40.53
N PHE Q 188 -72.40 -104.26 -40.54
CA PHE Q 188 -73.66 -103.87 -41.19
C PHE Q 188 -74.86 -103.84 -40.25
N PHE Q 189 -75.71 -102.83 -40.43
CA PHE Q 189 -76.96 -102.72 -39.65
C PHE Q 189 -78.19 -102.80 -40.55
N ASP Q 190 -79.17 -103.63 -40.17
CA ASP Q 190 -80.39 -103.78 -40.95
C ASP Q 190 -81.32 -102.66 -40.57
N LEU Q 191 -82.10 -102.16 -41.52
CA LEU Q 191 -83.04 -101.12 -41.17
C LEU Q 191 -84.37 -101.70 -40.76
N THR Q 192 -84.45 -103.03 -40.76
CA THR Q 192 -85.67 -103.72 -40.31
C THR Q 192 -85.57 -104.07 -38.84
N ALA Q 193 -84.67 -103.36 -38.16
CA ALA Q 193 -84.42 -103.62 -36.75
C ALA Q 193 -84.41 -102.33 -35.95
N VAL Q 194 -85.25 -102.27 -34.94
CA VAL Q 194 -85.36 -101.05 -34.15
C VAL Q 194 -84.10 -100.74 -33.33
N THR Q 195 -83.44 -101.78 -32.82
CA THR Q 195 -82.10 -101.65 -32.23
C THR Q 195 -81.27 -102.85 -32.65
N ALA Q 196 -79.96 -102.77 -32.43
CA ALA Q 196 -79.08 -103.87 -32.79
C ALA Q 196 -77.71 -103.72 -32.17
N LEU Q 197 -77.01 -104.85 -32.08
CA LEU Q 197 -75.64 -104.84 -31.59
C LEU Q 197 -74.70 -105.46 -32.60
N ARG Q 198 -73.53 -104.85 -32.79
CA ARG Q 198 -72.47 -105.48 -33.56
C ARG Q 198 -71.18 -105.44 -32.78
N SER Q 199 -70.59 -106.61 -32.56
CA SER Q 199 -69.35 -106.69 -31.82
C SER Q 199 -68.13 -106.70 -32.72
N ALA Q 200 -67.09 -106.03 -32.27
CA ALA Q 200 -65.78 -106.12 -32.90
C ALA Q 200 -64.82 -106.63 -31.84
N GLY Q 201 -64.16 -107.76 -32.11
CA GLY Q 201 -63.25 -108.32 -31.14
C GLY Q 201 -62.03 -107.44 -30.94
N LEU Q 202 -61.50 -107.40 -29.72
CA LEU Q 202 -60.30 -106.61 -29.49
C LEU Q 202 -59.08 -107.50 -29.23
N THR Q 203 -59.20 -108.77 -29.57
CA THR Q 203 -58.08 -109.71 -29.46
C THR Q 203 -57.23 -109.63 -30.74
N LEU Q 204 -56.53 -108.52 -30.86
CA LEU Q 204 -55.93 -108.09 -32.13
C LEU Q 204 -54.76 -108.95 -32.65
N GLY Q 205 -54.26 -109.85 -31.82
CA GLY Q 205 -53.16 -110.71 -32.22
C GLY Q 205 -53.64 -111.93 -32.99
N GLN Q 206 -54.96 -112.11 -33.01
CA GLN Q 206 -55.58 -113.23 -33.70
C GLN Q 206 -55.34 -113.07 -35.20
N VAL Q 207 -55.01 -114.15 -35.89
CA VAL Q 207 -54.81 -114.07 -37.33
C VAL Q 207 -56.15 -114.19 -38.05
N PRO Q 208 -56.45 -113.23 -38.92
CA PRO Q 208 -57.73 -113.15 -39.64
C PRO Q 208 -57.85 -114.27 -40.62
N MET Q 209 -59.09 -114.71 -40.91
CA MET Q 209 -59.26 -115.78 -41.87
C MET Q 209 -60.29 -115.51 -42.95
N VAL Q 210 -60.10 -116.17 -44.09
CA VAL Q 210 -61.10 -116.14 -45.16
C VAL Q 210 -61.33 -117.60 -45.52
N GLY Q 211 -62.43 -118.15 -45.03
CA GLY Q 211 -62.65 -119.58 -45.14
C GLY Q 211 -61.59 -120.31 -44.35
N THR Q 212 -60.86 -121.21 -45.02
CA THR Q 212 -59.82 -121.96 -44.36
C THR Q 212 -58.46 -121.29 -44.53
N THR Q 213 -58.43 -120.16 -45.22
CA THR Q 213 -57.17 -119.46 -45.50
C THR Q 213 -56.80 -118.49 -44.38
N LYS Q 214 -55.61 -118.66 -43.81
CA LYS Q 214 -55.07 -117.72 -42.83
C LYS Q 214 -54.44 -116.54 -43.57
N VAL Q 215 -54.76 -115.31 -43.15
CA VAL Q 215 -54.12 -114.15 -43.74
C VAL Q 215 -53.20 -113.44 -42.76
N TYR Q 216 -51.94 -113.86 -42.72
CA TYR Q 216 -50.97 -113.23 -41.84
C TYR Q 216 -50.75 -111.80 -42.25
N ASN Q 217 -50.76 -110.90 -41.28
CA ASN Q 217 -50.48 -109.50 -41.59
C ASN Q 217 -49.66 -108.84 -40.49
N LEU Q 218 -49.03 -107.71 -40.82
CA LEU Q 218 -48.13 -107.08 -39.87
C LEU Q 218 -48.78 -106.63 -38.57
N ASN Q 219 -50.01 -106.10 -38.64
CA ASN Q 219 -50.68 -105.62 -37.43
C ASN Q 219 -50.95 -106.69 -36.38
N SER Q 220 -51.57 -107.80 -36.80
CA SER Q 220 -51.80 -108.88 -35.84
C SER Q 220 -50.47 -109.43 -35.34
N THR Q 221 -49.47 -109.49 -36.24
CA THR Q 221 -48.14 -109.94 -35.87
C THR Q 221 -47.53 -109.04 -34.78
N LEU Q 222 -47.65 -107.72 -34.94
CA LEU Q 222 -47.17 -106.80 -33.93
C LEU Q 222 -47.84 -107.04 -32.60
N VAL Q 223 -49.17 -107.07 -32.58
CA VAL Q 223 -49.89 -107.33 -31.33
C VAL Q 223 -49.44 -108.63 -30.64
N SER Q 224 -49.15 -109.67 -31.42
CA SER Q 224 -48.71 -110.95 -30.86
C SER Q 224 -47.36 -110.88 -30.11
N CYS Q 225 -46.64 -109.77 -30.27
CA CYS Q 225 -45.35 -109.53 -29.60
C CYS Q 225 -45.51 -109.15 -28.15
N VAL Q 226 -46.77 -109.04 -27.75
CA VAL Q 226 -47.14 -108.69 -26.40
C VAL Q 226 -48.08 -109.78 -25.82
N LEU Q 227 -48.20 -109.86 -24.49
CA LEU Q 227 -49.09 -110.87 -23.89
C LEU Q 227 -50.54 -110.38 -23.87
N GLY Q 228 -50.71 -109.07 -23.75
CA GLY Q 228 -52.02 -108.45 -23.72
C GLY Q 228 -51.90 -106.93 -23.61
N MET Q 229 -53.03 -106.25 -23.63
CA MET Q 229 -53.03 -104.80 -23.65
C MET Q 229 -54.30 -104.23 -23.03
N GLY Q 230 -54.14 -103.08 -22.39
CA GLY Q 230 -55.26 -102.34 -21.84
C GLY Q 230 -55.09 -100.90 -22.25
N GLY Q 231 -56.08 -100.06 -21.98
CA GLY Q 231 -55.95 -98.66 -22.29
C GLY Q 231 -57.12 -98.19 -23.10
N THR Q 232 -56.91 -97.16 -23.88
CA THR Q 232 -58.00 -96.60 -24.65
C THR Q 232 -57.78 -96.79 -26.15
N VAL Q 233 -58.80 -97.31 -26.83
CA VAL Q 233 -58.78 -97.47 -28.27
C VAL Q 233 -59.13 -96.14 -28.93
N ARG Q 234 -58.19 -95.55 -29.67
CA ARG Q 234 -58.46 -94.35 -30.47
C ARG Q 234 -58.64 -94.76 -31.91
N GLY Q 235 -59.75 -94.37 -32.51
CA GLY Q 235 -60.01 -94.74 -33.88
C GLY Q 235 -60.91 -93.79 -34.62
N ARG Q 236 -61.28 -94.15 -35.84
CA ARG Q 236 -62.21 -93.36 -36.64
C ARG Q 236 -63.35 -94.26 -37.10
N VAL Q 237 -64.54 -93.68 -37.18
CA VAL Q 237 -65.70 -94.40 -37.68
C VAL Q 237 -66.16 -93.74 -38.98
N HIS Q 238 -66.36 -94.54 -40.02
CA HIS Q 238 -66.97 -94.03 -41.24
C HIS Q 238 -68.36 -94.61 -41.47
N ILE Q 239 -69.32 -93.73 -41.68
CA ILE Q 239 -70.67 -94.18 -41.99
C ILE Q 239 -70.83 -94.17 -43.50
N CYS Q 240 -70.90 -95.36 -44.09
CA CYS Q 240 -70.81 -95.52 -45.54
C CYS Q 240 -72.16 -95.76 -46.20
N ALA Q 241 -73.00 -94.73 -46.19
CA ALA Q 241 -74.33 -94.80 -46.80
C ALA Q 241 -74.68 -93.45 -47.44
N PRO Q 242 -75.74 -93.42 -48.25
CA PRO Q 242 -76.27 -92.20 -48.87
C PRO Q 242 -76.69 -91.13 -47.83
N ILE Q 243 -76.68 -89.83 -48.17
CA ILE Q 243 -77.06 -88.77 -47.20
C ILE Q 243 -78.44 -89.02 -46.60
N PHE Q 244 -79.28 -89.78 -47.29
CA PHE Q 244 -80.65 -90.01 -46.81
C PHE Q 244 -80.79 -91.21 -45.87
N TYR Q 245 -79.67 -91.87 -45.59
CA TYR Q 245 -79.58 -92.86 -44.52
C TYR Q 245 -79.02 -92.15 -43.30
N SER Q 246 -79.39 -92.58 -42.11
CA SER Q 246 -78.78 -92.02 -40.93
C SER Q 246 -78.95 -92.93 -39.72
N ILE Q 247 -78.06 -92.78 -38.74
CA ILE Q 247 -78.07 -93.69 -37.62
C ILE Q 247 -77.47 -93.02 -36.40
N VAL Q 248 -77.77 -93.54 -35.21
CA VAL Q 248 -77.09 -93.09 -33.99
C VAL Q 248 -76.60 -94.28 -33.24
N LEU Q 249 -75.31 -94.28 -32.92
CA LEU Q 249 -74.68 -95.42 -32.25
C LEU Q 249 -74.20 -95.08 -30.84
N TRP Q 250 -74.33 -96.05 -29.95
CA TRP Q 250 -73.68 -96.01 -28.65
C TRP Q 250 -72.52 -96.99 -28.79
N VAL Q 251 -71.29 -96.50 -28.66
CA VAL Q 251 -70.10 -97.32 -28.79
C VAL Q 251 -69.40 -97.49 -27.45
N VAL Q 252 -69.30 -98.73 -26.98
CA VAL Q 252 -68.77 -98.98 -25.67
C VAL Q 252 -68.01 -100.32 -25.60
N SER Q 253 -67.16 -100.49 -24.60
CA SER Q 253 -66.45 -101.74 -24.42
C SER Q 253 -67.07 -102.64 -23.33
N GLU Q 254 -67.16 -103.94 -23.62
CA GLU Q 254 -67.71 -104.89 -22.65
C GLU Q 254 -66.87 -106.15 -22.56
N TRP Q 255 -66.96 -106.82 -21.42
CA TRP Q 255 -66.16 -108.02 -21.18
C TRP Q 255 -67.04 -109.26 -21.10
N ASN Q 256 -66.63 -110.28 -21.85
CA ASN Q 256 -67.25 -111.61 -21.81
C ASN Q 256 -68.76 -111.56 -21.90
N GLY Q 257 -69.24 -111.30 -23.10
CA GLY Q 257 -70.66 -111.17 -23.32
C GLY Q 257 -71.08 -109.71 -23.23
N THR Q 258 -72.38 -109.49 -23.25
CA THR Q 258 -72.91 -108.15 -23.15
C THR Q 258 -74.03 -108.13 -22.13
N THR Q 259 -74.28 -106.98 -21.54
CA THR Q 259 -75.38 -106.85 -20.61
C THR Q 259 -76.69 -106.82 -21.37
N MET Q 260 -77.75 -107.31 -20.73
CA MET Q 260 -79.03 -107.41 -21.40
C MET Q 260 -79.92 -106.26 -20.92
N ASP Q 261 -79.40 -105.49 -19.96
CA ASP Q 261 -80.13 -104.40 -19.31
C ASP Q 261 -79.73 -103.07 -19.90
N TRP Q 262 -80.63 -102.45 -20.65
CA TRP Q 262 -80.36 -101.17 -21.27
C TRP Q 262 -79.90 -100.10 -20.28
N ASN Q 263 -80.36 -100.16 -19.04
CA ASN Q 263 -79.97 -99.15 -18.08
C ASN Q 263 -78.54 -99.34 -17.61
N GLU Q 264 -78.13 -100.59 -17.42
CA GLU Q 264 -76.74 -100.87 -17.08
C GLU Q 264 -75.83 -100.43 -18.23
N LEU Q 265 -76.26 -100.73 -19.46
CA LEU Q 265 -75.49 -100.39 -20.65
C LEU Q 265 -75.08 -98.94 -20.68
N PHE Q 266 -75.98 -98.05 -20.28
CA PHE Q 266 -75.68 -96.63 -20.32
C PHE Q 266 -74.99 -96.07 -19.07
N LYS Q 267 -74.65 -96.94 -18.14
CA LYS Q 267 -73.88 -96.52 -16.99
C LYS Q 267 -72.40 -96.78 -17.30
N TYR Q 268 -72.15 -97.47 -18.42
CA TYR Q 268 -70.77 -97.71 -18.88
C TYR Q 268 -70.22 -96.46 -19.54
N PRO Q 269 -68.89 -96.36 -19.62
CA PRO Q 269 -68.23 -95.22 -20.30
C PRO Q 269 -68.10 -95.40 -21.80
N GLY Q 270 -69.14 -95.03 -22.53
CA GLY Q 270 -69.14 -95.11 -23.98
C GLY Q 270 -69.22 -93.73 -24.63
N VAL Q 271 -69.37 -93.71 -25.94
CA VAL Q 271 -69.47 -92.49 -26.71
C VAL Q 271 -70.56 -92.61 -27.77
N TYR Q 272 -71.15 -91.48 -28.15
CA TYR Q 272 -72.18 -91.51 -29.18
C TYR Q 272 -71.54 -91.21 -30.54
N VAL Q 273 -72.02 -91.88 -31.59
CA VAL Q 273 -71.52 -91.64 -32.94
C VAL Q 273 -72.73 -91.42 -33.83
N GLU Q 274 -72.84 -90.23 -34.43
CA GLU Q 274 -73.96 -89.86 -35.29
C GLU Q 274 -73.46 -89.73 -36.72
N GLU Q 275 -72.14 -89.63 -36.88
CA GLU Q 275 -71.56 -89.29 -38.16
C GLU Q 275 -70.07 -89.62 -38.25
N ASP Q 276 -69.52 -89.58 -39.46
CA ASP Q 276 -68.08 -89.74 -39.66
C ASP Q 276 -67.35 -88.99 -38.56
N GLY Q 277 -66.33 -89.61 -37.95
CA GLY Q 277 -65.52 -88.94 -36.96
C GLY Q 277 -64.60 -89.88 -36.20
N SER Q 278 -63.79 -89.33 -35.30
CA SER Q 278 -62.94 -90.14 -34.44
C SER Q 278 -63.66 -90.50 -33.11
N PHE Q 279 -63.12 -91.47 -32.38
CA PHE Q 279 -63.70 -91.89 -31.10
C PHE Q 279 -62.61 -92.43 -30.19
N GLU Q 280 -62.83 -92.35 -28.89
CA GLU Q 280 -61.92 -93.00 -27.94
C GLU Q 280 -62.78 -93.81 -26.96
N VAL Q 281 -62.50 -95.10 -26.86
CA VAL Q 281 -63.22 -95.92 -25.90
C VAL Q 281 -62.23 -96.70 -25.04
N LYS Q 282 -62.46 -96.68 -23.73
CA LYS Q 282 -61.65 -97.44 -22.79
C LYS Q 282 -61.88 -98.94 -22.96
N ILE Q 283 -60.80 -99.70 -23.01
CA ILE Q 283 -60.87 -101.17 -23.02
C ILE Q 283 -61.28 -101.65 -21.64
N ARG Q 284 -62.44 -102.28 -21.56
CA ARG Q 284 -63.04 -102.66 -20.29
C ARG Q 284 -62.74 -104.12 -19.98
N SER Q 285 -62.11 -104.38 -18.83
CA SER Q 285 -61.77 -105.75 -18.46
C SER Q 285 -61.48 -105.90 -16.96
N PRO Q 286 -61.82 -107.05 -16.40
CA PRO Q 286 -61.60 -107.37 -14.98
C PRO Q 286 -60.12 -107.29 -14.62
N TYR Q 287 -59.26 -107.36 -15.65
CA TYR Q 287 -57.81 -107.34 -15.47
C TYR Q 287 -57.23 -106.07 -16.02
N HIS Q 288 -58.11 -105.20 -16.52
CA HIS Q 288 -57.71 -103.93 -17.13
C HIS Q 288 -57.02 -104.10 -18.48
N ARG Q 289 -56.73 -105.35 -18.83
CA ARG Q 289 -56.13 -105.67 -20.11
C ARG Q 289 -56.91 -106.84 -20.71
N THR Q 290 -56.90 -106.96 -22.05
CA THR Q 290 -57.40 -108.14 -22.74
C THR Q 290 -56.21 -108.88 -23.35
N PRO Q 291 -56.25 -110.22 -23.37
CA PRO Q 291 -55.14 -110.99 -23.92
C PRO Q 291 -54.98 -110.81 -25.42
N ALA Q 292 -53.72 -110.89 -25.86
CA ALA Q 292 -53.32 -110.65 -27.24
C ALA Q 292 -53.81 -111.74 -28.21
N ARG Q 293 -53.82 -112.99 -27.74
CA ARG Q 293 -54.32 -114.09 -28.56
C ARG Q 293 -55.20 -115.04 -27.75
N LEU Q 294 -55.92 -115.91 -28.44
CA LEU Q 294 -56.80 -116.85 -27.77
C LEU Q 294 -56.15 -118.18 -27.47
N LEU Q 295 -56.63 -118.84 -26.42
CA LEU Q 295 -56.27 -120.21 -26.12
C LEU Q 295 -57.32 -121.13 -26.71
N ALA Q 296 -57.11 -122.44 -26.58
CA ALA Q 296 -57.99 -123.41 -27.23
C ALA Q 296 -59.43 -123.34 -26.71
N GLY Q 297 -60.38 -123.32 -27.62
CA GLY Q 297 -61.78 -123.29 -27.25
C GLY Q 297 -62.30 -121.93 -26.82
N GLN Q 298 -61.39 -120.96 -26.73
CA GLN Q 298 -61.75 -119.60 -26.36
C GLN Q 298 -62.34 -118.82 -27.51
N SER Q 299 -63.19 -117.86 -27.20
CA SER Q 299 -63.85 -117.05 -28.22
C SER Q 299 -63.46 -115.59 -28.05
N GLN Q 300 -63.48 -114.82 -29.14
CA GLN Q 300 -63.05 -113.43 -29.02
C GLN Q 300 -63.98 -112.61 -28.12
N ARG Q 301 -65.23 -113.05 -27.96
CA ARG Q 301 -66.22 -112.35 -27.15
C ARG Q 301 -66.11 -112.68 -25.67
N ASP Q 302 -65.44 -113.78 -25.34
CA ASP Q 302 -65.15 -114.11 -23.95
C ASP Q 302 -64.22 -113.06 -23.34
N MET Q 303 -63.58 -112.27 -24.19
CA MET Q 303 -62.69 -111.22 -23.69
C MET Q 303 -63.30 -109.83 -23.85
N SER Q 304 -62.41 -108.85 -24.05
CA SER Q 304 -62.83 -107.46 -24.27
C SER Q 304 -63.20 -107.22 -25.73
N SER Q 305 -64.35 -106.57 -25.95
CA SER Q 305 -64.78 -106.27 -27.30
C SER Q 305 -65.20 -104.80 -27.39
N LEU Q 306 -65.20 -104.29 -28.62
CA LEU Q 306 -65.66 -102.94 -28.91
C LEU Q 306 -67.05 -103.09 -29.51
N ASN Q 307 -68.08 -102.71 -28.75
CA ASN Q 307 -69.47 -102.96 -29.16
C ASN Q 307 -70.21 -101.76 -29.74
N PHE Q 308 -70.85 -101.96 -30.88
CA PHE Q 308 -71.58 -100.91 -31.55
C PHE Q 308 -73.07 -101.15 -31.48
N TYR Q 309 -73.73 -100.36 -30.64
CA TYR Q 309 -75.16 -100.49 -30.42
C TYR Q 309 -75.89 -99.44 -31.23
N ALA Q 310 -76.77 -99.88 -32.13
CA ALA Q 310 -77.65 -98.95 -32.82
C ALA Q 310 -78.82 -98.61 -31.90
N ILE Q 311 -78.87 -97.37 -31.43
CA ILE Q 311 -79.89 -96.97 -30.47
C ILE Q 311 -81.01 -96.12 -31.09
N ALA Q 312 -80.77 -95.56 -32.26
CA ALA Q 312 -81.79 -94.87 -33.03
C ALA Q 312 -81.52 -95.05 -34.52
N GLY Q 313 -82.36 -95.85 -35.17
CA GLY Q 313 -82.10 -96.19 -36.56
C GLY Q 313 -81.35 -97.50 -36.73
N PRO Q 314 -80.78 -97.73 -37.91
CA PRO Q 314 -80.76 -96.79 -39.04
C PRO Q 314 -82.14 -96.53 -39.62
N ILE Q 315 -82.32 -95.36 -40.21
CA ILE Q 315 -83.54 -95.03 -40.97
C ILE Q 315 -83.17 -94.66 -42.39
N ALA Q 316 -84.12 -94.89 -43.30
CA ALA Q 316 -84.00 -94.44 -44.68
C ALA Q 316 -85.41 -94.31 -45.24
N PRO Q 317 -85.54 -93.57 -46.35
CA PRO Q 317 -86.84 -93.39 -46.99
C PRO Q 317 -87.29 -94.71 -47.58
N SER Q 318 -88.57 -94.92 -47.78
CA SER Q 318 -88.98 -96.15 -48.48
C SER Q 318 -88.72 -95.89 -49.96
N GLY Q 319 -88.44 -96.94 -50.72
CA GLY Q 319 -88.25 -98.28 -50.20
C GLY Q 319 -86.79 -98.62 -50.43
N GLU Q 320 -85.97 -98.21 -49.50
CA GLU Q 320 -84.58 -98.60 -49.53
C GLU Q 320 -84.48 -99.95 -48.84
N THR Q 321 -83.49 -100.74 -49.21
CA THR Q 321 -83.37 -102.08 -48.66
C THR Q 321 -81.96 -102.38 -48.17
N ALA Q 322 -81.00 -101.65 -48.73
CA ALA Q 322 -79.59 -101.83 -48.37
C ALA Q 322 -79.35 -101.71 -46.87
N GLN Q 323 -78.37 -102.45 -46.37
CA GLN Q 323 -77.99 -102.29 -44.98
C GLN Q 323 -77.10 -101.04 -44.86
N LEU Q 324 -77.00 -100.49 -43.64
CA LEU Q 324 -76.12 -99.36 -43.43
C LEU Q 324 -74.80 -99.88 -42.89
N PRO Q 325 -73.72 -99.67 -43.64
CA PRO Q 325 -72.38 -100.15 -43.26
C PRO Q 325 -71.55 -99.11 -42.47
N ILE Q 326 -70.86 -99.61 -41.45
CA ILE Q 326 -69.94 -98.84 -40.62
C ILE Q 326 -68.54 -99.41 -40.86
N VAL Q 327 -67.61 -98.56 -41.26
CA VAL Q 327 -66.21 -99.00 -41.35
C VAL Q 327 -65.39 -98.43 -40.20
N VAL Q 328 -64.80 -99.30 -39.39
CA VAL Q 328 -64.01 -98.85 -38.24
C VAL Q 328 -62.51 -98.92 -38.52
N GLN Q 329 -61.78 -97.86 -38.22
CA GLN Q 329 -60.32 -97.86 -38.24
C GLN Q 329 -59.75 -97.66 -36.86
N ILE Q 330 -58.77 -98.47 -36.49
CA ILE Q 330 -58.14 -98.35 -35.20
C ILE Q 330 -56.77 -97.74 -35.37
N ASP Q 331 -56.54 -96.59 -34.73
CA ASP Q 331 -55.31 -95.81 -34.94
C ASP Q 331 -54.26 -96.08 -33.87
N GLU Q 332 -54.66 -96.11 -32.62
CA GLU Q 332 -53.72 -96.52 -31.58
C GLU Q 332 -54.39 -96.87 -30.28
N ILE Q 333 -53.64 -97.51 -29.39
CA ILE Q 333 -54.03 -97.65 -28.00
C ILE Q 333 -53.36 -96.50 -27.23
N VAL Q 334 -54.15 -95.52 -26.82
CA VAL Q 334 -53.59 -94.36 -26.13
C VAL Q 334 -53.58 -94.67 -24.65
N ARG Q 335 -52.61 -94.10 -23.93
CA ARG Q 335 -52.48 -94.35 -22.50
C ARG Q 335 -52.48 -95.84 -22.26
N PRO Q 336 -51.53 -96.54 -22.88
CA PRO Q 336 -51.57 -98.01 -22.96
C PRO Q 336 -51.13 -98.68 -21.67
N ASP Q 337 -51.81 -99.75 -21.30
CA ASP Q 337 -51.38 -100.58 -20.18
C ASP Q 337 -50.96 -101.90 -20.77
N LEU Q 338 -49.66 -102.04 -21.07
CA LEU Q 338 -49.22 -103.25 -21.77
C LEU Q 338 -48.78 -104.36 -20.83
N SER Q 339 -48.92 -105.59 -21.29
CA SER Q 339 -48.41 -106.74 -20.57
C SER Q 339 -46.93 -106.85 -20.83
N LEU Q 340 -46.30 -107.87 -20.24
CA LEU Q 340 -44.94 -108.20 -20.63
C LEU Q 340 -44.90 -108.49 -22.10
N PRO Q 341 -43.74 -108.28 -22.72
CA PRO Q 341 -43.57 -108.76 -24.09
C PRO Q 341 -43.76 -110.26 -24.06
N SER Q 342 -44.29 -110.85 -25.12
CA SER Q 342 -44.46 -112.31 -25.15
C SER Q 342 -43.13 -113.06 -25.31
N PHE Q 343 -42.18 -112.45 -26.01
CA PHE Q 343 -40.84 -113.02 -26.10
C PHE Q 343 -39.77 -112.11 -25.54
N GLU Q 344 -38.72 -112.72 -24.99
CA GLU Q 344 -37.58 -111.96 -24.52
C GLU Q 344 -36.50 -111.90 -25.60
N ASP Q 345 -35.39 -111.21 -25.34
CA ASP Q 345 -34.33 -111.18 -26.33
C ASP Q 345 -33.56 -112.48 -26.22
N ASP Q 346 -34.12 -113.51 -26.81
CA ASP Q 346 -33.63 -114.85 -26.62
C ASP Q 346 -33.76 -115.59 -27.91
N TYR Q 347 -33.29 -116.83 -27.91
CA TYR Q 347 -33.46 -117.72 -29.06
C TYR Q 347 -34.92 -118.15 -29.16
N PHE Q 348 -35.30 -118.59 -30.36
CA PHE Q 348 -36.60 -119.25 -30.54
C PHE Q 348 -36.47 -120.32 -31.60
N VAL Q 349 -37.45 -121.20 -31.68
CA VAL Q 349 -37.31 -122.36 -32.55
C VAL Q 349 -37.47 -121.97 -34.00
N TRP Q 350 -36.50 -122.38 -34.82
CA TRP Q 350 -36.64 -122.24 -36.26
C TRP Q 350 -37.22 -123.54 -36.85
N VAL Q 351 -36.56 -124.65 -36.60
CA VAL Q 351 -36.97 -125.91 -37.19
C VAL Q 351 -36.49 -127.12 -36.40
N ASP Q 352 -37.32 -128.16 -36.34
CA ASP Q 352 -36.92 -129.47 -35.83
C ASP Q 352 -36.86 -130.50 -36.96
N PHE Q 353 -35.76 -131.23 -37.09
CA PHE Q 353 -35.70 -132.34 -38.01
C PHE Q 353 -35.74 -133.61 -37.19
N SER Q 354 -36.53 -134.58 -37.64
CA SER Q 354 -36.67 -135.84 -36.91
C SER Q 354 -37.02 -136.98 -37.86
N GLU Q 355 -37.08 -138.19 -37.31
CA GLU Q 355 -37.51 -139.35 -38.09
C GLU Q 355 -36.72 -139.49 -39.40
N PHE Q 356 -35.39 -139.52 -39.29
CA PHE Q 356 -34.53 -139.65 -40.46
C PHE Q 356 -34.61 -141.06 -41.07
N THR Q 357 -34.68 -141.15 -42.39
CA THR Q 357 -34.78 -142.46 -43.03
C THR Q 357 -33.45 -142.88 -43.66
N LEU Q 358 -32.61 -141.91 -43.98
CA LEU Q 358 -31.30 -142.21 -44.53
C LEU Q 358 -30.22 -141.73 -43.56
N ASP Q 359 -29.10 -142.42 -43.53
CA ASP Q 359 -27.95 -142.00 -42.72
C ASP Q 359 -27.28 -140.76 -43.32
N LYS Q 360 -27.22 -140.69 -44.65
CA LYS Q 360 -26.71 -139.48 -45.29
C LYS Q 360 -27.85 -138.49 -45.55
N GLU Q 361 -27.80 -137.34 -44.89
CA GLU Q 361 -28.81 -136.30 -45.07
C GLU Q 361 -28.11 -134.95 -45.20
N GLU Q 362 -28.54 -134.13 -46.16
CA GLU Q 362 -27.92 -132.81 -46.33
C GLU Q 362 -28.98 -131.73 -46.53
N ILE Q 363 -29.07 -130.84 -45.54
CA ILE Q 363 -30.08 -129.80 -45.52
C ILE Q 363 -29.47 -128.50 -46.02
N GLU Q 364 -29.86 -128.04 -47.20
CA GLU Q 364 -29.34 -126.77 -47.71
C GLU Q 364 -30.11 -125.58 -47.17
N ILE Q 365 -29.37 -124.60 -46.64
CA ILE Q 365 -29.97 -123.40 -46.09
C ILE Q 365 -29.65 -122.22 -46.97
N GLY Q 366 -28.39 -122.11 -47.39
CA GLY Q 366 -27.95 -121.05 -48.27
C GLY Q 366 -27.84 -119.73 -47.53
N SER Q 367 -28.61 -118.74 -47.97
CA SER Q 367 -28.61 -117.46 -47.28
C SER Q 367 -30.01 -117.05 -46.91
N ARG Q 368 -30.91 -118.02 -46.79
CA ARG Q 368 -32.32 -117.73 -46.56
C ARG Q 368 -32.82 -118.19 -45.20
N PHE Q 369 -33.83 -117.48 -44.69
CA PHE Q 369 -34.64 -117.99 -43.58
C PHE Q 369 -35.99 -118.36 -44.17
N PHE Q 370 -36.37 -119.64 -44.08
CA PHE Q 370 -37.54 -120.11 -44.82
C PHE Q 370 -38.06 -121.45 -44.30
N ASP Q 371 -39.14 -121.94 -44.92
CA ASP Q 371 -39.73 -123.22 -44.52
C ASP Q 371 -39.08 -124.38 -45.27
N PHE Q 372 -38.59 -125.37 -44.53
CA PHE Q 372 -37.95 -126.55 -45.11
C PHE Q 372 -38.96 -127.60 -45.56
N THR Q 373 -38.56 -128.41 -46.54
CA THR Q 373 -39.31 -129.63 -46.88
C THR Q 373 -38.33 -130.77 -47.12
N SER Q 374 -38.76 -131.99 -46.80
CA SER Q 374 -37.91 -133.17 -47.01
C SER Q 374 -38.71 -134.41 -47.33
N ASN Q 375 -38.16 -135.21 -48.24
CA ASN Q 375 -38.76 -136.49 -48.58
C ASN Q 375 -38.18 -137.59 -47.71
N THR Q 376 -37.07 -137.28 -47.05
CA THR Q 376 -36.31 -138.30 -46.37
C THR Q 376 -36.36 -138.14 -44.85
N CYS Q 377 -36.97 -137.07 -44.38
CA CYS Q 377 -37.14 -136.88 -42.94
C CYS Q 377 -38.29 -135.94 -42.61
N ARG Q 378 -38.64 -135.88 -41.34
CA ARG Q 378 -39.78 -135.07 -40.89
C ARG Q 378 -39.35 -133.65 -40.50
N VAL Q 379 -39.90 -132.67 -41.20
CA VAL Q 379 -39.64 -131.27 -40.88
C VAL Q 379 -40.77 -130.70 -40.04
N SER Q 380 -40.44 -130.09 -38.91
CA SER Q 380 -41.42 -129.38 -38.09
C SER Q 380 -41.01 -127.93 -37.95
N MET Q 381 -41.74 -127.02 -38.57
CA MET Q 381 -41.31 -125.64 -38.55
C MET Q 381 -41.84 -124.90 -37.32
N GLY Q 382 -41.08 -123.93 -36.82
CA GLY Q 382 -41.51 -123.14 -35.68
C GLY Q 382 -42.45 -122.02 -36.13
N GLU Q 383 -43.43 -121.68 -35.29
CA GLU Q 383 -44.29 -120.51 -35.54
C GLU Q 383 -44.10 -119.47 -34.43
N ASN Q 384 -43.62 -118.29 -34.80
CA ASN Q 384 -43.39 -117.19 -33.85
C ASN Q 384 -43.42 -115.84 -34.55
N PRO Q 385 -43.45 -114.76 -33.78
CA PRO Q 385 -43.55 -113.45 -34.41
C PRO Q 385 -42.45 -113.19 -35.44
N PHE Q 386 -41.22 -113.60 -35.16
CA PHE Q 386 -40.16 -113.34 -36.14
C PHE Q 386 -40.48 -113.94 -37.51
N ALA Q 387 -40.89 -115.21 -37.53
CA ALA Q 387 -41.24 -115.88 -38.78
C ALA Q 387 -42.41 -115.16 -39.48
N ALA Q 388 -43.38 -114.67 -38.70
CA ALA Q 388 -44.47 -113.89 -39.27
C ALA Q 388 -43.96 -112.60 -39.87
N MET Q 389 -43.03 -111.94 -39.19
CA MET Q 389 -42.48 -110.69 -39.73
C MET Q 389 -41.75 -110.91 -41.04
N ILE Q 390 -41.06 -112.06 -41.15
CA ILE Q 390 -40.41 -112.43 -42.40
C ILE Q 390 -41.42 -112.57 -43.53
N ALA Q 391 -42.57 -113.14 -43.18
CA ALA Q 391 -43.66 -113.40 -44.13
C ALA Q 391 -44.45 -112.15 -44.49
N CYS Q 392 -44.45 -111.14 -43.62
CA CYS Q 392 -45.27 -109.96 -43.81
C CYS Q 392 -44.50 -108.78 -44.32
N HIS Q 393 -43.31 -109.02 -44.87
CA HIS Q 393 -42.56 -107.98 -45.55
C HIS Q 393 -42.06 -108.49 -46.88
N GLY Q 394 -41.94 -107.58 -47.84
CA GLY Q 394 -41.41 -107.89 -49.16
C GLY Q 394 -39.95 -108.33 -49.10
N LEU Q 395 -39.12 -107.61 -48.34
CA LEU Q 395 -37.70 -107.91 -48.22
C LEU Q 395 -37.26 -107.89 -46.77
N HIS Q 396 -36.20 -108.61 -46.45
CA HIS Q 396 -35.61 -108.57 -45.12
C HIS Q 396 -34.10 -108.79 -45.24
N SER Q 397 -33.37 -108.48 -44.17
CA SER Q 397 -31.92 -108.68 -44.14
C SER Q 397 -31.37 -108.60 -42.73
N GLY Q 398 -30.43 -109.46 -42.40
CA GLY Q 398 -29.85 -109.46 -41.07
C GLY Q 398 -28.96 -110.66 -40.81
N VAL Q 399 -28.58 -110.85 -39.56
CA VAL Q 399 -27.79 -112.00 -39.19
C VAL Q 399 -28.48 -112.78 -38.09
N LEU Q 400 -28.53 -114.10 -38.25
CA LEU Q 400 -29.09 -114.96 -37.22
C LEU Q 400 -28.00 -115.76 -36.51
N ASP Q 401 -28.03 -115.73 -35.19
CA ASP Q 401 -27.20 -116.64 -34.43
C ASP Q 401 -27.97 -117.93 -34.27
N LEU Q 402 -27.34 -119.05 -34.61
CA LEU Q 402 -27.97 -120.37 -34.50
C LEU Q 402 -27.41 -121.18 -33.32
N LYS Q 403 -28.30 -121.88 -32.64
CA LYS Q 403 -27.94 -122.93 -31.70
C LYS Q 403 -28.48 -124.23 -32.25
N LEU Q 404 -27.61 -125.23 -32.41
CA LEU Q 404 -28.05 -126.57 -32.80
C LEU Q 404 -27.99 -127.49 -31.60
N GLN Q 405 -29.06 -128.23 -31.36
CA GLN Q 405 -29.11 -129.23 -30.29
C GLN Q 405 -29.62 -130.55 -30.83
N TRP Q 406 -29.10 -131.66 -30.33
CA TRP Q 406 -29.59 -132.96 -30.79
C TRP Q 406 -29.47 -134.04 -29.74
N SER Q 407 -30.38 -135.03 -29.82
CA SER Q 407 -30.36 -136.17 -28.91
C SER Q 407 -30.13 -137.42 -29.74
N LEU Q 408 -29.58 -138.46 -29.11
CA LEU Q 408 -29.32 -139.70 -29.86
C LEU Q 408 -30.47 -140.70 -29.90
N ASN Q 409 -30.54 -141.43 -31.02
CA ASN Q 409 -31.51 -142.50 -31.22
C ASN Q 409 -30.94 -143.86 -30.87
N THR Q 410 -29.64 -144.04 -31.12
CA THR Q 410 -28.92 -145.25 -30.75
C THR Q 410 -28.21 -145.11 -29.40
N GLU Q 411 -27.57 -146.17 -28.92
CA GLU Q 411 -26.84 -146.10 -27.65
C GLU Q 411 -25.61 -145.20 -27.78
N PHE Q 412 -25.38 -144.38 -26.75
CA PHE Q 412 -24.29 -143.41 -26.75
C PHE Q 412 -22.93 -144.04 -27.06
N GLY Q 413 -22.70 -145.20 -26.45
CA GLY Q 413 -21.44 -145.87 -26.63
C GLY Q 413 -21.20 -146.36 -28.04
N LYS Q 414 -22.24 -146.43 -28.85
CA LYS Q 414 -22.10 -146.96 -30.21
C LYS Q 414 -21.99 -145.82 -31.22
N SER Q 415 -22.21 -144.59 -30.73
CA SER Q 415 -22.36 -143.44 -31.62
C SER Q 415 -21.09 -143.11 -32.38
N SER Q 416 -21.26 -142.57 -33.58
CA SER Q 416 -20.14 -142.12 -34.40
C SER Q 416 -20.63 -141.03 -35.34
N GLY Q 417 -19.71 -140.38 -36.06
CA GLY Q 417 -20.09 -139.38 -37.04
C GLY Q 417 -20.26 -137.98 -36.45
N SER Q 418 -21.01 -137.14 -37.18
CA SER Q 418 -21.01 -135.71 -36.94
C SER Q 418 -22.23 -134.94 -37.48
N VAL Q 419 -22.52 -133.81 -36.85
CA VAL Q 419 -23.30 -132.75 -37.43
C VAL Q 419 -22.29 -131.75 -38.01
N THR Q 420 -22.24 -131.60 -39.33
CA THR Q 420 -21.25 -130.73 -39.94
C THR Q 420 -21.93 -129.52 -40.54
N ILE Q 421 -21.39 -128.33 -40.26
CA ILE Q 421 -21.95 -127.11 -40.81
C ILE Q 421 -21.03 -126.64 -41.93
N THR Q 422 -21.48 -126.77 -43.16
CA THR Q 422 -20.71 -126.28 -44.29
C THR Q 422 -20.99 -124.79 -44.49
N LYS Q 423 -19.93 -123.99 -44.52
CA LYS Q 423 -20.07 -122.55 -44.77
C LYS Q 423 -19.24 -122.13 -45.98
N LEU Q 424 -19.92 -121.65 -47.01
CA LEU Q 424 -19.25 -121.28 -48.24
C LEU Q 424 -19.56 -119.86 -48.57
N VAL Q 425 -18.86 -119.33 -49.57
CA VAL Q 425 -19.25 -118.10 -50.23
C VAL Q 425 -19.40 -118.46 -51.70
N GLY Q 426 -20.62 -118.34 -52.21
CA GLY Q 426 -20.91 -118.72 -53.58
C GLY Q 426 -21.98 -119.80 -53.58
N ASP Q 427 -21.62 -120.98 -54.06
CA ASP Q 427 -22.50 -122.15 -54.05
C ASP Q 427 -21.67 -123.43 -53.91
N LYS Q 428 -22.38 -124.55 -53.80
CA LYS Q 428 -21.71 -125.83 -53.58
C LYS Q 428 -20.70 -126.09 -54.70
N ALA Q 429 -20.98 -125.59 -55.89
CA ALA Q 429 -20.17 -125.92 -57.08
C ALA Q 429 -18.87 -125.14 -57.26
N MET Q 430 -18.89 -123.83 -56.99
CA MET Q 430 -17.75 -122.98 -57.29
C MET Q 430 -17.37 -122.07 -56.11
N GLY Q 431 -17.92 -122.36 -54.94
CA GLY Q 431 -17.73 -121.50 -53.78
C GLY Q 431 -16.38 -121.52 -53.08
N LEU Q 432 -16.19 -120.53 -52.21
CA LEU Q 432 -15.01 -120.41 -51.39
C LEU Q 432 -15.32 -120.94 -50.01
N ASP Q 433 -14.29 -121.41 -49.30
CA ASP Q 433 -14.51 -122.08 -48.02
C ASP Q 433 -14.39 -121.14 -46.85
N GLY Q 434 -15.47 -121.04 -46.09
CA GLY Q 434 -15.50 -120.20 -44.90
C GLY Q 434 -15.33 -120.98 -43.61
N PRO Q 435 -16.00 -120.51 -42.54
CA PRO Q 435 -15.90 -121.12 -41.21
C PRO Q 435 -16.77 -122.36 -41.10
N SER Q 436 -16.56 -123.31 -42.00
CA SER Q 436 -17.18 -124.63 -41.91
C SER Q 436 -16.76 -125.26 -40.60
N HIS Q 437 -17.54 -126.20 -40.11
CA HIS Q 437 -17.40 -126.58 -38.72
C HIS Q 437 -17.89 -128.01 -38.54
N VAL Q 438 -17.07 -128.85 -37.91
CA VAL Q 438 -17.41 -130.26 -37.71
C VAL Q 438 -17.68 -130.50 -36.22
N PHE Q 439 -18.93 -130.79 -35.91
CA PHE Q 439 -19.31 -131.13 -34.55
C PHE Q 439 -19.43 -132.65 -34.44
N ALA Q 440 -18.48 -133.28 -33.75
CA ALA Q 440 -18.60 -134.70 -33.49
C ALA Q 440 -19.97 -134.93 -32.87
N ILE Q 441 -20.66 -136.01 -33.27
CA ILE Q 441 -22.03 -136.24 -32.81
C ILE Q 441 -22.16 -136.26 -31.28
N GLN Q 442 -21.11 -136.67 -30.59
CA GLN Q 442 -21.10 -136.72 -29.12
C GLN Q 442 -21.14 -135.36 -28.43
N LYS Q 443 -20.83 -134.28 -29.14
CA LYS Q 443 -20.94 -132.93 -28.60
C LYS Q 443 -22.39 -132.63 -28.22
N LEU Q 444 -23.31 -133.14 -29.05
CA LEU Q 444 -24.74 -133.04 -28.75
C LEU Q 444 -25.30 -131.61 -28.89
N GLU Q 445 -24.43 -130.67 -29.29
CA GLU Q 445 -24.81 -129.28 -29.56
C GLU Q 445 -23.72 -128.51 -30.28
N GLY Q 446 -24.10 -127.42 -30.91
CA GLY Q 446 -23.16 -126.59 -31.65
C GLY Q 446 -23.76 -125.25 -31.99
N THR Q 447 -22.92 -124.28 -32.33
CA THR Q 447 -23.40 -122.94 -32.66
C THR Q 447 -22.79 -122.43 -33.95
N THR Q 448 -23.50 -121.53 -34.62
CA THR Q 448 -22.98 -120.92 -35.84
C THR Q 448 -23.77 -119.64 -36.14
N GLU Q 449 -23.25 -118.80 -37.01
CA GLU Q 449 -23.98 -117.62 -37.46
C GLU Q 449 -24.54 -117.89 -38.86
N LEU Q 450 -25.64 -117.26 -39.21
CA LEU Q 450 -26.16 -117.33 -40.57
C LEU Q 450 -26.44 -115.94 -41.13
N LEU Q 451 -25.80 -115.60 -42.25
CA LEU Q 451 -26.12 -114.35 -42.93
C LEU Q 451 -27.39 -114.57 -43.75
N VAL Q 452 -28.45 -113.83 -43.39
CA VAL Q 452 -29.67 -113.79 -44.18
C VAL Q 452 -29.64 -112.55 -45.05
N GLY Q 453 -29.24 -112.72 -46.30
CA GLY Q 453 -29.02 -111.60 -47.19
C GLY Q 453 -28.18 -111.99 -48.39
N ASN Q 454 -27.65 -111.00 -49.09
CA ASN Q 454 -26.85 -111.26 -50.27
C ASN Q 454 -26.19 -109.98 -50.81
N PHE Q 455 -25.42 -110.09 -51.88
CA PHE Q 455 -24.69 -108.93 -52.39
C PHE Q 455 -25.58 -107.72 -52.66
N ALA Q 456 -26.83 -107.96 -53.04
CA ALA Q 456 -27.77 -106.87 -53.31
C ALA Q 456 -28.22 -106.14 -52.04
N GLY Q 457 -28.37 -106.88 -50.94
CA GLY Q 457 -28.61 -106.27 -49.66
C GLY Q 457 -29.80 -106.79 -48.88
N ALA Q 458 -30.66 -107.57 -49.53
CA ALA Q 458 -31.87 -108.08 -48.88
C ALA Q 458 -32.47 -109.28 -49.61
N ASN Q 459 -33.25 -110.07 -48.89
CA ASN Q 459 -33.87 -111.25 -49.47
C ASN Q 459 -35.37 -111.03 -49.63
N PRO Q 460 -35.92 -111.47 -50.77
CA PRO Q 460 -37.38 -111.56 -50.93
C PRO Q 460 -37.87 -112.77 -50.18
N ASN Q 461 -39.19 -112.86 -49.99
CA ASN Q 461 -39.72 -114.00 -49.26
C ASN Q 461 -40.10 -115.13 -50.20
N THR Q 462 -39.25 -115.36 -51.19
CA THR Q 462 -39.44 -116.39 -52.19
C THR Q 462 -38.08 -117.02 -52.48
N ARG Q 463 -38.04 -117.98 -53.39
CA ARG Q 463 -36.75 -118.48 -53.86
C ARG Q 463 -36.17 -117.43 -54.82
N PHE Q 464 -34.85 -117.25 -54.75
CA PHE Q 464 -34.16 -116.30 -55.60
C PHE Q 464 -32.73 -116.82 -55.73
N SER Q 465 -31.99 -116.32 -56.71
CA SER Q 465 -30.59 -116.71 -56.85
C SER Q 465 -29.68 -115.49 -56.91
N LEU Q 466 -29.12 -115.10 -55.77
CA LEU Q 466 -28.20 -113.96 -55.75
C LEU Q 466 -26.96 -114.31 -54.95
N TYR Q 467 -25.78 -114.14 -55.57
CA TYR Q 467 -24.50 -114.44 -54.94
C TYR Q 467 -24.46 -113.98 -53.48
N SER Q 468 -24.15 -114.93 -52.59
CA SER Q 468 -24.02 -114.62 -51.16
C SER Q 468 -23.22 -115.69 -50.45
N ARG Q 469 -23.21 -115.62 -49.11
CA ARG Q 469 -22.69 -116.72 -48.34
C ARG Q 469 -23.68 -117.87 -48.41
N TRP Q 470 -23.20 -119.09 -48.13
CA TRP Q 470 -23.99 -120.29 -48.36
C TRP Q 470 -23.77 -121.30 -47.24
N MET Q 471 -24.87 -121.81 -46.67
CA MET Q 471 -24.77 -122.71 -45.53
C MET Q 471 -25.54 -124.01 -45.74
N ALA Q 472 -25.01 -125.09 -45.18
CA ALA Q 472 -25.69 -126.37 -45.24
C ALA Q 472 -25.38 -127.18 -43.99
N ILE Q 473 -26.34 -127.98 -43.54
CA ILE Q 473 -26.10 -128.90 -42.45
C ILE Q 473 -25.97 -130.31 -43.05
N LYS Q 474 -24.86 -131.00 -42.74
CA LYS Q 474 -24.58 -132.33 -43.28
C LYS Q 474 -24.56 -133.38 -42.17
N LEU Q 475 -25.51 -134.30 -42.23
CA LEU Q 475 -25.55 -135.47 -41.34
C LEU Q 475 -24.93 -136.72 -42.03
N ASP Q 476 -24.09 -137.47 -41.33
CA ASP Q 476 -23.54 -138.70 -41.92
C ASP Q 476 -24.04 -139.96 -41.20
N GLN Q 477 -24.68 -139.75 -40.04
CA GLN Q 477 -25.22 -140.82 -39.23
C GLN Q 477 -26.59 -140.41 -38.73
N ALA Q 478 -27.40 -139.92 -39.65
CA ALA Q 478 -28.63 -139.25 -39.29
C ALA Q 478 -29.60 -140.18 -38.55
N LYS Q 479 -29.57 -141.48 -38.88
CA LYS Q 479 -30.46 -142.43 -38.23
C LYS Q 479 -30.13 -142.58 -36.73
N SER Q 480 -28.95 -142.12 -36.32
CA SER Q 480 -28.57 -142.14 -34.91
C SER Q 480 -29.08 -140.92 -34.16
N ILE Q 481 -29.80 -140.05 -34.86
CA ILE Q 481 -30.29 -138.82 -34.24
C ILE Q 481 -31.80 -138.88 -34.05
N LYS Q 482 -32.27 -138.67 -32.83
CA LYS Q 482 -33.72 -138.69 -32.58
C LYS Q 482 -34.35 -137.37 -32.97
N VAL Q 483 -33.63 -136.28 -32.77
CA VAL Q 483 -34.07 -134.96 -33.16
C VAL Q 483 -32.89 -133.98 -33.29
N LEU Q 484 -32.93 -133.17 -34.34
CA LEU Q 484 -31.98 -132.10 -34.52
C LEU Q 484 -32.79 -130.83 -34.46
N ARG Q 485 -32.58 -130.02 -33.43
CA ARG Q 485 -33.32 -128.77 -33.28
C ARG Q 485 -32.44 -127.57 -33.62
N VAL Q 486 -32.98 -126.65 -34.39
CA VAL Q 486 -32.27 -125.42 -34.74
C VAL Q 486 -32.98 -124.18 -34.18
N LEU Q 487 -32.35 -123.53 -33.21
CA LEU Q 487 -32.86 -122.27 -32.68
C LEU Q 487 -32.10 -121.11 -33.28
N CYS Q 488 -32.76 -119.97 -33.40
CA CYS Q 488 -32.09 -118.75 -33.85
C CYS Q 488 -32.43 -117.54 -32.98
N LYS Q 489 -31.54 -116.55 -33.05
CA LYS Q 489 -31.67 -115.31 -32.29
C LYS Q 489 -31.12 -114.18 -33.15
N PRO Q 490 -32.02 -113.35 -33.70
CA PRO Q 490 -31.59 -112.29 -34.62
C PRO Q 490 -30.66 -111.31 -33.91
N ARG Q 491 -29.52 -111.01 -34.54
CA ARG Q 491 -28.66 -109.94 -34.07
C ARG Q 491 -29.32 -108.61 -34.31
N PRO Q 492 -29.06 -107.65 -33.42
CA PRO Q 492 -29.66 -106.32 -33.43
C PRO Q 492 -29.56 -105.71 -34.81
N GLY Q 493 -30.65 -105.09 -35.26
CA GLY Q 493 -30.66 -104.46 -36.57
C GLY Q 493 -31.17 -105.33 -37.69
N PHE Q 494 -31.83 -106.44 -37.35
CA PHE Q 494 -32.42 -107.28 -38.39
C PHE Q 494 -33.56 -106.48 -38.99
N SER Q 495 -33.51 -106.28 -40.30
CA SER Q 495 -34.36 -105.26 -40.96
C SER Q 495 -35.40 -105.83 -41.92
N PHE Q 496 -36.57 -105.20 -41.92
CA PHE Q 496 -37.66 -105.58 -42.81
C PHE Q 496 -38.07 -104.41 -43.69
N TYR Q 497 -38.37 -104.68 -44.95
CA TYR Q 497 -38.72 -103.64 -45.90
C TYR Q 497 -40.08 -103.90 -46.52
N GLY Q 498 -40.92 -102.87 -46.57
CA GLY Q 498 -42.20 -102.95 -47.25
C GLY Q 498 -43.26 -103.85 -46.64
N ARG Q 499 -44.07 -103.29 -45.75
CA ARG Q 499 -45.09 -104.11 -45.09
C ARG Q 499 -46.11 -104.65 -46.10
N THR Q 500 -46.51 -105.90 -45.90
CA THR Q 500 -47.45 -106.58 -46.78
C THR Q 500 -48.10 -107.74 -46.02
N SER Q 501 -48.73 -108.67 -46.75
CA SER Q 501 -49.39 -109.80 -46.10
C SER Q 501 -49.07 -111.12 -46.76
N PHE Q 502 -49.56 -112.19 -46.17
CA PHE Q 502 -49.16 -113.53 -46.60
C PHE Q 502 -50.26 -114.50 -46.31
N PRO Q 503 -51.11 -114.76 -47.32
CA PRO Q 503 -52.16 -115.76 -47.22
C PRO Q 503 -51.63 -117.17 -47.39
N VAL Q 504 -52.03 -118.07 -46.50
CA VAL Q 504 -51.77 -119.50 -46.65
C VAL Q 504 -53.04 -120.34 -46.38
N GLY R 1 23.23 -93.69 -61.21
CA GLY R 1 23.86 -93.87 -62.51
C GLY R 1 23.44 -95.14 -63.24
N LEU R 2 23.87 -95.29 -64.48
CA LEU R 2 23.57 -96.51 -65.22
C LEU R 2 24.16 -97.75 -64.51
N ALA R 3 23.28 -98.70 -64.18
CA ALA R 3 23.67 -99.82 -63.34
C ALA R 3 23.77 -101.13 -64.12
N GLY R 4 22.95 -101.26 -65.16
CA GLY R 4 22.98 -102.43 -66.00
C GLY R 4 22.22 -102.18 -67.29
N ARG R 5 22.39 -103.07 -68.27
CA ARG R 5 21.72 -102.89 -69.55
C ARG R 5 21.48 -104.19 -70.25
N GLY R 6 20.65 -104.15 -71.28
CA GLY R 6 20.26 -105.33 -72.01
C GLY R 6 19.59 -104.97 -73.31
N VAL R 7 19.37 -105.94 -74.18
CA VAL R 7 18.82 -105.67 -75.50
C VAL R 7 17.65 -106.60 -75.79
N ILE R 8 16.55 -106.06 -76.34
CA ILE R 8 15.43 -106.87 -76.81
C ILE R 8 15.41 -106.83 -78.35
N TYR R 9 15.33 -107.99 -79.06
CA TYR R 9 15.18 -107.96 -80.56
C TYR R 9 13.75 -108.04 -81.02
N ILE R 10 13.35 -106.99 -81.75
CA ILE R 10 12.04 -106.87 -82.39
C ILE R 10 12.12 -107.41 -83.82
N PRO R 11 11.44 -108.52 -84.11
CA PRO R 11 11.34 -108.98 -85.51
C PRO R 11 10.49 -108.00 -86.34
N LYS R 12 10.75 -107.90 -87.64
CA LYS R 12 10.07 -106.91 -88.46
C LYS R 12 8.56 -107.08 -88.46
N ASP R 13 8.12 -108.35 -88.40
CA ASP R 13 6.72 -108.65 -88.17
C ASP R 13 6.49 -109.03 -86.70
N CYS R 14 6.08 -108.01 -85.93
CA CYS R 14 5.89 -108.17 -84.51
C CYS R 14 4.39 -108.25 -84.31
N GLN R 15 3.91 -109.45 -84.00
CA GLN R 15 2.48 -109.75 -83.93
C GLN R 15 2.01 -109.74 -82.48
N ALA R 16 0.71 -109.56 -82.25
CA ALA R 16 0.20 -109.64 -80.90
C ALA R 16 0.64 -110.96 -80.25
N ASN R 17 0.75 -110.98 -78.94
CA ASN R 17 1.21 -112.16 -78.18
C ASN R 17 2.62 -112.69 -78.46
N ARG R 18 3.39 -111.97 -79.29
CA ARG R 18 4.77 -112.33 -79.58
C ARG R 18 5.63 -112.16 -78.35
N TYR R 19 6.42 -113.17 -78.01
CA TYR R 19 7.31 -113.03 -76.87
C TYR R 19 8.71 -112.64 -77.34
N LEU R 20 9.21 -111.53 -76.83
CA LEU R 20 10.36 -110.84 -77.39
C LEU R 20 11.65 -111.18 -76.66
N GLY R 21 11.52 -111.55 -75.39
CA GLY R 21 12.65 -111.94 -74.57
C GLY R 21 12.50 -111.64 -73.09
N THR R 22 13.42 -112.16 -72.30
CA THR R 22 13.44 -111.88 -70.87
C THR R 22 14.83 -111.38 -70.46
N LEU R 23 14.89 -110.31 -69.68
CA LEU R 23 16.15 -109.84 -69.14
C LEU R 23 16.18 -110.23 -67.68
N ASN R 24 17.33 -110.68 -67.23
CA ASN R 24 17.48 -111.02 -65.83
C ASN R 24 18.09 -109.82 -65.09
N ILE R 25 17.34 -109.21 -64.18
CA ILE R 25 17.76 -107.94 -63.59
C ILE R 25 19.14 -108.04 -62.95
N ARG R 26 19.40 -109.14 -62.26
CA ARG R 26 20.68 -109.21 -61.59
C ARG R 26 21.82 -109.43 -62.58
N ASP R 27 21.58 -110.23 -63.61
CA ASP R 27 22.56 -110.39 -64.69
C ASP R 27 22.83 -109.09 -65.46
N MET R 28 21.82 -108.25 -65.65
CA MET R 28 22.04 -106.96 -66.30
C MET R 28 23.08 -106.15 -65.54
N ILE R 29 23.01 -106.20 -64.21
CA ILE R 29 23.91 -105.42 -63.38
C ILE R 29 25.29 -106.07 -63.31
N SER R 30 25.31 -107.39 -63.21
CA SER R 30 26.59 -108.09 -63.06
C SER R 30 27.39 -108.21 -64.37
N ASP R 31 26.70 -108.28 -65.50
CA ASP R 31 27.38 -108.39 -66.79
C ASP R 31 27.97 -107.05 -67.17
N PHE R 32 27.31 -105.98 -66.71
CA PHE R 32 27.77 -104.63 -66.95
C PHE R 32 29.01 -104.35 -66.10
N LYS R 33 28.87 -104.39 -64.78
CA LYS R 33 30.01 -104.61 -63.89
C LYS R 33 31.10 -103.53 -63.90
N GLY R 34 30.77 -102.24 -63.92
CA GLY R 34 29.58 -101.66 -63.33
C GLY R 34 30.12 -100.92 -62.10
N VAL R 35 30.06 -99.60 -62.05
CA VAL R 35 30.37 -98.92 -60.80
C VAL R 35 29.39 -99.34 -59.71
N GLN R 36 28.12 -99.45 -60.09
CA GLN R 36 27.07 -99.84 -59.16
C GLN R 36 27.21 -101.31 -58.75
N TYR R 37 27.56 -102.18 -59.69
CA TYR R 37 27.81 -103.58 -59.35
C TYR R 37 28.89 -103.69 -58.29
N GLU R 38 29.97 -102.93 -58.44
CA GLU R 38 31.05 -102.97 -57.46
C GLU R 38 30.66 -102.38 -56.09
N LYS R 39 29.82 -101.35 -56.07
CA LYS R 39 29.28 -100.85 -54.81
C LYS R 39 28.45 -101.95 -54.14
N TRP R 40 27.80 -102.77 -54.96
CA TRP R 40 26.88 -103.80 -54.49
C TRP R 40 27.63 -104.89 -53.73
N ILE R 41 28.75 -105.35 -54.30
CA ILE R 41 29.59 -106.35 -53.64
C ILE R 41 29.99 -105.95 -52.23
N THR R 42 30.21 -104.65 -52.01
CA THR R 42 30.60 -104.15 -50.69
C THR R 42 29.41 -104.04 -49.74
N ALA R 43 28.28 -103.59 -50.28
CA ALA R 43 27.06 -103.51 -49.49
C ALA R 43 26.60 -104.89 -49.04
N GLY R 44 26.75 -105.88 -49.92
CA GLY R 44 26.17 -107.19 -49.69
C GLY R 44 24.69 -107.23 -50.09
N LEU R 45 23.85 -106.51 -49.33
CA LEU R 45 22.43 -106.42 -49.63
C LEU R 45 22.04 -105.06 -50.18
N VAL R 46 21.20 -105.04 -51.20
CA VAL R 46 20.68 -103.77 -51.71
C VAL R 46 19.15 -103.83 -51.86
N MET R 47 18.47 -102.71 -51.62
CA MET R 47 17.03 -102.60 -51.83
C MET R 47 16.71 -101.46 -52.80
N PRO R 48 17.22 -101.56 -54.03
CA PRO R 48 17.29 -100.41 -54.95
C PRO R 48 15.95 -99.75 -55.26
N THR R 49 16.02 -98.48 -55.61
CA THR R 49 14.94 -97.88 -56.38
C THR R 49 15.47 -97.72 -57.80
N PHE R 50 14.97 -98.53 -58.72
CA PHE R 50 15.41 -98.49 -60.09
C PHE R 50 14.61 -97.47 -60.91
N LYS R 51 15.27 -96.80 -61.84
CA LYS R 51 14.60 -96.18 -62.97
C LYS R 51 14.91 -97.10 -64.15
N ILE R 52 13.86 -97.65 -64.76
CA ILE R 52 14.04 -98.45 -65.96
C ILE R 52 13.76 -97.57 -67.15
N VAL R 53 14.65 -97.60 -68.12
CA VAL R 53 14.48 -96.83 -69.35
C VAL R 53 14.59 -97.74 -70.55
N ILE R 54 13.55 -97.72 -71.40
CA ILE R 54 13.58 -98.50 -72.63
C ILE R 54 13.75 -97.56 -73.80
N ARG R 55 14.89 -97.65 -74.49
CA ARG R 55 15.19 -96.79 -75.62
C ARG R 55 14.78 -97.45 -76.91
N LEU R 56 14.13 -96.65 -77.75
CA LEU R 56 13.04 -97.13 -78.58
C LEU R 56 12.74 -95.96 -79.49
N PRO R 57 12.84 -96.15 -80.82
CA PRO R 57 12.60 -95.02 -81.73
C PRO R 57 11.12 -94.74 -81.86
N ALA R 58 10.69 -93.52 -81.56
CA ALA R 58 9.26 -93.21 -81.56
C ALA R 58 8.72 -93.29 -82.97
N ASN R 59 7.52 -93.85 -83.11
CA ASN R 59 6.92 -93.97 -84.43
C ASN R 59 5.40 -94.07 -84.37
N ALA R 60 4.72 -93.20 -85.10
CA ALA R 60 3.26 -93.15 -85.00
C ALA R 60 2.58 -93.99 -86.09
N PHE R 61 3.37 -94.72 -86.85
CA PHE R 61 2.85 -95.36 -88.05
C PHE R 61 2.84 -96.89 -87.97
N THR R 62 2.87 -97.43 -86.75
CA THR R 62 2.96 -98.88 -86.61
C THR R 62 1.79 -99.46 -85.85
N GLY R 63 1.36 -98.79 -84.78
CA GLY R 63 0.31 -99.34 -83.94
C GLY R 63 0.84 -100.26 -82.84
N LEU R 64 2.16 -100.43 -82.80
CA LEU R 64 2.82 -101.32 -81.86
C LEU R 64 2.65 -100.87 -80.41
N THR R 65 2.25 -101.80 -79.55
CA THR R 65 2.25 -101.60 -78.10
C THR R 65 2.84 -102.83 -77.44
N TRP R 66 3.80 -102.62 -76.54
CA TRP R 66 4.48 -103.71 -75.84
C TRP R 66 4.14 -103.67 -74.37
N VAL R 67 4.44 -104.76 -73.66
CA VAL R 67 4.25 -104.81 -72.23
C VAL R 67 5.56 -105.26 -71.57
N MET R 68 6.09 -104.43 -70.67
CA MET R 68 7.14 -104.87 -69.79
C MET R 68 6.50 -105.41 -68.51
N SER R 69 6.80 -106.65 -68.16
CA SER R 69 6.20 -107.29 -67.00
C SER R 69 7.29 -107.54 -65.98
N PHE R 70 7.12 -107.00 -64.78
CA PHE R 70 8.06 -107.21 -63.68
C PHE R 70 7.70 -108.50 -62.92
N ASP R 71 8.50 -109.53 -63.15
CA ASP R 71 8.23 -110.85 -62.57
C ASP R 71 9.33 -111.18 -61.57
N ALA R 72 9.26 -110.60 -60.39
CA ALA R 72 10.36 -110.75 -59.45
C ALA R 72 10.51 -112.19 -58.93
N TYR R 73 9.44 -112.97 -59.02
CA TYR R 73 9.44 -114.30 -58.43
C TYR R 73 9.27 -115.41 -59.48
N ASN R 74 9.51 -115.04 -60.74
CA ASN R 74 9.60 -116.00 -61.82
C ASN R 74 8.35 -116.86 -61.96
N ARG R 75 7.18 -116.22 -61.94
CA ARG R 75 5.91 -116.93 -61.85
C ARG R 75 5.32 -117.23 -63.21
N ILE R 76 5.55 -116.33 -64.16
CA ILE R 76 4.95 -116.49 -65.46
C ILE R 76 5.93 -116.87 -66.58
N THR R 77 7.23 -116.80 -66.31
CA THR R 77 8.24 -117.08 -67.35
C THR R 77 8.02 -118.38 -68.13
N SER R 78 7.79 -119.48 -67.41
CA SER R 78 7.54 -120.80 -68.00
C SER R 78 6.45 -120.81 -69.05
N ARG R 79 5.42 -119.97 -68.85
CA ARG R 79 4.20 -120.04 -69.63
C ARG R 79 4.08 -118.99 -70.73
N ILE R 80 5.15 -118.24 -70.98
CA ILE R 80 5.06 -117.21 -72.02
C ILE R 80 6.16 -117.31 -73.05
N THR R 81 7.08 -118.25 -72.90
CA THR R 81 8.27 -118.24 -73.77
C THR R 81 7.98 -118.71 -75.19
N ALA R 82 6.89 -119.46 -75.37
CA ALA R 82 6.44 -119.85 -76.69
C ALA R 82 5.51 -118.77 -77.23
N SER R 83 4.54 -118.40 -76.40
CA SER R 83 3.59 -117.35 -76.75
C SER R 83 2.98 -116.72 -75.50
N ALA R 84 2.97 -115.39 -75.51
CA ALA R 84 2.57 -114.65 -74.33
C ALA R 84 1.12 -114.23 -74.40
N ASP R 85 0.25 -115.00 -73.77
CA ASP R 85 -1.13 -114.57 -73.65
C ASP R 85 -1.11 -113.36 -72.73
N PRO R 86 -1.83 -112.28 -73.10
CA PRO R 86 -1.94 -111.09 -72.25
C PRO R 86 -2.41 -111.40 -70.81
N VAL R 87 -3.22 -112.43 -70.61
CA VAL R 87 -3.64 -112.79 -69.26
C VAL R 87 -2.45 -113.06 -68.34
N TYR R 88 -1.42 -113.72 -68.85
CA TYR R 88 -0.20 -113.90 -68.08
C TYR R 88 0.55 -112.57 -67.93
N THR R 89 0.81 -111.88 -69.04
CA THR R 89 1.73 -110.75 -69.02
C THR R 89 1.20 -109.60 -68.19
N LEU R 90 -0.12 -109.55 -68.01
CA LEU R 90 -0.75 -108.46 -67.26
C LEU R 90 -1.11 -108.87 -65.82
N SER R 91 -0.75 -110.08 -65.43
CA SER R 91 -1.12 -110.60 -64.12
C SER R 91 -0.09 -110.24 -63.05
N VAL R 92 1.03 -109.66 -63.48
CA VAL R 92 2.06 -109.17 -62.56
C VAL R 92 2.23 -107.66 -62.79
N PRO R 93 2.93 -106.96 -61.89
CA PRO R 93 3.17 -105.55 -62.18
C PRO R 93 3.73 -105.35 -63.60
N HIS R 94 3.23 -104.34 -64.31
CA HIS R 94 3.55 -104.19 -65.72
C HIS R 94 3.28 -102.79 -66.23
N TRP R 95 3.82 -102.52 -67.41
CA TRP R 95 3.71 -101.19 -68.00
C TRP R 95 3.46 -101.30 -69.50
N LEU R 96 2.57 -100.44 -70.00
CA LEU R 96 2.34 -100.39 -71.43
C LEU R 96 3.37 -99.50 -72.11
N ILE R 97 3.95 -99.99 -73.18
CA ILE R 97 4.92 -99.21 -73.93
C ILE R 97 4.39 -98.91 -75.33
N HIS R 98 3.94 -97.68 -75.54
CA HIS R 98 3.41 -97.29 -76.83
C HIS R 98 4.49 -96.80 -77.79
N HIS R 99 4.47 -97.36 -79.00
CA HIS R 99 5.50 -97.03 -79.97
C HIS R 99 5.43 -95.55 -80.35
N LYS R 100 4.23 -94.98 -80.32
CA LYS R 100 4.07 -93.59 -80.72
C LYS R 100 4.76 -92.65 -79.76
N LEU R 101 4.98 -93.09 -78.52
CA LEU R 101 5.60 -92.24 -77.50
C LEU R 101 7.11 -92.36 -77.42
N GLY R 102 7.67 -93.30 -78.17
CA GLY R 102 9.11 -93.50 -78.18
C GLY R 102 9.67 -93.97 -76.85
N THR R 103 10.80 -93.37 -76.48
CA THR R 103 11.56 -93.85 -75.33
C THR R 103 10.71 -93.80 -74.07
N PHE R 104 10.75 -94.89 -73.31
CA PHE R 104 9.86 -95.12 -72.18
C PHE R 104 10.64 -95.20 -70.88
N SER R 105 10.03 -94.72 -69.82
CA SER R 105 10.67 -94.77 -68.51
C SER R 105 9.68 -95.01 -67.37
N CYS R 106 10.11 -95.70 -66.32
CA CYS R 106 9.28 -95.88 -65.13
C CYS R 106 10.14 -96.16 -63.91
N GLU R 107 9.54 -96.06 -62.72
CA GLU R 107 10.27 -96.35 -61.48
C GLU R 107 9.80 -97.65 -60.85
N ILE R 108 10.75 -98.41 -60.34
CA ILE R 108 10.42 -99.62 -59.66
C ILE R 108 11.02 -99.50 -58.29
N ASP R 109 10.18 -99.36 -57.28
CA ASP R 109 10.66 -99.38 -55.90
C ASP R 109 10.74 -100.83 -55.51
N TYR R 110 11.95 -101.38 -55.53
CA TYR R 110 12.14 -102.81 -55.33
C TYR R 110 11.66 -103.24 -53.97
N GLY R 111 11.67 -102.31 -53.02
CA GLY R 111 11.10 -102.54 -51.71
C GLY R 111 9.62 -102.89 -51.73
N GLU R 112 8.84 -102.24 -52.59
CA GLU R 112 7.41 -102.50 -52.73
C GLU R 112 7.13 -103.62 -53.69
N LEU R 113 7.51 -103.44 -54.95
CA LEU R 113 7.20 -104.41 -56.00
C LEU R 113 7.84 -105.79 -55.77
N CYS R 114 8.91 -105.84 -55.02
CA CYS R 114 9.53 -107.13 -54.76
C CYS R 114 9.47 -107.56 -53.30
N GLY R 115 10.04 -106.77 -52.40
CA GLY R 115 9.90 -107.05 -50.99
C GLY R 115 11.09 -107.63 -50.25
N HIS R 116 12.00 -108.30 -50.96
CA HIS R 116 13.25 -108.74 -50.32
C HIS R 116 14.50 -108.16 -50.97
N ALA R 117 15.55 -107.95 -50.16
CA ALA R 117 16.77 -107.32 -50.64
C ALA R 117 17.67 -108.27 -51.41
N MET R 118 18.36 -107.73 -52.42
CA MET R 118 19.19 -108.51 -53.31
C MET R 118 20.59 -108.77 -52.78
N TRP R 119 20.98 -110.04 -52.80
CA TRP R 119 22.29 -110.46 -52.31
C TRP R 119 23.28 -110.55 -53.45
N PHE R 120 24.40 -109.83 -53.31
CA PHE R 120 25.35 -109.68 -54.42
C PHE R 120 25.83 -110.99 -55.06
N LYS R 121 25.98 -112.05 -54.27
CA LYS R 121 26.67 -113.26 -54.76
C LYS R 121 25.78 -114.31 -55.39
N SER R 122 24.49 -114.28 -55.07
CA SER R 122 23.58 -115.30 -55.59
C SER R 122 22.13 -114.92 -55.37
N THR R 123 21.27 -115.53 -56.15
CA THR R 123 19.85 -115.34 -56.00
C THR R 123 19.41 -115.94 -54.65
N THR R 124 18.58 -115.22 -53.90
CA THR R 124 18.09 -115.71 -52.61
C THR R 124 16.88 -116.62 -52.81
N PHE R 125 15.78 -116.08 -53.31
CA PHE R 125 14.62 -116.92 -53.56
C PHE R 125 14.53 -117.33 -55.01
N GLU R 126 13.92 -116.49 -55.83
CA GLU R 126 14.04 -116.72 -57.26
C GLU R 126 14.68 -115.50 -57.89
N SER R 127 15.11 -115.65 -59.14
CA SER R 127 15.83 -114.59 -59.86
C SER R 127 14.87 -113.65 -60.60
N PRO R 128 14.88 -112.34 -60.24
CA PRO R 128 13.96 -111.32 -60.75
C PRO R 128 14.12 -111.03 -62.25
N ARG R 129 13.03 -111.10 -63.01
CA ARG R 129 13.08 -110.96 -64.46
C ARG R 129 12.23 -109.81 -64.97
N LEU R 130 12.61 -109.27 -66.11
CA LEU R 130 11.77 -108.36 -66.87
C LEU R 130 11.38 -109.05 -68.17
N HIS R 131 10.09 -109.22 -68.42
CA HIS R 131 9.63 -109.83 -69.67
C HIS R 131 9.15 -108.77 -70.68
N PHE R 132 9.52 -108.96 -71.94
CA PHE R 132 9.05 -108.08 -72.99
C PHE R 132 8.21 -108.83 -74.02
N THR R 133 6.94 -108.45 -74.10
CA THR R 133 6.00 -109.11 -74.99
C THR R 133 5.28 -108.07 -75.81
N CYS R 134 4.69 -108.50 -76.91
CA CYS R 134 3.97 -107.57 -77.77
C CYS R 134 2.47 -107.68 -77.51
N LEU R 135 1.83 -106.59 -77.11
CA LEU R 135 0.41 -106.61 -76.72
C LEU R 135 -0.51 -106.43 -77.90
N THR R 136 -0.21 -105.42 -78.73
CA THR R 136 -0.87 -105.20 -80.01
C THR R 136 0.17 -105.15 -81.11
N GLY R 137 -0.07 -105.86 -82.20
CA GLY R 137 0.92 -105.99 -83.28
C GLY R 137 0.98 -104.82 -84.23
N ASN R 138 2.00 -104.81 -85.08
CA ASN R 138 2.11 -103.80 -86.12
C ASN R 138 1.04 -104.00 -87.18
N ASN R 139 0.62 -102.94 -87.84
CA ASN R 139 -0.45 -103.01 -88.82
C ASN R 139 -0.04 -103.75 -90.08
N LYS R 140 1.26 -103.65 -90.39
CA LYS R 140 1.93 -104.37 -91.48
C LYS R 140 3.36 -104.51 -91.03
N GLU R 141 4.10 -105.47 -91.59
CA GLU R 141 5.45 -105.66 -91.08
C GLU R 141 6.25 -104.38 -91.37
N LEU R 142 7.32 -104.19 -90.61
CA LEU R 142 8.24 -103.10 -90.86
C LEU R 142 9.31 -103.46 -91.90
N ALA R 143 10.23 -102.55 -92.17
CA ALA R 143 11.19 -102.78 -93.23
C ALA R 143 12.22 -103.86 -92.87
N ALA R 144 12.61 -103.93 -91.60
CA ALA R 144 13.65 -104.87 -91.20
C ALA R 144 13.58 -105.17 -89.70
N ASP R 145 14.24 -106.26 -89.27
CA ASP R 145 14.43 -106.51 -87.84
C ASP R 145 15.11 -105.28 -87.20
N TRP R 146 14.83 -105.05 -85.91
CA TRP R 146 15.53 -104.03 -85.16
C TRP R 146 15.66 -104.38 -83.69
N GLN R 147 16.22 -103.47 -82.90
CA GLN R 147 16.37 -103.75 -81.47
C GLN R 147 16.01 -102.54 -80.62
N ALA R 148 15.64 -102.83 -79.37
CA ALA R 148 15.45 -101.80 -78.36
C ALA R 148 16.44 -102.01 -77.20
N VAL R 149 16.84 -100.93 -76.54
CA VAL R 149 17.82 -101.04 -75.45
C VAL R 149 17.13 -100.82 -74.12
N VAL R 150 17.39 -101.69 -73.14
CA VAL R 150 16.81 -101.54 -71.81
C VAL R 150 17.91 -101.16 -70.85
N GLU R 151 17.70 -100.10 -70.08
CA GLU R 151 18.71 -99.62 -69.13
C GLU R 151 18.20 -99.54 -67.69
N LEU R 152 19.01 -99.98 -66.73
CA LEU R 152 18.69 -99.82 -65.29
C LEU R 152 19.53 -98.72 -64.68
N TYR R 153 18.87 -97.69 -64.12
CA TYR R 153 19.57 -96.60 -63.43
C TYR R 153 19.25 -96.69 -61.97
N ALA R 154 20.27 -96.57 -61.13
CA ALA R 154 20.10 -96.71 -59.70
C ALA R 154 21.32 -96.19 -58.96
N GLU R 155 21.12 -95.72 -57.74
CA GLU R 155 22.23 -95.42 -56.86
C GLU R 155 22.21 -96.39 -55.70
N LEU R 156 22.86 -97.54 -55.88
CA LEU R 156 22.81 -98.62 -54.90
C LEU R 156 23.45 -98.24 -53.59
N GLU R 157 22.73 -98.43 -52.51
CA GLU R 157 23.32 -98.29 -51.18
C GLU R 157 22.97 -99.51 -50.33
N GLU R 158 23.77 -99.76 -49.29
CA GLU R 158 23.58 -100.92 -48.44
C GLU R 158 22.20 -100.93 -47.80
N ALA R 159 21.55 -102.10 -47.86
CA ALA R 159 20.24 -102.30 -47.27
C ALA R 159 20.33 -102.58 -45.78
N THR R 160 19.47 -101.90 -45.03
CA THR R 160 19.49 -101.99 -43.59
C THR R 160 18.75 -103.25 -43.11
N SER R 161 17.69 -103.65 -43.82
CA SER R 161 16.86 -104.78 -43.45
C SER R 161 16.73 -105.77 -44.59
N PHE R 162 16.42 -107.03 -44.29
CA PHE R 162 16.14 -108.01 -45.35
C PHE R 162 14.82 -107.76 -46.05
N LEU R 163 13.80 -107.39 -45.27
CA LEU R 163 12.45 -107.27 -45.80
C LEU R 163 12.10 -105.83 -46.08
N GLY R 164 11.28 -105.61 -47.11
CA GLY R 164 10.74 -104.29 -47.42
C GLY R 164 9.57 -103.95 -46.52
N LYS R 165 8.70 -103.06 -46.98
CA LYS R 165 7.46 -102.78 -46.28
C LYS R 165 6.42 -103.61 -47.02
N PRO R 166 5.50 -104.25 -46.28
CA PRO R 166 4.51 -105.14 -46.87
C PRO R 166 3.54 -104.41 -47.82
N THR R 167 3.44 -104.90 -49.03
CA THR R 167 2.48 -104.41 -50.01
C THR R 167 1.04 -104.49 -49.46
N LEU R 168 0.74 -105.53 -48.67
CA LEU R 168 -0.63 -105.82 -48.24
C LEU R 168 -0.67 -106.48 -46.85
N VAL R 169 -1.64 -106.09 -46.05
CA VAL R 169 -1.83 -106.76 -44.77
C VAL R 169 -3.23 -107.31 -44.67
N PHE R 170 -3.34 -108.59 -44.30
CA PHE R 170 -4.61 -109.28 -44.41
C PHE R 170 -5.68 -108.66 -43.56
N ASP R 171 -6.82 -108.38 -44.21
CA ASP R 171 -8.01 -107.84 -43.56
C ASP R 171 -9.23 -108.11 -44.48
N PRO R 172 -10.17 -108.94 -44.00
CA PRO R 172 -11.36 -109.40 -44.73
C PRO R 172 -12.27 -108.24 -45.09
N GLY R 173 -12.36 -107.31 -44.17
CA GLY R 173 -13.30 -106.21 -44.28
C GLY R 173 -12.70 -105.02 -45.01
N VAL R 174 -11.57 -105.22 -45.68
CA VAL R 174 -10.94 -104.11 -46.38
C VAL R 174 -10.46 -104.40 -47.82
N PHE R 175 -11.33 -103.93 -48.71
CA PHE R 175 -11.10 -103.78 -50.13
C PHE R 175 -11.63 -102.39 -50.42
N ASN R 176 -10.73 -101.42 -50.56
CA ASN R 176 -11.09 -100.02 -50.81
C ASN R 176 -11.98 -99.84 -52.04
N GLY R 177 -11.54 -100.35 -53.18
CA GLY R 177 -12.19 -100.08 -54.45
C GLY R 177 -11.21 -99.45 -55.42
N LYS R 178 -10.01 -99.16 -54.93
CA LYS R 178 -8.91 -98.70 -55.79
C LYS R 178 -8.07 -99.90 -56.28
N PHE R 179 -7.62 -99.86 -57.53
CA PHE R 179 -6.81 -100.94 -58.08
C PHE R 179 -5.45 -100.40 -58.55
N GLN R 180 -4.45 -101.28 -58.57
CA GLN R 180 -3.26 -101.04 -59.39
C GLN R 180 -3.02 -102.20 -60.34
N PHE R 181 -2.45 -101.89 -61.50
CA PHE R 181 -2.09 -102.90 -62.48
C PHE R 181 -3.25 -103.78 -62.95
N LEU R 182 -4.43 -103.18 -63.04
CA LEU R 182 -5.57 -103.89 -63.59
C LEU R 182 -5.75 -103.46 -65.04
N THR R 183 -5.21 -104.27 -65.94
CA THR R 183 -5.28 -104.01 -67.38
C THR R 183 -6.05 -105.16 -68.06
N CYS R 184 -7.06 -104.81 -68.85
CA CYS R 184 -7.83 -105.81 -69.59
C CYS R 184 -7.12 -106.14 -70.88
N PRO R 185 -7.09 -107.44 -71.24
CA PRO R 185 -6.55 -107.83 -72.55
C PRO R 185 -7.19 -107.01 -73.67
N PRO R 186 -6.48 -106.86 -74.79
CA PRO R 186 -6.92 -106.00 -75.88
C PRO R 186 -8.24 -106.44 -76.46
N ILE R 187 -9.07 -105.47 -76.80
CA ILE R 187 -10.34 -105.67 -77.47
C ILE R 187 -10.14 -105.23 -78.92
N PHE R 188 -10.67 -106.00 -79.89
CA PHE R 188 -10.39 -105.72 -81.31
C PHE R 188 -11.64 -105.38 -82.13
N PHE R 189 -11.52 -104.38 -83.00
CA PHE R 189 -12.61 -104.01 -83.92
C PHE R 189 -12.18 -104.22 -85.36
N ASP R 190 -13.03 -104.88 -86.14
CA ASP R 190 -12.74 -105.10 -87.57
C ASP R 190 -13.11 -103.86 -88.35
N LEU R 191 -12.36 -103.57 -89.41
CA LEU R 191 -12.74 -102.42 -90.23
C LEU R 191 -13.69 -102.79 -91.36
N THR R 192 -14.02 -104.07 -91.41
CA THR R 192 -15.00 -104.55 -92.37
C THR R 192 -16.40 -104.52 -91.79
N ALA R 193 -16.58 -103.77 -90.71
CA ALA R 193 -17.86 -103.70 -90.04
C ALA R 193 -18.27 -102.25 -89.77
N VAL R 194 -19.45 -101.88 -90.24
CA VAL R 194 -19.90 -100.51 -90.10
C VAL R 194 -20.18 -100.10 -88.64
N THR R 195 -20.69 -101.03 -87.85
CA THR R 195 -20.73 -100.84 -86.40
C THR R 195 -20.36 -102.15 -85.72
N ALA R 196 -20.15 -102.11 -84.40
CA ALA R 196 -19.81 -103.31 -83.66
C ALA R 196 -19.91 -103.13 -82.17
N LEU R 197 -20.02 -104.23 -81.46
CA LEU R 197 -20.02 -104.20 -80.01
C LEU R 197 -18.91 -105.08 -79.46
N ARG R 198 -18.24 -104.61 -78.42
CA ARG R 198 -17.36 -105.48 -77.66
C ARG R 198 -17.65 -105.35 -76.19
N SER R 199 -17.94 -106.48 -75.54
CA SER R 199 -18.25 -106.47 -74.11
C SER R 199 -17.03 -106.76 -73.25
N ALA R 200 -16.94 -106.04 -72.13
CA ALA R 200 -15.98 -106.38 -71.10
C ALA R 200 -16.77 -106.69 -69.84
N GLY R 201 -16.61 -107.89 -69.31
CA GLY R 201 -17.29 -108.27 -68.09
C GLY R 201 -16.84 -107.44 -66.89
N LEU R 202 -17.77 -107.14 -65.99
CA LEU R 202 -17.42 -106.40 -64.78
C LEU R 202 -17.47 -107.28 -63.54
N THR R 203 -17.53 -108.59 -63.74
CA THR R 203 -17.51 -109.54 -62.64
C THR R 203 -16.06 -109.81 -62.28
N LEU R 204 -15.43 -108.82 -61.63
CA LEU R 204 -13.98 -108.75 -61.48
C LEU R 204 -13.35 -109.76 -60.53
N GLY R 205 -14.16 -110.48 -59.77
CA GLY R 205 -13.64 -111.49 -58.86
C GLY R 205 -13.37 -112.82 -59.55
N GLN R 206 -13.86 -112.94 -60.78
CA GLN R 206 -13.70 -114.15 -61.59
C GLN R 206 -12.21 -114.38 -61.87
N VAL R 207 -11.74 -115.61 -61.76
CA VAL R 207 -10.33 -115.87 -62.04
C VAL R 207 -10.12 -116.06 -63.53
N PRO R 208 -9.20 -115.30 -64.12
CA PRO R 208 -8.94 -115.31 -65.57
C PRO R 208 -8.35 -116.65 -66.01
N MET R 209 -8.55 -117.03 -67.26
CA MET R 209 -8.04 -118.31 -67.71
C MET R 209 -7.34 -118.24 -69.05
N VAL R 210 -6.40 -119.15 -69.25
CA VAL R 210 -5.73 -119.31 -70.52
C VAL R 210 -5.85 -120.79 -70.81
N GLY R 211 -6.83 -121.14 -71.63
CA GLY R 211 -7.10 -122.53 -71.87
C GLY R 211 -7.68 -123.13 -70.61
N THR R 212 -7.08 -124.23 -70.15
CA THR R 212 -7.52 -124.87 -68.92
C THR R 212 -6.76 -124.33 -67.70
N THR R 213 -5.82 -123.42 -67.94
CA THR R 213 -4.99 -122.89 -66.87
C THR R 213 -5.61 -121.68 -66.16
N LYS R 214 -5.82 -121.79 -64.85
CA LYS R 214 -6.31 -120.67 -64.03
C LYS R 214 -5.14 -119.77 -63.65
N VAL R 215 -5.29 -118.46 -63.85
CA VAL R 215 -4.25 -117.51 -63.49
C VAL R 215 -4.70 -116.66 -62.30
N TYR R 216 -4.43 -117.14 -61.10
CA TYR R 216 -4.79 -116.39 -59.90
C TYR R 216 -3.99 -115.11 -59.88
N ASN R 217 -4.65 -114.00 -59.58
CA ASN R 217 -3.94 -112.73 -59.43
C ASN R 217 -4.51 -111.88 -58.32
N LEU R 218 -3.76 -110.90 -57.85
CA LEU R 218 -4.15 -110.11 -56.69
C LEU R 218 -5.44 -109.32 -56.89
N ASN R 219 -5.61 -108.72 -58.06
CA ASN R 219 -6.83 -107.95 -58.31
C ASN R 219 -8.12 -108.75 -58.18
N SER R 220 -8.23 -109.86 -58.91
CA SER R 220 -9.45 -110.66 -58.80
C SER R 220 -9.59 -111.16 -57.36
N THR R 221 -8.47 -111.50 -56.72
CA THR R 221 -8.49 -111.94 -55.34
C THR R 221 -9.10 -110.87 -54.43
N LEU R 222 -8.66 -109.62 -54.61
CA LEU R 222 -9.21 -108.52 -53.84
C LEU R 222 -10.70 -108.39 -54.02
N VAL R 223 -11.16 -108.29 -55.27
CA VAL R 223 -12.58 -108.20 -55.52
C VAL R 223 -13.38 -109.34 -54.85
N SER R 224 -12.80 -110.53 -54.78
CA SER R 224 -13.50 -111.67 -54.21
C SER R 224 -13.76 -111.51 -52.71
N CYS R 225 -13.12 -110.51 -52.11
CA CYS R 225 -13.22 -110.24 -50.68
C CYS R 225 -14.50 -109.54 -50.34
N VAL R 226 -15.28 -109.27 -51.40
CA VAL R 226 -16.52 -108.52 -51.30
C VAL R 226 -17.61 -109.37 -51.98
N LEU R 227 -18.90 -109.15 -51.67
CA LEU R 227 -19.97 -109.94 -52.30
C LEU R 227 -20.34 -109.35 -53.66
N GLY R 228 -20.17 -108.04 -53.81
CA GLY R 228 -20.48 -107.36 -55.05
C GLY R 228 -20.18 -105.87 -54.92
N MET R 229 -20.33 -105.13 -56.01
CA MET R 229 -19.96 -103.73 -56.04
C MET R 229 -20.78 -102.98 -57.06
N GLY R 230 -21.05 -101.71 -56.74
CA GLY R 230 -21.71 -100.80 -57.64
C GLY R 230 -20.94 -99.50 -57.60
N GLY R 231 -21.31 -98.57 -58.46
CA GLY R 231 -20.59 -97.32 -58.46
C GLY R 231 -20.16 -96.95 -59.85
N THR R 232 -19.11 -96.16 -59.94
CA THR R 232 -18.64 -95.71 -61.24
C THR R 232 -17.26 -96.27 -61.52
N VAL R 233 -17.09 -96.86 -62.70
CA VAL R 233 -15.79 -97.36 -63.14
C VAL R 233 -14.95 -96.23 -63.73
N ARG R 234 -13.83 -95.90 -63.07
CA ARG R 234 -12.91 -94.88 -63.60
C ARG R 234 -11.76 -95.61 -64.21
N GLY R 235 -11.50 -95.35 -65.49
CA GLY R 235 -10.38 -95.98 -66.17
C GLY R 235 -9.77 -95.15 -67.27
N ARG R 236 -8.87 -95.77 -68.03
CA ARG R 236 -8.26 -95.14 -69.18
C ARG R 236 -8.42 -96.04 -70.39
N VAL R 237 -8.57 -95.44 -71.56
CA VAL R 237 -8.69 -96.18 -72.80
C VAL R 237 -7.52 -95.83 -73.69
N HIS R 238 -6.84 -96.84 -74.20
CA HIS R 238 -5.78 -96.61 -75.17
C HIS R 238 -6.15 -97.15 -76.55
N ILE R 239 -6.03 -96.29 -77.55
CA ILE R 239 -6.29 -96.72 -78.91
C ILE R 239 -4.97 -97.05 -79.58
N CYS R 240 -4.76 -98.34 -79.83
CA CYS R 240 -3.44 -98.85 -80.20
C CYS R 240 -3.31 -99.12 -81.68
N ALA R 241 -3.37 -98.06 -82.47
CA ALA R 241 -3.25 -98.17 -83.90
C ALA R 241 -2.46 -96.98 -84.49
N PRO R 242 -2.06 -97.09 -85.76
CA PRO R 242 -1.36 -96.01 -86.48
C PRO R 242 -2.17 -94.72 -86.57
N ILE R 243 -1.54 -93.54 -86.71
CA ILE R 243 -2.27 -92.26 -86.76
C ILE R 243 -3.31 -92.24 -87.84
N PHE R 244 -3.16 -93.11 -88.85
CA PHE R 244 -4.08 -93.11 -89.99
C PHE R 244 -5.30 -94.04 -89.78
N TYR R 245 -5.34 -94.72 -88.64
CA TYR R 245 -6.54 -95.43 -88.18
C TYR R 245 -7.26 -94.50 -87.26
N SER R 246 -8.59 -94.58 -87.23
CA SER R 246 -9.37 -93.79 -86.26
C SER R 246 -10.75 -94.37 -86.02
N ILE R 247 -11.30 -94.08 -84.85
CA ILE R 247 -12.56 -94.67 -84.46
C ILE R 247 -13.32 -93.76 -83.49
N VAL R 248 -14.63 -93.96 -83.40
CA VAL R 248 -15.42 -93.28 -82.38
C VAL R 248 -16.24 -94.30 -81.64
N LEU R 249 -16.14 -94.29 -80.32
CA LEU R 249 -16.82 -95.28 -79.48
C LEU R 249 -17.85 -94.65 -78.55
N TRP R 250 -18.96 -95.36 -78.39
CA TRP R 250 -19.92 -95.07 -77.33
C TRP R 250 -19.69 -96.11 -76.26
N VAL R 251 -19.27 -95.69 -75.07
CA VAL R 251 -18.96 -96.61 -74.00
C VAL R 251 -19.99 -96.51 -72.89
N VAL R 252 -20.69 -97.61 -72.63
CA VAL R 252 -21.79 -97.56 -71.69
C VAL R 252 -21.94 -98.90 -70.97
N SER R 253 -22.60 -98.90 -69.81
CA SER R 253 -22.81 -100.13 -69.05
C SER R 253 -24.21 -100.70 -69.26
N GLU R 254 -24.30 -102.01 -69.43
CA GLU R 254 -25.59 -102.66 -69.59
C GLU R 254 -25.75 -103.90 -68.73
N TRP R 255 -27.00 -104.23 -68.40
CA TRP R 255 -27.28 -105.38 -67.56
C TRP R 255 -27.93 -106.53 -68.34
N ASN R 256 -27.38 -107.74 -68.15
CA ASN R 256 -27.93 -108.97 -68.72
C ASN R 256 -28.32 -108.86 -70.19
N GLY R 257 -27.32 -108.87 -71.07
CA GLY R 257 -27.55 -108.72 -72.48
C GLY R 257 -27.40 -107.26 -72.88
N THR R 258 -27.76 -106.94 -74.11
CA THR R 258 -27.68 -105.57 -74.61
C THR R 258 -28.96 -105.24 -75.33
N THR R 259 -29.31 -103.96 -75.37
CA THR R 259 -30.49 -103.57 -76.12
C THR R 259 -30.20 -103.68 -77.60
N MET R 260 -31.25 -103.89 -78.38
CA MET R 260 -31.09 -104.02 -79.82
C MET R 260 -31.54 -102.76 -80.51
N ASP R 261 -32.08 -101.82 -79.73
CA ASP R 261 -32.62 -100.56 -80.24
C ASP R 261 -31.64 -99.42 -80.08
N TRP R 262 -31.08 -98.95 -81.20
CA TRP R 262 -30.10 -97.86 -81.17
C TRP R 262 -30.56 -96.61 -80.42
N ASN R 263 -31.86 -96.33 -80.47
CA ASN R 263 -32.38 -95.16 -79.76
C ASN R 263 -32.39 -95.35 -78.26
N GLU R 264 -32.74 -96.55 -77.80
CA GLU R 264 -32.67 -96.84 -76.37
C GLU R 264 -31.22 -96.74 -75.89
N LEU R 265 -30.30 -97.28 -76.69
CA LEU R 265 -28.88 -97.28 -76.36
C LEU R 265 -28.36 -95.91 -76.00
N PHE R 266 -28.78 -94.90 -76.75
CA PHE R 266 -28.33 -93.54 -76.50
C PHE R 266 -29.12 -92.74 -75.46
N LYS R 267 -30.09 -93.39 -74.84
CA LYS R 267 -30.78 -92.79 -73.71
C LYS R 267 -30.09 -93.21 -72.42
N TYR R 268 -29.13 -94.14 -72.53
CA TYR R 268 -28.32 -94.55 -71.39
C TYR R 268 -27.21 -93.54 -71.12
N PRO R 269 -26.69 -93.54 -69.87
CA PRO R 269 -25.60 -92.64 -69.49
C PRO R 269 -24.22 -93.19 -69.84
N GLY R 270 -23.80 -92.94 -71.07
CA GLY R 270 -22.50 -93.35 -71.55
C GLY R 270 -21.61 -92.18 -71.87
N VAL R 271 -20.44 -92.47 -72.44
CA VAL R 271 -19.45 -91.46 -72.81
C VAL R 271 -18.88 -91.77 -74.18
N TYR R 272 -18.47 -90.74 -74.91
CA TYR R 272 -17.83 -90.95 -76.20
C TYR R 272 -16.31 -91.01 -76.05
N VAL R 273 -15.68 -91.90 -76.81
CA VAL R 273 -14.22 -91.99 -76.80
C VAL R 273 -13.71 -91.91 -78.22
N GLU R 274 -12.92 -90.88 -78.51
CA GLU R 274 -12.41 -90.66 -79.86
C GLU R 274 -10.92 -90.89 -79.87
N GLU R 275 -10.31 -90.91 -78.69
CA GLU R 275 -8.86 -90.96 -78.58
C GLU R 275 -8.38 -91.38 -77.19
N ASP R 276 -7.09 -91.68 -77.07
CA ASP R 276 -6.49 -91.99 -75.77
C ASP R 276 -7.06 -91.03 -74.72
N GLY R 277 -7.46 -91.55 -73.56
CA GLY R 277 -7.97 -90.72 -72.47
C GLY R 277 -8.57 -91.51 -71.32
N SER R 278 -9.03 -90.82 -70.29
CA SER R 278 -9.71 -91.47 -69.18
C SER R 278 -11.22 -91.43 -69.43
N PHE R 279 -11.96 -92.24 -68.68
CA PHE R 279 -13.41 -92.30 -68.78
C PHE R 279 -14.02 -92.67 -67.44
N GLU R 280 -15.26 -92.23 -67.21
CA GLU R 280 -16.04 -92.69 -66.06
C GLU R 280 -17.39 -93.22 -66.52
N VAL R 281 -17.70 -94.48 -66.24
CA VAL R 281 -19.01 -95.02 -66.57
C VAL R 281 -19.68 -95.63 -65.35
N LYS R 282 -20.96 -95.32 -65.17
CA LYS R 282 -21.74 -95.85 -64.05
C LYS R 282 -22.04 -97.31 -64.29
N ILE R 283 -21.80 -98.15 -63.28
CA ILE R 283 -22.18 -99.56 -63.33
C ILE R 283 -23.69 -99.65 -63.25
N ARG R 284 -24.29 -100.18 -64.30
CA ARG R 284 -25.74 -100.23 -64.44
C ARG R 284 -26.33 -101.59 -64.04
N SER R 285 -27.26 -101.59 -63.09
CA SER R 285 -27.81 -102.85 -62.62
C SER R 285 -29.10 -102.64 -61.86
N PRO R 286 -30.01 -103.61 -61.94
CA PRO R 286 -31.30 -103.61 -61.24
C PRO R 286 -31.13 -103.54 -59.74
N TYR R 287 -29.94 -103.92 -59.27
CA TYR R 287 -29.62 -103.94 -57.84
C TYR R 287 -28.57 -102.89 -57.50
N HIS R 288 -28.20 -102.11 -58.52
CA HIS R 288 -27.23 -101.03 -58.38
C HIS R 288 -25.82 -101.56 -58.18
N ARG R 289 -25.71 -102.88 -58.01
CA ARG R 289 -24.41 -103.52 -57.82
C ARG R 289 -24.38 -104.75 -58.71
N THR R 290 -23.19 -105.17 -59.13
CA THR R 290 -23.03 -106.47 -59.81
C THR R 290 -22.27 -107.40 -58.87
N PRO R 291 -22.60 -108.71 -58.90
CA PRO R 291 -21.93 -109.68 -58.01
C PRO R 291 -20.46 -109.86 -58.37
N ALA R 292 -19.67 -110.11 -57.33
CA ALA R 292 -18.22 -110.20 -57.45
C ALA R 292 -17.78 -111.47 -58.20
N ARG R 293 -18.52 -112.56 -58.03
CA ARG R 293 -18.18 -113.79 -58.74
C ARG R 293 -19.45 -114.44 -59.28
N LEU R 294 -19.27 -115.43 -60.16
CA LEU R 294 -20.39 -116.14 -60.76
C LEU R 294 -20.80 -117.40 -60.01
N LEU R 295 -22.08 -117.71 -60.10
CA LEU R 295 -22.61 -118.97 -59.62
C LEU R 295 -22.57 -119.94 -60.80
N ALA R 296 -22.89 -121.20 -60.54
CA ALA R 296 -22.84 -122.20 -61.62
C ALA R 296 -23.86 -121.88 -62.71
N GLY R 297 -23.43 -122.02 -63.96
CA GLY R 297 -24.32 -121.80 -65.08
C GLY R 297 -24.42 -120.36 -65.51
N GLN R 298 -23.89 -119.45 -64.70
CA GLN R 298 -23.92 -118.03 -65.06
C GLN R 298 -22.80 -117.57 -66.00
N SER R 299 -23.07 -116.50 -66.75
CA SER R 299 -22.08 -115.89 -67.63
C SER R 299 -21.82 -114.43 -67.26
N GLN R 300 -20.63 -113.94 -67.58
CA GLN R 300 -20.28 -112.60 -67.12
C GLN R 300 -21.19 -111.53 -67.70
N ARG R 301 -21.95 -111.90 -68.74
CA ARG R 301 -22.79 -110.95 -69.47
C ARG R 301 -24.20 -110.99 -68.92
N ASP R 302 -24.45 -111.97 -68.08
CA ASP R 302 -25.75 -112.09 -67.43
C ASP R 302 -25.86 -111.01 -66.36
N MET R 303 -24.71 -110.39 -66.02
CA MET R 303 -24.64 -109.31 -65.04
C MET R 303 -24.30 -107.96 -65.67
N SER R 304 -23.62 -107.12 -64.93
CA SER R 304 -23.22 -105.82 -65.43
C SER R 304 -21.93 -105.90 -66.28
N SER R 305 -21.94 -105.26 -67.44
CA SER R 305 -20.77 -105.23 -68.32
C SER R 305 -20.47 -103.82 -68.78
N LEU R 306 -19.22 -103.59 -69.16
CA LEU R 306 -18.78 -102.33 -69.71
C LEU R 306 -18.71 -102.55 -71.22
N ASN R 307 -19.63 -101.93 -71.96
CA ASN R 307 -19.77 -102.17 -73.39
C ASN R 307 -19.19 -101.10 -74.30
N PHE R 308 -18.41 -101.55 -75.28
CA PHE R 308 -17.74 -100.65 -76.21
C PHE R 308 -18.37 -100.78 -77.57
N TYR R 309 -19.16 -99.76 -77.94
CA TYR R 309 -19.86 -99.70 -79.24
C TYR R 309 -19.09 -98.82 -80.22
N ALA R 310 -18.70 -99.41 -81.33
CA ALA R 310 -18.09 -98.64 -82.40
C ALA R 310 -19.21 -98.02 -83.20
N ILE R 311 -19.38 -96.70 -83.09
CA ILE R 311 -20.47 -96.02 -83.76
C ILE R 311 -20.03 -95.27 -85.03
N ALA R 312 -18.73 -95.07 -85.20
CA ALA R 312 -18.20 -94.52 -86.45
C ALA R 312 -16.80 -95.05 -86.67
N GLY R 313 -16.65 -95.88 -87.69
CA GLY R 313 -15.39 -96.57 -87.89
C GLY R 313 -15.36 -97.93 -87.24
N PRO R 314 -14.15 -98.49 -87.09
CA PRO R 314 -12.87 -97.86 -87.46
C PRO R 314 -12.71 -97.68 -88.94
N ILE R 315 -11.96 -96.65 -89.33
CA ILE R 315 -11.61 -96.45 -90.73
C ILE R 315 -10.10 -96.46 -90.86
N ALA R 316 -9.63 -96.83 -92.04
CA ALA R 316 -8.22 -96.73 -92.38
C ALA R 316 -8.11 -96.61 -93.90
N PRO R 317 -6.95 -96.13 -94.39
CA PRO R 317 -6.75 -96.06 -95.85
C PRO R 317 -6.67 -97.46 -96.43
N SER R 318 -6.92 -97.62 -97.72
CA SER R 318 -6.73 -98.95 -98.29
C SER R 318 -5.26 -99.07 -98.56
N GLY R 319 -4.74 -100.30 -98.53
CA GLY R 319 -5.51 -101.46 -98.15
C GLY R 319 -4.90 -101.94 -96.84
N GLU R 320 -5.41 -101.37 -95.76
CA GLU R 320 -5.04 -101.84 -94.45
C GLU R 320 -5.95 -103.02 -94.12
N THR R 321 -5.50 -103.93 -93.28
CA THR R 321 -6.29 -105.11 -92.97
C THR R 321 -6.35 -105.37 -91.48
N ALA R 322 -5.38 -104.84 -90.75
CA ALA R 322 -5.27 -105.05 -89.31
C ALA R 322 -6.51 -104.56 -88.60
N GLN R 323 -6.87 -105.25 -87.52
CA GLN R 323 -7.94 -104.80 -86.66
C GLN R 323 -7.42 -103.62 -85.81
N LEU R 324 -8.33 -102.79 -85.32
CA LEU R 324 -7.98 -101.69 -84.44
C LEU R 324 -8.18 -102.13 -83.01
N PRO R 325 -7.10 -102.22 -82.24
CA PRO R 325 -7.16 -102.67 -80.84
C PRO R 325 -7.37 -101.54 -79.84
N ILE R 326 -8.18 -101.82 -78.82
CA ILE R 326 -8.44 -100.93 -77.71
C ILE R 326 -7.91 -101.61 -76.45
N VAL R 327 -7.04 -100.94 -75.70
CA VAL R 327 -6.60 -101.51 -74.42
C VAL R 327 -7.24 -100.73 -73.28
N VAL R 328 -8.01 -101.42 -72.43
CA VAL R 328 -8.66 -100.75 -71.31
C VAL R 328 -7.96 -100.99 -69.98
N GLN R 329 -7.75 -99.92 -69.23
CA GLN R 329 -7.23 -100.03 -67.86
C GLN R 329 -8.24 -99.52 -66.85
N ILE R 330 -8.46 -100.29 -65.79
CA ILE R 330 -9.42 -99.91 -64.76
C ILE R 330 -8.66 -99.47 -63.54
N ASP R 331 -8.87 -98.21 -63.16
CA ASP R 331 -8.10 -97.59 -62.07
C ASP R 331 -8.79 -97.68 -60.73
N GLU R 332 -10.08 -97.39 -60.69
CA GLU R 332 -10.82 -97.59 -59.46
C GLU R 332 -12.31 -97.55 -59.65
N ILE R 333 -13.03 -98.02 -58.63
CA ILE R 333 -14.46 -97.79 -58.51
C ILE R 333 -14.65 -96.55 -57.64
N VAL R 334 -15.05 -95.44 -58.27
CA VAL R 334 -15.22 -94.18 -57.55
C VAL R 334 -16.64 -94.09 -57.05
N ARG R 335 -16.84 -93.44 -55.91
CA ARG R 335 -18.17 -93.37 -55.32
C ARG R 335 -18.76 -94.77 -55.21
N PRO R 336 -18.03 -95.66 -54.52
CA PRO R 336 -18.35 -97.09 -54.54
C PRO R 336 -19.56 -97.44 -53.69
N ASP R 337 -20.40 -98.33 -54.20
CA ASP R 337 -21.48 -98.92 -53.43
C ASP R 337 -21.12 -100.37 -53.20
N LEU R 338 -20.44 -100.66 -52.10
CA LEU R 338 -19.98 -102.03 -51.87
C LEU R 338 -21.00 -102.90 -51.13
N SER R 339 -20.94 -104.19 -51.38
CA SER R 339 -21.70 -105.16 -50.60
C SER R 339 -20.99 -105.44 -49.29
N LEU R 340 -21.56 -106.33 -48.50
CA LEU R 340 -20.87 -106.83 -47.32
C LEU R 340 -19.57 -107.47 -47.77
N PRO R 341 -18.57 -107.48 -46.88
CA PRO R 341 -17.40 -108.31 -47.15
C PRO R 341 -17.89 -109.76 -47.30
N SER R 342 -17.24 -110.55 -48.15
CA SER R 342 -17.64 -111.93 -48.31
C SER R 342 -17.25 -112.76 -47.09
N PHE R 343 -16.14 -112.40 -46.44
CA PHE R 343 -15.75 -113.06 -45.19
C PHE R 343 -15.68 -112.12 -44.00
N GLU R 344 -15.95 -112.66 -42.82
CA GLU R 344 -15.87 -111.88 -41.60
C GLU R 344 -14.53 -112.17 -40.95
N ASP R 345 -14.24 -111.52 -39.83
CA ASP R 345 -13.00 -111.79 -39.12
C ASP R 345 -13.15 -113.09 -38.32
N ASP R 346 -13.05 -114.19 -39.04
CA ASP R 346 -13.40 -115.47 -38.49
C ASP R 346 -12.42 -116.51 -39.04
N TYR R 347 -12.61 -117.75 -38.60
CA TYR R 347 -11.84 -118.86 -39.12
C TYR R 347 -12.33 -119.19 -40.52
N PHE R 348 -11.51 -119.90 -41.26
CA PHE R 348 -11.92 -120.48 -42.54
C PHE R 348 -11.17 -121.79 -42.75
N VAL R 349 -11.64 -122.59 -43.67
CA VAL R 349 -11.06 -123.92 -43.85
C VAL R 349 -9.68 -123.91 -44.50
N TRP R 350 -8.73 -124.56 -43.84
CA TRP R 350 -7.42 -124.75 -44.44
C TRP R 350 -7.41 -126.11 -45.13
N VAL R 351 -7.70 -127.17 -44.39
CA VAL R 351 -7.64 -128.51 -44.96
C VAL R 351 -8.50 -129.53 -44.21
N ASP R 352 -9.09 -130.46 -44.96
CA ASP R 352 -9.73 -131.63 -44.36
C ASP R 352 -8.93 -132.90 -44.69
N PHE R 353 -8.65 -133.70 -43.67
CA PHE R 353 -8.08 -135.02 -43.90
C PHE R 353 -9.17 -136.07 -43.64
N SER R 354 -9.25 -137.06 -44.52
CA SER R 354 -10.27 -138.10 -44.39
C SER R 354 -9.81 -139.38 -45.04
N GLU R 355 -10.61 -140.43 -44.89
CA GLU R 355 -10.35 -141.71 -45.53
C GLU R 355 -8.93 -142.21 -45.21
N PHE R 356 -8.61 -142.31 -43.93
CA PHE R 356 -7.29 -142.77 -43.50
C PHE R 356 -7.13 -144.26 -43.76
N THR R 357 -5.99 -144.67 -44.30
CA THR R 357 -5.74 -146.08 -44.56
C THR R 357 -4.84 -146.76 -43.51
N LEU R 358 -4.03 -145.95 -42.83
CA LEU R 358 -3.17 -146.45 -41.76
C LEU R 358 -3.55 -145.82 -40.44
N ASP R 359 -3.42 -146.59 -39.35
CA ASP R 359 -3.68 -146.06 -38.02
C ASP R 359 -2.63 -145.03 -37.61
N LYS R 360 -1.38 -145.27 -37.99
CA LYS R 360 -0.32 -144.30 -37.74
C LYS R 360 -0.20 -143.32 -38.92
N GLU R 361 -0.49 -142.05 -38.67
CA GLU R 361 -0.38 -141.03 -39.69
C GLU R 361 0.31 -139.82 -39.09
N GLU R 362 1.25 -139.23 -39.83
CA GLU R 362 1.92 -138.02 -39.34
C GLU R 362 2.04 -136.96 -40.43
N ILE R 363 1.33 -135.85 -40.22
CA ILE R 363 1.24 -134.76 -41.18
C ILE R 363 2.22 -133.65 -40.79
N GLU R 364 3.31 -133.50 -41.56
CA GLU R 364 4.26 -132.42 -41.29
C GLU R 364 3.83 -131.07 -41.85
N ILE R 365 3.81 -130.06 -40.98
CA ILE R 365 3.42 -128.72 -41.38
C ILE R 365 4.64 -127.81 -41.38
N GLY R 366 5.39 -127.86 -40.29
CA GLY R 366 6.60 -127.09 -40.19
C GLY R 366 6.28 -125.65 -39.87
N SER R 367 6.69 -124.75 -40.75
CA SER R 367 6.40 -123.34 -40.57
C SER R 367 5.71 -122.76 -41.78
N ARG R 368 5.08 -123.61 -42.59
CA ARG R 368 4.49 -123.17 -43.86
C ARG R 368 2.96 -123.24 -43.85
N PHE R 369 2.34 -122.38 -44.64
CA PHE R 369 0.95 -122.55 -45.01
C PHE R 369 0.94 -122.97 -46.48
N PHE R 370 0.43 -124.15 -46.78
CA PHE R 370 0.60 -124.71 -48.13
C PHE R 370 -0.41 -125.81 -48.45
N ASP R 371 -0.30 -126.38 -49.65
CA ASP R 371 -1.15 -127.51 -50.05
C ASP R 371 -0.55 -128.86 -49.66
N PHE R 372 -1.33 -129.67 -48.95
CA PHE R 372 -0.87 -130.98 -48.51
C PHE R 372 -1.07 -132.04 -49.58
N THR R 373 -0.26 -133.10 -49.53
CA THR R 373 -0.49 -134.31 -50.33
C THR R 373 -0.25 -135.52 -49.47
N SER R 374 -1.00 -136.60 -49.74
CA SER R 374 -0.80 -137.84 -48.97
C SER R 374 -1.05 -139.04 -49.83
N ASN R 375 -0.27 -140.09 -49.59
CA ASN R 375 -0.46 -141.38 -50.25
C ASN R 375 -1.34 -142.29 -49.39
N THR R 376 -1.50 -141.91 -48.12
CA THR R 376 -2.14 -142.79 -47.17
C THR R 376 -3.51 -142.28 -46.73
N CYS R 377 -3.85 -141.06 -47.15
CA CYS R 377 -5.18 -140.51 -46.85
C CYS R 377 -5.62 -139.46 -47.86
N ARG R 378 -6.88 -139.05 -47.76
CA ARG R 378 -7.44 -138.07 -48.68
C ARG R 378 -7.30 -136.65 -48.17
N VAL R 379 -6.63 -135.81 -48.96
CA VAL R 379 -6.47 -134.42 -48.61
C VAL R 379 -7.46 -133.58 -49.41
N SER R 380 -8.22 -132.72 -48.73
CA SER R 380 -9.11 -131.80 -49.43
C SER R 380 -8.76 -130.38 -49.00
N MET R 381 -8.20 -129.61 -49.92
CA MET R 381 -7.73 -128.29 -49.55
C MET R 381 -8.86 -127.24 -49.64
N GLY R 382 -8.83 -126.24 -48.77
CA GLY R 382 -9.80 -125.16 -48.83
C GLY R 382 -9.42 -124.12 -49.85
N GLU R 383 -10.41 -123.51 -50.50
CA GLU R 383 -10.17 -122.40 -51.41
C GLU R 383 -10.85 -121.13 -50.88
N ASN R 384 -10.05 -120.11 -50.57
CA ASN R 384 -10.56 -118.84 -50.06
C ASN R 384 -9.59 -117.71 -50.35
N PRO R 385 -10.00 -116.46 -50.11
CA PRO R 385 -9.14 -115.33 -50.46
C PRO R 385 -7.78 -115.38 -49.78
N PHE R 386 -7.75 -115.83 -48.53
CA PHE R 386 -6.45 -115.88 -47.86
C PHE R 386 -5.44 -116.76 -48.60
N ALA R 387 -5.87 -117.96 -48.98
CA ALA R 387 -5.03 -118.90 -49.71
C ALA R 387 -4.60 -118.29 -51.04
N ALA R 388 -5.50 -117.58 -51.72
CA ALA R 388 -5.14 -116.88 -52.95
C ALA R 388 -4.10 -115.81 -52.70
N MET R 389 -4.26 -115.06 -51.62
CA MET R 389 -3.28 -114.03 -51.30
C MET R 389 -1.90 -114.62 -51.04
N ILE R 390 -1.86 -115.78 -50.40
CA ILE R 390 -0.61 -116.47 -50.18
C ILE R 390 0.04 -116.81 -51.52
N ALA R 391 -0.79 -117.17 -52.48
CA ALA R 391 -0.33 -117.61 -53.79
C ALA R 391 0.05 -116.46 -54.68
N CYS R 392 -0.50 -115.28 -54.38
CA CYS R 392 -0.31 -114.11 -55.23
C CYS R 392 0.72 -113.14 -54.70
N HIS R 393 1.56 -113.59 -53.77
CA HIS R 393 2.68 -112.79 -53.33
C HIS R 393 3.92 -113.63 -53.27
N GLY R 394 5.07 -112.98 -53.41
CA GLY R 394 6.36 -113.65 -53.40
C GLY R 394 6.71 -114.18 -52.03
N LEU R 395 6.45 -113.35 -51.01
CA LEU R 395 6.72 -113.70 -49.62
C LEU R 395 5.56 -113.33 -48.71
N HIS R 396 5.42 -114.04 -47.59
CA HIS R 396 4.40 -113.73 -46.60
C HIS R 396 4.93 -114.08 -45.22
N SER R 397 4.27 -113.58 -44.18
CA SER R 397 4.67 -113.87 -42.82
C SER R 397 3.56 -113.50 -41.85
N GLY R 398 3.40 -114.31 -40.82
CA GLY R 398 2.39 -114.03 -39.81
C GLY R 398 2.12 -115.18 -38.87
N VAL R 399 1.06 -115.06 -38.10
CA VAL R 399 0.67 -116.15 -37.21
C VAL R 399 -0.77 -116.58 -37.47
N LEU R 400 -0.97 -117.90 -37.53
CA LEU R 400 -2.29 -118.45 -37.74
C LEU R 400 -2.78 -119.12 -36.47
N ASP R 401 -3.98 -118.77 -36.03
CA ASP R 401 -4.62 -119.53 -34.98
C ASP R 401 -5.31 -120.70 -35.64
N LEU R 402 -5.09 -121.91 -35.12
CA LEU R 402 -5.74 -123.11 -35.66
C LEU R 402 -6.85 -123.68 -34.75
N LYS R 403 -7.94 -124.10 -35.37
CA LYS R 403 -8.93 -124.92 -34.68
C LYS R 403 -8.95 -126.27 -35.36
N LEU R 404 -8.79 -127.33 -34.58
CA LEU R 404 -8.90 -128.69 -35.12
C LEU R 404 -10.21 -129.29 -34.65
N GLN R 405 -10.97 -129.87 -35.57
CA GLN R 405 -12.20 -130.59 -35.23
C GLN R 405 -12.16 -131.96 -35.88
N TRP R 406 -12.74 -132.95 -35.20
CA TRP R 406 -12.82 -134.28 -35.79
C TRP R 406 -14.03 -135.08 -35.33
N SER R 407 -14.50 -135.97 -36.19
CA SER R 407 -15.59 -136.89 -35.83
C SER R 407 -15.09 -138.32 -35.89
N LEU R 408 -15.73 -139.21 -35.13
CA LEU R 408 -15.29 -140.60 -35.07
C LEU R 408 -15.86 -141.50 -36.17
N ASN R 409 -15.06 -142.48 -36.57
CA ASN R 409 -15.46 -143.49 -37.54
C ASN R 409 -15.94 -144.75 -36.86
N THR R 410 -15.31 -145.07 -35.73
CA THR R 410 -15.71 -146.20 -34.90
C THR R 410 -16.71 -145.79 -33.81
N GLU R 411 -17.20 -146.75 -33.04
CA GLU R 411 -18.08 -146.44 -31.90
C GLU R 411 -17.35 -145.66 -30.79
N PHE R 412 -18.01 -144.62 -30.27
CA PHE R 412 -17.40 -143.76 -29.26
C PHE R 412 -16.87 -144.54 -28.07
N GLY R 413 -17.62 -145.55 -27.65
CA GLY R 413 -17.23 -146.34 -26.50
C GLY R 413 -15.98 -147.17 -26.72
N LYS R 414 -15.60 -147.37 -27.98
CA LYS R 414 -14.44 -148.21 -28.31
C LYS R 414 -13.21 -147.35 -28.56
N SER R 415 -13.41 -146.04 -28.61
CA SER R 415 -12.36 -145.11 -29.02
C SER R 415 -11.17 -145.08 -28.07
N SER R 416 -9.99 -144.86 -28.65
CA SER R 416 -8.75 -144.66 -27.89
C SER R 416 -7.79 -143.78 -28.69
N GLY R 417 -6.69 -143.39 -28.07
CA GLY R 417 -5.69 -142.64 -28.81
C GLY R 417 -5.89 -141.14 -28.77
N SER R 418 -5.26 -140.44 -29.71
CA SER R 418 -5.13 -139.00 -29.63
C SER R 418 -4.85 -138.32 -30.98
N VAL R 419 -5.20 -137.03 -31.05
CA VAL R 419 -4.65 -136.12 -32.04
C VAL R 419 -3.56 -135.36 -31.30
N THR R 420 -2.31 -135.54 -31.70
CA THR R 420 -1.21 -134.90 -31.00
C THR R 420 -0.58 -133.84 -31.85
N ILE R 421 -0.34 -132.67 -31.27
CA ILE R 421 0.29 -131.57 -31.98
C ILE R 421 1.71 -131.46 -31.49
N THR R 422 2.65 -131.87 -32.32
CA THR R 422 4.04 -131.70 -31.99
C THR R 422 4.53 -130.30 -32.34
N LYS R 423 5.09 -129.60 -31.35
CA LYS R 423 5.63 -128.27 -31.60
C LYS R 423 7.12 -128.23 -31.22
N LEU R 424 7.97 -127.95 -32.20
CA LEU R 424 9.40 -127.92 -31.99
C LEU R 424 9.95 -126.59 -32.42
N VAL R 425 11.22 -126.38 -32.09
CA VAL R 425 12.01 -125.32 -32.72
C VAL R 425 13.21 -126.01 -33.31
N GLY R 426 13.32 -125.93 -34.63
CA GLY R 426 14.35 -126.65 -35.35
C GLY R 426 13.73 -127.60 -36.36
N ASP R 427 13.96 -128.88 -36.15
CA ASP R 427 13.41 -129.93 -36.98
C ASP R 427 13.21 -131.20 -36.15
N LYS R 428 12.62 -132.22 -36.76
CA LYS R 428 12.31 -133.43 -36.04
C LYS R 428 13.60 -134.02 -35.43
N ALA R 429 14.72 -133.86 -36.13
CA ALA R 429 15.97 -134.51 -35.73
C ALA R 429 16.75 -133.88 -34.57
N MET R 430 16.82 -132.55 -34.52
CA MET R 430 17.68 -131.85 -33.55
C MET R 430 16.97 -130.71 -32.82
N GLY R 431 15.64 -130.68 -32.91
CA GLY R 431 14.87 -129.58 -32.40
C GLY R 431 14.68 -129.51 -30.90
N LEU R 432 14.22 -128.34 -30.44
CA LEU R 432 13.88 -128.12 -29.05
C LEU R 432 12.37 -128.32 -28.89
N ASP R 433 11.94 -128.66 -27.67
CA ASP R 433 10.53 -128.96 -27.44
C ASP R 433 9.75 -127.77 -26.96
N GLY R 434 8.71 -127.42 -27.72
CA GLY R 434 7.84 -126.31 -27.37
C GLY R 434 6.52 -126.74 -26.77
N PRO R 435 5.46 -125.99 -27.05
CA PRO R 435 4.13 -126.28 -26.50
C PRO R 435 3.41 -127.38 -27.26
N SER R 436 4.05 -128.55 -27.34
CA SER R 436 3.44 -129.75 -27.90
C SER R 436 2.24 -130.08 -27.04
N HIS R 437 1.29 -130.81 -27.60
CA HIS R 437 -0.01 -130.85 -27.01
C HIS R 437 -0.71 -132.17 -27.40
N VAL R 438 -1.18 -132.91 -26.39
CA VAL R 438 -1.86 -134.17 -26.63
C VAL R 438 -3.35 -134.03 -26.40
N PHE R 439 -4.12 -134.14 -27.47
CA PHE R 439 -5.59 -134.13 -27.35
C PHE R 439 -6.10 -135.57 -27.40
N ALA R 440 -6.57 -136.09 -26.26
CA ALA R 440 -7.23 -137.39 -26.26
C ALA R 440 -8.32 -137.37 -27.34
N ILE R 441 -8.44 -138.44 -28.09
CA ILE R 441 -9.34 -138.44 -29.24
C ILE R 441 -10.79 -138.09 -28.86
N GLN R 442 -11.17 -138.40 -27.62
CA GLN R 442 -12.51 -138.10 -27.12
C GLN R 442 -12.83 -136.60 -26.94
N LYS R 443 -11.80 -135.75 -26.90
CA LYS R 443 -12.02 -134.29 -26.88
C LYS R 443 -12.74 -133.82 -28.14
N LEU R 444 -12.42 -134.45 -29.27
CA LEU R 444 -13.12 -134.20 -30.53
C LEU R 444 -12.83 -132.81 -31.11
N GLU R 445 -11.92 -132.07 -30.46
CA GLU R 445 -11.47 -130.77 -30.94
C GLU R 445 -10.28 -130.27 -30.14
N GLY R 446 -9.52 -129.36 -30.75
CA GLY R 446 -8.37 -128.77 -30.09
C GLY R 446 -7.91 -127.51 -30.79
N THR R 447 -7.07 -126.73 -30.12
CA THR R 447 -6.60 -125.47 -30.72
C THR R 447 -5.09 -125.34 -30.59
N THR R 448 -4.48 -124.60 -31.52
CA THR R 448 -3.06 -124.30 -31.43
C THR R 448 -2.71 -123.07 -32.28
N GLU R 449 -1.53 -122.49 -32.05
CA GLU R 449 -1.05 -121.43 -32.92
C GLU R 449 0.00 -122.01 -33.88
N LEU R 450 0.15 -121.41 -35.05
CA LEU R 450 1.21 -121.79 -36.00
C LEU R 450 1.95 -120.55 -36.50
N LEU R 451 3.26 -120.53 -36.29
CA LEU R 451 4.05 -119.45 -36.84
C LEU R 451 4.34 -119.75 -38.29
N VAL R 452 3.85 -118.88 -39.17
CA VAL R 452 4.17 -118.95 -40.59
C VAL R 452 5.29 -117.95 -40.88
N GLY R 453 6.52 -118.45 -40.90
CA GLY R 453 7.69 -117.61 -41.02
C GLY R 453 8.94 -118.35 -40.59
N ASN R 454 10.01 -117.61 -40.33
CA ASN R 454 11.30 -118.22 -40.00
C ASN R 454 12.29 -117.14 -39.58
N PHE R 455 13.51 -117.57 -39.21
CA PHE R 455 14.52 -116.62 -38.73
C PHE R 455 14.77 -115.44 -39.70
N ALA R 456 14.62 -115.67 -40.99
CA ALA R 456 14.84 -114.60 -41.97
C ALA R 456 13.72 -113.58 -42.01
N GLY R 457 12.50 -114.03 -41.72
CA GLY R 457 11.38 -113.13 -41.53
C GLY R 457 10.14 -113.39 -42.37
N ALA R 458 10.26 -114.20 -43.41
CA ALA R 458 9.15 -114.43 -44.34
C ALA R 458 9.33 -115.74 -45.09
N ASN R 459 8.22 -116.28 -45.61
CA ASN R 459 8.25 -117.53 -46.38
C ASN R 459 7.97 -117.23 -47.84
N PRO R 460 8.73 -117.87 -48.74
CA PRO R 460 8.37 -117.90 -50.16
C PRO R 460 7.21 -118.88 -50.35
N ASN R 461 6.58 -118.84 -51.52
CA ASN R 461 5.46 -119.75 -51.74
C ASN R 461 5.93 -121.03 -52.42
N THR R 462 7.06 -121.54 -51.93
CA THR R 462 7.64 -122.77 -52.44
C THR R 462 8.18 -123.54 -51.23
N ARG R 463 8.78 -124.70 -51.46
CA ARG R 463 9.48 -125.38 -50.40
C ARG R 463 10.82 -124.65 -50.21
N PHE R 464 11.25 -124.55 -48.96
CA PHE R 464 12.49 -123.86 -48.59
C PHE R 464 12.95 -124.50 -47.30
N SER R 465 14.21 -124.29 -46.93
CA SER R 465 14.70 -124.80 -45.66
C SER R 465 15.35 -123.69 -44.83
N LEU R 466 14.60 -123.09 -43.91
CA LEU R 466 15.13 -122.03 -43.06
C LEU R 466 14.73 -122.25 -41.60
N TYR R 467 15.70 -122.30 -40.71
CA TYR R 467 15.46 -122.55 -39.29
C TYR R 467 14.26 -121.78 -38.76
N SER R 468 13.32 -122.49 -38.16
CA SER R 468 12.14 -121.84 -37.60
C SER R 468 11.50 -122.77 -36.61
N ARG R 469 10.32 -122.39 -36.11
CA ARG R 469 9.50 -123.29 -35.32
C ARG R 469 8.96 -124.36 -36.28
N TRP R 470 8.56 -125.49 -35.73
CA TRP R 470 8.20 -126.64 -36.55
C TRP R 470 7.01 -127.35 -35.94
N MET R 471 5.98 -127.60 -36.77
CA MET R 471 4.76 -128.24 -36.27
C MET R 471 4.38 -129.51 -37.04
N ALA R 472 3.80 -130.47 -36.33
CA ALA R 472 3.30 -131.68 -36.97
C ALA R 472 2.05 -132.17 -36.27
N ILE R 473 1.14 -132.78 -37.02
CA ILE R 473 -0.04 -133.44 -36.44
C ILE R 473 0.20 -134.95 -36.46
N LYS R 474 0.08 -135.60 -35.31
CA LYS R 474 0.34 -137.03 -35.19
C LYS R 474 -0.91 -137.82 -34.79
N LEU R 475 -1.40 -138.66 -35.70
CA LEU R 475 -2.51 -139.54 -35.43
C LEU R 475 -2.00 -140.94 -35.06
N ASP R 476 -2.55 -141.56 -34.02
CA ASP R 476 -2.16 -142.94 -33.66
C ASP R 476 -3.30 -143.95 -33.88
N GLN R 477 -4.51 -143.41 -34.07
CA GLN R 477 -5.68 -144.22 -34.30
C GLN R 477 -6.47 -143.63 -35.44
N ALA R 478 -5.77 -143.28 -36.51
CA ALA R 478 -6.36 -142.48 -37.57
C ALA R 478 -7.57 -143.14 -38.23
N LYS R 479 -7.60 -144.47 -38.25
CA LYS R 479 -8.69 -145.19 -38.87
C LYS R 479 -10.00 -145.01 -38.09
N SER R 480 -9.87 -144.57 -36.83
CA SER R 480 -11.04 -144.27 -36.01
C SER R 480 -11.58 -142.86 -36.25
N ILE R 481 -10.97 -142.11 -37.17
CA ILE R 481 -11.40 -140.75 -37.45
C ILE R 481 -12.07 -140.67 -38.83
N LYS R 482 -13.30 -140.14 -38.86
CA LYS R 482 -13.98 -139.99 -40.14
C LYS R 482 -13.47 -138.77 -40.89
N VAL R 483 -13.20 -137.69 -40.15
CA VAL R 483 -12.62 -136.49 -40.74
C VAL R 483 -11.89 -135.66 -39.71
N LEU R 484 -10.74 -135.14 -40.12
CA LEU R 484 -9.99 -134.20 -39.29
C LEU R 484 -10.01 -132.90 -40.07
N ARG R 485 -10.68 -131.89 -39.51
CA ARG R 485 -10.72 -130.58 -40.16
C ARG R 485 -9.82 -129.56 -39.47
N VAL R 486 -9.03 -128.84 -40.26
CA VAL R 486 -8.20 -127.76 -39.74
C VAL R 486 -8.66 -126.40 -40.25
N LEU R 487 -9.17 -125.56 -39.35
CA LEU R 487 -9.51 -124.18 -39.67
C LEU R 487 -8.44 -123.24 -39.16
N CYS R 488 -8.24 -122.11 -39.85
CA CYS R 488 -7.28 -121.10 -39.40
C CYS R 488 -7.87 -119.71 -39.44
N LYS R 489 -7.29 -118.81 -38.65
CA LYS R 489 -7.73 -117.42 -38.55
C LYS R 489 -6.47 -116.58 -38.32
N PRO R 490 -6.05 -115.83 -39.34
CA PRO R 490 -4.80 -115.07 -39.27
C PRO R 490 -4.89 -113.99 -38.21
N ARG R 491 -3.88 -113.94 -37.36
CA ARG R 491 -3.75 -112.86 -36.38
C ARG R 491 -3.41 -111.57 -37.10
N PRO R 492 -3.90 -110.46 -36.56
CA PRO R 492 -3.75 -109.15 -37.18
C PRO R 492 -2.30 -108.91 -37.54
N GLY R 493 -2.08 -108.35 -38.72
CA GLY R 493 -0.73 -108.04 -39.16
C GLY R 493 -0.09 -109.14 -39.97
N PHE R 494 -0.89 -110.09 -40.46
CA PHE R 494 -0.37 -111.08 -41.37
C PHE R 494 0.03 -110.37 -42.67
N SER R 495 1.30 -110.50 -43.05
CA SER R 495 1.87 -109.65 -44.09
C SER R 495 2.26 -110.34 -45.39
N PHE R 496 2.04 -109.64 -46.49
CA PHE R 496 2.40 -110.15 -47.81
C PHE R 496 3.37 -109.18 -48.50
N TYR R 497 4.36 -109.73 -49.18
CA TYR R 497 5.36 -108.94 -49.88
C TYR R 497 5.41 -109.27 -51.37
N GLY R 498 5.41 -108.22 -52.20
CA GLY R 498 5.63 -108.38 -53.64
C GLY R 498 4.50 -109.04 -54.41
N ARG R 499 3.56 -108.24 -54.89
CA ARG R 499 2.41 -108.79 -55.61
C ARG R 499 2.85 -109.48 -56.90
N THR R 500 2.25 -110.63 -57.18
CA THR R 500 2.59 -111.43 -58.35
C THR R 500 1.38 -112.29 -58.74
N SER R 501 1.61 -113.37 -59.49
CA SER R 501 0.51 -114.23 -59.89
C SER R 501 0.89 -115.67 -59.74
N PHE R 502 -0.08 -116.55 -59.99
CA PHE R 502 0.10 -117.97 -59.76
C PHE R 502 -0.75 -118.80 -60.71
N PRO R 503 -0.13 -119.23 -61.83
CA PRO R 503 -0.82 -120.11 -62.79
C PRO R 503 -0.86 -121.56 -62.32
N VAL R 504 -2.04 -122.19 -62.40
CA VAL R 504 -2.19 -123.63 -62.18
C VAL R 504 -3.06 -124.27 -63.26
N GLY S 1 41.54 -106.45 3.44
CA GLY S 1 42.87 -106.99 3.71
C GLY S 1 43.10 -108.36 3.10
N LEU S 2 44.36 -108.82 3.09
CA LEU S 2 44.66 -110.15 2.59
C LEU S 2 43.90 -111.20 3.40
N ALA S 3 43.11 -112.02 2.70
CA ALA S 3 42.19 -112.91 3.37
C ALA S 3 42.63 -114.37 3.26
N GLY S 4 43.28 -114.69 2.15
CA GLY S 4 43.78 -116.04 1.93
C GLY S 4 44.75 -116.07 0.79
N ARG S 5 45.50 -117.16 0.65
CA ARG S 5 46.47 -117.24 -0.42
C ARG S 5 46.72 -118.67 -0.84
N GLY S 6 47.42 -118.83 -1.96
CA GLY S 6 47.73 -120.13 -2.51
C GLY S 6 48.80 -120.04 -3.58
N VAL S 7 49.26 -121.18 -4.06
CA VAL S 7 50.36 -121.19 -5.01
C VAL S 7 50.04 -122.09 -6.20
N ILE S 8 50.29 -121.58 -7.40
CA ILE S 8 50.14 -122.40 -8.60
C ILE S 8 51.54 -122.74 -9.14
N TYR S 9 51.76 -124.02 -9.45
CA TYR S 9 53.05 -124.47 -10.02
C TYR S 9 53.00 -124.56 -11.52
N ILE S 10 53.97 -123.88 -12.13
CA ILE S 10 54.15 -123.90 -13.57
C ILE S 10 55.35 -124.78 -13.97
N PRO S 11 55.12 -125.68 -14.92
CA PRO S 11 56.19 -126.45 -15.55
C PRO S 11 57.06 -125.57 -16.44
N LYS S 12 58.32 -125.97 -16.65
CA LYS S 12 59.20 -125.20 -17.53
C LYS S 12 58.73 -125.30 -18.99
N ASP S 13 58.06 -126.40 -19.33
CA ASP S 13 57.36 -126.47 -20.61
C ASP S 13 55.85 -126.47 -20.34
N CYS S 14 55.25 -125.29 -20.38
CA CYS S 14 53.82 -125.13 -20.17
C CYS S 14 53.15 -125.09 -21.53
N GLN S 15 52.63 -126.24 -21.97
CA GLN S 15 51.99 -126.35 -23.27
C GLN S 15 50.51 -125.92 -23.23
N ALA S 16 49.92 -125.69 -24.39
CA ALA S 16 48.49 -125.36 -24.41
C ALA S 16 47.75 -126.49 -23.73
N ASN S 17 46.70 -126.12 -23.03
CA ASN S 17 45.77 -127.07 -22.44
C ASN S 17 46.28 -127.78 -21.19
N ARG S 18 47.42 -127.35 -20.65
CA ARG S 18 47.91 -127.94 -19.40
C ARG S 18 47.05 -127.55 -18.20
N TYR S 19 46.64 -128.55 -17.44
CA TYR S 19 46.03 -128.29 -16.15
C TYR S 19 47.11 -127.95 -15.08
N LEU S 20 47.05 -126.74 -14.51
CA LEU S 20 48.08 -126.24 -13.60
C LEU S 20 47.73 -126.45 -12.13
N GLY S 21 46.44 -126.51 -11.83
CA GLY S 21 46.01 -126.78 -10.47
C GLY S 21 44.68 -126.14 -10.14
N THR S 22 44.12 -126.54 -9.00
CA THR S 22 42.88 -125.93 -8.52
C THR S 22 43.06 -125.42 -7.11
N LEU S 23 42.63 -124.19 -6.85
CA LEU S 23 42.65 -123.67 -5.49
C LEU S 23 41.24 -123.71 -4.97
N ASN S 24 41.08 -124.09 -3.71
CA ASN S 24 39.77 -124.11 -3.11
C ASN S 24 39.57 -122.82 -2.32
N ILE S 25 38.64 -121.97 -2.75
CA ILE S 25 38.53 -120.63 -2.18
C ILE S 25 38.35 -120.65 -0.69
N ARG S 26 37.57 -121.59 -0.17
CA ARG S 26 37.34 -121.56 1.26
C ARG S 26 38.55 -122.07 2.04
N ASP S 27 39.23 -123.06 1.48
CA ASP S 27 40.51 -123.52 2.04
C ASP S 27 41.64 -122.45 2.03
N MET S 28 41.71 -121.64 0.98
CA MET S 28 42.68 -120.53 0.96
C MET S 28 42.48 -119.63 2.18
N ILE S 29 41.23 -119.35 2.53
CA ILE S 29 40.93 -118.45 3.62
C ILE S 29 41.12 -119.14 4.97
N SER S 30 40.77 -120.41 5.05
CA SER S 30 40.87 -121.11 6.34
C SER S 30 42.27 -121.60 6.67
N ASP S 31 43.08 -121.91 5.66
CA ASP S 31 44.47 -122.35 5.89
C ASP S 31 45.31 -121.16 6.33
N PHE S 32 44.94 -119.99 5.84
CA PHE S 32 45.65 -118.76 6.13
C PHE S 32 45.34 -118.34 7.56
N LYS S 33 44.08 -118.06 7.86
CA LYS S 33 43.58 -118.13 9.23
C LYS S 33 44.19 -117.14 10.23
N GLY S 34 44.41 -115.87 9.86
CA GLY S 34 43.63 -115.12 8.90
C GLY S 34 42.85 -114.15 9.79
N VAL S 35 43.08 -112.84 9.73
CA VAL S 35 42.19 -111.90 10.43
C VAL S 35 40.79 -111.97 9.84
N GLN S 36 40.72 -112.10 8.53
CA GLN S 36 39.43 -112.22 7.84
C GLN S 36 38.74 -113.52 8.18
N TYR S 37 39.49 -114.63 8.21
CA TYR S 37 38.93 -115.93 8.59
C TYR S 37 38.27 -115.85 9.96
N GLU S 38 38.94 -115.21 10.90
CA GLU S 38 38.37 -115.10 12.23
C GLU S 38 37.14 -114.19 12.26
N LYS S 39 37.11 -113.16 11.44
CA LYS S 39 35.90 -112.32 11.36
C LYS S 39 34.74 -113.15 10.81
N TRP S 40 35.09 -114.11 9.96
CA TRP S 40 34.12 -114.96 9.29
C TRP S 40 33.41 -115.88 10.27
N ILE S 41 34.19 -116.56 11.13
CA ILE S 41 33.61 -117.39 12.17
C ILE S 41 32.53 -116.66 12.99
N THR S 42 32.72 -115.38 13.24
CA THR S 42 31.75 -114.62 14.02
C THR S 42 30.54 -114.24 13.21
N ALA S 43 30.76 -113.93 11.94
CA ALA S 43 29.68 -113.53 11.06
C ALA S 43 28.77 -114.73 10.80
N GLY S 44 29.37 -115.90 10.68
CA GLY S 44 28.65 -117.07 10.24
C GLY S 44 28.57 -117.12 8.72
N LEU S 45 27.80 -116.18 8.16
CA LEU S 45 27.61 -116.10 6.71
C LEU S 45 28.30 -114.87 6.12
N VAL S 46 29.00 -115.05 5.00
CA VAL S 46 29.60 -113.92 4.29
C VAL S 46 29.25 -113.94 2.80
N MET S 47 29.07 -112.76 2.21
CA MET S 47 28.81 -112.63 0.76
C MET S 47 29.87 -111.74 0.11
N PRO S 48 31.13 -112.13 0.19
CA PRO S 48 32.25 -111.23 -0.05
C PRO S 48 32.26 -110.59 -1.43
N THR S 49 32.94 -109.46 -1.53
CA THR S 49 33.44 -109.00 -2.80
C THR S 49 34.94 -109.22 -2.73
N PHE S 50 35.44 -110.18 -3.50
CA PHE S 50 36.87 -110.50 -3.52
C PHE S 50 37.61 -109.70 -4.57
N LYS S 51 38.84 -109.32 -4.24
CA LYS S 51 39.80 -108.90 -5.25
C LYS S 51 40.78 -110.05 -5.35
N ILE S 52 40.87 -110.66 -6.51
CA ILE S 52 41.81 -111.75 -6.70
C ILE S 52 43.02 -111.15 -7.38
N VAL S 53 44.19 -111.45 -6.85
CA VAL S 53 45.45 -110.97 -7.44
C VAL S 53 46.38 -112.14 -7.70
N ILE S 54 46.82 -112.27 -8.94
CA ILE S 54 47.76 -113.34 -9.28
C ILE S 54 49.12 -112.71 -9.52
N ARG S 55 50.08 -113.07 -8.68
CA ARG S 55 51.43 -112.52 -8.80
C ARG S 55 52.33 -113.42 -9.59
N LEU S 56 53.05 -112.78 -10.51
CA LEU S 56 53.34 -113.38 -11.79
C LEU S 56 54.36 -112.43 -12.39
N PRO S 57 55.57 -112.95 -12.71
CA PRO S 57 56.59 -112.06 -13.27
C PRO S 57 56.28 -111.74 -14.74
N ALA S 58 56.14 -110.46 -15.05
CA ALA S 58 55.81 -110.04 -16.40
C ALA S 58 56.91 -110.43 -17.38
N ASN S 59 56.52 -110.98 -18.53
CA ASN S 59 57.48 -111.37 -19.54
C ASN S 59 56.91 -111.36 -20.96
N ALA S 60 57.55 -110.60 -21.84
CA ALA S 60 57.04 -110.47 -23.19
C ALA S 60 57.62 -111.49 -24.16
N PHE S 61 58.44 -112.42 -23.65
CA PHE S 61 59.18 -113.32 -24.53
C PHE S 61 58.73 -114.79 -24.50
N THR S 62 57.52 -115.06 -24.02
CA THR S 62 57.06 -116.43 -23.89
C THR S 62 55.83 -116.73 -24.70
N GLY S 63 54.89 -115.78 -24.76
CA GLY S 63 53.64 -116.02 -25.47
C GLY S 63 52.59 -116.70 -24.62
N LEU S 64 52.94 -116.97 -23.36
CA LEU S 64 52.05 -117.66 -22.43
C LEU S 64 50.80 -116.88 -22.11
N THR S 65 49.66 -117.54 -22.22
CA THR S 65 48.39 -117.01 -21.75
C THR S 65 47.66 -118.07 -20.93
N TRP S 66 47.19 -117.71 -19.73
CA TRP S 66 46.53 -118.66 -18.84
C TRP S 66 45.09 -118.25 -18.67
N VAL S 67 44.26 -119.18 -18.18
CA VAL S 67 42.89 -118.85 -17.86
C VAL S 67 42.57 -119.22 -16.42
N MET S 68 42.10 -118.24 -15.66
CA MET S 68 41.54 -118.52 -14.34
C MET S 68 40.03 -118.69 -14.52
N SER S 69 39.52 -119.84 -14.11
CA SER S 69 38.10 -120.16 -14.25
C SER S 69 37.46 -120.24 -12.87
N PHE S 70 36.44 -119.42 -12.65
CA PHE S 70 35.71 -119.42 -11.38
C PHE S 70 34.59 -120.46 -11.44
N ASP S 71 34.79 -121.58 -10.76
CA ASP S 71 33.84 -122.66 -10.80
C ASP S 71 33.19 -122.82 -9.43
N ALA S 72 32.21 -121.98 -9.14
CA ALA S 72 31.66 -121.97 -7.78
C ALA S 72 30.89 -123.25 -7.43
N TYR S 73 30.47 -123.98 -8.46
CA TYR S 73 29.61 -125.12 -8.25
C TYR S 73 30.24 -126.42 -8.71
N ASN S 74 31.56 -126.37 -8.89
CA ASN S 74 32.35 -127.56 -9.12
C ASN S 74 31.88 -128.37 -10.31
N ARG S 75 31.65 -127.69 -11.43
CA ARG S 75 31.07 -128.33 -12.60
C ARG S 75 32.10 -128.81 -13.63
N ILE S 76 33.22 -128.12 -13.76
CA ILE S 76 34.23 -128.55 -14.75
C ILE S 76 35.44 -129.32 -14.19
N THR S 77 35.59 -129.35 -12.87
CA THR S 77 36.76 -130.00 -12.26
C THR S 77 37.12 -131.41 -12.77
N SER S 78 36.20 -132.37 -12.65
CA SER S 78 36.39 -133.75 -13.11
C SER S 78 37.00 -133.88 -14.52
N ARG S 79 36.78 -132.87 -15.36
CA ARG S 79 37.03 -133.03 -16.78
C ARG S 79 38.25 -132.24 -17.26
N ILE S 80 38.89 -131.51 -16.35
CA ILE S 80 40.08 -130.73 -16.73
C ILE S 80 41.37 -131.19 -16.08
N THR S 81 41.27 -132.09 -15.11
CA THR S 81 42.42 -132.44 -14.28
C THR S 81 43.49 -133.27 -15.01
N ALA S 82 43.13 -133.90 -16.13
CA ALA S 82 44.13 -134.56 -16.99
C ALA S 82 44.64 -133.60 -18.05
N SER S 83 43.73 -133.17 -18.91
CA SER S 83 43.98 -132.07 -19.81
C SER S 83 42.77 -131.15 -19.76
N ALA S 84 43.05 -129.86 -19.78
CA ALA S 84 42.01 -128.87 -19.74
C ALA S 84 41.68 -128.34 -21.14
N ASP S 85 40.59 -128.80 -21.75
CA ASP S 85 40.14 -128.26 -23.06
C ASP S 85 39.52 -126.86 -22.84
N PRO S 86 39.86 -125.90 -23.73
CA PRO S 86 39.32 -124.54 -23.57
C PRO S 86 37.79 -124.46 -23.57
N VAL S 87 37.09 -125.41 -24.21
CA VAL S 87 35.64 -125.42 -24.18
C VAL S 87 35.11 -125.55 -22.74
N TYR S 88 35.76 -126.37 -21.93
CA TYR S 88 35.42 -126.44 -20.51
C TYR S 88 35.82 -125.19 -19.73
N THR S 89 37.09 -124.78 -19.86
CA THR S 89 37.62 -123.70 -19.06
C THR S 89 36.97 -122.34 -19.33
N LEU S 90 36.44 -122.15 -20.53
CA LEU S 90 35.77 -120.90 -20.90
C LEU S 90 34.23 -120.94 -20.77
N SER S 91 33.71 -122.07 -20.29
CA SER S 91 32.27 -122.25 -20.16
C SER S 91 31.70 -121.71 -18.84
N VAL S 92 32.60 -121.32 -17.94
CA VAL S 92 32.21 -120.69 -16.68
C VAL S 92 32.86 -119.31 -16.61
N PRO S 93 32.42 -118.47 -15.65
CA PRO S 93 33.08 -117.16 -15.57
C PRO S 93 34.61 -117.30 -15.51
N HIS S 94 35.32 -116.48 -16.26
CA HIS S 94 36.76 -116.67 -16.41
C HIS S 94 37.47 -115.41 -16.84
N TRP S 95 38.80 -115.42 -16.71
CA TRP S 95 39.62 -114.26 -17.03
C TRP S 95 40.87 -114.69 -17.76
N LEU S 96 41.25 -113.94 -18.78
CA LEU S 96 42.49 -114.22 -19.48
C LEU S 96 43.65 -113.58 -18.75
N ILE S 97 44.71 -114.33 -18.54
CA ILE S 97 45.89 -113.82 -17.88
C ILE S 97 47.05 -113.84 -18.87
N HIS S 98 47.42 -112.66 -19.37
CA HIS S 98 48.51 -112.54 -20.34
C HIS S 98 49.83 -112.33 -19.64
N HIS S 99 50.82 -113.12 -20.05
CA HIS S 99 52.13 -113.11 -19.41
C HIS S 99 52.81 -111.78 -19.64
N LYS S 100 52.58 -111.16 -20.79
CA LYS S 100 53.19 -109.87 -21.05
C LYS S 100 52.75 -108.76 -20.07
N LEU S 101 51.58 -108.92 -19.44
CA LEU S 101 51.05 -107.88 -18.55
C LEU S 101 51.44 -108.06 -17.09
N GLY S 102 52.09 -109.16 -16.80
CA GLY S 102 52.50 -109.48 -15.45
C GLY S 102 51.37 -109.69 -14.45
N THR S 103 51.55 -109.14 -13.26
CA THR S 103 50.61 -109.35 -12.17
C THR S 103 49.18 -108.95 -12.58
N PHE S 104 48.23 -109.82 -12.25
CA PHE S 104 46.87 -109.72 -12.74
C PHE S 104 45.94 -109.52 -11.57
N SER S 105 44.85 -108.79 -11.81
CA SER S 105 43.86 -108.57 -10.77
C SER S 105 42.43 -108.50 -11.34
N CYS S 106 41.45 -108.96 -10.58
CA CYS S 106 40.03 -108.79 -10.97
C CYS S 106 39.13 -108.84 -9.76
N GLU S 107 37.87 -108.43 -9.93
CA GLU S 107 36.91 -108.49 -8.83
C GLU S 107 35.90 -109.58 -9.04
N ILE S 108 35.55 -110.24 -7.95
CA ILE S 108 34.52 -111.25 -7.99
C ILE S 108 33.47 -110.85 -6.97
N ASP S 109 32.32 -110.40 -7.43
CA ASP S 109 31.21 -110.15 -6.53
C ASP S 109 30.55 -111.49 -6.33
N TYR S 110 30.83 -112.11 -5.19
CA TYR S 110 30.36 -113.45 -4.91
C TYR S 110 28.84 -113.50 -4.91
N GLY S 111 28.20 -112.36 -4.63
CA GLY S 111 26.75 -112.26 -4.72
C GLY S 111 26.20 -112.54 -6.11
N GLU S 112 26.89 -112.05 -7.14
CA GLU S 112 26.49 -112.27 -8.53
C GLU S 112 27.04 -113.59 -9.10
N LEU S 113 28.35 -113.69 -9.19
CA LEU S 113 28.97 -114.87 -9.79
C LEU S 113 28.66 -116.19 -9.09
N CYS S 114 28.30 -116.11 -7.80
CA CYS S 114 27.98 -117.33 -7.09
C CYS S 114 26.51 -117.42 -6.66
N GLY S 115 26.03 -116.45 -5.88
CA GLY S 115 24.61 -116.39 -5.52
C GLY S 115 24.20 -116.84 -4.11
N HIS S 116 24.98 -117.71 -3.48
CA HIS S 116 24.70 -118.08 -2.11
C HIS S 116 25.83 -117.73 -1.15
N ALA S 117 25.49 -117.39 0.10
CA ALA S 117 26.48 -116.98 1.08
C ALA S 117 27.26 -118.16 1.69
N MET S 118 28.52 -117.91 2.01
CA MET S 118 29.41 -118.94 2.52
C MET S 118 29.33 -119.17 4.04
N TRP S 119 29.14 -120.42 4.42
CA TRP S 119 29.02 -120.79 5.82
C TRP S 119 30.40 -121.18 6.37
N PHE S 120 30.79 -120.54 7.46
CA PHE S 120 32.14 -120.70 7.99
C PHE S 120 32.57 -122.16 8.26
N LYS S 121 31.64 -123.00 8.70
CA LYS S 121 32.03 -124.33 9.20
C LYS S 121 32.07 -125.45 8.16
N SER S 122 31.37 -125.26 7.04
CA SER S 122 31.32 -126.32 6.04
C SER S 122 30.73 -125.83 4.74
N THR S 123 31.05 -126.54 3.68
CA THR S 123 30.47 -126.26 2.38
C THR S 123 28.94 -126.50 2.43
N THR S 124 28.16 -125.56 1.91
CA THR S 124 26.72 -125.72 1.85
C THR S 124 26.32 -126.60 0.66
N PHE S 125 26.50 -126.11 -0.56
CA PHE S 125 26.17 -126.91 -1.72
C PHE S 125 27.38 -127.63 -2.26
N GLU S 126 28.12 -126.95 -3.13
CA GLU S 126 29.41 -127.49 -3.48
C GLU S 126 30.48 -126.46 -3.13
N SER S 127 31.73 -126.94 -3.09
CA SER S 127 32.89 -126.15 -2.68
C SER S 127 33.49 -125.34 -3.83
N PRO S 128 33.45 -123.99 -3.72
CA PRO S 128 33.90 -123.07 -4.78
C PRO S 128 35.38 -123.19 -5.14
N ARG S 129 35.67 -123.37 -6.42
CA ARG S 129 37.06 -123.53 -6.88
C ARG S 129 37.54 -122.46 -7.86
N LEU S 130 38.85 -122.22 -7.85
CA LEU S 130 39.51 -121.49 -8.94
C LEU S 130 40.41 -122.44 -9.71
N HIS S 131 40.18 -122.58 -11.02
CA HIS S 131 41.02 -123.44 -11.84
C HIS S 131 42.01 -122.63 -12.65
N PHE S 132 43.24 -123.12 -12.72
CA PHE S 132 44.26 -122.45 -13.54
C PHE S 132 44.76 -123.37 -14.64
N THR S 133 44.57 -122.90 -15.87
CA THR S 133 44.89 -123.69 -17.04
C THR S 133 45.68 -122.83 -18.00
N CYS S 134 46.39 -123.47 -18.90
CA CYS S 134 47.14 -122.75 -19.91
C CYS S 134 46.38 -122.72 -21.23
N LEU S 135 46.07 -121.52 -21.72
CA LEU S 135 45.26 -121.37 -22.92
C LEU S 135 46.11 -121.43 -24.18
N THR S 136 47.19 -120.67 -24.15
CA THR S 136 48.19 -120.69 -25.23
C THR S 136 49.55 -120.96 -24.61
N GLY S 137 50.30 -121.88 -25.21
CA GLY S 137 51.58 -122.33 -24.65
C GLY S 137 52.75 -121.39 -24.91
N ASN S 138 53.85 -121.67 -24.24
CA ASN S 138 55.06 -120.90 -24.47
C ASN S 138 55.69 -121.29 -25.81
N ASN S 139 56.39 -120.36 -26.44
CA ASN S 139 56.91 -120.57 -27.78
C ASN S 139 58.03 -121.62 -27.79
N LYS S 140 58.72 -121.70 -26.66
CA LYS S 140 59.78 -122.67 -26.40
C LYS S 140 59.79 -122.78 -24.88
N GLU S 141 60.32 -123.88 -24.35
CA GLU S 141 60.28 -124.02 -22.89
C GLU S 141 61.11 -122.93 -22.24
N LEU S 142 60.78 -122.63 -20.99
CA LEU S 142 61.56 -121.68 -20.22
C LEU S 142 62.78 -122.36 -19.57
N ALA S 143 63.53 -121.60 -18.80
CA ALA S 143 64.75 -122.13 -18.24
C ALA S 143 64.50 -123.15 -17.13
N ALA S 144 63.45 -122.96 -16.35
CA ALA S 144 63.19 -123.85 -15.21
C ALA S 144 61.76 -123.78 -14.77
N ASP S 145 61.37 -124.72 -13.92
CA ASP S 145 60.05 -124.68 -13.29
C ASP S 145 59.93 -123.43 -12.42
N TRP S 146 58.73 -122.88 -12.30
CA TRP S 146 58.49 -121.71 -11.45
C TRP S 146 57.10 -121.74 -10.82
N GLN S 147 56.76 -120.69 -10.07
CA GLN S 147 55.45 -120.66 -9.47
C GLN S 147 54.84 -119.27 -9.52
N ALA S 148 53.51 -119.22 -9.37
CA ALA S 148 52.81 -117.95 -9.25
C ALA S 148 52.04 -117.98 -7.96
N VAL S 149 51.79 -116.82 -7.39
CA VAL S 149 51.03 -116.75 -6.13
C VAL S 149 49.65 -116.16 -6.35
N VAL S 150 48.63 -116.83 -5.80
CA VAL S 150 47.25 -116.34 -5.88
C VAL S 150 46.82 -115.77 -4.53
N GLU S 151 46.29 -114.55 -4.54
CA GLU S 151 45.87 -113.92 -3.29
C GLU S 151 44.42 -113.45 -3.31
N LEU S 152 43.70 -113.69 -2.21
CA LEU S 152 42.32 -113.21 -2.04
C LEU S 152 42.31 -112.04 -1.07
N TYR S 153 41.82 -110.90 -1.54
CA TYR S 153 41.65 -109.74 -0.66
C TYR S 153 40.17 -109.48 -0.49
N ALA S 154 39.75 -109.23 0.75
CA ALA S 154 38.34 -109.00 1.04
C ALA S 154 38.20 -108.39 2.42
N GLU S 155 37.13 -107.62 2.61
CA GLU S 155 36.75 -107.23 3.96
C GLU S 155 35.44 -107.93 4.31
N LEU S 156 35.55 -109.11 4.92
CA LEU S 156 34.38 -109.92 5.21
C LEU S 156 33.48 -109.29 6.26
N GLU S 157 32.21 -109.15 5.93
CA GLU S 157 31.22 -108.76 6.91
C GLU S 157 30.01 -109.70 6.87
N GLU S 158 29.26 -109.74 7.98
CA GLU S 158 28.16 -110.68 8.10
C GLU S 158 27.12 -110.47 7.01
N ALA S 159 26.72 -111.57 6.39
CA ALA S 159 25.72 -111.55 5.35
C ALA S 159 24.30 -111.48 5.93
N THR S 160 23.49 -110.61 5.35
CA THR S 160 22.15 -110.38 5.84
C THR S 160 21.16 -111.44 5.32
N SER S 161 21.39 -111.95 4.11
CA SER S 161 20.50 -112.91 3.47
C SER S 161 21.26 -114.12 2.96
N PHE S 162 20.56 -115.23 2.74
CA PHE S 162 21.24 -116.43 2.22
C PHE S 162 21.53 -116.28 0.76
N LEU S 163 20.57 -115.70 0.05
CA LEU S 163 20.64 -115.60 -1.39
C LEU S 163 21.14 -114.24 -1.87
N GLY S 164 21.90 -114.25 -2.97
CA GLY S 164 22.32 -113.03 -3.64
C GLY S 164 21.19 -112.39 -4.42
N LYS S 165 21.54 -111.57 -5.41
CA LYS S 165 20.55 -111.06 -6.35
C LYS S 165 20.68 -111.98 -7.55
N PRO S 166 19.55 -112.31 -8.20
CA PRO S 166 19.56 -113.28 -9.30
C PRO S 166 20.27 -112.73 -10.53
N THR S 167 21.26 -113.48 -11.02
CA THR S 167 21.95 -113.19 -12.27
C THR S 167 20.96 -113.08 -13.45
N LEU S 168 19.91 -113.90 -13.43
CA LEU S 168 19.01 -113.99 -14.58
C LEU S 168 17.58 -114.29 -14.17
N VAL S 169 16.61 -113.65 -14.81
CA VAL S 169 15.22 -113.98 -14.57
C VAL S 169 14.57 -114.43 -15.86
N PHE S 170 13.89 -115.58 -15.81
CA PHE S 170 13.40 -116.20 -17.02
C PHE S 170 12.38 -115.37 -17.75
N ASP S 171 12.66 -115.18 -19.05
CA ASP S 171 11.83 -114.40 -19.99
C ASP S 171 12.21 -114.79 -21.41
N PRO S 172 11.28 -115.42 -22.13
CA PRO S 172 11.45 -115.99 -23.47
C PRO S 172 11.77 -114.89 -24.45
N GLY S 173 11.09 -113.75 -24.28
CA GLY S 173 11.16 -112.64 -25.22
C GLY S 173 12.30 -111.69 -24.94
N VAL S 174 13.27 -112.12 -24.14
CA VAL S 174 14.37 -111.23 -23.76
C VAL S 174 15.74 -111.91 -23.76
N PHE S 175 16.40 -111.60 -24.87
CA PHE S 175 17.81 -111.77 -25.13
C PHE S 175 18.25 -110.44 -25.76
N ASN S 176 18.90 -109.60 -24.96
CA ASN S 176 19.34 -108.28 -25.40
C ASN S 176 20.22 -108.31 -26.65
N GLY S 177 21.29 -109.09 -26.60
CA GLY S 177 22.29 -109.08 -27.65
C GLY S 177 23.66 -108.75 -27.07
N LYS S 178 23.70 -108.44 -25.76
CA LYS S 178 24.95 -108.26 -25.03
C LYS S 178 25.38 -109.59 -24.39
N PHE S 179 26.67 -109.86 -24.36
CA PHE S 179 27.19 -111.09 -23.75
C PHE S 179 28.17 -110.79 -22.63
N GLN S 180 28.30 -111.72 -21.68
CA GLN S 180 29.48 -111.73 -20.81
C GLN S 180 30.16 -113.09 -20.88
N PHE S 181 31.48 -113.09 -20.71
CA PHE S 181 32.24 -114.33 -20.68
C PHE S 181 32.06 -115.21 -21.90
N LEU S 182 31.94 -114.58 -23.07
CA LEU S 182 31.92 -115.32 -24.33
C LEU S 182 33.28 -115.23 -24.99
N THR S 183 34.09 -116.26 -24.79
CA THR S 183 35.45 -116.32 -25.31
C THR S 183 35.57 -117.55 -26.21
N CYS S 184 36.06 -117.33 -27.43
CA CYS S 184 36.23 -118.43 -28.37
C CYS S 184 37.55 -119.11 -28.07
N PRO S 185 37.58 -120.45 -28.16
CA PRO S 185 38.87 -121.15 -28.09
C PRO S 185 39.87 -120.58 -29.09
N PRO S 186 41.16 -120.69 -28.78
CA PRO S 186 42.23 -120.08 -29.58
C PRO S 186 42.24 -120.58 -31.02
N ILE S 187 42.48 -119.66 -31.94
CA ILE S 187 42.66 -119.93 -33.35
C ILE S 187 44.17 -119.87 -33.64
N PHE S 188 44.70 -120.79 -34.44
CA PHE S 188 46.15 -120.82 -34.64
C PHE S 188 46.60 -120.60 -36.09
N PHE S 189 47.67 -119.85 -36.28
CA PHE S 189 48.26 -119.64 -37.63
C PHE S 189 49.67 -120.20 -37.70
N ASP S 190 49.93 -120.99 -38.76
CA ASP S 190 51.26 -121.55 -38.96
C ASP S 190 52.14 -120.51 -39.61
N LEU S 191 53.43 -120.50 -39.26
CA LEU S 191 54.31 -119.52 -39.88
C LEU S 191 54.94 -120.07 -41.14
N THR S 192 54.61 -121.33 -41.44
CA THR S 192 55.06 -121.98 -42.67
C THR S 192 54.08 -121.76 -43.79
N ALA S 193 53.23 -120.75 -43.61
CA ALA S 193 52.20 -120.43 -44.58
C ALA S 193 52.19 -118.95 -44.90
N VAL S 194 52.34 -118.62 -46.18
CA VAL S 194 52.37 -117.22 -46.60
C VAL S 194 51.04 -116.47 -46.40
N THR S 195 49.91 -117.16 -46.57
CA THR S 195 48.61 -116.63 -46.16
C THR S 195 47.80 -117.77 -45.57
N ALA S 196 46.68 -117.45 -44.94
CA ALA S 196 45.84 -118.49 -44.37
C ALA S 196 44.48 -117.97 -43.95
N LEU S 197 43.53 -118.89 -43.83
CA LEU S 197 42.20 -118.53 -43.36
C LEU S 197 41.83 -119.33 -42.14
N ARG S 198 41.19 -118.68 -41.17
CA ARG S 198 40.59 -119.39 -40.07
C ARG S 198 39.19 -118.86 -39.86
N SER S 199 38.22 -119.77 -39.91
CA SER S 199 36.81 -119.41 -39.70
C SER S 199 36.39 -119.59 -38.25
N ALA S 200 35.56 -118.65 -37.80
CA ALA S 200 34.83 -118.82 -36.55
C ALA S 200 33.34 -118.81 -36.89
N GLY S 201 32.62 -119.86 -36.51
CA GLY S 201 31.20 -119.89 -36.79
C GLY S 201 30.43 -118.85 -35.99
N LEU S 202 29.38 -118.30 -36.58
CA LEU S 202 28.57 -117.31 -35.87
C LEU S 202 27.20 -117.86 -35.49
N THR S 203 27.05 -119.17 -35.59
CA THR S 203 25.82 -119.85 -35.18
C THR S 203 25.89 -120.14 -33.67
N LEU S 204 25.75 -119.07 -32.89
CA LEU S 204 26.11 -119.05 -31.48
C LEU S 204 25.21 -119.87 -30.56
N GLY S 205 24.07 -120.32 -31.06
CA GLY S 205 23.19 -121.13 -30.25
C GLY S 205 23.59 -122.59 -30.20
N GLN S 206 24.53 -122.96 -31.08
CA GLN S 206 25.03 -124.33 -31.17
C GLN S 206 25.72 -124.69 -29.85
N VAL S 207 25.45 -125.89 -29.34
CA VAL S 207 26.11 -126.30 -28.10
C VAL S 207 27.51 -126.87 -28.40
N PRO S 208 28.52 -126.34 -27.72
CA PRO S 208 29.94 -126.69 -27.96
C PRO S 208 30.20 -128.09 -27.53
N MET S 209 31.19 -128.75 -28.13
CA MET S 209 31.50 -130.14 -27.77
C MET S 209 32.99 -130.43 -27.54
N VAL S 210 33.24 -131.43 -26.71
CA VAL S 210 34.58 -131.91 -26.49
C VAL S 210 34.49 -133.41 -26.63
N GLY S 211 34.88 -133.90 -27.80
CA GLY S 211 34.62 -135.29 -28.13
C GLY S 211 33.13 -135.52 -28.24
N THR S 212 32.64 -136.49 -27.48
CA THR S 212 31.22 -136.82 -27.50
C THR S 212 30.47 -136.08 -26.39
N THR S 213 31.20 -135.30 -25.61
CA THR S 213 30.60 -134.55 -24.50
C THR S 213 30.02 -133.19 -24.90
N LYS S 214 28.73 -132.99 -24.65
CA LYS S 214 28.11 -131.70 -24.85
C LYS S 214 28.40 -130.80 -23.64
N VAL S 215 28.83 -129.56 -23.88
CA VAL S 215 29.03 -128.63 -22.79
C VAL S 215 28.01 -127.50 -22.84
N TYR S 216 26.86 -127.71 -22.23
CA TYR S 216 25.84 -126.68 -22.15
C TYR S 216 26.38 -125.47 -21.40
N ASN S 217 26.10 -124.28 -21.92
CA ASN S 217 26.53 -123.05 -21.24
C ASN S 217 25.52 -121.93 -21.44
N LEU S 218 25.59 -120.92 -20.58
CA LEU S 218 24.58 -119.87 -20.60
C LEU S 218 24.54 -119.07 -21.91
N ASN S 219 25.70 -118.76 -22.48
CA ASN S 219 25.71 -117.97 -23.71
C ASN S 219 25.00 -118.62 -24.89
N SER S 220 25.33 -119.89 -25.18
CA SER S 220 24.64 -120.58 -26.27
C SER S 220 23.17 -120.75 -25.94
N THR S 221 22.89 -121.00 -24.67
CA THR S 221 21.50 -121.09 -24.23
C THR S 221 20.73 -119.79 -24.47
N LEU S 222 21.35 -118.64 -24.16
CA LEU S 222 20.73 -117.35 -24.44
C LEU S 222 20.44 -117.17 -25.94
N VAL S 223 21.45 -117.39 -26.77
CA VAL S 223 21.26 -117.25 -28.21
C VAL S 223 20.12 -118.16 -28.74
N SER S 224 19.96 -119.35 -28.17
CA SER S 224 18.91 -120.26 -28.59
C SER S 224 17.48 -119.72 -28.34
N CYS S 225 17.37 -118.67 -27.53
CA CYS S 225 16.09 -118.06 -27.19
C CYS S 225 15.56 -117.19 -28.31
N VAL S 226 16.34 -117.13 -29.38
CA VAL S 226 16.02 -116.34 -30.55
C VAL S 226 16.06 -117.26 -31.80
N LEU S 227 15.43 -116.86 -32.90
CA LEU S 227 15.47 -117.70 -34.10
C LEU S 227 16.73 -117.43 -34.92
N GLY S 228 17.24 -116.20 -34.81
CA GLY S 228 18.44 -115.80 -35.51
C GLY S 228 18.76 -114.35 -35.22
N MET S 229 19.88 -113.88 -35.77
CA MET S 229 20.38 -112.56 -35.44
C MET S 229 21.20 -111.98 -36.58
N GLY S 230 21.09 -110.67 -36.75
CA GLY S 230 21.93 -109.94 -37.68
C GLY S 230 22.45 -108.71 -36.96
N GLY S 231 23.35 -107.99 -37.60
CA GLY S 231 23.89 -106.81 -36.95
C GLY S 231 25.39 -106.82 -36.98
N THR S 232 26.00 -106.10 -36.05
CA THR S 232 27.46 -106.01 -36.02
C THR S 232 28.04 -106.69 -34.80
N VAL S 233 29.04 -107.54 -35.03
CA VAL S 233 29.74 -108.23 -33.95
C VAL S 233 30.81 -107.31 -33.37
N ARG S 234 30.66 -106.91 -32.10
CA ARG S 234 31.67 -106.11 -31.41
C ARG S 234 32.46 -107.02 -30.50
N GLY S 235 33.77 -107.04 -30.67
CA GLY S 235 34.59 -107.91 -29.86
C GLY S 235 36.00 -107.41 -29.64
N ARG S 236 36.81 -108.26 -29.02
CA ARG S 236 38.23 -107.97 -28.83
C ARG S 236 39.07 -109.12 -29.35
N VAL S 237 40.23 -108.79 -29.92
CA VAL S 237 41.16 -109.79 -30.41
C VAL S 237 42.43 -109.69 -29.59
N HIS S 238 42.89 -110.83 -29.11
CA HIS S 238 44.18 -110.87 -28.44
C HIS S 238 45.21 -111.68 -29.23
N ILE S 239 46.36 -111.07 -29.49
CA ILE S 239 47.44 -111.77 -30.15
C ILE S 239 48.39 -112.33 -29.11
N CYS S 240 48.39 -113.65 -28.97
CA CYS S 240 49.03 -114.31 -27.82
C CYS S 240 50.36 -114.95 -28.17
N ALA S 241 51.33 -114.11 -28.49
CA ALA S 241 52.65 -114.58 -28.88
C ALA S 241 53.70 -113.62 -28.35
N PRO S 242 54.97 -114.04 -28.37
CA PRO S 242 56.11 -113.20 -27.98
C PRO S 242 56.21 -111.91 -28.82
N ILE S 243 56.82 -110.82 -28.29
CA ILE S 243 56.96 -109.54 -29.04
C ILE S 243 57.62 -109.72 -30.39
N PHE S 244 58.41 -110.80 -30.53
CA PHE S 244 59.14 -111.01 -31.77
C PHE S 244 58.33 -111.80 -32.82
N TYR S 245 57.10 -112.18 -32.47
CA TYR S 245 56.12 -112.67 -33.43
C TYR S 245 55.22 -111.52 -33.84
N SER S 246 54.75 -111.52 -35.08
CA SER S 246 53.83 -110.48 -35.53
C SER S 246 53.03 -110.91 -36.76
N ILE S 247 51.87 -110.30 -36.92
CA ILE S 247 50.95 -110.73 -37.96
C ILE S 247 50.06 -109.58 -38.35
N VAL S 248 49.49 -109.66 -39.56
CA VAL S 248 48.45 -108.72 -39.99
C VAL S 248 47.27 -109.49 -40.51
N LEU S 249 46.08 -109.21 -39.96
CA LEU S 249 44.87 -109.93 -40.31
C LEU S 249 43.86 -109.04 -40.99
N TRP S 250 43.18 -109.60 -41.99
CA TRP S 250 41.95 -109.02 -42.54
C TRP S 250 40.80 -109.80 -41.93
N VAL S 251 39.95 -109.13 -41.17
CA VAL S 251 38.83 -109.80 -40.52
C VAL S 251 37.52 -109.39 -41.13
N VAL S 252 36.78 -110.35 -41.66
CA VAL S 252 35.57 -110.04 -42.41
C VAL S 252 34.54 -111.16 -42.27
N SER S 253 33.26 -110.83 -42.52
CA SER S 253 32.20 -111.83 -42.47
C SER S 253 31.81 -112.35 -43.86
N GLU S 254 31.59 -113.66 -43.97
CA GLU S 254 31.19 -114.25 -45.24
C GLU S 254 30.07 -115.26 -45.07
N TRP S 255 29.31 -115.47 -46.14
CA TRP S 255 28.17 -116.38 -46.07
C TRP S 255 28.39 -117.61 -46.94
N ASN S 256 28.13 -118.78 -46.33
CA ASN S 256 28.18 -120.07 -47.02
C ASN S 256 29.42 -120.26 -47.87
N GLY S 257 30.53 -120.55 -47.22
CA GLY S 257 31.80 -120.66 -47.92
C GLY S 257 32.53 -119.35 -47.94
N THR S 258 33.63 -119.31 -48.70
CA THR S 258 34.43 -118.11 -48.78
C THR S 258 34.75 -117.89 -50.24
N THR S 259 35.00 -116.64 -50.60
CA THR S 259 35.41 -116.34 -51.96
C THR S 259 36.84 -116.81 -52.17
N MET S 260 37.16 -117.15 -53.41
CA MET S 260 38.47 -117.63 -53.74
C MET S 260 39.29 -116.53 -54.39
N ASP S 261 38.63 -115.40 -54.65
CA ASP S 261 39.20 -114.26 -55.37
C ASP S 261 39.64 -113.17 -54.40
N TRP S 262 40.94 -112.98 -54.27
CA TRP S 262 41.49 -111.99 -53.33
C TRP S 262 40.95 -110.58 -53.57
N ASN S 263 40.62 -110.24 -54.81
CA ASN S 263 40.13 -108.90 -55.09
C ASN S 263 38.70 -108.73 -54.61
N GLU S 264 37.87 -109.77 -54.76
CA GLU S 264 36.52 -109.71 -54.22
C GLU S 264 36.56 -109.61 -52.69
N LEU S 265 37.46 -110.38 -52.08
CA LEU S 265 37.62 -110.39 -50.64
C LEU S 265 37.77 -109.00 -50.06
N PHE S 266 38.52 -108.14 -50.75
CA PHE S 266 38.81 -106.81 -50.24
C PHE S 266 37.79 -105.77 -50.68
N LYS S 267 36.74 -106.21 -51.34
CA LYS S 267 35.66 -105.32 -51.64
C LYS S 267 34.61 -105.48 -50.54
N TYR S 268 34.78 -106.48 -49.68
CA TYR S 268 33.90 -106.66 -48.53
C TYR S 268 34.22 -105.66 -47.42
N PRO S 269 33.26 -105.42 -46.51
CA PRO S 269 33.48 -104.54 -45.36
C PRO S 269 34.11 -105.25 -44.16
N GLY S 270 35.45 -105.30 -44.17
CA GLY S 270 36.21 -105.89 -43.08
C GLY S 270 37.06 -104.87 -42.35
N VAL S 271 37.88 -105.37 -41.42
CA VAL S 271 38.79 -104.52 -40.67
C VAL S 271 40.15 -105.16 -40.57
N TYR S 272 41.19 -104.35 -40.44
CA TYR S 272 42.55 -104.88 -40.26
C TYR S 272 42.89 -105.00 -38.78
N VAL S 273 43.56 -106.07 -38.40
CA VAL S 273 44.01 -106.25 -37.02
C VAL S 273 45.51 -106.54 -37.02
N GLU S 274 46.29 -105.66 -36.41
CA GLU S 274 47.76 -105.80 -36.37
C GLU S 274 48.20 -106.15 -34.97
N GLU S 275 47.30 -105.92 -34.00
CA GLU S 275 47.64 -106.00 -32.59
C GLU S 275 46.42 -106.12 -31.69
N ASP S 276 46.63 -106.49 -30.43
CA ASP S 276 45.58 -106.51 -29.41
C ASP S 276 44.65 -105.30 -29.63
N GLY S 277 43.35 -105.52 -29.57
CA GLY S 277 42.41 -104.43 -29.75
C GLY S 277 40.99 -104.90 -29.94
N SER S 278 40.05 -103.95 -30.03
CA SER S 278 38.66 -104.28 -30.30
C SER S 278 38.39 -104.22 -31.81
N PHE S 279 37.24 -104.75 -32.23
CA PHE S 279 36.87 -104.77 -33.64
C PHE S 279 35.35 -104.79 -33.75
N GLU S 280 34.83 -104.27 -34.86
CA GLU S 280 33.42 -104.41 -35.20
C GLU S 280 33.31 -104.92 -36.63
N VAL S 281 32.62 -106.04 -36.82
CA VAL S 281 32.40 -106.55 -38.17
C VAL S 281 30.92 -106.83 -38.38
N LYS S 282 30.40 -106.39 -39.52
CA LYS S 282 29.00 -106.61 -39.87
C LYS S 282 28.78 -108.08 -40.21
N ILE S 283 27.73 -108.67 -39.63
CA ILE S 283 27.31 -110.02 -39.99
C ILE S 283 26.73 -110.01 -41.40
N ARG S 284 27.38 -110.73 -42.30
CA ARG S 284 27.03 -110.70 -43.71
C ARG S 284 26.15 -111.89 -44.08
N SER S 285 24.97 -111.63 -44.64
CA SER S 285 24.04 -112.70 -44.98
C SER S 285 22.98 -112.25 -45.97
N PRO S 286 22.54 -113.17 -46.84
CA PRO S 286 21.52 -112.92 -47.87
C PRO S 286 20.22 -112.50 -47.20
N TYR S 287 20.06 -112.87 -45.93
CA TYR S 287 18.84 -112.56 -45.17
C TYR S 287 19.12 -111.54 -44.09
N HIS S 288 20.36 -111.04 -44.07
CA HIS S 288 20.81 -110.01 -43.12
C HIS S 288 20.93 -110.57 -41.70
N ARG S 289 20.52 -111.82 -41.53
CA ARG S 289 20.61 -112.50 -40.23
C ARG S 289 21.17 -113.91 -40.49
N THR S 290 21.82 -114.49 -39.48
CA THR S 290 22.20 -115.89 -39.53
C THR S 290 21.37 -116.63 -38.48
N PRO S 291 20.96 -117.87 -38.78
CA PRO S 291 20.13 -118.64 -37.84
C PRO S 291 20.87 -118.97 -36.55
N ALA S 292 20.11 -119.06 -35.46
CA ALA S 292 20.64 -119.28 -34.13
C ALA S 292 21.20 -120.70 -33.93
N ARG S 293 20.54 -121.67 -34.53
CA ARG S 293 20.99 -123.07 -34.45
C ARG S 293 20.93 -123.75 -35.81
N LEU S 294 21.56 -124.93 -35.91
CA LEU S 294 21.60 -125.65 -37.18
C LEU S 294 20.48 -126.68 -37.29
N LEU S 295 20.05 -126.93 -38.53
CA LEU S 295 19.21 -128.08 -38.82
C LEU S 295 20.07 -129.27 -39.18
N ALA S 296 19.42 -130.44 -39.27
CA ALA S 296 20.15 -131.66 -39.54
C ALA S 296 20.91 -131.51 -40.84
N GLY S 297 22.18 -131.91 -40.82
CA GLY S 297 22.98 -131.96 -42.02
C GLY S 297 23.64 -130.65 -42.39
N GLN S 298 23.27 -129.58 -41.71
CA GLN S 298 23.90 -128.29 -41.96
C GLN S 298 25.18 -128.13 -41.18
N SER S 299 26.10 -127.40 -41.77
CA SER S 299 27.38 -127.11 -41.14
C SER S 299 27.37 -125.64 -40.75
N GLN S 300 28.25 -125.24 -39.83
CA GLN S 300 28.28 -123.85 -39.42
C GLN S 300 28.83 -122.90 -40.50
N ARG S 301 29.58 -123.46 -41.47
CA ARG S 301 30.10 -122.65 -42.56
C ARG S 301 29.08 -122.42 -43.65
N ASP S 302 27.96 -123.15 -43.58
CA ASP S 302 26.85 -122.93 -44.50
C ASP S 302 26.20 -121.57 -44.27
N MET S 303 26.39 -121.03 -43.08
CA MET S 303 25.77 -119.77 -42.72
C MET S 303 26.78 -118.62 -42.70
N SER S 304 26.56 -117.68 -41.79
CA SER S 304 27.45 -116.54 -41.61
C SER S 304 28.60 -116.88 -40.66
N SER S 305 29.82 -116.54 -41.08
CA SER S 305 30.99 -116.79 -40.24
C SER S 305 31.84 -115.52 -40.12
N LEU S 306 32.66 -115.48 -39.07
CA LEU S 306 33.64 -114.43 -38.86
C LEU S 306 35.00 -114.98 -39.31
N ASN S 307 35.51 -114.48 -40.42
CA ASN S 307 36.72 -115.03 -41.03
C ASN S 307 37.99 -114.25 -40.77
N PHE S 308 39.04 -114.96 -40.36
CA PHE S 308 40.31 -114.34 -40.07
C PHE S 308 41.34 -114.72 -41.12
N TYR S 309 41.63 -113.79 -42.02
CA TYR S 309 42.61 -113.99 -43.06
C TYR S 309 43.99 -113.41 -42.69
N ALA S 310 45.00 -114.26 -42.62
CA ALA S 310 46.35 -113.76 -42.44
C ALA S 310 46.84 -113.27 -43.79
N ILE S 311 47.04 -111.98 -43.91
CA ILE S 311 47.44 -111.41 -45.20
C ILE S 311 48.90 -110.98 -45.22
N ALA S 312 49.52 -110.89 -44.04
CA ALA S 312 50.97 -110.68 -43.95
C ALA S 312 51.53 -111.37 -42.71
N GLY S 313 52.29 -112.43 -42.91
CA GLY S 313 52.75 -113.22 -41.78
C GLY S 313 51.82 -114.38 -41.46
N PRO S 314 51.93 -114.93 -40.23
CA PRO S 314 52.81 -114.47 -39.16
C PRO S 314 54.29 -114.63 -39.50
N ILE S 315 55.14 -113.81 -38.91
CA ILE S 315 56.59 -113.95 -39.07
C ILE S 315 57.20 -114.07 -37.70
N ALA S 316 58.35 -114.74 -37.65
CA ALA S 316 59.13 -114.81 -36.43
C ALA S 316 60.57 -115.06 -36.81
N PRO S 317 61.51 -114.79 -35.90
CA PRO S 317 62.92 -115.04 -36.19
C PRO S 317 63.14 -116.54 -36.30
N SER S 318 64.20 -116.99 -36.95
CA SER S 318 64.47 -118.43 -36.94
C SER S 318 65.16 -118.69 -35.62
N GLY S 319 65.00 -119.89 -35.07
CA GLY S 319 64.15 -120.91 -35.64
C GLY S 319 63.06 -121.13 -34.61
N GLU S 320 62.02 -120.32 -34.75
CA GLU S 320 60.84 -120.47 -33.95
C GLU S 320 59.95 -121.46 -34.71
N THR S 321 59.11 -122.17 -33.99
CA THR S 321 58.29 -123.21 -34.62
C THR S 321 56.85 -123.12 -34.18
N ALA S 322 56.65 -122.55 -32.99
CA ALA S 322 55.31 -122.35 -32.43
C ALA S 322 54.35 -121.67 -33.40
N GLN S 323 53.07 -122.05 -33.35
CA GLN S 323 52.06 -121.33 -34.12
C GLN S 323 51.71 -120.03 -33.41
N LEU S 324 51.16 -119.06 -34.14
CA LEU S 324 50.75 -117.81 -33.52
C LEU S 324 49.27 -117.90 -33.22
N PRO S 325 48.89 -117.87 -31.94
CA PRO S 325 47.50 -117.97 -31.51
C PRO S 325 46.78 -116.61 -31.41
N ILE S 326 45.51 -116.61 -31.83
CA ILE S 326 44.61 -115.48 -31.73
C ILE S 326 43.46 -115.90 -30.82
N VAL S 327 43.21 -115.15 -29.76
CA VAL S 327 42.04 -115.41 -28.93
C VAL S 327 40.97 -114.35 -29.18
N VAL S 328 39.79 -114.78 -29.59
CA VAL S 328 38.72 -113.84 -29.87
C VAL S 328 37.66 -113.81 -28.78
N GLN S 329 37.28 -112.60 -28.35
CA GLN S 329 36.18 -112.44 -27.40
C GLN S 329 35.06 -111.67 -28.04
N ILE S 330 33.84 -112.17 -27.90
CA ILE S 330 32.67 -111.51 -28.47
C ILE S 330 31.90 -110.80 -27.36
N ASP S 331 31.75 -109.48 -27.49
CA ASP S 331 31.18 -108.67 -26.41
C ASP S 331 29.69 -108.43 -26.62
N GLU S 332 29.31 -108.06 -27.84
CA GLU S 332 27.91 -107.91 -28.13
C GLU S 332 27.60 -107.84 -29.61
N ILE S 333 26.32 -107.98 -29.93
CA ILE S 333 25.81 -107.67 -31.24
C ILE S 333 25.26 -106.24 -31.17
N VAL S 334 25.98 -105.29 -31.77
CA VAL S 334 25.56 -103.90 -31.74
C VAL S 334 24.66 -103.64 -32.93
N ARG S 335 23.72 -102.72 -32.76
CA ARG S 335 22.76 -102.41 -33.82
C ARG S 335 22.12 -103.71 -34.30
N PRO S 336 21.51 -104.46 -33.38
CA PRO S 336 21.10 -105.84 -33.64
C PRO S 336 19.85 -105.90 -34.49
N ASP S 337 19.84 -106.84 -35.42
CA ASP S 337 18.63 -107.16 -36.17
C ASP S 337 18.18 -108.55 -35.74
N LEU S 338 17.29 -108.60 -34.76
CA LEU S 338 16.92 -109.90 -34.19
C LEU S 338 15.71 -110.53 -34.88
N SER S 339 15.66 -111.85 -34.88
CA SER S 339 14.49 -112.57 -35.36
C SER S 339 13.45 -112.55 -34.26
N LEU S 340 12.31 -113.18 -34.52
CA LEU S 340 11.36 -113.47 -33.45
C LEU S 340 12.04 -114.29 -32.38
N PRO S 341 11.56 -114.15 -31.14
CA PRO S 341 11.97 -115.09 -30.10
C PRO S 341 11.61 -116.50 -30.58
N SER S 342 12.41 -117.50 -30.25
CA SER S 342 12.08 -118.87 -30.64
C SER S 342 10.90 -119.42 -29.84
N PHE S 343 10.75 -118.98 -28.59
CA PHE S 343 9.58 -119.37 -27.81
C PHE S 343 8.72 -118.17 -27.39
N GLU S 344 7.43 -118.41 -27.24
CA GLU S 344 6.54 -117.36 -26.77
C GLU S 344 6.32 -117.57 -25.27
N ASP S 345 5.53 -116.68 -24.65
CA ASP S 345 5.22 -116.86 -23.23
C ASP S 345 4.13 -117.94 -23.10
N ASP S 346 4.56 -119.18 -23.24
CA ASP S 346 3.65 -120.28 -23.34
C ASP S 346 4.20 -121.46 -22.57
N TYR S 347 3.44 -122.54 -22.56
CA TYR S 347 3.92 -123.78 -21.99
C TYR S 347 4.96 -124.41 -22.90
N PHE S 348 5.74 -125.31 -22.33
CA PHE S 348 6.63 -126.15 -23.12
C PHE S 348 6.74 -127.53 -22.45
N VAL S 349 7.26 -128.51 -23.20
CA VAL S 349 7.29 -129.87 -22.70
C VAL S 349 8.33 -130.10 -21.63
N TRP S 350 7.88 -130.59 -20.49
CA TRP S 350 8.79 -131.01 -19.43
C TRP S 350 9.13 -132.49 -19.61
N VAL S 351 8.11 -133.34 -19.62
CA VAL S 351 8.33 -134.78 -19.72
C VAL S 351 7.13 -135.55 -20.27
N ASP S 352 7.40 -136.62 -21.02
CA ASP S 352 6.36 -137.56 -21.45
C ASP S 352 6.62 -138.90 -20.78
N PHE S 353 5.59 -139.45 -20.14
CA PHE S 353 5.66 -140.82 -19.64
C PHE S 353 4.83 -141.71 -20.55
N SER S 354 5.39 -142.86 -20.92
CA SER S 354 4.70 -143.77 -21.83
C SER S 354 5.10 -145.20 -21.55
N GLU S 355 4.47 -146.14 -22.25
CA GLU S 355 4.86 -147.55 -22.18
C GLU S 355 4.91 -148.04 -20.73
N PHE S 356 3.80 -147.87 -20.00
CA PHE S 356 3.73 -148.30 -18.59
C PHE S 356 3.65 -149.81 -18.51
N THR S 357 4.39 -150.39 -17.57
CA THR S 357 4.39 -151.85 -17.39
C THR S 357 3.58 -152.30 -16.19
N LEU S 358 3.42 -151.40 -15.23
CA LEU S 358 2.60 -151.70 -14.06
C LEU S 358 1.41 -150.77 -14.02
N ASP S 359 0.27 -151.27 -13.53
CA ASP S 359 -0.91 -150.43 -13.35
C ASP S 359 -0.70 -149.39 -12.24
N LYS S 360 -0.03 -149.79 -11.15
CA LYS S 360 0.32 -148.86 -10.09
C LYS S 360 1.67 -148.19 -10.38
N GLU S 361 1.64 -146.89 -10.60
CA GLU S 361 2.86 -146.11 -10.87
C GLU S 361 2.83 -144.84 -10.03
N GLU S 362 3.96 -144.51 -9.42
CA GLU S 362 4.03 -143.26 -8.65
C GLU S 362 5.32 -142.48 -8.94
N ILE S 363 5.16 -141.33 -9.57
CA ILE S 363 6.26 -140.49 -9.95
C ILE S 363 6.45 -139.39 -8.92
N GLU S 364 7.54 -139.46 -8.16
CA GLU S 364 7.84 -138.40 -7.20
C GLU S 364 8.51 -137.19 -7.86
N ILE S 365 7.97 -136.02 -7.58
CA ILE S 365 8.51 -134.77 -8.09
C ILE S 365 9.16 -133.96 -6.95
N GLY S 366 8.42 -133.81 -5.87
CA GLY S 366 8.90 -133.10 -4.70
C GLY S 366 8.84 -131.60 -4.89
N SER S 367 10.00 -130.97 -4.84
CA SER S 367 10.06 -129.54 -5.11
C SER S 367 11.07 -129.23 -6.21
N ARG S 368 11.40 -130.22 -7.03
CA ARG S 368 12.46 -130.06 -8.03
C ARG S 368 11.96 -130.04 -9.46
N PHE S 369 12.69 -129.32 -10.32
CA PHE S 369 12.55 -129.49 -11.75
C PHE S 369 13.80 -130.21 -12.23
N PHE S 370 13.65 -131.40 -12.81
CA PHE S 370 14.80 -132.27 -13.05
C PHE S 370 14.51 -133.36 -14.08
N ASP S 371 15.51 -134.19 -14.37
CA ASP S 371 15.34 -135.34 -15.27
C ASP S 371 14.86 -136.61 -14.55
N PHE S 372 13.76 -137.18 -15.02
CA PHE S 372 13.18 -138.38 -14.42
C PHE S 372 13.83 -139.67 -14.93
N THR S 373 13.79 -140.71 -14.12
CA THR S 373 14.17 -142.04 -14.59
C THR S 373 13.17 -143.03 -14.05
N SER S 374 12.89 -144.09 -14.82
CA SER S 374 11.98 -145.14 -14.37
C SER S 374 12.42 -146.52 -14.87
N ASN S 375 12.21 -147.52 -14.03
CA ASN S 375 12.44 -148.91 -14.41
C ASN S 375 11.17 -149.54 -14.94
N THR S 376 10.05 -148.89 -14.66
CA THR S 376 8.75 -149.46 -14.94
C THR S 376 8.01 -148.78 -16.09
N CYS S 377 8.58 -147.68 -16.60
CA CYS S 377 8.01 -147.00 -17.75
C CYS S 377 9.04 -146.19 -18.52
N ARG S 378 8.64 -145.70 -19.69
CA ARG S 378 9.55 -144.94 -20.54
C ARG S 378 9.45 -143.44 -20.28
N VAL S 379 10.58 -142.85 -19.88
CA VAL S 379 10.66 -141.41 -19.67
C VAL S 379 11.27 -140.73 -20.88
N SER S 380 10.61 -139.69 -21.39
CA SER S 380 11.17 -138.89 -22.48
C SER S 380 11.23 -137.43 -22.05
N MET S 381 12.43 -136.92 -21.85
CA MET S 381 12.56 -135.58 -21.30
C MET S 381 12.52 -134.53 -22.41
N GLY S 382 11.96 -133.36 -22.12
CA GLY S 382 11.96 -132.27 -23.09
C GLY S 382 13.30 -131.54 -23.08
N GLU S 383 13.72 -131.04 -24.24
CA GLU S 383 14.89 -130.17 -24.33
C GLU S 383 14.48 -128.79 -24.84
N ASN S 384 14.66 -127.76 -24.01
CA ASN S 384 14.34 -126.38 -24.35
C ASN S 384 15.20 -125.40 -23.56
N PRO S 385 15.14 -124.11 -23.91
CA PRO S 385 16.00 -123.13 -23.23
C PRO S 385 15.79 -123.11 -21.73
N PHE S 386 14.55 -123.24 -21.28
CA PHE S 386 14.34 -123.22 -19.83
C PHE S 386 15.15 -124.32 -19.11
N ALA S 387 15.07 -125.55 -19.62
CA ALA S 387 15.81 -126.67 -19.04
C ALA S 387 17.32 -126.43 -19.07
N ALA S 388 17.81 -125.83 -20.15
CA ALA S 388 19.22 -125.44 -20.24
C ALA S 388 19.58 -124.39 -19.20
N MET S 389 18.74 -123.38 -19.04
CA MET S 389 18.98 -122.38 -17.99
C MET S 389 19.02 -122.99 -16.59
N ILE S 390 18.15 -123.96 -16.31
CA ILE S 390 18.20 -124.70 -15.06
C ILE S 390 19.58 -125.35 -14.85
N ALA S 391 20.10 -125.91 -15.93
CA ALA S 391 21.36 -126.65 -15.94
C ALA S 391 22.60 -125.75 -15.89
N CYS S 392 22.45 -124.51 -16.34
CA CYS S 392 23.58 -123.59 -16.45
C CYS S 392 23.61 -122.58 -15.32
N HIS S 393 22.92 -122.87 -14.23
CA HIS S 393 23.05 -122.05 -13.03
C HIS S 393 23.22 -122.92 -11.80
N GLY S 394 23.89 -122.38 -10.81
CA GLY S 394 24.10 -123.11 -9.57
C GLY S 394 22.82 -123.30 -8.78
N LEU S 395 22.02 -122.25 -8.72
CA LEU S 395 20.73 -122.29 -8.00
C LEU S 395 19.62 -121.66 -8.81
N HIS S 396 18.38 -122.08 -8.55
CA HIS S 396 17.21 -121.49 -9.20
C HIS S 396 16.03 -121.54 -8.24
N SER S 397 15.00 -120.75 -8.53
CA SER S 397 13.81 -120.75 -7.71
C SER S 397 12.65 -120.10 -8.45
N GLY S 398 11.45 -120.66 -8.32
CA GLY S 398 10.29 -120.05 -8.95
C GLY S 398 9.08 -120.94 -8.84
N VAL S 399 8.04 -120.57 -9.58
CA VAL S 399 6.85 -121.41 -9.62
C VAL S 399 6.52 -121.84 -11.04
N LEU S 400 6.22 -123.12 -11.22
CA LEU S 400 5.82 -123.64 -12.52
C LEU S 400 4.32 -123.94 -12.55
N ASP S 401 3.63 -123.44 -13.56
CA ASP S 401 2.28 -123.90 -13.82
C ASP S 401 2.35 -125.16 -14.69
N LEU S 402 1.66 -126.22 -14.29
CA LEU S 402 1.69 -127.46 -15.04
C LEU S 402 0.36 -127.72 -15.76
N LYS S 403 0.48 -128.25 -16.97
CA LYS S 403 -0.64 -128.81 -17.68
C LYS S 403 -0.34 -130.29 -17.89
N LEU S 404 -1.27 -131.15 -17.46
CA LEU S 404 -1.15 -132.58 -17.70
C LEU S 404 -2.15 -132.96 -18.78
N GLN S 405 -1.69 -133.74 -19.76
CA GLN S 405 -2.54 -134.29 -20.81
C GLN S 405 -2.28 -135.76 -20.99
N TRP S 406 -3.33 -136.53 -21.27
CA TRP S 406 -3.13 -137.95 -21.49
C TRP S 406 -4.14 -138.56 -22.46
N SER S 407 -3.71 -139.61 -23.16
CA SER S 407 -4.59 -140.32 -24.09
C SER S 407 -4.72 -141.75 -23.60
N LEU S 408 -5.82 -142.41 -23.95
CA LEU S 408 -6.06 -143.77 -23.45
C LEU S 408 -5.44 -144.85 -24.34
N ASN S 409 -5.05 -145.95 -23.69
CA ASN S 409 -4.54 -147.13 -24.37
C ASN S 409 -5.63 -148.18 -24.59
N THR S 410 -6.55 -148.27 -23.63
CA THR S 410 -7.70 -149.16 -23.70
C THR S 410 -8.93 -148.44 -24.27
N GLU S 411 -10.03 -149.15 -24.46
CA GLU S 411 -11.26 -148.53 -24.97
C GLU S 411 -11.83 -147.56 -23.92
N PHE S 412 -12.27 -146.40 -24.39
CA PHE S 412 -12.82 -145.36 -23.50
C PHE S 412 -13.92 -145.88 -22.57
N GLY S 413 -14.81 -146.70 -23.11
CA GLY S 413 -15.92 -147.24 -22.35
C GLY S 413 -15.53 -148.18 -21.25
N LYS S 414 -14.30 -148.72 -21.31
CA LYS S 414 -13.81 -149.65 -20.30
C LYS S 414 -12.98 -148.95 -19.22
N SER S 415 -12.69 -147.66 -19.44
CA SER S 415 -11.74 -146.93 -18.61
C SER S 415 -12.21 -146.74 -17.17
N SER S 416 -11.25 -146.75 -16.25
CA SER S 416 -11.52 -146.45 -14.84
C SER S 416 -10.26 -145.84 -14.20
N GLY S 417 -10.38 -145.38 -12.96
CA GLY S 417 -9.24 -144.86 -12.24
C GLY S 417 -8.97 -143.38 -12.51
N SER S 418 -7.73 -142.97 -12.25
CA SER S 418 -7.40 -141.55 -12.13
C SER S 418 -5.91 -141.24 -12.29
N VAL S 419 -5.66 -140.00 -12.71
CA VAL S 419 -4.36 -139.36 -12.53
C VAL S 419 -4.53 -138.52 -11.27
N THR S 420 -3.79 -138.87 -10.21
CA THR S 420 -3.91 -138.13 -8.95
C THR S 420 -2.65 -137.32 -8.67
N ILE S 421 -2.84 -136.06 -8.29
CA ILE S 421 -1.72 -135.20 -7.94
C ILE S 421 -1.69 -135.05 -6.43
N THR S 422 -0.73 -135.71 -5.80
CA THR S 422 -0.55 -135.54 -4.36
C THR S 422 0.25 -134.28 -4.07
N LYS S 423 -0.30 -133.40 -3.22
CA LYS S 423 0.39 -132.19 -2.81
C LYS S 423 0.55 -132.16 -1.29
N LEU S 424 1.79 -132.17 -0.83
CA LEU S 424 2.08 -132.17 0.60
C LEU S 424 2.97 -131.01 0.96
N VAL S 425 3.14 -130.81 2.26
CA VAL S 425 4.20 -129.97 2.76
C VAL S 425 4.98 -130.83 3.72
N GLY S 426 6.24 -131.07 3.41
CA GLY S 426 7.07 -131.98 4.18
C GLY S 426 7.54 -133.11 3.29
N ASP S 427 7.15 -134.33 3.64
CA ASP S 427 7.45 -135.51 2.83
C ASP S 427 6.32 -136.54 2.92
N LYS S 428 6.44 -137.64 2.19
CA LYS S 428 5.39 -138.63 2.16
C LYS S 428 5.10 -139.13 3.57
N ALA S 429 6.13 -139.19 4.41
CA ALA S 429 6.02 -139.80 5.73
C ALA S 429 5.36 -138.96 6.84
N MET S 430 5.67 -137.67 6.88
CA MET S 430 5.23 -136.82 8.00
C MET S 430 4.59 -135.51 7.53
N GLY S 431 4.29 -135.42 6.24
CA GLY S 431 3.81 -134.19 5.64
C GLY S 431 2.39 -133.77 5.97
N LEU S 432 2.10 -132.52 5.62
CA LEU S 432 0.78 -131.97 5.78
C LEU S 432 0.10 -132.00 4.43
N ASP S 433 -1.23 -132.04 4.42
CA ASP S 433 -1.97 -132.20 3.17
C ASP S 433 -2.39 -130.88 2.55
N GLY S 434 -1.92 -130.65 1.33
CA GLY S 434 -2.24 -129.45 0.58
C GLY S 434 -3.35 -129.67 -0.44
N PRO S 435 -3.27 -128.95 -1.55
CA PRO S 435 -4.27 -129.01 -2.63
C PRO S 435 -4.06 -130.23 -3.53
N SER S 436 -4.06 -131.41 -2.93
CA SER S 436 -4.01 -132.66 -3.68
C SER S 436 -5.26 -132.72 -4.53
N HIS S 437 -5.23 -133.50 -5.58
CA HIS S 437 -6.21 -133.34 -6.62
C HIS S 437 -6.42 -134.68 -7.36
N VAL S 438 -7.67 -135.11 -7.47
CA VAL S 438 -7.99 -136.35 -8.17
C VAL S 438 -8.65 -136.08 -9.51
N PHE S 439 -7.94 -136.39 -10.59
CA PHE S 439 -8.50 -136.26 -11.93
C PHE S 439 -8.98 -137.63 -12.41
N ALA S 440 -10.29 -137.83 -12.49
CA ALA S 440 -10.81 -139.08 -13.05
C ALA S 440 -10.17 -139.23 -14.42
N ILE S 441 -9.75 -140.44 -14.77
CA ILE S 441 -8.98 -140.66 -16.00
C ILE S 441 -9.71 -140.13 -17.24
N GLN S 442 -11.04 -140.11 -17.19
CA GLN S 442 -11.86 -139.66 -18.31
C GLN S 442 -11.73 -138.16 -18.59
N LYS S 443 -11.23 -137.38 -17.62
CA LYS S 443 -11.03 -135.93 -17.85
C LYS S 443 -10.00 -135.74 -18.95
N LEU S 444 -9.01 -136.61 -18.98
CA LEU S 444 -8.02 -136.63 -20.06
C LEU S 444 -7.04 -135.43 -20.01
N GLU S 445 -7.20 -134.61 -18.96
CA GLU S 445 -6.30 -133.48 -18.72
C GLU S 445 -6.51 -132.89 -17.33
N GLY S 446 -5.51 -132.17 -16.84
CA GLY S 446 -5.57 -131.56 -15.53
C GLY S 446 -4.50 -130.51 -15.39
N THR S 447 -4.65 -129.62 -14.40
CA THR S 447 -3.66 -128.57 -14.16
C THR S 447 -3.26 -128.53 -12.69
N THR S 448 -2.05 -128.04 -12.44
CA THR S 448 -1.61 -127.82 -11.06
C THR S 448 -0.44 -126.83 -11.04
N GLU S 449 -0.11 -126.31 -9.86
CA GLU S 449 1.10 -125.50 -9.72
C GLU S 449 2.19 -126.33 -9.06
N LEU S 450 3.45 -126.01 -9.33
CA LEU S 450 4.56 -126.66 -8.63
C LEU S 450 5.54 -125.61 -8.09
N LEU S 451 5.78 -125.64 -6.79
CA LEU S 451 6.80 -124.77 -6.23
C LEU S 451 8.16 -125.42 -6.44
N VAL S 452 9.02 -124.76 -7.21
CA VAL S 452 10.43 -125.17 -7.35
C VAL S 452 11.29 -124.32 -6.42
N GLY S 453 11.56 -124.86 -5.24
CA GLY S 453 12.23 -124.13 -4.19
C GLY S 453 12.08 -124.84 -2.85
N ASN S 454 12.35 -124.12 -1.77
CA ASN S 454 12.31 -124.71 -0.45
C ASN S 454 12.49 -123.63 0.61
N PHE S 455 12.47 -124.02 1.89
CA PHE S 455 12.56 -123.04 2.96
C PHE S 455 13.78 -122.13 2.86
N ALA S 456 14.89 -122.65 2.32
CA ALA S 456 16.12 -121.86 2.20
C ALA S 456 16.04 -120.81 1.11
N GLY S 457 15.27 -121.11 0.06
CA GLY S 457 14.96 -120.13 -0.96
C GLY S 457 15.28 -120.49 -2.42
N ALA S 458 16.05 -121.55 -2.62
CA ALA S 458 16.50 -121.92 -3.96
C ALA S 458 16.97 -123.37 -4.03
N ASN S 459 16.92 -123.95 -5.21
CA ASN S 459 17.35 -125.33 -5.42
C ASN S 459 18.66 -125.37 -6.15
N PRO S 460 19.57 -126.26 -5.71
CA PRO S 460 20.76 -126.61 -6.49
C PRO S 460 20.33 -127.52 -7.62
N ASN S 461 21.19 -127.71 -8.61
CA ASN S 461 20.87 -128.58 -9.75
C ASN S 461 21.32 -130.01 -9.50
N THR S 462 21.15 -130.44 -8.25
CA THR S 462 21.48 -131.80 -7.84
C THR S 462 20.37 -132.28 -6.91
N ARG S 463 20.49 -133.51 -6.41
CA ARG S 463 19.58 -133.96 -5.37
C ARG S 463 19.99 -133.27 -4.06
N PHE S 464 18.98 -132.91 -3.27
CA PHE S 464 19.22 -132.24 -1.99
C PHE S 464 18.02 -132.59 -1.11
N SER S 465 18.13 -132.37 0.19
CA SER S 465 17.00 -132.61 1.06
C SER S 465 16.74 -131.39 1.94
N LEU S 466 15.82 -130.54 1.51
CA LEU S 466 15.46 -129.35 2.30
C LEU S 466 13.96 -129.20 2.38
N TYR S 467 13.44 -129.12 3.61
CA TYR S 467 11.99 -128.97 3.84
C TYR S 467 11.30 -128.02 2.88
N SER S 468 10.25 -128.51 2.23
CA SER S 468 9.51 -127.72 1.25
C SER S 468 8.17 -128.38 0.95
N ARG S 469 7.41 -127.79 0.02
CA ARG S 469 6.25 -128.45 -0.51
C ARG S 469 6.70 -129.67 -1.31
N TRP S 470 5.80 -130.63 -1.50
CA TRP S 470 6.16 -131.91 -2.07
C TRP S 470 5.06 -132.41 -2.98
N MET S 471 5.42 -132.79 -4.20
CA MET S 471 4.43 -133.21 -5.19
C MET S 471 4.73 -134.59 -5.77
N ALA S 472 3.67 -135.32 -6.09
CA ALA S 472 3.81 -136.60 -6.75
C ALA S 472 2.64 -136.85 -7.68
N ILE S 473 2.89 -137.59 -8.76
CA ILE S 473 1.81 -138.02 -9.64
C ILE S 473 1.54 -139.49 -9.40
N LYS S 474 0.29 -139.85 -9.12
CA LYS S 474 -0.08 -141.25 -8.82
C LYS S 474 -1.03 -141.83 -9.86
N LEU S 475 -0.54 -142.82 -10.60
CA LEU S 475 -1.37 -143.56 -11.52
C LEU S 475 -1.88 -144.87 -10.89
N ASP S 476 -3.16 -145.21 -11.07
CA ASP S 476 -3.68 -146.48 -10.53
C ASP S 476 -4.11 -147.44 -11.66
N GLN S 477 -4.19 -146.91 -12.87
CA GLN S 477 -4.54 -147.70 -14.05
C GLN S 477 -3.61 -147.34 -15.19
N ALA S 478 -2.32 -147.30 -14.89
CA ALA S 478 -1.34 -146.72 -15.80
C ALA S 478 -1.31 -147.42 -17.14
N LYS S 479 -1.58 -148.73 -17.15
CA LYS S 479 -1.55 -149.50 -18.38
C LYS S 479 -2.63 -149.04 -19.36
N SER S 480 -3.61 -148.31 -18.84
CA SER S 480 -4.70 -147.77 -19.67
C SER S 480 -4.31 -146.42 -20.29
N ILE S 481 -3.11 -145.96 -19.99
CA ILE S 481 -2.64 -144.69 -20.54
C ILE S 481 -1.58 -144.88 -21.63
N LYS S 482 -1.82 -144.33 -22.80
CA LYS S 482 -0.84 -144.46 -23.88
C LYS S 482 0.30 -143.46 -23.70
N VAL S 483 -0.02 -142.27 -23.19
CA VAL S 483 0.97 -141.25 -22.87
C VAL S 483 0.45 -140.23 -21.85
N LEU S 484 1.31 -139.88 -20.91
CA LEU S 484 1.02 -138.83 -19.95
C LEU S 484 2.03 -137.75 -20.23
N ARG S 485 1.56 -136.60 -20.73
CA ARG S 485 2.46 -135.48 -21.01
C ARG S 485 2.35 -134.39 -19.98
N VAL S 486 3.50 -133.91 -19.52
CA VAL S 486 3.51 -132.79 -18.58
C VAL S 486 4.16 -131.56 -19.19
N LEU S 487 3.37 -130.52 -19.39
CA LEU S 487 3.89 -129.22 -19.84
C LEU S 487 3.98 -128.25 -18.69
N CYS S 488 4.95 -127.33 -18.76
CA CYS S 488 5.09 -126.31 -17.71
C CYS S 488 5.30 -124.94 -18.33
N LYS S 489 4.97 -123.91 -17.53
CA LYS S 489 5.04 -122.50 -17.93
C LYS S 489 5.45 -121.70 -16.71
N PRO S 490 6.71 -121.24 -16.67
CA PRO S 490 7.22 -120.55 -15.48
C PRO S 490 6.43 -119.26 -15.25
N ARG S 491 6.04 -119.05 -14.00
CA ARG S 491 5.42 -117.79 -13.60
C ARG S 491 6.50 -116.74 -13.56
N PRO S 492 6.11 -115.52 -13.86
CA PRO S 492 7.03 -114.39 -13.93
C PRO S 492 7.89 -114.32 -12.69
N GLY S 493 9.18 -114.04 -12.87
CA GLY S 493 10.10 -113.94 -11.76
C GLY S 493 10.82 -115.22 -11.41
N PHE S 494 10.76 -116.21 -12.30
CA PHE S 494 11.53 -117.42 -12.07
C PHE S 494 13.02 -117.05 -12.14
N SER S 495 13.76 -117.33 -11.07
CA SER S 495 15.09 -116.76 -10.90
C SER S 495 16.22 -117.77 -10.93
N PHE S 496 17.35 -117.33 -11.48
CA PHE S 496 18.55 -118.15 -11.60
C PHE S 496 19.71 -117.43 -10.93
N TYR S 497 20.55 -118.21 -10.26
CA TYR S 497 21.66 -117.65 -9.50
C TYR S 497 22.96 -118.32 -9.91
N GLY S 498 23.97 -117.51 -10.18
CA GLY S 498 25.32 -117.99 -10.48
C GLY S 498 25.53 -118.75 -11.78
N ARG S 499 25.83 -118.01 -12.85
CA ARG S 499 26.01 -118.66 -14.14
C ARG S 499 27.18 -119.64 -14.10
N THR S 500 26.96 -120.79 -14.74
CA THR S 500 27.96 -121.85 -14.81
C THR S 500 27.71 -122.74 -16.04
N SER S 501 28.26 -123.94 -16.05
CA SER S 501 28.05 -124.83 -17.19
C SER S 501 27.71 -126.24 -16.77
N PHE S 502 27.40 -127.08 -17.76
CA PHE S 502 26.90 -128.41 -17.49
C PHE S 502 27.28 -129.41 -18.57
N PRO S 503 28.40 -130.12 -18.35
CA PRO S 503 28.84 -131.14 -19.30
C PRO S 503 28.06 -132.43 -19.14
N VAL S 504 27.61 -132.99 -20.26
CA VAL S 504 27.03 -134.33 -20.29
C VAL S 504 27.58 -135.16 -21.46
N GLY T 1 -15.09 -105.45 42.16
CA GLY T 1 -15.01 -105.96 43.51
C GLY T 1 -14.75 -107.45 43.56
N LEU T 2 -14.46 -107.98 44.76
CA LEU T 2 -14.19 -109.41 44.90
C LEU T 2 -15.41 -110.20 44.46
N ALA T 3 -15.21 -111.09 43.49
CA ALA T 3 -16.32 -111.77 42.83
C ALA T 3 -16.41 -113.23 43.25
N GLY T 4 -15.25 -113.83 43.50
CA GLY T 4 -15.20 -115.22 43.92
C GLY T 4 -13.84 -115.55 44.49
N ARG T 5 -13.72 -116.70 45.15
CA ARG T 5 -12.46 -117.07 45.74
C ARG T 5 -12.33 -118.57 45.87
N GLY T 6 -11.12 -119.02 46.21
CA GLY T 6 -10.80 -120.43 46.27
C GLY T 6 -9.46 -120.65 46.95
N VAL T 7 -9.14 -121.90 47.24
CA VAL T 7 -7.94 -122.20 47.98
C VAL T 7 -7.16 -123.33 47.32
N ILE T 8 -5.85 -123.12 47.15
CA ILE T 8 -4.97 -124.17 46.64
C ILE T 8 -4.11 -124.68 47.80
N TYR T 9 -4.05 -125.98 47.97
CA TYR T 9 -3.23 -126.52 49.06
C TYR T 9 -1.86 -126.96 48.55
N ILE T 10 -0.82 -126.51 49.25
CA ILE T 10 0.56 -126.80 48.88
C ILE T 10 1.18 -127.83 49.84
N PRO T 11 1.70 -128.95 49.31
CA PRO T 11 2.38 -129.92 50.17
C PRO T 11 3.74 -129.37 50.63
N LYS T 12 4.29 -129.88 51.73
CA LYS T 12 5.58 -129.41 52.21
C LYS T 12 6.70 -129.83 51.25
N ASP T 13 6.54 -131.01 50.64
CA ASP T 13 7.42 -131.37 49.54
C ASP T 13 6.69 -131.13 48.21
N CYS T 14 6.81 -129.89 47.72
CA CYS T 14 6.22 -129.52 46.46
C CYS T 14 7.22 -129.77 45.35
N GLN T 15 7.19 -130.98 44.80
CA GLN T 15 8.12 -131.43 43.75
C GLN T 15 7.67 -130.96 42.36
N ALA T 16 8.60 -130.93 41.41
CA ALA T 16 8.24 -130.48 40.06
C ALA T 16 7.19 -131.42 39.48
N ASN T 17 6.17 -130.84 38.87
CA ASN T 17 5.08 -131.58 38.24
C ASN T 17 3.93 -132.04 39.13
N ARG T 18 3.98 -131.71 40.44
CA ARG T 18 2.83 -132.00 41.28
C ARG T 18 1.61 -131.19 40.88
N TYR T 19 0.49 -131.89 40.69
CA TYR T 19 -0.79 -131.25 40.50
C TYR T 19 -1.30 -130.75 41.86
N LEU T 20 -1.65 -129.47 41.91
CA LEU T 20 -2.01 -128.81 43.16
C LEU T 20 -3.52 -128.67 43.31
N GLY T 21 -4.21 -128.59 42.18
CA GLY T 21 -5.66 -128.53 42.21
C GLY T 21 -6.24 -127.73 41.07
N THR T 22 -7.55 -127.83 40.91
CA THR T 22 -8.24 -127.05 39.90
C THR T 22 -9.36 -126.26 40.54
N LEU T 23 -9.47 -124.98 40.18
CA LEU T 23 -10.59 -124.17 40.62
C LEU T 23 -11.52 -124.00 39.45
N ASN T 24 -12.82 -124.08 39.72
CA ASN T 24 -13.81 -123.87 38.68
C ASN T 24 -14.29 -122.40 38.73
N ILE T 25 -13.99 -121.63 37.69
CA ILE T 25 -14.21 -120.19 37.76
C ILE T 25 -15.64 -119.84 38.08
N ARG T 26 -16.58 -120.59 37.52
CA ARG T 26 -17.97 -120.23 37.76
C ARG T 26 -18.39 -120.63 39.17
N ASP T 27 -17.90 -121.76 39.65
CA ASP T 27 -18.15 -122.16 41.03
C ASP T 27 -17.53 -121.18 42.05
N MET T 28 -16.35 -120.63 41.75
CA MET T 28 -15.76 -119.63 42.65
C MET T 28 -16.69 -118.44 42.85
N ILE T 29 -17.37 -118.04 41.79
CA ILE T 29 -18.26 -116.89 41.86
C ILE T 29 -19.59 -117.28 42.50
N SER T 30 -20.09 -118.47 42.21
CA SER T 30 -21.40 -118.87 42.72
C SER T 30 -21.37 -119.37 44.17
N ASP T 31 -20.26 -119.94 44.61
CA ASP T 31 -20.14 -120.37 46.00
C ASP T 31 -19.97 -119.17 46.91
N PHE T 32 -19.39 -118.12 46.36
CA PHE T 32 -19.11 -116.90 47.10
C PHE T 32 -20.43 -116.15 47.26
N LYS T 33 -21.06 -115.76 46.16
CA LYS T 33 -22.48 -115.45 46.16
C LYS T 33 -22.96 -114.31 47.06
N GLY T 34 -22.28 -113.16 47.11
CA GLY T 34 -21.49 -112.61 46.03
C GLY T 34 -22.32 -111.41 45.56
N VAL T 35 -21.88 -110.17 45.76
CA VAL T 35 -22.57 -109.03 45.14
C VAL T 35 -22.50 -109.17 43.62
N GLN T 36 -21.33 -109.60 43.12
CA GLN T 36 -21.14 -109.80 41.69
C GLN T 36 -21.96 -110.97 41.16
N TYR T 37 -22.05 -112.04 41.94
CA TYR T 37 -22.86 -113.19 41.54
C TYR T 37 -24.31 -112.78 41.37
N GLU T 38 -24.82 -111.97 42.28
CA GLU T 38 -26.18 -111.51 42.19
C GLU T 38 -26.42 -110.53 41.01
N LYS T 39 -25.44 -109.70 40.68
CA LYS T 39 -25.53 -108.85 39.50
C LYS T 39 -25.58 -109.70 38.23
N TRP T 40 -24.93 -110.87 38.31
CA TRP T 40 -24.81 -111.82 37.19
C TRP T 40 -26.17 -112.43 36.85
N ILE T 41 -26.89 -112.90 37.87
CA ILE T 41 -28.22 -113.46 37.70
C ILE T 41 -29.14 -112.51 36.92
N THR T 42 -29.01 -111.21 37.16
CA THR T 42 -29.86 -110.24 36.49
C THR T 42 -29.40 -109.97 35.06
N ALA T 43 -28.09 -109.99 34.86
CA ALA T 43 -27.53 -109.74 33.54
C ALA T 43 -27.84 -110.91 32.62
N GLY T 44 -27.83 -112.11 33.20
CA GLY T 44 -27.93 -113.32 32.40
C GLY T 44 -26.59 -113.70 31.81
N LEU T 45 -26.10 -112.87 30.89
CA LEU T 45 -24.83 -113.11 30.23
C LEU T 45 -23.78 -112.09 30.68
N VAL T 46 -22.56 -112.56 30.96
CA VAL T 46 -21.46 -111.65 31.29
C VAL T 46 -20.21 -112.00 30.46
N MET T 47 -19.45 -110.98 30.07
CA MET T 47 -18.16 -111.17 29.35
C MET T 47 -17.02 -110.53 30.10
N PRO T 48 -16.78 -110.98 31.34
CA PRO T 48 -15.98 -110.22 32.31
C PRO T 48 -14.56 -109.93 31.86
N THR T 49 -14.00 -108.87 32.44
CA THR T 49 -12.55 -108.75 32.50
C THR T 49 -12.17 -109.02 33.95
N PHE T 50 -11.56 -110.17 34.19
CA PHE T 50 -11.13 -110.57 35.53
C PHE T 50 -9.74 -110.07 35.89
N LYS T 51 -9.56 -109.69 37.14
CA LYS T 51 -8.22 -109.59 37.71
C LYS T 51 -8.12 -110.81 38.61
N ILE T 52 -7.16 -111.68 38.31
CA ILE T 52 -6.92 -112.81 39.17
C ILE T 52 -5.78 -112.46 40.10
N VAL T 53 -5.97 -112.72 41.39
CA VAL T 53 -4.93 -112.45 42.36
C VAL T 53 -4.66 -113.71 43.16
N ILE T 54 -3.41 -114.14 43.23
CA ILE T 54 -3.05 -115.29 44.02
C ILE T 54 -2.24 -114.83 45.20
N ARG T 55 -2.79 -115.01 46.40
CA ARG T 55 -2.12 -114.58 47.60
C ARG T 55 -1.31 -115.70 48.22
N LEU T 56 -0.09 -115.35 48.61
CA LEU T 56 1.04 -116.23 48.48
C LEU T 56 2.17 -115.53 49.21
N PRO T 57 2.71 -116.16 50.26
CA PRO T 57 3.76 -115.49 51.02
C PRO T 57 5.09 -115.49 50.26
N ALA T 58 5.63 -114.30 49.99
CA ALA T 58 6.86 -114.20 49.21
C ALA T 58 8.00 -114.86 49.96
N ASN T 59 8.81 -115.64 49.23
CA ASN T 59 9.96 -116.31 49.84
C ASN T 59 11.08 -116.56 48.85
N ALA T 60 12.27 -116.09 49.17
CA ALA T 60 13.39 -116.24 48.23
C ALA T 60 14.23 -117.51 48.45
N PHE T 61 13.82 -118.35 49.38
CA PHE T 61 14.65 -119.45 49.81
C PHE T 61 14.14 -120.85 49.43
N THR T 62 13.25 -120.90 48.44
CA THR T 62 12.63 -122.17 48.10
C THR T 62 12.94 -122.61 46.67
N GLY T 63 12.89 -121.67 45.74
CA GLY T 63 13.09 -122.01 44.34
C GLY T 63 11.79 -122.38 43.63
N LEU T 64 10.71 -122.38 44.39
CA LEU T 64 9.40 -122.77 43.88
C LEU T 64 8.90 -121.86 42.77
N THR T 65 8.43 -122.47 41.69
CA THR T 65 7.73 -121.76 40.63
C THR T 65 6.50 -122.58 40.21
N TRP T 66 5.33 -121.93 40.18
CA TRP T 66 4.08 -122.58 39.83
C TRP T 66 3.56 -122.04 38.52
N VAL T 67 2.64 -122.79 37.91
CA VAL T 67 1.96 -122.32 36.71
C VAL T 67 0.44 -122.31 36.91
N MET T 68 -0.17 -121.15 36.73
CA MET T 68 -1.61 -121.09 36.60
C MET T 68 -1.98 -121.25 35.11
N SER T 69 -2.82 -122.23 34.79
CA SER T 69 -3.17 -122.48 33.40
C SER T 69 -4.66 -122.20 33.25
N PHE T 70 -5.02 -121.31 32.32
CA PHE T 70 -6.41 -120.98 32.06
C PHE T 70 -6.97 -121.91 30.98
N ASP T 71 -7.77 -122.86 31.43
CA ASP T 71 -8.30 -123.87 30.54
C ASP T 71 -9.80 -123.69 30.37
N ALA T 72 -10.20 -122.72 29.55
CA ALA T 72 -11.62 -122.39 29.47
C ALA T 72 -12.48 -123.51 28.87
N TYR T 73 -11.84 -124.42 28.14
CA TYR T 73 -12.60 -125.43 27.42
C TYR T 73 -12.29 -126.84 27.90
N ASN T 74 -11.67 -126.92 29.07
CA ASN T 74 -11.48 -128.19 29.76
C ASN T 74 -10.72 -129.21 28.92
N ARG T 75 -9.58 -128.80 28.35
CA ARG T 75 -8.87 -129.62 27.36
C ARG T 75 -7.66 -130.38 27.95
N ILE T 76 -7.05 -129.82 28.99
CA ILE T 76 -5.95 -130.52 29.62
C ILE T 76 -6.31 -131.14 30.99
N THR T 77 -7.49 -130.83 31.51
CA THR T 77 -7.84 -131.28 32.86
C THR T 77 -7.60 -132.75 33.11
N SER T 78 -8.18 -133.59 32.24
CA SER T 78 -8.05 -135.05 32.38
C SER T 78 -6.59 -135.57 32.45
N ARG T 79 -5.68 -134.93 31.71
CA ARG T 79 -4.31 -135.45 31.58
C ARG T 79 -3.30 -134.98 32.65
N ILE T 80 -3.69 -134.06 33.53
CA ILE T 80 -2.76 -133.57 34.54
C ILE T 80 -3.06 -133.99 35.97
N THR T 81 -4.21 -134.61 36.23
CA THR T 81 -4.67 -134.83 37.62
C THR T 81 -3.85 -135.81 38.47
N ALA T 82 -3.03 -136.63 37.83
CA ALA T 82 -2.06 -137.45 38.56
C ALA T 82 -0.72 -136.73 38.57
N SER T 83 -0.26 -136.38 37.37
CA SER T 83 0.98 -135.65 37.23
C SER T 83 0.92 -134.69 36.08
N ALA T 84 1.27 -133.45 36.38
CA ALA T 84 1.13 -132.39 35.42
C ALA T 84 2.43 -132.20 34.64
N ASP T 85 2.45 -132.69 33.40
CA ASP T 85 3.63 -132.45 32.56
C ASP T 85 3.59 -131.01 32.07
N PRO T 86 4.73 -130.32 32.11
CA PRO T 86 4.73 -128.94 31.61
C PRO T 86 4.24 -128.81 30.17
N VAL T 87 4.41 -129.83 29.33
CA VAL T 87 3.89 -129.73 27.96
C VAL T 87 2.38 -129.48 27.92
N TYR T 88 1.65 -130.10 28.84
CA TYR T 88 0.21 -129.82 28.95
C TYR T 88 -0.06 -128.45 29.57
N THR T 89 0.59 -128.17 30.70
CA THR T 89 0.24 -126.98 31.47
C THR T 89 0.60 -125.71 30.72
N LEU T 90 1.57 -125.78 29.80
CA LEU T 90 1.99 -124.60 29.04
C LEU T 90 1.35 -124.49 27.65
N SER T 91 0.47 -125.43 27.34
CA SER T 91 -0.15 -125.50 26.02
C SER T 91 -1.42 -124.66 25.93
N VAL T 92 -1.84 -124.09 27.05
CA VAL T 92 -2.98 -123.18 27.07
C VAL T 92 -2.49 -121.87 27.65
N PRO T 93 -3.31 -120.81 27.57
CA PRO T 93 -2.88 -119.55 28.21
C PRO T 93 -2.49 -119.78 29.68
N HIS T 94 -1.38 -119.18 30.08
CA HIS T 94 -0.81 -119.49 31.38
C HIS T 94 0.15 -118.40 31.88
N TRP T 95 0.45 -118.47 33.17
CA TRP T 95 1.27 -117.47 33.82
C TRP T 95 2.23 -118.13 34.79
N LEU T 96 3.47 -117.68 34.78
CA LEU T 96 4.44 -118.16 35.74
C LEU T 96 4.30 -117.44 37.08
N ILE T 97 4.24 -118.22 38.16
CA ILE T 97 4.14 -117.65 39.49
C ILE T 97 5.42 -117.93 40.28
N HIS T 98 6.27 -116.92 40.42
CA HIS T 98 7.54 -117.09 41.14
C HIS T 98 7.39 -116.82 42.63
N HIS T 99 7.89 -117.76 43.44
CA HIS T 99 7.69 -117.67 44.88
C HIS T 99 8.43 -116.45 45.42
N LYS T 100 9.55 -116.09 44.79
CA LYS T 100 10.33 -114.94 45.29
C LYS T 100 9.54 -113.63 45.19
N LEU T 101 8.55 -113.57 44.29
CA LEU T 101 7.82 -112.33 44.04
C LEU T 101 6.55 -112.20 44.89
N GLY T 102 6.24 -113.26 45.62
CA GLY T 102 5.06 -113.28 46.45
C GLY T 102 3.74 -113.20 45.70
N THR T 103 2.82 -112.39 46.24
CA THR T 103 1.47 -112.28 45.72
C THR T 103 1.46 -111.90 44.25
N PHE T 104 0.68 -112.63 43.48
CA PHE T 104 0.70 -112.56 42.02
C PHE T 104 -0.62 -112.03 41.50
N SER T 105 -0.57 -111.30 40.41
CA SER T 105 -1.78 -110.78 39.79
C SER T 105 -1.70 -110.75 38.25
N CYS T 106 -2.84 -110.95 37.58
CA CYS T 106 -2.89 -110.79 36.13
C CYS T 106 -4.32 -110.49 35.68
N GLU T 107 -4.48 -110.06 34.43
CA GLU T 107 -5.80 -109.81 33.86
C GLU T 107 -6.18 -110.84 32.82
N ILE T 108 -7.44 -111.23 32.87
CA ILE T 108 -7.96 -112.17 31.91
C ILE T 108 -9.15 -111.49 31.24
N ASP T 109 -8.98 -111.08 29.99
CA ASP T 109 -10.10 -110.56 29.22
C ASP T 109 -10.82 -111.78 28.70
N TYR T 110 -11.91 -112.14 29.37
CA TYR T 110 -12.66 -113.35 29.04
C TYR T 110 -13.15 -113.33 27.60
N GLY T 111 -13.34 -112.13 27.05
CA GLY T 111 -13.69 -111.95 25.66
C GLY T 111 -12.65 -112.51 24.70
N GLU T 112 -11.37 -112.29 25.00
CA GLU T 112 -10.28 -112.79 24.16
C GLU T 112 -9.89 -114.23 24.50
N LEU T 113 -9.44 -114.43 25.73
CA LEU T 113 -8.98 -115.76 26.18
C LEU T 113 -10.03 -116.85 26.11
N CYS T 114 -11.30 -116.48 26.22
CA CYS T 114 -12.34 -117.48 26.14
C CYS T 114 -13.22 -117.37 24.90
N GLY T 115 -13.86 -116.23 24.68
CA GLY T 115 -14.63 -116.00 23.47
C GLY T 115 -16.16 -116.08 23.54
N HIS T 116 -16.70 -116.85 24.49
CA HIS T 116 -18.14 -116.87 24.67
C HIS T 116 -18.57 -116.37 26.07
N ALA T 117 -19.73 -115.74 26.13
CA ALA T 117 -20.22 -115.16 27.39
C ALA T 117 -20.81 -116.22 28.33
N MET T 118 -20.65 -115.97 29.63
CA MET T 118 -21.05 -116.92 30.66
C MET T 118 -22.52 -116.79 31.07
N TRP T 119 -23.23 -117.91 31.06
CA TRP T 119 -24.64 -117.93 31.40
C TRP T 119 -24.81 -118.27 32.87
N PHE T 120 -25.55 -117.44 33.59
CA PHE T 120 -25.63 -117.54 35.04
C PHE T 120 -26.10 -118.91 35.56
N LYS T 121 -26.98 -119.59 34.81
CA LYS T 121 -27.64 -120.78 35.37
C LYS T 121 -26.93 -122.10 35.11
N SER T 122 -26.11 -122.14 34.08
CA SER T 122 -25.42 -123.39 33.71
C SER T 122 -24.29 -123.16 32.74
N THR T 123 -23.40 -124.13 32.70
CA THR T 123 -22.33 -124.11 31.73
C THR T 123 -22.91 -124.24 30.31
N THR T 124 -22.46 -123.39 29.39
CA THR T 124 -22.90 -123.48 28.01
C THR T 124 -22.15 -124.58 27.25
N PHE T 125 -20.86 -124.38 27.04
CA PHE T 125 -20.08 -125.40 26.33
C PHE T 125 -19.37 -126.31 27.31
N GLU T 126 -18.17 -125.92 27.71
CA GLU T 126 -17.56 -126.59 28.83
C GLU T 126 -17.31 -125.60 29.95
N SER T 127 -17.06 -126.13 31.14
CA SER T 127 -16.89 -125.33 32.35
C SER T 127 -15.45 -124.84 32.54
N PRO T 128 -15.24 -123.51 32.55
CA PRO T 128 -13.91 -122.87 32.59
C PRO T 128 -13.12 -123.14 33.87
N ARG T 129 -11.88 -123.62 33.73
CA ARG T 129 -11.07 -123.99 34.89
C ARG T 129 -9.77 -123.22 34.99
N LEU T 130 -9.29 -123.05 36.22
CA LEU T 130 -7.92 -122.62 36.48
C LEU T 130 -7.15 -123.78 37.09
N HIS T 131 -6.08 -124.22 36.44
CA HIS T 131 -5.24 -125.28 37.01
C HIS T 131 -3.98 -124.74 37.67
N PHE T 132 -3.64 -125.29 38.82
CA PHE T 132 -2.41 -124.91 39.50
C PHE T 132 -1.46 -126.08 39.63
N THR T 133 -0.31 -125.93 39.00
CA THR T 133 0.70 -126.97 38.97
C THR T 133 2.05 -126.42 39.39
N CYS T 134 2.96 -127.31 39.77
CA CYS T 134 4.28 -126.86 40.16
C CYS T 134 5.28 -127.08 39.02
N LEU T 135 5.92 -126.01 38.56
CA LEU T 135 6.78 -126.08 37.38
C LEU T 135 8.20 -126.48 37.76
N THR T 136 8.74 -125.81 38.78
CA THR T 136 10.03 -126.13 39.36
C THR T 136 9.84 -126.32 40.85
N GLY T 137 10.40 -127.40 41.40
CA GLY T 137 10.16 -127.77 42.78
C GLY T 137 10.97 -127.01 43.80
N ASN T 138 10.67 -127.20 45.08
CA ASN T 138 11.46 -126.59 46.15
C ASN T 138 12.79 -127.32 46.29
N ASN T 139 13.81 -126.59 46.73
CA ASN T 139 15.16 -127.13 46.78
C ASN T 139 15.27 -128.20 47.87
N LYS T 140 14.45 -128.04 48.91
CA LYS T 140 14.32 -129.00 50.01
C LYS T 140 12.90 -128.77 50.53
N GLU T 141 12.33 -129.75 51.21
CA GLU T 141 10.94 -129.58 51.61
C GLU T 141 10.87 -128.42 52.59
N LEU T 142 9.69 -127.82 52.69
CA LEU T 142 9.46 -126.75 53.66
C LEU T 142 9.07 -127.33 55.02
N ALA T 143 8.81 -126.46 55.99
CA ALA T 143 8.56 -126.92 57.34
C ALA T 143 7.23 -127.63 57.48
N ALA T 144 6.22 -127.22 56.73
CA ALA T 144 4.90 -127.80 56.88
C ALA T 144 4.04 -127.55 55.67
N ASP T 145 2.91 -128.25 55.57
CA ASP T 145 1.90 -127.99 54.54
C ASP T 145 1.36 -126.57 54.70
N TRP T 146 0.99 -125.95 53.58
CA TRP T 146 0.42 -124.62 53.61
C TRP T 146 -0.64 -124.42 52.51
N GLN T 147 -1.20 -123.22 52.43
CA GLN T 147 -2.15 -122.94 51.36
C GLN T 147 -1.94 -121.56 50.74
N ALA T 148 -2.43 -121.41 49.51
CA ALA T 148 -2.48 -120.10 48.85
C ALA T 148 -3.94 -119.79 48.53
N VAL T 149 -4.29 -118.50 48.49
CA VAL T 149 -5.67 -118.09 48.22
C VAL T 149 -5.77 -117.50 46.84
N VAL T 150 -6.77 -117.93 46.06
CA VAL T 150 -7.00 -117.40 44.72
C VAL T 150 -8.26 -116.52 44.74
N GLU T 151 -8.15 -115.32 44.21
CA GLU T 151 -9.28 -114.41 44.21
C GLU T 151 -9.61 -113.83 42.83
N LEU T 152 -10.91 -113.77 42.49
CA LEU T 152 -11.39 -113.18 41.23
C LEU T 152 -12.01 -111.83 41.52
N TYR T 153 -11.48 -110.79 40.88
CA TYR T 153 -12.04 -109.46 41.02
C TYR T 153 -12.62 -109.08 39.68
N ALA T 154 -13.83 -108.53 39.69
CA ALA T 154 -14.53 -108.17 38.46
C ALA T 154 -15.67 -107.23 38.77
N GLU T 155 -16.01 -106.38 37.80
CA GLU T 155 -17.27 -105.64 37.87
C GLU T 155 -18.18 -106.14 36.77
N LEU T 156 -18.96 -107.18 37.08
CA LEU T 156 -19.81 -107.83 36.09
C LEU T 156 -20.90 -106.93 35.55
N GLU T 157 -20.97 -106.81 34.24
CA GLU T 157 -22.10 -106.16 33.60
C GLU T 157 -22.69 -107.01 32.48
N GLU T 158 -23.94 -106.73 32.14
CA GLU T 158 -24.64 -107.54 31.15
C GLU T 158 -23.90 -107.52 29.83
N ALA T 159 -23.75 -108.71 29.26
CA ALA T 159 -23.11 -108.87 27.96
C ALA T 159 -24.09 -108.58 26.82
N THR T 160 -23.63 -107.80 25.85
CA THR T 160 -24.43 -107.40 24.73
C THR T 160 -24.52 -108.48 23.62
N SER T 161 -23.44 -109.25 23.45
CA SER T 161 -23.37 -110.30 22.43
C SER T 161 -22.93 -111.62 23.00
N PHE T 162 -23.25 -112.72 22.33
CA PHE T 162 -22.81 -114.04 22.80
C PHE T 162 -21.33 -114.23 22.58
N LEU T 163 -20.85 -113.77 21.44
CA LEU T 163 -19.49 -114.03 21.03
C LEU T 163 -18.58 -112.84 21.30
N GLY T 164 -17.33 -113.15 21.65
CA GLY T 164 -16.30 -112.15 21.81
C GLY T 164 -15.79 -111.65 20.47
N LYS T 165 -14.59 -111.09 20.48
CA LYS T 165 -13.90 -110.76 19.24
C LYS T 165 -12.96 -111.92 18.98
N PRO T 166 -12.82 -112.32 17.70
CA PRO T 166 -12.04 -113.52 17.37
C PRO T 166 -10.56 -113.32 17.65
N THR T 167 -9.97 -114.24 18.39
CA THR T 167 -8.54 -114.27 18.67
C THR T 167 -7.75 -114.38 17.38
N LEU T 168 -8.29 -115.10 16.40
CA LEU T 168 -7.54 -115.41 15.17
C LEU T 168 -8.46 -115.52 13.95
N VAL T 169 -8.03 -114.98 12.82
CA VAL T 169 -8.78 -115.15 11.57
C VAL T 169 -7.91 -115.85 10.54
N PHE T 170 -8.46 -116.90 9.93
CA PHE T 170 -7.65 -117.75 9.07
C PHE T 170 -7.07 -117.02 7.88
N ASP T 171 -5.76 -117.15 7.73
CA ASP T 171 -5.00 -116.59 6.62
C ASP T 171 -3.66 -117.33 6.54
N PRO T 172 -3.44 -118.04 5.42
CA PRO T 172 -2.27 -118.90 5.14
C PRO T 172 -1.00 -118.09 5.09
N GLY T 173 -1.12 -116.91 4.49
CA GLY T 173 0.01 -116.05 4.25
C GLY T 173 0.33 -115.13 5.42
N VAL T 174 -0.22 -115.42 6.59
CA VAL T 174 0.01 -114.55 7.73
C VAL T 174 0.31 -115.27 9.06
N PHE T 175 1.62 -115.27 9.30
CA PHE T 175 2.27 -115.60 10.55
C PHE T 175 3.27 -114.46 10.72
N ASN T 176 2.96 -113.49 11.59
CA ASN T 176 3.84 -112.34 11.84
C ASN T 176 5.26 -112.71 12.27
N GLY T 177 5.37 -113.50 13.33
CA GLY T 177 6.65 -113.82 13.93
C GLY T 177 6.61 -113.48 15.39
N LYS T 178 5.51 -112.87 15.84
CA LYS T 178 5.27 -112.60 17.26
C LYS T 178 4.50 -113.77 17.91
N PHE T 179 4.83 -114.11 19.14
CA PHE T 179 4.15 -115.19 19.82
C PHE T 179 3.53 -114.68 21.12
N GLN T 180 2.48 -115.37 21.58
CA GLN T 180 2.06 -115.27 22.98
C GLN T 180 2.02 -116.66 23.62
N PHE T 181 2.31 -116.71 24.92
CA PHE T 181 2.22 -117.94 25.69
C PHE T 181 3.10 -119.06 25.16
N LEU T 182 4.28 -118.69 24.65
CA LEU T 182 5.23 -119.70 24.21
C LEU T 182 6.28 -119.85 25.28
N THR T 183 6.08 -120.85 26.13
CA THR T 183 7.00 -121.14 27.25
C THR T 183 7.57 -122.54 27.07
N CYS T 184 8.88 -122.65 27.13
CA CYS T 184 9.57 -123.94 27.03
C CYS T 184 9.56 -124.61 28.39
N PRO T 185 9.33 -125.92 28.41
CA PRO T 185 9.51 -126.66 29.66
C PRO T 185 10.89 -126.39 30.27
N PRO T 186 10.98 -126.52 31.58
CA PRO T 186 12.20 -126.17 32.32
C PRO T 186 13.42 -126.98 31.85
N ILE T 187 14.55 -126.30 31.79
CA ILE T 187 15.84 -126.89 31.50
C ILE T 187 16.62 -127.01 32.83
N PHE T 188 17.30 -128.13 33.08
CA PHE T 188 17.94 -128.32 34.40
C PHE T 188 19.46 -128.48 34.34
N PHE T 189 20.16 -127.85 35.29
CA PHE T 189 21.61 -127.97 35.39
C PHE T 189 22.00 -128.62 36.71
N ASP T 190 22.85 -129.65 36.65
CA ASP T 190 23.35 -130.32 37.85
C ASP T 190 24.48 -129.51 38.45
N LEU T 191 24.56 -129.48 39.78
CA LEU T 191 25.66 -128.75 40.39
C LEU T 191 26.89 -129.62 40.57
N THR T 192 26.76 -130.89 40.19
CA THR T 192 27.89 -131.81 40.24
C THR T 192 28.65 -131.79 38.92
N ALA T 193 28.47 -130.71 38.17
CA ALA T 193 29.10 -130.57 36.87
C ALA T 193 29.73 -129.20 36.70
N VAL T 194 31.03 -129.19 36.45
CA VAL T 194 31.75 -127.93 36.31
C VAL T 194 31.33 -127.07 35.09
N THR T 195 30.98 -127.72 33.98
CA THR T 195 30.31 -127.04 32.86
C THR T 195 29.22 -127.96 32.32
N ALA T 196 28.36 -127.42 31.48
CA ALA T 196 27.31 -128.24 30.88
C ALA T 196 26.62 -127.55 29.72
N LEU T 197 26.01 -128.35 28.87
CA LEU T 197 25.22 -127.81 27.76
C LEU T 197 23.78 -128.29 27.83
N ARG T 198 22.84 -127.40 27.58
CA ARG T 198 21.47 -127.79 27.37
C ARG T 198 20.94 -127.17 26.08
N SER T 199 20.49 -128.03 25.17
CA SER T 199 19.92 -127.57 23.91
C SER T 199 18.41 -127.35 23.96
N ALA T 200 17.96 -126.30 23.28
CA ALA T 200 16.55 -126.11 23.03
C ALA T 200 16.37 -126.05 21.53
N GLY T 201 15.55 -126.94 20.98
CA GLY T 201 15.31 -126.98 19.54
C GLY T 201 14.57 -125.75 19.06
N LEU T 202 14.88 -125.28 17.87
CA LEU T 202 14.22 -124.09 17.34
C LEU T 202 13.34 -124.44 16.17
N THR T 203 13.08 -125.75 16.01
CA THR T 203 12.15 -126.23 14.99
C THR T 203 10.72 -126.15 15.56
N LEU T 204 10.21 -124.93 15.68
CA LEU T 204 9.04 -124.64 16.48
C LEU T 204 7.71 -125.14 15.93
N GLY T 205 7.69 -125.66 14.71
CA GLY T 205 6.48 -126.20 14.12
C GLY T 205 6.22 -127.66 14.53
N GLN T 206 7.22 -128.25 15.16
CA GLN T 206 7.14 -129.61 15.64
C GLN T 206 6.04 -129.69 16.71
N VAL T 207 5.23 -130.73 16.65
CA VAL T 207 4.21 -130.92 17.69
C VAL T 207 4.79 -131.61 18.93
N PRO T 208 4.64 -130.98 20.10
CA PRO T 208 5.21 -131.48 21.36
C PRO T 208 4.54 -132.77 21.76
N MET T 209 5.26 -133.60 22.50
CA MET T 209 4.69 -134.86 22.93
C MET T 209 4.92 -135.17 24.40
N VAL T 210 4.00 -135.98 24.94
CA VAL T 210 4.11 -136.47 26.30
C VAL T 210 3.87 -137.95 26.17
N GLY T 211 4.95 -138.72 26.18
CA GLY T 211 4.87 -140.13 25.86
C GLY T 211 4.44 -140.31 24.42
N THR T 212 3.35 -141.06 24.23
CA THR T 212 2.81 -141.27 22.90
C THR T 212 1.74 -140.25 22.53
N THR T 213 1.44 -139.35 23.47
CA THR T 213 0.40 -138.34 23.27
C THR T 213 0.89 -137.06 22.59
N LYS T 214 0.29 -136.73 21.44
CA LYS T 214 0.62 -135.50 20.72
C LYS T 214 -0.18 -134.38 21.37
N VAL T 215 0.46 -133.26 21.67
CA VAL T 215 -0.26 -132.11 22.20
C VAL T 215 -0.28 -130.97 21.19
N TYR T 216 -1.28 -130.96 20.31
CA TYR T 216 -1.42 -129.87 19.37
C TYR T 216 -1.66 -128.54 20.11
N ASN T 217 -0.98 -127.50 19.68
CA ASN T 217 -1.18 -126.19 20.28
C ASN T 217 -1.06 -125.10 19.22
N LEU T 218 -1.60 -123.92 19.54
CA LEU T 218 -1.65 -122.84 18.57
C LEU T 218 -0.26 -122.38 18.07
N ASN T 219 0.71 -122.27 18.98
CA ASN T 219 2.03 -121.78 18.59
C ASN T 219 2.72 -122.64 17.55
N SER T 220 2.83 -123.93 17.81
CA SER T 220 3.42 -124.83 16.81
C SER T 220 2.59 -124.82 15.52
N THR T 221 1.28 -124.76 15.66
CA THR T 221 0.42 -124.65 14.50
C THR T 221 0.74 -123.39 13.65
N LEU T 222 0.93 -122.25 14.32
CA LEU T 222 1.26 -121.02 13.60
C LEU T 222 2.56 -121.18 12.84
N VAL T 223 3.60 -121.63 13.53
CA VAL T 223 4.89 -121.80 12.87
C VAL T 223 4.78 -122.73 11.65
N SER T 224 3.90 -123.72 11.72
CA SER T 224 3.78 -124.67 10.60
C SER T 224 3.20 -124.03 9.34
N CYS T 225 2.67 -122.81 9.48
CA CYS T 225 2.11 -122.07 8.36
C CYS T 225 3.16 -121.47 7.45
N VAL T 226 4.42 -121.70 7.82
CA VAL T 226 5.57 -121.15 7.13
C VAL T 226 6.51 -122.33 6.81
N LEU T 227 7.43 -122.17 5.85
CA LEU T 227 8.34 -123.27 5.51
C LEU T 227 9.56 -123.30 6.43
N GLY T 228 9.92 -122.12 6.94
CA GLY T 228 11.06 -121.93 7.82
C GLY T 228 11.24 -120.46 8.20
N MET T 229 12.19 -120.21 9.08
CA MET T 229 12.36 -118.88 9.62
C MET T 229 13.81 -118.63 10.01
N GLY T 230 14.24 -117.39 9.84
CA GLY T 230 15.53 -116.95 10.34
C GLY T 230 15.32 -115.63 11.04
N GLY T 231 16.37 -115.11 11.66
CA GLY T 231 16.23 -113.86 12.37
C GLY T 231 16.75 -113.96 13.78
N THR T 232 16.25 -113.09 14.64
CA THR T 232 16.71 -113.08 16.02
C THR T 232 15.60 -113.50 16.97
N VAL T 233 15.90 -114.45 17.85
CA VAL T 233 14.97 -114.91 18.88
C VAL T 233 15.02 -113.96 20.08
N ARG T 234 13.92 -113.26 20.34
CA ARG T 234 13.83 -112.39 21.51
C ARG T 234 13.03 -113.14 22.55
N GLY T 235 13.60 -113.30 23.73
CA GLY T 235 12.92 -114.02 24.79
C GLY T 235 13.28 -113.54 26.19
N ARG T 236 12.79 -114.27 27.19
CA ARG T 236 13.13 -113.98 28.56
C ARG T 236 13.61 -115.27 29.21
N VAL T 237 14.57 -115.14 30.11
CA VAL T 237 15.08 -116.27 30.87
C VAL T 237 14.75 -116.06 32.34
N HIS T 238 14.20 -117.11 32.96
CA HIS T 238 13.97 -117.08 34.39
C HIS T 238 14.84 -118.11 35.09
N ILE T 239 15.58 -117.65 36.09
CA ILE T 239 16.37 -118.56 36.91
C ILE T 239 15.60 -118.92 38.17
N CYS T 240 15.14 -120.18 38.23
CA CYS T 240 14.15 -120.60 39.22
C CYS T 240 14.76 -121.38 40.37
N ALA T 241 15.56 -120.70 41.17
CA ALA T 241 16.23 -121.31 42.30
C ALA T 241 16.30 -120.31 43.46
N PRO T 242 16.66 -120.80 44.65
CA PRO T 242 16.84 -119.96 45.84
C PRO T 242 17.94 -118.89 45.67
N ILE T 243 17.91 -117.77 46.41
CA ILE T 243 18.93 -116.72 46.26
C ILE T 243 20.35 -117.24 46.43
N PHE T 244 20.49 -118.36 47.14
CA PHE T 244 21.82 -118.90 47.43
C PHE T 244 22.34 -119.86 46.35
N TYR T 245 21.54 -120.08 45.30
CA TYR T 245 21.98 -120.73 44.08
C TYR T 245 22.35 -119.64 43.09
N SER T 246 23.33 -119.90 42.23
CA SER T 246 23.67 -118.93 41.18
C SER T 246 24.44 -119.57 40.04
N ILE T 247 24.35 -118.94 38.87
CA ILE T 247 24.91 -119.53 37.68
C ILE T 247 25.27 -118.46 36.68
N VAL T 248 26.15 -118.78 35.75
CA VAL T 248 26.42 -117.90 34.61
C VAL T 248 26.34 -118.69 33.34
N LEU T 249 25.53 -118.22 32.39
CA LEU T 249 25.30 -118.94 31.14
C LEU T 249 25.83 -118.17 29.93
N TRP T 250 26.36 -118.91 28.98
CA TRP T 250 26.65 -118.39 27.65
C TRP T 250 25.53 -118.95 26.77
N VAL T 251 24.71 -118.06 26.22
CA VAL T 251 23.60 -118.50 25.38
C VAL T 251 23.82 -118.16 23.91
N VAL T 252 23.87 -119.17 23.07
CA VAL T 252 24.22 -118.95 21.66
C VAL T 252 23.53 -119.95 20.75
N SER T 253 23.39 -119.60 19.48
CA SER T 253 22.77 -120.49 18.51
C SER T 253 23.80 -121.29 17.70
N GLU T 254 23.52 -122.58 17.49
CA GLU T 254 24.41 -123.44 16.70
C GLU T 254 23.64 -124.32 15.71
N TRP T 255 24.32 -124.69 14.63
CA TRP T 255 23.71 -125.50 13.58
C TRP T 255 24.27 -126.92 13.56
N ASN T 256 23.37 -127.89 13.53
CA ASN T 256 23.71 -129.30 13.36
C ASN T 256 24.85 -129.76 14.25
N GLY T 257 24.54 -129.95 15.53
CA GLY T 257 25.56 -130.34 16.49
C GLY T 257 26.11 -129.10 17.18
N THR T 258 27.16 -129.30 17.96
CA THR T 258 27.79 -128.20 18.66
C THR T 258 29.29 -128.33 18.50
N THR T 259 30.00 -127.20 18.58
CA THR T 259 31.44 -127.27 18.50
C THR T 259 31.99 -127.84 19.79
N MET T 260 33.15 -128.49 19.69
CA MET T 260 33.76 -129.10 20.86
C MET T 260 34.89 -128.23 21.37
N ASP T 261 35.17 -127.15 20.64
CA ASP T 261 36.27 -126.24 20.95
C ASP T 261 35.78 -124.99 21.66
N TRP T 262 36.13 -124.86 22.95
CA TRP T 262 35.69 -123.73 23.74
C TRP T 262 36.07 -122.37 23.13
N ASN T 263 37.19 -122.31 22.43
CA ASN T 263 37.60 -121.04 21.83
C ASN T 263 36.73 -120.69 20.64
N GLU T 264 36.35 -121.69 19.84
CA GLU T 264 35.45 -121.43 18.71
C GLU T 264 34.09 -120.96 19.26
N LEU T 265 33.64 -121.63 20.33
CA LEU T 265 32.35 -121.34 20.95
C LEU T 265 32.20 -119.86 21.27
N PHE T 266 33.28 -119.22 21.72
CA PHE T 266 33.22 -117.83 22.14
C PHE T 266 33.55 -116.86 21.03
N LYS T 267 33.73 -117.37 19.82
CA LYS T 267 33.83 -116.50 18.65
C LYS T 267 32.45 -116.32 18.02
N TYR T 268 31.46 -117.09 18.49
CA TYR T 268 30.08 -116.96 18.03
C TYR T 268 29.42 -115.77 18.70
N PRO T 269 28.36 -115.24 18.08
CA PRO T 269 27.57 -114.13 18.65
C PRO T 269 26.50 -114.58 19.65
N GLY T 270 26.93 -114.74 20.90
CA GLY T 270 26.04 -115.13 21.97
C GLY T 270 25.92 -114.02 23.01
N VAL T 271 25.22 -114.33 24.10
CA VAL T 271 24.98 -113.39 25.19
C VAL T 271 25.18 -114.09 26.53
N TYR T 272 25.56 -113.33 27.56
CA TYR T 272 25.72 -113.90 28.88
C TYR T 272 24.45 -113.69 29.69
N VAL T 273 24.06 -114.69 30.47
CA VAL T 273 22.89 -114.57 31.34
C VAL T 273 23.30 -114.93 32.75
N GLU T 274 23.19 -113.97 33.66
CA GLU T 274 23.59 -114.17 35.06
C GLU T 274 22.35 -114.22 35.94
N GLU T 275 21.22 -113.76 35.40
CA GLU T 275 20.03 -113.53 36.21
C GLU T 275 18.79 -113.36 35.35
N ASP T 276 17.62 -113.41 36.00
CA ASP T 276 16.34 -113.13 35.32
C ASP T 276 16.52 -111.96 34.37
N GLY T 277 16.03 -112.11 33.15
CA GLY T 277 16.09 -111.02 32.17
C GLY T 277 15.71 -111.42 30.77
N SER T 278 15.72 -110.47 29.85
CA SER T 278 15.47 -110.76 28.44
C SER T 278 16.78 -111.02 27.67
N PHE T 279 16.68 -111.61 26.49
CA PHE T 279 17.85 -111.91 25.66
C PHE T 279 17.47 -111.84 24.18
N GLU T 280 18.45 -111.55 23.34
CA GLU T 280 18.27 -111.68 21.88
C GLU T 280 19.41 -112.51 21.32
N VAL T 281 19.08 -113.61 20.64
CA VAL T 281 20.12 -114.41 19.99
C VAL T 281 19.77 -114.64 18.52
N LYS T 282 20.76 -114.45 17.64
CA LYS T 282 20.58 -114.64 16.21
C LYS T 282 20.47 -116.12 15.92
N ILE T 283 19.46 -116.50 15.14
CA ILE T 283 19.34 -117.88 14.65
C ILE T 283 20.46 -118.14 13.65
N ARG T 284 21.34 -119.06 13.99
CA ARG T 284 22.52 -119.37 13.20
C ARG T 284 22.30 -120.57 12.27
N SER T 285 22.49 -120.37 10.97
CA SER T 285 22.28 -121.43 9.98
C SER T 285 22.95 -121.14 8.64
N PRO T 286 23.41 -122.20 7.97
CA PRO T 286 24.04 -122.13 6.65
C PRO T 286 23.11 -121.49 5.64
N TYR T 287 21.80 -121.52 5.93
CA TYR T 287 20.77 -121.02 5.03
C TYR T 287 20.12 -119.78 5.62
N HIS T 288 20.62 -119.37 6.77
CA HIS T 288 20.12 -118.18 7.48
C HIS T 288 18.74 -118.40 8.07
N ARG T 289 18.13 -119.55 7.75
CA ARG T 289 16.82 -119.91 8.27
C ARG T 289 16.90 -121.37 8.72
N THR T 290 16.06 -121.75 9.68
CA THR T 290 15.91 -123.16 10.06
C THR T 290 14.50 -123.57 9.62
N PRO T 291 14.33 -124.84 9.20
CA PRO T 291 13.03 -125.31 8.71
C PRO T 291 12.02 -125.38 9.85
N ALA T 292 10.77 -125.15 9.49
CA ALA T 292 9.66 -125.13 10.43
C ALA T 292 9.32 -126.49 11.03
N ARG T 293 9.43 -127.54 10.23
CA ARG T 293 9.17 -128.88 10.72
C ARG T 293 10.22 -129.86 10.23
N LEU T 294 10.24 -131.07 10.82
CA LEU T 294 11.22 -132.08 10.45
C LEU T 294 10.69 -133.05 9.39
N LEU T 295 11.61 -133.54 8.56
CA LEU T 295 11.31 -134.61 7.64
C LEU T 295 11.63 -135.89 8.39
N ALA T 296 11.36 -137.04 7.78
CA ALA T 296 11.55 -138.31 8.48
C ALA T 296 13.03 -138.62 8.70
N GLY T 297 13.36 -139.11 9.90
CA GLY T 297 14.74 -139.46 10.20
C GLY T 297 15.61 -138.29 10.66
N GLN T 298 15.04 -137.08 10.65
CA GLN T 298 15.75 -135.91 11.12
C GLN T 298 15.52 -135.67 12.58
N SER T 299 16.39 -134.87 13.17
CA SER T 299 16.29 -134.55 14.58
C SER T 299 16.34 -133.03 14.72
N GLN T 300 15.90 -132.53 15.85
CA GLN T 300 15.87 -131.09 16.00
C GLN T 300 17.27 -130.50 16.18
N ARG T 301 18.20 -131.34 16.61
CA ARG T 301 19.57 -130.88 16.76
C ARG T 301 20.29 -130.85 15.43
N ASP T 302 19.70 -131.46 14.41
CA ASP T 302 20.27 -131.44 13.07
C ASP T 302 20.20 -130.05 12.47
N MET T 303 19.25 -129.23 12.96
CA MET T 303 19.06 -127.87 12.45
C MET T 303 19.59 -126.80 13.41
N SER T 304 18.93 -125.65 13.42
CA SER T 304 19.30 -124.56 14.32
C SER T 304 18.73 -124.75 15.73
N SER T 305 19.58 -124.58 16.74
CA SER T 305 19.13 -124.71 18.13
C SER T 305 19.60 -123.51 18.95
N LEU T 306 18.93 -123.31 20.08
CA LEU T 306 19.28 -122.27 21.04
C LEU T 306 19.97 -122.99 22.18
N ASN T 307 21.29 -122.80 22.30
CA ASN T 307 22.10 -123.56 23.25
C ASN T 307 22.47 -122.82 24.52
N PHE T 308 22.28 -123.49 25.65
CA PHE T 308 22.53 -122.89 26.95
C PHE T 308 23.73 -123.57 27.60
N TYR T 309 24.87 -122.87 27.60
CA TYR T 309 26.11 -123.38 28.15
C TYR T 309 26.31 -122.82 29.55
N ALA T 310 26.38 -123.71 30.54
CA ALA T 310 26.77 -123.29 31.88
C ALA T 310 28.29 -123.15 31.90
N ILE T 311 28.78 -121.91 32.00
CA ILE T 311 30.23 -121.67 31.98
C ILE T 311 30.82 -121.38 33.35
N ALA T 312 29.97 -121.04 34.32
CA ALA T 312 30.42 -120.91 35.70
C ALA T 312 29.29 -121.32 36.64
N GLY T 313 29.44 -122.45 37.30
CA GLY T 313 28.36 -122.97 38.12
C GLY T 313 27.49 -123.96 37.35
N PRO T 314 26.28 -124.24 37.87
CA PRO T 314 25.71 -123.63 39.06
C PRO T 314 26.47 -123.96 40.35
N ILE T 315 26.39 -123.06 41.33
CA ILE T 315 26.95 -123.32 42.65
C ILE T 315 25.87 -123.15 43.68
N ALA T 316 26.01 -123.87 44.78
CA ALA T 316 25.15 -123.70 45.92
C ALA T 316 25.91 -124.13 47.17
N PRO T 317 25.44 -123.70 48.35
CA PRO T 317 26.09 -124.11 49.60
C PRO T 317 25.90 -125.62 49.80
N SER T 318 26.72 -126.27 50.60
CA SER T 318 26.44 -127.68 50.88
C SER T 318 25.41 -127.69 51.97
N GLY T 319 24.60 -128.74 52.05
CA GLY T 319 24.58 -129.78 51.03
C GLY T 319 23.24 -129.65 50.33
N GLU T 320 23.22 -128.81 49.31
CA GLU T 320 22.07 -128.72 48.45
C GLU T 320 22.24 -129.79 47.37
N THR T 321 21.13 -130.28 46.84
CA THR T 321 21.19 -131.37 45.89
C THR T 321 20.37 -131.08 44.65
N ALA T 322 19.38 -130.22 44.82
CA ALA T 322 18.47 -129.85 43.75
C ALA T 322 19.20 -129.34 42.51
N GLN T 323 18.67 -129.64 41.34
CA GLN T 323 19.20 -129.06 40.12
C GLN T 323 18.73 -127.62 40.01
N LEU T 324 19.45 -126.79 39.24
CA LEU T 324 19.07 -125.41 39.02
C LEU T 324 18.30 -125.32 37.72
N PRO T 325 17.02 -124.94 37.80
CA PRO T 325 16.15 -124.89 36.62
C PRO T 325 16.17 -123.52 35.92
N ILE T 326 16.14 -123.54 34.60
CA ILE T 326 16.03 -122.36 33.75
C ILE T 326 14.71 -122.49 32.98
N VAL T 327 13.84 -121.49 33.08
CA VAL T 327 12.63 -121.49 32.26
C VAL T 327 12.76 -120.46 31.16
N VAL T 328 12.70 -120.89 29.90
CA VAL T 328 12.82 -119.96 28.76
C VAL T 328 11.46 -119.60 28.13
N GLN T 329 11.23 -118.32 27.89
CA GLN T 329 10.05 -117.89 27.16
C GLN T 329 10.48 -117.20 25.87
N ILE T 330 9.85 -117.57 24.76
CA ILE T 330 10.16 -116.97 23.48
C ILE T 330 9.07 -116.01 23.10
N ASP T 331 9.43 -114.73 22.91
CA ASP T 331 8.44 -113.68 22.71
C ASP T 331 8.21 -113.38 21.23
N GLU T 332 9.29 -113.28 20.47
CA GLU T 332 9.14 -113.11 19.02
C GLU T 332 10.42 -113.36 18.26
N ILE T 333 10.26 -113.49 16.96
CA ILE T 333 11.39 -113.46 16.05
C ILE T 333 11.45 -112.03 15.52
N VAL T 334 12.45 -111.28 15.99
CA VAL T 334 12.63 -109.89 15.57
C VAL T 334 13.50 -109.84 14.33
N ARG T 335 13.26 -108.86 13.48
CA ARG T 335 13.99 -108.75 12.23
C ARG T 335 13.94 -110.09 11.51
N PRO T 336 12.71 -110.56 11.23
CA PRO T 336 12.49 -111.93 10.76
C PRO T 336 12.83 -112.14 9.30
N ASP T 337 13.46 -113.27 8.99
CA ASP T 337 13.70 -113.67 7.62
C ASP T 337 12.84 -114.89 7.38
N LEU T 338 11.63 -114.67 6.88
CA LEU T 338 10.70 -115.78 6.72
C LEU T 338 10.80 -116.47 5.37
N SER T 339 10.46 -117.74 5.35
CA SER T 339 10.31 -118.47 4.09
C SER T 339 8.97 -118.14 3.47
N LEU T 340 8.73 -118.73 2.31
CA LEU T 340 7.40 -118.70 1.75
C LEU T 340 6.43 -119.28 2.76
N PRO T 341 5.17 -118.83 2.70
CA PRO T 341 4.13 -119.54 3.45
C PRO T 341 4.08 -120.99 2.96
N SER T 342 3.79 -121.93 3.84
CA SER T 342 3.73 -123.33 3.43
C SER T 342 2.51 -123.62 2.57
N PHE T 343 1.43 -122.87 2.81
CA PHE T 343 0.22 -123.01 1.98
C PHE T 343 -0.14 -121.71 1.32
N GLU T 344 -0.70 -121.81 0.13
CA GLU T 344 -1.23 -120.63 -0.57
C GLU T 344 -2.73 -120.47 -0.31
N ASP T 345 -3.34 -119.41 -0.84
CA ASP T 345 -4.77 -119.25 -0.64
C ASP T 345 -5.49 -120.18 -1.61
N ASP T 346 -5.53 -121.45 -1.23
CA ASP T 346 -5.96 -122.50 -2.12
C ASP T 346 -6.78 -123.50 -1.34
N TYR T 347 -7.30 -124.51 -2.05
CA TYR T 347 -7.96 -125.62 -1.41
C TYR T 347 -6.93 -126.50 -0.72
N PHE T 348 -7.40 -127.30 0.23
CA PHE T 348 -6.61 -128.35 0.85
C PHE T 348 -7.51 -129.52 1.21
N VAL T 349 -6.90 -130.66 1.48
CA VAL T 349 -7.67 -131.87 1.66
C VAL T 349 -8.39 -131.88 2.99
N TRP T 350 -9.69 -132.15 2.93
CA TRP T 350 -10.47 -132.36 4.14
C TRP T 350 -10.54 -133.86 4.43
N VAL T 351 -11.08 -134.62 3.49
CA VAL T 351 -11.24 -136.04 3.71
C VAL T 351 -11.30 -136.83 2.40
N ASP T 352 -10.73 -138.04 2.42
CA ASP T 352 -10.92 -139.01 1.34
C ASP T 352 -11.80 -140.19 1.79
N PHE T 353 -12.84 -140.51 1.03
CA PHE T 353 -13.60 -141.73 1.29
C PHE T 353 -13.24 -142.75 0.22
N SER T 354 -13.02 -143.98 0.64
CA SER T 354 -12.61 -145.03 -0.30
C SER T 354 -13.05 -146.40 0.20
N GLU T 355 -12.86 -147.42 -0.63
CA GLU T 355 -13.14 -148.78 -0.21
C GLU T 355 -14.57 -148.95 0.31
N PHE T 356 -15.55 -148.53 -0.51
CA PHE T 356 -16.96 -148.62 -0.10
C PHE T 356 -17.45 -150.06 -0.12
N THR T 357 -18.19 -150.46 0.91
CA THR T 357 -18.67 -151.85 0.98
C THR T 357 -20.14 -151.97 0.58
N LEU T 358 -20.88 -150.86 0.72
CA LEU T 358 -22.28 -150.81 0.35
C LEU T 358 -22.50 -149.81 -0.76
N ASP T 359 -23.44 -150.11 -1.65
CA ASP T 359 -23.78 -149.18 -2.73
C ASP T 359 -24.49 -147.93 -2.18
N LYS T 360 -25.33 -148.10 -1.16
CA LYS T 360 -25.99 -146.96 -0.53
C LYS T 360 -25.14 -146.47 0.65
N GLU T 361 -24.62 -145.26 0.53
CA GLU T 361 -23.81 -144.69 1.60
C GLU T 361 -24.28 -143.26 1.82
N GLU T 362 -24.42 -142.84 3.07
CA GLU T 362 -24.81 -141.45 3.35
C GLU T 362 -23.96 -140.84 4.46
N ILE T 363 -23.18 -139.85 4.08
CA ILE T 363 -22.24 -139.19 4.98
C ILE T 363 -22.83 -137.89 5.50
N GLU T 364 -23.20 -137.85 6.78
CA GLU T 364 -23.74 -136.62 7.36
C GLU T 364 -22.64 -135.65 7.78
N ILE T 365 -22.76 -134.41 7.36
CA ILE T 365 -21.80 -133.38 7.69
C ILE T 365 -22.44 -132.36 8.62
N GLY T 366 -23.65 -131.94 8.26
CA GLY T 366 -24.39 -131.00 9.08
C GLY T 366 -23.88 -129.60 8.94
N SER T 367 -23.41 -129.03 10.04
CA SER T 367 -22.82 -127.70 9.99
C SER T 367 -21.42 -127.72 10.60
N ARG T 368 -20.80 -128.90 10.64
CA ARG T 368 -19.51 -129.04 11.33
C ARG T 368 -18.34 -129.30 10.39
N PHE T 369 -17.15 -128.85 10.78
CA PHE T 369 -15.93 -129.36 10.18
C PHE T 369 -15.24 -130.25 11.21
N PHE T 370 -15.07 -131.54 10.89
CA PHE T 370 -14.69 -132.50 11.92
C PHE T 370 -14.10 -133.77 11.32
N ASP T 371 -13.70 -134.70 12.18
CA ASP T 371 -13.19 -136.01 11.74
C ASP T 371 -14.32 -137.02 11.56
N PHE T 372 -14.39 -137.62 10.37
CA PHE T 372 -15.40 -138.63 10.05
C PHE T 372 -15.01 -140.02 10.55
N THR T 373 -16.02 -140.85 10.79
CA THR T 373 -15.81 -142.29 10.99
C THR T 373 -16.85 -143.07 10.22
N SER T 374 -16.48 -144.26 9.75
CA SER T 374 -17.42 -145.12 9.05
C SER T 374 -17.15 -146.59 9.30
N ASN T 375 -18.23 -147.36 9.40
CA ASN T 375 -18.15 -148.80 9.53
C ASN T 375 -18.21 -149.45 8.15
N THR T 376 -18.66 -148.68 7.18
CA THR T 376 -18.97 -149.22 5.87
C THR T 376 -18.00 -148.78 4.78
N CYS T 377 -17.09 -147.86 5.14
CA CYS T 377 -16.05 -147.43 4.21
C CYS T 377 -14.83 -146.88 4.93
N ARG T 378 -13.76 -146.67 4.16
CA ARG T 378 -12.51 -146.17 4.72
C ARG T 378 -12.45 -144.65 4.70
N VAL T 379 -12.26 -144.06 5.88
CA VAL T 379 -12.10 -142.62 6.00
C VAL T 379 -10.64 -142.28 6.19
N SER T 380 -10.11 -141.37 5.38
CA SER T 380 -8.74 -140.87 5.54
C SER T 380 -8.77 -139.36 5.70
N MET T 381 -8.47 -138.89 6.90
CA MET T 381 -8.62 -137.47 7.18
C MET T 381 -7.36 -136.69 6.76
N GLY T 382 -7.54 -135.44 6.34
CA GLY T 382 -6.40 -134.61 5.99
C GLY T 382 -5.81 -134.00 7.24
N GLU T 383 -4.47 -133.83 7.25
CA GLU T 383 -3.80 -133.06 8.30
C GLU T 383 -3.12 -131.79 7.72
N ASN T 384 -3.59 -130.62 8.16
CA ASN T 384 -3.06 -129.33 7.73
C ASN T 384 -3.29 -128.25 8.77
N PRO T 385 -2.67 -127.07 8.58
CA PRO T 385 -2.79 -126.05 9.62
C PRO T 385 -4.23 -125.67 9.91
N PHE T 386 -5.08 -125.64 8.90
CA PHE T 386 -6.46 -125.24 9.18
C PHE T 386 -7.13 -126.20 10.18
N ALA T 387 -6.99 -127.50 9.94
CA ALA T 387 -7.56 -128.51 10.84
C ALA T 387 -6.99 -128.35 12.25
N ALA T 388 -5.71 -128.04 12.37
CA ALA T 388 -5.06 -127.80 13.66
C ALA T 388 -5.65 -126.57 14.32
N MET T 389 -5.85 -125.50 13.55
CA MET T 389 -6.46 -124.30 14.12
C MET T 389 -7.87 -124.58 14.65
N ILE T 390 -8.62 -125.43 13.96
CA ILE T 390 -9.94 -125.82 14.43
C ILE T 390 -9.84 -126.53 15.79
N ALA T 391 -8.76 -127.29 15.94
CA ALA T 391 -8.58 -128.11 17.11
C ALA T 391 -8.03 -127.30 18.26
N CYS T 392 -7.41 -126.17 17.94
CA CYS T 392 -6.70 -125.41 18.96
C CYS T 392 -7.46 -124.16 19.36
N HIS T 393 -8.74 -124.13 19.05
CA HIS T 393 -9.60 -123.10 19.58
C HIS T 393 -10.88 -123.69 20.15
N GLY T 394 -11.47 -122.98 21.11
CA GLY T 394 -12.71 -123.39 21.73
C GLY T 394 -13.88 -123.32 20.76
N LEU T 395 -13.95 -122.23 20.00
CA LEU T 395 -15.03 -122.00 19.06
C LEU T 395 -14.52 -121.52 17.71
N HIS T 396 -15.25 -121.81 16.64
CA HIS T 396 -14.90 -121.30 15.33
C HIS T 396 -16.18 -121.06 14.52
N SER T 397 -16.05 -120.28 13.45
CA SER T 397 -17.18 -119.99 12.57
C SER T 397 -16.70 -119.46 11.23
N GLY T 398 -17.35 -119.92 10.16
CA GLY T 398 -17.03 -119.42 8.83
C GLY T 398 -17.72 -120.18 7.72
N VAL T 399 -17.29 -119.93 6.50
CA VAL T 399 -17.83 -120.67 5.38
C VAL T 399 -16.72 -121.34 4.60
N LEU T 400 -16.93 -122.61 4.27
CA LEU T 400 -15.98 -123.38 3.48
C LEU T 400 -16.52 -123.60 2.09
N ASP T 401 -15.69 -123.31 1.09
CA ASP T 401 -16.00 -123.74 -0.26
C ASP T 401 -15.48 -125.16 -0.45
N LEU T 402 -16.32 -126.05 -0.98
CA LEU T 402 -15.93 -127.44 -1.16
C LEU T 402 -15.77 -127.79 -2.64
N LYS T 403 -14.76 -128.58 -2.94
CA LYS T 403 -14.60 -129.22 -4.24
C LYS T 403 -14.66 -130.72 -3.99
N LEU T 404 -15.56 -131.39 -4.69
CA LEU T 404 -15.61 -132.84 -4.62
C LEU T 404 -15.03 -133.41 -5.91
N GLN T 405 -14.16 -134.41 -5.77
CA GLN T 405 -13.61 -135.10 -6.93
C GLN T 405 -13.73 -136.60 -6.73
N TRP T 406 -13.96 -137.34 -7.81
CA TRP T 406 -14.03 -138.80 -7.67
C TRP T 406 -13.59 -139.53 -8.93
N SER T 407 -13.07 -140.75 -8.73
CA SER T 407 -12.71 -141.60 -9.86
C SER T 407 -13.56 -142.86 -9.81
N LEU T 408 -13.75 -143.51 -10.96
CA LEU T 408 -14.58 -144.72 -10.99
C LEU T 408 -13.84 -146.03 -10.71
N ASN T 409 -14.56 -146.97 -10.11
CA ASN T 409 -14.05 -148.30 -9.81
C ASN T 409 -14.45 -149.30 -10.88
N THR T 410 -15.65 -149.09 -11.44
CA THR T 410 -16.16 -149.90 -12.54
C THR T 410 -15.85 -149.25 -13.89
N GLU T 411 -16.24 -149.91 -14.98
CA GLU T 411 -16.04 -149.37 -16.33
C GLU T 411 -16.93 -148.15 -16.56
N PHE T 412 -16.36 -147.12 -17.18
CA PHE T 412 -17.09 -145.88 -17.38
C PHE T 412 -18.40 -146.10 -18.09
N GLY T 413 -18.38 -146.95 -19.12
CA GLY T 413 -19.57 -147.20 -19.90
C GLY T 413 -20.69 -147.89 -19.14
N LYS T 414 -20.37 -148.47 -17.99
CA LYS T 414 -21.37 -149.19 -17.21
C LYS T 414 -21.92 -148.34 -16.09
N SER T 415 -21.32 -147.17 -15.91
CA SER T 415 -21.60 -146.31 -14.76
C SER T 415 -23.01 -145.77 -14.74
N SER T 416 -23.55 -145.60 -13.53
CA SER T 416 -24.85 -144.98 -13.31
C SER T 416 -24.89 -144.33 -11.94
N GLY T 417 -25.97 -143.58 -11.66
CA GLY T 417 -26.12 -142.99 -10.34
C GLY T 417 -25.44 -141.64 -10.20
N SER T 418 -25.18 -141.26 -8.95
CA SER T 418 -24.84 -139.88 -8.58
C SER T 418 -24.12 -139.72 -7.25
N VAL T 419 -23.38 -138.62 -7.16
CA VAL T 419 -22.99 -138.04 -5.88
C VAL T 419 -24.03 -136.95 -5.65
N THR T 420 -24.85 -137.08 -4.61
CA THR T 420 -25.85 -136.06 -4.33
C THR T 420 -25.49 -135.25 -3.09
N ILE T 421 -25.60 -133.92 -3.17
CA ILE T 421 -25.39 -133.08 -2.00
C ILE T 421 -26.73 -132.61 -1.48
N THR T 422 -27.14 -133.14 -0.34
CA THR T 422 -28.36 -132.67 0.30
C THR T 422 -28.07 -131.44 1.14
N LYS T 423 -28.81 -130.36 0.89
CA LYS T 423 -28.66 -129.13 1.67
C LYS T 423 -29.98 -128.75 2.31
N LEU T 424 -30.04 -128.77 3.63
CA LEU T 424 -31.26 -128.44 4.35
C LEU T 424 -31.02 -127.28 5.31
N VAL T 425 -32.12 -126.79 5.87
CA VAL T 425 -32.05 -125.95 7.04
C VAL T 425 -32.87 -126.63 8.12
N GLY T 426 -32.24 -127.03 9.20
CA GLY T 426 -32.91 -127.76 10.24
C GLY T 426 -32.19 -129.07 10.39
N ASP T 427 -32.91 -130.16 10.14
CA ASP T 427 -32.35 -131.52 10.19
C ASP T 427 -33.05 -132.41 9.19
N LYS T 428 -32.60 -133.65 9.08
CA LYS T 428 -33.15 -134.56 8.10
C LYS T 428 -34.67 -134.70 8.31
N ALA T 429 -35.11 -134.63 9.58
CA ALA T 429 -36.51 -134.93 9.92
C ALA T 429 -37.54 -133.82 9.65
N MET T 430 -37.18 -132.56 9.92
CA MET T 430 -38.14 -131.48 9.83
C MET T 430 -37.61 -130.28 9.07
N GLY T 431 -36.50 -130.47 8.37
CA GLY T 431 -35.83 -129.38 7.69
C GLY T 431 -36.46 -128.79 6.44
N LEU T 432 -35.95 -127.64 6.03
CA LEU T 432 -36.38 -126.96 4.82
C LEU T 432 -35.37 -127.27 3.74
N ASP T 433 -35.81 -127.23 2.48
CA ASP T 433 -34.95 -127.62 1.35
C ASP T 433 -34.19 -126.46 0.74
N GLY T 434 -32.87 -126.54 0.76
CA GLY T 434 -32.02 -125.49 0.21
C GLY T 434 -31.47 -125.86 -1.15
N PRO T 435 -30.25 -125.44 -1.45
CA PRO T 435 -29.58 -125.70 -2.73
C PRO T 435 -28.97 -127.12 -2.81
N SER T 436 -29.80 -128.12 -2.58
CA SER T 436 -29.41 -129.51 -2.78
C SER T 436 -29.04 -129.67 -4.25
N HIS T 437 -28.27 -130.69 -4.56
CA HIS T 437 -27.59 -130.70 -5.83
C HIS T 437 -27.27 -132.14 -6.23
N VAL T 438 -27.68 -132.52 -7.43
CA VAL T 438 -27.44 -133.88 -7.93
C VAL T 438 -26.36 -133.89 -9.01
N PHE T 439 -25.21 -134.47 -8.68
CA PHE T 439 -24.13 -134.64 -9.64
C PHE T 439 -24.16 -136.05 -10.23
N ALA T 440 -24.57 -136.17 -11.48
CA ALA T 440 -24.49 -137.47 -12.14
C ALA T 440 -23.07 -138.01 -11.97
N ILE T 441 -22.94 -139.29 -11.69
CA ILE T 441 -21.63 -139.83 -11.36
C ILE T 441 -20.61 -139.57 -12.47
N GLN T 442 -21.07 -139.44 -13.70
CA GLN T 442 -20.19 -139.17 -14.85
C GLN T 442 -19.58 -137.79 -14.89
N LYS T 443 -20.12 -136.83 -14.13
CA LYS T 443 -19.47 -135.51 -13.98
C LYS T 443 -18.08 -135.63 -13.35
N LEU T 444 -17.92 -136.57 -12.43
CA LEU T 444 -16.61 -136.88 -11.86
C LEU T 444 -16.07 -135.76 -10.95
N GLU T 445 -16.89 -134.72 -10.75
CA GLU T 445 -16.56 -133.63 -9.83
C GLU T 445 -17.76 -132.71 -9.60
N GLY T 446 -17.74 -132.00 -8.48
CA GLY T 446 -18.78 -131.04 -8.17
C GLY T 446 -18.35 -130.08 -7.09
N THR T 447 -19.08 -128.99 -6.95
CA THR T 447 -18.73 -127.98 -5.94
C THR T 447 -19.93 -127.60 -5.07
N THR T 448 -19.65 -127.13 -3.87
CA THR T 448 -20.70 -126.66 -2.98
C THR T 448 -20.09 -125.78 -1.85
N GLU T 449 -20.92 -125.00 -1.17
CA GLU T 449 -20.45 -124.25 -0.02
C GLU T 449 -20.94 -124.99 1.23
N LEU T 450 -20.22 -124.83 2.33
CA LEU T 450 -20.68 -125.36 3.62
C LEU T 450 -20.61 -124.30 4.70
N LEU T 451 -21.73 -124.05 5.38
CA LEU T 451 -21.71 -123.14 6.50
C LEU T 451 -21.24 -123.90 7.72
N VAL T 452 -20.11 -123.47 8.28
CA VAL T 452 -19.63 -124.00 9.56
C VAL T 452 -20.03 -123.00 10.64
N GLY T 453 -21.11 -123.31 11.33
CA GLY T 453 -21.70 -122.39 12.28
C GLY T 453 -23.15 -122.76 12.57
N ASN T 454 -23.87 -121.84 13.20
CA ASN T 454 -25.24 -122.08 13.61
C ASN T 454 -25.90 -120.79 14.09
N PHE T 455 -27.17 -120.88 14.49
CA PHE T 455 -27.91 -119.69 14.92
C PHE T 455 -27.18 -118.92 16.03
N ALA T 456 -26.46 -119.61 16.90
CA ALA T 456 -25.76 -118.96 18.00
C ALA T 456 -24.53 -118.18 17.54
N GLY T 457 -23.87 -118.70 16.51
CA GLY T 457 -22.80 -117.95 15.87
C GLY T 457 -21.45 -118.63 15.71
N ALA T 458 -21.28 -119.75 16.39
CA ALA T 458 -19.99 -120.44 16.38
C ALA T 458 -20.11 -121.91 16.80
N ASN T 459 -19.20 -122.75 16.36
CA ASN T 459 -19.23 -124.16 16.72
C ASN T 459 -18.13 -124.47 17.73
N PRO T 460 -18.45 -125.30 18.74
CA PRO T 460 -17.43 -125.87 19.62
C PRO T 460 -16.73 -126.99 18.86
N ASN T 461 -15.59 -127.44 19.37
CA ASN T 461 -14.88 -128.52 18.69
C ASN T 461 -15.31 -129.89 19.24
N THR T 462 -16.61 -130.04 19.42
CA THR T 462 -17.21 -131.26 19.91
C THR T 462 -18.53 -131.46 19.17
N ARG T 463 -19.24 -132.54 19.49
CA ARG T 463 -20.60 -132.69 18.99
C ARG T 463 -21.51 -131.75 19.80
N PHE T 464 -22.48 -131.16 19.12
CA PHE T 464 -23.39 -130.20 19.75
C PHE T 464 -24.65 -130.26 18.89
N SER T 465 -25.76 -129.75 19.43
CA SER T 465 -26.99 -129.70 18.66
C SER T 465 -27.57 -128.30 18.67
N LEU T 466 -27.28 -127.50 17.64
CA LEU T 466 -27.82 -126.15 17.53
C LEU T 466 -28.36 -125.88 16.14
N TYR T 467 -29.63 -125.50 16.05
CA TYR T 467 -30.30 -125.24 14.76
C TYR T 467 -29.39 -124.50 13.77
N SER T 468 -29.24 -125.07 12.58
CA SER T 468 -28.40 -124.46 11.55
C SER T 468 -28.70 -125.08 10.20
N ARG T 469 -27.97 -124.66 9.18
CA ARG T 469 -28.03 -125.35 7.91
C ARG T 469 -27.45 -126.76 8.09
N TRP T 470 -27.77 -127.66 7.16
CA TRP T 470 -27.44 -129.06 7.33
C TRP T 470 -27.08 -129.68 6.00
N MET T 471 -25.92 -130.34 5.95
CA MET T 471 -25.43 -130.92 4.71
C MET T 471 -25.16 -132.42 4.81
N ALA T 472 -25.38 -133.13 3.70
CA ALA T 472 -25.04 -134.54 3.64
C ALA T 472 -24.63 -134.91 2.24
N ILE T 473 -23.72 -135.88 2.12
CA ILE T 473 -23.34 -136.45 0.82
C ILE T 473 -24.00 -137.83 0.69
N LYS T 474 -24.74 -138.05 -0.39
CA LYS T 474 -25.48 -139.29 -0.60
C LYS T 474 -24.99 -140.03 -1.84
N LEU T 475 -24.37 -141.18 -1.64
CA LEU T 475 -23.97 -142.06 -2.73
C LEU T 475 -24.99 -143.17 -2.96
N ASP T 476 -25.36 -143.42 -4.21
CA ASP T 476 -26.29 -144.53 -4.52
C ASP T 476 -25.62 -145.70 -5.25
N GLN T 477 -24.40 -145.46 -5.73
CA GLN T 477 -23.63 -146.45 -6.42
C GLN T 477 -22.19 -146.41 -5.92
N ALA T 478 -22.05 -146.39 -4.60
CA ALA T 478 -20.77 -146.12 -3.97
C ALA T 478 -19.69 -147.13 -4.35
N LYS T 479 -20.08 -148.37 -4.61
CA LYS T 479 -19.14 -149.42 -4.99
C LYS T 479 -18.51 -149.14 -6.37
N SER T 480 -19.11 -148.24 -7.14
CA SER T 480 -18.54 -147.82 -8.42
C SER T 480 -17.53 -146.68 -8.28
N ILE T 481 -17.27 -146.26 -7.06
CA ILE T 481 -16.35 -145.16 -6.83
C ILE T 481 -15.07 -145.67 -6.18
N LYS T 482 -13.93 -145.39 -6.79
CA LYS T 482 -12.67 -145.79 -6.21
C LYS T 482 -12.25 -144.85 -5.09
N VAL T 483 -12.51 -143.57 -5.27
CA VAL T 483 -12.25 -142.59 -4.21
C VAL T 483 -13.11 -141.36 -4.38
N LEU T 484 -13.61 -140.85 -3.26
CA LEU T 484 -14.32 -139.57 -3.24
C LEU T 484 -13.48 -138.63 -2.39
N ARG T 485 -12.91 -137.61 -3.01
CA ARG T 485 -12.08 -136.67 -2.27
C ARG T 485 -12.83 -135.36 -2.05
N VAL T 486 -12.75 -134.83 -0.83
CA VAL T 486 -13.37 -133.55 -0.51
C VAL T 486 -12.31 -132.52 -0.10
N LEU T 487 -12.12 -131.50 -0.95
CA LEU T 487 -11.22 -130.40 -0.63
C LEU T 487 -12.03 -129.21 -0.15
N CYS T 488 -11.43 -128.39 0.72
CA CYS T 488 -12.09 -127.15 1.15
C CYS T 488 -11.14 -125.96 1.11
N LYS T 489 -11.73 -124.77 1.06
CA LYS T 489 -11.00 -123.50 0.99
C LYS T 489 -11.81 -122.47 1.75
N PRO T 490 -11.35 -122.11 2.94
CA PRO T 490 -12.10 -121.20 3.79
C PRO T 490 -12.27 -119.84 3.13
N ARG T 491 -13.50 -119.33 3.15
CA ARG T 491 -13.77 -117.97 2.72
C ARG T 491 -13.19 -117.01 3.72
N PRO T 492 -12.74 -115.84 3.23
CA PRO T 492 -12.10 -114.82 4.04
C PRO T 492 -12.95 -114.54 5.26
N GLY T 493 -12.32 -114.42 6.41
CA GLY T 493 -13.05 -114.09 7.62
C GLY T 493 -13.43 -115.30 8.44
N PHE T 494 -12.87 -116.45 8.11
CA PHE T 494 -13.09 -117.63 8.94
C PHE T 494 -12.47 -117.40 10.32
N SER T 495 -13.27 -117.47 11.36
CA SER T 495 -12.86 -116.96 12.67
C SER T 495 -12.69 -118.02 13.75
N PHE T 496 -11.71 -117.79 14.61
CA PHE T 496 -11.45 -118.68 15.73
C PHE T 496 -11.52 -117.91 17.05
N TYR T 497 -12.10 -118.54 18.07
CA TYR T 497 -12.28 -117.92 19.36
C TYR T 497 -11.63 -118.73 20.49
N GLY T 498 -10.88 -118.04 21.34
CA GLY T 498 -10.28 -118.66 22.54
C GLY T 498 -9.22 -119.73 22.32
N ARG T 499 -7.96 -119.30 22.25
CA ARG T 499 -6.86 -120.23 21.99
C ARG T 499 -6.75 -121.26 23.09
N THR T 500 -6.49 -122.51 22.71
CA THR T 500 -6.39 -123.63 23.64
C THR T 500 -5.56 -124.73 23.00
N SER T 501 -5.64 -125.95 23.53
CA SER T 501 -4.85 -127.06 22.97
C SER T 501 -5.70 -128.31 22.82
N PHE T 502 -5.09 -129.34 22.27
CA PHE T 502 -5.82 -130.54 21.88
C PHE T 502 -4.94 -131.76 21.90
N PRO T 503 -4.92 -132.47 23.02
CA PRO T 503 -4.16 -133.71 23.15
C PRO T 503 -4.86 -134.89 22.50
N VAL T 504 -4.13 -135.67 21.71
CA VAL T 504 -4.61 -136.93 21.15
C VAL T 504 -3.55 -138.02 21.29
N GLY U 1 27.63 -84.27 72.49
CA GLY U 1 28.69 -85.26 72.47
C GLY U 1 28.38 -86.48 73.32
N LEU U 2 29.20 -87.51 73.20
CA LEU U 2 28.98 -88.71 73.99
C LEU U 2 29.05 -88.38 75.48
N ALA U 3 27.97 -88.69 76.19
CA ALA U 3 27.84 -88.29 77.59
C ALA U 3 27.99 -89.46 78.56
N GLY U 4 27.59 -90.64 78.11
CA GLY U 4 27.72 -91.84 78.92
C GLY U 4 27.54 -93.08 78.09
N ARG U 5 27.92 -94.23 78.63
CA ARG U 5 27.78 -95.48 77.91
C ARG U 5 27.58 -96.67 78.83
N GLY U 6 27.20 -97.80 78.25
CA GLY U 6 26.96 -99.01 79.01
C GLY U 6 26.91 -100.21 78.10
N VAL U 7 26.85 -101.39 78.67
CA VAL U 7 26.83 -102.60 77.86
C VAL U 7 25.68 -103.54 78.25
N ILE U 8 24.99 -104.08 77.26
CA ILE U 8 23.99 -105.12 77.52
C ILE U 8 24.52 -106.46 77.00
N TYR U 9 24.42 -107.52 77.78
CA TYR U 9 24.89 -108.80 77.22
C TYR U 9 23.73 -109.62 76.73
N ILE U 10 23.89 -110.14 75.53
CA ILE U 10 22.91 -111.01 74.91
C ILE U 10 23.40 -112.46 74.96
N PRO U 11 22.56 -113.37 75.47
CA PRO U 11 22.89 -114.79 75.51
C PRO U 11 22.77 -115.45 74.13
N LYS U 12 23.55 -116.49 73.88
CA LYS U 12 23.48 -117.12 72.58
C LYS U 12 22.05 -117.59 72.25
N ASP U 13 21.34 -118.10 73.25
CA ASP U 13 19.92 -118.43 73.05
C ASP U 13 19.10 -117.31 73.66
N CYS U 14 18.68 -116.35 72.85
CA CYS U 14 17.92 -115.23 73.41
C CYS U 14 16.42 -115.43 73.17
N GLN U 15 15.76 -116.10 74.13
CA GLN U 15 14.35 -116.48 74.04
C GLN U 15 13.41 -115.30 74.29
N ALA U 16 12.16 -115.41 73.83
CA ALA U 16 11.18 -114.37 74.17
C ALA U 16 11.07 -114.16 75.69
N ASN U 17 11.02 -112.90 76.10
CA ASN U 17 10.86 -112.54 77.51
C ASN U 17 12.11 -112.58 78.40
N ARG U 18 13.27 -112.83 77.81
CA ARG U 18 14.49 -112.76 78.61
C ARG U 18 14.80 -111.33 79.06
N TYR U 19 15.14 -111.21 80.33
CA TYR U 19 15.62 -109.94 80.84
C TYR U 19 17.09 -109.88 80.51
N LEU U 20 17.51 -108.78 79.88
CA LEU U 20 18.88 -108.61 79.40
C LEU U 20 19.70 -107.72 80.30
N GLY U 21 19.04 -106.80 81.01
CA GLY U 21 19.73 -105.96 81.95
C GLY U 21 19.14 -104.57 82.06
N THR U 22 19.61 -103.81 83.04
CA THR U 22 19.16 -102.44 83.23
C THR U 22 20.37 -101.50 83.31
N LEU U 23 20.29 -100.38 82.61
CA LEU U 23 21.35 -99.38 82.70
C LEU U 23 20.80 -98.25 83.49
N ASN U 24 21.61 -97.69 84.37
CA ASN U 24 21.18 -96.54 85.14
C ASN U 24 21.66 -95.24 84.46
N ILE U 25 20.73 -94.42 83.98
CA ILE U 25 21.11 -93.30 83.11
C ILE U 25 22.11 -92.40 83.78
N ARG U 26 21.93 -92.15 85.06
CA ARG U 26 22.85 -91.22 85.69
C ARG U 26 24.22 -91.85 85.91
N ASP U 27 24.24 -93.14 86.23
CA ASP U 27 25.50 -93.88 86.34
C ASP U 27 26.27 -93.99 85.01
N MET U 28 25.55 -94.12 83.90
CA MET U 28 26.20 -94.12 82.59
C MET U 28 27.00 -92.82 82.36
N ILE U 29 26.45 -91.70 82.78
CA ILE U 29 27.11 -90.42 82.59
C ILE U 29 28.23 -90.21 83.60
N SER U 30 28.02 -90.63 84.84
CA SER U 30 29.01 -90.42 85.90
C SER U 30 30.18 -91.40 85.86
N ASP U 31 29.95 -92.63 85.42
CA ASP U 31 31.04 -93.61 85.29
C ASP U 31 31.95 -93.25 84.11
N PHE U 32 31.37 -92.61 83.11
CA PHE U 32 32.10 -92.20 81.92
C PHE U 32 32.97 -91.00 82.28
N LYS U 33 32.34 -89.90 82.70
CA LYS U 33 33.03 -88.87 83.47
C LYS U 33 34.20 -88.18 82.78
N GLY U 34 34.11 -87.80 81.51
CA GLY U 34 32.91 -87.38 80.82
C GLY U 34 33.07 -85.86 80.69
N VAL U 35 33.24 -85.32 79.49
CA VAL U 35 33.18 -83.85 79.35
C VAL U 35 31.81 -83.34 79.74
N GLN U 36 30.78 -84.09 79.38
CA GLN U 36 29.40 -83.73 79.72
C GLN U 36 29.13 -83.86 81.21
N TYR U 37 29.64 -84.94 81.82
CA TYR U 37 29.52 -85.10 83.26
C TYR U 37 30.10 -83.90 84.01
N GLU U 38 31.28 -83.45 83.60
CA GLU U 38 31.89 -82.31 84.26
C GLU U 38 31.11 -81.02 84.02
N LYS U 39 30.49 -80.86 82.84
CA LYS U 39 29.67 -79.66 82.59
C LYS U 39 28.49 -79.70 83.53
N TRP U 40 28.06 -80.92 83.87
CA TRP U 40 26.88 -81.17 84.68
C TRP U 40 27.10 -80.70 86.09
N ILE U 41 28.25 -81.06 86.66
CA ILE U 41 28.62 -80.63 88.00
C ILE U 41 28.52 -79.10 88.18
N THR U 42 28.85 -78.36 87.14
CA THR U 42 28.82 -76.90 87.20
C THR U 42 27.41 -76.35 87.06
N ALA U 43 26.62 -77.00 86.20
CA ALA U 43 25.25 -76.60 85.99
C ALA U 43 24.41 -76.86 87.24
N GLY U 44 24.71 -77.97 87.92
CA GLY U 44 23.88 -78.42 89.01
C GLY U 44 22.69 -79.20 88.51
N LEU U 45 21.77 -78.50 87.84
CA LEU U 45 20.58 -79.11 87.26
C LEU U 45 20.64 -79.18 85.73
N VAL U 46 20.27 -80.33 85.16
CA VAL U 46 20.18 -80.45 83.71
C VAL U 46 18.83 -81.04 83.29
N MET U 47 18.30 -80.58 82.15
CA MET U 47 17.05 -81.12 81.57
C MET U 47 17.30 -81.62 80.16
N PRO U 48 18.18 -82.61 80.02
CA PRO U 48 18.77 -82.95 78.71
C PRO U 48 17.77 -83.36 77.64
N THR U 49 18.17 -83.18 76.39
CA THR U 49 17.57 -83.93 75.32
C THR U 49 18.61 -84.95 74.89
N PHE U 50 18.36 -86.21 75.21
CA PHE U 50 19.28 -87.28 74.89
C PHE U 50 19.01 -87.84 73.50
N LYS U 51 20.08 -88.22 72.81
CA LYS U 51 19.96 -89.16 71.70
C LYS U 51 20.51 -90.48 72.25
N ILE U 52 19.68 -91.51 72.25
CA ILE U 52 20.15 -92.81 72.67
C ILE U 52 20.47 -93.61 71.43
N VAL U 53 21.61 -94.26 71.43
CA VAL U 53 22.03 -95.06 70.30
C VAL U 53 22.41 -96.43 70.78
N ILE U 54 21.79 -97.44 70.22
CA ILE U 54 22.16 -98.81 70.55
C ILE U 54 22.92 -99.43 69.40
N ARG U 55 24.19 -99.73 69.60
CA ARG U 55 25.02 -100.35 68.56
C ARG U 55 25.01 -101.88 68.64
N LEU U 56 24.85 -102.47 67.46
CA LEU U 56 24.07 -103.68 67.35
C LEU U 56 24.31 -104.14 65.92
N PRO U 57 24.87 -105.35 65.75
CA PRO U 57 25.13 -105.81 64.37
C PRO U 57 23.83 -106.20 63.68
N ALA U 58 23.53 -105.57 62.55
CA ALA U 58 22.30 -105.86 61.83
C ALA U 58 22.30 -107.29 61.32
N ASN U 59 21.17 -107.97 61.47
CA ASN U 59 21.08 -109.34 61.00
C ASN U 59 19.66 -109.73 60.67
N ALA U 60 19.46 -110.23 59.45
CA ALA U 60 18.11 -110.57 59.02
C ALA U 60 17.75 -112.02 59.25
N PHE U 61 18.63 -112.77 59.92
CA PHE U 61 18.46 -114.22 60.00
C PHE U 61 18.16 -114.74 61.40
N THR U 62 17.67 -113.88 62.28
CA THR U 62 17.44 -114.28 63.66
C THR U 62 15.98 -114.13 64.09
N GLY U 63 15.34 -113.04 63.71
CA GLY U 63 13.97 -112.80 64.12
C GLY U 63 13.89 -112.05 65.42
N LEU U 64 15.05 -111.77 66.00
CA LEU U 64 15.14 -111.07 67.28
C LEU U 64 14.57 -109.67 67.26
N THR U 65 13.73 -109.37 68.25
CA THR U 65 13.25 -108.01 68.48
C THR U 65 13.34 -107.71 69.96
N TRP U 66 13.94 -106.59 70.32
CA TRP U 66 14.11 -106.22 71.72
C TRP U 66 13.27 -105.00 72.04
N VAL U 67 13.07 -104.74 73.33
CA VAL U 67 12.41 -103.53 73.77
C VAL U 67 13.27 -102.75 74.75
N MET U 68 13.57 -101.50 74.42
CA MET U 68 14.15 -100.58 75.38
C MET U 68 13.01 -99.84 76.08
N SER U 69 12.95 -99.94 77.40
CA SER U 69 11.88 -99.32 78.18
C SER U 69 12.47 -98.19 79.02
N PHE U 70 11.96 -96.97 78.85
CA PHE U 70 12.41 -95.84 79.65
C PHE U 70 11.58 -95.74 80.92
N ASP U 71 12.21 -96.12 82.04
CA ASP U 71 11.54 -96.18 83.34
C ASP U 71 12.12 -95.12 84.26
N ALA U 72 11.73 -93.87 84.07
CA ALA U 72 12.39 -92.79 84.80
C ALA U 72 12.09 -92.83 86.29
N TYR U 73 11.00 -93.50 86.68
CA TYR U 73 10.59 -93.50 88.07
C TYR U 73 10.62 -94.88 88.72
N ASN U 74 11.34 -95.79 88.07
CA ASN U 74 11.68 -97.09 88.63
C ASN U 74 10.45 -97.91 89.02
N ARG U 75 9.50 -98.05 88.09
CA ARG U 75 8.20 -98.66 88.41
C ARG U 75 8.10 -100.13 88.02
N ILE U 76 8.76 -100.52 86.94
CA ILE U 76 8.69 -101.92 86.54
C ILE U 76 9.93 -102.75 86.90
N THR U 77 10.97 -102.10 87.41
CA THR U 77 12.26 -102.80 87.62
C THR U 77 12.15 -104.08 88.42
N SER U 78 11.62 -103.95 89.64
CA SER U 78 11.28 -105.07 90.52
C SER U 78 10.67 -106.28 89.79
N ARG U 79 9.77 -106.01 88.87
CA ARG U 79 8.92 -107.07 88.31
C ARG U 79 9.45 -107.74 87.04
N ILE U 80 10.56 -107.26 86.48
CA ILE U 80 11.04 -107.79 85.19
C ILE U 80 12.38 -108.53 85.26
N THR U 81 13.04 -108.50 86.42
CA THR U 81 14.39 -109.01 86.54
C THR U 81 14.53 -110.54 86.61
N ALA U 82 13.43 -111.25 86.81
CA ALA U 82 13.44 -112.70 86.66
C ALA U 82 13.11 -113.00 85.22
N SER U 83 11.89 -112.61 84.85
CA SER U 83 11.44 -112.71 83.48
C SER U 83 10.66 -111.44 83.14
N ALA U 84 10.74 -111.03 81.88
CA ALA U 84 10.17 -109.76 81.45
C ALA U 84 8.90 -109.90 80.62
N ASP U 85 7.74 -109.87 81.28
CA ASP U 85 6.47 -109.93 80.57
C ASP U 85 6.31 -108.65 79.76
N PRO U 86 5.87 -108.77 78.50
CA PRO U 86 5.67 -107.60 77.66
C PRO U 86 4.65 -106.60 78.24
N VAL U 87 3.68 -107.06 79.03
CA VAL U 87 2.74 -106.13 79.65
C VAL U 87 3.45 -105.08 80.51
N TYR U 88 4.49 -105.50 81.24
CA TYR U 88 5.31 -104.55 81.99
C TYR U 88 6.18 -103.70 81.06
N THR U 89 6.92 -104.35 80.17
CA THR U 89 7.93 -103.62 79.38
C THR U 89 7.31 -102.59 78.42
N LEU U 90 6.05 -102.79 78.05
CA LEU U 90 5.36 -101.88 77.12
C LEU U 90 4.45 -100.86 77.84
N SER U 91 4.43 -100.90 79.16
CA SER U 91 3.55 -100.04 79.94
C SER U 91 4.17 -98.67 80.24
N VAL U 92 5.44 -98.51 79.87
CA VAL U 92 6.13 -97.22 80.03
C VAL U 92 6.65 -96.84 78.66
N PRO U 93 7.09 -95.58 78.49
CA PRO U 93 7.62 -95.21 77.17
C PRO U 93 8.70 -96.21 76.71
N HIS U 94 8.64 -96.60 75.44
CA HIS U 94 9.47 -97.70 74.96
C HIS U 94 9.65 -97.67 73.46
N TRP U 95 10.63 -98.44 73.00
CA TRP U 95 10.98 -98.46 71.58
C TRP U 95 11.27 -99.89 71.14
N LEU U 96 10.76 -100.28 69.97
CA LEU U 96 11.07 -101.59 69.43
C LEU U 96 12.40 -101.53 68.70
N ILE U 97 13.27 -102.48 69.01
CA ILE U 97 14.54 -102.59 68.33
C ILE U 97 14.57 -103.86 67.49
N HIS U 98 14.46 -103.68 66.16
CA HIS U 98 14.50 -104.82 65.25
C HIS U 98 15.92 -105.18 64.80
N HIS U 99 16.27 -106.45 64.94
CA HIS U 99 17.60 -106.90 64.65
C HIS U 99 17.93 -106.70 63.18
N LYS U 100 16.91 -106.80 62.32
CA LYS U 100 17.15 -106.65 60.89
C LYS U 100 17.61 -105.24 60.52
N LEU U 101 17.33 -104.27 61.38
CA LEU U 101 17.62 -102.86 61.09
C LEU U 101 18.96 -102.42 61.66
N GLY U 102 19.58 -103.30 62.43
CA GLY U 102 20.86 -102.99 63.04
C GLY U 102 20.83 -101.86 64.06
N THR U 103 21.85 -101.00 63.99
CA THR U 103 22.02 -99.93 64.95
C THR U 103 20.78 -99.04 65.03
N PHE U 104 20.36 -98.79 66.27
CA PHE U 104 19.10 -98.13 66.58
C PHE U 104 19.34 -96.80 67.25
N SER U 105 18.47 -95.85 67.00
CA SER U 105 18.58 -94.52 67.59
C SER U 105 17.21 -93.90 67.90
N CYS U 106 17.12 -93.12 68.97
CA CYS U 106 15.90 -92.36 69.25
C CYS U 106 16.20 -91.18 70.14
N GLU U 107 15.25 -90.25 70.21
CA GLU U 107 15.42 -89.07 71.06
C GLU U 107 14.55 -89.16 72.30
N ILE U 108 15.11 -88.73 73.42
CA ILE U 108 14.36 -88.67 74.65
C ILE U 108 14.42 -87.23 75.13
N ASP U 109 13.30 -86.52 75.05
CA ASP U 109 13.24 -85.20 75.65
C ASP U 109 12.94 -85.41 77.11
N TYR U 110 13.97 -85.32 77.93
CA TYR U 110 13.84 -85.64 79.34
C TYR U 110 12.82 -84.73 80.01
N GLY U 111 12.63 -83.53 79.45
CA GLY U 111 11.59 -82.61 79.90
C GLY U 111 10.20 -83.18 79.81
N GLU U 112 9.89 -83.89 78.73
CA GLU U 112 8.58 -84.53 78.54
C GLU U 112 8.48 -85.89 79.20
N LEU U 113 9.30 -86.83 78.72
CA LEU U 113 9.27 -88.20 79.20
C LEU U 113 9.53 -88.37 80.70
N CYS U 114 10.24 -87.43 81.29
CA CYS U 114 10.52 -87.52 82.71
C CYS U 114 9.84 -86.41 83.52
N GLY U 115 10.18 -85.15 83.25
CA GLY U 115 9.50 -84.05 83.91
C GLY U 115 10.26 -83.28 84.97
N HIS U 116 11.22 -83.90 85.62
CA HIS U 116 12.03 -83.16 86.58
C HIS U 116 13.51 -83.15 86.20
N ALA U 117 14.19 -82.07 86.53
CA ALA U 117 15.62 -81.92 86.20
C ALA U 117 16.54 -82.76 87.09
N MET U 118 17.65 -83.21 86.49
CA MET U 118 18.60 -84.08 87.17
C MET U 118 19.65 -83.32 87.97
N TRP U 119 19.80 -83.73 89.23
CA TRP U 119 20.76 -83.12 90.14
C TRP U 119 22.08 -83.89 90.12
N PHE U 120 23.17 -83.16 89.90
CA PHE U 120 24.46 -83.79 89.68
C PHE U 120 24.90 -84.72 90.81
N LYS U 121 24.59 -84.37 92.05
CA LYS U 121 25.18 -85.08 93.19
C LYS U 121 24.42 -86.31 93.68
N SER U 122 23.12 -86.38 93.39
CA SER U 122 22.32 -87.48 93.88
C SER U 122 20.97 -87.55 93.20
N THR U 123 20.38 -88.73 93.26
CA THR U 123 19.03 -88.91 92.76
C THR U 123 18.05 -88.07 93.59
N THR U 124 17.14 -87.36 92.92
CA THR U 124 16.14 -86.55 93.61
C THR U 124 14.95 -87.41 94.04
N PHE U 125 14.23 -87.95 93.07
CA PHE U 125 13.11 -88.82 93.40
C PHE U 125 13.49 -90.27 93.30
N GLU U 126 13.37 -90.84 92.11
CA GLU U 126 13.93 -92.15 91.93
C GLU U 126 14.95 -92.06 90.81
N SER U 127 15.78 -93.09 90.68
CA SER U 127 16.88 -93.11 89.72
C SER U 127 16.44 -93.68 88.36
N PRO U 128 16.53 -92.85 87.30
CA PRO U 128 16.04 -93.17 85.95
C PRO U 128 16.78 -94.35 85.30
N ARG U 129 16.02 -95.33 84.81
CA ARG U 129 16.61 -96.54 84.23
C ARG U 129 16.23 -96.78 82.75
N LEU U 130 17.10 -97.46 82.03
CA LEU U 130 16.76 -98.04 80.74
C LEU U 130 16.75 -99.56 80.88
N HIS U 131 15.62 -100.20 80.59
CA HIS U 131 15.55 -101.66 80.63
C HIS U 131 15.64 -102.27 79.24
N PHE U 132 16.41 -103.36 79.11
CA PHE U 132 16.50 -104.05 77.84
C PHE U 132 16.00 -105.47 77.94
N THR U 133 14.94 -105.75 77.20
CA THR U 133 14.27 -107.05 77.25
C THR U 133 14.08 -107.59 75.85
N CYS U 134 13.89 -108.90 75.73
CA CYS U 134 13.67 -109.50 74.43
C CYS U 134 12.16 -109.74 74.19
N LEU U 135 11.60 -109.12 73.15
CA LEU U 135 10.17 -109.20 72.88
C LEU U 135 9.80 -110.44 72.09
N THR U 136 10.54 -110.68 71.02
CA THR U 136 10.41 -111.90 70.24
C THR U 136 11.78 -112.56 70.15
N GLY U 137 11.85 -113.86 70.40
CA GLY U 137 13.11 -114.54 70.47
C GLY U 137 13.71 -114.90 69.12
N ASN U 138 14.95 -115.38 69.14
CA ASN U 138 15.60 -115.88 67.93
C ASN U 138 15.01 -117.22 67.48
N ASN U 139 15.01 -117.49 66.18
CA ASN U 139 14.34 -118.66 65.63
C ASN U 139 15.09 -119.95 66.02
N LYS U 140 16.39 -119.80 66.25
CA LYS U 140 17.28 -120.85 66.72
C LYS U 140 18.41 -120.12 67.41
N GLU U 141 19.11 -120.77 68.32
CA GLU U 141 20.16 -120.04 69.02
C GLU U 141 21.24 -119.59 68.02
N LEU U 142 21.98 -118.54 68.39
CA LEU U 142 23.08 -118.06 67.57
C LEU U 142 24.35 -118.83 67.92
N ALA U 143 25.45 -118.48 67.27
CA ALA U 143 26.70 -119.23 67.43
C ALA U 143 27.37 -119.04 68.80
N ALA U 144 27.22 -117.86 69.38
CA ALA U 144 27.86 -117.57 70.65
C ALA U 144 27.24 -116.37 71.34
N ASP U 145 27.54 -116.21 72.64
CA ASP U 145 27.13 -115.01 73.39
C ASP U 145 27.73 -113.77 72.72
N TRP U 146 27.04 -112.66 72.83
CA TRP U 146 27.56 -111.39 72.31
C TRP U 146 27.12 -110.21 73.14
N GLN U 147 27.45 -109.00 72.71
CA GLN U 147 27.01 -107.82 73.42
C GLN U 147 26.60 -106.70 72.49
N ALA U 148 25.80 -105.77 73.02
CA ALA U 148 25.44 -104.55 72.33
C ALA U 148 25.89 -103.38 73.18
N VAL U 149 26.18 -102.25 72.54
CA VAL U 149 26.63 -101.07 73.27
C VAL U 149 25.54 -100.01 73.26
N VAL U 150 25.25 -99.45 74.44
CA VAL U 150 24.29 -98.35 74.56
C VAL U 150 25.03 -97.03 74.79
N GLU U 151 24.69 -96.00 74.02
CA GLU U 151 25.38 -94.71 74.15
C GLU U 151 24.40 -93.56 74.34
N LEU U 152 24.71 -92.64 75.26
CA LEU U 152 23.92 -91.41 75.46
C LEU U 152 24.66 -90.22 74.89
N TYR U 153 24.02 -89.51 73.97
CA TYR U 153 24.60 -88.30 73.39
C TYR U 153 23.77 -87.13 73.84
N ALA U 154 24.42 -86.07 74.28
CA ALA U 154 23.71 -84.90 74.78
C ALA U 154 24.65 -83.72 74.86
N GLU U 155 24.11 -82.53 74.75
CA GLU U 155 24.87 -81.33 75.08
C GLU U 155 24.25 -80.69 76.30
N LEU U 156 24.72 -81.11 77.48
CA LEU U 156 24.15 -80.66 78.74
C LEU U 156 24.32 -79.17 78.98
N GLU U 157 23.24 -78.49 79.29
CA GLU U 157 23.32 -77.12 79.75
C GLU U 157 22.48 -76.94 81.01
N GLU U 158 22.79 -75.88 81.76
CA GLU U 158 22.12 -75.66 83.03
C GLU U 158 20.62 -75.49 82.85
N ALA U 159 19.87 -76.18 83.69
CA ALA U 159 18.42 -76.10 83.68
C ALA U 159 17.93 -74.85 84.42
N THR U 160 16.99 -74.16 83.81
CA THR U 160 16.45 -72.92 84.34
C THR U 160 15.35 -73.19 85.40
N SER U 161 14.57 -74.26 85.22
CA SER U 161 13.49 -74.62 86.13
C SER U 161 13.60 -76.06 86.65
N PHE U 162 12.99 -76.35 87.79
CA PHE U 162 13.01 -77.73 88.28
C PHE U 162 12.10 -78.62 87.45
N LEU U 163 10.95 -78.08 87.08
CA LEU U 163 9.90 -78.87 86.42
C LEU U 163 9.90 -78.65 84.91
N GLY U 164 9.59 -79.71 84.17
CA GLY U 164 9.42 -79.65 82.74
C GLY U 164 8.08 -79.04 82.39
N LYS U 165 7.62 -79.31 81.18
CA LYS U 165 6.27 -78.95 80.77
C LYS U 165 5.42 -80.20 81.00
N PRO U 166 4.19 -80.02 81.49
CA PRO U 166 3.35 -81.17 81.84
C PRO U 166 2.95 -81.98 80.61
N THR U 167 3.22 -83.29 80.66
CA THR U 167 2.76 -84.24 79.67
C THR U 167 1.22 -84.23 79.53
N LEU U 168 0.50 -84.00 80.63
CA LEU U 168 -0.96 -84.12 80.63
C LEU U 168 -1.61 -83.16 81.61
N VAL U 169 -2.72 -82.54 81.22
CA VAL U 169 -3.49 -81.72 82.15
C VAL U 169 -4.90 -82.26 82.29
N PHE U 170 -5.35 -82.43 83.53
CA PHE U 170 -6.59 -83.16 83.78
C PHE U 170 -7.80 -82.47 83.19
N ASP U 171 -8.55 -83.24 82.41
CA ASP U 171 -9.77 -82.80 81.78
C ASP U 171 -10.60 -84.04 81.40
N PRO U 172 -11.77 -84.19 82.03
CA PRO U 172 -12.67 -85.34 81.91
C PRO U 172 -13.17 -85.48 80.49
N GLY U 173 -13.44 -84.34 79.88
CA GLY U 173 -14.07 -84.27 78.59
C GLY U 173 -13.08 -84.27 77.45
N VAL U 174 -11.82 -84.65 77.73
CA VAL U 174 -10.81 -84.65 76.69
C VAL U 174 -9.90 -85.89 76.66
N PHE U 175 -10.29 -86.74 75.71
CA PHE U 175 -9.54 -87.86 75.20
C PHE U 175 -9.69 -87.73 73.68
N ASN U 176 -8.66 -87.21 73.02
CA ASN U 176 -8.66 -87.00 71.56
C ASN U 176 -8.99 -88.25 70.75
N GLY U 177 -8.24 -89.31 70.98
CA GLY U 177 -8.37 -90.49 70.15
C GLY U 177 -7.01 -90.88 69.60
N LYS U 178 -6.02 -90.02 69.83
CA LYS U 178 -4.63 -90.29 69.46
C LYS U 178 -3.89 -90.94 70.64
N PHE U 179 -3.02 -91.89 70.35
CA PHE U 179 -2.25 -92.58 71.38
C PHE U 179 -0.77 -92.40 71.17
N GLN U 180 0.02 -92.51 72.24
CA GLN U 180 1.45 -92.78 72.11
C GLN U 180 1.82 -94.01 72.94
N PHE U 181 2.82 -94.75 72.46
CA PHE U 181 3.35 -95.91 73.18
C PHE U 181 2.29 -96.97 73.48
N LEU U 182 1.36 -97.14 72.55
CA LEU U 182 0.38 -98.21 72.71
C LEU U 182 0.79 -99.38 71.85
N THR U 183 1.44 -100.36 72.48
CA THR U 183 1.97 -101.51 71.75
C THR U 183 1.34 -102.76 72.34
N CYS U 184 0.76 -103.60 71.50
CA CYS U 184 0.17 -104.86 71.98
C CYS U 184 1.23 -105.90 72.12
N PRO U 185 1.16 -106.72 73.17
CA PRO U 185 2.07 -107.86 73.26
C PRO U 185 2.02 -108.71 71.99
N PRO U 186 3.11 -109.43 71.70
CA PRO U 186 3.25 -110.18 70.46
C PRO U 186 2.16 -111.23 70.30
N ILE U 187 1.69 -111.38 69.07
CA ILE U 187 0.73 -112.41 68.68
C ILE U 187 1.50 -113.48 67.89
N PHE U 188 1.25 -114.76 68.14
CA PHE U 188 2.07 -115.82 67.53
C PHE U 188 1.32 -116.77 66.64
N PHE U 189 1.94 -117.13 65.51
CA PHE U 189 1.34 -118.06 64.55
C PHE U 189 2.20 -119.30 64.43
N ASP U 190 1.58 -120.47 64.56
CA ASP U 190 2.29 -121.74 64.40
C ASP U 190 2.42 -122.05 62.92
N LEU U 191 3.53 -122.64 62.52
CA LEU U 191 3.67 -123.01 61.11
C LEU U 191 3.14 -124.41 60.84
N THR U 192 2.66 -125.06 61.89
CA THR U 192 2.04 -126.37 61.76
C THR U 192 0.55 -126.23 61.54
N ALA U 193 0.15 -125.03 61.12
CA ALA U 193 -1.26 -124.75 60.90
C ALA U 193 -1.49 -124.09 59.55
N VAL U 194 -2.31 -124.72 58.72
CA VAL U 194 -2.58 -124.17 57.40
C VAL U 194 -3.31 -122.80 57.40
N THR U 195 -4.25 -122.60 58.32
CA THR U 195 -4.79 -121.27 58.58
C THR U 195 -4.91 -121.06 60.09
N ALA U 196 -5.14 -119.82 60.51
CA ALA U 196 -5.29 -119.56 61.93
C ALA U 196 -5.88 -118.18 62.22
N LEU U 197 -6.45 -118.05 63.41
CA LEU U 197 -6.99 -116.76 63.82
C LEU U 197 -6.35 -116.32 65.10
N ARG U 198 -6.03 -115.04 65.19
CA ARG U 198 -5.63 -114.46 66.46
C ARG U 198 -6.40 -113.18 66.71
N SER U 199 -7.09 -113.12 67.85
CA SER U 199 -7.87 -111.95 68.19
C SER U 199 -7.11 -110.98 69.06
N ALA U 200 -7.33 -109.69 68.82
CA ALA U 200 -6.87 -108.66 69.71
C ALA U 200 -8.10 -107.88 70.15
N GLY U 201 -8.35 -107.84 71.45
CA GLY U 201 -9.50 -107.11 71.95
C GLY U 201 -9.37 -105.61 71.71
N LEU U 202 -10.49 -104.95 71.47
CA LEU U 202 -10.48 -103.52 71.25
C LEU U 202 -11.14 -102.78 72.40
N THR U 203 -11.34 -103.48 73.51
CA THR U 203 -11.88 -102.87 74.72
C THR U 203 -10.73 -102.24 75.51
N LEU U 204 -10.22 -101.12 74.98
CA LEU U 204 -8.92 -100.58 75.39
C LEU U 204 -8.84 -99.96 76.78
N GLY U 205 -9.98 -99.75 77.42
CA GLY U 205 -9.97 -99.22 78.78
C GLY U 205 -9.74 -100.27 79.87
N GLN U 206 -9.76 -101.53 79.45
CA GLN U 206 -9.55 -102.66 80.34
C GLN U 206 -8.11 -102.58 80.86
N VAL U 207 -7.91 -102.83 82.16
CA VAL U 207 -6.55 -102.82 82.72
C VAL U 207 -5.83 -104.15 82.52
N PRO U 208 -4.63 -104.11 81.92
CA PRO U 208 -3.87 -105.32 81.53
C PRO U 208 -3.40 -106.05 82.76
N MET U 209 -3.24 -107.37 82.66
CA MET U 209 -2.81 -108.12 83.83
C MET U 209 -1.68 -109.08 83.56
N VAL U 210 -0.89 -109.33 84.62
CA VAL U 210 0.18 -110.32 84.57
C VAL U 210 -0.04 -111.18 85.80
N GLY U 211 -0.62 -112.36 85.59
CA GLY U 211 -1.08 -113.17 86.70
C GLY U 211 -2.17 -112.44 87.47
N THR U 212 -1.97 -112.28 88.77
CA THR U 212 -2.93 -111.57 89.59
C THR U 212 -2.59 -110.08 89.69
N THR U 213 -1.50 -109.66 89.05
CA THR U 213 -1.04 -108.27 89.12
C THR U 213 -1.67 -107.35 88.08
N LYS U 214 -2.35 -106.30 88.55
CA LYS U 214 -2.92 -105.29 87.65
C LYS U 214 -1.81 -104.31 87.27
N VAL U 215 -1.65 -104.05 85.97
CA VAL U 215 -0.70 -103.04 85.52
C VAL U 215 -1.39 -101.79 84.97
N TYR U 216 -1.64 -100.84 85.87
CA TYR U 216 -2.28 -99.59 85.44
C TYR U 216 -1.35 -98.84 84.51
N ASN U 217 -1.88 -98.34 83.40
CA ASN U 217 -1.09 -97.52 82.51
C ASN U 217 -1.87 -96.36 81.93
N LEU U 218 -1.18 -95.36 81.38
CA LEU U 218 -1.84 -94.15 80.92
C LEU U 218 -2.82 -94.39 79.76
N ASN U 219 -2.47 -95.26 78.82
CA ASN U 219 -3.36 -95.49 77.67
C ASN U 219 -4.73 -96.06 78.06
N SER U 220 -4.76 -97.16 78.81
CA SER U 220 -6.04 -97.69 79.25
C SER U 220 -6.78 -96.66 80.11
N THR U 221 -6.03 -95.95 80.94
CA THR U 221 -6.62 -94.88 81.74
C THR U 221 -7.32 -93.83 80.87
N LEU U 222 -6.66 -93.41 79.80
CA LEU U 222 -7.25 -92.43 78.89
C LEU U 222 -8.55 -92.95 78.28
N VAL U 223 -8.51 -94.16 77.75
CA VAL U 223 -9.70 -94.74 77.15
C VAL U 223 -10.87 -94.81 78.15
N SER U 224 -10.55 -95.06 79.40
CA SER U 224 -11.59 -95.18 80.43
C SER U 224 -12.34 -93.86 80.66
N CYS U 225 -11.76 -92.76 80.15
CA CYS U 225 -12.36 -91.42 80.27
C CYS U 225 -13.54 -91.20 79.35
N VAL U 226 -13.82 -92.24 78.57
CA VAL U 226 -14.90 -92.24 77.60
C VAL U 226 -15.79 -93.48 77.85
N LEU U 227 -17.02 -93.46 77.35
CA LEU U 227 -17.92 -94.61 77.56
C LEU U 227 -17.68 -95.69 76.52
N GLY U 228 -17.27 -95.27 75.33
CA GLY U 228 -17.00 -96.18 74.23
C GLY U 228 -16.49 -95.40 73.03
N MET U 229 -16.12 -96.13 71.97
CA MET U 229 -15.53 -95.51 70.79
C MET U 229 -15.79 -96.33 69.54
N GLY U 230 -15.95 -95.63 68.43
CA GLY U 230 -16.11 -96.25 67.13
C GLY U 230 -15.23 -95.48 66.18
N GLY U 231 -15.08 -95.98 64.96
CA GLY U 231 -14.20 -95.30 64.03
C GLY U 231 -13.21 -96.25 63.41
N THR U 232 -12.09 -95.72 62.96
CA THR U 232 -11.09 -96.55 62.29
C THR U 232 -9.80 -96.63 63.12
N VAL U 233 -9.33 -97.85 63.37
CA VAL U 233 -8.07 -98.06 64.06
C VAL U 233 -6.92 -97.92 63.08
N ARG U 234 -6.05 -96.94 63.28
CA ARG U 234 -4.86 -96.76 62.45
C ARG U 234 -3.71 -97.29 63.27
N GLY U 235 -2.95 -98.22 62.69
CA GLY U 235 -1.81 -98.78 63.38
C GLY U 235 -0.70 -99.25 62.47
N ARG U 236 0.29 -99.92 63.06
CA ARG U 236 1.40 -100.50 62.30
C ARG U 236 1.54 -101.95 62.69
N VAL U 237 1.91 -102.78 61.73
CA VAL U 237 2.15 -104.17 62.00
C VAL U 237 3.62 -104.49 61.74
N HIS U 238 4.25 -105.15 62.69
CA HIS U 238 5.61 -105.61 62.48
C HIS U 238 5.68 -107.13 62.43
N ILE U 239 6.28 -107.65 61.36
CA ILE U 239 6.49 -109.08 61.26
C ILE U 239 7.88 -109.45 61.74
N CYS U 240 7.95 -110.08 62.91
CA CYS U 240 9.21 -110.25 63.64
C CYS U 240 9.82 -111.64 63.51
N ALA U 241 10.25 -111.96 62.28
CA ALA U 241 10.83 -113.24 61.96
C ALA U 241 11.96 -113.07 60.95
N PRO U 242 12.76 -114.11 60.76
CA PRO U 242 13.84 -114.13 59.75
C PRO U 242 13.33 -113.93 58.29
N ILE U 243 14.15 -113.40 57.38
CA ILE U 243 13.73 -113.17 55.99
C ILE U 243 13.15 -114.43 55.36
N PHE U 244 13.54 -115.59 55.87
CA PHE U 244 13.10 -116.86 55.28
C PHE U 244 11.76 -117.37 55.83
N TYR U 245 11.18 -116.61 56.77
CA TYR U 245 9.80 -116.82 57.20
C TYR U 245 8.95 -115.85 56.43
N SER U 246 7.72 -116.23 56.12
CA SER U 246 6.79 -115.29 55.49
C SER U 246 5.33 -115.68 55.69
N ILE U 247 4.47 -114.69 55.61
CA ILE U 247 3.06 -114.92 55.93
C ILE U 247 2.18 -113.92 55.20
N VAL U 248 0.91 -114.28 55.03
CA VAL U 248 -0.07 -113.33 54.51
C VAL U 248 -1.26 -113.31 55.42
N LEU U 249 -1.64 -112.12 55.86
CA LEU U 249 -2.74 -111.97 56.82
C LEU U 249 -3.91 -111.20 56.24
N TRP U 250 -5.11 -111.63 56.61
CA TRP U 250 -6.33 -110.87 56.39
C TRP U 250 -6.68 -110.26 57.74
N VAL U 251 -6.66 -108.94 57.81
CA VAL U 251 -6.93 -108.25 59.08
C VAL U 251 -8.26 -107.51 59.04
N VAL U 252 -9.18 -107.90 59.91
CA VAL U 252 -10.53 -107.37 59.87
C VAL U 252 -11.16 -107.28 61.25
N SER U 253 -12.17 -106.42 61.41
CA SER U 253 -12.85 -106.29 62.68
C SER U 253 -14.16 -107.11 62.75
N GLU U 254 -14.40 -107.77 63.88
CA GLU U 254 -15.61 -108.56 64.04
C GLU U 254 -16.28 -108.32 65.39
N TRP U 255 -17.60 -108.52 65.43
CA TRP U 255 -18.36 -108.29 66.65
C TRP U 255 -18.88 -109.58 67.26
N ASN U 256 -18.64 -109.74 68.57
CA ASN U 256 -19.12 -110.87 69.36
C ASN U 256 -18.92 -112.24 68.71
N GLY U 257 -17.70 -112.75 68.77
CA GLY U 257 -17.36 -113.99 68.09
C GLY U 257 -16.87 -113.74 66.68
N THR U 258 -16.72 -114.82 65.92
CA THR U 258 -16.21 -114.69 64.56
C THR U 258 -17.06 -115.53 63.65
N THR U 259 -17.13 -115.17 62.37
CA THR U 259 -17.88 -115.99 61.44
C THR U 259 -17.10 -117.26 61.17
N MET U 260 -17.84 -118.32 60.83
CA MET U 260 -17.21 -119.60 60.56
C MET U 260 -17.15 -119.83 59.06
N ASP U 261 -17.75 -118.91 58.30
CA ASP U 261 -17.86 -119.04 56.85
C ASP U 261 -16.82 -118.18 56.13
N TRP U 262 -15.83 -118.82 55.51
CA TRP U 262 -14.75 -118.10 54.83
C TRP U 262 -15.24 -117.10 53.78
N ASN U 263 -16.37 -117.40 53.14
CA ASN U 263 -16.88 -116.48 52.14
C ASN U 263 -17.48 -115.23 52.76
N GLU U 264 -18.15 -115.38 53.91
CA GLU U 264 -18.66 -114.21 54.62
C GLU U 264 -17.49 -113.36 55.11
N LEU U 265 -16.45 -114.02 55.63
CA LEU U 265 -15.27 -113.34 56.13
C LEU U 265 -14.71 -112.35 55.14
N PHE U 266 -14.70 -112.72 53.86
CA PHE U 266 -14.09 -111.85 52.85
C PHE U 266 -15.06 -110.86 52.22
N LYS U 267 -16.27 -110.81 52.76
CA LYS U 267 -17.23 -109.78 52.36
C LYS U 267 -17.12 -108.59 53.33
N TYR U 268 -16.36 -108.79 54.41
CA TYR U 268 -16.12 -107.73 55.38
C TYR U 268 -15.03 -106.80 54.85
N PRO U 269 -14.99 -105.57 55.38
CA PRO U 269 -13.97 -104.58 55.00
C PRO U 269 -12.69 -104.72 55.77
N GLY U 270 -11.82 -105.61 55.31
CA GLY U 270 -10.50 -105.82 55.89
C GLY U 270 -9.35 -105.37 55.00
N VAL U 271 -8.14 -105.66 55.44
CA VAL U 271 -6.95 -105.35 54.66
C VAL U 271 -5.99 -106.52 54.66
N TYR U 272 -5.17 -106.62 53.63
CA TYR U 272 -4.15 -107.67 53.58
C TYR U 272 -2.82 -107.13 54.15
N VAL U 273 -2.12 -107.97 54.88
CA VAL U 273 -0.80 -107.61 55.39
C VAL U 273 0.20 -108.70 55.02
N GLU U 274 1.20 -108.35 54.21
CA GLU U 274 2.21 -109.32 53.75
C GLU U 274 3.55 -109.02 54.41
N GLU U 275 3.67 -107.81 54.96
CA GLU U 275 4.95 -107.30 55.45
C GLU U 275 4.81 -106.11 56.39
N ASP U 276 5.89 -105.77 57.07
CA ASP U 276 5.92 -104.58 57.92
C ASP U 276 5.18 -103.46 57.22
N GLY U 277 4.30 -102.76 57.93
CA GLY U 277 3.60 -101.61 57.37
C GLY U 277 2.49 -101.07 58.25
N SER U 278 1.84 -100.01 57.79
CA SER U 278 0.69 -99.48 58.52
C SER U 278 -0.61 -100.10 58.00
N PHE U 279 -1.70 -99.93 58.74
CA PHE U 279 -3.02 -100.49 58.36
C PHE U 279 -4.13 -99.61 58.94
N GLU U 280 -5.28 -99.60 58.26
CA GLU U 280 -6.47 -98.95 58.82
C GLU U 280 -7.63 -99.93 58.77
N VAL U 281 -8.25 -100.24 59.90
CA VAL U 281 -9.40 -101.12 59.91
C VAL U 281 -10.56 -100.48 60.66
N LYS U 282 -11.74 -100.54 60.06
CA LYS U 282 -12.95 -99.99 60.66
C LYS U 282 -13.37 -100.84 61.84
N ILE U 283 -13.66 -100.21 62.97
CA ILE U 283 -14.23 -100.89 64.13
C ILE U 283 -15.67 -101.29 63.82
N ARG U 284 -15.91 -102.59 63.79
CA ARG U 284 -17.19 -103.12 63.37
C ARG U 284 -18.11 -103.45 64.57
N SER U 285 -19.30 -102.87 64.60
CA SER U 285 -20.20 -103.08 65.73
C SER U 285 -21.63 -102.68 65.41
N PRO U 286 -22.61 -103.41 66.01
CA PRO U 286 -24.04 -103.16 65.85
C PRO U 286 -24.41 -101.76 66.30
N TYR U 287 -23.55 -101.16 67.12
CA TYR U 287 -23.77 -99.83 67.67
C TYR U 287 -22.76 -98.83 67.11
N HIS U 288 -21.91 -99.32 66.21
CA HIS U 288 -20.89 -98.51 65.56
C HIS U 288 -19.77 -98.12 66.52
N ARG U 289 -19.95 -98.45 67.79
CA ARG U 289 -18.94 -98.19 68.81
C ARG U 289 -18.81 -99.46 69.64
N THR U 290 -17.63 -99.66 70.24
CA THR U 290 -17.44 -100.72 71.24
C THR U 290 -17.23 -100.05 72.60
N PRO U 291 -17.73 -100.68 73.67
CA PRO U 291 -17.61 -100.08 75.00
C PRO U 291 -16.15 -100.02 75.47
N ALA U 292 -15.84 -98.96 76.22
CA ALA U 292 -14.50 -98.72 76.76
C ALA U 292 -14.06 -99.75 77.77
N ARG U 293 -14.96 -100.22 78.63
CA ARG U 293 -14.63 -101.23 79.63
C ARG U 293 -15.68 -102.34 79.70
N LEU U 294 -15.36 -103.45 80.35
CA LEU U 294 -16.31 -104.55 80.46
C LEU U 294 -17.13 -104.52 81.72
N LEU U 295 -18.33 -105.10 81.63
CA LEU U 295 -19.19 -105.31 82.79
C LEU U 295 -18.91 -106.70 83.33
N ALA U 296 -19.48 -107.03 84.49
CA ALA U 296 -19.23 -108.33 85.12
C ALA U 296 -19.67 -109.50 84.23
N GLY U 297 -18.74 -110.42 83.98
CA GLY U 297 -19.06 -111.62 83.24
C GLY U 297 -18.89 -111.50 81.73
N GLN U 298 -18.64 -110.28 81.27
CA GLN U 298 -18.37 -110.01 79.85
C GLN U 298 -16.91 -110.30 79.49
N SER U 299 -16.71 -110.77 78.28
CA SER U 299 -15.37 -111.07 77.80
C SER U 299 -15.03 -110.03 76.74
N GLN U 300 -13.74 -109.79 76.50
CA GLN U 300 -13.38 -108.78 75.51
C GLN U 300 -13.83 -109.18 74.09
N ARG U 301 -14.12 -110.46 73.91
CA ARG U 301 -14.44 -110.99 72.59
C ARG U 301 -15.91 -110.80 72.29
N ASP U 302 -16.71 -110.64 73.34
CA ASP U 302 -18.14 -110.37 73.16
C ASP U 302 -18.35 -109.04 72.46
N MET U 303 -17.34 -108.20 72.43
CA MET U 303 -17.46 -106.90 71.76
C MET U 303 -16.72 -106.86 70.43
N SER U 304 -16.23 -105.67 70.09
CA SER U 304 -15.48 -105.49 68.87
C SER U 304 -14.00 -105.92 69.04
N SER U 305 -13.51 -106.73 68.11
CA SER U 305 -12.12 -107.17 68.13
C SER U 305 -11.43 -106.94 66.79
N LEU U 306 -10.11 -106.81 66.83
CA LEU U 306 -9.28 -106.68 65.65
C LEU U 306 -8.69 -108.08 65.35
N ASN U 307 -9.19 -108.73 64.31
CA ASN U 307 -8.83 -110.13 64.07
C ASN U 307 -7.77 -110.36 63.00
N PHE U 308 -6.80 -111.20 63.32
CA PHE U 308 -5.71 -111.47 62.40
C PHE U 308 -5.81 -112.91 61.89
N TYR U 309 -6.22 -113.03 60.64
CA TYR U 309 -6.37 -114.33 60.00
C TYR U 309 -5.16 -114.65 59.12
N ALA U 310 -4.48 -115.73 59.44
CA ALA U 310 -3.42 -116.22 58.56
C ALA U 310 -4.09 -117.01 57.44
N ILE U 311 -4.05 -116.48 56.22
CA ILE U 311 -4.72 -117.12 55.08
C ILE U 311 -3.75 -117.80 54.13
N ALA U 312 -2.46 -117.49 54.25
CA ALA U 312 -1.41 -118.22 53.53
C ALA U 312 -0.13 -118.25 54.35
N GLY U 313 0.22 -119.43 54.85
CA GLY U 313 1.33 -119.55 55.77
C GLY U 313 0.91 -119.45 57.23
N PRO U 314 1.90 -119.16 58.11
CA PRO U 314 3.30 -118.90 57.78
C PRO U 314 4.04 -120.09 57.18
N ILE U 315 5.05 -119.80 56.36
CA ILE U 315 5.92 -120.84 55.86
C ILE U 315 7.36 -120.54 56.23
N ALA U 316 8.16 -121.60 56.35
CA ALA U 316 9.58 -121.47 56.56
C ALA U 316 10.24 -122.74 56.02
N PRO U 317 11.55 -122.69 55.78
CA PRO U 317 12.28 -123.87 55.29
C PRO U 317 12.33 -124.91 56.41
N SER U 318 12.55 -126.18 56.09
CA SER U 318 12.70 -127.13 57.18
C SER U 318 14.13 -126.98 57.62
N GLY U 319 14.41 -127.27 58.90
CA GLY U 319 13.42 -127.63 59.89
C GLY U 319 13.40 -126.50 60.90
N GLU U 320 12.66 -125.46 60.56
CA GLU U 320 12.42 -124.38 61.48
C GLU U 320 11.25 -124.79 62.36
N THR U 321 11.20 -124.26 63.56
CA THR U 321 10.18 -124.68 64.53
C THR U 321 9.54 -123.48 65.21
N ALA U 322 10.29 -122.38 65.29
CA ALA U 322 9.82 -121.14 65.90
C ALA U 322 8.50 -120.69 65.32
N GLN U 323 7.66 -120.10 66.17
CA GLN U 323 6.45 -119.48 65.72
C GLN U 323 6.76 -118.14 65.06
N LEU U 324 5.87 -117.66 64.20
CA LEU U 324 6.05 -116.37 63.57
C LEU U 324 5.28 -115.32 64.36
N PRO U 325 6.00 -114.36 64.96
CA PRO U 325 5.37 -113.33 65.79
C PRO U 325 4.99 -112.08 65.03
N ILE U 326 3.84 -111.51 65.39
CA ILE U 326 3.34 -110.26 64.82
C ILE U 326 3.23 -109.27 65.96
N VAL U 327 3.89 -108.11 65.86
CA VAL U 327 3.72 -107.08 66.88
C VAL U 327 2.85 -105.97 66.33
N VAL U 328 1.74 -105.71 67.00
CA VAL U 328 0.83 -104.65 66.56
C VAL U 328 0.94 -103.37 67.39
N GLN U 329 1.02 -102.22 66.71
CA GLN U 329 0.98 -100.93 67.39
C GLN U 329 -0.23 -100.16 66.95
N ILE U 330 -0.95 -99.59 67.91
CA ILE U 330 -2.12 -98.78 67.60
C ILE U 330 -1.81 -97.31 67.77
N ASP U 331 -1.94 -96.55 66.69
CA ASP U 331 -1.51 -95.14 66.68
C ASP U 331 -2.66 -94.19 67.00
N GLU U 332 -3.82 -94.39 66.36
CA GLU U 332 -4.97 -93.60 66.71
C GLU U 332 -6.27 -94.17 66.20
N ILE U 333 -7.37 -93.67 66.75
CA ILE U 333 -8.68 -93.88 66.17
C ILE U 333 -8.98 -92.70 65.22
N VAL U 334 -8.93 -92.94 63.92
CA VAL U 334 -9.17 -91.87 62.95
C VAL U 334 -10.65 -91.80 62.66
N ARG U 335 -11.12 -90.61 62.34
CA ARG U 335 -12.54 -90.43 62.05
C ARG U 335 -13.32 -91.05 63.20
N PRO U 336 -13.07 -90.56 64.42
CA PRO U 336 -13.58 -91.20 65.63
C PRO U 336 -15.06 -90.93 65.87
N ASP U 337 -15.78 -91.96 66.30
CA ASP U 337 -17.15 -91.81 66.76
C ASP U 337 -17.17 -92.06 68.26
N LEU U 338 -16.99 -91.01 69.05
CA LEU U 338 -16.84 -91.22 70.48
C LEU U 338 -18.17 -91.19 71.22
N SER U 339 -18.23 -91.88 72.36
CA SER U 339 -19.38 -91.80 73.23
C SER U 339 -19.26 -90.56 74.08
N LEU U 340 -20.23 -90.35 74.96
CA LEU U 340 -20.10 -89.32 75.98
C LEU U 340 -18.87 -89.59 76.78
N PRO U 341 -18.27 -88.53 77.34
CA PRO U 341 -17.24 -88.75 78.37
C PRO U 341 -17.87 -89.58 79.51
N SER U 342 -17.09 -90.46 80.13
CA SER U 342 -17.63 -91.23 81.23
C SER U 342 -17.84 -90.36 82.48
N PHE U 343 -17.02 -89.32 82.64
CA PHE U 343 -17.19 -88.39 83.76
C PHE U 343 -17.41 -86.98 83.26
N GLU U 344 -18.21 -86.23 84.01
CA GLU U 344 -18.40 -84.82 83.70
C GLU U 344 -17.44 -83.96 84.53
N ASP U 345 -17.50 -82.64 84.38
CA ASP U 345 -16.65 -81.79 85.21
C ASP U 345 -17.30 -81.62 86.58
N ASP U 346 -17.12 -82.65 87.40
CA ASP U 346 -17.84 -82.77 88.64
C ASP U 346 -16.92 -83.37 89.69
N TYR U 347 -17.45 -83.50 90.90
CA TYR U 347 -16.74 -84.18 91.96
C TYR U 347 -16.73 -85.69 91.69
N PHE U 348 -15.80 -86.39 92.33
CA PHE U 348 -15.81 -87.85 92.35
C PHE U 348 -15.23 -88.30 93.70
N VAL U 349 -15.45 -89.57 94.02
CA VAL U 349 -15.10 -90.06 95.33
C VAL U 349 -13.60 -90.24 95.51
N TRP U 350 -13.07 -89.64 96.56
CA TRP U 350 -11.67 -89.87 96.93
C TRP U 350 -11.63 -91.00 97.95
N VAL U 351 -12.31 -90.85 99.08
CA VAL U 351 -12.26 -91.84 100.13
C VAL U 351 -13.50 -91.82 101.02
N ASP U 352 -13.91 -93.00 101.50
CA ASP U 352 -14.91 -93.11 102.56
C ASP U 352 -14.25 -93.63 103.83
N PHE U 353 -14.47 -92.95 104.95
CA PHE U 353 -14.10 -93.51 106.25
C PHE U 353 -15.36 -94.01 106.97
N SER U 354 -15.28 -95.18 107.57
CA SER U 354 -16.43 -95.76 108.26
C SER U 354 -15.99 -96.67 109.40
N GLU U 355 -16.96 -97.18 110.16
CA GLU U 355 -16.69 -98.15 111.21
C GLU U 355 -15.59 -97.67 112.17
N PHE U 356 -15.77 -96.47 112.73
CA PHE U 356 -14.78 -95.91 113.65
C PHE U 356 -14.80 -96.65 114.98
N THR U 357 -13.61 -96.92 115.51
CA THR U 357 -13.50 -97.65 116.78
C THR U 357 -13.15 -96.73 117.96
N LEU U 358 -12.53 -95.60 117.64
CA LEU U 358 -12.21 -94.59 118.65
C LEU U 358 -12.95 -93.31 118.37
N ASP U 359 -13.34 -92.62 119.43
CA ASP U 359 -14.01 -91.33 119.30
C ASP U 359 -13.01 -90.28 118.79
N LYS U 360 -11.77 -90.33 119.25
CA LYS U 360 -10.72 -89.42 118.74
C LYS U 360 -10.01 -90.05 117.55
N GLU U 361 -10.17 -89.43 116.39
CA GLU U 361 -9.55 -89.94 115.17
C GLU U 361 -8.93 -88.74 114.46
N GLU U 362 -7.71 -88.89 113.96
CA GLU U 362 -7.09 -87.81 113.21
C GLU U 362 -6.43 -88.32 111.93
N ILE U 363 -6.99 -87.91 110.79
CA ILE U 363 -6.54 -88.35 109.48
C ILE U 363 -5.60 -87.30 108.86
N GLU U 364 -4.31 -87.63 108.76
CA GLU U 364 -3.37 -86.70 108.15
C GLU U 364 -3.34 -86.80 106.65
N ILE U 365 -3.46 -85.66 105.99
CA ILE U 365 -3.49 -85.61 104.53
C ILE U 365 -2.22 -84.92 104.04
N GLY U 366 -1.89 -83.81 104.68
CA GLY U 366 -0.72 -83.04 104.32
C GLY U 366 -0.89 -82.28 103.02
N SER U 367 -0.08 -82.64 102.03
CA SER U 367 -0.19 -82.00 100.72
C SER U 367 -0.34 -83.04 99.64
N ARG U 368 -0.74 -84.26 100.02
CA ARG U 368 -0.74 -85.38 99.07
C ARG U 368 -2.15 -85.86 98.70
N PHE U 369 -2.26 -86.39 97.49
CA PHE U 369 -3.43 -87.17 97.12
C PHE U 369 -2.95 -88.61 97.04
N PHE U 370 -3.50 -89.48 97.89
CA PHE U 370 -2.95 -90.81 98.04
C PHE U 370 -3.93 -91.81 98.68
N ASP U 371 -3.50 -93.07 98.83
CA ASP U 371 -4.33 -94.09 99.48
C ASP U 371 -4.12 -94.10 100.99
N PHE U 372 -5.22 -94.00 101.74
CA PHE U 372 -5.18 -93.98 103.19
C PHE U 372 -5.13 -95.40 103.78
N THR U 373 -4.60 -95.51 104.99
CA THR U 373 -4.70 -96.73 105.79
C THR U 373 -4.98 -96.36 107.23
N SER U 374 -5.70 -97.23 107.93
CA SER U 374 -6.03 -96.99 109.34
C SER U 374 -6.18 -98.28 110.09
N ASN U 375 -5.71 -98.25 111.34
CA ASN U 375 -5.84 -99.36 112.25
C ASN U 375 -7.10 -99.21 113.09
N THR U 376 -7.64 -98.00 113.09
CA THR U 376 -8.72 -97.66 113.99
C THR U 376 -10.05 -97.46 113.26
N CYS U 377 -10.02 -97.48 111.94
CA CYS U 377 -11.26 -97.39 111.15
C CYS U 377 -11.12 -97.99 109.77
N ARG U 378 -12.24 -98.08 109.07
CA ARG U 378 -12.27 -98.70 107.75
C ARG U 378 -12.12 -97.67 106.64
N VAL U 379 -11.07 -97.83 105.85
CA VAL U 379 -10.83 -96.96 104.72
C VAL U 379 -11.31 -97.64 103.44
N SER U 380 -12.13 -96.94 102.65
CA SER U 380 -12.52 -97.44 101.34
C SER U 380 -12.13 -96.42 100.31
N MET U 381 -11.16 -96.75 99.47
CA MET U 381 -10.65 -95.80 98.49
C MET U 381 -11.48 -95.78 97.19
N GLY U 382 -11.58 -94.61 96.57
CA GLY U 382 -12.29 -94.53 95.30
C GLY U 382 -11.37 -94.96 94.16
N GLU U 383 -11.95 -95.57 93.13
CA GLU U 383 -11.23 -95.87 91.89
C GLU U 383 -11.86 -95.12 90.71
N ASN U 384 -11.11 -94.19 90.13
CA ASN U 384 -11.56 -93.42 88.97
C ASN U 384 -10.39 -92.98 88.11
N PRO U 385 -10.67 -92.43 86.93
CA PRO U 385 -9.56 -92.05 86.05
C PRO U 385 -8.57 -91.09 86.71
N PHE U 386 -9.07 -90.13 87.49
CA PHE U 386 -8.13 -89.20 88.10
C PHE U 386 -7.08 -89.91 88.97
N ALA U 387 -7.53 -90.83 89.81
CA ALA U 387 -6.63 -91.60 90.66
C ALA U 387 -5.63 -92.41 89.83
N ALA U 388 -6.11 -92.98 88.72
CA ALA U 388 -5.22 -93.70 87.83
C ALA U 388 -4.17 -92.76 87.20
N MET U 389 -4.61 -91.57 86.78
CA MET U 389 -3.67 -90.60 86.22
C MET U 389 -2.59 -90.22 87.23
N ILE U 390 -2.98 -90.13 88.51
CA ILE U 390 -2.02 -89.83 89.56
C ILE U 390 -0.98 -90.95 89.65
N ALA U 391 -1.44 -92.18 89.46
CA ALA U 391 -0.62 -93.37 89.58
C ALA U 391 0.23 -93.60 88.36
N CYS U 392 -0.17 -93.03 87.22
CA CYS U 392 0.52 -93.29 85.96
C CYS U 392 1.42 -92.15 85.52
N HIS U 393 1.75 -91.27 86.45
CA HIS U 393 2.75 -90.25 86.17
C HIS U 393 3.73 -90.18 87.32
N GLY U 394 4.96 -89.79 87.00
CA GLY U 394 6.01 -89.62 87.99
C GLY U 394 5.71 -88.50 88.97
N LEU U 395 5.26 -87.37 88.45
CA LEU U 395 4.93 -86.20 89.28
C LEU U 395 3.58 -85.60 88.91
N HIS U 396 2.95 -84.92 89.85
CA HIS U 396 1.72 -84.21 89.59
C HIS U 396 1.63 -82.97 90.48
N SER U 397 0.75 -82.04 90.12
CA SER U 397 0.56 -80.83 90.92
C SER U 397 -0.75 -80.15 90.55
N GLY U 398 -1.44 -79.62 91.55
CA GLY U 398 -2.68 -78.92 91.31
C GLY U 398 -3.43 -78.61 92.58
N VAL U 399 -4.68 -78.18 92.42
CA VAL U 399 -5.52 -77.91 93.58
C VAL U 399 -6.80 -78.71 93.50
N LEU U 400 -7.14 -79.37 94.60
CA LEU U 400 -8.40 -80.12 94.70
C LEU U 400 -9.43 -79.40 95.55
N ASP U 401 -10.63 -79.23 95.01
CA ASP U 401 -11.73 -78.77 95.85
C ASP U 401 -12.34 -80.00 96.52
N LEU U 402 -12.54 -79.94 97.84
CA LEU U 402 -13.10 -81.07 98.56
C LEU U 402 -14.51 -80.76 99.04
N LYS U 403 -15.37 -81.78 98.97
CA LYS U 403 -16.66 -81.78 99.64
C LYS U 403 -16.63 -82.91 100.66
N LEU U 404 -16.95 -82.59 101.91
CA LEU U 404 -17.06 -83.60 102.93
C LEU U 404 -18.53 -83.77 103.26
N GLN U 405 -18.95 -85.03 103.33
CA GLN U 405 -20.32 -85.38 103.72
C GLN U 405 -20.31 -86.47 104.78
N TRP U 406 -21.24 -86.40 105.72
CA TRP U 406 -21.31 -87.46 106.72
C TRP U 406 -22.74 -87.68 107.24
N SER U 407 -22.99 -88.91 107.68
CA SER U 407 -24.28 -89.24 108.30
C SER U 407 -24.02 -89.70 109.72
N LEU U 408 -25.01 -89.55 110.59
CA LEU U 408 -24.85 -89.92 112.00
C LEU U 408 -25.11 -91.41 112.33
N ASN U 409 -24.39 -91.91 113.32
CA ASN U 409 -24.56 -93.25 113.83
C ASN U 409 -25.46 -93.28 115.06
N THR U 410 -25.36 -92.21 115.87
CA THR U 410 -26.21 -92.05 117.05
C THR U 410 -27.45 -91.19 116.73
N GLU U 411 -28.32 -91.01 117.70
CA GLU U 411 -29.50 -90.16 117.51
C GLU U 411 -29.11 -88.67 117.35
N PHE U 412 -29.76 -88.01 116.39
CA PHE U 412 -29.40 -86.63 116.08
C PHE U 412 -29.47 -85.74 117.31
N GLY U 413 -30.47 -85.98 118.15
CA GLY U 413 -30.66 -85.12 119.31
C GLY U 413 -29.57 -85.27 120.36
N LYS U 414 -28.82 -86.36 120.26
CA LYS U 414 -27.75 -86.64 121.23
C LYS U 414 -26.39 -86.21 120.71
N SER U 415 -26.34 -85.79 119.45
CA SER U 415 -25.07 -85.50 118.78
C SER U 415 -24.32 -84.31 119.36
N SER U 416 -23.00 -84.38 119.31
CA SER U 416 -22.13 -83.28 119.72
C SER U 416 -20.82 -83.39 118.95
N GLY U 417 -19.98 -82.37 119.10
CA GLY U 417 -18.66 -82.42 118.49
C GLY U 417 -18.63 -81.89 117.06
N SER U 418 -17.60 -82.29 116.32
CA SER U 418 -17.25 -81.64 115.06
C SER U 418 -16.40 -82.49 114.13
N VAL U 419 -16.52 -82.18 112.84
CA VAL U 419 -15.50 -82.53 111.86
C VAL U 419 -14.65 -81.27 111.70
N THR U 420 -13.39 -81.32 112.09
CA THR U 420 -12.51 -80.15 112.02
C THR U 420 -11.45 -80.33 110.95
N ILE U 421 -11.25 -79.30 110.14
CA ILE U 421 -10.23 -79.35 109.11
C ILE U 421 -9.10 -78.45 109.55
N THR U 422 -7.99 -79.06 109.92
CA THR U 422 -6.82 -78.29 110.28
C THR U 422 -6.02 -77.94 109.04
N LYS U 423 -5.78 -76.66 108.83
CA LYS U 423 -4.97 -76.22 107.71
C LYS U 423 -3.73 -75.45 108.18
N LEU U 424 -2.57 -75.99 107.89
CA LEU U 424 -1.34 -75.35 108.33
C LEU U 424 -0.45 -75.06 107.14
N VAL U 425 0.62 -74.33 107.41
CA VAL U 425 1.74 -74.26 106.48
C VAL U 425 2.99 -74.73 107.24
N GLY U 426 3.56 -75.84 106.81
CA GLY U 426 4.68 -76.43 107.52
C GLY U 426 4.30 -77.84 107.92
N ASP U 427 4.23 -78.08 109.24
CA ASP U 427 3.83 -79.38 109.79
C ASP U 427 3.13 -79.19 111.12
N LYS U 428 2.70 -80.28 111.72
CA LYS U 428 1.95 -80.20 112.95
C LYS U 428 2.82 -79.52 114.02
N ALA U 429 4.11 -79.77 113.97
CA ALA U 429 5.03 -79.31 115.02
C ALA U 429 5.41 -77.82 115.03
N MET U 430 5.69 -77.25 113.86
CA MET U 430 6.23 -75.90 113.77
C MET U 430 5.47 -75.03 112.78
N GLY U 431 4.31 -75.50 112.32
CA GLY U 431 3.57 -74.85 111.27
C GLY U 431 2.89 -73.53 111.60
N LEU U 432 2.47 -72.83 110.55
CA LEU U 432 1.69 -71.61 110.66
C LEU U 432 0.23 -71.95 110.44
N ASP U 433 -0.66 -71.15 111.02
CA ASP U 433 -2.10 -71.45 110.98
C ASP U 433 -2.82 -70.80 109.80
N GLY U 434 -3.39 -71.62 108.94
CA GLY U 434 -4.15 -71.11 107.81
C GLY U 434 -5.65 -71.12 108.04
N PRO U 435 -6.41 -71.37 106.98
CA PRO U 435 -7.88 -71.39 107.04
C PRO U 435 -8.43 -72.69 107.62
N SER U 436 -7.99 -73.03 108.83
CA SER U 436 -8.56 -74.15 109.57
C SER U 436 -10.03 -73.88 109.80
N HIS U 437 -10.79 -74.93 110.04
CA HIS U 437 -12.22 -74.80 109.88
C HIS U 437 -12.95 -75.83 110.75
N VAL U 438 -13.88 -75.36 111.57
CA VAL U 438 -14.62 -76.23 112.48
C VAL U 438 -16.05 -76.40 112.01
N PHE U 439 -16.39 -77.60 111.58
CA PHE U 439 -17.75 -77.91 111.19
C PHE U 439 -18.46 -78.63 112.32
N ALA U 440 -19.38 -77.97 112.98
CA ALA U 440 -20.18 -78.64 114.00
C ALA U 440 -20.74 -79.91 113.36
N ILE U 441 -20.76 -81.02 114.09
CA ILE U 441 -21.18 -82.29 113.49
C ILE U 441 -22.59 -82.23 112.90
N GLN U 442 -23.44 -81.35 113.43
CA GLN U 442 -24.80 -81.20 112.93
C GLN U 442 -24.92 -80.56 111.55
N LYS U 443 -23.85 -79.91 111.06
CA LYS U 443 -23.82 -79.37 109.69
C LYS U 443 -23.94 -80.50 108.67
N LEU U 444 -23.34 -81.65 108.98
CA LEU U 444 -23.50 -82.85 108.16
C LEU U 444 -22.81 -82.75 106.80
N GLU U 445 -22.11 -81.63 106.57
CA GLU U 445 -21.29 -81.44 105.36
C GLU U 445 -20.40 -80.21 105.49
N GLY U 446 -19.33 -80.18 104.70
CA GLY U 446 -18.42 -79.05 104.69
C GLY U 446 -17.55 -79.04 103.46
N THR U 447 -16.91 -77.92 103.17
CA THR U 447 -16.04 -77.83 102.00
C THR U 447 -14.69 -77.24 102.34
N THR U 448 -13.69 -77.58 101.55
CA THR U 448 -12.36 -77.00 101.72
C THR U 448 -11.55 -77.19 100.43
N GLU U 449 -10.45 -76.45 100.29
CA GLU U 449 -9.51 -76.67 99.19
C GLU U 449 -8.30 -77.44 99.69
N LEU U 450 -7.65 -78.20 98.83
CA LEU U 450 -6.40 -78.88 99.20
C LEU U 450 -5.34 -78.63 98.16
N LEU U 451 -4.20 -78.06 98.57
CA LEU U 451 -3.09 -77.90 97.65
C LEU U 451 -2.34 -79.22 97.56
N VAL U 452 -2.33 -79.81 96.35
CA VAL U 452 -1.53 -80.99 96.08
C VAL U 452 -0.23 -80.55 95.40
N GLY U 453 0.83 -80.42 96.19
CA GLY U 453 2.07 -79.85 95.72
C GLY U 453 2.94 -79.41 96.88
N ASN U 454 3.94 -78.59 96.58
CA ASN U 454 4.91 -78.16 97.59
C ASN U 454 5.84 -77.10 97.03
N PHE U 455 6.77 -76.62 97.85
CA PHE U 455 7.66 -75.53 97.42
C PHE U 455 8.42 -75.84 96.15
N ALA U 456 8.73 -77.11 95.92
CA ALA U 456 9.46 -77.52 94.71
C ALA U 456 8.60 -77.49 93.43
N GLY U 457 7.30 -77.75 93.57
CA GLY U 457 6.36 -77.55 92.48
C GLY U 457 5.51 -78.75 92.12
N ALA U 458 5.85 -79.91 92.63
CA ALA U 458 5.14 -81.14 92.24
C ALA U 458 5.37 -82.27 93.24
N ASN U 459 4.45 -83.21 93.29
CA ASN U 459 4.56 -84.36 94.19
C ASN U 459 4.88 -85.62 93.39
N PRO U 460 5.78 -86.45 93.93
CA PRO U 460 5.99 -87.81 93.41
C PRO U 460 4.85 -88.68 93.90
N ASN U 461 4.70 -89.86 93.32
CA ASN U 461 3.60 -90.74 93.74
C ASN U 461 4.07 -91.69 94.85
N THR U 462 4.84 -91.15 95.78
CA THR U 462 5.36 -91.89 96.93
C THR U 462 5.29 -90.96 98.14
N ARG U 463 5.75 -91.43 99.30
CA ARG U 463 5.90 -90.55 100.44
C ARG U 463 7.17 -89.72 100.22
N PHE U 464 7.11 -88.47 100.64
CA PHE U 464 8.23 -87.54 100.46
C PHE U 464 8.07 -86.51 101.57
N SER U 465 9.11 -85.75 101.83
CA SER U 465 9.01 -84.68 102.82
C SER U 465 9.50 -83.35 102.24
N LEU U 466 8.58 -82.53 101.78
CA LEU U 466 8.94 -81.22 101.22
C LEU U 466 7.99 -80.16 101.76
N TYR U 467 8.55 -79.10 102.34
CA TYR U 467 7.78 -78.01 102.92
C TYR U 467 6.63 -77.58 102.05
N SER U 468 5.43 -77.58 102.62
CA SER U 468 4.25 -77.16 101.88
C SER U 468 3.12 -76.84 102.85
N ARG U 469 1.94 -76.56 102.32
CA ARG U 469 0.75 -76.50 103.14
C ARG U 469 0.40 -77.90 103.65
N TRP U 470 -0.35 -77.96 104.75
CA TRP U 470 -0.56 -79.21 105.47
C TRP U 470 -1.99 -79.29 105.96
N MET U 471 -2.65 -80.42 105.66
CA MET U 471 -4.05 -80.57 106.02
C MET U 471 -4.32 -81.85 106.84
N ALA U 472 -5.28 -81.76 107.76
CA ALA U 472 -5.68 -82.92 108.53
C ALA U 472 -7.17 -82.82 108.84
N ILE U 473 -7.82 -83.98 108.91
CA ILE U 473 -9.22 -84.05 109.35
C ILE U 473 -9.20 -84.58 110.78
N LYS U 474 -9.86 -83.88 111.70
CA LYS U 474 -9.90 -84.25 113.10
C LYS U 474 -11.34 -84.56 113.56
N LEU U 475 -11.58 -85.81 113.92
CA LEU U 475 -12.83 -86.21 114.53
C LEU U 475 -12.72 -86.28 116.07
N ASP U 476 -13.70 -85.75 116.80
CA ASP U 476 -13.69 -85.85 118.27
C ASP U 476 -14.82 -86.74 118.78
N GLN U 477 -15.77 -87.05 117.90
CA GLN U 477 -16.91 -87.90 118.23
C GLN U 477 -17.12 -88.91 117.11
N ALA U 478 -16.02 -89.52 116.68
CA ALA U 478 -16.05 -90.31 115.47
C ALA U 478 -17.03 -91.47 115.55
N LYS U 479 -17.27 -91.99 116.75
CA LYS U 479 -18.16 -93.14 116.89
C LYS U 479 -19.60 -92.74 116.58
N SER U 480 -19.87 -91.45 116.59
CA SER U 480 -21.20 -90.93 116.24
C SER U 480 -21.37 -90.78 114.73
N ILE U 481 -20.36 -91.16 113.95
CA ILE U 481 -20.41 -90.99 112.50
C ILE U 481 -20.50 -92.35 111.79
N LYS U 482 -21.54 -92.53 110.97
CA LYS U 482 -21.69 -93.80 110.30
C LYS U 482 -20.76 -93.85 109.07
N VAL U 483 -20.58 -92.69 108.43
CA VAL U 483 -19.66 -92.56 107.30
C VAL U 483 -19.24 -91.11 107.05
N LEU U 484 -17.95 -90.94 106.79
CA LEU U 484 -17.42 -89.66 106.39
C LEU U 484 -16.94 -89.85 104.97
N ARG U 485 -17.58 -89.21 104.01
CA ARG U 485 -17.18 -89.30 102.60
C ARG U 485 -16.45 -88.04 102.15
N VAL U 486 -15.33 -88.23 101.47
CA VAL U 486 -14.60 -87.11 100.91
C VAL U 486 -14.61 -87.13 99.36
N LEU U 487 -15.27 -86.15 98.75
CA LEU U 487 -15.24 -86.02 97.29
C LEU U 487 -14.28 -84.91 96.89
N CYS U 488 -13.70 -85.03 95.71
CA CYS U 488 -12.82 -83.97 95.20
C CYS U 488 -13.10 -83.67 93.73
N LYS U 489 -12.66 -82.49 93.30
CA LYS U 489 -12.90 -81.98 91.96
C LYS U 489 -11.72 -81.08 91.60
N PRO U 490 -10.85 -81.59 90.72
CA PRO U 490 -9.59 -80.88 90.43
C PRO U 490 -9.89 -79.55 89.77
N ARG U 491 -9.25 -78.50 90.25
CA ARG U 491 -9.33 -77.21 89.62
C ARG U 491 -8.58 -77.26 88.32
N PRO U 492 -9.04 -76.47 87.33
CA PRO U 492 -8.47 -76.46 85.98
C PRO U 492 -6.97 -76.28 86.06
N GLY U 493 -6.25 -77.05 85.26
CA GLY U 493 -4.80 -76.92 85.21
C GLY U 493 -4.07 -77.90 86.14
N PHE U 494 -4.78 -78.92 86.62
CA PHE U 494 -4.13 -79.95 87.40
C PHE U 494 -3.19 -80.71 86.47
N SER U 495 -1.91 -80.72 86.81
CA SER U 495 -0.88 -81.15 85.85
C SER U 495 -0.17 -82.45 86.23
N PHE U 496 0.20 -83.22 85.21
CA PHE U 496 0.89 -84.49 85.38
C PHE U 496 2.17 -84.46 84.57
N TYR U 497 3.24 -85.01 85.13
CA TYR U 497 4.55 -84.98 84.49
C TYR U 497 5.11 -86.39 84.34
N GLY U 498 5.62 -86.71 83.15
CA GLY U 498 6.25 -87.98 82.90
C GLY U 498 5.38 -89.23 82.95
N ARG U 499 4.83 -89.63 81.81
CA ARG U 499 3.98 -90.82 81.76
C ARG U 499 4.75 -92.07 82.15
N THR U 500 4.12 -92.90 82.97
CA THR U 500 4.71 -94.16 83.40
C THR U 500 3.59 -95.16 83.73
N SER U 501 3.92 -96.20 84.49
CA SER U 501 2.91 -97.19 84.88
C SER U 501 2.97 -97.53 86.36
N PHE U 502 2.05 -98.38 86.79
CA PHE U 502 1.90 -98.65 88.20
C PHE U 502 1.33 -100.03 88.44
N PRO U 503 2.20 -101.01 88.64
CA PRO U 503 1.78 -102.38 88.94
C PRO U 503 1.36 -102.53 90.40
N VAL U 504 0.22 -103.18 90.62
CA VAL U 504 -0.24 -103.56 91.96
C VAL U 504 -0.75 -104.99 91.95
N GLY V 1 18.79 -26.96 109.47
CA GLY V 1 19.85 -26.58 110.39
C GLY V 1 20.02 -27.59 111.51
N LEU V 2 21.08 -27.43 112.29
CA LEU V 2 21.31 -28.32 113.41
C LEU V 2 20.13 -28.21 114.39
N ALA V 3 19.50 -29.35 114.66
CA ALA V 3 18.26 -29.36 115.44
C ALA V 3 18.46 -29.89 116.84
N GLY V 4 19.40 -30.82 116.98
CA GLY V 4 19.73 -31.43 118.27
C GLY V 4 21.04 -32.15 118.22
N ARG V 5 21.58 -32.51 119.39
CA ARG V 5 22.85 -33.23 119.44
C ARG V 5 22.99 -34.09 120.68
N GLY V 6 23.99 -34.95 120.66
CA GLY V 6 24.21 -35.88 121.75
C GLY V 6 25.59 -36.49 121.64
N VAL V 7 25.99 -37.24 122.66
CA VAL V 7 27.35 -37.77 122.69
C VAL V 7 27.32 -39.24 123.04
N ILE V 8 28.09 -40.04 122.31
CA ILE V 8 28.26 -41.45 122.64
C ILE V 8 29.70 -41.66 123.13
N TYR V 9 29.88 -42.45 124.19
CA TYR V 9 31.22 -42.70 124.74
C TYR V 9 31.79 -44.05 124.37
N ILE V 10 32.98 -44.03 123.80
CA ILE V 10 33.66 -45.25 123.39
C ILE V 10 34.83 -45.60 124.30
N PRO V 11 34.77 -46.78 124.91
CA PRO V 11 35.82 -47.41 125.74
C PRO V 11 37.09 -47.68 124.93
N LYS V 12 38.26 -47.55 125.54
CA LYS V 12 39.50 -47.82 124.83
C LYS V 12 39.54 -49.25 124.30
N ASP V 13 38.94 -50.19 125.03
CA ASP V 13 38.70 -51.54 124.49
C ASP V 13 37.22 -51.68 124.16
N CYS V 14 36.91 -51.43 122.90
CA CYS V 14 35.56 -51.57 122.41
C CYS V 14 35.39 -52.93 121.70
N GLN V 15 34.85 -53.90 122.44
CA GLN V 15 34.73 -55.30 122.01
C GLN V 15 33.44 -55.54 121.25
N ALA V 16 33.41 -56.57 120.41
CA ALA V 16 32.16 -56.86 119.69
C ALA V 16 31.00 -57.11 120.65
N ASN V 17 29.94 -56.34 120.46
CA ASN V 17 28.69 -56.48 121.19
C ASN V 17 28.55 -55.52 122.36
N ARG V 18 29.57 -54.71 122.62
CA ARG V 18 29.39 -53.67 123.63
C ARG V 18 28.21 -52.78 123.27
N TYR V 19 27.38 -52.51 124.25
CA TYR V 19 26.38 -51.48 124.15
C TYR V 19 27.05 -50.16 124.52
N LEU V 20 26.89 -49.15 123.67
CA LEU V 20 27.60 -47.88 123.81
C LEU V 20 26.71 -46.78 124.36
N GLY V 21 25.41 -46.92 124.16
CA GLY V 21 24.46 -45.96 124.69
C GLY V 21 23.25 -45.75 123.81
N THR V 22 22.25 -45.07 124.36
CA THR V 22 21.04 -44.74 123.62
C THR V 22 20.78 -43.24 123.67
N LEU V 23 20.50 -42.65 122.52
CA LEU V 23 20.11 -41.26 122.51
C LEU V 23 18.62 -41.20 122.28
N ASN V 24 17.96 -40.31 123.00
CA ASN V 24 16.54 -40.13 122.81
C ASN V 24 16.31 -38.98 121.81
N ILE V 25 15.76 -39.29 120.64
CA ILE V 25 15.67 -38.29 119.57
C ILE V 25 14.95 -37.02 120.00
N ARG V 26 13.87 -37.16 120.77
CA ARG V 26 13.14 -35.95 121.14
C ARG V 26 13.92 -35.16 122.19
N ASP V 27 14.54 -35.86 123.13
CA ASP V 27 15.41 -35.20 124.11
C ASP V 27 16.59 -34.47 123.44
N MET V 28 17.18 -35.06 122.38
CA MET V 28 18.28 -34.39 121.67
C MET V 28 17.84 -33.01 121.18
N ILE V 29 16.60 -32.93 120.71
CA ILE V 29 16.10 -31.69 120.14
C ILE V 29 15.68 -30.71 121.25
N SER V 30 15.10 -31.23 122.34
CA SER V 30 14.61 -30.37 123.41
C SER V 30 15.70 -29.89 124.36
N ASP V 31 16.74 -30.69 124.56
CA ASP V 31 17.86 -30.27 125.42
C ASP V 31 18.68 -29.21 124.72
N PHE V 32 18.72 -29.29 123.40
CA PHE V 32 19.47 -28.34 122.59
C PHE V 32 18.72 -27.00 122.58
N LYS V 33 17.48 -27.01 122.08
CA LYS V 33 16.52 -25.96 122.41
C LYS V 33 16.90 -24.51 122.01
N GLY V 34 17.46 -24.26 120.82
CA GLY V 34 17.20 -24.99 119.60
C GLY V 34 16.31 -24.03 118.79
N VAL V 35 16.77 -23.52 117.65
CA VAL V 35 15.86 -22.76 116.76
C VAL V 35 14.78 -23.70 116.24
N GLN V 36 15.17 -24.94 115.94
CA GLN V 36 14.24 -25.96 115.44
C GLN V 36 13.25 -26.39 116.53
N TYR V 37 13.76 -26.58 117.74
CA TYR V 37 12.89 -26.91 118.88
C TYR V 37 11.79 -25.86 119.06
N GLU V 38 12.17 -24.59 118.98
CA GLU V 38 11.20 -23.54 119.12
C GLU V 38 10.18 -23.47 117.96
N LYS V 39 10.63 -23.77 116.73
CA LYS V 39 9.70 -23.85 115.61
C LYS V 39 8.71 -24.98 115.85
N TRP V 40 9.17 -26.01 116.55
CA TRP V 40 8.39 -27.22 116.81
C TRP V 40 7.21 -26.92 117.74
N ILE V 41 7.49 -26.20 118.82
CA ILE V 41 6.45 -25.80 119.76
C ILE V 41 5.29 -25.11 119.05
N THR V 42 5.59 -24.31 118.04
CA THR V 42 4.55 -23.59 117.31
C THR V 42 3.77 -24.50 116.35
N ALA V 43 4.49 -25.42 115.74
CA ALA V 43 3.89 -26.34 114.78
C ALA V 43 2.95 -27.29 115.51
N GLY V 44 3.38 -27.69 116.71
CA GLY V 44 2.69 -28.73 117.44
C GLY V 44 3.14 -30.10 116.96
N LEU V 45 2.79 -30.43 115.72
CA LEU V 45 3.16 -31.71 115.12
C LEU V 45 4.20 -31.57 114.02
N VAL V 46 5.22 -32.43 114.04
CA VAL V 46 6.24 -32.43 112.98
C VAL V 46 6.43 -33.85 112.41
N MET V 47 6.65 -33.94 111.10
CA MET V 47 6.98 -35.23 110.45
C MET V 47 8.34 -35.18 109.75
N PRO V 48 9.41 -34.93 110.52
CA PRO V 48 10.69 -34.46 109.94
C PRO V 48 11.30 -35.40 108.92
N THR V 49 12.13 -34.84 108.06
CA THR V 49 13.15 -35.63 107.43
C THR V 49 14.47 -35.24 108.08
N PHE V 50 15.05 -36.16 108.83
CA PHE V 50 16.30 -35.93 109.53
C PHE V 50 17.49 -36.34 108.69
N LYS V 51 18.57 -35.57 108.79
CA LYS V 51 19.88 -36.02 108.38
C LYS V 51 20.58 -36.30 109.69
N ILE V 52 20.98 -37.54 109.90
CA ILE V 52 21.77 -37.86 111.09
C ILE V 52 23.22 -37.88 110.67
N VAL V 53 24.05 -37.23 111.47
CA VAL V 53 25.49 -37.20 111.23
C VAL V 53 26.24 -37.65 112.48
N ILE V 54 27.09 -38.66 112.33
CA ILE V 54 27.93 -39.11 113.45
C ILE V 54 29.35 -38.71 113.21
N ARG V 55 29.88 -37.83 114.04
CA ARG V 55 31.23 -37.32 113.86
C ARG V 55 32.17 -38.14 114.69
N LEU V 56 33.31 -38.46 114.08
CA LEU V 56 33.93 -39.74 114.30
C LEU V 56 35.26 -39.64 113.57
N PRO V 57 36.38 -39.77 114.30
CA PRO V 57 37.68 -39.65 113.60
C PRO V 57 37.98 -40.90 112.78
N ALA V 58 38.17 -40.71 111.47
CA ALA V 58 38.41 -41.84 110.58
C ALA V 58 39.70 -42.55 110.95
N ASN V 59 39.67 -43.88 110.94
CA ASN V 59 40.86 -44.65 111.26
C ASN V 59 40.88 -46.04 110.63
N ALA V 60 41.94 -46.35 109.90
CA ALA V 60 41.97 -47.61 109.17
C ALA V 60 42.66 -48.69 109.96
N PHE V 61 43.03 -48.40 111.20
CA PHE V 61 43.90 -49.30 111.95
C PHE V 61 43.22 -50.00 113.15
N THR V 62 41.89 -50.01 113.18
CA THR V 62 41.21 -50.54 114.34
C THR V 62 40.35 -51.76 113.99
N GLY V 63 39.66 -51.71 112.87
CA GLY V 63 38.76 -52.80 112.52
C GLY V 63 37.35 -52.57 113.05
N LEU V 64 37.16 -51.48 113.77
CA LEU V 64 35.90 -51.15 114.45
C LEU V 64 34.77 -50.92 113.47
N THR V 65 33.62 -51.56 113.74
CA THR V 65 32.39 -51.29 113.03
C THR V 65 31.26 -51.22 114.05
N TRP V 66 30.46 -50.15 113.97
CA TRP V 66 29.34 -49.91 114.88
C TRP V 66 28.03 -50.00 114.14
N VAL V 67 26.94 -50.19 114.87
CA VAL V 67 25.62 -50.15 114.28
C VAL V 67 24.76 -49.09 114.95
N MET V 68 24.20 -48.18 114.16
CA MET V 68 23.16 -47.28 114.67
C MET V 68 21.81 -47.90 114.36
N SER V 69 21.00 -48.13 115.39
CA SER V 69 19.71 -48.79 115.20
C SER V 69 18.60 -47.79 115.53
N PHE V 70 17.72 -47.56 114.56
CA PHE V 70 16.58 -46.67 114.76
C PHE V 70 15.39 -47.43 115.34
N ASP V 71 15.16 -47.22 116.64
CA ASP V 71 14.14 -47.94 117.36
C ASP V 71 13.02 -46.99 117.73
N ALA V 72 12.17 -46.67 116.77
CA ALA V 72 11.17 -45.61 117.01
C ALA V 72 10.12 -46.03 118.05
N TYR V 73 9.97 -47.35 118.25
CA TYR V 73 8.91 -47.82 119.13
C TYR V 73 9.41 -48.57 120.37
N ASN V 74 10.69 -48.36 120.66
CA ASN V 74 11.31 -48.82 121.89
C ASN V 74 11.17 -50.32 122.09
N ARG V 75 11.55 -51.08 121.07
CA ARG V 75 11.33 -52.53 121.04
C ARG V 75 12.56 -53.32 121.45
N ILE V 76 13.75 -52.81 121.14
CA ILE V 76 14.98 -53.51 121.51
C ILE V 76 15.77 -52.92 122.69
N THR V 77 15.37 -51.74 123.18
CA THR V 77 16.07 -51.04 124.27
C THR V 77 16.35 -51.86 125.54
N SER V 78 15.26 -52.44 126.09
CA SER V 78 15.31 -53.38 127.20
C SER V 78 16.37 -54.51 127.03
N ARG V 79 16.53 -55.05 125.82
CA ARG V 79 17.33 -56.26 125.65
C ARG V 79 18.81 -56.04 125.28
N ILE V 80 19.19 -54.80 125.00
CA ILE V 80 20.55 -54.58 124.54
C ILE V 80 21.43 -53.83 125.53
N THR V 81 20.91 -53.49 126.71
CA THR V 81 21.65 -52.57 127.57
C THR V 81 22.69 -53.27 128.43
N ALA V 82 22.53 -54.58 128.61
CA ALA V 82 23.61 -55.37 129.22
C ALA V 82 24.57 -55.73 128.09
N SER V 83 24.08 -56.63 127.25
CA SER V 83 24.77 -57.02 126.02
C SER V 83 23.81 -56.95 124.81
N ALA V 84 24.36 -56.43 123.72
CA ALA V 84 23.64 -56.19 122.49
C ALA V 84 24.04 -57.22 121.43
N ASP V 85 23.39 -58.39 121.48
CA ASP V 85 23.51 -59.39 120.42
C ASP V 85 23.04 -58.73 119.12
N PRO V 86 23.82 -58.89 118.04
CA PRO V 86 23.47 -58.36 116.72
C PRO V 86 22.08 -58.73 116.24
N VAL V 87 21.52 -59.87 116.65
CA VAL V 87 20.16 -60.23 116.24
C VAL V 87 19.16 -59.15 116.64
N TYR V 88 19.32 -58.56 117.82
CA TYR V 88 18.44 -57.48 118.23
C TYR V 88 18.75 -56.20 117.45
N THR V 89 20.02 -55.80 117.40
CA THR V 89 20.40 -54.50 116.83
C THR V 89 20.12 -54.39 115.33
N LEU V 90 20.09 -55.52 114.64
CA LEU V 90 19.84 -55.54 113.19
C LEU V 90 18.36 -55.85 112.82
N SER V 91 17.52 -56.03 113.83
CA SER V 91 16.14 -56.40 113.62
C SER V 91 15.23 -55.18 113.40
N VAL V 92 15.80 -53.98 113.55
CA VAL V 92 15.08 -52.75 113.26
C VAL V 92 15.87 -51.99 112.22
N PRO V 93 15.28 -50.94 111.64
CA PRO V 93 16.09 -50.16 110.68
C PRO V 93 17.45 -49.74 111.27
N HIS V 94 18.51 -49.87 110.49
CA HIS V 94 19.85 -49.71 111.03
C HIS V 94 20.87 -49.43 109.96
N TRP V 95 22.04 -48.96 110.39
CA TRP V 95 23.10 -48.54 109.48
C TRP V 95 24.45 -49.00 110.01
N LEU V 96 25.29 -49.52 109.13
CA LEU V 96 26.65 -49.89 109.53
C LEU V 96 27.56 -48.68 109.51
N ILE V 97 28.32 -48.49 110.58
CA ILE V 97 29.25 -47.38 110.65
C ILE V 97 30.68 -47.89 110.70
N HIS V 98 31.36 -47.80 109.57
CA HIS V 98 32.75 -48.29 109.48
C HIS V 98 33.75 -47.23 109.92
N HIS V 99 34.66 -47.64 110.80
CA HIS V 99 35.63 -46.71 111.36
C HIS V 99 36.56 -46.19 110.28
N LYS V 100 36.84 -47.04 109.29
CA LYS V 100 37.74 -46.62 108.22
C LYS V 100 37.18 -45.45 107.40
N LEU V 101 35.85 -45.28 107.40
CA LEU V 101 35.21 -44.26 106.59
C LEU V 101 35.00 -42.95 107.32
N GLY V 102 35.30 -42.94 108.62
CA GLY V 102 35.17 -41.73 109.42
C GLY V 102 33.74 -41.25 109.58
N THR V 103 33.56 -39.94 109.49
CA THR V 103 32.24 -39.32 109.72
C THR V 103 31.15 -39.93 108.85
N PHE V 104 30.03 -40.27 109.49
CA PHE V 104 28.95 -41.02 108.86
C PHE V 104 27.69 -40.19 108.76
N SER V 105 26.92 -40.40 107.71
CA SER V 105 25.69 -39.66 107.53
C SER V 105 24.59 -40.51 106.87
N CYS V 106 23.34 -40.28 107.24
CA CYS V 106 22.22 -40.95 106.57
C CYS V 106 20.94 -40.13 106.70
N GLU V 107 19.93 -40.48 105.90
CA GLU V 107 18.64 -39.81 105.99
C GLU V 107 17.61 -40.70 106.62
N ILE V 108 16.79 -40.09 107.45
CA ILE V 108 15.69 -40.81 108.06
C ILE V 108 14.41 -40.06 107.71
N ASP V 109 13.62 -40.62 106.82
CA ASP V 109 12.31 -40.05 106.55
C ASP V 109 11.38 -40.54 107.63
N TYR V 110 11.12 -39.69 108.62
CA TYR V 110 10.38 -40.11 109.78
C TYR V 110 8.98 -40.58 109.39
N GLY V 111 8.47 -40.06 108.27
CA GLY V 111 7.20 -40.49 107.74
C GLY V 111 7.17 -41.98 107.40
N GLU V 112 8.26 -42.47 106.82
CA GLU V 112 8.36 -43.89 106.48
C GLU V 112 8.81 -44.77 107.64
N LEU V 113 10.00 -44.49 108.15
CA LEU V 113 10.61 -45.33 109.18
C LEU V 113 9.82 -45.34 110.49
N CYS V 114 9.07 -44.28 110.74
CA CYS V 114 8.30 -44.21 111.97
C CYS V 114 6.78 -44.29 111.72
N GLY V 115 6.22 -43.34 110.97
CA GLY V 115 4.82 -43.41 110.61
C GLY V 115 3.88 -42.44 111.32
N HIS V 116 4.22 -42.01 112.53
CA HIS V 116 3.37 -41.03 113.20
C HIS V 116 4.13 -39.73 113.52
N ALA V 117 3.42 -38.60 113.50
CA ALA V 117 4.01 -37.28 113.71
C ALA V 117 4.30 -36.99 115.18
N MET V 118 5.39 -36.27 115.42
CA MET V 118 5.86 -35.99 116.79
C MET V 118 5.19 -34.76 117.41
N TRP V 119 4.69 -34.96 118.62
CA TRP V 119 4.00 -33.90 119.35
C TRP V 119 5.00 -33.18 120.29
N PHE V 120 5.08 -31.87 120.14
CA PHE V 120 6.09 -31.08 120.83
C PHE V 120 6.14 -31.30 122.37
N LYS V 121 4.99 -31.52 123.01
CA LYS V 121 4.93 -31.45 124.47
C LYS V 121 5.16 -32.78 125.17
N SER V 122 4.96 -33.88 124.45
CA SER V 122 5.07 -35.20 125.08
C SER V 122 5.10 -36.31 124.06
N THR V 123 5.63 -37.44 124.50
CA THR V 123 5.61 -38.62 123.67
C THR V 123 4.16 -39.10 123.47
N THR V 124 3.81 -39.41 122.23
CA THR V 124 2.49 -39.91 121.93
C THR V 124 2.39 -41.41 122.25
N PHE V 125 3.11 -42.23 121.49
CA PHE V 125 3.07 -43.66 121.72
C PHE V 125 4.25 -44.09 122.55
N GLU V 126 5.36 -44.40 121.90
CA GLU V 126 6.58 -44.56 122.66
C GLU V 126 7.60 -43.56 122.18
N SER V 127 8.66 -43.37 122.97
CA SER V 127 9.69 -42.37 122.71
C SER V 127 10.79 -42.92 121.80
N PRO V 128 10.97 -42.30 120.61
CA PRO V 128 11.90 -42.74 119.56
C PRO V 128 13.38 -42.68 119.97
N ARG V 129 14.09 -43.79 119.82
CA ARG V 129 15.49 -43.88 120.26
C ARG V 129 16.47 -44.20 119.12
N LEU V 130 17.72 -43.74 119.28
CA LEU V 130 18.83 -44.23 118.48
C LEU V 130 19.77 -45.03 119.38
N HIS V 131 20.00 -46.30 119.05
CA HIS V 131 20.93 -47.12 119.82
C HIS V 131 22.26 -47.22 119.11
N PHE V 132 23.34 -47.12 119.88
CA PHE V 132 24.65 -47.33 119.32
C PHE V 132 25.35 -48.52 119.95
N THR V 133 25.69 -49.49 119.11
CA THR V 133 26.29 -50.73 119.55
C THR V 133 27.53 -51.04 118.71
N CYS V 134 28.41 -51.88 119.22
CA CYS V 134 29.58 -52.24 118.47
C CYS V 134 29.35 -53.61 117.82
N LEU V 135 29.45 -53.67 116.49
CA LEU V 135 29.19 -54.91 115.76
C LEU V 135 30.41 -55.80 115.66
N THR V 136 31.54 -55.19 115.27
CA THR V 136 32.82 -55.89 115.28
C THR V 136 33.79 -55.06 116.12
N GLY V 137 34.56 -55.74 116.97
CA GLY V 137 35.43 -55.04 117.91
C GLY V 137 36.76 -54.61 117.34
N ASN V 138 37.49 -53.82 118.13
CA ASN V 138 38.82 -53.39 117.72
C ASN V 138 39.77 -54.57 117.84
N ASN V 139 40.82 -54.56 117.02
CA ASN V 139 41.76 -55.67 116.96
C ASN V 139 42.59 -55.76 118.23
N LYS V 140 42.84 -54.60 118.85
CA LYS V 140 43.54 -54.44 120.11
C LYS V 140 43.00 -53.16 120.69
N GLU V 141 43.10 -52.98 122.00
CA GLU V 141 42.51 -51.77 122.55
C GLU V 141 43.22 -50.52 122.00
N LEU V 142 42.52 -49.41 122.04
CA LEU V 142 43.10 -48.15 121.62
C LEU V 142 43.85 -47.52 122.80
N ALA V 143 44.38 -46.32 122.59
CA ALA V 143 45.23 -45.70 123.57
C ALA V 143 44.43 -45.19 124.77
N ALA V 144 43.21 -44.73 124.53
CA ALA V 144 42.41 -44.13 125.59
C ALA V 144 40.93 -44.12 125.26
N ASP V 145 40.08 -43.88 126.26
CA ASP V 145 38.65 -43.67 126.03
C ASP V 145 38.47 -42.45 125.11
N TRP V 146 37.39 -42.46 124.31
CA TRP V 146 37.07 -41.32 123.47
C TRP V 146 35.58 -41.15 123.30
N GLN V 147 35.18 -40.18 122.48
CA GLN V 147 33.76 -39.98 122.24
C GLN V 147 33.46 -39.68 120.77
N ALA V 148 32.21 -39.93 120.38
CA ALA V 148 31.71 -39.54 119.07
C ALA V 148 30.51 -38.61 119.28
N VAL V 149 30.29 -37.70 118.32
CA VAL V 149 29.19 -36.75 118.42
C VAL V 149 28.10 -37.11 117.42
N VAL V 150 26.85 -37.18 117.89
CA VAL V 150 25.70 -37.45 117.03
C VAL V 150 24.90 -36.17 116.82
N GLU V 151 24.60 -35.84 115.57
CA GLU V 151 23.88 -34.60 115.25
C GLU V 151 22.62 -34.82 114.40
N LEU V 152 21.53 -34.12 114.74
CA LEU V 152 20.31 -34.18 113.95
C LEU V 152 20.14 -32.87 113.19
N TYR V 153 20.08 -32.95 111.87
CA TYR V 153 19.81 -31.80 111.03
C TYR V 153 18.42 -31.95 110.43
N ALA V 154 17.63 -30.89 110.49
CA ALA V 154 16.27 -30.94 109.97
C ALA V 154 15.76 -29.54 109.77
N GLU V 155 14.84 -29.38 108.84
CA GLU V 155 14.07 -28.14 108.75
C GLU V 155 12.63 -28.43 109.12
N LEU V 156 12.32 -28.31 110.40
CA LEU V 156 11.00 -28.72 110.88
C LEU V 156 9.89 -27.82 110.35
N GLU V 157 8.88 -28.43 109.76
CA GLU V 157 7.67 -27.68 109.43
C GLU V 157 6.42 -28.41 109.94
N GLU V 158 5.33 -27.66 110.09
CA GLU V 158 4.10 -28.22 110.66
C GLU V 158 3.60 -29.40 109.81
N ALA V 159 3.25 -30.46 110.52
CA ALA V 159 2.70 -31.65 109.89
C ALA V 159 1.19 -31.51 109.59
N THR V 160 0.83 -31.89 108.39
CA THR V 160 -0.55 -31.73 107.94
C THR V 160 -1.46 -32.86 108.45
N SER V 161 -0.90 -34.07 108.58
CA SER V 161 -1.65 -35.25 109.02
C SER V 161 -0.96 -35.94 110.17
N PHE V 162 -1.71 -36.75 110.93
CA PHE V 162 -1.10 -37.51 112.02
C PHE V 162 -0.26 -38.69 111.51
N LEU V 163 -0.78 -39.34 110.48
CA LEU V 163 -0.19 -40.56 109.98
C LEU V 163 0.69 -40.32 108.76
N GLY V 164 1.78 -41.07 108.65
CA GLY V 164 2.62 -41.09 107.46
C GLY V 164 1.96 -41.82 106.30
N LYS V 165 2.77 -42.28 105.35
CA LYS V 165 2.31 -43.17 104.32
C LYS V 165 2.69 -44.55 104.81
N PRO V 166 1.83 -45.55 104.61
CA PRO V 166 2.09 -46.90 105.13
C PRO V 166 3.30 -47.56 104.46
N THR V 167 4.23 -48.04 105.29
CA THR V 167 5.38 -48.82 104.86
C THR V 167 4.94 -50.08 104.10
N LEU V 168 3.81 -50.65 104.49
CA LEU V 168 3.36 -51.96 103.99
C LEU V 168 1.86 -52.10 103.99
N VAL V 169 1.32 -52.72 102.94
CA VAL V 169 -0.10 -53.02 102.90
C VAL V 169 -0.30 -54.51 102.71
N PHE V 170 -1.15 -55.09 103.56
CA PHE V 170 -1.26 -56.54 103.62
C PHE V 170 -1.74 -57.14 102.32
N ASP V 171 -0.99 -58.12 101.85
CA ASP V 171 -1.28 -58.86 100.64
C ASP V 171 -0.49 -60.17 100.63
N PRO V 172 -1.20 -61.31 100.70
CA PRO V 172 -0.67 -62.67 100.86
C PRO V 172 0.17 -63.06 99.66
N GLY V 173 -0.31 -62.63 98.51
CA GLY V 173 0.30 -62.99 97.24
C GLY V 173 1.40 -62.05 96.81
N VAL V 174 1.91 -61.24 97.74
CA VAL V 174 2.93 -60.28 97.35
C VAL V 174 4.08 -60.15 98.35
N PHE V 175 5.14 -60.84 97.92
CA PHE V 175 6.51 -60.75 98.42
C PHE V 175 7.37 -60.65 97.16
N ASN V 176 7.83 -59.44 96.84
CA ASN V 176 8.61 -59.20 95.63
C ASN V 176 9.87 -60.06 95.53
N GLY V 177 10.70 -60.00 96.55
CA GLY V 177 11.99 -60.66 96.50
C GLY V 177 13.09 -59.65 96.79
N LYS V 178 12.70 -58.38 96.90
CA LYS V 178 13.59 -57.31 97.34
C LYS V 178 13.52 -57.11 98.88
N PHE V 179 14.66 -56.87 99.51
CA PHE V 179 14.70 -56.66 100.96
C PHE V 179 15.25 -55.27 101.31
N GLN V 180 14.86 -54.77 102.48
CA GLN V 180 15.64 -53.68 103.11
C GLN V 180 16.05 -54.08 104.51
N PHE V 181 17.19 -53.57 104.94
CA PHE V 181 17.69 -53.80 106.30
C PHE V 181 17.86 -55.28 106.69
N LEU V 182 18.23 -56.11 105.70
CA LEU V 182 18.53 -57.51 105.97
C LEU V 182 20.03 -57.69 106.11
N THR V 183 20.50 -57.69 107.35
CA THR V 183 21.93 -57.78 107.62
C THR V 183 22.16 -59.03 108.47
N CYS V 184 23.10 -59.87 108.05
CA CYS V 184 23.45 -61.08 108.80
C CYS V 184 24.45 -60.76 109.89
N PRO V 185 24.24 -61.29 111.09
CA PRO V 185 25.26 -61.13 112.13
C PRO V 185 26.64 -61.50 111.58
N PRO V 186 27.68 -60.91 112.16
CA PRO V 186 29.06 -61.10 111.69
C PRO V 186 29.46 -62.56 111.69
N ILE V 187 30.21 -62.94 110.65
CA ILE V 187 30.83 -64.24 110.53
C ILE V 187 32.33 -64.06 110.83
N PHE V 188 32.96 -64.97 111.58
CA PHE V 188 34.36 -64.78 111.97
C PHE V 188 35.31 -65.85 111.48
N PHE V 189 36.50 -65.42 111.04
CA PHE V 189 37.54 -66.35 110.61
C PHE V 189 38.76 -66.24 111.50
N ASP V 190 39.26 -67.38 111.98
CA ASP V 190 40.46 -67.41 112.79
C ASP V 190 41.69 -67.32 111.90
N LEU V 191 42.72 -66.61 112.35
CA LEU V 191 43.97 -66.59 111.57
C LEU V 191 44.92 -67.75 111.88
N THR V 192 44.52 -68.58 112.83
CA THR V 192 45.26 -69.80 113.15
C THR V 192 44.79 -70.98 112.30
N ALA V 193 44.11 -70.66 111.20
CA ALA V 193 43.58 -71.69 110.34
C ALA V 193 43.93 -71.43 108.88
N VAL V 194 44.56 -72.39 108.23
CA VAL V 194 44.99 -72.20 106.86
C VAL V 194 43.84 -72.11 105.85
N THR V 195 42.77 -72.86 106.08
CA THR V 195 41.50 -72.66 105.36
C THR V 195 40.34 -72.80 106.34
N ALA V 196 39.15 -72.40 105.91
CA ALA V 196 37.98 -72.49 106.78
C ALA V 196 36.69 -72.31 106.04
N LEU V 197 35.63 -72.84 106.62
CA LEU V 197 34.31 -72.65 106.07
C LEU V 197 33.39 -71.96 107.06
N ARG V 198 32.58 -71.03 106.59
CA ARG V 198 31.48 -70.50 107.39
C ARG V 198 30.19 -70.49 106.58
N SER V 199 29.18 -71.17 107.12
CA SER V 199 27.89 -71.25 106.44
C SER V 199 26.93 -70.17 106.89
N ALA V 200 26.16 -69.67 105.95
CA ALA V 200 25.03 -68.81 106.27
C ALA V 200 23.79 -69.49 105.69
N GLY V 201 22.81 -69.79 106.55
CA GLY V 201 21.60 -70.45 106.11
C GLY V 201 20.80 -69.54 105.19
N LEU V 202 20.11 -70.13 104.22
CA LEU V 202 19.31 -69.35 103.30
C LEU V 202 17.83 -69.59 103.51
N THR V 203 17.52 -70.26 104.62
CA THR V 203 16.13 -70.50 105.00
C THR V 203 15.58 -69.25 105.73
N LEU V 204 15.35 -68.20 104.96
CA LEU V 204 15.18 -66.84 105.48
C LEU V 204 13.90 -66.57 106.24
N GLY V 205 12.95 -67.51 106.17
CA GLY V 205 11.69 -67.37 106.89
C GLY V 205 11.78 -67.79 108.35
N GLN V 206 12.89 -68.40 108.70
CA GLN V 206 13.12 -68.89 110.05
C GLN V 206 13.21 -67.68 110.98
N VAL V 207 12.59 -67.78 112.16
CA VAL V 207 12.68 -66.68 113.11
C VAL V 207 13.97 -66.76 113.93
N PRO V 208 14.76 -65.67 113.93
CA PRO V 208 16.07 -65.62 114.60
C PRO V 208 15.90 -65.71 116.09
N MET V 209 16.91 -66.23 116.78
CA MET V 209 16.81 -66.35 118.23
C MET V 209 18.03 -65.81 118.99
N VAL V 210 17.78 -65.38 120.21
CA VAL V 210 18.86 -65.03 121.11
C VAL V 210 18.57 -65.79 122.38
N GLY V 211 19.28 -66.90 122.56
CA GLY V 211 18.96 -67.81 123.66
C GLY V 211 17.58 -68.40 123.43
N THR V 212 16.70 -68.24 124.41
CA THR V 212 15.35 -68.77 124.29
C THR V 212 14.39 -67.72 123.74
N THR V 213 14.91 -66.53 123.48
CA THR V 213 14.09 -65.42 122.99
C THR V 213 13.93 -65.39 121.46
N LYS V 214 12.68 -65.47 120.98
CA LYS V 214 12.39 -65.33 119.56
C LYS V 214 12.36 -63.84 119.19
N VAL V 215 13.07 -63.46 118.13
CA VAL V 215 13.05 -62.07 117.67
C VAL V 215 12.33 -61.96 116.33
N TYR V 216 11.01 -61.78 116.36
CA TYR V 216 10.22 -61.62 115.16
C TYR V 216 10.65 -60.35 114.45
N ASN V 217 10.81 -60.44 113.15
CA ASN V 217 11.17 -59.24 112.37
C ASN V 217 10.50 -59.27 110.99
N LEU V 218 10.42 -58.11 110.35
CA LEU V 218 9.66 -58.02 109.11
C LEU V 218 10.24 -58.86 107.98
N ASN V 219 11.56 -58.93 107.86
CA ASN V 219 12.16 -59.69 106.76
C ASN V 219 11.85 -61.16 106.79
N SER V 220 12.06 -61.80 107.94
CA SER V 220 11.69 -63.22 108.03
C SER V 220 10.18 -63.41 107.85
N THR V 221 9.41 -62.46 108.37
CA THR V 221 7.96 -62.48 108.19
C THR V 221 7.58 -62.46 106.72
N LEU V 222 8.20 -61.57 105.96
CA LEU V 222 7.95 -61.51 104.52
C LEU V 222 8.26 -62.84 103.81
N VAL V 223 9.46 -63.36 104.02
CA VAL V 223 9.81 -64.62 103.40
C VAL V 223 8.81 -65.72 103.73
N SER V 224 8.24 -65.69 104.94
CA SER V 224 7.31 -66.74 105.35
C SER V 224 6.01 -66.72 104.54
N CYS V 225 5.81 -65.63 103.81
CA CYS V 225 4.63 -65.43 102.97
C CYS V 225 4.67 -66.25 101.70
N VAL V 226 5.77 -66.96 101.54
CA VAL V 226 6.04 -67.77 100.36
C VAL V 226 6.41 -69.19 100.82
N LEU V 227 6.30 -70.21 99.96
CA LEU V 227 6.61 -71.57 100.38
C LEU V 227 8.09 -71.86 100.23
N GLY V 228 8.73 -71.16 99.30
CA GLY V 228 10.16 -71.27 99.06
C GLY V 228 10.61 -70.35 97.94
N MET V 229 11.92 -70.34 97.68
CA MET V 229 12.47 -69.41 96.71
C MET V 229 13.74 -69.97 96.11
N GLY V 230 13.93 -69.68 94.83
CA GLY V 230 15.17 -69.94 94.14
C GLY V 230 15.61 -68.68 93.42
N GLY V 231 16.78 -68.72 92.82
CA GLY V 231 17.22 -67.56 92.08
C GLY V 231 18.62 -67.17 92.49
N THR V 232 18.94 -65.89 92.33
CA THR V 232 20.27 -65.44 92.68
C THR V 232 20.23 -64.48 93.86
N VAL V 233 21.09 -64.72 94.85
CA VAL V 233 21.21 -63.83 95.99
C VAL V 233 22.14 -62.69 95.65
N ARG V 234 21.64 -61.45 95.63
CA ARG V 234 22.46 -60.26 95.41
C ARG V 234 22.67 -59.62 96.74
N GLY V 235 23.92 -59.37 97.11
CA GLY V 235 24.23 -58.75 98.38
C GLY V 235 25.54 -58.00 98.40
N ARG V 236 25.95 -57.58 99.59
CA ARG V 236 27.21 -56.90 99.76
C ARG V 236 27.97 -57.56 100.86
N VAL V 237 29.29 -57.58 100.75
CA VAL V 237 30.16 -58.14 101.76
C VAL V 237 31.02 -57.05 102.32
N HIS V 238 31.07 -56.95 103.64
CA HIS V 238 32.00 -56.01 104.27
C HIS V 238 33.09 -56.75 105.04
N ILE V 239 34.35 -56.44 104.74
CA ILE V 239 35.47 -56.97 105.50
C ILE V 239 35.89 -56.01 106.60
N CYS V 240 35.59 -56.38 107.84
CA CYS V 240 35.63 -55.47 108.98
C CYS V 240 36.87 -55.66 109.84
N ALA V 241 38.03 -55.35 109.26
CA ALA V 241 39.30 -55.50 109.94
C ALA V 241 40.24 -54.37 109.56
N PRO V 242 41.35 -54.22 110.29
CA PRO V 242 42.36 -53.22 109.97
C PRO V 242 42.99 -53.41 108.57
N ILE V 243 43.53 -52.36 107.94
CA ILE V 243 44.15 -52.47 106.60
C ILE V 243 45.23 -53.55 106.55
N PHE V 244 45.81 -53.88 107.70
CA PHE V 244 46.89 -54.87 107.73
C PHE V 244 46.40 -56.32 107.91
N TYR V 245 45.08 -56.51 107.99
CA TYR V 245 44.47 -57.83 107.86
C TYR V 245 43.99 -57.98 106.44
N SER V 246 44.03 -59.20 105.90
CA SER V 246 43.49 -59.44 104.56
C SER V 246 43.13 -60.89 104.31
N ILE V 247 42.20 -61.10 103.40
CA ILE V 247 41.67 -62.44 103.21
C ILE V 247 41.18 -62.60 101.78
N VAL V 248 41.08 -63.85 101.32
CA VAL V 248 40.47 -64.16 100.04
C VAL V 248 39.44 -65.24 100.23
N LEU V 249 38.22 -64.97 99.79
CA LEU V 249 37.11 -65.90 99.98
C LEU V 249 36.58 -66.44 98.67
N TRP V 250 36.20 -67.71 98.68
CA TRP V 250 35.41 -68.33 97.62
C TRP V 250 34.00 -68.42 98.18
N VAL V 251 33.06 -67.73 97.55
CA VAL V 251 31.68 -67.71 98.04
C VAL V 251 30.77 -68.45 97.10
N VAL V 252 30.14 -69.52 97.59
CA VAL V 252 29.35 -70.39 96.72
C VAL V 252 28.17 -71.00 97.48
N SER V 253 27.13 -71.41 96.74
CA SER V 253 25.98 -72.04 97.35
C SER V 253 26.02 -73.56 97.30
N GLU V 254 25.66 -74.21 98.39
CA GLU V 254 25.64 -75.68 98.45
C GLU V 254 24.38 -76.23 99.09
N TRP V 255 24.03 -77.46 98.70
CA TRP V 255 22.81 -78.09 99.21
C TRP V 255 23.11 -79.25 100.13
N ASN V 256 22.46 -79.26 101.28
CA ASN V 256 22.54 -80.35 102.24
C ASN V 256 23.97 -80.83 102.53
N GLY V 257 24.69 -80.05 103.32
CA GLY V 257 26.08 -80.36 103.61
C GLY V 257 26.99 -79.64 102.64
N THR V 258 28.26 -80.01 102.67
CA THR V 258 29.23 -79.42 101.78
C THR V 258 30.10 -80.52 101.21
N THR V 259 30.67 -80.29 100.04
CA THR V 259 31.58 -81.27 99.48
C THR V 259 32.89 -81.24 100.23
N MET V 260 33.57 -82.38 100.25
CA MET V 260 34.83 -82.48 100.97
C MET V 260 35.99 -82.43 100.00
N ASP V 261 35.66 -82.39 98.71
CA ASP V 261 36.64 -82.41 97.63
C ASP V 261 36.88 -81.00 97.06
N TRP V 262 38.07 -80.45 97.32
CA TRP V 262 38.42 -79.11 96.87
C TRP V 262 38.25 -78.93 95.37
N ASN V 263 38.48 -79.99 94.61
CA ASN V 263 38.31 -79.87 93.17
C ASN V 263 36.85 -79.75 92.76
N GLU V 264 35.97 -80.50 93.43
CA GLU V 264 34.54 -80.38 93.15
C GLU V 264 34.06 -78.97 93.51
N LEU V 265 34.53 -78.49 94.64
CA LEU V 265 34.14 -77.18 95.15
C LEU V 265 34.34 -76.09 94.11
N PHE V 266 35.41 -76.17 93.34
CA PHE V 266 35.70 -75.11 92.36
C PHE V 266 35.11 -75.36 90.99
N LYS V 267 34.32 -76.42 90.86
CA LYS V 267 33.55 -76.66 89.65
C LYS V 267 32.15 -76.06 89.83
N TYR V 268 31.84 -75.61 91.05
CA TYR V 268 30.60 -74.90 91.31
C TYR V 268 30.68 -73.45 90.87
N PRO V 269 29.52 -72.83 90.63
CA PRO V 269 29.44 -71.42 90.25
C PRO V 269 29.47 -70.46 91.43
N GLY V 270 30.67 -70.14 91.87
CA GLY V 270 30.88 -69.19 92.96
C GLY V 270 31.58 -67.91 92.50
N VAL V 271 31.91 -67.07 93.45
CA VAL V 271 32.60 -65.82 93.18
C VAL V 271 33.72 -65.61 94.20
N TYR V 272 34.77 -64.88 93.81
CA TYR V 272 35.85 -64.57 94.76
C TYR V 272 35.62 -63.22 95.40
N VAL V 273 35.91 -63.12 96.70
CA VAL V 273 35.77 -61.86 97.41
C VAL V 273 37.09 -61.56 98.10
N GLU V 274 37.71 -60.42 97.73
CA GLU V 274 39.01 -60.04 98.27
C GLU V 274 38.84 -58.81 99.13
N GLU V 275 37.71 -58.13 98.96
CA GLU V 275 37.52 -56.82 99.60
C GLU V 275 36.07 -56.42 99.64
N ASP V 276 35.76 -55.35 100.38
CA ASP V 276 34.41 -54.77 100.41
C ASP V 276 33.84 -54.75 98.99
N GLY V 277 32.59 -55.19 98.81
CA GLY V 277 31.97 -55.16 97.50
C GLY V 277 30.67 -55.93 97.44
N SER V 278 30.01 -55.90 96.29
CA SER V 278 28.77 -56.64 96.12
C SER V 278 29.07 -58.02 95.52
N PHE V 279 28.08 -58.91 95.53
CA PHE V 279 28.26 -60.27 95.01
C PHE V 279 26.90 -60.79 94.56
N GLU V 280 26.91 -61.72 93.60
CA GLU V 280 25.72 -62.45 93.20
C GLU V 280 26.01 -63.95 93.17
N VAL V 281 25.25 -64.72 93.94
CA VAL V 281 25.47 -66.17 93.94
C VAL V 281 24.14 -66.87 93.70
N LYS V 282 24.16 -67.86 92.82
CA LYS V 282 22.96 -68.62 92.48
C LYS V 282 22.64 -69.55 93.63
N ILE V 283 21.37 -69.57 94.03
CA ILE V 283 20.88 -70.52 95.05
C ILE V 283 20.84 -71.91 94.44
N ARG V 284 21.66 -72.80 95.00
CA ARG V 284 21.87 -74.13 94.44
C ARG V 284 20.99 -75.17 95.15
N SER V 285 20.19 -75.90 94.39
CA SER V 285 19.28 -76.87 95.00
C SER V 285 18.73 -77.86 93.99
N PRO V 286 18.47 -79.09 94.43
CA PRO V 286 17.92 -80.17 93.59
C PRO V 286 16.57 -79.79 93.04
N TYR V 287 15.91 -78.84 93.70
CA TYR V 287 14.57 -78.38 93.33
C TYR V 287 14.59 -76.96 92.81
N HIS V 288 15.81 -76.40 92.71
CA HIS V 288 16.05 -75.05 92.21
C HIS V 288 15.56 -73.98 93.19
N ARG V 289 14.88 -74.43 94.24
CA ARG V 289 14.39 -73.53 95.27
C ARG V 289 14.76 -74.13 96.62
N THR V 290 14.89 -73.29 97.64
CA THR V 290 15.05 -73.78 99.00
C THR V 290 13.77 -73.37 99.75
N PRO V 291 13.28 -74.23 100.67
CA PRO V 291 12.05 -73.92 101.42
C PRO V 291 12.21 -72.70 102.32
N ALA V 292 11.12 -71.97 102.51
CA ALA V 292 11.10 -70.75 103.30
C ALA V 292 11.31 -70.98 104.80
N ARG V 293 10.75 -72.08 105.32
CA ARG V 293 10.91 -72.40 106.73
C ARG V 293 11.22 -73.89 106.92
N LEU V 294 11.63 -74.27 108.12
CA LEU V 294 11.96 -75.64 108.39
C LEU V 294 10.81 -76.43 108.99
N LEU V 295 10.85 -77.75 108.80
CA LEU V 295 9.97 -78.65 109.54
C LEU V 295 10.68 -79.19 110.79
N ALA V 296 10.03 -80.10 111.49
CA ALA V 296 10.56 -80.59 112.74
C ALA V 296 11.82 -81.39 112.50
N GLY V 297 12.86 -81.11 113.25
CA GLY V 297 14.08 -81.90 113.18
C GLY V 297 14.94 -81.66 111.95
N GLN V 298 14.51 -80.72 111.12
CA GLN V 298 15.33 -80.28 110.01
C GLN V 298 16.27 -79.21 110.51
N SER V 299 17.30 -78.93 109.71
CA SER V 299 18.35 -78.00 110.11
C SER V 299 18.63 -77.08 108.94
N GLN V 300 19.08 -75.86 109.22
CA GLN V 300 19.19 -74.91 108.13
C GLN V 300 20.21 -75.34 107.07
N ARG V 301 21.12 -76.22 107.47
CA ARG V 301 22.22 -76.64 106.63
C ARG V 301 21.79 -77.77 105.71
N ASP V 302 20.67 -78.39 106.04
CA ASP V 302 20.09 -79.47 105.24
C ASP V 302 19.59 -78.96 103.90
N MET V 303 19.41 -77.65 103.80
CA MET V 303 18.91 -77.03 102.58
C MET V 303 20.00 -76.26 101.85
N SER V 304 19.59 -75.19 101.18
CA SER V 304 20.53 -74.36 100.45
C SER V 304 21.19 -73.35 101.39
N SER V 305 22.51 -73.26 101.31
CA SER V 305 23.27 -72.31 102.13
C SER V 305 24.23 -71.49 101.30
N LEU V 306 24.57 -70.31 101.81
CA LEU V 306 25.55 -69.43 101.18
C LEU V 306 26.86 -69.64 101.92
N ASN V 307 27.82 -70.31 101.29
CA ASN V 307 29.06 -70.70 101.97
C ASN V 307 30.25 -69.81 101.70
N PHE V 308 30.96 -69.47 102.76
CA PHE V 308 32.12 -68.60 102.64
C PHE V 308 33.38 -69.38 102.95
N TYR V 309 34.14 -69.70 101.91
CA TYR V 309 35.39 -70.45 102.06
C TYR V 309 36.61 -69.53 102.05
N ALA V 310 37.38 -69.54 103.13
CA ALA V 310 38.62 -68.81 103.14
C ALA V 310 39.65 -69.66 102.41
N ILE V 311 40.09 -69.23 101.24
CA ILE V 311 41.03 -70.01 100.44
C ILE V 311 42.47 -69.48 100.53
N ALA V 312 42.63 -68.23 100.94
CA ALA V 312 43.95 -67.66 101.17
C ALA V 312 43.84 -66.66 102.32
N GLY V 313 44.43 -67.03 103.45
CA GLY V 313 44.30 -66.20 104.63
C GLY V 313 43.18 -66.66 105.56
N PRO V 314 42.77 -65.77 106.48
CA PRO V 314 43.26 -64.39 106.62
C PRO V 314 44.71 -64.35 107.11
N ILE V 315 45.41 -63.27 106.77
CA ILE V 315 46.75 -63.04 107.26
C ILE V 315 46.78 -61.71 107.98
N ALA V 316 47.70 -61.60 108.93
CA ALA V 316 47.98 -60.34 109.59
C ALA V 316 49.41 -60.37 110.11
N PRO V 317 49.98 -59.18 110.41
CA PRO V 317 51.34 -59.13 110.95
C PRO V 317 51.33 -59.76 112.33
N SER V 318 52.45 -60.25 112.83
CA SER V 318 52.48 -60.69 114.23
C SER V 318 52.61 -59.44 115.09
N GLY V 319 52.09 -59.48 116.31
CA GLY V 319 51.31 -60.59 116.80
C GLY V 319 49.88 -60.10 116.97
N GLU V 320 49.13 -60.14 115.88
CA GLU V 320 47.73 -59.85 115.94
C GLU V 320 47.03 -61.14 116.35
N THR V 321 45.87 -61.01 116.98
CA THR V 321 45.17 -62.20 117.49
C THR V 321 43.69 -62.18 117.16
N ALA V 322 43.17 -60.99 116.94
CA ALA V 322 41.76 -60.81 116.56
C ALA V 322 41.36 -61.66 115.37
N GLN V 323 40.13 -62.12 115.36
CA GLN V 323 39.60 -62.78 114.18
C GLN V 323 39.24 -61.74 113.10
N LEU V 324 39.16 -62.18 111.84
CA LEU V 324 38.76 -61.28 110.77
C LEU V 324 37.26 -61.48 110.54
N PRO V 325 36.47 -60.42 110.80
CA PRO V 325 35.01 -60.48 110.62
C PRO V 325 34.54 -60.09 109.22
N ILE V 326 33.52 -60.79 108.73
CA ILE V 326 32.87 -60.51 107.47
C ILE V 326 31.41 -60.18 107.79
N VAL V 327 30.93 -59.00 107.40
CA VAL V 327 29.50 -58.73 107.54
C VAL V 327 28.80 -58.83 106.18
N VAL V 328 27.81 -59.72 106.08
CA VAL V 328 27.07 -59.90 104.83
C VAL V 328 25.70 -59.19 104.84
N GLN V 329 25.39 -58.45 103.77
CA GLN V 329 24.06 -57.86 103.61
C GLN V 329 23.40 -58.44 102.38
N ILE V 330 22.15 -58.85 102.53
CA ILE V 330 21.40 -59.41 101.41
C ILE V 330 20.39 -58.41 100.89
N ASP V 331 20.53 -58.03 99.63
CA ASP V 331 19.76 -56.93 99.05
C ASP V 331 18.50 -57.43 98.33
N GLU V 332 18.67 -58.45 97.50
CA GLU V 332 17.49 -59.04 96.88
C GLU V 332 17.77 -60.41 96.28
N ILE V 333 16.69 -61.11 95.96
CA ILE V 333 16.76 -62.29 95.11
C ILE V 333 16.46 -61.84 93.68
N VAL V 334 17.49 -61.81 92.85
CA VAL V 334 17.32 -61.35 91.47
C VAL V 334 16.97 -62.55 90.61
N ARG V 335 16.19 -62.29 89.55
CA ARG V 335 15.76 -63.38 88.69
C ARG V 335 15.16 -64.49 89.57
N PRO V 336 14.13 -64.14 90.34
CA PRO V 336 13.61 -65.01 91.39
C PRO V 336 12.75 -66.13 90.84
N ASP V 337 12.92 -67.32 91.40
CA ASP V 337 12.04 -68.43 91.09
C ASP V 337 11.26 -68.70 92.36
N LEU V 338 10.08 -68.09 92.47
CA LEU V 338 9.32 -68.22 93.70
C LEU V 338 8.39 -69.41 93.70
N SER V 339 8.11 -69.94 94.90
CA SER V 339 7.06 -70.93 95.08
C SER V 339 5.71 -70.26 95.11
N LEU V 340 4.66 -71.06 95.25
CA LEU V 340 3.34 -70.53 95.57
C LEU V 340 3.43 -69.69 96.82
N PRO V 341 2.55 -68.68 96.95
CA PRO V 341 2.39 -68.01 98.24
C PRO V 341 1.96 -69.04 99.29
N SER V 342 2.44 -68.90 100.52
CA SER V 342 2.09 -69.87 101.53
C SER V 342 0.61 -69.72 101.91
N PHE V 343 0.09 -68.49 101.85
CA PHE V 343 -1.33 -68.26 102.13
C PHE V 343 -2.05 -67.67 100.93
N GLU V 344 -3.31 -68.03 100.78
CA GLU V 344 -4.16 -67.44 99.75
C GLU V 344 -4.94 -66.27 100.31
N ASP V 345 -5.76 -65.62 99.48
CA ASP V 345 -6.58 -64.53 100.00
C ASP V 345 -7.81 -65.12 100.70
N ASP V 346 -7.59 -65.55 101.93
CA ASP V 346 -8.57 -66.35 102.62
C ASP V 346 -8.51 -65.99 104.09
N TYR V 347 -9.39 -66.63 104.86
CA TYR V 347 -9.38 -66.49 106.29
C TYR V 347 -8.19 -67.23 106.88
N PHE V 348 -7.80 -66.83 108.09
CA PHE V 348 -6.84 -67.60 108.89
C PHE V 348 -7.23 -67.51 110.37
N VAL V 349 -6.65 -68.38 111.17
CA VAL V 349 -7.06 -68.46 112.56
C VAL V 349 -6.53 -67.29 113.38
N TRP V 350 -7.44 -66.61 114.07
CA TRP V 350 -7.04 -65.60 115.01
C TRP V 350 -6.89 -66.24 116.40
N VAL V 351 -7.98 -66.85 116.88
CA VAL V 351 -7.96 -67.43 118.23
C VAL V 351 -9.01 -68.54 118.40
N ASP V 352 -8.64 -69.56 119.19
CA ASP V 352 -9.58 -70.57 119.64
C ASP V 352 -9.84 -70.41 121.15
N PHE V 353 -11.11 -70.36 121.54
CA PHE V 353 -11.45 -70.44 122.95
C PHE V 353 -12.00 -71.82 123.27
N SER V 354 -11.56 -72.41 124.38
CA SER V 354 -11.99 -73.76 124.73
C SER V 354 -11.95 -73.98 126.23
N GLU V 355 -12.44 -75.14 126.67
CA GLU V 355 -12.36 -75.48 128.08
C GLU V 355 -12.91 -74.35 128.96
N PHE V 356 -14.16 -73.95 128.72
CA PHE V 356 -14.81 -72.92 129.53
C PHE V 356 -15.18 -73.44 130.90
N THR V 357 -14.94 -72.62 131.92
CA THR V 357 -15.21 -73.03 133.30
C THR V 357 -16.46 -72.39 133.87
N LEU V 358 -16.83 -71.24 133.29
CA LEU V 358 -18.05 -70.56 133.66
C LEU V 358 -19.04 -70.51 132.50
N ASP V 359 -20.34 -70.62 132.79
CA ASP V 359 -21.35 -70.45 131.75
C ASP V 359 -21.39 -68.99 131.22
N LYS V 360 -21.24 -68.01 132.11
CA LYS V 360 -21.18 -66.63 131.68
C LYS V 360 -19.72 -66.23 131.38
N GLU V 361 -19.43 -65.90 130.12
CA GLU V 361 -18.07 -65.53 129.70
C GLU V 361 -18.19 -64.33 128.79
N GLU V 362 -17.33 -63.35 128.96
CA GLU V 362 -17.36 -62.18 128.10
C GLU V 362 -15.94 -61.76 127.68
N ILE V 363 -15.66 -61.92 126.40
CA ILE V 363 -14.35 -61.64 125.83
C ILE V 363 -14.35 -60.25 125.19
N GLU V 364 -13.62 -59.31 125.78
CA GLU V 364 -13.54 -57.96 125.22
C GLU V 364 -12.47 -57.83 124.14
N ILE V 365 -12.86 -57.32 122.99
CA ILE V 365 -11.94 -57.17 121.88
C ILE V 365 -11.68 -55.69 121.66
N GLY V 366 -12.75 -54.89 121.67
CA GLY V 366 -12.62 -53.46 121.51
C GLY V 366 -12.33 -53.12 120.07
N SER V 367 -11.17 -52.53 119.82
CA SER V 367 -10.83 -52.16 118.46
C SER V 367 -9.46 -52.71 118.12
N ARG V 368 -9.01 -53.72 118.87
CA ARG V 368 -7.65 -54.23 118.71
C ARG V 368 -7.58 -55.62 118.11
N PHE V 369 -6.48 -55.89 117.42
CA PHE V 369 -6.11 -57.26 117.08
C PHE V 369 -4.90 -57.61 117.95
N PHE V 370 -5.04 -58.59 118.85
CA PHE V 370 -4.02 -58.81 119.88
C PHE V 370 -4.09 -60.20 120.46
N ASP V 371 -3.21 -60.50 121.43
CA ASP V 371 -3.23 -61.80 122.12
C ASP V 371 -4.17 -61.77 123.35
N PHE V 372 -5.10 -62.70 123.40
CA PHE V 372 -6.03 -62.79 124.52
C PHE V 372 -5.41 -63.52 125.71
N THR V 373 -5.94 -63.24 126.91
CA THR V 373 -5.67 -64.07 128.09
C THR V 373 -6.98 -64.27 128.86
N SER V 374 -7.12 -65.41 129.54
CA SER V 374 -8.31 -65.63 130.35
C SER V 374 -7.97 -66.46 131.56
N ASN V 375 -8.68 -66.19 132.67
CA ASN V 375 -8.55 -67.00 133.87
C ASN V 375 -9.61 -68.07 133.91
N THR V 376 -10.60 -67.90 133.05
CA THR V 376 -11.78 -68.73 133.12
C THR V 376 -11.93 -69.68 131.93
N CYS V 377 -11.04 -69.53 130.96
CA CYS V 377 -11.02 -70.45 129.83
C CYS V 377 -9.66 -70.51 129.13
N ARG V 378 -9.52 -71.49 128.24
CA ARG V 378 -8.24 -71.71 127.54
C ARG V 378 -8.19 -70.94 126.24
N VAL V 379 -7.22 -70.03 126.16
CA VAL V 379 -6.96 -69.30 124.93
C VAL V 379 -5.81 -69.91 124.09
N SER V 380 -6.08 -70.17 122.82
CA SER V 380 -5.04 -70.68 121.93
C SER V 380 -4.91 -69.71 120.75
N MET V 381 -3.83 -68.98 120.71
CA MET V 381 -3.66 -67.95 119.71
C MET V 381 -3.11 -68.53 118.40
N GLY V 382 -3.50 -67.93 117.26
CA GLY V 382 -3.02 -68.39 115.97
C GLY V 382 -1.68 -67.73 115.66
N GLU V 383 -0.79 -68.47 115.00
CA GLU V 383 0.48 -67.92 114.50
C GLU V 383 0.53 -67.95 112.97
N ASN V 384 0.56 -66.77 112.36
CA ASN V 384 0.62 -66.64 110.91
C ASN V 384 1.30 -65.33 110.52
N PRO V 385 1.58 -65.15 109.21
CA PRO V 385 2.28 -63.94 108.81
C PRO V 385 1.55 -62.66 109.18
N PHE V 386 0.22 -62.65 109.07
CA PHE V 386 -0.49 -61.43 109.44
C PHE V 386 -0.18 -61.00 110.89
N ALA V 387 -0.29 -61.94 111.83
CA ALA V 387 -0.03 -61.65 113.24
C ALA V 387 1.38 -61.12 113.40
N ALA V 388 2.33 -61.72 112.67
CA ALA V 388 3.72 -61.27 112.72
C ALA V 388 3.86 -59.85 112.20
N MET V 389 3.18 -59.55 111.10
CA MET V 389 3.21 -58.20 110.58
C MET V 389 2.64 -57.18 111.56
N ILE V 390 1.61 -57.56 112.29
CA ILE V 390 1.08 -56.70 113.32
C ILE V 390 2.16 -56.42 114.36
N ALA V 391 2.94 -57.46 114.67
CA ALA V 391 3.96 -57.38 115.72
C ALA V 391 5.20 -56.63 115.29
N CYS V 392 5.41 -56.58 113.98
CA CYS V 392 6.64 -56.03 113.43
C CYS V 392 6.45 -54.64 112.88
N HIS V 393 5.38 -53.97 113.29
CA HIS V 393 5.19 -52.58 112.95
C HIS V 393 4.73 -51.80 114.15
N GLY V 394 5.04 -50.51 114.16
CA GLY V 394 4.73 -49.64 115.27
C GLY V 394 3.24 -49.38 115.31
N LEU V 395 2.66 -49.14 114.13
CA LEU V 395 1.22 -48.89 114.05
C LEU V 395 0.57 -49.67 112.91
N HIS V 396 -0.70 -49.97 113.03
CA HIS V 396 -1.44 -50.63 111.96
C HIS V 396 -2.89 -50.11 111.97
N SER V 397 -3.61 -50.38 110.89
CA SER V 397 -5.01 -49.96 110.78
C SER V 397 -5.71 -50.66 109.63
N GLY V 398 -6.95 -51.05 109.83
CA GLY V 398 -7.68 -51.71 108.76
C GLY V 398 -8.98 -52.32 109.23
N VAL V 399 -9.59 -53.14 108.38
CA VAL V 399 -10.81 -53.84 108.78
C VAL V 399 -10.66 -55.34 108.62
N LEU V 400 -11.10 -56.08 109.63
CA LEU V 400 -11.04 -57.54 109.58
C LEU V 400 -12.44 -58.11 109.45
N ASP V 401 -12.64 -58.98 108.47
CA ASP V 401 -13.85 -59.77 108.44
C ASP V 401 -13.66 -60.98 109.33
N LEU V 402 -14.63 -61.23 110.20
CA LEU V 402 -14.52 -62.37 111.11
C LEU V 402 -15.53 -63.46 110.75
N LYS V 403 -15.08 -64.71 110.86
CA LYS V 403 -15.97 -65.86 110.86
C LYS V 403 -15.88 -66.53 112.23
N LEU V 404 -17.02 -66.74 112.88
CA LEU V 404 -17.04 -67.46 114.14
C LEU V 404 -17.61 -68.84 113.90
N GLN V 405 -16.95 -69.86 114.42
CA GLN V 405 -17.44 -71.25 114.34
C GLN V 405 -17.40 -71.90 115.72
N TRP V 406 -18.39 -72.73 116.04
CA TRP V 406 -18.34 -73.43 117.30
C TRP V 406 -19.00 -74.81 117.26
N SER V 407 -18.53 -75.69 118.12
CA SER V 407 -19.12 -77.03 118.25
C SER V 407 -19.64 -77.21 119.66
N LEU V 408 -20.63 -78.08 119.83
CA LEU V 408 -21.27 -78.23 121.14
C LEU V 408 -20.57 -79.24 122.05
N ASN V 409 -20.61 -78.97 123.34
CA ASN V 409 -20.11 -79.86 124.37
C ASN V 409 -21.21 -80.73 124.98
N THR V 410 -22.43 -80.18 125.05
CA THR V 410 -23.61 -80.92 125.51
C THR V 410 -24.40 -81.51 124.33
N GLU V 411 -25.45 -82.27 124.63
CA GLU V 411 -26.31 -82.82 123.57
C GLU V 411 -27.07 -81.71 122.84
N PHE V 412 -27.14 -81.81 121.51
CA PHE V 412 -27.73 -80.76 120.68
C PHE V 412 -29.16 -80.47 121.15
N GLY V 413 -29.89 -81.53 121.47
CA GLY V 413 -31.29 -81.40 121.86
C GLY V 413 -31.48 -80.62 123.15
N LYS V 414 -30.41 -80.50 123.92
CA LYS V 414 -30.51 -79.86 125.23
C LYS V 414 -30.02 -78.41 125.16
N SER V 415 -29.48 -78.04 124.01
CA SER V 415 -28.77 -76.77 123.89
C SER V 415 -29.69 -75.57 124.04
N SER V 416 -29.13 -74.48 124.57
CA SER V 416 -29.84 -73.22 124.67
C SER V 416 -28.82 -72.08 124.68
N GLY V 417 -29.28 -70.84 124.64
CA GLY V 417 -28.38 -69.70 124.70
C GLY V 417 -27.81 -69.27 123.35
N SER V 418 -26.73 -68.50 123.41
CA SER V 418 -26.25 -67.78 122.25
C SER V 418 -24.77 -67.40 122.31
N VAL V 419 -24.18 -67.22 121.13
CA VAL V 419 -22.96 -66.44 120.97
C VAL V 419 -23.42 -65.04 120.55
N THR V 420 -23.22 -64.04 121.40
CA THR V 420 -23.66 -62.69 121.09
C THR V 420 -22.47 -61.81 120.78
N ILE V 421 -22.56 -61.04 119.70
CA ILE V 421 -21.51 -60.08 119.36
C ILE V 421 -22.00 -58.68 119.70
N THR V 422 -21.46 -58.10 120.75
CA THR V 422 -21.80 -56.74 121.09
C THR V 422 -20.96 -55.76 120.25
N LYS V 423 -21.64 -54.85 119.56
CA LYS V 423 -20.93 -53.82 118.80
C LYS V 423 -21.35 -52.45 119.31
N LEU V 424 -20.39 -51.70 119.84
CA LEU V 424 -20.63 -50.36 120.33
C LEU V 424 -19.75 -49.34 119.64
N VAL V 425 -20.06 -48.07 119.89
CA VAL V 425 -19.13 -46.99 119.59
C VAL V 425 -18.91 -46.28 120.90
N GLY V 426 -17.69 -46.32 121.38
CA GLY V 426 -17.36 -45.77 122.67
C GLY V 426 -16.76 -46.85 123.55
N ASP V 427 -17.44 -47.13 124.65
CA ASP V 427 -17.06 -48.20 125.57
C ASP V 427 -18.30 -48.81 126.19
N LYS V 428 -18.10 -49.83 127.02
CA LYS V 428 -19.23 -50.52 127.63
C LYS V 428 -20.09 -49.55 128.46
N ALA V 429 -19.45 -48.54 129.04
CA ALA V 429 -20.14 -47.65 129.98
C ALA V 429 -21.00 -46.54 129.37
N MET V 430 -20.51 -45.90 128.30
CA MET V 430 -21.20 -44.74 127.74
C MET V 430 -21.41 -44.84 126.24
N GLY V 431 -21.25 -46.04 125.68
CA GLY V 431 -21.24 -46.24 124.23
C GLY V 431 -22.58 -46.18 123.51
N LEU V 432 -22.51 -46.05 122.20
CA LEU V 432 -23.69 -46.06 121.35
C LEU V 432 -23.82 -47.48 120.81
N ASP V 433 -25.05 -47.87 120.46
CA ASP V 433 -25.31 -49.23 120.00
C ASP V 433 -25.26 -49.41 118.50
N GLY V 434 -24.34 -50.25 118.06
CA GLY V 434 -24.15 -50.53 116.64
C GLY V 434 -24.80 -51.83 116.21
N PRO V 435 -24.19 -52.48 115.22
CA PRO V 435 -24.74 -53.72 114.66
C PRO V 435 -24.43 -54.92 115.55
N SER V 436 -24.84 -54.84 116.82
CA SER V 436 -24.79 -55.98 117.73
C SER V 436 -25.64 -57.10 117.17
N HIS V 437 -25.35 -58.30 117.59
CA HIS V 437 -25.82 -59.44 116.81
C HIS V 437 -25.93 -60.67 117.71
N VAL V 438 -27.12 -61.29 117.74
CA VAL V 438 -27.37 -62.45 118.58
C VAL V 438 -27.44 -63.73 117.76
N PHE V 439 -26.44 -64.58 117.88
CA PHE V 439 -26.45 -65.87 117.20
C PHE V 439 -26.95 -66.94 118.15
N ALA V 440 -28.16 -67.44 117.93
CA ALA V 440 -28.63 -68.58 118.72
C ALA V 440 -27.56 -69.67 118.62
N ILE V 441 -27.26 -70.31 119.75
CA ILE V 441 -26.16 -71.28 119.78
C ILE V 441 -26.30 -72.39 118.72
N GLN V 442 -27.54 -72.70 118.34
CA GLN V 442 -27.78 -73.75 117.36
C GLN V 442 -27.36 -73.36 115.94
N LYS V 443 -27.11 -72.06 115.68
CA LYS V 443 -26.59 -71.63 114.37
C LYS V 443 -25.22 -72.24 114.14
N LEU V 444 -24.43 -72.36 115.20
CA LEU V 444 -23.13 -73.03 115.13
C LEU V 444 -22.09 -72.27 114.31
N GLU V 445 -22.46 -71.07 113.86
CA GLU V 445 -21.54 -70.16 113.19
C GLU V 445 -22.13 -68.77 113.00
N GLY V 446 -21.26 -67.80 112.78
CA GLY V 446 -21.71 -66.43 112.56
C GLY V 446 -20.61 -65.56 111.99
N THR V 447 -20.98 -64.40 111.46
CA THR V 447 -19.99 -63.51 110.87
C THR V 447 -20.15 -62.07 111.35
N THR V 448 -19.05 -61.32 111.33
CA THR V 448 -19.08 -59.92 111.71
C THR V 448 -17.85 -59.21 111.18
N GLU V 449 -17.86 -57.88 111.16
CA GLU V 449 -16.68 -57.12 110.81
C GLU V 449 -16.08 -56.55 112.08
N LEU V 450 -14.77 -56.31 112.08
CA LEU V 450 -14.10 -55.62 113.18
C LEU V 450 -13.20 -54.48 112.68
N LEU V 451 -13.47 -53.27 113.19
CA LEU V 451 -12.61 -52.16 112.84
C LEU V 451 -11.39 -52.23 113.75
N VAL V 452 -10.21 -52.38 113.14
CA VAL V 452 -8.96 -52.30 113.89
C VAL V 452 -8.39 -50.92 113.67
N GLY V 453 -8.64 -50.02 114.62
CA GLY V 453 -8.26 -48.63 114.49
C GLY V 453 -8.99 -47.77 115.49
N ASN V 454 -9.00 -46.45 115.27
CA ASN V 454 -9.64 -45.51 116.19
C ASN V 454 -9.66 -44.12 115.58
N PHE V 455 -10.20 -43.16 116.32
CA PHE V 455 -10.37 -41.81 115.77
C PHE V 455 -9.07 -41.22 115.27
N ALA V 456 -7.95 -41.59 115.88
CA ALA V 456 -6.65 -41.03 115.48
C ALA V 456 -6.17 -41.61 114.16
N GLY V 457 -6.54 -42.86 113.89
CA GLY V 457 -6.28 -43.48 112.60
C GLY V 457 -5.53 -44.80 112.57
N ALA V 458 -4.93 -45.18 113.69
CA ALA V 458 -4.08 -46.37 113.73
C ALA V 458 -3.90 -46.89 115.16
N ASN V 459 -3.56 -48.16 115.30
CA ASN V 459 -3.34 -48.72 116.63
C ASN V 459 -1.88 -49.02 116.84
N PRO V 460 -1.35 -48.73 118.04
CA PRO V 460 -0.03 -49.23 118.46
C PRO V 460 -0.15 -50.70 118.82
N ASN V 461 0.98 -51.38 118.94
CA ASN V 461 0.93 -52.80 119.25
C ASN V 461 1.00 -53.00 120.77
N THR V 462 0.32 -52.13 121.49
CA THR V 462 0.25 -52.17 122.94
C THR V 462 -1.17 -51.85 123.37
N ARG V 463 -1.41 -51.82 124.67
CA ARG V 463 -2.71 -51.38 125.15
C ARG V 463 -2.70 -49.86 125.06
N PHE V 464 -3.85 -49.29 124.69
CA PHE V 464 -3.98 -47.85 124.52
C PHE V 464 -5.46 -47.55 124.75
N SER V 465 -5.79 -46.29 124.97
CA SER V 465 -7.18 -45.92 125.15
C SER V 465 -7.53 -44.77 124.22
N LEU V 466 -8.09 -45.08 123.06
CA LEU V 466 -8.51 -44.06 122.09
C LEU V 466 -9.92 -44.34 121.57
N TYR V 467 -10.83 -43.37 121.71
CA TYR V 467 -12.23 -43.51 121.29
C TYR V 467 -12.32 -44.20 119.94
N SER V 468 -13.09 -45.29 119.89
CA SER V 468 -13.30 -46.00 118.64
C SER V 468 -14.54 -46.88 118.74
N ARG V 469 -14.78 -47.71 117.73
CA ARG V 469 -15.83 -48.71 117.81
C ARG V 469 -15.31 -49.76 118.77
N TRP V 470 -16.23 -50.53 119.34
CA TRP V 470 -15.91 -51.43 120.44
C TRP V 470 -16.65 -52.75 120.28
N MET V 471 -15.93 -53.86 120.33
CA MET V 471 -16.53 -55.17 120.14
C MET V 471 -16.30 -56.14 121.29
N ALA V 472 -17.28 -56.99 121.58
CA ALA V 472 -17.10 -58.02 122.59
C ALA V 472 -17.89 -59.26 122.20
N ILE V 473 -17.40 -60.42 122.62
CA ILE V 473 -18.13 -61.66 122.43
C ILE V 473 -18.71 -62.07 123.78
N LYS V 474 -20.03 -62.33 123.84
CA LYS V 474 -20.70 -62.69 125.08
C LYS V 474 -21.30 -64.09 124.99
N LEU V 475 -20.80 -64.97 125.84
CA LEU V 475 -21.34 -66.32 125.97
C LEU V 475 -22.23 -66.40 127.22
N ASP V 476 -23.40 -67.04 127.10
CA ASP V 476 -24.27 -67.22 128.28
C ASP V 476 -24.36 -68.69 128.68
N GLN V 477 -23.91 -69.58 127.79
CA GLN V 477 -23.96 -71.02 128.03
C GLN V 477 -22.65 -71.62 127.60
N ALA V 478 -21.57 -70.98 128.01
CA ALA V 478 -20.23 -71.29 127.50
C ALA V 478 -19.80 -72.74 127.76
N LYS V 479 -20.23 -73.32 128.88
CA LYS V 479 -19.88 -74.70 129.18
C LYS V 479 -20.46 -75.68 128.14
N SER V 480 -21.44 -75.22 127.36
CA SER V 480 -22.06 -76.06 126.35
C SER V 480 -21.27 -75.97 125.05
N ILE V 481 -20.20 -75.20 125.06
CA ILE V 481 -19.37 -75.05 123.86
C ILE V 481 -18.02 -75.76 123.97
N LYS V 482 -17.72 -76.65 123.02
CA LYS V 482 -16.45 -77.38 123.10
C LYS V 482 -15.32 -76.49 122.61
N VAL V 483 -15.62 -75.71 121.58
CA VAL V 483 -14.63 -74.77 121.04
C VAL V 483 -15.31 -73.63 120.28
N LEU V 484 -14.82 -72.43 120.52
CA LEU V 484 -15.24 -71.26 119.77
C LEU V 484 -14.04 -70.79 118.97
N ARG V 485 -14.10 -70.92 117.65
CA ARG V 485 -12.98 -70.52 116.81
C ARG V 485 -13.29 -69.22 116.09
N VAL V 486 -12.35 -68.29 116.11
CA VAL V 486 -12.51 -67.04 115.39
C VAL V 486 -11.47 -66.93 114.28
N LEU V 487 -11.96 -66.94 113.04
CA LEU V 487 -11.11 -66.68 111.86
C LEU V 487 -11.27 -65.23 111.38
N CYS V 488 -10.21 -64.70 110.78
CA CYS V 488 -10.28 -63.35 110.23
C CYS V 488 -9.65 -63.31 108.84
N LYS V 489 -10.06 -62.29 108.07
CA LYS V 489 -9.60 -62.08 106.71
C LYS V 489 -9.54 -60.58 106.48
N PRO V 490 -8.31 -60.04 106.44
CA PRO V 490 -8.17 -58.58 106.33
C PRO V 490 -8.75 -58.08 105.01
N ARG V 491 -9.57 -57.05 105.08
CA ARG V 491 -10.03 -56.36 103.88
C ARG V 491 -8.89 -55.61 103.25
N PRO V 492 -8.93 -55.48 101.92
CA PRO V 492 -7.86 -54.88 101.13
C PRO V 492 -7.52 -53.53 101.68
N GLY V 493 -6.22 -53.24 101.80
CA GLY V 493 -5.76 -51.95 102.26
C GLY V 493 -5.43 -51.94 103.71
N PHE V 494 -5.29 -53.12 104.32
CA PHE V 494 -4.92 -53.17 105.72
C PHE V 494 -3.49 -52.68 105.80
N SER V 495 -3.27 -51.64 106.60
CA SER V 495 -2.02 -50.89 106.54
C SER V 495 -1.12 -51.00 107.78
N PHE V 496 0.18 -51.00 107.53
CA PHE V 496 1.17 -51.06 108.58
C PHE V 496 2.11 -49.87 108.47
N TYR V 497 2.51 -49.31 109.61
CA TYR V 497 3.38 -48.13 109.66
C TYR V 497 4.62 -48.37 110.51
N GLY V 498 5.79 -48.04 109.97
CA GLY V 498 7.05 -48.09 110.70
C GLY V 498 7.57 -49.48 111.03
N ARG V 499 8.35 -50.06 110.12
CA ARG V 499 8.87 -51.41 110.37
C ARG V 499 9.75 -51.44 111.62
N THR V 500 9.58 -52.49 112.42
CA THR V 500 10.33 -52.70 113.65
C THR V 500 10.41 -54.20 113.97
N SER V 501 10.70 -54.55 115.22
CA SER V 501 10.81 -55.96 115.59
C SER V 501 10.10 -56.19 116.90
N PHE V 502 10.06 -57.45 117.30
CA PHE V 502 9.27 -57.87 118.45
C PHE V 502 9.86 -59.10 119.14
N PRO V 503 10.73 -58.87 120.13
CA PRO V 503 11.31 -59.97 120.90
C PRO V 503 10.30 -60.54 121.91
N VAL V 504 10.20 -61.86 121.95
CA VAL V 504 9.44 -62.58 122.99
C VAL V 504 10.25 -63.77 123.56
N GLY W 1 -46.84 -8.03 103.86
CA GLY W 1 -47.36 -7.04 104.80
C GLY W 1 -47.36 -7.53 106.23
N LEU W 2 -47.65 -6.62 107.16
CA LEU W 2 -47.70 -6.99 108.57
C LEU W 2 -48.79 -8.02 108.80
N ALA W 3 -48.40 -9.17 109.32
CA ALA W 3 -49.31 -10.30 109.43
C ALA W 3 -49.78 -10.55 110.86
N GLY W 4 -48.92 -10.24 111.82
CA GLY W 4 -49.24 -10.40 113.23
C GLY W 4 -48.28 -9.63 114.11
N ARG W 5 -48.63 -9.48 115.38
CA ARG W 5 -47.77 -8.75 116.30
C ARG W 5 -47.94 -9.20 117.74
N GLY W 6 -47.02 -8.77 118.59
CA GLY W 6 -46.99 -9.17 119.98
C GLY W 6 -46.03 -8.28 120.76
N VAL W 7 -46.07 -8.40 122.09
CA VAL W 7 -45.26 -7.53 122.93
C VAL W 7 -44.51 -8.36 123.95
N ILE W 8 -43.22 -8.05 124.10
CA ILE W 8 -42.40 -8.66 125.14
C ILE W 8 -42.12 -7.61 126.22
N TYR W 9 -42.36 -7.96 127.49
CA TYR W 9 -42.14 -6.99 128.57
C TYR W 9 -40.82 -7.22 129.25
N ILE W 10 -39.98 -6.21 129.22
CA ILE W 10 -38.66 -6.28 129.84
C ILE W 10 -38.65 -5.56 131.20
N PRO W 11 -38.20 -6.25 132.25
CA PRO W 11 -38.02 -5.67 133.61
C PRO W 11 -36.85 -4.68 133.70
N LYS W 12 -36.93 -3.73 134.63
CA LYS W 12 -35.86 -2.75 134.80
C LYS W 12 -34.53 -3.40 135.21
N ASP W 13 -34.62 -4.50 135.97
CA ASP W 13 -33.45 -5.33 136.25
C ASP W 13 -33.56 -6.62 135.45
N CYS W 14 -33.11 -6.58 134.20
CA CYS W 14 -33.12 -7.76 133.37
C CYS W 14 -31.78 -8.50 133.51
N GLN W 15 -31.76 -9.56 134.32
CA GLN W 15 -30.54 -10.33 134.57
C GLN W 15 -30.44 -11.51 133.61
N ALA W 16 -29.24 -12.04 133.46
CA ALA W 16 -29.06 -13.23 132.64
C ALA W 16 -30.03 -14.33 133.07
N ASN W 17 -30.66 -14.92 132.07
CA ASN W 17 -31.49 -16.12 132.26
C ASN W 17 -32.95 -15.88 132.59
N ARG W 18 -33.34 -14.61 132.72
CA ARG W 18 -34.76 -14.29 132.89
C ARG W 18 -35.53 -14.79 131.69
N TYR W 19 -36.65 -15.44 131.95
CA TYR W 19 -37.63 -15.70 130.90
C TYR W 19 -38.49 -14.46 130.70
N LEU W 20 -38.55 -13.96 129.48
CA LEU W 20 -39.27 -12.72 129.21
C LEU W 20 -40.69 -12.95 128.70
N GLY W 21 -40.91 -14.10 128.09
CA GLY W 21 -42.22 -14.47 127.60
C GLY W 21 -42.19 -15.31 126.33
N THR W 22 -43.36 -15.85 125.99
CA THR W 22 -43.49 -16.62 124.75
C THR W 22 -44.62 -16.07 123.91
N LEU W 23 -44.37 -15.90 122.62
CA LEU W 23 -45.42 -15.51 121.69
C LEU W 23 -45.83 -16.72 120.91
N ASN W 24 -47.12 -16.88 120.70
CA ASN W 24 -47.61 -17.97 119.89
C ASN W 24 -47.79 -17.47 118.43
N ILE W 25 -47.02 -18.00 117.49
CA ILE W 25 -47.00 -17.46 116.14
C ILE W 25 -48.37 -17.43 115.52
N ARG W 26 -49.17 -18.47 115.74
CA ARG W 26 -50.45 -18.49 115.08
C ARG W 26 -51.42 -17.52 115.75
N ASP W 27 -51.36 -17.42 117.07
CA ASP W 27 -52.14 -16.40 117.79
C ASP W 27 -51.78 -14.94 117.43
N MET W 28 -50.50 -14.65 117.19
CA MET W 28 -50.09 -13.33 116.70
C MET W 28 -50.82 -12.94 115.42
N ILE W 29 -51.00 -13.91 114.53
CA ILE W 29 -51.63 -13.66 113.25
C ILE W 29 -53.14 -13.62 113.41
N SER W 30 -53.71 -14.48 114.24
CA SER W 30 -55.17 -14.54 114.39
C SER W 30 -55.75 -13.44 115.28
N ASP W 31 -54.99 -12.99 116.26
CA ASP W 31 -55.45 -11.91 117.13
C ASP W 31 -55.42 -10.59 116.37
N PHE W 32 -54.49 -10.48 115.44
CA PHE W 32 -54.33 -9.28 114.65
C PHE W 32 -55.48 -9.20 113.64
N LYS W 33 -55.56 -10.19 112.73
CA LYS W 33 -56.80 -10.49 112.04
C LYS W 33 -57.37 -9.39 111.15
N GLY W 34 -56.56 -8.71 110.33
CA GLY W 34 -55.35 -9.23 109.72
C GLY W 34 -55.74 -9.38 108.26
N VAL W 35 -55.16 -8.62 107.33
CA VAL W 35 -55.39 -8.90 105.91
C VAL W 35 -54.81 -10.27 105.57
N GLN W 36 -53.64 -10.54 106.15
CA GLN W 36 -52.98 -11.82 105.93
C GLN W 36 -53.76 -12.96 106.57
N TYR W 37 -54.28 -12.74 107.79
CA TYR W 37 -55.08 -13.75 108.47
C TYR W 37 -56.27 -14.13 107.59
N GLU W 38 -56.91 -13.15 106.98
CA GLU W 38 -58.07 -13.45 106.17
C GLU W 38 -57.68 -14.16 104.88
N LYS W 39 -56.51 -13.84 104.32
CA LYS W 39 -56.04 -14.56 103.13
C LYS W 39 -55.81 -16.02 103.50
N TRP W 40 -55.44 -16.25 104.76
CA TRP W 40 -55.07 -17.56 105.26
C TRP W 40 -56.29 -18.47 105.32
N ILE W 41 -57.39 -17.94 105.85
CA ILE W 41 -58.65 -18.68 105.92
C ILE W 41 -59.06 -19.24 104.56
N THR W 42 -58.79 -18.50 103.49
CA THR W 42 -59.15 -18.95 102.15
C THR W 42 -58.18 -19.98 101.58
N ALA W 43 -56.91 -19.80 101.90
CA ALA W 43 -55.87 -20.73 101.47
C ALA W 43 -56.07 -22.07 102.15
N GLY W 44 -56.43 -22.05 103.42
CA GLY W 44 -56.46 -23.23 104.25
C GLY W 44 -55.07 -23.53 104.82
N LEU W 45 -54.14 -23.91 103.94
CA LEU W 45 -52.77 -24.21 104.31
C LEU W 45 -51.79 -23.13 103.84
N VAL W 46 -50.88 -22.72 104.72
CA VAL W 46 -49.83 -21.77 104.33
C VAL W 46 -48.43 -22.28 104.74
N MET W 47 -47.41 -22.01 103.91
CA MET W 47 -46.03 -22.38 104.22
C MET W 47 -45.15 -21.16 104.20
N PRO W 48 -45.46 -20.18 105.06
CA PRO W 48 -44.94 -18.80 104.92
C PRO W 48 -43.42 -18.70 104.92
N THR W 49 -42.93 -17.63 104.31
CA THR W 49 -41.60 -17.13 104.65
C THR W 49 -41.82 -15.86 105.47
N PHE W 50 -41.55 -15.94 106.76
CA PHE W 50 -41.74 -14.80 107.66
C PHE W 50 -40.50 -13.92 107.72
N LYS W 51 -40.72 -12.62 107.85
CA LYS W 51 -39.67 -11.72 108.30
C LYS W 51 -40.10 -11.36 109.71
N ILE W 52 -39.27 -11.69 110.69
CA ILE W 52 -39.57 -11.33 112.06
C ILE W 52 -38.79 -10.07 112.37
N VAL W 53 -39.46 -9.10 112.97
CA VAL W 53 -38.83 -7.85 113.33
C VAL W 53 -39.11 -7.57 114.79
N ILE W 54 -38.06 -7.37 115.56
CA ILE W 54 -38.20 -7.00 116.95
C ILE W 54 -37.79 -5.55 117.11
N ARG W 55 -38.76 -4.71 117.48
CA ARG W 55 -38.52 -3.29 117.68
C ARG W 55 -38.19 -2.97 119.12
N LEU W 56 -37.14 -2.17 119.27
CA LEU W 56 -36.21 -2.31 120.36
C LEU W 56 -35.34 -1.06 120.30
N PRO W 57 -35.32 -0.26 121.37
CA PRO W 57 -34.52 0.97 121.29
C PRO W 57 -33.04 0.67 121.45
N ALA W 58 -32.24 1.07 120.47
CA ALA W 58 -30.82 0.75 120.52
C ALA W 58 -30.15 1.44 121.69
N ASN W 59 -29.29 0.71 122.38
CA ASN W 59 -28.57 1.28 123.49
C ASN W 59 -27.22 0.62 123.76
N ALA W 60 -26.16 1.41 123.77
CA ALA W 60 -24.84 0.83 123.94
C ALA W 60 -24.37 0.80 125.40
N PHE W 61 -25.25 1.17 126.32
CA PHE W 61 -24.83 1.35 127.70
C PHE W 61 -25.39 0.31 128.69
N THR W 62 -25.82 -0.84 128.19
CA THR W 62 -26.51 -1.80 129.05
C THR W 62 -25.80 -3.13 129.08
N GLY W 63 -25.30 -3.59 127.93
CA GLY W 63 -24.68 -4.91 127.87
C GLY W 63 -25.69 -6.03 127.63
N LEU W 64 -26.96 -5.67 127.50
CA LEU W 64 -28.05 -6.62 127.31
C LEU W 64 -27.97 -7.39 126.00
N THR W 65 -28.11 -8.70 126.08
CA THR W 65 -28.23 -9.53 124.89
C THR W 65 -29.35 -10.53 125.15
N TRP W 66 -30.28 -10.64 124.20
CA TRP W 66 -31.42 -11.55 124.34
C TRP W 66 -31.33 -12.66 123.31
N VAL W 67 -32.10 -13.72 123.52
CA VAL W 67 -32.18 -14.78 122.52
C VAL W 67 -33.64 -15.03 122.13
N MET W 68 -33.91 -14.95 120.84
CA MET W 68 -35.19 -15.41 120.31
C MET W 68 -35.02 -16.85 119.86
N SER W 69 -35.82 -17.74 120.42
CA SER W 69 -35.74 -19.16 120.10
C SER W 69 -37.00 -19.57 119.35
N PHE W 70 -36.82 -20.13 118.16
CA PHE W 70 -37.93 -20.63 117.36
C PHE W 70 -38.19 -22.10 117.71
N ASP W 71 -39.25 -22.32 118.48
CA ASP W 71 -39.59 -23.64 118.97
C ASP W 71 -40.88 -24.12 118.31
N ALA W 72 -40.78 -24.58 117.07
CA ALA W 72 -41.99 -24.88 116.32
C ALA W 72 -42.77 -26.06 116.89
N TYR W 73 -42.08 -26.90 117.65
CA TYR W 73 -42.69 -28.14 118.13
C TYR W 73 -42.85 -28.18 119.65
N ASN W 74 -42.75 -26.99 120.26
CA ASN W 74 -43.02 -26.83 121.67
C ASN W 74 -42.21 -27.76 122.57
N ARG W 75 -40.89 -27.80 122.35
CA ARG W 75 -40.02 -28.74 123.02
C ARG W 75 -39.32 -28.16 124.24
N ILE W 76 -38.93 -26.89 124.20
CA ILE W 76 -38.30 -26.30 125.40
C ILE W 76 -39.20 -25.45 126.31
N THR W 77 -40.43 -25.13 125.89
CA THR W 77 -41.31 -24.25 126.67
C THR W 77 -41.43 -24.58 128.17
N SER W 78 -41.77 -25.83 128.47
CA SER W 78 -42.01 -26.28 129.82
C SER W 78 -40.80 -26.04 130.73
N ARG W 79 -39.62 -26.12 130.15
CA ARG W 79 -38.38 -26.09 130.91
C ARG W 79 -37.74 -24.72 131.07
N ILE W 80 -38.33 -23.67 130.51
CA ILE W 80 -37.71 -22.36 130.60
C ILE W 80 -38.54 -21.28 131.28
N THR W 81 -39.78 -21.60 131.65
CA THR W 81 -40.73 -20.54 132.07
C THR W 81 -40.47 -19.98 133.45
N ALA W 82 -39.61 -20.65 134.21
CA ALA W 82 -39.26 -20.16 135.51
C ALA W 82 -37.90 -19.49 135.40
N SER W 83 -36.94 -20.25 134.89
CA SER W 83 -35.67 -19.69 134.47
C SER W 83 -35.15 -20.34 133.20
N ALA W 84 -34.65 -19.51 132.31
CA ALA W 84 -34.19 -19.96 131.00
C ALA W 84 -32.69 -20.25 131.00
N ASP W 85 -32.32 -21.52 130.97
CA ASP W 85 -30.91 -21.88 130.87
C ASP W 85 -30.48 -21.81 129.40
N PRO W 86 -29.32 -21.18 129.12
CA PRO W 86 -28.90 -21.07 127.73
C PRO W 86 -28.82 -22.41 126.98
N VAL W 87 -28.56 -23.52 127.68
CA VAL W 87 -28.51 -24.82 127.02
C VAL W 87 -29.84 -25.15 126.34
N TYR W 88 -30.95 -24.82 126.99
CA TYR W 88 -32.27 -24.99 126.38
C TYR W 88 -32.50 -24.01 125.24
N THR W 89 -32.29 -22.72 125.53
CA THR W 89 -32.65 -21.66 124.58
C THR W 89 -31.82 -21.67 123.30
N LEU W 90 -30.62 -22.23 123.36
CA LEU W 90 -29.75 -22.33 122.19
C LEU W 90 -29.81 -23.69 121.47
N SER W 91 -30.68 -24.59 121.96
CA SER W 91 -30.79 -25.97 121.44
C SER W 91 -31.77 -26.08 120.27
N VAL W 92 -32.48 -25.00 120.01
CA VAL W 92 -33.33 -24.92 118.85
C VAL W 92 -32.88 -23.74 117.98
N PRO W 93 -33.39 -23.63 116.73
CA PRO W 93 -33.01 -22.45 115.94
C PRO W 93 -33.25 -21.14 116.71
N HIS W 94 -32.27 -20.25 116.65
CA HIS W 94 -32.30 -19.07 117.51
C HIS W 94 -31.43 -17.94 116.97
N TRP W 95 -31.63 -16.76 117.52
CA TRP W 95 -30.94 -15.56 117.05
C TRP W 95 -30.50 -14.74 118.25
N LEU W 96 -29.28 -14.21 118.19
CA LEU W 96 -28.84 -13.28 119.21
C LEU W 96 -29.32 -11.85 118.94
N ILE W 97 -29.88 -11.23 119.96
CA ILE W 97 -30.34 -9.87 119.80
C ILE W 97 -29.51 -8.96 120.68
N HIS W 98 -28.61 -8.20 120.07
CA HIS W 98 -27.77 -7.29 120.84
C HIS W 98 -28.42 -5.93 121.02
N HIS W 99 -28.46 -5.47 122.27
CA HIS W 99 -29.09 -4.18 122.56
C HIS W 99 -28.39 -3.03 121.84
N LYS W 100 -27.08 -3.13 121.66
CA LYS W 100 -26.35 -2.05 121.01
C LYS W 100 -26.79 -1.82 119.56
N LEU W 101 -27.34 -2.87 118.93
CA LEU W 101 -27.73 -2.80 117.53
C LEU W 101 -29.17 -2.34 117.31
N GLY W 102 -29.92 -2.18 118.39
CA GLY W 102 -31.31 -1.77 118.29
C GLY W 102 -32.22 -2.76 117.59
N THR W 103 -33.09 -2.23 116.75
CA THR W 103 -34.12 -3.02 116.12
C THR W 103 -33.52 -4.17 115.34
N PHE W 104 -34.09 -5.35 115.52
CA PHE W 104 -33.55 -6.59 115.00
C PHE W 104 -34.48 -7.20 113.98
N SER W 105 -33.91 -7.86 112.99
CA SER W 105 -34.72 -8.53 111.97
C SER W 105 -34.09 -9.85 111.48
N CYS W 106 -34.91 -10.82 111.10
CA CYS W 106 -34.39 -12.04 110.51
C CYS W 106 -35.48 -12.73 109.69
N GLU W 107 -35.09 -13.68 108.86
CA GLU W 107 -36.05 -14.44 108.05
C GLU W 107 -36.20 -15.85 108.56
N ILE W 108 -37.45 -16.31 108.57
CA ILE W 108 -37.73 -17.68 108.93
C ILE W 108 -38.45 -18.31 107.76
N ASP W 109 -37.77 -19.22 107.07
CA ASP W 109 -38.42 -20.00 106.03
C ASP W 109 -39.12 -21.14 106.73
N TYR W 110 -40.43 -21.00 106.89
CA TYR W 110 -41.20 -21.95 107.68
C TYR W 110 -41.14 -23.34 107.06
N GLY W 111 -40.91 -23.38 105.75
CA GLY W 111 -40.69 -24.64 105.06
C GLY W 111 -39.49 -25.42 105.57
N GLU W 112 -38.39 -24.73 105.85
CA GLU W 112 -37.18 -25.35 106.38
C GLU W 112 -37.21 -25.52 107.90
N LEU W 113 -37.29 -24.41 108.62
CA LEU W 113 -37.21 -24.43 110.07
C LEU W 113 -38.32 -25.19 110.76
N CYS W 114 -39.45 -25.33 110.07
CA CYS W 114 -40.58 -26.06 110.64
C CYS W 114 -40.91 -27.33 109.89
N GLY W 115 -41.25 -27.21 108.61
CA GLY W 115 -41.46 -28.40 107.78
C GLY W 115 -42.89 -28.80 107.44
N HIS W 116 -43.87 -28.41 108.27
CA HIS W 116 -45.26 -28.68 107.90
C HIS W 116 -46.07 -27.39 107.77
N ALA W 117 -47.04 -27.41 106.87
CA ALA W 117 -47.87 -26.23 106.58
C ALA W 117 -48.92 -25.94 107.66
N MET W 118 -49.17 -24.65 107.90
CA MET W 118 -50.11 -24.24 108.94
C MET W 118 -51.58 -24.23 108.49
N TRP W 119 -52.41 -24.89 109.28
CA TRP W 119 -53.85 -24.97 109.01
C TRP W 119 -54.59 -23.85 109.73
N PHE W 120 -55.41 -23.10 109.00
CA PHE W 120 -56.00 -21.89 109.54
C PHE W 120 -56.83 -22.10 110.80
N LYS W 121 -57.49 -23.25 110.93
CA LYS W 121 -58.50 -23.39 111.98
C LYS W 121 -58.01 -23.97 113.30
N SER W 122 -56.89 -24.67 113.25
CA SER W 122 -56.36 -25.30 114.45
C SER W 122 -54.93 -25.78 114.27
N THR W 123 -54.24 -25.92 115.39
CA THR W 123 -52.90 -26.47 115.39
C THR W 123 -52.96 -27.93 114.89
N THR W 124 -52.06 -28.29 113.98
CA THR W 124 -51.99 -29.65 113.49
C THR W 124 -51.22 -30.53 114.46
N PHE W 125 -49.93 -30.26 114.60
CA PHE W 125 -49.13 -31.06 115.54
C PHE W 125 -48.99 -30.36 116.88
N GLU W 126 -47.97 -29.54 117.00
CA GLU W 126 -47.95 -28.68 118.15
C GLU W 126 -47.95 -27.24 117.67
N SER W 127 -48.24 -26.32 118.60
CA SER W 127 -48.38 -24.90 118.30
C SER W 127 -47.04 -24.14 118.35
N PRO W 128 -46.61 -23.56 117.21
CA PRO W 128 -45.30 -22.93 117.05
C PRO W 128 -45.11 -21.71 117.94
N ARG W 129 -44.02 -21.65 118.70
CA ARG W 129 -43.76 -20.55 119.63
C ARG W 129 -42.46 -19.81 119.35
N LEU W 130 -42.43 -18.53 119.71
CA LEU W 130 -41.19 -17.77 119.81
C LEU W 130 -40.91 -17.46 121.29
N HIS W 131 -39.74 -17.89 121.78
CA HIS W 131 -39.38 -17.61 123.17
C HIS W 131 -38.39 -16.47 123.24
N PHE W 132 -38.59 -15.60 124.24
CA PHE W 132 -37.65 -14.51 124.46
C PHE W 132 -37.02 -14.59 125.84
N THR W 133 -35.70 -14.75 125.86
CA THR W 133 -34.94 -14.93 127.07
C THR W 133 -33.77 -13.99 127.08
N CYS W 134 -33.25 -13.73 128.27
CA CYS W 134 -32.10 -12.87 128.39
C CYS W 134 -30.81 -13.69 128.52
N LEU W 135 -29.88 -13.54 127.59
CA LEU W 135 -28.65 -14.35 127.56
C LEU W 135 -27.58 -13.76 128.48
N THR W 136 -27.34 -12.46 128.32
CA THR W 136 -26.42 -11.70 129.17
C THR W 136 -27.17 -10.52 129.76
N GLY W 137 -27.04 -10.32 131.07
CA GLY W 137 -27.83 -9.31 131.75
C GLY W 137 -27.29 -7.90 131.63
N ASN W 138 -28.07 -6.94 132.11
CA ASN W 138 -27.64 -5.55 132.12
C ASN W 138 -26.61 -5.35 133.22
N ASN W 139 -25.70 -4.38 133.03
CA ASN W 139 -24.58 -4.19 133.93
C ASN W 139 -25.05 -3.64 135.26
N LYS W 140 -26.15 -2.88 135.20
CA LYS W 140 -26.85 -2.33 136.35
C LYS W 140 -28.28 -2.18 135.89
N GLU W 141 -29.24 -2.13 136.82
CA GLU W 141 -30.63 -2.07 136.39
C GLU W 141 -30.86 -0.77 135.62
N LEU W 142 -31.87 -0.76 134.78
CA LEU W 142 -32.23 0.44 134.04
C LEU W 142 -33.17 1.32 134.90
N ALA W 143 -33.63 2.43 134.34
CA ALA W 143 -34.42 3.37 135.12
C ALA W 143 -35.83 2.87 135.38
N ALA W 144 -36.41 2.12 134.45
CA ALA W 144 -37.77 1.63 134.62
C ALA W 144 -38.07 0.42 133.77
N ASP W 145 -39.17 -0.27 134.05
CA ASP W 145 -39.66 -1.37 133.20
C ASP W 145 -39.96 -0.79 131.81
N TRP W 146 -39.81 -1.63 130.78
CA TRP W 146 -40.12 -1.22 129.41
C TRP W 146 -40.65 -2.40 128.59
N GLN W 147 -40.89 -2.18 127.30
CA GLN W 147 -41.34 -3.25 126.43
C GLN W 147 -40.69 -3.19 125.06
N ALA W 148 -40.70 -4.33 124.38
CA ALA W 148 -40.27 -4.42 122.99
C ALA W 148 -41.43 -4.98 122.18
N VAL W 149 -41.52 -4.62 120.90
CA VAL W 149 -42.61 -5.09 120.07
C VAL W 149 -42.09 -6.09 119.07
N VAL W 150 -42.79 -7.22 118.94
CA VAL W 150 -42.43 -8.23 117.96
C VAL W 150 -43.42 -8.22 116.80
N GLU W 151 -42.94 -8.18 115.57
CA GLU W 151 -43.83 -8.13 114.41
C GLU W 151 -43.53 -9.22 113.38
N LEU W 152 -44.59 -9.86 112.85
CA LEU W 152 -44.46 -10.85 111.78
C LEU W 152 -44.89 -10.24 110.44
N TYR W 153 -43.98 -10.21 109.47
CA TYR W 153 -44.29 -9.73 108.12
C TYR W 153 -44.28 -10.93 107.18
N ALA W 154 -45.30 -11.03 106.34
CA ALA W 154 -45.42 -12.16 105.43
C ALA W 154 -46.42 -11.83 104.34
N GLU W 155 -46.22 -12.43 103.16
CA GLU W 155 -47.27 -12.45 102.15
C GLU W 155 -47.80 -13.89 102.01
N LEU W 156 -48.82 -14.22 102.80
CA LEU W 156 -49.35 -15.58 102.82
C LEU W 156 -50.01 -15.96 101.51
N GLU W 157 -49.58 -17.08 100.96
CA GLU W 157 -50.26 -17.67 99.83
C GLU W 157 -50.52 -19.17 100.08
N GLU W 158 -51.52 -19.71 99.38
CA GLU W 158 -51.94 -21.09 99.60
C GLU W 158 -50.79 -22.06 99.37
N ALA W 159 -50.65 -23.00 100.29
CA ALA W 159 -49.62 -24.02 100.23
C ALA W 159 -50.03 -25.17 99.32
N THR W 160 -49.11 -25.59 98.48
CA THR W 160 -49.38 -26.63 97.50
C THR W 160 -49.25 -28.04 98.12
N SER W 161 -48.34 -28.19 99.08
CA SER W 161 -48.09 -29.49 99.72
C SER W 161 -48.16 -29.37 101.24
N PHE W 162 -48.35 -30.50 101.92
CA PHE W 162 -48.36 -30.47 103.38
C PHE W 162 -46.96 -30.33 103.94
N LEU W 163 -46.03 -31.03 103.29
CA LEU W 163 -44.66 -31.12 103.78
C LEU W 163 -43.74 -30.15 103.06
N GLY W 164 -42.78 -29.61 103.80
CA GLY W 164 -41.73 -28.78 103.23
C GLY W 164 -40.67 -29.63 102.54
N LYS W 165 -39.47 -29.08 102.40
CA LYS W 165 -38.34 -29.85 101.93
C LYS W 165 -37.61 -30.29 103.19
N PRO W 166 -37.10 -31.53 103.21
CA PRO W 166 -36.45 -32.07 104.41
C PRO W 166 -35.15 -31.33 104.74
N THR W 167 -35.03 -30.85 105.97
CA THR W 167 -33.81 -30.26 106.51
C THR W 167 -32.63 -31.25 106.44
N LEU W 168 -32.91 -32.55 106.61
CA LEU W 168 -31.85 -33.55 106.72
C LEU W 168 -32.29 -34.89 106.18
N VAL W 169 -31.38 -35.58 105.48
CA VAL W 169 -31.67 -36.94 105.04
C VAL W 169 -30.61 -37.88 105.59
N PHE W 170 -31.07 -38.98 106.18
CA PHE W 170 -30.16 -39.85 106.92
C PHE W 170 -29.06 -40.48 106.07
N ASP W 171 -27.82 -40.29 106.53
CA ASP W 171 -26.62 -40.81 105.90
C ASP W 171 -25.47 -40.80 106.91
N PRO W 172 -24.99 -42.01 107.26
CA PRO W 172 -24.00 -42.27 108.31
C PRO W 172 -22.68 -41.65 107.94
N GLY W 173 -22.37 -41.73 106.66
CA GLY W 173 -21.08 -41.30 106.14
C GLY W 173 -21.04 -39.83 105.77
N VAL W 174 -22.03 -39.07 106.24
CA VAL W 174 -22.06 -37.66 105.87
C VAL W 174 -22.40 -36.69 107.02
N PHE W 175 -21.31 -36.12 107.49
CA PHE W 175 -21.23 -34.97 108.37
C PHE W 175 -20.17 -34.09 107.71
N ASN W 176 -20.60 -33.04 107.01
CA ASN W 176 -19.69 -32.13 106.32
C ASN W 176 -18.62 -31.51 107.20
N GLY W 177 -19.04 -30.87 108.27
CA GLY W 177 -18.14 -30.11 109.10
C GLY W 177 -18.63 -28.68 109.24
N LYS W 178 -19.69 -28.36 108.51
CA LYS W 178 -20.35 -27.07 108.66
C LYS W 178 -21.50 -27.18 109.66
N PHE W 179 -21.70 -26.14 110.48
CA PHE W 179 -22.77 -26.12 111.47
C PHE W 179 -23.76 -24.98 111.23
N GLN W 180 -25.01 -25.15 111.66
CA GLN W 180 -25.88 -24.00 111.89
C GLN W 180 -26.40 -23.99 113.33
N PHE W 181 -26.60 -22.78 113.87
CA PHE W 181 -27.18 -22.63 115.21
C PHE W 181 -26.38 -23.29 116.33
N LEU W 182 -25.06 -23.28 116.18
CA LEU W 182 -24.18 -23.79 117.22
C LEU W 182 -23.62 -22.60 118.01
N THR W 183 -24.29 -22.30 119.11
CA THR W 183 -23.92 -21.18 119.97
C THR W 183 -23.57 -21.72 121.36
N CYS W 184 -22.39 -21.36 121.87
CA CYS W 184 -21.94 -21.77 123.20
C CYS W 184 -22.53 -20.86 124.24
N PRO W 185 -23.01 -21.42 125.36
CA PRO W 185 -23.44 -20.58 126.48
C PRO W 185 -22.35 -19.55 126.83
N PRO W 186 -22.77 -18.41 127.40
CA PRO W 186 -21.86 -17.30 127.67
C PRO W 186 -20.74 -17.71 128.62
N ILE W 187 -19.57 -17.20 128.32
CA ILE W 187 -18.38 -17.34 129.14
C ILE W 187 -18.15 -16.00 129.88
N PHE W 188 -17.83 -16.04 131.17
CA PHE W 188 -17.74 -14.79 131.94
C PHE W 188 -16.35 -14.48 132.49
N PHE W 189 -15.95 -13.20 132.44
CA PHE W 189 -14.69 -12.75 133.03
C PHE W 189 -14.91 -11.75 134.14
N ASP W 190 -14.27 -11.96 135.30
CA ASP W 190 -14.41 -11.04 136.42
C ASP W 190 -13.46 -9.89 136.21
N LEU W 191 -13.86 -8.69 136.62
CA LEU W 191 -12.94 -7.56 136.47
C LEU W 191 -12.04 -7.40 137.69
N THR W 192 -12.24 -8.30 138.66
CA THR W 192 -11.40 -8.32 139.85
C THR W 192 -10.20 -9.24 139.64
N ALA W 193 -9.92 -9.55 138.38
CA ALA W 193 -8.83 -10.45 138.06
C ALA W 193 -7.95 -9.90 136.97
N VAL W 194 -6.65 -9.78 137.26
CA VAL W 194 -5.74 -9.19 136.30
C VAL W 194 -5.55 -10.02 135.03
N THR W 195 -5.55 -11.35 135.15
CA THR W 195 -5.66 -12.23 133.99
C THR W 195 -6.62 -13.36 134.32
N ALA W 196 -6.99 -14.17 133.31
CA ALA W 196 -7.90 -15.28 133.55
C ALA W 196 -7.97 -16.20 132.36
N LEU W 197 -8.38 -17.42 132.64
CA LEU W 197 -8.60 -18.38 131.57
C LEU W 197 -10.04 -18.89 131.59
N ARG W 198 -10.63 -19.06 130.42
CA ARG W 198 -11.88 -19.80 130.32
C ARG W 198 -11.79 -20.80 129.20
N SER W 199 -12.06 -22.06 129.52
CA SER W 199 -12.00 -23.12 128.53
C SER W 199 -13.36 -23.40 127.92
N ALA W 200 -13.34 -23.71 126.63
CA ALA W 200 -14.50 -24.27 125.97
C ALA W 200 -14.12 -25.62 125.39
N GLY W 201 -14.83 -26.67 125.78
CA GLY W 201 -14.50 -28.00 125.31
C GLY W 201 -14.78 -28.11 123.82
N LEU W 202 -13.99 -28.91 123.12
CA LEU W 202 -14.21 -29.09 121.70
C LEU W 202 -14.68 -30.50 121.40
N THR W 203 -15.04 -31.22 122.45
CA THR W 203 -15.63 -32.55 122.30
C THR W 203 -17.14 -32.42 121.99
N LEU W 204 -17.42 -32.00 120.75
CA LEU W 204 -18.74 -31.49 120.37
C LEU W 204 -19.86 -32.53 120.27
N GLY W 205 -19.51 -33.81 120.34
CA GLY W 205 -20.51 -34.87 120.29
C GLY W 205 -21.16 -35.14 121.64
N GLN W 206 -20.58 -34.55 122.68
CA GLN W 206 -21.05 -34.69 124.05
C GLN W 206 -22.44 -34.06 124.16
N VAL W 207 -23.37 -34.76 124.81
CA VAL W 207 -24.70 -34.21 125.00
C VAL W 207 -24.74 -33.25 126.19
N PRO W 208 -25.19 -32.00 125.94
CA PRO W 208 -25.21 -30.93 126.94
C PRO W 208 -26.18 -31.25 128.05
N MET W 209 -25.93 -30.74 129.24
CA MET W 209 -26.83 -31.02 130.36
C MET W 209 -27.22 -29.80 131.18
N VAL W 210 -28.39 -29.90 131.79
CA VAL W 210 -28.88 -28.88 132.69
C VAL W 210 -29.33 -29.63 133.91
N GLY W 211 -28.46 -29.65 134.92
CA GLY W 211 -28.69 -30.48 136.08
C GLY W 211 -28.61 -31.93 135.66
N THR W 212 -29.65 -32.69 135.94
CA THR W 212 -29.69 -34.10 135.58
C THR W 212 -30.35 -34.32 134.22
N THR W 213 -30.80 -33.23 133.61
CA THR W 213 -31.51 -33.28 132.34
C THR W 213 -30.57 -33.26 131.12
N LYS W 214 -30.66 -34.30 130.29
CA LYS W 214 -29.92 -34.35 129.04
C LYS W 214 -30.69 -33.55 127.98
N VAL W 215 -30.01 -32.64 127.27
CA VAL W 215 -30.64 -31.92 126.18
C VAL W 215 -30.10 -32.37 124.82
N TYR W 216 -30.71 -33.40 124.24
CA TYR W 216 -30.31 -33.86 122.92
C TYR W 216 -30.56 -32.79 121.88
N ASN W 217 -29.57 -32.53 121.03
CA ASN W 217 -29.74 -31.55 119.95
C ASN W 217 -29.06 -32.01 118.67
N LEU W 218 -29.44 -31.40 117.55
CA LEU W 218 -28.96 -31.86 116.26
C LEU W 218 -27.46 -31.73 116.11
N ASN W 219 -26.88 -30.62 116.57
CA ASN W 219 -25.44 -30.43 116.39
C ASN W 219 -24.57 -31.51 117.04
N SER W 220 -24.78 -31.75 118.34
CA SER W 220 -24.02 -32.81 118.99
C SER W 220 -24.31 -34.16 118.33
N THR W 221 -25.56 -34.37 117.91
CA THR W 221 -25.93 -35.58 117.21
C THR W 221 -25.11 -35.74 115.93
N LEU W 222 -24.98 -34.68 115.15
CA LEU W 222 -24.19 -34.72 113.93
C LEU W 222 -22.75 -35.08 114.23
N VAL W 223 -22.14 -34.37 115.17
CA VAL W 223 -20.74 -34.67 115.49
C VAL W 223 -20.56 -36.13 115.90
N SER W 224 -21.56 -36.71 116.56
CA SER W 224 -21.44 -38.09 117.03
C SER W 224 -21.36 -39.10 115.87
N CYS W 225 -21.71 -38.64 114.67
CA CYS W 225 -21.69 -39.47 113.46
C CYS W 225 -20.31 -39.73 112.95
N VAL W 226 -19.34 -39.15 113.64
CA VAL W 226 -17.93 -39.24 113.31
C VAL W 226 -17.15 -39.75 114.57
N LEU W 227 -15.93 -40.26 114.39
CA LEU W 227 -15.16 -40.75 115.53
C LEU W 227 -14.39 -39.60 116.17
N GLY W 228 -14.07 -38.61 115.36
CA GLY W 228 -13.36 -37.44 115.85
C GLY W 228 -13.06 -36.49 114.70
N MET W 229 -12.42 -35.37 115.02
CA MET W 229 -12.21 -34.33 114.03
C MET W 229 -10.99 -33.48 114.36
N GLY W 230 -10.34 -33.00 113.31
CA GLY W 230 -9.26 -32.07 113.44
C GLY W 230 -9.46 -31.00 112.39
N GLY W 231 -8.64 -29.96 112.43
CA GLY W 231 -8.80 -28.89 111.49
C GLY W 231 -8.86 -27.54 112.18
N THR W 232 -9.49 -26.59 111.52
CA THR W 232 -9.57 -25.25 112.08
C THR W 232 -11.00 -24.87 112.42
N VAL W 233 -11.19 -24.40 113.66
CA VAL W 233 -12.48 -23.93 114.11
C VAL W 233 -12.71 -22.49 113.63
N ARG W 234 -13.69 -22.29 112.76
CA ARG W 234 -14.07 -20.94 112.31
C ARG W 234 -15.32 -20.53 113.07
N GLY W 235 -15.26 -19.39 113.74
CA GLY W 235 -16.40 -18.93 114.50
C GLY W 235 -16.45 -17.43 114.64
N ARG W 236 -17.37 -16.97 115.48
CA ARG W 236 -17.53 -15.55 115.76
C ARG W 236 -17.55 -15.34 117.26
N VAL W 237 -16.99 -14.24 117.71
CA VAL W 237 -16.98 -13.91 119.11
C VAL W 237 -17.78 -12.64 119.30
N HIS W 238 -18.70 -12.66 120.27
CA HIS W 238 -19.43 -11.46 120.63
C HIS W 238 -19.07 -11.00 122.02
N ILE W 239 -18.68 -9.73 122.15
CA ILE W 239 -18.39 -9.17 123.46
C ILE W 239 -19.62 -8.43 123.95
N CYS W 240 -20.28 -9.00 124.95
CA CYS W 240 -21.62 -8.57 125.35
C CYS W 240 -21.64 -7.67 126.60
N ALA W 241 -21.09 -6.48 126.46
CA ALA W 241 -20.98 -5.56 127.57
C ALA W 241 -21.15 -4.13 127.06
N PRO W 242 -21.37 -3.18 127.98
CA PRO W 242 -21.46 -1.75 127.64
C PRO W 242 -20.21 -1.20 126.95
N ILE W 243 -20.30 -0.14 126.14
CA ILE W 243 -19.12 0.44 125.45
C ILE W 243 -18.01 0.80 126.39
N PHE W 244 -18.32 1.01 127.68
CA PHE W 244 -17.30 1.42 128.65
C PHE W 244 -16.60 0.24 129.33
N TYR W 245 -16.96 -0.97 128.96
CA TYR W 245 -16.23 -2.18 129.32
C TYR W 245 -15.35 -2.53 128.13
N SER W 246 -14.18 -3.10 128.38
CA SER W 246 -13.33 -3.54 127.27
C SER W 246 -12.35 -4.61 127.71
N ILE W 247 -11.87 -5.40 126.77
CA ILE W 247 -11.03 -6.52 127.11
C ILE W 247 -10.14 -6.89 125.93
N VAL W 248 -9.04 -7.57 126.19
CA VAL W 248 -8.22 -8.16 125.13
C VAL W 248 -7.98 -9.64 125.42
N LEU W 249 -8.31 -10.50 124.47
CA LEU W 249 -8.20 -11.93 124.66
C LEU W 249 -7.15 -12.55 123.72
N TRP W 250 -6.41 -13.52 124.26
CA TRP W 250 -5.59 -14.42 123.46
C TRP W 250 -6.39 -15.71 123.36
N VAL W 251 -6.77 -16.08 122.14
CA VAL W 251 -7.58 -17.28 121.95
C VAL W 251 -6.78 -18.38 121.25
N VAL W 252 -6.62 -19.52 121.91
CA VAL W 252 -5.75 -20.55 121.38
C VAL W 252 -6.24 -21.93 121.78
N SER W 253 -5.80 -22.96 121.03
CA SER W 253 -6.20 -24.33 121.35
C SER W 253 -5.11 -25.07 122.11
N GLU W 254 -5.51 -25.85 123.11
CA GLU W 254 -4.55 -26.61 123.93
C GLU W 254 -5.03 -28.03 124.17
N TRP W 255 -4.07 -28.93 124.41
CA TRP W 255 -4.40 -30.34 124.61
C TRP W 255 -4.14 -30.79 126.03
N ASN W 256 -5.13 -31.45 126.63
CA ASN W 256 -5.01 -32.04 127.95
C ASN W 256 -4.39 -31.12 128.98
N GLY W 257 -5.17 -30.17 129.46
CA GLY W 257 -4.68 -29.19 130.41
C GLY W 257 -4.16 -27.96 129.69
N THR W 258 -3.50 -27.07 130.43
CA THR W 258 -3.01 -25.85 129.84
C THR W 258 -1.59 -25.63 130.35
N THR W 259 -0.78 -24.93 129.57
CA THR W 259 0.56 -24.61 130.02
C THR W 259 0.49 -23.54 131.12
N MET W 260 1.48 -23.56 132.01
CA MET W 260 1.50 -22.63 133.11
C MET W 260 2.51 -21.53 132.82
N ASP W 261 3.21 -21.68 131.70
CA ASP W 261 4.27 -20.75 131.29
C ASP W 261 3.78 -19.76 130.25
N TRP W 262 3.63 -18.50 130.64
CA TRP W 262 3.18 -17.46 129.74
C TRP W 262 3.99 -17.37 128.43
N ASN W 263 5.28 -17.66 128.50
CA ASN W 263 6.08 -17.58 127.29
C ASN W 263 5.78 -18.72 126.33
N GLU W 264 5.53 -19.91 126.87
CA GLU W 264 5.19 -21.04 126.01
C GLU W 264 3.82 -20.74 125.35
N LEU W 265 2.90 -20.20 126.16
CA LEU W 265 1.55 -19.90 125.69
C LEU W 265 1.55 -19.09 124.41
N PHE W 266 2.47 -18.11 124.32
CA PHE W 266 2.52 -17.23 123.15
C PHE W 266 3.38 -17.73 122.02
N LYS W 267 3.89 -18.94 122.15
CA LYS W 267 4.58 -19.60 121.05
C LYS W 267 3.59 -20.49 120.30
N TYR W 268 2.38 -20.63 120.87
CA TYR W 268 1.30 -21.36 120.20
C TYR W 268 0.66 -20.49 119.13
N PRO W 269 -0.01 -21.12 118.15
CA PRO W 269 -0.75 -20.40 117.09
C PRO W 269 -2.17 -19.97 117.49
N GLY W 270 -2.26 -18.83 118.17
CA GLY W 270 -3.53 -18.26 118.59
C GLY W 270 -3.86 -16.97 117.86
N VAL W 271 -4.93 -16.32 118.27
CA VAL W 271 -5.33 -15.06 117.68
C VAL W 271 -5.76 -14.10 118.78
N TYR W 272 -5.66 -12.81 118.54
CA TYR W 272 -6.12 -11.82 119.52
C TYR W 272 -7.55 -11.39 119.21
N VAL W 273 -8.34 -11.18 120.24
CA VAL W 273 -9.72 -10.71 120.05
C VAL W 273 -9.92 -9.48 120.93
N GLU W 274 -10.18 -8.32 120.31
CA GLU W 274 -10.36 -7.07 121.06
C GLU W 274 -11.83 -6.65 121.01
N GLU W 275 -12.58 -7.24 120.09
CA GLU W 275 -13.93 -6.78 119.78
C GLU W 275 -14.74 -7.82 119.00
N ASP W 276 -16.05 -7.59 118.88
CA ASP W 276 -16.90 -8.44 118.06
C ASP W 276 -16.16 -8.77 116.76
N GLY W 277 -16.17 -10.04 116.36
CA GLY W 277 -15.54 -10.42 115.10
C GLY W 277 -15.48 -11.92 114.92
N SER W 278 -14.99 -12.34 113.76
CA SER W 278 -14.78 -13.77 113.51
C SER W 278 -13.35 -14.16 113.90
N PHE W 279 -13.09 -15.47 113.99
CA PHE W 279 -11.78 -16.00 114.39
C PHE W 279 -11.60 -17.38 113.76
N GLU W 280 -10.34 -17.75 113.52
CA GLU W 280 -9.99 -19.12 113.12
C GLU W 280 -8.88 -19.62 114.02
N VAL W 281 -9.10 -20.75 114.69
CA VAL W 281 -8.06 -21.32 115.54
C VAL W 281 -7.89 -22.78 115.16
N LYS W 282 -6.64 -23.22 115.01
CA LYS W 282 -6.33 -24.62 114.70
C LYS W 282 -6.59 -25.49 115.93
N ILE W 283 -7.28 -26.61 115.72
CA ILE W 283 -7.47 -27.61 116.78
C ILE W 283 -6.13 -28.31 117.02
N ARG W 284 -5.61 -28.11 118.22
CA ARG W 284 -4.30 -28.62 118.61
C ARG W 284 -4.38 -29.96 119.33
N SER W 285 -3.69 -30.97 118.80
CA SER W 285 -3.74 -32.31 119.40
C SER W 285 -2.60 -33.18 118.91
N PRO W 286 -2.10 -34.07 119.79
CA PRO W 286 -1.01 -35.01 119.50
C PRO W 286 -1.40 -35.93 118.35
N TYR W 287 -2.70 -36.06 118.08
CA TYR W 287 -3.21 -36.92 117.02
C TYR W 287 -3.80 -36.08 115.89
N HIS W 288 -3.72 -34.76 116.05
CA HIS W 288 -4.21 -33.80 115.04
C HIS W 288 -5.73 -33.76 115.00
N ARG W 289 -6.34 -34.67 115.74
CA ARG W 289 -7.80 -34.70 115.86
C ARG W 289 -8.15 -34.85 117.35
N THR W 290 -9.34 -34.39 117.73
CA THR W 290 -9.90 -34.65 119.06
C THR W 290 -11.10 -35.59 118.91
N PRO W 291 -11.29 -36.53 119.85
CA PRO W 291 -12.39 -37.46 119.75
C PRO W 291 -13.74 -36.77 119.85
N ALA W 292 -14.71 -37.33 119.15
CA ALA W 292 -16.07 -36.79 119.11
C ALA W 292 -16.82 -36.89 120.43
N ARG W 293 -16.62 -38.00 121.16
CA ARG W 293 -17.30 -38.19 122.45
C ARG W 293 -16.32 -38.71 123.49
N LEU W 294 -16.72 -38.65 124.76
CA LEU W 294 -15.86 -39.09 125.85
C LEU W 294 -16.08 -40.54 126.23
N LEU W 295 -15.01 -41.17 126.72
CA LEU W 295 -15.13 -42.47 127.34
C LEU W 295 -15.33 -42.27 128.84
N ALA W 296 -15.61 -43.35 129.57
CA ALA W 296 -15.88 -43.23 131.00
C ALA W 296 -14.70 -42.57 131.72
N GLY W 297 -15.01 -41.62 132.61
CA GLY W 297 -13.99 -41.01 133.45
C GLY W 297 -13.04 -40.05 132.78
N GLN W 298 -13.20 -39.81 131.48
CA GLN W 298 -12.48 -38.72 130.84
C GLN W 298 -13.22 -37.39 131.03
N SER W 299 -12.46 -36.31 131.04
CA SER W 299 -13.07 -34.98 131.08
C SER W 299 -12.90 -34.33 129.71
N GLN W 300 -13.74 -33.36 129.40
CA GLN W 300 -13.59 -32.67 128.13
C GLN W 300 -12.23 -31.94 128.02
N ARG W 301 -11.65 -31.59 129.17
CA ARG W 301 -10.39 -30.83 129.16
C ARG W 301 -9.20 -31.72 128.82
N ASP W 302 -9.36 -33.00 129.10
CA ASP W 302 -8.38 -34.04 128.77
C ASP W 302 -8.06 -34.11 127.27
N MET W 303 -8.90 -33.48 126.46
CA MET W 303 -8.70 -33.46 125.01
C MET W 303 -8.37 -32.05 124.52
N SER W 304 -8.78 -31.77 123.29
CA SER W 304 -8.56 -30.47 122.69
C SER W 304 -9.63 -29.45 123.14
N SER W 305 -9.19 -28.27 123.53
CA SER W 305 -10.11 -27.22 123.98
C SER W 305 -9.79 -25.91 123.30
N LEU W 306 -10.79 -25.04 123.24
CA LEU W 306 -10.65 -23.69 122.70
C LEU W 306 -10.53 -22.77 123.91
N ASN W 307 -9.33 -22.22 124.13
CA ASN W 307 -9.05 -21.44 125.34
C ASN W 307 -9.07 -19.93 125.20
N PHE W 308 -9.78 -19.27 126.09
CA PHE W 308 -9.91 -17.84 126.05
C PHE W 308 -9.15 -17.22 127.21
N TYR W 309 -8.00 -16.61 126.90
CA TYR W 309 -7.14 -16.00 127.90
C TYR W 309 -7.35 -14.50 127.91
N ALA W 310 -7.79 -13.95 129.04
CA ALA W 310 -7.84 -12.50 129.19
C ALA W 310 -6.43 -11.98 129.52
N ILE W 311 -5.80 -11.28 128.58
CA ILE W 311 -4.43 -10.82 128.78
C ILE W 311 -4.33 -9.33 129.11
N ALA W 312 -5.40 -8.59 128.86
CA ALA W 312 -5.49 -7.18 129.30
C ALA W 312 -6.92 -6.85 129.60
N GLY W 313 -7.23 -6.69 130.88
CA GLY W 313 -8.59 -6.47 131.31
C GLY W 313 -9.28 -7.76 131.71
N PRO W 314 -10.64 -7.73 131.76
CA PRO W 314 -11.48 -6.60 131.39
C PRO W 314 -11.33 -5.38 132.30
N ILE W 315 -11.60 -4.20 131.78
CA ILE W 315 -11.61 -3.00 132.59
C ILE W 315 -12.95 -2.33 132.45
N ALA W 316 -13.33 -1.58 133.48
CA ALA W 316 -14.52 -0.74 133.42
C ALA W 316 -14.36 0.38 134.42
N PRO W 317 -15.14 1.46 134.26
CA PRO W 317 -15.06 2.58 135.20
C PRO W 317 -15.57 2.12 136.56
N SER W 318 -15.18 2.77 137.65
CA SER W 318 -15.80 2.42 138.93
C SER W 318 -17.15 3.12 138.96
N GLY W 319 -18.11 2.55 139.69
CA GLY W 319 -17.95 1.26 140.32
C GLY W 319 -18.88 0.27 139.60
N GLU W 320 -18.35 -0.30 138.53
CA GLU W 320 -19.08 -1.33 137.84
C GLU W 320 -18.73 -2.62 138.55
N THR W 321 -19.63 -3.59 138.48
CA THR W 321 -19.43 -4.85 139.20
C THR W 321 -19.71 -6.07 138.33
N ALA W 322 -20.53 -5.86 137.30
CA ALA W 322 -20.90 -6.91 136.36
C ALA W 322 -19.68 -7.59 135.73
N GLN W 323 -19.81 -8.88 135.49
CA GLN W 323 -18.78 -9.57 134.73
C GLN W 323 -18.91 -9.21 133.26
N LEU W 324 -17.83 -9.38 132.49
CA LEU W 324 -17.87 -9.16 131.05
C LEU W 324 -18.10 -10.51 130.34
N PRO W 325 -19.25 -10.65 129.66
CA PRO W 325 -19.58 -11.90 128.99
C PRO W 325 -19.09 -11.95 127.55
N ILE W 326 -18.66 -13.14 127.14
CA ILE W 326 -18.24 -13.45 125.78
C ILE W 326 -19.16 -14.54 125.24
N VAL W 327 -19.83 -14.29 124.12
CA VAL W 327 -20.63 -15.34 123.51
C VAL W 327 -19.92 -15.84 122.27
N VAL W 328 -19.61 -17.14 122.25
CA VAL W 328 -18.95 -17.74 121.10
C VAL W 328 -19.90 -18.54 120.19
N GLN W 329 -19.81 -18.30 118.89
CA GLN W 329 -20.53 -19.11 117.92
C GLN W 329 -19.55 -19.87 117.03
N ILE W 330 -19.81 -21.16 116.83
CA ILE W 330 -18.96 -21.97 115.98
C ILE W 330 -19.66 -22.24 114.67
N ASP W 331 -19.04 -21.82 113.56
CA ASP W 331 -19.69 -21.83 112.27
C ASP W 331 -19.31 -23.08 111.49
N GLU W 332 -18.03 -23.42 111.48
CA GLU W 332 -17.61 -24.65 110.84
C GLU W 332 -16.20 -25.08 111.21
N ILE W 333 -15.90 -26.33 110.87
CA ILE W 333 -14.53 -26.81 110.87
C ILE W 333 -14.03 -26.68 109.44
N VAL W 334 -13.16 -25.71 109.21
CA VAL W 334 -12.60 -25.47 107.86
C VAL W 334 -11.36 -26.32 107.69
N ARG W 335 -11.11 -26.76 106.44
CA ARG W 335 -9.95 -27.62 106.17
C ARG W 335 -9.99 -28.79 107.14
N PRO W 336 -11.09 -29.53 107.13
CA PRO W 336 -11.35 -30.53 108.17
C PRO W 336 -10.50 -31.78 108.01
N ASP W 337 -10.01 -32.31 109.13
CA ASP W 337 -9.38 -33.62 109.14
C ASP W 337 -10.31 -34.58 109.91
N LEU W 338 -11.20 -35.26 109.20
CA LEU W 338 -12.18 -36.09 109.88
C LEU W 338 -11.72 -37.51 110.11
N SER W 339 -12.26 -38.13 111.16
CA SER W 339 -12.06 -39.54 111.39
C SER W 339 -12.99 -40.33 110.51
N LEU W 340 -12.89 -41.65 110.58
CA LEU W 340 -13.92 -42.49 109.99
C LEU W 340 -15.28 -42.08 110.54
N PRO W 341 -16.34 -42.32 109.77
CA PRO W 341 -17.68 -42.22 110.34
C PRO W 341 -17.79 -43.21 111.48
N SER W 342 -18.53 -42.88 112.54
CA SER W 342 -18.68 -43.79 113.66
C SER W 342 -19.55 -45.00 113.27
N PHE W 343 -20.52 -44.79 112.38
CA PHE W 343 -21.33 -45.90 111.88
C PHE W 343 -21.20 -46.09 110.38
N GLU W 344 -21.33 -47.34 109.93
CA GLU W 344 -21.31 -47.64 108.51
C GLU W 344 -22.75 -47.77 108.01
N ASP W 345 -22.94 -47.99 106.72
CA ASP W 345 -24.29 -48.17 106.20
C ASP W 345 -24.78 -49.58 106.52
N ASP W 346 -25.20 -49.75 107.77
CA ASP W 346 -25.43 -51.07 108.31
C ASP W 346 -26.63 -50.98 109.24
N TYR W 347 -27.03 -52.13 109.79
CA TYR W 347 -28.06 -52.17 110.80
C TYR W 347 -27.51 -51.62 112.11
N PHE W 348 -28.43 -51.23 112.99
CA PHE W 348 -28.07 -50.88 114.36
C PHE W 348 -29.23 -51.29 115.27
N VAL W 349 -28.98 -51.34 116.57
CA VAL W 349 -29.97 -51.85 117.51
C VAL W 349 -31.10 -50.86 117.73
N TRP W 350 -32.31 -51.36 117.52
CA TRP W 350 -33.49 -50.60 117.87
C TRP W 350 -33.91 -50.96 119.30
N VAL W 351 -34.18 -52.23 119.55
CA VAL W 351 -34.68 -52.63 120.86
C VAL W 351 -34.40 -54.11 121.15
N ASP W 352 -34.13 -54.39 122.42
CA ASP W 352 -34.06 -55.77 122.90
C ASP W 352 -35.24 -56.05 123.83
N PHE W 353 -35.96 -57.16 123.58
CA PHE W 353 -36.95 -57.62 124.56
C PHE W 353 -36.41 -58.86 125.25
N SER W 354 -36.57 -58.91 126.58
CA SER W 354 -36.03 -60.02 127.37
C SER W 354 -36.87 -60.24 128.63
N GLU W 355 -36.55 -61.30 129.37
CA GLU W 355 -37.19 -61.56 130.64
C GLU W 355 -38.72 -61.54 130.52
N PHE W 356 -39.26 -62.35 129.62
CA PHE W 356 -40.71 -62.41 129.40
C PHE W 356 -41.39 -63.11 130.56
N THR W 357 -42.51 -62.57 131.03
CA THR W 357 -43.22 -63.19 132.16
C THR W 357 -44.45 -63.98 131.70
N LEU W 358 -45.00 -63.63 130.54
CA LEU W 358 -46.13 -64.34 129.97
C LEU W 358 -45.76 -65.02 128.67
N ASP W 359 -46.36 -66.17 128.39
CA ASP W 359 -46.10 -66.84 127.11
C ASP W 359 -46.74 -66.07 125.96
N LYS W 360 -47.92 -65.49 126.18
CA LYS W 360 -48.55 -64.65 125.16
C LYS W 360 -48.10 -63.20 125.34
N GLU W 361 -47.38 -62.68 124.35
CA GLU W 361 -46.92 -61.30 124.37
C GLU W 361 -47.17 -60.66 123.01
N GLU W 362 -47.67 -59.43 122.98
CA GLU W 362 -47.90 -58.78 121.70
C GLU W 362 -47.43 -57.33 121.74
N ILE W 363 -46.39 -57.07 120.96
CA ILE W 363 -45.76 -55.76 120.90
C ILE W 363 -46.27 -54.97 119.70
N GLU W 364 -47.05 -53.91 119.96
CA GLU W 364 -47.57 -53.07 118.89
C GLU W 364 -46.57 -52.01 118.45
N ILE W 365 -46.31 -51.94 117.15
CA ILE W 365 -45.38 -50.99 116.62
C ILE W 365 -46.14 -49.95 115.81
N GLY W 366 -47.08 -50.43 114.99
CA GLY W 366 -47.87 -49.57 114.13
C GLY W 366 -47.07 -49.01 112.97
N SER W 367 -46.92 -47.69 112.96
CA SER W 367 -46.14 -47.06 111.90
C SER W 367 -45.06 -46.16 112.50
N ARG W 368 -44.70 -46.39 113.77
CA ARG W 368 -43.81 -45.45 114.46
C ARG W 368 -42.47 -46.06 114.77
N PHE W 369 -41.44 -45.20 114.83
CA PHE W 369 -40.17 -45.58 115.44
C PHE W 369 -40.09 -44.84 116.78
N PHE W 370 -40.03 -45.57 117.88
CA PHE W 370 -40.21 -44.95 119.21
C PHE W 370 -39.67 -45.81 120.34
N ASP W 371 -39.79 -45.31 121.58
CA ASP W 371 -39.39 -46.07 122.76
C ASP W 371 -40.51 -46.96 123.31
N PHE W 372 -40.23 -48.24 123.47
CA PHE W 372 -41.22 -49.21 123.97
C PHE W 372 -41.30 -49.19 125.49
N THR W 373 -42.44 -49.60 126.02
CA THR W 373 -42.57 -49.90 127.45
C THR W 373 -43.40 -51.16 127.62
N SER W 374 -43.07 -51.96 128.63
CA SER W 374 -43.84 -53.17 128.92
C SER W 374 -43.95 -53.44 130.41
N ASN W 375 -45.12 -53.94 130.81
CA ASN W 375 -45.33 -54.38 132.18
C ASN W 375 -45.03 -55.85 132.33
N THR W 376 -44.93 -56.54 131.19
CA THR W 376 -44.83 -57.98 131.19
C THR W 376 -43.45 -58.49 130.79
N CYS W 377 -42.59 -57.59 130.31
CA CYS W 377 -41.22 -57.94 129.94
C CYS W 377 -40.30 -56.76 129.99
N ARG W 378 -39.00 -57.06 129.89
CA ARG W 378 -37.96 -56.03 129.98
C ARG W 378 -37.61 -55.42 128.62
N VAL W 379 -37.79 -54.11 128.51
CA VAL W 379 -37.43 -53.41 127.29
C VAL W 379 -36.10 -52.70 127.45
N SER W 380 -35.17 -52.92 126.52
CA SER W 380 -33.90 -52.21 126.52
C SER W 380 -33.73 -51.50 125.18
N MET W 381 -33.77 -50.18 125.22
CA MET W 381 -33.77 -49.40 123.99
C MET W 381 -32.37 -49.08 123.54
N GLY W 382 -32.16 -49.03 122.23
CA GLY W 382 -30.85 -48.72 121.69
C GLY W 382 -30.63 -47.21 121.68
N GLU W 383 -29.40 -46.79 121.93
CA GLU W 383 -29.02 -45.39 121.76
C GLU W 383 -27.99 -45.23 120.64
N ASN W 384 -28.36 -44.51 119.58
CA ASN W 384 -27.48 -44.25 118.43
C ASN W 384 -27.90 -42.96 117.73
N PRO W 385 -27.06 -42.50 116.77
CA PRO W 385 -27.37 -41.21 116.13
C PRO W 385 -28.72 -41.22 115.42
N PHE W 386 -29.12 -42.34 114.84
CA PHE W 386 -30.42 -42.33 114.18
C PHE W 386 -31.56 -42.00 115.14
N ALA W 387 -31.57 -42.66 116.30
CA ALA W 387 -32.59 -42.41 117.32
C ALA W 387 -32.56 -40.95 117.78
N ALA W 388 -31.35 -40.39 117.92
CA ALA W 388 -31.20 -38.98 118.27
C ALA W 388 -31.77 -38.07 117.19
N MET W 389 -31.52 -38.41 115.95
CA MET W 389 -32.06 -37.61 114.87
C MET W 389 -33.59 -37.62 114.88
N ILE W 390 -34.17 -38.77 115.20
CA ILE W 390 -35.62 -38.88 115.30
C ILE W 390 -36.15 -37.93 116.38
N ALA W 391 -35.40 -37.85 117.47
CA ALA W 391 -35.76 -37.03 118.62
C ALA W 391 -35.52 -35.54 118.39
N CYS W 392 -34.62 -35.21 117.47
CA CYS W 392 -34.21 -33.82 117.28
C CYS W 392 -34.86 -33.19 116.05
N HIS W 393 -35.92 -33.81 115.56
CA HIS W 393 -36.70 -33.19 114.52
C HIS W 393 -38.18 -33.29 114.83
N GLY W 394 -38.95 -32.32 114.33
CA GLY W 394 -40.36 -32.27 114.57
C GLY W 394 -41.08 -33.41 113.87
N LEU W 395 -40.70 -33.65 112.62
CA LEU W 395 -41.30 -34.72 111.83
C LEU W 395 -40.25 -35.57 111.12
N HIS W 396 -40.57 -36.82 110.84
CA HIS W 396 -39.70 -37.69 110.06
C HIS W 396 -40.53 -38.64 109.21
N SER W 397 -39.89 -39.26 108.22
CA SER W 397 -40.57 -40.23 107.36
C SER W 397 -39.58 -41.07 106.58
N GLY W 398 -39.90 -42.37 106.44
CA GLY W 398 -39.02 -43.24 105.69
C GLY W 398 -39.39 -44.70 105.84
N VAL W 399 -38.49 -45.56 105.36
CA VAL W 399 -38.68 -46.99 105.53
C VAL W 399 -37.48 -47.62 106.25
N LEU W 400 -37.77 -48.47 107.24
CA LEU W 400 -36.76 -49.20 107.98
C LEU W 400 -36.78 -50.67 107.60
N ASP W 401 -35.62 -51.19 107.24
CA ASP W 401 -35.50 -52.63 107.11
C ASP W 401 -35.22 -53.20 108.50
N LEU W 402 -35.96 -54.23 108.89
CA LEU W 402 -35.74 -54.86 110.19
C LEU W 402 -35.11 -56.26 110.08
N LYS W 403 -34.19 -56.54 111.00
CA LYS W 403 -33.71 -57.89 111.22
C LYS W 403 -34.10 -58.28 112.64
N LEU W 404 -34.78 -59.42 112.78
CA LEU W 404 -35.14 -59.92 114.09
C LEU W 404 -34.23 -61.10 114.39
N GLN W 405 -33.63 -61.11 115.59
CA GLN W 405 -32.83 -62.24 116.05
C GLN W 405 -33.26 -62.69 117.44
N TRP W 406 -33.24 -64.00 117.69
CA TRP W 406 -33.59 -64.47 119.02
C TRP W 406 -32.88 -65.75 119.42
N SER W 407 -32.67 -65.90 120.72
CA SER W 407 -32.08 -67.13 121.27
C SER W 407 -33.08 -67.80 122.22
N LEU W 408 -32.96 -69.12 122.39
CA LEU W 408 -33.90 -69.85 123.22
C LEU W 408 -33.55 -69.86 124.71
N ASN W 409 -34.59 -69.93 125.53
CA ASN W 409 -34.46 -70.04 126.98
C ASN W 409 -34.64 -71.50 127.42
N THR W 410 -35.49 -72.23 126.72
CA THR W 410 -35.69 -73.65 126.96
C THR W 410 -34.78 -74.51 126.05
N GLU W 411 -34.85 -75.83 126.21
CA GLU W 411 -34.09 -76.73 125.34
C GLU W 411 -34.63 -76.73 123.90
N PHE W 412 -33.71 -76.68 122.94
CA PHE W 412 -34.09 -76.58 121.54
C PHE W 412 -35.07 -77.66 121.14
N GLY W 413 -34.84 -78.87 121.63
CA GLY W 413 -35.67 -80.02 121.29
C GLY W 413 -37.10 -79.93 121.82
N LYS W 414 -37.31 -79.06 122.81
CA LYS W 414 -38.64 -78.89 123.39
C LYS W 414 -39.38 -77.71 122.80
N SER W 415 -38.70 -76.92 121.97
CA SER W 415 -39.25 -75.66 121.46
C SER W 415 -40.46 -75.84 120.54
N SER W 416 -41.35 -74.86 120.62
CA SER W 416 -42.53 -74.80 119.76
C SER W 416 -42.94 -73.33 119.58
N GLY W 417 -43.92 -73.08 118.70
CA GLY W 417 -44.43 -71.73 118.51
C GLY W 417 -43.64 -70.91 117.51
N SER W 418 -43.79 -69.59 117.62
CA SER W 418 -43.37 -68.66 116.58
C SER W 418 -43.16 -67.23 117.05
N VAL W 419 -42.32 -66.52 116.31
CA VAL W 419 -42.32 -65.06 116.28
C VAL W 419 -43.14 -64.69 115.04
N THR W 420 -44.31 -64.08 115.25
CA THR W 420 -45.18 -63.70 114.13
C THR W 420 -45.18 -62.20 113.90
N ILE W 421 -45.01 -61.78 112.64
CA ILE W 421 -45.06 -60.37 112.32
C ILE W 421 -46.39 -60.09 111.65
N THR W 422 -47.29 -59.43 112.37
CA THR W 422 -48.56 -59.02 111.79
C THR W 422 -48.39 -57.71 111.00
N LYS W 423 -48.79 -57.72 109.73
CA LYS W 423 -48.72 -56.52 108.89
C LYS W 423 -50.10 -56.19 108.37
N LEU W 424 -50.63 -55.04 108.77
CA LEU W 424 -51.97 -54.61 108.35
C LEU W 424 -51.89 -53.27 107.65
N VAL W 425 -53.01 -52.88 107.05
CA VAL W 425 -53.22 -51.50 106.67
C VAL W 425 -54.49 -51.03 107.36
N GLY W 426 -54.33 -50.07 108.27
CA GLY W 426 -55.45 -49.62 109.08
C GLY W 426 -55.09 -49.80 110.53
N ASP W 427 -55.86 -50.64 111.21
CA ASP W 427 -55.61 -50.97 112.61
C ASP W 427 -56.05 -52.38 112.91
N LYS W 428 -55.80 -52.83 114.14
CA LYS W 428 -56.10 -54.21 114.50
C LYS W 428 -57.60 -54.48 114.25
N ALA W 429 -58.44 -53.47 114.43
CA ALA W 429 -59.88 -53.68 114.40
C ALA W 429 -60.52 -53.78 113.02
N MET W 430 -60.09 -52.94 112.08
CA MET W 430 -60.76 -52.83 110.78
C MET W 430 -59.79 -52.90 109.60
N GLY W 431 -58.56 -53.30 109.88
CA GLY W 431 -57.50 -53.28 108.89
C GLY W 431 -57.53 -54.33 107.80
N LEU W 432 -56.73 -54.11 106.77
CA LEU W 432 -56.58 -55.03 105.66
C LEU W 432 -55.30 -55.81 105.90
N ASP W 433 -55.24 -57.03 105.35
CA ASP W 433 -54.10 -57.91 105.60
C ASP W 433 -52.99 -57.81 104.59
N GLY W 434 -51.80 -57.45 105.06
CA GLY W 434 -50.63 -57.31 104.21
C GLY W 434 -49.71 -58.51 104.27
N PRO W 435 -48.41 -58.28 104.14
CA PRO W 435 -47.39 -59.33 104.18
C PRO W 435 -47.04 -59.75 105.60
N SER W 436 -48.05 -60.16 106.35
CA SER W 436 -47.86 -60.78 107.68
C SER W 436 -47.06 -62.05 107.47
N HIS W 437 -46.42 -62.51 108.53
CA HIS W 437 -45.31 -63.42 108.33
C HIS W 437 -45.13 -64.24 109.61
N VAL W 438 -45.11 -65.56 109.46
CA VAL W 438 -44.96 -66.48 110.60
C VAL W 438 -43.59 -67.13 110.61
N PHE W 439 -42.76 -66.74 111.57
CA PHE W 439 -41.44 -67.35 111.70
C PHE W 439 -41.53 -68.43 112.79
N ALA W 440 -41.43 -69.71 112.39
CA ALA W 440 -41.35 -70.77 113.39
C ALA W 440 -40.21 -70.42 114.33
N ILE W 441 -40.41 -70.61 115.63
CA ILE W 441 -39.39 -70.20 116.61
C ILE W 441 -38.01 -70.78 116.33
N GLN W 442 -37.96 -71.96 115.70
CA GLN W 442 -36.70 -72.62 115.37
C GLN W 442 -35.90 -71.91 114.29
N LYS W 443 -36.51 -71.02 113.50
CA LYS W 443 -35.76 -70.22 112.53
C LYS W 443 -34.71 -69.36 113.23
N LEU W 444 -35.07 -68.87 114.41
CA LEU W 444 -34.15 -68.11 115.24
C LEU W 444 -33.78 -66.73 114.68
N GLU W 445 -34.38 -66.38 113.55
CA GLU W 445 -34.24 -65.06 112.95
C GLU W 445 -35.27 -64.82 111.85
N GLY W 446 -35.51 -63.55 111.55
CA GLY W 446 -36.44 -63.18 110.50
C GLY W 446 -36.26 -61.74 110.07
N THR W 447 -36.79 -61.40 108.90
CA THR W 447 -36.67 -60.02 108.39
C THR W 447 -38.01 -59.45 107.96
N THR W 448 -38.12 -58.13 107.99
CA THR W 448 -39.33 -57.45 107.53
C THR W 448 -39.03 -55.97 107.27
N GLU W 449 -39.92 -55.30 106.54
CA GLU W 449 -39.81 -53.86 106.36
C GLU W 449 -40.81 -53.19 107.28
N LEU W 450 -40.52 -51.95 107.67
CA LEU W 450 -41.49 -51.16 108.42
C LEU W 450 -41.62 -49.77 107.81
N LEU W 451 -42.86 -49.40 107.44
CA LEU W 451 -43.09 -48.04 106.98
C LEU W 451 -43.23 -47.12 108.18
N VAL W 452 -42.30 -46.17 108.31
CA VAL W 452 -42.42 -45.13 109.32
C VAL W 452 -42.99 -43.88 108.66
N GLY W 453 -44.30 -43.70 108.81
CA GLY W 453 -45.01 -42.64 108.11
C GLY W 453 -46.49 -42.94 108.10
N ASN W 454 -47.24 -42.25 107.24
CA ASN W 454 -48.70 -42.36 107.21
C ASN W 454 -49.26 -41.59 106.01
N PHE W 455 -50.58 -41.64 105.83
CA PHE W 455 -51.20 -41.00 104.68
C PHE W 455 -50.82 -39.52 104.54
N ALA W 456 -50.59 -38.83 105.65
CA ALA W 456 -50.24 -37.41 105.59
C ALA W 456 -48.82 -37.17 105.10
N GLY W 457 -47.92 -38.10 105.40
CA GLY W 457 -46.57 -38.06 104.85
C GLY W 457 -45.40 -38.12 105.82
N ALA W 458 -45.67 -37.96 107.10
CA ALA W 458 -44.61 -37.87 108.11
C ALA W 458 -45.15 -38.10 109.52
N ASN W 459 -44.29 -38.53 110.43
CA ASN W 459 -44.68 -38.75 111.82
C ASN W 459 -44.09 -37.70 112.72
N PRO W 460 -44.88 -37.21 113.68
CA PRO W 460 -44.37 -36.38 114.76
C PRO W 460 -43.64 -37.28 115.76
N ASN W 461 -42.86 -36.70 116.67
CA ASN W 461 -42.15 -37.52 117.63
C ASN W 461 -42.97 -37.68 118.89
N THR W 462 -44.27 -37.93 118.70
CA THR W 462 -45.19 -38.14 119.79
C THR W 462 -46.15 -39.24 119.37
N ARG W 463 -47.11 -39.57 120.23
CA ARG W 463 -48.20 -40.46 119.82
C ARG W 463 -49.15 -39.62 118.95
N PHE W 464 -49.69 -40.24 117.91
CA PHE W 464 -50.62 -39.60 116.99
C PHE W 464 -51.48 -40.71 116.41
N SER W 465 -52.59 -40.36 115.79
CA SER W 465 -53.43 -41.37 115.15
C SER W 465 -53.75 -40.97 113.72
N LEU W 466 -52.96 -41.47 112.78
CA LEU W 466 -53.20 -41.19 111.36
C LEU W 466 -53.12 -42.46 110.53
N TYR W 467 -54.19 -42.74 109.79
CA TYR W 467 -54.28 -43.93 108.94
C TYR W 467 -52.96 -44.28 108.23
N SER W 468 -52.50 -45.51 108.41
CA SER W 468 -51.26 -45.93 107.79
C SER W 468 -51.16 -47.45 107.84
N ARG W 469 -50.03 -47.98 107.37
CA ARG W 469 -49.75 -49.39 107.59
C ARG W 469 -49.52 -49.62 109.08
N TRP W 470 -49.66 -50.86 109.52
CA TRP W 470 -49.67 -51.16 110.94
C TRP W 470 -48.93 -52.47 111.19
N MET W 471 -47.97 -52.46 112.11
CA MET W 471 -47.18 -53.65 112.40
C MET W 471 -47.24 -54.06 113.87
N ALA W 472 -47.17 -55.37 114.11
CA ALA W 472 -47.08 -55.88 115.48
C ALA W 472 -46.25 -57.15 115.51
N ILE W 473 -45.52 -57.37 116.61
CA ILE W 473 -44.81 -58.62 116.83
C ILE W 473 -45.62 -59.45 117.83
N LYS W 474 -45.92 -60.70 117.47
CA LYS W 474 -46.73 -61.58 118.32
C LYS W 474 -45.94 -62.81 118.75
N LEU W 475 -45.70 -62.91 120.05
CA LEU W 475 -45.09 -64.09 120.66
C LEU W 475 -46.16 -65.02 121.28
N ASP W 476 -46.07 -66.33 121.02
CA ASP W 476 -47.01 -67.27 121.64
C ASP W 476 -46.31 -68.18 122.68
N GLN W 477 -44.98 -68.19 122.65
CA GLN W 477 -44.17 -69.00 123.55
C GLN W 477 -43.02 -68.16 124.10
N ALA W 478 -43.35 -66.93 124.51
CA ALA W 478 -42.35 -65.93 124.83
C ALA W 478 -41.41 -66.35 125.96
N LYS W 479 -41.89 -67.18 126.86
CA LYS W 479 -41.06 -67.63 127.98
C LYS W 479 -39.93 -68.53 127.48
N SER W 480 -40.09 -69.08 126.27
CA SER W 480 -39.04 -69.89 125.65
C SER W 480 -37.97 -69.05 124.93
N ILE W 481 -38.10 -67.73 124.99
CA ILE W 481 -37.13 -66.83 124.36
C ILE W 481 -36.28 -66.10 125.37
N LYS W 482 -34.96 -66.21 125.25
CA LYS W 482 -34.10 -65.53 126.21
C LYS W 482 -33.98 -64.06 125.85
N VAL W 483 -33.93 -63.79 124.54
CA VAL W 483 -33.88 -62.43 124.03
C VAL W 483 -34.39 -62.32 122.58
N LEU W 484 -35.21 -61.29 122.35
CA LEU W 484 -35.63 -60.95 121.00
C LEU W 484 -35.02 -59.60 120.66
N ARG W 485 -34.10 -59.59 119.71
CA ARG W 485 -33.42 -58.36 119.34
C ARG W 485 -33.95 -57.86 118.01
N VAL W 486 -34.24 -56.55 117.95
CA VAL W 486 -34.69 -55.94 116.70
C VAL W 486 -33.70 -54.91 116.19
N LEU W 487 -33.06 -55.21 115.06
CA LEU W 487 -32.16 -54.25 114.40
C LEU W 487 -32.86 -53.59 113.24
N CYS W 488 -32.49 -52.35 112.95
CA CYS W 488 -33.04 -51.66 111.79
C CYS W 488 -31.94 -50.98 110.97
N LYS W 489 -32.25 -50.75 109.69
CA LYS W 489 -31.35 -50.11 108.75
C LYS W 489 -32.20 -49.24 107.82
N PRO W 490 -32.12 -47.92 107.99
CA PRO W 490 -32.97 -47.02 107.21
C PRO W 490 -32.65 -47.11 105.73
N ARG W 491 -33.68 -47.27 104.91
CA ARG W 491 -33.52 -47.19 103.47
C ARG W 491 -33.20 -45.78 103.06
N PRO W 492 -32.42 -45.63 101.99
CA PRO W 492 -31.96 -44.34 101.52
C PRO W 492 -33.12 -43.37 101.36
N GLY W 493 -32.92 -42.14 101.79
CA GLY W 493 -33.97 -41.15 101.69
C GLY W 493 -34.85 -41.02 102.93
N PHE W 494 -34.40 -41.59 104.04
CA PHE W 494 -35.12 -41.37 105.29
C PHE W 494 -34.99 -39.90 105.68
N SER W 495 -36.14 -39.24 105.83
CA SER W 495 -36.16 -37.78 105.91
C SER W 495 -36.59 -37.19 107.25
N PHE W 496 -35.94 -36.09 107.60
CA PHE W 496 -36.25 -35.35 108.82
C PHE W 496 -36.65 -33.92 108.50
N TYR W 497 -37.65 -33.42 109.21
CA TYR W 497 -38.17 -32.09 108.98
C TYR W 497 -38.15 -31.26 110.26
N GLY W 498 -37.63 -30.03 110.15
CA GLY W 498 -37.62 -29.08 111.25
C GLY W 498 -36.73 -29.40 112.45
N ARG W 499 -35.48 -28.94 112.39
CA ARG W 499 -34.56 -29.22 113.48
C ARG W 499 -35.05 -28.62 114.80
N THR W 500 -34.92 -29.40 115.87
CA THR W 500 -35.32 -28.96 117.21
C THR W 500 -34.51 -29.71 118.27
N SER W 501 -35.00 -29.72 119.51
CA SER W 501 -34.28 -30.42 120.56
C SER W 501 -35.19 -31.30 121.39
N PHE W 502 -34.61 -32.05 122.31
CA PHE W 502 -35.33 -33.04 123.08
C PHE W 502 -34.75 -33.25 124.47
N PRO W 503 -35.27 -32.52 125.45
CA PRO W 503 -34.82 -32.68 126.84
C PRO W 503 -35.46 -33.91 127.49
N VAL W 504 -34.63 -34.69 128.18
CA VAL W 504 -35.09 -35.81 129.01
C VAL W 504 -34.36 -35.81 130.36
N GLY X 1 -78.40 -53.17 63.18
CA GLY X 1 -79.86 -53.16 63.16
C GLY X 1 -80.49 -53.53 64.49
N LEU X 2 -81.80 -53.40 64.57
CA LEU X 2 -82.50 -53.76 65.80
C LEU X 2 -82.31 -55.27 66.04
N ALA X 3 -81.81 -55.58 67.23
CA ALA X 3 -81.39 -56.95 67.52
C ALA X 3 -82.34 -57.62 68.50
N GLY X 4 -82.91 -56.81 69.40
CA GLY X 4 -83.83 -57.30 70.41
C GLY X 4 -84.56 -56.16 71.09
N ARG X 5 -85.60 -56.50 71.84
CA ARG X 5 -86.41 -55.48 72.49
C ARG X 5 -87.13 -56.01 73.71
N GLY X 6 -87.67 -55.09 74.49
CA GLY X 6 -88.33 -55.43 75.74
C GLY X 6 -89.11 -54.23 76.25
N VAL X 7 -89.89 -54.46 77.29
CA VAL X 7 -90.76 -53.42 77.80
C VAL X 7 -90.63 -53.30 79.31
N ILE X 8 -90.49 -52.06 79.80
CA ILE X 8 -90.52 -51.80 81.24
C ILE X 8 -91.85 -51.13 81.61
N TYR X 9 -92.54 -51.62 82.65
CA TYR X 9 -93.80 -50.95 83.07
C TYR X 9 -93.58 -50.00 84.21
N ILE X 10 -94.08 -48.79 84.01
CA ILE X 10 -93.92 -47.73 85.00
C ILE X 10 -95.27 -47.46 85.64
N PRO X 11 -95.34 -47.58 86.96
CA PRO X 11 -96.51 -47.25 87.78
C PRO X 11 -96.83 -45.76 87.75
N LYS X 12 -98.10 -45.41 87.87
CA LYS X 12 -98.46 -44.01 87.90
C LYS X 12 -97.78 -43.33 89.09
N ASP X 13 -97.55 -44.09 90.16
CA ASP X 13 -96.79 -43.54 91.26
C ASP X 13 -95.41 -44.17 91.36
N CYS X 14 -94.47 -43.55 90.65
CA CYS X 14 -93.12 -44.08 90.59
C CYS X 14 -92.23 -43.42 91.64
N GLN X 15 -92.19 -44.04 92.83
CA GLN X 15 -91.44 -43.55 93.98
C GLN X 15 -89.95 -43.91 93.96
N ALA X 16 -89.18 -43.18 94.75
CA ALA X 16 -87.76 -43.48 94.89
C ALA X 16 -87.59 -44.90 95.38
N ASN X 17 -86.89 -45.69 94.57
CA ASN X 17 -86.43 -47.04 94.89
C ASN X 17 -87.31 -48.14 94.41
N ARG X 18 -88.39 -47.80 93.69
CA ARG X 18 -89.22 -48.85 93.14
C ARG X 18 -88.36 -49.64 92.19
N TYR X 19 -88.53 -50.95 92.20
CA TYR X 19 -87.92 -51.79 91.19
C TYR X 19 -88.90 -51.90 90.03
N LEU X 20 -88.43 -51.65 88.80
CA LEU X 20 -89.30 -51.57 87.64
C LEU X 20 -89.30 -52.83 86.79
N GLY X 21 -88.19 -53.56 86.86
CA GLY X 21 -88.09 -54.82 86.14
C GLY X 21 -86.69 -55.12 85.68
N THR X 22 -86.49 -56.35 85.22
CA THR X 22 -85.21 -56.75 84.67
C THR X 22 -85.41 -57.33 83.29
N LEU X 23 -84.57 -56.93 82.35
CA LEU X 23 -84.59 -57.53 81.02
C LEU X 23 -83.39 -58.41 80.90
N ASN X 24 -83.58 -59.57 80.30
CA ASN X 24 -82.49 -60.49 80.10
C ASN X 24 -81.94 -60.27 78.69
N ILE X 25 -80.70 -59.79 78.57
CA ILE X 25 -80.16 -59.37 77.28
C ILE X 25 -80.23 -60.47 76.24
N ARG X 26 -79.93 -61.70 76.64
CA ARG X 26 -79.92 -62.76 75.64
C ARG X 26 -81.35 -63.17 75.22
N ASP X 27 -82.28 -63.14 76.17
CA ASP X 27 -83.70 -63.35 75.87
C ASP X 27 -84.30 -62.25 74.97
N MET X 28 -83.90 -61.00 75.17
CA MET X 28 -84.34 -59.91 74.27
C MET X 28 -83.99 -60.22 72.82
N ILE X 29 -82.80 -60.77 72.60
CA ILE X 29 -82.36 -61.06 71.24
C ILE X 29 -83.00 -62.33 70.70
N SER X 30 -83.17 -63.33 71.55
CA SER X 30 -83.72 -64.61 71.11
C SER X 30 -85.25 -64.61 70.96
N ASP X 31 -85.95 -63.82 71.78
CA ASP X 31 -87.42 -63.75 71.67
C ASP X 31 -87.81 -62.97 70.42
N PHE X 32 -86.94 -62.04 70.03
CA PHE X 32 -87.15 -61.20 68.86
C PHE X 32 -86.92 -62.04 67.60
N LYS X 33 -85.70 -62.54 67.42
CA LYS X 33 -85.49 -63.69 66.57
C LYS X 33 -85.82 -63.51 65.07
N GLY X 34 -85.48 -62.39 64.44
CA GLY X 34 -84.33 -61.57 64.76
C GLY X 34 -83.37 -61.85 63.59
N VAL X 35 -83.08 -60.88 62.73
CA VAL X 35 -82.03 -61.09 61.72
C VAL X 35 -80.69 -61.26 62.42
N GLN X 36 -80.49 -60.49 63.50
CA GLN X 36 -79.25 -60.58 64.26
C GLN X 36 -79.18 -61.88 65.02
N TYR X 37 -80.31 -62.31 65.61
CA TYR X 37 -80.33 -63.60 66.30
C TYR X 37 -79.89 -64.74 65.38
N GLU X 38 -80.41 -64.74 64.17
CA GLU X 38 -80.05 -65.77 63.23
C GLU X 38 -78.57 -65.69 62.78
N LYS X 39 -78.02 -64.48 62.66
CA LYS X 39 -76.59 -64.35 62.36
C LYS X 39 -75.75 -64.92 63.51
N TRP X 40 -76.32 -64.84 64.72
CA TRP X 40 -75.66 -65.27 65.94
C TRP X 40 -75.52 -66.79 65.97
N ILE X 41 -76.61 -67.49 65.66
CA ILE X 41 -76.56 -68.95 65.59
C ILE X 41 -75.42 -69.46 64.72
N THR X 42 -75.13 -68.76 63.63
CA THR X 42 -74.07 -69.17 62.72
C THR X 42 -72.69 -68.83 63.24
N ALA X 43 -72.60 -67.68 63.92
CA ALA X 43 -71.33 -67.24 64.45
C ALA X 43 -70.92 -68.13 65.62
N GLY X 44 -71.92 -68.57 66.39
CA GLY X 44 -71.65 -69.31 67.61
C GLY X 44 -71.32 -68.35 68.74
N LEU X 45 -70.18 -67.67 68.63
CA LEU X 45 -69.76 -66.69 69.62
C LEU X 45 -69.85 -65.26 69.13
N VAL X 46 -70.43 -64.36 69.92
CA VAL X 46 -70.43 -62.94 69.58
C VAL X 46 -69.88 -62.06 70.73
N MET X 47 -69.15 -60.98 70.38
CA MET X 47 -68.67 -59.99 71.36
C MET X 47 -69.19 -58.61 71.03
N PRO X 48 -70.52 -58.43 71.08
CA PRO X 48 -71.17 -57.29 70.44
C PRO X 48 -70.72 -55.94 70.98
N THR X 49 -70.86 -54.91 70.16
CA THR X 49 -70.99 -53.56 70.68
C THR X 49 -72.45 -53.16 70.53
N PHE X 50 -73.15 -53.11 71.65
CA PHE X 50 -74.56 -52.74 71.66
C PHE X 50 -74.78 -51.22 71.73
N LYS X 51 -75.80 -50.74 71.04
CA LYS X 51 -76.38 -49.45 71.33
C LYS X 51 -77.69 -49.79 72.02
N ILE X 52 -77.83 -49.35 73.26
CA ILE X 52 -79.08 -49.50 73.97
C ILE X 52 -79.85 -48.20 73.85
N VAL X 53 -81.12 -48.32 73.52
CA VAL X 53 -82.00 -47.17 73.39
C VAL X 53 -83.24 -47.38 74.22
N ILE X 54 -83.52 -46.46 75.13
CA ILE X 54 -84.75 -46.51 75.90
C ILE X 54 -85.72 -45.43 75.42
N ARG X 55 -86.85 -45.86 74.88
CA ARG X 55 -87.84 -44.93 74.35
C ARG X 55 -88.89 -44.64 75.39
N LEU X 56 -89.19 -43.36 75.49
CA LEU X 56 -89.47 -42.73 76.76
C LEU X 56 -89.97 -41.34 76.39
N PRO X 57 -91.21 -41.01 76.77
CA PRO X 57 -91.73 -39.68 76.42
C PRO X 57 -91.10 -38.59 77.31
N ALA X 58 -90.43 -37.64 76.68
CA ALA X 58 -89.77 -36.58 77.44
C ALA X 58 -90.78 -35.76 78.22
N ASN X 59 -90.45 -35.46 79.47
CA ASN X 59 -91.34 -34.66 80.30
C ASN X 59 -90.60 -33.88 81.39
N ALA X 60 -90.78 -32.56 81.40
CA ALA X 60 -90.06 -31.76 82.38
C ALA X 60 -90.84 -31.52 83.67
N PHE X 61 -92.00 -32.17 83.81
CA PHE X 61 -92.88 -31.85 84.92
C PHE X 61 -93.03 -32.95 85.96
N THR X 62 -92.08 -33.89 86.00
CA THR X 62 -92.23 -35.02 86.90
C THR X 62 -91.12 -35.10 87.93
N GLY X 63 -89.89 -34.80 87.51
CA GLY X 63 -88.74 -34.96 88.40
C GLY X 63 -88.15 -36.37 88.41
N LEU X 64 -88.76 -37.27 87.62
CA LEU X 64 -88.37 -38.67 87.54
C LEU X 64 -86.96 -38.87 86.99
N THR X 65 -86.16 -39.65 87.70
CA THR X 65 -84.88 -40.11 87.20
C THR X 65 -84.74 -41.60 87.45
N TRP X 66 -84.34 -42.35 86.44
CA TRP X 66 -84.22 -43.81 86.56
C TRP X 66 -82.78 -44.20 86.40
N VAL X 67 -82.47 -45.42 86.81
CA VAL X 67 -81.12 -45.97 86.60
C VAL X 67 -81.19 -47.29 85.84
N MET X 68 -80.50 -47.36 84.70
CA MET X 68 -80.30 -48.64 84.04
C MET X 68 -78.98 -49.20 84.54
N SER X 69 -79.01 -50.42 85.09
CA SER X 69 -77.81 -51.03 85.65
C SER X 69 -77.45 -52.25 84.83
N PHE X 70 -76.24 -52.28 84.29
CA PHE X 70 -75.75 -53.41 83.50
C PHE X 70 -75.10 -54.43 84.43
N ASP X 71 -75.81 -55.52 84.66
CA ASP X 71 -75.40 -56.56 85.61
C ASP X 71 -75.05 -57.83 84.86
N ALA X 72 -73.88 -57.87 84.23
CA ALA X 72 -73.57 -58.98 83.33
C ALA X 72 -73.40 -60.30 84.08
N TYR X 73 -73.11 -60.21 85.37
CA TYR X 73 -72.83 -61.42 86.14
C TYR X 73 -73.86 -61.72 87.22
N ASN X 74 -75.01 -61.06 87.12
CA ASN X 74 -76.15 -61.34 87.97
C ASN X 74 -75.82 -61.24 89.45
N ARG X 75 -75.10 -60.19 89.82
CA ARG X 75 -74.63 -60.04 91.21
C ARG X 75 -75.62 -59.30 92.10
N ILE X 76 -76.39 -58.35 91.54
CA ILE X 76 -77.34 -57.61 92.38
C ILE X 76 -78.84 -57.95 92.24
N THR X 77 -79.19 -58.81 91.30
CA THR X 77 -80.60 -59.15 91.04
C THR X 77 -81.38 -59.63 92.27
N SER X 78 -80.86 -60.69 92.90
CA SER X 78 -81.43 -61.24 94.14
C SER X 78 -81.78 -60.20 95.20
N ARG X 79 -81.07 -59.07 95.18
CA ARG X 79 -81.17 -58.10 96.28
C ARG X 79 -81.90 -56.79 95.94
N ILE X 80 -82.38 -56.64 94.70
CA ILE X 80 -83.14 -55.44 94.34
C ILE X 80 -84.61 -55.66 94.00
N THR X 81 -85.03 -56.90 93.83
CA THR X 81 -86.37 -57.19 93.29
C THR X 81 -87.58 -56.76 94.14
N ALA X 82 -87.44 -56.67 95.46
CA ALA X 82 -88.52 -56.12 96.27
C ALA X 82 -88.37 -54.62 96.37
N SER X 83 -87.13 -54.20 96.59
CA SER X 83 -86.81 -52.78 96.63
C SER X 83 -85.35 -52.51 96.32
N ALA X 84 -85.10 -51.46 95.54
CA ALA X 84 -83.80 -51.22 94.96
C ALA X 84 -83.04 -50.09 95.63
N ASP X 85 -82.22 -50.39 96.64
CA ASP X 85 -81.41 -49.34 97.26
C ASP X 85 -80.31 -48.89 96.28
N PRO X 86 -80.17 -47.57 96.08
CA PRO X 86 -79.19 -47.02 95.14
C PRO X 86 -77.78 -47.57 95.33
N VAL X 87 -77.38 -47.92 96.55
CA VAL X 87 -76.07 -48.53 96.73
C VAL X 87 -75.88 -49.79 95.87
N TYR X 88 -76.92 -50.61 95.72
CA TYR X 88 -76.81 -51.78 94.84
C TYR X 88 -76.82 -51.36 93.38
N THR X 89 -77.80 -50.55 93.00
CA THR X 89 -77.99 -50.22 91.58
C THR X 89 -76.82 -49.42 90.97
N LEU X 90 -76.09 -48.68 91.82
CA LEU X 90 -74.96 -47.90 91.34
C LEU X 90 -73.59 -48.59 91.51
N SER X 91 -73.62 -49.83 92.01
CA SER X 91 -72.38 -50.56 92.28
C SER X 91 -71.86 -51.34 91.06
N VAL X 92 -72.66 -51.35 89.99
CA VAL X 92 -72.25 -51.97 88.73
C VAL X 92 -72.34 -50.90 87.64
N PRO X 93 -71.76 -51.16 86.45
CA PRO X 93 -71.87 -50.14 85.41
C PRO X 93 -73.33 -49.72 85.21
N HIS X 94 -73.55 -48.41 85.11
CA HIS X 94 -74.91 -47.90 85.10
C HIS X 94 -75.00 -46.53 84.42
N TRP X 95 -76.22 -46.15 84.10
CA TRP X 95 -76.50 -44.89 83.42
C TRP X 95 -77.70 -44.19 84.04
N LEU X 96 -77.60 -42.87 84.22
CA LEU X 96 -78.74 -42.09 84.68
C LEU X 96 -79.67 -41.73 83.52
N ILE X 97 -80.95 -41.98 83.71
CA ILE X 97 -81.95 -41.66 82.70
C ILE X 97 -82.87 -40.57 83.22
N HIS X 98 -82.66 -39.36 82.72
CA HIS X 98 -83.47 -38.22 83.14
C HIS X 98 -84.73 -38.05 82.30
N HIS X 99 -85.86 -37.93 82.98
CA HIS X 99 -87.14 -37.85 82.29
C HIS X 99 -87.20 -36.62 81.43
N LYS X 100 -86.54 -35.56 81.87
CA LYS X 100 -86.59 -34.31 81.11
C LYS X 100 -85.92 -34.45 79.73
N LEU X 101 -85.01 -35.40 79.58
CA LEU X 101 -84.27 -35.56 78.32
C LEU X 101 -84.91 -36.53 77.34
N GLY X 102 -85.99 -37.17 77.77
CA GLY X 102 -86.67 -38.13 76.93
C GLY X 102 -85.85 -39.34 76.55
N THR X 103 -86.00 -39.75 75.30
CA THR X 103 -85.39 -40.97 74.82
C THR X 103 -83.89 -40.98 75.09
N PHE X 104 -83.43 -42.09 75.62
CA PHE X 104 -82.06 -42.26 76.11
C PHE X 104 -81.29 -43.28 75.28
N SER X 105 -79.99 -43.05 75.14
CA SER X 105 -79.15 -43.97 74.39
C SER X 105 -77.73 -44.05 74.98
N CYS X 106 -77.12 -45.24 74.90
CA CYS X 106 -75.72 -45.39 75.30
C CYS X 106 -75.07 -46.58 74.58
N GLU X 107 -73.76 -46.66 74.64
CA GLU X 107 -73.05 -47.80 74.07
C GLU X 107 -72.50 -48.73 75.12
N ILE X 108 -72.64 -50.02 74.88
CA ILE X 108 -72.06 -51.02 75.74
C ILE X 108 -71.09 -51.85 74.92
N ASP X 109 -69.79 -51.69 75.16
CA ASP X 109 -68.80 -52.55 74.53
C ASP X 109 -68.74 -53.80 75.36
N TYR X 110 -69.39 -54.86 74.90
CA TYR X 110 -69.55 -56.07 75.69
C TYR X 110 -68.19 -56.67 75.98
N GLY X 111 -67.22 -56.39 75.11
CA GLY X 111 -65.85 -56.78 75.36
C GLY X 111 -65.23 -56.22 76.62
N GLU X 112 -65.50 -54.95 76.90
CA GLU X 112 -65.03 -54.30 78.12
C GLU X 112 -65.93 -54.54 79.34
N LEU X 113 -67.19 -54.09 79.25
CA LEU X 113 -68.10 -54.18 80.39
C LEU X 113 -68.41 -55.61 80.82
N CYS X 114 -68.24 -56.56 79.92
CA CYS X 114 -68.52 -57.94 80.29
C CYS X 114 -67.30 -58.84 80.27
N GLY X 115 -66.62 -58.93 79.14
CA GLY X 115 -65.36 -59.68 79.08
C GLY X 115 -65.35 -61.06 78.43
N HIS X 116 -66.49 -61.74 78.43
CA HIS X 116 -66.56 -63.01 77.73
C HIS X 116 -67.62 -63.01 76.62
N ALA X 117 -67.36 -63.77 75.57
CA ALA X 117 -68.24 -63.81 74.42
C ALA X 117 -69.50 -64.66 74.67
N MET X 118 -70.60 -64.26 74.02
CA MET X 118 -71.88 -64.93 74.24
C MET X 118 -72.08 -66.13 73.30
N TRP X 119 -72.48 -67.25 73.89
CA TRP X 119 -72.73 -68.47 73.15
C TRP X 119 -74.21 -68.59 72.79
N PHE X 120 -74.48 -68.76 71.51
CA PHE X 120 -75.85 -68.74 71.02
C PHE X 120 -76.82 -69.68 71.73
N LYS X 121 -76.37 -70.85 72.15
CA LYS X 121 -77.31 -71.88 72.60
C LYS X 121 -77.63 -71.88 74.10
N SER X 122 -76.75 -71.29 74.90
CA SER X 122 -76.95 -71.28 76.34
C SER X 122 -76.04 -70.30 77.03
N THR X 123 -76.43 -69.92 78.24
CA THR X 123 -75.61 -69.06 79.06
C THR X 123 -74.32 -69.81 79.43
N THR X 124 -73.17 -69.14 79.32
CA THR X 124 -71.90 -69.76 79.70
C THR X 124 -71.68 -69.66 81.22
N PHE X 125 -71.51 -68.44 81.72
CA PHE X 125 -71.32 -68.29 83.16
C PHE X 125 -72.62 -67.92 83.83
N GLU X 126 -72.91 -66.64 83.90
CA GLU X 126 -74.25 -66.26 84.30
C GLU X 126 -74.90 -65.49 83.17
N SER X 127 -76.22 -65.33 83.26
CA SER X 127 -77.02 -64.66 82.24
C SER X 127 -77.09 -63.14 82.43
N PRO X 128 -76.58 -62.37 81.45
CA PRO X 128 -76.45 -60.91 81.51
C PRO X 128 -77.81 -60.17 81.59
N ARG X 129 -77.96 -59.28 82.58
CA ARG X 129 -79.22 -58.58 82.79
C ARG X 129 -79.11 -57.07 82.70
N LEU X 130 -80.21 -56.42 82.34
CA LEU X 130 -80.36 -54.99 82.50
C LEU X 130 -81.43 -54.75 83.56
N HIS X 131 -81.08 -54.04 84.64
CA HIS X 131 -82.07 -53.70 85.66
C HIS X 131 -82.54 -52.25 85.53
N PHE X 132 -83.83 -52.05 85.71
CA PHE X 132 -84.39 -50.70 85.69
C PHE X 132 -85.02 -50.32 86.99
N THR X 133 -84.46 -49.30 87.60
CA THR X 133 -84.90 -48.87 88.92
C THR X 133 -85.13 -47.38 88.92
N CYS X 134 -85.93 -46.90 89.87
CA CYS X 134 -86.19 -45.48 89.99
C CYS X 134 -85.29 -44.82 91.05
N LEU X 135 -84.46 -43.87 90.62
CA LEU X 135 -83.49 -43.25 91.52
C LEU X 135 -84.10 -42.13 92.33
N THR X 136 -84.79 -41.23 91.63
CA THR X 136 -85.57 -40.14 92.25
C THR X 136 -87.01 -40.23 91.76
N GLY X 137 -87.95 -40.14 92.69
CA GLY X 137 -89.36 -40.34 92.36
C GLY X 137 -90.02 -39.14 91.73
N ASN X 138 -91.24 -39.34 91.23
CA ASN X 138 -92.03 -38.24 90.68
C ASN X 138 -92.53 -37.34 91.81
N ASN X 139 -92.74 -36.07 91.53
CA ASN X 139 -93.10 -35.11 92.55
C ASN X 139 -94.52 -35.35 93.08
N LYS X 140 -95.35 -35.92 92.20
CA LYS X 140 -96.72 -36.30 92.49
C LYS X 140 -97.00 -37.39 91.47
N GLU X 141 -97.96 -38.26 91.75
CA GLU X 141 -98.19 -39.36 90.82
C GLU X 141 -98.64 -38.80 89.47
N LEU X 142 -98.44 -39.58 88.42
CA LEU X 142 -98.89 -39.19 87.09
C LEU X 142 -100.36 -39.59 86.89
N ALA X 143 -100.86 -39.38 85.69
CA ALA X 143 -102.28 -39.60 85.44
C ALA X 143 -102.62 -41.09 85.37
N ALA X 144 -101.70 -41.90 84.83
CA ALA X 144 -101.94 -43.32 84.65
C ALA X 144 -100.67 -44.12 84.51
N ASP X 145 -100.77 -45.45 84.64
CA ASP X 145 -99.65 -46.35 84.39
C ASP X 145 -99.22 -46.18 82.94
N TRP X 146 -97.93 -46.39 82.69
CA TRP X 146 -97.40 -46.32 81.32
C TRP X 146 -96.25 -47.31 81.12
N GLN X 147 -95.63 -47.26 79.96
CA GLN X 147 -94.49 -48.13 79.69
C GLN X 147 -93.40 -47.43 78.89
N ALA X 148 -92.18 -47.95 79.01
CA ALA X 148 -91.05 -47.53 78.18
C ALA X 148 -90.55 -48.73 77.39
N VAL X 149 -89.96 -48.48 76.23
CA VAL X 149 -89.47 -49.57 75.39
C VAL X 149 -87.95 -49.57 75.38
N VAL X 150 -87.36 -50.74 75.60
CA VAL X 150 -85.91 -50.89 75.56
C VAL X 150 -85.50 -51.61 74.29
N GLU X 151 -84.54 -51.06 73.56
CA GLU X 151 -84.12 -51.68 72.31
C GLU X 151 -82.60 -51.91 72.24
N LEU X 152 -82.19 -53.06 71.72
CA LEU X 152 -80.78 -53.39 71.50
C LEU X 152 -80.47 -53.31 70.03
N TYR X 153 -79.52 -52.46 69.66
CA TYR X 153 -79.06 -52.37 68.27
C TYR X 153 -77.64 -52.90 68.21
N ALA X 154 -77.36 -53.73 67.21
CA ALA X 154 -76.04 -54.32 67.09
C ALA X 154 -75.87 -54.91 65.71
N GLU X 155 -74.64 -54.98 65.23
CA GLU X 155 -74.33 -55.76 64.04
C GLU X 155 -73.45 -56.94 64.45
N LEU X 156 -74.10 -58.03 64.83
CA LEU X 156 -73.39 -59.20 65.35
C LEU X 156 -72.47 -59.84 64.31
N GLU X 157 -71.22 -60.01 64.70
CA GLU X 157 -70.29 -60.80 63.90
C GLU X 157 -69.56 -61.84 64.75
N GLU X 158 -69.06 -62.90 64.11
CA GLU X 158 -68.42 -63.98 64.83
C GLU X 158 -67.23 -63.48 65.65
N ALA X 159 -67.20 -63.92 66.91
CA ALA X 159 -66.12 -63.57 67.82
C ALA X 159 -64.89 -64.45 67.58
N THR X 160 -63.73 -63.82 67.54
CA THR X 160 -62.48 -64.51 67.24
C THR X 160 -61.89 -65.20 68.49
N SER X 161 -62.11 -64.61 69.67
CA SER X 161 -61.58 -65.12 70.94
C SER X 161 -62.67 -65.25 71.98
N PHE X 162 -62.44 -66.07 73.00
CA PHE X 162 -63.44 -66.20 74.07
C PHE X 162 -63.40 -65.00 75.01
N LEU X 163 -62.19 -64.49 75.25
CA LEU X 163 -62.00 -63.43 76.23
C LEU X 163 -61.87 -62.07 75.57
N GLY X 164 -62.40 -61.04 76.24
CA GLY X 164 -62.23 -59.66 75.83
C GLY X 164 -60.84 -59.16 76.17
N LYS X 165 -60.70 -57.84 76.26
CA LYS X 165 -59.46 -57.24 76.75
C LYS X 165 -59.75 -56.96 78.20
N PRO X 166 -58.75 -57.18 79.08
CA PRO X 166 -58.98 -57.01 80.52
C PRO X 166 -59.25 -55.56 80.91
N THR X 167 -60.33 -55.36 81.67
CA THR X 167 -60.69 -54.06 82.22
C THR X 167 -59.61 -53.55 83.16
N LEU X 168 -58.96 -54.48 83.87
CA LEU X 168 -57.99 -54.11 84.92
C LEU X 168 -56.84 -55.11 85.05
N VAL X 169 -55.62 -54.62 85.23
CA VAL X 169 -54.51 -55.52 85.49
C VAL X 169 -53.89 -55.18 86.84
N PHE X 170 -53.76 -56.18 87.71
CA PHE X 170 -53.33 -55.94 89.08
C PHE X 170 -51.96 -55.26 89.21
N ASP X 171 -51.96 -54.16 89.96
CA ASP X 171 -50.77 -53.37 90.25
C ASP X 171 -51.07 -52.52 91.47
N PRO X 172 -50.33 -52.77 92.57
CA PRO X 172 -50.50 -52.15 93.89
C PRO X 172 -50.25 -50.67 93.81
N GLY X 173 -49.23 -50.33 93.04
CA GLY X 173 -48.73 -48.97 92.94
C GLY X 173 -49.45 -48.13 91.90
N VAL X 174 -50.61 -48.61 91.44
CA VAL X 174 -51.34 -47.90 90.40
C VAL X 174 -52.87 -47.77 90.61
N PHE X 175 -53.20 -46.57 91.07
CA PHE X 175 -54.52 -46.00 91.16
C PHE X 175 -54.30 -44.57 90.65
N ASN X 176 -54.68 -44.32 89.41
CA ASN X 176 -54.49 -43.00 88.77
C ASN X 176 -55.12 -41.84 89.54
N GLY X 177 -56.40 -41.97 89.85
CA GLY X 177 -57.16 -40.88 90.43
C GLY X 177 -58.37 -40.57 89.57
N LYS X 178 -58.47 -41.22 88.41
CA LYS X 178 -59.65 -41.16 87.56
C LYS X 178 -60.66 -42.27 87.93
N PHE X 179 -61.96 -41.99 87.90
CA PHE X 179 -62.98 -42.98 88.19
C PHE X 179 -63.93 -43.17 87.02
N GLN X 180 -64.57 -44.33 86.94
CA GLN X 180 -65.76 -44.50 86.10
C GLN X 180 -66.87 -45.07 86.96
N PHE X 181 -68.12 -44.70 86.63
CA PHE X 181 -69.30 -45.21 87.32
C PHE X 181 -69.31 -44.98 88.82
N LEU X 182 -68.78 -43.83 89.24
CA LEU X 182 -68.82 -43.46 90.65
C LEU X 182 -69.94 -42.44 90.83
N THR X 183 -71.09 -42.95 91.25
CA THR X 183 -72.28 -42.14 91.46
C THR X 183 -72.69 -42.25 92.93
N CYS X 184 -72.90 -41.11 93.57
CA CYS X 184 -73.34 -41.09 94.97
C CYS X 184 -74.85 -41.20 95.01
N PRO X 185 -75.37 -41.97 95.95
CA PRO X 185 -76.83 -42.00 96.16
C PRO X 185 -77.37 -40.58 96.34
N PRO X 186 -78.65 -40.40 95.99
CA PRO X 186 -79.28 -39.08 95.97
C PRO X 186 -79.26 -38.41 97.33
N ILE X 187 -79.01 -37.11 97.31
CA ILE X 187 -79.05 -36.26 98.47
C ILE X 187 -80.35 -35.45 98.40
N PHE X 188 -81.06 -35.28 99.51
CA PHE X 188 -82.39 -34.63 99.44
C PHE X 188 -82.49 -33.35 100.27
N PHE X 189 -83.17 -32.34 99.72
CA PHE X 189 -83.40 -31.09 100.45
C PHE X 189 -84.89 -30.86 100.65
N ASP X 190 -85.29 -30.54 101.89
CA ASP X 190 -86.69 -30.27 102.18
C ASP X 190 -87.00 -28.84 101.80
N LEU X 191 -88.21 -28.60 101.29
CA LEU X 191 -88.57 -27.23 100.97
C LEU X 191 -89.18 -26.48 102.17
N THR X 192 -89.31 -27.20 103.28
CA THR X 192 -89.78 -26.59 104.52
C THR X 192 -88.61 -26.06 105.33
N ALA X 193 -87.49 -25.86 104.67
CA ALA X 193 -86.27 -25.39 105.34
C ALA X 193 -85.61 -24.24 104.61
N VAL X 194 -85.43 -23.13 105.30
CA VAL X 194 -84.90 -21.94 104.63
C VAL X 194 -83.44 -22.10 104.17
N THR X 195 -82.64 -22.83 104.96
CA THR X 195 -81.30 -23.25 104.54
C THR X 195 -81.08 -24.68 104.99
N ALA X 196 -80.04 -25.32 104.48
CA ALA X 196 -79.76 -26.68 104.89
C ALA X 196 -78.39 -27.13 104.47
N LEU X 197 -77.89 -28.14 105.16
CA LEU X 197 -76.60 -28.73 104.80
C LEU X 197 -76.76 -30.22 104.52
N ARG X 198 -76.11 -30.69 103.47
CA ARG X 198 -75.95 -32.12 103.28
C ARG X 198 -74.50 -32.46 103.04
N SER X 199 -73.96 -33.35 103.86
CA SER X 199 -72.59 -33.81 103.69
C SER X 199 -72.46 -35.07 102.83
N ALA X 200 -71.42 -35.10 102.01
CA ALA X 200 -71.02 -36.32 101.34
C ALA X 200 -69.60 -36.64 101.79
N GLY X 201 -69.38 -37.83 102.34
CA GLY X 201 -68.07 -38.21 102.83
C GLY X 201 -67.08 -38.38 101.69
N LEU X 202 -65.82 -38.04 101.92
CA LEU X 202 -64.82 -38.17 100.88
C LEU X 202 -63.84 -39.29 101.22
N THR X 203 -64.20 -40.08 102.21
CA THR X 203 -63.41 -41.25 102.56
C THR X 203 -63.83 -42.40 101.65
N LEU X 204 -63.41 -42.30 100.39
CA LEU X 204 -63.91 -43.14 99.31
C LEU X 204 -63.53 -44.63 99.34
N GLY X 205 -62.58 -45.02 100.20
CA GLY X 205 -62.19 -46.41 100.29
C GLY X 205 -63.13 -47.23 101.20
N GLN X 206 -64.00 -46.52 101.88
CA GLN X 206 -64.96 -47.12 102.79
C GLN X 206 -65.91 -47.99 101.97
N VAL X 207 -66.21 -49.19 102.46
CA VAL X 207 -67.16 -50.04 101.75
C VAL X 207 -68.61 -49.68 102.12
N PRO X 208 -69.43 -49.41 101.11
CA PRO X 208 -70.82 -48.95 101.29
C PRO X 208 -71.66 -50.06 101.89
N MET X 209 -72.71 -49.69 102.61
CA MET X 209 -73.56 -50.70 103.21
C MET X 209 -75.05 -50.46 103.02
N VAL X 210 -75.78 -51.57 103.03
CA VAL X 210 -77.23 -51.53 102.97
C VAL X 210 -77.70 -52.39 104.11
N GLY X 211 -78.05 -51.75 105.21
CA GLY X 211 -78.34 -52.49 106.43
C GLY X 211 -77.06 -53.13 106.92
N THR X 212 -77.09 -54.45 107.10
CA THR X 212 -75.91 -55.19 107.55
C THR X 212 -75.10 -55.74 106.38
N THR X 213 -75.60 -55.54 105.18
CA THR X 213 -74.94 -56.05 103.98
C THR X 213 -73.84 -55.13 103.44
N LYS X 214 -72.62 -55.64 103.35
CA LYS X 214 -71.53 -54.89 102.73
C LYS X 214 -71.63 -55.05 101.21
N VAL X 215 -71.49 -53.94 100.48
CA VAL X 215 -71.49 -54.01 99.02
C VAL X 215 -70.10 -53.64 98.48
N TYR X 216 -69.26 -54.64 98.29
CA TYR X 216 -67.93 -54.41 97.76
C TYR X 216 -68.06 -53.96 96.32
N ASN X 217 -67.29 -52.94 95.94
CA ASN X 217 -67.31 -52.49 94.56
C ASN X 217 -65.94 -52.02 94.11
N LEU X 218 -65.74 -51.93 92.80
CA LEU X 218 -64.42 -51.64 92.28
C LEU X 218 -63.87 -50.28 92.69
N ASN X 219 -64.74 -49.26 92.71
CA ASN X 219 -64.27 -47.90 93.04
C ASN X 219 -63.70 -47.78 94.44
N SER X 220 -64.45 -48.22 95.45
CA SER X 220 -63.92 -48.21 96.82
C SER X 220 -62.67 -49.09 96.92
N THR X 221 -62.68 -50.22 96.22
CA THR X 221 -61.52 -51.10 96.19
C THR X 221 -60.29 -50.37 95.65
N LEU X 222 -60.43 -49.64 94.55
CA LEU X 222 -59.32 -48.89 93.99
C LEU X 222 -58.79 -47.87 95.00
N VAL X 223 -59.67 -47.04 95.55
CA VAL X 223 -59.23 -46.06 96.53
C VAL X 223 -58.44 -46.70 97.70
N SER X 224 -58.82 -47.91 98.09
CA SER X 224 -58.18 -48.57 99.23
C SER X 224 -56.74 -48.95 98.91
N CYS X 225 -56.38 -48.88 97.63
CA CYS X 225 -55.01 -49.17 97.17
C CYS X 225 -54.00 -48.10 97.49
N VAL X 226 -54.51 -47.05 98.13
CA VAL X 226 -53.75 -45.86 98.49
C VAL X 226 -53.99 -45.56 99.97
N LEU X 227 -53.09 -44.80 100.61
CA LEU X 227 -53.28 -44.51 102.03
C LEU X 227 -54.22 -43.33 102.25
N GLY X 228 -54.23 -42.41 101.27
CA GLY X 228 -55.08 -41.24 101.31
C GLY X 228 -54.84 -40.42 100.06
N MET X 229 -55.61 -39.34 99.93
CA MET X 229 -55.59 -38.52 98.73
C MET X 229 -55.98 -37.08 99.01
N GLY X 230 -55.36 -36.18 98.25
CA GLY X 230 -55.70 -34.77 98.30
C GLY X 230 -55.80 -34.30 96.88
N GLY X 231 -56.27 -33.06 96.70
CA GLY X 231 -56.40 -32.52 95.36
C GLY X 231 -57.76 -31.92 95.13
N THR X 232 -58.19 -31.92 93.87
CA THR X 232 -59.47 -31.34 93.54
C THR X 232 -60.42 -32.40 93.04
N VAL X 233 -61.61 -32.43 93.62
CA VAL X 233 -62.68 -33.32 93.18
C VAL X 233 -63.39 -32.72 91.97
N ARG X 234 -63.29 -33.36 90.81
CA ARG X 234 -64.03 -32.93 89.60
C ARG X 234 -65.23 -33.84 89.46
N GLY X 235 -66.42 -33.25 89.41
CA GLY X 235 -67.62 -34.04 89.27
C GLY X 235 -68.72 -33.36 88.50
N ARG X 236 -69.90 -33.99 88.48
CA ARG X 236 -71.09 -33.41 87.90
C ARG X 236 -72.22 -33.44 88.92
N VAL X 237 -73.06 -32.41 88.90
CA VAL X 237 -74.22 -32.35 89.76
C VAL X 237 -75.47 -32.37 88.91
N HIS X 238 -76.41 -33.24 89.26
CA HIS X 238 -77.70 -33.26 88.58
C HIS X 238 -78.81 -32.86 89.55
N ILE X 239 -79.61 -31.88 89.15
CA ILE X 239 -80.74 -31.49 89.94
C ILE X 239 -81.97 -32.19 89.39
N CYS X 240 -82.50 -33.14 90.15
CA CYS X 240 -83.52 -34.08 89.67
C CYS X 240 -84.91 -33.74 90.15
N ALA X 241 -85.43 -32.62 89.65
CA ALA X 241 -86.75 -32.16 90.02
C ALA X 241 -87.44 -31.51 88.81
N PRO X 242 -88.76 -31.29 88.91
CA PRO X 242 -89.52 -30.61 87.85
C PRO X 242 -89.00 -29.18 87.56
N ILE X 243 -89.20 -28.64 86.35
CA ILE X 243 -88.75 -27.28 86.01
C ILE X 243 -89.24 -26.23 86.99
N PHE X 244 -90.34 -26.52 87.69
CA PHE X 244 -90.90 -25.54 88.63
C PHE X 244 -90.32 -25.62 90.04
N TYR X 245 -89.42 -26.57 90.26
CA TYR X 245 -88.56 -26.58 91.45
C TYR X 245 -87.25 -25.90 91.12
N SER X 246 -86.63 -25.25 92.09
CA SER X 246 -85.32 -24.63 91.85
C SER X 246 -84.55 -24.38 93.13
N ILE X 247 -83.24 -24.34 93.03
CA ILE X 247 -82.41 -24.23 94.21
C ILE X 247 -81.08 -23.58 93.87
N VAL X 248 -80.42 -23.03 94.89
CA VAL X 248 -79.05 -22.52 94.74
C VAL X 248 -78.19 -23.11 95.84
N LEU X 249 -77.08 -23.72 95.44
CA LEU X 249 -76.21 -24.40 96.38
C LEU X 249 -74.84 -23.75 96.45
N TRP X 250 -74.29 -23.69 97.66
CA TRP X 250 -72.88 -23.38 97.87
C TRP X 250 -72.22 -24.71 98.15
N VAL X 251 -71.32 -25.13 97.28
CA VAL X 251 -70.64 -26.42 97.47
C VAL X 251 -69.18 -26.22 97.85
N VAL X 252 -68.80 -26.73 99.02
CA VAL X 252 -67.46 -26.51 99.53
C VAL X 252 -66.95 -27.69 100.35
N SER X 253 -65.64 -27.82 100.48
CA SER X 253 -65.05 -28.87 101.30
C SER X 253 -64.71 -28.41 102.73
N GLU X 254 -65.03 -29.25 103.71
CA GLU X 254 -64.70 -28.94 105.11
C GLU X 254 -64.06 -30.11 105.86
N TRP X 255 -63.26 -29.79 106.87
CA TRP X 255 -62.56 -30.81 107.65
C TRP X 255 -63.12 -30.92 109.06
N ASN X 256 -63.44 -32.15 109.45
CA ASN X 256 -63.86 -32.47 110.82
C ASN X 256 -64.94 -31.57 111.36
N GLY X 257 -66.16 -31.78 110.88
CA GLY X 257 -67.28 -30.94 111.27
C GLY X 257 -67.46 -29.82 110.28
N THR X 258 -68.28 -28.86 110.64
CA THR X 258 -68.56 -27.74 109.76
C THR X 258 -68.55 -26.48 110.60
N THR X 259 -68.26 -25.35 109.97
CA THR X 259 -68.29 -24.09 110.70
C THR X 259 -69.74 -23.70 110.92
N MET X 260 -69.97 -22.92 111.98
CA MET X 260 -71.33 -22.52 112.31
C MET X 260 -71.54 -21.05 111.92
N ASP X 261 -70.46 -20.42 111.49
CA ASP X 261 -70.45 -19.01 111.09
C ASP X 261 -70.60 -18.83 109.59
N TRP X 262 -71.74 -18.33 109.15
CA TRP X 262 -71.99 -18.11 107.73
C TRP X 262 -70.92 -17.26 107.04
N ASN X 263 -70.34 -16.30 107.76
CA ASN X 263 -69.32 -15.47 107.15
C ASN X 263 -68.02 -16.24 106.92
N GLU X 264 -67.65 -17.10 107.86
CA GLU X 264 -66.46 -17.92 107.66
C GLU X 264 -66.69 -18.86 106.49
N LEU X 265 -67.89 -19.41 106.40
CA LEU X 265 -68.25 -20.38 105.36
C LEU X 265 -67.96 -19.84 103.97
N PHE X 266 -68.20 -18.55 103.77
CA PHE X 266 -68.04 -17.95 102.45
C PHE X 266 -66.66 -17.36 102.23
N LYS X 267 -65.77 -17.57 103.19
CA LYS X 267 -64.37 -17.24 102.99
C LYS X 267 -63.63 -18.46 102.47
N TYR X 268 -64.31 -19.62 102.46
CA TYR X 268 -63.73 -20.85 101.92
C TYR X 268 -63.82 -20.84 100.41
N PRO X 269 -62.98 -21.65 99.74
CA PRO X 269 -63.01 -21.80 98.28
C PRO X 269 -64.06 -22.83 97.80
N GLY X 270 -65.28 -22.36 97.63
CA GLY X 270 -66.36 -23.20 97.11
C GLY X 270 -66.86 -22.72 95.76
N VAL X 271 -67.92 -23.36 95.29
CA VAL X 271 -68.54 -22.98 94.02
C VAL X 271 -70.05 -22.94 94.16
N TYR X 272 -70.72 -22.15 93.32
CA TYR X 272 -72.18 -22.10 93.35
C TYR X 272 -72.75 -23.06 92.31
N VAL X 273 -73.85 -23.73 92.65
CA VAL X 273 -74.51 -24.61 91.71
C VAL X 273 -75.98 -24.22 91.66
N GLU X 274 -76.45 -23.79 90.49
CA GLU X 274 -77.84 -23.36 90.29
C GLU X 274 -78.58 -24.37 89.43
N GLU X 275 -77.82 -25.24 88.76
CA GLU X 275 -78.39 -26.11 87.73
C GLU X 275 -77.45 -27.26 87.36
N ASP X 276 -78.00 -28.27 86.67
CA ASP X 276 -77.17 -29.36 86.13
C ASP X 276 -75.85 -28.79 85.63
N GLY X 277 -74.75 -29.42 86.00
CA GLY X 277 -73.43 -29.00 85.53
C GLY X 277 -72.26 -29.68 86.20
N SER X 278 -71.05 -29.40 85.74
CA SER X 278 -69.87 -29.93 86.40
C SER X 278 -69.39 -28.95 87.50
N PHE X 279 -68.49 -29.43 88.36
CA PHE X 279 -67.95 -28.63 89.46
C PHE X 279 -66.54 -29.12 89.79
N GLU X 280 -65.70 -28.23 90.32
CA GLU X 280 -64.41 -28.62 90.89
C GLU X 280 -64.31 -28.02 92.29
N VAL X 281 -64.08 -28.86 93.29
CA VAL X 281 -63.87 -28.36 94.64
C VAL X 281 -62.59 -28.93 95.22
N LYS X 282 -61.77 -28.08 95.84
CA LYS X 282 -60.54 -28.51 96.49
C LYS X 282 -60.86 -29.30 97.76
N ILE X 283 -60.21 -30.46 97.91
CA ILE X 283 -60.29 -31.24 99.14
C ILE X 283 -59.54 -30.48 100.22
N ARG X 284 -60.28 -30.04 101.23
CA ARG X 284 -59.73 -29.24 102.31
C ARG X 284 -59.33 -30.09 103.54
N SER X 285 -58.08 -29.97 103.97
CA SER X 285 -57.60 -30.75 105.11
C SER X 285 -56.31 -30.21 105.66
N PRO X 286 -56.12 -30.35 106.98
CA PRO X 286 -54.92 -29.91 107.70
C PRO X 286 -53.66 -30.56 107.17
N TYR X 287 -53.84 -31.72 106.52
CA TYR X 287 -52.73 -32.50 105.97
C TYR X 287 -52.72 -32.45 104.44
N HIS X 288 -53.70 -31.72 103.89
CA HIS X 288 -53.86 -31.56 102.46
C HIS X 288 -54.39 -32.83 101.80
N ARG X 289 -54.52 -33.90 102.57
CA ARG X 289 -55.07 -35.15 102.08
C ARG X 289 -56.09 -35.64 103.10
N THR X 290 -57.05 -36.44 102.67
CA THR X 290 -57.92 -37.17 103.59
C THR X 290 -57.61 -38.66 103.48
N PRO X 291 -57.70 -39.40 104.60
CA PRO X 291 -57.37 -40.82 104.59
C PRO X 291 -58.33 -41.63 103.75
N ALA X 292 -57.80 -42.66 103.08
CA ALA X 292 -58.58 -43.54 102.23
C ALA X 292 -59.65 -44.37 102.96
N ARG X 293 -59.33 -44.83 104.18
CA ARG X 293 -60.30 -45.59 104.98
C ARG X 293 -60.33 -45.11 106.43
N LEU X 294 -61.35 -45.53 107.16
CA LEU X 294 -61.46 -45.16 108.57
C LEU X 294 -60.81 -46.16 109.53
N LEU X 295 -60.30 -45.62 110.64
CA LEU X 295 -59.93 -46.48 111.76
C LEU X 295 -61.17 -46.75 112.65
N ALA X 296 -61.00 -47.57 113.67
CA ALA X 296 -62.11 -47.90 114.54
C ALA X 296 -62.56 -46.63 115.22
N GLY X 297 -63.87 -46.45 115.38
CA GLY X 297 -64.41 -45.28 116.05
C GLY X 297 -64.43 -43.98 115.26
N GLN X 298 -63.62 -43.90 114.21
CA GLN X 298 -63.59 -42.72 113.35
C GLN X 298 -64.84 -42.60 112.45
N SER X 299 -65.33 -41.37 112.28
CA SER X 299 -66.47 -41.11 111.40
C SER X 299 -65.99 -40.47 110.10
N GLN X 300 -66.77 -40.62 109.03
CA GLN X 300 -66.37 -40.06 107.75
C GLN X 300 -66.32 -38.55 107.83
N ARG X 301 -67.17 -38.00 108.71
CA ARG X 301 -67.30 -36.57 108.86
C ARG X 301 -66.17 -35.99 109.68
N ASP X 302 -65.42 -36.85 110.38
CA ASP X 302 -64.22 -36.42 111.10
C ASP X 302 -63.09 -36.01 110.16
N MET X 303 -63.19 -36.42 108.90
CA MET X 303 -62.17 -36.12 107.88
C MET X 303 -62.65 -35.05 106.91
N SER X 304 -62.19 -35.14 105.67
CA SER X 304 -62.59 -34.20 104.62
C SER X 304 -63.92 -34.64 103.98
N SER X 305 -64.84 -33.69 103.85
CA SER X 305 -66.15 -33.97 103.24
C SER X 305 -66.48 -32.94 102.16
N LEU X 306 -67.37 -33.33 101.26
CA LEU X 306 -67.86 -32.45 100.21
C LEU X 306 -69.24 -32.00 100.67
N ASN X 307 -69.33 -30.72 101.05
CA ASN X 307 -70.56 -30.20 101.66
C ASN X 307 -71.47 -29.41 100.75
N PHE X 308 -72.75 -29.77 100.76
CA PHE X 308 -73.74 -29.10 99.92
C PHE X 308 -74.69 -28.25 100.76
N TYR X 309 -74.45 -26.94 100.70
CA TYR X 309 -75.24 -25.98 101.44
C TYR X 309 -76.33 -25.35 100.57
N ALA X 310 -77.60 -25.56 100.93
CA ALA X 310 -78.69 -24.86 100.27
C ALA X 310 -78.77 -23.44 100.83
N ILE X 311 -78.40 -22.45 100.02
CA ILE X 311 -78.36 -21.07 100.49
C ILE X 311 -79.56 -20.23 100.00
N ALA X 312 -80.26 -20.74 98.99
CA ALA X 312 -81.52 -20.12 98.53
C ALA X 312 -82.45 -21.20 98.00
N GLY X 313 -83.52 -21.48 98.73
CA GLY X 313 -84.39 -22.57 98.38
C GLY X 313 -84.00 -23.88 99.05
N PRO X 314 -84.51 -25.00 98.54
CA PRO X 314 -85.34 -25.09 97.33
C PRO X 314 -86.70 -24.40 97.46
N ILE X 315 -87.24 -23.97 96.33
CA ILE X 315 -88.59 -23.43 96.28
C ILE X 315 -89.41 -24.19 95.25
N ALA X 316 -90.72 -24.25 95.48
CA ALA X 316 -91.64 -24.81 94.52
C ALA X 316 -93.00 -24.14 94.74
N PRO X 317 -93.89 -24.24 93.75
CA PRO X 317 -95.24 -23.69 93.91
C PRO X 317 -96.00 -24.49 94.96
N SER X 318 -97.02 -23.92 95.58
CA SER X 318 -97.83 -24.76 96.49
C SER X 318 -98.74 -25.56 95.61
N GLY X 319 -99.16 -26.73 96.08
CA GLY X 319 -98.67 -27.33 97.30
C GLY X 319 -97.88 -28.55 96.88
N GLU X 320 -96.63 -28.32 96.54
CA GLU X 320 -95.71 -29.40 96.30
C GLU X 320 -95.15 -29.85 97.66
N THR X 321 -94.78 -31.12 97.76
CA THR X 321 -94.34 -31.66 99.04
C THR X 321 -93.06 -32.44 98.90
N ALA X 322 -92.81 -32.91 97.68
CA ALA X 322 -91.61 -33.68 97.39
C ALA X 322 -90.32 -32.94 97.80
N GLN X 323 -89.33 -33.71 98.27
CA GLN X 323 -88.02 -33.15 98.46
C GLN X 323 -87.31 -32.94 97.11
N LEU X 324 -86.34 -32.03 97.06
CA LEU X 324 -85.57 -31.81 95.84
C LEU X 324 -84.29 -32.62 95.92
N PRO X 325 -84.11 -33.61 95.02
CA PRO X 325 -82.94 -34.49 95.05
C PRO X 325 -81.79 -33.96 94.19
N ILE X 326 -80.57 -34.18 94.68
CA ILE X 326 -79.35 -33.84 93.99
C ILE X 326 -78.60 -35.15 93.80
N VAL X 327 -78.26 -35.49 92.57
CA VAL X 327 -77.41 -36.65 92.36
C VAL X 327 -75.99 -36.21 92.00
N VAL X 328 -75.00 -36.62 92.79
CA VAL X 328 -73.61 -36.24 92.50
C VAL X 328 -72.79 -37.38 91.86
N GLN X 329 -72.03 -37.05 90.83
CA GLN X 329 -71.12 -38.00 90.21
C GLN X 329 -69.72 -37.49 90.35
N ILE X 330 -68.81 -38.36 90.76
CA ILE X 330 -67.42 -37.98 90.90
C ILE X 330 -66.62 -38.58 89.77
N ASP X 331 -66.00 -37.73 88.96
CA ASP X 331 -65.30 -38.17 87.76
C ASP X 331 -63.82 -38.43 87.98
N GLU X 332 -63.15 -37.50 88.64
CA GLU X 332 -61.76 -37.74 89.01
C GLU X 332 -61.23 -36.82 90.08
N ILE X 333 -60.07 -37.17 90.60
CA ILE X 333 -59.31 -36.26 91.42
C ILE X 333 -58.28 -35.63 90.50
N VAL X 334 -58.47 -34.34 90.18
CA VAL X 334 -57.55 -33.65 89.28
C VAL X 334 -56.45 -33.01 90.10
N ARG X 335 -55.26 -32.88 89.51
CA ARG X 335 -54.12 -32.35 90.22
C ARG X 335 -53.99 -33.07 91.55
N PRO X 336 -53.85 -34.40 91.49
CA PRO X 336 -53.93 -35.25 92.67
C PRO X 336 -52.69 -35.17 93.54
N ASP X 337 -52.91 -35.14 94.86
CA ASP X 337 -51.82 -35.29 95.81
C ASP X 337 -51.99 -36.62 96.50
N LEU X 338 -51.37 -37.68 95.97
CA LEU X 338 -51.60 -39.01 96.53
C LEU X 338 -50.62 -39.39 97.64
N SER X 339 -51.07 -40.26 98.54
CA SER X 339 -50.19 -40.83 99.55
C SER X 339 -49.41 -41.95 98.92
N LEU X 340 -48.59 -42.60 99.72
CA LEU X 340 -47.97 -43.85 99.30
C LEU X 340 -49.06 -44.84 98.96
N PRO X 341 -48.74 -45.77 98.05
CA PRO X 341 -49.64 -46.90 97.88
C PRO X 341 -49.77 -47.60 99.24
N SER X 342 -50.94 -48.14 99.54
CA SER X 342 -51.09 -48.87 100.79
C SER X 342 -50.31 -50.21 100.78
N PHE X 343 -50.20 -50.86 99.62
CA PHE X 343 -49.42 -52.08 99.51
C PHE X 343 -48.26 -51.94 98.53
N GLU X 344 -47.15 -52.62 98.82
CA GLU X 344 -46.02 -52.64 97.90
C GLU X 344 -46.10 -53.89 97.02
N ASP X 345 -45.14 -54.05 96.10
CA ASP X 345 -45.17 -55.23 95.24
C ASP X 345 -44.61 -56.39 96.02
N ASP X 346 -45.45 -56.92 96.90
CA ASP X 346 -45.00 -57.88 97.88
C ASP X 346 -46.09 -58.95 98.05
N TYR X 347 -45.81 -59.93 98.90
CA TYR X 347 -46.79 -60.93 99.24
C TYR X 347 -47.84 -60.31 100.14
N PHE X 348 -48.99 -60.98 100.21
CA PHE X 348 -50.00 -60.64 101.21
C PHE X 348 -50.73 -61.91 101.61
N VAL X 349 -51.47 -61.84 102.70
CA VAL X 349 -52.05 -63.03 103.29
C VAL X 349 -53.25 -63.51 102.50
N TRP X 350 -53.22 -64.79 102.13
CA TRP X 350 -54.36 -65.41 101.48
C TRP X 350 -55.21 -66.07 102.55
N VAL X 351 -54.60 -66.98 103.31
CA VAL X 351 -55.35 -67.75 104.31
C VAL X 351 -54.46 -68.31 105.42
N ASP X 352 -54.97 -68.34 106.64
CA ASP X 352 -54.34 -69.06 107.75
C ASP X 352 -55.18 -70.29 108.13
N PHE X 353 -54.55 -71.46 108.22
CA PHE X 353 -55.21 -72.63 108.78
C PHE X 353 -54.66 -72.89 110.17
N SER X 354 -55.54 -73.17 111.12
CA SER X 354 -55.12 -73.37 112.50
C SER X 354 -56.07 -74.31 113.20
N GLU X 355 -55.74 -74.66 114.44
CA GLU X 355 -56.63 -75.48 115.28
C GLU X 355 -57.06 -76.78 114.58
N PHE X 356 -56.11 -77.55 114.07
CA PHE X 356 -56.42 -78.78 113.37
C PHE X 356 -56.93 -79.84 114.34
N THR X 357 -57.96 -80.56 113.95
CA THR X 357 -58.54 -81.59 114.82
C THR X 357 -58.13 -83.00 114.40
N LEU X 358 -57.78 -83.15 113.12
CA LEU X 358 -57.33 -84.44 112.62
C LEU X 358 -55.89 -84.32 112.16
N ASP X 359 -55.13 -85.40 112.30
CA ASP X 359 -53.75 -85.45 111.80
C ASP X 359 -53.72 -85.48 110.27
N LYS X 360 -54.66 -86.18 109.65
CA LYS X 360 -54.77 -86.18 108.18
C LYS X 360 -55.72 -85.05 107.74
N GLU X 361 -55.17 -84.09 107.02
CA GLU X 361 -55.95 -82.97 106.50
C GLU X 361 -55.56 -82.75 105.03
N GLU X 362 -56.53 -82.52 104.17
CA GLU X 362 -56.20 -82.25 102.77
C GLU X 362 -57.04 -81.10 102.24
N ILE X 363 -56.38 -80.01 101.93
CA ILE X 363 -57.00 -78.78 101.48
C ILE X 363 -56.95 -78.68 99.96
N GLU X 364 -58.11 -78.80 99.29
CA GLU X 364 -58.13 -78.72 97.83
C GLU X 364 -58.19 -77.28 97.37
N ILE X 365 -57.28 -76.93 96.47
CA ILE X 365 -57.24 -75.59 95.91
C ILE X 365 -57.69 -75.63 94.45
N GLY X 366 -57.13 -76.58 93.71
CA GLY X 366 -57.42 -76.73 92.29
C GLY X 366 -56.76 -75.63 91.46
N SER X 367 -57.59 -74.82 90.81
CA SER X 367 -57.07 -73.72 90.00
C SER X 367 -57.73 -72.39 90.39
N ARG X 368 -58.28 -72.32 91.61
CA ARG X 368 -59.05 -71.15 92.00
C ARG X 368 -58.37 -70.36 93.11
N PHE X 369 -58.67 -69.07 93.15
CA PHE X 369 -58.36 -68.26 94.32
C PHE X 369 -59.70 -67.94 94.95
N PHE X 370 -59.93 -68.38 96.19
CA PHE X 370 -61.27 -68.31 96.77
C PHE X 370 -61.26 -68.42 98.29
N ASP X 371 -62.45 -68.38 98.90
CA ASP X 371 -62.58 -68.52 100.35
C ASP X 371 -62.72 -70.00 100.76
N PHE X 372 -61.84 -70.45 101.65
CA PHE X 372 -61.90 -71.83 102.15
C PHE X 372 -62.93 -72.05 103.26
N THR X 373 -63.40 -73.28 103.39
CA THR X 373 -64.19 -73.66 104.56
C THR X 373 -63.73 -75.05 105.02
N SER X 374 -63.75 -75.28 106.32
CA SER X 374 -63.38 -76.60 106.86
C SER X 374 -64.22 -76.96 108.09
N ASN X 375 -64.54 -78.24 108.18
CA ASN X 375 -65.23 -78.79 109.36
C ASN X 375 -64.23 -79.29 110.38
N THR X 376 -62.99 -79.46 109.92
CA THR X 376 -61.98 -80.13 110.71
C THR X 376 -60.89 -79.20 111.19
N CYS X 377 -60.91 -77.95 110.71
CA CYS X 377 -59.96 -76.95 111.20
C CYS X 377 -60.47 -75.53 111.03
N ARG X 378 -59.75 -74.58 111.61
CA ARG X 378 -60.14 -73.18 111.57
C ARG X 378 -59.53 -72.46 110.38
N VAL X 379 -60.40 -71.91 109.53
CA VAL X 379 -59.97 -71.12 108.40
C VAL X 379 -60.09 -69.62 108.71
N SER X 380 -59.02 -68.88 108.47
CA SER X 380 -59.06 -67.41 108.62
C SER X 380 -58.64 -66.78 107.32
N MET X 381 -59.59 -66.15 106.64
CA MET X 381 -59.28 -65.62 105.33
C MET X 381 -58.67 -64.21 105.40
N GLY X 382 -57.79 -63.88 104.44
CA GLY X 382 -57.20 -62.56 104.40
C GLY X 382 -58.15 -61.60 103.71
N GLU X 383 -58.17 -60.34 104.17
CA GLU X 383 -58.88 -59.28 103.46
C GLU X 383 -57.90 -58.22 102.95
N ASN X 384 -57.82 -58.06 101.64
CA ASN X 384 -56.96 -57.06 101.01
C ASN X 384 -57.49 -56.65 99.65
N PRO X 385 -56.92 -55.60 99.05
CA PRO X 385 -57.41 -55.16 97.74
C PRO X 385 -57.42 -56.25 96.68
N PHE X 386 -56.39 -57.09 96.62
CA PHE X 386 -56.42 -58.13 95.60
C PHE X 386 -57.67 -59.02 95.71
N ALA X 387 -57.98 -59.49 96.92
CA ALA X 387 -59.16 -60.31 97.12
C ALA X 387 -60.45 -59.59 96.71
N ALA X 388 -60.50 -58.30 97.00
CA ALA X 388 -61.65 -57.48 96.61
C ALA X 388 -61.73 -57.37 95.08
N MET X 389 -60.60 -57.22 94.42
CA MET X 389 -60.61 -57.13 92.97
C MET X 389 -61.09 -58.45 92.36
N ILE X 390 -60.75 -59.57 92.99
CA ILE X 390 -61.24 -60.86 92.52
C ILE X 390 -62.76 -60.91 92.63
N ALA X 391 -63.29 -60.32 93.69
CA ALA X 391 -64.71 -60.33 93.98
C ALA X 391 -65.50 -59.35 93.12
N CYS X 392 -64.83 -58.32 92.63
CA CYS X 392 -65.49 -57.24 91.92
C CYS X 392 -65.34 -57.35 90.41
N HIS X 393 -64.97 -58.53 89.92
CA HIS X 393 -64.92 -58.75 88.49
C HIS X 393 -65.60 -60.07 88.19
N GLY X 394 -66.11 -60.19 86.97
CA GLY X 394 -66.81 -61.40 86.57
C GLY X 394 -65.84 -62.54 86.34
N LEU X 395 -64.71 -62.22 85.73
CA LEU X 395 -63.67 -63.21 85.44
C LEU X 395 -62.29 -62.68 85.78
N HIS X 396 -61.35 -63.58 86.07
CA HIS X 396 -59.95 -63.19 86.32
C HIS X 396 -59.06 -64.32 85.84
N SER X 397 -57.77 -64.00 85.67
CA SER X 397 -56.79 -65.01 85.29
C SER X 397 -55.39 -64.52 85.57
N GLY X 398 -54.54 -65.43 86.03
CA GLY X 398 -53.16 -65.07 86.31
C GLY X 398 -52.40 -66.16 87.04
N VAL X 399 -51.21 -65.81 87.50
CA VAL X 399 -50.40 -66.75 88.26
C VAL X 399 -50.04 -66.14 89.61
N LEU X 400 -50.19 -66.94 90.66
CA LEU X 400 -49.86 -66.52 92.01
C LEU X 400 -48.64 -67.28 92.49
N ASP X 401 -47.65 -66.54 93.00
CA ASP X 401 -46.55 -67.17 93.70
C ASP X 401 -46.97 -67.33 95.16
N LEU X 402 -46.81 -68.53 95.70
CA LEU X 402 -47.19 -68.80 97.08
C LEU X 402 -45.97 -68.98 98.00
N LYS X 403 -46.08 -68.44 99.20
CA LYS X 403 -45.16 -68.75 100.28
C LYS X 403 -45.98 -69.44 101.37
N LEU X 404 -45.53 -70.62 101.78
CA LEU X 404 -46.15 -71.30 102.90
C LEU X 404 -45.23 -71.20 104.12
N GLN X 405 -45.79 -70.84 105.26
CA GLN X 405 -45.05 -70.78 106.52
C GLN X 405 -45.82 -71.50 107.61
N TRP X 406 -45.11 -72.21 108.47
CA TRP X 406 -45.80 -72.85 109.58
C TRP X 406 -44.95 -72.95 110.84
N SER X 407 -45.61 -72.97 112.00
CA SER X 407 -44.94 -73.14 113.28
C SER X 407 -45.44 -74.42 113.91
N LEU X 408 -44.63 -75.02 114.78
CA LEU X 408 -45.01 -76.28 115.42
C LEU X 408 -45.86 -76.14 116.70
N ASN X 409 -46.73 -77.14 116.91
CA ASN X 409 -47.55 -77.22 118.10
C ASN X 409 -46.93 -78.15 119.14
N THR X 410 -46.29 -79.21 118.65
CA THR X 410 -45.53 -80.16 119.49
C THR X 410 -44.05 -79.78 119.60
N GLU X 411 -43.29 -80.54 120.40
CA GLU X 411 -41.85 -80.27 120.56
C GLU X 411 -41.09 -80.57 119.26
N PHE X 412 -40.16 -79.69 118.91
CA PHE X 412 -39.44 -79.81 117.65
C PHE X 412 -38.77 -81.16 117.48
N GLY X 413 -38.18 -81.65 118.56
CA GLY X 413 -37.48 -82.92 118.53
C GLY X 413 -38.40 -84.11 118.29
N LYS X 414 -39.69 -83.93 118.51
CA LYS X 414 -40.65 -85.03 118.38
C LYS X 414 -41.32 -85.00 117.01
N SER X 415 -41.07 -83.93 116.26
CA SER X 415 -41.75 -83.69 115.00
C SER X 415 -41.47 -84.74 113.90
N SER X 416 -42.48 -84.99 113.08
CA SER X 416 -42.34 -85.87 111.91
C SER X 416 -43.36 -85.45 110.86
N GLY X 417 -43.28 -86.04 109.68
CA GLY X 417 -44.25 -85.74 108.63
C GLY X 417 -43.87 -84.55 107.76
N SER X 418 -44.88 -84.03 107.06
CA SER X 418 -44.66 -83.08 105.97
C SER X 418 -45.86 -82.22 105.64
N VAL X 419 -45.57 -81.05 105.07
CA VAL X 419 -46.53 -80.29 104.29
C VAL X 419 -46.24 -80.69 102.84
N THR X 420 -47.19 -81.38 102.21
CA THR X 420 -47.02 -81.81 100.83
C THR X 420 -47.89 -81.00 99.86
N ILE X 421 -47.29 -80.49 98.78
CA ILE X 421 -48.04 -79.78 97.77
C ILE X 421 -48.24 -80.71 96.60
N THR X 422 -49.47 -81.18 96.40
CA THR X 422 -49.79 -82.00 95.23
C THR X 422 -50.09 -81.08 94.02
N LYS X 423 -49.40 -81.33 92.91
CA LYS X 423 -49.62 -80.56 91.69
C LYS X 423 -49.95 -81.51 90.56
N LEU X 424 -51.19 -81.42 90.08
CA LEU X 424 -51.67 -82.26 88.98
C LEU X 424 -52.08 -81.45 87.77
N VAL X 425 -52.34 -82.16 86.67
CA VAL X 425 -53.06 -81.58 85.54
C VAL X 425 -54.26 -82.46 85.32
N GLY X 426 -55.45 -81.93 85.53
CA GLY X 426 -56.66 -82.71 85.45
C GLY X 426 -57.37 -82.63 86.79
N ASP X 427 -57.53 -83.79 87.44
CA ASP X 427 -58.13 -83.84 88.76
C ASP X 427 -57.49 -84.96 89.57
N LYS X 428 -57.91 -85.10 90.82
CA LYS X 428 -57.37 -86.15 91.67
C LYS X 428 -57.52 -87.54 91.02
N ALA X 429 -58.61 -87.75 90.30
CA ALA X 429 -58.94 -89.08 89.79
C ALA X 429 -58.18 -89.54 88.55
N MET X 430 -57.98 -88.64 87.58
CA MET X 430 -57.42 -89.02 86.28
C MET X 430 -56.30 -88.10 85.83
N GLY X 431 -55.76 -87.32 86.76
CA GLY X 431 -54.77 -86.31 86.42
C GLY X 431 -53.35 -86.80 86.13
N LEU X 432 -52.57 -85.88 85.58
CA LEU X 432 -51.16 -86.12 85.30
C LEU X 432 -50.35 -85.47 86.42
N ASP X 433 -49.15 -86.00 86.66
CA ASP X 433 -48.35 -85.54 87.78
C ASP X 433 -47.38 -84.44 87.40
N GLY X 434 -47.54 -83.29 88.04
CA GLY X 434 -46.66 -82.15 87.83
C GLY X 434 -45.58 -82.01 88.89
N PRO X 435 -45.21 -80.76 89.19
CA PRO X 435 -44.16 -80.45 90.17
C PRO X 435 -44.67 -80.52 91.61
N SER X 436 -45.21 -81.68 91.97
CA SER X 436 -45.62 -81.96 93.35
C SER X 436 -44.38 -81.87 94.20
N HIS X 437 -44.55 -81.67 95.49
CA HIS X 437 -43.43 -81.21 96.28
C HIS X 437 -43.65 -81.60 97.74
N VAL X 438 -42.68 -82.29 98.32
CA VAL X 438 -42.75 -82.72 99.72
C VAL X 438 -41.83 -81.89 100.63
N PHE X 439 -42.45 -81.06 101.49
CA PHE X 439 -41.68 -80.29 102.45
C PHE X 439 -41.71 -81.00 103.80
N ALA X 440 -40.59 -81.58 104.20
CA ALA X 440 -40.48 -82.16 105.53
C ALA X 440 -40.93 -81.09 106.52
N ILE X 441 -41.72 -81.49 107.52
CA ILE X 441 -42.31 -80.51 108.44
C ILE X 441 -41.25 -79.60 109.08
N GLN X 442 -40.03 -80.11 109.20
CA GLN X 442 -38.96 -79.37 109.86
C GLN X 442 -38.45 -78.22 109.01
N LYS X 443 -38.76 -78.20 107.71
CA LYS X 443 -38.38 -77.05 106.89
C LYS X 443 -39.08 -75.77 107.38
N LEU X 444 -40.32 -75.92 107.85
CA LEU X 444 -41.07 -74.83 108.46
C LEU X 444 -41.49 -73.75 107.47
N GLU X 445 -41.19 -73.98 106.19
CA GLU X 445 -41.63 -73.10 105.10
C GLU X 445 -41.42 -73.74 103.73
N GLY X 446 -42.17 -73.27 102.75
CA GLY X 446 -42.04 -73.77 101.38
C GLY X 446 -42.66 -72.82 100.38
N THR X 447 -42.33 -72.99 99.10
CA THR X 447 -42.85 -72.10 98.06
C THR X 447 -43.38 -72.91 96.89
N THR X 448 -44.34 -72.33 96.17
CA THR X 448 -44.89 -72.96 94.98
C THR X 448 -45.60 -71.92 94.12
N GLU X 449 -45.88 -72.24 92.86
CA GLU X 449 -46.69 -71.38 92.01
C GLU X 449 -48.11 -71.96 91.92
N LEU X 450 -49.10 -71.11 91.72
CA LEU X 450 -50.47 -71.57 91.46
C LEU X 450 -51.05 -70.91 90.23
N LEU X 451 -51.46 -71.71 89.24
CA LEU X 451 -52.14 -71.15 88.08
C LEU X 451 -53.60 -70.92 88.45
N VAL X 452 -54.01 -69.65 88.42
CA VAL X 452 -55.41 -69.29 88.58
C VAL X 452 -56.02 -69.07 87.20
N GLY X 453 -56.70 -70.10 86.70
CA GLY X 453 -57.19 -70.11 85.33
C GLY X 453 -57.52 -71.53 84.86
N ASN X 454 -57.64 -71.70 83.55
CA ASN X 454 -58.01 -73.00 82.98
C ASN X 454 -57.92 -72.97 81.47
N PHE X 455 -58.21 -74.10 80.82
CA PHE X 455 -58.11 -74.17 79.35
C PHE X 455 -58.88 -73.08 78.61
N ALA X 456 -60.03 -72.66 79.15
CA ALA X 456 -60.83 -71.59 78.55
C ALA X 456 -60.19 -70.19 78.65
N GLY X 457 -59.46 -69.94 79.74
CA GLY X 457 -58.63 -68.74 79.85
C GLY X 457 -58.84 -67.88 81.09
N ALA X 458 -59.92 -68.13 81.82
CA ALA X 458 -60.30 -67.28 82.95
C ALA X 458 -61.24 -67.99 83.92
N ASN X 459 -61.24 -67.55 85.17
CA ASN X 459 -62.11 -68.15 86.17
C ASN X 459 -63.22 -67.19 86.55
N PRO X 460 -64.43 -67.72 86.72
CA PRO X 460 -65.54 -66.93 87.27
C PRO X 460 -65.33 -66.88 88.76
N ASN X 461 -66.04 -66.00 89.46
CA ASN X 461 -65.91 -65.93 90.91
C ASN X 461 -66.92 -66.84 91.62
N THR X 462 -67.08 -68.04 91.08
CA THR X 462 -67.97 -69.04 91.62
C THR X 462 -67.27 -70.39 91.47
N ARG X 463 -67.93 -71.45 91.90
CA ARG X 463 -67.42 -72.79 91.62
C ARG X 463 -67.75 -73.11 90.14
N PHE X 464 -66.84 -73.81 89.48
CA PHE X 464 -66.98 -74.13 88.07
C PHE X 464 -66.14 -75.38 87.87
N SER X 465 -66.34 -76.09 86.77
CA SER X 465 -65.53 -77.26 86.48
C SER X 465 -64.94 -77.18 85.07
N LEU X 466 -63.72 -76.69 84.96
CA LEU X 466 -63.06 -76.61 83.65
C LEU X 466 -61.65 -77.14 83.74
N TYR X 467 -61.30 -78.08 82.87
CA TYR X 467 -59.99 -78.72 82.87
C TYR X 467 -58.85 -77.73 83.04
N SER X 468 -58.00 -77.98 84.02
CA SER X 468 -56.87 -77.09 84.28
C SER X 468 -55.83 -77.81 85.13
N ARG X 469 -54.78 -77.09 85.51
CA ARG X 469 -53.89 -77.58 86.56
C ARG X 469 -54.64 -77.64 87.89
N TRP X 470 -54.14 -78.45 88.82
CA TRP X 470 -54.87 -78.76 90.05
C TRP X 470 -53.90 -78.85 91.22
N MET X 471 -54.21 -78.13 92.29
CA MET X 471 -53.32 -78.09 93.46
C MET X 471 -54.02 -78.43 94.77
N ALA X 472 -53.27 -79.07 95.66
CA ALA X 472 -53.81 -79.40 96.97
C ALA X 472 -52.68 -79.37 97.98
N ILE X 473 -53.00 -79.01 99.22
CA ILE X 473 -52.06 -79.09 100.31
C ILE X 473 -52.43 -80.29 101.17
N LYS X 474 -51.45 -81.16 101.44
CA LYS X 474 -51.67 -82.40 102.20
C LYS X 474 -50.88 -82.42 103.52
N LEU X 475 -51.59 -82.39 104.64
CA LEU X 475 -50.98 -82.53 105.96
C LEU X 475 -51.14 -83.97 106.47
N ASP X 476 -50.07 -84.53 107.03
CA ASP X 476 -50.17 -85.89 107.59
C ASP X 476 -50.00 -85.90 109.12
N GLN X 477 -49.53 -84.78 109.64
CA GLN X 477 -49.32 -84.60 111.06
C GLN X 477 -49.84 -83.24 111.48
N ALA X 478 -51.07 -82.94 111.06
CA ALA X 478 -51.60 -81.59 111.15
C ALA X 478 -51.71 -81.11 112.58
N LYS X 479 -51.95 -82.03 113.52
CA LYS X 479 -52.09 -81.66 114.93
C LYS X 479 -50.76 -81.13 115.48
N SER X 480 -49.66 -81.40 114.78
CA SER X 480 -48.36 -80.89 115.19
C SER X 480 -48.12 -79.47 114.66
N ILE X 481 -49.09 -78.92 113.95
CA ILE X 481 -48.93 -77.58 113.39
C ILE X 481 -49.80 -76.57 114.12
N LYS X 482 -49.20 -75.51 114.64
CA LYS X 482 -49.97 -74.50 115.33
C LYS X 482 -50.68 -73.57 114.33
N VAL X 483 -49.99 -73.29 113.22
CA VAL X 483 -50.57 -72.49 112.15
C VAL X 483 -49.87 -72.75 110.82
N LEU X 484 -50.66 -72.85 109.76
CA LEU X 484 -50.15 -72.91 108.40
C LEU X 484 -50.63 -71.65 107.69
N ARG X 485 -49.70 -70.76 107.36
CA ARG X 485 -50.07 -69.52 106.68
C ARG X 485 -49.69 -69.57 105.21
N VAL X 486 -50.61 -69.13 104.37
CA VAL X 486 -50.36 -69.07 102.92
C VAL X 486 -50.38 -67.62 102.41
N LEU X 487 -49.23 -67.14 101.97
CA LEU X 487 -49.15 -65.82 101.36
C LEU X 487 -49.07 -65.97 99.86
N CYS X 488 -49.58 -64.99 99.14
CA CYS X 488 -49.47 -65.00 97.69
C CYS X 488 -49.05 -63.63 97.15
N LYS X 489 -48.49 -63.64 95.94
CA LYS X 489 -47.97 -62.44 95.27
C LYS X 489 -48.21 -62.63 93.79
N PRO X 490 -49.20 -61.91 93.25
CA PRO X 490 -49.56 -62.07 91.83
C PRO X 490 -48.40 -61.71 90.91
N ARG X 491 -48.13 -62.60 89.95
CA ARG X 491 -47.17 -62.30 88.91
C ARG X 491 -47.74 -61.23 87.99
N PRO X 492 -46.86 -60.41 87.43
CA PRO X 492 -47.26 -59.28 86.60
C PRO X 492 -48.20 -59.75 85.52
N GLY X 493 -49.27 -58.99 85.27
CA GLY X 493 -50.21 -59.33 84.22
C GLY X 493 -51.40 -60.11 84.72
N PHE X 494 -51.61 -60.12 86.04
CA PHE X 494 -52.79 -60.78 86.56
C PHE X 494 -54.00 -59.96 86.13
N SER X 495 -54.93 -60.60 85.43
CA SER X 495 -55.97 -59.87 84.71
C SER X 495 -57.39 -60.06 85.23
N PHE X 496 -58.16 -58.98 85.16
CA PHE X 496 -59.56 -58.99 85.58
C PHE X 496 -60.46 -58.53 84.44
N TYR X 497 -61.61 -59.18 84.31
CA TYR X 497 -62.53 -58.92 83.21
C TYR X 497 -63.90 -58.57 83.74
N GLY X 498 -64.46 -57.47 83.26
CA GLY X 498 -65.84 -57.09 83.54
C GLY X 498 -66.14 -56.62 84.94
N ARG X 499 -66.01 -55.31 85.17
CA ARG X 499 -66.22 -54.75 86.51
C ARG X 499 -67.64 -54.97 86.97
N THR X 500 -67.78 -55.35 88.24
CA THR X 500 -69.07 -55.61 88.84
C THR X 500 -68.98 -55.41 90.36
N SER X 501 -69.93 -55.98 91.11
CA SER X 501 -69.91 -55.83 92.56
C SER X 501 -70.20 -57.14 93.26
N PHE X 502 -70.15 -57.11 94.59
CA PHE X 502 -70.23 -58.32 95.37
C PHE X 502 -70.78 -58.04 96.76
N PRO X 503 -72.09 -58.19 96.91
CA PRO X 503 -72.76 -58.06 98.20
C PRO X 503 -72.57 -59.29 99.10
N VAL X 504 -72.22 -59.05 100.35
CA VAL X 504 -72.16 -60.10 101.37
C VAL X 504 -72.80 -59.62 102.67
N GLY Y 1 -32.50 -100.58 44.04
CA GLY Y 1 -32.98 -101.83 43.46
C GLY Y 1 -33.84 -102.67 44.39
N LEU Y 2 -34.48 -103.69 43.85
CA LEU Y 2 -35.28 -104.58 44.68
C LEU Y 2 -34.38 -105.24 45.73
N ALA Y 3 -34.76 -105.10 46.98
CA ALA Y 3 -33.89 -105.51 48.08
C ALA Y 3 -34.44 -106.72 48.81
N GLY Y 4 -35.76 -106.83 48.81
CA GLY Y 4 -36.42 -107.94 49.49
C GLY Y 4 -37.88 -108.01 49.09
N ARG Y 5 -38.52 -109.15 49.36
CA ARG Y 5 -39.91 -109.33 48.99
C ARG Y 5 -40.63 -110.30 49.91
N GLY Y 6 -41.95 -110.33 49.80
CA GLY Y 6 -42.80 -111.14 50.64
C GLY Y 6 -44.21 -111.22 50.10
N VAL Y 7 -45.04 -112.07 50.68
CA VAL Y 7 -46.38 -112.27 50.15
C VAL Y 7 -47.40 -112.19 51.26
N ILE Y 8 -48.49 -111.46 51.01
CA ILE Y 8 -49.61 -111.42 51.95
C ILE Y 8 -50.79 -112.18 51.35
N TYR Y 9 -51.42 -113.02 52.17
CA TYR Y 9 -52.56 -113.80 51.68
C TYR Y 9 -53.89 -113.21 52.13
N ILE Y 10 -54.69 -112.88 51.14
CA ILE Y 10 -56.03 -112.36 51.38
C ILE Y 10 -57.06 -113.49 51.26
N PRO Y 11 -57.94 -113.60 52.26
CA PRO Y 11 -59.06 -114.52 52.18
C PRO Y 11 -60.12 -113.97 51.24
N LYS Y 12 -60.88 -114.86 50.61
CA LYS Y 12 -62.00 -114.45 49.81
C LYS Y 12 -63.02 -113.66 50.65
N ASP Y 13 -63.16 -114.00 51.93
CA ASP Y 13 -64.01 -113.18 52.80
C ASP Y 13 -63.16 -112.33 53.73
N CYS Y 14 -62.75 -111.19 53.22
CA CYS Y 14 -61.87 -110.32 53.99
C CYS Y 14 -62.70 -109.32 54.78
N GLN Y 15 -62.99 -109.67 56.03
CA GLN Y 15 -63.87 -108.87 56.89
C GLN Y 15 -63.06 -107.75 57.53
N ALA Y 16 -63.75 -106.70 57.99
CA ALA Y 16 -63.08 -105.66 58.77
C ALA Y 16 -62.40 -106.22 60.02
N ASN Y 17 -61.10 -105.96 60.15
CA ASN Y 17 -60.32 -106.35 61.33
C ASN Y 17 -59.55 -107.66 61.19
N ARG Y 18 -59.69 -108.34 60.06
CA ARG Y 18 -58.93 -109.56 59.82
C ARG Y 18 -57.43 -109.27 59.82
N TYR Y 19 -56.68 -110.08 60.54
CA TYR Y 19 -55.23 -109.99 60.49
C TYR Y 19 -54.75 -110.77 59.28
N LEU Y 20 -53.93 -110.13 58.45
CA LEU Y 20 -53.54 -110.76 57.19
C LEU Y 20 -52.16 -111.38 57.24
N GLY Y 21 -51.31 -110.85 58.10
CA GLY Y 21 -49.97 -111.37 58.30
C GLY Y 21 -48.95 -110.31 58.64
N THR Y 22 -47.77 -110.76 59.04
CA THR Y 22 -46.67 -109.85 59.34
C THR Y 22 -45.46 -110.23 58.51
N LEU Y 23 -44.81 -109.24 57.90
CA LEU Y 23 -43.56 -109.48 57.21
C LEU Y 23 -42.44 -108.93 58.06
N ASN Y 24 -41.35 -109.67 58.15
CA ASN Y 24 -40.22 -109.21 58.90
C ASN Y 24 -39.23 -108.52 57.93
N ILE Y 25 -39.02 -107.22 58.09
CA ILE Y 25 -38.27 -106.45 57.11
C ILE Y 25 -36.89 -107.00 56.89
N ARG Y 26 -36.22 -107.45 57.96
CA ARG Y 26 -34.88 -107.93 57.74
C ARG Y 26 -34.87 -109.31 57.07
N ASP Y 27 -35.82 -110.17 57.43
CA ASP Y 27 -35.99 -111.44 56.74
C ASP Y 27 -36.35 -111.29 55.26
N MET Y 28 -37.14 -110.28 54.89
CA MET Y 28 -37.45 -110.07 53.47
C MET Y 28 -36.19 -109.83 52.67
N ILE Y 29 -35.24 -109.11 53.25
CA ILE Y 29 -33.99 -108.79 52.57
C ILE Y 29 -33.02 -109.96 52.58
N SER Y 30 -32.96 -110.70 53.70
CA SER Y 30 -32.04 -111.82 53.82
C SER Y 30 -32.51 -113.10 53.12
N ASP Y 31 -33.81 -113.31 53.02
CA ASP Y 31 -34.32 -114.51 52.33
C ASP Y 31 -34.15 -114.34 50.83
N PHE Y 32 -34.24 -113.09 50.40
CA PHE Y 32 -34.11 -112.75 48.99
C PHE Y 32 -32.64 -112.92 48.57
N LYS Y 33 -31.74 -112.15 49.19
CA LYS Y 33 -30.31 -112.47 49.24
C LYS Y 33 -29.57 -112.57 47.89
N GLY Y 34 -29.75 -111.64 46.96
CA GLY Y 34 -30.11 -110.26 47.19
C GLY Y 34 -28.82 -109.51 46.85
N VAL Y 35 -28.78 -108.70 45.80
CA VAL Y 35 -27.60 -107.88 45.57
C VAL Y 35 -27.48 -106.89 46.72
N GLN Y 36 -28.62 -106.39 47.19
CA GLN Y 36 -28.64 -105.44 48.30
C GLN Y 36 -28.26 -106.10 49.61
N TYR Y 37 -28.77 -107.31 49.85
CA TYR Y 37 -28.37 -108.07 51.03
C TYR Y 37 -26.84 -108.25 51.10
N GLU Y 38 -26.22 -108.59 49.98
CA GLU Y 38 -24.78 -108.77 49.96
C GLU Y 38 -24.01 -107.46 50.16
N LYS Y 39 -24.52 -106.34 49.65
CA LYS Y 39 -23.90 -105.04 49.92
C LYS Y 39 -23.97 -104.74 51.42
N TRP Y 40 -25.01 -105.27 52.05
CA TRP Y 40 -25.30 -105.00 53.46
C TRP Y 40 -24.26 -105.67 54.34
N ILE Y 41 -23.97 -106.94 54.05
CA ILE Y 41 -22.94 -107.67 54.78
C ILE Y 41 -21.61 -106.92 54.82
N THR Y 42 -21.27 -106.25 53.74
CA THR Y 42 -20.03 -105.49 53.69
C THR Y 42 -20.10 -104.15 54.45
N ALA Y 43 -21.25 -103.51 54.36
CA ALA Y 43 -21.46 -102.27 55.05
C ALA Y 43 -21.46 -102.46 56.57
N GLY Y 44 -22.01 -103.59 57.00
CA GLY Y 44 -22.27 -103.83 58.42
C GLY Y 44 -23.53 -103.15 58.89
N LEU Y 45 -23.51 -101.82 58.91
CA LEU Y 45 -24.66 -101.02 59.30
C LEU Y 45 -25.31 -100.28 58.14
N VAL Y 46 -26.64 -100.32 58.06
CA VAL Y 46 -27.37 -99.56 57.03
C VAL Y 46 -28.49 -98.73 57.64
N MET Y 47 -28.71 -97.53 57.09
CA MET Y 47 -29.83 -96.66 57.50
C MET Y 47 -30.71 -96.33 56.31
N PRO Y 48 -31.36 -97.35 55.73
CA PRO Y 48 -31.94 -97.25 54.38
C PRO Y 48 -33.03 -96.22 54.27
N THR Y 49 -33.23 -95.74 53.04
CA THR Y 49 -34.50 -95.15 52.68
C THR Y 49 -35.19 -96.15 51.77
N PHE Y 50 -36.22 -96.80 52.29
CA PHE Y 50 -36.98 -97.81 51.55
C PHE Y 50 -38.10 -97.19 50.74
N LYS Y 51 -38.33 -97.75 49.55
CA LYS Y 51 -39.60 -97.56 48.87
C LYS Y 51 -40.33 -98.88 49.04
N ILE Y 52 -41.48 -98.86 49.71
CA ILE Y 52 -42.28 -100.05 49.84
C ILE Y 52 -43.33 -100.04 48.74
N VAL Y 53 -43.48 -101.17 48.06
CA VAL Y 53 -44.48 -101.25 47.01
C VAL Y 53 -45.32 -102.46 47.27
N ILE Y 54 -46.64 -102.27 47.34
CA ILE Y 54 -47.58 -103.39 47.48
C ILE Y 54 -48.31 -103.60 46.16
N ARG Y 55 -48.06 -104.74 45.54
CA ARG Y 55 -48.70 -105.07 44.28
C ARG Y 55 -49.99 -105.86 44.47
N LEU Y 56 -51.01 -105.42 43.75
CA LEU Y 56 -52.35 -105.45 44.27
C LEU Y 56 -53.22 -105.12 43.07
N PRO Y 57 -54.13 -106.01 42.70
CA PRO Y 57 -54.98 -105.71 41.53
C PRO Y 57 -56.05 -104.66 41.87
N ALA Y 58 -56.04 -103.55 41.16
CA ALA Y 58 -57.00 -102.48 41.45
C ALA Y 58 -58.42 -102.96 41.19
N ASN Y 59 -59.32 -102.61 42.08
CA ASN Y 59 -60.71 -103.01 41.94
C ASN Y 59 -61.66 -102.05 42.65
N ALA Y 60 -62.62 -101.52 41.91
CA ALA Y 60 -63.51 -100.55 42.50
C ALA Y 60 -64.80 -101.16 43.06
N PHE Y 61 -64.89 -102.49 43.04
CA PHE Y 61 -66.16 -103.14 43.35
C PHE Y 61 -66.17 -103.94 44.65
N THR Y 62 -65.22 -103.65 45.54
CA THR Y 62 -65.10 -104.44 46.76
C THR Y 62 -65.32 -103.59 48.01
N GLY Y 63 -64.79 -102.37 48.03
CA GLY Y 63 -64.84 -101.54 49.22
C GLY Y 63 -63.71 -101.81 50.20
N LEU Y 64 -62.81 -102.71 49.81
CA LEU Y 64 -61.70 -103.12 50.66
C LEU Y 64 -60.70 -102.00 50.91
N THR Y 65 -60.34 -101.82 52.17
CA THR Y 65 -59.25 -100.93 52.55
C THR Y 65 -58.38 -101.62 53.59
N TRP Y 66 -57.08 -101.61 53.38
CA TRP Y 66 -56.15 -102.29 54.29
C TRP Y 66 -55.27 -101.25 54.95
N VAL Y 67 -54.59 -101.68 56.02
CA VAL Y 67 -53.62 -100.81 56.66
C VAL Y 67 -52.28 -101.53 56.78
N MET Y 68 -51.24 -100.92 56.23
CA MET Y 68 -49.88 -101.34 56.50
C MET Y 68 -49.37 -100.55 57.70
N SER Y 69 -48.95 -101.27 58.74
CA SER Y 69 -48.46 -100.64 59.96
C SER Y 69 -46.96 -100.91 60.11
N PHE Y 70 -46.15 -99.85 60.21
CA PHE Y 70 -44.71 -100.00 60.41
C PHE Y 70 -44.38 -100.06 61.90
N ASP Y 71 -44.11 -101.26 62.38
CA ASP Y 71 -43.88 -101.50 63.79
C ASP Y 71 -42.41 -101.85 64.01
N ALA Y 72 -41.55 -100.84 64.04
CA ALA Y 72 -40.13 -101.10 64.04
C ALA Y 72 -39.68 -101.72 65.36
N TYR Y 73 -40.48 -101.54 66.41
CA TYR Y 73 -40.08 -101.97 67.75
C TYR Y 73 -41.00 -103.03 68.33
N ASN Y 74 -41.76 -103.66 67.44
CA ASN Y 74 -42.53 -104.84 67.78
C ASN Y 74 -43.45 -104.62 68.97
N ARG Y 75 -44.19 -103.52 68.95
CA ARG Y 75 -45.01 -103.14 70.10
C ARG Y 75 -46.47 -103.63 70.00
N ILE Y 76 -47.01 -103.73 68.79
CA ILE Y 76 -48.39 -104.18 68.69
C ILE Y 76 -48.57 -105.64 68.26
N THR Y 77 -47.53 -106.26 67.70
CA THR Y 77 -47.67 -107.61 67.12
C THR Y 77 -48.50 -108.60 67.92
N SER Y 78 -48.10 -108.80 69.19
CA SER Y 78 -48.72 -109.73 70.14
C SER Y 78 -50.24 -109.60 70.23
N ARG Y 79 -50.72 -108.36 70.13
CA ARG Y 79 -52.12 -108.02 70.39
C ARG Y 79 -53.02 -107.99 69.14
N ILE Y 80 -52.46 -108.32 67.97
CA ILE Y 80 -53.23 -108.24 66.72
C ILE Y 80 -53.26 -109.51 65.89
N THR Y 81 -52.72 -110.61 66.39
CA THR Y 81 -52.52 -111.77 65.54
C THR Y 81 -53.77 -112.64 65.47
N ALA Y 82 -54.71 -112.42 66.37
CA ALA Y 82 -56.01 -113.10 66.31
C ALA Y 82 -56.98 -112.23 65.54
N SER Y 83 -57.08 -111.00 65.98
CA SER Y 83 -57.94 -110.01 65.38
C SER Y 83 -57.22 -108.69 65.62
N ALA Y 84 -57.36 -107.76 64.68
CA ALA Y 84 -56.63 -106.51 64.76
C ALA Y 84 -57.59 -105.33 64.93
N ASP Y 85 -57.67 -104.79 66.14
CA ASP Y 85 -58.45 -103.57 66.36
C ASP Y 85 -57.73 -102.40 65.68
N PRO Y 86 -58.48 -101.57 64.97
CA PRO Y 86 -57.87 -100.38 64.36
C PRO Y 86 -57.11 -99.50 65.37
N VAL Y 87 -57.51 -99.48 66.65
CA VAL Y 87 -56.80 -98.67 67.63
C VAL Y 87 -55.33 -99.07 67.71
N TYR Y 88 -55.06 -100.37 67.63
CA TYR Y 88 -53.68 -100.85 67.60
C TYR Y 88 -53.00 -100.53 66.28
N THR Y 89 -53.65 -100.89 65.18
CA THR Y 89 -53.01 -100.78 63.86
C THR Y 89 -52.72 -99.34 63.44
N LEU Y 90 -53.46 -98.39 64.00
CA LEU Y 90 -53.28 -96.98 63.66
C LEU Y 90 -52.44 -96.23 64.69
N SER Y 91 -51.97 -96.94 65.70
CA SER Y 91 -51.22 -96.31 66.79
C SER Y 91 -49.72 -96.19 66.50
N VAL Y 92 -49.30 -96.74 65.37
CA VAL Y 92 -47.90 -96.64 64.92
C VAL Y 92 -47.93 -96.07 63.54
N PRO Y 93 -46.78 -95.64 63.01
CA PRO Y 93 -46.79 -95.12 61.63
C PRO Y 93 -47.48 -96.11 60.67
N HIS Y 94 -48.33 -95.61 59.79
CA HIS Y 94 -49.18 -96.49 58.99
C HIS Y 94 -49.67 -95.81 57.73
N TRP Y 95 -50.18 -96.62 56.81
CA TRP Y 95 -50.64 -96.12 55.53
C TRP Y 95 -51.94 -96.80 55.15
N LEU Y 96 -52.92 -96.05 54.65
CA LEU Y 96 -54.14 -96.67 54.12
C LEU Y 96 -53.91 -97.16 52.69
N ILE Y 97 -54.35 -98.38 52.43
CA ILE Y 97 -54.25 -98.95 51.11
C ILE Y 97 -55.64 -99.17 50.56
N HIS Y 98 -56.04 -98.34 49.60
CA HIS Y 98 -57.38 -98.44 49.03
C HIS Y 98 -57.38 -99.36 47.81
N HIS Y 99 -58.32 -100.30 47.79
CA HIS Y 99 -58.36 -101.30 46.74
C HIS Y 99 -58.65 -100.63 45.40
N LYS Y 100 -59.44 -99.57 45.43
CA LYS Y 100 -59.77 -98.89 44.17
C LYS Y 100 -58.53 -98.31 43.48
N LEU Y 101 -57.47 -98.02 44.23
CA LEU Y 101 -56.28 -97.37 43.67
C LEU Y 101 -55.21 -98.33 43.21
N GLY Y 102 -55.46 -99.62 43.44
CA GLY Y 102 -54.53 -100.64 43.00
C GLY Y 102 -53.19 -100.59 43.71
N THR Y 103 -52.13 -100.79 42.93
CA THR Y 103 -50.78 -100.88 43.46
C THR Y 103 -50.36 -99.64 44.26
N PHE Y 104 -49.81 -99.88 45.44
CA PHE Y 104 -49.57 -98.86 46.43
C PHE Y 104 -48.09 -98.69 46.68
N SER Y 105 -47.67 -97.45 46.95
CA SER Y 105 -46.26 -97.18 47.22
C SER Y 105 -46.08 -96.07 48.25
N CYS Y 106 -45.03 -96.18 49.06
CA CYS Y 106 -44.68 -95.12 50.00
C CYS Y 106 -43.20 -95.17 50.36
N GLU Y 107 -42.71 -94.11 50.99
CA GLU Y 107 -41.31 -94.06 51.42
C GLU Y 107 -41.19 -94.15 52.91
N ILE Y 108 -40.20 -94.89 53.35
CA ILE Y 108 -39.92 -95.02 54.75
C ILE Y 108 -38.48 -94.58 54.93
N ASP Y 109 -38.27 -93.41 55.52
CA ASP Y 109 -36.93 -93.00 55.92
C ASP Y 109 -36.64 -93.67 57.25
N TYR Y 110 -35.89 -94.77 57.20
CA TYR Y 110 -35.64 -95.59 58.37
C TYR Y 110 -34.96 -94.77 59.45
N GLY Y 111 -34.22 -93.73 59.03
CA GLY Y 111 -33.62 -92.80 59.96
C GLY Y 111 -34.60 -92.10 60.88
N GLU Y 112 -35.74 -91.68 60.31
CA GLU Y 112 -36.80 -91.02 61.08
C GLU Y 112 -37.76 -91.99 61.76
N LEU Y 113 -38.48 -92.77 60.95
CA LEU Y 113 -39.48 -93.69 61.50
C LEU Y 113 -38.92 -94.75 62.46
N CYS Y 114 -37.65 -95.08 62.33
CA CYS Y 114 -37.06 -96.07 63.23
C CYS Y 114 -36.00 -95.49 64.18
N GLY Y 115 -34.93 -94.91 63.65
CA GLY Y 115 -33.97 -94.22 64.50
C GLY Y 115 -32.64 -94.90 64.77
N HIS Y 116 -32.59 -96.22 64.68
CA HIS Y 116 -31.31 -96.90 64.79
C HIS Y 116 -30.95 -97.69 63.55
N ALA Y 117 -29.65 -97.78 63.25
CA ALA Y 117 -29.19 -98.49 62.06
C ALA Y 117 -29.24 -100.03 62.17
N MET Y 118 -29.52 -100.69 61.04
CA MET Y 118 -29.65 -102.14 61.03
C MET Y 118 -28.33 -102.90 60.88
N TRP Y 119 -28.13 -103.87 61.76
CA TRP Y 119 -26.92 -104.67 61.76
C TRP Y 119 -27.12 -105.96 60.97
N PHE Y 120 -26.24 -106.21 60.03
CA PHE Y 120 -26.43 -107.30 59.08
C PHE Y 120 -26.63 -108.67 59.72
N LYS Y 121 -25.99 -108.92 60.84
CA LYS Y 121 -25.93 -110.30 61.35
C LYS Y 121 -27.04 -110.67 62.34
N SER Y 122 -27.63 -109.66 62.96
CA SER Y 122 -28.65 -109.93 63.96
C SER Y 122 -29.43 -108.68 64.33
N THR Y 123 -30.62 -108.91 64.87
CA THR Y 123 -31.43 -107.83 65.38
C THR Y 123 -30.71 -107.17 66.58
N THR Y 124 -30.66 -105.84 66.59
CA THR Y 124 -30.04 -105.13 67.70
C THR Y 124 -31.01 -105.00 68.86
N PHE Y 125 -32.10 -104.26 68.66
CA PHE Y 125 -33.08 -104.11 69.73
C PHE Y 125 -34.24 -105.06 69.53
N GLU Y 126 -35.24 -104.64 68.79
CA GLU Y 126 -36.23 -105.61 68.37
C GLU Y 126 -36.25 -105.65 66.86
N SER Y 127 -36.89 -106.68 66.31
CA SER Y 127 -36.93 -106.93 64.87
C SER Y 127 -38.09 -106.20 64.20
N PRO Y 128 -37.78 -105.29 63.25
CA PRO Y 128 -38.75 -104.42 62.57
C PRO Y 128 -39.78 -105.19 61.71
N ARG Y 129 -41.05 -104.94 61.94
CA ARG Y 129 -42.11 -105.63 61.22
C ARG Y 129 -43.01 -104.72 60.39
N LEU Y 130 -43.60 -105.27 59.33
CA LEU Y 130 -44.72 -104.65 58.63
C LEU Y 130 -45.96 -105.50 58.87
N HIS Y 131 -47.00 -104.91 59.44
CA HIS Y 131 -48.26 -105.63 59.65
C HIS Y 131 -49.29 -105.27 58.58
N PHE Y 132 -50.01 -106.28 58.08
CA PHE Y 132 -51.08 -106.02 57.14
C PHE Y 132 -52.43 -106.46 57.70
N THR Y 133 -53.32 -105.49 57.86
CA THR Y 133 -54.62 -105.74 58.44
C THR Y 133 -55.70 -105.15 57.53
N CYS Y 134 -56.92 -105.63 57.69
CA CYS Y 134 -58.02 -105.11 56.91
C CYS Y 134 -58.82 -104.08 57.73
N LEU Y 135 -58.91 -102.85 57.23
CA LEU Y 135 -59.55 -101.76 57.98
C LEU Y 135 -61.05 -101.72 57.75
N THR Y 136 -61.44 -101.78 56.47
CA THR Y 136 -62.84 -101.91 56.07
C THR Y 136 -62.99 -103.12 55.19
N GLY Y 137 -64.03 -103.92 55.43
CA GLY Y 137 -64.18 -105.19 54.74
C GLY Y 137 -64.79 -105.09 53.36
N ASN Y 138 -64.76 -106.19 52.62
CA ASN Y 138 -65.40 -106.23 51.32
C ASN Y 138 -66.92 -106.28 51.48
N ASN Y 139 -67.64 -105.78 50.50
CA ASN Y 139 -69.08 -105.63 50.62
C ASN Y 139 -69.76 -106.98 50.59
N LYS Y 140 -69.14 -107.90 49.86
CA LYS Y 140 -69.55 -109.30 49.76
C LYS Y 140 -68.25 -110.05 49.49
N GLU Y 141 -68.21 -111.35 49.78
CA GLU Y 141 -66.96 -112.06 49.54
C GLU Y 141 -66.60 -112.03 48.04
N LEU Y 142 -65.31 -112.17 47.76
CA LEU Y 142 -64.85 -112.27 46.38
C LEU Y 142 -64.95 -113.71 45.88
N ALA Y 143 -64.50 -113.94 44.65
CA ALA Y 143 -64.68 -115.25 44.04
C ALA Y 143 -63.79 -116.33 44.64
N ALA Y 144 -62.58 -115.94 45.04
CA ALA Y 144 -61.61 -116.90 45.56
C ALA Y 144 -60.52 -116.22 46.37
N ASP Y 145 -59.76 -117.03 47.10
CA ASP Y 145 -58.59 -116.53 47.84
C ASP Y 145 -57.60 -115.96 46.84
N TRP Y 146 -56.83 -114.96 47.26
CA TRP Y 146 -55.81 -114.36 46.41
C TRP Y 146 -54.62 -113.90 47.23
N GLN Y 147 -53.64 -113.28 46.58
CA GLN Y 147 -52.48 -112.76 47.30
C GLN Y 147 -52.02 -111.42 46.79
N ALA Y 148 -51.31 -110.69 47.64
CA ALA Y 148 -50.68 -109.45 47.23
C ALA Y 148 -49.19 -109.61 47.46
N VAL Y 149 -48.38 -108.88 46.70
CA VAL Y 149 -46.92 -108.98 46.83
C VAL Y 149 -46.37 -107.70 47.44
N VAL Y 150 -45.52 -107.83 48.44
CA VAL Y 150 -44.87 -106.68 49.07
C VAL Y 150 -43.40 -106.62 48.67
N GLU Y 151 -42.94 -105.46 48.18
CA GLU Y 151 -41.57 -105.33 47.74
C GLU Y 151 -40.84 -104.17 48.40
N LEU Y 152 -39.60 -104.40 48.82
CA LEU Y 152 -38.73 -103.35 49.36
C LEU Y 152 -37.70 -102.94 48.31
N TYR Y 153 -37.65 -101.67 47.97
CA TYR Y 153 -36.62 -101.13 47.08
C TYR Y 153 -35.73 -100.21 47.87
N ALA Y 154 -34.43 -100.33 47.68
CA ALA Y 154 -33.48 -99.51 48.44
C ALA Y 154 -32.11 -99.60 47.79
N GLU Y 155 -31.31 -98.56 47.95
CA GLU Y 155 -29.90 -98.63 47.58
C GLU Y 155 -29.09 -98.54 48.86
N LEU Y 156 -28.82 -99.70 49.46
CA LEU Y 156 -28.16 -99.74 50.76
C LEU Y 156 -26.73 -99.24 50.69
N GLU Y 157 -26.41 -98.28 51.55
CA GLU Y 157 -25.02 -97.87 51.73
C GLU Y 157 -24.65 -97.87 53.22
N GLU Y 158 -23.36 -97.95 53.50
CA GLU Y 158 -22.87 -98.04 54.87
C GLU Y 158 -23.30 -96.84 55.68
N ALA Y 159 -23.83 -97.11 56.88
CA ALA Y 159 -24.26 -96.08 57.79
C ALA Y 159 -23.07 -95.49 58.58
N THR Y 160 -23.06 -94.17 58.67
CA THR Y 160 -21.97 -93.46 59.30
C THR Y 160 -22.14 -93.41 60.83
N SER Y 161 -23.39 -93.33 61.31
CA SER Y 161 -23.69 -93.27 62.75
C SER Y 161 -24.67 -94.36 63.17
N PHE Y 162 -24.71 -94.69 64.45
CA PHE Y 162 -25.69 -95.67 64.93
C PHE Y 162 -27.08 -95.07 64.99
N LEU Y 163 -27.14 -93.82 65.42
CA LEU Y 163 -28.41 -93.16 65.67
C LEU Y 163 -28.82 -92.27 64.51
N GLY Y 164 -30.13 -92.22 64.25
CA GLY Y 164 -30.73 -91.31 63.27
C GLY Y 164 -30.78 -89.88 63.81
N LYS Y 165 -31.67 -89.08 63.24
CA LYS Y 165 -31.96 -87.77 63.79
C LYS Y 165 -33.22 -87.94 64.62
N PRO Y 166 -33.29 -87.27 65.77
CA PRO Y 166 -34.41 -87.49 66.69
C PRO Y 166 -35.72 -86.98 66.11
N THR Y 167 -36.74 -87.86 66.08
CA THR Y 167 -38.11 -87.52 65.72
C THR Y 167 -38.68 -86.39 66.61
N LEU Y 168 -38.30 -86.36 67.89
CA LEU Y 168 -38.88 -85.43 68.84
C LEU Y 168 -37.89 -85.01 69.93
N VAL Y 169 -37.91 -83.73 70.30
CA VAL Y 169 -37.09 -83.28 71.41
C VAL Y 169 -37.97 -82.69 72.49
N PHE Y 170 -37.80 -83.18 73.73
CA PHE Y 170 -38.71 -82.80 74.79
C PHE Y 170 -38.77 -81.30 75.05
N ASP Y 171 -40.00 -80.78 75.04
CA ASP Y 171 -40.27 -79.37 75.32
C ASP Y 171 -41.77 -79.25 75.67
N PRO Y 172 -42.04 -78.85 76.92
CA PRO Y 172 -43.38 -78.74 77.52
C PRO Y 172 -44.23 -77.72 76.80
N GLY Y 173 -43.57 -76.62 76.44
CA GLY Y 173 -44.23 -75.48 75.84
C GLY Y 173 -44.36 -75.57 74.33
N VAL Y 174 -44.17 -76.77 73.78
CA VAL Y 174 -44.22 -76.92 72.32
C VAL Y 174 -44.97 -78.16 71.82
N PHE Y 175 -46.21 -77.83 71.44
CA PHE Y 175 -47.14 -78.63 70.66
C PHE Y 175 -47.67 -77.68 69.60
N ASN Y 176 -47.14 -77.78 68.38
CA ASN Y 176 -47.51 -76.90 67.27
C ASN Y 176 -49.02 -76.89 67.00
N GLY Y 177 -49.57 -78.06 66.75
CA GLY Y 177 -50.94 -78.15 66.33
C GLY Y 177 -51.02 -78.96 65.06
N LYS Y 178 -49.85 -79.30 64.50
CA LYS Y 178 -49.79 -80.20 63.34
C LYS Y 178 -49.62 -81.66 63.80
N PHE Y 179 -50.27 -82.59 63.10
CA PHE Y 179 -50.17 -84.01 63.45
C PHE Y 179 -49.61 -84.82 62.29
N GLN Y 180 -49.01 -85.97 62.60
CA GLN Y 180 -48.81 -87.01 61.59
C GLN Y 180 -49.41 -88.31 62.10
N PHE Y 181 -49.87 -89.14 61.16
CA PHE Y 181 -50.41 -90.46 61.48
C PHE Y 181 -51.55 -90.47 62.48
N LEU Y 182 -52.38 -89.42 62.43
CA LEU Y 182 -53.57 -89.38 63.24
C LEU Y 182 -54.78 -89.81 62.44
N THR Y 183 -55.12 -91.09 62.55
CA THR Y 183 -56.22 -91.66 61.80
C THR Y 183 -57.26 -92.20 62.78
N CYS Y 184 -58.52 -91.79 62.61
CA CYS Y 184 -59.60 -92.27 63.44
C CYS Y 184 -60.09 -93.60 62.93
N PRO Y 185 -60.42 -94.52 63.84
CA PRO Y 185 -61.07 -95.77 63.44
C PRO Y 185 -62.30 -95.50 62.57
N PRO Y 186 -62.64 -96.46 61.72
CA PRO Y 186 -63.71 -96.28 60.75
C PRO Y 186 -65.04 -96.03 61.44
N ILE Y 187 -65.82 -95.12 60.85
CA ILE Y 187 -67.17 -94.79 61.26
C ILE Y 187 -68.12 -95.47 60.26
N PHE Y 188 -69.20 -96.09 60.73
CA PHE Y 188 -70.08 -96.83 59.82
C PHE Y 188 -71.49 -96.28 59.71
N PHE Y 189 -72.05 -96.26 58.50
CA PHE Y 189 -73.45 -95.89 58.28
C PHE Y 189 -74.28 -97.04 57.72
N ASP Y 190 -75.44 -97.30 58.30
CA ASP Y 190 -76.33 -98.37 57.83
C ASP Y 190 -77.13 -97.85 56.67
N LEU Y 191 -77.42 -98.71 55.70
CA LEU Y 191 -78.21 -98.24 54.59
C LEU Y 191 -79.70 -98.46 54.85
N THR Y 192 -80.00 -99.02 56.00
CA THR Y 192 -81.38 -99.18 56.43
C THR Y 192 -81.88 -97.97 57.21
N ALA Y 193 -81.17 -96.86 57.05
CA ALA Y 193 -81.50 -95.65 57.78
C ALA Y 193 -81.52 -94.45 56.86
N VAL Y 194 -82.64 -93.75 56.87
CA VAL Y 194 -82.79 -92.61 55.97
C VAL Y 194 -81.88 -91.43 56.32
N THR Y 195 -81.64 -91.18 57.60
CA THR Y 195 -80.59 -90.27 58.04
C THR Y 195 -79.89 -90.87 59.24
N ALA Y 196 -78.73 -90.30 59.59
CA ALA Y 196 -77.98 -90.80 60.73
C ALA Y 196 -76.92 -89.84 61.19
N LEU Y 197 -76.52 -90.00 62.45
CA LEU Y 197 -75.47 -89.19 62.99
C LEU Y 197 -74.37 -90.10 63.49
N ARG Y 198 -73.12 -89.71 63.25
CA ARG Y 198 -71.97 -90.36 63.90
C ARG Y 198 -71.06 -89.30 64.47
N SER Y 199 -70.80 -89.39 65.78
CA SER Y 199 -69.91 -88.42 66.43
C SER Y 199 -68.47 -88.90 66.48
N ALA Y 200 -67.54 -87.97 66.34
CA ALA Y 200 -66.13 -88.24 66.64
C ALA Y 200 -65.70 -87.24 67.71
N GLY Y 201 -65.23 -87.74 68.85
CA GLY Y 201 -64.80 -86.86 69.92
C GLY Y 201 -63.60 -86.06 69.51
N LEU Y 202 -63.53 -84.83 70.00
CA LEU Y 202 -62.37 -83.98 69.69
C LEU Y 202 -61.48 -83.77 70.91
N THR Y 203 -61.73 -84.56 71.96
CA THR Y 203 -60.91 -84.53 73.16
C THR Y 203 -59.66 -85.41 72.96
N LEU Y 204 -58.76 -84.92 72.12
CA LEU Y 204 -57.69 -85.71 71.53
C LEU Y 204 -56.58 -86.17 72.48
N GLY Y 205 -56.55 -85.64 73.70
CA GLY Y 205 -55.55 -86.07 74.66
C GLY Y 205 -55.95 -87.34 75.40
N GLN Y 206 -57.19 -87.77 75.18
CA GLN Y 206 -57.74 -88.95 75.81
C GLN Y 206 -56.99 -90.17 75.28
N VAL Y 207 -56.64 -91.11 76.15
CA VAL Y 207 -55.91 -92.29 75.69
C VAL Y 207 -56.90 -93.34 75.21
N PRO Y 208 -56.72 -93.81 73.98
CA PRO Y 208 -57.62 -94.77 73.32
C PRO Y 208 -57.58 -96.11 74.02
N MET Y 209 -58.68 -96.86 73.96
CA MET Y 209 -58.71 -98.17 74.62
C MET Y 209 -59.26 -99.28 73.75
N VAL Y 210 -58.80 -100.48 74.04
CA VAL Y 210 -59.32 -101.67 73.40
C VAL Y 210 -59.66 -102.61 74.53
N GLY Y 211 -60.94 -102.66 74.88
CA GLY Y 211 -61.35 -103.38 76.08
C GLY Y 211 -60.79 -102.68 77.30
N THR Y 212 -60.06 -103.41 78.11
CA THR Y 212 -59.46 -102.85 79.31
C THR Y 212 -58.02 -102.37 79.06
N THR Y 213 -57.55 -102.56 77.83
CA THR Y 213 -56.18 -102.19 77.45
C THR Y 213 -56.03 -100.74 76.99
N LYS Y 214 -55.20 -99.97 77.70
CA LYS Y 214 -54.87 -98.61 77.27
C LYS Y 214 -53.82 -98.64 76.16
N VAL Y 215 -54.04 -97.90 75.09
CA VAL Y 215 -53.05 -97.84 74.04
C VAL Y 215 -52.39 -96.46 73.96
N TYR Y 216 -51.33 -96.24 74.74
CA TYR Y 216 -50.64 -94.97 74.72
C TYR Y 216 -50.04 -94.73 73.35
N ASN Y 217 -50.21 -93.53 72.81
CA ASN Y 217 -49.61 -93.22 71.52
C ASN Y 217 -49.13 -91.77 71.49
N LEU Y 218 -48.26 -91.45 70.53
CA LEU Y 218 -47.63 -90.12 70.51
C LEU Y 218 -48.61 -88.98 70.33
N ASN Y 219 -49.61 -89.15 69.46
CA ASN Y 219 -50.58 -88.07 69.20
C ASN Y 219 -51.39 -87.63 70.43
N SER Y 220 -52.00 -88.57 71.13
CA SER Y 220 -52.73 -88.20 72.34
C SER Y 220 -51.77 -87.63 73.39
N THR Y 221 -50.58 -88.19 73.47
CA THR Y 221 -49.55 -87.67 74.36
C THR Y 221 -49.21 -86.20 74.06
N LEU Y 222 -49.00 -85.87 72.77
CA LEU Y 222 -48.76 -84.48 72.38
C LEU Y 222 -49.92 -83.55 72.82
N VAL Y 223 -51.14 -83.91 72.44
CA VAL Y 223 -52.28 -83.10 72.83
C VAL Y 223 -52.35 -82.90 74.37
N SER Y 224 -51.95 -83.91 75.13
CA SER Y 224 -52.01 -83.77 76.58
C SER Y 224 -51.04 -82.71 77.11
N CYS Y 225 -50.12 -82.25 76.26
CA CYS Y 225 -49.12 -81.23 76.64
C CYS Y 225 -49.69 -79.84 76.71
N VAL Y 226 -50.98 -79.77 76.39
CA VAL Y 226 -51.73 -78.53 76.36
C VAL Y 226 -53.00 -78.68 77.23
N LEU Y 227 -53.59 -77.56 77.65
CA LEU Y 227 -54.79 -77.66 78.50
C LEU Y 227 -56.05 -77.83 77.66
N GLY Y 228 -56.01 -77.29 76.44
CA GLY Y 228 -57.12 -77.38 75.52
C GLY Y 228 -56.78 -76.67 74.23
N MET Y 229 -57.70 -76.72 73.26
CA MET Y 229 -57.42 -76.17 71.93
C MET Y 229 -58.70 -75.74 71.25
N GLY Y 230 -58.59 -74.70 70.45
CA GLY Y 230 -59.68 -74.26 69.60
C GLY Y 230 -59.10 -74.01 68.23
N GLY Y 231 -59.97 -73.73 67.26
CA GLY Y 231 -59.46 -73.44 65.94
C GLY Y 231 -60.18 -74.26 64.91
N THR Y 232 -59.52 -74.52 63.78
CA THR Y 232 -60.16 -75.27 62.72
C THR Y 232 -59.47 -76.61 62.51
N VAL Y 233 -60.26 -77.69 62.50
CA VAL Y 233 -59.77 -79.03 62.21
C VAL Y 233 -59.61 -79.23 60.70
N ARG Y 234 -58.39 -79.40 60.22
CA ARG Y 234 -58.15 -79.70 58.80
C ARG Y 234 -57.92 -81.18 58.68
N GLY Y 235 -58.68 -81.85 57.84
CA GLY Y 235 -58.51 -83.29 57.69
C GLY Y 235 -58.87 -83.80 56.32
N ARG Y 236 -58.84 -85.12 56.18
CA ARG Y 236 -59.28 -85.78 54.94
C ARG Y 236 -60.34 -86.83 55.28
N VAL Y 237 -61.30 -87.00 54.40
CA VAL Y 237 -62.32 -88.02 54.57
C VAL Y 237 -62.18 -89.03 53.46
N HIS Y 238 -62.16 -90.31 53.81
CA HIS Y 238 -62.17 -91.36 52.81
C HIS Y 238 -63.46 -92.15 52.87
N ILE Y 239 -64.11 -92.27 51.72
CA ILE Y 239 -65.29 -93.09 51.64
C ILE Y 239 -64.93 -94.48 51.12
N CYS Y 240 -65.02 -95.47 52.00
CA CYS Y 240 -64.44 -96.78 51.73
C CYS Y 240 -65.49 -97.81 51.37
N ALA Y 241 -66.09 -97.63 50.19
CA ALA Y 241 -67.11 -98.53 49.69
C ALA Y 241 -66.98 -98.66 48.16
N PRO Y 242 -67.66 -99.67 47.58
CA PRO Y 242 -67.68 -99.89 46.13
C PRO Y 242 -68.24 -98.66 45.36
N ILE Y 243 -67.87 -98.44 44.09
CA ILE Y 243 -68.41 -97.31 43.30
C ILE Y 243 -69.93 -97.23 43.30
N PHE Y 244 -70.60 -98.35 43.56
CA PHE Y 244 -72.06 -98.38 43.49
C PHE Y 244 -72.73 -98.04 44.82
N TYR Y 245 -71.92 -97.78 45.83
CA TYR Y 245 -72.38 -97.17 47.07
C TYR Y 245 -72.16 -95.67 46.98
N SER Y 246 -73.02 -94.88 47.61
CA SER Y 246 -72.78 -93.43 47.65
C SER Y 246 -73.53 -92.77 48.76
N ILE Y 247 -73.04 -91.60 49.17
CA ILE Y 247 -73.56 -90.94 50.34
C ILE Y 247 -73.33 -89.45 50.28
N VAL Y 248 -74.11 -88.68 51.03
CA VAL Y 248 -73.85 -87.26 51.19
C VAL Y 248 -73.87 -86.92 52.66
N LEU Y 249 -72.79 -86.30 53.13
CA LEU Y 249 -72.65 -85.97 54.54
C LEU Y 249 -72.62 -84.47 54.79
N TRP Y 250 -73.24 -84.06 55.90
CA TRP Y 250 -73.09 -82.72 56.43
C TRP Y 250 -72.17 -82.89 57.61
N VAL Y 251 -70.99 -82.27 57.55
CA VAL Y 251 -70.00 -82.40 58.63
C VAL Y 251 -69.87 -81.08 59.39
N VAL Y 252 -70.16 -81.12 60.68
CA VAL Y 252 -70.17 -79.90 61.47
C VAL Y 252 -69.76 -80.15 62.92
N SER Y 253 -69.30 -79.10 63.62
CA SER Y 253 -68.92 -79.25 65.02
C SER Y 253 -70.02 -78.82 65.99
N GLU Y 254 -70.24 -79.59 67.05
CA GLU Y 254 -71.26 -79.25 68.05
C GLU Y 254 -70.78 -79.41 69.48
N TRP Y 255 -71.40 -78.67 70.38
CA TRP Y 255 -70.95 -78.66 71.77
C TRP Y 255 -71.97 -79.29 72.68
N ASN Y 256 -71.51 -80.21 73.51
CA ASN Y 256 -72.32 -80.86 74.53
C ASN Y 256 -73.67 -81.33 74.02
N GLY Y 257 -73.67 -82.43 73.30
CA GLY Y 257 -74.89 -82.95 72.72
C GLY Y 257 -75.05 -82.43 71.30
N THR Y 258 -76.21 -82.71 70.71
CA THR Y 258 -76.49 -82.26 69.36
C THR Y 258 -77.87 -81.64 69.33
N THR Y 259 -78.11 -80.77 68.37
CA THR Y 259 -79.42 -80.17 68.24
C THR Y 259 -80.34 -81.19 67.63
N MET Y 260 -81.62 -81.06 67.93
CA MET Y 260 -82.61 -82.01 67.43
C MET Y 260 -83.39 -81.38 66.28
N ASP Y 261 -83.12 -80.11 66.02
CA ASP Y 261 -83.83 -79.34 65.02
C ASP Y 261 -83.01 -79.22 63.72
N TRP Y 262 -83.44 -79.92 62.68
CA TRP Y 262 -82.73 -79.91 61.40
C TRP Y 262 -82.45 -78.52 60.87
N ASN Y 263 -83.33 -77.57 61.17
CA ASN Y 263 -83.14 -76.22 60.66
C ASN Y 263 -82.03 -75.50 61.37
N GLU Y 264 -81.93 -75.72 62.68
CA GLU Y 264 -80.84 -75.13 63.45
C GLU Y 264 -79.52 -75.73 62.97
N LEU Y 265 -79.54 -77.04 62.73
CA LEU Y 265 -78.36 -77.77 62.29
C LEU Y 265 -77.70 -77.13 61.07
N PHE Y 266 -78.52 -76.63 60.14
CA PHE Y 266 -77.98 -76.09 58.91
C PHE Y 266 -77.69 -74.61 58.99
N LYS Y 267 -77.89 -74.04 60.16
CA LYS Y 267 -77.48 -72.66 60.39
C LYS Y 267 -76.06 -72.65 60.94
N TYR Y 268 -75.52 -73.83 61.28
CA TYR Y 268 -74.15 -73.94 61.76
C TYR Y 268 -73.21 -73.89 60.58
N PRO Y 269 -71.93 -73.57 60.84
CA PRO Y 269 -70.88 -73.58 59.81
C PRO Y 269 -70.24 -74.95 59.58
N GLY Y 270 -70.90 -75.75 58.75
CA GLY Y 270 -70.42 -77.07 58.36
C GLY Y 270 -70.02 -77.13 56.88
N VAL Y 271 -69.70 -78.34 56.42
CA VAL Y 271 -69.28 -78.56 55.04
C VAL Y 271 -69.94 -79.82 54.54
N TYR Y 272 -70.15 -79.91 53.22
CA TYR Y 272 -70.73 -81.11 52.64
C TYR Y 272 -69.61 -82.03 52.14
N VAL Y 273 -69.79 -83.33 52.33
CA VAL Y 273 -68.83 -84.30 51.83
C VAL Y 273 -69.59 -85.32 50.98
N GLU Y 274 -69.27 -85.38 49.68
CA GLU Y 274 -69.92 -86.33 48.76
C GLU Y 274 -68.95 -87.41 48.35
N GLU Y 275 -67.66 -87.17 48.55
CA GLU Y 275 -66.61 -88.07 48.06
C GLU Y 275 -65.27 -87.87 48.78
N ASP Y 276 -64.33 -88.78 48.56
CA ASP Y 276 -62.95 -88.63 49.07
C ASP Y 276 -62.52 -87.17 48.90
N GLY Y 277 -61.93 -86.60 49.94
CA GLY Y 277 -61.45 -85.23 49.88
C GLY Y 277 -61.02 -84.67 51.22
N SER Y 278 -60.48 -83.47 51.22
CA SER Y 278 -60.13 -82.80 52.46
C SER Y 278 -61.32 -81.94 52.97
N PHE Y 279 -61.28 -81.52 54.23
CA PHE Y 279 -62.35 -80.72 54.85
C PHE Y 279 -61.73 -79.83 55.93
N GLU Y 280 -62.35 -78.67 56.17
CA GLU Y 280 -62.01 -77.81 57.32
C GLU Y 280 -63.27 -77.50 58.09
N VAL Y 281 -63.30 -77.83 59.37
CA VAL Y 281 -64.43 -77.49 60.21
C VAL Y 281 -63.97 -76.78 61.46
N LYS Y 282 -64.66 -75.68 61.80
CA LYS Y 282 -64.37 -74.92 63.01
C LYS Y 282 -64.79 -75.69 64.27
N ILE Y 283 -63.90 -75.78 65.24
CA ILE Y 283 -64.22 -76.35 66.54
C ILE Y 283 -65.15 -75.40 67.26
N ARG Y 284 -66.36 -75.87 67.49
CA ARG Y 284 -67.41 -75.06 68.08
C ARG Y 284 -67.52 -75.24 69.61
N SER Y 285 -67.42 -74.15 70.36
CA SER Y 285 -67.47 -74.26 71.82
C SER Y 285 -67.73 -72.92 72.49
N PRO Y 286 -68.45 -72.93 73.62
CA PRO Y 286 -68.79 -71.73 74.40
C PRO Y 286 -67.55 -70.97 74.84
N TYR Y 287 -66.42 -71.68 74.86
CA TYR Y 287 -65.13 -71.12 75.31
C TYR Y 287 -64.16 -71.00 74.15
N HIS Y 288 -64.65 -71.37 72.97
CA HIS Y 288 -63.87 -71.31 71.74
C HIS Y 288 -62.79 -72.38 71.71
N ARG Y 289 -62.65 -73.10 72.82
CA ARG Y 289 -61.68 -74.19 72.93
C ARG Y 289 -62.37 -75.39 73.57
N THR Y 290 -61.91 -76.59 73.26
CA THR Y 290 -62.35 -77.79 73.96
C THR Y 290 -61.17 -78.32 74.79
N PRO Y 291 -61.44 -78.83 75.99
CA PRO Y 291 -60.37 -79.32 76.85
C PRO Y 291 -59.64 -80.51 76.27
N ALA Y 292 -58.35 -80.60 76.57
CA ALA Y 292 -57.47 -81.65 76.05
C ALA Y 292 -57.77 -83.03 76.60
N ARG Y 293 -58.18 -83.10 77.88
CA ARG Y 293 -58.53 -84.37 78.50
C ARG Y 293 -59.79 -84.25 79.35
N LEU Y 294 -60.39 -85.38 79.71
CA LEU Y 294 -61.59 -85.38 80.51
C LEU Y 294 -61.33 -85.42 82.02
N LEU Y 295 -62.19 -84.77 82.79
CA LEU Y 295 -62.24 -84.96 84.23
C LEU Y 295 -63.18 -86.11 84.56
N ALA Y 296 -63.18 -86.54 85.82
CA ALA Y 296 -63.94 -87.72 86.23
C ALA Y 296 -65.43 -87.57 85.92
N GLY Y 297 -66.04 -88.64 85.40
CA GLY Y 297 -67.47 -88.64 85.14
C GLY Y 297 -67.89 -87.79 83.95
N GLN Y 298 -66.93 -87.27 83.23
CA GLN Y 298 -67.19 -86.56 81.99
C GLN Y 298 -67.15 -87.53 80.80
N SER Y 299 -67.71 -87.09 79.68
CA SER Y 299 -67.78 -87.87 78.45
C SER Y 299 -67.24 -86.99 77.33
N GLN Y 300 -66.66 -87.60 76.30
CA GLN Y 300 -66.08 -86.79 75.24
C GLN Y 300 -67.18 -85.98 74.55
N ARG Y 301 -68.42 -86.47 74.62
CA ARG Y 301 -69.53 -85.83 73.93
C ARG Y 301 -70.05 -84.59 74.65
N ASP Y 302 -69.62 -84.41 75.90
CA ASP Y 302 -70.00 -83.25 76.72
C ASP Y 302 -69.25 -82.01 76.23
N MET Y 303 -68.18 -82.23 75.47
CA MET Y 303 -67.38 -81.13 74.93
C MET Y 303 -67.62 -80.92 73.43
N SER Y 304 -66.57 -80.48 72.74
CA SER Y 304 -66.66 -80.26 71.30
C SER Y 304 -66.43 -81.54 70.51
N SER Y 305 -67.32 -81.81 69.55
CA SER Y 305 -67.21 -83.01 68.72
C SER Y 305 -67.32 -82.64 67.25
N LEU Y 306 -66.76 -83.52 66.41
CA LEU Y 306 -66.84 -83.41 64.95
C LEU Y 306 -67.92 -84.37 64.51
N ASN Y 307 -69.08 -83.83 64.10
CA ASN Y 307 -70.27 -84.64 63.80
C ASN Y 307 -70.54 -84.91 62.32
N PHE Y 308 -70.78 -86.18 62.00
CA PHE Y 308 -71.00 -86.59 60.63
C PHE Y 308 -72.46 -86.98 60.48
N TYR Y 309 -73.21 -86.12 59.79
CA TYR Y 309 -74.63 -86.33 59.54
C TYR Y 309 -74.85 -86.86 58.13
N ALA Y 310 -75.41 -88.05 58.02
CA ALA Y 310 -75.81 -88.55 56.72
C ALA Y 310 -77.16 -87.91 56.37
N ILE Y 311 -77.14 -87.02 55.39
CA ILE Y 311 -78.35 -86.29 55.01
C ILE Y 311 -78.99 -86.82 53.72
N ALA Y 312 -78.25 -87.58 52.94
CA ALA Y 312 -78.80 -88.29 51.80
C ALA Y 312 -78.07 -89.62 51.59
N GLY Y 313 -78.77 -90.71 51.85
CA GLY Y 313 -78.12 -92.00 51.81
C GLY Y 313 -77.60 -92.41 53.17
N PRO Y 314 -76.68 -93.40 53.18
CA PRO Y 314 -76.12 -94.06 52.00
C PRO Y 314 -77.14 -94.86 51.18
N ILE Y 315 -76.89 -94.99 49.89
CA ILE Y 315 -77.70 -95.84 49.04
C ILE Y 315 -76.82 -96.88 48.36
N ALA Y 316 -77.41 -98.02 48.02
CA ALA Y 316 -76.73 -99.02 47.20
C ALA Y 316 -77.81 -99.82 46.50
N PRO Y 317 -77.42 -100.57 45.47
CA PRO Y 317 -78.36 -101.43 44.74
C PRO Y 317 -78.79 -102.58 45.65
N SER Y 318 -79.94 -103.21 45.41
CA SER Y 318 -80.27 -104.38 46.22
C SER Y 318 -79.49 -105.53 45.62
N GLY Y 319 -79.14 -106.53 46.43
CA GLY Y 319 -79.38 -106.52 47.84
C GLY Y 319 -78.00 -106.48 48.49
N GLU Y 320 -77.52 -105.26 48.64
CA GLU Y 320 -76.30 -105.06 49.39
C GLU Y 320 -76.68 -104.94 50.86
N THR Y 321 -75.77 -105.27 51.75
CA THR Y 321 -76.11 -105.30 53.16
C THR Y 321 -75.06 -104.60 53.98
N ALA Y 322 -73.86 -104.53 53.41
CA ALA Y 322 -72.70 -103.93 54.07
C ALA Y 322 -72.97 -102.50 54.48
N GLN Y 323 -72.43 -102.09 55.62
CA GLN Y 323 -72.48 -100.69 56.01
C GLN Y 323 -71.47 -99.88 55.18
N LEU Y 324 -71.70 -98.58 55.05
CA LEU Y 324 -70.77 -97.73 54.34
C LEU Y 324 -69.84 -97.08 55.34
N PRO Y 325 -68.54 -97.40 55.24
CA PRO Y 325 -67.53 -96.87 56.17
C PRO Y 325 -66.90 -95.56 55.72
N ILE Y 326 -66.66 -94.68 56.68
CA ILE Y 326 -65.97 -93.41 56.50
C ILE Y 326 -64.70 -93.44 57.35
N VAL Y 327 -63.54 -93.24 56.74
CA VAL Y 327 -62.32 -93.14 57.53
C VAL Y 327 -61.88 -91.68 57.58
N VAL Y 328 -61.80 -91.11 58.78
CA VAL Y 328 -61.35 -89.73 58.91
C VAL Y 328 -59.89 -89.59 59.34
N GLN Y 329 -59.13 -88.74 58.65
CA GLN Y 329 -57.77 -88.41 59.08
C GLN Y 329 -57.69 -86.95 59.49
N ILE Y 330 -57.08 -86.69 60.63
CA ILE Y 330 -56.90 -85.32 61.08
C ILE Y 330 -55.46 -84.87 60.88
N ASP Y 331 -55.27 -83.81 60.09
CA ASP Y 331 -53.94 -83.40 59.66
C ASP Y 331 -53.39 -82.30 60.56
N GLU Y 332 -54.20 -81.30 60.86
CA GLU Y 332 -53.78 -80.26 61.77
C GLU Y 332 -54.93 -79.41 62.30
N ILE Y 333 -54.63 -78.66 63.36
CA ILE Y 333 -55.48 -77.56 63.79
C ILE Y 333 -54.93 -76.27 63.18
N VAL Y 334 -55.64 -75.74 62.18
CA VAL Y 334 -55.18 -74.54 61.49
C VAL Y 334 -55.75 -73.34 62.21
N ARG Y 335 -55.01 -72.24 62.17
CA ARG Y 335 -55.43 -71.05 62.87
C ARG Y 335 -55.77 -71.41 64.31
N PRO Y 336 -54.80 -71.99 65.01
CA PRO Y 336 -55.04 -72.60 66.32
C PRO Y 336 -55.23 -71.57 67.43
N ASP Y 337 -56.19 -71.83 68.30
CA ASP Y 337 -56.33 -71.07 69.54
C ASP Y 337 -55.96 -71.98 70.71
N LEU Y 338 -54.69 -71.96 71.10
CA LEU Y 338 -54.24 -72.89 72.13
C LEU Y 338 -54.40 -72.35 73.54
N SER Y 339 -54.57 -73.26 74.49
CA SER Y 339 -54.51 -72.92 75.90
C SER Y 339 -53.06 -72.80 76.35
N LEU Y 340 -52.88 -72.49 77.62
CA LEU Y 340 -51.57 -72.61 78.21
C LEU Y 340 -51.07 -74.02 78.03
N PRO Y 341 -49.73 -74.18 77.95
CA PRO Y 341 -49.18 -75.54 78.07
C PRO Y 341 -49.63 -76.12 79.41
N SER Y 342 -49.88 -77.42 79.46
CA SER Y 342 -50.29 -78.03 80.72
C SER Y 342 -49.13 -78.09 81.74
N PHE Y 343 -47.89 -78.24 81.23
CA PHE Y 343 -46.71 -78.21 82.09
C PHE Y 343 -45.75 -77.07 81.73
N GLU Y 344 -45.07 -76.55 82.74
CA GLU Y 344 -44.08 -75.51 82.52
C GLU Y 344 -42.71 -76.17 82.48
N ASP Y 345 -41.65 -75.38 82.27
CA ASP Y 345 -40.31 -75.95 82.26
C ASP Y 345 -39.86 -76.16 83.70
N ASP Y 346 -40.37 -77.23 84.29
CA ASP Y 346 -40.23 -77.44 85.71
C ASP Y 346 -40.03 -78.93 85.97
N TYR Y 347 -39.83 -79.27 87.23
CA TYR Y 347 -39.74 -80.66 87.63
C TYR Y 347 -41.13 -81.28 87.58
N PHE Y 348 -41.15 -82.60 87.49
CA PHE Y 348 -42.40 -83.36 87.66
C PHE Y 348 -42.09 -84.69 88.35
N VAL Y 349 -43.13 -85.34 88.86
CA VAL Y 349 -42.91 -86.51 89.67
C VAL Y 349 -42.48 -87.73 88.86
N TRP Y 350 -41.39 -88.35 89.27
CA TRP Y 350 -40.96 -89.60 88.67
C TRP Y 350 -41.52 -90.76 89.51
N VAL Y 351 -41.17 -90.79 90.79
CA VAL Y 351 -41.58 -91.89 91.64
C VAL Y 351 -41.62 -91.49 93.12
N ASP Y 352 -42.58 -92.06 93.86
CA ASP Y 352 -42.60 -91.97 95.31
C ASP Y 352 -42.33 -93.35 95.90
N PHE Y 353 -41.40 -93.43 96.84
CA PHE Y 353 -41.24 -94.66 97.61
C PHE Y 353 -41.78 -94.43 99.02
N SER Y 354 -42.53 -95.41 99.54
CA SER Y 354 -43.16 -95.26 100.85
C SER Y 354 -43.34 -96.63 101.51
N GLU Y 355 -43.79 -96.62 102.76
CA GLU Y 355 -44.14 -97.86 103.46
C GLU Y 355 -42.97 -98.88 103.41
N PHE Y 356 -41.79 -98.44 103.84
CA PHE Y 356 -40.61 -99.31 103.87
C PHE Y 356 -40.70 -100.38 104.95
N THR Y 357 -40.35 -101.61 104.58
CA THR Y 357 -40.45 -102.71 105.54
C THR Y 357 -39.09 -103.08 106.12
N LEU Y 358 -38.02 -102.77 105.40
CA LEU Y 358 -36.67 -103.03 105.89
C LEU Y 358 -35.93 -101.74 106.06
N ASP Y 359 -35.05 -101.67 107.05
CA ASP Y 359 -34.20 -100.49 107.23
C ASP Y 359 -33.16 -100.35 106.09
N LYS Y 360 -32.64 -101.47 105.61
CA LYS Y 360 -31.71 -101.46 104.49
C LYS Y 360 -32.50 -101.63 103.20
N GLU Y 361 -32.45 -100.61 102.35
CA GLU Y 361 -33.14 -100.65 101.07
C GLU Y 361 -32.20 -100.08 100.02
N GLU Y 362 -32.15 -100.72 98.85
CA GLU Y 362 -31.29 -100.21 97.78
C GLU Y 362 -32.01 -100.27 96.45
N ILE Y 363 -32.27 -99.09 95.90
CA ILE Y 363 -33.02 -98.94 94.66
C ILE Y 363 -32.05 -98.72 93.50
N GLU Y 364 -31.91 -99.72 92.62
CA GLU Y 364 -31.04 -99.56 91.45
C GLU Y 364 -31.72 -98.82 90.31
N ILE Y 365 -31.03 -97.82 89.78
CA ILE Y 365 -31.59 -97.02 88.70
C ILE Y 365 -30.78 -97.30 87.45
N GLY Y 366 -29.46 -97.30 87.61
CA GLY Y 366 -28.55 -97.53 86.50
C GLY Y 366 -28.46 -96.33 85.57
N SER Y 367 -28.85 -96.56 84.32
CA SER Y 367 -28.88 -95.47 83.34
C SER Y 367 -30.24 -95.34 82.71
N ARG Y 368 -31.28 -95.84 83.36
CA ARG Y 368 -32.62 -95.91 82.75
C ARG Y 368 -33.64 -95.01 83.41
N PHE Y 369 -34.62 -94.57 82.64
CA PHE Y 369 -35.82 -93.96 83.20
C PHE Y 369 -36.92 -94.98 82.97
N PHE Y 370 -37.52 -95.48 84.04
CA PHE Y 370 -38.43 -96.63 83.90
C PHE Y 370 -39.34 -96.80 85.12
N ASP Y 371 -40.22 -97.79 85.07
CA ASP Y 371 -41.11 -98.11 86.19
C ASP Y 371 -40.46 -99.06 87.22
N PHE Y 372 -40.45 -98.63 88.47
CA PHE Y 372 -39.85 -99.42 89.55
C PHE Y 372 -40.80 -100.48 90.09
N THR Y 373 -40.23 -101.55 90.66
CA THR Y 373 -41.01 -102.51 91.44
C THR Y 373 -40.23 -102.89 92.69
N SER Y 374 -40.94 -103.17 93.77
CA SER Y 374 -40.28 -103.58 95.02
C SER Y 374 -41.14 -104.54 95.81
N ASN Y 375 -40.47 -105.49 96.44
CA ASN Y 375 -41.12 -106.44 97.32
C ASN Y 375 -41.09 -105.95 98.75
N THR Y 376 -40.26 -104.95 98.99
CA THR Y 376 -39.97 -104.53 100.36
C THR Y 376 -40.53 -103.15 100.66
N CYS Y 377 -41.03 -102.46 99.63
CA CYS Y 377 -41.65 -101.16 99.84
C CYS Y 377 -42.67 -100.82 98.76
N ARG Y 378 -43.42 -99.75 98.97
CA ARG Y 378 -44.49 -99.37 98.04
C ARG Y 378 -43.99 -98.39 97.00
N VAL Y 379 -44.10 -98.78 95.73
CA VAL Y 379 -43.72 -97.90 94.62
C VAL Y 379 -44.96 -97.23 94.02
N SER Y 380 -44.92 -95.89 93.89
CA SER Y 380 -45.99 -95.15 93.23
C SER Y 380 -45.38 -94.37 92.09
N MET Y 381 -45.66 -94.79 90.86
CA MET Y 381 -45.07 -94.14 89.71
C MET Y 381 -45.85 -92.88 89.28
N GLY Y 382 -45.14 -91.88 88.76
CA GLY Y 382 -45.82 -90.71 88.24
C GLY Y 382 -46.34 -90.93 86.83
N GLU Y 383 -47.48 -90.32 86.51
CA GLU Y 383 -47.97 -90.31 85.13
C GLU Y 383 -47.99 -88.89 84.57
N ASN Y 384 -47.19 -88.63 83.53
CA ASN Y 384 -47.12 -87.31 82.88
C ASN Y 384 -46.66 -87.46 81.44
N PRO Y 385 -46.73 -86.37 80.67
CA PRO Y 385 -46.39 -86.48 79.25
C PRO Y 385 -44.98 -86.99 79.01
N PHE Y 386 -44.01 -86.58 79.81
CA PHE Y 386 -42.65 -87.06 79.58
C PHE Y 386 -42.60 -88.59 79.62
N ALA Y 387 -43.22 -89.18 80.65
CA ALA Y 387 -43.22 -90.63 80.80
C ALA Y 387 -43.89 -91.29 79.62
N ALA Y 388 -44.98 -90.69 79.14
CA ALA Y 388 -45.64 -91.19 77.94
C ALA Y 388 -44.76 -91.10 76.70
N MET Y 389 -44.02 -90.01 76.55
CA MET Y 389 -43.10 -89.87 75.42
C MET Y 389 -42.00 -90.94 75.47
N ILE Y 390 -41.56 -91.30 76.67
CA ILE Y 390 -40.57 -92.34 76.81
C ILE Y 390 -41.14 -93.67 76.29
N ALA Y 391 -42.42 -93.87 76.57
CA ALA Y 391 -43.12 -95.10 76.21
C ALA Y 391 -43.50 -95.17 74.76
N CYS Y 392 -43.63 -94.01 74.12
CA CYS Y 392 -44.11 -93.96 72.75
C CYS Y 392 -43.00 -93.75 71.73
N HIS Y 393 -41.76 -94.01 72.13
CA HIS Y 393 -40.66 -94.03 71.19
C HIS Y 393 -39.81 -95.27 71.41
N GLY Y 394 -39.18 -95.72 70.34
CA GLY Y 394 -38.33 -96.90 70.42
C GLY Y 394 -37.08 -96.66 71.24
N LEU Y 395 -36.47 -95.48 71.05
CA LEU Y 395 -35.25 -95.11 71.76
C LEU Y 395 -35.35 -93.68 72.29
N HIS Y 396 -34.63 -93.40 73.38
CA HIS Y 396 -34.51 -92.04 73.89
C HIS Y 396 -33.12 -91.84 74.50
N SER Y 397 -32.76 -90.58 74.75
CA SER Y 397 -31.47 -90.25 75.33
C SER Y 397 -31.45 -88.82 75.83
N GLY Y 398 -30.85 -88.60 77.00
CA GLY Y 398 -30.74 -87.25 77.54
C GLY Y 398 -30.24 -87.23 78.96
N VAL Y 399 -30.36 -86.08 79.61
CA VAL Y 399 -29.97 -85.99 81.00
C VAL Y 399 -31.11 -85.48 81.84
N LEU Y 400 -31.36 -86.16 82.96
CA LEU Y 400 -32.38 -85.73 83.93
C LEU Y 400 -31.78 -85.11 85.18
N ASP Y 401 -32.25 -83.93 85.55
CA ASP Y 401 -31.90 -83.38 86.84
C ASP Y 401 -32.88 -83.92 87.86
N LEU Y 402 -32.39 -84.44 88.97
CA LEU Y 402 -33.26 -85.02 89.99
C LEU Y 402 -33.29 -84.15 91.24
N LYS Y 403 -34.47 -84.06 91.83
CA LYS Y 403 -34.61 -83.52 93.18
C LYS Y 403 -35.16 -84.64 94.03
N LEU Y 404 -34.50 -84.92 95.15
CA LEU Y 404 -35.03 -85.89 96.09
C LEU Y 404 -35.56 -85.15 97.32
N GLN Y 405 -36.74 -85.54 97.76
CA GLN Y 405 -37.33 -84.97 98.97
C GLN Y 405 -37.85 -86.08 99.86
N TRP Y 406 -37.70 -85.90 101.17
CA TRP Y 406 -38.25 -86.90 102.10
C TRP Y 406 -38.71 -86.35 103.44
N SER Y 407 -39.68 -87.02 104.02
CA SER Y 407 -40.18 -86.65 105.35
C SER Y 407 -39.91 -87.79 106.31
N LEU Y 408 -39.83 -87.49 107.61
CA LEU Y 408 -39.52 -88.54 108.57
C LEU Y 408 -40.74 -89.25 109.12
N ASN Y 409 -40.54 -90.52 109.46
CA ASN Y 409 -41.57 -91.36 110.08
C ASN Y 409 -41.39 -91.40 111.60
N THR Y 410 -40.13 -91.35 112.04
CA THR Y 410 -39.79 -91.30 113.46
C THR Y 410 -39.60 -89.85 113.94
N GLU Y 411 -39.35 -89.68 115.24
CA GLU Y 411 -39.11 -88.35 115.78
C GLU Y 411 -37.79 -87.77 115.26
N PHE Y 412 -37.79 -86.49 114.91
CA PHE Y 412 -36.63 -85.85 114.31
C PHE Y 412 -35.40 -85.99 115.18
N GLY Y 413 -35.57 -85.83 116.49
CA GLY Y 413 -34.47 -85.92 117.43
C GLY Y 413 -33.82 -87.30 117.51
N LYS Y 414 -34.55 -88.32 117.09
CA LYS Y 414 -34.04 -89.68 117.16
C LYS Y 414 -33.41 -90.12 115.84
N SER Y 415 -33.53 -89.28 114.81
CA SER Y 415 -33.14 -89.67 113.46
C SER Y 415 -31.64 -89.88 113.29
N SER Y 416 -31.27 -90.78 112.38
CA SER Y 416 -29.88 -91.05 112.05
C SER Y 416 -29.84 -91.63 110.64
N GLY Y 417 -28.64 -91.77 110.10
CA GLY Y 417 -28.51 -92.35 108.78
C GLY Y 417 -28.61 -91.36 107.62
N SER Y 418 -28.88 -91.89 106.43
CA SER Y 418 -28.70 -91.12 105.21
C SER Y 418 -29.47 -91.65 104.02
N VAL Y 419 -29.74 -90.74 103.10
CA VAL Y 419 -30.10 -91.07 101.73
C VAL Y 419 -28.79 -90.93 100.96
N THR Y 420 -28.27 -92.04 100.45
CA THR Y 420 -27.00 -92.00 99.71
C THR Y 420 -27.23 -92.24 98.23
N ILE Y 421 -26.61 -91.40 97.40
CA ILE Y 421 -26.69 -91.60 95.96
C ILE Y 421 -25.38 -92.15 95.46
N THR Y 422 -25.38 -93.44 95.12
CA THR Y 422 -24.20 -94.07 94.53
C THR Y 422 -24.10 -93.79 93.03
N LYS Y 423 -22.98 -93.20 92.60
CA LYS Y 423 -22.79 -92.91 91.18
C LYS Y 423 -21.53 -93.61 90.69
N LEU Y 424 -21.70 -94.54 89.75
CA LEU Y 424 -20.57 -95.29 89.23
C LEU Y 424 -20.50 -95.14 87.73
N VAL Y 425 -19.43 -95.68 87.16
CA VAL Y 425 -19.36 -95.90 85.72
C VAL Y 425 -19.03 -97.36 85.55
N GLY Y 426 -19.96 -98.10 84.97
CA GLY Y 426 -19.81 -99.54 84.84
C GLY Y 426 -20.98 -100.20 85.51
N ASP Y 427 -20.69 -100.97 86.55
CA ASP Y 427 -21.72 -101.64 87.33
C ASP Y 427 -21.26 -101.78 88.77
N LYS Y 428 -22.13 -102.32 89.61
CA LYS Y 428 -21.83 -102.43 91.03
C LYS Y 428 -20.54 -103.23 91.23
N ALA Y 429 -20.31 -104.23 90.37
CA ALA Y 429 -19.20 -105.16 90.54
C ALA Y 429 -17.81 -104.65 90.14
N MET Y 430 -17.70 -103.95 89.01
CA MET Y 430 -16.39 -103.58 88.47
C MET Y 430 -16.29 -102.10 88.12
N GLY Y 431 -17.25 -101.31 88.58
CA GLY Y 431 -17.35 -99.91 88.21
C GLY Y 431 -16.35 -98.95 88.82
N LEU Y 432 -16.28 -97.76 88.24
CA LEU Y 432 -15.44 -96.68 88.71
C LEU Y 432 -16.31 -95.74 89.52
N ASP Y 433 -15.70 -95.00 90.44
CA ASP Y 433 -16.45 -94.17 91.36
C ASP Y 433 -16.59 -92.74 90.89
N GLY Y 434 -17.84 -92.31 90.71
CA GLY Y 434 -18.14 -90.96 90.28
C GLY Y 434 -18.53 -90.06 91.42
N PRO Y 435 -19.44 -89.10 91.14
CA PRO Y 435 -19.91 -88.12 92.13
C PRO Y 435 -20.99 -88.70 93.04
N SER Y 436 -20.66 -89.81 93.71
CA SER Y 436 -21.52 -90.40 94.73
C SER Y 436 -21.68 -89.38 95.84
N HIS Y 437 -22.74 -89.51 96.60
CA HIS Y 437 -23.15 -88.38 97.41
C HIS Y 437 -23.92 -88.87 98.64
N VAL Y 438 -23.51 -88.41 99.83
CA VAL Y 438 -24.16 -88.83 101.06
C VAL Y 438 -24.97 -87.68 101.66
N PHE Y 439 -26.28 -87.84 101.67
CA PHE Y 439 -27.15 -86.85 102.28
C PHE Y 439 -27.54 -87.35 103.65
N ALA Y 440 -27.05 -86.69 104.68
CA ALA Y 440 -27.51 -87.02 106.04
C ALA Y 440 -29.03 -86.95 106.04
N ILE Y 441 -29.69 -87.90 106.67
CA ILE Y 441 -31.15 -87.94 106.62
C ILE Y 441 -31.80 -86.63 107.08
N GLN Y 442 -31.12 -85.89 107.95
CA GLN Y 442 -31.62 -84.60 108.44
C GLN Y 442 -31.66 -83.46 107.40
N LYS Y 443 -30.96 -83.62 106.28
CA LYS Y 443 -31.03 -82.64 105.19
C LYS Y 443 -32.44 -82.59 104.60
N LEU Y 444 -33.10 -83.75 104.59
CA LEU Y 444 -34.49 -83.85 104.17
C LEU Y 444 -34.70 -83.58 102.67
N GLU Y 445 -33.60 -83.35 101.94
CA GLU Y 445 -33.65 -83.18 100.48
C GLU Y 445 -32.26 -83.23 99.88
N GLY Y 446 -32.19 -83.54 98.59
CA GLY Y 446 -30.93 -83.57 97.88
C GLY Y 446 -31.13 -83.51 96.38
N THR Y 447 -30.05 -83.22 95.64
CA THR Y 447 -30.13 -83.15 94.20
C THR Y 447 -29.03 -83.94 93.52
N THR Y 448 -29.29 -84.38 92.28
CA THR Y 448 -28.28 -85.11 91.51
C THR Y 448 -28.68 -85.11 90.03
N GLU Y 449 -27.73 -85.40 89.14
CA GLU Y 449 -28.06 -85.58 87.73
C GLU Y 449 -28.13 -87.07 87.43
N LEU Y 450 -28.91 -87.44 86.42
CA LEU Y 450 -28.91 -88.84 85.94
C LEU Y 450 -28.74 -88.88 84.43
N LEU Y 451 -27.73 -89.62 83.95
CA LEU Y 451 -27.56 -89.79 82.52
C LEU Y 451 -28.47 -90.92 82.10
N VAL Y 452 -29.44 -90.60 81.23
CA VAL Y 452 -30.30 -91.61 80.62
C VAL Y 452 -29.74 -91.92 79.23
N GLY Y 453 -28.95 -92.99 79.12
CA GLY Y 453 -28.27 -93.30 77.88
C GLY Y 453 -27.15 -94.28 78.13
N ASN Y 454 -26.22 -94.39 77.18
CA ASN Y 454 -25.12 -95.34 77.30
C ASN Y 454 -24.10 -95.15 76.19
N PHE Y 455 -23.04 -95.96 76.17
CA PHE Y 455 -21.98 -95.79 75.17
C PHE Y 455 -22.51 -95.80 73.74
N ALA Y 456 -23.57 -96.57 73.49
CA ALA Y 456 -24.15 -96.64 72.13
C ALA Y 456 -24.91 -95.37 71.73
N GLY Y 457 -25.53 -94.69 72.69
CA GLY Y 457 -26.10 -93.37 72.45
C GLY Y 457 -27.55 -93.18 72.84
N ALA Y 458 -28.25 -94.26 73.11
CA ALA Y 458 -29.69 -94.22 73.39
C ALA Y 458 -30.18 -95.48 74.10
N ASN Y 459 -31.30 -95.34 74.80
CA ASN Y 459 -31.89 -96.46 75.53
C ASN Y 459 -33.16 -96.92 74.86
N PRO Y 460 -33.34 -98.23 74.73
CA PRO Y 460 -34.64 -98.80 74.35
C PRO Y 460 -35.56 -98.71 75.55
N ASN Y 461 -36.86 -98.91 75.32
CA ASN Y 461 -37.81 -98.85 76.43
C ASN Y 461 -38.03 -100.22 77.05
N THR Y 462 -36.95 -100.97 77.19
CA THR Y 462 -36.97 -102.30 77.78
C THR Y 462 -35.72 -102.41 78.66
N ARG Y 463 -35.53 -103.57 79.28
CA ARG Y 463 -34.28 -103.82 79.97
C ARG Y 463 -33.23 -104.17 78.92
N PHE Y 464 -32.01 -103.70 79.13
CA PHE Y 464 -30.90 -103.90 78.20
C PHE Y 464 -29.64 -103.84 79.04
N SER Y 465 -28.53 -104.30 78.48
CA SER Y 465 -27.26 -104.22 79.19
C SER Y 465 -26.17 -103.58 78.32
N LEU Y 466 -25.98 -102.27 78.47
CA LEU Y 466 -24.95 -101.59 77.71
C LEU Y 466 -24.14 -100.68 78.63
N TYR Y 467 -22.82 -100.83 78.60
CA TYR Y 467 -21.92 -100.05 79.45
C TYR Y 467 -22.29 -98.57 79.51
N SER Y 468 -22.47 -98.05 80.73
CA SER Y 468 -22.81 -96.64 80.90
C SER Y 468 -22.54 -96.22 82.33
N ARG Y 469 -22.89 -94.98 82.67
CA ARG Y 469 -22.92 -94.56 84.06
C ARG Y 469 -24.03 -95.31 84.78
N TRP Y 470 -23.92 -95.40 86.11
CA TRP Y 470 -24.79 -96.27 86.90
C TRP Y 470 -25.13 -95.60 88.21
N MET Y 471 -26.42 -95.54 88.53
CA MET Y 471 -26.87 -94.86 89.74
C MET Y 471 -27.72 -95.73 90.64
N ALA Y 472 -27.60 -95.53 91.94
CA ALA Y 472 -28.46 -96.23 92.88
C ALA Y 472 -28.74 -95.34 94.06
N ILE Y 473 -29.92 -95.51 94.66
CA ILE Y 473 -30.27 -94.84 95.92
C ILE Y 473 -30.19 -95.87 97.05
N LYS Y 474 -29.43 -95.54 98.10
CA LYS Y 474 -29.20 -96.44 99.22
C LYS Y 474 -29.75 -95.84 100.52
N LEU Y 475 -30.75 -96.52 101.06
CA LEU Y 475 -31.29 -96.16 102.37
C LEU Y 475 -30.74 -97.10 103.45
N ASP Y 476 -30.33 -96.54 104.59
CA ASP Y 476 -29.85 -97.37 105.70
C ASP Y 476 -30.79 -97.33 106.91
N GLN Y 477 -31.71 -96.37 106.90
CA GLN Y 477 -32.67 -96.21 107.97
C GLN Y 477 -34.02 -95.98 107.36
N ALA Y 478 -34.36 -96.80 106.37
CA ALA Y 478 -35.53 -96.57 105.54
C ALA Y 478 -36.83 -96.53 106.33
N LYS Y 479 -36.90 -97.29 107.42
CA LYS Y 479 -38.12 -97.29 108.24
C LYS Y 479 -38.39 -95.93 108.90
N SER Y 480 -37.37 -95.08 108.94
CA SER Y 480 -37.49 -93.74 109.49
C SER Y 480 -37.99 -92.73 108.45
N ILE Y 481 -38.24 -93.21 107.24
CA ILE Y 481 -38.73 -92.35 106.17
C ILE Y 481 -40.20 -92.61 105.84
N LYS Y 482 -41.04 -91.56 105.91
CA LYS Y 482 -42.44 -91.72 105.57
C LYS Y 482 -42.65 -91.77 104.05
N VAL Y 483 -41.87 -90.97 103.34
CA VAL Y 483 -41.89 -90.96 101.90
C VAL Y 483 -40.60 -90.40 101.32
N LEU Y 484 -40.11 -91.05 100.27
CA LEU Y 484 -39.00 -90.54 99.48
C LEU Y 484 -39.54 -90.20 98.10
N ARG Y 485 -39.55 -88.93 97.75
CA ARG Y 485 -40.07 -88.51 96.46
C ARG Y 485 -38.96 -88.14 95.52
N VAL Y 486 -39.01 -88.66 94.29
CA VAL Y 486 -38.02 -88.30 93.27
C VAL Y 486 -38.65 -87.53 92.12
N LEU Y 487 -38.27 -86.25 91.98
CA LEU Y 487 -38.71 -85.44 90.86
C LEU Y 487 -37.60 -85.32 89.83
N CYS Y 488 -37.98 -85.15 88.57
CA CYS Y 488 -36.99 -84.94 87.52
C CYS Y 488 -37.40 -83.81 86.59
N LYS Y 489 -36.39 -83.26 85.92
CA LYS Y 489 -36.55 -82.16 84.97
C LYS Y 489 -35.53 -82.34 83.85
N PRO Y 490 -36.02 -82.75 82.68
CA PRO Y 490 -35.11 -83.07 81.57
C PRO Y 490 -34.33 -81.82 81.15
N ARG Y 491 -33.02 -81.98 80.99
CA ARG Y 491 -32.18 -80.93 80.42
C ARG Y 491 -32.50 -80.80 78.95
N PRO Y 492 -32.38 -79.57 78.44
CA PRO Y 492 -32.70 -79.25 77.05
C PRO Y 492 -32.01 -80.23 76.12
N GLY Y 493 -32.73 -80.69 75.10
CA GLY Y 493 -32.14 -81.59 74.14
C GLY Y 493 -32.39 -83.05 74.45
N PHE Y 494 -33.34 -83.32 75.35
CA PHE Y 494 -33.69 -84.70 75.64
C PHE Y 494 -34.40 -85.26 74.40
N SER Y 495 -33.85 -86.35 73.85
CA SER Y 495 -34.22 -86.79 72.50
C SER Y 495 -34.96 -88.12 72.44
N PHE Y 496 -35.92 -88.19 71.50
CA PHE Y 496 -36.69 -89.40 71.27
C PHE Y 496 -36.53 -89.83 69.82
N TYR Y 497 -36.40 -91.14 69.61
CA TYR Y 497 -36.22 -91.70 68.27
C TYR Y 497 -37.30 -92.73 67.92
N GLY Y 498 -37.87 -92.59 66.73
CA GLY Y 498 -38.83 -93.56 66.22
C GLY Y 498 -40.17 -93.64 66.94
N ARG Y 499 -41.14 -92.84 66.48
CA ARG Y 499 -42.47 -92.86 67.10
C ARG Y 499 -43.16 -94.22 67.00
N THR Y 500 -43.76 -94.62 68.11
CA THR Y 500 -44.47 -95.89 68.19
C THR Y 500 -45.57 -95.82 69.26
N SER Y 501 -46.01 -96.98 69.73
CA SER Y 501 -47.06 -97.00 70.74
C SER Y 501 -46.75 -98.00 71.85
N PHE Y 502 -47.62 -98.02 72.86
CA PHE Y 502 -47.34 -98.80 74.04
C PHE Y 502 -48.63 -99.22 74.72
N PRO Y 503 -49.10 -100.41 74.40
CA PRO Y 503 -50.29 -100.98 75.03
C PRO Y 503 -49.99 -101.56 76.42
N VAL Y 504 -50.85 -101.22 77.39
CA VAL Y 504 -50.79 -101.80 78.72
C VAL Y 504 -52.18 -102.18 79.20
N GLY Z 1 -32.07 84.37 -70.07
CA GLY Z 1 -31.32 85.27 -70.91
C GLY Z 1 -32.03 86.57 -71.18
N LEU Z 2 -31.34 87.52 -71.79
CA LEU Z 2 -31.96 88.79 -72.14
C LEU Z 2 -33.10 88.52 -73.13
N ALA Z 3 -34.29 88.97 -72.77
CA ALA Z 3 -35.49 88.61 -73.51
C ALA Z 3 -36.05 89.78 -74.30
N GLY Z 4 -35.87 90.99 -73.76
CA GLY Z 4 -36.32 92.20 -74.43
C GLY Z 4 -35.66 93.43 -73.83
N ARG Z 5 -35.78 94.57 -74.50
CA ARG Z 5 -35.20 95.78 -73.97
C ARG Z 5 -35.94 97.00 -74.46
N GLY Z 6 -35.60 98.15 -73.87
CA GLY Z 6 -36.28 99.41 -74.17
C GLY Z 6 -35.51 100.57 -73.58
N VAL Z 7 -35.91 101.78 -73.90
CA VAL Z 7 -35.17 102.93 -73.44
C VAL Z 7 -36.12 103.98 -72.86
N ILE Z 8 -35.75 104.54 -71.72
CA ILE Z 8 -36.49 105.67 -71.17
C ILE Z 8 -35.63 106.94 -71.31
N TYR Z 9 -36.24 108.03 -71.79
CA TYR Z 9 -35.50 109.29 -71.94
C TYR Z 9 -35.74 110.29 -70.80
N ILE Z 10 -34.65 110.74 -70.22
CA ILE Z 10 -34.70 111.61 -69.07
C ILE Z 10 -34.32 113.04 -69.48
N PRO Z 11 -35.22 114.00 -69.26
CA PRO Z 11 -34.93 115.44 -69.38
C PRO Z 11 -33.79 115.90 -68.47
N LYS Z 12 -32.99 116.84 -68.94
CA LYS Z 12 -31.93 117.39 -68.09
C LYS Z 12 -32.53 117.94 -66.78
N ASP Z 13 -33.58 118.76 -66.90
CA ASP Z 13 -34.39 119.17 -65.74
C ASP Z 13 -35.54 118.16 -65.60
N CYS Z 14 -35.40 117.27 -64.62
CA CYS Z 14 -36.36 116.20 -64.38
C CYS Z 14 -37.05 116.47 -63.05
N GLN Z 15 -38.19 117.16 -63.13
CA GLN Z 15 -38.94 117.60 -61.94
C GLN Z 15 -39.81 116.49 -61.38
N ALA Z 16 -40.30 116.71 -60.16
CA ALA Z 16 -41.27 115.79 -59.58
C ALA Z 16 -42.55 115.74 -60.40
N ASN Z 17 -42.95 114.50 -60.74
CA ASN Z 17 -44.21 114.21 -61.41
C ASN Z 17 -44.11 114.23 -62.92
N ARG Z 18 -42.90 114.38 -63.46
CA ARG Z 18 -42.73 114.27 -64.91
C ARG Z 18 -42.96 112.84 -65.33
N TYR Z 19 -43.80 112.68 -66.34
CA TYR Z 19 -43.97 111.38 -66.99
C TYR Z 19 -42.76 111.12 -67.92
N LEU Z 20 -42.12 109.96 -67.81
CA LEU Z 20 -40.90 109.67 -68.57
C LEU Z 20 -41.15 108.75 -69.76
N GLY Z 21 -42.20 107.94 -69.65
CA GLY Z 21 -42.57 107.05 -70.73
C GLY Z 21 -43.14 105.73 -70.26
N THR Z 22 -43.71 104.99 -71.20
CA THR Z 22 -44.24 103.67 -70.89
C THR Z 22 -43.65 102.64 -71.83
N LEU Z 23 -43.20 101.52 -71.28
CA LEU Z 23 -42.75 100.42 -72.12
C LEU Z 23 -43.82 99.35 -72.13
N ASN Z 24 -44.04 98.77 -73.29
CA ASN Z 24 -45.02 97.72 -73.39
C ASN Z 24 -44.28 96.37 -73.27
N ILE Z 25 -44.56 95.62 -72.22
CA ILE Z 25 -43.78 94.41 -71.95
C ILE Z 25 -43.75 93.44 -73.11
N ARG Z 26 -44.89 93.27 -73.78
CA ARG Z 26 -44.91 92.27 -74.83
C ARG Z 26 -44.19 92.78 -76.09
N ASP Z 27 -44.33 94.08 -76.35
CA ASP Z 27 -43.56 94.73 -77.41
C ASP Z 27 -42.03 94.68 -77.17
N MET Z 28 -41.59 94.87 -75.93
CA MET Z 28 -40.16 94.74 -75.63
C MET Z 28 -39.61 93.37 -76.06
N ILE Z 29 -40.40 92.32 -75.87
CA ILE Z 29 -39.95 90.97 -76.18
C ILE Z 29 -40.06 90.70 -77.66
N SER Z 30 -41.12 91.21 -78.29
CA SER Z 30 -41.35 90.93 -79.71
C SER Z 30 -40.49 91.80 -80.65
N ASP Z 31 -40.17 93.03 -80.23
CA ASP Z 31 -39.34 93.91 -81.06
C ASP Z 31 -37.91 93.43 -81.02
N PHE Z 32 -37.56 92.79 -79.90
CA PHE Z 32 -36.21 92.26 -79.72
C PHE Z 32 -36.05 90.99 -80.57
N LYS Z 33 -36.84 89.96 -80.29
CA LYS Z 33 -37.11 88.92 -81.27
C LYS Z 33 -35.90 88.09 -81.74
N GLY Z 34 -35.00 87.68 -80.85
CA GLY Z 34 -35.27 87.35 -79.47
C GLY Z 34 -35.22 85.83 -79.45
N VAL Z 35 -34.24 85.21 -78.77
CA VAL Z 35 -34.26 83.75 -78.59
C VAL Z 35 -35.47 83.37 -77.75
N GLN Z 36 -35.75 84.20 -76.75
CA GLN Z 36 -36.90 83.98 -75.87
C GLN Z 36 -38.21 84.18 -76.62
N TYR Z 37 -38.29 85.25 -77.42
CA TYR Z 37 -39.47 85.50 -78.25
C TYR Z 37 -39.81 84.27 -79.11
N GLU Z 38 -38.79 83.69 -79.72
CA GLU Z 38 -39.03 82.53 -80.56
C GLU Z 38 -39.43 81.30 -79.75
N LYS Z 39 -38.92 81.15 -78.52
CA LYS Z 39 -39.35 80.03 -77.67
C LYS Z 39 -40.83 80.20 -77.33
N TRP Z 40 -41.23 81.46 -77.25
CA TRP Z 40 -42.58 81.85 -76.85
C TRP Z 40 -43.59 81.41 -77.91
N ILE Z 41 -43.29 81.72 -79.18
CA ILE Z 41 -44.16 81.33 -80.28
C ILE Z 41 -44.48 79.83 -80.24
N THR Z 42 -43.51 79.02 -79.83
CA THR Z 42 -43.72 77.58 -79.76
C THR Z 42 -44.51 77.14 -78.53
N ALA Z 43 -44.27 77.83 -77.43
CA ALA Z 43 -44.98 77.57 -76.19
C ALA Z 43 -46.46 77.92 -76.36
N GLY Z 44 -46.71 79.05 -77.02
CA GLY Z 44 -48.03 79.64 -77.11
C GLY Z 44 -48.33 80.50 -75.91
N LEU Z 45 -48.42 79.85 -74.75
CA LEU Z 45 -48.66 80.52 -73.47
C LEU Z 45 -47.43 80.50 -72.55
N VAL Z 46 -47.11 81.66 -71.96
CA VAL Z 46 -46.02 81.72 -71.00
C VAL Z 46 -46.47 82.43 -69.71
N MET Z 47 -45.98 81.95 -68.56
CA MET Z 47 -46.23 82.59 -67.24
C MET Z 47 -44.94 83.04 -66.57
N PRO Z 48 -44.18 83.94 -67.22
CA PRO Z 48 -42.76 84.14 -66.91
C PRO Z 48 -42.49 84.57 -65.46
N THR Z 49 -41.30 84.28 -64.98
CA THR Z 49 -40.76 85.07 -63.89
C THR Z 49 -39.70 85.98 -64.49
N PHE Z 50 -39.99 87.27 -64.55
CA PHE Z 50 -39.06 88.24 -65.12
C PHE Z 50 -38.08 88.79 -64.08
N LYS Z 51 -36.85 89.04 -64.52
CA LYS Z 51 -35.96 89.90 -63.78
C LYS Z 51 -35.92 91.17 -64.59
N ILE Z 52 -36.34 92.28 -64.00
CA ILE Z 52 -36.27 93.55 -64.68
C ILE Z 52 -35.03 94.24 -64.19
N VAL Z 53 -34.24 94.77 -65.12
CA VAL Z 53 -33.02 95.50 -64.78
C VAL Z 53 -33.06 96.85 -65.45
N ILE Z 54 -32.92 97.90 -64.66
CA ILE Z 54 -32.82 99.25 -65.20
C ILE Z 54 -31.39 99.75 -65.09
N ARG Z 55 -30.74 99.94 -66.23
CA ARG Z 55 -29.36 100.43 -66.24
C ARG Z 55 -29.29 101.93 -66.35
N LEU Z 56 -28.44 102.48 -65.52
CA LEU Z 56 -28.70 103.75 -64.88
C LEU Z 56 -27.38 104.13 -64.21
N PRO Z 57 -26.78 105.27 -64.59
CA PRO Z 57 -25.50 105.63 -63.98
C PRO Z 57 -25.72 106.14 -62.56
N ALA Z 58 -25.10 105.48 -61.60
CA ALA Z 58 -25.26 105.87 -60.19
C ALA Z 58 -24.74 107.27 -59.93
N ASN Z 59 -25.48 108.04 -59.17
CA ASN Z 59 -25.06 109.40 -58.87
C ASN Z 59 -25.65 109.93 -57.57
N ALA Z 60 -24.78 110.38 -56.67
CA ALA Z 60 -25.25 110.81 -55.36
C ALA Z 60 -25.53 112.30 -55.30
N PHE Z 61 -25.40 112.98 -56.42
CA PHE Z 61 -25.46 114.44 -56.40
C PHE Z 61 -26.70 115.03 -57.05
N THR Z 62 -27.77 114.25 -57.16
CA THR Z 62 -28.95 114.74 -57.89
C THR Z 62 -30.20 114.76 -57.04
N GLY Z 63 -30.38 113.74 -56.20
CA GLY Z 63 -31.58 113.65 -55.39
C GLY Z 63 -32.71 112.94 -56.13
N LEU Z 64 -32.44 112.52 -57.35
CA LEU Z 64 -33.46 111.93 -58.21
C LEU Z 64 -33.94 110.59 -57.68
N THR Z 65 -35.26 110.43 -57.63
CA THR Z 65 -35.87 109.13 -57.35
C THR Z 65 -37.02 108.91 -58.34
N TRP Z 66 -37.03 107.75 -58.98
CA TRP Z 66 -38.04 107.41 -59.97
C TRP Z 66 -38.90 106.27 -59.46
N VAL Z 67 -40.06 106.09 -60.07
CA VAL Z 67 -40.94 104.96 -59.77
C VAL Z 67 -41.22 104.13 -61.01
N MET Z 68 -40.89 102.85 -60.97
CA MET Z 68 -41.38 101.92 -61.98
C MET Z 68 -42.71 101.30 -61.50
N SER Z 69 -43.78 101.47 -62.29
CA SER Z 69 -45.10 100.99 -61.91
C SER Z 69 -45.50 99.88 -62.88
N PHE Z 70 -45.79 98.70 -62.35
CA PHE Z 70 -46.23 97.57 -63.16
C PHE Z 70 -47.75 97.57 -63.29
N ASP Z 71 -48.20 97.95 -64.48
CA ASP Z 71 -49.62 98.14 -64.74
C ASP Z 71 -50.11 97.08 -65.71
N ALA Z 72 -50.33 95.87 -65.22
CA ALA Z 72 -50.59 94.77 -66.13
C ALA Z 72 -51.92 94.91 -66.85
N TYR Z 73 -52.82 95.70 -66.26
CA TYR Z 73 -54.18 95.81 -66.79
C TYR Z 73 -54.52 97.21 -67.30
N ASN Z 74 -53.50 98.03 -67.46
CA ASN Z 74 -53.64 99.30 -68.15
C ASN Z 74 -54.65 100.22 -67.47
N ARG Z 75 -54.54 100.37 -66.16
CA ARG Z 75 -55.52 101.11 -65.39
C ARG Z 75 -55.09 102.54 -65.10
N ILE Z 76 -53.79 102.80 -65.14
CA ILE Z 76 -53.36 104.19 -64.93
C ILE Z 76 -52.78 104.97 -66.12
N THR Z 77 -52.44 104.27 -67.22
CA THR Z 77 -51.92 104.95 -68.41
C THR Z 77 -52.61 106.29 -68.75
N SER Z 78 -53.86 106.21 -69.18
CA SER Z 78 -54.66 107.40 -69.52
C SER Z 78 -54.48 108.61 -68.58
N ARG Z 79 -54.09 108.37 -67.34
CA ARG Z 79 -54.16 109.43 -66.34
C ARG Z 79 -52.79 110.00 -66.00
N ILE Z 80 -51.72 109.40 -66.54
CA ILE Z 80 -50.35 109.79 -66.15
C ILE Z 80 -49.48 110.41 -67.25
N THR Z 81 -49.94 110.34 -68.50
CA THR Z 81 -49.13 110.74 -69.64
C THR Z 81 -48.86 112.24 -69.72
N ALA Z 82 -49.77 113.04 -69.21
CA ALA Z 82 -49.55 114.50 -69.12
C ALA Z 82 -48.65 114.84 -67.95
N SER Z 83 -49.11 114.46 -66.77
CA SER Z 83 -48.32 114.55 -65.55
C SER Z 83 -48.64 113.29 -64.73
N ALA Z 84 -47.72 112.86 -63.88
CA ALA Z 84 -47.93 111.66 -63.08
C ALA Z 84 -48.02 111.96 -61.59
N ASP Z 85 -49.23 111.99 -61.05
CA ASP Z 85 -49.37 112.10 -59.61
C ASP Z 85 -48.92 110.81 -58.95
N PRO Z 86 -48.21 110.94 -57.84
CA PRO Z 86 -47.76 109.75 -57.14
C PRO Z 86 -48.94 108.87 -56.70
N VAL Z 87 -50.12 109.45 -56.46
CA VAL Z 87 -51.27 108.64 -56.05
C VAL Z 87 -51.62 107.59 -57.08
N TYR Z 88 -51.49 107.94 -58.37
CA TYR Z 88 -51.65 106.96 -59.44
C TYR Z 88 -50.48 105.96 -59.50
N THR Z 89 -49.26 106.49 -59.54
CA THR Z 89 -48.10 105.64 -59.83
C THR Z 89 -47.82 104.64 -58.72
N LEU Z 90 -48.26 104.94 -57.50
CA LEU Z 90 -48.05 104.03 -56.35
C LEU Z 90 -49.28 103.13 -56.05
N SER Z 91 -50.32 103.25 -56.86
CA SER Z 91 -51.56 102.52 -56.61
C SER Z 91 -51.54 101.12 -57.23
N VAL Z 92 -50.46 100.82 -57.96
CA VAL Z 92 -50.27 99.50 -58.52
C VAL Z 92 -48.92 98.99 -58.05
N PRO Z 93 -48.64 97.69 -58.27
CA PRO Z 93 -47.32 97.21 -57.87
C PRO Z 93 -46.22 98.09 -58.43
N HIS Z 94 -45.23 98.45 -57.62
CA HIS Z 94 -44.23 99.42 -58.04
C HIS Z 94 -42.96 99.32 -57.26
N TRP Z 95 -41.93 99.99 -57.76
CA TRP Z 95 -40.61 99.93 -57.14
C TRP Z 95 -39.97 101.29 -57.13
N LEU Z 96 -39.29 101.65 -56.03
CA LEU Z 96 -38.56 102.89 -55.99
C LEU Z 96 -37.16 102.71 -56.60
N ILE Z 97 -36.78 103.61 -57.48
CA ILE Z 97 -35.48 103.55 -58.08
C ILE Z 97 -34.68 104.76 -57.65
N HIS Z 98 -33.71 104.53 -56.76
CA HIS Z 98 -32.89 105.63 -56.24
C HIS Z 98 -31.65 105.86 -57.10
N HIS Z 99 -31.43 107.11 -57.48
CA HIS Z 99 -30.31 107.44 -58.35
C HIS Z 99 -28.99 107.13 -57.68
N LYS Z 100 -28.94 107.31 -56.37
CA LYS Z 100 -27.68 107.05 -55.66
C LYS Z 100 -27.23 105.57 -55.78
N LEU Z 101 -28.18 104.67 -56.02
CA LEU Z 101 -27.88 103.23 -56.02
C LEU Z 101 -27.54 102.68 -57.40
N GLY Z 102 -27.67 103.53 -58.39
CA GLY Z 102 -27.36 103.12 -59.74
C GLY Z 102 -28.29 102.05 -60.29
N THR Z 103 -27.69 101.09 -60.99
CA THR Z 103 -28.44 100.08 -61.71
C THR Z 103 -29.35 99.32 -60.78
N PHE Z 104 -30.61 99.19 -61.19
CA PHE Z 104 -31.68 98.64 -60.36
C PHE Z 104 -32.18 97.31 -60.91
N SER Z 105 -32.61 96.44 -60.03
CA SER Z 105 -33.14 95.15 -60.45
C SER Z 105 -34.28 94.67 -59.53
N CYS Z 106 -35.22 93.91 -60.09
CA CYS Z 106 -36.26 93.30 -59.26
C CYS Z 106 -36.87 92.12 -59.98
N GLU Z 107 -37.62 91.30 -59.25
CA GLU Z 107 -38.31 90.15 -59.85
C GLU Z 107 -39.81 90.37 -59.97
N ILE Z 108 -40.36 89.91 -61.07
CA ILE Z 108 -41.79 90.00 -61.25
C ILE Z 108 -42.24 88.60 -61.58
N ASP Z 109 -42.94 87.98 -60.63
CA ASP Z 109 -43.57 86.70 -60.88
C ASP Z 109 -44.90 87.00 -61.55
N TYR Z 110 -44.92 86.87 -62.86
CA TYR Z 110 -46.08 87.26 -63.64
C TYR Z 110 -47.31 86.47 -63.21
N GLY Z 111 -47.08 85.28 -62.64
CA GLY Z 111 -48.14 84.46 -62.08
C GLY Z 111 -48.89 85.15 -60.96
N GLU Z 112 -48.15 85.82 -60.08
CA GLU Z 112 -48.75 86.57 -58.97
C GLU Z 112 -49.18 87.98 -59.35
N LEU Z 113 -48.23 88.83 -59.72
CA LEU Z 113 -48.54 90.21 -60.06
C LEU Z 113 -49.54 90.42 -61.21
N CYS Z 114 -49.64 89.42 -62.09
CA CYS Z 114 -50.56 89.54 -63.20
C CYS Z 114 -51.71 88.53 -63.16
N GLY Z 115 -51.41 87.23 -63.14
CA GLY Z 115 -52.46 86.24 -62.99
C GLY Z 115 -52.91 85.45 -64.23
N HIS Z 116 -52.78 86.04 -65.42
CA HIS Z 116 -53.07 85.27 -66.61
C HIS Z 116 -51.84 85.10 -67.53
N ALA Z 117 -51.79 83.98 -68.25
CA ALA Z 117 -50.65 83.68 -69.12
C ALA Z 117 -50.69 84.45 -70.44
N MET Z 118 -49.51 84.79 -70.96
CA MET Z 118 -49.40 85.62 -72.15
C MET Z 118 -49.45 84.81 -73.44
N TRP Z 119 -50.29 85.24 -74.37
CA TRP Z 119 -50.47 84.58 -75.64
C TRP Z 119 -49.58 85.22 -76.71
N PHE Z 120 -48.77 84.40 -77.36
CA PHE Z 120 -47.76 84.93 -78.26
C PHE Z 120 -48.28 85.88 -79.35
N LYS Z 121 -49.49 85.64 -79.86
CA LYS Z 121 -49.93 86.32 -81.09
C LYS Z 121 -50.69 87.62 -80.86
N SER Z 122 -51.24 87.80 -79.67
CA SER Z 122 -52.03 88.99 -79.39
C SER Z 122 -52.30 89.14 -77.93
N THR Z 123 -52.61 90.37 -77.54
CA THR Z 123 -53.04 90.64 -76.19
C THR Z 123 -54.39 89.93 -75.89
N THR Z 124 -54.49 89.27 -74.74
CA THR Z 124 -55.71 88.60 -74.36
C THR Z 124 -56.70 89.59 -73.75
N PHE Z 125 -56.35 90.13 -72.57
CA PHE Z 125 -57.23 91.11 -71.95
C PHE Z 125 -56.78 92.51 -72.25
N GLU Z 126 -55.88 93.03 -71.42
CA GLU Z 126 -55.24 94.27 -71.82
C GLU Z 126 -53.74 94.03 -71.89
N SER Z 127 -53.05 94.98 -72.52
CA SER Z 127 -51.61 94.88 -72.79
C SER Z 127 -50.78 95.40 -71.62
N PRO Z 128 -49.97 94.52 -71.02
CA PRO Z 128 -49.15 94.81 -69.83
C PRO Z 128 -48.07 95.89 -70.02
N ARG Z 129 -48.11 96.95 -69.21
CA ARG Z 129 -47.17 98.07 -69.32
C ARG Z 129 -46.25 98.28 -68.10
N LEU Z 130 -45.08 98.85 -68.35
CA LEU Z 130 -44.23 99.39 -67.30
C LEU Z 130 -44.20 100.91 -67.47
N HIS Z 131 -44.62 101.64 -66.45
CA HIS Z 131 -44.55 103.09 -66.50
C HIS Z 131 -43.37 103.63 -65.71
N PHE Z 132 -42.68 104.63 -66.27
CA PHE Z 132 -41.58 105.25 -65.55
C PHE Z 132 -41.84 106.70 -65.30
N THR Z 133 -41.87 107.05 -64.01
CA THR Z 133 -42.22 108.39 -63.60
C THR Z 133 -41.18 108.90 -62.61
N CYS Z 134 -41.11 110.21 -62.44
CA CYS Z 134 -40.19 110.78 -61.49
C CYS Z 134 -40.91 111.15 -60.17
N LEU Z 135 -40.50 110.51 -59.07
CA LEU Z 135 -41.15 110.69 -57.77
C LEU Z 135 -40.64 111.92 -57.03
N THR Z 136 -39.32 112.05 -56.97
CA THR Z 136 -38.67 113.25 -56.43
C THR Z 136 -37.71 113.78 -57.48
N GLY Z 137 -37.74 115.10 -57.70
CA GLY Z 137 -36.94 115.70 -58.77
C GLY Z 137 -35.49 115.94 -58.43
N ASN Z 138 -34.70 116.29 -59.45
CA ASN Z 138 -33.32 116.67 -59.22
C ASN Z 138 -33.23 118.04 -58.54
N ASN Z 139 -32.16 118.25 -57.78
CA ASN Z 139 -32.04 119.44 -56.95
C ASN Z 139 -31.80 120.68 -57.81
N LYS Z 140 -31.17 120.43 -58.97
CA LYS Z 140 -30.90 121.42 -60.01
C LYS Z 140 -30.80 120.61 -61.27
N GLU Z 141 -31.02 121.24 -62.43
CA GLU Z 141 -31.01 120.44 -63.66
C GLU Z 141 -29.61 119.85 -63.86
N LEU Z 142 -29.56 118.76 -64.63
CA LEU Z 142 -28.28 118.16 -64.97
C LEU Z 142 -27.66 118.84 -66.20
N ALA Z 143 -26.51 118.35 -66.64
CA ALA Z 143 -25.80 119.00 -67.73
C ALA Z 143 -26.50 118.82 -69.09
N ALA Z 144 -27.12 117.66 -69.29
CA ALA Z 144 -27.74 117.34 -70.58
C ALA Z 144 -28.79 116.26 -70.47
N ASP Z 145 -29.63 116.13 -71.50
CA ASP Z 145 -30.58 115.01 -71.58
C ASP Z 145 -29.78 113.72 -71.60
N TRP Z 146 -30.37 112.66 -71.06
CA TRP Z 146 -29.76 111.33 -71.11
C TRP Z 146 -30.79 110.23 -71.22
N GLN Z 147 -30.34 108.98 -71.19
CA GLN Z 147 -31.28 107.88 -71.24
C GLN Z 147 -30.93 106.74 -70.27
N ALA Z 148 -31.93 105.93 -69.94
CA ALA Z 148 -31.72 104.71 -69.16
C ALA Z 148 -32.20 103.55 -70.00
N VAL Z 149 -31.60 102.37 -69.80
CA VAL Z 149 -31.99 101.18 -70.53
C VAL Z 149 -32.76 100.20 -69.65
N VAL Z 150 -33.92 99.74 -70.11
CA VAL Z 150 -34.70 98.75 -69.38
C VAL Z 150 -34.57 97.37 -70.03
N GLU Z 151 -34.26 96.34 -69.25
CA GLU Z 151 -34.05 95.01 -69.80
C GLU Z 151 -34.90 93.95 -69.11
N LEU Z 152 -35.49 93.04 -69.89
CA LEU Z 152 -36.26 91.91 -69.35
C LEU Z 152 -35.44 90.64 -69.52
N TYR Z 153 -35.20 89.94 -68.42
CA TYR Z 153 -34.50 88.66 -68.46
C TYR Z 153 -35.47 87.60 -68.03
N ALA Z 154 -35.50 86.48 -68.75
CA ALA Z 154 -36.44 85.40 -68.45
C ALA Z 154 -36.02 84.16 -69.18
N GLU Z 155 -36.37 83.01 -68.63
CA GLU Z 155 -36.30 81.77 -69.40
C GLU Z 155 -37.71 81.27 -69.66
N LEU Z 156 -38.30 81.72 -70.77
CA LEU Z 156 -39.69 81.37 -71.09
C LEU Z 156 -39.89 79.87 -71.31
N GLU Z 157 -40.84 79.30 -70.59
CA GLU Z 157 -41.30 77.97 -70.90
C GLU Z 157 -42.82 77.90 -71.02
N GLU Z 158 -43.31 76.86 -71.70
CA GLU Z 158 -44.76 76.74 -71.99
C GLU Z 158 -45.55 76.68 -70.69
N ALA Z 159 -46.59 77.51 -70.64
CA ALA Z 159 -47.50 77.54 -69.50
C ALA Z 159 -48.50 76.37 -69.51
N THR Z 160 -48.67 75.75 -68.35
CA THR Z 160 -49.51 74.58 -68.23
C THR Z 160 -50.98 74.97 -68.04
N SER Z 161 -51.23 76.12 -67.41
CA SER Z 161 -52.60 76.60 -67.16
C SER Z 161 -52.78 78.03 -67.60
N PHE Z 162 -54.02 78.45 -67.83
CA PHE Z 162 -54.29 79.84 -68.19
C PHE Z 162 -54.11 80.79 -67.01
N LEU Z 163 -54.57 80.33 -65.84
CA LEU Z 163 -54.65 81.17 -64.67
C LEU Z 163 -53.47 80.92 -63.74
N GLY Z 164 -53.01 82.00 -63.10
CA GLY Z 164 -52.02 81.91 -62.03
C GLY Z 164 -52.60 81.35 -60.74
N LYS Z 165 -51.92 81.62 -59.63
CA LYS Z 165 -52.46 81.33 -58.32
C LYS Z 165 -53.02 82.65 -57.84
N PRO Z 166 -54.19 82.60 -57.18
CA PRO Z 166 -54.89 83.84 -56.81
C PRO Z 166 -54.10 84.63 -55.78
N THR Z 167 -53.88 85.91 -56.06
CA THR Z 167 -53.29 86.87 -55.12
C THR Z 167 -54.11 86.98 -53.83
N LEU Z 168 -55.44 86.84 -53.94
CA LEU Z 168 -56.33 87.09 -52.82
C LEU Z 168 -57.59 86.23 -52.87
N VAL Z 169 -58.02 85.70 -51.73
CA VAL Z 169 -59.30 85.01 -51.69
C VAL Z 169 -60.21 85.69 -50.70
N PHE Z 170 -61.44 85.98 -51.13
CA PHE Z 170 -62.34 86.80 -50.33
C PHE Z 170 -62.70 86.19 -49.00
N ASP Z 171 -62.50 86.99 -47.96
CA ASP Z 171 -62.78 86.64 -46.57
C ASP Z 171 -62.86 87.92 -45.75
N PRO Z 172 -64.06 88.21 -45.21
CA PRO Z 172 -64.43 89.44 -44.48
C PRO Z 172 -63.61 89.55 -43.21
N GLY Z 173 -63.41 88.39 -42.59
CA GLY Z 173 -62.79 88.32 -41.29
C GLY Z 173 -61.28 88.19 -41.36
N VAL Z 174 -60.69 88.48 -42.53
CA VAL Z 174 -59.25 88.34 -42.67
C VAL Z 174 -58.57 89.49 -43.42
N PHE Z 175 -57.98 90.32 -42.57
CA PHE Z 175 -57.02 91.36 -42.87
C PHE Z 175 -55.93 91.16 -41.82
N ASN Z 176 -54.83 90.53 -42.21
CA ASN Z 176 -53.73 90.25 -41.29
C ASN Z 176 -53.19 91.48 -40.56
N GLY Z 177 -52.81 92.49 -41.34
CA GLY Z 177 -52.12 93.64 -40.79
C GLY Z 177 -50.81 93.87 -41.51
N LYS Z 178 -50.44 92.93 -42.38
CA LYS Z 178 -49.28 93.06 -43.26
C LYS Z 178 -49.69 93.69 -44.60
N PHE Z 179 -48.85 94.57 -45.14
CA PHE Z 179 -49.14 95.22 -46.41
C PHE Z 179 -48.06 94.91 -47.44
N GLN Z 180 -48.42 94.99 -48.73
CA GLN Z 180 -47.39 95.13 -49.77
C GLN Z 180 -47.71 96.34 -50.62
N PHE Z 181 -46.66 96.98 -51.14
CA PHE Z 181 -46.80 98.11 -52.04
C PHE Z 181 -47.56 99.26 -51.46
N LEU Z 182 -47.41 99.49 -50.17
CA LEU Z 182 -48.02 100.64 -49.54
C LEU Z 182 -46.98 101.75 -49.38
N THR Z 183 -46.98 102.67 -50.34
CA THR Z 183 -45.99 103.76 -50.35
C THR Z 183 -46.75 105.09 -50.29
N CYS Z 184 -46.37 105.94 -49.33
CA CYS Z 184 -46.97 107.27 -49.20
C CYS Z 184 -46.33 108.23 -50.17
N PRO Z 185 -47.13 109.09 -50.82
CA PRO Z 185 -46.54 110.17 -51.63
C PRO Z 185 -45.50 110.96 -50.82
N PRO Z 186 -44.53 111.53 -51.53
CA PRO Z 186 -43.40 112.22 -50.89
C PRO Z 186 -43.88 113.35 -50.00
N ILE Z 187 -43.20 113.48 -48.87
CA ILE Z 187 -43.38 114.57 -47.93
C ILE Z 187 -42.20 115.55 -48.11
N PHE Z 188 -42.42 116.86 -48.10
CA PHE Z 188 -41.33 117.80 -48.40
C PHE Z 188 -41.01 118.75 -47.26
N PHE Z 189 -39.72 118.98 -47.02
CA PHE Z 189 -39.29 119.97 -46.03
C PHE Z 189 -38.54 121.11 -46.68
N ASP Z 190 -38.90 122.35 -46.33
CA ASP Z 190 -38.21 123.54 -46.85
C ASP Z 190 -36.93 123.79 -46.06
N LEU Z 191 -35.89 124.25 -46.73
CA LEU Z 191 -34.67 124.57 -46.00
C LEU Z 191 -34.66 125.99 -45.46
N THR Z 192 -35.73 126.72 -45.76
CA THR Z 192 -35.88 128.06 -45.24
C THR Z 192 -36.63 128.07 -43.93
N ALA Z 193 -36.68 126.90 -43.29
CA ALA Z 193 -37.39 126.73 -42.03
C ALA Z 193 -36.54 126.01 -40.99
N VAL Z 194 -36.36 126.64 -39.84
CA VAL Z 194 -35.52 126.07 -38.81
C VAL Z 194 -36.09 124.79 -38.17
N THR Z 195 -37.41 124.72 -38.00
CA THR Z 195 -38.07 123.44 -37.71
C THR Z 195 -39.34 123.30 -38.55
N ALA Z 196 -39.93 122.12 -38.55
CA ALA Z 196 -41.16 121.93 -39.31
C ALA Z 196 -41.86 120.64 -38.97
N LEU Z 197 -43.16 120.61 -39.23
CA LEU Z 197 -43.94 119.40 -39.03
C LEU Z 197 -44.60 118.96 -40.32
N ARG Z 198 -44.58 117.66 -40.57
CA ARG Z 198 -45.37 117.08 -41.65
C ARG Z 198 -46.15 115.89 -41.12
N SER Z 199 -47.47 115.95 -41.27
CA SER Z 199 -48.33 114.85 -40.84
C SER Z 199 -48.61 113.86 -41.95
N ALA Z 200 -48.64 112.58 -41.60
CA ALA Z 200 -49.18 111.53 -42.46
C ALA Z 200 -50.37 110.89 -41.75
N GLY Z 201 -51.55 110.93 -42.39
CA GLY Z 201 -52.74 110.37 -41.78
C GLY Z 201 -52.61 108.86 -41.65
N LEU Z 202 -53.18 108.30 -40.58
CA LEU Z 202 -53.11 106.85 -40.38
C LEU Z 202 -54.47 106.21 -40.55
N THR Z 203 -55.41 106.99 -41.07
CA THR Z 203 -56.74 106.47 -41.40
C THR Z 203 -56.70 105.79 -42.76
N LEU Z 204 -56.08 104.61 -42.80
CA LEU Z 204 -55.63 103.96 -44.03
C LEU Z 204 -56.72 103.40 -44.93
N GLY Z 205 -57.95 103.36 -44.45
CA GLY Z 205 -59.06 102.87 -45.25
C GLY Z 205 -59.61 103.93 -46.19
N GLN Z 206 -59.20 105.17 -45.94
CA GLN Z 206 -59.66 106.32 -46.72
C GLN Z 206 -59.22 106.12 -48.16
N VAL Z 207 -60.10 106.40 -49.13
CA VAL Z 207 -59.70 106.30 -50.54
C VAL Z 207 -59.00 107.56 -51.02
N PRO Z 208 -57.79 107.39 -51.59
CA PRO Z 208 -56.91 108.51 -51.99
C PRO Z 208 -57.52 109.23 -53.17
N MET Z 209 -57.23 110.52 -53.31
CA MET Z 209 -57.81 111.28 -54.40
C MET Z 209 -56.78 112.12 -55.16
N VAL Z 210 -57.09 112.36 -56.41
CA VAL Z 210 -56.30 113.25 -57.25
C VAL Z 210 -57.32 114.19 -57.87
N GLY Z 211 -57.46 115.37 -57.27
CA GLY Z 211 -58.52 116.29 -57.64
C GLY Z 211 -59.87 115.72 -57.26
N THR Z 212 -60.75 115.57 -58.24
CA THR Z 212 -62.07 114.98 -57.99
C THR Z 212 -62.09 113.47 -58.26
N THR Z 213 -60.98 112.93 -58.75
CA THR Z 213 -60.87 111.51 -59.06
C THR Z 213 -60.51 110.63 -57.85
N LYS Z 214 -61.37 109.64 -57.56
CA LYS Z 214 -61.10 108.66 -56.51
C LYS Z 214 -60.22 107.56 -57.10
N VAL Z 215 -59.13 107.21 -56.39
CA VAL Z 215 -58.28 106.12 -56.84
C VAL Z 215 -58.38 104.92 -55.89
N TYR Z 216 -59.35 104.05 -56.15
CA TYR Z 216 -59.52 102.83 -55.37
C TYR Z 216 -58.27 101.97 -55.51
N ASN Z 217 -57.79 101.44 -54.40
CA ASN Z 217 -56.65 100.54 -54.44
C ASN Z 217 -56.79 99.44 -53.40
N LEU Z 218 -56.07 98.34 -53.60
CA LEU Z 218 -56.22 97.18 -52.73
C LEU Z 218 -55.91 97.49 -51.26
N ASN Z 219 -54.88 98.29 -50.99
CA ASN Z 219 -54.48 98.52 -49.60
C ASN Z 219 -55.57 99.21 -48.79
N SER Z 220 -56.09 100.32 -49.29
CA SER Z 220 -57.14 101.02 -48.56
C SER Z 220 -58.37 100.10 -48.47
N THR Z 221 -58.62 99.36 -49.55
CA THR Z 221 -59.72 98.38 -49.53
C THR Z 221 -59.56 97.37 -48.39
N LEU Z 222 -58.35 96.82 -48.24
CA LEU Z 222 -58.06 95.87 -47.16
C LEU Z 222 -58.35 96.48 -45.80
N VAL Z 223 -57.79 97.66 -45.55
CA VAL Z 223 -58.01 98.32 -44.27
C VAL Z 223 -59.50 98.54 -43.97
N SER Z 224 -60.28 98.82 -45.00
CA SER Z 224 -61.71 99.07 -44.82
C SER Z 224 -62.45 97.83 -44.33
N CYS Z 225 -61.81 96.66 -44.44
CA CYS Z 225 -62.38 95.38 -43.98
C CYS Z 225 -62.42 95.24 -42.47
N VAL Z 226 -61.92 96.25 -41.80
CA VAL Z 226 -61.79 96.29 -40.36
C VAL Z 226 -62.42 97.62 -39.86
N LEU Z 227 -62.78 97.70 -38.58
CA LEU Z 227 -63.41 98.92 -38.08
C LEU Z 227 -62.35 99.94 -37.66
N GLY Z 228 -61.20 99.43 -37.24
CA GLY Z 228 -60.09 100.25 -36.82
C GLY Z 228 -58.90 99.39 -36.44
N MET Z 229 -57.79 100.03 -36.06
CA MET Z 229 -56.57 99.30 -35.77
C MET Z 229 -55.70 100.08 -34.82
N GLY Z 230 -54.97 99.36 -33.99
CA GLY Z 230 -53.97 99.93 -33.13
C GLY Z 230 -52.75 99.04 -33.22
N GLY Z 231 -51.66 99.47 -32.58
CA GLY Z 231 -50.46 98.67 -32.63
C GLY Z 231 -49.29 99.51 -33.07
N THR Z 232 -48.29 98.86 -33.63
CA THR Z 232 -47.08 99.58 -34.02
C THR Z 232 -46.91 99.58 -35.53
N VAL Z 233 -46.68 100.76 -36.09
CA VAL Z 233 -46.44 100.91 -37.52
C VAL Z 233 -44.98 100.61 -37.80
N ARG Z 234 -44.73 99.55 -38.58
CA ARG Z 234 -43.36 99.23 -39.01
C ARG Z 234 -43.20 99.66 -40.46
N GLY Z 235 -42.23 100.54 -40.71
CA GLY Z 235 -42.02 101.01 -42.06
C GLY Z 235 -40.59 101.33 -42.40
N ARG Z 236 -40.39 101.92 -43.57
CA ARG Z 236 -39.08 102.39 -44.00
C ARG Z 236 -39.16 103.84 -44.41
N VAL Z 237 -38.11 104.59 -44.12
CA VAL Z 237 -38.02 105.97 -44.53
C VAL Z 237 -36.89 106.12 -45.53
N HIS Z 238 -37.17 106.77 -46.64
CA HIS Z 238 -36.13 107.11 -47.59
C HIS Z 238 -35.93 108.62 -47.68
N ILE Z 239 -34.70 109.04 -47.49
CA ILE Z 239 -34.35 110.44 -47.66
C ILE Z 239 -33.82 110.68 -49.08
N CYS Z 240 -34.61 111.37 -49.89
CA CYS Z 240 -34.38 111.45 -51.32
C CYS Z 240 -33.78 112.76 -51.76
N ALA Z 241 -32.54 112.98 -51.34
CA ALA Z 241 -31.81 114.19 -51.67
C ALA Z 241 -30.34 113.88 -51.91
N PRO Z 242 -29.60 114.86 -52.47
CA PRO Z 242 -28.15 114.71 -52.72
C PRO Z 242 -27.36 114.49 -51.40
N ILE Z 243 -26.17 113.85 -51.44
CA ILE Z 243 -25.37 113.62 -50.22
C ILE Z 243 -25.11 114.89 -49.45
N PHE Z 244 -25.16 116.03 -50.11
CA PHE Z 244 -24.87 117.31 -49.44
C PHE Z 244 -26.08 117.96 -48.76
N TYR Z 245 -27.24 117.32 -48.89
CA TYR Z 245 -28.41 117.65 -48.08
C TYR Z 245 -28.45 116.74 -46.87
N SER Z 246 -28.93 117.23 -45.75
CA SER Z 246 -29.09 116.34 -44.60
C SER Z 246 -30.11 116.87 -43.61
N ILE Z 247 -30.66 115.96 -42.81
CA ILE Z 247 -31.74 116.32 -41.92
C ILE Z 247 -31.79 115.38 -40.73
N VAL Z 248 -32.40 115.84 -39.64
CA VAL Z 248 -32.69 114.96 -38.50
C VAL Z 248 -34.17 115.08 -38.12
N LEU Z 249 -34.86 113.95 -38.08
CA LEU Z 249 -36.27 113.93 -37.81
C LEU Z 249 -36.60 113.26 -36.49
N TRP Z 250 -37.57 113.82 -35.78
CA TRP Z 250 -38.23 113.14 -34.68
C TRP Z 250 -39.56 112.62 -35.23
N VAL Z 251 -39.71 111.30 -35.29
CA VAL Z 251 -40.94 110.69 -35.80
C VAL Z 251 -41.81 110.08 -34.69
N VAL Z 252 -43.03 110.59 -34.53
CA VAL Z 252 -43.86 110.17 -33.42
C VAL Z 252 -45.33 110.18 -33.80
N SER Z 253 -46.14 109.43 -33.06
CA SER Z 253 -47.59 109.43 -33.30
C SER Z 253 -48.37 110.35 -32.36
N GLU Z 254 -49.34 111.08 -32.90
CA GLU Z 254 -50.16 111.99 -32.09
C GLU Z 254 -51.65 111.88 -32.41
N TRP Z 255 -52.48 112.20 -31.42
CA TRP Z 255 -53.93 112.09 -31.58
C TRP Z 255 -54.61 113.45 -31.61
N ASN Z 256 -55.45 113.65 -32.62
CA ASN Z 256 -56.28 114.84 -32.75
C ASN Z 256 -55.51 116.15 -32.55
N GLY Z 257 -54.73 116.53 -33.55
CA GLY Z 257 -53.90 117.71 -33.45
C GLY Z 257 -52.50 117.36 -32.98
N THR Z 258 -51.73 118.37 -32.65
CA THR Z 258 -50.38 118.15 -32.18
C THR Z 258 -50.14 119.04 -30.99
N THR Z 259 -49.23 118.65 -30.11
CA THR Z 259 -48.88 119.50 -29.00
C THR Z 259 -48.04 120.68 -29.49
N MET Z 260 -48.13 121.79 -28.77
CA MET Z 260 -47.41 122.98 -29.15
C MET Z 260 -46.18 123.15 -28.27
N ASP Z 261 -46.04 122.27 -27.29
CA ASP Z 261 -44.96 122.32 -26.31
C ASP Z 261 -43.83 121.34 -26.65
N TRP Z 262 -42.68 121.87 -27.04
CA TRP Z 262 -41.55 121.05 -27.44
C TRP Z 262 -41.15 120.03 -26.36
N ASN Z 263 -41.33 120.40 -25.10
CA ASN Z 263 -40.95 119.48 -24.03
C ASN Z 263 -41.91 118.32 -23.92
N GLU Z 264 -43.19 118.57 -24.13
CA GLU Z 264 -44.17 117.49 -24.09
C GLU Z 264 -43.90 116.54 -25.25
N LEU Z 265 -43.61 117.14 -26.40
CA LEU Z 265 -43.32 116.38 -27.63
C LEU Z 265 -42.28 115.30 -27.40
N PHE Z 266 -41.25 115.60 -26.64
CA PHE Z 266 -40.17 114.66 -26.44
C PHE Z 266 -40.37 113.72 -25.26
N LYS Z 267 -41.52 113.80 -24.62
CA LYS Z 267 -41.86 112.84 -23.59
C LYS Z 267 -42.68 111.72 -24.23
N TYR Z 268 -43.02 111.88 -25.51
CA TYR Z 268 -43.75 110.86 -26.26
C TYR Z 268 -42.76 109.80 -26.73
N PRO Z 269 -43.25 108.59 -27.05
CA PRO Z 269 -42.42 107.50 -27.57
C PRO Z 269 -42.23 107.57 -29.08
N GLY Z 270 -41.24 108.35 -29.49
CA GLY Z 270 -40.88 108.47 -30.89
C GLY Z 270 -39.51 107.90 -31.20
N VAL Z 271 -39.07 108.08 -32.44
CA VAL Z 271 -37.76 107.61 -32.88
C VAL Z 271 -37.09 108.68 -33.71
N TYR Z 272 -35.76 108.69 -33.72
CA TYR Z 272 -35.00 109.64 -34.52
C TYR Z 272 -34.67 109.02 -35.88
N VAL Z 273 -34.74 109.82 -36.92
CA VAL Z 273 -34.35 109.36 -38.26
C VAL Z 273 -33.35 110.36 -38.84
N GLU Z 274 -32.14 109.88 -39.10
CA GLU Z 274 -31.06 110.72 -39.66
C GLU Z 274 -30.78 110.33 -41.09
N GLU Z 275 -31.26 109.14 -41.49
CA GLU Z 275 -30.89 108.54 -42.77
C GLU Z 275 -31.82 107.41 -43.19
N ASP Z 276 -31.71 106.98 -44.45
CA ASP Z 276 -32.47 105.85 -44.97
C ASP Z 276 -32.48 104.75 -43.90
N GLY Z 277 -33.64 104.15 -43.65
CA GLY Z 277 -33.73 103.07 -42.69
C GLY Z 277 -35.16 102.70 -42.33
N SER Z 278 -35.32 101.67 -41.50
CA SER Z 278 -36.64 101.28 -41.03
C SER Z 278 -36.98 101.99 -39.71
N PHE Z 279 -38.24 101.96 -39.31
CA PHE Z 279 -38.69 102.60 -38.07
C PHE Z 279 -39.91 101.85 -37.53
N GLU Z 280 -40.13 101.91 -36.22
CA GLU Z 280 -41.35 101.40 -35.61
C GLU Z 280 -41.90 102.49 -34.71
N VAL Z 281 -43.14 102.89 -34.93
CA VAL Z 281 -43.78 103.87 -34.05
C VAL Z 281 -45.13 103.35 -33.58
N LYS Z 282 -45.40 103.49 -32.29
CA LYS Z 282 -46.66 103.05 -31.70
C LYS Z 282 -47.75 104.00 -32.12
N ILE Z 283 -48.87 103.45 -32.58
CA ILE Z 283 -50.06 104.24 -32.88
C ILE Z 283 -50.65 104.75 -31.57
N ARG Z 284 -50.64 106.06 -31.39
CA ARG Z 284 -51.10 106.70 -30.17
C ARG Z 284 -52.57 107.16 -30.25
N SER Z 285 -53.38 106.69 -29.31
CA SER Z 285 -54.80 107.05 -29.31
C SER Z 285 -55.47 106.76 -27.97
N PRO Z 286 -56.46 107.59 -27.60
CA PRO Z 286 -57.24 107.45 -26.37
C PRO Z 286 -57.95 106.10 -26.28
N TYR Z 287 -58.10 105.45 -27.44
CA TYR Z 287 -58.81 104.20 -27.55
C TYR Z 287 -57.85 103.11 -27.93
N HIS Z 288 -56.57 103.48 -28.05
CA HIS Z 288 -55.50 102.56 -28.44
C HIS Z 288 -55.58 102.12 -29.91
N ARG Z 289 -56.66 102.52 -30.59
CA ARG Z 289 -56.86 102.21 -32.00
C ARG Z 289 -57.29 103.49 -32.69
N THR Z 290 -57.07 103.59 -34.00
CA THR Z 290 -57.61 104.68 -34.79
C THR Z 290 -58.60 104.06 -35.79
N PRO Z 291 -59.71 104.77 -36.09
CA PRO Z 291 -60.73 104.22 -36.96
C PRO Z 291 -60.21 104.05 -38.37
N ALA Z 292 -60.74 103.04 -39.06
CA ALA Z 292 -60.33 102.69 -40.42
C ALA Z 292 -60.76 103.71 -41.48
N ARG Z 293 -61.93 104.31 -41.30
CA ARG Z 293 -62.39 105.33 -42.24
C ARG Z 293 -62.98 106.51 -41.49
N LEU Z 294 -63.22 107.60 -42.21
CA LEU Z 294 -63.80 108.79 -41.58
C LEU Z 294 -65.32 108.84 -41.71
N LEU Z 295 -65.94 109.51 -40.74
CA LEU Z 295 -67.33 109.88 -40.88
C LEU Z 295 -67.42 111.28 -41.47
N ALA Z 296 -68.64 111.70 -41.76
CA ALA Z 296 -68.93 113.02 -42.30
C ALA Z 296 -68.31 114.13 -41.47
N GLY Z 297 -67.59 115.05 -42.12
CA GLY Z 297 -67.02 116.19 -41.42
C GLY Z 297 -65.85 115.91 -40.49
N GLN Z 298 -65.37 114.68 -40.47
CA GLN Z 298 -64.15 114.33 -39.75
C GLN Z 298 -62.94 114.51 -40.67
N SER Z 299 -61.79 114.81 -40.08
CA SER Z 299 -60.57 115.03 -40.82
C SER Z 299 -59.59 113.94 -40.45
N GLN Z 300 -58.60 113.66 -41.28
CA GLN Z 300 -57.70 112.56 -40.95
C GLN Z 300 -56.82 112.90 -39.74
N ARG Z 301 -56.67 114.20 -39.50
CA ARG Z 301 -55.81 114.69 -38.43
C ARG Z 301 -56.53 114.66 -37.08
N ASP Z 302 -57.83 114.38 -37.13
CA ASP Z 302 -58.65 114.31 -35.92
C ASP Z 302 -58.42 113.02 -35.19
N MET Z 303 -57.87 112.04 -35.92
CA MET Z 303 -57.55 110.74 -35.36
C MET Z 303 -56.04 110.58 -35.13
N SER Z 304 -55.57 109.34 -35.26
CA SER Z 304 -54.16 109.04 -35.06
C SER Z 304 -53.35 109.32 -36.34
N SER Z 305 -52.24 110.04 -36.18
CA SER Z 305 -51.38 110.38 -37.32
C SER Z 305 -49.92 110.03 -37.01
N LEU Z 306 -49.15 109.81 -38.07
CA LEU Z 306 -47.73 109.56 -37.98
C LEU Z 306 -47.04 110.88 -38.30
N ASN Z 307 -46.46 111.52 -37.29
CA ASN Z 307 -45.92 112.88 -37.45
C ASN Z 307 -44.41 113.00 -37.64
N PHE Z 308 -44.00 113.72 -38.68
CA PHE Z 308 -42.57 113.87 -38.97
C PHE Z 308 -42.12 115.27 -38.65
N TYR Z 309 -41.38 115.38 -37.55
CA TYR Z 309 -40.86 116.66 -37.07
C TYR Z 309 -39.39 116.86 -37.46
N ALA Z 310 -39.13 117.89 -38.24
CA ALA Z 310 -37.76 118.24 -38.56
C ALA Z 310 -37.21 119.03 -37.40
N ILE Z 311 -36.27 118.42 -36.66
CA ILE Z 311 -35.73 119.05 -35.45
C ILE Z 311 -34.34 119.63 -35.64
N ALA Z 312 -33.68 119.23 -36.72
CA ALA Z 312 -32.40 119.83 -37.12
C ALA Z 312 -32.25 119.77 -38.64
N GLY Z 313 -32.34 120.91 -39.28
CA GLY Z 313 -32.34 120.93 -40.71
C GLY Z 313 -33.75 120.97 -41.28
N PRO Z 314 -33.87 120.67 -42.56
CA PRO Z 314 -32.77 120.28 -43.44
C PRO Z 314 -31.74 121.39 -43.70
N ILE Z 315 -30.50 121.00 -43.95
CA ILE Z 315 -29.49 121.94 -44.39
C ILE Z 315 -28.90 121.55 -45.74
N ALA Z 316 -28.41 122.54 -46.46
CA ALA Z 316 -27.71 122.29 -47.71
C ALA Z 316 -26.78 123.47 -47.94
N PRO Z 317 -25.79 123.28 -48.83
CA PRO Z 317 -24.87 124.38 -49.17
C PRO Z 317 -25.63 125.46 -49.91
N SER Z 318 -25.15 126.69 -49.91
CA SER Z 318 -25.80 127.69 -50.78
C SER Z 318 -25.30 127.47 -52.19
N GLY Z 319 -26.09 127.80 -53.20
CA GLY Z 319 -27.47 128.25 -53.03
C GLY Z 319 -28.36 127.15 -53.59
N GLU Z 320 -28.64 126.17 -52.75
CA GLU Z 320 -29.60 125.16 -53.11
C GLU Z 320 -30.99 125.70 -52.78
N THR Z 321 -32.01 125.22 -53.47
CA THR Z 321 -33.32 125.79 -53.26
C THR Z 321 -34.34 124.68 -53.13
N ALA Z 322 -34.03 123.54 -53.74
CA ALA Z 322 -34.91 122.36 -53.68
C ALA Z 322 -35.34 121.98 -52.24
N GLN Z 323 -36.57 121.52 -52.11
CA GLN Z 323 -37.01 121.00 -50.84
C GLN Z 323 -36.38 119.61 -50.66
N LEU Z 324 -36.31 119.15 -49.41
CA LEU Z 324 -35.83 117.80 -49.12
C LEU Z 324 -37.03 116.87 -48.97
N PRO Z 325 -37.13 115.88 -49.87
CA PRO Z 325 -38.25 114.92 -49.85
C PRO Z 325 -37.99 113.68 -49.01
N ILE Z 326 -39.03 113.24 -48.30
CA ILE Z 326 -39.02 112.00 -47.52
C ILE Z 326 -40.08 111.08 -48.12
N VAL Z 327 -39.70 109.86 -48.49
CA VAL Z 327 -40.69 108.90 -48.97
C VAL Z 327 -40.89 107.82 -47.92
N VAL Z 328 -42.12 107.70 -47.41
CA VAL Z 328 -42.41 106.72 -46.37
C VAL Z 328 -43.10 105.48 -46.92
N GLN Z 329 -42.61 104.29 -46.57
CA GLN Z 329 -43.29 103.04 -46.90
C GLN Z 329 -43.76 102.34 -45.64
N ILE Z 330 -45.01 101.89 -45.64
CA ILE Z 330 -45.57 101.18 -44.49
C ILE Z 330 -45.66 99.70 -44.78
N ASP Z 331 -44.96 98.90 -43.98
CA ASP Z 331 -44.80 97.48 -44.28
C ASP Z 331 -45.82 96.62 -43.55
N GLU Z 332 -46.03 96.92 -42.28
CA GLU Z 332 -47.07 96.24 -41.53
C GLU Z 332 -47.42 96.91 -40.21
N ILE Z 333 -48.54 96.48 -39.65
CA ILE Z 333 -48.88 96.81 -38.28
C ILE Z 333 -48.44 95.62 -37.43
N VAL Z 334 -47.39 95.80 -36.65
CA VAL Z 334 -46.84 94.72 -35.85
C VAL Z 334 -47.50 94.75 -34.48
N ARG Z 335 -47.65 93.58 -33.87
CA ARG Z 335 -48.34 93.48 -32.59
C ARG Z 335 -49.67 94.22 -32.70
N PRO Z 336 -50.53 93.78 -33.65
CA PRO Z 336 -51.72 94.53 -34.03
C PRO Z 336 -52.85 94.39 -33.03
N ASP Z 337 -53.53 95.49 -32.76
CA ASP Z 337 -54.73 95.47 -31.96
C ASP Z 337 -55.88 95.81 -32.89
N LEU Z 338 -56.48 94.79 -33.50
CA LEU Z 338 -57.53 95.03 -34.47
C LEU Z 338 -58.93 95.15 -33.86
N SER Z 339 -59.81 95.89 -34.54
CA SER Z 339 -61.20 95.94 -34.17
C SER Z 339 -61.90 94.75 -34.76
N LEU Z 340 -63.21 94.68 -34.55
CA LEU Z 340 -64.01 93.69 -35.25
C LEU Z 340 -63.89 93.88 -36.75
N PRO Z 341 -64.03 92.80 -37.50
CA PRO Z 341 -64.16 92.99 -38.95
C PRO Z 341 -65.34 93.90 -39.19
N SER Z 342 -65.30 94.71 -40.23
CA SER Z 342 -66.43 95.59 -40.53
C SER Z 342 -67.63 94.79 -41.09
N PHE Z 343 -67.36 93.72 -41.81
CA PHE Z 343 -68.43 92.84 -42.30
C PHE Z 343 -68.31 91.42 -41.77
N GLU Z 344 -69.46 90.79 -41.59
CA GLU Z 344 -69.49 89.38 -41.19
C GLU Z 344 -69.64 88.49 -42.41
N ASP Z 345 -69.62 87.18 -42.22
CA ASP Z 345 -69.80 86.29 -43.36
C ASP Z 345 -71.31 86.26 -43.71
N ASP Z 346 -71.73 87.31 -44.38
CA ASP Z 346 -73.13 87.54 -44.59
C ASP Z 346 -73.35 88.11 -45.99
N TYR Z 347 -74.61 88.34 -46.34
CA TYR Z 347 -74.97 88.98 -47.58
C TYR Z 347 -74.65 90.45 -47.47
N PHE Z 348 -74.49 91.10 -48.62
CA PHE Z 348 -74.37 92.56 -48.69
C PHE Z 348 -75.03 93.03 -49.97
N VAL Z 349 -75.28 94.34 -50.05
CA VAL Z 349 -76.08 94.86 -51.15
C VAL Z 349 -75.30 94.94 -52.43
N TRP Z 350 -75.85 94.35 -53.48
CA TRP Z 350 -75.27 94.46 -54.81
C TRP Z 350 -75.94 95.64 -55.52
N VAL Z 351 -77.25 95.60 -55.66
CA VAL Z 351 -77.95 96.64 -56.38
C VAL Z 351 -79.42 96.75 -55.97
N ASP Z 352 -79.95 97.97 -55.99
CA ASP Z 352 -81.39 98.22 -55.86
C ASP Z 352 -81.96 98.76 -57.18
N PHE Z 353 -83.04 98.15 -57.66
CA PHE Z 353 -83.78 98.72 -58.79
C PHE Z 353 -85.07 99.33 -58.27
N SER Z 354 -85.38 100.53 -58.73
CA SER Z 354 -86.57 101.24 -58.27
C SER Z 354 -87.11 102.15 -59.35
N GLU Z 355 -88.26 102.77 -59.08
CA GLU Z 355 -88.84 103.76 -59.97
C GLU Z 355 -88.96 103.23 -61.40
N PHE Z 356 -89.62 102.09 -61.55
CA PHE Z 356 -89.79 101.49 -62.89
C PHE Z 356 -90.78 102.28 -63.76
N THR Z 357 -90.45 102.48 -65.03
CA THR Z 357 -91.30 103.27 -65.91
C THR Z 357 -92.09 102.38 -66.87
N LEU Z 358 -91.58 101.18 -67.12
CA LEU Z 358 -92.26 100.23 -67.97
C LEU Z 358 -92.60 98.99 -67.17
N ASP Z 359 -93.74 98.38 -67.50
CA ASP Z 359 -94.14 97.13 -66.85
C ASP Z 359 -93.22 95.99 -67.28
N LYS Z 360 -92.83 95.96 -68.56
CA LYS Z 360 -91.87 94.94 -69.01
C LYS Z 360 -90.43 95.46 -68.83
N GLU Z 361 -89.66 94.80 -67.98
CA GLU Z 361 -88.28 95.19 -67.74
C GLU Z 361 -87.45 93.92 -67.74
N GLU Z 362 -86.29 93.95 -68.38
CA GLU Z 362 -85.41 92.79 -68.36
C GLU Z 362 -83.95 93.16 -68.12
N ILE Z 363 -83.45 92.76 -66.97
CA ILE Z 363 -82.09 93.11 -66.55
C ILE Z 363 -81.15 91.95 -66.85
N GLU Z 364 -80.23 92.15 -67.80
CA GLU Z 364 -79.26 91.11 -68.14
C GLU Z 364 -78.05 91.16 -67.23
N ILE Z 365 -77.73 90.02 -66.66
CA ILE Z 365 -76.59 89.90 -65.76
C ILE Z 365 -75.48 89.09 -66.41
N GLY Z 366 -75.88 87.94 -66.99
CA GLY Z 366 -74.97 87.07 -67.70
C GLY Z 366 -74.11 86.28 -66.73
N SER Z 367 -72.81 86.51 -66.80
CA SER Z 367 -71.89 85.84 -65.89
C SER Z 367 -71.00 86.85 -65.14
N ARG Z 368 -71.43 88.11 -65.08
CA ARG Z 368 -70.60 89.17 -64.53
C ARG Z 368 -71.11 89.75 -63.22
N PHE Z 369 -70.19 90.23 -62.40
CA PHE Z 369 -70.57 91.08 -61.29
C PHE Z 369 -70.12 92.49 -61.67
N PHE Z 370 -71.05 93.43 -61.77
CA PHE Z 370 -70.71 94.73 -62.36
C PHE Z 370 -71.73 95.82 -62.02
N ASP Z 371 -71.49 97.03 -62.53
CA ASP Z 371 -72.40 98.15 -62.30
C ASP Z 371 -73.46 98.23 -63.39
N PHE Z 372 -74.72 98.25 -62.99
CA PHE Z 372 -75.85 98.30 -63.92
C PHE Z 372 -76.12 99.74 -64.38
N THR Z 373 -76.73 99.87 -65.55
CA THR Z 373 -77.32 101.13 -66.00
C THR Z 373 -78.67 100.86 -66.64
N SER Z 374 -79.61 101.79 -66.46
CA SER Z 374 -80.92 101.66 -67.10
C SER Z 374 -81.47 103.01 -67.55
N ASN Z 375 -82.17 102.99 -68.70
CA ASN Z 375 -82.87 104.15 -69.19
C ASN Z 375 -84.30 104.14 -68.71
N THR Z 376 -84.76 102.98 -68.25
CA THR Z 376 -86.16 102.76 -67.94
C THR Z 376 -86.44 102.62 -66.45
N CYS Z 377 -85.39 102.60 -65.64
CA CYS Z 377 -85.54 102.58 -64.17
C CYS Z 377 -84.30 103.09 -63.46
N ARG Z 378 -84.46 103.31 -62.16
CA ARG Z 378 -83.36 103.83 -61.34
C ARG Z 378 -82.48 102.73 -60.74
N VAL Z 379 -81.20 102.74 -61.09
CA VAL Z 379 -80.24 101.81 -60.54
C VAL Z 379 -79.48 102.47 -59.39
N SER Z 380 -79.38 101.78 -58.25
CA SER Z 380 -78.58 102.26 -57.12
C SER Z 380 -77.62 101.15 -56.74
N MET Z 381 -76.34 101.38 -57.02
CA MET Z 381 -75.35 100.34 -56.79
C MET Z 381 -74.84 100.34 -55.34
N GLY Z 382 -74.51 99.17 -54.82
CA GLY Z 382 -73.96 99.10 -53.48
C GLY Z 382 -72.47 99.39 -53.50
N GLU Z 383 -71.97 100.00 -52.44
CA GLU Z 383 -70.53 100.18 -52.25
C GLU Z 383 -70.05 99.42 -50.98
N ASN Z 384 -69.17 98.45 -51.19
CA ASN Z 384 -68.62 97.63 -50.10
C ASN Z 384 -67.26 97.05 -50.49
N PRO Z 385 -66.54 96.48 -49.52
CA PRO Z 385 -65.21 95.97 -49.83
C PRO Z 385 -65.22 94.94 -50.95
N PHE Z 386 -66.24 94.09 -51.02
CA PHE Z 386 -66.22 93.09 -52.09
C PHE Z 386 -66.18 93.76 -53.48
N ALA Z 387 -67.05 94.74 -53.68
CA ALA Z 387 -67.09 95.48 -54.93
C ALA Z 387 -65.75 96.14 -55.25
N ALA Z 388 -65.11 96.71 -54.23
CA ALA Z 388 -63.80 97.32 -54.41
C ALA Z 388 -62.77 96.26 -54.80
N MET Z 389 -62.82 95.10 -54.18
CA MET Z 389 -61.87 94.05 -54.53
C MET Z 389 -62.05 93.60 -55.97
N ILE Z 390 -63.29 93.57 -56.44
CA ILE Z 390 -63.55 93.26 -57.84
C ILE Z 390 -62.84 94.28 -58.75
N ALA Z 391 -62.88 95.54 -58.32
CA ALA Z 391 -62.39 96.67 -59.10
C ALA Z 391 -60.87 96.80 -59.02
N CYS Z 392 -60.28 96.24 -57.97
CA CYS Z 392 -58.84 96.37 -57.74
C CYS Z 392 -58.07 95.12 -58.12
N HIS Z 393 -58.67 94.27 -58.96
CA HIS Z 393 -57.94 93.15 -59.51
C HIS Z 393 -58.24 93.05 -60.99
N GLY Z 394 -57.29 92.48 -61.74
CA GLY Z 394 -57.44 92.34 -63.17
C GLY Z 394 -58.44 91.27 -63.52
N LEU Z 395 -58.42 90.16 -62.78
CA LEU Z 395 -59.37 89.06 -63.01
C LEU Z 395 -59.97 88.56 -61.69
N HIS Z 396 -61.16 87.98 -61.78
CA HIS Z 396 -61.78 87.36 -60.60
C HIS Z 396 -62.63 86.18 -61.06
N SER Z 397 -63.00 85.32 -60.11
CA SER Z 397 -63.84 84.16 -60.39
C SER Z 397 -64.41 83.57 -59.11
N GLY Z 398 -65.68 83.17 -59.16
CA GLY Z 398 -66.29 82.53 -58.01
C GLY Z 398 -67.78 82.37 -58.18
N VAL Z 399 -68.45 82.04 -57.10
CA VAL Z 399 -69.90 81.90 -57.14
C VAL Z 399 -70.54 82.81 -56.11
N LEU Z 400 -71.57 83.55 -56.53
CA LEU Z 400 -72.35 84.38 -55.63
C LEU Z 400 -73.72 83.77 -55.33
N ASP Z 401 -74.05 83.68 -54.05
CA ASP Z 401 -75.43 83.35 -53.67
C ASP Z 401 -76.23 84.65 -53.64
N LEU Z 402 -77.36 84.68 -54.33
CA LEU Z 402 -78.19 85.88 -54.38
C LEU Z 402 -79.47 85.74 -53.55
N LYS Z 403 -79.84 86.83 -52.88
CA LYS Z 403 -81.16 86.96 -52.26
C LYS Z 403 -81.86 88.11 -52.95
N LEU Z 404 -83.06 87.87 -53.45
CA LEU Z 404 -83.85 88.94 -54.05
C LEU Z 404 -85.00 89.26 -53.12
N GLN Z 405 -85.21 90.54 -52.88
CA GLN Z 405 -86.30 91.01 -52.04
C GLN Z 405 -87.03 92.12 -52.76
N TRP Z 406 -88.34 92.17 -52.61
CA TRP Z 406 -89.09 93.28 -53.20
C TRP Z 406 -90.35 93.66 -52.45
N SER Z 407 -90.72 94.93 -52.54
CA SER Z 407 -91.95 95.40 -51.93
C SER Z 407 -92.89 95.89 -53.03
N LEU Z 408 -94.20 95.86 -52.76
CA LEU Z 408 -95.18 96.30 -53.75
C LEU Z 408 -95.48 97.81 -53.79
N ASN Z 409 -95.74 98.29 -55.00
CA ASN Z 409 -96.13 99.68 -55.23
C ASN Z 409 -97.64 99.83 -55.28
N THR Z 410 -98.30 98.80 -55.81
CA THR Z 410 -99.75 98.72 -55.86
C THR Z 410 -100.33 97.94 -54.67
N GLU Z 411 -101.66 97.89 -54.58
CA GLU Z 411 -102.32 97.15 -53.49
C GLU Z 411 -102.07 95.66 -53.67
N PHE Z 412 -101.83 94.99 -52.55
CA PHE Z 412 -101.47 93.58 -52.57
C PHE Z 412 -102.53 92.74 -53.25
N GLY Z 413 -103.79 93.05 -52.98
CA GLY Z 413 -104.88 92.27 -53.53
C GLY Z 413 -105.03 92.41 -55.03
N LYS Z 414 -104.41 93.42 -55.61
CA LYS Z 414 -104.51 93.67 -57.04
C LYS Z 414 -103.30 93.10 -57.78
N SER Z 415 -102.30 92.67 -57.03
CA SER Z 415 -101.03 92.25 -57.60
C SER Z 415 -101.13 91.02 -58.51
N SER Z 416 -100.28 91.00 -59.53
CA SER Z 416 -100.17 89.86 -60.44
C SER Z 416 -98.75 89.82 -60.98
N GLY Z 417 -98.42 88.77 -61.72
CA GLY Z 417 -97.12 88.65 -62.36
C GLY Z 417 -96.02 88.05 -61.51
N SER Z 418 -94.77 88.33 -61.88
CA SER Z 418 -93.63 87.60 -61.32
C SER Z 418 -92.31 88.30 -61.48
N VAL Z 419 -91.39 87.98 -60.58
CA VAL Z 419 -89.96 88.18 -60.77
C VAL Z 419 -89.42 86.86 -61.29
N THR Z 420 -88.95 86.84 -62.54
CA THR Z 420 -88.47 85.59 -63.12
C THR Z 420 -86.97 85.61 -63.29
N ILE Z 421 -86.30 84.55 -62.86
CA ILE Z 421 -84.87 84.42 -63.06
C ILE Z 421 -84.61 83.47 -64.21
N THR Z 422 -84.18 84.01 -65.33
CA THR Z 422 -83.79 83.16 -66.44
C THR Z 422 -82.35 82.67 -66.28
N LYS Z 423 -82.17 81.36 -66.35
CA LYS Z 423 -80.83 80.79 -66.24
C LYS Z 423 -80.53 79.95 -67.46
N LEU Z 424 -79.51 80.38 -68.22
CA LEU Z 424 -79.13 79.70 -69.45
C LEU Z 424 -77.68 79.28 -69.42
N VAL Z 425 -77.31 78.44 -70.39
CA VAL Z 425 -75.91 78.22 -70.69
C VAL Z 425 -75.72 78.63 -72.15
N GLY Z 426 -74.94 79.68 -72.37
CA GLY Z 426 -74.77 80.22 -73.70
C GLY Z 426 -75.17 81.67 -73.72
N ASP Z 427 -76.18 81.99 -74.52
CA ASP Z 427 -76.76 83.33 -74.59
C ASP Z 427 -78.25 83.25 -74.87
N LYS Z 428 -78.91 84.41 -74.88
CA LYS Z 428 -80.35 84.45 -75.05
C LYS Z 428 -80.72 83.76 -76.36
N ALA Z 429 -79.85 83.86 -77.37
CA ALA Z 429 -80.17 83.39 -78.72
C ALA Z 429 -80.05 81.89 -78.96
N MET Z 430 -79.01 81.25 -78.42
CA MET Z 430 -78.73 79.85 -78.75
C MET Z 430 -78.46 79.00 -77.52
N GLY Z 431 -78.82 79.53 -76.35
CA GLY Z 431 -78.50 78.89 -75.08
C GLY Z 431 -79.28 77.65 -74.71
N LEU Z 432 -78.79 76.94 -73.70
CA LEU Z 432 -79.48 75.81 -73.15
C LEU Z 432 -80.18 76.27 -71.88
N ASP Z 433 -81.23 75.54 -71.49
CA ASP Z 433 -82.06 75.95 -70.36
C ASP Z 433 -81.63 75.32 -69.04
N GLY Z 434 -81.25 76.17 -68.09
CA GLY Z 434 -80.87 75.70 -66.76
C GLY Z 434 -81.96 75.81 -65.72
N PRO Z 435 -81.56 76.07 -64.47
CA PRO Z 435 -82.50 76.21 -63.34
C PRO Z 435 -83.17 77.60 -63.32
N SER Z 436 -83.88 77.93 -64.41
CA SER Z 436 -84.67 79.15 -64.50
C SER Z 436 -85.78 79.02 -63.48
N HIS Z 437 -86.33 80.13 -63.06
CA HIS Z 437 -87.10 80.10 -61.83
C HIS Z 437 -88.16 81.22 -61.86
N VAL Z 438 -89.41 80.86 -61.58
CA VAL Z 438 -90.50 81.83 -61.62
C VAL Z 438 -91.01 82.10 -60.23
N PHE Z 439 -90.76 83.31 -59.74
CA PHE Z 439 -91.25 83.71 -58.44
C PHE Z 439 -92.51 84.55 -58.62
N ALA Z 440 -93.66 83.99 -58.27
CA ALA Z 440 -94.86 84.78 -58.28
C ALA Z 440 -94.60 86.06 -57.47
N ILE Z 441 -95.06 87.20 -57.96
CA ILE Z 441 -94.76 88.47 -57.31
C ILE Z 441 -95.15 88.49 -55.83
N GLN Z 442 -96.17 87.69 -55.46
CA GLN Z 442 -96.64 87.62 -54.07
C GLN Z 442 -95.66 86.94 -53.09
N LYS Z 443 -94.69 86.19 -53.61
CA LYS Z 443 -93.65 85.61 -52.75
C LYS Z 443 -92.82 86.69 -52.08
N LEU Z 444 -92.60 87.78 -52.79
CA LEU Z 444 -91.94 88.96 -52.21
C LEU Z 444 -90.47 88.74 -51.89
N GLU Z 445 -89.96 87.55 -52.26
CA GLU Z 445 -88.54 87.26 -52.16
C GLU Z 445 -88.18 85.98 -52.89
N GLY Z 446 -86.90 85.82 -53.21
CA GLY Z 446 -86.45 84.64 -53.91
C GLY Z 446 -84.94 84.50 -53.82
N THR Z 447 -84.44 83.29 -54.11
CA THR Z 447 -83.00 83.06 -54.06
C THR Z 447 -82.49 82.37 -55.32
N THR Z 448 -81.22 82.61 -55.64
CA THR Z 448 -80.58 81.92 -56.77
C THR Z 448 -79.05 81.98 -56.63
N GLU Z 449 -78.34 81.14 -57.39
CA GLU Z 449 -76.89 81.24 -57.44
C GLU Z 449 -76.49 81.93 -58.73
N LEU Z 450 -75.35 82.61 -58.74
CA LEU Z 450 -74.81 83.19 -59.97
C LEU Z 450 -73.34 82.78 -60.15
N LEU Z 451 -73.01 82.16 -61.28
CA LEU Z 451 -71.62 81.86 -61.55
C LEU Z 451 -70.98 83.11 -62.12
N VAL Z 452 -69.95 83.62 -61.44
CA VAL Z 452 -69.16 84.75 -61.96
C VAL Z 452 -67.87 84.15 -62.51
N GLY Z 453 -67.83 84.00 -63.83
CA GLY Z 453 -66.76 83.28 -64.49
C GLY Z 453 -67.17 82.84 -65.88
N ASN Z 454 -66.40 81.91 -66.45
CA ASN Z 454 -66.64 81.44 -67.81
C ASN Z 454 -65.75 80.25 -68.15
N PHE Z 455 -65.89 79.70 -69.35
CA PHE Z 455 -65.08 78.55 -69.75
C PHE Z 455 -63.59 78.76 -69.55
N ALA Z 456 -63.11 80.00 -69.72
CA ALA Z 456 -61.67 80.28 -69.58
C ALA Z 456 -61.21 80.24 -68.12
N GLY Z 457 -62.11 80.62 -67.21
CA GLY Z 457 -61.84 80.47 -65.79
C GLY Z 457 -61.97 81.73 -64.93
N ALA Z 458 -62.00 82.90 -65.55
CA ALA Z 458 -62.02 84.15 -64.79
C ALA Z 458 -62.57 85.32 -65.62
N ASN Z 459 -63.08 86.34 -64.96
CA ASN Z 459 -63.63 87.50 -65.64
C ASN Z 459 -62.72 88.69 -65.45
N PRO Z 460 -62.49 89.45 -66.53
CA PRO Z 460 -61.85 90.76 -66.42
C PRO Z 460 -62.86 91.74 -65.84
N ASN Z 461 -62.40 92.90 -65.42
CA ASN Z 461 -63.30 93.90 -64.88
C ASN Z 461 -63.79 94.87 -65.98
N THR Z 462 -64.08 94.29 -67.14
CA THR Z 462 -64.60 95.03 -68.27
C THR Z 462 -65.68 94.16 -68.93
N ARG Z 463 -66.29 94.68 -70.00
CA ARG Z 463 -67.17 93.85 -70.80
C ARG Z 463 -66.26 92.91 -71.65
N PHE Z 464 -66.72 91.67 -71.82
CA PHE Z 464 -66.00 90.64 -72.55
C PHE Z 464 -67.07 89.68 -73.05
N SER Z 465 -66.72 88.83 -74.00
CA SER Z 465 -67.66 87.84 -74.50
C SER Z 465 -67.00 86.47 -74.47
N LEU Z 466 -67.22 85.73 -73.40
CA LEU Z 466 -66.73 84.35 -73.30
C LEU Z 466 -67.83 83.38 -72.89
N TYR Z 467 -68.01 82.31 -73.66
CA TYR Z 467 -69.06 81.32 -73.38
C TYR Z 467 -69.14 80.96 -71.89
N SER Z 468 -70.32 81.10 -71.30
CA SER Z 468 -70.50 80.75 -69.90
C SER Z 468 -71.99 80.53 -69.59
N ARG Z 469 -72.31 80.34 -68.33
CA ARG Z 469 -73.69 80.41 -67.88
C ARG Z 469 -74.18 81.85 -67.99
N TRP Z 470 -75.49 82.03 -68.05
CA TRP Z 470 -76.07 83.33 -68.39
C TRP Z 470 -77.34 83.54 -67.58
N MET Z 471 -77.43 84.70 -66.93
CA MET Z 471 -78.58 84.98 -66.07
C MET Z 471 -79.25 86.30 -66.39
N ALA Z 472 -80.56 86.35 -66.21
CA ALA Z 472 -81.30 87.59 -66.40
C ALA Z 472 -82.47 87.64 -65.44
N ILE Z 473 -82.82 88.85 -65.00
CA ILE Z 473 -84.02 89.04 -64.20
C ILE Z 473 -85.10 89.64 -65.07
N LYS Z 474 -86.26 89.01 -65.13
CA LYS Z 474 -87.39 89.46 -65.97
C LYS Z 474 -88.60 89.90 -65.16
N LEU Z 475 -88.92 91.18 -65.22
CA LEU Z 475 -90.12 91.72 -64.62
C LEU Z 475 -91.25 91.85 -65.66
N ASP Z 476 -92.46 91.45 -65.29
CA ASP Z 476 -93.61 91.63 -66.22
C ASP Z 476 -94.65 92.62 -65.69
N GLN Z 477 -94.51 92.98 -64.43
CA GLN Z 477 -95.40 93.95 -63.80
C GLN Z 477 -94.58 94.92 -62.97
N ALA Z 478 -93.52 95.43 -63.58
CA ALA Z 478 -92.47 96.13 -62.82
C ALA Z 478 -92.99 97.40 -62.15
N LYS Z 479 -94.02 98.02 -62.73
CA LYS Z 479 -94.61 99.22 -62.14
C LYS Z 479 -95.31 98.93 -60.80
N SER Z 480 -95.58 97.65 -60.54
CA SER Z 480 -96.17 97.23 -59.27
C SER Z 480 -95.11 97.00 -58.19
N ILE Z 481 -93.84 97.23 -58.52
CA ILE Z 481 -92.75 97.01 -57.57
C ILE Z 481 -92.13 98.33 -57.12
N LYS Z 482 -92.10 98.56 -55.82
CA LYS Z 482 -91.55 99.80 -55.33
C LYS Z 482 -90.02 99.73 -55.29
N VAL Z 483 -89.52 98.54 -54.97
CA VAL Z 483 -88.08 98.29 -55.00
C VAL Z 483 -87.73 96.81 -55.15
N LEU Z 484 -86.72 96.52 -55.98
CA LEU Z 484 -86.21 95.18 -56.11
C LEU Z 484 -84.78 95.24 -55.63
N ARG Z 485 -84.49 94.59 -54.52
CA ARG Z 485 -83.15 94.60 -53.98
C ARG Z 485 -82.47 93.26 -54.20
N VAL Z 486 -81.20 93.32 -54.64
CA VAL Z 486 -80.42 92.12 -54.84
C VAL Z 486 -79.22 92.12 -53.90
N LEU Z 487 -79.21 91.17 -52.97
CA LEU Z 487 -78.05 90.96 -52.10
C LEU Z 487 -77.25 89.76 -52.57
N CYS Z 488 -75.94 89.78 -52.33
CA CYS Z 488 -75.10 88.64 -52.66
C CYS Z 488 -74.17 88.29 -51.51
N LYS Z 489 -73.71 87.02 -51.51
CA LYS Z 489 -72.83 86.46 -50.48
C LYS Z 489 -71.90 85.48 -51.16
N PRO Z 490 -70.63 85.86 -51.32
CA PRO Z 490 -69.69 85.04 -52.07
C PRO Z 490 -69.47 83.70 -51.39
N ARG Z 491 -69.60 82.61 -52.15
CA ARG Z 491 -69.22 81.30 -51.66
C ARG Z 491 -67.71 81.23 -51.46
N PRO Z 492 -67.28 80.46 -50.46
CA PRO Z 492 -65.88 80.35 -50.07
C PRO Z 492 -65.03 80.04 -51.27
N GLY Z 493 -63.88 80.70 -51.39
CA GLY Z 493 -62.99 80.46 -52.50
C GLY Z 493 -63.17 81.43 -53.66
N PHE Z 494 -63.89 82.52 -53.41
CA PHE Z 494 -64.02 83.52 -54.44
C PHE Z 494 -62.64 84.16 -54.67
N SER Z 495 -62.14 84.09 -55.89
CA SER Z 495 -60.72 84.37 -56.13
C SER Z 495 -60.44 85.62 -56.96
N PHE Z 496 -59.35 86.31 -56.62
CA PHE Z 496 -58.94 87.52 -57.32
C PHE Z 496 -57.53 87.35 -57.82
N TYR Z 497 -57.28 87.84 -59.04
CA TYR Z 497 -55.98 87.69 -59.69
C TYR Z 497 -55.40 89.04 -60.07
N GLY Z 498 -54.13 89.25 -59.71
CA GLY Z 498 -53.38 90.44 -60.14
C GLY Z 498 -53.84 91.77 -59.57
N ARG Z 499 -53.26 92.13 -58.43
CA ARG Z 499 -53.66 93.37 -57.78
C ARG Z 499 -53.38 94.60 -58.65
N THR Z 500 -54.30 95.54 -58.65
CA THR Z 500 -54.18 96.75 -59.44
C THR Z 500 -55.03 97.85 -58.83
N SER Z 501 -55.37 98.86 -59.62
CA SER Z 501 -56.19 99.96 -59.10
C SER Z 501 -57.29 100.36 -60.07
N PHE Z 502 -58.12 101.30 -59.65
CA PHE Z 502 -59.31 101.66 -60.41
C PHE Z 502 -59.73 103.09 -60.16
N PRO Z 503 -59.25 104.01 -61.02
CA PRO Z 503 -59.64 105.42 -60.92
C PRO Z 503 -61.03 105.67 -61.48
N VAL Z 504 -61.85 106.41 -60.73
CA VAL Z 504 -63.14 106.91 -61.23
C VAL Z 504 -63.33 108.39 -60.88
N GLY AA 1 -71.58 29.75 -83.58
CA GLY AA 1 -71.70 29.35 -84.97
C GLY AA 1 -72.37 30.38 -85.84
N LEU AA 2 -72.34 30.16 -87.16
CA LEU AA 2 -73.01 31.05 -88.09
C LEU AA 2 -74.53 31.11 -87.77
N ALA AA 3 -75.04 32.31 -87.52
CA ALA AA 3 -76.41 32.47 -87.04
C ALA AA 3 -77.31 33.06 -88.10
N GLY AA 4 -76.73 33.89 -88.96
CA GLY AA 4 -77.47 34.51 -90.04
C GLY AA 4 -76.56 35.14 -91.06
N ARG AA 5 -77.11 35.50 -92.22
CA ARG AA 5 -76.30 36.06 -93.28
C ARG AA 5 -77.10 36.95 -94.20
N GLY AA 6 -76.38 37.71 -95.01
CA GLY AA 6 -76.99 38.65 -95.93
C GLY AA 6 -76.00 39.10 -97.00
N VAL AA 7 -76.48 39.85 -97.98
CA VAL AA 7 -75.62 40.26 -99.06
C VAL AA 7 -75.77 41.76 -99.35
N ILE AA 8 -74.64 42.44 -99.51
CA ILE AA 8 -74.66 43.84 -99.91
C ILE AA 8 -74.16 43.94 -101.36
N TYR AA 9 -74.86 44.70 -102.21
CA TYR AA 9 -74.45 44.83 -103.60
C TYR AA 9 -73.66 46.09 -103.86
N ILE AA 10 -72.53 45.95 -104.55
CA ILE AA 10 -71.69 47.10 -104.84
C ILE AA 10 -71.73 47.47 -106.32
N PRO AA 11 -72.07 48.74 -106.61
CA PRO AA 11 -71.98 49.28 -107.97
C PRO AA 11 -70.53 49.35 -108.49
N LYS AA 12 -70.34 49.14 -109.80
CA LYS AA 12 -69.01 49.27 -110.39
C LYS AA 12 -68.49 50.70 -110.24
N ASP AA 13 -69.40 51.66 -110.13
CA ASP AA 13 -69.00 52.99 -109.70
C ASP AA 13 -69.54 53.29 -108.31
N CYS AA 14 -68.75 52.99 -107.29
CA CYS AA 14 -69.14 53.29 -105.93
C CYS AA 14 -68.64 54.69 -105.50
N GLN AA 15 -69.52 55.68 -105.60
CA GLN AA 15 -69.18 57.05 -105.29
C GLN AA 15 -69.24 57.33 -103.79
N ALA AA 16 -68.62 58.43 -103.37
CA ALA AA 16 -68.82 58.90 -102.00
C ALA AA 16 -70.32 58.99 -101.76
N ASN AA 17 -70.77 58.45 -100.62
CA ASN AA 17 -72.15 58.63 -100.15
C ASN AA 17 -73.20 57.69 -100.73
N ARG AA 18 -72.80 56.70 -101.52
CA ARG AA 18 -73.82 55.78 -102.01
C ARG AA 18 -74.35 54.95 -100.87
N TYR AA 19 -75.65 55.04 -100.65
CA TYR AA 19 -76.31 54.06 -99.81
C TYR AA 19 -76.26 52.69 -100.54
N LEU AA 20 -75.76 51.65 -99.86
CA LEU AA 20 -75.56 50.32 -100.46
C LEU AA 20 -76.64 49.32 -100.07
N GLY AA 21 -77.27 49.56 -98.93
CA GLY AA 21 -78.35 48.70 -98.48
C GLY AA 21 -78.43 48.57 -96.99
N THR AA 22 -79.54 48.00 -96.52
CA THR AA 22 -79.73 47.75 -95.09
C THR AA 22 -80.04 46.29 -94.85
N LEU AA 23 -79.41 45.69 -93.86
CA LEU AA 23 -79.74 44.33 -93.48
C LEU AA 23 -80.46 44.40 -92.17
N ASN AA 24 -81.51 43.61 -92.05
CA ASN AA 24 -82.29 43.54 -90.83
C ASN AA 24 -81.77 42.38 -89.95
N ILE AA 25 -81.13 42.70 -88.83
CA ILE AA 25 -80.45 41.68 -88.04
C ILE AA 25 -81.34 40.51 -87.70
N ARG AA 26 -82.59 40.78 -87.34
CA ARG AA 26 -83.45 39.66 -86.96
C ARG AA 26 -83.87 38.83 -88.17
N ASP AA 27 -84.11 39.48 -89.31
CA ASP AA 27 -84.37 38.77 -90.56
C ASP AA 27 -83.19 37.93 -91.06
N MET AA 28 -81.96 38.42 -90.87
CA MET AA 28 -80.78 37.61 -91.22
C MET AA 28 -80.82 36.27 -90.49
N ILE AA 29 -81.16 36.30 -89.22
CA ILE AA 29 -81.16 35.09 -88.41
C ILE AA 29 -82.35 34.19 -88.73
N SER AA 30 -83.52 34.80 -88.98
CA SER AA 30 -84.73 34.03 -89.21
C SER AA 30 -84.83 33.48 -90.64
N ASP AA 31 -84.26 34.19 -91.61
CA ASP AA 31 -84.29 33.70 -93.01
C ASP AA 31 -83.31 32.54 -93.18
N PHE AA 32 -82.25 32.58 -92.39
CA PHE AA 32 -81.24 31.54 -92.39
C PHE AA 32 -81.82 30.26 -91.75
N LYS AA 33 -82.18 30.34 -90.47
CA LYS AA 33 -83.13 29.40 -89.87
C LYS AA 33 -82.70 27.92 -89.84
N GLY AA 34 -81.45 27.59 -89.50
CA GLY AA 34 -80.60 28.33 -88.57
C GLY AA 34 -80.59 27.43 -87.33
N VAL AA 35 -79.45 26.84 -86.96
CA VAL AA 35 -79.38 26.14 -85.66
C VAL AA 35 -79.58 27.16 -84.54
N GLN AA 36 -78.98 28.33 -84.71
CA GLN AA 36 -79.11 29.39 -83.72
C GLN AA 36 -80.53 29.95 -83.66
N TYR AA 37 -81.16 30.15 -84.82
CA TYR AA 37 -82.55 30.59 -84.87
C TYR AA 37 -83.44 29.63 -84.08
N GLU AA 38 -83.25 28.34 -84.27
CA GLU AA 38 -84.07 27.38 -83.53
C GLU AA 38 -83.78 27.34 -82.02
N LYS AA 39 -82.54 27.58 -81.61
CA LYS AA 39 -82.22 27.72 -80.18
C LYS AA 39 -82.92 28.96 -79.62
N TRP AA 40 -83.10 29.95 -80.48
CA TRP AA 40 -83.70 31.23 -80.09
C TRP AA 40 -85.17 31.05 -79.75
N ILE AA 41 -85.90 30.34 -80.60
CA ILE AA 41 -87.31 30.05 -80.36
C ILE AA 41 -87.55 29.45 -78.98
N THR AA 42 -86.62 28.62 -78.52
CA THR AA 42 -86.78 27.96 -77.24
C THR AA 42 -86.43 28.90 -76.09
N ALA AA 43 -85.43 29.72 -76.32
CA ALA AA 43 -84.98 30.66 -75.31
C ALA AA 43 -86.05 31.73 -75.07
N GLY AA 44 -86.72 32.12 -76.15
CA GLY AA 44 -87.61 33.25 -76.14
C GLY AA 44 -86.86 34.56 -76.26
N LEU AA 45 -86.09 34.89 -75.22
CA LEU AA 45 -85.29 36.11 -75.21
C LEU AA 45 -83.79 35.84 -75.34
N VAL AA 46 -83.10 36.61 -76.18
CA VAL AA 46 -81.66 36.48 -76.29
C VAL AA 46 -80.97 37.84 -76.19
N MET AA 47 -79.79 37.89 -75.56
CA MET AA 47 -78.98 39.11 -75.45
C MET AA 47 -77.60 38.88 -76.05
N PRO AA 48 -77.54 38.58 -77.35
CA PRO AA 48 -76.36 37.98 -77.97
C PRO AA 48 -75.10 38.82 -77.86
N THR AA 49 -73.96 38.16 -77.93
CA THR AA 49 -72.75 38.85 -78.34
C THR AA 49 -72.45 38.38 -79.76
N PHE AA 50 -72.66 39.26 -80.73
CA PHE AA 50 -72.41 38.94 -82.13
C PHE AA 50 -70.98 39.20 -82.55
N LYS AA 51 -70.47 38.33 -83.41
CA LYS AA 51 -69.31 38.66 -84.22
C LYS AA 51 -69.85 38.90 -85.61
N ILE AA 52 -69.66 40.11 -86.12
CA ILE AA 52 -70.07 40.43 -87.47
C ILE AA 52 -68.85 40.32 -88.38
N VAL AA 53 -69.01 39.58 -89.47
CA VAL AA 53 -67.93 39.41 -90.42
C VAL AA 53 -68.39 39.83 -91.79
N ILE AA 54 -67.67 40.76 -92.41
CA ILE AA 54 -68.00 41.17 -93.77
C ILE AA 54 -66.95 40.63 -94.71
N ARG AA 55 -67.36 39.73 -95.58
CA ARG AA 55 -66.45 39.13 -96.54
C ARG AA 55 -66.42 39.90 -97.86
N LEU AA 56 -65.21 40.12 -98.35
CA LEU AA 56 -64.88 41.33 -99.05
C LEU AA 56 -63.50 41.08 -99.60
N PRO AA 57 -63.34 41.13 -100.93
CA PRO AA 57 -62.01 40.87 -101.50
C PRO AA 57 -61.07 42.05 -101.25
N ALA AA 58 -59.94 41.78 -100.59
CA ALA AA 58 -59.00 42.86 -100.30
C ALA AA 58 -58.43 43.46 -101.57
N ASN AA 59 -58.34 44.78 -101.62
CA ASN AA 59 -57.78 45.45 -102.76
C ASN AA 59 -57.17 46.82 -102.44
N ALA AA 60 -55.90 47.00 -102.77
CA ALA AA 60 -55.22 48.24 -102.45
C ALA AA 60 -55.30 49.30 -103.55
N PHE AA 61 -56.05 49.02 -104.61
CA PHE AA 61 -56.01 49.87 -105.78
C PHE AA 61 -57.31 50.65 -106.04
N THR AA 62 -58.16 50.79 -105.02
CA THR AA 62 -59.47 51.41 -105.23
C THR AA 62 -59.66 52.68 -104.42
N GLY AA 63 -59.23 52.63 -103.16
CA GLY AA 63 -59.41 53.77 -102.27
C GLY AA 63 -60.75 53.73 -101.54
N LEU AA 64 -61.49 52.66 -101.78
CA LEU AA 64 -62.82 52.48 -101.21
C LEU AA 64 -62.80 52.30 -99.70
N THR AA 65 -63.61 53.10 -99.01
CA THR AA 65 -63.87 52.89 -97.58
C THR AA 65 -65.38 52.95 -97.34
N TRP AA 66 -65.90 51.96 -96.62
CA TRP AA 66 -67.34 51.87 -96.33
C TRP AA 66 -67.58 52.06 -94.86
N VAL AA 67 -68.82 52.33 -94.50
CA VAL AA 67 -69.21 52.43 -93.09
C VAL AA 67 -70.35 51.48 -92.79
N MET AA 68 -70.15 50.58 -91.83
CA MET AA 68 -71.25 49.80 -91.27
C MET AA 68 -71.78 50.55 -90.07
N SER AA 69 -73.07 50.88 -90.09
CA SER AA 69 -73.68 51.64 -89.01
C SER AA 69 -74.69 50.75 -88.29
N PHE AA 70 -74.51 50.59 -86.98
CA PHE AA 70 -75.44 49.79 -86.17
C PHE AA 70 -76.56 50.68 -85.66
N ASP AA 71 -77.73 50.53 -86.27
CA ASP AA 71 -78.87 51.36 -85.96
C ASP AA 71 -79.95 50.54 -85.27
N ALA AA 72 -79.79 50.28 -83.97
CA ALA AA 72 -80.66 49.30 -83.32
C ALA AA 72 -82.08 49.83 -83.17
N TYR AA 73 -82.23 51.14 -83.23
CA TYR AA 73 -83.54 51.76 -82.99
C TYR AA 73 -84.10 52.49 -84.21
N ASN AA 74 -83.54 52.17 -85.37
CA ASN AA 74 -84.08 52.63 -86.65
C ASN AA 74 -84.24 54.16 -86.75
N ARG AA 75 -83.18 54.89 -86.39
CA ARG AA 75 -83.22 56.35 -86.27
C ARG AA 75 -82.67 57.10 -87.51
N ILE AA 76 -81.77 56.47 -88.26
CA ILE AA 76 -81.24 57.11 -89.47
C ILE AA 76 -81.73 56.51 -90.79
N THR AA 77 -82.39 55.36 -90.75
CA THR AA 77 -82.80 54.69 -91.99
C THR AA 77 -83.54 55.57 -92.98
N SER AA 78 -84.59 56.24 -92.49
CA SER AA 78 -85.42 57.12 -93.32
C SER AA 78 -84.61 58.14 -94.12
N ARG AA 79 -83.49 58.59 -93.56
CA ARG AA 79 -82.75 59.72 -94.10
C ARG AA 79 -81.52 59.39 -94.96
N ILE AA 80 -81.20 58.11 -95.13
CA ILE AA 80 -80.00 57.74 -95.87
C ILE AA 80 -80.25 56.88 -97.11
N THR AA 81 -81.50 56.52 -97.36
CA THR AA 81 -81.83 55.54 -98.41
C THR AA 81 -81.74 56.15 -99.80
N ALA AA 82 -81.74 57.48 -99.86
CA ALA AA 82 -81.53 58.21 -101.11
C ALA AA 82 -80.05 58.44 -101.29
N SER AA 83 -79.44 59.01 -100.26
CA SER AA 83 -78.01 59.29 -100.22
C SER AA 83 -77.59 59.33 -98.74
N ALA AA 84 -76.38 58.87 -98.46
CA ALA AA 84 -75.94 58.72 -97.09
C ALA AA 84 -74.88 59.74 -96.62
N ASP AA 85 -75.33 60.93 -96.20
CA ASP AA 85 -74.40 61.92 -95.64
C ASP AA 85 -73.69 61.32 -94.43
N PRO AA 86 -72.36 61.42 -94.40
CA PRO AA 86 -71.58 60.87 -93.29
C PRO AA 86 -72.07 61.34 -91.91
N VAL AA 87 -72.63 62.55 -91.80
CA VAL AA 87 -73.12 63.03 -90.50
C VAL AA 87 -74.15 62.06 -89.91
N TYR AA 88 -75.01 61.49 -90.75
CA TYR AA 88 -75.96 60.48 -90.28
C TYR AA 88 -75.29 59.16 -89.97
N THR AA 89 -74.48 58.66 -90.92
CA THR AA 89 -73.93 57.31 -90.79
C THR AA 89 -72.94 57.18 -89.64
N LEU AA 90 -72.33 58.29 -89.23
CA LEU AA 90 -71.36 58.27 -88.13
C LEU AA 90 -71.96 58.69 -86.77
N SER AA 91 -73.26 58.97 -86.75
CA SER AA 91 -73.93 59.47 -85.55
C SER AA 91 -74.45 58.33 -84.66
N VAL AA 92 -74.31 57.11 -85.15
CA VAL AA 92 -74.63 55.92 -84.35
C VAL AA 92 -73.40 55.01 -84.31
N PRO AA 93 -73.40 54.01 -83.42
CA PRO AA 93 -72.21 53.14 -83.38
C PRO AA 93 -71.88 52.64 -84.77
N HIS AA 94 -70.60 52.64 -85.13
CA HIS AA 94 -70.20 52.35 -86.50
C HIS AA 94 -68.76 51.92 -86.60
N TRP AA 95 -68.41 51.35 -87.75
CA TRP AA 95 -67.08 50.83 -87.99
C TRP AA 95 -66.62 51.18 -89.39
N LEU AA 96 -65.35 51.60 -89.54
CA LEU AA 96 -64.79 51.86 -90.86
C LEU AA 96 -64.32 50.56 -91.48
N ILE AA 97 -64.70 50.34 -92.73
CA ILE AA 97 -64.28 49.16 -93.46
C ILE AA 97 -63.36 49.56 -94.62
N HIS AA 98 -62.06 49.34 -94.46
CA HIS AA 98 -61.09 49.71 -95.49
C HIS AA 98 -60.88 48.60 -96.50
N HIS AA 99 -60.98 48.95 -97.77
CA HIS AA 99 -60.91 47.95 -98.83
C HIS AA 99 -59.53 47.29 -98.85
N LYS AA 100 -58.50 48.05 -98.48
CA LYS AA 100 -57.15 47.51 -98.51
C LYS AA 100 -56.99 46.37 -97.51
N LEU AA 101 -57.84 46.31 -96.48
CA LEU AA 101 -57.68 45.31 -95.41
C LEU AA 101 -58.50 44.06 -95.63
N GLY AA 102 -59.29 44.07 -96.69
CA GLY AA 102 -60.13 42.93 -97.00
C GLY AA 102 -61.19 42.61 -95.96
N THR AA 103 -61.37 41.32 -95.72
CA THR AA 103 -62.41 40.83 -94.84
C THR AA 103 -62.34 41.50 -93.47
N PHE AA 104 -63.49 41.98 -93.02
CA PHE AA 104 -63.60 42.78 -91.81
C PHE AA 104 -64.38 42.06 -90.72
N SER AA 105 -64.01 42.30 -89.46
CA SER AA 105 -64.71 41.67 -88.36
C SER AA 105 -64.80 42.59 -87.15
N CYS AA 106 -65.87 42.48 -86.38
CA CYS AA 106 -65.99 43.23 -85.13
C CYS AA 106 -66.96 42.54 -84.18
N GLU AA 107 -66.97 42.94 -82.91
CA GLU AA 107 -67.91 42.40 -81.93
C GLU AA 107 -68.96 43.42 -81.56
N ILE AA 108 -70.18 42.95 -81.44
CA ILE AA 108 -71.27 43.78 -80.97
C ILE AA 108 -71.84 43.13 -79.74
N ASP AA 109 -71.58 43.70 -78.57
CA ASP AA 109 -72.25 43.26 -77.36
C ASP AA 109 -73.64 43.90 -77.37
N TYR AA 110 -74.64 43.12 -77.74
CA TYR AA 110 -75.99 43.63 -77.90
C TYR AA 110 -76.52 44.20 -76.58
N GLY AA 111 -76.00 43.69 -75.47
CA GLY AA 111 -76.31 44.22 -74.15
C GLY AA 111 -75.96 45.70 -73.98
N GLU AA 112 -74.79 46.08 -74.47
CA GLU AA 112 -74.33 47.46 -74.42
C GLU AA 112 -74.87 48.32 -75.55
N LEU AA 113 -74.50 47.97 -76.79
CA LEU AA 113 -74.89 48.78 -77.95
C LEU AA 113 -76.38 48.91 -78.17
N CYS AA 114 -77.15 47.94 -77.66
CA CYS AA 114 -78.59 48.00 -77.84
C CYS AA 114 -79.35 48.16 -76.54
N GLY AA 115 -79.17 47.25 -75.58
CA GLY AA 115 -79.77 47.43 -74.27
C GLY AA 115 -81.01 46.62 -73.91
N HIS AA 116 -81.79 46.20 -74.91
CA HIS AA 116 -82.92 45.31 -74.64
C HIS AA 116 -82.80 43.96 -75.36
N ALA AA 117 -83.32 42.91 -74.72
CA ALA AA 117 -83.22 41.56 -75.28
C ALA AA 117 -84.21 41.31 -76.43
N MET AA 118 -83.77 40.49 -77.39
CA MET AA 118 -84.57 40.21 -78.60
C MET AA 118 -85.59 39.08 -78.43
N TRP AA 119 -86.84 39.38 -78.78
CA TRP AA 119 -87.93 38.43 -78.65
C TRP AA 119 -88.10 37.66 -79.97
N PHE AA 120 -88.09 36.35 -79.88
CA PHE AA 120 -88.07 35.50 -81.07
C PHE AA 120 -89.22 35.74 -82.07
N LYS AA 121 -90.40 36.09 -81.59
CA LYS AA 121 -91.58 36.11 -82.47
C LYS AA 121 -91.87 37.45 -83.13
N SER AA 122 -91.35 38.53 -82.57
CA SER AA 122 -91.63 39.85 -83.11
C SER AA 122 -90.70 40.91 -82.55
N THR AA 123 -90.59 42.00 -83.30
CA THR AA 123 -89.85 43.15 -82.82
C THR AA 123 -90.55 43.74 -81.59
N THR AA 124 -89.78 44.04 -80.55
CA THR AA 124 -90.34 44.67 -79.35
C THR AA 124 -90.51 46.18 -79.55
N PHE AA 125 -89.40 46.91 -79.67
CA PHE AA 125 -89.50 48.35 -79.87
C PHE AA 125 -89.37 48.68 -81.33
N GLU AA 126 -88.14 48.86 -81.80
CA GLU AA 126 -87.96 48.94 -83.24
C GLU AA 126 -87.03 47.83 -83.68
N SER AA 127 -87.01 47.57 -84.99
CA SER AA 127 -86.25 46.48 -85.60
C SER AA 127 -84.80 46.86 -85.91
N PRO AA 128 -83.84 46.19 -85.26
CA PRO AA 128 -82.40 46.52 -85.35
C PRO AA 128 -81.82 46.34 -86.76
N ARG AA 129 -81.16 47.38 -87.29
CA ARG AA 129 -80.61 47.35 -88.64
C ARG AA 129 -79.09 47.54 -88.71
N LEU AA 130 -78.49 46.96 -89.74
CA LEU AA 130 -77.12 47.31 -90.13
C LEU AA 130 -77.17 48.06 -91.46
N HIS AA 131 -76.65 49.29 -91.49
CA HIS AA 131 -76.59 50.06 -92.73
C HIS AA 131 -75.20 50.03 -93.35
N PHE AA 132 -75.14 49.86 -94.67
CA PHE AA 132 -73.87 49.89 -95.35
C PHE AA 132 -73.81 51.02 -96.36
N THR AA 133 -72.88 51.93 -96.13
CA THR AA 133 -72.74 53.13 -96.93
C THR AA 133 -71.29 53.30 -97.36
N CYS AA 134 -71.09 54.06 -98.41
CA CYS AA 134 -69.73 54.32 -98.88
C CYS AA 134 -69.22 55.69 -98.37
N LEU AA 135 -68.15 55.67 -97.59
CA LEU AA 135 -67.61 56.87 -96.96
C LEU AA 135 -66.70 57.65 -97.92
N THR AA 136 -65.74 56.93 -98.51
CA THR AA 136 -64.85 57.49 -99.55
C THR AA 136 -64.99 56.61 -100.77
N GLY AA 137 -65.11 57.25 -101.94
CA GLY AA 137 -65.36 56.54 -103.19
C GLY AA 137 -64.14 55.90 -103.83
N ASN AA 138 -64.36 55.06 -104.84
CA ASN AA 138 -63.26 54.51 -105.61
C ASN AA 138 -62.65 55.59 -106.49
N ASN AA 139 -61.37 55.45 -106.80
CA ASN AA 139 -60.63 56.48 -107.53
C ASN AA 139 -61.09 56.57 -108.98
N LYS AA 140 -61.50 55.42 -109.50
CA LYS AA 140 -62.08 55.25 -110.82
C LYS AA 140 -62.99 54.04 -110.68
N GLU AA 141 -64.01 53.94 -111.52
CA GLU AA 141 -64.91 52.79 -111.39
C GLU AA 141 -64.15 51.47 -111.54
N LEU AA 142 -64.72 50.40 -111.00
CA LEU AA 142 -64.13 49.08 -111.13
C LEU AA 142 -64.63 48.41 -112.42
N ALA AA 143 -64.23 47.17 -112.64
CA ALA AA 143 -64.53 46.52 -113.90
C ALA AA 143 -65.99 46.15 -114.01
N ALA AA 144 -66.60 45.75 -112.89
CA ALA AA 144 -67.98 45.30 -112.91
C ALA AA 144 -68.64 45.39 -111.54
N ASP AA 145 -69.97 45.29 -111.52
CA ASP AA 145 -70.69 45.19 -110.25
C ASP AA 145 -70.24 43.96 -109.46
N TRP AA 146 -70.27 44.04 -108.14
CA TRP AA 146 -69.91 42.89 -107.30
C TRP AA 146 -70.72 42.89 -106.02
N GLN AA 147 -70.45 41.91 -105.16
CA GLN AA 147 -71.14 41.86 -103.87
C GLN AA 147 -70.20 41.52 -102.71
N ALA AA 148 -70.63 41.87 -101.51
CA ALA AA 148 -69.98 41.44 -100.29
C ALA AA 148 -70.96 40.63 -99.45
N VAL AA 149 -70.44 39.72 -98.63
CA VAL AA 149 -71.30 38.92 -97.78
C VAL AA 149 -71.16 39.32 -96.32
N VAL AA 150 -72.30 39.47 -95.64
CA VAL AA 150 -72.31 39.84 -94.22
C VAL AA 150 -72.76 38.63 -93.40
N GLU AA 151 -71.99 38.29 -92.38
CA GLU AA 151 -72.33 37.12 -91.58
C GLU AA 151 -72.40 37.43 -90.08
N LEU AA 152 -73.41 36.88 -89.41
CA LEU AA 152 -73.56 37.00 -87.96
C LEU AA 152 -73.18 35.69 -87.29
N TYR AA 153 -72.19 35.75 -86.41
CA TYR AA 153 -71.81 34.58 -85.62
C TYR AA 153 -72.21 34.83 -84.18
N ALA AA 154 -72.82 33.83 -83.54
CA ALA AA 154 -73.26 33.98 -82.17
C ALA AA 154 -73.57 32.62 -81.59
N GLU AA 155 -73.40 32.47 -80.28
CA GLU AA 155 -73.95 31.31 -79.56
C GLU AA 155 -75.09 31.77 -78.69
N LEU AA 156 -76.30 31.75 -79.25
CA LEU AA 156 -77.45 32.28 -78.54
C LEU AA 156 -77.82 31.46 -77.31
N GLU AA 157 -77.94 32.13 -76.17
CA GLU AA 157 -78.50 31.50 -75.00
C GLU AA 157 -79.62 32.36 -74.37
N GLU AA 158 -80.47 31.72 -73.58
CA GLU AA 158 -81.62 32.41 -73.02
C GLU AA 158 -81.17 33.59 -72.15
N ALA AA 159 -81.80 34.74 -72.38
CA ALA AA 159 -81.56 35.94 -71.60
C ALA AA 159 -82.30 35.89 -70.24
N THR AA 160 -81.57 36.26 -69.20
CA THR AA 160 -82.07 36.22 -67.85
C THR AA 160 -82.90 37.48 -67.51
N SER AA 161 -82.54 38.62 -68.10
CA SER AA 161 -83.24 39.88 -67.86
C SER AA 161 -83.66 40.56 -69.16
N PHE AA 162 -84.65 41.44 -69.10
CA PHE AA 162 -85.07 42.17 -70.30
C PHE AA 162 -84.05 43.25 -70.66
N LEU AA 163 -83.51 43.91 -69.64
CA LEU AA 163 -82.65 45.05 -69.84
C LEU AA 163 -81.19 44.67 -69.74
N GLY AA 164 -80.35 45.33 -70.53
CA GLY AA 164 -78.91 45.18 -70.43
C GLY AA 164 -78.36 45.96 -69.26
N LYS AA 165 -77.07 46.29 -69.32
CA LYS AA 165 -76.47 47.19 -68.36
C LYS AA 165 -76.47 48.56 -69.04
N PRO AA 166 -76.78 49.62 -68.28
CA PRO AA 166 -76.92 50.95 -68.87
C PRO AA 166 -75.58 51.47 -69.42
N THR AA 167 -75.60 51.91 -70.67
CA THR AA 167 -74.46 52.56 -71.33
C THR AA 167 -74.04 53.84 -70.61
N LEU AA 168 -75.01 54.54 -70.01
CA LEU AA 168 -74.75 55.86 -69.41
C LEU AA 168 -75.67 56.14 -68.22
N VAL AA 169 -75.13 56.73 -67.17
CA VAL AA 169 -75.96 57.15 -66.05
C VAL AA 169 -75.81 58.64 -65.87
N PHE AA 170 -76.95 59.34 -65.79
CA PHE AA 170 -76.93 60.79 -65.77
C PHE AA 170 -76.18 61.40 -64.61
N ASP AA 171 -75.25 62.28 -64.94
CA ASP AA 171 -74.44 63.00 -63.98
C ASP AA 171 -73.85 64.24 -64.66
N PRO AA 172 -74.24 65.43 -64.21
CA PRO AA 172 -73.88 66.74 -64.77
C PRO AA 172 -72.39 66.97 -64.71
N GLY AA 173 -71.81 66.56 -63.58
CA GLY AA 173 -70.43 66.82 -63.28
C GLY AA 173 -69.48 65.76 -63.82
N VAL AA 174 -69.98 64.92 -64.74
CA VAL AA 174 -69.14 63.85 -65.26
C VAL AA 174 -69.20 63.65 -66.78
N PHE AA 175 -68.13 64.19 -67.36
CA PHE AA 175 -67.68 64.01 -68.72
C PHE AA 175 -66.17 63.82 -68.58
N ASN AA 176 -65.73 62.56 -68.68
CA ASN AA 176 -64.32 62.19 -68.53
C ASN AA 176 -63.39 62.95 -69.48
N GLY AA 177 -63.68 62.87 -70.77
CA GLY AA 177 -62.78 63.40 -71.77
C GLY AA 177 -62.44 62.29 -72.74
N LYS AA 178 -62.88 61.07 -72.44
CA LYS AA 178 -62.76 59.94 -73.37
C LYS AA 178 -64.01 59.83 -74.29
N PHE AA 179 -63.82 59.48 -75.55
CA PHE AA 179 -64.94 59.31 -76.48
C PHE AA 179 -64.98 57.91 -77.07
N GLN AA 180 -66.17 57.49 -77.48
CA GLN AA 180 -66.29 56.37 -78.41
C GLN AA 180 -67.09 56.80 -79.65
N PHE AA 181 -66.78 56.19 -80.79
CA PHE AA 181 -67.49 56.43 -82.03
C PHE AA 181 -67.56 57.90 -82.44
N LEU AA 182 -66.47 58.63 -82.20
CA LEU AA 182 -66.38 60.01 -82.65
C LEU AA 182 -65.52 60.05 -83.90
N THR AA 183 -66.17 60.05 -85.05
CA THR AA 183 -65.52 60.04 -86.35
C THR AA 183 -65.94 61.29 -87.11
N CYS AA 184 -64.95 62.04 -87.60
CA CYS AA 184 -65.23 63.23 -88.40
C CYS AA 184 -65.48 62.82 -89.84
N PRO AA 185 -66.46 63.46 -90.49
CA PRO AA 185 -66.64 63.26 -91.93
C PRO AA 185 -65.35 63.51 -92.70
N PRO AA 186 -65.21 62.86 -93.84
CA PRO AA 186 -63.97 62.89 -94.61
C PRO AA 186 -63.57 64.30 -94.99
N ILE AA 187 -62.27 64.55 -94.91
CA ILE AA 187 -61.65 65.78 -95.39
C ILE AA 187 -60.96 65.47 -96.74
N PHE AA 188 -61.10 66.34 -97.74
CA PHE AA 188 -60.53 66.04 -99.06
C PHE AA 188 -59.44 66.99 -99.52
N PHE AA 189 -58.40 66.44 -100.13
CA PHE AA 189 -57.33 67.25 -100.76
C PHE AA 189 -57.27 67.07 -102.27
N ASP AA 190 -57.24 68.18 -103.00
CA ASP AA 190 -57.13 68.13 -104.46
C ASP AA 190 -55.69 67.90 -104.85
N LEU AA 191 -55.46 67.15 -105.93
CA LEU AA 191 -54.09 66.95 -106.34
C LEU AA 191 -53.64 68.03 -107.32
N THR AA 192 -54.54 68.95 -107.62
CA THR AA 192 -54.23 70.08 -108.48
C THR AA 192 -53.76 71.25 -107.65
N ALA AA 193 -53.36 70.97 -106.42
CA ALA AA 193 -52.91 72.01 -105.52
C ALA AA 193 -51.57 71.65 -104.86
N VAL AA 194 -50.58 72.53 -104.98
CA VAL AA 194 -49.25 72.25 -104.45
C VAL AA 194 -49.17 72.19 -102.91
N THR AA 195 -49.94 73.05 -102.25
CA THR AA 195 -50.21 72.93 -100.82
C THR AA 195 -51.69 73.19 -100.55
N ALA AA 196 -52.13 72.86 -99.33
CA ALA AA 196 -53.52 73.13 -98.97
C ALA AA 196 -53.75 73.05 -97.48
N LEU AA 197 -54.81 73.73 -97.04
CA LEU AA 197 -55.24 73.63 -95.65
C LEU AA 197 -56.66 73.09 -95.53
N ARG AA 198 -56.86 72.19 -94.58
CA ARG AA 198 -58.21 71.80 -94.20
C ARG AA 198 -58.39 71.91 -92.69
N SER AA 199 -59.37 72.70 -92.28
CA SER AA 199 -59.65 72.87 -90.85
C SER AA 199 -60.70 71.89 -90.35
N ALA AA 200 -60.50 71.42 -89.13
CA ALA AA 200 -61.54 70.68 -88.41
C ALA AA 200 -61.81 71.43 -87.10
N GLY AA 201 -63.05 71.86 -86.91
CA GLY AA 201 -63.42 72.61 -85.72
C GLY AA 201 -63.29 71.77 -84.47
N LEU AA 202 -62.90 72.39 -83.36
CA LEU AA 202 -62.74 71.66 -82.11
C LEU AA 202 -63.80 72.04 -81.09
N THR AA 203 -64.78 72.79 -81.56
CA THR AA 203 -65.93 73.13 -80.75
C THR AA 203 -66.94 71.97 -80.75
N LEU AA 204 -66.59 70.90 -80.04
CA LEU AA 204 -67.23 69.61 -80.18
C LEU AA 204 -68.63 69.50 -79.61
N GLY AA 205 -69.07 70.51 -78.89
CA GLY AA 205 -70.44 70.52 -78.36
C GLY AA 205 -71.50 70.98 -79.36
N GLN AA 206 -71.02 71.51 -80.49
CA GLN AA 206 -71.87 72.01 -81.57
C GLN AA 206 -72.65 70.84 -82.15
N VAL AA 207 -73.94 71.03 -82.41
CA VAL AA 207 -74.73 69.96 -83.01
C VAL AA 207 -74.57 69.97 -84.53
N PRO AA 208 -74.18 68.81 -85.10
CA PRO AA 208 -73.87 68.66 -86.54
C PRO AA 208 -75.13 68.83 -87.36
N MET AA 209 -74.99 69.31 -88.59
CA MET AA 209 -76.17 69.50 -89.43
C MET AA 209 -76.04 68.92 -90.83
N VAL AA 210 -77.18 68.58 -91.43
CA VAL AA 210 -77.25 68.14 -92.80
C VAL AA 210 -78.37 68.95 -93.41
N GLY AA 211 -78.00 70.00 -94.13
CA GLY AA 211 -78.97 70.97 -94.59
C GLY AA 211 -79.56 71.70 -93.41
N THR AA 212 -80.87 71.66 -93.32
CA THR AA 212 -81.58 72.30 -92.21
C THR AA 212 -81.84 71.32 -91.06
N THR AA 213 -81.44 70.07 -91.26
CA THR AA 213 -81.65 69.02 -90.26
C THR AA 213 -80.55 68.95 -89.17
N LYS AA 214 -80.94 69.11 -87.91
CA LYS AA 214 -80.01 68.94 -86.79
C LYS AA 214 -79.89 67.45 -86.49
N VAL AA 215 -78.66 66.96 -86.34
CA VAL AA 215 -78.46 65.58 -85.95
C VAL AA 215 -77.88 65.46 -84.54
N TYR AA 216 -78.76 65.41 -83.53
CA TYR AA 216 -78.31 65.28 -82.16
C TYR AA 216 -77.64 63.93 -81.99
N ASN AA 217 -76.50 63.91 -81.32
CA ASN AA 217 -75.78 62.68 -81.04
C ASN AA 217 -75.13 62.71 -79.65
N LEU AA 218 -74.78 61.53 -79.14
CA LEU AA 218 -74.28 61.45 -77.78
C LEU AA 218 -72.97 62.22 -77.55
N ASN AA 219 -72.04 62.15 -78.50
CA ASN AA 219 -70.76 62.83 -78.32
C ASN AA 219 -70.84 64.34 -78.15
N SER AA 220 -71.56 65.01 -79.05
CA SER AA 220 -71.71 66.45 -78.89
C SER AA 220 -72.50 66.77 -77.61
N THR AA 221 -73.46 65.90 -77.28
CA THR AA 221 -74.23 66.07 -76.07
C THR AA 221 -73.33 66.02 -74.84
N LEU AA 222 -72.42 65.04 -74.81
CA LEU AA 222 -71.46 64.92 -73.70
C LEU AA 222 -70.62 66.19 -73.56
N VAL AA 223 -70.03 66.62 -74.66
CA VAL AA 223 -69.18 67.81 -74.62
C VAL AA 223 -69.95 69.03 -74.10
N SER AA 224 -71.24 69.11 -74.43
CA SER AA 224 -72.05 70.25 -73.99
C SER AA 224 -72.26 70.30 -72.45
N CYS AA 225 -71.90 69.20 -71.77
CA CYS AA 225 -72.01 69.09 -70.32
C CYS AA 225 -70.91 69.86 -69.60
N VAL AA 226 -70.03 70.44 -70.39
CA VAL AA 226 -68.86 71.16 -69.90
C VAL AA 226 -68.88 72.55 -70.54
N LEU AA 227 -68.18 73.52 -69.95
CA LEU AA 227 -68.17 74.88 -70.52
C LEU AA 227 -67.10 75.00 -71.61
N GLY AA 228 -66.05 74.20 -71.49
CA GLY AA 228 -64.96 74.24 -72.45
C GLY AA 228 -63.91 73.23 -72.06
N MET AA 229 -62.88 73.08 -72.88
CA MET AA 229 -61.88 72.05 -72.66
C MET AA 229 -60.55 72.47 -73.28
N GLY AA 230 -59.47 72.06 -72.64
CA GLY AA 230 -58.13 72.22 -73.19
C GLY AA 230 -57.42 70.89 -73.01
N GLY AA 231 -56.21 70.80 -73.53
CA GLY AA 231 -55.45 69.57 -73.38
C GLY AA 231 -54.97 69.07 -74.70
N THR AA 232 -54.74 67.76 -74.79
CA THR AA 232 -54.24 67.20 -76.03
C THR AA 232 -55.27 66.28 -76.69
N VAL AA 233 -55.50 66.50 -77.98
CA VAL AA 233 -56.37 65.63 -78.76
C VAL AA 233 -55.60 64.39 -79.20
N ARG AA 234 -56.02 63.22 -78.74
CA ARG AA 234 -55.44 61.96 -79.20
C ARG AA 234 -56.41 61.34 -80.18
N GLY AA 235 -55.93 61.05 -81.38
CA GLY AA 235 -56.78 60.45 -82.39
C GLY AA 235 -56.07 59.54 -83.36
N ARG AA 236 -56.78 59.12 -84.40
CA ARG AA 236 -56.19 58.32 -85.47
C ARG AA 236 -56.51 58.98 -86.80
N VAL AA 237 -55.58 58.88 -87.74
CA VAL AA 237 -55.77 59.39 -89.08
C VAL AA 237 -55.76 58.24 -90.06
N HIS AA 238 -56.77 58.18 -90.91
CA HIS AA 238 -56.81 57.20 -92.00
C HIS AA 238 -56.66 57.86 -93.37
N ILE AA 239 -55.69 57.39 -94.14
CA ILE AA 239 -55.53 57.89 -95.49
C ILE AA 239 -56.22 56.95 -96.45
N CYS AA 240 -57.33 57.41 -97.02
CA CYS AA 240 -58.26 56.54 -97.74
C CYS AA 240 -58.14 56.64 -99.26
N ALA AA 241 -57.01 56.19 -99.78
CA ALA AA 241 -56.73 56.26 -101.20
C ALA AA 241 -55.95 55.02 -101.61
N PRO AA 242 -55.84 54.78 -102.93
CA PRO AA 242 -55.05 53.67 -103.47
C PRO AA 242 -53.56 53.76 -103.07
N ILE AA 243 -52.82 52.63 -103.04
CA ILE AA 243 -51.37 52.66 -102.71
C ILE AA 243 -50.57 53.65 -103.55
N PHE AA 244 -51.06 54.00 -104.74
CA PHE AA 244 -50.31 54.86 -105.65
C PHE AA 244 -50.63 56.34 -105.46
N TYR AA 245 -51.50 56.65 -104.51
CA TYR AA 245 -51.69 58.02 -104.01
C TYR AA 245 -50.88 58.15 -102.74
N SER AA 246 -50.36 59.34 -102.48
CA SER AA 246 -49.59 59.55 -101.24
C SER AA 246 -49.52 61.02 -100.88
N ILE AA 247 -49.36 61.28 -99.58
CA ILE AA 247 -49.39 62.65 -99.10
C ILE AA 247 -48.56 62.82 -97.83
N VAL AA 248 -48.13 64.05 -97.55
CA VAL AA 248 -47.50 64.35 -96.27
C VAL AA 248 -48.18 65.54 -95.64
N LEU AA 249 -48.64 65.37 -94.40
CA LEU AA 249 -49.40 66.40 -93.70
C LEU AA 249 -48.65 66.93 -92.50
N TRP AA 250 -48.77 68.23 -92.28
CA TRP AA 250 -48.39 68.87 -91.03
C TRP AA 250 -49.69 69.14 -90.29
N VAL AA 251 -49.87 68.49 -89.14
CA VAL AA 251 -51.11 68.61 -88.36
C VAL AA 251 -50.88 69.39 -87.08
N VAL AA 252 -51.58 70.51 -86.94
CA VAL AA 252 -51.30 71.42 -85.85
C VAL AA 252 -52.57 72.15 -85.40
N SER AA 253 -52.58 72.64 -84.17
CA SER AA 253 -53.71 73.42 -83.69
C SER AA 253 -53.49 74.94 -83.75
N GLU AA 254 -54.53 75.68 -84.17
CA GLU AA 254 -54.44 77.13 -84.28
C GLU AA 254 -55.66 77.84 -83.73
N TRP AA 255 -55.46 79.07 -83.28
CA TRP AA 255 -56.55 79.82 -82.67
C TRP AA 255 -56.98 81.01 -83.53
N ASN AA 256 -58.28 81.09 -83.78
CA ASN AA 256 -58.89 82.22 -84.46
C ASN AA 256 -58.19 82.58 -85.77
N GLY AA 257 -58.42 81.78 -86.80
CA GLY AA 257 -57.76 82.00 -88.07
C GLY AA 257 -56.50 81.15 -88.15
N THR AA 258 -55.70 81.40 -89.17
CA THR AA 258 -54.47 80.65 -89.34
C THR AA 258 -53.41 81.65 -89.69
N THR AA 259 -52.16 81.32 -89.40
CA THR AA 259 -51.06 82.19 -89.81
C THR AA 259 -50.83 82.06 -91.30
N MET AA 260 -50.32 83.13 -91.90
CA MET AA 260 -50.08 83.15 -93.33
C MET AA 260 -48.60 82.93 -93.63
N ASP AA 261 -47.81 82.87 -92.57
CA ASP AA 261 -46.36 82.75 -92.66
C ASP AA 261 -45.89 81.31 -92.43
N TRP AA 262 -45.46 80.64 -93.49
CA TRP AA 262 -44.97 79.26 -93.38
C TRP AA 262 -43.92 79.04 -92.30
N ASN AA 263 -43.09 80.05 -92.03
CA ASN AA 263 -42.05 79.88 -91.00
C ASN AA 263 -42.63 79.90 -89.60
N GLU AA 264 -43.64 80.75 -89.37
CA GLU AA 264 -44.33 80.75 -88.08
C GLU AA 264 -45.04 79.42 -87.87
N LEU AA 265 -45.70 78.94 -88.92
CA LEU AA 265 -46.44 77.70 -88.89
C LEU AA 265 -45.62 76.53 -88.34
N PHE AA 266 -44.35 76.48 -88.70
CA PHE AA 266 -43.51 75.37 -88.27
C PHE AA 266 -42.79 75.62 -86.96
N LYS AA 267 -43.07 76.74 -86.33
CA LYS AA 267 -42.59 76.99 -84.98
C LYS AA 267 -43.64 76.51 -83.97
N TYR AA 268 -44.83 76.16 -84.47
CA TYR AA 268 -45.88 75.58 -83.64
C TYR AA 268 -45.61 74.11 -83.33
N PRO AA 269 -46.21 73.60 -82.25
CA PRO AA 269 -46.07 72.19 -81.89
C PRO AA 269 -47.05 71.29 -82.60
N GLY AA 270 -46.69 70.87 -83.81
CA GLY AA 270 -47.50 69.95 -84.60
C GLY AA 270 -46.84 68.59 -84.79
N VAL AA 271 -47.44 67.77 -85.63
CA VAL AA 271 -46.90 66.46 -85.94
C VAL AA 271 -47.02 66.20 -87.43
N TYR AA 272 -46.14 65.35 -87.97
CA TYR AA 272 -46.21 64.96 -89.37
C TYR AA 272 -47.03 63.66 -89.53
N VAL AA 273 -47.86 63.60 -90.57
CA VAL AA 273 -48.61 62.38 -90.87
C VAL AA 273 -48.35 61.97 -92.34
N GLU AA 274 -47.76 60.79 -92.52
CA GLU AA 274 -47.39 60.30 -93.85
C GLU AA 274 -48.29 59.14 -94.21
N GLU AA 275 -48.93 58.57 -93.19
CA GLU AA 275 -49.65 57.32 -93.37
C GLU AA 275 -50.63 57.05 -92.24
N ASP AA 276 -51.52 56.07 -92.43
CA ASP AA 276 -52.43 55.62 -91.37
C ASP AA 276 -51.66 55.56 -90.04
N GLY AA 277 -52.26 56.09 -88.97
CA GLY AA 277 -51.65 56.05 -87.66
C GLY AA 277 -52.34 56.94 -86.65
N SER AA 278 -51.88 56.92 -85.41
CA SER AA 278 -52.41 57.79 -84.37
C SER AA 278 -51.62 59.11 -84.30
N PHE AA 279 -52.18 60.10 -83.62
CA PHE AA 279 -51.54 61.41 -83.47
C PHE AA 279 -51.97 62.05 -82.16
N GLU AA 280 -51.13 62.91 -81.61
CA GLU AA 280 -51.50 63.74 -80.47
C GLU AA 280 -51.16 65.18 -80.76
N VAL AA 281 -52.13 66.08 -80.67
CA VAL AA 281 -51.86 67.48 -80.88
C VAL AA 281 -52.44 68.27 -79.73
N LYS AA 282 -51.67 69.22 -79.22
CA LYS AA 282 -52.12 70.11 -78.15
C LYS AA 282 -53.15 71.10 -78.68
N ILE AA 283 -54.24 71.26 -77.94
CA ILE AA 283 -55.23 72.29 -78.23
C ILE AA 283 -54.65 73.65 -77.89
N ARG AA 284 -54.44 74.46 -78.92
CA ARG AA 284 -53.81 75.77 -78.78
C ARG AA 284 -54.81 76.91 -78.61
N SER AA 285 -54.67 77.70 -77.55
CA SER AA 285 -55.62 78.78 -77.25
C SER AA 285 -55.06 79.76 -76.24
N PRO AA 286 -55.42 81.04 -76.38
CA PRO AA 286 -55.03 82.12 -75.47
C PRO AA 286 -55.48 81.83 -74.04
N TYR AA 287 -56.50 80.97 -73.88
CA TYR AA 287 -57.08 80.63 -72.59
C TYR AA 287 -56.77 79.19 -72.22
N HIS AA 288 -56.00 78.53 -73.08
CA HIS AA 288 -55.61 77.15 -72.89
C HIS AA 288 -56.77 76.18 -73.06
N ARG AA 289 -57.97 76.72 -73.23
CA ARG AA 289 -59.15 75.91 -73.47
C ARG AA 289 -59.93 76.53 -74.61
N THR AA 290 -60.71 75.72 -75.32
CA THR AA 290 -61.66 76.24 -76.30
C THR AA 290 -63.07 75.99 -75.77
N PRO AA 291 -64.00 76.93 -76.01
CA PRO AA 291 -65.38 76.77 -75.52
C PRO AA 291 -66.08 75.59 -76.16
N ALA AA 292 -66.97 74.97 -75.38
CA ALA AA 292 -67.72 73.78 -75.79
C ALA AA 292 -68.76 74.05 -76.89
N ARG AA 293 -69.39 75.22 -76.84
CA ARG AA 293 -70.36 75.59 -77.86
C ARG AA 293 -70.18 77.05 -78.29
N LEU AA 294 -70.82 77.42 -79.41
CA LEU AA 294 -70.71 78.78 -79.92
C LEU AA 294 -71.81 79.71 -79.41
N LEU AA 295 -71.48 80.99 -79.26
CA LEU AA 295 -72.50 82.03 -79.11
C LEU AA 295 -73.04 82.42 -80.47
N ALA AA 296 -74.05 83.28 -80.48
CA ALA AA 296 -74.60 83.76 -81.73
C ALA AA 296 -73.52 84.56 -82.48
N GLY AA 297 -73.39 84.28 -83.78
CA GLY AA 297 -72.51 85.06 -84.62
C GLY AA 297 -71.05 84.65 -84.59
N GLN AA 298 -70.72 83.68 -83.75
CA GLN AA 298 -69.39 83.14 -83.74
C GLN AA 298 -69.26 81.99 -84.74
N SER AA 299 -68.08 81.84 -85.33
CA SER AA 299 -67.83 80.68 -86.18
C SER AA 299 -66.96 79.69 -85.43
N GLN AA 300 -66.90 78.46 -85.90
CA GLN AA 300 -66.06 77.48 -85.24
C GLN AA 300 -64.54 77.73 -85.44
N ARG AA 301 -64.20 78.52 -86.46
CA ARG AA 301 -62.81 78.82 -86.78
C ARG AA 301 -62.31 79.99 -85.95
N ASP AA 302 -63.23 80.69 -85.30
CA ASP AA 302 -62.92 81.80 -84.38
C ASP AA 302 -62.24 81.29 -83.11
N MET AA 303 -62.36 79.97 -82.87
CA MET AA 303 -61.77 79.33 -81.69
C MET AA 303 -60.59 78.41 -82.05
N SER AA 304 -60.42 77.36 -81.26
CA SER AA 304 -59.34 76.42 -81.51
C SER AA 304 -59.74 75.38 -82.56
N SER AA 305 -58.87 75.16 -83.54
CA SER AA 305 -59.15 74.18 -84.59
C SER AA 305 -57.98 73.23 -84.75
N LEU AA 306 -58.27 72.06 -85.30
CA LEU AA 306 -57.26 71.08 -85.65
C LEU AA 306 -57.00 71.18 -87.15
N ASN AA 307 -55.85 71.76 -87.53
CA ASN AA 307 -55.56 72.06 -88.94
C ASN AA 307 -54.70 71.04 -89.66
N PHE AA 308 -55.14 70.66 -90.86
CA PHE AA 308 -54.40 69.70 -91.67
C PHE AA 308 -53.81 70.39 -92.88
N TYR AA 309 -52.49 70.56 -92.85
CA TYR AA 309 -51.74 71.23 -93.91
C TYR AA 309 -51.07 70.20 -94.80
N ALA AA 310 -51.43 70.20 -96.08
CA ALA AA 310 -50.75 69.36 -97.04
C ALA AA 310 -49.47 70.09 -97.44
N ILE AA 311 -48.32 69.55 -97.02
CA ILE AA 311 -47.04 70.22 -97.29
C ILE AA 311 -46.25 69.53 -98.41
N ALA AA 312 -46.61 68.30 -98.75
CA ALA AA 312 -46.02 67.64 -99.90
C ALA AA 312 -47.07 66.71 -100.53
N GLY AA 313 -47.54 67.05 -101.72
CA GLY AA 313 -48.64 66.29 -102.30
C GLY AA 313 -49.99 66.87 -101.96
N PRO AA 314 -51.05 66.08 -102.15
CA PRO AA 314 -50.98 64.69 -102.61
C PRO AA 314 -50.47 64.54 -104.06
N ILE AA 315 -49.89 63.38 -104.34
CA ILE AA 315 -49.47 63.06 -105.68
C ILE AA 315 -50.11 61.75 -106.11
N ALA AA 316 -50.32 61.61 -107.41
CA ALA AA 316 -50.76 60.35 -107.99
C ALA AA 316 -50.27 60.29 -109.44
N PRO AA 317 -50.24 59.09 -110.02
CA PRO AA 317 -49.85 58.94 -111.43
C PRO AA 317 -50.87 59.62 -112.32
N SER AA 318 -50.52 60.02 -113.54
CA SER AA 318 -51.57 60.52 -114.43
C SER AA 318 -52.28 59.30 -114.97
N GLY AA 319 -53.57 59.43 -115.30
CA GLY AA 319 -54.33 60.64 -115.09
C GLY AA 319 -55.38 60.25 -114.08
N GLU AA 320 -54.99 60.34 -112.82
CA GLU AA 320 -55.92 60.19 -111.73
C GLU AA 320 -56.55 61.57 -111.50
N THR AA 321 -57.77 61.58 -110.99
CA THR AA 321 -58.50 62.84 -110.84
C THR AA 321 -59.12 62.94 -109.46
N ALA AA 322 -59.38 61.78 -108.86
CA ALA AA 322 -59.96 61.69 -107.53
C ALA AA 322 -59.20 62.53 -106.48
N GLN AA 323 -59.95 63.10 -105.55
CA GLN AA 323 -59.32 63.76 -104.43
C GLN AA 323 -58.80 62.71 -103.45
N LEU AA 324 -57.84 63.08 -102.61
CA LEU AA 324 -57.32 62.19 -101.58
C LEU AA 324 -58.03 62.50 -100.29
N PRO AA 325 -58.81 61.53 -99.77
CA PRO AA 325 -59.58 61.71 -98.54
C PRO AA 325 -58.82 61.28 -97.27
N ILE AA 326 -58.98 62.07 -96.22
CA ILE AA 326 -58.42 61.81 -94.90
C ILE AA 326 -59.61 61.64 -93.96
N VAL AA 327 -59.69 60.52 -93.25
CA VAL AA 327 -60.72 60.35 -92.23
C VAL AA 327 -60.10 60.46 -90.83
N VAL AA 328 -60.57 61.43 -90.04
CA VAL AA 328 -60.03 61.62 -88.70
C VAL AA 328 -60.96 61.04 -87.60
N GLN AA 329 -60.37 60.29 -86.66
CA GLN AA 329 -61.11 59.80 -85.50
C GLN AA 329 -60.50 60.41 -84.25
N ILE AA 330 -61.34 60.91 -83.36
CA ILE AA 330 -60.88 61.51 -82.13
C ILE AA 330 -61.21 60.57 -80.99
N ASP AA 331 -60.17 60.12 -80.30
CA ASP AA 331 -60.31 59.08 -79.28
C ASP AA 331 -60.49 59.66 -77.87
N GLU AA 332 -59.66 60.64 -77.52
CA GLU AA 332 -59.84 61.30 -76.24
C GLU AA 332 -59.08 62.59 -76.15
N ILE AA 333 -59.43 63.38 -75.13
CA ILE AA 333 -58.62 64.51 -74.70
C ILE AA 333 -57.73 64.00 -73.56
N VAL AA 334 -56.44 63.82 -73.83
CA VAL AA 334 -55.52 63.34 -72.82
C VAL AA 334 -54.95 64.52 -72.07
N ARG AA 335 -54.62 64.31 -70.80
CA ARG AA 335 -54.10 65.38 -69.97
C ARG AA 335 -55.05 66.57 -70.07
N PRO AA 336 -56.32 66.35 -69.74
CA PRO AA 336 -57.38 67.33 -70.02
C PRO AA 336 -57.36 68.51 -69.08
N ASP AA 337 -57.61 69.70 -69.61
CA ASP AA 337 -57.82 70.88 -68.80
C ASP AA 337 -59.27 71.29 -68.96
N LEU AA 338 -60.15 70.77 -68.12
CA LEU AA 338 -61.57 71.04 -68.31
C LEU AA 338 -62.04 72.32 -67.62
N SER AA 339 -63.13 72.88 -68.14
CA SER AA 339 -63.80 73.99 -67.49
C SER AA 339 -64.73 73.43 -66.43
N LEU AA 340 -65.44 74.34 -65.75
CA LEU AA 340 -66.54 73.93 -64.89
C LEU AA 340 -67.53 73.14 -65.70
N PRO AA 341 -68.24 72.22 -65.04
CA PRO AA 341 -69.39 71.62 -65.72
C PRO AA 341 -70.36 72.74 -66.08
N SER AA 342 -71.08 72.60 -67.19
CA SER AA 342 -72.02 73.65 -67.58
C SER AA 342 -73.25 73.68 -66.67
N PHE AA 343 -73.62 72.51 -66.15
CA PHE AA 343 -74.74 72.43 -65.20
C PHE AA 343 -74.29 71.83 -63.88
N GLU AA 344 -74.94 72.28 -62.82
CA GLU AA 344 -74.69 71.72 -61.49
C GLU AA 344 -75.75 70.67 -61.20
N ASP AA 345 -75.66 70.03 -60.02
CA ASP AA 345 -76.66 69.03 -59.65
C ASP AA 345 -77.92 69.75 -59.15
N ASP AA 346 -78.67 70.26 -60.12
CA ASP AA 346 -79.75 71.17 -59.82
C ASP AA 346 -80.90 70.85 -60.76
N TYR AA 347 -82.00 71.56 -60.55
CA TYR AA 347 -83.13 71.49 -61.47
C TYR AA 347 -82.79 72.19 -62.79
N PHE AA 348 -83.52 71.82 -63.84
CA PHE AA 348 -83.47 72.53 -65.10
C PHE AA 348 -84.86 72.52 -65.73
N VAL AA 349 -85.04 73.36 -66.75
CA VAL AA 349 -86.37 73.55 -67.30
C VAL AA 349 -86.80 72.39 -68.18
N TRP AA 350 -87.96 71.84 -67.87
CA TRP AA 350 -88.57 70.82 -68.71
C TRP AA 350 -89.54 71.48 -69.69
N VAL AA 351 -90.52 72.20 -69.15
CA VAL AA 351 -91.50 72.85 -70.03
C VAL AA 351 -92.15 74.08 -69.38
N ASP AA 352 -92.47 75.09 -70.21
CA ASP AA 352 -93.33 76.20 -69.79
C ASP AA 352 -94.67 76.11 -70.53
N PHE AA 353 -95.77 76.22 -69.79
CA PHE AA 353 -97.09 76.38 -70.42
C PHE AA 353 -97.55 77.83 -70.20
N SER AA 354 -98.07 78.45 -71.24
CA SER AA 354 -98.50 79.85 -71.18
C SER AA 354 -99.63 80.11 -72.14
N GLU AA 355 -100.18 81.32 -72.09
CA GLU AA 355 -101.21 81.73 -73.05
C GLU AA 355 -102.36 80.73 -73.14
N PHE AA 356 -102.95 80.40 -71.99
CA PHE AA 356 -104.07 79.46 -71.94
C PHE AA 356 -105.32 80.06 -72.53
N THR AA 357 -106.05 79.28 -73.32
CA THR AA 357 -107.26 79.79 -73.97
C THR AA 357 -108.53 79.28 -73.29
N LEU AA 358 -108.42 78.13 -72.64
CA LEU AA 358 -109.53 77.58 -71.87
C LEU AA 358 -109.20 77.54 -70.38
N ASP AA 359 -110.22 77.72 -69.55
CA ASP AA 359 -110.02 77.64 -68.11
C ASP AA 359 -109.76 76.20 -67.69
N LYS AA 360 -110.45 75.25 -68.32
CA LYS AA 360 -110.20 73.83 -68.05
C LYS AA 360 -109.10 73.29 -68.98
N GLU AA 361 -107.96 72.90 -68.41
CA GLU AA 361 -106.84 72.39 -69.17
C GLU AA 361 -106.30 71.16 -68.46
N GLU AA 362 -106.01 70.10 -69.21
CA GLU AA 362 -105.47 68.89 -68.61
C GLU AA 362 -104.30 68.33 -69.42
N ILE AA 363 -103.11 68.42 -68.85
CA ILE AA 363 -101.88 68.01 -69.50
C ILE AA 363 -101.49 66.61 -69.05
N GLU AA 364 -101.61 65.62 -69.94
CA GLU AA 364 -101.23 64.24 -69.61
C GLU AA 364 -99.74 64.01 -69.75
N ILE AA 365 -99.15 63.47 -68.71
CA ILE AA 365 -97.73 63.17 -68.71
C ILE AA 365 -97.52 61.66 -68.73
N GLY AA 366 -98.26 60.95 -67.88
CA GLY AA 366 -98.19 59.50 -67.81
C GLY AA 366 -96.93 59.05 -67.12
N SER AA 367 -96.09 58.33 -67.85
CA SER AA 367 -94.83 57.89 -67.28
C SER AA 367 -93.66 58.29 -68.17
N ARG AA 368 -93.87 59.29 -69.03
CA ARG AA 368 -92.85 59.68 -70.03
C ARG AA 368 -92.22 61.04 -69.78
N PHE AA 369 -90.97 61.19 -70.22
CA PHE AA 369 -90.38 62.50 -70.35
C PHE AA 369 -90.28 62.78 -71.83
N PHE AA 370 -90.93 63.84 -72.30
CA PHE AA 370 -91.10 64.01 -73.75
C PHE AA 370 -91.50 65.43 -74.11
N ASP AA 371 -91.69 65.68 -75.41
CA ASP AA 371 -92.11 67.00 -75.89
C ASP AA 371 -93.65 67.13 -75.93
N PHE AA 372 -94.18 68.15 -75.25
CA PHE AA 372 -95.62 68.40 -75.24
C PHE AA 372 -96.13 69.12 -76.48
N THR AA 373 -97.40 68.91 -76.81
CA THR AA 373 -98.07 69.75 -77.81
C THR AA 373 -99.45 70.12 -77.29
N SER AA 374 -99.93 71.31 -77.65
CA SER AA 374 -101.28 71.70 -77.25
C SER AA 374 -101.94 72.58 -78.31
N ASN AA 375 -103.25 72.40 -78.46
CA ASN AA 375 -104.08 73.23 -79.34
C ASN AA 375 -104.69 74.38 -78.56
N THR AA 376 -104.67 74.24 -77.25
CA THR AA 376 -105.38 75.18 -76.39
C THR AA 376 -104.44 76.09 -75.60
N CYS AA 377 -103.14 75.84 -75.66
CA CYS AA 377 -102.16 76.71 -75.02
C CYS AA 377 -100.79 76.62 -75.66
N ARG AA 378 -99.90 77.54 -75.27
CA ARG AA 378 -98.56 77.59 -75.81
C ARG AA 378 -97.57 76.74 -75.02
N VAL AA 379 -96.99 75.76 -75.70
CA VAL AA 379 -95.94 74.94 -75.09
C VAL AA 379 -94.54 75.42 -75.48
N SER AA 380 -93.68 75.62 -74.49
CA SER AA 380 -92.28 76.00 -74.75
C SER AA 380 -91.38 74.98 -74.08
N MET AA 381 -90.71 74.16 -74.88
CA MET AA 381 -89.92 73.09 -74.33
C MET AA 381 -88.49 73.56 -73.96
N GLY AA 382 -87.91 72.97 -72.93
CA GLY AA 382 -86.55 73.31 -72.56
C GLY AA 382 -85.57 72.53 -73.42
N GLU AA 383 -84.42 73.13 -73.70
CA GLU AA 383 -83.32 72.42 -74.35
C GLU AA 383 -82.10 72.39 -73.42
N ASN AA 384 -81.69 71.19 -73.04
CA ASN AA 384 -80.53 70.97 -72.17
C ASN AA 384 -79.95 69.56 -72.35
N PRO AA 385 -78.75 69.33 -71.78
CA PRO AA 385 -78.10 68.04 -72.03
C PRO AA 385 -78.98 66.85 -71.66
N PHE AA 386 -79.74 66.98 -70.57
CA PHE AA 386 -80.56 65.84 -70.15
C PHE AA 386 -81.53 65.44 -71.25
N ALA AA 387 -82.24 66.44 -71.80
CA ALA AA 387 -83.20 66.19 -72.86
C ALA AA 387 -82.50 65.56 -74.09
N ALA AA 388 -81.30 66.04 -74.40
CA ALA AA 388 -80.52 65.45 -75.49
C ALA AA 388 -80.15 64.00 -75.20
N MET AA 389 -79.74 63.71 -73.97
CA MET AA 389 -79.42 62.34 -73.63
C MET AA 389 -80.61 61.43 -73.79
N ILE AA 390 -81.80 61.94 -73.46
CA ILE AA 390 -83.04 61.16 -73.63
C ILE AA 390 -83.23 60.80 -75.10
N ALA AA 391 -82.87 61.77 -75.95
CA ALA AA 391 -83.08 61.65 -77.38
C ALA AA 391 -82.01 60.80 -78.04
N CYS AA 392 -80.87 60.66 -77.39
CA CYS AA 392 -79.74 59.98 -78.01
C CYS AA 392 -79.54 58.59 -77.46
N HIS AA 393 -80.58 58.05 -76.82
CA HIS AA 393 -80.54 56.66 -76.39
C HIS AA 393 -81.84 55.98 -76.75
N GLY AA 394 -81.74 54.67 -76.96
CA GLY AA 394 -82.90 53.89 -77.35
C GLY AA 394 -83.91 53.78 -76.23
N LEU AA 395 -83.39 53.55 -75.02
CA LEU AA 395 -84.21 53.38 -73.81
C LEU AA 395 -83.65 54.20 -72.65
N HIS AA 396 -84.52 54.59 -71.73
CA HIS AA 396 -84.07 55.26 -70.51
C HIS AA 396 -84.99 54.87 -69.35
N SER AA 397 -84.54 55.11 -68.13
CA SER AA 397 -85.37 54.86 -66.96
C SER AA 397 -84.82 55.55 -65.72
N GLY AA 398 -85.72 56.10 -64.90
CA GLY AA 398 -85.30 56.79 -63.69
C GLY AA 398 -86.43 57.56 -63.05
N VAL AA 399 -86.08 58.38 -62.08
CA VAL AA 399 -87.07 59.18 -61.38
C VAL AA 399 -86.72 60.66 -61.46
N LEU AA 400 -87.71 61.48 -61.79
CA LEU AA 400 -87.52 62.92 -61.87
C LEU AA 400 -88.23 63.59 -60.71
N ASP AA 401 -87.50 64.45 -60.00
CA ASP AA 401 -88.16 65.31 -59.03
C ASP AA 401 -88.65 66.53 -59.79
N LEU AA 402 -89.92 66.89 -59.60
CA LEU AA 402 -90.46 68.08 -60.27
C LEU AA 402 -90.69 69.25 -59.32
N LYS AA 403 -90.41 70.46 -59.81
CA LYS AA 403 -90.82 71.69 -59.16
C LYS AA 403 -91.75 72.41 -60.11
N LEU AA 404 -92.97 72.71 -59.64
CA LEU AA 404 -93.90 73.51 -60.43
C LEU AA 404 -93.95 74.94 -59.87
N GLN AA 405 -93.83 75.93 -60.75
CA GLN AA 405 -93.95 77.33 -60.36
C GLN AA 405 -94.91 78.04 -61.26
N TRP AA 406 -95.69 78.97 -60.74
CA TRP AA 406 -96.60 79.72 -61.60
C TRP AA 406 -96.86 81.14 -61.09
N SER AA 407 -97.16 82.03 -62.03
CA SER AA 407 -97.51 83.42 -61.70
C SER AA 407 -98.93 83.70 -62.18
N LEU AA 408 -99.60 84.68 -61.57
CA LEU AA 408 -101.00 84.92 -61.89
C LEU AA 408 -101.19 85.92 -63.04
N ASN AA 409 -102.28 85.72 -63.79
CA ASN AA 409 -102.65 86.62 -64.87
C ASN AA 409 -103.72 87.61 -64.41
N THR AA 410 -104.59 87.16 -63.50
CA THR AA 410 -105.61 88.02 -62.89
C THR AA 410 -105.12 88.62 -61.57
N GLU AA 411 -105.93 89.49 -60.96
CA GLU AA 411 -105.58 90.04 -59.65
C GLU AA 411 -105.56 88.95 -58.56
N PHE AA 412 -104.55 89.00 -57.70
CA PHE AA 412 -104.39 88.00 -56.66
C PHE AA 412 -105.64 87.85 -55.81
N GLY AA 413 -106.27 88.97 -55.47
CA GLY AA 413 -107.43 88.91 -54.62
C GLY AA 413 -108.63 88.23 -55.24
N LYS AA 414 -108.63 88.10 -56.57
CA LYS AA 414 -109.77 87.54 -57.27
C LYS AA 414 -109.55 86.06 -57.55
N SER AA 415 -108.34 85.58 -57.27
CA SER AA 415 -107.93 84.23 -57.67
C SER AA 415 -108.69 83.11 -56.98
N SER AA 416 -108.85 82.01 -57.69
CA SER AA 416 -109.48 80.83 -57.13
C SER AA 416 -108.96 79.61 -57.89
N GLY AA 417 -109.31 78.42 -57.44
CA GLY AA 417 -108.92 77.21 -58.14
C GLY AA 417 -107.57 76.69 -57.72
N SER AA 418 -107.01 75.82 -58.56
CA SER AA 418 -105.87 74.98 -58.23
C SER AA 418 -105.03 74.48 -59.41
N VAL AA 419 -103.78 74.18 -59.12
CA VAL AA 419 -102.97 73.31 -59.95
C VAL AA 419 -103.06 71.96 -59.27
N THR AA 420 -103.70 70.99 -59.91
CA THR AA 420 -103.84 69.65 -59.32
C THR AA 420 -102.95 68.63 -60.01
N ILE AA 421 -102.21 67.85 -59.23
CA ILE AA 421 -101.40 66.78 -59.80
C ILE AA 421 -102.09 65.45 -59.57
N THR AA 422 -102.65 64.87 -60.62
CA THR AA 422 -103.24 63.54 -60.50
C THR AA 422 -102.16 62.47 -60.61
N LYS AA 423 -102.08 61.59 -59.62
CA LYS AA 423 -101.14 60.47 -59.66
C LYS AA 423 -101.90 59.15 -59.60
N LEU AA 424 -101.78 58.34 -60.64
CA LEU AA 424 -102.48 57.06 -60.69
C LEU AA 424 -101.49 55.95 -60.91
N VAL AA 425 -101.99 54.72 -60.80
CA VAL AA 425 -101.27 53.56 -61.30
C VAL AA 425 -102.20 52.85 -62.25
N GLY AA 426 -101.79 52.79 -63.50
CA GLY AA 426 -102.68 52.28 -64.53
C GLY AA 426 -102.93 53.35 -65.58
N ASP AA 427 -104.19 53.73 -65.73
CA ASP AA 427 -104.58 54.80 -66.64
C ASP AA 427 -105.78 55.57 -66.08
N LYS AA 428 -106.19 56.62 -66.78
CA LYS AA 428 -107.29 57.45 -66.31
C LYS AA 428 -108.55 56.58 -66.12
N ALA AA 429 -108.72 55.55 -66.94
CA ALA AA 429 -109.95 54.75 -66.96
C ALA AA 429 -110.10 53.71 -65.85
N MET AA 430 -109.03 52.97 -65.53
CA MET AA 430 -109.12 51.85 -64.61
C MET AA 430 -108.04 51.87 -63.52
N GLY AA 431 -107.36 53.00 -63.37
CA GLY AA 431 -106.24 53.10 -62.47
C GLY AA 431 -106.53 53.17 -60.99
N LEU AA 432 -105.48 53.02 -60.20
CA LEU AA 432 -105.54 53.11 -58.75
C LEU AA 432 -105.05 54.49 -58.35
N ASP AA 433 -105.52 54.98 -57.20
CA ASP AA 433 -105.19 56.35 -56.78
C ASP AA 433 -103.95 56.43 -55.90
N GLY AA 434 -102.94 57.15 -56.38
CA GLY AA 434 -101.72 57.34 -55.63
C GLY AA 434 -101.69 58.67 -54.91
N PRO AA 435 -100.48 59.28 -54.80
CA PRO AA 435 -100.26 60.54 -54.09
C PRO AA 435 -100.65 61.76 -54.92
N SER AA 436 -101.91 61.78 -55.37
CA SER AA 436 -102.50 62.93 -56.06
C SER AA 436 -102.48 64.09 -55.09
N HIS AA 437 -102.49 65.30 -55.62
CA HIS AA 437 -102.10 66.42 -54.81
C HIS AA 437 -102.78 67.68 -55.35
N VAL AA 438 -103.47 68.42 -54.46
CA VAL AA 438 -104.17 69.63 -54.85
C VAL AA 438 -103.42 70.85 -54.32
N PHE AA 439 -102.82 71.62 -55.22
CA PHE AA 439 -102.21 72.89 -54.85
C PHE AA 439 -103.16 74.06 -55.10
N ALA AA 440 -103.68 74.66 -54.04
CA ALA AA 440 -104.49 75.86 -54.22
C ALA AA 440 -103.69 76.85 -55.06
N ILE AA 441 -104.34 77.50 -56.03
CA ILE AA 441 -103.58 78.35 -56.95
C ILE AA 441 -102.74 79.41 -56.22
N GLN AA 442 -103.17 79.80 -55.01
CA GLN AA 442 -102.47 80.83 -54.23
C GLN AA 442 -101.12 80.37 -53.67
N LYS AA 443 -100.87 79.06 -53.67
CA LYS AA 443 -99.56 78.53 -53.24
C LYS AA 443 -98.48 79.01 -54.18
N LEU AA 444 -98.82 79.12 -55.46
CA LEU AA 444 -97.93 79.66 -56.47
C LEU AA 444 -96.71 78.75 -56.77
N GLU AA 445 -96.68 77.58 -56.14
CA GLU AA 445 -95.65 76.56 -56.42
C GLU AA 445 -96.01 75.23 -55.78
N GLY AA 446 -95.42 74.16 -56.29
CA GLY AA 446 -95.65 72.82 -55.76
C GLY AA 446 -94.60 71.82 -56.23
N THR AA 447 -94.52 70.68 -55.57
CA THR AA 447 -93.50 69.69 -55.90
C THR AA 447 -94.11 68.31 -56.04
N THR AA 448 -93.48 67.47 -56.85
CA THR AA 448 -93.91 66.09 -57.00
C THR AA 448 -92.78 65.25 -57.62
N GLU AA 449 -92.89 63.94 -57.52
CA GLU AA 449 -91.96 63.05 -58.19
C GLU AA 449 -92.64 62.47 -59.41
N LEU AA 450 -91.85 62.10 -60.41
CA LEU AA 450 -92.39 61.43 -61.59
C LEU AA 450 -91.56 60.19 -61.90
N LEU AA 451 -92.22 59.04 -61.98
CA LEU AA 451 -91.53 57.83 -62.41
C LEU AA 451 -91.50 57.81 -63.93
N VAL AA 452 -90.29 57.85 -64.48
CA VAL AA 452 -90.07 57.69 -65.92
C VAL AA 452 -89.64 56.24 -66.18
N GLY AA 453 -90.62 55.41 -66.55
CA GLY AA 453 -90.40 53.98 -66.71
C GLY AA 453 -91.71 53.23 -66.72
N ASN AA 454 -91.65 51.91 -66.50
CA ASN AA 454 -92.85 51.08 -66.50
C ASN AA 454 -92.53 49.67 -66.05
N PHE AA 455 -93.54 48.79 -66.04
CA PHE AA 455 -93.33 47.43 -65.54
C PHE AA 455 -92.18 46.68 -66.22
N ALA AA 456 -91.97 46.97 -67.50
CA ALA AA 456 -90.88 46.32 -68.23
C ALA AA 456 -89.49 46.79 -67.83
N GLY AA 457 -89.36 48.07 -67.44
CA GLY AA 457 -88.14 48.57 -66.84
C GLY AA 457 -87.54 49.83 -67.46
N ALA AA 458 -88.03 50.23 -68.63
CA ALA AA 458 -87.44 51.34 -69.36
C ALA AA 458 -88.40 51.87 -70.45
N ASN AA 459 -88.23 53.14 -70.82
CA ASN AA 459 -89.05 53.75 -71.85
C ASN AA 459 -88.27 53.93 -73.14
N PRO AA 460 -88.92 53.66 -74.27
CA PRO AA 460 -88.38 54.04 -75.58
C PRO AA 460 -88.60 55.53 -75.77
N ASN AA 461 -87.93 56.13 -76.75
CA ASN AA 461 -88.09 57.55 -76.98
C ASN AA 461 -89.21 57.82 -78.00
N THR AA 462 -90.29 57.05 -77.87
CA THR AA 462 -91.45 57.17 -78.74
C THR AA 462 -92.69 57.01 -77.86
N ARG AA 463 -93.87 57.06 -78.47
CA ARG AA 463 -95.08 56.71 -77.73
C ARG AA 463 -95.14 55.18 -77.63
N PHE AA 464 -95.63 54.69 -76.50
CA PHE AA 464 -95.69 53.26 -76.22
C PHE AA 464 -96.81 53.11 -75.19
N SER AA 465 -97.30 51.89 -75.01
CA SER AA 465 -98.33 51.66 -74.01
C SER AA 465 -97.94 50.51 -73.09
N LEU AA 466 -97.35 50.81 -71.95
CA LEU AA 466 -96.96 49.77 -71.01
C LEU AA 466 -97.38 50.16 -69.60
N TYR AA 467 -98.16 49.29 -68.94
CA TYR AA 467 -98.62 49.53 -67.58
C TYR AA 467 -97.55 50.15 -66.67
N SER AA 468 -97.90 51.30 -66.08
CA SER AA 468 -97.00 52.01 -65.19
C SER AA 468 -97.79 52.99 -64.33
N ARG AA 469 -97.06 53.76 -63.52
CA ARG AA 469 -97.64 54.89 -62.85
C ARG AA 469 -98.00 55.95 -63.91
N TRP AA 470 -98.94 56.82 -63.56
CA TRP AA 470 -99.54 57.74 -64.54
C TRP AA 470 -99.79 59.10 -63.91
N MET AA 471 -99.29 60.16 -64.55
CA MET AA 471 -99.40 61.49 -63.98
C MET AA 471 -100.09 62.47 -64.93
N ALA AA 472 -100.80 63.44 -64.37
CA ALA AA 472 -101.40 64.49 -65.17
C ALA AA 472 -101.44 65.77 -64.37
N ILE AA 473 -101.37 66.91 -65.05
CA ILE AA 473 -101.55 68.21 -64.41
C ILE AA 473 -102.92 68.73 -64.81
N LYS AA 474 -103.75 69.10 -63.84
CA LYS AA 474 -105.11 69.58 -64.12
C LYS AA 474 -105.30 71.02 -63.67
N LEU AA 475 -105.52 71.90 -64.63
CA LEU AA 475 -105.86 73.30 -64.34
C LEU AA 475 -107.38 73.52 -64.41
N ASP AA 476 -107.96 74.23 -63.45
CA ASP AA 476 -109.39 74.54 -63.51
C ASP AA 476 -109.65 76.05 -63.72
N GLN AA 477 -108.60 76.86 -63.58
CA GLN AA 477 -108.69 78.29 -63.77
C GLN AA 477 -107.49 78.74 -64.59
N ALA AA 478 -107.21 78.02 -65.66
CA ALA AA 478 -105.96 78.20 -66.40
C ALA AA 478 -105.77 79.61 -66.93
N LYS AA 479 -106.87 80.29 -67.25
CA LYS AA 479 -106.80 81.65 -67.78
C LYS AA 479 -106.29 82.64 -66.73
N SER AA 480 -106.31 82.23 -65.47
CA SER AA 480 -105.76 83.07 -64.39
C SER AA 480 -104.26 82.85 -64.21
N ILE AA 481 -103.65 81.99 -65.02
CA ILE AA 481 -102.23 81.70 -64.91
C ILE AA 481 -101.47 82.33 -66.08
N LYS AA 482 -100.44 83.13 -65.78
CA LYS AA 482 -99.66 83.74 -66.85
C LYS AA 482 -98.62 82.76 -67.37
N VAL AA 483 -98.08 81.95 -66.48
CA VAL AA 483 -97.16 80.89 -66.85
C VAL AA 483 -97.12 79.77 -65.81
N LEU AA 484 -97.10 78.54 -66.29
CA LEU AA 484 -96.86 77.37 -65.46
C LEU AA 484 -95.52 76.79 -65.88
N ARG AA 485 -94.50 76.88 -65.03
CA ARG AA 485 -93.19 76.31 -65.36
C ARG AA 485 -92.95 74.99 -64.64
N VAL AA 486 -92.46 74.00 -65.37
CA VAL AA 486 -92.11 72.72 -64.76
C VAL AA 486 -90.61 72.46 -64.86
N LEU AA 487 -89.91 72.48 -63.72
CA LEU AA 487 -88.51 72.09 -63.66
C LEU AA 487 -88.35 70.64 -63.17
N CYS AA 488 -87.29 69.99 -63.60
CA CYS AA 488 -87.01 68.64 -63.10
C CYS AA 488 -85.54 68.46 -62.73
N LYS AA 489 -85.27 67.47 -61.90
CA LYS AA 489 -83.94 67.16 -61.38
C LYS AA 489 -83.88 65.65 -61.20
N PRO AA 490 -83.17 64.97 -62.11
CA PRO AA 490 -83.11 63.52 -62.09
C PRO AA 490 -82.47 63.01 -60.80
N ARG AA 491 -83.14 62.06 -60.16
CA ARG AA 491 -82.56 61.35 -59.02
C ARG AA 491 -81.39 60.50 -59.49
N PRO AA 492 -80.39 60.37 -58.63
CA PRO AA 492 -79.17 59.64 -58.96
C PRO AA 492 -79.54 58.26 -59.49
N GLY AA 493 -78.82 57.84 -60.53
CA GLY AA 493 -79.06 56.54 -61.11
C GLY AA 493 -80.02 56.57 -62.28
N PHE AA 494 -80.30 57.76 -62.82
CA PHE AA 494 -81.12 57.84 -64.02
C PHE AA 494 -80.34 57.22 -65.17
N SER AA 495 -80.91 56.20 -65.80
CA SER AA 495 -80.14 55.35 -66.71
C SER AA 495 -80.55 55.44 -68.17
N PHE AA 496 -79.55 55.34 -69.04
CA PHE AA 496 -79.75 55.34 -70.48
C PHE AA 496 -79.18 54.08 -71.12
N TYR AA 497 -79.89 53.54 -72.10
CA TYR AA 497 -79.51 52.28 -72.73
C TYR AA 497 -79.38 52.45 -74.24
N GLY AA 498 -78.25 51.97 -74.79
CA GLY AA 498 -78.04 51.95 -76.23
C GLY AA 498 -77.88 53.30 -76.91
N ARG AA 499 -76.64 53.76 -77.02
CA ARG AA 499 -76.38 55.06 -77.63
C ARG AA 499 -76.81 55.06 -79.08
N THR AA 500 -77.43 56.17 -79.49
CA THR AA 500 -77.90 56.34 -80.86
C THR AA 500 -77.99 57.84 -81.19
N SER AA 501 -78.75 58.18 -82.23
CA SER AA 501 -78.86 59.58 -82.61
C SER AA 501 -80.30 59.98 -82.90
N PHE AA 502 -80.51 61.26 -83.13
CA PHE AA 502 -81.86 61.79 -83.25
C PHE AA 502 -81.91 62.99 -84.17
N PRO AA 503 -82.18 62.75 -85.46
CA PRO AA 503 -82.33 63.83 -86.45
C PRO AA 503 -83.68 64.53 -86.36
N VAL AA 504 -83.65 65.86 -86.35
CA VAL AA 504 -84.85 66.67 -86.42
C VAL AA 504 -84.69 67.80 -87.43
N GLY BA 1 -109.49 16.67 -28.16
CA GLY BA 1 -110.63 15.79 -28.30
C GLY BA 1 -111.74 16.32 -29.21
N LEU BA 2 -112.70 15.47 -29.54
CA LEU BA 2 -113.83 15.89 -30.36
C LEU BA 2 -114.57 17.05 -29.67
N ALA BA 3 -114.70 18.17 -30.37
CA ALA BA 3 -115.22 19.39 -29.76
C ALA BA 3 -116.61 19.73 -30.27
N GLY BA 4 -116.88 19.36 -31.52
CA GLY BA 4 -118.17 19.62 -32.12
C GLY BA 4 -118.33 18.85 -33.41
N ARG BA 5 -119.56 18.72 -33.90
CA ARG BA 5 -119.80 17.97 -35.13
C ARG BA 5 -121.01 18.48 -35.88
N GLY BA 6 -121.15 18.01 -37.11
CA GLY BA 6 -122.19 18.46 -38.00
C GLY BA 6 -122.31 17.53 -39.20
N VAL BA 7 -123.35 17.72 -39.99
CA VAL BA 7 -123.60 16.82 -41.10
C VAL BA 7 -123.87 17.61 -42.38
N ILE BA 8 -123.24 17.20 -43.47
CA ILE BA 8 -123.52 17.79 -44.78
C ILE BA 8 -124.30 16.78 -45.64
N TYR BA 9 -125.36 17.22 -46.32
CA TYR BA 9 -126.06 16.30 -47.24
C TYR BA 9 -125.62 16.44 -48.71
N ILE BA 10 -125.15 15.33 -49.25
CA ILE BA 10 -124.78 15.26 -50.65
C ILE BA 10 -125.94 14.63 -51.44
N PRO BA 11 -126.35 15.27 -52.55
CA PRO BA 11 -127.40 14.73 -53.41
C PRO BA 11 -126.85 13.62 -54.30
N LYS BA 12 -127.75 12.78 -54.81
CA LYS BA 12 -127.36 11.68 -55.67
C LYS BA 12 -126.78 12.23 -56.96
N ASP BA 13 -127.34 13.34 -57.42
CA ASP BA 13 -126.72 14.01 -58.55
C ASP BA 13 -126.08 15.31 -58.06
N CYS BA 14 -124.82 15.22 -57.69
CA CYS BA 14 -124.09 16.38 -57.22
C CYS BA 14 -123.37 17.03 -58.40
N GLN BA 15 -123.90 18.16 -58.87
CA GLN BA 15 -123.40 18.86 -60.06
C GLN BA 15 -122.39 19.94 -59.68
N ALA BA 16 -121.57 20.36 -60.64
CA ALA BA 16 -120.68 21.51 -60.37
C ALA BA 16 -121.45 22.70 -59.84
N ASN BA 17 -120.90 23.34 -58.82
CA ASN BA 17 -121.48 24.55 -58.24
C ASN BA 17 -122.64 24.39 -57.27
N ARG BA 18 -123.03 23.16 -56.95
CA ARG BA 18 -124.06 22.95 -55.93
C ARG BA 18 -123.61 23.42 -54.57
N TYR BA 19 -124.41 24.30 -53.96
CA TYR BA 19 -124.23 24.60 -52.54
C TYR BA 19 -124.71 23.38 -51.74
N LEU BA 20 -123.91 22.91 -50.80
CA LEU BA 20 -124.24 21.71 -50.04
C LEU BA 20 -124.72 22.04 -48.64
N GLY BA 21 -124.26 23.18 -48.13
CA GLY BA 21 -124.66 23.63 -46.81
C GLY BA 21 -123.58 24.43 -46.10
N THR BA 22 -123.98 25.05 -44.99
CA THR BA 22 -123.04 25.77 -44.14
C THR BA 22 -123.13 25.28 -42.70
N LEU BA 23 -121.98 25.06 -42.08
CA LEU BA 23 -121.95 24.70 -40.68
C LEU BA 23 -121.47 25.91 -39.94
N ASN BA 24 -122.08 26.18 -38.81
CA ASN BA 24 -121.65 27.28 -37.97
C ASN BA 24 -120.70 26.75 -36.88
N ILE BA 25 -119.44 27.17 -36.93
CA ILE BA 25 -118.43 26.57 -36.07
C ILE BA 25 -118.82 26.63 -34.61
N ARG BA 26 -119.39 27.75 -34.20
CA ARG BA 26 -119.67 27.87 -32.78
C ARG BA 26 -120.86 27.01 -32.39
N ASP BA 27 -121.85 26.95 -33.27
CA ASP BA 27 -122.99 26.05 -33.05
C ASP BA 27 -122.60 24.58 -33.05
N MET BA 28 -121.64 24.16 -33.87
CA MET BA 28 -121.15 22.79 -33.83
C MET BA 28 -120.65 22.40 -32.44
N ILE BA 29 -119.94 23.33 -31.81
CA ILE BA 29 -119.37 23.09 -30.49
C ILE BA 29 -120.44 23.17 -29.39
N SER BA 30 -121.36 24.12 -29.52
CA SER BA 30 -122.38 24.32 -28.48
C SER BA 30 -123.54 23.32 -28.53
N ASP BA 31 -123.89 22.84 -29.72
CA ASP BA 31 -124.95 21.85 -29.85
C ASP BA 31 -124.44 20.49 -29.36
N PHE BA 32 -123.14 20.27 -29.50
CA PHE BA 32 -122.52 19.04 -29.06
C PHE BA 32 -122.46 19.02 -27.53
N LYS BA 33 -121.73 19.96 -26.95
CA LYS BA 33 -121.95 20.34 -25.56
C LYS BA 33 -121.69 19.26 -24.51
N GLY BA 34 -120.61 18.48 -24.60
CA GLY BA 34 -119.34 18.87 -25.19
C GLY BA 34 -118.41 19.02 -23.98
N VAL BA 35 -117.41 18.15 -23.81
CA VAL BA 35 -116.42 18.38 -22.75
C VAL BA 35 -115.67 19.65 -23.06
N GLN BA 36 -115.40 19.87 -24.35
CA GLN BA 36 -114.69 21.06 -24.78
C GLN BA 36 -115.56 22.31 -24.62
N TYR BA 37 -116.84 22.19 -24.97
CA TYR BA 37 -117.78 23.30 -24.79
C TYR BA 37 -117.81 23.76 -23.35
N GLU BA 38 -117.87 22.82 -22.42
CA GLU BA 38 -117.88 23.18 -21.02
C GLU BA 38 -116.55 23.79 -20.55
N LYS BA 39 -115.41 23.35 -21.09
CA LYS BA 39 -114.13 23.98 -20.76
C LYS BA 39 -114.13 25.42 -21.25
N TRP BA 40 -114.87 25.65 -22.32
CA TRP BA 40 -114.94 26.94 -22.99
C TRP BA 40 -115.67 27.97 -22.11
N ILE BA 41 -116.81 27.56 -21.56
CA ILE BA 41 -117.58 28.42 -20.66
C ILE BA 41 -116.69 28.97 -19.54
N THR BA 42 -115.78 28.15 -19.04
CA THR BA 42 -114.92 28.58 -17.94
C THR BA 42 -113.78 29.48 -18.40
N ALA BA 43 -113.26 29.18 -19.59
CA ALA BA 43 -112.19 29.97 -20.16
C ALA BA 43 -112.71 31.38 -20.49
N GLY BA 44 -113.94 31.43 -20.97
CA GLY BA 44 -114.48 32.65 -21.54
C GLY BA 44 -114.05 32.87 -22.97
N LEU BA 45 -112.74 33.12 -23.16
CA LEU BA 45 -112.15 33.31 -24.48
C LEU BA 45 -111.28 32.13 -24.91
N VAL BA 46 -111.43 31.68 -26.14
CA VAL BA 46 -110.56 30.63 -26.68
C VAL BA 46 -109.97 31.02 -28.05
N MET BA 47 -108.72 30.63 -28.31
CA MET BA 47 -108.07 30.85 -29.61
C MET BA 47 -107.61 29.55 -30.22
N PRO BA 48 -108.57 28.65 -30.52
CA PRO BA 48 -108.27 27.23 -30.74
C PRO BA 48 -107.33 26.99 -31.92
N THR BA 49 -106.63 25.86 -31.87
CA THR BA 49 -106.13 25.25 -33.08
C THR BA 49 -107.01 24.03 -33.36
N PHE BA 50 -107.85 24.13 -34.39
CA PHE BA 50 -108.78 23.06 -34.75
C PHE BA 50 -108.13 22.07 -35.71
N LYS BA 51 -108.47 20.80 -35.56
CA LYS BA 51 -108.29 19.85 -36.63
C LYS BA 51 -109.69 19.61 -37.15
N ILE BA 52 -109.93 19.90 -38.43
CA ILE BA 52 -111.21 19.60 -39.02
C ILE BA 52 -111.07 18.30 -39.78
N VAL BA 53 -112.05 17.42 -39.57
CA VAL BA 53 -112.03 16.12 -40.25
C VAL BA 53 -113.37 15.93 -40.93
N ILE BA 54 -113.32 15.64 -42.22
CA ILE BA 54 -114.53 15.33 -42.98
C ILE BA 54 -114.57 13.86 -43.33
N ARG BA 55 -115.53 13.15 -42.76
CA ARG BA 55 -115.65 11.72 -43.00
C ARG BA 55 -116.60 11.41 -44.14
N LEU BA 56 -116.15 10.52 -44.99
CA LEU BA 56 -116.40 10.64 -46.41
C LEU BA 56 -115.92 9.31 -46.97
N PRO BA 57 -116.81 8.56 -47.62
CA PRO BA 57 -116.38 7.27 -48.17
C PRO BA 57 -115.54 7.44 -49.43
N ALA BA 58 -114.31 6.96 -49.41
CA ALA BA 58 -113.44 7.13 -50.56
C ALA BA 58 -113.98 6.42 -51.78
N ASN BA 59 -113.92 7.09 -52.93
CA ASN BA 59 -114.41 6.51 -54.17
C ASN BA 59 -113.70 7.07 -55.40
N ALA BA 60 -113.17 6.17 -56.23
CA ALA BA 60 -112.42 6.63 -57.40
C ALA BA 60 -113.27 6.69 -58.67
N PHE BA 61 -114.56 6.44 -58.52
CA PHE BA 61 -115.41 6.28 -59.69
C PHE BA 61 -116.44 7.39 -59.89
N THR BA 62 -116.21 8.55 -59.29
CA THR BA 62 -117.19 9.64 -59.38
C THR BA 62 -116.63 10.90 -60.03
N GLY BA 63 -115.39 11.24 -59.70
CA GLY BA 63 -114.82 12.48 -60.19
C GLY BA 63 -115.17 13.69 -59.32
N LEU BA 64 -115.92 13.44 -58.25
CA LEU BA 64 -116.35 14.48 -57.33
C LEU BA 64 -115.21 15.18 -56.60
N THR BA 65 -115.22 16.51 -56.62
CA THR BA 65 -114.33 17.30 -55.80
C THR BA 65 -115.12 18.42 -55.12
N TRP BA 66 -114.96 18.57 -53.82
CA TRP BA 66 -115.68 19.58 -53.06
C TRP BA 66 -114.72 20.63 -52.54
N VAL BA 67 -115.27 21.77 -52.15
CA VAL BA 67 -114.46 22.79 -51.49
C VAL BA 67 -115.01 23.16 -50.13
N MET BA 68 -114.18 23.02 -49.10
CA MET BA 68 -114.52 23.57 -47.80
C MET BA 68 -113.93 24.97 -47.72
N SER BA 69 -114.79 25.97 -47.46
CA SER BA 69 -114.37 27.37 -47.41
C SER BA 69 -114.54 27.89 -46.00
N PHE BA 70 -113.45 28.38 -45.41
CA PHE BA 70 -113.47 28.95 -44.06
C PHE BA 70 -113.79 30.42 -44.13
N ASP BA 71 -115.03 30.76 -43.78
CA ASP BA 71 -115.50 32.11 -43.88
C ASP BA 71 -115.70 32.69 -42.48
N ALA BA 72 -114.62 33.09 -41.82
CA ALA BA 72 -114.76 33.48 -40.42
C ALA BA 72 -115.61 34.76 -40.24
N TYR BA 73 -115.68 35.57 -41.29
CA TYR BA 73 -116.34 36.87 -41.16
C TYR BA 73 -117.59 36.98 -42.02
N ASN BA 74 -118.11 35.84 -42.43
CA ASN BA 74 -119.40 35.76 -43.08
C ASN BA 74 -119.51 36.65 -44.31
N ARG BA 75 -118.53 36.56 -45.20
CA ARG BA 75 -118.43 37.47 -46.35
C ARG BA 75 -118.94 36.89 -47.69
N ILE BA 76 -119.02 35.57 -47.81
CA ILE BA 76 -119.57 34.98 -49.05
C ILE BA 76 -120.89 34.23 -48.88
N THR BA 77 -121.35 34.05 -47.65
CA THR BA 77 -122.52 33.22 -47.39
C THR BA 77 -123.72 33.61 -48.23
N SER BA 78 -124.04 34.90 -48.17
CA SER BA 78 -125.23 35.43 -48.83
C SER BA 78 -125.23 35.20 -50.34
N ARG BA 79 -124.04 34.98 -50.90
CA ARG BA 79 -123.85 34.90 -52.36
C ARG BA 79 -123.66 33.49 -52.94
N ILE BA 80 -123.75 32.46 -52.10
CA ILE BA 80 -123.55 31.09 -52.57
C ILE BA 80 -124.70 30.13 -52.23
N THR BA 81 -125.72 30.62 -51.51
CA THR BA 81 -126.76 29.71 -51.01
C THR BA 81 -127.72 29.16 -52.07
N ALA BA 82 -127.87 29.84 -53.20
CA ALA BA 82 -128.66 29.28 -54.30
C ALA BA 82 -127.74 28.63 -55.30
N SER BA 83 -126.52 29.14 -55.39
CA SER BA 83 -125.51 28.53 -56.22
C SER BA 83 -124.14 29.09 -55.90
N ALA BA 84 -123.17 28.19 -55.81
CA ALA BA 84 -121.84 28.59 -55.41
C ALA BA 84 -120.96 28.66 -56.64
N ASP BA 85 -120.57 29.87 -57.02
CA ASP BA 85 -119.57 30.05 -58.07
C ASP BA 85 -118.18 29.95 -57.46
N PRO BA 86 -117.29 29.19 -58.10
CA PRO BA 86 -115.96 28.98 -57.54
C PRO BA 86 -115.21 30.28 -57.22
N VAL BA 87 -115.50 31.38 -57.91
CA VAL BA 87 -114.84 32.65 -57.60
C VAL BA 87 -115.10 33.10 -56.17
N TYR BA 88 -116.32 32.90 -55.68
CA TYR BA 88 -116.62 33.15 -54.27
C TYR BA 88 -115.97 32.13 -53.33
N THR BA 89 -116.19 30.84 -53.61
CA THR BA 89 -115.77 29.78 -52.69
C THR BA 89 -114.24 29.70 -52.54
N LEU BA 90 -113.51 30.17 -53.54
CA LEU BA 90 -112.05 30.13 -53.51
C LEU BA 90 -111.41 31.46 -53.06
N SER BA 91 -112.24 32.46 -52.78
CA SER BA 91 -111.75 33.79 -52.42
C SER BA 91 -111.42 33.94 -50.93
N VAL BA 92 -111.79 32.91 -50.15
CA VAL BA 92 -111.43 32.84 -48.73
C VAL BA 92 -110.60 31.59 -48.47
N PRO BA 93 -109.94 31.51 -47.30
CA PRO BA 93 -109.15 30.30 -47.06
C PRO BA 93 -110.00 29.06 -47.32
N HIS BA 94 -109.42 28.07 -47.99
CA HIS BA 94 -110.21 26.93 -48.44
C HIS BA 94 -109.34 25.70 -48.70
N TRP BA 95 -110.01 24.56 -48.86
CA TRP BA 95 -109.32 23.30 -49.06
C TRP BA 95 -110.06 22.46 -50.08
N LEU BA 96 -109.30 21.80 -50.96
CA LEU BA 96 -109.92 20.89 -51.92
C LEU BA 96 -110.12 19.52 -51.31
N ILE BA 97 -111.32 18.98 -51.48
CA ILE BA 97 -111.63 17.66 -50.96
C ILE BA 97 -111.89 16.72 -52.10
N HIS BA 98 -110.91 15.88 -52.40
CA HIS BA 98 -111.06 14.90 -53.48
C HIS BA 98 -111.71 13.61 -53.02
N HIS BA 99 -112.72 13.18 -53.77
CA HIS BA 99 -113.48 12.00 -53.39
C HIS BA 99 -112.62 10.76 -53.44
N LYS BA 100 -111.64 10.73 -54.35
CA LYS BA 100 -110.77 9.57 -54.46
C LYS BA 100 -109.92 9.34 -53.21
N LEU BA 101 -109.67 10.40 -52.44
CA LEU BA 101 -108.84 10.31 -51.24
C LEU BA 101 -109.59 9.97 -49.94
N GLY BA 102 -110.92 9.90 -50.04
CA GLY BA 102 -111.75 9.62 -48.88
C GLY BA 102 -111.68 10.67 -47.77
N THR BA 103 -111.61 10.18 -46.54
CA THR BA 103 -111.67 11.05 -45.37
C THR BA 103 -110.55 12.10 -45.38
N PHE BA 104 -110.96 13.34 -45.11
CA PHE BA 104 -110.11 14.52 -45.29
C PHE BA 104 -109.86 15.17 -43.97
N SER BA 105 -108.67 15.73 -43.82
CA SER BA 105 -108.32 16.43 -42.60
C SER BA 105 -107.45 17.67 -42.85
N CYS BA 106 -107.59 18.70 -42.02
CA CYS BA 106 -106.69 19.85 -42.07
C CYS BA 106 -106.65 20.60 -40.75
N GLU BA 107 -105.69 21.50 -40.60
CA GLU BA 107 -105.59 22.30 -39.39
C GLU BA 107 -105.95 23.74 -39.65
N ILE BA 108 -106.68 24.30 -38.69
CA ILE BA 108 -107.03 25.69 -38.76
C ILE BA 108 -106.49 26.33 -37.49
N ASP BA 109 -105.47 27.16 -37.64
CA ASP BA 109 -105.00 27.96 -36.53
C ASP BA 109 -105.89 29.19 -36.48
N TYR BA 110 -106.86 29.17 -35.58
CA TYR BA 110 -107.85 30.22 -35.53
C TYR BA 110 -107.17 31.55 -35.25
N GLY BA 111 -106.00 31.51 -34.61
CA GLY BA 111 -105.22 32.72 -34.40
C GLY BA 111 -104.82 33.42 -35.68
N GLU BA 112 -104.44 32.64 -36.68
CA GLU BA 112 -104.04 33.18 -37.98
C GLU BA 112 -105.21 33.41 -38.92
N LEU BA 113 -105.92 32.33 -39.25
CA LEU BA 113 -107.02 32.40 -40.21
C LEU BA 113 -108.19 33.29 -39.79
N CYS BA 114 -108.33 33.50 -38.48
CA CYS BA 114 -109.41 34.37 -38.02
C CYS BA 114 -108.90 35.65 -37.36
N GLY BA 115 -108.12 35.53 -36.28
CA GLY BA 115 -107.50 36.69 -35.65
C GLY BA 115 -108.09 37.21 -34.35
N HIS BA 116 -109.37 36.96 -34.09
CA HIS BA 116 -109.94 37.30 -32.78
C HIS BA 116 -110.46 36.08 -32.01
N ALA BA 117 -110.37 36.15 -30.69
CA ALA BA 117 -110.74 35.01 -29.83
C ALA BA 117 -112.27 34.88 -29.67
N MET BA 118 -112.73 33.64 -29.53
CA MET BA 118 -114.16 33.34 -29.46
C MET BA 118 -114.73 33.45 -28.05
N TRP BA 119 -115.81 34.18 -27.92
CA TRP BA 119 -116.46 34.42 -26.64
C TRP BA 119 -117.57 33.37 -26.45
N PHE BA 120 -117.55 32.69 -25.32
CA PHE BA 120 -118.44 31.57 -25.11
C PHE BA 120 -119.93 31.90 -25.25
N LYS BA 121 -120.33 33.11 -24.85
CA LYS BA 121 -121.77 33.41 -24.74
C LYS BA 121 -122.45 33.95 -25.99
N SER BA 122 -121.66 34.55 -26.88
CA SER BA 122 -122.22 35.18 -28.06
C SER BA 122 -121.16 35.50 -29.10
N THR BA 123 -121.60 35.62 -30.34
CA THR BA 123 -120.71 36.05 -31.39
C THR BA 123 -120.23 37.48 -31.09
N THR BA 124 -118.94 37.73 -31.28
CA THR BA 124 -118.39 39.07 -31.09
C THR BA 124 -118.60 39.93 -32.34
N PHE BA 125 -117.93 39.56 -33.43
CA PHE BA 125 -118.10 40.32 -34.65
C PHE BA 125 -119.11 39.68 -35.56
N GLU BA 126 -118.65 38.75 -36.39
CA GLU BA 126 -119.60 37.92 -37.09
C GLU BA 126 -119.36 36.47 -36.73
N SER BA 127 -120.34 35.62 -37.05
CA SER BA 127 -120.32 34.20 -36.69
C SER BA 127 -119.59 33.35 -37.73
N PRO BA 128 -118.48 32.71 -37.33
CA PRO BA 128 -117.60 31.91 -38.20
C PRO BA 128 -118.27 30.70 -38.84
N ARG BA 129 -118.20 30.58 -40.17
CA ARG BA 129 -118.86 29.50 -40.88
C ARG BA 129 -117.90 28.62 -41.66
N LEU BA 130 -118.30 27.36 -41.88
CA LEU BA 130 -117.67 26.51 -42.88
C LEU BA 130 -118.67 26.25 -43.99
N HIS BA 131 -118.32 26.58 -45.23
CA HIS BA 131 -119.21 26.32 -46.37
C HIS BA 131 -118.73 25.11 -47.15
N PHE BA 132 -119.68 24.28 -47.57
CA PHE BA 132 -119.38 23.12 -48.38
C PHE BA 132 -120.06 23.19 -49.74
N THR BA 133 -119.24 23.24 -50.78
CA THR BA 133 -119.71 23.42 -52.14
C THR BA 133 -119.05 22.37 -53.02
N CYS BA 134 -119.65 22.14 -54.19
CA CYS BA 134 -119.11 21.16 -55.12
C CYS BA 134 -118.36 21.85 -56.25
N LEU BA 135 -117.06 21.55 -56.40
CA LEU BA 135 -116.22 22.25 -57.37
C LEU BA 135 -116.30 21.61 -58.73
N THR BA 136 -116.14 20.30 -58.76
CA THR BA 136 -116.33 19.48 -59.97
C THR BA 136 -117.36 18.40 -59.67
N GLY BA 137 -118.32 18.25 -60.57
CA GLY BA 137 -119.44 17.34 -60.34
C GLY BA 137 -119.14 15.88 -60.62
N ASN BA 138 -120.07 15.01 -60.26
CA ASN BA 138 -119.92 13.59 -60.55
C ASN BA 138 -120.15 13.35 -62.03
N ASN BA 139 -119.52 12.32 -62.57
CA ASN BA 139 -119.57 12.04 -64.00
C ASN BA 139 -120.95 11.57 -64.43
N LYS BA 140 -121.66 10.95 -63.49
CA LYS BA 140 -123.04 10.50 -63.65
C LYS BA 140 -123.56 10.47 -62.24
N GLU BA 141 -124.87 10.55 -62.06
CA GLU BA 141 -125.39 10.56 -60.70
C GLU BA 141 -125.05 9.25 -60.01
N LEU BA 142 -125.02 9.30 -58.69
CA LEU BA 142 -124.80 8.11 -57.88
C LEU BA 142 -126.12 7.37 -57.63
N ALA BA 143 -126.06 6.31 -56.86
CA ALA BA 143 -127.24 5.45 -56.70
C ALA BA 143 -128.28 6.09 -55.82
N ALA BA 144 -127.85 6.89 -54.83
CA ALA BA 144 -128.79 7.49 -53.88
C ALA BA 144 -128.19 8.68 -53.15
N ASP BA 145 -129.04 9.48 -52.50
CA ASP BA 145 -128.57 10.56 -51.64
C ASP BA 145 -127.72 9.98 -50.53
N TRP BA 146 -126.74 10.74 -50.05
CA TRP BA 146 -125.91 10.32 -48.93
C TRP BA 146 -125.50 11.51 -48.08
N GLN BA 147 -124.66 11.25 -47.07
CA GLN BA 147 -124.18 12.34 -46.22
C GLN BA 147 -122.72 12.17 -45.87
N ALA BA 148 -122.09 13.28 -45.50
CA ALA BA 148 -120.75 13.28 -44.97
C ALA BA 148 -120.78 13.89 -43.58
N VAL BA 149 -119.86 13.49 -42.71
CA VAL BA 149 -119.81 14.01 -41.35
C VAL BA 149 -118.62 14.94 -41.19
N VAL BA 150 -118.85 16.12 -40.60
CA VAL BA 150 -117.80 17.07 -40.30
C VAL BA 150 -117.52 17.12 -38.79
N GLU BA 151 -116.25 16.96 -38.41
CA GLU BA 151 -115.89 16.95 -37.01
C GLU BA 151 -114.81 17.97 -36.66
N LEU BA 152 -114.99 18.68 -35.53
CA LEU BA 152 -113.98 19.61 -34.99
C LEU BA 152 -113.29 19.00 -33.79
N TYR BA 153 -111.96 18.90 -33.87
CA TYR BA 153 -111.17 18.37 -32.76
C TYR BA 153 -110.33 19.51 -32.24
N ALA BA 154 -110.27 19.66 -30.92
CA ALA BA 154 -109.53 20.76 -30.34
C ALA BA 154 -109.33 20.50 -28.87
N GLU BA 155 -108.25 21.01 -28.31
CA GLU BA 155 -108.11 21.10 -26.86
C GLU BA 155 -108.18 22.56 -26.40
N LEU BA 156 -109.40 23.02 -26.12
CA LEU BA 156 -109.64 24.42 -25.80
C LEU BA 156 -108.99 24.82 -24.49
N GLU BA 157 -108.19 25.88 -24.55
CA GLU BA 157 -107.70 26.48 -23.33
C GLU BA 157 -107.94 27.99 -23.35
N GLU BA 158 -107.94 28.60 -22.16
CA GLU BA 158 -108.24 30.03 -22.04
C GLU BA 158 -107.29 30.89 -22.83
N ALA BA 159 -107.85 31.83 -23.59
CA ALA BA 159 -107.07 32.75 -24.40
C ALA BA 159 -106.52 33.91 -23.55
N THR BA 160 -105.25 34.19 -23.75
CA THR BA 160 -104.56 35.20 -22.97
C THR BA 160 -104.85 36.61 -23.54
N SER BA 161 -105.01 36.73 -24.86
CA SER BA 161 -105.24 38.02 -25.51
C SER BA 161 -106.47 38.01 -26.41
N PHE BA 162 -107.03 39.16 -26.72
CA PHE BA 162 -108.18 39.19 -27.62
C PHE BA 162 -107.76 38.95 -29.06
N LEU BA 163 -106.63 39.52 -29.43
CA LEU BA 163 -106.17 39.51 -30.81
C LEU BA 163 -105.13 38.44 -31.05
N GLY BA 164 -105.16 37.87 -32.25
CA GLY BA 164 -104.14 36.92 -32.68
C GLY BA 164 -102.85 37.63 -33.09
N LYS BA 165 -102.05 36.96 -33.90
CA LYS BA 165 -100.90 37.62 -34.51
C LYS BA 165 -101.38 38.01 -35.90
N PRO BA 166 -100.94 39.19 -36.38
CA PRO BA 166 -101.43 39.73 -37.65
C PRO BA 166 -100.97 38.89 -38.83
N THR BA 167 -101.92 38.48 -39.66
CA THR BA 167 -101.65 37.78 -40.91
C THR BA 167 -100.77 38.62 -41.84
N LEU BA 168 -100.93 39.95 -41.80
CA LEU BA 168 -100.28 40.86 -42.75
C LEU BA 168 -99.99 42.21 -42.14
N VAL BA 169 -98.81 42.77 -42.43
CA VAL BA 169 -98.51 44.13 -42.02
C VAL BA 169 -98.22 45.01 -43.22
N PHE BA 170 -98.90 46.15 -43.29
CA PHE BA 170 -98.85 46.96 -44.50
C PHE BA 170 -97.47 47.45 -44.84
N ASP BA 171 -97.06 47.19 -46.08
CA ASP BA 171 -95.78 47.59 -46.64
C ASP BA 171 -95.89 47.53 -48.16
N PRO BA 172 -95.76 48.69 -48.82
CA PRO BA 172 -95.92 48.90 -50.26
C PRO BA 172 -94.88 48.13 -51.02
N GLY BA 173 -93.67 48.13 -50.46
CA GLY BA 173 -92.52 47.59 -51.14
C GLY BA 173 -92.33 46.10 -50.88
N VAL BA 174 -93.38 45.45 -50.37
CA VAL BA 174 -93.23 44.04 -50.03
C VAL BA 174 -94.41 43.15 -50.43
N PHE BA 175 -94.14 42.50 -51.55
CA PHE BA 175 -94.87 41.38 -52.12
C PHE BA 175 -93.77 40.39 -52.49
N ASN BA 176 -93.60 39.36 -51.67
CA ASN BA 176 -92.55 38.35 -51.89
C ASN BA 176 -92.63 37.67 -53.27
N GLY BA 177 -93.79 37.12 -53.58
CA GLY BA 177 -93.95 36.30 -54.77
C GLY BA 177 -94.49 34.93 -54.39
N LYS BA 178 -94.62 34.67 -53.09
CA LYS BA 178 -95.25 33.47 -52.58
C LYS BA 178 -96.74 33.72 -52.31
N PHE BA 179 -97.59 32.74 -52.61
CA PHE BA 179 -99.02 32.87 -52.39
C PHE BA 179 -99.54 31.79 -51.43
N GLN BA 180 -100.67 32.07 -50.78
CA GLN BA 180 -101.47 31.00 -50.17
C GLN BA 180 -102.89 31.09 -50.66
N PHE BA 181 -103.56 29.94 -50.76
CA PHE BA 181 -104.96 29.87 -51.16
C PHE BA 181 -105.26 30.52 -52.51
N LEU BA 182 -104.33 30.36 -53.46
CA LEU BA 182 -104.56 30.86 -54.80
C LEU BA 182 -104.95 29.68 -55.67
N THR BA 183 -106.25 29.50 -55.85
CA THR BA 183 -106.78 28.39 -56.62
C THR BA 183 -107.60 28.95 -57.79
N CYS BA 184 -107.30 28.51 -59.00
CA CYS BA 184 -108.05 28.92 -60.18
C CYS BA 184 -109.30 28.09 -60.33
N PRO BA 185 -110.40 28.72 -60.71
CA PRO BA 185 -111.61 27.94 -61.02
C PRO BA 185 -111.32 26.86 -62.05
N PRO BA 186 -112.13 25.80 -62.03
CA PRO BA 186 -111.85 24.61 -62.83
C PRO BA 186 -111.86 24.95 -64.31
N ILE BA 187 -110.94 24.34 -65.02
CA ILE BA 187 -110.84 24.38 -66.48
C ILE BA 187 -111.41 23.05 -67.03
N PHE BA 188 -112.22 23.10 -68.08
CA PHE BA 188 -112.86 21.87 -68.59
C PHE BA 188 -112.45 21.46 -70.01
N PHE BA 189 -112.26 20.16 -70.23
CA PHE BA 189 -111.98 19.61 -71.57
C PHE BA 189 -113.08 18.66 -72.03
N ASP BA 190 -113.56 18.88 -73.25
CA ASP BA 190 -114.60 18.02 -73.81
C ASP BA 190 -113.94 16.77 -74.36
N LEU BA 191 -114.62 15.64 -74.26
CA LEU BA 191 -114.04 14.42 -74.84
C LEU BA 191 -114.45 14.22 -76.30
N THR BA 192 -115.27 15.14 -76.78
CA THR BA 192 -115.64 15.14 -78.19
C THR BA 192 -114.66 15.94 -79.04
N ALA BA 193 -113.49 16.21 -78.47
CA ALA BA 193 -112.48 17.01 -79.15
C ALA BA 193 -111.12 16.32 -79.15
N VAL BA 194 -110.56 16.11 -80.33
CA VAL BA 194 -109.30 15.38 -80.40
C VAL BA 194 -108.09 16.13 -79.78
N THR BA 195 -108.07 17.46 -79.92
CA THR BA 195 -107.17 18.31 -79.16
C THR BA 195 -107.93 19.54 -78.68
N ALA BA 196 -107.32 20.30 -77.78
CA ALA BA 196 -107.97 21.51 -77.29
C ALA BA 196 -107.01 22.40 -76.53
N LEU BA 197 -107.38 23.68 -76.43
CA LEU BA 197 -106.59 24.62 -75.65
C LEU BA 197 -107.45 25.25 -74.58
N ARG BA 198 -106.88 25.42 -73.39
CA ARG BA 198 -107.51 26.26 -72.38
C ARG BA 198 -106.49 27.21 -71.80
N SER BA 199 -106.81 28.50 -71.89
CA SER BA 199 -105.93 29.53 -71.35
C SER BA 199 -106.26 29.93 -69.91
N ALA BA 200 -105.22 30.17 -69.14
CA ALA BA 200 -105.38 30.79 -67.83
C ALA BA 200 -104.57 32.07 -67.85
N GLY BA 201 -105.21 33.19 -67.59
CA GLY BA 201 -104.54 34.47 -67.58
C GLY BA 201 -103.53 34.56 -66.46
N LEU BA 202 -102.42 35.23 -66.69
CA LEU BA 202 -101.43 35.39 -65.63
C LEU BA 202 -101.37 36.84 -65.16
N THR BA 203 -102.37 37.63 -65.53
CA THR BA 203 -102.46 39.00 -65.05
C THR BA 203 -103.16 39.00 -63.69
N LEU BA 204 -102.44 38.56 -62.67
CA LEU BA 204 -103.00 38.15 -61.40
C LEU BA 204 -103.53 39.29 -60.52
N GLY BA 205 -103.25 40.53 -60.89
CA GLY BA 205 -103.74 41.65 -60.12
C GLY BA 205 -105.16 42.05 -60.48
N GLN BA 206 -105.67 41.43 -61.53
CA GLN BA 206 -107.02 41.71 -62.03
C GLN BA 206 -108.01 41.22 -60.97
N VAL BA 207 -109.04 42.01 -60.71
CA VAL BA 207 -110.07 41.57 -59.75
C VAL BA 207 -111.11 40.66 -60.42
N PRO BA 208 -111.30 39.46 -59.87
CA PRO BA 208 -112.18 38.43 -60.44
C PRO BA 208 -113.62 38.87 -60.36
N MET BA 209 -114.46 38.39 -61.29
CA MET BA 209 -115.85 38.81 -61.27
C MET BA 209 -116.83 37.66 -61.41
N VAL BA 210 -118.02 37.88 -60.89
CA VAL BA 210 -119.11 36.94 -61.03
C VAL BA 210 -120.30 37.75 -61.50
N GLY BA 211 -120.56 37.72 -62.81
CA GLY BA 211 -121.53 38.63 -63.39
C GLY BA 211 -121.03 40.05 -63.27
N THR BA 212 -121.82 40.91 -62.66
CA THR BA 212 -121.44 42.30 -62.47
C THR BA 212 -120.75 42.53 -61.12
N THR BA 213 -120.66 41.47 -60.33
CA THR BA 213 -120.09 41.54 -58.98
C THR BA 213 -118.56 41.39 -58.95
N LYS BA 214 -117.88 42.41 -58.44
CA LYS BA 214 -116.44 42.33 -58.22
C LYS BA 214 -116.15 41.57 -56.92
N VAL BA 215 -115.27 40.58 -56.96
CA VAL BA 215 -114.87 39.87 -55.75
C VAL BA 215 -113.42 40.22 -55.34
N TYR BA 216 -113.26 41.28 -54.55
CA TYR BA 216 -111.94 41.66 -54.09
C TYR BA 216 -111.39 40.52 -53.24
N ASN BA 217 -110.14 40.15 -53.46
CA ASN BA 217 -109.48 39.20 -52.58
C ASN BA 217 -108.01 39.53 -52.32
N LEU BA 218 -107.44 38.94 -51.28
CA LEU BA 218 -106.10 39.32 -50.87
C LEU BA 218 -105.06 39.04 -51.94
N ASN BA 219 -105.17 37.91 -52.63
CA ASN BA 219 -104.15 37.56 -53.63
C ASN BA 219 -104.02 38.56 -54.77
N SER BA 220 -105.13 38.90 -55.40
CA SER BA 220 -105.07 39.89 -56.47
C SER BA 220 -104.61 41.22 -55.90
N THR BA 221 -105.05 41.52 -54.67
CA THR BA 221 -104.63 42.75 -54.01
C THR BA 221 -103.11 42.80 -53.86
N LEU BA 222 -102.53 41.69 -53.42
CA LEU BA 222 -101.08 41.60 -53.26
C LEU BA 222 -100.38 41.85 -54.58
N VAL BA 223 -100.80 41.15 -55.63
CA VAL BA 223 -100.18 41.32 -56.94
C VAL BA 223 -100.25 42.76 -57.41
N SER BA 224 -101.34 43.44 -57.10
CA SER BA 224 -101.52 44.83 -57.52
C SER BA 224 -100.50 45.78 -56.87
N CYS BA 225 -99.79 45.31 -55.85
CA CYS BA 225 -98.77 46.10 -55.15
C CYS BA 225 -97.48 46.22 -55.92
N VAL BA 226 -97.45 45.59 -57.09
CA VAL BA 226 -96.31 45.55 -57.97
C VAL BA 226 -96.74 46.01 -59.37
N LEU BA 227 -95.81 46.42 -60.22
CA LEU BA 227 -96.21 46.86 -61.57
C LEU BA 227 -96.35 45.68 -62.53
N GLY BA 228 -95.57 44.63 -62.28
CA GLY BA 228 -95.59 43.43 -63.10
C GLY BA 228 -94.61 42.41 -62.55
N MET BA 229 -94.57 41.24 -63.17
CA MET BA 229 -93.77 40.14 -62.65
C MET BA 229 -93.37 39.18 -63.75
N GLY BA 230 -92.20 38.59 -63.59
CA GLY BA 230 -91.71 37.57 -64.49
C GLY BA 230 -91.11 36.50 -63.63
N GLY BA 231 -90.70 35.40 -64.24
CA GLY BA 231 -90.12 34.31 -63.48
C GLY BA 231 -90.81 33.00 -63.79
N THR BA 232 -90.78 32.08 -62.84
CA THR BA 232 -91.38 30.78 -63.06
C THR BA 232 -92.57 30.53 -62.14
N VAL BA 233 -93.69 30.13 -62.74
CA VAL BA 233 -94.88 29.81 -62.00
C VAL BA 233 -94.77 28.39 -61.46
N ARG BA 234 -94.69 28.24 -60.13
CA ARG BA 234 -94.73 26.92 -59.48
C ARG BA 234 -96.12 26.66 -58.97
N GLY BA 235 -96.70 25.54 -59.37
CA GLY BA 235 -98.05 25.23 -58.96
C GLY BA 235 -98.32 23.75 -58.91
N ARG BA 236 -99.58 23.39 -58.70
CA ARG BA 236 -100.03 21.99 -58.69
C ARG BA 236 -101.23 21.84 -59.61
N VAL BA 237 -101.32 20.71 -60.27
CA VAL BA 237 -102.44 20.43 -61.13
C VAL BA 237 -103.19 19.25 -60.57
N HIS BA 238 -104.50 19.38 -60.47
CA HIS BA 238 -105.33 18.27 -60.07
C HIS BA 238 -106.26 17.84 -61.19
N ILE BA 239 -106.24 16.55 -61.49
CA ILE BA 239 -107.14 16.01 -62.51
C ILE BA 239 -108.34 15.38 -61.81
N CYS BA 240 -109.48 16.03 -61.97
CA CYS BA 240 -110.66 15.76 -61.15
C CYS BA 240 -111.71 14.94 -61.87
N ALA BA 241 -111.35 13.71 -62.22
CA ALA BA 241 -112.23 12.79 -62.94
C ALA BA 241 -112.05 11.37 -62.43
N PRO BA 242 -112.99 10.49 -62.77
CA PRO BA 242 -112.92 9.07 -62.39
C PRO BA 242 -111.65 8.40 -62.90
N ILE BA 243 -111.18 7.31 -62.27
CA ILE BA 243 -109.97 6.60 -62.75
C ILE BA 243 -110.07 6.18 -64.20
N PHE BA 244 -111.28 6.05 -64.72
CA PHE BA 244 -111.43 5.59 -66.10
C PHE BA 244 -111.41 6.72 -67.14
N TYR BA 245 -111.23 7.95 -66.67
CA TYR BA 245 -110.94 9.11 -67.53
C TYR BA 245 -109.45 9.33 -67.50
N SER BA 246 -108.88 9.81 -68.60
CA SER BA 246 -107.46 10.13 -68.60
C SER BA 246 -107.09 11.09 -69.70
N ILE BA 247 -105.99 11.80 -69.51
CA ILE BA 247 -105.63 12.86 -70.42
C ILE BA 247 -104.15 13.10 -70.36
N VAL BA 248 -103.59 13.69 -71.41
CA VAL BA 248 -102.20 14.15 -71.40
C VAL BA 248 -102.14 15.61 -71.85
N LEU BA 249 -101.50 16.45 -71.05
CA LEU BA 249 -101.47 17.87 -71.34
C LEU BA 249 -100.06 18.35 -71.60
N TRP BA 250 -99.94 19.27 -72.56
CA TRP BA 250 -98.74 20.08 -72.74
C TRP BA 250 -99.05 21.44 -72.12
N VAL BA 251 -98.29 21.82 -71.09
CA VAL BA 251 -98.53 23.08 -70.38
C VAL BA 251 -97.40 24.06 -70.62
N VAL BA 252 -97.72 25.18 -71.24
CA VAL BA 252 -96.69 26.12 -71.63
C VAL BA 252 -97.18 27.57 -71.56
N SER BA 253 -96.25 28.51 -71.47
CA SER BA 253 -96.63 29.92 -71.44
C SER BA 253 -96.47 30.59 -72.81
N GLU BA 254 -97.45 31.42 -73.17
CA GLU BA 254 -97.41 32.13 -74.45
C GLU BA 254 -97.79 33.60 -74.30
N TRP BA 255 -97.29 34.43 -75.22
CA TRP BA 255 -97.51 35.86 -75.16
C TRP BA 255 -98.42 36.33 -76.29
N ASN BA 256 -99.45 37.08 -75.92
CA ASN BA 256 -100.35 37.73 -76.87
C ASN BA 256 -100.87 36.81 -77.95
N GLY BA 257 -101.83 35.96 -77.59
CA GLY BA 257 -102.33 34.96 -78.51
C GLY BA 257 -101.56 33.66 -78.39
N THR BA 258 -101.79 32.76 -79.34
CA THR BA 258 -101.13 31.46 -79.31
C THR BA 258 -100.66 31.14 -80.71
N THR BA 259 -99.63 30.32 -80.82
CA THR BA 259 -99.16 29.93 -82.14
C THR BA 259 -100.14 28.92 -82.71
N MET BA 260 -100.22 28.88 -84.04
CA MET BA 260 -101.13 27.98 -84.71
C MET BA 260 -100.38 26.76 -85.25
N ASP BA 261 -99.06 26.81 -85.12
CA ASP BA 261 -98.18 25.78 -85.64
C ASP BA 261 -97.75 24.80 -84.56
N TRP BA 262 -98.24 23.58 -84.63
CA TRP BA 262 -97.93 22.56 -83.64
C TRP BA 262 -96.43 22.34 -83.44
N ASN BA 263 -95.65 22.53 -84.49
CA ASN BA 263 -94.21 22.32 -84.38
C ASN BA 263 -93.54 23.46 -83.61
N GLU BA 264 -93.99 24.69 -83.82
CA GLU BA 264 -93.46 25.79 -83.04
C GLU BA 264 -93.81 25.59 -81.57
N LEU BA 265 -95.06 25.17 -81.32
CA LEU BA 265 -95.58 24.95 -79.97
C LEU BA 265 -94.68 24.07 -79.10
N PHE BA 266 -94.12 23.03 -79.71
CA PHE BA 266 -93.25 22.13 -78.98
C PHE BA 266 -91.77 22.52 -78.97
N LYS BA 267 -91.45 23.68 -79.52
CA LYS BA 267 -90.10 24.22 -79.41
C LYS BA 267 -90.05 25.15 -78.20
N TYR BA 268 -91.23 25.43 -77.62
CA TYR BA 268 -91.31 26.23 -76.40
C TYR BA 268 -90.94 25.38 -75.19
N PRO BA 269 -90.54 26.03 -74.09
CA PRO BA 269 -90.22 25.33 -72.84
C PRO BA 269 -91.46 25.07 -71.98
N GLY BA 270 -92.12 23.95 -72.26
CA GLY BA 270 -93.30 23.54 -71.51
C GLY BA 270 -93.06 22.26 -70.73
N VAL BA 271 -94.11 21.76 -70.08
CA VAL BA 271 -94.04 20.50 -69.35
C VAL BA 271 -95.24 19.61 -69.67
N TYR BA 272 -95.08 18.30 -69.53
CA TYR BA 272 -96.19 17.38 -69.74
C TYR BA 272 -96.88 17.07 -68.40
N VAL BA 273 -98.19 16.96 -68.42
CA VAL BA 273 -98.94 16.61 -67.23
C VAL BA 273 -99.85 15.46 -67.59
N GLU BA 274 -99.65 14.31 -66.94
CA GLU BA 274 -100.46 13.10 -67.18
C GLU BA 274 -101.36 12.84 -66.00
N GLU BA 275 -101.05 13.45 -64.86
CA GLU BA 275 -101.67 13.10 -63.61
C GLU BA 275 -101.46 14.16 -62.53
N ASP BA 276 -102.21 14.05 -61.43
CA ASP BA 276 -102.04 14.93 -60.29
C ASP BA 276 -100.54 15.15 -60.05
N GLY BA 277 -100.14 16.39 -59.83
CA GLY BA 277 -98.76 16.70 -59.52
C GLY BA 277 -98.42 18.18 -59.55
N SER BA 278 -97.17 18.52 -59.23
CA SER BA 278 -96.72 19.88 -59.33
C SER BA 278 -96.12 20.18 -60.72
N PHE BA 279 -95.90 21.46 -61.02
CA PHE BA 279 -95.35 21.87 -62.30
C PHE BA 279 -94.64 23.20 -62.15
N GLU BA 280 -93.62 23.45 -62.97
CA GLU BA 280 -93.01 24.77 -63.05
C GLU BA 280 -92.98 25.21 -64.51
N VAL BA 281 -93.56 26.36 -64.81
CA VAL BA 281 -93.50 26.89 -66.17
C VAL BA 281 -92.97 28.31 -66.17
N LYS BA 282 -92.04 28.61 -67.07
CA LYS BA 282 -91.49 29.96 -67.18
C LYS BA 282 -92.50 30.91 -67.79
N ILE BA 283 -92.67 32.08 -67.18
CA ILE BA 283 -93.54 33.12 -67.74
C ILE BA 283 -92.85 33.69 -68.96
N ARG BA 284 -93.48 33.52 -70.11
CA ARG BA 284 -92.90 33.91 -71.39
C ARG BA 284 -93.39 35.29 -71.84
N SER BA 285 -92.46 36.21 -72.09
CA SER BA 285 -92.84 37.56 -72.50
C SER BA 285 -91.69 38.32 -73.15
N PRO BA 286 -92.01 39.20 -74.10
CA PRO BA 286 -91.03 40.05 -74.81
C PRO BA 286 -90.27 40.92 -73.82
N TYR BA 287 -90.86 41.15 -72.65
CA TYR BA 287 -90.29 42.01 -71.63
C TYR BA 287 -89.85 41.21 -70.41
N HIS BA 288 -90.03 39.90 -70.51
CA HIS BA 288 -89.64 38.95 -69.46
C HIS BA 288 -90.55 39.04 -68.27
N ARG BA 289 -91.47 40.00 -68.30
CA ARG BA 289 -92.45 40.17 -67.24
C ARG BA 289 -93.80 40.40 -67.89
N THR BA 290 -94.88 40.07 -67.19
CA THR BA 290 -96.23 40.43 -67.62
C THR BA 290 -96.78 41.46 -66.63
N PRO BA 291 -97.57 42.44 -67.12
CA PRO BA 291 -98.09 43.49 -66.24
C PRO BA 291 -99.06 42.93 -65.22
N ALA BA 292 -99.06 43.55 -64.04
CA ALA BA 292 -99.91 43.15 -62.92
C ALA BA 292 -101.40 43.36 -63.16
N ARG BA 293 -101.76 44.47 -63.80
CA ARG BA 293 -103.16 44.72 -64.15
C ARG BA 293 -103.34 45.19 -65.58
N LEU BA 294 -104.58 45.23 -66.06
CA LEU BA 294 -104.84 45.65 -67.42
C LEU BA 294 -105.16 47.12 -67.54
N LEU BA 295 -104.79 47.67 -68.70
CA LEU BA 295 -105.24 49.00 -69.12
C LEU BA 295 -106.59 48.85 -69.81
N ALA BA 296 -107.19 49.98 -70.18
CA ALA BA 296 -108.53 49.94 -70.72
C ALA BA 296 -108.49 49.38 -72.12
N GLY BA 297 -109.31 48.36 -72.38
CA GLY BA 297 -109.40 47.75 -73.69
C GLY BA 297 -108.27 46.77 -73.95
N GLN BA 298 -107.58 46.39 -72.89
CA GLN BA 298 -106.68 45.27 -72.98
C GLN BA 298 -107.43 44.00 -72.52
N SER BA 299 -107.00 42.86 -73.02
CA SER BA 299 -107.53 41.57 -72.65
C SER BA 299 -106.44 40.86 -71.87
N GLN BA 300 -106.81 39.86 -71.07
CA GLN BA 300 -105.77 39.18 -70.32
C GLN BA 300 -104.90 38.34 -71.25
N ARG BA 301 -105.43 38.05 -72.44
CA ARG BA 301 -104.75 37.17 -73.38
C ARG BA 301 -103.76 37.91 -74.26
N ASP BA 302 -103.81 39.24 -74.23
CA ASP BA 302 -102.85 40.08 -74.93
C ASP BA 302 -101.48 40.03 -74.23
N MET BA 303 -101.49 39.54 -72.98
CA MET BA 303 -100.24 39.44 -72.23
C MET BA 303 -99.76 37.99 -72.11
N SER BA 304 -99.08 37.69 -71.01
CA SER BA 304 -98.62 36.35 -70.74
C SER BA 304 -99.74 35.46 -70.16
N SER BA 305 -99.89 34.27 -70.71
CA SER BA 305 -100.87 33.31 -70.19
C SER BA 305 -100.25 31.93 -69.96
N LEU BA 306 -100.90 31.15 -69.11
CA LEU BA 306 -100.48 29.78 -68.84
C LEU BA 306 -101.44 28.91 -69.63
N ASN BA 307 -100.93 28.27 -70.68
CA ASN BA 307 -101.77 27.52 -71.61
C ASN BA 307 -101.78 26.00 -71.44
N PHE BA 308 -102.99 25.43 -71.40
CA PHE BA 308 -103.15 24.00 -71.22
C PHE BA 308 -103.66 23.36 -72.50
N TYR BA 309 -102.75 22.68 -73.19
CA TYR BA 309 -103.07 22.01 -74.45
C TYR BA 309 -103.31 20.52 -74.22
N ALA BA 310 -104.50 20.06 -74.56
CA ALA BA 310 -104.78 18.63 -74.52
C ALA BA 310 -104.21 18.02 -75.80
N ILE BA 311 -103.16 17.22 -75.67
CA ILE BA 311 -102.50 16.65 -76.85
C ILE BA 311 -102.84 15.17 -77.06
N ALA BA 312 -103.38 14.53 -76.04
CA ALA BA 312 -103.90 13.17 -76.18
C ALA BA 312 -105.07 12.98 -75.23
N GLY BA 313 -106.27 12.84 -75.79
CA GLY BA 313 -107.45 12.77 -74.96
C GLY BA 313 -108.06 14.15 -74.73
N PRO BA 314 -108.94 14.25 -73.73
CA PRO BA 314 -109.28 13.19 -72.78
C PRO BA 314 -110.02 12.00 -73.42
N ILE BA 315 -109.85 10.82 -72.83
CA ILE BA 315 -110.60 9.64 -73.26
C ILE BA 315 -111.37 9.08 -72.09
N ALA BA 316 -112.47 8.41 -72.39
CA ALA BA 316 -113.23 7.70 -71.38
C ALA BA 316 -113.99 6.60 -72.09
N PRO BA 317 -114.47 5.61 -71.33
CA PRO BA 317 -115.26 4.52 -71.93
C PRO BA 317 -116.59 5.08 -72.40
N SER BA 318 -117.27 4.41 -73.32
CA SER BA 318 -118.61 4.88 -73.68
C SER BA 318 -119.54 4.33 -72.62
N GLY BA 319 -120.64 5.04 -72.34
CA GLY BA 319 -120.91 6.34 -72.93
C GLY BA 319 -120.85 7.34 -71.80
N GLU BA 320 -119.64 7.82 -71.55
CA GLU BA 320 -119.46 8.88 -70.60
C GLU BA 320 -119.67 10.17 -71.34
N THR BA 321 -120.13 11.20 -70.65
CA THR BA 321 -120.47 12.46 -71.31
C THR BA 321 -119.84 13.65 -70.61
N ALA BA 322 -119.54 13.48 -69.33
CA ALA BA 322 -118.93 14.53 -68.52
C ALA BA 322 -117.64 15.09 -69.13
N GLN BA 323 -117.40 16.37 -68.92
CA GLN BA 323 -116.12 16.94 -69.31
C GLN BA 323 -115.08 16.56 -68.26
N LEU BA 324 -113.80 16.60 -68.64
CA LEU BA 324 -112.73 16.30 -67.70
C LEU BA 324 -112.22 17.61 -67.17
N PRO BA 325 -112.39 17.85 -65.85
CA PRO BA 325 -111.95 19.10 -65.21
C PRO BA 325 -110.50 19.05 -64.68
N ILE BA 326 -109.79 20.17 -64.83
CA ILE BA 326 -108.45 20.36 -64.32
C ILE BA 326 -108.51 21.51 -63.33
N VAL BA 327 -108.09 21.29 -62.09
CA VAL BA 327 -107.99 22.39 -61.12
C VAL BA 327 -106.55 22.82 -60.93
N VAL BA 328 -106.23 24.07 -61.23
CA VAL BA 328 -104.86 24.56 -61.07
C VAL BA 328 -104.66 25.40 -59.81
N GLN BA 329 -103.61 25.10 -59.05
CA GLN BA 329 -103.23 25.94 -57.91
C GLN BA 329 -101.87 26.56 -58.14
N ILE BA 330 -101.76 27.85 -57.91
CA ILE BA 330 -100.51 28.55 -58.06
C ILE BA 330 -99.88 28.83 -56.71
N ASP BA 331 -98.69 28.30 -56.49
CA ASP BA 331 -98.06 28.35 -55.18
C ASP BA 331 -97.10 29.52 -55.05
N GLU BA 332 -96.24 29.70 -56.05
CA GLU BA 332 -95.39 30.89 -56.04
C GLU BA 332 -94.78 31.20 -57.37
N ILE BA 333 -94.22 32.40 -57.47
CA ILE BA 333 -93.36 32.77 -58.57
C ILE BA 333 -91.92 32.57 -58.09
N VAL BA 334 -91.28 31.52 -58.60
CA VAL BA 334 -89.92 31.18 -58.16
C VAL BA 334 -88.94 31.92 -59.06
N ARG BA 335 -87.79 32.27 -58.51
CA ARG BA 335 -86.79 32.99 -59.28
C ARG BA 335 -87.47 34.17 -59.93
N PRO BA 336 -88.10 35.02 -59.11
CA PRO BA 336 -88.98 36.10 -59.58
C PRO BA 336 -88.22 37.27 -60.16
N ASP BA 337 -88.74 37.82 -61.25
CA ASP BA 337 -88.23 39.05 -61.83
C ASP BA 337 -89.32 40.09 -61.64
N LEU BA 338 -89.26 40.82 -60.53
CA LEU BA 338 -90.32 41.77 -60.23
C LEU BA 338 -90.07 43.16 -60.80
N SER BA 339 -91.18 43.85 -61.07
CA SER BA 339 -91.12 45.25 -61.44
C SER BA 339 -90.93 46.09 -60.20
N LEU BA 340 -90.84 47.40 -60.38
CA LEU BA 340 -90.94 48.32 -59.26
C LEU BA 340 -92.23 48.05 -58.53
N PRO BA 341 -92.25 48.34 -57.23
CA PRO BA 341 -93.53 48.38 -56.51
C PRO BA 341 -94.42 49.42 -57.19
N SER BA 342 -95.73 49.21 -57.23
CA SER BA 342 -96.61 50.18 -57.86
C SER BA 342 -96.75 51.45 -57.00
N PHE BA 343 -96.66 51.29 -55.67
CA PHE BA 343 -96.68 52.46 -54.80
C PHE BA 343 -95.42 52.57 -53.96
N GLU BA 344 -95.05 53.80 -53.65
CA GLU BA 344 -93.89 54.02 -52.79
C GLU BA 344 -94.38 54.25 -51.36
N ASP BA 345 -93.45 54.48 -50.42
CA ASP BA 345 -93.86 54.74 -49.04
C ASP BA 345 -94.29 56.19 -48.94
N ASP BA 346 -95.50 56.45 -49.41
CA ASP BA 346 -95.97 57.80 -49.61
C ASP BA 346 -97.45 57.86 -49.27
N TYR BA 347 -98.01 59.06 -49.33
CA TYR BA 347 -99.43 59.26 -49.16
C TYR BA 347 -100.18 58.69 -50.35
N PHE BA 348 -101.45 58.41 -50.15
CA PHE BA 348 -102.36 58.09 -51.27
C PHE BA 348 -103.76 58.63 -50.95
N VAL BA 349 -104.61 58.69 -51.96
CA VAL BA 349 -105.88 59.33 -51.78
C VAL BA 349 -106.85 58.47 -51.00
N TRP BA 350 -107.42 59.07 -49.96
CA TRP BA 350 -108.48 58.43 -49.21
C TRP BA 350 -109.83 58.88 -49.77
N VAL BA 351 -110.07 60.18 -49.76
CA VAL BA 351 -111.36 60.69 -50.21
C VAL BA 351 -111.26 62.14 -50.70
N ASP BA 352 -112.05 62.46 -51.73
CA ASP BA 352 -112.29 63.85 -52.14
C ASP BA 352 -113.73 64.27 -51.81
N PHE BA 353 -113.89 65.40 -51.13
CA PHE BA 353 -115.22 66.01 -50.98
C PHE BA 353 -115.32 67.21 -51.90
N SER BA 354 -116.44 67.31 -52.60
CA SER BA 354 -116.65 68.41 -53.54
C SER BA 354 -118.12 68.75 -53.67
N GLU BA 355 -118.40 69.80 -54.43
CA GLU BA 355 -119.79 70.18 -54.74
C GLU BA 355 -120.63 70.31 -53.47
N PHE BA 356 -120.17 71.12 -52.52
CA PHE BA 356 -120.89 71.31 -51.26
C PHE BA 356 -122.15 72.14 -51.46
N THR BA 357 -123.25 71.72 -50.83
CA THR BA 357 -124.52 72.42 -51.02
C THR BA 357 -124.87 73.28 -49.81
N LEU BA 358 -124.29 72.95 -48.67
CA LEU BA 358 -124.50 73.71 -47.46
C LEU BA 358 -123.20 74.28 -46.97
N ASP BA 359 -123.25 75.47 -46.38
CA ASP BA 359 -122.05 76.09 -45.82
C ASP BA 359 -121.57 75.32 -44.57
N LYS BA 360 -122.50 74.85 -43.75
CA LYS BA 360 -122.16 74.06 -42.56
C LYS BA 360 -122.17 72.59 -42.94
N GLU BA 361 -121.01 71.96 -42.88
CA GLU BA 361 -120.88 70.54 -43.20
C GLU BA 361 -120.02 69.89 -42.12
N GLU BA 362 -120.42 68.71 -41.66
CA GLU BA 362 -119.61 68.03 -40.66
C GLU BA 362 -119.47 66.55 -40.98
N ILE BA 363 -118.24 66.16 -41.30
CA ILE BA 363 -117.92 64.80 -41.71
C ILE BA 363 -117.37 64.01 -40.53
N GLU BA 364 -118.14 63.04 -40.04
CA GLU BA 364 -117.68 62.19 -38.92
C GLU BA 364 -116.82 61.04 -39.41
N ILE BA 365 -115.65 60.90 -38.81
CA ILE BA 365 -114.73 59.85 -39.15
C ILE BA 365 -114.63 58.85 -38.01
N GLY BA 366 -114.51 59.36 -36.79
CA GLY BA 366 -114.43 58.56 -35.59
C GLY BA 366 -113.09 57.87 -35.46
N SER BA 367 -113.09 56.56 -35.48
CA SER BA 367 -111.85 55.82 -35.40
C SER BA 367 -111.73 54.84 -36.57
N ARG BA 368 -112.51 55.08 -37.65
CA ARG BA 368 -112.59 54.13 -38.76
C ARG BA 368 -111.95 54.62 -40.06
N PHE BA 369 -111.44 53.67 -40.85
CA PHE BA 369 -111.10 53.95 -42.24
C PHE BA 369 -112.15 53.27 -43.10
N PHE BA 370 -112.93 54.05 -43.85
CA PHE BA 370 -114.11 53.49 -44.51
C PHE BA 370 -114.61 54.34 -45.67
N ASP BA 371 -115.68 53.90 -46.31
CA ASP BA 371 -116.30 54.67 -47.42
C ASP BA 371 -117.35 55.67 -46.91
N PHE BA 372 -117.18 56.94 -47.25
CA PHE BA 372 -118.11 57.99 -46.85
C PHE BA 372 -119.34 58.05 -47.75
N THR BA 373 -120.42 58.58 -47.20
CA THR BA 373 -121.59 58.94 -48.00
C THR BA 373 -122.12 60.27 -47.52
N SER BA 374 -122.69 61.05 -48.43
CA SER BA 374 -123.28 62.35 -48.06
C SER BA 374 -124.48 62.69 -48.92
N ASN BA 375 -125.45 63.34 -48.29
CA ASN BA 375 -126.62 63.83 -49.00
C ASN BA 375 -126.41 65.27 -49.39
N THR BA 376 -125.42 65.90 -48.80
CA THR BA 376 -125.23 67.33 -48.95
C THR BA 376 -123.99 67.68 -49.76
N CYS BA 377 -123.19 66.67 -50.10
CA CYS BA 377 -122.03 66.91 -50.97
C CYS BA 377 -121.62 65.66 -51.71
N ARG BA 378 -120.68 65.82 -52.64
CA ARG BA 378 -120.20 64.71 -53.47
C ARG BA 378 -118.97 64.03 -52.88
N VAL BA 379 -119.12 62.75 -52.58
CA VAL BA 379 -118.01 61.97 -52.07
C VAL BA 379 -117.37 61.17 -53.19
N SER BA 380 -116.06 61.27 -53.33
CA SER BA 380 -115.34 60.44 -54.30
C SER BA 380 -114.28 59.65 -53.58
N MET BA 381 -114.46 58.35 -53.49
CA MET BA 381 -113.53 57.52 -52.72
C MET BA 381 -112.29 57.07 -53.53
N GLY BA 382 -111.14 56.97 -52.88
CA GLY BA 382 -109.95 56.49 -53.54
C GLY BA 382 -109.98 54.96 -53.64
N GLU BA 383 -109.44 54.44 -54.74
CA GLU BA 383 -109.21 53.00 -54.85
C GLU BA 383 -107.70 52.71 -54.96
N ASN BA 384 -107.17 52.00 -53.96
CA ASN BA 384 -105.75 51.60 -53.95
C ASN BA 384 -105.56 50.32 -53.17
N PRO BA 385 -104.35 49.76 -53.22
CA PRO BA 385 -104.15 48.50 -52.51
C PRO BA 385 -104.45 48.57 -51.01
N PHE BA 386 -104.13 49.69 -50.37
CA PHE BA 386 -104.40 49.78 -48.94
C PHE BA 386 -105.88 49.59 -48.62
N ALA BA 387 -106.74 50.28 -49.38
CA ALA BA 387 -108.19 50.16 -49.18
C ALA BA 387 -108.68 48.75 -49.43
N ALA BA 388 -108.08 48.08 -50.42
CA ALA BA 388 -108.40 46.68 -50.70
C ALA BA 388 -107.98 45.78 -49.54
N MET BA 389 -106.80 46.04 -48.99
CA MET BA 389 -106.34 45.24 -47.86
C MET BA 389 -107.29 45.40 -46.65
N ILE BA 390 -107.80 46.61 -46.45
CA ILE BA 390 -108.76 46.87 -45.38
C ILE BA 390 -110.00 46.01 -45.60
N ALA BA 391 -110.39 45.90 -46.87
CA ALA BA 391 -111.58 45.16 -47.26
C ALA BA 391 -111.41 43.65 -47.23
N CYS BA 392 -110.17 43.19 -47.33
CA CYS BA 392 -109.88 41.78 -47.49
C CYS BA 392 -109.37 41.16 -46.20
N HIS BA 393 -109.62 41.84 -45.09
CA HIS BA 393 -109.31 41.25 -43.80
C HIS BA 393 -110.47 41.47 -42.86
N GLY BA 394 -110.62 40.57 -41.90
CA GLY BA 394 -111.68 40.69 -40.93
C GLY BA 394 -111.49 41.86 -39.97
N LEU BA 395 -110.25 42.06 -39.54
CA LEU BA 395 -109.92 43.12 -38.61
C LEU BA 395 -108.65 43.83 -39.05
N HIS BA 396 -108.51 45.10 -38.66
CA HIS BA 396 -107.27 45.85 -38.90
C HIS BA 396 -107.03 46.82 -37.75
N SER BA 397 -105.81 47.31 -37.64
CA SER BA 397 -105.47 48.30 -36.65
C SER BA 397 -104.18 49.04 -37.00
N GLY BA 398 -104.17 50.34 -36.78
CA GLY BA 398 -102.97 51.13 -37.03
C GLY BA 398 -103.18 52.63 -36.89
N VAL BA 399 -102.19 53.39 -37.33
CA VAL BA 399 -102.32 54.83 -37.32
C VAL BA 399 -102.10 55.37 -38.71
N LEU BA 400 -102.97 56.30 -39.11
CA LEU BA 400 -102.84 56.95 -40.42
C LEU BA 400 -102.42 58.39 -40.25
N ASP BA 401 -101.39 58.79 -40.99
CA ASP BA 401 -101.06 60.21 -41.07
C ASP BA 401 -101.89 60.83 -42.19
N LEU BA 402 -102.60 61.92 -41.88
CA LEU BA 402 -103.45 62.57 -42.86
C LEU BA 402 -102.85 63.89 -43.37
N LYS BA 403 -103.01 64.13 -44.67
CA LYS BA 403 -102.78 65.45 -45.27
C LYS BA 403 -104.11 65.91 -45.86
N LEU BA 404 -104.53 67.10 -45.48
CA LEU BA 404 -105.72 67.71 -46.04
C LEU BA 404 -105.28 68.84 -46.95
N GLN BA 405 -105.87 68.89 -48.14
CA GLN BA 405 -105.60 69.95 -49.11
C GLN BA 405 -106.92 70.46 -49.66
N TRP BA 406 -107.01 71.75 -49.87
CA TRP BA 406 -108.22 72.30 -50.46
C TRP BA 406 -107.96 73.53 -51.34
N SER BA 407 -108.83 73.73 -52.33
CA SER BA 407 -108.78 74.90 -53.20
C SER BA 407 -110.08 75.71 -53.03
N LEU BA 408 -110.02 77.02 -53.28
CA LEU BA 408 -111.21 77.84 -53.07
C LEU BA 408 -112.17 77.91 -54.28
N ASN BA 409 -113.44 78.06 -53.96
CA ASN BA 409 -114.47 78.23 -54.97
C ASN BA 409 -114.79 79.71 -55.20
N THR BA 410 -114.70 80.50 -54.13
CA THR BA 410 -114.90 81.94 -54.19
C THR BA 410 -113.57 82.68 -54.35
N GLU BA 411 -113.62 84.00 -54.44
CA GLU BA 411 -112.40 84.81 -54.55
C GLU BA 411 -111.61 84.78 -53.23
N PHE BA 412 -110.30 84.59 -53.34
CA PHE BA 412 -109.43 84.49 -52.17
C PHE BA 412 -109.63 85.66 -51.22
N GLY BA 413 -109.79 86.86 -51.77
CA GLY BA 413 -109.90 88.04 -50.95
C GLY BA 413 -111.19 88.07 -50.15
N LYS BA 414 -112.16 87.27 -50.57
CA LYS BA 414 -113.46 87.25 -49.90
C LYS BA 414 -113.60 86.11 -48.89
N SER BA 415 -112.60 85.24 -48.86
CA SER BA 415 -112.65 84.02 -48.08
C SER BA 415 -112.65 84.27 -46.57
N SER BA 416 -113.32 83.37 -45.85
CA SER BA 416 -113.38 83.38 -44.38
C SER BA 416 -113.64 81.98 -43.90
N GLY BA 417 -113.60 81.79 -42.59
CA GLY BA 417 -113.83 80.48 -41.99
C GLY BA 417 -112.63 79.53 -41.97
N SER BA 418 -112.93 78.24 -41.85
CA SER BA 418 -111.92 77.25 -41.49
C SER BA 418 -112.28 75.82 -41.86
N VAL BA 419 -111.23 75.01 -42.03
CA VAL BA 419 -111.36 73.57 -41.97
C VAL BA 419 -110.93 73.22 -40.56
N THR BA 420 -111.86 72.72 -39.73
CA THR BA 420 -111.54 72.37 -38.34
C THR BA 420 -111.49 70.86 -38.14
N ILE BA 421 -110.45 70.38 -37.47
CA ILE BA 421 -110.36 68.97 -37.13
C ILE BA 421 -110.68 68.78 -35.66
N THR BA 422 -111.86 68.26 -35.37
CA THR BA 422 -112.21 67.94 -34.00
C THR BA 422 -111.61 66.60 -33.60
N LYS BA 423 -110.83 66.59 -32.52
CA LYS BA 423 -110.27 65.36 -31.97
C LYS BA 423 -110.74 65.11 -30.54
N LEU BA 424 -111.46 64.02 -30.34
CA LEU BA 424 -111.98 63.71 -29.02
C LEU BA 424 -111.52 62.33 -28.58
N VAL BA 425 -111.77 62.01 -27.32
CA VAL BA 425 -111.74 60.63 -26.85
C VAL BA 425 -113.11 60.33 -26.29
N GLY BA 426 -113.80 59.39 -26.90
CA GLY BA 426 -115.16 59.09 -26.51
C GLY BA 426 -116.07 59.30 -27.70
N ASP BA 427 -117.02 60.21 -27.57
CA ASP BA 427 -117.93 60.57 -28.65
C ASP BA 427 -118.28 62.04 -28.56
N LYS BA 428 -119.05 62.52 -29.53
CA LYS BA 428 -119.40 63.92 -29.58
C LYS BA 428 -120.10 64.32 -28.27
N ALA BA 429 -120.86 63.39 -27.68
CA ALA BA 429 -121.70 63.73 -26.53
C ALA BA 429 -121.00 63.83 -25.17
N MET BA 430 -120.07 62.91 -24.90
CA MET BA 430 -119.48 62.82 -23.56
C MET BA 430 -117.96 62.75 -23.61
N GLY BA 431 -117.39 63.05 -24.76
CA GLY BA 431 -115.96 62.90 -24.97
C GLY BA 431 -115.02 63.89 -24.29
N LEU BA 432 -113.74 63.55 -24.29
CA LEU BA 432 -112.69 64.39 -23.77
C LEU BA 432 -112.00 65.07 -24.95
N ASP BA 433 -111.44 66.25 -24.71
CA ASP BA 433 -110.88 67.06 -25.79
C ASP BA 433 -109.40 66.81 -26.02
N GLY BA 434 -109.06 66.34 -27.21
CA GLY BA 434 -107.68 66.08 -27.58
C GLY BA 434 -107.08 67.19 -28.42
N PRO BA 435 -106.21 66.82 -29.36
CA PRO BA 435 -105.51 67.78 -30.23
C PRO BA 435 -106.37 68.25 -31.41
N SER BA 436 -107.53 68.83 -31.07
CA SER BA 436 -108.40 69.46 -32.05
C SER BA 436 -107.64 70.62 -32.64
N HIS BA 437 -108.02 71.05 -33.83
CA HIS BA 437 -107.13 71.86 -34.63
C HIS BA 437 -107.93 72.72 -35.60
N VAL BA 438 -107.70 74.04 -35.56
CA VAL BA 438 -108.40 74.98 -36.43
C VAL BA 438 -107.48 75.48 -37.55
N PHE BA 439 -107.78 75.08 -38.78
CA PHE BA 439 -107.06 75.58 -39.93
C PHE BA 439 -107.86 76.69 -40.59
N ALA BA 440 -107.41 77.93 -40.46
CA ALA BA 440 -108.04 79.01 -41.19
C ALA BA 440 -108.08 78.59 -42.65
N ILE BA 441 -109.19 78.87 -43.32
CA ILE BA 441 -109.38 78.39 -44.68
C ILE BA 441 -108.26 78.84 -45.59
N GLN BA 442 -107.63 79.99 -45.27
CA GLN BA 442 -106.55 80.55 -46.10
C GLN BA 442 -105.25 79.73 -46.06
N LYS BA 443 -105.10 78.85 -45.07
CA LYS BA 443 -103.95 77.96 -45.02
C LYS BA 443 -103.92 77.02 -46.23
N LEU BA 444 -105.11 76.62 -46.69
CA LEU BA 444 -105.26 75.81 -47.89
C LEU BA 444 -104.72 74.39 -47.76
N GLU BA 445 -104.23 74.06 -46.55
CA GLU BA 445 -103.77 72.70 -46.22
C GLU BA 445 -103.56 72.50 -44.73
N GLY BA 446 -103.56 71.24 -44.31
CA GLY BA 446 -103.36 70.93 -42.91
C GLY BA 446 -103.03 69.45 -42.71
N THR BA 447 -102.50 69.10 -41.54
CA THR BA 447 -102.15 67.71 -41.26
C THR BA 447 -102.69 67.27 -39.93
N THR BA 448 -102.90 65.96 -39.80
CA THR BA 448 -103.34 65.38 -38.53
C THR BA 448 -103.07 63.87 -38.53
N GLU BA 449 -103.11 63.24 -37.36
CA GLU BA 449 -103.02 61.79 -37.27
C GLU BA 449 -104.41 61.25 -37.02
N LEU BA 450 -104.67 60.02 -37.47
CA LEU BA 450 -105.93 59.31 -37.15
C LEU BA 450 -105.66 57.93 -36.59
N LEU BA 451 -106.15 57.65 -35.38
CA LEU BA 451 -106.03 56.30 -34.84
C LEU BA 451 -107.14 55.47 -35.43
N VAL BA 452 -106.77 54.44 -36.19
CA VAL BA 452 -107.72 53.46 -36.68
C VAL BA 452 -107.66 52.23 -35.75
N GLY BA 453 -108.60 52.17 -34.80
CA GLY BA 453 -108.60 51.16 -33.76
C GLY BA 453 -109.50 51.56 -32.61
N ASN BA 454 -109.32 50.91 -31.47
CA ASN BA 454 -110.18 51.17 -30.30
C ASN BA 454 -109.68 50.39 -29.11
N PHE BA 455 -110.37 50.51 -27.97
CA PHE BA 455 -109.87 49.92 -26.74
C PHE BA 455 -109.64 48.42 -26.85
N ALA BA 456 -110.43 47.76 -27.69
CA ALA BA 456 -110.30 46.31 -27.86
C ALA BA 456 -109.06 45.91 -28.67
N GLY BA 457 -108.64 46.77 -29.61
CA GLY BA 457 -107.38 46.58 -30.29
C GLY BA 457 -107.43 46.59 -31.81
N ALA BA 458 -108.63 46.47 -32.38
CA ALA BA 458 -108.78 46.35 -33.84
C ALA BA 458 -110.19 46.66 -34.30
N ASN BA 459 -110.32 47.05 -35.56
CA ASN BA 459 -111.63 47.38 -36.14
C ASN BA 459 -112.07 46.31 -37.11
N PRO BA 460 -113.35 45.97 -37.08
CA PRO BA 460 -113.96 45.13 -38.12
C PRO BA 460 -114.19 46.00 -39.33
N ASN BA 461 -114.49 45.39 -40.47
CA ASN BA 461 -114.71 46.19 -41.66
C ASN BA 461 -116.20 46.51 -41.82
N THR BA 462 -116.84 46.82 -40.70
CA THR BA 462 -118.26 47.17 -40.66
C THR BA 462 -118.43 48.34 -39.69
N ARG BA 463 -119.66 48.79 -39.51
CA ARG BA 463 -119.90 49.74 -38.44
C ARG BA 463 -119.91 48.98 -37.11
N PHE BA 464 -119.37 49.60 -36.07
CA PHE BA 464 -119.26 48.99 -34.75
C PHE BA 464 -119.24 50.16 -33.76
N SER BA 465 -119.50 49.88 -32.48
CA SER BA 465 -119.41 50.92 -31.47
C SER BA 465 -118.51 50.52 -30.32
N LEU BA 466 -117.24 50.92 -30.38
CA LEU BA 466 -116.28 50.59 -29.33
C LEU BA 466 -115.48 51.83 -28.92
N TYR BA 467 -115.51 52.15 -27.64
CA TYR BA 467 -114.83 53.33 -27.10
C TYR BA 467 -113.44 53.52 -27.69
N SER BA 468 -113.20 54.69 -28.25
CA SER BA 468 -111.90 54.99 -28.83
C SER BA 468 -111.73 56.48 -28.98
N ARG BA 469 -110.64 56.90 -29.60
CA ARG BA 469 -110.51 58.29 -30.04
C ARG BA 469 -111.51 58.55 -31.16
N TRP BA 470 -111.83 59.82 -31.39
CA TRP BA 470 -112.92 60.19 -32.29
C TRP BA 470 -112.53 61.44 -33.05
N MET BA 471 -112.67 61.38 -34.37
CA MET BA 471 -112.29 62.50 -35.23
C MET BA 471 -113.43 62.97 -36.13
N ALA BA 472 -113.48 64.27 -36.39
CA ALA BA 472 -114.47 64.81 -37.33
C ALA BA 472 -113.85 66.00 -38.06
N ILE BA 473 -114.25 66.19 -39.32
CA ILE BA 473 -113.88 67.39 -40.06
C ILE BA 473 -115.10 68.33 -40.08
N LYS BA 474 -114.91 69.59 -39.67
CA LYS BA 474 -116.00 70.58 -39.62
C LYS BA 474 -115.73 71.75 -40.57
N LEU BA 475 -116.57 71.87 -41.58
CA LEU BA 475 -116.57 73.02 -42.49
C LEU BA 475 -117.62 74.08 -42.04
N ASP BA 476 -117.25 75.35 -42.05
CA ASP BA 476 -118.24 76.40 -41.75
C ASP BA 476 -118.56 77.28 -42.96
N GLN BA 477 -117.74 77.17 -43.99
CA GLN BA 477 -117.90 77.95 -45.22
C GLN BA 477 -117.69 77.03 -46.41
N ALA BA 478 -118.33 75.87 -46.36
CA ALA BA 478 -118.03 74.78 -47.28
C ALA BA 478 -118.28 75.14 -48.72
N LYS BA 479 -119.24 76.03 -48.97
CA LYS BA 479 -119.54 76.46 -50.33
C LYS BA 479 -118.38 77.24 -50.94
N SER BA 480 -117.46 77.71 -50.10
CA SER BA 480 -116.26 78.42 -50.56
C SER BA 480 -115.14 77.46 -50.95
N ILE BA 481 -115.39 76.16 -50.84
CA ILE BA 481 -114.37 75.17 -51.13
C ILE BA 481 -114.72 74.40 -52.40
N LYS BA 482 -113.81 74.40 -53.37
CA LYS BA 482 -114.08 73.67 -54.60
C LYS BA 482 -113.79 72.20 -54.41
N VAL BA 483 -112.76 71.88 -53.63
CA VAL BA 483 -112.48 70.49 -53.29
C VAL BA 483 -111.71 70.37 -51.99
N LEU BA 484 -112.09 69.38 -51.18
CA LEU BA 484 -111.34 69.04 -49.97
C LEU BA 484 -110.80 67.64 -50.19
N ARG BA 485 -109.48 67.51 -50.32
CA ARG BA 485 -108.87 66.21 -50.54
C ARG BA 485 -108.21 65.71 -49.27
N VAL BA 486 -108.46 64.44 -48.93
CA VAL BA 486 -107.80 63.82 -47.78
C VAL BA 486 -106.88 62.68 -48.22
N LEU BA 487 -105.56 62.87 -48.05
CA LEU BA 487 -104.59 61.81 -48.30
C LEU BA 487 -104.16 61.18 -46.97
N CYS BA 488 -103.82 59.88 -47.01
CA CYS BA 488 -103.31 59.20 -45.83
C CYS BA 488 -102.08 58.38 -46.15
N LYS BA 489 -101.27 58.12 -45.11
CA LYS BA 489 -100.02 57.37 -45.20
C LYS BA 489 -99.87 56.56 -43.92
N PRO BA 490 -100.08 55.24 -44.04
CA PRO BA 490 -100.09 54.41 -42.84
C PRO BA 490 -98.72 54.43 -42.18
N ARG BA 491 -98.69 54.66 -40.87
CA ARG BA 491 -97.46 54.48 -40.09
C ARG BA 491 -97.08 53.01 -40.02
N PRO BA 492 -95.77 52.75 -39.95
CA PRO BA 492 -95.23 51.40 -39.97
C PRO BA 492 -95.94 50.56 -38.92
N GLY BA 493 -96.26 49.32 -39.28
CA GLY BA 493 -96.89 48.41 -38.35
C GLY BA 493 -98.39 48.41 -38.43
N PHE BA 494 -98.94 48.98 -39.49
CA PHE BA 494 -100.38 48.90 -39.67
C PHE BA 494 -100.74 47.45 -39.95
N SER BA 495 -101.64 46.90 -39.13
CA SER BA 495 -101.84 45.46 -39.09
C SER BA 495 -103.19 44.98 -39.58
N PHE BA 496 -103.19 43.83 -40.23
CA PHE BA 496 -104.40 43.18 -40.71
C PHE BA 496 -104.52 41.78 -40.14
N TYR BA 497 -105.74 41.40 -39.76
CA TYR BA 497 -106.00 40.09 -39.16
C TYR BA 497 -107.04 39.32 -39.95
N GLY BA 498 -106.75 38.06 -40.23
CA GLY BA 498 -107.69 37.16 -40.86
C GLY BA 498 -108.04 37.44 -42.32
N ARG BA 499 -107.27 36.86 -43.23
CA ARG BA 499 -107.54 37.08 -44.65
C ARG BA 499 -108.92 36.58 -45.04
N THR BA 500 -109.60 37.37 -45.85
CA THR BA 500 -110.94 37.04 -46.35
C THR BA 500 -111.19 37.75 -47.69
N SER BA 501 -112.46 37.87 -48.07
CA SER BA 501 -112.81 38.54 -49.33
C SER BA 501 -113.96 39.52 -49.17
N PHE BA 502 -114.27 40.21 -50.26
CA PHE BA 502 -115.21 41.31 -50.19
C PHE BA 502 -115.90 41.54 -51.51
N PRO BA 503 -117.06 40.90 -51.67
CA PRO BA 503 -117.85 41.07 -52.89
C PRO BA 503 -118.64 42.38 -52.87
N VAL BA 504 -118.57 43.12 -53.97
CA VAL BA 504 -119.41 44.31 -54.20
C VAL BA 504 -120.03 44.31 -55.61
N GLY CA 1 -93.48 62.89 20.19
CA GLY CA 1 -94.33 63.03 21.36
C GLY CA 1 -95.71 63.49 20.97
N LEU CA 2 -96.63 63.48 21.93
CA LEU CA 2 -97.99 63.96 21.68
C LEU CA 2 -97.96 65.44 21.26
N ALA CA 3 -98.47 65.73 20.08
CA ALA CA 3 -98.33 67.04 19.49
C ALA CA 3 -99.64 67.83 19.53
N GLY CA 4 -100.76 67.10 19.49
CA GLY CA 4 -102.06 67.72 19.50
C GLY CA 4 -103.15 66.68 19.73
N ARG CA 5 -104.35 67.14 20.05
CA ARG CA 5 -105.45 66.23 20.29
C ARG CA 5 -106.82 66.86 20.03
N GLY CA 6 -107.84 66.02 20.00
CA GLY CA 6 -109.19 66.46 19.69
C GLY CA 6 -110.17 65.38 20.04
N VAL CA 7 -111.46 65.70 19.95
CA VAL CA 7 -112.48 64.76 20.37
C VAL CA 7 -113.57 64.66 19.32
N ILE CA 8 -113.96 63.43 19.01
CA ILE CA 8 -115.10 63.20 18.11
C ILE CA 8 -116.28 62.69 18.93
N TYR CA 9 -117.45 63.28 18.73
CA TYR CA 9 -118.64 62.77 19.40
C TYR CA 9 -119.46 61.84 18.53
N ILE CA 10 -119.82 60.71 19.11
CA ILE CA 10 -120.65 59.72 18.47
C ILE CA 10 -122.06 59.68 19.10
N PRO CA 11 -123.10 59.81 18.26
CA PRO CA 11 -124.45 59.59 18.74
C PRO CA 11 -124.68 58.14 19.11
N LYS CA 12 -125.64 57.91 20.00
CA LYS CA 12 -126.00 56.55 20.35
C LYS CA 12 -126.54 55.82 19.13
N ASP CA 13 -127.25 56.55 18.27
CA ASP CA 13 -127.65 56.00 16.98
C ASP CA 13 -126.81 56.60 15.84
N CYS CA 14 -125.72 55.91 15.55
CA CYS CA 14 -124.81 56.35 14.50
C CYS CA 14 -125.18 55.64 13.20
N GLN CA 15 -126.02 56.29 12.38
CA GLN CA 15 -126.50 55.73 11.11
C GLN CA 15 -125.44 55.91 10.03
N ALA CA 16 -125.55 55.17 8.94
CA ALA CA 16 -124.57 55.37 7.86
C ALA CA 16 -124.68 56.80 7.34
N ASN CA 17 -123.52 57.38 7.07
CA ASN CA 17 -123.40 58.73 6.53
C ASN CA 17 -123.51 59.87 7.53
N ARG CA 18 -123.51 59.58 8.84
CA ARG CA 18 -123.56 60.71 9.79
C ARG CA 18 -122.27 61.44 9.64
N TYR CA 19 -122.36 62.76 9.65
CA TYR CA 19 -121.16 63.53 9.76
C TYR CA 19 -120.93 63.63 11.25
N LEU CA 20 -119.73 63.25 11.68
CA LEU CA 20 -119.42 63.20 13.10
C LEU CA 20 -118.64 64.43 13.56
N GLY CA 21 -117.90 65.04 12.65
CA GLY CA 21 -117.20 66.25 12.96
C GLY CA 21 -115.93 66.42 12.18
N THR CA 22 -115.36 67.62 12.24
CA THR CA 22 -114.10 67.90 11.58
C THR CA 22 -113.11 68.45 12.57
N LEU CA 23 -111.89 67.93 12.55
CA LEU CA 23 -110.83 68.47 13.38
C LEU CA 23 -109.92 69.23 12.47
N ASN CA 24 -109.47 70.39 12.94
CA ASN CA 24 -108.54 71.20 12.20
C ASN CA 24 -107.12 70.87 12.69
N ILE CA 25 -106.28 70.29 11.83
CA ILE CA 25 -104.98 69.78 12.26
C ILE CA 25 -104.14 70.85 12.94
N ARG CA 26 -104.17 72.07 12.40
CA ARG CA 26 -103.28 73.07 12.98
C ARG CA 26 -103.84 73.58 14.30
N ASP CA 27 -105.16 73.71 14.40
CA ASP CA 27 -105.81 74.00 15.69
C ASP CA 27 -105.57 72.92 16.79
N MET CA 28 -105.54 71.64 16.40
CA MET CA 28 -105.26 70.57 17.36
C MET CA 28 -103.91 70.81 18.02
N ILE CA 29 -102.94 71.24 17.21
CA ILE CA 29 -101.58 71.46 17.72
C ILE CA 29 -101.46 72.76 18.49
N SER CA 30 -102.13 73.80 18.02
CA SER CA 30 -102.03 75.10 18.69
C SER CA 30 -102.88 75.22 19.95
N ASP CA 31 -104.03 74.52 20.02
CA ASP CA 31 -104.88 74.56 21.21
C ASP CA 31 -104.23 73.77 22.36
N PHE CA 32 -103.46 72.77 21.97
CA PHE CA 32 -102.77 71.92 22.91
C PHE CA 32 -101.59 72.69 23.50
N LYS CA 33 -100.64 73.07 22.65
CA LYS CA 33 -99.72 74.16 22.95
C LYS CA 33 -98.80 73.96 24.17
N GLY CA 34 -98.19 72.79 24.35
CA GLY CA 34 -97.77 71.89 23.32
C GLY CA 34 -96.26 72.06 23.31
N VAL CA 35 -95.48 71.04 23.68
CA VAL CA 35 -94.02 71.12 23.49
C VAL CA 35 -93.71 71.18 22.00
N GLN CA 36 -94.45 70.42 21.22
CA GLN CA 36 -94.28 70.42 19.77
C GLN CA 36 -94.71 71.74 19.16
N TYR CA 37 -95.83 72.30 19.64
CA TYR CA 37 -96.28 73.61 19.15
C TYR CA 37 -95.21 74.65 19.35
N GLU CA 38 -94.60 74.65 20.53
CA GLU CA 38 -93.54 75.61 20.79
C GLU CA 38 -92.27 75.40 19.94
N LYS CA 39 -91.93 74.15 19.64
CA LYS CA 39 -90.82 73.87 18.73
C LYS CA 39 -91.15 74.42 17.34
N TRP CA 40 -92.44 74.43 17.02
CA TRP CA 40 -92.92 74.83 15.71
C TRP CA 40 -92.70 76.32 15.49
N ILE CA 41 -93.10 77.12 16.48
CA ILE CA 41 -92.89 78.56 16.44
C ILE CA 41 -91.45 78.94 16.10
N THR CA 42 -90.50 78.16 16.58
CA THR CA 42 -89.10 78.47 16.34
C THR CA 42 -88.66 78.01 14.96
N ALA CA 43 -89.21 76.88 14.52
CA ALA CA 43 -88.89 76.33 13.22
C ALA CA 43 -89.43 77.24 12.14
N GLY CA 44 -90.61 77.80 12.40
CA GLY CA 44 -91.34 78.53 11.39
C GLY CA 44 -92.11 77.60 10.47
N LEU CA 45 -91.38 76.82 9.68
CA LEU CA 45 -91.97 75.85 8.76
C LEU CA 45 -91.73 74.40 9.20
N VAL CA 46 -92.78 73.58 9.14
CA VAL CA 46 -92.64 72.15 9.46
C VAL CA 46 -93.27 71.28 8.36
N MET CA 47 -92.63 70.14 8.06
CA MET CA 47 -93.15 69.14 7.09
C MET CA 47 -93.36 67.80 7.76
N PRO CA 48 -94.21 67.75 8.78
CA PRO CA 48 -94.22 66.63 9.74
C PRO CA 48 -94.47 65.27 9.10
N THR CA 49 -94.02 64.23 9.78
CA THR CA 49 -94.63 62.93 9.60
C THR CA 49 -95.48 62.65 10.84
N PHE CA 50 -96.79 62.66 10.67
CA PHE CA 50 -97.70 62.44 11.78
C PHE CA 50 -98.01 60.97 11.98
N LYS CA 51 -98.16 60.55 13.23
CA LYS CA 51 -98.87 59.32 13.55
C LYS CA 51 -100.22 59.77 14.12
N ILE CA 52 -101.30 59.38 13.47
CA ILE CA 52 -102.60 59.71 13.98
C ILE CA 52 -103.10 58.49 14.70
N VAL CA 53 -103.62 58.70 15.90
CA VAL CA 53 -104.18 57.63 16.70
C VAL CA 53 -105.59 58.01 17.10
N ILE CA 54 -106.55 57.15 16.78
CA ILE CA 54 -107.91 57.33 17.25
C ILE CA 54 -108.26 56.34 18.35
N ARG CA 55 -108.49 56.85 19.55
CA ARG CA 55 -108.81 55.99 20.68
C ARG CA 55 -110.31 55.81 20.84
N LEU CA 56 -110.69 54.57 21.08
CA LEU CA 56 -111.89 54.02 20.52
C LEU CA 56 -112.05 52.66 21.19
N PRO CA 57 -113.15 52.46 21.92
CA PRO CA 57 -113.30 51.17 22.61
C PRO CA 57 -113.68 50.09 21.61
N ALA CA 58 -112.86 49.04 21.51
CA ALA CA 58 -113.12 47.95 20.57
C ALA CA 58 -114.44 47.25 20.91
N ASN CA 59 -115.22 46.95 19.89
CA ASN CA 59 -116.49 46.27 20.10
C ASN CA 59 -116.96 45.49 18.87
N ALA CA 60 -117.20 44.20 19.07
CA ALA CA 60 -117.55 43.36 17.92
C ALA CA 60 -119.06 43.24 17.71
N PHE CA 61 -119.83 44.00 18.47
CA PHE CA 61 -121.28 43.79 18.48
C PHE CA 61 -122.07 44.95 17.89
N THR CA 62 -121.43 45.78 17.07
CA THR CA 62 -122.12 46.96 16.56
C THR CA 62 -122.19 47.00 15.05
N GLY CA 63 -121.10 46.63 14.39
CA GLY CA 63 -121.03 46.68 12.93
C GLY CA 63 -120.58 48.03 12.40
N LEU CA 64 -120.27 48.93 13.32
CA LEU CA 64 -119.86 50.30 13.00
C LEU CA 64 -118.55 50.35 12.27
N THR CA 65 -118.53 51.07 11.15
CA THR CA 65 -117.29 51.39 10.45
C THR CA 65 -117.28 52.88 10.12
N TRP CA 66 -116.19 53.55 10.45
CA TRP CA 66 -116.05 54.98 10.20
C TRP CA 66 -114.97 55.27 9.17
N VAL CA 67 -114.97 56.46 8.63
CA VAL CA 67 -113.91 56.86 7.70
C VAL CA 67 -113.27 58.16 8.17
N MET CA 68 -111.95 58.11 8.36
CA MET CA 68 -111.19 59.34 8.54
C MET CA 68 -110.70 59.82 7.17
N SER CA 69 -111.05 61.03 6.80
CA SER CA 69 -110.66 61.56 5.50
C SER CA 69 -109.69 62.71 5.71
N PHE CA 70 -108.52 62.61 5.11
CA PHE CA 70 -107.54 63.68 5.16
C PHE CA 70 -107.76 64.69 4.02
N ASP CA 71 -108.31 65.83 4.39
CA ASP CA 71 -108.65 66.85 3.41
C ASP CA 71 -107.73 68.04 3.61
N ALA CA 72 -106.51 67.95 3.10
CA ALA CA 72 -105.54 69.01 3.36
C ALA CA 72 -105.89 70.35 2.69
N TYR CA 73 -106.71 70.29 1.64
CA TYR CA 73 -107.03 71.49 0.87
C TYR CA 73 -108.49 71.92 0.95
N ASN CA 74 -109.21 71.36 1.93
CA ASN CA 74 -110.56 71.78 2.26
C ASN CA 74 -111.49 71.70 1.07
N ARG CA 75 -111.47 70.54 0.42
CA ARG CA 75 -112.17 70.36 -0.84
C ARG CA 75 -113.54 69.68 -0.67
N ILE CA 76 -113.74 68.93 0.40
CA ILE CA 76 -115.03 68.25 0.61
C ILE CA 76 -115.81 68.68 1.85
N THR CA 77 -115.27 69.64 2.60
CA THR CA 77 -115.89 70.06 3.86
C THR CA 77 -117.30 70.64 3.73
N SER CA 78 -117.46 71.58 2.81
CA SER CA 78 -118.72 72.28 2.65
C SER CA 78 -119.80 71.33 2.19
N ARG CA 79 -119.40 70.16 1.70
CA ARG CA 79 -120.32 69.24 1.09
C ARG CA 79 -120.65 68.01 1.94
N ILE CA 80 -120.07 67.91 3.13
CA ILE CA 80 -120.34 66.78 4.02
C ILE CA 80 -120.78 67.17 5.42
N THR CA 81 -121.00 68.45 5.67
CA THR CA 81 -121.32 68.84 7.04
C THR CA 81 -122.76 68.60 7.45
N ALA CA 82 -123.62 68.26 6.49
CA ALA CA 82 -124.99 67.85 6.81
C ALA CA 82 -125.08 66.35 6.73
N SER CA 83 -124.77 65.83 5.57
CA SER CA 83 -124.65 64.40 5.40
C SER CA 83 -123.33 64.13 4.69
N ALA CA 84 -122.74 62.96 4.93
CA ALA CA 84 -121.48 62.64 4.29
C ALA CA 84 -121.59 61.47 3.34
N ASP CA 85 -121.92 61.75 2.08
CA ASP CA 85 -122.01 60.67 1.10
C ASP CA 85 -120.65 60.03 0.99
N PRO CA 86 -120.60 58.69 0.95
CA PRO CA 86 -119.31 58.03 0.80
C PRO CA 86 -118.55 58.49 -0.43
N VAL CA 87 -119.22 58.89 -1.50
CA VAL CA 87 -118.49 59.37 -2.69
C VAL CA 87 -117.57 60.55 -2.38
N TYR CA 88 -118.01 61.46 -1.51
CA TYR CA 88 -117.16 62.57 -1.09
C TYR CA 88 -116.06 62.07 -0.15
N THR CA 89 -116.46 61.30 0.87
CA THR CA 89 -115.54 60.97 1.95
C THR CA 89 -114.40 60.05 1.48
N LEU CA 90 -114.63 59.32 0.39
CA LEU CA 90 -113.61 58.40 -0.13
C LEU CA 90 -112.85 58.99 -1.32
N SER CA 91 -113.14 60.23 -1.67
CA SER CA 91 -112.53 60.86 -2.84
C SER CA 91 -111.23 61.57 -2.51
N VAL CA 92 -110.88 61.59 -1.24
CA VAL CA 92 -109.59 62.10 -0.79
C VAL CA 92 -108.88 60.99 0.00
N PRO CA 93 -107.58 61.16 0.27
CA PRO CA 93 -106.92 60.11 1.09
C PRO CA 93 -107.73 59.81 2.38
N HIS CA 94 -107.89 58.52 2.68
CA HIS CA 94 -108.78 58.14 3.76
C HIS CA 94 -108.44 56.75 4.33
N TRP CA 95 -109.02 56.46 5.49
CA TRP CA 95 -108.76 55.21 6.18
C TRP CA 95 -110.05 54.66 6.77
N LEU CA 96 -110.26 53.35 6.64
CA LEU CA 96 -111.41 52.70 7.25
C LEU CA 96 -111.10 52.41 8.71
N ILE CA 97 -112.03 52.75 9.57
CA ILE CA 97 -111.87 52.48 10.99
C ILE CA 97 -112.94 51.49 11.44
N HIS CA 98 -112.54 50.25 11.65
CA HIS CA 98 -113.48 49.21 12.06
C HIS CA 98 -113.62 49.13 13.58
N HIS CA 99 -114.87 49.12 14.04
CA HIS CA 99 -115.13 49.13 15.46
C HIS CA 99 -114.59 47.87 16.10
N LYS CA 100 -114.66 46.76 15.37
CA LYS CA 100 -114.21 45.49 15.95
C LYS CA 100 -112.73 45.52 16.29
N LEU CA 101 -111.96 46.40 15.66
CA LEU CA 101 -110.52 46.43 15.84
C LEU CA 101 -110.07 47.40 16.91
N GLY CA 102 -111.00 48.17 17.45
CA GLY CA 102 -110.67 49.13 18.47
C GLY CA 102 -109.78 50.28 18.02
N THR CA 103 -108.83 50.64 18.89
CA THR CA 103 -107.97 51.77 18.66
C THR CA 103 -107.22 51.66 17.35
N PHE CA 104 -107.21 52.76 16.59
CA PHE CA 104 -106.74 52.78 15.21
C PHE CA 104 -105.54 53.69 15.07
N SER CA 105 -104.65 53.36 14.15
CA SER CA 105 -103.48 54.20 13.96
C SER CA 105 -103.03 54.18 12.50
N CYS CA 106 -102.50 55.30 12.03
CA CYS CA 106 -101.92 55.35 10.68
C CYS CA 106 -100.87 56.45 10.58
N GLU CA 107 -100.08 56.41 9.51
CA GLU CA 107 -99.08 57.44 9.28
C GLU CA 107 -99.48 58.35 8.14
N ILE CA 108 -99.25 59.64 8.34
CA ILE CA 108 -99.47 60.60 7.30
C ILE CA 108 -98.15 61.30 7.04
N ASP CA 109 -97.54 61.03 5.89
CA ASP CA 109 -96.36 61.78 5.48
C ASP CA 109 -96.85 63.06 4.83
N TYR CA 110 -96.80 64.14 5.57
CA TYR CA 110 -97.40 65.40 5.15
C TYR CA 110 -96.73 65.90 3.89
N GLY CA 111 -95.48 65.46 3.68
CA GLY CA 111 -94.78 65.75 2.46
C GLY CA 111 -95.44 65.20 1.22
N GLU CA 112 -95.93 63.95 1.31
CA GLU CA 112 -96.66 63.34 0.21
C GLU CA 112 -98.14 63.72 0.12
N LEU CA 113 -98.90 63.33 1.13
CA LEU CA 113 -100.33 63.57 1.14
C LEU CA 113 -100.73 65.05 1.04
N CYS CA 114 -99.84 65.94 1.42
CA CYS CA 114 -100.17 67.36 1.38
C CYS CA 114 -99.31 68.14 0.38
N GLY CA 115 -98.00 68.14 0.56
CA GLY CA 115 -97.11 68.76 -0.41
C GLY CA 115 -96.48 70.11 -0.06
N HIS CA 116 -97.15 70.90 0.76
CA HIS CA 116 -96.55 72.15 1.21
C HIS CA 116 -96.34 72.20 2.73
N ALA CA 117 -95.27 72.87 3.17
CA ALA CA 117 -94.93 72.95 4.59
C ALA CA 117 -95.82 73.91 5.38
N MET CA 118 -96.04 73.58 6.64
CA MET CA 118 -96.94 74.37 7.49
C MET CA 118 -96.27 75.54 8.20
N TRP CA 119 -96.86 76.71 8.06
CA TRP CA 119 -96.36 77.93 8.65
C TRP CA 119 -96.99 78.17 10.03
N PHE CA 120 -96.16 78.31 11.04
CA PHE CA 120 -96.63 78.38 12.42
C PHE CA 120 -97.72 79.44 12.68
N LYS CA 121 -97.66 80.57 11.99
CA LYS CA 121 -98.48 81.72 12.41
C LYS CA 121 -99.85 81.82 11.71
N SER CA 122 -99.98 81.16 10.57
CA SER CA 122 -101.22 81.24 9.80
C SER CA 122 -101.29 80.20 8.70
N THR CA 123 -102.51 79.93 8.27
CA THR CA 123 -102.70 79.03 7.15
C THR CA 123 -102.11 79.68 5.87
N THR CA 124 -101.37 78.91 5.09
CA THR CA 124 -100.82 79.41 3.84
C THR CA 124 -101.87 79.36 2.74
N PHE CA 125 -102.25 78.15 2.33
CA PHE CA 125 -103.27 78.03 1.29
C PHE CA 125 -104.62 77.81 1.89
N GLU CA 126 -104.97 76.56 2.13
CA GLU CA 126 -106.16 76.33 2.93
C GLU CA 126 -105.76 75.54 4.16
N SER CA 127 -106.66 75.52 5.15
CA SER CA 127 -106.42 74.90 6.44
C SER CA 127 -106.73 73.39 6.43
N PRO CA 128 -105.71 72.55 6.69
CA PRO CA 128 -105.80 71.07 6.63
C PRO CA 128 -106.78 70.44 7.64
N ARG CA 129 -107.73 69.64 7.18
CA ARG CA 129 -108.75 69.07 8.05
C ARG CA 129 -108.73 67.54 8.09
N LEU CA 130 -109.18 66.97 9.21
CA LEU CA 130 -109.53 65.57 9.30
C LEU CA 130 -111.03 65.44 9.48
N HIS CA 131 -111.71 64.73 8.57
CA HIS CA 131 -113.16 64.56 8.69
C HIS CA 131 -113.48 63.16 9.21
N PHE CA 132 -114.43 63.08 10.13
CA PHE CA 132 -114.87 61.79 10.61
C PHE CA 132 -116.33 61.55 10.29
N THR CA 133 -116.56 60.52 9.48
CA THR CA 133 -117.90 60.17 9.03
C THR CA 133 -118.19 58.71 9.29
N CYS CA 134 -119.46 58.34 9.34
CA CYS CA 134 -119.83 56.96 9.55
C CYS CA 134 -120.15 56.30 8.21
N LEU CA 135 -119.43 55.22 7.88
CA LEU CA 135 -119.54 54.55 6.57
C LEU CA 135 -120.62 53.49 6.56
N THR CA 136 -120.61 52.63 7.58
CA THR CA 136 -121.68 51.69 7.83
C THR CA 136 -122.19 51.89 9.26
N GLY CA 137 -123.50 51.89 9.44
CA GLY CA 137 -124.09 52.20 10.73
C GLY CA 137 -124.14 51.03 11.69
N ASN CA 138 -124.51 51.34 12.93
CA ASN CA 138 -124.68 50.29 13.93
C ASN CA 138 -125.94 49.50 13.65
N ASN CA 139 -125.96 48.24 14.02
CA ASN CA 139 -127.08 47.36 13.72
C ASN CA 139 -128.34 47.76 14.48
N LYS CA 140 -128.14 48.35 15.65
CA LYS CA 140 -129.19 48.87 16.51
C LYS CA 140 -128.49 49.95 17.32
N GLU CA 141 -129.21 50.92 17.84
CA GLU CA 141 -128.54 51.98 18.58
C GLU CA 141 -127.80 51.41 19.80
N LEU CA 142 -126.78 52.12 20.27
CA LEU CA 142 -126.07 51.75 21.48
C LEU CA 142 -126.80 52.28 22.73
N ALA CA 143 -126.22 52.02 23.90
CA ALA CA 143 -126.91 52.38 25.11
C ALA CA 143 -126.95 53.90 25.33
N ALA CA 144 -125.89 54.60 24.92
CA ALA CA 144 -125.81 56.04 25.16
C ALA CA 144 -124.83 56.71 24.23
N ASP CA 145 -124.85 58.04 24.20
CA ASP CA 145 -123.87 58.81 23.45
C ASP CA 145 -122.47 58.55 24.01
N TRP CA 146 -121.45 58.64 23.15
CA TRP CA 146 -120.07 58.47 23.60
C TRP CA 146 -119.10 59.32 22.78
N GLN CA 147 -117.80 59.19 23.06
CA GLN CA 147 -116.80 59.94 22.31
C GLN CA 147 -115.58 59.09 22.01
N ALA CA 148 -114.83 59.52 21.00
CA ALA CA 148 -113.53 58.95 20.69
C ALA CA 148 -112.50 60.06 20.73
N VAL CA 149 -111.25 59.71 21.05
CA VAL CA 149 -110.19 60.70 21.12
C VAL CA 149 -109.25 60.57 19.94
N VAL CA 150 -108.94 61.71 19.29
CA VAL CA 150 -108.00 61.72 18.18
C VAL CA 150 -106.69 62.34 18.63
N GLU CA 151 -105.57 61.68 18.36
CA GLU CA 151 -104.28 62.20 18.79
C GLU CA 151 -103.27 62.30 17.65
N LEU CA 152 -102.52 63.41 17.61
CA LEU CA 152 -101.43 63.58 16.64
C LEU CA 152 -100.09 63.40 17.34
N TYR CA 153 -99.28 62.48 16.84
CA TYR CA 153 -97.93 62.31 17.39
C TYR CA 153 -96.96 62.70 16.31
N ALA CA 154 -95.94 63.46 16.66
CA ALA CA 154 -94.97 63.93 15.69
C ALA CA 154 -93.74 64.44 16.40
N GLU CA 155 -92.60 64.38 15.73
CA GLU CA 155 -91.40 65.09 16.19
C GLU CA 155 -91.09 66.17 15.19
N LEU CA 156 -91.68 67.35 15.41
CA LEU CA 156 -91.54 68.45 14.48
C LEU CA 156 -90.11 68.97 14.39
N GLU CA 157 -89.59 69.04 13.17
CA GLU CA 157 -88.33 69.71 12.93
C GLU CA 157 -88.45 70.70 11.78
N GLU CA 158 -87.55 71.68 11.75
CA GLU CA 158 -87.61 72.74 10.75
C GLU CA 158 -87.53 72.18 9.35
N ALA CA 159 -88.43 72.67 8.49
CA ALA CA 159 -88.50 72.28 7.09
C ALA CA 159 -87.47 73.04 6.25
N THR CA 160 -86.77 72.29 5.41
CA THR CA 160 -85.70 72.84 4.59
C THR CA 160 -86.25 73.52 3.32
N SER CA 161 -87.35 73.00 2.78
CA SER CA 161 -87.95 73.51 1.54
C SER CA 161 -89.42 73.77 1.74
N PHE CA 162 -90.01 74.60 0.87
CA PHE CA 162 -91.45 74.87 0.96
C PHE CA 162 -92.25 73.69 0.41
N LEU CA 163 -91.75 73.13 -0.68
CA LEU CA 163 -92.48 72.09 -1.38
C LEU CA 163 -92.00 70.70 -1.00
N GLY CA 164 -92.94 69.74 -0.95
CA GLY CA 164 -92.63 68.34 -0.78
C GLY CA 164 -92.03 67.71 -2.04
N LYS CA 165 -92.14 66.39 -2.14
CA LYS CA 165 -91.83 65.71 -3.39
C LYS CA 165 -93.17 65.50 -4.08
N PRO CA 166 -93.21 65.66 -5.41
CA PRO CA 166 -94.48 65.59 -6.15
C PRO CA 166 -95.08 64.20 -6.12
N THR CA 167 -96.35 64.10 -5.71
CA THR CA 167 -97.12 62.87 -5.73
C THR CA 167 -97.19 62.31 -7.15
N LEU CA 168 -97.19 63.17 -8.17
CA LEU CA 168 -97.47 62.75 -9.55
C LEU CA 168 -96.80 63.67 -10.56
N VAL CA 169 -96.24 63.10 -11.61
CA VAL CA 169 -95.69 63.91 -12.69
C VAL CA 169 -96.38 63.57 -13.99
N PHE CA 170 -96.85 64.59 -14.70
CA PHE CA 170 -97.70 64.35 -15.84
C PHE CA 170 -97.04 63.56 -16.95
N ASP CA 171 -97.70 62.50 -17.37
CA ASP CA 171 -97.27 61.62 -18.45
C ASP CA 171 -98.48 60.85 -18.97
N PRO CA 172 -98.84 61.09 -20.23
CA PRO CA 172 -100.03 60.53 -20.90
C PRO CA 172 -99.93 59.02 -21.01
N GLY CA 173 -98.72 58.56 -21.31
CA GLY CA 173 -98.45 57.15 -21.57
C GLY CA 173 -98.18 56.34 -20.31
N VAL CA 174 -98.51 56.90 -19.14
CA VAL CA 174 -98.20 56.22 -17.89
C VAL CA 174 -99.32 56.25 -16.83
N PHE CA 175 -100.01 55.11 -16.84
CA PHE CA 175 -100.94 54.63 -15.85
C PHE CA 175 -100.53 53.19 -15.63
N ASN CA 176 -99.83 52.92 -14.52
CA ASN CA 176 -99.34 51.58 -14.19
C ASN CA 176 -100.44 50.52 -14.13
N GLY CA 177 -101.46 50.76 -13.32
CA GLY CA 177 -102.45 49.75 -13.08
C GLY CA 177 -102.58 49.52 -11.59
N LYS CA 178 -101.69 50.15 -10.81
CA LYS CA 178 -101.78 50.16 -9.36
C LYS CA 178 -102.57 51.39 -8.84
N PHE CA 179 -103.37 51.21 -7.79
CA PHE CA 179 -104.16 52.30 -7.23
C PHE CA 179 -103.82 52.53 -5.77
N GLN CA 180 -104.05 53.75 -5.29
CA GLN CA 180 -104.16 53.98 -3.85
C GLN CA 180 -105.48 54.68 -3.54
N PHE CA 181 -106.03 54.41 -2.37
CA PHE CA 181 -107.25 55.06 -1.91
C PHE CA 181 -108.44 54.89 -2.85
N LEU CA 182 -108.52 53.73 -3.49
CA LEU CA 182 -109.69 53.41 -4.29
C LEU CA 182 -110.65 52.51 -3.51
N THR CA 183 -111.64 53.14 -2.88
CA THR CA 183 -112.59 52.42 -2.06
C THR CA 183 -113.99 52.63 -2.63
N CYS CA 184 -114.72 51.54 -2.84
CA CYS CA 184 -116.08 51.61 -3.36
C CYS CA 184 -117.04 51.86 -2.23
N PRO CA 185 -118.02 52.74 -2.45
CA PRO CA 185 -119.09 52.90 -1.47
C PRO CA 185 -119.70 51.54 -1.08
N PRO CA 186 -120.24 51.45 0.13
CA PRO CA 186 -120.71 50.18 0.69
C PRO CA 186 -121.82 49.59 -0.16
N ILE CA 187 -121.76 48.28 -0.30
CA ILE CA 187 -122.77 47.47 -0.94
C ILE CA 187 -123.62 46.79 0.15
N PHE CA 188 -124.95 46.75 0.01
CA PHE CA 188 -125.77 46.20 1.09
C PHE CA 188 -126.58 44.97 0.71
N PHE CA 189 -126.67 44.00 1.62
CA PHE CA 189 -127.51 42.81 1.41
C PHE CA 189 -128.61 42.72 2.44
N ASP CA 190 -129.83 42.48 1.99
CA ASP CA 190 -130.97 42.36 2.91
C ASP CA 190 -130.98 40.95 3.47
N LEU CA 191 -131.40 40.80 4.72
CA LEU CA 191 -131.48 39.45 5.26
C LEU CA 191 -132.84 38.81 5.01
N THR CA 192 -133.72 39.56 4.38
CA THR CA 192 -135.03 39.06 4.02
C THR CA 192 -134.98 38.45 2.62
N ALA CA 193 -133.77 38.15 2.17
CA ALA CA 193 -133.59 37.59 0.83
C ALA CA 193 -132.70 36.36 0.83
N VAL CA 194 -133.22 35.25 0.31
CA VAL CA 194 -132.49 34.00 0.37
C VAL CA 194 -131.22 34.01 -0.49
N THR CA 195 -131.29 34.66 -1.65
CA THR CA 195 -130.08 34.98 -2.42
C THR CA 195 -130.17 36.40 -2.95
N ALA CA 196 -129.06 36.92 -3.48
CA ALA CA 196 -129.08 38.28 -4.02
C ALA CA 196 -127.86 38.60 -4.83
N LEU CA 197 -127.99 39.58 -5.70
CA LEU CA 197 -126.85 40.03 -6.49
C LEU CA 197 -126.60 41.51 -6.27
N ARG CA 198 -125.34 41.88 -6.14
CA ARG CA 198 -124.96 43.29 -6.17
C ARG CA 198 -123.83 43.51 -7.15
N SER CA 199 -124.05 44.38 -8.12
CA SER CA 199 -123.04 44.68 -9.12
C SER CA 199 -122.18 45.88 -8.75
N ALA CA 200 -120.89 45.78 -9.04
CA ALA CA 200 -120.00 46.92 -8.98
C ALA CA 200 -119.42 47.13 -10.39
N GLY CA 201 -119.66 48.31 -10.96
CA GLY CA 201 -119.15 48.59 -12.29
C GLY CA 201 -117.64 48.64 -12.32
N LEU CA 202 -117.04 48.21 -13.44
CA LEU CA 202 -115.59 48.21 -13.55
C LEU CA 202 -115.13 49.25 -14.56
N THR CA 203 -116.06 50.11 -14.95
CA THR CA 203 -115.74 51.20 -15.87
C THR CA 203 -115.18 52.33 -15.04
N LEU CA 204 -113.95 52.16 -14.57
CA LEU CA 204 -113.38 53.00 -13.53
C LEU CA 204 -113.02 54.43 -13.88
N GLY CA 205 -113.02 54.77 -15.18
CA GLY CA 205 -112.77 56.13 -15.63
C GLY CA 205 -113.99 57.04 -15.50
N GLN CA 206 -115.14 56.45 -15.19
CA GLN CA 206 -116.38 57.19 -15.07
C GLN CA 206 -116.26 58.10 -13.86
N VAL CA 207 -116.71 59.34 -13.98
CA VAL CA 207 -116.69 60.25 -12.84
C VAL CA 207 -117.91 60.03 -11.93
N PRO CA 208 -117.66 59.79 -10.64
CA PRO CA 208 -118.70 59.46 -9.65
C PRO CA 208 -119.59 60.66 -9.41
N MET CA 209 -120.86 60.43 -9.04
CA MET CA 209 -121.76 61.55 -8.80
C MET CA 209 -122.51 61.46 -7.49
N VAL CA 210 -122.89 62.61 -6.98
CA VAL CA 210 -123.77 62.70 -5.82
C VAL CA 210 -124.90 63.64 -6.20
N GLY CA 211 -126.05 63.11 -6.55
CA GLY CA 211 -127.08 63.92 -7.16
C GLY CA 211 -126.61 64.47 -8.48
N THR CA 212 -126.64 65.78 -8.63
CA THR CA 212 -126.22 66.41 -9.87
C THR CA 212 -124.77 66.84 -9.80
N THR CA 213 -124.13 66.59 -8.66
CA THR CA 213 -122.75 66.98 -8.43
C THR CA 213 -121.72 65.95 -8.90
N LYS CA 214 -120.84 66.35 -9.82
CA LYS CA 214 -119.74 65.51 -10.29
C LYS CA 214 -118.61 65.60 -9.28
N VAL CA 215 -118.06 64.47 -8.86
CA VAL CA 215 -116.92 64.49 -7.95
C VAL CA 215 -115.66 63.99 -8.64
N TYR CA 216 -114.92 64.89 -9.25
CA TYR CA 216 -113.69 64.51 -9.92
C TYR CA 216 -112.67 64.00 -8.89
N ASN CA 217 -112.01 62.90 -9.19
CA ASN CA 217 -110.98 62.40 -8.30
C ASN CA 217 -109.83 61.80 -9.07
N LEU CA 218 -108.68 61.64 -8.40
CA LEU CA 218 -107.48 61.20 -9.09
C LEU CA 218 -107.58 59.80 -9.70
N ASN CA 219 -108.22 58.87 -8.99
CA ASN CA 219 -108.32 57.51 -9.52
C ASN CA 219 -109.07 57.40 -10.84
N SER CA 220 -110.27 57.98 -10.91
CA SER CA 220 -111.00 57.93 -12.17
C SER CA 220 -110.23 58.70 -13.26
N THR CA 221 -109.57 59.78 -12.85
CA THR CA 221 -108.76 60.56 -13.77
C THR CA 221 -107.62 59.72 -14.35
N LEU CA 222 -106.93 58.98 -13.49
CA LEU CA 222 -105.89 58.08 -13.97
C LEU CA 222 -106.43 57.07 -14.97
N VAL CA 223 -107.52 56.39 -14.63
CA VAL CA 223 -108.06 55.38 -15.53
C VAL CA 223 -108.42 55.99 -16.89
N SER CA 224 -108.87 57.24 -16.88
CA SER CA 224 -109.27 57.88 -18.13
C SER CA 224 -108.08 58.11 -19.07
N CYS CA 225 -106.86 57.95 -18.56
CA CYS CA 225 -105.64 58.13 -19.35
C CYS CA 225 -105.36 56.97 -20.28
N VAL CA 226 -106.26 55.99 -20.22
CA VAL CA 226 -106.16 54.76 -20.99
C VAL CA 226 -107.51 54.53 -21.72
N LEU CA 227 -107.53 53.74 -22.79
CA LEU CA 227 -108.76 53.51 -23.53
C LEU CA 227 -109.59 52.42 -22.87
N GLY CA 228 -108.92 51.50 -22.20
CA GLY CA 228 -109.57 50.40 -21.53
C GLY CA 228 -108.54 49.48 -20.89
N MET CA 229 -109.03 48.47 -20.16
CA MET CA 229 -108.15 47.61 -19.39
C MET CA 229 -108.74 46.21 -19.23
N GLY CA 230 -107.85 45.23 -19.19
CA GLY CA 230 -108.23 43.87 -18.88
C GLY CA 230 -107.24 43.34 -17.87
N GLY CA 231 -107.51 42.17 -17.34
CA GLY CA 231 -106.56 41.59 -16.39
C GLY CA 231 -107.29 41.14 -15.16
N THR CA 232 -106.58 41.10 -14.04
CA THR CA 232 -107.19 40.63 -12.82
C THR CA 232 -107.31 41.75 -11.81
N VAL CA 233 -108.50 41.90 -11.24
CA VAL CA 233 -108.73 42.86 -10.17
C VAL CA 233 -108.29 42.28 -8.82
N ARG CA 234 -107.26 42.88 -8.20
CA ARG CA 234 -106.83 42.46 -6.85
C ARG CA 234 -107.37 43.45 -5.86
N GLY CA 235 -108.09 42.97 -4.87
CA GLY CA 235 -108.68 43.86 -3.89
C GLY CA 235 -108.87 43.25 -2.54
N ARG CA 236 -109.52 43.98 -1.64
CA ARG CA 236 -109.86 43.47 -0.32
C ARG CA 236 -111.35 43.66 -0.07
N VAL CA 237 -111.96 42.72 0.63
CA VAL CA 237 -113.37 42.80 0.98
C VAL CA 237 -113.50 42.91 2.48
N HIS CA 238 -114.26 43.88 2.94
CA HIS CA 238 -114.55 44.00 4.37
C HIS CA 238 -116.01 43.73 4.63
N ILE CA 239 -116.28 42.79 5.54
CA ILE CA 239 -117.64 42.53 5.98
C ILE CA 239 -117.95 43.31 7.26
N CYS CA 240 -118.79 44.32 7.14
CA CYS CA 240 -118.95 45.33 8.18
C CYS CA 240 -120.22 45.14 8.98
N ALA CA 241 -120.27 44.04 9.71
CA ALA CA 241 -121.41 43.71 10.53
C ALA CA 241 -120.96 43.10 11.85
N PRO CA 242 -121.87 42.99 12.81
CA PRO CA 242 -121.59 42.35 14.11
C PRO CA 242 -121.15 40.88 13.96
N ILE CA 243 -120.39 40.32 14.90
CA ILE CA 243 -119.97 38.90 14.82
C ILE CA 243 -121.13 37.94 14.62
N PHE CA 244 -122.34 38.35 15.03
CA PHE CA 244 -123.50 37.47 14.94
C PHE CA 244 -124.24 37.54 13.59
N TYR CA 245 -123.74 38.39 12.69
CA TYR CA 245 -124.14 38.40 11.28
C TYR CA 245 -123.12 37.59 10.52
N SER CA 246 -123.55 36.91 9.46
CA SER CA 246 -122.59 36.21 8.60
C SER CA 246 -123.15 35.95 7.21
N ILE CA 247 -122.26 35.74 6.27
CA ILE CA 247 -122.68 35.63 4.89
C ILE CA 247 -121.63 34.83 4.09
N VAL CA 248 -122.03 34.27 2.96
CA VAL CA 248 -121.11 33.64 2.04
C VAL CA 248 -121.39 34.19 0.65
N LEU CA 249 -120.34 34.68 -0.01
CA LEU CA 249 -120.47 35.31 -1.32
C LEU CA 249 -119.72 34.53 -2.37
N TRP CA 250 -120.29 34.50 -3.56
CA TRP CA 250 -119.61 34.08 -4.78
C TRP CA 250 -119.31 35.37 -5.54
N VAL CA 251 -118.02 35.66 -5.74
CA VAL CA 251 -117.63 36.89 -6.40
C VAL CA 251 -117.05 36.57 -7.77
N VAL CA 252 -117.68 37.09 -8.81
CA VAL CA 252 -117.24 36.77 -10.15
C VAL CA 252 -117.46 37.92 -11.12
N SER CA 253 -116.76 37.92 -12.25
CA SER CA 253 -116.94 38.97 -13.24
C SER CA 253 -117.83 38.54 -14.40
N GLU CA 254 -118.73 39.42 -14.82
CA GLU CA 254 -119.63 39.13 -15.94
C GLU CA 254 -119.73 40.26 -16.95
N TRP CA 255 -120.06 39.92 -18.19
CA TRP CA 255 -120.14 40.91 -19.25
C TRP CA 255 -121.58 41.14 -19.72
N ASN CA 256 -121.95 42.41 -19.80
CA ASN CA 256 -123.23 42.85 -20.32
C ASN CA 256 -124.40 42.06 -19.78
N GLY CA 257 -124.77 42.36 -18.55
CA GLY CA 257 -125.84 41.61 -17.91
C GLY CA 257 -125.28 40.47 -17.08
N THR CA 258 -126.18 39.63 -16.60
CA THR CA 258 -125.77 38.49 -15.78
C THR CA 258 -126.52 37.27 -16.27
N THR CA 259 -125.95 36.10 -16.05
CA THR CA 259 -126.65 34.88 -16.40
C THR CA 259 -127.76 34.63 -15.40
N MET CA 260 -128.79 33.96 -15.86
CA MET CA 260 -129.94 33.68 -15.01
C MET CA 260 -129.89 32.23 -14.54
N ASP CA 261 -128.91 31.49 -15.05
CA ASP CA 261 -128.74 30.07 -14.76
C ASP CA 261 -127.68 29.82 -13.71
N TRP CA 262 -128.10 29.41 -12.52
CA TRP CA 262 -127.18 29.14 -11.42
C TRP CA 262 -126.05 28.19 -11.79
N ASN CA 263 -126.33 27.23 -12.65
CA ASN CA 263 -125.28 26.28 -13.01
C ASN CA 263 -124.23 26.91 -13.91
N GLU CA 264 -124.65 27.77 -14.84
CA GLU CA 264 -123.69 28.47 -15.65
C GLU CA 264 -122.82 29.38 -14.77
N LEU CA 265 -123.47 30.05 -13.81
CA LEU CA 265 -122.80 30.99 -12.93
C LEU CA 265 -121.58 30.36 -12.28
N PHE CA 266 -121.71 29.09 -11.89
CA PHE CA 266 -120.65 28.41 -11.18
C PHE CA 266 -119.65 27.69 -12.08
N LYS CA 267 -119.79 27.88 -13.38
CA LYS CA 267 -118.79 27.40 -14.31
C LYS CA 267 -117.83 28.54 -14.61
N TYR CA 268 -118.14 29.74 -14.14
CA TYR CA 268 -117.26 30.90 -14.31
C TYR CA 268 -116.16 30.84 -13.28
N PRO CA 269 -115.04 31.55 -13.54
CA PRO CA 269 -113.92 31.63 -12.60
C PRO CA 269 -114.08 32.72 -11.55
N GLY CA 270 -114.81 32.39 -10.49
CA GLY CA 270 -114.99 33.27 -9.34
C GLY CA 270 -114.30 32.78 -8.08
N VAL CA 271 -114.56 33.46 -6.97
CA VAL CA 271 -113.96 33.11 -5.70
C VAL CA 271 -115.02 33.22 -4.62
N TYR CA 272 -114.85 32.47 -3.53
CA TYR CA 272 -115.80 32.55 -2.42
C TYR CA 272 -115.26 33.50 -1.37
N VAL CA 273 -116.14 34.29 -0.75
CA VAL CA 273 -115.74 35.19 0.32
C VAL CA 273 -116.65 34.95 1.51
N GLU CA 274 -116.07 34.55 2.65
CA GLU CA 274 -116.84 34.22 3.86
C GLU CA 274 -116.54 35.25 4.92
N GLU CA 275 -115.45 35.98 4.73
CA GLU CA 275 -114.93 36.87 5.76
C GLU CA 275 -113.97 37.92 5.22
N ASP CA 276 -113.67 38.93 6.04
CA ASP CA 276 -112.64 39.92 5.70
C ASP CA 276 -111.47 39.21 5.00
N GLY CA 277 -111.00 39.76 3.89
CA GLY CA 277 -109.86 39.20 3.19
C GLY CA 277 -109.59 39.83 1.83
N SER CA 278 -108.54 39.37 1.16
CA SER CA 278 -108.26 39.84 -0.19
C SER CA 278 -108.86 38.87 -1.20
N PHE CA 279 -108.94 39.30 -2.47
CA PHE CA 279 -109.52 38.51 -3.55
C PHE CA 279 -108.87 38.92 -4.87
N GLU CA 280 -108.84 37.97 -5.80
CA GLU CA 280 -108.45 38.28 -7.18
C GLU CA 280 -109.49 37.69 -8.12
N VAL CA 281 -110.07 38.54 -8.97
CA VAL CA 281 -111.03 38.09 -9.96
C VAL CA 281 -110.64 38.58 -11.35
N LYS CA 282 -110.69 37.68 -12.33
CA LYS CA 282 -110.36 38.02 -13.71
C LYS CA 282 -111.48 38.87 -14.29
N ILE CA 283 -111.09 39.98 -14.95
CA ILE CA 283 -112.03 40.82 -15.70
C ILE CA 283 -112.47 40.06 -16.94
N ARG CA 284 -113.75 39.73 -17.00
CA ARG CA 284 -114.32 38.90 -18.05
C ARG CA 284 -114.97 39.75 -19.15
N SER CA 285 -114.56 39.53 -20.40
CA SER CA 285 -115.07 40.32 -21.52
C SER CA 285 -114.73 39.68 -22.85
N PRO CA 286 -115.62 39.86 -23.82
CA PRO CA 286 -115.46 39.36 -25.19
C PRO CA 286 -114.21 39.89 -25.85
N TYR CA 287 -113.70 41.00 -25.33
CA TYR CA 287 -112.53 41.69 -25.87
C TYR CA 287 -111.37 41.59 -24.90
N HIS CA 288 -111.61 40.89 -23.80
CA HIS CA 288 -110.60 40.68 -22.76
C HIS CA 288 -110.32 41.95 -21.99
N ARG CA 289 -110.88 43.06 -22.46
CA ARG CA 289 -110.73 44.35 -21.79
C ARG CA 289 -112.12 44.98 -21.68
N THR CA 290 -112.32 45.85 -20.69
CA THR CA 290 -113.53 46.68 -20.62
C THR CA 290 -113.09 48.12 -20.87
N PRO CA 291 -113.94 48.92 -21.53
CA PRO CA 291 -113.60 50.32 -21.81
C PRO CA 291 -113.50 51.17 -20.56
N ALA CA 292 -112.62 52.18 -20.61
CA ALA CA 292 -112.32 53.05 -19.48
C ALA CA 292 -113.47 53.98 -19.15
N ARG CA 293 -114.17 54.44 -20.18
CA ARG CA 293 -115.32 55.33 -19.99
C ARG CA 293 -116.50 54.94 -20.89
N LEU CA 294 -117.67 55.49 -20.60
CA LEU CA 294 -118.87 55.16 -21.35
C LEU CA 294 -119.15 56.13 -22.47
N LEU CA 295 -119.88 55.63 -23.47
CA LEU CA 295 -120.42 56.43 -24.55
C LEU CA 295 -121.84 56.81 -24.19
N ALA CA 296 -122.42 57.74 -24.95
CA ALA CA 296 -123.77 58.20 -24.62
C ALA CA 296 -124.74 57.04 -24.62
N GLY CA 297 -125.56 56.95 -23.58
CA GLY CA 297 -126.59 55.93 -23.54
C GLY CA 297 -126.15 54.54 -23.10
N GLN CA 298 -124.84 54.31 -23.02
CA GLN CA 298 -124.32 53.09 -22.41
C GLN CA 298 -124.39 53.10 -20.89
N SER CA 299 -124.53 51.92 -20.33
CA SER CA 299 -124.66 51.74 -18.90
C SER CA 299 -123.43 50.97 -18.50
N GLN CA 300 -122.96 51.20 -17.29
CA GLN CA 300 -121.79 50.48 -16.81
C GLN CA 300 -122.04 48.96 -16.77
N ARG CA 301 -123.31 48.56 -16.64
CA ARG CA 301 -123.66 47.14 -16.58
C ARG CA 301 -123.56 46.49 -17.95
N ASP CA 302 -123.49 47.34 -18.97
CA ASP CA 302 -123.34 46.90 -20.36
C ASP CA 302 -121.96 46.31 -20.62
N MET CA 303 -121.01 46.58 -19.73
CA MET CA 303 -119.63 46.15 -19.89
C MET CA 303 -119.26 45.10 -18.85
N SER CA 304 -117.98 45.10 -18.45
CA SER CA 304 -117.49 44.17 -17.45
C SER CA 304 -117.78 44.69 -16.03
N SER CA 305 -118.35 43.81 -15.18
CA SER CA 305 -118.66 44.16 -13.81
C SER CA 305 -118.12 43.14 -12.83
N LEU CA 306 -117.92 43.56 -11.59
CA LEU CA 306 -117.49 42.70 -10.51
C LEU CA 306 -118.73 42.37 -9.71
N ASN CA 307 -119.22 41.15 -9.81
CA ASN CA 307 -120.50 40.74 -9.22
C ASN CA 307 -120.41 39.97 -7.89
N PHE CA 308 -121.18 40.43 -6.92
CA PHE CA 308 -121.18 39.82 -5.62
C PHE CA 308 -122.50 39.08 -5.41
N TYR CA 309 -122.44 37.76 -5.45
CA TYR CA 309 -123.60 36.91 -5.24
C TYR CA 309 -123.64 36.34 -3.83
N ALA CA 310 -124.71 36.65 -3.10
CA ALA CA 310 -124.89 36.05 -1.80
C ALA CA 310 -125.49 34.67 -2.01
N ILE CA 311 -124.71 33.62 -1.72
CA ILE CA 311 -125.18 32.26 -1.98
C ILE CA 311 -125.62 31.53 -0.72
N ALA CA 312 -125.22 32.04 0.44
CA ALA CA 312 -125.71 31.50 1.72
C ALA CA 312 -125.75 32.63 2.71
N GLY CA 313 -126.95 33.01 3.10
CA GLY CA 313 -127.07 34.18 3.95
C GLY CA 313 -127.36 35.46 3.17
N PRO CA 314 -127.24 36.60 3.84
CA PRO CA 314 -126.75 36.73 5.23
C PRO CA 314 -127.73 36.20 6.24
N ILE CA 315 -127.23 35.74 7.39
CA ILE CA 315 -128.08 35.31 8.49
C ILE CA 315 -127.72 36.13 9.72
N ALA CA 316 -128.72 36.31 10.59
CA ALA CA 316 -128.50 36.93 11.89
C ALA CA 316 -129.55 36.42 12.84
N PRO CA 317 -129.30 36.56 14.15
CA PRO CA 317 -130.27 36.09 15.12
C PRO CA 317 -131.51 36.95 14.98
N SER CA 318 -132.67 36.51 15.43
CA SER CA 318 -133.82 37.43 15.49
C SER CA 318 -133.64 38.26 16.73
N GLY CA 319 -134.15 39.49 16.72
CA GLY CA 319 -134.74 40.09 15.55
C GLY CA 319 -133.84 41.23 15.15
N GLU CA 320 -132.82 40.89 14.38
CA GLU CA 320 -131.98 41.88 13.78
C GLU CA 320 -132.68 42.33 12.49
N THR CA 321 -132.39 43.55 12.05
CA THR CA 321 -133.09 44.09 10.88
C THR CA 321 -132.13 44.76 9.92
N ALA CA 322 -130.99 45.18 10.46
CA ALA CA 322 -129.95 45.87 9.68
C ALA CA 322 -129.52 45.05 8.46
N GLN CA 323 -129.18 45.75 7.39
CA GLN CA 323 -128.55 45.06 6.27
C GLN CA 323 -127.09 44.73 6.56
N LEU CA 324 -126.53 43.74 5.87
CA LEU CA 324 -125.12 43.39 6.03
C LEU CA 324 -124.33 44.10 4.94
N PRO CA 325 -123.47 45.03 5.32
CA PRO CA 325 -122.67 45.80 4.37
C PRO CA 325 -121.32 45.18 4.04
N ILE CA 326 -120.93 45.27 2.78
CA ILE CA 326 -119.65 44.80 2.28
C ILE CA 326 -118.93 46.03 1.75
N VAL CA 327 -117.71 46.29 2.21
CA VAL CA 327 -116.92 47.38 1.63
C VAL CA 327 -115.79 46.83 0.78
N VAL CA 328 -115.75 47.21 -0.49
CA VAL CA 328 -114.74 46.67 -1.38
C VAL CA 328 -113.65 47.69 -1.66
N GLN CA 329 -112.40 47.27 -1.56
CA GLN CA 329 -111.25 48.10 -1.93
C GLN CA 329 -110.51 47.49 -3.10
N ILE CA 330 -110.20 48.31 -4.11
CA ILE CA 330 -109.49 47.82 -5.27
C ILE CA 330 -108.05 48.30 -5.23
N ASP CA 331 -107.12 47.36 -5.22
CA ASP CA 331 -105.71 47.70 -4.98
C ASP CA 331 -104.95 47.83 -6.27
N GLU CA 332 -105.15 46.88 -7.18
CA GLU CA 332 -104.53 47.01 -8.49
C GLU CA 332 -105.11 46.06 -9.53
N ILE CA 333 -104.78 46.34 -10.79
CA ILE CA 333 -105.02 45.40 -11.86
C ILE CA 333 -103.71 44.64 -12.06
N VAL CA 334 -103.69 43.39 -11.65
CA VAL CA 334 -102.48 42.57 -11.76
C VAL CA 334 -102.50 41.91 -13.12
N ARG CA 335 -101.31 41.64 -13.65
CA ARG CA 335 -101.20 41.03 -14.97
C ARG CA 335 -102.09 41.80 -15.94
N PRO CA 336 -101.85 43.10 -16.08
CA PRO CA 336 -102.76 44.00 -16.79
C PRO CA 336 -102.67 43.85 -18.30
N ASP CA 337 -103.82 43.87 -18.95
CA ASP CA 337 -103.87 43.97 -20.40
C ASP CA 337 -104.41 45.35 -20.76
N LEU CA 338 -103.54 46.33 -20.93
CA LEU CA 338 -103.99 47.69 -21.15
C LEU CA 338 -104.21 48.02 -22.62
N SER CA 339 -105.13 48.95 -22.87
CA SER CA 339 -105.32 49.48 -24.20
C SER CA 339 -104.26 50.52 -24.48
N LEU CA 340 -104.31 51.11 -25.67
CA LEU CA 340 -103.50 52.29 -25.94
C LEU CA 340 -103.83 53.36 -24.93
N PRO CA 341 -102.85 54.22 -24.65
CA PRO CA 341 -103.17 55.43 -23.89
C PRO CA 341 -104.26 56.21 -24.64
N SER CA 342 -105.16 56.87 -23.94
CA SER CA 342 -106.17 57.62 -24.65
C SER CA 342 -105.59 58.88 -25.29
N PHE CA 343 -104.54 59.45 -24.68
CA PHE CA 343 -103.87 60.58 -25.29
C PHE CA 343 -102.41 60.30 -25.58
N GLU CA 344 -101.89 60.94 -26.63
CA GLU CA 344 -100.47 60.84 -26.96
C GLU CA 344 -99.72 62.05 -26.40
N ASP CA 345 -98.40 62.08 -26.58
CA ASP CA 345 -97.66 63.23 -26.09
C ASP CA 345 -97.83 64.38 -27.08
N ASP CA 346 -98.97 65.03 -26.97
CA ASP CA 346 -99.40 65.98 -27.96
C ASP CA 346 -100.11 67.14 -27.28
N TYR CA 347 -100.50 68.13 -28.07
CA TYR CA 347 -101.32 69.21 -27.56
C TYR CA 347 -102.73 68.72 -27.28
N PHE CA 348 -103.45 69.46 -26.46
CA PHE CA 348 -104.87 69.26 -26.27
C PHE CA 348 -105.55 70.60 -26.00
N VAL CA 349 -106.86 70.62 -26.12
CA VAL CA 349 -107.59 71.89 -26.05
C VAL CA 349 -107.63 72.44 -24.64
N TRP CA 350 -107.21 73.68 -24.49
CA TRP CA 350 -107.38 74.37 -23.23
C TRP CA 350 -108.69 75.17 -23.29
N VAL CA 351 -108.82 76.05 -24.28
CA VAL CA 351 -110.00 76.89 -24.34
C VAL CA 351 -110.25 77.41 -25.75
N ASP CA 352 -111.53 77.54 -26.11
CA ASP CA 352 -111.94 78.24 -27.31
C ASP CA 352 -112.64 79.55 -26.94
N PHE CA 353 -112.22 80.66 -27.54
CA PHE CA 353 -112.99 81.91 -27.44
C PHE CA 353 -113.72 82.17 -28.75
N SER CA 354 -114.99 82.57 -28.64
CA SER CA 354 -115.81 82.79 -29.84
C SER CA 354 -116.88 83.84 -29.59
N GLU CA 355 -117.59 84.22 -30.64
CA GLU CA 355 -118.72 85.11 -30.47
C GLU CA 355 -118.31 86.39 -29.71
N PHE CA 356 -117.29 87.08 -30.21
CA PHE CA 356 -116.85 88.32 -29.59
C PHE CA 356 -117.85 89.44 -29.82
N THR CA 357 -118.08 90.25 -28.81
CA THR CA 357 -119.04 91.33 -28.95
C THR CA 357 -118.38 92.69 -29.07
N LEU CA 358 -117.15 92.77 -28.58
CA LEU CA 358 -116.37 94.00 -28.68
C LEU CA 358 -115.13 93.77 -29.49
N ASP CA 359 -114.70 94.79 -30.23
CA ASP CA 359 -113.45 94.67 -30.99
C ASP CA 359 -112.24 94.62 -30.07
N LYS CA 360 -112.29 95.38 -28.97
CA LYS CA 360 -111.22 95.35 -27.98
C LYS CA 360 -111.53 94.30 -26.92
N GLU CA 361 -110.72 93.25 -26.88
CA GLU CA 361 -110.87 92.19 -25.89
C GLU CA 361 -109.52 91.89 -25.27
N GLU CA 362 -109.47 91.72 -23.95
CA GLU CA 362 -108.21 91.38 -23.30
C GLU CA 362 -108.40 90.28 -22.27
N ILE CA 363 -107.83 89.12 -22.55
CA ILE CA 363 -107.95 87.93 -21.72
C ILE CA 363 -106.72 87.76 -20.83
N GLU CA 364 -106.90 87.96 -19.53
CA GLU CA 364 -105.77 87.83 -18.60
C GLU CA 364 -105.58 86.37 -18.20
N ILE CA 365 -104.35 85.90 -18.33
CA ILE CA 365 -104.02 84.53 -17.95
C ILE CA 365 -103.15 84.54 -16.70
N GLY CA 366 -102.13 85.40 -16.72
CA GLY CA 366 -101.21 85.54 -15.60
C GLY CA 366 -100.27 84.36 -15.54
N SER CA 367 -100.31 83.62 -14.44
CA SER CA 367 -99.44 82.46 -14.31
C SER CA 367 -100.26 81.20 -14.01
N ARG CA 368 -101.55 81.23 -14.34
CA ARG CA 368 -102.45 80.14 -13.94
C ARG CA 368 -102.96 79.33 -15.10
N PHE CA 369 -103.27 78.06 -14.83
CA PHE CA 369 -104.05 77.27 -15.76
C PHE CA 369 -105.42 77.09 -15.11
N PHE CA 370 -106.49 77.57 -15.73
CA PHE CA 370 -107.78 77.66 -15.03
C PHE CA 370 -108.95 77.81 -15.99
N ASP CA 371 -110.16 77.92 -15.44
CA ASP CA 371 -111.36 78.14 -16.24
C ASP CA 371 -111.63 79.63 -16.43
N PHE CA 372 -111.77 80.05 -17.70
CA PHE CA 372 -112.05 81.42 -18.03
C PHE CA 372 -113.54 81.77 -17.91
N THR CA 373 -113.83 83.03 -17.68
CA THR CA 373 -115.20 83.54 -17.83
C THR CA 373 -115.16 84.89 -18.56
N SER CA 374 -116.20 85.19 -19.33
CA SER CA 374 -116.27 86.48 -20.01
C SER CA 374 -117.69 86.96 -20.15
N ASN CA 375 -117.88 88.26 -20.00
CA ASN CA 375 -119.16 88.89 -20.23
C ASN CA 375 -119.30 89.35 -21.67
N THR CA 376 -118.16 89.40 -22.36
CA THR CA 376 -118.09 90.02 -23.67
C THR CA 376 -117.87 89.02 -24.77
N CYS CA 377 -117.59 87.77 -24.40
CA CYS CA 377 -117.46 86.70 -25.39
C CYS CA 377 -117.77 85.35 -24.83
N ARG CA 378 -117.84 84.35 -25.72
CA ARG CA 378 -118.20 82.97 -25.33
C ARG CA 378 -116.96 82.15 -25.05
N VAL CA 379 -116.88 81.66 -23.82
CA VAL CA 379 -115.76 80.80 -23.40
C VAL CA 379 -116.18 79.34 -23.43
N SER CA 380 -115.41 78.49 -24.09
CA SER CA 380 -115.69 77.05 -24.10
C SER CA 380 -114.45 76.36 -23.60
N MET CA 381 -114.55 75.77 -22.42
CA MET CA 381 -113.37 75.18 -21.81
C MET CA 381 -113.18 73.71 -22.26
N GLY CA 382 -111.93 73.27 -22.40
CA GLY CA 382 -111.67 71.88 -22.76
C GLY CA 382 -111.77 70.96 -21.55
N GLU CA 383 -112.25 69.73 -21.75
CA GLU CA 383 -112.23 68.72 -20.69
C GLU CA 383 -111.32 67.55 -21.09
N ASN CA 384 -110.28 67.32 -20.31
CA ASN CA 384 -109.31 66.26 -20.57
C ASN CA 384 -108.58 65.88 -19.28
N PRO CA 385 -107.81 64.77 -19.30
CA PRO CA 385 -107.17 64.29 -18.08
C PRO CA 385 -106.26 65.32 -17.44
N PHE CA 386 -105.55 66.09 -18.24
CA PHE CA 386 -104.67 67.09 -17.63
C PHE CA 386 -105.42 68.09 -16.77
N ALA CA 387 -106.56 68.59 -17.27
CA ALA CA 387 -107.38 69.55 -16.54
C ALA CA 387 -107.93 68.91 -15.26
N ALA CA 388 -108.30 67.64 -15.36
CA ALA CA 388 -108.75 66.91 -14.18
C ALA CA 388 -107.63 66.76 -13.16
N MET CA 389 -106.42 66.47 -13.63
CA MET CA 389 -105.30 66.37 -12.71
C MET CA 389 -105.02 67.68 -12.01
N ILE CA 390 -105.16 68.81 -12.72
CA ILE CA 390 -105.03 70.11 -12.09
C ILE CA 390 -106.04 70.28 -10.96
N ALA CA 391 -107.25 69.78 -11.18
CA ALA CA 391 -108.35 69.92 -10.26
C ALA CA 391 -108.26 68.96 -9.09
N CYS CA 392 -107.52 67.88 -9.26
CA CYS CA 392 -107.47 66.82 -8.27
C CYS CA 392 -106.19 66.85 -7.46
N HIS CA 393 -105.49 67.98 -7.51
CA HIS CA 393 -104.35 68.17 -6.63
C HIS CA 393 -104.42 69.54 -5.98
N GLY CA 394 -103.81 69.64 -4.80
CA GLY CA 394 -103.80 70.87 -4.04
C GLY CA 394 -102.94 71.92 -4.73
N LEU CA 395 -101.76 71.49 -5.19
CA LEU CA 395 -100.80 72.36 -5.86
C LEU CA 395 -100.25 71.74 -7.13
N HIS CA 396 -99.87 72.57 -8.10
CA HIS CA 396 -99.21 72.09 -9.31
C HIS CA 396 -98.17 73.11 -9.76
N SER CA 397 -97.30 72.70 -10.66
CA SER CA 397 -96.29 73.58 -11.22
C SER CA 397 -95.64 72.99 -12.46
N GLY CA 398 -95.41 73.84 -13.46
CA GLY CA 398 -94.81 73.38 -14.70
C GLY CA 398 -94.80 74.44 -15.79
N VAL CA 399 -94.47 74.01 -16.99
CA VAL CA 399 -94.50 74.92 -18.12
C VAL CA 399 -95.38 74.36 -19.23
N LEU CA 400 -96.27 75.19 -19.76
CA LEU CA 400 -97.13 74.79 -20.87
C LEU CA 400 -96.66 75.43 -22.17
N ASP CA 401 -96.49 74.61 -23.20
CA ASP CA 401 -96.35 75.16 -24.55
C ASP CA 401 -97.72 75.42 -25.15
N LEU CA 402 -97.92 76.63 -25.67
CA LEU CA 402 -99.22 77.00 -26.23
C LEU CA 402 -99.16 77.09 -27.76
N LYS CA 403 -100.20 76.60 -28.40
CA LYS CA 403 -100.46 76.89 -29.80
C LYS CA 403 -101.75 77.66 -29.89
N LEU CA 404 -101.71 78.83 -30.54
CA LEU CA 404 -102.91 79.62 -30.80
C LEU CA 404 -103.30 79.48 -32.26
N GLN CA 405 -104.57 79.17 -32.53
CA GLN CA 405 -105.10 79.12 -33.89
C GLN CA 405 -106.38 79.94 -33.98
N TRP CA 406 -106.58 80.63 -35.10
CA TRP CA 406 -107.82 81.39 -35.29
C TRP CA 406 -108.29 81.47 -36.73
N SER CA 407 -109.60 81.58 -36.93
CA SER CA 407 -110.16 81.74 -38.27
C SER CA 407 -110.88 83.06 -38.32
N LEU CA 408 -111.04 83.61 -39.52
CA LEU CA 408 -111.61 84.94 -39.67
C LEU CA 408 -113.14 84.93 -39.83
N ASN CA 409 -113.75 86.00 -39.31
CA ASN CA 409 -115.18 86.21 -39.42
C ASN CA 409 -115.51 87.10 -40.62
N THR CA 410 -114.62 88.06 -40.88
CA THR CA 410 -114.76 88.98 -42.01
C THR CA 410 -113.99 88.47 -43.24
N GLU CA 411 -114.10 89.17 -44.37
CA GLU CA 411 -113.33 88.79 -45.54
C GLU CA 411 -111.83 88.98 -45.32
N PHE CA 412 -111.04 88.02 -45.78
CA PHE CA 412 -109.59 88.06 -45.57
C PHE CA 412 -108.94 89.35 -46.05
N GLY CA 413 -109.40 89.83 -47.19
CA GLY CA 413 -108.85 91.04 -47.79
C GLY CA 413 -109.13 92.31 -47.00
N LYS CA 414 -110.11 92.25 -46.11
CA LYS CA 414 -110.49 93.41 -45.30
C LYS CA 414 -109.85 93.38 -43.92
N SER CA 415 -109.18 92.28 -43.61
CA SER CA 415 -108.65 92.04 -42.26
C SER CA 415 -107.54 93.00 -41.86
N SER CA 416 -107.49 93.29 -40.57
CA SER CA 416 -106.44 94.13 -40.01
C SER CA 416 -106.27 93.76 -38.53
N GLY CA 417 -105.22 94.27 -37.90
CA GLY CA 417 -105.02 94.05 -36.47
C GLY CA 417 -104.22 92.79 -36.16
N SER CA 418 -104.38 92.31 -34.92
CA SER CA 418 -103.48 91.32 -34.36
C SER CA 418 -104.03 90.55 -33.17
N VAL CA 419 -103.51 89.33 -33.01
CA VAL CA 419 -103.54 88.63 -31.73
C VAL CA 419 -102.21 88.95 -31.05
N THR CA 420 -102.25 89.67 -29.94
CA THR CA 420 -101.02 90.05 -29.24
C THR CA 420 -100.86 89.29 -27.91
N ILE CA 421 -99.67 88.72 -27.69
CA ILE CA 421 -99.41 88.02 -26.45
C ILE CA 421 -98.55 88.93 -25.60
N THR CA 422 -99.14 89.50 -24.56
CA THR CA 422 -98.35 90.28 -23.60
C THR CA 422 -97.65 89.38 -22.58
N LYS CA 423 -96.34 89.50 -22.46
CA LYS CA 423 -95.59 88.72 -21.47
C LYS CA 423 -94.85 89.67 -20.53
N LEU CA 424 -95.22 89.63 -19.25
CA LEU CA 424 -94.60 90.47 -18.26
C LEU CA 424 -94.00 89.66 -17.14
N VAL CA 425 -93.25 90.34 -16.28
CA VAL CA 425 -92.87 89.77 -14.99
C VAL CA 425 -93.35 90.76 -13.95
N GLY CA 426 -94.30 90.32 -13.16
CA GLY CA 426 -94.93 91.20 -12.19
C GLY CA 426 -96.42 91.22 -12.46
N ASP CA 427 -96.94 92.40 -12.77
CA ASP CA 427 -98.34 92.58 -13.13
C ASP CA 427 -98.48 93.68 -14.17
N LYS CA 428 -99.70 93.92 -14.60
CA LYS CA 428 -99.93 94.92 -15.63
C LYS CA 428 -99.42 96.30 -15.19
N ALA CA 429 -99.49 96.59 -13.90
CA ALA CA 429 -99.18 97.93 -13.38
C ALA CA 429 -97.70 98.27 -13.19
N MET CA 430 -96.90 97.33 -12.72
CA MET CA 430 -95.50 97.61 -12.37
C MET CA 430 -94.53 96.59 -12.95
N GLY CA 431 -94.99 95.78 -13.90
CA GLY CA 431 -94.20 94.67 -14.40
C GLY CA 431 -93.06 95.01 -15.34
N LEU CA 432 -92.22 94.03 -15.59
CA LEU CA 432 -91.13 94.15 -16.51
C LEU CA 432 -91.55 93.50 -17.82
N ASP CA 433 -90.95 93.90 -18.92
CA ASP CA 433 -91.36 93.40 -20.24
C ASP CA 433 -90.55 92.22 -20.73
N GLY CA 434 -91.24 91.12 -20.98
CA GLY CA 434 -90.62 89.89 -21.42
C GLY CA 434 -90.81 89.70 -22.90
N PRO CA 435 -90.94 88.43 -23.35
CA PRO CA 435 -91.06 88.07 -24.76
C PRO CA 435 -92.50 88.23 -25.24
N SER CA 436 -93.01 89.45 -25.11
CA SER CA 436 -94.30 89.82 -25.67
C SER CA 436 -94.20 89.68 -27.17
N HIS CA 437 -95.33 89.50 -27.83
CA HIS CA 437 -95.29 88.98 -29.19
C HIS CA 437 -96.54 89.47 -29.94
N VAL CA 438 -96.33 90.07 -31.12
CA VAL CA 438 -97.44 90.57 -31.93
C VAL CA 438 -97.65 89.72 -33.18
N PHE CA 439 -98.76 89.01 -33.21
CA PHE CA 439 -99.10 88.18 -34.35
C PHE CA 439 -100.09 88.93 -35.23
N ALA CA 440 -99.64 89.40 -36.39
CA ALA CA 440 -100.59 90.01 -37.32
C ALA CA 440 -101.74 89.03 -37.52
N ILE CA 441 -102.96 89.52 -37.52
CA ILE CA 441 -104.12 88.64 -37.61
C ILE CA 441 -104.03 87.69 -38.80
N GLN CA 442 -103.38 88.12 -39.87
CA GLN CA 442 -103.24 87.29 -41.08
C GLN CA 442 -102.34 86.06 -40.92
N LYS CA 443 -101.53 86.02 -39.87
CA LYS CA 443 -100.73 84.81 -39.59
C LYS CA 443 -101.66 83.63 -39.30
N LEU CA 444 -102.79 83.91 -38.65
CA LEU CA 444 -103.81 82.88 -38.41
C LEU CA 444 -103.41 81.79 -37.40
N GLU CA 445 -102.21 81.95 -36.83
CA GLU CA 445 -101.69 81.09 -35.76
C GLU CA 445 -100.45 81.67 -35.11
N GLY CA 446 -100.14 81.17 -33.92
CA GLY CA 446 -98.96 81.62 -33.20
C GLY CA 446 -98.65 80.72 -32.02
N THR CA 447 -97.42 80.81 -31.51
CA THR CA 447 -97.02 79.96 -30.40
C THR CA 447 -96.41 80.77 -29.26
N THR CA 448 -96.47 80.23 -28.05
CA THR CA 448 -95.83 80.86 -26.90
C THR CA 448 -95.69 79.84 -25.76
N GLU CA 449 -94.88 80.15 -24.77
CA GLU CA 449 -94.79 79.31 -23.58
C GLU CA 449 -95.55 80.00 -22.45
N LEU CA 450 -96.04 79.23 -21.49
CA LEU CA 450 -96.64 79.81 -20.29
C LEU CA 450 -96.09 79.15 -19.04
N LEU CA 451 -95.52 79.95 -18.14
CA LEU CA 451 -95.09 79.42 -16.85
C LEU CA 451 -96.29 79.33 -15.92
N VAL CA 452 -96.63 78.11 -15.51
CA VAL CA 452 -97.67 77.88 -14.51
C VAL CA 452 -96.96 77.66 -13.18
N GLY CA 453 -96.88 78.74 -12.41
CA GLY CA 453 -96.15 78.73 -11.16
C GLY CA 453 -95.88 80.15 -10.68
N ASN CA 454 -94.93 80.29 -9.76
CA ASN CA 454 -94.63 81.57 -9.16
C ASN CA 454 -93.40 81.47 -8.25
N PHE CA 455 -93.01 82.59 -7.66
CA PHE CA 455 -91.78 82.62 -6.86
C PHE CA 455 -91.78 81.56 -5.77
N ALA CA 456 -92.95 81.21 -5.24
CA ALA CA 456 -93.02 80.22 -4.17
C ALA CA 456 -92.80 78.80 -4.66
N GLY CA 457 -93.18 78.53 -5.90
CA GLY CA 457 -92.87 77.26 -6.54
C GLY CA 457 -94.02 76.45 -7.12
N ALA CA 458 -95.26 76.82 -6.78
CA ALA CA 458 -96.45 76.06 -7.19
C ALA CA 458 -97.72 76.90 -7.05
N ASN CA 459 -98.76 76.51 -7.79
CA ASN CA 459 -100.03 77.21 -7.75
C ASN CA 459 -101.07 76.35 -7.06
N PRO CA 460 -101.91 76.97 -6.23
CA PRO CA 460 -103.12 76.31 -5.72
C PRO CA 460 -104.17 76.31 -6.82
N ASN CA 461 -105.24 75.53 -6.65
CA ASN CA 461 -106.26 75.49 -7.68
C ASN CA 461 -107.37 76.50 -7.37
N THR CA 462 -106.94 77.68 -6.95
CA THR CA 462 -107.84 78.78 -6.63
C THR CA 462 -107.19 80.07 -7.12
N ARG CA 463 -107.85 81.19 -6.90
CA ARG CA 463 -107.21 82.48 -7.20
C ARG CA 463 -106.24 82.74 -6.06
N PHE CA 464 -105.09 83.32 -6.38
CA PHE CA 464 -104.05 83.62 -5.41
C PHE CA 464 -103.26 84.81 -5.96
N SER CA 465 -102.46 85.46 -5.14
CA SER CA 465 -101.66 86.55 -5.64
C SER CA 465 -100.20 86.38 -5.22
N LEU CA 466 -99.39 85.79 -6.08
CA LEU CA 466 -97.97 85.61 -5.79
C LEU CA 466 -97.13 86.03 -6.98
N TYR CA 467 -96.19 86.96 -6.75
CA TYR CA 467 -95.30 87.47 -7.79
C TYR CA 467 -94.81 86.37 -8.73
N SER CA 468 -95.02 86.58 -10.02
CA SER CA 468 -94.59 85.60 -11.04
C SER CA 468 -94.56 86.27 -12.42
N ARG CA 469 -94.28 85.47 -13.44
CA ARG CA 469 -94.47 85.94 -14.80
C ARG CA 469 -95.96 86.09 -15.06
N TRP CA 470 -96.31 86.90 -16.05
CA TRP CA 470 -97.70 87.30 -16.25
C TRP CA 470 -98.01 87.35 -17.75
N MET CA 471 -99.10 86.69 -18.15
CA MET CA 471 -99.47 86.62 -19.56
C MET CA 471 -100.88 87.12 -19.84
N ALA CA 472 -101.07 87.70 -21.02
CA ALA CA 472 -102.40 88.13 -21.43
C ALA CA 472 -102.47 88.05 -22.94
N ILE CA 473 -103.68 87.78 -23.44
CA ILE CA 473 -103.97 87.80 -24.88
C ILE CA 473 -104.78 89.05 -25.15
N LYS CA 474 -104.35 89.85 -26.12
CA LYS CA 474 -105.00 91.13 -26.46
C LYS CA 474 -105.48 91.13 -27.90
N LEU CA 475 -106.80 91.19 -28.05
CA LEU CA 475 -107.42 91.31 -29.35
C LEU CA 475 -107.81 92.77 -29.63
N ASP CA 476 -107.54 93.27 -30.84
CA ASP CA 476 -107.92 94.66 -31.19
C ASP CA 476 -109.01 94.70 -32.26
N GLN CA 477 -109.23 93.56 -32.90
CA GLN CA 477 -110.22 93.43 -33.96
C GLN CA 477 -110.97 92.12 -33.75
N ALA CA 478 -111.37 91.90 -32.51
CA ALA CA 478 -111.90 90.60 -32.11
C ALA CA 478 -113.17 90.20 -32.88
N LYS CA 479 -113.94 91.18 -33.34
CA LYS CA 479 -115.15 90.84 -34.06
C LYS CA 479 -114.81 90.24 -35.42
N SER CA 480 -113.56 90.40 -35.85
CA SER CA 480 -113.11 89.82 -37.12
C SER CA 480 -112.72 88.35 -36.94
N ILE CA 481 -112.80 87.84 -35.71
CA ILE CA 481 -112.35 86.49 -35.41
C ILE CA 481 -113.53 85.58 -35.11
N LYS CA 482 -113.64 84.46 -35.85
CA LYS CA 482 -114.75 83.55 -35.65
C LYS CA 482 -114.48 82.66 -34.46
N VAL CA 483 -113.21 82.27 -34.30
CA VAL CA 483 -112.78 81.47 -33.15
C VAL CA 483 -111.28 81.63 -32.89
N LEU CA 484 -110.94 81.79 -31.62
CA LEU CA 484 -109.57 81.75 -31.15
C LEU CA 484 -109.41 80.50 -30.28
N ARG CA 485 -108.62 79.54 -30.76
CA ARG CA 485 -108.43 78.30 -30.02
C ARG CA 485 -107.06 78.25 -29.40
N VAL CA 486 -106.99 77.86 -28.13
CA VAL CA 486 -105.72 77.76 -27.44
C VAL CA 486 -105.47 76.30 -27.03
N LEU CA 487 -104.46 75.69 -27.62
CA LEU CA 487 -104.04 74.34 -27.24
C LEU CA 487 -102.79 74.44 -26.39
N CYS CA 488 -102.63 73.48 -25.49
CA CYS CA 488 -101.43 73.40 -24.67
C CYS CA 488 -100.84 71.98 -24.65
N LYS CA 489 -99.57 71.90 -24.29
CA LYS CA 489 -98.84 70.64 -24.23
C LYS CA 489 -97.81 70.80 -23.13
N PRO CA 490 -98.06 70.16 -21.99
CA PRO CA 490 -97.17 70.30 -20.83
C PRO CA 490 -95.75 69.80 -21.15
N ARG CA 491 -94.76 70.62 -20.81
CA ARG CA 491 -93.36 70.20 -20.88
C ARG CA 491 -93.11 69.17 -19.81
N PRO CA 492 -92.20 68.25 -20.10
CA PRO CA 492 -91.87 67.14 -19.21
C PRO CA 492 -91.57 67.65 -17.81
N GLY CA 493 -92.10 66.97 -16.79
CA GLY CA 493 -91.85 67.36 -15.43
C GLY CA 493 -92.92 68.26 -14.85
N PHE CA 494 -94.07 68.34 -15.51
CA PHE CA 494 -95.17 69.10 -14.94
C PHE CA 494 -95.64 68.36 -13.70
N SER CA 495 -95.61 69.04 -12.56
CA SER CA 495 -95.76 68.37 -11.28
C SER CA 495 -97.03 68.70 -10.51
N PHE CA 496 -97.54 67.68 -9.81
CA PHE CA 496 -98.72 67.81 -8.98
C PHE CA 496 -98.41 67.42 -7.54
N TYR CA 497 -98.96 68.17 -6.60
CA TYR CA 497 -98.73 67.94 -5.17
C TYR CA 497 -100.04 67.71 -4.41
N GLY CA 498 -100.08 66.65 -3.62
CA GLY CA 498 -101.19 66.39 -2.72
C GLY CA 498 -102.51 65.98 -3.38
N ARG CA 499 -102.69 64.68 -3.59
CA ARG CA 499 -103.93 64.21 -4.21
C ARG CA 499 -105.17 64.57 -3.39
N THR CA 500 -106.21 65.01 -4.10
CA THR CA 500 -107.46 65.42 -3.49
C THR CA 500 -108.61 65.28 -4.51
N SER CA 501 -109.73 65.95 -4.25
CA SER CA 501 -110.86 65.83 -5.15
C SER CA 501 -111.46 67.19 -5.43
N PHE CA 502 -112.45 67.22 -6.32
CA PHE CA 502 -113.01 68.47 -6.79
C PHE CA 502 -114.47 68.30 -7.19
N PRO CA 503 -115.39 68.56 -6.26
CA PRO CA 503 -116.83 68.50 -6.55
C PRO CA 503 -117.30 69.73 -7.30
N VAL CA 504 -118.09 69.53 -8.35
CA VAL CA 504 -118.77 70.60 -9.08
C VAL CA 504 -120.23 70.24 -9.39
N GLY DA 1 -45.75 104.65 -5.87
CA GLY DA 1 -45.47 105.86 -5.11
C GLY DA 1 -46.64 106.84 -5.12
N LEU DA 2 -46.53 107.90 -4.32
CA LEU DA 2 -47.55 108.92 -4.29
C LEU DA 2 -47.74 109.53 -5.68
N ALA DA 3 -48.97 109.43 -6.18
CA ALA DA 3 -49.27 109.83 -7.55
C ALA DA 3 -50.06 111.13 -7.65
N GLY DA 4 -50.87 111.38 -6.63
CA GLY DA 4 -51.68 112.58 -6.57
C GLY DA 4 -52.28 112.77 -5.19
N ARG DA 5 -52.79 113.98 -4.92
CA ARG DA 5 -53.36 114.26 -3.63
C ARG DA 5 -54.39 115.35 -3.70
N GLY DA 6 -55.11 115.53 -2.60
CA GLY DA 6 -56.21 116.47 -2.54
C GLY DA 6 -56.65 116.65 -1.11
N VAL DA 7 -57.53 117.62 -0.89
CA VAL DA 7 -57.96 117.94 0.46
C VAL DA 7 -59.47 118.03 0.55
N ILE DA 8 -60.04 117.42 1.58
CA ILE DA 8 -61.46 117.55 1.87
C ILE DA 8 -61.63 118.44 3.09
N TYR DA 9 -62.50 119.44 3.02
CA TYR DA 9 -62.76 120.27 4.20
C TYR DA 9 -63.96 119.79 5.00
N ILE DA 10 -63.75 119.58 6.29
CA ILE DA 10 -64.80 119.11 7.19
C ILE DA 10 -65.24 120.26 8.10
N PRO DA 11 -66.54 120.55 8.14
CA PRO DA 11 -67.11 121.55 9.03
C PRO DA 11 -67.09 121.11 10.49
N LYS DA 12 -67.01 122.08 11.39
CA LYS DA 12 -67.04 121.77 12.80
C LYS DA 12 -68.36 121.12 13.18
N ASP DA 13 -69.45 121.54 12.54
CA ASP DA 13 -70.66 120.73 12.60
C ASP DA 13 -70.86 119.95 11.30
N CYS DA 14 -70.52 118.68 11.34
CA CYS DA 14 -70.69 117.82 10.19
C CYS DA 14 -71.92 116.92 10.40
N GLN DA 15 -73.03 117.28 9.77
CA GLN DA 15 -74.33 116.60 9.92
C GLN DA 15 -74.51 115.48 8.90
N ALA DA 16 -75.32 114.48 9.20
CA ALA DA 16 -75.53 113.43 8.20
C ALA DA 16 -76.06 114.05 6.92
N ASN DA 17 -75.61 113.52 5.79
CA ASN DA 17 -76.06 113.96 4.48
C ASN DA 17 -75.40 115.24 3.99
N ARG DA 18 -74.36 115.66 4.71
CA ARG DA 18 -73.59 116.82 4.32
C ARG DA 18 -72.59 116.47 3.23
N TYR DA 19 -72.65 117.20 2.13
CA TYR DA 19 -71.68 117.05 1.04
C TYR DA 19 -70.37 117.75 1.41
N LEU DA 20 -69.25 117.03 1.30
CA LEU DA 20 -67.96 117.56 1.77
C LEU DA 20 -67.08 118.01 0.62
N GLY DA 21 -67.33 117.44 -0.56
CA GLY DA 21 -66.58 117.83 -1.75
C GLY DA 21 -66.32 116.69 -2.70
N THR DA 22 -65.81 117.04 -3.88
CA THR DA 22 -65.46 116.04 -4.87
C THR DA 22 -64.02 116.25 -5.33
N LEU DA 23 -63.27 115.16 -5.41
CA LEU DA 23 -61.93 115.24 -5.98
C LEU DA 23 -61.98 114.62 -7.37
N ASN DA 24 -61.31 115.25 -8.30
CA ASN DA 24 -61.23 114.72 -9.64
C ASN DA 24 -59.95 113.88 -9.75
N ILE DA 25 -60.08 112.57 -9.94
CA ILE DA 25 -58.92 111.69 -9.90
C ILE DA 25 -57.82 112.10 -10.88
N ARG DA 26 -58.20 112.49 -12.07
CA ARG DA 26 -57.16 112.85 -13.02
C ARG DA 26 -56.48 114.19 -12.68
N ASP DA 27 -57.26 115.15 -12.22
CA ASP DA 27 -56.71 116.40 -11.69
C ASP DA 27 -55.78 116.20 -10.48
N MET DA 28 -56.11 115.27 -9.59
CA MET DA 28 -55.22 114.99 -8.46
C MET DA 28 -53.81 114.60 -8.94
N ILE DA 29 -53.76 113.80 -10.00
CA ILE DA 29 -52.49 113.33 -10.53
C ILE DA 29 -51.78 114.42 -11.35
N SER DA 30 -52.54 115.20 -12.10
CA SER DA 30 -51.93 116.20 -12.97
C SER DA 30 -51.53 117.48 -12.23
N ASP DA 31 -52.25 117.84 -11.18
CA ASP DA 31 -51.89 119.04 -10.41
C ASP DA 31 -50.64 118.77 -9.58
N PHE DA 32 -50.47 117.50 -9.19
CA PHE DA 32 -49.33 117.09 -8.40
C PHE DA 32 -48.09 117.07 -9.29
N LYS DA 33 -48.11 116.24 -10.33
CA LYS DA 33 -47.23 116.44 -11.49
C LYS DA 33 -45.73 116.38 -11.20
N GLY DA 34 -45.24 115.42 -10.41
CA GLY DA 34 -45.78 114.10 -10.26
C GLY DA 34 -44.76 113.22 -11.01
N VAL DA 35 -44.00 112.35 -10.34
CA VAL DA 35 -43.18 111.38 -11.08
C VAL DA 35 -44.11 110.46 -11.85
N GLN DA 36 -45.23 110.08 -11.23
CA GLN DA 36 -46.22 109.21 -11.86
C GLN DA 36 -46.92 109.90 -13.01
N TYR DA 37 -47.31 111.16 -12.83
CA TYR DA 37 -47.88 111.96 -13.92
C TYR DA 37 -46.97 111.97 -15.15
N GLU DA 38 -45.68 112.17 -14.94
CA GLU DA 38 -44.76 112.20 -16.06
C GLU DA 38 -44.61 110.83 -16.73
N LYS DA 39 -44.68 109.74 -15.95
CA LYS DA 39 -44.60 108.41 -16.54
C LYS DA 39 -45.82 108.19 -17.41
N TRP DA 40 -46.92 108.84 -17.00
CA TRP DA 40 -48.22 108.69 -17.65
C TRP DA 40 -48.16 109.29 -19.05
N ILE DA 41 -47.63 110.51 -19.16
CA ILE DA 41 -47.50 111.18 -20.44
C ILE DA 41 -46.81 110.30 -21.49
N THR DA 42 -45.83 109.52 -21.05
CA THR DA 42 -45.10 108.66 -21.97
C THR DA 42 -45.87 107.41 -22.32
N ALA DA 43 -46.61 106.89 -21.34
CA ALA DA 43 -47.39 105.68 -21.53
C ALA DA 43 -48.55 105.97 -22.47
N GLY DA 44 -49.13 107.16 -22.32
CA GLY DA 44 -50.34 107.50 -23.04
C GLY DA 44 -51.57 106.98 -22.31
N LEU DA 45 -51.71 105.65 -22.29
CA LEU DA 45 -52.81 104.99 -21.61
C LEU DA 45 -52.37 104.29 -20.34
N VAL DA 46 -53.13 104.44 -19.26
CA VAL DA 46 -52.85 103.71 -18.03
C VAL DA 46 -54.11 103.03 -17.50
N MET DA 47 -53.94 101.84 -16.91
CA MET DA 47 -55.05 101.11 -16.25
C MET DA 47 -54.72 100.82 -14.80
N PRO DA 48 -54.52 101.87 -14.00
CA PRO DA 48 -53.85 101.77 -12.70
C PRO DA 48 -54.53 100.83 -11.72
N THR DA 49 -53.75 100.33 -10.77
CA THR DA 49 -54.33 99.84 -9.54
C THR DA 49 -53.96 100.86 -8.48
N PHE DA 50 -54.94 101.62 -8.01
CA PHE DA 50 -54.72 102.67 -7.02
C PHE DA 50 -54.85 102.14 -5.61
N LYS DA 51 -54.02 102.65 -4.71
CA LYS DA 51 -54.29 102.57 -3.28
C LYS DA 51 -54.72 103.95 -2.89
N ILE DA 52 -55.94 104.09 -2.40
CA ILE DA 52 -56.39 105.37 -1.93
C ILE DA 52 -56.19 105.40 -0.44
N VAL DA 53 -55.59 106.48 0.05
CA VAL DA 53 -55.41 106.64 1.48
C VAL DA 53 -56.02 107.97 1.94
N ILE DA 54 -56.89 107.91 2.94
CA ILE DA 54 -57.45 109.12 3.50
C ILE DA 54 -56.87 109.32 4.89
N ARG DA 55 -56.09 110.38 5.05
CA ARG DA 55 -55.49 110.71 6.32
C ARG DA 55 -56.36 111.64 7.14
N LEU DA 56 -56.48 111.29 8.42
CA LEU DA 56 -57.70 111.51 9.14
C LEU DA 56 -57.35 111.19 10.58
N PRO DA 57 -57.52 112.15 11.50
CA PRO DA 57 -57.17 111.87 12.90
C PRO DA 57 -58.19 110.96 13.57
N ALA DA 58 -57.74 109.83 14.07
CA ALA DA 58 -58.66 108.87 14.68
C ALA DA 58 -59.30 109.47 15.92
N ASN DA 59 -60.60 109.28 16.06
CA ASN DA 59 -61.31 109.79 17.24
C ASN DA 59 -62.54 108.97 17.57
N ALA DA 60 -62.62 108.50 18.80
CA ALA DA 60 -63.75 107.66 19.18
C ALA DA 60 -64.90 108.45 19.81
N PHE DA 61 -64.79 109.77 19.85
CA PHE DA 61 -65.73 110.58 20.60
C PHE DA 61 -66.65 111.44 19.75
N THR DA 62 -66.82 111.09 18.49
CA THR DA 62 -67.62 111.91 17.58
C THR DA 62 -68.84 111.18 17.01
N GLY DA 63 -68.66 109.92 16.63
CA GLY DA 63 -69.73 109.18 15.98
C GLY DA 63 -69.75 109.36 14.46
N LEU DA 64 -68.80 110.14 13.95
CA LEU DA 64 -68.73 110.46 12.55
C LEU DA 64 -68.41 109.26 11.66
N THR DA 65 -69.20 109.11 10.61
CA THR DA 65 -68.90 108.13 9.57
C THR DA 65 -69.13 108.78 8.22
N TRP DA 66 -68.15 108.65 7.32
CA TRP DA 66 -68.20 109.27 6.01
C TRP DA 66 -68.28 108.18 4.95
N VAL DA 67 -68.67 108.57 3.74
CA VAL DA 67 -68.66 107.66 2.61
C VAL DA 67 -67.84 108.23 1.46
N MET DA 68 -66.83 107.48 1.01
CA MET DA 68 -66.14 107.79 -0.23
C MET DA 68 -66.82 107.01 -1.33
N SER DA 69 -67.32 107.72 -2.34
CA SER DA 69 -68.03 107.10 -3.46
C SER DA 69 -67.21 107.26 -4.74
N PHE DA 70 -66.92 106.13 -5.39
CA PHE DA 70 -66.15 106.14 -6.62
C PHE DA 70 -67.10 106.24 -7.80
N ASP DA 71 -67.15 107.44 -8.38
CA ASP DA 71 -68.08 107.73 -9.46
C ASP DA 71 -67.35 107.93 -10.77
N ALA DA 72 -66.92 106.84 -11.40
CA ALA DA 72 -66.03 106.96 -12.55
C ALA DA 72 -66.71 107.59 -13.76
N TYR DA 73 -68.03 107.55 -13.76
CA TYR DA 73 -68.78 107.99 -14.93
C TYR DA 73 -69.65 109.20 -14.63
N ASN DA 74 -69.37 109.84 -13.50
CA ASN DA 74 -70.02 111.10 -13.18
C ASN DA 74 -71.55 111.01 -13.19
N ARG DA 75 -72.10 109.96 -12.57
CA ARG DA 75 -73.55 109.72 -12.62
C ARG DA 75 -74.30 110.29 -11.42
N ILE DA 76 -73.65 110.40 -10.26
CA ILE DA 76 -74.37 110.96 -9.11
C ILE DA 76 -74.00 112.40 -8.74
N THR DA 77 -72.97 112.94 -9.38
CA THR DA 77 -72.46 114.26 -9.02
C THR DA 77 -73.50 115.37 -8.94
N SER DA 78 -74.26 115.50 -10.03
CA SER DA 78 -75.29 116.53 -10.17
C SER DA 78 -76.31 116.50 -9.03
N ARG DA 79 -76.47 115.36 -8.36
CA ARG DA 79 -77.60 115.20 -7.43
C ARG DA 79 -77.20 115.24 -5.96
N ILE DA 80 -75.90 115.41 -5.68
CA ILE DA 80 -75.45 115.41 -4.30
C ILE DA 80 -74.74 116.68 -3.89
N THR DA 81 -74.62 117.67 -4.78
CA THR DA 81 -73.79 118.84 -4.44
C THR DA 81 -74.47 119.87 -3.55
N ALA DA 82 -75.77 119.74 -3.39
CA ALA DA 82 -76.51 120.54 -2.42
C ALA DA 82 -76.61 119.75 -1.13
N SER DA 83 -76.99 118.49 -1.26
CA SER DA 83 -77.07 117.60 -0.12
C SER DA 83 -77.05 116.17 -0.64
N ALA DA 84 -76.45 115.28 0.12
CA ALA DA 84 -76.25 113.93 -0.38
C ALA DA 84 -77.12 112.92 0.33
N ASP DA 85 -78.14 112.43 -0.37
CA ASP DA 85 -78.89 111.31 0.18
C ASP DA 85 -78.02 110.05 0.08
N PRO DA 86 -78.04 109.21 1.13
CA PRO DA 86 -77.27 107.97 1.09
C PRO DA 86 -77.67 107.07 -0.08
N VAL DA 87 -78.91 107.16 -0.56
CA VAL DA 87 -79.33 106.32 -1.67
C VAL DA 87 -78.46 106.57 -2.89
N TYR DA 88 -78.09 107.84 -3.12
CA TYR DA 88 -77.15 108.16 -4.21
C TYR DA 88 -75.73 107.70 -3.88
N THR DA 89 -75.23 108.08 -2.70
CA THR DA 89 -73.83 107.87 -2.38
C THR DA 89 -73.46 106.40 -2.29
N LEU DA 90 -74.45 105.54 -2.00
CA LEU DA 90 -74.21 104.10 -1.86
C LEU DA 90 -74.54 103.30 -3.11
N SER DA 91 -74.96 104.01 -4.16
CA SER DA 91 -75.43 103.35 -5.38
C SER DA 91 -74.29 103.04 -6.36
N VAL DA 92 -73.10 103.57 -6.03
CA VAL DA 92 -71.91 103.31 -6.82
C VAL DA 92 -70.89 102.70 -5.89
N PRO DA 93 -69.82 102.10 -6.45
CA PRO DA 93 -68.82 101.52 -5.55
C PRO DA 93 -68.38 102.53 -4.47
N HIS DA 94 -68.30 102.06 -3.23
CA HIS DA 94 -68.09 102.97 -2.11
C HIS DA 94 -67.48 102.30 -0.90
N TRP DA 95 -66.99 103.13 0.01
CA TRP DA 95 -66.32 102.63 1.20
C TRP DA 95 -66.77 103.42 2.42
N LEU DA 96 -67.02 102.72 3.54
CA LEU DA 96 -67.32 103.41 4.79
C LEU DA 96 -66.06 103.82 5.53
N ILE DA 97 -66.02 105.09 5.92
CA ILE DA 97 -64.88 105.60 6.64
C ILE DA 97 -65.25 105.95 8.07
N HIS DA 98 -64.88 105.08 9.01
CA HIS DA 98 -65.21 105.29 10.42
C HIS DA 98 -64.18 106.14 11.14
N HIS DA 99 -64.66 107.16 11.84
CA HIS DA 99 -63.76 108.13 12.48
C HIS DA 99 -62.96 107.45 13.57
N LYS DA 100 -63.55 106.44 14.20
CA LYS DA 100 -62.86 105.73 15.28
C LYS DA 100 -61.61 104.98 14.80
N LEU DA 101 -61.57 104.63 13.51
CA LEU DA 101 -60.44 103.86 12.96
C LEU DA 101 -59.32 104.72 12.39
N GLY DA 102 -59.52 106.03 12.36
CA GLY DA 102 -58.54 106.95 11.83
C GLY DA 102 -58.23 106.79 10.35
N THR DA 103 -56.95 106.81 10.03
CA THR DA 103 -56.51 106.81 8.64
C THR DA 103 -57.05 105.59 7.89
N PHE DA 104 -57.60 105.83 6.70
CA PHE DA 104 -58.31 104.83 5.92
C PHE DA 104 -57.58 104.51 4.63
N SER DA 105 -57.66 103.24 4.21
CA SER DA 105 -57.05 102.85 2.96
C SER DA 105 -57.88 101.79 2.22
N CYS DA 106 -57.82 101.82 0.89
CA CYS DA 106 -58.45 100.76 0.09
C CYS DA 106 -57.79 100.67 -1.30
N GLU DA 107 -58.07 99.57 -2.02
CA GLU DA 107 -57.56 99.41 -3.38
C GLU DA 107 -58.65 99.57 -4.41
N ILE DA 108 -58.29 100.22 -5.50
CA ILE DA 108 -59.22 100.38 -6.60
C ILE DA 108 -58.51 99.84 -7.82
N ASP DA 109 -58.96 98.70 -8.31
CA ASP DA 109 -58.46 98.18 -9.56
C ASP DA 109 -59.26 98.88 -10.65
N TYR DA 110 -58.66 99.90 -11.25
CA TYR DA 110 -59.35 100.72 -12.21
C TYR DA 110 -59.81 99.89 -13.39
N GLY DA 111 -59.14 98.78 -13.64
CA GLY DA 111 -59.58 97.82 -14.64
C GLY DA 111 -60.97 97.24 -14.40
N GLU DA 112 -61.28 96.93 -13.15
CA GLU DA 112 -62.60 96.41 -12.78
C GLU DA 112 -63.62 97.51 -12.51
N LEU DA 113 -63.35 98.34 -11.51
CA LEU DA 113 -64.30 99.39 -11.10
C LEU DA 113 -64.62 100.41 -12.18
N CYS DA 114 -63.70 100.59 -13.11
CA CYS DA 114 -63.94 101.56 -14.17
C CYS DA 114 -64.08 100.94 -15.57
N GLY DA 115 -63.07 100.21 -16.03
CA GLY DA 115 -63.18 99.46 -17.28
C GLY DA 115 -62.48 100.02 -18.52
N HIS DA 116 -62.29 101.33 -18.59
CA HIS DA 116 -61.51 101.89 -19.68
C HIS DA 116 -60.24 102.60 -19.21
N ALA DA 117 -59.18 102.54 -20.04
CA ALA DA 117 -57.90 103.13 -19.69
C ALA DA 117 -57.88 104.67 -19.80
N MET DA 118 -57.12 105.31 -18.91
CA MET DA 118 -57.04 106.77 -18.88
C MET DA 118 -56.04 107.35 -19.88
N TRP DA 119 -56.51 108.33 -20.65
CA TRP DA 119 -55.67 109.01 -21.63
C TRP DA 119 -55.06 110.27 -21.02
N PHE DA 120 -53.74 110.39 -21.13
CA PHE DA 120 -53.01 111.45 -20.44
C PHE DA 120 -53.49 112.88 -20.76
N LYS DA 121 -53.94 113.12 -21.99
CA LYS DA 121 -54.19 114.49 -22.43
C LYS DA 121 -55.59 115.02 -22.18
N SER DA 122 -56.56 114.12 -22.05
CA SER DA 122 -57.95 114.53 -21.89
C SER DA 122 -58.83 113.38 -21.44
N THR DA 123 -59.97 113.76 -20.86
CA THR DA 123 -60.96 112.78 -20.49
C THR DA 123 -61.52 112.11 -21.76
N THR DA 124 -61.63 110.79 -21.75
CA THR DA 124 -62.18 110.08 -22.88
C THR DA 124 -63.71 110.11 -22.83
N PHE DA 125 -64.31 109.46 -21.83
CA PHE DA 125 -65.77 109.46 -21.73
C PHE DA 125 -66.22 110.50 -20.76
N GLU DA 126 -66.30 110.14 -19.49
CA GLU DA 126 -66.50 111.18 -18.50
C GLU DA 126 -65.33 111.16 -17.53
N SER DA 127 -65.20 112.23 -16.74
CA SER DA 127 -64.07 112.43 -15.85
C SER DA 127 -64.31 111.78 -14.48
N PRO DA 128 -63.48 110.80 -14.11
CA PRO DA 128 -63.63 109.99 -12.88
C PRO DA 128 -63.53 110.80 -11.58
N ARG DA 129 -64.52 110.70 -10.70
CA ARG DA 129 -64.54 111.47 -9.46
C ARG DA 129 -64.55 110.62 -8.20
N LEU DA 130 -64.04 111.19 -7.11
CA LEU DA 130 -64.25 110.65 -5.78
C LEU DA 130 -65.12 111.63 -5.00
N HIS DA 131 -66.27 111.16 -4.51
CA HIS DA 131 -67.14 112.00 -3.69
C HIS DA 131 -67.00 111.69 -2.19
N PHE DA 132 -66.96 112.74 -1.38
CA PHE DA 132 -66.90 112.56 0.06
C PHE DA 132 -68.11 113.15 0.75
N THR DA 133 -68.88 112.29 1.39
CA THR DA 133 -70.12 112.69 2.02
C THR DA 133 -70.14 112.18 3.46
N CYS DA 134 -70.98 112.77 4.29
CA CYS DA 134 -71.10 112.33 5.67
C CYS DA 134 -72.33 111.44 5.86
N LEU DA 135 -72.13 110.19 6.25
CA LEU DA 135 -73.22 109.21 6.36
C LEU DA 135 -73.96 109.32 7.67
N THR DA 136 -73.20 109.34 8.76
CA THR DA 136 -73.75 109.59 10.09
C THR DA 136 -72.98 110.77 10.70
N GLY DA 137 -73.73 111.70 11.32
CA GLY DA 137 -73.18 112.95 11.80
C GLY DA 137 -72.51 112.84 13.16
N ASN DA 138 -71.80 113.91 13.53
CA ASN DA 138 -71.19 113.96 14.85
C ASN DA 138 -72.26 114.16 15.92
N ASN DA 139 -71.99 113.68 17.12
CA ASN DA 139 -72.99 113.68 18.18
C ASN DA 139 -73.25 115.09 18.70
N LYS DA 140 -72.22 115.92 18.60
CA LYS DA 140 -72.25 117.36 18.90
C LYS DA 140 -71.16 117.96 18.03
N GLU DA 141 -71.22 119.26 17.77
CA GLU DA 141 -70.20 119.82 16.88
C GLU DA 141 -68.84 119.69 17.54
N LEU DA 142 -67.80 119.71 16.70
CA LEU DA 142 -66.43 119.68 17.19
C LEU DA 142 -65.94 121.10 17.53
N ALA DA 143 -64.69 121.21 17.96
CA ALA DA 143 -64.21 122.50 18.44
C ALA DA 143 -64.00 123.50 17.29
N ALA DA 144 -63.60 123.01 16.11
CA ALA DA 144 -63.33 123.89 14.99
C ALA DA 144 -63.34 123.15 13.65
N ASP DA 145 -63.40 123.91 12.55
CA ASP DA 145 -63.28 123.32 11.23
C ASP DA 145 -61.94 122.58 11.11
N TRP DA 146 -61.90 121.55 10.27
CA TRP DA 146 -60.65 120.85 10.02
C TRP DA 146 -60.61 120.29 8.60
N GLN DA 147 -59.55 119.56 8.29
CA GLN DA 147 -59.45 118.96 6.97
C GLN DA 147 -58.88 117.55 7.02
N ALA DA 148 -59.12 116.81 5.94
CA ALA DA 148 -58.54 115.48 5.77
C ALA DA 148 -57.81 115.48 4.45
N VAL DA 149 -56.77 114.65 4.34
CA VAL DA 149 -55.97 114.60 3.13
C VAL DA 149 -56.24 113.30 2.37
N VAL DA 150 -56.50 113.41 1.07
CA VAL DA 150 -56.68 112.23 0.23
C VAL DA 150 -55.46 112.01 -0.65
N GLU DA 151 -54.92 110.78 -0.66
CA GLU DA 151 -53.74 110.49 -1.45
C GLU DA 151 -53.91 109.29 -2.38
N LEU DA 152 -53.43 109.42 -3.62
CA LEU DA 152 -53.45 108.32 -4.58
C LEU DA 152 -52.05 107.77 -4.74
N TYR DA 153 -51.90 106.48 -4.50
CA TYR DA 153 -50.62 105.81 -4.68
C TYR DA 153 -50.77 104.85 -5.82
N ALA DA 154 -49.78 104.81 -6.71
CA ALA DA 154 -49.85 103.94 -7.88
C ALA DA 154 -48.49 103.86 -8.53
N GLU DA 155 -48.23 102.73 -9.19
CA GLU DA 155 -47.09 102.64 -10.10
C GLU DA 155 -47.60 102.53 -11.53
N LEU DA 156 -47.79 103.69 -12.16
CA LEU DA 156 -48.37 103.74 -13.50
C LEU DA 156 -47.48 103.07 -14.52
N GLU DA 157 -48.04 102.13 -15.27
CA GLU DA 157 -47.36 101.62 -16.44
C GLU DA 157 -48.27 101.64 -17.68
N GLU DA 158 -47.66 101.58 -18.85
CA GLU DA 158 -48.41 101.70 -20.10
C GLU DA 158 -49.45 100.59 -20.19
N ALA DA 159 -50.67 100.97 -20.54
CA ALA DA 159 -51.77 100.04 -20.75
C ALA DA 159 -51.73 99.39 -22.14
N THR DA 160 -51.93 98.09 -22.15
CA THR DA 160 -51.79 97.30 -23.36
C THR DA 160 -53.10 97.33 -24.19
N SER DA 161 -54.24 97.42 -23.51
CA SER DA 161 -55.56 97.45 -24.16
C SER DA 161 -56.41 98.62 -23.70
N PHE DA 162 -57.39 99.02 -24.52
CA PHE DA 162 -58.27 100.11 -24.11
C PHE DA 162 -59.23 99.66 -23.02
N LEU DA 163 -59.73 98.43 -23.15
CA LEU DA 163 -60.78 97.94 -22.28
C LEU DA 163 -60.23 97.04 -21.20
N GLY DA 164 -60.86 97.12 -20.02
CA GLY DA 164 -60.57 96.23 -18.91
C GLY DA 164 -61.14 94.85 -19.13
N LYS DA 165 -61.30 94.10 -18.05
CA LYS DA 165 -62.00 92.82 -18.11
C LYS DA 165 -63.41 93.18 -17.65
N PRO DA 166 -64.43 92.58 -18.27
CA PRO DA 166 -65.82 92.95 -17.99
C PRO DA 166 -66.24 92.55 -16.59
N THR DA 167 -66.75 93.51 -15.83
CA THR DA 167 -67.35 93.29 -14.53
C THR DA 167 -68.49 92.26 -14.57
N LEU DA 168 -69.25 92.25 -15.67
CA LEU DA 168 -70.47 91.43 -15.76
C LEU DA 168 -70.75 90.96 -17.20
N VAL DA 169 -71.17 89.72 -17.36
CA VAL DA 169 -71.57 89.26 -18.68
C VAL DA 169 -73.00 88.79 -18.61
N PHE DA 170 -73.82 89.28 -19.54
CA PHE DA 170 -75.25 89.06 -19.46
C PHE DA 170 -75.65 87.60 -19.53
N ASP DA 171 -76.44 87.19 -18.55
CA ASP DA 171 -76.97 85.84 -18.42
C ASP DA 171 -78.18 85.87 -17.47
N PRO DA 172 -79.37 85.56 -18.01
CA PRO DA 172 -80.66 85.62 -17.34
C PRO DA 172 -80.70 84.66 -16.16
N GLY DA 173 -80.11 83.50 -16.38
CA GLY DA 173 -80.18 82.40 -15.45
C GLY DA 173 -79.08 82.43 -14.41
N VAL DA 174 -78.40 83.57 -14.27
CA VAL DA 174 -77.29 83.65 -13.33
C VAL DA 174 -77.25 84.92 -12.49
N PHE DA 175 -77.75 84.71 -11.28
CA PHE DA 175 -77.63 85.57 -10.13
C PHE DA 175 -77.22 84.62 -9.01
N ASN DA 176 -75.93 84.63 -8.65
CA ASN DA 176 -75.39 83.75 -7.62
C ASN DA 176 -76.11 83.87 -6.28
N GLY DA 177 -76.16 85.07 -5.73
CA GLY DA 177 -76.68 85.27 -4.40
C GLY DA 177 -75.65 86.03 -3.58
N LYS DA 178 -74.47 86.23 -4.18
CA LYS DA 178 -73.43 87.06 -3.58
C LYS DA 178 -73.54 88.51 -4.06
N PHE DA 179 -73.31 89.47 -3.16
CA PHE DA 179 -73.38 90.88 -3.51
C PHE DA 179 -72.05 91.59 -3.26
N GLN DA 180 -71.82 92.69 -3.98
CA GLN DA 180 -70.82 93.66 -3.55
C GLN DA 180 -71.44 95.04 -3.45
N PHE DA 181 -70.92 95.84 -2.54
CA PHE DA 181 -71.35 97.24 -2.40
C PHE DA 181 -72.83 97.40 -2.14
N LEU DA 182 -73.40 96.47 -1.37
CA LEU DA 182 -74.80 96.57 -0.98
C LEU DA 182 -74.86 97.07 0.43
N THR DA 183 -75.03 98.38 0.57
CA THR DA 183 -75.09 99.03 1.88
C THR DA 183 -76.43 99.73 2.05
N CYS DA 184 -77.13 99.44 3.14
CA CYS DA 184 -78.42 100.05 3.45
C CYS DA 184 -78.22 101.41 4.09
N PRO DA 185 -79.02 102.39 3.71
CA PRO DA 185 -78.94 103.68 4.39
C PRO DA 185 -79.08 103.50 5.89
N PRO DA 186 -78.53 104.44 6.66
CA PRO DA 186 -78.47 104.33 8.12
C PRO DA 186 -79.87 104.21 8.74
N ILE DA 187 -79.97 103.36 9.76
CA ILE DA 187 -81.17 103.19 10.57
C ILE DA 187 -80.91 103.92 11.90
N PHE DA 188 -81.87 104.67 12.42
CA PHE DA 188 -81.63 105.45 13.64
C PHE DA 188 -82.47 105.04 14.85
N PHE DA 189 -81.86 105.01 16.04
CA PHE DA 189 -82.59 104.76 17.29
C PHE DA 189 -82.54 105.97 18.20
N ASP DA 190 -83.70 106.38 18.72
CA ASP DA 190 -83.78 107.50 19.65
C ASP DA 190 -83.41 107.02 21.04
N LEU DA 191 -82.76 107.86 21.83
CA LEU DA 191 -82.44 107.43 23.19
C LEU DA 191 -83.55 107.79 24.17
N THR DA 192 -84.58 108.43 23.64
CA THR DA 192 -85.77 108.75 24.44
C THR DA 192 -86.80 107.64 24.38
N ALA DA 193 -86.35 106.45 24.00
CA ALA DA 193 -87.24 105.31 23.83
C ALA DA 193 -86.68 104.07 24.50
N VAL DA 194 -87.43 103.51 25.41
CA VAL DA 194 -86.93 102.35 26.15
C VAL DA 194 -86.73 101.11 25.27
N THR DA 195 -87.61 100.91 24.30
CA THR DA 195 -87.37 99.90 23.27
C THR DA 195 -87.78 100.48 21.94
N ALA DA 196 -87.41 99.79 20.85
CA ALA DA 196 -87.80 100.28 19.53
C ALA DA 196 -87.60 99.23 18.44
N LEU DA 197 -88.31 99.42 17.34
CA LEU DA 197 -88.16 98.55 16.20
C LEU DA 197 -87.79 99.35 14.97
N ARG DA 198 -86.86 98.82 14.18
CA ARG DA 198 -86.61 99.36 12.87
C ARG DA 198 -86.59 98.26 11.84
N SER DA 199 -87.44 98.38 10.84
CA SER DA 199 -87.49 97.38 9.77
C SER DA 199 -86.60 97.73 8.58
N ALA DA 200 -85.97 96.70 8.01
CA ALA DA 200 -85.31 96.84 6.72
C ALA DA 200 -85.96 95.84 5.77
N GLY DA 201 -86.52 96.33 4.66
CA GLY DA 201 -87.21 95.46 3.73
C GLY DA 201 -86.22 94.52 3.07
N LEU DA 202 -86.66 93.30 2.76
CA LEU DA 202 -85.79 92.33 2.10
C LEU DA 202 -86.23 92.09 0.66
N THR DA 203 -87.10 92.97 0.16
CA THR DA 203 -87.54 92.90 -1.22
C THR DA 203 -86.52 93.65 -2.11
N LEU DA 204 -85.36 93.02 -2.29
CA LEU DA 204 -84.15 93.70 -2.78
C LEU DA 204 -84.17 94.08 -4.25
N GLY DA 205 -85.16 93.63 -4.99
CA GLY DA 205 -85.24 93.98 -6.39
C GLY DA 205 -85.96 95.30 -6.62
N GLN DA 206 -86.54 95.83 -5.55
CA GLN DA 206 -87.22 97.12 -5.59
C GLN DA 206 -86.22 98.23 -5.91
N VAL DA 207 -86.58 99.14 -6.81
CA VAL DA 207 -85.68 100.26 -7.12
C VAL DA 207 -85.81 101.38 -6.08
N PRO DA 208 -84.68 101.78 -5.48
CA PRO DA 208 -84.65 102.76 -4.40
C PRO DA 208 -85.04 104.12 -4.91
N MET DA 209 -85.60 104.97 -4.06
CA MET DA 209 -86.01 106.30 -4.50
C MET DA 209 -85.58 107.43 -3.60
N VAL DA 210 -85.41 108.60 -4.21
CA VAL DA 210 -85.09 109.80 -3.46
C VAL DA 210 -86.09 110.80 -3.96
N GLY DA 211 -87.14 111.03 -3.18
CA GLY DA 211 -88.26 111.82 -3.64
C GLY DA 211 -88.94 111.11 -4.80
N THR DA 212 -89.04 111.82 -5.93
CA THR DA 212 -89.67 111.25 -7.11
C THR DA 212 -88.62 110.63 -8.05
N THR DA 213 -87.35 110.74 -7.66
CA THR DA 213 -86.25 110.20 -8.46
C THR DA 213 -85.94 108.71 -8.21
N LYS DA 214 -86.05 107.90 -9.26
CA LYS DA 214 -85.66 106.50 -9.21
C LYS DA 214 -84.13 106.39 -9.36
N VAL DA 215 -83.49 105.63 -8.49
CA VAL DA 215 -82.04 105.41 -8.61
C VAL DA 215 -81.75 103.96 -8.98
N TYR DA 216 -81.71 103.67 -10.27
CA TYR DA 216 -81.41 102.33 -10.71
C TYR DA 216 -80.00 101.98 -10.31
N ASN DA 217 -79.79 100.78 -9.80
CA ASN DA 217 -78.44 100.32 -9.44
C ASN DA 217 -78.26 98.85 -9.72
N LEU DA 218 -77.00 98.42 -9.83
CA LEU DA 218 -76.74 97.03 -10.21
C LEU DA 218 -77.32 95.99 -9.26
N ASN DA 219 -77.25 96.23 -7.95
CA ASN DA 219 -77.73 95.23 -6.99
C ASN DA 219 -79.21 94.93 -7.12
N SER DA 220 -80.04 95.97 -7.10
CA SER DA 220 -81.47 95.73 -7.28
C SER DA 220 -81.72 95.10 -8.64
N THR DA 221 -80.99 95.55 -9.65
CA THR DA 221 -81.12 94.96 -10.98
C THR DA 221 -80.83 93.46 -10.98
N LEU DA 222 -79.77 93.05 -10.29
CA LEU DA 222 -79.43 91.63 -10.21
C LEU DA 222 -80.56 90.85 -9.56
N VAL DA 223 -81.02 91.32 -8.40
CA VAL DA 223 -82.08 90.62 -7.69
C VAL DA 223 -83.33 90.47 -8.58
N SER DA 224 -83.58 91.47 -9.42
CA SER DA 224 -84.76 91.43 -10.28
C SER DA 224 -84.70 90.29 -11.32
N CYS DA 225 -83.50 89.73 -11.51
CA CYS DA 225 -83.29 88.62 -12.46
C CYS DA 225 -83.84 87.30 -11.97
N VAL DA 226 -84.40 87.33 -10.76
CA VAL DA 226 -84.94 86.16 -10.10
C VAL DA 226 -86.39 86.47 -9.65
N LEU DA 227 -87.20 85.46 -9.40
CA LEU DA 227 -88.58 85.70 -9.00
C LEU DA 227 -88.67 85.95 -7.51
N GLY DA 228 -87.74 85.36 -6.77
CA GLY DA 228 -87.72 85.49 -5.32
C GLY DA 228 -86.57 84.70 -4.74
N MET DA 229 -86.37 84.80 -3.44
CA MET DA 229 -85.21 84.19 -2.77
C MET DA 229 -85.52 83.87 -1.32
N GLY DA 230 -84.94 82.78 -0.85
CA GLY DA 230 -85.00 82.42 0.55
C GLY DA 230 -83.59 82.03 0.95
N GLY DA 231 -83.39 81.79 2.24
CA GLY DA 231 -82.07 81.40 2.72
C GLY DA 231 -81.64 82.26 3.88
N THR DA 232 -80.34 82.40 4.04
CA THR DA 232 -79.82 83.18 5.16
C THR DA 232 -79.11 84.44 4.69
N VAL DA 233 -79.49 85.56 5.27
CA VAL DA 233 -78.83 86.83 4.99
C VAL DA 233 -77.55 86.93 5.83
N ARG DA 234 -76.40 86.98 5.16
CA ARG DA 234 -75.11 87.20 5.85
C ARG DA 234 -74.69 88.62 5.63
N GLY DA 235 -74.46 89.35 6.71
CA GLY DA 235 -74.07 90.74 6.58
C GLY DA 235 -73.20 91.23 7.70
N ARG DA 236 -72.98 92.53 7.74
CA ARG DA 236 -72.22 93.17 8.81
C ARG DA 236 -73.03 94.33 9.36
N VAL DA 237 -72.91 94.56 10.66
CA VAL DA 237 -73.56 95.68 11.30
C VAL DA 237 -72.51 96.61 11.83
N HIS DA 238 -72.67 97.90 11.54
CA HIS DA 238 -71.80 98.91 12.12
C HIS DA 238 -72.57 99.84 13.06
N ILE DA 239 -72.06 99.97 14.28
CA ILE DA 239 -72.67 100.89 15.22
C ILE DA 239 -71.88 102.19 15.20
N CYS DA 240 -72.52 103.23 14.67
CA CYS DA 240 -71.82 104.47 14.32
C CYS DA 240 -72.08 105.59 15.30
N ALA DA 241 -71.57 105.40 16.52
CA ALA DA 241 -71.72 106.37 17.58
C ALA DA 241 -70.45 106.45 18.42
N PRO DA 242 -70.33 107.47 19.27
CA PRO DA 242 -69.20 107.61 20.19
C PRO DA 242 -69.06 106.43 21.18
N ILE DA 243 -67.86 106.16 21.72
CA ILE DA 243 -67.68 105.03 22.65
C ILE DA 243 -68.64 105.10 23.80
N PHE DA 244 -69.12 106.30 24.12
CA PHE DA 244 -69.97 106.47 25.30
C PHE DA 244 -71.45 106.26 25.01
N TYR DA 245 -71.78 105.96 23.76
CA TYR DA 245 -73.10 105.43 23.38
C TYR DA 245 -73.02 103.92 23.34
N SER DA 246 -74.11 103.25 23.66
CA SER DA 246 -74.14 101.79 23.53
C SER DA 246 -75.56 101.25 23.42
N ILE DA 247 -75.68 100.08 22.82
CA ILE DA 247 -76.99 99.53 22.57
C ILE DA 247 -76.91 98.01 22.49
N VAL DA 248 -78.05 97.35 22.73
CA VAL DA 248 -78.16 95.91 22.47
C VAL DA 248 -79.34 95.65 21.59
N LEU DA 249 -79.11 94.94 20.48
CA LEU DA 249 -80.15 94.66 19.49
C LEU DA 249 -80.47 93.19 19.38
N TRP DA 250 -81.76 92.89 19.22
CA TRP DA 250 -82.23 91.58 18.81
C TRP DA 250 -82.55 91.69 17.33
N VAL DA 251 -81.84 90.95 16.50
CA VAL DA 251 -82.03 91.03 15.06
C VAL DA 251 -82.66 89.76 14.52
N VAL DA 252 -83.85 89.89 13.92
CA VAL DA 252 -84.61 88.72 13.50
C VAL DA 252 -85.46 89.01 12.27
N SER DA 253 -85.80 87.97 11.52
CA SER DA 253 -86.66 88.12 10.34
C SER DA 253 -88.16 87.81 10.62
N GLU DA 254 -89.04 88.64 10.09
CA GLU DA 254 -90.47 88.45 10.29
C GLU DA 254 -91.25 88.59 9.00
N TRP DA 255 -92.42 87.97 8.94
CA TRP DA 255 -93.24 87.99 7.72
C TRP DA 255 -94.53 88.77 7.92
N ASN DA 256 -94.79 89.69 7.00
CA ASN DA 256 -96.03 90.45 6.98
C ASN DA 256 -96.43 91.05 8.32
N GLY DA 257 -95.75 92.12 8.72
CA GLY DA 257 -95.97 92.74 10.01
C GLY DA 257 -95.03 92.15 11.05
N THR DA 258 -95.28 92.47 12.31
CA THR DA 258 -94.44 91.98 13.38
C THR DA 258 -95.33 91.52 14.51
N THR DA 259 -94.83 90.61 15.32
CA THR DA 259 -95.58 90.18 16.49
C THR DA 259 -95.57 91.26 17.54
N MET DA 260 -96.62 91.29 18.34
CA MET DA 260 -96.73 92.31 19.37
C MET DA 260 -96.37 91.70 20.72
N ASP DA 261 -96.12 90.39 20.72
CA ASP DA 261 -95.85 89.64 21.95
C ASP DA 261 -94.38 89.38 22.14
N TRP DA 262 -93.78 90.07 23.12
CA TRP DA 262 -92.34 89.94 23.37
C TRP DA 262 -91.88 88.50 23.54
N ASN DA 263 -92.72 87.65 24.11
CA ASN DA 263 -92.33 86.26 24.32
C ASN DA 263 -92.28 85.49 23.02
N GLU DA 264 -93.24 85.75 22.13
CA GLU DA 264 -93.21 85.09 20.85
C GLU DA 264 -91.95 85.54 20.10
N LEU DA 265 -91.64 86.83 20.21
CA LEU DA 265 -90.50 87.43 19.50
C LEU DA 265 -89.21 86.67 19.74
N PHE DA 266 -89.02 86.24 20.97
CA PHE DA 266 -87.78 85.57 21.36
C PHE DA 266 -87.80 84.06 21.19
N LYS DA 267 -88.89 83.54 20.62
CA LYS DA 267 -88.95 82.14 20.24
C LYS DA 267 -88.51 82.04 18.79
N TYR DA 268 -88.33 83.18 18.12
CA TYR DA 268 -87.85 83.20 16.73
C TYR DA 268 -86.34 83.03 16.72
N PRO DA 269 -85.80 82.59 15.57
CA PRO DA 269 -84.36 82.41 15.41
C PRO DA 269 -83.64 83.69 15.01
N GLY DA 270 -83.30 84.48 16.02
CA GLY DA 270 -82.59 85.72 15.82
C GLY DA 270 -81.19 85.70 16.41
N VAL DA 271 -80.50 86.84 16.37
CA VAL DA 271 -79.16 86.99 16.91
C VAL DA 271 -79.06 88.29 17.68
N TYR DA 272 -78.18 88.31 18.67
CA TYR DA 272 -77.94 89.56 19.42
C TYR DA 272 -76.76 90.33 18.83
N VAL DA 273 -76.88 91.65 18.80
CA VAL DA 273 -75.80 92.51 18.29
C VAL DA 273 -75.52 93.57 19.34
N GLU DA 274 -74.30 93.55 19.88
CA GLU DA 274 -73.90 94.49 20.94
C GLU DA 274 -72.89 95.47 20.38
N GLU DA 275 -72.30 95.13 19.25
CA GLU DA 275 -71.17 95.88 18.70
C GLU DA 275 -70.93 95.56 17.23
N ASP DA 276 -70.08 96.36 16.59
CA ASP DA 276 -69.62 96.10 15.21
C ASP DA 276 -69.36 94.60 15.05
N GLY DA 277 -69.84 94.01 13.95
CA GLY DA 277 -69.66 92.59 13.70
C GLY DA 277 -70.48 92.07 12.55
N SER DA 278 -70.28 90.81 12.20
CA SER DA 278 -71.11 90.18 11.19
C SER DA 278 -72.32 89.49 11.82
N PHE DA 279 -73.30 89.11 11.02
CA PHE DA 279 -74.52 88.42 11.50
C PHE DA 279 -75.07 87.54 10.40
N GLU DA 280 -75.77 86.47 10.80
CA GLU DA 280 -76.52 85.64 9.85
C GLU DA 280 -77.95 85.50 10.37
N VAL DA 281 -78.94 85.89 9.56
CA VAL DA 281 -80.32 85.70 9.96
C VAL DA 281 -81.09 84.98 8.85
N LYS DA 282 -81.88 83.99 9.23
CA LYS DA 282 -82.67 83.23 8.27
C LYS DA 282 -83.83 84.10 7.79
N ILE DA 283 -84.03 84.12 6.47
CA ILE DA 283 -85.19 84.79 5.88
C ILE DA 283 -86.43 83.97 6.21
N ARG DA 284 -87.32 84.56 6.99
CA ARG DA 284 -88.51 83.89 7.48
C ARG DA 284 -89.75 84.16 6.60
N SER DA 285 -90.36 83.11 6.08
CA SER DA 285 -91.53 83.26 5.21
C SER DA 285 -92.35 81.99 5.08
N PRO DA 286 -93.68 82.13 4.95
CA PRO DA 286 -94.61 81.02 4.77
C PRO DA 286 -94.24 80.16 3.56
N TYR DA 287 -93.50 80.76 2.62
CA TYR DA 287 -93.12 80.10 1.37
C TYR DA 287 -91.63 79.83 1.35
N HIS DA 288 -90.96 80.21 2.45
CA HIS DA 288 -89.53 80.01 2.60
C HIS DA 288 -88.72 80.96 1.74
N ARG DA 289 -89.41 81.72 0.89
CA ARG DA 289 -88.76 82.70 0.03
C ARG DA 289 -89.59 83.98 0.13
N THR DA 290 -88.97 85.13 -0.14
CA THR DA 290 -89.71 86.39 -0.27
C THR DA 290 -89.56 86.83 -1.74
N PRO DA 291 -90.62 87.43 -2.32
CA PRO DA 291 -90.59 87.83 -3.73
C PRO DA 291 -89.56 88.93 -3.97
N ALA DA 292 -88.96 88.90 -5.16
CA ALA DA 292 -87.93 89.82 -5.56
C ALA DA 292 -88.43 91.26 -5.73
N ARG DA 293 -89.65 91.42 -6.23
CA ARG DA 293 -90.24 92.76 -6.39
C ARG DA 293 -91.69 92.80 -5.93
N LEU DA 294 -92.22 94.00 -5.76
CA LEU DA 294 -93.60 94.15 -5.32
C LEU DA 294 -94.60 94.22 -6.47
N LEU DA 295 -95.81 93.75 -6.19
CA LEU DA 295 -96.92 93.99 -7.09
C LEU DA 295 -97.61 95.28 -6.67
N ALA DA 296 -98.55 95.74 -7.47
CA ALA DA 296 -99.24 96.99 -7.18
C ALA DA 296 -99.96 96.91 -5.84
N GLY DA 297 -99.83 97.96 -5.03
CA GLY DA 297 -100.51 98.02 -3.74
C GLY DA 297 -99.92 97.16 -2.64
N GLN DA 298 -98.83 96.46 -2.95
CA GLN DA 298 -98.07 95.74 -1.93
C GLN DA 298 -97.01 96.64 -1.32
N SER DA 299 -96.65 96.35 -0.08
CA SER DA 299 -95.63 97.12 0.63
C SER DA 299 -94.47 96.17 0.90
N GLN DA 300 -93.29 96.70 1.15
CA GLN DA 300 -92.15 95.83 1.41
C GLN DA 300 -92.34 95.10 2.75
N ARG DA 301 -93.15 95.67 3.63
CA ARG DA 301 -93.39 95.08 4.93
C ARG DA 301 -94.41 93.93 4.89
N ASP DA 302 -95.22 93.88 3.83
CA ASP DA 302 -96.13 92.76 3.57
C ASP DA 302 -95.40 91.43 3.31
N MET DA 303 -94.08 91.50 3.13
CA MET DA 303 -93.28 90.31 2.86
C MET DA 303 -92.30 90.06 3.98
N SER DA 304 -91.15 89.48 3.62
CA SER DA 304 -90.08 89.19 4.58
C SER DA 304 -89.21 90.44 4.82
N SER DA 305 -88.97 90.74 6.10
CA SER DA 305 -88.14 91.89 6.48
C SER DA 305 -87.08 91.49 7.50
N LEU DA 306 -86.01 92.27 7.57
CA LEU DA 306 -84.94 92.09 8.53
C LEU DA 306 -85.17 93.14 9.61
N ASN DA 307 -85.59 92.69 10.78
CA ASN DA 307 -86.00 93.59 11.86
C ASN DA 307 -84.99 93.82 12.97
N PHE DA 308 -84.76 95.08 13.29
CA PHE DA 308 -83.80 95.43 14.31
C PHE DA 308 -84.54 95.96 15.54
N TYR DA 309 -84.55 95.15 16.60
CA TYR DA 309 -85.22 95.48 17.87
C TYR DA 309 -84.21 95.95 18.90
N ALA DA 310 -84.33 97.20 19.32
CA ALA DA 310 -83.52 97.68 20.42
C ALA DA 310 -84.13 97.16 21.72
N ILE DA 311 -83.44 96.23 22.37
CA ILE DA 311 -83.97 95.62 23.60
C ILE DA 311 -83.33 96.17 24.87
N ALA DA 312 -82.17 96.81 24.74
CA ALA DA 312 -81.57 97.53 25.85
C ALA DA 312 -80.82 98.74 25.32
N GLY DA 313 -81.34 99.92 25.66
CA GLY DA 313 -80.79 101.15 25.14
C GLY DA 313 -81.48 101.57 23.85
N PRO DA 314 -80.84 102.48 23.09
CA PRO DA 314 -79.50 103.00 23.35
C PRO DA 314 -79.43 103.88 24.59
N ILE DA 315 -78.23 103.92 25.20
CA ILE DA 315 -77.97 104.81 26.32
C ILE DA 315 -76.80 105.71 26.00
N ALA DA 316 -76.82 106.88 26.61
CA ALA DA 316 -75.69 107.79 26.52
C ALA DA 316 -75.70 108.67 27.76
N PRO DA 317 -74.56 109.33 28.05
CA PRO DA 317 -74.50 110.21 29.22
C PRO DA 317 -75.40 111.41 28.94
N SER DA 318 -75.86 112.12 29.97
CA SER DA 318 -76.55 113.39 29.68
C SER DA 318 -75.48 114.43 29.39
N GLY DA 319 -75.81 115.42 28.57
CA GLY DA 319 -77.06 115.49 27.85
C GLY DA 319 -76.71 115.34 26.38
N GLU DA 320 -76.63 114.10 25.96
CA GLU DA 320 -76.49 113.81 24.56
C GLU DA 320 -77.89 113.81 23.97
N THR DA 321 -78.00 114.10 22.68
CA THR DA 321 -79.32 114.19 22.04
C THR DA 321 -79.36 113.41 20.74
N ALA DA 322 -78.19 113.26 20.12
CA ALA DA 322 -78.07 112.57 18.85
C ALA DA 322 -78.72 111.18 18.89
N GLN DA 323 -79.29 110.76 17.78
CA GLN DA 323 -79.75 109.40 17.69
C GLN DA 323 -78.56 108.47 17.47
N LEU DA 324 -78.74 107.19 17.75
CA LEU DA 324 -77.69 106.20 17.52
C LEU DA 324 -77.94 105.52 16.20
N PRO DA 325 -77.05 105.71 15.22
CA PRO DA 325 -77.22 105.14 13.88
C PRO DA 325 -76.58 103.75 13.73
N ILE DA 326 -77.26 102.89 12.99
CA ILE DA 326 -76.80 101.54 12.66
C ILE DA 326 -76.67 101.49 11.14
N VAL DA 327 -75.49 101.15 10.63
CA VAL DA 327 -75.35 100.94 9.18
C VAL DA 327 -75.25 99.45 8.84
N VAL DA 328 -76.19 98.95 8.05
CA VAL DA 328 -76.19 97.52 7.71
C VAL DA 328 -75.64 97.27 6.31
N GLN DA 329 -74.73 96.30 6.20
CA GLN DA 329 -74.26 95.86 4.89
C GLN DA 329 -74.66 94.42 4.65
N ILE DA 330 -75.19 94.14 3.46
CA ILE DA 330 -75.57 92.78 3.10
C ILE DA 330 -74.57 92.18 2.13
N ASP DA 331 -73.96 91.08 2.53
CA ASP DA 331 -72.84 90.53 1.77
C ASP DA 331 -73.31 89.43 0.84
N GLU DA 332 -74.14 88.53 1.34
CA GLU DA 332 -74.70 87.50 0.48
C GLU DA 332 -75.88 86.78 1.08
N ILE DA 333 -76.60 86.05 0.23
CA ILE DA 333 -77.57 85.08 0.69
C ILE DA 333 -76.87 83.73 0.68
N VAL DA 334 -76.57 83.21 1.87
CA VAL DA 334 -75.87 81.94 2.00
C VAL DA 334 -76.90 80.83 2.06
N ARG DA 335 -76.54 79.66 1.55
CA ARG DA 335 -77.46 78.53 1.52
C ARG DA 335 -78.76 78.98 0.88
N PRO DA 336 -78.66 79.50 -0.36
CA PRO DA 336 -79.77 80.20 -1.00
C PRO DA 336 -80.85 79.27 -1.52
N ASP DA 337 -82.10 79.67 -1.34
CA ASP DA 337 -83.21 78.97 -1.93
C ASP DA 337 -83.80 79.91 -2.97
N LEU DA 338 -83.32 79.79 -4.20
CA LEU DA 338 -83.76 80.71 -5.25
C LEU DA 338 -85.02 80.24 -6.00
N SER DA 339 -85.77 81.21 -6.50
CA SER DA 339 -86.88 80.92 -7.41
C SER DA 339 -86.35 80.69 -8.80
N LEU DA 340 -87.25 80.42 -9.72
CA LEU DA 340 -86.89 80.41 -11.12
C LEU DA 340 -86.32 81.76 -11.47
N PRO DA 341 -85.44 81.80 -12.46
CA PRO DA 341 -85.05 83.09 -13.03
C PRO DA 341 -86.32 83.78 -13.55
N SER DA 342 -86.39 85.10 -13.43
CA SER DA 342 -87.57 85.80 -13.94
C SER DA 342 -87.64 85.79 -15.49
N PHE DA 343 -86.48 85.78 -16.14
CA PHE DA 343 -86.44 85.67 -17.60
C PHE DA 343 -85.67 84.45 -18.08
N GLU DA 344 -86.09 83.93 -19.22
CA GLU DA 344 -85.41 82.79 -19.82
C GLU DA 344 -84.46 83.31 -20.88
N ASP DA 345 -83.72 82.41 -21.53
CA ASP DA 345 -82.81 82.86 -22.58
C ASP DA 345 -83.63 83.08 -23.85
N ASP DA 346 -84.33 84.20 -23.86
CA ASP DA 346 -85.32 84.45 -24.88
C ASP DA 346 -85.25 85.92 -25.27
N TYR DA 347 -86.08 86.30 -26.23
CA TYR DA 347 -86.20 87.69 -26.62
C TYR DA 347 -86.92 88.47 -25.52
N PHE DA 348 -86.78 89.78 -25.54
CA PHE DA 348 -87.60 90.65 -24.72
C PHE DA 348 -87.82 91.95 -25.45
N VAL DA 349 -88.78 92.74 -24.97
CA VAL DA 349 -89.19 93.93 -25.71
C VAL DA 349 -88.16 95.04 -25.57
N TRP DA 350 -87.72 95.55 -26.72
CA TRP DA 350 -86.89 96.73 -26.75
C TRP DA 350 -87.75 97.99 -26.89
N VAL DA 351 -88.54 98.04 -27.96
CA VAL DA 351 -89.36 99.21 -28.23
C VAL DA 351 -90.58 98.92 -29.10
N ASP DA 352 -91.69 99.61 -28.83
CA ASP DA 352 -92.87 99.58 -29.70
C ASP DA 352 -93.02 100.94 -30.34
N PHE DA 353 -93.16 100.98 -31.67
CA PHE DA 353 -93.58 102.20 -32.35
C PHE DA 353 -95.04 102.08 -32.79
N SER DA 354 -95.79 103.15 -32.58
CA SER DA 354 -97.22 103.15 -32.89
C SER DA 354 -97.71 104.56 -33.22
N GLU DA 355 -98.96 104.67 -33.62
CA GLU DA 355 -99.58 105.98 -33.85
C GLU DA 355 -98.76 106.87 -34.78
N PHE DA 356 -98.40 106.34 -35.95
CA PHE DA 356 -97.59 107.08 -36.93
C PHE DA 356 -98.41 108.20 -37.55
N THR DA 357 -97.81 109.37 -37.70
CA THR DA 357 -98.53 110.50 -38.28
C THR DA 357 -98.10 110.77 -39.72
N LEU DA 358 -96.90 110.30 -40.08
CA LEU DA 358 -96.41 110.42 -41.45
C LEU DA 358 -96.19 109.06 -42.06
N ASP DA 359 -96.44 108.96 -43.36
CA ASP DA 359 -96.18 107.72 -44.08
C ASP DA 359 -94.67 107.44 -44.18
N LYS DA 360 -93.87 108.50 -44.36
CA LYS DA 360 -92.42 108.34 -44.39
C LYS DA 360 -91.87 108.53 -42.98
N GLU DA 361 -91.27 107.48 -42.45
CA GLU DA 361 -90.69 107.53 -41.11
C GLU DA 361 -89.35 106.82 -41.17
N GLU DA 362 -88.33 107.41 -40.52
CA GLU DA 362 -87.03 106.76 -40.49
C GLU DA 362 -86.42 106.81 -39.09
N ILE DA 363 -86.30 105.64 -38.48
CA ILE DA 363 -85.80 105.50 -37.12
C ILE DA 363 -84.31 105.13 -37.15
N GLU DA 364 -83.45 106.05 -36.75
CA GLU DA 364 -82.01 105.79 -36.72
C GLU DA 364 -81.61 105.08 -35.44
N ILE DA 365 -80.87 103.99 -35.58
CA ILE DA 365 -80.43 103.22 -34.44
C ILE DA 365 -78.91 103.33 -34.32
N GLY DA 366 -78.23 103.18 -35.46
CA GLY DA 366 -76.78 103.27 -35.51
C GLY DA 366 -76.12 102.04 -34.91
N SER DA 367 -75.38 102.23 -33.81
CA SER DA 367 -74.74 101.10 -33.16
C SER DA 367 -75.09 101.08 -31.67
N ARG DA 368 -76.18 101.77 -31.30
CA ARG DA 368 -76.52 101.93 -29.88
C ARG DA 368 -77.76 101.15 -29.45
N PHE DA 369 -77.80 100.76 -28.19
CA PHE DA 369 -79.03 100.32 -27.57
C PHE DA 369 -79.45 101.42 -26.60
N PHE DA 370 -80.60 102.04 -26.82
CA PHE DA 370 -80.94 103.27 -26.09
C PHE DA 370 -82.44 103.57 -26.14
N ASP DA 371 -82.83 104.67 -25.49
CA ASP DA 371 -84.23 105.10 -25.51
C ASP DA 371 -84.54 106.01 -26.70
N PHE DA 372 -85.55 105.64 -27.47
CA PHE DA 372 -85.97 106.42 -28.64
C PHE DA 372 -86.87 107.61 -28.29
N THR DA 373 -86.85 108.63 -29.12
CA THR DA 373 -87.84 109.70 -29.03
C THR DA 373 -88.32 110.02 -30.44
N SER DA 374 -89.59 110.43 -30.57
CA SER DA 374 -90.10 110.84 -31.88
C SER DA 374 -91.15 111.93 -31.76
N ASN DA 375 -91.13 112.85 -32.72
CA ASN DA 375 -92.14 113.90 -32.81
C ASN DA 375 -93.30 113.46 -33.69
N THR DA 376 -93.06 112.40 -34.45
CA THR DA 376 -93.97 112.01 -35.51
C THR DA 376 -94.68 110.70 -35.20
N CYS DA 377 -94.27 110.04 -34.12
CA CYS DA 377 -94.97 108.82 -33.69
C CYS DA 377 -94.79 108.56 -32.22
N ARG DA 378 -95.49 107.55 -31.72
CA ARG DA 378 -95.46 107.22 -30.29
C ARG DA 378 -94.43 106.14 -30.00
N VAL DA 379 -93.46 106.48 -29.16
CA VAL DA 379 -92.47 105.51 -28.72
C VAL DA 379 -92.83 104.95 -27.34
N SER DA 380 -92.82 103.62 -27.22
CA SER DA 380 -93.03 102.98 -25.92
C SER DA 380 -91.83 102.09 -25.64
N MET DA 381 -91.02 102.46 -24.66
CA MET DA 381 -89.81 101.71 -24.40
C MET DA 381 -90.07 100.53 -23.47
N GLY DA 382 -89.36 99.42 -23.68
CA GLY DA 382 -89.44 98.30 -22.75
C GLY DA 382 -88.62 98.52 -21.48
N GLU DA 383 -89.12 98.00 -20.35
CA GLU DA 383 -88.35 97.99 -19.10
C GLU DA 383 -88.09 96.54 -18.68
N ASN DA 384 -86.81 96.15 -18.64
CA ASN DA 384 -86.40 94.81 -18.22
C ASN DA 384 -84.99 94.85 -17.67
N PRO DA 385 -84.52 93.74 -17.09
CA PRO DA 385 -83.19 93.73 -16.48
C PRO DA 385 -82.09 94.08 -17.46
N PHE DA 386 -82.18 93.62 -18.70
CA PHE DA 386 -81.12 93.97 -19.64
C PHE DA 386 -80.94 95.48 -19.79
N ALA DA 387 -82.04 96.19 -20.00
CA ALA DA 387 -82.01 97.65 -20.15
C ALA DA 387 -81.45 98.31 -18.88
N ALA DA 388 -81.78 97.77 -17.72
CA ALA DA 388 -81.24 98.31 -16.48
C ALA DA 388 -79.73 98.08 -16.40
N MET DA 389 -79.29 96.89 -16.83
CA MET DA 389 -77.86 96.61 -16.84
C MET DA 389 -77.10 97.56 -17.78
N ILE DA 390 -77.71 97.90 -18.91
CA ILE DA 390 -77.12 98.89 -19.81
C ILE DA 390 -76.95 100.22 -19.10
N ALA DA 391 -77.93 100.57 -18.29
CA ALA DA 391 -77.98 101.84 -17.58
C ALA DA 391 -77.08 101.89 -16.37
N CYS DA 392 -76.77 100.72 -15.82
CA CYS DA 392 -75.99 100.65 -14.58
C CYS DA 392 -74.53 100.28 -14.81
N HIS DA 393 -74.06 100.45 -16.04
CA HIS DA 393 -72.65 100.32 -16.32
C HIS DA 393 -72.18 101.48 -17.18
N GLY DA 394 -70.90 101.83 -17.03
CA GLY DA 394 -70.32 102.91 -17.79
C GLY DA 394 -70.21 102.59 -19.26
N LEU DA 395 -69.77 101.37 -19.57
CA LEU DA 395 -69.62 100.89 -20.94
C LEU DA 395 -70.25 99.50 -21.14
N HIS DA 396 -70.65 99.20 -22.38
CA HIS DA 396 -71.13 97.86 -22.71
C HIS DA 396 -70.75 97.53 -24.15
N SER DA 397 -70.81 96.25 -24.50
CA SER DA 397 -70.54 95.81 -25.86
C SER DA 397 -71.07 94.41 -26.13
N GLY DA 398 -71.65 94.21 -27.30
CA GLY DA 398 -72.15 92.90 -27.68
C GLY DA 398 -72.95 92.91 -28.96
N VAL DA 399 -73.62 91.79 -29.21
CA VAL DA 399 -74.50 91.70 -30.36
C VAL DA 399 -75.94 91.35 -29.95
N LEU DA 400 -76.90 92.08 -30.49
CA LEU DA 400 -78.32 91.80 -30.26
C LEU DA 400 -78.95 91.20 -31.49
N ASP DA 401 -79.61 90.08 -31.31
CA ASP DA 401 -80.47 89.56 -32.37
C ASP DA 401 -81.81 90.28 -32.24
N LEU DA 402 -82.31 90.83 -33.36
CA LEU DA 402 -83.61 91.50 -33.37
C LEU DA 402 -84.73 90.69 -34.07
N LYS DA 403 -85.92 90.74 -33.48
CA LYS DA 403 -87.13 90.28 -34.16
C LYS DA 403 -88.04 91.48 -34.33
N LEU DA 404 -88.45 91.76 -35.56
CA LEU DA 404 -89.42 92.82 -35.81
C LEU DA 404 -90.77 92.19 -36.12
N GLN DA 405 -91.83 92.71 -35.49
CA GLN DA 405 -93.19 92.25 -35.75
C GLN DA 405 -94.09 93.44 -35.95
N TRP DA 406 -95.04 93.33 -36.86
CA TRP DA 406 -95.99 94.42 -37.05
C TRP DA 406 -97.37 93.96 -37.48
N SER DA 407 -98.38 94.75 -37.15
CA SER DA 407 -99.76 94.48 -37.58
C SER DA 407 -100.25 95.64 -38.42
N LEU DA 408 -101.20 95.37 -39.31
CA LEU DA 408 -101.69 96.43 -40.22
C LEU DA 408 -102.81 97.33 -39.65
N ASN DA 409 -102.80 98.59 -40.06
CA ASN DA 409 -103.84 99.52 -39.68
C ASN DA 409 -104.91 99.62 -40.74
N THR DA 410 -104.50 99.46 -42.01
CA THR DA 410 -105.41 99.45 -43.14
C THR DA 410 -105.82 98.01 -43.53
N GLU DA 411 -106.69 97.88 -44.52
CA GLU DA 411 -107.08 96.55 -44.98
C GLU DA 411 -105.91 95.84 -45.66
N PHE DA 412 -105.75 94.55 -45.36
CA PHE DA 412 -104.65 93.76 -45.88
C PHE DA 412 -104.57 93.85 -47.39
N GLY DA 413 -105.73 93.76 -48.03
CA GLY DA 413 -105.79 93.77 -49.48
C GLY DA 413 -105.31 95.06 -50.12
N LYS DA 414 -105.28 96.14 -49.34
CA LYS DA 414 -104.91 97.46 -49.84
C LYS DA 414 -103.44 97.77 -49.56
N SER DA 415 -102.78 96.90 -48.81
CA SER DA 415 -101.45 97.17 -48.28
C SER DA 415 -100.37 97.23 -49.35
N SER DA 416 -99.38 98.07 -49.10
CA SER DA 416 -98.22 98.17 -49.99
C SER DA 416 -97.02 98.66 -49.17
N GLY DA 417 -95.85 98.66 -49.80
CA GLY DA 417 -94.68 99.17 -49.13
C GLY DA 417 -93.95 98.14 -48.30
N SER DA 418 -93.14 98.62 -47.34
CA SER DA 418 -92.13 97.79 -46.69
C SER DA 418 -91.65 98.33 -45.35
N VAL DA 419 -91.21 97.42 -44.49
CA VAL DA 419 -90.30 97.74 -43.42
C VAL DA 419 -88.88 97.44 -43.96
N THR DA 420 -88.07 98.49 -44.14
CA THR DA 420 -86.71 98.29 -44.64
C THR DA 420 -85.66 98.47 -43.56
N ILE DA 421 -84.72 97.53 -43.48
CA ILE DA 421 -83.62 97.66 -42.54
C ILE DA 421 -82.36 98.06 -43.29
N THR DA 422 -81.95 99.32 -43.12
CA THR DA 422 -80.71 99.78 -43.72
C THR DA 422 -79.53 99.41 -42.82
N LYS DA 423 -78.57 98.69 -43.40
CA LYS DA 423 -77.34 98.33 -42.68
C LYS DA 423 -76.10 98.89 -43.38
N LEU DA 424 -75.39 99.78 -42.70
CA LEU DA 424 -74.22 100.41 -43.28
C LEU DA 424 -73.02 100.16 -42.40
N VAL DA 425 -71.85 100.55 -42.92
CA VAL DA 425 -70.66 100.70 -42.09
C VAL DA 425 -70.20 102.12 -42.30
N GLY DA 426 -70.25 102.91 -41.24
CA GLY DA 426 -69.91 104.32 -41.37
C GLY DA 426 -71.08 105.14 -40.91
N ASP DA 427 -71.63 105.94 -41.83
CA ASP DA 427 -72.81 106.75 -41.53
C ASP DA 427 -73.65 106.90 -42.79
N LYS DA 428 -74.80 107.54 -42.66
CA LYS DA 428 -75.71 107.70 -43.78
C LYS DA 428 -74.98 108.38 -44.94
N ALA DA 429 -74.07 109.29 -44.62
CA ALA DA 429 -73.42 110.14 -45.63
C ALA DA 429 -72.30 109.49 -46.48
N MET DA 430 -71.43 108.72 -45.84
CA MET DA 430 -70.23 108.20 -46.50
C MET DA 430 -70.05 106.68 -46.29
N GLY DA 431 -71.09 106.01 -45.82
CA GLY DA 431 -70.99 104.62 -45.41
C GLY DA 431 -70.89 103.59 -46.52
N LEU DA 432 -70.51 102.38 -46.15
CA LEU DA 432 -70.49 101.24 -47.04
C LEU DA 432 -71.76 100.41 -46.83
N ASP DA 433 -72.18 99.68 -47.85
CA ASP DA 433 -73.46 98.96 -47.81
C ASP DA 433 -73.35 97.54 -47.33
N GLY DA 434 -74.01 97.24 -46.23
CA GLY DA 434 -73.97 95.91 -45.64
C GLY DA 434 -75.20 95.11 -45.98
N PRO DA 435 -75.62 94.22 -45.06
CA PRO DA 435 -76.77 93.33 -45.25
C PRO DA 435 -78.09 94.07 -45.02
N SER DA 436 -78.29 95.18 -45.73
CA SER DA 436 -79.58 95.88 -45.73
C SER DA 436 -80.64 94.92 -46.23
N HIS DA 437 -81.88 95.19 -45.91
CA HIS DA 437 -82.87 94.15 -46.04
C HIS DA 437 -84.25 94.77 -46.22
N VAL DA 438 -84.96 94.36 -47.27
CA VAL DA 438 -86.28 94.87 -47.55
C VAL DA 438 -87.37 93.85 -47.22
N PHE DA 439 -88.15 94.13 -46.18
CA PHE DA 439 -89.29 93.28 -45.84
C PHE DA 439 -90.59 93.86 -46.42
N ALA DA 440 -91.14 93.21 -47.44
CA ALA DA 440 -92.45 93.65 -47.93
C ALA DA 440 -93.39 93.70 -46.74
N ILE DA 441 -94.22 94.74 -46.66
CA ILE DA 441 -95.06 94.94 -45.47
C ILE DA 441 -95.94 93.73 -45.18
N GLN DA 442 -96.28 92.96 -46.21
CA GLN DA 442 -97.10 91.78 -46.06
C GLN DA 442 -96.42 90.62 -45.33
N LYS DA 443 -95.09 90.63 -45.23
CA LYS DA 443 -94.38 89.62 -44.45
C LYS DA 443 -94.80 89.67 -42.97
N LEU DA 444 -95.06 90.88 -42.48
CA LEU DA 444 -95.60 91.08 -41.14
C LEU DA 444 -94.58 90.76 -40.03
N GLU DA 445 -93.37 90.38 -40.45
CA GLU DA 445 -92.26 90.17 -39.51
C GLU DA 445 -90.93 90.06 -40.23
N GLY DA 446 -89.86 90.27 -39.48
CA GLY DA 446 -88.52 90.14 -40.02
C GLY DA 446 -87.47 90.05 -38.93
N THR DA 447 -86.25 89.64 -39.30
CA THR DA 447 -85.17 89.51 -38.34
C THR DA 447 -83.90 90.19 -38.82
N THR DA 448 -83.06 90.59 -37.87
CA THR DA 448 -81.76 91.17 -38.20
C THR DA 448 -80.84 91.14 -36.97
N GLU DA 449 -79.54 91.30 -37.16
CA GLU DA 449 -78.61 91.44 -36.05
C GLU DA 449 -78.27 92.91 -35.88
N LEU DA 450 -77.94 93.32 -34.67
CA LEU DA 450 -77.42 94.67 -34.44
C LEU DA 450 -76.13 94.63 -33.63
N LEU DA 451 -75.06 95.22 -34.18
CA LEU DA 451 -73.82 95.34 -33.40
C LEU DA 451 -73.93 96.53 -32.48
N VAL DA 452 -73.87 96.26 -31.17
CA VAL DA 452 -73.82 97.31 -30.16
C VAL DA 452 -72.37 97.50 -29.74
N GLY DA 453 -71.70 98.45 -30.37
CA GLY DA 453 -70.29 98.66 -30.14
C GLY DA 453 -69.70 99.53 -31.23
N ASN DA 454 -68.38 99.52 -31.36
CA ASN DA 454 -67.69 100.37 -32.32
C ASN DA 454 -66.21 100.01 -32.40
N PHE DA 455 -65.46 100.72 -33.25
CA PHE DA 455 -64.05 100.39 -33.46
C PHE DA 455 -63.26 100.38 -32.17
N ALA DA 456 -63.65 101.24 -31.22
CA ALA DA 456 -62.94 101.31 -29.95
C ALA DA 456 -63.19 100.11 -29.07
N GLY DA 457 -64.38 99.51 -29.18
CA GLY DA 457 -64.70 98.26 -28.48
C GLY DA 457 -65.92 98.25 -27.55
N ALA DA 458 -66.45 99.42 -27.22
CA ALA DA 458 -67.56 99.48 -26.28
C ALA DA 458 -68.30 100.82 -26.38
N ASN DA 459 -69.55 100.84 -25.93
CA ASN DA 459 -70.35 102.07 -25.98
C ASN DA 459 -70.55 102.60 -24.59
N PRO DA 460 -70.48 103.93 -24.43
CA PRO DA 460 -70.92 104.61 -23.21
C PRO DA 460 -72.42 104.68 -23.22
N ASN DA 461 -73.03 105.00 -22.08
CA ASN DA 461 -74.48 105.08 -22.01
C ASN DA 461 -74.96 106.50 -22.28
N THR DA 462 -74.32 107.11 -23.27
CA THR DA 462 -74.65 108.46 -23.71
C THR DA 462 -74.56 108.49 -25.24
N ARG DA 463 -74.83 109.66 -25.83
CA ARG DA 463 -74.59 109.81 -27.26
C ARG DA 463 -73.08 109.99 -27.42
N PHE DA 464 -72.54 109.41 -28.49
CA PHE DA 464 -71.12 109.47 -28.77
C PHE DA 464 -71.00 109.31 -30.28
N SER DA 465 -69.86 109.66 -30.85
CA SER DA 465 -69.63 109.48 -32.27
C SER DA 465 -68.35 108.69 -32.54
N LEU DA 466 -68.49 107.38 -32.71
CA LEU DA 466 -67.33 106.54 -33.02
C LEU DA 466 -67.63 105.59 -34.18
N TYR DA 467 -66.80 105.62 -35.21
CA TYR DA 467 -66.98 104.81 -36.40
C TYR DA 467 -67.38 103.38 -36.05
N SER DA 468 -68.48 102.94 -36.65
CA SER DA 468 -68.97 101.59 -36.43
C SER DA 468 -69.96 101.21 -37.52
N ARG DA 469 -70.57 100.04 -37.39
CA ARG DA 469 -71.70 99.67 -38.22
C ARG DA 469 -72.88 100.57 -37.86
N TRP DA 470 -73.82 100.70 -38.77
CA TRP DA 470 -74.89 101.70 -38.62
C TRP DA 470 -76.20 101.13 -39.14
N MET DA 471 -77.24 101.20 -38.31
CA MET DA 471 -78.54 100.64 -38.65
C MET DA 471 -79.68 101.65 -38.60
N ALA DA 472 -80.64 101.47 -39.49
CA ALA DA 472 -81.83 102.30 -39.46
C ALA DA 472 -83.05 101.50 -39.93
N ILE DA 473 -84.23 101.81 -39.39
CA ILE DA 473 -85.47 101.22 -39.86
C ILE DA 473 -86.19 102.27 -40.68
N LYS DA 474 -86.57 101.92 -41.91
CA LYS DA 474 -87.23 102.85 -42.82
C LYS DA 474 -88.64 102.39 -43.17
N LEU DA 475 -89.64 103.17 -42.75
CA LEU DA 475 -91.03 102.94 -43.13
C LEU DA 475 -91.45 103.85 -44.29
N ASP DA 476 -92.13 103.30 -45.29
CA ASP DA 476 -92.61 104.13 -46.41
C ASP DA 476 -94.15 104.24 -46.43
N GLN DA 477 -94.80 103.37 -45.66
CA GLN DA 477 -96.25 103.37 -45.55
C GLN DA 477 -96.63 103.26 -44.08
N ALA DA 478 -96.01 104.08 -43.25
CA ALA DA 478 -96.08 103.89 -41.81
C ALA DA 478 -97.50 104.01 -41.27
N LYS DA 479 -98.32 104.82 -41.95
CA LYS DA 479 -99.71 105.01 -41.49
C LYS DA 479 -100.52 103.73 -41.66
N SER DA 480 -100.00 102.80 -42.45
CA SER DA 480 -100.64 101.49 -42.61
C SER DA 480 -100.26 100.49 -41.53
N ILE DA 481 -99.42 100.93 -40.59
CA ILE DA 481 -98.95 100.04 -39.51
C ILE DA 481 -99.57 100.43 -38.17
N LYS DA 482 -100.22 99.48 -37.52
CA LYS DA 482 -100.83 99.77 -36.22
C LYS DA 482 -99.77 99.74 -35.13
N VAL DA 483 -98.81 98.82 -35.26
CA VAL DA 483 -97.70 98.77 -34.32
C VAL DA 483 -96.51 98.08 -34.92
N LEU DA 484 -95.32 98.62 -34.66
CA LEU DA 484 -94.07 97.98 -35.04
C LEU DA 484 -93.38 97.66 -33.74
N ARG DA 485 -93.23 96.37 -33.44
CA ARG DA 485 -92.56 95.94 -32.21
C ARG DA 485 -91.14 95.42 -32.50
N VAL DA 486 -90.17 95.88 -31.71
CA VAL DA 486 -88.80 95.38 -31.83
C VAL DA 486 -88.39 94.62 -30.57
N LEU DA 487 -88.17 93.31 -30.72
CA LEU DA 487 -87.64 92.47 -29.64
C LEU DA 487 -86.17 92.20 -29.89
N CYS DA 488 -85.41 92.02 -28.80
CA CYS DA 488 -84.01 91.67 -28.91
C CYS DA 488 -83.63 90.54 -27.95
N LYS DA 489 -82.54 89.86 -28.29
CA LYS DA 489 -82.03 88.73 -27.52
C LYS DA 489 -80.51 88.77 -27.63
N PRO DA 490 -79.84 89.18 -26.54
CA PRO DA 490 -78.39 89.34 -26.58
C PRO DA 490 -77.70 88.02 -26.85
N ARG DA 491 -76.76 88.03 -27.80
CA ARG DA 491 -75.89 86.89 -28.04
C ARG DA 491 -74.93 86.71 -26.88
N PRO DA 492 -74.58 85.45 -26.60
CA PRO DA 492 -73.74 85.10 -25.45
C PRO DA 492 -72.49 85.96 -25.46
N GLY DA 493 -72.09 86.43 -24.29
CA GLY DA 493 -70.89 87.25 -24.19
C GLY DA 493 -71.14 88.75 -24.26
N PHE DA 494 -72.40 89.16 -24.14
CA PHE DA 494 -72.69 90.58 -24.08
C PHE DA 494 -72.12 91.12 -22.79
N SER DA 495 -71.23 92.10 -22.91
CA SER DA 495 -70.38 92.52 -21.80
C SER DA 495 -70.65 93.92 -21.25
N PHE DA 496 -70.51 94.05 -19.92
CA PHE DA 496 -70.69 95.32 -19.23
C PHE DA 496 -69.41 95.68 -18.47
N TYR DA 497 -69.08 96.97 -18.45
CA TYR DA 497 -67.84 97.43 -17.84
C TYR DA 497 -68.15 98.54 -16.83
N GLY DA 498 -67.58 98.41 -15.64
CA GLY DA 498 -67.67 99.45 -14.63
C GLY DA 498 -69.05 99.70 -14.03
N ARG DA 499 -69.37 98.95 -12.98
CA ARG DA 499 -70.66 99.12 -12.34
C ARG DA 499 -70.87 100.55 -11.82
N THR DA 500 -72.07 101.07 -12.03
CA THR DA 500 -72.43 102.39 -11.56
C THR DA 500 -73.96 102.48 -11.33
N SER DA 501 -74.50 103.70 -11.33
CA SER DA 501 -75.93 103.87 -11.16
C SER DA 501 -76.51 104.87 -12.15
N PHE DA 502 -77.83 105.01 -12.13
CA PHE DA 502 -78.52 105.82 -13.11
C PHE DA 502 -79.79 106.40 -12.54
N PRO DA 503 -79.72 107.65 -12.03
CA PRO DA 503 -80.89 108.38 -11.52
C PRO DA 503 -81.74 108.98 -12.64
N VAL DA 504 -83.05 108.76 -12.55
CA VAL DA 504 -84.01 109.40 -13.47
C VAL DA 504 -85.19 109.93 -12.68
N GLY EA 1 -96.09 -32.45 -52.58
CA GLY EA 1 -96.49 -32.36 -53.97
C GLY EA 1 -97.99 -32.37 -54.12
N LEU EA 2 -98.48 -32.12 -55.32
CA LEU EA 2 -99.92 -32.17 -55.58
C LEU EA 2 -100.48 -33.57 -55.30
N ALA EA 3 -101.46 -33.63 -54.42
CA ALA EA 3 -101.92 -34.92 -53.91
C ALA EA 3 -103.29 -35.29 -54.45
N GLY EA 4 -104.11 -34.26 -54.65
CA GLY EA 4 -105.45 -34.44 -55.18
C GLY EA 4 -106.00 -33.14 -55.72
N ARG EA 5 -107.08 -33.21 -56.49
CA ARG EA 5 -107.69 -32.01 -57.03
C ARG EA 5 -109.17 -32.19 -57.28
N GLY EA 6 -109.84 -31.07 -57.52
CA GLY EA 6 -111.28 -31.05 -57.73
C GLY EA 6 -111.72 -29.74 -58.35
N VAL EA 7 -112.99 -29.67 -58.75
CA VAL EA 7 -113.46 -28.47 -59.42
C VAL EA 7 -114.77 -28.00 -58.81
N ILE EA 8 -114.87 -26.70 -58.55
CA ILE EA 8 -116.12 -26.11 -58.11
C ILE EA 8 -116.71 -25.28 -59.25
N TYR EA 9 -117.98 -25.47 -59.56
CA TYR EA 9 -118.64 -24.65 -60.60
C TYR EA 9 -119.42 -23.45 -60.05
N ILE EA 10 -119.19 -22.29 -60.67
CA ILE EA 10 -119.81 -21.05 -60.22
C ILE EA 10 -120.79 -20.57 -61.27
N PRO EA 11 -122.04 -20.34 -60.86
CA PRO EA 11 -123.10 -19.71 -61.67
C PRO EA 11 -122.76 -18.25 -62.00
N LYS EA 12 -123.15 -17.79 -63.18
CA LYS EA 12 -122.87 -16.39 -63.51
C LYS EA 12 -123.56 -15.43 -62.54
N ASP EA 13 -124.74 -15.82 -62.07
CA ASP EA 13 -125.39 -15.09 -60.98
C ASP EA 13 -125.22 -15.88 -59.69
N CYS EA 14 -124.13 -15.57 -58.98
CA CYS EA 14 -123.79 -16.24 -57.72
C CYS EA 14 -124.33 -15.41 -56.57
N GLN EA 15 -125.47 -15.83 -56.01
CA GLN EA 15 -126.17 -15.07 -54.96
C GLN EA 15 -125.81 -15.54 -53.55
N ALA EA 16 -125.94 -14.64 -52.58
CA ALA EA 16 -125.74 -15.04 -51.18
C ALA EA 16 -126.47 -16.35 -50.82
N ASN EA 17 -125.76 -17.22 -50.11
CA ASN EA 17 -126.26 -18.54 -49.66
C ASN EA 17 -126.33 -19.67 -50.69
N ARG EA 18 -125.79 -19.42 -51.89
CA ARG EA 18 -125.77 -20.41 -52.95
C ARG EA 18 -124.82 -21.55 -52.61
N TYR EA 19 -125.30 -22.78 -52.68
CA TYR EA 19 -124.41 -23.91 -52.44
C TYR EA 19 -123.70 -24.36 -53.73
N LEU EA 20 -122.37 -24.24 -53.74
CA LEU EA 20 -121.57 -24.43 -54.95
C LEU EA 20 -121.11 -25.88 -55.18
N GLY EA 21 -120.99 -26.62 -54.09
CA GLY EA 21 -120.61 -28.03 -54.19
C GLY EA 21 -119.80 -28.52 -53.01
N THR EA 22 -119.59 -29.83 -52.98
CA THR EA 22 -118.75 -30.44 -51.95
C THR EA 22 -117.68 -31.33 -52.57
N LEU EA 23 -116.46 -31.20 -52.11
CA LEU EA 23 -115.39 -32.06 -52.56
C LEU EA 23 -115.12 -33.05 -51.44
N ASN EA 24 -114.90 -34.29 -51.81
CA ASN EA 24 -114.56 -35.31 -50.83
C ASN EA 24 -113.03 -35.44 -50.77
N ILE EA 25 -112.44 -35.10 -49.65
CA ILE EA 25 -110.98 -35.03 -49.57
C ILE EA 25 -110.30 -36.33 -49.96
N ARG EA 26 -110.89 -37.45 -49.56
CA ARG EA 26 -110.21 -38.70 -49.86
C ARG EA 26 -110.39 -39.06 -51.33
N ASP EA 27 -111.56 -38.77 -51.87
CA ASP EA 27 -111.78 -38.96 -53.31
C ASP EA 27 -110.88 -38.08 -54.17
N MET EA 28 -110.61 -36.84 -53.75
CA MET EA 28 -109.70 -35.97 -54.49
C MET EA 28 -108.34 -36.62 -54.65
N ILE EA 29 -107.87 -37.29 -53.60
CA ILE EA 29 -106.56 -37.92 -53.62
C ILE EA 29 -106.60 -39.24 -54.39
N SER EA 30 -107.69 -40.00 -54.27
CA SER EA 30 -107.75 -41.30 -54.92
C SER EA 30 -108.10 -41.23 -56.39
N ASP EA 31 -108.84 -40.22 -56.80
CA ASP EA 31 -109.21 -40.08 -58.20
C ASP EA 31 -108.02 -39.59 -58.98
N PHE EA 32 -107.17 -38.83 -58.30
CA PHE EA 32 -105.98 -38.27 -58.93
C PHE EA 32 -104.96 -39.40 -59.12
N LYS EA 33 -104.52 -40.02 -58.02
CA LYS EA 33 -103.94 -41.36 -58.05
C LYS EA 33 -102.64 -41.50 -58.86
N GLY EA 34 -101.68 -40.59 -58.75
CA GLY EA 34 -101.37 -39.81 -57.56
C GLY EA 34 -100.05 -40.41 -57.05
N VAL EA 35 -98.93 -39.67 -57.09
CA VAL EA 35 -97.74 -40.18 -56.42
C VAL EA 35 -98.01 -40.29 -54.93
N GLN EA 36 -98.72 -39.30 -54.40
CA GLN EA 36 -99.06 -39.28 -52.98
C GLN EA 36 -100.06 -40.38 -52.63
N TYR EA 37 -101.06 -40.57 -53.50
CA TYR EA 37 -102.01 -41.67 -53.28
C TYR EA 37 -101.30 -42.99 -53.16
N GLU EA 38 -100.35 -43.25 -54.05
CA GLU EA 38 -99.63 -44.51 -53.99
C GLU EA 38 -98.75 -44.64 -52.74
N LYS EA 39 -98.18 -43.53 -52.26
CA LYS EA 39 -97.39 -43.55 -51.03
C LYS EA 39 -98.32 -43.92 -49.87
N TRP EA 40 -99.58 -43.52 -50.00
CA TRP EA 40 -100.59 -43.67 -48.96
C TRP EA 40 -100.93 -45.15 -48.79
N ILE EA 41 -101.18 -45.84 -49.90
CA ILE EA 41 -101.42 -47.28 -49.86
C ILE EA 41 -100.37 -48.05 -49.07
N THR EA 42 -99.13 -47.63 -49.17
CA THR EA 42 -98.05 -48.33 -48.48
C THR EA 42 -97.99 -47.96 -47.01
N ALA EA 43 -98.30 -46.70 -46.72
CA ALA EA 43 -98.30 -46.20 -45.35
C ALA EA 43 -99.43 -46.87 -44.56
N GLY EA 44 -100.57 -47.03 -45.21
CA GLY EA 44 -101.77 -47.48 -44.54
C GLY EA 44 -102.47 -46.30 -43.91
N LEU EA 45 -101.85 -45.72 -42.89
CA LEU EA 45 -102.40 -44.56 -42.19
C LEU EA 45 -101.60 -43.29 -42.47
N VAL EA 46 -102.28 -42.19 -42.73
CA VAL EA 46 -101.63 -40.88 -42.87
C VAL EA 46 -102.30 -39.80 -42.00
N MET EA 47 -101.49 -38.90 -41.44
CA MET EA 47 -101.99 -37.75 -40.66
C MET EA 47 -101.56 -36.43 -41.27
N PRO EA 48 -101.98 -36.18 -42.52
CA PRO EA 48 -101.33 -35.17 -43.36
C PRO EA 48 -101.37 -33.77 -42.79
N THR EA 49 -100.40 -32.94 -43.20
CA THR EA 49 -100.57 -31.51 -43.15
C THR EA 49 -100.80 -31.06 -44.58
N PHE EA 50 -102.04 -30.69 -44.89
CA PHE EA 50 -102.42 -30.24 -46.23
C PHE EA 50 -102.18 -28.74 -46.43
N LYS EA 51 -101.77 -28.38 -47.64
CA LYS EA 51 -101.92 -27.01 -48.11
C LYS EA 51 -103.05 -27.08 -49.12
N ILE EA 52 -104.14 -26.35 -48.84
CA ILE EA 52 -105.23 -26.28 -49.77
C ILE EA 52 -105.05 -25.01 -50.58
N VAL EA 53 -105.19 -25.11 -51.90
CA VAL EA 53 -105.06 -23.96 -52.78
C VAL EA 53 -106.29 -23.90 -53.68
N ILE EA 54 -106.99 -22.78 -53.65
CA ILE EA 54 -108.11 -22.56 -54.54
C ILE EA 54 -107.72 -21.56 -55.63
N ARG EA 55 -107.67 -22.04 -56.88
CA ARG EA 55 -107.29 -21.19 -57.99
C ARG EA 55 -108.49 -20.57 -58.65
N LEU EA 56 -108.36 -19.28 -58.91
CA LEU EA 56 -109.49 -18.38 -58.78
C LEU EA 56 -109.01 -17.06 -59.38
N PRO EA 57 -109.68 -16.58 -60.44
CA PRO EA 57 -109.21 -15.34 -61.06
C PRO EA 57 -109.55 -14.13 -60.21
N ALA EA 58 -108.53 -13.38 -59.81
CA ALA EA 58 -108.76 -12.22 -58.94
C ALA EA 58 -109.60 -11.17 -59.64
N ASN EA 59 -110.56 -10.63 -58.93
CA ASN EA 59 -111.40 -9.59 -59.49
C ASN EA 59 -111.98 -8.65 -58.44
N ALA EA 60 -111.75 -7.35 -58.61
CA ALA EA 60 -112.23 -6.39 -57.62
C ALA EA 60 -113.60 -5.81 -57.95
N PHE EA 61 -114.24 -6.31 -58.99
CA PHE EA 61 -115.45 -5.69 -59.48
C PHE EA 61 -116.73 -6.53 -59.28
N THR EA 62 -116.69 -7.48 -58.35
CA THR EA 62 -117.85 -8.36 -58.18
C THR EA 62 -118.43 -8.28 -56.78
N GLY EA 63 -117.57 -8.20 -55.77
CA GLY EA 63 -118.05 -8.20 -54.39
C GLY EA 63 -118.21 -9.60 -53.82
N LEU EA 64 -117.89 -10.60 -54.64
CA LEU EA 64 -118.06 -12.00 -54.26
C LEU EA 64 -117.14 -12.39 -53.11
N THR EA 65 -117.74 -13.03 -52.09
CA THR EA 65 -116.98 -13.71 -51.04
C THR EA 65 -117.53 -15.10 -50.81
N TRP EA 66 -116.65 -16.10 -50.81
CA TRP EA 66 -117.04 -17.49 -50.60
C TRP EA 66 -116.54 -18.00 -49.27
N VAL EA 67 -117.10 -19.13 -48.82
CA VAL EA 67 -116.61 -19.79 -47.63
C VAL EA 67 -116.26 -21.24 -47.92
N MET EA 68 -115.01 -21.63 -47.64
CA MET EA 68 -114.64 -23.04 -47.64
C MET EA 68 -114.79 -23.55 -46.21
N SER EA 69 -115.61 -24.60 -46.03
CA SER EA 69 -115.91 -25.14 -44.71
C SER EA 69 -115.34 -26.54 -44.64
N PHE EA 70 -114.47 -26.79 -43.65
CA PHE EA 70 -113.87 -28.09 -43.43
C PHE EA 70 -114.75 -28.92 -42.50
N ASP EA 71 -115.46 -29.87 -43.10
CA ASP EA 71 -116.41 -30.69 -42.38
C ASP EA 71 -115.91 -32.11 -42.31
N ALA EA 72 -114.94 -32.38 -41.43
CA ALA EA 72 -114.31 -33.70 -41.41
C ALA EA 72 -115.27 -34.80 -40.99
N TYR EA 73 -116.34 -34.45 -40.29
CA TYR EA 73 -117.23 -35.46 -39.72
C TYR EA 73 -118.62 -35.41 -40.31
N ASN EA 74 -118.73 -34.75 -41.47
CA ASN EA 74 -119.96 -34.74 -42.26
C ASN EA 74 -121.20 -34.28 -41.49
N ARG EA 75 -121.12 -33.12 -40.84
CA ARG EA 75 -122.15 -32.72 -39.92
C ARG EA 75 -123.10 -31.71 -40.55
N ILE EA 76 -122.64 -30.90 -41.50
CA ILE EA 76 -123.50 -29.87 -42.09
C ILE EA 76 -124.00 -30.19 -43.50
N THR EA 77 -123.36 -31.16 -44.15
CA THR EA 77 -123.72 -31.51 -45.53
C THR EA 77 -125.21 -31.65 -45.79
N SER EA 78 -125.88 -32.48 -45.00
CA SER EA 78 -127.30 -32.77 -45.20
C SER EA 78 -128.15 -31.50 -45.25
N ARG EA 79 -127.67 -30.43 -44.60
CA ARG EA 79 -128.47 -29.21 -44.40
C ARG EA 79 -128.10 -28.01 -45.25
N ILE EA 80 -127.07 -28.13 -46.08
CA ILE EA 80 -126.69 -26.98 -46.92
C ILE EA 80 -126.81 -27.22 -48.40
N THR EA 81 -127.18 -28.43 -48.80
CA THR EA 81 -127.12 -28.78 -50.22
C THR EA 81 -128.17 -28.07 -51.09
N ALA EA 82 -129.16 -27.44 -50.45
CA ALA EA 82 -130.24 -26.76 -51.16
C ALA EA 82 -129.90 -25.32 -51.20
N SER EA 83 -129.51 -24.85 -50.02
CA SER EA 83 -129.15 -23.48 -49.77
C SER EA 83 -128.35 -23.49 -48.48
N ALA EA 84 -127.27 -22.71 -48.46
CA ALA EA 84 -126.28 -22.73 -47.39
C ALA EA 84 -126.32 -21.50 -46.47
N ASP EA 85 -127.10 -21.59 -45.38
CA ASP EA 85 -127.16 -20.53 -44.35
C ASP EA 85 -125.81 -20.39 -43.68
N PRO EA 86 -125.33 -19.15 -43.60
CA PRO EA 86 -124.04 -18.92 -42.98
C PRO EA 86 -123.90 -19.53 -41.58
N VAL EA 87 -125.00 -19.67 -40.82
CA VAL EA 87 -124.93 -20.25 -39.49
C VAL EA 87 -124.38 -21.66 -39.53
N TYR EA 88 -124.77 -22.44 -40.55
CA TYR EA 88 -124.16 -23.76 -40.76
C TYR EA 88 -122.70 -23.70 -41.25
N THR EA 89 -122.48 -22.94 -42.31
CA THR EA 89 -121.17 -22.95 -42.97
C THR EA 89 -120.06 -22.38 -42.09
N LEU EA 90 -120.42 -21.53 -41.12
CA LEU EA 90 -119.45 -20.94 -40.21
C LEU EA 90 -119.31 -21.67 -38.85
N SER EA 91 -120.07 -22.75 -38.69
CA SER EA 91 -120.11 -23.48 -37.43
C SER EA 91 -119.02 -24.55 -37.33
N VAL EA 92 -118.30 -24.76 -38.42
CA VAL EA 92 -117.15 -25.67 -38.44
C VAL EA 92 -115.94 -24.89 -38.89
N PRO EA 93 -114.73 -25.46 -38.74
CA PRO EA 93 -113.56 -24.70 -39.20
C PRO EA 93 -113.75 -24.23 -40.64
N HIS EA 94 -113.38 -22.99 -40.93
CA HIS EA 94 -113.68 -22.39 -42.21
C HIS EA 94 -112.78 -21.21 -42.55
N TRP EA 95 -112.85 -20.79 -43.80
CA TRP EA 95 -111.98 -19.74 -44.29
C TRP EA 95 -112.75 -18.86 -45.25
N LEU EA 96 -112.56 -17.54 -45.13
CA LEU EA 96 -113.18 -16.61 -46.07
C LEU EA 96 -112.33 -16.48 -47.32
N ILE EA 97 -112.97 -16.59 -48.47
CA ILE EA 97 -112.29 -16.43 -49.74
C ILE EA 97 -112.80 -15.18 -50.43
N HIS EA 98 -111.98 -14.14 -50.43
CA HIS EA 98 -112.35 -12.89 -51.07
C HIS EA 98 -111.93 -12.85 -52.53
N HIS EA 99 -112.88 -12.50 -53.39
CA HIS EA 99 -112.64 -12.51 -54.83
C HIS EA 99 -111.57 -11.49 -55.21
N LYS EA 100 -111.52 -10.39 -54.47
CA LYS EA 100 -110.53 -9.35 -54.78
C LYS EA 100 -109.09 -9.87 -54.59
N LEU EA 101 -108.90 -10.90 -53.78
CA LEU EA 101 -107.55 -11.37 -53.46
C LEU EA 101 -107.08 -12.51 -54.37
N GLY EA 102 -107.99 -12.97 -55.23
CA GLY EA 102 -107.68 -14.04 -56.15
C GLY EA 102 -107.35 -15.36 -55.48
N THR EA 103 -106.30 -16.00 -55.98
CA THR EA 103 -105.98 -17.37 -55.56
C THR EA 103 -105.74 -17.42 -54.07
N PHE EA 104 -106.34 -18.42 -53.42
CA PHE EA 104 -106.40 -18.52 -51.97
C PHE EA 104 -105.64 -19.73 -51.50
N SER EA 105 -105.06 -19.64 -50.30
CA SER EA 105 -104.32 -20.77 -49.75
C SER EA 105 -104.43 -20.82 -48.23
N CYS EA 106 -104.48 -22.03 -47.67
CA CYS EA 106 -104.42 -22.19 -46.21
C CYS EA 106 -103.82 -23.54 -45.83
N GLU EA 107 -103.48 -23.71 -44.56
CA GLU EA 107 -102.98 -25.00 -44.07
C GLU EA 107 -104.00 -25.69 -43.18
N ILE EA 108 -104.09 -26.99 -43.34
CA ILE EA 108 -104.96 -27.78 -42.51
C ILE EA 108 -104.10 -28.85 -41.88
N ASP EA 109 -103.85 -28.71 -40.58
CA ASP EA 109 -103.18 -29.76 -39.85
C ASP EA 109 -104.24 -30.79 -39.50
N TYR EA 110 -104.28 -31.88 -40.25
CA TYR EA 110 -105.33 -32.86 -40.12
C TYR EA 110 -105.31 -33.46 -38.71
N GLY EA 111 -104.15 -33.45 -38.07
CA GLY EA 111 -104.03 -33.91 -36.71
C GLY EA 111 -104.86 -33.10 -35.74
N GLU EA 112 -104.91 -31.78 -35.93
CA GLU EA 112 -105.70 -30.88 -35.08
C GLU EA 112 -107.17 -30.77 -35.50
N LEU EA 113 -107.39 -30.26 -36.72
CA LEU EA 113 -108.73 -30.05 -37.24
C LEU EA 113 -109.58 -31.31 -37.37
N CYS EA 114 -108.93 -32.45 -37.51
CA CYS EA 114 -109.68 -33.69 -37.62
C CYS EA 114 -109.49 -34.64 -36.44
N GLY EA 115 -108.26 -35.06 -36.19
CA GLY EA 115 -107.99 -35.85 -35.00
C GLY EA 115 -107.73 -37.34 -35.19
N HIS EA 116 -108.25 -37.93 -36.27
CA HIS EA 116 -107.95 -39.34 -36.53
C HIS EA 116 -107.25 -39.53 -37.89
N ALA EA 117 -106.37 -40.54 -37.97
CA ALA EA 117 -105.60 -40.78 -39.19
C ALA EA 117 -106.44 -41.47 -40.26
N MET EA 118 -106.12 -41.14 -41.53
CA MET EA 118 -106.87 -41.66 -42.67
C MET EA 118 -106.38 -43.01 -43.17
N TRP EA 119 -107.33 -43.94 -43.33
CA TRP EA 119 -107.02 -45.28 -43.77
C TRP EA 119 -107.18 -45.38 -45.29
N PHE EA 120 -106.17 -45.88 -45.96
CA PHE EA 120 -106.13 -45.84 -47.41
C PHE EA 120 -107.33 -46.52 -48.09
N LYS EA 121 -107.86 -47.59 -47.49
CA LYS EA 121 -108.83 -48.42 -48.21
C LYS EA 121 -110.30 -48.04 -48.03
N SER EA 122 -110.60 -47.33 -46.96
CA SER EA 122 -111.98 -46.97 -46.66
C SER EA 122 -112.09 -45.90 -45.59
N THR EA 123 -113.22 -45.24 -45.58
CA THR EA 123 -113.50 -44.28 -44.54
C THR EA 123 -113.62 -45.00 -43.19
N THR EA 124 -112.99 -44.45 -42.15
CA THR EA 124 -113.06 -45.06 -40.82
C THR EA 124 -114.34 -44.61 -40.13
N PHE EA 125 -114.45 -43.33 -39.82
CA PHE EA 125 -115.66 -42.85 -39.17
C PHE EA 125 -116.64 -42.24 -40.17
N GLU EA 126 -116.48 -40.97 -40.46
CA GLU EA 126 -117.20 -40.43 -41.58
C GLU EA 126 -116.18 -39.89 -42.58
N SER EA 127 -116.65 -39.65 -43.80
CA SER EA 127 -115.81 -39.19 -44.90
C SER EA 127 -115.61 -37.67 -44.94
N PRO EA 128 -114.37 -37.19 -44.78
CA PRO EA 128 -114.04 -35.76 -44.67
C PRO EA 128 -114.39 -34.94 -45.92
N ARG EA 129 -115.13 -33.84 -45.76
CA ARG EA 129 -115.57 -33.01 -46.89
C ARG EA 129 -115.10 -31.57 -46.82
N LEU EA 130 -114.91 -30.96 -47.99
CA LEU EA 130 -114.76 -29.50 -48.10
C LEU EA 130 -116.00 -28.94 -48.77
N HIS EA 131 -116.73 -28.04 -48.09
CA HIS EA 131 -117.91 -27.42 -48.68
C HIS EA 131 -117.59 -26.02 -49.21
N PHE EA 132 -118.12 -25.69 -50.39
CA PHE EA 132 -117.94 -24.36 -50.92
C PHE EA 132 -119.29 -23.66 -51.09
N THR EA 133 -119.44 -22.56 -50.37
CA THR EA 133 -120.68 -21.80 -50.37
C THR EA 133 -120.40 -20.33 -50.62
N CYS EA 134 -121.43 -19.60 -51.04
CA CYS EA 134 -121.27 -18.18 -51.29
C CYS EA 134 -121.79 -17.37 -50.10
N LEU EA 135 -120.93 -16.58 -49.48
CA LEU EA 135 -121.28 -15.84 -48.26
C LEU EA 135 -121.93 -14.52 -48.59
N THR EA 136 -121.30 -13.77 -49.50
CA THR EA 136 -121.85 -12.52 -50.01
C THR EA 136 -121.87 -12.63 -51.53
N GLY EA 137 -122.99 -12.23 -52.13
CA GLY EA 137 -123.17 -12.41 -53.57
C GLY EA 137 -122.52 -11.36 -54.45
N ASN EA 138 -122.54 -11.59 -55.75
CA ASN EA 138 -122.04 -10.59 -56.69
C ASN EA 138 -123.02 -9.42 -56.81
N ASN EA 139 -122.51 -8.23 -57.10
CA ASN EA 139 -123.33 -7.04 -57.13
C ASN EA 139 -124.32 -7.06 -58.30
N LYS EA 140 -123.90 -7.73 -59.36
CA LYS EA 140 -124.71 -7.97 -60.55
C LYS EA 140 -124.14 -9.26 -61.13
N GLU EA 141 -124.91 -9.99 -61.94
CA GLU EA 141 -124.38 -11.24 -62.46
C GLU EA 141 -123.15 -10.98 -63.34
N LEU EA 142 -122.32 -12.01 -63.47
CA LEU EA 142 -121.15 -11.91 -64.33
C LEU EA 142 -121.52 -12.26 -65.77
N ALA EA 143 -120.54 -12.25 -66.64
CA ALA EA 143 -120.83 -12.46 -68.06
C ALA EA 143 -121.22 -13.90 -68.38
N ALA EA 144 -120.67 -14.87 -67.66
CA ALA EA 144 -120.92 -16.27 -67.96
C ALA EA 144 -120.57 -17.18 -66.79
N ASP EA 145 -121.06 -18.43 -66.82
CA ASP EA 145 -120.65 -19.43 -65.83
C ASP EA 145 -119.13 -19.63 -65.90
N TRP EA 146 -118.53 -19.99 -64.77
CA TRP EA 146 -117.10 -20.26 -64.71
C TRP EA 146 -116.79 -21.31 -63.67
N GLN EA 147 -115.50 -21.60 -63.49
CA GLN EA 147 -115.11 -22.58 -62.48
C GLN EA 147 -113.87 -22.16 -61.71
N ALA EA 148 -113.73 -22.71 -60.51
CA ALA EA 148 -112.50 -22.59 -59.74
C ALA EA 148 -111.91 -23.99 -59.50
N VAL EA 149 -110.59 -24.07 -59.38
CA VAL EA 149 -109.92 -25.34 -59.15
C VAL EA 149 -109.43 -25.45 -57.70
N VAL EA 150 -109.73 -26.56 -57.04
CA VAL EA 150 -109.25 -26.80 -55.68
C VAL EA 150 -108.12 -27.85 -55.68
N GLU EA 151 -106.99 -27.52 -55.05
CA GLU EA 151 -105.85 -28.43 -55.05
C GLU EA 151 -105.36 -28.77 -53.65
N LEU EA 152 -105.05 -30.05 -53.42
CA LEU EA 152 -104.47 -30.48 -52.14
C LEU EA 152 -103.01 -30.78 -52.34
N TYR EA 153 -102.15 -30.11 -51.58
CA TYR EA 153 -100.71 -30.38 -51.59
C TYR EA 153 -100.34 -31.01 -50.27
N ALA EA 154 -99.54 -32.07 -50.32
CA ALA EA 154 -99.14 -32.75 -49.11
C ALA EA 154 -97.95 -33.65 -49.40
N GLU EA 155 -97.13 -33.90 -48.39
CA GLU EA 155 -96.14 -34.98 -48.47
C GLU EA 155 -96.53 -36.07 -47.50
N LEU EA 156 -97.34 -37.02 -47.97
CA LEU EA 156 -97.87 -38.06 -47.10
C LEU EA 156 -96.79 -38.97 -46.55
N GLU EA 157 -96.77 -39.13 -45.23
CA GLU EA 157 -95.93 -40.15 -44.62
C GLU EA 157 -96.72 -40.99 -43.63
N GLU EA 158 -96.22 -42.17 -43.32
CA GLU EA 158 -96.96 -43.13 -42.50
C GLU EA 158 -97.19 -42.53 -41.13
N ALA EA 159 -98.43 -42.68 -40.67
CA ALA EA 159 -98.83 -42.22 -39.34
C ALA EA 159 -98.43 -43.22 -38.26
N THR EA 160 -97.86 -42.68 -37.18
CA THR EA 160 -97.37 -43.47 -36.08
C THR EA 160 -98.49 -43.89 -35.11
N SER EA 161 -99.48 -43.02 -34.93
CA SER EA 161 -100.59 -43.26 -34.02
C SER EA 161 -101.94 -43.08 -34.70
N PHE EA 162 -102.99 -43.66 -34.15
CA PHE EA 162 -104.33 -43.48 -34.71
C PHE EA 162 -104.85 -42.10 -34.41
N LEU EA 163 -104.59 -41.62 -33.20
CA LEU EA 163 -105.17 -40.39 -32.72
C LEU EA 163 -104.19 -39.24 -32.85
N GLY EA 164 -104.71 -38.05 -33.13
CA GLY EA 164 -103.93 -36.82 -33.11
C GLY EA 164 -103.67 -36.34 -31.69
N LYS EA 165 -103.39 -35.05 -31.54
CA LYS EA 165 -103.33 -34.43 -30.24
C LYS EA 165 -104.70 -33.79 -30.03
N PRO EA 166 -105.23 -33.86 -28.81
CA PRO EA 166 -106.58 -33.35 -28.54
C PRO EA 166 -106.67 -31.82 -28.67
N THR EA 167 -107.62 -31.37 -29.47
CA THR EA 167 -107.94 -29.97 -29.63
C THR EA 167 -108.32 -29.33 -28.29
N LEU EA 168 -108.99 -30.10 -27.42
CA LEU EA 168 -109.56 -29.56 -26.17
C LEU EA 168 -109.56 -30.58 -25.05
N VAL EA 169 -109.22 -30.14 -23.84
CA VAL EA 169 -109.34 -31.02 -22.69
C VAL EA 169 -110.29 -30.41 -21.67
N PHE EA 170 -111.26 -31.21 -21.23
CA PHE EA 170 -112.33 -30.69 -20.41
C PHE EA 170 -111.85 -30.08 -19.10
N ASP EA 171 -112.26 -28.84 -18.87
CA ASP EA 171 -111.96 -28.09 -17.66
C ASP EA 171 -112.98 -26.96 -17.53
N PRO EA 172 -113.81 -27.01 -16.48
CA PRO EA 172 -114.92 -26.09 -16.22
C PRO EA 172 -114.39 -24.69 -16.01
N GLY EA 173 -113.26 -24.61 -15.33
CA GLY EA 173 -112.71 -23.34 -14.89
C GLY EA 173 -111.80 -22.72 -15.93
N VAL EA 174 -111.87 -23.20 -17.17
CA VAL EA 174 -110.97 -22.68 -18.18
C VAL EA 174 -111.62 -22.43 -19.54
N PHE EA 175 -111.90 -21.14 -19.69
CA PHE EA 175 -112.25 -20.46 -20.93
C PHE EA 175 -111.38 -19.22 -20.94
N ASN EA 176 -110.30 -19.25 -21.73
CA ASN EA 176 -109.34 -18.16 -21.78
C ASN EA 176 -109.97 -16.81 -22.14
N GLY EA 177 -110.69 -16.78 -23.26
CA GLY EA 177 -111.20 -15.54 -23.79
C GLY EA 177 -110.71 -15.34 -25.22
N LYS EA 178 -109.86 -16.25 -25.67
CA LYS EA 178 -109.44 -16.30 -27.08
C LYS EA 178 -110.35 -17.26 -27.88
N PHE EA 179 -110.63 -16.90 -29.13
CA PHE EA 179 -111.49 -17.71 -29.98
C PHE EA 179 -110.77 -18.09 -31.26
N GLN EA 180 -111.18 -19.21 -31.88
CA GLN EA 180 -110.86 -19.46 -33.29
C GLN EA 180 -112.15 -19.74 -34.04
N PHE EA 181 -112.15 -19.38 -35.32
CA PHE EA 181 -113.29 -19.64 -36.20
C PHE EA 181 -114.62 -19.08 -35.72
N LEU EA 182 -114.57 -17.92 -35.08
CA LEU EA 182 -115.78 -17.22 -34.68
C LEU EA 182 -116.06 -16.13 -35.71
N THR EA 183 -116.95 -16.44 -36.64
CA THR EA 183 -117.31 -15.52 -37.72
C THR EA 183 -118.80 -15.25 -37.65
N CYS EA 184 -119.18 -13.97 -37.63
CA CYS EA 184 -120.58 -13.59 -37.60
C CYS EA 184 -121.14 -13.59 -38.99
N PRO EA 185 -122.37 -14.11 -39.17
CA PRO EA 185 -123.03 -13.99 -40.47
C PRO EA 185 -123.02 -12.54 -40.94
N PRO EA 186 -123.06 -12.34 -42.26
CA PRO EA 186 -122.94 -11.01 -42.87
C PRO EA 186 -124.02 -10.06 -42.42
N ILE EA 187 -123.61 -8.82 -42.23
CA ILE EA 187 -124.48 -7.71 -41.89
C ILE EA 187 -124.63 -6.87 -43.16
N PHE EA 188 -125.85 -6.41 -43.49
CA PHE EA 188 -126.06 -5.70 -44.76
C PHE EA 188 -126.54 -4.27 -44.59
N PHE EA 189 -126.00 -3.37 -45.42
CA PHE EA 189 -126.43 -1.96 -45.44
C PHE EA 189 -127.05 -1.59 -46.78
N ASP EA 190 -128.23 -0.97 -46.75
CA ASP EA 190 -128.90 -0.54 -47.97
C ASP EA 190 -128.29 0.77 -48.42
N LEU EA 191 -128.20 0.97 -49.73
CA LEU EA 191 -127.67 2.26 -50.19
C LEU EA 191 -128.76 3.29 -50.38
N THR EA 192 -130.00 2.88 -50.16
CA THR EA 192 -131.14 3.78 -50.20
C THR EA 192 -131.39 4.45 -48.84
N ALA EA 193 -130.38 4.40 -47.98
CA ALA EA 193 -130.50 4.92 -46.63
C ALA EA 193 -129.30 5.80 -46.28
N VAL EA 194 -129.60 7.04 -45.88
CA VAL EA 194 -128.53 8.00 -45.61
C VAL EA 194 -127.69 7.66 -44.36
N THR EA 195 -128.34 7.08 -43.34
CA THR EA 195 -127.62 6.47 -42.22
C THR EA 195 -128.32 5.17 -41.84
N ALA EA 196 -127.67 4.34 -41.03
CA ALA EA 196 -128.31 3.12 -40.58
C ALA EA 196 -127.60 2.51 -39.40
N LEU EA 197 -128.31 1.65 -38.69
CA LEU EA 197 -127.71 0.89 -37.61
C LEU EA 197 -127.84 -0.60 -37.82
N ARG EA 198 -126.79 -1.35 -37.52
CA ARG EA 198 -126.90 -2.79 -37.46
C ARG EA 198 -126.28 -3.28 -36.16
N SER EA 199 -127.07 -4.00 -35.37
CA SER EA 199 -126.59 -4.55 -34.11
C SER EA 199 -126.07 -5.98 -34.24
N ALA EA 200 -124.99 -6.26 -33.50
CA ALA EA 200 -124.52 -7.62 -33.32
C ALA EA 200 -124.55 -7.92 -31.83
N GLY EA 201 -125.32 -8.93 -31.43
CA GLY EA 201 -125.40 -9.30 -30.04
C GLY EA 201 -124.07 -9.80 -29.51
N LEU EA 202 -123.79 -9.51 -28.25
CA LEU EA 202 -122.54 -9.97 -27.64
C LEU EA 202 -122.80 -11.04 -26.58
N THR EA 203 -124.01 -11.57 -26.56
CA THR EA 203 -124.38 -12.66 -25.67
C THR EA 203 -123.94 -13.99 -26.31
N LEU EA 204 -122.63 -14.21 -26.35
CA LEU EA 204 -122.00 -15.21 -27.21
C LEU EA 204 -122.26 -16.66 -26.82
N GLY EA 205 -122.85 -16.89 -25.66
CA GLY EA 205 -123.17 -18.23 -25.23
C GLY EA 205 -124.48 -18.75 -25.78
N GLN EA 206 -125.23 -17.86 -26.41
CA GLN EA 206 -126.52 -18.18 -27.00
C GLN EA 206 -126.29 -19.17 -28.15
N VAL EA 207 -127.14 -20.18 -28.27
CA VAL EA 207 -127.01 -21.12 -29.37
C VAL EA 207 -127.70 -20.59 -30.63
N PRO EA 208 -126.95 -20.50 -31.75
CA PRO EA 208 -127.43 -19.94 -33.02
C PRO EA 208 -128.52 -20.80 -33.61
N MET EA 209 -129.43 -20.22 -34.37
CA MET EA 209 -130.50 -21.02 -34.95
C MET EA 209 -130.72 -20.73 -36.44
N VAL EA 210 -131.25 -21.73 -37.11
CA VAL EA 210 -131.66 -21.60 -38.49
C VAL EA 210 -133.08 -22.15 -38.55
N GLY EA 211 -134.07 -21.26 -38.51
CA GLY EA 211 -135.46 -21.67 -38.38
C GLY EA 211 -135.66 -22.28 -37.01
N THR EA 212 -136.17 -23.51 -36.97
CA THR EA 212 -136.37 -24.19 -35.70
C THR EA 212 -135.19 -25.06 -35.29
N THR EA 213 -134.17 -25.09 -36.16
CA THR EA 213 -132.97 -25.90 -35.94
C THR EA 213 -131.88 -25.22 -35.08
N LYS EA 214 -131.54 -25.83 -33.94
CA LYS EA 214 -130.45 -25.36 -33.11
C LYS EA 214 -129.10 -25.83 -33.69
N VAL EA 215 -128.14 -24.93 -33.86
CA VAL EA 215 -126.82 -25.31 -34.32
C VAL EA 215 -125.77 -25.19 -33.21
N TYR EA 216 -125.63 -26.23 -32.40
CA TYR EA 216 -124.62 -26.22 -31.36
C TYR EA 216 -123.22 -26.10 -31.97
N ASN EA 217 -122.38 -25.26 -31.39
CA ASN EA 217 -121.02 -25.15 -31.88
C ASN EA 217 -120.06 -24.90 -30.75
N LEU EA 218 -118.77 -25.15 -30.99
CA LEU EA 218 -117.78 -25.05 -29.91
C LEU EA 218 -117.67 -23.68 -29.27
N ASN EA 219 -117.68 -22.63 -30.09
CA ASN EA 219 -117.56 -21.28 -29.54
C ASN EA 219 -118.65 -20.88 -28.53
N SER EA 220 -119.91 -21.05 -28.90
CA SER EA 220 -120.97 -20.72 -27.96
C SER EA 220 -120.89 -21.64 -26.74
N THR EA 221 -120.50 -22.88 -26.97
CA THR EA 221 -120.34 -23.81 -25.87
C THR EA 221 -119.29 -23.31 -24.89
N LEU EA 222 -118.15 -22.83 -25.41
CA LEU EA 222 -117.08 -22.30 -24.58
C LEU EA 222 -117.57 -21.13 -23.74
N VAL EA 223 -118.19 -20.16 -24.39
CA VAL EA 223 -118.67 -18.99 -23.67
C VAL EA 223 -119.64 -19.40 -22.56
N SER EA 224 -120.43 -20.45 -22.78
CA SER EA 224 -121.42 -20.87 -21.78
C SER EA 224 -120.75 -21.39 -20.49
N CYS EA 225 -119.44 -21.60 -20.54
CA CYS EA 225 -118.68 -22.13 -19.42
C CYS EA 225 -118.40 -21.08 -18.40
N VAL EA 226 -118.87 -19.88 -18.70
CA VAL EA 226 -118.66 -18.70 -17.86
C VAL EA 226 -120.03 -18.05 -17.59
N LEU EA 227 -120.16 -17.22 -16.55
CA LEU EA 227 -121.45 -16.59 -16.26
C LEU EA 227 -121.65 -15.32 -17.06
N GLY EA 228 -120.54 -14.68 -17.41
CA GLY EA 228 -120.55 -13.48 -18.23
C GLY EA 228 -119.13 -12.97 -18.45
N MET EA 229 -119.01 -11.91 -19.24
CA MET EA 229 -117.70 -11.41 -19.62
C MET EA 229 -117.73 -9.92 -19.88
N GLY EA 230 -116.63 -9.26 -19.55
CA GLY EA 230 -116.45 -7.86 -19.90
C GLY EA 230 -115.06 -7.72 -20.49
N GLY EA 231 -114.75 -6.55 -21.01
CA GLY EA 231 -113.43 -6.36 -21.57
C GLY EA 231 -113.52 -5.75 -22.93
N THR EA 232 -112.50 -5.95 -23.75
CA THR EA 232 -112.48 -5.38 -25.08
C THR EA 232 -112.58 -6.46 -26.14
N VAL EA 233 -113.52 -6.29 -27.08
CA VAL EA 233 -113.65 -7.18 -28.22
C VAL EA 233 -112.62 -6.82 -29.31
N ARG EA 234 -111.68 -7.73 -29.59
CA ARG EA 234 -110.73 -7.53 -30.68
C ARG EA 234 -111.18 -8.39 -31.84
N GLY EA 235 -111.36 -7.77 -32.99
CA GLY EA 235 -111.82 -8.50 -34.16
C GLY EA 235 -111.34 -7.90 -35.46
N ARG EA 236 -111.86 -8.44 -36.55
CA ARG EA 236 -111.56 -7.94 -37.88
C ARG EA 236 -112.86 -7.66 -38.62
N VAL EA 237 -112.86 -6.62 -39.46
CA VAL EA 237 -114.01 -6.29 -40.27
C VAL EA 237 -113.64 -6.43 -41.73
N HIS EA 238 -114.46 -7.15 -42.47
CA HIS EA 238 -114.28 -7.23 -43.91
C HIS EA 238 -115.41 -6.54 -44.66
N ILE EA 239 -115.05 -5.63 -45.55
CA ILE EA 239 -116.04 -4.98 -46.37
C ILE EA 239 -116.13 -5.69 -47.71
N CYS EA 240 -117.23 -6.40 -47.91
CA CYS EA 240 -117.35 -7.35 -49.03
C CYS EA 240 -118.14 -6.83 -50.21
N ALA EA 241 -117.57 -5.84 -50.90
CA ALA EA 241 -118.24 -5.22 -52.04
C ALA EA 241 -117.20 -4.83 -53.07
N PRO EA 242 -117.65 -4.47 -54.26
CA PRO EA 242 -116.78 -4.00 -55.35
C PRO EA 242 -115.99 -2.72 -54.99
N ILE EA 243 -114.84 -2.46 -55.62
CA ILE EA 243 -114.03 -1.26 -55.29
C ILE EA 243 -114.80 0.03 -55.44
N PHE EA 244 -115.87 0.00 -56.23
CA PHE EA 244 -116.69 1.19 -56.47
C PHE EA 244 -117.82 1.41 -55.45
N TYR EA 245 -117.94 0.49 -54.49
CA TYR EA 245 -118.79 0.69 -53.30
C TYR EA 245 -117.88 1.18 -52.20
N SER EA 246 -118.42 2.01 -51.32
CA SER EA 246 -117.63 2.45 -50.16
C SER EA 246 -118.51 2.94 -49.02
N ILE EA 247 -117.97 2.89 -47.81
CA ILE EA 247 -118.76 3.19 -46.63
C ILE EA 247 -117.86 3.69 -45.51
N VAL EA 248 -118.45 4.42 -44.57
CA VAL EA 248 -117.76 4.77 -43.33
C VAL EA 248 -118.62 4.40 -42.12
N LEU EA 249 -118.06 3.62 -41.20
CA LEU EA 249 -118.80 3.13 -40.05
C LEU EA 249 -118.25 3.67 -38.76
N TRP EA 250 -119.17 3.97 -37.84
CA TRP EA 250 -118.84 4.24 -36.45
C TRP EA 250 -119.20 2.97 -35.69
N VAL EA 251 -118.20 2.31 -35.11
CA VAL EA 251 -118.46 1.05 -34.42
C VAL EA 251 -118.30 1.21 -32.92
N VAL EA 252 -119.37 0.96 -32.18
CA VAL EA 252 -119.37 1.23 -30.74
C VAL EA 252 -120.25 0.24 -29.98
N SER EA 253 -120.00 0.10 -28.67
CA SER EA 253 -120.81 -0.79 -27.84
C SER EA 253 -121.87 -0.04 -27.05
N GLU EA 254 -123.07 -0.61 -26.99
CA GLU EA 254 -124.17 0.00 -26.25
C GLU EA 254 -124.94 -1.00 -25.39
N TRP EA 255 -125.55 -0.50 -24.33
CA TRP EA 255 -126.27 -1.38 -23.41
C TRP EA 255 -127.77 -1.12 -23.47
N ASN EA 256 -128.52 -2.20 -23.57
CA ASN EA 256 -129.98 -2.17 -23.54
C ASN EA 256 -130.61 -1.08 -24.40
N GLY EA 257 -130.62 -1.31 -25.71
CA GLY EA 257 -131.14 -0.33 -26.65
C GLY EA 257 -130.01 0.55 -27.15
N THR EA 258 -130.37 1.60 -27.86
CA THR EA 258 -129.36 2.51 -28.40
C THR EA 258 -129.83 3.90 -28.14
N THR EA 259 -128.89 4.83 -28.08
CA THR EA 259 -129.25 6.24 -27.92
C THR EA 259 -129.82 6.78 -29.22
N MET EA 260 -130.71 7.75 -29.10
CA MET EA 260 -131.35 8.33 -30.27
C MET EA 260 -130.70 9.66 -30.61
N ASP EA 261 -129.77 10.08 -29.77
CA ASP EA 261 -129.09 11.37 -29.89
C ASP EA 261 -127.70 11.22 -30.51
N TRP EA 262 -127.56 11.69 -31.75
CA TRP EA 262 -126.29 11.58 -32.46
C TRP EA 262 -125.11 12.17 -31.69
N ASN EA 263 -125.36 13.20 -30.90
CA ASN EA 263 -124.27 13.81 -30.15
C ASN EA 263 -123.82 12.93 -29.00
N GLU EA 264 -124.78 12.26 -28.35
CA GLU EA 264 -124.41 11.34 -27.27
C GLU EA 264 -123.63 10.18 -27.85
N LEU EA 265 -124.11 9.69 -28.99
CA LEU EA 265 -123.47 8.56 -29.67
C LEU EA 265 -121.97 8.75 -29.84
N PHE EA 266 -121.56 9.97 -30.19
CA PHE EA 266 -120.14 10.24 -30.46
C PHE EA 266 -119.35 10.66 -29.24
N LYS EA 267 -119.99 10.61 -28.07
CA LYS EA 267 -119.27 10.81 -26.82
C LYS EA 267 -118.84 9.46 -26.28
N TYR EA 268 -119.36 8.38 -26.88
CA TYR EA 268 -118.97 7.01 -26.53
C TYR EA 268 -117.62 6.65 -27.12
N PRO EA 269 -116.94 5.66 -26.52
CA PRO EA 269 -115.64 5.21 -27.03
C PRO EA 269 -115.78 4.17 -28.14
N GLY EA 270 -115.94 4.66 -29.36
CA GLY EA 270 -116.01 3.83 -30.54
C GLY EA 270 -114.81 3.99 -31.47
N VAL EA 271 -114.88 3.35 -32.63
CA VAL EA 271 -113.83 3.43 -33.63
C VAL EA 271 -114.45 3.61 -35.00
N TYR EA 272 -113.69 4.20 -35.92
CA TYR EA 272 -114.19 4.37 -37.29
C TYR EA 272 -113.63 3.25 -38.15
N VAL EA 273 -114.45 2.75 -39.08
CA VAL EA 273 -114.01 1.71 -40.00
C VAL EA 273 -114.34 2.17 -41.41
N GLU EA 274 -113.31 2.35 -42.23
CA GLU EA 274 -113.48 2.82 -43.61
C GLU EA 274 -113.20 1.68 -44.56
N GLU EA 275 -112.52 0.64 -44.07
CA GLU EA 275 -111.98 -0.41 -44.94
C GLU EA 275 -111.62 -1.67 -44.17
N ASP EA 276 -111.34 -2.76 -44.90
CA ASP EA 276 -110.89 -4.00 -44.28
C ASP EA 276 -109.85 -3.68 -43.20
N GLY EA 277 -109.98 -4.29 -42.03
CA GLY EA 277 -109.03 -4.07 -40.95
C GLY EA 277 -109.46 -4.66 -39.62
N SER EA 278 -108.60 -4.54 -38.62
CA SER EA 278 -108.94 -4.99 -37.27
C SER EA 278 -109.54 -3.83 -36.45
N PHE EA 279 -110.17 -4.16 -35.32
CA PHE EA 279 -110.80 -3.16 -34.46
C PHE EA 279 -110.77 -3.65 -33.03
N GLU EA 280 -110.79 -2.72 -32.07
CA GLU EA 280 -110.98 -3.05 -30.66
C GLU EA 280 -112.07 -2.16 -30.10
N VAL EA 281 -113.11 -2.75 -29.54
CA VAL EA 281 -114.17 -1.98 -28.91
C VAL EA 281 -114.45 -2.49 -27.51
N LYS EA 282 -114.52 -1.58 -26.54
CA LYS EA 282 -114.79 -1.93 -25.16
C LYS EA 282 -116.24 -2.37 -25.03
N ILE EA 283 -116.47 -3.49 -24.33
CA ILE EA 283 -117.82 -3.94 -24.00
C ILE EA 283 -118.41 -3.01 -22.95
N ARG EA 284 -119.48 -2.32 -23.32
CA ARG EA 284 -120.08 -1.28 -22.49
C ARG EA 284 -121.28 -1.81 -21.69
N SER EA 285 -121.23 -1.71 -20.36
CA SER EA 285 -122.31 -2.25 -19.53
C SER EA 285 -122.29 -1.65 -18.13
N PRO EA 286 -123.47 -1.49 -17.53
CA PRO EA 286 -123.63 -0.99 -16.15
C PRO EA 286 -122.90 -1.85 -15.15
N TYR EA 287 -122.65 -3.11 -15.52
CA TYR EA 287 -121.98 -4.09 -14.67
C TYR EA 287 -120.59 -4.42 -15.18
N HIS EA 288 -120.18 -3.73 -16.25
CA HIS EA 288 -118.87 -3.91 -16.87
C HIS EA 288 -118.74 -5.24 -17.58
N ARG EA 289 -119.74 -6.10 -17.41
CA ARG EA 289 -119.79 -7.41 -18.05
C ARG EA 289 -121.17 -7.60 -18.64
N THR EA 290 -121.28 -8.41 -19.69
CA THR EA 290 -122.58 -8.81 -20.21
C THR EA 290 -122.72 -10.31 -19.95
N PRO EA 291 -123.95 -10.75 -19.61
CA PRO EA 291 -124.19 -12.16 -19.30
C PRO EA 291 -123.96 -13.07 -20.50
N ALA EA 292 -123.46 -14.27 -20.23
CA ALA EA 292 -123.10 -15.26 -21.24
C ALA EA 292 -124.31 -15.82 -22.00
N ARG EA 293 -125.42 -16.01 -21.29
CA ARG EA 293 -126.65 -16.49 -21.91
C ARG EA 293 -127.87 -15.69 -21.46
N LEU EA 294 -128.98 -15.88 -22.16
CA LEU EA 294 -130.20 -15.17 -21.81
C LEU EA 294 -131.12 -15.96 -20.87
N LEU EA 295 -131.90 -15.25 -20.07
CA LEU EA 295 -133.01 -15.85 -19.33
C LEU EA 295 -134.29 -15.76 -20.15
N ALA EA 296 -135.39 -16.25 -19.59
CA ALA EA 296 -136.67 -16.24 -20.28
C ALA EA 296 -137.16 -14.81 -20.51
N GLY EA 297 -137.70 -14.55 -21.70
CA GLY EA 297 -138.24 -13.25 -22.02
C GLY EA 297 -137.23 -12.14 -22.24
N GLN EA 298 -135.95 -12.48 -22.10
CA GLN EA 298 -134.88 -11.55 -22.40
C GLN EA 298 -134.46 -11.66 -23.84
N SER EA 299 -133.93 -10.57 -24.37
CA SER EA 299 -133.54 -10.50 -25.77
C SER EA 299 -132.09 -10.06 -25.82
N GLN EA 300 -131.43 -10.24 -26.96
CA GLN EA 300 -130.01 -9.99 -27.00
C GLN EA 300 -129.68 -8.50 -26.93
N ARG EA 301 -130.64 -7.68 -27.31
CA ARG EA 301 -130.38 -6.25 -27.35
C ARG EA 301 -130.60 -5.64 -25.98
N ASP EA 302 -131.22 -6.40 -25.08
CA ASP EA 302 -131.36 -5.97 -23.69
C ASP EA 302 -130.03 -5.88 -22.96
N MET EA 303 -128.99 -6.50 -23.51
CA MET EA 303 -127.65 -6.49 -22.90
C MET EA 303 -126.66 -5.66 -23.71
N SER EA 304 -125.40 -6.06 -23.64
CA SER EA 304 -124.35 -5.38 -24.39
C SER EA 304 -124.31 -5.84 -25.84
N SER EA 305 -124.27 -4.89 -26.77
CA SER EA 305 -124.21 -5.22 -28.19
C SER EA 305 -123.07 -4.45 -28.86
N LEU EA 306 -122.60 -5.00 -29.99
CA LEU EA 306 -121.61 -4.34 -30.84
C LEU EA 306 -122.37 -3.70 -32.00
N ASN EA 307 -122.43 -2.37 -32.02
CA ASN EA 307 -123.27 -1.65 -32.97
C ASN EA 307 -122.52 -1.02 -34.15
N PHE EA 308 -123.02 -1.26 -35.34
CA PHE EA 308 -122.38 -0.74 -36.54
C PHE EA 308 -123.24 0.34 -37.18
N TYR EA 309 -122.80 1.59 -37.05
CA TYR EA 309 -123.54 2.74 -37.54
C TYR EA 309 -122.93 3.19 -38.84
N ALA EA 310 -123.72 3.15 -39.91
CA ALA EA 310 -123.29 3.76 -41.15
C ALA EA 310 -123.49 5.27 -41.05
N ILE EA 311 -122.39 6.02 -41.02
CA ILE EA 311 -122.46 7.47 -40.85
C ILE EA 311 -122.18 8.24 -42.12
N ALA EA 312 -121.59 7.57 -43.12
CA ALA EA 312 -121.45 8.14 -44.46
C ALA EA 312 -121.52 7.02 -45.48
N GLY EA 313 -122.60 6.99 -46.25
CA GLY EA 313 -122.78 5.90 -47.19
C GLY EA 313 -123.65 4.80 -46.61
N PRO EA 314 -123.62 3.63 -47.24
CA PRO EA 314 -122.79 3.30 -48.40
C PRO EA 314 -123.19 4.08 -49.66
N ILE EA 315 -122.20 4.31 -50.52
CA ILE EA 315 -122.44 4.90 -51.83
C ILE EA 315 -121.97 3.95 -52.92
N ALA EA 316 -122.62 4.06 -54.08
CA ALA EA 316 -122.19 3.34 -55.28
C ALA EA 316 -122.66 4.12 -56.51
N PRO EA 317 -122.05 3.87 -57.66
CA PRO EA 317 -122.49 4.51 -58.90
C PRO EA 317 -123.88 4.02 -59.25
N SER EA 318 -124.63 4.76 -60.05
CA SER EA 318 -125.92 4.24 -60.49
C SER EA 318 -125.60 3.32 -61.65
N GLY EA 319 -126.43 2.30 -61.86
CA GLY EA 319 -127.55 1.98 -60.99
C GLY EA 319 -127.23 0.65 -60.34
N GLU EA 320 -126.47 0.72 -59.26
CA GLU EA 320 -126.19 -0.43 -58.47
C GLU EA 320 -127.36 -0.60 -57.51
N THR EA 321 -127.64 -1.83 -57.11
CA THR EA 321 -128.80 -2.08 -56.27
C THR EA 321 -128.46 -2.94 -55.08
N ALA EA 322 -127.39 -3.72 -55.23
CA ALA EA 322 -126.92 -4.62 -54.18
C ALA EA 322 -126.67 -3.90 -52.86
N GLN EA 323 -126.94 -4.60 -51.76
CA GLN EA 323 -126.59 -4.08 -50.45
C GLN EA 323 -125.08 -4.23 -50.22
N LEU EA 324 -124.53 -3.42 -49.31
CA LEU EA 324 -123.11 -3.52 -48.98
C LEU EA 324 -123.00 -4.39 -47.75
N PRO EA 325 -122.36 -5.57 -47.89
CA PRO EA 325 -122.18 -6.49 -46.76
C PRO EA 325 -120.90 -6.25 -45.95
N ILE EA 326 -121.01 -6.39 -44.64
CA ILE EA 326 -119.90 -6.34 -43.69
C ILE EA 326 -119.80 -7.71 -43.02
N VAL EA 327 -118.63 -8.35 -43.08
CA VAL EA 327 -118.44 -9.61 -42.35
C VAL EA 327 -117.53 -9.37 -41.16
N VAL EA 328 -118.05 -9.64 -39.96
CA VAL EA 328 -117.29 -9.42 -38.73
C VAL EA 328 -116.71 -10.71 -38.18
N GLN EA 329 -115.44 -10.70 -37.84
CA GLN EA 329 -114.79 -11.81 -37.12
C GLN EA 329 -114.34 -11.37 -35.73
N ILE EA 330 -114.66 -12.17 -34.72
CA ILE EA 330 -114.24 -11.86 -33.37
C ILE EA 330 -113.08 -12.77 -32.99
N ASP EA 331 -111.94 -12.17 -32.67
CA ASP EA 331 -110.71 -12.92 -32.40
C ASP EA 331 -110.47 -13.21 -30.94
N GLU EA 332 -110.69 -12.21 -30.08
CA GLU EA 332 -110.62 -12.45 -28.65
C GLU EA 332 -111.19 -11.33 -27.80
N ILE EA 333 -111.41 -11.64 -26.52
CA ILE EA 333 -111.70 -10.63 -25.54
C ILE EA 333 -110.37 -10.28 -24.89
N VAL EA 334 -109.83 -9.10 -25.20
CA VAL EA 334 -108.54 -8.68 -24.65
C VAL EA 334 -108.79 -7.95 -23.34
N ARG EA 335 -107.84 -8.05 -22.41
CA ARG EA 335 -107.98 -7.44 -21.11
C ARG EA 335 -109.34 -7.83 -20.53
N PRO EA 336 -109.55 -9.14 -20.37
CA PRO EA 336 -110.88 -9.68 -20.07
C PRO EA 336 -111.27 -9.51 -18.62
N ASP EA 337 -112.53 -9.17 -18.40
CA ASP EA 337 -113.08 -9.14 -17.05
C ASP EA 337 -114.10 -10.26 -16.98
N LEU EA 338 -113.67 -11.45 -16.58
CA LEU EA 338 -114.56 -12.59 -16.58
C LEU EA 338 -115.37 -12.77 -15.29
N SER EA 339 -116.53 -13.41 -15.42
CA SER EA 339 -117.31 -13.76 -14.26
C SER EA 339 -116.77 -15.06 -13.69
N LEU EA 340 -117.39 -15.55 -12.64
CA LEU EA 340 -117.10 -16.88 -12.16
C LEU EA 340 -117.38 -17.85 -13.29
N PRO EA 341 -116.67 -18.99 -13.29
CA PRO EA 341 -117.07 -20.08 -14.17
C PRO EA 341 -118.52 -20.44 -13.86
N SER EA 342 -119.30 -20.87 -14.86
CA SER EA 342 -120.66 -21.25 -14.58
C SER EA 342 -120.74 -22.58 -13.83
N PHE EA 343 -119.76 -23.47 -14.08
CA PHE EA 343 -119.71 -24.73 -13.36
C PHE EA 343 -118.41 -24.90 -12.60
N GLU EA 344 -118.48 -25.58 -11.46
CA GLU EA 344 -117.29 -25.88 -10.68
C GLU EA 344 -116.77 -27.27 -11.03
N ASP EA 345 -115.68 -27.70 -10.41
CA ASP EA 345 -115.20 -29.05 -10.68
C ASP EA 345 -116.04 -30.03 -9.88
N ASP EA 346 -117.21 -30.31 -10.40
CA ASP EA 346 -118.21 -31.04 -9.65
C ASP EA 346 -118.96 -31.96 -10.60
N TYR EA 347 -119.90 -32.73 -10.05
CA TYR EA 347 -120.75 -33.56 -10.83
C TYR EA 347 -121.79 -32.70 -11.54
N PHE EA 348 -122.37 -33.23 -12.60
CA PHE EA 348 -123.52 -32.61 -13.26
C PHE EA 348 -124.43 -33.71 -13.80
N VAL EA 349 -125.66 -33.34 -14.13
CA VAL EA 349 -126.66 -34.33 -14.49
C VAL EA 349 -126.42 -34.89 -15.87
N TRP EA 350 -126.32 -36.22 -15.95
CA TRP EA 350 -126.28 -36.91 -17.23
C TRP EA 350 -127.71 -37.28 -17.65
N VAL EA 351 -128.43 -38.00 -16.80
CA VAL EA 351 -129.76 -38.48 -17.17
C VAL EA 351 -130.62 -38.81 -15.96
N ASP EA 352 -131.92 -38.56 -16.06
CA ASP EA 352 -132.89 -39.02 -15.10
C ASP EA 352 -133.81 -40.07 -15.76
N PHE EA 353 -133.98 -41.21 -15.10
CA PHE EA 353 -134.98 -42.18 -15.54
C PHE EA 353 -136.13 -42.15 -14.55
N SER EA 354 -137.36 -42.15 -15.07
CA SER EA 354 -138.55 -42.07 -14.21
C SER EA 354 -139.72 -42.74 -14.89
N GLU EA 355 -140.84 -42.83 -14.16
CA GLU EA 355 -142.07 -43.35 -14.73
C GLU EA 355 -141.88 -44.74 -15.35
N PHE EA 356 -141.33 -45.68 -14.57
CA PHE EA 356 -141.07 -47.02 -15.09
C PHE EA 356 -142.36 -47.81 -15.25
N THR EA 357 -142.49 -48.54 -16.35
CA THR EA 357 -143.71 -49.29 -16.61
C THR EA 357 -143.56 -50.78 -16.34
N LEU EA 358 -142.31 -51.25 -16.43
CA LEU EA 358 -142.00 -52.64 -16.13
C LEU EA 358 -141.07 -52.73 -14.94
N ASP EA 359 -141.23 -53.77 -14.13
CA ASP EA 359 -140.35 -54.00 -13.00
C ASP EA 359 -138.94 -54.40 -13.48
N LYS EA 360 -138.85 -55.16 -14.56
CA LYS EA 360 -137.55 -55.51 -15.14
C LYS EA 360 -137.16 -54.49 -16.19
N GLU EA 361 -136.09 -53.75 -15.94
CA GLU EA 361 -135.60 -52.72 -16.86
C GLU EA 361 -134.08 -52.85 -16.97
N GLU EA 362 -133.55 -52.77 -18.18
CA GLU EA 362 -132.11 -52.85 -18.34
C GLU EA 362 -131.60 -51.79 -19.31
N ILE EA 363 -130.84 -50.85 -18.78
CA ILE EA 363 -130.34 -49.72 -19.54
C ILE EA 363 -128.90 -50.00 -19.97
N GLU EA 364 -128.69 -50.22 -21.27
CA GLU EA 364 -127.34 -50.44 -21.76
C GLU EA 364 -126.60 -49.14 -22.00
N ILE EA 365 -125.38 -49.05 -21.47
CA ILE EA 365 -124.55 -47.87 -21.64
C ILE EA 365 -123.36 -48.20 -22.52
N GLY EA 366 -122.71 -49.32 -22.21
CA GLY EA 366 -121.55 -49.79 -22.96
C GLY EA 366 -120.33 -48.97 -22.64
N SER EA 367 -119.77 -48.30 -23.65
CA SER EA 367 -118.62 -47.44 -23.42
C SER EA 367 -118.88 -46.02 -23.92
N ARG EA 368 -120.16 -45.65 -24.05
CA ARG EA 368 -120.52 -44.36 -24.66
C ARG EA 368 -121.13 -43.36 -23.69
N PHE EA 369 -120.91 -42.08 -23.96
CA PHE EA 369 -121.69 -41.03 -23.31
C PHE EA 369 -122.62 -40.48 -24.38
N PHE EA 370 -123.94 -40.62 -24.17
CA PHE EA 370 -124.88 -40.35 -25.25
C PHE EA 370 -126.29 -40.09 -24.74
N ASP EA 371 -127.22 -39.83 -25.65
CA ASP EA 371 -128.64 -39.65 -25.31
C ASP EA 371 -129.41 -40.97 -25.31
N PHE EA 372 -130.08 -41.27 -24.19
CA PHE EA 372 -130.86 -42.50 -24.04
C PHE EA 372 -132.25 -42.36 -24.67
N THR EA 373 -132.82 -43.49 -25.07
CA THR EA 373 -134.24 -43.55 -25.38
C THR EA 373 -134.83 -44.81 -24.77
N SER EA 374 -136.11 -44.75 -24.39
CA SER EA 374 -136.80 -45.93 -23.85
C SER EA 374 -138.27 -45.95 -24.22
N ASN EA 375 -138.77 -47.16 -24.46
CA ASN EA 375 -140.18 -47.38 -24.73
C ASN EA 375 -140.91 -47.69 -23.44
N THR EA 376 -140.15 -48.06 -22.43
CA THR EA 376 -140.73 -48.58 -21.21
C THR EA 376 -140.60 -47.62 -20.02
N CYS EA 377 -139.86 -46.53 -20.22
CA CYS EA 377 -139.74 -45.50 -19.17
C CYS EA 377 -139.43 -44.13 -19.74
N ARG EA 378 -139.50 -43.12 -18.88
CA ARG EA 378 -139.26 -41.75 -19.30
C ARG EA 378 -137.81 -41.35 -19.11
N VAL EA 379 -137.17 -40.99 -20.22
CA VAL EA 379 -135.80 -40.50 -20.18
C VAL EA 379 -135.75 -38.97 -20.21
N SER EA 380 -135.03 -38.36 -19.27
CA SER EA 380 -134.83 -36.92 -19.28
C SER EA 380 -133.34 -36.60 -19.32
N MET EA 381 -132.86 -36.11 -20.45
CA MET EA 381 -131.43 -35.93 -20.57
C MET EA 381 -130.98 -34.57 -19.99
N GLY EA 382 -129.78 -34.52 -19.44
CA GLY EA 382 -129.24 -33.25 -18.96
C GLY EA 382 -128.64 -32.42 -20.10
N GLU EA 383 -128.76 -31.10 -19.99
CA GLU EA 383 -128.09 -30.20 -20.92
C GLU EA 383 -127.04 -29.34 -20.18
N ASN EA 384 -125.77 -29.51 -20.54
CA ASN EA 384 -124.69 -28.75 -19.93
C ASN EA 384 -123.50 -28.65 -20.88
N PRO EA 385 -122.51 -27.82 -20.53
CA PRO EA 385 -121.39 -27.62 -21.46
C PRO EA 385 -120.67 -28.92 -21.80
N PHE EA 386 -120.53 -29.83 -20.85
CA PHE EA 386 -119.84 -31.07 -21.19
C PHE EA 386 -120.56 -31.82 -22.32
N ALA EA 387 -121.87 -31.98 -22.21
CA ALA EA 387 -122.64 -32.64 -23.24
C ALA EA 387 -122.49 -31.95 -24.59
N ALA EA 388 -122.51 -30.62 -24.59
CA ALA EA 388 -122.27 -29.84 -25.80
C ALA EA 388 -120.88 -30.09 -26.39
N MET EA 389 -119.85 -30.13 -25.53
CA MET EA 389 -118.52 -30.42 -26.00
C MET EA 389 -118.42 -31.80 -26.64
N ILE EA 390 -119.16 -32.77 -26.10
CA ILE EA 390 -119.22 -34.10 -26.69
C ILE EA 390 -119.81 -34.02 -28.11
N ALA EA 391 -120.80 -33.16 -28.26
CA ALA EA 391 -121.52 -33.01 -29.52
C ALA EA 391 -120.76 -32.19 -30.54
N CYS EA 392 -119.82 -31.38 -30.08
CA CYS EA 392 -119.14 -30.44 -30.96
C CYS EA 392 -117.73 -30.90 -31.27
N HIS EA 393 -117.47 -32.18 -31.08
CA HIS EA 393 -116.20 -32.73 -31.52
C HIS EA 393 -116.44 -34.05 -32.21
N GLY EA 394 -115.54 -34.39 -33.13
CA GLY EA 394 -115.66 -35.62 -33.89
C GLY EA 394 -115.42 -36.84 -33.02
N LEU EA 395 -114.40 -36.76 -32.16
CA LEU EA 395 -114.03 -37.85 -31.27
C LEU EA 395 -113.77 -37.35 -29.86
N HIS EA 396 -114.01 -38.20 -28.88
CA HIS EA 396 -113.67 -37.88 -27.50
C HIS EA 396 -113.20 -39.12 -26.77
N SER EA 397 -112.59 -38.94 -25.61
CA SER EA 397 -112.15 -40.07 -24.79
C SER EA 397 -111.83 -39.64 -23.38
N GLY EA 398 -112.24 -40.44 -22.40
CA GLY EA 398 -111.91 -40.16 -21.03
C GLY EA 398 -112.58 -41.10 -20.04
N VAL EA 399 -112.52 -40.74 -18.78
CA VAL EA 399 -113.23 -41.52 -17.77
C VAL EA 399 -114.22 -40.66 -16.99
N LEU EA 400 -115.42 -41.16 -16.79
CA LEU EA 400 -116.45 -40.46 -16.04
C LEU EA 400 -116.68 -41.13 -14.72
N ASP EA 401 -116.66 -40.36 -13.65
CA ASP EA 401 -117.09 -40.90 -12.36
C ASP EA 401 -118.59 -40.71 -12.27
N LEU EA 402 -119.32 -41.75 -11.90
CA LEU EA 402 -120.76 -41.66 -11.83
C LEU EA 402 -121.25 -41.70 -10.39
N LYS EA 403 -122.29 -40.91 -10.11
CA LYS EA 403 -123.05 -41.02 -8.88
C LYS EA 403 -124.48 -41.38 -9.26
N LEU EA 404 -125.00 -42.45 -8.67
CA LEU EA 404 -126.38 -42.82 -8.89
C LEU EA 404 -127.17 -42.50 -7.64
N GLN EA 405 -128.31 -41.86 -7.82
CA GLN EA 405 -129.22 -41.56 -6.71
C GLN EA 405 -130.63 -41.97 -7.08
N TRP EA 406 -131.40 -42.48 -6.12
CA TRP EA 406 -132.78 -42.82 -6.40
C TRP EA 406 -133.69 -42.69 -5.19
N SER EA 407 -134.96 -42.39 -5.44
CA SER EA 407 -135.97 -42.31 -4.39
C SER EA 407 -137.02 -43.38 -4.62
N LEU EA 408 -137.73 -43.78 -3.56
CA LEU EA 408 -138.69 -44.87 -3.69
C LEU EA 408 -140.08 -44.41 -4.08
N ASN EA 409 -140.78 -45.25 -4.82
CA ASN EA 409 -142.16 -45.02 -5.21
C ASN EA 409 -143.13 -45.73 -4.27
N THR EA 410 -142.72 -46.89 -3.77
CA THR EA 410 -143.51 -47.65 -2.81
C THR EA 410 -143.07 -47.35 -1.38
N GLU EA 411 -143.73 -47.94 -0.39
CA GLU EA 411 -143.33 -47.76 1.01
C GLU EA 411 -141.96 -48.41 1.29
N PHE EA 412 -141.12 -47.69 2.03
CA PHE EA 412 -139.76 -48.16 2.31
C PHE EA 412 -139.79 -49.55 2.92
N GLY EA 413 -140.72 -49.80 3.83
CA GLY EA 413 -140.79 -51.07 4.51
C GLY EA 413 -141.11 -52.23 3.59
N LYS EA 414 -141.66 -51.93 2.42
CA LYS EA 414 -142.08 -52.98 1.51
C LYS EA 414 -141.02 -53.22 0.45
N SER EA 415 -139.99 -52.40 0.45
CA SER EA 415 -139.01 -52.39 -0.63
C SER EA 415 -138.17 -53.65 -0.71
N SER EA 416 -137.78 -54.01 -1.93
CA SER EA 416 -136.89 -55.14 -2.16
C SER EA 416 -136.13 -54.90 -3.48
N GLY EA 417 -135.17 -55.77 -3.78
CA GLY EA 417 -134.47 -55.70 -5.03
C GLY EA 417 -133.28 -54.76 -5.01
N SER EA 418 -132.85 -54.33 -6.20
CA SER EA 418 -131.55 -53.67 -6.37
C SER EA 418 -131.41 -52.81 -7.62
N VAL EA 419 -130.52 -51.84 -7.53
CA VAL EA 419 -129.92 -51.21 -8.71
C VAL EA 419 -128.59 -51.92 -8.92
N THR EA 420 -128.46 -52.68 -10.01
CA THR EA 420 -127.23 -53.43 -10.25
C THR EA 420 -126.46 -52.81 -11.39
N ILE EA 421 -125.15 -52.61 -11.20
CA ILE EA 421 -124.30 -52.12 -12.25
C ILE EA 421 -123.48 -53.27 -12.82
N THR EA 422 -123.83 -53.70 -14.02
CA THR EA 422 -123.05 -54.74 -14.67
C THR EA 422 -121.84 -54.13 -15.37
N LYS EA 423 -120.65 -54.64 -15.06
CA LYS EA 423 -119.43 -54.17 -15.72
C LYS EA 423 -118.74 -55.35 -16.40
N LEU EA 424 -118.64 -55.28 -17.72
CA LEU EA 424 -117.97 -56.31 -18.50
C LEU EA 424 -116.80 -55.75 -19.32
N VAL EA 425 -116.04 -56.66 -19.91
CA VAL EA 425 -115.13 -56.31 -20.97
C VAL EA 425 -115.53 -57.15 -22.17
N GLY EA 426 -115.99 -56.51 -23.22
CA GLY EA 426 -116.48 -57.21 -24.38
C GLY EA 426 -117.91 -56.80 -24.66
N ASP EA 427 -118.83 -57.75 -24.53
CA ASP EA 427 -120.25 -57.49 -24.68
C ASP EA 427 -121.04 -58.44 -23.81
N LYS EA 428 -122.36 -58.28 -23.82
CA LYS EA 428 -123.20 -59.10 -22.96
C LYS EA 428 -123.02 -60.58 -23.28
N ALA EA 429 -122.75 -60.89 -24.56
CA ALA EA 429 -122.68 -62.28 -25.04
C ALA EA 429 -121.39 -63.07 -24.72
N MET EA 430 -120.22 -62.45 -24.85
CA MET EA 430 -118.95 -63.15 -24.74
C MET EA 430 -117.95 -62.45 -23.82
N GLY EA 431 -118.45 -61.48 -23.05
CA GLY EA 431 -117.59 -60.64 -22.24
C GLY EA 431 -116.99 -61.26 -20.99
N LEU EA 432 -116.02 -60.55 -20.43
CA LEU EA 432 -115.38 -60.93 -19.19
C LEU EA 432 -115.97 -60.11 -18.07
N ASP EA 433 -115.95 -60.64 -16.85
CA ASP EA 433 -116.60 -60.00 -15.72
C ASP EA 433 -115.68 -59.06 -14.94
N GLY EA 434 -116.06 -57.78 -14.87
CA GLY EA 434 -115.29 -56.79 -14.15
C GLY EA 434 -115.86 -56.48 -12.79
N PRO EA 435 -115.74 -55.21 -12.35
CA PRO EA 435 -116.26 -54.75 -11.06
C PRO EA 435 -117.75 -54.45 -11.09
N SER EA 436 -118.54 -55.44 -11.50
CA SER EA 436 -119.98 -55.38 -11.40
C SER EA 436 -120.35 -55.18 -9.93
N HIS EA 437 -121.53 -54.67 -9.68
CA HIS EA 437 -121.80 -54.12 -8.37
C HIS EA 437 -123.31 -54.17 -8.08
N VAL EA 438 -123.68 -54.74 -6.94
CA VAL EA 438 -125.08 -54.86 -6.58
C VAL EA 438 -125.43 -53.88 -5.44
N PHE EA 439 -126.22 -52.86 -5.75
CA PHE EA 439 -126.70 -51.94 -4.73
C PHE EA 439 -128.09 -52.33 -4.31
N ALA EA 440 -128.24 -52.85 -3.10
CA ALA EA 440 -129.58 -53.13 -2.58
C ALA EA 440 -130.37 -51.83 -2.69
N ILE EA 441 -131.62 -51.94 -3.11
CA ILE EA 441 -132.42 -50.73 -3.37
C ILE EA 441 -132.45 -49.77 -2.17
N GLN EA 442 -132.30 -50.31 -0.96
CA GLN EA 442 -132.39 -49.52 0.27
C GLN EA 442 -131.17 -48.61 0.45
N LYS EA 443 -130.09 -48.86 -0.29
CA LYS EA 443 -128.92 -48.00 -0.19
C LYS EA 443 -129.28 -46.60 -0.68
N LEU EA 444 -130.16 -46.56 -1.68
CA LEU EA 444 -130.69 -45.30 -2.22
C LEU EA 444 -129.66 -44.46 -2.98
N GLU EA 445 -128.45 -45.01 -3.14
CA GLU EA 445 -127.38 -44.37 -3.92
C GLU EA 445 -126.22 -45.31 -4.14
N GLY EA 446 -125.41 -45.01 -5.14
CA GLY EA 446 -124.24 -45.82 -5.46
C GLY EA 446 -123.30 -45.09 -6.39
N THR EA 447 -122.07 -45.60 -6.50
CA THR EA 447 -121.07 -44.95 -7.35
C THR EA 447 -120.38 -45.95 -8.25
N THR EA 448 -119.92 -45.49 -9.40
CA THR EA 448 -119.13 -46.33 -10.29
C THR EA 448 -118.31 -45.47 -11.26
N GLU EA 449 -117.31 -46.05 -11.92
CA GLU EA 449 -116.60 -45.36 -12.98
C GLU EA 449 -117.09 -45.85 -14.34
N LEU EA 450 -117.00 -45.02 -15.36
CA LEU EA 450 -117.32 -45.45 -16.72
C LEU EA 450 -116.22 -45.04 -17.66
N LEU EA 451 -115.67 -46.02 -18.38
CA LEU EA 451 -114.69 -45.69 -19.41
C LEU EA 451 -115.43 -45.31 -20.69
N VAL EA 452 -115.21 -44.07 -21.12
CA VAL EA 452 -115.74 -43.59 -22.39
C VAL EA 452 -114.63 -43.65 -23.41
N GLY EA 453 -114.59 -44.73 -24.18
CA GLY EA 453 -113.50 -45.01 -25.09
C GLY EA 453 -113.51 -46.45 -25.53
N ASN EA 454 -112.40 -46.90 -26.10
CA ASN EA 454 -112.31 -48.27 -26.61
C ASN EA 454 -110.90 -48.60 -27.04
N PHE EA 455 -110.68 -49.82 -27.51
CA PHE EA 455 -109.32 -50.25 -27.86
C PHE EA 455 -108.63 -49.30 -28.85
N ALA EA 456 -109.40 -48.63 -29.70
CA ALA EA 456 -108.84 -47.73 -30.69
C ALA EA 456 -108.39 -46.40 -30.09
N GLY EA 457 -109.06 -45.98 -29.02
CA GLY EA 457 -108.61 -44.82 -28.27
C GLY EA 457 -109.59 -43.68 -28.10
N ALA EA 458 -110.69 -43.69 -28.84
CA ALA EA 458 -111.64 -42.59 -28.77
C ALA EA 458 -112.99 -42.99 -29.35
N ASN EA 459 -114.04 -42.30 -28.96
CA ASN EA 459 -115.39 -42.57 -29.49
C ASN EA 459 -115.83 -41.48 -30.45
N PRO EA 460 -116.49 -41.86 -31.55
CA PRO EA 460 -117.19 -40.91 -32.39
C PRO EA 460 -118.51 -40.54 -31.70
N ASN EA 461 -119.17 -39.49 -32.17
CA ASN EA 461 -120.42 -39.10 -31.54
C ASN EA 461 -121.60 -39.75 -32.26
N THR EA 462 -121.43 -41.02 -32.60
CA THR EA 462 -122.47 -41.80 -33.24
C THR EA 462 -122.45 -43.18 -32.61
N ARG EA 463 -123.30 -44.09 -33.10
CA ARG EA 463 -123.20 -45.48 -32.70
C ARG EA 463 -122.03 -46.11 -33.50
N PHE EA 464 -121.30 -47.01 -32.83
CA PHE EA 464 -120.13 -47.65 -33.40
C PHE EA 464 -119.98 -48.96 -32.64
N SER EA 465 -119.19 -49.88 -33.19
CA SER EA 465 -118.94 -51.14 -32.53
C SER EA 465 -117.46 -51.43 -32.43
N LEU EA 466 -116.84 -51.05 -31.31
CA LEU EA 466 -115.42 -51.30 -31.11
C LEU EA 466 -115.17 -51.91 -29.73
N TYR EA 467 -114.50 -53.07 -29.70
CA TYR EA 467 -114.20 -53.75 -28.45
C TYR EA 467 -113.79 -52.80 -27.32
N SER EA 468 -114.51 -52.88 -26.21
CA SER EA 468 -114.18 -52.03 -25.07
C SER EA 468 -114.79 -52.59 -23.79
N ARG EA 469 -114.64 -51.87 -22.69
CA ARG EA 469 -115.37 -52.19 -21.48
C ARG EA 469 -116.84 -51.91 -21.74
N TRP EA 470 -117.71 -52.54 -20.97
CA TRP EA 470 -119.15 -52.49 -21.23
C TRP EA 470 -119.95 -52.34 -19.93
N MET EA 471 -120.84 -51.36 -19.88
CA MET EA 471 -121.63 -51.12 -18.69
C MET EA 471 -123.14 -51.15 -18.93
N ALA EA 472 -123.88 -51.62 -17.92
CA ALA EA 472 -125.33 -51.62 -17.98
C ALA EA 472 -125.92 -51.42 -16.59
N ILE EA 473 -127.06 -50.73 -16.51
CA ILE EA 473 -127.77 -50.61 -15.25
C ILE EA 473 -128.98 -51.53 -15.30
N LYS EA 474 -129.13 -52.40 -14.29
CA LYS EA 474 -130.19 -53.41 -14.25
C LYS EA 474 -131.11 -53.18 -13.06
N LEU EA 475 -132.35 -52.81 -13.35
CA LEU EA 475 -133.38 -52.71 -12.33
C LEU EA 475 -134.24 -53.99 -12.28
N ASP EA 476 -134.55 -54.49 -11.09
CA ASP EA 476 -135.43 -55.67 -10.98
C ASP EA 476 -136.76 -55.34 -10.33
N GLN EA 477 -136.83 -54.15 -9.73
CA GLN EA 477 -138.03 -53.67 -9.08
C GLN EA 477 -138.25 -52.22 -9.45
N ALA EA 478 -138.16 -51.96 -10.75
CA ALA EA 478 -138.13 -50.60 -11.25
C ALA EA 478 -139.38 -49.77 -10.90
N LYS EA 479 -140.53 -50.43 -10.82
CA LYS EA 479 -141.77 -49.75 -10.47
C LYS EA 479 -141.74 -49.19 -9.04
N SER EA 480 -140.78 -49.66 -8.22
CA SER EA 480 -140.63 -49.16 -6.86
C SER EA 480 -139.72 -47.93 -6.80
N ILE EA 481 -139.26 -47.48 -7.97
CA ILE EA 481 -138.37 -46.33 -8.04
C ILE EA 481 -139.08 -45.13 -8.64
N LYS EA 482 -139.11 -44.01 -7.91
CA LYS EA 482 -139.76 -42.82 -8.44
C LYS EA 482 -138.86 -42.12 -9.43
N VAL EA 483 -137.56 -42.10 -9.14
CA VAL EA 483 -136.56 -41.55 -10.05
C VAL EA 483 -135.18 -42.15 -9.82
N LEU EA 484 -134.49 -42.44 -10.93
CA LEU EA 484 -133.10 -42.85 -10.89
C LEU EA 484 -132.31 -41.76 -11.57
N ARG EA 485 -131.48 -41.05 -10.81
CA ARG EA 485 -130.67 -39.99 -11.39
C ARG EA 485 -129.23 -40.41 -11.54
N VAL EA 486 -128.64 -40.12 -12.68
CA VAL EA 486 -127.23 -40.41 -12.90
C VAL EA 486 -126.43 -39.12 -13.11
N LEU EA 487 -125.52 -38.83 -12.19
CA LEU EA 487 -124.62 -37.69 -12.35
C LEU EA 487 -123.24 -38.19 -12.73
N CYS EA 488 -122.51 -37.36 -13.47
CA CYS EA 488 -121.14 -37.68 -13.83
C CYS EA 488 -120.18 -36.51 -13.59
N LYS EA 489 -118.90 -36.85 -13.49
CA LYS EA 489 -117.83 -35.88 -13.23
C LYS EA 489 -116.58 -36.38 -13.93
N PRO EA 490 -116.23 -35.73 -15.04
CA PRO EA 490 -115.11 -36.19 -15.85
C PRO EA 490 -113.81 -36.12 -15.08
N ARG EA 491 -113.06 -37.20 -15.12
CA ARG EA 491 -111.73 -37.22 -14.54
C ARG EA 491 -110.83 -36.38 -15.40
N PRO EA 492 -109.82 -35.77 -14.79
CA PRO EA 492 -108.90 -34.85 -15.45
C PRO EA 492 -108.32 -35.49 -16.70
N GLY EA 493 -108.24 -34.73 -17.78
CA GLY EA 493 -107.67 -35.24 -19.01
C GLY EA 493 -108.70 -35.80 -19.96
N PHE EA 494 -109.99 -35.52 -19.71
CA PHE EA 494 -111.02 -35.93 -20.66
C PHE EA 494 -110.81 -35.16 -21.97
N SER EA 495 -110.62 -35.87 -23.07
CA SER EA 495 -110.10 -35.25 -24.29
C SER EA 495 -111.08 -35.22 -25.46
N PHE EA 496 -111.01 -34.14 -26.23
CA PHE EA 496 -111.85 -33.95 -27.40
C PHE EA 496 -110.99 -33.74 -28.63
N TYR EA 497 -111.38 -34.33 -29.74
CA TYR EA 497 -110.63 -34.26 -30.99
C TYR EA 497 -111.46 -33.71 -32.14
N GLY EA 498 -110.90 -32.74 -32.87
CA GLY EA 498 -111.52 -32.19 -34.06
C GLY EA 498 -112.81 -31.40 -33.84
N ARG EA 499 -112.67 -30.09 -33.66
CA ARG EA 499 -113.82 -29.24 -33.42
C ARG EA 499 -114.76 -29.26 -34.62
N THR EA 500 -116.06 -29.32 -34.35
CA THR EA 500 -117.09 -29.34 -35.38
C THR EA 500 -118.42 -28.82 -34.79
N SER EA 501 -119.54 -29.12 -35.44
CA SER EA 501 -120.82 -28.63 -34.95
C SER EA 501 -121.87 -29.72 -34.99
N PHE EA 502 -123.05 -29.39 -34.50
CA PHE EA 502 -124.08 -30.39 -34.29
C PHE EA 502 -125.46 -29.78 -34.36
N PRO EA 503 -126.05 -29.79 -35.55
CA PRO EA 503 -127.43 -29.32 -35.77
C PRO EA 503 -128.48 -30.32 -35.28
N VAL EA 504 -129.45 -29.83 -34.51
CA VAL EA 504 -130.63 -30.61 -34.11
C VAL EA 504 -131.92 -29.80 -34.29
N GLY FA 1 -74.69 -85.55 -14.60
CA GLY FA 1 -74.60 -86.85 -15.21
C GLY FA 1 -75.94 -87.39 -15.69
N LEU FA 2 -75.91 -88.49 -16.46
CA LEU FA 2 -77.15 -89.11 -16.92
C LEU FA 2 -78.00 -89.56 -15.72
N ALA FA 3 -79.22 -89.05 -15.67
CA ALA FA 3 -80.06 -89.24 -14.49
C ALA FA 3 -81.20 -90.22 -14.73
N GLY FA 4 -81.67 -90.25 -15.97
CA GLY FA 4 -82.73 -91.14 -16.37
C GLY FA 4 -82.82 -91.22 -17.89
N ARG FA 5 -83.57 -92.20 -18.37
CA ARG FA 5 -83.75 -92.38 -19.80
C ARG FA 5 -85.07 -93.05 -20.14
N GLY FA 6 -85.40 -93.03 -21.43
CA GLY FA 6 -86.64 -93.59 -21.91
C GLY FA 6 -86.60 -93.72 -23.43
N VAL FA 7 -87.59 -94.38 -23.98
CA VAL FA 7 -87.60 -94.61 -25.41
C VAL FA 7 -88.94 -94.22 -26.01
N ILE FA 8 -88.90 -93.52 -27.14
CA ILE FA 8 -90.10 -93.20 -27.92
C ILE FA 8 -90.09 -94.04 -29.19
N TYR FA 9 -91.18 -94.74 -29.46
CA TYR FA 9 -91.16 -95.55 -30.66
C TYR FA 9 -91.95 -94.83 -31.79
N ILE FA 10 -91.27 -94.65 -32.90
CA ILE FA 10 -91.81 -94.01 -34.09
C ILE FA 10 -92.25 -95.06 -35.12
N PRO FA 11 -93.45 -94.93 -35.67
CA PRO FA 11 -93.97 -95.74 -36.78
C PRO FA 11 -93.37 -95.35 -38.13
N LYS FA 12 -93.36 -96.27 -39.07
CA LYS FA 12 -92.84 -95.98 -40.41
C LYS FA 12 -93.69 -95.00 -41.20
N ASP FA 13 -94.98 -94.90 -40.87
CA ASP FA 13 -95.79 -93.79 -41.40
C ASP FA 13 -96.20 -92.87 -40.25
N CYS FA 14 -95.29 -91.96 -39.89
CA CYS FA 14 -95.57 -90.98 -38.87
C CYS FA 14 -96.30 -89.79 -39.48
N GLN FA 15 -97.61 -89.80 -39.28
CA GLN FA 15 -98.53 -88.84 -39.88
C GLN FA 15 -98.73 -87.67 -38.92
N ALA FA 16 -99.14 -86.52 -39.46
CA ALA FA 16 -99.42 -85.35 -38.62
C ALA FA 16 -100.45 -85.66 -37.54
N ASN FA 17 -100.10 -85.38 -36.28
CA ASN FA 17 -101.01 -85.52 -35.13
C ASN FA 17 -100.98 -86.86 -34.45
N ARG FA 18 -99.99 -87.64 -34.83
CA ARG FA 18 -99.73 -88.94 -34.25
C ARG FA 18 -99.26 -88.78 -32.82
N TYR FA 19 -99.89 -89.51 -31.90
CA TYR FA 19 -99.35 -89.61 -30.55
C TYR FA 19 -98.26 -90.69 -30.43
N LEU FA 20 -97.08 -90.29 -29.97
CA LEU FA 20 -95.93 -91.20 -29.97
C LEU FA 20 -95.66 -91.83 -28.62
N GLY FA 21 -96.05 -91.14 -27.56
CA GLY FA 21 -95.94 -91.69 -26.21
C GLY FA 21 -95.68 -90.63 -25.16
N THR FA 22 -95.75 -91.06 -23.90
CA THR FA 22 -95.45 -90.18 -22.78
C THR FA 22 -94.38 -90.80 -21.90
N LEU FA 23 -93.38 -90.02 -21.52
CA LEU FA 23 -92.42 -90.47 -20.54
C LEU FA 23 -92.75 -89.81 -19.23
N ASN FA 24 -92.63 -90.56 -18.14
CA ASN FA 24 -92.83 -90.01 -16.83
C ASN FA 24 -91.45 -89.62 -16.23
N ILE FA 25 -91.21 -88.33 -16.02
CA ILE FA 25 -89.88 -87.86 -15.65
C ILE FA 25 -89.36 -88.53 -14.39
N ARG FA 26 -90.24 -88.76 -13.42
CA ARG FA 26 -89.73 -89.31 -12.19
C ARG FA 26 -89.45 -90.80 -12.35
N ASP FA 27 -90.27 -91.49 -13.15
CA ASP FA 27 -90.02 -92.90 -13.49
C ASP FA 27 -88.74 -93.09 -14.33
N MET FA 28 -88.45 -92.17 -15.24
CA MET FA 28 -87.18 -92.24 -15.98
C MET FA 28 -85.99 -92.28 -15.02
N ILE FA 29 -86.04 -91.46 -13.97
CA ILE FA 29 -84.94 -91.38 -13.03
C ILE FA 29 -84.92 -92.60 -12.10
N SER FA 30 -86.09 -93.05 -11.68
CA SER FA 30 -86.15 -94.16 -10.72
C SER FA 30 -85.96 -95.54 -11.35
N ASP FA 31 -86.33 -95.70 -12.61
CA ASP FA 31 -86.15 -96.99 -13.26
C ASP FA 31 -84.69 -97.17 -13.62
N PHE FA 32 -84.00 -96.05 -13.83
CA PHE FA 32 -82.59 -96.05 -14.20
C PHE FA 32 -81.76 -96.38 -12.96
N LYS FA 33 -81.87 -95.55 -11.92
CA LYS FA 33 -81.55 -95.94 -10.56
C LYS FA 33 -80.11 -96.38 -10.32
N GLY FA 34 -79.10 -95.69 -10.85
CA GLY FA 34 -79.08 -94.26 -11.10
C GLY FA 34 -78.16 -93.71 -10.00
N VAL FA 35 -76.99 -93.16 -10.34
CA VAL FA 35 -76.22 -92.45 -9.31
C VAL FA 35 -77.01 -91.23 -8.84
N GLN FA 36 -77.69 -90.58 -9.77
CA GLN FA 36 -78.48 -89.40 -9.45
C GLN FA 36 -79.71 -89.76 -8.64
N TYR FA 37 -80.36 -90.87 -8.99
CA TYR FA 37 -81.49 -91.35 -8.21
C TYR FA 37 -81.13 -91.61 -6.75
N GLU FA 38 -79.97 -92.22 -6.54
CA GLU FA 38 -79.53 -92.47 -5.18
C GLU FA 38 -79.17 -91.20 -4.42
N LYS FA 39 -78.60 -90.20 -5.10
CA LYS FA 39 -78.34 -88.90 -4.47
C LYS FA 39 -79.67 -88.25 -4.05
N TRP FA 40 -80.70 -88.51 -4.84
CA TRP FA 40 -82.03 -87.95 -4.64
C TRP FA 40 -82.66 -88.47 -3.35
N ILE FA 41 -82.60 -89.78 -3.14
CA ILE FA 41 -83.10 -90.40 -1.90
C ILE FA 41 -82.55 -89.72 -0.64
N THR FA 42 -81.29 -89.32 -0.67
CA THR FA 42 -80.66 -88.68 0.47
C THR FA 42 -81.04 -87.21 0.62
N ALA FA 43 -81.15 -86.52 -0.51
CA ALA FA 43 -81.59 -85.14 -0.53
C ALA FA 43 -83.03 -85.02 -0.02
N GLY FA 44 -83.88 -85.97 -0.41
CA GLY FA 44 -85.31 -85.87 -0.16
C GLY FA 44 -85.99 -85.03 -1.23
N LEU FA 45 -85.67 -83.73 -1.23
CA LEU FA 45 -86.24 -82.80 -2.21
C LEU FA 45 -85.19 -82.35 -3.22
N VAL FA 46 -85.57 -82.31 -4.50
CA VAL FA 46 -84.67 -81.76 -5.52
C VAL FA 46 -85.39 -80.74 -6.41
N MET FA 47 -84.67 -79.69 -6.84
CA MET FA 47 -85.21 -78.69 -7.76
C MET FA 47 -84.36 -78.61 -9.02
N PRO FA 48 -84.27 -79.71 -9.76
CA PRO FA 48 -83.22 -79.88 -10.76
C PRO FA 48 -83.22 -78.83 -11.86
N THR FA 49 -82.05 -78.65 -12.47
CA THR FA 49 -81.99 -78.09 -13.80
C THR FA 49 -81.64 -79.24 -14.73
N PHE FA 50 -82.60 -79.68 -15.53
CA PHE FA 50 -82.40 -80.80 -16.46
C PHE FA 50 -81.87 -80.34 -17.79
N LYS FA 51 -80.99 -81.14 -18.39
CA LYS FA 51 -80.73 -81.04 -19.82
C LYS FA 51 -81.43 -82.23 -20.42
N ILE FA 52 -82.39 -81.98 -21.30
CA ILE FA 52 -83.05 -83.08 -21.97
C ILE FA 52 -82.40 -83.26 -23.33
N VAL FA 53 -82.07 -84.50 -23.66
CA VAL FA 53 -81.45 -84.80 -24.95
C VAL FA 53 -82.23 -85.88 -25.64
N ILE FA 54 -82.68 -85.59 -26.87
CA ILE FA 54 -83.38 -86.58 -27.67
C ILE FA 54 -82.48 -87.06 -28.80
N ARG FA 55 -82.10 -88.33 -28.74
CA ARG FA 55 -81.22 -88.91 -29.74
C ARG FA 55 -82.00 -89.56 -30.85
N LEU FA 56 -81.57 -89.25 -32.07
CA LEU FA 56 -82.47 -89.07 -33.17
C LEU FA 56 -81.57 -88.96 -34.40
N PRO FA 57 -81.73 -89.86 -35.36
CA PRO FA 57 -80.84 -89.81 -36.53
C PRO FA 57 -81.23 -88.69 -37.46
N ALA FA 58 -80.32 -87.75 -37.70
CA ALA FA 58 -80.62 -86.60 -38.55
C ALA FA 58 -80.99 -87.03 -39.96
N ASN FA 59 -82.03 -86.43 -40.53
CA ASN FA 59 -82.43 -86.76 -41.89
C ASN FA 59 -83.18 -85.63 -42.58
N ALA FA 60 -82.69 -85.22 -43.74
CA ALA FA 60 -83.30 -84.10 -44.44
C ALA FA 60 -84.36 -84.51 -45.46
N PHE FA 61 -84.69 -85.79 -45.52
CA PHE FA 61 -85.54 -86.29 -46.59
C PHE FA 61 -86.92 -86.78 -46.14
N THR FA 62 -87.36 -86.35 -44.97
CA THR FA 62 -88.63 -86.82 -44.43
C THR FA 62 -89.64 -85.70 -44.24
N GLY FA 63 -89.21 -84.54 -43.75
CA GLY FA 63 -90.14 -83.46 -43.46
C GLY FA 63 -90.71 -83.55 -42.04
N LEU FA 64 -90.27 -84.56 -41.30
CA LEU FA 64 -90.81 -84.81 -39.98
C LEU FA 64 -90.47 -83.72 -39.00
N THR FA 65 -91.48 -83.25 -38.27
CA THR FA 65 -91.26 -82.38 -37.11
C THR FA 65 -92.08 -82.88 -35.93
N TRP FA 66 -91.43 -83.03 -34.77
CA TRP FA 66 -92.12 -83.49 -33.57
C TRP FA 66 -92.22 -82.39 -32.53
N VAL FA 67 -93.08 -82.59 -31.54
CA VAL FA 67 -93.14 -81.65 -30.43
C VAL FA 67 -92.97 -82.38 -29.11
N MET FA 68 -92.01 -81.94 -28.31
CA MET FA 68 -91.91 -82.38 -26.92
C MET FA 68 -92.66 -81.37 -26.06
N SER FA 69 -93.63 -81.85 -25.30
CA SER FA 69 -94.44 -80.98 -24.46
C SER FA 69 -94.19 -81.28 -22.99
N PHE FA 70 -93.77 -80.28 -22.23
CA PHE FA 70 -93.52 -80.45 -20.81
C PHE FA 70 -94.79 -80.21 -20.02
N ASP FA 71 -95.41 -81.28 -19.57
CA ASP FA 71 -96.68 -81.19 -18.87
C ASP FA 71 -96.50 -81.56 -17.41
N ALA FA 72 -95.98 -80.63 -16.61
CA ALA FA 72 -95.61 -80.97 -15.25
C ALA FA 72 -96.82 -81.30 -14.37
N TYR FA 73 -98.00 -80.83 -14.78
CA TYR FA 73 -99.19 -80.96 -13.96
C TYR FA 73 -100.26 -81.80 -14.61
N ASN FA 74 -99.84 -82.57 -15.62
CA ASN FA 74 -100.68 -83.62 -16.20
C ASN FA 74 -102.01 -83.09 -16.72
N ARG FA 75 -101.95 -82.10 -17.60
CA ARG FA 75 -103.15 -81.36 -18.01
C ARG FA 75 -103.65 -81.67 -19.43
N ILE FA 76 -102.73 -82.00 -20.33
CA ILE FA 76 -103.12 -82.42 -21.68
C ILE FA 76 -103.13 -83.96 -21.96
N THR FA 77 -102.69 -84.77 -21.00
CA THR FA 77 -102.50 -86.20 -21.28
C THR FA 77 -103.77 -86.90 -21.71
N SER FA 78 -104.84 -86.75 -20.94
CA SER FA 78 -106.11 -87.43 -21.26
C SER FA 78 -106.63 -87.12 -22.68
N ARG FA 79 -106.19 -86.01 -23.27
CA ARG FA 79 -106.77 -85.55 -24.53
C ARG FA 79 -105.90 -85.78 -25.75
N ILE FA 80 -104.68 -86.28 -25.55
CA ILE FA 80 -103.84 -86.51 -26.73
C ILE FA 80 -103.55 -87.97 -27.06
N THR FA 81 -103.84 -88.88 -26.13
CA THR FA 81 -103.45 -90.29 -26.26
C THR FA 81 -104.00 -91.05 -27.48
N ALA FA 82 -105.08 -90.56 -28.05
CA ALA FA 82 -105.60 -91.10 -29.31
C ALA FA 82 -105.11 -90.25 -30.49
N SER FA 83 -105.40 -88.95 -30.45
CA SER FA 83 -104.86 -88.03 -31.43
C SER FA 83 -104.45 -86.70 -30.81
N ALA FA 84 -103.19 -86.36 -31.03
CA ALA FA 84 -102.65 -85.15 -30.48
C ALA FA 84 -102.92 -83.99 -31.44
N ASP FA 85 -103.93 -83.19 -31.11
CA ASP FA 85 -104.18 -81.93 -31.83
C ASP FA 85 -103.16 -80.90 -31.39
N PRO FA 86 -102.60 -80.16 -32.35
CA PRO FA 86 -101.54 -79.21 -31.98
C PRO FA 86 -102.00 -78.17 -30.96
N VAL FA 87 -103.29 -77.87 -30.91
CA VAL FA 87 -103.76 -76.88 -29.95
C VAL FA 87 -103.47 -77.33 -28.51
N TYR FA 88 -103.61 -78.63 -28.25
CA TYR FA 88 -103.24 -79.17 -26.94
C TYR FA 88 -101.72 -79.19 -26.75
N THR FA 89 -100.99 -79.75 -27.73
CA THR FA 89 -99.56 -79.99 -27.54
C THR FA 89 -98.74 -78.70 -27.45
N LEU FA 90 -99.26 -77.61 -28.01
CA LEU FA 90 -98.57 -76.31 -27.96
C LEU FA 90 -99.08 -75.38 -26.82
N SER FA 91 -100.03 -75.85 -26.02
CA SER FA 91 -100.65 -75.04 -24.98
C SER FA 91 -99.88 -75.11 -23.65
N VAL FA 92 -98.85 -75.95 -23.61
CA VAL FA 92 -97.94 -76.00 -22.47
C VAL FA 92 -96.53 -75.74 -22.97
N PRO FA 93 -95.57 -75.52 -22.05
CA PRO FA 93 -94.19 -75.34 -22.54
C PRO FA 93 -93.77 -76.49 -23.46
N HIS FA 94 -93.11 -76.14 -24.57
CA HIS FA 94 -92.85 -77.14 -25.62
C HIS FA 94 -91.72 -76.73 -26.52
N TRP FA 95 -91.22 -77.68 -27.30
CA TRP FA 95 -90.08 -77.45 -28.16
C TRP FA 95 -90.31 -78.15 -29.49
N LEU FA 96 -89.96 -77.48 -30.59
CA LEU FA 96 -90.03 -78.11 -31.89
C LEU FA 96 -88.79 -78.93 -32.16
N ILE FA 97 -89.00 -80.17 -32.59
CA ILE FA 97 -87.88 -81.04 -32.93
C ILE FA 97 -87.88 -81.32 -34.41
N HIS FA 98 -86.95 -80.68 -35.13
CA HIS FA 98 -86.86 -80.86 -36.57
C HIS FA 98 -85.95 -82.03 -36.94
N HIS FA 99 -86.43 -82.88 -37.84
CA HIS FA 99 -85.73 -84.11 -38.19
C HIS FA 99 -84.44 -83.76 -38.90
N LYS FA 100 -84.46 -82.67 -39.66
CA LYS FA 100 -83.26 -82.27 -40.42
C LYS FA 100 -82.09 -81.92 -39.50
N LEU FA 101 -82.37 -81.55 -38.25
CA LEU FA 101 -81.33 -81.10 -37.32
C LEU FA 101 -80.79 -82.21 -36.43
N GLY FA 102 -81.39 -83.39 -36.55
CA GLY FA 102 -80.95 -84.54 -35.77
C GLY FA 102 -81.12 -84.40 -34.28
N THR FA 103 -80.14 -84.88 -33.53
CA THR FA 103 -80.21 -84.90 -32.08
C THR FA 103 -80.51 -83.54 -31.51
N PHE FA 104 -81.46 -83.50 -30.58
CA PHE FA 104 -82.02 -82.28 -30.05
C PHE FA 104 -81.69 -82.13 -28.58
N SER FA 105 -81.52 -80.89 -28.14
CA SER FA 105 -81.26 -80.65 -26.73
C SER FA 105 -81.91 -79.35 -26.22
N CYS FA 106 -82.32 -79.32 -24.94
CA CYS FA 106 -82.84 -78.09 -24.34
C CYS FA 106 -82.73 -78.15 -22.83
N GLU FA 107 -82.87 -76.99 -22.18
CA GLU FA 107 -82.80 -76.92 -20.72
C GLU FA 107 -84.15 -76.66 -20.12
N ILE FA 108 -84.43 -77.39 -19.04
CA ILE FA 108 -85.64 -77.19 -18.28
C ILE FA 108 -85.24 -76.79 -16.88
N ASP FA 109 -85.47 -75.53 -16.52
CA ASP FA 109 -85.29 -75.12 -15.15
C ASP FA 109 -86.57 -75.48 -14.41
N TYR FA 110 -86.53 -76.58 -13.68
CA TYR FA 110 -87.72 -77.12 -13.06
C TYR FA 110 -88.31 -76.12 -12.07
N GLY FA 111 -87.45 -75.25 -11.54
CA GLY FA 111 -87.89 -74.17 -10.67
C GLY FA 111 -88.85 -73.20 -11.35
N GLU FA 112 -88.60 -72.91 -12.62
CA GLU FA 112 -89.48 -72.02 -13.39
C GLU FA 112 -90.63 -72.76 -14.04
N LEU FA 113 -90.31 -73.69 -14.93
CA LEU FA 113 -91.34 -74.40 -15.69
C LEU FA 113 -92.29 -75.25 -14.84
N CYS FA 114 -91.85 -75.64 -13.66
CA CYS FA 114 -92.71 -76.41 -12.80
C CYS FA 114 -93.11 -75.67 -11.53
N GLY FA 115 -92.13 -75.31 -10.70
CA GLY FA 115 -92.43 -74.51 -9.52
C GLY FA 115 -92.40 -75.17 -8.15
N HIS FA 116 -92.61 -76.47 -8.08
CA HIS FA 116 -92.47 -77.16 -6.81
C HIS FA 116 -91.40 -78.26 -6.89
N ALA FA 117 -90.73 -78.49 -5.77
CA ALA FA 117 -89.64 -79.46 -5.71
C ALA FA 117 -90.13 -80.91 -5.65
N MET FA 118 -89.34 -81.80 -6.26
CA MET FA 118 -89.69 -83.21 -6.37
C MET FA 118 -89.30 -84.05 -5.15
N TRP FA 119 -90.28 -84.79 -4.62
CA TRP FA 119 -90.09 -85.63 -3.46
C TRP FA 119 -89.74 -87.06 -3.87
N PHE FA 120 -88.65 -87.58 -3.34
CA PHE FA 120 -88.09 -88.83 -3.83
C PHE FA 120 -89.06 -90.01 -3.77
N LYS FA 121 -89.93 -90.03 -2.77
CA LYS FA 121 -90.72 -91.24 -2.51
C LYS FA 121 -92.06 -91.32 -3.22
N SER FA 122 -92.62 -90.16 -3.58
CA SER FA 122 -93.92 -90.15 -4.22
C SER FA 122 -94.24 -88.84 -4.86
N THR FA 123 -95.16 -88.87 -5.82
CA THR FA 123 -95.61 -87.66 -6.46
C THR FA 123 -96.31 -86.79 -5.40
N THR FA 124 -96.01 -85.50 -5.40
CA THR FA 124 -96.66 -84.56 -4.49
C THR FA 124 -98.01 -84.10 -5.03
N PHE FA 125 -97.98 -83.36 -6.13
CA PHE FA 125 -99.24 -82.94 -6.73
C PHE FA 125 -99.67 -83.84 -7.85
N GLU FA 126 -99.22 -83.56 -9.06
CA GLU FA 126 -99.40 -84.54 -10.09
C GLU FA 126 -98.03 -84.94 -10.60
N SER FA 127 -97.99 -86.02 -11.38
CA SER FA 127 -96.75 -86.60 -11.87
C SER FA 127 -96.31 -85.98 -13.21
N PRO FA 128 -95.13 -85.34 -13.24
CA PRO FA 128 -94.62 -84.59 -14.41
C PRO FA 128 -94.34 -85.46 -15.63
N ARG FA 129 -94.89 -85.09 -16.78
CA ARG FA 129 -94.75 -85.88 -17.99
C ARG FA 129 -94.10 -85.13 -19.14
N LEU FA 130 -93.41 -85.88 -20.00
CA LEU FA 130 -92.99 -85.37 -21.30
C LEU FA 130 -93.83 -86.07 -22.37
N HIS FA 131 -94.52 -85.32 -23.22
CA HIS FA 131 -95.30 -85.93 -24.30
C HIS FA 131 -94.59 -85.75 -25.64
N PHE FA 132 -94.62 -86.80 -26.47
CA PHE FA 132 -94.02 -86.70 -27.78
C PHE FA 132 -95.06 -86.94 -28.87
N THR FA 133 -95.26 -85.93 -29.71
CA THR FA 133 -96.28 -85.95 -30.72
C THR FA 133 -95.67 -85.53 -32.05
N CYS FA 134 -96.33 -85.89 -33.13
CA CYS FA 134 -95.84 -85.50 -34.44
C CYS FA 134 -96.61 -84.28 -34.95
N LEU FA 135 -95.89 -83.18 -35.23
CA LEU FA 135 -96.54 -81.92 -35.63
C LEU FA 135 -96.78 -81.86 -37.13
N THR FA 136 -95.75 -82.18 -37.91
CA THR FA 136 -95.86 -82.31 -39.36
C THR FA 136 -95.35 -83.71 -39.74
N GLY FA 137 -96.11 -84.40 -40.60
CA GLY FA 137 -95.84 -85.79 -40.92
C GLY FA 137 -94.77 -85.96 -41.98
N ASN FA 138 -94.33 -87.20 -42.18
CA ASN FA 138 -93.35 -87.50 -43.21
C ASN FA 138 -94.02 -87.42 -44.57
N ASN FA 139 -93.25 -87.11 -45.60
CA ASN FA 139 -93.80 -86.85 -46.93
C ASN FA 139 -94.30 -88.14 -47.57
N LYS FA 140 -93.65 -89.24 -47.20
CA LYS FA 140 -94.00 -90.62 -47.57
C LYS FA 140 -93.50 -91.46 -46.42
N GLU FA 141 -94.04 -92.66 -46.25
CA GLU FA 141 -93.60 -93.46 -45.12
C GLU FA 141 -92.12 -93.81 -45.27
N LEU FA 142 -91.49 -94.09 -44.15
CA LEU FA 142 -90.09 -94.52 -44.16
C LEU FA 142 -89.98 -96.03 -44.41
N ALA FA 143 -88.76 -96.54 -44.39
CA ALA FA 143 -88.56 -97.93 -44.72
C ALA FA 143 -89.06 -98.87 -43.63
N ALA FA 144 -88.94 -98.46 -42.37
CA ALA FA 144 -89.32 -99.34 -41.27
C ALA FA 144 -89.58 -98.56 -40.00
N ASP FA 145 -90.23 -99.21 -39.02
CA ASP FA 145 -90.39 -98.64 -37.68
C ASP FA 145 -89.02 -98.37 -37.07
N TRP FA 146 -88.93 -97.32 -36.25
CA TRP FA 146 -87.68 -97.02 -35.56
C TRP FA 146 -87.94 -96.44 -34.18
N GLN FA 147 -86.87 -96.08 -33.47
CA GLN FA 147 -87.04 -95.45 -32.16
C GLN FA 147 -86.09 -94.27 -31.96
N ALA FA 148 -86.46 -93.39 -31.02
CA ALA FA 148 -85.58 -92.32 -30.55
C ALA FA 148 -85.35 -92.51 -29.07
N VAL FA 149 -84.21 -92.04 -28.58
CA VAL FA 149 -83.90 -92.18 -27.16
C VAL FA 149 -83.98 -90.84 -26.45
N VAL FA 150 -84.67 -90.79 -25.31
CA VAL FA 150 -84.77 -89.55 -24.53
C VAL FA 150 -83.89 -89.66 -23.28
N GLU FA 151 -83.05 -88.66 -23.04
CA GLU FA 151 -82.16 -88.70 -21.88
C GLU FA 151 -82.27 -87.46 -21.00
N LEU FA 152 -82.30 -87.67 -19.67
CA LEU FA 152 -82.26 -86.58 -18.70
C LEU FA 152 -80.88 -86.47 -18.07
N TYR FA 153 -80.25 -85.31 -18.22
CA TYR FA 153 -78.98 -85.05 -17.56
C TYR FA 153 -79.22 -84.00 -16.47
N ALA FA 154 -78.62 -84.24 -15.30
CA ALA FA 154 -78.81 -83.35 -14.17
C ALA FA 154 -77.79 -83.65 -13.09
N GLU FA 155 -77.43 -82.65 -12.30
CA GLU FA 155 -76.65 -82.87 -11.10
C GLU FA 155 -77.52 -82.52 -9.92
N LEU FA 156 -78.27 -83.52 -9.43
CA LEU FA 156 -79.26 -83.31 -8.36
C LEU FA 156 -78.63 -82.93 -7.03
N GLU FA 157 -79.09 -81.82 -6.48
CA GLU FA 157 -78.71 -81.45 -5.13
C GLU FA 157 -79.93 -81.13 -4.29
N GLU FA 158 -79.77 -81.21 -2.97
CA GLU FA 158 -80.90 -81.00 -2.07
C GLU FA 158 -81.52 -79.63 -2.23
N ALA FA 159 -82.85 -79.61 -2.35
CA ALA FA 159 -83.60 -78.37 -2.46
C ALA FA 159 -83.77 -77.68 -1.11
N THR FA 160 -83.55 -76.38 -1.08
CA THR FA 160 -83.63 -75.60 0.14
C THR FA 160 -85.10 -75.20 0.48
N SER FA 161 -85.92 -74.97 -0.54
CA SER FA 161 -87.30 -74.54 -0.37
C SER FA 161 -88.25 -75.43 -1.14
N PHE FA 162 -89.52 -75.47 -0.73
CA PHE FA 162 -90.51 -76.25 -1.48
C PHE FA 162 -90.87 -75.56 -2.79
N LEU FA 163 -90.97 -74.25 -2.76
CA LEU FA 163 -91.46 -73.49 -3.89
C LEU FA 163 -90.32 -72.87 -4.69
N GLY FA 164 -90.49 -72.81 -6.01
CA GLY FA 164 -89.57 -72.11 -6.88
C GLY FA 164 -89.77 -70.61 -6.81
N LYS FA 165 -89.36 -69.92 -7.87
CA LYS FA 165 -89.64 -68.49 -8.00
C LYS FA 165 -90.86 -68.42 -8.90
N PRO FA 166 -91.80 -67.52 -8.61
CA PRO FA 166 -93.05 -67.45 -9.36
C PRO FA 166 -92.82 -67.00 -10.80
N THR FA 167 -93.33 -67.78 -11.75
CA THR FA 167 -93.34 -67.45 -13.18
C THR FA 167 -94.07 -66.11 -13.43
N LEU FA 168 -95.10 -65.82 -12.65
CA LEU FA 168 -95.95 -64.67 -12.93
C LEU FA 168 -96.52 -64.09 -11.64
N VAL FA 169 -96.56 -62.77 -11.55
CA VAL FA 169 -97.24 -62.11 -10.44
C VAL FA 169 -98.38 -61.25 -10.95
N PHE FA 170 -99.56 -61.42 -10.38
CA PHE FA 170 -100.75 -60.75 -10.90
C PHE FA 170 -100.67 -59.24 -10.88
N ASP FA 171 -100.92 -58.66 -12.06
CA ASP FA 171 -100.95 -57.23 -12.27
C ASP FA 171 -101.72 -56.94 -13.57
N PRO FA 172 -102.86 -56.24 -13.45
CA PRO FA 172 -103.83 -55.97 -14.52
C PRO FA 172 -103.21 -55.10 -15.58
N GLY FA 173 -102.39 -54.16 -15.11
CA GLY FA 173 -101.83 -53.14 -15.96
C GLY FA 173 -100.51 -53.57 -16.55
N VAL FA 174 -100.21 -54.88 -16.50
CA VAL FA 174 -98.93 -55.34 -17.03
C VAL FA 174 -98.99 -56.61 -17.88
N PHE FA 175 -98.96 -56.32 -19.18
CA PHE FA 175 -98.74 -57.23 -20.29
C PHE FA 175 -97.70 -56.49 -21.15
N ASN FA 176 -96.45 -56.91 -21.06
CA ASN FA 176 -95.35 -56.29 -21.80
C ASN FA 176 -95.58 -56.26 -23.31
N GLY FA 177 -95.87 -57.42 -23.89
CA GLY FA 177 -95.91 -57.54 -25.33
C GLY FA 177 -94.95 -58.62 -25.81
N LYS FA 178 -94.14 -59.14 -24.89
CA LYS FA 178 -93.27 -60.28 -25.16
C LYS FA 178 -93.96 -61.60 -24.82
N PHE FA 179 -93.75 -62.63 -25.62
CA PHE FA 179 -94.38 -63.93 -25.39
C PHE FA 179 -93.31 -65.02 -25.20
N GLN FA 180 -93.68 -66.10 -24.53
CA GLN FA 180 -92.92 -67.35 -24.64
C GLN FA 180 -93.88 -68.46 -25.00
N PHE FA 181 -93.37 -69.45 -25.75
CA PHE FA 181 -94.14 -70.64 -26.11
C PHE FA 181 -95.43 -70.35 -26.86
N LEU FA 182 -95.40 -69.32 -27.70
CA LEU FA 182 -96.54 -69.02 -28.55
C LEU FA 182 -96.27 -69.54 -29.95
N THR FA 183 -96.80 -70.74 -30.23
CA THR FA 183 -96.57 -71.42 -31.49
C THR FA 183 -97.93 -71.68 -32.13
N CYS FA 184 -98.08 -71.28 -33.39
CA CYS FA 184 -99.33 -71.47 -34.12
C CYS FA 184 -99.34 -72.86 -34.72
N PRO FA 185 -100.49 -73.53 -34.68
CA PRO FA 185 -100.60 -74.80 -35.39
C PRO FA 185 -100.18 -74.66 -36.85
N PRO FA 186 -99.72 -75.76 -37.43
CA PRO FA 186 -99.13 -75.73 -38.76
C PRO FA 186 -100.13 -75.25 -39.80
N ILE FA 187 -99.63 -74.48 -40.76
CA ILE FA 187 -100.39 -74.00 -41.91
C ILE FA 187 -99.92 -74.81 -43.13
N PHE FA 188 -100.84 -75.24 -43.99
CA PHE FA 188 -100.46 -76.14 -45.09
C PHE FA 188 -100.72 -75.59 -46.49
N PHE FA 189 -99.80 -75.86 -47.42
CA PHE FA 189 -99.94 -75.41 -48.79
C PHE FA 189 -99.95 -76.60 -49.73
N ASP FA 190 -100.94 -76.65 -50.63
CA ASP FA 190 -101.05 -77.74 -51.60
C ASP FA 190 -100.12 -77.46 -52.75
N LEU FA 191 -99.53 -78.51 -53.34
CA LEU FA 191 -98.65 -78.27 -54.49
C LEU FA 191 -99.42 -78.31 -55.79
N THR FA 192 -100.70 -78.58 -55.68
CA THR FA 192 -101.58 -78.59 -56.85
C THR FA 192 -102.18 -77.22 -57.05
N ALA FA 193 -101.55 -76.21 -56.46
CA ALA FA 193 -102.05 -74.84 -56.54
C ALA FA 193 -100.93 -73.87 -56.91
N VAL FA 194 -101.13 -73.14 -58.00
CA VAL FA 194 -100.09 -72.23 -58.47
C VAL FA 194 -99.83 -71.06 -57.49
N THR FA 195 -100.88 -70.54 -56.86
CA THR FA 195 -100.72 -69.60 -55.75
C THR FA 195 -101.72 -69.97 -54.66
N ALA FA 196 -101.58 -69.35 -53.49
CA ALA FA 196 -102.48 -69.65 -52.40
C ALA FA 196 -102.33 -68.68 -51.25
N LEU FA 197 -103.38 -68.58 -50.45
CA LEU FA 197 -103.33 -67.73 -49.28
C LEU FA 197 -103.65 -68.55 -48.04
N ARG FA 198 -102.92 -68.30 -46.97
CA ARG FA 198 -103.31 -68.83 -45.66
C ARG FA 198 -103.29 -67.69 -44.64
N SER FA 199 -104.42 -67.49 -43.97
CA SER FA 199 -104.53 -66.46 -42.94
C SER FA 199 -104.26 -67.00 -41.54
N ALA FA 200 -103.57 -66.19 -40.75
CA ALA FA 200 -103.45 -66.46 -39.34
C ALA FA 200 -104.04 -65.27 -38.61
N GLY FA 201 -105.04 -65.52 -37.78
CA GLY FA 201 -105.68 -64.44 -37.04
C GLY FA 201 -104.73 -63.79 -36.05
N LEU FA 202 -104.88 -62.48 -35.85
CA LEU FA 202 -104.04 -61.80 -34.88
C LEU FA 202 -104.81 -61.38 -33.66
N THR FA 203 -106.03 -61.90 -33.52
CA THR FA 203 -106.87 -61.64 -32.35
C THR FA 203 -106.48 -62.60 -31.23
N LEU FA 204 -105.30 -62.35 -30.66
CA LEU FA 204 -104.60 -63.33 -29.82
C LEU FA 204 -105.21 -63.62 -28.46
N GLY FA 205 -106.22 -62.86 -28.07
CA GLY FA 205 -106.86 -63.10 -26.78
C GLY FA 205 -107.97 -64.15 -26.88
N GLN FA 206 -108.27 -64.53 -28.11
CA GLN FA 206 -109.31 -65.52 -28.37
C GLN FA 206 -108.86 -66.88 -27.80
N VAL FA 207 -109.77 -67.59 -27.15
CA VAL FA 207 -109.40 -68.88 -26.60
C VAL FA 207 -109.50 -69.95 -27.67
N PRO FA 208 -108.41 -70.70 -27.89
CA PRO FA 208 -108.33 -71.73 -28.93
C PRO FA 208 -109.28 -72.88 -28.63
N MET FA 209 -109.74 -73.57 -29.67
CA MET FA 209 -110.67 -74.68 -29.46
C MET FA 209 -110.30 -75.94 -30.25
N VAL FA 210 -110.72 -77.07 -29.72
CA VAL FA 210 -110.56 -78.34 -30.40
C VAL FA 210 -111.94 -78.95 -30.32
N GLY FA 211 -112.69 -78.83 -31.40
CA GLY FA 211 -114.09 -79.24 -31.38
C GLY FA 211 -114.85 -78.33 -30.45
N THR FA 212 -115.54 -78.92 -29.47
CA THR FA 212 -116.31 -78.14 -28.51
C THR FA 212 -115.50 -77.81 -27.26
N THR FA 213 -114.27 -78.28 -27.21
CA THR FA 213 -113.39 -78.09 -26.05
C THR FA 213 -112.58 -76.78 -26.10
N LYS FA 214 -112.77 -75.94 -25.09
CA LYS FA 214 -111.97 -74.72 -24.95
C LYS FA 214 -110.62 -75.08 -24.30
N VAL FA 215 -109.53 -74.63 -24.90
CA VAL FA 215 -108.22 -74.82 -24.29
C VAL FA 215 -107.63 -73.50 -23.76
N TYR FA 216 -107.96 -73.16 -22.52
CA TYR FA 216 -107.40 -71.96 -21.90
C TYR FA 216 -105.89 -72.08 -21.78
N ASN FA 217 -105.18 -71.01 -22.15
CA ASN FA 217 -103.72 -71.03 -22.02
C ASN FA 217 -103.21 -69.67 -21.61
N LEU FA 218 -101.98 -69.63 -21.10
CA LEU FA 218 -101.44 -68.39 -20.55
C LEU FA 218 -101.32 -67.26 -21.58
N ASN FA 219 -100.89 -67.59 -22.79
CA ASN FA 219 -100.70 -66.54 -23.79
C ASN FA 219 -101.97 -65.79 -24.16
N SER FA 220 -103.04 -66.51 -24.50
CA SER FA 220 -104.31 -65.84 -24.80
C SER FA 220 -104.84 -65.10 -23.56
N THR FA 221 -104.65 -65.71 -22.40
CA THR FA 221 -105.00 -65.05 -21.14
C THR FA 221 -104.27 -63.70 -20.99
N LEU FA 222 -102.96 -63.68 -21.24
CA LEU FA 222 -102.20 -62.44 -21.16
C LEU FA 222 -102.75 -61.38 -22.09
N VAL FA 223 -102.91 -61.73 -23.37
CA VAL FA 223 -103.42 -60.76 -24.32
C VAL FA 223 -104.79 -60.21 -23.90
N SER FA 224 -105.61 -61.04 -23.26
CA SER FA 224 -106.94 -60.59 -22.84
C SER FA 224 -106.87 -59.49 -21.77
N CYS FA 225 -105.68 -59.29 -21.20
CA CYS FA 225 -105.45 -58.27 -20.16
C CYS FA 225 -105.38 -56.88 -20.74
N VAL FA 226 -105.50 -56.82 -22.05
CA VAL FA 226 -105.41 -55.57 -22.79
C VAL FA 226 -106.67 -55.45 -23.70
N LEU FA 227 -107.02 -54.25 -24.14
CA LEU FA 227 -108.20 -54.08 -24.99
C LEU FA 227 -107.86 -54.36 -26.44
N GLY FA 228 -106.61 -54.09 -26.82
CA GLY FA 228 -106.13 -54.31 -28.18
C GLY FA 228 -104.67 -53.95 -28.29
N MET FA 229 -104.09 -54.18 -29.47
CA MET FA 229 -102.66 -53.99 -29.66
C MET FA 229 -102.32 -53.69 -31.10
N GLY FA 230 -101.32 -52.84 -31.28
CA GLY FA 230 -100.80 -52.52 -32.59
C GLY FA 230 -99.30 -52.64 -32.51
N GLY FA 231 -98.63 -52.54 -33.65
CA GLY FA 231 -97.18 -52.61 -33.63
C GLY FA 231 -96.67 -53.60 -34.63
N THR FA 232 -95.48 -54.14 -34.38
CA THR FA 232 -94.90 -55.08 -35.30
C THR FA 232 -94.79 -56.46 -34.69
N VAL FA 233 -95.27 -57.46 -35.42
CA VAL FA 233 -95.16 -58.85 -34.99
C VAL FA 233 -93.78 -59.39 -35.34
N ARG FA 234 -92.97 -59.73 -34.34
CA ARG FA 234 -91.68 -60.37 -34.58
C ARG FA 234 -91.84 -61.85 -34.33
N GLY FA 235 -91.46 -62.67 -35.31
CA GLY FA 235 -91.62 -64.10 -35.16
C GLY FA 235 -90.61 -64.87 -35.95
N ARG FA 236 -90.78 -66.20 -35.96
CA ARG FA 236 -89.94 -67.10 -36.75
C ARG FA 236 -90.83 -67.99 -37.60
N VAL FA 237 -90.35 -68.29 -38.80
CA VAL FA 237 -91.06 -69.19 -39.68
C VAL FA 237 -90.24 -70.46 -39.89
N HIS FA 238 -90.86 -71.60 -39.72
CA HIS FA 238 -90.19 -72.85 -40.04
C HIS FA 238 -90.84 -73.53 -41.22
N ILE FA 239 -90.05 -73.88 -42.21
CA ILE FA 239 -90.56 -74.62 -43.35
C ILE FA 239 -90.29 -76.11 -43.16
N CYS FA 240 -91.36 -76.86 -42.90
CA CYS FA 240 -91.24 -78.24 -42.42
C CYS FA 240 -91.47 -79.29 -43.48
N ALA FA 241 -90.55 -79.34 -44.43
CA ALA FA 241 -90.63 -80.28 -45.53
C ALA FA 241 -89.22 -80.76 -45.92
N PRO FA 242 -89.13 -81.83 -46.70
CA PRO FA 242 -87.87 -82.36 -47.23
C PRO FA 242 -87.06 -81.31 -48.04
N ILE FA 243 -85.73 -81.44 -48.13
CA ILE FA 243 -84.91 -80.48 -48.90
C ILE FA 243 -85.39 -80.31 -50.33
N PHE FA 244 -86.10 -81.31 -50.87
CA PHE FA 244 -86.51 -81.27 -52.28
C PHE FA 244 -87.87 -80.61 -52.47
N TYR FA 245 -88.49 -80.17 -51.38
CA TYR FA 245 -89.63 -79.27 -51.42
C TYR FA 245 -89.11 -77.84 -51.26
N SER FA 246 -89.76 -76.88 -51.89
CA SER FA 246 -89.38 -75.48 -51.70
C SER FA 246 -90.51 -74.51 -52.07
N ILE FA 247 -90.46 -73.31 -51.49
CA ILE FA 247 -91.56 -72.38 -51.62
C ILE FA 247 -91.06 -70.98 -51.44
N VAL FA 248 -91.80 -70.02 -51.95
CA VAL FA 248 -91.54 -68.61 -51.71
C VAL FA 248 -92.82 -67.92 -51.24
N LEU FA 249 -92.76 -67.29 -50.08
CA LEU FA 249 -93.92 -66.65 -49.49
C LEU FA 249 -93.79 -65.11 -49.43
N TRP FA 250 -94.90 -64.44 -49.70
CA TRP FA 250 -95.07 -63.03 -49.39
C TRP FA 250 -95.91 -62.97 -48.11
N VAL FA 251 -95.33 -62.45 -47.05
CA VAL FA 251 -96.01 -62.40 -45.75
C VAL FA 251 -96.37 -60.96 -45.42
N VAL FA 252 -97.66 -60.70 -45.25
CA VAL FA 252 -98.10 -59.33 -45.04
C VAL FA 252 -99.34 -59.28 -44.16
N SER FA 253 -99.59 -58.13 -43.56
CA SER FA 253 -100.79 -57.95 -42.73
C SER FA 253 -101.92 -57.25 -43.49
N GLU FA 254 -103.14 -57.73 -43.32
CA GLU FA 254 -104.30 -57.10 -43.95
C GLU FA 254 -105.49 -56.95 -42.99
N TRP FA 255 -106.35 -55.98 -43.28
CA TRP FA 255 -107.48 -55.69 -42.40
C TRP FA 255 -108.79 -56.05 -43.06
N ASN FA 256 -109.62 -56.80 -42.33
CA ASN FA 256 -110.97 -57.14 -42.76
C ASN FA 256 -111.07 -57.67 -44.19
N GLY FA 257 -110.67 -58.92 -44.40
CA GLY FA 257 -110.63 -59.49 -45.73
C GLY FA 257 -109.25 -59.31 -46.35
N THR FA 258 -109.17 -59.59 -47.65
CA THR FA 258 -107.91 -59.45 -48.34
C THR FA 258 -108.19 -58.79 -49.68
N THR FA 259 -107.19 -58.11 -50.23
CA THR FA 259 -107.34 -57.51 -51.54
C THR FA 259 -107.32 -58.61 -52.60
N MET FA 260 -108.00 -58.35 -53.70
CA MET FA 260 -108.08 -59.31 -54.77
C MET FA 260 -107.14 -58.92 -55.91
N ASP FA 261 -106.52 -57.76 -55.76
CA ASP FA 261 -105.62 -57.21 -56.76
C ASP FA 261 -104.15 -57.45 -56.42
N TRP FA 262 -103.49 -58.32 -57.19
CA TRP FA 262 -102.09 -58.65 -56.95
C TRP FA 262 -101.18 -57.42 -56.90
N ASN FA 263 -101.51 -56.39 -57.67
CA ASN FA 263 -100.66 -55.21 -57.66
C ASN FA 263 -100.81 -54.42 -56.38
N GLU FA 264 -102.02 -54.33 -55.85
CA GLU FA 264 -102.21 -53.65 -54.57
C GLU FA 264 -101.48 -54.41 -53.47
N LEU FA 265 -101.59 -55.74 -53.52
CA LEU FA 265 -100.97 -56.62 -52.53
C LEU FA 265 -99.49 -56.31 -52.33
N PHE FA 266 -98.80 -56.00 -53.42
CA PHE FA 266 -97.37 -55.74 -53.36
C PHE FA 266 -97.00 -54.29 -53.13
N LYS FA 267 -98.01 -53.46 -52.89
CA LYS FA 267 -97.76 -52.10 -52.46
C LYS FA 267 -97.82 -52.04 -50.94
N TYR FA 268 -98.24 -53.14 -50.31
CA TYR FA 268 -98.25 -53.24 -48.84
C TYR FA 268 -96.84 -53.54 -48.32
N PRO FA 269 -96.59 -53.23 -47.04
CA PRO FA 269 -95.30 -53.50 -46.40
C PRO FA 269 -95.19 -54.92 -45.85
N GLY FA 270 -94.79 -55.85 -46.71
CA GLY FA 270 -94.61 -57.23 -46.32
C GLY FA 270 -93.15 -57.67 -46.44
N VAL FA 271 -92.92 -58.97 -46.27
CA VAL FA 271 -91.58 -59.52 -46.35
C VAL FA 271 -91.62 -60.84 -47.11
N TYR FA 272 -90.51 -61.21 -47.71
CA TYR FA 272 -90.46 -62.49 -48.44
C TYR FA 272 -89.83 -63.54 -47.53
N VAL FA 273 -90.34 -64.76 -47.60
CA VAL FA 273 -89.79 -65.85 -46.82
C VAL FA 273 -89.52 -67.00 -47.77
N GLU FA 274 -88.25 -67.39 -47.90
CA GLU FA 274 -87.83 -68.48 -48.79
C GLU FA 274 -87.42 -69.69 -47.98
N GLU FA 275 -87.17 -69.48 -46.69
CA GLU FA 275 -86.56 -70.50 -45.86
C GLU FA 275 -86.73 -70.21 -44.38
N ASP FA 276 -86.42 -71.20 -43.53
CA ASP FA 276 -86.41 -71.01 -42.07
C ASP FA 276 -85.79 -69.65 -41.76
N GLY FA 277 -86.44 -68.88 -40.88
CA GLY FA 277 -85.89 -67.61 -40.46
C GLY FA 277 -86.86 -66.79 -39.63
N SER FA 278 -86.38 -65.64 -39.14
CA SER FA 278 -87.26 -64.72 -38.42
C SER FA 278 -87.89 -63.71 -39.39
N PHE FA 279 -88.94 -63.02 -38.93
CA PHE FA 279 -89.65 -62.02 -39.74
C PHE FA 279 -90.23 -60.94 -38.84
N GLU FA 280 -90.41 -59.75 -39.40
CA GLU FA 280 -91.14 -58.68 -38.73
C GLU FA 280 -92.19 -58.11 -39.67
N VAL FA 281 -93.46 -58.16 -39.27
CA VAL FA 281 -94.50 -57.57 -40.08
C VAL FA 281 -95.35 -56.60 -39.26
N LYS FA 282 -95.59 -55.41 -39.80
CA LYS FA 282 -96.41 -54.41 -39.14
C LYS FA 282 -97.86 -54.86 -39.12
N ILE FA 283 -98.51 -54.76 -37.95
CA ILE FA 283 -99.95 -55.01 -37.82
C ILE FA 283 -100.71 -53.86 -38.48
N ARG FA 284 -101.43 -54.22 -39.54
CA ARG FA 284 -102.11 -53.24 -40.38
C ARG FA 284 -103.58 -53.07 -40.00
N SER FA 285 -104.00 -51.84 -39.68
CA SER FA 285 -105.37 -51.59 -39.25
C SER FA 285 -105.74 -50.12 -39.32
N PRO FA 286 -107.01 -49.84 -39.62
CA PRO FA 286 -107.57 -48.49 -39.70
C PRO FA 286 -107.41 -47.73 -38.39
N TYR FA 287 -107.23 -48.47 -37.29
CA TYR FA 287 -107.11 -47.90 -35.96
C TYR FA 287 -105.71 -48.10 -35.41
N HIS FA 288 -104.84 -48.68 -36.26
CA HIS FA 288 -103.45 -48.96 -35.93
C HIS FA 288 -103.30 -50.08 -34.90
N ARG FA 289 -104.44 -50.54 -34.37
CA ARG FA 289 -104.46 -51.62 -33.39
C ARG FA 289 -105.54 -52.58 -33.81
N THR FA 290 -105.41 -53.85 -33.41
CA THR FA 290 -106.48 -54.82 -33.59
C THR FA 290 -107.00 -55.21 -32.19
N PRO FA 291 -108.31 -55.43 -32.07
CA PRO FA 291 -108.87 -55.78 -30.76
C PRO FA 291 -108.36 -57.13 -30.24
N ALA FA 292 -108.23 -57.21 -28.92
CA ALA FA 292 -107.72 -58.37 -28.22
C ALA FA 292 -108.67 -59.57 -28.30
N ARG FA 293 -109.98 -59.32 -28.26
CA ARG FA 293 -110.95 -60.42 -28.37
C ARG FA 293 -112.10 -60.04 -29.30
N LEU FA 294 -112.91 -61.02 -29.65
CA LEU FA 294 -114.03 -60.77 -30.56
C LEU FA 294 -115.34 -60.52 -29.83
N LEU FA 295 -116.23 -59.79 -30.51
CA LEU FA 295 -117.60 -59.60 -30.03
C LEU FA 295 -118.49 -60.61 -30.71
N ALA FA 296 -119.74 -60.72 -30.26
CA ALA FA 296 -120.63 -61.72 -30.82
C ALA FA 296 -120.84 -61.49 -32.32
N GLY FA 297 -120.65 -62.55 -33.10
CA GLY FA 297 -120.87 -62.50 -34.53
C GLY FA 297 -119.70 -61.99 -35.35
N GLN FA 298 -118.58 -61.71 -34.70
CA GLN FA 298 -117.39 -61.29 -35.41
C GLN FA 298 -116.46 -62.45 -35.64
N SER FA 299 -115.69 -62.36 -36.71
CA SER FA 299 -114.72 -63.39 -37.04
C SER FA 299 -113.33 -62.81 -36.97
N GLN FA 300 -112.33 -63.68 -36.84
CA GLN FA 300 -110.95 -63.20 -36.69
C GLN FA 300 -110.44 -62.54 -37.96
N ARG FA 301 -111.04 -62.90 -39.10
CA ARG FA 301 -110.65 -62.30 -40.36
C ARG FA 301 -111.26 -60.93 -40.53
N ASP FA 302 -112.22 -60.58 -39.67
CA ASP FA 302 -112.82 -59.26 -39.73
C ASP FA 302 -111.80 -58.19 -39.36
N MET FA 303 -110.77 -58.60 -38.63
CA MET FA 303 -109.80 -57.66 -38.07
C MET FA 303 -108.45 -57.76 -38.79
N SER FA 304 -107.38 -57.56 -38.03
CA SER FA 304 -106.03 -57.66 -38.57
C SER FA 304 -105.55 -59.11 -38.59
N SER FA 305 -105.01 -59.53 -39.73
CA SER FA 305 -104.47 -60.90 -39.86
C SER FA 305 -103.05 -60.88 -40.43
N LEU FA 306 -102.31 -61.95 -40.15
CA LEU FA 306 -100.99 -62.14 -40.73
C LEU FA 306 -101.16 -63.10 -41.92
N ASN FA 307 -101.00 -62.61 -43.14
CA ASN FA 307 -101.31 -63.42 -44.32
C ASN FA 307 -100.09 -64.00 -45.04
N PHE FA 308 -100.16 -65.28 -45.35
CA PHE FA 308 -99.07 -65.98 -46.00
C PHE FA 308 -99.46 -66.32 -47.42
N TYR FA 309 -98.90 -65.58 -48.38
CA TYR FA 309 -99.18 -65.77 -49.79
C TYR FA 309 -98.09 -66.60 -50.47
N ALA FA 310 -98.45 -67.76 -51.00
CA ALA FA 310 -97.49 -68.51 -51.78
C ALA FA 310 -97.44 -67.88 -53.16
N ILE FA 311 -96.30 -67.25 -53.50
CA ILE FA 311 -96.18 -66.57 -54.79
C ILE FA 311 -95.33 -67.35 -55.81
N ALA FA 312 -94.57 -68.31 -55.33
CA ALA FA 312 -93.84 -69.20 -56.23
C ALA FA 312 -93.72 -70.55 -55.56
N GLY FA 313 -94.45 -71.52 -56.08
CA GLY FA 313 -94.48 -72.83 -55.46
C GLY FA 313 -95.66 -73.00 -54.52
N PRO FA 314 -95.60 -74.02 -53.65
CA PRO FA 314 -94.48 -74.95 -53.47
C PRO FA 314 -94.24 -75.86 -54.66
N ILE FA 315 -92.99 -76.26 -54.85
CA ILE FA 315 -92.65 -77.23 -55.87
C ILE FA 315 -92.00 -78.44 -55.25
N ALA FA 316 -92.16 -79.59 -55.87
CA ALA FA 316 -91.45 -80.79 -55.47
C ALA FA 316 -91.30 -81.70 -56.66
N PRO FA 317 -90.37 -82.66 -56.60
CA PRO FA 317 -90.21 -83.60 -57.72
C PRO FA 317 -91.43 -84.49 -57.81
N SER FA 318 -91.72 -85.07 -58.97
CA SER FA 318 -92.83 -86.03 -59.00
C SER FA 318 -92.28 -87.32 -58.45
N GLY FA 319 -93.13 -88.12 -57.83
CA GLY FA 319 -94.52 -87.77 -57.59
C GLY FA 319 -94.67 -87.67 -56.08
N GLU FA 320 -94.36 -86.49 -55.58
CA GLU FA 320 -94.61 -86.19 -54.20
C GLU FA 320 -96.05 -85.70 -54.12
N THR FA 321 -96.67 -85.89 -52.97
CA THR FA 321 -98.09 -85.57 -52.81
C THR FA 321 -98.36 -84.77 -51.54
N ALA FA 322 -97.46 -84.93 -50.57
CA ALA FA 322 -97.54 -84.23 -49.29
C ALA FA 322 -97.68 -82.74 -49.46
N GLN FA 323 -98.41 -82.10 -48.56
CA GLN FA 323 -98.47 -80.66 -48.52
C GLN FA 323 -97.22 -80.10 -47.85
N LEU FA 324 -96.89 -78.84 -48.13
CA LEU FA 324 -95.72 -78.20 -47.54
C LEU FA 324 -96.21 -77.42 -46.35
N PRO FA 325 -95.80 -77.83 -45.15
CA PRO FA 325 -96.20 -77.16 -43.91
C PRO FA 325 -95.27 -76.02 -43.49
N ILE FA 326 -95.88 -74.95 -42.97
CA ILE FA 326 -95.18 -73.79 -42.42
C ILE FA 326 -95.56 -73.74 -40.95
N VAL FA 327 -94.58 -73.72 -40.06
CA VAL FA 327 -94.89 -73.49 -38.65
C VAL FA 327 -94.45 -72.09 -38.23
N VAL FA 328 -95.40 -71.30 -37.76
CA VAL FA 328 -95.08 -69.94 -37.33
C VAL FA 328 -94.96 -69.77 -35.80
N GLN FA 329 -93.91 -69.10 -35.34
CA GLN FA 329 -93.80 -68.76 -33.94
C GLN FA 329 -93.82 -67.25 -33.79
N ILE FA 330 -94.60 -66.76 -32.84
CA ILE FA 330 -94.66 -65.32 -32.57
C ILE FA 330 -93.92 -64.99 -31.29
N ASP FA 331 -92.89 -64.14 -31.38
CA ASP FA 331 -91.97 -63.91 -30.27
C ASP FA 331 -92.33 -62.69 -29.47
N GLU FA 332 -92.66 -61.60 -30.18
CA GLU FA 332 -93.15 -60.42 -29.48
C GLU FA 332 -93.80 -59.41 -30.40
N ILE FA 333 -94.49 -58.46 -29.80
CA ILE FA 333 -94.92 -57.27 -30.50
C ILE FA 333 -93.86 -56.19 -30.23
N VAL FA 334 -93.04 -55.89 -31.23
CA VAL FA 334 -92.01 -54.87 -31.05
C VAL FA 334 -92.59 -53.50 -31.37
N ARG FA 335 -92.08 -52.47 -30.72
CA ARG FA 335 -92.56 -51.12 -30.92
C ARG FA 335 -94.08 -51.13 -30.78
N PRO FA 336 -94.56 -51.58 -29.61
CA PRO FA 336 -95.99 -51.87 -29.41
C PRO FA 336 -96.83 -50.62 -29.24
N ASP FA 337 -98.00 -50.62 -29.86
CA ASP FA 337 -98.99 -49.59 -29.60
C ASP FA 337 -100.16 -50.24 -28.85
N LEU FA 338 -100.12 -50.19 -27.52
CA LEU FA 338 -101.11 -50.91 -26.75
C LEU FA 338 -102.34 -50.10 -26.41
N SER FA 339 -103.48 -50.76 -26.26
CA SER FA 339 -104.68 -50.10 -25.79
C SER FA 339 -104.59 -49.97 -24.29
N LEU FA 340 -105.64 -49.43 -23.68
CA LEU FA 340 -105.76 -49.44 -22.24
C LEU FA 340 -105.77 -50.87 -21.80
N PRO FA 341 -105.36 -51.12 -20.56
CA PRO FA 341 -105.58 -52.43 -19.97
C PRO FA 341 -107.09 -52.69 -19.95
N SER FA 342 -107.53 -53.93 -20.13
CA SER FA 342 -108.96 -54.22 -20.10
C SER FA 342 -109.50 -54.14 -18.67
N PHE FA 343 -108.68 -54.44 -17.68
CA PHE FA 343 -109.08 -54.27 -16.29
C PHE FA 343 -108.21 -53.29 -15.52
N GLU FA 344 -108.79 -52.59 -14.56
CA GLU FA 344 -108.02 -51.69 -13.71
C GLU FA 344 -107.68 -52.41 -12.42
N ASP FA 345 -106.97 -51.74 -11.51
CA ASP FA 345 -106.66 -52.37 -10.23
C ASP FA 345 -107.89 -52.28 -9.32
N ASP FA 346 -108.84 -53.17 -9.58
CA ASP FA 346 -110.14 -53.07 -8.98
C ASP FA 346 -110.65 -54.46 -8.69
N TYR FA 347 -111.83 -54.51 -8.09
CA TYR FA 347 -112.47 -55.77 -7.82
C TYR FA 347 -112.99 -56.33 -9.13
N PHE FA 348 -113.25 -57.63 -9.14
CA PHE FA 348 -113.97 -58.29 -10.24
C PHE FA 348 -114.81 -59.44 -9.69
N VAL FA 349 -115.76 -59.90 -10.48
CA VAL FA 349 -116.71 -60.89 -9.98
C VAL FA 349 -116.08 -62.27 -9.84
N TRP FA 350 -116.22 -62.83 -8.65
CA TRP FA 350 -115.81 -64.20 -8.41
C TRP FA 350 -117.03 -65.11 -8.64
N VAL FA 351 -118.11 -64.87 -7.90
CA VAL FA 351 -119.28 -65.72 -8.00
C VAL FA 351 -120.56 -65.02 -7.57
N ASP FA 352 -121.66 -65.36 -8.24
CA ASP FA 352 -123.00 -64.99 -7.80
C ASP FA 352 -123.78 -66.22 -7.31
N PHE FA 353 -124.37 -66.14 -6.13
CA PHE FA 353 -125.29 -67.16 -5.68
C PHE FA 353 -126.70 -66.61 -5.76
N SER FA 354 -127.63 -67.40 -6.27
CA SER FA 354 -129.01 -66.96 -6.42
C SER FA 354 -129.99 -68.12 -6.35
N GLU FA 355 -131.29 -67.81 -6.35
CA GLU FA 355 -132.28 -68.86 -6.43
C GLU FA 355 -132.09 -69.90 -5.34
N PHE FA 356 -132.00 -69.45 -4.09
CA PHE FA 356 -131.84 -70.36 -2.95
C PHE FA 356 -133.11 -71.14 -2.70
N THR FA 357 -132.97 -72.44 -2.43
CA THR FA 357 -134.13 -73.26 -2.16
C THR FA 357 -134.33 -73.56 -0.66
N LEU FA 358 -133.25 -73.46 0.09
CA LEU FA 358 -133.29 -73.68 1.53
C LEU FA 358 -132.90 -72.43 2.27
N ASP FA 359 -133.52 -72.20 3.43
CA ASP FA 359 -133.17 -71.04 4.24
C ASP FA 359 -131.77 -71.22 4.84
N LYS FA 360 -131.43 -72.44 5.23
CA LYS FA 360 -130.07 -72.72 5.74
C LYS FA 360 -129.16 -73.14 4.60
N GLU FA 361 -128.17 -72.31 4.31
CA GLU FA 361 -127.21 -72.59 3.25
C GLU FA 361 -125.80 -72.34 3.79
N GLU FA 362 -124.86 -73.23 3.49
CA GLU FA 362 -123.49 -73.01 3.93
C GLU FA 362 -122.50 -73.33 2.83
N ILE FA 363 -121.82 -72.29 2.36
CA ILE FA 363 -120.87 -72.37 1.26
C ILE FA 363 -119.44 -72.46 1.77
N GLU FA 364 -118.81 -73.62 1.64
CA GLU FA 364 -117.43 -73.78 2.10
C GLU FA 364 -116.43 -73.30 1.07
N ILE FA 365 -115.51 -72.45 1.49
CA ILE FA 365 -114.50 -71.91 0.61
C ILE FA 365 -113.16 -72.51 1.01
N GLY FA 366 -112.89 -72.51 2.30
CA GLY FA 366 -111.63 -73.04 2.81
C GLY FA 366 -110.48 -72.09 2.54
N SER FA 367 -109.52 -72.54 1.76
CA SER FA 367 -108.39 -71.69 1.42
C SER FA 367 -108.19 -71.63 -0.08
N ARG FA 368 -109.24 -71.92 -0.85
CA ARG FA 368 -109.09 -72.07 -2.30
C ARG FA 368 -109.83 -70.99 -3.06
N PHE FA 369 -109.32 -70.67 -4.24
CA PHE FA 369 -110.09 -69.92 -5.22
C PHE FA 369 -110.49 -70.89 -6.31
N PHE FA 370 -111.79 -71.10 -6.52
CA PHE FA 370 -112.23 -72.21 -7.40
C PHE FA 370 -113.66 -72.05 -7.87
N ASP FA 371 -114.13 -73.04 -8.65
CA ASP FA 371 -115.52 -73.05 -9.13
C ASP FA 371 -116.46 -73.76 -8.15
N PHE FA 372 -117.52 -73.07 -7.75
CA PHE FA 372 -118.49 -73.64 -6.82
C PHE FA 372 -119.51 -74.51 -7.53
N THR FA 373 -120.09 -75.45 -6.80
CA THR FA 373 -121.30 -76.15 -7.25
C THR FA 373 -122.28 -76.26 -6.11
N SER FA 374 -123.58 -76.27 -6.43
CA SER FA 374 -124.60 -76.43 -5.41
C SER FA 374 -125.82 -77.18 -5.92
N ASN FA 375 -126.39 -78.02 -5.06
CA ASN FA 375 -127.64 -78.72 -5.33
C ASN FA 375 -128.82 -77.91 -4.86
N THR FA 376 -128.56 -76.92 -4.01
CA THR FA 376 -129.61 -76.21 -3.31
C THR FA 376 -129.77 -74.76 -3.77
N CYS FA 377 -128.83 -74.31 -4.61
CA CYS FA 377 -128.92 -72.96 -5.19
C CYS FA 377 -128.19 -72.83 -6.50
N ARG FA 378 -128.40 -71.70 -7.18
CA ARG FA 378 -127.79 -71.47 -8.48
C ARG FA 378 -126.45 -70.76 -8.38
N VAL FA 379 -125.40 -71.40 -8.88
CA VAL FA 379 -124.07 -70.80 -8.89
C VAL FA 379 -123.74 -70.24 -10.26
N SER FA 380 -123.33 -68.97 -10.32
CA SER FA 380 -122.89 -68.37 -11.58
C SER FA 380 -121.47 -67.87 -11.41
N MET FA 381 -120.53 -68.54 -12.05
CA MET FA 381 -119.14 -68.19 -11.87
C MET FA 381 -118.68 -67.03 -12.78
N GLY FA 382 -117.75 -66.22 -12.30
CA GLY FA 382 -117.22 -65.11 -13.10
C GLY FA 382 -116.14 -65.60 -14.02
N GLU FA 383 -116.08 -65.03 -15.23
CA GLU FA 383 -114.98 -65.32 -16.15
C GLU FA 383 -114.15 -64.04 -16.40
N ASN FA 384 -112.89 -64.07 -15.98
CA ASN FA 384 -111.97 -62.95 -16.16
C ASN FA 384 -110.51 -63.42 -16.20
N PRO FA 385 -109.57 -62.52 -16.55
CA PRO FA 385 -108.18 -62.95 -16.69
C PRO FA 385 -107.60 -63.55 -15.42
N PHE FA 386 -107.97 -63.04 -14.25
CA PHE FA 386 -107.45 -63.64 -13.04
C PHE FA 386 -107.81 -65.13 -12.93
N ALA FA 387 -109.08 -65.47 -13.16
CA ALA FA 387 -109.54 -66.85 -13.06
C ALA FA 387 -108.84 -67.73 -14.10
N ALA FA 388 -108.58 -67.18 -15.29
CA ALA FA 388 -107.81 -67.90 -16.29
C ALA FA 388 -106.39 -68.13 -15.82
N MET FA 389 -105.78 -67.11 -15.21
CA MET FA 389 -104.42 -67.28 -14.74
C MET FA 389 -104.33 -68.36 -13.68
N ILE FA 390 -105.36 -68.48 -12.86
CA ILE FA 390 -105.40 -69.53 -11.85
C ILE FA 390 -105.41 -70.90 -12.51
N ALA FA 391 -106.15 -70.96 -13.61
CA ALA FA 391 -106.33 -72.20 -14.35
C ALA FA 391 -105.12 -72.56 -15.20
N CYS FA 392 -104.29 -71.57 -15.51
CA CYS FA 392 -103.19 -71.80 -16.43
C CYS FA 392 -101.86 -71.89 -15.73
N HIS FA 393 -101.89 -72.15 -14.42
CA HIS FA 393 -100.67 -72.40 -13.69
C HIS FA 393 -100.89 -73.59 -12.79
N GLY FA 394 -99.80 -74.30 -12.49
CA GLY FA 394 -99.86 -75.47 -11.66
C GLY FA 394 -100.14 -75.13 -10.21
N LEU FA 395 -99.49 -74.08 -9.72
CA LEU FA 395 -99.68 -73.61 -8.35
C LEU FA 395 -99.87 -72.11 -8.29
N HIS FA 396 -100.54 -71.63 -7.26
CA HIS FA 396 -100.71 -70.19 -7.03
C HIS FA 396 -100.77 -69.91 -5.55
N SER FA 397 -100.60 -68.65 -5.18
CA SER FA 397 -100.68 -68.26 -3.77
C SER FA 397 -100.81 -66.75 -3.61
N GLY FA 398 -101.63 -66.32 -2.66
CA GLY FA 398 -101.80 -64.92 -2.44
C GLY FA 398 -102.92 -64.60 -1.49
N VAL FA 399 -103.27 -63.33 -1.42
CA VAL FA 399 -104.42 -62.93 -0.61
C VAL FA 399 -105.47 -62.21 -1.45
N LEU FA 400 -106.73 -62.58 -1.27
CA LEU FA 400 -107.83 -61.90 -1.95
C LEU FA 400 -108.65 -61.05 -0.98
N ASP FA 401 -108.88 -59.79 -1.34
CA ASP FA 401 -109.84 -58.99 -0.58
C ASP FA 401 -111.21 -59.25 -1.16
N LEU FA 402 -112.18 -59.55 -0.31
CA LEU FA 402 -113.52 -59.83 -0.79
C LEU FA 402 -114.51 -58.71 -0.45
N LYS FA 403 -115.40 -58.42 -1.40
CA LYS FA 403 -116.57 -57.61 -1.14
C LYS FA 403 -117.80 -58.48 -1.35
N LEU FA 404 -118.65 -58.55 -0.33
CA LEU FA 404 -119.92 -59.24 -0.48
C LEU FA 404 -121.04 -58.23 -0.61
N GLN FA 405 -121.90 -58.42 -1.61
CA GLN FA 405 -123.08 -57.59 -1.80
C GLN FA 405 -124.32 -58.46 -1.95
N TRP FA 406 -125.46 -58.03 -1.42
CA TRP FA 406 -126.69 -58.80 -1.61
C TRP FA 406 -127.94 -57.93 -1.62
N SER FA 407 -128.97 -58.38 -2.32
CA SER FA 407 -130.25 -57.67 -2.35
C SER FA 407 -131.31 -58.59 -1.78
N LEU FA 408 -132.40 -58.01 -1.26
CA LEU FA 408 -133.43 -58.84 -0.63
C LEU FA 408 -134.50 -59.35 -1.60
N ASN FA 409 -135.02 -60.53 -1.27
CA ASN FA 409 -136.12 -61.16 -2.00
C ASN FA 409 -137.49 -60.90 -1.34
N THR FA 410 -137.49 -60.81 -0.03
CA THR FA 410 -138.68 -60.46 0.74
C THR FA 410 -138.72 -58.94 1.03
N GLU FA 411 -139.80 -58.47 1.67
CA GLU FA 411 -139.90 -57.07 2.07
C GLU FA 411 -138.87 -56.71 3.14
N PHE FA 412 -138.22 -55.55 2.98
CA PHE FA 412 -137.18 -55.11 3.89
C PHE FA 412 -137.64 -55.14 5.36
N GLY FA 413 -138.87 -54.74 5.59
CA GLY FA 413 -139.37 -54.63 6.95
C GLY FA 413 -139.58 -55.98 7.61
N LYS FA 414 -139.62 -57.02 6.80
CA LYS FA 414 -139.83 -58.38 7.31
C LYS FA 414 -138.51 -59.14 7.49
N SER FA 415 -137.42 -58.54 7.03
CA SER FA 415 -136.13 -59.21 7.00
C SER FA 415 -135.54 -59.52 8.38
N SER FA 416 -134.84 -60.65 8.44
CA SER FA 416 -134.13 -61.06 9.64
C SER FA 416 -132.92 -61.91 9.23
N GLY FA 417 -132.06 -62.21 10.21
CA GLY FA 417 -130.92 -63.07 9.98
C GLY FA 417 -129.69 -62.34 9.48
N SER FA 418 -128.80 -63.11 8.86
CA SER FA 418 -127.44 -62.67 8.58
C SER FA 418 -126.71 -63.41 7.47
N VAL FA 419 -125.75 -62.72 6.87
CA VAL FA 419 -124.68 -63.34 6.11
C VAL FA 419 -123.51 -63.42 7.09
N THR FA 420 -123.13 -64.63 7.47
CA THR FA 420 -122.03 -64.82 8.43
C THR FA 420 -120.80 -65.38 7.74
N ILE FA 421 -119.65 -64.76 7.99
CA ILE FA 421 -118.39 -65.25 7.46
C ILE FA 421 -117.64 -65.98 8.56
N THR FA 422 -117.58 -67.30 8.46
CA THR FA 422 -116.83 -68.10 9.42
C THR FA 422 -115.37 -68.10 9.02
N LYS FA 423 -114.49 -67.70 9.94
CA LYS FA 423 -113.05 -67.76 9.68
C LYS FA 423 -112.35 -68.63 10.72
N LEU FA 424 -111.77 -69.74 10.28
CA LEU FA 424 -111.08 -70.67 11.16
C LEU FA 424 -109.65 -70.84 10.76
N VAL FA 425 -108.86 -71.48 11.63
CA VAL FA 425 -107.57 -72.04 11.24
C VAL FA 425 -107.66 -73.54 11.50
N GLY FA 426 -107.57 -74.34 10.45
CA GLY FA 426 -107.75 -75.77 10.60
C GLY FA 426 -108.89 -76.19 9.71
N ASP FA 427 -109.93 -76.75 10.31
CA ASP FA 427 -111.14 -77.18 9.61
C ASP FA 427 -112.34 -77.01 10.51
N LYS FA 428 -113.52 -77.32 9.98
CA LYS FA 428 -114.75 -77.14 10.75
C LYS FA 428 -114.72 -77.96 12.04
N ALA FA 429 -114.07 -79.12 12.01
CA ALA FA 429 -114.08 -80.06 13.13
C ALA FA 429 -113.15 -79.72 14.31
N MET FA 430 -111.93 -79.28 14.03
CA MET FA 430 -110.92 -79.11 15.08
C MET FA 430 -110.23 -77.75 15.03
N GLY FA 431 -110.80 -76.82 14.27
CA GLY FA 431 -110.16 -75.54 14.02
C GLY FA 431 -110.17 -74.52 15.14
N LEU FA 432 -109.32 -73.51 14.99
CA LEU FA 432 -109.25 -72.40 15.91
C LEU FA 432 -110.08 -71.27 15.33
N ASP FA 433 -110.58 -70.39 16.20
CA ASP FA 433 -111.46 -69.32 15.75
C ASP FA 433 -110.75 -68.01 15.43
N GLY FA 434 -110.92 -67.54 14.20
CA GLY FA 434 -110.31 -66.32 13.74
C GLY FA 434 -111.26 -65.14 13.70
N PRO FA 435 -111.06 -64.24 12.73
CA PRO FA 435 -111.90 -63.06 12.58
C PRO FA 435 -113.24 -63.37 11.86
N SER FA 436 -114.00 -64.30 12.43
CA SER FA 436 -115.35 -64.61 11.96
C SER FA 436 -116.18 -63.37 12.16
N HIS FA 437 -117.26 -63.25 11.40
CA HIS FA 437 -117.88 -61.95 11.25
C HIS FA 437 -119.35 -62.14 10.93
N VAL FA 438 -120.22 -61.48 11.68
CA VAL FA 438 -121.66 -61.58 11.49
C VAL FA 438 -122.22 -60.30 10.88
N PHE FA 439 -122.66 -60.38 9.62
CA PHE FA 439 -123.29 -59.25 8.97
C PHE FA 439 -124.80 -59.41 9.03
N ALA FA 440 -125.47 -58.61 9.84
CA ALA FA 440 -126.91 -58.62 9.86
C ALA FA 440 -127.37 -58.43 8.42
N ILE FA 441 -128.38 -59.18 8.01
CA ILE FA 441 -128.83 -59.12 6.61
C ILE FA 441 -129.15 -57.70 6.11
N GLN FA 442 -129.59 -56.82 7.01
CA GLN FA 442 -129.92 -55.46 6.65
C GLN FA 442 -128.72 -54.60 6.25
N LYS FA 443 -127.49 -55.02 6.60
CA LYS FA 443 -126.30 -54.29 6.15
C LYS FA 443 -126.22 -54.30 4.63
N LEU FA 444 -126.63 -55.40 4.02
CA LEU FA 444 -126.70 -55.50 2.58
C LEU FA 444 -125.34 -55.54 1.88
N GLU FA 445 -124.27 -55.57 2.67
CA GLU FA 445 -122.90 -55.72 2.16
C GLU FA 445 -121.91 -55.98 3.29
N GLY FA 446 -120.77 -56.57 2.95
CA GLY FA 446 -119.74 -56.85 3.93
C GLY FA 446 -118.41 -57.10 3.25
N THR FA 447 -117.32 -57.02 4.01
CA THR FA 447 -115.98 -57.26 3.46
C THR FA 447 -115.18 -58.24 4.30
N THR FA 448 -114.25 -58.93 3.65
CA THR FA 448 -113.37 -59.85 4.36
C THR FA 448 -112.13 -60.14 3.51
N GLU FA 449 -111.08 -60.68 4.13
CA GLU FA 449 -109.92 -61.15 3.38
C GLU FA 449 -109.98 -62.68 3.27
N LEU FA 450 -109.41 -63.22 2.20
CA LEU FA 450 -109.25 -64.68 2.08
C LEU FA 450 -107.82 -65.07 1.75
N LEU FA 451 -107.22 -65.91 2.58
CA LEU FA 451 -105.89 -66.40 2.26
C LEU FA 451 -106.04 -67.56 1.29
N VAL FA 452 -105.46 -67.40 0.11
CA VAL FA 452 -105.42 -68.47 -0.89
C VAL FA 452 -104.03 -69.08 -0.80
N GLY FA 453 -103.93 -70.14 -0.03
CA GLY FA 453 -102.66 -70.80 0.23
C GLY FA 453 -102.77 -71.76 1.40
N ASN FA 454 -101.64 -72.15 1.97
CA ASN FA 454 -101.61 -73.12 3.04
C ASN FA 454 -100.20 -73.23 3.62
N PHE FA 455 -100.04 -74.06 4.65
CA PHE FA 455 -98.71 -74.17 5.30
C PHE FA 455 -97.56 -74.47 4.34
N ALA FA 456 -97.83 -75.20 3.26
CA ALA FA 456 -96.78 -75.54 2.30
C ALA FA 456 -96.36 -74.35 1.42
N GLY FA 457 -97.30 -73.43 1.17
CA GLY FA 457 -97.00 -72.20 0.47
C GLY FA 457 -97.78 -71.88 -0.80
N ALA FA 458 -98.46 -72.86 -1.36
CA ALA FA 458 -99.17 -72.64 -2.61
C ALA FA 458 -100.26 -73.68 -2.82
N ASN FA 459 -101.25 -73.36 -3.65
CA ASN FA 459 -102.36 -74.27 -3.93
C ASN FA 459 -102.24 -74.78 -5.33
N PRO FA 460 -102.52 -76.07 -5.53
CA PRO FA 460 -102.70 -76.64 -6.87
C PRO FA 460 -104.09 -76.26 -7.35
N ASN FA 461 -104.35 -76.44 -8.65
CA ASN FA 461 -105.65 -76.06 -9.16
C ASN FA 461 -106.61 -77.24 -9.13
N THR FA 462 -106.56 -77.98 -8.04
CA THR FA 462 -107.41 -79.16 -7.85
C THR FA 462 -107.81 -79.16 -6.40
N ARG FA 463 -108.59 -80.17 -5.98
CA ARG FA 463 -108.90 -80.31 -4.56
C ARG FA 463 -107.67 -80.92 -3.90
N PHE FA 464 -107.39 -80.50 -2.68
CA PHE FA 464 -106.20 -80.93 -1.94
C PHE FA 464 -106.56 -80.75 -0.48
N SER FA 465 -105.80 -81.37 0.41
CA SER FA 465 -106.02 -81.22 1.83
C SER FA 465 -104.73 -80.85 2.55
N LEU FA 466 -104.51 -79.55 2.75
CA LEU FA 466 -103.31 -79.08 3.45
C LEU FA 466 -103.68 -78.03 4.48
N TYR FA 467 -103.28 -78.27 5.74
CA TYR FA 467 -103.59 -77.37 6.85
C TYR FA 467 -103.42 -75.89 6.47
N SER FA 468 -104.46 -75.10 6.71
CA SER FA 468 -104.42 -73.68 6.40
C SER FA 468 -105.56 -72.97 7.10
N ARG FA 469 -105.72 -71.68 6.83
CA ARG FA 469 -106.91 -70.96 7.27
C ARG FA 469 -108.10 -71.47 6.48
N TRP FA 470 -109.29 -71.27 7.01
CA TRP FA 470 -110.48 -71.89 6.45
C TRP FA 470 -111.64 -70.91 6.54
N MET FA 471 -112.32 -70.70 5.43
CA MET FA 471 -113.44 -69.77 5.38
C MET FA 471 -114.75 -70.41 4.88
N ALA FA 472 -115.87 -69.90 5.38
CA ALA FA 472 -117.17 -70.36 4.91
C ALA FA 472 -118.16 -69.22 5.00
N ILE FA 473 -119.12 -69.21 4.09
CA ILE FA 473 -120.23 -68.26 4.16
C ILE FA 473 -121.46 -68.99 4.65
N LYS FA 474 -122.11 -68.46 5.69
CA LYS FA 474 -123.28 -69.12 6.28
C LYS FA 474 -124.53 -68.24 6.16
N LEU FA 475 -125.50 -68.70 5.38
CA LEU FA 475 -126.79 -68.05 5.29
C LEU FA 475 -127.81 -68.74 6.21
N ASP FA 476 -128.62 -67.97 6.94
CA ASP FA 476 -129.67 -68.56 7.79
C ASP FA 476 -131.08 -68.23 7.30
N GLN FA 477 -131.16 -67.27 6.39
CA GLN FA 477 -132.43 -66.81 5.83
C GLN FA 477 -132.24 -66.64 4.34
N ALA FA 478 -131.64 -67.65 3.72
CA ALA FA 478 -131.19 -67.54 2.33
C ALA FA 478 -132.32 -67.26 1.33
N LYS FA 479 -133.51 -67.77 1.63
CA LYS FA 479 -134.65 -67.53 0.75
C LYS FA 479 -135.05 -66.05 0.69
N SER FA 480 -134.59 -65.26 1.67
CA SER FA 480 -134.84 -63.83 1.68
C SER FA 480 -133.80 -63.05 0.85
N ILE FA 481 -132.87 -63.78 0.23
CA ILE FA 481 -131.83 -63.14 -0.57
C ILE FA 481 -132.06 -63.39 -2.05
N LYS FA 482 -132.14 -62.32 -2.84
CA LYS FA 482 -132.34 -62.48 -4.28
C LYS FA 482 -131.03 -62.82 -4.96
N VAL FA 483 -129.95 -62.24 -4.46
CA VAL FA 483 -128.61 -62.53 -4.97
C VAL FA 483 -127.54 -62.18 -3.95
N LEU FA 484 -126.54 -63.05 -3.85
CA LEU FA 484 -125.36 -62.81 -3.05
C LEU FA 484 -124.20 -62.78 -4.04
N ARG FA 485 -123.60 -61.62 -4.20
CA ARG FA 485 -122.47 -61.48 -5.10
C ARG FA 485 -121.15 -61.38 -4.33
N VAL FA 486 -120.14 -62.11 -4.79
CA VAL FA 486 -118.82 -62.03 -4.17
C VAL FA 486 -117.80 -61.52 -5.18
N LEU FA 487 -117.28 -60.33 -4.92
CA LEU FA 487 -116.19 -59.78 -5.71
C LEU FA 487 -114.86 -59.95 -4.99
N CYS FA 488 -113.79 -60.06 -5.76
CA CYS FA 488 -112.46 -60.12 -5.17
C CYS FA 488 -111.47 -59.18 -5.86
N LYS FA 489 -110.40 -58.86 -5.13
CA LYS FA 489 -109.35 -57.99 -5.61
C LYS FA 489 -108.02 -58.49 -5.02
N PRO FA 490 -107.20 -59.13 -5.85
CA PRO FA 490 -105.95 -59.70 -5.35
C PRO FA 490 -105.02 -58.63 -4.80
N ARG FA 491 -104.52 -58.87 -3.61
CA ARG FA 491 -103.49 -58.02 -3.03
C ARG FA 491 -102.22 -58.21 -3.80
N PRO FA 492 -101.42 -57.15 -3.86
CA PRO FA 492 -100.17 -57.13 -4.64
C PRO FA 492 -99.30 -58.30 -4.25
N GLY FA 493 -98.70 -58.94 -5.26
CA GLY FA 493 -97.82 -60.08 -5.02
C GLY FA 493 -98.52 -61.42 -5.12
N PHE FA 494 -99.73 -61.45 -5.68
CA PHE FA 494 -100.41 -62.72 -5.88
C PHE FA 494 -99.63 -63.49 -6.92
N SER FA 495 -99.17 -64.69 -6.57
CA SER FA 495 -98.14 -65.37 -7.36
C SER FA 495 -98.62 -66.64 -8.06
N PHE FA 496 -98.07 -66.88 -9.24
CA PHE FA 496 -98.38 -68.06 -10.03
C PHE FA 496 -97.10 -68.82 -10.35
N TYR FA 497 -97.18 -70.14 -10.27
CA TYR FA 497 -96.04 -71.01 -10.50
C TYR FA 497 -96.31 -72.02 -11.60
N GLY FA 498 -95.36 -72.13 -12.54
CA GLY FA 498 -95.42 -73.13 -13.60
C GLY FA 498 -96.52 -72.97 -14.63
N ARG FA 499 -96.22 -72.26 -15.70
CA ARG FA 499 -97.22 -72.06 -16.74
C ARG FA 499 -97.66 -73.40 -17.37
N THR FA 500 -98.97 -73.52 -17.54
CA THR FA 500 -99.56 -74.69 -18.17
C THR FA 500 -100.88 -74.34 -18.88
N SER FA 501 -101.71 -75.33 -19.12
CA SER FA 501 -102.98 -75.08 -19.80
C SER FA 501 -104.13 -75.82 -19.12
N PHE FA 502 -105.33 -75.57 -19.62
CA PHE FA 502 -106.53 -76.05 -18.96
C PHE FA 502 -107.67 -76.26 -19.95
N PRO FA 503 -107.78 -77.49 -20.47
CA PRO FA 503 -108.88 -77.84 -21.37
C PRO FA 503 -110.17 -78.09 -20.61
N VAL FA 504 -111.26 -77.51 -21.10
CA VAL FA 504 -112.62 -77.80 -20.62
C VAL FA 504 -113.61 -77.99 -21.77
N GLY GA 1 -77.31 -66.56 50.89
CA GLY GA 1 -77.22 -67.55 51.94
C GLY GA 1 -78.37 -68.54 51.94
N LEU GA 2 -78.24 -69.60 52.73
CA LEU GA 2 -79.31 -70.58 52.80
C LEU GA 2 -80.57 -69.92 53.34
N ALA GA 3 -81.65 -70.01 52.59
CA ALA GA 3 -82.85 -69.27 52.90
C ALA GA 3 -83.96 -70.20 53.42
N GLY GA 4 -83.96 -71.44 52.96
CA GLY GA 4 -84.96 -72.40 53.35
C GLY GA 4 -84.57 -73.81 52.92
N ARG GA 5 -85.24 -74.81 53.46
CA ARG GA 5 -84.91 -76.18 53.13
C ARG GA 5 -86.09 -77.11 53.27
N GLY GA 6 -85.93 -78.33 52.80
CA GLY GA 6 -86.98 -79.32 52.84
C GLY GA 6 -86.44 -80.68 52.48
N VAL GA 7 -87.27 -81.71 52.64
CA VAL GA 7 -86.81 -83.06 52.42
C VAL GA 7 -87.79 -83.84 51.54
N ILE GA 8 -87.26 -84.55 50.54
CA ILE GA 8 -88.06 -85.43 49.72
C ILE GA 8 -87.75 -86.89 50.07
N TYR GA 9 -88.76 -87.73 50.28
CA TYR GA 9 -88.48 -89.15 50.55
C TYR GA 9 -88.56 -90.03 49.31
N ILE GA 10 -87.49 -90.74 49.04
CA ILE GA 10 -87.45 -91.71 47.96
C ILE GA 10 -87.70 -93.15 48.46
N PRO GA 11 -88.73 -93.80 47.92
CA PRO GA 11 -89.00 -95.21 48.20
C PRO GA 11 -87.89 -96.08 47.61
N LYS GA 12 -87.64 -97.24 48.22
CA LYS GA 12 -86.61 -98.13 47.71
C LYS GA 12 -86.95 -98.59 46.31
N ASP GA 13 -88.23 -98.83 46.05
CA ASP GA 13 -88.67 -99.05 44.68
C ASP GA 13 -89.28 -97.78 44.10
N CYS GA 14 -88.43 -96.99 43.45
CA CYS GA 14 -88.86 -95.75 42.84
C CYS GA 14 -89.08 -95.98 41.36
N GLN GA 15 -90.35 -96.22 41.00
CA GLN GA 15 -90.74 -96.55 39.64
C GLN GA 15 -91.07 -95.31 38.83
N ALA GA 16 -91.07 -95.43 37.51
CA ALA GA 16 -91.50 -94.31 36.69
C ALA GA 16 -92.91 -93.87 37.06
N ASN GA 17 -93.00 -92.61 37.43
CA ASN GA 17 -94.26 -91.91 37.63
C ASN GA 17 -94.66 -91.83 39.07
N ARG GA 18 -93.78 -92.27 39.97
CA ARG GA 18 -94.04 -92.09 41.39
C ARG GA 18 -94.07 -90.62 41.72
N TYR GA 19 -95.09 -90.21 42.46
CA TYR GA 19 -95.12 -88.88 43.00
C TYR GA 19 -94.29 -88.92 44.28
N LEU GA 20 -93.31 -88.06 44.42
CA LEU GA 20 -92.39 -88.13 45.56
C LEU GA 20 -92.74 -87.11 46.64
N GLY GA 21 -93.36 -86.02 46.23
CA GLY GA 21 -93.80 -85.00 47.17
C GLY GA 21 -93.79 -83.60 46.61
N THR GA 22 -94.37 -82.68 47.36
CA THR GA 22 -94.36 -81.28 46.97
C THR GA 22 -93.82 -80.42 48.10
N LEU GA 23 -92.91 -79.51 47.78
CA LEU GA 23 -92.41 -78.57 48.76
C LEU GA 23 -93.04 -77.23 48.46
N ASN GA 24 -93.47 -76.54 49.52
CA ASN GA 24 -94.03 -75.23 49.35
C ASN GA 24 -92.91 -74.20 49.55
N ILE GA 25 -92.57 -73.47 48.50
CA ILE GA 25 -91.42 -72.57 48.55
C ILE GA 25 -91.50 -71.58 49.70
N ARG GA 26 -92.68 -71.02 49.95
CA ARG GA 26 -92.76 -70.02 51.01
C ARG GA 26 -92.67 -70.65 52.39
N ASP GA 27 -93.25 -71.84 52.56
CA ASP GA 27 -93.10 -72.60 53.79
C ASP GA 27 -91.66 -73.04 54.07
N MET GA 28 -90.90 -73.39 53.03
CA MET GA 28 -89.49 -73.76 53.21
C MET GA 28 -88.74 -72.61 53.86
N ILE GA 29 -89.04 -71.39 53.44
CA ILE GA 29 -88.34 -70.21 53.96
C ILE GA 29 -88.86 -69.83 55.35
N SER GA 30 -90.16 -69.95 55.57
CA SER GA 30 -90.75 -69.56 56.86
C SER GA 30 -90.57 -70.57 57.98
N ASP GA 31 -90.50 -71.86 57.65
CA ASP GA 31 -90.26 -72.89 58.66
C ASP GA 31 -88.82 -72.87 59.10
N PHE GA 32 -87.94 -72.46 58.20
CA PHE GA 32 -86.52 -72.36 58.48
C PHE GA 32 -86.27 -71.16 59.39
N LYS GA 33 -86.59 -69.96 58.91
CA LYS GA 33 -86.84 -68.82 59.79
C LYS GA 33 -85.66 -68.35 60.67
N GLY GA 34 -84.44 -68.26 60.14
CA GLY GA 34 -84.12 -67.97 58.76
C GLY GA 34 -83.59 -66.55 58.85
N VAL GA 35 -82.30 -66.31 58.61
CA VAL GA 35 -81.83 -64.91 58.46
C VAL GA 35 -82.52 -64.25 57.27
N GLN GA 36 -82.68 -65.00 56.19
CA GLN GA 36 -83.37 -64.48 55.01
C GLN GA 36 -84.86 -64.27 55.27
N TYR GA 37 -85.51 -65.19 55.98
CA TYR GA 37 -86.91 -65.02 56.35
C TYR GA 37 -87.13 -63.73 57.12
N GLU GA 38 -86.25 -63.44 58.05
CA GLU GA 38 -86.37 -62.21 58.83
C GLU GA 38 -86.07 -60.95 58.00
N LYS GA 39 -85.15 -61.01 57.05
CA LYS GA 39 -84.95 -59.89 56.13
C LYS GA 39 -86.22 -59.64 55.30
N TRP GA 40 -86.96 -60.73 55.04
CA TRP GA 40 -88.15 -60.70 54.20
C TRP GA 40 -89.27 -59.94 54.89
N ILE GA 41 -89.51 -60.25 56.15
CA ILE GA 41 -90.50 -59.52 56.94
C ILE GA 41 -90.33 -57.99 56.87
N THR GA 42 -89.09 -57.53 56.83
CA THR GA 42 -88.83 -56.10 56.76
C THR GA 42 -89.00 -55.53 55.37
N ALA GA 43 -88.64 -56.31 54.37
CA ALA GA 43 -88.77 -55.88 53.01
C ALA GA 43 -90.26 -55.81 52.65
N GLY GA 44 -91.03 -56.74 53.19
CA GLY GA 44 -92.42 -56.90 52.76
C GLY GA 44 -92.55 -57.69 51.47
N LEU GA 45 -92.08 -57.12 50.36
CA LEU GA 45 -92.08 -57.77 49.06
C LEU GA 45 -90.68 -58.18 48.61
N VAL GA 46 -90.54 -59.41 48.11
CA VAL GA 46 -89.26 -59.87 47.55
C VAL GA 46 -89.45 -60.48 46.15
N MET GA 47 -88.49 -60.26 45.25
CA MET GA 47 -88.51 -60.86 43.90
C MET GA 47 -87.26 -61.71 43.66
N PRO GA 48 -87.08 -62.75 44.47
CA PRO GA 48 -85.77 -63.39 44.62
C PRO GA 48 -85.19 -63.96 43.32
N THR GA 49 -83.88 -64.09 43.29
CA THR GA 49 -83.27 -65.03 42.38
C THR GA 49 -82.80 -66.17 43.26
N PHE GA 50 -83.46 -67.31 43.16
CA PHE GA 50 -83.10 -68.49 43.95
C PHE GA 50 -82.06 -69.36 43.26
N LYS GA 51 -81.16 -69.94 44.06
CA LYS GA 51 -80.39 -71.09 43.61
C LYS GA 51 -81.01 -72.28 44.33
N ILE GA 52 -81.54 -73.23 43.58
CA ILE GA 52 -82.09 -74.43 44.19
C ILE GA 52 -81.05 -75.51 44.09
N VAL GA 53 -80.82 -76.19 45.21
CA VAL GA 53 -79.84 -77.26 45.25
C VAL GA 53 -80.48 -78.50 45.82
N ILE GA 54 -80.42 -79.58 45.07
CA ILE GA 54 -80.91 -80.85 45.55
C ILE GA 54 -79.76 -81.79 45.89
N ARG GA 55 -79.60 -82.09 47.17
CA ARG GA 55 -78.54 -82.98 47.61
C ARG GA 55 -78.96 -84.44 47.64
N LEU GA 56 -78.08 -85.28 47.13
CA LEU GA 56 -78.50 -86.43 46.39
C LEU GA 56 -77.23 -87.21 46.16
N PRO GA 57 -77.17 -88.46 46.65
CA PRO GA 57 -75.93 -89.23 46.46
C PRO GA 57 -75.78 -89.74 45.04
N ALA GA 58 -74.70 -89.37 44.38
CA ALA GA 58 -74.53 -89.73 42.97
C ALA GA 58 -74.42 -91.25 42.84
N ASN GA 59 -75.04 -91.80 41.82
CA ASN GA 59 -74.98 -93.24 41.62
C ASN GA 59 -75.23 -93.64 40.16
N ALA GA 60 -74.30 -94.38 39.57
CA ALA GA 60 -74.44 -94.72 38.17
C ALA GA 60 -75.11 -96.05 37.94
N PHE GA 61 -75.61 -96.67 39.00
CA PHE GA 61 -76.08 -98.05 38.91
C PHE GA 61 -77.58 -98.21 39.10
N THR GA 62 -78.35 -97.13 38.93
CA THR GA 62 -79.78 -97.20 39.19
C THR GA 62 -80.61 -96.90 37.97
N GLY GA 63 -80.19 -95.91 37.18
CA GLY GA 63 -80.95 -95.48 36.02
C GLY GA 63 -82.02 -94.43 36.34
N LEU GA 64 -82.10 -94.07 37.62
CA LEU GA 64 -83.08 -93.11 38.13
C LEU GA 64 -82.92 -91.72 37.54
N THR GA 65 -84.03 -91.17 37.07
CA THR GA 65 -84.10 -89.77 36.66
C THR GA 65 -85.37 -89.13 37.20
N TRP GA 66 -85.22 -87.98 37.84
CA TRP GA 66 -86.36 -87.32 38.47
C TRP GA 66 -86.63 -86.02 37.76
N VAL GA 67 -87.80 -85.44 38.00
CA VAL GA 67 -88.11 -84.13 37.49
C VAL GA 67 -88.55 -83.22 38.61
N MET GA 68 -87.87 -82.08 38.74
CA MET GA 68 -88.36 -80.99 39.58
C MET GA 68 -89.18 -80.05 38.72
N SER GA 69 -90.43 -79.83 39.09
CA SER GA 69 -91.35 -78.99 38.32
C SER GA 69 -91.70 -77.75 39.13
N PHE GA 70 -91.42 -76.58 38.57
CA PHE GA 70 -91.72 -75.31 39.24
C PHE GA 70 -93.13 -74.86 38.90
N ASP GA 71 -94.03 -75.03 39.86
CA ASP GA 71 -95.44 -74.77 39.64
C ASP GA 71 -95.88 -73.56 40.44
N ALA GA 72 -95.53 -72.36 39.97
CA ALA GA 72 -95.73 -71.18 40.80
C ALA GA 72 -97.21 -70.88 41.03
N TYR GA 73 -98.05 -71.40 40.16
CA TYR GA 73 -99.46 -71.04 40.20
C TYR GA 73 -100.36 -72.21 40.52
N ASN GA 74 -99.75 -73.29 41.01
CA ASN GA 74 -100.49 -74.43 41.54
C ASN GA 74 -101.46 -75.02 40.52
N ARG GA 75 -100.98 -75.24 39.31
CA ARG GA 75 -101.82 -75.71 38.20
C ARG GA 75 -101.72 -77.21 37.94
N ILE GA 76 -100.65 -77.88 38.36
CA ILE GA 76 -100.59 -79.33 38.15
C ILE GA 76 -100.78 -80.19 39.40
N THR GA 77 -100.71 -79.56 40.58
CA THR GA 77 -100.74 -80.29 41.83
C THR GA 77 -101.85 -81.32 41.98
N SER GA 78 -103.09 -80.90 41.75
CA SER GA 78 -104.26 -81.77 41.91
C SER GA 78 -104.23 -83.00 40.99
N ARG GA 79 -103.42 -82.93 39.95
CA ARG GA 79 -103.44 -83.97 38.94
C ARG GA 79 -102.22 -84.91 39.00
N ILE GA 80 -101.30 -84.68 39.93
CA ILE GA 80 -100.14 -85.55 40.02
C ILE GA 80 -99.98 -86.31 41.33
N THR GA 81 -100.79 -86.04 42.34
CA THR GA 81 -100.53 -86.57 43.69
C THR GA 81 -100.70 -88.08 43.87
N ALA GA 82 -101.44 -88.72 42.98
CA ALA GA 82 -101.59 -90.16 43.06
C ALA GA 82 -100.54 -90.81 42.17
N SER GA 83 -100.37 -90.23 40.99
CA SER GA 83 -99.43 -90.72 40.01
C SER GA 83 -99.16 -89.58 39.04
N ALA GA 84 -97.89 -89.35 38.73
CA ALA GA 84 -97.56 -88.20 37.90
C ALA GA 84 -97.30 -88.62 36.48
N ASP GA 85 -98.19 -88.23 35.58
CA ASP GA 85 -97.89 -88.40 34.17
C ASP GA 85 -96.83 -87.36 33.79
N PRO GA 86 -95.84 -87.75 32.99
CA PRO GA 86 -94.87 -86.78 32.49
C PRO GA 86 -95.50 -85.60 31.73
N VAL GA 87 -96.64 -85.80 31.07
CA VAL GA 87 -97.30 -84.70 30.36
C VAL GA 87 -97.60 -83.52 31.31
N TYR GA 88 -98.04 -83.81 32.54
CA TYR GA 88 -98.26 -82.76 33.52
C TYR GA 88 -96.94 -82.18 34.01
N THR GA 89 -96.01 -83.04 34.42
CA THR GA 89 -94.81 -82.59 35.10
C THR GA 89 -93.89 -81.80 34.19
N LEU GA 90 -94.00 -82.04 32.88
CA LEU GA 90 -93.16 -81.32 31.91
C LEU GA 90 -93.85 -80.11 31.26
N SER GA 91 -95.08 -79.83 31.68
CA SER GA 91 -95.89 -78.76 31.09
C SER GA 91 -95.67 -77.40 31.77
N VAL GA 92 -94.88 -77.40 32.84
CA VAL GA 92 -94.46 -76.17 33.50
C VAL GA 92 -92.94 -76.12 33.51
N PRO GA 93 -92.34 -74.96 33.84
CA PRO GA 93 -90.88 -74.93 33.92
C PRO GA 93 -90.34 -76.08 34.79
N HIS GA 94 -89.29 -76.75 34.32
CA HIS GA 94 -88.84 -77.97 34.97
C HIS GA 94 -87.39 -78.29 34.66
N TRP GA 95 -86.83 -79.20 35.45
CA TRP GA 95 -85.43 -79.58 35.28
C TRP GA 95 -85.29 -81.08 35.45
N LEU GA 96 -84.45 -81.70 34.60
CA LEU GA 96 -84.15 -83.12 34.74
C LEU GA 96 -83.03 -83.33 35.76
N ILE GA 97 -83.28 -84.22 36.70
CA ILE GA 97 -82.29 -84.57 37.71
C ILE GA 97 -81.80 -85.99 37.48
N HIS GA 98 -80.60 -86.12 36.95
CA HIS GA 98 -80.01 -87.43 36.70
C HIS GA 98 -79.22 -87.96 37.89
N HIS GA 99 -79.51 -89.21 38.28
CA HIS GA 99 -78.93 -89.79 39.46
C HIS GA 99 -77.44 -89.94 39.29
N LYS GA 100 -77.00 -90.14 38.05
CA LYS GA 100 -75.57 -90.35 37.80
C LYS GA 100 -74.76 -89.10 38.09
N LEU GA 101 -75.42 -87.94 38.06
CA LEU GA 101 -74.72 -86.66 38.24
C LEU GA 101 -74.71 -86.16 39.67
N GLY GA 102 -75.41 -86.88 40.54
CA GLY GA 102 -75.45 -86.52 41.95
C GLY GA 102 -76.14 -85.21 42.22
N THR GA 103 -75.54 -84.43 43.12
CA THR GA 103 -76.13 -83.18 43.58
C THR GA 103 -76.39 -82.24 42.42
N PHE GA 104 -77.60 -81.68 42.42
CA PHE GA 104 -78.12 -80.90 41.32
C PHE GA 104 -78.34 -79.47 41.75
N SER GA 105 -78.15 -78.54 40.82
CA SER GA 105 -78.38 -77.13 41.09
C SER GA 105 -78.93 -76.38 39.88
N CYS GA 106 -79.77 -75.37 40.13
CA CYS GA 106 -80.25 -74.50 39.05
C CYS GA 106 -80.66 -73.13 39.60
N GLU GA 107 -80.86 -72.17 38.70
CA GLU GA 107 -81.30 -70.84 39.10
C GLU GA 107 -82.75 -70.61 38.70
N ILE GA 108 -83.50 -69.99 39.59
CA ILE GA 108 -84.83 -69.58 39.27
C ILE GA 108 -84.89 -68.08 39.46
N ASP GA 109 -85.01 -67.35 38.37
CA ASP GA 109 -85.27 -65.92 38.48
C ASP GA 109 -86.77 -65.77 38.68
N TYR GA 110 -87.17 -65.57 39.93
CA TYR GA 110 -88.59 -65.52 40.27
C TYR GA 110 -89.33 -64.41 39.50
N GLY GA 111 -88.59 -63.38 39.09
CA GLY GA 111 -89.13 -62.32 38.25
C GLY GA 111 -89.62 -62.81 36.91
N GLU GA 112 -88.88 -63.73 36.30
CA GLU GA 112 -89.26 -64.32 35.02
C GLU GA 112 -90.22 -65.50 35.17
N LEU GA 113 -89.77 -66.56 35.81
CA LEU GA 113 -90.55 -67.78 35.94
C LEU GA 113 -91.86 -67.61 36.70
N CYS GA 114 -91.94 -66.59 37.54
CA CYS GA 114 -93.18 -66.37 38.28
C CYS GA 114 -93.89 -65.07 37.90
N GLY GA 115 -93.23 -63.92 38.08
CA GLY GA 115 -93.78 -62.65 37.61
C GLY GA 115 -94.32 -61.70 38.65
N HIS GA 116 -94.75 -62.21 39.79
CA HIS GA 116 -95.20 -61.34 40.88
C HIS GA 116 -94.36 -61.51 42.14
N ALA GA 117 -94.17 -60.42 42.89
CA ALA GA 117 -93.37 -60.45 44.11
C ALA GA 117 -94.07 -61.09 45.30
N MET GA 118 -93.29 -61.73 46.16
CA MET GA 118 -93.83 -62.47 47.30
C MET GA 118 -94.04 -61.62 48.56
N TRP GA 119 -95.24 -61.69 49.10
CA TRP GA 119 -95.61 -60.93 50.27
C TRP GA 119 -95.36 -61.76 51.53
N PHE GA 120 -94.60 -61.20 52.45
CA PHE GA 120 -94.14 -61.93 53.61
C PHE GA 120 -95.25 -62.60 54.44
N LYS GA 121 -96.42 -61.98 54.55
CA LYS GA 121 -97.42 -62.43 55.53
C LYS GA 121 -98.41 -63.45 55.00
N SER GA 122 -98.59 -63.52 53.69
CA SER GA 122 -99.57 -64.42 53.10
C SER GA 122 -99.39 -64.57 51.61
N THR GA 123 -99.95 -65.65 51.09
CA THR GA 123 -99.94 -65.87 49.66
C THR GA 123 -100.81 -64.81 48.96
N THR GA 124 -100.33 -64.23 47.87
CA THR GA 124 -101.11 -63.24 47.14
C THR GA 124 -102.10 -63.93 46.20
N PHE GA 125 -101.57 -64.59 45.18
CA PHE GA 125 -102.46 -65.29 44.26
C PHE GA 125 -102.59 -66.75 44.63
N GLU GA 126 -101.69 -67.58 44.12
CA GLU GA 126 -101.62 -68.92 44.62
C GLU GA 126 -100.23 -69.14 45.21
N SER GA 127 -100.11 -70.21 46.01
CA SER GA 127 -98.87 -70.55 46.73
C SER GA 127 -97.90 -71.36 45.87
N PRO GA 128 -96.70 -70.81 45.59
CA PRO GA 128 -95.69 -71.40 44.69
C PRO GA 128 -95.13 -72.76 45.17
N ARG GA 129 -95.17 -73.80 44.34
CA ARG GA 129 -94.74 -75.14 44.72
C ARG GA 129 -93.58 -75.68 43.88
N LEU GA 130 -92.77 -76.54 44.49
CA LEU GA 130 -91.85 -77.38 43.76
C LEU GA 130 -92.31 -78.84 43.84
N HIS GA 131 -92.57 -79.47 42.71
CA HIS GA 131 -92.99 -80.88 42.68
C HIS GA 131 -91.84 -81.80 42.33
N PHE GA 132 -91.73 -82.90 43.04
CA PHE GA 132 -90.71 -83.87 42.69
C PHE GA 132 -91.31 -85.21 42.28
N THR GA 133 -91.04 -85.58 41.04
CA THR GA 133 -91.60 -86.78 40.48
C THR GA 133 -90.50 -87.63 39.85
N CYS GA 134 -90.76 -88.91 39.67
CA CYS GA 134 -89.79 -89.79 39.05
C CYS GA 134 -90.11 -90.00 37.57
N LEU GA 135 -89.18 -89.63 36.69
CA LEU GA 135 -89.43 -89.65 35.24
C LEU GA 135 -89.15 -91.02 34.66
N THR GA 136 -87.98 -91.56 35.01
CA THR GA 136 -87.57 -92.92 34.65
C THR GA 136 -87.23 -93.65 35.93
N GLY GA 137 -87.72 -94.88 36.09
CA GLY GA 137 -87.54 -95.62 37.32
C GLY GA 137 -86.19 -96.31 37.47
N ASN GA 138 -85.93 -96.83 38.66
CA ASN GA 138 -84.72 -97.61 38.88
C ASN GA 138 -84.82 -98.98 38.20
N ASN GA 139 -83.68 -99.54 37.84
CA ASN GA 139 -83.67 -100.77 37.04
C ASN GA 139 -84.10 -101.96 37.88
N LYS GA 140 -83.84 -101.85 39.18
CA LYS GA 140 -84.24 -102.82 40.19
C LYS GA 140 -84.32 -101.99 41.46
N GLU GA 141 -85.08 -102.46 42.45
CA GLU GA 141 -85.22 -101.65 43.66
C GLU GA 141 -83.87 -101.51 44.33
N LEU GA 142 -83.72 -100.45 45.12
CA LEU GA 142 -82.50 -100.25 45.87
C LEU GA 142 -82.58 -101.00 47.21
N ALA GA 143 -81.54 -100.86 48.02
CA ALA GA 143 -81.47 -101.61 49.25
C ALA GA 143 -82.47 -101.15 50.30
N ALA GA 144 -82.75 -99.85 50.33
CA ALA GA 144 -83.63 -99.30 51.37
C ALA GA 144 -84.19 -97.95 50.98
N ASP GA 145 -85.24 -97.53 51.69
CA ASP GA 145 -85.77 -96.17 51.53
C ASP GA 145 -84.66 -95.16 51.85
N TRP GA 146 -84.69 -94.02 51.17
CA TRP GA 146 -83.76 -92.94 51.47
C TRP GA 146 -84.40 -91.56 51.29
N GLN GA 147 -83.61 -90.50 51.45
CA GLN GA 147 -84.14 -89.15 51.25
C GLN GA 147 -83.15 -88.25 50.54
N ALA GA 148 -83.67 -87.21 49.91
CA ALA GA 148 -82.84 -86.17 49.33
C ALA GA 148 -83.21 -84.86 50.03
N VAL GA 149 -82.25 -83.93 50.08
CA VAL GA 149 -82.50 -82.64 50.71
C VAL GA 149 -82.59 -81.53 49.67
N VAL GA 150 -83.63 -80.70 49.78
CA VAL GA 150 -83.80 -79.56 48.88
C VAL GA 150 -83.44 -78.26 49.62
N GLU GA 151 -82.60 -77.44 49.02
CA GLU GA 151 -82.22 -76.20 49.66
C GLU GA 151 -82.43 -74.97 48.77
N LEU GA 152 -82.95 -73.89 49.36
CA LEU GA 152 -83.11 -72.60 48.67
C LEU GA 152 -82.03 -71.62 49.14
N TYR GA 153 -81.23 -71.12 48.21
CA TYR GA 153 -80.24 -70.09 48.53
C TYR GA 153 -80.66 -68.80 47.86
N ALA GA 154 -80.55 -67.70 48.59
CA ALA GA 154 -80.99 -66.41 48.06
C ALA GA 154 -80.48 -65.29 48.94
N GLU GA 155 -80.27 -64.13 48.34
CA GLU GA 155 -80.06 -62.92 49.14
C GLU GA 155 -81.25 -62.00 48.93
N LEU GA 156 -82.25 -62.14 49.80
CA LEU GA 156 -83.50 -61.40 49.67
C LEU GA 156 -83.32 -59.91 49.89
N GLU GA 157 -83.78 -59.13 48.92
CA GLU GA 157 -83.84 -57.69 49.12
C GLU GA 157 -85.23 -57.17 48.75
N GLU GA 158 -85.59 -56.00 49.28
CA GLU GA 158 -86.91 -55.44 49.06
C GLU GA 158 -87.17 -55.23 47.57
N ALA GA 159 -88.35 -55.66 47.15
CA ALA GA 159 -88.78 -55.50 45.78
C ALA GA 159 -89.33 -54.09 45.51
N THR GA 160 -88.90 -53.51 44.40
CA THR GA 160 -89.28 -52.15 44.05
C THR GA 160 -90.68 -52.09 43.38
N SER GA 161 -91.06 -53.13 42.63
CA SER GA 161 -92.34 -53.17 41.92
C SER GA 161 -93.08 -54.45 42.22
N PHE GA 162 -94.39 -54.47 42.00
CA PHE GA 162 -95.15 -55.71 42.22
C PHE GA 162 -94.93 -56.71 41.11
N LEU GA 163 -94.82 -56.22 39.88
CA LEU GA 163 -94.73 -57.08 38.72
C LEU GA 163 -93.31 -57.24 38.24
N GLY GA 164 -93.01 -58.43 37.73
CA GLY GA 164 -91.75 -58.68 37.05
C GLY GA 164 -91.68 -58.06 35.66
N LYS GA 165 -90.80 -58.60 34.83
CA LYS GA 165 -90.77 -58.24 33.43
C LYS GA 165 -91.55 -59.35 32.75
N PRO GA 166 -92.38 -59.01 31.74
CA PRO GA 166 -93.23 -59.99 31.10
C PRO GA 166 -92.42 -61.03 30.33
N THR GA 167 -92.69 -62.31 30.60
CA THR GA 167 -92.14 -63.44 29.87
C THR GA 167 -92.49 -63.36 28.38
N LEU GA 168 -93.68 -62.86 28.06
CA LEU GA 168 -94.18 -62.89 26.69
C LEU GA 168 -95.10 -61.69 26.36
N VAL GA 169 -94.95 -61.13 25.17
CA VAL GA 169 -95.85 -60.06 24.76
C VAL GA 169 -96.58 -60.48 23.48
N PHE GA 170 -97.90 -60.34 23.48
CA PHE GA 170 -98.69 -60.91 22.41
C PHE GA 170 -98.37 -60.31 21.05
N ASP GA 171 -98.09 -61.19 20.10
CA ASP GA 171 -97.80 -60.84 18.72
C ASP GA 171 -98.02 -62.09 17.85
N PRO GA 172 -98.99 -62.02 16.93
CA PRO GA 172 -99.43 -63.10 16.05
C PRO GA 172 -98.34 -63.53 15.12
N GLY GA 173 -97.62 -62.52 14.62
CA GLY GA 173 -96.60 -62.73 13.63
C GLY GA 173 -95.24 -63.08 14.19
N VAL GA 174 -95.20 -63.46 15.47
CA VAL GA 174 -93.91 -63.76 16.10
C VAL GA 174 -93.88 -65.01 16.97
N PHE GA 175 -93.32 -66.03 16.32
CA PHE GA 175 -92.88 -67.30 16.87
C PHE GA 175 -91.51 -67.51 16.22
N ASN GA 176 -90.45 -67.24 16.98
CA ASN GA 176 -89.07 -67.35 16.50
C ASN GA 176 -88.74 -68.73 15.94
N GLY GA 177 -88.96 -69.76 16.74
CA GLY GA 177 -88.52 -71.09 16.38
C GLY GA 177 -87.64 -71.65 17.48
N LYS GA 178 -87.31 -70.82 18.47
CA LYS GA 178 -86.60 -71.26 19.67
C LYS GA 178 -87.61 -71.67 20.78
N PHE GA 179 -87.29 -72.69 21.55
CA PHE GA 179 -88.16 -73.16 22.61
C PHE GA 179 -87.42 -73.14 23.93
N GLN GA 180 -88.18 -73.05 25.02
CA GLN GA 180 -87.65 -73.42 26.34
C GLN GA 180 -88.58 -74.42 27.01
N PHE GA 181 -88.00 -75.30 27.81
CA PHE GA 181 -88.77 -76.28 28.57
C PHE GA 181 -89.64 -77.20 27.70
N LEU GA 182 -89.16 -77.53 26.51
CA LEU GA 182 -89.84 -78.49 25.65
C LEU GA 182 -89.19 -79.86 25.79
N THR GA 183 -89.76 -80.67 26.66
CA THR GA 183 -89.24 -82.00 26.94
C THR GA 183 -90.30 -83.04 26.57
N CYS GA 184 -89.93 -84.03 25.77
CA CYS GA 184 -90.83 -85.10 25.38
C CYS GA 184 -90.85 -86.16 26.46
N PRO GA 185 -92.04 -86.71 26.74
CA PRO GA 185 -92.11 -87.84 27.66
C PRO GA 185 -91.16 -88.96 27.22
N PRO GA 186 -90.72 -89.78 28.18
CA PRO GA 186 -89.73 -90.81 27.91
C PRO GA 186 -90.20 -91.80 26.87
N ILE GA 187 -89.27 -92.18 26.02
CA ILE GA 187 -89.43 -93.22 25.01
C ILE GA 187 -88.72 -94.48 25.52
N PHE GA 188 -89.33 -95.67 25.39
CA PHE GA 188 -88.72 -96.87 25.98
C PHE GA 188 -88.36 -97.95 24.97
N PHE GA 189 -87.20 -98.58 25.16
CA PHE GA 189 -86.77 -99.70 24.32
C PHE GA 189 -86.65 -100.98 25.13
N ASP GA 190 -87.26 -102.07 24.65
CA ASP GA 190 -87.18 -103.37 25.31
C ASP GA 190 -85.84 -104.01 24.95
N LEU GA 191 -85.27 -104.75 25.88
CA LEU GA 191 -84.04 -105.45 25.55
C LEU GA 191 -84.31 -106.86 25.02
N THR GA 192 -85.59 -107.20 24.92
CA THR GA 192 -85.98 -108.45 24.32
C THR GA 192 -86.21 -108.30 22.84
N ALA GA 193 -85.68 -107.21 22.28
CA ALA GA 193 -85.86 -106.91 20.88
C ALA GA 193 -84.53 -106.53 20.18
N VAL GA 194 -84.20 -107.27 19.13
CA VAL GA 194 -82.93 -107.05 18.46
C VAL GA 194 -82.85 -105.69 17.77
N THR GA 195 -83.96 -105.22 17.20
CA THR GA 195 -84.08 -103.84 16.72
C THR GA 195 -85.45 -103.29 17.08
N ALA GA 196 -85.62 -101.99 16.97
CA ALA GA 196 -86.90 -101.39 17.31
C ALA GA 196 -87.02 -99.96 16.81
N LEU GA 197 -88.26 -99.52 16.63
CA LEU GA 197 -88.51 -98.15 16.22
C LEU GA 197 -89.38 -97.44 17.24
N ARG GA 198 -89.04 -96.20 17.56
CA ARG GA 198 -89.93 -95.35 18.33
C ARG GA 198 -90.10 -94.01 17.64
N SER GA 199 -91.35 -93.66 17.36
CA SER GA 199 -91.66 -92.40 16.72
C SER GA 199 -92.01 -91.31 17.69
N ALA GA 200 -91.55 -90.10 17.38
CA ALA GA 200 -91.96 -88.91 18.09
C ALA GA 200 -92.57 -88.00 17.03
N GLY GA 201 -93.81 -87.60 17.25
CA GLY GA 201 -94.50 -86.76 16.29
C GLY GA 201 -93.91 -85.38 16.32
N LEU GA 202 -93.88 -84.73 15.15
CA LEU GA 202 -93.33 -83.37 15.04
C LEU GA 202 -94.42 -82.35 14.78
N THR GA 203 -95.65 -82.76 14.98
CA THR GA 203 -96.78 -81.84 14.86
C THR GA 203 -96.98 -81.12 16.20
N LEU GA 204 -96.07 -80.19 16.48
CA LEU GA 204 -95.87 -79.63 17.82
C LEU GA 204 -96.98 -78.72 18.33
N GLY GA 205 -97.90 -78.33 17.46
CA GLY GA 205 -99.01 -77.49 17.89
C GLY GA 205 -100.16 -78.28 18.50
N GLN GA 206 -100.07 -79.60 18.41
CA GLN GA 206 -101.10 -80.49 18.93
C GLN GA 206 -101.11 -80.37 20.46
N VAL GA 207 -102.30 -80.32 21.05
CA VAL GA 207 -102.36 -80.25 22.50
C VAL GA 207 -102.24 -81.64 23.12
N PRO GA 208 -101.28 -81.82 24.04
CA PRO GA 208 -101.00 -83.10 24.69
C PRO GA 208 -102.17 -83.54 25.58
N MET GA 209 -102.35 -84.85 25.74
CA MET GA 209 -103.45 -85.33 26.55
C MET GA 209 -103.05 -86.40 27.55
N VAL GA 210 -103.82 -86.45 28.63
CA VAL GA 210 -103.65 -87.49 29.63
C VAL GA 210 -105.04 -88.04 29.84
N GLY GA 211 -105.32 -89.16 29.20
CA GLY GA 211 -106.67 -89.69 29.19
C GLY GA 211 -107.57 -88.75 28.42
N THR GA 212 -108.63 -88.27 29.06
CA THR GA 212 -109.54 -87.35 28.40
C THR GA 212 -109.18 -85.90 28.70
N THR GA 213 -108.16 -85.69 29.52
CA THR GA 213 -107.75 -84.35 29.94
C THR GA 213 -106.76 -83.69 28.97
N LYS GA 214 -107.13 -82.53 28.44
CA LYS GA 214 -106.24 -81.75 27.58
C LYS GA 214 -105.31 -80.94 28.46
N VAL GA 215 -104.02 -80.96 28.15
CA VAL GA 215 -103.07 -80.17 28.92
C VAL GA 215 -102.52 -79.05 28.06
N TYR GA 216 -103.18 -77.90 28.07
CA TYR GA 216 -102.70 -76.75 27.32
C TYR GA 216 -101.37 -76.27 27.88
N ASN GA 217 -100.42 -75.99 27.00
CA ASN GA 217 -99.14 -75.47 27.45
C ASN GA 217 -98.59 -74.44 26.49
N LEU GA 218 -97.63 -73.63 26.97
CA LEU GA 218 -97.13 -72.52 26.16
C LEU GA 218 -96.46 -72.95 24.86
N ASN GA 219 -95.69 -74.04 24.92
CA ASN GA 219 -94.99 -74.49 23.71
C ASN GA 219 -95.91 -74.87 22.55
N SER GA 220 -96.89 -75.72 22.81
CA SER GA 220 -97.82 -76.08 21.74
C SER GA 220 -98.61 -74.84 21.32
N THR GA 221 -98.91 -73.99 22.28
CA THR GA 221 -99.60 -72.75 21.95
C THR GA 221 -98.78 -71.89 20.99
N LEU GA 222 -97.49 -71.74 21.25
CA LEU GA 222 -96.61 -70.98 20.34
C LEU GA 222 -96.58 -71.56 18.94
N VAL GA 223 -96.32 -72.86 18.83
CA VAL GA 223 -96.32 -73.49 17.52
C VAL GA 223 -97.65 -73.24 16.78
N SER GA 224 -98.77 -73.23 17.51
CA SER GA 224 -100.05 -73.08 16.85
C SER GA 224 -100.21 -71.71 16.16
N CYS GA 225 -99.29 -70.80 16.47
CA CYS GA 225 -99.30 -69.42 15.94
C CYS GA 225 -98.79 -69.34 14.52
N VAL GA 226 -98.41 -70.50 14.01
CA VAL GA 226 -97.86 -70.66 12.68
C VAL GA 226 -98.66 -71.77 11.95
N LEU GA 227 -98.59 -71.80 10.61
CA LEU GA 227 -99.35 -72.81 9.86
C LEU GA 227 -98.57 -74.13 9.76
N GLY GA 228 -97.26 -74.02 9.76
CA GLY GA 228 -96.38 -75.17 9.74
C GLY GA 228 -94.93 -74.73 9.77
N MET GA 229 -94.02 -75.68 9.78
CA MET GA 229 -92.62 -75.38 9.94
C MET GA 229 -91.75 -76.45 9.30
N GLY GA 230 -90.61 -76.02 8.78
CA GLY GA 230 -89.63 -76.93 8.25
C GLY GA 230 -88.29 -76.48 8.78
N GLY GA 231 -87.25 -77.26 8.53
CA GLY GA 231 -85.94 -76.87 8.99
C GLY GA 231 -85.27 -77.98 9.73
N THR GA 232 -84.35 -77.64 10.63
CA THR GA 232 -83.64 -78.65 11.38
C THR GA 232 -84.00 -78.62 12.87
N VAL GA 233 -84.34 -79.78 13.42
CA VAL GA 233 -84.62 -79.90 14.83
C VAL GA 233 -83.31 -80.03 15.60
N ARG GA 234 -83.00 -79.07 16.46
CA ARG GA 234 -81.81 -79.16 17.33
C ARG GA 234 -82.30 -79.55 18.71
N GLY GA 235 -81.73 -80.62 19.26
CA GLY GA 235 -82.15 -81.06 20.57
C GLY GA 235 -81.07 -81.78 21.33
N ARG GA 236 -81.45 -82.34 22.48
CA ARG GA 236 -80.55 -83.17 23.28
C ARG GA 236 -81.21 -84.51 23.56
N VAL GA 237 -80.41 -85.56 23.61
CA VAL GA 237 -80.89 -86.87 23.96
C VAL GA 237 -80.24 -87.31 25.26
N HIS GA 238 -81.05 -87.78 26.20
CA HIS GA 238 -80.52 -88.33 27.42
C HIS GA 238 -80.81 -89.82 27.51
N ILE GA 239 -79.77 -90.61 27.75
CA ILE GA 239 -79.96 -92.03 27.92
C ILE GA 239 -80.03 -92.33 29.41
N CYS GA 240 -81.22 -92.71 29.88
CA CYS GA 240 -81.50 -92.77 31.31
C CYS GA 240 -81.50 -94.18 31.88
N ALA GA 241 -80.33 -94.81 31.86
CA ALA GA 241 -80.18 -96.16 32.37
C ALA GA 241 -78.84 -96.29 33.10
N PRO GA 242 -78.65 -97.39 33.83
CA PRO GA 242 -77.38 -97.68 34.53
C PRO GA 242 -76.20 -97.79 33.57
N ILE GA 243 -74.95 -97.56 34.03
CA ILE GA 243 -73.75 -97.64 33.14
C ILE GA 243 -73.65 -98.97 32.42
N PHE GA 244 -74.25 -100.02 32.97
CA PHE GA 244 -74.14 -101.34 32.38
C PHE GA 244 -75.20 -101.62 31.32
N TYR GA 245 -76.10 -100.65 31.08
CA TYR GA 245 -77.01 -100.68 29.94
C TYR GA 245 -76.37 -99.85 28.82
N SER GA 246 -76.58 -100.22 27.57
CA SER GA 246 -76.07 -99.41 26.47
C SER GA 246 -76.82 -99.65 25.18
N ILE GA 247 -76.79 -98.67 24.29
CA ILE GA 247 -77.60 -98.73 23.09
C ILE GA 247 -76.97 -97.90 21.98
N VAL GA 248 -77.34 -98.19 20.74
CA VAL GA 248 -76.92 -97.36 19.62
C VAL GA 248 -78.15 -97.05 18.80
N LEU GA 249 -78.40 -95.75 18.58
CA LEU GA 249 -79.58 -95.32 17.84
C LEU GA 249 -79.24 -94.68 16.51
N TRP GA 250 -80.07 -94.93 15.50
CA TRP GA 250 -80.08 -94.17 14.26
C TRP GA 250 -81.28 -93.27 14.37
N VAL GA 251 -81.04 -91.96 14.41
CA VAL GA 251 -82.11 -90.98 14.52
C VAL GA 251 -82.33 -90.21 13.22
N VAL GA 252 -83.54 -90.29 12.68
CA VAL GA 252 -83.80 -89.74 11.36
C VAL GA 252 -85.25 -89.29 11.22
N SER GA 253 -85.51 -88.40 10.28
CA SER GA 253 -86.88 -87.92 10.06
C SER GA 253 -87.53 -88.62 8.87
N GLU GA 254 -88.80 -88.98 9.02
CA GLU GA 254 -89.54 -89.63 7.94
C GLU GA 254 -90.93 -89.03 7.75
N TRP GA 255 -91.45 -89.14 6.54
CA TRP GA 255 -92.77 -88.61 6.22
C TRP GA 255 -93.81 -89.70 5.96
N ASN GA 256 -94.96 -89.56 6.62
CA ASN GA 256 -96.10 -90.45 6.43
C ASN GA 256 -95.74 -91.93 6.44
N GLY GA 257 -95.52 -92.49 7.62
CA GLY GA 257 -95.10 -93.87 7.73
C GLY GA 257 -93.58 -93.97 7.75
N THR GA 258 -93.07 -95.17 7.66
CA THR GA 258 -91.65 -95.39 7.68
C THR GA 258 -91.32 -96.40 6.62
N THR GA 259 -90.10 -96.37 6.13
CA THR GA 259 -89.68 -97.35 5.15
C THR GA 259 -89.47 -98.69 5.84
N MET GA 260 -89.64 -99.76 5.08
CA MET GA 260 -89.48 -101.09 5.64
C MET GA 260 -88.13 -101.69 5.21
N ASP GA 261 -87.44 -100.96 4.34
CA ASP GA 261 -86.16 -101.39 3.76
C ASP GA 261 -84.99 -100.76 4.53
N TRP GA 262 -84.26 -101.58 5.26
CA TRP GA 262 -83.12 -101.07 6.01
C TRP GA 262 -82.12 -100.33 5.14
N ASN GA 263 -81.98 -100.72 3.89
CA ASN GA 263 -81.01 -100.04 3.04
C ASN GA 263 -81.47 -98.64 2.67
N GLU GA 264 -82.77 -98.48 2.43
CA GLU GA 264 -83.30 -97.15 2.15
C GLU GA 264 -83.13 -96.28 3.39
N LEU GA 265 -83.41 -96.86 4.54
CA LEU GA 265 -83.35 -96.13 5.79
C LEU GA 265 -82.01 -95.43 5.97
N PHE GA 266 -80.93 -96.09 5.57
CA PHE GA 266 -79.61 -95.52 5.78
C PHE GA 266 -79.11 -94.68 4.63
N LYS GA 267 -79.97 -94.43 3.65
CA LYS GA 267 -79.68 -93.47 2.61
C LYS GA 267 -80.27 -92.12 3.01
N TYR GA 268 -81.04 -92.09 4.10
CA TYR GA 268 -81.59 -90.85 4.62
C TYR GA 268 -80.55 -90.11 5.43
N PRO GA 269 -80.72 -88.79 5.60
CA PRO GA 269 -79.83 -87.97 6.44
C PRO GA 269 -80.19 -88.02 7.93
N GLY GA 270 -79.68 -89.02 8.62
CA GLY GA 270 -79.84 -89.15 10.05
C GLY GA 270 -78.52 -89.01 10.80
N VAL GA 271 -78.57 -89.25 12.11
CA VAL GA 271 -77.41 -89.18 12.98
C VAL GA 271 -77.36 -90.39 13.92
N TYR GA 272 -76.18 -90.78 14.36
CA TYR GA 272 -76.08 -91.86 15.33
C TYR GA 272 -76.02 -91.29 16.75
N VAL GA 273 -76.66 -91.96 17.70
CA VAL GA 273 -76.64 -91.57 19.09
C VAL GA 273 -76.23 -92.76 19.93
N GLU GA 274 -75.08 -92.65 20.60
CA GLU GA 274 -74.54 -93.74 21.42
C GLU GA 274 -74.65 -93.37 22.88
N GLU GA 275 -74.82 -92.08 23.15
CA GLU GA 275 -74.73 -91.58 24.52
C GLU GA 275 -75.36 -90.20 24.68
N ASP GA 276 -75.53 -89.76 25.92
CA ASP GA 276 -76.02 -88.39 26.19
C ASP GA 276 -75.33 -87.43 25.24
N GLY GA 277 -76.10 -86.50 24.67
CA GLY GA 277 -75.55 -85.51 23.76
C GLY GA 277 -76.60 -84.74 22.99
N SER GA 278 -76.16 -83.76 22.21
CA SER GA 278 -77.08 -83.01 21.34
C SER GA 278 -77.16 -83.67 19.95
N PHE GA 279 -78.17 -83.29 19.17
CA PHE GA 279 -78.37 -83.82 17.82
C PHE GA 279 -79.04 -82.77 16.94
N GLU GA 280 -78.80 -82.85 15.63
CA GLU GA 280 -79.55 -82.06 14.66
C GLU GA 280 -80.09 -82.98 13.56
N VAL GA 281 -81.39 -82.98 13.37
CA VAL GA 281 -81.99 -83.75 12.29
C VAL GA 281 -82.90 -82.90 11.42
N LYS GA 282 -82.73 -82.99 10.09
CA LYS GA 282 -83.56 -82.23 9.17
C LYS GA 282 -84.99 -82.78 9.17
N ILE GA 283 -85.97 -81.88 9.23
CA ILE GA 283 -87.38 -82.27 9.11
C ILE GA 283 -87.62 -82.63 7.67
N ARG GA 284 -87.96 -83.90 7.45
CA ARG GA 284 -88.16 -84.43 6.11
C ARG GA 284 -89.62 -84.42 5.68
N SER GA 285 -89.91 -83.80 4.54
CA SER GA 285 -91.28 -83.68 4.05
C SER GA 285 -91.36 -83.28 2.57
N PRO GA 286 -92.39 -83.78 1.87
CA PRO GA 286 -92.64 -83.49 0.46
C PRO GA 286 -92.83 -82.00 0.23
N TYR GA 287 -93.17 -81.27 1.30
CA TYR GA 287 -93.45 -79.85 1.23
C TYR GA 287 -92.37 -79.06 1.98
N HIS GA 288 -91.38 -79.78 2.46
CA HIS GA 288 -90.27 -79.19 3.21
C HIS GA 288 -90.69 -78.68 4.59
N ARG GA 289 -92.00 -78.68 4.85
CA ARG GA 289 -92.54 -78.27 6.14
C ARG GA 289 -93.57 -79.29 6.59
N THR GA 290 -93.77 -79.41 7.90
CA THR GA 290 -94.87 -80.22 8.43
C THR GA 290 -95.89 -79.28 9.05
N PRO GA 291 -97.19 -79.60 8.93
CA PRO GA 291 -98.22 -78.71 9.45
C PRO GA 291 -98.17 -78.63 10.96
N ALA GA 292 -98.56 -77.48 11.49
CA ALA GA 292 -98.50 -77.18 12.92
C ALA GA 292 -99.53 -77.96 13.74
N ARG GA 293 -100.71 -78.18 13.17
CA ARG GA 293 -101.78 -78.93 13.82
C ARG GA 293 -102.47 -79.91 12.86
N LEU GA 294 -103.23 -80.85 13.41
CA LEU GA 294 -103.87 -81.85 12.56
C LEU GA 294 -105.27 -81.38 12.17
N LEU GA 295 -105.69 -81.71 10.95
CA LEU GA 295 -107.09 -81.63 10.54
C LEU GA 295 -107.87 -82.88 10.97
N ALA GA 296 -109.15 -82.93 10.59
CA ALA GA 296 -109.97 -84.06 10.96
C ALA GA 296 -109.53 -85.19 10.06
N GLY GA 297 -109.43 -86.39 10.59
CA GLY GA 297 -108.99 -87.49 9.76
C GLY GA 297 -107.51 -87.49 9.45
N GLN GA 298 -106.70 -86.97 10.34
CA GLN GA 298 -105.25 -87.05 10.18
C GLN GA 298 -104.58 -87.56 11.46
N SER GA 299 -103.48 -88.28 11.31
CA SER GA 299 -102.65 -88.71 12.43
C SER GA 299 -101.32 -87.92 12.39
N GLN GA 300 -100.61 -87.82 13.52
CA GLN GA 300 -99.33 -87.10 13.53
C GLN GA 300 -98.33 -87.87 12.67
N ARG GA 301 -98.68 -89.14 12.49
CA ARG GA 301 -97.87 -90.12 11.80
C ARG GA 301 -97.89 -89.88 10.30
N ASP GA 302 -98.98 -89.26 9.84
CA ASP GA 302 -99.17 -88.97 8.42
C ASP GA 302 -98.24 -87.88 7.99
N MET GA 303 -97.61 -87.22 8.96
CA MET GA 303 -96.73 -86.09 8.65
C MET GA 303 -95.26 -86.40 8.91
N SER GA 304 -94.51 -85.36 9.24
CA SER GA 304 -93.11 -85.51 9.54
C SER GA 304 -92.89 -85.96 11.00
N SER GA 305 -92.07 -86.98 11.19
CA SER GA 305 -91.77 -87.48 12.54
C SER GA 305 -90.27 -87.61 12.77
N LEU GA 306 -89.86 -87.56 14.04
CA LEU GA 306 -88.48 -87.75 14.42
C LEU GA 306 -88.36 -89.19 14.91
N ASN GA 307 -87.69 -90.04 14.13
CA ASN GA 307 -87.67 -91.48 14.40
C ASN GA 307 -86.41 -91.99 15.05
N PHE GA 308 -86.59 -92.81 16.10
CA PHE GA 308 -85.46 -93.35 16.83
C PHE GA 308 -85.38 -94.85 16.61
N TYR GA 309 -84.42 -95.25 15.80
CA TYR GA 309 -84.19 -96.65 15.48
C TYR GA 309 -83.06 -97.21 16.34
N ALA GA 310 -83.36 -98.24 17.12
CA ALA GA 310 -82.32 -98.97 17.83
C ALA GA 310 -81.66 -99.93 16.85
N ILE GA 311 -80.40 -99.69 16.50
CA ILE GA 311 -79.72 -100.51 15.52
C ILE GA 311 -78.73 -101.49 16.13
N ALA GA 312 -78.34 -101.24 17.37
CA ALA GA 312 -77.49 -102.16 18.13
C ALA GA 312 -77.84 -102.07 19.61
N GLY GA 313 -78.48 -103.09 20.12
CA GLY GA 313 -78.95 -103.00 21.48
C GLY GA 313 -80.42 -102.57 21.57
N PRO GA 314 -80.84 -102.22 22.78
CA PRO GA 314 -80.05 -102.12 24.00
C PRO GA 314 -79.55 -103.46 24.52
N ILE GA 315 -78.40 -103.45 25.19
CA ILE GA 315 -77.88 -104.63 25.84
C ILE GA 315 -77.70 -104.34 27.30
N ALA GA 316 -77.80 -105.39 28.11
CA ALA GA 316 -77.49 -105.29 29.53
C ALA GA 316 -77.07 -106.67 30.02
N PRO GA 317 -76.41 -106.74 31.18
CA PRO GA 317 -76.02 -108.04 31.74
C PRO GA 317 -77.27 -108.80 32.17
N SER GA 318 -77.21 -110.11 32.27
CA SER GA 318 -78.37 -110.80 32.83
C SER GA 318 -78.29 -110.65 34.32
N GLY GA 319 -79.43 -110.69 35.00
CA GLY GA 319 -80.72 -110.72 34.35
C GLY GA 319 -81.36 -109.38 34.68
N GLU GA 320 -81.08 -108.42 33.84
CA GLU GA 320 -81.75 -107.15 33.94
C GLU GA 320 -83.05 -107.30 33.16
N THR GA 321 -84.05 -106.50 33.51
CA THR GA 321 -85.35 -106.62 32.84
C THR GA 321 -85.92 -105.28 32.42
N ALA GA 322 -85.50 -104.23 33.11
CA ALA GA 322 -85.92 -102.86 32.83
C ALA GA 322 -85.71 -102.45 31.38
N GLN GA 323 -86.61 -101.63 30.88
CA GLN GA 323 -86.44 -101.06 29.56
C GLN GA 323 -85.42 -99.93 29.61
N LEU GA 324 -84.80 -99.61 28.49
CA LEU GA 324 -83.84 -98.51 28.43
C LEU GA 324 -84.60 -97.30 27.94
N PRO GA 325 -84.73 -96.27 28.78
CA PRO GA 325 -85.42 -95.01 28.46
C PRO GA 325 -84.53 -93.93 27.81
N ILE GA 326 -85.08 -93.25 26.82
CA ILE GA 326 -84.44 -92.14 26.14
C ILE GA 326 -85.32 -90.91 26.41
N VAL GA 327 -84.74 -89.85 26.94
CA VAL GA 327 -85.52 -88.62 27.10
C VAL GA 327 -85.02 -87.60 26.08
N VAL GA 328 -85.93 -87.13 25.22
CA VAL GA 328 -85.54 -86.15 24.21
C VAL GA 328 -85.98 -84.73 24.56
N GLN GA 329 -85.07 -83.77 24.41
CA GLN GA 329 -85.40 -82.36 24.58
C GLN GA 329 -85.24 -81.65 23.26
N ILE GA 330 -86.23 -80.84 22.88
CA ILE GA 330 -86.13 -80.05 21.65
C ILE GA 330 -85.84 -78.59 21.97
N ASP GA 331 -84.71 -78.09 21.46
CA ASP GA 331 -84.23 -76.77 21.85
C ASP GA 331 -84.65 -75.72 20.86
N GLU GA 332 -84.51 -76.00 19.56
CA GLU GA 332 -84.99 -75.08 18.56
C GLU GA 332 -85.10 -75.67 17.19
N ILE GA 333 -85.77 -74.96 16.31
CA ILE GA 333 -85.74 -75.23 14.89
C ILE GA 333 -84.71 -74.28 14.25
N VAL GA 334 -83.57 -74.82 13.85
CA VAL GA 334 -82.49 -73.99 13.33
C VAL GA 334 -82.68 -73.91 11.85
N ARG GA 335 -82.25 -72.78 11.26
CA ARG GA 335 -82.41 -72.58 9.83
C ARG GA 335 -83.86 -72.87 9.48
N PRO GA 336 -84.78 -72.16 10.12
CA PRO GA 336 -86.21 -72.49 10.04
C PRO GA 336 -86.83 -72.08 8.70
N ASP GA 337 -87.70 -72.93 8.19
CA ASP GA 337 -88.54 -72.58 7.05
C ASP GA 337 -89.96 -72.50 7.54
N LEU GA 338 -90.40 -71.30 7.92
CA LEU GA 338 -91.71 -71.16 8.52
C LEU GA 338 -92.81 -70.88 7.51
N SER GA 339 -94.02 -71.33 7.81
CA SER GA 339 -95.20 -70.96 7.05
C SER GA 339 -95.66 -69.56 7.42
N LEU GA 340 -96.74 -69.12 6.80
CA LEU GA 340 -97.35 -67.89 7.21
C LEU GA 340 -97.76 -68.05 8.65
N PRO GA 341 -97.86 -66.94 9.38
CA PRO GA 341 -98.51 -66.98 10.70
C PRO GA 341 -99.94 -67.47 10.51
N SER GA 342 -100.48 -68.21 11.47
CA SER GA 342 -101.83 -68.70 11.33
C SER GA 342 -102.86 -67.57 11.52
N PHE GA 343 -102.49 -66.58 12.35
CA PHE GA 343 -103.35 -65.41 12.52
C PHE GA 343 -102.66 -64.12 12.12
N GLU GA 344 -103.45 -63.17 11.62
CA GLU GA 344 -102.89 -61.87 11.26
C GLU GA 344 -103.16 -60.91 12.41
N ASP GA 345 -102.71 -59.66 12.28
CA ASP GA 345 -102.99 -58.68 13.34
C ASP GA 345 -104.42 -58.18 13.20
N ASP GA 346 -105.35 -59.00 13.65
CA ASP GA 346 -106.75 -58.78 13.36
C ASP GA 346 -107.55 -59.17 14.59
N TYR GA 347 -108.86 -58.99 14.49
CA TYR GA 347 -109.77 -59.46 15.51
C TYR GA 347 -109.87 -60.97 15.45
N PHE GA 348 -110.33 -61.55 16.56
CA PHE GA 348 -110.71 -62.95 16.62
C PHE GA 348 -111.87 -63.15 17.58
N VAL GA 349 -112.53 -64.29 17.48
CA VAL GA 349 -113.73 -64.49 18.27
C VAL GA 349 -113.42 -64.70 19.73
N TRP GA 350 -114.06 -63.91 20.56
CA TRP GA 350 -114.02 -64.15 22.00
C TRP GA 350 -115.21 -65.04 22.42
N VAL GA 351 -116.43 -64.60 22.13
CA VAL GA 351 -117.62 -65.34 22.54
C VAL GA 351 -118.83 -65.04 21.67
N ASP GA 352 -119.68 -66.04 21.46
CA ASP GA 352 -120.99 -65.86 20.85
C ASP GA 352 -122.06 -66.12 21.90
N PHE GA 353 -123.02 -65.22 22.03
CA PHE GA 353 -124.22 -65.48 22.81
C PHE GA 353 -125.40 -65.72 21.88
N SER GA 354 -126.20 -66.74 22.18
CA SER GA 354 -127.32 -67.08 21.33
C SER GA 354 -128.43 -67.75 22.13
N GLU GA 355 -129.55 -68.01 21.48
CA GLU GA 355 -130.61 -68.76 22.12
C GLU GA 355 -131.04 -68.14 23.45
N PHE GA 356 -131.34 -66.85 23.44
CA PHE GA 356 -131.75 -66.15 24.66
C PHE GA 356 -133.14 -66.59 25.09
N THR GA 357 -133.33 -66.81 26.39
CA THR GA 357 -134.63 -67.20 26.89
C THR GA 357 -135.39 -66.06 27.58
N LEU GA 358 -134.64 -65.06 28.04
CA LEU GA 358 -135.24 -63.90 28.68
C LEU GA 358 -134.95 -62.64 27.86
N ASP GA 359 -135.88 -61.70 27.83
CA ASP GA 359 -135.65 -60.45 27.13
C ASP GA 359 -134.62 -59.60 27.89
N LYS GA 360 -134.68 -59.64 29.22
CA LYS GA 360 -133.69 -58.94 30.03
C LYS GA 360 -132.49 -59.86 30.30
N GLU GA 361 -131.32 -59.51 29.79
CA GLU GA 361 -130.11 -60.27 29.98
C GLU GA 361 -128.97 -59.31 30.30
N GLU GA 362 -128.15 -59.65 31.28
CA GLU GA 362 -127.01 -58.80 31.62
C GLU GA 362 -125.76 -59.64 31.84
N ILE GA 363 -124.80 -59.48 30.94
CA ILE GA 363 -123.54 -60.21 30.95
C ILE GA 363 -122.43 -59.38 31.61
N GLU GA 364 -122.01 -59.78 32.82
CA GLU GA 364 -120.92 -59.07 33.50
C GLU GA 364 -119.53 -59.52 33.01
N ILE GA 365 -118.71 -58.56 32.63
CA ILE GA 365 -117.38 -58.85 32.15
C ILE GA 365 -116.36 -58.35 33.18
N GLY GA 366 -116.59 -57.14 33.69
CA GLY GA 366 -115.70 -56.55 34.66
C GLY GA 366 -114.39 -56.12 34.03
N SER GA 367 -113.30 -56.69 34.51
CA SER GA 367 -112.00 -56.35 33.96
C SER GA 367 -111.27 -57.62 33.50
N ARG GA 368 -112.02 -58.68 33.23
CA ARG GA 368 -111.41 -59.98 32.96
C ARG GA 368 -111.64 -60.44 31.53
N PHE GA 369 -110.69 -61.20 30.99
CA PHE GA 369 -110.92 -61.99 29.80
C PHE GA 369 -111.03 -63.45 30.23
N PHE GA 370 -112.19 -64.08 30.01
CA PHE GA 370 -112.47 -65.37 30.63
C PHE GA 370 -113.58 -66.13 29.94
N ASP GA 371 -113.88 -67.33 30.41
CA ASP GA 371 -114.98 -68.15 29.88
C ASP GA 371 -116.31 -67.84 30.55
N PHE GA 372 -117.32 -67.50 29.75
CA PHE GA 372 -118.64 -67.18 30.27
C PHE GA 372 -119.49 -68.42 30.55
N THR GA 373 -120.46 -68.28 31.47
CA THR GA 373 -121.50 -69.30 31.62
C THR GA 373 -122.82 -68.60 31.80
N SER GA 374 -123.90 -69.24 31.33
CA SER GA 374 -125.24 -68.66 31.50
C SER GA 374 -126.28 -69.76 31.64
N ASN GA 375 -127.26 -69.49 32.50
CA ASN GA 375 -128.42 -70.36 32.68
C ASN GA 375 -129.55 -69.96 31.76
N THR GA 376 -129.45 -68.74 31.22
CA THR GA 376 -130.55 -68.14 30.51
C THR GA 376 -130.28 -68.04 29.01
N CYS GA 377 -129.04 -68.32 28.60
CA CYS GA 377 -128.68 -68.33 27.18
C CYS GA 377 -127.50 -69.22 26.88
N ARG GA 378 -127.27 -69.43 25.59
CA ARG GA 378 -126.19 -70.33 25.14
C ARG GA 378 -124.88 -69.60 24.88
N VAL GA 379 -123.85 -69.99 25.61
CA VAL GA 379 -122.55 -69.38 25.47
C VAL GA 379 -121.66 -70.27 24.64
N SER GA 380 -121.03 -69.71 23.63
CA SER GA 380 -120.09 -70.48 22.79
C SER GA 380 -118.78 -69.76 22.81
N MET GA 381 -117.78 -70.32 23.46
CA MET GA 381 -116.50 -69.63 23.60
C MET GA 381 -115.55 -69.88 22.40
N GLY GA 382 -114.74 -68.88 22.07
CA GLY GA 382 -113.79 -69.02 20.99
C GLY GA 382 -112.54 -69.73 21.45
N GLU GA 383 -111.92 -70.51 20.57
CA GLU GA 383 -110.66 -71.16 20.88
C GLU GA 383 -109.61 -70.67 19.87
N ASN GA 384 -108.59 -70.02 20.39
CA ASN GA 384 -107.51 -69.46 19.58
C ASN GA 384 -106.23 -69.28 20.42
N PRO GA 385 -105.11 -68.97 19.75
CA PRO GA 385 -103.85 -68.90 20.51
C PRO GA 385 -103.87 -67.85 21.61
N PHE GA 386 -104.57 -66.73 21.41
CA PHE GA 386 -104.60 -65.73 22.47
C PHE GA 386 -105.24 -66.30 23.75
N ALA GA 387 -106.38 -66.98 23.61
CA ALA GA 387 -107.06 -67.58 24.77
C ALA GA 387 -106.18 -68.61 25.45
N ALA GA 388 -105.44 -69.39 24.66
CA ALA GA 388 -104.49 -70.34 25.21
C ALA GA 388 -103.38 -69.62 25.98
N MET GA 389 -102.84 -68.53 25.41
CA MET GA 389 -101.81 -67.77 26.12
C MET GA 389 -102.30 -67.24 27.45
N ILE GA 390 -103.56 -66.83 27.49
CA ILE GA 390 -104.17 -66.37 28.75
C ILE GA 390 -104.17 -67.50 29.78
N ALA GA 391 -104.43 -68.71 29.29
CA ALA GA 391 -104.55 -69.91 30.11
C ALA GA 391 -103.20 -70.45 30.54
N CYS GA 392 -102.15 -70.11 29.80
CA CYS GA 392 -100.84 -70.69 30.03
C CYS GA 392 -99.88 -69.75 30.72
N HIS GA 393 -100.43 -68.70 31.33
CA HIS GA 393 -99.63 -67.82 32.15
C HIS GA 393 -100.34 -67.54 33.45
N GLY GA 394 -99.56 -67.28 34.49
CA GLY GA 394 -100.10 -66.98 35.80
C GLY GA 394 -100.84 -65.65 35.83
N LEU GA 395 -100.24 -64.63 35.23
CA LEU GA 395 -100.84 -63.30 35.17
C LEU GA 395 -100.77 -62.72 33.76
N HIS GA 396 -101.71 -61.84 33.45
CA HIS GA 396 -101.68 -61.12 32.17
C HIS GA 396 -102.22 -59.70 32.39
N SER GA 397 -101.97 -58.83 31.42
CA SER GA 397 -102.47 -57.47 31.48
C SER GA 397 -102.41 -56.80 30.11
N GLY GA 398 -103.42 -56.02 29.78
CA GLY GA 398 -103.45 -55.35 28.50
C GLY GA 398 -104.80 -54.73 28.21
N VAL GA 399 -104.97 -54.28 26.97
CA VAL GA 399 -106.23 -53.69 26.55
C VAL GA 399 -106.75 -54.41 25.32
N LEU GA 400 -108.03 -54.75 25.34
CA LEU GA 400 -108.67 -55.40 24.20
C LEU GA 400 -109.59 -54.42 23.52
N ASP GA 401 -109.47 -54.30 22.20
CA ASP GA 401 -110.50 -53.62 21.42
C ASP GA 401 -111.59 -54.63 21.07
N LEU GA 402 -112.84 -54.26 21.33
CA LEU GA 402 -113.96 -55.16 21.06
C LEU GA 402 -114.80 -54.69 19.86
N LYS GA 403 -115.24 -55.65 19.05
CA LYS GA 403 -116.25 -55.38 18.06
C LYS GA 403 -117.43 -56.25 18.42
N LEU GA 404 -118.59 -55.64 18.55
CA LEU GA 404 -119.82 -56.38 18.77
C LEU GA 404 -120.64 -56.43 17.48
N GLN GA 405 -121.12 -57.62 17.12
CA GLN GA 405 -122.01 -57.78 15.97
C GLN GA 405 -123.23 -58.57 16.36
N TRP GA 406 -124.38 -58.23 15.80
CA TRP GA 406 -125.57 -59.02 16.06
C TRP GA 406 -126.55 -59.07 14.90
N SER GA 407 -127.32 -60.14 14.82
CA SER GA 407 -128.37 -60.28 13.81
C SER GA 407 -129.73 -60.40 14.52
N LEU GA 408 -130.81 -60.03 13.82
CA LEU GA 408 -132.12 -60.07 14.46
C LEU GA 408 -132.85 -61.41 14.34
N ASN GA 409 -133.64 -61.72 15.37
CA ASN GA 409 -134.47 -62.92 15.40
C ASN GA 409 -135.91 -62.62 14.99
N THR GA 410 -136.37 -61.41 15.32
CA THR GA 410 -137.69 -60.90 14.89
C THR GA 410 -137.61 -60.08 13.59
N GLU GA 411 -138.75 -59.60 13.09
CA GLU GA 411 -138.75 -58.79 11.89
C GLU GA 411 -138.11 -57.42 12.18
N PHE GA 412 -137.29 -56.93 11.25
CA PHE GA 412 -136.56 -55.69 11.44
C PHE GA 412 -137.49 -54.54 11.78
N GLY GA 413 -138.64 -54.49 11.10
CA GLY GA 413 -139.60 -53.43 11.29
C GLY GA 413 -140.26 -53.42 12.65
N LYS GA 414 -140.20 -54.53 13.35
CA LYS GA 414 -140.79 -54.65 14.68
C LYS GA 414 -139.77 -54.42 15.79
N SER GA 415 -138.50 -54.29 15.42
CA SER GA 415 -137.42 -54.25 16.40
C SER GA 415 -137.46 -53.00 17.29
N SER GA 416 -137.01 -53.19 18.53
CA SER GA 416 -136.83 -52.08 19.47
C SER GA 416 -135.73 -52.43 20.47
N GLY GA 417 -135.33 -51.48 21.30
CA GLY GA 417 -134.36 -51.75 22.33
C GLY GA 417 -132.92 -51.55 21.89
N SER GA 418 -132.00 -52.14 22.64
CA SER GA 418 -130.58 -51.83 22.51
C SER GA 418 -129.65 -52.90 23.04
N VAL GA 419 -128.43 -52.91 22.51
CA VAL GA 419 -127.26 -53.50 23.13
C VAL GA 419 -126.56 -52.34 23.87
N THR GA 420 -126.53 -52.40 25.20
CA THR GA 420 -125.93 -51.33 25.98
C THR GA 420 -124.63 -51.80 26.63
N ILE GA 421 -123.57 -51.01 26.49
CA ILE GA 421 -122.31 -51.31 27.13
C ILE GA 421 -122.15 -50.41 28.34
N THR GA 422 -122.32 -50.97 29.53
CA THR GA 422 -122.07 -50.22 30.76
C THR GA 422 -120.58 -50.20 31.09
N LYS GA 423 -120.02 -49.01 31.24
CA LYS GA 423 -118.62 -48.85 31.63
C LYS GA 423 -118.52 -48.09 32.94
N LEU GA 424 -117.98 -48.75 33.97
CA LEU GA 424 -117.82 -48.13 35.28
C LEU GA 424 -116.38 -48.17 35.73
N VAL GA 425 -116.11 -47.47 36.82
CA VAL GA 425 -114.87 -47.65 37.58
C VAL GA 425 -115.27 -48.00 39.02
N GLY GA 426 -114.95 -49.21 39.43
CA GLY GA 426 -115.39 -49.70 40.72
C GLY GA 426 -116.19 -50.97 40.52
N ASP GA 427 -117.46 -50.91 40.89
CA ASP GA 427 -118.39 -52.02 40.70
C ASP GA 427 -119.81 -51.49 40.49
N LYS GA 428 -120.75 -52.39 40.26
CA LYS GA 428 -122.11 -52.01 39.95
C LYS GA 428 -122.69 -51.15 41.11
N ALA GA 429 -122.25 -51.45 42.33
CA ALA GA 429 -122.83 -50.82 43.51
C ALA GA 429 -122.37 -49.41 43.84
N MET GA 430 -121.07 -49.14 43.70
CA MET GA 430 -120.49 -47.88 44.16
C MET GA 430 -119.61 -47.22 43.12
N GLY GA 431 -119.70 -47.70 41.90
CA GLY GA 431 -118.79 -47.25 40.85
C GLY GA 431 -119.04 -45.86 40.28
N LEU GA 432 -118.04 -45.39 39.53
CA LEU GA 432 -118.13 -44.13 38.81
C LEU GA 432 -118.48 -44.43 37.34
N ASP GA 433 -119.12 -43.48 36.67
CA ASP GA 433 -119.60 -43.72 35.33
C ASP GA 433 -118.61 -43.29 34.26
N GLY GA 434 -118.24 -44.25 33.42
CA GLY GA 434 -117.31 -43.97 32.34
C GLY GA 434 -118.00 -43.84 30.99
N PRO GA 435 -117.33 -44.29 29.93
CA PRO GA 435 -117.84 -44.18 28.57
C PRO GA 435 -118.82 -45.28 28.26
N SER GA 436 -119.87 -45.37 29.10
CA SER GA 436 -121.02 -46.24 28.82
C SER GA 436 -121.63 -45.84 27.49
N HIS GA 437 -122.34 -46.74 26.86
CA HIS GA 437 -122.63 -46.55 25.46
C HIS GA 437 -123.90 -47.32 25.11
N VAL GA 438 -124.85 -46.64 24.47
CA VAL GA 438 -126.13 -47.26 24.08
C VAL GA 438 -126.19 -47.45 22.57
N PHE GA 439 -126.17 -48.71 22.13
CA PHE GA 439 -126.32 -49.02 20.72
C PHE GA 439 -127.75 -49.42 20.45
N ALA GA 440 -128.51 -48.56 19.76
CA ALA GA 440 -129.87 -48.95 19.37
C ALA GA 440 -129.76 -50.27 18.61
N ILE GA 441 -130.67 -51.20 18.87
CA ILE GA 441 -130.53 -52.54 18.31
C ILE GA 441 -130.43 -52.54 16.79
N GLN GA 442 -130.99 -51.51 16.15
CA GLN GA 442 -130.94 -51.39 14.69
C GLN GA 442 -129.55 -51.05 14.12
N LYS GA 443 -128.63 -50.58 14.96
CA LYS GA 443 -127.23 -50.38 14.52
C LYS GA 443 -126.62 -51.70 14.06
N LEU GA 444 -126.97 -52.79 14.76
CA LEU GA 444 -126.54 -54.13 14.40
C LEU GA 444 -125.04 -54.37 14.61
N GLU GA 445 -124.37 -53.40 15.21
CA GLU GA 445 -122.96 -53.52 15.56
C GLU GA 445 -122.49 -52.35 16.42
N GLY GA 446 -121.41 -52.55 17.15
CA GLY GA 446 -120.86 -51.52 18.01
C GLY GA 446 -119.43 -51.85 18.43
N THR GA 447 -118.70 -50.86 18.91
CA THR GA 447 -117.31 -51.06 19.32
C THR GA 447 -117.06 -50.50 20.70
N THR GA 448 -116.07 -51.04 21.40
CA THR GA 448 -115.68 -50.53 22.71
C THR GA 448 -114.28 -51.05 23.07
N GLU GA 449 -113.64 -50.44 24.06
CA GLU GA 449 -112.38 -50.96 24.57
C GLU GA 449 -112.65 -51.68 25.90
N LEU GA 450 -111.81 -52.65 26.25
CA LEU GA 450 -111.89 -53.30 27.56
C LEU GA 450 -110.52 -53.38 28.22
N LEU GA 451 -110.42 -52.83 29.43
CA LEU GA 451 -109.16 -52.92 30.16
C LEU GA 451 -109.14 -54.26 30.84
N VAL GA 452 -108.17 -55.09 30.48
CA VAL GA 452 -107.93 -56.35 31.17
C VAL GA 452 -106.78 -56.13 32.17
N GLY GA 453 -107.14 -55.90 33.43
CA GLY GA 453 -106.18 -55.56 34.45
C GLY GA 453 -106.87 -54.93 35.65
N ASN GA 454 -106.10 -54.23 36.47
CA ASN GA 454 -106.60 -53.63 37.71
C ASN GA 454 -105.54 -52.78 38.39
N PHE GA 455 -105.88 -52.17 39.51
CA PHE GA 455 -104.95 -51.26 40.18
C PHE GA 455 -103.61 -51.90 40.47
N ALA GA 456 -103.59 -53.21 40.73
CA ALA GA 456 -102.34 -53.90 41.04
C ALA GA 456 -101.44 -54.11 39.84
N GLY GA 457 -102.06 -54.25 38.66
CA GLY GA 457 -101.32 -54.27 37.40
C GLY GA 457 -101.52 -55.46 36.48
N ALA GA 458 -102.13 -56.52 36.97
CA ALA GA 458 -102.29 -57.75 36.21
C ALA GA 458 -103.40 -58.62 36.77
N ASN GA 459 -103.96 -59.47 35.94
CA ASN GA 459 -105.00 -60.41 36.36
C ASN GA 459 -104.46 -61.84 36.42
N PRO GA 460 -104.83 -62.57 37.48
CA PRO GA 460 -104.64 -64.01 37.52
C PRO GA 460 -105.65 -64.69 36.61
N ASN GA 461 -105.45 -65.96 36.31
CA ASN GA 461 -106.39 -66.64 35.44
C ASN GA 461 -107.48 -67.32 36.26
N THR GA 462 -107.95 -66.62 37.29
CA THR GA 462 -109.00 -67.12 38.17
C THR GA 462 -109.92 -65.96 38.51
N ARG GA 463 -110.95 -66.21 39.31
CA ARG GA 463 -111.77 -65.11 39.79
C ARG GA 463 -110.95 -64.43 40.90
N PHE GA 464 -111.05 -63.10 40.96
CA PHE GA 464 -110.33 -62.31 41.95
C PHE GA 464 -111.15 -61.04 42.13
N SER GA 465 -110.89 -60.30 43.20
CA SER GA 465 -111.58 -59.04 43.43
C SER GA 465 -110.58 -57.92 43.66
N LEU GA 466 -110.23 -57.18 42.61
CA LEU GA 466 -109.31 -56.04 42.73
C LEU GA 466 -109.84 -54.81 41.99
N TYR GA 467 -109.99 -53.70 42.71
CA TYR GA 467 -110.53 -52.45 42.15
C TYR GA 467 -110.00 -52.17 40.75
N SER GA 468 -110.91 -51.96 39.80
CA SER GA 468 -110.51 -51.68 38.44
C SER GA 468 -111.69 -51.07 37.69
N ARG GA 469 -111.53 -50.85 36.40
CA ARG GA 469 -112.64 -50.51 35.54
C ARG GA 469 -113.55 -51.76 35.43
N TRP GA 470 -114.81 -51.55 35.07
CA TRP GA 470 -115.82 -52.59 35.12
C TRP GA 470 -116.74 -52.47 33.93
N MET GA 471 -116.92 -53.56 33.19
CA MET GA 471 -117.77 -53.55 32.00
C MET GA 471 -118.88 -54.59 32.04
N ALA GA 472 -120.01 -54.27 31.40
CA ALA GA 472 -121.12 -55.21 31.31
C ALA GA 472 -121.88 -54.96 30.02
N ILE GA 473 -122.40 -56.01 29.43
CA ILE GA 473 -123.30 -55.89 28.28
C ILE GA 473 -124.74 -56.10 28.75
N LYS GA 474 -125.63 -55.15 28.43
CA LYS GA 474 -127.01 -55.19 28.86
C LYS GA 474 -127.98 -55.29 27.68
N LEU GA 475 -128.68 -56.42 27.60
CA LEU GA 475 -129.73 -56.60 26.60
C LEU GA 475 -131.12 -56.37 27.20
N ASP GA 476 -131.99 -55.65 26.48
CA ASP GA 476 -133.34 -55.40 26.99
C ASP GA 476 -134.40 -56.11 26.12
N GLN GA 477 -133.97 -56.55 24.95
CA GLN GA 477 -134.85 -57.22 24.00
C GLN GA 477 -134.09 -58.39 23.43
N ALA GA 478 -133.46 -59.16 24.32
CA ALA GA 478 -132.55 -60.22 23.93
C ALA GA 478 -133.20 -61.29 23.06
N LYS GA 479 -134.49 -61.56 23.25
CA LYS GA 479 -135.17 -62.58 22.44
C LYS GA 479 -135.26 -62.16 20.97
N SER GA 480 -135.05 -60.86 20.70
CA SER GA 480 -135.07 -60.36 19.33
C SER GA 480 -133.70 -60.51 18.67
N ILE GA 481 -132.74 -61.08 19.39
CA ILE GA 481 -131.38 -61.24 18.85
C ILE GA 481 -131.07 -62.70 18.55
N LYS GA 482 -130.68 -63.00 17.32
CA LYS GA 482 -130.39 -64.39 16.97
C LYS GA 482 -129.00 -64.77 17.45
N VAL GA 483 -128.09 -63.82 17.36
CA VAL GA 483 -126.73 -64.01 17.87
C VAL GA 483 -126.05 -62.67 18.18
N LEU GA 484 -125.33 -62.65 19.30
CA LEU GA 484 -124.49 -61.52 19.67
C LEU GA 484 -123.08 -62.04 19.68
N ARG GA 485 -122.26 -61.57 18.75
CA ARG GA 485 -120.88 -62.03 18.65
C ARG GA 485 -119.94 -60.96 19.15
N VAL GA 486 -118.99 -61.35 19.98
CA VAL GA 486 -117.96 -60.42 20.49
C VAL GA 486 -116.56 -60.81 19.99
N LEU GA 487 -115.99 -59.97 19.14
CA LEU GA 487 -114.62 -60.16 18.69
C LEU GA 487 -113.69 -59.22 19.45
N CYS GA 488 -112.45 -59.66 19.64
CA CYS GA 488 -111.46 -58.78 20.28
C CYS GA 488 -110.15 -58.78 19.50
N LYS GA 489 -109.37 -57.73 19.72
CA LYS GA 489 -108.07 -57.52 19.08
C LYS GA 489 -107.17 -56.83 20.08
N PRO GA 490 -106.20 -57.57 20.64
CA PRO GA 490 -105.35 -57.01 21.68
C PRO GA 490 -104.54 -55.84 21.16
N ARG GA 491 -104.50 -54.76 21.92
CA ARG GA 491 -103.63 -53.63 21.63
C ARG GA 491 -102.20 -54.01 21.92
N PRO GA 492 -101.28 -53.45 21.15
CA PRO GA 492 -99.85 -53.79 21.25
C PRO GA 492 -99.37 -53.67 22.68
N GLY GA 493 -98.56 -54.62 23.12
CA GLY GA 493 -98.06 -54.64 24.48
C GLY GA 493 -98.92 -55.44 25.46
N PHE GA 494 -99.81 -56.28 24.94
CA PHE GA 494 -100.56 -57.13 25.83
C PHE GA 494 -99.58 -58.14 26.44
N SER GA 495 -99.50 -58.17 27.77
CA SER GA 495 -98.41 -58.84 28.47
C SER GA 495 -98.81 -60.07 29.27
N PHE GA 496 -97.93 -61.06 29.25
CA PHE GA 496 -98.11 -62.29 30.00
C PHE GA 496 -96.95 -62.54 30.97
N TYR GA 497 -97.26 -62.99 32.18
CA TYR GA 497 -96.26 -63.20 33.20
C TYR GA 497 -96.28 -64.62 33.72
N GLY GA 498 -95.11 -65.25 33.80
CA GLY GA 498 -95.00 -66.58 34.38
C GLY GA 498 -95.58 -67.76 33.60
N ARG GA 499 -94.79 -68.33 32.70
CA ARG GA 499 -95.28 -69.45 31.89
C ARG GA 499 -95.67 -70.62 32.76
N THR GA 500 -96.81 -71.23 32.45
CA THR GA 500 -97.33 -72.38 33.17
C THR GA 500 -98.24 -73.21 32.23
N SER GA 501 -99.06 -74.07 32.82
CA SER GA 501 -99.98 -74.89 32.01
C SER GA 501 -101.39 -74.89 32.56
N PHE GA 502 -102.28 -75.53 31.83
CA PHE GA 502 -103.71 -75.48 32.14
C PHE GA 502 -104.42 -76.74 31.71
N PRO GA 503 -104.54 -77.71 32.62
CA PRO GA 503 -105.29 -78.94 32.36
C PRO GA 503 -106.78 -78.73 32.45
N VAL GA 504 -107.50 -79.23 31.45
CA VAL GA 504 -108.97 -79.30 31.48
C VAL GA 504 -109.49 -80.66 31.01
N GLY HA 1 -100.91 -2.24 53.87
CA GLY HA 1 -101.34 -1.75 55.17
C GLY HA 1 -102.55 -2.45 55.75
N LEU HA 2 -102.86 -2.18 57.01
CA LEU HA 2 -104.04 -2.79 57.62
C LEU HA 2 -105.30 -2.38 56.86
N ALA HA 3 -106.02 -3.37 56.37
CA ALA HA 3 -107.14 -3.11 55.47
C ALA HA 3 -108.48 -3.33 56.14
N GLY HA 4 -108.52 -4.27 57.09
CA GLY HA 4 -109.73 -4.59 57.82
C GLY HA 4 -109.44 -5.40 59.07
N ARG HA 5 -110.43 -5.48 59.97
CA ARG HA 5 -110.24 -6.24 61.19
C ARG HA 5 -111.53 -6.79 61.76
N GLY HA 6 -111.38 -7.69 62.73
CA GLY HA 6 -112.52 -8.37 63.32
C GLY HA 6 -112.10 -9.07 64.59
N VAL HA 7 -113.08 -9.58 65.32
CA VAL HA 7 -112.81 -10.18 66.62
C VAL HA 7 -113.50 -11.53 66.78
N ILE HA 8 -112.74 -12.51 67.25
CA ILE HA 8 -113.32 -13.83 67.52
C ILE HA 8 -113.36 -14.03 69.04
N TYR HA 9 -114.49 -14.52 69.56
CA TYR HA 9 -114.59 -14.75 71.01
C TYR HA 9 -114.39 -16.22 71.37
N ILE HA 10 -113.47 -16.44 72.28
CA ILE HA 10 -113.18 -17.78 72.75
C ILE HA 10 -113.83 -17.95 74.10
N PRO HA 11 -114.61 -19.01 74.28
CA PRO HA 11 -115.15 -19.32 75.61
C PRO HA 11 -114.05 -19.86 76.53
N LYS HA 12 -114.24 -19.73 77.83
CA LYS HA 12 -113.27 -20.25 78.80
C LYS HA 12 -113.16 -21.76 78.70
N ASP HA 13 -114.24 -22.42 78.28
CA ASP HA 13 -114.17 -23.86 78.02
C ASP HA 13 -114.29 -24.12 76.52
N CYS HA 14 -113.16 -24.00 75.83
CA CYS HA 14 -113.14 -24.25 74.39
C CYS HA 14 -113.00 -25.73 74.11
N GLN HA 15 -114.13 -26.40 73.85
CA GLN HA 15 -114.19 -27.84 73.57
C GLN HA 15 -113.90 -28.12 72.10
N ALA HA 16 -113.40 -29.32 71.79
CA ALA HA 16 -113.16 -29.65 70.38
C ALA HA 16 -114.46 -29.59 69.57
N ASN HA 17 -114.37 -28.96 68.40
CA ASN HA 17 -115.50 -28.83 67.49
C ASN HA 17 -116.43 -27.69 67.80
N ARG HA 18 -116.03 -26.79 68.68
CA ARG HA 18 -116.86 -25.61 68.93
C ARG HA 18 -116.74 -24.66 67.76
N TYR HA 19 -117.87 -24.10 67.37
CA TYR HA 19 -117.87 -23.02 66.40
C TYR HA 19 -117.61 -21.69 67.12
N LEU HA 20 -116.62 -20.95 66.65
CA LEU HA 20 -116.19 -19.72 67.33
C LEU HA 20 -116.76 -18.46 66.67
N GLY HA 21 -116.99 -18.56 65.37
CA GLY HA 21 -117.57 -17.46 64.63
C GLY HA 21 -117.11 -17.39 63.19
N THR HA 22 -117.76 -16.51 62.42
CA THR HA 22 -117.39 -16.30 61.04
C THR HA 22 -117.17 -14.82 60.80
N LEU HA 23 -116.10 -14.48 60.12
CA LEU HA 23 -115.87 -13.11 59.73
C LEU HA 23 -116.13 -13.03 58.26
N ASN HA 24 -116.74 -11.94 57.84
CA ASN HA 24 -117.00 -11.72 56.43
C ASN HA 24 -115.88 -10.83 55.86
N ILE HA 25 -115.06 -11.37 54.96
CA ILE HA 25 -113.87 -10.65 54.51
C ILE HA 25 -114.21 -9.27 53.96
N ARG HA 26 -115.30 -9.16 53.22
CA ARG HA 26 -115.60 -7.87 52.63
C ARG HA 26 -116.13 -6.88 53.67
N ASP HA 27 -116.93 -7.37 54.60
CA ASP HA 27 -117.36 -6.56 55.74
C ASP HA 27 -116.20 -6.08 56.63
N MET HA 28 -115.20 -6.93 56.85
CA MET HA 28 -114.02 -6.52 57.62
C MET HA 28 -113.38 -5.27 56.99
N ILE HA 29 -113.32 -5.24 55.67
CA ILE HA 29 -112.68 -4.12 54.98
C ILE HA 29 -113.58 -2.89 54.93
N SER HA 30 -114.88 -3.10 54.74
CA SER HA 30 -115.81 -1.99 54.63
C SER HA 30 -116.21 -1.38 55.98
N ASP HA 31 -116.23 -2.18 57.04
CA ASP HA 31 -116.58 -1.65 58.36
C ASP HA 31 -115.43 -0.83 58.89
N PHE HA 32 -114.23 -1.19 58.47
CA PHE HA 32 -113.01 -0.51 58.91
C PHE HA 32 -112.91 0.84 58.20
N LYS HA 33 -112.83 0.81 56.87
CA LYS HA 33 -113.21 1.96 56.04
C LYS HA 33 -112.37 3.22 56.24
N GLY HA 34 -111.05 3.12 56.35
CA GLY HA 34 -110.21 2.14 55.70
C GLY HA 34 -109.50 2.93 54.58
N VAL HA 35 -108.20 3.16 54.67
CA VAL HA 35 -107.51 3.74 53.51
C VAL HA 35 -107.59 2.78 52.33
N GLN HA 36 -107.50 1.48 52.61
CA GLN HA 36 -107.59 0.45 51.58
C GLN HA 36 -109.00 0.36 51.02
N TYR HA 37 -110.00 0.42 51.90
CA TYR HA 37 -111.40 0.42 51.47
C TYR HA 37 -111.69 1.56 50.48
N GLU HA 38 -111.19 2.75 50.79
CA GLU HA 38 -111.37 3.86 49.88
C GLU HA 38 -110.59 3.69 48.56
N LYS HA 39 -109.41 3.06 48.57
CA LYS HA 39 -108.68 2.81 47.33
C LYS HA 39 -109.50 1.85 46.47
N TRP HA 40 -110.26 0.99 47.16
CA TRP HA 40 -111.05 -0.08 46.54
C TRP HA 40 -112.20 0.50 45.74
N ILE HA 41 -112.95 1.42 46.35
CA ILE HA 41 -114.02 2.12 45.66
C ILE HA 41 -113.58 2.72 44.31
N THR HA 42 -112.35 3.20 44.23
CA THR HA 42 -111.86 3.82 43.00
C THR HA 42 -111.43 2.77 41.99
N ALA HA 43 -110.87 1.68 42.49
CA ALA HA 43 -110.43 0.59 41.63
C ALA HA 43 -111.63 -0.11 41.01
N GLY HA 44 -112.68 -0.26 41.81
CA GLY HA 44 -113.84 -1.03 41.40
C GLY HA 44 -113.63 -2.50 41.68
N LEU HA 45 -112.68 -3.10 40.94
CA LEU HA 45 -112.30 -4.50 41.11
C LEU HA 45 -110.92 -4.68 41.77
N VAL HA 46 -110.82 -5.57 42.76
CA VAL HA 46 -109.52 -5.88 43.34
C VAL HA 46 -109.26 -7.40 43.38
N MET HA 47 -108.01 -7.82 43.15
CA MET HA 47 -107.61 -9.23 43.26
C MET HA 47 -106.53 -9.42 44.31
N PRO HA 48 -106.84 -9.10 45.57
CA PRO HA 48 -105.79 -8.84 46.58
C PRO HA 48 -104.88 -10.03 46.85
N THR HA 49 -103.68 -9.74 47.31
CA THR HA 49 -102.92 -10.73 48.07
C THR HA 49 -102.99 -10.29 49.54
N PHE HA 50 -103.76 -11.02 50.33
CA PHE HA 50 -103.91 -10.73 51.74
C PHE HA 50 -102.83 -11.37 52.59
N LYS HA 51 -102.41 -10.66 53.62
CA LYS HA 51 -101.73 -11.29 54.76
C LYS HA 51 -102.77 -11.31 55.88
N ILE HA 52 -103.15 -12.50 56.35
CA ILE HA 52 -104.06 -12.59 57.47
C ILE HA 52 -103.23 -12.79 58.72
N VAL HA 53 -103.54 -12.04 59.76
CA VAL HA 53 -102.81 -12.16 61.02
C VAL HA 53 -103.80 -12.33 62.14
N ILE HA 54 -103.66 -13.42 62.90
CA ILE HA 54 -104.50 -13.64 64.06
C ILE HA 54 -103.70 -13.39 65.32
N ARG HA 55 -104.07 -12.35 66.05
CA ARG HA 55 -103.42 -12.01 67.30
C ARG HA 55 -104.07 -12.66 68.51
N LEU HA 56 -103.20 -13.22 69.35
CA LEU HA 56 -103.51 -14.44 70.05
C LEU HA 56 -102.37 -14.59 71.05
N PRO HA 57 -102.70 -14.62 72.34
CA PRO HA 57 -101.62 -14.76 73.34
C PRO HA 57 -101.05 -16.18 73.36
N ALA HA 58 -99.74 -16.30 73.12
CA ALA HA 58 -99.11 -17.63 73.09
C ALA HA 58 -99.19 -18.31 74.45
N ASN HA 59 -99.55 -19.59 74.45
CA ASN HA 59 -99.64 -20.34 75.69
C ASN HA 59 -99.40 -21.85 75.51
N ALA HA 60 -98.45 -22.38 76.27
CA ALA HA 60 -98.09 -23.77 76.08
C ALA HA 60 -98.84 -24.70 77.02
N PHE HA 61 -99.79 -24.15 77.77
CA PHE HA 61 -100.40 -24.92 78.84
C PHE HA 61 -101.87 -25.24 78.61
N THR HA 62 -102.32 -25.19 77.36
CA THR HA 62 -103.74 -25.39 77.10
C THR HA 62 -104.02 -26.56 76.20
N GLY HA 63 -103.17 -26.74 75.19
CA GLY HA 63 -103.39 -27.79 74.20
C GLY HA 63 -104.32 -27.38 73.06
N LEU HA 64 -104.78 -26.14 73.12
CA LEU HA 64 -105.72 -25.61 72.15
C LEU HA 64 -105.13 -25.53 70.74
N THR HA 65 -105.89 -26.03 69.77
CA THR HA 65 -105.59 -25.82 68.36
C THR HA 65 -106.87 -25.45 67.61
N TRP HA 66 -106.79 -24.40 66.81
CA TRP HA 66 -107.95 -23.91 66.08
C TRP HA 66 -107.71 -24.07 64.59
N VAL HA 67 -108.78 -23.98 63.82
CA VAL HA 67 -108.67 -24.02 62.38
C VAL HA 67 -109.34 -22.78 61.79
N MET HA 68 -108.56 -22.02 61.00
CA MET HA 68 -109.14 -20.99 60.14
C MET HA 68 -109.44 -21.61 58.76
N SER HA 69 -110.70 -21.53 58.34
CA SER HA 69 -111.13 -22.09 57.08
C SER HA 69 -111.53 -20.98 56.12
N PHE HA 70 -110.87 -20.92 54.96
CA PHE HA 70 -111.20 -19.92 53.94
C PHE HA 70 -112.30 -20.45 53.02
N ASP HA 71 -113.51 -19.95 53.24
CA ASP HA 71 -114.66 -20.44 52.50
C ASP HA 71 -115.17 -19.38 51.54
N ALA HA 72 -114.47 -19.21 50.43
CA ALA HA 72 -114.76 -18.08 49.56
C ALA HA 72 -116.16 -18.16 48.94
N TYR HA 73 -116.71 -19.37 48.88
CA TYR HA 73 -117.97 -19.58 48.17
C TYR HA 73 -119.10 -20.04 49.07
N ASN HA 74 -118.89 -19.85 50.36
CA ASN HA 74 -119.92 -20.05 51.36
C ASN HA 74 -120.52 -21.43 51.29
N ARG HA 75 -119.68 -22.46 51.17
CA ARG HA 75 -120.15 -23.82 50.99
C ARG HA 75 -120.33 -24.62 52.30
N ILE HA 76 -119.58 -24.27 53.34
CA ILE HA 76 -119.70 -24.99 54.60
C ILE HA 76 -120.40 -24.25 55.74
N THR HA 77 -120.54 -22.94 55.63
CA THR HA 77 -121.17 -22.12 56.67
C THR HA 77 -122.44 -22.68 57.34
N SER HA 78 -123.47 -22.99 56.54
CA SER HA 78 -124.69 -23.62 57.02
C SER HA 78 -124.49 -24.85 57.93
N ARG HA 79 -123.45 -25.62 57.65
CA ARG HA 79 -123.28 -26.89 58.31
C ARG HA 79 -122.38 -26.85 59.54
N ILE HA 80 -121.80 -25.70 59.87
CA ILE HA 80 -120.92 -25.66 61.03
C ILE HA 80 -121.32 -24.71 62.16
N THR HA 81 -122.50 -24.10 62.08
CA THR HA 81 -122.79 -23.01 63.01
C THR HA 81 -123.32 -23.46 64.37
N ALA HA 82 -123.76 -24.71 64.45
CA ALA HA 82 -124.05 -25.27 65.76
C ALA HA 82 -122.79 -25.96 66.25
N SER HA 83 -122.31 -26.90 65.44
CA SER HA 83 -121.08 -27.65 65.75
C SER HA 83 -120.25 -27.89 64.49
N ALA HA 84 -118.93 -27.76 64.62
CA ALA HA 84 -118.06 -27.83 63.46
C ALA HA 84 -117.25 -29.15 63.35
N ASP HA 85 -117.83 -30.16 62.70
CA ASP HA 85 -117.08 -31.39 62.44
C ASP HA 85 -115.86 -31.07 61.56
N PRO HA 86 -114.68 -31.55 61.98
CA PRO HA 86 -113.45 -31.31 61.24
C PRO HA 86 -113.55 -31.68 59.76
N VAL HA 87 -114.38 -32.66 59.41
CA VAL HA 87 -114.51 -33.03 58.01
C VAL HA 87 -114.95 -31.83 57.17
N TYR HA 88 -115.85 -31.00 57.71
CA TYR HA 88 -116.24 -29.78 57.02
C TYR HA 88 -115.13 -28.75 57.02
N THR HA 89 -114.60 -28.45 58.21
CA THR HA 89 -113.65 -27.34 58.35
C THR HA 89 -112.35 -27.57 57.58
N LEU HA 90 -111.99 -28.83 57.35
CA LEU HA 90 -110.75 -29.13 56.64
C LEU HA 90 -110.95 -29.40 55.14
N SER HA 91 -112.20 -29.29 54.68
CA SER HA 91 -112.55 -29.61 53.29
C SER HA 91 -112.34 -28.43 52.33
N VAL HA 92 -112.02 -27.26 52.90
CA VAL HA 92 -111.70 -26.08 52.11
C VAL HA 92 -110.33 -25.60 52.53
N PRO HA 93 -109.72 -24.68 51.77
CA PRO HA 93 -108.38 -24.24 52.16
C PRO HA 93 -108.39 -23.79 53.63
N HIS HA 94 -107.36 -24.17 54.39
CA HIS HA 94 -107.39 -23.94 55.83
C HIS HA 94 -106.00 -23.96 56.44
N TRP HA 95 -105.91 -23.48 57.67
CA TRP HA 95 -104.65 -23.35 58.38
C TRP HA 95 -104.83 -23.77 59.82
N LEU HA 96 -103.87 -24.53 60.35
CA LEU HA 96 -103.85 -24.87 61.77
C LEU HA 96 -103.24 -23.75 62.60
N ILE HA 97 -103.94 -23.36 63.64
CA ILE HA 97 -103.47 -22.34 64.55
C ILE HA 97 -103.17 -22.97 65.91
N HIS HA 98 -101.88 -23.17 66.20
CA HIS HA 98 -101.48 -23.75 67.48
C HIS HA 98 -101.26 -22.70 68.56
N HIS HA 99 -101.87 -22.95 69.71
CA HIS HA 99 -101.87 -21.96 70.79
C HIS HA 99 -100.45 -21.75 71.29
N LYS HA 100 -99.63 -22.79 71.23
CA LYS HA 100 -98.27 -22.67 71.74
C LYS HA 100 -97.45 -21.67 70.92
N LEU HA 101 -97.83 -21.43 69.67
CA LEU HA 101 -97.02 -20.58 68.78
C LEU HA 101 -97.46 -19.13 68.81
N GLY HA 102 -98.55 -18.85 69.53
CA GLY HA 102 -99.10 -17.51 69.63
C GLY HA 102 -99.58 -16.92 68.31
N THR HA 103 -99.22 -15.67 68.06
CA THR HA 103 -99.74 -14.90 66.94
C THR HA 103 -99.44 -15.61 65.62
N PHE HA 104 -100.47 -15.72 64.78
CA PHE HA 104 -100.42 -16.53 63.57
C PHE HA 104 -100.53 -15.66 62.35
N SER HA 105 -99.85 -16.06 61.28
CA SER HA 105 -99.94 -15.31 60.04
C SER HA 105 -99.91 -16.24 58.80
N CYS HA 106 -100.60 -15.86 57.74
CA CYS HA 106 -100.49 -16.58 56.47
C CYS HA 106 -100.82 -15.68 55.28
N GLU HA 107 -100.50 -16.12 54.07
CA GLU HA 107 -100.88 -15.37 52.87
C GLU HA 107 -102.01 -16.04 52.13
N ILE HA 108 -102.91 -15.22 51.63
CA ILE HA 108 -103.97 -15.71 50.79
C ILE HA 108 -103.89 -14.96 49.48
N ASP HA 109 -103.44 -15.63 48.42
CA ASP HA 109 -103.50 -15.07 47.08
C ASP HA 109 -104.93 -15.27 46.57
N TYR HA 110 -105.72 -14.21 46.64
CA TYR HA 110 -107.14 -14.28 46.33
C TYR HA 110 -107.34 -14.72 44.89
N GLY HA 111 -106.35 -14.43 44.04
CA GLY HA 111 -106.34 -14.90 42.67
C GLY HA 111 -106.41 -16.42 42.55
N GLU HA 112 -105.66 -17.12 43.39
CA GLU HA 112 -105.64 -18.57 43.38
C GLU HA 112 -106.76 -19.17 44.22
N LEU HA 113 -106.73 -18.92 45.53
CA LEU HA 113 -107.70 -19.51 46.44
C LEU HA 113 -109.16 -19.17 46.13
N CYS HA 114 -109.38 -18.03 45.47
CA CYS HA 114 -110.74 -17.64 45.16
C CYS HA 114 -111.05 -17.66 43.66
N GLY HA 115 -110.33 -16.87 42.88
CA GLY HA 115 -110.46 -16.92 41.42
C GLY HA 115 -111.22 -15.78 40.74
N HIS HA 116 -112.14 -15.13 41.45
CA HIS HA 116 -112.78 -13.94 40.88
C HIS HA 116 -112.52 -12.65 41.67
N ALA HA 117 -112.47 -11.51 40.98
CA ALA HA 117 -112.14 -10.25 41.62
C ALA HA 117 -113.31 -9.66 42.38
N MET HA 118 -113.01 -8.95 43.45
CA MET HA 118 -114.04 -8.40 44.34
C MET HA 118 -114.56 -7.03 43.90
N TRP HA 119 -115.87 -6.90 43.81
CA TRP HA 119 -116.51 -5.68 43.39
C TRP HA 119 -116.87 -4.85 44.61
N PHE HA 120 -116.42 -3.60 44.62
CA PHE HA 120 -116.56 -2.74 45.80
C PHE HA 120 -117.99 -2.60 46.35
N LYS HA 121 -119.01 -2.63 45.49
CA LYS HA 121 -120.35 -2.25 45.92
C LYS HA 121 -121.23 -3.38 46.38
N SER HA 122 -120.91 -4.59 45.97
CA SER HA 122 -121.73 -5.74 46.32
C SER HA 122 -121.04 -7.05 46.02
N THR HA 123 -121.52 -8.09 46.70
CA THR HA 123 -121.05 -9.43 46.43
C THR HA 123 -121.44 -9.85 44.99
N THR HA 124 -120.49 -10.40 44.25
CA THR HA 124 -120.78 -10.88 42.91
C THR HA 124 -121.44 -12.25 42.95
N PHE HA 125 -120.71 -13.27 43.38
CA PHE HA 125 -121.28 -14.61 43.46
C PHE HA 125 -121.78 -14.93 44.86
N GLU HA 126 -120.89 -15.45 45.70
CA GLU HA 126 -121.22 -15.50 47.10
C GLU HA 126 -120.20 -14.68 47.89
N SER HA 127 -120.54 -14.39 49.15
CA SER HA 127 -119.73 -13.54 50.02
C SER HA 127 -118.65 -14.33 50.76
N PRO HA 128 -117.36 -14.02 50.51
CA PRO HA 128 -116.20 -14.75 51.06
C PRO HA 128 -116.10 -14.70 52.60
N ARG HA 129 -115.98 -15.85 53.25
CA ARG HA 129 -115.93 -15.93 54.71
C ARG HA 129 -114.64 -16.55 55.24
N LEU HA 130 -114.28 -16.18 56.46
CA LEU HA 130 -113.29 -16.89 57.24
C LEU HA 130 -113.99 -17.55 58.44
N HIS HA 131 -113.90 -18.86 58.59
CA HIS HA 131 -114.51 -19.54 59.72
C HIS HA 131 -113.47 -19.89 60.77
N PHE HA 132 -113.82 -19.70 62.04
CA PHE HA 132 -112.92 -20.08 63.10
C PHE HA 132 -113.52 -21.15 64.01
N THR HA 133 -112.87 -22.29 64.05
CA THR HA 133 -113.39 -23.44 64.79
C THR HA 133 -112.28 -23.99 65.65
N CYS HA 134 -112.66 -24.74 66.67
CA CYS HA 134 -111.67 -25.37 67.53
C CYS HA 134 -111.45 -26.84 67.13
N LEU HA 135 -110.21 -27.20 66.78
CA LEU HA 135 -109.89 -28.54 66.28
C LEU HA 135 -109.62 -29.51 67.43
N THR HA 136 -108.76 -29.08 68.35
CA THR HA 136 -108.48 -29.81 69.58
C THR HA 136 -108.77 -28.89 70.76
N GLY HA 137 -109.48 -29.39 71.76
CA GLY HA 137 -109.87 -28.56 72.90
C GLY HA 137 -108.81 -28.34 73.96
N ASN HA 138 -109.10 -27.44 74.89
CA ASN HA 138 -108.19 -27.21 76.01
C ASN HA 138 -108.26 -28.40 76.96
N ASN HA 139 -107.17 -28.64 77.69
CA ASN HA 139 -107.07 -29.80 78.55
C ASN HA 139 -107.96 -29.66 79.78
N LYS HA 140 -108.18 -28.41 80.17
CA LYS HA 140 -109.09 -28.01 81.24
C LYS HA 140 -109.49 -26.59 80.87
N GLU HA 141 -110.62 -26.13 81.39
CA GLU HA 141 -111.05 -24.80 81.02
C GLU HA 141 -110.04 -23.77 81.50
N LEU HA 142 -110.01 -22.61 80.84
CA LEU HA 142 -109.14 -21.52 81.26
C LEU HA 142 -109.81 -20.67 82.34
N ALA HA 143 -109.17 -19.60 82.73
CA ALA HA 143 -109.68 -18.83 83.85
C ALA HA 143 -110.91 -18.01 83.50
N ALA HA 144 -110.99 -17.53 82.27
CA ALA HA 144 -112.11 -16.68 81.86
C ALA HA 144 -112.28 -16.66 80.34
N ASP HA 145 -113.43 -16.18 79.87
CA ASP HA 145 -113.62 -15.89 78.45
C ASP HA 145 -112.57 -14.89 77.94
N TRP HA 146 -112.18 -15.01 76.68
CA TRP HA 146 -111.23 -14.08 76.08
C TRP HA 146 -111.53 -13.87 74.60
N GLN HA 147 -110.68 -13.10 73.92
CA GLN HA 147 -110.89 -12.89 72.49
C GLN HA 147 -109.57 -12.90 71.74
N ALA HA 148 -109.66 -13.14 70.44
CA ALA HA 148 -108.52 -12.99 69.54
C ALA HA 148 -108.88 -11.99 68.46
N VAL HA 149 -107.87 -11.33 67.91
CA VAL HA 149 -108.11 -10.32 66.89
C VAL HA 149 -107.64 -10.82 65.54
N VAL HA 150 -108.49 -10.70 64.53
CA VAL HA 150 -108.13 -11.05 63.16
C VAL HA 150 -107.89 -9.78 62.33
N GLU HA 151 -106.77 -9.74 61.61
CA GLU HA 151 -106.45 -8.56 60.81
C GLU HA 151 -106.11 -8.89 59.36
N LEU HA 152 -106.63 -8.10 58.43
CA LEU HA 152 -106.32 -8.24 57.01
C LEU HA 152 -105.38 -7.13 56.59
N TYR HA 153 -104.23 -7.51 56.05
CA TYR HA 153 -103.26 -6.55 55.51
C TYR HA 153 -103.19 -6.73 54.02
N ALA HA 154 -103.23 -5.63 53.28
CA ALA HA 154 -103.21 -5.69 51.83
C ALA HA 154 -102.88 -4.34 51.25
N GLU HA 155 -102.30 -4.33 50.05
CA GLU HA 155 -102.18 -3.09 49.30
C GLU HA 155 -103.05 -3.21 48.06
N LEU HA 156 -104.33 -2.86 48.20
CA LEU HA 156 -105.30 -3.02 47.11
C LEU HA 156 -104.94 -2.17 45.89
N GLU HA 157 -104.87 -2.83 44.74
CA GLU HA 157 -104.78 -2.10 43.48
C GLU HA 157 -105.85 -2.61 42.48
N GLU HA 158 -106.16 -1.77 41.49
CA GLU HA 158 -107.20 -2.10 40.52
C GLU HA 158 -106.88 -3.40 39.78
N ALA HA 159 -107.87 -4.29 39.73
CA ALA HA 159 -107.73 -5.55 39.02
C ALA HA 159 -107.92 -5.36 37.51
N THR HA 160 -107.02 -5.97 36.75
CA THR HA 160 -107.02 -5.84 35.30
C THR HA 160 -108.06 -6.79 34.65
N SER HA 161 -108.28 -7.96 35.26
CA SER HA 161 -109.20 -8.96 34.70
C SER HA 161 -110.22 -9.41 35.72
N PHE HA 162 -111.34 -9.98 35.29
CA PHE HA 162 -112.32 -10.50 36.24
C PHE HA 162 -111.85 -11.80 36.86
N LEU HA 163 -111.22 -12.64 36.05
CA LEU HA 163 -110.85 -13.98 36.47
C LEU HA 163 -109.39 -14.07 36.85
N GLY HA 164 -109.10 -14.91 37.86
CA GLY HA 164 -107.75 -15.25 38.25
C GLY HA 164 -107.07 -16.17 37.27
N LYS HA 165 -106.04 -16.86 37.73
CA LYS HA 165 -105.45 -17.96 36.97
C LYS HA 165 -106.10 -19.23 37.53
N PRO HA 166 -106.43 -20.18 36.65
CA PRO HA 166 -107.15 -21.37 37.09
C PRO HA 166 -106.30 -22.25 38.02
N THR HA 167 -106.86 -22.58 39.18
CA THR HA 167 -106.26 -23.52 40.12
C THR HA 167 -106.01 -24.90 39.47
N LEU HA 168 -106.89 -25.30 38.56
CA LEU HA 168 -106.83 -26.65 38.00
C LEU HA 168 -107.33 -26.69 36.57
N VAL HA 169 -106.67 -27.46 35.72
CA VAL HA 169 -107.19 -27.69 34.38
C VAL HA 169 -107.43 -29.17 34.13
N PHE HA 170 -108.64 -29.50 33.65
CA PHE HA 170 -109.07 -30.88 33.56
C PHE HA 170 -108.19 -31.73 32.68
N ASP HA 171 -107.70 -32.83 33.26
CA ASP HA 171 -106.88 -33.81 32.57
C ASP HA 171 -106.95 -35.12 33.37
N PRO HA 172 -107.52 -36.17 32.74
CA PRO HA 172 -107.77 -37.50 33.31
C PRO HA 172 -106.48 -38.17 33.73
N GLY HA 173 -105.47 -38.00 32.87
CA GLY HA 173 -104.21 -38.68 33.01
C GLY HA 173 -103.22 -37.93 33.90
N VAL HA 174 -103.72 -36.96 34.67
CA VAL HA 174 -102.83 -36.17 35.49
C VAL HA 174 -103.33 -35.89 36.92
N PHE HA 175 -102.74 -36.72 37.78
CA PHE HA 175 -102.74 -36.62 39.24
C PHE HA 175 -101.28 -36.88 39.61
N ASN HA 176 -100.55 -35.81 39.91
CA ASN HA 176 -99.12 -35.89 40.25
C ASN HA 176 -98.81 -36.82 41.41
N GLY HA 177 -99.48 -36.60 42.54
CA GLY HA 177 -99.16 -37.31 43.75
C GLY HA 177 -98.85 -36.34 44.86
N LYS HA 178 -98.77 -35.04 44.52
CA LYS HA 178 -98.64 -33.97 45.51
C LYS HA 178 -100.02 -33.43 45.94
N PHE HA 179 -100.18 -33.12 47.23
CA PHE HA 179 -101.45 -32.61 47.75
C PHE HA 179 -101.28 -31.22 48.34
N GLN HA 180 -102.35 -30.44 48.37
CA GLN HA 180 -102.43 -29.29 49.28
C GLN HA 180 -103.68 -29.39 50.14
N PHE HA 181 -103.58 -28.89 51.37
CA PHE HA 181 -104.72 -28.84 52.29
C PHE HA 181 -105.33 -30.19 52.58
N LEU HA 182 -104.48 -31.21 52.66
CA LEU HA 182 -104.95 -32.54 53.03
C LEU HA 182 -104.64 -32.78 54.49
N THR HA 183 -105.63 -32.53 55.35
CA THR HA 183 -105.44 -32.66 56.79
C THR HA 183 -106.46 -33.68 57.30
N CYS HA 184 -105.97 -34.67 58.05
CA CYS HA 184 -106.83 -35.70 58.63
C CYS HA 184 -107.41 -35.20 59.92
N PRO HA 185 -108.69 -35.49 60.17
CA PRO HA 185 -109.26 -35.16 61.47
C PRO HA 185 -108.41 -35.72 62.61
N PRO HA 186 -108.45 -35.07 63.77
CA PRO HA 186 -107.60 -35.45 64.91
C PRO HA 186 -107.83 -36.89 65.34
N ILE HA 187 -106.71 -37.53 65.70
CA ILE HA 187 -106.69 -38.86 66.25
C ILE HA 187 -106.43 -38.74 67.76
N PHE HA 188 -107.15 -39.49 68.59
CA PHE HA 188 -107.01 -39.31 70.04
C PHE HA 188 -106.45 -40.52 70.79
N PHE HA 189 -105.57 -40.28 71.75
CA PHE HA 189 -105.06 -41.33 72.63
C PHE HA 189 -105.46 -41.12 74.08
N ASP HA 190 -106.01 -42.15 74.72
CA ASP HA 190 -106.38 -42.06 76.14
C ASP HA 190 -105.14 -42.26 76.99
N LEU HA 191 -105.09 -41.58 78.13
CA LEU HA 191 -103.93 -41.78 79.00
C LEU HA 191 -104.17 -42.90 80.01
N THR HA 192 -105.37 -43.47 79.94
CA THR HA 192 -105.69 -44.62 80.78
C THR HA 192 -105.33 -45.91 80.08
N ALA HA 193 -104.45 -45.81 79.09
CA ALA HA 193 -104.07 -46.98 78.31
C ALA HA 193 -102.56 -47.06 78.14
N VAL HA 194 -101.99 -48.18 78.53
CA VAL HA 194 -100.54 -48.32 78.48
C VAL HA 194 -99.98 -48.36 77.05
N THR HA 195 -100.71 -48.99 76.14
CA THR HA 195 -100.41 -48.87 74.71
C THR HA 195 -101.71 -48.72 73.94
N ALA HA 196 -101.61 -48.32 72.68
CA ALA HA 196 -102.82 -48.18 71.86
C ALA HA 196 -102.50 -48.07 70.39
N LEU HA 197 -103.50 -48.38 69.57
CA LEU HA 197 -103.39 -48.26 68.14
C LEU HA 197 -104.45 -47.33 67.60
N ARG HA 198 -104.07 -46.48 66.65
CA ARG HA 198 -105.04 -45.71 65.89
C ARG HA 198 -104.73 -45.82 64.43
N SER HA 199 -105.72 -46.27 63.66
CA SER HA 199 -105.54 -46.42 62.22
C SER HA 199 -106.02 -45.20 61.44
N ALA HA 200 -105.27 -44.86 60.41
CA ALA HA 200 -105.73 -43.90 59.41
C ALA HA 200 -105.79 -44.61 58.07
N GLY HA 201 -106.95 -44.63 57.44
CA GLY HA 201 -107.09 -45.31 56.15
C GLY HA 201 -106.32 -44.59 55.08
N LEU HA 202 -105.78 -45.34 54.12
CA LEU HA 202 -105.02 -44.72 53.04
C LEU HA 202 -105.74 -44.83 51.71
N THR HA 203 -107.02 -45.20 51.79
CA THR HA 203 -107.87 -45.27 50.61
C THR HA 203 -108.43 -43.87 50.33
N LEU HA 204 -107.54 -42.98 49.86
CA LEU HA 204 -107.79 -41.54 49.84
C LEU HA 204 -108.84 -41.03 48.85
N GLY HA 205 -109.31 -41.87 47.94
CA GLY HA 205 -110.34 -41.49 47.01
C GLY HA 205 -111.75 -41.59 47.59
N GLN HA 206 -111.83 -42.17 48.78
CA GLN HA 206 -113.11 -42.37 49.47
C GLN HA 206 -113.64 -41.01 49.87
N VAL HA 207 -114.94 -40.79 49.68
CA VAL HA 207 -115.53 -39.50 50.04
C VAL HA 207 -115.89 -39.48 51.50
N PRO HA 208 -115.39 -38.48 52.23
CA PRO HA 208 -115.58 -38.36 53.69
C PRO HA 208 -117.04 -38.12 54.02
N MET HA 209 -117.47 -38.53 55.21
CA MET HA 209 -118.87 -38.33 55.58
C MET HA 209 -119.03 -37.77 56.97
N VAL HA 210 -120.12 -37.04 57.16
CA VAL HA 210 -120.50 -36.54 58.48
C VAL HA 210 -121.94 -36.97 58.66
N GLY HA 211 -122.14 -38.07 59.39
CA GLY HA 211 -123.45 -38.68 59.45
C GLY HA 211 -123.81 -39.22 58.08
N THR HA 212 -124.95 -38.78 57.57
CA THR HA 212 -125.42 -39.24 56.27
C THR HA 212 -124.99 -38.30 55.17
N THR HA 213 -124.29 -37.23 55.54
CA THR HA 213 -123.87 -36.22 54.59
C THR HA 213 -122.50 -36.51 53.94
N LYS HA 214 -122.49 -36.60 52.61
CA LYS HA 214 -121.24 -36.76 51.86
C LYS HA 214 -120.57 -35.39 51.69
N VAL HA 215 -119.28 -35.31 51.97
CA VAL HA 215 -118.55 -34.07 51.79
C VAL HA 215 -117.55 -34.22 50.66
N TYR HA 216 -117.99 -33.96 49.44
CA TYR HA 216 -117.10 -33.99 48.30
C TYR HA 216 -116.01 -32.93 48.44
N ASN HA 217 -114.76 -33.30 48.18
CA ASN HA 217 -113.67 -32.34 48.22
C ASN HA 217 -112.63 -32.63 47.15
N LEU HA 218 -111.80 -31.64 46.84
CA LEU HA 218 -110.88 -31.78 45.72
C LEU HA 218 -109.87 -32.91 45.89
N ASN HA 219 -109.35 -33.09 47.10
CA ASN HA 219 -108.32 -34.10 47.32
C ASN HA 219 -108.79 -35.53 47.03
N SER HA 220 -109.91 -35.93 47.63
CA SER HA 220 -110.46 -37.25 47.33
C SER HA 220 -110.82 -37.37 45.85
N THR HA 221 -111.35 -36.30 45.29
CA THR HA 221 -111.64 -36.27 43.86
C THR HA 221 -110.39 -36.53 43.01
N LEU HA 222 -109.28 -35.84 43.32
CA LEU HA 222 -108.02 -36.09 42.62
C LEU HA 222 -107.57 -37.56 42.69
N VAL HA 223 -107.52 -38.10 43.90
CA VAL HA 223 -107.15 -39.49 44.08
C VAL HA 223 -108.02 -40.42 43.22
N SER HA 224 -109.31 -40.10 43.12
CA SER HA 224 -110.22 -40.98 42.38
C SER HA 224 -109.90 -41.04 40.89
N CYS HA 225 -109.03 -40.14 40.43
CA CYS HA 225 -108.62 -40.06 39.01
C CYS HA 225 -107.62 -41.14 38.64
N VAL HA 226 -107.27 -41.92 39.65
CA VAL HA 226 -106.30 -42.99 39.54
C VAL HA 226 -106.93 -44.32 40.06
N LEU HA 227 -106.38 -45.46 39.67
CA LEU HA 227 -106.95 -46.73 40.12
C LEU HA 227 -106.43 -47.12 41.50
N GLY HA 228 -105.20 -46.71 41.78
CA GLY HA 228 -104.57 -46.97 43.05
C GLY HA 228 -103.18 -46.35 43.09
N MET HA 229 -102.50 -46.47 44.23
CA MET HA 229 -101.23 -45.82 44.41
C MET HA 229 -100.36 -46.56 45.41
N GLY HA 230 -99.06 -46.54 45.15
CA GLY HA 230 -98.09 -47.06 46.08
C GLY HA 230 -97.00 -46.02 46.24
N GLY HA 231 -96.06 -46.27 47.16
CA GLY HA 231 -94.97 -45.35 47.33
C GLY HA 231 -94.81 -44.95 48.76
N THR HA 232 -94.25 -43.77 49.00
CA THR HA 232 -94.04 -43.31 50.36
C THR HA 232 -94.92 -42.11 50.71
N VAL HA 233 -95.61 -42.19 51.84
CA VAL HA 233 -96.42 -41.09 52.33
C VAL HA 233 -95.53 -40.10 53.08
N ARG HA 234 -95.39 -38.89 52.55
CA ARG HA 234 -94.65 -37.82 53.25
C ARG HA 234 -95.65 -36.90 53.92
N GLY HA 235 -95.51 -36.69 55.21
CA GLY HA 235 -96.45 -35.84 55.92
C GLY HA 235 -95.87 -35.15 57.13
N ARG HA 236 -96.73 -34.49 57.89
CA ARG HA 236 -96.32 -33.87 59.13
C ARG HA 236 -97.23 -34.35 60.26
N VAL HA 237 -96.67 -34.49 61.45
CA VAL HA 237 -97.46 -34.85 62.61
C VAL HA 237 -97.44 -33.71 63.60
N HIS HA 238 -98.62 -33.33 64.10
CA HIS HA 238 -98.69 -32.35 65.16
C HIS HA 238 -99.23 -32.95 66.44
N ILE HA 239 -98.49 -32.77 67.51
CA ILE HA 239 -98.95 -33.21 68.82
C ILE HA 239 -99.59 -32.06 69.57
N CYS HA 240 -100.91 -32.13 69.71
CA CYS HA 240 -101.71 -30.99 70.14
C CYS HA 240 -102.14 -31.08 71.58
N ALA HA 241 -101.16 -30.95 72.47
CA ALA HA 241 -101.41 -31.04 73.91
C ALA HA 241 -100.46 -30.10 74.64
N PRO HA 242 -100.75 -29.82 75.92
CA PRO HA 242 -99.89 -29.00 76.78
C PRO HA 242 -98.44 -29.54 76.89
N ILE HA 243 -97.44 -28.69 77.19
CA ILE HA 243 -96.04 -29.16 77.31
C ILE HA 243 -95.90 -30.29 78.31
N PHE HA 244 -96.83 -30.40 79.25
CA PHE HA 244 -96.73 -31.40 80.30
C PHE HA 244 -97.37 -32.75 79.94
N TYR HA 245 -97.92 -32.83 78.73
CA TYR HA 245 -98.32 -34.10 78.13
C TYR HA 245 -97.18 -34.53 77.24
N SER HA 246 -96.99 -35.83 77.09
CA SER HA 246 -95.99 -36.34 76.14
C SER HA 246 -96.24 -37.77 75.74
N ILE HA 247 -95.73 -38.15 74.58
CA ILE HA 247 -96.01 -39.45 74.02
C ILE HA 247 -94.91 -39.90 73.09
N VAL HA 248 -94.80 -41.20 72.86
CA VAL HA 248 -93.90 -41.73 71.84
C VAL HA 248 -94.66 -42.67 70.96
N LEU HA 249 -94.60 -42.43 69.65
CA LEU HA 249 -95.35 -43.22 68.68
C LEU HA 249 -94.46 -44.02 67.74
N TRP HA 250 -94.89 -45.23 67.43
CA TRP HA 250 -94.33 -46.02 66.35
C TRP HA 250 -95.33 -45.91 65.21
N VAL HA 251 -94.91 -45.32 64.09
CA VAL HA 251 -95.80 -45.10 62.95
C VAL HA 251 -95.40 -45.96 61.77
N VAL HA 252 -96.30 -46.84 61.35
CA VAL HA 252 -95.96 -47.82 60.33
C VAL HA 252 -97.16 -48.16 59.47
N SER HA 253 -96.92 -48.64 58.25
CA SER HA 253 -98.00 -49.06 57.37
C SER HA 253 -98.28 -50.58 57.45
N GLU HA 254 -99.56 -50.95 57.50
CA GLU HA 254 -99.95 -52.36 57.51
C GLU HA 254 -101.06 -52.69 56.50
N TRP HA 255 -101.12 -53.94 56.08
CA TRP HA 255 -102.11 -54.37 55.12
C TRP HA 255 -103.15 -55.30 55.72
N ASN HA 256 -104.42 -55.01 55.46
CA ASN HA 256 -105.53 -55.85 55.88
C ASN HA 256 -105.45 -56.35 57.33
N GLY HA 257 -105.77 -55.48 58.26
CA GLY HA 257 -105.62 -55.81 59.67
C GLY HA 257 -104.26 -55.38 60.19
N THR HA 258 -103.98 -55.82 61.42
CA THR HA 258 -102.71 -55.49 62.03
C THR HA 258 -102.17 -56.76 62.68
N THR HA 259 -100.85 -56.84 62.82
CA THR HA 259 -100.25 -57.95 63.51
C THR HA 259 -100.52 -57.82 65.00
N MET HA 260 -100.58 -58.97 65.68
CA MET HA 260 -100.85 -59.00 67.10
C MET HA 260 -99.56 -59.23 67.88
N ASP HA 261 -98.48 -59.48 67.13
CA ASP HA 261 -97.18 -59.78 67.70
C ASP HA 261 -96.25 -58.56 67.71
N TRP HA 262 -95.99 -58.03 68.92
CA TRP HA 262 -95.15 -56.85 69.06
C TRP HA 262 -93.78 -56.98 68.40
N ASN HA 263 -93.23 -58.20 68.36
CA ASN HA 263 -91.93 -58.40 67.73
C ASN HA 263 -91.98 -58.32 66.22
N GLU HA 264 -93.05 -58.84 65.62
CA GLU HA 264 -93.22 -58.70 64.19
C GLU HA 264 -93.41 -57.22 63.85
N LEU HA 265 -94.19 -56.52 64.67
CA LEU HA 265 -94.49 -55.10 64.47
C LEU HA 265 -93.22 -54.28 64.26
N PHE HA 266 -92.19 -54.57 65.04
CA PHE HA 266 -90.95 -53.79 64.97
C PHE HA 266 -89.95 -54.31 63.96
N LYS HA 267 -90.34 -55.31 63.21
CA LYS HA 267 -89.53 -55.75 62.08
C LYS HA 267 -89.99 -55.01 60.83
N TYR HA 268 -91.11 -54.31 60.92
CA TYR HA 268 -91.61 -53.50 59.81
C TYR HA 268 -90.84 -52.20 59.71
N PRO HA 269 -90.83 -51.59 58.52
CA PRO HA 269 -90.19 -50.28 58.30
C PRO HA 269 -91.06 -49.08 58.72
N GLY HA 270 -91.04 -48.77 60.00
CA GLY HA 270 -91.73 -47.59 60.52
C GLY HA 270 -90.79 -46.51 61.01
N VAL HA 271 -91.37 -45.48 61.63
CA VAL HA 271 -90.60 -44.38 62.18
C VAL HA 271 -91.12 -44.01 63.57
N TYR HA 272 -90.24 -43.43 64.39
CA TYR HA 272 -90.67 -43.00 65.72
C TYR HA 272 -91.07 -41.52 65.67
N VAL HA 273 -92.11 -41.16 66.40
CA VAL HA 273 -92.51 -39.77 66.50
C VAL HA 273 -92.65 -39.41 67.98
N GLU HA 274 -91.85 -38.45 68.44
CA GLU HA 274 -91.84 -38.03 69.85
C GLU HA 274 -92.40 -36.62 69.95
N GLU HA 275 -92.46 -35.92 68.83
CA GLU HA 275 -92.79 -34.50 68.82
C GLU HA 275 -93.20 -34.01 67.43
N ASP HA 276 -93.74 -32.79 67.37
CA ASP HA 276 -94.09 -32.15 66.10
C ASP HA 276 -92.95 -32.40 65.11
N GLY HA 277 -93.30 -32.75 63.87
CA GLY HA 277 -92.31 -32.96 62.83
C GLY HA 277 -92.86 -33.62 61.58
N SER HA 278 -92.00 -33.81 60.58
CA SER HA 278 -92.40 -34.53 59.37
C SER HA 278 -92.06 -36.01 59.50
N PHE HA 279 -92.62 -36.83 58.60
CA PHE HA 279 -92.40 -38.28 58.61
C PHE HA 279 -92.52 -38.83 57.20
N GLU HA 280 -91.83 -39.92 56.91
CA GLU HA 280 -92.04 -40.66 55.66
C GLU HA 280 -92.30 -42.12 55.96
N VAL HA 281 -93.43 -42.65 55.54
CA VAL HA 281 -93.70 -44.07 55.73
C VAL HA 281 -94.04 -44.72 54.39
N LYS HA 282 -93.46 -45.90 54.14
CA LYS HA 282 -93.74 -46.65 52.92
C LYS HA 282 -95.12 -47.27 53.02
N ILE HA 283 -95.91 -47.11 51.95
CA ILE HA 283 -97.21 -47.77 51.85
C ILE HA 283 -96.97 -49.26 51.62
N ARG HA 284 -97.39 -50.06 52.59
CA ARG HA 284 -97.17 -51.50 52.60
C ARG HA 284 -98.35 -52.30 52.02
N SER HA 285 -98.09 -53.10 51.01
CA SER HA 285 -99.17 -53.88 50.37
C SER HA 285 -98.62 -55.03 49.52
N PRO HA 286 -99.38 -56.13 49.47
CA PRO HA 286 -99.05 -57.32 48.67
C PRO HA 286 -98.89 -56.97 47.21
N TYR HA 287 -99.49 -55.85 46.80
CA TYR HA 287 -99.47 -55.43 45.40
C TYR HA 287 -98.63 -54.18 45.23
N HIS HA 288 -98.04 -53.74 46.35
CA HIS HA 288 -97.20 -52.53 46.38
C HIS HA 288 -98.01 -51.24 46.22
N ARG HA 289 -99.31 -51.37 45.96
CA ARG HA 289 -100.21 -50.23 45.83
C ARG HA 289 -101.45 -50.57 46.61
N THR HA 290 -102.16 -49.54 47.06
CA THR HA 290 -103.48 -49.71 47.65
C THR HA 290 -104.50 -49.08 46.70
N PRO HA 291 -105.70 -49.67 46.57
CA PRO HA 291 -106.71 -49.13 45.65
C PRO HA 291 -107.22 -47.77 46.09
N ALA HA 292 -107.55 -46.96 45.10
CA ALA HA 292 -108.00 -45.59 45.31
C ALA HA 292 -109.36 -45.49 46.00
N ARG HA 293 -110.28 -46.41 45.68
CA ARG HA 293 -111.60 -46.41 46.27
C ARG HA 293 -112.03 -47.82 46.66
N LEU HA 294 -113.07 -47.94 47.46
CA LEU HA 294 -113.53 -49.24 47.90
C LEU HA 294 -114.63 -49.80 47.02
N LEU HA 295 -114.70 -51.11 46.97
CA LEU HA 295 -115.85 -51.76 46.37
C LEU HA 295 -116.85 -52.01 47.48
N ALA HA 296 -117.97 -52.60 47.10
CA ALA HA 296 -119.03 -52.90 48.03
C ALA HA 296 -118.52 -53.84 49.09
N GLY HA 297 -118.88 -53.58 50.34
CA GLY HA 297 -118.54 -54.50 51.40
C GLY HA 297 -117.08 -54.48 51.82
N GLN HA 298 -116.23 -53.71 51.13
CA GLN HA 298 -114.84 -53.52 51.58
C GLN HA 298 -114.76 -52.41 52.63
N SER HA 299 -113.79 -52.54 53.52
CA SER HA 299 -113.56 -51.59 54.62
C SER HA 299 -112.24 -50.94 54.28
N GLN HA 300 -111.96 -49.75 54.78
CA GLN HA 300 -110.68 -49.16 54.43
C GLN HA 300 -109.51 -49.92 55.07
N ARG HA 301 -109.79 -50.63 56.16
CA ARG HA 301 -108.75 -51.36 56.87
C ARG HA 301 -108.33 -52.62 56.14
N ASP HA 302 -109.16 -53.10 55.22
CA ASP HA 302 -108.85 -54.29 54.44
C ASP HA 302 -107.71 -54.02 53.48
N MET HA 303 -107.41 -52.73 53.26
CA MET HA 303 -106.30 -52.35 52.39
C MET HA 303 -105.10 -51.82 53.18
N SER HA 304 -104.37 -50.91 52.57
CA SER HA 304 -103.21 -50.31 53.22
C SER HA 304 -103.61 -49.18 54.14
N SER HA 305 -103.08 -49.19 55.36
CA SER HA 305 -103.40 -48.14 56.33
C SER HA 305 -102.12 -47.57 56.95
N LEU HA 306 -102.21 -46.33 57.43
CA LEU HA 306 -101.14 -45.67 58.14
C LEU HA 306 -101.44 -45.80 59.64
N ASN HA 307 -100.67 -46.63 60.34
CA ASN HA 307 -100.98 -46.97 61.73
C ASN HA 307 -100.15 -46.25 62.79
N PHE HA 308 -100.83 -45.69 63.78
CA PHE HA 308 -100.16 -44.95 64.83
C PHE HA 308 -100.23 -45.72 66.15
N TYR HA 309 -99.08 -46.28 66.53
CA TYR HA 309 -98.98 -47.10 67.74
C TYR HA 309 -98.40 -46.29 68.88
N ALA HA 310 -99.15 -46.13 69.96
CA ALA HA 310 -98.61 -45.50 71.15
C ALA HA 310 -97.82 -46.53 71.91
N ILE HA 311 -96.50 -46.40 71.91
CA ILE HA 311 -95.64 -47.39 72.56
C ILE HA 311 -95.11 -46.95 73.91
N ALA HA 312 -95.17 -45.64 74.19
CA ALA HA 312 -94.84 -45.13 75.53
C ALA HA 312 -95.69 -43.92 75.83
N GLY HA 313 -96.61 -44.04 76.79
CA GLY HA 313 -97.57 -42.98 77.03
C GLY HA 313 -98.85 -43.14 76.22
N PRO HA 314 -99.61 -42.05 76.10
CA PRO HA 314 -99.29 -40.72 76.61
C PRO HA 314 -99.25 -40.67 78.13
N ILE HA 315 -98.46 -39.75 78.67
CA ILE HA 315 -98.46 -39.49 80.11
C ILE HA 315 -98.75 -38.04 80.39
N ALA HA 316 -99.31 -37.78 81.56
CA ALA HA 316 -99.56 -36.43 81.99
C ALA HA 316 -99.57 -36.45 83.51
N PRO HA 317 -99.40 -35.28 84.13
CA PRO HA 317 -99.49 -35.18 85.60
C PRO HA 317 -100.93 -35.47 86.06
N SER HA 318 -101.14 -35.88 87.31
CA SER HA 318 -102.51 -36.02 87.78
C SER HA 318 -103.00 -34.63 88.14
N GLY HA 319 -104.29 -34.37 88.03
CA GLY HA 319 -105.24 -35.30 87.47
C GLY HA 319 -105.73 -34.69 86.17
N GLU HA 320 -104.98 -34.94 85.12
CA GLU HA 320 -105.42 -34.55 83.80
C GLU HA 320 -106.33 -35.65 83.29
N THR HA 321 -107.26 -35.32 82.41
CA THR HA 321 -108.20 -36.33 81.95
C THR HA 321 -108.35 -36.30 80.43
N ALA HA 322 -108.01 -35.16 79.85
CA ALA HA 322 -108.07 -34.96 78.40
C ALA HA 322 -107.32 -36.03 77.64
N GLN HA 323 -107.83 -36.41 76.48
CA GLN HA 323 -107.08 -37.27 75.60
C GLN HA 323 -105.98 -36.46 74.90
N LEU HA 324 -104.95 -37.15 74.40
CA LEU HA 324 -103.90 -36.50 73.66
C LEU HA 324 -104.20 -36.62 72.18
N PRO HA 325 -104.44 -35.49 71.50
CA PRO HA 325 -104.75 -35.49 70.08
C PRO HA 325 -103.51 -35.39 69.18
N ILE HA 326 -103.55 -36.13 68.07
CA ILE HA 326 -102.53 -36.08 67.03
C ILE HA 326 -103.22 -35.61 65.75
N VAL HA 327 -102.73 -34.53 65.16
CA VAL HA 327 -103.26 -34.12 63.85
C VAL HA 327 -102.28 -34.48 62.73
N VAL HA 328 -102.72 -35.30 61.79
CA VAL HA 328 -101.86 -35.69 60.66
C VAL HA 328 -102.13 -34.92 59.37
N GLN HA 329 -101.07 -34.42 58.73
CA GLN HA 329 -101.20 -33.80 57.42
C GLN HA 329 -100.43 -34.59 56.39
N ILE HA 330 -101.06 -34.90 55.27
CA ILE HA 330 -100.39 -35.63 54.20
C ILE HA 330 -100.00 -34.69 53.07
N ASP HA 331 -98.71 -34.61 52.78
CA ASP HA 331 -98.20 -33.60 51.85
C ASP HA 331 -98.06 -34.15 50.44
N GLU HA 332 -97.49 -35.34 50.33
CA GLU HA 332 -97.41 -35.99 49.03
C GLU HA 332 -97.09 -37.46 49.08
N ILE HA 333 -97.31 -38.15 47.97
CA ILE HA 333 -96.77 -39.48 47.79
C ILE HA 333 -95.45 -39.31 47.04
N VAL HA 334 -94.33 -39.49 47.75
CA VAL HA 334 -93.02 -39.37 47.12
C VAL HA 334 -92.61 -40.72 46.51
N ARG HA 335 -91.83 -40.66 45.43
CA ARG HA 335 -91.42 -41.87 44.74
C ARG HA 335 -92.66 -42.71 44.47
N PRO HA 336 -93.64 -42.13 43.77
CA PRO HA 336 -94.96 -42.74 43.62
C PRO HA 336 -94.99 -43.92 42.64
N ASP HA 337 -95.73 -44.95 43.01
CA ASP HA 337 -96.00 -46.05 42.10
C ASP HA 337 -97.48 -45.98 41.76
N LEU HA 338 -97.82 -45.29 40.67
CA LEU HA 338 -99.22 -45.09 40.35
C LEU HA 338 -99.81 -46.18 39.47
N SER HA 339 -101.10 -46.41 39.61
CA SER HA 339 -101.84 -47.26 38.70
C SER HA 339 -102.15 -46.52 37.43
N LEU HA 340 -102.80 -47.20 36.50
CA LEU HA 340 -103.36 -46.52 35.35
C LEU HA 340 -104.30 -45.43 35.85
N PRO HA 341 -104.43 -44.35 35.06
CA PRO HA 341 -105.54 -43.42 35.32
C PRO HA 341 -106.87 -44.19 35.27
N SER HA 342 -107.83 -43.80 36.10
CA SER HA 342 -109.12 -44.50 36.10
C SER HA 342 -109.94 -44.18 34.84
N PHE HA 343 -109.74 -42.98 34.30
CA PHE HA 343 -110.39 -42.62 33.04
C PHE HA 343 -109.40 -42.25 31.96
N GLU HA 344 -109.77 -42.51 30.71
CA GLU HA 344 -108.92 -42.13 29.59
C GLU HA 344 -109.42 -40.81 29.00
N ASP HA 345 -108.77 -40.28 27.98
CA ASP HA 345 -109.27 -39.06 27.37
C ASP HA 345 -110.43 -39.42 26.45
N ASP HA 346 -111.58 -39.64 27.06
CA ASP HA 346 -112.73 -40.18 26.37
C ASP HA 346 -113.99 -39.49 26.86
N TYR HA 347 -115.12 -39.87 26.28
CA TYR HA 347 -116.39 -39.42 26.78
C TYR HA 347 -116.72 -40.10 28.10
N PHE HA 348 -117.64 -39.50 28.85
CA PHE HA 348 -118.21 -40.13 30.02
C PHE HA 348 -119.66 -39.69 30.18
N VAL HA 349 -120.42 -40.39 31.00
CA VAL HA 349 -121.86 -40.15 31.06
C VAL HA 349 -122.18 -38.88 31.81
N TRP HA 350 -122.95 -38.01 31.16
CA TRP HA 350 -123.49 -36.83 31.82
C TRP HA 350 -124.87 -37.15 32.40
N VAL HA 351 -125.80 -37.56 31.56
CA VAL HA 351 -127.14 -37.85 32.02
C VAL HA 351 -127.89 -38.84 31.11
N ASP HA 352 -128.74 -39.67 31.72
CA ASP HA 352 -129.68 -40.49 30.98
C ASP HA 352 -131.10 -39.99 31.24
N PHE HA 353 -131.88 -39.79 30.18
CA PHE HA 353 -133.32 -39.54 30.31
C PHE HA 353 -134.08 -40.77 29.86
N SER HA 354 -135.09 -41.15 30.65
CA SER HA 354 -135.84 -42.35 30.36
C SER HA 354 -137.27 -42.21 30.87
N GLU HA 355 -138.11 -43.21 30.57
CA GLU HA 355 -139.46 -43.29 31.11
C GLU HA 355 -140.24 -41.99 30.88
N PHE HA 356 -140.29 -41.55 29.61
CA PHE HA 356 -141.00 -40.32 29.26
C PHE HA 356 -142.51 -40.50 29.36
N THR HA 357 -143.19 -39.51 29.93
CA THR HA 357 -144.63 -39.61 30.09
C THR HA 357 -145.39 -38.77 29.07
N LEU HA 358 -144.71 -37.76 28.54
CA LEU HA 358 -145.29 -36.91 27.50
C LEU HA 358 -144.50 -37.03 26.21
N ASP HA 359 -145.18 -36.98 25.08
CA ASP HA 359 -144.51 -36.99 23.78
C ASP HA 359 -143.72 -35.69 23.56
N LYS HA 360 -144.26 -34.55 23.97
CA LYS HA 360 -143.53 -33.28 23.92
C LYS HA 360 -142.70 -33.06 25.19
N GLU HA 361 -141.38 -33.05 25.05
CA GLU HA 361 -140.47 -32.86 26.17
C GLU HA 361 -139.40 -31.87 25.73
N GLU HA 362 -139.07 -30.92 26.60
CA GLU HA 362 -138.01 -29.97 26.27
C GLU HA 362 -137.07 -29.73 27.46
N ILE HA 363 -135.84 -30.18 27.30
CA ILE HA 363 -134.83 -30.13 28.34
C ILE HA 363 -133.94 -28.92 28.13
N GLU HA 364 -134.04 -27.92 29.01
CA GLU HA 364 -133.18 -26.73 28.88
C GLU HA 364 -131.83 -26.95 29.54
N ILE HA 365 -130.78 -26.65 28.79
CA ILE HA 365 -129.43 -26.80 29.29
C ILE HA 365 -128.82 -25.42 29.47
N GLY HA 366 -129.00 -24.57 28.47
CA GLY HA 366 -128.45 -23.23 28.50
C GLY HA 366 -126.94 -23.21 28.29
N SER HA 367 -126.21 -22.75 29.30
CA SER HA 367 -124.76 -22.72 29.21
C SER HA 367 -124.16 -23.41 30.42
N ARG HA 368 -124.93 -24.24 31.09
CA ARG HA 368 -124.48 -24.86 32.35
C ARG HA 368 -124.22 -26.37 32.25
N PHE HA 369 -123.30 -26.86 33.06
CA PHE HA 369 -123.19 -28.28 33.29
C PHE HA 369 -123.68 -28.51 34.70
N PHE HA 370 -124.75 -29.27 34.86
CA PHE HA 370 -125.44 -29.35 36.15
C PHE HA 370 -126.34 -30.60 36.27
N ASP HA 371 -127.01 -30.71 37.42
CA ASP HA 371 -127.94 -31.83 37.67
C ASP HA 371 -129.35 -31.48 37.20
N PHE HA 372 -129.91 -32.32 36.35
CA PHE HA 372 -131.26 -32.11 35.82
C PHE HA 372 -132.34 -32.62 36.79
N THR HA 373 -133.53 -32.05 36.68
CA THR HA 373 -134.71 -32.61 37.35
C THR HA 373 -135.88 -32.55 36.39
N SER HA 374 -136.79 -33.52 36.48
CA SER HA 374 -137.98 -33.49 35.64
C SER HA 374 -139.18 -34.08 36.35
N ASN HA 375 -140.35 -33.52 36.09
CA ASN HA 375 -141.60 -34.04 36.60
C ASN HA 375 -142.22 -35.00 35.62
N THR HA 376 -141.75 -34.95 34.39
CA THR HA 376 -142.38 -35.67 33.30
C THR HA 376 -141.56 -36.84 32.80
N CYS HA 377 -140.33 -36.99 33.32
CA CYS HA 377 -139.48 -38.13 32.96
C CYS HA 377 -138.43 -38.42 34.02
N ARG HA 378 -137.75 -39.55 33.85
CA ARG HA 378 -136.78 -39.99 34.84
C ARG HA 378 -135.38 -39.52 34.47
N VAL HA 379 -134.77 -38.76 35.37
CA VAL HA 379 -133.41 -38.30 35.17
C VAL HA 379 -132.45 -39.16 35.97
N SER HA 380 -131.40 -39.65 35.32
CA SER HA 380 -130.34 -40.40 36.01
C SER HA 380 -129.02 -39.70 35.74
N MET HA 381 -128.45 -39.09 36.77
CA MET HA 381 -127.24 -38.33 36.58
C MET HA 381 -125.98 -39.20 36.68
N GLY HA 382 -124.95 -38.88 35.91
CA GLY HA 382 -123.69 -39.59 35.97
C GLY HA 382 -122.85 -39.13 37.14
N GLU HA 383 -122.10 -40.02 37.75
CA GLU HA 383 -121.14 -39.65 38.78
C GLU HA 383 -119.72 -40.02 38.32
N ASN HA 384 -118.88 -39.01 38.16
CA ASN HA 384 -117.49 -39.21 37.74
C ASN HA 384 -116.62 -38.06 38.21
N PRO HA 385 -115.29 -38.19 38.05
CA PRO HA 385 -114.41 -37.15 38.59
C PRO HA 385 -114.71 -35.79 38.02
N PHE HA 386 -115.03 -35.70 36.73
CA PHE HA 386 -115.31 -34.40 36.15
C PHE HA 386 -116.43 -33.68 36.89
N ALA HA 387 -117.53 -34.39 37.12
CA ALA HA 387 -118.68 -33.84 37.83
C ALA HA 387 -118.29 -33.39 39.23
N ALA HA 388 -117.43 -34.16 39.88
CA ALA HA 388 -116.95 -33.80 41.22
C ALA HA 388 -116.08 -32.54 41.14
N MET HA 389 -115.26 -32.44 40.11
CA MET HA 389 -114.43 -31.25 39.98
C MET HA 389 -115.29 -30.00 39.77
N ILE HA 390 -116.37 -30.14 39.02
CA ILE HA 390 -117.32 -29.04 38.87
C ILE HA 390 -117.87 -28.59 40.24
N ALA HA 391 -118.18 -29.58 41.07
CA ALA HA 391 -118.77 -29.34 42.38
C ALA HA 391 -117.76 -28.82 43.38
N CYS HA 392 -116.48 -29.06 43.16
CA CYS HA 392 -115.47 -28.72 44.15
C CYS HA 392 -114.69 -27.47 43.78
N HIS HA 393 -115.23 -26.68 42.87
CA HIS HA 393 -114.65 -25.38 42.60
C HIS HA 393 -115.76 -24.35 42.57
N GLY HA 394 -115.39 -23.12 42.91
CA GLY HA 394 -116.33 -22.01 42.89
C GLY HA 394 -116.79 -21.63 41.48
N LEU HA 395 -115.84 -21.58 40.54
CA LEU HA 395 -116.11 -21.26 39.14
C LEU HA 395 -115.44 -22.25 38.17
N HIS HA 396 -116.05 -22.45 37.01
CA HIS HA 396 -115.44 -23.27 35.96
C HIS HA 396 -115.79 -22.68 34.59
N SER HA 397 -115.07 -23.10 33.57
CA SER HA 397 -115.35 -22.64 32.21
C SER HA 397 -114.66 -23.53 31.18
N GLY HA 398 -115.35 -23.78 30.07
CA GLY HA 398 -114.78 -24.63 29.03
C GLY HA 398 -115.77 -25.04 27.97
N VAL HA 399 -115.34 -25.96 27.12
CA VAL HA 399 -116.26 -26.48 26.12
C VAL HA 399 -116.41 -27.98 26.24
N LEU HA 400 -117.65 -28.45 26.19
CA LEU HA 400 -117.95 -29.89 26.21
C LEU HA 400 -118.40 -30.38 24.84
N ASP HA 401 -117.75 -31.43 24.34
CA ASP HA 401 -118.26 -32.13 23.18
C ASP HA 401 -119.30 -33.15 23.65
N LEU HA 402 -120.49 -33.13 23.05
CA LEU HA 402 -121.57 -34.04 23.44
C LEU HA 402 -121.80 -35.14 22.40
N LYS HA 403 -122.08 -36.34 22.88
CA LYS HA 403 -122.60 -37.40 22.04
C LYS HA 403 -123.96 -37.75 22.58
N LEU HA 404 -124.97 -37.74 21.72
CA LEU HA 404 -126.29 -38.18 22.14
C LEU HA 404 -126.55 -39.53 21.50
N GLN HA 405 -127.04 -40.46 22.30
CA GLN HA 405 -127.45 -41.77 21.82
C GLN HA 405 -128.85 -42.11 22.33
N TRP HA 406 -129.65 -42.78 21.51
CA TRP HA 406 -130.97 -43.22 21.96
C TRP HA 406 -131.45 -44.52 21.32
N SER HA 407 -132.29 -45.26 22.05
CA SER HA 407 -132.90 -46.47 21.52
C SER HA 407 -134.41 -46.26 21.46
N LEU HA 408 -135.09 -47.00 20.61
CA LEU HA 408 -136.53 -46.87 20.47
C LEU HA 408 -137.37 -47.72 21.43
N ASN HA 409 -138.53 -47.18 21.81
CA ASN HA 409 -139.50 -47.87 22.65
C ASN HA 409 -140.59 -48.52 21.79
N THR HA 410 -140.94 -47.87 20.68
CA THR HA 410 -141.89 -48.42 19.72
C THR HA 410 -141.19 -49.17 18.59
N GLU HA 411 -141.97 -49.77 17.69
CA GLU HA 411 -141.38 -50.48 16.54
C GLU HA 411 -140.69 -49.50 15.58
N PHE HA 412 -139.51 -49.88 15.10
CA PHE HA 412 -138.72 -49.01 14.24
C PHE HA 412 -139.50 -48.51 13.03
N GLY HA 413 -140.30 -49.40 12.46
CA GLY HA 413 -141.06 -49.08 11.25
C GLY HA 413 -142.16 -48.05 11.49
N LYS HA 414 -142.54 -47.87 12.75
CA LYS HA 414 -143.63 -46.96 13.08
C LYS HA 414 -143.08 -45.61 13.52
N SER HA 415 -141.75 -45.53 13.68
CA SER HA 415 -141.10 -44.34 14.24
C SER HA 415 -141.22 -43.07 13.40
N SER HA 416 -141.31 -41.94 14.08
CA SER HA 416 -141.35 -40.62 13.44
C SER HA 416 -140.78 -39.60 14.40
N GLY HA 417 -140.58 -38.38 13.92
CA GLY HA 417 -140.10 -37.31 14.79
C GLY HA 417 -138.60 -37.24 14.89
N SER HA 418 -138.11 -36.58 15.94
CA SER HA 418 -136.73 -36.13 16.01
C SER HA 418 -136.25 -35.83 17.41
N VAL HA 419 -134.94 -35.94 17.58
CA VAL HA 419 -134.22 -35.29 18.67
C VAL HA 419 -133.68 -34.01 18.07
N THR HA 420 -134.15 -32.87 18.55
CA THR HA 420 -133.69 -31.59 18.03
C THR HA 420 -132.84 -30.84 19.03
N ILE HA 421 -131.68 -30.36 18.58
CA ILE HA 421 -130.82 -29.56 19.44
C ILE HA 421 -131.02 -28.09 19.07
N THR HA 422 -131.68 -27.34 19.94
CA THR HA 422 -131.75 -25.91 19.74
C THR HA 422 -130.52 -25.16 20.25
N LYS HA 423 -129.88 -24.40 19.37
CA LYS HA 423 -128.70 -23.61 19.77
C LYS HA 423 -128.97 -22.13 19.53
N LEU HA 424 -128.95 -21.35 20.60
CA LEU HA 424 -129.21 -19.92 20.49
C LEU HA 424 -128.04 -19.14 21.08
N VAL HA 425 -128.07 -17.83 20.87
CA VAL HA 425 -127.28 -16.89 21.66
C VAL HA 425 -128.25 -15.91 22.33
N GLY HA 426 -128.32 -15.95 23.66
CA GLY HA 426 -129.27 -15.14 24.37
C GLY HA 426 -130.14 -16.04 25.21
N ASP HA 427 -131.44 -16.03 24.93
CA ASP HA 427 -132.41 -16.90 25.58
C ASP HA 427 -133.54 -17.26 24.63
N LYS HA 428 -134.46 -18.10 25.09
CA LYS HA 428 -135.52 -18.59 24.23
C LYS HA 428 -136.31 -17.40 23.68
N ALA HA 429 -136.44 -16.35 24.48
CA ALA HA 429 -137.31 -15.22 24.14
C ALA HA 429 -136.77 -14.21 23.09
N MET HA 430 -135.48 -13.87 23.16
CA MET HA 430 -134.92 -12.80 22.33
C MET HA 430 -133.61 -13.20 21.68
N GLY HA 431 -133.32 -14.49 21.66
CA GLY HA 431 -132.05 -14.97 21.19
C GLY HA 431 -131.81 -14.99 19.69
N LEU HA 432 -130.56 -15.17 19.32
CA LEU HA 432 -130.18 -15.32 17.92
C LEU HA 432 -130.02 -16.81 17.63
N ASP HA 433 -130.17 -17.18 16.36
CA ASP HA 433 -130.13 -18.59 15.99
C ASP HA 433 -128.77 -19.08 15.54
N GLY HA 434 -128.24 -20.06 16.25
CA GLY HA 434 -126.94 -20.64 15.94
C GLY HA 434 -127.07 -21.96 15.20
N PRO HA 435 -126.13 -22.87 15.45
CA PRO HA 435 -126.08 -24.18 14.80
C PRO HA 435 -127.07 -25.20 15.40
N SER HA 436 -128.34 -24.80 15.46
CA SER HA 436 -129.43 -25.71 15.84
C SER HA 436 -129.42 -26.87 14.85
N HIS HA 437 -130.02 -27.97 15.24
CA HIS HA 437 -129.73 -29.21 14.54
C HIS HA 437 -130.88 -30.18 14.75
N VAL HA 438 -131.39 -30.71 13.65
CA VAL HA 438 -132.51 -31.65 13.69
C VAL HA 438 -132.06 -33.08 13.37
N PHE HA 439 -132.10 -33.96 14.36
CA PHE HA 439 -131.75 -35.35 14.15
C PHE HA 439 -133.03 -36.13 14.02
N ALA HA 440 -133.31 -36.62 12.82
CA ALA HA 440 -134.45 -37.52 12.64
C ALA HA 440 -134.27 -38.68 13.63
N ILE HA 441 -135.35 -39.06 14.29
CA ILE HA 441 -135.26 -40.07 15.36
C ILE HA 441 -134.58 -41.35 14.88
N GLN HA 442 -134.68 -41.65 13.58
CA GLN HA 442 -134.10 -42.86 13.01
C GLN HA 442 -132.58 -42.85 12.98
N LYS HA 443 -131.96 -41.67 13.12
CA LYS HA 443 -130.49 -41.58 13.18
C LYS HA 443 -129.95 -42.31 14.40
N LEU HA 444 -130.71 -42.24 15.50
CA LEU HA 444 -130.42 -42.98 16.72
C LEU HA 444 -129.18 -42.48 17.45
N GLU HA 445 -128.60 -41.38 16.96
CA GLU HA 445 -127.45 -40.71 17.59
C GLU HA 445 -127.16 -39.36 16.94
N GLY HA 446 -126.48 -38.50 17.69
CA GLY HA 446 -126.10 -37.21 17.16
C GLY HA 446 -125.03 -36.56 18.02
N THR HA 447 -124.37 -35.54 17.48
CA THR HA 447 -123.31 -34.86 18.21
C THR HA 447 -123.50 -33.35 18.20
N THR HA 448 -122.95 -32.69 19.23
CA THR HA 448 -122.99 -31.23 19.32
C THR HA 448 -121.93 -30.75 20.31
N GLU HA 449 -121.60 -29.45 20.26
CA GLU HA 449 -120.72 -28.84 21.25
C GLU HA 449 -121.58 -28.06 22.23
N LEU HA 450 -121.12 -27.92 23.47
CA LEU HA 450 -121.80 -27.05 24.44
C LEU HA 450 -120.80 -26.10 25.10
N LEU HA 451 -121.05 -24.80 25.00
CA LEU HA 451 -120.21 -23.85 25.70
C LEU HA 451 -120.68 -23.79 27.14
N VAL HA 452 -119.79 -24.16 28.07
CA VAL HA 452 -120.03 -23.99 29.49
C VAL HA 452 -119.30 -22.73 29.94
N GLY HA 453 -120.05 -21.63 30.02
CA GLY HA 453 -119.48 -20.32 30.30
C GLY HA 453 -120.44 -19.22 29.91
N ASN HA 454 -119.92 -18.00 29.79
CA ASN HA 454 -120.76 -16.84 29.52
C ASN HA 454 -119.90 -15.60 29.27
N PHE HA 455 -120.53 -14.47 28.96
CA PHE HA 455 -119.78 -13.26 28.65
C PHE HA 455 -118.78 -12.86 29.72
N ALA HA 456 -119.09 -13.17 30.98
CA ALA HA 456 -118.18 -12.84 32.07
C ALA HA 456 -116.94 -13.73 32.13
N GLY HA 457 -117.07 -14.97 31.68
CA GLY HA 457 -115.92 -15.85 31.53
C GLY HA 457 -115.96 -17.20 32.25
N ALA HA 458 -116.90 -17.36 33.17
CA ALA HA 458 -116.95 -18.56 34.00
C ALA HA 458 -118.33 -18.75 34.66
N ASN HA 459 -118.67 -19.99 35.00
CA ASN HA 459 -119.92 -20.29 35.68
C ASN HA 459 -119.70 -20.63 37.14
N PRO HA 460 -120.57 -20.13 38.01
CA PRO HA 460 -120.62 -20.59 39.40
C PRO HA 460 -121.34 -21.91 39.43
N ASN HA 461 -121.25 -22.62 40.54
CA ASN HA 461 -121.89 -23.93 40.61
C ASN HA 461 -123.30 -23.80 41.18
N THR HA 462 -123.99 -22.78 40.71
CA THR HA 462 -125.34 -22.51 41.13
C THR HA 462 -126.13 -22.04 39.91
N ARG HA 463 -127.40 -21.73 40.08
CA ARG HA 463 -128.16 -21.06 39.03
C ARG HA 463 -127.72 -19.58 39.02
N PHE HA 464 -127.63 -19.03 37.82
CA PHE HA 464 -127.17 -17.64 37.61
C PHE HA 464 -127.80 -17.21 36.30
N SER HA 465 -127.81 -15.91 36.03
CA SER HA 465 -128.31 -15.42 34.76
C SER HA 465 -127.31 -14.48 34.09
N LEU HA 466 -126.49 -15.00 33.21
CA LEU HA 466 -125.54 -14.15 32.50
C LEU HA 466 -125.55 -14.46 31.03
N TYR HA 467 -125.81 -13.45 30.20
CA TYR HA 467 -125.83 -13.59 28.74
C TYR HA 467 -124.77 -14.54 28.19
N SER HA 468 -125.20 -15.54 27.42
CA SER HA 468 -124.29 -16.50 26.83
C SER HA 468 -124.99 -17.24 25.71
N ARG HA 469 -124.32 -18.26 25.18
CA ARG HA 469 -124.97 -19.21 24.27
C ARG HA 469 -125.97 -20.05 25.05
N TRP HA 470 -126.96 -20.61 24.37
CA TRP HA 470 -128.07 -21.26 25.04
C TRP HA 470 -128.47 -22.52 24.29
N MET HA 471 -128.57 -23.64 25.00
CA MET HA 471 -128.86 -24.91 24.34
C MET HA 471 -130.06 -25.61 24.95
N ALA HA 472 -130.83 -26.30 24.12
CA ALA HA 472 -131.93 -27.11 24.63
C ALA HA 472 -132.12 -28.35 23.78
N ILE HA 473 -132.58 -29.44 24.40
CA ILE HA 473 -132.91 -30.64 23.65
C ILE HA 473 -134.42 -30.72 23.57
N LYS HA 474 -134.96 -30.89 22.36
CA LYS HA 474 -136.40 -30.92 22.14
C LYS HA 474 -136.84 -32.26 21.57
N LEU HA 475 -137.63 -33.00 22.35
CA LEU HA 475 -138.25 -34.24 21.88
C LEU HA 475 -139.71 -34.01 21.44
N ASP HA 476 -140.12 -34.59 20.31
CA ASP HA 476 -141.52 -34.43 19.87
C ASP HA 476 -142.26 -35.76 19.89
N GLN HA 477 -141.51 -36.84 20.05
CA GLN HA 477 -142.06 -38.17 20.09
C GLN HA 477 -141.41 -38.94 21.23
N ALA HA 478 -141.32 -38.28 22.37
CA ALA HA 478 -140.49 -38.78 23.47
C ALA HA 478 -140.92 -40.16 23.96
N LYS HA 479 -142.22 -40.46 23.86
CA LYS HA 479 -142.69 -41.76 24.33
C LYS HA 479 -142.15 -42.91 23.47
N SER HA 480 -141.64 -42.58 22.29
CA SER HA 480 -141.06 -43.58 21.40
C SER HA 480 -139.58 -43.84 21.73
N ILE HA 481 -139.07 -43.18 22.76
CA ILE HA 481 -137.67 -43.34 23.12
C ILE HA 481 -137.56 -44.09 24.43
N LYS HA 482 -136.79 -45.17 24.43
CA LYS HA 482 -136.60 -45.95 25.66
C LYS HA 482 -135.57 -45.28 26.54
N VAL HA 483 -134.54 -44.69 25.92
CA VAL HA 483 -133.52 -43.95 26.66
C VAL HA 483 -132.78 -42.96 25.78
N LEU HA 484 -132.51 -41.78 26.32
CA LEU HA 484 -131.71 -40.78 25.66
C LEU HA 484 -130.52 -40.57 26.53
N ARG HA 485 -129.36 -40.98 26.06
CA ARG HA 485 -128.13 -40.83 26.84
C ARG HA 485 -127.28 -39.68 26.31
N VAL HA 486 -126.77 -38.86 27.23
CA VAL HA 486 -125.89 -37.76 26.85
C VAL HA 486 -124.51 -37.96 27.44
N LEU HA 487 -123.52 -38.16 26.58
CA LEU HA 487 -122.13 -38.27 27.02
C LEU HA 487 -121.42 -36.96 26.70
N CYS HA 488 -120.40 -36.63 27.50
CA CYS HA 488 -119.58 -35.45 27.22
C CYS HA 488 -118.08 -35.73 27.35
N LYS HA 489 -117.28 -34.89 26.71
CA LYS HA 489 -115.83 -35.03 26.69
C LYS HA 489 -115.28 -33.62 26.63
N PRO HA 490 -114.72 -33.16 27.74
CA PRO HA 490 -114.22 -31.79 27.83
C PRO HA 490 -113.09 -31.56 26.84
N ARG HA 491 -113.17 -30.47 26.11
CA ARG HA 491 -112.08 -30.05 25.26
C ARG HA 491 -110.96 -29.56 26.12
N PRO HA 492 -109.73 -29.72 25.64
CA PRO HA 492 -108.52 -29.36 26.39
C PRO HA 492 -108.64 -27.91 26.89
N GLY HA 493 -108.22 -27.69 28.13
CA GLY HA 493 -108.22 -26.37 28.71
C GLY HA 493 -109.48 -26.05 29.48
N PHE HA 494 -110.26 -27.06 29.81
CA PHE HA 494 -111.42 -26.84 30.64
C PHE HA 494 -110.92 -26.44 32.02
N SER HA 495 -111.34 -25.28 32.49
CA SER HA 495 -110.71 -24.65 33.66
C SER HA 495 -111.55 -24.58 34.91
N PHE HA 496 -110.91 -24.71 36.05
CA PHE HA 496 -111.59 -24.61 37.34
C PHE HA 496 -110.90 -23.54 38.19
N TYR HA 497 -111.71 -22.75 38.91
CA TYR HA 497 -111.20 -21.67 39.72
C TYR HA 497 -111.64 -21.82 41.18
N GLY HA 498 -110.70 -21.65 42.10
CA GLY HA 498 -111.01 -21.64 43.52
C GLY HA 498 -111.47 -22.96 44.12
N ARG HA 499 -110.53 -23.75 44.61
CA ARG HA 499 -110.87 -25.03 45.21
C ARG HA 499 -111.76 -24.85 46.45
N THR HA 500 -112.77 -25.70 46.56
CA THR HA 500 -113.69 -25.68 47.69
C THR HA 500 -114.31 -27.08 47.88
N SER HA 501 -115.42 -27.16 48.59
CA SER HA 501 -116.07 -28.44 48.81
C SER HA 501 -117.58 -28.38 48.59
N PHE HA 502 -118.24 -29.52 48.71
CA PHE HA 502 -119.64 -29.60 48.33
C PHE HA 502 -120.36 -30.67 49.10
N PRO HA 503 -120.97 -30.30 50.22
CA PRO HA 503 -121.75 -31.24 51.04
C PRO HA 503 -123.13 -31.53 50.45
N VAL HA 504 -123.50 -32.79 50.38
CA VAL HA 504 -124.85 -33.21 50.00
C VAL HA 504 -125.36 -34.31 50.93
N GLY IA 1 -112.37 18.94 -10.33
CA GLY IA 1 -113.18 20.13 -10.54
C GLY IA 1 -114.60 20.02 -10.04
N LEU IA 2 -115.32 21.12 -10.01
CA LEU IA 2 -116.72 21.09 -9.60
C LEU IA 2 -117.52 20.22 -10.56
N ALA IA 3 -118.20 19.22 -10.01
CA ALA IA 3 -118.84 18.19 -10.82
C ALA IA 3 -120.34 18.32 -10.81
N GLY IA 4 -120.89 18.79 -9.69
CA GLY IA 4 -122.32 18.97 -9.53
C GLY IA 4 -122.63 19.84 -8.32
N ARG IA 5 -123.86 20.31 -8.22
CA ARG IA 5 -124.23 21.17 -7.11
C ARG IA 5 -125.71 21.08 -6.82
N GLY IA 6 -126.11 21.64 -5.68
CA GLY IA 6 -127.49 21.58 -5.21
C GLY IA 6 -127.69 22.55 -4.08
N VAL IA 7 -128.93 22.74 -3.68
CA VAL IA 7 -129.21 23.72 -2.63
C VAL IA 7 -130.11 23.11 -1.57
N ILE IA 8 -129.77 23.35 -0.31
CA ILE IA 8 -130.63 22.97 0.83
C ILE IA 8 -131.27 24.22 1.44
N TYR IA 9 -132.57 24.15 1.75
CA TYR IA 9 -133.29 25.31 2.26
C TYR IA 9 -133.49 25.23 3.75
N ILE IA 10 -132.95 26.20 4.47
CA ILE IA 10 -133.14 26.25 5.92
C ILE IA 10 -134.29 27.17 6.31
N PRO IA 11 -135.15 26.70 7.20
CA PRO IA 11 -136.22 27.47 7.82
C PRO IA 11 -135.66 28.48 8.81
N LYS IA 12 -136.36 29.58 9.05
CA LYS IA 12 -135.85 30.54 10.03
C LYS IA 12 -135.91 29.87 11.39
N ASP IA 13 -136.91 29.01 11.61
CA ASP IA 13 -136.98 28.20 12.83
C ASP IA 13 -136.61 26.74 12.53
N CYS IA 14 -135.32 26.46 12.59
CA CYS IA 14 -134.86 25.12 12.30
C CYS IA 14 -134.84 24.28 13.59
N GLN IA 15 -135.93 23.54 13.82
CA GLN IA 15 -136.06 22.70 15.02
C GLN IA 15 -135.26 21.40 14.93
N ALA IA 16 -134.99 20.78 16.06
CA ALA IA 16 -134.35 19.47 16.06
C ALA IA 16 -135.23 18.51 15.29
N ASN IA 17 -134.62 17.71 14.43
CA ASN IA 17 -135.32 16.70 13.66
C ASN IA 17 -136.03 17.16 12.40
N ARG IA 18 -135.88 18.43 12.04
CA ARG IA 18 -136.43 18.86 10.77
C ARG IA 18 -135.76 18.19 9.57
N TYR IA 19 -136.57 17.60 8.70
CA TYR IA 19 -136.06 17.17 7.40
C TYR IA 19 -135.86 18.42 6.53
N LEU IA 20 -134.66 18.58 5.99
CA LEU IA 20 -134.32 19.79 5.21
C LEU IA 20 -134.35 19.52 3.71
N GLY IA 21 -134.15 18.27 3.34
CA GLY IA 21 -134.20 17.88 1.95
C GLY IA 21 -133.26 16.77 1.57
N THR IA 22 -133.42 16.26 0.37
CA THR IA 22 -132.52 15.23 -0.14
C THR IA 22 -131.97 15.65 -1.50
N LEU IA 23 -130.67 15.49 -1.68
CA LEU IA 23 -130.09 15.74 -3.00
C LEU IA 23 -129.78 14.41 -3.62
N ASN IA 24 -130.03 14.30 -4.91
CA ASN IA 24 -129.72 13.07 -5.61
C ASN IA 24 -128.34 13.22 -6.27
N ILE IA 25 -127.35 12.45 -5.81
CA ILE IA 25 -125.98 12.63 -6.28
C ILE IA 25 -125.84 12.60 -7.80
N ARG IA 26 -126.56 11.69 -8.44
CA ARG IA 26 -126.39 11.60 -9.88
C ARG IA 26 -127.08 12.76 -10.59
N ASP IA 27 -128.24 13.17 -10.08
CA ASP IA 27 -128.90 14.36 -10.60
C ASP IA 27 -128.08 15.65 -10.42
N MET IA 28 -127.38 15.78 -9.29
CA MET IA 28 -126.51 16.94 -9.08
C MET IA 28 -125.48 17.05 -10.21
N ILE IA 29 -124.94 15.92 -10.64
CA ILE IA 29 -123.92 15.91 -11.68
C ILE IA 29 -124.54 16.10 -13.07
N SER IA 30 -125.69 15.50 -13.30
CA SER IA 30 -126.31 15.58 -14.62
C SER IA 30 -127.04 16.90 -14.89
N ASP IA 31 -127.58 17.52 -13.84
CA ASP IA 31 -128.29 18.79 -14.01
C ASP IA 31 -127.28 19.89 -14.25
N PHE IA 32 -126.09 19.72 -13.70
CA PHE IA 32 -125.03 20.68 -13.83
C PHE IA 32 -124.45 20.60 -15.25
N LYS IA 33 -123.91 19.43 -15.61
CA LYS IA 33 -123.75 19.06 -17.01
C LYS IA 33 -122.84 19.94 -17.86
N GLY IA 34 -121.68 20.36 -17.36
CA GLY IA 34 -120.85 19.67 -16.41
C GLY IA 34 -119.67 19.19 -17.26
N VAL IA 35 -118.45 19.71 -17.06
CA VAL IA 35 -117.29 19.10 -17.74
C VAL IA 35 -117.12 17.65 -17.27
N GLN IA 36 -117.37 17.42 -15.99
CA GLN IA 36 -117.24 16.10 -15.41
C GLN IA 36 -118.36 15.19 -15.90
N TYR IA 37 -119.58 15.72 -15.99
CA TYR IA 37 -120.70 14.94 -16.51
C TYR IA 37 -120.39 14.42 -17.90
N GLU IA 38 -119.84 15.29 -18.74
CA GLU IA 38 -119.50 14.90 -20.10
C GLU IA 38 -118.35 13.88 -20.17
N LYS IA 39 -117.37 13.98 -19.27
CA LYS IA 39 -116.31 12.96 -19.17
C LYS IA 39 -116.94 11.62 -18.80
N TRP IA 40 -118.03 11.69 -18.04
CA TRP IA 40 -118.69 10.52 -17.48
C TRP IA 40 -119.35 9.74 -18.61
N ILE IA 41 -120.07 10.45 -19.48
CA ILE IA 41 -120.71 9.79 -20.61
C ILE IA 41 -119.74 8.93 -21.42
N THR IA 42 -118.51 9.40 -21.56
CA THR IA 42 -117.52 8.70 -22.34
C THR IA 42 -116.94 7.51 -21.58
N ALA IA 43 -116.79 7.69 -20.28
CA ALA IA 43 -116.27 6.63 -19.43
C ALA IA 43 -117.27 5.47 -19.34
N GLY IA 44 -118.55 5.81 -19.31
CA GLY IA 44 -119.58 4.84 -19.04
C GLY IA 44 -119.71 4.61 -17.53
N LEU IA 45 -118.66 4.00 -16.95
CA LEU IA 45 -118.64 3.68 -15.52
C LEU IA 45 -117.64 4.54 -14.77
N VAL IA 46 -118.05 5.09 -13.63
CA VAL IA 46 -117.12 5.85 -12.77
C VAL IA 46 -117.18 5.37 -11.32
N MET IA 47 -116.02 5.36 -10.65
CA MET IA 47 -115.94 5.03 -9.21
C MET IA 47 -115.33 6.17 -8.42
N PRO IA 48 -115.99 7.33 -8.42
CA PRO IA 48 -115.37 8.60 -8.01
C PRO IA 48 -114.85 8.60 -6.58
N THR IA 49 -113.86 9.45 -6.35
CA THR IA 49 -113.63 9.93 -5.00
C THR IA 49 -114.13 11.37 -4.96
N PHE IA 50 -115.24 11.58 -4.26
CA PHE IA 50 -115.85 12.90 -4.16
C PHE IA 50 -115.31 13.67 -2.98
N LYS IA 51 -115.17 14.98 -3.17
CA LYS IA 51 -115.04 15.91 -2.06
C LYS IA 51 -116.39 16.62 -2.01
N ILE IA 52 -117.11 16.47 -0.90
CA ILE IA 52 -118.35 17.18 -0.73
C ILE IA 52 -118.07 18.42 0.08
N VAL IA 53 -118.59 19.55 -0.39
CA VAL IA 53 -118.41 20.79 0.33
C VAL IA 53 -119.78 21.44 0.57
N ILE IA 54 -120.08 21.73 1.83
CA ILE IA 54 -121.32 22.43 2.15
C ILE IA 54 -121.02 23.86 2.53
N ARG IA 55 -121.44 24.80 1.70
CA ARG IA 55 -121.23 26.23 1.97
C ARG IA 55 -122.36 26.86 2.75
N LEU IA 56 -121.96 27.60 3.77
CA LEU IA 56 -122.68 27.66 5.01
C LEU IA 56 -122.03 28.80 5.78
N PRO IA 57 -122.79 29.85 6.09
CA PRO IA 57 -122.18 30.97 6.84
C PRO IA 57 -121.92 30.60 8.29
N ALA IA 58 -120.68 30.69 8.73
CA ALA IA 58 -120.32 30.30 10.10
C ALA IA 58 -121.03 31.20 11.11
N ASN IA 59 -121.53 30.61 12.18
CA ASN IA 59 -122.18 31.39 13.20
C ASN IA 59 -122.16 30.72 14.58
N ALA IA 60 -121.64 31.42 15.56
CA ALA IA 60 -121.52 30.80 16.88
C ALA IA 60 -122.71 31.07 17.78
N PHE IA 61 -123.75 31.69 17.25
CA PHE IA 61 -124.82 32.19 18.08
C PHE IA 61 -126.15 31.47 17.88
N THR IA 62 -126.11 30.25 17.35
CA THR IA 62 -127.35 29.55 17.02
C THR IA 62 -127.47 28.22 17.73
N GLY IA 63 -126.37 27.47 17.78
CA GLY IA 63 -126.39 26.14 18.37
C GLY IA 63 -126.79 25.06 17.38
N LEU IA 64 -126.99 25.46 16.15
CA LEU IA 64 -127.44 24.55 15.10
C LEU IA 64 -126.39 23.52 14.80
N THR IA 65 -126.83 22.26 14.71
CA THR IA 65 -125.99 21.17 14.18
C THR IA 65 -126.83 20.35 13.22
N TRP IA 66 -126.28 20.07 12.04
CA TRP IA 66 -126.98 19.29 11.03
C TRP IA 66 -126.26 17.99 10.78
N VAL IA 67 -126.96 17.05 10.17
CA VAL IA 67 -126.32 15.80 9.77
C VAL IA 67 -126.49 15.56 8.27
N MET IA 68 -125.38 15.37 7.57
CA MET IA 68 -125.43 14.88 6.20
C MET IA 68 -125.33 13.37 6.25
N SER IA 69 -126.32 12.66 5.68
CA SER IA 69 -126.34 11.21 5.71
C SER IA 69 -126.17 10.70 4.29
N PHE IA 70 -125.13 9.88 4.07
CA PHE IA 70 -124.91 9.27 2.75
C PHE IA 70 -125.69 7.95 2.62
N ASP IA 71 -126.78 8.01 1.87
CA ASP IA 71 -127.68 6.87 1.72
C ASP IA 71 -127.59 6.30 0.30
N ALA IA 72 -126.53 5.56 0.02
CA ALA IA 72 -126.28 5.16 -1.36
C ALA IA 72 -127.34 4.20 -1.88
N TYR IA 73 -128.02 3.52 -0.95
CA TYR IA 73 -128.97 2.49 -1.35
C TYR IA 73 -130.40 2.80 -0.98
N ASN IA 74 -130.64 4.08 -0.68
CA ASN IA 74 -132.00 4.59 -0.50
C ASN IA 74 -132.78 3.85 0.59
N ARG IA 75 -132.16 3.66 1.75
CA ARG IA 75 -132.69 2.76 2.78
C ARG IA 75 -133.43 3.53 3.86
N ILE IA 76 -133.06 4.81 4.06
CA ILE IA 76 -133.77 5.66 5.03
C ILE IA 76 -134.72 6.73 4.47
N THR IA 77 -134.58 7.08 3.19
CA THR IA 77 -135.45 8.11 2.58
C THR IA 77 -136.93 8.06 2.98
N SER IA 78 -137.59 6.93 2.80
CA SER IA 78 -139.03 6.77 3.12
C SER IA 78 -139.44 7.23 4.52
N ARG IA 79 -138.56 7.08 5.50
CA ARG IA 79 -138.93 7.27 6.89
C ARG IA 79 -138.48 8.58 7.53
N ILE IA 80 -137.82 9.44 6.74
CA ILE IA 80 -137.33 10.72 7.27
C ILE IA 80 -138.01 11.94 6.68
N THR IA 81 -138.71 11.78 5.56
CA THR IA 81 -139.26 12.94 4.85
C THR IA 81 -140.26 13.81 5.65
N ALA IA 82 -140.99 13.21 6.60
CA ALA IA 82 -141.90 13.98 7.47
C ALA IA 82 -141.14 14.61 8.61
N SER IA 83 -140.42 13.77 9.33
CA SER IA 83 -139.57 14.20 10.44
C SER IA 83 -138.48 13.15 10.59
N ALA IA 84 -137.26 13.62 10.87
CA ALA IA 84 -136.09 12.76 10.74
C ALA IA 84 -135.50 12.40 12.07
N ASP IA 85 -135.88 11.23 12.59
CA ASP IA 85 -135.32 10.77 13.86
C ASP IA 85 -133.81 10.50 13.72
N PRO IA 86 -133.04 10.96 14.71
CA PRO IA 86 -131.59 10.72 14.64
C PRO IA 86 -131.21 9.25 14.53
N VAL IA 87 -132.04 8.33 15.03
CA VAL IA 87 -131.74 6.92 14.88
C VAL IA 87 -131.61 6.52 13.42
N TYR IA 88 -132.47 7.06 12.58
CA TYR IA 88 -132.37 6.80 11.14
C TYR IA 88 -131.18 7.54 10.51
N THR IA 89 -131.06 8.84 10.78
CA THR IA 89 -130.05 9.65 10.10
C THR IA 89 -128.62 9.26 10.45
N LEU IA 90 -128.41 8.68 11.63
CA LEU IA 90 -127.08 8.24 12.06
C LEU IA 90 -126.77 6.75 11.80
N SER IA 91 -127.73 6.06 11.18
CA SER IA 91 -127.61 4.61 10.93
C SER IA 91 -126.87 4.30 9.64
N VAL IA 92 -126.60 5.33 8.87
CA VAL IA 92 -125.80 5.18 7.66
C VAL IA 92 -124.60 6.09 7.76
N PRO IA 93 -123.62 5.93 6.86
CA PRO IA 93 -122.46 6.85 6.95
C PRO IA 93 -122.93 8.31 6.98
N HIS IA 94 -122.33 9.11 7.85
CA HIS IA 94 -122.84 10.45 8.11
C HIS IA 94 -121.78 11.36 8.70
N TRP IA 95 -122.07 12.66 8.68
CA TRP IA 95 -121.14 13.68 9.14
C TRP IA 95 -121.89 14.75 9.92
N LEU IA 96 -121.30 15.19 11.04
CA LEU IA 96 -121.90 16.29 11.79
C LEU IA 96 -121.44 17.61 11.21
N ILE IA 97 -122.39 18.51 11.00
CA ILE IA 97 -122.07 19.82 10.47
C ILE IA 97 -122.38 20.86 11.53
N HIS IA 98 -121.35 21.42 12.15
CA HIS IA 98 -121.54 22.41 13.19
C HIS IA 98 -121.57 23.82 12.64
N HIS IA 99 -122.59 24.58 13.05
CA HIS IA 99 -122.81 25.90 12.49
C HIS IA 99 -121.69 26.82 12.90
N LYS IA 100 -121.12 26.57 14.08
CA LYS IA 100 -120.01 27.43 14.52
C LYS IA 100 -118.77 27.33 13.62
N LEU IA 101 -118.63 26.22 12.90
CA LEU IA 101 -117.45 25.98 12.07
C LEU IA 101 -117.58 26.44 10.63
N GLY IA 102 -118.78 26.84 10.26
CA GLY IA 102 -119.04 27.35 8.94
C GLY IA 102 -118.92 26.30 7.87
N THR IA 103 -118.31 26.69 6.76
CA THR IA 103 -118.24 25.83 5.59
C THR IA 103 -117.60 24.50 5.92
N PHE IA 104 -118.27 23.42 5.50
CA PHE IA 104 -117.92 22.05 5.84
C PHE IA 104 -117.42 21.27 4.63
N SER IA 105 -116.49 20.35 4.87
CA SER IA 105 -115.97 19.52 3.78
C SER IA 105 -115.65 18.09 4.25
N CYS IA 106 -115.81 17.11 3.37
CA CYS IA 106 -115.39 15.74 3.69
C CYS IA 106 -115.14 14.97 2.41
N GLU IA 107 -114.53 13.79 2.52
CA GLU IA 107 -114.27 12.95 1.36
C GLU IA 107 -115.11 11.71 1.39
N ILE IA 108 -115.61 11.34 0.24
CA ILE IA 108 -116.37 10.13 0.11
C ILE IA 108 -115.67 9.27 -0.95
N ASP IA 109 -115.02 8.20 -0.51
CA ASP IA 109 -114.49 7.24 -1.46
C ASP IA 109 -115.64 6.35 -1.87
N TYR IA 110 -116.20 6.60 -3.04
CA TYR IA 110 -117.41 5.90 -3.46
C TYR IA 110 -117.14 4.40 -3.56
N GLY IA 111 -115.88 4.05 -3.78
CA GLY IA 111 -115.48 2.64 -3.78
C GLY IA 111 -115.76 1.94 -2.47
N GLU IA 112 -115.49 2.62 -1.35
CA GLU IA 112 -115.74 2.06 -0.03
C GLU IA 112 -117.18 2.25 0.44
N LEU IA 113 -117.60 3.49 0.61
CA LEU IA 113 -118.92 3.81 1.14
C LEU IA 113 -120.07 3.29 0.29
N CYS IA 114 -119.83 3.07 -0.99
CA CYS IA 114 -120.90 2.57 -1.82
C CYS IA 114 -120.65 1.18 -2.38
N GLY IA 115 -119.56 0.97 -3.12
CA GLY IA 115 -119.19 -0.37 -3.56
C GLY IA 115 -119.40 -0.74 -5.02
N HIS IA 116 -120.36 -0.09 -5.67
CA HIS IA 116 -120.53 -0.33 -7.10
C HIS IA 116 -120.35 0.94 -7.93
N ALA IA 117 -119.86 0.78 -9.16
CA ALA IA 117 -119.55 1.92 -10.02
C ALA IA 117 -120.82 2.50 -10.66
N MET IA 118 -120.81 3.81 -10.87
CA MET IA 118 -121.96 4.53 -11.43
C MET IA 118 -122.04 4.53 -12.97
N TRP IA 119 -123.20 4.14 -13.48
CA TRP IA 119 -123.44 4.07 -14.90
C TRP IA 119 -124.07 5.37 -15.40
N PHE IA 120 -123.45 5.95 -16.41
CA PHE IA 120 -123.84 7.29 -16.85
C PHE IA 120 -125.31 7.45 -17.24
N LYS IA 121 -125.91 6.41 -17.80
CA LYS IA 121 -127.23 6.56 -18.41
C LYS IA 121 -128.43 6.31 -17.47
N SER IA 122 -128.19 5.55 -16.41
CA SER IA 122 -129.27 5.17 -15.51
C SER IA 122 -128.77 4.59 -14.21
N THR IA 123 -129.62 4.65 -13.21
CA THR IA 123 -129.33 4.05 -11.93
C THR IA 123 -129.24 2.51 -12.12
N THR IA 124 -128.20 1.89 -11.57
CA THR IA 124 -128.07 0.45 -11.63
C THR IA 124 -128.92 -0.23 -10.56
N PHE IA 125 -128.59 -0.02 -9.29
CA PHE IA 125 -129.38 -0.63 -8.23
C PHE IA 125 -130.38 0.35 -7.68
N GLU IA 126 -129.96 1.13 -6.71
CA GLU IA 126 -130.80 2.25 -6.30
C GLU IA 126 -129.99 3.54 -6.48
N SER IA 127 -130.70 4.66 -6.45
CA SER IA 127 -130.13 5.98 -6.71
C SER IA 127 -129.58 6.61 -5.45
N PRO IA 128 -128.25 6.86 -5.43
CA PRO IA 128 -127.51 7.38 -4.27
C PRO IA 128 -127.96 8.78 -3.82
N ARG IA 129 -128.33 8.93 -2.54
CA ARG IA 129 -128.80 10.21 -2.03
C ARG IA 129 -127.94 10.80 -0.92
N LEU IA 130 -127.94 12.12 -0.81
CA LEU IA 130 -127.48 12.82 0.39
C LEU IA 130 -128.67 13.41 1.13
N HIS IA 131 -128.88 13.04 2.40
CA HIS IA 131 -129.94 13.63 3.21
C HIS IA 131 -129.42 14.70 4.16
N PHE IA 132 -130.16 15.80 4.28
CA PHE IA 132 -129.78 16.86 5.21
C PHE IA 132 -130.85 17.07 6.25
N THR IA 133 -130.48 16.85 7.50
CA THR IA 133 -131.41 16.89 8.61
C THR IA 133 -130.81 17.73 9.71
N CYS IA 134 -131.66 18.23 10.60
CA CYS IA 134 -131.18 19.04 11.70
C CYS IA 134 -131.12 18.19 12.97
N LEU IA 135 -129.91 18.05 13.53
CA LEU IA 135 -129.69 17.20 14.71
C LEU IA 135 -130.04 17.91 16.01
N THR IA 136 -129.51 19.13 16.18
CA THR IA 136 -129.84 20.00 17.31
C THR IA 136 -130.33 21.33 16.76
N GLY IA 137 -131.42 21.83 17.33
CA GLY IA 137 -132.06 23.02 16.78
C GLY IA 137 -131.43 24.33 17.20
N ASN IA 138 -131.86 25.41 16.58
CA ASN IA 138 -131.41 26.75 16.98
C ASN IA 138 -132.06 27.14 18.32
N ASN IA 139 -131.35 27.97 19.08
CA ASN IA 139 -131.79 28.30 20.42
C ASN IA 139 -133.03 29.17 20.40
N LYS IA 140 -133.15 29.95 19.33
CA LYS IA 140 -134.29 30.81 19.05
C LYS IA 140 -134.27 30.93 17.54
N GLU IA 141 -135.40 31.28 16.92
CA GLU IA 141 -135.43 31.32 15.47
C GLU IA 141 -134.50 32.41 14.99
N LEU IA 142 -134.04 32.28 13.75
CA LEU IA 142 -133.19 33.29 13.15
C LEU IA 142 -134.04 34.40 12.51
N ALA IA 143 -133.40 35.35 11.86
CA ALA IA 143 -134.13 36.49 11.36
C ALA IA 143 -134.98 36.15 10.12
N ALA IA 144 -134.49 35.25 9.28
CA ALA IA 144 -135.23 34.92 8.07
C ALA IA 144 -134.83 33.55 7.53
N ASP IA 145 -135.61 33.02 6.59
CA ASP IA 145 -135.25 31.79 5.87
C ASP IA 145 -133.94 32.01 5.13
N TRP IA 146 -133.16 30.95 4.98
CA TRP IA 146 -131.90 31.02 4.22
C TRP IA 146 -131.58 29.71 3.51
N GLN IA 147 -130.44 29.67 2.84
CA GLN IA 147 -130.08 28.45 2.14
C GLN IA 147 -128.60 28.14 2.31
N ALA IA 148 -128.26 26.88 2.10
CA ALA IA 148 -126.86 26.44 2.04
C ALA IA 148 -126.62 25.76 0.71
N VAL IA 149 -125.39 25.82 0.21
CA VAL IA 149 -125.08 25.27 -1.09
C VAL IA 149 -124.25 24.00 -0.92
N VAL IA 150 -124.63 22.93 -1.60
CA VAL IA 150 -123.86 21.68 -1.58
C VAL IA 150 -123.12 21.46 -2.89
N GLU IA 151 -121.82 21.20 -2.82
CA GLU IA 151 -121.01 21.05 -4.04
C GLU IA 151 -120.25 19.73 -4.07
N LEU IA 152 -120.24 19.07 -5.23
CA LEU IA 152 -119.48 17.85 -5.43
C LEU IA 152 -118.28 18.14 -6.28
N TYR IA 153 -117.09 17.85 -5.77
CA TYR IA 153 -115.85 18.03 -6.54
C TYR IA 153 -115.29 16.65 -6.80
N ALA IA 154 -114.86 16.42 -8.04
CA ALA IA 154 -114.32 15.12 -8.40
C ALA IA 154 -113.57 15.22 -9.72
N GLU IA 155 -112.58 14.36 -9.91
CA GLU IA 155 -111.98 14.18 -11.22
C GLU IA 155 -112.35 12.80 -11.76
N LEU IA 156 -113.48 12.72 -12.45
CA LEU IA 156 -114.02 11.45 -12.90
C LEU IA 156 -113.12 10.78 -13.93
N GLU IA 157 -112.77 9.53 -13.67
CA GLU IA 157 -112.10 8.75 -14.70
C GLU IA 157 -112.80 7.40 -14.84
N GLU IA 158 -112.57 6.74 -15.98
CA GLU IA 158 -113.24 5.47 -16.27
C GLU IA 158 -112.90 4.41 -15.24
N ALA IA 159 -113.94 3.72 -14.77
CA ALA IA 159 -113.80 2.64 -13.80
C ALA IA 159 -113.38 1.33 -14.47
N THR IA 160 -112.39 0.68 -13.89
CA THR IA 160 -111.84 -0.53 -14.45
C THR IA 160 -112.71 -1.77 -14.09
N SER IA 161 -113.33 -1.75 -12.90
CA SER IA 161 -114.15 -2.87 -12.41
C SER IA 161 -115.53 -2.42 -11.98
N PHE IA 162 -116.50 -3.34 -11.97
CA PHE IA 162 -117.83 -2.96 -11.48
C PHE IA 162 -117.85 -2.77 -9.99
N LEU IA 163 -117.12 -3.63 -9.27
CA LEU IA 163 -117.20 -3.69 -7.83
C LEU IA 163 -116.01 -2.98 -7.20
N GLY IA 164 -116.26 -2.35 -6.06
CA GLY IA 164 -115.21 -1.75 -5.24
C GLY IA 164 -114.41 -2.79 -4.47
N LYS IA 165 -113.76 -2.35 -3.39
CA LYS IA 165 -113.14 -3.29 -2.48
C LYS IA 165 -114.15 -3.46 -1.36
N PRO IA 166 -114.32 -4.69 -0.86
CA PRO IA 166 -115.34 -4.96 0.15
C PRO IA 166 -115.06 -4.26 1.47
N THR IA 167 -116.03 -3.51 1.96
CA THR IA 167 -115.99 -2.89 3.28
C THR IA 167 -115.79 -3.93 4.41
N LEU IA 168 -116.34 -5.13 4.24
CA LEU IA 168 -116.34 -6.14 5.31
C LEU IA 168 -116.27 -7.55 4.74
N VAL IA 169 -115.51 -8.42 5.40
CA VAL IA 169 -115.51 -9.83 5.03
C VAL IA 169 -115.93 -10.67 6.22
N PHE IA 170 -116.90 -11.56 6.01
CA PHE IA 170 -117.50 -12.29 7.12
C PHE IA 170 -116.52 -13.16 7.87
N ASP IA 171 -116.49 -12.97 9.18
CA ASP IA 171 -115.65 -13.70 10.12
C ASP IA 171 -116.24 -13.53 11.52
N PRO IA 172 -116.70 -14.64 12.12
CA PRO IA 172 -117.39 -14.72 13.40
C PRO IA 172 -116.49 -14.26 14.52
N GLY IA 173 -115.23 -14.67 14.40
CA GLY IA 173 -114.24 -14.46 15.43
C GLY IA 173 -113.53 -13.12 15.32
N VAL IA 174 -114.08 -12.21 14.52
CA VAL IA 174 -113.42 -10.92 14.33
C VAL IA 174 -114.36 -9.69 14.38
N PHE IA 175 -114.30 -9.10 15.57
CA PHE IA 175 -114.79 -7.78 15.91
C PHE IA 175 -113.63 -7.14 16.69
N ASN IA 176 -112.86 -6.27 16.02
CA ASN IA 176 -111.70 -5.62 16.62
C ASN IA 176 -112.03 -4.88 17.91
N GLY IA 177 -113.02 -4.00 17.86
CA GLY IA 177 -113.31 -3.12 18.97
C GLY IA 177 -113.23 -1.67 18.53
N LYS IA 178 -112.80 -1.45 17.27
CA LYS IA 178 -112.84 -0.13 16.66
C LYS IA 178 -114.17 0.08 15.89
N PHE IA 179 -114.73 1.29 15.95
CA PHE IA 179 -115.98 1.60 15.25
C PHE IA 179 -115.78 2.72 14.22
N GLN IA 180 -116.64 2.75 13.21
CA GLN IA 180 -116.84 3.98 12.43
C GLN IA 180 -118.31 4.36 12.41
N PHE IA 181 -118.59 5.65 12.34
CA PHE IA 181 -119.95 6.15 12.25
C PHE IA 181 -120.86 5.72 13.40
N LEU IA 182 -120.30 5.63 14.59
CA LEU IA 182 -121.12 5.32 15.76
C LEU IA 182 -121.37 6.61 16.52
N THR IA 183 -122.53 7.20 16.27
CA THR IA 183 -122.92 8.47 16.88
C THR IA 183 -124.21 8.25 17.68
N CYS IA 184 -124.20 8.68 18.94
CA CYS IA 184 -125.38 8.55 19.79
C CYS IA 184 -126.29 9.72 19.56
N PRO IA 185 -127.60 9.46 19.48
CA PRO IA 185 -128.56 10.59 19.42
C PRO IA 185 -128.27 11.60 20.53
N PRO IA 186 -128.63 12.87 20.29
CA PRO IA 186 -128.35 13.96 21.23
C PRO IA 186 -128.95 13.72 22.60
N ILE IA 187 -128.19 14.08 23.62
CA ILE IA 187 -128.61 14.06 25.00
C ILE IA 187 -128.88 15.51 25.42
N PHE IA 188 -129.95 15.77 26.16
CA PHE IA 188 -130.32 17.16 26.46
C PHE IA 188 -130.34 17.50 27.95
N PHE IA 189 -129.87 18.70 28.30
CA PHE IA 189 -129.86 19.19 29.68
C PHE IA 189 -130.70 20.45 29.80
N ASP IA 190 -131.63 20.45 30.76
CA ASP IA 190 -132.47 21.64 31.00
C ASP IA 190 -131.69 22.65 31.80
N LEU IA 191 -131.91 23.93 31.53
CA LEU IA 191 -131.20 24.94 32.33
C LEU IA 191 -132.00 25.34 33.57
N THR IA 192 -133.17 24.73 33.71
CA THR IA 192 -133.97 24.90 34.92
C THR IA 192 -133.62 23.90 36.00
N ALA IA 193 -132.44 23.28 35.86
CA ALA IA 193 -132.02 22.24 36.77
C ALA IA 193 -130.59 22.49 37.24
N VAL IA 194 -130.42 22.61 38.56
CA VAL IA 194 -129.09 22.88 39.10
C VAL IA 194 -128.06 21.76 38.88
N THR IA 195 -128.51 20.50 38.94
CA THR IA 195 -127.70 19.38 38.49
C THR IA 195 -128.59 18.42 37.72
N ALA IA 196 -127.98 17.45 37.06
CA ALA IA 196 -128.75 16.46 36.31
C ALA IA 196 -127.91 15.27 35.86
N LEU IA 197 -128.59 14.17 35.59
CA LEU IA 197 -127.93 13.00 35.07
C LEU IA 197 -128.56 12.59 33.74
N ARG IA 198 -127.71 12.20 32.78
CA ARG IA 198 -128.19 11.55 31.58
C ARG IA 198 -127.37 10.30 31.33
N SER IA 199 -128.06 9.17 31.24
CA SER IA 199 -127.39 7.89 30.97
C SER IA 199 -127.35 7.54 29.49
N ALA IA 200 -126.23 6.96 29.09
CA ALA IA 200 -126.13 6.36 27.76
C ALA IA 200 -125.80 4.88 27.94
N GLY IA 201 -126.66 4.01 27.45
CA GLY IA 201 -126.44 2.58 27.63
C GLY IA 201 -125.20 2.13 26.88
N LEU IA 202 -124.48 1.17 27.42
CA LEU IA 202 -123.28 0.64 26.76
C LEU IA 202 -123.52 -0.78 26.25
N THR IA 203 -124.78 -1.20 26.23
CA THR IA 203 -125.15 -2.49 25.68
C THR IA 203 -125.31 -2.36 24.16
N LEU IA 204 -124.18 -2.20 23.47
CA LEU IA 204 -124.13 -1.73 22.09
C LEU IA 204 -124.66 -2.69 21.02
N GLY IA 205 -124.89 -3.95 21.38
CA GLY IA 205 -125.41 -4.91 20.43
C GLY IA 205 -126.92 -4.83 20.29
N GLN IA 206 -127.54 -4.04 21.17
CA GLN IA 206 -129.00 -3.85 21.18
C GLN IA 206 -129.38 -3.13 19.87
N VAL IA 207 -130.46 -3.58 19.22
CA VAL IA 207 -130.90 -2.91 17.99
C VAL IA 207 -131.78 -1.69 18.33
N PRO IA 208 -131.43 -0.53 17.80
CA PRO IA 208 -132.08 0.76 18.09
C PRO IA 208 -133.48 0.79 17.52
N MET IA 209 -134.37 1.55 18.14
CA MET IA 209 -135.76 1.58 17.66
C MET IA 209 -136.33 2.98 17.54
N VAL IA 210 -137.28 3.11 16.63
CA VAL IA 210 -138.01 4.34 16.45
C VAL IA 210 -139.46 3.93 16.47
N GLY IA 211 -140.12 4.11 17.61
CA GLY IA 211 -141.45 3.57 17.80
C GLY IA 211 -141.38 2.05 17.76
N THR IA 212 -142.17 1.46 16.87
CA THR IA 212 -142.19 0.01 16.76
C THR IA 212 -141.22 -0.48 15.68
N THR IA 213 -140.54 0.46 15.03
CA THR IA 213 -139.61 0.13 13.95
C THR IA 213 -138.19 -0.19 14.42
N LYS IA 214 -137.71 -1.39 14.11
CA LYS IA 214 -136.33 -1.78 14.41
C LYS IA 214 -135.42 -1.22 13.32
N VAL IA 215 -134.33 -0.56 13.71
CA VAL IA 215 -133.36 -0.06 12.73
C VAL IA 215 -132.05 -0.82 12.81
N TYR IA 216 -131.94 -1.92 12.07
CA TYR IA 216 -130.73 -2.72 12.06
C TYR IA 216 -129.61 -1.89 11.47
N ASN IA 217 -128.45 -1.92 12.09
CA ASN IA 217 -127.28 -1.22 11.56
C ASN IA 217 -125.98 -1.99 11.79
N LEU IA 218 -124.93 -1.64 11.05
CA LEU IA 218 -123.71 -2.42 11.11
C LEU IA 218 -123.02 -2.41 12.47
N ASN IA 219 -123.03 -1.27 13.15
CA ASN IA 219 -122.36 -1.21 14.44
C ASN IA 219 -122.95 -2.14 15.50
N SER IA 220 -124.26 -2.11 15.70
CA SER IA 220 -124.87 -3.01 16.67
C SER IA 220 -124.70 -4.44 16.22
N THR IA 221 -124.77 -4.66 14.91
CA THR IA 221 -124.54 -6.00 14.36
C THR IA 221 -123.14 -6.51 14.69
N LEU IA 222 -122.12 -5.65 14.55
CA LEU IA 222 -120.76 -6.03 14.91
C LEU IA 222 -120.63 -6.40 16.37
N VAL IA 223 -121.12 -5.56 17.26
CA VAL IA 223 -121.06 -5.83 18.69
C VAL IA 223 -121.74 -7.16 19.03
N SER IA 224 -122.84 -7.49 18.34
CA SER IA 224 -123.56 -8.74 18.58
C SER IA 224 -122.72 -10.00 18.28
N CYS IA 225 -121.61 -9.83 17.57
CA CYS IA 225 -120.69 -10.91 17.22
C CYS IA 225 -119.82 -11.36 18.38
N VAL IA 226 -120.02 -10.72 19.51
CA VAL IA 226 -119.28 -10.98 20.73
C VAL IA 226 -120.29 -11.21 21.88
N LEU IA 227 -119.85 -11.81 22.98
CA LEU IA 227 -120.78 -12.07 24.08
C LEU IA 227 -120.86 -10.87 25.01
N GLY IA 228 -119.75 -10.14 25.09
CA GLY IA 228 -119.68 -8.95 25.93
C GLY IA 228 -118.31 -8.29 25.78
N MET IA 229 -118.12 -7.15 26.43
CA MET IA 229 -116.90 -6.35 26.28
C MET IA 229 -116.63 -5.52 27.50
N GLY IA 230 -115.34 -5.35 27.77
CA GLY IA 230 -114.88 -4.49 28.84
C GLY IA 230 -113.73 -3.69 28.27
N GLY IA 231 -113.26 -2.71 29.02
CA GLY IA 231 -112.15 -1.91 28.54
C GLY IA 231 -112.47 -0.44 28.71
N THR IA 232 -111.84 0.38 27.89
CA THR IA 232 -112.06 1.81 27.96
C THR IA 232 -112.76 2.35 26.71
N VAL IA 233 -113.83 3.12 26.94
CA VAL IA 233 -114.54 3.78 25.84
C VAL IA 233 -113.81 5.05 25.44
N ARG IA 234 -113.29 5.11 24.21
CA ARG IA 234 -112.67 6.33 23.68
C ARG IA 234 -113.66 6.98 22.74
N GLY IA 235 -113.98 8.24 22.99
CA GLY IA 235 -114.94 8.93 22.17
C GLY IA 235 -114.71 10.42 22.10
N ARG IA 236 -115.67 11.12 21.49
CA ARG IA 236 -115.64 12.57 21.40
C ARG IA 236 -116.97 13.12 21.88
N VAL IA 237 -116.92 14.27 22.54
CA VAL IA 237 -118.13 14.94 23.00
C VAL IA 237 -118.24 16.26 22.30
N HIS IA 238 -119.42 16.52 21.73
CA HIS IA 238 -119.71 17.82 21.13
C HIS IA 238 -120.78 18.58 21.91
N ILE IA 239 -120.46 19.81 22.27
CA ILE IA 239 -121.43 20.63 22.96
C ILE IA 239 -122.07 21.54 21.96
N CYS IA 240 -123.34 21.27 21.66
CA CYS IA 240 -124.03 21.87 20.52
C CYS IA 240 -124.96 23.02 20.91
N ALA IA 241 -124.37 24.10 21.39
CA ALA IA 241 -125.12 25.26 21.82
C ALA IA 241 -124.36 26.56 21.46
N PRO IA 242 -125.05 27.70 21.58
CA PRO IA 242 -124.43 29.01 21.32
C PRO IA 242 -123.25 29.29 22.27
N ILE IA 243 -122.27 30.13 21.87
CA ILE IA 243 -121.13 30.47 22.74
C ILE IA 243 -121.56 30.97 24.11
N PHE IA 244 -122.77 31.50 24.21
CA PHE IA 244 -123.25 32.06 25.47
C PHE IA 244 -123.91 31.03 26.40
N TYR IA 245 -124.02 29.79 25.92
CA TYR IA 245 -124.39 28.64 26.76
C TYR IA 245 -123.12 27.97 27.21
N SER IA 246 -123.11 27.43 28.43
CA SER IA 246 -121.94 26.68 28.90
C SER IA 246 -122.28 25.73 30.01
N ILE IA 247 -121.46 24.68 30.15
CA ILE IA 247 -121.75 23.61 31.06
C ILE IA 247 -120.47 22.93 31.49
N VAL IA 248 -120.52 22.24 32.64
CA VAL IA 248 -119.42 21.39 33.10
C VAL IA 248 -119.98 20.03 33.46
N LEU IA 249 -119.42 18.99 32.84
CA LEU IA 249 -119.88 17.63 33.04
C LEU IA 249 -118.85 16.75 33.75
N TRP IA 250 -119.35 15.89 34.64
CA TRP IA 250 -118.58 14.77 35.17
C TRP IA 250 -119.06 13.52 34.43
N VAL IA 251 -118.17 12.89 33.67
CA VAL IA 251 -118.53 11.74 32.86
C VAL IA 251 -117.90 10.47 33.42
N VAL IA 252 -118.74 9.53 33.82
CA VAL IA 252 -118.23 8.34 34.49
C VAL IA 252 -119.08 7.12 34.19
N SER IA 253 -118.49 5.93 34.36
CA SER IA 253 -119.23 4.68 34.14
C SER IA 253 -119.79 4.06 35.43
N GLU IA 254 -121.03 3.58 35.38
CA GLU IA 254 -121.66 2.98 36.56
C GLU IA 254 -122.40 1.71 36.22
N TRP IA 255 -122.50 0.82 37.22
CA TRP IA 255 -123.12 -0.48 37.01
C TRP IA 255 -124.45 -0.61 37.74
N ASN IA 256 -125.47 -1.04 37.01
CA ASN IA 256 -126.78 -1.32 37.59
C ASN IA 256 -127.31 -0.20 38.49
N GLY IA 257 -127.78 0.88 37.88
CA GLY IA 257 -128.23 2.02 38.63
C GLY IA 257 -127.12 3.01 38.84
N THR IA 258 -127.36 4.00 39.68
CA THR IA 258 -126.37 5.01 39.94
C THR IA 258 -126.31 5.23 41.44
N THR IA 259 -125.18 5.72 41.94
CA THR IA 259 -125.09 6.06 43.34
C THR IA 259 -125.85 7.36 43.59
N MET IA 260 -126.33 7.50 44.82
CA MET IA 260 -127.12 8.66 45.20
C MET IA 260 -126.27 9.60 46.04
N ASP IA 261 -125.06 9.14 46.33
CA ASP IA 261 -124.12 9.88 47.18
C ASP IA 261 -123.06 10.62 46.37
N TRP IA 262 -123.15 11.94 46.36
CA TRP IA 262 -122.22 12.77 45.58
C TRP IA 262 -120.75 12.50 45.90
N ASN IA 263 -120.47 12.16 47.15
CA ASN IA 263 -119.08 11.90 47.50
C ASN IA 263 -118.61 10.59 46.93
N GLU IA 264 -119.48 9.58 46.88
CA GLU IA 264 -119.08 8.30 46.30
C GLU IA 264 -118.84 8.52 44.81
N LEU IA 265 -119.73 9.30 44.20
CA LEU IA 265 -119.69 9.57 42.76
C LEU IA 265 -118.31 10.06 42.33
N PHE IA 266 -117.69 10.89 43.16
CA PHE IA 266 -116.39 11.48 42.82
C PHE IA 266 -115.20 10.67 43.29
N LYS IA 267 -115.46 9.48 43.83
CA LYS IA 267 -114.39 8.54 44.10
C LYS IA 267 -114.23 7.59 42.94
N TYR IA 268 -115.15 7.66 41.98
CA TYR IA 268 -115.05 6.85 40.76
C TYR IA 268 -114.06 7.48 39.81
N PRO IA 269 -113.52 6.69 38.87
CA PRO IA 269 -112.63 7.19 37.81
C PRO IA 269 -113.38 7.77 36.61
N GLY IA 270 -113.76 9.04 36.73
CA GLY IA 270 -114.38 9.76 35.64
C GLY IA 270 -113.51 10.88 35.07
N VAL IA 271 -114.07 11.66 34.14
CA VAL IA 271 -113.36 12.77 33.52
C VAL IA 271 -114.26 13.98 33.47
N TYR IA 272 -113.68 15.18 33.47
CA TYR IA 272 -114.48 16.38 33.35
C TYR IA 272 -114.54 16.82 31.88
N VAL IA 273 -115.72 17.29 31.46
CA VAL IA 273 -115.88 17.82 30.10
C VAL IA 273 -116.46 19.23 30.19
N GLU IA 274 -115.70 20.22 29.72
CA GLU IA 274 -116.12 21.63 29.75
C GLU IA 274 -116.44 22.10 28.36
N GLU IA 275 -115.95 21.38 27.36
CA GLU IA 275 -116.01 21.83 25.96
C GLU IA 275 -115.81 20.68 24.96
N ASP IA 276 -116.09 20.94 23.69
CA ASP IA 276 -115.82 19.98 22.62
C ASP IA 276 -114.48 19.32 22.89
N GLY IA 277 -114.41 18.00 22.78
CA GLY IA 277 -113.16 17.27 22.92
C GLY IA 277 -113.31 15.76 22.95
N SER IA 278 -112.20 15.04 23.06
CA SER IA 278 -112.25 13.58 23.23
C SER IA 278 -112.25 13.20 24.72
N PHE IA 279 -112.60 11.96 25.01
CA PHE IA 279 -112.65 11.46 26.40
C PHE IA 279 -112.37 9.97 26.41
N GLU IA 280 -111.85 9.46 27.53
CA GLU IA 280 -111.69 8.03 27.72
C GLU IA 280 -112.27 7.66 29.08
N VAL IA 281 -113.23 6.75 29.11
CA VAL IA 281 -113.81 6.33 30.38
C VAL IA 281 -113.78 4.81 30.47
N LYS IA 282 -113.34 4.31 31.62
CA LYS IA 282 -113.30 2.86 31.84
C LYS IA 282 -114.71 2.32 32.03
N ILE IA 283 -115.01 1.22 31.32
CA ILE IA 283 -116.27 0.50 31.50
C ILE IA 283 -116.24 -0.20 32.84
N ARG IA 284 -117.11 0.22 33.73
CA ARG IA 284 -117.14 -0.24 35.10
C ARG IA 284 -118.16 -1.36 35.31
N SER IA 285 -117.70 -2.51 35.81
CA SER IA 285 -118.59 -3.67 36.00
C SER IA 285 -118.01 -4.71 36.95
N PRO IA 286 -118.88 -5.39 37.70
CA PRO IA 286 -118.49 -6.45 38.64
C PRO IA 286 -117.77 -7.58 37.91
N TYR IA 287 -117.96 -7.68 36.60
CA TYR IA 287 -117.39 -8.73 35.78
C TYR IA 287 -116.33 -8.15 34.86
N HIS IA 288 -116.12 -6.84 34.97
CA HIS IA 288 -115.15 -6.11 34.15
C HIS IA 288 -115.60 -5.98 32.69
N ARG IA 289 -116.71 -6.64 32.36
CA ARG IA 289 -117.28 -6.58 31.02
C ARG IA 289 -118.77 -6.34 31.18
N THR IA 290 -119.40 -5.74 30.17
CA THR IA 290 -120.87 -5.64 30.10
C THR IA 290 -121.34 -6.49 28.93
N PRO IA 291 -122.51 -7.13 29.08
CA PRO IA 291 -122.99 -8.04 28.03
C PRO IA 291 -123.35 -7.28 26.76
N ALA IA 292 -123.14 -7.92 25.62
CA ALA IA 292 -123.40 -7.31 24.32
C ALA IA 292 -124.89 -7.07 24.04
N ARG IA 293 -125.76 -7.96 24.50
CA ARG IA 293 -127.20 -7.78 24.30
C ARG IA 293 -127.96 -8.10 25.59
N LEU IA 294 -129.24 -7.72 25.62
CA LEU IA 294 -130.06 -7.97 26.81
C LEU IA 294 -130.83 -9.28 26.72
N LEU IA 295 -131.09 -9.86 27.88
CA LEU IA 295 -131.98 -11.01 27.95
C LEU IA 295 -133.37 -10.48 28.24
N ALA IA 296 -134.34 -11.37 28.28
CA ALA IA 296 -135.73 -10.95 28.47
C ALA IA 296 -135.91 -10.19 29.78
N GLY IA 297 -136.63 -9.08 29.71
CA GLY IA 297 -136.95 -8.29 30.90
C GLY IA 297 -135.81 -7.50 31.51
N GLN IA 298 -134.65 -7.47 30.85
CA GLN IA 298 -133.53 -6.67 31.34
C GLN IA 298 -133.55 -5.29 30.70
N SER IA 299 -133.06 -4.31 31.44
CA SER IA 299 -132.93 -2.96 30.92
C SER IA 299 -131.46 -2.69 30.60
N GLN IA 300 -131.19 -1.67 29.79
CA GLN IA 300 -129.80 -1.35 29.45
C GLN IA 300 -129.11 -0.71 30.66
N ARG IA 301 -129.93 -0.21 31.59
CA ARG IA 301 -129.38 0.45 32.78
C ARG IA 301 -128.96 -0.54 33.85
N ASP IA 302 -129.46 -1.78 33.77
CA ASP IA 302 -129.06 -2.83 34.69
C ASP IA 302 -127.60 -3.26 34.50
N MET IA 303 -127.00 -2.91 33.36
CA MET IA 303 -125.60 -3.21 33.08
C MET IA 303 -124.68 -1.99 33.20
N SER IA 304 -123.61 -1.98 32.42
CA SER IA 304 -122.66 -0.87 32.43
C SER IA 304 -123.18 0.28 31.55
N SER IA 305 -123.16 1.49 32.09
CA SER IA 305 -123.61 2.66 31.35
C SER IA 305 -122.56 3.77 31.39
N LEU IA 306 -122.58 4.64 30.39
CA LEU IA 306 -121.74 5.83 30.34
C LEU IA 306 -122.61 7.00 30.83
N ASN IA 307 -122.33 7.49 32.03
CA ASN IA 307 -123.18 8.51 32.65
C ASN IA 307 -122.67 9.95 32.57
N PHE IA 308 -123.55 10.86 32.17
CA PHE IA 308 -123.19 12.25 32.04
C PHE IA 308 -123.88 13.07 33.13
N TYR IA 309 -123.09 13.50 34.11
CA TYR IA 309 -123.58 14.29 35.22
C TYR IA 309 -123.28 15.78 34.99
N ALA IA 310 -124.33 16.59 34.92
CA ALA IA 310 -124.13 18.03 34.89
C ALA IA 310 -123.87 18.49 36.30
N ILE IA 311 -122.65 18.94 36.58
CA ILE IA 311 -122.27 19.36 37.92
C ILE IA 311 -122.20 20.89 38.11
N ALA IA 312 -122.12 21.62 36.99
CA ALA IA 312 -122.24 23.08 37.04
C ALA IA 312 -122.91 23.56 35.77
N GLY IA 313 -124.12 24.06 35.90
CA GLY IA 313 -124.91 24.44 34.74
C GLY IA 313 -125.78 23.31 34.24
N PRO IA 314 -126.21 23.42 32.99
CA PRO IA 314 -125.88 24.50 32.05
C PRO IA 314 -126.40 25.86 32.51
N ILE IA 315 -125.70 26.90 32.08
CA ILE IA 315 -126.19 28.28 32.24
C ILE IA 315 -126.31 28.99 30.91
N ALA IA 316 -127.21 29.97 30.87
CA ALA IA 316 -127.36 30.83 29.72
C ALA IA 316 -127.97 32.15 30.21
N PRO IA 317 -127.84 33.20 29.41
CA PRO IA 317 -128.44 34.49 29.75
C PRO IA 317 -129.95 34.40 29.72
N SER IA 318 -130.66 35.27 30.41
CA SER IA 318 -132.12 35.25 30.27
C SER IA 318 -132.40 35.97 28.98
N GLY IA 319 -133.48 35.61 28.30
CA GLY IA 319 -134.35 34.53 28.70
C GLY IA 319 -134.23 33.50 27.60
N GLU IA 320 -133.20 32.67 27.74
CA GLU IA 320 -133.06 31.52 26.88
C GLU IA 320 -133.88 30.37 27.44
N THR IA 321 -134.36 29.50 26.58
CA THR IA 321 -135.24 28.45 27.04
C THR IA 321 -134.79 27.09 26.53
N ALA IA 322 -134.07 27.12 25.41
CA ALA IA 322 -133.56 25.91 24.77
C ALA IA 322 -132.78 25.02 25.72
N GLN IA 323 -132.91 23.71 25.54
CA GLN IA 323 -132.07 22.81 26.29
C GLN IA 323 -130.65 22.82 25.69
N LEU IA 324 -129.65 22.40 26.46
CA LEU IA 324 -128.29 22.30 25.94
C LEU IA 324 -128.03 20.87 25.54
N PRO IA 325 -127.82 20.64 24.24
CA PRO IA 325 -127.59 19.29 23.72
C PRO IA 325 -126.12 18.89 23.71
N ILE IA 326 -125.87 17.61 24.02
CA ILE IA 326 -124.56 16.98 23.95
C ILE IA 326 -124.65 15.84 22.94
N VAL IA 327 -123.77 15.85 21.94
CA VAL IA 327 -123.71 14.73 21.00
C VAL IA 327 -122.46 13.91 21.26
N VAL IA 328 -122.65 12.63 21.57
CA VAL IA 328 -121.51 11.75 21.86
C VAL IA 328 -121.18 10.83 20.69
N GLN IA 329 -119.90 10.72 20.36
CA GLN IA 329 -119.46 9.78 19.35
C GLN IA 329 -118.51 8.79 19.98
N ILE IA 330 -118.70 7.52 19.70
CA ILE IA 330 -117.84 6.48 20.26
C ILE IA 330 -116.94 5.95 19.17
N ASP IA 331 -115.63 6.09 19.39
CA ASP IA 331 -114.65 5.79 18.35
C ASP IA 331 -114.11 4.37 18.45
N GLU IA 332 -113.76 3.96 19.67
CA GLU IA 332 -113.32 2.60 19.89
C GLU IA 332 -113.29 2.18 21.35
N ILE IA 333 -113.21 0.88 21.56
CA ILE IA 333 -112.90 0.34 22.88
C ILE IA 333 -111.38 0.10 22.92
N VAL IA 334 -110.66 0.93 23.66
CA VAL IA 334 -109.20 0.82 23.71
C VAL IA 334 -108.83 -0.10 24.85
N ARG IA 335 -107.74 -0.84 24.67
CA ARG IA 335 -107.31 -1.80 25.68
C ARG IA 335 -108.48 -2.72 26.00
N PRO IA 336 -108.98 -3.41 24.97
CA PRO IA 336 -110.26 -4.11 25.07
C PRO IA 336 -110.13 -5.42 25.83
N ASP IA 337 -111.13 -5.69 26.66
CA ASP IA 337 -111.26 -6.99 27.28
C ASP IA 337 -112.47 -7.70 26.68
N LEU IA 338 -112.26 -8.46 25.61
CA LEU IA 338 -113.40 -9.05 24.93
C LEU IA 338 -113.81 -10.41 25.49
N SER IA 339 -115.09 -10.73 25.36
CA SER IA 339 -115.57 -12.07 25.64
C SER IA 339 -115.28 -12.98 24.46
N LEU IA 340 -115.69 -14.24 24.58
CA LEU IA 340 -115.64 -15.16 23.46
C LEU IA 340 -116.48 -14.58 22.35
N PRO IA 341 -116.12 -14.91 21.11
CA PRO IA 341 -117.05 -14.58 20.03
C PRO IA 341 -118.39 -15.27 20.35
N SER IA 342 -119.51 -14.67 19.97
CA SER IA 342 -120.79 -15.33 20.20
C SER IA 342 -121.01 -16.53 19.26
N PHE IA 343 -120.43 -16.48 18.05
CA PHE IA 343 -120.51 -17.62 17.14
C PHE IA 343 -119.14 -18.13 16.78
N GLU IA 344 -119.05 -19.44 16.54
CA GLU IA 344 -117.81 -20.05 16.08
C GLU IA 344 -117.84 -20.20 14.56
N ASP IA 345 -116.78 -20.73 13.97
CA ASP IA 345 -116.79 -20.91 12.52
C ASP IA 345 -117.57 -22.17 12.21
N ASP IA 346 -118.89 -22.02 12.26
CA ASP IA 346 -119.80 -23.16 12.20
C ASP IA 346 -121.01 -22.79 11.36
N TYR IA 347 -121.90 -23.76 11.17
CA TYR IA 347 -123.17 -23.53 10.53
C TYR IA 347 -124.08 -22.73 11.45
N PHE IA 348 -125.08 -22.09 10.86
CA PHE IA 348 -126.15 -21.44 11.63
C PHE IA 348 -127.44 -21.53 10.83
N VAL IA 349 -128.55 -21.31 11.51
CA VAL IA 349 -129.84 -21.56 10.89
C VAL IA 349 -130.20 -20.49 9.87
N TRP IA 350 -130.56 -20.93 8.68
CA TRP IA 350 -131.05 -20.03 7.67
C TRP IA 350 -132.58 -20.04 7.73
N VAL IA 351 -133.17 -21.22 7.57
CA VAL IA 351 -134.61 -21.30 7.54
C VAL IA 351 -135.15 -22.69 7.94
N ASP IA 352 -136.29 -22.70 8.62
CA ASP IA 352 -137.03 -23.93 8.86
C ASP IA 352 -138.32 -23.90 8.06
N PHE IA 353 -138.59 -24.94 7.31
CA PHE IA 353 -139.92 -25.12 6.70
C PHE IA 353 -140.69 -26.21 7.46
N SER IA 354 -141.97 -25.98 7.72
CA SER IA 354 -142.77 -26.89 8.51
C SER IA 354 -144.23 -26.75 8.15
N GLU IA 355 -145.05 -27.65 8.70
CA GLU IA 355 -146.49 -27.58 8.53
C GLU IA 355 -146.88 -27.51 7.06
N PHE IA 356 -146.39 -28.45 6.26
CA PHE IA 356 -146.69 -28.48 4.82
C PHE IA 356 -148.14 -28.88 4.57
N THR IA 357 -148.79 -28.19 3.63
CA THR IA 357 -150.21 -28.49 3.35
C THR IA 357 -150.37 -29.28 2.05
N LEU IA 358 -149.39 -29.16 1.17
CA LEU IA 358 -149.40 -29.90 -0.07
C LEU IA 358 -148.24 -30.88 -0.12
N ASP IA 359 -148.45 -32.03 -0.73
CA ASP IA 359 -147.35 -32.98 -0.91
C ASP IA 359 -146.31 -32.44 -1.91
N LYS IA 360 -146.76 -31.76 -2.97
CA LYS IA 360 -145.83 -31.13 -3.92
C LYS IA 360 -145.51 -29.70 -3.47
N GLU IA 361 -144.25 -29.47 -3.13
CA GLU IA 361 -143.81 -28.16 -2.69
C GLU IA 361 -142.49 -27.85 -3.39
N GLU IA 362 -142.32 -26.63 -3.90
CA GLU IA 362 -141.07 -26.27 -4.55
C GLU IA 362 -140.61 -24.89 -4.10
N ILE IA 363 -139.47 -24.86 -3.42
CA ILE IA 363 -138.94 -23.64 -2.85
C ILE IA 363 -137.83 -23.11 -3.72
N GLU IA 364 -138.07 -22.00 -4.42
CA GLU IA 364 -137.03 -21.38 -5.27
C GLU IA 364 -136.08 -20.52 -4.47
N ILE IA 365 -134.80 -20.77 -4.66
CA ILE IA 365 -133.76 -20.02 -3.98
C ILE IA 365 -133.00 -19.15 -4.97
N GLY IA 366 -132.66 -19.73 -6.11
CA GLY IA 366 -131.95 -19.03 -7.16
C GLY IA 366 -130.50 -18.78 -6.81
N SER IA 367 -130.12 -17.51 -6.70
CA SER IA 367 -128.77 -17.19 -6.32
C SER IA 367 -128.76 -16.22 -5.14
N ARG IA 368 -129.86 -16.17 -4.40
CA ARG IA 368 -129.99 -15.20 -3.31
C ARG IA 368 -129.98 -15.80 -1.91
N PHE IA 369 -129.50 -15.01 -0.96
CA PHE IA 369 -129.74 -15.32 0.46
C PHE IA 369 -130.78 -14.32 0.95
N PHE IA 370 -131.95 -14.80 1.36
CA PHE IA 370 -133.07 -13.88 1.61
C PHE IA 370 -134.14 -14.48 2.51
N ASP IA 371 -135.20 -13.71 2.79
CA ASP IA 371 -136.33 -14.18 3.59
C ASP IA 371 -137.39 -14.86 2.71
N PHE IA 372 -137.76 -16.09 3.06
CA PHE IA 372 -138.76 -16.85 2.32
C PHE IA 372 -140.18 -16.50 2.75
N THR IA 373 -141.13 -16.70 1.84
CA THR IA 373 -142.55 -16.66 2.19
C THR IA 373 -143.27 -17.79 1.48
N SER IA 374 -144.32 -18.31 2.12
CA SER IA 374 -145.10 -19.38 1.51
C SER IA 374 -146.54 -19.31 1.91
N ASN IA 375 -147.41 -19.65 0.97
CA ASN IA 375 -148.84 -19.74 1.23
C ASN IA 375 -149.22 -21.17 1.60
N THR IA 376 -148.33 -22.10 1.31
CA THR IA 376 -148.64 -23.52 1.44
C THR IA 376 -147.88 -24.20 2.60
N CYS IA 377 -146.97 -23.47 3.24
CA CYS IA 377 -146.28 -23.99 4.41
C CYS IA 377 -145.77 -22.89 5.32
N ARG IA 378 -145.30 -23.28 6.50
CA ARG IA 378 -144.82 -22.33 7.50
C ARG IA 378 -143.32 -22.08 7.38
N VAL IA 379 -142.95 -20.83 7.13
CA VAL IA 379 -141.56 -20.43 7.05
C VAL IA 379 -141.14 -19.81 8.37
N SER IA 380 -140.03 -20.27 8.93
CA SER IA 380 -139.46 -19.65 10.13
C SER IA 380 -138.03 -19.25 9.83
N MET IA 381 -137.77 -17.96 9.74
CA MET IA 381 -136.45 -17.49 9.36
C MET IA 381 -135.49 -17.40 10.56
N GLY IA 382 -134.20 -17.62 10.33
CA GLY IA 382 -133.22 -17.52 11.40
C GLY IA 382 -132.80 -16.07 11.57
N GLU IA 383 -132.47 -15.69 12.80
CA GLU IA 383 -131.90 -14.37 13.07
C GLU IA 383 -130.50 -14.51 13.66
N ASN IA 384 -129.50 -14.02 12.94
CA ASN IA 384 -128.11 -14.10 13.40
C ASN IA 384 -127.29 -13.02 12.75
N PRO IA 385 -126.05 -12.81 13.22
CA PRO IA 385 -125.24 -11.72 12.70
C PRO IA 385 -125.05 -11.78 11.18
N PHE IA 386 -124.90 -12.97 10.63
CA PHE IA 386 -124.70 -13.05 9.21
C PHE IA 386 -125.87 -12.42 8.45
N ALA IA 387 -127.08 -12.79 8.84
CA ALA IA 387 -128.28 -12.27 8.20
C ALA IA 387 -128.38 -10.76 8.34
N ALA IA 388 -127.97 -10.25 9.50
CA ALA IA 388 -127.94 -8.80 9.73
C ALA IA 388 -126.91 -8.14 8.83
N MET IA 389 -125.72 -8.73 8.70
CA MET IA 389 -124.72 -8.20 7.79
C MET IA 389 -125.21 -8.12 6.35
N ILE IA 390 -125.95 -9.13 5.91
CA ILE IA 390 -126.56 -9.11 4.59
C ILE IA 390 -127.50 -7.90 4.42
N ALA IA 391 -128.25 -7.63 5.48
CA ALA IA 391 -129.24 -6.56 5.50
C ALA IA 391 -128.60 -5.18 5.65
N CYS IA 392 -127.38 -5.12 6.17
CA CYS IA 392 -126.76 -3.85 6.46
C CYS IA 392 -125.69 -3.49 5.45
N HIS IA 393 -125.74 -4.11 4.28
CA HIS IA 393 -124.88 -3.69 3.21
C HIS IA 393 -125.68 -3.62 1.93
N GLY IA 394 -125.22 -2.76 1.03
CA GLY IA 394 -125.88 -2.58 -0.25
C GLY IA 394 -125.73 -3.81 -1.13
N LEU IA 395 -124.51 -4.36 -1.18
CA LEU IA 395 -124.24 -5.55 -2.00
C LEU IA 395 -123.45 -6.58 -1.22
N HIS IA 396 -123.58 -7.85 -1.60
CA HIS IA 396 -122.80 -8.92 -0.99
C HIS IA 396 -122.52 -9.99 -2.03
N SER IA 397 -121.55 -10.85 -1.76
CA SER IA 397 -121.20 -11.95 -2.66
C SER IA 397 -120.38 -13.00 -1.96
N GLY IA 398 -120.66 -14.25 -2.26
CA GLY IA 398 -119.92 -15.34 -1.65
C GLY IA 398 -120.49 -16.70 -1.92
N VAL IA 399 -119.99 -17.71 -1.20
CA VAL IA 399 -120.53 -19.04 -1.33
C VAL IA 399 -120.97 -19.54 0.02
N LEU IA 400 -122.16 -20.13 0.08
CA LEU IA 400 -122.69 -20.75 1.30
C LEU IA 400 -122.70 -22.27 1.20
N ASP IA 401 -122.12 -22.93 2.20
CA ASP IA 401 -122.29 -24.37 2.31
C ASP IA 401 -123.61 -24.63 3.05
N LEU IA 402 -124.44 -25.48 2.49
CA LEU IA 402 -125.72 -25.81 3.11
C LEU IA 402 -125.75 -27.21 3.70
N LYS IA 403 -126.35 -27.32 4.88
CA LYS IA 403 -126.72 -28.61 5.44
C LYS IA 403 -128.24 -28.64 5.52
N LEU IA 404 -128.85 -29.68 4.94
CA LEU IA 404 -130.28 -29.88 5.06
C LEU IA 404 -130.54 -31.03 6.01
N GLN IA 405 -131.44 -30.81 6.97
CA GLN IA 405 -131.87 -31.86 7.88
C GLN IA 405 -133.39 -31.93 7.92
N TRP IA 406 -133.93 -33.13 8.05
CA TRP IA 406 -135.38 -33.28 8.17
C TRP IA 406 -135.81 -34.48 9.00
N SER IA 407 -136.98 -34.38 9.63
CA SER IA 407 -137.55 -35.47 10.41
C SER IA 407 -138.87 -35.83 9.79
N LEU IA 408 -139.32 -37.06 10.00
CA LEU IA 408 -140.56 -37.53 9.37
C LEU IA 408 -141.83 -37.28 10.18
N ASN IA 409 -142.92 -37.02 9.47
CA ASN IA 409 -144.24 -36.82 10.06
C ASN IA 409 -145.04 -38.12 10.09
N THR IA 410 -144.84 -38.95 9.06
CA THR IA 410 -145.45 -40.26 8.97
C THR IA 410 -144.53 -41.35 9.49
N GLU IA 411 -145.01 -42.60 9.51
CA GLU IA 411 -144.20 -43.73 10.00
C GLU IA 411 -143.05 -43.98 9.03
N PHE IA 412 -141.87 -44.25 9.58
CA PHE IA 412 -140.67 -44.44 8.77
C PHE IA 412 -140.87 -45.54 7.72
N GLY IA 413 -141.54 -46.61 8.10
CA GLY IA 413 -141.73 -47.73 7.21
C GLY IA 413 -142.62 -47.42 6.01
N LYS IA 414 -143.41 -46.38 6.11
CA LYS IA 414 -144.37 -46.03 5.07
C LYS IA 414 -143.78 -44.97 4.15
N SER IA 415 -142.61 -44.44 4.51
CA SER IA 415 -142.03 -43.28 3.82
C SER IA 415 -141.61 -43.55 2.39
N SER IA 416 -141.72 -42.53 1.55
CA SER IA 416 -141.30 -42.60 0.16
C SER IA 416 -140.93 -41.20 -0.28
N GLY IA 417 -140.38 -41.10 -1.50
CA GLY IA 417 -140.07 -39.80 -2.07
C GLY IA 417 -138.71 -39.25 -1.67
N SER IA 418 -138.54 -37.94 -1.84
CA SER IA 418 -137.21 -37.32 -1.76
C SER IA 418 -137.24 -35.83 -1.47
N VAL IA 419 -136.12 -35.36 -0.94
CA VAL IA 419 -135.78 -33.94 -0.95
C VAL IA 419 -134.82 -33.79 -2.13
N THR IA 420 -135.25 -33.10 -3.17
CA THR IA 420 -134.39 -32.94 -4.35
C THR IA 420 -133.84 -31.52 -4.45
N ILE IA 421 -132.55 -31.41 -4.73
CA ILE IA 421 -131.92 -30.11 -4.92
C ILE IA 421 -131.67 -29.90 -6.40
N THR IA 422 -132.46 -29.06 -7.03
CA THR IA 422 -132.23 -28.73 -8.42
C THR IA 422 -131.17 -27.65 -8.54
N LYS IA 423 -130.13 -27.91 -9.31
CA LYS IA 423 -129.07 -26.93 -9.54
C LYS IA 423 -128.93 -26.63 -11.02
N LEU IA 424 -129.20 -25.40 -11.41
CA LEU IA 424 -129.14 -25.02 -12.81
C LEU IA 424 -128.16 -23.87 -12.99
N VAL IA 425 -127.91 -23.54 -14.26
CA VAL IA 425 -127.28 -22.26 -14.62
C VAL IA 425 -128.22 -21.58 -15.59
N GLY IA 426 -128.75 -20.45 -15.19
CA GLY IA 426 -129.77 -19.78 -15.98
C GLY IA 426 -131.05 -19.64 -15.17
N ASP IA 427 -132.11 -20.27 -15.64
CA ASP IA 427 -133.39 -20.27 -14.95
C ASP IA 427 -134.14 -21.55 -15.24
N LYS IA 428 -135.29 -21.73 -14.58
CA LYS IA 428 -136.05 -22.95 -14.74
C LYS IA 428 -136.36 -23.21 -16.22
N ALA IA 429 -136.57 -22.15 -16.98
CA ALA IA 429 -137.04 -22.25 -18.37
C ALA IA 429 -136.00 -22.62 -19.43
N MET IA 430 -134.79 -22.06 -19.32
CA MET IA 430 -133.79 -22.21 -20.37
C MET IA 430 -132.43 -22.61 -19.83
N GLY IA 431 -132.38 -23.00 -18.57
CA GLY IA 431 -131.10 -23.25 -17.91
C GLY IA 431 -130.36 -24.52 -18.30
N LEU IA 432 -129.10 -24.58 -17.89
CA LEU IA 432 -128.27 -25.75 -18.06
C LEU IA 432 -128.27 -26.53 -16.75
N ASP IA 433 -128.02 -27.83 -16.85
CA ASP IA 433 -128.10 -28.71 -15.68
C ASP IA 433 -126.76 -28.89 -14.97
N GLY IA 434 -126.74 -28.50 -13.69
CA GLY IA 434 -125.54 -28.66 -12.89
C GLY IA 434 -125.61 -29.84 -11.95
N PRO IA 435 -124.99 -29.72 -10.77
CA PRO IA 435 -124.94 -30.79 -9.78
C PRO IA 435 -126.25 -30.93 -8.98
N SER IA 436 -127.36 -31.13 -9.69
CA SER IA 436 -128.65 -31.42 -9.08
C SER IA 436 -128.48 -32.73 -8.31
N HIS IA 437 -129.36 -32.98 -7.36
CA HIS IA 437 -129.07 -33.97 -6.37
C HIS IA 437 -130.37 -34.50 -5.78
N VAL IA 438 -130.54 -35.83 -5.78
CA VAL IA 438 -131.75 -36.44 -5.24
C VAL IA 438 -131.47 -37.16 -3.93
N PHE IA 439 -132.00 -36.62 -2.84
CA PHE IA 439 -131.84 -37.27 -1.55
C PHE IA 439 -133.11 -38.05 -1.24
N ALA IA 440 -133.02 -39.37 -1.25
CA ALA IA 440 -134.16 -40.19 -0.87
C ALA IA 440 -134.56 -39.72 0.53
N ILE IA 441 -135.86 -39.60 0.77
CA ILE IA 441 -136.35 -39.04 2.03
C ILE IA 441 -135.78 -39.77 3.26
N GLN IA 442 -135.45 -41.05 3.09
CA GLN IA 442 -134.89 -41.86 4.17
C GLN IA 442 -133.48 -41.46 4.62
N LYS IA 443 -132.75 -40.70 3.79
CA LYS IA 443 -131.42 -40.18 4.16
C LYS IA 443 -131.52 -39.25 5.35
N LEU IA 444 -132.63 -38.51 5.42
CA LEU IA 444 -132.91 -37.63 6.56
C LEU IA 444 -131.95 -36.46 6.68
N GLU IA 445 -131.03 -36.30 5.71
CA GLU IA 445 -130.13 -35.16 5.63
C GLU IA 445 -129.39 -35.13 4.30
N GLY IA 446 -128.90 -33.95 3.93
CA GLY IA 446 -128.15 -33.81 2.68
C GLY IA 446 -127.35 -32.52 2.72
N THR IA 447 -126.38 -32.38 1.82
CA THR IA 447 -125.55 -31.17 1.75
C THR IA 447 -125.45 -30.64 0.33
N THR IA 448 -125.22 -29.33 0.22
CA THR IA 448 -125.02 -28.72 -1.09
C THR IA 448 -124.33 -27.36 -0.93
N GLU IA 449 -123.79 -26.82 -2.03
CA GLU IA 449 -123.24 -25.48 -2.00
C GLU IA 449 -124.24 -24.55 -2.68
N LEU IA 450 -124.26 -23.28 -2.28
CA LEU IA 450 -125.06 -22.26 -2.96
C LEU IA 450 -124.21 -21.03 -3.32
N LEU IA 451 -124.16 -20.69 -4.59
CA LEU IA 451 -123.50 -19.46 -4.98
C LEU IA 451 -124.45 -18.29 -4.73
N VAL IA 452 -124.04 -17.36 -3.87
CA VAL IA 452 -124.78 -16.12 -3.67
C VAL IA 452 -124.04 -15.06 -4.45
N GLY IA 453 -124.54 -14.78 -5.65
CA GLY IA 453 -123.88 -13.87 -6.58
C GLY IA 453 -124.44 -14.04 -7.97
N ASN IA 454 -123.73 -13.52 -8.96
CA ASN IA 454 -124.19 -13.56 -10.35
C ASN IA 454 -123.09 -13.06 -11.27
N PHE IA 455 -123.36 -13.05 -12.58
CA PHE IA 455 -122.34 -12.65 -13.55
C PHE IA 455 -121.73 -11.26 -13.29
N ALA IA 456 -122.51 -10.34 -12.73
CA ALA IA 456 -122.02 -9.01 -12.43
C ALA IA 456 -121.06 -8.99 -11.23
N GLY IA 457 -121.28 -9.89 -10.27
CA GLY IA 457 -120.33 -10.08 -9.18
C GLY IA 457 -120.87 -9.95 -7.77
N ALA IA 458 -122.09 -9.46 -7.62
CA ALA IA 458 -122.63 -9.22 -6.29
C ALA IA 458 -124.14 -9.07 -6.34
N ASN IA 459 -124.80 -9.33 -5.22
CA ASN IA 459 -126.26 -9.23 -5.12
C ASN IA 459 -126.64 -8.02 -4.28
N PRO IA 460 -127.66 -7.28 -4.73
CA PRO IA 460 -128.31 -6.27 -3.89
C PRO IA 460 -129.22 -7.00 -2.90
N ASN IA 461 -129.66 -6.28 -1.87
CA ASN IA 461 -130.51 -6.91 -0.85
C ASN IA 461 -131.99 -6.73 -1.21
N THR IA 462 -132.28 -6.89 -2.49
CA THR IA 462 -133.63 -6.80 -3.00
C THR IA 462 -133.80 -7.90 -4.04
N ARG IA 463 -134.98 -7.96 -4.65
CA ARG IA 463 -135.14 -8.84 -5.79
C ARG IA 463 -134.48 -8.17 -7.02
N PHE IA 464 -133.85 -8.98 -7.86
CA PHE IA 464 -133.13 -8.50 -9.02
C PHE IA 464 -133.13 -9.67 -10.01
N SER IA 465 -132.82 -9.41 -11.27
CA SER IA 465 -132.75 -10.49 -12.25
C SER IA 465 -131.45 -10.41 -13.01
N LEU IA 466 -130.45 -11.18 -12.57
CA LEU IA 466 -129.16 -11.21 -13.26
C LEU IA 466 -128.69 -12.65 -13.44
N TYR IA 467 -128.39 -13.02 -14.69
CA TYR IA 467 -127.95 -14.39 -15.02
C TYR IA 467 -126.96 -14.96 -14.03
N SER IA 468 -127.31 -16.11 -13.46
CA SER IA 468 -126.43 -16.75 -12.49
C SER IA 468 -126.77 -18.22 -12.39
N ARG IA 469 -126.12 -18.90 -11.46
CA ARG IA 469 -126.52 -20.24 -11.10
C ARG IA 469 -127.88 -20.13 -10.39
N TRP IA 470 -128.64 -21.22 -10.39
CA TRP IA 470 -130.00 -21.20 -9.87
C TRP IA 470 -130.29 -22.48 -9.09
N MET IA 471 -130.81 -22.32 -7.88
CA MET IA 471 -131.11 -23.46 -7.01
C MET IA 471 -132.57 -23.52 -6.56
N ALA IA 472 -133.08 -24.73 -6.38
CA ALA IA 472 -134.42 -24.91 -5.87
C ALA IA 472 -134.47 -26.19 -5.04
N ILE IA 473 -135.31 -26.21 -4.01
CA ILE IA 473 -135.56 -27.42 -3.25
C ILE IA 473 -136.94 -27.94 -3.66
N LYS IA 474 -137.00 -29.21 -4.06
CA LYS IA 474 -138.27 -29.82 -4.50
C LYS IA 474 -138.71 -30.96 -3.59
N LEU IA 475 -139.83 -30.78 -2.90
CA LEU IA 475 -140.43 -31.85 -2.12
C LEU IA 475 -141.54 -32.56 -2.91
N ASP IA 476 -141.61 -33.89 -2.86
CA ASP IA 476 -142.71 -34.60 -3.54
C ASP IA 476 -143.64 -35.31 -2.56
N GLN IA 477 -143.22 -35.40 -1.32
CA GLN IA 477 -144.00 -36.00 -0.26
C GLN IA 477 -143.90 -35.12 0.97
N ALA IA 478 -144.11 -33.81 0.77
CA ALA IA 478 -143.83 -32.83 1.82
C ALA IA 478 -144.65 -33.06 3.07
N LYS IA 479 -145.86 -33.63 2.94
CA LYS IA 479 -146.72 -33.86 4.10
C LYS IA 479 -146.13 -34.93 5.03
N SER IA 480 -145.16 -35.68 4.53
CA SER IA 480 -144.45 -36.69 5.33
C SER IA 480 -143.27 -36.08 6.08
N ILE IA 481 -143.07 -34.77 5.96
CA ILE IA 481 -141.96 -34.12 6.64
C ILE IA 481 -142.45 -33.22 7.78
N LYS IA 482 -141.92 -33.44 8.99
CA LYS IA 482 -142.37 -32.62 10.10
C LYS IA 482 -141.62 -31.29 10.09
N VAL IA 483 -140.36 -31.34 9.67
CA VAL IA 483 -139.57 -30.12 9.53
C VAL IA 483 -138.42 -30.31 8.56
N LEU IA 484 -138.20 -29.30 7.71
CA LEU IA 484 -137.03 -29.25 6.88
C LEU IA 484 -136.22 -28.06 7.36
N ARG IA 485 -135.04 -28.32 7.92
CA ARG IA 485 -134.16 -27.25 8.37
C ARG IA 485 -132.99 -27.04 7.43
N VAL IA 486 -132.73 -25.79 7.06
CA VAL IA 486 -131.58 -25.45 6.25
C VAL IA 486 -130.55 -24.61 7.01
N LEU IA 487 -129.37 -25.18 7.25
CA LEU IA 487 -128.28 -24.45 7.88
C LEU IA 487 -127.27 -24.04 6.82
N CYS IA 488 -126.57 -22.94 7.06
CA CYS IA 488 -125.52 -22.49 6.16
C CYS IA 488 -124.27 -22.05 6.90
N LYS IA 489 -123.15 -22.05 6.19
CA LYS IA 489 -121.84 -21.72 6.73
C LYS IA 489 -121.05 -21.07 5.61
N PRO IA 490 -120.88 -19.75 5.70
CA PRO IA 490 -120.21 -19.01 4.62
C PRO IA 490 -118.77 -19.45 4.45
N ARG IA 491 -118.40 -19.72 3.20
CA ARG IA 491 -117.02 -20.01 2.87
C ARG IA 491 -116.22 -18.74 3.02
N PRO IA 492 -114.93 -18.88 3.41
CA PRO IA 492 -114.04 -17.77 3.67
C PRO IA 492 -114.03 -16.81 2.51
N GLY IA 493 -114.10 -15.51 2.81
CA GLY IA 493 -114.09 -14.50 1.77
C GLY IA 493 -115.47 -14.06 1.34
N PHE IA 494 -116.47 -14.37 2.15
CA PHE IA 494 -117.82 -13.86 1.86
C PHE IA 494 -117.81 -12.36 2.07
N SER IA 495 -118.13 -11.61 1.02
CA SER IA 495 -117.86 -10.17 1.00
C SER IA 495 -119.09 -9.26 1.03
N PHE IA 496 -118.95 -8.13 1.69
CA PHE IA 496 -120.03 -7.15 1.79
C PHE IA 496 -119.52 -5.81 1.30
N TYR IA 497 -120.37 -5.11 0.57
CA TYR IA 497 -120.02 -3.81 0.00
C TYR IA 497 -120.97 -2.71 0.44
N GLY IA 498 -120.40 -1.58 0.88
CA GLY IA 498 -121.18 -0.39 1.21
C GLY IA 498 -122.08 -0.50 2.44
N ARG IA 499 -121.53 -0.14 3.59
CA ARG IA 499 -122.30 -0.22 4.83
C ARG IA 499 -123.50 0.70 4.77
N THR IA 500 -124.63 0.18 5.26
CA THR IA 500 -125.89 0.92 5.32
C THR IA 500 -126.78 0.42 6.48
N SER IA 501 -128.07 0.67 6.40
CA SER IA 501 -128.98 0.22 7.44
C SER IA 501 -130.25 -0.37 6.85
N PHE IA 502 -131.09 -0.93 7.72
CA PHE IA 502 -132.26 -1.67 7.27
C PHE IA 502 -133.36 -1.61 8.29
N PRO IA 503 -134.28 -0.65 8.12
CA PRO IA 503 -135.44 -0.50 9.00
C PRO IA 503 -136.52 -1.51 8.67
N VAL IA 504 -137.08 -2.17 9.68
CA VAL IA 504 -138.25 -3.04 9.52
C VAL IA 504 -139.24 -2.77 10.63
N GLY JA 1 -26.99 91.13 63.98
CA GLY JA 1 -26.34 92.39 64.23
C GLY JA 1 -26.71 93.02 65.56
N LEU JA 2 -26.00 94.08 65.95
CA LEU JA 2 -26.33 94.78 67.18
C LEU JA 2 -27.74 95.38 67.08
N ALA JA 3 -28.61 94.98 67.99
CA ALA JA 3 -30.03 95.32 67.91
C ALA JA 3 -30.45 96.40 68.91
N GLY JA 4 -29.78 96.40 70.06
CA GLY JA 4 -30.06 97.37 71.11
C GLY JA 4 -28.95 97.38 72.14
N ARG JA 5 -28.90 98.42 72.97
CA ARG JA 5 -27.88 98.52 73.99
C ARG JA 5 -28.35 99.29 75.20
N GLY JA 6 -27.57 99.19 76.28
CA GLY JA 6 -27.89 99.84 77.53
C GLY JA 6 -26.69 99.88 78.45
N VAL JA 7 -26.79 100.62 79.55
CA VAL JA 7 -25.65 100.77 80.44
C VAL JA 7 -26.03 100.49 81.88
N ILE JA 8 -25.22 99.69 82.56
CA ILE JA 8 -25.41 99.45 83.97
C ILE JA 8 -24.32 100.19 84.72
N TYR JA 9 -24.74 100.84 85.78
CA TYR JA 9 -23.87 101.74 86.49
C TYR JA 9 -23.38 101.07 87.83
N ILE JA 10 -22.08 100.79 87.91
CA ILE JA 10 -21.47 100.17 89.09
C ILE JA 10 -20.86 101.22 90.02
N PRO JA 11 -21.28 101.24 91.29
CA PRO JA 11 -20.74 102.18 92.27
C PRO JA 11 -19.38 101.70 92.77
N LYS JA 12 -18.53 102.60 93.25
CA LYS JA 12 -17.18 102.20 93.59
C LYS JA 12 -17.10 101.27 94.80
N ASP JA 13 -18.16 101.25 95.62
CA ASP JA 13 -18.26 100.24 96.65
C ASP JA 13 -19.48 99.32 96.42
N CYS JA 14 -19.25 98.29 95.62
CA CYS JA 14 -20.31 97.39 95.23
C CYS JA 14 -20.27 96.23 96.19
N GLN JA 15 -21.24 96.24 97.10
CA GLN JA 15 -21.42 95.22 98.12
C GLN JA 15 -22.40 94.15 97.69
N ALA JA 16 -22.38 93.03 98.39
CA ALA JA 16 -23.36 91.99 98.09
C ALA JA 16 -24.78 92.51 98.26
N ASN JA 17 -25.68 92.07 97.40
CA ASN JA 17 -27.10 92.41 97.46
C ASN JA 17 -27.46 93.83 97.06
N ARG JA 18 -26.59 94.46 96.29
CA ARG JA 18 -26.87 95.79 95.76
C ARG JA 18 -27.63 95.69 94.44
N TYR JA 19 -28.73 96.44 94.33
CA TYR JA 19 -29.43 96.55 93.05
C TYR JA 19 -28.70 97.56 92.13
N LEU JA 20 -28.39 97.18 90.89
CA LEU JA 20 -27.56 98.02 90.00
C LEU JA 20 -28.40 98.71 88.93
N GLY JA 21 -29.55 98.12 88.63
CA GLY JA 21 -30.46 98.66 87.65
C GLY JA 21 -31.21 97.64 86.82
N THR JA 22 -32.18 98.11 86.05
CA THR JA 22 -32.93 97.23 85.16
C THR JA 22 -32.93 97.80 83.75
N LEU JA 23 -32.69 96.95 82.76
CA LEU JA 23 -32.80 97.35 81.37
C LEU JA 23 -34.08 96.77 80.82
N ASN JA 24 -34.79 97.56 80.03
CA ASN JA 24 -35.99 97.09 79.41
C ASN JA 24 -35.68 96.62 77.98
N ILE JA 25 -35.78 95.32 77.74
CA ILE JA 25 -35.32 94.73 76.48
C ILE JA 25 -35.90 95.43 75.28
N ARG JA 26 -37.19 95.75 75.33
CA ARG JA 26 -37.79 96.34 74.14
C ARG JA 26 -37.35 97.79 73.97
N ASP JA 27 -37.15 98.50 75.07
CA ASP JA 27 -36.61 99.86 75.02
C ASP JA 27 -35.17 99.91 74.53
N MET JA 28 -34.35 98.92 74.90
CA MET JA 28 -32.97 98.84 74.35
C MET JA 28 -32.98 98.80 72.84
N ILE JA 29 -33.89 98.05 72.26
CA ILE JA 29 -33.98 97.92 70.81
C ILE JA 29 -34.59 99.18 70.18
N SER JA 30 -35.62 99.75 70.80
CA SER JA 30 -36.31 100.89 70.20
C SER JA 30 -35.56 102.22 70.37
N ASP JA 31 -34.80 102.35 71.46
CA ASP JA 31 -34.06 103.59 71.68
C ASP JA 31 -32.86 103.64 70.72
N PHE JA 32 -32.35 102.46 70.40
CA PHE JA 32 -31.20 102.33 69.51
C PHE JA 32 -31.64 102.64 68.08
N LYS JA 33 -32.57 101.87 67.55
CA LYS JA 33 -33.41 102.30 66.43
C LYS JA 33 -32.70 102.61 65.13
N GLY JA 34 -31.73 101.79 64.68
CA GLY JA 34 -31.65 100.37 64.92
C GLY JA 34 -31.98 99.77 63.56
N VAL JA 35 -31.04 99.12 62.86
CA VAL JA 35 -31.43 98.38 61.66
C VAL JA 35 -32.40 97.26 62.03
N GLN JA 36 -32.13 96.59 63.15
CA GLN JA 36 -32.98 95.53 63.60
C GLN JA 36 -34.34 96.04 64.05
N TYR JA 37 -34.38 97.19 64.70
CA TYR JA 37 -35.65 97.80 65.13
C TYR JA 37 -36.54 98.05 63.92
N GLU JA 38 -35.95 98.58 62.85
CA GLU JA 38 -36.71 98.87 61.66
C GLU JA 38 -37.20 97.60 60.96
N LYS JA 39 -36.41 96.54 60.98
CA LYS JA 39 -36.86 95.25 60.45
C LYS JA 39 -38.06 94.76 61.26
N TRP JA 40 -38.07 95.12 62.53
CA TRP JA 40 -39.09 94.65 63.47
C TRP JA 40 -40.43 95.27 63.14
N ILE JA 41 -40.44 96.57 62.91
CA ILE JA 41 -41.67 97.27 62.52
C ILE JA 41 -42.36 96.60 61.35
N THR JA 42 -41.59 96.07 60.40
CA THR JA 42 -42.16 95.43 59.23
C THR JA 42 -42.65 94.02 59.52
N ALA JA 43 -41.92 93.33 60.36
CA ALA JA 43 -42.28 91.99 60.72
C ALA JA 43 -43.59 92.01 61.53
N GLY JA 44 -43.73 93.03 62.38
CA GLY JA 44 -44.79 93.05 63.36
C GLY JA 44 -44.43 92.23 64.58
N LEU JA 45 -44.37 90.90 64.42
CA LEU JA 45 -44.03 89.97 65.51
C LEU JA 45 -42.64 89.37 65.34
N VAL JA 46 -41.86 89.31 66.41
CA VAL JA 46 -40.54 88.66 66.38
C VAL JA 46 -40.38 87.67 67.54
N MET JA 47 -39.69 86.55 67.30
CA MET JA 47 -39.40 85.56 68.35
C MET JA 47 -37.90 85.34 68.45
N PRO JA 48 -37.15 86.40 68.79
CA PRO JA 48 -35.69 86.44 68.56
C PRO JA 48 -34.92 85.34 69.28
N THR JA 49 -33.76 85.02 68.74
CA THR JA 49 -32.73 84.39 69.55
C THR JA 49 -31.68 85.48 69.80
N PHE JA 50 -31.62 85.98 71.02
CA PHE JA 50 -30.66 87.01 71.39
C PHE JA 50 -29.32 86.43 71.82
N LYS JA 51 -28.26 87.14 71.49
CA LYS JA 51 -26.98 86.94 72.17
C LYS JA 51 -26.86 88.18 73.01
N ILE JA 52 -26.79 88.01 74.33
CA ILE JA 52 -26.55 89.12 75.23
C ILE JA 52 -25.07 89.18 75.57
N VAL JA 53 -24.50 90.38 75.44
CA VAL JA 53 -23.09 90.55 75.75
C VAL JA 53 -22.94 91.65 76.77
N ILE JA 54 -22.27 91.35 77.87
CA ILE JA 54 -21.98 92.37 78.87
C ILE JA 54 -20.50 92.73 78.83
N ARG JA 55 -20.20 93.95 78.42
CA ARG JA 55 -18.82 94.40 78.36
C ARG JA 55 -18.38 95.07 79.63
N LEU JA 56 -17.19 94.68 80.08
CA LEU JA 56 -16.90 94.56 81.49
C LEU JA 56 -15.39 94.32 81.56
N PRO JA 57 -14.65 95.22 82.21
CA PRO JA 57 -13.20 95.02 82.25
C PRO JA 57 -12.83 93.88 83.19
N ALA JA 58 -12.15 92.87 82.66
CA ALA JA 58 -11.78 91.73 83.49
C ALA JA 58 -10.83 92.13 84.64
N ASN JA 59 -11.05 91.56 85.81
CA ASN JA 59 -10.20 91.87 86.94
C ASN JA 59 -10.24 90.78 87.98
N ALA JA 60 -9.06 90.29 88.34
CA ALA JA 60 -8.98 89.21 89.32
C ALA JA 60 -8.81 89.67 90.77
N PHE JA 61 -8.86 90.98 90.99
CA PHE JA 61 -8.51 91.53 92.29
C PHE JA 61 -9.69 92.15 93.06
N THR JA 62 -10.91 91.77 92.72
CA THR JA 62 -12.08 92.38 93.35
C THR JA 62 -12.96 91.38 94.09
N GLY JA 63 -13.17 90.20 93.51
CA GLY JA 63 -14.07 89.22 94.10
C GLY JA 63 -15.53 89.42 93.68
N LEU JA 64 -15.76 90.44 92.87
CA LEU JA 64 -17.09 90.79 92.43
C LEU JA 64 -17.74 89.71 91.58
N THR JA 65 -18.98 89.36 91.91
CA THR JA 65 -19.80 88.52 91.07
C THR JA 65 -21.19 89.12 90.96
N TRP JA 66 -21.70 89.26 89.75
CA TRP JA 66 -23.01 89.82 89.54
C TRP JA 66 -23.99 88.77 89.02
N VAL JA 67 -25.28 89.05 89.10
CA VAL JA 67 -26.28 88.20 88.49
C VAL JA 67 -27.13 88.97 87.48
N MET JA 68 -27.16 88.51 86.23
CA MET JA 68 -28.15 89.00 85.28
C MET JA 68 -29.39 88.11 85.37
N SER JA 69 -30.55 88.70 85.65
CA SER JA 69 -31.78 87.94 85.80
C SER JA 69 -32.74 88.29 84.68
N PHE JA 70 -33.16 87.28 83.91
CA PHE JA 70 -34.11 87.49 82.82
C PHE JA 70 -35.55 87.37 83.35
N ASP JA 71 -36.20 88.52 83.47
CA ASP JA 71 -37.53 88.59 84.03
C ASP JA 71 -38.52 88.99 82.97
N ALA JA 72 -38.93 88.05 82.15
CA ALA JA 72 -39.75 88.38 80.99
C ALA JA 72 -41.14 88.83 81.36
N TYR JA 73 -41.58 88.46 82.56
CA TYR JA 73 -42.95 88.77 82.96
C TYR JA 73 -43.03 89.71 84.16
N ASN JA 74 -41.92 90.37 84.46
CA ASN JA 74 -41.89 91.45 85.43
C ASN JA 74 -42.38 91.00 86.79
N ARG JA 75 -41.85 89.88 87.28
CA ARG JA 75 -42.37 89.24 88.47
C ARG JA 75 -41.54 89.52 89.74
N ILE JA 76 -40.27 89.90 89.57
CA ILE JA 76 -39.43 90.28 90.71
C ILE JA 76 -38.86 91.72 90.70
N THR JA 77 -39.25 92.55 89.74
CA THR JA 77 -38.68 93.90 89.60
C THR JA 77 -38.91 94.80 90.81
N SER JA 78 -40.17 95.12 91.13
CA SER JA 78 -40.42 95.93 92.31
C SER JA 78 -39.87 95.22 93.58
N ARG JA 79 -39.85 93.90 93.60
CA ARG JA 79 -39.39 93.21 94.83
C ARG JA 79 -37.90 93.35 95.15
N ILE JA 80 -37.04 93.64 94.16
CA ILE JA 80 -35.61 93.64 94.45
C ILE JA 80 -35.02 95.02 94.43
N THR JA 81 -35.86 96.03 94.15
CA THR JA 81 -35.40 97.38 93.92
C THR JA 81 -35.16 97.99 95.26
N ALA JA 82 -35.83 97.41 96.25
CA ALA JA 82 -35.41 97.59 97.62
C ALA JA 82 -33.95 97.16 97.70
N SER JA 83 -33.82 96.04 98.42
CA SER JA 83 -32.65 95.21 98.24
C SER JA 83 -33.06 93.81 97.76
N ALA JA 84 -32.15 93.40 96.88
CA ALA JA 84 -32.19 92.27 96.04
C ALA JA 84 -31.60 91.14 96.82
N ASP JA 85 -32.44 90.45 97.57
CA ASP JA 85 -32.03 89.19 98.15
C ASP JA 85 -31.84 88.22 96.99
N PRO JA 86 -30.75 87.48 97.01
CA PRO JA 86 -30.48 86.45 96.01
C PRO JA 86 -31.64 85.50 95.78
N VAL JA 87 -32.49 85.26 96.78
CA VAL JA 87 -33.66 84.38 96.57
C VAL JA 87 -34.57 84.89 95.44
N TYR JA 88 -34.71 86.21 95.33
CA TYR JA 88 -35.45 86.77 94.22
C TYR JA 88 -34.68 86.64 92.91
N THR JA 89 -33.43 87.11 92.92
CA THR JA 89 -32.68 87.28 91.67
C THR JA 89 -32.35 85.93 91.04
N LEU JA 90 -32.34 84.88 91.84
CA LEU JA 90 -32.07 83.54 91.32
C LEU JA 90 -33.33 82.70 91.05
N SER JA 91 -34.50 83.29 91.25
CA SER JA 91 -35.75 82.56 91.13
C SER JA 91 -36.29 82.57 89.70
N VAL JA 92 -35.65 83.35 88.85
CA VAL JA 92 -35.96 83.36 87.42
C VAL JA 92 -34.73 82.93 86.64
N PRO JA 93 -34.88 82.68 85.34
CA PRO JA 93 -33.66 82.38 84.56
C PRO JA 93 -32.56 83.45 84.76
N HIS JA 94 -31.34 83.00 84.98
CA HIS JA 94 -30.28 83.92 85.35
C HIS JA 94 -28.88 83.38 85.06
N TRP JA 95 -27.90 84.26 85.10
CA TRP JA 95 -26.53 83.92 84.75
C TRP JA 95 -25.58 84.56 85.72
N LEU JA 96 -24.56 83.83 86.16
CA LEU JA 96 -23.52 84.40 87.01
C LEU JA 96 -22.47 85.11 86.18
N ILE JA 97 -22.15 86.34 86.55
CA ILE JA 97 -21.13 87.09 85.85
C ILE JA 97 -19.94 87.30 86.75
N HIS JA 98 -18.87 86.55 86.50
CA HIS JA 98 -17.64 86.67 87.30
C HIS JA 98 -16.69 87.75 86.78
N HIS JA 99 -16.26 88.61 87.69
CA HIS JA 99 -15.43 89.74 87.31
C HIS JA 99 -14.09 89.26 86.77
N LYS JA 100 -13.61 88.12 87.28
CA LYS JA 100 -12.32 87.60 86.84
C LYS JA 100 -12.35 87.19 85.37
N LEU JA 101 -13.54 86.89 84.85
CA LEU JA 101 -13.68 86.40 83.48
C LEU JA 101 -13.89 87.50 82.45
N GLY JA 102 -14.07 88.72 82.93
CA GLY JA 102 -14.31 89.84 82.05
C GLY JA 102 -15.60 89.74 81.26
N THR JA 103 -15.52 90.11 79.98
CA THR JA 103 -16.70 90.23 79.13
C THR JA 103 -17.47 88.93 79.07
N PHE JA 104 -18.78 89.04 79.23
CA PHE JA 104 -19.67 87.90 79.42
C PHE JA 104 -20.65 87.81 78.27
N SER JA 105 -21.02 86.60 77.93
CA SER JA 105 -21.98 86.39 76.85
C SER JA 105 -22.89 85.18 77.10
N CYS JA 106 -24.12 85.23 76.63
CA CYS JA 106 -25.02 84.07 76.72
C CYS JA 106 -26.10 84.17 75.66
N GLU JA 107 -26.79 83.04 75.41
CA GLU JA 107 -27.90 83.03 74.46
C GLU JA 107 -29.24 82.95 75.16
N ILE JA 108 -30.20 83.69 74.64
CA ILE JA 108 -31.54 83.64 75.16
C ILE JA 108 -32.43 83.27 74.00
N ASP JA 109 -32.95 82.06 74.00
CA ASP JA 109 -33.96 81.70 73.01
C ASP JA 109 -35.29 82.21 73.53
N TYR JA 110 -35.73 83.33 72.99
CA TYR JA 110 -36.90 83.98 73.52
C TYR JA 110 -38.12 83.08 73.40
N GLY JA 111 -38.08 82.16 72.46
CA GLY JA 111 -39.15 81.17 72.32
C GLY JA 111 -39.31 80.26 73.51
N GLU JA 112 -38.19 79.89 74.13
CA GLU JA 112 -38.21 79.04 75.33
C GLU JA 112 -38.34 79.84 76.61
N LEU JA 113 -37.38 80.73 76.86
CA LEU JA 113 -37.33 81.49 78.10
C LEU JA 113 -38.51 82.45 78.29
N CYS JA 114 -39.15 82.82 77.19
CA CYS JA 114 -40.29 83.71 77.30
C CYS JA 114 -41.60 83.08 76.85
N GLY JA 115 -41.69 82.69 75.59
CA GLY JA 115 -42.86 81.94 75.15
C GLY JA 115 -43.84 82.66 74.23
N HIS JA 116 -43.89 83.98 74.27
CA HIS JA 116 -44.73 84.72 73.34
C HIS JA 116 -43.93 85.70 72.50
N ALA JA 117 -44.37 85.92 71.27
CA ALA JA 117 -43.66 86.79 70.35
C ALA JA 117 -43.86 88.27 70.64
N MET JA 118 -42.84 89.08 70.34
CA MET JA 118 -42.85 90.51 70.65
C MET JA 118 -43.47 91.36 69.57
N TRP JA 119 -44.43 92.19 69.98
CA TRP JA 119 -45.14 93.08 69.07
C TRP JA 119 -44.47 94.45 68.98
N PHE JA 120 -44.15 94.88 67.77
CA PHE JA 120 -43.34 96.07 67.58
C PHE JA 120 -43.87 97.34 68.24
N LYS JA 121 -45.19 97.49 68.32
CA LYS JA 121 -45.76 98.78 68.71
C LYS JA 121 -46.05 98.93 70.20
N SER JA 122 -46.18 97.82 70.91
CA SER JA 122 -46.51 97.88 72.33
C SER JA 122 -46.30 96.56 73.03
N THR JA 123 -46.17 96.63 74.34
CA THR JA 123 -46.04 95.43 75.13
C THR JA 123 -47.36 94.67 75.07
N THR JA 124 -47.29 93.36 74.88
CA THR JA 124 -48.48 92.53 74.84
C THR JA 124 -48.94 92.16 76.25
N PHE JA 125 -48.14 91.39 76.96
CA PHE JA 125 -48.52 91.08 78.34
C PHE JA 125 -47.80 91.96 79.33
N GLU JA 126 -46.60 91.58 79.71
CA GLU JA 126 -45.81 92.51 80.47
C GLU JA 126 -44.52 92.75 79.72
N SER JA 127 -43.82 93.82 80.10
CA SER JA 127 -42.61 94.28 79.44
C SER JA 127 -41.36 93.55 79.97
N PRO JA 128 -40.66 92.81 79.09
CA PRO JA 128 -39.51 91.97 79.44
C PRO JA 128 -38.30 92.77 79.94
N ARG JA 129 -37.76 92.41 81.11
CA ARG JA 129 -36.65 93.13 81.71
C ARG JA 129 -35.42 92.28 81.94
N LEU JA 130 -34.26 92.93 81.92
CA LEU JA 130 -33.01 92.35 82.43
C LEU JA 130 -32.61 93.06 83.72
N HIS JA 131 -32.48 92.32 84.83
CA HIS JA 131 -32.05 92.93 86.09
C HIS JA 131 -30.57 92.64 86.38
N PHE JA 132 -29.84 93.65 86.85
CA PHE JA 132 -28.46 93.45 87.22
C PHE JA 132 -28.25 93.73 88.69
N THR JA 133 -27.85 92.71 89.41
CA THR JA 133 -27.64 92.81 90.85
C THR JA 133 -26.27 92.29 91.20
N CYS JA 134 -25.80 92.63 92.39
CA CYS JA 134 -24.50 92.15 92.83
C CYS JA 134 -24.65 90.98 93.81
N LEU JA 135 -24.10 89.81 93.48
CA LEU JA 135 -24.30 88.59 94.26
C LEU JA 135 -23.30 88.49 95.40
N THR JA 136 -22.02 88.68 95.05
CA THR JA 136 -20.94 88.77 96.03
C THR JA 136 -20.21 90.10 95.82
N GLY JA 137 -19.95 90.81 96.91
CA GLY JA 137 -19.38 92.15 96.83
C GLY JA 137 -17.87 92.21 96.62
N ASN JA 138 -17.36 93.40 96.33
CA ASN JA 138 -15.91 93.59 96.25
C ASN JA 138 -15.27 93.49 97.61
N ASN JA 139 -14.02 93.06 97.65
CA ASN JA 139 -13.34 92.82 98.92
C ASN JA 139 -13.04 94.13 99.65
N LYS JA 140 -12.84 95.19 98.86
CA LYS JA 140 -12.65 96.54 99.33
C LYS JA 140 -13.15 97.38 98.18
N GLU JA 141 -13.52 98.64 98.46
CA GLU JA 141 -14.05 99.46 97.38
C GLU JA 141 -12.99 99.67 96.30
N LEU JA 142 -13.45 99.92 95.08
CA LEU JA 142 -12.54 100.21 93.98
C LEU JA 142 -12.18 101.70 93.98
N ALA JA 143 -11.42 102.11 92.98
CA ALA JA 143 -10.89 103.46 92.97
C ALA JA 143 -11.97 104.50 92.63
N ALA JA 144 -12.92 104.14 91.78
CA ALA JA 144 -13.94 105.09 91.36
C ALA JA 144 -15.17 104.39 90.83
N ASP JA 145 -16.26 105.13 90.66
CA ASP JA 145 -17.47 104.59 90.02
C ASP JA 145 -17.11 104.23 88.59
N TRP JA 146 -17.78 103.23 88.06
CA TRP JA 146 -17.61 102.85 86.66
C TRP JA 146 -18.90 102.35 86.02
N GLN JA 147 -18.83 101.90 84.77
CA GLN JA 147 -20.01 101.35 84.11
C GLN JA 147 -19.68 100.10 83.30
N ALA JA 148 -20.73 99.31 83.03
CA ALA JA 148 -20.63 98.19 82.11
C ALA JA 148 -21.63 98.40 81.00
N VAL JA 149 -21.33 97.88 79.81
CA VAL JA 149 -22.23 98.05 78.68
C VAL JA 149 -22.93 96.72 78.40
N VAL JA 150 -24.25 96.77 78.20
CA VAL JA 150 -25.04 95.59 77.83
C VAL JA 150 -25.48 95.68 76.38
N GLU JA 151 -25.21 94.65 75.58
CA GLU JA 151 -25.58 94.68 74.17
C GLU JA 151 -26.45 93.48 73.76
N LEU JA 152 -27.47 93.73 72.94
CA LEU JA 152 -28.31 92.68 72.38
C LEU JA 152 -27.99 92.48 70.91
N TYR JA 153 -27.62 91.24 70.54
CA TYR JA 153 -27.31 90.93 69.14
C TYR JA 153 -28.38 89.97 68.69
N ALA JA 154 -28.94 90.21 67.51
CA ALA JA 154 -30.00 89.37 67.00
C ALA JA 154 -30.20 89.61 65.52
N GLU JA 155 -30.66 88.60 64.80
CA GLU JA 155 -31.12 88.81 63.43
C GLU JA 155 -32.62 88.59 63.40
N LEU JA 156 -33.37 89.67 63.64
CA LEU JA 156 -34.83 89.60 63.74
C LEU JA 156 -35.52 89.20 62.43
N GLU JA 157 -36.34 88.16 62.50
CA GLU JA 157 -37.17 87.83 61.36
C GLU JA 157 -38.61 87.66 61.81
N GLU JA 158 -39.54 87.78 60.86
CA GLU JA 158 -40.95 87.71 61.19
C GLU JA 158 -41.32 86.38 61.83
N ALA JA 159 -42.08 86.46 62.93
CA ALA JA 159 -42.57 85.29 63.65
C ALA JA 159 -43.81 84.68 62.99
N THR JA 160 -43.77 83.37 62.84
CA THR JA 160 -44.82 82.64 62.19
C THR JA 160 -46.04 82.43 63.14
N SER JA 161 -45.76 82.22 64.42
CA SER JA 161 -46.79 81.91 65.40
C SER JA 161 -46.70 82.87 66.58
N PHE JA 162 -47.80 83.03 67.33
CA PHE JA 162 -47.75 83.86 68.55
C PHE JA 162 -47.03 83.15 69.67
N LEU JA 163 -47.27 81.86 69.81
CA LEU JA 163 -46.72 81.11 70.91
C LEU JA 163 -45.43 80.35 70.54
N GLY JA 164 -44.52 80.21 71.51
CA GLY JA 164 -43.33 79.42 71.35
C GLY JA 164 -43.63 77.95 71.54
N LYS JA 165 -42.61 77.17 71.88
CA LYS JA 165 -42.81 75.77 72.24
C LYS JA 165 -42.86 75.79 73.75
N PRO JA 166 -43.76 74.98 74.35
CA PRO JA 166 -43.94 74.97 75.80
C PRO JA 166 -42.71 74.44 76.54
N THR JA 167 -42.21 75.24 77.48
CA THR JA 167 -41.14 74.86 78.39
C THR JA 167 -41.51 73.56 79.14
N LEU JA 168 -42.77 73.40 79.50
CA LEU JA 168 -43.20 72.32 80.40
C LEU JA 168 -44.62 71.85 80.07
N VAL JA 169 -44.84 70.53 80.12
CA VAL JA 169 -46.19 70.01 79.99
C VAL JA 169 -46.54 69.23 81.23
N PHE JA 170 -47.72 69.51 81.78
CA PHE JA 170 -48.09 68.96 83.08
C PHE JA 170 -48.16 67.45 83.07
N ASP JA 171 -47.47 66.84 84.04
CA ASP JA 171 -47.44 65.40 84.24
C ASP JA 171 -46.95 65.15 85.66
N PRO JA 172 -47.81 64.55 86.51
CA PRO JA 172 -47.58 64.29 87.93
C PRO JA 172 -46.42 63.35 88.13
N GLY JA 173 -46.38 62.35 87.24
CA GLY JA 173 -45.44 61.26 87.36
C GLY JA 173 -44.11 61.54 86.69
N VAL JA 174 -43.83 62.81 86.40
CA VAL JA 174 -42.60 63.13 85.69
C VAL JA 174 -41.86 64.35 86.22
N PHE JA 175 -40.86 64.01 87.01
CA PHE JA 175 -39.80 64.87 87.48
C PHE JA 175 -38.57 64.02 87.25
N ASN JA 176 -37.81 64.33 86.20
CA ASN JA 176 -36.61 63.58 85.83
C ASN JA 176 -35.56 63.51 86.94
N GLY JA 177 -35.17 64.67 87.46
CA GLY JA 177 -34.08 64.71 88.40
C GLY JA 177 -33.02 65.67 87.89
N LYS JA 178 -33.20 66.15 86.66
CA LYS JA 178 -32.34 67.20 86.10
C LYS JA 178 -32.92 68.59 86.38
N PHE JA 179 -32.08 69.57 86.68
CA PHE JA 179 -32.53 70.92 86.96
C PHE JA 179 -31.93 71.93 85.97
N GLN JA 180 -32.61 73.06 85.77
CA GLN JA 180 -31.95 74.23 85.22
C GLN JA 180 -32.16 75.44 86.12
N PHE JA 181 -31.17 76.32 86.15
CA PHE JA 181 -31.23 77.56 86.93
C PHE JA 181 -31.47 77.35 88.42
N LEU JA 182 -30.88 76.29 88.97
CA LEU JA 182 -30.96 76.05 90.40
C LEU JA 182 -29.65 76.50 91.03
N THR JA 183 -29.66 77.73 91.54
CA THR JA 183 -28.48 78.33 92.15
C THR JA 183 -28.82 78.64 93.62
N CYS JA 184 -27.97 78.18 94.53
CA CYS JA 184 -28.13 78.47 95.97
C CYS JA 184 -27.53 79.81 96.31
N PRO JA 185 -28.22 80.57 97.18
CA PRO JA 185 -27.65 81.84 97.63
C PRO JA 185 -26.25 81.62 98.19
N PRO JA 186 -25.41 82.66 98.14
CA PRO JA 186 -24.01 82.53 98.50
C PRO JA 186 -23.87 82.08 99.95
N ILE JA 187 -22.87 81.24 100.16
CA ILE JA 187 -22.42 80.79 101.48
C ILE JA 187 -21.13 81.56 101.86
N PHE JA 188 -21.02 82.03 103.10
CA PHE JA 188 -19.84 82.83 103.44
C PHE JA 188 -18.96 82.26 104.55
N PHE JA 189 -17.64 82.37 104.37
CA PHE JA 189 -16.68 81.89 105.36
C PHE JA 189 -15.87 83.05 105.90
N ASP JA 190 -15.78 83.15 107.24
CA ASP JA 190 -14.99 84.21 107.88
C ASP JA 190 -13.53 83.80 107.89
N LEU JA 191 -12.64 84.77 107.74
CA LEU JA 191 -11.22 84.43 107.79
C LEU JA 191 -10.67 84.51 109.20
N THR JA 192 -11.54 84.87 110.12
CA THR JA 192 -11.18 84.89 111.52
C THR JA 192 -11.49 83.56 112.17
N ALA JA 193 -11.66 82.53 111.36
CA ALA JA 193 -11.98 81.21 111.87
C ALA JA 193 -11.09 80.14 111.28
N VAL JA 194 -10.44 79.38 112.15
CA VAL JA 194 -9.51 78.37 111.66
C VAL JA 194 -10.19 77.21 110.92
N THR JA 195 -11.38 76.82 111.35
CA THR JA 195 -12.24 75.92 110.60
C THR JA 195 -13.69 76.41 110.67
N ALA JA 196 -14.55 75.85 109.83
CA ALA JA 196 -15.95 76.24 109.85
C ALA JA 196 -16.84 75.30 109.08
N LEU JA 197 -18.12 75.32 109.42
CA LEU JA 197 -19.09 74.53 108.68
C LEU JA 197 -20.18 75.43 108.14
N ARG JA 198 -20.57 75.17 106.90
CA ARG JA 198 -21.79 75.77 106.35
C ARG JA 198 -22.69 74.69 105.74
N SER JA 199 -23.94 74.63 106.21
CA SER JA 199 -24.89 73.65 105.70
C SER JA 199 -25.74 74.22 104.58
N ALA JA 200 -26.03 73.38 103.59
CA ALA JA 200 -27.03 73.70 102.59
C ALA JA 200 -28.07 72.60 102.63
N GLY JA 201 -29.32 72.96 102.87
CA GLY JA 201 -30.38 71.97 103.01
C GLY JA 201 -30.66 71.30 101.69
N LEU JA 202 -30.99 70.01 101.72
CA LEU JA 202 -31.28 69.29 100.50
C LEU JA 202 -32.76 68.96 100.37
N THR JA 203 -33.58 69.58 101.23
CA THR JA 203 -35.03 69.44 101.16
C THR JA 203 -35.59 70.41 100.11
N LEU JA 204 -35.36 70.07 98.84
CA LEU JA 204 -35.47 71.01 97.72
C LEU JA 204 -36.88 71.41 97.33
N GLY JA 205 -37.88 70.73 97.90
CA GLY JA 205 -39.26 71.06 97.64
C GLY JA 205 -39.79 72.20 98.50
N GLN JA 206 -39.01 72.58 99.50
CA GLN JA 206 -39.33 73.66 100.41
C GLN JA 206 -39.40 74.99 99.62
N VAL JA 207 -40.41 75.81 99.89
CA VAL JA 207 -40.48 77.11 99.24
C VAL JA 207 -39.60 78.13 99.95
N PRO JA 208 -38.70 78.78 99.19
CA PRO JA 208 -37.73 79.75 99.73
C PRO JA 208 -38.41 81.00 100.25
N MET JA 209 -37.81 81.68 101.22
CA MET JA 209 -38.47 82.85 101.76
C MET JA 209 -37.53 84.03 101.89
N VAL JA 210 -38.10 85.22 101.87
CA VAL JA 210 -37.38 86.46 102.11
C VAL JA 210 -38.26 87.16 103.12
N GLY JA 211 -37.91 86.99 104.38
CA GLY JA 211 -38.71 87.57 105.44
C GLY JA 211 -39.99 86.76 105.50
N THR JA 212 -41.12 87.44 105.44
CA THR JA 212 -42.41 86.77 105.47
C THR JA 212 -42.88 86.41 104.08
N THR JA 213 -42.11 86.82 103.06
CA THR JA 213 -42.50 86.63 101.65
C THR JA 213 -42.09 85.25 101.09
N LYS JA 214 -43.07 84.45 100.65
CA LYS JA 214 -42.80 83.20 99.98
C LYS JA 214 -42.44 83.47 98.52
N VAL JA 215 -41.37 82.87 98.04
CA VAL JA 215 -40.99 83.01 96.63
C VAL JA 215 -41.17 81.68 95.90
N TYR JA 216 -42.36 81.43 95.37
CA TYR JA 216 -42.62 80.22 94.61
C TYR JA 216 -41.78 80.23 93.36
N ASN JA 217 -41.17 79.09 93.05
CA ASN JA 217 -40.36 78.96 91.86
C ASN JA 217 -40.46 77.56 91.28
N LEU JA 218 -40.11 77.44 90.00
CA LEU JA 218 -40.30 76.18 89.28
C LEU JA 218 -39.51 75.00 89.86
N ASN JA 219 -38.27 75.24 90.25
CA ASN JA 219 -37.46 74.14 90.78
C ASN JA 219 -38.03 73.50 92.02
N SER JA 220 -38.34 74.30 93.05
CA SER JA 220 -38.93 73.72 94.24
C SER JA 220 -40.28 73.09 93.90
N THR JA 221 -41.02 73.72 92.98
CA THR JA 221 -42.29 73.16 92.55
C THR JA 221 -42.10 71.76 91.97
N LEU JA 222 -41.10 71.60 91.10
CA LEU JA 222 -40.81 70.30 90.50
C LEU JA 222 -40.49 69.25 91.56
N VAL JA 223 -39.56 69.56 92.46
CA VAL JA 223 -39.22 68.61 93.51
C VAL JA 223 -40.47 68.22 94.33
N SER JA 224 -41.40 69.14 94.52
CA SER JA 224 -42.58 68.82 95.32
C SER JA 224 -43.47 67.74 94.66
N CYS JA 225 -43.23 67.48 93.38
CA CYS JA 225 -43.99 66.50 92.62
C CYS JA 225 -43.62 65.07 92.98
N VAL JA 226 -42.66 64.96 93.89
CA VAL JA 226 -42.13 63.68 94.31
C VAL JA 226 -42.19 63.63 95.86
N LEU JA 227 -42.18 62.45 96.45
CA LEU JA 227 -42.24 62.36 97.91
C LEU JA 227 -40.87 62.56 98.56
N GLY JA 228 -39.83 62.18 97.83
CA GLY JA 228 -38.45 62.28 98.31
C GLY JA 228 -37.49 61.80 97.24
N MET JA 229 -36.19 61.93 97.50
CA MET JA 229 -35.18 61.58 96.51
C MET JA 229 -33.90 61.18 97.19
N GLY JA 230 -33.20 60.26 96.55
CA GLY JA 230 -31.87 59.86 96.97
C GLY JA 230 -30.99 59.84 95.74
N GLY JA 231 -29.70 59.66 95.92
CA GLY JA 231 -28.83 59.57 94.76
C GLY JA 231 -27.65 60.48 94.94
N THR JA 232 -27.06 60.89 93.84
CA THR JA 232 -25.89 61.75 93.92
C THR JA 232 -26.18 63.16 93.41
N VAL JA 233 -25.82 64.15 94.20
CA VAL JA 233 -25.96 65.55 93.78
C VAL JA 233 -24.78 65.96 92.89
N ARG JA 234 -25.05 66.30 91.63
CA ARG JA 234 -24.00 66.78 90.73
C ARG JA 234 -24.16 68.27 90.64
N GLY JA 235 -23.09 69.01 90.91
CA GLY JA 235 -23.20 70.45 90.84
C GLY JA 235 -21.89 71.12 90.52
N ARG JA 236 -21.88 72.45 90.63
CA ARG JA 236 -20.67 73.22 90.44
C ARG JA 236 -20.48 74.15 91.62
N VAL JA 237 -19.23 74.39 91.98
CA VAL JA 237 -18.88 75.30 93.06
C VAL JA 237 -18.10 76.46 92.49
N HIS JA 238 -18.50 77.67 92.82
CA HIS JA 238 -17.73 78.84 92.44
C HIS JA 238 -17.15 79.53 93.66
N ILE JA 239 -15.85 79.75 93.63
CA ILE JA 239 -15.19 80.51 94.69
C ILE JA 239 -15.07 81.96 94.28
N CYS JA 240 -15.86 82.81 94.92
CA CYS JA 240 -16.04 84.21 94.49
C CYS JA 240 -15.24 85.23 95.29
N ALA JA 241 -13.92 85.15 95.17
CA ALA JA 241 -13.05 86.05 95.88
C ALA JA 241 -11.85 86.38 94.99
N PRO JA 242 -11.08 87.42 95.38
CA PRO JA 242 -9.85 87.82 94.67
C PRO JA 242 -8.81 86.67 94.60
N ILE JA 243 -7.88 86.69 93.62
CA ILE JA 243 -6.84 85.64 93.51
C ILE JA 243 -6.01 85.47 94.76
N PHE JA 244 -5.94 86.51 95.58
CA PHE JA 244 -5.15 86.43 96.82
C PHE JA 244 -5.90 85.89 98.04
N TYR JA 245 -7.17 85.52 97.87
CA TYR JA 245 -7.93 84.72 98.84
C TYR JA 245 -7.87 83.27 98.39
N SER JA 246 -7.86 82.34 99.34
CA SER JA 246 -7.90 80.93 98.96
C SER JA 246 -8.40 80.07 100.09
N ILE JA 247 -8.90 78.89 99.75
CA ILE JA 247 -9.55 78.06 100.74
C ILE JA 247 -9.51 76.60 100.31
N VAL JA 248 -9.66 75.69 101.26
CA VAL JA 248 -9.83 74.28 100.94
C VAL JA 248 -11.02 73.74 101.68
N LEU JA 249 -11.95 73.10 100.96
CA LEU JA 249 -13.17 72.62 101.54
C LEU JA 249 -13.28 71.12 101.44
N TRP JA 250 -13.82 70.53 102.51
CA TRP JA 250 -14.29 69.14 102.49
C TRP JA 250 -15.80 69.22 102.35
N VAL JA 251 -16.33 68.69 101.24
CA VAL JA 251 -17.76 68.73 100.99
C VAL JA 251 -18.37 67.35 101.13
N VAL JA 252 -19.33 67.19 102.04
CA VAL JA 252 -19.90 65.89 102.31
C VAL JA 252 -21.36 65.97 102.75
N SER JA 253 -22.09 64.89 102.60
CA SER JA 253 -23.49 64.87 103.02
C SER JA 253 -23.67 64.24 104.38
N GLU JA 254 -24.50 64.84 105.21
CA GLU JA 254 -24.78 64.29 106.54
C GLU JA 254 -26.27 64.27 106.88
N TRP JA 255 -26.66 63.38 107.78
CA TRP JA 255 -28.06 63.23 108.13
C TRP JA 255 -28.31 63.69 109.56
N ASN JA 256 -29.32 64.53 109.73
CA ASN JA 256 -29.79 64.95 111.05
C ASN JA 256 -28.69 65.43 112.00
N GLY JA 257 -28.18 66.62 111.73
CA GLY JA 257 -27.07 67.15 112.51
C GLY JA 257 -25.75 66.82 111.84
N THR JA 258 -24.66 67.04 112.56
CA THR JA 258 -23.34 66.75 112.01
C THR JA 258 -22.53 66.06 113.08
N THR JA 259 -21.53 65.28 112.67
CA THR JA 259 -20.66 64.65 113.64
C THR JA 259 -19.74 65.70 114.23
N MET JA 260 -19.31 65.46 115.45
CA MET JA 260 -18.44 66.40 116.13
C MET JA 260 -16.99 65.87 116.11
N ASP JA 261 -16.82 64.65 115.59
CA ASP JA 261 -15.53 63.97 115.58
C ASP JA 261 -14.87 64.07 114.21
N TRP JA 262 -13.80 64.85 114.12
CA TRP JA 262 -13.09 65.07 112.87
C TRP JA 262 -12.67 63.77 112.18
N ASN JA 263 -12.36 62.74 112.97
CA ASN JA 263 -11.96 61.49 112.36
C ASN JA 263 -13.14 60.76 111.71
N GLU JA 264 -14.31 60.84 112.34
CA GLU JA 264 -15.49 60.23 111.73
C GLU JA 264 -15.81 60.97 110.44
N LEU JA 265 -15.68 62.28 110.49
CA LEU JA 265 -16.02 63.14 109.36
C LEU JA 265 -15.31 62.69 108.11
N PHE JA 266 -14.04 62.30 108.25
CA PHE JA 266 -13.24 61.93 107.09
C PHE JA 266 -13.32 60.47 106.70
N LYS JA 267 -14.18 59.73 107.40
CA LYS JA 267 -14.51 58.37 107.00
C LYS JA 267 -15.74 58.38 106.10
N TYR JA 268 -16.39 59.53 105.98
CA TYR JA 268 -17.52 59.70 105.06
C TYR JA 268 -17.05 59.89 103.64
N PRO JA 269 -17.93 59.61 102.66
CA PRO JA 269 -17.60 59.79 101.25
C PRO JA 269 -17.84 61.22 100.78
N GLY JA 270 -16.84 62.06 100.98
CA GLY JA 270 -16.87 63.45 100.51
C GLY JA 270 -15.87 63.74 99.42
N VAL JA 271 -15.76 65.01 99.05
CA VAL JA 271 -14.83 65.46 98.02
C VAL JA 271 -14.12 66.73 98.47
N TYR JA 272 -12.91 66.97 97.96
CA TYR JA 272 -12.20 68.20 98.30
C TYR JA 272 -12.44 69.25 97.22
N VAL JA 273 -12.61 70.51 97.63
CA VAL JA 273 -12.79 71.58 96.68
C VAL JA 273 -11.79 72.66 97.00
N GLU JA 274 -10.87 72.93 96.07
CA GLU JA 274 -9.82 73.94 96.24
C GLU JA 274 -10.07 75.13 95.35
N GLU JA 275 -10.94 74.96 94.35
CA GLU JA 275 -11.12 75.97 93.32
C GLU JA 275 -12.41 75.74 92.52
N ASP JA 276 -12.78 76.74 91.71
CA ASP JA 276 -13.94 76.61 90.81
C ASP JA 276 -13.94 75.19 90.19
N GLY JA 277 -15.10 74.56 90.13
CA GLY JA 277 -15.18 73.23 89.53
C GLY JA 277 -16.50 72.54 89.79
N SER JA 278 -16.68 71.34 89.22
CA SER JA 278 -17.87 70.55 89.50
C SER JA 278 -17.59 69.56 90.63
N PHE JA 279 -18.65 68.97 91.19
CA PHE JA 279 -18.55 68.02 92.29
C PHE JA 279 -19.70 67.04 92.24
N GLU JA 280 -19.49 65.84 92.78
CA GLU JA 280 -20.56 64.87 92.98
C GLU JA 280 -20.53 64.36 94.41
N VAL JA 281 -21.62 64.53 95.14
CA VAL JA 281 -21.69 64.01 96.50
C VAL JA 281 -22.93 63.16 96.67
N LYS JA 282 -22.77 61.99 97.28
CA LYS JA 282 -23.89 61.09 97.53
C LYS JA 282 -24.76 61.65 98.65
N ILE JA 283 -26.08 61.65 98.42
CA ILE JA 283 -27.04 62.04 99.45
C ILE JA 283 -27.09 60.94 100.51
N ARG JA 284 -26.67 61.29 101.72
CA ARG JA 284 -26.52 60.34 102.81
C ARG JA 284 -27.75 60.32 103.71
N SER JA 285 -28.35 59.15 103.89
CA SER JA 285 -29.57 59.04 104.71
C SER JA 285 -29.88 57.62 105.11
N PRO JA 286 -30.46 57.45 106.31
CA PRO JA 286 -30.87 56.15 106.86
C PRO JA 286 -31.84 55.43 105.95
N TYR JA 287 -32.52 56.19 105.09
CA TYR JA 287 -33.53 55.66 104.19
C TYR JA 287 -33.06 55.76 102.74
N HIS JA 288 -31.82 56.24 102.57
CA HIS JA 288 -31.20 56.41 101.26
C HIS JA 288 -31.80 57.56 100.46
N ARG JA 289 -32.89 58.11 100.97
CA ARG JA 289 -33.57 59.24 100.36
C ARG JA 289 -33.85 60.30 101.43
N THR JA 290 -33.96 61.56 101.04
CA THR JA 290 -34.41 62.61 101.94
C THR JA 290 -35.79 63.07 101.43
N PRO JA 291 -36.69 63.40 102.36
CA PRO JA 291 -38.03 63.85 101.96
C PRO JA 291 -37.98 65.19 101.22
N ALA JA 292 -38.95 65.34 100.31
CA ALA JA 292 -39.05 66.49 99.42
C ALA JA 292 -39.47 67.77 100.13
N ARG JA 293 -40.33 67.65 101.12
CA ARG JA 293 -40.75 68.81 101.92
C ARG JA 293 -40.78 68.47 103.41
N LEU JA 294 -40.94 69.51 104.23
CA LEU JA 294 -40.95 69.32 105.67
C LEU JA 294 -42.34 69.21 106.27
N LEU JA 295 -42.43 68.54 107.43
CA LEU JA 295 -43.62 68.54 108.26
C LEU JA 295 -43.54 69.60 109.36
N ALA JA 296 -44.66 69.82 110.05
CA ALA JA 296 -44.72 70.87 111.08
C ALA JA 296 -43.60 70.70 112.11
N GLY JA 297 -42.88 71.80 112.36
CA GLY JA 297 -41.81 71.77 113.35
C GLY JA 297 -40.51 71.07 112.97
N GLN JA 298 -40.47 70.50 111.77
CA GLN JA 298 -39.22 69.93 111.28
C GLN JA 298 -38.37 71.07 110.76
N SER JA 299 -37.06 70.84 110.73
CA SER JA 299 -36.10 71.78 110.15
C SER JA 299 -35.35 71.09 109.02
N GLN JA 300 -34.88 71.86 108.08
CA GLN JA 300 -34.20 71.28 106.94
C GLN JA 300 -32.92 70.49 107.33
N ARG JA 301 -32.39 70.81 108.50
CA ARG JA 301 -31.14 70.22 108.98
C ARG JA 301 -31.38 68.86 109.63
N ASP JA 302 -32.65 68.60 109.93
CA ASP JA 302 -33.07 67.33 110.51
C ASP JA 302 -33.02 66.20 109.47
N MET JA 303 -32.92 66.57 108.20
CA MET JA 303 -32.85 65.58 107.14
C MET JA 303 -31.45 65.52 106.54
N SER JA 304 -31.38 65.25 105.24
CA SER JA 304 -30.11 65.21 104.53
C SER JA 304 -29.67 66.62 104.10
N SER JA 305 -28.41 66.95 104.37
CA SER JA 305 -27.85 68.25 104.00
C SER JA 305 -26.53 68.08 103.26
N LEU JA 306 -26.20 69.08 102.46
CA LEU JA 306 -24.92 69.17 101.76
C LEU JA 306 -24.03 70.10 102.56
N ASN JA 307 -23.03 69.54 103.23
CA ASN JA 307 -22.20 70.31 104.17
C ASN JA 307 -20.85 70.76 103.63
N PHE JA 308 -20.54 72.03 103.82
CA PHE JA 308 -19.27 72.59 103.36
C PHE JA 308 -18.37 72.91 104.52
N TYR JA 309 -17.34 72.09 104.72
CA TYR JA 309 -16.40 72.25 105.82
C TYR JA 309 -15.14 72.93 105.33
N ALA JA 310 -14.84 74.10 105.90
CA ALA JA 310 -13.56 74.74 105.63
C ALA JA 310 -12.50 74.05 106.49
N ILE JA 311 -11.62 73.30 105.85
CA ILE JA 311 -10.58 72.56 106.58
C ILE JA 311 -9.19 73.21 106.54
N ALA JA 312 -9.00 74.14 105.61
CA ALA JA 312 -7.77 74.94 105.59
C ALA JA 312 -8.12 76.30 105.03
N GLY JA 313 -8.08 77.31 105.88
CA GLY JA 313 -8.47 78.63 105.46
C GLY JA 313 -9.91 78.94 105.80
N PRO JA 314 -10.46 79.99 105.18
CA PRO JA 314 -9.84 80.81 104.15
C PRO JA 314 -8.69 81.65 104.67
N ILE JA 315 -7.74 81.97 103.79
CA ILE JA 315 -6.64 82.85 104.12
C ILE JA 315 -6.62 84.00 103.14
N ALA JA 316 -6.10 85.12 103.60
CA ALA JA 316 -5.89 86.29 102.76
C ALA JA 316 -4.77 87.10 103.37
N PRO JA 317 -4.17 88.01 102.57
CA PRO JA 317 -3.12 88.89 103.10
C PRO JA 317 -3.76 89.89 104.08
N SER JA 318 -2.97 90.45 104.98
CA SER JA 318 -3.54 91.50 105.83
C SER JA 318 -3.52 92.76 105.02
N GLY JA 319 -4.46 93.66 105.27
CA GLY JA 319 -5.53 93.44 106.21
C GLY JA 319 -6.81 93.40 105.39
N GLU JA 320 -7.12 92.22 104.88
CA GLU JA 320 -8.38 91.99 104.23
C GLU JA 320 -9.40 91.66 105.31
N THR JA 321 -10.67 91.95 105.05
CA THR JA 321 -11.69 91.75 106.08
C THR JA 321 -12.89 91.02 105.52
N ALA JA 322 -13.08 91.14 104.22
CA ALA JA 322 -14.18 90.49 103.52
C ALA JA 322 -14.26 88.99 103.78
N GLN JA 323 -15.49 88.47 103.83
CA GLN JA 323 -15.66 87.04 103.93
C GLN JA 323 -15.42 86.41 102.55
N LEU JA 324 -15.09 85.13 102.51
CA LEU JA 324 -14.91 84.45 101.24
C LEU JA 324 -16.20 83.72 100.91
N PRO JA 325 -16.86 84.13 99.80
CA PRO JA 325 -18.14 83.56 99.38
C PRO JA 325 -17.99 82.35 98.46
N ILE JA 326 -18.88 81.39 98.63
CA ILE JA 326 -18.98 80.19 97.80
C ILE JA 326 -20.38 80.21 97.18
N VAL JA 327 -20.45 80.12 95.85
CA VAL JA 327 -21.76 80.00 95.22
C VAL JA 327 -21.92 78.58 94.69
N VAL JA 328 -22.96 77.88 95.16
CA VAL JA 328 -23.20 76.51 94.71
C VAL JA 328 -24.33 76.42 93.68
N GLN JA 329 -24.10 75.69 92.60
CA GLN JA 329 -25.16 75.39 91.63
C GLN JA 329 -25.42 73.91 91.57
N ILE JA 330 -26.69 73.53 91.60
CA ILE JA 330 -27.07 72.11 91.55
C ILE JA 330 -27.63 71.79 90.19
N ASP JA 331 -26.98 70.86 89.49
CA ASP JA 331 -27.31 70.59 88.09
C ASP JA 331 -28.26 69.42 87.93
N GLU JA 332 -27.99 68.34 88.66
CA GLU JA 332 -28.93 67.23 88.69
C GLU JA 332 -28.71 66.24 89.81
N ILE JA 333 -29.71 65.39 90.03
CA ILE JA 333 -29.55 64.22 90.86
C ILE JA 333 -29.22 63.07 89.92
N VAL JA 334 -27.96 62.64 89.89
CA VAL JA 334 -27.54 61.56 89.02
C VAL JA 334 -27.76 60.23 89.71
N ARG JA 335 -28.04 59.20 88.93
CA ARG JA 335 -28.31 57.88 89.51
C ARG JA 335 -29.36 58.05 90.61
N PRO JA 336 -30.53 58.60 90.22
CA PRO JA 336 -31.55 59.01 91.19
C PRO JA 336 -32.30 57.83 91.79
N ASP JA 337 -32.56 57.90 93.09
CA ASP JA 337 -33.46 56.98 93.76
C ASP JA 337 -34.70 57.75 94.16
N LEU JA 338 -35.71 57.77 93.30
CA LEU JA 338 -36.87 58.58 93.59
C LEU JA 338 -37.95 57.86 94.38
N SER JA 339 -38.72 58.61 95.15
CA SER JA 339 -39.90 58.08 95.81
C SER JA 339 -41.05 58.01 94.80
N LEU JA 340 -42.20 57.55 95.27
CA LEU JA 340 -43.41 57.69 94.48
C LEU JA 340 -43.66 59.13 94.13
N PRO JA 341 -44.31 59.38 92.99
CA PRO JA 341 -44.80 60.74 92.77
C PRO JA 341 -45.73 61.13 93.92
N SER JA 342 -45.74 62.40 94.32
CA SER JA 342 -46.62 62.83 95.39
C SER JA 342 -48.10 62.84 94.97
N PHE JA 343 -48.35 63.11 93.68
CA PHE JA 343 -49.71 63.04 93.14
C PHE JA 343 -49.85 62.04 92.01
N GLU JA 344 -51.03 61.43 91.91
CA GLU JA 344 -51.30 60.51 90.81
C GLU JA 344 -52.01 61.25 89.71
N ASP JA 345 -52.36 60.57 88.63
CA ASP JA 345 -53.09 61.23 87.54
C ASP JA 345 -54.54 61.27 87.93
N ASP JA 346 -54.86 62.20 88.81
CA ASP JA 346 -56.16 62.24 89.44
C ASP JA 346 -56.58 63.69 89.57
N TYR JA 347 -57.78 63.89 90.09
CA TYR JA 347 -58.28 65.21 90.43
C TYR JA 347 -57.55 65.74 91.65
N PHE JA 348 -57.57 67.06 91.81
CA PHE JA 348 -57.09 67.72 93.02
C PHE JA 348 -57.95 68.96 93.28
N VAL JA 349 -57.86 69.49 94.49
CA VAL JA 349 -58.77 70.54 94.89
C VAL JA 349 -58.38 71.86 94.26
N TRP JA 350 -59.37 72.51 93.64
CA TRP JA 350 -59.17 73.85 93.11
C TRP JA 350 -59.67 74.84 94.16
N VAL JA 351 -60.92 74.70 94.55
CA VAL JA 351 -61.50 75.66 95.48
C VAL JA 351 -62.72 75.10 96.22
N ASP JA 352 -62.86 75.48 97.50
CA ASP JA 352 -64.07 75.23 98.26
C ASP JA 352 -64.80 76.54 98.50
N PHE JA 353 -66.09 76.57 98.22
CA PHE JA 353 -66.94 77.68 98.65
C PHE JA 353 -67.82 77.23 99.82
N SER JA 354 -67.92 78.08 100.83
CA SER JA 354 -68.70 77.74 102.02
C SER JA 354 -69.23 79.00 102.68
N GLU JA 355 -70.08 78.80 103.70
CA GLU JA 355 -70.55 79.90 104.51
C GLU JA 355 -71.22 80.98 103.65
N PHE JA 356 -72.18 80.58 102.83
CA PHE JA 356 -72.88 81.52 101.94
C PHE JA 356 -73.80 82.44 102.73
N THR JA 357 -73.82 83.72 102.38
CA THR JA 357 -74.66 84.66 103.13
C THR JA 357 -75.90 85.04 102.34
N LEU JA 358 -75.83 84.87 101.03
CA LEU JA 358 -76.96 85.17 100.15
C LEU JA 358 -77.39 83.91 99.44
N ASP JA 359 -78.70 83.78 99.21
CA ASP JA 359 -79.22 82.65 98.45
C ASP JA 359 -78.81 82.72 96.98
N LYS JA 360 -78.82 83.92 96.41
CA LYS JA 360 -78.34 84.12 95.05
C LYS JA 360 -76.84 84.42 95.02
N GLU JA 361 -76.07 83.52 94.42
CA GLU JA 361 -74.62 83.68 94.35
C GLU JA 361 -74.20 83.33 92.93
N GLU JA 362 -73.31 84.12 92.36
CA GLU JA 362 -72.82 83.77 91.03
C GLU JA 362 -71.29 83.94 90.93
N ILE JA 363 -70.60 82.82 90.76
CA ILE JA 363 -69.17 82.80 90.70
C ILE JA 363 -68.68 82.80 89.24
N GLU JA 364 -68.08 83.91 88.81
CA GLU JA 364 -67.54 83.97 87.44
C GLU JA 364 -66.17 83.35 87.33
N ILE JA 365 -66.01 82.45 86.37
CA ILE JA 365 -64.75 81.78 86.13
C ILE JA 365 -64.16 82.29 84.81
N GLY JA 366 -64.98 82.30 83.78
CA GLY JA 366 -64.57 82.74 82.46
C GLY JA 366 -63.72 81.70 81.76
N SER JA 367 -62.47 82.06 81.50
CA SER JA 367 -61.56 81.12 80.86
C SER JA 367 -60.27 80.98 81.65
N ARG JA 368 -60.32 81.32 82.94
CA ARG JA 368 -59.09 81.38 83.75
C ARG JA 368 -59.05 80.34 84.86
N PHE JA 369 -57.84 79.91 85.20
CA PHE JA 369 -57.64 79.19 86.43
C PHE JA 369 -56.94 80.15 87.38
N PHE JA 370 -57.57 80.49 88.50
CA PHE JA 370 -57.06 81.57 89.33
C PHE JA 370 -57.59 81.52 90.76
N ASP JA 371 -57.16 82.48 91.59
CA ASP JA 371 -57.65 82.60 92.96
C ASP JA 371 -58.94 83.42 93.04
N PHE JA 372 -59.97 82.85 93.64
CA PHE JA 372 -61.25 83.53 93.82
C PHE JA 372 -61.27 84.45 95.02
N THR JA 373 -62.11 85.47 94.98
CA THR JA 373 -62.43 86.26 96.17
C THR JA 373 -63.93 86.51 96.24
N SER JA 374 -64.49 86.59 97.45
CA SER JA 374 -65.92 86.88 97.59
C SER JA 374 -66.22 87.70 98.83
N ASN JA 375 -67.18 88.61 98.72
CA ASN JA 375 -67.63 89.41 99.87
C ASN JA 375 -68.80 88.71 100.52
N THR JA 376 -69.38 87.76 99.82
CA THR JA 376 -70.65 87.17 100.23
C THR JA 376 -70.50 85.72 100.69
N CYS JA 377 -69.32 85.16 100.50
CA CYS JA 377 -69.04 83.80 100.97
C CYS JA 377 -67.58 83.54 101.21
N ARG JA 378 -67.29 82.39 101.82
CA ARG JA 378 -65.91 82.03 102.17
C ARG JA 378 -65.23 81.24 101.08
N VAL JA 379 -64.14 81.79 100.58
CA VAL JA 379 -63.34 81.10 99.57
C VAL JA 379 -62.14 80.42 100.22
N SER JA 380 -61.95 79.14 99.95
CA SER JA 380 -60.76 78.43 100.40
C SER JA 380 -60.05 77.83 99.20
N MET JA 381 -58.89 78.38 98.85
CA MET JA 381 -58.21 77.93 97.66
C MET JA 381 -57.34 76.68 97.94
N GLY JA 382 -57.19 75.80 96.96
CA GLY JA 382 -56.31 74.66 97.11
C GLY JA 382 -54.86 75.03 96.81
N GLU JA 383 -53.92 74.40 97.51
CA GLU JA 383 -52.50 74.55 97.21
C GLU JA 383 -51.90 73.20 96.77
N ASN JA 384 -51.44 73.12 95.52
CA ASN JA 384 -50.84 71.92 94.97
C ASN JA 384 -49.87 72.27 93.85
N PRO JA 385 -49.11 71.29 93.37
CA PRO JA 385 -48.10 71.61 92.36
C PRO JA 385 -48.69 72.24 91.10
N PHE JA 386 -49.86 71.81 90.69
CA PHE JA 386 -50.43 72.39 89.49
C PHE JA 386 -50.61 73.89 89.64
N ALA JA 387 -51.20 74.33 90.76
CA ALA JA 387 -51.42 75.75 91.02
C ALA JA 387 -50.10 76.50 91.04
N ALA JA 388 -49.06 75.87 91.59
CA ALA JA 388 -47.75 76.49 91.62
C ALA JA 388 -47.18 76.62 90.22
N MET JA 389 -47.36 75.59 89.40
CA MET JA 389 -46.88 75.67 88.03
C MET JA 389 -47.57 76.80 87.26
N ILE JA 390 -48.86 77.01 87.51
CA ILE JA 390 -49.59 78.11 86.90
C ILE JA 390 -48.93 79.45 87.29
N ALA JA 391 -48.50 79.51 88.54
CA ALA JA 391 -47.94 80.72 89.10
C ALA JA 391 -46.51 80.94 88.66
N CYS JA 392 -45.83 79.88 88.27
CA CYS JA 392 -44.41 79.98 87.95
C CYS JA 392 -44.13 79.99 86.47
N HIS JA 393 -45.15 80.31 85.68
CA HIS JA 393 -44.95 80.50 84.26
C HIS JA 393 -45.66 81.75 83.80
N GLY JA 394 -45.13 82.35 82.74
CA GLY JA 394 -45.72 83.55 82.18
C GLY JA 394 -47.07 83.30 81.54
N LEU JA 395 -47.15 82.22 80.77
CA LEU JA 395 -48.39 81.83 80.09
C LEU JA 395 -48.68 80.35 80.28
N HIS JA 396 -49.95 79.98 80.18
CA HIS JA 396 -50.35 78.57 80.21
C HIS JA 396 -51.57 78.37 79.33
N SER JA 397 -51.86 77.12 78.99
CA SER JA 397 -53.04 76.81 78.20
C SER JA 397 -53.39 75.33 78.28
N GLY JA 398 -54.68 75.03 78.34
CA GLY JA 398 -55.10 73.65 78.39
C GLY JA 398 -56.57 73.47 78.71
N VAL JA 399 -56.94 72.23 79.01
CA VAL JA 399 -58.32 71.97 79.39
C VAL JA 399 -58.36 71.28 80.73
N LEU JA 400 -59.26 71.74 81.60
CA LEU JA 400 -59.46 71.15 82.90
C LEU JA 400 -60.79 70.41 82.95
N ASP JA 401 -60.76 69.18 83.41
CA ASP JA 401 -62.01 68.49 83.73
C ASP JA 401 -62.39 68.84 85.17
N LEU JA 402 -63.63 69.26 85.38
CA LEU JA 402 -64.09 69.63 86.71
C LEU JA 402 -65.05 68.61 87.30
N LYS JA 403 -64.91 68.35 88.60
CA LYS JA 403 -65.91 67.62 89.38
C LYS JA 403 -66.42 68.57 90.44
N LEU JA 404 -67.73 68.75 90.49
CA LEU JA 404 -68.32 69.57 91.53
C LEU JA 404 -69.00 68.65 92.54
N GLN JA 405 -68.77 68.90 93.82
CA GLN JA 405 -69.42 68.15 94.89
C GLN JA 405 -69.98 69.11 95.91
N TRP JA 406 -71.12 68.77 96.50
CA TRP JA 406 -71.69 69.63 97.54
C TRP JA 406 -72.53 68.88 98.55
N SER JA 407 -72.56 69.39 99.78
CA SER JA 407 -73.38 68.81 100.83
C SER JA 407 -74.43 69.84 101.27
N LEU JA 408 -75.57 69.37 101.78
CA LEU JA 408 -76.63 70.29 102.18
C LEU JA 408 -76.51 70.88 103.60
N ASN JA 409 -76.97 72.11 103.75
CA ASN JA 409 -77.01 72.80 105.04
C ASN JA 409 -78.36 72.68 105.71
N THR JA 410 -79.41 72.63 104.88
CA THR JA 410 -80.78 72.41 105.33
C THR JA 410 -81.19 70.93 105.25
N GLU JA 411 -82.41 70.61 105.70
CA GLU JA 411 -82.90 69.23 105.60
C GLU JA 411 -83.13 68.80 104.14
N PHE JA 412 -82.69 67.58 103.81
CA PHE JA 412 -82.79 67.08 102.44
C PHE JA 412 -84.21 67.18 101.87
N GLY JA 413 -85.19 66.85 102.70
CA GLY JA 413 -86.58 66.91 102.27
C GLY JA 413 -87.10 68.30 101.96
N LYS JA 414 -86.40 69.32 102.42
CA LYS JA 414 -86.84 70.70 102.23
C LYS JA 414 -86.11 71.35 101.07
N SER JA 415 -85.10 70.67 100.55
CA SER JA 415 -84.22 71.24 99.52
C SER JA 415 -84.91 71.56 98.19
N SER JA 416 -84.40 72.59 97.53
CA SER JA 416 -84.88 72.97 96.21
C SER JA 416 -83.75 73.67 95.47
N GLY JA 417 -83.96 73.98 94.20
CA GLY JA 417 -82.99 74.75 93.46
C GLY JA 417 -81.89 73.92 92.82
N SER JA 418 -80.79 74.59 92.46
CA SER JA 418 -79.76 74.00 91.62
C SER JA 418 -78.36 74.62 91.74
N VAL JA 419 -77.37 73.82 91.37
CA VAL JA 419 -76.07 74.33 90.98
C VAL JA 419 -76.10 74.37 89.45
N THR JA 420 -76.06 75.56 88.88
CA THR JA 420 -76.11 75.70 87.43
C THR JA 420 -74.75 76.11 86.87
N ILE JA 421 -74.31 75.43 85.82
CA ILE JA 421 -73.09 75.80 85.15
C ILE JA 421 -73.44 76.51 83.85
N THR JA 422 -73.24 77.83 83.83
CA THR JA 422 -73.39 78.58 82.61
C THR JA 422 -72.16 78.48 81.70
N LYS JA 423 -72.35 78.01 80.47
CA LYS JA 423 -71.25 77.94 79.51
C LYS JA 423 -71.56 78.80 78.27
N LEU JA 424 -70.74 79.81 78.05
CA LEU JA 424 -70.95 80.71 76.93
C LEU JA 424 -69.71 80.76 76.06
N VAL JA 425 -69.85 81.41 74.91
CA VAL JA 425 -68.69 81.82 74.13
C VAL JA 425 -68.84 83.30 73.94
N GLY JA 426 -67.89 84.05 74.49
CA GLY JA 426 -67.97 85.49 74.49
C GLY JA 426 -67.97 86.00 75.90
N ASP JA 427 -69.04 86.68 76.29
CA ASP JA 427 -69.22 87.16 77.65
C ASP JA 427 -70.71 87.12 78.04
N LYS JA 428 -70.99 87.48 79.29
CA LYS JA 428 -72.35 87.44 79.79
C LYS JA 428 -73.26 88.31 78.91
N ALA JA 429 -72.72 89.39 78.39
CA ALA JA 429 -73.51 90.39 77.65
C ALA JA 429 -73.89 90.03 76.20
N MET JA 430 -72.95 89.49 75.44
CA MET JA 430 -73.17 89.27 74.01
C MET JA 430 -72.83 87.85 73.57
N GLY JA 431 -72.65 86.94 74.52
CA GLY JA 431 -72.18 85.61 74.21
C GLY JA 431 -73.14 84.65 73.54
N LEU JA 432 -72.58 83.55 73.04
CA LEU JA 432 -73.37 82.47 72.47
C LEU JA 432 -73.53 81.39 73.51
N ASP JA 433 -74.59 80.60 73.41
CA ASP JA 433 -74.89 79.58 74.43
C ASP JA 433 -74.31 78.22 74.12
N GLY JA 434 -73.47 77.73 75.03
CA GLY JA 434 -72.83 76.44 74.88
C GLY JA 434 -73.50 75.38 75.72
N PRO JA 435 -72.69 74.43 76.21
CA PRO JA 435 -73.20 73.29 77.00
C PRO JA 435 -73.45 73.69 78.46
N SER JA 436 -74.28 74.71 78.66
CA SER JA 436 -74.74 75.09 79.99
C SER JA 436 -75.50 73.92 80.57
N HIS JA 437 -75.61 73.88 81.88
CA HIS JA 437 -75.96 72.63 82.52
C HIS JA 437 -76.61 72.92 83.86
N VAL JA 438 -77.81 72.36 84.07
CA VAL JA 438 -78.53 72.55 85.32
C VAL JA 438 -78.49 71.30 86.19
N PHE JA 439 -77.79 71.37 87.31
CA PHE JA 439 -77.78 70.28 88.27
C PHE JA 439 -78.75 70.55 89.41
N ALA JA 440 -79.87 69.83 89.44
CA ALA JA 440 -80.77 69.97 90.56
C ALA JA 440 -79.95 69.75 91.82
N ILE JA 441 -80.18 70.58 92.83
CA ILE JA 441 -79.36 70.52 94.04
C ILE JA 441 -79.30 69.12 94.65
N GLN JA 442 -80.35 68.32 94.46
CA GLN JA 442 -80.42 66.96 95.01
C GLN JA 442 -79.44 65.98 94.36
N LYS JA 443 -78.90 66.32 93.19
CA LYS JA 443 -77.85 65.50 92.56
C LYS JA 443 -76.62 65.43 93.43
N LEU JA 444 -76.31 66.54 94.11
CA LEU JA 444 -75.22 66.57 95.07
C LEU JA 444 -73.83 66.44 94.42
N GLU JA 445 -73.79 66.41 93.09
CA GLU JA 445 -72.53 66.44 92.36
C GLU JA 445 -72.77 66.67 90.88
N GLY JA 446 -71.74 67.08 90.16
CA GLY JA 446 -71.84 67.32 88.74
C GLY JA 446 -70.47 67.47 88.11
N THR JA 447 -70.41 67.37 86.78
CA THR JA 447 -69.13 67.45 86.08
C THR JA 447 -69.20 68.42 84.91
N THR JA 448 -68.06 69.00 84.55
CA THR JA 448 -67.98 69.85 83.39
C THR JA 448 -66.52 70.00 82.92
N GLU JA 449 -66.31 70.49 81.70
CA GLU JA 449 -64.97 70.80 81.26
C GLU JA 449 -64.79 72.30 81.34
N LEU JA 450 -63.56 72.77 81.49
CA LEU JA 450 -63.26 74.21 81.39
C LEU JA 450 -62.08 74.46 80.47
N LEU JA 451 -62.29 75.27 79.44
CA LEU JA 451 -61.17 75.68 78.60
C LEU JA 451 -60.39 76.79 79.28
N VAL JA 452 -59.13 76.53 79.60
CA VAL JA 452 -58.24 77.55 80.12
C VAL JA 452 -57.38 78.05 78.96
N GLY JA 453 -57.80 79.16 78.37
CA GLY JA 453 -57.17 79.67 77.17
C GLY JA 453 -58.05 80.70 76.51
N ASN JA 454 -57.78 80.99 75.24
CA ASN JA 454 -58.52 81.99 74.50
C ASN JA 454 -58.09 82.01 73.04
N PHE JA 455 -58.67 82.90 72.25
CA PHE JA 455 -58.39 82.94 70.82
C PHE JA 455 -56.91 83.11 70.49
N ALA JA 456 -56.16 83.79 71.37
CA ALA JA 456 -54.74 84.01 71.13
C ALA JA 456 -53.90 82.77 71.39
N GLY JA 457 -54.34 81.94 72.35
CA GLY JA 457 -53.75 80.63 72.55
C GLY JA 457 -53.27 80.29 73.94
N ALA JA 458 -53.22 81.28 74.82
CA ALA JA 458 -52.67 81.09 76.16
C ALA JA 458 -53.10 82.20 77.10
N ASN JA 459 -53.12 81.91 78.40
CA ASN JA 459 -53.49 82.90 79.41
C ASN JA 459 -52.27 83.34 80.18
N PRO JA 460 -52.15 84.65 80.45
CA PRO JA 460 -51.19 85.18 81.42
C PRO JA 460 -51.67 84.86 82.83
N ASN JA 461 -50.81 85.00 83.82
CA ASN JA 461 -51.24 84.74 85.18
C ASN JA 461 -51.75 86.01 85.85
N THR JA 462 -52.52 86.78 85.11
CA THR JA 462 -53.11 88.03 85.56
C THR JA 462 -54.51 88.11 85.00
N ARG JA 463 -55.24 89.17 85.34
CA ARG JA 463 -56.50 89.43 84.67
C ARG JA 463 -56.17 89.93 83.25
N PHE JA 464 -57.00 89.52 82.29
CA PHE JA 464 -56.81 89.93 80.90
C PHE JA 464 -58.20 89.88 80.26
N SER JA 465 -58.35 90.49 79.10
CA SER JA 465 -59.62 90.43 78.39
C SER JA 465 -59.42 89.97 76.94
N LEU JA 466 -59.57 88.67 76.70
CA LEU JA 466 -59.40 88.11 75.35
C LEU JA 466 -60.55 87.16 75.04
N TYR JA 467 -61.25 87.41 73.93
CA TYR JA 467 -62.38 86.57 73.52
C TYR JA 467 -62.11 85.07 73.69
N SER JA 468 -62.98 84.41 74.42
CA SER JA 468 -62.85 82.97 74.64
C SER JA 468 -64.17 82.37 75.10
N ARG JA 469 -64.16 81.09 75.41
CA ARG JA 469 -65.31 80.50 76.09
C ARG JA 469 -65.39 81.07 77.50
N TRP JA 470 -66.56 81.00 78.10
CA TRP JA 470 -66.82 81.68 79.36
C TRP JA 470 -67.68 80.82 80.25
N MET JA 471 -67.25 80.64 81.50
CA MET JA 471 -67.97 79.79 82.44
C MET JA 471 -68.35 80.51 83.72
N ALA JA 472 -69.49 80.14 84.31
CA ALA JA 472 -69.92 80.67 85.60
C ALA JA 472 -70.69 79.64 86.35
N ILE JA 473 -70.59 79.68 87.68
CA ILE JA 473 -71.38 78.79 88.51
C ILE JA 473 -72.45 79.66 89.14
N LYS JA 474 -73.72 79.24 89.02
CA LYS JA 474 -74.87 79.98 89.55
C LYS JA 474 -75.62 79.20 90.63
N LEU JA 475 -75.56 79.70 91.86
CA LEU JA 475 -76.35 79.16 92.96
C LEU JA 475 -77.65 79.97 93.15
N ASP JA 476 -78.78 79.28 93.32
CA ASP JA 476 -80.04 80.01 93.61
C ASP JA 476 -80.55 79.78 95.04
N GLN JA 477 -79.97 78.78 95.69
CA GLN JA 477 -80.33 78.42 97.04
C GLN JA 477 -79.07 78.17 97.83
N ALA JA 478 -78.12 79.09 97.67
CA ALA JA 478 -76.78 78.90 98.22
C ALA JA 478 -76.75 78.66 99.71
N LYS JA 479 -77.69 79.25 100.45
CA LYS JA 479 -77.72 79.11 101.91
C LYS JA 479 -78.03 77.68 102.31
N SER JA 480 -78.55 76.89 101.38
CA SER JA 480 -78.86 75.47 101.61
C SER JA 480 -77.64 74.59 101.38
N ILE JA 481 -76.52 75.19 101.03
CA ILE JA 481 -75.31 74.43 100.75
C ILE JA 481 -74.26 74.62 101.84
N LYS JA 482 -73.81 73.54 102.44
CA LYS JA 482 -72.79 73.67 103.48
C LYS JA 482 -71.42 73.87 102.87
N VAL JA 483 -71.16 73.18 101.76
CA VAL JA 483 -69.93 73.38 101.00
C VAL JA 483 -70.09 72.99 99.53
N LEU JA 484 -69.49 73.80 98.66
CA LEU JA 484 -69.39 73.48 97.24
C LEU JA 484 -67.91 73.31 96.96
N ARG JA 485 -67.50 72.09 96.61
CA ARG JA 485 -66.09 71.83 96.32
C ARG JA 485 -65.89 71.65 94.84
N VAL JA 486 -64.86 72.29 94.29
CA VAL JA 486 -64.52 72.13 92.90
C VAL JA 486 -63.15 71.48 92.71
N LEU JA 487 -63.14 70.24 92.19
CA LEU JA 487 -61.88 69.54 91.86
C LEU JA 487 -61.60 69.63 90.38
N CYS JA 488 -60.33 69.67 90.00
CA CYS JA 488 -59.98 69.66 88.58
C CYS JA 488 -58.90 68.62 88.27
N LYS JA 489 -58.80 68.23 87.01
CA LYS JA 489 -57.85 67.23 86.55
C LYS JA 489 -57.45 67.63 85.13
N PRO JA 490 -56.24 68.16 84.97
CA PRO JA 490 -55.80 68.66 83.66
C PRO JA 490 -55.78 67.53 82.63
N ARG JA 491 -56.34 67.81 81.46
CA ARG JA 491 -56.25 66.89 80.33
C ARG JA 491 -54.84 66.92 79.79
N PRO JA 492 -54.39 65.79 79.28
CA PRO JA 492 -53.02 65.63 78.81
C PRO JA 492 -52.67 66.75 77.86
N GLY JA 493 -51.48 67.30 78.00
CA GLY JA 493 -51.04 68.35 77.10
C GLY JA 493 -51.29 69.74 77.64
N PHE JA 494 -51.56 69.84 78.94
CA PHE JA 494 -51.71 71.15 79.55
C PHE JA 494 -50.34 71.82 79.53
N SER JA 495 -50.25 72.99 78.90
CA SER JA 495 -48.96 73.57 78.58
C SER JA 495 -48.59 74.83 79.33
N PHE JA 496 -47.32 74.96 79.67
CA PHE JA 496 -46.80 76.14 80.33
C PHE JA 496 -45.69 76.79 79.51
N TYR JA 497 -45.65 78.12 79.49
CA TYR JA 497 -44.68 78.84 78.69
C TYR JA 497 -43.89 79.81 79.55
N GLY JA 498 -42.56 79.81 79.37
CA GLY JA 498 -41.70 80.79 80.04
C GLY JA 498 -41.58 80.69 81.55
N ARG JA 499 -40.62 79.91 82.04
CA ARG JA 499 -40.44 79.74 83.48
C ARG JA 499 -40.11 81.06 84.14
N THR JA 500 -40.72 81.28 85.30
CA THR JA 500 -40.54 82.49 86.08
C THR JA 500 -40.84 82.21 87.57
N SER JA 501 -41.08 83.25 88.34
CA SER JA 501 -41.37 83.05 89.75
C SER JA 501 -42.54 83.92 90.19
N PHE JA 502 -42.94 83.73 91.45
CA PHE JA 502 -44.13 84.37 91.96
C PHE JA 502 -44.01 84.63 93.47
N PRO JA 503 -43.58 85.84 93.84
CA PRO JA 503 -43.52 86.25 95.25
C PRO JA 503 -44.88 86.68 95.78
N VAL JA 504 -45.23 86.16 96.97
CA VAL JA 504 -46.44 86.57 97.69
C VAL JA 504 -46.15 86.79 99.17
N GLY KA 1 -81.65 75.62 25.92
CA GLY KA 1 -82.31 76.65 25.15
C GLY KA 1 -82.93 77.73 26.02
N LEU KA 2 -83.38 78.82 25.41
CA LEU KA 2 -84.00 79.90 26.18
C LEU KA 2 -85.27 79.37 26.88
N ALA KA 3 -85.33 79.52 28.19
CA ALA KA 3 -86.36 78.87 28.98
C ALA KA 3 -87.37 79.89 29.51
N GLY KA 4 -86.89 81.10 29.78
CA GLY KA 4 -87.73 82.16 30.29
C GLY KA 4 -87.05 83.50 30.19
N ARG KA 5 -87.80 84.59 30.35
CA ARG KA 5 -87.23 85.91 30.22
C ARG KA 5 -88.00 86.95 31.02
N GLY KA 6 -87.43 88.14 31.12
CA GLY KA 6 -87.99 89.19 31.93
C GLY KA 6 -87.28 90.51 31.66
N VAL KA 7 -87.82 91.58 32.22
CA VAL KA 7 -87.28 92.90 31.94
C VAL KA 7 -87.09 93.70 33.22
N ILE KA 8 -85.92 94.32 33.36
CA ILE KA 8 -85.66 95.23 34.47
C ILE KA 8 -85.60 96.68 33.95
N TYR KA 9 -86.25 97.62 34.63
CA TYR KA 9 -86.20 99.02 34.18
C TYR KA 9 -85.25 99.82 35.03
N ILE KA 10 -84.34 100.48 34.34
CA ILE KA 10 -83.34 101.33 34.96
C ILE KA 10 -83.77 102.81 34.79
N PRO KA 11 -83.91 103.55 35.92
CA PRO KA 11 -84.09 105.00 35.86
C PRO KA 11 -82.90 105.71 35.23
N LYS KA 12 -83.17 106.88 34.65
CA LYS KA 12 -82.10 107.71 34.13
C LYS KA 12 -81.14 108.14 35.24
N ASP KA 13 -81.67 108.43 36.43
CA ASP KA 13 -80.81 108.66 37.59
C ASP KA 13 -80.86 107.42 38.49
N CYS KA 14 -79.97 106.48 38.20
CA CYS KA 14 -79.89 105.27 38.99
C CYS KA 14 -78.85 105.50 40.10
N GLN KA 15 -79.34 105.75 41.31
CA GLN KA 15 -78.48 106.04 42.47
C GLN KA 15 -78.15 104.78 43.27
N ALA KA 16 -77.13 104.86 44.10
CA ALA KA 16 -76.84 103.75 45.00
C ALA KA 16 -78.11 103.28 45.75
N ASN KA 17 -78.37 101.98 45.74
CA ASN KA 17 -79.41 101.39 46.59
C ASN KA 17 -80.81 101.43 46.00
N ARG KA 18 -80.98 102.06 44.83
CA ARG KA 18 -82.27 102.03 44.16
C ARG KA 18 -82.71 100.58 43.98
N TYR KA 19 -83.94 100.29 44.36
CA TYR KA 19 -84.50 98.97 44.06
C TYR KA 19 -85.00 98.97 42.62
N LEU KA 20 -84.51 98.04 41.80
CA LEU KA 20 -84.83 98.07 40.37
C LEU KA 20 -85.98 97.13 40.00
N GLY KA 21 -86.13 96.09 40.79
CA GLY KA 21 -87.23 95.15 40.59
C GLY KA 21 -86.90 93.73 40.98
N THR KA 22 -87.93 92.90 41.02
CA THR KA 22 -87.74 91.49 41.29
C THR KA 22 -88.36 90.65 40.21
N LEU KA 23 -87.62 89.64 39.72
CA LEU KA 23 -88.18 88.70 38.76
C LEU KA 23 -88.45 87.42 39.48
N ASN KA 24 -89.59 86.81 39.18
CA ASN KA 24 -89.93 85.55 39.79
C ASN KA 24 -89.49 84.44 38.83
N ILE KA 25 -88.52 83.63 39.23
CA ILE KA 25 -87.93 82.63 38.33
C ILE KA 25 -88.95 81.70 37.73
N ARG KA 26 -89.93 81.28 38.52
CA ARG KA 26 -90.88 80.33 37.97
C ARG KA 26 -91.83 81.02 36.99
N ASP KA 27 -92.23 82.25 37.33
CA ASP KA 27 -93.05 83.06 36.42
C ASP KA 27 -92.33 83.40 35.09
N MET KA 28 -91.02 83.64 35.13
CA MET KA 28 -90.28 83.86 33.89
C MET KA 28 -90.44 82.68 32.93
N ILE KA 29 -90.40 81.47 33.47
CA ILE KA 29 -90.48 80.27 32.64
C ILE KA 29 -91.91 79.99 32.22
N SER KA 30 -92.88 80.25 33.09
CA SER KA 30 -94.28 79.95 32.78
C SER KA 30 -94.95 81.00 31.89
N ASP KA 31 -94.53 82.26 32.00
CA ASP KA 31 -95.10 83.32 31.16
C ASP KA 31 -94.56 83.17 29.75
N PHE KA 32 -93.35 82.65 29.64
CA PHE KA 32 -92.71 82.47 28.35
C PHE KA 32 -93.39 81.30 27.63
N LYS KA 33 -93.32 80.12 28.23
CA LYS KA 33 -94.26 79.04 27.92
C LYS KA 33 -94.24 78.51 26.47
N GLY KA 34 -93.08 78.32 25.85
CA GLY KA 34 -91.82 77.92 26.46
C GLY KA 34 -91.69 76.46 26.04
N VAL KA 35 -90.70 76.09 25.23
CA VAL KA 35 -90.46 74.66 24.98
C VAL KA 35 -90.02 74.00 26.28
N GLN KA 36 -89.22 74.73 27.06
CA GLN KA 36 -88.73 74.23 28.34
C GLN KA 36 -89.88 74.12 29.34
N TYR KA 37 -90.71 75.14 29.41
CA TYR KA 37 -91.89 75.10 30.28
C TYR KA 37 -92.72 73.85 30.02
N GLU KA 38 -92.95 73.53 28.75
CA GLU KA 38 -93.73 72.37 28.42
C GLU KA 38 -93.02 71.04 28.76
N LYS KA 39 -91.70 71.00 28.66
CA LYS KA 39 -90.96 69.80 29.07
C LYS KA 39 -91.11 69.63 30.58
N TRP KA 40 -91.27 70.77 31.26
CA TRP KA 40 -91.36 70.82 32.71
C TRP KA 40 -92.65 70.15 33.18
N ILE KA 41 -93.79 70.55 32.60
CA ILE KA 41 -95.08 69.96 32.92
C ILE KA 41 -95.03 68.42 32.88
N THR KA 42 -94.27 67.85 31.96
CA THR KA 42 -94.20 66.40 31.83
C THR KA 42 -93.28 65.78 32.87
N ALA KA 43 -92.21 66.51 33.17
CA ALA KA 43 -91.26 66.04 34.16
C ALA KA 43 -91.88 66.04 35.55
N GLY KA 44 -92.69 67.07 35.80
CA GLY KA 44 -93.23 67.32 37.12
C GLY KA 44 -92.22 68.07 37.97
N LEU KA 45 -91.12 67.39 38.32
CA LEU KA 45 -90.03 67.97 39.10
C LEU KA 45 -88.77 68.26 38.27
N VAL KA 46 -88.18 69.44 38.45
CA VAL KA 46 -86.92 69.78 37.78
C VAL KA 46 -85.88 70.33 38.77
N MET KA 47 -84.61 70.00 38.56
CA MET KA 47 -83.49 70.53 39.38
C MET KA 47 -82.48 71.24 38.49
N PRO KA 48 -82.92 72.29 37.81
CA PRO KA 48 -82.17 72.83 36.67
C PRO KA 48 -80.76 73.29 37.01
N THR KA 49 -79.92 73.32 35.99
CA THR KA 49 -78.75 74.17 36.04
C THR KA 49 -79.04 75.32 35.09
N PHE KA 50 -79.29 76.50 35.63
CA PHE KA 50 -79.56 77.68 34.83
C PHE KA 50 -78.30 78.42 34.40
N LYS KA 51 -78.30 78.96 33.19
CA LYS KA 51 -77.38 80.02 32.82
C LYS KA 51 -78.25 81.29 32.81
N ILE KA 52 -77.92 82.25 33.67
CA ILE KA 52 -78.62 83.52 33.67
C ILE KA 52 -77.81 84.50 32.84
N VAL KA 53 -78.49 85.19 31.94
CA VAL KA 53 -77.82 86.19 31.12
C VAL KA 53 -78.55 87.51 31.27
N ILE KA 54 -77.82 88.56 31.60
CA ILE KA 54 -78.42 89.88 31.66
C ILE KA 54 -77.87 90.71 30.50
N ARG KA 55 -78.75 91.08 29.58
CA ARG KA 55 -78.35 91.88 28.43
C ARG KA 55 -78.52 93.36 28.70
N LEU KA 56 -77.50 94.11 28.31
CA LEU KA 56 -77.06 95.26 29.06
C LEU KA 56 -76.02 95.93 28.16
N PRO KA 57 -76.26 97.18 27.77
CA PRO KA 57 -75.30 97.83 26.86
C PRO KA 57 -74.08 98.24 27.62
N ALA KA 58 -72.92 97.74 27.20
CA ALA KA 58 -71.68 98.05 27.89
C ALA KA 58 -71.37 99.55 27.83
N ASN KA 59 -70.94 100.12 28.95
CA ASN KA 59 -70.60 101.54 28.98
C ASN KA 59 -69.58 101.87 30.07
N ALA KA 60 -68.47 102.47 29.65
CA ALA KA 60 -67.42 102.77 30.61
C ALA KA 60 -67.54 104.17 31.24
N PHE KA 61 -68.64 104.87 30.97
CA PHE KA 61 -68.72 106.28 31.32
C PHE KA 61 -69.75 106.58 32.41
N THR KA 62 -70.17 105.57 33.14
CA THR KA 62 -71.25 105.77 34.11
C THR KA 62 -70.83 105.47 35.52
N GLY KA 63 -70.08 104.41 35.72
CA GLY KA 63 -69.68 104.01 37.07
C GLY KA 63 -70.69 103.08 37.72
N LEU KA 64 -71.75 102.76 37.00
CA LEU KA 64 -72.84 101.96 37.51
C LEU KA 64 -72.41 100.54 37.79
N THR KA 65 -72.76 100.06 38.99
CA THR KA 65 -72.62 98.65 39.34
C THR KA 65 -73.89 98.15 40.01
N TRP KA 66 -74.41 97.03 39.54
CA TRP KA 66 -75.66 96.47 40.07
C TRP KA 66 -75.36 95.17 40.78
N VAL KA 67 -76.31 94.71 41.58
CA VAL KA 67 -76.22 93.38 42.19
C VAL KA 67 -77.45 92.53 41.87
N MET KA 68 -77.22 91.36 41.31
CA MET KA 68 -78.29 90.37 41.18
C MET KA 68 -78.22 89.46 42.39
N SER KA 69 -79.32 89.37 43.14
CA SER KA 69 -79.32 88.57 44.36
C SER KA 69 -80.27 87.40 44.16
N PHE KA 70 -79.77 86.18 44.33
CA PHE KA 70 -80.59 84.97 44.23
C PHE KA 70 -81.24 84.62 45.57
N ASP KA 71 -82.53 84.91 45.69
CA ASP KA 71 -83.24 84.76 46.94
C ASP KA 71 -84.24 83.64 46.78
N ALA KA 72 -83.78 82.40 46.84
CA ALA KA 72 -84.67 81.27 46.55
C ALA KA 72 -85.79 81.10 47.59
N TYR KA 73 -85.58 81.64 48.78
CA TYR KA 73 -86.51 81.41 49.88
C TYR KA 73 -87.21 82.68 50.35
N ASN KA 74 -87.13 83.70 49.51
CA ASN KA 74 -87.89 84.92 49.70
C ASN KA 74 -87.63 85.56 51.05
N ARG KA 75 -86.34 85.70 51.37
CA ARG KA 75 -85.90 86.12 52.69
C ARG KA 75 -85.63 87.63 52.80
N ILE KA 76 -85.15 88.26 51.72
CA ILE KA 76 -84.89 89.70 51.75
C ILE KA 76 -85.89 90.59 51.01
N THR KA 77 -86.78 89.97 50.23
CA THR KA 77 -87.76 90.71 49.40
C THR KA 77 -88.51 91.81 50.11
N SER KA 78 -89.14 91.50 51.24
CA SER KA 78 -89.90 92.48 52.01
C SER KA 78 -89.07 93.69 52.50
N ARG KA 79 -87.75 93.55 52.60
CA ARG KA 79 -86.93 94.60 53.19
C ARG KA 79 -86.14 95.46 52.18
N ILE KA 80 -86.23 95.15 50.89
CA ILE KA 80 -85.45 95.89 49.90
C ILE KA 80 -86.26 96.72 48.91
N THR KA 81 -87.58 96.56 48.93
CA THR KA 81 -88.43 97.09 47.86
C THR KA 81 -88.57 98.61 47.81
N ALA KA 82 -88.33 99.27 48.95
CA ALA KA 82 -88.30 100.73 49.00
C ALA KA 82 -86.87 101.28 48.80
N SER KA 83 -85.94 100.78 49.60
CA SER KA 83 -84.53 101.04 49.38
C SER KA 83 -83.78 99.77 49.73
N ALA KA 84 -82.69 99.50 49.01
CA ALA KA 84 -82.01 98.23 49.18
C ALA KA 84 -80.61 98.35 49.77
N ASP KA 85 -80.51 98.29 51.10
CA ASP KA 85 -79.20 98.35 51.72
C ASP KA 85 -78.36 97.15 51.28
N PRO KA 86 -77.09 97.38 50.91
CA PRO KA 86 -76.19 96.30 50.48
C PRO KA 86 -76.09 95.15 51.49
N VAL KA 87 -76.29 95.42 52.78
CA VAL KA 87 -76.23 94.35 53.77
C VAL KA 87 -77.25 93.26 53.49
N TYR KA 88 -78.45 93.64 53.08
CA TYR KA 88 -79.45 92.66 52.65
C TYR KA 88 -79.10 92.00 51.32
N THR KA 89 -78.78 92.81 50.30
CA THR KA 89 -78.58 92.29 48.95
C THR KA 89 -77.36 91.37 48.82
N LEU KA 90 -76.39 91.54 49.70
CA LEU KA 90 -75.18 90.71 49.68
C LEU KA 90 -75.21 89.53 50.66
N SER KA 91 -76.32 89.39 51.40
CA SER KA 91 -76.45 88.34 52.42
C SER KA 91 -76.96 87.02 51.87
N VAL KA 92 -77.30 87.00 50.60
CA VAL KA 92 -77.67 85.79 49.91
C VAL KA 92 -76.77 85.60 48.69
N PRO KA 93 -76.80 84.42 48.06
CA PRO KA 93 -75.96 84.27 46.87
C PRO KA 93 -76.20 85.41 45.88
N HIS KA 94 -75.13 85.99 45.35
CA HIS KA 94 -75.26 87.19 44.53
C HIS KA 94 -74.08 87.38 43.59
N TRP KA 95 -74.27 88.27 42.61
CA TRP KA 95 -73.27 88.51 41.59
C TRP KA 95 -73.16 90.00 41.31
N LEU KA 96 -71.93 90.49 41.15
CA LEU KA 96 -71.72 91.89 40.80
C LEU KA 96 -71.81 92.05 39.29
N ILE KA 97 -72.58 93.04 38.86
CA ILE KA 97 -72.75 93.32 37.45
C ILE KA 97 -72.17 94.68 37.15
N HIS KA 98 -71.00 94.69 36.52
CA HIS KA 98 -70.35 95.94 36.19
C HIS KA 98 -70.77 96.47 34.83
N HIS KA 99 -71.15 97.72 34.78
CA HIS KA 99 -71.62 98.34 33.55
C HIS KA 99 -70.55 98.35 32.47
N LYS KA 100 -69.28 98.50 32.88
CA LYS KA 100 -68.20 98.54 31.90
C LYS KA 100 -68.06 97.23 31.12
N LEU KA 101 -68.52 96.12 31.70
CA LEU KA 101 -68.34 94.80 31.09
C LEU KA 101 -69.49 94.37 30.19
N GLY KA 102 -70.54 95.19 30.19
CA GLY KA 102 -71.71 94.90 29.38
C GLY KA 102 -72.48 93.64 29.79
N THR KA 103 -72.89 92.88 28.78
CA THR KA 103 -73.72 91.70 29.00
C THR KA 103 -73.08 90.72 29.98
N PHE KA 104 -73.87 90.27 30.95
CA PHE KA 104 -73.38 89.48 32.08
C PHE KA 104 -73.99 88.10 32.05
N SER KA 105 -73.22 87.11 32.51
CA SER KA 105 -73.70 85.75 32.53
C SER KA 105 -73.17 85.00 33.76
N CYS KA 106 -73.96 84.08 34.32
CA CYS KA 106 -73.48 83.18 35.38
C CYS KA 106 -74.28 81.88 35.42
N GLU KA 107 -73.78 80.89 36.16
CA GLU KA 107 -74.51 79.63 36.31
C GLU KA 107 -75.08 79.48 37.70
N ILE KA 108 -76.30 78.96 37.75
CA ILE KA 108 -76.92 78.68 39.02
C ILE KA 108 -77.27 77.22 39.02
N ASP KA 109 -76.54 76.43 39.81
CA ASP KA 109 -76.90 75.03 40.00
C ASP KA 109 -77.98 75.01 41.07
N TYR KA 110 -79.23 74.88 40.64
CA TYR KA 110 -80.37 75.00 41.51
C TYR KA 110 -80.32 73.92 42.60
N GLY KA 111 -79.64 72.82 42.28
CA GLY KA 111 -79.40 71.77 43.25
C GLY KA 111 -78.63 72.25 44.46
N GLU KA 112 -77.60 73.06 44.23
CA GLU KA 112 -76.78 73.62 45.30
C GLU KA 112 -77.36 74.89 45.93
N LEU KA 113 -77.47 75.94 45.14
CA LEU KA 113 -77.96 77.22 45.64
C LEU KA 113 -79.38 77.18 46.22
N CYS KA 114 -80.18 76.22 45.78
CA CYS KA 114 -81.55 76.13 46.29
C CYS KA 114 -81.82 74.88 47.11
N GLY KA 115 -81.59 73.70 46.54
CA GLY KA 115 -81.72 72.47 47.30
C GLY KA 115 -82.98 71.62 47.13
N HIS KA 116 -84.11 72.24 46.78
CA HIS KA 116 -85.30 71.45 46.49
C HIS KA 116 -85.79 71.62 45.04
N ALA KA 117 -86.36 70.55 44.48
CA ALA KA 117 -86.77 70.55 43.07
C ALA KA 117 -88.10 71.30 42.84
N MET KA 118 -88.20 71.92 41.67
CA MET KA 118 -89.37 72.75 41.35
C MET KA 118 -90.57 71.97 40.79
N TRP KA 119 -91.74 72.19 41.38
CA TRP KA 119 -92.95 71.52 40.97
C TRP KA 119 -93.69 72.40 39.96
N PHE KA 120 -93.96 71.83 38.80
CA PHE KA 120 -94.57 72.59 37.72
C PHE KA 120 -95.85 73.39 38.07
N LYS KA 121 -96.70 72.87 38.95
CA LYS KA 121 -98.03 73.45 39.13
C LYS KA 121 -98.14 74.53 40.20
N SER KA 122 -97.21 74.53 41.14
CA SER KA 122 -97.28 75.49 42.24
C SER KA 122 -95.99 75.54 43.02
N THR KA 123 -95.80 76.65 43.72
CA THR KA 123 -94.66 76.79 44.59
C THR KA 123 -94.77 75.79 45.75
N THR KA 124 -93.68 75.10 46.06
CA THR KA 124 -93.68 74.14 47.16
C THR KA 124 -93.49 74.88 48.49
N PHE KA 125 -92.31 75.45 48.70
CA PHE KA 125 -92.06 76.16 49.94
C PHE KA 125 -92.28 77.64 49.77
N GLU KA 126 -91.25 78.35 49.33
CA GLU KA 126 -91.48 79.71 48.89
C GLU KA 126 -91.06 79.84 47.43
N SER KA 127 -91.50 80.95 46.82
CA SER KA 127 -91.27 81.22 45.39
C SER KA 127 -89.93 81.91 45.12
N PRO KA 128 -89.04 81.23 44.39
CA PRO KA 128 -87.66 81.70 44.12
C PRO KA 128 -87.58 83.01 43.33
N ARG KA 129 -86.88 83.99 43.85
CA ARG KA 129 -86.78 85.30 43.21
C ARG KA 129 -85.35 85.71 42.80
N LEU KA 130 -85.26 86.53 41.75
CA LEU KA 130 -84.03 87.27 41.48
C LEU KA 130 -84.25 88.75 41.76
N HIS KA 131 -83.46 89.34 42.65
CA HIS KA 131 -83.58 90.78 42.91
C HIS KA 131 -82.50 91.57 42.17
N PHE KA 132 -82.89 92.71 41.62
CA PHE KA 132 -81.91 93.59 40.99
C PHE KA 132 -81.83 94.93 41.69
N THR KA 133 -80.65 95.23 42.20
CA THR KA 133 -80.44 96.45 42.96
C THR KA 133 -79.19 97.15 42.48
N CYS KA 134 -79.09 98.44 42.78
CA CYS KA 134 -77.94 99.22 42.35
C CYS KA 134 -76.96 99.35 43.51
N LEU KA 135 -75.74 98.84 43.34
CA LEU KA 135 -74.75 98.83 44.41
C LEU KA 135 -73.99 100.16 44.48
N THR KA 136 -73.51 100.63 43.33
CA THR KA 136 -72.85 101.92 43.19
C THR KA 136 -73.54 102.67 42.07
N GLY KA 137 -73.86 103.94 42.33
CA GLY KA 137 -74.65 104.73 41.41
C GLY KA 137 -73.87 105.32 40.24
N ASN KA 138 -74.59 105.90 39.30
CA ASN KA 138 -73.97 106.57 38.17
C ASN KA 138 -73.41 107.90 38.64
N ASN KA 139 -72.36 108.36 37.96
CA ASN KA 139 -71.61 109.53 38.38
C ASN KA 139 -72.41 110.80 38.17
N LYS KA 140 -73.30 110.73 37.18
CA LYS KA 140 -74.25 111.77 36.85
C LYS KA 140 -75.37 111.03 36.15
N GLU KA 141 -76.58 111.59 36.13
CA GLU KA 141 -77.67 110.85 35.49
C GLU KA 141 -77.39 110.63 34.00
N LEU KA 142 -78.04 109.60 33.45
CA LEU KA 142 -77.91 109.33 32.02
C LEU KA 142 -78.92 110.16 31.22
N ALA KA 143 -78.94 109.96 29.92
CA ALA KA 143 -79.76 110.80 29.08
C ALA KA 143 -81.24 110.47 29.24
N ALA KA 144 -81.57 109.20 29.44
CA ALA KA 144 -82.98 108.79 29.53
C ALA KA 144 -83.13 107.49 30.28
N ASP KA 145 -84.37 107.15 30.66
CA ASP KA 145 -84.68 105.85 31.24
C ASP KA 145 -84.37 104.75 30.22
N TRP KA 146 -84.02 103.57 30.70
CA TRP KA 146 -83.74 102.46 29.80
C TRP KA 146 -84.11 101.14 30.44
N GLN KA 147 -83.85 100.04 29.76
CA GLN KA 147 -84.13 98.73 30.34
C GLN KA 147 -83.05 97.71 30.04
N ALA KA 148 -82.97 96.68 30.88
CA ALA KA 148 -82.10 95.54 30.63
C ALA KA 148 -82.97 94.30 30.51
N VAL KA 149 -82.50 93.30 29.78
CA VAL KA 149 -83.25 92.05 29.63
C VAL KA 149 -82.59 90.90 30.38
N VAL KA 150 -83.38 90.17 31.18
CA VAL KA 150 -82.88 89.00 31.90
C VAL KA 150 -83.38 87.71 31.26
N GLU KA 151 -82.47 86.78 31.00
CA GLU KA 151 -82.83 85.55 30.30
C GLU KA 151 -82.38 84.30 31.05
N LEU KA 152 -83.27 83.30 31.14
CA LEU KA 152 -82.94 82.02 31.74
C LEU KA 152 -82.76 80.98 30.65
N TYR KA 153 -81.57 80.36 30.60
CA TYR KA 153 -81.30 79.27 29.65
C TYR KA 153 -81.13 77.98 30.43
N ALA KA 154 -81.78 76.92 29.98
CA ALA KA 154 -81.76 75.65 30.69
C ALA KA 154 -82.20 74.54 29.76
N GLU KA 155 -81.71 73.33 30.00
CA GLU KA 155 -82.31 72.14 29.40
C GLU KA 155 -83.00 71.31 30.47
N LEU KA 156 -84.27 71.60 30.74
CA LEU KA 156 -84.98 70.97 31.84
C LEU KA 156 -85.16 69.48 31.61
N GLU KA 157 -84.75 68.69 32.59
CA GLU KA 157 -85.10 67.28 32.61
C GLU KA 157 -85.70 66.82 33.95
N GLU KA 158 -86.42 65.71 33.92
CA GLU KA 158 -87.14 65.26 35.11
C GLU KA 158 -86.15 65.01 36.23
N ALA KA 159 -86.50 65.55 37.39
CA ALA KA 159 -85.73 65.34 38.62
C ALA KA 159 -86.00 63.97 39.26
N THR KA 160 -84.93 63.30 39.64
CA THR KA 160 -84.99 61.97 40.21
C THR KA 160 -85.33 61.98 41.71
N SER KA 161 -84.89 63.02 42.41
CA SER KA 161 -85.10 63.15 43.85
C SER KA 161 -85.66 64.50 44.21
N PHE KA 162 -86.28 64.62 45.39
CA PHE KA 162 -86.83 65.91 45.81
C PHE KA 162 -85.72 66.82 46.27
N LEU KA 163 -84.74 66.24 46.95
CA LEU KA 163 -83.69 67.01 47.59
C LEU KA 163 -82.42 67.02 46.76
N GLY KA 164 -81.72 68.17 46.79
CA GLY KA 164 -80.41 68.33 46.19
C GLY KA 164 -79.34 67.61 47.00
N LYS KA 165 -78.09 68.02 46.80
CA LYS KA 165 -77.01 67.60 47.69
C LYS KA 165 -76.84 68.74 48.68
N PRO KA 166 -76.60 68.40 49.97
CA PRO KA 166 -76.55 69.42 51.01
C PRO KA 166 -75.35 70.37 50.83
N THR KA 167 -75.62 71.68 50.84
CA THR KA 167 -74.61 72.74 50.80
C THR KA 167 -73.66 72.63 52.01
N LEU KA 168 -74.19 72.19 53.15
CA LEU KA 168 -73.43 72.18 54.40
C LEU KA 168 -73.85 71.05 55.34
N VAL KA 169 -72.87 70.41 55.97
CA VAL KA 169 -73.16 69.41 56.99
C VAL KA 169 -72.56 69.83 58.32
N PHE KA 170 -73.38 69.80 59.37
CA PHE KA 170 -72.97 70.37 60.64
C PHE KA 170 -71.79 69.68 61.26
N ASP KA 171 -70.78 70.49 61.60
CA ASP KA 171 -69.52 70.04 62.21
C ASP KA 171 -68.85 71.26 62.86
N PRO KA 172 -68.75 71.24 64.20
CA PRO KA 172 -68.25 72.32 65.05
C PRO KA 172 -66.80 72.60 64.74
N GLY KA 173 -66.06 71.53 64.49
CA GLY KA 173 -64.62 71.61 64.33
C GLY KA 173 -64.21 71.87 62.90
N VAL KA 174 -65.15 72.31 62.07
CA VAL KA 174 -64.82 72.51 60.67
C VAL KA 174 -65.39 73.79 60.07
N PHE KA 175 -64.45 74.73 60.00
CA PHE KA 175 -64.50 75.97 59.27
C PHE KA 175 -63.14 76.02 58.57
N ASN KA 176 -63.11 75.70 57.29
CA ASN KA 176 -61.88 75.68 56.50
C ASN KA 176 -61.09 77.00 56.53
N GLY KA 177 -61.76 78.09 56.17
CA GLY KA 177 -61.09 79.36 56.00
C GLY KA 177 -61.36 79.89 54.61
N LYS KA 178 -61.99 79.07 53.76
CA LYS KA 178 -62.49 79.51 52.44
C LYS KA 178 -63.93 80.06 52.51
N PHE KA 179 -64.23 81.11 51.74
CA PHE KA 179 -65.55 81.71 51.77
C PHE KA 179 -66.16 81.69 50.38
N GLN KA 180 -67.48 81.68 50.30
CA GLN KA 180 -68.17 82.09 49.08
C GLN KA 180 -69.14 83.22 49.38
N PHE KA 181 -69.34 84.09 48.39
CA PHE KA 181 -70.32 85.15 48.51
C PHE KA 181 -70.10 86.08 49.68
N LEU KA 182 -68.83 86.31 50.01
CA LEU KA 182 -68.49 87.29 51.04
C LEU KA 182 -68.08 88.60 50.39
N THR KA 183 -69.03 89.52 50.29
CA THR KA 183 -68.81 90.81 49.65
C THR KA 183 -69.09 91.91 50.66
N CYS KA 184 -68.14 92.83 50.80
CA CYS KA 184 -68.29 93.95 51.71
C CYS KA 184 -69.06 95.05 51.03
N PRO KA 185 -69.97 95.71 51.77
CA PRO KA 185 -70.62 96.91 51.24
C PRO KA 185 -69.58 97.92 50.75
N PRO KA 186 -69.98 98.75 49.77
CA PRO KA 186 -69.05 99.64 49.09
C PRO KA 186 -68.44 100.64 50.06
N ILE KA 187 -67.17 100.91 49.84
CA ILE KA 187 -66.40 101.90 50.57
C ILE KA 187 -66.25 103.12 49.65
N PHE KA 188 -66.42 104.34 50.18
CA PHE KA 188 -66.39 105.52 49.32
C PHE KA 188 -65.27 106.50 49.64
N PHE KA 189 -64.66 107.08 48.58
CA PHE KA 189 -63.64 108.11 48.75
C PHE KA 189 -64.08 109.41 48.10
N ASP KA 190 -63.95 110.50 48.85
CA ASP KA 190 -64.30 111.83 48.30
C ASP KA 190 -63.15 112.34 47.47
N LEU KA 191 -63.46 113.07 46.40
CA LEU KA 191 -62.40 113.65 45.59
C LEU KA 191 -61.98 115.02 46.08
N THR KA 192 -62.65 115.49 47.13
CA THR KA 192 -62.31 116.75 47.76
C THR KA 192 -61.32 116.53 48.85
N ALA KA 193 -60.66 115.38 48.84
CA ALA KA 193 -59.70 115.02 49.87
C ALA KA 193 -58.37 114.52 49.28
N VAL KA 194 -57.28 115.17 49.66
CA VAL KA 194 -55.99 114.79 49.10
C VAL KA 194 -55.49 113.39 49.48
N THR KA 195 -55.78 112.98 50.72
CA THR KA 195 -55.60 111.60 51.14
C THR KA 195 -56.77 111.19 52.00
N ALA KA 196 -56.93 109.89 52.23
CA ALA KA 196 -58.02 109.43 53.07
C ALA KA 196 -57.85 107.99 53.53
N LEU KA 197 -58.50 107.65 54.64
CA LEU KA 197 -58.47 106.29 55.13
C LEU KA 197 -59.87 105.71 55.20
N ARG KA 198 -60.03 104.46 54.77
CA ARG KA 198 -61.26 103.73 55.03
C ARG KA 198 -60.96 102.37 55.65
N SER KA 199 -61.53 102.12 56.82
CA SER KA 199 -61.31 100.84 57.49
C SER KA 199 -62.38 99.82 57.16
N ALA KA 200 -61.94 98.58 57.01
CA ALA KA 200 -62.87 97.47 56.96
C ALA KA 200 -62.53 96.54 58.11
N GLY KA 201 -63.49 96.28 59.00
CA GLY KA 201 -63.25 95.42 60.16
C GLY KA 201 -63.00 93.98 59.74
N LEU KA 202 -62.14 93.30 60.47
CA LEU KA 202 -61.86 91.91 60.13
C LEU KA 202 -62.43 90.96 61.16
N THR KA 203 -63.29 91.49 62.03
CA THR KA 203 -64.00 90.68 63.02
C THR KA 203 -65.23 90.05 62.37
N LEU KA 204 -65.00 89.05 61.55
CA LEU KA 204 -65.95 88.57 60.57
C LEU KA 204 -67.11 87.78 61.15
N GLY KA 205 -67.03 87.41 62.42
CA GLY KA 205 -68.12 86.69 63.05
C GLY KA 205 -69.24 87.60 63.55
N GLN KA 206 -68.98 88.90 63.49
CA GLN KA 206 -69.92 89.91 63.93
C GLN KA 206 -71.14 89.86 63.00
N VAL KA 207 -72.33 89.96 63.57
CA VAL KA 207 -73.54 89.95 62.74
C VAL KA 207 -73.82 91.35 62.23
N PRO KA 208 -73.96 91.49 60.89
CA PRO KA 208 -74.16 92.78 60.22
C PRO KA 208 -75.52 93.37 60.58
N MET KA 209 -75.64 94.69 60.57
CA MET KA 209 -76.91 95.31 60.92
C MET KA 209 -77.36 96.38 59.96
N VAL KA 210 -78.66 96.56 59.88
CA VAL KA 210 -79.26 97.62 59.11
C VAL KA 210 -80.22 98.29 60.05
N GLY KA 211 -79.80 99.41 60.62
CA GLY KA 211 -80.56 100.04 61.67
C GLY KA 211 -80.59 99.13 62.87
N THR KA 212 -81.78 98.77 63.33
CA THR KA 212 -81.92 97.90 64.49
C THR KA 212 -82.10 96.45 64.08
N THR KA 213 -82.10 96.22 62.76
CA THR KA 213 -82.30 94.87 62.23
C THR KA 213 -80.98 94.07 62.08
N LYS KA 214 -80.90 92.92 62.76
CA LYS KA 214 -79.79 91.99 62.61
C LYS KA 214 -79.99 91.16 61.35
N VAL KA 215 -78.96 91.05 60.53
CA VAL KA 215 -79.04 90.21 59.34
C VAL KA 215 -78.12 89.01 59.48
N TYR KA 216 -78.63 87.94 60.06
CA TYR KA 216 -77.85 86.72 60.18
C TYR KA 216 -77.53 86.19 58.80
N ASN KA 217 -76.28 85.78 58.57
CA ASN KA 217 -75.92 85.16 57.30
C ASN KA 217 -74.92 84.03 57.51
N LEU KA 218 -74.77 83.17 56.52
CA LEU KA 218 -73.94 81.99 56.67
C LEU KA 218 -72.45 82.32 56.93
N ASN KA 219 -71.92 83.33 56.25
CA ASN KA 219 -70.50 83.65 56.42
C ASN KA 219 -70.10 84.04 57.84
N SER KA 220 -70.79 85.02 58.41
CA SER KA 220 -70.52 85.38 59.80
C SER KA 220 -70.77 84.18 60.73
N THR KA 221 -71.80 83.39 60.42
CA THR KA 221 -72.11 82.22 61.22
C THR KA 221 -70.94 81.25 61.21
N LEU KA 222 -70.35 81.04 60.03
CA LEU KA 222 -69.19 80.17 59.90
C LEU KA 222 -68.01 80.67 60.73
N VAL KA 223 -67.67 81.95 60.58
CA VAL KA 223 -66.57 82.50 61.34
C VAL KA 223 -66.79 82.34 62.86
N SER KA 224 -68.04 82.44 63.30
CA SER KA 224 -68.35 82.31 64.74
C SER KA 224 -68.06 80.93 65.31
N CYS KA 225 -67.82 79.95 64.43
CA CYS KA 225 -67.54 78.58 64.83
C CYS KA 225 -66.12 78.41 65.30
N VAL KA 226 -65.39 79.51 65.25
CA VAL KA 226 -63.97 79.56 65.63
C VAL KA 226 -63.78 80.68 66.67
N LEU KA 227 -62.71 80.63 67.47
CA LEU KA 227 -62.51 81.67 68.48
C LEU KA 227 -61.84 82.90 67.85
N GLY KA 228 -61.02 82.66 66.83
CA GLY KA 228 -60.33 83.73 66.12
C GLY KA 228 -59.49 83.17 64.99
N MET KA 229 -58.85 84.05 64.25
CA MET KA 229 -58.15 83.65 63.03
C MET KA 229 -57.01 84.60 62.71
N GLY KA 230 -55.94 84.03 62.19
CA GLY KA 230 -54.85 84.82 61.68
C GLY KA 230 -54.51 84.29 60.30
N GLY KA 231 -53.60 84.97 59.62
CA GLY KA 231 -53.19 84.50 58.31
C GLY KA 231 -53.25 85.61 57.30
N THR KA 232 -53.43 85.23 56.04
CA THR KA 232 -53.49 86.21 54.97
C THR KA 232 -54.87 86.27 54.33
N VAL KA 233 -55.42 87.48 54.22
CA VAL KA 233 -56.71 87.71 53.57
C VAL KA 233 -56.49 87.78 52.07
N ARG KA 234 -57.06 86.83 51.32
CA ARG KA 234 -57.00 86.86 49.85
C ARG KA 234 -58.34 87.34 49.34
N GLY KA 235 -58.32 88.40 48.54
CA GLY KA 235 -59.56 88.97 48.08
C GLY KA 235 -59.44 89.62 46.72
N ARG KA 236 -60.51 90.28 46.29
CA ARG KA 236 -60.50 91.05 45.05
C ARG KA 236 -61.01 92.44 45.33
N VAL KA 237 -60.46 93.42 44.63
CA VAL KA 237 -60.91 94.79 44.74
C VAL KA 237 -61.50 95.25 43.43
N HIS KA 238 -62.69 95.81 43.48
CA HIS KA 238 -63.29 96.40 42.30
C HIS KA 238 -63.40 97.92 42.41
N ILE KA 239 -62.88 98.63 41.42
CA ILE KA 239 -62.98 100.07 41.40
C ILE KA 239 -64.15 100.45 40.53
N CYS KA 240 -65.21 100.95 41.17
CA CYS KA 240 -66.53 101.10 40.52
C CYS KA 240 -66.83 102.54 40.10
N ALA KA 241 -66.04 103.05 39.15
CA ALA KA 241 -66.21 104.41 38.67
C ALA KA 241 -65.96 104.46 37.18
N PRO KA 242 -66.30 105.58 36.55
CA PRO KA 242 -66.05 105.83 35.12
C PRO KA 242 -64.55 105.79 34.76
N ILE KA 243 -64.18 105.48 33.50
CA ILE KA 243 -62.75 105.39 33.11
C ILE KA 243 -62.01 106.65 33.41
N PHE KA 244 -62.73 107.77 33.51
CA PHE KA 244 -62.09 109.07 33.77
C PHE KA 244 -61.89 109.40 35.25
N TYR KA 245 -62.31 108.50 36.13
CA TYR KA 245 -61.94 108.53 37.55
C TYR KA 245 -60.77 107.59 37.74
N SER KA 246 -59.88 107.92 38.67
CA SER KA 246 -58.77 107.01 38.98
C SER KA 246 -58.19 107.25 40.37
N ILE KA 247 -57.58 106.22 40.92
CA ILE KA 247 -57.11 106.31 42.29
C ILE KA 247 -55.94 105.36 42.50
N VAL KA 248 -55.14 105.62 43.53
CA VAL KA 248 -54.09 104.69 43.95
C VAL KA 248 -54.22 104.46 45.45
N LEU KA 249 -54.30 103.19 45.83
CA LEU KA 249 -54.51 102.84 47.22
C LEU KA 249 -53.33 102.07 47.78
N TRP KA 250 -53.02 102.33 49.05
CA TRP KA 250 -52.12 101.49 49.86
C TRP KA 250 -53.04 100.70 50.78
N VAL KA 251 -53.02 99.38 50.63
CA VAL KA 251 -53.90 98.52 51.41
C VAL KA 251 -53.09 97.70 52.40
N VAL KA 252 -53.38 97.86 53.69
CA VAL KA 252 -52.55 97.25 54.72
C VAL KA 252 -53.37 96.92 55.94
N SER KA 253 -52.91 95.99 56.76
CA SER KA 253 -53.61 95.65 57.99
C SER KA 253 -53.02 96.35 59.23
N GLU KA 254 -53.88 96.83 60.12
CA GLU KA 254 -53.42 97.47 61.35
C GLU KA 254 -54.17 97.00 62.59
N TRP KA 255 -53.54 97.10 63.75
CA TRP KA 255 -54.17 96.64 64.99
C TRP KA 255 -54.49 97.80 65.91
N ASN KA 256 -55.72 97.81 66.42
CA ASN KA 256 -56.18 98.78 67.41
C ASN KA 256 -55.83 100.22 67.07
N GLY KA 257 -56.55 100.80 66.13
CA GLY KA 257 -56.24 102.13 65.68
C GLY KA 257 -55.33 102.10 64.47
N THR KA 258 -54.84 103.27 64.10
CA THR KA 258 -53.96 103.37 62.96
C THR KA 258 -52.81 104.27 63.32
N THR KA 259 -51.69 104.12 62.64
CA THR KA 259 -50.57 104.99 62.90
C THR KA 259 -50.84 106.34 62.27
N MET KA 260 -50.25 107.39 62.84
CA MET KA 260 -50.46 108.74 62.35
C MET KA 260 -49.26 109.20 61.56
N ASP KA 261 -48.22 108.37 61.55
CA ASP KA 261 -46.95 108.65 60.88
C ASP KA 261 -46.86 107.96 59.52
N TRP KA 262 -46.90 108.76 58.45
CA TRP KA 262 -46.87 108.22 57.09
C TRP KA 262 -45.65 107.34 56.84
N ASN KA 263 -44.54 107.63 57.50
CA ASN KA 263 -43.34 106.82 57.28
C ASN KA 263 -43.47 105.45 57.93
N GLU KA 264 -44.07 105.40 59.11
CA GLU KA 264 -44.29 104.11 59.75
C GLU KA 264 -45.26 103.28 58.92
N LEU KA 265 -46.28 103.95 58.39
CA LEU KA 265 -47.31 103.30 57.58
C LEU KA 265 -46.71 102.50 56.42
N PHE KA 266 -45.67 103.05 55.81
CA PHE KA 266 -45.06 102.39 54.65
C PHE KA 266 -43.94 101.40 55.01
N LYS KA 267 -43.72 101.22 56.29
CA LYS KA 267 -42.80 100.17 56.74
C LYS KA 267 -43.60 98.89 56.99
N TYR KA 268 -44.93 98.98 56.96
CA TYR KA 268 -45.80 97.83 57.10
C TYR KA 268 -45.85 97.05 55.80
N PRO KA 269 -46.23 95.77 55.87
CA PRO KA 269 -46.39 94.91 54.70
C PRO KA 269 -47.75 95.04 54.04
N GLY KA 270 -47.87 96.01 53.14
CA GLY KA 270 -49.11 96.24 52.40
C GLY KA 270 -48.93 96.05 50.91
N VAL KA 271 -49.95 96.40 50.15
CA VAL KA 271 -49.92 96.25 48.70
C VAL KA 271 -50.55 97.49 48.04
N TYR KA 272 -50.14 97.78 46.80
CA TYR KA 272 -50.72 98.92 46.11
C TYR KA 272 -51.85 98.42 45.22
N VAL KA 273 -52.94 99.19 45.13
CA VAL KA 273 -54.04 98.84 44.26
C VAL KA 273 -54.34 100.05 43.38
N GLU KA 274 -54.19 99.89 42.06
CA GLU KA 274 -54.40 100.99 41.10
C GLU KA 274 -55.64 100.72 40.29
N GLU KA 275 -56.09 99.46 40.31
CA GLU KA 275 -57.15 99.00 39.40
C GLU KA 275 -57.77 97.69 39.85
N ASP KA 276 -58.91 97.32 39.26
CA ASP KA 276 -59.55 96.03 39.51
C ASP KA 276 -58.47 94.96 39.58
N GLY KA 277 -58.57 94.07 40.58
CA GLY KA 277 -57.62 92.99 40.75
C GLY KA 277 -57.72 92.26 42.08
N SER KA 278 -56.90 91.24 42.25
CA SER KA 278 -56.86 90.52 43.52
C SER KA 278 -55.75 91.10 44.42
N PHE KA 279 -55.80 90.76 45.71
CA PHE KA 279 -54.82 91.22 46.69
C PHE KA 279 -54.66 90.20 47.80
N GLU KA 280 -53.48 90.17 48.42
CA GLU KA 280 -53.26 89.38 49.63
C GLU KA 280 -52.64 90.30 50.69
N VAL KA 281 -53.28 90.40 51.84
CA VAL KA 281 -52.71 91.17 52.94
C VAL KA 281 -52.68 90.34 54.21
N LYS KA 282 -51.55 90.36 54.91
CA LYS KA 282 -51.38 89.63 56.17
C LYS KA 282 -52.20 90.31 57.25
N ILE KA 283 -52.94 89.51 58.03
CA ILE KA 283 -53.68 90.00 59.19
C ILE KA 283 -52.66 90.30 60.29
N ARG KA 284 -52.56 91.57 60.67
CA ARG KA 284 -51.55 92.04 61.59
C ARG KA 284 -52.10 92.14 63.00
N SER KA 285 -51.46 91.49 63.96
CA SER KA 285 -51.94 91.50 65.34
C SER KA 285 -50.89 91.04 66.32
N PRO KA 286 -50.92 91.60 67.53
CA PRO KA 286 -49.99 91.25 68.61
C PRO KA 286 -50.06 89.79 68.95
N TYR KA 287 -51.18 89.15 68.63
CA TYR KA 287 -51.40 87.73 68.91
C TYR KA 287 -51.39 86.89 67.64
N HIS KA 288 -51.13 87.56 66.52
CA HIS KA 288 -51.08 86.92 65.21
C HIS KA 288 -52.47 86.52 64.72
N ARG KA 289 -53.47 86.66 65.59
CA ARG KA 289 -54.85 86.34 65.24
C ARG KA 289 -55.72 87.47 65.71
N THR KA 290 -56.86 87.69 65.07
CA THR KA 290 -57.87 88.61 65.58
C THR KA 290 -59.07 87.77 66.03
N PRO KA 291 -59.75 88.19 67.11
CA PRO KA 291 -60.89 87.41 67.62
C PRO KA 291 -62.07 87.41 66.65
N ALA KA 292 -62.81 86.30 66.65
CA ALA KA 292 -63.94 86.10 65.76
C ALA KA 292 -65.15 87.03 66.04
N ARG KA 293 -65.41 87.31 67.32
CA ARG KA 293 -66.50 88.20 67.67
C ARG KA 293 -66.06 89.19 68.73
N LEU KA 294 -66.89 90.21 68.97
CA LEU KA 294 -66.57 91.22 69.99
C LEU KA 294 -67.17 90.94 71.35
N LEU KA 295 -66.51 91.46 72.38
CA LEU KA 295 -67.05 91.48 73.72
C LEU KA 295 -67.72 92.81 73.93
N ALA KA 296 -68.27 92.99 75.12
CA ALA KA 296 -69.08 94.17 75.41
C ALA KA 296 -68.18 95.39 75.45
N GLY KA 297 -68.50 96.39 74.63
CA GLY KA 297 -67.77 97.64 74.65
C GLY KA 297 -66.56 97.68 73.73
N GLN KA 298 -66.24 96.54 73.15
CA GLN KA 298 -65.17 96.51 72.18
C GLN KA 298 -65.70 96.99 70.85
N SER KA 299 -64.82 97.63 70.09
CA SER KA 299 -65.14 98.04 68.75
C SER KA 299 -64.34 97.19 67.78
N GLN KA 300 -64.81 97.08 66.55
CA GLN KA 300 -64.14 96.23 65.60
C GLN KA 300 -62.74 96.78 65.24
N ARG KA 301 -62.56 98.09 65.41
CA ARG KA 301 -61.28 98.72 65.11
C ARG KA 301 -60.24 98.47 66.20
N ASP KA 302 -60.72 98.02 67.35
CA ASP KA 302 -59.85 97.70 68.47
C ASP KA 302 -58.99 96.50 68.16
N MET KA 303 -59.42 95.77 67.15
CA MET KA 303 -58.73 94.57 66.70
C MET KA 303 -58.02 94.79 65.36
N SER KA 304 -57.92 93.71 64.60
CA SER KA 304 -57.28 93.76 63.29
C SER KA 304 -58.24 94.25 62.22
N SER KA 305 -57.80 95.24 61.44
CA SER KA 305 -58.63 95.77 60.33
C SER KA 305 -57.86 95.77 59.02
N LEU KA 306 -58.61 95.76 57.92
CA LEU KA 306 -58.05 95.86 56.57
C LEU KA 306 -58.23 97.32 56.16
N ASN KA 307 -57.13 98.07 56.09
CA ASN KA 307 -57.19 99.52 55.84
C ASN KA 307 -56.87 99.96 54.42
N PHE KA 308 -57.74 100.80 53.88
CA PHE KA 308 -57.58 101.28 52.53
C PHE KA 308 -57.21 102.75 52.56
N TYR KA 309 -55.93 103.02 52.26
CA TYR KA 309 -55.40 104.38 52.23
C TYR KA 309 -55.32 104.93 50.79
N ALA KA 310 -56.04 106.02 50.53
CA ALA KA 310 -55.91 106.67 49.24
C ALA KA 310 -54.66 107.54 49.32
N ILE KA 311 -53.63 107.18 48.56
CA ILE KA 311 -52.37 107.92 48.62
C ILE KA 311 -52.14 108.81 47.41
N ALA KA 312 -52.90 108.60 46.35
CA ALA KA 312 -52.91 109.49 45.20
C ALA KA 312 -54.30 109.49 44.59
N GLY KA 313 -55.00 110.61 44.70
CA GLY KA 313 -56.38 110.69 44.24
C GLY KA 313 -57.37 110.34 45.34
N PRO KA 314 -58.62 110.06 44.96
CA PRO KA 314 -59.08 109.95 43.56
C PRO KA 314 -59.07 111.27 42.81
N ILE KA 315 -58.91 111.20 41.50
CA ILE KA 315 -59.02 112.38 40.65
C ILE KA 315 -60.09 112.13 39.61
N ALA KA 316 -60.69 113.22 39.14
CA ALA KA 316 -61.64 113.16 38.03
C ALA KA 316 -61.64 114.53 37.38
N PRO KA 317 -62.14 114.61 36.13
CA PRO KA 317 -62.21 115.89 35.42
C PRO KA 317 -63.22 116.78 36.11
N SER KA 318 -63.14 118.10 35.94
CA SER KA 318 -64.21 118.91 36.53
C SER KA 318 -65.35 118.82 35.54
N GLY KA 319 -66.59 118.96 36.01
CA GLY KA 319 -66.90 119.07 37.42
C GLY KA 319 -67.67 117.81 37.79
N GLU KA 320 -66.91 116.79 38.13
CA GLU KA 320 -67.51 115.59 38.63
C GLU KA 320 -67.68 115.81 40.13
N THR KA 321 -68.64 115.13 40.75
CA THR KA 321 -68.90 115.32 42.17
C THR KA 321 -69.05 114.01 42.92
N ALA KA 322 -69.40 112.96 42.16
CA ALA KA 322 -69.55 111.62 42.70
C ALA KA 322 -68.32 111.12 43.47
N GLN KA 323 -68.57 110.36 44.53
CA GLN KA 323 -67.48 109.71 45.21
C GLN KA 323 -67.01 108.52 44.40
N LEU KA 324 -65.77 108.07 44.63
CA LEU KA 324 -65.27 106.89 43.96
C LEU KA 324 -65.43 105.71 44.88
N PRO KA 325 -66.26 104.74 44.49
CA PRO KA 325 -66.54 103.55 45.29
C PRO KA 325 -65.59 102.38 45.02
N ILE KA 326 -65.22 101.69 46.09
CA ILE KA 326 -64.40 100.48 46.06
C ILE KA 326 -65.25 99.34 46.63
N VAL KA 327 -65.43 98.27 45.86
CA VAL KA 327 -66.11 97.11 46.40
C VAL KA 327 -65.10 96.01 46.69
N VAL KA 328 -65.02 95.58 47.94
CA VAL KA 328 -64.09 94.52 48.32
C VAL KA 328 -64.76 93.16 48.48
N GLN KA 329 -64.16 92.12 47.89
CA GLN KA 329 -64.61 90.74 48.08
C GLN KA 329 -63.53 89.94 48.78
N ILE KA 330 -63.92 89.20 49.80
CA ILE KA 330 -62.97 88.37 50.52
C ILE KA 330 -63.20 86.91 50.15
N ASP KA 331 -62.15 86.28 49.61
CA ASP KA 331 -62.29 84.94 49.05
C ASP KA 331 -61.87 83.87 50.03
N GLU KA 332 -60.71 84.06 50.66
CA GLU KA 332 -60.33 83.14 51.71
C GLU KA 332 -59.24 83.67 52.62
N ILE KA 333 -59.05 82.99 53.75
CA ILE KA 333 -57.87 83.18 54.58
C ILE KA 333 -56.87 82.11 54.18
N VAL KA 334 -55.81 82.53 53.48
CA VAL KA 334 -54.80 81.61 53.01
C VAL KA 334 -53.73 81.46 54.08
N ARG KA 335 -53.13 80.28 54.15
CA ARG KA 335 -52.13 80.01 55.17
C ARG KA 335 -52.71 80.41 56.51
N PRO KA 336 -53.86 79.82 56.87
CA PRO KA 336 -54.62 80.24 58.04
C PRO KA 336 -54.00 79.82 59.35
N ASP KA 337 -54.02 80.71 60.33
CA ASP KA 337 -53.67 80.36 61.69
C ASP KA 337 -54.95 80.41 62.52
N LEU KA 338 -55.64 79.28 62.66
CA LEU KA 338 -56.91 79.29 63.35
C LEU KA 338 -56.82 79.05 64.86
N SER KA 339 -57.77 79.61 65.59
CA SER KA 339 -57.92 79.33 67.00
C SER KA 339 -58.60 77.98 67.16
N LEU KA 340 -58.78 77.56 68.40
CA LEU KA 340 -59.64 76.43 68.67
C LEU KA 340 -61.01 76.72 68.11
N PRO KA 341 -61.74 75.66 67.78
CA PRO KA 341 -63.17 75.84 67.50
C PRO KA 341 -63.85 76.44 68.72
N SER KA 342 -64.85 77.27 68.52
CA SER KA 342 -65.55 77.85 69.65
C SER KA 342 -66.42 76.80 70.36
N PHE KA 343 -66.95 75.84 69.62
CA PHE KA 343 -67.70 74.75 70.24
C PHE KA 343 -67.08 73.39 69.98
N GLU KA 344 -67.25 72.47 70.93
CA GLU KA 344 -66.75 71.12 70.76
C GLU KA 344 -67.90 70.26 70.31
N ASP KA 345 -67.66 68.97 70.08
CA ASP KA 345 -68.75 68.08 69.68
C ASP KA 345 -69.56 67.69 70.91
N ASP KA 346 -70.40 68.61 71.34
CA ASP KA 346 -71.03 68.50 72.62
C ASP KA 346 -72.45 69.03 72.49
N TYR KA 347 -73.20 68.93 73.57
CA TYR KA 347 -74.51 69.52 73.65
C TYR KA 347 -74.39 71.05 73.69
N PHE KA 348 -75.49 71.71 73.36
CA PHE KA 348 -75.61 73.15 73.57
C PHE KA 348 -77.07 73.49 73.86
N VAL KA 349 -77.31 74.69 74.39
CA VAL KA 349 -78.64 75.02 74.87
C VAL KA 349 -79.60 75.30 73.73
N TRP KA 350 -80.73 74.61 73.77
CA TRP KA 350 -81.81 74.89 72.84
C TRP KA 350 -82.78 75.88 73.49
N VAL KA 351 -83.32 75.53 74.66
CA VAL KA 351 -84.30 76.38 75.30
C VAL KA 351 -84.40 76.13 76.80
N ASP KA 352 -84.66 77.22 77.55
CA ASP KA 352 -85.00 77.11 78.97
C ASP KA 352 -86.45 77.51 79.17
N PHE KA 353 -87.23 76.68 79.86
CA PHE KA 353 -88.56 77.06 80.31
C PHE KA 353 -88.52 77.36 81.80
N SER KA 354 -89.18 78.43 82.22
CA SER KA 354 -89.15 78.84 83.62
C SER KA 354 -90.39 79.62 83.97
N GLU KA 355 -90.55 79.93 85.25
CA GLU KA 355 -91.65 80.80 85.69
C GLU KA 355 -93.01 80.29 85.19
N PHE KA 356 -93.31 79.02 85.48
CA PHE KA 356 -94.57 78.43 85.06
C PHE KA 356 -95.72 78.99 85.88
N THR KA 357 -96.84 79.28 85.21
CA THR KA 357 -98.01 79.84 85.90
C THR KA 357 -99.11 78.80 86.12
N LEU KA 358 -99.13 77.78 85.28
CA LEU KA 358 -100.08 76.70 85.44
C LEU KA 358 -99.36 75.41 85.76
N ASP KA 359 -99.98 74.54 86.54
CA ASP KA 359 -99.43 73.20 86.81
C ASP KA 359 -99.46 72.30 85.56
N LYS KA 360 -100.52 72.44 84.76
CA LYS KA 360 -100.60 71.69 83.50
C LYS KA 360 -100.00 72.54 82.37
N GLU KA 361 -98.90 72.05 81.80
CA GLU KA 361 -98.25 72.72 80.70
C GLU KA 361 -97.89 71.70 79.62
N GLU KA 362 -98.16 72.03 78.37
CA GLU KA 362 -97.80 71.12 77.29
C GLU KA 362 -97.12 71.86 76.13
N ILE KA 363 -95.85 71.54 75.91
CA ILE KA 363 -95.02 72.20 74.92
C ILE KA 363 -94.94 71.30 73.70
N GLU KA 364 -95.58 71.73 72.60
CA GLU KA 364 -95.50 70.97 71.35
C GLU KA 364 -94.24 71.27 70.56
N ILE KA 365 -93.54 70.21 70.16
CA ILE KA 365 -92.31 70.36 69.40
C ILE KA 365 -92.53 69.83 67.97
N GLY KA 366 -93.15 68.65 67.88
CA GLY KA 366 -93.46 68.05 66.60
C GLY KA 366 -92.23 67.47 65.96
N SER KA 367 -91.89 67.99 64.79
CA SER KA 367 -90.68 67.53 64.13
C SER KA 367 -89.75 68.71 63.80
N ARG KA 368 -89.93 69.83 64.49
CA ARG KA 368 -89.20 71.06 64.17
C ARG KA 368 -88.17 71.47 65.22
N PHE KA 369 -87.11 72.14 64.75
CA PHE KA 369 -86.22 72.86 65.64
C PHE KA 369 -86.50 74.34 65.42
N PHE KA 370 -86.96 75.06 66.44
CA PHE KA 370 -87.51 76.41 66.22
C PHE KA 370 -87.57 77.23 67.50
N ASP KA 371 -88.04 78.47 67.40
CA ASP KA 371 -88.22 79.34 68.58
C ASP KA 371 -89.60 79.16 69.23
N PHE KA 372 -89.61 78.84 70.52
CA PHE KA 372 -90.86 78.65 71.26
C PHE KA 372 -91.47 79.98 71.72
N THR KA 373 -92.78 79.98 71.92
CA THR KA 373 -93.47 81.07 72.60
C THR KA 373 -94.50 80.49 73.56
N SER KA 374 -94.71 81.18 74.68
CA SER KA 374 -95.73 80.75 75.63
C SER KA 374 -96.39 81.92 76.32
N ASN KA 375 -97.69 81.76 76.57
CA ASN KA 375 -98.45 82.74 77.33
C ASN KA 375 -98.48 82.38 78.81
N THR KA 376 -98.09 81.15 79.11
CA THR KA 376 -98.25 80.61 80.44
C THR KA 376 -96.91 80.40 81.14
N CYS KA 377 -95.82 80.60 80.42
CA CYS KA 377 -94.49 80.50 81.03
C CYS KA 377 -93.44 81.28 80.27
N ARG KA 378 -92.25 81.39 80.86
CA ARG KA 378 -91.17 82.17 80.26
C ARG KA 378 -90.25 81.30 79.41
N VAL KA 379 -90.19 81.65 78.13
CA VAL KA 379 -89.29 80.97 77.21
C VAL KA 379 -87.99 81.77 77.04
N SER KA 380 -86.85 81.10 77.19
CA SER KA 380 -85.55 81.72 76.91
C SER KA 380 -84.81 80.88 75.89
N MET KA 381 -84.66 81.40 74.69
CA MET KA 381 -84.08 80.62 73.61
C MET KA 381 -82.56 80.72 73.62
N GLY KA 382 -81.88 79.65 73.22
CA GLY KA 382 -80.43 79.68 73.12
C GLY KA 382 -79.98 80.33 71.81
N GLU KA 383 -78.85 81.02 71.86
CA GLU KA 383 -78.22 81.54 70.64
C GLU KA 383 -76.83 80.92 70.44
N ASN KA 384 -76.69 80.16 69.35
CA ASN KA 384 -75.44 79.48 69.01
C ASN KA 384 -75.32 79.25 67.50
N PRO KA 385 -74.13 78.81 67.04
CA PRO KA 385 -73.96 78.68 65.59
C PRO KA 385 -74.97 77.71 64.98
N PHE KA 386 -75.32 76.62 65.68
CA PHE KA 386 -76.27 75.68 65.10
C PHE KA 386 -77.61 76.34 64.77
N ALA KA 387 -78.15 77.10 65.72
CA ALA KA 387 -79.41 77.82 65.52
C ALA KA 387 -79.30 78.82 64.37
N ALA KA 388 -78.15 79.48 64.25
CA ALA KA 388 -77.90 80.39 63.13
C ALA KA 388 -77.87 79.64 61.80
N MET KA 389 -77.21 78.49 61.77
CA MET KA 389 -77.22 77.68 60.55
C MET KA 389 -78.62 77.25 60.13
N ILE KA 390 -79.47 76.93 61.11
CA ILE KA 390 -80.87 76.60 60.83
C ILE KA 390 -81.57 77.77 60.15
N ALA KA 391 -81.27 78.97 60.62
CA ALA KA 391 -81.88 80.19 60.14
C ALA KA 391 -81.33 80.64 58.80
N CYS KA 392 -80.11 80.21 58.48
CA CYS KA 392 -79.42 80.70 57.28
C CYS KA 392 -79.47 79.70 56.14
N HIS KA 393 -80.36 78.72 56.24
CA HIS KA 393 -80.61 77.83 55.11
C HIS KA 393 -82.10 77.69 54.87
N GLY KA 394 -82.46 77.40 53.63
CA GLY KA 394 -83.85 77.24 53.25
C GLY KA 394 -84.44 75.99 53.85
N LEU KA 395 -83.67 74.90 53.82
CA LEU KA 395 -84.12 73.61 54.35
C LEU KA 395 -83.04 72.96 55.19
N HIS KA 396 -83.46 72.12 56.14
CA HIS KA 396 -82.51 71.33 56.94
C HIS KA 396 -83.13 69.99 57.30
N SER KA 397 -82.29 69.06 57.75
CA SER KA 397 -82.79 67.76 58.16
C SER KA 397 -81.74 67.01 58.94
N GLY KA 398 -82.16 66.33 60.01
CA GLY KA 398 -81.21 65.57 60.81
C GLY KA 398 -81.86 65.03 62.07
N VAL KA 399 -81.03 64.50 62.96
CA VAL KA 399 -81.52 64.03 64.23
C VAL KA 399 -80.81 64.74 65.39
N LEU KA 400 -81.59 65.19 66.36
CA LEU KA 400 -81.03 65.82 67.55
C LEU KA 400 -81.15 64.91 68.75
N ASP KA 401 -80.04 64.71 69.46
CA ASP KA 401 -80.11 64.06 70.77
C ASP KA 401 -80.42 65.13 71.80
N LEU KA 402 -81.42 64.88 72.65
CA LEU KA 402 -81.82 65.84 73.66
C LEU KA 402 -81.41 65.40 75.08
N LYS KA 403 -80.96 66.36 75.87
CA LYS KA 403 -80.83 66.17 77.31
C LYS KA 403 -81.80 67.13 77.96
N LEU KA 404 -82.66 66.61 78.83
CA LEU KA 404 -83.52 67.44 79.63
C LEU KA 404 -82.98 67.49 81.07
N GLN KA 405 -82.88 68.70 81.63
CA GLN KA 405 -82.51 68.86 83.04
C GLN KA 405 -83.48 69.81 83.73
N TRP KA 406 -83.78 69.54 84.99
CA TRP KA 406 -84.67 70.44 85.74
C TRP KA 406 -84.36 70.49 87.23
N SER KA 407 -84.66 71.63 87.85
CA SER KA 407 -84.51 71.79 89.30
C SER KA 407 -85.88 72.08 89.89
N LEU KA 408 -86.06 71.74 91.17
CA LEU KA 408 -87.35 71.92 91.83
C LEU KA 408 -87.57 73.32 92.42
N ASN KA 409 -88.83 73.75 92.39
CA ASN KA 409 -89.24 75.01 93.00
C ASN KA 409 -89.80 74.80 94.42
N THR KA 410 -90.46 73.66 94.63
CA THR KA 410 -90.97 73.26 95.95
C THR KA 410 -89.97 72.36 96.69
N GLU KA 411 -90.30 71.98 97.92
CA GLU KA 411 -89.44 71.06 98.68
C GLU KA 411 -89.41 69.66 98.06
N PHE KA 412 -88.23 69.07 97.99
CA PHE KA 412 -88.05 67.77 97.33
C PHE KA 412 -88.98 66.72 97.90
N GLY KA 413 -89.16 66.73 99.22
CA GLY KA 413 -89.99 65.74 99.90
C GLY KA 413 -91.47 65.85 99.56
N LYS KA 414 -91.88 67.00 99.04
CA LYS KA 414 -93.28 67.22 98.73
C LYS KA 414 -93.56 66.97 97.25
N SER KA 415 -92.50 66.70 96.48
CA SER KA 415 -92.61 66.62 95.02
C SER KA 415 -93.44 65.44 94.51
N SER KA 416 -94.09 65.65 93.37
CA SER KA 416 -94.85 64.58 92.72
C SER KA 416 -94.95 64.89 91.23
N GLY KA 417 -95.47 63.96 90.44
CA GLY KA 417 -95.63 64.21 89.02
C GLY KA 417 -94.41 63.86 88.19
N SER KA 418 -94.37 64.41 86.98
CA SER KA 418 -93.45 63.98 85.95
C SER KA 418 -93.19 64.99 84.87
N VAL KA 419 -92.03 64.85 84.22
CA VAL KA 419 -91.78 65.39 82.89
C VAL KA 419 -92.03 64.23 81.94
N THR KA 420 -93.05 64.34 81.10
CA THR KA 420 -93.39 63.27 80.18
C THR KA 420 -93.06 63.66 78.74
N ILE KA 421 -92.35 62.79 78.02
CA ILE KA 421 -92.06 63.01 76.62
C ILE KA 421 -93.00 62.17 75.77
N THR KA 422 -93.98 62.80 75.14
CA THR KA 422 -94.87 62.10 74.21
C THR KA 422 -94.22 61.99 72.82
N LYS KA 423 -94.14 60.76 72.33
CA LYS KA 423 -93.56 60.52 71.01
C LYS KA 423 -94.59 59.80 70.14
N LEU KA 424 -95.01 60.47 69.08
CA LEU KA 424 -96.00 59.91 68.17
C LEU KA 424 -95.46 59.85 66.75
N VAL KA 425 -96.22 59.16 65.89
CA VAL KA 425 -96.04 59.29 64.46
C VAL KA 425 -97.36 59.75 63.89
N GLY KA 426 -97.38 60.96 63.35
CA GLY KA 426 -98.63 61.53 62.89
C GLY KA 426 -98.87 62.84 63.60
N ASP KA 427 -99.96 62.91 64.34
CA ASP KA 427 -100.28 64.08 65.14
C ASP KA 427 -101.02 63.68 66.41
N LYS KA 428 -101.35 64.66 67.25
CA LYS KA 428 -101.97 64.36 68.52
C LYS KA 428 -103.29 63.62 68.29
N ALA KA 429 -103.97 63.94 67.18
CA ALA KA 429 -105.31 63.42 66.94
C ALA KA 429 -105.42 61.99 66.42
N MET KA 430 -104.54 61.60 65.50
CA MET KA 430 -104.67 60.30 64.82
C MET KA 430 -103.36 59.52 64.79
N GLY KA 431 -102.41 59.93 65.61
CA GLY KA 431 -101.06 59.37 65.54
C GLY KA 431 -100.88 58.00 66.13
N LEU KA 432 -99.73 57.41 65.83
CA LEU KA 432 -99.33 56.13 66.38
C LEU KA 432 -98.39 56.40 67.56
N ASP KA 433 -98.34 55.46 68.50
CA ASP KA 433 -97.54 55.62 69.71
C ASP KA 433 -96.13 55.06 69.60
N GLY KA 434 -95.16 55.94 69.78
CA GLY KA 434 -93.76 55.57 69.73
C GLY KA 434 -93.11 55.42 71.09
N PRO KA 435 -91.84 55.77 71.18
CA PRO KA 435 -91.09 55.62 72.43
C PRO KA 435 -91.37 56.79 73.40
N SER KA 436 -92.64 57.01 73.70
CA SER KA 436 -93.05 57.97 74.73
C SER KA 436 -92.43 57.55 76.04
N HIS KA 437 -92.25 58.48 76.95
CA HIS KA 437 -91.36 58.24 78.06
C HIS KA 437 -91.82 59.06 79.26
N VAL KA 438 -91.97 58.42 80.42
CA VAL KA 438 -92.37 59.11 81.64
C VAL KA 438 -91.20 59.25 82.61
N PHE KA 439 -90.74 60.47 82.82
CA PHE KA 439 -89.67 60.72 83.81
C PHE KA 439 -90.29 61.23 85.10
N ALA KA 440 -90.32 60.42 86.14
CA ALA KA 440 -90.80 60.91 87.42
C ALA KA 440 -90.03 62.18 87.76
N ILE KA 441 -90.70 63.19 88.30
CA ILE KA 441 -90.06 64.49 88.50
C ILE KA 441 -88.78 64.39 89.34
N GLN KA 442 -88.69 63.37 90.19
CA GLN KA 442 -87.54 63.18 91.07
C GLN KA 442 -86.27 62.73 90.33
N LYS KA 443 -86.42 62.24 89.11
CA LYS KA 443 -85.24 61.89 88.30
C LYS KA 443 -84.39 63.12 88.03
N LEU KA 444 -85.05 64.27 87.85
CA LEU KA 444 -84.38 65.56 87.70
C LEU KA 444 -83.61 65.69 86.38
N GLU KA 445 -83.71 64.67 85.53
CA GLU KA 445 -83.15 64.70 84.19
C GLU KA 445 -83.66 63.54 83.34
N GLY KA 446 -83.54 63.69 82.02
CA GLY KA 446 -83.90 62.63 81.10
C GLY KA 446 -83.38 62.89 79.71
N THR KA 447 -83.39 61.85 78.88
CA THR KA 447 -82.88 61.98 77.51
C THR KA 447 -83.87 61.48 76.48
N THR KA 448 -83.79 62.01 75.27
CA THR KA 448 -84.60 61.53 74.15
C THR KA 448 -83.98 61.94 72.80
N GLU KA 449 -84.41 61.31 71.71
CA GLU KA 449 -83.98 61.74 70.39
C GLU KA 449 -85.13 62.54 69.76
N LEU KA 450 -84.80 63.44 68.85
CA LEU KA 450 -85.81 64.16 68.09
C LEU KA 450 -85.49 64.14 66.59
N LEU KA 451 -86.43 63.65 65.80
CA LEU KA 451 -86.25 63.69 64.36
C LEU KA 451 -86.66 65.07 63.88
N VAL KA 452 -85.71 65.80 63.30
CA VAL KA 452 -85.98 67.07 62.64
C VAL KA 452 -86.06 66.79 61.14
N GLY KA 453 -87.29 66.62 60.66
CA GLY KA 453 -87.54 66.24 59.28
C GLY KA 453 -88.97 65.73 59.10
N ASN KA 454 -89.21 65.03 58.01
CA ASN KA 454 -90.53 64.55 57.67
C ASN KA 454 -90.48 63.64 56.44
N PHE KA 455 -91.63 63.08 56.05
CA PHE KA 455 -91.67 62.15 54.92
C PHE KA 455 -91.02 62.72 53.66
N ALA KA 456 -91.11 64.02 53.44
CA ALA KA 456 -90.55 64.62 52.24
C ALA KA 456 -89.01 64.71 52.29
N GLY KA 457 -88.45 64.83 53.49
CA GLY KA 457 -87.01 64.74 53.66
C GLY KA 457 -86.29 65.90 54.34
N ALA KA 458 -86.96 67.03 54.49
CA ALA KA 458 -86.33 68.21 55.07
C ALA KA 458 -87.39 69.22 55.54
N ASN KA 459 -86.99 70.09 56.46
CA ASN KA 459 -87.90 71.11 56.99
C ASN KA 459 -87.49 72.46 56.47
N PRO KA 460 -88.48 73.29 56.12
CA PRO KA 460 -88.27 74.71 55.89
C PRO KA 460 -88.11 75.42 57.24
N ASN KA 461 -87.63 76.66 57.21
CA ASN KA 461 -87.46 77.40 58.46
C ASN KA 461 -88.72 78.23 58.78
N THR KA 462 -89.88 77.63 58.54
CA THR KA 462 -91.16 78.24 58.80
C THR KA 462 -92.08 77.17 59.35
N ARG KA 463 -93.31 77.55 59.66
CA ARG KA 463 -94.31 76.55 60.03
C ARG KA 463 -94.73 75.84 58.74
N PHE KA 464 -94.95 74.53 58.83
CA PHE KA 464 -95.36 73.72 57.68
C PHE KA 464 -96.14 72.55 58.26
N SER KA 465 -96.88 71.84 57.42
CA SER KA 465 -97.59 70.65 57.89
C SER KA 465 -97.28 69.45 57.00
N LEU KA 466 -96.30 68.64 57.40
CA LEU KA 466 -95.96 67.43 56.63
C LEU KA 466 -95.81 66.24 57.55
N TYR KA 467 -96.55 65.17 57.23
CA TYR KA 467 -96.55 63.93 58.04
C TYR KA 467 -95.14 63.54 58.49
N SER KA 468 -94.98 63.37 59.80
CA SER KA 468 -93.69 62.98 60.35
C SER KA 468 -93.87 62.43 61.76
N ARG KA 469 -92.77 62.10 62.41
CA ARG KA 469 -92.82 61.85 63.84
C ARG KA 469 -93.18 63.15 64.60
N TRP KA 470 -93.67 63.01 65.83
CA TRP KA 470 -94.24 64.14 66.55
C TRP KA 470 -93.88 64.05 68.01
N MET KA 471 -93.36 65.14 68.58
CA MET KA 471 -92.91 65.14 69.97
C MET KA 471 -93.53 66.25 70.79
N ALA KA 472 -93.77 65.97 72.07
CA ALA KA 472 -94.28 66.98 72.98
C ALA KA 472 -93.76 66.76 74.37
N ILE KA 473 -93.56 67.84 75.11
CA ILE KA 473 -93.19 67.74 76.52
C ILE KA 473 -94.40 68.08 77.37
N LYS KA 474 -94.76 67.20 78.31
CA LYS KA 474 -95.96 67.38 79.13
C LYS KA 474 -95.60 67.48 80.60
N LEU KA 475 -95.85 68.66 81.17
CA LEU KA 475 -95.68 68.86 82.61
C LEU KA 475 -97.02 68.76 83.34
N ASP KA 476 -97.07 68.07 84.47
CA ASP KA 476 -98.33 67.97 85.22
C ASP KA 476 -98.23 68.69 86.57
N GLN KA 477 -97.01 69.05 86.95
CA GLN KA 477 -96.76 69.76 88.19
C GLN KA 477 -95.77 70.88 87.93
N ALA KA 478 -96.04 71.65 86.88
CA ALA KA 478 -95.05 72.57 86.35
C ALA KA 478 -94.65 73.65 87.34
N LYS KA 479 -95.57 74.00 88.24
CA LYS KA 479 -95.26 75.02 89.25
C LYS KA 479 -94.19 74.55 90.24
N SER KA 480 -93.96 73.24 90.29
CA SER KA 480 -92.92 72.66 91.14
C SER KA 480 -91.55 72.70 90.47
N ILE KA 481 -91.49 73.22 89.25
CA ILE KA 481 -90.25 73.27 88.52
C ILE KA 481 -89.67 74.68 88.42
N LYS KA 482 -88.44 74.87 88.87
CA LYS KA 482 -87.84 76.20 88.81
C LYS KA 482 -87.33 76.48 87.41
N VAL KA 483 -86.80 75.44 86.76
CA VAL KA 483 -86.35 75.56 85.38
C VAL KA 483 -86.28 74.21 84.69
N LEU KA 484 -86.70 74.19 83.43
CA LEU KA 484 -86.61 73.01 82.59
C LEU KA 484 -85.69 73.40 81.45
N ARG KA 485 -84.49 72.83 81.42
CA ARG KA 485 -83.55 73.15 80.37
C ARG KA 485 -83.47 72.03 79.34
N VAL KA 486 -83.50 72.39 78.06
CA VAL KA 486 -83.35 71.42 76.98
C VAL KA 486 -82.08 71.67 76.18
N LEU KA 487 -81.14 70.74 76.28
CA LEU KA 487 -79.93 70.76 75.45
C LEU KA 487 -80.04 69.79 74.30
N CYS KA 488 -79.40 70.14 73.19
CA CYS KA 488 -79.37 69.24 72.05
C CYS KA 488 -77.96 69.09 71.47
N LYS KA 489 -77.75 67.98 70.77
CA LYS KA 489 -76.46 67.63 70.16
C LYS KA 489 -76.76 66.91 68.86
N PRO KA 490 -76.56 67.60 67.73
CA PRO KA 490 -76.90 67.04 66.43
C PRO KA 490 -76.07 65.79 66.14
N ARG KA 491 -76.75 64.72 65.72
CA ARG KA 491 -76.08 63.52 65.26
C ARG KA 491 -75.41 63.80 63.94
N PRO KA 492 -74.28 63.12 63.69
CA PRO KA 492 -73.46 63.35 62.50
C PRO KA 492 -74.31 63.27 61.25
N GLY KA 493 -74.08 64.20 60.32
CA GLY KA 493 -74.80 64.25 59.08
C GLY KA 493 -76.02 65.14 59.09
N PHE KA 494 -76.12 66.02 60.09
CA PHE KA 494 -77.20 66.98 60.10
C PHE KA 494 -77.01 67.94 58.94
N SER KA 495 -77.99 68.03 58.04
CA SER KA 495 -77.77 68.64 56.74
C SER KA 495 -78.54 69.92 56.52
N PHE KA 496 -77.89 70.83 55.79
CA PHE KA 496 -78.52 72.10 55.44
C PHE KA 496 -78.52 72.27 53.93
N TYR KA 497 -79.63 72.82 53.42
CA TYR KA 497 -79.82 73.02 51.99
C TYR KA 497 -80.10 74.48 51.65
N GLY KA 498 -79.35 75.00 50.67
CA GLY KA 498 -79.59 76.34 50.12
C GLY KA 498 -79.24 77.48 51.03
N ARG KA 499 -78.00 77.94 50.95
CA ARG KA 499 -77.60 79.06 51.79
C ARG KA 499 -78.43 80.33 51.53
N THR KA 500 -78.81 81.00 52.61
CA THR KA 500 -79.59 82.23 52.52
C THR KA 500 -79.33 83.13 53.75
N SER KA 501 -80.23 84.06 54.02
CA SER KA 501 -80.07 84.90 55.20
C SER KA 501 -81.37 85.05 55.99
N PHE KA 502 -81.28 85.73 57.13
CA PHE KA 502 -82.40 85.80 58.06
C PHE KA 502 -82.38 87.09 58.84
N PRO KA 503 -83.10 88.09 58.34
CA PRO KA 503 -83.23 89.36 59.05
C PRO KA 503 -84.23 89.28 60.20
N VAL KA 504 -83.87 89.82 61.35
CA VAL KA 504 -84.77 90.00 62.49
C VAL KA 504 -84.60 91.36 63.15
N GLY LA 1 -104.22 13.62 45.17
CA GLY LA 1 -105.52 13.16 44.75
C GLY LA 1 -106.64 14.00 45.32
N LEU LA 2 -107.86 13.79 44.85
CA LEU LA 2 -109.00 14.55 45.35
C LEU LA 2 -109.20 14.25 46.84
N ALA LA 3 -109.16 15.30 47.64
CA ALA LA 3 -109.14 15.14 49.09
C ALA LA 3 -110.46 15.49 49.73
N GLY LA 4 -111.15 16.44 49.12
CA GLY LA 4 -112.45 16.87 49.61
C GLY LA 4 -113.18 17.71 48.58
N ARG LA 5 -114.47 17.92 48.80
CA ARG LA 5 -115.26 18.69 47.86
C ARG LA 5 -116.45 19.40 48.49
N GLY LA 6 -117.04 20.31 47.73
CA GLY LA 6 -118.15 21.12 48.23
C GLY LA 6 -118.84 21.83 47.10
N VAL LA 7 -119.99 22.42 47.41
CA VAL LA 7 -120.79 23.06 46.37
C VAL LA 7 -121.18 24.48 46.77
N ILE LA 8 -121.02 25.42 45.84
CA ILE LA 8 -121.47 26.78 46.04
C ILE LA 8 -122.70 27.04 45.16
N TYR LA 9 -123.73 27.66 45.74
CA TYR LA 9 -124.96 27.97 44.99
C TYR LA 9 -125.03 29.39 44.48
N ILE LA 10 -125.05 29.52 43.16
CA ILE LA 10 -125.14 30.82 42.55
C ILE LA 10 -126.61 31.08 42.21
N PRO LA 11 -127.17 32.19 42.71
CA PRO LA 11 -128.50 32.67 42.32
C PRO LA 11 -128.46 33.12 40.87
N LYS LA 12 -129.60 33.15 40.20
CA LYS LA 12 -129.64 33.64 38.84
C LYS LA 12 -129.31 35.13 38.81
N ASP LA 13 -129.81 35.90 39.77
CA ASP LA 13 -129.39 37.29 39.87
C ASP LA 13 -128.27 37.49 40.89
N CYS LA 14 -127.04 37.20 40.46
CA CYS LA 14 -125.88 37.34 41.34
C CYS LA 14 -125.31 38.76 41.27
N GLN LA 15 -125.51 39.54 42.34
CA GLN LA 15 -125.18 40.98 42.37
C GLN LA 15 -123.90 41.33 43.13
N ALA LA 16 -123.34 42.52 42.90
CA ALA LA 16 -122.16 42.93 43.67
C ALA LA 16 -122.40 42.76 45.17
N ASN LA 17 -121.47 42.07 45.84
CA ASN LA 17 -121.47 41.98 47.30
C ASN LA 17 -122.36 40.89 47.85
N ARG LA 18 -122.75 39.97 46.98
CA ARG LA 18 -123.65 38.90 47.35
C ARG LA 18 -122.90 37.74 47.97
N TYR LA 19 -123.25 37.43 49.22
CA TYR LA 19 -122.63 36.28 49.88
C TYR LA 19 -123.17 35.00 49.25
N LEU LA 20 -122.28 34.07 48.93
CA LEU LA 20 -122.66 32.84 48.21
C LEU LA 20 -122.57 31.61 49.10
N GLY LA 21 -121.71 31.68 50.11
CA GLY LA 21 -121.55 30.59 51.04
C GLY LA 21 -120.14 30.40 51.57
N THR LA 22 -120.01 29.57 52.60
CA THR LA 22 -118.71 29.28 53.15
C THR LA 22 -118.50 27.77 53.20
N LEU LA 23 -117.32 27.33 52.79
CA LEU LA 23 -116.98 25.93 52.89
C LEU LA 23 -116.00 25.80 54.02
N ASN LA 24 -116.15 24.76 54.82
CA ASN LA 24 -115.22 24.50 55.89
C ASN LA 24 -114.16 23.48 55.41
N ILE LA 25 -112.90 23.91 55.33
CA ILE LA 25 -111.89 23.07 54.68
C ILE LA 25 -111.79 21.70 55.31
N ARG LA 26 -111.88 21.66 56.63
CA ARG LA 26 -111.68 20.37 57.27
C ARG LA 26 -112.92 19.47 57.07
N ASP LA 27 -114.10 20.07 57.12
CA ASP LA 27 -115.33 19.35 56.81
C ASP LA 27 -115.37 18.83 55.36
N MET LA 28 -114.88 19.61 54.40
CA MET LA 28 -114.77 19.11 53.02
C MET LA 28 -114.00 17.79 52.95
N ILE LA 29 -112.91 17.70 53.71
CA ILE LA 29 -112.08 16.52 53.68
C ILE LA 29 -112.71 15.38 54.48
N SER LA 30 -113.33 15.70 55.61
CA SER LA 30 -113.91 14.66 56.46
C SER LA 30 -115.25 14.13 55.96
N ASP LA 31 -116.05 14.96 55.29
CA ASP LA 31 -117.33 14.50 54.77
C ASP LA 31 -117.10 13.61 53.57
N PHE LA 32 -116.00 13.87 52.86
CA PHE LA 32 -115.65 13.11 51.69
C PHE LA 32 -115.14 11.73 52.10
N LYS LA 33 -114.05 11.69 52.86
CA LYS LA 33 -113.74 10.54 53.69
C LYS LA 33 -113.51 9.22 52.96
N GLY LA 34 -112.79 9.21 51.84
CA GLY LA 34 -111.67 10.07 51.55
C GLY LA 34 -110.43 9.18 51.72
N VAL LA 35 -109.69 8.87 50.65
CA VAL LA 35 -108.40 8.18 50.83
C VAL LA 35 -107.47 9.10 51.60
N GLN LA 36 -107.52 10.39 51.27
CA GLN LA 36 -106.67 11.37 51.95
C GLN LA 36 -107.10 11.55 53.39
N TYR LA 37 -108.41 11.60 53.64
CA TYR LA 37 -108.92 11.70 55.01
C TYR LA 37 -108.40 10.56 55.89
N GLU LA 38 -108.41 9.36 55.35
CA GLU LA 38 -107.92 8.23 56.11
C GLU LA 38 -106.39 8.26 56.33
N LYS LA 39 -105.63 8.78 55.37
CA LYS LA 39 -104.19 8.95 55.56
C LYS LA 39 -103.94 9.96 56.67
N TRP LA 40 -104.87 10.89 56.80
CA TRP LA 40 -104.77 11.99 57.76
C TRP LA 40 -104.88 11.45 59.18
N ILE LA 41 -105.90 10.62 59.41
CA ILE LA 41 -106.10 9.99 60.73
C ILE LA 41 -104.83 9.33 61.25
N THR LA 42 -104.04 8.74 60.36
CA THR LA 42 -102.82 8.05 60.75
C THR LA 42 -101.68 9.01 61.00
N ALA LA 43 -101.62 10.05 60.19
CA ALA LA 43 -100.59 11.06 60.32
C ALA LA 43 -100.77 11.85 61.63
N GLY LA 44 -102.04 12.10 61.98
CA GLY LA 44 -102.38 12.95 63.09
C GLY LA 44 -102.32 14.41 62.66
N LEU LA 45 -101.12 14.89 62.34
CA LEU LA 45 -100.92 16.26 61.90
C LEU LA 45 -100.58 16.36 60.43
N VAL LA 46 -101.23 17.27 59.71
CA VAL LA 46 -100.85 17.52 58.31
C VAL LA 46 -100.60 19.02 58.04
N MET LA 47 -99.62 19.31 57.17
CA MET LA 47 -99.33 20.68 56.71
C MET LA 47 -99.47 20.82 55.19
N PRO LA 48 -100.67 20.56 54.67
CA PRO LA 48 -100.85 20.27 53.25
C PRO LA 48 -100.40 21.38 52.33
N THR LA 49 -100.07 21.03 51.09
CA THR LA 49 -100.11 21.98 49.99
C THR LA 49 -101.34 21.62 49.16
N PHE LA 50 -102.38 22.44 49.25
CA PHE LA 50 -103.63 22.20 48.51
C PHE LA 50 -103.57 22.79 47.11
N LYS LA 51 -104.19 22.09 46.16
CA LYS LA 51 -104.60 22.71 44.91
C LYS LA 51 -106.11 22.85 45.01
N ILE LA 52 -106.62 24.08 44.96
CA ILE LA 52 -108.04 24.31 45.01
C ILE LA 52 -108.50 24.49 43.59
N VAL LA 53 -109.57 23.79 43.23
CA VAL LA 53 -110.13 23.90 41.89
C VAL LA 53 -111.61 24.22 41.97
N ILE LA 54 -112.01 25.31 41.33
CA ILE LA 54 -113.42 25.66 41.27
C ILE LA 54 -113.93 25.39 39.87
N ARG LA 55 -114.85 24.43 39.76
CA ARG LA 55 -115.45 24.09 38.49
C ARG LA 55 -116.75 24.85 38.23
N LEU LA 56 -116.84 25.36 37.01
CA LEU LA 56 -117.45 26.64 36.77
C LEU LA 56 -117.53 26.73 35.25
N PRO LA 57 -118.73 26.86 34.70
CA PRO LA 57 -118.85 26.94 33.24
C PRO LA 57 -118.40 28.29 32.69
N ALA LA 58 -117.43 28.29 31.79
CA ALA LA 58 -116.90 29.54 31.29
C ALA LA 58 -117.96 30.30 30.52
N ASN LA 59 -118.04 31.60 30.71
CA ASN LA 59 -119.01 32.41 30.00
C ASN LA 59 -118.57 33.87 29.88
N ALA LA 60 -118.51 34.36 28.65
CA ALA LA 60 -118.06 35.73 28.43
C ALA LA 60 -119.21 36.75 28.39
N PHE LA 61 -120.42 36.31 28.67
CA PHE LA 61 -121.58 37.16 28.46
C PHE LA 61 -122.28 37.61 29.75
N THR LA 62 -121.59 37.53 30.88
CA THR LA 62 -122.23 37.84 32.15
C THR LA 62 -121.59 39.01 32.88
N GLY LA 63 -120.26 39.06 32.86
CA GLY LA 63 -119.53 40.09 33.60
C GLY LA 63 -119.22 39.70 35.02
N LEU LA 64 -119.65 38.50 35.40
CA LEU LA 64 -119.53 38.01 36.76
C LEU LA 64 -118.08 37.83 37.18
N THR LA 65 -117.74 38.36 38.36
CA THR LA 65 -116.46 38.08 38.98
C THR LA 65 -116.66 37.78 40.45
N TRP LA 66 -116.08 36.67 40.92
CA TRP LA 66 -116.24 36.24 42.31
C TRP LA 66 -114.93 36.33 43.05
N VAL LA 67 -114.99 36.29 44.38
CA VAL LA 67 -113.78 36.26 45.18
C VAL LA 67 -113.82 35.07 46.12
N MET LA 68 -112.78 34.22 46.04
CA MET LA 68 -112.59 33.20 47.05
C MET LA 68 -111.64 33.78 48.08
N SER LA 69 -112.07 33.79 49.34
CA SER LA 69 -111.27 34.36 50.43
C SER LA 69 -110.86 33.24 51.38
N PHE LA 70 -109.56 33.09 51.60
CA PHE LA 70 -109.05 32.08 52.52
C PHE LA 70 -108.95 32.68 53.93
N ASP LA 71 -109.87 32.27 54.78
CA ASP LA 71 -109.98 32.80 56.13
C ASP LA 71 -109.62 31.73 57.14
N ALA LA 72 -108.34 31.44 57.30
CA ALA LA 72 -107.94 30.30 58.12
C ALA LA 72 -108.28 30.49 59.60
N TYR LA 73 -108.47 31.74 60.01
CA TYR LA 73 -108.65 32.03 61.43
C TYR LA 73 -110.02 32.62 61.72
N ASN LA 74 -110.92 32.48 60.75
CA ASN LA 74 -112.32 32.81 60.95
C ASN LA 74 -112.51 34.26 61.42
N ARG LA 75 -111.81 35.18 60.76
CA ARG LA 75 -111.80 36.59 61.19
C ARG LA 75 -112.86 37.46 60.49
N ILE LA 76 -113.13 37.21 59.20
CA ILE LA 76 -114.22 37.95 58.51
C ILE LA 76 -115.62 37.27 58.44
N THR LA 77 -115.74 36.00 58.84
CA THR LA 77 -117.01 35.28 58.64
C THR LA 77 -118.25 36.00 59.15
N SER LA 78 -118.24 36.34 60.44
CA SER LA 78 -119.37 37.03 61.09
C SER LA 78 -119.86 38.27 60.33
N ARG LA 79 -118.99 38.88 59.53
CA ARG LA 79 -119.27 40.18 58.94
C ARG LA 79 -119.67 40.16 57.46
N ILE LA 80 -119.59 38.99 56.82
CA ILE LA 80 -119.96 38.90 55.42
C ILE LA 80 -121.23 38.11 55.11
N THR LA 81 -121.84 37.46 56.11
CA THR LA 81 -122.93 36.50 55.85
C THR LA 81 -124.23 37.10 55.35
N ALA LA 82 -124.50 38.36 55.68
CA ALA LA 82 -125.69 39.03 55.13
C ALA LA 82 -125.34 39.81 53.88
N SER LA 83 -124.12 40.36 53.86
CA SER LA 83 -123.58 41.04 52.67
C SER LA 83 -122.07 41.28 52.74
N ALA LA 84 -121.38 40.80 51.72
CA ALA LA 84 -119.93 40.84 51.68
C ALA LA 84 -119.38 42.14 51.06
N ASP LA 85 -119.01 43.10 51.90
CA ASP LA 85 -118.27 44.26 51.42
C ASP LA 85 -116.91 43.77 50.95
N PRO LA 86 -116.45 44.27 49.80
CA PRO LA 86 -115.13 43.93 49.30
C PRO LA 86 -113.98 44.25 50.27
N VAL LA 87 -114.14 45.27 51.11
CA VAL LA 87 -113.10 45.58 52.10
C VAL LA 87 -112.82 44.39 53.03
N TYR LA 88 -113.86 43.66 53.42
CA TYR LA 88 -113.67 42.45 54.19
C TYR LA 88 -113.08 41.32 53.36
N THR LA 89 -113.70 41.03 52.21
CA THR LA 89 -113.33 39.84 51.44
C THR LA 89 -111.92 39.93 50.88
N LEU LA 90 -111.40 41.15 50.70
CA LEU LA 90 -110.06 41.35 50.14
C LEU LA 90 -108.98 41.58 51.22
N SER LA 91 -109.40 41.56 52.48
CA SER LA 91 -108.49 41.83 53.60
C SER LA 91 -107.74 40.60 54.08
N VAL LA 92 -108.10 39.44 53.54
CA VAL LA 92 -107.39 38.20 53.81
C VAL LA 92 -106.88 37.62 52.47
N PRO LA 93 -105.97 36.62 52.51
CA PRO LA 93 -105.53 36.05 51.23
C PRO LA 93 -106.74 35.66 50.36
N HIS LA 94 -106.67 35.98 49.06
CA HIS LA 94 -107.84 35.84 48.22
C HIS LA 94 -107.46 35.76 46.75
N TRP LA 95 -108.43 35.31 45.95
CA TRP LA 95 -108.22 35.10 44.53
C TRP LA 95 -109.41 35.60 43.72
N LEU LA 96 -109.14 36.29 42.61
CA LEU LA 96 -110.21 36.72 41.73
C LEU LA 96 -110.58 35.61 40.78
N ILE LA 97 -111.88 35.32 40.69
CA ILE LA 97 -112.39 34.29 39.81
C ILE LA 97 -113.21 34.91 38.69
N HIS LA 98 -112.62 35.01 37.51
CA HIS LA 98 -113.33 35.59 36.37
C HIS LA 98 -114.18 34.57 35.61
N HIS LA 99 -115.43 34.93 35.35
CA HIS LA 99 -116.35 34.01 34.71
C HIS LA 99 -115.89 33.72 33.30
N LYS LA 100 -115.27 34.70 32.65
CA LYS LA 100 -114.84 34.49 31.27
C LYS LA 100 -113.78 33.39 31.18
N LEU LA 101 -113.05 33.14 32.25
CA LEU LA 101 -111.94 32.17 32.21
C LEU LA 101 -112.34 30.76 32.61
N GLY LA 102 -113.59 30.62 33.04
CA GLY LA 102 -114.12 29.32 33.45
C GLY LA 102 -113.46 28.71 34.66
N THR LA 103 -113.14 27.42 34.57
CA THR LA 103 -112.64 26.67 35.71
C THR LA 103 -111.35 27.28 36.25
N PHE LA 104 -111.31 27.45 37.56
CA PHE LA 104 -110.25 28.19 38.24
C PHE LA 104 -109.41 27.27 39.10
N SER LA 105 -108.13 27.59 39.23
CA SER LA 105 -107.27 26.80 40.10
C SER LA 105 -106.19 27.64 40.78
N CYS LA 106 -105.81 27.28 42.01
CA CYS LA 106 -104.69 27.93 42.69
C CYS LA 106 -104.07 27.02 43.73
N GLU LA 107 -102.88 27.40 44.20
CA GLU LA 107 -102.21 26.62 45.26
C GLU LA 107 -102.25 27.35 46.59
N ILE LA 108 -102.47 26.60 47.64
CA ILE LA 108 -102.46 27.13 48.98
C ILE LA 108 -101.43 26.33 49.75
N ASP LA 109 -100.28 26.94 50.04
CA ASP LA 109 -99.31 26.31 50.92
C ASP LA 109 -99.78 26.60 52.33
N TYR LA 110 -100.43 25.62 52.95
CA TYR LA 110 -101.03 25.81 54.25
C TYR LA 110 -99.99 26.22 55.27
N GLY LA 111 -98.73 25.81 55.02
CA GLY LA 111 -97.60 26.21 55.84
C GLY LA 111 -97.39 27.71 55.93
N GLU LA 112 -97.53 28.39 54.79
CA GLU LA 112 -97.41 29.85 54.73
C GLU LA 112 -98.72 30.57 55.07
N LEU LA 113 -99.74 30.38 54.26
CA LEU LA 113 -101.02 31.08 54.43
C LEU LA 113 -101.71 30.82 55.77
N CYS LA 114 -101.41 29.68 56.40
CA CYS LA 114 -102.02 29.41 57.67
C CYS LA 114 -101.03 29.39 58.84
N GLY LA 115 -100.02 28.52 58.78
CA GLY LA 115 -98.97 28.50 59.78
C GLY LA 115 -99.00 27.40 60.84
N HIS LA 116 -100.17 26.85 61.14
CA HIS LA 116 -100.21 25.72 62.06
C HIS LA 116 -100.78 24.45 61.42
N ALA LA 117 -100.29 23.29 61.84
CA ALA LA 117 -100.71 22.02 61.26
C ALA LA 117 -102.09 21.54 61.73
N MET LA 118 -102.80 20.85 60.85
CA MET LA 118 -104.17 20.44 61.15
C MET LA 118 -104.25 19.12 61.89
N TRP LA 119 -105.01 19.10 62.97
CA TRP LA 119 -105.19 17.91 63.78
C TRP LA 119 -106.45 17.15 63.34
N PHE LA 120 -106.29 15.86 63.04
CA PHE LA 120 -107.36 15.08 62.45
C PHE LA 120 -108.67 15.09 63.25
N LYS LA 121 -108.59 15.15 64.58
CA LYS LA 121 -109.80 14.89 65.39
C LYS LA 121 -110.63 16.13 65.74
N SER LA 122 -110.02 17.30 65.67
CA SER LA 122 -110.69 18.52 66.08
C SER LA 122 -109.92 19.77 65.68
N THR LA 123 -110.65 20.87 65.60
CA THR LA 123 -110.03 22.14 65.31
C THR LA 123 -109.11 22.53 66.49
N THR LA 124 -107.90 22.98 66.18
CA THR LA 124 -106.97 23.43 67.21
C THR LA 124 -107.27 24.85 67.67
N PHE LA 125 -107.08 25.81 66.77
CA PHE LA 125 -107.40 27.20 67.13
C PHE LA 125 -108.77 27.59 66.62
N GLU LA 126 -108.84 28.04 65.39
CA GLU LA 126 -110.14 28.20 64.80
C GLU LA 126 -110.19 27.35 63.55
N SER LA 127 -111.41 27.14 63.04
CA SER LA 127 -111.67 26.27 61.90
C SER LA 127 -111.55 27.04 60.57
N PRO LA 128 -110.58 26.61 59.72
CA PRO LA 128 -110.25 27.25 58.44
C PRO LA 128 -111.39 27.24 57.42
N ARG LA 129 -111.74 28.42 56.89
CA ARG LA 129 -112.85 28.56 55.94
C ARG LA 129 -112.44 29.08 54.57
N LEU LA 130 -113.19 28.70 53.54
CA LEU LA 130 -113.14 29.37 52.25
C LEU LA 130 -114.45 30.12 52.04
N HIS LA 131 -114.39 31.43 51.83
CA HIS LA 131 -115.60 32.20 51.57
C HIS LA 131 -115.74 32.52 50.08
N PHE LA 132 -116.97 32.41 49.58
CA PHE LA 132 -117.25 32.75 48.20
C PHE LA 132 -118.24 33.89 48.08
N THR LA 133 -117.76 35.00 47.54
CA THR LA 133 -118.57 36.20 47.41
C THR LA 133 -118.51 36.71 45.98
N CYS LA 134 -119.48 37.54 45.61
CA CYS LA 134 -119.49 38.11 44.28
C CYS LA 134 -118.92 39.54 44.29
N LEU LA 135 -117.87 39.78 43.52
CA LEU LA 135 -117.18 41.06 43.54
C LEU LA 135 -117.83 42.07 42.59
N THR LA 136 -118.07 41.62 41.36
CA THR LA 136 -118.80 42.38 40.34
C THR LA 136 -119.95 41.53 39.82
N GLY LA 137 -121.14 42.13 39.73
CA GLY LA 137 -122.33 41.37 39.43
C GLY LA 137 -122.54 41.09 37.97
N ASN LA 138 -123.52 40.25 37.65
CA ASN LA 138 -123.87 40.00 36.26
C ASN LA 138 -124.59 41.21 35.66
N ASN LA 139 -124.46 41.38 34.35
CA ASN LA 139 -124.97 42.59 33.69
C ASN LA 139 -126.49 42.56 33.66
N LYS LA 140 -127.04 41.35 33.61
CA LYS LA 140 -128.47 41.08 33.67
C LYS LA 140 -128.57 39.69 34.29
N GLU LA 141 -129.71 39.36 34.89
CA GLU LA 141 -129.78 38.04 35.52
C GLU LA 141 -129.62 36.96 34.47
N LEU LA 142 -129.19 35.79 34.93
CA LEU LA 142 -129.07 34.63 34.05
C LEU LA 142 -130.41 33.89 33.93
N ALA LA 143 -130.42 32.79 33.18
CA ALA LA 143 -131.67 32.11 32.90
C ALA LA 143 -132.23 31.39 34.13
N ALA LA 144 -131.34 30.88 34.98
CA ALA LA 144 -131.76 30.09 36.13
C ALA LA 144 -130.67 29.99 37.18
N ASP LA 145 -131.05 29.59 38.39
CA ASP LA 145 -130.08 29.29 39.45
C ASP LA 145 -129.12 28.21 38.97
N TRP LA 146 -127.89 28.23 39.46
CA TRP LA 146 -126.93 27.19 39.14
C TRP LA 146 -125.97 26.95 40.29
N GLN LA 147 -125.00 26.07 40.07
CA GLN LA 147 -124.00 25.80 41.11
C GLN LA 147 -122.58 25.66 40.54
N ALA LA 148 -121.59 25.87 41.40
CA ALA LA 148 -120.20 25.60 41.06
C ALA LA 148 -119.68 24.57 42.05
N VAL LA 149 -118.72 23.77 41.63
CA VAL LA 149 -118.14 22.76 42.51
C VAL LA 149 -116.74 23.17 42.97
N VAL LA 150 -116.46 23.03 44.26
CA VAL LA 150 -115.13 23.35 44.78
C VAL LA 150 -114.42 22.06 45.16
N GLU LA 151 -113.20 21.88 44.71
CA GLU LA 151 -112.46 20.65 45.00
C GLU LA 151 -111.08 20.90 45.62
N LEU LA 152 -110.75 20.12 46.66
CA LEU LA 152 -109.43 20.16 47.29
C LEU LA 152 -108.60 18.96 46.84
N TYR LA 153 -107.44 19.22 46.24
CA TYR LA 153 -106.52 18.16 45.87
C TYR LA 153 -105.28 18.28 46.72
N ALA LA 154 -104.79 17.15 47.24
CA ALA LA 154 -103.64 17.16 48.12
C ALA LA 154 -103.11 15.76 48.28
N GLU LA 155 -101.82 15.63 48.55
CA GLU LA 155 -101.26 14.36 48.98
C GLU LA 155 -100.81 14.51 50.44
N LEU LA 156 -101.72 14.25 51.37
CA LEU LA 156 -101.45 14.45 52.79
C LEU LA 156 -100.36 13.53 53.30
N GLU LA 157 -99.35 14.12 53.93
CA GLU LA 157 -98.36 13.34 54.67
C GLU LA 157 -98.19 13.89 56.08
N GLU LA 158 -97.67 13.05 56.98
CA GLU LA 158 -97.53 13.43 58.38
C GLU LA 158 -96.63 14.67 58.52
N ALA LA 159 -97.10 15.62 59.32
CA ALA LA 159 -96.38 16.84 59.59
C ALA LA 159 -95.33 16.62 60.68
N THR LA 160 -94.14 17.12 60.43
CA THR LA 160 -93.00 16.93 61.32
C THR LA 160 -93.03 17.93 62.50
N SER LA 161 -93.54 19.13 62.26
CA SER LA 161 -93.58 20.19 63.27
C SER LA 161 -94.99 20.77 63.41
N PHE LA 162 -95.28 21.41 64.53
CA PHE LA 162 -96.58 22.05 64.69
C PHE LA 162 -96.66 23.34 63.90
N LEU LA 163 -95.56 24.08 63.89
CA LEU LA 163 -95.54 25.40 63.28
C LEU LA 163 -94.96 25.39 61.89
N GLY LA 164 -95.51 26.25 61.01
CA GLY LA 164 -94.96 26.48 59.69
C GLY LA 164 -93.69 27.32 59.73
N LYS LA 165 -93.37 27.94 58.60
CA LYS LA 165 -92.31 28.93 58.57
C LYS LA 165 -93.03 30.25 58.68
N PRO LA 166 -92.46 31.22 59.42
CA PRO LA 166 -93.13 32.50 59.67
C PRO LA 166 -93.26 33.34 58.40
N THR LA 167 -94.49 33.77 58.13
CA THR LA 167 -94.80 34.66 57.02
C THR LA 167 -94.04 35.98 57.17
N LEU LA 168 -93.80 36.41 58.41
CA LEU LA 168 -93.24 37.74 58.66
C LEU LA 168 -92.42 37.76 59.94
N VAL LA 169 -91.27 38.43 59.92
CA VAL LA 169 -90.52 38.65 61.14
C VAL LA 169 -90.38 40.13 61.44
N PHE LA 170 -90.71 40.53 62.66
CA PHE LA 170 -90.76 41.95 62.98
C PHE LA 170 -89.45 42.69 62.81
N ASP LA 171 -89.53 43.79 62.07
CA ASP LA 171 -88.40 44.66 61.77
C ASP LA 171 -88.95 46.02 61.29
N PRO LA 172 -88.70 47.07 62.06
CA PRO LA 172 -89.20 48.43 61.86
C PRO LA 172 -88.68 49.02 60.59
N GLY LA 173 -87.41 48.72 60.33
CA GLY LA 173 -86.68 49.29 59.21
C GLY LA 173 -86.84 48.51 57.92
N VAL LA 174 -87.83 47.61 57.86
CA VAL LA 174 -88.00 46.78 56.68
C VAL LA 174 -89.45 46.62 56.19
N PHE LA 175 -89.70 47.44 55.18
CA PHE LA 175 -90.84 47.39 54.29
C PHE LA 175 -90.22 47.53 52.89
N ASN LA 176 -90.10 46.41 52.18
CA ASN LA 176 -89.47 46.38 50.85
C ASN LA 176 -90.13 47.34 49.85
N GLY LA 177 -91.45 47.22 49.70
CA GLY LA 177 -92.14 47.96 48.66
C GLY LA 177 -92.90 47.00 47.76
N LYS LA 178 -92.69 45.70 47.99
CA LYS LA 178 -93.48 44.66 47.33
C LYS LA 178 -94.73 44.29 48.17
N PHE LA 179 -95.85 44.03 47.51
CA PHE LA 179 -97.05 43.63 48.22
C PHE LA 179 -97.53 42.25 47.76
N GLN LA 180 -98.31 41.58 48.61
CA GLN LA 180 -99.17 40.50 48.14
C GLN LA 180 -100.61 40.72 48.58
N PHE LA 181 -101.56 40.25 47.78
CA PHE LA 181 -102.97 40.34 48.09
C PHE LA 181 -103.47 41.75 48.35
N LEU LA 182 -102.93 42.71 47.61
CA LEU LA 182 -103.39 44.09 47.70
C LEU LA 182 -104.31 44.35 46.54
N THR LA 183 -105.60 44.20 46.78
CA THR LA 183 -106.62 44.40 45.76
C THR LA 183 -107.57 45.52 46.19
N CYS LA 184 -107.77 46.49 45.30
CA CYS LA 184 -108.68 47.61 45.58
C CYS LA 184 -110.10 47.21 45.26
N PRO LA 185 -111.05 47.63 46.09
CA PRO LA 185 -112.46 47.40 45.77
C PRO LA 185 -112.77 47.94 44.39
N PRO LA 186 -113.80 47.38 43.74
CA PRO LA 186 -114.13 47.70 42.35
C PRO LA 186 -114.46 49.17 42.17
N ILE LA 187 -113.98 49.73 41.05
CA ILE LA 187 -114.28 51.08 40.62
C ILE LA 187 -115.33 51.00 39.50
N PHE LA 188 -116.37 51.83 39.52
CA PHE LA 188 -117.45 51.69 38.52
C PHE LA 188 -117.60 52.89 37.58
N PHE LA 189 -117.86 52.62 36.29
CA PHE LA 189 -118.11 53.67 35.32
C PHE LA 189 -119.52 53.54 34.73
N ASP LA 190 -120.27 54.64 34.70
CA ASP LA 190 -121.63 54.64 34.14
C ASP LA 190 -121.52 54.78 32.66
N LEU LA 191 -122.42 54.15 31.91
CA LEU LA 191 -122.36 54.28 30.47
C LEU LA 191 -123.19 55.46 30.00
N THR LA 192 -123.83 56.12 30.95
CA THR LA 192 -124.61 57.32 30.64
C THR LA 192 -123.75 58.55 30.74
N ALA LA 193 -122.44 58.35 30.68
CA ALA LA 193 -121.51 59.45 30.82
C ALA LA 193 -120.43 59.40 29.74
N VAL LA 194 -120.34 60.48 28.98
CA VAL LA 194 -119.37 60.51 27.88
C VAL LA 194 -117.90 60.46 28.32
N THR LA 195 -117.55 61.09 29.43
CA THR LA 195 -116.26 60.88 30.07
C THR LA 195 -116.47 60.79 31.58
N ALA LA 196 -115.46 60.33 32.30
CA ALA LA 196 -115.57 60.26 33.74
C ALA LA 196 -114.24 60.09 34.42
N LEU LA 197 -114.19 60.46 35.70
CA LEU LA 197 -112.99 60.24 36.49
C LEU LA 197 -113.29 59.37 37.70
N ARG LA 198 -112.39 58.42 37.99
CA ARG LA 198 -112.44 57.72 39.26
C ARG LA 198 -111.08 57.74 39.93
N SER LA 199 -111.03 58.26 41.16
CA SER LA 199 -109.78 58.33 41.88
C SER LA 199 -109.58 57.12 42.79
N ALA LA 200 -108.33 56.69 42.88
CA ALA LA 200 -107.93 55.72 43.89
C ALA LA 200 -106.84 56.36 44.75
N GLY LA 201 -107.06 56.43 46.06
CA GLY LA 201 -106.09 57.07 46.92
C GLY LA 201 -104.81 56.25 46.99
N LEU LA 202 -103.67 56.93 47.13
CA LEU LA 202 -102.40 56.22 47.23
C LEU LA 202 -101.80 56.34 48.62
N THR LA 203 -102.62 56.80 49.56
CA THR LA 203 -102.22 56.88 50.96
C THR LA 203 -102.46 55.53 51.62
N LEU LA 204 -101.61 54.56 51.26
CA LEU LA 204 -101.87 53.13 51.52
C LEU LA 204 -101.77 52.68 52.97
N GLY LA 205 -101.29 53.54 53.86
CA GLY LA 205 -101.23 53.18 55.27
C GLY LA 205 -102.53 53.43 56.02
N GLN LA 206 -103.46 54.09 55.34
CA GLN LA 206 -104.77 54.41 55.89
C GLN LA 206 -105.54 53.12 56.14
N VAL LA 207 -106.19 53.01 57.28
CA VAL LA 207 -106.92 51.78 57.56
C VAL LA 207 -108.31 51.86 56.94
N PRO LA 208 -108.67 50.85 56.14
CA PRO LA 208 -109.93 50.80 55.39
C PRO LA 208 -111.11 50.67 56.33
N MET LA 209 -112.27 51.18 55.93
CA MET LA 209 -113.43 51.09 56.79
C MET LA 209 -114.68 50.64 56.07
N VAL LA 210 -115.58 50.04 56.85
CA VAL LA 210 -116.87 49.61 56.37
C VAL LA 210 -117.86 50.15 57.37
N GLY LA 211 -118.46 51.29 57.03
CA GLY LA 211 -119.26 52.01 58.00
C GLY LA 211 -118.39 52.53 59.12
N THR LA 212 -118.73 52.18 60.35
CA THR LA 212 -117.94 52.60 61.49
C THR LA 212 -116.88 51.57 61.88
N THR LA 213 -116.84 50.45 61.15
CA THR LA 213 -115.90 49.36 61.44
C THR LA 213 -114.53 49.52 60.75
N LYS LA 214 -113.46 49.58 61.54
CA LYS LA 214 -112.10 49.61 61.01
C LYS LA 214 -111.68 48.19 60.65
N VAL LA 215 -111.11 48.01 59.46
CA VAL LA 215 -110.63 46.69 59.10
C VAL LA 215 -109.11 46.70 59.00
N TYR LA 216 -108.44 46.39 60.10
CA TYR LA 216 -106.99 46.34 60.08
C TYR LA 216 -106.51 45.21 59.20
N ASN LA 217 -105.49 45.46 58.38
CA ASN LA 217 -104.95 44.42 57.52
C ASN LA 217 -103.45 44.58 57.34
N LEU LA 218 -102.79 43.51 56.91
CA LEU LA 218 -101.34 43.52 56.87
C LEU LA 218 -100.78 44.56 55.92
N ASN LA 219 -101.39 44.74 54.76
CA ASN LA 219 -100.83 45.68 53.78
C ASN LA 219 -100.78 47.10 54.27
N SER LA 220 -101.89 47.61 54.81
CA SER LA 220 -101.88 48.97 55.32
C SER LA 220 -100.94 49.05 56.51
N THR LA 221 -100.89 47.99 57.30
CA THR LA 221 -99.98 47.95 58.43
C THR LA 221 -98.52 48.10 57.96
N LEU LA 222 -98.16 47.36 56.91
CA LEU LA 222 -96.82 47.43 56.37
C LEU LA 222 -96.49 48.85 55.93
N VAL LA 223 -97.36 49.43 55.11
CA VAL LA 223 -97.11 50.78 54.65
C VAL LA 223 -96.92 51.76 55.81
N SER LA 224 -97.63 51.55 56.92
CA SER LA 224 -97.53 52.47 58.06
C SER LA 224 -96.14 52.43 58.73
N CYS LA 225 -95.33 51.45 58.36
CA CYS LA 225 -93.98 51.28 58.91
C CYS LA 225 -92.99 52.25 58.31
N VAL LA 226 -93.50 53.06 57.38
CA VAL LA 226 -92.71 54.04 56.64
C VAL LA 226 -93.39 55.42 56.79
N LEU LA 227 -92.68 56.51 56.54
CA LEU LA 227 -93.32 57.83 56.67
C LEU LA 227 -94.03 58.21 55.39
N GLY LA 228 -93.54 57.71 54.27
CA GLY LA 228 -94.09 58.00 52.96
C GLY LA 228 -93.34 57.26 51.88
N MET LA 229 -93.80 57.36 50.64
CA MET LA 229 -93.20 56.61 49.54
C MET LA 229 -93.41 57.33 48.20
N GLY LA 230 -92.41 57.19 47.33
CA GLY LA 230 -92.50 57.69 45.98
C GLY LA 230 -92.03 56.59 45.08
N GLY LA 231 -92.16 56.78 43.78
CA GLY LA 231 -91.73 55.76 42.84
C GLY LA 231 -92.81 55.41 41.85
N THR LA 232 -92.73 54.20 41.31
CA THR LA 232 -93.71 53.78 40.32
C THR LA 232 -94.61 52.67 40.85
N VAL LA 233 -95.92 52.86 40.73
CA VAL LA 233 -96.90 51.83 41.08
C VAL LA 233 -97.01 50.82 39.94
N ARG LA 234 -96.63 49.57 40.20
CA ARG LA 234 -96.80 48.49 39.22
C ARG LA 234 -98.01 47.69 39.65
N GLY LA 235 -98.96 47.52 38.74
CA GLY LA 235 -100.17 46.79 39.08
C GLY LA 235 -100.81 46.12 37.89
N ARG LA 236 -102.00 45.57 38.12
CA ARG LA 236 -102.78 44.96 37.05
C ARG LA 236 -104.18 45.54 37.08
N VAL LA 237 -104.78 45.68 35.90
CA VAL LA 237 -106.14 46.16 35.79
C VAL LA 237 -107.00 45.06 35.18
N HIS LA 238 -108.14 44.78 35.83
CA HIS LA 238 -109.10 43.85 35.28
C HIS LA 238 -110.38 44.56 34.88
N ILE LA 239 -110.78 44.37 33.63
CA ILE LA 239 -112.04 44.89 33.17
C ILE LA 239 -113.12 43.83 33.29
N CYS LA 240 -114.03 44.02 34.23
CA CYS LA 240 -114.97 42.98 34.64
C CYS LA 240 -116.37 43.14 34.07
N ALA LA 241 -116.47 43.00 32.76
CA ALA LA 241 -117.73 43.16 32.06
C ALA LA 241 -117.82 42.17 30.90
N PRO LA 242 -119.02 42.00 30.33
CA PRO LA 242 -119.23 41.11 29.18
C PRO LA 242 -118.41 41.53 27.96
N ILE LA 243 -118.08 40.61 27.02
CA ILE LA 243 -117.30 40.96 25.82
C ILE LA 243 -117.90 42.11 25.03
N PHE LA 244 -119.21 42.34 25.18
CA PHE LA 244 -119.89 43.38 24.43
C PHE LA 244 -119.86 44.77 25.12
N TYR LA 245 -119.24 44.85 26.29
CA TYR LA 245 -118.89 46.12 26.94
C TYR LA 245 -117.45 46.42 26.59
N SER LA 246 -117.11 47.70 26.50
CA SER LA 246 -115.71 48.06 26.25
C SER LA 246 -115.43 49.51 26.62
N ILE LA 247 -114.17 49.80 26.88
CA ILE LA 247 -113.81 51.08 27.43
C ILE LA 247 -112.36 51.39 27.10
N VAL LA 248 -112.01 52.67 27.13
CA VAL LA 248 -110.62 53.09 27.02
C VAL LA 248 -110.30 54.06 28.12
N LEU LA 249 -109.25 53.76 28.89
CA LEU LA 249 -108.89 54.57 30.05
C LEU LA 249 -107.54 55.23 29.88
N TRP LA 250 -107.44 56.46 30.35
CA TRP LA 250 -106.16 57.15 30.55
C TRP LA 250 -105.89 57.07 32.05
N VAL LA 251 -104.80 56.41 32.43
CA VAL LA 251 -104.48 56.21 33.84
C VAL LA 251 -103.24 56.99 34.24
N VAL LA 252 -103.39 57.92 35.17
CA VAL LA 252 -102.31 58.82 35.50
C VAL LA 252 -102.36 59.24 36.96
N SER LA 253 -101.24 59.69 37.49
CA SER LA 253 -101.18 60.13 38.87
C SER LA 253 -101.25 61.67 38.99
N GLU LA 254 -102.01 62.14 39.98
CA GLU LA 254 -102.15 63.57 40.20
C GLU LA 254 -102.03 63.94 41.67
N TRP LA 255 -101.63 65.19 41.92
CA TRP LA 255 -101.44 65.66 43.28
C TRP LA 255 -102.47 66.71 43.67
N ASN LA 256 -103.08 66.51 44.84
CA ASN LA 256 -104.01 67.47 45.43
C ASN LA 256 -105.03 67.99 44.45
N GLY LA 257 -106.04 67.18 44.15
CA GLY LA 257 -107.05 67.55 43.17
C GLY LA 257 -106.68 67.06 41.79
N THR LA 258 -107.39 67.53 40.79
CA THR LA 258 -107.13 67.10 39.43
C THR LA 258 -107.20 68.33 38.56
N THR LA 259 -106.52 68.29 37.43
CA THR LA 259 -106.60 69.40 36.50
C THR LA 259 -107.93 69.37 35.77
N MET LA 260 -108.41 70.55 35.36
CA MET LA 260 -109.69 70.64 34.69
C MET LA 260 -109.48 70.82 33.18
N ASP LA 261 -108.22 70.92 32.79
CA ASP LA 261 -107.86 71.15 31.40
C ASP LA 261 -107.40 69.87 30.71
N TRP LA 262 -108.22 69.38 29.79
CA TRP LA 262 -107.92 68.12 29.09
C TRP LA 262 -106.56 68.12 28.42
N ASN LA 263 -106.09 69.29 27.98
CA ASN LA 263 -104.78 69.34 27.32
C ASN LA 263 -103.65 69.19 28.31
N GLU LA 264 -103.80 69.78 29.49
CA GLU LA 264 -102.78 69.60 30.52
C GLU LA 264 -102.73 68.14 30.92
N LEU LA 265 -103.91 67.54 31.09
CA LEU LA 265 -104.06 66.14 31.51
C LEU LA 265 -103.21 65.18 30.68
N PHE LA 266 -103.11 65.44 29.38
CA PHE LA 266 -102.39 64.56 28.47
C PHE LA 266 -100.94 64.94 28.29
N LYS LA 267 -100.49 65.95 29.03
CA LYS LA 267 -99.08 66.27 29.03
C LYS LA 267 -98.42 65.51 30.19
N TYR LA 268 -99.24 64.90 31.04
CA TYR LA 268 -98.75 64.10 32.17
C TYR LA 268 -98.31 62.74 31.68
N PRO LA 269 -97.44 62.07 32.44
CA PRO LA 269 -96.98 60.71 32.10
C PRO LA 269 -97.94 59.63 32.57
N GLY LA 270 -98.97 59.37 31.78
CA GLY LA 270 -99.90 58.28 32.05
C GLY LA 270 -99.80 57.12 31.05
N VAL LA 271 -100.71 56.16 31.19
CA VAL LA 271 -100.76 55.03 30.26
C VAL LA 271 -102.20 54.78 29.85
N TYR LA 272 -102.38 54.17 28.67
CA TYR LA 272 -103.72 53.84 28.20
C TYR LA 272 -104.05 52.40 28.58
N VAL LA 273 -105.29 52.15 28.98
CA VAL LA 273 -105.73 50.79 29.29
C VAL LA 273 -107.00 50.50 28.52
N GLU LA 274 -106.93 49.51 27.63
CA GLU LA 274 -108.05 49.13 26.77
C GLU LA 274 -108.61 47.79 27.19
N GLU LA 275 -107.82 47.06 27.97
CA GLU LA 275 -108.16 45.68 28.30
C GLU LA 275 -107.38 45.17 29.52
N ASP LA 276 -107.79 44.02 30.05
CA ASP LA 276 -107.03 43.34 31.11
C ASP LA 276 -105.54 43.44 30.81
N GLY LA 277 -104.75 43.81 31.82
CA GLY LA 277 -103.32 43.92 31.66
C GLY LA 277 -102.61 44.54 32.85
N SER LA 278 -101.29 44.60 32.80
CA SER LA 278 -100.51 45.28 33.83
C SER LA 278 -100.26 46.74 33.43
N PHE LA 279 -99.84 47.56 34.39
CA PHE LA 279 -99.59 48.98 34.15
C PHE LA 279 -98.54 49.47 35.11
N GLU LA 280 -97.77 50.48 34.70
CA GLU LA 280 -96.84 51.18 35.59
C GLU LA 280 -97.12 52.67 35.53
N VAL LA 281 -97.43 53.29 36.67
CA VAL LA 281 -97.62 54.74 36.70
C VAL LA 281 -96.73 55.36 37.78
N LYS LA 282 -96.03 56.44 37.42
CA LYS LA 282 -95.22 57.19 38.37
C LYS LA 282 -96.10 57.92 39.39
N ILE LA 283 -95.76 57.78 40.67
CA ILE LA 283 -96.42 58.55 41.72
C ILE LA 283 -95.98 60.00 41.61
N ARG LA 284 -96.94 60.87 41.34
CA ARG LA 284 -96.66 62.27 41.07
C ARG LA 284 -96.87 63.13 42.31
N SER LA 285 -95.86 63.90 42.70
CA SER LA 285 -95.98 64.73 43.90
C SER LA 285 -94.88 65.77 43.96
N PRO LA 286 -95.20 66.94 44.55
CA PRO LA 286 -94.27 68.06 44.73
C PRO LA 286 -93.03 67.66 45.52
N TYR LA 287 -93.15 66.58 46.30
CA TYR LA 287 -92.10 66.09 47.18
C TYR LA 287 -91.56 64.76 46.68
N HIS LA 288 -92.10 64.32 45.53
CA HIS LA 288 -91.71 63.05 44.91
C HIS LA 288 -92.19 61.84 45.70
N ARG LA 289 -92.77 62.07 46.86
CA ARG LA 289 -93.33 61.00 47.68
C ARG LA 289 -94.68 61.45 48.17
N THR LA 290 -95.56 60.52 48.47
CA THR LA 290 -96.82 60.82 49.17
C THR LA 290 -96.75 60.22 50.58
N PRO LA 291 -97.35 60.89 51.58
CA PRO LA 291 -97.28 60.43 52.95
C PRO LA 291 -98.04 59.14 53.14
N ALA LA 292 -97.55 58.32 54.06
CA ALA LA 292 -98.11 57.01 54.32
C ALA LA 292 -99.48 57.06 54.97
N ARG LA 293 -99.68 58.03 55.86
CA ARG LA 293 -100.98 58.16 56.53
C ARG LA 293 -101.41 59.62 56.56
N LEU LA 294 -102.68 59.85 56.88
CA LEU LA 294 -103.22 61.20 56.95
C LEU LA 294 -103.15 61.84 58.34
N LEU LA 295 -103.04 63.17 58.36
CA LEU LA 295 -103.20 63.94 59.59
C LEU LA 295 -104.66 64.39 59.70
N ALA LA 296 -105.06 64.84 60.87
CA ALA LA 296 -106.44 65.23 61.09
C ALA LA 296 -106.90 66.24 60.05
N GLY LA 297 -108.11 66.06 59.53
CA GLY LA 297 -108.67 67.01 58.58
C GLY LA 297 -108.16 66.91 57.15
N GLN LA 298 -107.20 66.03 56.91
CA GLN LA 298 -106.71 65.81 55.56
C GLN LA 298 -107.50 64.71 54.86
N SER LA 299 -107.45 64.73 53.53
CA SER LA 299 -108.21 63.80 52.72
C SER LA 299 -107.28 63.01 51.83
N GLN LA 300 -107.69 61.84 51.38
CA GLN LA 300 -106.74 61.09 50.58
C GLN LA 300 -106.43 61.76 49.22
N ARG LA 301 -107.33 62.63 48.75
CA ARG LA 301 -107.16 63.24 47.44
C ARG LA 301 -106.23 64.42 47.51
N ASP LA 302 -106.05 64.94 48.72
CA ASP LA 302 -105.14 66.03 49.01
C ASP LA 302 -103.69 65.65 48.68
N MET LA 303 -103.41 64.36 48.60
CA MET LA 303 -102.07 63.89 48.30
C MET LA 303 -101.97 63.33 46.90
N SER LA 304 -101.12 62.32 46.73
CA SER LA 304 -100.97 61.64 45.46
C SER LA 304 -102.03 60.56 45.25
N SER LA 305 -102.68 60.58 44.08
CA SER LA 305 -103.72 59.60 43.75
C SER LA 305 -103.46 58.96 42.39
N LEU LA 306 -103.99 57.75 42.21
CA LEU LA 306 -103.95 57.04 40.95
C LEU LA 306 -105.30 57.25 40.27
N ASN LA 307 -105.31 58.05 39.20
CA ASN LA 307 -106.57 58.47 38.58
C ASN LA 307 -106.94 57.71 37.30
N PHE LA 308 -108.20 57.27 37.26
CA PHE LA 308 -108.68 56.52 36.12
C PHE LA 308 -109.68 57.36 35.34
N TYR LA 309 -109.24 57.82 34.17
CA TYR LA 309 -110.05 58.66 33.31
C TYR LA 309 -110.65 57.85 32.16
N ALA LA 310 -111.97 57.75 32.11
CA ALA LA 310 -112.61 57.14 30.95
C ALA LA 310 -112.65 58.15 29.82
N ILE LA 311 -111.85 57.93 28.79
CA ILE LA 311 -111.75 58.88 27.68
C ILE LA 311 -112.51 58.44 26.43
N ALA LA 312 -112.86 57.17 26.35
CA ALA LA 312 -113.76 56.69 25.31
C ALA LA 312 -114.62 55.56 25.87
N GLY LA 313 -115.91 55.82 26.03
CA GLY LA 313 -116.78 54.83 26.65
C GLY LA 313 -116.91 55.04 28.14
N PRO LA 314 -117.39 54.03 28.86
CA PRO LA 314 -117.72 52.70 28.34
C PRO LA 314 -118.90 52.71 27.36
N ILE LA 315 -118.92 51.74 26.45
CA ILE LA 315 -120.06 51.55 25.54
C ILE LA 315 -120.58 50.14 25.68
N ALA LA 316 -121.87 49.98 25.40
CA ALA LA 316 -122.52 48.67 25.38
C ALA LA 316 -123.71 48.75 24.48
N PRO LA 317 -124.19 47.61 23.99
CA PRO LA 317 -125.40 47.60 23.16
C PRO LA 317 -126.60 48.02 23.99
N SER LA 318 -127.68 48.50 23.37
CA SER LA 318 -128.87 48.78 24.16
C SER LA 318 -129.55 47.44 24.34
N GLY LA 319 -130.28 47.28 25.43
CA GLY LA 319 -130.36 48.27 26.48
C GLY LA 319 -129.72 47.65 27.70
N GLU LA 320 -128.41 47.77 27.75
CA GLU LA 320 -127.67 47.38 28.93
C GLU LA 320 -127.74 48.54 29.91
N THR LA 321 -127.65 48.24 31.20
CA THR LA 321 -127.77 49.29 32.21
C THR LA 321 -126.66 49.22 33.23
N ALA LA 322 -126.09 48.04 33.36
CA ALA LA 322 -125.01 47.78 34.31
C ALA LA 322 -123.85 48.74 34.14
N GLN LA 323 -123.23 49.11 35.26
CA GLN LA 323 -122.01 49.88 35.20
C GLN LA 323 -120.86 48.95 34.80
N LEU LA 324 -119.79 49.52 34.25
CA LEU LA 324 -118.60 48.74 33.90
C LEU LA 324 -117.61 48.85 35.04
N PRO LA 325 -117.30 47.72 35.69
CA PRO LA 325 -116.38 47.69 36.84
C PRO LA 325 -114.92 47.44 36.44
N ILE LA 326 -114.02 48.13 37.12
CA ILE LA 326 -112.58 47.96 36.97
C ILE LA 326 -112.05 47.49 38.32
N VAL LA 327 -111.35 46.37 38.35
CA VAL LA 327 -110.70 45.94 39.59
C VAL LA 327 -109.19 46.16 39.47
N VAL LA 328 -108.63 46.97 40.36
CA VAL LA 328 -107.20 47.26 40.35
C VAL LA 328 -106.44 46.47 41.40
N GLN LA 329 -105.33 45.84 41.00
CA GLN LA 329 -104.42 45.20 41.95
C GLN LA 329 -103.07 45.87 41.93
N ILE LA 330 -102.53 46.16 43.11
CA ILE LA 330 -101.24 46.81 43.21
C ILE LA 330 -100.20 45.79 43.65
N ASP LA 331 -99.18 45.60 42.82
CA ASP LA 331 -98.23 44.53 43.05
C ASP LA 331 -97.00 44.99 43.79
N GLU LA 332 -96.44 46.12 43.35
CA GLU LA 332 -95.31 46.72 44.06
C GLU LA 332 -95.04 48.16 43.71
N ILE LA 333 -94.22 48.80 44.53
CA ILE LA 333 -93.66 50.07 44.17
C ILE LA 333 -92.27 49.79 43.61
N VAL LA 334 -92.11 49.94 42.30
CA VAL LA 334 -90.85 49.66 41.64
C VAL LA 334 -90.01 50.92 41.63
N ARG LA 335 -88.68 50.76 41.70
CA ARG LA 335 -87.79 51.90 41.76
C ARG LA 335 -88.26 52.83 42.87
N PRO LA 336 -88.35 52.30 44.10
CA PRO LA 336 -88.99 52.99 45.21
C PRO LA 336 -88.15 54.11 45.77
N ASP LA 337 -88.79 55.23 46.09
CA ASP LA 337 -88.15 56.31 46.81
C ASP LA 337 -88.78 56.38 48.19
N LEU LA 338 -88.22 55.66 49.16
CA LEU LA 338 -88.85 55.58 50.46
C LEU LA 338 -88.42 56.67 51.43
N SER LA 339 -89.31 57.01 52.35
CA SER LA 339 -88.96 57.89 53.44
C SER LA 339 -88.20 57.12 54.49
N LEU LA 340 -87.80 57.80 55.56
CA LEU LA 340 -87.33 57.11 56.74
C LEU LA 340 -88.40 56.15 57.22
N PRO LA 341 -87.96 55.05 57.86
CA PRO LA 341 -88.91 54.23 58.60
C PRO LA 341 -89.61 55.10 59.63
N SER LA 342 -90.89 54.84 59.90
CA SER LA 342 -91.63 55.63 60.89
C SER LA 342 -91.15 55.35 62.34
N PHE LA 343 -90.72 54.11 62.59
CA PHE LA 343 -90.16 53.73 63.89
C PHE LA 343 -88.75 53.23 63.77
N GLU LA 344 -87.96 53.47 64.81
CA GLU LA 344 -86.59 52.98 64.85
C GLU LA 344 -86.57 51.69 65.66
N ASP LA 345 -85.40 51.08 65.82
CA ASP LA 345 -85.31 49.87 66.63
C ASP LA 345 -85.27 50.26 68.10
N ASP LA 346 -86.44 50.59 68.61
CA ASP LA 346 -86.55 51.22 69.91
C ASP LA 346 -87.78 50.67 70.60
N TYR LA 347 -88.00 51.12 71.83
CA TYR LA 347 -89.19 50.77 72.56
C TYR LA 347 -90.37 51.54 71.98
N PHE LA 348 -91.57 51.05 72.25
CA PHE LA 348 -92.80 51.78 71.96
C PHE LA 348 -93.84 51.45 73.03
N VAL LA 349 -94.90 52.24 73.08
CA VAL LA 349 -95.84 52.14 74.17
C VAL LA 349 -96.72 50.92 74.02
N TRP LA 350 -96.76 50.11 75.06
CA TRP LA 350 -97.73 49.02 75.12
C TRP LA 350 -99.01 49.47 75.83
N VAL LA 351 -98.87 49.92 77.08
CA VAL LA 351 -100.04 50.33 77.83
C VAL LA 351 -99.69 51.34 78.92
N ASP LA 352 -100.62 52.26 79.17
CA ASP LA 352 -100.56 53.13 80.34
C ASP LA 352 -101.67 52.75 81.33
N PHE LA 353 -101.34 52.55 82.60
CA PHE LA 353 -102.35 52.43 83.66
C PHE LA 353 -102.36 53.72 84.48
N SER LA 354 -103.55 54.21 84.78
CA SER LA 354 -103.68 55.47 85.53
C SER LA 354 -104.96 55.48 86.32
N GLU LA 355 -105.16 56.53 87.12
CA GLU LA 355 -106.41 56.73 87.84
C GLU LA 355 -106.79 55.48 88.65
N PHE LA 356 -105.89 55.01 89.50
CA PHE LA 356 -106.13 53.82 90.32
C PHE LA 356 -107.13 54.12 91.42
N THR LA 357 -108.06 53.20 91.67
CA THR LA 357 -109.07 53.43 92.68
C THR LA 357 -108.81 52.62 93.95
N LEU LA 358 -108.06 51.53 93.79
CA LEU LA 358 -107.69 50.70 94.93
C LEU LA 358 -106.19 50.69 95.10
N ASP LA 359 -105.72 50.63 96.35
CA ASP LA 359 -104.27 50.56 96.60
C ASP LA 359 -103.72 49.20 96.14
N LYS LA 360 -104.47 48.13 96.35
CA LYS LA 360 -104.08 46.79 95.87
C LYS LA 360 -104.59 46.55 94.46
N GLU LA 361 -103.67 46.45 93.51
CA GLU LA 361 -104.03 46.23 92.11
C GLU LA 361 -103.11 45.14 91.57
N GLU LA 362 -103.66 44.19 90.82
CA GLU LA 362 -102.84 43.14 90.24
C GLU LA 362 -103.21 42.89 88.78
N ILE LA 363 -102.29 43.24 87.89
CA ILE LA 363 -102.49 43.13 86.46
C ILE LA 363 -101.87 41.84 85.92
N GLU LA 364 -102.70 40.88 85.51
CA GLU LA 364 -102.18 39.62 84.96
C GLU LA 364 -101.85 39.74 83.49
N ILE LA 365 -100.64 39.33 83.14
CA ILE LA 365 -100.19 39.39 81.75
C ILE LA 365 -100.07 37.97 81.20
N GLY LA 366 -99.44 37.11 81.98
CA GLY LA 366 -99.30 35.72 81.58
C GLY LA 366 -98.21 35.57 80.56
N SER LA 367 -98.59 35.10 79.38
CA SER LA 367 -97.62 34.94 78.29
C SER LA 367 -98.13 35.65 77.04
N ARG LA 368 -99.04 36.61 77.19
CA ARG LA 368 -99.71 37.21 76.03
C ARG LA 368 -99.35 38.68 75.84
N PHE LA 369 -99.39 39.12 74.59
CA PHE LA 369 -99.39 40.55 74.31
C PHE LA 369 -100.79 40.86 73.83
N PHE LA 370 -101.50 41.72 74.55
CA PHE LA 370 -102.93 41.92 74.27
C PHE LA 370 -103.48 43.23 74.84
N ASP LA 371 -104.77 43.45 74.64
CA ASP LA 371 -105.43 44.64 75.20
C ASP LA 371 -105.97 44.39 76.62
N PHE LA 372 -105.57 45.23 77.56
CA PHE LA 372 -106.02 45.12 78.94
C PHE LA 372 -107.42 45.74 79.16
N THR LA 373 -108.11 45.26 80.20
CA THR LA 373 -109.30 45.96 80.69
C THR LA 373 -109.28 45.93 82.20
N SER LA 374 -109.83 46.98 82.83
CA SER LA 374 -109.88 47.04 84.29
C SER LA 374 -111.12 47.78 84.76
N ASN LA 375 -111.68 47.28 85.86
CA ASN LA 375 -112.82 47.92 86.50
C ASN LA 375 -112.36 48.88 87.57
N THR LA 376 -111.09 48.74 87.96
CA THR LA 376 -110.56 49.46 89.10
C THR LA 376 -109.56 50.56 88.71
N CYS LA 377 -109.19 50.60 87.43
CA CYS LA 377 -108.30 51.66 86.94
C CYS LA 377 -108.46 51.91 85.45
N ARG LA 378 -107.85 52.99 84.98
CA ARG LA 378 -107.97 53.39 83.58
C ARG LA 378 -106.84 52.77 82.74
N VAL LA 379 -107.24 52.01 81.73
CA VAL LA 379 -106.30 51.42 80.80
C VAL LA 379 -106.27 52.25 79.53
N SER LA 380 -105.07 52.62 79.09
CA SER LA 380 -104.90 53.29 77.79
C SER LA 380 -103.93 52.50 76.93
N MET LA 381 -104.44 51.89 75.87
CA MET LA 381 -103.62 51.01 75.08
C MET LA 381 -102.85 51.79 74.00
N GLY LA 382 -101.66 51.32 73.64
CA GLY LA 382 -100.90 51.98 72.59
C GLY LA 382 -101.34 51.47 71.25
N GLU LA 383 -101.27 52.34 70.24
CA GLU LA 383 -101.52 51.92 68.85
C GLU LA 383 -100.27 52.15 68.02
N ASN LA 384 -99.68 51.07 67.51
CA ASN LA 384 -98.48 51.13 66.66
C ASN LA 384 -98.42 49.92 65.70
N PRO LA 385 -97.47 49.93 64.76
CA PRO LA 385 -97.43 48.85 63.78
C PRO LA 385 -97.26 47.49 64.43
N PHE LA 386 -96.46 47.39 65.47
CA PHE LA 386 -96.30 46.08 66.10
C PHE LA 386 -97.63 45.48 66.57
N ALA LA 387 -98.43 46.31 67.26
CA ALA LA 387 -99.73 45.88 67.75
C ALA LA 387 -100.65 45.46 66.61
N ALA LA 388 -100.59 46.22 65.50
CA ALA LA 388 -101.34 45.85 64.29
C ALA LA 388 -100.87 44.52 63.73
N MET LA 389 -99.55 44.30 63.71
CA MET LA 389 -99.03 43.04 63.20
C MET LA 389 -99.51 41.88 64.04
N ILE LA 390 -99.62 42.09 65.35
CA ILE LA 390 -100.12 41.05 66.23
C ILE LA 390 -101.56 40.71 65.85
N ALA LA 391 -102.31 41.73 65.50
CA ALA LA 391 -103.72 41.59 65.19
C ALA LA 391 -103.96 41.01 63.80
N CYS LA 392 -102.97 41.15 62.93
CA CYS LA 392 -103.17 40.78 61.53
C CYS LA 392 -102.52 39.46 61.20
N HIS LA 393 -102.20 38.67 62.23
CA HIS LA 393 -101.73 37.33 61.99
C HIS LA 393 -102.45 36.38 62.92
N GLY LA 394 -102.59 35.13 62.47
CA GLY LA 394 -103.26 34.10 63.25
C GLY LA 394 -102.46 33.71 64.49
N LEU LA 395 -101.15 33.55 64.31
CA LEU LA 395 -100.25 33.22 65.42
C LEU LA 395 -99.00 34.13 65.46
N HIS LA 396 -98.44 34.30 66.65
CA HIS LA 396 -97.18 35.01 66.78
C HIS LA 396 -96.35 34.38 67.91
N SER LA 397 -95.04 34.70 67.95
CA SER LA 397 -94.20 34.23 69.03
C SER LA 397 -92.91 35.03 69.09
N GLY LA 398 -92.45 35.32 70.31
CA GLY LA 398 -91.20 36.05 70.47
C GLY LA 398 -90.95 36.50 71.90
N VAL LA 399 -89.95 37.34 72.06
CA VAL LA 399 -89.68 37.86 73.39
C VAL LA 399 -89.73 39.37 73.39
N LEU LA 400 -90.42 39.95 74.37
CA LEU LA 400 -90.48 41.39 74.53
C LEU LA 400 -89.64 41.87 75.68
N ASP LA 401 -88.77 42.84 75.43
CA ASP LA 401 -88.13 43.53 76.55
C ASP LA 401 -89.05 44.64 77.03
N LEU LA 402 -89.30 44.69 78.34
CA LEU LA 402 -90.17 45.71 78.90
C LEU LA 402 -89.39 46.77 79.69
N LYS LA 403 -89.83 48.02 79.56
CA LYS LA 403 -89.41 49.10 80.45
C LYS LA 403 -90.65 49.59 81.16
N LEU LA 404 -90.60 49.64 82.48
CA LEU LA 404 -91.70 50.19 83.26
C LEU LA 404 -91.26 51.55 83.81
N GLN LA 405 -92.13 52.53 83.69
CA GLN LA 405 -91.87 53.86 84.23
C GLN LA 405 -93.08 54.33 85.00
N TRP LA 406 -92.87 55.05 86.10
CA TRP LA 406 -94.00 55.59 86.83
C TRP LA 406 -93.70 56.89 87.55
N SER LA 407 -94.73 57.72 87.73
CA SER LA 407 -94.60 58.96 88.48
C SER LA 407 -95.49 58.89 89.69
N LEU LA 408 -95.16 59.66 90.73
CA LEU LA 408 -95.93 59.60 91.96
C LEU LA 408 -97.14 60.55 92.01
N ASN LA 409 -98.19 60.11 92.71
CA ASN LA 409 -99.38 60.92 92.94
C ASN LA 409 -99.35 61.65 94.28
N THR LA 410 -98.73 61.01 95.27
CA THR LA 410 -98.52 61.57 96.59
C THR LA 410 -97.13 62.21 96.71
N GLU LA 411 -96.84 62.83 97.85
CA GLU LA 411 -95.53 63.44 98.07
C GLU LA 411 -94.44 62.38 98.17
N PHE LA 412 -93.32 62.63 97.51
CA PHE LA 412 -92.23 61.66 97.45
C PHE LA 412 -91.79 61.21 98.83
N GLY LA 413 -91.73 62.14 99.77
CA GLY LA 413 -91.29 61.83 101.12
C GLY LA 413 -92.23 60.93 101.89
N LYS LA 414 -93.48 60.82 101.43
CA LYS LA 414 -94.50 60.00 102.09
C LYS LA 414 -94.61 58.61 101.45
N SER LA 415 -93.94 58.43 100.32
CA SER LA 415 -94.08 57.23 99.51
C SER LA 415 -93.62 55.95 100.19
N SER LA 416 -94.29 54.85 99.87
CA SER LA 416 -93.90 53.53 100.34
C SER LA 416 -94.38 52.48 99.35
N GLY LA 417 -94.00 51.22 99.56
CA GLY LA 417 -94.44 50.13 98.70
C GLY LA 417 -93.60 49.93 97.45
N SER LA 418 -94.19 49.27 96.45
CA SER LA 418 -93.46 48.73 95.31
C SER LA 418 -94.32 48.45 94.06
N VAL LA 419 -93.64 48.45 92.92
CA VAL LA 419 -94.12 47.83 91.71
C VAL LA 419 -93.41 46.47 91.70
N THR LA 420 -94.17 45.40 91.86
CA THR LA 420 -93.57 44.07 91.86
C THR LA 420 -93.89 43.32 90.57
N ILE LA 421 -92.88 42.70 89.98
CA ILE LA 421 -93.08 41.85 88.81
C ILE LA 421 -93.01 40.39 89.24
N THR LA 422 -94.16 39.73 89.30
CA THR LA 422 -94.18 38.31 89.55
C THR LA 422 -93.89 37.50 88.26
N LYS LA 423 -92.87 36.64 88.31
CA LYS LA 423 -92.55 35.78 87.17
C LYS LA 423 -92.62 34.31 87.56
N LEU LA 424 -93.55 33.58 86.94
CA LEU LA 424 -93.75 32.17 87.26
C LEU LA 424 -93.56 31.31 86.02
N VAL LA 425 -93.52 30.00 86.23
CA VAL LA 425 -93.72 29.05 85.15
C VAL LA 425 -94.90 28.18 85.54
N GLY LA 426 -95.98 28.27 84.78
CA GLY LA 426 -97.20 27.57 85.14
C GLY LA 426 -98.34 28.56 85.26
N ASP LA 427 -98.92 28.63 86.46
CA ASP LA 427 -99.95 29.61 86.76
C ASP LA 427 -99.86 30.06 88.23
N LYS LA 428 -100.72 30.99 88.62
CA LYS LA 428 -100.68 31.54 89.97
C LYS LA 428 -100.82 30.40 90.99
N ALA LA 429 -101.61 29.39 90.67
CA ALA LA 429 -101.94 28.31 91.60
C ALA LA 429 -100.87 27.23 91.85
N MET LA 430 -100.18 26.78 90.80
CA MET LA 430 -99.28 25.64 90.91
C MET LA 430 -97.91 25.90 90.28
N GLY LA 431 -97.61 27.17 90.00
CA GLY LA 431 -96.43 27.54 89.26
C GLY LA 431 -95.11 27.45 90.02
N LEU LA 432 -94.02 27.53 89.25
CA LEU LA 432 -92.68 27.56 89.80
C LEU LA 432 -92.21 29.01 89.80
N ASP LA 433 -91.26 29.34 90.67
CA ASP LA 433 -90.85 30.74 90.84
C ASP LA 433 -89.63 31.09 90.01
N GLY LA 434 -89.78 32.04 89.11
CA GLY LA 434 -88.67 32.48 88.27
C GLY LA 434 -88.09 33.80 88.77
N PRO LA 435 -87.64 34.65 87.84
CA PRO LA 435 -86.99 35.93 88.16
C PRO LA 435 -88.01 37.03 88.52
N SER LA 436 -88.83 36.75 89.52
CA SER LA 436 -89.72 37.76 90.11
C SER LA 436 -88.85 38.87 90.68
N HIS LA 437 -89.43 40.06 90.82
CA HIS LA 437 -88.59 41.23 90.96
C HIS LA 437 -89.34 42.32 91.70
N VAL LA 438 -88.76 42.84 92.77
CA VAL LA 438 -89.42 43.86 93.59
C VAL LA 438 -88.77 45.21 93.37
N PHE LA 439 -89.49 46.12 92.74
CA PHE LA 439 -89.01 47.49 92.55
C PHE LA 439 -89.62 48.40 93.62
N ALA LA 440 -88.81 48.86 94.56
CA ALA LA 440 -89.29 49.82 95.52
C ALA LA 440 -89.89 50.97 94.72
N ILE LA 441 -91.02 51.49 95.17
CA ILE LA 441 -91.71 52.51 94.40
C ILE LA 441 -90.82 53.71 94.10
N GLN LA 442 -89.82 53.94 94.96
CA GLN LA 442 -88.95 55.12 94.79
C GLN LA 442 -87.98 54.98 93.64
N LYS LA 443 -87.80 53.76 93.12
CA LYS LA 443 -86.94 53.56 91.93
C LYS LA 443 -87.53 54.27 90.73
N LEU LA 444 -88.85 54.31 90.65
CA LEU LA 444 -89.58 55.08 89.64
C LEU LA 444 -89.43 54.52 88.24
N GLU LA 445 -88.76 53.37 88.14
CA GLU LA 445 -88.63 52.62 86.88
C GLU LA 445 -88.06 51.22 87.09
N GLY LA 446 -88.30 50.34 86.14
CA GLY LA 446 -87.79 48.98 86.21
C GLY LA 446 -87.83 48.30 84.86
N THR LA 447 -87.08 47.21 84.72
CA THR LA 447 -87.07 46.47 83.45
C THR LA 447 -87.31 44.97 83.65
N THR LA 448 -87.84 44.33 82.62
CA THR LA 448 -88.04 42.88 82.67
C THR LA 448 -88.22 42.34 81.24
N GLU LA 449 -88.09 41.03 81.07
CA GLU LA 449 -88.39 40.39 79.78
C GLU LA 449 -89.74 39.73 79.89
N LEU LA 450 -90.45 39.59 78.77
CA LEU LA 450 -91.69 38.84 78.74
C LEU LA 450 -91.66 37.83 77.58
N LEU LA 451 -91.87 36.55 77.89
CA LEU LA 451 -91.99 35.55 76.83
C LEU LA 451 -93.42 35.56 76.32
N VAL LA 452 -93.57 35.89 75.03
CA VAL LA 452 -94.85 35.82 74.34
C VAL LA 452 -94.87 34.53 73.54
N GLY LA 453 -95.48 33.50 74.12
CA GLY LA 453 -95.45 32.17 73.57
C GLY LA 453 -95.83 31.13 74.61
N ASN LA 454 -95.52 29.87 74.34
CA ASN LA 454 -95.91 28.77 75.21
C ASN LA 454 -95.28 27.46 74.72
N PHE LA 455 -95.52 26.38 75.46
CA PHE LA 455 -94.92 25.10 75.12
C PHE LA 455 -95.16 24.68 73.66
N ALA LA 456 -96.31 25.07 73.10
CA ALA LA 456 -96.66 24.68 71.73
C ALA LA 456 -95.86 25.44 70.69
N GLY LA 457 -95.51 26.69 71.01
CA GLY LA 457 -94.61 27.47 70.18
C GLY LA 457 -95.08 28.84 69.72
N ALA LA 458 -96.37 29.13 69.89
CA ALA LA 458 -96.95 30.37 69.37
C ALA LA 458 -98.30 30.68 70.02
N ASN LA 459 -98.68 31.96 70.01
CA ASN LA 459 -99.96 32.38 70.60
C ASN LA 459 -100.93 32.77 69.52
N PRO LA 460 -102.20 32.35 69.65
CA PRO LA 460 -103.29 32.90 68.84
C PRO LA 460 -103.62 34.31 69.34
N ASN LA 461 -104.38 35.05 68.57
CA ASN LA 461 -104.71 36.40 68.97
C ASN LA 461 -106.03 36.41 69.72
N THR LA 462 -106.19 35.41 70.58
CA THR LA 462 -107.39 35.29 71.41
C THR LA 462 -106.94 34.83 72.79
N ARG LA 463 -107.89 34.62 73.70
CA ARG LA 463 -107.56 33.97 74.97
C ARG LA 463 -107.40 32.47 74.70
N PHE LA 464 -106.43 31.86 75.37
CA PHE LA 464 -106.11 30.44 75.21
C PHE LA 464 -105.49 30.00 76.53
N SER LA 465 -105.42 28.70 76.76
CA SER LA 465 -104.79 28.19 77.96
C SER LA 465 -103.73 27.14 77.63
N LEU LA 466 -102.47 27.57 77.50
CA LEU LA 466 -101.38 26.65 77.20
C LEU LA 466 -100.19 26.87 78.12
N TYR LA 467 -99.75 25.82 78.79
CA TYR LA 467 -98.65 25.93 79.76
C TYR LA 467 -97.52 26.77 79.22
N SER LA 468 -97.11 27.77 80.00
CA SER LA 468 -96.01 28.65 79.63
C SER LA 468 -95.47 29.39 80.84
N ARG LA 469 -94.53 30.30 80.60
CA ARG LA 469 -94.15 31.25 81.63
C ARG LA 469 -95.32 32.21 81.90
N TRP LA 470 -95.33 32.85 83.06
CA TRP LA 470 -96.49 33.61 83.52
C TRP LA 470 -96.04 34.87 84.24
N MET LA 471 -96.58 36.02 83.84
CA MET LA 471 -96.16 37.29 84.41
C MET LA 471 -97.32 38.09 84.97
N ALA LA 472 -97.05 38.84 86.03
CA ALA LA 472 -98.06 39.72 86.58
C ALA LA 472 -97.40 40.95 87.19
N ILE LA 473 -98.08 42.10 87.11
CA ILE LA 473 -97.60 43.30 87.78
C ILE LA 473 -98.44 43.50 89.03
N LYS LA 474 -97.80 43.67 90.19
CA LYS LA 474 -98.49 43.80 91.47
C LYS LA 474 -98.21 45.14 92.13
N LEU LA 475 -99.25 45.98 92.24
CA LEU LA 475 -99.18 47.25 92.97
C LEU LA 475 -99.74 47.10 94.39
N ASP LA 476 -99.05 47.66 95.38
CA ASP LA 476 -99.58 47.60 96.76
C ASP LA 476 -99.95 48.99 97.28
N GLN LA 477 -99.51 50.01 96.55
CA GLN LA 477 -99.79 51.40 96.89
C GLN LA 477 -100.19 52.14 95.65
N ALA LA 478 -101.10 51.54 94.89
CA ALA LA 478 -101.42 52.01 93.56
C ALA LA 478 -101.96 53.43 93.52
N LYS LA 479 -102.65 53.84 94.59
CA LYS LA 479 -103.18 55.21 94.67
C LYS LA 479 -102.08 56.27 94.75
N SER LA 480 -100.87 55.84 95.07
CA SER LA 480 -99.72 56.74 95.10
C SER LA 480 -99.07 56.88 93.73
N ILE LA 481 -99.62 56.23 92.71
CA ILE LA 481 -99.04 56.30 91.38
C ILE LA 481 -99.92 57.08 90.43
N LYS LA 482 -99.37 58.11 89.80
CA LYS LA 482 -100.17 58.90 88.87
C LYS LA 482 -100.29 58.18 87.53
N VAL LA 483 -99.21 57.50 87.12
CA VAL LA 483 -99.25 56.72 85.90
C VAL LA 483 -98.20 55.62 85.94
N LEU LA 484 -98.58 54.43 85.47
CA LEU LA 484 -97.63 53.34 85.26
C LEU LA 484 -97.56 53.09 83.76
N ARG LA 485 -96.43 53.38 83.13
CA ARG LA 485 -96.31 53.18 81.68
C ARG LA 485 -95.48 51.96 81.37
N VAL LA 486 -95.94 51.13 80.45
CA VAL LA 486 -95.20 49.94 80.04
C VAL LA 486 -94.79 50.05 78.57
N LEU LA 487 -93.49 50.13 78.31
CA LEU LA 487 -92.97 50.14 76.94
C LEU LA 487 -92.38 48.79 76.65
N CYS LA 488 -92.44 48.39 75.38
CA CYS LA 488 -91.83 47.13 74.96
C CYS LA 488 -90.99 47.32 73.68
N LYS LA 489 -90.05 46.38 73.48
CA LYS LA 489 -89.13 46.38 72.35
C LYS LA 489 -88.85 44.93 71.98
N PRO LA 490 -89.45 44.47 70.88
CA PRO LA 490 -89.32 43.08 70.49
C PRO LA 490 -87.87 42.71 70.22
N ARG LA 491 -87.43 41.60 70.78
CA ARG LA 491 -86.13 41.02 70.48
C ARG LA 491 -86.16 40.46 69.08
N PRO LA 492 -85.02 40.52 68.40
CA PRO LA 492 -84.90 40.11 67.01
C PRO LA 492 -85.43 38.71 66.85
N GLY LA 493 -86.16 38.48 65.77
CA GLY LA 493 -86.75 37.18 65.50
C GLY LA 493 -88.17 37.02 65.99
N PHE LA 494 -88.82 38.12 66.37
CA PHE LA 494 -90.23 38.03 66.76
C PHE LA 494 -91.05 37.66 65.52
N SER LA 495 -91.77 36.55 65.61
CA SER LA 495 -92.34 35.92 64.42
C SER LA 495 -93.84 35.92 64.34
N PHE LA 496 -94.34 36.11 63.14
CA PHE LA 496 -95.76 36.07 62.87
C PHE LA 496 -96.10 34.98 61.85
N TYR LA 497 -97.23 34.31 62.07
CA TYR LA 497 -97.68 33.21 61.21
C TYR LA 497 -99.08 33.44 60.65
N GLY LA 498 -99.22 33.28 59.34
CA GLY LA 498 -100.51 33.33 58.68
C GLY LA 498 -101.21 34.68 58.63
N ARG LA 499 -100.93 35.45 57.56
CA ARG LA 499 -101.50 36.78 57.40
C ARG LA 499 -103.02 36.72 57.35
N THR LA 500 -103.67 37.65 58.05
CA THR LA 500 -105.12 37.74 58.07
C THR LA 500 -105.53 39.18 58.38
N SER LA 501 -106.76 39.38 58.83
CA SER LA 501 -107.25 40.72 59.16
C SER LA 501 -108.00 40.76 60.48
N PHE LA 502 -108.38 41.97 60.88
CA PHE LA 502 -108.94 42.16 62.21
C PHE LA 502 -109.87 43.34 62.24
N PRO LA 503 -111.16 43.07 62.05
CA PRO LA 503 -112.20 44.10 62.11
C PRO LA 503 -112.56 44.45 63.55
N VAL LA 504 -112.62 45.75 63.84
CA VAL LA 504 -113.13 46.27 65.12
C VAL LA 504 -114.08 47.43 64.90
N GLY MA 1 -62.76 -9.24 95.03
CA GLY MA 1 -63.19 -10.38 95.83
C GLY MA 1 -64.44 -10.11 96.64
N LEU MA 2 -65.00 -11.16 97.25
CA LEU MA 2 -66.18 -10.99 98.10
C LEU MA 2 -65.86 -10.05 99.26
N ALA MA 3 -66.62 -8.97 99.38
CA ALA MA 3 -66.32 -7.90 100.31
C ALA MA 3 -67.28 -7.89 101.48
N GLY MA 4 -68.49 -8.35 101.24
CA GLY MA 4 -69.50 -8.40 102.28
C GLY MA 4 -70.73 -9.16 101.82
N ARG MA 5 -71.60 -9.52 102.75
CA ARG MA 5 -72.78 -10.28 102.41
C ARG MA 5 -73.93 -10.06 103.39
N GLY MA 6 -75.10 -10.55 103.01
CA GLY MA 6 -76.30 -10.34 103.79
C GLY MA 6 -77.39 -11.25 103.29
N VAL MA 7 -78.50 -11.31 104.03
CA VAL MA 7 -79.57 -12.21 103.68
C VAL MA 7 -80.92 -11.49 103.68
N ILE MA 8 -81.73 -11.75 102.66
CA ILE MA 8 -83.09 -11.21 102.61
C ILE MA 8 -84.05 -12.37 102.81
N TYR MA 9 -85.04 -12.19 103.69
CA TYR MA 9 -86.02 -13.26 103.92
C TYR MA 9 -87.30 -13.03 103.17
N ILE MA 10 -87.69 -14.02 102.38
CA ILE MA 10 -88.89 -13.92 101.60
C ILE MA 10 -90.00 -14.78 102.19
N PRO MA 11 -91.21 -14.22 102.37
CA PRO MA 11 -92.36 -14.95 102.86
C PRO MA 11 -92.92 -15.88 101.77
N LYS MA 12 -93.55 -16.99 102.18
CA LYS MA 12 -94.19 -17.89 101.22
C LYS MA 12 -95.26 -17.16 100.43
N ASP MA 13 -96.01 -16.28 101.08
CA ASP MA 13 -96.91 -15.37 100.37
C ASP MA 13 -96.26 -14.01 100.22
N CYS MA 14 -95.60 -13.81 99.09
CA CYS MA 14 -94.98 -12.53 98.78
C CYS MA 14 -95.93 -11.67 97.93
N GLN MA 15 -96.60 -10.73 98.58
CA GLN MA 15 -97.55 -9.85 97.91
C GLN MA 15 -96.85 -8.61 97.31
N ALA MA 16 -97.47 -8.00 96.31
CA ALA MA 16 -96.98 -6.71 95.83
C ALA MA 16 -96.90 -5.73 96.98
N ASN MA 17 -95.73 -5.08 97.06
CA ASN MA 17 -95.44 -3.97 97.98
C ASN MA 17 -94.93 -4.37 99.35
N ARG MA 18 -94.70 -5.67 99.57
CA ARG MA 18 -94.15 -6.10 100.84
C ARG MA 18 -92.69 -5.68 100.98
N TYR MA 19 -92.39 -4.96 102.05
CA TYR MA 19 -91.01 -4.70 102.46
C TYR MA 19 -90.36 -6.01 102.84
N LEU MA 20 -89.18 -6.27 102.29
CA LEU MA 20 -88.50 -7.53 102.55
C LEU MA 20 -87.34 -7.33 103.50
N GLY MA 21 -86.79 -6.12 103.51
CA GLY MA 21 -85.71 -5.80 104.42
C GLY MA 21 -84.73 -4.78 103.87
N THR MA 22 -83.85 -4.31 104.74
CA THR MA 22 -82.82 -3.38 104.33
C THR MA 22 -81.46 -3.90 104.74
N LEU MA 23 -80.49 -3.84 103.84
CA LEU MA 23 -79.13 -4.21 104.19
C LEU MA 23 -78.35 -2.93 104.28
N ASN MA 24 -77.50 -2.84 105.28
CA ASN MA 24 -76.62 -1.70 105.43
C ASN MA 24 -75.25 -2.00 104.77
N ILE MA 25 -74.92 -1.31 103.68
CA ILE MA 25 -73.75 -1.65 102.87
C ILE MA 25 -72.48 -1.68 103.70
N ARG MA 26 -72.33 -0.73 104.62
CA ARG MA 26 -71.09 -0.71 105.38
C ARG MA 26 -71.05 -1.85 106.42
N ASP MA 27 -72.19 -2.13 107.04
CA ASP MA 27 -72.31 -3.29 107.93
C ASP MA 27 -72.06 -4.64 107.22
N MET MA 28 -72.51 -4.77 105.98
CA MET MA 28 -72.26 -6.00 105.23
C MET MA 28 -70.77 -6.26 105.14
N ILE MA 29 -69.99 -5.20 104.94
CA ILE MA 29 -68.55 -5.32 104.77
C ILE MA 29 -67.87 -5.52 106.12
N SER MA 30 -68.35 -4.83 107.14
CA SER MA 30 -67.69 -4.90 108.44
C SER MA 30 -68.06 -6.14 109.24
N ASP MA 31 -69.25 -6.69 109.04
CA ASP MA 31 -69.66 -7.89 109.75
C ASP MA 31 -68.94 -9.10 109.15
N PHE MA 32 -68.65 -9.01 107.87
CA PHE MA 32 -67.97 -10.07 107.16
C PHE MA 32 -66.49 -10.09 107.58
N LYS MA 33 -65.75 -9.01 107.30
CA LYS MA 33 -64.52 -8.68 108.04
C LYS MA 33 -63.38 -9.69 107.89
N GLY MA 34 -63.09 -10.21 106.71
CA GLY MA 34 -63.28 -9.55 105.43
C GLY MA 34 -61.85 -9.19 105.02
N VAL MA 35 -61.31 -9.77 103.96
CA VAL MA 35 -60.01 -9.31 103.46
C VAL MA 35 -60.14 -7.89 102.97
N GLN MA 36 -61.29 -7.59 102.36
CA GLN MA 36 -61.55 -6.24 101.85
C GLN MA 36 -61.77 -5.25 103.00
N TYR MA 37 -62.49 -5.68 104.03
CA TYR MA 37 -62.70 -4.85 105.20
C TYR MA 37 -61.36 -4.42 105.78
N GLU MA 38 -60.44 -5.35 105.92
CA GLU MA 38 -59.13 -5.03 106.48
C GLU MA 38 -58.28 -4.15 105.56
N LYS MA 39 -58.40 -4.30 104.24
CA LYS MA 39 -57.73 -3.38 103.33
C LYS MA 39 -58.28 -1.97 103.52
N TRP MA 40 -59.57 -1.91 103.87
CA TRP MA 40 -60.31 -0.65 104.03
C TRP MA 40 -59.76 0.14 105.20
N ILE MA 41 -59.61 -0.53 106.34
CA ILE MA 41 -59.03 0.10 107.54
C ILE MA 41 -57.71 0.83 107.23
N THR MA 42 -56.89 0.25 106.37
CA THR MA 42 -55.60 0.85 106.05
C THR MA 42 -55.74 2.00 105.07
N ALA MA 43 -56.67 1.87 104.15
CA ALA MA 43 -56.91 2.90 103.17
C ALA MA 43 -57.49 4.14 103.86
N GLY MA 44 -58.37 3.89 104.83
CA GLY MA 44 -59.13 4.97 105.45
C GLY MA 44 -60.35 5.30 104.61
N LEU MA 45 -60.13 5.87 103.42
CA LEU MA 45 -61.20 6.21 102.48
C LEU MA 45 -61.25 5.30 101.27
N VAL MA 46 -62.45 4.84 100.90
CA VAL MA 46 -62.62 4.04 99.67
C VAL MA 46 -63.76 4.60 98.80
N MET MA 47 -63.58 4.53 97.48
CA MET MA 47 -64.62 4.93 96.52
C MET MA 47 -64.98 3.78 95.60
N PRO MA 48 -65.47 2.68 96.16
CA PRO MA 48 -65.52 1.38 95.47
C PRO MA 48 -66.33 1.37 94.18
N THR MA 49 -65.99 0.46 93.29
CA THR MA 49 -66.94 0.01 92.28
C THR MA 49 -67.41 -1.36 92.72
N PHE MA 50 -68.66 -1.44 93.17
CA PHE MA 50 -69.22 -2.70 93.65
C PHE MA 50 -69.86 -3.50 92.52
N LYS MA 51 -69.76 -4.82 92.60
CA LYS MA 51 -70.62 -5.70 91.84
C LYS MA 51 -71.55 -6.24 92.90
N ILE MA 52 -72.84 -5.98 92.75
CA ILE MA 52 -73.83 -6.58 93.64
C ILE MA 52 -74.40 -7.83 92.99
N VAL MA 53 -74.45 -8.92 93.74
CA VAL MA 53 -75.00 -10.16 93.22
C VAL MA 53 -76.07 -10.65 94.16
N ILE MA 54 -77.28 -10.89 93.65
CA ILE MA 54 -78.34 -11.45 94.46
C ILE MA 54 -78.59 -12.89 94.03
N ARG MA 55 -78.32 -13.82 94.93
CA ARG MA 55 -78.49 -15.24 94.61
C ARG MA 55 -79.84 -15.72 95.04
N LEU MA 56 -80.47 -16.46 94.14
CA LEU MA 56 -81.91 -16.41 93.95
C LEU MA 56 -82.23 -17.55 93.01
N PRO MA 57 -83.06 -18.50 93.44
CA PRO MA 57 -83.35 -19.65 92.57
C PRO MA 57 -84.27 -19.23 91.44
N ALA MA 58 -83.83 -19.41 90.20
CA ALA MA 58 -84.65 -19.03 89.06
C ALA MA 58 -85.96 -19.82 89.01
N ASN MA 59 -87.06 -19.14 88.74
CA ASN MA 59 -88.35 -19.81 88.66
C ASN MA 59 -89.32 -19.08 87.73
N ALA MA 60 -89.85 -19.79 86.74
CA ALA MA 60 -90.75 -19.15 85.80
C ALA MA 60 -92.22 -19.28 86.17
N PHE MA 61 -92.50 -19.81 87.35
CA PHE MA 61 -93.87 -20.15 87.69
C PHE MA 61 -94.46 -19.33 88.85
N THR MA 62 -93.88 -18.18 89.12
CA THR MA 62 -94.34 -17.37 90.26
C THR MA 62 -94.86 -15.99 89.85
N GLY MA 63 -94.18 -15.35 88.90
CA GLY MA 63 -94.55 -14.00 88.51
C GLY MA 63 -93.89 -12.92 89.38
N LEU MA 64 -93.10 -13.36 90.36
CA LEU MA 64 -92.46 -12.45 91.29
C LEU MA 64 -91.45 -11.53 90.62
N THR MA 65 -91.56 -10.24 90.94
CA THR MA 65 -90.54 -9.27 90.56
C THR MA 65 -90.24 -8.40 91.77
N TRP MA 66 -88.95 -8.22 92.07
CA TRP MA 66 -88.52 -7.44 93.21
C TRP MA 66 -87.78 -6.20 92.74
N VAL MA 67 -87.62 -5.24 93.63
CA VAL MA 67 -86.82 -4.06 93.34
C VAL MA 67 -85.73 -3.89 94.39
N MET MA 68 -84.48 -3.84 93.94
CA MET MA 68 -83.41 -3.40 94.81
C MET MA 68 -83.24 -1.90 94.62
N SER MA 69 -83.34 -1.15 95.72
CA SER MA 69 -83.23 0.31 95.68
C SER MA 69 -81.97 0.75 96.42
N PHE MA 70 -81.11 1.49 95.72
CA PHE MA 70 -79.87 2.00 96.32
C PHE MA 70 -80.14 3.38 96.93
N ASP MA 71 -80.22 3.40 98.26
CA ASP MA 71 -80.56 4.61 99.00
C ASP MA 71 -79.35 5.11 99.79
N ALA MA 72 -78.39 5.72 99.09
CA ALA MA 72 -77.13 6.05 99.74
C ALA MA 72 -77.30 7.09 100.86
N TYR MA 73 -78.39 7.85 100.80
CA TYR MA 73 -78.56 8.94 101.74
C TYR MA 73 -79.76 8.77 102.64
N ASN MA 74 -80.26 7.53 102.69
CA ASN MA 74 -81.28 7.14 103.66
C ASN MA 74 -82.57 7.96 103.57
N ARG MA 75 -83.08 8.13 102.34
CA ARG MA 75 -84.16 9.08 102.06
C ARG MA 75 -85.55 8.42 102.08
N ILE MA 76 -85.62 7.17 101.65
CA ILE MA 76 -86.90 6.48 101.64
C ILE MA 76 -87.09 5.44 102.75
N THR MA 77 -86.04 5.13 103.49
CA THR MA 77 -86.15 4.10 104.53
C THR MA 77 -87.36 4.26 105.44
N SER MA 78 -87.48 5.44 106.05
CA SER MA 78 -88.59 5.73 106.97
C SER MA 78 -89.98 5.40 106.43
N ARG MA 79 -90.14 5.53 105.12
CA ARG MA 79 -91.47 5.49 104.53
C ARG MA 79 -91.83 4.16 103.87
N ILE MA 80 -90.91 3.20 103.86
CA ILE MA 80 -91.19 1.94 103.18
C ILE MA 80 -91.29 0.71 104.07
N THR MA 81 -91.01 0.87 105.36
CA THR MA 81 -90.82 -0.29 106.24
C THR MA 81 -92.08 -1.08 106.58
N ALA MA 82 -93.22 -0.40 106.66
CA ALA MA 82 -94.52 -1.06 106.92
C ALA MA 82 -95.08 -1.58 105.62
N SER MA 83 -94.81 -0.84 104.57
CA SER MA 83 -95.29 -1.14 103.26
C SER MA 83 -94.60 -0.22 102.24
N ALA MA 84 -94.12 -0.82 101.17
CA ALA MA 84 -93.30 -0.10 100.23
C ALA MA 84 -94.04 0.19 98.92
N ASP MA 85 -94.61 1.40 98.84
CA ASP MA 85 -95.19 1.90 97.61
C ASP MA 85 -94.11 2.03 96.50
N PRO MA 86 -94.40 1.50 95.30
CA PRO MA 86 -93.43 1.62 94.20
C PRO MA 86 -92.98 3.06 93.92
N VAL MA 87 -93.81 4.06 94.20
CA VAL MA 87 -93.39 5.45 94.00
C VAL MA 87 -92.12 5.78 94.77
N TYR MA 88 -92.05 5.31 96.03
CA TYR MA 88 -90.83 5.48 96.82
C TYR MA 88 -89.68 4.63 96.29
N THR MA 89 -89.92 3.33 96.11
CA THR MA 89 -88.85 2.38 95.77
C THR MA 89 -88.21 2.66 94.41
N LEU MA 90 -88.95 3.30 93.50
CA LEU MA 90 -88.43 3.62 92.17
C LEU MA 90 -87.91 5.06 92.04
N SER MA 91 -87.93 5.80 93.15
CA SER MA 91 -87.54 7.21 93.13
C SER MA 91 -86.04 7.41 93.35
N VAL MA 92 -85.35 6.32 93.65
CA VAL MA 92 -83.90 6.37 93.78
C VAL MA 92 -83.33 5.37 92.81
N PRO MA 93 -82.00 5.38 92.60
CA PRO MA 93 -81.43 4.36 91.69
C PRO MA 93 -81.86 2.94 92.07
N HIS MA 94 -82.26 2.14 91.09
CA HIS MA 94 -82.88 0.86 91.40
C HIS MA 94 -82.80 -0.12 90.24
N TRP MA 95 -83.07 -1.39 90.53
CA TRP MA 95 -82.94 -2.42 89.52
C TRP MA 95 -84.09 -3.38 89.67
N LEU MA 96 -84.65 -3.82 88.55
CA LEU MA 96 -85.69 -4.84 88.60
C LEU MA 96 -85.08 -6.23 88.68
N ILE MA 97 -85.60 -7.04 89.58
CA ILE MA 97 -85.14 -8.41 89.72
C ILE MA 97 -86.24 -9.39 89.35
N HIS MA 98 -86.12 -10.00 88.19
CA HIS MA 98 -87.15 -10.92 87.72
C HIS MA 98 -86.84 -12.34 88.16
N HIS MA 99 -87.85 -12.99 88.74
CA HIS MA 99 -87.70 -14.33 89.29
C HIS MA 99 -87.37 -15.32 88.17
N LYS MA 100 -87.93 -15.11 86.99
CA LYS MA 100 -87.66 -16.03 85.89
C LYS MA 100 -86.19 -16.05 85.50
N LEU MA 101 -85.44 -14.99 85.80
CA LEU MA 101 -84.04 -14.89 85.35
C LEU MA 101 -83.03 -15.41 86.37
N GLY MA 102 -83.54 -15.76 87.55
CA GLY MA 102 -82.71 -16.26 88.63
C GLY MA 102 -81.72 -15.25 89.16
N THR MA 103 -80.50 -15.74 89.40
CA THR MA 103 -79.44 -14.93 90.01
C THR MA 103 -79.17 -13.65 89.23
N PHE MA 104 -79.13 -12.55 89.99
CA PHE MA 104 -79.09 -11.20 89.44
C PHE MA 104 -77.78 -10.51 89.77
N SER MA 105 -77.30 -9.68 88.86
CA SER MA 105 -76.06 -8.96 89.09
C SER MA 105 -76.09 -7.54 88.50
N CYS MA 106 -75.42 -6.59 89.13
CA CYS MA 106 -75.29 -5.25 88.55
C CYS MA 106 -74.09 -4.55 89.13
N GLU MA 107 -73.68 -3.45 88.48
CA GLU MA 107 -72.57 -2.64 88.98
C GLU MA 107 -73.04 -1.34 89.59
N ILE MA 108 -72.41 -0.97 90.70
CA ILE MA 108 -72.66 0.31 91.32
C ILE MA 108 -71.33 1.04 91.41
N ASP MA 109 -71.16 2.07 90.59
CA ASP MA 109 -70.00 2.94 90.71
C ASP MA 109 -70.32 3.92 91.82
N TYR MA 110 -69.78 3.66 92.99
CA TYR MA 110 -70.12 4.43 94.16
C TYR MA 110 -69.74 5.90 93.97
N GLY MA 111 -68.77 6.14 93.08
CA GLY MA 111 -68.37 7.48 92.71
C GLY MA 111 -69.50 8.29 92.09
N GLU MA 112 -70.27 7.65 91.21
CA GLU MA 112 -71.43 8.28 90.57
C GLU MA 112 -72.71 8.23 91.42
N LEU MA 113 -73.21 7.02 91.67
CA LEU MA 113 -74.46 6.85 92.38
C LEU MA 113 -74.47 7.42 93.79
N CYS MA 114 -73.29 7.57 94.39
CA CYS MA 114 -73.23 8.11 95.74
C CYS MA 114 -72.51 9.46 95.82
N GLY MA 115 -71.24 9.51 95.41
CA GLY MA 115 -70.52 10.77 95.31
C GLY MA 115 -69.49 11.11 96.40
N HIS MA 116 -69.65 10.56 97.60
CA HIS MA 116 -68.64 10.74 98.63
C HIS MA 116 -68.00 9.44 99.07
N ALA MA 117 -66.72 9.50 99.42
CA ALA MA 117 -65.95 8.31 99.79
C ALA MA 117 -66.26 7.80 101.20
N MET MA 118 -66.21 6.48 101.38
CA MET MA 118 -66.58 5.86 102.65
C MET MA 118 -65.42 5.80 103.65
N TRP MA 119 -65.72 6.24 104.87
CA TRP MA 119 -64.73 6.28 105.94
C TRP MA 119 -64.85 5.00 106.77
N PHE MA 120 -63.72 4.31 106.97
CA PHE MA 120 -63.72 3.00 107.58
C PHE MA 120 -64.34 2.97 108.99
N LYS MA 121 -64.18 4.04 109.76
CA LYS MA 121 -64.54 3.99 111.18
C LYS MA 121 -65.97 4.39 111.50
N SER MA 122 -66.60 5.17 110.63
CA SER MA 122 -67.95 5.66 110.91
C SER MA 122 -68.62 6.27 109.68
N THR MA 123 -69.94 6.31 109.74
CA THR MA 123 -70.69 6.94 108.69
C THR MA 123 -70.35 8.44 108.66
N THR MA 124 -70.09 8.99 107.49
CA THR MA 124 -69.82 10.42 107.36
C THR MA 124 -71.12 11.23 107.33
N PHE MA 125 -71.93 11.04 106.29
CA PHE MA 125 -73.21 11.75 106.22
C PHE MA 125 -74.35 10.89 106.69
N GLU MA 126 -74.92 10.11 105.79
CA GLU MA 126 -75.83 9.09 106.24
C GLU MA 126 -75.30 7.73 105.79
N SER MA 127 -75.87 6.68 106.39
CA SER MA 127 -75.43 5.31 106.16
C SER MA 127 -76.12 4.67 104.95
N PRO MA 128 -75.34 4.29 103.92
CA PRO MA 128 -75.84 3.78 102.64
C PRO MA 128 -76.60 2.46 102.77
N ARG MA 129 -77.82 2.38 102.24
CA ARG MA 129 -78.66 1.19 102.36
C ARG MA 129 -79.05 0.56 101.01
N LEU MA 130 -79.28 -0.75 101.02
CA LEU MA 130 -79.96 -1.40 99.92
C LEU MA 130 -81.32 -1.87 100.43
N HIS MA 131 -82.40 -1.42 99.80
CA HIS MA 131 -83.74 -1.90 100.15
C HIS MA 131 -84.25 -2.96 99.19
N PHE MA 132 -84.86 -4.00 99.73
CA PHE MA 132 -85.49 -5.01 98.91
C PHE MA 132 -87.01 -5.07 99.10
N THR MA 133 -87.73 -4.80 98.03
CA THR MA 133 -89.18 -4.76 98.08
C THR MA 133 -89.74 -5.62 96.95
N CYS MA 134 -91.01 -5.98 97.08
CA CYS MA 134 -91.63 -6.79 96.06
C CYS MA 134 -92.51 -5.88 95.18
N LEU MA 135 -92.20 -5.84 93.87
CA LEU MA 135 -92.90 -4.96 92.92
C LEU MA 135 -94.19 -5.58 92.40
N THR MA 136 -94.08 -6.83 91.93
CA THR MA 136 -95.25 -7.63 91.55
C THR MA 136 -95.23 -8.93 92.34
N GLY MA 137 -96.38 -9.28 92.92
CA GLY MA 137 -96.48 -10.46 93.77
C GLY MA 137 -96.52 -11.79 93.04
N ASN MA 138 -96.43 -12.88 93.81
CA ASN MA 138 -96.57 -14.22 93.26
C ASN MA 138 -98.04 -14.51 92.93
N ASN MA 139 -98.27 -15.33 91.93
CA ASN MA 139 -99.61 -15.59 91.45
C ASN MA 139 -100.44 -16.37 92.48
N LYS MA 140 -99.73 -17.18 93.27
CA LYS MA 140 -100.32 -17.91 94.38
C LYS MA 140 -99.16 -18.11 95.32
N GLU MA 141 -99.44 -18.36 96.59
CA GLU MA 141 -98.32 -18.49 97.52
C GLU MA 141 -97.45 -19.69 97.13
N LEU MA 142 -96.19 -19.65 97.54
CA LEU MA 142 -95.26 -20.76 97.31
C LEU MA 142 -95.40 -21.80 98.43
N ALA MA 143 -94.60 -22.85 98.34
CA ALA MA 143 -94.73 -23.94 99.29
C ALA MA 143 -94.27 -23.56 100.69
N ALA MA 144 -93.23 -22.74 100.79
CA ALA MA 144 -92.66 -22.39 102.09
C ALA MA 144 -91.88 -21.09 102.07
N ASP MA 145 -91.59 -20.54 103.26
CA ASP MA 145 -90.69 -19.40 103.39
C ASP MA 145 -89.32 -19.75 102.82
N TRP MA 146 -88.65 -18.78 102.24
CA TRP MA 146 -87.30 -19.00 101.77
C TRP MA 146 -86.41 -17.75 101.92
N GLN MA 147 -85.17 -17.83 101.43
CA GLN MA 147 -84.28 -16.68 101.51
C GLN MA 147 -83.48 -16.50 100.24
N ALA MA 148 -82.98 -15.29 100.05
CA ALA MA 148 -82.05 -14.98 98.98
C ALA MA 148 -80.80 -14.39 99.62
N VAL MA 149 -79.67 -14.57 98.96
CA VAL MA 149 -78.40 -14.07 99.47
C VAL MA 149 -77.92 -12.89 98.64
N VAL MA 150 -77.51 -11.82 99.34
CA VAL MA 150 -76.96 -10.64 98.68
C VAL MA 150 -75.45 -10.56 98.91
N GLU MA 151 -74.67 -10.39 97.85
CA GLU MA 151 -73.22 -10.35 97.98
C GLU MA 151 -72.61 -9.11 97.36
N LEU MA 152 -71.64 -8.50 98.04
CA LEU MA 152 -70.89 -7.38 97.51
C LEU MA 152 -69.50 -7.82 97.11
N TYR MA 153 -69.14 -7.62 95.86
CA TYR MA 153 -67.80 -7.92 95.37
C TYR MA 153 -67.13 -6.61 95.03
N ALA MA 154 -65.88 -6.47 95.44
CA ALA MA 154 -65.16 -5.23 95.19
C ALA MA 154 -63.67 -5.44 95.45
N GLU MA 155 -62.83 -4.69 94.75
CA GLU MA 155 -61.41 -4.63 95.10
C GLU MA 155 -61.13 -3.24 95.65
N LEU MA 156 -61.25 -3.09 96.96
CA LEU MA 156 -61.11 -1.79 97.60
C LEU MA 156 -59.69 -1.25 97.52
N GLU MA 157 -59.56 -0.03 97.05
CA GLU MA 157 -58.29 0.65 97.12
C GLU MA 157 -58.49 2.04 97.71
N GLU MA 158 -57.41 2.62 98.20
CA GLU MA 158 -57.47 3.94 98.85
C GLU MA 158 -57.97 5.03 97.91
N ALA MA 159 -58.93 5.81 98.41
CA ALA MA 159 -59.50 6.90 97.64
C ALA MA 159 -58.60 8.15 97.69
N THR MA 160 -58.39 8.72 96.52
CA THR MA 160 -57.52 9.88 96.38
C THR MA 160 -58.23 11.19 96.78
N SER MA 161 -59.54 11.28 96.52
CA SER MA 161 -60.31 12.49 96.84
C SER MA 161 -61.54 12.15 97.67
N PHE MA 162 -62.10 13.15 98.34
CA PHE MA 162 -63.32 12.93 99.11
C PHE MA 162 -64.54 12.81 98.20
N LEU MA 163 -64.56 13.64 97.17
CA LEU MA 163 -65.71 13.78 96.31
C LEU MA 163 -65.53 12.99 95.02
N GLY MA 164 -66.64 12.43 94.52
CA GLY MA 164 -66.67 11.77 93.24
C GLY MA 164 -66.68 12.76 92.09
N LYS MA 165 -67.19 12.34 90.95
CA LYS MA 165 -67.42 13.25 89.84
C LYS MA 165 -68.91 13.57 89.93
N PRO MA 166 -69.31 14.84 89.69
CA PRO MA 166 -70.70 15.25 89.84
C PRO MA 166 -71.60 14.58 88.82
N THR MA 167 -72.67 13.96 89.30
CA THR MA 167 -73.73 13.35 88.49
C THR MA 167 -74.37 14.41 87.58
N LEU MA 168 -74.47 15.65 88.06
CA LEU MA 168 -75.23 16.69 87.38
C LEU MA 168 -74.65 18.09 87.62
N VAL MA 169 -74.60 18.91 86.58
CA VAL MA 169 -74.19 20.29 86.77
C VAL MA 169 -75.29 21.21 86.31
N PHE MA 170 -75.66 22.17 87.16
CA PHE MA 170 -76.83 23.00 86.92
C PHE MA 170 -76.72 23.80 85.64
N ASP MA 171 -77.76 23.67 84.82
CA ASP MA 171 -77.92 24.36 83.54
C ASP MA 171 -79.40 24.31 83.12
N PRO MA 172 -80.05 25.50 83.10
CA PRO MA 172 -81.47 25.68 82.84
C PRO MA 172 -81.81 25.19 81.46
N GLY MA 173 -80.90 25.49 80.51
CA GLY MA 173 -81.12 25.24 79.11
C GLY MA 173 -80.70 23.85 78.66
N VAL MA 174 -80.51 22.94 79.62
CA VAL MA 174 -80.07 21.60 79.27
C VAL MA 174 -80.79 20.47 80.03
N PHE MA 175 -81.73 19.91 79.27
CA PHE MA 175 -82.41 18.67 79.51
C PHE MA 175 -82.36 17.96 78.16
N ASN MA 176 -81.46 17.00 78.02
CA ASN MA 176 -81.27 16.27 76.77
C ASN MA 176 -82.54 15.62 76.25
N GLY MA 177 -83.19 14.83 77.09
CA GLY MA 177 -84.31 14.01 76.66
C GLY MA 177 -84.04 12.55 76.93
N LYS MA 178 -82.83 12.24 77.39
CA LYS MA 178 -82.46 10.90 77.85
C LYS MA 178 -82.73 10.79 79.37
N PHE MA 179 -83.19 9.63 79.82
CA PHE MA 179 -83.46 9.40 81.24
C PHE MA 179 -82.65 8.22 81.77
N GLN MA 180 -82.41 8.20 83.07
CA GLN MA 180 -82.01 6.96 83.74
C GLN MA 180 -82.94 6.72 84.92
N PHE MA 181 -83.15 5.46 85.25
CA PHE MA 181 -83.98 5.08 86.39
C PHE MA 181 -85.39 5.66 86.38
N LEU MA 182 -85.98 5.76 85.20
CA LEU MA 182 -87.37 6.18 85.09
C LEU MA 182 -88.24 4.94 84.86
N THR MA 183 -88.80 4.43 85.95
CA THR MA 183 -89.63 3.25 85.93
C THR MA 183 -91.02 3.60 86.45
N CYS MA 184 -92.06 3.26 85.68
CA CYS MA 184 -93.43 3.52 86.08
C CYS MA 184 -93.91 2.41 86.97
N PRO MA 185 -94.65 2.77 88.01
CA PRO MA 185 -95.30 1.74 88.84
C PRO MA 185 -96.06 0.75 87.96
N PRO MA 186 -96.22 -0.47 88.45
CA PRO MA 186 -96.86 -1.53 87.67
C PRO MA 186 -98.30 -1.21 87.29
N ILE MA 187 -98.65 -1.59 86.08
CA ILE MA 187 -99.99 -1.48 85.54
C ILE MA 187 -100.62 -2.89 85.57
N PHE MA 188 -101.89 -3.02 85.95
CA PHE MA 188 -102.46 -4.36 86.11
C PHE MA 188 -103.66 -4.64 85.21
N PHE MA 189 -103.73 -5.85 84.67
CA PHE MA 189 -104.86 -6.26 83.84
C PHE MA 189 -105.59 -7.42 84.46
N ASP MA 190 -106.92 -7.35 84.53
CA ASP MA 190 -107.74 -8.41 85.11
C ASP MA 190 -107.98 -9.46 84.06
N LEU MA 191 -108.03 -10.73 84.45
CA LEU MA 191 -108.29 -11.75 83.44
C LEU MA 191 -109.77 -12.02 83.28
N THR MA 192 -110.56 -11.32 84.08
CA THR MA 192 -112.00 -11.40 83.98
C THR MA 192 -112.54 -10.38 83.00
N ALA MA 193 -111.66 -9.88 82.14
CA ALA MA 193 -112.03 -8.84 81.20
C ALA MA 193 -111.54 -9.17 79.80
N VAL MA 194 -112.46 -9.18 78.85
CA VAL MA 194 -112.09 -9.58 77.48
C VAL MA 194 -111.18 -8.58 76.76
N THR MA 195 -111.38 -7.29 77.04
CA THR MA 195 -110.42 -6.27 76.64
C THR MA 195 -110.30 -5.25 77.76
N ALA MA 196 -109.29 -4.39 77.67
CA ALA MA 196 -109.11 -3.38 78.70
C ALA MA 196 -108.15 -2.28 78.29
N LEU MA 197 -108.26 -1.14 78.95
CA LEU MA 197 -107.33 -0.06 78.69
C LEU MA 197 -106.65 0.35 79.98
N ARG MA 198 -105.35 0.62 79.90
CA ARG MA 198 -104.64 1.26 80.98
C ARG MA 198 -103.84 2.43 80.47
N SER MA 199 -104.08 3.60 81.05
CA SER MA 199 -103.35 4.79 80.64
C SER MA 199 -102.14 5.06 81.51
N ALA MA 200 -101.09 5.55 80.87
CA ALA MA 200 -99.96 6.09 81.59
C ALA MA 200 -99.80 7.54 81.15
N GLY MA 201 -99.85 8.48 82.09
CA GLY MA 201 -99.69 9.88 81.75
C GLY MA 201 -98.30 10.19 81.21
N LEU MA 202 -98.21 11.13 80.28
CA LEU MA 202 -96.92 11.51 79.74
C LEU MA 202 -96.52 12.92 80.17
N THR MA 203 -97.24 13.45 81.15
CA THR MA 203 -96.93 14.75 81.74
C THR MA 203 -95.85 14.55 82.82
N LEU MA 204 -94.62 14.31 82.36
CA LEU MA 204 -93.55 13.75 83.18
C LEU MA 204 -92.96 14.69 84.23
N GLY MA 205 -93.29 15.98 84.15
CA GLY MA 205 -92.80 16.94 85.13
C GLY MA 205 -93.62 16.98 86.41
N GLN MA 206 -94.76 16.30 86.37
CA GLN MA 206 -95.66 16.21 87.52
C GLN MA 206 -94.95 15.47 88.64
N VAL MA 207 -95.09 15.97 89.87
CA VAL MA 207 -94.48 15.30 91.01
C VAL MA 207 -95.36 14.18 91.53
N PRO MA 208 -94.81 12.96 91.64
CA PRO MA 208 -95.55 11.76 92.04
C PRO MA 208 -95.99 11.86 93.47
N MET MA 209 -97.08 11.19 93.82
CA MET MA 209 -97.56 11.25 95.19
C MET MA 209 -97.94 9.92 95.77
N VAL MA 210 -97.82 9.82 97.08
CA VAL MA 210 -98.26 8.66 97.81
C VAL MA 210 -99.13 9.19 98.92
N GLY MA 211 -100.44 9.14 98.71
CA GLY MA 211 -101.37 9.77 99.63
C GLY MA 211 -101.18 11.26 99.55
N THR MA 212 -100.93 11.89 100.69
CA THR MA 212 -100.71 13.32 100.72
C THR MA 212 -99.23 13.68 100.59
N THR MA 213 -98.36 12.68 100.52
CA THR MA 213 -96.92 12.88 100.46
C THR MA 213 -96.39 13.11 99.04
N LYS MA 214 -95.72 14.24 98.82
CA LYS MA 214 -95.07 14.50 97.54
C LYS MA 214 -93.71 13.81 97.52
N VAL MA 215 -93.39 13.07 96.46
CA VAL MA 215 -92.08 12.45 96.32
C VAL MA 215 -91.28 13.10 95.21
N TYR MA 216 -90.58 14.18 95.55
CA TYR MA 216 -89.72 14.84 94.57
C TYR MA 216 -88.64 13.87 94.09
N ASN MA 217 -88.40 13.83 92.79
CA ASN MA 217 -87.33 13.02 92.25
C ASN MA 217 -86.63 13.69 91.07
N LEU MA 218 -85.44 13.23 90.74
CA LEU MA 218 -84.65 13.90 89.71
C LEU MA 218 -85.32 13.91 88.34
N ASN MA 219 -85.97 12.81 87.96
CA ASN MA 219 -86.55 12.72 86.62
C ASN MA 219 -87.65 13.73 86.39
N SER MA 220 -88.63 13.80 87.28
CA SER MA 220 -89.67 14.82 87.13
C SER MA 220 -89.08 16.22 87.19
N THR MA 221 -88.09 16.40 88.08
CA THR MA 221 -87.40 17.67 88.17
C THR MA 221 -86.76 18.07 86.83
N LEU MA 222 -86.08 17.14 86.17
CA LEU MA 222 -85.47 17.40 84.86
C LEU MA 222 -86.50 17.84 83.84
N VAL MA 223 -87.58 17.08 83.72
CA VAL MA 223 -88.63 17.41 82.78
C VAL MA 223 -89.20 18.81 83.05
N SER MA 224 -89.29 19.20 84.32
CA SER MA 224 -89.86 20.51 84.64
C SER MA 224 -88.99 21.67 84.13
N CYS MA 225 -87.76 21.37 83.72
CA CYS MA 225 -86.81 22.37 83.18
C CYS MA 225 -87.16 22.79 81.77
N VAL MA 226 -88.21 22.19 81.24
CA VAL MA 226 -88.67 22.43 79.89
C VAL MA 226 -90.19 22.77 79.95
N LEU MA 227 -90.74 23.39 78.91
CA LEU MA 227 -92.15 23.77 78.94
C LEU MA 227 -93.02 22.61 78.47
N GLY MA 228 -92.46 21.77 77.60
CA GLY MA 228 -93.17 20.62 77.08
C GLY MA 228 -92.28 19.87 76.12
N MET MA 229 -92.77 18.75 75.60
CA MET MA 229 -91.96 17.87 74.77
C MET MA 229 -92.81 17.08 73.80
N GLY MA 230 -92.27 16.85 72.62
CA GLY MA 230 -92.89 15.98 71.65
C GLY MA 230 -91.81 15.04 71.16
N GLY MA 231 -92.19 14.04 70.38
CA GLY MA 231 -91.18 13.13 69.87
C GLY MA 231 -91.64 11.71 70.04
N THR MA 232 -90.68 10.80 70.07
CA THR MA 232 -90.98 9.39 70.26
C THR MA 232 -90.49 8.87 71.61
N VAL MA 233 -91.39 8.21 72.36
CA VAL MA 233 -91.02 7.59 73.63
C VAL MA 233 -90.39 6.23 73.36
N ARG MA 234 -89.12 6.07 73.72
CA ARG MA 234 -88.43 4.77 73.61
C ARG MA 234 -88.36 4.16 74.99
N GLY MA 235 -88.86 2.94 75.14
CA GLY MA 235 -88.89 2.32 76.45
C GLY MA 235 -88.82 0.82 76.37
N ARG MA 236 -88.99 0.18 77.51
CA ARG MA 236 -89.04 -1.27 77.58
C ARG MA 236 -90.28 -1.70 78.34
N VAL MA 237 -90.86 -2.81 77.94
CA VAL MA 237 -92.01 -3.35 78.64
C VAL MA 237 -91.63 -4.68 79.23
N HIS MA 238 -91.96 -4.88 80.50
CA HIS MA 238 -91.78 -6.17 81.16
C HIS MA 238 -93.12 -6.78 81.53
N ILE MA 239 -93.34 -8.01 81.10
CA ILE MA 239 -94.56 -8.71 81.47
C ILE MA 239 -94.25 -9.64 82.66
N CYS MA 240 -94.78 -9.28 83.82
CA CYS MA 240 -94.36 -9.87 85.08
C CYS MA 240 -95.35 -10.89 85.60
N ALA MA 241 -95.47 -11.99 84.88
CA ALA MA 241 -96.36 -13.08 85.25
C ALA MA 241 -95.72 -14.42 84.94
N PRO MA 242 -96.30 -15.50 85.47
CA PRO MA 242 -95.83 -16.87 85.21
C PRO MA 242 -95.86 -17.24 83.71
N ILE MA 243 -95.07 -18.22 83.23
CA ILE MA 243 -95.06 -18.58 81.80
C ILE MA 243 -96.43 -18.98 81.29
N PHE MA 244 -97.31 -19.42 82.19
CA PHE MA 244 -98.63 -19.86 81.79
C PHE MA 244 -99.69 -18.74 81.71
N TYR MA 245 -99.28 -17.51 82.03
CA TYR MA 245 -100.07 -16.31 81.74
C TYR MA 245 -99.57 -15.74 80.42
N SER MA 246 -100.44 -15.09 79.66
CA SER MA 246 -100.00 -14.44 78.43
C SER MA 246 -100.99 -13.40 77.95
N ILE MA 247 -100.50 -12.44 77.16
CA ILE MA 247 -101.33 -11.32 76.79
C ILE MA 247 -100.82 -10.73 75.49
N VAL MA 248 -101.69 -10.00 74.80
CA VAL MA 248 -101.29 -9.22 73.64
C VAL MA 248 -101.78 -7.79 73.77
N LEU MA 249 -100.86 -6.84 73.66
CA LEU MA 249 -101.21 -5.43 73.85
C LEU MA 249 -101.02 -4.62 72.59
N TRP MA 250 -101.95 -3.68 72.39
CA TRP MA 250 -101.79 -2.60 71.41
C TRP MA 250 -101.38 -1.36 72.20
N VAL MA 251 -100.19 -0.86 71.94
CA VAL MA 251 -99.70 0.29 72.68
C VAL MA 251 -99.64 1.51 71.78
N VAL MA 252 -100.37 2.55 72.16
CA VAL MA 252 -100.46 3.73 71.31
C VAL MA 252 -100.65 5.01 72.12
N SER MA 253 -100.31 6.14 71.51
CA SER MA 253 -100.51 7.43 72.17
C SER MA 253 -101.80 8.14 71.76
N GLU MA 254 -102.51 8.70 72.74
CA GLU MA 254 -103.75 9.43 72.48
C GLU MA 254 -103.84 10.78 73.19
N TRP MA 255 -104.62 11.70 72.62
CA TRP MA 255 -104.71 13.03 73.20
C TRP MA 255 -106.09 13.29 73.78
N ASN MA 256 -106.10 13.79 75.01
CA ASN MA 256 -107.33 14.20 75.68
C ASN MA 256 -108.46 13.19 75.58
N GLY MA 257 -108.38 12.13 76.35
CA GLY MA 257 -109.36 11.07 76.27
C GLY MA 257 -108.91 10.01 75.29
N THR MA 258 -109.81 9.09 75.01
CA THR MA 258 -109.49 7.99 74.12
C THR MA 258 -110.64 7.81 73.17
N THR MA 259 -110.36 7.26 71.99
CA THR MA 259 -111.44 6.98 71.06
C THR MA 259 -112.23 5.78 71.56
N MET MA 260 -113.51 5.76 71.20
CA MET MA 260 -114.40 4.67 71.60
C MET MA 260 -114.59 3.69 70.45
N ASP MA 261 -114.03 4.04 69.28
CA ASP MA 261 -114.17 3.26 68.07
C ASP MA 261 -112.95 2.39 67.78
N TRP MA 262 -113.11 1.08 67.92
CA TRP MA 262 -112.00 0.16 67.72
C TRP MA 262 -111.34 0.30 66.36
N ASN MA 263 -112.10 0.68 65.34
CA ASN MA 263 -111.51 0.83 64.03
C ASN MA 263 -110.64 2.07 63.93
N GLU MA 264 -111.07 3.16 64.57
CA GLU MA 264 -110.24 4.36 64.58
C GLU MA 264 -108.93 4.05 65.34
N LEU MA 265 -109.07 3.33 66.45
CA LEU MA 265 -107.94 3.00 67.31
C LEU MA 265 -106.82 2.39 66.54
N PHE MA 266 -107.14 1.53 65.56
CA PHE MA 266 -106.11 0.81 64.82
C PHE MA 266 -105.65 1.55 63.57
N LYS MA 267 -106.15 2.77 63.39
CA LYS MA 267 -105.65 3.60 62.32
C LYS MA 267 -104.53 4.47 62.87
N TYR MA 268 -104.36 4.45 64.19
CA TYR MA 268 -103.29 5.20 64.84
C TYR MA 268 -101.98 4.46 64.70
N PRO MA 269 -100.86 5.17 64.86
CA PRO MA 269 -99.53 4.55 64.80
C PRO MA 269 -99.06 3.98 66.15
N GLY MA 270 -99.50 2.75 66.43
CA GLY MA 270 -99.10 2.02 67.62
C GLY MA 270 -98.22 0.81 67.32
N VAL MA 271 -97.93 0.04 68.38
CA VAL MA 271 -97.11 -1.15 68.25
C VAL MA 271 -97.72 -2.28 69.07
N TYR MA 272 -97.45 -3.51 68.67
CA TYR MA 272 -97.99 -4.66 69.41
C TYR MA 272 -96.93 -5.14 70.40
N VAL MA 273 -97.37 -5.52 71.60
CA VAL MA 273 -96.47 -6.08 72.58
C VAL MA 273 -97.00 -7.43 73.06
N GLU MA 274 -96.23 -8.51 72.81
CA GLU MA 274 -96.65 -9.87 73.16
C GLU MA 274 -95.78 -10.39 74.30
N GLU MA 275 -94.63 -9.75 74.49
CA GLU MA 275 -93.63 -10.25 75.41
C GLU MA 275 -92.62 -9.18 75.81
N ASP MA 276 -91.83 -9.47 76.85
CA ASP MA 276 -90.74 -8.59 77.27
C ASP MA 276 -90.07 -8.02 76.02
N GLY MA 277 -89.79 -6.73 76.02
CA GLY MA 277 -89.09 -6.11 74.90
C GLY MA 277 -89.10 -4.59 74.94
N SER MA 278 -88.43 -3.97 73.97
CA SER MA 278 -88.46 -2.52 73.84
C SER MA 278 -89.60 -2.08 72.90
N PHE MA 279 -89.93 -0.78 72.94
CA PHE MA 279 -90.99 -0.22 72.10
C PHE MA 279 -90.69 1.25 71.80
N GLU MA 280 -91.18 1.75 70.67
CA GLU MA 280 -91.14 3.18 70.36
C GLU MA 280 -92.54 3.63 69.97
N VAL MA 281 -93.07 4.61 70.69
CA VAL MA 281 -94.38 5.16 70.33
C VAL MA 281 -94.27 6.67 70.21
N LYS MA 282 -94.83 7.21 69.11
CA LYS MA 282 -94.85 8.65 68.86
C LYS MA 282 -95.82 9.32 69.83
N ILE MA 283 -95.37 10.42 70.45
CA ILE MA 283 -96.23 11.24 71.30
C ILE MA 283 -97.21 11.98 70.42
N ARG MA 284 -98.49 11.65 70.57
CA ARG MA 284 -99.54 12.19 69.72
C ARG MA 284 -100.22 13.40 70.36
N SER MA 285 -100.21 14.53 69.64
CA SER MA 285 -100.82 15.75 70.16
C SER MA 285 -101.11 16.78 69.08
N PRO MA 286 -102.18 17.58 69.27
CA PRO MA 286 -102.59 18.64 68.35
C PRO MA 286 -101.47 19.65 68.16
N TYR MA 287 -100.57 19.73 69.14
CA TYR MA 287 -99.47 20.70 69.12
C TYR MA 287 -98.13 19.99 68.91
N HIS MA 288 -98.22 18.67 68.74
CA HIS MA 288 -97.04 17.83 68.51
C HIS MA 288 -96.19 17.67 69.77
N ARG MA 289 -96.56 18.40 70.81
CA ARG MA 289 -95.86 18.32 72.10
C ARG MA 289 -96.94 18.20 73.17
N THR MA 290 -96.58 17.63 74.32
CA THR MA 290 -97.43 17.65 75.49
C THR MA 290 -96.73 18.52 76.55
N PRO MA 291 -97.52 19.27 77.36
CA PRO MA 291 -96.91 20.17 78.35
C PRO MA 291 -96.23 19.39 79.45
N ALA MA 292 -95.15 19.96 79.98
CA ALA MA 292 -94.34 19.35 81.04
C ALA MA 292 -95.05 19.20 82.38
N ARG MA 293 -95.86 20.19 82.75
CA ARG MA 293 -96.63 20.11 84.01
C ARG MA 293 -98.08 20.54 83.79
N LEU MA 294 -98.92 20.28 84.78
CA LEU MA 294 -100.32 20.66 84.67
C LEU MA 294 -100.65 22.04 85.25
N LEU MA 295 -101.66 22.66 84.67
CA LEU MA 295 -102.25 23.85 85.25
C LEU MA 295 -103.34 23.38 86.18
N ALA MA 296 -103.84 24.30 87.01
CA ALA MA 296 -104.92 23.96 87.93
C ALA MA 296 -106.13 23.40 87.20
N GLY MA 297 -106.77 22.40 87.80
CA GLY MA 297 -107.96 21.84 87.19
C GLY MA 297 -107.73 20.93 86.00
N GLN MA 298 -106.53 20.92 85.45
CA GLN MA 298 -106.21 20.00 84.37
C GLN MA 298 -105.86 18.63 84.96
N SER MA 299 -105.92 17.61 84.12
CA SER MA 299 -105.69 16.22 84.51
C SER MA 299 -104.68 15.62 83.54
N GLN MA 300 -103.85 14.70 84.00
CA GLN MA 300 -102.82 14.20 83.10
C GLN MA 300 -103.44 13.58 81.82
N ARG MA 301 -104.71 13.19 81.91
CA ARG MA 301 -105.35 12.52 80.78
C ARG MA 301 -105.84 13.51 79.74
N ASP MA 302 -105.92 14.78 80.11
CA ASP MA 302 -106.34 15.84 79.19
C ASP MA 302 -105.27 16.13 78.16
N MET MA 303 -104.05 15.64 78.40
CA MET MA 303 -102.94 15.83 77.48
C MET MA 303 -102.60 14.55 76.75
N SER MA 304 -101.31 14.40 76.41
CA SER MA 304 -100.85 13.21 75.72
C SER MA 304 -100.57 12.08 76.70
N SER MA 305 -101.08 10.89 76.39
CA SER MA 305 -100.86 9.73 77.24
C SER MA 305 -100.34 8.53 76.42
N LEU MA 306 -99.67 7.62 77.12
CA LEU MA 306 -99.21 6.37 76.52
C LEU MA 306 -100.22 5.28 76.93
N ASN MA 307 -101.03 4.82 75.97
CA ASN MA 307 -102.15 3.92 76.29
C ASN MA 307 -101.89 2.43 76.00
N PHE MA 308 -102.20 1.59 76.99
CA PHE MA 308 -101.97 0.16 76.85
C PHE MA 308 -103.31 -0.55 76.76
N TYR MA 309 -103.62 -1.00 75.55
CA TYR MA 309 -104.86 -1.70 75.26
C TYR MA 309 -104.64 -3.22 75.23
N ALA MA 310 -105.34 -3.93 76.10
CA ALA MA 310 -105.30 -5.38 76.07
C ALA MA 310 -106.28 -5.82 75.02
N ILE MA 311 -105.77 -6.35 73.90
CA ILE MA 311 -106.63 -6.72 72.78
C ILE MA 311 -106.85 -8.23 72.68
N ALA MA 312 -105.99 -9.00 73.32
CA ALA MA 312 -106.23 -10.44 73.45
C ALA MA 312 -105.68 -10.94 74.79
N GLY MA 313 -106.57 -11.35 75.67
CA GLY MA 313 -106.16 -11.69 77.01
C GLY MA 313 -106.29 -10.52 77.98
N PRO MA 314 -105.64 -10.65 79.15
CA PRO MA 314 -104.77 -11.77 79.50
C PRO MA 314 -105.54 -13.07 79.70
N ILE MA 315 -104.86 -14.20 79.44
CA ILE MA 315 -105.41 -15.51 79.73
C ILE MA 315 -104.52 -16.30 80.68
N ALA MA 316 -105.13 -17.19 81.44
CA ALA MA 316 -104.39 -18.07 82.33
C ALA MA 316 -105.23 -19.30 82.56
N PRO MA 317 -104.60 -20.40 82.97
CA PRO MA 317 -105.36 -21.62 83.26
C PRO MA 317 -106.27 -21.39 84.47
N SER MA 318 -107.34 -22.17 84.62
CA SER MA 318 -108.12 -22.02 85.86
C SER MA 318 -107.35 -22.79 86.92
N GLY MA 319 -107.47 -22.36 88.18
CA GLY MA 319 -108.22 -21.18 88.55
C GLY MA 319 -107.20 -20.21 89.10
N GLU MA 320 -106.59 -19.48 88.20
CA GLU MA 320 -105.72 -18.39 88.57
C GLU MA 320 -106.59 -17.15 88.82
N THR MA 321 -106.13 -16.26 89.68
CA THR MA 321 -106.96 -15.12 90.02
C THR MA 321 -106.15 -13.84 89.94
N ALA MA 322 -104.84 -13.99 90.07
CA ALA MA 322 -103.92 -12.86 90.04
C ALA MA 322 -104.10 -12.00 88.78
N GLN MA 323 -103.91 -10.70 88.93
CA GLN MA 323 -103.90 -9.83 87.78
C GLN MA 323 -102.55 -10.00 87.06
N LEU MA 324 -102.51 -9.63 85.78
CA LEU MA 324 -101.27 -9.66 85.03
C LEU MA 324 -100.66 -8.27 85.04
N PRO MA 325 -99.48 -8.11 85.66
CA PRO MA 325 -98.83 -6.81 85.77
C PRO MA 325 -97.86 -6.51 84.61
N ILE MA 326 -97.84 -5.26 84.17
CA ILE MA 326 -96.94 -4.76 83.15
C ILE MA 326 -96.11 -3.69 83.80
N VAL MA 327 -94.79 -3.80 83.74
CA VAL MA 327 -93.92 -2.73 84.24
C VAL MA 327 -93.28 -2.00 83.06
N VAL MA 328 -93.52 -0.69 82.98
CA VAL MA 328 -92.97 0.08 81.87
C VAL MA 328 -91.78 0.92 82.28
N GLN MA 329 -90.72 0.89 81.48
CA GLN MA 329 -89.56 1.75 81.71
C GLN MA 329 -89.41 2.70 80.52
N ILE MA 330 -89.20 3.97 80.82
CA ILE MA 330 -88.98 4.96 79.77
C ILE MA 330 -87.52 5.35 79.71
N ASP MA 331 -86.90 5.14 78.55
CA ASP MA 331 -85.45 5.28 78.42
C ASP MA 331 -85.07 6.62 77.84
N GLU MA 332 -85.77 7.04 76.81
CA GLU MA 332 -85.57 8.39 76.29
C GLU MA 332 -86.67 8.89 75.36
N ILE MA 333 -86.66 10.19 75.12
CA ILE MA 333 -87.43 10.76 74.03
C ILE MA 333 -86.50 10.88 72.82
N VAL MA 334 -86.70 10.00 71.83
CA VAL MA 334 -85.84 9.99 70.64
C VAL MA 334 -86.43 10.94 69.62
N ARG MA 335 -85.56 11.53 68.80
CA ARG MA 335 -86.02 12.51 67.82
C ARG MA 335 -86.92 13.54 68.53
N PRO MA 336 -86.36 14.21 69.55
CA PRO MA 336 -87.16 15.06 70.44
C PRO MA 336 -87.55 16.38 69.82
N ASP MA 337 -88.79 16.78 70.07
CA ASP MA 337 -89.25 18.11 69.71
C ASP MA 337 -89.48 18.88 70.99
N LEU MA 338 -88.46 19.58 71.48
CA LEU MA 338 -88.57 20.23 72.77
C LEU MA 338 -89.11 21.65 72.69
N SER MA 339 -89.76 22.08 73.76
CA SER MA 339 -90.16 23.48 73.92
C SER MA 339 -88.98 24.30 74.36
N LEU MA 340 -89.22 25.59 74.57
CA LEU MA 340 -88.22 26.44 75.19
C LEU MA 340 -87.93 25.87 76.56
N PRO MA 341 -86.72 26.12 77.04
CA PRO MA 341 -86.47 25.83 78.45
C PRO MA 341 -87.48 26.65 79.27
N SER MA 342 -87.91 26.12 80.40
CA SER MA 342 -88.82 26.86 81.25
C SER MA 342 -88.14 28.06 81.96
N PHE MA 343 -86.85 27.91 82.26
CA PHE MA 343 -86.08 29.01 82.83
C PHE MA 343 -84.88 29.42 81.98
N GLU MA 344 -84.54 30.71 82.02
CA GLU MA 344 -83.38 31.18 81.29
C GLU MA 344 -82.19 31.23 82.24
N ASP MA 345 -81.02 31.65 81.76
CA ASP MA 345 -79.87 31.78 82.65
C ASP MA 345 -80.00 33.09 83.42
N ASP MA 346 -80.87 33.06 84.42
CA ASP MA 346 -81.28 34.26 85.11
C ASP MA 346 -81.43 33.96 86.59
N TYR MA 347 -81.77 35.00 87.35
CA TYR MA 347 -82.04 34.84 88.77
C TYR MA 347 -83.39 34.16 88.95
N PHE MA 348 -83.59 33.56 90.11
CA PHE MA 348 -84.90 33.07 90.50
C PHE MA 348 -85.05 33.23 92.00
N VAL MA 349 -86.28 33.12 92.48
CA VAL MA 349 -86.58 33.45 93.87
C VAL MA 349 -86.10 32.38 94.81
N TRP MA 350 -85.35 32.79 95.81
CA TRP MA 350 -84.93 31.88 96.87
C TRP MA 350 -85.92 32.03 98.02
N VAL MA 351 -86.09 33.24 98.51
CA VAL MA 351 -86.94 33.44 99.68
C VAL MA 351 -87.44 34.87 99.80
N ASP MA 352 -88.68 35.03 100.28
CA ASP MA 352 -89.22 36.34 100.67
C ASP MA 352 -89.40 36.38 102.18
N PHE MA 353 -88.88 37.43 102.81
CA PHE MA 353 -89.19 37.70 104.21
C PHE MA 353 -90.16 38.86 104.31
N SER MA 354 -91.20 38.72 105.13
CA SER MA 354 -92.21 39.77 105.24
C SER MA 354 -92.84 39.75 106.61
N GLU MA 355 -93.70 40.74 106.89
CA GLU MA 355 -94.46 40.76 108.13
C GLU MA 355 -93.53 40.65 109.36
N PHE MA 356 -92.54 41.53 109.44
CA PHE MA 356 -91.59 41.52 110.56
C PHE MA 356 -92.25 42.02 111.84
N THR MA 357 -92.00 41.35 112.95
CA THR MA 357 -92.61 41.74 114.22
C THR MA 357 -91.62 42.48 115.13
N LEU MA 358 -90.33 42.25 114.90
CA LEU MA 358 -89.30 42.93 115.66
C LEU MA 358 -88.47 43.79 114.74
N ASP MA 359 -88.00 44.93 115.24
CA ASP MA 359 -87.10 45.79 114.47
C ASP MA 359 -85.72 45.15 114.31
N LYS MA 360 -85.24 44.44 115.32
CA LYS MA 360 -83.97 43.71 115.20
C LYS MA 360 -84.23 42.28 114.72
N GLU MA 361 -83.74 41.94 113.56
CA GLU MA 361 -83.94 40.62 112.98
C GLU MA 361 -82.61 40.17 112.39
N GLU MA 362 -82.22 38.92 112.63
CA GLU MA 362 -80.97 38.43 112.05
C GLU MA 362 -81.15 37.02 111.49
N ILE MA 363 -81.02 36.93 110.16
CA ILE MA 363 -81.23 35.70 109.43
C ILE MA 363 -79.90 35.03 109.12
N GLU MA 364 -79.60 33.93 109.79
CA GLU MA 364 -78.37 33.21 109.53
C GLU MA 364 -78.49 32.31 108.32
N ILE MA 365 -77.54 32.43 107.41
CA ILE MA 365 -77.50 31.61 106.21
C ILE MA 365 -76.34 30.63 106.29
N GLY MA 366 -75.18 31.13 106.70
CA GLY MA 366 -73.98 30.34 106.81
C GLY MA 366 -73.37 30.00 105.46
N SER MA 367 -73.31 28.71 105.17
CA SER MA 367 -72.81 28.28 103.87
C SER MA 367 -73.81 27.37 103.15
N ARG MA 368 -75.09 27.45 103.55
CA ARG MA 368 -76.11 26.53 103.03
C ARG MA 368 -77.14 27.19 102.14
N PHE MA 369 -77.68 26.42 101.20
CA PHE MA 369 -78.92 26.82 100.52
C PHE MA 369 -80.00 25.92 101.06
N PHE MA 370 -81.03 26.49 101.67
CA PHE MA 370 -81.98 25.69 102.43
C PHE MA 370 -83.30 26.42 102.69
N ASP MA 371 -84.22 25.74 103.39
CA ASP MA 371 -85.50 26.36 103.76
C ASP MA 371 -85.41 27.07 105.11
N PHE MA 372 -85.80 28.34 105.14
CA PHE MA 372 -85.77 29.15 106.36
C PHE MA 372 -87.02 28.92 107.21
N THR MA 373 -86.88 29.17 108.52
CA THR MA 373 -88.04 29.27 109.42
C THR MA 373 -87.81 30.43 110.35
N SER MA 374 -88.89 31.07 110.75
CA SER MA 374 -88.81 32.19 111.71
C SER MA 374 -90.03 32.26 112.60
N ASN MA 375 -89.79 32.62 113.87
CA ASN MA 375 -90.86 32.86 114.82
C ASN MA 375 -91.28 34.32 114.84
N THR MA 376 -90.41 35.16 114.28
CA THR MA 376 -90.57 36.59 114.37
C THR MA 376 -90.95 37.24 113.04
N CYS MA 377 -90.97 36.46 111.97
CA CYS MA 377 -91.43 36.97 110.68
C CYS MA 377 -91.92 35.88 109.74
N ARG MA 378 -92.52 36.29 108.63
CA ARG MA 378 -93.09 35.35 107.68
C ARG MA 378 -92.09 34.95 106.59
N VAL MA 379 -91.78 33.66 106.54
CA VAL MA 379 -90.91 33.14 105.50
C VAL MA 379 -91.72 32.53 104.35
N SER MA 380 -91.42 32.92 103.12
CA SER MA 380 -92.05 32.33 101.95
C SER MA 380 -90.97 31.81 101.04
N MET MA 381 -90.87 30.49 100.93
CA MET MA 381 -89.80 29.89 100.16
C MET MA 381 -90.16 29.76 98.66
N GLY MA 382 -89.16 29.89 97.79
CA GLY MA 382 -89.39 29.74 96.37
C GLY MA 382 -89.41 28.28 95.98
N GLU MA 383 -90.23 27.93 94.99
CA GLU MA 383 -90.20 26.58 94.42
C GLU MA 383 -89.79 26.63 92.92
N ASN MA 384 -88.64 26.06 92.60
CA ASN MA 384 -88.14 26.01 91.24
C ASN MA 384 -87.23 24.79 91.04
N PRO MA 385 -86.87 24.51 89.78
CA PRO MA 385 -86.03 23.34 89.51
C PRO MA 385 -84.72 23.33 90.30
N PHE MA 386 -84.08 24.47 90.47
CA PHE MA 386 -82.82 24.46 91.21
C PHE MA 386 -83.02 23.91 92.63
N ALA MA 387 -84.04 24.38 93.32
CA ALA MA 387 -84.31 23.95 94.69
C ALA MA 387 -84.62 22.47 94.72
N ALA MA 388 -85.32 22.00 93.71
CA ALA MA 388 -85.63 20.58 93.62
C ALA MA 388 -84.33 19.77 93.40
N MET MA 389 -83.45 20.26 92.53
CA MET MA 389 -82.19 19.59 92.31
C MET MA 389 -81.36 19.50 93.60
N ILE MA 390 -81.43 20.53 94.42
CA ILE MA 390 -80.75 20.53 95.70
C ILE MA 390 -81.30 19.40 96.59
N ALA MA 391 -82.62 19.22 96.51
CA ALA MA 391 -83.33 18.24 97.31
C ALA MA 391 -83.18 16.81 96.79
N CYS MA 392 -82.83 16.68 95.50
CA CYS MA 392 -82.77 15.36 94.89
C CYS MA 392 -81.36 14.86 94.69
N HIS MA 393 -80.42 15.44 95.43
CA HIS MA 393 -79.06 14.92 95.44
C HIS MA 393 -78.54 14.86 96.87
N GLY MA 394 -77.62 13.94 97.11
CA GLY MA 394 -77.09 13.75 98.43
C GLY MA 394 -76.20 14.91 98.82
N LEU MA 395 -75.40 15.38 97.86
CA LEU MA 395 -74.46 16.48 98.08
C LEU MA 395 -74.51 17.50 96.94
N HIS MA 396 -74.19 18.75 97.25
CA HIS MA 396 -74.05 19.76 96.22
C HIS MA 396 -72.97 20.76 96.62
N SER MA 397 -72.53 21.58 95.65
CA SER MA 397 -71.51 22.58 95.89
C SER MA 397 -71.42 23.58 94.74
N GLY MA 398 -71.24 24.85 95.07
CA GLY MA 398 -71.14 25.88 94.05
C GLY MA 398 -71.20 27.27 94.63
N VAL MA 399 -71.34 28.25 93.77
CA VAL MA 399 -71.49 29.63 94.23
C VAL MA 399 -72.78 30.26 93.73
N LEU MA 400 -73.51 30.93 94.61
CA LEU MA 400 -74.72 31.62 94.23
C LEU MA 400 -74.53 33.13 94.24
N ASP MA 401 -74.90 33.78 93.15
CA ASP MA 401 -74.95 35.25 93.15
C ASP MA 401 -76.32 35.65 93.71
N LEU MA 402 -76.34 36.54 94.69
CA LEU MA 402 -77.59 36.99 95.28
C LEU MA 402 -77.95 38.43 94.86
N LYS MA 403 -79.24 38.65 94.66
CA LYS MA 403 -79.77 40.00 94.52
C LYS MA 403 -80.77 40.18 95.64
N LEU MA 404 -80.60 41.22 96.43
CA LEU MA 404 -81.56 41.52 97.49
C LEU MA 404 -82.36 42.73 97.06
N GLN MA 405 -83.68 42.64 97.21
CA GLN MA 405 -84.58 43.75 96.92
C GLN MA 405 -85.53 43.96 98.09
N TRP MA 406 -85.88 45.20 98.38
CA TRP MA 406 -86.85 45.45 99.43
C TRP MA 406 -87.65 46.73 99.20
N SER MA 407 -88.88 46.74 99.74
CA SER MA 407 -89.75 47.91 99.67
C SER MA 407 -90.03 48.36 101.09
N LEU MA 408 -90.34 49.64 101.27
CA LEU MA 408 -90.59 50.18 102.60
C LEU MA 408 -92.04 50.05 103.10
N ASN MA 409 -92.17 49.90 104.41
CA ASN MA 409 -93.47 49.84 105.07
C ASN MA 409 -93.89 51.20 105.63
N THR MA 410 -92.89 51.98 106.05
CA THR MA 410 -93.09 53.34 106.57
C THR MA 410 -92.85 54.36 105.47
N GLU MA 411 -93.05 55.63 105.79
CA GLU MA 411 -92.82 56.68 104.81
C GLU MA 411 -91.32 56.81 104.50
N PHE MA 412 -90.98 57.01 103.23
CA PHE MA 412 -89.59 57.06 102.79
C PHE MA 412 -88.80 58.12 103.53
N GLY MA 413 -89.41 59.29 103.72
CA GLY MA 413 -88.78 60.39 104.42
C GLY MA 413 -88.42 60.11 105.86
N LYS MA 414 -89.06 59.11 106.47
CA LYS MA 414 -88.85 58.79 107.87
C LYS MA 414 -87.86 57.64 108.04
N SER MA 415 -87.48 57.03 106.91
CA SER MA 415 -86.66 55.80 106.94
C SER MA 415 -85.24 55.99 107.50
N SER MA 416 -84.73 54.93 108.13
CA SER MA 416 -83.38 54.92 108.66
C SER MA 416 -82.92 53.48 108.71
N GLY MA 417 -81.65 53.27 109.04
CA GLY MA 417 -81.15 51.92 109.20
C GLY MA 417 -80.66 51.28 107.92
N SER MA 418 -80.57 49.96 107.91
CA SER MA 418 -79.83 49.21 106.88
C SER MA 418 -80.20 47.75 106.77
N VAL MA 419 -79.99 47.21 105.59
CA VAL MA 419 -79.88 45.78 105.38
C VAL MA 419 -78.37 45.51 105.36
N THR MA 420 -77.88 44.81 106.36
CA THR MA 420 -76.46 44.50 106.45
C THR MA 420 -76.16 43.04 106.14
N ILE MA 421 -75.18 42.82 105.27
CA ILE MA 421 -74.75 41.47 104.96
C ILE MA 421 -73.44 41.18 105.70
N THR MA 422 -73.52 40.38 106.75
CA THR MA 422 -72.32 39.94 107.44
C THR MA 422 -71.66 38.77 106.71
N LYS MA 423 -70.39 38.93 106.37
CA LYS MA 423 -69.64 37.86 105.73
C LYS MA 423 -68.41 37.49 106.56
N LEU MA 424 -68.40 36.26 107.06
CA LEU MA 424 -67.29 35.78 107.89
C LEU MA 424 -66.63 34.56 107.28
N VAL MA 425 -65.50 34.18 107.86
CA VAL MA 425 -64.95 32.85 107.64
C VAL MA 425 -64.82 32.20 109.02
N GLY MA 426 -65.57 31.13 109.24
CA GLY MA 426 -65.63 30.51 110.54
C GLY MA 426 -67.06 30.50 111.04
N ASP MA 427 -67.30 31.19 112.16
CA ASP MA 427 -68.63 31.35 112.73
C ASP MA 427 -68.75 32.69 113.43
N LYS MA 428 -69.95 32.97 113.95
CA LYS MA 428 -70.20 34.26 114.58
C LYS MA 428 -69.21 34.46 115.72
N ALA MA 429 -68.85 33.39 116.40
CA ALA MA 429 -68.04 33.47 117.62
C ALA MA 429 -66.53 33.72 117.43
N MET MA 430 -65.91 33.06 116.45
CA MET MA 430 -64.45 33.09 116.33
C MET MA 430 -64.00 33.38 114.90
N GLY MA 431 -64.93 33.83 114.07
CA GLY MA 431 -64.66 34.01 112.65
C GLY MA 431 -63.77 35.17 112.25
N LEU MA 432 -63.34 35.15 110.99
CA LEU MA 432 -62.58 36.23 110.41
C LEU MA 432 -63.53 37.06 109.58
N ASP MA 433 -63.19 38.33 109.39
CA ASP MA 433 -64.08 39.27 108.69
C ASP MA 433 -63.83 39.39 107.20
N GLY MA 434 -64.83 39.03 106.40
CA GLY MA 434 -64.72 39.11 104.96
C GLY MA 434 -65.35 40.36 104.39
N PRO MA 435 -65.92 40.24 103.20
CA PRO MA 435 -66.57 41.35 102.49
C PRO MA 435 -67.98 41.61 103.02
N SER MA 436 -68.08 41.88 104.32
CA SER MA 436 -69.34 42.31 104.94
C SER MA 436 -69.72 43.64 104.30
N HIS MA 437 -70.99 43.99 104.37
CA HIS MA 437 -71.52 45.00 103.47
C HIS MA 437 -72.75 45.66 104.08
N VAL MA 438 -72.72 46.99 104.16
CA VAL MA 438 -73.82 47.74 104.75
C VAL MA 438 -74.59 48.47 103.67
N PHE MA 439 -75.82 48.04 103.42
CA PHE MA 439 -76.70 48.73 102.50
C PHE MA 439 -77.65 49.64 103.27
N ALA MA 440 -77.46 50.95 103.18
CA ALA MA 440 -78.41 51.87 103.78
C ALA MA 440 -79.80 51.48 103.27
N ILE MA 441 -80.80 51.47 104.15
CA ILE MA 441 -82.12 51.00 103.77
C ILE MA 441 -82.65 51.72 102.53
N GLN MA 442 -82.22 52.96 102.32
CA GLN MA 442 -82.70 53.78 101.20
C GLN MA 442 -82.20 53.29 99.83
N LYS MA 443 -81.16 52.46 99.81
CA LYS MA 443 -80.68 51.85 98.55
C LYS MA 443 -81.77 50.97 97.94
N LEU MA 444 -82.53 50.29 98.80
CA LEU MA 444 -83.68 49.53 98.34
C LEU MA 444 -83.30 48.27 97.55
N GLU MA 445 -81.99 48.02 97.45
CA GLU MA 445 -81.47 46.81 96.83
C GLU MA 445 -79.97 46.64 97.06
N GLY MA 446 -79.49 45.41 96.93
CA GLY MA 446 -78.08 45.14 97.09
C GLY MA 446 -77.71 43.77 96.51
N THR MA 447 -76.41 43.53 96.35
CA THR MA 447 -75.95 42.27 95.80
C THR MA 447 -74.82 41.67 96.62
N THR MA 448 -74.71 40.35 96.60
CA THR MA 448 -73.60 39.67 97.26
C THR MA 448 -73.41 38.27 96.65
N GLU MA 449 -72.27 37.62 96.91
CA GLU MA 449 -72.09 36.22 96.52
C GLU MA 449 -72.26 35.36 97.75
N LEU MA 450 -72.68 34.12 97.56
CA LEU MA 450 -72.73 33.15 98.66
C LEU MA 450 -72.03 31.85 98.27
N LEU MA 451 -71.03 31.45 99.06
CA LEU MA 451 -70.41 30.15 98.84
C LEU MA 451 -71.29 29.08 99.46
N VAL MA 452 -71.78 28.15 98.63
CA VAL MA 452 -72.53 27.00 99.13
C VAL MA 452 -71.59 25.81 99.10
N GLY MA 453 -71.01 25.51 100.25
CA GLY MA 453 -69.93 24.53 100.35
C GLY MA 453 -69.15 24.67 101.65
N ASN MA 454 -67.96 24.08 101.71
CA ASN MA 454 -67.16 24.10 102.91
C ASN MA 454 -65.80 23.46 102.66
N PHE MA 455 -64.96 23.40 103.69
CA PHE MA 455 -63.60 22.89 103.51
C PHE MA 455 -63.56 21.48 102.91
N ALA MA 456 -64.57 20.67 103.19
CA ALA MA 456 -64.61 19.29 102.66
C ALA MA 456 -64.93 19.22 101.18
N GLY MA 457 -65.74 20.17 100.70
CA GLY MA 457 -66.01 20.31 99.28
C GLY MA 457 -67.46 20.34 98.82
N ALA MA 458 -68.39 19.96 99.71
CA ALA MA 458 -69.79 19.81 99.33
C ALA MA 458 -70.70 19.78 100.56
N ASN MA 459 -71.96 20.16 100.37
CA ASN MA 459 -72.93 20.18 101.46
C ASN MA 459 -73.92 19.05 101.29
N PRO MA 460 -74.27 18.39 102.39
CA PRO MA 460 -75.41 17.49 102.43
C PRO MA 460 -76.68 18.30 102.48
N ASN MA 461 -77.81 17.67 102.22
CA ASN MA 461 -79.06 18.42 102.22
C ASN MA 461 -79.70 18.36 103.61
N THR MA 462 -78.86 18.48 104.63
CA THR MA 462 -79.30 18.48 106.01
C THR MA 462 -78.48 19.54 106.75
N ARG MA 463 -78.74 19.69 108.05
CA ARG MA 463 -77.87 20.55 108.86
C ARG MA 463 -76.59 19.76 109.13
N PHE MA 464 -75.46 20.47 109.13
CA PHE MA 464 -74.15 19.87 109.33
C PHE MA 464 -73.28 20.97 109.90
N SER MA 465 -72.13 20.62 110.45
CA SER MA 465 -71.21 21.64 110.94
C SER MA 465 -69.81 21.45 110.39
N LEU MA 466 -69.48 22.15 109.31
CA LEU MA 466 -68.15 22.04 108.71
C LEU MA 466 -67.60 23.42 108.41
N TYR MA 467 -66.40 23.72 108.91
CA TYR MA 467 -65.74 25.02 108.74
C TYR MA 467 -65.87 25.54 107.31
N SER MA 468 -66.41 26.75 107.17
CA SER MA 468 -66.55 27.36 105.86
C SER MA 468 -66.73 28.87 105.98
N ARG MA 469 -66.99 29.54 104.88
CA ARG MA 469 -67.44 30.91 104.94
C ARG MA 469 -68.83 30.94 105.58
N TRP MA 470 -69.23 32.11 106.08
CA TRP MA 470 -70.45 32.21 106.86
C TRP MA 470 -71.13 33.54 106.55
N MET MA 471 -72.44 33.49 106.26
CA MET MA 471 -73.19 34.68 105.91
C MET MA 471 -74.43 34.87 106.76
N ALA MA 472 -74.76 36.13 107.01
CA ALA MA 472 -75.99 36.47 107.73
C ALA MA 472 -76.58 37.79 107.22
N ILE MA 473 -77.90 37.91 107.28
CA ILE MA 473 -78.54 39.16 106.90
C ILE MA 473 -78.99 39.79 108.20
N LYS MA 474 -78.63 41.05 108.43
CA LYS MA 474 -78.97 41.74 109.66
C LYS MA 474 -79.86 42.95 109.41
N LEU MA 475 -81.10 42.89 109.88
CA LEU MA 475 -82.01 44.04 109.82
C LEU MA 475 -82.03 44.79 111.16
N ASP MA 476 -81.98 46.12 111.11
CA ASP MA 476 -82.07 46.88 112.37
C ASP MA 476 -83.36 47.70 112.46
N GLN MA 477 -84.06 47.81 111.34
CA GLN MA 477 -85.30 48.54 111.28
C GLN MA 477 -86.30 47.74 110.48
N ALA MA 478 -86.39 46.44 110.80
CA ALA MA 478 -87.13 45.48 109.98
C ALA MA 478 -88.62 45.81 109.86
N LYS MA 479 -89.20 46.45 110.86
CA LYS MA 479 -90.60 46.84 110.81
C LYS MA 479 -90.88 47.90 109.74
N SER MA 480 -89.81 48.56 109.26
CA SER MA 480 -89.94 49.53 108.18
C SER MA 480 -89.85 48.86 106.80
N ILE MA 481 -89.73 47.54 106.78
CA ILE MA 481 -89.64 46.81 105.53
C ILE MA 481 -90.91 46.02 105.25
N LYS MA 482 -91.52 46.24 104.09
CA LYS MA 482 -92.72 45.50 103.75
C LYS MA 482 -92.36 44.10 103.23
N VAL MA 483 -91.27 44.01 102.49
CA VAL MA 483 -90.77 42.72 102.02
C VAL MA 483 -89.29 42.78 101.67
N LEU MA 484 -88.56 41.74 102.06
CA LEU MA 484 -87.18 41.57 101.68
C LEU MA 484 -87.14 40.35 100.80
N ARG MA 485 -86.84 40.52 99.52
CA ARG MA 485 -86.77 39.40 98.60
C ARG MA 485 -85.33 39.03 98.28
N VAL MA 486 -85.03 37.74 98.33
CA VAL MA 486 -83.70 37.27 97.95
C VAL MA 486 -83.76 36.39 96.71
N LEU MA 487 -83.15 36.84 95.62
CA LEU MA 487 -83.04 36.05 94.41
C LEU MA 487 -81.63 35.52 94.31
N CYS MA 488 -81.49 34.35 93.67
CA CYS MA 488 -80.15 33.80 93.39
C CYS MA 488 -80.00 33.34 91.95
N LYS MA 489 -78.74 33.24 91.52
CA LYS MA 489 -78.38 32.80 90.17
C LYS MA 489 -77.08 32.02 90.27
N PRO MA 490 -77.16 30.69 90.13
CA PRO MA 490 -75.97 29.83 90.29
C PRO MA 490 -74.91 30.16 89.26
N ARG MA 491 -73.67 30.37 89.73
CA ARG MA 491 -72.53 30.50 88.83
C ARG MA 491 -72.24 29.16 88.18
N PRO MA 492 -71.77 29.21 86.94
CA PRO MA 492 -71.52 28.04 86.12
C PRO MA 492 -70.72 27.03 86.90
N GLY MA 493 -71.07 25.76 86.78
CA GLY MA 493 -70.34 24.71 87.46
C GLY MA 493 -70.91 24.36 88.82
N PHE MA 494 -72.11 24.83 89.12
CA PHE MA 494 -72.77 24.41 90.35
C PHE MA 494 -73.04 22.90 90.27
N SER MA 495 -72.52 22.14 91.21
CA SER MA 495 -72.45 20.68 91.07
C SER MA 495 -73.33 19.90 92.03
N PHE MA 496 -73.87 18.78 91.55
CA PHE MA 496 -74.69 17.90 92.36
C PHE MA 496 -74.10 16.48 92.34
N TYR MA 497 -74.15 15.82 93.49
CA TYR MA 497 -73.55 14.49 93.64
C TYR MA 497 -74.58 13.50 94.13
N GLY MA 498 -74.66 12.34 93.47
CA GLY MA 498 -75.50 11.25 93.94
C GLY MA 498 -77.00 11.46 93.88
N ARG MA 499 -77.59 11.14 92.74
CA ARG MA 499 -79.03 11.31 92.56
C ARG MA 499 -79.84 10.49 93.57
N THR MA 500 -80.85 11.14 94.13
CA THR MA 500 -81.74 10.49 95.10
C THR MA 500 -83.15 11.13 95.05
N SER MA 501 -83.91 10.97 96.13
CA SER MA 501 -85.25 11.56 96.19
C SER MA 501 -85.52 12.24 97.52
N PHE MA 502 -86.67 12.90 97.61
CA PHE MA 502 -86.98 13.73 98.78
C PHE MA 502 -88.47 13.79 99.02
N PRO MA 503 -88.96 12.92 99.88
CA PRO MA 503 -90.37 12.90 100.26
C PRO MA 503 -90.69 13.99 101.30
N VAL MA 504 -91.78 14.74 101.06
CA VAL MA 504 -92.32 15.69 102.03
C VAL MA 504 -93.84 15.58 102.11
N GLY NA 1 -15.00 38.63 106.62
CA GLY NA 1 -14.19 38.53 107.83
C GLY NA 1 -15.01 38.65 109.10
N LEU NA 2 -14.38 38.39 110.24
CA LEU NA 2 -15.07 38.54 111.51
C LEU NA 2 -15.50 40.01 111.71
N ALA NA 3 -16.79 40.22 111.95
CA ALA NA 3 -17.38 41.54 111.93
C ALA NA 3 -17.78 42.00 113.31
N GLY NA 4 -18.19 41.04 114.13
CA GLY NA 4 -18.59 41.33 115.50
C GLY NA 4 -18.65 40.05 116.32
N ARG NA 5 -18.72 40.19 117.64
CA ARG NA 5 -18.77 39.02 118.51
C ARG NA 5 -19.48 39.32 119.82
N GLY NA 6 -19.77 38.27 120.57
CA GLY NA 6 -20.50 38.39 121.81
C GLY NA 6 -20.44 37.09 122.58
N VAL NA 7 -20.93 37.10 123.81
CA VAL NA 7 -20.81 35.92 124.65
C VAL NA 7 -22.14 35.60 125.30
N ILE NA 8 -22.52 34.33 125.29
CA ILE NA 8 -23.70 33.88 126.01
C ILE NA 8 -23.24 33.05 127.20
N TYR NA 9 -23.80 33.30 128.38
CA TYR NA 9 -23.44 32.48 129.55
C TYR NA 9 -24.42 31.38 129.87
N ILE NA 10 -23.89 30.17 129.96
CA ILE NA 10 -24.70 29.00 130.26
C ILE NA 10 -24.55 28.59 131.73
N PRO NA 11 -25.68 28.42 132.43
CA PRO NA 11 -25.69 27.93 133.82
C PRO NA 11 -25.37 26.44 133.84
N LYS NA 12 -24.71 26.00 134.91
CA LYS NA 12 -24.43 24.57 135.03
C LYS NA 12 -25.74 23.76 135.02
N ASP NA 13 -26.79 24.27 135.65
CA ASP NA 13 -28.10 23.66 135.49
C ASP NA 13 -28.91 24.46 134.48
N CYS NA 14 -28.84 24.04 133.22
CA CYS NA 14 -29.55 24.70 132.15
C CYS NA 14 -30.84 23.92 131.93
N GLN NA 15 -31.95 24.47 132.43
CA GLN NA 15 -33.25 23.81 132.33
C GLN NA 15 -33.99 24.29 131.08
N ALA NA 16 -35.05 23.58 130.71
CA ALA NA 16 -35.87 24.02 129.56
C ALA NA 16 -36.57 25.35 129.84
N ASN NA 17 -36.49 26.24 128.87
CA ASN NA 17 -37.12 27.56 128.93
C ASN NA 17 -36.28 28.64 129.60
N ARG NA 18 -35.09 28.27 130.08
CA ARG NA 18 -34.20 29.30 130.62
C ARG NA 18 -33.83 30.31 129.55
N TYR NA 19 -33.92 31.58 129.93
CA TYR NA 19 -33.48 32.66 129.07
C TYR NA 19 -31.98 32.76 129.28
N LEU NA 20 -31.21 32.78 128.19
CA LEU NA 20 -29.74 32.81 128.30
C LEU NA 20 -29.14 34.19 128.05
N GLY NA 21 -29.83 34.98 127.25
CA GLY NA 21 -29.39 36.32 126.94
C GLY NA 21 -29.75 36.80 125.55
N THR NA 22 -29.57 38.09 125.32
CA THR NA 22 -29.81 38.66 124.01
C THR NA 22 -28.57 39.43 123.54
N LEU NA 23 -28.17 39.21 122.29
CA LEU NA 23 -27.08 39.99 121.71
C LEU NA 23 -27.69 40.98 120.75
N ASN NA 24 -27.17 42.18 120.76
CA ASN NA 24 -27.64 43.19 119.85
C ASN NA 24 -26.72 43.21 118.63
N ILE NA 25 -27.24 42.83 117.47
CA ILE NA 25 -26.40 42.65 116.30
C ILE NA 25 -25.58 43.88 115.97
N ARG NA 26 -26.17 45.05 116.09
CA ARG NA 26 -25.41 46.23 115.71
C ARG NA 26 -24.34 46.56 116.75
N ASP NA 27 -24.65 46.33 118.02
CA ASP NA 27 -23.66 46.47 119.09
C ASP NA 27 -22.50 45.48 118.98
N MET NA 28 -22.77 44.24 118.57
CA MET NA 28 -21.68 43.28 118.36
C MET NA 28 -20.66 43.81 117.36
N ILE NA 29 -21.13 44.47 116.32
CA ILE NA 29 -20.26 44.98 115.27
C ILE NA 29 -19.56 46.25 115.74
N SER NA 30 -20.29 47.11 116.45
CA SER NA 30 -19.70 48.40 116.85
C SER NA 30 -18.77 48.31 118.06
N ASP NA 31 -19.01 47.36 118.95
CA ASP NA 31 -18.16 47.20 120.11
C ASP NA 31 -16.85 46.58 119.67
N PHE NA 32 -16.92 45.77 118.63
CA PHE NA 32 -15.76 45.07 118.11
C PHE NA 32 -14.88 46.09 117.37
N LYS NA 33 -15.41 46.71 116.32
CA LYS NA 33 -14.88 47.99 115.84
C LYS NA 33 -13.43 47.98 115.35
N GLY NA 34 -12.99 46.97 114.59
CA GLY NA 34 -13.79 46.23 113.64
C GLY NA 34 -13.33 46.75 112.27
N VAL NA 35 -12.65 45.94 111.45
CA VAL NA 35 -12.38 46.37 110.07
C VAL NA 35 -13.70 46.53 109.32
N GLN NA 36 -14.64 45.63 109.58
CA GLN NA 36 -15.97 45.70 108.97
C GLN NA 36 -16.78 46.89 109.48
N TYR NA 37 -16.71 47.14 110.79
CA TYR NA 37 -17.37 48.32 111.36
C TYR NA 37 -16.90 49.60 110.68
N GLU NA 38 -15.60 49.72 110.48
CA GLU NA 38 -15.07 50.91 109.82
C GLU NA 38 -15.46 51.01 108.32
N LYS NA 39 -15.56 49.89 107.62
CA LYS NA 39 -16.05 49.90 106.24
C LYS NA 39 -17.49 50.40 106.22
N TRP NA 40 -18.22 50.09 107.30
CA TRP NA 40 -19.65 50.38 107.44
C TRP NA 40 -19.88 51.89 107.53
N ILE NA 41 -19.12 52.56 108.40
CA ILE NA 41 -19.18 54.00 108.52
C ILE NA 41 -19.06 54.72 107.18
N THR NA 42 -18.24 54.18 106.28
CA THR NA 42 -18.06 54.80 104.96
C THR NA 42 -19.21 54.50 104.02
N ALA NA 43 -19.75 53.30 104.14
CA ALA NA 43 -20.86 52.87 103.30
C ALA NA 43 -22.12 53.64 103.66
N GLY NA 44 -22.29 53.88 104.96
CA GLY NA 44 -23.51 54.46 105.47
C GLY NA 44 -24.56 53.38 105.67
N LEU NA 45 -25.04 52.80 104.57
CA LEU NA 45 -26.01 51.72 104.59
C LEU NA 45 -25.41 50.36 104.20
N VAL NA 46 -25.75 49.32 104.94
CA VAL NA 46 -25.34 47.96 104.57
C VAL NA 46 -26.52 46.98 104.57
N MET NA 47 -26.52 46.01 103.65
CA MET NA 47 -27.54 44.95 103.60
C MET NA 47 -26.91 43.59 103.68
N PRO NA 48 -26.22 43.31 104.79
CA PRO NA 48 -25.24 42.22 104.85
C PRO NA 48 -25.83 40.85 104.55
N THR NA 49 -24.98 39.94 104.10
CA THR NA 49 -25.26 38.53 104.30
C THR NA 49 -24.33 38.02 105.41
N PHE NA 50 -24.88 37.73 106.58
CA PHE NA 50 -24.12 37.29 107.73
C PHE NA 50 -23.95 35.79 107.74
N LYS NA 51 -22.79 35.32 108.18
CA LYS NA 51 -22.65 33.94 108.64
C LYS NA 51 -22.55 34.06 110.14
N ILE NA 52 -23.51 33.48 110.85
CA ILE NA 52 -23.45 33.44 112.30
C ILE NA 52 -22.83 32.12 112.71
N VAL NA 53 -21.85 32.20 113.61
CA VAL NA 53 -21.19 31.01 114.15
C VAL NA 53 -21.24 31.01 115.67
N ILE NA 54 -21.81 29.95 116.25
CA ILE NA 54 -21.84 29.80 117.70
C ILE NA 54 -20.84 28.72 118.11
N ARG NA 55 -19.80 29.14 118.81
CA ARG NA 55 -18.77 28.21 119.26
C ARG NA 55 -19.07 27.67 120.64
N LEU NA 56 -18.91 26.36 120.77
CA LEU NA 56 -19.80 25.57 121.61
C LEU NA 56 -19.14 24.20 121.65
N PRO NA 57 -18.76 23.73 122.85
CA PRO NA 57 -18.08 22.44 122.90
C PRO NA 57 -19.07 21.29 122.68
N ALA NA 58 -18.81 20.48 121.67
CA ALA NA 58 -19.70 19.38 121.34
C ALA NA 58 -19.78 18.36 122.48
N ASN NA 59 -20.99 17.93 122.81
CA ASN NA 59 -21.18 16.96 123.89
C ASN NA 59 -22.45 16.12 123.73
N ALA NA 60 -22.27 14.80 123.71
CA ALA NA 60 -23.41 13.91 123.48
C ALA NA 60 -24.07 13.45 124.78
N PHE NA 61 -23.61 13.98 125.91
CA PHE NA 61 -24.04 13.44 127.19
C PHE NA 61 -24.92 14.39 128.01
N THR NA 62 -25.50 15.39 127.35
CA THR NA 62 -26.30 16.37 128.07
C THR NA 62 -27.78 16.38 127.68
N GLY NA 63 -28.05 16.26 126.39
CA GLY NA 63 -29.41 16.37 125.89
C GLY NA 63 -29.84 17.82 125.63
N LEU NA 64 -28.91 18.75 125.85
CA LEU NA 64 -29.16 20.17 125.66
C LEU NA 64 -29.44 20.55 124.22
N THR NA 65 -30.54 21.27 124.03
CA THR NA 65 -30.85 21.90 122.74
C THR NA 65 -31.25 23.36 122.99
N TRP NA 66 -30.65 24.28 122.23
CA TRP NA 66 -30.95 25.69 122.39
C TRP NA 66 -31.63 26.21 121.13
N VAL NA 67 -32.24 27.39 121.24
CA VAL NA 67 -32.78 28.06 120.07
C VAL NA 67 -32.21 29.45 119.92
N MET NA 68 -31.65 29.73 118.74
CA MET NA 68 -31.28 31.10 118.40
C MET NA 68 -32.43 31.69 117.61
N SER NA 69 -32.98 32.81 118.10
CA SER NA 69 -34.13 33.45 117.49
C SER NA 69 -33.72 34.81 116.92
N PHE NA 70 -33.92 35.01 115.62
CA PHE NA 70 -33.58 36.26 114.97
C PHE NA 70 -34.79 37.20 115.03
N ASP NA 71 -34.69 38.18 115.92
CA ASP NA 71 -35.78 39.11 116.16
C ASP NA 71 -35.39 40.49 115.67
N ALA NA 72 -35.48 40.70 114.37
CA ALA NA 72 -34.99 41.95 113.79
C ALA NA 72 -35.80 43.18 114.22
N TYR NA 73 -37.04 42.96 114.65
CA TYR NA 73 -37.93 44.06 114.96
C TYR NA 73 -38.34 44.10 116.42
N ASN NA 74 -37.61 43.36 117.25
CA ASN NA 74 -37.73 43.46 118.69
C ASN NA 74 -39.14 43.16 119.20
N ARG NA 75 -39.73 42.05 118.74
CA ARG NA 75 -41.13 41.74 119.07
C ARG NA 75 -41.32 40.74 120.25
N ILE NA 76 -40.41 39.78 120.40
CA ILE NA 76 -40.56 38.86 121.51
C ILE NA 76 -39.73 39.22 122.74
N THR NA 77 -38.65 39.99 122.56
CA THR NA 77 -37.73 40.34 123.65
C THR NA 77 -38.39 40.50 125.03
N SER NA 78 -39.31 41.48 125.12
CA SER NA 78 -40.07 41.82 126.33
C SER NA 78 -40.75 40.65 127.08
N ARG NA 79 -41.03 39.56 126.36
CA ARG NA 79 -41.81 38.46 126.91
C ARG NA 79 -41.01 37.18 127.21
N ILE NA 80 -39.69 37.20 127.01
CA ILE NA 80 -38.88 36.00 127.27
C ILE NA 80 -37.77 36.18 128.32
N THR NA 81 -37.56 37.42 128.78
CA THR NA 81 -36.42 37.71 129.65
C THR NA 81 -36.55 37.14 131.07
N ALA NA 82 -37.77 36.74 131.44
CA ALA NA 82 -37.97 36.07 132.73
C ALA NA 82 -37.85 34.59 132.49
N SER NA 83 -38.60 34.13 131.51
CA SER NA 83 -38.58 32.75 131.09
C SER NA 83 -39.05 32.78 129.65
N ALA NA 84 -38.45 31.93 128.83
CA ALA NA 84 -38.74 31.92 127.41
C ALA NA 84 -39.61 30.73 127.01
N ASP NA 85 -40.91 30.99 126.74
CA ASP NA 85 -41.81 29.96 126.22
C ASP NA 85 -41.41 29.66 124.79
N PRO NA 86 -41.37 28.37 124.42
CA PRO NA 86 -41.06 28.05 123.03
C PRO NA 86 -42.01 28.69 122.02
N VAL NA 87 -43.27 28.95 122.39
CA VAL NA 87 -44.20 29.58 121.47
C VAL NA 87 -43.69 30.94 121.00
N TYR NA 88 -43.06 31.69 121.91
CA TYR NA 88 -42.45 32.96 121.51
C TYR NA 88 -41.17 32.74 120.69
N THR NA 89 -40.27 31.91 121.20
CA THR NA 89 -38.94 31.78 120.61
C THR NA 89 -38.99 31.18 119.22
N LEU NA 90 -40.03 30.40 118.93
CA LEU NA 90 -40.17 29.76 117.62
C LEU NA 90 -41.07 30.53 116.63
N SER NA 91 -41.58 31.69 117.08
CA SER NA 91 -42.54 32.47 116.30
C SER NA 91 -41.85 33.46 115.36
N VAL NA 92 -40.53 33.54 115.48
CA VAL NA 92 -39.74 34.35 114.56
C VAL NA 92 -38.71 33.44 113.93
N PRO NA 93 -38.04 33.91 112.85
CA PRO NA 93 -37.01 33.05 112.25
C PRO NA 93 -36.04 32.53 113.31
N HIS NA 94 -35.68 31.25 113.23
CA HIS NA 94 -34.93 30.63 114.31
C HIS NA 94 -34.22 29.37 113.85
N TRP NA 95 -33.29 28.92 114.69
CA TRP NA 95 -32.48 27.76 114.38
C TRP NA 95 -32.31 26.90 115.63
N LEU NA 96 -32.37 25.58 115.45
CA LEU NA 96 -32.11 24.66 116.55
C LEU NA 96 -30.62 24.40 116.68
N ILE NA 97 -30.12 24.50 117.89
CA ILE NA 97 -28.71 24.25 118.14
C ILE NA 97 -28.58 23.03 119.03
N HIS NA 98 -28.17 21.92 118.44
CA HIS NA 98 -28.03 20.66 119.17
C HIS NA 98 -26.64 20.53 119.77
N HIS NA 99 -26.59 20.21 121.07
CA HIS NA 99 -25.32 20.14 121.77
C HIS NA 99 -24.46 19.03 121.22
N LYS NA 100 -25.10 17.95 120.76
CA LYS NA 100 -24.33 16.83 120.23
C LYS NA 100 -23.52 17.21 118.99
N LEU NA 101 -23.93 18.25 118.26
CA LEU NA 101 -23.31 18.63 116.99
C LEU NA 101 -22.21 19.68 117.14
N GLY NA 102 -22.07 20.19 118.37
CA GLY NA 102 -21.06 21.18 118.65
C GLY NA 102 -21.29 22.50 117.95
N THR NA 103 -20.19 23.05 117.42
CA THR NA 103 -20.19 24.38 116.82
C THR NA 103 -21.21 24.48 115.70
N PHE NA 104 -22.02 25.54 115.75
CA PHE NA 104 -23.16 25.71 114.87
C PHE NA 104 -22.97 26.90 113.94
N SER NA 105 -23.51 26.79 112.74
CA SER NA 105 -23.40 27.88 111.79
C SER NA 105 -24.65 28.02 110.91
N CYS NA 106 -24.98 29.24 110.50
CA CYS NA 106 -26.09 29.44 109.57
C CYS NA 106 -25.92 30.77 108.83
N GLU NA 107 -26.68 30.96 107.75
CA GLU NA 107 -26.63 32.23 107.03
C GLU NA 107 -27.89 33.01 107.23
N ILE NA 108 -27.72 34.32 107.38
CA ILE NA 108 -28.83 35.21 107.49
C ILE NA 108 -28.69 36.22 106.37
N ASP NA 109 -29.58 36.15 105.38
CA ASP NA 109 -29.61 37.17 104.33
C ASP NA 109 -30.46 38.29 104.88
N TYR NA 110 -29.80 39.32 105.38
CA TYR NA 110 -30.49 40.40 106.07
C TYR NA 110 -31.49 41.08 105.14
N GLY NA 111 -31.24 41.01 103.84
CA GLY NA 111 -32.21 41.47 102.86
C GLY NA 111 -33.58 40.77 102.94
N GLU NA 112 -33.58 39.45 103.14
CA GLU NA 112 -34.83 38.68 103.28
C GLU NA 112 -35.40 38.69 104.70
N LEU NA 113 -34.62 38.17 105.65
CA LEU NA 113 -35.08 38.03 107.03
C LEU NA 113 -35.40 39.34 107.72
N CYS NA 114 -34.79 40.42 107.28
CA CYS NA 114 -35.07 41.70 107.88
C CYS NA 114 -35.78 42.68 106.93
N GLY NA 115 -35.17 43.01 105.80
CA GLY NA 115 -35.85 43.83 104.80
C GLY NA 115 -35.44 45.28 104.66
N HIS NA 116 -34.87 45.88 105.71
CA HIS NA 116 -34.34 47.24 105.59
C HIS NA 116 -32.82 47.32 105.89
N ALA NA 117 -32.13 48.23 105.22
CA ALA NA 117 -30.67 48.37 105.37
C ALA NA 117 -30.28 49.08 106.66
N MET NA 118 -29.15 48.66 107.21
CA MET NA 118 -28.68 49.18 108.49
C MET NA 118 -27.87 50.48 108.36
N TRP NA 119 -28.25 51.47 109.15
CA TRP NA 119 -27.58 52.75 109.14
C TRP NA 119 -26.51 52.79 110.21
N PHE NA 120 -25.29 53.14 109.81
CA PHE NA 120 -24.14 53.08 110.69
C PHE NA 120 -24.28 53.83 112.02
N LYS NA 121 -24.97 54.97 112.02
CA LYS NA 121 -24.96 55.85 113.19
C LYS NA 121 -26.05 55.61 114.22
N SER NA 122 -27.13 54.98 113.82
CA SER NA 122 -28.24 54.76 114.74
C SER NA 122 -29.24 53.77 114.19
N THR NA 123 -30.01 53.18 115.09
CA THR NA 123 -31.07 52.29 114.71
C THR NA 123 -32.13 53.08 113.93
N THR NA 124 -32.60 52.54 112.82
CA THR NA 124 -33.64 53.19 112.04
C THR NA 124 -35.03 52.91 112.62
N PHE NA 125 -35.45 51.65 112.56
CA PHE NA 125 -36.74 51.30 113.13
C PHE NA 125 -36.61 50.74 114.53
N GLU NA 126 -36.41 49.44 114.63
CA GLU NA 126 -36.02 48.90 115.91
C GLU NA 126 -34.66 48.22 115.77
N SER NA 127 -34.03 47.96 116.91
CA SER NA 127 -32.68 47.41 116.95
C SER NA 127 -32.69 45.87 116.91
N PRO NA 128 -32.08 45.29 115.85
CA PRO NA 128 -32.08 43.84 115.58
C PRO NA 128 -31.38 43.01 116.66
N ARG NA 129 -32.07 42.01 117.20
CA ARG NA 129 -31.52 41.16 118.27
C ARG NA 129 -31.40 39.68 117.91
N LEU NA 130 -30.44 39.01 118.54
CA LEU NA 130 -30.39 37.56 118.54
C LEU NA 130 -30.69 37.10 119.95
N HIS NA 131 -31.75 36.29 120.12
CA HIS NA 131 -32.06 35.71 121.43
C HIS NA 131 -31.56 34.27 121.57
N PHE NA 132 -30.99 33.95 122.73
CA PHE NA 132 -30.59 32.59 122.99
C PHE NA 132 -31.32 31.97 124.17
N THR NA 133 -32.07 30.92 123.89
CA THR NA 133 -32.94 30.29 124.87
C THR NA 133 -32.69 28.79 124.86
N CYS NA 134 -33.08 28.13 125.95
CA CYS NA 134 -32.92 26.70 126.05
C CYS NA 134 -34.24 25.97 125.75
N LEU NA 135 -34.25 25.16 124.70
CA LEU NA 135 -35.48 24.50 124.26
C LEU NA 135 -35.73 23.21 125.04
N THR NA 136 -34.70 22.37 125.13
CA THR NA 136 -34.73 21.16 125.94
C THR NA 136 -33.54 21.21 126.89
N GLY NA 137 -33.80 20.93 128.17
CA GLY NA 137 -32.79 21.05 129.20
C GLY NA 137 -31.82 19.89 129.28
N ASN NA 138 -30.77 20.07 130.08
CA ASN NA 138 -29.81 18.98 130.34
C ASN NA 138 -30.42 17.91 131.25
N ASN NA 139 -29.96 16.67 131.07
CA ASN NA 139 -30.58 15.55 131.75
C ASN NA 139 -30.29 15.61 133.25
N LYS NA 140 -29.15 16.22 133.57
CA LYS NA 140 -28.69 16.45 134.94
C LYS NA 140 -27.78 17.64 134.82
N GLU NA 141 -27.56 18.39 135.90
CA GLU NA 141 -26.73 19.57 135.76
C GLU NA 141 -25.31 19.17 135.35
N LEU NA 142 -24.60 20.11 134.73
CA LEU NA 142 -23.20 19.87 134.35
C LEU NA 142 -22.28 20.20 135.52
N ALA NA 143 -20.99 20.09 135.29
CA ALA NA 143 -20.03 20.25 136.37
C ALA NA 143 -19.91 21.70 136.84
N ALA NA 144 -20.00 22.64 135.90
CA ALA NA 144 -19.84 24.06 136.23
C ALA NA 144 -20.48 24.98 135.20
N ASP NA 145 -20.65 26.25 135.56
CA ASP NA 145 -21.08 27.27 134.60
C ASP NA 145 -20.10 27.34 133.43
N TRP NA 146 -20.58 27.68 132.25
CA TRP NA 146 -19.71 27.84 131.09
C TRP NA 146 -20.20 28.93 130.16
N GLN NA 147 -19.52 29.09 129.03
CA GLN NA 147 -19.98 30.08 128.06
C GLN NA 147 -19.84 29.57 126.62
N ALA NA 148 -20.61 30.19 125.73
CA ALA NA 148 -20.49 29.95 124.31
C ALA NA 148 -20.17 31.30 123.65
N VAL NA 149 -19.49 31.25 122.50
CA VAL NA 149 -19.14 32.48 121.79
C VAL NA 149 -19.97 32.61 120.50
N VAL NA 150 -20.55 33.78 120.28
CA VAL NA 150 -21.30 34.05 119.05
C VAL NA 150 -20.50 34.98 118.14
N GLU NA 151 -20.35 34.60 116.88
CA GLU NA 151 -19.55 35.40 115.94
C GLU NA 151 -20.29 35.76 114.67
N LEU NA 152 -20.16 37.01 114.23
CA LEU NA 152 -20.76 37.47 112.98
C LEU NA 152 -19.67 37.61 111.94
N TYR NA 153 -19.81 36.90 110.82
CA TYR NA 153 -18.88 37.06 109.71
C TYR NA 153 -19.63 37.68 108.55
N ALA NA 154 -19.00 38.66 107.90
CA ALA NA 154 -19.65 39.36 106.79
C ALA NA 154 -18.62 40.16 106.04
N GLU NA 155 -18.88 40.40 104.75
CA GLU NA 155 -18.10 41.35 103.99
C GLU NA 155 -19.02 42.50 103.63
N LEU NA 156 -19.06 43.49 104.52
CA LEU NA 156 -19.99 44.61 104.35
C LEU NA 156 -19.65 45.46 103.13
N GLU NA 157 -20.65 45.69 102.29
CA GLU NA 157 -20.51 46.66 101.21
C GLU NA 157 -21.69 47.62 101.19
N GLU NA 158 -21.49 48.78 100.56
CA GLU NA 158 -22.52 49.81 100.56
C GLU NA 158 -23.79 49.28 99.92
N ALA NA 159 -24.93 49.53 100.59
CA ALA NA 159 -26.25 49.17 100.09
C ALA NA 159 -26.77 50.19 99.07
N THR NA 160 -27.29 49.66 97.98
CA THR NA 160 -27.76 50.47 96.88
C THR NA 160 -29.21 51.00 97.13
N SER NA 161 -30.02 50.25 97.86
CA SER NA 161 -31.41 50.62 98.13
C SER NA 161 -31.71 50.52 99.62
N PHE NA 162 -32.76 51.20 100.07
CA PHE NA 162 -33.15 51.11 101.48
C PHE NA 162 -33.85 49.78 101.76
N LEU NA 163 -34.65 49.34 100.81
CA LEU NA 163 -35.50 48.19 101.02
C LEU NA 163 -34.92 46.96 100.37
N GLY NA 164 -35.14 45.80 101.00
CA GLY NA 164 -34.77 44.52 100.45
C GLY NA 164 -35.75 44.08 99.39
N LYS NA 165 -35.81 42.78 99.14
CA LYS NA 165 -36.84 42.22 98.30
C LYS NA 165 -37.91 41.70 99.25
N PRO NA 166 -39.19 41.89 98.89
CA PRO NA 166 -40.28 41.52 99.79
C PRO NA 166 -40.34 40.01 100.02
N THR NA 167 -40.32 39.60 101.29
CA THR NA 167 -40.54 38.21 101.70
C THR NA 167 -41.89 37.67 101.19
N LEU NA 168 -42.90 38.53 101.09
CA LEU NA 168 -44.26 38.09 100.79
C LEU NA 168 -45.05 39.14 100.04
N VAL NA 169 -45.84 38.74 99.05
CA VAL NA 169 -46.75 39.66 98.38
C VAL NA 169 -48.19 39.20 98.51
N PHE NA 170 -49.06 40.11 98.94
CA PHE NA 170 -50.41 39.71 99.32
C PHE NA 170 -51.17 39.14 98.16
N ASP NA 171 -51.74 37.96 98.40
CA ASP NA 171 -52.55 37.21 97.44
C ASP NA 171 -53.38 36.16 98.20
N PRO NA 172 -54.71 36.33 98.20
CA PRO NA 172 -55.69 35.51 98.92
C PRO NA 172 -55.66 34.08 98.45
N GLY NA 173 -55.53 33.93 97.14
CA GLY NA 173 -55.61 32.63 96.51
C GLY NA 173 -54.29 31.90 96.46
N VAL NA 174 -53.31 32.36 97.25
CA VAL NA 174 -51.99 31.73 97.22
C VAL NA 174 -51.35 31.46 98.59
N PHE NA 175 -51.51 30.20 98.95
CA PHE NA 175 -50.83 29.51 100.02
C PHE NA 175 -50.40 28.19 99.37
N ASN NA 176 -49.12 28.09 99.00
CA ASN NA 176 -48.57 26.90 98.36
C ASN NA 176 -48.80 25.60 99.13
N GLY NA 177 -48.41 25.59 100.39
CA GLY NA 177 -48.41 24.37 101.18
C GLY NA 177 -47.00 24.08 101.71
N LYS NA 178 -46.02 24.87 101.27
CA LYS NA 178 -44.67 24.84 101.83
C LYS NA 178 -44.53 25.84 103.00
N PHE NA 179 -43.78 25.45 104.03
CA PHE NA 179 -43.58 26.31 105.18
C PHE NA 179 -42.08 26.59 105.38
N GLN NA 180 -41.76 27.71 106.04
CA GLN NA 180 -40.45 27.87 106.67
C GLN NA 180 -40.61 28.23 108.14
N PHE NA 181 -39.67 27.79 108.96
CA PHE NA 181 -39.64 28.12 110.38
C PHE NA 181 -40.89 27.68 111.15
N LEU NA 182 -41.46 26.55 110.74
CA LEU NA 182 -42.60 25.98 111.47
C LEU NA 182 -42.07 24.88 112.36
N THR NA 183 -41.86 25.21 113.63
CA THR NA 183 -41.31 24.26 114.60
C THR NA 183 -42.29 24.14 115.75
N CYS NA 184 -42.65 22.91 116.09
CA CYS NA 184 -43.59 22.67 117.18
C CYS NA 184 -42.84 22.64 118.47
N PRO NA 185 -43.40 23.26 119.53
CA PRO NA 185 -42.80 23.13 120.86
C PRO NA 185 -42.55 21.67 121.22
N PRO NA 186 -41.56 21.43 122.07
CA PRO NA 186 -41.12 20.08 122.41
C PRO NA 186 -42.25 19.24 122.99
N ILE NA 187 -42.27 17.97 122.61
CA ILE NA 187 -43.18 16.97 123.15
C ILE NA 187 -42.35 16.07 124.10
N PHE NA 188 -42.88 15.73 125.27
CA PHE NA 188 -42.07 14.98 126.24
C PHE NA 188 -42.63 13.61 126.59
N PHE NA 189 -41.73 12.63 126.73
CA PHE NA 189 -42.09 11.27 127.13
C PHE NA 189 -41.46 10.88 128.45
N ASP NA 190 -42.27 10.36 129.38
CA ASP NA 190 -41.74 9.95 130.69
C ASP NA 190 -41.14 8.59 130.53
N LEU NA 191 -40.08 8.31 131.28
CA LEU NA 191 -39.52 6.96 131.23
C LEU NA 191 -40.15 6.02 132.25
N THR NA 192 -41.06 6.55 133.04
CA THR NA 192 -41.81 5.75 133.99
C THR NA 192 -43.08 5.19 133.36
N ALA NA 193 -43.10 5.17 132.03
CA ALA NA 193 -44.27 4.71 131.31
C ALA NA 193 -43.89 3.74 130.19
N VAL NA 194 -44.47 2.55 130.25
CA VAL NA 194 -44.13 1.53 129.27
C VAL NA 194 -44.57 1.85 127.83
N THR NA 195 -45.70 2.52 127.68
CA THR NA 195 -46.08 3.11 126.40
C THR NA 195 -46.70 4.48 126.67
N ALA NA 196 -46.88 5.26 125.61
CA ALA NA 196 -47.48 6.58 125.76
C ALA NA 196 -47.91 7.19 124.44
N LEU NA 197 -48.84 8.14 124.51
CA LEU NA 197 -49.25 8.86 123.33
C LEU NA 197 -49.03 10.35 123.53
N ARG NA 198 -48.53 11.03 122.50
CA ARG NA 198 -48.54 12.48 122.47
C ARG NA 198 -49.12 12.97 121.16
N SER NA 199 -50.17 13.79 121.26
CA SER NA 199 -50.83 14.34 120.08
C SER NA 199 -50.29 15.70 119.71
N ALA NA 200 -50.15 15.92 118.40
CA ALA NA 200 -49.89 17.26 117.86
C ALA NA 200 -51.05 17.62 116.94
N GLY NA 201 -51.74 18.71 117.24
CA GLY NA 201 -52.86 19.12 116.42
C GLY NA 201 -52.41 19.52 115.04
N LEU NA 202 -53.24 19.25 114.03
CA LEU NA 202 -52.90 19.63 112.66
C LEU NA 202 -53.77 20.77 112.15
N THR NA 203 -54.50 21.41 113.05
CA THR NA 203 -55.32 22.57 112.74
C THR NA 203 -54.45 23.83 112.77
N LEU NA 204 -53.60 23.96 111.74
CA LEU NA 204 -52.45 24.86 111.77
C LEU NA 204 -52.77 26.35 111.67
N GLY NA 205 -54.02 26.69 111.37
CA GLY NA 205 -54.40 28.09 111.30
C GLY NA 205 -54.74 28.69 112.64
N GLN NA 206 -54.80 27.81 113.64
CA GLN NA 206 -55.12 28.21 115.02
C GLN NA 206 -54.00 29.12 115.53
N VAL NA 207 -54.34 30.21 116.20
CA VAL NA 207 -53.30 31.08 116.75
C VAL NA 207 -52.79 30.55 118.10
N PRO NA 208 -51.46 30.37 118.22
CA PRO NA 208 -50.83 29.78 119.42
C PRO NA 208 -50.98 30.72 120.60
N MET NA 209 -51.01 30.16 121.82
CA MET NA 209 -51.14 31.01 122.99
C MET NA 209 -50.16 30.69 124.10
N VAL NA 210 -49.87 31.72 124.90
CA VAL NA 210 -49.05 31.56 126.08
C VAL NA 210 -49.84 32.24 127.17
N GLY NA 211 -50.53 31.42 127.97
CA GLY NA 211 -51.48 31.94 128.94
C GLY NA 211 -52.62 32.62 128.22
N THR NA 212 -52.84 33.90 128.52
CA THR NA 212 -53.90 34.64 127.88
C THR NA 212 -53.39 35.42 126.66
N THR NA 213 -52.09 35.33 126.40
CA THR NA 213 -51.47 36.06 125.30
C THR NA 213 -51.52 35.31 123.96
N LYS NA 214 -52.12 35.93 122.94
CA LYS NA 214 -52.14 35.37 121.59
C LYS NA 214 -50.82 35.74 120.91
N VAL NA 215 -50.19 34.76 120.28
CA VAL NA 215 -48.98 35.02 119.52
C VAL NA 215 -49.21 34.85 118.03
N TYR NA 216 -49.62 35.92 117.35
CA TYR NA 216 -49.85 35.86 115.93
C TYR NA 216 -48.53 35.61 115.23
N ASN NA 217 -48.53 34.70 114.26
CA ASN NA 217 -47.33 34.45 113.48
C ASN NA 217 -47.66 34.16 112.01
N LEU NA 218 -46.65 34.27 111.15
CA LEU NA 218 -46.88 34.16 109.72
C LEU NA 218 -47.40 32.79 109.31
N ASN NA 219 -46.88 31.72 109.89
CA ASN NA 219 -47.33 30.38 109.49
C ASN NA 219 -48.82 30.13 109.72
N SER NA 220 -49.29 30.36 110.94
CA SER NA 220 -50.72 30.19 111.20
C SER NA 220 -51.55 31.14 110.33
N THR NA 221 -51.02 32.35 110.12
CA THR NA 221 -51.69 33.31 109.26
C THR NA 221 -51.83 32.78 107.84
N LEU NA 222 -50.77 32.18 107.30
CA LEU NA 222 -50.83 31.60 105.95
C LEU NA 222 -51.87 30.50 105.86
N VAL NA 223 -51.84 29.55 106.80
CA VAL NA 223 -52.82 28.48 106.80
C VAL NA 223 -54.27 29.00 106.88
N SER NA 224 -54.48 30.10 107.59
CA SER NA 224 -55.82 30.67 107.71
C SER NA 224 -56.37 31.18 106.37
N CYS NA 225 -55.50 31.33 105.37
CA CYS NA 225 -55.87 31.83 104.04
C CYS NA 225 -56.59 30.79 103.21
N VAL NA 226 -56.76 29.61 103.82
CA VAL NA 226 -57.35 28.44 103.18
C VAL NA 226 -58.46 27.91 104.11
N LEU NA 227 -59.39 27.11 103.58
CA LEU NA 227 -60.49 26.64 104.43
C LEU NA 227 -60.07 25.37 105.15
N GLY NA 228 -59.21 24.60 104.50
CA GLY NA 228 -58.74 23.34 105.05
C GLY NA 228 -57.73 22.71 104.12
N MET NA 229 -57.12 21.61 104.56
CA MET NA 229 -56.03 20.99 103.82
C MET NA 229 -55.97 19.49 104.08
N GLY NA 230 -55.64 18.74 103.05
CA GLY NA 230 -55.36 17.33 103.18
C GLY NA 230 -54.05 17.06 102.47
N GLY NA 231 -53.56 15.84 102.58
CA GLY NA 231 -52.33 15.51 101.90
C GLY NA 231 -51.36 14.86 102.85
N THR NA 232 -50.06 14.96 102.54
CA THR NA 232 -49.06 14.35 103.39
C THR NA 232 -48.22 15.39 104.11
N VAL NA 233 -48.06 15.24 105.41
CA VAL NA 233 -47.19 16.11 106.20
C VAL NA 233 -45.74 15.61 106.09
N ARG NA 234 -44.87 16.41 105.49
CA ARG NA 234 -43.44 16.08 105.41
C ARG NA 234 -42.74 16.91 106.47
N GLY NA 235 -41.99 16.24 107.34
CA GLY NA 235 -41.30 16.94 108.41
C GLY NA 235 -40.02 16.27 108.86
N ARG NA 236 -39.44 16.81 109.93
CA ARG NA 236 -38.26 16.24 110.56
C ARG NA 236 -38.50 16.04 112.04
N VAL NA 237 -37.96 14.96 112.59
CA VAL NA 237 -38.07 14.71 114.01
C VAL NA 237 -36.68 14.76 114.62
N HIS NA 238 -36.56 15.50 115.71
CA HIS NA 238 -35.31 15.51 116.45
C HIS NA 238 -35.49 14.89 117.83
N ILE NA 239 -34.66 13.91 118.14
CA ILE NA 239 -34.67 13.32 119.47
C ILE NA 239 -33.60 13.97 120.34
N CYS NA 240 -34.07 14.76 121.31
CA CYS NA 240 -33.20 15.69 122.06
C CYS NA 240 -32.84 15.17 123.43
N ALA NA 241 -32.08 14.09 123.46
CA ALA NA 241 -31.61 13.49 124.70
C ALA NA 241 -30.18 12.97 124.54
N PRO NA 242 -29.53 12.64 125.66
CA PRO NA 242 -28.18 12.04 125.67
C PRO NA 242 -28.11 10.70 124.89
N ILE NA 243 -26.93 10.31 124.37
CA ILE NA 243 -26.81 9.06 123.59
C ILE NA 243 -27.33 7.86 124.35
N PHE NA 244 -27.37 7.96 125.68
CA PHE NA 244 -27.75 6.81 126.52
C PHE NA 244 -29.28 6.73 126.78
N TYR NA 245 -30.00 7.71 126.24
CA TYR NA 245 -31.44 7.64 126.14
C TYR NA 245 -31.80 7.13 124.75
N SER NA 246 -32.91 6.40 124.64
CA SER NA 246 -33.35 5.93 123.33
C SER NA 246 -34.83 5.58 123.33
N ILE NA 247 -35.44 5.65 122.16
CA ILE NA 247 -36.87 5.44 122.06
C ILE NA 247 -37.26 4.91 120.69
N VAL NA 248 -38.42 4.27 120.58
CA VAL NA 248 -38.97 3.90 119.29
C VAL NA 248 -40.40 4.39 119.21
N LEU NA 249 -40.70 5.17 118.18
CA LEU NA 249 -42.03 5.77 118.02
C LEU NA 249 -42.74 5.24 116.80
N TRP NA 250 -44.06 5.05 116.95
CA TRP NA 250 -44.98 4.82 115.83
C TRP NA 250 -45.68 6.16 115.61
N VAL NA 251 -45.48 6.74 114.43
CA VAL NA 251 -46.05 8.06 114.13
C VAL NA 251 -47.12 7.96 113.07
N VAL NA 252 -48.34 8.36 113.41
CA VAL NA 252 -49.48 8.12 112.53
C VAL NA 252 -50.54 9.21 112.71
N SER NA 253 -51.39 9.37 111.70
CA SER NA 253 -52.46 10.37 111.80
C SER NA 253 -53.80 9.75 112.18
N GLU NA 254 -54.53 10.40 113.07
CA GLU NA 254 -55.87 9.92 113.46
C GLU NA 254 -56.92 11.04 113.50
N TRP NA 255 -58.17 10.65 113.32
CA TRP NA 255 -59.26 11.61 113.29
C TRP NA 255 -60.18 11.50 114.50
N ASN NA 256 -60.44 12.64 115.13
CA ASN NA 256 -61.38 12.74 116.23
C ASN NA 256 -61.19 11.67 117.31
N GLY NA 257 -60.15 11.85 118.12
CA GLY NA 257 -59.83 10.88 119.14
C GLY NA 257 -58.79 9.90 118.63
N THR NA 258 -58.57 8.84 119.39
CA THR NA 258 -57.61 7.83 118.99
C THR NA 258 -58.22 6.47 119.22
N THR NA 259 -57.76 5.47 118.50
CA THR NA 259 -58.24 4.11 118.76
C THR NA 259 -57.61 3.57 120.03
N MET NA 260 -58.33 2.66 120.68
CA MET NA 260 -57.87 2.10 121.94
C MET NA 260 -57.34 0.68 121.69
N ASP NA 261 -57.48 0.22 120.46
CA ASP NA 261 -57.07 -1.12 120.06
C ASP NA 261 -55.70 -1.11 119.36
N TRP NA 262 -54.69 -1.63 120.05
CA TRP NA 262 -53.34 -1.65 119.48
C TRP NA 262 -53.27 -2.30 118.10
N ASN NA 263 -54.14 -3.29 117.84
CA ASN NA 263 -54.09 -3.96 116.56
C ASN NA 263 -54.63 -3.08 115.45
N GLU NA 264 -55.69 -2.33 115.75
CA GLU NA 264 -56.23 -1.39 114.77
C GLU NA 264 -55.19 -0.31 114.47
N LEU NA 265 -54.51 0.15 115.53
CA LEU NA 265 -53.50 1.21 115.43
C LEU NA 265 -52.44 0.89 114.40
N PHE NA 266 -52.06 -0.39 114.33
CA PHE NA 266 -51.01 -0.79 113.40
C PHE NA 266 -51.51 -1.22 112.02
N LYS NA 267 -52.81 -1.08 111.79
CA LYS NA 267 -53.35 -1.27 110.46
C LYS NA 267 -53.41 0.06 109.74
N TYR NA 268 -53.14 1.16 110.46
CA TYR NA 268 -53.04 2.51 109.88
C TYR NA 268 -51.72 2.71 109.18
N PRO NA 269 -51.67 3.67 108.23
CA PRO NA 269 -50.43 3.99 107.52
C PRO NA 269 -49.55 4.98 108.28
N GLY NA 270 -48.74 4.45 109.19
CA GLY NA 270 -47.79 5.25 109.93
C GLY NA 270 -46.34 4.91 109.59
N VAL NA 271 -45.41 5.51 110.33
CA VAL NA 271 -43.98 5.30 110.12
C VAL NA 271 -43.32 5.13 111.47
N TYR NA 272 -42.19 4.44 111.48
CA TYR NA 272 -41.43 4.24 112.72
C TYR NA 272 -40.32 5.29 112.78
N VAL NA 273 -40.08 5.83 113.98
CA VAL NA 273 -38.99 6.76 114.18
C VAL NA 273 -38.13 6.28 115.34
N GLU NA 274 -36.87 5.97 115.06
CA GLU NA 274 -35.94 5.45 116.06
C GLU NA 274 -34.91 6.52 116.38
N GLU NA 275 -34.80 7.52 115.50
CA GLU NA 275 -33.71 8.49 115.59
C GLU NA 275 -33.99 9.76 114.78
N ASP NA 276 -33.17 10.78 114.98
CA ASP NA 276 -33.23 12.01 114.16
C ASP NA 276 -33.47 11.61 112.71
N GLY NA 277 -34.41 12.26 112.05
CA GLY NA 277 -34.67 12.01 110.64
C GLY NA 277 -35.94 12.69 110.11
N SER NA 278 -36.18 12.56 108.82
CA SER NA 278 -37.41 13.09 108.24
C SER NA 278 -38.51 12.02 108.25
N PHE NA 279 -39.75 12.45 108.03
CA PHE NA 279 -40.90 11.55 108.02
C PHE NA 279 -41.97 12.10 107.08
N GLU NA 280 -42.80 11.22 106.53
CA GLU NA 280 -43.99 11.64 105.80
C GLU NA 280 -45.19 10.86 106.33
N VAL NA 281 -46.20 11.57 106.80
CA VAL NA 281 -47.42 10.90 107.25
C VAL NA 281 -48.63 11.51 106.55
N LYS NA 282 -49.53 10.63 106.08
CA LYS NA 282 -50.77 11.08 105.42
C LYS NA 282 -51.72 11.65 106.46
N ILE NA 283 -52.30 12.81 106.15
CA ILE NA 283 -53.34 13.40 106.98
C ILE NA 283 -54.61 12.58 106.80
N ARG NA 284 -55.05 11.96 107.89
CA ARG NA 284 -56.16 11.02 107.86
C ARG NA 284 -57.45 11.69 108.29
N SER NA 285 -58.48 11.62 107.45
CA SER NA 285 -59.76 12.29 107.74
C SER NA 285 -60.90 11.76 106.88
N PRO NA 286 -62.11 11.75 107.43
CA PRO NA 286 -63.33 11.32 106.73
C PRO NA 286 -63.60 12.17 105.50
N TYR NA 287 -63.02 13.37 105.46
CA TYR NA 287 -63.21 14.32 104.36
C TYR NA 287 -61.92 14.49 103.57
N HIS NA 288 -60.89 13.76 103.97
CA HIS NA 288 -59.57 13.78 103.33
C HIS NA 288 -58.81 15.06 103.61
N ARG NA 289 -59.50 16.00 104.26
CA ARG NA 289 -58.92 17.28 104.65
C ARG NA 289 -59.30 17.56 106.09
N THR NA 290 -58.46 18.32 106.79
CA THR NA 290 -58.83 18.82 108.12
C THR NA 290 -59.00 20.34 107.99
N PRO NA 291 -59.92 20.92 108.78
CA PRO NA 291 -60.19 22.35 108.68
C PRO NA 291 -59.04 23.18 109.19
N ALA NA 292 -58.86 24.34 108.58
CA ALA NA 292 -57.78 25.25 108.90
C ALA NA 292 -57.89 25.88 110.29
N ARG NA 293 -59.11 26.21 110.70
CA ARG NA 293 -59.32 26.76 112.03
C ARG NA 293 -60.49 26.09 112.75
N LEU NA 294 -60.64 26.34 114.04
CA LEU NA 294 -61.75 25.75 114.80
C LEU NA 294 -62.96 26.67 114.88
N LEU NA 295 -64.15 26.07 114.93
CA LEU NA 295 -65.37 26.78 115.31
C LEU NA 295 -65.49 26.84 116.84
N ALA NA 296 -66.60 27.35 117.34
CA ALA NA 296 -66.78 27.50 118.78
C ALA NA 296 -67.07 26.17 119.48
N GLY NA 297 -66.25 25.82 120.47
CA GLY NA 297 -66.45 24.58 121.19
C GLY NA 297 -65.89 23.34 120.50
N GLN NA 298 -65.11 23.56 119.46
CA GLN NA 298 -64.37 22.46 118.87
C GLN NA 298 -62.99 22.47 119.51
N SER NA 299 -62.35 21.32 119.48
CA SER NA 299 -61.02 21.14 120.04
C SER NA 299 -60.13 20.57 118.95
N GLN NA 300 -58.83 20.85 118.99
CA GLN NA 300 -58.01 20.37 117.90
C GLN NA 300 -58.10 18.85 117.71
N ARG NA 301 -58.31 18.12 118.80
CA ARG NA 301 -58.28 16.66 118.74
C ARG NA 301 -59.48 16.11 118.00
N ASP NA 302 -60.57 16.88 118.00
CA ASP NA 302 -61.77 16.52 117.25
C ASP NA 302 -61.49 16.30 115.75
N MET NA 303 -60.42 16.92 115.24
CA MET NA 303 -60.06 16.82 113.82
C MET NA 303 -58.90 15.86 113.57
N SER NA 304 -58.13 16.16 112.53
CA SER NA 304 -56.97 15.35 112.21
C SER NA 304 -55.76 15.77 113.07
N SER NA 305 -55.08 14.77 113.65
CA SER NA 305 -53.89 15.04 114.45
C SER NA 305 -52.74 14.13 114.01
N LEU NA 306 -51.53 14.59 114.31
CA LEU NA 306 -50.30 13.82 114.10
C LEU NA 306 -49.93 13.18 115.44
N ASN NA 307 -50.06 11.87 115.55
CA ASN NA 307 -49.91 11.20 116.85
C ASN NA 307 -48.58 10.45 117.01
N PHE NA 308 -47.93 10.70 118.14
CA PHE NA 308 -46.66 10.07 118.44
C PHE NA 308 -46.83 9.03 119.54
N TYR NA 309 -46.77 7.76 119.16
CA TYR NA 309 -46.92 6.64 120.08
C TYR NA 309 -45.57 6.05 120.45
N ALA NA 310 -45.25 6.09 121.73
CA ALA NA 310 -44.02 5.44 122.20
C ALA NA 310 -44.35 3.97 122.36
N ILE NA 311 -43.76 3.13 121.51
CA ILE NA 311 -44.07 1.70 121.53
C ILE NA 311 -42.95 0.87 122.15
N ALA NA 312 -41.77 1.45 122.28
CA ALA NA 312 -40.68 0.81 123.00
C ALA NA 312 -39.80 1.87 123.64
N GLY NA 313 -39.86 1.96 124.97
CA GLY NA 313 -39.18 3.02 125.67
C GLY NA 313 -40.07 4.23 125.92
N PRO NA 314 -39.45 5.36 126.22
CA PRO NA 314 -38.00 5.56 126.29
C PRO NA 314 -37.33 4.77 127.41
N ILE NA 315 -36.05 4.45 127.21
CA ILE NA 315 -35.26 3.83 128.26
C ILE NA 315 -34.02 4.66 128.52
N ALA NA 316 -33.51 4.56 129.74
CA ALA NA 316 -32.24 5.18 130.09
C ALA NA 316 -31.66 4.40 131.26
N PRO NA 317 -30.37 4.57 131.52
CA PRO NA 317 -29.73 3.89 132.66
C PRO NA 317 -30.26 4.47 133.95
N SER NA 318 -30.19 3.75 135.07
CA SER NA 318 -30.59 4.37 136.33
C SER NA 318 -29.41 5.21 136.77
N GLY NA 319 -29.65 6.30 137.50
CA GLY NA 319 -30.98 6.77 137.81
C GLY NA 319 -31.15 8.09 137.11
N GLU NA 320 -31.57 8.01 135.86
CA GLU NA 320 -31.93 9.18 135.10
C GLU NA 320 -33.39 9.47 135.40
N THR NA 321 -33.75 10.75 135.34
CA THR NA 321 -35.11 11.13 135.69
C THR NA 321 -35.75 11.99 134.64
N ALA NA 322 -34.91 12.67 133.86
CA ALA NA 322 -35.34 13.59 132.80
C ALA NA 322 -36.30 12.92 131.82
N GLN NA 323 -37.25 13.68 131.31
CA GLN NA 323 -38.12 13.15 130.26
C GLN NA 323 -37.35 13.18 128.93
N LEU NA 324 -37.75 12.36 127.97
CA LEU NA 324 -37.13 12.36 126.66
C LEU NA 324 -37.95 13.28 125.74
N PRO NA 325 -37.33 14.37 125.28
CA PRO NA 325 -38.03 15.33 124.42
C PRO NA 325 -37.90 15.03 122.93
N ILE NA 326 -39.00 15.26 122.20
CA ILE NA 326 -39.07 15.13 120.74
C ILE NA 326 -39.41 16.52 120.20
N VAL NA 327 -38.57 17.06 119.31
CA VAL NA 327 -38.91 18.31 118.62
C VAL NA 327 -39.32 18.03 117.19
N VAL NA 328 -40.56 18.38 116.83
CA VAL NA 328 -41.04 18.15 115.47
C VAL NA 328 -41.03 19.42 114.62
N GLN NA 329 -40.52 19.32 113.39
CA GLN NA 329 -40.57 20.41 112.42
C GLN NA 329 -41.40 19.98 111.23
N ILE NA 330 -42.31 20.85 110.80
CA ILE NA 330 -43.13 20.55 109.64
C ILE NA 330 -42.66 21.38 108.46
N ASP NA 331 -42.27 20.70 107.38
CA ASP NA 331 -41.62 21.36 106.25
C ASP NA 331 -42.61 21.68 105.16
N GLU NA 332 -43.45 20.73 104.80
CA GLU NA 332 -44.51 21.03 103.85
C GLU NA 332 -45.65 20.03 103.87
N ILE NA 333 -46.75 20.40 103.21
CA ILE NA 333 -47.78 19.45 102.84
C ILE NA 333 -47.50 19.01 101.41
N VAL NA 334 -47.02 17.79 101.23
CA VAL NA 334 -46.70 17.29 99.90
C VAL NA 334 -47.93 16.63 99.30
N ARG NA 335 -48.06 16.71 97.98
CA ARG NA 335 -49.21 16.15 97.30
C ARG NA 335 -50.47 16.69 97.97
N PRO NA 336 -50.60 18.02 98.02
CA PRO NA 336 -51.63 18.69 98.82
C PRO NA 336 -53.01 18.61 98.22
N ASP NA 337 -53.99 18.38 99.07
CA ASP NA 337 -55.39 18.46 98.67
C ASP NA 337 -55.99 19.67 99.37
N LEU NA 338 -55.93 20.83 98.73
CA LEU NA 338 -56.38 22.04 99.41
C LEU NA 338 -57.85 22.33 99.21
N SER NA 339 -58.44 23.01 100.19
CA SER NA 339 -59.80 23.51 100.05
C SER NA 339 -59.77 24.80 99.23
N LEU NA 340 -60.94 25.39 99.04
CA LEU NA 340 -61.02 26.72 98.47
C LEU NA 340 -60.22 27.66 99.34
N PRO NA 341 -59.68 28.72 98.73
CA PRO NA 341 -59.15 29.81 99.55
C PRO NA 341 -60.27 30.30 100.47
N SER NA 342 -59.96 30.69 101.70
CA SER NA 342 -60.98 31.24 102.58
C SER NA 342 -61.48 32.64 102.14
N PHE NA 343 -60.63 33.43 101.51
CA PHE NA 343 -61.05 34.70 100.92
C PHE NA 343 -60.81 34.77 99.41
N GLU NA 344 -61.66 35.51 98.73
CA GLU NA 344 -61.50 35.72 97.30
C GLU NA 344 -60.79 37.04 97.09
N ASP NA 345 -60.55 37.41 95.83
CA ASP NA 345 -59.93 38.70 95.55
C ASP NA 345 -60.98 39.81 95.66
N ASP NA 346 -61.32 40.15 96.90
CA ASP NA 346 -62.44 41.01 97.19
C ASP NA 346 -62.09 41.95 98.32
N TYR NA 347 -63.04 42.82 98.66
CA TYR NA 347 -62.89 43.69 99.80
C TYR NA 347 -63.06 42.88 101.08
N PHE NA 348 -62.56 43.44 102.18
CA PHE NA 348 -62.82 42.87 103.50
C PHE NA 348 -62.88 44.02 104.51
N VAL NA 349 -63.38 43.74 105.69
CA VAL NA 349 -63.64 44.81 106.64
C VAL NA 349 -62.36 45.29 107.30
N TRP NA 350 -62.17 46.60 107.27
CA TRP NA 350 -61.05 47.21 107.99
C TRP NA 350 -61.57 47.66 109.35
N VAL NA 351 -62.57 48.52 109.34
CA VAL NA 351 -63.08 49.06 110.59
C VAL NA 351 -64.53 49.51 110.50
N ASP NA 352 -65.27 49.35 111.59
CA ASP NA 352 -66.60 49.96 111.73
C ASP NA 352 -66.57 51.06 112.79
N PHE NA 353 -67.06 52.25 112.48
CA PHE NA 353 -67.27 53.29 113.48
C PHE NA 353 -68.78 53.40 113.77
N SER NA 354 -69.14 53.48 115.04
CA SER NA 354 -70.54 53.53 115.44
C SER NA 354 -70.69 54.27 116.76
N GLU NA 355 -71.94 54.49 117.17
CA GLU NA 355 -72.22 55.10 118.47
C GLU NA 355 -71.47 56.42 118.64
N PHE NA 356 -71.63 57.33 117.69
CA PHE NA 356 -70.99 58.63 117.77
C PHE NA 356 -71.61 59.50 118.86
N THR NA 357 -70.79 60.19 119.63
CA THR NA 357 -71.28 61.05 120.71
C THR NA 357 -71.23 62.53 120.33
N LEU NA 358 -70.35 62.87 119.39
CA LEU NA 358 -70.26 64.24 118.91
C LEU NA 358 -70.61 64.31 117.45
N ASP NA 359 -71.22 65.41 117.03
CA ASP NA 359 -71.55 65.60 115.63
C ASP NA 359 -70.26 65.84 114.80
N LYS NA 360 -69.31 66.57 115.37
CA LYS NA 360 -68.03 66.77 114.69
C LYS NA 360 -67.07 65.65 115.10
N GLU NA 361 -66.68 64.84 114.13
CA GLU NA 361 -65.74 63.76 114.38
C GLU NA 361 -64.69 63.77 113.26
N GLU NA 362 -63.42 63.60 113.60
CA GLU NA 362 -62.39 63.54 112.56
C GLU NA 362 -61.39 62.41 112.80
N ILE NA 363 -61.42 61.41 111.94
CA ILE NA 363 -60.62 60.21 112.06
C ILE NA 363 -59.37 60.32 111.20
N GLU NA 364 -58.21 60.48 111.81
CA GLU NA 364 -56.97 60.58 111.05
C GLU NA 364 -56.42 59.20 110.69
N ILE NA 365 -56.10 59.04 109.41
CA ILE NA 365 -55.57 57.78 108.90
C ILE NA 365 -54.11 57.96 108.51
N GLY NA 366 -53.84 59.05 107.77
CA GLY NA 366 -52.50 59.40 107.32
C GLY NA 366 -52.05 58.50 106.19
N SER NA 367 -51.01 57.72 106.43
CA SER NA 367 -50.55 56.78 105.41
C SER NA 367 -50.45 55.37 105.97
N ARG NA 368 -51.15 55.10 107.08
CA ARG NA 368 -51.02 53.83 107.79
C ARG NA 368 -52.24 52.93 107.71
N PHE NA 369 -52.01 51.63 107.75
CA PHE NA 369 -53.10 50.69 108.01
C PHE NA 369 -52.90 50.17 109.44
N PHE NA 370 -53.86 50.41 110.32
CA PHE NA 370 -53.61 50.18 111.75
C PHE NA 370 -54.89 50.08 112.55
N ASP NA 371 -54.76 49.86 113.86
CA ASP NA 371 -55.93 49.80 114.74
C ASP NA 371 -56.32 51.18 115.28
N PHE NA 372 -57.58 51.58 115.08
CA PHE NA 372 -58.07 52.86 115.55
C PHE NA 372 -58.47 52.84 117.03
N THR NA 373 -58.43 54.00 117.67
CA THR NA 373 -59.03 54.17 118.99
C THR NA 373 -59.76 55.49 119.03
N SER NA 374 -60.86 55.54 119.79
CA SER NA 374 -61.60 56.80 119.93
C SER NA 374 -62.21 56.93 121.32
N ASN NA 375 -62.23 58.16 121.82
CA ASN NA 375 -62.89 58.49 123.08
C ASN NA 375 -64.30 58.94 122.84
N THR NA 376 -64.60 59.28 121.58
CA THR NA 376 -65.86 59.90 121.24
C THR NA 376 -66.79 58.99 120.43
N CYS NA 377 -66.29 57.82 120.04
CA CYS NA 377 -67.12 56.84 119.35
C CYS NA 377 -66.60 55.42 119.52
N ARG NA 378 -67.39 54.45 119.07
CA ARG NA 378 -67.04 53.04 119.18
C ARG NA 378 -66.31 52.51 117.96
N VAL NA 379 -65.09 52.05 118.16
CA VAL NA 379 -64.31 51.46 117.09
C VAL NA 379 -64.41 49.95 117.14
N SER NA 380 -64.72 49.31 116.03
CA SER NA 380 -64.70 47.85 115.94
C SER NA 380 -63.78 47.45 114.80
N MET NA 381 -62.66 46.84 115.15
CA MET NA 381 -61.68 46.52 114.14
C MET NA 381 -61.97 45.17 113.48
N GLY NA 382 -61.67 45.04 112.19
CA GLY NA 382 -61.83 43.75 111.51
C GLY NA 382 -60.66 42.82 111.81
N GLU NA 383 -60.92 41.52 111.85
CA GLU NA 383 -59.87 40.50 111.95
C GLU NA 383 -59.88 39.59 110.71
N ASN NA 384 -58.79 39.63 109.94
CA ASN NA 384 -58.63 38.83 108.74
C ASN NA 384 -57.16 38.61 108.38
N PRO NA 385 -56.90 37.71 107.44
CA PRO NA 385 -55.51 37.39 107.17
C PRO NA 385 -54.69 38.60 106.79
N PHE NA 386 -55.27 39.54 106.06
CA PHE NA 386 -54.47 40.69 105.66
C PHE NA 386 -53.95 41.43 106.89
N ALA NA 387 -54.82 41.67 107.86
CA ALA NA 387 -54.44 42.39 109.07
C ALA NA 387 -53.35 41.62 109.82
N ALA NA 388 -53.46 40.29 109.84
CA ALA NA 388 -52.45 39.47 110.47
C ALA NA 388 -51.12 39.59 109.73
N MET NA 389 -51.16 39.60 108.40
CA MET NA 389 -49.93 39.74 107.64
C MET NA 389 -49.25 41.07 107.94
N ILE NA 390 -50.05 42.11 108.13
CA ILE NA 390 -49.50 43.42 108.48
C ILE NA 390 -48.76 43.33 109.82
N ALA NA 391 -49.34 42.55 110.72
CA ALA NA 391 -48.84 42.41 112.06
C ALA NA 391 -47.63 41.50 112.13
N CYS NA 392 -47.47 40.62 111.16
CA CYS NA 392 -46.44 39.59 111.23
C CYS NA 392 -45.28 39.91 110.34
N HIS NA 393 -45.18 41.16 109.91
CA HIS NA 393 -43.99 41.61 109.18
C HIS NA 393 -43.47 42.92 109.77
N GLY NA 394 -42.17 43.12 109.64
CA GLY NA 394 -41.53 44.33 110.13
C GLY NA 394 -41.96 45.55 109.34
N LEU NA 395 -42.00 45.42 108.02
CA LEU NA 395 -42.38 46.50 107.13
C LEU NA 395 -43.37 46.06 106.07
N HIS NA 396 -44.18 46.98 105.58
CA HIS NA 396 -45.10 46.68 104.49
C HIS NA 396 -45.28 47.92 103.62
N SER NA 397 -45.83 47.75 102.43
CA SER NA 397 -46.08 48.86 101.52
C SER NA 397 -47.02 48.46 100.39
N GLY NA 398 -47.94 49.35 100.03
CA GLY NA 398 -48.88 49.06 98.96
C GLY NA 398 -49.98 50.09 98.86
N VAL NA 399 -50.98 49.77 98.06
CA VAL NA 399 -52.13 50.66 97.93
C VAL NA 399 -53.43 49.93 98.26
N LEU NA 400 -54.27 50.56 99.08
CA LEU NA 400 -55.56 49.98 99.43
C LEU NA 400 -56.68 50.71 98.74
N ASP NA 401 -57.55 50.00 98.06
CA ASP NA 401 -58.79 50.61 97.60
C ASP NA 401 -59.79 50.55 98.74
N LEU NA 402 -60.43 51.67 99.02
CA LEU NA 402 -61.42 51.72 100.10
C LEU NA 402 -62.85 51.86 99.58
N LYS NA 403 -63.76 51.15 100.23
CA LYS NA 403 -65.19 51.38 100.06
C LYS NA 403 -65.73 51.88 101.40
N LEU NA 404 -66.42 53.02 101.38
CA LEU NA 404 -67.08 53.49 102.57
C LEU NA 404 -68.59 53.29 102.43
N GLN NA 405 -69.23 52.72 103.45
CA GLN NA 405 -70.67 52.55 103.47
C GLN NA 405 -71.23 53.02 104.81
N TRP NA 406 -72.38 53.66 104.78
CA TRP NA 406 -73.00 54.12 106.03
C TRP NA 406 -74.53 54.10 105.99
N SER NA 407 -75.15 53.89 107.15
CA SER NA 407 -76.60 53.96 107.29
C SER NA 407 -76.96 55.11 108.23
N LEU NA 408 -78.16 55.64 108.07
CA LEU NA 408 -78.59 56.78 108.89
C LEU NA 408 -79.21 56.41 110.24
N ASN NA 409 -78.98 57.28 111.22
CA ASN NA 409 -79.56 57.15 112.55
C ASN NA 409 -80.84 57.98 112.68
N THR NA 410 -80.87 59.13 112.02
CA THR NA 410 -82.04 60.00 111.98
C THR NA 410 -82.89 59.71 110.76
N GLU NA 411 -84.03 60.41 110.62
CA GLU NA 411 -84.90 60.22 109.46
C GLU NA 411 -84.23 60.76 108.20
N PHE NA 412 -84.34 60.01 107.10
CA PHE NA 412 -83.67 60.38 105.84
C PHE NA 412 -84.03 61.80 105.39
N GLY NA 413 -85.28 62.18 105.58
CA GLY NA 413 -85.76 63.47 105.15
C GLY NA 413 -85.18 64.63 105.94
N LYS NA 414 -84.63 64.34 107.10
CA LYS NA 414 -84.08 65.39 107.94
C LYS NA 414 -82.57 65.49 107.77
N SER NA 415 -81.99 64.56 106.99
CA SER NA 415 -80.53 64.43 106.94
C SER NA 415 -79.82 65.60 106.27
N SER NA 416 -78.60 65.87 106.70
CA SER NA 416 -77.78 66.91 106.10
C SER NA 416 -76.33 66.55 106.37
N GLY NA 417 -75.41 67.31 105.76
CA GLY NA 417 -74.00 67.10 105.99
C GLY NA 417 -73.35 66.08 105.07
N SER NA 418 -72.20 65.55 105.51
CA SER NA 418 -71.34 64.79 104.62
C SER NA 418 -70.37 63.86 105.32
N VAL NA 419 -69.93 62.84 104.60
CA VAL NA 419 -68.71 62.11 104.91
C VAL NA 419 -67.65 62.70 103.97
N THR NA 420 -66.66 63.37 104.52
CA THR NA 420 -65.63 64.02 103.71
C THR NA 420 -64.31 63.28 103.82
N ILE NA 421 -63.68 63.02 102.69
CA ILE NA 421 -62.36 62.41 102.69
C ILE NA 421 -61.32 63.47 102.37
N THR NA 422 -60.55 63.86 103.37
CA THR NA 422 -59.46 64.80 103.14
C THR NA 422 -58.24 64.05 102.66
N LYS NA 423 -57.69 64.46 101.52
CA LYS NA 423 -56.46 63.88 100.99
C LYS NA 423 -55.39 64.95 100.80
N LEU NA 424 -54.28 64.79 101.52
CA LEU NA 424 -53.20 65.77 101.47
C LEU NA 424 -51.92 65.10 101.11
N VAL NA 425 -50.90 65.92 100.86
CA VAL NA 425 -49.52 65.43 100.82
C VAL NA 425 -48.75 66.25 101.83
N GLY NA 426 -48.28 65.58 102.86
CA GLY NA 426 -47.63 66.28 103.96
C GLY NA 426 -48.35 65.96 105.25
N ASP NA 427 -48.91 66.99 105.87
CA ASP NA 427 -49.68 66.85 107.10
C ASP NA 427 -50.77 67.92 107.15
N LYS NA 428 -51.61 67.87 108.17
CA LYS NA 428 -52.73 68.79 108.28
C LYS NA 428 -52.22 70.25 108.27
N ALA NA 429 -51.05 70.48 108.85
CA ALA NA 429 -50.54 71.83 109.02
C ALA NA 429 -49.93 72.51 107.79
N MET NA 430 -49.14 71.77 107.00
CA MET NA 430 -48.39 72.36 105.90
C MET NA 430 -48.54 71.62 104.57
N GLY NA 431 -49.51 70.73 104.50
CA GLY NA 431 -49.68 69.86 103.35
C GLY NA 431 -50.25 70.48 102.09
N LEU NA 432 -50.11 69.73 100.99
CA LEU NA 432 -50.67 70.11 99.72
C LEU NA 432 -51.98 69.39 99.50
N ASP NA 433 -52.87 69.96 98.69
CA ASP NA 433 -54.22 69.42 98.54
C ASP NA 433 -54.35 68.47 97.38
N GLY NA 434 -54.72 67.23 97.68
CA GLY NA 434 -54.90 66.21 96.67
C GLY NA 434 -56.35 66.00 96.31
N PRO NA 435 -56.72 64.75 95.96
CA PRO NA 435 -58.08 64.38 95.57
C PRO NA 435 -59.02 64.21 96.77
N SER NA 436 -59.13 65.27 97.57
CA SER NA 436 -60.08 65.32 98.67
C SER NA 436 -61.47 65.21 98.04
N HIS NA 437 -62.43 64.81 98.84
CA HIS NA 437 -63.68 64.35 98.25
C HIS NA 437 -64.84 64.53 99.24
N VAL NA 438 -65.93 65.16 98.79
CA VAL NA 438 -67.06 65.40 99.67
C VAL NA 438 -68.22 64.53 99.26
N PHE NA 439 -68.56 63.56 100.10
CA PHE NA 439 -69.74 62.74 99.88
C PHE NA 439 -70.91 63.28 100.69
N ALA NA 440 -71.89 63.87 100.03
CA ALA NA 440 -73.11 64.27 100.70
C ALA NA 440 -73.65 63.05 101.45
N ILE NA 441 -74.09 63.25 102.69
CA ILE NA 441 -74.47 62.11 103.53
C ILE NA 441 -75.51 61.22 102.85
N GLN NA 442 -76.33 61.80 101.98
CA GLN NA 442 -77.39 61.05 101.31
C GLN NA 442 -76.86 60.05 100.28
N LYS NA 443 -75.60 60.18 99.87
CA LYS NA 443 -75.00 59.19 98.95
C LYS NA 443 -74.94 57.82 99.61
N LEU NA 444 -74.69 57.81 100.91
CA LEU NA 444 -74.74 56.58 101.71
C LEU NA 444 -73.60 55.62 101.39
N GLU NA 445 -72.69 56.06 100.53
CA GLU NA 445 -71.47 55.31 100.21
C GLU NA 445 -70.48 56.13 99.39
N GLY NA 446 -69.22 55.74 99.42
CA GLY NA 446 -68.19 56.43 98.67
C GLY NA 446 -66.94 55.59 98.53
N THR NA 447 -66.08 55.97 97.60
CA THR NA 447 -64.84 55.23 97.38
C THR NA 447 -63.60 56.12 97.39
N THR NA 448 -62.46 55.56 97.76
CA THR NA 448 -61.20 56.28 97.67
C THR NA 448 -60.01 55.30 97.67
N GLU NA 449 -58.83 55.78 97.30
CA GLU NA 449 -57.63 54.98 97.42
C GLU NA 449 -56.84 55.47 98.63
N LEU NA 450 -56.06 54.58 99.24
CA LEU NA 450 -55.16 54.98 100.31
C LEU NA 450 -53.75 54.44 100.07
N LEU NA 451 -52.77 55.35 100.02
CA LEU NA 451 -51.38 54.91 99.91
C LEU NA 451 -50.88 54.52 101.28
N VAL NA 452 -50.53 53.25 101.45
CA VAL NA 452 -49.91 52.76 102.68
C VAL NA 452 -48.40 52.70 102.43
N GLY NA 453 -47.69 53.73 102.85
CA GLY NA 453 -46.28 53.86 102.57
C GLY NA 453 -45.81 55.28 102.79
N ASN NA 454 -44.66 55.62 102.25
CA ASN NA 454 -44.08 56.93 102.46
C ASN NA 454 -42.85 57.12 101.60
N PHE NA 455 -42.22 58.28 101.70
CA PHE NA 455 -41.06 58.58 100.86
C PHE NA 455 -39.94 57.54 100.95
N ALA NA 456 -39.79 56.93 102.12
CA ALA NA 456 -38.74 55.94 102.30
C ALA NA 456 -39.06 54.61 101.61
N GLY NA 457 -40.35 54.26 101.52
CA GLY NA 457 -40.76 53.11 100.75
C GLY NA 457 -41.64 52.08 101.44
N ALA NA 458 -41.71 52.15 102.76
CA ALA NA 458 -42.41 51.13 103.55
C ALA NA 458 -42.77 51.63 104.95
N ASN NA 459 -43.79 51.01 105.56
CA ASN NA 459 -44.22 51.39 106.88
C ASN NA 459 -43.85 50.31 107.88
N PRO NA 460 -43.37 50.71 109.06
CA PRO NA 460 -43.22 49.79 110.18
C PRO NA 460 -44.60 49.56 110.79
N ASN NA 461 -44.73 48.56 111.65
CA ASN NA 461 -46.02 48.28 112.26
C ASN NA 461 -46.15 49.00 113.60
N THR NA 462 -45.70 50.25 113.62
CA THR NA 462 -45.77 51.09 114.80
C THR NA 462 -46.11 52.50 114.34
N ARG NA 463 -46.18 53.44 115.27
CA ARG NA 463 -46.32 54.84 114.86
C ARG NA 463 -44.94 55.31 114.41
N PHE NA 464 -44.92 56.16 113.39
CA PHE NA 464 -43.68 56.68 112.83
C PHE NA 464 -44.04 58.01 112.19
N SER NA 465 -43.05 58.83 111.86
CA SER NA 465 -43.33 60.09 111.20
C SER NA 465 -42.44 60.23 109.96
N LEU NA 466 -42.97 59.87 108.80
CA LEU NA 466 -42.23 60.02 107.55
C LEU NA 466 -43.11 60.67 106.49
N TYR NA 467 -42.62 61.75 105.89
CA TYR NA 467 -43.36 62.47 104.85
C TYR NA 467 -44.04 61.54 103.85
N SER NA 468 -45.35 61.71 103.68
CA SER NA 468 -46.10 60.90 102.74
C SER NA 468 -47.41 61.58 102.42
N ARG NA 469 -48.26 60.89 101.67
CA ARG NA 469 -49.63 61.32 101.49
C ARG NA 469 -50.35 61.13 102.82
N TRP NA 470 -51.44 61.87 103.02
CA TRP NA 470 -52.10 61.92 104.31
C TRP NA 470 -53.62 61.91 104.11
N MET NA 471 -54.33 61.03 104.82
CA MET NA 471 -55.77 60.92 104.67
C MET NA 471 -56.53 61.07 105.98
N ALA NA 472 -57.73 61.62 105.90
CA ALA NA 472 -58.58 61.73 107.08
C ALA NA 472 -60.02 61.64 106.68
N ILE NA 473 -60.86 61.07 107.53
CA ILE NA 473 -62.30 61.06 107.32
C ILE NA 473 -62.92 62.10 108.25
N LYS NA 474 -63.72 63.00 107.69
CA LYS NA 474 -64.33 64.08 108.47
C LYS NA 474 -65.86 63.98 108.47
N LEU NA 475 -66.43 63.73 109.65
CA LEU NA 475 -67.87 63.75 109.83
C LEU NA 475 -68.34 65.09 110.41
N ASP NA 476 -69.42 65.67 109.88
CA ASP NA 476 -69.96 66.91 110.44
C ASP NA 476 -71.31 66.71 111.11
N GLN NA 477 -71.92 65.55 110.85
CA GLN NA 477 -73.23 65.22 111.39
C GLN NA 477 -73.19 63.79 111.86
N ALA NA 478 -72.15 63.46 112.60
CA ALA NA 478 -71.86 62.08 112.93
C ALA NA 478 -72.98 61.42 113.72
N LYS NA 479 -73.72 62.19 114.51
CA LYS NA 479 -74.80 61.62 115.31
C LYS NA 479 -75.96 61.12 114.43
N SER NA 480 -75.96 61.55 113.17
CA SER NA 480 -76.96 61.08 112.21
C SER NA 480 -76.53 59.78 111.53
N ILE NA 481 -75.38 59.25 111.92
CA ILE NA 481 -74.88 58.02 111.30
C ILE NA 481 -74.97 56.85 112.27
N LYS NA 482 -75.64 55.77 111.87
CA LYS NA 482 -75.73 54.60 112.75
C LYS NA 482 -74.45 53.78 112.69
N VAL NA 483 -73.88 53.71 111.50
CA VAL NA 483 -72.60 53.02 111.32
C VAL NA 483 -71.85 53.52 110.07
N LEU NA 484 -70.55 53.69 110.22
CA LEU NA 484 -69.69 53.99 109.07
C LEU NA 484 -68.75 52.81 108.92
N ARG NA 485 -68.89 52.06 107.83
CA ARG NA 485 -68.05 50.89 107.60
C ARG NA 485 -66.99 51.17 106.53
N VAL NA 486 -65.75 50.79 106.81
CA VAL NA 486 -64.67 50.96 105.86
C VAL NA 486 -64.14 49.58 105.43
N LEU NA 487 -64.32 49.24 104.16
CA LEU NA 487 -63.74 48.03 103.61
C LEU NA 487 -62.54 48.39 102.75
N CYS NA 488 -61.60 47.46 102.65
CA CYS NA 488 -60.42 47.68 101.79
C CYS NA 488 -60.11 46.43 100.98
N LYS NA 489 -59.38 46.64 99.88
CA LYS NA 489 -59.01 45.60 98.92
C LYS NA 489 -57.64 45.99 98.38
N PRO NA 490 -56.61 45.29 98.82
CA PRO NA 490 -55.24 45.63 98.43
C PRO NA 490 -55.05 45.47 96.94
N ARG NA 491 -54.46 46.48 96.32
CA ARG NA 491 -54.06 46.40 94.92
C ARG NA 491 -52.91 45.44 94.80
N PRO NA 492 -52.82 44.78 93.65
CA PRO NA 492 -51.82 43.75 93.39
C PRO NA 492 -50.45 44.29 93.68
N GLY NA 493 -49.63 43.49 94.33
CA GLY NA 493 -48.27 43.90 94.64
C GLY NA 493 -48.11 44.52 96.02
N PHE NA 494 -49.12 44.35 96.88
CA PHE NA 494 -48.98 44.81 98.25
C PHE NA 494 -47.91 43.96 98.92
N SER NA 495 -46.86 44.60 99.43
CA SER NA 495 -45.64 43.91 99.81
C SER NA 495 -45.32 43.89 101.31
N PHE NA 496 -44.77 42.79 101.78
CA PHE NA 496 -44.40 42.63 103.17
C PHE NA 496 -42.92 42.29 103.26
N TYR NA 497 -42.25 42.84 104.26
CA TYR NA 497 -40.81 42.64 104.43
C TYR NA 497 -40.49 42.11 105.81
N GLY NA 498 -39.66 41.08 105.87
CA GLY NA 498 -39.16 40.54 107.14
C GLY NA 498 -40.20 39.87 108.04
N ARG NA 499 -40.35 38.56 107.87
CA ARG NA 499 -41.32 37.82 108.65
C ARG NA 499 -40.99 37.86 110.14
N THR NA 500 -42.01 38.09 110.97
CA THR NA 500 -41.83 38.13 112.42
C THR NA 500 -43.13 37.72 113.11
N SER NA 501 -43.25 38.03 114.40
CA SER NA 501 -44.50 37.74 115.09
C SER NA 501 -45.06 38.93 115.88
N PHE NA 502 -46.22 38.72 116.47
CA PHE NA 502 -46.92 39.82 117.14
C PHE NA 502 -47.77 39.30 118.28
N PRO NA 503 -47.21 39.33 119.49
CA PRO NA 503 -47.94 38.96 120.71
C PRO NA 503 -48.87 40.06 121.22
N VAL NA 504 -50.11 39.68 121.52
CA VAL NA 504 -51.08 40.58 122.16
C VAL NA 504 -51.81 39.89 123.32
N GLY OA 1 8.33 -12.29 113.22
CA GLY OA 1 7.54 -13.03 114.18
C GLY OA 1 7.67 -12.46 115.58
N LEU OA 2 6.83 -12.94 116.49
CA LEU OA 2 6.92 -12.49 117.87
C LEU OA 2 8.30 -12.84 118.43
N ALA OA 3 9.03 -11.82 118.88
CA ALA OA 3 10.41 -12.00 119.29
C ALA OA 3 10.58 -11.96 120.82
N GLY OA 4 9.71 -11.20 121.50
CA GLY OA 4 9.77 -11.07 122.94
C GLY OA 4 8.51 -10.43 123.49
N ARG OA 5 8.31 -10.53 124.80
CA ARG OA 5 7.11 -9.96 125.38
C ARG OA 5 7.33 -9.56 126.82
N GLY OA 6 6.36 -8.84 127.38
CA GLY OA 6 6.45 -8.30 128.73
C GLY OA 6 5.09 -7.77 129.18
N VAL OA 7 4.99 -7.42 130.44
CA VAL OA 7 3.70 -7.01 130.96
C VAL OA 7 3.85 -5.74 131.77
N ILE OA 8 2.95 -4.78 131.55
CA ILE OA 8 2.91 -3.57 132.37
C ILE OA 8 1.67 -3.64 133.28
N TYR OA 9 1.82 -3.45 134.58
CA TYR OA 9 0.63 -3.41 135.44
C TYR OA 9 0.10 -1.99 135.58
N ILE OA 10 -1.22 -1.84 135.45
CA ILE OA 10 -1.86 -0.55 135.64
C ILE OA 10 -2.71 -0.51 136.91
N PRO OA 11 -2.37 0.41 137.83
CA PRO OA 11 -3.18 0.65 139.04
C PRO OA 11 -4.61 1.11 138.71
N LYS OA 12 -5.57 0.62 139.49
CA LYS OA 12 -6.95 1.06 139.32
C LYS OA 12 -7.05 2.59 139.35
N ASP OA 13 -6.17 3.22 140.13
CA ASP OA 13 -6.00 4.67 140.07
C ASP OA 13 -4.65 5.00 139.41
N CYS OA 14 -4.71 5.34 138.12
CA CYS OA 14 -3.53 5.74 137.37
C CYS OA 14 -3.49 7.26 137.24
N GLN OA 15 -2.76 7.91 138.15
CA GLN OA 15 -2.66 9.37 138.18
C GLN OA 15 -1.59 9.87 137.20
N ALA OA 16 -1.68 11.13 136.79
CA ALA OA 16 -0.60 11.72 136.01
C ALA OA 16 0.74 11.50 136.70
N ASN OA 17 1.74 11.15 135.90
CA ASN OA 17 3.12 10.96 136.35
C ASN OA 17 3.46 9.64 137.05
N ARG OA 18 2.50 8.71 137.18
CA ARG OA 18 2.82 7.41 137.78
C ARG OA 18 3.77 6.59 136.94
N TYR OA 19 4.89 6.16 137.55
CA TYR OA 19 5.77 5.19 136.93
C TYR OA 19 5.08 3.80 136.91
N LEU OA 20 4.95 3.22 135.72
CA LEU OA 20 4.23 1.96 135.56
C LEU OA 20 5.18 0.77 135.49
N GLY OA 21 6.41 1.04 135.07
CA GLY OA 21 7.42 0.00 135.01
C GLY OA 21 8.38 0.17 133.85
N THR OA 22 9.44 -0.63 133.86
CA THR OA 22 10.40 -0.61 132.76
C THR OA 22 10.60 -2.02 132.23
N LEU OA 23 10.63 -2.16 130.90
CA LEU OA 23 10.93 -3.46 130.31
C LEU OA 23 12.30 -3.35 129.71
N ASN OA 24 13.08 -4.41 129.90
CA ASN OA 24 14.40 -4.43 129.34
C ASN OA 24 14.33 -5.15 127.99
N ILE OA 25 14.58 -4.44 126.90
CA ILE OA 25 14.38 -5.01 125.56
C ILE OA 25 15.12 -6.33 125.34
N ARG OA 26 16.35 -6.42 125.83
CA ARG OA 26 17.10 -7.64 125.57
C ARG OA 26 16.58 -8.79 126.44
N ASP OA 27 16.21 -8.48 127.68
CA ASP OA 27 15.56 -9.47 128.54
C ASP OA 27 14.21 -9.98 127.98
N MET OA 28 13.41 -9.10 127.38
CA MET OA 28 12.16 -9.53 126.72
C MET OA 28 12.41 -10.63 125.68
N ILE OA 29 13.49 -10.48 124.91
CA ILE OA 29 13.81 -11.43 123.86
C ILE OA 29 14.45 -12.70 124.44
N SER OA 30 15.30 -12.54 125.45
CA SER OA 30 15.99 -13.71 126.00
C SER OA 30 15.13 -14.55 126.97
N ASP OA 31 14.19 -13.92 127.68
CA ASP OA 31 13.29 -14.66 128.58
C ASP OA 31 12.26 -15.44 127.76
N PHE OA 32 11.92 -14.90 126.60
CA PHE OA 32 10.97 -15.53 125.71
C PHE OA 32 11.62 -16.76 125.06
N LYS OA 33 12.69 -16.54 124.30
CA LYS OA 33 13.68 -17.60 124.00
C LYS OA 33 13.17 -18.83 123.22
N GLY OA 34 12.34 -18.66 122.19
CA GLY OA 34 12.32 -17.52 121.30
C GLY OA 34 12.95 -18.08 120.03
N VAL OA 35 12.20 -18.18 118.91
CA VAL OA 35 12.84 -18.53 117.63
C VAL OA 35 13.82 -17.42 117.21
N GLN OA 36 13.42 -16.19 117.46
CA GLN OA 36 14.27 -15.04 117.14
C GLN OA 36 15.50 -14.98 118.04
N TYR OA 37 15.30 -15.27 119.34
CA TYR OA 37 16.42 -15.32 120.29
C TYR OA 37 17.46 -16.30 119.82
N GLU OA 38 17.03 -17.48 119.39
CA GLU OA 38 17.96 -18.47 118.91
C GLU OA 38 18.66 -18.09 117.59
N LYS OA 39 17.96 -17.39 116.70
CA LYS OA 39 18.60 -16.87 115.50
C LYS OA 39 19.68 -15.86 115.88
N TRP OA 40 19.42 -15.13 116.97
CA TRP OA 40 20.30 -14.08 117.46
C TRP OA 40 21.65 -14.66 117.89
N ILE OA 41 21.60 -15.72 118.70
CA ILE OA 41 22.81 -16.39 119.17
C ILE OA 41 23.75 -16.74 118.02
N THR OA 42 23.18 -17.11 116.87
CA THR OA 42 23.99 -17.50 115.73
C THR OA 42 24.55 -16.30 114.99
N ALA OA 43 23.74 -15.25 114.93
CA ALA OA 43 24.14 -14.03 114.25
C ALA OA 43 25.27 -13.35 115.03
N GLY OA 44 25.18 -13.42 116.35
CA GLY OA 44 26.07 -12.68 117.22
C GLY OA 44 25.58 -11.25 117.40
N LEU OA 45 25.63 -10.48 116.31
CA LEU OA 45 25.19 -9.08 116.30
C LEU OA 45 23.90 -8.88 115.51
N VAL OA 46 22.96 -8.11 116.06
CA VAL OA 46 21.74 -7.78 115.32
C VAL OA 46 21.45 -6.27 115.36
N MET OA 47 20.93 -5.73 114.26
CA MET OA 47 20.53 -4.31 114.19
C MET OA 47 19.04 -4.18 113.85
N PRO OA 48 18.18 -4.75 114.71
CA PRO OA 48 16.80 -5.04 114.32
C PRO OA 48 16.01 -3.82 113.86
N THR OA 49 14.96 -4.06 113.08
CA THR OA 49 13.86 -3.12 113.02
C THR OA 49 12.69 -3.76 113.77
N PHE OA 50 12.37 -3.20 114.93
CA PHE OA 50 11.30 -3.74 115.77
C PHE OA 50 9.95 -3.12 115.41
N LYS OA 51 8.91 -3.93 115.52
CA LYS OA 51 7.56 -3.41 115.62
C LYS OA 51 7.17 -3.64 117.08
N ILE OA 52 6.92 -2.57 117.81
CA ILE OA 52 6.45 -2.70 119.16
C ILE OA 52 4.93 -2.61 119.18
N VAL OA 53 4.30 -3.54 119.87
CA VAL OA 53 2.86 -3.55 119.95
C VAL OA 53 2.44 -3.58 121.40
N ILE OA 54 1.60 -2.63 121.80
CA ILE OA 54 1.09 -2.62 123.15
C ILE OA 54 -0.38 -3.00 123.12
N ARG OA 55 -0.71 -4.17 123.68
CA ARG OA 55 -2.09 -4.61 123.73
C ARG OA 55 -2.78 -4.17 124.99
N LEU OA 56 -4.01 -3.70 124.80
CA LEU OA 56 -4.52 -2.60 125.58
C LEU OA 56 -6.00 -2.50 125.20
N PRO OA 57 -6.90 -2.68 126.16
CA PRO OA 57 -8.32 -2.61 125.79
C PRO OA 57 -8.77 -1.17 125.53
N ALA OA 58 -9.30 -0.91 124.34
CA ALA OA 58 -9.68 0.46 124.01
C ALA OA 58 -10.83 0.95 124.89
N ASN OA 59 -10.74 2.21 125.33
CA ASN OA 59 -11.78 2.74 126.18
C ASN OA 59 -11.86 4.25 126.09
N ALA OA 60 -13.05 4.77 125.81
CA ALA OA 60 -13.18 6.20 125.60
C ALA OA 60 -13.63 6.94 126.86
N PHE OA 61 -13.75 6.21 127.96
CA PHE OA 61 -14.36 6.77 129.17
C PHE OA 61 -13.39 6.99 130.34
N THR OA 62 -12.10 7.08 130.05
CA THR OA 62 -11.11 7.19 131.12
C THR OA 62 -10.30 8.47 131.02
N GLY OA 63 -9.90 8.84 129.80
CA GLY OA 63 -9.03 10.01 129.62
C GLY OA 63 -7.55 9.68 129.76
N LEU OA 64 -7.25 8.41 129.97
CA LEU OA 64 -5.89 7.94 130.18
C LEU OA 64 -5.03 8.10 128.97
N THR OA 65 -3.86 8.70 129.15
CA THR OA 65 -2.81 8.73 128.12
C THR OA 65 -1.46 8.36 128.71
N TRP OA 66 -0.77 7.42 128.07
CA TRP OA 66 0.52 6.92 128.58
C TRP OA 66 1.62 7.31 127.65
N VAL OA 67 2.86 7.27 128.15
CA VAL OA 67 4.03 7.50 127.31
C VAL OA 67 4.98 6.30 127.34
N MET OA 68 5.27 5.74 126.17
CA MET OA 68 6.36 4.77 126.05
C MET OA 68 7.61 5.55 125.67
N SER OA 69 8.66 5.43 126.48
CA SER OA 69 9.90 6.15 126.26
C SER OA 69 11.02 5.16 125.93
N PHE OA 70 11.65 5.31 124.78
CA PHE OA 70 12.76 4.46 124.36
C PHE OA 70 14.08 5.03 124.85
N ASP OA 71 14.59 4.39 125.88
CA ASP OA 71 15.79 4.85 126.57
C ASP OA 71 16.94 3.89 126.31
N ALA OA 72 17.53 3.95 125.12
CA ALA OA 72 18.48 2.92 124.74
C ALA OA 72 19.76 2.99 125.58
N TYR OA 73 20.01 4.15 126.18
CA TYR OA 73 21.28 4.35 126.91
C TYR OA 73 21.08 4.57 128.40
N ASN OA 74 19.89 4.22 128.89
CA ASN OA 74 19.63 4.24 130.31
C ASN OA 74 19.89 5.58 131.01
N ARG OA 75 19.33 6.67 130.48
CA ARG OA 75 19.71 8.02 130.90
C ARG OA 75 18.71 8.65 131.88
N ILE OA 76 17.44 8.27 131.73
CA ILE OA 76 16.39 8.77 132.62
C ILE OA 76 15.89 7.76 133.69
N THR OA 77 16.27 6.49 133.56
CA THR OA 77 15.72 5.47 134.44
C THR OA 77 15.78 5.84 135.91
N SER OA 78 17.00 6.08 136.38
CA SER OA 78 17.25 6.58 137.73
C SER OA 78 16.19 7.60 138.22
N ARG OA 79 15.78 8.51 137.35
CA ARG OA 79 15.03 9.69 137.80
C ARG OA 79 13.50 9.59 137.73
N ILE OA 80 12.98 8.45 137.30
CA ILE OA 80 11.54 8.34 137.06
C ILE OA 80 10.90 7.18 137.78
N THR OA 81 11.67 6.47 138.59
CA THR OA 81 11.12 5.24 139.15
C THR OA 81 10.22 5.49 140.34
N ALA OA 82 10.30 6.69 140.90
CA ALA OA 82 9.40 7.09 141.97
C ALA OA 82 8.21 7.76 141.33
N SER OA 83 8.53 8.77 140.55
CA SER OA 83 7.53 9.53 139.83
C SER OA 83 8.24 9.99 138.57
N ALA OA 84 7.49 10.05 137.48
CA ALA OA 84 8.03 10.41 136.19
C ALA OA 84 7.52 11.77 135.74
N ASP OA 85 8.33 12.81 135.94
CA ASP OA 85 8.04 14.10 135.35
C ASP OA 85 8.05 13.94 133.83
N PRO OA 86 7.06 14.50 133.13
CA PRO OA 86 7.03 14.46 131.68
C PRO OA 86 8.31 15.03 131.03
N VAL OA 87 8.98 15.98 131.68
CA VAL OA 87 10.21 16.53 131.12
C VAL OA 87 11.27 15.46 130.87
N TYR OA 88 11.35 14.48 131.77
CA TYR OA 88 12.21 13.32 131.55
C TYR OA 88 11.66 12.38 130.47
N THR OA 89 10.40 11.97 130.61
CA THR OA 89 9.86 10.93 129.75
C THR OA 89 9.77 11.36 128.30
N LEU OA 90 9.68 12.67 128.05
CA LEU OA 90 9.60 13.19 126.68
C LEU OA 90 10.96 13.66 126.10
N SER OA 91 12.03 13.52 126.89
CA SER OA 91 13.34 13.99 126.47
C SER OA 91 14.12 12.97 125.63
N VAL OA 92 13.55 11.77 125.50
CA VAL OA 92 14.12 10.72 124.65
C VAL OA 92 13.06 10.30 123.63
N PRO OA 93 13.46 9.55 122.60
CA PRO OA 93 12.43 9.13 121.65
C PRO OA 93 11.24 8.51 122.35
N HIS OA 94 10.02 8.87 121.98
CA HIS OA 94 8.86 8.42 122.73
C HIS OA 94 7.60 8.44 121.88
N TRP OA 95 6.55 7.80 122.41
CA TRP OA 95 5.28 7.69 121.69
C TRP OA 95 4.13 7.91 122.64
N LEU OA 96 3.13 8.68 122.23
CA LEU OA 96 1.92 8.80 123.02
C LEU OA 96 0.98 7.62 122.78
N ILE OA 97 0.49 7.04 123.86
CA ILE OA 97 -0.46 5.94 123.76
C ILE OA 97 -1.82 6.35 124.32
N HIS OA 98 -2.77 6.62 123.42
CA HIS OA 98 -4.10 7.06 123.83
C HIS OA 98 -5.03 5.89 124.10
N HIS OA 99 -5.68 5.94 125.26
CA HIS OA 99 -6.52 4.83 125.69
C HIS OA 99 -7.70 4.68 124.75
N LYS OA 100 -8.15 5.79 124.16
CA LYS OA 100 -9.31 5.72 123.29
C LYS OA 100 -9.00 4.91 122.02
N LEU OA 101 -7.73 4.81 121.66
CA LEU OA 101 -7.34 4.15 120.41
C LEU OA 101 -7.03 2.67 120.57
N GLY OA 102 -7.04 2.20 121.80
CA GLY OA 102 -6.73 0.82 122.11
C GLY OA 102 -5.32 0.39 121.77
N THR OA 103 -5.22 -0.81 121.17
CA THR OA 103 -3.94 -1.42 120.89
C THR OA 103 -3.06 -0.51 120.02
N PHE OA 104 -1.81 -0.36 120.45
CA PHE OA 104 -0.89 0.61 119.88
C PHE OA 104 0.27 -0.11 119.19
N SER OA 105 0.78 0.50 118.14
CA SER OA 105 1.91 -0.08 117.45
C SER OA 105 2.87 0.99 116.91
N CYS OA 106 4.16 0.71 116.87
CA CYS OA 106 5.12 1.60 116.20
C CYS OA 106 6.37 0.85 115.77
N GLU OA 107 7.17 1.48 114.91
CA GLU OA 107 8.43 0.88 114.47
C GLU OA 107 9.61 1.56 115.09
N ILE OA 108 10.58 0.74 115.46
CA ILE OA 108 11.82 1.24 115.99
C ILE OA 108 12.92 0.70 115.10
N ASP OA 109 13.52 1.58 114.30
CA ASP OA 109 14.72 1.20 113.56
C ASP OA 109 15.89 1.34 114.52
N TYR OA 110 16.33 0.21 115.06
CA TYR OA 110 17.36 0.23 116.10
C TYR OA 110 18.67 0.83 115.55
N GLY OA 111 18.83 0.76 114.23
CA GLY OA 111 19.96 1.40 113.58
C GLY OA 111 19.99 2.90 113.78
N GLU OA 112 18.82 3.52 113.69
CA GLU OA 112 18.69 4.98 113.89
C GLU OA 112 18.54 5.39 115.35
N LEU OA 113 17.48 4.94 115.98
CA LEU OA 113 17.18 5.31 117.37
C LEU OA 113 18.25 4.91 118.39
N CYS OA 114 19.01 3.86 118.08
CA CYS OA 114 20.06 3.43 119.00
C CYS OA 114 21.48 3.61 118.45
N GLY OA 115 21.81 3.01 117.30
CA GLY OA 115 23.10 3.25 116.66
C GLY OA 115 24.14 2.14 116.75
N HIS OA 116 24.10 1.33 117.81
CA HIS OA 116 25.01 0.19 117.87
C HIS OA 116 24.27 -1.17 117.90
N ALA OA 117 24.91 -2.19 117.31
CA ALA OA 117 24.32 -3.52 117.22
C ALA OA 117 24.37 -4.28 118.53
N MET OA 118 23.34 -5.10 118.76
CA MET OA 118 23.20 -5.86 120.00
C MET OA 118 23.94 -7.19 120.02
N TRP OA 119 24.73 -7.40 121.07
CA TRP OA 119 25.53 -8.61 121.22
C TRP OA 119 24.76 -9.64 122.04
N PHE OA 120 24.62 -10.84 121.48
CA PHE OA 120 23.75 -11.84 122.09
C PHE OA 120 24.06 -12.15 123.56
N LYS OA 121 25.34 -12.12 123.95
CA LYS OA 121 25.72 -12.67 125.25
C LYS OA 121 25.72 -11.66 126.41
N SER OA 122 25.80 -10.38 126.09
CA SER OA 122 25.89 -9.37 127.14
C SER OA 122 25.67 -7.97 126.60
N THR OA 123 25.27 -7.09 127.50
CA THR OA 123 25.16 -5.69 127.14
C THR OA 123 26.55 -5.11 126.76
N THR OA 124 26.61 -4.36 125.66
CA THR OA 124 27.86 -3.75 125.25
C THR OA 124 28.09 -2.44 126.02
N PHE OA 125 27.26 -1.44 125.76
CA PHE OA 125 27.42 -0.17 126.48
C PHE OA 125 26.48 -0.11 127.65
N GLU OA 126 25.26 0.33 127.41
CA GLU OA 126 24.25 0.19 128.46
C GLU OA 126 23.09 -0.62 127.90
N SER OA 127 22.26 -1.12 128.81
CA SER OA 127 21.14 -2.02 128.48
C SER OA 127 19.88 -1.23 128.09
N PRO OA 128 19.40 -1.42 126.83
CA PRO OA 128 18.26 -0.68 126.25
C PRO OA 128 16.93 -0.93 126.93
N ARG OA 129 16.25 0.12 127.37
CA ARG OA 129 15.00 -0.02 128.11
C ARG OA 129 13.80 0.63 127.40
N LEU OA 130 12.60 0.09 127.66
CA LEU OA 130 11.35 0.79 127.38
C LEU OA 130 10.68 1.20 128.70
N HIS OA 131 10.47 2.51 128.89
CA HIS OA 131 9.76 2.97 130.09
C HIS OA 131 8.28 3.27 129.80
N PHE OA 132 7.41 2.88 130.73
CA PHE OA 132 5.99 3.18 130.58
C PHE OA 132 5.48 4.02 131.72
N THR OA 133 5.05 5.22 131.37
CA THR OA 133 4.62 6.22 132.33
C THR OA 133 3.24 6.73 131.97
N CYS OA 134 2.55 7.32 132.93
CA CYS OA 134 1.24 7.88 132.67
C CYS OA 134 1.32 9.40 132.48
N LEU OA 135 0.95 9.90 131.31
CA LEU OA 135 1.11 11.32 130.98
C LEU OA 135 -0.08 12.15 131.48
N THR OA 136 -1.28 11.67 131.20
CA THR OA 136 -2.51 12.25 131.73
C THR OA 136 -3.28 11.15 132.44
N GLY OA 137 -3.78 11.46 133.64
CA GLY OA 137 -4.45 10.45 134.46
C GLY OA 137 -5.89 10.15 134.08
N ASN OA 138 -6.44 9.10 134.67
CA ASN OA 138 -7.86 8.79 134.49
C ASN OA 138 -8.73 9.81 135.25
N ASN OA 139 -9.94 10.04 134.74
CA ASN OA 139 -10.79 11.10 135.25
C ASN OA 139 -11.32 10.73 136.63
N LYS OA 140 -11.46 9.42 136.84
CA LYS OA 140 -11.83 8.82 138.12
C LYS OA 140 -11.20 7.44 138.07
N GLU OA 141 -10.99 6.81 139.21
CA GLU OA 141 -10.34 5.50 139.19
C GLU OA 141 -11.21 4.50 138.45
N LEU OA 142 -10.58 3.47 137.92
CA LEU OA 142 -11.32 2.39 137.26
C LEU OA 142 -11.80 1.37 138.29
N ALA OA 143 -12.45 0.33 137.82
CA ALA OA 143 -13.05 -0.64 138.71
C ALA OA 143 -12.01 -1.51 139.44
N ALA OA 144 -10.89 -1.80 138.78
CA ALA OA 144 -9.89 -2.70 139.35
C ALA OA 144 -8.52 -2.56 138.69
N ASP OA 145 -7.49 -3.10 139.33
CA ASP OA 145 -6.16 -3.16 138.71
C ASP OA 145 -6.22 -3.99 137.44
N TRP OA 146 -5.39 -3.65 136.47
CA TRP OA 146 -5.31 -4.43 135.23
C TRP OA 146 -3.89 -4.45 134.67
N GLN OA 147 -3.75 -5.05 133.49
CA GLN OA 147 -2.44 -5.09 132.85
C GLN OA 147 -2.51 -4.89 131.34
N ALA OA 148 -1.40 -4.44 130.76
CA ALA OA 148 -1.24 -4.37 129.31
C ALA OA 148 -0.07 -5.25 128.92
N VAL OA 149 -0.10 -5.77 127.70
CA VAL OA 149 0.96 -6.63 127.21
C VAL OA 149 1.81 -5.92 126.17
N VAL OA 150 3.13 -5.95 126.33
CA VAL OA 150 4.06 -5.37 125.36
C VAL OA 150 4.73 -6.47 124.53
N GLU OA 151 4.70 -6.35 123.21
CA GLU OA 151 5.27 -7.38 122.36
C GLU OA 151 6.28 -6.82 121.34
N LEU OA 152 7.42 -7.51 121.19
CA LEU OA 152 8.42 -7.15 120.20
C LEU OA 152 8.33 -8.10 119.03
N TYR OA 153 8.14 -7.56 117.83
CA TYR OA 153 8.14 -8.36 116.61
C TYR OA 153 9.34 -7.95 115.77
N ALA OA 154 10.06 -8.95 115.25
CA ALA OA 154 11.27 -8.68 114.47
C ALA OA 154 11.65 -9.93 113.72
N GLU OA 155 12.32 -9.74 112.60
CA GLU OA 155 13.02 -10.83 111.94
C GLU OA 155 14.53 -10.60 112.02
N LEU OA 156 15.13 -11.12 113.09
CA LEU OA 156 16.54 -10.86 113.35
C LEU OA 156 17.45 -11.49 112.31
N GLU OA 157 18.32 -10.68 111.73
CA GLU OA 157 19.38 -11.23 110.90
C GLU OA 157 20.74 -10.67 111.32
N GLU OA 158 21.80 -11.39 110.96
CA GLU OA 158 23.15 -11.00 111.37
C GLU OA 158 23.48 -9.59 110.88
N ALA OA 159 24.02 -8.79 111.80
CA ALA OA 159 24.48 -7.44 111.52
C ALA OA 159 25.87 -7.44 110.85
N THR OA 160 25.96 -6.66 109.79
CA THR OA 160 27.18 -6.60 109.01
C THR OA 160 28.23 -5.65 109.63
N SER OA 161 27.75 -4.58 110.29
CA SER OA 161 28.61 -3.58 110.92
C SER OA 161 28.25 -3.32 112.38
N PHE OA 162 29.19 -2.81 113.15
CA PHE OA 162 28.89 -2.51 114.55
C PHE OA 162 28.02 -1.28 114.68
N LEU OA 163 28.32 -0.29 113.84
CA LEU OA 163 27.68 1.00 113.94
C LEU OA 163 26.55 1.15 112.93
N GLY OA 164 25.48 1.84 113.36
CA GLY OA 164 24.41 2.22 112.48
C GLY OA 164 24.80 3.35 111.52
N LYS OA 165 23.79 4.05 111.02
CA LYS OA 165 24.03 5.27 110.27
C LYS OA 165 23.80 6.38 111.27
N PRO OA 166 24.64 7.43 111.22
CA PRO OA 166 24.59 8.51 112.20
C PRO OA 166 23.28 9.29 112.12
N THR OA 167 22.60 9.43 113.26
CA THR OA 167 21.43 10.27 113.39
C THR OA 167 21.73 11.74 113.03
N LEU OA 168 22.94 12.20 113.33
CA LEU OA 168 23.29 13.61 113.20
C LEU OA 168 24.77 13.83 112.89
N VAL OA 169 25.05 14.76 112.00
CA VAL OA 169 26.44 15.09 111.74
C VAL OA 169 26.65 16.56 112.03
N PHE OA 170 27.69 16.86 112.80
CA PHE OA 170 27.89 18.22 113.31
C PHE OA 170 28.10 19.25 112.22
N ASP OA 171 27.26 20.29 112.29
CA ASP OA 171 27.30 21.42 111.37
C ASP OA 171 26.58 22.60 112.02
N PRO OA 172 27.34 23.68 112.30
CA PRO OA 172 26.90 24.89 113.02
C PRO OA 172 25.82 25.60 112.26
N GLY OA 173 26.01 25.63 110.94
CA GLY OA 173 25.15 26.38 110.06
C GLY OA 173 23.93 25.59 109.61
N VAL OA 174 23.62 24.49 110.29
CA VAL OA 174 22.50 23.67 109.85
C VAL OA 174 21.61 23.19 110.99
N PHE OA 175 20.50 23.92 111.07
CA PHE OA 175 19.31 23.60 111.81
C PHE OA 175 18.18 23.89 110.83
N ASN OA 176 17.61 22.85 110.22
CA ASN OA 176 16.55 23.01 109.22
C ASN OA 176 15.34 23.81 109.72
N GLY OA 177 14.76 23.36 110.83
CA GLY OA 177 13.53 23.93 111.31
C GLY OA 177 12.50 22.84 111.51
N LYS OA 178 12.86 21.62 111.08
CA LYS OA 178 12.04 20.44 111.33
C LYS OA 178 12.47 19.75 112.64
N PHE OA 179 11.50 19.24 113.40
CA PHE OA 179 11.78 18.55 114.66
C PHE OA 179 11.27 17.11 114.63
N GLN OA 180 11.87 16.25 115.45
CA GLN OA 180 11.22 15.00 115.82
C GLN OA 180 11.18 14.88 117.35
N PHE OA 181 10.14 14.21 117.85
CA PHE OA 181 9.99 13.95 119.27
C PHE OA 181 10.00 15.20 120.12
N LEU OA 182 9.42 16.29 119.62
CA LEU OA 182 9.27 17.49 120.42
C LEU OA 182 7.84 17.57 120.93
N THR OA 183 7.65 17.10 122.16
CA THR OA 183 6.34 17.05 122.80
C THR OA 183 6.39 17.93 124.05
N CYS OA 184 5.44 18.85 124.18
CA CYS OA 184 5.36 19.69 125.37
C CYS OA 184 4.62 18.94 126.45
N PRO OA 185 5.09 19.07 127.70
CA PRO OA 185 4.32 18.55 128.83
C PRO OA 185 2.87 19.03 128.80
N PRO OA 186 1.96 18.25 129.38
CA PRO OA 186 0.53 18.52 129.32
C PRO OA 186 0.16 19.88 129.93
N ILE OA 187 -0.80 20.53 129.29
CA ILE OA 187 -1.36 21.79 129.73
C ILE OA 187 -2.73 21.46 130.29
N PHE OA 188 -3.13 22.04 131.42
CA PHE OA 188 -4.41 21.66 132.04
C PHE OA 188 -5.40 22.80 132.16
N PHE OA 189 -6.68 22.51 131.89
CA PHE OA 189 -7.78 23.47 132.06
C PHE OA 189 -8.75 23.02 133.14
N ASP OA 190 -9.07 23.92 134.07
CA ASP OA 190 -10.04 23.59 135.14
C ASP OA 190 -11.44 23.75 134.58
N LEU OA 191 -12.38 22.90 135.03
CA LEU OA 191 -13.76 23.09 134.57
C LEU OA 191 -14.55 24.04 135.46
N THR OA 192 -13.89 24.55 136.49
CA THR OA 192 -14.49 25.54 137.37
C THR OA 192 -14.18 26.93 136.90
N ALA OA 193 -13.81 27.05 135.63
CA ALA OA 193 -13.46 28.35 135.07
C ALA OA 193 -14.14 28.57 133.73
N VAL OA 194 -14.87 29.68 133.62
CA VAL OA 194 -15.63 29.94 132.40
C VAL OA 194 -14.76 30.21 131.16
N THR OA 195 -13.62 30.87 131.37
CA THR OA 195 -12.58 30.98 130.35
C THR OA 195 -11.23 30.80 131.00
N ALA OA 196 -10.19 30.66 130.20
CA ALA OA 196 -8.85 30.51 130.77
C ALA OA 196 -7.77 30.66 129.72
N LEU OA 197 -6.57 31.01 130.18
CA LEU OA 197 -5.41 31.07 129.29
C LEU OA 197 -4.32 30.13 129.75
N ARG OA 198 -3.70 29.44 128.80
CA ARG OA 198 -2.47 28.71 129.10
C ARG OA 198 -1.41 29.07 128.07
N SER OA 199 -0.27 29.56 128.53
CA SER OA 199 0.84 29.88 127.64
C SER OA 199 1.83 28.75 127.47
N ALA OA 200 2.32 28.59 126.26
CA ALA OA 200 3.47 27.75 126.02
C ALA OA 200 4.59 28.64 125.45
N GLY OA 201 5.75 28.67 126.11
CA GLY OA 201 6.85 29.47 125.62
C GLY OA 201 7.39 28.98 124.29
N LEU OA 202 7.82 29.90 123.44
CA LEU OA 202 8.36 29.51 122.15
C LEU OA 202 9.86 29.74 122.08
N THR OA 203 10.47 29.99 123.24
CA THR OA 203 11.93 30.14 123.33
C THR OA 203 12.56 28.75 123.46
N LEU OA 204 12.57 28.03 122.35
CA LEU OA 204 12.80 26.58 122.33
C LEU OA 204 14.23 26.13 122.59
N GLY OA 205 15.17 27.08 122.65
CA GLY OA 205 16.55 26.74 122.98
C GLY OA 205 16.80 26.64 124.47
N GLN OA 206 15.82 27.05 125.27
CA GLN OA 206 15.92 27.05 126.71
C GLN OA 206 16.03 25.60 127.17
N VAL OA 207 16.89 25.33 128.14
CA VAL OA 207 16.99 23.96 128.65
C VAL OA 207 15.94 23.70 129.74
N PRO OA 208 15.12 22.65 129.56
CA PRO OA 208 14.00 22.31 130.45
C PRO OA 208 14.50 21.90 131.82
N MET OA 209 13.71 22.14 132.85
CA MET OA 209 14.16 21.77 134.18
C MET OA 209 13.14 20.98 135.00
N VAL OA 210 13.64 20.16 135.91
CA VAL OA 210 12.80 19.46 136.87
C VAL OA 210 13.39 19.75 138.23
N GLY OA 211 12.81 20.71 138.93
CA GLY OA 211 13.41 21.19 140.15
C GLY OA 211 14.71 21.91 139.83
N THR OA 212 15.80 21.45 140.43
CA THR OA 212 17.11 22.05 140.18
C THR OA 212 17.88 21.29 139.11
N THR OA 213 17.28 20.23 138.58
CA THR OA 213 17.92 19.38 137.56
C THR OA 213 17.69 19.88 136.12
N LYS OA 214 18.78 20.18 135.42
CA LYS OA 214 18.71 20.54 134.01
C LYS OA 214 18.58 19.27 133.17
N VAL OA 215 17.65 19.24 132.24
CA VAL OA 215 17.52 18.10 131.34
C VAL OA 215 17.92 18.50 129.92
N TYR OA 216 19.19 18.36 129.60
CA TYR OA 216 19.65 18.65 128.25
C TYR OA 216 19.02 17.66 127.27
N ASN OA 217 18.55 18.16 126.13
CA ASN OA 217 17.99 17.29 125.10
C ASN OA 217 18.33 17.79 123.71
N LEU OA 218 18.24 16.91 122.73
CA LEU OA 218 18.67 17.27 121.38
C LEU OA 218 17.88 18.45 120.77
N ASN OA 219 16.56 18.50 121.00
CA ASN OA 219 15.74 19.56 120.41
C ASN OA 219 16.13 20.98 120.87
N SER OA 220 16.20 21.19 122.18
CA SER OA 220 16.62 22.51 122.64
C SER OA 220 18.07 22.78 122.18
N THR OA 221 18.93 21.77 122.20
CA THR OA 221 20.28 21.92 121.67
C THR OA 221 20.30 22.37 120.20
N LEU OA 222 19.46 21.77 119.35
CA LEU OA 222 19.38 22.19 117.96
C LEU OA 222 18.98 23.66 117.85
N VAL OA 223 17.89 24.03 118.51
CA VAL OA 223 17.41 25.42 118.46
C VAL OA 223 18.52 26.39 118.89
N SER OA 224 19.34 25.99 119.86
CA SER OA 224 20.38 26.87 120.37
C SER OA 224 21.47 27.17 119.32
N CYS OA 225 21.48 26.38 118.24
CA CYS OA 225 22.44 26.56 117.13
C CYS OA 225 22.11 27.78 116.26
N VAL OA 226 21.01 28.44 116.60
CA VAL OA 226 20.51 29.57 115.84
C VAL OA 226 20.33 30.74 116.84
N LEU OA 227 20.30 31.98 116.35
CA LEU OA 227 20.11 33.13 117.25
C LEU OA 227 18.64 33.34 117.57
N GLY OA 228 17.77 32.98 116.64
CA GLY OA 228 16.34 33.14 116.80
C GLY OA 228 15.61 32.64 115.57
N MET OA 229 14.28 32.64 115.63
CA MET OA 229 13.46 32.06 114.58
C MET OA 229 12.11 32.72 114.49
N GLY OA 230 11.62 32.84 113.27
CA GLY OA 230 10.28 33.34 113.03
C GLY OA 230 9.64 32.38 112.05
N GLY OA 231 8.35 32.55 111.81
CA GLY OA 231 7.69 31.69 110.85
C GLY OA 231 6.42 31.12 111.44
N THR OA 232 6.01 29.97 110.92
CA THR OA 232 4.78 29.35 111.38
C THR OA 232 5.05 28.04 112.10
N VAL OA 233 4.45 27.90 113.29
CA VAL OA 233 4.57 26.68 114.07
C VAL OA 233 3.54 25.69 113.60
N ARG OA 234 3.99 24.58 113.02
CA ARG OA 234 3.07 23.48 112.61
C ARG OA 234 3.15 22.40 113.65
N GLY OA 235 2.00 22.06 114.23
CA GLY OA 235 1.97 21.04 115.26
C GLY OA 235 0.69 20.23 115.31
N ARG OA 236 0.57 19.42 116.34
CA ARG OA 236 -0.65 18.66 116.58
C ARG OA 236 -1.12 18.89 118.00
N VAL OA 237 -2.43 18.92 118.19
CA VAL OA 237 -3.01 19.05 119.51
C VAL OA 237 -3.78 17.78 119.84
N HIS OA 238 -3.50 17.23 121.02
CA HIS OA 238 -4.30 16.11 121.50
C HIS OA 238 -5.13 16.50 122.73
N ILE OA 239 -6.42 16.22 122.66
CA ILE OA 239 -7.29 16.45 123.79
C ILE OA 239 -7.48 15.16 124.57
N CYS OA 240 -6.88 15.12 125.75
CA CYS OA 240 -6.73 13.87 126.49
C CYS OA 240 -7.74 13.71 127.62
N ALA OA 241 -9.00 13.58 127.26
CA ALA OA 241 -10.07 13.42 128.24
C ALA OA 241 -11.12 12.46 127.71
N PRO OA 242 -12.04 12.02 128.58
CA PRO OA 242 -13.15 11.12 128.20
C PRO OA 242 -14.08 11.75 127.14
N ILE OA 243 -14.81 10.95 126.35
CA ILE OA 243 -15.69 11.49 125.31
C ILE OA 243 -16.68 12.48 125.88
N PHE OA 244 -16.96 12.37 127.18
CA PHE OA 244 -17.98 13.26 127.78
C PHE OA 244 -17.41 14.58 128.32
N TYR OA 245 -16.10 14.78 128.13
CA TYR OA 245 -15.47 16.08 128.31
C TYR OA 245 -15.36 16.73 126.94
N SER OA 246 -15.47 18.06 126.88
CA SER OA 246 -15.25 18.76 125.61
C SER OA 246 -14.89 20.23 125.81
N ILE OA 247 -14.22 20.79 124.82
CA ILE OA 247 -13.70 22.13 124.98
C ILE OA 247 -13.55 22.79 123.62
N VAL OA 248 -13.50 24.12 123.61
CA VAL OA 248 -13.18 24.87 122.40
C VAL OA 248 -12.07 25.87 122.70
N LEU OA 249 -11.00 25.81 121.91
CA LEU OA 249 -9.85 26.65 122.15
C LEU OA 249 -9.62 27.62 121.01
N TRP OA 250 -9.23 28.84 121.36
CA TRP OA 250 -8.65 29.79 120.41
C TRP OA 250 -7.15 29.73 120.62
N VAL OA 251 -6.41 29.32 119.59
CA VAL OA 251 -4.96 29.21 119.69
C VAL OA 251 -4.25 30.29 118.88
N VAL OA 252 -3.48 31.13 119.54
CA VAL OA 252 -2.89 32.26 118.86
C VAL OA 252 -1.53 32.61 119.44
N SER OA 253 -0.70 33.33 118.69
CA SER OA 253 0.61 33.75 119.20
C SER OA 253 0.62 35.21 119.68
N GLU OA 254 1.27 35.47 120.81
CA GLU OA 254 1.36 36.83 121.33
C GLU OA 254 2.76 37.19 121.79
N TRP OA 255 3.05 38.48 121.78
CA TRP OA 255 4.38 38.97 122.16
C TRP OA 255 4.32 39.72 123.49
N ASN OA 256 5.21 39.33 124.41
CA ASN OA 256 5.42 40.06 125.66
C ASN OA 256 4.15 40.35 126.42
N GLY OA 257 3.59 39.32 127.02
CA GLY OA 257 2.33 39.48 127.72
C GLY OA 257 1.18 39.11 126.81
N THR OA 258 -0.03 39.39 127.25
CA THR OA 258 -1.21 39.08 126.48
C THR OA 258 -2.14 40.26 126.54
N THR OA 259 -2.99 40.42 125.53
CA THR OA 259 -3.95 41.49 125.58
C THR OA 259 -5.04 41.14 126.56
N MET OA 260 -5.66 42.17 127.13
CA MET OA 260 -6.72 41.98 128.11
C MET OA 260 -8.08 42.20 127.47
N ASP OA 261 -8.06 42.64 126.21
CA ASP OA 261 -9.27 42.97 125.45
C ASP OA 261 -9.68 41.84 124.52
N TRP OA 262 -10.78 41.16 124.86
CA TRP OA 262 -11.28 40.04 124.07
C TRP OA 262 -11.47 40.38 122.59
N ASN OA 263 -11.83 41.63 122.29
CA ASN OA 263 -12.04 41.99 120.90
C ASN OA 263 -10.73 42.11 120.15
N GLU OA 264 -9.70 42.63 120.81
CA GLU OA 264 -8.39 42.69 120.16
C GLU OA 264 -7.86 41.27 119.92
N LEU OA 265 -8.07 40.40 120.90
CA LEU OA 265 -7.66 39.00 120.84
C LEU OA 265 -8.11 38.31 119.56
N PHE OA 266 -9.35 38.57 119.15
CA PHE OA 266 -9.89 37.92 117.98
C PHE OA 266 -9.63 38.65 116.67
N LYS OA 267 -8.86 39.73 116.73
CA LYS OA 267 -8.39 40.38 115.52
C LYS OA 267 -7.04 39.80 115.14
N TYR OA 268 -6.47 38.98 116.02
CA TYR OA 268 -5.20 38.31 115.75
C TYR OA 268 -5.45 37.10 114.84
N PRO OA 269 -4.39 36.64 114.15
CA PRO OA 269 -4.48 35.45 113.30
C PRO OA 269 -4.27 34.15 114.07
N GLY OA 270 -5.35 33.64 114.64
CA GLY OA 270 -5.32 32.38 115.38
C GLY OA 270 -6.15 31.30 114.72
N VAL OA 271 -6.27 30.15 115.37
CA VAL OA 271 -7.06 29.05 114.85
C VAL OA 271 -7.92 28.46 115.97
N TYR OA 272 -9.05 27.84 115.60
CA TYR OA 272 -9.90 27.19 116.59
C TYR OA 272 -9.56 25.71 116.67
N VAL OA 273 -9.57 25.16 117.89
CA VAL OA 273 -9.32 23.75 118.09
C VAL OA 273 -10.45 23.18 118.93
N GLU OA 274 -11.21 22.25 118.36
CA GLU OA 274 -12.34 21.63 119.05
C GLU OA 274 -12.02 20.19 119.39
N GLU OA 275 -11.00 19.64 118.73
CA GLU OA 275 -10.71 18.21 118.81
C GLU OA 275 -9.29 17.89 118.37
N ASP OA 276 -8.86 16.66 118.63
CA ASP OA 276 -7.58 16.16 118.14
C ASP OA 276 -7.37 16.66 116.70
N GLY OA 277 -6.18 17.17 116.40
CA GLY OA 277 -5.87 17.61 115.05
C GLY OA 277 -4.56 18.37 114.93
N SER OA 278 -4.20 18.76 113.72
CA SER OA 278 -3.02 19.58 113.51
C SER OA 278 -3.41 21.06 113.53
N PHE OA 279 -2.41 21.94 113.61
CA PHE OA 279 -2.64 23.39 113.62
C PHE OA 279 -1.42 24.11 113.05
N GLU OA 280 -1.62 25.29 112.50
CA GLU OA 280 -0.51 26.15 112.14
C GLU OA 280 -0.77 27.55 112.71
N VAL OA 281 0.15 28.06 113.50
CA VAL OA 281 0.02 29.42 114.00
C VAL OA 281 1.28 30.20 113.70
N LYS OA 282 1.10 31.44 113.24
CA LYS OA 282 2.23 32.32 112.93
C LYS OA 282 2.85 32.81 114.22
N ILE OA 283 4.19 32.71 114.33
CA ILE OA 283 4.93 33.31 115.43
C ILE OA 283 4.89 34.84 115.32
N ARG OA 284 4.25 35.46 116.29
CA ARG OA 284 3.99 36.89 116.28
C ARG OA 284 5.08 37.64 117.07
N SER OA 285 5.71 38.62 116.44
CA SER OA 285 6.77 39.38 117.11
C SER OA 285 7.11 40.68 116.38
N PRO OA 286 7.48 41.71 117.15
CA PRO OA 286 7.87 43.02 116.62
C PRO OA 286 9.05 42.89 115.66
N TYR OA 287 9.79 41.79 115.78
CA TYR OA 287 10.99 41.57 114.98
C TYR OA 287 10.76 40.43 114.03
N HIS OA 288 9.55 39.88 114.07
CA HIS OA 288 9.14 38.76 113.22
C HIS OA 288 9.79 37.45 113.63
N ARG OA 289 10.72 37.53 114.57
CA ARG OA 289 11.41 36.35 115.11
C ARG OA 289 11.41 36.45 116.62
N THR OA 290 11.48 35.31 117.31
CA THR OA 290 11.68 35.29 118.75
C THR OA 290 13.08 34.72 118.99
N PRO OA 291 13.80 35.25 120.00
CA PRO OA 291 15.16 34.76 120.28
C PRO OA 291 15.16 33.30 120.74
N ALA OA 292 16.26 32.60 120.41
CA ALA OA 292 16.42 31.19 120.70
C ALA OA 292 16.60 30.88 122.19
N ARG OA 293 17.32 31.75 122.90
CA ARG OA 293 17.49 31.57 124.34
C ARG OA 293 17.30 32.89 125.10
N LEU OA 294 17.16 32.80 126.42
CA LEU OA 294 16.95 33.99 127.25
C LEU OA 294 18.24 34.60 127.78
N LEU OA 295 18.20 35.91 128.00
CA LEU OA 295 19.26 36.60 128.72
C LEU OA 295 18.88 36.70 130.20
N ALA OA 296 19.84 37.14 131.01
CA ALA OA 296 19.62 37.29 132.44
C ALA OA 296 18.33 38.03 132.73
N GLY OA 297 17.43 37.41 133.51
CA GLY OA 297 16.27 38.09 134.03
C GLY OA 297 15.11 38.34 133.09
N GLN OA 298 15.22 37.88 131.86
CA GLN OA 298 14.06 37.85 130.97
C GLN OA 298 13.27 36.57 131.22
N SER OA 299 12.00 36.60 130.83
CA SER OA 299 11.15 35.46 131.02
C SER OA 299 10.79 34.93 129.64
N GLN OA 300 10.24 33.71 129.57
CA GLN OA 300 9.87 33.20 128.26
C GLN OA 300 8.62 33.93 127.75
N ARG OA 301 7.82 34.42 128.69
CA ARG OA 301 6.60 35.14 128.34
C ARG OA 301 6.91 36.54 127.81
N ASP OA 302 8.12 37.01 128.09
CA ASP OA 302 8.58 38.32 127.59
C ASP OA 302 8.72 38.35 126.07
N MET OA 303 8.83 37.17 125.47
CA MET OA 303 9.03 37.05 124.03
C MET OA 303 7.76 36.52 123.37
N SER OA 304 7.96 35.73 122.31
CA SER OA 304 6.84 35.14 121.58
C SER OA 304 6.37 33.83 122.23
N SER OA 305 5.05 33.72 122.43
CA SER OA 305 4.48 32.52 123.05
C SER OA 305 3.33 32.00 122.21
N LEU OA 306 3.04 30.72 122.38
CA LEU OA 306 1.89 30.05 121.78
C LEU OA 306 0.80 29.94 122.84
N ASN OA 307 -0.25 30.73 122.69
CA ASN OA 307 -1.27 30.86 123.73
C ASN OA 307 -2.54 30.06 123.49
N PHE OA 308 -2.96 29.30 124.49
CA PHE OA 308 -4.17 28.49 124.37
C PHE OA 308 -5.27 29.08 125.25
N TYR OA 309 -6.27 29.67 124.58
CA TYR OA 309 -7.39 30.30 125.26
C TYR OA 309 -8.61 29.39 125.22
N ALA OA 310 -9.10 28.99 126.38
CA ALA OA 310 -10.35 28.24 126.48
C ALA OA 310 -11.47 29.23 126.36
N ILE OA 311 -12.19 29.21 125.23
CA ILE OA 311 -13.26 30.18 124.98
C ILE OA 311 -14.66 29.60 125.18
N ALA OA 312 -14.76 28.27 125.21
CA ALA OA 312 -16.00 27.61 125.58
C ALA OA 312 -15.70 26.29 126.28
N GLY OA 313 -16.01 26.20 127.57
CA GLY OA 313 -15.62 25.04 128.33
C GLY OA 313 -14.27 25.23 128.99
N PRO OA 314 -13.67 24.11 129.43
CA PRO OA 314 -14.20 22.75 129.26
C PRO OA 314 -15.49 22.49 130.04
N ILE OA 315 -16.28 21.55 129.55
CA ILE OA 315 -17.49 21.12 130.24
C ILE OA 315 -17.41 19.62 130.45
N ALA OA 316 -18.07 19.17 131.50
CA ALA OA 316 -18.23 17.76 131.76
C ALA OA 316 -19.50 17.56 132.58
N PRO OA 317 -20.03 16.32 132.59
CA PRO OA 317 -21.22 16.05 133.40
C PRO OA 317 -20.84 16.14 134.87
N SER OA 318 -21.80 16.37 135.76
CA SER OA 318 -21.46 16.33 137.17
C SER OA 318 -21.42 14.86 137.56
N GLY OA 319 -20.62 14.52 138.56
CA GLY OA 319 -19.71 15.44 139.19
C GLY OA 319 -18.32 14.95 138.83
N GLU OA 320 -17.84 15.42 137.69
CA GLU OA 320 -16.46 15.17 137.33
C GLU OA 320 -15.62 16.27 137.98
N THR OA 321 -14.35 16.00 138.23
CA THR OA 321 -13.53 16.96 138.92
C THR OA 321 -12.19 17.12 138.25
N ALA OA 322 -11.81 16.09 137.50
CA ALA OA 322 -10.55 16.10 136.74
C ALA OA 322 -10.39 17.32 135.82
N GLN OA 323 -9.16 17.81 135.69
CA GLN OA 323 -8.89 18.88 134.75
C GLN OA 323 -8.85 18.27 133.36
N LEU OA 324 -9.04 19.09 132.34
CA LEU OA 324 -8.94 18.63 130.96
C LEU OA 324 -7.53 18.94 130.44
N PRO OA 325 -6.77 17.89 130.11
CA PRO OA 325 -5.40 18.07 129.63
C PRO OA 325 -5.31 18.17 128.11
N ILE OA 326 -4.43 19.07 127.65
CA ILE OA 326 -4.08 19.25 126.26
C ILE OA 326 -2.60 18.89 126.10
N VAL OA 327 -2.28 17.95 125.22
CA VAL OA 327 -0.88 17.67 124.92
C VAL OA 327 -0.51 18.26 123.57
N VAL OA 328 0.47 19.17 123.55
CA VAL OA 328 0.89 19.77 122.30
C VAL OA 328 2.18 19.18 121.74
N GLN OA 329 2.19 18.86 120.45
CA GLN OA 329 3.42 18.44 119.78
C GLN OA 329 3.80 19.45 118.71
N ILE OA 330 5.07 19.82 118.67
CA ILE OA 330 5.55 20.74 117.64
C ILE OA 330 6.35 19.98 116.61
N ASP OA 331 5.93 20.05 115.35
CA ASP OA 331 6.51 19.24 114.29
C ASP OA 331 7.56 19.99 113.50
N GLU OA 332 7.25 21.24 113.13
CA GLU OA 332 8.26 22.05 112.49
C GLU OA 332 7.90 23.52 112.46
N ILE OA 333 8.91 24.34 112.14
CA ILE OA 333 8.68 25.73 111.79
C ILE OA 333 8.60 25.78 110.27
N VAL OA 334 7.40 25.97 109.73
CA VAL OA 334 7.24 26.02 108.28
C VAL OA 334 7.43 27.45 107.80
N ARG OA 335 7.95 27.60 106.57
CA ARG OA 335 8.19 28.92 106.03
C ARG OA 335 9.03 29.71 107.04
N PRO OA 336 10.21 29.17 107.39
CA PRO OA 336 10.99 29.66 108.52
C PRO OA 336 11.72 30.93 108.19
N ASP OA 337 11.74 31.85 109.14
CA ASP OA 337 12.56 33.04 109.05
C ASP OA 337 13.65 32.90 110.11
N LEU OA 338 14.79 32.34 109.73
CA LEU OA 338 15.84 32.10 110.71
C LEU OA 338 16.82 33.26 110.89
N SER OA 339 17.39 33.36 112.08
CA SER OA 339 18.48 34.30 112.32
C SER OA 339 19.77 33.70 111.81
N LEU OA 340 20.86 34.44 111.98
CA LEU OA 340 22.17 33.88 111.75
C LEU OA 340 22.34 32.66 112.62
N PRO OA 341 23.17 31.71 112.17
CA PRO OA 341 23.59 30.65 113.10
C PRO OA 341 24.28 31.31 114.32
N SER OA 342 24.14 30.73 115.50
CA SER OA 342 24.77 31.31 116.67
C SER OA 342 26.30 31.09 116.64
N PHE OA 343 26.73 29.99 116.03
CA PHE OA 343 28.17 29.76 115.87
C PHE OA 343 28.58 29.63 114.39
N GLU OA 344 29.80 30.07 114.10
CA GLU OA 344 30.33 29.91 112.76
C GLU OA 344 31.18 28.65 112.70
N ASP OA 345 31.72 28.31 111.53
CA ASP OA 345 32.60 27.14 111.44
C ASP OA 345 33.97 27.53 111.98
N ASP OA 346 34.06 27.54 113.30
CA ASP OA 346 35.21 28.10 113.97
C ASP OA 346 35.49 27.28 115.21
N TYR OA 347 36.57 27.64 115.90
CA TYR OA 347 36.91 27.01 117.15
C TYR OA 347 35.93 27.47 118.23
N PHE OA 348 35.86 26.70 119.30
CA PHE OA 348 35.12 27.13 120.49
C PHE OA 348 35.81 26.53 121.70
N VAL OA 349 35.48 27.05 122.87
CA VAL OA 349 36.21 26.68 124.08
C VAL OA 349 35.84 25.30 124.58
N TRP OA 350 36.87 24.47 124.78
CA TRP OA 350 36.67 23.17 125.38
C TRP OA 350 36.89 23.32 126.89
N VAL OA 351 38.08 23.74 127.28
CA VAL OA 351 38.42 23.85 128.71
C VAL OA 351 39.52 24.89 128.99
N ASP OA 352 39.41 25.57 130.13
CA ASP OA 352 40.48 26.42 130.65
C ASP OA 352 41.09 25.78 131.90
N PHE OA 353 42.40 25.67 131.96
CA PHE OA 353 43.07 25.27 133.20
C PHE OA 353 43.75 26.50 133.80
N SER OA 354 43.63 26.68 135.10
CA SER OA 354 44.21 27.86 135.75
C SER OA 354 44.53 27.54 137.20
N GLU OA 355 45.16 28.49 137.88
CA GLU OA 355 45.42 28.37 139.31
C GLU OA 355 46.14 27.05 139.66
N PHE OA 356 47.27 26.82 138.99
CA PHE OA 356 48.06 25.59 139.20
C PHE OA 356 48.77 25.64 140.53
N THR OA 357 48.73 24.53 141.27
CA THR OA 357 49.36 24.48 142.59
C THR OA 357 50.69 23.73 142.54
N LEU OA 358 50.86 22.84 141.57
CA LEU OA 358 52.11 22.11 141.40
C LEU OA 358 52.74 22.47 140.09
N ASP OA 359 54.07 22.49 140.06
CA ASP OA 359 54.79 22.75 138.81
C ASP OA 359 54.66 21.58 137.84
N LYS OA 360 54.63 20.35 138.36
CA LYS OA 360 54.39 19.18 137.50
C LYS OA 360 52.89 18.86 137.45
N GLU OA 361 52.31 19.01 136.28
CA GLU OA 361 50.90 18.70 136.08
C GLU OA 361 50.76 17.85 134.82
N GLU OA 362 49.93 16.82 134.87
CA GLU OA 362 49.69 16.02 133.67
C GLU OA 362 48.21 15.72 133.48
N ILE OA 363 47.65 16.29 132.42
CA ILE OA 363 46.25 16.16 132.10
C ILE OA 363 46.04 15.05 131.07
N GLU OA 364 45.44 13.94 131.47
CA GLU OA 364 45.14 12.85 130.53
C GLU OA 364 43.83 13.10 129.77
N ILE OA 365 43.91 12.96 128.45
CA ILE OA 365 42.76 13.17 127.60
C ILE OA 365 42.38 11.85 126.94
N GLY OA 366 43.39 11.11 126.49
CA GLY OA 366 43.18 9.81 125.87
C GLY OA 366 42.53 9.95 124.51
N SER OA 367 41.34 9.40 124.36
CA SER OA 367 40.62 9.49 123.09
C SER OA 367 39.22 10.08 123.29
N ARG OA 368 39.01 10.77 124.42
CA ARG OA 368 37.66 11.23 124.77
C ARG OA 368 37.51 12.75 124.71
N PHE OA 369 36.29 13.18 124.41
CA PHE OA 369 35.91 14.58 124.66
C PHE OA 369 34.97 14.56 125.86
N PHE OA 370 35.37 15.22 126.96
CA PHE OA 370 34.67 15.06 128.23
C PHE OA 370 34.96 16.19 129.23
N ASP OA 371 34.34 16.10 130.41
CA ASP OA 371 34.56 17.10 131.46
C ASP OA 371 35.73 16.71 132.35
N PHE OA 372 36.69 17.62 132.50
CA PHE OA 372 37.88 17.38 133.34
C PHE OA 372 37.63 17.66 134.82
N THR OA 373 38.42 17.02 135.68
CA THR OA 373 38.44 17.36 137.09
C THR OA 373 39.89 17.33 137.56
N SER OA 374 40.23 18.22 138.50
CA SER OA 374 41.57 18.23 139.07
C SER OA 374 41.55 18.62 140.54
N ASN OA 375 42.45 18.00 141.29
CA ASN OA 375 42.66 18.32 142.69
C ASN OA 375 43.76 19.36 142.83
N THR OA 376 44.54 19.51 141.76
CA THR OA 376 45.76 20.31 141.81
C THR OA 376 45.64 21.60 141.02
N CYS OA 377 44.55 21.75 140.27
CA CYS OA 377 44.30 23.02 139.57
C CYS OA 377 42.81 23.27 139.31
N ARG OA 378 42.50 24.47 138.83
CA ARG OA 378 41.11 24.86 138.56
C ARG OA 378 40.69 24.55 137.12
N VAL OA 379 39.67 23.71 136.99
CA VAL OA 379 39.14 23.39 135.68
C VAL OA 379 37.89 24.22 135.42
N SER OA 380 37.83 24.88 134.27
CA SER OA 380 36.62 25.59 133.84
C SER OA 380 36.17 25.07 132.49
N MET OA 381 35.07 24.34 132.46
CA MET OA 381 34.64 23.71 131.23
C MET OA 381 33.83 24.68 130.36
N GLY OA 382 33.93 24.53 129.03
CA GLY OA 382 33.12 25.33 128.13
C GLY OA 382 31.71 24.78 127.99
N GLU OA 383 30.73 25.66 127.80
CA GLU OA 383 29.37 25.22 127.49
C GLU OA 383 28.95 25.77 126.11
N ASN OA 384 28.69 24.85 125.18
CA ASN OA 384 28.30 25.21 123.81
C ASN OA 384 27.52 24.08 123.18
N PRO OA 385 26.91 24.34 122.01
CA PRO OA 385 26.08 23.30 121.39
C PRO OA 385 26.84 22.00 121.13
N PHE OA 386 28.11 22.08 120.74
CA PHE OA 386 28.84 20.84 120.45
C PHE OA 386 28.88 19.95 121.68
N ALA OA 387 29.23 20.54 122.82
CA ALA OA 387 29.28 19.78 124.06
C ALA OA 387 27.91 19.17 124.41
N ALA OA 388 26.85 19.94 124.19
CA ALA OA 388 25.50 19.44 124.43
C ALA OA 388 25.20 18.27 123.50
N MET OA 389 25.60 18.38 122.23
CA MET OA 389 25.37 17.29 121.29
C MET OA 389 26.09 16.01 121.73
N ILE OA 390 27.30 16.17 122.29
CA ILE OA 390 28.05 15.03 122.81
C ILE OA 390 27.23 14.35 123.92
N ALA OA 391 26.60 15.18 124.74
CA ALA OA 391 25.83 14.73 125.90
C ALA OA 391 24.49 14.14 125.54
N CYS OA 392 23.95 14.52 124.38
CA CYS OA 392 22.61 14.10 124.01
C CYS OA 392 22.60 13.01 122.98
N HIS OA 393 23.72 12.30 122.85
CA HIS OA 393 23.74 11.11 122.04
C HIS OA 393 24.44 9.98 122.78
N GLY OA 394 24.09 8.76 122.44
CA GLY OA 394 24.63 7.57 123.06
C GLY OA 394 26.07 7.37 122.67
N LEU OA 395 26.36 7.57 121.37
CA LEU OA 395 27.73 7.41 120.85
C LEU OA 395 28.11 8.56 119.93
N HIS OA 396 29.40 8.86 119.85
CA HIS OA 396 29.89 9.85 118.90
C HIS OA 396 31.29 9.45 118.39
N SER OA 397 31.75 10.12 117.34
CA SER OA 397 33.05 9.82 116.75
C SER OA 397 33.45 10.89 115.76
N GLY OA 398 34.72 11.27 115.80
CA GLY OA 398 35.21 12.25 114.86
C GLY OA 398 36.61 12.68 115.19
N VAL OA 399 37.04 13.76 114.56
CA VAL OA 399 38.34 14.34 114.86
C VAL OA 399 38.20 15.81 115.27
N LEU OA 400 38.90 16.19 116.33
CA LEU OA 400 38.90 17.59 116.78
C LEU OA 400 40.25 18.21 116.53
N ASP OA 401 40.24 19.38 115.89
CA ASP OA 401 41.47 20.14 115.79
C ASP OA 401 41.56 20.96 117.07
N LEU OA 402 42.72 20.94 117.74
CA LEU OA 402 42.92 21.72 118.95
C LEU OA 402 43.84 22.93 118.75
N LYS OA 403 43.49 24.04 119.39
CA LYS OA 403 44.38 25.19 119.55
C LYS OA 403 44.62 25.35 121.04
N LEU OA 404 45.90 25.37 121.42
CA LEU OA 404 46.27 25.63 122.79
C LEU OA 404 46.85 27.04 122.89
N GLN OA 405 46.37 27.80 123.87
CA GLN OA 405 46.87 29.15 124.14
C GLN OA 405 47.17 29.28 125.61
N TRP OA 406 48.23 30.00 125.94
CA TRP OA 406 48.55 30.24 127.34
C TRP OA 406 49.25 31.57 127.61
N SER OA 407 49.01 32.13 128.81
CA SER OA 407 49.68 33.36 129.22
C SER OA 407 50.58 33.06 130.41
N LEU OA 408 51.61 33.88 130.62
CA LEU OA 408 52.54 33.65 131.73
C LEU OA 408 52.13 34.27 133.08
N ASN OA 409 52.48 33.59 134.17
CA ASN OA 409 52.23 34.06 135.52
C ASN OA 409 53.47 34.74 136.08
N THR OA 410 54.64 34.24 135.69
CA THR OA 410 55.92 34.83 136.06
C THR OA 410 56.43 35.79 134.99
N GLU OA 411 57.58 36.41 135.23
CA GLU OA 411 58.17 37.33 134.25
C GLU OA 411 58.68 36.54 133.04
N PHE OA 412 58.41 37.07 131.86
CA PHE OA 412 58.76 36.41 130.61
C PHE OA 412 60.25 36.03 130.58
N GLY OA 413 61.10 36.95 131.03
CA GLY OA 413 62.53 36.72 130.99
C GLY OA 413 62.99 35.59 131.89
N LYS OA 414 62.17 35.19 132.85
CA LYS OA 414 62.56 34.15 133.81
C LYS OA 414 61.99 32.80 133.38
N SER OA 415 61.14 32.82 132.34
CA SER OA 415 60.38 31.64 131.98
C SER OA 415 61.26 30.49 131.45
N SER OA 416 60.81 29.26 131.67
CA SER OA 416 61.48 28.06 131.16
C SER OA 416 60.44 26.97 131.08
N GLY OA 417 60.81 25.83 130.50
CA GLY OA 417 59.91 24.69 130.41
C GLY OA 417 59.03 24.68 129.18
N SER OA 418 57.92 23.94 129.25
CA SER OA 418 57.15 23.61 128.07
C SER OA 418 55.73 23.14 128.34
N VAL OA 419 54.86 23.34 127.36
CA VAL OA 419 53.61 22.61 127.26
C VAL OA 419 53.90 21.47 126.30
N THR OA 420 53.86 20.24 126.80
CA THR OA 420 54.15 19.10 125.95
C THR OA 420 52.89 18.29 125.64
N ILE OA 421 52.69 17.96 124.37
CA ILE OA 421 51.57 17.12 124.00
C ILE OA 421 52.07 15.71 123.72
N THR OA 422 51.75 14.79 124.62
CA THR OA 422 52.10 13.41 124.39
C THR OA 422 51.05 12.71 123.51
N LYS OA 423 51.49 12.13 122.42
CA LYS OA 423 50.58 11.38 121.55
C LYS OA 423 51.04 9.94 121.42
N LEU OA 424 50.21 9.02 121.86
CA LEU OA 424 50.53 7.60 121.83
C LEU OA 424 49.47 6.83 121.08
N VAL OA 425 49.76 5.57 120.82
CA VAL OA 425 48.73 4.62 120.42
C VAL OA 425 48.78 3.49 121.41
N GLY OA 426 47.69 3.32 122.15
CA GLY OA 426 47.65 2.36 123.22
C GLY OA 426 47.38 3.06 124.53
N ASP OA 427 48.31 2.97 125.45
CA ASP OA 427 48.21 3.66 126.74
C ASP OA 427 49.60 4.09 127.22
N LYS OA 428 49.63 4.78 128.34
CA LYS OA 428 50.91 5.29 128.86
C LYS OA 428 51.88 4.12 129.07
N ALA OA 429 51.37 2.95 129.43
CA ALA OA 429 52.21 1.82 129.83
C ALA OA 429 52.85 1.00 128.69
N MET OA 430 52.13 0.77 127.61
CA MET OA 430 52.61 -0.13 126.57
C MET OA 430 52.43 0.45 125.16
N GLY OA 431 52.15 1.75 125.10
CA GLY OA 431 51.81 2.41 123.85
C GLY OA 431 52.95 2.67 122.88
N LEU OA 432 52.58 3.03 121.67
CA LEU OA 432 53.54 3.36 120.62
C LEU OA 432 53.59 4.86 120.53
N ASP OA 433 54.71 5.40 120.05
CA ASP OA 433 54.91 6.84 120.01
C ASP OA 433 54.51 7.52 118.71
N GLY OA 434 53.54 8.43 118.81
CA GLY OA 434 53.05 9.14 117.65
C GLY OA 434 53.64 10.52 117.53
N PRO OA 435 52.85 11.48 117.05
CA PRO OA 435 53.29 12.85 116.82
C PRO OA 435 53.24 13.68 118.10
N SER OA 436 53.97 13.20 119.10
CA SER OA 436 54.16 13.94 120.34
C SER OA 436 54.89 15.22 120.01
N HIS OA 437 54.77 16.22 120.86
CA HIS OA 437 55.09 17.57 120.42
C HIS OA 437 55.47 18.42 121.63
N VAL OA 438 56.64 19.04 121.55
CA VAL OA 438 57.13 19.87 122.66
C VAL OA 438 57.06 21.36 122.32
N PHE OA 439 56.17 22.07 122.99
CA PHE OA 439 56.07 23.50 122.77
C PHE OA 439 56.83 24.20 123.88
N ALA OA 440 57.98 24.77 123.56
CA ALA OA 440 58.65 25.63 124.54
C ALA OA 440 57.63 26.64 125.09
N ILE OA 441 57.63 26.86 126.40
CA ILE OA 441 56.62 27.74 127.03
C ILE OA 441 56.57 29.13 126.40
N GLN OA 442 57.67 29.59 125.83
CA GLN OA 442 57.74 30.90 125.21
C GLN OA 442 56.93 31.01 123.91
N LYS OA 443 56.59 29.87 123.32
CA LYS OA 443 55.75 29.89 122.10
C LYS OA 443 54.39 30.48 122.42
N LEU OA 444 53.89 30.21 123.62
CA LEU OA 444 52.65 30.80 124.11
C LEU OA 444 51.41 30.31 123.35
N GLU OA 445 51.61 29.36 122.45
CA GLU OA 445 50.51 28.70 121.75
C GLU OA 445 50.98 27.48 120.97
N GLY OA 446 50.06 26.57 120.69
CA GLY OA 446 50.37 25.38 119.92
C GLY OA 446 49.12 24.71 119.37
N THR OA 447 49.30 23.82 118.40
CA THR OA 447 48.16 23.14 117.79
C THR OA 447 48.37 21.63 117.75
N THR OA 448 47.27 20.88 117.76
CA THR OA 448 47.32 19.44 117.59
C THR OA 448 45.94 18.89 117.17
N GLU OA 449 45.91 17.65 116.68
CA GLU OA 449 44.65 17.00 116.36
C GLU OA 449 44.36 16.04 117.48
N LEU OA 450 43.08 15.74 117.72
CA LEU OA 450 42.69 14.69 118.66
C LEU OA 450 41.67 13.73 118.06
N LEU OA 451 41.98 12.44 118.07
CA LEU OA 451 41.01 11.48 117.58
C LEU OA 451 40.05 11.19 118.70
N VAL OA 452 38.78 11.51 118.49
CA VAL OA 452 37.72 11.13 119.42
C VAL OA 452 37.04 9.87 118.90
N GLY OA 453 37.48 8.71 119.39
CA GLY OA 453 37.03 7.43 118.88
C GLY OA 453 37.94 6.30 119.34
N ASN OA 454 37.86 5.16 118.66
CA ASN OA 454 38.63 3.99 119.03
C ASN OA 454 38.45 2.88 118.02
N PHE OA 455 39.13 1.75 118.21
CA PHE OA 455 39.10 0.66 117.25
C PHE OA 455 37.67 0.20 116.92
N ALA OA 456 36.75 0.28 117.88
CA ALA OA 456 35.37 -0.13 117.64
C ALA OA 456 34.61 0.84 116.75
N GLY OA 457 34.96 2.13 116.84
CA GLY OA 457 34.44 3.13 115.92
C GLY OA 457 33.73 4.34 116.53
N ALA OA 458 33.42 4.27 117.83
CA ALA OA 458 32.67 5.33 118.48
C ALA OA 458 32.86 5.31 119.99
N ASN OA 459 32.68 6.48 120.63
CA ASN OA 459 32.77 6.58 122.07
C ASN OA 459 31.41 6.74 122.69
N PRO OA 460 31.16 6.04 123.81
CA PRO OA 460 30.00 6.31 124.66
C PRO OA 460 30.27 7.60 125.45
N ASN OA 461 29.23 8.16 126.06
CA ASN OA 461 29.42 9.38 126.83
C ASN OA 461 29.68 9.04 128.30
N THR OA 462 30.51 8.02 128.50
CA THR OA 462 30.94 7.60 129.83
C THR OA 462 32.43 7.24 129.77
N ARG OA 463 32.99 6.80 130.89
CA ARG OA 463 34.32 6.25 130.85
C ARG OA 463 34.21 4.83 130.25
N PHE OA 464 35.21 4.46 129.46
CA PHE OA 464 35.23 3.16 128.80
C PHE OA 464 36.70 2.85 128.56
N SER OA 465 37.03 1.59 128.27
CA SER OA 465 38.41 1.25 127.95
C SER OA 465 38.48 0.49 126.63
N LEU OA 466 38.77 1.20 125.53
CA LEU OA 466 38.89 0.55 124.23
C LEU OA 466 40.12 1.06 123.51
N TYR OA 467 40.99 0.14 123.09
CA TYR OA 467 42.26 0.48 122.43
C TYR OA 467 42.08 1.59 121.40
N SER OA 468 42.87 2.66 121.52
CA SER OA 468 42.81 3.76 120.57
C SER OA 468 44.07 4.60 120.64
N ARG OA 469 44.07 5.72 119.94
CA ARG OA 469 45.13 6.72 120.14
C ARG OA 469 44.92 7.36 121.52
N TRP OA 470 45.99 7.94 122.06
CA TRP OA 470 45.98 8.40 123.43
C TRP OA 470 46.73 9.72 123.52
N MET OA 471 46.11 10.71 124.16
CA MET OA 471 46.72 12.04 124.26
C MET OA 471 46.79 12.55 125.71
N ALA OA 472 47.85 13.31 126.01
CA ALA OA 472 48.00 13.92 127.33
C ALA OA 472 48.70 15.25 127.17
N ILE OA 473 48.35 16.20 128.04
CA ILE OA 473 49.07 17.47 128.10
C ILE OA 473 49.96 17.44 129.33
N LYS OA 474 51.26 17.71 129.17
CA LYS OA 474 52.22 17.67 130.27
C LYS OA 474 52.83 19.04 130.51
N LEU OA 475 52.55 19.61 131.67
CA LEU OA 475 53.19 20.83 132.13
C LEU OA 475 54.37 20.53 133.08
N ASP OA 476 55.50 21.21 132.91
CA ASP OA 476 56.63 21.02 133.84
C ASP OA 476 56.92 22.27 134.68
N GLN OA 477 56.30 23.38 134.29
CA GLN OA 477 56.45 24.65 134.97
C GLN OA 477 55.11 25.30 135.10
N ALA OA 478 54.14 24.51 135.53
CA ALA OA 478 52.74 24.91 135.50
C ALA OA 478 52.46 26.18 136.31
N LYS OA 479 53.21 26.38 137.39
CA LYS OA 479 53.03 27.56 138.23
C LYS OA 479 53.38 28.86 137.49
N SER OA 480 54.12 28.74 136.40
CA SER OA 480 54.45 29.89 135.57
C SER OA 480 53.35 30.22 134.55
N ILE OA 481 52.27 29.45 134.55
CA ILE OA 481 51.18 29.67 133.61
C ILE OA 481 49.95 30.25 134.30
N LYS OA 482 49.47 31.39 133.81
CA LYS OA 482 48.29 31.98 134.42
C LYS OA 482 47.03 31.27 133.94
N VAL OA 483 47.03 30.89 132.66
CA VAL OA 483 45.92 30.12 132.09
C VAL OA 483 46.35 29.33 130.87
N LEU OA 484 45.86 28.09 130.78
CA LEU OA 484 46.04 27.29 129.61
C LEU OA 484 44.66 27.07 129.04
N ARG OA 485 44.40 27.63 127.86
CA ARG OA 485 43.09 27.46 127.23
C ARG OA 485 43.17 26.47 126.08
N VAL OA 486 42.21 25.57 126.02
CA VAL OA 486 42.11 24.61 124.92
C VAL OA 486 40.84 24.84 124.11
N LEU OA 487 41.01 25.26 122.85
CA LEU OA 487 39.89 25.39 121.92
C LEU OA 487 39.88 24.22 120.96
N CYS OA 488 38.68 23.83 120.51
CA CYS OA 488 38.56 22.78 119.49
C CYS OA 488 37.60 23.16 118.35
N LYS OA 489 37.80 22.49 117.21
CA LYS OA 489 37.03 22.76 116.00
C LYS OA 489 36.85 21.41 115.29
N PRO OA 490 35.64 20.86 115.37
CA PRO OA 490 35.43 19.51 114.83
C PRO OA 490 35.66 19.50 113.33
N ARG OA 491 36.41 18.50 112.84
CA ARG OA 491 36.55 18.28 111.40
C ARG OA 491 35.25 17.76 110.84
N PRO OA 492 34.96 18.13 109.58
CA PRO OA 492 33.71 17.77 108.91
C PRO OA 492 33.45 16.27 109.04
N GLY OA 493 32.21 15.92 109.33
CA GLY OA 493 31.85 14.52 109.45
C GLY OA 493 31.89 14.02 110.88
N PHE OA 494 31.95 14.93 111.85
CA PHE OA 494 31.89 14.50 113.24
C PHE OA 494 30.49 13.95 113.51
N SER OA 495 30.41 12.69 113.94
CA SER OA 495 29.15 11.95 113.92
C SER OA 495 28.58 11.60 115.28
N PHE OA 496 27.25 11.61 115.36
CA PHE OA 496 26.55 11.29 116.60
C PHE OA 496 25.56 10.18 116.34
N TYR OA 497 25.44 9.27 117.29
CA TYR OA 497 24.56 8.13 117.13
C TYR OA 497 23.57 8.03 118.28
N GLY OA 498 22.29 7.82 117.95
CA GLY OA 498 21.26 7.57 118.94
C GLY OA 498 20.89 8.74 119.84
N ARG OA 499 19.93 9.54 119.39
CA ARG OA 499 19.52 10.69 120.18
C ARG OA 499 18.95 10.28 121.55
N THR OA 500 19.36 11.01 122.59
CA THR OA 500 18.90 10.76 123.95
C THR OA 500 18.96 12.06 124.77
N SER OA 501 19.01 11.94 126.09
CA SER OA 501 19.08 13.14 126.92
C SER OA 501 20.09 12.96 128.05
N PHE OA 502 20.29 14.04 128.81
CA PHE OA 502 21.34 14.06 129.81
C PHE OA 502 20.96 14.97 130.97
N PRO OA 503 20.39 14.38 132.02
CA PRO OA 503 20.06 15.13 133.24
C PRO OA 503 21.31 15.37 134.11
N VAL OA 504 21.46 16.62 134.58
CA VAL OA 504 22.48 16.99 135.56
C VAL OA 504 21.90 17.91 136.65
N GLY PA 1 70.23 -25.41 86.30
CA GLY PA 1 70.86 -26.65 86.69
C GLY PA 1 71.25 -26.69 88.16
N LEU PA 2 71.70 -27.85 88.62
CA LEU PA 2 72.12 -27.99 90.01
C LEU PA 2 73.29 -27.03 90.32
N ALA PA 3 73.08 -26.17 91.30
CA ALA PA 3 74.02 -25.09 91.57
C ALA PA 3 74.84 -25.34 92.82
N GLY PA 4 74.22 -26.01 93.78
CA GLY PA 4 74.88 -26.33 95.04
C GLY PA 4 74.09 -27.37 95.84
N ARG PA 5 74.72 -27.95 96.85
CA ARG PA 5 74.07 -28.98 97.63
C ARG PA 5 74.62 -29.04 99.04
N GLY PA 6 73.92 -29.80 99.87
CA GLY PA 6 74.27 -29.90 101.27
C GLY PA 6 73.50 -31.02 101.92
N VAL PA 7 73.83 -31.34 103.16
CA VAL PA 7 73.24 -32.49 103.82
C VAL PA 7 72.78 -32.12 105.22
N ILE PA 8 71.58 -32.55 105.57
CA ILE PA 8 71.07 -32.35 106.92
C ILE PA 8 71.00 -33.72 107.60
N TYR PA 9 71.46 -33.79 108.84
CA TYR PA 9 71.38 -35.05 109.60
C TYR PA 9 70.18 -35.07 110.56
N ILE PA 10 69.41 -36.15 110.44
CA ILE PA 10 68.23 -36.39 111.26
C ILE PA 10 68.52 -37.49 112.30
N PRO PA 11 68.36 -37.19 113.59
CA PRO PA 11 68.58 -38.16 114.65
C PRO PA 11 67.40 -39.11 114.67
N LYS PA 12 67.64 -40.38 115.00
CA LYS PA 12 66.57 -41.36 115.00
C LYS PA 12 65.39 -40.89 115.86
N ASP PA 13 65.71 -40.23 116.98
CA ASP PA 13 64.68 -39.60 117.77
C ASP PA 13 64.70 -38.08 117.56
N CYS PA 14 63.90 -37.65 116.58
CA CYS PA 14 63.76 -36.25 116.26
C CYS PA 14 62.53 -35.62 116.95
N GLN PA 15 62.76 -34.97 118.10
CA GLN PA 15 61.70 -34.39 118.92
C GLN PA 15 61.40 -32.96 118.49
N ALA PA 16 60.20 -32.48 118.79
CA ALA PA 16 59.86 -31.10 118.42
C ALA PA 16 60.89 -30.12 118.98
N ASN PA 17 61.36 -29.21 118.14
CA ASN PA 17 62.33 -28.17 118.52
C ASN PA 17 63.80 -28.50 118.32
N ARG PA 18 64.13 -29.73 117.92
CA ARG PA 18 65.52 -30.05 117.61
C ARG PA 18 66.08 -29.17 116.49
N TYR PA 19 67.21 -28.54 116.73
CA TYR PA 19 67.93 -27.86 115.67
C TYR PA 19 68.70 -28.93 114.86
N LEU PA 20 68.48 -28.97 113.55
CA LEU PA 20 69.04 -30.01 112.70
C LEU PA 20 70.31 -29.57 111.98
N GLY PA 21 70.44 -28.26 111.78
CA GLY PA 21 71.61 -27.72 111.15
C GLY PA 21 71.33 -26.52 110.30
N THR PA 22 72.40 -25.83 109.90
CA THR PA 22 72.29 -24.68 109.00
C THR PA 22 73.16 -24.88 107.77
N LEU PA 23 72.61 -24.57 106.60
CA LEU PA 23 73.39 -24.60 105.39
C LEU PA 23 73.65 -23.18 104.99
N ASN PA 24 74.86 -22.91 104.55
CA ASN PA 24 75.19 -21.59 104.06
C ASN PA 24 75.01 -21.54 102.53
N ILE PA 25 74.03 -20.77 102.05
CA ILE PA 25 73.69 -20.80 100.65
C ILE PA 25 74.89 -20.55 99.76
N ARG PA 26 75.75 -19.60 100.13
CA ARG PA 26 76.86 -19.31 99.24
C ARG PA 26 77.93 -20.40 99.26
N ASP PA 27 78.18 -20.96 100.45
CA ASP PA 27 79.05 -22.12 100.57
C ASP PA 27 78.55 -23.36 99.81
N MET PA 28 77.23 -23.60 99.80
CA MET PA 28 76.67 -24.70 99.02
C MET PA 28 77.09 -24.60 97.54
N ILE PA 29 77.04 -23.39 97.01
CA ILE PA 29 77.37 -23.17 95.61
C ILE PA 29 78.87 -23.21 95.37
N SER PA 30 79.65 -22.68 96.31
CA SER PA 30 81.09 -22.60 96.12
C SER PA 30 81.82 -23.92 96.43
N ASP PA 31 81.29 -24.71 97.35
CA ASP PA 31 81.89 -26.01 97.65
C ASP PA 31 81.63 -27.01 96.54
N PHE PA 32 80.48 -26.83 95.89
CA PHE PA 32 80.10 -27.66 94.77
C PHE PA 32 80.98 -27.36 93.55
N LYS PA 33 80.92 -26.12 93.05
CA LYS PA 33 81.98 -25.54 92.23
C LYS PA 33 82.27 -26.23 90.89
N GLY PA 34 81.27 -26.61 90.11
CA GLY PA 34 79.96 -25.99 90.02
C GLY PA 34 80.00 -25.29 88.66
N VAL PA 35 79.20 -25.73 87.69
CA VAL PA 35 79.11 -24.97 86.43
C VAL PA 35 78.52 -23.62 86.74
N GLN PA 36 77.55 -23.59 87.65
CA GLN PA 36 76.91 -22.34 88.03
C GLN PA 36 77.85 -21.45 88.84
N TYR PA 37 78.62 -22.06 89.73
CA TYR PA 37 79.60 -21.29 90.49
C TYR PA 37 80.58 -20.57 89.55
N GLU PA 38 81.02 -21.28 88.51
CA GLU PA 38 81.97 -20.68 87.60
C GLU PA 38 81.33 -19.57 86.75
N LYS PA 39 80.05 -19.72 86.41
CA LYS PA 39 79.32 -18.66 85.71
C LYS PA 39 79.23 -17.42 86.60
N TRP PA 40 79.18 -17.69 87.90
CA TRP PA 40 79.01 -16.65 88.91
C TRP PA 40 80.25 -15.76 88.96
N ILE PA 41 81.43 -16.39 89.00
CA ILE PA 41 82.70 -15.65 89.03
C ILE PA 41 82.80 -14.65 87.89
N THR PA 42 82.27 -14.99 86.73
CA THR PA 42 82.34 -14.10 85.59
C THR PA 42 81.30 -12.98 85.66
N ALA PA 43 80.13 -13.32 86.17
CA ALA PA 43 79.04 -12.34 86.33
C ALA PA 43 79.42 -11.29 87.37
N GLY PA 44 80.07 -11.74 88.44
CA GLY PA 44 80.35 -10.90 89.58
C GLY PA 44 79.16 -10.87 90.51
N LEU PA 45 78.07 -10.26 90.04
CA LEU PA 45 76.84 -10.16 90.81
C LEU PA 45 75.71 -11.03 90.26
N VAL PA 46 75.00 -11.74 91.14
CA VAL PA 46 73.86 -12.55 90.70
C VAL PA 46 72.64 -12.29 91.59
N MET PA 47 71.45 -12.30 90.98
CA MET PA 47 70.18 -12.13 91.70
C MET PA 47 69.27 -13.32 91.48
N PRO PA 48 69.72 -14.52 91.87
CA PRO PA 48 69.13 -15.76 91.37
C PRO PA 48 67.65 -15.93 91.69
N THR PA 49 66.99 -16.74 90.89
CA THR PA 49 65.77 -17.36 91.33
C THR PA 49 66.13 -18.82 91.57
N PHE PA 50 66.16 -19.22 92.85
CA PHE PA 50 66.49 -20.58 93.22
C PHE PA 50 65.27 -21.48 93.28
N LYS PA 51 65.46 -22.74 92.89
CA LYS PA 51 64.53 -23.79 93.25
C LYS PA 51 65.25 -24.60 94.30
N ILE PA 52 64.71 -24.64 95.50
CA ILE PA 52 65.27 -25.47 96.54
C ILE PA 52 64.53 -26.78 96.59
N VAL PA 53 65.29 -27.86 96.60
CA VAL PA 53 64.70 -29.19 96.66
C VAL PA 53 65.28 -29.94 97.85
N ILE PA 54 64.41 -30.45 98.72
CA ILE PA 54 64.88 -31.27 99.83
C ILE PA 54 64.48 -32.69 99.56
N ARG PA 55 65.48 -33.57 99.40
CA ARG PA 55 65.22 -34.98 99.14
C ARG PA 55 65.21 -35.79 100.41
N LEU PA 56 64.21 -36.65 100.50
CA LEU PA 56 63.58 -36.92 101.76
C LEU PA 56 62.67 -38.10 101.49
N PRO PA 57 62.87 -39.23 102.17
CA PRO PA 57 61.99 -40.39 101.90
C PRO PA 57 60.59 -40.21 102.51
N ALA PA 58 59.58 -40.27 101.66
CA ALA PA 58 58.22 -40.04 102.12
C ALA PA 58 57.82 -41.11 103.11
N ASN PA 59 57.16 -40.70 104.18
CA ASN PA 59 56.72 -41.66 105.17
C ASN PA 59 55.50 -41.18 105.96
N ALA PA 60 54.44 -42.00 105.96
CA ALA PA 60 53.22 -41.58 106.62
C ALA PA 60 53.11 -42.04 108.07
N PHE PA 61 54.16 -42.67 108.57
CA PHE PA 61 54.06 -43.32 109.85
C PHE PA 61 54.87 -42.66 110.97
N THR PA 62 55.22 -41.40 110.80
CA THR PA 62 56.12 -40.76 111.77
C THR PA 62 55.50 -39.55 112.43
N GLY PA 63 54.77 -38.75 111.65
CA GLY PA 63 54.21 -37.51 112.17
C GLY PA 63 55.18 -36.34 112.11
N LEU PA 64 56.38 -36.59 111.57
CA LEU PA 64 57.43 -35.58 111.48
C LEU PA 64 57.07 -34.43 110.56
N THR PA 65 57.24 -33.22 111.06
CA THR PA 65 57.17 -32.00 110.26
C THR PA 65 58.36 -31.09 110.55
N TRP PA 66 59.05 -30.64 109.51
CA TRP PA 66 60.22 -29.79 109.68
C TRP PA 66 59.93 -28.41 109.14
N VAL PA 67 60.76 -27.45 109.52
CA VAL PA 67 60.66 -26.10 108.97
C VAL PA 67 61.99 -25.68 108.36
N MET PA 68 61.96 -25.33 107.08
CA MET PA 68 63.11 -24.67 106.47
C MET PA 68 62.91 -23.17 106.60
N SER PA 69 63.88 -22.48 107.21
CA SER PA 69 63.77 -21.04 107.45
C SER PA 69 64.81 -20.28 106.63
N PHE PA 70 64.37 -19.36 105.78
CA PHE PA 70 65.29 -18.58 104.96
C PHE PA 70 65.74 -17.32 105.71
N ASP PA 71 66.95 -17.36 106.20
CA ASP PA 71 67.46 -16.27 107.04
C ASP PA 71 68.58 -15.55 106.30
N ALA PA 72 68.21 -14.72 105.35
CA ALA PA 72 69.22 -14.13 104.48
C ALA PA 72 70.16 -13.18 105.24
N TYR PA 73 69.71 -12.68 106.39
CA TYR PA 73 70.45 -11.65 107.12
C TYR PA 73 70.95 -12.11 108.47
N ASN PA 74 70.92 -13.43 108.66
CA ASN PA 74 71.52 -14.08 109.82
C ASN PA 74 70.97 -13.55 111.13
N ARG PA 75 69.65 -13.50 111.22
CA ARG PA 75 68.98 -12.86 112.36
C ARG PA 75 68.56 -13.84 113.47
N ILE PA 76 68.18 -15.05 113.10
CA ILE PA 76 67.79 -16.02 114.12
C ILE PA 76 68.83 -17.11 114.42
N THR PA 77 69.94 -17.15 113.68
CA THR PA 77 70.90 -18.26 113.85
C THR PA 77 71.33 -18.48 115.29
N SER PA 78 71.93 -17.43 115.88
CA SER PA 78 72.43 -17.45 117.26
C SER PA 78 71.42 -17.96 118.32
N ARG PA 79 70.13 -17.79 118.06
CA ARG PA 79 69.14 -18.09 119.08
C ARG PA 79 68.48 -19.47 118.93
N ILE PA 80 68.78 -20.19 117.85
CA ILE PA 80 68.17 -21.51 117.65
C ILE PA 80 69.15 -22.69 117.66
N THR PA 81 70.45 -22.43 117.82
CA THR PA 81 71.45 -23.50 117.65
C THR PA 81 71.45 -24.51 118.80
N ALA PA 82 71.00 -24.10 119.97
CA ALA PA 82 70.85 -25.05 121.08
C ALA PA 82 69.48 -25.69 121.04
N SER PA 83 68.46 -24.85 120.96
CA SER PA 83 67.11 -25.34 120.75
C SER PA 83 66.38 -24.30 119.92
N ALA PA 84 65.53 -24.78 119.02
CA ALA PA 84 64.85 -23.91 118.09
C ALA PA 84 63.37 -23.71 118.42
N ASP PA 85 63.04 -22.56 119.00
CA ASP PA 85 61.63 -22.24 119.28
C ASP PA 85 60.90 -21.92 117.98
N PRO PA 86 59.72 -22.48 117.80
CA PRO PA 86 58.99 -22.12 116.58
C PRO PA 86 58.81 -20.61 116.41
N VAL PA 87 58.73 -19.83 117.49
CA VAL PA 87 58.60 -18.38 117.34
C VAL PA 87 59.74 -17.76 116.54
N TYR PA 88 60.97 -18.24 116.76
CA TYR PA 88 62.10 -17.83 115.93
C TYR PA 88 62.00 -18.37 114.49
N THR PA 89 61.83 -19.69 114.37
CA THR PA 89 61.92 -20.32 113.06
C THR PA 89 60.82 -19.89 112.10
N LEU PA 90 59.70 -19.39 112.62
CA LEU PA 90 58.58 -18.95 111.78
C LEU PA 90 58.55 -17.42 111.59
N SER PA 91 59.53 -16.72 112.17
CA SER PA 91 59.55 -15.26 112.12
C SER PA 91 60.23 -14.71 110.86
N VAL PA 92 60.81 -15.61 110.08
CA VAL PA 92 61.40 -15.26 108.80
C VAL PA 92 60.72 -16.08 107.72
N PRO PA 93 60.92 -15.72 106.43
CA PRO PA 93 60.30 -16.56 105.40
C PRO PA 93 60.63 -18.03 105.63
N HIS PA 94 59.63 -18.90 105.49
CA HIS PA 94 59.83 -20.29 105.84
C HIS PA 94 58.80 -21.19 105.14
N TRP PA 95 59.07 -22.49 105.18
CA TRP PA 95 58.24 -23.49 104.51
C TRP PA 95 58.08 -24.70 105.38
N LEU PA 96 56.87 -25.25 105.42
CA LEU PA 96 56.63 -26.48 106.17
C LEU PA 96 56.96 -27.68 105.31
N ILE PA 97 57.71 -28.61 105.86
CA ILE PA 97 58.08 -29.81 105.15
C ILE PA 97 57.44 -31.01 105.83
N HIS PA 98 56.38 -31.53 105.22
CA HIS PA 98 55.70 -32.69 105.79
C HIS PA 98 56.31 -34.02 105.34
N HIS PA 99 56.58 -34.89 106.31
CA HIS PA 99 57.23 -36.16 106.03
C HIS PA 99 56.35 -37.03 105.15
N LYS PA 100 55.04 -36.91 105.29
CA LYS PA 100 54.13 -37.74 104.50
C LYS PA 100 54.23 -37.41 102.99
N LEU PA 101 54.70 -36.21 102.66
CA LEU PA 101 54.74 -35.76 101.26
C LEU PA 101 56.05 -36.04 100.56
N GLY PA 102 57.03 -36.50 101.33
CA GLY PA 102 58.32 -36.83 100.79
C GLY PA 102 59.08 -35.62 100.26
N THR PA 103 59.72 -35.80 99.12
CA THR PA 103 60.61 -34.78 98.57
C THR PA 103 59.88 -33.46 98.39
N PHE PA 104 60.53 -32.40 98.84
CA PHE PA 104 59.92 -31.08 98.92
C PHE PA 104 60.63 -30.11 97.99
N SER PA 105 59.87 -29.15 97.46
CA SER PA 105 60.45 -28.14 96.58
C SER PA 105 59.79 -26.77 96.74
N CYS PA 106 60.55 -25.71 96.54
CA CYS PA 106 59.96 -24.37 96.53
C CYS PA 106 60.85 -23.40 95.77
N GLU PA 107 60.32 -22.23 95.44
CA GLU PA 107 61.10 -21.20 94.75
C GLU PA 107 61.43 -20.04 95.66
N ILE PA 108 62.65 -19.55 95.51
CA ILE PA 108 63.08 -18.40 96.26
C ILE PA 108 63.53 -17.39 95.24
N ASP PA 109 62.76 -16.32 95.09
CA ASP PA 109 63.18 -15.20 94.26
C ASP PA 109 64.06 -14.34 95.15
N TYR PA 110 65.37 -14.48 94.97
CA TYR PA 110 66.33 -13.84 95.84
C TYR PA 110 66.19 -12.32 95.77
N GLY PA 111 65.66 -11.84 94.64
CA GLY PA 111 65.34 -10.43 94.50
C GLY PA 111 64.31 -9.92 95.50
N GLU PA 112 63.29 -10.71 95.78
CA GLU PA 112 62.26 -10.37 96.76
C GLU PA 112 62.63 -10.74 98.18
N LEU PA 113 62.80 -12.03 98.44
CA LEU PA 113 63.09 -12.50 99.78
C LEU PA 113 64.38 -11.95 100.40
N CYS PA 114 65.33 -11.56 99.56
CA CYS PA 114 66.58 -11.02 100.09
C CYS PA 114 66.78 -9.53 99.77
N GLY PA 115 66.80 -9.17 98.48
CA GLY PA 115 66.87 -7.76 98.11
C GLY PA 115 68.20 -7.22 97.59
N HIS PA 116 69.32 -7.85 97.96
CA HIS PA 116 70.60 -7.43 97.40
C HIS PA 116 71.30 -8.56 96.66
N ALA PA 117 72.08 -8.21 95.64
CA ALA PA 117 72.73 -9.19 94.78
C ALA PA 117 73.99 -9.78 95.41
N MET PA 118 74.24 -11.05 95.11
CA MET PA 118 75.38 -11.77 95.69
C MET PA 118 76.70 -11.58 94.96
N TRP PA 119 77.73 -11.19 95.71
CA TRP PA 119 79.05 -10.95 95.16
C TRP PA 119 79.88 -12.23 95.26
N PHE PA 120 80.44 -12.64 94.14
CA PHE PA 120 81.13 -13.92 94.06
C PHE PA 120 82.26 -14.12 95.10
N LYS PA 121 82.98 -13.06 95.44
CA LYS PA 121 84.21 -13.24 96.22
C LYS PA 121 84.05 -13.18 97.73
N SER PA 122 82.96 -12.58 98.19
CA SER PA 122 82.75 -12.40 99.63
C SER PA 122 81.34 -11.98 99.96
N THR PA 123 80.95 -12.27 101.20
CA THR PA 123 79.69 -11.79 101.70
C THR PA 123 79.69 -10.24 101.72
N THR PA 124 78.61 -9.63 101.25
CA THR PA 124 78.49 -8.18 101.28
C THR PA 124 77.99 -7.70 102.65
N PHE PA 125 76.77 -8.07 103.01
CA PHE PA 125 76.26 -7.67 104.31
C PHE PA 125 76.38 -8.78 105.32
N GLU PA 126 75.37 -9.65 105.37
CA GLU PA 126 75.58 -10.87 106.11
C GLU PA 126 75.42 -12.06 105.18
N SER PA 127 75.90 -13.22 105.64
CA SER PA 127 75.91 -14.45 104.85
C SER PA 127 74.58 -15.21 104.93
N PRO PA 128 73.87 -15.37 103.80
CA PRO PA 128 72.54 -16.00 103.73
C PRO PA 128 72.50 -17.46 104.16
N ARG PA 129 71.62 -17.81 105.11
CA ARG PA 129 71.52 -19.17 105.63
C ARG PA 129 70.16 -19.83 105.41
N LEU PA 130 70.17 -21.16 105.31
CA LEU PA 130 68.95 -21.94 105.41
C LEU PA 130 69.01 -22.75 106.71
N HIS PA 131 68.01 -22.59 107.58
CA HIS PA 131 67.96 -23.34 108.83
C HIS PA 131 66.95 -24.46 108.76
N PHE PA 132 67.34 -25.61 109.28
CA PHE PA 132 66.44 -26.76 109.31
C PHE PA 132 66.13 -27.22 110.74
N THR PA 133 64.88 -27.07 111.12
CA THR PA 133 64.47 -27.36 112.47
C THR PA 133 63.28 -28.31 112.43
N CYS PA 134 63.04 -28.99 113.54
CA CYS PA 134 61.90 -29.88 113.63
C CYS PA 134 60.71 -29.18 114.33
N LEU PA 135 59.57 -29.06 113.64
CA LEU PA 135 58.41 -28.36 114.17
C LEU PA 135 57.53 -29.26 115.04
N THR PA 136 57.21 -30.44 114.52
CA THR PA 136 56.48 -31.47 115.27
C THR PA 136 57.32 -32.73 115.21
N GLY PA 137 57.45 -33.41 116.35
CA GLY PA 137 58.33 -34.57 116.45
C GLY PA 137 57.74 -35.88 115.95
N ASN PA 138 58.59 -36.89 115.85
CA ASN PA 138 58.11 -38.23 115.49
C ASN PA 138 57.33 -38.83 116.66
N ASN PA 139 56.38 -39.71 116.34
CA ASN PA 139 55.49 -40.25 117.37
C ASN PA 139 56.24 -41.22 118.28
N LYS PA 140 57.26 -41.86 117.71
CA LYS PA 140 58.18 -42.74 118.41
C LYS PA 140 59.46 -42.65 117.62
N GLU PA 141 60.60 -42.96 118.21
CA GLU PA 141 61.85 -42.85 117.46
C GLU PA 141 61.85 -43.80 116.27
N LEU PA 142 62.63 -43.47 115.27
CA LEU PA 142 62.76 -44.33 114.11
C LEU PA 142 63.84 -45.39 114.37
N ALA PA 143 64.10 -46.22 113.36
CA ALA PA 143 65.01 -47.34 113.53
C ALA PA 143 66.46 -46.90 113.66
N ALA PA 144 66.84 -45.82 112.97
CA ALA PA 144 68.24 -45.38 112.98
C ALA PA 144 68.38 -43.94 112.54
N ASP PA 145 69.55 -43.36 112.78
CA ASP PA 145 69.87 -42.03 112.26
C ASP PA 145 69.81 -42.05 110.74
N TRP PA 146 69.47 -40.91 110.13
CA TRP PA 146 69.43 -40.81 108.66
C TRP PA 146 69.80 -39.41 108.21
N GLN PA 147 69.73 -39.17 106.89
CA GLN PA 147 70.03 -37.84 106.38
C GLN PA 147 69.08 -37.43 105.27
N ALA PA 148 68.98 -36.13 105.07
CA ALA PA 148 68.27 -35.59 103.92
C ALA PA 148 69.25 -34.77 103.09
N VAL PA 149 68.99 -34.66 101.79
CA VAL PA 149 69.86 -33.88 100.91
C VAL PA 149 69.16 -32.59 100.49
N VAL PA 150 69.85 -31.46 100.61
CA VAL PA 150 69.33 -30.18 100.14
C VAL PA 150 70.03 -29.73 98.85
N GLU PA 151 69.24 -29.37 97.83
CA GLU PA 151 69.83 -29.00 96.54
C GLU PA 151 69.35 -27.63 96.05
N LEU PA 152 70.29 -26.82 95.54
CA LEU PA 152 69.96 -25.53 94.94
C LEU PA 152 70.06 -25.62 93.44
N TYR PA 153 68.95 -25.34 92.75
CA TYR PA 153 68.94 -25.30 91.29
C TYR PA 153 68.78 -23.85 90.86
N ALA PA 154 69.58 -23.43 89.88
CA ALA PA 154 69.51 -22.05 89.40
C ALA PA 154 70.20 -21.93 88.08
N GLU PA 155 69.77 -20.98 87.26
CA GLU PA 155 70.55 -20.57 86.09
C GLU PA 155 71.11 -19.17 86.31
N LEU PA 156 72.28 -19.09 86.93
CA LEU PA 156 72.85 -17.82 87.30
C LEU PA 156 73.18 -16.95 86.09
N GLU PA 157 72.69 -15.71 86.11
CA GLU PA 157 73.14 -14.73 85.13
C GLU PA 157 73.53 -13.42 85.80
N GLU PA 158 74.33 -12.62 85.10
CA GLU PA 158 74.85 -11.39 85.69
C GLU PA 158 73.70 -10.48 86.09
N ALA PA 159 73.79 -9.95 87.31
CA ALA PA 159 72.83 -8.98 87.83
C ALA PA 159 73.11 -7.56 87.30
N THR PA 160 72.04 -6.91 86.88
CA THR PA 160 72.13 -5.58 86.29
C THR PA 160 72.19 -4.47 87.35
N SER PA 161 71.54 -4.69 88.49
CA SER PA 161 71.51 -3.72 89.60
C SER PA 161 71.93 -4.34 90.93
N PHE PA 162 72.35 -3.51 91.88
CA PHE PA 162 72.68 -4.05 93.22
C PHE PA 162 71.42 -4.41 94.00
N LEU PA 163 70.40 -3.57 93.88
CA LEU PA 163 69.19 -3.74 94.67
C LEU PA 163 68.09 -4.45 93.91
N GLY PA 164 67.29 -5.24 94.63
CA GLY PA 164 66.10 -5.86 94.09
C GLY PA 164 64.96 -4.87 93.97
N LYS PA 165 63.74 -5.39 93.92
CA LYS PA 165 62.55 -4.55 94.01
C LYS PA 165 62.13 -4.60 95.47
N PRO PA 166 61.68 -3.47 96.02
CA PRO PA 166 61.38 -3.40 97.45
C PRO PA 166 60.16 -4.25 97.80
N THR PA 167 60.33 -5.12 98.80
CA THR PA 167 59.24 -5.92 99.36
C THR PA 167 58.11 -5.04 99.92
N LEU PA 168 58.47 -3.86 100.43
CA LEU PA 168 57.49 -3.02 101.13
C LEU PA 168 57.84 -1.55 101.01
N VAL PA 169 56.81 -0.71 100.85
CA VAL PA 169 57.05 0.73 100.81
C VAL PA 169 56.20 1.37 101.90
N PHE PA 170 56.82 2.21 102.71
CA PHE PA 170 56.17 2.73 103.89
C PHE PA 170 54.94 3.56 103.57
N ASP PA 171 53.84 3.20 104.23
CA ASP PA 171 52.55 3.87 104.11
C ASP PA 171 51.69 3.47 105.31
N PRO PA 172 51.36 4.45 106.17
CA PRO PA 172 50.63 4.29 107.42
C PRO PA 172 49.24 3.76 107.16
N GLY PA 173 48.64 4.29 106.11
CA GLY PA 173 47.25 4.01 105.81
C GLY PA 173 47.06 2.77 104.97
N VAL PA 174 48.10 1.93 104.89
CA VAL PA 174 48.01 0.73 104.04
C VAL PA 174 48.56 -0.57 104.67
N PHE PA 175 47.55 -1.31 105.14
CA PHE PA 175 47.62 -2.69 105.57
C PHE PA 175 46.40 -3.32 104.90
N ASN PA 176 46.61 -4.04 103.81
CA ASN PA 176 45.53 -4.70 103.07
C ASN PA 176 44.66 -5.63 103.93
N GLY PA 177 45.29 -6.58 104.59
CA GLY PA 177 44.57 -7.62 105.28
C GLY PA 177 45.02 -8.98 104.78
N LYS PA 178 45.89 -8.98 103.77
CA LYS PA 178 46.53 -10.20 103.29
C LYS PA 178 47.90 -10.41 103.99
N PHE PA 179 48.23 -11.66 104.31
CA PHE PA 179 49.51 -11.96 104.96
C PHE PA 179 50.35 -12.92 104.13
N GLN PA 180 51.66 -12.88 104.30
CA GLN PA 180 52.51 -14.01 103.91
C GLN PA 180 53.33 -14.50 105.09
N PHE PA 181 53.61 -15.81 105.09
CA PHE PA 181 54.46 -16.40 106.12
C PHE PA 181 53.97 -16.19 107.55
N LEU PA 182 52.65 -16.18 107.73
CA LEU PA 182 52.07 -16.11 109.06
C LEU PA 182 51.67 -17.49 109.52
N THR PA 183 52.55 -18.13 110.29
CA THR PA 183 52.33 -19.49 110.75
C THR PA 183 52.34 -19.50 112.28
N CYS PA 184 51.31 -20.08 112.88
CA CYS PA 184 51.21 -20.14 114.34
C CYS PA 184 52.01 -21.33 114.81
N PRO PA 185 52.73 -21.18 115.91
CA PRO PA 185 53.36 -22.36 116.53
C PRO PA 185 52.33 -23.49 116.78
N PRO PA 186 52.83 -24.73 116.78
CA PRO PA 186 51.96 -25.90 116.87
C PRO PA 186 51.12 -25.91 118.13
N ILE PA 187 49.87 -26.34 117.94
CA ILE PA 187 48.91 -26.55 119.02
C ILE PA 187 48.81 -28.05 119.26
N PHE PA 188 48.79 -28.49 120.52
CA PHE PA 188 48.81 -29.93 120.80
C PHE PA 188 47.58 -30.45 121.53
N PHE PA 189 47.13 -31.64 121.13
CA PHE PA 189 46.03 -32.32 121.79
C PHE PA 189 46.47 -33.65 122.42
N ASP PA 190 46.11 -33.88 123.68
CA ASP PA 190 46.45 -35.12 124.37
C ASP PA 190 45.44 -36.16 123.99
N LEU PA 191 45.88 -37.41 123.86
CA LEU PA 191 44.91 -38.46 123.55
C LEU PA 191 44.32 -39.08 124.80
N THR PA 192 44.76 -38.59 125.96
CA THR PA 192 44.19 -39.00 127.24
C THR PA 192 43.03 -38.10 127.64
N ALA PA 193 42.48 -37.39 126.66
CA ALA PA 193 41.39 -36.48 126.94
C ALA PA 193 40.26 -36.68 125.94
N VAL PA 194 39.06 -36.91 126.46
CA VAL PA 194 37.91 -37.17 125.59
C VAL PA 194 37.46 -35.96 124.77
N THR PA 195 37.57 -34.76 125.34
CA THR PA 195 37.44 -33.52 124.56
C THR PA 195 38.50 -32.54 125.02
N ALA PA 196 38.69 -31.46 124.27
CA ALA PA 196 39.65 -30.44 124.70
C ALA PA 196 39.47 -29.15 123.95
N LEU PA 197 39.97 -28.08 124.52
CA LEU PA 197 39.99 -26.79 123.83
C LEU PA 197 41.40 -26.24 123.70
N ARG PA 198 41.73 -25.68 122.54
CA ARG PA 198 42.96 -24.90 122.41
C ARG PA 198 42.66 -23.58 121.78
N SER PA 199 43.02 -22.50 122.46
CA SER PA 199 42.80 -21.17 121.94
C SER PA 199 43.99 -20.63 121.17
N ALA PA 200 43.70 -19.90 120.11
CA ALA PA 200 44.73 -19.11 119.42
C ALA PA 200 44.27 -17.66 119.44
N GLY PA 201 45.10 -16.79 120.02
CA GLY PA 201 44.72 -15.38 120.10
C GLY PA 201 44.67 -14.72 118.74
N LEU PA 202 43.77 -13.77 118.56
CA LEU PA 202 43.65 -13.11 117.29
C LEU PA 202 44.10 -11.66 117.41
N THR PA 203 44.77 -11.35 118.50
CA THR PA 203 45.33 -10.03 118.70
C THR PA 203 46.69 -9.96 117.99
N LEU PA 204 46.65 -9.93 116.67
CA LEU PA 204 47.83 -10.23 115.86
C LEU PA 204 48.95 -9.17 115.89
N GLY PA 205 48.69 -8.02 116.49
CA GLY PA 205 49.70 -6.98 116.55
C GLY PA 205 50.65 -7.14 117.72
N GLN PA 206 50.32 -8.10 118.57
CA GLN PA 206 51.09 -8.38 119.77
C GLN PA 206 52.43 -8.95 119.34
N VAL PA 207 53.50 -8.49 119.96
CA VAL PA 207 54.81 -9.03 119.61
C VAL PA 207 55.07 -10.34 120.36
N PRO PA 208 55.42 -11.40 119.61
CA PRO PA 208 55.63 -12.75 120.14
C PRO PA 208 56.85 -12.78 121.04
N MET PA 209 56.85 -13.68 122.03
CA MET PA 209 57.99 -13.77 122.92
C MET PA 209 58.52 -15.16 123.13
N VAL PA 210 59.81 -15.25 123.42
CA VAL PA 210 60.44 -16.50 123.78
C VAL PA 210 61.18 -16.22 125.06
N GLY PA 211 60.57 -16.59 126.19
CA GLY PA 211 61.07 -16.18 127.49
C GLY PA 211 60.96 -14.67 127.64
N THR PA 212 62.09 -14.02 127.90
CA THR PA 212 62.10 -12.58 128.05
C THR PA 212 62.46 -11.88 126.76
N THR PA 213 62.73 -12.67 125.71
CA THR PA 213 63.11 -12.12 124.41
C THR PA 213 61.91 -11.77 123.49
N LYS PA 214 61.83 -10.51 123.09
CA LYS PA 214 60.80 -10.06 122.14
C LYS PA 214 61.27 -10.40 120.72
N VAL PA 215 60.40 -11.01 119.92
CA VAL PA 215 60.77 -11.32 118.54
C VAL PA 215 59.96 -10.46 117.59
N TYR PA 216 60.47 -9.27 117.26
CA TYR PA 216 59.79 -8.39 116.32
C TYR PA 216 59.74 -9.03 114.94
N ASN PA 217 58.56 -9.02 114.31
CA ASN PA 217 58.42 -9.55 112.95
C ASN PA 217 57.47 -8.72 112.10
N LEU PA 218 57.58 -8.88 110.78
CA LEU PA 218 56.84 -8.02 109.87
C LEU PA 218 55.33 -8.16 110.05
N ASN PA 219 54.85 -9.39 110.23
CA ASN PA 219 53.40 -9.58 110.34
C ASN PA 219 52.75 -8.83 111.50
N SER PA 220 53.27 -9.00 112.71
CA SER PA 220 52.72 -8.28 113.85
C SER PA 220 52.91 -6.78 113.66
N THR PA 221 54.04 -6.40 113.06
CA THR PA 221 54.29 -5.00 112.76
C THR PA 221 53.19 -4.42 111.84
N LEU PA 222 52.83 -5.17 110.79
CA LEU PA 222 51.79 -4.73 109.87
C LEU PA 222 50.47 -4.55 110.58
N VAL PA 223 50.05 -5.56 111.35
CA VAL PA 223 48.79 -5.47 112.07
C VAL PA 223 48.77 -4.25 113.01
N SER PA 224 49.90 -3.94 113.62
CA SER PA 224 49.96 -2.78 114.52
C SER PA 224 49.67 -1.42 113.83
N CYS PA 225 49.72 -1.41 112.49
CA CYS PA 225 49.45 -0.22 111.69
C CYS PA 225 47.98 0.15 111.63
N VAL PA 226 47.18 -0.68 112.27
CA VAL PA 226 45.75 -0.53 112.30
C VAL PA 226 45.30 -0.53 113.78
N LEU PA 227 44.12 -0.01 114.09
CA LEU PA 227 43.65 0.00 115.48
C LEU PA 227 43.00 -1.33 115.86
N GLY PA 228 42.40 -1.99 114.87
CA GLY PA 228 41.76 -3.29 115.07
C GLY PA 228 41.21 -3.80 113.77
N MET PA 229 40.62 -4.99 113.80
CA MET PA 229 40.15 -5.63 112.59
C MET PA 229 39.01 -6.60 112.87
N GLY PA 230 38.09 -6.68 111.93
CA GLY PA 230 37.02 -7.66 111.97
C GLY PA 230 36.94 -8.32 110.60
N GLY PA 231 36.12 -9.36 110.47
CA GLY PA 231 35.99 -10.00 109.19
C GLY PA 231 36.13 -11.48 109.32
N THR PA 232 36.58 -12.13 108.25
CA THR PA 232 36.72 -13.57 108.27
C THR PA 232 38.18 -13.99 108.13
N VAL PA 233 38.62 -14.89 109.01
CA VAL PA 233 39.97 -15.41 108.98
C VAL PA 233 40.02 -16.58 108.00
N ARG PA 234 40.78 -16.43 106.91
CA ARG PA 234 40.98 -17.51 105.96
C ARG PA 234 42.35 -18.11 106.21
N GLY PA 235 42.39 -19.41 106.42
CA GLY PA 235 43.66 -20.05 106.69
C GLY PA 235 43.70 -21.49 106.27
N ARG PA 236 44.79 -22.18 106.67
CA ARG PA 236 44.94 -23.60 106.41
C ARG PA 236 45.28 -24.30 107.73
N VAL PA 237 44.79 -25.51 107.88
CA VAL PA 237 45.09 -26.34 109.03
C VAL PA 237 45.87 -27.58 108.57
N HIS PA 238 47.00 -27.83 109.23
CA HIS PA 238 47.72 -29.07 108.97
C HIS PA 238 47.68 -30.00 110.19
N ILE PA 239 47.27 -31.23 109.96
CA ILE PA 239 47.28 -32.24 111.01
C ILE PA 239 48.56 -33.05 110.89
N CYS PA 240 49.46 -32.83 111.83
CA CYS PA 240 50.84 -33.32 111.77
C CYS PA 240 51.07 -34.58 112.60
N ALA PA 241 50.44 -35.68 112.20
CA ALA PA 241 50.55 -36.94 112.91
C ALA PA 241 50.54 -38.08 111.90
N PRO PA 242 50.90 -39.29 112.35
CA PRO PA 242 50.89 -40.51 111.52
C PRO PA 242 49.49 -40.83 110.99
N ILE PA 243 49.35 -41.55 109.86
CA ILE PA 243 48.02 -41.91 109.30
C ILE PA 243 47.13 -42.61 110.32
N PHE PA 244 47.73 -43.24 111.33
CA PHE PA 244 46.96 -44.00 112.30
C PHE PA 244 46.47 -43.16 113.49
N TYR PA 245 46.79 -41.87 113.46
CA TYR PA 245 46.22 -40.89 114.39
C TYR PA 245 45.12 -40.19 113.64
N SER PA 246 44.06 -39.79 114.34
CA SER PA 246 43.01 -39.01 113.70
C SER PA 246 42.19 -38.20 114.69
N ILE PA 247 41.60 -37.13 114.20
CA ILE PA 247 40.89 -36.23 115.08
C ILE PA 247 39.76 -35.51 114.34
N VAL PA 248 38.76 -35.01 115.07
CA VAL PA 248 37.73 -34.15 114.49
C VAL PA 248 37.62 -32.90 115.32
N LEU PA 249 37.74 -31.74 114.67
CA LEU PA 249 37.74 -30.46 115.36
C LEU PA 249 36.54 -29.62 114.99
N TRP PA 250 35.99 -28.93 115.98
CA TRP PA 250 35.05 -27.84 115.75
C TRP PA 250 35.85 -26.56 115.94
N VAL PA 251 35.97 -25.76 114.88
CA VAL PA 251 36.76 -24.53 114.92
C VAL PA 251 35.87 -23.31 114.85
N VAL PA 252 35.90 -22.49 115.90
CA VAL PA 252 34.98 -21.35 115.98
C VAL PA 252 35.61 -20.18 116.71
N SER PA 253 35.05 -18.99 116.49
CA SER PA 253 35.55 -17.78 117.16
C SER PA 253 34.69 -17.39 118.36
N GLU PA 254 35.35 -17.05 119.46
CA GLU PA 254 34.65 -16.63 120.68
C GLU PA 254 35.23 -15.34 121.27
N TRP PA 255 34.40 -14.61 122.01
CA TRP PA 255 34.83 -13.36 122.61
C TRP PA 255 34.91 -13.44 124.13
N ASN PA 256 36.04 -13.01 124.67
CA ASN PA 256 36.24 -12.90 126.11
C ASN PA 256 35.86 -14.15 126.90
N GLY PA 257 36.67 -15.18 126.79
CA GLY PA 257 36.37 -16.44 127.44
C GLY PA 257 35.66 -17.36 126.46
N THR PA 258 35.17 -18.47 126.97
CA THR PA 258 34.47 -19.44 126.14
C THR PA 258 33.20 -19.87 126.86
N THR PA 259 32.21 -20.29 126.09
CA THR PA 259 31.00 -20.80 126.71
C THR PA 259 31.27 -22.18 127.29
N MET PA 260 30.51 -22.52 128.33
CA MET PA 260 30.70 -23.79 129.02
C MET PA 260 29.60 -24.76 128.60
N ASP PA 261 28.69 -24.26 127.78
CA ASP PA 261 27.53 -25.03 127.37
C ASP PA 261 27.71 -25.58 125.95
N TRP PA 262 27.90 -26.88 125.84
CA TRP PA 262 28.10 -27.52 124.54
C TRP PA 262 27.02 -27.17 123.51
N ASN PA 263 25.80 -26.95 123.97
CA ASN PA 263 24.73 -26.67 123.01
C ASN PA 263 24.83 -25.26 122.48
N GLU PA 264 25.23 -24.31 123.32
CA GLU PA 264 25.43 -22.95 122.84
C GLU PA 264 26.60 -22.93 121.84
N LEU PA 265 27.65 -23.69 122.16
CA LEU PA 265 28.86 -23.78 121.35
C LEU PA 265 28.53 -24.10 119.91
N PHE PA 266 27.58 -25.00 119.71
CA PHE PA 266 27.22 -25.44 118.35
C PHE PA 266 26.15 -24.59 117.66
N LYS PA 267 25.73 -23.53 118.34
CA LYS PA 267 24.83 -22.57 117.72
C LYS PA 267 25.65 -21.46 117.09
N TYR PA 268 26.96 -21.47 117.36
CA TYR PA 268 27.90 -20.50 116.77
C TYR PA 268 28.23 -20.91 115.35
N PRO PA 269 28.70 -19.95 114.52
CA PRO PA 269 29.11 -20.23 113.15
C PRO PA 269 30.57 -20.69 113.05
N GLY PA 270 30.76 -22.00 113.22
CA GLY PA 270 32.07 -22.60 113.11
C GLY PA 270 32.17 -23.57 111.95
N VAL PA 271 33.29 -24.26 111.85
CA VAL PA 271 33.51 -25.22 110.78
C VAL PA 271 34.15 -26.49 111.35
N TYR PA 272 33.93 -27.62 110.70
CA TYR PA 272 34.53 -28.88 111.15
C TYR PA 272 35.82 -29.12 110.37
N VAL PA 273 36.84 -29.63 111.05
CA VAL PA 273 38.11 -29.96 110.41
C VAL PA 273 38.45 -31.40 110.76
N GLU PA 274 38.52 -32.26 109.74
CA GLU PA 274 38.81 -33.70 109.92
C GLU PA 274 40.20 -34.01 109.41
N GLU PA 275 40.74 -33.10 108.60
CA GLU PA 275 41.97 -33.37 107.86
C GLU PA 275 42.60 -32.09 107.32
N ASP PA 276 43.85 -32.21 106.84
CA ASP PA 276 44.54 -31.09 106.18
C ASP PA 276 43.54 -30.37 105.26
N GLY PA 277 43.53 -29.05 105.31
CA GLY PA 277 42.63 -28.27 104.48
C GLY PA 277 42.56 -26.81 104.86
N SER PA 278 41.87 -26.01 104.06
CA SER PA 278 41.67 -24.60 104.38
C SER PA 278 40.41 -24.42 105.22
N PHE PA 279 40.24 -23.23 105.82
CA PHE PA 279 39.06 -22.93 106.64
C PHE PA 279 38.80 -21.43 106.60
N GLU PA 280 37.53 -21.05 106.83
CA GLU PA 280 37.16 -19.65 107.00
C GLU PA 280 36.31 -19.54 108.24
N VAL PA 281 36.74 -18.71 109.18
CA VAL PA 281 35.92 -18.50 110.38
C VAL PA 281 35.73 -17.01 110.60
N LYS PA 282 34.49 -16.61 110.90
CA LYS PA 282 34.18 -15.22 111.18
C LYS PA 282 34.76 -14.81 112.53
N ILE PA 283 35.42 -13.65 112.56
CA ILE PA 283 35.88 -13.07 113.84
C ILE PA 283 34.69 -12.54 114.61
N ARG PA 284 34.43 -13.17 115.75
CA ARG PA 284 33.24 -12.89 116.56
C ARG PA 284 33.55 -11.88 117.67
N SER PA 285 32.80 -10.77 117.70
CA SER PA 285 33.02 -9.73 118.71
C SER PA 285 31.85 -8.79 118.84
N PRO PA 286 31.62 -8.30 120.06
CA PRO PA 286 30.56 -7.35 120.37
C PRO PA 286 30.70 -6.09 119.54
N TYR PA 287 31.91 -5.84 119.05
CA TYR PA 287 32.20 -4.64 118.25
C TYR PA 287 32.48 -4.98 116.80
N HIS PA 288 32.36 -6.27 116.50
CA HIS PA 288 32.58 -6.80 115.15
C HIS PA 288 34.06 -6.76 114.76
N ARG PA 289 34.87 -6.14 115.61
CA ARG PA 289 36.31 -6.09 115.42
C ARG PA 289 37.00 -6.45 116.73
N THR PA 290 38.21 -7.01 116.65
CA THR PA 290 39.06 -7.17 117.83
C THR PA 290 40.25 -6.21 117.72
N PRO PA 291 40.69 -5.66 118.86
CA PRO PA 291 41.78 -4.69 118.83
C PRO PA 291 43.09 -5.32 118.38
N ALA PA 292 43.90 -4.50 117.71
CA ALA PA 292 45.19 -4.91 117.15
C ALA PA 292 46.25 -5.24 118.21
N ARG PA 293 46.27 -4.47 119.30
CA ARG PA 293 47.19 -4.74 120.40
C ARG PA 293 46.50 -4.67 121.77
N LEU PA 294 47.17 -5.16 122.80
CA LEU PA 294 46.61 -5.13 124.14
C LEU PA 294 46.99 -3.88 124.94
N LEU PA 295 46.10 -3.49 125.85
CA LEU PA 295 46.44 -2.48 126.84
C LEU PA 295 46.93 -3.21 128.08
N ALA PA 296 47.46 -2.44 129.02
CA ALA PA 296 48.06 -3.02 130.22
C ALA PA 296 47.07 -3.88 131.01
N GLY PA 297 47.45 -5.12 131.31
CA GLY PA 297 46.63 -5.98 132.13
C GLY PA 297 45.49 -6.66 131.40
N GLN PA 298 45.44 -6.49 130.09
CA GLN PA 298 44.51 -7.26 129.27
C GLN PA 298 45.21 -8.52 128.77
N SER PA 299 44.45 -9.58 128.62
CA SER PA 299 44.95 -10.85 128.10
C SER PA 299 44.38 -11.04 126.71
N GLN PA 300 45.09 -11.79 125.86
CA GLN PA 300 44.60 -12.00 124.50
C GLN PA 300 43.22 -12.69 124.46
N ARG PA 301 42.90 -13.45 125.51
CA ARG PA 301 41.66 -14.23 125.54
C ARG PA 301 40.47 -13.39 126.00
N ASP PA 302 40.76 -12.18 126.46
CA ASP PA 302 39.73 -11.19 126.78
C ASP PA 302 39.10 -10.67 125.51
N MET PA 303 39.80 -10.80 124.39
CA MET PA 303 39.26 -10.32 123.11
C MET PA 303 38.74 -11.48 122.26
N SER PA 304 38.84 -11.30 120.94
CA SER PA 304 38.43 -12.34 119.99
C SER PA 304 39.54 -13.40 119.81
N SER PA 305 39.17 -14.68 119.87
CA SER PA 305 40.11 -15.76 119.69
C SER PA 305 39.58 -16.76 118.70
N LEU PA 306 40.49 -17.52 118.11
CA LEU PA 306 40.16 -18.60 117.20
C LEU PA 306 40.30 -19.90 117.99
N ASN PA 307 39.16 -20.53 118.33
CA ASN PA 307 39.16 -21.70 119.23
C ASN PA 307 39.06 -23.07 118.57
N PHE PA 308 39.94 -23.98 118.97
CA PHE PA 308 39.96 -25.30 118.37
C PHE PA 308 39.49 -26.30 119.39
N TYR PA 309 38.28 -26.81 119.16
CA TYR PA 309 37.64 -27.78 120.07
C TYR PA 309 37.77 -29.19 119.52
N ALA PA 310 38.49 -30.06 120.22
CA ALA PA 310 38.51 -31.46 119.87
C ALA PA 310 37.19 -32.09 120.31
N ILE PA 311 36.32 -32.45 119.37
CA ILE PA 311 35.01 -33.01 119.72
C ILE PA 311 34.93 -34.54 119.51
N ALA PA 312 35.89 -35.10 118.78
CA ALA PA 312 35.99 -36.55 118.69
C ALA PA 312 37.46 -36.92 118.52
N GLY PA 313 38.03 -37.57 119.54
CA GLY PA 313 39.46 -37.83 119.53
C GLY PA 313 40.28 -36.69 120.17
N PRO PA 314 41.59 -36.68 119.89
CA PRO PA 314 42.28 -37.59 118.98
C PRO PA 314 42.28 -39.06 119.45
N ILE PA 315 42.36 -39.98 118.49
CA ILE PA 315 42.52 -41.39 118.81
C ILE PA 315 43.76 -41.93 118.12
N ALA PA 316 44.34 -42.97 118.70
CA ALA PA 316 45.46 -43.66 118.10
C ALA PA 316 45.45 -45.05 118.65
N PRO PA 317 46.17 -45.98 118.00
CA PRO PA 317 46.27 -47.36 118.49
C PRO PA 317 47.10 -47.39 119.77
N SER PA 318 46.94 -48.40 120.62
CA SER PA 318 47.85 -48.49 121.76
C SER PA 318 49.16 -49.08 121.25
N GLY PA 319 50.27 -48.73 121.89
CA GLY PA 319 50.31 -47.74 122.93
C GLY PA 319 51.12 -46.58 122.39
N GLU PA 320 50.41 -45.69 121.71
CA GLU PA 320 51.01 -44.44 121.29
C GLU PA 320 50.86 -43.44 122.43
N THR PA 321 51.77 -42.48 122.52
CA THR PA 321 51.75 -41.58 123.65
C THR PA 321 51.86 -40.13 123.21
N ALA PA 322 52.43 -39.95 122.02
CA ALA PA 322 52.61 -38.61 121.43
C ALA PA 322 51.32 -37.82 121.38
N GLN PA 323 51.42 -36.52 121.59
CA GLN PA 323 50.27 -35.66 121.40
C GLN PA 323 50.03 -35.45 119.89
N LEU PA 324 48.81 -35.06 119.51
CA LEU PA 324 48.51 -34.80 118.11
C LEU PA 324 48.62 -33.30 117.87
N PRO PA 325 49.60 -32.90 117.03
CA PRO PA 325 49.83 -31.47 116.75
C PRO PA 325 49.02 -30.93 115.57
N ILE PA 326 48.51 -29.71 115.73
CA ILE PA 326 47.81 -28.97 114.69
C ILE PA 326 48.65 -27.73 114.37
N VAL PA 327 49.02 -27.54 113.11
CA VAL PA 327 49.71 -26.30 112.73
C VAL PA 327 48.76 -25.43 111.95
N VAL PA 328 48.52 -24.22 112.44
CA VAL PA 328 47.61 -23.28 111.77
C VAL PA 328 48.34 -22.19 110.99
N GLN PA 329 47.93 -21.97 109.74
CA GLN PA 329 48.44 -20.86 108.94
C GLN PA 329 47.32 -19.89 108.62
N ILE PA 330 47.56 -18.60 108.84
CA ILE PA 330 46.57 -17.57 108.55
C ILE PA 330 46.96 -16.82 107.29
N ASP PA 331 46.09 -16.86 106.29
CA ASP PA 331 46.43 -16.36 104.95
C ASP PA 331 45.94 -14.96 104.76
N GLU PA 332 44.70 -14.69 105.15
CA GLU PA 332 44.21 -13.33 105.08
C GLU PA 332 42.96 -13.12 105.89
N ILE PA 333 42.63 -11.85 106.09
CA ILE PA 333 41.32 -11.47 106.58
C ILE PA 333 40.48 -11.11 105.36
N VAL PA 334 39.53 -11.98 105.03
CA VAL PA 334 38.68 -11.75 103.87
C VAL PA 334 37.45 -10.95 104.29
N ARG PA 335 36.93 -10.13 103.38
CA ARG PA 335 35.79 -9.28 103.68
C ARG PA 335 36.09 -8.52 104.96
N PRO PA 336 37.18 -7.75 104.95
CA PRO PA 336 37.74 -7.15 106.17
C PRO PA 336 36.94 -5.95 106.64
N ASP PA 337 36.77 -5.84 107.95
CA ASP PA 337 36.18 -4.65 108.55
C ASP PA 337 37.28 -4.01 109.36
N LEU PA 338 38.03 -3.10 108.74
CA LEU PA 338 39.17 -2.52 109.44
C LEU PA 338 38.82 -1.29 110.27
N SER PA 339 39.60 -1.03 111.30
CA SER PA 339 39.54 0.22 112.04
C SER PA 339 40.29 1.30 111.29
N LEU PA 340 40.29 2.50 111.86
CA LEU PA 340 41.16 3.54 111.37
C LEU PA 340 42.59 3.03 111.40
N PRO PA 341 43.43 3.56 110.50
CA PRO PA 341 44.87 3.33 110.68
C PRO PA 341 45.28 3.85 112.07
N SER PA 342 46.23 3.21 112.72
CA SER PA 342 46.71 3.71 114.01
C SER PA 342 47.54 4.99 113.88
N PHE PA 343 48.23 5.15 112.75
CA PHE PA 343 48.95 6.40 112.50
C PHE PA 343 48.46 7.09 111.23
N GLU PA 344 48.55 8.42 111.23
CA GLU PA 344 48.22 9.20 110.05
C GLU PA 344 49.51 9.53 109.31
N ASP PA 345 49.40 10.24 108.18
CA ASP PA 345 50.61 10.60 107.43
C ASP PA 345 51.20 11.82 108.09
N ASP PA 346 51.88 11.58 109.20
CA ASP PA 346 52.31 12.63 110.09
C ASP PA 346 53.69 12.29 110.60
N TYR PA 347 54.25 13.20 111.38
CA TYR PA 347 55.48 12.96 112.11
C TYR PA 347 55.24 11.96 113.24
N PHE PA 348 56.32 11.34 113.70
CA PHE PA 348 56.28 10.50 114.90
C PHE PA 348 57.64 10.60 115.58
N VAL PA 349 57.70 10.17 116.83
CA VAL PA 349 58.90 10.39 117.61
C VAL PA 349 60.03 9.43 117.23
N TRP PA 350 61.19 10.01 116.93
CA TRP PA 350 62.39 9.22 116.70
C TRP PA 350 63.17 9.08 118.03
N VAL PA 351 63.54 10.21 118.62
CA VAL PA 351 64.32 10.18 119.84
C VAL PA 351 64.16 11.46 120.67
N ASP PA 352 64.22 11.31 121.99
CA ASP PA 352 64.32 12.45 122.92
C ASP PA 352 65.68 12.42 123.61
N PHE PA 353 66.39 13.54 123.57
CA PHE PA 353 67.61 13.71 124.37
C PHE PA 353 67.32 14.63 125.57
N SER PA 354 67.78 14.22 126.75
CA SER PA 354 67.48 14.96 127.97
C SER PA 354 68.60 14.77 128.99
N GLU PA 355 68.52 15.51 130.09
CA GLU PA 355 69.45 15.32 131.20
C GLU PA 355 70.92 15.43 130.72
N PHE PA 356 71.24 16.51 130.04
CA PHE PA 356 72.59 16.71 129.56
C PHE PA 356 73.53 17.01 130.70
N THR PA 357 74.72 16.41 130.68
CA THR PA 357 75.70 16.63 131.73
C THR PA 357 76.83 17.55 131.29
N LEU PA 358 77.05 17.63 129.98
CA LEU PA 358 78.04 18.53 129.43
C LEU PA 358 77.39 19.57 128.57
N ASP PA 359 77.91 20.80 128.57
CA ASP PA 359 77.43 21.86 127.70
C ASP PA 359 77.77 21.57 126.23
N LYS PA 360 78.93 20.99 125.96
CA LYS PA 360 79.28 20.58 124.60
C LYS PA 360 78.83 19.13 124.37
N GLU PA 361 77.89 18.97 123.46
CA GLU PA 361 77.38 17.64 123.12
C GLU PA 361 77.27 17.54 121.60
N GLU PA 362 77.70 16.41 121.02
CA GLU PA 362 77.60 16.24 119.57
C GLU PA 362 77.08 14.86 119.22
N ILE PA 363 75.87 14.83 118.69
CA ILE PA 363 75.19 13.59 118.34
C ILE PA 363 75.37 13.27 116.85
N GLU PA 364 76.16 12.23 116.55
CA GLU PA 364 76.37 11.83 115.16
C GLU PA 364 75.24 10.95 114.66
N ILE PA 365 74.69 11.32 113.51
CA ILE PA 365 73.61 10.57 112.89
C ILE PA 365 74.11 9.90 111.60
N GLY PA 366 74.83 10.67 110.79
CA GLY PA 366 75.40 10.18 109.55
C GLY PA 366 74.34 10.03 108.48
N SER PA 367 74.16 8.79 108.03
CA SER PA 367 73.11 8.51 107.06
C SER PA 367 72.18 7.41 107.55
N ARG PA 368 72.13 7.18 108.87
CA ARG PA 368 71.38 6.04 109.41
C ARG PA 368 70.16 6.45 110.22
N PHE PA 369 69.17 5.59 110.24
CA PHE PA 369 68.09 5.68 111.22
C PHE PA 369 68.29 4.53 112.19
N PHE PA 370 68.54 4.83 113.46
CA PHE PA 370 68.97 3.81 114.41
C PHE PA 370 68.76 4.20 115.87
N ASP PA 371 69.14 3.30 116.78
CA ASP PA 371 69.06 3.58 118.22
C ASP PA 371 70.33 4.26 118.74
N PHE PA 372 70.15 5.42 119.37
CA PHE PA 372 71.25 6.18 119.94
C PHE PA 372 71.68 5.65 121.31
N THR PA 373 72.93 5.91 121.67
CA THR PA 373 73.40 5.70 123.03
C THR PA 373 74.30 6.88 123.42
N SER PA 374 74.30 7.22 124.70
CA SER PA 374 75.16 8.30 125.17
C SER PA 374 75.60 8.05 126.61
N ASN PA 375 76.84 8.44 126.90
CA ASN PA 375 77.38 8.39 128.24
C ASN PA 375 77.18 9.71 128.95
N THR PA 376 76.85 10.73 128.18
CA THR PA 376 76.82 12.08 128.69
C THR PA 376 75.41 12.66 128.77
N CYS PA 377 74.43 11.91 128.24
CA CYS PA 377 73.03 12.33 128.34
C CYS PA 377 72.07 11.17 128.22
N ARG PA 378 70.80 11.44 128.51
CA ARG PA 378 69.77 10.39 128.51
C ARG PA 378 69.10 10.29 127.16
N VAL PA 379 69.20 9.10 126.57
CA VAL PA 379 68.53 8.84 125.30
C VAL PA 379 67.23 8.08 125.53
N SER PA 380 66.13 8.58 124.97
CA SER PA 380 64.85 7.86 125.01
C SER PA 380 64.38 7.61 123.59
N MET PA 381 64.41 6.35 123.16
CA MET PA 381 64.04 6.05 121.79
C MET PA 381 62.52 5.89 121.59
N GLY PA 382 62.02 6.28 120.43
CA GLY PA 382 60.62 6.09 120.13
C GLY PA 382 60.36 4.67 119.67
N GLU PA 383 59.19 4.13 120.02
CA GLU PA 383 58.74 2.85 119.48
C GLU PA 383 57.45 3.05 118.65
N ASN PA 384 57.53 2.75 117.36
CA ASN PA 384 56.39 2.85 116.45
C ASN PA 384 56.57 1.91 115.26
N PRO PA 385 55.51 1.75 114.45
CA PRO PA 385 55.61 0.80 113.33
C PRO PA 385 56.78 1.07 112.40
N PHE PA 386 57.07 2.35 112.12
CA PHE PA 386 58.17 2.63 111.21
C PHE PA 386 59.49 2.02 111.72
N ALA PA 387 59.77 2.24 113.01
CA ALA PA 387 60.98 1.71 113.60
C ALA PA 387 61.02 0.19 113.52
N ALA PA 388 59.87 -0.46 113.74
CA ALA PA 388 59.78 -1.92 113.62
C ALA PA 388 60.03 -2.35 112.18
N MET PA 389 59.49 -1.61 111.23
CA MET PA 389 59.72 -1.96 109.83
C MET PA 389 61.19 -1.86 109.49
N ILE PA 390 61.89 -0.89 110.06
CA ILE PA 390 63.32 -0.76 109.84
C ILE PA 390 64.06 -2.00 110.36
N ALA PA 391 63.56 -2.50 111.50
CA ALA PA 391 64.13 -3.64 112.20
C ALA PA 391 63.79 -4.98 111.55
N CYS PA 392 62.69 -5.00 110.81
CA CYS PA 392 62.20 -6.25 110.24
C CYS PA 392 62.53 -6.41 108.76
N HIS PA 393 63.47 -5.60 108.27
CA HIS PA 393 63.95 -5.80 106.93
C HIS PA 393 65.46 -5.76 106.91
N GLY PA 394 66.04 -6.46 105.95
CA GLY PA 394 67.49 -6.52 105.81
C GLY PA 394 68.07 -5.19 105.38
N LEU PA 395 67.42 -4.53 104.41
CA LEU PA 395 67.87 -3.23 103.90
C LEU PA 395 66.71 -2.25 103.83
N HIS PA 396 67.02 -0.95 103.91
CA HIS PA 396 66.01 0.08 103.71
C HIS PA 396 66.66 1.29 103.04
N SER PA 397 65.83 2.19 102.51
CA SER PA 397 66.33 3.43 101.91
C SER PA 397 65.21 4.45 101.72
N GLY PA 398 65.51 5.72 101.99
CA GLY PA 398 64.52 6.75 101.81
C GLY PA 398 64.97 8.07 102.38
N VAL PA 399 64.04 9.02 102.46
CA VAL PA 399 64.35 10.31 103.03
C VAL PA 399 63.40 10.62 104.18
N LEU PA 400 63.97 11.08 105.30
CA LEU PA 400 63.16 11.47 106.45
C LEU PA 400 63.15 12.97 106.61
N ASP PA 401 61.96 13.53 106.77
CA ASP PA 401 61.86 14.93 107.16
C ASP PA 401 61.93 14.99 108.67
N LEU PA 402 62.77 15.86 109.22
CA LEU PA 402 62.92 15.98 110.65
C LEU PA 402 62.34 17.29 111.19
N LYS PA 403 61.68 17.21 112.33
CA LYS PA 403 61.32 18.37 113.12
C LYS PA 403 62.09 18.25 114.43
N LEU PA 404 62.82 19.30 114.79
CA LEU PA 404 63.47 19.36 116.09
C LEU PA 404 62.71 20.35 116.96
N GLN PA 405 62.42 19.94 118.20
CA GLN PA 405 61.80 20.82 119.19
C GLN PA 405 62.57 20.75 120.49
N TRP PA 406 62.68 21.88 121.19
CA TRP PA 406 63.35 21.87 122.49
C TRP PA 406 62.79 22.91 123.45
N SER PA 407 62.87 22.59 124.74
CA SER PA 407 62.45 23.52 125.80
C SER PA 407 63.68 23.89 126.64
N LEU PA 408 63.64 25.06 127.27
CA LEU PA 408 64.80 25.52 128.05
C LEU PA 408 64.84 25.04 129.51
N ASN PA 409 66.06 24.83 130.01
CA ASN PA 409 66.28 24.44 131.39
C ASN PA 409 66.61 25.65 132.25
N THR PA 410 67.29 26.62 131.66
CA THR PA 410 67.61 27.88 132.33
C THR PA 410 66.57 28.96 132.01
N GLU PA 411 66.73 30.14 132.60
CA GLU PA 411 65.83 31.27 132.32
C GLU PA 411 66.01 31.76 130.87
N PHE PA 412 64.89 32.02 130.20
CA PHE PA 412 64.92 32.42 128.80
C PHE PA 412 65.83 33.62 128.58
N GLY PA 413 65.78 34.58 129.48
CA GLY PA 413 66.53 35.80 129.31
C GLY PA 413 68.02 35.60 129.43
N LYS PA 414 68.43 34.46 129.99
CA LYS PA 414 69.85 34.17 130.18
C LYS PA 414 70.40 33.29 129.06
N SER PA 415 69.51 32.78 128.23
CA SER PA 415 69.86 31.80 127.21
C SER PA 415 70.86 32.33 126.15
N SER PA 416 71.69 31.43 125.66
CA SER PA 416 72.59 31.74 124.55
C SER PA 416 72.91 30.44 123.80
N GLY PA 417 73.61 30.56 122.68
CA GLY PA 417 74.01 29.37 121.94
C GLY PA 417 72.97 28.89 120.95
N SER PA 418 73.12 27.62 120.53
CA SER PA 418 72.41 27.10 119.37
C SER PA 418 72.25 25.59 119.36
N VAL PA 419 71.23 25.14 118.63
CA VAL PA 419 71.17 23.77 118.12
C VAL PA 419 71.68 23.88 116.69
N THR PA 420 72.81 23.26 116.40
CA THR PA 420 73.37 23.33 115.05
C THR PA 420 73.25 21.99 114.34
N ILE PA 421 72.77 22.02 113.09
CA ILE PA 421 72.72 20.81 112.28
C ILE PA 421 73.85 20.84 111.27
N THR PA 422 74.86 20.00 111.48
CA THR PA 422 75.93 19.87 110.51
C THR PA 422 75.51 18.91 109.39
N LYS PA 423 75.59 19.37 108.14
CA LYS PA 423 75.28 18.53 106.98
C LYS PA 423 76.49 18.44 106.06
N LEU PA 424 77.03 17.24 105.92
CA LEU PA 424 78.20 17.04 105.09
C LEU PA 424 77.92 16.01 104.01
N VAL PA 425 78.85 15.92 103.06
CA VAL PA 425 78.93 14.77 102.17
C VAL PA 425 80.31 14.14 102.35
N GLY PA 426 80.33 12.92 102.87
CA GLY PA 426 81.58 12.29 103.21
C GLY PA 426 81.59 11.93 104.68
N ASP PA 427 82.54 12.51 105.41
CA ASP PA 427 82.64 12.31 106.85
C ASP PA 427 83.20 13.56 107.51
N LYS PA 428 83.25 13.57 108.83
CA LYS PA 428 83.69 14.74 109.56
C LYS PA 428 85.08 15.15 109.08
N ALA PA 429 85.91 14.18 108.70
CA ALA PA 429 87.32 14.45 108.39
C ALA PA 429 87.64 15.05 107.01
N MET PA 430 86.96 14.57 105.97
CA MET PA 430 87.29 14.95 104.60
C MET PA 430 86.07 15.33 103.80
N GLY PA 431 84.94 15.52 104.46
CA GLY PA 431 83.68 15.82 103.78
C GLY PA 431 83.50 17.20 103.15
N LEU PA 432 82.45 17.30 102.33
CA LEU PA 432 82.07 18.55 101.69
C LEU PA 432 80.93 19.17 102.48
N ASP PA 433 80.79 20.48 102.41
CA ASP PA 433 79.80 21.20 103.21
C ASP PA 433 78.49 21.40 102.50
N GLY PA 434 77.43 20.82 103.06
CA GLY PA 434 76.09 20.94 102.53
C GLY PA 434 75.26 22.01 103.21
N PRO PA 435 73.95 21.76 103.33
CA PRO PA 435 72.99 22.69 103.96
C PRO PA 435 73.02 22.59 105.49
N SER PA 436 74.21 22.79 106.07
CA SER PA 436 74.38 22.92 107.52
C SER PA 436 73.57 24.14 107.97
N HIS PA 437 73.19 24.16 109.24
CA HIS PA 437 72.14 25.05 109.64
C HIS PA 437 72.29 25.41 111.12
N VAL PA 438 72.29 26.70 111.44
CA VAL PA 438 72.45 27.15 112.82
C VAL PA 438 71.13 27.69 113.35
N PHE PA 439 70.54 26.97 114.30
CA PHE PA 439 69.33 27.44 114.97
C PHE PA 439 69.71 28.08 116.30
N ALA PA 440 69.61 29.40 116.38
CA ALA PA 440 69.81 30.04 117.67
C ALA PA 440 68.91 29.34 118.69
N ILE PA 441 69.41 29.08 119.89
CA ILE PA 441 68.63 28.32 120.87
C ILE PA 441 67.24 28.93 121.12
N GLN PA 442 67.12 30.25 120.95
CA GLN PA 442 65.84 30.93 121.19
C GLN PA 442 64.74 30.60 120.18
N LYS PA 443 65.11 30.01 119.03
CA LYS PA 443 64.11 29.59 118.04
C LYS PA 443 63.24 28.49 118.62
N LEU PA 444 63.84 27.65 119.45
CA LEU PA 444 63.10 26.60 120.17
C LEU PA 444 62.55 25.48 119.27
N GLU PA 445 62.85 25.58 117.97
CA GLU PA 445 62.52 24.53 117.01
C GLU PA 445 63.26 24.73 115.69
N GLY PA 446 63.37 23.65 114.92
CA GLY PA 446 64.00 23.73 113.61
C GLY PA 446 63.68 22.52 112.76
N THR PA 447 63.89 22.61 111.45
CA THR PA 447 63.61 21.49 110.54
C THR PA 447 64.78 21.15 109.64
N THR PA 448 64.84 19.90 109.20
CA THR PA 448 65.87 19.47 108.26
C THR PA 448 65.48 18.16 107.59
N GLU PA 449 66.13 17.82 106.50
CA GLU PA 449 65.91 16.52 105.87
C GLU PA 449 67.08 15.62 106.21
N LEU PA 450 66.84 14.32 106.25
CA LEU PA 450 67.93 13.36 106.42
C LEU PA 450 67.86 12.26 105.37
N LEU PA 451 68.96 12.09 104.61
CA LEU PA 451 69.00 10.98 103.65
C LEU PA 451 69.39 9.72 104.40
N VAL PA 452 68.50 8.73 104.39
CA VAL PA 452 68.80 7.41 104.94
C VAL PA 452 69.15 6.48 103.77
N GLY PA 453 70.45 6.32 103.54
CA GLY PA 453 70.94 5.60 102.37
C GLY PA 453 72.40 5.94 102.11
N ASN PA 454 72.87 5.64 100.91
CA ASN PA 454 74.28 5.83 100.58
C ASN PA 454 74.51 5.53 99.11
N PHE PA 455 75.74 5.72 98.64
CA PHE PA 455 76.06 5.51 97.22
C PHE PA 455 75.61 4.14 96.68
N ALA PA 456 75.62 3.11 97.52
CA ALA PA 456 75.21 1.78 97.07
C ALA PA 456 73.71 1.67 96.87
N GLY PA 457 72.94 2.41 97.67
CA GLY PA 457 71.51 2.52 97.48
C GLY PA 457 70.60 2.18 98.65
N ALA PA 458 71.15 1.59 99.71
CA ALA PA 458 70.35 1.13 100.84
C ALA PA 458 71.21 0.86 102.06
N ASN PA 459 70.59 0.90 103.24
CA ASN PA 459 71.31 0.67 104.48
C ASN PA 459 70.89 -0.65 105.08
N PRO PA 460 71.87 -1.41 105.60
CA PRO PA 460 71.60 -2.57 106.45
C PRO PA 460 71.18 -2.08 107.82
N ASN PA 461 70.61 -2.97 108.64
CA ASN PA 461 70.17 -2.56 109.96
C ASN PA 461 71.27 -2.80 110.99
N THR PA 462 72.50 -2.47 110.59
CA THR PA 462 73.67 -2.61 111.43
C THR PA 462 74.57 -1.40 111.17
N ARG PA 463 75.72 -1.36 111.84
CA ARG PA 463 76.69 -0.32 111.53
C ARG PA 463 77.40 -0.76 110.26
N PHE PA 464 77.72 0.21 109.39
CA PHE PA 464 78.34 -0.05 108.11
C PHE PA 464 79.09 1.22 107.74
N SER PA 465 80.02 1.14 106.80
CA SER PA 465 80.73 2.33 106.36
C SER PA 465 80.65 2.47 104.86
N LEU PA 466 79.70 3.26 104.36
CA LEU PA 466 79.58 3.48 102.92
C LEU PA 466 79.38 4.96 102.62
N TYR PA 467 80.25 5.53 101.79
CA TYR PA 467 80.19 6.95 101.41
C TYR PA 467 78.76 7.46 101.18
N SER PA 468 78.39 8.52 101.91
CA SER PA 468 77.06 9.09 101.77
C SER PA 468 77.05 10.48 102.33
N ARG PA 469 75.87 11.09 102.38
CA ARG PA 469 75.67 12.33 103.12
C ARG PA 469 75.80 12.00 104.61
N TRP PA 470 76.12 13.03 105.39
CA TRP PA 470 76.46 12.85 106.80
C TRP PA 470 75.88 13.98 107.64
N MET PA 471 75.18 13.61 108.71
CA MET PA 471 74.51 14.59 109.55
C MET PA 471 74.89 14.46 111.03
N ALA PA 472 74.97 15.61 111.70
CA ALA PA 472 75.22 15.62 113.13
C ALA PA 472 74.48 16.76 113.80
N ILE PA 473 74.07 16.56 115.05
CA ILE PA 473 73.47 17.64 115.82
C ILE PA 473 74.52 18.08 116.82
N LYS PA 474 74.79 19.39 116.86
CA LYS PA 474 75.79 19.98 117.75
C LYS PA 474 75.18 20.98 118.76
N LEU PA 475 75.22 20.60 120.03
CA LEU PA 475 74.82 21.48 121.13
C LEU PA 475 76.04 22.18 121.76
N ASP PA 476 75.94 23.48 122.00
CA ASP PA 476 77.03 24.21 122.69
C ASP PA 476 76.66 24.67 124.09
N GLN PA 477 75.37 24.61 124.39
CA GLN PA 477 74.85 25.04 125.68
C GLN PA 477 73.83 24.02 126.13
N ALA PA 478 74.20 22.74 126.01
CA ALA PA 478 73.27 21.63 126.21
C ALA PA 478 72.62 21.60 127.59
N LYS PA 479 73.36 22.07 128.60
CA LYS PA 479 72.81 22.10 129.95
C LYS PA 479 71.65 23.08 130.06
N SER PA 480 71.50 23.96 129.08
CA SER PA 480 70.40 24.91 129.06
C SER PA 480 69.17 24.33 128.41
N ILE PA 481 69.25 23.06 127.99
CA ILE PA 481 68.13 22.41 127.32
C ILE PA 481 67.52 21.36 128.21
N LYS PA 482 66.21 21.45 128.46
CA LYS PA 482 65.54 20.44 129.28
C LYS PA 482 65.26 19.16 128.47
N VAL PA 483 64.89 19.34 127.20
CA VAL PA 483 64.67 18.24 126.28
C VAL PA 483 64.86 18.67 124.82
N LEU PA 484 65.53 17.81 124.05
CA LEU PA 484 65.62 17.98 122.62
C LEU PA 484 64.86 16.81 122.00
N ARG PA 485 63.73 17.08 121.35
CA ARG PA 485 62.95 16.04 120.71
C ARG PA 485 63.13 16.04 119.21
N VAL PA 486 63.36 14.86 118.64
CA VAL PA 486 63.48 14.71 117.18
C VAL PA 486 62.33 13.87 116.62
N LEU PA 487 61.46 14.50 115.82
CA LEU PA 487 60.39 13.78 115.13
C LEU PA 487 60.78 13.60 113.68
N CYS PA 488 60.29 12.53 113.07
CA CYS PA 488 60.53 12.32 111.65
C CYS PA 488 59.24 11.89 110.94
N LYS PA 489 59.21 12.12 109.62
CA LYS PA 489 58.08 11.80 108.74
C LYS PA 489 58.65 11.39 107.40
N PRO PA 490 58.59 10.07 107.10
CA PRO PA 490 59.21 9.53 105.89
C PRO PA 490 58.55 10.10 104.66
N ARG PA 491 59.37 10.55 103.71
CA ARG PA 491 58.89 10.98 102.40
C ARG PA 491 58.44 9.77 101.60
N PRO PA 492 57.40 9.98 100.79
CA PRO PA 492 56.77 8.90 100.03
C PRO PA 492 57.82 8.13 99.29
N GLY PA 493 57.68 6.80 99.30
CA GLY PA 493 58.61 5.92 98.60
C GLY PA 493 59.74 5.43 99.48
N PHE PA 494 59.59 5.54 100.79
CA PHE PA 494 60.58 4.98 101.70
C PHE PA 494 60.52 3.46 101.58
N SER PA 495 61.65 2.85 101.24
CA SER PA 495 61.63 1.46 100.79
C SER PA 495 62.31 0.46 101.71
N PHE PA 496 61.73 -0.73 101.78
CA PHE PA 496 62.29 -1.81 102.59
C PHE PA 496 62.53 -3.03 101.72
N TYR PA 497 63.65 -3.71 101.96
CA TYR PA 497 64.06 -4.87 101.18
C TYR PA 497 64.29 -6.10 102.05
N GLY PA 498 63.71 -7.22 101.64
CA GLY PA 498 63.94 -8.51 102.31
C GLY PA 498 63.37 -8.67 103.71
N ARG PA 499 62.13 -9.12 103.80
CA ARG PA 499 61.49 -9.28 105.10
C ARG PA 499 62.22 -10.27 105.97
N THR PA 500 62.40 -9.90 107.24
CA THR PA 500 63.06 -10.75 108.22
C THR PA 500 62.54 -10.46 109.64
N SER PA 501 63.31 -10.86 110.65
CA SER PA 501 62.89 -10.59 112.04
C SER PA 501 64.03 -10.01 112.88
N PHE PA 502 63.71 -9.66 114.13
CA PHE PA 502 64.64 -8.94 114.99
C PHE PA 502 64.39 -9.22 116.45
N PRO PA 503 65.10 -10.23 116.98
CA PRO PA 503 65.00 -10.58 118.39
C PRO PA 503 65.79 -9.64 119.28
N VAL PA 504 65.16 -9.13 120.33
CA VAL PA 504 65.86 -8.37 121.37
C VAL PA 504 65.49 -8.86 122.77
N GLY QA 1 93.80 32.12 57.49
CA GLY QA 1 95.19 32.17 57.11
C GLY QA 1 96.14 32.10 58.29
N LEU QA 2 97.42 31.98 58.02
CA LEU QA 2 98.39 31.94 59.09
C LEU QA 2 98.34 33.26 59.89
N ALA QA 3 98.12 33.13 61.20
CA ALA QA 3 97.86 34.29 62.04
C ALA QA 3 99.03 34.62 62.97
N GLY QA 4 99.73 33.57 63.37
CA GLY QA 4 100.90 33.72 64.23
C GLY QA 4 101.71 32.44 64.30
N ARG QA 5 102.92 32.53 64.84
CA ARG QA 5 103.78 31.37 64.90
C ARG QA 5 104.77 31.46 66.04
N GLY QA 6 105.45 30.36 66.30
CA GLY QA 6 106.38 30.27 67.40
C GLY QA 6 107.18 28.99 67.32
N VAL QA 7 108.20 28.87 68.16
CA VAL QA 7 109.11 27.74 68.06
C VAL QA 7 109.33 27.09 69.42
N ILE QA 8 109.24 25.76 69.46
CA ILE QA 8 109.53 25.03 70.69
C ILE QA 8 110.87 24.32 70.50
N TYR QA 9 111.78 24.47 71.47
CA TYR QA 9 113.04 23.76 71.36
C TYR QA 9 113.01 22.46 72.15
N ILE QA 10 113.34 21.39 71.44
CA ILE QA 10 113.45 20.06 72.00
C ILE QA 10 114.93 19.72 72.17
N PRO QA 11 115.34 19.40 73.40
CA PRO QA 11 116.70 18.90 73.68
C PRO QA 11 116.95 17.48 73.12
N LYS QA 12 118.21 17.16 72.82
CA LYS QA 12 118.51 15.85 72.27
C LYS QA 12 118.06 14.76 73.26
N ASP QA 13 118.10 15.10 74.55
CA ASP QA 13 117.56 14.20 75.57
C ASP QA 13 116.28 14.75 76.16
N CYS QA 14 115.18 14.47 75.48
CA CYS QA 14 113.87 14.88 75.94
C CYS QA 14 113.31 13.77 76.82
N GLN QA 15 113.38 13.98 78.13
CA GLN QA 15 113.04 12.97 79.14
C GLN QA 15 111.64 13.23 79.66
N ALA QA 16 110.96 12.20 80.17
CA ALA QA 16 109.62 12.42 80.75
C ALA QA 16 109.63 13.64 81.69
N ASN QA 17 108.60 14.47 81.56
CA ASN QA 17 108.43 15.65 82.42
C ASN QA 17 109.31 16.88 82.18
N ARG QA 18 110.11 16.91 81.10
CA ARG QA 18 110.80 18.15 80.74
C ARG QA 18 109.80 19.23 80.32
N TYR QA 19 109.99 20.44 80.85
CA TYR QA 19 109.26 21.59 80.36
C TYR QA 19 109.97 22.05 79.09
N LEU QA 20 109.22 22.26 78.00
CA LEU QA 20 109.83 22.60 76.71
C LEU QA 20 109.69 24.06 76.39
N GLY QA 21 108.63 24.67 76.90
CA GLY QA 21 108.44 26.10 76.72
C GLY QA 21 107.00 26.51 76.72
N THR QA 22 106.77 27.82 76.78
CA THR QA 22 105.43 28.36 76.71
C THR QA 22 105.34 29.40 75.61
N LEU QA 23 104.30 29.30 74.78
CA LEU QA 23 104.05 30.31 73.77
C LEU QA 23 102.88 31.14 74.24
N ASN QA 24 103.00 32.45 74.06
CA ASN QA 24 101.91 33.35 74.40
C ASN QA 24 101.05 33.61 73.17
N ILE QA 25 99.80 33.15 73.19
CA ILE QA 25 98.97 33.17 71.98
C ILE QA 25 98.87 34.56 71.38
N ARG QA 26 98.73 35.58 72.23
CA ARG QA 26 98.55 36.90 71.67
C ARG QA 26 99.87 37.43 71.11
N ASP QA 27 100.97 37.14 71.79
CA ASP QA 27 102.28 37.51 71.26
C ASP QA 27 102.61 36.80 69.93
N MET QA 28 102.19 35.54 69.78
CA MET QA 28 102.39 34.85 68.51
C MET QA 28 101.76 35.63 67.33
N ILE QA 29 100.58 36.17 67.57
CA ILE QA 29 99.86 36.91 66.55
C ILE QA 29 100.45 38.31 66.35
N SER QA 30 100.83 38.97 67.44
CA SER QA 30 101.33 40.34 67.34
C SER QA 30 102.78 40.44 66.87
N ASP QA 31 103.61 39.43 67.18
CA ASP QA 31 104.99 39.44 66.72
C ASP QA 31 105.05 39.15 65.23
N PHE QA 32 104.09 38.36 64.77
CA PHE QA 32 103.99 37.99 63.37
C PHE QA 32 103.54 39.22 62.55
N LYS QA 33 102.34 39.72 62.84
CA LYS QA 33 101.98 41.09 62.49
C LYS QA 33 101.97 41.43 60.99
N GLY QA 34 101.46 40.58 60.10
CA GLY QA 34 100.35 39.68 60.35
C GLY QA 34 99.16 40.31 59.63
N VAL QA 35 98.65 39.71 58.55
CA VAL QA 35 97.40 40.20 57.95
C VAL QA 35 96.27 40.06 58.95
N GLN QA 36 96.26 38.97 59.70
CA GLN QA 36 95.23 38.73 60.71
C GLN QA 36 95.38 39.68 61.90
N TYR QA 37 96.63 39.94 62.30
CA TYR QA 37 96.88 40.92 63.37
C TYR QA 37 96.32 42.28 63.03
N GLU QA 38 96.56 42.73 61.81
CA GLU QA 38 96.03 44.01 61.37
C GLU QA 38 94.49 44.03 61.27
N LYS QA 39 93.87 42.93 60.88
CA LYS QA 39 92.41 42.83 60.89
C LYS QA 39 91.90 42.96 62.33
N TRP QA 40 92.71 42.49 63.26
CA TRP QA 40 92.36 42.45 64.67
C TRP QA 40 92.26 43.87 65.23
N ILE QA 41 93.27 44.67 64.95
CA ILE QA 41 93.29 46.07 65.39
C ILE QA 41 92.00 46.80 65.03
N THR QA 42 91.45 46.48 63.87
CA THR QA 42 90.25 47.17 63.40
C THR QA 42 89.02 46.60 64.06
N ALA QA 43 89.02 45.30 64.29
CA ALA QA 43 87.89 44.65 64.93
C ALA QA 43 87.80 45.10 66.39
N GLY QA 44 88.96 45.26 67.03
CA GLY QA 44 89.01 45.50 68.45
C GLY QA 44 88.93 44.21 69.23
N LEU QA 45 87.76 43.57 69.19
CA LEU QA 45 87.51 42.30 69.87
C LEU QA 45 87.41 41.15 68.89
N VAL QA 46 88.07 40.04 69.19
CA VAL QA 46 87.95 38.82 68.37
C VAL QA 46 87.62 37.58 69.24
N MET QA 47 86.79 36.68 68.71
CA MET QA 47 86.50 35.40 69.39
C MET QA 47 86.87 34.22 68.52
N PRO QA 48 88.16 34.10 68.16
CA PRO QA 48 88.59 33.25 67.05
C PRO QA 48 88.20 31.79 67.19
N THR QA 49 88.13 31.11 66.06
CA THR QA 49 88.29 29.66 66.07
C THR QA 49 89.65 29.38 65.46
N PHE QA 50 90.59 28.95 66.29
CA PHE QA 50 91.96 28.68 65.84
C PHE QA 50 92.12 27.25 65.37
N LYS QA 51 92.96 27.06 64.35
CA LYS QA 51 93.50 25.75 64.05
C LYS QA 51 94.94 25.84 64.48
N ILE QA 52 95.33 25.02 65.44
CA ILE QA 52 96.71 24.99 65.84
C ILE QA 52 97.40 23.86 65.11
N VAL QA 53 98.55 24.15 64.54
CA VAL QA 53 99.31 23.13 63.84
C VAL QA 53 100.72 23.07 64.39
N ILE QA 54 101.13 21.89 64.83
CA ILE QA 54 102.51 21.70 65.29
C ILE QA 54 103.27 20.91 64.25
N ARG QA 55 104.28 21.56 63.66
CA ARG QA 55 105.11 20.89 62.67
C ARG QA 55 106.37 20.27 63.26
N LEU QA 56 106.60 19.03 62.85
CA LEU QA 56 107.15 18.03 63.73
C LEU QA 56 107.48 16.87 62.79
N PRO QA 57 108.75 16.49 62.73
CA PRO QA 57 109.10 15.37 61.85
C PRO QA 57 108.61 14.04 62.44
N ALA QA 58 107.76 13.33 61.71
CA ALA QA 58 107.28 12.02 62.19
C ALA QA 58 108.42 11.01 62.39
N ASN QA 59 108.36 10.29 63.50
CA ASN QA 59 109.37 9.29 63.77
C ASN QA 59 108.86 8.17 64.68
N ALA QA 60 108.98 6.93 64.23
CA ALA QA 60 108.45 5.81 65.00
C ALA QA 60 109.49 5.17 65.91
N PHE QA 61 110.67 5.77 65.99
CA PHE QA 61 111.78 5.13 66.68
C PHE QA 61 112.21 5.82 67.98
N THR QA 62 111.34 6.64 68.56
CA THR QA 62 111.72 7.42 69.72
C THR QA 62 110.88 7.11 70.95
N GLY QA 63 109.57 6.95 70.74
CA GLY QA 63 108.65 6.73 71.85
C GLY QA 63 108.18 8.04 72.49
N LEU QA 64 108.63 9.16 71.94
CA LEU QA 64 108.28 10.49 72.43
C LEU QA 64 106.80 10.81 72.32
N THR QA 65 106.22 11.30 73.41
CA THR QA 65 104.88 11.85 73.39
C THR QA 65 104.87 13.15 74.17
N TRP QA 66 104.31 14.20 73.60
CA TRP QA 66 104.29 15.52 74.23
C TRP QA 66 102.87 15.89 74.56
N VAL QA 67 102.71 16.91 75.40
CA VAL QA 67 101.39 17.44 75.69
C VAL QA 67 101.33 18.94 75.43
N MET QA 68 100.40 19.35 74.59
CA MET QA 68 100.11 20.78 74.47
C MET QA 68 98.97 21.10 75.41
N SER QA 69 99.18 22.04 76.33
CA SER QA 69 98.15 22.39 77.32
C SER QA 69 97.67 23.81 77.07
N PHE QA 70 96.38 23.96 76.88
CA PHE QA 70 95.78 25.28 76.66
C PHE QA 70 95.41 25.93 78.00
N ASP QA 71 96.23 26.88 78.40
CA ASP QA 71 96.06 27.51 79.71
C ASP QA 71 95.61 28.95 79.54
N ALA QA 72 94.34 29.16 79.24
CA ALA QA 72 93.92 30.51 78.86
C ALA QA 72 93.99 31.49 80.04
N TYR QA 73 93.99 30.95 81.25
CA TYR QA 73 93.92 31.82 82.42
C TYR QA 73 95.17 31.75 83.29
N ASN QA 74 96.24 31.25 82.69
CA ASN QA 74 97.55 31.25 83.33
C ASN QA 74 97.57 30.59 84.71
N ARG QA 75 96.98 29.40 84.81
CA ARG QA 75 96.78 28.77 86.11
C ARG QA 75 97.81 27.69 86.47
N ILE QA 76 98.54 27.15 85.49
CA ILE QA 76 99.56 26.15 85.82
C ILE QA 76 101.00 26.57 85.49
N THR QA 77 101.15 27.68 84.77
CA THR QA 77 102.47 28.15 84.35
C THR QA 77 103.54 28.12 85.44
N SER QA 78 103.24 28.74 86.57
CA SER QA 78 104.23 28.87 87.65
C SER QA 78 104.74 27.51 88.12
N ARG QA 79 103.85 26.52 88.10
CA ARG QA 79 104.17 25.22 88.68
C ARG QA 79 104.79 24.19 87.71
N ILE QA 80 105.13 24.59 86.49
CA ILE QA 80 105.73 23.65 85.54
C ILE QA 80 107.06 24.07 84.91
N THR QA 81 107.49 25.30 85.15
CA THR QA 81 108.67 25.85 84.46
C THR QA 81 109.98 25.14 84.81
N ALA QA 82 110.07 24.60 86.02
CA ALA QA 82 111.24 23.83 86.40
C ALA QA 82 111.11 22.42 85.88
N SER QA 83 109.91 21.87 86.08
CA SER QA 83 109.63 20.49 85.76
C SER QA 83 108.13 20.41 85.63
N ALA QA 84 107.65 19.62 84.68
CA ALA QA 84 106.22 19.57 84.46
C ALA QA 84 105.59 18.23 84.82
N ASP QA 85 104.99 18.16 86.01
CA ASP QA 85 104.22 16.99 86.41
C ASP QA 85 102.95 16.83 85.56
N PRO QA 86 102.73 15.61 85.05
CA PRO QA 86 101.51 15.38 84.25
C PRO QA 86 100.21 15.81 84.94
N VAL QA 87 100.14 15.75 86.27
CA VAL QA 87 98.92 16.16 86.94
C VAL QA 87 98.57 17.61 86.64
N TYR QA 88 99.59 18.47 86.52
CA TYR QA 88 99.35 19.87 86.14
C TYR QA 88 99.00 19.99 84.65
N THR QA 89 99.85 19.38 83.82
CA THR QA 89 99.70 19.57 82.38
C THR QA 89 98.41 18.99 81.83
N LEU QA 90 97.84 17.99 82.51
CA LEU QA 90 96.57 17.36 82.07
C LEU QA 90 95.30 17.91 82.76
N SER QA 91 95.49 18.90 83.64
CA SER QA 91 94.39 19.46 84.42
C SER QA 91 93.65 20.58 83.72
N VAL QA 92 94.18 21.00 82.56
CA VAL QA 92 93.53 21.99 81.70
C VAL QA 92 93.31 21.36 80.33
N PRO QA 93 92.49 22.00 79.47
CA PRO QA 93 92.34 21.40 78.15
C PRO QA 93 93.70 21.14 77.49
N HIS QA 94 93.82 19.96 76.86
CA HIS QA 94 95.11 19.51 76.37
C HIS QA 94 95.00 18.46 75.28
N TRP QA 95 96.11 18.21 74.59
CA TRP QA 95 96.14 17.28 73.48
C TRP QA 95 97.42 16.48 73.51
N LEU QA 96 97.33 15.19 73.22
CA LEU QA 96 98.52 14.36 73.15
C LEU QA 96 99.12 14.44 71.76
N ILE QA 97 100.43 14.65 71.72
CA ILE QA 97 101.13 14.74 70.46
C ILE QA 97 102.08 13.56 70.34
N HIS QA 98 101.72 12.59 69.51
CA HIS QA 98 102.57 11.42 69.33
C HIS QA 98 103.59 11.61 68.21
N HIS QA 99 104.84 11.26 68.52
CA HIS QA 99 105.91 11.51 67.58
C HIS QA 99 105.75 10.63 66.37
N LYS QA 100 105.17 9.45 66.54
CA LYS QA 100 104.99 8.55 65.40
C LYS QA 100 104.05 9.14 64.35
N LEU QA 101 103.15 10.02 64.76
CA LEU QA 101 102.15 10.58 63.85
C LEU QA 101 102.60 11.86 63.14
N GLY QA 102 103.76 12.36 63.52
CA GLY QA 102 104.27 13.58 62.90
C GLY QA 102 103.45 14.82 63.17
N THR QA 103 103.32 15.64 62.13
CA THR QA 103 102.66 16.93 62.24
C THR QA 103 101.25 16.79 62.83
N PHE QA 104 100.97 17.65 63.80
CA PHE QA 104 99.77 17.57 64.62
C PHE QA 104 98.88 18.78 64.41
N SER QA 105 97.57 18.55 64.47
CA SER QA 105 96.62 19.65 64.32
C SER QA 105 95.38 19.48 65.21
N CYS QA 106 94.82 20.59 65.66
CA CYS QA 106 93.55 20.58 66.41
C CYS QA 106 92.83 21.91 66.30
N GLU QA 107 91.57 21.92 66.70
CA GLU QA 107 90.80 23.16 66.71
C GLU QA 107 90.55 23.64 68.12
N ILE QA 108 90.61 24.94 68.30
CA ILE QA 108 90.34 25.54 69.57
C ILE QA 108 89.27 26.57 69.32
N ASP QA 109 88.05 26.29 69.75
CA ASP QA 109 86.99 27.29 69.72
C ASP QA 109 87.17 28.18 70.93
N TYR QA 110 87.79 29.34 70.73
CA TYR QA 110 88.15 30.22 71.83
C TYR QA 110 86.92 30.67 72.61
N GLY QA 111 85.77 30.65 71.95
CA GLY QA 111 84.51 30.88 72.63
C GLY QA 111 84.19 29.90 73.74
N GLU QA 112 84.46 28.61 73.49
CA GLU QA 112 84.23 27.58 74.48
C GLU QA 112 85.39 27.44 75.47
N LEU QA 113 86.55 27.04 74.96
CA LEU QA 113 87.70 26.77 75.81
C LEU QA 113 88.18 27.97 76.61
N CYS QA 114 87.85 29.17 76.14
CA CYS QA 114 88.26 30.36 76.89
C CYS QA 114 87.09 31.15 77.46
N GLY QA 115 86.19 31.63 76.61
CA GLY QA 115 84.99 32.30 77.09
C GLY QA 115 84.91 33.82 77.00
N HIS QA 116 86.04 34.50 76.98
CA HIS QA 116 86.01 35.95 76.77
C HIS QA 116 86.79 36.35 75.52
N ALA QA 117 86.33 37.42 74.87
CA ALA QA 117 86.94 37.89 73.63
C ALA QA 117 88.24 38.63 73.86
N MET QA 118 89.16 38.51 72.90
CA MET QA 118 90.50 39.12 73.00
C MET QA 118 90.57 40.57 72.50
N TRP QA 119 91.08 41.44 73.36
CA TRP QA 119 91.21 42.85 73.04
C TRP QA 119 92.58 43.12 72.42
N PHE QA 120 92.57 43.77 71.27
CA PHE QA 120 93.79 43.95 70.49
C PHE QA 120 94.96 44.62 71.23
N LYS QA 121 94.67 45.55 72.14
CA LYS QA 121 95.71 46.41 72.69
C LYS QA 121 96.35 45.91 73.97
N SER QA 122 95.66 45.03 74.68
CA SER QA 122 96.17 44.54 75.95
C SER QA 122 95.41 43.35 76.48
N THR QA 123 96.06 42.59 77.34
CA THR QA 123 95.41 41.47 77.98
C THR QA 123 94.26 42.02 78.86
N THR QA 124 93.08 41.40 78.80
CA THR QA 124 91.95 41.78 79.65
C THR QA 124 92.07 41.16 81.04
N PHE QA 125 91.98 39.84 81.13
CA PHE QA 125 92.12 39.18 82.42
C PHE QA 125 93.52 38.66 82.63
N GLU QA 126 93.78 37.44 82.17
CA GLU QA 126 95.15 37.00 82.11
C GLU QA 126 95.47 36.65 80.67
N SER QA 127 96.77 36.51 80.39
CA SER QA 127 97.29 36.29 79.05
C SER QA 127 97.32 34.80 78.68
N PRO QA 128 96.56 34.41 77.66
CA PRO QA 128 96.40 33.01 77.23
C PRO QA 128 97.69 32.35 76.77
N ARG QA 129 98.04 31.20 77.33
CA ARG QA 129 99.28 30.50 76.98
C ARG QA 129 99.08 29.09 76.40
N LEU QA 130 100.04 28.65 75.60
CA LEU QA 130 100.14 27.25 75.22
C LEU QA 130 101.41 26.69 75.87
N HIS QA 131 101.28 25.64 76.66
CA HIS QA 131 102.46 25.00 77.25
C HIS QA 131 102.81 23.71 76.53
N PHE QA 132 104.10 23.51 76.32
CA PHE QA 132 104.58 22.28 75.70
C PHE QA 132 105.50 21.51 76.64
N THR QA 133 105.07 20.32 77.01
CA THR QA 133 105.78 19.46 77.95
C THR QA 133 105.92 18.08 77.36
N CYS QA 134 106.86 17.32 77.90
CA CYS QA 134 107.08 15.97 77.44
C CYS QA 134 106.42 14.98 78.40
N LEU QA 135 105.48 14.17 77.89
CA LEU QA 135 104.70 13.25 78.73
C LEU QA 135 105.42 11.92 78.92
N THR QA 136 105.89 11.34 77.81
CA THR QA 136 106.74 10.14 77.83
C THR QA 136 108.03 10.46 77.07
N GLY QA 137 109.17 10.10 77.65
CA GLY QA 137 110.45 10.47 77.07
C GLY QA 137 110.92 9.56 75.95
N ASN QA 138 112.02 9.95 75.32
CA ASN QA 138 112.61 9.14 74.27
C ASN QA 138 113.31 7.94 74.88
N ASN QA 139 113.39 6.85 74.12
CA ASN QA 139 113.91 5.61 74.66
C ASN QA 139 115.42 5.71 74.89
N LYS QA 140 116.05 6.57 74.09
CA LYS QA 140 117.48 6.89 74.18
C LYS QA 140 117.57 8.27 73.57
N GLU QA 141 118.61 9.03 73.91
CA GLU QA 141 118.68 10.38 73.37
C GLU QA 141 118.78 10.33 71.85
N LEU QA 142 118.37 11.41 71.21
CA LEU QA 142 118.50 11.51 69.77
C LEU QA 142 119.91 12.04 69.38
N ALA QA 143 120.14 12.23 68.09
CA ALA QA 143 121.47 12.59 67.63
C ALA QA 143 121.84 14.02 68.01
N ALA QA 144 120.85 14.93 68.02
CA ALA QA 144 121.13 16.34 68.29
C ALA QA 144 119.89 17.09 68.72
N ASP QA 145 120.08 18.29 69.28
CA ASP QA 145 118.97 19.21 69.59
C ASP QA 145 118.21 19.54 68.32
N TRP QA 146 116.89 19.76 68.44
CA TRP QA 146 116.07 20.14 67.30
C TRP QA 146 114.95 21.08 67.72
N GLN QA 147 114.09 21.46 66.77
CA GLN QA 147 112.95 22.32 67.11
C GLN QA 147 111.68 21.89 66.38
N ALA QA 148 110.54 22.31 66.92
CA ALA QA 148 109.24 22.12 66.28
C ALA QA 148 108.63 23.50 66.10
N VAL QA 149 107.78 23.65 65.09
CA VAL QA 149 107.17 24.94 64.80
C VAL QA 149 105.70 24.90 65.14
N VAL QA 150 105.22 25.91 65.87
CA VAL QA 150 103.81 26.02 66.21
C VAL QA 150 103.15 27.12 65.39
N GLU QA 151 102.02 26.80 64.75
CA GLU QA 151 101.32 27.78 63.91
C GLU QA 151 99.85 27.97 64.27
N LEU QA 152 99.41 29.23 64.29
CA LEU QA 152 98.00 29.57 64.53
C LEU QA 152 97.38 30.00 63.23
N TYR QA 153 96.32 29.30 62.81
CA TYR QA 153 95.55 29.66 61.62
C TYR QA 153 94.18 30.11 62.08
N ALA QA 154 93.71 31.22 61.52
CA ALA QA 154 92.43 31.78 61.90
C ALA QA 154 92.00 32.81 60.88
N GLU QA 155 90.69 32.99 60.75
CA GLU QA 155 90.15 34.13 60.03
C GLU QA 155 89.45 35.05 61.02
N LEU QA 156 90.21 35.98 61.58
CA LEU QA 156 89.68 36.84 62.62
C LEU QA 156 88.59 37.77 62.11
N GLU QA 157 87.43 37.75 62.77
CA GLU QA 157 86.42 38.75 62.53
C GLU QA 157 85.93 39.40 63.84
N GLU QA 158 85.37 40.60 63.73
CA GLU QA 158 84.95 41.35 64.91
C GLU QA 158 83.96 40.58 65.75
N ALA QA 159 84.22 40.57 67.05
CA ALA QA 159 83.36 39.89 68.01
C ALA QA 159 82.15 40.73 68.37
N THR QA 160 80.99 40.09 68.39
CA THR QA 160 79.75 40.78 68.65
C THR QA 160 79.49 40.97 70.16
N SER QA 161 79.93 40.01 70.97
CA SER QA 161 79.73 40.05 72.42
C SER QA 161 81.04 39.85 73.17
N PHE QA 162 81.08 40.27 74.43
CA PHE QA 162 82.29 40.07 75.23
C PHE QA 162 82.43 38.62 75.67
N LEU QA 163 81.30 38.02 76.03
CA LEU QA 163 81.28 36.67 76.59
C LEU QA 163 80.94 35.61 75.53
N GLY QA 164 81.56 34.44 75.67
CA GLY QA 164 81.24 33.29 74.86
C GLY QA 164 79.93 32.65 75.29
N LYS QA 165 79.75 31.38 74.96
CA LYS QA 165 78.65 30.59 75.48
C LYS QA 165 79.23 29.82 76.65
N PRO QA 166 78.47 29.69 77.74
CA PRO QA 166 79.00 29.06 78.95
C PRO QA 166 79.28 27.57 78.76
N THR QA 167 80.50 27.16 79.11
CA THR QA 167 80.90 25.76 79.09
C THR QA 167 80.03 24.91 80.02
N LEU QA 168 79.56 25.52 81.11
CA LEU QA 168 78.85 24.77 82.16
C LEU QA 168 77.84 25.63 82.89
N VAL QA 169 76.67 25.07 83.18
CA VAL QA 169 75.70 25.78 84.01
C VAL QA 169 75.39 24.99 85.25
N PHE QA 170 75.46 25.65 86.41
CA PHE QA 170 75.37 24.93 87.66
C PHE QA 170 74.04 24.17 87.85
N ASP QA 171 74.17 22.89 88.18
CA ASP QA 171 73.05 22.01 88.44
C ASP QA 171 73.55 20.77 89.19
N PRO QA 172 73.10 20.61 90.44
CA PRO QA 172 73.55 19.60 91.39
C PRO QA 172 73.22 18.22 90.88
N GLY QA 173 72.03 18.13 90.28
CA GLY QA 173 71.47 16.86 89.86
C GLY QA 173 71.90 16.47 88.46
N VAL QA 174 72.93 17.13 87.94
CA VAL QA 174 73.37 16.82 86.58
C VAL QA 174 74.89 16.70 86.40
N PHE QA 175 75.26 15.42 86.36
CA PHE QA 175 76.53 14.88 85.94
C PHE QA 175 76.15 13.70 85.02
N ASN QA 176 76.23 13.93 83.71
CA ASN QA 176 75.87 12.91 82.70
C ASN QA 176 76.59 11.59 82.88
N GLY QA 177 77.92 11.65 82.89
CA GLY QA 177 78.73 10.46 82.88
C GLY QA 177 79.69 10.50 81.71
N LYS QA 178 79.56 11.53 80.87
CA LYS QA 178 80.53 11.79 79.80
C LYS QA 178 81.62 12.76 80.29
N PHE QA 179 82.85 12.56 79.85
CA PHE QA 179 83.98 13.42 80.22
C PHE QA 179 84.66 14.04 79.01
N GLN QA 180 85.29 15.20 79.20
CA GLN QA 180 86.28 15.66 78.22
C GLN QA 180 87.58 15.95 78.94
N PHE QA 181 88.68 15.76 78.22
CA PHE QA 181 90.01 16.04 78.77
C PHE QA 181 90.37 15.29 80.07
N LEU QA 182 89.87 14.05 80.18
CA LEU QA 182 90.24 13.22 81.31
C LEU QA 182 91.31 12.25 80.88
N THR QA 183 92.56 12.62 81.17
CA THR QA 183 93.71 11.82 80.80
C THR QA 183 94.46 11.45 82.07
N CYS QA 184 94.74 10.16 82.24
CA CYS QA 184 95.51 9.66 83.39
C CYS QA 184 97.00 9.82 83.12
N PRO QA 185 97.76 10.27 84.13
CA PRO QA 185 99.22 10.25 84.01
C PRO QA 185 99.72 8.88 83.55
N PRO QA 186 100.89 8.88 82.90
CA PRO QA 186 101.40 7.66 82.26
C PRO QA 186 101.64 6.57 83.30
N ILE QA 187 101.34 5.34 82.88
CA ILE QA 187 101.62 4.13 83.64
C ILE QA 187 102.86 3.44 83.01
N PHE QA 188 103.77 2.91 83.79
CA PHE QA 188 105.02 2.39 83.22
C PHE QA 188 105.26 0.92 83.50
N PHE QA 189 105.76 0.18 82.50
CA PHE QA 189 106.10 -1.23 82.67
C PHE QA 189 107.57 -1.45 82.44
N ASP QA 190 108.23 -2.14 83.36
CA ASP QA 190 109.65 -2.47 83.22
C ASP QA 190 109.81 -3.67 82.31
N LEU QA 191 110.88 -3.70 81.53
CA LEU QA 191 111.08 -4.87 80.67
C LEU QA 191 111.91 -5.95 81.35
N THR QA 192 112.30 -5.67 82.58
CA THR QA 192 113.01 -6.65 83.37
C THR QA 192 112.03 -7.46 84.19
N ALA QA 193 110.77 -7.45 83.79
CA ALA QA 193 109.72 -8.17 84.51
C ALA QA 193 108.88 -9.02 83.57
N VAL QA 194 108.82 -10.31 83.84
CA VAL QA 194 108.07 -11.21 82.97
C VAL QA 194 106.54 -10.98 82.98
N THR QA 195 105.97 -10.62 84.13
CA THR QA 195 104.61 -10.08 84.19
C THR QA 195 104.57 -8.89 85.16
N ALA QA 196 103.46 -8.16 85.15
CA ALA QA 196 103.35 -7.02 86.07
C ALA QA 196 101.93 -6.49 86.14
N LEU QA 197 101.64 -5.80 87.23
CA LEU QA 197 100.35 -5.18 87.38
C LEU QA 197 100.51 -3.69 87.61
N ARG QA 198 99.64 -2.90 86.98
CA ARG QA 198 99.54 -1.49 87.34
C ARG QA 198 98.09 -1.13 87.54
N SER QA 199 97.78 -0.57 88.70
CA SER QA 199 96.41 -0.18 89.02
C SER QA 199 96.14 1.28 88.71
N ALA QA 200 94.93 1.55 88.24
CA ALA QA 200 94.46 2.92 88.11
C ALA QA 200 93.20 3.01 88.94
N GLY QA 201 93.20 3.91 89.93
CA GLY QA 201 92.04 4.07 90.79
C GLY QA 201 90.85 4.57 90.02
N LEU QA 202 89.65 4.13 90.39
CA LEU QA 202 88.44 4.60 89.72
C LEU QA 202 87.60 5.48 90.63
N THR QA 203 88.21 5.93 91.73
CA THR QA 203 87.54 6.86 92.65
C THR QA 203 87.76 8.28 92.14
N LEU QA 204 87.05 8.62 91.05
CA LEU QA 204 87.37 9.77 90.22
C LEU QA 204 87.08 11.14 90.82
N GLY QA 205 86.39 11.16 91.97
CA GLY QA 205 86.09 12.42 92.63
C GLY QA 205 87.23 12.92 93.50
N GLN QA 206 88.20 12.03 93.71
CA GLN QA 206 89.38 12.33 94.51
C GLN QA 206 90.18 13.47 93.84
N VAL QA 207 90.64 14.42 94.63
CA VAL QA 207 91.44 15.51 94.05
C VAL QA 207 92.90 15.07 93.91
N PRO QA 208 93.46 15.21 92.72
CA PRO QA 208 94.82 14.79 92.41
C PRO QA 208 95.83 15.66 93.15
N MET QA 209 96.99 15.10 93.44
CA MET QA 209 98.03 15.86 94.16
C MET QA 209 99.42 15.76 93.56
N VAL QA 210 100.18 16.82 93.78
CA VAL QA 210 101.57 16.85 93.37
C VAL QA 210 102.33 17.29 94.60
N GLY QA 211 102.92 16.32 95.31
CA GLY QA 211 103.47 16.60 96.62
C GLY QA 211 102.37 17.00 97.59
N THR QA 212 102.52 18.16 98.20
CA THR QA 212 101.51 18.65 99.13
C THR QA 212 100.48 19.55 98.44
N THR QA 213 100.67 19.77 97.14
CA THR QA 213 99.78 20.64 96.36
C THR QA 213 98.54 19.92 95.79
N LYS QA 214 97.35 20.38 96.17
CA LYS QA 214 96.10 19.87 95.61
C LYS QA 214 95.87 20.54 94.26
N VAL QA 215 95.53 19.75 93.25
CA VAL QA 215 95.21 20.32 91.95
C VAL QA 215 93.72 20.13 91.62
N TYR QA 216 92.90 21.09 92.04
CA TYR QA 216 91.46 21.04 91.74
C TYR QA 216 91.25 21.11 90.23
N ASN QA 217 90.40 20.23 89.71
CA ASN QA 217 90.08 20.28 88.29
C ASN QA 217 88.62 19.97 88.04
N LEU QA 218 88.12 20.34 86.88
CA LEU QA 218 86.69 20.19 86.60
C LEU QA 218 86.20 18.73 86.64
N ASN QA 219 86.98 17.80 86.11
CA ASN QA 219 86.54 16.41 86.06
C ASN QA 219 86.31 15.79 87.42
N SER QA 220 87.27 15.90 88.32
CA SER QA 220 87.07 15.37 89.68
C SER QA 220 85.92 16.11 90.36
N THR QA 221 85.83 17.42 90.11
CA THR QA 221 84.74 18.21 90.66
C THR QA 221 83.39 17.68 90.18
N LEU QA 222 83.28 17.35 88.90
CA LEU QA 222 82.03 16.81 88.38
C LEU QA 222 81.66 15.50 89.06
N VAL QA 223 82.63 14.59 89.14
CA VAL QA 223 82.35 13.30 89.76
C VAL QA 223 81.90 13.46 91.21
N SER QA 224 82.43 14.47 91.90
CA SER QA 224 82.08 14.69 93.29
C SER QA 224 80.60 15.10 93.47
N CYS QA 225 79.94 15.45 92.37
CA CYS QA 225 78.53 15.84 92.37
C CYS QA 225 77.58 14.67 92.52
N VAL QA 226 78.16 13.49 92.61
CA VAL QA 226 77.43 12.24 92.69
C VAL QA 226 78.00 11.45 93.90
N LEU QA 227 77.24 10.50 94.44
CA LEU QA 227 77.73 9.73 95.58
C LEU QA 227 78.63 8.57 95.14
N GLY QA 228 78.37 8.05 93.95
CA GLY QA 228 79.14 6.95 93.39
C GLY QA 228 78.63 6.61 92.01
N MET QA 229 79.30 5.67 91.36
CA MET QA 229 78.99 5.31 89.97
C MET QA 229 79.35 3.87 89.63
N GLY QA 230 78.54 3.27 88.78
CA GLY QA 230 78.84 1.95 88.28
C GLY QA 230 78.61 1.99 86.80
N GLY QA 231 78.91 0.89 86.12
CA GLY QA 231 78.69 0.85 84.69
C GLY QA 231 79.95 0.45 83.96
N THR QA 232 80.07 0.90 82.71
CA THR QA 232 81.23 0.52 81.91
C THR QA 232 82.09 1.73 81.60
N VAL QA 233 83.39 1.60 81.87
CA VAL QA 233 84.37 2.61 81.52
C VAL QA 233 84.77 2.50 80.04
N ARG QA 234 84.44 3.50 79.24
CA ARG QA 234 84.86 3.55 77.84
C ARG QA 234 86.06 4.49 77.74
N GLY QA 235 87.16 4.01 77.19
CA GLY QA 235 88.33 4.83 77.08
C GLY QA 235 89.21 4.46 75.91
N ARG QA 236 90.38 5.08 75.85
CA ARG QA 236 91.37 4.79 74.83
C ARG QA 236 92.69 4.53 75.51
N VAL QA 237 93.46 3.60 74.95
CA VAL QA 237 94.79 3.31 75.45
C VAL QA 237 95.81 3.68 74.40
N HIS QA 238 96.84 4.42 74.81
CA HIS QA 238 97.97 4.72 73.92
C HIS QA 238 99.24 4.05 74.39
N ILE QA 239 99.86 3.28 73.51
CA ILE QA 239 101.15 2.68 73.82
C ILE QA 239 102.26 3.56 73.28
N CYS QA 240 102.99 4.19 74.20
CA CYS QA 240 103.90 5.27 73.86
C CYS QA 240 105.34 4.84 73.86
N ALA QA 241 105.67 3.96 72.91
CA ALA QA 241 107.03 3.45 72.76
C ALA QA 241 107.40 3.32 71.28
N PRO QA 242 108.69 3.13 71.00
CA PRO QA 242 109.18 2.85 69.63
C PRO QA 242 108.53 1.60 68.99
N ILE QA 243 108.45 1.53 67.66
CA ILE QA 243 107.86 0.35 66.99
C ILE QA 243 108.51 -0.96 67.43
N PHE QA 244 109.73 -0.90 67.95
CA PHE QA 244 110.44 -2.11 68.30
C PHE QA 244 110.20 -2.55 69.73
N TYR QA 245 109.38 -1.78 70.45
CA TYR QA 245 108.83 -2.19 71.75
C TYR QA 245 107.45 -2.76 71.52
N SER QA 246 107.06 -3.72 72.32
CA SER QA 246 105.70 -4.26 72.19
C SER QA 246 105.23 -4.97 73.45
N ILE QA 247 103.92 -5.04 73.62
CA ILE QA 247 103.39 -5.57 74.86
C ILE QA 247 102.01 -6.12 74.62
N VAL QA 248 101.57 -7.01 75.51
CA VAL QA 248 100.18 -7.46 75.51
C VAL QA 248 99.61 -7.32 76.91
N LEU QA 249 98.46 -6.66 77.02
CA LEU QA 249 97.86 -6.38 78.31
C LEU QA 249 96.51 -7.04 78.46
N TRP QA 250 96.25 -7.55 79.66
CA TRP QA 250 94.90 -7.96 80.07
C TRP QA 250 94.38 -6.85 80.94
N VAL QA 251 93.31 -6.19 80.51
CA VAL QA 251 92.76 -5.06 81.26
C VAL QA 251 91.43 -5.43 81.88
N VAL QA 252 91.36 -5.36 83.20
CA VAL QA 252 90.15 -5.81 83.90
C VAL QA 252 89.90 -5.00 85.16
N SER QA 253 88.67 -5.01 85.65
CA SER QA 253 88.33 -4.30 86.88
C SER QA 253 88.29 -5.22 88.10
N GLU QA 254 88.87 -4.78 89.21
CA GLU QA 254 88.84 -5.56 90.44
C GLU QA 254 88.46 -4.74 91.67
N TRP QA 255 87.91 -5.43 92.66
CA TRP QA 255 87.43 -4.76 93.88
C TRP QA 255 88.29 -5.11 95.10
N ASN QA 256 88.71 -4.08 95.81
CA ASN QA 256 89.47 -4.21 97.05
C ASN QA 256 90.61 -5.21 96.95
N GLY QA 257 91.71 -4.80 96.35
CA GLY QA 257 92.83 -5.69 96.16
C GLY QA 257 92.73 -6.41 94.83
N THR QA 258 93.59 -7.40 94.63
CA THR QA 258 93.59 -8.14 93.39
C THR QA 258 93.71 -9.59 93.72
N THR QA 259 93.21 -10.45 92.85
CA THR QA 259 93.40 -11.89 93.04
C THR QA 259 94.83 -12.27 92.76
N MET QA 260 95.25 -13.35 93.41
CA MET QA 260 96.63 -13.81 93.28
C MET QA 260 96.68 -15.03 92.37
N ASP QA 261 95.50 -15.49 91.96
CA ASP QA 261 95.36 -16.69 91.16
C ASP QA 261 95.13 -16.34 89.69
N TRP QA 262 96.14 -16.61 88.86
CA TRP QA 262 96.05 -16.34 87.43
C TRP QA 262 94.81 -16.94 86.76
N ASN QA 263 94.35 -18.09 87.24
CA ASN QA 263 93.18 -18.69 86.62
C ASN QA 263 91.90 -17.95 86.97
N GLU QA 264 91.78 -17.48 88.21
CA GLU QA 264 90.62 -16.68 88.58
C GLU QA 264 90.61 -15.38 87.77
N LEU QA 265 91.80 -14.77 87.64
CA LEU QA 265 91.96 -13.52 86.91
C LEU QA 265 91.35 -13.58 85.52
N PHE QA 266 91.47 -14.71 84.86
CA PHE QA 266 90.98 -14.83 83.49
C PHE QA 266 89.56 -15.34 83.39
N LYS QA 267 88.92 -15.50 84.53
CA LYS QA 267 87.50 -15.79 84.55
C LYS QA 267 86.71 -14.48 84.65
N TYR QA 268 87.43 -13.38 84.90
CA TYR QA 268 86.80 -12.05 84.97
C TYR QA 268 86.55 -11.53 83.56
N PRO QA 269 85.62 -10.58 83.42
CA PRO QA 269 85.32 -9.95 82.14
C PRO QA 269 86.27 -8.78 81.81
N GLY QA 270 87.41 -9.12 81.23
CA GLY QA 270 88.38 -8.13 80.80
C GLY QA 270 88.53 -8.08 79.29
N VAL QA 271 89.48 -7.28 78.83
CA VAL QA 271 89.81 -7.15 77.41
C VAL QA 271 91.32 -7.19 77.17
N TYR QA 272 91.74 -7.63 75.99
CA TYR QA 272 93.16 -7.63 75.67
C TYR QA 272 93.51 -6.36 74.92
N VAL QA 273 94.69 -5.81 75.19
CA VAL QA 273 95.17 -4.63 74.50
C VAL QA 273 96.57 -4.92 73.98
N GLU QA 274 96.73 -4.89 72.66
CA GLU QA 274 98.02 -5.19 72.01
C GLU QA 274 98.58 -3.92 71.41
N GLU QA 275 97.73 -2.92 71.23
CA GLU QA 275 98.10 -1.71 70.50
C GLU QA 275 97.16 -0.54 70.78
N ASP QA 276 97.55 0.65 70.34
CA ASP QA 276 96.69 1.84 70.42
C ASP QA 276 95.25 1.44 70.07
N GLY QA 277 94.29 1.88 70.86
CA GLY QA 277 92.89 1.57 70.60
C GLY QA 277 91.94 1.96 71.73
N SER QA 278 90.65 1.78 71.50
CA SER QA 278 89.68 2.02 72.56
C SER QA 278 89.41 0.71 73.32
N PHE QA 279 88.73 0.82 74.46
CA PHE QA 279 88.42 -0.32 75.31
C PHE QA 279 87.16 -0.02 76.13
N GLU QA 280 86.44 -1.07 76.51
CA GLU QA 280 85.33 -0.94 77.43
C GLU QA 280 85.48 -1.99 78.52
N VAL QA 281 85.52 -1.56 79.77
CA VAL QA 281 85.61 -2.51 80.87
C VAL QA 281 84.53 -2.20 81.89
N LYS QA 282 83.87 -3.25 82.37
CA LYS QA 282 82.81 -3.10 83.38
C LYS QA 282 83.41 -2.80 84.75
N ILE QA 283 82.89 -1.79 85.43
CA ILE QA 283 83.32 -1.49 86.79
C ILE QA 283 82.78 -2.58 87.71
N ARG QA 284 83.69 -3.32 88.33
CA ARG QA 284 83.36 -4.48 89.14
C ARG QA 284 83.30 -4.13 90.63
N SER QA 285 82.18 -4.42 91.27
CA SER QA 285 82.01 -4.10 92.69
C SER QA 285 80.86 -4.85 93.31
N PRO QA 286 80.99 -5.19 94.60
CA PRO QA 286 79.96 -5.87 95.38
C PRO QA 286 78.64 -5.11 95.40
N TYR QA 287 78.71 -3.81 95.14
CA TYR QA 287 77.57 -2.92 95.16
C TYR QA 287 77.22 -2.42 93.77
N HIS QA 288 77.99 -2.89 92.79
CA HIS QA 288 77.81 -2.54 91.38
C HIS QA 288 78.25 -1.12 91.10
N ARG QA 289 78.57 -0.38 92.16
CA ARG QA 289 79.04 0.99 92.05
C ARG QA 289 80.28 1.15 92.93
N THR QA 290 81.17 2.08 92.56
CA THR QA 290 82.27 2.46 93.43
C THR QA 290 82.00 3.90 93.91
N PRO QA 291 82.35 4.20 95.16
CA PRO QA 291 82.09 5.53 95.71
C PRO QA 291 82.90 6.60 94.98
N ALA QA 292 82.32 7.80 94.89
CA ALA QA 292 82.92 8.94 94.22
C ALA QA 292 84.17 9.51 94.92
N ARG QA 293 84.15 9.52 96.25
CA ARG QA 293 85.33 9.98 97.04
C ARG QA 293 85.62 9.05 98.21
N LEU QA 294 86.78 9.22 98.83
CA LEU QA 294 87.18 8.36 99.94
C LEU QA 294 86.84 8.95 101.30
N LEU QA 295 86.55 8.08 102.27
CA LEU QA 295 86.46 8.51 103.68
C LEU QA 295 87.85 8.44 104.27
N ALA QA 296 88.01 8.94 105.49
CA ALA QA 296 89.35 8.95 106.11
C ALA QA 296 89.94 7.55 106.22
N GLY QA 297 91.22 7.42 105.84
CA GLY QA 297 91.94 6.17 105.98
C GLY QA 297 91.57 5.07 105.02
N GLN QA 298 90.76 5.40 104.02
CA GLN QA 298 90.49 4.47 102.95
C GLN QA 298 91.51 4.73 101.84
N SER QA 299 91.83 3.69 101.09
CA SER QA 299 92.70 3.84 99.92
C SER QA 299 91.92 3.65 98.62
N GLN QA 300 92.42 4.21 97.53
CA GLN QA 300 91.71 4.08 96.26
C GLN QA 300 91.63 2.62 95.78
N ARG QA 301 92.49 1.77 96.35
CA ARG QA 301 92.56 0.40 95.89
C ARG QA 301 91.59 -0.46 96.66
N ASP QA 302 91.07 0.12 97.74
CA ASP QA 302 90.04 -0.51 98.57
C ASP QA 302 88.75 -0.66 97.79
N MET QA 303 88.58 0.18 96.79
CA MET QA 303 87.34 0.17 96.00
C MET QA 303 87.56 -0.48 94.64
N SER QA 304 86.80 0.00 93.65
CA SER QA 304 86.93 -0.50 92.29
C SER QA 304 88.10 0.18 91.56
N SER QA 305 88.93 -0.64 90.92
CA SER QA 305 90.07 -0.13 90.15
C SER QA 305 90.10 -0.73 88.75
N LEU QA 306 90.76 0.00 87.84
CA LEU QA 306 90.96 -0.46 86.49
C LEU QA 306 92.40 -1.01 86.45
N ASN QA 307 92.53 -2.33 86.29
CA ASN QA 307 93.85 -2.96 86.41
C ASN QA 307 94.48 -3.36 85.08
N PHE QA 308 95.75 -3.02 84.93
CA PHE QA 308 96.48 -3.32 83.71
C PHE QA 308 97.54 -4.38 83.97
N TYR QA 309 97.27 -5.60 83.50
CA TYR QA 309 98.17 -6.73 83.69
C TYR QA 309 98.99 -6.98 82.43
N ALA QA 310 100.30 -6.85 82.54
CA ALA QA 310 101.18 -7.22 81.45
C ALA QA 310 101.33 -8.74 81.46
N ILE QA 311 100.74 -9.40 80.47
CA ILE QA 311 100.75 -10.87 80.43
C ILE QA 311 101.76 -11.43 79.42
N ALA QA 312 102.23 -10.58 78.51
CA ALA QA 312 103.31 -10.95 77.61
C ALA QA 312 104.16 -9.72 77.27
N GLY QA 313 105.39 -9.70 77.79
CA GLY QA 313 106.24 -8.54 77.65
C GLY QA 313 106.06 -7.57 78.80
N PRO QA 314 106.47 -6.31 78.61
CA PRO QA 314 107.00 -5.78 77.35
C PRO QA 314 108.31 -6.43 76.91
N ILE QA 315 108.56 -6.42 75.61
CA ILE QA 315 109.85 -6.84 75.07
C ILE QA 315 110.45 -5.75 74.21
N ALA QA 316 111.78 -5.75 74.13
CA ALA QA 316 112.51 -4.84 73.26
C ALA QA 316 113.85 -5.46 72.94
N PRO QA 317 114.50 -4.97 71.89
CA PRO QA 317 115.81 -5.53 71.51
C PRO QA 317 116.81 -5.12 72.56
N SER QA 318 117.93 -5.82 72.69
CA SER QA 318 118.94 -5.34 73.62
C SER QA 318 119.68 -4.25 72.88
N GLY QA 319 120.24 -3.27 73.60
CA GLY QA 319 120.07 -3.15 75.03
C GLY QA 319 119.27 -1.90 75.27
N GLU QA 320 117.96 -2.05 75.19
CA GLU QA 320 117.06 -0.98 75.55
C GLU QA 320 116.86 -1.05 77.05
N THR QA 321 116.58 0.10 77.66
CA THR QA 321 116.47 0.14 79.12
C THR QA 321 115.22 0.88 79.57
N ALA QA 322 114.72 1.74 78.69
CA ALA QA 322 113.52 2.51 78.97
C ALA QA 322 112.33 1.63 79.37
N GLN QA 323 111.48 2.18 80.24
CA GLN QA 323 110.24 1.51 80.52
C GLN QA 323 109.25 1.75 79.38
N LEU QA 324 108.24 0.88 79.26
CA LEU QA 324 107.21 1.07 78.25
C LEU QA 324 106.01 1.75 78.90
N PRO QA 325 105.71 2.99 78.48
CA PRO QA 325 104.60 3.78 79.04
C PRO QA 325 103.26 3.52 78.36
N ILE QA 326 102.19 3.53 79.15
CA ILE QA 326 100.83 3.38 78.68
C ILE QA 326 100.10 4.64 79.12
N VAL QA 327 99.49 5.36 78.19
CA VAL QA 327 98.67 6.53 78.57
C VAL QA 327 97.18 6.19 78.42
N VAL QA 328 96.43 6.29 79.51
CA VAL QA 328 95.02 5.97 79.46
C VAL QA 328 94.15 7.23 79.44
N GLN QA 329 93.18 7.27 78.53
CA GLN QA 329 92.16 8.32 78.53
C GLN QA 329 90.79 7.74 78.78
N ILE QA 330 90.03 8.38 79.66
CA ILE QA 330 88.69 7.92 79.97
C ILE QA 330 87.68 8.85 79.34
N ASP QA 331 86.83 8.29 78.50
CA ASP QA 331 85.94 9.12 77.69
C ASP QA 331 84.57 9.22 78.30
N GLU QA 332 84.04 8.10 78.77
CA GLU QA 332 82.76 8.15 79.47
C GLU QA 332 82.45 6.89 80.24
N ILE QA 333 81.47 7.00 81.13
CA ILE QA 333 80.87 5.83 81.74
C ILE QA 333 79.62 5.51 80.92
N VAL QA 334 79.69 4.43 80.14
CA VAL QA 334 78.56 4.06 79.28
C VAL QA 334 77.62 3.17 80.07
N ARG QA 335 76.34 3.22 79.75
CA ARG QA 335 75.35 2.42 80.45
C ARG QA 335 75.55 2.62 81.95
N PRO QA 336 75.46 3.89 82.39
CA PRO QA 336 75.85 4.29 83.75
C PRO QA 336 74.83 3.88 84.79
N ASP QA 337 75.33 3.40 85.92
CA ASP QA 337 74.51 3.16 87.09
C ASP QA 337 74.90 4.17 88.15
N LEU QA 338 74.23 5.32 88.15
CA LEU QA 338 74.62 6.39 89.06
C LEU QA 338 73.97 6.31 90.43
N SER QA 339 74.65 6.83 91.44
CA SER QA 339 74.05 7.00 92.75
C SER QA 339 73.20 8.26 92.76
N LEU QA 340 72.57 8.53 93.90
CA LEU QA 340 71.95 9.83 94.07
C LEU QA 340 72.99 10.93 93.85
N PRO QA 341 72.52 12.09 93.42
CA PRO QA 341 73.39 13.26 93.46
C PRO QA 341 73.86 13.48 94.89
N SER QA 342 75.09 13.93 95.10
CA SER QA 342 75.56 14.19 96.45
C SER QA 342 74.88 15.42 97.08
N PHE QA 343 74.53 16.40 96.26
CA PHE QA 343 73.79 17.55 96.76
C PHE QA 343 72.42 17.69 96.09
N GLU QA 344 71.47 18.24 96.83
CA GLU QA 344 70.15 18.52 96.26
C GLU QA 344 70.09 19.99 95.86
N ASP QA 345 68.96 20.41 95.30
CA ASP QA 345 68.83 21.83 94.94
C ASP QA 345 68.51 22.62 96.19
N ASP QA 346 69.54 22.84 96.97
CA ASP QA 346 69.38 23.39 98.28
C ASP QA 346 70.53 24.36 98.55
N TYR QA 347 70.48 24.99 99.73
CA TYR QA 347 71.57 25.85 100.16
C TYR QA 347 72.78 25.00 100.54
N PHE QA 348 73.95 25.61 100.55
CA PHE QA 348 75.14 24.99 101.12
C PHE QA 348 76.01 26.07 101.77
N VAL QA 349 76.96 25.64 102.59
CA VAL QA 349 77.73 26.59 103.37
C VAL QA 349 78.74 27.37 102.53
N TRP QA 350 78.67 28.68 102.63
CA TRP QA 350 79.67 29.53 102.01
C TRP QA 350 80.76 29.81 103.04
N VAL QA 351 80.38 30.43 104.16
CA VAL QA 351 81.36 30.82 105.17
C VAL QA 351 80.76 30.92 106.58
N ASP QA 352 81.55 30.53 107.59
CA ASP QA 352 81.22 30.80 108.99
C ASP QA 352 82.17 31.86 109.56
N PHE QA 353 81.62 32.90 110.19
CA PHE QA 353 82.44 33.84 110.94
C PHE QA 353 82.23 33.59 112.42
N SER QA 354 83.32 33.57 113.20
CA SER QA 354 83.24 33.24 114.62
C SER QA 354 84.38 33.91 115.36
N GLU QA 355 84.35 33.81 116.69
CA GLU QA 355 85.44 34.31 117.51
C GLU QA 355 85.77 35.78 117.21
N PHE QA 356 84.77 36.65 117.28
CA PHE QA 356 84.96 38.08 116.99
C PHE QA 356 85.73 38.76 118.10
N THR QA 357 86.68 39.61 117.74
CA THR QA 357 87.49 40.29 118.76
C THR QA 357 87.08 41.74 118.95
N LEU QA 358 86.45 42.30 117.92
CA LEU QA 358 85.95 43.66 117.99
C LEU QA 358 84.43 43.66 117.88
N ASP QA 359 83.78 44.59 118.56
CA ASP QA 359 82.32 44.75 118.42
C ASP QA 359 81.95 45.29 117.03
N LYS QA 360 82.74 46.22 116.50
CA LYS QA 360 82.51 46.74 115.15
C LYS QA 360 83.28 45.89 114.15
N GLU QA 361 82.54 45.19 113.31
CA GLU QA 361 83.14 44.34 112.27
C GLU QA 361 82.44 44.61 110.95
N GLU QA 362 83.20 44.76 109.86
CA GLU QA 362 82.58 44.98 108.55
C GLU QA 362 83.21 44.10 107.48
N ILE QA 363 82.42 43.15 106.99
CA ILE QA 363 82.85 42.19 106.00
C ILE QA 363 82.44 42.64 104.59
N GLU QA 364 83.42 43.04 103.76
CA GLU QA 364 83.13 43.43 102.39
C GLU QA 364 83.01 42.23 101.46
N ILE QA 365 81.90 42.17 100.74
CA ILE QA 365 81.67 41.10 99.79
C ILE QA 365 81.76 41.63 98.35
N GLY QA 366 81.09 42.76 98.12
CA GLY QA 366 81.11 43.41 96.82
C GLY QA 366 80.23 42.65 95.84
N SER QA 367 80.84 42.19 94.76
CA SER QA 367 80.10 41.40 93.79
C SER QA 367 80.75 40.02 93.57
N ARG QA 368 81.55 39.56 94.53
CA ARG QA 368 82.35 38.35 94.30
C ARG QA 368 81.94 37.21 95.20
N PHE QA 369 82.14 35.99 94.70
CA PHE QA 369 82.08 34.81 95.55
C PHE QA 369 83.52 34.33 95.71
N PHE QA 370 84.03 34.34 96.93
CA PHE QA 370 85.47 34.13 97.15
C PHE QA 370 85.80 33.69 98.58
N ASP QA 371 87.09 33.48 98.84
CA ASP QA 371 87.56 33.13 100.19
C ASP QA 371 87.87 34.38 101.03
N PHE QA 372 87.25 34.46 102.21
CA PHE QA 372 87.45 35.60 103.13
C PHE QA 372 88.72 35.45 103.97
N THR QA 373 89.25 36.58 104.41
CA THR QA 373 90.30 36.57 105.43
C THR QA 373 89.99 37.68 106.41
N SER QA 374 90.33 37.44 107.69
CA SER QA 374 90.16 38.48 108.72
C SER QA 374 91.26 38.44 109.78
N ASN QA 375 91.69 39.62 110.21
CA ASN QA 375 92.64 39.75 111.31
C ASN QA 375 91.90 39.86 112.64
N THR QA 376 90.61 40.10 112.58
CA THR QA 376 89.84 40.43 113.76
C THR QA 376 88.85 39.34 114.13
N CYS QA 377 88.73 38.33 113.28
CA CYS QA 377 87.85 37.20 113.58
C CYS QA 377 88.22 35.96 112.80
N ARG QA 378 87.61 34.84 113.17
CA ARG QA 378 87.93 33.56 112.56
C ARG QA 378 87.03 33.26 111.36
N VAL QA 379 87.66 33.10 110.20
CA VAL QA 379 86.93 32.73 108.99
C VAL QA 379 87.06 31.23 108.74
N SER QA 380 85.92 30.56 108.55
CA SER QA 380 85.91 29.14 108.16
C SER QA 380 85.18 28.98 106.83
N MET QA 381 85.90 28.65 105.78
CA MET QA 381 85.29 28.59 104.46
C MET QA 381 84.66 27.22 104.20
N GLY QA 382 83.56 27.20 103.45
CA GLY QA 382 82.95 25.95 103.08
C GLY QA 382 83.69 25.32 101.91
N GLU QA 383 83.72 23.99 101.87
CA GLU QA 383 84.20 23.27 100.69
C GLU QA 383 83.09 22.40 100.09
N ASN QA 384 82.71 22.70 98.84
CA ASN QA 384 81.68 21.95 98.12
C ASN QA 384 81.89 22.07 96.61
N PRO QA 385 81.14 21.28 95.83
CA PRO QA 385 81.33 21.31 94.38
C PRO QA 385 81.16 22.69 93.77
N PHE QA 386 80.21 23.49 94.25
CA PHE QA 386 80.03 24.83 93.69
C PHE QA 386 81.28 25.69 93.82
N ALA QA 387 81.89 25.69 95.00
CA ALA QA 387 83.13 26.42 95.20
C ALA QA 387 84.25 25.93 94.27
N ALA QA 388 84.31 24.61 94.09
CA ALA QA 388 85.29 24.03 93.18
C ALA QA 388 85.03 24.46 91.75
N MET QA 389 83.77 24.48 91.36
CA MET QA 389 83.44 24.94 90.02
C MET QA 389 83.86 26.39 89.79
N ILE QA 390 83.71 27.21 90.82
CA ILE QA 390 84.13 28.60 90.73
C ILE QA 390 85.63 28.64 90.48
N ALA QA 391 86.34 27.73 91.12
CA ALA QA 391 87.79 27.70 91.07
C ALA QA 391 88.31 27.10 89.79
N CYS QA 392 87.48 26.31 89.12
CA CYS QA 392 87.94 25.56 87.98
C CYS QA 392 87.44 26.15 86.68
N HIS QA 393 87.02 27.41 86.72
CA HIS QA 393 86.71 28.13 85.50
C HIS QA 393 87.34 29.50 85.52
N GLY QA 394 87.62 30.03 84.33
CA GLY QA 394 88.23 31.34 84.20
C GLY QA 394 87.28 32.46 84.61
N LEU QA 395 86.02 32.34 84.19
CA LEU QA 395 84.99 33.34 84.51
C LEU QA 395 83.70 32.67 84.96
N HIS QA 396 82.92 33.38 85.77
CA HIS QA 396 81.61 32.90 86.17
C HIS QA 396 80.64 34.07 86.31
N SER QA 397 79.34 33.77 86.37
CA SER QA 397 78.35 34.82 86.57
C SER QA 397 77.01 34.22 86.97
N GLY QA 398 76.33 34.88 87.90
CA GLY QA 398 75.01 34.45 88.32
C GLY QA 398 74.51 35.16 89.54
N VAL QA 399 73.45 34.63 90.12
CA VAL QA 399 72.90 35.22 91.32
C VAL QA 399 72.85 34.16 92.42
N LEU QA 400 73.31 34.55 93.61
CA LEU QA 400 73.22 33.69 94.79
C LEU QA 400 72.15 34.19 95.76
N ASP QA 401 71.27 33.29 96.19
CA ASP QA 401 70.39 33.60 97.29
C ASP QA 401 71.14 33.27 98.59
N LEU QA 402 71.17 34.21 99.52
CA LEU QA 402 71.86 34.01 100.81
C LEU QA 402 70.88 33.80 101.97
N LYS QA 403 71.24 32.88 102.86
CA LYS QA 403 70.59 32.76 104.16
C LYS QA 403 71.64 33.04 105.21
N LEU QA 404 71.37 34.00 106.09
CA LEU QA 404 72.27 34.26 107.21
C LEU QA 404 71.62 33.70 108.48
N GLN QA 405 72.42 33.02 109.29
CA GLN QA 405 71.98 32.51 110.57
C GLN QA 405 73.00 32.85 111.63
N TRP QA 406 72.55 33.14 112.84
CA TRP QA 406 73.50 33.41 113.90
C TRP QA 406 72.98 33.01 115.28
N SER QA 407 73.88 32.69 116.19
CA SER QA 407 73.53 32.38 117.57
C SER QA 407 74.22 33.40 118.48
N LEU QA 408 73.65 33.63 119.67
CA LEU QA 408 74.22 34.62 120.59
C LEU QA 408 75.33 34.09 121.51
N ASN QA 409 76.27 34.98 121.81
CA ASN QA 409 77.33 34.68 122.75
C ASN QA 409 77.00 35.17 124.17
N THR QA 410 76.29 36.30 124.23
CA THR QA 410 75.82 36.87 125.49
C THR QA 410 74.39 36.42 125.80
N GLU QA 411 73.85 36.83 126.95
CA GLU QA 411 72.51 36.46 127.33
C GLU QA 411 71.49 37.17 126.43
N PHE QA 412 70.45 36.44 126.03
CA PHE QA 412 69.47 36.96 125.08
C PHE QA 412 68.88 38.26 125.58
N GLY QA 413 68.62 38.31 126.87
CA GLY QA 413 67.96 39.48 127.44
C GLY QA 413 68.81 40.73 127.42
N LYS QA 414 70.11 40.56 127.25
CA LYS QA 414 71.04 41.69 127.27
C LYS QA 414 71.37 42.15 125.85
N SER QA 415 70.92 41.37 124.86
CA SER QA 415 71.31 41.61 123.48
C SER QA 415 70.82 42.95 122.89
N SER QA 416 71.64 43.50 122.00
CA SER QA 416 71.28 44.71 121.28
C SER QA 416 71.97 44.70 119.92
N GLY QA 417 71.63 45.66 119.08
CA GLY QA 417 72.30 45.81 117.81
C GLY QA 417 71.72 44.96 116.69
N SER QA 418 72.53 44.75 115.65
CA SER QA 418 72.04 44.23 114.38
C SER QA 418 73.11 43.57 113.51
N VAL QA 419 72.65 42.65 112.67
CA VAL QA 419 73.38 42.25 111.47
C VAL QA 419 72.78 43.11 110.35
N THR QA 420 73.58 44.00 109.78
CA THR QA 420 73.10 44.87 108.71
C THR QA 420 73.69 44.46 107.37
N ILE QA 421 72.85 44.35 106.34
CA ILE QA 421 73.32 44.08 105.00
C ILE QA 421 73.30 45.36 104.18
N THR QA 422 74.47 45.91 103.91
CA THR QA 422 74.57 47.08 103.04
C THR QA 422 74.54 46.64 101.57
N LYS QA 423 73.60 47.20 100.81
CA LYS QA 423 73.53 46.95 99.38
C LYS QA 423 73.66 48.27 98.59
N LEU QA 424 74.73 48.38 97.81
CA LEU QA 424 74.99 49.57 97.01
C LEU QA 424 75.10 49.24 95.54
N VAL QA 425 75.15 50.27 94.73
CA VAL QA 425 75.56 50.13 93.34
C VAL QA 425 76.71 51.09 93.20
N GLY QA 426 77.89 50.54 92.95
CA GLY QA 426 79.09 51.36 92.83
C GLY QA 426 80.09 50.86 93.83
N ASP QA 427 80.44 51.72 94.78
CA ASP QA 427 81.33 51.36 95.87
C ASP QA 427 80.95 52.12 97.14
N LYS QA 428 81.66 51.84 98.23
CA LYS QA 428 81.33 52.48 99.49
C LYS QA 428 81.39 54.01 99.34
N ALA QA 429 82.30 54.50 98.49
CA ALA QA 429 82.57 55.93 98.41
C ALA QA 429 81.57 56.77 97.61
N MET QA 430 81.12 56.26 96.47
CA MET QA 430 80.29 57.05 95.56
C MET QA 430 79.02 56.32 95.10
N GLY QA 431 78.69 55.23 95.76
CA GLY QA 431 77.62 54.35 95.34
C GLY QA 431 76.20 54.84 95.57
N LEU QA 432 75.27 54.16 94.92
CA LEU QA 432 73.85 54.42 95.09
C LEU QA 432 73.28 53.41 96.07
N ASP QA 433 72.19 53.77 96.73
CA ASP QA 433 71.66 52.92 97.79
C ASP QA 433 70.58 51.98 97.31
N GLY QA 434 70.81 50.67 97.45
CA GLY QA 434 69.86 49.67 97.03
C GLY QA 434 69.05 49.14 98.19
N PRO QA 435 68.69 47.84 98.13
CA PRO QA 435 67.89 47.16 99.17
C PRO QA 435 68.72 46.75 100.39
N SER QA 436 69.39 47.74 101.01
CA SER QA 436 70.10 47.56 102.27
C SER QA 436 69.08 47.15 103.32
N HIS QA 437 69.53 46.50 104.37
CA HIS QA 437 68.59 45.75 105.18
C HIS QA 437 69.14 45.63 106.59
N VAL QA 438 68.34 46.02 107.59
CA VAL QA 438 68.77 45.97 108.98
C VAL QA 438 68.05 44.83 109.72
N PHE QA 439 68.80 43.80 110.10
CA PHE QA 439 68.22 42.73 110.89
C PHE QA 439 68.58 42.94 112.34
N ALA QA 440 67.60 43.26 113.16
CA ALA QA 440 67.84 43.36 114.60
C ALA QA 440 68.46 42.03 115.04
N ILE QA 441 69.47 42.09 115.89
CA ILE QA 441 70.20 40.88 116.26
C ILE QA 441 69.29 39.78 116.78
N GLN QA 442 68.15 40.16 117.38
CA GLN QA 442 67.22 39.20 117.96
C GLN QA 442 66.46 38.37 116.93
N LYS QA 443 66.47 38.80 115.66
CA LYS QA 443 65.88 38.02 114.57
C LYS QA 443 66.60 36.67 114.42
N LEU QA 444 67.91 36.71 114.61
CA LEU QA 444 68.71 35.49 114.63
C LEU QA 444 68.83 34.84 113.26
N GLU QA 445 68.29 35.51 112.24
CA GLU QA 445 68.43 35.08 110.86
C GLU QA 445 67.94 36.12 109.88
N GLY QA 446 68.39 36.02 108.64
CA GLY QA 446 67.99 36.95 107.58
C GLY QA 446 68.33 36.44 106.20
N THR QA 447 67.74 37.04 105.17
CA THR QA 447 67.98 36.60 103.80
C THR QA 447 68.28 37.77 102.91
N THR QA 448 69.01 37.51 101.83
CA THR QA 448 69.32 38.54 100.84
C THR QA 448 69.80 37.87 99.53
N GLU QA 449 69.77 38.60 98.42
CA GLU QA 449 70.35 38.11 97.17
C GLU QA 449 71.72 38.75 96.96
N LEU QA 450 72.61 38.06 96.25
CA LEU QA 450 73.89 38.64 95.89
C LEU QA 450 74.16 38.46 94.41
N LEU QA 451 74.38 39.57 93.70
CA LEU QA 451 74.76 39.47 92.30
C LEU QA 451 76.24 39.18 92.24
N VAL QA 452 76.56 38.03 91.66
CA VAL QA 452 77.95 37.68 91.35
C VAL QA 452 78.22 37.99 89.87
N GLY QA 453 78.79 39.15 89.63
CA GLY QA 453 78.96 39.63 88.26
C GLY QA 453 79.26 41.11 88.25
N ASN QA 454 79.09 41.74 87.10
CA ASN QA 454 79.40 43.15 86.92
C ASN QA 454 78.96 43.64 85.55
N PHE QA 455 79.18 44.91 85.26
CA PHE QA 455 78.74 45.49 83.99
C PHE QA 455 79.29 44.76 82.76
N ALA QA 456 80.48 44.19 82.88
CA ALA QA 456 81.07 43.46 81.75
C ALA QA 456 80.40 42.10 81.53
N GLY QA 457 79.90 41.48 82.60
CA GLY QA 457 79.09 40.28 82.47
C GLY QA 457 79.52 39.04 83.24
N ALA QA 458 80.74 39.05 83.76
CA ALA QA 458 81.31 37.88 84.43
C ALA QA 458 82.49 38.25 85.30
N ASN QA 459 82.77 37.42 86.31
CA ASN QA 459 83.89 37.65 87.22
C ASN QA 459 85.01 36.66 86.96
N PRO QA 460 86.25 37.14 87.00
CA PRO QA 460 87.42 36.25 87.02
C PRO QA 460 87.53 35.67 88.42
N ASN QA 461 88.36 34.66 88.61
CA ASN QA 461 88.53 34.07 89.93
C ASN QA 461 89.70 34.72 90.66
N THR QA 462 89.79 36.03 90.55
CA THR QA 462 90.84 36.81 91.19
C THR QA 462 90.20 38.11 91.69
N ARG QA 463 91.00 39.00 92.27
CA ARG QA 463 90.51 40.33 92.59
C ARG QA 463 90.50 41.14 91.28
N PHE QA 464 89.49 41.98 91.12
CA PHE QA 464 89.32 42.78 89.92
C PHE QA 464 88.52 44.01 90.36
N SER QA 465 88.52 45.05 89.54
CA SER QA 465 87.72 46.22 89.85
C SER QA 465 86.82 46.62 88.67
N LEU QA 466 85.57 46.14 88.68
CA LEU QA 466 84.64 46.49 87.62
C LEU QA 466 83.29 46.92 88.21
N TYR QA 467 82.82 48.10 87.83
CA TYR QA 467 81.55 48.66 88.33
C TYR QA 467 80.43 47.62 88.41
N SER QA 468 79.82 47.50 89.58
CA SER QA 468 78.74 46.54 89.77
C SER QA 468 77.97 46.87 91.03
N ARG QA 469 77.02 46.02 91.38
CA ARG QA 469 76.41 46.10 92.69
C ARG QA 469 77.44 45.71 93.75
N TRP QA 470 77.21 46.12 95.00
CA TRP QA 470 78.21 46.03 96.05
C TRP QA 470 77.54 45.69 97.38
N MET QA 471 78.03 44.65 98.05
CA MET QA 471 77.41 44.20 99.28
C MET QA 471 78.41 44.12 100.44
N ALA QA 472 77.91 44.40 101.64
CA ALA QA 472 78.75 44.27 102.83
C ALA QA 472 77.89 43.82 103.99
N ILE QA 473 78.48 43.05 104.92
CA ILE QA 473 77.81 42.69 106.16
C ILE QA 473 78.42 43.55 107.26
N LYS QA 474 77.58 44.24 108.04
CA LYS QA 474 78.03 45.14 109.10
C LYS QA 474 77.54 44.68 110.48
N LEU QA 475 78.47 44.27 111.32
CA LEU QA 475 78.17 43.93 112.70
C LEU QA 475 78.49 45.13 113.64
N ASP QA 476 77.60 45.43 114.58
CA ASP QA 476 77.88 46.50 115.56
C ASP QA 476 78.07 45.97 116.98
N GLN QA 477 77.72 44.70 117.18
CA GLN QA 477 77.82 44.06 118.48
C GLN QA 477 78.35 42.66 118.27
N ALA QA 478 79.42 42.58 117.47
CA ALA QA 478 79.91 41.31 116.99
C ALA QA 478 80.31 40.36 118.11
N LYS QA 479 80.80 40.90 119.22
CA LYS QA 479 81.22 40.08 120.35
C LYS QA 479 80.04 39.35 121.00
N SER QA 480 78.83 39.80 120.71
CA SER QA 480 77.62 39.14 121.19
C SER QA 480 77.20 37.96 120.29
N ILE QA 481 77.97 37.71 119.23
CA ILE QA 481 77.62 36.64 118.29
C ILE QA 481 78.59 35.50 118.42
N LYS QA 482 78.07 34.29 118.63
CA LYS QA 482 78.94 33.13 118.75
C LYS QA 482 79.34 32.62 117.36
N VAL QA 483 78.42 32.73 116.42
CA VAL QA 483 78.70 32.37 115.04
C VAL QA 483 77.74 33.06 114.08
N LEU QA 484 78.28 33.55 112.97
CA LEU QA 484 77.47 34.05 111.86
C LEU QA 484 77.71 33.11 110.68
N ARG QA 485 76.68 32.35 110.29
CA ARG QA 485 76.82 31.44 109.16
C ARG QA 485 76.14 32.01 107.92
N VAL QA 486 76.84 31.93 106.78
CA VAL QA 486 76.27 32.35 105.50
C VAL QA 486 76.13 31.16 104.54
N LEU QA 487 74.88 30.78 104.26
CA LEU QA 487 74.59 29.77 103.25
C LEU QA 487 74.17 30.43 101.95
N CYS QA 488 74.48 29.78 100.83
CA CYS QA 488 74.03 30.27 99.53
C CYS QA 488 73.41 29.14 98.68
N LYS QA 489 72.58 29.56 97.71
CA LYS QA 489 71.88 28.65 96.80
C LYS QA 489 71.78 29.35 95.46
N PRO QA 490 72.58 28.89 94.47
CA PRO QA 490 72.66 29.57 93.18
C PRO QA 490 71.33 29.50 92.45
N ARG QA 491 70.86 30.64 91.96
CA ARG QA 491 69.67 30.68 91.13
C ARG QA 491 69.98 30.04 89.80
N PRO QA 492 68.97 29.41 89.20
CA PRO QA 492 69.12 28.68 87.95
C PRO QA 492 69.80 29.54 86.91
N GLY QA 493 70.74 28.95 86.19
CA GLY QA 493 71.42 29.68 85.13
C GLY QA 493 72.73 30.26 85.60
N PHE QA 494 73.23 29.82 86.75
CA PHE QA 494 74.54 30.28 87.19
C PHE QA 494 75.58 29.70 86.22
N SER QA 495 76.34 30.59 85.59
CA SER QA 495 77.18 30.20 84.45
C SER QA 495 78.70 30.23 84.66
N PHE QA 496 79.38 29.24 84.09
CA PHE QA 496 80.83 29.16 84.14
C PHE QA 496 81.41 29.17 82.72
N TYR QA 497 82.53 29.88 82.56
CA TYR QA 497 83.18 30.03 81.26
C TYR QA 497 84.64 29.56 81.29
N GLY QA 498 85.01 28.72 80.34
CA GLY QA 498 86.39 28.31 80.18
C GLY QA 498 86.96 27.38 81.25
N ARG QA 499 86.80 26.09 81.05
CA ARG QA 499 87.29 25.12 82.01
C ARG QA 499 88.81 25.23 82.20
N THR QA 500 89.23 25.19 83.47
CA THR QA 500 90.66 25.25 83.81
C THR QA 500 90.93 24.50 85.13
N SER QA 501 92.05 24.80 85.78
CA SER QA 501 92.36 24.15 87.05
C SER QA 501 92.84 25.15 88.09
N PHE QA 502 93.04 24.67 89.31
CA PHE QA 502 93.37 25.55 90.42
C PHE QA 502 94.22 24.85 91.45
N PRO QA 503 95.54 24.97 91.33
CA PRO QA 503 96.46 24.41 92.32
C PRO QA 503 96.55 25.26 93.60
N VAL QA 504 96.47 24.59 94.74
CA VAL QA 504 96.70 25.22 96.04
C VAL QA 504 97.59 24.34 96.93
N GLY RA 1 46.43 80.87 66.16
CA GLY RA 1 46.78 82.26 65.92
C GLY RA 1 47.85 82.78 66.87
N LEU RA 2 48.38 83.96 66.59
CA LEU RA 2 49.36 84.56 67.48
C LEU RA 2 48.76 84.77 68.85
N ALA RA 3 49.39 84.18 69.85
CA ALA RA 3 48.83 84.13 71.21
C ALA RA 3 49.58 85.07 72.17
N GLY RA 4 50.88 85.23 71.94
CA GLY RA 4 51.69 86.11 72.75
C GLY RA 4 53.00 86.41 72.08
N ARG RA 5 53.71 87.41 72.60
CA ARG RA 5 55.00 87.78 72.02
C ARG RA 5 55.94 88.41 73.05
N GLY RA 6 57.20 88.57 72.65
CA GLY RA 6 58.22 89.06 73.53
C GLY RA 6 59.45 89.42 72.73
N VAL RA 7 60.40 90.08 73.38
CA VAL RA 7 61.59 90.53 72.68
C VAL RA 7 62.86 90.16 73.44
N ILE RA 8 63.84 89.62 72.73
CA ILE RA 8 65.14 89.36 73.32
C ILE RA 8 66.16 90.34 72.75
N TYR RA 9 66.95 90.99 73.62
CA TYR RA 9 67.94 91.95 73.13
C TYR RA 9 69.27 91.29 73.01
N ILE RA 10 69.90 91.49 71.85
CA ILE RA 10 71.21 90.90 71.62
C ILE RA 10 72.23 92.02 71.67
N PRO RA 11 73.36 91.77 72.31
CA PRO RA 11 74.45 92.75 72.39
C PRO RA 11 75.28 92.65 71.14
N LYS RA 12 75.94 93.74 70.75
CA LYS RA 12 76.75 93.69 69.54
C LYS RA 12 77.89 92.68 69.70
N ASP RA 13 78.36 92.52 70.94
CA ASP RA 13 79.32 91.46 71.23
C ASP RA 13 78.62 90.40 72.05
N CYS RA 14 78.17 89.36 71.36
CA CYS RA 14 77.50 88.26 72.02
C CYS RA 14 78.47 87.08 72.21
N GLN RA 15 79.08 87.02 73.40
CA GLN RA 15 80.07 85.98 73.75
C GLN RA 15 79.41 84.70 74.23
N ALA RA 16 80.13 83.59 74.15
CA ALA RA 16 79.58 82.35 74.71
C ALA RA 16 79.19 82.56 76.17
N ASN RA 17 77.98 82.11 76.51
CA ASN RA 17 77.48 82.07 77.89
C ASN RA 17 76.88 83.35 78.40
N ARG RA 18 76.62 84.30 77.51
CA ARG RA 18 75.88 85.51 77.90
C ARG RA 18 74.44 85.12 78.16
N TYR RA 19 73.89 85.66 79.25
CA TYR RA 19 72.45 85.53 79.46
C TYR RA 19 71.79 86.63 78.63
N LEU RA 20 70.78 86.25 77.83
CA LEU RA 20 70.11 87.20 76.95
C LEU RA 20 68.77 87.68 77.52
N GLY RA 21 68.13 86.81 78.30
CA GLY RA 21 66.88 87.19 78.93
C GLY RA 21 65.95 86.02 79.14
N THR RA 22 64.91 86.24 79.94
CA THR RA 22 63.90 85.24 80.15
C THR RA 22 62.53 85.80 79.82
N LEU RA 23 61.74 85.04 79.08
CA LEU RA 23 60.37 85.42 78.82
C LEU RA 23 59.47 84.55 79.66
N ASN RA 24 58.44 85.15 80.22
CA ASN RA 24 57.51 84.39 81.01
C ASN RA 24 56.31 84.02 80.11
N ILE RA 25 56.12 82.73 79.85
CA ILE RA 25 55.13 82.29 78.88
C ILE RA 25 53.75 82.83 79.18
N ARG RA 26 53.36 82.84 80.44
CA ARG RA 26 52.00 83.29 80.74
C ARG RA 26 51.87 84.81 80.59
N ASP RA 27 52.92 85.54 80.97
CA ASP RA 27 52.97 86.98 80.74
C ASP RA 27 52.98 87.38 79.25
N MET RA 28 53.64 86.59 78.41
CA MET RA 28 53.60 86.85 76.97
C MET RA 28 52.17 86.85 76.44
N ILE RA 29 51.36 85.91 76.93
CA ILE RA 29 49.98 85.77 76.48
C ILE RA 29 49.09 86.83 77.11
N SER RA 30 49.30 87.13 78.40
CA SER RA 30 48.45 88.09 79.08
C SER RA 30 48.77 89.56 78.76
N ASP RA 31 50.02 89.87 78.45
CA ASP RA 31 50.39 91.25 78.11
C ASP RA 31 49.90 91.58 76.71
N PHE RA 32 49.81 90.54 75.89
CA PHE RA 32 49.34 90.68 74.51
C PHE RA 32 47.82 90.89 74.49
N LYS RA 33 47.06 89.91 74.99
CA LYS RA 33 45.72 90.14 75.49
C LYS RA 33 44.73 90.65 74.44
N GLY RA 34 44.70 90.07 73.25
CA GLY RA 34 45.03 88.69 72.97
C GLY RA 34 43.67 88.04 72.68
N VAL RA 35 43.35 87.66 71.45
CA VAL RA 35 42.14 86.86 71.21
C VAL RA 35 42.25 85.54 71.97
N GLN RA 36 43.44 84.97 71.97
CA GLN RA 36 43.70 83.71 72.66
C GLN RA 36 43.64 83.89 74.18
N TYR RA 37 44.20 85.01 74.68
CA TYR RA 37 44.11 85.32 76.10
C TYR RA 37 42.65 85.37 76.56
N GLU RA 38 41.82 86.02 75.78
CA GLU RA 38 40.42 86.12 76.15
C GLU RA 38 39.71 84.76 76.08
N LYS RA 39 40.07 83.90 75.12
CA LYS RA 39 39.49 82.56 75.06
C LYS RA 39 39.88 81.78 76.31
N TRP RA 40 41.05 82.13 76.84
CA TRP RA 40 41.64 81.44 77.96
C TRP RA 40 40.84 81.71 79.22
N ILE RA 41 40.53 82.98 79.47
CA ILE RA 41 39.70 83.38 80.61
C ILE RA 41 38.41 82.57 80.72
N THR RA 42 37.82 82.25 79.59
CA THR RA 42 36.56 81.52 79.58
C THR RA 42 36.79 80.05 79.81
N ALA RA 43 37.89 79.55 79.27
CA ALA RA 43 38.22 78.14 79.42
C ALA RA 43 38.57 77.82 80.87
N GLY RA 44 39.26 78.75 81.52
CA GLY RA 44 39.81 78.52 82.84
C GLY RA 44 41.15 77.79 82.74
N LEU RA 45 41.10 76.53 82.30
CA LEU RA 45 42.29 75.71 82.13
C LEU RA 45 42.62 75.46 80.67
N VAL RA 46 43.89 75.59 80.30
CA VAL RA 46 44.33 75.25 78.93
C VAL RA 46 45.56 74.33 78.95
N MET RA 47 45.62 73.39 78.00
CA MET RA 47 46.78 72.47 77.85
C MET RA 47 47.40 72.59 76.47
N PRO RA 48 47.88 73.80 76.13
CA PRO RA 48 48.12 74.19 74.74
C PRO RA 48 49.12 73.31 74.03
N THR RA 49 49.01 73.26 72.72
CA THR RA 49 50.17 72.92 71.91
C THR RA 49 50.65 74.22 71.29
N PHE RA 50 51.79 74.71 71.74
CA PHE RA 50 52.38 75.93 71.22
C PHE RA 50 53.27 75.68 70.00
N LYS RA 51 53.24 76.60 69.05
CA LYS RA 51 54.32 76.73 68.09
C LYS RA 51 55.10 77.97 68.54
N ILE RA 52 56.36 77.79 68.88
CA ILE RA 52 57.19 78.92 69.20
C ILE RA 52 57.98 79.32 67.97
N VAL RA 53 58.00 80.60 67.67
CA VAL RA 53 58.72 81.10 66.51
C VAL RA 53 59.62 82.23 66.95
N ILE RA 54 60.91 82.10 66.65
CA ILE RA 54 61.87 83.16 66.94
C ILE RA 54 62.28 83.82 65.65
N ARG RA 55 61.90 85.08 65.50
CA ARG RA 55 62.27 85.83 64.32
C ARG RA 55 63.59 86.57 64.49
N LEU RA 56 64.41 86.50 63.46
CA LEU RA 56 65.84 86.43 63.63
C LEU RA 56 66.39 86.53 62.23
N PRO RA 57 67.19 87.57 61.97
CA PRO RA 57 67.74 87.71 60.61
C PRO RA 57 68.82 86.68 60.32
N ALA RA 58 68.63 85.86 59.30
CA ALA RA 58 69.62 84.81 59.00
C ALA RA 58 70.94 85.41 58.60
N ASN RA 59 72.02 84.83 59.11
CA ASN RA 59 73.35 85.32 58.79
C ASN RA 59 74.41 84.23 58.89
N ALA RA 60 75.18 84.04 57.82
CA ALA RA 60 76.17 82.98 57.82
C ALA RA 60 77.56 83.47 58.24
N PHE RA 61 77.67 84.72 58.64
CA PHE RA 61 78.99 85.30 58.88
C PHE RA 61 79.31 85.60 60.34
N THR RA 62 78.59 84.97 61.27
CA THR RA 62 78.79 85.29 62.69
C THR RA 62 79.25 84.10 63.49
N GLY RA 63 78.70 82.93 63.21
CA GLY RA 63 79.01 81.75 64.01
C GLY RA 63 78.16 81.61 65.27
N LEU RA 64 77.24 82.56 65.45
CA LEU RA 64 76.36 82.60 66.61
C LEU RA 64 75.40 81.42 66.67
N THR RA 65 75.32 80.81 67.85
CA THR RA 65 74.34 79.77 68.14
C THR RA 65 73.76 80.04 69.54
N TRP RA 66 72.44 80.06 69.62
CA TRP RA 66 71.76 80.31 70.88
C TRP RA 66 71.01 79.08 71.33
N VAL RA 67 70.68 79.06 72.61
CA VAL RA 67 69.83 78.00 73.15
C VAL RA 67 68.54 78.54 73.78
N MET RA 68 67.40 78.10 73.29
CA MET RA 68 66.15 78.35 73.99
C MET RA 68 65.90 77.19 74.93
N SER RA 69 65.74 77.48 76.22
CA SER RA 69 65.54 76.46 77.24
C SER RA 69 64.14 76.59 77.81
N PHE RA 70 63.36 75.52 77.73
CA PHE RA 70 62.01 75.49 78.29
C PHE RA 70 62.07 75.02 79.74
N ASP RA 71 61.90 75.97 80.65
CA ASP RA 71 62.02 75.72 82.07
C ASP RA 71 60.66 75.90 82.72
N ALA RA 72 59.78 74.90 82.58
CA ALA RA 72 58.39 75.07 83.02
C ALA RA 72 58.26 75.19 84.55
N TYR RA 73 59.28 74.71 85.26
CA TYR RA 73 59.20 74.66 86.71
C TYR RA 73 60.24 75.53 87.40
N ASN RA 74 60.83 76.44 86.62
CA ASN RA 74 61.68 77.48 87.16
C ASN RA 74 62.87 76.93 87.95
N ARG RA 75 63.63 76.02 87.34
CA ARG RA 75 64.66 75.29 88.06
C ARG RA 75 66.10 75.76 87.75
N ILE RA 76 66.32 76.42 86.62
CA ILE RA 76 67.69 76.90 86.34
C ILE RA 76 67.80 78.44 86.35
N THR RA 77 66.67 79.11 86.49
CA THR RA 77 66.63 80.57 86.37
C THR RA 77 67.63 81.34 87.25
N SER RA 78 67.56 81.10 88.55
CA SER RA 78 68.48 81.71 89.50
C SER RA 78 69.97 81.54 89.13
N ARG RA 79 70.31 80.45 88.46
CA ARG RA 79 71.71 80.08 88.25
C ARG RA 79 72.33 80.59 86.95
N ILE RA 80 71.55 81.24 86.10
CA ILE RA 80 72.08 81.63 84.82
C ILE RA 80 71.97 83.11 84.54
N THR RA 81 71.37 83.89 85.44
CA THR RA 81 71.12 85.30 85.14
C THR RA 81 72.36 86.20 85.14
N ALA RA 82 73.50 85.68 85.55
CA ALA RA 82 74.73 86.44 85.45
C ALA RA 82 75.54 85.86 84.32
N SER RA 83 75.47 84.54 84.25
CA SER RA 83 76.22 83.83 83.27
C SER RA 83 75.59 82.46 83.12
N ALA RA 84 75.54 81.99 81.89
CA ALA RA 84 74.77 80.81 81.61
C ALA RA 84 75.65 79.63 81.17
N ASP RA 85 76.16 78.87 82.14
CA ASP RA 85 76.90 77.67 81.79
C ASP RA 85 76.00 76.70 81.02
N PRO RA 86 76.48 76.18 79.88
CA PRO RA 86 75.70 75.25 79.08
C PRO RA 86 75.17 74.04 79.86
N VAL RA 87 75.87 73.61 80.91
CA VAL RA 87 75.38 72.50 81.72
C VAL RA 87 73.98 72.77 82.28
N TYR RA 88 73.73 74.01 82.69
CA TYR RA 88 72.37 74.40 83.12
C TYR RA 88 71.41 74.47 81.95
N THR RA 89 71.79 75.24 80.92
CA THR RA 89 70.86 75.54 79.84
C THR RA 89 70.44 74.32 79.04
N LEU RA 90 71.27 73.27 79.07
CA LEU RA 90 70.98 72.04 78.33
C LEU RA 90 70.38 70.92 79.20
N SER RA 91 70.16 71.23 80.48
CA SER RA 91 69.66 70.26 81.43
C SER RA 91 68.13 70.17 81.46
N VAL RA 92 67.47 71.06 80.73
CA VAL RA 92 66.02 71.00 80.60
C VAL RA 92 65.72 70.95 79.11
N PRO RA 93 64.45 70.64 78.75
CA PRO RA 93 64.13 70.62 77.32
C PRO RA 93 64.62 71.90 76.61
N HIS RA 94 65.26 71.75 75.45
CA HIS RA 94 65.88 72.89 74.81
C HIS RA 94 66.09 72.70 73.32
N TRP RA 95 66.40 73.80 72.63
CA TRP RA 95 66.52 73.79 71.19
C TRP RA 95 67.72 74.64 70.80
N LEU RA 96 68.50 74.14 69.84
CA LEU RA 96 69.59 74.94 69.29
C LEU RA 96 69.10 75.88 68.18
N ILE RA 97 69.47 77.15 68.29
CA ILE RA 97 69.08 78.12 67.29
C ILE RA 97 70.30 78.58 66.56
N HIS RA 98 70.44 78.13 65.31
CA HIS RA 98 71.62 78.52 64.52
C HIS RA 98 71.35 79.78 63.71
N HIS RA 99 72.28 80.71 63.78
CA HIS RA 99 72.12 82.00 63.13
C HIS RA 99 72.07 81.84 61.62
N LYS RA 100 72.80 80.86 61.09
CA LYS RA 100 72.83 80.66 59.65
C LYS RA 100 71.46 80.26 59.10
N LEU RA 101 70.59 79.70 59.94
CA LEU RA 101 69.28 79.21 59.50
C LEU RA 101 68.16 80.24 59.64
N GLY RA 102 68.48 81.40 60.21
CA GLY RA 102 67.51 82.45 60.41
C GLY RA 102 66.35 82.08 61.33
N THR RA 103 65.14 82.46 60.90
CA THR RA 103 63.96 82.33 61.74
C THR RA 103 63.75 80.87 62.13
N PHE RA 104 63.49 80.65 63.41
CA PHE RA 104 63.44 79.34 64.04
C PHE RA 104 62.04 79.01 64.52
N SER RA 105 61.67 77.74 64.46
CA SER RA 105 60.36 77.34 64.94
C SER RA 105 60.41 75.96 65.59
N CYS RA 106 59.55 75.72 66.57
CA CYS RA 106 59.40 74.38 67.15
C CYS RA 106 58.04 74.22 67.82
N GLU RA 107 57.69 72.97 68.15
CA GLU RA 107 56.44 72.72 68.86
C GLU RA 107 56.67 72.31 70.28
N ILE RA 108 55.84 72.85 71.16
CA ILE RA 108 55.87 72.46 72.55
C ILE RA 108 54.51 71.90 72.91
N ASP RA 109 54.43 70.58 73.11
CA ASP RA 109 53.20 70.00 73.61
C ASP RA 109 53.25 70.17 75.13
N TYR RA 110 52.52 71.17 75.62
CA TYR RA 110 52.57 71.53 77.02
C TYR RA 110 52.12 70.36 77.89
N GLY RA 111 51.30 69.49 77.32
CA GLY RA 111 50.89 68.27 77.98
C GLY RA 111 52.04 67.35 78.34
N GLU RA 112 53.01 67.23 77.44
CA GLU RA 112 54.20 66.40 77.68
C GLU RA 112 55.31 67.12 78.43
N LEU RA 113 55.83 68.18 77.81
CA LEU RA 113 56.95 68.94 78.37
C LEU RA 113 56.67 69.58 79.72
N CYS RA 114 55.40 69.85 80.01
CA CYS RA 114 55.07 70.46 81.30
C CYS RA 114 54.25 69.55 82.21
N GLY RA 115 53.07 69.12 81.76
CA GLY RA 115 52.31 68.13 82.52
C GLY RA 115 51.08 68.60 83.29
N HIS RA 116 51.05 69.88 83.66
CA HIS RA 116 49.84 70.40 84.29
C HIS RA 116 49.24 71.56 83.50
N ALA RA 117 47.92 71.69 83.57
CA ALA RA 117 47.22 72.72 82.79
C ALA RA 117 47.34 74.11 83.43
N MET RA 118 47.34 75.13 82.56
CA MET RA 118 47.51 76.51 83.00
C MET RA 118 46.21 77.21 83.42
N TRP RA 119 46.24 77.79 84.61
CA TRP RA 119 45.08 78.48 85.15
C TRP RA 119 45.14 79.95 84.79
N PHE RA 120 44.06 80.47 84.25
CA PHE RA 120 44.06 81.81 83.69
C PHE RA 120 44.42 82.93 84.69
N LYS RA 121 44.04 82.76 85.95
CA LYS RA 121 44.16 83.86 86.90
C LYS RA 121 45.49 83.94 87.67
N SER RA 122 46.21 82.83 87.76
CA SER RA 122 47.43 82.81 88.54
C SER RA 122 48.25 81.56 88.27
N THR RA 123 49.53 81.66 88.59
CA THR RA 123 50.41 80.51 88.49
C THR RA 123 49.96 79.46 89.52
N THR RA 124 49.88 78.20 89.11
CA THR RA 124 49.53 77.12 90.01
C THR RA 124 50.75 76.66 90.81
N PHE RA 125 51.73 76.09 90.13
CA PHE RA 125 52.93 75.64 90.83
C PHE RA 125 54.04 76.66 90.74
N GLU RA 126 54.82 76.57 89.68
CA GLU RA 126 55.72 77.66 89.39
C GLU RA 126 55.40 78.23 88.02
N SER RA 127 55.94 79.41 87.73
CA SER RA 127 55.64 80.13 86.50
C SER RA 127 56.58 79.72 85.36
N PRO RA 128 56.03 79.15 84.26
CA PRO RA 128 56.79 78.61 83.12
C PRO RA 128 57.60 79.66 82.37
N ARG RA 129 58.90 79.42 82.17
CA ARG RA 129 59.77 80.39 81.51
C ARG RA 129 60.44 79.86 80.24
N LEU RA 130 60.77 80.76 79.34
CA LEU RA 130 61.69 80.45 78.24
C LEU RA 130 62.99 81.22 78.45
N HIS RA 131 64.12 80.54 78.53
CA HIS RA 131 65.39 81.23 78.68
C HIS RA 131 66.13 81.29 77.37
N PHE RA 132 66.73 82.43 77.07
CA PHE RA 132 67.56 82.55 75.89
C PHE RA 132 69.02 82.87 76.23
N THR RA 133 69.90 81.95 75.89
CA THR RA 133 71.31 82.07 76.21
C THR RA 133 72.14 81.88 74.95
N CYS RA 134 73.38 82.35 74.97
CA CYS RA 134 74.26 82.19 73.82
C CYS RA 134 75.21 81.01 74.04
N LEU RA 135 75.17 80.02 73.14
CA LEU RA 135 75.91 78.76 73.31
C LEU RA 135 77.31 78.89 72.74
N THR RA 136 77.39 79.37 71.50
CA THR RA 136 78.66 79.71 70.86
C THR RA 136 78.60 81.17 70.42
N GLY RA 137 79.65 81.91 70.70
CA GLY RA 137 79.69 83.35 70.44
C GLY RA 137 79.99 83.73 69.00
N ASN RA 138 79.81 85.01 68.71
CA ASN RA 138 80.17 85.51 67.39
C ASN RA 138 81.67 85.59 67.24
N ASN RA 139 82.15 85.45 66.00
CA ASN RA 139 83.56 85.36 65.74
C ASN RA 139 84.25 86.70 65.99
N LYS RA 140 83.48 87.76 65.83
CA LYS RA 140 83.91 89.14 66.08
C LYS RA 140 82.61 89.87 66.37
N GLU RA 141 82.67 90.99 67.05
CA GLU RA 141 81.42 91.68 67.37
C GLU RA 141 80.72 92.12 66.09
N LEU RA 142 79.41 92.29 66.17
CA LEU RA 142 78.64 92.80 65.05
C LEU RA 142 78.65 94.35 65.05
N ALA RA 143 77.98 94.94 64.08
CA ALA RA 143 78.04 96.38 63.94
C ALA RA 143 77.30 97.13 65.05
N ALA RA 144 76.21 96.56 65.55
CA ALA RA 144 75.43 97.26 66.56
C ALA RA 144 74.57 96.29 67.36
N ASP RA 145 74.02 96.77 68.47
CA ASP RA 145 73.05 95.98 69.23
C ASP RA 145 71.83 95.72 68.35
N TRP RA 146 71.14 94.61 68.60
CA TRP RA 146 69.92 94.28 67.87
C TRP RA 146 68.94 93.51 68.73
N GLN RA 147 67.82 93.10 68.13
CA GLN RA 147 66.84 92.30 68.87
C GLN RA 147 66.24 91.18 68.04
N ALA RA 148 65.72 90.17 68.73
CA ALA RA 148 64.96 89.11 68.09
C ALA RA 148 63.56 89.09 68.69
N VAL RA 149 62.57 88.64 67.94
CA VAL RA 149 61.21 88.61 68.42
C VAL RA 149 60.79 87.16 68.67
N VAL RA 150 60.17 86.91 69.81
CA VAL RA 150 59.66 85.58 70.13
C VAL RA 150 58.12 85.57 70.08
N GLU RA 151 57.55 84.62 69.37
CA GLU RA 151 56.10 84.58 69.25
C GLU RA 151 55.51 83.22 69.62
N LEU RA 152 54.40 83.23 70.34
CA LEU RA 152 53.67 82.01 70.70
C LEU RA 152 52.40 81.90 69.86
N TYR RA 153 52.25 80.81 69.13
CA TYR RA 153 51.05 80.56 68.34
C TYR RA 153 50.35 79.38 68.96
N ALA RA 154 49.04 79.49 69.09
CA ALA RA 154 48.25 78.42 69.70
C ALA RA 154 46.80 78.65 69.43
N GLU RA 155 46.03 77.58 69.44
CA GLU RA 155 44.57 77.69 69.47
C GLU RA 155 44.08 77.13 70.80
N LEU RA 156 44.00 78.01 71.79
CA LEU RA 156 43.64 77.58 73.15
C LEU RA 156 42.21 77.04 73.22
N GLU RA 157 42.08 75.83 73.76
CA GLU RA 157 40.77 75.33 74.11
C GLU RA 157 40.73 74.80 75.54
N GLU RA 158 39.53 74.71 76.11
CA GLU RA 158 39.39 74.34 77.49
C GLU RA 158 39.98 72.95 77.74
N ALA RA 159 40.75 72.84 78.82
CA ALA RA 159 41.35 71.59 79.22
C ALA RA 159 40.36 70.73 80.00
N THR RA 160 40.32 69.45 79.64
CA THR RA 160 39.39 68.50 80.25
C THR RA 160 39.91 67.96 81.59
N SER RA 161 41.23 67.81 81.73
CA SER RA 161 41.87 67.28 82.93
C SER RA 161 42.97 68.21 83.46
N PHE RA 162 43.31 68.09 84.74
CA PHE RA 162 44.38 68.92 85.29
C PHE RA 162 45.75 68.41 84.82
N LEU RA 163 45.88 67.09 84.76
CA LEU RA 163 47.17 66.47 84.50
C LEU RA 163 47.27 66.04 83.05
N GLY RA 164 48.49 66.14 82.50
CA GLY RA 164 48.80 65.63 81.18
C GLY RA 164 48.96 64.11 81.18
N LYS RA 165 49.66 63.61 80.18
CA LYS RA 165 50.03 62.20 80.16
C LYS RA 165 51.44 62.16 80.70
N PRO RA 166 51.75 61.14 81.52
CA PRO RA 166 53.06 61.09 82.17
C PRO RA 166 54.18 60.89 81.16
N THR RA 167 55.20 61.74 81.21
CA THR RA 167 56.43 61.62 80.43
C THR RA 167 57.14 60.29 80.72
N LEU RA 168 57.05 59.81 81.97
CA LEU RA 168 57.84 58.64 82.42
C LEU RA 168 57.13 57.84 83.50
N VAL RA 169 57.19 56.52 83.42
CA VAL RA 169 56.64 55.70 84.48
C VAL RA 169 57.72 54.81 85.05
N PHE RA 170 57.87 54.84 86.37
CA PHE RA 170 59.00 54.19 87.01
C PHE RA 170 59.07 52.70 86.74
N ASP RA 171 60.24 52.27 86.28
CA ASP RA 171 60.53 50.87 86.00
C ASP RA 171 62.06 50.70 85.93
N PRO RA 172 62.61 49.92 86.88
CA PRO RA 172 64.05 49.70 87.09
C PRO RA 172 64.66 49.05 85.89
N GLY RA 173 63.91 48.09 85.33
CA GLY RA 173 64.39 47.25 84.25
C GLY RA 173 64.19 47.87 82.87
N VAL RA 174 63.91 49.17 82.81
CA VAL RA 174 63.63 49.79 81.53
C VAL RA 174 64.27 51.17 81.32
N PHE RA 175 65.37 51.05 80.59
CA PHE RA 175 66.10 52.12 79.93
C PHE RA 175 66.35 51.60 78.52
N ASN RA 176 65.56 52.07 77.56
CA ASN RA 176 65.66 51.63 76.16
C ASN RA 176 67.06 51.78 75.56
N GLY RA 177 67.60 52.99 75.62
CA GLY RA 177 68.83 53.28 74.93
C GLY RA 177 68.62 54.48 74.00
N LYS RA 178 67.36 54.92 73.87
CA LYS RA 178 67.04 56.16 73.17
C LYS RA 178 67.02 57.37 74.12
N PHE RA 179 67.53 58.51 73.67
CA PHE RA 179 67.55 59.73 74.48
C PHE RA 179 66.75 60.86 73.83
N GLN RA 180 66.27 61.81 74.62
CA GLN RA 180 65.87 63.10 74.10
C GLN RA 180 66.60 64.20 74.85
N PHE RA 181 66.89 65.30 74.16
CA PHE RA 181 67.51 66.50 74.77
C PHE RA 181 68.85 66.23 75.41
N LEU RA 182 69.61 65.32 74.83
CA LEU RA 182 70.95 65.05 75.32
C LEU RA 182 71.95 65.78 74.44
N THR RA 183 72.33 66.97 74.90
CA THR RA 183 73.26 67.82 74.16
C THR RA 183 74.51 68.06 74.99
N CYS RA 184 75.67 67.78 74.41
CA CYS RA 184 76.95 68.02 75.09
C CYS RA 184 77.35 69.48 74.96
N PRO RA 185 77.87 70.05 76.04
CA PRO RA 185 78.43 71.40 75.94
C PRO RA 185 79.42 71.49 74.80
N PRO RA 186 79.60 72.68 74.24
CA PRO RA 186 80.45 72.91 73.06
C PRO RA 186 81.88 72.49 73.30
N ILE RA 187 82.46 71.89 72.28
CA ILE RA 187 83.86 71.51 72.23
C ILE RA 187 84.57 72.54 71.34
N PHE RA 188 85.77 72.99 71.70
CA PHE RA 188 86.41 74.06 70.93
C PHE RA 188 87.76 73.67 70.34
N PHE RA 189 88.02 74.11 69.10
CA PHE RA 189 89.31 73.89 68.45
C PHE RA 189 90.01 75.20 68.13
N ASP RA 190 91.29 75.30 68.48
CA ASP RA 190 92.06 76.52 68.23
C ASP RA 190 92.56 76.44 66.83
N LEU RA 191 92.64 77.59 66.16
CA LEU RA 191 93.16 77.58 64.80
C LEU RA 191 94.67 77.77 64.77
N THR RA 192 95.25 77.92 65.95
CA THR RA 192 96.71 78.02 66.07
C THR RA 192 97.32 76.65 66.27
N ALA RA 193 96.57 75.61 65.94
CA ALA RA 193 97.04 74.25 66.12
C ALA RA 193 96.82 73.43 64.86
N VAL RA 194 97.90 72.84 64.36
CA VAL RA 194 97.79 72.06 63.13
C VAL RA 194 96.94 70.78 63.24
N THR RA 195 97.01 70.12 64.40
CA THR RA 195 96.06 69.06 64.73
C THR RA 195 95.64 69.19 66.19
N ALA RA 196 94.60 68.46 66.60
CA ALA RA 196 94.17 68.52 67.99
C ALA RA 196 93.20 67.41 68.32
N LEU RA 197 93.10 67.11 69.60
CA LEU RA 197 92.15 66.13 70.07
C LEU RA 197 91.23 66.76 71.09
N ARG RA 198 89.96 66.39 71.01
CA ARG RA 198 89.01 66.70 72.07
C ARG RA 198 88.21 65.47 72.45
N SER RA 199 88.27 65.10 73.73
CA SER RA 199 87.54 63.94 74.22
C SER RA 199 86.16 64.29 74.77
N ALA RA 200 85.20 63.44 74.50
CA ALA RA 200 83.92 63.51 75.16
C ALA RA 200 83.74 62.18 75.91
N GLY RA 201 83.57 62.24 77.23
CA GLY RA 201 83.37 61.03 77.99
C GLY RA 201 82.06 60.35 77.64
N LEU RA 202 82.05 59.02 77.69
CA LEU RA 202 80.83 58.28 77.38
C LEU RA 202 80.26 57.62 78.63
N THR RA 203 80.76 58.03 79.79
CA THR RA 203 80.25 57.54 81.07
C THR RA 203 79.02 58.38 81.44
N LEU RA 204 77.92 58.13 80.74
CA LEU RA 204 76.79 59.04 80.71
C LEU RA 204 75.96 59.10 81.99
N GLY RA 205 76.21 58.20 82.94
CA GLY RA 205 75.47 58.20 84.18
C GLY RA 205 76.03 59.17 85.20
N GLN RA 206 77.20 59.72 84.88
CA GLN RA 206 77.89 60.66 85.74
C GLN RA 206 77.07 61.94 85.81
N VAL RA 207 76.93 62.50 87.01
CA VAL RA 207 76.18 63.74 87.15
C VAL RA 207 77.04 64.96 86.83
N PRO RA 208 76.58 65.80 85.91
CA PRO RA 208 77.34 66.96 85.42
C PRO RA 208 77.53 67.99 86.50
N MET RA 209 78.61 68.75 86.44
CA MET RA 209 78.84 69.76 87.48
C MET RA 209 79.20 71.13 86.95
N VAL RA 210 78.84 72.15 87.73
CA VAL RA 210 79.22 73.52 87.44
C VAL RA 210 79.85 74.05 88.72
N GLY RA 211 81.17 74.05 88.76
CA GLY RA 211 81.87 74.35 89.99
C GLY RA 211 81.59 73.25 90.99
N THR RA 212 81.09 73.64 92.17
CA THR RA 212 80.75 72.67 93.20
C THR RA 212 79.29 72.22 93.12
N THR RA 213 78.54 72.81 92.19
CA THR RA 213 77.12 72.51 92.02
C THR RA 213 76.85 71.26 91.14
N LYS RA 214 76.18 70.27 91.71
CA LYS RA 214 75.73 69.10 90.96
C LYS RA 214 74.42 69.45 90.19
N VAL RA 215 74.36 69.12 88.91
CA VAL RA 215 73.14 69.36 88.15
C VAL RA 215 72.49 68.03 87.78
N TYR RA 216 71.63 67.51 88.65
CA TYR RA 216 70.91 66.28 88.34
C TYR RA 216 70.00 66.50 87.15
N ASN RA 217 70.03 65.55 86.21
CA ASN RA 217 69.13 65.64 85.07
C ASN RA 217 68.62 64.27 84.66
N LEU RA 218 67.52 64.26 83.91
CA LEU RA 218 66.88 62.98 83.58
C LEU RA 218 67.77 62.02 82.79
N ASN RA 219 68.55 62.55 81.83
CA ASN RA 219 69.37 61.66 81.01
C ASN RA 219 70.40 60.87 81.79
N SER RA 220 71.21 61.56 82.60
CA SER RA 220 72.19 60.84 83.40
C SER RA 220 71.47 59.91 84.36
N THR RA 221 70.33 60.34 84.86
CA THR RA 221 69.55 59.51 85.77
C THR RA 221 69.13 58.20 85.11
N LEU RA 222 68.66 58.29 83.86
CA LEU RA 222 68.27 57.12 83.09
C LEU RA 222 69.45 56.17 82.93
N VAL RA 223 70.58 56.70 82.48
CA VAL RA 223 71.76 55.86 82.26
C VAL RA 223 72.16 55.16 83.56
N SER RA 224 71.97 55.82 84.69
CA SER RA 224 72.35 55.21 85.96
C SER RA 224 71.51 53.98 86.32
N CYS RA 225 70.38 53.81 85.61
CA CYS RA 225 69.49 52.67 85.83
C CYS RA 225 70.03 51.34 85.29
N VAL RA 226 71.23 51.44 84.71
CA VAL RA 226 71.89 50.33 84.06
C VAL RA 226 73.32 50.25 84.62
N LEU RA 227 73.97 49.09 84.52
CA LEU RA 227 75.34 48.97 85.03
C LEU RA 227 76.37 49.48 84.04
N GLY RA 228 76.04 49.36 82.76
CA GLY RA 228 76.90 49.81 81.68
C GLY RA 228 76.25 49.56 80.33
N MET RA 229 76.89 50.01 79.26
CA MET RA 229 76.31 49.93 77.93
C MET RA 229 77.39 49.82 76.87
N GLY RA 230 77.06 49.10 75.81
CA GLY RA 230 77.92 49.01 74.64
C GLY RA 230 77.04 49.20 73.43
N GLY RA 231 77.64 49.31 72.26
CA GLY RA 231 76.85 49.46 71.05
C GLY RA 231 77.34 50.61 70.23
N THR RA 232 76.46 51.19 69.44
CA THR RA 232 76.87 52.29 68.60
C THR RA 232 76.18 53.59 69.01
N VAL RA 233 76.98 54.64 69.17
CA VAL RA 233 76.43 55.95 69.47
C VAL RA 233 75.97 56.61 68.17
N ARG RA 234 74.66 56.87 68.06
CA ARG RA 234 74.10 57.64 66.95
C ARG RA 234 73.84 59.07 67.39
N GLY RA 235 74.42 60.03 66.68
CA GLY RA 235 74.27 61.42 67.07
C GLY RA 235 74.34 62.39 65.90
N ARG RA 236 74.33 63.67 66.21
CA ARG RA 236 74.48 64.70 65.20
C ARG RA 236 75.60 65.64 65.63
N VAL RA 237 76.34 66.16 64.66
CA VAL RA 237 77.39 67.11 64.93
C VAL RA 237 77.05 68.44 64.29
N HIS RA 238 77.15 69.51 65.07
CA HIS RA 238 76.95 70.84 64.51
C HIS RA 238 78.24 71.65 64.53
N ILE RA 239 78.61 72.16 63.38
CA ILE RA 239 79.78 73.02 63.29
C ILE RA 239 79.33 74.48 63.37
N CYS RA 240 79.62 75.11 64.49
CA CYS RA 240 79.05 76.42 64.81
C CYS RA 240 80.01 77.57 64.57
N ALA RA 241 80.32 77.82 63.30
CA ALA RA 241 81.22 78.89 62.92
C ALA RA 241 80.75 79.52 61.61
N PRO RA 242 81.33 80.69 61.26
CA PRO RA 242 81.04 81.37 60.00
C PRO RA 242 81.37 80.52 58.77
N ILE RA 243 80.70 80.74 57.62
CA ILE RA 243 80.98 79.97 56.39
C ILE RA 243 82.46 79.97 56.02
N PHE RA 244 83.19 80.99 56.46
CA PHE RA 244 84.62 81.11 56.10
C PHE RA 244 85.57 80.38 57.06
N TYR RA 245 85.01 79.74 58.09
CA TYR RA 245 85.73 78.78 58.92
C TYR RA 245 85.42 77.39 58.37
N SER RA 246 86.37 76.47 58.48
CA SER RA 246 86.12 75.10 58.07
C SER RA 246 87.09 74.11 58.71
N ILE RA 247 86.65 72.86 58.83
CA ILE RA 247 87.43 71.87 59.54
C ILE RA 247 87.13 70.46 59.02
N VAL RA 248 88.06 69.54 59.24
CA VAL RA 248 87.80 68.13 58.96
C VAL RA 248 88.17 67.32 60.17
N LEU RA 249 87.22 66.52 60.66
CA LEU RA 249 87.40 65.75 61.88
C LEU RA 249 87.41 64.26 61.60
N TRP RA 250 88.25 63.54 62.33
CA TRP RA 250 88.18 62.08 62.41
C TRP RA 250 87.55 61.79 63.76
N VAL RA 251 86.39 61.14 63.76
CA VAL RA 251 85.67 60.87 65.00
C VAL RA 251 85.68 59.39 65.31
N VAL RA 252 86.26 59.01 66.44
CA VAL RA 252 86.43 57.61 66.75
C VAL RA 252 86.37 57.34 68.26
N SER RA 253 86.07 56.10 68.64
CA SER RA 253 86.02 55.74 70.05
C SER RA 253 87.29 55.03 70.54
N GLU RA 254 87.77 55.41 71.71
CA GLU RA 254 88.98 54.82 72.27
C GLU RA 254 88.83 54.46 73.76
N TRP RA 255 89.61 53.49 74.20
CA TRP RA 255 89.51 53.03 75.58
C TRP RA 255 90.74 53.39 76.37
N ASN RA 256 90.51 53.96 77.55
CA ASN RA 256 91.57 54.25 78.50
C ASN RA 256 92.78 54.95 77.87
N GLY RA 257 92.63 56.23 77.59
CA GLY RA 257 93.69 56.96 76.95
C GLY RA 257 93.50 56.96 75.45
N THR RA 258 94.50 57.46 74.75
CA THR RA 258 94.44 57.51 73.30
C THR RA 258 95.76 57.02 72.75
N THR RA 259 95.73 56.48 71.53
CA THR RA 259 96.98 56.07 70.92
C THR RA 259 97.75 57.29 70.50
N MET RA 260 99.07 57.13 70.44
CA MET RA 260 99.95 58.25 70.08
C MET RA 260 100.42 58.08 68.64
N ASP RA 261 100.06 56.97 68.03
CA ASP RA 261 100.48 56.60 66.67
C ASP RA 261 99.40 56.89 65.65
N TRP RA 262 99.64 57.89 64.80
CA TRP RA 262 98.66 58.28 63.79
C TRP RA 262 98.22 57.13 62.89
N ASN RA 263 99.12 56.19 62.63
CA ASN RA 263 98.75 55.08 61.79
C ASN RA 263 97.81 54.11 62.47
N GLU RA 264 98.02 53.87 63.75
CA GLU RA 264 97.11 53.02 64.50
C GLU RA 264 95.73 53.69 64.56
N LEU RA 265 95.74 55.00 64.76
CA LEU RA 265 94.51 55.75 64.90
C LEU RA 265 93.58 55.50 63.73
N PHE RA 266 94.14 55.40 62.54
CA PHE RA 266 93.32 55.26 61.34
C PHE RA 266 93.04 53.83 60.95
N LYS RA 267 93.45 52.90 61.80
CA LYS RA 267 93.06 51.52 61.63
C LYS RA 267 91.80 51.25 62.46
N TYR RA 268 91.41 52.24 63.29
CA TYR RA 268 90.19 52.13 64.09
C TYR RA 268 88.99 52.42 63.23
N PRO RA 269 87.80 51.95 63.64
CA PRO RA 269 86.56 52.22 62.92
C PRO RA 269 85.93 53.56 63.31
N GLY RA 270 86.39 54.62 62.66
CA GLY RA 270 85.85 55.96 62.86
C GLY RA 270 85.13 56.50 61.63
N VAL RA 271 84.73 57.77 61.71
CA VAL RA 271 84.03 58.43 60.61
C VAL RA 271 84.59 59.84 60.43
N TYR RA 272 84.49 60.35 59.21
CA TYR RA 272 84.95 61.71 58.96
C TYR RA 272 83.77 62.68 59.05
N VAL RA 273 84.03 63.85 59.61
CA VAL RA 273 83.01 64.89 59.70
C VAL RA 273 83.57 66.18 59.12
N GLU RA 274 82.97 66.67 58.03
CA GLU RA 274 83.41 67.89 57.35
C GLU RA 274 82.40 69.00 57.57
N GLU RA 275 81.20 68.63 57.99
CA GLU RA 275 80.07 69.57 58.04
C GLU RA 275 78.93 69.05 58.91
N ASP RA 276 77.98 69.94 59.22
CA ASP RA 276 76.76 69.56 59.97
C ASP RA 276 76.26 68.22 59.43
N GLY RA 277 75.88 67.32 60.32
CA GLY RA 277 75.36 66.03 59.94
C GLY RA 277 75.27 65.03 61.07
N SER RA 278 74.75 63.83 60.76
CA SER RA 278 74.69 62.77 61.75
C SER RA 278 75.93 61.87 61.65
N PHE RA 279 76.13 61.05 62.68
CA PHE RA 279 77.26 60.13 62.75
C PHE RA 279 76.91 58.89 63.57
N GLU RA 280 77.56 57.77 63.27
CA GLU RA 280 77.46 56.59 64.11
C GLU RA 280 78.87 56.10 64.43
N VAL RA 281 79.20 56.00 65.70
CA VAL RA 281 80.49 55.46 66.10
C VAL RA 281 80.30 54.31 67.11
N LYS RA 282 81.01 53.21 66.88
CA LYS RA 282 80.96 52.07 67.78
C LYS RA 282 81.67 52.41 69.08
N ILE RA 283 81.03 52.09 70.21
CA ILE RA 283 81.67 52.19 71.52
C ILE RA 283 82.74 51.11 71.65
N ARG RA 284 83.99 51.53 71.72
CA ARG RA 284 85.13 50.65 71.75
C ARG RA 284 85.60 50.32 73.18
N SER RA 285 85.64 49.04 73.54
CA SER RA 285 86.04 48.66 74.90
C SER RA 285 86.42 47.19 74.99
N PRO RA 286 87.38 46.86 75.87
CA PRO RA 286 87.85 45.50 76.09
C PRO RA 286 86.73 44.58 76.53
N TYR RA 287 85.65 45.18 77.05
CA TYR RA 287 84.49 44.45 77.58
C TYR RA 287 83.27 44.69 76.71
N HIS RA 288 83.48 45.46 75.64
CA HIS RA 288 82.44 45.76 74.65
C HIS RA 288 81.43 46.75 75.21
N ARG RA 289 81.54 47.03 76.51
CA ARG RA 289 80.63 47.98 77.17
C ARG RA 289 81.49 48.91 77.99
N THR RA 290 80.99 50.11 78.25
CA THR RA 290 81.63 51.01 79.22
C THR RA 290 80.69 51.14 80.42
N PRO RA 291 81.26 51.25 81.63
CA PRO RA 291 80.41 51.37 82.83
C PRO RA 291 79.61 52.67 82.84
N ALA RA 292 78.43 52.58 83.44
CA ALA RA 292 77.48 53.68 83.52
C ALA RA 292 77.95 54.83 84.42
N ARG RA 293 78.63 54.50 85.51
CA ARG RA 293 79.18 55.50 86.42
C ARG RA 293 80.59 55.18 86.86
N LEU RA 294 81.28 56.16 87.45
CA LEU RA 294 82.64 55.94 87.93
C LEU RA 294 82.74 55.50 89.37
N LEU RA 295 83.76 54.71 89.64
CA LEU RA 295 84.13 54.39 91.00
C LEU RA 295 85.08 55.48 91.52
N ALA RA 296 85.47 55.37 92.79
CA ALA RA 296 86.33 56.37 93.39
C ALA RA 296 87.71 56.40 92.72
N GLY RA 297 88.19 57.61 92.39
CA GLY RA 297 89.50 57.76 91.80
C GLY RA 297 89.63 57.37 90.34
N GLN RA 298 88.53 56.91 89.75
CA GLN RA 298 88.48 56.68 88.32
C GLN RA 298 88.18 57.99 87.59
N SER RA 299 88.67 58.12 86.37
CA SER RA 299 88.38 59.27 85.51
C SER RA 299 87.54 58.77 84.37
N GLN RA 300 86.79 59.67 83.72
CA GLN RA 300 85.94 59.26 82.61
C GLN RA 300 86.79 58.81 81.41
N ARG RA 301 88.01 59.37 81.32
CA ARG RA 301 88.96 59.00 80.26
C ARG RA 301 89.54 57.58 80.44
N ASP RA 302 89.51 57.07 81.67
CA ASP RA 302 89.88 55.67 81.94
C ASP RA 302 89.03 54.65 81.18
N MET RA 303 87.82 55.03 80.80
CA MET RA 303 86.87 54.14 80.12
C MET RA 303 86.77 54.44 78.63
N SER RA 304 85.58 54.20 78.08
CA SER RA 304 85.32 54.45 76.67
C SER RA 304 84.96 55.92 76.43
N SER RA 305 85.59 56.53 75.44
CA SER RA 305 85.33 57.94 75.13
C SER RA 305 85.07 58.11 73.64
N LEU RA 306 84.36 59.19 73.30
CA LEU RA 306 84.11 59.57 71.92
C LEU RA 306 85.09 60.68 71.58
N ASN RA 307 86.08 60.37 70.75
CA ASN RA 307 87.19 61.29 70.49
C ASN RA 307 87.11 62.05 69.18
N PHE RA 308 87.30 63.36 69.25
CA PHE RA 308 87.22 64.21 68.06
C PHE RA 308 88.61 64.72 67.71
N TYR RA 309 89.16 64.17 66.64
CA TYR RA 309 90.48 64.52 66.15
C TYR RA 309 90.41 65.50 64.98
N ALA RA 310 90.97 66.68 65.16
CA ALA RA 310 91.06 67.62 64.05
C ALA RA 310 92.25 67.20 63.19
N ILE RA 311 91.98 66.73 61.99
CA ILE RA 311 93.04 66.21 61.14
C ILE RA 311 93.39 67.16 59.99
N ALA RA 312 92.50 68.11 59.71
CA ALA RA 312 92.81 69.19 58.77
C ALA RA 312 92.08 70.46 59.17
N GLY RA 313 92.84 71.44 59.66
CA GLY RA 313 92.21 72.63 60.19
C GLY RA 313 92.04 72.54 61.69
N PRO RA 314 91.18 73.41 62.24
CA PRO RA 314 90.40 74.39 61.50
C PRO RA 314 91.23 75.47 60.80
N ILE RA 315 90.69 76.00 59.70
CA ILE RA 315 91.30 77.14 59.04
C ILE RA 315 90.30 78.30 58.97
N ALA RA 316 90.83 79.52 58.92
CA ALA RA 316 90.02 80.71 58.69
C ALA RA 316 90.91 81.75 58.07
N PRO RA 317 90.31 82.79 57.48
CA PRO RA 317 91.09 83.88 56.88
C PRO RA 317 91.75 84.67 57.98
N SER RA 318 92.82 85.42 57.71
CA SER RA 318 93.37 86.28 58.75
C SER RA 318 92.51 87.53 58.78
N GLY RA 319 92.40 88.19 59.93
CA GLY RA 319 92.94 87.69 61.17
C GLY RA 319 91.74 87.34 62.06
N GLU RA 320 91.25 86.13 61.89
CA GLU RA 320 90.26 85.62 62.80
C GLU RA 320 90.98 85.03 64.01
N THR RA 321 90.30 85.00 65.15
CA THR RA 321 90.97 84.57 66.37
C THR RA 321 90.10 83.60 67.14
N ALA RA 322 88.80 83.69 66.89
CA ALA RA 322 87.82 82.81 67.53
C ALA RA 322 88.16 81.32 67.36
N GLN RA 323 87.83 80.52 68.37
CA GLN RA 323 87.97 79.09 68.23
C GLN RA 323 86.79 78.59 67.41
N LEU RA 324 86.95 77.41 66.81
CA LEU RA 324 85.85 76.78 66.09
C LEU RA 324 85.15 75.79 67.01
N PRO RA 325 83.87 76.06 67.34
CA PRO RA 325 83.11 75.20 68.24
C PRO RA 325 82.36 74.07 67.52
N ILE RA 326 82.31 72.90 68.18
CA ILE RA 326 81.55 71.73 67.72
C ILE RA 326 80.52 71.42 68.80
N VAL RA 327 79.24 71.37 68.45
CA VAL RA 327 78.23 70.95 69.40
C VAL RA 327 77.79 69.54 69.05
N VAL RA 328 77.94 68.61 70.00
CA VAL RA 328 77.50 67.24 69.75
C VAL RA 328 76.18 66.88 70.43
N GLN RA 329 75.27 66.25 69.70
CA GLN RA 329 74.03 65.72 70.28
C GLN RA 329 73.99 64.21 70.16
N ILE RA 330 73.65 63.55 71.26
CA ILE RA 330 73.57 62.09 71.25
C ILE RA 330 72.12 61.65 71.23
N ASP RA 331 71.74 60.91 70.20
CA ASP RA 331 70.35 60.60 69.97
C ASP RA 331 69.97 59.24 70.54
N GLU RA 332 70.82 58.24 70.30
CA GLU RA 332 70.59 56.94 70.91
C GLU RA 332 71.77 56.02 70.82
N ILE RA 333 71.70 54.94 71.59
CA ILE RA 333 72.62 53.83 71.44
C ILE RA 333 71.89 52.80 70.58
N VAL RA 334 72.32 52.67 69.32
CA VAL RA 334 71.70 51.73 68.39
C VAL RA 334 72.39 50.38 68.51
N ARG RA 335 71.63 49.33 68.27
CA ARG RA 335 72.18 47.98 68.41
C ARG RA 335 72.87 47.86 69.77
N PRO RA 336 72.11 48.13 70.84
CA PRO RA 336 72.66 48.29 72.18
C PRO RA 336 73.06 46.96 72.81
N ASP RA 337 74.19 46.97 73.50
CA ASP RA 337 74.59 45.84 74.31
C ASP RA 337 74.52 46.30 75.77
N LEU RA 338 73.38 46.09 76.41
CA LEU RA 338 73.22 46.60 77.77
C LEU RA 338 73.67 45.64 78.85
N SER RA 339 74.08 46.20 79.98
CA SER RA 339 74.35 45.40 81.16
C SER RA 339 73.06 45.05 81.86
N LEU RA 340 73.16 44.30 82.95
CA LEU RA 340 72.03 44.14 83.83
C LEU RA 340 71.54 45.50 84.27
N PRO RA 341 70.25 45.59 84.58
CA PRO RA 341 69.79 46.81 85.24
C PRO RA 341 70.56 46.93 86.56
N SER RA 342 70.86 48.15 86.97
CA SER RA 342 71.53 48.35 88.25
C SER RA 342 70.64 48.02 89.47
N PHE RA 343 69.32 48.26 89.34
CA PHE RA 343 68.38 47.87 90.39
C PHE RA 343 67.34 46.86 89.92
N GLU RA 344 66.93 45.98 90.81
CA GLU RA 344 65.86 45.06 90.50
C GLU RA 344 64.52 45.62 90.97
N ASP RA 345 63.43 44.90 90.74
CA ASP RA 345 62.14 45.37 91.23
C ASP RA 345 62.06 45.04 92.71
N ASP RA 346 62.73 45.86 93.50
CA ASP RA 346 62.91 45.58 94.91
C ASP RA 346 62.77 46.89 95.69
N TYR RA 347 62.87 46.79 97.00
CA TYR RA 347 62.91 47.96 97.86
C TYR RA 347 64.26 48.66 97.70
N PHE RA 348 64.31 49.92 98.08
CA PHE RA 348 65.59 50.64 98.20
C PHE RA 348 65.47 51.63 99.34
N VAL RA 349 66.61 52.15 99.77
CA VAL RA 349 66.65 52.96 100.98
C VAL RA 349 66.12 54.35 100.74
N TRP RA 350 65.15 54.74 101.56
CA TRP RA 350 64.63 56.10 101.53
C TRP RA 350 65.41 56.93 102.54
N VAL RA 351 65.40 56.48 103.80
CA VAL RA 351 66.02 57.27 104.86
C VAL RA 351 66.37 56.42 106.08
N ASP RA 352 67.48 56.76 106.73
CA ASP RA 352 67.84 56.20 108.02
C ASP RA 352 67.74 57.30 109.08
N PHE RA 353 67.05 57.02 110.19
CA PHE RA 353 67.09 57.89 111.37
C PHE RA 353 67.95 57.24 112.45
N SER RA 354 68.80 58.04 113.09
CA SER RA 354 69.72 57.50 114.08
C SER RA 354 70.09 58.57 115.09
N GLU RA 355 70.82 58.17 116.13
CA GLU RA 355 71.34 59.13 117.09
C GLU RA 355 70.24 60.02 117.66
N PHE RA 356 69.20 59.40 118.21
CA PHE RA 356 68.08 60.14 118.76
C PHE RA 356 68.46 60.79 120.07
N THR RA 357 68.07 62.05 120.25
CA THR RA 357 68.41 62.77 121.49
C THR RA 357 67.24 62.85 122.46
N LEU RA 358 66.02 62.75 121.92
CA LEU RA 358 64.83 62.75 122.74
C LEU RA 358 64.11 61.42 122.63
N ASP RA 359 63.48 60.99 123.72
CA ASP RA 359 62.66 59.78 123.69
C ASP RA 359 61.38 59.98 122.86
N LYS RA 360 60.79 61.16 122.93
CA LYS RA 360 59.62 61.48 122.10
C LYS RA 360 60.09 62.12 120.80
N GLU RA 361 59.85 61.42 119.69
CA GLU RA 361 60.21 61.92 118.36
C GLU RA 361 59.03 61.70 117.42
N GLU RA 362 58.70 62.70 116.60
CA GLU RA 362 57.62 62.51 115.64
C GLU RA 362 58.01 63.05 114.26
N ILE RA 363 58.13 62.13 113.30
CA ILE RA 363 58.55 62.42 111.94
C ILE RA 363 57.34 62.54 111.03
N GLU RA 364 57.04 63.76 110.57
CA GLU RA 364 55.89 63.98 109.67
C GLU RA 364 56.28 63.71 108.22
N ILE RA 365 55.48 62.89 107.56
CA ILE RA 365 55.73 62.55 106.19
C ILE RA 365 54.65 63.18 105.34
N GLY RA 366 53.40 63.02 105.77
CA GLY RA 366 52.24 63.55 105.06
C GLY RA 366 51.90 62.76 103.82
N SER RA 367 52.00 63.41 102.66
CA SER RA 367 51.78 62.74 101.40
C SER RA 367 52.96 62.92 100.44
N ARG RA 368 54.14 63.24 100.98
CA ARG RA 368 55.31 63.57 100.14
C ARG RA 368 56.43 62.56 100.22
N PHE RA 369 57.17 62.44 99.13
CA PHE RA 369 58.45 61.76 99.17
C PHE RA 369 59.52 62.85 99.06
N PHE RA 370 60.38 62.96 100.06
CA PHE RA 370 61.24 64.14 100.13
C PHE RA 370 62.43 63.94 101.07
N ASP RA 371 63.28 64.96 101.18
CA ASP RA 371 64.42 64.94 102.11
C ASP RA 371 64.04 65.44 103.50
N PHE RA 372 64.27 64.61 104.52
CA PHE RA 372 63.98 64.97 105.91
C PHE RA 372 65.07 65.83 106.54
N THR RA 373 64.70 66.61 107.56
CA THR RA 373 65.68 67.30 108.39
C THR RA 373 65.22 67.16 109.83
N SER RA 374 66.18 67.11 110.76
CA SER RA 374 65.86 67.06 112.18
C SER RA 374 66.89 67.79 113.02
N ASN RA 375 66.40 68.44 114.08
CA ASN RA 375 67.26 69.07 115.08
C ASN RA 375 67.53 68.12 116.24
N THR RA 376 66.73 67.06 116.32
CA THR RA 376 66.76 66.18 117.47
C THR RA 376 67.34 64.79 117.14
N CYS RA 377 67.59 64.53 115.86
CA CYS RA 377 68.22 63.27 115.47
C CYS RA 377 68.94 63.37 114.14
N ARG RA 378 69.68 62.31 113.81
CA ARG RA 378 70.47 62.30 112.58
C ARG RA 378 69.72 61.68 111.41
N VAL RA 379 69.54 62.49 110.36
CA VAL RA 379 68.90 62.02 109.14
C VAL RA 379 69.94 61.68 108.09
N SER RA 380 69.85 60.47 107.54
CA SER RA 380 70.71 60.06 106.42
C SER RA 380 69.84 59.67 105.26
N MET RA 381 69.86 60.47 104.21
CA MET RA 381 68.99 60.23 103.08
C MET RA 381 69.61 59.21 102.08
N GLY RA 382 68.79 58.40 101.45
CA GLY RA 382 69.30 57.50 100.43
C GLY RA 382 69.48 58.23 99.11
N GLU RA 383 70.47 57.82 98.32
CA GLU RA 383 70.62 58.30 96.95
C GLU RA 383 70.47 57.13 95.95
N ASN RA 384 69.46 57.21 95.09
CA ASN RA 384 69.20 56.19 94.08
C ASN RA 384 68.45 56.79 92.88
N PRO RA 385 68.31 56.01 91.80
CA PRO RA 385 67.64 56.56 90.63
C PRO RA 385 66.23 57.03 90.93
N PHE RA 386 65.47 56.32 91.75
CA PHE RA 386 64.10 56.78 92.02
C PHE RA 386 64.08 58.21 92.59
N ALA RA 387 64.94 58.48 93.57
CA ALA RA 387 65.01 59.80 94.18
C ALA RA 387 65.42 60.86 93.17
N ALA RA 388 66.35 60.52 92.27
CA ALA RA 388 66.72 61.43 91.20
C ALA RA 388 65.56 61.70 90.23
N MET RA 389 64.77 60.67 89.92
CA MET RA 389 63.62 60.85 89.05
C MET RA 389 62.60 61.77 89.68
N ILE RA 390 62.42 61.67 90.99
CA ILE RA 390 61.55 62.58 91.71
C ILE RA 390 62.02 64.04 91.55
N ALA RA 391 63.33 64.22 91.57
CA ALA RA 391 63.97 65.52 91.51
C ALA RA 391 64.00 66.10 90.11
N CYS RA 392 63.92 65.23 89.11
CA CYS RA 392 64.08 65.65 87.73
C CYS RA 392 62.78 65.72 86.99
N HIS RA 393 61.67 65.78 87.72
CA HIS RA 393 60.38 66.06 87.12
C HIS RA 393 59.68 67.11 87.92
N GLY RA 394 58.82 67.88 87.24
CA GLY RA 394 58.01 68.89 87.89
C GLY RA 394 56.97 68.32 88.84
N LEU RA 395 56.31 67.24 88.41
CA LEU RA 395 55.28 66.58 89.22
C LEU RA 395 55.45 65.07 89.22
N HIS RA 396 54.97 64.41 90.27
CA HIS RA 396 54.95 62.96 90.32
C HIS RA 396 53.74 62.48 91.13
N SER RA 397 53.45 61.20 91.03
CA SER RA 397 52.32 60.64 91.74
C SER RA 397 52.37 59.12 91.73
N GLY RA 398 52.09 58.51 92.87
CA GLY RA 398 52.08 57.07 92.94
C GLY RA 398 51.91 56.55 94.34
N VAL RA 399 52.13 55.26 94.51
CA VAL RA 399 52.05 54.66 95.83
C VAL RA 399 53.37 53.98 96.14
N LEU RA 400 53.87 54.21 97.35
CA LEU RA 400 55.08 53.55 97.85
C LEU RA 400 54.76 52.52 98.92
N ASP RA 401 55.27 51.30 98.76
CA ASP RA 401 55.23 50.32 99.83
C ASP RA 401 56.44 50.56 100.72
N LEU RA 402 56.22 50.66 102.02
CA LEU RA 402 57.31 50.92 102.95
C LEU RA 402 57.62 49.69 103.80
N LYS RA 403 58.91 49.45 104.01
CA LYS RA 403 59.36 48.51 105.02
C LYS RA 403 60.12 49.31 106.07
N LEU RA 404 59.74 49.15 107.34
CA LEU RA 404 60.47 49.78 108.43
C LEU RA 404 61.25 48.70 109.16
N GLN RA 405 62.53 48.97 109.43
CA GLN RA 405 63.39 48.07 110.22
C GLN RA 405 64.12 48.87 111.29
N TRP RA 406 64.28 48.28 112.47
CA TRP RA 406 65.04 48.96 113.51
C TRP RA 406 65.76 48.01 114.44
N SER RA 407 66.88 48.50 114.98
CA SER RA 407 67.66 47.72 115.95
C SER RA 407 67.65 48.47 117.29
N LEU RA 408 67.87 47.74 118.39
CA LEU RA 408 67.82 48.36 119.71
C LEU RA 408 69.16 48.92 120.18
N ASN RA 409 69.07 50.01 120.96
CA ASN RA 409 70.22 50.64 121.56
C ASN RA 409 70.43 50.17 122.99
N THR RA 410 69.31 49.88 123.66
CA THR RA 410 69.31 49.35 125.02
C THR RA 410 69.19 47.82 125.01
N GLU RA 411 69.26 47.21 126.19
CA GLU RA 411 69.11 45.76 126.30
C GLU RA 411 67.69 45.35 125.94
N PHE RA 412 67.57 44.27 125.18
CA PHE RA 412 66.27 43.78 124.70
C PHE RA 412 65.29 43.55 125.83
N GLY RA 413 65.77 42.96 126.92
CA GLY RA 413 64.92 42.68 128.06
C GLY RA 413 64.35 43.92 128.76
N LYS RA 414 64.97 45.07 128.53
CA LYS RA 414 64.54 46.30 129.17
C LYS RA 414 63.61 47.10 128.26
N SER RA 415 63.49 46.66 127.02
CA SER RA 415 62.80 47.45 126.01
C SER RA 415 61.31 47.65 126.28
N SER RA 416 60.79 48.79 125.83
CA SER RA 416 59.35 49.09 125.92
C SER RA 416 58.96 50.08 124.84
N GLY RA 417 57.67 50.32 124.68
CA GLY RA 417 57.19 51.29 123.71
C GLY RA 417 57.00 50.74 122.31
N SER RA 418 57.03 51.63 121.32
CA SER RA 418 56.60 51.32 119.97
C SER RA 418 57.12 52.27 118.88
N VAL RA 419 57.13 51.75 117.65
CA VAL RA 419 57.15 52.57 116.45
C VAL RA 419 55.70 52.61 115.98
N THR RA 420 55.09 53.79 116.03
CA THR RA 420 53.69 53.91 115.63
C THR RA 420 53.54 54.65 114.32
N ILE RA 421 52.73 54.10 113.41
CA ILE RA 421 52.49 54.76 112.14
C ILE RA 421 51.13 55.40 112.17
N THR RA 422 51.09 56.73 112.27
CA THR RA 422 49.80 57.43 112.21
C THR RA 422 49.37 57.65 110.76
N LYS RA 423 48.17 57.16 110.43
CA LYS RA 423 47.61 57.36 109.10
C LYS RA 423 46.29 58.14 109.15
N LEU RA 424 46.28 59.32 108.57
CA LEU RA 424 45.11 60.17 108.59
C LEU RA 424 44.67 60.53 107.19
N VAL RA 425 43.49 61.13 107.09
CA VAL RA 425 43.08 61.83 105.89
C VAL RA 425 42.76 63.25 106.28
N GLY RA 426 43.56 64.18 105.79
CA GLY RA 426 43.43 65.57 106.19
C GLY RA 426 44.74 66.03 106.76
N ASP RA 427 44.72 66.41 108.04
CA ASP RA 427 45.93 66.83 108.74
C ASP RA 427 45.84 66.42 110.20
N LYS RA 428 46.90 66.70 110.96
CA LYS RA 428 46.92 66.33 112.37
C LYS RA 428 45.72 66.95 113.10
N ALA RA 429 45.34 68.16 112.71
CA ALA RA 429 44.32 68.94 113.42
C ALA RA 429 42.86 68.51 113.23
N MET RA 430 42.46 68.21 111.99
CA MET RA 430 41.05 67.98 111.67
C MET RA 430 40.84 66.70 110.86
N GLY RA 431 41.86 65.86 110.80
CA GLY RA 431 41.81 64.68 109.95
C GLY RA 431 40.96 63.51 110.43
N LEU RA 432 40.74 62.57 109.52
CA LEU RA 432 39.99 61.36 109.79
C LEU RA 432 40.99 60.24 110.01
N ASP RA 433 40.58 59.22 110.74
CA ASP RA 433 41.52 58.17 111.12
C ASP RA 433 41.52 56.97 110.20
N GLY RA 434 42.68 56.70 109.61
CA GLY RA 434 42.81 55.57 108.70
C GLY RA 434 43.43 54.35 109.33
N PRO RA 435 44.23 53.61 108.55
CA PRO RA 435 44.91 52.39 109.01
C PRO RA 435 46.20 52.71 109.79
N SER RA 436 46.06 53.51 110.83
CA SER RA 436 47.15 53.78 111.79
C SER RA 436 47.53 52.44 112.41
N HIS RA 437 48.74 52.35 112.93
CA HIS RA 437 49.30 51.04 113.18
C HIS RA 437 50.35 51.16 114.29
N VAL RA 438 50.20 50.33 115.32
CA VAL RA 438 51.14 50.33 116.45
C VAL RA 438 52.03 49.08 116.41
N PHE RA 439 53.31 49.30 116.15
CA PHE RA 439 54.28 48.22 116.19
C PHE RA 439 55.02 48.25 117.51
N ALA RA 440 54.73 47.29 118.39
CA ALA RA 440 55.51 47.17 119.61
C ALA RA 440 57.00 47.17 119.24
N ILE RA 441 57.83 47.87 119.99
CA ILE RA 441 59.22 48.02 119.60
C ILE RA 441 59.92 46.67 119.44
N GLN RA 442 59.45 45.65 120.14
CA GLN RA 442 60.01 44.29 120.05
C GLN RA 442 59.81 43.58 118.69
N LYS RA 443 58.82 44.03 117.91
CA LYS RA 443 58.63 43.48 116.57
C LYS RA 443 59.87 43.71 115.70
N LEU RA 444 60.52 44.86 115.89
CA LEU RA 444 61.79 45.15 115.22
C LEU RA 444 61.66 45.40 113.72
N GLU RA 445 60.41 45.37 113.25
CA GLU RA 445 60.09 45.70 111.86
C GLU RA 445 58.57 45.88 111.63
N GLY RA 446 58.22 46.61 110.58
CA GLY RA 446 56.83 46.80 110.23
C GLY RA 446 56.67 47.28 108.81
N THR RA 447 55.45 47.21 108.29
CA THR RA 447 55.20 47.60 106.91
C THR RA 447 54.00 48.53 106.83
N THR RA 448 53.98 49.36 105.78
CA THR RA 448 52.84 50.25 105.52
C THR RA 448 52.88 50.75 104.06
N GLU RA 449 51.77 51.29 103.58
CA GLU RA 449 51.76 51.92 102.28
C GLU RA 449 51.77 53.43 102.49
N LEU RA 450 52.28 54.18 101.52
CA LEU RA 450 52.21 55.64 101.56
C LEU RA 450 51.71 56.18 100.22
N LEU RA 451 50.63 56.95 100.25
CA LEU RA 451 50.17 57.58 99.02
C LEU RA 451 51.01 58.85 98.80
N VAL RA 452 51.73 58.87 97.68
CA VAL RA 452 52.43 60.08 97.27
C VAL RA 452 51.57 60.76 96.21
N GLY RA 453 50.83 61.76 96.66
CA GLY RA 453 49.85 62.45 95.82
C GLY RA 453 48.84 63.24 96.65
N ASN RA 454 47.72 63.60 96.05
CA ASN RA 454 46.72 64.42 96.72
C ASN RA 454 45.49 64.56 95.85
N PHE RA 455 44.47 65.26 96.35
CA PHE RA 455 43.21 65.38 95.63
C PHE RA 455 43.40 65.90 94.20
N ALA RA 456 44.40 66.75 93.97
CA ALA RA 456 44.63 67.31 92.63
C ALA RA 456 45.21 66.28 91.67
N GLY RA 457 46.01 65.35 92.19
CA GLY RA 457 46.48 64.23 91.40
C GLY RA 457 47.99 63.99 91.36
N ALA RA 458 48.77 64.99 91.77
CA ALA RA 458 50.23 64.92 91.67
C ALA RA 458 50.90 65.90 92.64
N ASN RA 459 52.15 65.59 92.99
CA ASN RA 459 52.92 66.45 93.89
C ASN RA 459 54.00 67.16 93.14
N PRO RA 460 54.20 68.45 93.44
CA PRO RA 460 55.39 69.19 92.98
C PRO RA 460 56.58 68.78 93.84
N ASN RA 461 57.78 69.12 93.40
CA ASN RA 461 58.96 68.71 94.15
C ASN RA 461 59.34 69.82 95.13
N THR RA 462 58.33 70.38 95.77
CA THR RA 462 58.53 71.43 96.75
C THR RA 462 57.53 71.20 97.87
N ARG RA 463 57.52 72.07 98.87
CA ARG RA 463 56.47 72.00 99.88
C ARG RA 463 55.20 72.62 99.25
N PHE RA 464 54.05 72.04 99.59
CA PHE RA 464 52.78 72.49 99.06
C PHE RA 464 51.74 72.08 100.09
N SER RA 465 50.54 72.65 100.01
CA SER RA 465 49.49 72.24 100.92
C SER RA 465 48.22 71.88 100.16
N LEU RA 466 48.04 70.60 99.89
CA LEU RA 466 46.84 70.13 99.19
C LEU RA 466 46.24 68.93 99.91
N TYR RA 467 44.95 69.02 100.25
CA TYR RA 467 44.24 67.96 100.97
C TYR RA 467 44.60 66.57 100.44
N SER RA 468 45.03 65.69 101.33
CA SER RA 468 45.38 64.32 100.95
C SER RA 468 45.45 63.43 102.19
N ARG RA 469 45.86 62.19 101.99
CA ARG RA 469 46.16 61.31 103.12
C ARG RA 469 47.43 61.84 103.78
N TRP RA 470 47.61 61.47 105.04
CA TRP RA 470 48.66 62.06 105.86
C TRP RA 470 49.29 61.01 106.73
N MET RA 471 50.61 60.92 106.69
CA MET RA 471 51.34 59.93 107.46
C MET RA 471 52.41 60.51 108.39
N ALA RA 472 52.58 59.87 109.55
CA ALA RA 472 53.63 60.27 110.47
C ALA RA 472 54.17 59.05 111.20
N ILE RA 473 55.46 59.09 111.52
CA ILE RA 473 56.06 58.04 112.34
C ILE RA 473 56.27 58.62 113.74
N LYS RA 474 55.76 57.91 114.76
CA LYS RA 474 55.82 58.36 116.14
C LYS RA 474 56.63 57.41 117.02
N LEU RA 475 57.77 57.90 117.50
CA LEU RA 475 58.60 57.18 118.45
C LEU RA 475 58.32 57.64 119.89
N ASP RA 476 58.16 56.71 120.84
CA ASP RA 476 57.99 57.10 122.25
C ASP RA 476 59.18 56.72 123.14
N GLN RA 477 60.07 55.92 122.59
CA GLN RA 477 61.25 55.44 123.31
C GLN RA 477 62.44 55.52 122.37
N ALA RA 478 62.54 56.64 121.67
CA ALA RA 478 63.45 56.75 120.55
C ALA RA 478 64.91 56.50 120.95
N LYS RA 479 65.25 56.82 122.19
CA LYS RA 479 66.64 56.64 122.65
C LYS RA 479 67.02 55.16 122.77
N SER RA 480 66.01 54.29 122.76
CA SER RA 480 66.24 52.85 122.77
C SER RA 480 66.45 52.27 121.36
N ILE RA 481 66.46 53.14 120.35
CA ILE RA 481 66.61 52.68 118.98
C ILE RA 481 67.95 53.12 118.42
N LYS RA 482 68.76 52.17 117.95
CA LYS RA 482 70.06 52.54 117.38
C LYS RA 482 69.90 53.08 115.96
N VAL RA 483 68.96 52.50 115.21
CA VAL RA 483 68.64 52.98 113.87
C VAL RA 483 67.23 52.58 113.45
N LEU RA 484 66.54 53.51 112.82
CA LEU RA 484 65.25 53.24 112.20
C LEU RA 484 65.46 53.42 110.70
N ARG RA 485 65.36 52.33 109.94
CA ARG RA 485 65.56 52.40 108.50
C ARG RA 485 64.23 52.32 107.75
N VAL RA 486 64.03 53.18 106.77
CA VAL RA 486 62.82 53.15 105.98
C VAL RA 486 63.15 52.83 104.53
N LEU RA 487 62.73 51.66 104.07
CA LEU RA 487 62.86 51.31 102.65
C LEU RA 487 61.54 51.49 101.94
N CYS RA 488 61.61 51.82 100.66
CA CYS RA 488 60.39 51.90 99.85
C CYS RA 488 60.52 51.16 98.52
N LYS RA 489 59.37 50.81 97.93
CA LYS RA 489 59.28 50.07 96.68
C LYS RA 489 58.03 50.56 95.95
N PRO RA 490 58.24 51.38 94.90
CA PRO RA 490 57.10 51.99 94.19
C PRO RA 490 56.23 50.92 93.54
N ARG RA 491 54.92 51.03 93.78
CA ARG RA 491 53.94 50.20 93.08
C ARG RA 491 53.89 50.59 91.62
N PRO RA 492 53.64 49.60 90.76
CA PRO RA 492 53.63 49.78 89.30
C PRO RA 492 52.75 50.95 88.94
N GLY RA 493 53.22 51.75 88.00
CA GLY RA 493 52.48 52.92 87.56
C GLY RA 493 52.80 54.20 88.31
N PHE RA 494 53.93 54.21 89.02
CA PHE RA 494 54.39 55.45 89.65
C PHE RA 494 54.79 56.41 88.53
N SER RA 495 54.17 57.59 88.51
CA SER RA 495 54.24 58.44 87.34
C SER RA 495 54.97 59.78 87.54
N PHE RA 496 55.68 60.19 86.50
CA PHE RA 496 56.40 61.46 86.52
C PHE RA 496 55.92 62.34 85.38
N TYR RA 497 55.82 63.65 85.64
CA TYR RA 497 55.32 64.60 84.67
C TYR RA 497 56.33 65.73 84.47
N GLY RA 498 56.60 66.05 83.21
CA GLY RA 498 57.43 67.20 82.84
C GLY RA 498 58.91 67.13 83.20
N ARG RA 499 59.72 66.60 82.28
CA ARG RA 499 61.14 66.41 82.58
C ARG RA 499 61.83 67.76 82.79
N THR RA 500 62.71 67.79 83.77
CA THR RA 500 63.44 69.01 84.12
C THR RA 500 64.74 68.65 84.84
N SER RA 501 65.33 69.61 85.52
CA SER RA 501 66.59 69.36 86.24
C SER RA 501 66.57 69.93 87.65
N PHE RA 502 67.64 69.66 88.40
CA PHE RA 502 67.67 69.95 89.83
C PHE RA 502 69.10 70.20 90.30
N PRO RA 503 69.52 71.47 90.28
CA PRO RA 503 70.85 71.85 90.76
C PRO RA 503 70.88 71.89 92.28
N VAL RA 504 71.91 71.28 92.87
CA VAL RA 504 72.21 71.39 94.31
C VAL RA 504 73.70 71.67 94.56
N GLY SA 1 -6.41 53.44 100.93
CA GLY SA 1 -7.39 54.32 101.53
C GLY SA 1 -6.79 55.22 102.57
N LEU SA 2 -7.58 56.19 103.04
CA LEU SA 2 -7.12 57.07 104.09
C LEU SA 2 -6.83 56.25 105.34
N ALA SA 3 -5.61 56.38 105.85
CA ALA SA 3 -5.14 55.51 106.91
C ALA SA 3 -5.02 56.25 108.24
N GLY SA 4 -4.72 57.53 108.15
CA GLY SA 4 -4.56 58.39 109.31
C GLY SA 4 -4.52 59.86 108.94
N ARG SA 5 -4.67 60.74 109.93
CA ARG SA 5 -4.68 62.15 109.65
C ARG SA 5 -4.22 62.94 110.84
N GLY SA 6 -3.97 64.23 110.61
CA GLY SA 6 -3.46 65.15 111.61
C GLY SA 6 -3.56 66.59 111.16
N VAL SA 7 -3.27 67.51 112.06
CA VAL SA 7 -3.47 68.91 111.73
C VAL SA 7 -2.23 69.71 112.12
N ILE SA 8 -1.77 70.58 111.22
CA ILE SA 8 -0.69 71.51 111.54
C ILE SA 8 -1.27 72.93 111.67
N TYR SA 9 -0.91 73.64 112.73
CA TYR SA 9 -1.40 75.02 112.87
C TYR SA 9 -0.38 76.07 112.40
N ILE SA 10 -0.82 76.90 111.47
CA ILE SA 10 -0.01 78.00 110.95
C ILE SA 10 -0.41 79.30 111.67
N PRO SA 11 0.57 80.00 112.23
CA PRO SA 11 0.32 81.33 112.78
C PRO SA 11 0.16 82.35 111.67
N LYS SA 12 -0.62 83.40 111.92
CA LYS SA 12 -0.79 84.46 110.95
C LYS SA 12 0.54 85.10 110.59
N ASP SA 13 1.49 85.12 111.51
CA ASP SA 13 2.85 85.52 111.16
C ASP SA 13 3.74 84.29 111.16
N CYS SA 14 3.94 83.73 109.99
CA CYS SA 14 4.75 82.51 109.93
C CYS SA 14 6.14 82.89 109.47
N GLN SA 15 7.05 83.10 110.41
CA GLN SA 15 8.41 83.59 110.13
C GLN SA 15 9.38 82.47 109.78
N ALA SA 16 10.45 82.81 109.06
CA ALA SA 16 11.48 81.81 108.77
C ALA SA 16 12.02 81.16 110.05
N ASN SA 17 12.01 79.83 110.06
CA ASN SA 17 12.52 79.05 111.17
C ASN SA 17 11.51 78.71 112.27
N ARG SA 18 10.22 78.96 112.02
CA ARG SA 18 9.20 78.64 113.00
C ARG SA 18 8.95 77.14 113.05
N TYR SA 19 8.85 76.61 114.26
CA TYR SA 19 8.39 75.25 114.45
C TYR SA 19 6.88 75.27 114.37
N LEU SA 20 6.32 74.41 113.53
CA LEU SA 20 4.87 74.38 113.34
C LEU SA 20 4.24 73.23 114.10
N GLY SA 21 5.00 72.15 114.27
CA GLY SA 21 4.53 71.01 115.02
C GLY SA 21 5.06 69.69 114.50
N THR SA 22 4.81 68.63 115.26
CA THR SA 22 5.23 67.30 114.84
C THR SA 22 4.04 66.35 114.87
N LEU SA 23 3.88 65.56 113.83
CA LEU SA 23 2.87 64.51 113.85
C LEU SA 23 3.56 63.20 114.07
N ASN SA 24 2.94 62.35 114.86
CA ASN SA 24 3.49 61.03 115.09
C ASN SA 24 2.80 60.05 114.14
N ILE SA 25 3.54 59.48 113.19
CA ILE SA 25 2.92 58.67 112.13
C ILE SA 25 2.08 57.54 112.67
N ARG SA 26 2.55 56.87 113.71
CA ARG SA 26 1.76 55.77 114.23
C ARG SA 26 0.50 56.23 114.98
N ASP SA 27 0.61 57.32 115.72
CA ASP SA 27 -0.57 57.94 116.34
C ASP SA 27 -1.59 58.44 115.33
N MET SA 28 -1.16 58.98 114.19
CA MET SA 28 -2.09 59.40 113.13
C MET SA 28 -2.98 58.25 112.71
N ILE SA 29 -2.40 57.06 112.60
CA ILE SA 29 -3.13 55.87 112.15
C ILE SA 29 -3.99 55.30 113.26
N SER SA 30 -3.49 55.32 114.49
CA SER SA 30 -4.21 54.70 115.60
C SER SA 30 -5.31 55.59 116.16
N ASP SA 31 -5.13 56.90 116.11
CA ASP SA 31 -6.18 57.82 116.59
C ASP SA 31 -7.35 57.83 115.62
N PHE SA 32 -7.05 57.60 114.35
CA PHE SA 32 -8.05 57.56 113.30
C PHE SA 32 -8.87 56.28 113.43
N LYS SA 33 -8.23 55.13 113.28
CA LYS SA 33 -8.74 53.89 113.81
C LYS SA 33 -10.08 53.41 113.24
N GLY SA 34 -10.30 53.50 111.93
CA GLY SA 34 -9.31 53.36 110.88
C GLY SA 34 -9.59 51.97 110.28
N VAL SA 35 -10.03 51.87 109.03
CA VAL SA 35 -10.07 50.55 108.40
C VAL SA 35 -8.67 49.98 108.26
N GLN SA 36 -7.72 50.84 107.93
CA GLN SA 36 -6.31 50.45 107.80
C GLN SA 36 -5.71 50.08 109.16
N TYR SA 37 -6.02 50.86 110.19
CA TYR SA 37 -5.57 50.55 111.54
C TYR SA 37 -6.01 49.15 111.95
N GLU SA 38 -7.25 48.81 111.65
CA GLU SA 38 -7.75 47.49 112.03
C GLU SA 38 -7.13 46.37 111.20
N LYS SA 39 -6.79 46.63 109.93
CA LYS SA 39 -6.08 45.64 109.13
C LYS SA 39 -4.68 45.42 109.72
N TRP SA 40 -4.15 46.46 110.32
CA TRP SA 40 -2.80 46.47 110.89
C TRP SA 40 -2.71 45.52 112.08
N ILE SA 41 -3.67 45.64 113.01
CA ILE SA 41 -3.73 44.77 114.17
C ILE SA 41 -3.67 43.29 113.80
N THR SA 42 -4.27 42.92 112.67
CA THR SA 42 -4.28 41.53 112.24
C THR SA 42 -2.96 41.14 111.59
N ALA SA 43 -2.39 42.07 110.83
CA ALA SA 43 -1.11 41.81 110.18
C ALA SA 43 -0.02 41.65 111.23
N GLY SA 44 -0.11 42.44 112.28
CA GLY SA 44 0.98 42.56 113.24
C GLY SA 44 2.04 43.53 112.74
N LEU SA 45 2.77 43.12 111.69
CA LEU SA 45 3.81 43.94 111.08
C LEU SA 45 3.40 44.52 109.74
N VAL SA 46 3.69 45.78 109.50
CA VAL SA 46 3.45 46.40 108.20
C VAL SA 46 4.69 47.17 107.69
N MET SA 47 4.91 47.13 106.37
CA MET SA 47 5.99 47.88 105.73
C MET SA 47 5.44 48.80 104.67
N PRO SA 48 4.60 49.75 105.07
CA PRO SA 48 3.73 50.46 104.14
C PRO SA 48 4.46 51.23 103.06
N THR SA 49 3.77 51.45 101.94
CA THR SA 49 4.13 52.56 101.08
C THR SA 49 3.06 53.63 101.27
N PHE SA 50 3.43 54.72 101.92
CA PHE SA 50 2.51 55.81 102.20
C PHE SA 50 2.47 56.83 101.07
N LYS SA 51 1.28 57.37 100.83
CA LYS SA 51 1.16 58.62 100.10
C LYS SA 51 0.81 59.66 101.14
N ILE SA 52 1.70 60.63 101.33
CA ILE SA 52 1.39 61.72 102.24
C ILE SA 52 0.83 62.88 101.44
N VAL SA 53 -0.29 63.42 101.92
CA VAL SA 53 -0.90 64.55 101.25
C VAL SA 53 -1.11 65.65 102.26
N ILE SA 54 -0.58 66.83 101.95
CA ILE SA 54 -0.81 67.99 102.78
C ILE SA 54 -1.79 68.93 102.10
N ARG SA 55 -2.95 69.12 102.71
CA ARG SA 55 -3.97 69.99 102.16
C ARG SA 55 -3.88 71.40 102.71
N LEU SA 56 -3.96 72.35 101.80
CA LEU SA 56 -3.20 73.57 101.90
C LEU SA 56 -3.76 74.48 100.81
N PRO SA 57 -4.28 75.65 101.19
CA PRO SA 57 -4.87 76.51 100.15
C PRO SA 57 -3.77 77.17 99.34
N ALA SA 58 -3.80 76.99 98.02
CA ALA SA 58 -2.75 77.55 97.18
C ALA SA 58 -2.79 79.07 97.24
N ASN SA 59 -1.63 79.69 97.32
CA ASN SA 59 -1.56 81.15 97.32
C ASN SA 59 -0.23 81.68 96.79
N ALA SA 60 -0.28 82.57 95.79
CA ALA SA 60 0.94 83.07 95.20
C ALA SA 60 1.41 84.40 95.82
N PHE SA 61 0.74 84.82 96.88
CA PHE SA 61 0.98 86.17 97.38
C PHE SA 61 1.60 86.19 98.77
N THR SA 62 2.23 85.09 99.16
CA THR SA 62 2.79 85.02 100.50
C THR SA 62 4.31 84.84 100.52
N GLY SA 63 4.82 83.97 99.66
CA GLY SA 63 6.25 83.67 99.65
C GLY SA 63 6.58 82.53 100.59
N LEU SA 64 5.55 81.97 101.21
CA LEU SA 64 5.73 80.91 102.21
C LEU SA 64 6.24 79.61 101.60
N THR SA 65 7.29 79.06 102.20
CA THR SA 65 7.76 77.72 101.87
C THR SA 65 8.02 76.93 103.17
N TRP SA 66 7.46 75.73 103.26
CA TRP SA 66 7.61 74.90 104.44
C TRP SA 66 8.45 73.67 104.12
N VAL SA 67 8.92 72.98 105.16
CA VAL SA 67 9.62 71.73 104.96
C VAL SA 67 9.00 70.64 105.79
N MET SA 68 8.58 69.56 105.13
CA MET SA 68 8.20 68.37 105.86
C MET SA 68 9.43 67.49 105.98
N SER SA 69 9.81 67.14 107.20
CA SER SA 69 11.00 66.33 107.45
C SER SA 69 10.58 64.98 108.01
N PHE SA 70 11.00 63.90 107.34
CA PHE SA 70 10.70 62.55 107.79
C PHE SA 70 11.80 62.06 108.73
N ASP SA 71 11.46 62.04 110.02
CA ASP SA 71 12.40 61.68 111.07
C ASP SA 71 12.02 60.35 111.69
N ALA SA 72 12.34 59.26 111.01
CA ALA SA 72 11.82 57.96 111.45
C ALA SA 72 12.44 57.51 112.77
N TYR SA 73 13.61 58.06 113.08
CA TYR SA 73 14.35 57.62 114.26
C TYR SA 73 14.52 58.71 115.32
N ASN SA 74 13.69 59.74 115.20
CA ASN SA 74 13.57 60.77 116.23
C ASN SA 74 14.92 61.44 116.56
N ARG SA 75 15.64 61.89 115.53
CA ARG SA 75 17.02 62.37 115.72
C ARG SA 75 17.15 63.88 115.83
N ILE SA 76 16.23 64.62 115.23
CA ILE SA 76 16.27 66.08 115.33
C ILE SA 76 15.20 66.72 116.25
N THR SA 77 14.21 65.95 116.68
CA THR SA 77 13.06 66.49 117.41
C THR SA 77 13.46 67.45 118.53
N SER SA 78 14.24 66.92 119.47
CA SER SA 78 14.76 67.67 120.62
C SER SA 78 15.26 69.06 120.24
N ARG SA 79 15.91 69.16 119.08
CA ARG SA 79 16.64 70.36 118.72
C ARG SA 79 15.86 71.35 117.87
N ILE SA 80 14.62 71.03 117.50
CA ILE SA 80 13.87 71.95 116.63
C ILE SA 80 12.60 72.56 117.21
N THR SA 81 12.25 72.17 118.43
CA THR SA 81 10.94 72.54 118.96
C THR SA 81 10.84 74.00 119.43
N ALA SA 82 11.94 74.62 119.79
CA ALA SA 82 11.89 76.03 120.16
C ALA SA 82 12.13 76.87 118.94
N SER SA 83 13.11 76.44 118.14
CA SER SA 83 13.39 77.09 116.87
C SER SA 83 13.94 76.01 115.94
N ALA SA 84 13.65 76.15 114.65
CA ALA SA 84 14.01 75.13 113.65
C ALA SA 84 15.02 75.62 112.62
N ASP SA 85 16.30 75.43 112.92
CA ASP SA 85 17.33 75.80 111.95
C ASP SA 85 17.25 74.85 110.74
N PRO SA 86 17.32 75.43 109.53
CA PRO SA 86 17.26 74.59 108.32
C PRO SA 86 18.32 73.48 108.30
N VAL SA 87 19.47 73.69 108.93
CA VAL SA 87 20.49 72.66 108.94
C VAL SA 87 19.95 71.37 109.55
N TYR SA 88 19.11 71.48 110.58
CA TYR SA 88 18.48 70.29 111.15
C TYR SA 88 17.39 69.73 110.25
N THR SA 89 16.50 70.61 109.80
CA THR SA 89 15.29 70.14 109.10
C THR SA 89 15.62 69.53 107.75
N LEU SA 90 16.75 69.90 107.16
CA LEU SA 90 17.16 69.38 105.85
C LEU SA 90 18.18 68.22 105.93
N SER SA 91 18.50 67.80 107.15
CA SER SA 91 19.53 66.78 107.37
C SER SA 91 18.97 65.38 107.32
N VAL SA 92 17.64 65.29 107.27
CA VAL SA 92 16.94 64.00 107.12
C VAL SA 92 16.12 64.07 105.85
N PRO SA 93 15.59 62.92 105.37
CA PRO SA 93 14.72 62.98 104.19
C PRO SA 93 13.61 64.04 104.37
N HIS SA 94 13.39 64.84 103.33
CA HIS SA 94 12.52 66.00 103.45
C HIS SA 94 11.98 66.46 102.11
N TRP SA 95 10.96 67.31 102.17
CA TRP SA 95 10.28 67.79 100.98
C TRP SA 95 9.95 69.27 101.12
N LEU SA 96 10.19 70.04 100.06
CA LEU SA 96 9.81 71.44 100.07
C LEU SA 96 8.33 71.60 99.71
N ILE SA 97 7.61 72.37 100.51
CA ILE SA 97 6.21 72.62 100.25
C ILE SA 97 6.03 74.09 99.89
N HIS SA 98 5.80 74.35 98.61
CA HIS SA 98 5.61 75.73 98.18
C HIS SA 98 4.14 76.16 98.23
N HIS SA 99 3.89 77.30 98.87
CA HIS SA 99 2.54 77.80 99.04
C HIS SA 99 1.88 78.08 97.72
N LYS SA 100 2.66 78.50 96.73
CA LYS SA 100 2.09 78.82 95.42
C LYS SA 100 1.49 77.61 94.76
N LEU SA 101 1.97 76.42 95.12
CA LEU SA 101 1.53 75.16 94.48
C LEU SA 101 0.34 74.50 95.14
N GLY SA 102 -0.08 75.05 96.28
CA GLY SA 102 -1.19 74.50 97.04
C GLY SA 102 -0.96 73.10 97.57
N THR SA 103 -1.98 72.27 97.45
CA THR SA 103 -1.97 70.94 98.04
C THR SA 103 -0.77 70.14 97.54
N PHE SA 104 -0.09 69.49 98.48
CA PHE SA 104 1.17 68.82 98.23
C PHE SA 104 1.04 67.32 98.46
N SER SA 105 1.80 66.55 97.70
CA SER SA 105 1.79 65.11 97.83
C SER SA 105 3.17 64.48 97.56
N CYS SA 106 3.47 63.39 98.25
CA CYS SA 106 4.68 62.64 97.94
C CYS SA 106 4.55 61.19 98.40
N GLU SA 107 5.48 60.33 97.96
CA GLU SA 107 5.48 58.93 98.37
C GLU SA 107 6.60 58.63 99.33
N ILE SA 108 6.30 57.82 100.34
CA ILE SA 108 7.32 57.40 101.28
C ILE SA 108 7.30 55.90 101.27
N ASP SA 109 8.33 55.30 100.69
CA ASP SA 109 8.49 53.85 100.77
C ASP SA 109 9.15 53.56 102.11
N TYR SA 110 8.34 53.15 103.07
CA TYR SA 110 8.82 52.98 104.42
C TYR SA 110 9.92 51.92 104.50
N GLY SA 111 9.92 51.00 103.54
CA GLY SA 111 11.00 50.04 103.40
C GLY SA 111 12.37 50.67 103.17
N GLU SA 112 12.42 51.72 102.34
CA GLU SA 112 13.66 52.44 102.07
C GLU SA 112 13.96 53.51 103.09
N LEU SA 113 13.09 54.51 103.19
CA LEU SA 113 13.32 55.65 104.08
C LEU SA 113 13.42 55.31 105.56
N CYS SA 114 12.82 54.18 105.94
CA CYS SA 114 12.90 53.78 107.33
C CYS SA 114 13.70 52.49 107.56
N GLY SA 115 13.29 51.38 106.95
CA GLY SA 115 14.07 50.15 107.03
C GLY SA 115 13.57 49.04 107.94
N HIS SA 116 12.82 49.37 108.98
CA HIS SA 116 12.20 48.33 109.78
C HIS SA 116 10.65 48.40 109.78
N ALA SA 117 10.00 47.24 109.89
CA ALA SA 117 8.54 47.15 109.84
C ALA SA 117 7.87 47.59 111.15
N MET SA 118 6.69 48.18 111.02
CA MET SA 118 5.98 48.73 112.16
C MET SA 118 5.12 47.71 112.89
N TRP SA 119 5.28 47.65 114.21
CA TRP SA 119 4.56 46.70 115.04
C TRP SA 119 3.31 47.37 115.59
N PHE SA 120 2.17 46.73 115.42
CA PHE SA 120 0.89 47.35 115.74
C PHE SA 120 0.73 47.84 117.18
N LYS SA 121 1.32 47.12 118.14
CA LYS SA 121 1.04 47.38 119.55
C LYS SA 121 1.97 48.40 120.23
N SER SA 122 3.16 48.60 119.69
CA SER SA 122 4.10 49.51 120.32
C SER SA 122 5.25 49.86 119.39
N THR SA 123 5.91 50.96 119.72
CA THR SA 123 7.08 51.36 118.97
C THR SA 123 8.19 50.34 119.22
N THR SA 124 8.89 49.93 118.16
CA THR SA 124 9.99 48.99 118.29
C THR SA 124 11.28 49.72 118.69
N PHE SA 125 11.79 50.56 117.81
CA PHE SA 125 12.99 51.31 118.14
C PHE SA 125 12.67 52.69 118.63
N GLU SA 126 12.54 53.64 117.70
CA GLU SA 126 11.97 54.90 118.10
C GLU SA 126 10.73 55.14 117.28
N SER SA 127 9.94 56.13 117.72
CA SER SA 127 8.64 56.43 117.12
C SER SA 127 8.76 57.43 115.97
N PRO SA 128 8.39 57.01 114.74
CA PRO SA 128 8.57 57.78 113.50
C PRO SA 128 7.76 59.09 113.49
N ARG SA 129 8.41 60.21 113.19
CA ARG SA 129 7.74 61.51 113.21
C ARG SA 129 7.77 62.24 111.86
N LEU SA 130 6.78 63.09 111.63
CA LEU SA 130 6.84 64.07 110.56
C LEU SA 130 6.93 65.45 111.18
N HIS SA 131 7.95 66.21 110.85
CA HIS SA 131 8.08 67.56 111.39
C HIS SA 131 7.70 68.60 110.35
N PHE SA 132 6.98 69.64 110.78
CA PHE SA 132 6.62 70.72 109.88
C PHE SA 132 7.20 72.04 110.31
N THR SA 133 8.07 72.59 109.48
CA THR SA 133 8.79 73.81 109.80
C THR SA 133 8.66 74.81 108.66
N CYS SA 134 8.86 76.08 108.97
CA CYS SA 134 8.81 77.10 107.95
C CYS SA 134 10.23 77.45 107.44
N LEU SA 135 10.48 77.26 106.14
CA LEU SA 135 11.81 77.47 105.57
C LEU SA 135 12.04 78.93 105.18
N THR SA 136 11.06 79.48 104.46
CA THR SA 136 11.05 80.91 104.12
C THR SA 136 9.72 81.51 104.58
N GLY SA 137 9.79 82.68 105.22
CA GLY SA 137 8.63 83.28 105.85
C GLY SA 137 7.71 84.01 104.89
N ASN SA 138 6.52 84.39 105.37
CA ASN SA 138 5.61 85.22 104.59
C ASN SA 138 6.16 86.65 104.48
N ASN SA 139 5.81 87.35 103.40
CA ASN SA 139 6.40 88.65 103.12
C ASN SA 139 5.85 89.70 104.07
N LYS SA 140 4.62 89.46 104.52
CA LYS SA 140 3.92 90.23 105.56
C LYS SA 140 2.97 89.24 106.21
N GLU SA 141 2.52 89.52 107.43
CA GLU SA 141 1.62 88.56 108.06
C GLU SA 141 0.33 88.42 107.25
N LEU SA 142 -0.35 87.29 107.42
CA LEU SA 142 -1.62 87.07 106.77
C LEU SA 142 -2.75 87.63 107.64
N ALA SA 143 -3.99 87.44 107.21
CA ALA SA 143 -5.11 88.06 107.90
C ALA SA 143 -5.43 87.41 109.24
N ALA SA 144 -5.23 86.09 109.33
CA ALA SA 144 -5.55 85.36 110.55
C ALA SA 144 -4.83 84.04 110.63
N ASP SA 145 -4.82 83.44 111.82
CA ASP SA 145 -4.28 82.08 112.00
C ASP SA 145 -5.06 81.13 111.13
N TRP SA 146 -4.41 80.07 110.67
CA TRP SA 146 -5.09 79.03 109.89
C TRP SA 146 -4.50 77.65 110.16
N GLN SA 147 -4.99 76.66 109.43
CA GLN SA 147 -4.45 75.31 109.59
C GLN SA 147 -4.30 74.58 108.25
N ALA SA 148 -3.45 73.57 108.25
CA ALA SA 148 -3.32 72.66 107.12
C ALA SA 148 -3.59 71.24 107.60
N VAL SA 149 -4.09 70.39 106.70
CA VAL SA 149 -4.42 69.02 107.07
C VAL SA 149 -3.42 68.07 106.45
N VAL SA 150 -2.90 67.15 107.25
CA VAL SA 150 -1.97 66.12 106.79
C VAL SA 150 -2.66 64.77 106.73
N GLU SA 151 -2.58 64.07 105.59
CA GLU SA 151 -3.25 62.79 105.45
C GLU SA 151 -2.31 61.67 104.99
N LEU SA 152 -2.44 60.50 105.60
CA LEU SA 152 -1.67 59.32 105.20
C LEU SA 152 -2.59 58.36 104.46
N TYR SA 153 -2.21 58.02 103.23
CA TYR SA 153 -2.95 57.05 102.43
C TYR SA 153 -2.08 55.83 102.25
N ALA SA 154 -2.65 54.65 102.44
CA ALA SA 154 -1.88 53.43 102.36
C ALA SA 154 -2.82 52.26 102.25
N GLU SA 155 -2.36 51.19 101.61
CA GLU SA 155 -3.06 49.91 101.69
C GLU SA 155 -2.20 48.93 102.48
N LEU SA 156 -2.38 48.91 103.79
CA LEU SA 156 -1.56 48.10 104.67
C LEU SA 156 -1.73 46.60 104.42
N GLU SA 157 -0.62 45.91 104.20
CA GLU SA 157 -0.64 44.47 104.17
C GLU SA 157 0.47 43.89 105.07
N GLU SA 158 0.30 42.64 105.49
CA GLU SA 158 1.24 42.03 106.41
C GLU SA 158 2.64 41.99 105.83
N ALA SA 159 3.61 42.38 106.65
CA ALA SA 159 5.01 42.36 106.26
C ALA SA 159 5.62 40.97 106.39
N THR SA 160 6.37 40.58 105.37
CA THR SA 160 6.96 39.25 105.33
C THR SA 160 8.28 39.18 106.13
N SER SA 161 9.04 40.28 106.16
CA SER SA 161 10.32 40.35 106.88
C SER SA 161 10.38 41.53 107.84
N PHE SA 162 11.28 41.48 108.80
CA PHE SA 162 11.42 42.60 109.72
C PHE SA 162 12.16 43.76 109.06
N LEU SA 163 13.17 43.42 108.27
CA LEU SA 163 14.04 44.43 107.70
C LEU SA 163 13.65 44.75 106.26
N GLY SA 164 13.85 46.00 105.87
CA GLY SA 164 13.67 46.44 104.49
C GLY SA 164 14.85 46.03 103.62
N LYS SA 165 15.02 46.73 102.51
CA LYS SA 165 16.23 46.57 101.71
C LYS SA 165 17.16 47.71 102.14
N PRO SA 166 18.46 47.41 102.25
CA PRO SA 166 19.41 48.40 102.75
C PRO SA 166 19.57 49.59 101.81
N THR SA 167 19.37 50.78 102.34
CA THR SA 167 19.61 52.03 101.65
C THR SA 167 21.07 52.12 101.13
N LEU SA 168 22.00 51.58 101.90
CA LEU SA 168 23.43 51.76 101.60
C LEU SA 168 24.26 50.55 102.01
N VAL SA 169 25.21 50.16 101.17
CA VAL SA 169 26.14 49.11 101.57
C VAL SA 169 27.56 49.62 101.55
N PHE SA 170 28.29 49.38 102.65
CA PHE SA 170 29.59 50.03 102.82
C PHE SA 170 30.59 49.64 101.77
N ASP SA 171 31.19 50.65 101.14
CA ASP SA 171 32.19 50.51 100.10
C ASP SA 171 32.95 51.83 99.96
N PRO SA 172 34.25 51.83 100.32
CA PRO SA 172 35.13 52.99 100.37
C PRO SA 172 35.30 53.62 99.01
N GLY SA 173 35.40 52.75 98.01
CA GLY SA 173 35.68 53.15 96.65
C GLY SA 173 34.44 53.51 95.86
N VAL SA 174 33.32 53.72 96.54
CA VAL SA 174 32.07 54.00 95.83
C VAL SA 174 31.23 55.14 96.43
N PHE SA 175 31.44 56.27 95.76
CA PHE SA 175 30.64 57.47 95.85
C PHE SA 175 30.40 57.86 94.38
N ASN SA 176 29.22 57.55 93.87
CA ASN SA 176 28.86 57.84 92.48
C ASN SA 176 29.06 59.30 92.09
N GLY SA 177 28.44 60.20 92.83
CA GLY SA 177 28.40 61.60 92.44
C GLY SA 177 26.96 62.08 92.33
N LYS SA 178 26.01 61.14 92.48
CA LYS SA 178 24.58 61.48 92.57
C LYS SA 178 24.17 61.65 94.05
N PHE SA 179 23.29 62.62 94.32
CA PHE SA 179 22.83 62.88 95.68
C PHE SA 179 21.31 62.73 95.80
N GLN SA 180 20.83 62.41 96.99
CA GLN SA 180 19.43 62.65 97.30
C GLN SA 180 19.32 63.51 98.55
N PHE SA 181 18.26 64.31 98.61
CA PHE SA 181 17.97 65.16 99.77
C PHE SA 181 19.09 66.11 100.15
N LEU SA 182 19.79 66.63 99.15
CA LEU SA 182 20.82 67.63 99.42
C LEU SA 182 20.25 68.99 99.13
N THR SA 183 19.79 69.67 100.18
CA THR SA 183 19.17 70.98 100.04
C THR SA 183 19.98 71.98 100.85
N CYS SA 184 20.37 73.08 100.23
CA CYS SA 184 21.11 74.13 100.93
C CYS SA 184 20.14 75.04 101.67
N PRO SA 185 20.48 75.43 102.90
CA PRO SA 185 19.70 76.48 103.58
C PRO SA 185 19.48 77.69 102.69
N PRO SA 186 18.39 78.42 102.94
CA PRO SA 186 17.99 79.53 102.08
C PRO SA 186 19.05 80.63 102.05
N ILE SA 187 19.26 81.18 100.85
CA ILE SA 187 20.10 82.33 100.60
C ILE SA 187 19.20 83.57 100.44
N PHE SA 188 19.56 84.70 101.06
CA PHE SA 188 18.66 85.86 101.00
C PHE SA 188 19.23 87.07 100.30
N PHE SA 189 18.40 87.75 99.51
CA PHE SA 189 18.79 89.02 98.86
C PHE SA 189 17.97 90.21 99.36
N ASP SA 190 18.64 91.29 99.73
CA ASP SA 190 17.95 92.49 100.18
C ASP SA 190 17.49 93.27 98.99
N LEU SA 191 16.35 93.93 99.10
CA LEU SA 191 15.89 94.74 97.97
C LEU SA 191 16.40 96.16 98.03
N THR SA 192 17.13 96.43 99.10
CA THR SA 192 17.77 97.74 99.26
C THR SA 192 19.15 97.77 98.66
N ALA SA 193 19.42 96.82 97.77
CA ALA SA 193 20.74 96.67 97.17
C ALA SA 193 20.64 96.49 95.67
N VAL SA 194 21.33 97.36 94.94
CA VAL SA 194 21.16 97.33 93.49
C VAL SA 194 21.78 96.09 92.84
N THR SA 195 22.88 95.61 93.41
CA THR SA 195 23.43 94.29 93.07
C THR SA 195 23.90 93.59 94.33
N ALA SA 196 24.15 92.30 94.26
CA ALA SA 196 24.67 91.60 95.43
C ALA SA 196 25.26 90.25 95.07
N LEU SA 197 26.11 89.74 95.95
CA LEU SA 197 26.63 88.40 95.78
C LEU SA 197 26.26 87.51 96.98
N ARG SA 198 25.94 86.26 96.69
CA ARG SA 198 25.86 85.28 97.75
C ARG SA 198 26.60 84.03 97.35
N SER SA 199 27.54 83.63 98.20
CA SER SA 199 28.32 82.43 97.95
C SER SA 199 27.73 81.18 98.59
N ALA SA 200 27.81 80.07 97.87
CA ALA SA 200 27.56 78.77 98.47
C ALA SA 200 28.83 77.94 98.33
N GLY SA 201 29.39 77.47 99.44
CA GLY SA 201 30.58 76.66 99.39
C GLY SA 201 30.34 75.33 98.68
N LEU SA 202 31.34 74.84 97.98
CA LEU SA 202 31.21 73.56 97.29
C LEU SA 202 32.08 72.49 97.94
N THR SA 203 32.57 72.80 99.14
CA THR SA 203 33.36 71.86 99.91
C THR SA 203 32.42 70.95 100.69
N LEU SA 204 31.75 70.06 99.97
CA LEU SA 204 30.56 69.36 100.45
C LEU SA 204 30.81 68.30 101.53
N GLY SA 205 32.07 68.00 101.82
CA GLY SA 205 32.37 67.00 102.82
C GLY SA 205 32.42 67.60 104.21
N GLN SA 206 32.39 68.94 104.25
CA GLN SA 206 32.40 69.70 105.50
C GLN SA 206 31.14 69.36 106.30
N VAL SA 207 31.29 69.14 107.60
CA VAL SA 207 30.11 68.88 108.45
C VAL SA 207 29.42 70.21 108.87
N PRO SA 208 28.12 70.32 108.59
CA PRO SA 208 27.35 71.55 108.84
C PRO SA 208 27.22 71.79 110.32
N MET SA 209 27.11 73.05 110.72
CA MET SA 209 26.96 73.32 112.14
C MET SA 209 25.82 74.27 112.48
N VAL SA 210 25.33 74.14 113.69
CA VAL SA 210 24.34 75.06 114.23
C VAL SA 210 24.87 75.47 115.59
N GLY SA 211 25.47 76.66 115.64
CA GLY SA 211 26.20 77.08 116.82
C GLY SA 211 27.40 76.18 117.02
N THR SA 212 27.48 75.57 118.19
CA THR SA 212 28.57 74.66 118.49
C THR SA 212 28.19 73.21 118.19
N THR SA 213 26.97 72.98 117.72
CA THR SA 213 26.49 71.64 117.42
C THR SA 213 26.85 71.17 116.00
N LYS SA 214 27.57 70.06 115.90
CA LYS SA 214 27.86 69.45 114.60
C LYS SA 214 26.67 68.62 114.19
N VAL SA 215 26.23 68.76 112.94
CA VAL SA 215 25.13 67.94 112.44
C VAL SA 215 25.62 66.96 111.36
N TYR SA 216 26.05 65.77 111.78
CA TYR SA 216 26.51 64.78 110.83
C TYR SA 216 25.35 64.33 109.98
N ASN SA 217 25.58 64.24 108.68
CA ASN SA 217 24.55 63.74 107.76
C ASN SA 217 25.14 62.89 106.65
N LEU SA 218 24.29 62.08 106.03
CA LEU SA 218 24.77 61.15 105.02
C LEU SA 218 25.47 61.81 103.83
N ASN SA 219 24.95 62.93 103.34
CA ASN SA 219 25.54 63.57 102.16
C ASN SA 219 26.98 64.02 102.35
N SER SA 220 27.21 64.79 103.41
CA SER SA 220 28.58 65.22 103.68
C SER SA 220 29.45 64.00 103.96
N THR SA 221 28.90 63.00 104.64
CA THR SA 221 29.64 61.75 104.87
C THR SA 221 30.05 61.07 103.56
N LEU SA 222 29.14 60.99 102.61
CA LEU SA 222 29.46 60.42 101.31
C LEU SA 222 30.59 61.17 100.63
N VAL SA 223 30.46 62.50 100.52
CA VAL SA 223 31.51 63.29 99.90
C VAL SA 223 32.88 63.07 100.55
N SER SA 224 32.89 62.89 101.87
CA SER SA 224 34.15 62.70 102.58
C SER SA 224 34.88 61.40 102.18
N CYS SA 225 34.15 60.49 101.53
CA CYS SA 225 34.71 59.23 101.03
C CYS SA 225 35.65 59.40 99.86
N VAL SA 226 35.79 60.65 99.42
CA VAL SA 226 36.58 61.00 98.26
C VAL SA 226 37.53 62.14 98.68
N LEU SA 227 38.62 62.35 97.94
CA LEU SA 227 39.58 63.39 98.32
C LEU SA 227 39.13 64.73 97.77
N GLY SA 228 38.41 64.69 96.66
CA GLY SA 228 37.96 65.91 96.00
C GLY SA 228 37.13 65.59 94.77
N MET SA 229 36.56 66.62 94.14
CA MET SA 229 35.68 66.41 93.00
C MET SA 229 35.68 67.60 92.06
N GLY SA 230 35.53 67.33 90.77
CA GLY SA 230 35.39 68.37 89.77
C GLY SA 230 34.26 67.93 88.88
N GLY SA 231 33.85 68.80 87.97
CA GLY SA 231 32.76 68.42 87.08
C GLY SA 231 31.71 69.50 87.04
N THR SA 232 30.48 69.10 86.73
CA THR SA 232 29.40 70.06 86.65
C THR SA 232 28.37 69.80 87.73
N VAL SA 233 28.00 70.86 88.44
CA VAL SA 233 26.95 70.81 89.45
C VAL SA 233 25.59 70.95 88.78
N ARG SA 234 24.78 69.89 88.83
CA ARG SA 234 23.40 69.94 88.33
C ARG SA 234 22.47 70.11 89.52
N GLY SA 235 21.64 71.14 89.47
CA GLY SA 235 20.74 71.40 90.56
C GLY SA 235 19.46 72.08 90.15
N ARG SA 236 18.68 72.46 91.16
CA ARG SA 236 17.45 73.21 90.95
C ARG SA 236 17.47 74.46 91.85
N VAL SA 237 16.94 75.54 91.31
CA VAL SA 237 16.81 76.78 92.07
C VAL SA 237 15.33 77.07 92.30
N HIS SA 238 14.95 77.33 93.55
CA HIS SA 238 13.60 77.79 93.84
C HIS SA 238 13.59 79.25 94.31
N ILE SA 239 12.78 80.07 93.64
CA ILE SA 239 12.61 81.44 94.08
C ILE SA 239 11.37 81.54 94.96
N CYS SA 240 11.61 81.74 96.25
CA CYS SA 240 10.57 81.62 97.27
C CYS SA 240 9.99 82.95 97.73
N ALA SA 241 9.29 83.62 96.82
CA ALA SA 241 8.72 84.92 97.12
C ALA SA 241 7.38 85.06 96.40
N PRO SA 242 6.59 86.07 96.78
CA PRO SA 242 5.32 86.37 96.13
C PRO SA 242 5.48 86.67 94.63
N ILE SA 243 4.45 86.44 93.81
CA ILE SA 243 4.53 86.74 92.36
C ILE SA 243 5.01 88.15 92.06
N PHE SA 244 4.81 89.08 92.99
CA PHE SA 244 5.12 90.50 92.77
C PHE SA 244 6.56 90.86 93.14
N TYR SA 245 7.30 89.87 93.63
CA TYR SA 245 8.76 89.96 93.77
C TYR SA 245 9.38 89.33 92.52
N SER SA 246 10.52 89.85 92.10
CA SER SA 246 11.22 89.21 91.00
C SER SA 246 12.70 89.57 90.97
N ILE SA 247 13.49 88.71 90.34
CA ILE SA 247 14.92 88.88 90.37
C ILE SA 247 15.56 88.22 89.16
N VAL SA 248 16.76 88.68 88.81
CA VAL SA 248 17.56 88.01 87.78
C VAL SA 248 18.94 87.73 88.32
N LEU SA 249 19.34 86.46 88.26
CA LEU SA 249 20.63 86.03 88.81
C LEU SA 249 21.61 85.55 87.73
N TRP SA 250 22.88 85.91 87.93
CA TRP SA 250 23.99 85.31 87.18
C TRP SA 250 24.60 84.30 88.12
N VAL SA 251 24.56 83.03 87.74
CA VAL SA 251 25.09 81.98 88.60
C VAL SA 251 26.34 81.36 88.00
N VAL SA 252 27.46 81.44 88.73
CA VAL SA 252 28.74 81.03 88.19
C VAL SA 252 29.67 80.49 89.27
N SER SA 253 30.67 79.71 88.89
CA SER SA 253 31.62 79.16 89.86
C SER SA 253 32.93 79.95 89.86
N GLU SA 254 33.47 80.19 91.05
CA GLU SA 254 34.72 80.92 91.16
C GLU SA 254 35.67 80.28 92.16
N TRP SA 255 36.96 80.53 91.99
CA TRP SA 255 37.96 79.93 92.87
C TRP SA 255 38.66 80.98 93.73
N ASN SA 256 38.71 80.69 95.02
CA ASN SA 256 39.45 81.49 95.98
C ASN SA 256 39.15 82.98 95.87
N GLY SA 257 38.00 83.38 96.37
CA GLY SA 257 37.57 84.77 96.26
C GLY SA 257 36.72 84.97 95.02
N THR SA 258 36.45 86.24 94.71
CA THR SA 258 35.65 86.54 93.55
C THR SA 258 36.31 87.68 92.83
N THR SA 259 36.06 87.80 91.53
CA THR SA 259 36.58 88.93 90.79
C THR SA 259 35.81 90.18 91.15
N MET SA 260 36.47 91.32 91.02
CA MET SA 260 35.85 92.60 91.34
C MET SA 260 35.48 93.32 90.08
N ASP SA 261 35.86 92.75 88.94
CA ASP SA 261 35.60 93.34 87.62
C ASP SA 261 34.39 92.72 86.94
N TRP SA 262 33.31 93.50 86.82
CA TRP SA 262 32.07 93.02 86.20
C TRP SA 262 32.27 92.45 84.80
N ASN SA 263 33.24 92.97 84.05
CA ASN SA 263 33.46 92.46 82.70
C ASN SA 263 34.12 91.10 82.71
N GLU SA 264 35.05 90.89 83.64
CA GLU SA 264 35.66 89.58 83.77
C GLU SA 264 34.60 88.56 84.19
N LEU SA 265 33.72 88.97 85.11
CA LEU SA 265 32.69 88.09 85.65
C LEU SA 265 31.87 87.47 84.54
N PHE SA 266 31.58 88.26 83.51
CA PHE SA 266 30.72 87.76 82.43
C PHE SA 266 31.46 87.08 81.31
N LYS SA 267 32.77 86.91 81.47
CA LYS SA 267 33.55 86.11 80.54
C LYS SA 267 33.64 84.70 81.08
N TYR SA 268 33.12 84.48 82.30
CA TYR SA 268 33.06 83.14 82.88
C TYR SA 268 31.87 82.37 82.32
N PRO SA 269 31.92 81.03 82.41
CA PRO SA 269 30.80 80.19 81.96
C PRO SA 269 29.74 80.01 83.04
N GLY SA 270 28.82 80.97 83.09
CA GLY SA 270 27.71 80.93 84.03
C GLY SA 270 26.37 80.77 83.33
N VAL SA 271 25.30 80.81 84.12
CA VAL SA 271 23.93 80.70 83.59
C VAL SA 271 23.05 81.76 84.24
N TYR SA 272 22.01 82.19 83.53
CA TYR SA 272 21.07 83.16 84.10
C TYR SA 272 19.90 82.42 84.74
N VAL SA 273 19.41 82.93 85.87
CA VAL SA 273 18.24 82.35 86.51
C VAL SA 273 17.23 83.45 86.76
N GLU SA 274 16.05 83.33 86.16
CA GLU SA 274 14.99 84.35 86.28
C GLU SA 274 13.85 83.80 87.09
N GLU SA 275 13.82 82.47 87.23
CA GLU SA 275 12.67 81.79 87.80
C GLU SA 275 12.98 80.37 88.23
N ASP SA 276 12.06 79.76 88.98
CA ASP SA 276 12.18 78.34 89.38
C ASP SA 276 12.68 77.53 88.18
N GLY SA 277 13.65 76.65 88.42
CA GLY SA 277 14.19 75.82 87.35
C GLY SA 277 15.46 75.08 87.70
N SER SA 278 15.94 74.24 86.79
CA SER SA 278 17.21 73.56 87.00
C SER SA 278 18.38 74.37 86.39
N PHE SA 279 19.61 74.02 86.77
CA PHE SA 279 20.81 74.72 86.30
C PHE SA 279 21.98 73.74 86.29
N GLU SA 280 22.95 74.00 85.41
CA GLU SA 280 24.22 73.26 85.42
C GLU SA 280 25.35 74.27 85.39
N VAL SA 281 26.23 74.21 86.38
CA VAL SA 281 27.39 75.09 86.39
C VAL SA 281 28.65 74.24 86.58
N LYS SA 282 29.68 74.53 85.78
CA LYS SA 282 30.97 73.87 85.89
C LYS SA 282 31.70 74.32 87.15
N ILE SA 283 32.21 73.36 87.91
CA ILE SA 283 33.05 73.67 89.06
C ILE SA 283 34.38 74.19 88.54
N ARG SA 284 34.67 75.44 88.87
CA ARG SA 284 35.84 76.12 88.37
C ARG SA 284 37.02 76.08 89.37
N SER SA 285 38.17 75.58 88.93
CA SER SA 285 39.33 75.43 89.80
C SER SA 285 40.64 75.25 89.04
N PRO SA 286 41.74 75.77 89.58
CA PRO SA 286 43.08 75.64 89.01
C PRO SA 286 43.49 74.17 88.86
N TYR SA 287 42.84 73.29 89.60
CA TYR SA 287 43.13 71.86 89.62
C TYR SA 287 41.99 71.07 89.03
N HIS SA 288 40.96 71.81 88.59
CA HIS SA 288 39.79 71.23 87.94
C HIS SA 288 38.93 70.48 88.96
N ARG SA 289 39.40 70.40 90.19
CA ARG SA 289 38.65 69.76 91.27
C ARG SA 289 38.75 70.66 92.49
N THR SA 290 37.79 70.57 93.41
CA THR SA 290 37.87 71.24 94.70
C THR SA 290 37.94 70.15 95.76
N PRO SA 291 38.71 70.39 96.84
CA PRO SA 291 38.89 69.38 97.87
C PRO SA 291 37.61 69.10 98.63
N ALA SA 292 37.45 67.85 99.06
CA ALA SA 292 36.25 67.38 99.74
C ALA SA 292 36.09 67.97 101.14
N ARG SA 293 37.19 68.17 101.85
CA ARG SA 293 37.15 68.78 103.18
C ARG SA 293 38.24 69.83 103.37
N LEU SA 294 38.13 70.63 104.43
CA LEU SA 294 39.10 71.69 104.68
C LEU SA 294 40.21 71.26 105.61
N LEU SA 295 41.40 71.86 105.42
CA LEU SA 295 42.49 71.74 106.39
C LEU SA 295 42.41 72.91 107.38
N ALA SA 296 43.25 72.85 108.41
CA ALA SA 296 43.16 73.83 109.47
C ALA SA 296 43.38 75.23 108.92
N GLY SA 297 42.50 76.16 109.30
CA GLY SA 297 42.67 77.53 108.89
C GLY SA 297 42.26 77.89 107.48
N GLN SA 298 41.80 76.90 106.71
CA GLN SA 298 41.22 77.17 105.40
C GLN SA 298 39.73 77.47 105.57
N SER SA 299 39.19 78.21 104.62
CA SER SA 299 37.80 78.62 104.65
C SER SA 299 37.19 78.04 103.40
N GLN SA 300 35.87 77.87 103.36
CA GLN SA 300 35.26 77.28 102.16
C GLN SA 300 35.42 78.19 100.93
N ARG SA 301 35.62 79.49 101.15
CA ARG SA 301 35.71 80.46 100.07
C ARG SA 301 37.03 80.41 99.34
N ASP SA 302 38.03 79.85 100.02
CA ASP SA 302 39.39 79.69 99.47
C ASP SA 302 39.41 78.68 98.32
N MET SA 303 38.40 77.81 98.27
CA MET SA 303 38.29 76.82 97.22
C MET SA 303 37.25 77.20 96.15
N SER SA 304 36.62 76.18 95.58
CA SER SA 304 35.60 76.38 94.58
C SER SA 304 34.25 76.66 95.23
N SER SA 305 33.57 77.70 94.76
CA SER SA 305 32.25 78.07 95.26
C SER SA 305 31.24 78.29 94.13
N LEU SA 306 29.97 78.13 94.44
CA LEU SA 306 28.88 78.36 93.52
C LEU SA 306 28.33 79.73 93.89
N ASN SA 307 28.56 80.71 93.04
CA ASN SA 307 28.21 82.10 93.37
C ASN SA 307 26.94 82.61 92.72
N PHE SA 308 26.09 83.23 93.53
CA PHE SA 308 24.84 83.78 93.04
C PHE SA 308 24.89 85.30 93.04
N TYR SA 309 24.97 85.87 91.84
CA TYR SA 309 25.04 87.31 91.66
C TYR SA 309 23.68 87.86 91.24
N ALA SA 310 23.13 88.76 92.05
CA ALA SA 310 21.92 89.46 91.67
C ALA SA 310 22.33 90.60 90.76
N ILE SA 311 21.97 90.49 89.48
CA ILE SA 311 22.37 91.50 88.49
C ILE SA 311 21.23 92.43 88.08
N ALA SA 312 20.00 92.01 88.36
CA ALA SA 312 18.86 92.92 88.22
C ALA SA 312 17.82 92.64 89.30
N GLY SA 313 17.64 93.58 90.24
CA GLY SA 313 16.77 93.32 91.36
C GLY SA 313 17.53 92.74 92.55
N PRO SA 314 16.79 92.15 93.51
CA PRO SA 314 15.34 91.94 93.45
C PRO SA 314 14.54 93.25 93.46
N ILE SA 315 13.34 93.22 92.89
CA ILE SA 315 12.42 94.34 92.98
C ILE SA 315 11.10 93.87 93.59
N ALA SA 316 10.43 94.81 94.24
CA ALA SA 316 9.08 94.56 94.74
C ALA SA 316 8.36 95.90 94.83
N PRO SA 317 7.02 95.86 94.92
CA PRO SA 317 6.26 97.10 95.04
C PRO SA 317 6.53 97.73 96.41
N SER SA 318 6.29 99.02 96.60
CA SER SA 318 6.46 99.55 97.96
C SER SA 318 5.18 99.21 98.65
N GLY SA 319 5.22 99.04 99.96
CA GLY SA 319 6.44 99.07 100.72
C GLY SA 319 6.61 97.67 101.25
N GLU SA 320 7.19 96.82 100.42
CA GLU SA 320 7.61 95.52 100.87
C GLU SA 320 8.99 95.65 101.52
N THR SA 321 9.29 94.76 102.47
CA THR SA 321 10.53 94.87 103.23
C THR SA 321 11.26 93.54 103.29
N ALA SA 322 10.51 92.46 103.15
CA ALA SA 322 11.06 91.12 103.16
C ALA SA 322 12.20 90.93 102.17
N GLN SA 323 13.18 90.14 102.57
CA GLN SA 323 14.23 89.75 101.65
C GLN SA 323 13.68 88.70 100.70
N LEU SA 324 14.32 88.54 99.53
CA LEU SA 324 13.93 87.53 98.57
C LEU SA 324 14.83 86.32 98.77
N PRO SA 325 14.23 85.19 99.14
CA PRO SA 325 14.99 83.97 99.40
C PRO SA 325 15.11 83.08 98.18
N ILE SA 326 16.27 82.46 98.03
CA ILE SA 326 16.57 81.47 96.99
C ILE SA 326 16.89 80.18 97.71
N VAL SA 327 16.19 79.10 97.39
CA VAL SA 327 16.57 77.79 97.92
C VAL SA 327 17.24 76.93 96.83
N VAL SA 328 18.49 76.53 97.07
CA VAL SA 328 19.22 75.72 96.08
C VAL SA 328 19.24 74.24 96.45
N GLN SA 329 18.96 73.38 95.47
CA GLN SA 329 19.10 71.93 95.67
C GLN SA 329 20.13 71.39 94.71
N ILE SA 330 21.04 70.57 95.23
CA ILE SA 330 22.07 69.97 94.40
C ILE SA 330 21.75 68.51 94.15
N ASP SA 331 21.58 68.17 92.88
CA ASP SA 331 21.09 66.84 92.51
C ASP SA 331 22.23 65.87 92.21
N GLU SA 332 23.21 66.32 91.44
CA GLU SA 332 24.38 65.50 91.19
C GLU SA 332 25.55 66.27 90.62
N ILE SA 333 26.71 65.63 90.64
CA ILE SA 333 27.86 66.11 89.88
C ILE SA 333 27.85 65.31 88.58
N VAL SA 334 27.51 65.97 87.48
CA VAL SA 334 27.45 65.31 86.17
C VAL SA 334 28.80 65.41 85.49
N ARG SA 335 29.15 64.40 84.70
CA ARG SA 335 30.46 64.37 84.06
C ARG SA 335 31.54 64.60 85.11
N PRO SA 336 31.56 63.71 86.13
CA PRO SA 336 32.37 63.94 87.34
C PRO SA 336 33.83 63.66 87.12
N ASP SA 337 34.67 64.52 87.66
CA ASP SA 337 36.11 64.29 87.70
C ASP SA 337 36.49 64.03 89.15
N LEU SA 338 36.45 62.77 89.57
CA LEU SA 338 36.70 62.47 90.98
C LEU SA 338 38.18 62.25 91.31
N SER SA 339 38.53 62.52 92.56
CA SER SA 339 39.85 62.20 93.04
C SER SA 339 39.86 60.74 93.42
N LEU SA 340 41.01 60.27 93.91
CA LEU SA 340 41.09 58.97 94.54
C LEU SA 340 40.10 58.91 95.69
N PRO SA 341 39.59 57.71 95.99
CA PRO SA 341 38.85 57.55 97.24
C PRO SA 341 39.75 57.97 98.40
N SER SA 342 39.19 58.53 99.46
CA SER SA 342 40.02 58.91 100.60
C SER SA 342 40.48 57.69 101.40
N PHE SA 343 39.68 56.63 101.41
CA PHE SA 343 40.11 55.39 102.05
C PHE SA 343 40.12 54.22 101.07
N GLU SA 344 41.03 53.28 101.30
CA GLU SA 344 41.09 52.06 100.50
C GLU SA 344 40.34 50.95 101.24
N ASP SA 345 40.29 49.76 100.64
CA ASP SA 345 39.62 48.65 101.31
C ASP SA 345 40.59 48.08 102.34
N ASP SA 346 40.65 48.77 103.47
CA ASP SA 346 41.67 48.50 104.46
C ASP SA 346 41.05 48.68 105.84
N TYR SA 347 41.84 48.39 106.87
CA TYR SA 347 41.43 48.65 108.24
C TYR SA 347 41.45 50.15 108.50
N PHE SA 348 40.76 50.55 109.55
CA PHE SA 348 40.82 51.92 110.05
C PHE SA 348 40.64 51.88 111.56
N VAL SA 349 40.99 52.98 112.22
CA VAL SA 349 40.97 52.99 113.67
C VAL SA 349 39.57 53.05 114.25
N TRP SA 350 39.27 52.11 115.14
CA TRP SA 350 38.02 52.14 115.88
C TRP SA 350 38.28 52.87 117.20
N VAL SA 351 39.21 52.37 117.99
CA VAL SA 351 39.45 52.96 119.30
C VAL SA 351 40.88 52.69 119.81
N ASP SA 352 41.44 53.66 120.53
CA ASP SA 352 42.66 53.47 121.29
C ASP SA 352 42.38 53.51 122.80
N PHE SA 353 42.85 52.50 123.53
CA PHE SA 353 42.81 52.57 124.99
C PHE SA 353 44.22 52.84 125.51
N SER SA 354 44.34 53.76 126.45
CA SER SA 354 45.66 54.12 127.00
C SER SA 354 45.54 54.58 128.46
N GLU SA 355 46.67 54.83 129.09
CA GLU SA 355 46.67 55.40 130.43
C GLU SA 355 45.82 54.59 131.40
N PHE SA 356 46.07 53.28 131.47
CA PHE SA 356 45.31 52.40 132.38
C PHE SA 356 45.69 52.64 133.84
N THR SA 357 44.68 52.69 134.71
CA THR SA 357 44.95 52.95 136.12
C THR SA 357 44.86 51.68 136.95
N LEU SA 358 44.13 50.69 136.45
CA LEU SA 358 44.03 49.42 137.15
C LEU SA 358 44.62 48.33 136.29
N ASP SA 359 45.23 47.33 136.93
CA ASP SA 359 45.75 46.17 136.21
C ASP SA 359 44.62 45.31 135.63
N LYS SA 360 43.51 45.17 136.36
CA LYS SA 360 42.34 44.44 135.85
C LYS SA 360 41.39 45.41 135.15
N GLU SA 361 41.22 45.21 133.84
CA GLU SA 361 40.35 46.06 133.05
C GLU SA 361 39.54 45.15 132.15
N GLU SA 362 38.24 45.43 132.00
CA GLU SA 362 37.41 44.63 131.11
C GLU SA 362 36.48 45.51 130.29
N ILE SA 363 36.74 45.54 128.99
CA ILE SA 363 36.00 46.36 128.05
C ILE SA 363 34.91 45.56 127.37
N GLU SA 364 33.64 45.84 127.69
CA GLU SA 364 32.53 45.12 127.07
C GLU SA 364 32.14 45.74 125.73
N ILE SA 365 32.06 44.90 124.71
CA ILE SA 365 31.72 45.34 123.37
C ILE SA 365 30.32 44.79 123.03
N GLY SA 366 30.13 43.50 123.29
CA GLY SA 366 28.87 42.83 123.01
C GLY SA 366 28.68 42.57 121.52
N SER SA 367 27.65 43.18 120.96
CA SER SA 367 27.44 43.04 119.52
C SER SA 367 27.34 44.39 118.84
N ARG SA 368 27.91 45.43 119.46
CA ARG SA 368 27.73 46.80 118.97
C ARG SA 368 29.01 47.44 118.45
N PHE SA 369 28.87 48.34 117.50
CA PHE SA 369 29.95 49.23 117.15
C PHE SA 369 29.55 50.61 117.65
N PHE SA 370 30.32 51.17 118.58
CA PHE SA 370 29.87 52.37 119.31
C PHE SA 370 31.04 53.11 119.99
N ASP SA 371 30.71 54.21 120.67
CA ASP SA 371 31.71 55.00 121.39
C ASP SA 371 31.88 54.50 122.83
N PHE SA 372 33.12 54.20 123.20
CA PHE SA 372 33.43 53.70 124.53
C PHE SA 372 33.57 54.84 125.54
N THR SA 373 33.33 54.53 126.81
CA THR SA 373 33.68 55.43 127.92
C THR SA 373 34.31 54.61 129.04
N SER SA 374 35.24 55.20 129.76
CA SER SA 374 35.86 54.51 130.89
C SER SA 374 36.23 55.50 131.99
N ASN SA 375 36.06 55.04 133.23
CA ASN SA 375 36.47 55.79 134.40
C ASN SA 375 37.89 55.42 134.81
N THR SA 376 38.37 54.30 134.29
CA THR SA 376 39.62 53.72 134.73
C THR SA 376 40.73 53.83 133.69
N CYS SA 377 40.39 54.29 132.50
CA CYS SA 377 41.40 54.51 131.46
C CYS SA 377 40.94 55.52 130.43
N ARG SA 378 41.90 55.91 129.57
CA ARG SA 378 41.63 56.91 128.53
C ARG SA 378 41.16 56.28 127.23
N VAL SA 379 39.95 56.67 126.81
CA VAL SA 379 39.41 56.22 125.54
C VAL SA 379 39.61 57.31 124.48
N SER SA 380 40.17 56.94 123.34
CA SER SA 380 40.27 57.86 122.19
C SER SA 380 39.57 57.21 121.00
N MET SA 381 38.44 57.77 120.61
CA MET SA 381 37.66 57.16 119.53
C MET SA 381 38.16 57.63 118.15
N GLY SA 382 38.05 56.75 117.15
CA GLY SA 382 38.41 57.14 115.80
C GLY SA 382 37.28 57.89 115.13
N GLU SA 383 37.63 58.84 114.27
CA GLU SA 383 36.66 59.49 113.40
C GLU SA 383 36.97 59.20 111.91
N ASN SA 384 36.03 58.55 111.24
CA ASN SA 384 36.14 58.19 109.82
C ASN SA 384 34.76 57.99 109.18
N PRO SA 385 34.73 57.88 107.84
CA PRO SA 385 33.42 57.78 107.20
C PRO SA 385 32.59 56.59 107.70
N PHE SA 386 33.20 55.45 107.97
CA PHE SA 386 32.41 54.33 108.45
C PHE SA 386 31.65 54.70 109.72
N ALA SA 387 32.33 55.33 110.67
CA ALA SA 387 31.69 55.69 111.93
C ALA SA 387 30.56 56.68 111.70
N ALA SA 388 30.79 57.62 110.77
CA ALA SA 388 29.74 58.56 110.40
C ALA SA 388 28.52 57.84 109.79
N MET SA 389 28.77 56.88 108.90
CA MET SA 389 27.69 56.12 108.31
C MET SA 389 26.87 55.38 109.36
N ILE SA 390 27.52 54.86 110.39
CA ILE SA 390 26.83 54.20 111.49
C ILE SA 390 25.90 55.20 112.18
N ALA SA 391 26.39 56.42 112.32
CA ALA SA 391 25.67 57.49 113.01
C ALA SA 391 24.55 58.08 112.18
N CYS SA 392 24.65 57.96 110.86
CA CYS SA 392 23.68 58.60 109.97
C CYS SA 392 22.66 57.61 109.42
N HIS SA 393 22.53 56.44 110.05
CA HIS SA 393 21.46 55.53 109.70
C HIS SA 393 20.76 55.05 110.96
N GLY SA 394 19.49 54.70 110.82
CA GLY SA 394 18.71 54.24 111.94
C GLY SA 394 19.14 52.85 112.38
N LEU SA 395 19.41 51.98 111.41
CA LEU SA 395 19.87 50.61 111.71
C LEU SA 395 21.08 50.21 110.86
N HIS SA 396 21.90 49.29 111.37
CA HIS SA 396 23.00 48.76 110.58
C HIS SA 396 23.22 47.30 110.93
N SER SA 397 23.93 46.58 110.08
CA SER SA 397 24.28 45.19 110.37
C SER SA 397 25.44 44.72 109.49
N GLY SA 398 26.31 43.90 110.06
CA GLY SA 398 27.41 43.35 109.31
C GLY SA 398 28.46 42.67 110.17
N VAL SA 399 29.61 42.41 109.59
CA VAL SA 399 30.69 41.80 110.34
C VAL SA 399 31.94 42.63 110.24
N LEU SA 400 32.60 42.87 111.37
CA LEU SA 400 33.86 43.60 111.40
C LEU SA 400 35.03 42.68 111.69
N ASP SA 401 36.06 42.75 110.86
CA ASP SA 401 37.31 42.06 111.20
C ASP SA 401 38.11 43.04 112.06
N LEU SA 402 38.62 42.53 113.18
CA LEU SA 402 39.38 43.34 114.11
C LEU SA 402 40.87 42.98 114.11
N LYS SA 403 41.73 43.99 114.15
CA LYS SA 403 43.13 43.82 114.45
C LYS SA 403 43.42 44.53 115.75
N LEU SA 404 44.00 43.83 116.70
CA LEU SA 404 44.40 44.44 117.96
C LEU SA 404 45.92 44.59 117.96
N GLN SA 405 46.40 45.77 118.32
CA GLN SA 405 47.84 46.00 118.47
C GLN SA 405 48.13 46.67 119.82
N TRP SA 406 49.27 46.34 120.42
CA TRP SA 406 49.61 46.99 121.68
C TRP SA 406 51.10 47.08 121.90
N SER SA 407 51.53 48.11 122.62
CA SER SA 407 52.95 48.28 122.97
C SER SA 407 53.06 48.22 124.48
N LEU SA 408 54.24 47.85 124.99
CA LEU SA 408 54.45 47.71 126.44
C LEU SA 408 54.86 49.00 127.18
N ASN SA 409 54.39 49.10 128.42
CA ASN SA 409 54.73 50.21 129.30
C ASN SA 409 55.89 49.86 130.22
N THR SA 410 55.93 48.60 130.63
CA THR SA 410 57.05 48.05 131.41
C THR SA 410 58.14 47.40 130.54
N GLU SA 411 59.21 46.92 131.16
CA GLU SA 411 60.26 46.25 130.41
C GLU SA 411 59.78 44.92 129.87
N PHE SA 412 60.13 44.64 128.62
CA PHE SA 412 59.68 43.42 127.96
C PHE SA 412 59.99 42.17 128.76
N GLY SA 413 61.17 42.15 129.37
CA GLY SA 413 61.60 40.98 130.10
C GLY SA 413 60.79 40.73 131.35
N LYS SA 414 60.12 41.77 131.82
CA LYS SA 414 59.34 41.65 133.05
C LYS SA 414 57.88 41.33 132.77
N SER SA 415 57.50 41.38 131.49
CA SER SA 415 56.09 41.30 131.10
C SER SA 415 55.44 39.97 131.41
N SER SA 416 54.14 40.00 131.71
CA SER SA 416 53.35 38.79 131.93
C SER SA 416 51.90 39.08 131.57
N GLY SA 417 51.07 38.05 131.59
CA GLY SA 417 49.65 38.22 131.36
C GLY SA 417 49.26 38.21 129.90
N SER SA 418 48.09 38.80 129.61
CA SER SA 418 47.44 38.60 128.32
C SER SA 418 46.42 39.67 127.96
N VAL SA 419 46.23 39.85 126.65
CA VAL SA 419 45.01 40.44 126.10
C VAL SA 419 44.07 39.26 125.76
N THR SA 420 42.96 39.13 126.49
CA THR SA 420 42.04 38.03 126.23
C THR SA 420 40.76 38.50 125.55
N ILE SA 421 40.34 37.79 124.51
CA ILE SA 421 39.11 38.13 123.83
C ILE SA 421 38.06 37.11 124.22
N THR SA 422 37.11 37.52 125.04
CA THR SA 422 36.01 36.63 125.40
C THR SA 422 34.93 36.67 124.31
N LYS SA 423 34.55 35.51 123.79
CA LYS SA 423 33.48 35.44 122.78
C LYS SA 423 32.38 34.52 123.27
N LEU SA 424 31.18 35.07 123.45
CA LEU SA 424 30.07 34.30 123.97
C LEU SA 424 28.91 34.39 123.02
N VAL SA 425 27.89 33.58 123.28
CA VAL SA 425 26.58 33.77 122.68
C VAL SA 425 25.61 33.90 123.82
N GLY SA 426 24.97 35.06 123.91
CA GLY SA 426 24.11 35.35 125.03
C GLY SA 426 24.60 36.56 125.78
N ASP SA 427 24.97 36.35 127.05
CA ASP SA 427 25.56 37.40 127.88
C ASP SA 427 26.56 36.79 128.88
N LYS SA 428 27.22 37.67 129.62
CA LYS SA 428 28.22 37.20 130.57
C LYS SA 428 27.61 36.17 131.52
N ALA SA 429 26.34 36.32 131.87
CA ALA SA 429 25.69 35.53 132.91
C ALA SA 429 25.25 34.11 132.51
N MET SA 430 24.71 33.96 131.32
CA MET SA 430 24.10 32.68 130.94
C MET SA 430 24.54 32.23 129.54
N GLY SA 431 25.55 32.89 129.00
CA GLY SA 431 25.98 32.63 127.63
C GLY SA 431 26.69 31.32 127.34
N LEU SA 432 26.82 31.02 126.05
CA LEU SA 432 27.54 29.86 125.58
C LEU SA 432 28.94 30.31 125.16
N ASP SA 433 29.91 29.39 125.20
CA ASP SA 433 31.30 29.74 124.90
C ASP SA 433 31.67 29.55 123.45
N GLY SA 434 32.07 30.64 122.81
CA GLY SA 434 32.50 30.61 121.42
C GLY SA 434 34.01 30.58 121.27
N PRO SA 435 34.51 31.20 120.20
CA PRO SA 435 35.95 31.25 119.88
C PRO SA 435 36.67 32.32 120.70
N SER SA 436 36.58 32.22 122.04
CA SER SA 436 37.35 33.05 122.95
C SER SA 436 38.82 32.75 122.72
N HIS SA 437 39.68 33.66 123.12
CA HIS SA 437 41.01 33.64 122.56
C HIS SA 437 41.95 34.34 123.55
N VAL SA 438 43.02 33.66 123.91
CA VAL SA 438 44.00 34.22 124.85
C VAL SA 438 45.28 34.62 124.13
N PHE SA 439 45.54 35.91 124.06
CA PHE SA 439 46.78 36.37 123.47
C PHE SA 439 47.77 36.69 124.60
N ALA SA 440 48.81 35.89 124.72
CA ALA SA 440 49.88 36.23 125.66
C ALA SA 440 50.36 37.65 125.34
N ILE SA 441 50.56 38.46 126.37
CA ILE SA 441 50.87 39.88 126.14
C ILE SA 441 52.07 40.05 125.21
N GLN SA 442 52.98 39.08 125.21
CA GLN SA 442 54.20 39.15 124.39
C GLN SA 442 53.95 39.04 122.90
N LYS SA 443 52.78 38.53 122.50
CA LYS SA 443 52.40 38.50 121.07
C LYS SA 443 52.35 39.92 120.50
N LEU SA 444 51.87 40.85 121.30
CA LEU SA 444 51.88 42.27 120.93
C LEU SA 444 50.85 42.61 119.85
N GLU SA 445 50.07 41.60 119.45
CA GLU SA 445 48.98 41.77 118.47
C GLU SA 445 48.09 40.53 118.38
N GLY SA 446 46.87 40.72 117.92
CA GLY SA 446 45.92 39.62 117.76
C GLY SA 446 44.79 40.01 116.84
N THR SA 447 44.06 39.02 116.35
CA THR SA 447 42.93 39.28 115.44
C THR SA 447 41.67 38.56 115.88
N THR SA 448 40.52 39.09 115.49
CA THR SA 448 39.25 38.45 115.81
C THR SA 448 38.15 39.04 114.92
N GLU SA 449 37.01 38.35 114.82
CA GLU SA 449 35.86 38.88 114.09
C GLU SA 449 34.88 39.41 115.12
N LEU SA 450 34.08 40.41 114.75
CA LEU SA 450 32.96 40.86 115.60
C LEU SA 450 31.65 40.93 114.81
N LEU SA 451 30.63 40.22 115.28
CA LEU SA 451 29.32 40.32 114.65
C LEU SA 451 28.63 41.57 115.17
N VAL SA 452 28.36 42.51 114.28
CA VAL SA 452 27.56 43.68 114.62
C VAL SA 452 26.11 43.44 114.18
N GLY SA 453 25.28 43.00 115.10
CA GLY SA 453 23.94 42.57 114.78
C GLY SA 453 23.34 41.75 115.90
N ASN SA 454 22.27 41.04 115.61
CA ASN SA 454 21.56 40.26 116.62
C ASN SA 454 20.49 39.40 115.99
N PHE SA 455 19.77 38.61 116.80
CA PHE SA 455 18.73 37.73 116.25
C PHE SA 455 17.68 38.42 115.39
N ALA SA 456 17.37 39.67 115.71
CA ALA SA 456 16.42 40.45 114.90
C ALA SA 456 16.95 40.86 113.52
N GLY SA 457 18.26 41.09 113.41
CA GLY SA 457 18.91 41.31 112.14
C GLY SA 457 19.69 42.60 111.97
N ALA SA 458 19.53 43.55 112.89
CA ALA SA 458 20.19 44.84 112.76
C ALA SA 458 20.23 45.56 114.10
N ASN SA 459 21.17 46.49 114.24
CA ASN SA 459 21.31 47.24 115.48
C ASN SA 459 20.87 48.67 115.25
N PRO SA 460 20.17 49.24 116.23
CA PRO SA 460 19.93 50.68 116.27
C PRO SA 460 21.21 51.40 116.70
N ASN SA 461 21.27 52.71 116.55
CA ASN SA 461 22.46 53.43 116.97
C ASN SA 461 22.31 53.95 118.39
N THR SA 462 21.75 53.11 119.26
CA THR SA 462 21.56 53.39 120.67
C THR SA 462 21.87 52.12 121.45
N ARG SA 463 21.76 52.17 122.77
CA ARG SA 463 21.87 50.95 123.54
C ARG SA 463 20.54 50.20 123.36
N PHE SA 464 20.62 48.88 123.30
CA PHE SA 464 19.46 48.03 123.13
C PHE SA 464 19.82 46.67 123.77
N SER SA 465 18.82 45.83 124.01
CA SER SA 465 19.11 44.51 124.54
C SER SA 465 18.44 43.43 123.70
N LEU SA 466 19.18 42.86 122.77
CA LEU SA 466 18.65 41.79 121.92
C LEU SA 466 19.63 40.63 121.82
N TYR SA 467 19.17 39.42 122.13
CA TYR SA 467 20.03 38.23 122.11
C TYR SA 467 20.95 38.18 120.89
N SER SA 468 22.24 38.03 121.13
CA SER SA 468 23.21 37.96 120.04
C SER SA 468 24.51 37.36 120.55
N ARG SA 469 25.51 37.34 119.69
CA ARG SA 469 26.87 37.04 120.10
C ARG SA 469 27.37 38.19 120.96
N TRP SA 470 28.38 37.93 121.78
CA TRP SA 470 28.80 38.88 122.80
C TRP SA 470 30.33 38.83 122.93
N MET SA 471 30.96 40.00 122.85
CA MET SA 471 32.41 40.08 122.91
C MET SA 471 32.91 41.01 124.02
N ALA SA 472 34.06 40.67 124.60
CA ALA SA 472 34.69 41.52 125.60
C ALA SA 472 36.21 41.38 125.49
N ILE SA 473 36.92 42.46 125.79
CA ILE SA 473 38.37 42.43 125.86
C ILE SA 473 38.74 42.48 127.34
N LYS SA 474 39.57 41.54 127.78
CA LYS SA 474 39.96 41.41 129.20
C LYS SA 474 41.48 41.58 129.37
N LEU SA 475 41.86 42.66 130.03
CA LEU SA 475 43.24 42.88 130.41
C LEU SA 475 43.48 42.44 131.89
N ASP SA 476 44.59 41.74 132.14
CA ASP SA 476 44.93 41.36 133.51
C ASP SA 476 46.18 42.11 134.02
N GLN SA 477 46.92 42.72 133.10
CA GLN SA 477 48.16 43.43 133.41
C GLN SA 477 48.13 44.77 132.68
N ALA SA 478 47.00 45.45 132.77
CA ALA SA 478 46.75 46.58 131.91
C ALA SA 478 47.76 47.71 132.10
N LYS SA 479 48.31 47.81 133.31
CA LYS SA 479 49.28 48.87 133.57
C LYS SA 479 50.60 48.64 132.80
N SER SA 480 50.78 47.42 132.30
CA SER SA 480 51.97 47.09 131.52
C SER SA 480 51.78 47.46 130.05
N ILE SA 481 50.62 48.01 129.71
CA ILE SA 481 50.32 48.36 128.32
C ILE SA 481 50.31 49.87 128.12
N LYS SA 482 51.14 50.37 127.20
CA LYS SA 482 51.14 51.79 126.92
C LYS SA 482 49.93 52.20 126.06
N VAL SA 483 49.59 51.35 125.09
CA VAL SA 483 48.40 51.56 124.27
C VAL SA 483 47.84 50.25 123.69
N LEU SA 484 46.52 50.15 123.69
CA LEU SA 484 45.85 49.03 123.03
C LEU SA 484 45.05 49.67 121.93
N ARG SA 485 45.42 49.40 120.68
CA ARG SA 485 44.72 49.97 119.53
C ARG SA 485 43.83 48.90 118.88
N VAL SA 486 42.58 49.27 118.60
CA VAL SA 486 41.66 48.37 117.89
C VAL SA 486 41.30 48.91 116.49
N LEU SA 487 41.74 48.22 115.45
CA LEU SA 487 41.37 48.59 114.08
C LEU SA 487 40.32 47.63 113.58
N CYS SA 488 39.45 48.10 112.68
CA CYS SA 488 38.42 47.23 112.09
C CYS SA 488 38.35 47.42 110.58
N LYS SA 489 37.81 46.41 109.90
CA LYS SA 489 37.67 46.42 108.45
C LYS SA 489 36.38 45.66 108.14
N PRO SA 490 35.33 46.39 107.73
CA PRO SA 490 34.02 45.77 107.48
C PRO SA 490 34.12 44.75 106.36
N ARG SA 491 33.62 43.54 106.62
CA ARG SA 491 33.41 42.55 105.57
C ARG SA 491 32.35 43.03 104.58
N PRO SA 492 32.53 42.63 103.32
CA PRO SA 492 31.65 43.05 102.23
C PRO SA 492 30.20 42.79 102.59
N GLY SA 493 29.33 43.75 102.29
CA GLY SA 493 27.92 43.57 102.58
C GLY SA 493 27.50 44.18 103.90
N PHE SA 494 28.36 45.01 104.49
CA PHE SA 494 27.97 45.71 105.71
C PHE SA 494 26.87 46.70 105.35
N SER SA 495 25.71 46.54 105.97
CA SER SA 495 24.49 47.23 105.51
C SER SA 495 23.95 48.30 106.45
N PHE SA 496 23.42 49.36 105.85
CA PHE SA 496 22.80 50.46 106.58
C PHE SA 496 21.36 50.63 106.15
N TYR SA 497 20.47 50.92 107.11
CA TYR SA 497 19.04 51.07 106.84
C TYR SA 497 18.53 52.42 107.31
N GLY SA 498 17.80 53.12 106.43
CA GLY SA 498 17.14 54.36 106.80
C GLY SA 498 18.02 55.57 107.07
N ARG SA 499 18.33 56.32 106.02
CA ARG SA 499 19.20 57.49 106.17
C ARG SA 499 18.60 58.50 107.13
N THR SA 500 19.46 59.06 107.97
CA THR SA 500 19.06 60.06 108.94
C THR SA 500 20.27 60.94 109.32
N SER SA 501 20.19 61.63 110.45
CA SER SA 501 21.28 62.50 110.86
C SER SA 501 21.58 62.33 112.33
N PHE SA 502 22.65 62.98 112.79
CA PHE SA 502 23.13 62.78 114.14
C PHE SA 502 23.80 64.03 114.68
N PRO SA 503 23.04 64.87 115.41
CA PRO SA 503 23.58 66.08 116.03
C PRO SA 503 24.35 65.76 117.32
N VAL SA 504 25.53 66.35 117.45
CA VAL SA 504 26.32 66.29 118.69
C VAL SA 504 26.90 67.65 119.03
N GLY TA 1 -5.36 16.36 -113.08
CA GLY TA 1 -5.83 15.53 -114.18
C GLY TA 1 -5.23 15.91 -115.53
N LEU TA 2 -5.46 15.07 -116.54
CA LEU TA 2 -4.93 15.38 -117.87
C LEU TA 2 -5.53 16.68 -118.37
N ALA TA 3 -4.67 17.62 -118.71
CA ALA TA 3 -5.09 18.98 -119.05
C ALA TA 3 -4.99 19.28 -120.55
N GLY TA 4 -4.00 18.69 -121.20
CA GLY TA 4 -3.80 18.86 -122.62
C GLY TA 4 -2.88 17.78 -123.16
N ARG TA 5 -2.83 17.66 -124.48
CA ARG TA 5 -1.98 16.66 -125.11
C ARG TA 5 -1.53 17.07 -126.51
N GLY TA 6 -0.58 16.32 -127.04
CA GLY TA 6 -0.01 16.62 -128.34
C GLY TA 6 0.84 15.47 -128.81
N VAL TA 7 1.29 15.53 -130.05
CA VAL TA 7 2.01 14.42 -130.64
C VAL TA 7 3.30 14.90 -131.33
N ILE TA 8 4.39 14.19 -131.10
CA ILE TA 8 5.63 14.49 -131.80
C ILE TA 8 5.93 13.35 -132.76
N TYR TA 9 6.33 13.68 -133.98
CA TYR TA 9 6.64 12.63 -134.96
C TYR TA 9 8.13 12.41 -135.11
N ILE TA 10 8.54 11.16 -134.87
CA ILE TA 10 9.92 10.75 -135.04
C ILE TA 10 10.09 10.07 -136.39
N PRO TA 11 11.04 10.55 -137.19
CA PRO TA 11 11.46 9.92 -138.44
C PRO TA 11 12.21 8.64 -138.13
N LYS TA 12 12.14 7.68 -139.06
CA LYS TA 12 12.85 6.41 -138.90
C LYS TA 12 14.35 6.60 -138.77
N ASP TA 13 14.90 7.60 -139.45
CA ASP TA 13 16.27 8.00 -139.20
C ASP TA 13 16.30 9.35 -138.47
N CYS TA 14 16.37 9.28 -137.15
CA CYS TA 14 16.47 10.48 -136.35
C CYS TA 14 17.95 10.74 -136.13
N GLN TA 15 18.48 11.78 -136.78
CA GLN TA 15 19.92 12.16 -136.69
C GLN TA 15 20.14 13.26 -135.66
N ALA TA 16 21.35 13.34 -135.12
CA ALA TA 16 21.67 14.42 -134.19
C ALA TA 16 21.37 15.78 -134.78
N ASN TA 17 20.76 16.63 -133.97
CA ASN TA 17 20.38 17.99 -134.34
C ASN TA 17 19.09 18.11 -135.11
N ARG TA 18 18.40 17.00 -135.33
CA ARG TA 18 17.09 17.08 -135.98
C ARG TA 18 16.02 17.81 -135.15
N TYR TA 19 15.25 18.66 -135.82
CA TYR TA 19 14.10 19.28 -135.19
C TYR TA 19 12.88 18.37 -135.34
N LEU TA 20 12.20 18.10 -134.23
CA LEU TA 20 11.08 17.16 -134.25
C LEU TA 20 9.72 17.84 -134.20
N GLY TA 21 9.68 19.03 -133.64
CA GLY TA 21 8.45 19.81 -133.60
C GLY TA 21 8.32 20.67 -132.37
N THR TA 22 7.32 21.54 -132.37
CA THR TA 22 7.05 22.38 -131.22
C THR TA 22 5.60 22.23 -130.81
N LEU TA 23 5.34 22.05 -129.53
CA LEU TA 23 3.98 22.06 -129.01
C LEU TA 23 3.73 23.37 -128.30
N ASN TA 24 2.56 23.93 -128.53
CA ASN TA 24 2.20 25.17 -127.87
C ASN TA 24 1.40 24.83 -126.60
N ILE TA 25 1.96 25.13 -125.43
CA ILE TA 25 1.37 24.68 -124.18
C ILE TA 25 -0.09 25.10 -124.04
N ARG TA 26 -0.38 26.33 -124.45
CA ARG TA 26 -1.75 26.79 -124.26
C ARG TA 26 -2.72 26.12 -125.26
N ASP TA 27 -2.24 25.92 -126.48
CA ASP TA 27 -3.01 25.19 -127.47
C ASP TA 27 -3.26 23.72 -127.06
N MET TA 28 -2.29 23.08 -126.43
CA MET TA 28 -2.48 21.71 -125.97
C MET TA 28 -3.67 21.64 -125.02
N ILE TA 29 -3.81 22.65 -124.16
CA ILE TA 29 -4.88 22.67 -123.18
C ILE TA 29 -6.23 23.06 -123.80
N SER TA 30 -6.20 24.04 -124.70
CA SER TA 30 -7.43 24.52 -125.33
C SER TA 30 -7.98 23.60 -126.42
N ASP TA 31 -7.10 22.89 -127.15
CA ASP TA 31 -7.56 21.97 -128.19
C ASP TA 31 -8.20 20.74 -127.55
N PHE TA 32 -7.70 20.40 -126.36
CA PHE TA 32 -8.19 19.25 -125.63
C PHE TA 32 -9.56 19.57 -125.04
N LYS TA 33 -9.63 20.58 -124.18
CA LYS TA 33 -10.87 21.28 -123.92
C LYS TA 33 -12.00 20.43 -123.32
N GLY TA 34 -11.73 19.56 -122.34
CA GLY TA 34 -10.70 19.71 -121.34
C GLY TA 34 -11.47 20.07 -120.06
N VAL TA 35 -11.55 19.20 -119.06
CA VAL TA 35 -12.12 19.62 -117.77
C VAL TA 35 -11.28 20.75 -117.17
N GLN TA 36 -9.97 20.65 -117.34
CA GLN TA 36 -9.05 21.66 -116.85
C GLN TA 36 -9.17 22.95 -117.65
N TYR TA 37 -9.31 22.84 -118.96
CA TYR TA 37 -9.51 24.04 -119.79
C TYR TA 37 -10.72 24.83 -119.31
N GLU TA 38 -11.81 24.11 -119.03
CA GLU TA 38 -13.03 24.78 -118.61
C GLU TA 38 -12.92 25.39 -117.21
N LYS TA 39 -12.16 24.76 -116.31
CA LYS TA 39 -11.88 25.37 -115.01
C LYS TA 39 -11.11 26.67 -115.21
N TRP TA 40 -10.29 26.69 -116.26
CA TRP TA 40 -9.37 27.79 -116.54
C TRP TA 40 -10.15 29.03 -116.95
N ILE TA 41 -11.12 28.84 -117.83
CA ILE TA 41 -11.99 29.94 -118.27
C ILE TA 41 -12.63 30.67 -117.08
N THR TA 42 -13.00 29.93 -116.05
CA THR TA 42 -13.62 30.53 -114.88
C THR TA 42 -12.63 31.22 -113.98
N ALA TA 43 -11.44 30.64 -113.86
CA ALA TA 43 -10.38 31.22 -113.05
C ALA TA 43 -9.87 32.52 -113.66
N GLY TA 44 -9.82 32.56 -114.99
CA GLY TA 44 -9.20 33.66 -115.69
C GLY TA 44 -7.70 33.48 -115.75
N LEU TA 45 -7.04 33.60 -114.60
CA LEU TA 45 -5.58 33.44 -114.49
C LEU TA 45 -5.20 32.15 -113.81
N VAL TA 46 -4.21 31.45 -114.35
CA VAL TA 46 -3.70 30.24 -113.69
C VAL TA 46 -2.16 30.29 -113.59
N MET TA 47 -1.61 29.75 -112.50
CA MET TA 47 -0.15 29.62 -112.33
C MET TA 47 0.26 28.18 -112.10
N PRO TA 48 -0.02 27.30 -113.07
CA PRO TA 48 -0.05 25.85 -112.86
C PRO TA 48 1.26 25.29 -112.35
N THR TA 49 1.17 24.15 -111.66
CA THR TA 49 2.30 23.26 -111.59
C THR TA 49 1.97 22.08 -112.50
N PHE TA 50 2.67 22.01 -113.64
CA PHE TA 50 2.47 20.94 -114.60
C PHE TA 50 3.32 19.72 -114.30
N LYS TA 51 2.77 18.55 -114.58
CA LYS TA 51 3.59 17.34 -114.74
C LYS TA 51 3.54 17.07 -116.22
N ILE TA 52 4.69 17.11 -116.87
CA ILE TA 52 4.77 16.78 -118.28
C ILE TA 52 5.17 15.33 -118.40
N VAL TA 53 4.44 14.58 -119.23
CA VAL TA 53 4.77 13.18 -119.43
C VAL TA 53 4.95 12.93 -120.90
N ILE TA 54 6.08 12.34 -121.27
CA ILE TA 54 6.30 11.96 -122.65
C ILE TA 54 6.24 10.45 -122.80
N ARG TA 55 5.24 9.95 -123.51
CA ARG TA 55 5.07 8.51 -123.69
C ARG TA 55 5.75 8.02 -124.96
N LEU TA 56 6.48 6.93 -124.81
CA LEU TA 56 7.71 6.74 -125.53
C LEU TA 56 8.08 5.30 -125.27
N PRO TA 57 8.22 4.48 -126.32
CA PRO TA 57 8.54 3.06 -126.07
C PRO TA 57 10.01 2.90 -125.70
N ALA TA 58 10.27 2.34 -124.52
CA ALA TA 58 11.65 2.21 -124.07
C ALA TA 58 12.42 1.28 -124.99
N ASN TA 59 13.65 1.65 -125.33
CA ASN TA 59 14.48 0.83 -126.19
C ASN TA 59 15.97 1.02 -125.96
N ALA TA 60 16.68 -0.07 -125.69
CA ALA TA 60 18.10 0.07 -125.39
C ALA TA 60 19.00 -0.08 -126.61
N PHE TA 61 18.40 -0.21 -127.79
CA PHE TA 61 19.17 -0.58 -128.96
C PHE TA 61 19.29 0.52 -130.02
N THR TA 62 19.07 1.77 -129.62
CA THR TA 62 19.06 2.85 -130.59
C THR TA 62 20.12 3.90 -130.29
N GLY TA 63 20.32 4.25 -129.03
CA GLY TA 63 21.27 5.30 -128.70
C GLY TA 63 20.64 6.69 -128.75
N LEU TA 64 19.35 6.74 -129.08
CA LEU TA 64 18.62 8.00 -129.19
C LEU TA 64 18.52 8.75 -127.88
N THR TA 65 18.82 10.05 -127.93
CA THR TA 65 18.57 10.94 -126.80
C THR TA 65 17.96 12.22 -127.33
N TRP TA 66 16.85 12.65 -126.74
CA TRP TA 66 16.16 13.85 -127.18
C TRP TA 66 16.24 14.92 -126.11
N VAL TA 67 15.94 16.15 -126.48
CA VAL TA 67 15.86 17.24 -125.51
C VAL TA 67 14.51 17.94 -125.60
N MET TA 68 13.80 18.00 -124.48
CA MET TA 68 12.62 18.87 -124.38
C MET TA 68 13.09 20.21 -123.82
N SER TA 69 12.81 21.28 -124.54
CA SER TA 69 13.25 22.61 -124.13
C SER TA 69 12.01 23.45 -123.81
N PHE TA 70 11.96 23.99 -122.60
CA PHE TA 70 10.85 24.84 -122.19
C PHE TA 70 11.17 26.29 -122.53
N ASP TA 71 10.52 26.77 -123.58
CA ASP TA 71 10.78 28.10 -124.10
C ASP TA 71 9.55 28.99 -123.85
N ALA TA 72 9.38 29.45 -122.62
CA ALA TA 72 8.15 30.17 -122.28
C ALA TA 72 8.04 31.49 -123.01
N TYR TA 73 9.17 32.05 -123.45
CA TYR TA 73 9.12 33.38 -124.03
C TYR TA 73 9.51 33.40 -125.50
N ASN TA 74 9.47 32.21 -126.10
CA ASN TA 74 9.64 32.06 -127.54
C ASN TA 74 10.95 32.65 -128.07
N ARG TA 75 12.08 32.25 -127.48
CA ARG TA 75 13.38 32.86 -127.76
C ARG TA 75 14.26 32.07 -128.74
N ILE TA 76 14.11 30.75 -128.74
CA ILE TA 76 14.87 29.95 -129.69
C ILE TA 76 14.07 29.41 -130.90
N THR TA 77 12.73 29.44 -130.84
CA THR TA 77 11.93 28.84 -131.93
C THR TA 77 12.46 29.18 -133.34
N SER TA 78 12.56 30.48 -133.61
CA SER TA 78 13.06 31.01 -134.89
C SER TA 78 14.34 30.33 -135.42
N ARG TA 79 15.25 29.97 -134.52
CA ARG TA 79 16.56 29.52 -134.93
C ARG TA 79 16.72 27.99 -134.92
N ILE TA 80 15.66 27.27 -134.56
CA ILE TA 80 15.80 25.81 -134.48
C ILE TA 80 14.99 25.01 -135.50
N THR TA 81 14.18 25.69 -136.30
CA THR TA 81 13.17 24.96 -137.07
C THR TA 81 13.65 24.25 -138.33
N ALA TA 82 14.81 24.63 -138.85
CA ALA TA 82 15.48 23.83 -139.87
C ALA TA 82 16.37 22.76 -139.22
N SER TA 83 17.29 23.24 -138.39
CA SER TA 83 18.17 22.38 -137.60
C SER TA 83 18.35 22.95 -136.20
N ALA TA 84 18.23 22.06 -135.22
CA ALA TA 84 18.35 22.43 -133.81
C ALA TA 84 19.75 22.17 -133.27
N ASP TA 85 20.57 23.21 -133.29
CA ASP TA 85 21.87 23.15 -132.65
C ASP TA 85 21.68 23.00 -131.14
N PRO TA 86 22.50 22.15 -130.52
CA PRO TA 86 22.39 22.01 -129.06
C PRO TA 86 22.64 23.31 -128.28
N VAL TA 87 23.47 24.22 -128.79
CA VAL TA 87 23.69 25.48 -128.09
C VAL TA 87 22.38 26.23 -127.85
N TYR TA 88 21.48 26.18 -128.83
CA TYR TA 88 20.17 26.81 -128.65
C TYR TA 88 19.29 25.99 -127.70
N THR TA 89 19.17 24.70 -127.97
CA THR TA 89 18.21 23.86 -127.25
C THR TA 89 18.54 23.72 -125.76
N LEU TA 90 19.81 23.91 -125.41
CA LEU TA 90 20.23 23.78 -124.01
C LEU TA 90 20.37 25.13 -123.29
N SER TA 91 20.03 26.21 -124.00
CA SER TA 91 20.21 27.56 -123.45
C SER TA 91 19.00 28.03 -122.66
N VAL TA 92 17.93 27.23 -122.73
CA VAL TA 92 16.76 27.49 -121.90
C VAL TA 92 16.51 26.26 -121.00
N PRO TA 93 15.61 26.39 -120.01
CA PRO TA 93 15.37 25.22 -119.16
C PRO TA 93 15.04 24.00 -120.02
N HIS TA 94 15.60 22.84 -119.69
CA HIS TA 94 15.50 21.67 -120.55
C HIS TA 94 15.75 20.37 -119.84
N TRP TA 95 15.38 19.28 -120.49
CA TRP TA 95 15.45 17.95 -119.89
C TRP TA 95 15.94 16.94 -120.90
N LEU TA 96 16.87 16.08 -120.48
CA LEU TA 96 17.33 15.02 -121.37
C LEU TA 96 16.38 13.85 -121.32
N ILE TA 97 15.99 13.38 -122.50
CA ILE TA 97 15.13 12.22 -122.59
C ILE TA 97 15.87 11.03 -123.19
N HIS TA 98 16.23 10.07 -122.35
CA HIS TA 98 16.98 8.91 -122.85
C HIS TA 98 16.02 7.81 -123.30
N HIS TA 99 16.28 7.30 -124.49
CA HIS TA 99 15.44 6.29 -125.07
C HIS TA 99 15.46 5.00 -124.24
N LYS TA 100 16.60 4.72 -123.61
CA LYS TA 100 16.71 3.49 -122.83
C LYS TA 100 15.77 3.50 -121.61
N LEU TA 101 15.38 4.69 -121.17
CA LEU TA 101 14.58 4.83 -119.96
C LEU TA 101 13.07 4.84 -120.23
N GLY TA 102 12.72 4.86 -121.51
CA GLY TA 102 11.32 4.92 -121.90
C GLY TA 102 10.57 6.17 -121.47
N THR TA 103 9.35 5.96 -120.99
CA THR TA 103 8.46 7.07 -120.67
C THR TA 103 9.10 8.03 -119.67
N PHE TA 104 9.06 9.32 -120.00
CA PHE TA 104 9.73 10.36 -119.26
C PHE TA 104 8.76 11.29 -118.56
N SER TA 105 9.18 11.83 -117.43
CA SER TA 105 8.31 12.72 -116.68
C SER TA 105 9.12 13.81 -115.96
N CYS TA 106 8.57 15.01 -115.83
CA CYS TA 106 9.19 16.05 -115.02
C CYS TA 106 8.15 17.06 -114.52
N GLU TA 107 8.55 17.90 -113.56
CA GLU TA 107 7.65 18.96 -113.09
C GLU TA 107 8.10 20.33 -113.55
N ILE TA 108 7.12 21.13 -113.91
CA ILE TA 108 7.40 22.50 -114.29
C ILE TA 108 6.57 23.40 -113.39
N ASP TA 109 7.24 24.09 -112.47
CA ASP TA 109 6.54 25.07 -111.67
C ASP TA 109 6.50 26.32 -112.53
N TYR TA 110 5.34 26.59 -113.10
CA TYR TA 110 5.20 27.68 -114.04
C TYR TA 110 5.50 29.02 -113.36
N GLY TA 111 5.26 29.07 -112.05
CA GLY TA 111 5.64 30.23 -111.26
C GLY TA 111 7.12 30.58 -111.31
N GLU TA 112 7.98 29.56 -111.25
CA GLU TA 112 9.43 29.75 -111.34
C GLU TA 112 9.97 29.83 -112.78
N LEU TA 113 9.78 28.75 -113.53
CA LEU TA 113 10.31 28.68 -114.89
C LEU TA 113 9.74 29.73 -115.84
N CYS TA 114 8.54 30.21 -115.55
CA CYS TA 114 7.96 31.22 -116.42
C CYS TA 114 7.82 32.60 -115.76
N GLY TA 115 7.07 32.68 -114.66
CA GLY TA 115 6.98 33.92 -113.90
C GLY TA 115 5.72 34.75 -114.01
N HIS TA 116 4.97 34.60 -115.10
CA HIS TA 116 3.69 35.29 -115.20
C HIS TA 116 2.54 34.32 -115.42
N ALA TA 117 1.37 34.67 -114.90
CA ALA TA 117 0.20 33.79 -114.95
C ALA TA 117 -0.46 33.82 -116.32
N MET TA 118 -1.02 32.66 -116.69
CA MET TA 118 -1.66 32.49 -118.00
C MET TA 118 -3.12 32.96 -118.07
N TRP TA 119 -3.41 33.80 -119.06
CA TRP TA 119 -4.75 34.33 -119.26
C TRP TA 119 -5.52 33.46 -120.23
N PHE TA 120 -6.71 33.03 -119.83
CA PHE TA 120 -7.47 32.04 -120.57
C PHE TA 120 -7.76 32.42 -122.03
N LYS TA 121 -7.98 33.71 -122.31
CA LYS TA 121 -8.47 34.12 -123.62
C LYS TA 121 -7.41 34.43 -124.66
N SER TA 122 -6.20 34.74 -124.22
CA SER TA 122 -5.14 35.11 -125.16
C SER TA 122 -3.77 35.10 -124.50
N THR TA 123 -2.76 35.01 -125.34
CA THR TA 123 -1.39 35.12 -124.88
C THR TA 123 -1.16 36.55 -124.35
N THR TA 124 -0.55 36.67 -123.19
CA THR TA 124 -0.22 37.97 -122.62
C THR TA 124 1.05 38.54 -123.23
N PHE TA 125 2.18 37.89 -122.99
CA PHE TA 125 3.44 38.36 -123.57
C PHE TA 125 3.78 37.58 -124.82
N GLU TA 126 4.47 36.47 -124.65
CA GLU TA 126 4.62 35.57 -125.78
C GLU TA 126 3.99 34.23 -125.39
N SER TA 127 3.77 33.39 -126.41
CA SER TA 127 3.13 32.09 -126.25
C SER TA 127 4.12 30.98 -125.89
N PRO TA 128 3.97 30.38 -124.70
CA PRO TA 128 4.87 29.36 -124.17
C PRO TA 128 4.94 28.07 -125.00
N ARG TA 129 6.16 27.65 -125.36
CA ARG TA 129 6.35 26.49 -126.22
C ARG TA 129 7.20 25.39 -125.58
N LEU TA 130 6.97 24.15 -126.01
CA LEU TA 130 7.87 23.04 -125.72
C LEU TA 130 8.48 22.58 -127.02
N HIS TA 131 9.80 22.66 -127.13
CA HIS TA 131 10.49 22.17 -128.32
C HIS TA 131 11.06 20.76 -128.12
N PHE TA 132 10.94 19.92 -129.13
CA PHE TA 132 11.54 18.60 -129.09
C PHE TA 132 12.56 18.40 -130.18
N THR TA 133 13.80 18.21 -129.77
CA THR TA 133 14.91 18.06 -130.69
C THR TA 133 15.66 16.77 -130.38
N CYS TA 134 16.42 16.29 -131.34
CA CYS TA 134 17.26 15.12 -131.13
C CYS TA 134 18.73 15.51 -130.80
N LEU TA 135 19.21 15.12 -129.62
CA LEU TA 135 20.55 15.53 -129.15
C LEU TA 135 21.63 14.60 -129.67
N THR TA 136 21.41 13.30 -129.51
CA THR TA 136 22.26 12.27 -130.08
C THR TA 136 21.39 11.35 -130.94
N GLY TA 137 21.87 11.03 -132.14
CA GLY TA 137 21.08 10.27 -133.08
C GLY TA 137 21.08 8.76 -132.86
N ASN TA 138 20.23 8.07 -133.62
CA ASN TA 138 20.22 6.62 -133.57
C ASN TA 138 21.44 6.05 -134.27
N ASN TA 139 21.88 4.89 -133.83
CA ASN TA 139 23.11 4.29 -134.33
C ASN TA 139 22.95 3.84 -135.78
N LYS TA 140 21.72 3.45 -136.11
CA LYS TA 140 21.30 3.08 -137.47
C LYS TA 140 19.83 3.41 -137.50
N GLU TA 141 19.26 3.60 -138.69
CA GLU TA 141 17.86 3.98 -138.73
C GLU TA 141 17.02 2.85 -138.15
N LEU TA 142 15.82 3.21 -137.68
CA LEU TA 142 14.88 2.23 -137.17
C LEU TA 142 14.05 1.63 -138.31
N ALA TA 143 13.15 0.73 -137.97
CA ALA TA 143 12.37 0.05 -138.98
C ALA TA 143 11.35 0.95 -139.71
N ALA TA 144 10.78 1.92 -139.00
CA ALA TA 144 9.76 2.78 -139.58
C ALA TA 144 9.57 4.06 -138.80
N ASP TA 145 8.88 5.02 -139.40
CA ASP TA 145 8.47 6.23 -138.68
C ASP TA 145 7.58 5.89 -137.48
N TRP TA 146 7.64 6.71 -136.44
CA TRP TA 146 6.82 6.50 -135.27
C TRP TA 146 6.48 7.82 -134.61
N GLN TA 147 5.76 7.74 -133.49
CA GLN TA 147 5.41 8.95 -132.77
C GLN TA 147 5.52 8.77 -131.25
N ALA TA 148 5.68 9.90 -130.57
CA ALA TA 148 5.61 9.93 -129.12
C ALA TA 148 4.46 10.84 -128.71
N VAL TA 149 3.87 10.55 -127.55
CA VAL TA 149 2.77 11.37 -127.04
C VAL TA 149 3.22 12.25 -125.86
N VAL TA 150 2.88 13.55 -125.92
CA VAL TA 150 3.22 14.47 -124.83
C VAL TA 150 1.94 14.82 -124.07
N GLU TA 151 1.96 14.70 -122.75
CA GLU TA 151 0.79 14.98 -121.91
C GLU TA 151 1.07 16.00 -120.81
N LEU TA 152 0.13 16.93 -120.61
CA LEU TA 152 0.19 17.88 -119.51
C LEU TA 152 -0.81 17.49 -118.43
N TYR TA 153 -0.33 17.27 -117.21
CA TYR TA 153 -1.22 17.01 -116.08
C TYR TA 153 -1.13 18.20 -115.15
N ALA TA 154 -2.27 18.67 -114.67
CA ALA TA 154 -2.31 19.80 -113.76
C ALA TA 154 -3.65 19.86 -113.08
N GLU TA 155 -3.70 20.42 -111.88
CA GLU TA 155 -4.97 20.79 -111.27
C GLU TA 155 -5.04 22.31 -111.22
N LEU TA 156 -5.61 22.90 -112.27
CA LEU TA 156 -5.62 24.35 -112.40
C LEU TA 156 -6.50 25.01 -111.35
N GLU TA 157 -5.94 26.00 -110.66
CA GLU TA 157 -6.76 26.82 -109.78
C GLU TA 157 -6.46 28.29 -110.04
N GLU TA 158 -7.39 29.15 -109.63
CA GLU TA 158 -7.27 30.57 -109.91
C GLU TA 158 -6.01 31.14 -109.27
N ALA TA 159 -5.28 31.94 -110.05
CA ALA TA 159 -4.08 32.61 -109.60
C ALA TA 159 -4.41 33.89 -108.84
N THR TA 160 -3.74 34.05 -107.71
CA THR TA 160 -3.99 35.17 -106.83
C THR TA 160 -3.22 36.42 -107.30
N SER TA 161 -2.04 36.23 -107.89
CA SER TA 161 -1.21 37.35 -108.36
C SER TA 161 -0.80 37.19 -109.81
N PHE TA 162 -0.45 38.29 -110.48
CA PHE TA 162 0.02 38.21 -111.87
C PHE TA 162 1.41 37.62 -111.93
N LEU TA 163 2.26 38.03 -111.00
CA LEU TA 163 3.66 37.67 -111.03
C LEU TA 163 3.97 36.50 -110.11
N GLY TA 164 4.91 35.65 -110.52
CA GLY TA 164 5.41 34.58 -109.68
C GLY TA 164 6.39 35.10 -108.64
N LYS TA 165 7.26 34.21 -108.16
CA LYS TA 165 8.35 34.64 -107.29
C LYS TA 165 9.56 34.74 -108.21
N PRO TA 166 10.40 35.76 -107.98
CA PRO TA 166 11.53 36.01 -108.87
C PRO TA 166 12.56 34.90 -108.81
N THR TA 167 12.93 34.38 -109.96
CA THR TA 167 14.01 33.40 -110.11
C THR TA 167 15.34 33.97 -109.61
N LEU TA 168 15.55 35.27 -109.77
CA LEU TA 168 16.86 35.88 -109.50
C LEU TA 168 16.74 37.33 -109.08
N VAL TA 169 17.52 37.73 -108.08
CA VAL TA 169 17.54 39.13 -107.68
C VAL TA 169 18.95 39.66 -107.83
N PHE TA 170 19.08 40.81 -108.47
CA PHE TA 170 20.38 41.31 -108.88
C PHE TA 170 21.25 41.62 -107.68
N ASP TA 171 22.45 41.06 -107.71
CA ASP TA 171 23.48 41.25 -106.70
C ASP TA 171 24.82 40.86 -107.31
N PRO TA 172 25.73 41.84 -107.42
CA PRO TA 172 27.05 41.74 -108.06
C PRO TA 172 27.90 40.74 -107.32
N GLY TA 173 27.82 40.82 -105.99
CA GLY TA 173 28.67 40.03 -105.13
C GLY TA 173 28.14 38.63 -104.84
N VAL TA 174 27.16 38.17 -105.63
CA VAL TA 174 26.57 36.86 -105.36
C VAL TA 174 26.34 35.98 -106.59
N PHE TA 175 27.31 35.09 -106.72
CA PHE TA 175 27.32 33.93 -107.58
C PHE TA 175 27.78 32.80 -106.67
N ASN TA 176 26.84 31.98 -106.20
CA ASN TA 176 27.15 30.88 -105.29
C ASN TA 176 28.22 29.92 -105.81
N GLY TA 177 28.01 29.38 -107.00
CA GLY TA 177 28.86 28.33 -107.53
C GLY TA 177 28.02 27.13 -107.87
N LYS TA 178 26.72 27.18 -107.55
CA LYS TA 178 25.76 26.15 -107.95
C LYS TA 178 25.10 26.54 -109.29
N PHE TA 179 24.88 25.57 -110.17
CA PHE TA 179 24.21 25.83 -111.46
C PHE TA 179 22.91 25.04 -111.61
N GLN TA 180 21.99 25.55 -112.43
CA GLN TA 180 20.92 24.69 -112.96
C GLN TA 180 20.93 24.77 -114.48
N PHE TA 181 20.53 23.66 -115.12
CA PHE TA 181 20.39 23.59 -116.57
C PHE TA 181 21.66 23.93 -117.33
N LEU TA 182 22.81 23.54 -116.77
CA LEU TA 182 24.09 23.73 -117.45
C LEU TA 182 24.49 22.39 -118.09
N THR TA 183 24.18 22.26 -119.37
CA THR TA 183 24.45 21.03 -120.09
C THR TA 183 25.37 21.36 -121.25
N CYS TA 184 26.45 20.59 -121.39
CA CYS TA 184 27.39 20.81 -122.47
C CYS TA 184 26.91 20.07 -123.69
N PRO TA 185 27.04 20.68 -124.87
CA PRO TA 185 26.76 19.93 -126.10
C PRO TA 185 27.53 18.61 -126.13
N PRO TA 186 26.98 17.62 -126.84
CA PRO TA 186 27.55 16.27 -126.87
C PRO TA 186 28.98 16.27 -127.38
N ILE TA 187 29.77 15.41 -126.75
CA ILE TA 187 31.16 15.13 -127.14
C ILE TA 187 31.16 13.76 -127.85
N PHE TA 188 31.90 13.63 -128.95
CA PHE TA 188 31.83 12.38 -129.72
C PHE TA 188 33.16 11.64 -129.81
N PHE TA 189 33.10 10.31 -129.69
CA PHE TA 189 34.30 9.47 -129.86
C PHE TA 189 34.15 8.52 -131.03
N ASP TA 190 35.16 8.48 -131.90
CA ASP TA 190 35.16 7.57 -133.05
C ASP TA 190 35.58 6.20 -132.60
N LEU TA 191 35.00 5.15 -133.17
CA LEU TA 191 35.42 3.79 -132.80
C LEU TA 191 36.57 3.31 -133.66
N THR TA 192 36.96 4.13 -134.62
CA THR TA 192 38.11 3.84 -135.46
C THR TA 192 39.38 4.35 -134.82
N ALA TA 193 39.33 4.64 -133.53
CA ALA TA 193 40.47 5.19 -132.82
C ALA TA 193 40.74 4.46 -131.53
N VAL TA 194 41.96 3.93 -131.39
CA VAL TA 194 42.29 3.15 -130.20
C VAL TA 194 42.29 3.96 -128.88
N THR TA 195 42.75 5.21 -128.94
CA THR TA 195 42.55 6.15 -127.85
C THR TA 195 42.16 7.50 -128.42
N ALA TA 196 41.70 8.41 -127.56
CA ALA TA 196 41.36 9.75 -128.02
C ALA TA 196 41.20 10.72 -126.89
N LEU TA 197 41.30 12.00 -127.20
CA LEU TA 197 41.03 13.04 -126.22
C LEU TA 197 39.92 13.97 -126.69
N ARG TA 198 39.06 14.36 -125.76
CA ARG TA 198 38.12 15.43 -126.04
C ARG TA 198 38.14 16.44 -124.91
N SER TA 199 38.43 17.70 -125.26
CA SER TA 199 38.47 18.77 -124.26
C SER TA 199 37.13 19.48 -124.11
N ALA TA 200 36.81 19.83 -122.88
CA ALA TA 200 35.71 20.73 -122.59
C ALA TA 200 36.30 21.93 -121.84
N GLY TA 201 36.14 23.12 -122.39
CA GLY TA 201 36.68 24.31 -121.74
C GLY TA 201 35.97 24.60 -120.44
N LEU TA 202 36.70 25.17 -119.48
CA LEU TA 202 36.11 25.48 -118.19
C LEU TA 202 36.03 26.99 -118.00
N THR TA 203 36.24 27.72 -119.07
CA THR TA 203 36.08 29.17 -119.04
C THR TA 203 34.60 29.52 -119.23
N LEU TA 204 33.81 29.23 -118.20
CA LEU TA 204 32.34 29.19 -118.28
C LEU TA 204 31.62 30.53 -118.51
N GLY TA 205 32.34 31.64 -118.38
CA GLY TA 205 31.75 32.95 -118.60
C GLY TA 205 31.70 33.35 -120.07
N GLN TA 206 32.37 32.55 -120.90
CA GLN TA 206 32.45 32.78 -122.33
C GLN TA 206 31.06 32.60 -122.93
N VAL TA 207 30.64 33.50 -123.81
CA VAL TA 207 29.34 33.36 -124.44
C VAL TA 207 29.38 32.39 -125.64
N PRO TA 208 28.51 31.37 -125.62
CA PRO TA 208 28.49 30.29 -126.63
C PRO TA 208 28.06 30.83 -127.97
N MET TA 209 28.54 30.22 -129.06
CA MET TA 209 28.16 30.71 -130.38
C MET TA 209 27.70 29.61 -131.33
N VAL TA 210 26.87 30.01 -132.27
CA VAL TA 210 26.43 29.13 -133.34
C VAL TA 210 26.67 29.92 -134.59
N GLY TA 211 27.77 29.61 -135.27
CA GLY TA 211 28.21 30.42 -136.40
C GLY TA 211 28.58 31.80 -135.90
N THR TA 212 27.97 32.82 -136.48
CA THR TA 212 28.24 34.20 -136.07
C THR TA 212 27.27 34.69 -135.00
N THR TA 213 26.33 33.83 -134.62
CA THR TA 213 25.30 34.18 -133.63
C THR TA 213 25.72 33.94 -132.18
N LYS TA 214 25.74 34.99 -131.37
CA LYS TA 214 26.01 34.87 -129.93
C LYS TA 214 24.73 34.40 -129.22
N VAL TA 215 24.84 33.39 -128.36
CA VAL TA 215 23.69 32.93 -127.59
C VAL TA 215 23.88 33.25 -126.11
N TYR TA 216 23.45 34.45 -125.70
CA TYR TA 216 23.54 34.85 -124.30
C TYR TA 216 22.67 33.94 -123.48
N ASN TA 217 23.20 33.44 -122.36
CA ASN TA 217 22.39 32.63 -121.45
C ASN TA 217 22.72 32.92 -120.00
N LEU TA 218 21.82 32.52 -119.09
CA LEU TA 218 21.97 32.89 -117.67
C LEU TA 218 23.23 32.33 -117.04
N ASN TA 219 23.56 31.07 -117.35
CA ASN TA 219 24.75 30.45 -116.76
C ASN TA 219 26.07 31.15 -117.05
N SER TA 220 26.36 31.40 -118.32
CA SER TA 220 27.57 32.14 -118.63
C SER TA 220 27.51 33.55 -118.04
N THR TA 221 26.32 34.14 -118.04
CA THR TA 221 26.13 35.46 -117.44
C THR TA 221 26.51 35.44 -115.96
N LEU TA 222 26.03 34.43 -115.22
CA LEU TA 222 26.37 34.29 -113.79
C LEU TA 222 27.88 34.18 -113.57
N VAL TA 223 28.52 33.24 -114.28
CA VAL TA 223 29.96 33.09 -114.17
C VAL TA 223 30.71 34.41 -114.43
N SER TA 224 30.20 35.22 -115.36
CA SER TA 224 30.87 36.48 -115.68
C SER TA 224 30.85 37.47 -114.51
N CYS TA 225 30.05 37.16 -113.49
CA CYS TA 225 29.92 38.01 -112.32
C CYS TA 225 31.09 37.91 -111.38
N VAL TA 226 32.01 37.04 -111.75
CA VAL TA 226 33.19 36.71 -110.97
C VAL TA 226 34.44 36.87 -111.88
N LEU TA 227 35.62 37.04 -111.28
CA LEU TA 227 36.83 37.19 -112.10
C LEU TA 227 37.39 35.84 -112.51
N GLY TA 228 37.17 34.82 -111.68
CA GLY TA 228 37.62 33.47 -111.94
C GLY TA 228 37.19 32.54 -110.83
N MET TA 229 37.48 31.25 -110.99
CA MET TA 229 37.02 30.24 -110.04
C MET TA 229 37.97 29.06 -110.01
N GLY TA 230 38.11 28.48 -108.82
CA GLY TA 230 38.83 27.24 -108.65
C GLY TA 230 37.97 26.32 -107.79
N GLY TA 231 38.40 25.07 -107.65
CA GLY TA 231 37.62 24.17 -106.84
C GLY TA 231 37.37 22.86 -107.56
N THR TA 232 36.29 22.18 -107.19
CA THR TA 232 35.99 20.92 -107.81
C THR TA 232 34.71 21.01 -108.63
N VAL TA 233 34.78 20.54 -109.87
CA VAL TA 233 33.61 20.45 -110.73
C VAL TA 233 32.82 19.18 -110.42
N ARG TA 234 31.60 19.32 -109.91
CA ARG TA 234 30.70 18.18 -109.69
C ARG TA 234 29.71 18.12 -110.83
N GLY TA 235 29.64 16.99 -111.50
CA GLY TA 235 28.73 16.86 -112.61
C GLY TA 235 28.21 15.45 -112.83
N ARG TA 236 27.51 15.26 -113.94
CA ARG TA 236 27.04 13.95 -114.32
C ARG TA 236 27.45 13.67 -115.74
N VAL TA 237 27.76 12.41 -116.03
CA VAL TA 237 28.11 11.99 -117.38
C VAL TA 237 27.05 11.02 -117.89
N HIS TA 238 26.57 11.29 -119.08
CA HIS TA 238 25.68 10.35 -119.74
C HIS TA 238 26.33 9.73 -120.98
N ILE TA 239 26.32 8.41 -121.03
CA ILE TA 239 26.81 7.70 -122.21
C ILE TA 239 25.63 7.33 -123.11
N CYS TA 240 25.54 8.02 -124.24
CA CYS TA 240 24.33 7.99 -125.06
C CYS TA 240 24.49 7.09 -126.27
N ALA TA 241 24.57 5.79 -126.01
CA ALA TA 241 24.74 4.83 -127.09
C ALA TA 241 23.97 3.56 -126.74
N PRO TA 242 23.78 2.67 -127.72
CA PRO TA 242 23.13 1.36 -127.51
C PRO TA 242 23.87 0.48 -126.47
N ILE TA 243 23.18 -0.46 -125.81
CA ILE TA 243 23.84 -1.33 -124.81
C ILE TA 243 25.06 -2.06 -125.35
N PHE TA 244 25.11 -2.22 -126.68
CA PHE TA 244 26.21 -2.98 -127.28
C PHE TA 244 27.44 -2.10 -127.63
N TYR TA 245 27.33 -0.81 -127.36
CA TYR TA 245 28.48 0.11 -127.38
C TYR TA 245 28.99 0.23 -125.96
N SER TA 246 30.30 0.40 -125.79
CA SER TA 246 30.84 0.62 -124.45
C SER TA 246 32.22 1.28 -124.49
N ILE TA 247 32.56 1.94 -123.39
CA ILE TA 247 33.76 2.74 -123.37
C ILE TA 247 34.28 2.88 -121.95
N VAL TA 248 35.57 3.19 -121.82
CA VAL TA 248 36.14 3.55 -120.52
C VAL TA 248 36.91 4.85 -120.65
N LEU TA 249 36.57 5.81 -119.79
CA LEU TA 249 37.17 7.15 -119.86
C LEU TA 249 38.00 7.47 -118.62
N TRP TA 250 39.12 8.14 -118.84
CA TRP TA 250 39.86 8.78 -117.76
C TRP TA 250 39.51 10.26 -117.86
N VAL TA 251 38.87 10.80 -116.83
CA VAL TA 251 38.47 12.20 -116.85
C VAL TA 251 39.30 13.03 -115.88
N VAL TA 252 40.03 14.01 -116.40
CA VAL TA 252 40.95 14.77 -115.56
C VAL TA 252 41.08 16.21 -116.03
N SER TA 253 41.51 17.11 -115.15
CA SER TA 253 41.68 18.51 -115.51
C SER TA 253 43.14 18.87 -115.85
N GLU TA 254 43.34 19.65 -116.90
CA GLU TA 254 44.70 20.04 -117.31
C GLU TA 254 44.80 21.53 -117.64
N TRP TA 255 46.00 22.07 -117.50
CA TRP TA 255 46.21 23.49 -117.71
C TRP TA 255 47.08 23.77 -118.94
N ASN TA 256 46.59 24.66 -119.80
CA ASN TA 256 47.31 25.12 -120.98
C ASN TA 256 47.91 23.99 -121.80
N GLY TA 257 47.07 23.30 -122.56
CA GLY TA 257 47.51 22.17 -123.33
C GLY TA 257 47.34 20.89 -122.55
N THR TA 258 47.90 19.82 -123.07
CA THR TA 258 47.78 18.53 -122.42
C THR TA 258 49.15 17.87 -122.45
N THR TA 259 49.40 16.98 -121.49
CA THR TA 259 50.65 16.25 -121.51
C THR TA 259 50.61 15.21 -122.61
N MET TA 260 51.78 14.86 -123.12
CA MET TA 260 51.87 13.90 -124.19
C MET TA 260 52.33 12.56 -123.64
N ASP TA 261 52.64 12.55 -122.35
CA ASP TA 261 53.19 11.36 -121.68
C ASP TA 261 52.11 10.62 -120.89
N TRP TA 262 51.73 9.45 -121.38
CA TRP TA 262 50.69 8.66 -120.72
C TRP TA 262 50.94 8.41 -119.23
N ASN TA 263 52.21 8.31 -118.85
CA ASN TA 263 52.51 8.03 -117.46
C ASN TA 263 52.29 9.27 -116.59
N GLU TA 264 52.62 10.43 -117.11
CA GLU TA 264 52.36 11.66 -116.36
C GLU TA 264 50.85 11.83 -116.22
N LEU TA 265 50.14 11.53 -117.30
CA LEU TA 265 48.68 11.67 -117.33
C LEU TA 265 48.01 10.97 -116.16
N PHE TA 266 48.49 9.78 -115.83
CA PHE TA 266 47.89 9.01 -114.76
C PHE TA 266 48.46 9.28 -113.37
N LYS TA 267 49.34 10.28 -113.28
CA LYS TA 267 49.79 10.75 -111.97
C LYS TA 267 48.91 11.93 -111.54
N TYR TA 268 48.06 12.40 -112.45
CA TYR TA 268 47.11 13.47 -112.12
C TYR TA 268 45.94 12.88 -111.35
N PRO TA 269 45.19 13.75 -110.63
CA PRO TA 269 43.99 13.35 -109.90
C PRO TA 269 42.72 13.36 -110.75
N GLY TA 270 42.49 12.25 -111.45
CA GLY TA 270 41.32 12.09 -112.28
C GLY TA 270 40.40 11.00 -111.77
N VAL TA 271 39.36 10.71 -112.54
CA VAL TA 271 38.41 9.66 -112.21
C VAL TA 271 38.10 8.80 -113.44
N TYR TA 272 37.70 7.55 -113.22
CA TYR TA 272 37.35 6.69 -114.35
C TYR TA 272 35.83 6.77 -114.54
N VAL TA 273 35.39 6.76 -115.79
CA VAL TA 273 33.97 6.70 -116.09
C VAL TA 273 33.69 5.56 -117.06
N GLU TA 274 32.88 4.58 -116.63
CA GLU TA 274 32.59 3.39 -117.43
C GLU TA 274 31.14 3.43 -117.87
N GLU TA 275 30.35 4.27 -117.21
CA GLU TA 275 28.91 4.25 -117.40
C GLU TA 275 28.25 5.53 -116.87
N ASP TA 276 26.97 5.74 -117.21
CA ASP TA 276 26.19 6.84 -116.65
C ASP TA 276 26.52 7.00 -115.16
N GLY TA 277 26.74 8.23 -114.71
CA GLY TA 277 27.02 8.48 -113.31
C GLY TA 277 27.49 9.89 -113.04
N SER TA 278 27.70 10.21 -111.76
CA SER TA 278 28.23 11.52 -111.41
C SER TA 278 29.76 11.44 -111.29
N PHE TA 279 30.42 12.61 -111.25
CA PHE TA 279 31.88 12.68 -111.15
C PHE TA 279 32.29 13.98 -110.44
N GLU TA 280 33.45 13.96 -109.78
CA GLU TA 280 34.05 15.18 -109.22
C GLU TA 280 35.48 15.26 -109.68
N VAL TA 281 35.84 16.36 -110.34
CA VAL TA 281 37.22 16.57 -110.77
C VAL TA 281 37.71 17.93 -110.29
N LYS TA 282 38.91 17.95 -109.72
CA LYS TA 282 39.51 19.20 -109.26
C LYS TA 282 39.94 20.02 -110.45
N ILE TA 283 39.57 21.31 -110.44
CA ILE TA 283 40.08 22.25 -111.43
C ILE TA 283 41.56 22.50 -111.19
N ARG TA 284 42.38 22.08 -112.17
CA ARG TA 284 43.83 22.15 -112.07
C ARG TA 284 44.43 23.41 -112.71
N SER TA 285 45.18 24.19 -111.94
CA SER TA 285 45.73 25.43 -112.46
C SER TA 285 46.88 25.96 -111.60
N PRO TA 286 47.85 26.62 -112.22
CA PRO TA 286 49.01 27.22 -111.56
C PRO TA 286 48.59 28.25 -110.53
N TYR TA 287 47.36 28.76 -110.67
CA TYR TA 287 46.83 29.80 -109.81
C TYR TA 287 45.69 29.27 -108.96
N HIS TA 288 45.42 27.98 -109.12
CA HIS TA 288 44.35 27.28 -108.41
C HIS TA 288 42.96 27.68 -108.89
N ARG TA 289 42.93 28.69 -109.75
CA ARG TA 289 41.67 29.16 -110.33
C ARG TA 289 41.89 29.32 -111.84
N THR TA 290 40.82 29.20 -112.63
CA THR TA 290 40.85 29.56 -114.06
C THR TA 290 39.99 30.84 -114.23
N PRO TA 291 40.41 31.73 -115.15
CA PRO TA 291 39.68 32.98 -115.37
C PRO TA 291 38.28 32.74 -115.95
N ALA TA 292 37.35 33.62 -115.58
CA ALA TA 292 35.95 33.52 -115.97
C ALA TA 292 35.74 33.75 -117.46
N ARG TA 293 36.49 34.69 -118.04
CA ARG TA 293 36.38 34.99 -119.47
C ARG TA 293 37.75 35.13 -120.11
N LEU TA 294 37.77 35.12 -121.44
CA LEU TA 294 39.04 35.26 -122.15
C LEU TA 294 39.40 36.70 -122.52
N LEU TA 295 40.69 36.97 -122.62
CA LEU TA 295 41.18 38.20 -123.24
C LEU TA 295 41.38 37.96 -124.73
N ALA TA 296 41.70 39.02 -125.48
CA ALA TA 296 41.84 38.88 -126.92
C ALA TA 296 43.05 38.01 -127.26
N GLY TA 297 42.87 37.11 -128.22
CA GLY TA 297 43.96 36.27 -128.64
C GLY TA 297 44.08 34.97 -127.88
N GLN TA 298 43.56 34.94 -126.65
CA GLN TA 298 43.59 33.73 -125.84
C GLN TA 298 42.61 32.71 -126.36
N SER TA 299 42.89 31.44 -126.07
CA SER TA 299 42.01 30.32 -126.42
C SER TA 299 41.49 29.70 -125.13
N GLN TA 300 40.40 28.95 -125.21
CA GLN TA 300 39.91 28.31 -123.99
C GLN TA 300 40.89 27.22 -123.46
N ARG TA 301 41.61 26.57 -124.38
CA ARG TA 301 42.52 25.50 -123.98
C ARG TA 301 43.78 26.02 -123.30
N ASP TA 302 44.02 27.32 -123.42
CA ASP TA 302 45.18 27.94 -122.78
C ASP TA 302 44.99 27.94 -121.27
N MET TA 303 43.76 27.76 -120.81
CA MET TA 303 43.45 27.75 -119.38
C MET TA 303 43.17 26.34 -118.87
N SER TA 304 42.33 26.27 -117.83
CA SER TA 304 41.93 25.00 -117.25
C SER TA 304 40.80 24.33 -118.06
N SER TA 305 40.97 23.05 -118.38
CA SER TA 305 39.97 22.31 -119.13
C SER TA 305 39.63 21.01 -118.43
N LEU TA 306 38.44 20.50 -118.69
CA LEU TA 306 38.01 19.19 -118.24
C LEU TA 306 38.20 18.18 -119.40
N ASN TA 307 39.21 17.32 -119.31
CA ASN TA 307 39.61 16.44 -120.41
C ASN TA 307 39.08 15.00 -120.33
N PHE TA 308 38.52 14.53 -121.42
CA PHE TA 308 37.97 13.20 -121.46
C PHE TA 308 38.82 12.29 -122.36
N TYR TA 309 39.57 11.40 -121.73
CA TYR TA 309 40.46 10.49 -122.42
C TYR TA 309 39.81 9.12 -122.58
N ALA TA 310 39.62 8.69 -123.81
CA ALA TA 310 39.18 7.32 -124.05
C ALA TA 310 40.38 6.40 -123.94
N ILE TA 311 40.42 5.60 -122.88
CA ILE TA 311 41.58 4.74 -122.66
C ILE TA 311 41.33 3.28 -123.03
N ALA TA 312 40.06 2.91 -123.14
CA ALA TA 312 39.69 1.59 -123.64
C ALA TA 312 38.38 1.69 -124.42
N GLY TA 313 38.46 1.51 -125.73
CA GLY TA 313 37.29 1.71 -126.58
C GLY TA 313 37.20 3.14 -127.12
N PRO TA 314 36.01 3.52 -127.59
CA PRO TA 314 34.80 2.71 -127.59
C PRO TA 314 34.87 1.46 -128.47
N ILE TA 315 34.09 0.44 -128.12
CA ILE TA 315 33.96 -0.74 -128.94
C ILE TA 315 32.49 -0.97 -129.27
N ALA TA 316 32.25 -1.60 -130.40
CA ALA TA 316 30.91 -2.03 -130.77
C ALA TA 316 31.06 -3.21 -131.71
N PRO TA 317 29.96 -3.98 -131.88
CA PRO TA 317 30.00 -5.13 -132.81
C PRO TA 317 30.15 -4.61 -134.23
N SER TA 318 30.62 -5.41 -135.17
CA SER TA 318 30.58 -4.95 -136.56
C SER TA 318 29.17 -5.19 -137.05
N GLY TA 319 28.71 -4.38 -138.00
CA GLY TA 319 29.46 -3.25 -138.49
C GLY TA 319 28.70 -2.01 -138.07
N GLU TA 320 28.97 -1.57 -136.86
CA GLU TA 320 28.43 -0.32 -136.40
C GLU TA 320 29.38 0.78 -136.88
N THR TA 321 28.85 1.98 -137.06
CA THR TA 321 29.66 3.06 -137.60
C THR TA 321 29.48 4.35 -136.79
N ALA TA 322 28.33 4.45 -136.14
CA ALA TA 322 28.02 5.59 -135.29
C ALA TA 322 29.13 5.91 -134.28
N GLN TA 323 29.33 7.19 -134.02
CA GLN TA 323 30.22 7.58 -132.94
C GLN TA 323 29.53 7.37 -131.59
N LEU TA 324 30.31 7.22 -130.53
CA LEU TA 324 29.75 7.12 -129.18
C LEU TA 324 29.74 8.50 -128.53
N PRO TA 325 28.55 9.03 -128.24
CA PRO TA 325 28.39 10.36 -127.65
C PRO TA 325 28.37 10.32 -126.12
N ILE TA 326 29.02 11.33 -125.53
CA ILE TA 326 29.04 11.55 -124.09
C ILE TA 326 28.39 12.90 -123.84
N VAL TA 327 27.35 12.94 -123.02
CA VAL TA 327 26.77 14.23 -122.64
C VAL TA 327 27.17 14.58 -121.21
N VAL TA 328 27.83 15.72 -121.04
CA VAL TA 328 28.25 16.13 -119.71
C VAL TA 328 27.35 17.22 -119.09
N GLN TA 329 26.94 17.04 -117.84
CA GLN TA 329 26.22 18.08 -117.11
C GLN TA 329 27.04 18.55 -115.92
N ILE TA 330 27.14 19.86 -115.75
CA ILE TA 330 27.88 20.44 -114.65
C ILE TA 330 26.93 20.96 -113.60
N ASP TA 331 26.98 20.40 -112.40
CA ASP TA 331 26.00 20.72 -111.36
C ASP TA 331 26.46 21.84 -110.43
N GLU TA 332 27.70 21.76 -109.96
CA GLU TA 332 28.26 22.84 -109.18
C GLU TA 332 29.78 22.81 -109.07
N ILE TA 333 30.34 23.93 -108.62
CA ILE TA 333 31.71 23.97 -108.15
C ILE TA 333 31.71 23.76 -106.64
N VAL TA 334 32.10 22.58 -106.19
CA VAL TA 334 32.08 22.27 -104.76
C VAL TA 334 33.40 22.69 -104.17
N ARG TA 335 33.38 23.08 -102.89
CA ARG TA 335 34.59 23.56 -102.23
C ARG TA 335 35.23 24.65 -103.08
N PRO TA 336 34.47 25.70 -103.39
CA PRO TA 336 34.86 26.67 -104.40
C PRO TA 336 35.93 27.63 -103.92
N ASP TA 337 36.88 27.92 -104.78
CA ASP TA 337 37.86 28.97 -104.52
C ASP TA 337 37.58 30.11 -105.50
N LEU TA 338 36.74 31.06 -105.08
CA LEU TA 338 36.32 32.11 -106.00
C LEU TA 338 37.24 33.31 -105.99
N SER TA 339 37.30 34.01 -107.12
CA SER TA 339 38.01 35.28 -107.22
C SER TA 339 37.12 36.35 -106.66
N LEU TA 340 37.62 37.59 -106.68
CA LEU TA 340 36.79 38.74 -106.37
C LEU TA 340 35.63 38.74 -107.32
N PRO TA 341 34.50 39.30 -106.91
CA PRO TA 341 33.44 39.61 -107.87
C PRO TA 341 34.03 40.53 -108.96
N SER TA 342 33.60 40.38 -110.21
CA SER TA 342 34.08 41.24 -111.28
C SER TA 342 33.56 42.67 -111.14
N PHE TA 343 32.34 42.82 -110.59
CA PHE TA 343 31.81 44.14 -110.33
C PHE TA 343 31.48 44.36 -108.86
N GLU TA 344 31.62 45.60 -108.42
CA GLU TA 344 31.26 45.96 -107.06
C GLU TA 344 29.84 46.52 -107.04
N ASP TA 345 29.34 46.90 -105.86
CA ASP TA 345 28.00 47.48 -105.79
C ASP TA 345 28.10 48.95 -106.19
N ASP TA 346 28.19 49.17 -107.49
CA ASP TA 346 28.53 50.47 -108.03
C ASP TA 346 27.75 50.69 -109.31
N TYR TA 347 27.93 51.88 -109.88
CA TYR TA 347 27.33 52.20 -111.15
C TYR TA 347 28.05 51.43 -112.25
N PHE TA 348 27.38 51.26 -113.37
CA PHE TA 348 28.02 50.77 -114.59
C PHE TA 348 27.40 51.46 -115.80
N VAL TA 349 28.05 51.33 -116.96
CA VAL TA 349 27.62 52.09 -118.12
C VAL TA 349 26.36 51.49 -118.74
N TRP TA 350 25.35 52.34 -118.94
CA TRP TA 350 24.16 51.94 -119.66
C TRP TA 350 24.36 52.35 -121.12
N VAL TA 351 24.60 53.65 -121.37
CA VAL TA 351 24.69 54.11 -122.76
C VAL TA 351 25.47 55.41 -122.88
N ASP TA 352 26.23 55.55 -123.96
CA ASP TA 352 26.87 56.82 -124.32
C ASP TA 352 26.18 57.40 -125.57
N PHE TA 353 25.78 58.67 -125.52
CA PHE TA 353 25.33 59.35 -126.73
C PHE TA 353 26.42 60.33 -127.16
N SER TA 354 26.73 60.33 -128.46
CA SER TA 354 27.78 61.20 -128.98
C SER TA 354 27.50 61.57 -130.43
N GLU TA 355 28.35 62.44 -130.98
CA GLU TA 355 28.24 62.82 -132.39
C GLU TA 355 26.82 63.29 -132.77
N PHE TA 356 26.29 64.28 -132.04
CA PHE TA 356 24.95 64.79 -132.28
C PHE TA 356 24.93 65.63 -133.54
N THR TA 357 23.90 65.46 -134.36
CA THR TA 357 23.80 66.18 -135.63
C THR TA 357 22.81 67.33 -135.57
N LEU TA 358 21.83 67.20 -134.67
CA LEU TA 358 20.86 68.26 -134.46
C LEU TA 358 20.98 68.84 -133.07
N ASP TA 359 20.75 70.16 -132.94
CA ASP TA 359 20.74 70.79 -131.62
C ASP TA 359 19.56 70.30 -130.74
N LYS TA 360 18.39 70.11 -131.35
CA LYS TA 360 17.26 69.54 -130.63
C LYS TA 360 17.27 68.01 -130.72
N GLU TA 361 17.43 67.35 -129.58
CA GLU TA 361 17.44 65.90 -129.53
C GLU TA 361 16.60 65.45 -128.34
N GLU TA 362 15.78 64.43 -128.54
CA GLU TA 362 14.95 63.92 -127.44
C GLU TA 362 14.94 62.40 -127.40
N ILE TA 363 15.54 61.86 -126.34
CA ILE TA 363 15.70 60.43 -126.18
C ILE TA 363 14.64 59.88 -125.25
N GLU TA 364 13.71 59.10 -125.80
CA GLU TA 364 12.64 58.55 -124.97
C GLU TA 364 13.07 57.26 -124.31
N ILE TA 365 12.87 57.19 -123.00
CA ILE TA 365 13.24 56.02 -122.21
C ILE TA 365 11.98 55.31 -121.73
N GLY TA 366 11.02 56.09 -121.22
CA GLY TA 366 9.77 55.54 -120.74
C GLY TA 366 9.91 54.81 -119.40
N SER TA 367 9.62 53.54 -119.39
CA SER TA 367 9.81 52.76 -118.19
C SER TA 367 10.67 51.52 -118.48
N ARG TA 368 11.48 51.58 -119.53
CA ARG TA 368 12.24 50.40 -119.95
C ARG TA 368 13.76 50.55 -119.79
N PHE TA 369 14.41 49.42 -119.60
CA PHE TA 369 15.86 49.37 -119.75
C PHE TA 369 16.14 48.58 -121.01
N PHE TA 370 16.77 49.19 -122.00
CA PHE TA 370 16.83 48.58 -123.33
C PHE TA 370 17.94 49.18 -124.19
N ASP TA 371 18.05 48.70 -125.42
CA ASP TA 371 19.05 49.22 -126.36
C ASP TA 371 18.47 50.36 -127.18
N PHE TA 372 19.13 51.51 -127.16
CA PHE TA 372 18.72 52.67 -127.93
C PHE TA 372 19.14 52.59 -129.42
N THR TA 373 18.40 53.32 -130.27
CA THR TA 373 18.86 53.57 -131.64
C THR TA 373 18.56 55.02 -131.99
N SER TA 374 19.40 55.62 -132.83
CA SER TA 374 19.15 56.98 -133.27
C SER TA 374 19.62 57.21 -134.69
N ASN TA 375 18.88 58.02 -135.42
CA ASN TA 375 19.26 58.41 -136.77
C ASN TA 375 20.04 59.71 -136.73
N THR TA 376 19.95 60.41 -135.60
CA THR TA 376 20.48 61.75 -135.51
C THR TA 376 21.72 61.85 -134.63
N CYS TA 377 22.06 60.75 -133.97
CA CYS TA 377 23.29 60.69 -133.16
C CYS TA 377 23.82 59.27 -132.99
N ARG TA 378 25.03 59.17 -132.44
CA ARG TA 378 25.68 57.88 -132.25
C ARG TA 378 25.37 57.28 -130.88
N VAL TA 379 24.78 56.09 -130.90
CA VAL TA 379 24.48 55.35 -129.67
C VAL TA 379 25.55 54.28 -129.43
N SER TA 380 26.14 54.26 -128.24
CA SER TA 380 27.07 53.19 -127.86
C SER TA 380 26.55 52.52 -126.59
N MET TA 381 26.09 51.28 -126.72
CA MET TA 381 25.48 50.62 -125.60
C MET TA 381 26.55 49.95 -124.72
N GLY TA 382 26.31 49.89 -123.41
CA GLY TA 382 27.21 49.20 -122.50
C GLY TA 382 26.93 47.71 -122.52
N GLU TA 383 27.99 46.90 -122.37
CA GLU TA 383 27.84 45.47 -122.16
C GLU TA 383 28.36 45.05 -120.77
N ASN TA 384 27.47 44.54 -119.93
CA ASN TA 384 27.81 44.08 -118.59
C ASN TA 384 26.83 43.02 -118.10
N PRO TA 385 27.13 42.39 -116.97
CA PRO TA 385 26.26 41.30 -116.50
C PRO TA 385 24.82 41.74 -116.30
N PHE TA 386 24.61 42.95 -115.80
CA PHE TA 386 23.23 43.38 -115.58
C PHE TA 386 22.42 43.33 -116.88
N ALA TA 387 22.99 43.90 -117.95
CA ALA TA 387 22.31 43.93 -119.25
C ALA TA 387 22.04 42.52 -119.75
N ALA TA 388 23.00 41.61 -119.55
CA ALA TA 388 22.80 40.22 -119.92
C ALA TA 388 21.66 39.58 -119.11
N MET TA 389 21.61 39.86 -117.81
CA MET TA 389 20.54 39.33 -116.99
C MET TA 389 19.18 39.81 -117.47
N ILE TA 390 19.12 41.06 -117.93
CA ILE TA 390 17.89 41.61 -118.48
C ILE TA 390 17.47 40.81 -119.71
N ALA TA 391 18.46 40.43 -120.49
CA ALA TA 391 18.24 39.72 -121.74
C ALA TA 391 17.94 38.25 -121.52
N CYS TA 392 18.34 37.72 -120.38
CA CYS TA 392 18.22 36.30 -120.14
C CYS TA 392 17.07 35.96 -119.22
N HIS TA 393 16.16 36.91 -119.08
CA HIS TA 393 14.93 36.61 -118.36
C HIS TA 393 13.71 37.10 -119.14
N GLY TA 394 12.59 36.41 -118.95
CA GLY TA 394 11.35 36.80 -119.61
C GLY TA 394 10.84 38.14 -119.12
N LEU TA 395 10.88 38.35 -117.81
CA LEU TA 395 10.41 39.58 -117.20
C LEU TA 395 11.39 40.09 -116.15
N HIS TA 396 11.38 41.40 -115.91
CA HIS TA 396 12.19 41.98 -114.85
C HIS TA 396 11.46 43.19 -114.25
N SER TA 397 11.91 43.64 -113.09
CA SER TA 397 11.31 44.82 -112.44
C SER TA 397 12.21 45.35 -111.34
N GLY TA 398 12.29 46.67 -111.23
CA GLY TA 398 13.14 47.28 -110.23
C GLY TA 398 13.32 48.76 -110.41
N VAL TA 399 14.24 49.34 -109.65
CA VAL TA 399 14.50 50.75 -109.81
C VAL TA 399 15.97 50.97 -110.10
N LEU TA 400 16.26 51.84 -111.07
CA LEU TA 400 17.64 52.19 -111.42
C LEU TA 400 17.97 53.61 -110.99
N ASP TA 401 19.08 53.77 -110.26
CA ASP TA 401 19.59 55.10 -109.99
C ASP TA 401 20.47 55.49 -111.17
N LEU TA 402 20.26 56.66 -111.73
CA LEU TA 402 21.03 57.10 -112.88
C LEU TA 402 21.97 58.24 -112.53
N LYS TA 403 23.17 58.18 -113.10
CA LYS TA 403 24.10 59.31 -113.09
C LYS TA 403 24.32 59.71 -114.54
N LEU TA 404 24.10 60.98 -114.84
CA LEU TA 404 24.37 61.51 -116.17
C LEU TA 404 25.60 62.39 -116.09
N GLN TA 405 26.52 62.16 -117.02
CA GLN TA 405 27.72 62.96 -117.15
C GLN TA 405 27.89 63.42 -118.58
N TRP TA 406 28.42 64.63 -118.76
CA TRP TA 406 28.69 65.12 -120.10
C TRP TA 406 29.86 66.10 -120.16
N SER TA 407 30.50 66.14 -121.33
CA SER TA 407 31.58 67.09 -121.58
C SER TA 407 31.17 67.99 -122.74
N LEU TA 408 31.74 69.19 -122.79
CA LEU TA 408 31.39 70.15 -123.86
C LEU TA 408 32.19 70.00 -125.17
N ASN TA 409 31.51 70.30 -126.27
CA ASN TA 409 32.11 70.30 -127.61
C ASN TA 409 32.53 71.69 -128.01
N THR TA 410 31.76 72.69 -127.58
CA THR TA 410 32.10 74.09 -127.80
C THR TA 410 32.87 74.68 -126.60
N GLU TA 411 33.27 75.95 -126.71
CA GLU TA 411 33.96 76.63 -125.61
C GLU TA 411 33.02 76.85 -124.42
N PHE TA 412 33.52 76.59 -123.22
CA PHE TA 412 32.72 76.70 -122.02
C PHE TA 412 32.03 78.05 -121.90
N GLY TA 413 32.77 79.11 -122.22
CA GLY TA 413 32.24 80.46 -122.07
C GLY TA 413 31.08 80.75 -123.01
N LYS TA 414 30.95 79.94 -124.06
CA LYS TA 414 29.92 80.16 -125.08
C LYS TA 414 28.68 79.28 -124.83
N SER TA 415 28.80 78.38 -123.86
CA SER TA 415 27.76 77.37 -123.61
C SER TA 415 26.45 77.95 -123.11
N SER TA 416 25.36 77.29 -123.49
CA SER TA 416 24.03 77.65 -123.03
C SER TA 416 23.17 76.40 -123.09
N GLY TA 417 21.94 76.49 -122.58
CA GLY TA 417 21.02 75.38 -122.66
C GLY TA 417 21.13 74.41 -121.51
N SER TA 418 20.61 73.20 -121.72
CA SER TA 418 20.38 72.24 -120.65
C SER TA 418 20.27 70.78 -121.09
N VAL TA 419 20.57 69.89 -120.15
CA VAL TA 419 20.13 68.51 -120.23
C VAL TA 419 18.91 68.44 -119.33
N THR TA 420 17.73 68.21 -119.92
CA THR TA 420 16.50 68.19 -119.15
C THR TA 420 15.97 66.78 -119.04
N ILE TA 421 15.60 66.39 -117.83
CA ILE TA 421 14.99 65.08 -117.60
C ILE TA 421 13.51 65.24 -117.41
N THR TA 422 12.73 64.82 -118.40
CA THR TA 422 11.29 64.85 -118.26
C THR TA 422 10.79 63.61 -117.54
N LYS TA 423 10.05 63.81 -116.46
CA LYS TA 423 9.46 62.70 -115.70
C LYS TA 423 7.94 62.83 -115.67
N LEU TA 424 7.25 61.85 -116.23
CA LEU TA 424 5.79 61.89 -116.29
C LEU TA 424 5.23 60.62 -115.71
N VAL TA 425 3.92 60.62 -115.52
CA VAL TA 425 3.19 59.39 -115.27
C VAL TA 425 2.13 59.29 -116.37
N GLY TA 426 2.23 58.27 -117.19
CA GLY TA 426 1.37 58.17 -118.35
C GLY TA 426 2.20 58.16 -119.61
N ASP TA 427 2.00 59.16 -120.47
CA ASP TA 427 2.77 59.31 -121.70
C ASP TA 427 2.90 60.77 -122.04
N LYS TA 428 3.66 61.07 -123.09
CA LYS TA 428 3.91 62.45 -123.46
C LYS TA 428 2.57 63.20 -123.68
N ALA TA 429 1.57 62.48 -124.19
CA ALA TA 429 0.31 63.11 -124.61
C ALA TA 429 -0.69 63.47 -123.51
N MET TA 430 -0.84 62.60 -122.51
CA MET TA 430 -1.88 62.77 -121.49
C MET TA 430 -1.35 62.60 -120.06
N GLY TA 431 -0.03 62.62 -119.91
CA GLY TA 431 0.56 62.29 -118.63
C GLY TA 431 0.48 63.35 -117.54
N LEU TA 432 0.82 62.93 -116.33
CA LEU TA 432 0.93 63.82 -115.18
C LEU TA 432 2.38 64.19 -114.96
N ASP TA 433 2.63 65.35 -114.37
CA ASP TA 433 4.00 65.83 -114.23
C ASP TA 433 4.63 65.41 -112.90
N GLY TA 434 5.72 64.65 -112.98
CA GLY TA 434 6.46 64.25 -111.80
C GLY TA 434 7.69 65.13 -111.52
N PRO TA 435 8.76 64.50 -111.02
CA PRO TA 435 10.01 65.19 -110.66
C PRO TA 435 10.92 65.42 -111.88
N SER TA 436 10.37 66.10 -112.90
CA SER TA 436 11.14 66.55 -114.04
C SER TA 436 12.21 67.50 -113.54
N HIS TA 437 13.27 67.67 -114.30
CA HIS TA 437 14.46 68.24 -113.73
C HIS TA 437 15.31 68.90 -114.83
N VAL TA 438 15.66 70.16 -114.60
CA VAL TA 438 16.43 70.92 -115.59
C VAL TA 438 17.85 71.14 -115.11
N PHE TA 439 18.78 70.46 -115.78
CA PHE TA 439 20.20 70.65 -115.51
C PHE TA 439 20.80 71.64 -116.49
N ALA TA 440 21.11 72.83 -116.02
CA ALA TA 440 21.83 73.76 -116.87
C ALA TA 440 23.07 73.04 -117.42
N ILE TA 441 23.37 73.23 -118.71
CA ILE TA 441 24.45 72.47 -119.34
C ILE TA 441 25.78 72.65 -118.61
N GLN TA 442 25.96 73.78 -117.94
CA GLN TA 442 27.19 74.04 -117.19
C GLN TA 442 27.40 73.16 -115.96
N LYS TA 443 26.32 72.53 -115.46
CA LYS TA 443 26.44 71.60 -114.33
C LYS TA 443 27.33 70.43 -114.71
N LEU TA 444 27.26 70.01 -115.97
CA LEU TA 444 28.12 68.96 -116.48
C LEU TA 444 27.85 67.56 -115.88
N GLU TA 445 26.82 67.48 -115.04
CA GLU TA 445 26.36 66.20 -114.49
C GLU TA 445 25.05 66.35 -113.77
N GLY TA 446 24.33 65.23 -113.64
CA GLY TA 446 23.04 65.22 -112.96
C GLY TA 446 22.61 63.81 -112.58
N THR TA 447 21.64 63.70 -111.67
CA THR TA 447 21.19 62.39 -111.22
C THR TA 447 19.68 62.27 -111.23
N THR TA 448 19.20 61.04 -111.37
CA THR TA 448 17.77 60.81 -111.37
C THR TA 448 17.50 59.33 -111.11
N GLU TA 449 16.26 58.99 -110.72
CA GLU TA 449 15.86 57.60 -110.58
C GLU TA 449 15.01 57.20 -111.77
N LEU TA 450 15.01 55.92 -112.13
CA LEU TA 450 14.16 55.42 -113.19
C LEU TA 450 13.42 54.17 -112.74
N LEU TA 451 12.09 54.21 -112.78
CA LEU TA 451 11.32 53.02 -112.50
C LEU TA 451 11.31 52.15 -113.73
N VAL TA 452 11.87 50.95 -113.61
CA VAL TA 452 11.77 49.93 -114.65
C VAL TA 452 10.65 48.96 -114.26
N GLY TA 453 9.48 49.20 -114.81
CA GLY TA 453 8.29 48.43 -114.46
C GLY TA 453 7.04 49.14 -114.93
N ASN TA 454 5.90 48.76 -114.36
CA ASN TA 454 4.62 49.33 -114.78
C ASN TA 454 3.51 48.81 -113.89
N PHE TA 455 2.28 49.25 -114.13
CA PHE TA 455 1.16 48.91 -113.26
C PHE TA 455 1.00 47.40 -113.09
N ALA TA 456 1.37 46.62 -114.11
CA ALA TA 456 1.21 45.18 -114.01
C ALA TA 456 2.25 44.53 -113.10
N GLY TA 457 3.45 45.13 -113.05
CA GLY TA 457 4.47 44.70 -112.10
C GLY TA 457 5.85 44.35 -112.65
N ALA TA 458 5.95 44.19 -113.97
CA ALA TA 458 7.19 43.74 -114.59
C ALA TA 458 7.21 44.05 -116.08
N ASN TA 459 8.41 44.18 -116.65
CA ASN TA 459 8.57 44.43 -118.06
C ASN TA 459 9.07 43.19 -118.77
N PRO TA 460 8.53 42.92 -119.96
CA PRO TA 460 9.09 41.93 -120.87
C PRO TA 460 10.32 42.52 -121.54
N ASN TA 461 11.12 41.67 -122.18
CA ASN TA 461 12.33 42.20 -122.82
C ASN TA 461 12.06 42.55 -124.28
N THR TA 462 10.92 43.18 -124.50
CA THR TA 462 10.47 43.60 -125.81
C THR TA 462 9.80 44.95 -125.66
N ARG TA 463 9.32 45.51 -126.77
CA ARG TA 463 8.49 46.71 -126.68
C ARG TA 463 7.11 46.26 -126.21
N PHE TA 464 6.48 47.07 -125.38
CA PHE TA 464 5.17 46.79 -124.82
C PHE TA 464 4.55 48.14 -124.47
N SER TA 465 3.24 48.16 -124.25
CA SER TA 465 2.58 49.39 -123.86
C SER TA 465 1.73 49.17 -122.63
N LEU TA 466 2.27 49.49 -121.46
CA LEU TA 466 1.53 49.36 -120.20
C LEU TA 466 1.71 50.60 -119.34
N TYR TA 467 0.61 51.19 -118.93
CA TYR TA 467 0.64 52.43 -118.15
C TYR TA 467 1.71 52.41 -117.06
N SER TA 468 2.57 53.41 -117.04
CA SER TA 468 3.60 53.49 -116.00
C SER TA 468 4.17 54.89 -115.91
N ARG TA 469 5.21 55.06 -115.13
CA ARG TA 469 5.96 56.30 -115.15
C ARG TA 469 6.74 56.36 -116.45
N TRP TA 470 7.10 57.58 -116.86
CA TRP TA 470 7.65 57.79 -118.20
C TRP TA 470 8.79 58.81 -118.13
N MET TA 471 9.93 58.47 -118.75
CA MET TA 471 11.08 59.34 -118.67
C MET TA 471 11.66 59.65 -120.04
N ALA TA 472 12.21 60.86 -120.19
CA ALA TA 472 12.86 61.25 -121.44
C ALA TA 472 13.98 62.20 -121.13
N ILE TA 473 15.03 62.15 -121.95
CA ILE TA 473 16.11 63.13 -121.86
C ILE TA 473 15.98 64.08 -123.03
N LYS TA 474 15.94 65.38 -122.74
CA LYS TA 474 15.77 66.42 -123.76
C LYS TA 474 16.99 67.34 -123.86
N LEU TA 475 17.68 67.27 -125.00
CA LEU TA 475 18.78 68.18 -125.28
C LEU TA 475 18.31 69.35 -126.14
N ASP TA 476 18.71 70.57 -125.80
CA ASP TA 476 18.36 71.74 -126.65
C ASP TA 476 19.57 72.34 -127.39
N GLN TA 477 20.77 71.93 -126.95
CA GLN TA 477 22.00 72.43 -127.54
C GLN TA 477 22.93 71.27 -127.72
N ALA TA 478 22.38 70.19 -128.27
CA ALA TA 478 23.07 68.91 -128.30
C ALA TA 478 24.41 68.94 -129.04
N LYS TA 479 24.52 69.82 -130.02
CA LYS TA 479 25.77 69.94 -130.77
C LYS TA 479 26.91 70.49 -129.90
N SER TA 480 26.56 71.11 -128.77
CA SER TA 480 27.56 71.60 -127.83
C SER TA 480 28.04 70.50 -126.87
N ILE TA 481 27.55 69.28 -127.04
CA ILE TA 481 27.93 68.17 -126.16
C ILE TA 481 28.80 67.15 -126.90
N LYS TA 482 29.98 66.88 -126.36
CA LYS TA 482 30.86 65.91 -126.99
C LYS TA 482 30.42 64.50 -126.67
N VAL TA 483 29.94 64.31 -125.45
CA VAL TA 483 29.40 63.02 -125.03
C VAL TA 483 28.43 63.18 -123.86
N LEU TA 484 27.33 62.45 -123.92
CA LEU TA 484 26.43 62.31 -122.81
C LEU TA 484 26.49 60.85 -122.35
N ARG TA 485 26.99 60.63 -121.14
CA ARG TA 485 27.08 59.27 -120.59
C ARG TA 485 26.02 59.01 -119.52
N VAL TA 486 25.35 57.87 -119.62
CA VAL TA 486 24.35 57.49 -118.64
C VAL TA 486 24.80 56.23 -117.91
N LEU TA 487 25.09 56.36 -116.62
CA LEU TA 487 25.40 55.23 -115.77
C LEU TA 487 24.19 54.88 -114.90
N CYS TA 488 24.04 53.60 -114.59
CA CYS TA 488 22.99 53.15 -113.68
C CYS TA 488 23.49 52.19 -112.60
N LYS TA 489 22.72 52.11 -111.51
CA LYS TA 489 23.06 51.30 -110.35
C LYS TA 489 21.74 50.82 -109.77
N PRO TA 490 21.45 49.53 -109.98
CA PRO TA 490 20.17 48.97 -109.55
C PRO TA 490 20.03 49.05 -108.04
N ARG TA 491 18.89 49.56 -107.59
CA ARG TA 491 18.54 49.51 -106.18
C ARG TA 491 18.26 48.06 -105.77
N PRO TA 492 18.58 47.74 -104.52
CA PRO TA 492 18.44 46.40 -103.98
C PRO TA 492 17.05 45.87 -104.28
N GLY TA 493 16.99 44.61 -104.68
CA GLY TA 493 15.71 43.97 -104.93
C GLY TA 493 15.29 44.04 -106.39
N PHE TA 494 16.22 44.40 -107.27
CA PHE TA 494 15.91 44.37 -108.71
C PHE TA 494 15.67 42.92 -109.11
N SER TA 495 14.51 42.63 -109.67
CA SER TA 495 14.08 41.23 -109.79
C SER TA 495 13.93 40.73 -111.21
N PHE TA 496 14.28 39.46 -111.41
CA PHE TA 496 14.18 38.81 -112.71
C PHE TA 496 13.27 37.59 -112.62
N TYR TA 497 12.45 37.39 -113.63
CA TYR TA 497 11.49 36.28 -113.66
C TYR TA 497 11.71 35.40 -114.88
N GLY TA 498 11.74 34.08 -114.67
CA GLY TA 498 11.79 33.12 -115.75
C GLY TA 498 13.07 33.11 -116.59
N ARG TA 499 14.03 32.28 -116.19
CA ARG TA 499 15.30 32.20 -116.91
C ARG TA 499 15.09 31.71 -118.32
N THR TA 500 15.78 32.36 -119.24
CA THR TA 500 15.73 32.00 -120.67
C THR TA 500 17.03 32.41 -121.39
N SER TA 501 16.98 32.53 -122.70
CA SER TA 501 18.19 32.91 -123.43
C SER TA 501 17.88 33.95 -124.48
N PHE TA 502 18.93 34.44 -125.13
CA PHE TA 502 18.79 35.57 -126.04
C PHE TA 502 19.83 35.52 -127.16
N PRO TA 503 19.46 34.93 -128.30
CA PRO TA 503 20.35 34.87 -129.46
C PRO TA 503 20.39 36.20 -130.19
N VAL TA 504 21.58 36.68 -130.52
CA VAL TA 504 21.79 37.83 -131.41
C VAL TA 504 22.87 37.56 -132.46
N GLY UA 1 -33.25 71.26 -82.71
CA GLY UA 1 -34.56 71.71 -83.16
C GLY UA 1 -34.59 72.17 -84.60
N LEU UA 2 -35.78 72.43 -85.12
CA LEU UA 2 -35.88 72.88 -86.49
C LEU UA 2 -35.18 74.24 -86.59
N ALA UA 3 -34.21 74.34 -87.50
CA ALA UA 3 -33.34 75.51 -87.57
C ALA UA 3 -33.63 76.37 -88.79
N GLY UA 4 -34.07 75.72 -89.86
CA GLY UA 4 -34.38 76.41 -91.11
C GLY UA 4 -35.16 75.50 -92.04
N ARG UA 5 -35.78 76.10 -93.05
CA ARG UA 5 -36.59 75.32 -94.00
C ARG UA 5 -36.65 75.96 -95.37
N GLY UA 6 -37.16 75.21 -96.34
CA GLY UA 6 -37.22 75.67 -97.71
C GLY UA 6 -38.08 74.72 -98.53
N VAL UA 7 -38.36 75.12 -99.77
CA VAL UA 7 -39.27 74.35 -100.60
C VAL UA 7 -38.68 74.10 -101.99
N ILE UA 8 -38.78 72.86 -102.45
CA ILE UA 8 -38.37 72.52 -103.81
C ILE UA 8 -39.61 72.21 -104.64
N TYR UA 9 -39.70 72.79 -105.84
CA TYR UA 9 -40.86 72.54 -106.71
C TYR UA 9 -40.62 71.50 -107.79
N ILE UA 10 -41.45 70.46 -107.77
CA ILE UA 10 -41.41 69.40 -108.76
C ILE UA 10 -42.49 69.60 -109.84
N PRO UA 11 -42.08 69.63 -111.12
CA PRO UA 11 -42.98 69.67 -112.28
C PRO UA 11 -43.74 68.35 -112.47
N LYS UA 12 -44.96 68.37 -113.02
CA LYS UA 12 -45.70 67.12 -113.20
C LYS UA 12 -44.88 66.11 -114.02
N ASP UA 13 -44.20 66.60 -115.05
CA ASP UA 13 -43.26 65.76 -115.80
C ASP UA 13 -41.81 66.05 -115.40
N CYS UA 14 -41.32 65.27 -114.44
CA CYS UA 14 -39.99 65.47 -113.91
C CYS UA 14 -39.06 64.53 -114.66
N GLN UA 15 -38.44 65.03 -115.73
CA GLN UA 15 -37.56 64.24 -116.61
C GLN UA 15 -36.17 64.10 -116.00
N ALA UA 16 -35.50 62.99 -116.29
CA ALA UA 16 -34.10 62.87 -115.85
C ALA UA 16 -33.31 64.12 -116.19
N ASN UA 17 -32.47 64.55 -115.26
CA ASN UA 17 -31.60 65.71 -115.46
C ASN UA 17 -32.23 67.07 -115.20
N ARG UA 18 -33.52 67.13 -114.86
CA ARG UA 18 -34.11 68.43 -114.55
C ARG UA 18 -33.50 69.04 -113.30
N TYR UA 19 -33.04 70.27 -113.44
CA TYR UA 19 -32.71 71.06 -112.27
C TYR UA 19 -33.99 71.50 -111.57
N LEU UA 20 -34.08 71.19 -110.28
CA LEU UA 20 -35.29 71.46 -109.47
C LEU UA 20 -35.17 72.72 -108.61
N GLY UA 21 -33.94 73.07 -108.28
CA GLY UA 21 -33.69 74.29 -107.52
C GLY UA 21 -32.53 74.19 -106.56
N THR UA 22 -32.12 75.34 -106.04
CA THR UA 22 -31.04 75.38 -105.07
C THR UA 22 -31.51 76.09 -103.81
N LEU UA 23 -31.21 75.50 -102.65
CA LEU UA 23 -31.50 76.15 -101.39
C LEU UA 23 -30.19 76.63 -100.81
N ASN UA 24 -30.20 77.84 -100.29
CA ASN UA 24 -29.02 78.40 -99.69
C ASN UA 24 -29.05 78.14 -98.17
N ILE UA 25 -28.14 77.30 -97.68
CA ILE UA 25 -28.24 76.82 -96.29
C ILE UA 25 -28.30 77.95 -95.29
N ARG UA 26 -27.53 79.00 -95.52
CA ARG UA 26 -27.54 80.07 -94.53
C ARG UA 26 -28.83 80.89 -94.62
N ASP UA 27 -29.31 81.11 -95.83
CA ASP UA 27 -30.62 81.74 -96.00
C ASP UA 27 -31.80 80.93 -95.41
N MET UA 28 -31.76 79.60 -95.48
CA MET UA 28 -32.81 78.77 -94.86
C MET UA 28 -32.91 79.04 -93.37
N ILE UA 29 -31.76 79.23 -92.72
CA ILE UA 29 -31.74 79.48 -91.29
C ILE UA 29 -32.10 80.94 -90.95
N SER UA 30 -31.66 81.89 -91.78
CA SER UA 30 -31.91 83.29 -91.48
C SER UA 30 -33.32 83.77 -91.86
N ASP UA 31 -33.90 83.16 -92.88
CA ASP UA 31 -35.25 83.53 -93.30
C ASP UA 31 -36.25 82.98 -92.31
N PHE UA 32 -35.89 81.84 -91.71
CA PHE UA 32 -36.72 81.19 -90.71
C PHE UA 32 -36.69 82.01 -89.40
N LYS UA 33 -35.51 82.12 -88.79
CA LYS UA 33 -35.25 83.23 -87.87
C LYS UA 33 -36.10 83.26 -86.59
N GLY UA 34 -36.34 82.13 -85.92
CA GLY UA 34 -35.46 80.99 -85.84
C GLY UA 34 -34.93 81.06 -84.40
N VAL UA 35 -35.26 80.11 -83.54
CA VAL UA 35 -34.60 80.06 -82.24
C VAL UA 35 -33.11 79.78 -82.44
N GLN UA 36 -32.82 78.89 -83.39
CA GLN UA 36 -31.43 78.54 -83.69
C GLN UA 36 -30.70 79.72 -84.34
N TYR UA 37 -31.39 80.45 -85.22
CA TYR UA 37 -30.80 81.63 -85.86
C TYR UA 37 -30.37 82.64 -84.82
N GLU UA 38 -31.23 82.86 -83.84
CA GLU UA 38 -30.90 83.80 -82.80
C GLU UA 38 -29.78 83.31 -81.86
N LYS UA 39 -29.69 82.00 -81.61
CA LYS UA 39 -28.55 81.46 -80.86
C LYS UA 39 -27.26 81.72 -81.64
N TRP UA 40 -27.38 81.71 -82.96
CA TRP UA 40 -26.23 81.82 -83.86
C TRP UA 40 -25.62 83.20 -83.77
N ILE UA 41 -26.47 84.23 -83.84
CA ILE UA 41 -26.02 85.62 -83.69
C ILE UA 41 -25.15 85.81 -82.46
N THR UA 42 -25.48 85.14 -81.37
CA THR UA 42 -24.72 85.25 -80.13
C THR UA 42 -23.42 84.47 -80.15
N ALA UA 43 -23.47 83.30 -80.77
CA ALA UA 43 -22.27 82.47 -80.92
C ALA UA 43 -21.25 83.15 -81.81
N GLY UA 44 -21.74 83.83 -82.85
CA GLY UA 44 -20.87 84.34 -83.89
C GLY UA 44 -20.52 83.26 -84.90
N LEU UA 45 -19.75 82.26 -84.46
CA LEU UA 45 -19.32 81.15 -85.30
C LEU UA 45 -19.98 79.83 -84.90
N VAL UA 46 -20.48 79.08 -85.88
CA VAL UA 46 -21.05 77.76 -85.62
C VAL UA 46 -20.46 76.70 -86.53
N MET UA 47 -20.27 75.48 -86.01
CA MET UA 47 -19.78 74.35 -86.82
C MET UA 47 -20.76 73.18 -86.79
N PRO UA 48 -22.00 73.41 -87.24
CA PRO UA 48 -23.14 72.56 -86.90
C PRO UA 48 -22.96 71.11 -87.33
N THR UA 49 -23.67 70.22 -86.66
CA THR UA 49 -24.03 68.93 -87.25
C THR UA 49 -25.50 69.01 -87.62
N PHE UA 50 -25.79 69.06 -88.92
CA PHE UA 50 -27.15 69.16 -89.41
C PHE UA 50 -27.77 67.80 -89.61
N LYS UA 51 -29.07 67.71 -89.34
CA LYS UA 51 -29.89 66.62 -89.86
C LYS UA 51 -30.72 67.27 -90.94
N ILE UA 52 -30.54 66.82 -92.17
CA ILE UA 52 -31.38 67.29 -93.25
C ILE UA 52 -32.52 66.30 -93.44
N VAL UA 53 -33.73 66.82 -93.54
CA VAL UA 53 -34.89 65.99 -93.78
C VAL UA 53 -35.64 66.53 -94.99
N ILE UA 54 -35.86 65.67 -95.99
CA ILE UA 54 -36.69 66.04 -97.13
C ILE UA 54 -38.03 65.33 -97.04
N ARG UA 55 -39.09 66.12 -96.88
CA ARG UA 55 -40.43 65.57 -96.79
C ARG UA 55 -41.12 65.52 -98.14
N LEU UA 56 -41.73 64.38 -98.39
CA LEU UA 56 -41.76 63.82 -99.71
C LEU UA 56 -42.76 62.65 -99.61
N PRO UA 57 -43.84 62.70 -100.40
CA PRO UA 57 -44.82 61.61 -100.29
C PRO UA 57 -44.30 60.33 -100.94
N ALA UA 58 -44.22 59.25 -100.17
CA ALA UA 58 -43.68 57.99 -100.73
C ALA UA 58 -44.58 57.47 -101.84
N ASN UA 59 -43.95 57.01 -102.92
CA ASN UA 59 -44.71 56.46 -104.03
C ASN UA 59 -43.92 55.44 -104.85
N ALA UA 60 -44.49 54.25 -105.02
CA ALA UA 60 -43.76 53.19 -105.68
C ALA UA 60 -44.07 53.11 -107.16
N PHE UA 61 -44.85 54.06 -107.66
CA PHE UA 61 -45.37 53.95 -109.01
C PHE UA 61 -44.82 54.98 -109.98
N THR UA 62 -43.70 55.60 -109.64
CA THR UA 62 -43.17 56.66 -110.49
C THR UA 62 -41.80 56.34 -111.08
N GLY UA 63 -40.92 55.72 -110.28
CA GLY UA 63 -39.55 55.46 -110.73
C GLY UA 63 -38.61 56.63 -110.48
N LEU UA 64 -39.14 57.72 -109.92
CA LEU UA 64 -38.38 58.94 -109.65
C LEU UA 64 -37.27 58.74 -108.65
N THR UA 65 -36.08 59.21 -108.99
CA THR UA 65 -34.96 59.26 -108.06
C THR UA 65 -34.29 60.62 -108.18
N TRP UA 66 -34.06 61.30 -107.06
CA TRP UA 66 -33.46 62.64 -107.08
C TRP UA 66 -32.10 62.59 -106.42
N VAL UA 67 -31.32 63.64 -106.61
CA VAL UA 67 -30.04 63.75 -105.95
C VAL UA 67 -29.96 65.08 -105.22
N MET UA 68 -29.68 65.01 -103.91
CA MET UA 68 -29.31 66.21 -103.16
C MET UA 68 -27.79 66.31 -103.16
N SER UA 69 -27.28 67.43 -103.65
CA SER UA 69 -25.85 67.66 -103.74
C SER UA 69 -25.43 68.76 -102.77
N PHE UA 70 -24.51 68.44 -101.87
CA PHE UA 70 -23.99 69.42 -100.92
C PHE UA 70 -22.80 70.15 -101.52
N ASP UA 71 -23.03 71.38 -101.93
CA ASP UA 71 -22.02 72.16 -102.62
C ASP UA 71 -21.58 73.33 -101.74
N ALA UA 72 -20.73 73.05 -100.76
CA ALA UA 72 -20.42 74.07 -99.78
C ALA UA 72 -19.64 75.24 -100.36
N TYR UA 73 -18.97 75.00 -101.48
CA TYR UA 73 -18.08 76.01 -102.05
C TYR UA 73 -18.54 76.52 -103.41
N ASN UA 74 -19.80 76.22 -103.73
CA ASN UA 74 -20.45 76.80 -104.89
C ASN UA 74 -19.71 76.50 -106.19
N ARG UA 75 -19.42 75.22 -106.41
CA ARG UA 75 -18.55 74.81 -107.51
C ARG UA 75 -19.31 74.26 -108.73
N ILE UA 76 -20.50 73.71 -108.50
CA ILE UA 76 -21.26 73.17 -109.60
C ILE UA 76 -22.51 73.99 -109.93
N THR UA 77 -22.84 74.97 -109.09
CA THR UA 77 -24.03 75.81 -109.31
C THR UA 77 -24.21 76.37 -110.74
N SER UA 78 -23.20 77.07 -111.25
CA SER UA 78 -23.26 77.66 -112.59
C SER UA 78 -23.54 76.62 -113.70
N ARG UA 79 -23.08 75.39 -113.51
CA ARG UA 79 -23.11 74.39 -114.57
C ARG UA 79 -24.41 73.57 -114.55
N ILE UA 80 -25.23 73.71 -113.51
CA ILE UA 80 -26.46 72.90 -113.44
C ILE UA 80 -27.81 73.62 -113.40
N THR UA 81 -27.85 74.95 -113.44
CA THR UA 81 -29.16 75.61 -113.30
C THR UA 81 -30.07 75.56 -114.53
N ALA UA 82 -29.55 75.11 -115.66
CA ALA UA 82 -30.38 74.91 -116.84
C ALA UA 82 -30.85 73.45 -116.83
N SER UA 83 -29.88 72.57 -116.99
CA SER UA 83 -30.11 71.15 -117.01
C SER UA 83 -28.93 70.67 -116.17
N ALA UA 84 -29.18 69.68 -115.32
CA ALA UA 84 -28.15 69.24 -114.40
C ALA UA 84 -27.60 67.85 -114.75
N ASP UA 85 -26.45 67.80 -115.41
CA ASP UA 85 -25.84 66.54 -115.80
C ASP UA 85 -25.38 65.80 -114.55
N PRO UA 86 -25.57 64.45 -114.50
CA PRO UA 86 -25.13 63.67 -113.33
C PRO UA 86 -23.63 63.76 -113.00
N VAL UA 87 -22.77 63.93 -113.99
CA VAL UA 87 -21.34 64.08 -113.71
C VAL UA 87 -21.06 65.25 -112.76
N TYR UA 88 -21.78 66.36 -112.94
CA TYR UA 88 -21.65 67.49 -112.01
C TYR UA 88 -22.27 67.17 -110.65
N THR UA 89 -23.52 66.71 -110.66
CA THR UA 89 -24.28 66.56 -109.41
C THR UA 89 -23.71 65.49 -108.50
N LEU UA 90 -22.98 64.52 -109.06
CA LEU UA 90 -22.37 63.46 -108.27
C LEU UA 90 -20.89 63.71 -107.93
N SER UA 91 -20.36 64.87 -108.34
CA SER UA 91 -18.94 65.16 -108.17
C SER UA 91 -18.65 65.83 -106.84
N VAL UA 92 -19.71 66.12 -106.09
CA VAL UA 92 -19.56 66.67 -104.74
C VAL UA 92 -20.33 65.76 -103.80
N PRO UA 93 -20.14 65.91 -102.47
CA PRO UA 93 -20.90 65.03 -101.56
C PRO UA 93 -22.40 65.08 -101.89
N HIS UA 94 -23.05 63.92 -101.87
CA HIS UA 94 -24.42 63.83 -102.39
C HIS UA 94 -25.14 62.59 -101.88
N TRP UA 95 -26.45 62.60 -102.06
CA TRP UA 95 -27.31 61.54 -101.54
C TRP UA 95 -28.40 61.22 -102.53
N LEU UA 96 -28.64 59.93 -102.75
CA LEU UA 96 -29.73 59.51 -103.61
C LEU UA 96 -31.06 59.51 -102.84
N ILE UA 97 -32.08 60.11 -103.44
CA ILE UA 97 -33.38 60.16 -102.82
C ILE UA 97 -34.35 59.37 -103.66
N HIS UA 98 -34.68 58.17 -103.18
CA HIS UA 98 -35.63 57.32 -103.91
C HIS UA 98 -37.09 57.61 -103.55
N HIS UA 99 -37.91 57.78 -104.57
CA HIS UA 99 -39.30 58.14 -104.36
C HIS UA 99 -40.05 57.03 -103.64
N LYS UA 100 -39.65 55.78 -103.87
CA LYS UA 100 -40.34 54.67 -103.24
C LYS UA 100 -40.15 54.68 -101.73
N LEU UA 101 -39.10 55.33 -101.24
CA LEU UA 101 -38.80 55.32 -99.79
C LEU UA 101 -39.40 56.49 -99.03
N GLY UA 102 -40.01 57.41 -99.77
CA GLY UA 102 -40.63 58.57 -99.15
C GLY UA 102 -39.66 59.51 -98.47
N THR UA 103 -40.05 59.99 -97.29
CA THR UA 103 -39.28 61.00 -96.57
C THR UA 103 -37.85 60.56 -96.31
N PHE UA 104 -36.91 61.44 -96.62
CA PHE UA 104 -35.49 61.13 -96.62
C PHE UA 104 -34.78 61.92 -95.56
N SER UA 105 -33.75 61.31 -94.98
CA SER UA 105 -32.96 61.99 -93.96
C SER UA 105 -31.47 61.64 -94.03
N CYS UA 106 -30.60 62.59 -93.71
CA CYS UA 106 -29.16 62.30 -93.61
C CYS UA 106 -28.48 63.28 -92.66
N GLU UA 107 -27.24 62.95 -92.27
CA GLU UA 107 -26.45 63.84 -91.42
C GLU UA 107 -25.34 64.49 -92.19
N ILE UA 108 -25.14 65.77 -91.91
CA ILE UA 108 -24.04 66.49 -92.50
C ILE UA 108 -23.21 67.04 -91.35
N ASP UA 109 -22.02 66.48 -91.15
CA ASP UA 109 -21.09 67.05 -90.18
C ASP UA 109 -20.37 68.15 -90.92
N TYR UA 110 -20.81 69.38 -90.67
CA TYR UA 110 -20.29 70.53 -91.39
C TYR UA 110 -18.78 70.69 -91.18
N GLY UA 111 -18.29 70.17 -90.05
CA GLY UA 111 -16.87 70.12 -89.77
C GLY UA 111 -16.08 69.33 -90.79
N GLU UA 112 -16.63 68.19 -91.21
CA GLU UA 112 -15.98 67.35 -92.25
C GLU UA 112 -16.29 67.79 -93.69
N LEU UA 113 -17.56 67.71 -94.05
CA LEU UA 113 -17.97 68.01 -95.42
C LEU UA 113 -17.64 69.43 -95.86
N CYS UA 114 -17.54 70.35 -94.91
CA CYS UA 114 -17.26 71.73 -95.26
C CYS UA 114 -15.87 72.19 -94.81
N GLY UA 115 -15.62 72.15 -93.51
CA GLY UA 115 -14.30 72.48 -92.99
C GLY UA 115 -14.09 73.85 -92.32
N HIS UA 116 -14.89 74.85 -92.68
CA HIS UA 116 -14.81 76.15 -91.99
C HIS UA 116 -16.12 76.54 -91.28
N ALA UA 117 -16.00 77.25 -90.16
CA ALA UA 117 -17.17 77.64 -89.37
C ALA UA 117 -17.95 78.80 -89.98
N MET UA 118 -19.27 78.77 -89.79
CA MET UA 118 -20.14 79.77 -90.38
C MET UA 118 -20.30 81.03 -89.53
N TRP UA 119 -20.09 82.17 -90.18
CA TRP UA 119 -20.17 83.46 -89.51
C TRP UA 119 -21.59 84.04 -89.65
N PHE UA 120 -22.21 84.37 -88.52
CA PHE UA 120 -23.60 84.77 -88.53
C PHE UA 120 -23.97 85.92 -89.48
N LYS UA 121 -23.06 86.88 -89.68
CA LYS UA 121 -23.44 88.13 -90.36
C LYS UA 121 -23.23 88.14 -91.87
N SER UA 122 -22.38 87.24 -92.35
CA SER UA 122 -22.06 87.21 -93.78
C SER UA 122 -21.32 85.95 -94.18
N THR UA 123 -21.37 85.65 -95.46
CA THR UA 123 -20.61 84.55 -95.99
C THR UA 123 -19.11 84.85 -95.89
N THR UA 124 -18.32 83.87 -95.46
CA THR UA 124 -16.88 84.05 -95.33
C THR UA 124 -16.20 83.81 -96.69
N PHE UA 125 -16.25 82.58 -97.17
CA PHE UA 125 -15.64 82.28 -98.46
C PHE UA 125 -16.66 82.26 -99.56
N GLU UA 126 -17.29 81.12 -99.75
CA GLU UA 126 -18.48 81.12 -100.59
C GLU UA 126 -19.68 80.63 -99.79
N SER UA 127 -20.88 80.91 -100.32
CA SER UA 127 -22.14 80.58 -99.66
C SER UA 127 -22.58 79.13 -99.92
N PRO UA 128 -22.67 78.30 -98.86
CA PRO UA 128 -23.01 76.88 -98.94
C PRO UA 128 -24.42 76.59 -99.52
N ARG UA 129 -24.50 75.73 -100.54
CA ARG UA 129 -25.77 75.43 -101.19
C ARG UA 129 -26.15 73.96 -101.12
N LEU UA 130 -27.45 73.70 -101.16
CA LEU UA 130 -27.98 72.36 -101.44
C LEU UA 130 -28.67 72.39 -102.79
N HIS UA 131 -28.22 71.54 -103.72
CA HIS UA 131 -28.83 71.44 -105.04
C HIS UA 131 -29.76 70.22 -105.15
N PHE UA 132 -30.92 70.42 -105.74
CA PHE UA 132 -31.82 69.32 -105.99
C PHE UA 132 -32.06 69.09 -107.47
N THR UA 133 -31.66 67.90 -107.92
CA THR UA 133 -31.73 67.55 -109.32
C THR UA 133 -32.44 66.20 -109.47
N CYS UA 134 -32.94 65.93 -110.67
CA CYS UA 134 -33.56 64.64 -110.92
C CYS UA 134 -32.58 63.71 -111.64
N LEU UA 135 -32.28 62.56 -111.02
CA LEU UA 135 -31.30 61.61 -111.57
C LEU UA 135 -31.92 60.65 -112.58
N THR UA 136 -33.04 60.05 -112.19
CA THR UA 136 -33.86 59.23 -113.08
C THR UA 136 -35.29 59.78 -113.10
N GLY UA 137 -35.86 59.92 -114.29
CA GLY UA 137 -37.17 60.55 -114.44
C GLY UA 137 -38.34 59.64 -114.17
N ASN UA 138 -39.53 60.25 -114.11
CA ASN UA 138 -40.74 59.49 -113.93
C ASN UA 138 -41.08 58.71 -115.20
N ASN UA 139 -41.73 57.56 -115.06
CA ASN UA 139 -42.02 56.69 -116.18
C ASN UA 139 -43.03 57.32 -117.12
N LYS UA 140 -43.90 58.15 -116.56
CA LYS UA 140 -44.91 58.93 -117.27
C LYS UA 140 -45.15 60.13 -116.38
N GLU UA 141 -45.63 61.24 -116.92
CA GLU UA 141 -45.88 62.40 -116.05
C GLU UA 141 -46.91 62.09 -114.96
N LEU UA 142 -46.84 62.84 -113.86
CA LEU UA 142 -47.77 62.66 -112.77
C LEU UA 142 -48.99 63.52 -113.05
N ALA UA 143 -49.95 63.49 -112.14
CA ALA UA 143 -51.21 64.19 -112.36
C ALA UA 143 -51.07 65.73 -112.32
N ALA UA 144 -50.17 66.24 -111.48
CA ALA UA 144 -50.06 67.68 -111.35
C ALA UA 144 -48.72 68.05 -110.76
N ASP UA 145 -48.38 69.34 -110.83
CA ASP UA 145 -47.20 69.89 -110.15
C ASP UA 145 -47.31 69.69 -108.64
N TRP UA 146 -46.18 69.51 -107.97
CA TRP UA 146 -46.18 69.36 -106.52
C TRP UA 146 -44.93 69.94 -105.91
N GLN UA 147 -44.77 69.79 -104.60
CA GLN UA 147 -43.58 70.31 -103.92
C GLN UA 147 -43.12 69.37 -102.84
N ALA UA 148 -41.83 69.50 -102.50
CA ALA UA 148 -41.26 68.78 -101.35
C ALA UA 148 -40.70 69.82 -100.40
N VAL UA 149 -40.65 69.48 -99.12
CA VAL UA 149 -40.14 70.41 -98.11
C VAL UA 149 -38.77 69.96 -97.60
N VAL UA 150 -37.82 70.88 -97.55
CA VAL UA 150 -36.48 70.60 -97.01
C VAL UA 150 -36.31 71.24 -95.62
N GLU UA 151 -35.90 70.45 -94.64
CA GLU UA 151 -35.74 70.94 -93.27
C GLU UA 151 -34.33 70.72 -92.69
N LEU UA 152 -33.79 71.76 -92.07
CA LEU UA 152 -32.52 71.66 -91.36
C LEU UA 152 -32.77 71.57 -89.85
N TYR UA 153 -32.30 70.50 -89.24
CA TYR UA 153 -32.38 70.36 -87.79
C TYR UA 153 -30.98 70.42 -87.24
N ALA UA 154 -30.79 71.18 -86.17
CA ALA UA 154 -29.47 71.35 -85.55
C ALA UA 154 -29.61 71.97 -84.18
N GLU UA 155 -28.64 71.68 -83.32
CA GLU UA 155 -28.51 72.40 -82.05
C GLU UA 155 -27.23 73.21 -82.11
N LEU UA 156 -27.36 74.44 -82.60
CA LEU UA 156 -26.19 75.29 -82.82
C LEU UA 156 -25.53 75.70 -81.51
N GLU UA 157 -24.23 75.48 -81.44
CA GLU UA 157 -23.44 76.00 -80.33
C GLU UA 157 -22.19 76.69 -80.85
N GLU UA 158 -21.64 77.60 -80.04
CA GLU UA 158 -20.50 78.40 -80.45
C GLU UA 158 -19.31 77.52 -80.83
N ALA UA 159 -18.72 77.85 -81.97
CA ALA UA 159 -17.55 77.14 -82.47
C ALA UA 159 -16.24 77.62 -81.80
N THR UA 160 -15.43 76.66 -81.41
CA THR UA 160 -14.21 76.93 -80.68
C THR UA 160 -13.07 77.35 -81.62
N SER UA 161 -13.04 76.75 -82.81
CA SER UA 161 -11.99 77.03 -83.79
C SER UA 161 -12.57 77.43 -85.14
N PHE UA 162 -11.76 78.09 -85.97
CA PHE UA 162 -12.24 78.43 -87.31
C PHE UA 162 -12.31 77.20 -88.22
N LEU UA 163 -11.29 76.36 -88.09
CA LEU UA 163 -11.13 75.25 -89.01
C LEU UA 163 -11.63 73.96 -88.40
N GLY UA 164 -12.18 73.10 -89.25
CA GLY UA 164 -12.59 71.76 -88.89
C GLY UA 164 -11.39 70.84 -88.75
N LYS UA 165 -11.63 69.54 -88.85
CA LYS UA 165 -10.54 68.58 -88.92
C LYS UA 165 -10.40 68.32 -90.41
N PRO UA 166 -9.15 68.17 -90.88
CA PRO UA 166 -8.90 67.96 -92.32
C PRO UA 166 -9.49 66.64 -92.85
N THR UA 167 -10.28 66.73 -93.92
CA THR UA 167 -10.79 65.58 -94.63
C THR UA 167 -9.65 64.70 -95.15
N LEU UA 168 -8.54 65.32 -95.52
CA LEU UA 168 -7.45 64.61 -96.21
C LEU UA 168 -6.10 65.25 -95.92
N VAL UA 169 -5.09 64.41 -95.74
CA VAL UA 169 -3.73 64.90 -95.59
C VAL UA 169 -2.85 64.29 -96.66
N PHE UA 170 -2.11 65.13 -97.35
CA PHE UA 170 -1.38 64.70 -98.53
C PHE UA 170 -0.34 63.66 -98.22
N ASP UA 171 -0.41 62.57 -98.98
CA ASP UA 171 0.51 61.44 -98.89
C ASP UA 171 0.40 60.62 -100.18
N PRO UA 172 1.49 60.60 -100.97
CA PRO UA 172 1.60 59.96 -102.29
C PRO UA 172 1.38 58.47 -102.19
N GLY UA 173 1.92 57.90 -101.12
CA GLY UA 173 1.90 56.45 -100.93
C GLY UA 173 0.65 55.95 -100.25
N VAL UA 174 -0.39 56.77 -100.19
CA VAL UA 174 -1.59 56.34 -99.49
C VAL UA 174 -2.90 56.67 -100.19
N PHE UA 175 -3.38 55.59 -100.80
CA PHE UA 175 -4.71 55.44 -101.36
C PHE UA 175 -5.15 54.07 -100.87
N ASN UA 176 -5.99 54.04 -99.85
CA ASN UA 176 -6.46 52.79 -99.25
C ASN UA 176 -7.10 51.83 -100.24
N GLY UA 177 -8.12 52.31 -100.92
CA GLY UA 177 -8.92 51.46 -101.78
C GLY UA 177 -10.39 51.58 -101.41
N LYS UA 178 -10.66 52.32 -100.32
CA LYS UA 178 -12.03 52.65 -99.93
C LYS UA 178 -12.44 54.01 -100.52
N PHE UA 179 -13.70 54.11 -100.95
CA PHE UA 179 -14.21 55.35 -101.52
C PHE UA 179 -15.39 55.89 -100.73
N GLN UA 180 -15.63 57.21 -100.79
CA GLN UA 180 -16.94 57.76 -100.44
C GLN UA 180 -17.47 58.60 -101.59
N PHE UA 181 -18.79 58.63 -101.71
CA PHE UA 181 -19.46 59.42 -102.74
C PHE UA 181 -19.05 59.12 -104.18
N LEU UA 182 -18.74 57.85 -104.44
CA LEU UA 182 -18.45 57.41 -105.80
C LEU UA 182 -19.72 56.78 -106.38
N THR UA 183 -20.47 57.58 -107.13
CA THR UA 183 -21.70 57.13 -107.77
C THR UA 183 -21.55 57.30 -109.29
N CYS UA 184 -21.82 56.23 -110.03
CA CYS UA 184 -21.79 56.26 -111.48
C CYS UA 184 -23.07 56.82 -112.03
N PRO UA 185 -22.98 57.66 -113.07
CA PRO UA 185 -24.20 58.11 -113.75
C PRO UA 185 -25.07 56.91 -114.15
N PRO UA 186 -26.38 57.15 -114.24
CA PRO UA 186 -27.33 56.07 -114.48
C PRO UA 186 -27.04 55.37 -115.80
N ILE UA 187 -27.24 54.06 -115.78
CA ILE UA 187 -27.14 53.21 -116.95
C ILE UA 187 -28.58 52.87 -117.36
N PHE UA 188 -28.90 52.88 -118.65
CA PHE UA 188 -30.29 52.63 -119.06
C PHE UA 188 -30.50 51.39 -119.92
N PHE UA 189 -31.60 50.66 -119.68
CA PHE UA 189 -31.95 49.50 -120.50
C PHE UA 189 -33.28 49.73 -121.22
N ASP UA 190 -33.32 49.48 -122.53
CA ASP UA 190 -34.56 49.61 -123.28
C ASP UA 190 -35.39 48.36 -123.08
N LEU UA 191 -36.71 48.51 -123.06
CA LEU UA 191 -37.56 47.33 -122.95
C LEU UA 191 -37.92 46.72 -124.30
N THR UA 192 -37.46 47.39 -125.35
CA THR UA 192 -37.64 46.89 -126.70
C THR UA 192 -36.51 45.95 -127.10
N ALA UA 193 -35.79 45.45 -126.11
CA ALA UA 193 -34.64 44.62 -126.38
C ALA UA 193 -34.66 43.38 -125.49
N VAL UA 194 -34.61 42.22 -126.13
CA VAL UA 194 -34.69 40.98 -125.38
C VAL UA 194 -33.48 40.71 -124.47
N THR UA 195 -32.29 41.11 -124.92
CA THR UA 195 -31.11 41.16 -124.04
C THR UA 195 -30.34 42.44 -124.32
N ALA UA 196 -29.35 42.73 -123.49
CA ALA UA 196 -28.56 43.92 -123.70
C ALA UA 196 -27.33 43.96 -122.82
N LEU UA 197 -26.34 44.73 -123.24
CA LEU UA 197 -25.16 44.93 -122.43
C LEU UA 197 -24.94 46.40 -122.17
N ARG UA 198 -24.55 46.72 -120.93
CA ARG UA 198 -24.06 48.07 -120.61
C ARG UA 198 -22.74 48.01 -119.86
N SER UA 199 -21.73 48.66 -120.42
CA SER UA 199 -20.41 48.64 -119.81
C SER UA 199 -20.20 49.84 -118.90
N ALA UA 200 -19.53 49.59 -117.78
CA ALA UA 200 -19.02 50.66 -116.94
C ALA UA 200 -17.50 50.52 -116.84
N GLY UA 201 -16.78 51.55 -117.23
CA GLY UA 201 -15.33 51.47 -117.24
C GLY UA 201 -14.79 51.38 -115.83
N LEU UA 202 -13.69 50.67 -115.63
CA LEU UA 202 -13.10 50.58 -114.31
C LEU UA 202 -11.78 51.34 -114.24
N THR UA 203 -11.51 52.16 -115.25
CA THR UA 203 -10.30 52.98 -115.27
C THR UA 203 -10.57 54.25 -114.48
N LEU UA 204 -10.65 54.11 -113.16
CA LEU UA 204 -11.22 55.11 -112.26
C LEU UA 204 -10.44 56.40 -112.06
N GLY UA 205 -9.21 56.44 -112.56
CA GLY UA 205 -8.38 57.64 -112.50
C GLY UA 205 -8.66 58.65 -113.60
N GLN UA 206 -9.45 58.21 -114.58
CA GLN UA 206 -9.81 59.02 -115.72
C GLN UA 206 -10.66 60.19 -115.22
N VAL UA 207 -10.41 61.39 -115.72
CA VAL UA 207 -11.25 62.52 -115.33
C VAL UA 207 -12.52 62.56 -116.17
N PRO UA 208 -13.68 62.61 -115.49
CA PRO UA 208 -15.00 62.59 -116.15
C PRO UA 208 -15.24 63.84 -116.96
N MET UA 209 -16.07 63.75 -117.99
CA MET UA 209 -16.30 64.92 -118.81
C MET UA 209 -17.79 65.19 -119.09
N VAL UA 210 -18.12 66.45 -119.35
CA VAL UA 210 -19.43 66.83 -119.81
C VAL UA 210 -19.14 67.74 -120.99
N GLY UA 211 -19.23 67.15 -122.19
CA GLY UA 211 -18.88 67.86 -123.41
C GLY UA 211 -17.37 68.08 -123.40
N THR UA 212 -16.95 69.33 -123.54
CA THR UA 212 -15.54 69.65 -123.54
C THR UA 212 -15.05 69.98 -122.13
N THR UA 213 -15.98 69.94 -121.16
CA THR UA 213 -15.66 70.36 -119.79
C THR UA 213 -15.13 69.19 -118.96
N LYS UA 214 -13.90 69.34 -118.45
CA LYS UA 214 -13.33 68.36 -117.50
C LYS UA 214 -13.87 68.63 -116.09
N VAL UA 215 -14.36 67.59 -115.43
CA VAL UA 215 -14.84 67.74 -114.07
C VAL UA 215 -13.93 67.03 -113.09
N TYR UA 216 -12.90 67.73 -112.61
CA TYR UA 216 -11.97 67.16 -111.63
C TYR UA 216 -12.72 66.86 -110.35
N ASN UA 217 -12.49 65.68 -109.79
CA ASN UA 217 -13.09 65.32 -108.51
C ASN UA 217 -12.15 64.48 -107.67
N LEU UA 218 -12.44 64.40 -106.38
CA LEU UA 218 -11.52 63.75 -105.44
C LEU UA 218 -11.32 62.28 -105.71
N ASN UA 219 -12.38 61.56 -106.02
CA ASN UA 219 -12.22 60.12 -106.25
C ASN UA 219 -11.28 59.78 -107.39
N SER UA 220 -11.47 60.39 -108.56
CA SER UA 220 -10.58 60.08 -109.69
C SER UA 220 -9.18 60.53 -109.33
N THR UA 221 -9.09 61.65 -108.59
CA THR UA 221 -7.79 62.16 -108.15
C THR UA 221 -7.07 61.15 -107.28
N LEU UA 222 -7.77 60.56 -106.33
CA LEU UA 222 -7.21 59.51 -105.48
C LEU UA 222 -6.71 58.32 -106.28
N VAL UA 223 -7.56 57.77 -107.14
CA VAL UA 223 -7.15 56.64 -107.95
C VAL UA 223 -5.88 56.96 -108.76
N SER UA 224 -5.73 58.20 -109.22
CA SER UA 224 -4.57 58.58 -110.03
C SER UA 224 -3.26 58.50 -109.25
N CYS UA 225 -3.37 58.38 -107.93
CA CYS UA 225 -2.21 58.31 -107.03
C CYS UA 225 -1.54 56.95 -107.06
N VAL UA 226 -2.13 56.07 -107.84
CA VAL UA 226 -1.69 54.70 -107.98
C VAL UA 226 -1.47 54.42 -109.49
N LEU UA 227 -0.70 53.39 -109.84
CA LEU UA 227 -0.48 53.08 -111.25
C LEU UA 227 -1.61 52.22 -111.80
N GLY UA 228 -2.23 51.44 -110.91
CA GLY UA 228 -3.30 50.53 -111.29
C GLY UA 228 -3.77 49.74 -110.09
N MET UA 229 -4.83 48.94 -110.28
CA MET UA 229 -5.46 48.23 -109.19
C MET UA 229 -6.14 46.95 -109.66
N GLY UA 230 -6.13 45.95 -108.80
CA GLY UA 230 -6.83 44.71 -109.03
C GLY UA 230 -7.58 44.39 -107.75
N GLY UA 231 -8.39 43.35 -107.78
CA GLY UA 231 -9.12 43.00 -106.58
C GLY UA 231 -10.59 42.86 -106.85
N THR UA 232 -11.40 43.06 -105.82
CA THR UA 232 -12.83 42.91 -105.97
C THR UA 232 -13.54 44.26 -105.75
N VAL UA 233 -14.41 44.60 -106.71
CA VAL UA 233 -15.23 45.79 -106.60
C VAL UA 233 -16.46 45.49 -105.73
N ARG UA 234 -16.56 46.17 -104.57
CA ARG UA 234 -17.74 46.04 -103.72
C ARG UA 234 -18.59 47.27 -103.91
N GLY UA 235 -19.86 47.06 -104.24
CA GLY UA 235 -20.73 48.20 -104.44
C GLY UA 235 -22.20 47.89 -104.22
N ARG UA 236 -23.05 48.83 -104.57
CA ARG UA 236 -24.48 48.66 -104.46
C ARG UA 236 -25.14 49.00 -105.79
N VAL UA 237 -26.20 48.29 -106.10
CA VAL UA 237 -26.97 48.54 -107.31
C VAL UA 237 -28.36 49.01 -106.93
N HIS UA 238 -28.81 50.12 -107.53
CA HIS UA 238 -30.18 50.56 -107.34
C HIS UA 238 -30.98 50.46 -108.63
N ILE UA 239 -32.12 49.79 -108.56
CA ILE UA 239 -33.00 49.70 -109.70
C ILE UA 239 -34.07 50.77 -109.60
N CYS UA 240 -33.98 51.77 -110.45
CA CYS UA 240 -34.75 53.00 -110.30
C CYS UA 240 -35.96 53.08 -111.20
N ALA UA 241 -36.91 52.18 -110.98
CA ALA UA 241 -38.11 52.13 -111.80
C ALA UA 241 -39.32 51.79 -110.93
N PRO UA 242 -40.53 51.98 -111.46
CA PRO UA 242 -41.78 51.62 -110.76
C PRO UA 242 -41.84 50.13 -110.38
N ILE UA 243 -42.63 49.74 -109.36
CA ILE UA 243 -42.73 48.33 -108.93
C ILE UA 243 -43.14 47.42 -110.07
N PHE UA 244 -43.80 47.98 -111.07
CA PHE UA 244 -44.29 47.16 -112.18
C PHE UA 244 -43.27 46.95 -113.31
N TYR UA 245 -42.09 47.55 -113.17
CA TYR UA 245 -40.93 47.25 -114.02
C TYR UA 245 -40.08 46.25 -113.28
N SER UA 246 -39.43 45.35 -114.01
CA SER UA 246 -38.51 44.41 -113.36
C SER UA 246 -37.49 43.88 -114.34
N ILE UA 247 -36.35 43.44 -113.80
CA ILE UA 247 -35.25 43.04 -114.66
C ILE UA 247 -34.39 42.01 -113.95
N VAL UA 248 -33.65 41.22 -114.71
CA VAL UA 248 -32.62 40.35 -114.13
C VAL UA 248 -31.31 40.58 -114.82
N LEU UA 249 -30.27 40.87 -114.04
CA LEU UA 249 -28.95 41.19 -114.59
C LEU UA 249 -27.89 40.14 -114.23
N TRP UA 250 -27.04 39.83 -115.20
CA TRP UA 250 -25.79 39.13 -114.94
C TRP UA 250 -24.70 40.18 -114.92
N VAL UA 251 -24.05 40.35 -113.77
CA VAL UA 251 -23.00 41.35 -113.64
C VAL UA 251 -21.62 40.69 -113.54
N VAL UA 252 -20.72 41.04 -114.46
CA VAL UA 252 -19.44 40.37 -114.51
C VAL UA 252 -18.36 41.29 -115.07
N SER UA 253 -17.10 40.97 -114.79
CA SER UA 253 -15.98 41.78 -115.30
C SER UA 253 -15.34 41.15 -116.51
N GLU UA 254 -15.04 41.97 -117.51
CA GLU UA 254 -14.38 41.48 -118.73
C GLU UA 254 -13.22 42.37 -119.16
N TRP UA 255 -12.24 41.76 -119.82
CA TRP UA 255 -11.07 42.50 -120.28
C TRP UA 255 -11.05 42.71 -121.81
N ASN UA 256 -10.82 43.95 -122.21
CA ASN UA 256 -10.65 44.31 -123.62
C ASN UA 256 -11.71 43.73 -124.56
N GLY UA 257 -12.90 44.33 -124.53
CA GLY UA 257 -14.01 43.83 -125.31
C GLY UA 257 -14.85 42.88 -124.48
N THR UA 258 -15.78 42.20 -125.15
CA THR UA 258 -16.65 41.25 -124.46
C THR UA 258 -16.75 40.00 -125.30
N THR UA 259 -17.00 38.87 -124.68
CA THR UA 259 -17.20 37.64 -125.43
C THR UA 259 -18.55 37.69 -126.13
N MET UA 260 -18.63 36.99 -127.25
CA MET UA 260 -19.85 36.99 -128.03
C MET UA 260 -20.60 35.68 -127.81
N ASP UA 261 -19.99 34.79 -127.02
CA ASP UA 261 -20.54 33.45 -126.77
C ASP UA 261 -21.22 33.39 -125.41
N TRP UA 262 -22.55 33.31 -125.41
CA TRP UA 262 -23.32 33.26 -124.15
C TRP UA 262 -22.86 32.16 -123.18
N ASN UA 263 -22.37 31.04 -123.71
CA ASN UA 263 -21.90 29.98 -122.84
C ASN UA 263 -20.58 30.31 -122.16
N GLU UA 264 -19.68 31.00 -122.85
CA GLU UA 264 -18.44 31.43 -122.23
C GLU UA 264 -18.75 32.48 -121.16
N LEU UA 265 -19.66 33.39 -121.48
CA LEU UA 265 -20.07 34.45 -120.56
C LEU UA 265 -20.43 33.91 -119.19
N PHE UA 266 -21.15 32.78 -119.16
CA PHE UA 266 -21.61 32.21 -117.90
C PHE UA 266 -20.63 31.26 -117.21
N LYS UA 267 -19.44 31.13 -117.80
CA LYS UA 267 -18.34 30.41 -117.15
C LYS UA 267 -17.48 31.38 -116.37
N TYR UA 268 -17.74 32.69 -116.54
CA TYR UA 268 -17.05 33.73 -115.77
C TYR UA 268 -17.66 33.85 -114.38
N PRO UA 269 -16.88 34.40 -113.44
CA PRO UA 269 -17.35 34.62 -112.07
C PRO UA 269 -18.12 35.92 -111.89
N GLY UA 270 -19.41 35.87 -112.20
CA GLY UA 270 -20.28 37.02 -112.04
C GLY UA 270 -21.32 36.80 -110.97
N VAL UA 271 -22.24 37.76 -110.84
CA VAL UA 271 -23.32 37.68 -109.87
C VAL UA 271 -24.65 38.10 -110.51
N TYR UA 272 -25.76 37.58 -109.99
CA TYR UA 272 -27.06 37.97 -110.53
C TYR UA 272 -27.61 39.11 -109.69
N VAL UA 273 -28.26 40.06 -110.34
CA VAL UA 273 -28.90 41.16 -109.63
C VAL UA 273 -30.36 41.25 -110.10
N GLU UA 274 -31.31 41.06 -109.16
CA GLU UA 274 -32.74 41.08 -109.46
C GLU UA 274 -33.37 42.31 -108.86
N GLU UA 275 -32.68 42.92 -107.91
CA GLU UA 275 -33.26 44.00 -107.10
C GLU UA 275 -32.19 44.82 -106.37
N ASP UA 276 -32.61 45.96 -105.82
CA ASP UA 276 -31.72 46.80 -105.02
C ASP UA 276 -30.88 45.87 -104.14
N GLY UA 277 -29.58 46.14 -104.06
CA GLY UA 277 -28.72 45.34 -103.20
C GLY UA 277 -27.24 45.63 -103.42
N SER UA 278 -26.39 44.99 -102.63
CA SER UA 278 -24.95 45.09 -102.81
C SER UA 278 -24.42 43.94 -103.70
N PHE UA 279 -23.20 44.11 -104.21
CA PHE UA 279 -22.57 43.11 -105.09
C PHE UA 279 -21.05 43.16 -104.93
N GLU UA 280 -20.41 42.03 -105.18
CA GLU UA 280 -18.96 41.96 -105.25
C GLU UA 280 -18.56 41.29 -106.53
N VAL UA 281 -17.80 41.98 -107.38
CA VAL UA 281 -17.29 41.36 -108.59
C VAL UA 281 -15.76 41.49 -108.69
N LYS UA 282 -15.09 40.38 -109.04
CA LYS UA 282 -13.64 40.38 -109.19
C LYS UA 282 -13.26 41.13 -110.46
N ILE UA 283 -12.28 42.02 -110.34
CA ILE UA 283 -11.72 42.72 -111.50
C ILE UA 283 -10.90 41.73 -112.32
N ARG UA 284 -11.35 41.49 -113.55
CA ARG UA 284 -10.78 40.46 -114.41
C ARG UA 284 -9.76 41.05 -115.39
N SER UA 285 -8.54 40.54 -115.38
CA SER UA 285 -7.49 41.08 -116.24
C SER UA 285 -6.31 40.12 -116.37
N PRO UA 286 -5.66 40.13 -117.54
CA PRO UA 286 -4.47 39.32 -117.84
C PRO UA 286 -3.34 39.63 -116.90
N TYR UA 287 -3.40 40.81 -116.27
CA TYR UA 287 -2.35 41.26 -115.34
C TYR UA 287 -2.88 41.34 -113.92
N HIS UA 288 -4.13 40.91 -113.74
CA HIS UA 288 -4.80 40.88 -112.45
C HIS UA 288 -5.12 42.30 -111.94
N ARG UA 289 -4.64 43.30 -112.66
CA ARG UA 289 -4.89 44.70 -112.31
C ARG UA 289 -5.27 45.40 -113.59
N THR UA 290 -6.04 46.49 -113.47
CA THR UA 290 -6.31 47.37 -114.60
C THR UA 290 -5.59 48.70 -114.32
N PRO UA 291 -5.08 49.36 -115.37
CA PRO UA 291 -4.36 50.63 -115.16
C PRO UA 291 -5.29 51.72 -114.68
N ALA UA 292 -4.75 52.61 -113.86
CA ALA UA 292 -5.48 53.72 -113.26
C ALA UA 292 -5.93 54.78 -114.26
N ARG UA 293 -5.09 55.06 -115.26
CA ARG UA 293 -5.42 56.03 -116.31
C ARG UA 293 -5.08 55.53 -117.71
N LEU UA 294 -5.59 56.22 -118.73
CA LEU UA 294 -5.35 55.77 -120.10
C LEU UA 294 -4.18 56.48 -120.74
N LEU UA 295 -3.58 55.82 -121.73
CA LEU UA 295 -2.62 56.46 -122.64
C LEU UA 295 -3.34 57.04 -123.85
N ALA UA 296 -2.57 57.73 -124.69
CA ALA UA 296 -3.13 58.37 -125.86
C ALA UA 296 -3.72 57.32 -126.79
N GLY UA 297 -4.96 57.57 -127.24
CA GLY UA 297 -5.64 56.70 -128.17
C GLY UA 297 -6.22 55.42 -127.59
N GLN UA 298 -6.13 55.26 -126.29
CA GLN UA 298 -6.71 54.10 -125.63
C GLN UA 298 -8.11 54.42 -125.18
N SER UA 299 -8.98 53.43 -125.21
CA SER UA 299 -10.35 53.62 -124.76
C SER UA 299 -10.54 52.89 -123.43
N GLN UA 300 -11.57 53.25 -122.66
CA GLN UA 300 -11.75 52.61 -121.37
C GLN UA 300 -12.21 51.17 -121.46
N ARG UA 301 -12.72 50.80 -122.63
CA ARG UA 301 -13.19 49.43 -122.85
C ARG UA 301 -12.05 48.49 -123.23
N ASP UA 302 -10.88 49.06 -123.49
CA ASP UA 302 -9.69 48.29 -123.85
C ASP UA 302 -9.18 47.55 -122.61
N MET UA 303 -9.61 48.01 -121.45
CA MET UA 303 -9.13 47.45 -120.20
C MET UA 303 -10.20 46.62 -119.49
N SER UA 304 -10.16 46.65 -118.16
CA SER UA 304 -11.14 45.95 -117.34
C SER UA 304 -12.40 46.79 -117.17
N SER UA 305 -13.54 46.16 -117.39
CA SER UA 305 -14.84 46.83 -117.24
C SER UA 305 -15.79 45.98 -116.38
N LEU UA 306 -16.76 46.67 -115.79
CA LEU UA 306 -17.83 46.05 -115.02
C LEU UA 306 -19.05 46.01 -115.93
N ASN UA 307 -19.41 44.81 -116.38
CA ASN UA 307 -20.46 44.66 -117.40
C ASN UA 307 -21.79 44.22 -116.85
N PHE UA 308 -22.85 44.92 -117.26
CA PHE UA 308 -24.19 44.62 -116.84
C PHE UA 308 -25.00 44.04 -117.99
N TYR UA 309 -25.24 42.74 -117.92
CA TYR UA 309 -26.00 42.03 -118.95
C TYR UA 309 -27.44 41.80 -118.50
N ALA UA 310 -28.38 42.35 -119.26
CA ALA UA 310 -29.77 42.05 -119.03
C ALA UA 310 -30.10 40.69 -119.63
N ILE UA 311 -30.35 39.68 -118.79
CA ILE UA 311 -30.56 38.33 -119.28
C ILE UA 311 -32.06 37.94 -119.26
N ALA UA 312 -32.87 38.70 -118.56
CA ALA UA 312 -34.31 38.48 -118.55
C ALA UA 312 -34.96 39.81 -118.27
N GLY UA 313 -35.60 40.34 -119.29
CA GLY UA 313 -36.19 41.66 -119.20
C GLY UA 313 -35.25 42.77 -119.70
N PRO UA 314 -35.55 44.02 -119.33
CA PRO UA 314 -36.65 44.43 -118.44
C PRO UA 314 -38.03 44.22 -119.04
N ILE UA 315 -39.01 43.97 -118.18
CA ILE UA 315 -40.39 43.86 -118.60
C ILE UA 315 -41.20 44.94 -117.90
N ALA UA 316 -42.28 45.34 -118.54
CA ALA UA 316 -43.26 46.22 -117.91
C ALA UA 316 -44.60 45.99 -118.58
N PRO UA 317 -45.69 46.42 -117.92
CA PRO UA 317 -47.02 46.27 -118.51
C PRO UA 317 -47.11 47.17 -119.74
N SER UA 318 -48.01 46.90 -120.67
CA SER UA 318 -48.19 47.87 -121.76
C SER UA 318 -49.09 48.95 -121.21
N GLY UA 319 -48.96 50.17 -121.72
CA GLY UA 319 -47.95 50.53 -122.68
C GLY UA 319 -46.99 51.48 -121.99
N GLU UA 320 -46.05 50.90 -121.27
CA GLU UA 320 -44.99 51.69 -120.68
C GLU UA 320 -43.94 51.88 -121.76
N THR UA 321 -43.18 52.95 -121.67
CA THR UA 321 -42.18 53.25 -122.70
C THR UA 321 -40.82 53.65 -122.13
N ALA UA 322 -40.84 54.14 -120.89
CA ALA UA 322 -39.63 54.52 -120.18
C ALA UA 322 -38.59 53.40 -120.15
N GLN UA 323 -37.32 53.79 -120.20
CA GLN UA 323 -36.25 52.84 -119.98
C GLN UA 323 -36.12 52.48 -118.49
N LEU UA 324 -35.52 51.34 -118.17
CA LEU UA 324 -35.30 50.97 -116.79
C LEU UA 324 -33.87 51.36 -116.42
N PRO UA 325 -33.73 52.32 -115.49
CA PRO UA 325 -32.41 52.81 -115.05
C PRO UA 325 -31.81 52.02 -113.88
N ILE UA 326 -30.51 51.80 -113.95
CA ILE UA 326 -29.73 51.18 -112.91
C ILE UA 326 -28.71 52.22 -112.43
N VAL UA 327 -28.72 52.53 -111.14
CA VAL UA 327 -27.68 53.40 -110.57
C VAL UA 327 -26.66 52.59 -109.77
N VAL UA 328 -25.39 52.63 -110.18
CA VAL UA 328 -24.36 51.86 -109.51
C VAL UA 328 -23.52 52.74 -108.59
N GLN UA 329 -23.29 52.28 -107.37
CA GLN UA 329 -22.38 52.93 -106.44
C GLN UA 329 -21.20 52.02 -106.13
N ILE UA 330 -19.99 52.55 -106.19
CA ILE UA 330 -18.80 51.75 -105.86
C ILE UA 330 -18.25 52.15 -104.50
N ASP UA 331 -18.19 51.18 -103.60
CA ASP UA 331 -17.88 51.49 -102.19
C ASP UA 331 -16.41 51.30 -101.88
N GLU UA 332 -15.86 50.17 -102.33
CA GLU UA 332 -14.43 49.97 -102.19
C GLU UA 332 -13.89 48.86 -103.06
N ILE UA 333 -12.56 48.83 -103.19
CA ILE UA 333 -11.87 47.69 -103.75
C ILE UA 333 -11.44 46.84 -102.57
N VAL UA 334 -12.11 45.71 -102.39
CA VAL UA 334 -11.81 44.81 -101.27
C VAL UA 334 -10.74 43.83 -101.70
N ARG UA 335 -9.90 43.40 -100.76
CA ARG UA 335 -8.80 42.49 -101.09
C ARG UA 335 -8.00 43.07 -102.26
N PRO UA 336 -7.50 44.30 -102.09
CA PRO UA 336 -6.93 45.05 -103.21
C PRO UA 336 -5.57 44.55 -103.62
N ASP UA 337 -5.33 44.52 -104.92
CA ASP UA 337 -4.00 44.27 -105.46
C ASP UA 337 -3.53 45.56 -106.11
N LEU UA 338 -2.84 46.41 -105.35
CA LEU UA 338 -2.46 47.72 -105.88
C LEU UA 338 -1.12 47.72 -106.59
N SER UA 339 -0.97 48.60 -107.57
CA SER UA 339 0.31 48.82 -108.21
C SER UA 339 1.14 49.72 -107.32
N LEU UA 340 2.36 50.02 -107.75
CA LEU UA 340 3.13 51.08 -107.13
C LEU UA 340 2.36 52.38 -107.12
N PRO UA 341 2.65 53.24 -106.15
CA PRO UA 341 2.11 54.60 -106.22
C PRO UA 341 2.64 55.24 -107.47
N SER UA 342 1.86 56.10 -108.11
CA SER UA 342 2.32 56.74 -109.33
C SER UA 342 3.40 57.79 -109.02
N PHE UA 343 3.31 58.39 -107.84
CA PHE UA 343 4.34 59.34 -107.43
C PHE UA 343 5.02 58.90 -106.13
N GLU UA 344 6.30 59.24 -106.00
CA GLU UA 344 7.02 58.97 -104.77
C GLU UA 344 7.03 60.23 -103.90
N ASP UA 345 7.67 60.16 -102.74
CA ASP UA 345 7.72 61.34 -101.88
C ASP UA 345 8.84 62.24 -102.40
N ASP UA 346 8.51 62.98 -103.44
CA ASP UA 346 9.51 63.69 -104.18
C ASP UA 346 8.93 65.01 -104.64
N TYR UA 347 9.76 65.80 -105.31
CA TYR UA 347 9.29 67.02 -105.95
C TYR UA 347 8.46 66.70 -107.19
N PHE UA 348 7.65 67.68 -107.60
CA PHE UA 348 6.94 67.60 -108.87
C PHE UA 348 6.81 69.00 -109.45
N VAL UA 349 6.50 69.06 -110.74
CA VAL UA 349 6.50 70.35 -111.40
C VAL UA 349 5.29 71.20 -111.01
N TRP UA 350 5.57 72.41 -110.57
CA TRP UA 350 4.52 73.39 -110.34
C TRP UA 350 4.33 74.25 -111.60
N VAL UA 351 5.40 74.90 -112.07
CA VAL UA 351 5.29 75.78 -113.24
C VAL UA 351 6.62 75.97 -113.97
N ASP UA 352 6.56 76.09 -115.30
CA ASP UA 352 7.71 76.51 -116.09
C ASP UA 352 7.45 77.90 -116.65
N PHE UA 353 8.40 78.80 -116.48
CA PHE UA 353 8.35 80.08 -117.19
C PHE UA 353 9.37 80.09 -118.33
N SER UA 354 8.95 80.58 -119.49
CA SER UA 354 9.83 80.56 -120.65
C SER UA 354 9.48 81.69 -121.61
N GLU UA 355 10.30 81.87 -122.64
CA GLU UA 355 10.02 82.84 -123.68
C GLU UA 355 9.76 84.24 -123.09
N PHE UA 356 10.69 84.73 -122.30
CA PHE UA 356 10.56 86.06 -121.68
C PHE UA 356 10.74 87.17 -122.70
N THR UA 357 9.90 88.20 -122.63
CA THR UA 357 9.96 89.28 -123.60
C THR UA 357 10.58 90.54 -123.04
N LEU UA 358 10.55 90.65 -121.70
CA LEU UA 358 11.18 91.75 -120.99
C LEU UA 358 12.29 91.26 -120.09
N ASP UA 359 13.35 92.05 -119.97
CA ASP UA 359 14.44 91.70 -119.06
C ASP UA 359 13.95 91.80 -117.60
N LYS UA 360 13.12 92.80 -117.31
CA LYS UA 360 12.55 92.95 -115.95
C LYS UA 360 11.23 92.19 -115.87
N GLU UA 361 11.19 91.17 -115.03
CA GLU UA 361 9.98 90.35 -114.87
C GLU UA 361 9.81 90.10 -113.39
N GLU UA 362 8.57 90.21 -112.90
CA GLU UA 362 8.31 89.95 -111.49
C GLU UA 362 7.03 89.12 -111.34
N ILE UA 363 7.22 87.89 -110.88
CA ILE UA 363 6.13 86.94 -110.69
C ILE UA 363 5.67 86.92 -109.22
N GLU UA 364 4.46 87.42 -108.96
CA GLU UA 364 3.95 87.43 -107.60
C GLU UA 364 3.31 86.11 -107.25
N ILE UA 365 3.71 85.55 -106.12
CA ILE UA 365 3.15 84.28 -105.67
C ILE UA 365 2.30 84.52 -104.41
N GLY UA 366 2.84 85.30 -103.48
CA GLY UA 366 2.17 85.63 -102.23
C GLY UA 366 2.14 84.45 -101.26
N SER UA 367 0.95 83.99 -100.94
CA SER UA 367 0.83 82.85 -100.07
C SER UA 367 -0.01 81.75 -100.71
N ARG UA 368 -0.13 81.78 -102.05
CA ARG UA 368 -1.02 80.85 -102.77
C ARG UA 368 -0.31 79.82 -103.63
N PHE UA 369 -0.94 78.67 -103.80
CA PHE UA 369 -0.53 77.73 -104.83
C PHE UA 369 -1.63 77.75 -105.86
N PHE UA 370 -1.31 78.16 -107.08
CA PHE UA 370 -2.34 78.48 -108.07
C PHE UA 370 -1.80 78.48 -109.51
N ASP UA 371 -2.69 78.76 -110.47
CA ASP UA 371 -2.29 78.87 -111.88
C ASP UA 371 -1.84 80.31 -112.26
N PHE UA 372 -0.65 80.42 -112.82
CA PHE UA 372 -0.10 81.71 -113.21
C PHE UA 372 -0.63 82.14 -114.58
N THR UA 373 -0.61 83.45 -114.81
CA THR UA 373 -0.79 84.01 -116.15
C THR UA 373 0.18 85.16 -116.36
N SER UA 374 0.64 85.33 -117.60
CA SER UA 374 1.55 86.43 -117.92
C SER UA 374 1.30 86.94 -119.32
N ASN UA 375 1.43 88.25 -119.48
CA ASN UA 375 1.37 88.89 -120.77
C ASN UA 375 2.75 89.01 -121.37
N THR UA 376 3.77 88.83 -120.53
CA THR UA 376 5.13 89.13 -120.93
C THR UA 376 5.99 87.89 -121.07
N CYS UA 377 5.45 86.75 -120.65
CA CYS UA 377 6.15 85.47 -120.85
C CYS UA 377 5.21 84.27 -120.91
N ARG UA 378 5.77 83.12 -121.26
CA ARG UA 378 4.98 81.91 -121.43
C ARG UA 378 4.92 81.10 -120.14
N VAL UA 379 3.70 80.92 -119.63
CA VAL UA 379 3.49 80.10 -118.45
C VAL UA 379 3.02 78.70 -118.84
N SER UA 380 3.68 77.67 -118.31
CA SER UA 380 3.26 76.29 -118.54
C SER UA 380 3.02 75.63 -117.20
N MET UA 381 1.78 75.37 -116.87
CA MET UA 381 1.47 74.83 -115.57
C MET UA 381 1.60 73.30 -115.51
N GLY UA 382 2.01 72.76 -114.37
CA GLY UA 382 2.11 71.33 -114.23
C GLY UA 382 0.76 70.74 -113.89
N GLU UA 383 0.51 69.52 -114.35
CA GLU UA 383 -0.69 68.77 -113.96
C GLU UA 383 -0.30 67.47 -113.23
N ASN UA 384 -0.71 67.38 -111.97
CA ASN UA 384 -0.41 66.24 -111.09
C ASN UA 384 -1.44 66.11 -109.99
N PRO UA 385 -1.42 64.97 -109.26
CA PRO UA 385 -2.47 64.75 -108.25
C PRO UA 385 -2.52 65.85 -107.20
N PHE UA 386 -1.36 66.38 -106.80
CA PHE UA 386 -1.40 67.43 -105.80
C PHE UA 386 -2.21 68.65 -106.25
N ALA UA 387 -1.95 69.11 -107.47
CA ALA UA 387 -2.69 70.24 -108.02
C ALA UA 387 -4.19 69.94 -108.09
N ALA UA 388 -4.53 68.69 -108.41
CA ALA UA 388 -5.93 68.28 -108.48
C ALA UA 388 -6.54 68.31 -107.09
N MET UA 389 -5.79 67.84 -106.10
CA MET UA 389 -6.28 67.89 -104.73
C MET UA 389 -6.53 69.31 -104.26
N ILE UA 390 -5.69 70.24 -104.66
CA ILE UA 390 -5.90 71.66 -104.37
C ILE UA 390 -7.24 72.13 -104.97
N ALA UA 391 -7.53 71.63 -106.16
CA ALA UA 391 -8.70 72.07 -106.90
C ALA UA 391 -9.97 71.40 -106.40
N CYS UA 392 -9.80 70.26 -105.75
CA CYS UA 392 -10.95 69.45 -105.33
C CYS UA 392 -11.28 69.61 -103.86
N HIS UA 393 -10.74 70.65 -103.23
CA HIS UA 393 -11.15 70.95 -101.89
C HIS UA 393 -11.42 72.43 -101.75
N GLY UA 394 -12.28 72.77 -100.79
CA GLY UA 394 -12.66 74.15 -100.56
C GLY UA 394 -11.53 74.96 -99.97
N LEU UA 395 -10.83 74.35 -99.03
CA LEU UA 395 -9.69 74.99 -98.36
C LEU UA 395 -8.49 74.06 -98.25
N HIS UA 396 -7.30 74.64 -98.19
CA HIS UA 396 -6.10 73.86 -98.00
C HIS UA 396 -5.11 74.71 -97.20
N SER UA 397 -4.11 74.04 -96.63
CA SER UA 397 -3.05 74.71 -95.91
C SER UA 397 -1.83 73.81 -95.70
N GLY UA 398 -0.64 74.40 -95.83
CA GLY UA 398 0.58 73.63 -95.64
C GLY UA 398 1.83 74.39 -96.04
N VAL UA 399 2.94 73.68 -96.11
CA VAL UA 399 4.18 74.32 -96.54
C VAL UA 399 4.77 73.56 -97.70
N LEU UA 400 5.19 74.31 -98.72
CA LEU UA 400 5.83 73.71 -99.90
C LEU UA 400 7.31 74.03 -99.93
N ASP UA 401 8.11 73.00 -100.11
CA ASP UA 401 9.52 73.24 -100.38
C ASP UA 401 9.68 73.44 -101.89
N LEU UA 402 10.35 74.51 -102.28
CA LEU UA 402 10.56 74.81 -103.69
C LEU UA 402 12.01 74.54 -104.15
N LYS UA 403 12.13 74.00 -105.35
CA LYS UA 403 13.40 73.93 -106.06
C LYS UA 403 13.25 74.74 -107.32
N LEU UA 404 14.14 75.71 -107.51
CA LEU UA 404 14.16 76.50 -108.74
C LEU UA 404 15.35 76.03 -109.59
N GLN UA 405 15.08 75.78 -110.86
CA GLN UA 405 16.13 75.45 -111.81
C GLN UA 405 16.01 76.30 -113.07
N TRP UA 406 17.13 76.67 -113.66
CA TRP UA 406 17.09 77.46 -114.90
C TRP UA 406 18.30 77.22 -115.80
N SER UA 407 18.07 77.38 -117.11
CA SER UA 407 19.14 77.27 -118.09
C SER UA 407 19.28 78.60 -118.81
N LEU UA 408 20.47 78.88 -119.34
CA LEU UA 408 20.70 80.17 -119.97
C LEU UA 408 20.30 80.22 -121.45
N ASN UA 409 19.92 81.42 -121.88
CA ASN UA 409 19.59 81.68 -123.28
C ASN UA 409 20.77 82.33 -124.00
N THR UA 410 21.52 83.16 -123.26
CA THR UA 410 22.74 83.78 -123.78
C THR UA 410 23.99 82.96 -123.44
N GLU UA 411 25.15 83.40 -123.90
CA GLU UA 411 26.40 82.70 -123.61
C GLU UA 411 26.72 82.86 -122.12
N PHE UA 412 27.19 81.76 -121.52
CA PHE UA 412 27.47 81.75 -120.08
C PHE UA 412 28.42 82.86 -119.69
N GLY UA 413 29.44 83.09 -120.52
CA GLY UA 413 30.45 84.08 -120.22
C GLY UA 413 29.93 85.50 -120.20
N LYS UA 414 28.77 85.71 -120.81
CA LYS UA 414 28.23 87.05 -120.93
C LYS UA 414 27.19 87.30 -119.86
N SER UA 415 26.84 86.25 -119.12
CA SER UA 415 25.71 86.30 -118.19
C SER UA 415 25.92 87.27 -117.02
N SER UA 416 24.82 87.85 -116.57
CA SER UA 416 24.83 88.73 -115.40
C SER UA 416 23.45 88.71 -114.74
N GLY UA 417 23.33 89.31 -113.56
CA GLY UA 417 22.04 89.39 -112.88
C GLY UA 417 21.71 88.19 -112.01
N SER UA 418 20.42 88.02 -111.72
CA SER UA 418 19.98 87.11 -110.66
C SER UA 418 18.54 86.66 -110.79
N VAL UA 419 18.26 85.49 -110.21
CA VAL UA 419 16.91 85.09 -109.83
C VAL UA 419 16.80 85.47 -108.34
N THR UA 420 15.95 86.45 -108.02
CA THR UA 420 15.79 86.90 -106.63
C THR UA 420 14.47 86.46 -106.04
N ILE UA 421 14.50 85.88 -104.85
CA ILE UA 421 13.28 85.47 -104.17
C ILE UA 421 12.99 86.48 -103.08
N THR UA 422 11.99 87.32 -103.30
CA THR UA 422 11.56 88.25 -102.26
C THR UA 422 10.62 87.54 -101.27
N LYS UA 423 10.97 87.61 -99.99
CA LYS UA 423 10.12 87.04 -98.95
C LYS UA 423 9.72 88.14 -97.96
N LEU UA 424 8.42 88.40 -97.88
CA LEU UA 424 7.91 89.42 -96.97
C LEU UA 424 6.89 88.85 -96.00
N VAL UA 425 6.51 89.66 -95.03
CA VAL UA 425 5.33 89.38 -94.25
C VAL UA 425 4.46 90.61 -94.38
N GLY UA 426 3.30 90.42 -95.01
CA GLY UA 426 2.42 91.53 -95.30
C GLY UA 426 2.16 91.59 -96.78
N ASP UA 427 2.56 92.70 -97.39
CA ASP UA 427 2.49 92.88 -98.84
C ASP UA 427 3.66 93.72 -99.35
N LYS UA 428 3.71 93.91 -100.65
CA LYS UA 428 4.83 94.65 -101.23
C LYS UA 428 4.90 96.07 -100.64
N ALA UA 429 3.76 96.64 -100.30
CA ALA UA 429 3.68 98.04 -99.85
C ALA UA 429 4.08 98.34 -98.40
N MET UA 430 3.67 97.48 -97.46
CA MET UA 430 3.87 97.74 -96.04
C MET UA 430 4.51 96.57 -95.28
N GLY UA 431 5.02 95.60 -96.02
CA GLY UA 431 5.52 94.36 -95.43
C GLY UA 431 6.84 94.40 -94.68
N LEU UA 432 7.08 93.33 -93.94
CA LEU UA 432 8.30 93.17 -93.19
C LEU UA 432 9.20 92.24 -94.01
N ASP UA 433 10.51 92.38 -93.83
CA ASP UA 433 11.47 91.63 -94.63
C ASP UA 433 11.92 90.31 -94.03
N GLY UA 434 11.60 89.21 -94.71
CA GLY UA 434 11.98 87.90 -94.25
C GLY UA 434 13.23 87.39 -94.92
N PRO UA 435 13.29 86.07 -95.14
CA PRO UA 435 14.45 85.39 -95.72
C PRO UA 435 14.50 85.53 -97.24
N SER UA 436 14.48 86.78 -97.70
CA SER UA 436 14.67 87.09 -99.13
C SER UA 436 16.04 86.60 -99.52
N HIS UA 437 16.23 86.35 -100.80
CA HIS UA 437 17.34 85.52 -101.22
C HIS UA 437 17.75 85.89 -102.64
N VAL UA 438 19.00 86.24 -102.86
CA VAL UA 438 19.51 86.60 -104.19
C VAL UA 438 20.38 85.47 -104.75
N PHE UA 439 19.88 84.80 -105.77
CA PHE UA 439 20.65 83.79 -106.48
C PHE UA 439 21.29 84.41 -107.71
N ALA UA 440 22.61 84.56 -107.70
CA ALA UA 440 23.29 85.01 -108.91
C ALA UA 440 22.90 84.08 -110.04
N ILE UA 441 22.66 84.62 -111.23
CA ILE UA 441 22.13 83.81 -112.31
C ILE UA 441 23.02 82.60 -112.62
N GLN UA 442 24.31 82.72 -112.34
CA GLN UA 442 25.27 81.65 -112.62
C GLN UA 442 25.10 80.44 -111.71
N LYS UA 443 24.38 80.59 -110.59
CA LYS UA 443 24.12 79.43 -109.72
C LYS UA 443 23.28 78.40 -110.45
N LEU UA 444 22.37 78.88 -111.29
CA LEU UA 444 21.57 78.03 -112.16
C LEU UA 444 20.55 77.19 -111.41
N GLU UA 445 20.45 77.42 -110.09
CA GLU UA 445 19.44 76.76 -109.25
C GLU UA 445 19.39 77.39 -107.87
N GLY UA 446 18.27 77.19 -107.18
CA GLY UA 446 18.10 77.71 -105.83
C GLY UA 446 16.92 77.05 -105.13
N THR UA 447 16.86 77.20 -103.82
CA THR UA 447 15.77 76.59 -103.06
C THR UA 447 15.14 77.60 -102.11
N THR UA 448 13.87 77.37 -101.77
CA THR UA 448 13.18 78.20 -100.80
C THR UA 448 11.93 77.45 -100.27
N GLU UA 449 11.37 77.92 -99.17
CA GLU UA 449 10.11 77.37 -98.68
C GLU UA 449 9.01 78.37 -99.01
N LEU UA 450 7.78 77.88 -99.19
CA LEU UA 450 6.61 78.73 -99.37
C LEU UA 450 5.49 78.34 -98.43
N LEU UA 451 5.03 79.30 -97.63
CA LEU UA 451 3.88 79.04 -96.78
C LEU UA 451 2.63 79.20 -97.61
N VAL UA 452 1.85 78.14 -97.75
CA VAL UA 452 0.54 78.22 -98.38
C VAL UA 452 -0.49 78.28 -97.27
N GLY UA 453 -0.94 79.49 -96.97
CA GLY UA 453 -1.82 79.73 -95.85
C GLY UA 453 -1.84 81.19 -95.45
N ASN UA 454 -2.38 81.48 -94.28
CA ASN UA 454 -2.49 82.85 -93.82
C ASN UA 454 -2.93 82.87 -92.36
N PHE UA 455 -3.10 84.06 -91.81
CA PHE UA 455 -3.44 84.19 -90.39
C PHE UA 455 -4.69 83.42 -90.00
N ALA UA 456 -5.66 83.32 -90.90
CA ALA UA 456 -6.89 82.58 -90.60
C ALA UA 456 -6.68 81.07 -90.54
N GLY UA 457 -5.72 80.55 -91.31
CA GLY UA 457 -5.34 79.15 -91.21
C GLY UA 457 -5.39 78.33 -92.48
N ALA UA 458 -6.05 78.83 -93.53
CA ALA UA 458 -6.23 78.05 -94.75
C ALA UA 458 -6.55 78.95 -95.93
N ASN UA 459 -6.28 78.45 -97.14
CA ASN UA 459 -6.57 79.20 -98.37
C ASN UA 459 -7.75 78.60 -99.10
N PRO UA 460 -8.64 79.45 -99.61
CA PRO UA 460 -9.65 79.01 -100.56
C PRO UA 460 -8.97 78.82 -101.92
N ASN UA 461 -9.65 78.17 -102.86
CA ASN UA 461 -9.06 77.94 -104.16
C ASN UA 461 -9.46 79.06 -105.12
N THR UA 462 -9.44 80.29 -104.59
CA THR UA 462 -9.77 81.49 -105.36
C THR UA 462 -8.79 82.57 -104.94
N ARG UA 463 -8.92 83.76 -105.54
CA ARG UA 463 -8.17 84.90 -105.05
C ARG UA 463 -8.87 85.38 -103.76
N PHE UA 464 -8.05 85.82 -102.81
CA PHE UA 464 -8.53 86.27 -101.51
C PHE UA 464 -7.46 87.23 -100.99
N SER UA 465 -7.82 88.03 -100.00
CA SER UA 465 -6.83 88.93 -99.41
C SER UA 465 -6.80 88.75 -97.90
N LEU UA 466 -5.89 87.92 -97.40
CA LEU UA 466 -5.74 87.73 -95.96
C LEU UA 466 -4.27 87.82 -95.54
N TYR UA 467 -3.96 88.71 -94.60
CA TYR UA 467 -2.59 88.91 -94.12
C TYR UA 467 -1.82 87.60 -93.96
N SER UA 468 -0.65 87.53 -94.59
CA SER UA 468 0.17 86.32 -94.49
C SER UA 468 1.58 86.65 -94.92
N ARG UA 469 2.42 85.62 -95.01
CA ARG UA 469 3.72 85.78 -95.62
C ARG UA 469 3.50 85.98 -97.13
N TRP UA 470 4.48 86.57 -97.79
CA TRP UA 470 4.31 86.97 -99.18
C TRP UA 470 5.60 86.70 -99.96
N MET UA 471 5.46 86.03 -101.11
CA MET UA 471 6.63 85.67 -101.91
C MET UA 471 6.55 86.13 -103.36
N ALA UA 472 7.69 86.47 -103.94
CA ALA UA 472 7.73 86.88 -105.33
C ALA UA 472 9.06 86.46 -105.92
N ILE UA 473 9.05 86.14 -107.22
CA ILE UA 473 10.28 85.86 -107.94
C ILE UA 473 10.58 87.07 -108.82
N LYS UA 474 11.80 87.60 -108.73
CA LYS UA 474 12.20 88.79 -109.47
C LYS UA 474 13.35 88.49 -110.42
N LEU UA 475 13.08 88.60 -111.71
CA LEU UA 475 14.11 88.46 -112.73
C LEU UA 475 14.59 89.85 -113.19
N ASP UA 476 15.90 90.05 -113.34
CA ASP UA 476 16.42 91.32 -113.86
C ASP UA 476 17.07 91.17 -115.25
N GLN UA 477 17.32 89.92 -115.63
CA GLN UA 477 17.93 89.61 -116.92
C GLN UA 477 17.17 88.46 -117.55
N ALA UA 478 15.86 88.57 -117.52
CA ALA UA 478 14.99 87.44 -117.88
C ALA UA 478 15.22 86.92 -119.28
N LYS UA 479 15.59 87.81 -120.20
CA LYS UA 479 15.79 87.40 -121.58
C LYS UA 479 17.01 86.46 -121.70
N SER UA 480 17.85 86.45 -120.66
CA SER UA 480 19.02 85.56 -120.62
C SER UA 480 18.66 84.17 -120.10
N ILE UA 481 17.39 83.96 -119.80
CA ILE UA 481 16.93 82.68 -119.29
C ILE UA 481 16.07 81.93 -120.30
N LYS UA 482 16.46 80.70 -120.62
CA LYS UA 482 15.70 79.92 -121.59
C LYS UA 482 14.47 79.34 -120.92
N VAL UA 483 14.64 78.91 -119.68
CA VAL UA 483 13.53 78.37 -118.88
C VAL UA 483 13.80 78.48 -117.39
N LEU UA 484 12.79 78.91 -116.64
CA LEU UA 484 12.83 78.89 -115.20
C LEU UA 484 11.80 77.86 -114.75
N ARG UA 485 12.26 76.77 -114.15
CA ARG UA 485 11.36 75.73 -113.68
C ARG UA 485 11.21 75.77 -112.18
N VAL UA 486 9.98 75.68 -111.69
CA VAL UA 486 9.74 75.63 -110.26
C VAL UA 486 9.12 74.31 -109.85
N LEU UA 487 9.88 73.51 -109.10
CA LEU UA 487 9.35 72.27 -108.52
C LEU UA 487 8.97 72.45 -107.05
N CYS UA 488 7.99 71.68 -106.58
CA CYS UA 488 7.60 71.75 -105.18
C CYS UA 488 7.40 70.36 -104.61
N LYS UA 489 7.51 70.27 -103.29
CA LYS UA 489 7.39 69.05 -102.52
C LYS UA 489 6.75 69.40 -101.19
N PRO UA 490 5.47 69.03 -101.04
CA PRO UA 490 4.73 69.38 -99.82
C PRO UA 490 5.35 68.76 -98.58
N ARG UA 491 5.55 69.57 -97.56
CA ARG UA 491 5.96 69.07 -96.26
C ARG UA 491 4.82 68.30 -95.63
N PRO UA 492 5.18 67.27 -94.86
CA PRO UA 492 4.20 66.37 -94.24
C PRO UA 492 3.15 67.16 -93.51
N GLY UA 493 1.90 66.76 -93.65
CA GLY UA 493 0.81 67.43 -92.97
C GLY UA 493 0.15 68.49 -93.81
N PHE UA 494 0.40 68.47 -95.12
CA PHE UA 494 -0.29 69.42 -95.99
C PHE UA 494 -1.76 69.04 -95.98
N SER UA 495 -2.63 69.98 -95.61
CA SER UA 495 -4.03 69.64 -95.29
C SER UA 495 -5.09 70.17 -96.24
N PHE UA 496 -6.13 69.37 -96.45
CA PHE UA 496 -7.22 69.77 -97.32
C PHE UA 496 -8.52 69.70 -96.54
N TYR UA 497 -9.41 70.67 -96.78
CA TYR UA 497 -10.69 70.75 -96.10
C TYR UA 497 -11.87 70.79 -97.07
N GLY UA 498 -12.88 69.96 -96.80
CA GLY UA 498 -14.12 69.95 -97.56
C GLY UA 498 -14.02 69.49 -99.02
N ARG UA 499 -14.21 68.19 -99.23
CA ARG UA 499 -14.14 67.64 -100.58
C ARG UA 499 -15.22 68.24 -101.50
N THR UA 500 -14.82 68.56 -102.72
CA THR UA 500 -15.70 69.18 -103.72
C THR UA 500 -15.17 68.87 -105.12
N SER UA 501 -15.59 69.64 -106.12
CA SER UA 501 -15.15 69.39 -107.49
C SER UA 501 -14.79 70.68 -108.19
N PHE UA 502 -14.29 70.54 -109.41
CA PHE UA 502 -13.74 71.68 -110.13
C PHE UA 502 -13.89 71.50 -111.62
N PRO UA 503 -14.99 72.01 -112.19
CA PRO UA 503 -15.18 72.00 -113.64
C PRO UA 503 -14.34 73.05 -114.34
N VAL UA 504 -13.65 72.63 -115.41
CA VAL UA 504 -12.99 73.57 -116.33
C VAL UA 504 -13.28 73.25 -117.81
N GLY VA 1 15.66 102.91 -46.97
CA GLY VA 1 15.44 104.26 -46.50
C GLY VA 1 15.26 105.28 -47.62
N LEU VA 2 14.81 106.48 -47.27
CA LEU VA 2 14.64 107.53 -48.25
C LEU VA 2 16.00 107.82 -48.92
N ALA VA 3 16.05 107.69 -50.23
CA ALA VA 3 17.31 107.76 -50.97
C ALA VA 3 17.44 109.05 -51.77
N GLY VA 4 16.30 109.57 -52.21
CA GLY VA 4 16.28 110.80 -52.97
C GLY VA 4 14.88 111.37 -53.07
N ARG VA 5 14.76 112.62 -53.52
CA ARG VA 5 13.45 113.24 -53.62
C ARG VA 5 13.45 114.34 -54.66
N GLY VA 6 12.26 114.82 -54.98
CA GLY VA 6 12.07 115.81 -56.01
C GLY VA 6 10.65 116.35 -55.96
N VAL VA 7 10.37 117.37 -56.75
CA VAL VA 7 9.09 118.03 -56.68
C VAL VA 7 8.52 118.24 -58.07
N ILE VA 8 7.25 117.91 -58.26
CA ILE VA 8 6.57 118.20 -59.51
C ILE VA 8 5.57 119.34 -59.29
N TYR VA 9 5.58 120.34 -60.17
CA TYR VA 9 4.64 121.46 -60.02
C TYR VA 9 3.42 121.28 -60.88
N ILE VA 10 2.26 121.35 -60.24
CA ILE VA 10 0.98 121.25 -60.94
C ILE VA 10 0.31 122.62 -61.09
N PRO VA 11 -0.08 122.99 -62.33
CA PRO VA 11 -0.80 124.21 -62.67
C PRO VA 11 -2.24 124.11 -62.20
N LYS VA 12 -2.82 125.23 -61.76
CA LYS VA 12 -4.21 125.21 -61.28
C LYS VA 12 -5.15 124.58 -62.31
N ASP VA 13 -4.94 124.93 -63.58
CA ASP VA 13 -5.67 124.34 -64.69
C ASP VA 13 -4.76 123.31 -65.40
N CYS VA 14 -4.79 122.08 -64.91
CA CYS VA 14 -4.02 121.00 -65.50
C CYS VA 14 -4.83 120.30 -66.61
N GLN VA 15 -4.54 120.63 -67.87
CA GLN VA 15 -5.25 120.05 -69.01
C GLN VA 15 -4.64 118.73 -69.48
N ALA VA 16 -5.45 117.91 -70.13
CA ALA VA 16 -4.94 116.67 -70.69
C ALA VA 16 -3.78 117.00 -71.58
N ASN VA 17 -2.67 116.33 -71.33
CA ASN VA 17 -1.44 116.43 -72.14
C ASN VA 17 -0.37 117.44 -71.69
N ARG VA 18 -0.63 118.21 -70.63
CA ARG VA 18 0.43 119.08 -70.10
C ARG VA 18 1.63 118.26 -69.67
N TYR VA 19 2.80 118.73 -70.07
CA TYR VA 19 4.04 118.25 -69.51
C TYR VA 19 4.25 118.92 -68.15
N LEU VA 20 4.41 118.11 -67.10
CA LEU VA 20 4.56 118.62 -65.72
C LEU VA 20 6.02 118.77 -65.26
N GLY VA 21 6.88 117.93 -65.81
CA GLY VA 21 8.29 118.00 -65.50
C GLY VA 21 8.97 116.65 -65.55
N THR VA 22 10.30 116.68 -65.51
CA THR VA 22 11.09 115.47 -65.50
C THR VA 22 12.03 115.47 -64.31
N LEU VA 23 12.10 114.34 -63.61
CA LEU VA 23 13.04 114.22 -62.52
C LEU VA 23 14.13 113.32 -63.00
N ASN VA 24 15.36 113.67 -62.67
CA ASN VA 24 16.49 112.83 -63.00
C ASN VA 24 16.81 111.89 -61.82
N ILE VA 25 16.63 110.59 -61.99
CA ILE VA 25 16.75 109.66 -60.86
C ILE VA 25 18.09 109.78 -60.14
N ARG VA 26 19.17 109.92 -60.88
CA ARG VA 26 20.46 109.95 -60.23
C ARG VA 26 20.68 111.29 -59.52
N ASP VA 27 20.23 112.37 -60.12
CA ASP VA 27 20.23 113.67 -59.44
C ASP VA 27 19.36 113.72 -58.17
N MET VA 28 18.20 113.05 -58.16
CA MET VA 28 17.38 112.97 -56.95
C MET VA 28 18.17 112.39 -55.78
N ILE VA 29 18.97 111.36 -56.07
CA ILE VA 29 19.76 110.71 -55.03
C ILE VA 29 20.98 111.56 -54.65
N SER VA 30 21.62 112.18 -55.63
CA SER VA 30 22.86 112.92 -55.35
C SER VA 30 22.63 114.30 -54.75
N ASP VA 31 21.49 114.92 -55.05
CA ASP VA 31 21.19 116.25 -54.50
C ASP VA 31 20.78 116.08 -53.06
N PHE VA 32 20.21 114.93 -52.76
CA PHE VA 32 19.72 114.64 -51.42
C PHE VA 32 20.92 114.37 -50.53
N LYS VA 33 21.68 113.31 -50.86
CA LYS VA 33 23.07 113.19 -50.41
C LYS VA 33 23.28 113.11 -48.90
N GLY VA 34 22.49 112.33 -48.16
CA GLY VA 34 21.85 111.10 -48.59
C GLY VA 34 22.65 110.00 -47.89
N VAL VA 35 22.08 109.27 -46.94
CA VAL VA 35 22.79 108.10 -46.39
C VAL VA 35 22.98 107.07 -47.50
N GLN VA 36 21.97 106.96 -48.35
CA GLN VA 36 22.02 106.00 -49.45
C GLN VA 36 23.02 106.44 -50.50
N TYR VA 37 23.05 107.74 -50.80
CA TYR VA 37 24.03 108.28 -51.74
C TYR VA 37 25.45 107.95 -51.30
N GLU VA 38 25.71 108.10 -50.01
CA GLU VA 38 27.04 107.85 -49.51
C GLU VA 38 27.37 106.35 -49.52
N LYS VA 39 26.38 105.48 -49.33
CA LYS VA 39 26.62 104.05 -49.43
C LYS VA 39 26.95 103.69 -50.87
N TRP VA 40 26.42 104.50 -51.78
CA TRP VA 40 26.57 104.30 -53.22
C TRP VA 40 28.01 104.56 -53.64
N ILE VA 41 28.56 105.69 -53.19
CA ILE VA 41 29.94 106.03 -53.50
C ILE VA 41 30.90 104.89 -53.19
N THR VA 42 30.62 104.15 -52.12
CA THR VA 42 31.50 103.07 -51.69
C THR VA 42 31.28 101.82 -52.52
N ALA VA 43 30.02 101.59 -52.90
CA ALA VA 43 29.66 100.42 -53.67
C ALA VA 43 30.22 100.55 -55.07
N GLY VA 44 30.22 101.78 -55.58
CA GLY VA 44 30.57 102.03 -56.97
C GLY VA 44 29.38 101.77 -57.88
N LEU VA 45 28.97 100.51 -57.96
CA LEU VA 45 27.84 100.09 -58.78
C LEU VA 45 26.64 99.66 -57.93
N VAL VA 46 25.44 100.13 -58.28
CA VAL VA 46 24.22 99.67 -57.61
C VAL VA 46 23.16 99.21 -58.63
N MET VA 47 22.41 98.16 -58.28
CA MET VA 47 21.27 97.68 -59.10
C MET VA 47 19.96 97.72 -58.35
N PRO VA 48 19.55 98.92 -57.91
CA PRO VA 48 18.56 99.07 -56.83
C PRO VA 48 17.22 98.41 -57.14
N THR VA 49 16.49 98.08 -56.09
CA THR VA 49 15.04 97.96 -56.22
C THR VA 49 14.45 99.18 -55.54
N PHE VA 50 13.91 100.10 -56.32
CA PHE VA 50 13.31 101.32 -55.79
C PHE VA 50 11.85 101.13 -55.44
N LYS VA 51 11.41 101.79 -54.37
CA LYS VA 51 10.00 102.05 -54.16
C LYS VA 51 9.83 103.52 -54.46
N ILE VA 52 9.04 103.84 -55.47
CA ILE VA 52 8.76 105.23 -55.76
C ILE VA 52 7.45 105.59 -55.11
N VAL VA 53 7.44 106.74 -54.45
CA VAL VA 53 6.23 107.19 -53.78
C VAL VA 53 5.93 108.61 -54.23
N ILE VA 54 4.72 108.82 -54.74
CA ILE VA 54 4.30 110.16 -55.08
C ILE VA 54 3.27 110.65 -54.07
N ARG VA 55 3.63 111.69 -53.33
CA ARG VA 55 2.76 112.28 -52.35
C ARG VA 55 1.93 113.43 -52.90
N LEU VA 56 0.65 113.41 -52.58
CA LEU VA 56 -0.37 113.82 -53.51
C LEU VA 56 -1.65 113.82 -52.72
N PRO VA 57 -2.30 114.98 -52.58
CA PRO VA 57 -3.54 115.01 -51.77
C PRO VA 57 -4.70 114.35 -52.50
N ALA VA 58 -5.28 113.33 -51.89
CA ALA VA 58 -6.37 112.61 -52.56
C ALA VA 58 -7.57 113.53 -52.79
N ASN VA 59 -8.17 113.43 -53.96
CA ASN VA 59 -9.34 114.24 -54.25
C ASN VA 59 -10.26 113.60 -55.29
N ALA VA 60 -11.54 113.47 -54.94
CA ALA VA 60 -12.46 112.80 -55.86
C ALA VA 60 -13.21 113.78 -56.76
N PHE VA 61 -12.86 115.05 -56.68
CA PHE VA 61 -13.65 116.08 -57.35
C PHE VA 61 -12.97 116.77 -58.53
N THR VA 62 -11.95 116.14 -59.09
CA THR VA 62 -11.18 116.78 -60.16
C THR VA 62 -11.20 116.00 -61.46
N GLY VA 63 -11.06 114.68 -61.36
CA GLY VA 63 -11.02 113.86 -62.56
C GLY VA 63 -9.60 113.67 -63.07
N LEU VA 64 -8.65 114.28 -62.37
CA LEU VA 64 -7.25 114.28 -62.80
C LEU VA 64 -6.65 112.91 -62.77
N THR VA 65 -5.97 112.56 -63.85
CA THR VA 65 -5.15 111.35 -63.91
C THR VA 65 -3.80 111.68 -64.56
N TRP VA 66 -2.72 111.25 -63.92
CA TRP VA 66 -1.38 111.56 -64.42
C TRP VA 66 -0.71 110.28 -64.81
N VAL VA 67 0.38 110.41 -65.56
CA VAL VA 67 1.20 109.24 -65.89
C VAL VA 67 2.63 109.50 -65.47
N MET VA 68 3.18 108.59 -64.68
CA MET VA 68 4.62 108.56 -64.46
C MET VA 68 5.25 107.60 -65.46
N SER VA 69 6.21 108.10 -66.23
CA SER VA 69 6.85 107.30 -67.27
C SER VA 69 8.31 107.08 -66.91
N PHE VA 70 8.71 105.82 -66.80
CA PHE VA 70 10.11 105.48 -66.51
C PHE VA 70 10.89 105.37 -67.82
N ASP VA 71 11.68 106.41 -68.09
CA ASP VA 71 12.45 106.49 -69.33
C ASP VA 71 13.94 106.32 -69.04
N ALA VA 72 14.39 105.09 -68.85
CA ALA VA 72 15.76 104.89 -68.36
C ALA VA 72 16.79 105.28 -69.42
N TYR VA 73 16.37 105.29 -70.69
CA TYR VA 73 17.32 105.52 -71.77
C TYR VA 73 17.05 106.80 -72.54
N ASN VA 74 16.25 107.67 -71.93
CA ASN VA 74 16.06 109.03 -72.43
C ASN VA 74 15.53 109.08 -73.84
N ARG VA 75 14.50 108.30 -74.10
CA ARG VA 75 14.04 108.11 -75.47
C ARG VA 75 12.91 109.05 -75.84
N ILE VA 76 11.98 109.26 -74.91
CA ILE VA 76 10.82 110.08 -75.24
C ILE VA 76 10.93 111.52 -74.72
N THR VA 77 12.03 111.86 -74.07
CA THR VA 77 12.13 113.17 -73.41
C THR VA 77 12.02 114.38 -74.34
N SER VA 78 12.80 114.37 -75.42
CA SER VA 78 12.82 115.47 -76.40
C SER VA 78 11.43 115.74 -77.02
N ARG VA 79 10.55 114.75 -76.97
CA ARG VA 79 9.27 114.82 -77.67
C ARG VA 79 8.06 115.11 -76.78
N ILE VA 80 8.28 115.29 -75.48
CA ILE VA 80 7.15 115.61 -74.63
C ILE VA 80 7.25 116.97 -73.97
N THR VA 81 8.38 117.66 -74.11
CA THR VA 81 8.64 118.81 -73.22
C THR VA 81 7.75 119.99 -73.46
N ALA VA 82 7.04 119.99 -74.59
CA ALA VA 82 6.14 121.10 -74.92
C ALA VA 82 4.74 120.62 -74.66
N SER VA 83 4.54 119.34 -74.98
CA SER VA 83 3.25 118.73 -74.86
C SER VA 83 3.36 117.21 -75.00
N ALA VA 84 2.76 116.50 -74.04
CA ALA VA 84 2.96 115.06 -73.94
C ALA VA 84 1.83 114.25 -74.57
N ASP VA 85 2.01 113.81 -75.81
CA ASP VA 85 1.03 112.92 -76.39
C ASP VA 85 1.09 111.55 -75.68
N PRO VA 86 -0.08 111.03 -75.26
CA PRO VA 86 -0.12 109.74 -74.57
C PRO VA 86 0.61 108.62 -75.32
N VAL VA 87 0.66 108.68 -76.64
CA VAL VA 87 1.38 107.63 -77.39
C VAL VA 87 2.83 107.54 -76.97
N TYR VA 88 3.45 108.69 -76.69
CA TYR VA 88 4.83 108.69 -76.19
C TYR VA 88 4.91 108.23 -74.75
N THR VA 89 4.07 108.84 -73.90
CA THR VA 89 4.17 108.61 -72.46
C THR VA 89 3.85 107.17 -72.07
N LEU VA 90 3.04 106.49 -72.87
CA LEU VA 90 2.65 105.09 -72.58
C LEU VA 90 3.51 104.05 -73.31
N SER VA 91 4.49 104.52 -74.06
CA SER VA 91 5.34 103.63 -74.87
C SER VA 91 6.55 103.10 -74.11
N VAL VA 92 6.75 103.61 -72.89
CA VAL VA 92 7.75 103.07 -71.99
C VAL VA 92 7.09 102.60 -70.70
N PRO VA 93 7.81 101.83 -69.87
CA PRO VA 93 7.18 101.44 -68.61
C PRO VA 93 6.56 102.64 -67.88
N HIS VA 94 5.34 102.47 -67.39
CA HIS VA 94 4.60 103.59 -66.84
C HIS VA 94 3.50 103.17 -65.85
N TRP VA 95 3.01 104.15 -65.10
CA TRP VA 95 2.01 103.91 -64.09
C TRP VA 95 0.95 105.01 -64.09
N LEU VA 96 -0.31 104.60 -63.98
CA LEU VA 96 -1.39 105.57 -63.89
C LEU VA 96 -1.52 106.07 -62.46
N ILE VA 97 -1.59 107.38 -62.30
CA ILE VA 97 -1.78 107.97 -61.00
C ILE VA 97 -3.14 108.64 -60.93
N HIS VA 98 -4.08 108.02 -60.23
CA HIS VA 98 -5.42 108.58 -60.10
C HIS VA 98 -5.54 109.50 -58.89
N HIS VA 99 -6.08 110.69 -59.13
CA HIS VA 99 -6.16 111.70 -58.09
C HIS VA 99 -7.07 111.25 -56.96
N LYS VA 100 -8.07 110.44 -57.30
CA LYS VA 100 -9.00 110.00 -56.28
C LYS VA 100 -8.33 109.08 -55.26
N LEU VA 101 -7.22 108.45 -55.65
CA LEU VA 101 -6.54 107.49 -54.77
C LEU VA 101 -5.44 108.09 -53.89
N GLY VA 102 -5.17 109.37 -54.12
CA GLY VA 102 -4.16 110.08 -53.37
C GLY VA 102 -2.74 109.58 -53.55
N THR VA 103 -2.00 109.49 -52.45
CA THR VA 103 -0.60 109.12 -52.49
C THR VA 103 -0.38 107.78 -53.20
N PHE VA 104 0.58 107.75 -54.10
CA PHE VA 104 0.80 106.65 -55.00
C PHE VA 104 2.13 105.99 -54.72
N SER VA 105 2.20 104.68 -54.92
CA SER VA 105 3.45 103.98 -54.73
C SER VA 105 3.63 102.82 -55.71
N CYS VA 106 4.87 102.55 -56.12
CA CYS VA 106 5.16 101.36 -56.95
C CYS VA 106 6.59 100.92 -56.79
N GLU VA 107 6.91 99.71 -57.27
CA GLU VA 107 8.28 99.21 -57.24
C GLU VA 107 8.92 99.18 -58.62
N ILE VA 108 10.18 99.56 -58.65
CA ILE VA 108 10.95 99.53 -59.88
C ILE VA 108 12.15 98.65 -59.61
N ASP VA 109 12.16 97.45 -60.16
CA ASP VA 109 13.35 96.61 -60.09
C ASP VA 109 14.25 97.10 -61.22
N TYR VA 110 15.23 97.93 -60.87
CA TYR VA 110 16.12 98.54 -61.85
C TYR VA 110 16.86 97.49 -62.67
N GLY VA 111 17.03 96.29 -62.12
CA GLY VA 111 17.63 95.20 -62.85
C GLY VA 111 16.80 94.76 -64.05
N GLU VA 112 15.47 94.76 -63.90
CA GLU VA 112 14.57 94.41 -65.01
C GLU VA 112 14.25 95.61 -65.90
N LEU VA 113 13.62 96.64 -65.33
CA LEU VA 113 13.18 97.79 -66.11
C LEU VA 113 14.32 98.58 -66.77
N CYS VA 114 15.53 98.45 -66.24
CA CYS VA 114 16.65 99.16 -66.83
C CYS VA 114 17.70 98.21 -67.42
N GLY VA 115 18.30 97.36 -66.59
CA GLY VA 115 19.23 96.36 -67.10
C GLY VA 115 20.72 96.59 -66.84
N HIS VA 116 21.14 97.83 -66.67
CA HIS VA 116 22.54 98.07 -66.32
C HIS VA 116 22.70 98.79 -64.99
N ALA VA 117 23.78 98.49 -64.29
CA ALA VA 117 24.00 99.06 -62.95
C ALA VA 117 24.49 100.51 -63.01
N MET VA 118 24.08 101.29 -62.01
CA MET VA 118 24.41 102.71 -61.94
C MET VA 118 25.78 103.02 -61.32
N TRP VA 119 26.55 103.82 -62.03
CA TRP VA 119 27.89 104.17 -61.60
C TRP VA 119 27.83 105.50 -60.85
N PHE VA 120 28.37 105.52 -59.63
CA PHE VA 120 28.24 106.66 -58.73
C PHE VA 120 28.71 107.99 -59.33
N LYS VA 121 29.76 107.95 -60.16
CA LYS VA 121 30.42 109.21 -60.55
C LYS VA 121 29.86 109.86 -61.82
N SER VA 122 29.23 109.08 -62.67
CA SER VA 122 28.73 109.61 -63.94
C SER VA 122 27.77 108.67 -64.61
N THR VA 123 26.97 109.24 -65.51
CA THR VA 123 26.08 108.43 -66.31
C THR VA 123 26.91 107.52 -67.24
N THR VA 124 26.54 106.24 -67.32
CA THR VA 124 27.22 105.30 -68.18
C THR VA 124 26.70 105.43 -69.61
N PHE VA 125 25.44 105.08 -69.82
CA PHE VA 125 24.88 105.19 -71.16
C PHE VA 125 24.08 106.46 -71.31
N GLU VA 126 22.81 106.41 -70.95
CA GLU VA 126 22.08 107.66 -70.84
C GLU VA 126 21.56 107.79 -69.43
N SER VA 127 21.15 109.02 -69.08
CA SER VA 127 20.72 109.35 -67.73
C SER VA 127 19.21 109.04 -67.51
N PRO VA 128 18.91 108.10 -66.57
CA PRO VA 128 17.53 107.62 -66.30
C PRO VA 128 16.59 108.71 -65.79
N ARG VA 129 15.43 108.85 -66.43
CA ARG VA 129 14.46 109.90 -66.07
C ARG VA 129 13.09 109.38 -65.66
N LEU VA 130 12.41 110.15 -64.82
CA LEU VA 130 10.99 109.95 -64.56
C LEU VA 130 10.22 111.14 -65.14
N HIS VA 131 9.30 110.87 -66.04
CA HIS VA 131 8.49 111.95 -66.63
C HIS VA 131 7.10 111.98 -66.01
N PHE VA 132 6.65 113.20 -65.71
CA PHE VA 132 5.29 113.35 -65.19
C PHE VA 132 4.41 114.16 -66.12
N THR VA 133 3.37 113.51 -66.63
CA THR VA 133 2.46 114.11 -67.58
C THR VA 133 1.02 113.95 -67.13
N CYS VA 134 0.14 114.78 -67.66
CA CYS VA 134 -1.26 114.66 -67.32
C CYS VA 134 -2.02 113.90 -68.41
N LEU VA 135 -2.64 112.78 -68.05
CA LEU VA 135 -3.32 111.92 -69.04
C LEU VA 135 -4.75 112.37 -69.31
N THR VA 136 -5.49 112.65 -68.23
CA THR VA 136 -6.83 113.20 -68.33
C THR VA 136 -6.87 114.44 -67.45
N GLY VA 137 -7.45 115.51 -67.97
CA GLY VA 137 -7.40 116.81 -67.30
C GLY VA 137 -8.44 116.99 -66.23
N ASN VA 138 -8.30 118.06 -65.45
CA ASN VA 138 -9.31 118.38 -64.45
C ASN VA 138 -10.58 118.89 -65.13
N ASN VA 139 -11.73 118.64 -64.51
CA ASN VA 139 -13.03 118.97 -65.09
C ASN VA 139 -13.23 120.48 -65.18
N LYS VA 140 -12.60 121.19 -64.24
CA LYS VA 140 -12.56 122.64 -64.19
C LYS VA 140 -11.26 122.95 -63.47
N GLU VA 141 -10.72 124.15 -63.65
CA GLU VA 141 -9.47 124.45 -62.97
C GLU VA 141 -9.66 124.39 -61.46
N LEU VA 142 -8.56 124.15 -60.74
CA LEU VA 142 -8.58 124.18 -59.28
C LEU VA 142 -8.40 125.61 -58.74
N ALA VA 143 -8.37 125.73 -57.44
CA ALA VA 143 -8.31 127.05 -56.83
C ALA VA 143 -6.96 127.74 -57.05
N ALA VA 144 -5.87 126.98 -57.04
CA ALA VA 144 -4.54 127.57 -57.16
C ALA VA 144 -3.52 126.55 -57.60
N ASP VA 145 -2.35 127.03 -58.02
CA ASP VA 145 -1.22 126.15 -58.35
C ASP VA 145 -0.83 125.35 -57.10
N TRP VA 146 -0.33 124.14 -57.30
CA TRP VA 146 0.12 123.32 -56.19
C TRP VA 146 1.31 122.44 -56.60
N GLN VA 147 1.78 121.61 -55.68
CA GLN VA 147 2.90 120.70 -56.01
C GLN VA 147 2.69 119.31 -55.43
N ALA VA 148 3.36 118.34 -56.04
CA ALA VA 148 3.42 116.98 -55.51
C ALA VA 148 4.88 116.64 -55.23
N VAL VA 149 5.11 115.76 -54.25
CA VAL VA 149 6.47 115.36 -53.92
C VAL VA 149 6.75 113.95 -54.38
N VAL VA 150 7.88 113.75 -55.07
CA VAL VA 150 8.31 112.42 -55.49
C VAL VA 150 9.47 111.93 -54.62
N GLU VA 151 9.36 110.71 -54.08
CA GLU VA 151 10.39 110.18 -53.20
C GLU VA 151 10.90 108.80 -53.64
N LEU VA 152 12.21 108.60 -53.60
CA LEU VA 152 12.84 107.32 -53.91
C LEU VA 152 13.28 106.66 -52.62
N TYR VA 153 12.79 105.46 -52.37
CA TYR VA 153 13.21 104.66 -51.22
C TYR VA 153 13.98 103.46 -51.70
N ALA VA 154 15.11 103.16 -51.06
CA ALA VA 154 15.95 102.08 -51.50
C ALA VA 154 16.97 101.77 -50.44
N GLU VA 155 17.41 100.52 -50.40
CA GLU VA 155 18.59 100.16 -49.60
C GLU VA 155 19.71 99.75 -50.55
N LEU VA 156 20.52 100.73 -50.94
CA LEU VA 156 21.55 100.49 -51.94
C LEU VA 156 22.65 99.57 -51.42
N GLU VA 157 22.91 98.51 -52.19
CA GLU VA 157 24.07 97.70 -51.91
C GLU VA 157 24.89 97.49 -53.18
N GLU VA 158 26.17 97.14 -53.01
CA GLU VA 158 27.09 97.01 -54.13
C GLU VA 158 26.60 95.96 -55.10
N ALA VA 159 26.61 96.33 -56.39
CA ALA VA 159 26.22 95.45 -57.47
C ALA VA 159 27.34 94.48 -57.83
N THR VA 160 26.97 93.22 -57.99
CA THR VA 160 27.91 92.16 -58.27
C THR VA 160 28.27 92.08 -59.77
N SER VA 161 27.30 92.40 -60.62
CA SER VA 161 27.49 92.34 -62.07
C SER VA 161 27.10 93.65 -62.75
N PHE VA 162 27.63 93.91 -63.94
CA PHE VA 162 27.22 95.12 -64.67
C PHE VA 162 25.81 95.00 -65.21
N LEU VA 163 25.49 93.81 -65.72
CA LEU VA 163 24.24 93.57 -66.42
C LEU VA 163 23.21 92.91 -65.52
N GLY VA 164 21.94 93.29 -65.72
CA GLY VA 164 20.82 92.67 -65.05
C GLY VA 164 20.48 91.31 -65.65
N LYS VA 165 19.25 90.87 -65.43
CA LYS VA 165 18.76 89.68 -66.11
C LYS VA 165 17.98 90.21 -67.31
N PRO VA 166 18.10 89.52 -68.47
CA PRO VA 166 17.48 90.03 -69.69
C PRO VA 166 15.96 89.99 -69.62
N THR VA 167 15.33 91.13 -69.90
CA THR VA 167 13.88 91.25 -70.01
C THR VA 167 13.32 90.32 -71.09
N LEU VA 168 14.08 90.08 -72.15
CA LEU VA 168 13.57 89.34 -73.31
C LEU VA 168 14.68 88.60 -74.04
N VAL VA 169 14.39 87.37 -74.45
CA VAL VA 169 15.35 86.63 -75.26
C VAL VA 169 14.73 86.27 -76.59
N PHE VA 170 15.45 86.57 -77.68
CA PHE VA 170 14.88 86.46 -79.01
C PHE VA 170 14.46 85.04 -79.37
N ASP VA 171 13.20 84.93 -79.80
CA ASP VA 171 12.58 83.68 -80.22
C ASP VA 171 11.34 84.02 -81.05
N PRO VA 172 11.38 83.67 -82.34
CA PRO VA 172 10.36 83.98 -83.35
C PRO VA 172 9.06 83.30 -83.00
N GLY VA 173 9.18 82.08 -82.50
CA GLY VA 173 8.03 81.23 -82.23
C GLY VA 173 7.44 81.44 -80.84
N VAL VA 174 7.80 82.55 -80.19
CA VAL VA 174 7.31 82.78 -78.84
C VAL VA 174 6.85 84.21 -78.54
N PHE VA 175 5.53 84.31 -78.60
CA PHE VA 175 4.72 85.41 -78.12
C PHE VA 175 3.59 84.72 -77.37
N ASN VA 176 3.69 84.70 -76.04
CA ASN VA 176 2.69 84.06 -75.18
C ASN VA 176 1.25 84.53 -75.41
N GLY VA 177 1.04 85.83 -75.32
CA GLY VA 177 -0.31 86.39 -75.37
C GLY VA 177 -0.55 87.24 -74.16
N LYS VA 178 0.41 87.24 -73.23
CA LYS VA 178 0.41 88.13 -72.07
C LYS VA 178 1.17 89.44 -72.37
N PHE VA 179 0.65 90.56 -71.86
CA PHE VA 179 1.28 91.86 -72.07
C PHE VA 179 1.65 92.52 -70.75
N GLN VA 180 2.66 93.40 -70.78
CA GLN VA 180 2.85 94.38 -69.72
C GLN VA 180 2.88 95.79 -70.30
N PHE VA 181 2.37 96.74 -69.54
CA PHE VA 181 2.43 98.16 -69.91
C PHE VA 181 1.75 98.48 -71.22
N LEU VA 182 0.67 97.77 -71.52
CA LEU VA 182 -0.11 98.05 -72.72
C LEU VA 182 -1.32 98.85 -72.32
N THR VA 183 -1.21 100.16 -72.48
CA THR VA 183 -2.26 101.09 -72.09
C THR VA 183 -2.68 101.86 -73.33
N CYS VA 184 -3.98 101.87 -73.61
CA CYS VA 184 -4.54 102.65 -74.71
C CYS VA 184 -4.72 104.10 -74.33
N PRO VA 185 -4.38 105.03 -75.25
CA PRO VA 185 -4.69 106.44 -75.00
C PRO VA 185 -6.17 106.62 -74.63
N PRO VA 186 -6.46 107.67 -73.88
CA PRO VA 186 -7.80 107.90 -73.34
C PRO VA 186 -8.83 108.01 -74.43
N ILE VA 187 -9.99 107.41 -74.19
CA ILE VA 187 -11.17 107.53 -75.04
C ILE VA 187 -12.14 108.53 -74.39
N PHE VA 188 -12.75 109.41 -75.17
CA PHE VA 188 -13.60 110.45 -74.56
C PHE VA 188 -15.07 110.39 -74.96
N PHE VA 189 -15.97 110.61 -74.00
CA PHE VA 189 -17.41 110.70 -74.27
C PHE VA 189 -17.95 112.08 -73.94
N ASP VA 190 -18.72 112.67 -74.87
CA ASP VA 190 -19.33 113.98 -74.65
C ASP VA 190 -20.59 113.79 -73.85
N LEU VA 191 -20.90 114.75 -72.98
CA LEU VA 191 -22.15 114.63 -72.23
C LEU VA 191 -23.32 115.26 -72.97
N THR VA 192 -23.03 115.84 -74.13
CA THR VA 192 -24.07 116.42 -74.98
C THR VA 192 -24.59 115.38 -75.94
N ALA VA 193 -24.33 114.11 -75.64
CA ALA VA 193 -24.78 113.03 -76.50
C ALA VA 193 -25.52 111.96 -75.72
N VAL VA 194 -26.75 111.66 -76.12
CA VAL VA 194 -27.53 110.67 -75.40
C VAL VA 194 -26.99 109.22 -75.47
N THR VA 195 -26.44 108.83 -76.63
CA THR VA 195 -25.62 107.62 -76.72
C THR VA 195 -24.38 107.92 -77.55
N ALA VA 196 -23.43 106.97 -77.59
CA ALA VA 196 -22.22 107.17 -78.37
C ALA VA 196 -21.41 105.91 -78.52
N LEU VA 197 -20.59 105.86 -79.55
CA LEU VA 197 -19.70 104.73 -79.75
C LEU VA 197 -18.26 105.21 -79.80
N ARG VA 198 -17.36 104.46 -79.18
CA ARG VA 198 -15.93 104.68 -79.38
C ARG VA 198 -15.26 103.36 -79.67
N SER VA 199 -14.57 103.30 -80.80
CA SER VA 199 -13.88 102.07 -81.18
C SER VA 199 -12.42 102.08 -80.76
N ALA VA 200 -11.94 100.91 -80.36
CA ALA VA 200 -10.53 100.68 -80.14
C ALA VA 200 -10.10 99.54 -81.04
N GLY VA 201 -9.14 99.80 -81.92
CA GLY VA 201 -8.69 98.79 -82.85
C GLY VA 201 -8.00 97.66 -82.11
N LEU VA 202 -8.12 96.45 -82.63
CA LEU VA 202 -7.48 95.29 -82.00
C LEU VA 202 -6.37 94.74 -82.87
N THR VA 203 -5.98 95.52 -83.87
CA THR VA 203 -4.86 95.17 -84.75
C THR VA 203 -3.56 95.63 -84.09
N LEU VA 204 -3.18 94.93 -83.04
CA LEU VA 204 -2.18 95.40 -82.08
C LEU VA 204 -0.75 95.43 -82.57
N GLY VA 205 -0.49 94.84 -83.73
CA GLY VA 205 0.85 94.88 -84.32
C GLY VA 205 1.13 96.18 -85.06
N GLN VA 206 0.10 96.98 -85.25
CA GLN VA 206 0.22 98.24 -85.96
C GLN VA 206 1.10 99.18 -85.13
N VAL VA 207 1.99 99.90 -85.79
CA VAL VA 207 2.84 100.84 -85.07
C VAL VA 207 2.14 102.19 -84.86
N PRO VA 208 2.06 102.64 -83.61
CA PRO VA 208 1.33 103.86 -83.23
C PRO VA 208 2.01 105.08 -83.81
N MET VA 209 1.25 106.13 -84.06
CA MET VA 209 1.84 107.35 -84.62
C MET VA 209 1.41 108.61 -83.92
N VAL VA 210 2.29 109.60 -83.97
CA VAL VA 210 1.98 110.93 -83.48
C VAL VA 210 2.36 111.88 -84.59
N GLY VA 211 1.35 112.32 -85.34
CA GLY VA 211 1.61 113.05 -86.57
C GLY VA 211 2.30 112.15 -87.57
N THR VA 212 3.46 112.58 -88.05
CA THR VA 212 4.21 111.78 -89.01
C THR VA 212 5.23 110.89 -88.34
N THR VA 213 5.30 110.98 -87.01
CA THR VA 213 6.28 110.22 -86.22
C THR VA 213 5.81 108.80 -85.83
N LYS VA 214 6.55 107.79 -86.26
CA LYS VA 214 6.29 106.41 -85.84
C LYS VA 214 6.88 106.17 -84.46
N VAL VA 215 6.10 105.62 -83.54
CA VAL VA 215 6.60 105.29 -82.21
C VAL VA 215 6.70 103.78 -82.01
N TYR VA 216 7.83 103.19 -82.42
CA TYR VA 216 8.05 101.76 -82.23
C TYR VA 216 8.05 101.42 -80.74
N ASN VA 217 7.36 100.36 -80.36
CA ASN VA 217 7.34 99.92 -78.96
C ASN VA 217 7.29 98.41 -78.85
N LEU VA 218 7.66 97.90 -77.69
CA LEU VA 218 7.81 96.46 -77.53
C LEU VA 218 6.50 95.69 -77.75
N ASN VA 219 5.39 96.22 -77.24
CA ASN VA 219 4.11 95.51 -77.38
C ASN VA 219 3.66 95.26 -78.81
N SER VA 220 3.62 96.32 -79.62
CA SER VA 220 3.27 96.13 -81.04
C SER VA 220 4.30 95.23 -81.71
N THR VA 221 5.56 95.38 -81.33
CA THR VA 221 6.61 94.53 -81.88
C THR VA 221 6.35 93.04 -81.57
N LEU VA 222 5.95 92.75 -80.34
CA LEU VA 222 5.63 91.39 -79.97
C LEU VA 222 4.49 90.83 -80.82
N VAL VA 223 3.39 91.56 -80.87
CA VAL VA 223 2.24 91.12 -81.66
C VAL VA 223 2.62 90.86 -83.11
N SER VA 224 3.53 91.65 -83.66
CA SER VA 224 3.94 91.47 -85.06
C SER VA 224 4.64 90.13 -85.30
N CYS VA 225 5.02 89.46 -84.21
CA CYS VA 225 5.72 88.18 -84.28
C CYS VA 225 4.81 87.03 -84.62
N VAL VA 226 3.54 87.36 -84.78
CA VAL VA 226 2.48 86.41 -85.03
C VAL VA 226 1.71 86.91 -86.28
N LEU VA 227 0.97 86.02 -86.95
CA LEU VA 227 0.21 86.46 -88.13
C LEU VA 227 -1.13 87.07 -87.72
N GLY VA 228 -1.68 86.59 -86.60
CA GLY VA 228 -2.94 87.08 -86.09
C GLY VA 228 -3.28 86.36 -84.78
N MET VA 229 -4.39 86.76 -84.18
CA MET VA 229 -4.77 86.24 -82.88
C MET VA 229 -6.28 86.28 -82.67
N GLY VA 230 -6.79 85.28 -81.96
CA GLY VA 230 -8.16 85.26 -81.54
C GLY VA 230 -8.19 84.90 -80.08
N GLY VA 231 -9.36 84.95 -79.47
CA GLY VA 231 -9.44 84.62 -78.06
C GLY VA 231 -10.16 85.69 -77.29
N THR VA 232 -9.87 85.76 -76.00
CA THR VA 232 -10.56 86.75 -75.17
C THR VA 232 -9.60 87.81 -74.69
N VAL VA 233 -10.01 89.07 -74.84
CA VAL VA 233 -9.22 90.20 -74.35
C VAL VA 233 -9.54 90.43 -72.87
N ARG VA 234 -8.55 90.25 -72.00
CA ARG VA 234 -8.71 90.54 -70.57
C ARG VA 234 -8.03 91.86 -70.29
N GLY VA 235 -8.78 92.79 -69.72
CA GLY VA 235 -8.22 94.10 -69.46
C GLY VA 235 -8.86 94.78 -68.28
N ARG VA 236 -8.48 96.04 -68.07
CA ARG VA 236 -9.06 96.85 -67.00
C ARG VA 236 -9.55 98.15 -67.59
N VAL VA 237 -10.64 98.67 -67.07
CA VAL VA 237 -11.18 99.94 -67.51
C VAL VA 237 -11.12 100.92 -66.36
N HIS VA 238 -10.59 102.10 -66.61
CA HIS VA 238 -10.60 103.16 -65.62
C HIS VA 238 -11.49 104.32 -66.05
N ILE VA 239 -12.44 104.69 -65.21
CA ILE VA 239 -13.27 105.84 -65.46
C ILE VA 239 -12.70 107.07 -64.78
N CYS VA 240 -12.17 107.99 -65.58
CA CYS VA 240 -11.32 109.07 -65.07
C CYS VA 240 -12.02 110.41 -64.99
N ALA VA 241 -13.02 110.49 -64.10
CA ALA VA 241 -13.80 111.70 -63.92
C ALA VA 241 -14.14 111.87 -62.44
N PRO VA 242 -14.65 113.05 -62.07
CA PRO VA 242 -15.11 113.35 -60.71
C PRO VA 242 -16.24 112.42 -60.24
N ILE VA 243 -16.40 112.18 -58.93
CA ILE VA 243 -17.49 111.29 -58.42
C ILE VA 243 -18.86 111.71 -58.94
N PHE VA 244 -19.02 112.98 -59.32
CA PHE VA 244 -20.33 113.47 -59.74
C PHE VA 244 -20.58 113.27 -61.24
N TYR VA 245 -19.61 112.68 -61.94
CA TYR VA 245 -19.80 112.20 -63.31
C TYR VA 245 -20.09 110.72 -63.21
N SER VA 246 -20.90 110.19 -64.13
CA SER VA 246 -21.12 108.75 -64.17
C SER VA 246 -21.63 108.27 -65.52
N ILE VA 247 -21.39 107.01 -65.82
CA ILE VA 247 -21.70 106.49 -67.13
C ILE VA 247 -21.95 105.01 -67.05
N VAL VA 248 -22.66 104.47 -68.05
CA VAL VA 248 -22.82 103.03 -68.19
C VAL VA 248 -22.47 102.61 -69.61
N LEU VA 249 -21.59 101.63 -69.73
CA LEU VA 249 -21.06 101.22 -71.03
C LEU VA 249 -21.41 99.78 -71.33
N TRP VA 250 -21.75 99.55 -72.60
CA TRP VA 250 -21.85 98.21 -73.16
C TRP VA 250 -20.56 98.02 -73.96
N VAL VA 251 -19.75 97.05 -73.55
CA VAL VA 251 -18.48 96.80 -74.21
C VAL VA 251 -18.48 95.48 -74.95
N VAL VA 252 -18.29 95.54 -76.27
CA VAL VA 252 -18.41 94.34 -77.09
C VAL VA 252 -17.49 94.39 -78.30
N SER VA 253 -17.18 93.22 -78.84
CA SER VA 253 -16.34 93.15 -80.03
C SER VA 253 -17.15 93.00 -81.33
N GLU VA 254 -16.76 93.76 -82.36
CA GLU VA 254 -17.44 93.69 -83.65
C GLU VA 254 -16.46 93.61 -84.83
N TRP VA 255 -16.92 93.03 -85.93
CA TRP VA 255 -16.09 92.84 -87.11
C TRP VA 255 -16.50 93.73 -88.27
N ASN VA 256 -15.51 94.41 -88.86
CA ASN VA 256 -15.72 95.21 -90.05
C ASN VA 256 -16.94 96.13 -89.98
N GLY VA 257 -16.81 97.24 -89.26
CA GLY VA 257 -17.93 98.14 -89.05
C GLY VA 257 -18.70 97.75 -87.80
N THR VA 258 -19.86 98.37 -87.64
CA THR VA 258 -20.69 98.11 -86.48
C THR VA 258 -22.11 97.95 -86.95
N THR VA 259 -22.91 97.21 -86.19
CA THR VA 259 -24.34 97.12 -86.50
C THR VA 259 -25.04 98.42 -86.16
N MET VA 260 -26.10 98.70 -86.91
CA MET VA 260 -26.85 99.93 -86.71
C MET VA 260 -28.13 99.65 -85.91
N ASP VA 261 -28.37 98.37 -85.64
CA ASP VA 261 -29.57 97.91 -84.97
C ASP VA 261 -29.32 97.61 -83.50
N TRP VA 262 -29.87 98.45 -82.63
CA TRP VA 262 -29.66 98.31 -81.19
C TRP VA 262 -30.04 96.92 -80.67
N ASN VA 263 -31.02 96.28 -81.29
CA ASN VA 263 -31.43 94.97 -80.80
C ASN VA 263 -30.42 93.91 -81.18
N GLU VA 264 -29.81 94.05 -82.36
CA GLU VA 264 -28.77 93.10 -82.76
C GLU VA 264 -27.57 93.25 -81.84
N LEU VA 265 -27.25 94.51 -81.52
CA LEU VA 265 -26.10 94.86 -80.68
C LEU VA 265 -26.11 94.11 -79.37
N PHE VA 266 -27.29 93.97 -78.78
CA PHE VA 266 -27.42 93.32 -77.48
C PHE VA 266 -27.64 91.82 -77.55
N LYS VA 267 -27.55 91.25 -78.74
CA LYS VA 267 -27.57 89.81 -78.89
C LYS VA 267 -26.11 89.31 -78.94
N TYR VA 268 -25.17 90.26 -79.04
CA TYR VA 268 -23.75 89.93 -79.01
C TYR VA 268 -23.28 89.68 -77.58
N PRO VA 269 -22.17 88.93 -77.42
CA PRO VA 269 -21.61 88.65 -76.09
C PRO VA 269 -20.71 89.77 -75.57
N GLY VA 270 -21.32 90.78 -74.98
CA GLY VA 270 -20.60 91.89 -74.40
C GLY VA 270 -20.70 91.91 -72.87
N VAL VA 271 -20.19 92.98 -72.26
CA VAL VA 271 -20.22 93.15 -70.81
C VAL VA 271 -20.55 94.60 -70.46
N TYR VA 272 -21.16 94.80 -69.29
CA TYR VA 272 -21.50 96.15 -68.88
C TYR VA 272 -20.39 96.71 -68.00
N VAL VA 273 -20.11 98.00 -68.13
CA VAL VA 273 -19.10 98.62 -67.29
C VAL VA 273 -19.68 99.87 -66.69
N GLU VA 274 -19.79 99.92 -65.36
CA GLU VA 274 -20.41 101.05 -64.65
C GLU VA 274 -19.35 101.82 -63.90
N GLU VA 275 -18.20 101.18 -63.70
CA GLU VA 275 -17.16 101.71 -62.82
C GLU VA 275 -15.81 101.05 -63.05
N ASP VA 276 -14.76 101.60 -62.43
CA ASP VA 276 -13.41 101.03 -62.51
C ASP VA 276 -13.52 99.54 -62.32
N GLY VA 277 -12.81 98.75 -63.13
CA GLY VA 277 -12.83 97.31 -62.97
C GLY VA 277 -12.22 96.57 -64.13
N SER VA 278 -12.15 95.24 -64.03
CA SER VA 278 -11.61 94.43 -65.11
C SER VA 278 -12.77 93.96 -66.02
N PHE VA 279 -12.42 93.45 -67.22
CA PHE VA 279 -13.40 92.97 -68.18
C PHE VA 279 -12.79 91.88 -69.04
N GLU VA 280 -13.63 90.98 -69.56
CA GLU VA 280 -13.20 90.03 -70.57
C GLU VA 280 -14.15 90.08 -71.75
N VAL VA 281 -13.64 90.34 -72.95
CA VAL VA 281 -14.48 90.35 -74.15
C VAL VA 281 -13.88 89.43 -75.19
N LYS VA 282 -14.70 88.57 -75.78
CA LYS VA 282 -14.28 87.68 -76.86
C LYS VA 282 -14.00 88.49 -78.13
N ILE VA 283 -12.86 88.22 -78.75
CA ILE VA 283 -12.56 88.78 -80.06
C ILE VA 283 -13.46 88.14 -81.13
N ARG VA 284 -14.32 88.95 -81.72
CA ARG VA 284 -15.33 88.49 -82.66
C ARG VA 284 -14.86 88.63 -84.11
N SER VA 285 -14.84 87.52 -84.84
CA SER VA 285 -14.36 87.55 -86.23
C SER VA 285 -14.83 86.34 -87.01
N PRO VA 286 -15.07 86.53 -88.31
CA PRO VA 286 -15.49 85.46 -89.23
C PRO VA 286 -14.47 84.34 -89.27
N TYR VA 287 -13.23 84.64 -88.88
CA TYR VA 287 -12.12 83.69 -88.95
C TYR VA 287 -11.67 83.33 -87.55
N HIS VA 288 -12.40 83.88 -86.57
CA HIS VA 288 -12.13 83.67 -85.14
C HIS VA 288 -10.85 84.36 -84.67
N ARG VA 289 -10.09 84.92 -85.62
CA ARG VA 289 -8.86 85.64 -85.33
C ARG VA 289 -8.89 86.94 -86.11
N THR VA 290 -8.18 87.95 -85.61
CA THR VA 290 -7.99 89.21 -86.35
C THR VA 290 -6.50 89.29 -86.70
N PRO VA 291 -6.19 89.83 -87.89
CA PRO VA 291 -4.79 89.87 -88.32
C PRO VA 291 -3.98 90.83 -87.44
N ALA VA 292 -2.71 90.47 -87.28
CA ALA VA 292 -1.75 91.22 -86.49
C ALA VA 292 -1.44 92.60 -87.04
N ARG VA 293 -1.30 92.71 -88.36
CA ARG VA 293 -1.01 94.00 -88.99
C ARG VA 293 -1.91 94.22 -90.21
N LEU VA 294 -1.95 95.45 -90.69
CA LEU VA 294 -2.76 95.78 -91.86
C LEU VA 294 -2.01 95.67 -93.18
N LEU VA 295 -2.74 95.32 -94.23
CA LEU VA 295 -2.22 95.43 -95.59
C LEU VA 295 -2.53 96.83 -96.10
N ALA VA 296 -2.00 97.19 -97.27
CA ALA VA 296 -2.20 98.53 -97.82
C ALA VA 296 -3.68 98.85 -98.04
N GLY VA 297 -4.09 100.02 -97.58
CA GLY VA 297 -5.45 100.49 -97.78
C GLY VA 297 -6.49 99.93 -96.83
N GLN VA 298 -6.11 98.97 -96.00
CA GLN VA 298 -6.99 98.49 -94.96
C GLN VA 298 -7.07 99.47 -93.78
N SER VA 299 -8.15 99.40 -93.02
CA SER VA 299 -8.35 100.22 -91.84
C SER VA 299 -8.40 99.28 -90.65
N GLN VA 300 -8.24 99.82 -89.44
CA GLN VA 300 -8.30 98.94 -88.28
C GLN VA 300 -9.73 98.52 -88.04
N ARG VA 301 -10.67 99.41 -88.39
CA ARG VA 301 -12.08 99.13 -88.20
C ARG VA 301 -12.58 98.05 -89.15
N ASP VA 302 -11.83 97.79 -90.21
CA ASP VA 302 -12.16 96.71 -91.15
C ASP VA 302 -12.11 95.35 -90.46
N MET VA 303 -11.33 95.23 -89.41
CA MET VA 303 -11.14 93.95 -88.76
C MET VA 303 -11.92 93.87 -87.44
N SER VA 304 -11.36 93.17 -86.46
CA SER VA 304 -11.95 93.07 -85.15
C SER VA 304 -11.61 94.27 -84.27
N SER VA 305 -12.62 94.85 -83.63
CA SER VA 305 -12.40 95.99 -82.74
C SER VA 305 -13.08 95.76 -81.38
N LEU VA 306 -12.61 96.49 -80.38
CA LEU VA 306 -13.20 96.48 -79.06
C LEU VA 306 -14.06 97.74 -78.94
N ASN VA 307 -15.38 97.57 -78.92
CA ASN VA 307 -16.27 98.74 -78.99
C ASN VA 307 -16.89 99.16 -77.67
N PHE VA 308 -16.83 100.46 -77.40
CA PHE VA 308 -17.37 100.99 -76.17
C PHE VA 308 -18.58 101.83 -76.47
N TYR VA 309 -19.75 101.27 -76.15
CA TYR VA 309 -21.04 101.95 -76.34
C TYR VA 309 -21.56 102.60 -75.05
N ALA VA 310 -21.70 103.91 -75.05
CA ALA VA 310 -22.33 104.58 -73.93
C ALA VA 310 -23.85 104.41 -74.07
N ILE VA 311 -24.45 103.61 -73.18
CA ILE VA 311 -25.88 103.33 -73.28
C ILE VA 311 -26.71 104.09 -72.25
N ALA VA 312 -26.05 104.66 -71.25
CA ALA VA 312 -26.72 105.54 -70.30
C ALA VA 312 -25.74 106.57 -69.78
N GLY VA 313 -25.91 107.83 -70.19
CA GLY VA 313 -24.94 108.86 -69.89
C GLY VA 313 -23.88 109.03 -70.97
N PRO VA 314 -22.76 109.68 -70.63
CA PRO VA 314 -22.44 110.16 -69.28
C PRO VA 314 -23.36 111.29 -68.81
N ILE VA 315 -23.52 111.39 -67.49
CA ILE VA 315 -24.26 112.50 -66.91
C ILE VA 315 -23.37 113.25 -65.91
N ALA VA 316 -23.67 114.52 -65.72
CA ALA VA 316 -23.01 115.31 -64.70
C ALA VA 316 -23.92 116.46 -64.34
N PRO VA 317 -23.67 117.09 -63.18
CA PRO VA 317 -24.49 118.24 -62.78
C PRO VA 317 -24.23 119.39 -63.73
N SER VA 318 -25.15 120.35 -63.85
CA SER VA 318 -24.82 121.54 -64.61
C SER VA 318 -23.99 122.43 -63.71
N GLY VA 319 -23.10 123.22 -64.28
CA GLY VA 319 -22.83 123.19 -65.71
C GLY VA 319 -21.39 122.69 -65.86
N GLU VA 320 -21.26 121.37 -65.89
CA GLU VA 320 -20.01 120.77 -66.22
C GLU VA 320 -19.93 120.69 -67.75
N THR VA 321 -18.71 120.70 -68.26
CA THR VA 321 -18.54 120.73 -69.71
C THR VA 321 -17.54 119.69 -70.18
N ALA VA 322 -16.66 119.30 -69.27
CA ALA VA 322 -15.62 118.32 -69.57
C ALA VA 322 -16.18 117.02 -70.13
N GLN VA 323 -15.44 116.42 -71.03
CA GLN VA 323 -15.81 115.09 -71.47
C GLN VA 323 -15.44 114.04 -70.40
N LEU VA 324 -16.10 112.89 -70.43
CA LEU VA 324 -15.77 111.82 -69.51
C LEU VA 324 -14.79 110.86 -70.19
N PRO VA 325 -13.55 110.77 -69.67
CA PRO VA 325 -12.51 109.91 -70.24
C PRO VA 325 -12.52 108.50 -69.68
N ILE VA 326 -12.27 107.53 -70.55
CA ILE VA 326 -12.12 106.12 -70.21
C ILE VA 326 -10.70 105.69 -70.59
N VAL VA 327 -9.93 105.16 -69.66
CA VAL VA 327 -8.61 104.65 -70.00
C VAL VA 327 -8.66 103.14 -69.98
N VAL VA 328 -8.34 102.52 -71.11
CA VAL VA 328 -8.33 101.06 -71.18
C VAL VA 328 -6.93 100.44 -71.11
N GLN VA 329 -6.76 99.42 -70.29
CA GLN VA 329 -5.51 98.66 -70.26
C GLN VA 329 -5.79 97.23 -70.67
N ILE VA 330 -4.93 96.70 -71.54
CA ILE VA 330 -5.07 95.34 -72.00
C ILE VA 330 -4.00 94.49 -71.36
N ASP VA 331 -4.43 93.47 -70.60
CA ASP VA 331 -3.50 92.67 -69.81
C ASP VA 331 -3.06 91.42 -70.53
N GLU VA 332 -4.00 90.69 -71.12
CA GLU VA 332 -3.63 89.54 -71.92
C GLU VA 332 -4.72 89.05 -72.83
N ILE VA 333 -4.35 88.18 -73.76
CA ILE VA 333 -5.30 87.42 -74.52
C ILE VA 333 -5.41 86.06 -73.83
N VAL VA 334 -6.54 85.83 -73.16
CA VAL VA 334 -6.73 84.57 -72.43
C VAL VA 334 -7.39 83.57 -73.37
N ARG VA 335 -7.07 82.29 -73.16
CA ARG VA 335 -7.61 81.24 -74.01
C ARG VA 335 -7.33 81.61 -75.47
N PRO VA 336 -6.04 81.83 -75.79
CA PRO VA 336 -5.64 82.43 -77.06
C PRO VA 336 -5.73 81.44 -78.23
N ASP VA 337 -6.23 81.93 -79.36
CA ASP VA 337 -6.19 81.18 -80.60
C ASP VA 337 -5.21 81.88 -81.51
N LEU VA 338 -3.95 81.47 -81.46
CA LEU VA 338 -2.91 82.16 -82.23
C LEU VA 338 -2.73 81.62 -83.65
N SER VA 339 -2.29 82.51 -84.55
CA SER VA 339 -1.89 82.10 -85.88
C SER VA 339 -0.50 81.50 -85.84
N LEU VA 340 -0.01 81.08 -86.98
CA LEU VA 340 1.40 80.74 -87.09
C LEU VA 340 2.23 81.95 -86.71
N PRO VA 341 3.43 81.69 -86.18
CA PRO VA 341 4.39 82.78 -86.03
C PRO VA 341 4.61 83.42 -87.39
N SER VA 342 4.85 84.72 -87.44
CA SER VA 342 5.07 85.37 -88.73
C SER VA 342 6.44 85.00 -89.30
N PHE VA 343 7.40 84.75 -88.42
CA PHE VA 343 8.72 84.32 -88.87
C PHE VA 343 9.09 82.97 -88.30
N GLU VA 344 9.87 82.20 -89.06
CA GLU VA 344 10.39 80.94 -88.58
C GLU VA 344 11.79 81.14 -88.03
N ASP VA 345 12.43 80.07 -87.55
CA ASP VA 345 13.79 80.21 -87.04
C ASP VA 345 14.72 80.17 -88.25
N ASP VA 346 14.80 81.30 -88.91
CA ASP VA 346 15.46 81.38 -90.19
C ASP VA 346 16.18 82.71 -90.27
N TYR VA 347 16.86 82.92 -91.39
CA TYR VA 347 17.52 84.17 -91.66
C TYR VA 347 16.47 85.22 -92.00
N PHE VA 348 16.85 86.49 -91.89
CA PHE VA 348 16.04 87.58 -92.40
C PHE VA 348 16.96 88.71 -92.86
N VAL VA 349 16.39 89.65 -93.62
CA VAL VA 349 17.23 90.63 -94.29
C VAL VA 349 17.72 91.68 -93.32
N TRP VA 350 19.03 91.88 -93.32
CA TRP VA 350 19.58 92.97 -92.53
C TRP VA 350 19.72 94.20 -93.43
N VAL VA 351 20.45 94.06 -94.53
CA VAL VA 351 20.72 95.20 -95.40
C VAL VA 351 21.07 94.77 -96.82
N ASP VA 352 20.64 95.57 -97.80
CA ASP VA 352 21.06 95.42 -99.19
C ASP VA 352 21.92 96.62 -99.58
N PHE VA 353 23.09 96.36 -100.15
CA PHE VA 353 23.87 97.43 -100.75
C PHE VA 353 23.77 97.31 -102.27
N SER VA 354 23.61 98.45 -102.94
CA SER VA 354 23.44 98.44 -104.39
C SER VA 354 23.89 99.75 -104.98
N GLU VA 355 23.91 99.83 -106.31
CA GLU VA 355 24.21 101.08 -107.01
C GLU VA 355 25.54 101.67 -106.54
N PHE VA 356 26.60 100.87 -106.62
CA PHE VA 356 27.91 101.33 -106.15
C PHE VA 356 28.50 102.32 -107.13
N THR VA 357 29.10 103.39 -106.61
CA THR VA 357 29.68 104.39 -107.49
C THR VA 357 31.20 104.30 -107.59
N LEU VA 358 31.82 103.73 -106.56
CA LEU VA 358 33.26 103.50 -106.56
C LEU VA 358 33.57 102.01 -106.54
N ASP VA 359 34.67 101.62 -107.19
CA ASP VA 359 35.11 100.23 -107.17
C ASP VA 359 35.62 99.85 -105.78
N LYS VA 360 36.28 100.79 -105.10
CA LYS VA 360 36.74 100.54 -103.72
C LYS VA 360 35.69 101.01 -102.73
N GLU VA 361 35.12 100.06 -101.99
CA GLU VA 361 34.09 100.36 -101.00
C GLU VA 361 34.40 99.60 -99.72
N GLU VA 362 34.27 100.24 -98.57
CA GLU VA 362 34.51 99.54 -97.31
C GLU VA 362 33.46 99.89 -96.28
N ILE VA 363 32.66 98.90 -95.93
CA ILE VA 363 31.54 99.06 -95.02
C ILE VA 363 31.95 98.60 -93.62
N GLU VA 364 32.07 99.54 -92.68
CA GLU VA 364 32.43 99.19 -91.31
C GLU VA 364 31.22 98.76 -90.50
N ILE VA 365 31.33 97.61 -89.86
CA ILE VA 365 30.26 97.08 -89.05
C ILE VA 365 30.66 97.15 -87.57
N GLY VA 366 31.87 96.70 -87.28
CA GLY VA 366 32.40 96.70 -85.93
C GLY VA 366 31.77 95.61 -85.10
N SER VA 367 31.08 96.00 -84.04
CA SER VA 367 30.41 95.02 -83.19
C SER VA 367 28.94 95.36 -83.03
N ARG VA 368 28.40 96.14 -83.98
CA ARG VA 368 27.03 96.67 -83.83
C ARG VA 368 26.07 96.10 -84.85
N PHE VA 369 24.80 96.03 -84.46
CA PHE VA 369 23.71 95.81 -85.40
C PHE VA 369 22.95 97.13 -85.49
N PHE VA 370 22.94 97.74 -86.67
CA PHE VA 370 22.46 99.12 -86.79
C PHE VA 370 22.11 99.50 -88.23
N ASP VA 371 21.66 100.74 -88.41
CA ASP VA 371 21.30 101.24 -89.75
C ASP VA 371 22.49 101.88 -90.47
N PHE VA 372 22.79 101.40 -91.67
CA PHE VA 372 23.94 101.91 -92.43
C PHE VA 372 23.58 103.19 -93.19
N THR VA 373 24.59 103.99 -93.48
CA THR VA 373 24.46 105.12 -94.41
C THR VA 373 25.68 105.15 -95.31
N SER VA 374 25.49 105.57 -96.56
CA SER VA 374 26.62 105.69 -97.48
C SER VA 374 26.43 106.84 -98.45
N ASN VA 375 27.55 107.51 -98.76
CA ASN VA 375 27.55 108.58 -99.76
C ASN VA 375 27.91 108.03 -101.12
N THR VA 376 28.42 106.81 -101.13
CA THR VA 376 28.98 106.24 -102.34
C THR VA 376 28.15 105.08 -102.89
N CYS VA 377 27.13 104.66 -102.14
CA CYS VA 377 26.22 103.61 -102.62
C CYS VA 377 24.85 103.67 -101.94
N ARG VA 378 23.92 102.89 -102.48
CA ARG VA 378 22.56 102.87 -101.96
C ARG VA 378 22.36 101.83 -100.87
N VAL VA 379 21.98 102.29 -99.69
CA VAL VA 379 21.69 101.40 -98.59
C VAL VA 379 20.20 101.18 -98.45
N SER VA 380 19.77 99.92 -98.39
CA SER VA 380 18.35 99.60 -98.15
C SER VA 380 18.24 98.72 -96.92
N MET VA 381 17.71 99.28 -95.85
CA MET VA 381 17.66 98.54 -94.59
C MET VA 381 16.43 97.61 -94.51
N GLY VA 382 16.58 96.47 -93.85
CA GLY VA 382 15.45 95.58 -93.65
C GLY VA 382 14.59 96.06 -92.48
N GLU VA 383 13.29 95.82 -92.57
CA GLU VA 383 12.41 96.04 -91.43
C GLU VA 383 11.75 94.72 -91.01
N ASN VA 384 12.01 94.28 -89.78
CA ASN VA 384 11.47 93.04 -89.22
C ASN VA 384 11.44 93.10 -87.69
N PRO VA 385 10.79 92.11 -87.05
CA PRO VA 385 10.65 92.20 -85.60
C PRO VA 385 11.97 92.26 -84.88
N PHE VA 386 12.98 91.54 -85.35
CA PHE VA 386 14.28 91.59 -84.68
C PHE VA 386 14.84 93.02 -84.61
N ALA VA 387 14.84 93.72 -85.73
CA ALA VA 387 15.31 95.10 -85.78
C ALA VA 387 14.52 96.00 -84.84
N ALA VA 388 13.21 95.77 -84.76
CA ALA VA 388 12.37 96.52 -83.84
C ALA VA 388 12.74 96.20 -82.39
N MET VA 389 13.01 94.94 -82.09
CA MET VA 389 13.40 94.58 -80.74
C MET VA 389 14.69 95.26 -80.33
N ILE VA 390 15.63 95.37 -81.28
CA ILE VA 390 16.88 96.08 -81.04
C ILE VA 390 16.61 97.55 -80.70
N ALA VA 391 15.61 98.12 -81.36
CA ALA VA 391 15.27 99.53 -81.20
C ALA VA 391 14.45 99.78 -79.95
N CYS VA 392 13.81 98.74 -79.44
CA CYS VA 392 12.90 98.91 -78.30
C CYS VA 392 13.49 98.42 -77.00
N HIS VA 393 14.81 98.30 -76.95
CA HIS VA 393 15.48 98.01 -75.71
C HIS VA 393 16.70 98.88 -75.57
N GLY VA 394 17.08 99.13 -74.31
CA GLY VA 394 18.19 100.00 -74.00
C GLY VA 394 19.49 99.33 -74.39
N LEU VA 395 19.60 98.04 -74.07
CA LEU VA 395 20.82 97.27 -74.38
C LEU VA 395 20.48 95.93 -74.98
N HIS VA 396 21.39 95.39 -75.79
CA HIS VA 396 21.22 94.04 -76.32
C HIS VA 396 22.59 93.37 -76.45
N SER VA 397 22.59 92.06 -76.62
CA SER VA 397 23.83 91.33 -76.81
C SER VA 397 23.56 89.93 -77.37
N GLY VA 398 24.41 89.49 -78.28
CA GLY VA 398 24.29 88.17 -78.83
C GLY VA 398 25.19 87.91 -80.01
N VAL VA 399 24.94 86.81 -80.71
CA VAL VA 399 25.72 86.51 -81.89
C VAL VA 399 24.81 86.32 -83.09
N LEU VA 400 25.19 86.96 -84.21
CA LEU VA 400 24.45 86.85 -85.46
C LEU VA 400 25.21 86.02 -86.47
N ASP VA 401 24.55 85.02 -87.03
CA ASP VA 401 25.13 84.33 -88.17
C ASP VA 401 24.73 85.11 -89.42
N LEU VA 402 25.71 85.38 -90.28
CA LEU VA 402 25.47 86.15 -91.49
C LEU VA 402 25.55 85.26 -92.73
N LYS VA 403 24.65 85.51 -93.68
CA LYS VA 403 24.77 85.01 -95.03
C LYS VA 403 24.93 86.21 -95.97
N LEU VA 404 25.97 86.18 -96.78
CA LEU VA 404 26.16 87.21 -97.79
C LEU VA 404 25.87 86.60 -99.15
N GLN VA 405 25.04 87.30 -99.95
CA GLN VA 405 24.73 86.93 -101.31
C GLN VA 405 24.93 88.11 -102.25
N TRP VA 406 25.42 87.85 -103.47
CA TRP VA 406 25.56 88.93 -104.43
C TRP VA 406 25.41 88.46 -105.87
N SER VA 407 24.95 89.38 -106.72
CA SER VA 407 24.83 89.10 -108.15
C SER VA 407 25.72 90.07 -108.92
N LEU VA 408 26.16 89.66 -110.12
CA LEU VA 408 27.07 90.51 -110.89
C LEU VA 408 26.40 91.56 -111.78
N ASN VA 409 27.09 92.67 -111.95
CA ASN VA 409 26.65 93.75 -112.81
C ASN VA 409 27.30 93.64 -114.20
N THR VA 410 28.54 93.17 -114.21
CA THR VA 410 29.30 92.97 -115.44
C THR VA 410 29.16 91.53 -115.91
N GLU VA 411 29.79 91.19 -117.03
CA GLU VA 411 29.76 89.82 -117.53
C GLU VA 411 30.58 88.88 -116.63
N PHE VA 412 30.06 87.69 -116.40
CA PHE VA 412 30.69 86.75 -115.49
C PHE VA 412 32.13 86.47 -115.90
N GLY VA 413 32.36 86.33 -117.19
CA GLY VA 413 33.68 86.00 -117.70
C GLY VA 413 34.69 87.10 -117.51
N LYS VA 414 34.22 88.31 -117.26
CA LYS VA 414 35.12 89.45 -117.10
C LYS VA 414 35.39 89.74 -115.63
N SER VA 415 34.70 89.03 -114.76
CA SER VA 415 34.74 89.33 -113.33
C SER VA 415 36.11 89.07 -112.66
N SER VA 416 36.40 89.89 -111.65
CA SER VA 416 37.61 89.72 -110.84
C SER VA 416 37.35 90.31 -109.46
N GLY VA 417 38.30 90.13 -108.55
CA GLY VA 417 38.18 90.69 -107.22
C GLY VA 417 37.41 89.82 -106.24
N SER VA 418 36.97 90.45 -105.15
CA SER VA 418 36.44 89.72 -104.00
C SER VA 418 35.53 90.53 -103.09
N VAL VA 419 34.65 89.81 -102.38
CA VAL VA 419 34.00 90.32 -101.18
C VAL VA 419 34.87 89.83 -100.03
N THR VA 420 35.53 90.73 -99.32
CA THR VA 420 36.40 90.34 -98.22
C THR VA 420 35.80 90.71 -96.87
N ILE VA 421 35.82 89.78 -95.92
CA ILE VA 421 35.32 90.05 -94.58
C ILE VA 421 36.50 90.20 -93.66
N THR VA 422 36.80 91.43 -93.24
CA THR VA 422 37.85 91.67 -92.27
C THR VA 422 37.32 91.43 -90.85
N LYS VA 423 37.98 90.56 -90.11
CA LYS VA 423 37.62 90.30 -88.73
C LYS VA 423 38.82 90.61 -87.82
N LEU VA 424 38.64 91.58 -86.93
CA LEU VA 424 39.71 91.97 -86.01
C LEU VA 424 39.24 91.87 -84.57
N VAL VA 425 40.18 92.02 -83.65
CA VAL VA 425 39.85 92.31 -82.27
C VAL VA 425 40.53 93.62 -81.90
N GLY VA 426 39.73 94.63 -81.61
CA GLY VA 426 40.27 95.96 -81.37
C GLY VA 426 39.66 96.92 -82.36
N ASP VA 427 40.50 97.53 -83.19
CA ASP VA 427 40.04 98.44 -84.23
C ASP VA 427 40.96 98.35 -85.45
N LYS VA 428 40.63 99.08 -86.50
CA LYS VA 428 41.40 98.99 -87.72
C LYS VA 428 42.87 99.36 -87.41
N ALA VA 429 43.09 100.28 -86.49
CA ALA VA 429 44.41 100.82 -86.24
C ALA VA 429 45.39 99.93 -85.45
N MET VA 430 44.91 99.27 -84.39
CA MET VA 430 45.77 98.55 -83.46
C MET VA 430 45.28 97.13 -83.16
N GLY VA 431 44.33 96.65 -83.95
CA GLY VA 431 43.69 95.38 -83.68
C GLY VA 431 44.48 94.12 -84.01
N LEU VA 432 43.97 92.99 -83.52
CA LEU VA 432 44.55 91.69 -83.77
C LEU VA 432 43.75 91.03 -84.87
N ASP VA 433 44.38 90.08 -85.57
CA ASP VA 433 43.74 89.49 -86.74
C ASP VA 433 43.00 88.20 -86.45
N GLY VA 434 41.70 88.20 -86.69
CA GLY VA 434 40.85 87.04 -86.45
C GLY VA 434 40.60 86.25 -87.70
N PRO VA 435 39.43 85.61 -87.78
CA PRO VA 435 39.03 84.80 -88.93
C PRO VA 435 38.54 85.65 -90.12
N SER VA 436 39.40 86.56 -90.57
CA SER VA 436 39.17 87.31 -91.80
C SER VA 436 39.06 86.33 -92.95
N HIS VA 437 38.42 86.74 -94.03
CA HIS VA 437 37.95 85.76 -94.99
C HIS VA 437 37.83 86.41 -96.36
N VAL VA 438 38.45 85.81 -97.37
CA VAL VA 438 38.41 86.35 -98.72
C VAL VA 438 37.51 85.50 -99.62
N PHE VA 439 36.38 86.06 -100.03
CA PHE VA 439 35.50 85.37 -100.97
C PHE VA 439 35.77 85.91 -102.36
N ALA VA 440 36.39 85.10 -103.22
CA ALA VA 440 36.52 85.48 -104.62
C ALA VA 440 35.13 85.85 -105.13
N ILE VA 441 35.03 86.91 -105.92
CA ILE VA 441 33.72 87.43 -106.34
C ILE VA 441 32.87 86.35 -107.03
N GLN VA 442 33.52 85.40 -107.70
CA GLN VA 442 32.82 84.33 -108.39
C GLN VA 442 32.09 83.33 -107.49
N LYS VA 443 32.41 83.31 -106.19
CA LYS VA 443 31.68 82.47 -105.23
C LYS VA 443 30.22 82.91 -105.16
N LEU VA 444 29.98 84.22 -105.27
CA LEU VA 444 28.63 84.75 -105.33
C LEU VA 444 27.86 84.63 -104.01
N GLU VA 445 28.55 84.14 -102.97
CA GLU VA 445 27.99 84.02 -101.62
C GLU VA 445 29.07 83.66 -100.60
N GLY VA 446 28.79 83.97 -99.34
CA GLY VA 446 29.70 83.61 -98.27
C GLY VA 446 29.01 83.74 -96.92
N THR VA 447 29.63 83.19 -95.88
CA THR VA 447 29.04 83.22 -94.54
C THR VA 447 30.05 83.65 -93.49
N THR VA 448 29.55 84.22 -92.40
CA THR VA 448 30.41 84.64 -91.31
C THR VA 448 29.56 84.81 -90.04
N GLU VA 449 30.21 84.84 -88.88
CA GLU VA 449 29.51 85.18 -87.64
C GLU VA 449 29.83 86.63 -87.28
N LEU VA 450 28.94 87.28 -86.55
CA LEU VA 450 29.21 88.62 -86.02
C LEU VA 450 28.87 88.69 -84.54
N LEU VA 451 29.84 89.08 -83.72
CA LEU VA 451 29.56 89.29 -82.31
C LEU VA 451 28.94 90.66 -82.14
N VAL VA 452 27.70 90.70 -81.67
CA VAL VA 452 27.05 91.95 -81.29
C VAL VA 452 27.17 92.13 -79.78
N GLY VA 453 28.16 92.92 -79.37
CA GLY VA 453 28.51 93.06 -77.97
C GLY VA 453 29.92 93.61 -77.79
N ASN VA 454 30.46 93.48 -76.59
CA ASN VA 454 31.77 94.04 -76.28
C ASN VA 454 32.23 93.59 -74.91
N PHE VA 455 33.43 94.02 -74.50
CA PHE VA 455 33.99 93.59 -73.21
C PHE VA 455 33.03 93.81 -72.04
N ALA VA 456 32.22 94.88 -72.10
CA ALA VA 456 31.31 95.21 -71.01
C ALA VA 456 30.13 94.25 -70.94
N GLY VA 457 29.71 93.72 -72.09
CA GLY VA 457 28.67 92.70 -72.15
C GLY VA 457 27.44 92.97 -73.00
N ALA VA 458 27.25 94.21 -73.44
CA ALA VA 458 26.04 94.60 -74.16
C ALA VA 458 26.24 95.91 -74.93
N ASN VA 459 25.44 96.11 -75.97
CA ASN VA 459 25.48 97.34 -76.75
C ASN VA 459 24.27 98.19 -76.48
N PRO VA 460 24.46 99.51 -76.38
CA PRO VA 460 23.36 100.48 -76.41
C PRO VA 460 22.91 100.63 -77.86
N ASN VA 461 21.74 101.21 -78.06
CA ASN VA 461 21.22 101.39 -79.41
C ASN VA 461 21.67 102.73 -79.98
N THR VA 462 22.91 103.09 -79.71
CA THR VA 462 23.50 104.32 -80.19
C THR VA 462 24.93 104.01 -80.60
N ARG VA 463 25.67 105.02 -81.07
CA ARG VA 463 27.10 104.83 -81.29
C ARG VA 463 27.79 104.86 -79.91
N PHE VA 464 28.83 104.05 -79.77
CA PHE VA 464 29.55 103.93 -78.49
C PHE VA 464 30.94 103.43 -78.89
N SER VA 465 31.90 103.55 -77.98
CA SER VA 465 33.23 103.03 -78.26
C SER VA 465 33.70 102.13 -77.13
N LEU VA 466 33.53 100.82 -77.28
CA LEU VA 466 33.96 99.87 -76.26
C LEU VA 466 34.69 98.70 -76.89
N TYR VA 467 35.92 98.45 -76.43
CA TYR VA 467 36.76 97.38 -76.96
C TYR VA 467 35.98 96.12 -77.24
N SER VA 468 36.08 95.61 -78.46
CA SER VA 468 35.39 94.38 -78.83
C SER VA 468 35.98 93.81 -80.12
N ARG VA 469 35.37 92.74 -80.62
CA ARG VA 469 35.69 92.27 -81.96
C ARG VA 469 35.18 93.31 -82.95
N TRP VA 470 35.74 93.28 -84.16
CA TRP VA 470 35.50 94.34 -85.14
C TRP VA 470 35.40 93.73 -86.54
N MET VA 471 34.33 94.06 -87.26
CA MET VA 471 34.09 93.50 -88.58
C MET VA 471 33.92 94.56 -89.67
N ALA VA 472 34.39 94.25 -90.87
CA ALA VA 472 34.19 95.15 -92.00
C ALA VA 472 34.05 94.35 -93.29
N ILE VA 473 33.24 94.85 -94.22
CA ILE VA 473 33.12 94.25 -95.53
C ILE VA 473 33.91 95.14 -96.49
N LYS VA 474 34.81 94.54 -97.27
CA LYS VA 474 35.68 95.26 -98.20
C LYS VA 474 35.44 94.80 -99.66
N LEU VA 475 34.90 95.70 -100.46
CA LEU VA 475 34.75 95.48 -101.89
C LEU VA 475 35.92 96.13 -102.68
N ASP VA 476 36.48 95.40 -103.65
CA ASP VA 476 37.55 95.99 -104.47
C ASP VA 476 37.10 96.20 -105.92
N GLN VA 477 35.96 95.59 -106.27
CA GLN VA 477 35.39 95.68 -107.60
C GLN VA 477 33.89 95.91 -107.49
N ALA VA 478 33.52 96.86 -106.63
CA ALA VA 478 32.12 97.04 -106.25
C ALA VA 478 31.20 97.36 -107.41
N LYS VA 479 31.72 98.05 -108.43
CA LYS VA 479 30.91 98.39 -109.60
C LYS VA 479 30.51 97.15 -110.40
N SER VA 480 31.18 96.03 -110.15
CA SER VA 480 30.82 94.77 -110.81
C SER VA 480 29.71 94.04 -110.05
N ILE VA 481 29.24 94.64 -108.96
CA ILE VA 481 28.19 94.01 -108.15
C ILE VA 481 26.87 94.73 -108.28
N LYS VA 482 25.83 94.00 -108.70
CA LYS VA 482 24.50 94.61 -108.84
C LYS VA 482 23.85 94.78 -107.48
N VAL VA 483 24.04 93.80 -106.60
CA VAL VA 483 23.53 93.88 -105.24
C VAL VA 483 24.31 92.98 -104.30
N LEU VA 484 24.58 93.50 -103.10
CA LEU VA 484 25.17 92.70 -102.03
C LEU VA 484 24.13 92.65 -100.94
N ARG VA 485 23.61 91.46 -100.68
CA ARG VA 485 22.60 91.29 -99.65
C ARG VA 485 23.17 90.62 -98.41
N VAL VA 486 22.84 91.15 -97.23
CA VAL VA 486 23.29 90.58 -95.97
C VAL VA 486 22.11 90.11 -95.14
N LEU VA 487 22.02 88.79 -94.96
CA LEU VA 487 20.99 88.22 -94.09
C LEU VA 487 21.61 87.81 -92.77
N CYS VA 488 20.82 87.83 -91.71
CA CYS VA 488 21.31 87.40 -90.42
C CYS VA 488 20.30 86.49 -89.72
N LYS VA 489 20.81 85.67 -88.80
CA LYS VA 489 20.00 84.73 -88.04
C LYS VA 489 20.58 84.67 -86.63
N PRO VA 490 19.88 85.26 -85.66
CA PRO VA 490 20.41 85.32 -84.30
C PRO VA 490 20.57 83.91 -83.72
N ARG VA 491 21.74 83.65 -83.14
CA ARG VA 491 21.97 82.44 -82.38
C ARG VA 491 21.17 82.50 -81.10
N PRO VA 492 20.77 81.32 -80.62
CA PRO VA 492 19.89 81.20 -79.46
C PRO VA 492 20.50 81.96 -78.30
N GLY VA 493 19.66 82.69 -77.56
CA GLY VA 493 20.12 83.41 -76.39
C GLY VA 493 20.47 84.87 -76.68
N PHE VA 494 20.04 85.36 -77.84
CA PHE VA 494 20.26 86.76 -78.12
C PHE VA 494 19.39 87.56 -77.14
N SER VA 495 20.03 88.46 -76.41
CA SER VA 495 19.38 89.05 -75.24
C SER VA 495 19.12 90.54 -75.33
N PHE VA 496 17.99 90.95 -74.74
CA PHE VA 496 17.59 92.34 -74.70
C PHE VA 496 17.36 92.80 -73.27
N TYR VA 497 17.78 94.02 -72.97
CA TYR VA 497 17.70 94.53 -71.62
C TYR VA 497 16.97 95.87 -71.59
N GLY VA 498 16.01 95.98 -70.67
CA GLY VA 498 15.31 97.24 -70.44
C GLY VA 498 14.37 97.70 -71.55
N ARG VA 499 13.12 97.24 -71.47
CA ARG VA 499 12.16 97.63 -72.48
C ARG VA 499 11.95 99.15 -72.53
N THR VA 500 11.88 99.68 -73.75
CA THR VA 500 11.67 101.10 -74.01
C THR VA 500 11.01 101.34 -75.38
N SER VA 501 11.11 102.56 -75.88
CA SER VA 501 10.54 102.85 -77.19
C SER VA 501 11.51 103.61 -78.08
N PHE VA 502 11.07 103.88 -79.32
CA PHE VA 502 11.95 104.46 -80.32
C PHE VA 502 11.17 105.23 -81.36
N PRO VA 503 10.99 106.52 -81.12
CA PRO VA 503 10.33 107.42 -82.08
C PRO VA 503 11.23 107.79 -83.25
N VAL VA 504 10.70 107.66 -84.47
CA VAL VA 504 11.36 108.14 -85.69
C VAL VA 504 10.38 108.91 -86.58
N GLY WA 1 73.51 67.23 -54.39
CA GLY WA 1 74.78 67.84 -54.02
C GLY WA 1 75.13 69.07 -54.85
N LEU WA 2 76.16 69.79 -54.43
CA LEU WA 2 76.60 70.96 -55.17
C LEU WA 2 77.03 70.52 -56.58
N ALA WA 3 76.40 71.13 -57.59
CA ALA WA 3 76.58 70.68 -58.96
C ALA WA 3 77.41 71.67 -59.77
N GLY WA 4 77.32 72.94 -59.39
CA GLY WA 4 78.04 74.00 -60.08
C GLY WA 4 77.97 75.31 -59.32
N ARG WA 5 78.83 76.25 -59.70
CA ARG WA 5 78.90 77.51 -58.98
C ARG WA 5 79.41 78.64 -59.86
N GLY WA 6 79.25 79.86 -59.37
CA GLY WA 6 79.63 81.05 -60.10
C GLY WA 6 79.64 82.27 -59.18
N VAL WA 7 80.14 83.37 -59.70
CA VAL WA 7 80.28 84.56 -58.87
C VAL WA 7 79.72 85.78 -59.57
N ILE WA 8 78.93 86.58 -58.85
CA ILE WA 8 78.42 87.84 -59.37
C ILE WA 8 79.15 88.98 -58.65
N TYR WA 9 79.63 89.99 -59.40
CA TYR WA 9 80.26 91.13 -58.71
C TYR WA 9 79.34 92.33 -58.59
N ILE WA 10 79.21 92.76 -57.34
CA ILE WA 10 78.45 93.94 -56.99
C ILE WA 10 79.40 95.15 -56.82
N PRO WA 11 79.12 96.23 -57.54
CA PRO WA 11 79.80 97.52 -57.37
C PRO WA 11 79.38 98.19 -56.07
N LYS WA 12 80.26 99.03 -55.52
CA LYS WA 12 79.92 99.79 -54.32
C LYS WA 12 78.76 100.77 -54.57
N ASP WA 13 78.63 101.27 -55.80
CA ASP WA 13 77.43 102.04 -56.15
C ASP WA 13 76.51 101.24 -57.05
N CYS WA 14 75.54 100.59 -56.43
CA CYS WA 14 74.66 99.73 -57.17
C CYS WA 14 73.33 100.42 -57.47
N GLN WA 15 73.26 101.06 -58.63
CA GLN WA 15 72.12 101.87 -59.00
C GLN WA 15 71.04 101.03 -59.66
N ALA WA 16 69.78 101.46 -59.56
CA ALA WA 16 68.72 100.73 -60.24
C ALA WA 16 69.06 100.57 -61.71
N ASN WA 17 68.90 99.33 -62.16
CA ASN WA 17 69.12 98.94 -63.55
C ASN WA 17 70.52 98.55 -63.90
N ARG WA 18 71.46 98.58 -62.94
CA ARG WA 18 72.79 98.11 -63.27
C ARG WA 18 72.71 96.63 -63.64
N TYR WA 19 73.41 96.27 -64.72
CA TYR WA 19 73.58 94.88 -65.08
C TYR WA 19 74.76 94.36 -64.30
N LEU WA 20 74.58 93.22 -63.65
CA LEU WA 20 75.59 92.69 -62.74
C LEU WA 20 76.39 91.57 -63.37
N GLY WA 21 75.75 90.84 -64.29
CA GLY WA 21 76.41 89.76 -65.00
C GLY WA 21 75.48 88.63 -65.39
N THR WA 22 76.00 87.73 -66.19
CA THR WA 22 75.25 86.55 -66.60
C THR WA 22 76.05 85.29 -66.31
N LEU WA 23 75.40 84.32 -65.69
CA LEU WA 23 76.00 83.02 -65.50
C LEU WA 23 75.43 82.06 -66.52
N ASN WA 24 76.27 81.23 -67.10
CA ASN WA 24 75.81 80.23 -68.03
C ASN WA 24 75.61 78.90 -67.28
N ILE WA 25 74.35 78.46 -67.17
CA ILE WA 25 74.05 77.30 -66.31
C ILE WA 25 74.90 76.09 -66.66
N ARG WA 26 75.10 75.82 -67.95
CA ARG WA 26 75.83 74.62 -68.27
C ARG WA 26 77.33 74.80 -67.98
N ASP WA 27 77.86 75.99 -68.21
CA ASP WA 27 79.25 76.29 -67.84
C ASP WA 27 79.51 76.23 -66.32
N MET WA 28 78.53 76.64 -65.51
CA MET WA 28 78.66 76.50 -64.06
C MET WA 28 78.88 75.06 -63.64
N ILE WA 29 78.19 74.15 -64.30
CA ILE WA 29 78.31 72.73 -63.97
C ILE WA 29 79.57 72.13 -64.56
N SER WA 30 79.94 72.51 -65.77
CA SER WA 30 81.12 71.95 -66.43
C SER WA 30 82.46 72.51 -65.95
N ASP WA 31 82.49 73.78 -65.53
CA ASP WA 31 83.73 74.37 -65.00
C ASP WA 31 84.02 73.82 -63.61
N PHE WA 32 82.96 73.49 -62.89
CA PHE WA 32 83.07 72.90 -61.56
C PHE WA 32 83.60 71.46 -61.66
N LYS WA 33 82.84 70.58 -62.29
CA LYS WA 33 83.40 69.35 -62.86
C LYS WA 33 84.00 68.37 -61.85
N GLY WA 34 83.36 68.11 -60.71
CA GLY WA 34 81.92 68.13 -60.51
C GLY WA 34 81.52 66.64 -60.43
N VAL WA 35 81.08 66.15 -59.28
CA VAL WA 35 80.55 64.78 -59.23
C VAL WA 35 79.30 64.71 -60.09
N GLN WA 36 78.51 65.78 -60.05
CA GLN WA 36 77.29 65.82 -60.84
C GLN WA 36 77.60 65.95 -62.33
N TYR WA 37 78.60 66.77 -62.68
CA TYR WA 37 79.04 66.87 -64.08
C TYR WA 37 79.43 65.51 -64.65
N GLU WA 38 80.16 64.72 -63.87
CA GLU WA 38 80.58 63.42 -64.33
C GLU WA 38 79.41 62.44 -64.44
N LYS WA 39 78.42 62.56 -63.57
CA LYS WA 39 77.22 61.71 -63.69
C LYS WA 39 76.49 62.06 -64.98
N TRP WA 40 76.61 63.33 -65.36
CA TRP WA 40 75.92 63.88 -66.52
C TRP WA 40 76.47 63.26 -67.80
N ILE WA 41 77.80 63.25 -67.92
CA ILE WA 41 78.46 62.64 -69.09
C ILE WA 41 77.94 61.23 -69.37
N THR WA 42 77.64 60.48 -68.32
CA THR WA 42 77.19 59.12 -68.48
C THR WA 42 75.71 59.04 -68.83
N ALA WA 43 74.94 59.95 -68.26
CA ALA WA 43 73.51 60.01 -68.55
C ALA WA 43 73.27 60.44 -69.99
N GLY WA 44 74.10 61.35 -70.48
CA GLY WA 44 73.88 61.96 -71.77
C GLY WA 44 72.88 63.11 -71.66
N LEU WA 45 71.63 62.77 -71.37
CA LEU WA 45 70.56 63.75 -71.19
C LEU WA 45 70.12 63.91 -69.73
N VAL WA 46 69.97 65.14 -69.28
CA VAL WA 46 69.42 65.39 -67.94
C VAL WA 46 68.25 66.40 -67.96
N MET WA 47 67.26 66.18 -67.09
CA MET WA 47 66.13 67.11 -66.95
C MET WA 47 66.03 67.59 -65.51
N PRO WA 48 67.08 68.26 -65.01
CA PRO WA 48 67.28 68.46 -63.58
C PRO WA 48 66.17 69.20 -62.87
N THR WA 49 66.01 68.95 -61.58
CA THR WA 49 65.36 69.92 -60.72
C THR WA 49 66.46 70.58 -59.92
N PHE WA 50 66.73 71.85 -60.23
CA PHE WA 50 67.77 72.63 -59.55
C PHE WA 50 67.24 73.32 -58.31
N LYS WA 51 68.08 73.38 -57.28
CA LYS WA 51 67.90 74.37 -56.22
C LYS WA 51 68.98 75.40 -56.47
N ILE WA 52 68.57 76.64 -56.70
CA ILE WA 52 69.52 77.72 -56.86
C ILE WA 52 69.64 78.45 -55.55
N VAL WA 53 70.88 78.67 -55.12
CA VAL WA 53 71.12 79.36 -53.88
C VAL WA 53 72.05 80.52 -54.13
N ILE WA 54 71.61 81.73 -53.75
CA ILE WA 54 72.48 82.91 -53.86
C ILE WA 54 72.94 83.34 -52.47
N ARG WA 55 74.25 83.24 -52.24
CA ARG WA 55 74.83 83.60 -50.96
C ARG WA 55 75.31 85.03 -50.95
N LEU WA 56 74.98 85.72 -49.88
CA LEU WA 56 74.60 87.12 -49.95
C LEU WA 56 74.47 87.56 -48.51
N PRO WA 57 75.28 88.52 -48.10
CA PRO WA 57 75.19 88.94 -46.69
C PRO WA 57 73.92 89.76 -46.44
N ALA WA 58 73.09 89.31 -45.52
CA ALA WA 58 71.85 90.03 -45.22
C ALA WA 58 72.14 91.43 -44.69
N ASN WA 59 71.39 92.41 -45.16
CA ASN WA 59 71.57 93.77 -44.69
C ASN WA 59 70.31 94.63 -44.83
N ALA WA 60 69.88 95.23 -43.74
CA ALA WA 60 68.63 95.97 -43.78
C ALA WA 60 68.84 97.46 -44.02
N PHE WA 61 70.07 97.84 -44.31
CA PHE WA 61 70.41 99.26 -44.37
C PHE WA 61 70.77 99.78 -45.75
N THR WA 62 70.38 99.06 -46.80
CA THR WA 62 70.78 99.44 -48.13
C THR WA 62 69.59 99.75 -49.04
N GLY WA 63 68.54 98.95 -48.95
CA GLY WA 63 67.39 99.11 -49.81
C GLY WA 63 67.53 98.34 -51.12
N LEU WA 64 68.65 97.64 -51.27
CA LEU WA 64 68.96 96.88 -52.48
C LEU WA 64 68.01 95.73 -52.74
N THR WA 65 67.50 95.67 -53.98
CA THR WA 65 66.73 94.54 -54.45
C THR WA 65 67.22 94.14 -55.85
N TRP WA 66 67.51 92.86 -56.04
CA TRP WA 66 68.02 92.37 -57.30
C TRP WA 66 67.02 91.43 -57.95
N VAL WA 67 67.19 91.18 -59.23
CA VAL WA 67 66.36 90.22 -59.93
C VAL WA 67 67.21 89.15 -60.60
N MET WA 68 66.95 87.90 -60.26
CA MET WA 68 67.52 86.80 -61.02
C MET WA 68 66.51 86.42 -62.11
N SER WA 69 66.95 86.45 -63.36
CA SER WA 69 66.08 86.14 -64.49
C SER WA 69 66.53 84.84 -65.15
N PHE WA 70 65.64 83.86 -65.22
CA PHE WA 70 65.96 82.59 -65.88
C PHE WA 70 65.64 82.68 -67.37
N ASP WA 71 66.68 82.81 -68.17
CA ASP WA 71 66.54 82.99 -69.60
C ASP WA 71 67.03 81.77 -70.37
N ALA WA 72 66.20 80.72 -70.41
CA ALA WA 72 66.69 79.44 -70.91
C ALA WA 72 66.95 79.49 -72.41
N TYR WA 73 66.35 80.46 -73.08
CA TYR WA 73 66.43 80.50 -74.55
C TYR WA 73 67.13 81.74 -75.07
N ASN WA 74 67.85 82.40 -74.16
CA ASN WA 74 68.73 83.51 -74.49
C ASN WA 74 68.02 84.64 -75.22
N ARG WA 75 66.90 85.08 -74.68
CA ARG WA 75 66.04 86.01 -75.40
C ARG WA 75 66.26 87.48 -75.01
N ILE WA 76 66.55 87.74 -73.75
CA ILE WA 76 66.83 89.13 -73.34
C ILE WA 76 68.32 89.52 -73.22
N THR WA 77 69.24 88.58 -73.38
CA THR WA 77 70.64 88.90 -73.08
C THR WA 77 71.15 90.12 -73.81
N SER WA 78 71.07 90.06 -75.14
CA SER WA 78 71.46 91.17 -76.01
C SER WA 78 70.98 92.56 -75.57
N ARG WA 79 69.94 92.61 -74.75
CA ARG WA 79 69.23 93.87 -74.54
C ARG WA 79 69.45 94.46 -73.15
N ILE WA 80 70.12 93.69 -72.29
CA ILE WA 80 70.35 94.12 -70.90
C ILE WA 80 71.83 94.36 -70.56
N THR WA 81 72.74 93.88 -71.40
CA THR WA 81 74.19 93.97 -71.10
C THR WA 81 74.74 95.38 -70.88
N ALA WA 82 74.08 96.40 -71.41
CA ALA WA 82 74.52 97.76 -71.17
C ALA WA 82 73.82 98.27 -69.95
N SER WA 83 72.49 98.26 -70.03
CA SER WA 83 71.65 98.63 -68.91
C SER WA 83 70.42 97.76 -68.96
N ALA WA 84 69.92 97.38 -67.80
CA ALA WA 84 68.87 96.38 -67.74
C ALA WA 84 67.54 96.98 -67.31
N ASP WA 85 66.70 97.30 -68.29
CA ASP WA 85 65.37 97.79 -67.99
C ASP WA 85 64.52 96.69 -67.33
N PRO WA 86 63.79 97.03 -66.26
CA PRO WA 86 62.96 96.02 -65.60
C PRO WA 86 61.97 95.35 -66.54
N VAL WA 87 61.51 96.04 -67.58
CA VAL WA 87 60.59 95.41 -68.52
C VAL WA 87 61.18 94.13 -69.16
N TYR WA 88 62.46 94.16 -69.48
CA TYR WA 88 63.15 92.96 -69.98
C TYR WA 88 63.36 91.94 -68.88
N THR WA 89 63.91 92.38 -67.74
CA THR WA 89 64.31 91.42 -66.71
C THR WA 89 63.14 90.71 -66.06
N LEU WA 90 61.96 91.31 -66.11
CA LEU WA 90 60.76 90.71 -65.52
C LEU WA 90 59.85 90.00 -66.55
N SER WA 91 60.30 89.95 -67.79
CA SER WA 91 59.51 89.37 -68.88
C SER WA 91 59.75 87.88 -69.06
N VAL WA 92 60.71 87.35 -68.29
CA VAL WA 92 60.95 85.92 -68.25
C VAL WA 92 60.81 85.45 -66.80
N PRO WA 93 60.75 84.12 -66.57
CA PRO WA 93 60.69 83.68 -65.17
C PRO WA 93 61.80 84.34 -64.33
N HIS WA 94 61.43 84.81 -63.15
CA HIS WA 94 62.36 85.59 -62.35
C HIS WA 94 62.03 85.58 -60.87
N TRP WA 95 62.98 86.03 -60.06
CA TRP WA 95 62.81 86.04 -58.62
C TRP WA 95 63.37 87.33 -58.03
N LEU WA 96 62.67 87.89 -57.06
CA LEU WA 96 63.16 89.08 -56.38
C LEU WA 96 64.09 88.68 -55.25
N ILE WA 97 65.25 89.30 -55.21
CA ILE WA 97 66.20 89.03 -54.15
C ILE WA 97 66.35 90.25 -53.27
N HIS WA 98 65.77 90.19 -52.07
CA HIS WA 98 65.83 91.33 -51.13
C HIS WA 98 67.06 91.26 -50.23
N HIS WA 99 67.79 92.36 -50.17
CA HIS WA 99 69.02 92.38 -49.42
C HIS WA 99 68.73 92.15 -47.95
N LYS WA 100 67.57 92.61 -47.49
CA LYS WA 100 67.27 92.48 -46.07
C LYS WA 100 67.15 91.02 -45.65
N LEU WA 101 66.85 90.13 -46.60
CA LEU WA 101 66.60 88.73 -46.29
C LEU WA 101 67.83 87.84 -46.41
N GLY WA 102 68.91 88.44 -46.88
CA GLY WA 102 70.16 87.70 -47.01
C GLY WA 102 70.13 86.59 -48.05
N THR WA 103 70.75 85.47 -47.70
CA THR WA 103 70.91 84.35 -48.62
C THR WA 103 69.56 83.90 -49.15
N PHE WA 104 69.52 83.71 -50.47
CA PHE WA 104 68.29 83.45 -51.20
C PHE WA 104 68.33 82.07 -51.83
N SER WA 105 67.16 81.45 -51.91
CA SER WA 105 67.04 80.15 -52.54
C SER WA 105 65.72 79.97 -53.31
N CYS WA 106 65.74 79.20 -54.39
CA CYS WA 106 64.51 78.83 -55.09
C CYS WA 106 64.69 77.52 -55.86
N GLU WA 107 63.58 76.95 -56.31
CA GLU WA 107 63.65 75.74 -57.14
C GLU WA 107 63.30 76.02 -58.60
N ILE WA 108 64.05 75.39 -59.48
CA ILE WA 108 63.78 75.50 -60.89
C ILE WA 108 63.56 74.10 -61.41
N ASP WA 109 62.31 73.77 -61.72
CA ASP WA 109 62.03 72.52 -62.40
C ASP WA 109 62.32 72.73 -63.88
N TYR WA 110 63.48 72.26 -64.33
CA TYR WA 110 63.93 72.53 -65.69
C TYR WA 110 62.95 71.94 -66.71
N GLY WA 111 62.24 70.89 -66.31
CA GLY WA 111 61.19 70.33 -67.12
C GLY WA 111 60.07 71.31 -67.46
N GLU WA 112 59.67 72.13 -66.50
CA GLU WA 112 58.65 73.15 -66.71
C GLU WA 112 59.20 74.46 -67.27
N LEU WA 113 60.11 75.09 -66.53
CA LEU WA 113 60.63 76.40 -66.92
C LEU WA 113 61.42 76.40 -68.22
N CYS WA 114 61.94 75.24 -68.60
CA CYS WA 114 62.70 75.16 -69.83
C CYS WA 114 62.05 74.29 -70.89
N GLY WA 115 61.85 73.00 -70.60
CA GLY WA 115 61.11 72.14 -71.50
C GLY WA 115 61.89 71.10 -72.29
N HIS WA 116 63.16 71.34 -72.56
CA HIS WA 116 63.97 70.34 -73.21
C HIS WA 116 65.16 69.91 -72.35
N ALA WA 117 65.56 68.65 -72.51
CA ALA WA 117 66.65 68.07 -71.71
C ALA WA 117 68.03 68.50 -72.19
N MET WA 118 68.95 68.64 -71.23
CA MET WA 118 70.31 69.13 -71.50
C MET WA 118 71.29 68.04 -71.95
N TRP WA 119 71.98 68.31 -73.04
CA TRP WA 119 72.91 67.36 -73.62
C TRP WA 119 74.31 67.68 -73.12
N PHE WA 120 74.98 66.68 -72.58
CA PHE WA 120 76.24 66.90 -71.92
C PHE WA 120 77.32 67.57 -72.79
N LYS WA 121 77.33 67.28 -74.09
CA LYS WA 121 78.47 67.69 -74.90
C LYS WA 121 78.36 69.05 -75.56
N SER WA 122 77.14 69.54 -75.71
CA SER WA 122 76.92 70.82 -76.41
C SER WA 122 75.51 71.34 -76.23
N THR WA 123 75.37 72.64 -76.41
CA THR WA 123 74.06 73.25 -76.34
C THR WA 123 73.21 72.71 -77.49
N THR WA 124 71.96 72.36 -77.21
CA THR WA 124 71.04 71.88 -78.24
C THR WA 124 70.41 73.06 -78.98
N PHE WA 125 69.57 73.83 -78.30
CA PHE WA 125 68.98 74.98 -78.95
C PHE WA 125 69.74 76.26 -78.66
N GLU WA 126 69.40 76.90 -77.56
CA GLU WA 126 70.26 77.97 -77.11
C GLU WA 126 70.78 77.62 -75.72
N SER WA 127 71.80 78.35 -75.29
CA SER WA 127 72.45 78.12 -74.00
C SER WA 127 71.78 78.84 -72.82
N PRO WA 128 71.27 78.09 -71.84
CA PRO WA 128 70.48 78.61 -70.71
C PRO WA 128 71.26 79.54 -69.80
N ARG WA 129 70.74 80.75 -69.54
CA ARG WA 129 71.43 81.74 -68.73
C ARG WA 129 70.68 82.19 -67.47
N LEU WA 130 71.44 82.61 -66.47
CA LEU WA 130 70.87 83.31 -65.34
C LEU WA 130 71.38 84.73 -65.38
N HIS WA 131 70.49 85.71 -65.44
CA HIS WA 131 70.91 87.10 -65.41
C HIS WA 131 70.71 87.74 -64.04
N PHE WA 132 71.70 88.52 -63.60
CA PHE WA 132 71.55 89.25 -62.36
C PHE WA 132 71.58 90.77 -62.55
N THR WA 133 70.49 91.41 -62.18
CA THR WA 133 70.34 92.83 -62.40
C THR WA 133 69.85 93.46 -61.12
N CYS WA 134 70.05 94.76 -61.02
CA CYS WA 134 69.61 95.48 -59.83
C CYS WA 134 68.27 96.18 -60.09
N LEU WA 135 67.25 95.83 -59.31
CA LEU WA 135 65.90 96.37 -59.54
C LEU WA 135 65.71 97.72 -58.86
N THR WA 136 66.07 97.79 -57.58
CA THR WA 136 66.07 99.04 -56.80
C THR WA 136 67.47 99.21 -56.24
N GLY WA 137 68.00 100.44 -56.33
CA GLY WA 137 69.37 100.72 -55.96
C GLY WA 137 69.58 100.93 -54.47
N ASN WA 138 70.83 101.03 -54.07
CA ASN WA 138 71.16 101.32 -52.67
C ASN WA 138 70.88 102.79 -52.41
N ASN WA 139 70.57 103.11 -51.16
CA ASN WA 139 70.16 104.46 -50.80
C ASN WA 139 71.33 105.42 -50.87
N LYS WA 140 72.52 104.88 -50.62
CA LYS WA 140 73.81 105.57 -50.75
C LYS WA 140 74.80 104.47 -51.05
N GLU WA 141 75.94 104.81 -51.63
CA GLU WA 141 76.89 103.75 -51.98
C GLU WA 141 77.37 103.05 -50.70
N LEU WA 142 77.81 101.81 -50.87
CA LEU WA 142 78.37 101.05 -49.75
C LEU WA 142 79.88 101.38 -49.59
N ALA WA 143 80.52 100.72 -48.66
CA ALA WA 143 81.89 101.07 -48.34
C ALA WA 143 82.86 100.60 -49.43
N ALA WA 144 82.58 99.48 -50.06
CA ALA WA 144 83.49 98.93 -51.06
C ALA WA 144 82.79 97.96 -51.99
N ASP WA 145 83.43 97.63 -53.11
CA ASP WA 145 82.95 96.58 -54.02
C ASP WA 145 82.86 95.25 -53.27
N TRP WA 146 81.92 94.41 -53.66
CA TRP WA 146 81.81 93.10 -53.06
C TRP WA 146 81.34 92.05 -54.05
N GLN WA 147 81.15 90.81 -53.58
CA GLN WA 147 80.61 89.79 -54.47
C GLN WA 147 79.57 88.91 -53.79
N ALA WA 148 78.76 88.25 -54.60
CA ALA WA 148 77.82 87.26 -54.12
C ALA WA 148 78.13 85.94 -54.84
N VAL WA 149 77.84 84.81 -54.20
CA VAL WA 149 78.11 83.51 -54.81
C VAL WA 149 76.81 82.84 -55.23
N VAL WA 150 76.77 82.33 -56.45
CA VAL WA 150 75.61 81.59 -56.95
C VAL WA 150 75.92 80.09 -57.02
N GLU WA 151 75.05 79.27 -56.43
CA GLU WA 151 75.29 77.83 -56.41
C GLU WA 151 74.12 77.02 -56.97
N LEU WA 152 74.44 75.99 -57.76
CA LEU WA 152 73.44 75.08 -58.30
C LEU WA 152 73.52 73.76 -57.58
N TYR WA 153 72.42 73.36 -56.94
CA TYR WA 153 72.34 72.06 -56.28
C TYR WA 153 71.38 71.17 -57.05
N ALA WA 154 71.78 69.92 -57.29
CA ALA WA 154 70.96 69.01 -58.08
C ALA WA 154 71.46 67.60 -57.92
N GLU WA 155 70.57 66.63 -58.07
CA GLU WA 155 70.96 65.23 -58.19
C GLU WA 155 70.62 64.77 -59.58
N LEU WA 156 71.57 64.95 -60.50
CA LEU WA 156 71.33 64.64 -61.91
C LEU WA 156 71.12 63.16 -62.16
N GLU WA 157 70.03 62.84 -62.84
CA GLU WA 157 69.83 61.49 -63.31
C GLU WA 157 69.43 61.51 -64.79
N GLU WA 158 69.63 60.37 -65.46
CA GLU WA 158 69.41 60.28 -66.90
C GLU WA 158 67.98 60.59 -67.24
N ALA WA 159 67.80 61.44 -68.25
CA ALA WA 159 66.48 61.83 -68.72
C ALA WA 159 65.88 60.77 -69.65
N THR WA 160 64.62 60.44 -69.41
CA THR WA 160 63.93 59.39 -70.17
C THR WA 160 63.42 59.91 -71.53
N SER WA 161 63.00 61.18 -71.57
CA SER WA 161 62.46 61.81 -72.78
C SER WA 161 63.20 63.10 -73.13
N PHE WA 162 63.13 63.53 -74.38
CA PHE WA 162 63.73 64.81 -74.77
C PHE WA 162 62.92 65.99 -74.23
N LEU WA 163 61.59 65.86 -74.30
CA LEU WA 163 60.68 66.96 -73.98
C LEU WA 163 60.13 66.84 -72.56
N GLY WA 164 59.94 68.00 -71.93
CA GLY WA 164 59.29 68.09 -70.65
C GLY WA 164 57.78 67.92 -70.77
N LYS WA 165 57.05 68.41 -69.79
CA LYS WA 165 55.59 68.50 -69.90
C LYS WA 165 55.32 69.92 -70.33
N PRO WA 166 54.34 70.12 -71.22
CA PRO WA 166 54.09 71.43 -71.77
C PRO WA 166 53.55 72.41 -70.72
N THR WA 167 54.19 73.57 -70.60
CA THR WA 167 53.77 74.68 -69.76
C THR WA 167 52.35 75.14 -70.13
N LEU WA 168 52.01 75.06 -71.42
CA LEU WA 168 50.75 75.64 -71.91
C LEU WA 168 50.19 74.87 -73.11
N VAL WA 169 48.88 74.67 -73.14
CA VAL WA 169 48.26 74.08 -74.31
C VAL WA 169 47.22 75.04 -74.89
N PHE WA 170 47.31 75.28 -76.20
CA PHE WA 170 46.50 76.30 -76.82
C PHE WA 170 45.01 76.06 -76.68
N ASP WA 171 44.32 77.08 -76.16
CA ASP WA 171 42.87 77.07 -76.00
C ASP WA 171 42.41 78.53 -75.84
N PRO WA 172 41.59 79.00 -76.80
CA PRO WA 172 41.11 80.37 -76.93
C PRO WA 172 40.25 80.75 -75.75
N GLY WA 173 39.44 79.78 -75.36
CA GLY WA 173 38.43 80.00 -74.34
C GLY WA 173 38.94 79.75 -72.93
N VAL WA 174 40.27 79.71 -72.78
CA VAL WA 174 40.85 79.45 -71.46
C VAL WA 174 42.04 80.34 -71.06
N PHE WA 175 41.64 81.31 -70.24
CA PHE WA 175 42.47 82.19 -69.45
C PHE WA 175 41.78 82.19 -68.08
N ASN WA 176 42.33 81.43 -67.15
CA ASN WA 176 41.77 81.30 -65.80
C ASN WA 176 41.57 82.64 -65.08
N GLY WA 177 42.64 83.42 -64.99
CA GLY WA 177 42.64 84.63 -64.19
C GLY WA 177 43.77 84.58 -63.16
N LYS WA 178 44.45 83.43 -63.07
CA LYS WA 178 45.66 83.29 -62.26
C LYS WA 178 46.92 83.61 -63.10
N PHE WA 179 47.90 84.26 -62.48
CA PHE WA 179 49.14 84.59 -63.18
C PHE WA 179 50.35 83.96 -62.49
N GLN WA 180 51.44 83.76 -63.23
CA GLN WA 180 52.75 83.59 -62.60
C GLN WA 180 53.75 84.58 -63.18
N PHE WA 181 54.71 84.98 -62.37
CA PHE WA 181 55.77 85.89 -62.82
C PHE WA 181 55.29 87.20 -63.41
N LEU WA 182 54.19 87.73 -62.86
CA LEU WA 182 53.70 89.04 -63.24
C LEU WA 182 54.16 90.07 -62.22
N THR WA 183 55.28 90.72 -62.52
CA THR WA 183 55.85 91.71 -61.63
C THR WA 183 55.87 93.06 -62.34
N CYS WA 184 55.33 94.11 -61.70
CA CYS WA 184 55.35 95.45 -62.26
C CYS WA 184 56.69 96.11 -61.96
N PRO WA 185 57.24 96.83 -62.95
CA PRO WA 185 58.43 97.64 -62.66
C PRO WA 185 58.22 98.54 -61.44
N PRO WA 186 59.31 98.87 -60.77
CA PRO WA 186 59.24 99.62 -59.52
C PRO WA 186 58.56 100.97 -59.70
N ILE WA 187 57.75 101.31 -58.70
CA ILE WA 187 57.12 102.61 -58.57
C ILE WA 187 57.90 103.43 -57.52
N PHE WA 188 58.17 104.71 -57.78
CA PHE WA 188 58.99 105.50 -56.84
C PHE WA 188 58.27 106.70 -56.18
N PHE WA 189 58.53 106.91 -54.90
CA PHE WA 189 57.99 108.07 -54.20
C PHE WA 189 59.11 108.96 -53.70
N ASP WA 190 59.02 110.26 -53.97
CA ASP WA 190 60.01 111.24 -53.50
C ASP WA 190 59.73 111.57 -52.06
N LEU WA 191 60.77 111.83 -51.28
CA LEU WA 191 60.51 112.20 -49.90
C LEU WA 191 60.38 113.70 -49.75
N THR WA 192 60.53 114.40 -50.86
CA THR WA 192 60.34 115.85 -50.86
C THR WA 192 58.89 116.20 -51.15
N ALA WA 193 58.00 115.23 -50.95
CA ALA WA 193 56.59 115.42 -51.25
C ALA WA 193 55.73 114.93 -50.11
N VAL WA 194 54.89 115.83 -49.60
CA VAL WA 194 54.05 115.49 -48.45
C VAL WA 194 52.99 114.43 -48.74
N THR WA 195 52.43 114.45 -49.94
CA THR WA 195 51.61 113.34 -50.44
C THR WA 195 51.94 113.10 -51.91
N ALA WA 196 51.50 111.97 -52.45
CA ALA WA 196 51.75 111.67 -53.86
C ALA WA 196 50.89 110.55 -54.40
N LEU WA 197 50.74 110.53 -55.70
CA LEU WA 197 50.01 109.45 -56.32
C LEU WA 197 50.88 108.76 -57.36
N ARG WA 198 50.79 107.43 -57.40
CA ARG WA 198 51.36 106.69 -58.51
C ARG WA 198 50.36 105.69 -59.05
N SER WA 199 50.10 105.79 -60.34
CA SER WA 199 49.15 104.90 -60.99
C SER WA 199 49.82 103.69 -61.60
N ALA WA 200 49.14 102.56 -61.50
CA ALA WA 200 49.53 101.39 -62.26
C ALA WA 200 48.35 101.00 -63.13
N GLY WA 201 48.55 100.95 -64.43
CA GLY WA 201 47.46 100.61 -65.34
C GLY WA 201 47.02 99.17 -65.15
N LEU WA 202 45.74 98.92 -65.35
CA LEU WA 202 45.21 97.56 -65.21
C LEU WA 202 44.81 96.99 -66.55
N THR WA 203 45.21 97.67 -67.62
CA THR WA 203 44.95 97.18 -68.98
C THR WA 203 46.03 96.19 -69.38
N LEU WA 204 45.95 94.99 -68.79
CA LEU WA 204 47.07 94.04 -68.74
C LEU WA 204 47.42 93.36 -70.05
N GLY WA 205 46.58 93.51 -71.07
CA GLY WA 205 46.86 92.90 -72.36
C GLY WA 205 47.77 93.76 -73.23
N GLN WA 206 48.01 94.97 -72.75
CA GLN WA 206 48.86 95.94 -73.47
C GLN WA 206 50.27 95.38 -73.50
N VAL WA 207 50.93 95.45 -74.65
CA VAL WA 207 52.31 94.99 -74.72
C VAL WA 207 53.29 96.07 -74.21
N PRO WA 208 54.15 95.70 -73.26
CA PRO WA 208 55.09 96.62 -72.60
C PRO WA 208 56.15 97.09 -73.57
N MET WA 209 56.68 98.28 -73.36
CA MET WA 209 57.69 98.80 -74.26
C MET WA 209 58.91 99.38 -73.56
N VAL WA 210 60.03 99.33 -74.26
CA VAL WA 210 61.25 99.93 -73.79
C VAL WA 210 61.74 100.75 -74.96
N GLY WA 211 61.46 102.05 -74.92
CA GLY WA 211 61.70 102.91 -76.06
C GLY WA 211 60.79 102.51 -77.20
N THR WA 212 61.37 102.19 -78.35
CA THR WA 212 60.58 101.77 -79.50
C THR WA 212 60.44 100.24 -79.58
N THR WA 213 61.05 99.55 -78.63
CA THR WA 213 61.05 98.09 -78.64
C THR WA 213 59.83 97.49 -77.91
N LYS WA 214 59.06 96.68 -78.63
CA LYS WA 214 57.97 95.95 -78.01
C LYS WA 214 58.51 94.70 -77.32
N VAL WA 215 58.13 94.46 -76.08
CA VAL WA 215 58.52 93.22 -75.38
C VAL WA 215 57.33 92.28 -75.19
N TYR WA 216 57.10 91.41 -76.15
CA TYR WA 216 56.00 90.48 -76.04
C TYR WA 216 56.28 89.54 -74.90
N ASN WA 217 55.29 89.26 -74.07
CA ASN WA 217 55.46 88.28 -73.00
C ASN WA 217 54.19 87.48 -72.77
N LEU WA 218 54.32 86.35 -72.08
CA LEU WA 218 53.19 85.43 -71.93
C LEU WA 218 52.02 86.02 -71.16
N ASN WA 219 52.29 86.80 -70.10
CA ASN WA 219 51.19 87.37 -69.32
C ASN WA 219 50.27 88.30 -70.09
N SER WA 220 50.84 89.29 -70.76
CA SER WA 220 50.01 90.18 -71.59
C SER WA 220 49.33 89.41 -72.72
N THR WA 221 50.03 88.43 -73.26
CA THR WA 221 49.45 87.55 -74.26
C THR WA 221 48.20 86.82 -73.72
N LEU WA 222 48.30 86.26 -72.52
CA LEU WA 222 47.16 85.58 -71.92
C LEU WA 222 45.98 86.52 -71.77
N VAL WA 223 46.21 87.69 -71.16
CA VAL WA 223 45.14 88.65 -70.97
C VAL WA 223 44.47 89.04 -72.30
N SER WA 224 45.25 89.12 -73.36
CA SER WA 224 44.69 89.48 -74.66
C SER WA 224 43.68 88.44 -75.19
N CYS WA 225 43.68 87.25 -74.58
CA CYS WA 225 42.78 86.16 -74.97
C CYS WA 225 41.36 86.36 -74.51
N VAL WA 226 41.16 87.49 -73.84
CA VAL WA 226 39.87 87.86 -73.29
C VAL WA 226 39.55 89.30 -73.75
N LEU WA 227 38.27 89.69 -73.69
CA LEU WA 227 37.92 91.05 -74.12
C LEU WA 227 38.16 92.06 -73.00
N GLY WA 228 38.03 91.60 -71.76
CA GLY WA 228 38.18 92.44 -70.59
C GLY WA 228 37.95 91.63 -69.33
N MET WA 229 38.11 92.26 -68.18
CA MET WA 229 38.06 91.56 -66.91
C MET WA 229 37.66 92.48 -65.79
N GLY WA 230 36.96 91.93 -64.81
CA GLY WA 230 36.59 92.63 -63.60
C GLY WA 230 36.84 91.69 -62.46
N GLY WA 231 36.72 92.19 -61.24
CA GLY WA 231 36.96 91.34 -60.09
C GLY WA 231 37.92 91.99 -59.13
N THR WA 232 38.61 91.16 -58.35
CA THR WA 232 39.52 91.69 -57.36
C THR WA 232 40.95 91.30 -57.70
N VAL WA 233 41.84 92.28 -57.69
CA VAL WA 233 43.25 92.07 -57.91
C VAL WA 233 43.90 91.61 -56.60
N ARG WA 234 44.42 90.39 -56.57
CA ARG WA 234 45.16 89.90 -55.40
C ARG WA 234 46.64 89.98 -55.74
N GLY WA 235 47.40 90.67 -54.90
CA GLY WA 235 48.82 90.81 -55.16
C GLY WA 235 49.64 90.94 -53.89
N ARG WA 236 50.93 91.22 -54.09
CA ARG WA 236 51.84 91.49 -52.98
C ARG WA 236 52.54 92.81 -53.24
N VAL WA 237 52.82 93.54 -52.17
CA VAL WA 237 53.56 94.78 -52.27
C VAL WA 237 54.86 94.60 -51.51
N HIS WA 238 55.97 94.96 -52.15
CA HIS WA 238 57.25 95.02 -51.47
C HIS WA 238 57.76 96.44 -51.32
N ILE WA 239 58.09 96.81 -50.09
CA ILE WA 239 58.70 98.12 -49.85
C ILE WA 239 60.21 97.97 -49.81
N CYS WA 240 60.87 98.50 -50.84
CA CYS WA 240 62.28 98.22 -51.11
C CYS WA 240 63.21 99.34 -50.68
N ALA WA 241 63.27 99.59 -49.37
CA ALA WA 241 64.10 100.64 -48.80
C ALA WA 241 64.70 100.19 -47.47
N PRO WA 242 65.70 100.92 -46.98
CA PRO WA 242 66.32 100.66 -45.67
C PRO WA 242 65.32 100.69 -44.52
N ILE WA 243 65.58 100.00 -43.40
CA ILE WA 243 64.65 100.00 -42.25
C ILE WA 243 64.34 101.40 -41.76
N PHE WA 244 65.22 102.35 -42.05
CA PHE WA 244 65.03 103.73 -41.58
C PHE WA 244 64.20 104.60 -42.54
N TYR WA 245 63.77 104.03 -43.65
CA TYR WA 245 62.74 104.63 -44.50
C TYR WA 245 61.39 104.02 -44.14
N SER WA 246 60.32 104.78 -44.27
CA SER WA 246 59.00 104.23 -44.01
C SER WA 246 57.90 105.05 -44.65
N ILE WA 247 56.78 104.40 -44.92
CA ILE WA 247 55.71 105.03 -45.67
C ILE WA 247 54.37 104.40 -45.31
N VAL WA 248 53.29 105.14 -45.54
CA VAL WA 248 51.94 104.59 -45.44
C VAL WA 248 51.16 104.88 -46.71
N LEU WA 249 50.62 103.83 -47.31
CA LEU WA 249 49.93 103.98 -48.57
C LEU WA 249 48.43 103.67 -48.46
N TRP WA 250 47.63 104.45 -49.18
CA TRP WA 250 46.24 104.09 -49.43
C TRP WA 250 46.20 103.55 -50.84
N VAL WA 251 45.83 102.27 -50.98
CA VAL WA 251 45.79 101.62 -52.30
C VAL WA 251 44.37 101.36 -52.74
N VAL WA 252 43.98 101.94 -53.87
CA VAL WA 252 42.59 101.87 -54.32
C VAL WA 252 42.48 101.89 -55.84
N SER WA 253 41.37 101.40 -56.35
CA SER WA 253 41.12 101.42 -57.81
C SER WA 253 40.22 102.59 -58.23
N GLU WA 254 40.59 103.25 -59.33
CA GLU WA 254 39.81 104.35 -59.87
C GLU WA 254 39.61 104.26 -61.37
N TRP WA 255 38.51 104.85 -61.83
CA TRP WA 255 38.17 104.82 -63.25
C TRP WA 255 38.34 106.16 -63.94
N ASN WA 256 39.04 106.15 -65.08
CA ASN WA 256 39.22 107.32 -65.93
C ASN WA 256 39.61 108.59 -65.17
N GLY WA 257 40.87 108.66 -64.75
CA GLY WA 257 41.32 109.78 -63.96
C GLY WA 257 41.21 109.46 -62.48
N THR WA 258 41.41 110.47 -61.66
CA THR WA 258 41.38 110.31 -60.23
C THR WA 258 40.58 111.46 -59.62
N THR WA 259 39.96 111.21 -58.47
CA THR WA 259 39.25 112.27 -57.80
C THR WA 259 40.25 113.23 -57.21
N MET WA 260 39.84 114.49 -57.07
CA MET WA 260 40.72 115.52 -56.52
C MET WA 260 40.36 115.82 -55.07
N ASP WA 261 39.28 115.19 -54.61
CA ASP WA 261 38.74 115.40 -53.27
C ASP WA 261 39.17 114.30 -52.31
N TRP WA 262 40.02 114.65 -51.36
CA TRP WA 262 40.52 113.68 -50.39
C TRP WA 262 39.40 112.94 -49.66
N ASN WA 263 38.29 113.61 -49.40
CA ASN WA 263 37.21 112.95 -48.67
C ASN WA 263 36.50 111.91 -49.53
N GLU WA 264 36.33 112.19 -50.81
CA GLU WA 264 35.74 111.21 -51.72
C GLU WA 264 36.68 110.00 -51.83
N LEU WA 265 37.97 110.27 -51.90
CA LEU WA 265 38.99 109.23 -52.04
C LEU WA 265 38.85 108.17 -50.98
N PHE WA 266 38.54 108.59 -49.76
CA PHE WA 266 38.45 107.66 -48.63
C PHE WA 266 37.08 107.06 -48.41
N LYS WA 267 36.14 107.39 -49.29
CA LYS WA 267 34.86 106.69 -49.31
C LYS WA 267 34.94 105.48 -50.25
N TYR WA 268 36.03 105.37 -51.00
CA TYR WA 268 36.24 104.25 -51.90
C TYR WA 268 36.70 103.05 -51.09
N PRO WA 269 36.52 101.83 -51.63
CA PRO WA 269 37.01 100.60 -51.00
C PRO WA 269 38.47 100.29 -51.31
N GLY WA 270 39.36 100.89 -50.51
CA GLY WA 270 40.78 100.66 -50.64
C GLY WA 270 41.37 99.97 -49.42
N VAL WA 271 42.68 99.81 -49.42
CA VAL WA 271 43.38 99.16 -48.32
C VAL WA 271 44.62 99.97 -47.95
N TYR WA 272 45.04 99.87 -46.70
CA TYR WA 272 46.25 100.55 -46.29
C TYR WA 272 47.46 99.61 -46.39
N VAL WA 273 48.59 100.13 -46.82
CA VAL WA 273 49.82 99.33 -46.86
C VAL WA 273 50.93 100.08 -46.11
N GLU WA 274 51.44 99.47 -45.05
CA GLU WA 274 52.48 100.08 -44.20
C GLU WA 274 53.79 99.35 -44.39
N GLU WA 275 53.71 98.13 -44.93
CA GLU WA 275 54.85 97.23 -44.97
C GLU WA 275 54.66 96.09 -45.96
N ASP WA 276 55.75 95.38 -46.26
CA ASP WA 276 55.67 94.20 -47.13
C ASP WA 276 54.41 93.40 -46.77
N GLY WA 277 53.68 92.95 -47.77
CA GLY WA 277 52.49 92.15 -47.53
C GLY WA 277 51.64 91.93 -48.77
N SER WA 278 50.58 91.15 -48.62
CA SER WA 278 49.63 90.97 -49.72
C SER WA 278 48.48 92.00 -49.63
N PHE WA 279 47.73 92.14 -50.71
CA PHE WA 279 46.61 93.07 -50.77
C PHE WA 279 45.54 92.57 -51.73
N GLU WA 280 44.29 92.95 -51.49
CA GLU WA 280 43.21 92.70 -52.45
C GLU WA 280 42.46 93.99 -52.71
N VAL WA 281 42.40 94.42 -53.97
CA VAL WA 281 41.64 95.61 -54.31
C VAL WA 281 40.66 95.32 -55.43
N LYS WA 282 39.43 95.79 -55.27
CA LYS WA 282 38.38 95.59 -56.28
C LYS WA 282 38.66 96.47 -57.47
N ILE WA 283 38.58 95.90 -58.67
CA ILE WA 283 38.70 96.65 -59.91
C ILE WA 283 37.42 97.48 -60.07
N ARG WA 284 37.59 98.79 -60.03
CA ARG WA 284 36.48 99.73 -60.05
C ARG WA 284 36.17 100.27 -61.45
N SER WA 285 34.95 100.09 -61.93
CA SER WA 285 34.59 100.52 -63.28
C SER WA 285 33.08 100.61 -63.47
N PRO WA 286 32.64 101.55 -64.32
CA PRO WA 286 31.23 101.78 -64.65
C PRO WA 286 30.61 100.52 -65.28
N TYR WA 287 31.46 99.65 -65.83
CA TYR WA 287 31.03 98.42 -66.49
C TYR WA 287 31.41 97.19 -65.68
N HIS WA 288 32.03 97.44 -64.52
CA HIS WA 288 32.46 96.38 -63.61
C HIS WA 288 33.67 95.61 -64.16
N ARG WA 289 34.06 95.93 -65.39
CA ARG WA 289 35.20 95.29 -66.03
C ARG WA 289 36.02 96.40 -66.66
N THR WA 290 37.32 96.17 -66.84
CA THR WA 290 38.16 97.07 -67.65
C THR WA 290 38.59 96.30 -68.91
N PRO WA 291 38.70 96.99 -70.06
CA PRO WA 291 39.06 96.31 -71.30
C PRO WA 291 40.48 95.76 -71.26
N ALA WA 292 40.67 94.61 -71.91
CA ALA WA 292 41.97 93.94 -71.98
C ALA WA 292 43.04 94.71 -72.73
N ARG WA 293 42.67 95.41 -73.81
CA ARG WA 293 43.63 96.22 -74.58
C ARG WA 293 43.06 97.59 -74.94
N LEU WA 294 43.92 98.49 -75.39
CA LEU WA 294 43.45 99.81 -75.78
C LEU WA 294 43.11 99.94 -77.25
N LEU WA 295 42.13 100.81 -77.54
CA LEU WA 295 41.84 101.23 -78.90
C LEU WA 295 42.72 102.44 -79.21
N ALA WA 296 42.70 102.89 -80.46
CA ALA WA 296 43.57 103.99 -80.87
C ALA WA 296 43.29 105.23 -80.04
N GLY WA 297 44.35 105.92 -79.61
CA GLY WA 297 44.22 107.15 -78.87
C GLY WA 297 43.79 107.03 -77.41
N GLN WA 298 43.50 105.83 -76.96
CA GLN WA 298 43.17 105.64 -75.56
C GLN WA 298 44.44 105.60 -74.73
N SER WA 299 44.33 106.02 -73.49
CA SER WA 299 45.45 105.92 -72.56
C SER WA 299 45.06 104.88 -71.51
N GLN WA 300 46.02 104.33 -70.79
CA GLN WA 300 45.69 103.30 -69.82
C GLN WA 300 44.93 103.90 -68.61
N ARG WA 301 45.17 105.18 -68.35
CA ARG WA 301 44.53 105.83 -67.22
C ARG WA 301 43.05 106.11 -67.48
N ASP WA 302 42.66 106.04 -68.76
CA ASP WA 302 41.28 106.24 -69.20
C ASP WA 302 40.35 105.12 -68.74
N MET WA 303 40.94 103.99 -68.36
CA MET WA 303 40.18 102.84 -67.86
C MET WA 303 40.36 102.64 -66.35
N SER WA 304 40.33 101.38 -65.93
CA SER WA 304 40.53 101.04 -64.53
C SER WA 304 42.04 100.98 -64.19
N SER WA 305 42.43 101.62 -63.10
CA SER WA 305 43.83 101.61 -62.64
C SER WA 305 43.92 101.26 -61.15
N LEU WA 306 45.08 100.75 -60.75
CA LEU WA 306 45.39 100.44 -59.37
C LEU WA 306 46.24 101.60 -58.86
N ASN WA 307 45.67 102.43 -57.99
CA ASN WA 307 46.34 103.67 -57.56
C ASN WA 307 46.98 103.64 -56.18
N PHE WA 308 48.23 104.08 -56.12
CA PHE WA 308 48.97 104.04 -54.89
C PHE WA 308 49.15 105.45 -54.40
N TYR WA 309 48.41 105.79 -53.35
CA TYR WA 309 48.46 107.11 -52.71
C TYR WA 309 49.34 107.11 -51.45
N ALA WA 310 50.41 107.90 -51.47
CA ALA WA 310 51.21 108.10 -50.28
C ALA WA 310 50.49 109.11 -49.40
N ILE WA 311 49.93 108.65 -48.27
CA ILE WA 311 49.17 109.51 -47.38
C ILE WA 311 49.94 109.94 -46.13
N ALA WA 312 51.01 109.21 -45.81
CA ALA WA 312 51.93 109.64 -44.76
C ALA WA 312 53.37 109.23 -45.11
N GLY WA 313 54.20 110.21 -45.43
CA GLY WA 313 55.54 109.91 -45.89
C GLY WA 313 55.62 109.85 -47.39
N PRO WA 314 56.69 109.22 -47.91
CA PRO WA 314 57.74 108.56 -47.14
C PRO WA 314 58.58 109.52 -46.30
N ILE WA 315 59.15 109.00 -45.21
CA ILE WA 315 60.07 109.76 -44.38
C ILE WA 315 61.38 109.02 -44.26
N ALA WA 316 62.45 109.77 -44.04
CA ALA WA 316 63.75 109.19 -43.78
C ALA WA 316 64.55 110.20 -43.00
N PRO WA 317 65.62 109.74 -42.35
CA PRO WA 317 66.48 110.67 -41.61
C PRO WA 317 67.20 111.59 -42.59
N SER WA 318 67.68 112.75 -42.15
CA SER WA 318 68.49 113.55 -43.06
C SER WA 318 69.88 112.94 -43.01
N GLY WA 319 70.64 113.06 -44.11
CA GLY WA 319 70.16 113.64 -45.33
C GLY WA 319 70.14 112.50 -46.32
N GLU WA 320 69.03 111.78 -46.32
CA GLU WA 320 68.81 110.77 -47.34
C GLU WA 320 68.19 111.46 -48.55
N THR WA 321 68.42 110.92 -49.74
CA THR WA 321 67.96 111.59 -50.95
C THR WA 321 67.23 110.61 -51.87
N ALA WA 322 67.56 109.33 -51.72
CA ALA WA 322 66.95 108.26 -52.51
C ALA WA 322 65.43 108.26 -52.46
N GLN WA 323 64.80 107.92 -53.57
CA GLN WA 323 63.36 107.75 -53.57
C GLN WA 323 63.03 106.41 -52.92
N LEU WA 324 61.80 106.26 -52.44
CA LEU WA 324 61.36 105.00 -51.85
C LEU WA 324 60.61 104.20 -52.88
N PRO WA 325 61.16 103.04 -53.27
CA PRO WA 325 60.56 102.19 -54.32
C PRO WA 325 59.56 101.19 -53.78
N ILE WA 326 58.48 100.99 -54.52
CA ILE WA 326 57.45 100.00 -54.26
C ILE WA 326 57.45 99.02 -55.42
N VAL WA 327 57.59 97.73 -55.15
CA VAL WA 327 57.50 96.75 -56.23
C VAL WA 327 56.21 95.96 -56.06
N VAL WA 328 55.34 96.04 -57.07
CA VAL WA 328 54.06 95.33 -56.98
C VAL WA 328 54.05 94.03 -57.80
N GLN WA 329 53.55 92.96 -57.20
CA GLN WA 329 53.34 91.71 -57.93
C GLN WA 329 51.86 91.40 -57.97
N ILE WA 330 51.37 91.03 -59.14
CA ILE WA 330 49.99 90.62 -59.28
C ILE WA 330 49.86 89.10 -59.42
N ASP WA 331 49.15 88.49 -58.50
CA ASP WA 331 49.09 87.04 -58.40
C ASP WA 331 47.88 86.46 -59.13
N GLU WA 332 46.72 87.06 -58.91
CA GLU WA 332 45.54 86.64 -59.65
C GLU WA 332 44.40 87.62 -59.58
N ILE WA 333 43.42 87.41 -60.46
CA ILE WA 333 42.13 88.05 -60.35
C ILE WA 333 41.20 87.08 -59.62
N VAL WA 334 40.87 87.39 -58.37
CA VAL WA 334 40.03 86.50 -57.58
C VAL WA 334 38.58 86.89 -57.78
N ARG WA 335 37.69 85.91 -57.72
CA ARG WA 335 36.28 86.19 -57.93
C ARG WA 335 36.14 86.97 -59.24
N PRO WA 336 36.62 86.37 -60.33
CA PRO WA 336 36.76 87.07 -61.60
C PRO WA 336 35.44 87.25 -62.32
N ASP WA 337 35.27 88.42 -62.94
CA ASP WA 337 34.16 88.67 -63.83
C ASP WA 337 34.73 88.83 -65.23
N LEU WA 338 34.84 87.73 -65.96
CA LEU WA 338 35.47 87.81 -67.27
C LEU WA 338 34.51 88.18 -68.40
N SER WA 339 35.05 88.79 -69.44
CA SER WA 339 34.30 89.00 -70.67
C SER WA 339 34.31 87.73 -71.50
N LEU WA 340 33.66 87.79 -72.65
CA LEU WA 340 33.80 86.71 -73.62
C LEU WA 340 35.26 86.55 -73.96
N PRO WA 341 35.65 85.34 -74.35
CA PRO WA 341 36.98 85.17 -74.93
C PRO WA 341 37.05 86.07 -76.16
N SER WA 342 38.21 86.63 -76.46
CA SER WA 342 38.33 87.48 -77.63
C SER WA 342 38.31 86.64 -78.94
N PHE WA 343 38.77 85.40 -78.89
CA PHE WA 343 38.68 84.50 -80.05
C PHE WA 343 37.87 83.23 -79.74
N GLU WA 344 37.20 82.70 -80.77
CA GLU WA 344 36.47 81.47 -80.60
C GLU WA 344 37.32 80.35 -81.14
N ASP WA 345 36.82 79.11 -81.06
CA ASP WA 345 37.58 77.97 -81.59
C ASP WA 345 37.40 77.95 -83.10
N ASP WA 346 38.14 78.82 -83.76
CA ASP WA 346 37.95 79.10 -85.17
C ASP WA 346 39.31 79.32 -85.81
N TYR WA 347 39.29 79.52 -87.13
CA TYR WA 347 40.48 79.88 -87.84
C TYR WA 347 40.88 81.32 -87.51
N PHE WA 348 42.13 81.66 -87.78
CA PHE WA 348 42.59 83.04 -87.74
C PHE WA 348 43.67 83.25 -88.78
N VAL WA 349 43.97 84.50 -89.09
CA VAL WA 349 44.87 84.79 -90.19
C VAL WA 349 46.32 84.53 -89.85
N TRP WA 350 46.95 83.72 -90.69
CA TRP WA 350 48.38 83.48 -90.56
C TRP WA 350 49.10 84.52 -91.44
N VAL WA 351 48.80 84.52 -92.72
CA VAL WA 351 49.51 85.38 -93.66
C VAL WA 351 48.70 85.67 -94.93
N ASP WA 352 48.88 86.89 -95.44
CA ASP WA 352 48.37 87.27 -96.75
C ASP WA 352 49.54 87.50 -97.72
N PHE WA 353 49.49 86.87 -98.89
CA PHE WA 353 50.42 87.18 -99.96
C PHE WA 353 49.69 87.98 -101.04
N SER WA 354 50.32 89.04 -101.53
CA SER WA 354 49.68 89.90 -102.52
C SER WA 354 50.73 90.57 -103.38
N GLU WA 355 50.29 91.29 -104.40
CA GLU WA 355 51.20 92.09 -105.21
C GLU WA 355 52.36 91.25 -105.78
N PHE WA 356 52.01 90.14 -106.42
CA PHE WA 356 53.02 89.26 -107.01
C PHE WA 356 53.66 89.90 -108.23
N THR WA 357 54.98 89.79 -108.33
CA THR WA 357 55.69 90.37 -109.46
C THR WA 357 56.09 89.32 -110.50
N LEU WA 358 56.20 88.07 -110.06
CA LEU WA 358 56.52 86.97 -110.98
C LEU WA 358 55.37 86.00 -111.03
N ASP WA 359 55.17 85.39 -112.19
CA ASP WA 359 54.14 84.35 -112.35
C ASP WA 359 54.52 83.07 -111.60
N LYS WA 360 55.81 82.72 -111.60
CA LYS WA 360 56.31 81.57 -110.84
C LYS WA 360 56.73 82.03 -109.44
N GLU WA 361 56.02 81.56 -108.42
CA GLU WA 361 56.30 81.89 -107.04
C GLU WA 361 56.26 80.61 -106.21
N GLU WA 362 57.23 80.42 -105.33
CA GLU WA 362 57.22 79.23 -104.47
C GLU WA 362 57.54 79.58 -103.01
N ILE WA 363 56.54 79.41 -102.16
CA ILE WA 363 56.65 79.78 -100.75
C ILE WA 363 56.95 78.53 -99.92
N GLU WA 364 58.18 78.45 -99.38
CA GLU WA 364 58.54 77.30 -98.54
C GLU WA 364 58.09 77.49 -97.10
N ILE WA 365 57.41 76.48 -96.57
CA ILE WA 365 56.89 76.52 -95.23
C ILE WA 365 57.64 75.50 -94.37
N GLY WA 366 57.80 74.29 -94.92
CA GLY WA 366 58.51 73.22 -94.25
C GLY WA 366 57.70 72.62 -93.12
N SER WA 367 58.23 72.74 -91.91
CA SER WA 367 57.49 72.27 -90.76
C SER WA 367 57.33 73.36 -89.71
N ARG WA 368 57.45 74.62 -90.13
CA ARG WA 368 57.46 75.72 -89.16
C ARG WA 368 56.26 76.62 -89.26
N PHE WA 369 55.89 77.24 -88.14
CA PHE WA 369 54.97 78.36 -88.15
C PHE WA 369 55.79 79.61 -87.84
N PHE WA 370 55.82 80.57 -88.77
CA PHE WA 370 56.80 81.64 -88.67
C PHE WA 370 56.45 82.83 -89.55
N ASP WA 371 57.28 83.88 -89.48
CA ASP WA 371 57.09 85.07 -90.31
C ASP WA 371 57.77 84.95 -91.68
N PHE WA 372 57.04 85.14 -92.74
CA PHE WA 372 57.67 85.02 -94.02
C PHE WA 372 58.27 86.31 -94.39
N THR WA 373 59.28 86.28 -95.24
CA THR WA 373 59.48 87.36 -96.14
C THR WA 373 59.94 86.88 -97.47
N SER WA 374 59.45 87.54 -98.49
CA SER WA 374 59.67 87.12 -99.85
C SER WA 374 60.24 88.25 -100.63
N ASN WA 375 61.30 87.96 -101.33
CA ASN WA 375 61.94 88.96 -102.11
C ASN WA 375 60.96 89.40 -103.13
N THR WA 376 60.25 88.46 -103.71
CA THR WA 376 59.30 88.83 -104.72
C THR WA 376 57.88 88.64 -104.27
N CYS WA 377 57.05 89.64 -104.50
CA CYS WA 377 55.71 89.60 -104.01
C CYS WA 377 55.63 90.27 -102.68
N ARG WA 378 54.43 90.35 -102.16
CA ARG WA 378 54.17 91.07 -100.95
C ARG WA 378 54.34 90.16 -99.79
N VAL WA 379 54.03 90.66 -98.62
CA VAL WA 379 53.68 89.83 -97.51
C VAL WA 379 52.98 90.61 -96.44
N SER WA 380 52.05 90.03 -95.72
CA SER WA 380 51.41 90.69 -94.58
C SER WA 380 51.09 89.65 -93.52
N MET WA 381 51.81 89.72 -92.41
CA MET WA 381 51.65 88.71 -91.38
C MET WA 381 50.47 89.03 -90.44
N GLY WA 382 49.80 87.99 -89.95
CA GLY WA 382 48.73 88.16 -88.97
C GLY WA 382 49.29 88.36 -87.58
N GLU WA 383 48.64 89.21 -86.78
CA GLU WA 383 48.96 89.34 -85.35
C GLU WA 383 47.76 88.88 -84.48
N ASN WA 384 47.98 87.82 -83.71
CA ASN WA 384 46.96 87.27 -82.82
C ASN WA 384 47.60 86.52 -81.65
N PRO WA 385 46.80 86.14 -80.64
CA PRO WA 385 47.37 85.49 -79.46
C PRO WA 385 48.14 84.23 -79.81
N PHE WA 386 47.66 83.42 -80.74
CA PHE WA 386 48.42 82.23 -81.08
C PHE WA 386 49.85 82.54 -81.52
N ALA WA 387 50.01 83.51 -82.40
CA ALA WA 387 51.34 83.92 -82.88
C ALA WA 387 52.21 84.43 -81.73
N ALA WA 388 51.61 85.20 -80.83
CA ALA WA 388 52.31 85.64 -79.63
C ALA WA 388 52.76 84.45 -78.77
N MET WA 389 51.86 83.48 -78.57
CA MET WA 389 52.22 82.31 -77.79
C MET WA 389 53.39 81.58 -78.43
N ILE WA 390 53.44 81.52 -79.75
CA ILE WA 390 54.57 80.88 -80.43
C ILE WA 390 55.87 81.61 -80.09
N ALA WA 391 55.77 82.93 -80.02
CA ALA WA 391 56.92 83.79 -79.78
C ALA WA 391 57.36 83.82 -78.32
N CYS WA 392 56.46 83.45 -77.43
CA CYS WA 392 56.72 83.59 -76.00
C CYS WA 392 57.03 82.25 -75.36
N HIS WA 393 57.34 81.24 -76.17
CA HIS WA 393 57.81 79.97 -75.65
C HIS WA 393 59.06 79.54 -76.40
N GLY WA 394 59.89 78.77 -75.73
CA GLY WA 394 61.13 78.29 -76.32
C GLY WA 394 60.87 77.26 -77.40
N LEU WA 395 59.94 76.37 -77.11
CA LEU WA 395 59.56 75.30 -78.05
C LEU WA 395 58.06 75.16 -78.17
N HIS WA 396 57.60 74.67 -79.32
CA HIS WA 396 56.18 74.38 -79.52
C HIS WA 396 56.03 73.17 -80.45
N SER WA 397 54.82 72.62 -80.48
CA SER WA 397 54.56 71.47 -81.35
C SER WA 397 53.06 71.22 -81.46
N GLY WA 398 52.62 70.90 -82.68
CA GLY WA 398 51.22 70.60 -82.88
C GLY WA 398 50.86 70.50 -84.35
N VAL WA 399 49.56 70.49 -84.63
CA VAL WA 399 49.09 70.41 -86.00
C VAL WA 399 48.16 71.57 -86.32
N LEU WA 400 48.40 72.22 -87.46
CA LEU WA 400 47.57 73.33 -87.88
C LEU WA 400 46.72 72.91 -89.06
N ASP WA 401 45.42 73.15 -88.97
CA ASP WA 401 44.56 73.00 -90.14
C ASP WA 401 44.61 74.31 -90.90
N LEU WA 402 44.91 74.24 -92.20
CA LEU WA 402 44.95 75.44 -93.04
C LEU WA 402 43.74 75.58 -93.98
N LYS WA 403 43.26 76.80 -94.14
CA LYS WA 403 42.32 77.16 -95.20
C LYS WA 403 43.04 78.16 -96.09
N LEU WA 404 43.07 77.88 -97.38
CA LEU WA 404 43.63 78.83 -98.33
C LEU WA 404 42.48 79.45 -99.11
N GLN WA 405 42.50 80.78 -99.22
CA GLN WA 405 41.52 81.51 -100.02
C GLN WA 405 42.21 82.45 -100.98
N TRP WA 406 41.69 82.60 -102.19
CA TRP WA 406 42.27 83.56 -103.11
C TRP WA 406 41.25 84.21 -104.06
N SER WA 407 41.53 85.45 -104.46
CA SER WA 407 40.71 86.14 -105.45
C SER WA 407 41.55 86.41 -106.71
N LEU WA 408 40.89 86.56 -107.85
CA LEU WA 408 41.61 86.76 -109.11
C LEU WA 408 41.93 88.22 -109.43
N ASN WA 409 43.06 88.42 -110.09
CA ASN WA 409 43.49 89.73 -110.55
C ASN WA 409 43.08 89.96 -112.00
N THR WA 410 43.12 88.87 -112.79
CA THR WA 410 42.71 88.89 -114.20
C THR WA 410 41.23 88.49 -114.35
N GLU WA 411 40.71 88.53 -115.58
CA GLU WA 411 39.33 88.10 -115.82
C GLU WA 411 39.19 86.60 -115.63
N PHE WA 412 38.09 86.20 -114.99
CA PHE WA 412 37.86 84.82 -114.64
C PHE WA 412 37.91 83.89 -115.84
N GLY WA 413 37.36 84.33 -116.95
CA GLY WA 413 37.34 83.52 -118.16
C GLY WA 413 38.72 83.29 -118.76
N LYS WA 414 39.69 84.12 -118.39
CA LYS WA 414 41.03 84.02 -118.96
C LYS WA 414 41.95 83.20 -118.07
N SER WA 415 41.44 82.86 -116.89
CA SER WA 415 42.26 82.23 -115.84
C SER WA 415 42.78 80.84 -116.18
N SER WA 416 43.98 80.53 -115.67
CA SER WA 416 44.56 79.20 -115.84
C SER WA 416 45.49 78.96 -114.67
N GLY WA 417 46.01 77.73 -114.60
CA GLY WA 417 46.98 77.36 -113.57
C GLY WA 417 46.37 76.93 -112.25
N SER WA 418 47.15 77.04 -111.18
CA SER WA 418 46.84 76.40 -109.91
C SER WA 418 47.57 76.98 -108.71
N VAL WA 419 46.94 76.81 -107.54
CA VAL WA 419 47.62 76.87 -106.26
C VAL WA 419 47.95 75.42 -105.89
N THR WA 420 49.24 75.08 -105.87
CA THR WA 420 49.65 73.70 -105.58
C THR WA 420 50.29 73.61 -104.19
N ILE WA 421 49.83 72.65 -103.40
CA ILE WA 421 50.43 72.39 -102.10
C ILE WA 421 51.31 71.17 -102.21
N THR WA 422 52.63 71.38 -102.18
CA THR WA 422 53.58 70.26 -102.15
C THR WA 422 53.75 69.75 -100.73
N LYS WA 423 53.52 68.45 -100.53
CA LYS WA 423 53.71 67.83 -99.23
C LYS WA 423 54.74 66.71 -99.33
N LEU WA 424 55.87 66.89 -98.66
CA LEU WA 424 56.94 65.90 -98.66
C LEU WA 424 57.26 65.41 -97.26
N VAL WA 425 58.08 64.36 -97.18
CA VAL WA 425 58.75 64.00 -95.94
C VAL WA 425 60.24 64.01 -96.22
N GLY WA 426 60.94 64.91 -95.58
CA GLY WA 426 62.34 65.10 -95.88
C GLY WA 426 62.57 66.53 -96.28
N ASP WA 427 63.06 66.72 -97.51
CA ASP WA 427 63.27 68.03 -98.08
C ASP WA 427 63.04 67.98 -99.59
N LYS WA 428 63.13 69.14 -100.23
CA LYS WA 428 62.87 69.23 -101.66
C LYS WA 428 63.80 68.28 -102.42
N ALA WA 429 65.00 68.10 -101.92
CA ALA WA 429 66.02 67.34 -102.64
C ALA WA 429 65.91 65.80 -102.59
N MET WA 430 65.58 65.26 -101.41
CA MET WA 430 65.63 63.80 -101.22
C MET WA 430 64.35 63.26 -100.56
N GLY WA 431 63.32 64.07 -100.53
CA GLY WA 431 62.09 63.73 -99.83
C GLY WA 431 61.19 62.67 -100.45
N LEU WA 432 60.25 62.19 -99.65
CA LEU WA 432 59.24 61.27 -100.07
C LEU WA 432 57.96 62.06 -100.33
N ASP WA 433 57.11 61.54 -101.21
CA ASP WA 433 55.89 62.26 -101.62
C ASP WA 433 54.66 61.91 -100.80
N GLY WA 434 54.11 62.93 -100.15
CA GLY WA 434 52.92 62.77 -99.34
C GLY WA 434 51.68 63.23 -100.06
N PRO WA 435 50.72 63.77 -99.31
CA PRO WA 435 49.41 64.20 -99.83
C PRO WA 435 49.51 65.59 -100.46
N SER WA 436 50.41 65.71 -101.45
CA SER WA 436 50.51 66.91 -102.29
C SER WA 436 49.19 67.07 -103.01
N HIS WA 437 48.89 68.29 -103.43
CA HIS WA 437 47.52 68.61 -103.75
C HIS WA 437 47.50 69.74 -104.77
N VAL WA 438 46.81 69.54 -105.89
CA VAL WA 438 46.71 70.56 -106.93
C VAL WA 438 45.32 71.20 -106.95
N PHE WA 439 45.26 72.47 -106.57
CA PHE WA 439 44.02 73.21 -106.63
C PHE WA 439 44.01 74.05 -107.91
N ALA WA 440 43.20 73.66 -108.89
CA ALA WA 440 43.02 74.50 -110.06
C ALA WA 440 42.66 75.91 -109.57
N ILE WA 441 43.24 76.94 -110.18
CA ILE WA 441 43.04 78.32 -109.68
C ILE WA 441 41.56 78.71 -109.59
N GLN WA 442 40.72 78.12 -110.44
CA GLN WA 442 39.27 78.38 -110.45
C GLN WA 442 38.53 77.89 -109.19
N LYS WA 443 39.13 76.98 -108.42
CA LYS WA 443 38.52 76.54 -107.16
C LYS WA 443 38.42 77.70 -106.20
N LEU WA 444 39.42 78.60 -106.25
CA LEU WA 444 39.40 79.83 -105.44
C LEU WA 444 39.52 79.60 -103.93
N GLU WA 445 39.74 78.33 -103.53
CA GLU WA 445 40.00 77.97 -102.14
C GLU WA 445 40.44 76.53 -102.03
N GLY WA 446 41.14 76.22 -100.94
CA GLY WA 446 41.61 74.88 -100.68
C GLY WA 446 42.01 74.66 -99.23
N THR WA 447 42.12 73.41 -98.81
CA THR WA 447 42.46 73.09 -97.43
C THR WA 447 43.61 72.10 -97.35
N THR WA 448 44.34 72.14 -96.24
CA THR WA 448 45.41 71.19 -95.98
C THR WA 448 45.80 71.21 -94.49
N GLU WA 449 46.49 70.17 -94.03
CA GLU WA 449 47.01 70.15 -92.67
C GLU WA 449 48.49 70.51 -92.73
N LEU WA 450 49.03 71.07 -91.65
CA LEU WA 450 50.47 71.30 -91.54
C LEU WA 450 50.99 70.79 -90.20
N LEU WA 451 51.98 69.90 -90.25
CA LEU WA 451 52.63 69.43 -89.02
C LEU WA 451 53.68 70.47 -88.65
N VAL WA 452 53.47 71.10 -87.50
CA VAL WA 452 54.46 71.99 -86.90
C VAL WA 452 55.22 71.19 -85.85
N GLY WA 453 56.39 70.68 -86.25
CA GLY WA 453 57.14 69.77 -85.41
C GLY WA 453 58.19 69.05 -86.23
N ASN WA 454 58.73 67.99 -85.66
CA ASN WA 454 59.79 67.21 -86.31
C ASN WA 454 60.11 65.94 -85.55
N PHE WA 455 61.06 65.16 -86.05
CA PHE WA 455 61.37 63.88 -85.41
C PHE WA 455 61.74 64.01 -83.94
N ALA WA 456 62.36 65.12 -83.55
CA ALA WA 456 62.73 65.33 -82.14
C ALA WA 456 61.52 65.61 -81.23
N GLY WA 457 60.50 66.28 -81.77
CA GLY WA 457 59.24 66.46 -81.07
C GLY WA 457 58.71 67.88 -80.94
N ALA WA 458 59.55 68.88 -81.22
CA ALA WA 458 59.14 70.26 -81.04
C ALA WA 458 60.03 71.22 -81.82
N ASN WA 459 59.52 72.41 -82.11
CA ASN WA 459 60.26 73.40 -82.87
C ASN WA 459 60.68 74.54 -81.96
N PRO WA 460 61.92 75.01 -82.12
CA PRO WA 460 62.35 76.27 -81.52
C PRO WA 460 61.75 77.43 -82.31
N ASN WA 461 61.78 78.63 -81.75
CA ASN WA 461 61.24 79.78 -82.46
C ASN WA 461 62.33 80.47 -83.30
N THR WA 462 63.14 79.66 -83.95
CA THR WA 462 64.22 80.13 -84.80
C THR WA 462 64.27 79.21 -86.01
N ARG WA 463 65.19 79.48 -86.93
CA ARG WA 463 65.45 78.54 -88.01
C ARG WA 463 66.25 77.37 -87.42
N PHE WA 464 65.95 76.16 -87.89
CA PHE WA 464 66.60 74.96 -87.41
C PHE WA 464 66.49 73.96 -88.56
N SER WA 465 67.29 72.89 -88.52
CA SER WA 465 67.21 71.86 -89.54
C SER WA 465 67.05 70.49 -88.91
N LEU WA 466 65.81 70.02 -88.78
CA LEU WA 466 65.55 68.69 -88.23
C LEU WA 466 64.56 67.93 -89.11
N TYR WA 467 64.94 66.74 -89.56
CA TYR WA 467 64.10 65.89 -90.42
C TYR WA 467 62.63 65.89 -89.99
N SER WA 468 61.75 66.21 -90.93
CA SER WA 468 60.32 66.24 -90.63
C SER WA 468 59.54 66.24 -91.93
N ARG WA 469 58.23 66.41 -91.81
CA ARG WA 469 57.39 66.63 -92.99
C ARG WA 469 57.69 68.04 -93.53
N TRP WA 470 57.42 68.25 -94.81
CA TRP WA 470 57.85 69.48 -95.48
C TRP WA 470 56.76 69.98 -96.43
N MET WA 471 56.39 71.25 -96.32
CA MET WA 471 55.31 71.79 -97.12
C MET WA 471 55.73 73.03 -97.89
N ALA WA 472 55.16 73.21 -99.07
CA ALA WA 472 55.41 74.41 -99.86
C ALA WA 472 54.19 74.76 -100.68
N ILE WA 473 53.97 76.06 -100.90
CA ILE WA 473 52.88 76.51 -101.77
C ILE WA 473 53.52 76.94 -103.09
N LYS WA 474 53.02 76.40 -104.20
CA LYS WA 474 53.56 76.69 -105.53
C LYS WA 474 52.53 77.38 -106.42
N LEU WA 475 52.81 78.63 -106.75
CA LEU WA 475 52.02 79.39 -107.71
C LEU WA 475 52.65 79.33 -109.12
N ASP WA 476 51.85 79.10 -110.16
CA ASP WA 476 52.40 79.11 -111.54
C ASP WA 476 51.86 80.31 -112.34
N GLN WA 477 50.80 80.93 -111.83
CA GLN WA 477 50.18 82.07 -112.48
C GLN WA 477 49.91 83.16 -111.46
N ALA WA 478 50.94 83.46 -110.66
CA ALA WA 478 50.76 84.25 -109.47
C ALA WA 478 50.26 85.66 -109.77
N LYS WA 479 50.60 86.16 -110.95
CA LYS WA 479 50.19 87.51 -111.31
C LYS WA 479 48.67 87.58 -111.52
N SER WA 480 48.03 86.42 -111.69
CA SER WA 480 46.58 86.36 -111.84
C SER WA 480 45.89 86.33 -110.49
N ILE WA 481 46.65 86.39 -109.41
CA ILE WA 481 46.07 86.36 -108.06
C ILE WA 481 46.16 87.72 -107.36
N LYS WA 482 45.03 88.25 -106.92
CA LYS WA 482 45.06 89.56 -106.24
C LYS WA 482 45.50 89.39 -104.81
N VAL WA 483 45.07 88.29 -104.19
CA VAL WA 483 45.47 87.93 -102.82
C VAL WA 483 45.36 86.42 -102.53
N LEU WA 484 46.37 85.89 -101.87
CA LEU WA 484 46.34 84.52 -101.38
C LEU WA 484 46.35 84.64 -99.87
N ARG WA 485 45.25 84.25 -99.22
CA ARG WA 485 45.18 84.33 -97.77
C ARG WA 485 45.29 82.95 -97.18
N VAL WA 486 46.11 82.83 -96.13
CA VAL WA 486 46.25 81.56 -95.40
C VAL WA 486 45.77 81.67 -93.95
N LEU WA 487 44.65 80.99 -93.65
CA LEU WA 487 44.16 80.91 -92.28
C LEU WA 487 44.54 79.59 -91.64
N CYS WA 488 44.72 79.59 -90.32
CA CYS WA 488 45.00 78.34 -89.63
C CYS WA 488 44.13 78.21 -88.37
N LYS WA 489 43.99 76.97 -87.91
CA LYS WA 489 43.21 76.63 -86.72
C LYS WA 489 43.90 75.45 -86.07
N PRO WA 490 44.57 75.71 -84.93
CA PRO WA 490 45.34 74.66 -84.25
C PRO WA 490 44.43 73.52 -83.78
N ARG WA 491 44.81 72.29 -84.11
CA ARG WA 491 44.16 71.11 -83.57
C ARG WA 491 44.42 71.00 -82.08
N PRO WA 492 43.44 70.48 -81.34
CA PRO WA 492 43.50 70.38 -79.89
C PRO WA 492 44.80 69.74 -79.46
N GLY WA 493 45.43 70.29 -78.45
CA GLY WA 493 46.66 69.73 -77.94
C GLY WA 493 47.91 70.37 -78.52
N PHE WA 494 47.75 71.53 -79.15
CA PHE WA 494 48.91 72.27 -79.61
C PHE WA 494 49.67 72.73 -78.38
N SER WA 495 50.94 72.32 -78.29
CA SER WA 495 51.70 72.46 -77.05
C SER WA 495 52.87 73.46 -77.08
N PHE WA 496 53.04 74.16 -75.95
CA PHE WA 496 54.12 75.14 -75.79
C PHE WA 496 54.98 74.76 -74.61
N TYR WA 497 56.29 74.92 -74.76
CA TYR WA 497 57.24 74.54 -73.73
C TYR WA 497 58.11 75.72 -73.34
N GLY WA 498 58.22 75.96 -72.03
CA GLY WA 498 59.15 76.95 -71.51
C GLY WA 498 58.82 78.42 -71.77
N ARG WA 499 58.02 79.00 -70.88
CA ARG WA 499 57.62 80.40 -71.05
C ARG WA 499 58.83 81.33 -71.07
N THR WA 500 58.79 82.29 -71.98
CA THR WA 500 59.86 83.25 -72.15
C THR WA 500 59.28 84.53 -72.77
N SER WA 501 60.15 85.34 -73.38
CA SER WA 501 59.70 86.60 -74.00
C SER WA 501 60.35 86.82 -75.35
N PHE WA 502 59.94 87.88 -76.01
CA PHE WA 502 60.33 88.13 -77.38
C PHE WA 502 60.32 89.61 -77.71
N PRO WA 503 61.47 90.25 -77.56
CA PRO WA 503 61.61 91.66 -77.92
C PRO WA 503 61.78 91.85 -79.43
N VAL WA 504 61.06 92.82 -79.98
CA VAL WA 504 61.20 93.24 -81.38
C VAL WA 504 61.16 94.76 -81.48
N GLY XA 1 60.93 14.01 -96.04
CA GLY XA 1 62.06 13.30 -96.58
C GLY XA 1 62.91 14.14 -97.52
N LEU XA 2 64.05 13.61 -97.91
CA LEU XA 2 64.91 14.35 -98.82
C LEU XA 2 64.18 14.55 -100.14
N ALA XA 3 64.06 15.80 -100.54
CA ALA XA 3 63.23 16.17 -101.68
C ALA XA 3 64.06 16.57 -102.90
N GLY XA 4 65.24 17.13 -102.63
CA GLY XA 4 66.13 17.58 -103.69
C GLY XA 4 67.50 17.89 -103.14
N ARG XA 5 68.49 18.02 -104.03
CA ARG XA 5 69.86 18.29 -103.60
C ARG XA 5 70.66 19.03 -104.65
N GLY XA 6 71.81 19.51 -104.25
CA GLY XA 6 72.67 20.27 -105.13
C GLY XA 6 74.05 20.44 -104.52
N VAL XA 7 74.99 20.96 -105.29
CA VAL XA 7 76.35 21.08 -104.82
C VAL XA 7 76.89 22.50 -105.04
N ILE XA 8 77.55 23.04 -104.04
CA ILE XA 8 78.22 24.33 -104.19
C ILE XA 8 79.71 24.08 -104.20
N TYR XA 9 80.39 24.71 -105.16
CA TYR XA 9 81.84 24.54 -105.23
C TYR XA 9 82.59 25.69 -104.58
N ILE XA 10 83.42 25.34 -103.59
CA ILE XA 10 84.24 26.30 -102.90
C ILE XA 10 85.65 26.23 -103.46
N PRO XA 11 86.21 27.37 -103.91
CA PRO XA 11 87.62 27.47 -104.33
C PRO XA 11 88.56 27.44 -103.11
N LYS XA 12 89.81 27.03 -103.34
CA LYS XA 12 90.75 26.96 -102.23
C LYS XA 12 90.99 28.34 -101.64
N ASP XA 13 91.24 29.33 -102.49
CA ASP XA 13 91.26 30.71 -102.01
C ASP XA 13 89.86 31.33 -102.10
N CYS XA 14 89.13 31.30 -100.99
CA CYS XA 14 87.76 31.79 -101.00
C CYS XA 14 87.67 33.19 -100.37
N GLN XA 15 87.92 34.21 -101.20
CA GLN XA 15 87.97 35.61 -100.78
C GLN XA 15 86.60 36.21 -100.48
N ALA XA 16 86.55 37.31 -99.73
CA ALA XA 16 85.26 37.96 -99.48
C ALA XA 16 84.56 38.40 -100.78
N ASN XA 17 83.23 38.26 -100.80
CA ASN XA 17 82.40 38.71 -101.92
C ASN XA 17 82.40 37.76 -103.11
N ARG XA 18 83.07 36.63 -102.95
CA ARG XA 18 83.16 35.62 -103.98
C ARG XA 18 81.81 34.98 -104.19
N TYR XA 19 81.41 34.90 -105.45
CA TYR XA 19 80.15 34.26 -105.80
C TYR XA 19 80.39 32.77 -105.96
N LEU XA 20 79.60 31.94 -105.29
CA LEU XA 20 79.88 30.51 -105.27
C LEU XA 20 78.94 29.70 -106.16
N GLY XA 21 77.74 30.24 -106.39
CA GLY XA 21 76.79 29.60 -107.26
C GLY XA 21 75.36 29.84 -106.86
N THR XA 22 74.44 29.46 -107.74
CA THR XA 22 73.03 29.54 -107.45
C THR XA 22 72.37 28.19 -107.67
N LEU XA 23 71.55 27.76 -106.73
CA LEU XA 23 70.77 26.55 -106.92
C LEU XA 23 69.35 26.94 -107.20
N ASN XA 24 68.73 26.27 -108.15
CA ASN XA 24 67.34 26.52 -108.46
C ASN XA 24 66.45 25.54 -107.67
N ILE XA 25 65.67 26.05 -106.72
CA ILE XA 25 64.93 25.19 -105.81
C ILE XA 25 64.06 24.18 -106.53
N ARG XA 26 63.41 24.59 -107.62
CA ARG XA 26 62.51 23.64 -108.28
C ARG XA 26 63.30 22.60 -109.07
N ASP XA 27 64.40 23.02 -109.69
CA ASP XA 27 65.31 22.08 -110.35
C ASP XA 27 65.96 21.07 -109.38
N MET XA 28 66.29 21.50 -108.16
CA MET XA 28 66.81 20.57 -107.15
C MET XA 28 65.85 19.41 -106.91
N ILE XA 29 64.55 19.73 -106.86
CA ILE XA 29 63.53 18.74 -106.58
C ILE XA 29 63.24 17.88 -107.81
N SER XA 30 63.23 18.51 -108.98
CA SER XA 30 62.90 17.79 -110.22
C SER XA 30 64.06 16.94 -110.80
N ASP XA 31 65.30 17.37 -110.58
CA ASP XA 31 66.46 16.61 -111.05
C ASP XA 31 66.66 15.39 -110.16
N PHE XA 32 66.27 15.52 -108.91
CA PHE XA 32 66.36 14.43 -107.95
C PHE XA 32 65.28 13.36 -108.28
N LYS XA 33 64.01 13.75 -108.18
CA LYS XA 33 62.94 13.03 -108.89
C LYS XA 33 62.73 11.57 -108.46
N GLY XA 34 62.75 11.24 -107.17
CA GLY XA 34 62.33 12.09 -106.07
C GLY XA 34 60.99 11.50 -105.65
N VAL XA 35 60.88 10.86 -104.48
CA VAL XA 35 59.55 10.49 -103.98
C VAL XA 35 58.67 11.72 -103.81
N GLN XA 36 59.27 12.79 -103.32
CA GLN XA 36 58.55 14.05 -103.10
C GLN XA 36 58.20 14.70 -104.42
N TYR XA 37 59.12 14.68 -105.39
CA TYR XA 37 58.82 15.20 -106.73
C TYR XA 37 57.58 14.53 -107.31
N GLU XA 38 57.50 13.22 -107.18
CA GLU XA 38 56.37 12.49 -107.71
C GLU XA 38 55.08 12.78 -106.95
N LYS XA 39 55.14 12.98 -105.64
CA LYS XA 39 53.96 13.40 -104.90
C LYS XA 39 53.49 14.77 -105.38
N TRP XA 40 54.44 15.59 -105.82
CA TRP XA 40 54.19 16.96 -106.26
C TRP XA 40 53.37 16.97 -107.55
N ILE XA 41 53.77 16.16 -108.51
CA ILE XA 41 53.03 16.03 -109.76
C ILE XA 41 51.55 15.76 -109.53
N THR XA 42 51.23 14.97 -108.51
CA THR XA 42 49.83 14.63 -108.24
C THR XA 42 49.10 15.76 -107.52
N ALA XA 43 49.80 16.44 -106.64
CA ALA XA 43 49.22 17.55 -105.93
C ALA XA 43 48.94 18.70 -106.88
N GLY XA 44 49.81 18.90 -107.86
CA GLY XA 44 49.75 20.08 -108.69
C GLY XA 44 50.39 21.27 -108.02
N LEU XA 45 49.77 21.75 -106.95
CA LEU XA 45 50.29 22.89 -106.18
C LEU XA 45 50.84 22.48 -104.83
N VAL XA 46 52.01 23.00 -104.45
CA VAL XA 46 52.56 22.76 -103.11
C VAL XA 46 53.00 24.06 -102.43
N MET XA 47 52.77 24.16 -101.11
CA MET XA 47 53.23 25.31 -100.32
C MET XA 47 54.17 24.87 -99.21
N PRO XA 48 55.31 24.27 -99.58
CA PRO XA 48 56.12 23.49 -98.65
C PRO XA 48 56.62 24.25 -97.42
N THR XA 49 56.89 23.51 -96.35
CA THR XA 49 57.82 23.99 -95.35
C THR XA 49 59.10 23.20 -95.52
N PHE XA 50 60.15 23.88 -96.00
CA PHE XA 50 61.42 23.23 -96.28
C PHE XA 50 62.32 23.28 -95.07
N LYS XA 51 63.11 22.23 -94.88
CA LYS XA 51 64.27 22.30 -94.02
C LYS XA 51 65.43 22.28 -94.97
N ILE XA 52 66.22 23.36 -94.97
CA ILE XA 52 67.42 23.38 -95.79
C ILE XA 52 68.60 22.97 -94.94
N VAL XA 53 69.40 22.04 -95.45
CA VAL XA 53 70.59 21.60 -94.75
C VAL XA 53 71.80 21.75 -95.67
N ILE XA 54 72.82 22.46 -95.20
CA ILE XA 54 74.06 22.57 -95.94
C ILE XA 54 75.13 21.76 -95.25
N ARG XA 55 75.60 20.70 -95.90
CA ARG XA 55 76.65 19.85 -95.34
C ARG XA 55 78.04 20.30 -95.74
N LEU XA 56 78.91 20.33 -94.75
CA LEU XA 56 79.94 21.34 -94.70
C LEU XA 56 80.83 20.87 -93.58
N PRO XA 57 82.11 20.62 -93.86
CA PRO XA 57 83.00 20.17 -92.78
C PRO XA 57 83.38 21.31 -91.82
N ALA XA 58 83.06 21.13 -90.55
CA ALA XA 58 83.32 22.17 -89.56
C ALA XA 58 84.82 22.44 -89.44
N ASN XA 59 85.19 23.71 -89.36
CA ASN XA 59 86.58 24.07 -89.22
C ASN XA 59 86.77 25.41 -88.55
N ALA XA 60 87.55 25.44 -87.48
CA ALA XA 60 87.73 26.68 -86.74
C ALA XA 60 88.96 27.46 -87.18
N PHE XA 61 89.63 27.01 -88.24
CA PHE XA 61 90.92 27.57 -88.58
C PHE XA 61 90.93 28.35 -89.89
N THR XA 62 89.76 28.77 -90.36
CA THR XA 62 89.67 29.43 -91.65
C THR XA 62 89.16 30.85 -91.58
N GLY XA 63 88.13 31.08 -90.76
CA GLY XA 63 87.52 32.39 -90.65
C GLY XA 63 86.39 32.58 -91.66
N LEU XA 64 86.16 31.55 -92.46
CA LEU XA 64 85.16 31.61 -93.53
C LEU XA 64 83.74 31.75 -93.01
N THR XA 65 83.01 32.71 -93.57
CA THR XA 65 81.58 32.85 -93.32
C THR XA 65 80.87 33.06 -94.66
N TRP XA 66 79.83 32.28 -94.91
CA TRP XA 66 79.08 32.37 -96.16
C TRP XA 66 77.69 32.91 -95.91
N VAL XA 67 77.02 33.36 -96.97
CA VAL XA 67 75.63 33.74 -96.87
C VAL XA 67 74.78 32.95 -97.88
N MET XA 68 73.73 32.29 -97.37
CA MET XA 68 72.70 31.73 -98.23
C MET XA 68 71.57 32.75 -98.31
N SER XA 69 71.26 33.18 -99.53
CA SER XA 69 70.23 34.18 -99.78
C SER XA 69 69.06 33.52 -100.48
N PHE XA 70 67.88 33.62 -99.88
CA PHE XA 70 66.65 33.11 -100.49
C PHE XA 70 66.02 34.17 -101.40
N ASP XA 71 66.18 33.97 -102.70
CA ASP XA 71 65.71 34.95 -103.69
C ASP XA 71 64.56 34.36 -104.47
N ALA XA 72 63.36 34.37 -103.90
CA ALA XA 72 62.26 33.64 -104.51
C ALA XA 72 61.80 34.29 -105.81
N TYR XA 73 62.12 35.57 -105.98
CA TYR XA 73 61.60 36.31 -107.13
C TYR XA 73 62.69 36.80 -108.06
N ASN XA 74 63.86 36.20 -107.91
CA ASN XA 74 64.97 36.40 -108.84
C ASN XA 74 65.35 37.85 -109.00
N ARG XA 75 65.50 38.55 -107.89
CA ARG XA 75 65.70 39.99 -107.90
C ARG XA 75 67.16 40.42 -107.87
N ILE XA 76 68.01 39.65 -107.18
CA ILE XA 76 69.43 40.02 -107.10
C ILE XA 76 70.37 39.15 -107.94
N THR XA 77 69.85 38.14 -108.62
CA THR XA 77 70.73 37.20 -109.32
C THR XA 77 71.60 37.87 -110.36
N SER XA 78 71.01 38.81 -111.07
CA SER XA 78 71.68 39.56 -112.13
C SER XA 78 72.92 40.33 -111.65
N ARG XA 79 72.92 40.79 -110.40
CA ARG XA 79 73.95 41.72 -109.97
C ARG XA 79 75.05 41.07 -109.14
N ILE XA 80 74.93 39.77 -108.91
CA ILE XA 80 75.89 39.12 -108.03
C ILE XA 80 76.74 38.03 -108.65
N THR XA 81 76.63 37.79 -109.96
CA THR XA 81 77.35 36.65 -110.52
C THR XA 81 78.84 36.84 -110.83
N ALA XA 82 79.30 38.07 -110.96
CA ALA XA 82 80.73 38.29 -111.14
C ALA XA 82 81.36 38.55 -109.80
N SER XA 83 80.67 39.36 -109.01
CA SER XA 83 81.06 39.65 -107.64
C SER XA 83 79.82 39.94 -106.81
N ALA XA 84 79.83 39.55 -105.54
CA ALA XA 84 78.63 39.60 -104.72
C ALA XA 84 78.71 40.59 -103.57
N ASP XA 85 78.26 41.81 -103.79
CA ASP XA 85 78.30 42.81 -102.73
C ASP XA 85 77.36 42.39 -101.59
N PRO XA 86 77.87 42.42 -100.35
CA PRO XA 86 76.98 42.07 -99.26
C PRO XA 86 75.67 42.87 -99.26
N VAL XA 87 75.67 44.09 -99.80
CA VAL XA 87 74.43 44.89 -99.84
C VAL XA 87 73.34 44.17 -100.60
N TYR XA 88 73.71 43.51 -101.70
CA TYR XA 88 72.74 42.67 -102.42
C TYR XA 88 72.37 41.41 -101.63
N THR XA 89 73.37 40.66 -101.20
CA THR XA 89 73.15 39.33 -100.64
C THR XA 89 72.37 39.40 -99.34
N LEU XA 90 72.44 40.54 -98.65
CA LEU XA 90 71.74 40.69 -97.39
C LEU XA 90 70.39 41.41 -97.50
N SER XA 91 70.01 41.75 -98.72
CA SER XA 91 68.80 42.55 -98.95
C SER XA 91 67.56 41.67 -99.11
N VAL XA 92 67.77 40.37 -99.16
CA VAL XA 92 66.67 39.43 -99.19
C VAL XA 92 66.80 38.49 -98.00
N PRO XA 93 65.76 37.70 -97.69
CA PRO XA 93 65.91 36.77 -96.56
C PRO XA 93 67.18 35.94 -96.71
N HIS XA 94 67.94 35.81 -95.63
CA HIS XA 94 69.26 35.19 -95.70
C HIS XA 94 69.70 34.61 -94.37
N TRP XA 95 70.74 33.78 -94.43
CA TRP XA 95 71.28 33.13 -93.24
C TRP XA 95 72.80 33.15 -93.26
N LEU XA 96 73.42 33.44 -92.11
CA LEU XA 96 74.86 33.37 -92.00
C LEU XA 96 75.31 31.94 -91.75
N ILE XA 97 76.28 31.49 -92.52
CA ILE XA 97 76.81 30.15 -92.34
C ILE XA 97 78.25 30.24 -91.85
N HIS XA 98 78.47 29.94 -90.57
CA HIS XA 98 79.81 30.03 -90.02
C HIS XA 98 80.54 28.70 -90.15
N HIS XA 99 81.77 28.76 -90.65
CA HIS XA 99 82.55 27.55 -90.91
C HIS XA 99 82.88 26.84 -89.61
N LYS XA 100 83.08 27.60 -88.54
CA LYS XA 100 83.36 26.96 -87.25
C LYS XA 100 82.22 26.06 -86.74
N LEU XA 101 80.98 26.31 -87.17
CA LEU XA 101 79.83 25.55 -86.70
C LEU XA 101 79.51 24.31 -87.54
N GLY XA 102 80.21 24.15 -88.65
CA GLY XA 102 80.00 23.03 -89.55
C GLY XA 102 78.62 23.01 -90.19
N THR XA 103 78.03 21.82 -90.24
CA THR XA 103 76.77 21.62 -90.94
C THR XA 103 75.66 22.55 -90.44
N PHE XA 104 74.98 23.18 -91.39
CA PHE XA 104 74.04 24.26 -91.10
C PHE XA 104 72.65 23.84 -91.49
N SER XA 105 71.67 24.33 -90.75
CA SER XA 105 70.27 24.02 -91.06
C SER XA 105 69.34 25.20 -90.75
N CYS XA 106 68.27 25.33 -91.54
CA CYS XA 106 67.23 26.31 -91.23
C CYS XA 106 65.90 25.92 -91.85
N GLU XA 107 64.82 26.58 -91.42
CA GLU XA 107 63.50 26.33 -91.99
C GLU XA 107 63.06 27.48 -92.87
N ILE XA 108 62.43 27.13 -93.98
CA ILE XA 108 61.87 28.12 -94.85
C ILE XA 108 60.41 27.77 -94.98
N ASP XA 109 59.55 28.60 -94.38
CA ASP XA 109 58.11 28.45 -94.62
C ASP XA 109 57.78 29.17 -95.91
N TYR XA 110 57.62 28.40 -96.98
CA TYR XA 110 57.50 28.96 -98.30
C TYR XA 110 56.26 29.83 -98.36
N GLY XA 111 55.27 29.53 -97.53
CA GLY XA 111 54.08 30.36 -97.41
C GLY XA 111 54.35 31.80 -97.00
N GLU XA 112 55.30 31.99 -96.08
CA GLU XA 112 55.69 33.32 -95.63
C GLU XA 112 56.77 33.95 -96.53
N LEU XA 113 57.94 33.30 -96.61
CA LEU XA 113 59.07 33.86 -97.34
C LEU XA 113 58.83 34.04 -98.83
N CYS XA 114 57.89 33.28 -99.38
CA CYS XA 114 57.61 33.40 -100.79
C CYS XA 114 56.20 33.92 -101.09
N GLY XA 115 55.17 33.23 -100.63
CA GLY XA 115 53.81 33.73 -100.77
C GLY XA 115 52.91 33.08 -101.81
N HIS XA 116 53.48 32.50 -102.86
CA HIS XA 116 52.67 31.78 -103.83
C HIS XA 116 53.07 30.30 -103.95
N ALA XA 117 52.08 29.46 -104.23
CA ALA XA 117 52.32 28.03 -104.31
C ALA XA 117 53.03 27.60 -105.61
N MET XA 118 53.83 26.54 -105.51
CA MET XA 118 54.62 26.06 -106.65
C MET XA 118 53.89 25.06 -107.55
N TRP XA 119 53.90 25.35 -108.85
CA TRP XA 119 53.22 24.54 -109.83
C TRP XA 119 54.19 23.54 -110.41
N PHE XA 120 53.79 22.27 -110.41
CA PHE XA 120 54.71 21.18 -110.75
C PHE XA 120 55.33 21.28 -112.14
N LYS XA 121 54.58 21.81 -113.10
CA LYS XA 121 55.02 21.72 -114.50
C LYS XA 121 55.86 22.89 -115.01
N SER XA 122 55.75 24.03 -114.34
CA SER XA 122 56.47 25.22 -114.79
C SER XA 122 56.48 26.32 -113.75
N THR XA 123 57.45 27.20 -113.89
CA THR XA 123 57.53 28.37 -113.04
C THR XA 123 56.30 29.26 -113.29
N THR XA 124 55.66 29.74 -112.22
CA THR XA 124 54.52 30.63 -112.35
C THR XA 124 54.98 32.06 -112.57
N PHE XA 125 55.61 32.64 -111.56
CA PHE XA 125 56.10 34.00 -111.73
C PHE XA 125 57.56 34.04 -112.10
N GLU XA 126 58.42 34.02 -111.11
CA GLU XA 126 59.81 33.78 -111.41
C GLU XA 126 60.27 32.54 -110.67
N SER XA 127 61.41 32.01 -111.08
CA SER XA 127 61.95 30.76 -110.55
C SER XA 127 62.80 30.99 -109.29
N PRO XA 128 62.37 30.40 -108.14
CA PRO XA 128 62.97 30.59 -106.81
C PRO XA 128 64.41 30.07 -106.70
N ARG XA 129 65.35 30.92 -106.26
CA ARG XA 129 66.75 30.55 -106.19
C ARG XA 129 67.35 30.63 -104.79
N LEU XA 130 68.36 29.80 -104.54
CA LEU XA 130 69.23 29.97 -103.38
C LEU XA 130 70.61 30.40 -103.85
N HIS XA 131 71.10 31.54 -103.37
CA HIS XA 131 72.42 32.01 -103.75
C HIS XA 131 73.40 31.76 -102.63
N PHE XA 132 74.60 31.30 -103.00
CA PHE XA 132 75.68 31.09 -102.04
C PHE XA 132 76.89 31.98 -102.29
N THR XA 133 77.14 32.88 -101.34
CA THR XA 133 78.21 33.85 -101.49
C THR XA 133 79.11 33.82 -100.26
N CYS XA 134 80.32 34.30 -100.42
CA CYS XA 134 81.22 34.38 -99.29
C CYS XA 134 81.22 35.78 -98.65
N LEU XA 135 80.90 35.85 -97.36
CA LEU XA 135 80.75 37.14 -96.66
C LEU XA 135 82.07 37.63 -96.10
N THR XA 136 82.78 36.73 -95.41
CA THR XA 136 84.13 36.99 -94.92
C THR XA 136 85.02 35.87 -95.44
N GLY XA 137 86.19 36.23 -95.98
CA GLY XA 137 87.09 35.28 -96.61
C GLY XA 137 87.95 34.47 -95.66
N ASN XA 138 88.63 33.45 -96.19
CA ASN XA 138 89.54 32.66 -95.37
C ASN XA 138 90.80 33.46 -95.11
N ASN XA 139 91.45 33.18 -93.97
CA ASN XA 139 92.58 33.97 -93.52
C ASN XA 139 93.79 33.76 -94.40
N LYS XA 140 93.87 32.56 -94.97
CA LYS XA 140 94.87 32.15 -95.95
C LYS XA 140 94.16 31.06 -96.76
N GLU XA 141 94.63 30.81 -97.97
CA GLU XA 141 93.95 29.82 -98.79
C GLU XA 141 94.02 28.46 -98.11
N LEU XA 142 93.06 27.61 -98.41
CA LEU XA 142 93.10 26.22 -97.92
C LEU XA 142 94.00 25.31 -98.81
N ALA XA 143 94.04 24.03 -98.50
CA ALA XA 143 94.94 23.14 -99.22
C ALA XA 143 94.48 22.83 -100.65
N ALA XA 144 93.17 22.75 -100.85
CA ALA XA 144 92.64 22.41 -102.16
C ALA XA 144 91.20 22.85 -102.34
N ASP XA 145 90.72 22.85 -103.57
CA ASP XA 145 89.30 23.09 -103.84
C ASP XA 145 88.45 22.03 -103.13
N TRP XA 146 87.25 22.41 -102.72
CA TRP XA 146 86.33 21.45 -102.12
C TRP XA 146 84.89 21.77 -102.48
N GLN XA 147 83.96 21.00 -101.91
CA GLN XA 147 82.53 21.27 -102.15
C GLN XA 147 81.67 21.11 -100.90
N ALA XA 148 80.50 21.72 -100.94
CA ALA XA 148 79.52 21.53 -99.89
C ALA XA 148 78.26 21.01 -100.54
N VAL XA 149 77.46 20.26 -99.79
CA VAL XA 149 76.22 19.71 -100.32
C VAL XA 149 75.02 20.43 -99.74
N VAL XA 150 74.09 20.84 -100.59
CA VAL XA 150 72.85 21.48 -100.12
C VAL XA 150 71.68 20.51 -100.27
N GLU XA 151 70.88 20.35 -99.20
CA GLU XA 151 69.77 19.39 -99.24
C GLU XA 151 68.45 20.02 -98.84
N LEU XA 152 67.38 19.70 -99.58
CA LEU XA 152 66.02 20.15 -99.26
C LEU XA 152 65.21 19.01 -98.68
N TYR XA 153 64.73 19.17 -97.46
CA TYR XA 153 63.86 18.18 -96.84
C TYR XA 153 62.47 18.77 -96.73
N ALA XA 154 61.47 17.96 -97.09
CA ALA XA 154 60.09 18.44 -97.05
C ALA XA 154 59.13 17.26 -97.15
N GLU XA 155 57.94 17.43 -96.60
CA GLU XA 155 56.88 16.47 -96.86
C GLU XA 155 55.82 17.20 -97.65
N LEU XA 156 55.94 17.17 -98.96
CA LEU XA 156 55.03 17.90 -99.83
C LEU XA 156 53.60 17.38 -99.78
N GLU XA 157 52.67 18.29 -99.54
CA GLU XA 157 51.27 17.96 -99.67
C GLU XA 157 50.53 18.99 -100.52
N GLU XA 158 49.41 18.58 -101.10
CA GLU XA 158 48.66 19.46 -101.98
C GLU XA 158 48.27 20.77 -101.30
N ALA XA 159 48.51 21.87 -102.00
CA ALA XA 159 48.17 23.20 -101.51
C ALA XA 159 46.70 23.52 -101.76
N THR XA 160 46.06 24.06 -100.72
CA THR XA 160 44.64 24.33 -100.76
C THR XA 160 44.35 25.68 -101.45
N SER XA 161 45.26 26.65 -101.33
CA SER XA 161 45.10 27.99 -101.90
C SER XA 161 46.31 28.38 -102.72
N PHE XA 162 46.15 29.35 -103.62
CA PHE XA 162 47.28 29.82 -104.42
C PHE XA 162 48.18 30.70 -103.58
N LEU XA 163 47.56 31.54 -102.75
CA LEU XA 163 48.30 32.55 -102.02
C LEU XA 163 48.55 32.11 -100.58
N GLY XA 164 49.71 32.50 -100.05
CA GLY XA 164 50.07 32.29 -98.66
C GLY XA 164 49.35 33.27 -97.75
N LYS XA 165 49.89 33.48 -96.55
CA LYS XA 165 49.39 34.54 -95.69
C LYS XA 165 50.33 35.71 -95.93
N PRO XA 166 49.78 36.93 -95.96
CA PRO XA 166 50.58 38.11 -96.29
C PRO XA 166 51.61 38.39 -95.21
N THR XA 167 52.87 38.50 -95.62
CA THR XA 167 53.97 38.94 -94.79
C THR XA 167 53.72 40.33 -94.17
N LEU XA 168 53.03 41.22 -94.89
CA LEU XA 168 52.85 42.61 -94.44
C LEU XA 168 51.53 43.20 -94.92
N VAL XA 169 50.89 43.98 -94.08
CA VAL XA 169 49.68 44.69 -94.51
C VAL XA 169 49.89 46.18 -94.33
N PHE XA 170 49.58 46.95 -95.37
CA PHE XA 170 49.94 48.36 -95.37
C PHE XA 170 49.23 49.16 -94.29
N ASP XA 171 50.05 49.88 -93.51
CA ASP XA 171 49.60 50.74 -92.42
C ASP XA 171 50.72 51.73 -92.08
N PRO XA 172 50.45 53.03 -92.33
CA PRO XA 172 51.39 54.14 -92.19
C PRO XA 172 51.83 54.27 -90.76
N GLY XA 173 50.87 54.09 -89.85
CA GLY XA 173 51.09 54.33 -88.45
C GLY XA 173 51.65 53.11 -87.72
N VAL XA 174 52.16 52.14 -88.47
CA VAL XA 174 52.67 50.93 -87.85
C VAL XA 174 54.01 50.41 -88.38
N PHE XA 175 55.01 50.76 -87.59
CA PHE XA 175 56.37 50.24 -87.60
C PHE XA 175 56.66 49.95 -86.14
N ASN XA 176 56.59 48.69 -85.75
CA ASN XA 176 56.81 48.27 -84.36
C ASN XA 176 58.15 48.72 -83.79
N GLY XA 177 59.24 48.38 -84.49
CA GLY XA 177 60.57 48.59 -83.98
C GLY XA 177 61.34 47.28 -83.97
N LYS XA 178 60.65 46.18 -84.27
CA LYS XA 178 61.29 44.88 -84.43
C LYS XA 178 61.68 44.66 -85.91
N PHE XA 179 62.83 44.04 -86.15
CA PHE XA 179 63.31 43.78 -87.51
C PHE XA 179 63.53 42.29 -87.74
N GLN XA 180 63.45 41.87 -89.01
CA GLN XA 180 63.99 40.57 -89.39
C GLN XA 180 64.96 40.78 -90.54
N PHE XA 181 65.95 39.91 -90.63
CA PHE XA 181 66.93 39.94 -91.70
C PHE XA 181 67.65 41.27 -91.90
N LEU XA 182 67.90 41.98 -90.80
CA LEU XA 182 68.68 43.21 -90.86
C LEU XA 182 70.13 42.94 -90.46
N THR XA 183 70.98 42.74 -91.45
CA THR XA 183 72.39 42.39 -91.24
C THR XA 183 73.24 43.46 -91.90
N CYS XA 184 74.19 43.99 -91.15
CA CYS XA 184 75.08 45.02 -91.67
C CYS XA 184 76.22 44.35 -92.36
N PRO XA 185 76.65 44.89 -93.51
CA PRO XA 185 77.88 44.38 -94.15
C PRO XA 185 79.04 44.37 -93.16
N PRO XA 186 79.98 43.45 -93.40
CA PRO XA 186 81.10 43.22 -92.48
C PRO XA 186 81.92 44.45 -92.26
N ILE XA 187 82.34 44.63 -91.01
CA ILE XA 187 83.22 45.70 -90.57
C ILE XA 187 84.60 45.08 -90.37
N PHE XA 188 85.67 45.75 -90.80
CA PHE XA 188 87.00 45.13 -90.72
C PHE XA 188 87.99 45.86 -89.85
N PHE XA 189 88.78 45.11 -89.07
CA PHE XA 189 89.86 45.69 -88.27
C PHE XA 189 91.22 45.18 -88.72
N ASP XA 190 92.17 46.09 -88.90
CA ASP XA 190 93.54 45.73 -89.29
C ASP XA 190 94.28 45.31 -88.05
N LEU XA 191 95.19 44.35 -88.17
CA LEU XA 191 95.97 43.97 -87.01
C LEU XA 191 97.25 44.78 -86.91
N THR XA 192 97.45 45.66 -87.88
CA THR XA 192 98.60 46.56 -87.86
C THR XA 192 98.26 47.84 -87.14
N ALA XA 193 97.19 47.81 -86.35
CA ALA XA 193 96.74 49.00 -85.64
C ALA XA 193 96.46 48.72 -84.18
N VAL XA 194 97.09 49.48 -83.31
CA VAL XA 194 96.98 49.22 -81.88
C VAL XA 194 95.57 49.50 -81.33
N THR XA 195 94.93 50.54 -81.86
CA THR XA 195 93.49 50.74 -81.62
C THR XA 195 92.81 51.17 -82.91
N ALA XA 196 91.48 51.17 -82.91
CA ALA XA 196 90.77 51.59 -84.11
C ALA XA 196 89.31 51.83 -83.87
N LEU XA 197 88.71 52.63 -84.75
CA LEU XA 197 87.29 52.87 -84.66
C LEU XA 197 86.61 52.47 -85.95
N ARG XA 198 85.44 51.83 -85.83
CA ARG XA 198 84.59 51.63 -86.99
C ARG XA 198 83.19 52.08 -86.67
N SER XA 199 82.65 52.99 -87.48
CA SER XA 199 81.29 53.47 -87.27
C SER XA 199 80.27 52.71 -88.11
N ALA XA 200 79.10 52.50 -87.52
CA ALA XA 200 77.94 52.03 -88.25
C ALA XA 200 76.86 53.05 -88.09
N GLY XA 201 76.35 53.56 -89.20
CA GLY XA 201 75.33 54.58 -89.13
C GLY XA 201 74.02 54.02 -88.62
N LEU XA 202 73.28 54.84 -87.87
CA LEU XA 202 72.00 54.38 -87.33
C LEU XA 202 70.82 55.07 -88.02
N THR XA 203 71.12 55.73 -89.15
CA THR XA 203 70.09 56.35 -89.96
C THR XA 203 69.48 55.31 -90.89
N LEU XA 204 68.70 54.39 -90.30
CA LEU XA 204 68.29 53.14 -90.94
C LEU XA 204 67.30 53.26 -92.10
N GLY XA 205 66.72 54.43 -92.31
CA GLY XA 205 65.79 54.61 -93.42
C GLY XA 205 66.51 54.95 -94.71
N GLN XA 206 67.81 55.20 -94.61
CA GLN XA 206 68.63 55.52 -95.78
C GLN XA 206 68.65 54.30 -96.70
N VAL XA 207 68.51 54.52 -98.00
CA VAL XA 207 68.60 53.40 -98.94
C VAL XA 207 70.04 53.06 -99.29
N PRO XA 208 70.42 51.78 -99.13
CA PRO XA 208 71.80 51.31 -99.30
C PRO XA 208 72.21 51.37 -100.75
N MET XA 209 73.49 51.55 -101.04
CA MET XA 209 73.94 51.64 -102.42
C MET XA 209 75.13 50.78 -102.74
N VAL XA 210 75.23 50.41 -104.00
CA VAL XA 210 76.37 49.67 -104.53
C VAL XA 210 76.79 50.40 -105.78
N GLY XA 211 77.80 51.25 -105.63
CA GLY XA 211 78.15 52.16 -106.71
C GLY XA 211 77.03 53.15 -106.91
N THR XA 212 76.52 53.22 -108.15
CA THR XA 212 75.42 54.13 -108.43
C THR XA 212 74.05 53.45 -108.30
N THR XA 213 74.07 52.16 -107.97
CA THR XA 213 72.84 51.39 -107.86
C THR XA 213 72.18 51.48 -106.49
N LYS XA 214 70.93 51.93 -106.45
CA LYS XA 214 70.15 51.95 -105.21
C LYS XA 214 69.57 50.56 -104.97
N VAL XA 215 69.70 50.04 -103.76
CA VAL XA 215 69.11 48.75 -103.42
C VAL XA 215 67.99 48.92 -102.41
N TYR XA 216 66.77 49.14 -102.91
CA TYR XA 216 65.62 49.28 -102.03
C TYR XA 216 65.37 47.97 -101.31
N ASN XA 217 65.10 48.03 -100.02
CA ASN XA 217 64.77 46.83 -99.25
C ASN XA 217 63.74 47.11 -98.19
N LEU XA 218 63.11 46.04 -97.69
CA LEU XA 218 61.99 46.23 -96.78
C LEU XA 218 62.37 46.91 -95.46
N ASN XA 219 63.54 46.59 -94.91
CA ASN XA 219 63.92 47.21 -93.64
C ASN XA 219 64.06 48.73 -93.68
N SER XA 220 64.85 49.23 -94.63
CA SER XA 220 64.98 50.68 -94.75
C SER XA 220 63.64 51.30 -95.07
N THR XA 221 62.85 50.63 -95.90
CA THR XA 221 61.50 51.09 -96.18
C THR XA 221 60.64 51.22 -94.93
N LEU XA 222 60.68 50.23 -94.05
CA LEU XA 222 59.93 50.29 -92.80
C LEU XA 222 60.37 51.48 -91.97
N VAL XA 223 61.67 51.62 -91.75
CA VAL XA 223 62.17 52.74 -90.95
C VAL XA 223 61.69 54.08 -91.54
N SER XA 224 61.59 54.18 -92.85
CA SER XA 224 61.21 55.44 -93.47
C SER XA 224 59.78 55.82 -93.14
N CYS XA 225 59.02 54.87 -92.59
CA CYS XA 225 57.62 55.09 -92.22
C CYS XA 225 57.45 55.91 -90.97
N VAL XA 226 58.60 56.27 -90.40
CA VAL XA 226 58.68 57.02 -89.17
C VAL XA 226 59.59 58.24 -89.40
N LEU XA 227 59.48 59.27 -88.54
CA LEU XA 227 60.32 60.45 -88.70
C LEU XA 227 61.69 60.25 -88.08
N GLY XA 228 61.76 59.44 -87.03
CA GLY XA 228 62.99 59.16 -86.32
C GLY XA 228 62.74 58.22 -85.15
N MET XA 229 63.80 57.81 -84.47
CA MET XA 229 63.70 56.80 -83.45
C MET XA 229 64.79 56.97 -82.40
N GLY XA 230 64.43 56.63 -81.17
CA GLY XA 230 65.39 56.58 -80.08
C GLY XA 230 65.13 55.29 -79.33
N GLY XA 231 65.98 54.99 -78.35
CA GLY XA 231 65.78 53.78 -77.59
C GLY XA 231 67.05 52.97 -77.57
N THR XA 232 66.92 51.66 -77.37
CA THR XA 232 68.08 50.81 -77.29
C THR XA 232 68.15 49.84 -78.46
N VAL XA 233 69.32 49.78 -79.08
CA VAL XA 233 69.56 48.85 -80.17
C VAL XA 233 69.95 47.48 -79.59
N ARG XA 234 69.12 46.47 -79.84
CA ARG XA 234 69.43 45.09 -79.43
C ARG XA 234 69.89 44.35 -80.67
N GLY XA 235 71.08 43.77 -80.61
CA GLY XA 235 71.59 43.03 -81.73
C GLY XA 235 72.51 41.89 -81.36
N ARG XA 236 73.18 41.33 -82.36
CA ARG XA 236 74.15 40.28 -82.14
C ARG XA 236 75.39 40.65 -82.89
N VAL XA 237 76.53 40.30 -82.32
CA VAL XA 237 77.83 40.50 -82.96
C VAL XA 237 78.49 39.16 -83.27
N HIS XA 238 78.94 38.99 -84.51
CA HIS XA 238 79.70 37.80 -84.86
C HIS XA 238 81.14 38.15 -85.16
N ILE XA 239 82.05 37.45 -84.51
CA ILE XA 239 83.45 37.63 -84.80
C ILE XA 239 83.91 36.54 -85.76
N CYS XA 240 84.17 36.94 -87.00
CA CYS XA 240 84.36 35.99 -88.11
C CYS XA 240 85.82 35.77 -88.48
N ALA XA 241 86.57 35.18 -87.56
CA ALA XA 241 87.98 34.89 -87.78
C ALA XA 241 88.33 33.54 -87.15
N PRO XA 242 89.52 33.04 -87.47
CA PRO XA 242 90.03 31.77 -86.90
C PRO XA 242 90.17 31.81 -85.36
N ILE XA 243 90.12 30.68 -84.66
CA ILE XA 243 90.26 30.67 -83.18
C ILE XA 243 91.51 31.40 -82.70
N PHE XA 244 92.52 31.48 -83.56
CA PHE XA 244 93.79 32.08 -83.17
C PHE XA 244 93.84 33.61 -83.37
N TYR XA 245 92.76 34.16 -83.91
CA TYR XA 245 92.54 35.61 -83.92
C TYR XA 245 91.69 35.97 -82.72
N SER XA 246 91.91 37.15 -82.15
CA SER XA 246 91.04 37.58 -81.05
C SER XA 246 91.09 39.09 -80.86
N ILE XA 247 90.03 39.61 -80.24
CA ILE XA 247 89.87 41.06 -80.16
C ILE XA 247 89.00 41.41 -78.97
N VAL XA 248 89.13 42.65 -78.51
CA VAL XA 248 88.23 43.19 -77.50
C VAL XA 248 87.68 44.54 -77.94
N LEU XA 249 86.37 44.66 -77.98
CA LEU XA 249 85.73 45.86 -78.46
C LEU XA 249 84.99 46.60 -77.36
N TRP XA 250 85.06 47.92 -77.40
CA TRP XA 250 84.15 48.79 -76.66
C TRP XA 250 83.12 49.28 -77.65
N VAL XA 251 81.85 48.93 -77.44
CA VAL XA 251 80.77 49.31 -78.36
C VAL XA 251 79.85 50.33 -77.72
N VAL XA 252 79.77 51.50 -78.32
CA VAL XA 252 79.03 52.60 -77.73
C VAL XA 252 78.39 53.51 -78.79
N SER XA 253 77.35 54.25 -78.41
CA SER XA 253 76.71 55.18 -79.34
C SER XA 253 77.20 56.62 -79.18
N GLU XA 254 77.45 57.30 -80.28
CA GLU XA 254 77.89 58.70 -80.24
C GLU XA 254 77.14 59.59 -81.22
N TRP XA 255 77.05 60.88 -80.90
CA TRP XA 255 76.33 61.82 -81.74
C TRP XA 255 77.25 62.80 -82.46
N ASN XA 256 77.08 62.91 -83.77
CA ASN XA 256 77.78 63.91 -84.57
C ASN XA 256 79.28 63.94 -84.35
N GLY XA 257 79.97 62.95 -84.87
CA GLY XA 257 81.39 62.80 -84.63
C GLY XA 257 81.67 61.90 -83.45
N THR XA 258 82.93 61.87 -83.04
CA THR XA 258 83.34 61.05 -81.93
C THR XA 258 84.25 61.85 -81.04
N THR XA 259 84.30 61.51 -79.76
CA THR XA 259 85.22 62.19 -78.87
C THR XA 259 86.62 61.71 -79.15
N MET XA 260 87.58 62.59 -78.87
CA MET XA 260 88.98 62.29 -79.10
C MET XA 260 89.68 61.93 -77.80
N ASP XA 261 88.94 62.05 -76.69
CA ASP XA 261 89.45 61.81 -75.35
C ASP XA 261 89.05 60.43 -74.83
N TRP XA 262 90.02 59.54 -74.73
CA TRP XA 262 89.76 58.17 -74.26
C TRP XA 262 89.05 58.10 -72.91
N ASN XA 263 89.28 59.08 -72.05
CA ASN XA 263 88.64 59.05 -70.76
C ASN XA 263 87.17 59.41 -70.86
N GLU XA 264 86.84 60.36 -71.73
CA GLU XA 264 85.44 60.70 -71.94
C GLU XA 264 84.71 59.50 -72.54
N LEU XA 265 85.38 58.84 -73.48
CA LEU XA 265 84.80 57.70 -74.17
C LEU XA 265 84.29 56.67 -73.20
N PHE XA 266 85.03 56.45 -72.12
CA PHE XA 266 84.64 55.39 -71.19
C PHE XA 266 83.74 55.86 -70.08
N LYS XA 267 83.29 57.11 -70.15
CA LYS XA 267 82.28 57.61 -69.26
C LYS XA 267 80.92 57.44 -69.93
N TYR XA 268 80.91 57.05 -71.20
CA TYR XA 268 79.67 56.76 -71.92
C TYR XA 268 79.15 55.37 -71.55
N PRO XA 269 77.84 55.14 -71.76
CA PRO XA 269 77.24 53.83 -71.50
C PRO XA 269 77.37 52.87 -72.68
N GLY XA 270 78.52 52.19 -72.73
CA GLY XA 270 78.79 51.18 -73.74
C GLY XA 270 78.87 49.79 -73.16
N VAL XA 271 79.24 48.83 -73.99
CA VAL XA 271 79.39 47.43 -73.58
C VAL XA 271 80.67 46.85 -74.15
N TYR XA 272 81.24 45.84 -73.50
CA TYR XA 272 82.42 45.19 -74.05
C TYR XA 272 82.03 43.94 -74.84
N VAL XA 273 82.72 43.70 -75.94
CA VAL XA 273 82.46 42.52 -76.75
C VAL XA 273 83.79 41.82 -76.96
N GLU XA 274 83.90 40.58 -76.47
CA GLU XA 274 85.12 39.78 -76.59
C GLU XA 274 84.89 38.62 -77.55
N GLU XA 275 83.62 38.32 -77.82
CA GLU XA 275 83.27 37.10 -78.54
C GLU XA 275 81.84 37.15 -79.08
N ASP XA 276 81.51 36.22 -79.98
CA ASP XA 276 80.14 36.08 -80.50
C ASP XA 276 79.17 36.28 -79.34
N GLY XA 277 78.12 37.07 -79.56
CA GLY XA 277 77.10 37.29 -78.53
C GLY XA 277 76.11 38.40 -78.87
N SER XA 278 75.12 38.60 -78.01
CA SER XA 278 74.20 39.71 -78.19
C SER XA 278 74.68 40.95 -77.44
N PHE XA 279 74.06 42.11 -77.72
CA PHE XA 279 74.46 43.37 -77.10
C PHE XA 279 73.26 44.29 -77.10
N GLU XA 280 73.24 45.22 -76.15
CA GLU XA 280 72.25 46.30 -76.13
C GLU XA 280 72.98 47.61 -75.94
N VAL XA 281 72.82 48.55 -76.85
CA VAL XA 281 73.40 49.86 -76.67
C VAL XA 281 72.33 50.95 -76.83
N LYS XA 282 72.34 51.94 -75.92
CA LYS XA 282 71.39 53.05 -75.99
C LYS XA 282 71.76 53.99 -77.12
N ILE XA 283 70.78 54.36 -77.93
CA ILE XA 283 70.98 55.35 -78.97
C ILE XA 283 71.17 56.70 -78.31
N ARG XA 284 72.33 57.28 -78.50
CA ARG XA 284 72.71 58.53 -77.85
C ARG XA 284 72.47 59.74 -78.77
N SER XA 285 71.70 60.71 -78.29
CA SER XA 285 71.40 61.90 -79.09
C SER XA 285 70.84 63.04 -78.25
N PRO XA 286 71.14 64.28 -78.65
CA PRO XA 286 70.69 65.50 -77.97
C PRO XA 286 69.19 65.58 -77.93
N TYR XA 287 68.54 64.84 -78.83
CA TYR XA 287 67.07 64.82 -78.96
C TYR XA 287 66.51 63.48 -78.53
N HIS XA 288 67.41 62.58 -78.12
CA HIS XA 288 67.04 61.26 -77.64
C HIS XA 288 66.61 60.34 -78.79
N ARG XA 289 66.49 60.93 -79.98
CA ARG XA 289 66.15 60.17 -81.17
C ARG XA 289 67.08 60.59 -82.28
N THR XA 290 67.29 59.71 -83.25
CA THR XA 290 68.04 60.07 -84.46
C THR XA 290 67.03 60.05 -85.61
N PRO XA 291 67.20 60.96 -86.59
CA PRO XA 291 66.27 61.01 -87.72
C PRO XA 291 66.35 59.76 -88.59
N ALA XA 292 65.21 59.38 -89.15
CA ALA XA 292 65.07 58.19 -89.99
C ALA XA 292 65.82 58.29 -91.32
N ARG XA 293 65.85 59.49 -91.91
CA ARG XA 293 66.56 59.70 -93.18
C ARG XA 293 67.35 60.99 -93.16
N LEU XA 294 68.24 61.15 -94.13
CA LEU XA 294 69.05 62.36 -94.19
C LEU XA 294 68.47 63.46 -95.08
N LEU XA 295 68.78 64.70 -94.71
CA LEU XA 295 68.47 65.85 -95.56
C LEU XA 295 69.66 66.10 -96.47
N ALA XA 296 69.50 67.06 -97.37
CA ALA XA 296 70.51 67.26 -98.38
C ALA XA 296 71.76 67.74 -97.69
N GLY XA 297 72.89 67.13 -98.05
CA GLY XA 297 74.17 67.58 -97.56
C GLY XA 297 74.54 67.09 -96.17
N GLN XA 298 73.67 66.33 -95.54
CA GLN XA 298 73.98 65.73 -94.25
C GLN XA 298 74.65 64.37 -94.44
N SER XA 299 75.47 64.00 -93.47
CA SER XA 299 76.15 62.70 -93.50
C SER XA 299 75.57 61.81 -92.44
N GLN XA 300 75.74 60.50 -92.56
CA GLN XA 300 75.17 59.61 -91.56
C GLN XA 300 75.87 59.77 -90.18
N ARG XA 301 77.10 60.26 -90.22
CA ARG XA 301 77.90 60.40 -89.02
C ARG XA 301 77.47 61.64 -88.21
N ASP XA 302 76.74 62.55 -88.86
CA ASP XA 302 76.28 63.77 -88.22
C ASP XA 302 75.23 63.48 -87.18
N MET XA 303 74.60 62.33 -87.33
CA MET XA 303 73.56 61.92 -86.38
C MET XA 303 74.08 60.89 -85.36
N SER XA 304 73.17 60.02 -84.91
CA SER XA 304 73.53 58.96 -83.99
C SER XA 304 74.14 57.74 -84.71
N SER XA 305 75.28 57.26 -84.20
CA SER XA 305 75.96 56.11 -84.79
C SER XA 305 76.28 55.07 -83.71
N LEU XA 306 76.43 53.83 -84.16
CA LEU XA 306 76.83 52.70 -83.31
C LEU XA 306 78.31 52.48 -83.56
N ASN XA 307 79.15 52.84 -82.59
CA ASN XA 307 80.60 52.85 -82.79
C ASN XA 307 81.33 51.64 -82.21
N PHE XA 308 82.18 51.04 -83.02
CA PHE XA 308 82.94 49.89 -82.58
C PHE XA 308 84.41 50.26 -82.42
N TYR XA 309 84.85 50.35 -81.17
CA TYR XA 309 86.23 50.72 -80.83
C TYR XA 309 87.02 49.48 -80.46
N ALA XA 310 88.08 49.21 -81.22
CA ALA XA 310 88.98 48.12 -80.86
C ALA XA 310 89.93 48.65 -79.81
N ILE XA 311 89.77 48.16 -78.58
CA ILE XA 311 90.59 48.65 -77.47
C ILE XA 311 91.73 47.71 -77.07
N ALA XA 312 91.63 46.46 -77.47
CA ALA XA 312 92.75 45.52 -77.34
C ALA XA 312 92.78 44.55 -78.52
N GLY XA 313 93.79 44.68 -79.36
CA GLY XA 313 93.83 43.90 -80.58
C GLY XA 313 93.22 44.63 -81.77
N PRO XA 314 92.90 43.88 -82.83
CA PRO XA 314 93.02 42.42 -82.91
C PRO XA 314 94.46 41.91 -82.87
N ILE XA 315 94.64 40.68 -82.38
CA ILE XA 315 95.94 40.05 -82.43
C ILE XA 315 95.84 38.73 -83.14
N ALA XA 316 96.94 38.31 -83.74
CA ALA XA 316 97.04 36.99 -84.35
C ALA XA 316 98.51 36.59 -84.36
N PRO XA 317 98.78 35.29 -84.52
CA PRO XA 317 100.16 34.83 -84.62
C PRO XA 317 100.79 35.34 -85.91
N SER XA 318 102.11 35.44 -86.00
CA SER XA 318 102.71 35.82 -87.28
C SER XA 318 102.73 34.56 -88.11
N GLY XA 319 102.70 34.71 -89.44
CA GLY XA 319 102.49 35.98 -90.09
C GLY XA 319 101.12 35.90 -90.75
N GLU XA 320 100.13 36.28 -89.98
CA GLU XA 320 98.80 36.41 -90.50
C GLU XA 320 98.68 37.82 -91.03
N THR XA 321 97.83 38.02 -92.03
CA THR XA 321 97.71 39.33 -92.66
C THR XA 321 96.26 39.76 -92.81
N ALA XA 322 95.36 38.79 -92.82
CA ALA XA 322 93.94 39.04 -92.95
C ALA XA 322 93.43 40.01 -91.90
N GLN XA 323 92.44 40.82 -92.30
CA GLN XA 323 91.78 41.69 -91.34
C GLN XA 323 90.81 40.84 -90.52
N LEU XA 324 90.45 41.32 -89.33
CA LEU XA 324 89.48 40.62 -88.52
C LEU XA 324 88.10 41.25 -88.75
N PRO XA 325 87.15 40.46 -89.31
CA PRO XA 325 85.83 40.97 -89.65
C PRO XA 325 84.82 40.79 -88.52
N ILE XA 326 83.95 41.79 -88.34
CA ILE XA 326 82.85 41.76 -87.39
C ILE XA 326 81.58 41.88 -88.21
N VAL XA 327 80.64 40.96 -88.02
CA VAL XA 327 79.33 41.08 -88.67
C VAL XA 327 78.29 41.46 -87.64
N VAL XA 328 77.63 42.59 -87.82
CA VAL XA 328 76.60 43.02 -86.87
C VAL XA 328 75.20 42.76 -87.38
N GLN XA 329 74.34 42.19 -86.54
CA GLN XA 329 72.90 42.05 -86.85
C GLN XA 329 72.08 42.86 -85.89
N ILE XA 330 71.09 43.58 -86.40
CA ILE XA 330 70.23 44.40 -85.56
C ILE XA 330 68.88 43.76 -85.47
N ASP XA 331 68.45 43.42 -84.25
CA ASP XA 331 67.25 42.62 -84.04
C ASP XA 331 66.03 43.47 -83.75
N GLU XA 332 66.19 44.45 -82.87
CA GLU XA 332 65.11 45.40 -82.63
C GLU XA 332 65.55 46.64 -81.90
N ILE XA 333 64.67 47.63 -81.90
CA ILE XA 333 64.82 48.76 -81.00
C ILE XA 333 63.95 48.47 -79.79
N VAL XA 334 64.59 48.16 -78.67
CA VAL XA 334 63.85 47.85 -77.44
C VAL XA 334 63.58 49.13 -76.66
N ARG XA 335 62.46 49.16 -75.95
CA ARG XA 335 62.10 50.36 -75.21
C ARG XA 335 62.18 51.56 -76.15
N PRO XA 336 61.41 51.49 -77.25
CA PRO XA 336 61.56 52.44 -78.34
C PRO XA 336 60.95 53.80 -78.02
N ASP XA 337 61.64 54.86 -78.43
CA ASP XA 337 61.09 56.20 -78.39
C ASP XA 337 60.88 56.65 -79.83
N LEU XA 338 59.68 56.43 -80.35
CA LEU XA 338 59.44 56.72 -81.76
C LEU XA 338 58.94 58.14 -82.00
N SER XA 339 59.26 58.67 -83.17
CA SER XA 339 58.67 59.92 -83.63
C SER XA 339 57.25 59.68 -84.14
N LEU XA 340 56.60 60.75 -84.59
CA LEU XA 340 55.36 60.58 -85.32
C LEU XA 340 55.64 59.73 -86.53
N PRO XA 341 54.59 59.01 -87.00
CA PRO XA 341 54.69 58.37 -88.31
C PRO XA 341 54.99 59.46 -89.36
N SER XA 342 55.74 59.14 -90.40
CA SER XA 342 56.05 60.14 -91.41
C SER XA 342 54.83 60.43 -92.28
N PHE XA 343 53.99 59.42 -92.47
CA PHE XA 343 52.72 59.58 -93.21
C PHE XA 343 51.47 59.27 -92.38
N GLU XA 344 50.39 59.99 -92.65
CA GLU XA 344 49.15 59.74 -91.95
C GLU XA 344 48.29 58.86 -92.83
N ASP XA 345 47.09 58.53 -92.37
CA ASP XA 345 46.21 57.68 -93.18
C ASP XA 345 45.53 58.56 -94.21
N ASP XA 346 46.29 58.90 -95.24
CA ASP XA 346 45.89 59.91 -96.18
C ASP XA 346 46.28 59.47 -97.59
N TYR XA 347 45.93 60.30 -98.56
CA TYR XA 347 46.39 60.09 -99.93
C TYR XA 347 47.87 60.46 -100.02
N PHE XA 348 48.51 59.94 -101.05
CA PHE XA 348 49.86 60.36 -101.42
C PHE XA 348 50.00 60.29 -102.94
N VAL XA 349 51.04 60.93 -103.46
CA VAL XA 349 51.17 61.08 -104.90
C VAL XA 349 51.58 59.78 -105.59
N TRP XA 350 50.83 59.41 -106.61
CA TRP XA 350 51.18 58.27 -107.41
C TRP XA 350 51.93 58.77 -108.63
N VAL XA 351 51.31 59.67 -109.38
CA VAL XA 351 51.93 60.16 -110.61
C VAL XA 351 51.38 61.52 -111.06
N ASP XA 352 52.26 62.34 -111.63
CA ASP XA 352 51.86 63.57 -112.28
C ASP XA 352 52.09 63.43 -113.78
N PHE XA 353 51.08 63.76 -114.58
CA PHE XA 353 51.27 63.89 -116.02
C PHE XA 353 51.25 65.37 -116.39
N SER XA 354 52.20 65.76 -117.25
CA SER XA 354 52.32 67.16 -117.66
C SER XA 354 52.90 67.28 -119.06
N GLU XA 355 52.98 68.52 -119.57
CA GLU XA 355 53.63 68.79 -120.85
C GLU XA 355 53.10 67.89 -121.95
N PHE XA 356 51.78 67.86 -122.14
CA PHE XA 356 51.15 67.03 -123.19
C PHE XA 356 51.44 67.58 -124.58
N THR XA 357 51.78 66.69 -125.50
CA THR XA 357 52.09 67.13 -126.87
C THR XA 357 50.94 66.85 -127.84
N LEU XA 358 50.08 65.89 -127.49
CA LEU XA 358 48.92 65.58 -128.30
C LEU XA 358 47.66 65.84 -127.51
N ASP XA 359 46.60 66.27 -128.20
CA ASP XA 359 45.29 66.48 -127.56
C ASP XA 359 44.65 65.14 -127.17
N LYS XA 360 44.83 64.11 -128.00
CA LYS XA 360 44.35 62.78 -127.66
C LYS XA 360 45.45 62.01 -126.94
N GLU XA 361 45.20 61.66 -125.68
CA GLU XA 361 46.14 60.91 -124.86
C GLU XA 361 45.37 59.84 -124.10
N GLU XA 362 45.92 58.64 -124.05
CA GLU XA 362 45.25 57.57 -123.32
C GLU XA 362 46.24 56.77 -122.50
N ILE XA 363 46.10 56.89 -121.18
CA ILE XA 363 46.98 56.26 -120.22
C ILE XA 363 46.38 54.95 -119.71
N GLU XA 364 46.95 53.82 -120.11
CA GLU XA 364 46.46 52.52 -119.64
C GLU XA 364 47.02 52.19 -118.27
N ILE XA 365 46.12 51.83 -117.36
CA ILE XA 365 46.50 51.44 -116.02
C ILE XA 365 46.26 49.95 -115.83
N GLY XA 366 45.08 49.48 -116.25
CA GLY XA 366 44.73 48.08 -116.13
C GLY XA 366 44.37 47.68 -114.71
N SER XA 367 45.14 46.76 -114.16
CA SER XA 367 44.94 46.38 -112.77
C SER XA 367 46.24 46.50 -111.96
N ARG XA 368 47.17 47.32 -112.42
CA ARG XA 368 48.50 47.39 -111.79
C ARG XA 368 48.77 48.73 -111.12
N PHE XA 369 49.62 48.69 -110.10
CA PHE XA 369 50.21 49.92 -109.59
C PHE XA 369 51.67 49.85 -110.01
N PHE XA 370 52.12 50.83 -110.79
CA PHE XA 370 53.43 50.71 -111.42
C PHE XA 370 53.97 52.05 -111.91
N ASP XA 371 55.18 52.04 -112.49
CA ASP XA 371 55.78 53.25 -113.08
C ASP XA 371 55.38 53.46 -114.53
N PHE XA 372 54.84 54.64 -114.83
CA PHE XA 372 54.40 54.95 -116.19
C PHE XA 372 55.55 55.44 -117.08
N THR XA 373 55.40 55.27 -118.38
CA THR XA 373 56.28 55.92 -119.36
C THR XA 373 55.44 56.44 -120.50
N SER XA 374 55.87 57.54 -121.11
CA SER XA 374 55.16 58.13 -122.24
C SER XA 374 56.12 58.80 -123.20
N ASN XA 375 55.82 58.67 -124.49
CA ASN XA 375 56.56 59.35 -125.55
C ASN XA 375 55.92 60.69 -125.88
N THR XA 376 54.68 60.85 -125.43
CA THR XA 376 53.89 61.99 -125.83
C THR XA 376 53.65 62.98 -124.70
N CYS XA 377 54.10 62.63 -123.50
CA CYS XA 377 53.98 63.54 -122.36
C CYS XA 377 54.99 63.23 -121.26
N ARG XA 378 55.08 64.14 -120.27
CA ARG XA 378 56.04 63.99 -119.18
C ARG XA 378 55.44 63.29 -117.97
N VAL XA 379 56.04 62.17 -117.62
CA VAL XA 379 55.60 61.41 -116.46
C VAL XA 379 56.52 61.73 -115.30
N SER XA 380 55.93 62.05 -114.15
CA SER XA 380 56.71 62.26 -112.92
C SER XA 380 56.16 61.33 -111.84
N MET XA 381 56.95 60.34 -111.46
CA MET XA 381 56.44 59.35 -110.54
C MET XA 381 56.67 59.77 -109.09
N GLY XA 382 55.75 59.40 -108.21
CA GLY XA 382 55.91 59.69 -106.79
C GLY XA 382 56.83 58.67 -106.13
N GLU XA 383 57.62 59.13 -105.16
CA GLU XA 383 58.40 58.23 -104.31
C GLU XA 383 57.93 58.31 -102.84
N ASN XA 384 57.43 57.19 -102.32
CA ASN XA 384 56.96 57.10 -100.94
C ASN XA 384 57.04 55.68 -100.43
N PRO XA 385 56.84 55.50 -99.12
CA PRO XA 385 56.95 54.14 -98.58
C PRO XA 385 56.04 53.12 -99.28
N PHE XA 386 54.81 53.50 -99.63
CA PHE XA 386 53.91 52.54 -100.26
C PHE XA 386 54.53 51.98 -101.55
N ALA XA 387 55.05 52.88 -102.40
CA ALA XA 387 55.68 52.47 -103.65
C ALA XA 387 56.88 51.56 -103.40
N ALA XA 388 57.66 51.89 -102.39
CA ALA XA 388 58.77 51.03 -102.00
C ALA XA 388 58.27 49.65 -101.54
N MET XA 389 57.20 49.60 -100.76
CA MET XA 389 56.67 48.33 -100.31
C MET XA 389 56.21 47.48 -101.47
N ILE XA 390 55.69 48.12 -102.52
CA ILE XA 390 55.27 47.41 -103.72
C ILE XA 390 56.48 46.78 -104.39
N ALA XA 391 57.58 47.53 -104.37
CA ALA XA 391 58.83 47.11 -104.98
C ALA XA 391 59.59 46.04 -104.19
N CYS XA 392 59.33 45.96 -102.90
CA CYS XA 392 60.09 45.09 -102.02
C CYS XA 392 59.32 43.85 -101.64
N HIS XA 393 58.26 43.56 -102.38
CA HIS XA 393 57.58 42.28 -102.22
C HIS XA 393 57.36 41.62 -103.58
N GLY XA 394 57.31 40.29 -103.56
CA GLY XA 394 57.11 39.51 -104.76
C GLY XA 394 55.71 39.72 -105.33
N LEU XA 395 54.70 39.73 -104.45
CA LEU XA 395 53.30 39.89 -104.85
C LEU XA 395 52.60 40.89 -103.94
N HIS XA 396 51.57 41.55 -104.45
CA HIS XA 396 50.72 42.41 -103.65
C HIS XA 396 49.27 42.35 -104.14
N SER XA 397 48.35 42.85 -103.34
CA SER XA 397 46.94 42.88 -103.75
C SER XA 397 46.15 43.79 -102.83
N GLY XA 398 45.22 44.55 -103.41
CA GLY XA 398 44.39 45.43 -102.61
C GLY XA 398 43.58 46.37 -103.45
N VAL XA 399 43.00 47.37 -102.81
CA VAL XA 399 42.24 48.38 -103.53
C VAL XA 399 42.78 49.79 -103.23
N LEU XA 400 42.98 50.57 -104.29
CA LEU XA 400 43.42 51.97 -104.14
C LEU XA 400 42.29 52.94 -104.43
N ASP XA 401 42.04 53.86 -103.51
CA ASP XA 401 41.14 54.98 -103.82
C ASP XA 401 41.96 56.04 -104.53
N LEU XA 402 41.49 56.50 -105.68
CA LEU XA 402 42.19 57.55 -106.45
C LEU XA 402 41.49 58.91 -106.35
N LYS XA 403 42.31 59.96 -106.26
CA LYS XA 403 41.86 61.32 -106.43
C LYS XA 403 42.58 61.87 -107.63
N LEU XA 404 41.84 62.36 -108.63
CA LEU XA 404 42.46 63.04 -109.75
C LEU XA 404 42.25 64.55 -109.60
N GLN XA 405 43.31 65.32 -109.85
CA GLN XA 405 43.23 66.77 -109.86
C GLN XA 405 43.92 67.31 -111.08
N TRP XA 406 43.40 68.38 -111.64
CA TRP XA 406 44.07 69.00 -112.79
C TRP XA 406 43.85 70.51 -112.88
N SER XA 407 44.83 71.20 -113.47
CA SER XA 407 44.71 72.64 -113.70
C SER XA 407 44.74 72.90 -115.19
N LEU XA 408 44.19 74.02 -115.63
CA LEU XA 408 44.12 74.29 -117.05
C LEU XA 408 45.35 75.03 -117.60
N ASN XA 409 45.65 74.75 -118.87
CA ASN XA 409 46.72 75.41 -119.58
C ASN XA 409 46.20 76.57 -120.42
N THR XA 410 44.99 76.39 -120.95
CA THR XA 410 44.28 77.42 -121.73
C THR XA 410 43.35 78.26 -120.86
N GLU XA 411 42.71 79.26 -121.46
CA GLU XA 411 41.75 80.08 -120.70
C GLU XA 411 40.51 79.26 -120.32
N PHE XA 412 40.03 79.45 -119.09
CA PHE XA 412 38.91 78.68 -118.57
C PHE XA 412 37.68 78.77 -119.47
N GLY XA 413 37.42 79.99 -119.95
CA GLY XA 413 36.27 80.24 -120.79
C GLY XA 413 36.31 79.49 -122.11
N LYS XA 414 37.50 79.09 -122.55
CA LYS XA 414 37.68 78.45 -123.84
C LYS XA 414 37.67 76.94 -123.71
N SER XA 415 37.67 76.46 -122.47
CA SER XA 415 37.87 75.04 -122.20
C SER XA 415 36.73 74.13 -122.68
N SER XA 416 37.09 72.92 -123.07
CA SER XA 416 36.12 71.91 -123.48
C SER XA 416 36.70 70.53 -123.23
N GLY XA 417 35.89 69.49 -123.43
CA GLY XA 417 36.33 68.12 -123.29
C GLY XA 417 36.31 67.59 -121.86
N SER XA 418 37.11 66.55 -121.61
CA SER XA 418 36.96 65.77 -120.40
C SER XA 418 38.20 64.95 -120.02
N VAL XA 419 38.28 64.64 -118.72
CA VAL XA 419 39.08 63.54 -118.21
C VAL XA 419 38.11 62.38 -118.04
N THR XA 420 38.29 61.34 -118.83
CA THR XA 420 37.40 60.18 -118.77
C THR XA 420 38.09 58.97 -118.17
N ILE XA 421 37.42 58.32 -117.21
CA ILE XA 421 37.95 57.12 -116.61
C ILE XA 421 37.21 55.95 -117.19
N THR XA 422 37.89 55.18 -118.03
CA THR XA 422 37.29 53.96 -118.56
C THR XA 422 37.48 52.81 -117.59
N LYS XA 423 36.39 52.15 -117.21
CA LYS XA 423 36.47 51.00 -116.32
C LYS XA 423 35.86 49.78 -116.99
N LEU XA 424 36.66 48.76 -117.22
CA LEU XA 424 36.20 47.55 -117.87
C LEU XA 424 36.48 46.35 -117.00
N VAL XA 425 35.93 45.20 -117.42
CA VAL XA 425 36.35 43.92 -116.89
C VAL XA 425 36.79 43.11 -118.10
N GLY XA 426 38.06 42.79 -118.15
CA GLY XA 426 38.60 42.09 -119.30
C GLY XA 426 39.74 42.91 -119.87
N ASP XA 427 39.57 43.34 -121.10
CA ASP XA 427 40.53 44.22 -121.76
C ASP XA 427 39.81 45.16 -122.72
N LYS XA 428 40.57 46.05 -123.35
CA LYS XA 428 39.99 47.01 -124.26
C LYS XA 428 39.19 46.29 -125.37
N ALA XA 429 39.66 45.12 -125.78
CA ALA XA 429 39.11 44.42 -126.94
C ALA XA 429 37.80 43.66 -126.71
N MET XA 430 37.69 42.96 -125.59
CA MET XA 430 36.55 42.06 -125.36
C MET XA 430 35.90 42.27 -124.00
N GLY XA 431 36.23 43.37 -123.34
CA GLY XA 431 35.80 43.58 -121.97
C GLY XA 431 34.34 43.96 -121.77
N LEU XA 432 33.91 43.88 -120.52
CA LEU XA 432 32.58 44.30 -120.11
C LEU XA 432 32.67 45.70 -119.52
N ASP XA 433 31.57 46.44 -119.57
CA ASP XA 433 31.60 47.83 -119.14
C ASP XA 433 31.22 48.02 -117.69
N GLY XA 434 32.14 48.60 -116.92
CA GLY XA 434 31.89 48.89 -115.52
C GLY XA 434 31.54 50.35 -115.25
N PRO XA 435 31.94 50.85 -114.08
CA PRO XA 435 31.62 52.22 -113.65
C PRO XA 435 32.56 53.25 -114.29
N SER XA 436 32.60 53.22 -115.64
CA SER XA 436 33.32 54.24 -116.40
C SER XA 436 32.70 55.59 -116.08
N HIS XA 437 33.46 56.64 -116.30
CA HIS XA 437 33.09 57.89 -115.67
C HIS XA 437 33.63 59.06 -116.50
N VAL XA 438 32.76 60.03 -116.81
CA VAL XA 438 33.15 61.17 -117.62
C VAL XA 438 33.19 62.43 -116.78
N PHE XA 439 34.38 62.95 -116.56
CA PHE XA 439 34.53 64.20 -115.84
C PHE XA 439 34.74 65.33 -116.82
N ALA XA 440 33.72 66.18 -116.96
CA ALA XA 440 33.88 67.37 -117.78
C ALA XA 440 35.14 68.10 -117.29
N ILE XA 441 35.97 68.57 -118.22
CA ILE XA 441 37.25 69.16 -117.85
C ILE XA 441 37.09 70.31 -116.83
N GLN XA 442 35.94 70.99 -116.85
CA GLN XA 442 35.67 72.08 -115.91
C GLN XA 442 35.47 71.65 -114.46
N LYS XA 443 35.23 70.35 -114.21
CA LYS XA 443 35.16 69.84 -112.83
C LYS XA 443 36.49 70.02 -112.11
N LEU XA 444 37.58 69.89 -112.87
CA LEU XA 444 38.93 70.13 -112.34
C LEU XA 444 39.40 69.10 -111.30
N GLU XA 445 38.58 68.08 -111.06
CA GLU XA 445 38.92 66.97 -110.17
C GLU XA 445 37.90 65.84 -110.29
N GLY XA 446 38.32 64.65 -109.88
CA GLY XA 446 37.44 63.50 -109.88
C GLY XA 446 38.00 62.38 -109.02
N THR XA 447 37.14 61.39 -108.71
CA THR XA 447 37.56 60.28 -107.88
C THR XA 447 37.16 58.94 -108.47
N THR XA 448 37.92 57.90 -108.15
CA THR XA 448 37.59 56.55 -108.59
C THR XA 448 38.32 55.52 -107.72
N GLU XA 449 37.90 54.26 -107.80
CA GLU XA 449 38.61 53.19 -107.13
C GLU XA 449 39.40 52.42 -108.18
N LEU XA 450 40.50 51.79 -107.78
CA LEU XA 450 41.28 50.91 -108.65
C LEU XA 450 41.56 49.58 -107.96
N LEU XA 451 41.13 48.49 -108.57
CA LEU XA 451 41.49 47.18 -108.05
C LEU XA 451 42.89 46.84 -108.53
N VAL XA 452 43.81 46.66 -107.58
CA VAL XA 452 45.15 46.18 -107.85
C VAL XA 452 45.19 44.70 -107.52
N GLY XA 453 45.00 43.87 -108.55
CA GLY XA 453 44.87 42.44 -108.37
C GLY XA 453 44.28 41.80 -109.61
N ASN XA 454 43.81 40.57 -109.47
CA ASN XA 454 43.29 39.81 -110.61
C ASN XA 454 42.63 38.52 -110.15
N PHE XA 455 42.11 37.73 -111.09
CA PHE XA 455 41.40 36.50 -110.73
C PHE XA 455 42.23 35.56 -109.88
N ALA XA 456 43.55 35.57 -110.07
CA ALA XA 456 44.43 34.69 -109.29
C ALA XA 456 44.62 35.14 -107.85
N GLY XA 457 44.58 36.44 -107.62
CA GLY XA 457 44.55 36.98 -106.27
C GLY XA 457 45.60 38.01 -105.91
N ALA XA 458 46.63 38.13 -106.74
CA ALA XA 458 47.75 39.04 -106.47
C ALA XA 458 48.54 39.38 -107.73
N ASN XA 459 49.22 40.52 -107.69
CA ASN XA 459 50.04 40.97 -108.81
C ASN XA 459 51.51 40.83 -108.48
N PRO XA 460 52.30 40.35 -109.45
CA PRO XA 460 53.76 40.40 -109.37
C PRO XA 460 54.20 41.82 -109.65
N ASN XA 461 55.46 42.14 -109.37
CA ASN XA 461 55.93 43.50 -109.58
C ASN XA 461 56.56 43.63 -110.96
N THR XA 462 55.94 42.97 -111.92
CA THR XA 462 56.37 42.97 -113.31
C THR XA 462 55.13 43.11 -114.20
N ARG XA 463 55.33 43.13 -115.51
CA ARG XA 463 54.19 43.03 -116.41
C ARG XA 463 53.73 41.55 -116.43
N PHE XA 464 52.42 41.35 -116.49
CA PHE XA 464 51.82 40.02 -116.47
C PHE XA 464 50.49 40.16 -117.20
N SER XA 465 49.90 39.06 -117.60
CA SER XA 465 48.57 39.13 -118.23
C SER XA 465 47.61 38.17 -117.56
N LEU XA 466 46.81 38.67 -116.61
CA LEU XA 466 45.83 37.82 -115.94
C LEU XA 466 44.51 38.54 -115.90
N TYR XA 467 43.45 37.87 -116.37
CA TYR XA 467 42.11 38.45 -116.41
C TYR XA 467 41.75 39.20 -115.14
N SER XA 468 41.35 40.46 -115.28
CA SER XA 468 40.95 41.27 -114.13
C SER XA 468 40.11 42.45 -114.57
N ARG XA 469 39.83 43.36 -113.62
CA ARG XA 469 39.27 44.66 -113.99
C ARG XA 469 40.34 45.48 -114.69
N TRP XA 470 39.91 46.47 -115.45
CA TRP XA 470 40.84 47.17 -116.33
C TRP XA 470 40.50 48.64 -116.35
N MET XA 471 41.50 49.49 -116.13
CA MET XA 471 41.28 50.92 -116.06
C MET XA 471 42.16 51.73 -117.02
N ALA XA 472 41.61 52.81 -117.56
CA ALA XA 472 42.39 53.73 -118.38
C ALA XA 472 41.90 55.16 -118.16
N ILE XA 473 42.81 56.12 -118.29
CA ILE XA 473 42.44 57.52 -118.27
C ILE XA 473 42.51 58.02 -119.69
N LYS XA 474 41.43 58.66 -120.16
CA LYS XA 474 41.35 59.17 -121.53
C LYS XA 474 41.21 60.69 -121.57
N LEU XA 475 42.23 61.35 -122.10
CA LEU XA 475 42.21 62.78 -122.36
C LEU XA 475 41.82 63.08 -123.83
N ASP XA 476 40.93 64.06 -124.06
CA ASP XA 476 40.60 64.43 -125.45
C ASP XA 476 41.03 65.86 -125.77
N GLN XA 477 41.39 66.60 -124.72
CA GLN XA 477 41.88 67.96 -124.86
C GLN XA 477 43.13 68.16 -124.00
N ALA XA 478 44.04 67.20 -124.09
CA ALA XA 478 45.16 67.13 -123.17
C ALA XA 478 46.03 68.39 -123.17
N LYS XA 479 46.11 69.06 -124.32
CA LYS XA 479 46.97 70.24 -124.41
C LYS XA 479 46.40 71.39 -123.59
N SER XA 480 45.13 71.27 -123.20
CA SER XA 480 44.49 72.27 -122.34
C SER XA 480 44.73 71.99 -120.85
N ILE XA 481 45.49 70.94 -120.54
CA ILE XA 481 45.79 70.61 -119.16
C ILE XA 481 47.26 70.90 -118.82
N LYS XA 482 47.49 71.69 -117.79
CA LYS XA 482 48.85 72.00 -117.39
C LYS XA 482 49.45 70.86 -116.58
N VAL XA 483 48.60 70.22 -115.76
CA VAL XA 483 49.00 69.04 -115.00
C VAL XA 483 47.82 68.17 -114.58
N LEU XA 484 47.99 66.86 -114.69
CA LEU XA 484 47.01 65.92 -114.21
C LEU XA 484 47.68 65.14 -113.10
N ARG XA 485 47.22 65.32 -111.87
CA ARG XA 485 47.81 64.64 -110.74
C ARG XA 485 46.94 63.51 -110.23
N VAL XA 486 47.55 62.35 -109.98
CA VAL XA 486 46.83 61.22 -109.46
C VAL XA 486 47.34 60.85 -108.09
N LEU XA 487 46.51 61.04 -107.08
CA LEU XA 487 46.81 60.58 -105.73
C LEU XA 487 46.09 59.27 -105.43
N CYS XA 488 46.67 58.46 -104.55
CA CYS XA 488 46.02 57.24 -104.11
C CYS XA 488 46.10 57.07 -102.59
N LYS XA 489 45.19 56.25 -102.06
CA LYS XA 489 45.07 55.98 -100.63
C LYS XA 489 44.58 54.54 -100.49
N PRO XA 490 45.49 53.63 -100.12
CA PRO XA 490 45.16 52.20 -100.05
C PRO XA 490 44.05 51.96 -99.03
N ARG XA 491 43.04 51.19 -99.44
CA ARG XA 491 42.02 50.75 -98.51
C ARG XA 491 42.62 49.72 -97.57
N PRO XA 492 42.09 49.68 -96.34
CA PRO XA 492 42.60 48.81 -95.29
C PRO XA 492 42.71 47.39 -95.81
N GLY XA 493 43.82 46.74 -95.49
CA GLY XA 493 43.98 45.35 -95.87
C GLY XA 493 44.75 45.17 -97.16
N PHE XA 494 45.41 46.23 -97.60
CA PHE XA 494 46.28 46.12 -98.76
C PHE XA 494 47.46 45.23 -98.40
N SER XA 495 47.62 44.13 -99.12
CA SER XA 495 48.49 43.05 -98.69
C SER XA 495 49.73 42.84 -99.55
N PHE XA 496 50.83 42.47 -98.89
CA PHE XA 496 52.10 42.20 -99.56
C PHE XA 496 52.56 40.80 -99.21
N TYR XA 497 53.13 40.10 -100.19
CA TYR XA 497 53.55 38.73 -100.01
C TYR XA 497 55.01 38.57 -100.38
N GLY XA 498 55.77 37.90 -99.51
CA GLY XA 498 57.16 37.54 -99.80
C GLY XA 498 58.16 38.68 -99.86
N ARG XA 499 58.74 39.02 -98.72
CA ARG XA 499 59.69 40.12 -98.69
C ARG XA 499 60.90 39.85 -99.59
N THR XA 500 61.30 40.88 -100.32
CA THR XA 500 62.45 40.81 -101.20
C THR XA 500 63.08 42.20 -101.39
N SER XA 501 63.90 42.36 -102.42
CA SER XA 501 64.53 43.67 -102.67
C SER XA 501 64.42 44.07 -104.13
N PHE XA 502 64.85 45.29 -104.42
CA PHE XA 502 64.67 45.88 -105.74
C PHE XA 502 65.78 46.85 -106.07
N PRO XA 503 66.79 46.36 -106.77
CA PRO XA 503 67.89 47.19 -107.25
C PRO XA 503 67.54 47.99 -108.50
N VAL XA 504 67.84 49.27 -108.49
CA VAL XA 504 67.71 50.15 -109.66
C VAL XA 504 68.95 51.02 -109.83
N GLY YA 1 -32.90 107.91 -18.83
CA GLY YA 1 -33.87 108.49 -19.74
C GLY YA 1 -33.61 109.95 -20.07
N LEU YA 2 -34.34 110.49 -21.05
CA LEU YA 2 -34.18 111.90 -21.40
C LEU YA 2 -34.56 112.80 -20.21
N ALA YA 3 -33.61 113.64 -19.80
CA ALA YA 3 -33.73 114.38 -18.56
C ALA YA 3 -33.99 115.84 -18.80
N GLY YA 4 -33.44 116.34 -19.89
CA GLY YA 4 -33.58 117.75 -20.26
C GLY YA 4 -33.18 117.98 -21.72
N ARG YA 5 -33.55 119.13 -22.25
CA ARG YA 5 -33.20 119.44 -23.61
C ARG YA 5 -33.09 120.92 -23.86
N GLY YA 6 -32.52 121.26 -25.02
CA GLY YA 6 -32.32 122.64 -25.39
C GLY YA 6 -31.99 122.77 -26.87
N VAL YA 7 -31.92 124.00 -27.36
CA VAL YA 7 -31.73 124.21 -28.78
C VAL YA 7 -30.65 125.24 -29.03
N ILE YA 8 -29.75 124.93 -29.97
CA ILE YA 8 -28.72 125.88 -30.36
C ILE YA 8 -29.05 126.37 -31.77
N TYR YA 9 -29.02 127.68 -31.98
CA TYR YA 9 -29.28 128.20 -33.31
C TYR YA 9 -27.99 128.50 -34.07
N ILE YA 10 -27.87 127.88 -35.24
CA ILE YA 10 -26.74 128.06 -36.13
C ILE YA 10 -27.09 128.99 -37.29
N PRO YA 11 -26.33 130.09 -37.44
CA PRO YA 11 -26.50 131.02 -38.57
C PRO YA 11 -26.06 130.38 -39.89
N LYS YA 12 -26.61 130.85 -41.00
CA LYS YA 12 -26.27 130.21 -42.29
C LYS YA 12 -24.79 130.41 -42.63
N ASP YA 13 -24.26 131.57 -42.24
CA ASP YA 13 -22.83 131.81 -42.31
C ASP YA 13 -22.23 131.67 -40.91
N CYS YA 14 -21.80 130.46 -40.58
CA CYS YA 14 -21.22 130.19 -39.28
C CYS YA 14 -19.69 130.23 -39.41
N GLN YA 15 -19.09 131.36 -39.01
CA GLN YA 15 -17.63 131.58 -39.11
C GLN YA 15 -16.87 131.19 -37.85
N ALA YA 16 -15.58 130.93 -37.97
CA ALA YA 16 -14.78 130.60 -36.80
C ALA YA 16 -14.93 131.65 -35.68
N ASN YA 17 -15.03 131.17 -34.45
CA ASN YA 17 -15.14 132.02 -33.26
C ASN YA 17 -16.53 132.60 -33.00
N ARG YA 18 -17.52 132.15 -33.75
CA ARG YA 18 -18.90 132.61 -33.59
C ARG YA 18 -19.50 132.01 -32.34
N TYR YA 19 -20.02 132.85 -31.47
CA TYR YA 19 -20.70 132.31 -30.30
C TYR YA 19 -22.13 131.86 -30.65
N LEU YA 20 -22.48 130.64 -30.27
CA LEU YA 20 -23.75 130.09 -30.72
C LEU YA 20 -24.81 130.09 -29.63
N GLY YA 21 -24.35 130.05 -28.38
CA GLY YA 21 -25.25 130.11 -27.25
C GLY YA 21 -24.80 129.30 -26.06
N THR YA 22 -25.48 129.51 -24.94
CA THR YA 22 -25.18 128.75 -23.73
C THR YA 22 -26.44 128.06 -23.20
N LEU YA 23 -26.33 126.80 -22.85
CA LEU YA 23 -27.44 126.12 -22.22
C LEU YA 23 -27.11 125.98 -20.76
N ASN YA 24 -28.12 126.18 -19.91
CA ASN YA 24 -27.94 126.03 -18.48
C ASN YA 24 -28.38 124.61 -18.08
N ILE YA 25 -27.45 123.79 -17.63
CA ILE YA 25 -27.74 122.38 -17.43
C ILE YA 25 -28.92 122.18 -16.49
N ARG YA 26 -28.98 122.97 -15.43
CA ARG YA 26 -30.06 122.76 -14.47
C ARG YA 26 -31.41 123.25 -15.02
N ASP YA 27 -31.39 124.35 -15.75
CA ASP YA 27 -32.58 124.82 -16.47
C ASP YA 27 -33.07 123.83 -17.53
N MET YA 28 -32.17 123.16 -18.24
CA MET YA 28 -32.60 122.14 -19.21
C MET YA 28 -33.45 121.04 -18.56
N ILE YA 29 -33.08 120.66 -17.34
CA ILE YA 29 -33.77 119.60 -16.64
C ILE YA 29 -35.05 120.12 -16.03
N SER YA 30 -35.02 121.34 -15.50
CA SER YA 30 -36.20 121.89 -14.82
C SER YA 30 -37.27 122.44 -15.75
N ASP YA 31 -36.88 122.93 -16.92
CA ASP YA 31 -37.85 123.42 -17.90
C ASP YA 31 -38.57 122.25 -18.56
N PHE YA 32 -37.86 121.12 -18.64
CA PHE YA 32 -38.39 119.92 -19.24
C PHE YA 32 -39.42 119.31 -18.26
N LYS YA 33 -38.96 118.92 -17.08
CA LYS YA 33 -39.85 118.75 -15.94
C LYS YA 33 -40.94 117.69 -16.08
N GLY YA 34 -40.66 116.49 -16.61
CA GLY YA 34 -39.39 115.80 -16.53
C GLY YA 34 -39.64 114.68 -15.52
N VAL YA 35 -39.62 113.41 -15.93
CA VAL YA 35 -39.66 112.32 -14.95
C VAL YA 35 -38.42 112.39 -14.07
N GLN YA 36 -37.28 112.72 -14.69
CA GLN YA 36 -36.01 112.82 -13.98
C GLN YA 36 -35.99 114.02 -13.06
N TYR YA 37 -36.52 115.15 -13.52
CA TYR YA 37 -36.64 116.34 -12.68
C TYR YA 37 -37.43 116.03 -11.42
N GLU YA 38 -38.53 115.29 -11.55
CA GLU YA 38 -39.36 114.97 -10.41
C GLU YA 38 -38.67 113.98 -9.45
N LYS YA 39 -37.89 113.04 -9.99
CA LYS YA 39 -37.09 112.16 -9.14
C LYS YA 39 -36.07 112.98 -8.34
N TRP YA 40 -35.62 114.08 -8.95
CA TRP YA 40 -34.58 114.93 -8.39
C TRP YA 40 -35.11 115.65 -7.15
N ILE YA 41 -36.31 116.21 -7.26
CA ILE YA 41 -36.93 116.91 -6.13
C ILE YA 41 -36.96 116.03 -4.88
N THR YA 42 -37.18 114.73 -5.07
CA THR YA 42 -37.27 113.82 -3.94
C THR YA 42 -35.89 113.45 -3.39
N ALA YA 43 -34.93 113.36 -4.29
CA ALA YA 43 -33.57 113.00 -3.91
C ALA YA 43 -32.95 114.14 -3.14
N GLY YA 44 -33.28 115.36 -3.55
CA GLY YA 44 -32.61 116.54 -3.04
C GLY YA 44 -31.29 116.77 -3.74
N LEU YA 45 -30.32 115.87 -3.49
CA LEU YA 45 -29.01 115.94 -4.11
C LEU YA 45 -28.77 114.87 -5.18
N VAL YA 46 -28.23 115.25 -6.34
CA VAL YA 46 -27.88 114.28 -7.37
C VAL YA 46 -26.44 114.48 -7.87
N MET YA 47 -25.76 113.37 -8.17
CA MET YA 47 -24.40 113.41 -8.73
C MET YA 47 -24.34 112.68 -10.05
N PRO YA 48 -25.11 113.16 -11.04
CA PRO YA 48 -25.47 112.37 -12.22
C PRO YA 48 -24.29 111.92 -13.06
N THR YA 49 -24.47 110.83 -13.79
CA THR YA 49 -23.64 110.60 -14.96
C THR YA 49 -24.50 110.90 -16.18
N PHE YA 50 -24.23 112.00 -16.84
CA PHE YA 50 -24.98 112.43 -18.02
C PHE YA 50 -24.44 111.81 -19.30
N LYS YA 51 -25.35 111.50 -20.22
CA LYS YA 51 -24.98 111.29 -21.61
C LYS YA 51 -25.51 112.51 -22.31
N ILE YA 52 -24.62 113.30 -22.90
CA ILE YA 52 -25.04 114.43 -23.69
C ILE YA 52 -25.10 114.02 -25.14
N VAL YA 53 -26.21 114.34 -25.79
CA VAL YA 53 -26.37 114.03 -27.20
C VAL YA 53 -26.72 115.31 -27.96
N ILE YA 54 -25.93 115.63 -28.98
CA ILE YA 54 -26.23 116.77 -29.83
C ILE YA 54 -26.70 116.26 -31.18
N ARG YA 55 -27.96 116.52 -31.49
CA ARG YA 55 -28.54 116.10 -32.76
C ARG YA 55 -28.42 117.18 -33.84
N LEU YA 56 -28.00 116.73 -35.01
CA LEU YA 56 -27.14 117.51 -35.86
C LEU YA 56 -27.11 116.73 -37.17
N PRO YA 57 -27.51 117.37 -38.27
CA PRO YA 57 -27.53 116.63 -39.55
C PRO YA 57 -26.11 116.47 -40.10
N ALA YA 58 -25.69 115.23 -40.32
CA ALA YA 58 -24.32 115.00 -40.79
C ALA YA 58 -24.13 115.58 -42.17
N ASN YA 59 -23.00 116.22 -42.40
CA ASN YA 59 -22.70 116.81 -43.69
C ASN YA 59 -21.19 116.94 -43.97
N ALA YA 60 -20.73 116.37 -45.07
CA ALA YA 60 -19.30 116.41 -45.35
C ALA YA 60 -18.88 117.60 -46.21
N PHE YA 61 -19.80 118.53 -46.47
CA PHE YA 61 -19.55 119.56 -47.47
C PHE YA 61 -19.48 120.97 -46.88
N THR YA 62 -19.25 121.06 -45.58
CA THR YA 62 -19.21 122.37 -44.93
C THR YA 62 -17.86 122.72 -44.32
N GLY YA 63 -17.22 121.74 -43.67
CA GLY YA 63 -15.97 121.96 -42.98
C GLY YA 63 -16.18 122.45 -41.56
N LEU YA 64 -17.45 122.56 -41.17
CA LEU YA 64 -17.81 123.06 -39.86
C LEU YA 64 -17.35 122.16 -38.72
N THR YA 65 -16.73 122.78 -37.72
CA THR YA 65 -16.38 122.09 -36.46
C THR YA 65 -16.76 122.99 -35.28
N TRP YA 66 -17.48 122.44 -34.32
CA TRP YA 66 -17.92 123.20 -33.16
C TRP YA 66 -17.26 122.68 -31.91
N VAL YA 67 -17.31 123.47 -30.85
CA VAL YA 67 -16.81 123.02 -29.56
C VAL YA 67 -17.88 123.14 -28.51
N MET YA 68 -18.21 122.04 -27.86
CA MET YA 68 -19.02 122.09 -26.63
C MET YA 68 -18.06 122.20 -25.44
N SER YA 69 -18.24 123.24 -24.62
CA SER YA 69 -17.38 123.48 -23.47
C SER YA 69 -18.19 123.32 -22.20
N PHE YA 70 -17.75 122.40 -21.33
CA PHE YA 70 -18.41 122.20 -20.04
C PHE YA 70 -17.83 123.14 -19.00
N ASP YA 71 -18.61 124.16 -18.66
CA ASP YA 71 -18.16 125.21 -17.75
C ASP YA 71 -18.97 125.15 -16.46
N ALA YA 72 -18.66 124.19 -15.59
CA ALA YA 72 -19.50 123.97 -14.42
C ALA YA 72 -19.44 125.12 -13.42
N TYR YA 73 -18.40 125.95 -13.50
CA TYR YA 73 -18.21 127.01 -12.51
C TYR YA 73 -18.27 128.43 -13.10
N ASN YA 74 -18.81 128.49 -14.31
CA ASN YA 74 -19.14 129.75 -14.96
C ASN YA 74 -17.92 130.65 -15.09
N ARG YA 75 -16.81 130.10 -15.58
CA ARG YA 75 -15.52 130.78 -15.57
C ARG YA 75 -15.24 131.50 -16.89
N ILE YA 76 -15.70 130.93 -18.00
CA ILE YA 76 -15.47 131.59 -19.30
C ILE YA 76 -16.64 132.36 -19.93
N THR YA 77 -17.88 132.15 -19.47
CA THR YA 77 -19.05 132.81 -20.08
C THR YA 77 -18.91 134.31 -20.35
N SER YA 78 -18.65 135.08 -19.30
CA SER YA 78 -18.38 136.51 -19.43
C SER YA 78 -17.53 136.91 -20.67
N ARG YA 79 -16.59 136.05 -21.08
CA ARG YA 79 -15.59 136.41 -22.08
C ARG YA 79 -15.79 135.79 -23.47
N ILE YA 80 -16.86 135.01 -23.65
CA ILE YA 80 -17.14 134.42 -24.95
C ILE YA 80 -18.45 134.85 -25.60
N THR YA 81 -19.23 135.72 -24.93
CA THR YA 81 -20.57 136.08 -25.43
C THR YA 81 -20.56 136.92 -26.73
N ALA YA 82 -19.61 137.84 -26.86
CA ALA YA 82 -19.39 138.59 -28.11
C ALA YA 82 -18.63 137.76 -29.14
N SER YA 83 -17.46 137.28 -28.74
CA SER YA 83 -16.70 136.40 -29.60
C SER YA 83 -15.85 135.42 -28.82
N ALA YA 84 -15.96 134.17 -29.23
CA ALA YA 84 -15.39 133.06 -28.50
C ALA YA 84 -14.01 132.65 -29.01
N ASP YA 85 -12.95 133.21 -28.42
CA ASP YA 85 -11.60 132.78 -28.74
C ASP YA 85 -11.34 131.33 -28.30
N PRO YA 86 -10.77 130.52 -29.19
CA PRO YA 86 -10.51 129.13 -28.83
C PRO YA 86 -9.71 128.94 -27.54
N VAL YA 87 -8.86 129.90 -27.20
CA VAL YA 87 -8.12 129.80 -25.93
C VAL YA 87 -9.03 129.67 -24.71
N TYR YA 88 -10.14 130.43 -24.71
CA TYR YA 88 -11.13 130.29 -23.67
C TYR YA 88 -11.90 128.96 -23.79
N THR YA 89 -12.45 128.69 -24.97
CA THR YA 89 -13.35 127.56 -25.12
C THR YA 89 -12.67 126.20 -24.90
N LEU YA 90 -11.34 126.16 -25.06
CA LEU YA 90 -10.60 124.90 -24.89
C LEU YA 90 -9.91 124.79 -23.52
N SER YA 91 -10.10 125.81 -22.68
CA SER YA 91 -9.42 125.88 -21.39
C SER YA 91 -10.17 125.12 -20.29
N VAL YA 92 -11.39 124.67 -20.62
CA VAL YA 92 -12.21 123.87 -19.71
C VAL YA 92 -12.51 122.56 -20.40
N PRO YA 93 -13.01 121.56 -19.67
CA PRO YA 93 -13.32 120.29 -20.33
C PRO YA 93 -14.20 120.54 -21.56
N HIS YA 94 -13.91 119.85 -22.66
CA HIS YA 94 -14.56 120.18 -23.93
C HIS YA 94 -14.49 119.04 -24.94
N TRP YA 95 -15.33 119.14 -25.96
CA TRP YA 95 -15.45 118.11 -26.97
C TRP YA 95 -15.54 118.73 -28.35
N LEU YA 96 -14.84 118.14 -29.31
CA LEU YA 96 -14.93 118.59 -30.70
C LEU YA 96 -16.12 117.93 -31.38
N ILE YA 97 -16.93 118.75 -32.02
CA ILE YA 97 -18.06 118.25 -32.75
C ILE YA 97 -17.84 118.46 -34.25
N HIS YA 98 -17.53 117.39 -34.95
CA HIS YA 98 -17.32 117.47 -36.40
C HIS YA 98 -18.61 117.30 -37.19
N HIS YA 99 -18.85 118.23 -38.11
CA HIS YA 99 -20.09 118.21 -38.89
C HIS YA 99 -20.16 116.96 -39.77
N LYS YA 100 -19.01 116.46 -40.21
CA LYS YA 100 -19.01 115.29 -41.07
C LYS YA 100 -19.52 114.02 -40.35
N LEU YA 101 -19.42 114.01 -39.03
CA LEU YA 101 -19.82 112.84 -38.22
C LEU YA 101 -21.28 112.86 -37.75
N GLY YA 102 -21.94 113.98 -38.00
CA GLY YA 102 -23.33 114.14 -37.60
C GLY YA 102 -23.56 114.12 -36.09
N THR YA 103 -24.60 113.39 -35.68
CA THR YA 103 -25.05 113.39 -34.30
C THR YA 103 -23.91 112.96 -33.38
N PHE YA 104 -23.72 113.74 -32.31
CA PHE YA 104 -22.59 113.61 -31.40
C PHE YA 104 -23.05 113.17 -30.04
N SER YA 105 -22.21 112.39 -29.35
CA SER YA 105 -22.55 111.97 -28.00
C SER YA 105 -21.30 111.88 -27.10
N CYS YA 106 -21.45 112.13 -25.81
CA CYS YA 106 -20.35 111.92 -24.87
C CYS YA 106 -20.88 111.73 -23.46
N GLU YA 107 -20.02 111.26 -22.55
CA GLU YA 107 -20.43 111.09 -21.16
C GLU YA 107 -19.78 112.13 -20.27
N ILE YA 108 -20.56 112.63 -19.34
CA ILE YA 108 -20.04 113.54 -18.35
C ILE YA 108 -20.31 112.93 -16.97
N ASP YA 109 -19.25 112.48 -16.31
CA ASP YA 109 -19.38 112.04 -14.93
C ASP YA 109 -19.30 113.28 -14.06
N TYR YA 110 -20.46 113.78 -13.66
CA TYR YA 110 -20.54 115.04 -12.94
C TYR YA 110 -19.73 114.97 -11.65
N GLY YA 111 -19.54 113.77 -11.13
CA GLY YA 111 -18.69 113.57 -9.97
C GLY YA 111 -17.25 113.99 -10.19
N GLU YA 112 -16.72 113.69 -11.39
CA GLU YA 112 -15.36 114.06 -11.75
C GLU YA 112 -15.25 115.48 -12.32
N LEU YA 113 -15.91 115.71 -13.45
CA LEU YA 113 -15.82 116.99 -14.14
C LEU YA 113 -16.33 118.17 -13.34
N CYS YA 114 -17.21 117.91 -12.38
CA CYS YA 114 -17.72 118.98 -11.55
C CYS YA 114 -17.30 118.90 -10.09
N GLY YA 115 -17.68 117.82 -9.39
CA GLY YA 115 -17.19 117.61 -8.05
C GLY YA 115 -18.15 117.85 -6.89
N HIS YA 116 -19.17 118.67 -7.12
CA HIS YA 116 -20.19 118.82 -6.09
C HIS YA 116 -21.60 118.43 -6.59
N ALA YA 117 -22.41 117.89 -5.67
CA ALA YA 117 -23.75 117.44 -6.03
C ALA YA 117 -24.77 118.58 -6.21
N MET YA 118 -25.70 118.36 -7.13
CA MET YA 118 -26.68 119.39 -7.49
C MET YA 118 -27.91 119.39 -6.60
N TRP YA 119 -28.25 120.57 -6.10
CA TRP YA 119 -29.39 120.76 -5.20
C TRP YA 119 -30.61 121.18 -5.99
N PHE YA 120 -31.70 120.42 -5.85
CA PHE YA 120 -32.88 120.59 -6.68
C PHE YA 120 -33.45 122.01 -6.68
N LYS YA 121 -33.37 122.72 -5.56
CA LYS YA 121 -34.08 124.00 -5.43
C LYS YA 121 -33.33 125.25 -5.90
N SER YA 122 -32.01 125.18 -5.88
CA SER YA 122 -31.19 126.34 -6.25
C SER YA 122 -29.76 125.97 -6.52
N THR YA 123 -29.10 126.85 -7.24
CA THR YA 123 -27.68 126.69 -7.48
C THR YA 123 -26.91 126.83 -6.15
N THR YA 124 -25.96 125.92 -5.90
CA THR YA 124 -25.17 125.97 -4.68
C THR YA 124 -24.02 126.95 -4.85
N PHE YA 125 -23.09 126.65 -5.75
CA PHE YA 125 -21.97 127.57 -5.95
C PHE YA 125 -22.21 128.45 -7.15
N GLU YA 126 -21.84 127.98 -8.32
CA GLU YA 126 -22.28 128.66 -9.52
C GLU YA 126 -23.10 127.68 -10.36
N SER YA 127 -23.82 128.23 -11.33
CA SER YA 127 -24.72 127.46 -12.18
C SER YA 127 -24.02 126.87 -13.40
N PRO YA 128 -23.99 125.52 -13.51
CA PRO YA 128 -23.26 124.77 -14.55
C PRO YA 128 -23.77 125.03 -15.97
N ARG YA 129 -22.87 125.41 -16.89
CA ARG YA 129 -23.25 125.75 -18.27
C ARG YA 129 -22.60 124.87 -19.32
N LEU YA 130 -23.28 124.70 -20.45
CA LEU YA 130 -22.67 124.15 -21.65
C LEU YA 130 -22.58 125.27 -22.69
N HIS YA 131 -21.37 125.56 -23.16
CA HIS YA 131 -21.20 126.59 -24.20
C HIS YA 131 -20.99 125.96 -25.56
N PHE YA 132 -21.64 126.54 -26.57
CA PHE YA 132 -21.46 126.06 -27.94
C PHE YA 132 -20.85 127.14 -28.83
N THR YA 133 -19.66 126.86 -29.33
CA THR YA 133 -18.93 127.82 -30.14
C THR YA 133 -18.48 127.15 -31.41
N CYS YA 134 -18.18 127.96 -32.40
CA CYS YA 134 -17.68 127.46 -33.68
C CYS YA 134 -16.15 127.55 -33.78
N LEU YA 135 -15.49 126.40 -33.92
CA LEU YA 135 -14.03 126.33 -33.88
C LEU YA 135 -13.42 126.64 -35.25
N THR YA 136 -13.96 125.96 -36.27
CA THR YA 136 -13.60 126.20 -37.67
C THR YA 136 -14.88 126.45 -38.43
N GLY YA 137 -14.86 127.50 -39.25
CA GLY YA 137 -16.04 127.97 -39.95
C GLY YA 137 -16.40 127.16 -41.19
N ASN YA 138 -17.58 127.43 -41.74
CA ASN YA 138 -17.99 126.79 -43.00
C ASN YA 138 -17.20 127.41 -44.17
N ASN YA 139 -17.01 126.62 -45.22
CA ASN YA 139 -16.15 127.04 -46.32
C ASN YA 139 -16.85 128.14 -47.14
N LYS YA 140 -18.17 128.08 -47.16
CA LYS YA 140 -19.06 129.11 -47.74
C LYS YA 140 -20.34 129.03 -46.92
N GLU YA 141 -21.14 130.08 -46.93
CA GLU YA 141 -22.35 130.04 -46.13
C GLU YA 141 -23.29 128.96 -46.65
N LEU YA 142 -24.14 128.46 -45.75
CA LEU YA 142 -25.11 127.44 -46.11
C LEU YA 142 -26.36 128.11 -46.67
N ALA YA 143 -27.35 127.31 -47.03
CA ALA YA 143 -28.53 127.84 -47.68
C ALA YA 143 -29.43 128.67 -46.75
N ALA YA 144 -29.50 128.29 -45.47
CA ALA YA 144 -30.36 129.01 -44.55
C ALA YA 144 -29.94 128.79 -43.10
N ASP YA 145 -30.44 129.62 -42.20
CA ASP YA 145 -30.30 129.38 -40.75
C ASP YA 145 -30.86 128.01 -40.38
N TRP YA 146 -30.29 127.38 -39.36
CA TRP YA 146 -30.81 126.10 -38.88
C TRP YA 146 -30.60 125.96 -37.39
N GLN YA 147 -30.93 124.79 -36.85
CA GLN YA 147 -30.75 124.57 -35.41
C GLN YA 147 -30.27 123.14 -35.14
N ALA YA 148 -29.62 122.98 -33.98
CA ALA YA 148 -29.26 121.69 -33.46
C ALA YA 148 -29.95 121.49 -32.10
N VAL YA 149 -30.21 120.24 -31.74
CA VAL YA 149 -30.89 119.94 -30.48
C VAL YA 149 -29.89 119.30 -29.51
N VAL YA 150 -29.86 119.81 -28.28
CA VAL YA 150 -29.02 119.23 -27.25
C VAL YA 150 -29.89 118.46 -26.23
N GLU YA 151 -29.52 117.21 -25.94
CA GLU YA 151 -30.29 116.40 -25.02
C GLU YA 151 -29.46 115.82 -23.87
N LEU YA 152 -30.00 115.89 -22.65
CA LEU YA 152 -29.37 115.28 -21.47
C LEU YA 152 -30.09 114.00 -21.12
N TYR YA 153 -29.36 112.89 -21.10
CA TYR YA 153 -29.91 111.60 -20.66
C TYR YA 153 -29.25 111.22 -19.35
N ALA YA 154 -30.04 110.74 -18.40
CA ALA YA 154 -29.51 110.41 -17.09
C ALA YA 154 -30.55 109.60 -16.32
N GLU YA 155 -30.09 108.76 -15.41
CA GLU YA 155 -31.00 108.15 -14.44
C GLU YA 155 -30.64 108.69 -13.08
N LEU YA 156 -31.30 109.79 -12.70
CA LEU YA 156 -30.96 110.47 -11.45
C LEU YA 156 -31.29 109.64 -10.23
N GLU YA 157 -30.31 109.48 -9.34
CA GLU YA 157 -30.57 108.88 -8.04
C GLU YA 157 -29.98 109.75 -6.93
N GLU YA 158 -30.50 109.57 -5.72
CA GLU YA 158 -30.09 110.40 -4.59
C GLU YA 158 -28.59 110.26 -4.33
N ALA YA 159 -27.94 111.40 -4.16
CA ALA YA 159 -26.53 111.46 -3.87
C ALA YA 159 -26.26 111.20 -2.40
N THR YA 160 -25.30 110.33 -2.12
CA THR YA 160 -24.95 109.95 -0.76
C THR YA 160 -24.05 111.00 -0.07
N SER YA 161 -23.17 111.66 -0.83
CA SER YA 161 -22.22 112.64 -0.29
C SER YA 161 -22.31 113.96 -1.03
N PHE YA 162 -21.88 115.05 -0.42
CA PHE YA 162 -21.87 116.34 -1.12
C PHE YA 162 -20.75 116.42 -2.16
N LEU YA 163 -19.60 115.86 -1.81
CA LEU YA 163 -18.41 115.97 -2.64
C LEU YA 163 -18.18 114.73 -3.47
N GLY YA 164 -17.66 114.92 -4.68
CA GLY YA 164 -17.27 113.81 -5.54
C GLY YA 164 -15.95 113.21 -5.09
N LYS YA 165 -15.25 112.55 -6.01
CA LYS YA 165 -13.88 112.12 -5.77
C LYS YA 165 -13.00 113.20 -6.38
N PRO YA 166 -11.89 113.56 -5.71
CA PRO YA 166 -11.02 114.64 -6.19
C PRO YA 166 -10.34 114.30 -7.52
N THR YA 167 -10.49 115.20 -8.49
CA THR YA 167 -9.84 115.12 -9.79
C THR YA 167 -8.30 115.10 -9.61
N LEU YA 168 -7.80 115.82 -8.61
CA LEU YA 168 -6.36 116.01 -8.43
C LEU YA 168 -5.97 116.15 -6.97
N VAL YA 169 -4.85 115.54 -6.59
CA VAL YA 169 -4.34 115.73 -5.24
C VAL YA 169 -2.94 116.30 -5.29
N PHE YA 170 -2.70 117.37 -4.55
CA PHE YA 170 -1.45 118.12 -4.67
C PHE YA 170 -0.22 117.30 -4.35
N ASP YA 171 0.73 117.31 -5.29
CA ASP YA 171 2.01 116.62 -5.17
C ASP YA 171 2.98 117.21 -6.21
N PRO YA 172 4.05 117.87 -5.72
CA PRO YA 172 5.04 118.63 -6.49
C PRO YA 172 5.77 117.71 -7.43
N GLY YA 173 6.06 116.52 -6.93
CA GLY YA 173 6.89 115.57 -7.63
C GLY YA 173 6.12 114.67 -8.58
N VAL YA 174 4.87 115.04 -8.89
CA VAL YA 174 4.04 114.19 -9.73
C VAL YA 174 3.25 114.92 -10.82
N PHE YA 175 3.87 114.83 -12.00
CA PHE YA 175 3.31 115.16 -13.28
C PHE YA 175 3.69 113.95 -14.15
N ASN YA 176 2.73 113.06 -14.39
CA ASN YA 176 2.97 111.84 -15.17
C ASN YA 176 3.54 112.11 -16.57
N GLY YA 177 2.86 112.95 -17.34
CA GLY YA 177 3.19 113.15 -18.73
C GLY YA 177 1.98 112.86 -19.61
N LYS YA 178 0.90 112.36 -18.98
CA LYS YA 178 -0.38 112.19 -19.67
C LYS YA 178 -1.27 113.45 -19.49
N PHE YA 179 -2.00 113.82 -20.53
CA PHE YA 179 -2.87 114.99 -20.48
C PHE YA 179 -4.33 114.61 -20.75
N GLN YA 180 -5.26 115.43 -20.27
CA GLN YA 180 -6.63 115.39 -20.80
C GLN YA 180 -7.03 116.78 -21.21
N PHE YA 181 -7.89 116.85 -22.21
CA PHE YA 181 -8.40 118.13 -22.71
C PHE YA 181 -7.33 119.14 -23.11
N LEU YA 182 -6.23 118.64 -23.70
CA LEU YA 182 -5.23 119.55 -24.24
C LEU YA 182 -5.40 119.68 -25.75
N THR YA 183 -6.08 120.73 -26.16
CA THR YA 183 -6.38 120.94 -27.57
C THR YA 183 -5.78 122.28 -27.96
N CYS YA 184 -5.00 122.28 -29.05
CA CYS YA 184 -4.37 123.51 -29.57
C CYS YA 184 -5.34 124.24 -30.46
N PRO YA 185 -5.40 125.57 -30.34
CA PRO YA 185 -6.22 126.34 -31.27
C PRO YA 185 -5.90 125.98 -32.72
N PRO YA 186 -6.87 126.15 -33.62
CA PRO YA 186 -6.72 125.72 -35.01
C PRO YA 186 -5.56 126.41 -35.70
N ILE YA 187 -4.87 125.64 -36.54
CA ILE YA 187 -3.79 126.11 -37.39
C ILE YA 187 -4.34 126.20 -38.82
N PHE YA 188 -4.05 127.27 -39.55
CA PHE YA 188 -4.66 127.43 -40.88
C PHE YA 188 -3.67 127.46 -42.04
N PHE YA 189 -4.05 126.81 -43.14
CA PHE YA 189 -3.22 126.81 -44.35
C PHE YA 189 -3.95 127.48 -45.52
N ASP YA 190 -3.28 128.41 -46.19
CA ASP YA 190 -3.87 129.11 -47.34
C ASP YA 190 -3.72 128.22 -48.55
N LEU YA 191 -4.70 128.26 -49.45
CA LEU YA 191 -4.57 127.46 -50.65
C LEU YA 191 -3.91 128.23 -51.78
N THR YA 192 -3.57 129.48 -51.50
CA THR YA 192 -2.81 130.30 -52.43
C THR YA 192 -1.31 130.15 -52.24
N ALA YA 193 -0.92 129.06 -51.57
CA ALA YA 193 0.48 128.82 -51.25
C ALA YA 193 0.89 127.41 -51.57
N VAL YA 194 1.91 127.25 -52.41
CA VAL YA 194 2.33 125.92 -52.84
C VAL YA 194 2.94 125.06 -51.71
N THR YA 195 3.64 125.69 -50.79
CA THR YA 195 4.02 125.01 -49.54
C THR YA 195 3.88 126.01 -48.41
N ALA YA 196 3.95 125.52 -47.18
CA ALA YA 196 3.84 126.40 -46.02
C ALA YA 196 4.26 125.73 -44.74
N LEU YA 197 4.62 126.54 -43.76
CA LEU YA 197 4.97 126.03 -42.46
C LEU YA 197 4.05 126.63 -41.41
N ARG YA 198 3.59 125.80 -40.47
CA ARG YA 198 2.98 126.32 -39.25
C ARG YA 198 3.60 125.70 -38.02
N SER YA 199 4.11 126.54 -37.13
CA SER YA 199 4.72 126.06 -35.90
C SER YA 199 3.73 126.00 -34.74
N ALA YA 200 3.86 124.94 -33.93
CA ALA YA 200 3.20 124.87 -32.64
C ALA YA 200 4.27 124.77 -31.55
N GLY YA 201 4.29 125.74 -30.63
CA GLY YA 201 5.27 125.73 -29.55
C GLY YA 201 5.11 124.53 -28.65
N LEU YA 202 6.21 123.99 -28.14
CA LEU YA 202 6.11 122.85 -27.23
C LEU YA 202 6.49 123.25 -25.83
N THR YA 203 6.57 124.55 -25.58
CA THR YA 203 6.82 125.07 -24.25
C THR YA 203 5.51 125.13 -23.47
N LEU YA 204 5.02 123.96 -23.06
CA LEU YA 204 3.64 123.78 -22.63
C LEU YA 204 3.27 124.39 -21.27
N GLY YA 205 4.25 124.82 -20.50
CA GLY YA 205 3.99 125.46 -19.23
C GLY YA 205 3.64 126.94 -19.35
N GLN YA 206 3.79 127.47 -20.55
CA GLN YA 206 3.53 128.87 -20.83
C GLN YA 206 2.03 129.10 -20.66
N VAL YA 207 1.65 130.20 -20.02
CA VAL YA 207 0.23 130.51 -19.88
C VAL YA 207 -0.31 131.21 -21.13
N PRO YA 208 -1.38 130.65 -21.71
CA PRO YA 208 -1.98 131.15 -22.96
C PRO YA 208 -2.59 132.51 -22.75
N MET YA 209 -2.62 133.32 -23.79
CA MET YA 209 -3.20 134.65 -23.68
C MET YA 209 -4.20 135.01 -24.78
N VAL YA 210 -5.14 135.88 -24.40
CA VAL YA 210 -6.08 136.44 -25.35
C VAL YA 210 -6.01 137.92 -25.15
N GLY YA 211 -5.27 138.59 -26.05
CA GLY YA 211 -4.96 139.99 -25.84
C GLY YA 211 -4.09 140.15 -24.62
N THR YA 212 -4.52 140.99 -23.69
CA THR YA 212 -3.77 141.21 -22.46
C THR YA 212 -4.23 140.27 -21.34
N THR YA 213 -5.22 139.43 -21.65
CA THR YA 213 -5.80 138.52 -20.66
C THR YA 213 -5.07 137.18 -20.56
N LYS YA 214 -4.56 136.85 -19.37
CA LYS YA 214 -3.95 135.55 -19.11
C LYS YA 214 -5.06 134.52 -18.83
N VAL YA 215 -4.99 133.36 -19.48
CA VAL YA 215 -5.96 132.31 -19.22
C VAL YA 215 -5.29 131.12 -18.54
N TYR YA 216 -5.26 131.14 -17.21
CA TYR YA 216 -4.67 130.06 -16.44
C TYR YA 216 -5.47 128.81 -16.65
N ASN YA 217 -4.80 127.69 -16.89
CA ASN YA 217 -5.49 126.40 -17.04
C ASN YA 217 -4.69 125.25 -16.44
N LEU YA 218 -5.38 124.15 -16.17
CA LEU YA 218 -4.75 123.04 -15.48
C LEU YA 218 -3.56 122.45 -16.23
N ASN YA 219 -3.68 122.29 -17.56
CA ASN YA 219 -2.59 121.67 -18.33
C ASN YA 219 -1.28 122.43 -18.27
N SER YA 220 -1.31 123.73 -18.56
CA SER YA 220 -0.08 124.51 -18.46
C SER YA 220 0.42 124.50 -17.02
N THR YA 221 -0.50 124.55 -16.07
CA THR YA 221 -0.13 124.49 -14.66
C THR YA 221 0.61 123.20 -14.33
N LEU YA 222 0.10 122.05 -14.79
CA LEU YA 222 0.78 120.78 -14.57
C LEU YA 222 2.19 120.79 -15.15
N VAL YA 223 2.34 121.19 -16.41
CA VAL YA 223 3.64 121.21 -17.03
C VAL YA 223 4.62 122.08 -16.24
N SER YA 224 4.13 123.18 -15.68
CA SER YA 224 4.98 124.09 -14.91
C SER YA 224 5.58 123.43 -13.65
N CYS YA 225 5.03 122.26 -13.27
CA CYS YA 225 5.48 121.51 -12.10
C CYS YA 225 6.78 120.77 -12.34
N VAL YA 226 7.28 120.89 -13.57
CA VAL YA 226 8.48 120.23 -14.01
C VAL YA 226 9.43 121.30 -14.60
N LEU YA 227 10.73 121.01 -14.69
CA LEU YA 227 11.65 122.02 -15.25
C LEU YA 227 11.68 121.96 -16.76
N GLY YA 228 11.41 120.78 -17.30
CA GLY YA 228 11.39 120.58 -18.74
C GLY YA 228 11.07 119.13 -19.05
N MET YA 229 10.96 118.82 -20.34
CA MET YA 229 10.52 117.49 -20.76
C MET YA 229 11.06 117.13 -22.13
N GLY YA 230 11.33 115.85 -22.32
CA GLY YA 230 11.74 115.33 -23.60
C GLY YA 230 10.95 114.07 -23.83
N GLY YA 231 11.04 113.50 -25.02
CA GLY YA 231 10.30 112.28 -25.28
C GLY YA 231 9.54 112.38 -26.57
N THR YA 232 8.48 111.59 -26.68
CA THR YA 232 7.67 111.61 -27.88
C THR YA 232 6.29 112.19 -27.60
N VAL YA 233 5.87 113.14 -28.43
CA VAL YA 233 4.54 113.71 -28.36
C VAL YA 233 3.56 112.79 -29.10
N ARG YA 234 2.60 112.21 -28.37
CA ARG YA 234 1.54 111.41 -28.98
C ARG YA 234 0.30 112.27 -29.04
N GLY YA 235 -0.26 112.43 -30.24
CA GLY YA 235 -1.45 113.23 -30.38
C GLY YA 235 -2.37 112.79 -31.50
N ARG YA 236 -3.41 113.59 -31.76
CA ARG YA 236 -4.30 113.35 -32.87
C ARG YA 236 -4.38 114.61 -33.71
N VAL YA 237 -4.52 114.43 -35.02
CA VAL YA 237 -4.69 115.54 -35.94
C VAL YA 237 -6.07 115.44 -36.58
N HIS YA 238 -6.79 116.56 -36.59
CA HIS YA 238 -8.06 116.60 -37.28
C HIS YA 238 -8.03 117.59 -38.43
N ILE YA 239 -8.39 117.11 -39.62
CA ILE YA 239 -8.44 117.97 -40.78
C ILE YA 239 -9.86 118.48 -40.99
N CYS YA 240 -10.07 119.77 -40.72
CA CYS YA 240 -11.41 120.34 -40.57
C CYS YA 240 -11.86 121.10 -41.79
N ALA YA 241 -12.03 120.38 -42.88
CA ALA YA 241 -12.48 120.96 -44.13
C ALA YA 241 -13.44 120.00 -44.88
N PRO YA 242 -14.11 120.50 -45.92
CA PRO YA 242 -15.01 119.70 -46.75
C PRO YA 242 -14.29 118.53 -47.44
N ILE YA 243 -14.97 117.44 -47.78
CA ILE YA 243 -14.33 116.29 -48.47
C ILE YA 243 -13.58 116.71 -49.73
N PHE YA 244 -13.95 117.84 -50.31
CA PHE YA 244 -13.32 118.28 -51.55
C PHE YA 244 -12.08 119.16 -51.33
N TYR YA 245 -11.72 119.40 -50.07
CA TYR YA 245 -10.42 119.95 -49.70
C TYR YA 245 -9.51 118.79 -49.33
N SER YA 246 -8.23 118.92 -49.59
CA SER YA 246 -7.28 117.89 -49.16
C SER YA 246 -5.85 118.40 -49.07
N ILE YA 247 -5.06 117.75 -48.24
CA ILE YA 247 -3.72 118.25 -47.98
C ILE YA 247 -2.80 117.10 -47.59
N VAL YA 248 -1.49 117.32 -47.73
CA VAL YA 248 -0.50 116.38 -47.22
C VAL YA 248 0.52 117.12 -46.38
N LEU YA 249 0.69 116.67 -45.15
CA LEU YA 249 1.60 117.34 -44.22
C LEU YA 249 2.79 116.48 -43.86
N TRP YA 250 3.94 117.12 -43.72
CA TRP YA 250 5.12 116.54 -43.09
C TRP YA 250 5.18 117.15 -41.70
N VAL YA 251 5.06 116.31 -40.67
CA VAL YA 251 5.03 116.80 -39.30
C VAL YA 251 6.30 116.38 -38.57
N VAL YA 252 7.07 117.35 -38.12
CA VAL YA 252 8.36 117.06 -37.52
C VAL YA 252 8.74 118.07 -36.43
N SER YA 253 9.65 117.68 -35.54
CA SER YA 253 10.11 118.56 -34.48
C SER YA 253 11.45 119.23 -34.80
N GLU YA 254 11.55 120.52 -34.50
CA GLU YA 254 12.76 121.28 -34.78
C GLU YA 254 13.17 122.16 -33.60
N TRP YA 255 14.46 122.43 -33.49
CA TRP YA 255 14.97 123.25 -32.40
C TRP YA 255 15.46 124.61 -32.86
N ASN YA 256 15.00 125.66 -32.17
CA ASN YA 256 15.48 127.02 -32.40
C ASN YA 256 15.51 127.44 -33.88
N GLY YA 257 14.34 127.76 -34.42
CA GLY YA 257 14.23 128.05 -35.84
C GLY YA 257 13.94 126.80 -36.64
N THR YA 258 14.02 126.94 -37.95
CA THR YA 258 13.75 125.82 -38.84
C THR YA 258 14.82 125.80 -39.92
N THR YA 259 15.08 124.62 -40.48
CA THR YA 259 16.02 124.54 -41.58
C THR YA 259 15.39 125.13 -42.83
N MET YA 260 16.23 125.66 -43.71
CA MET YA 260 15.76 126.26 -44.94
C MET YA 260 15.96 125.31 -46.11
N ASP YA 261 16.60 124.18 -45.83
CA ASP YA 261 16.97 123.20 -46.85
C ASP YA 261 16.01 122.03 -46.85
N TRP YA 262 15.20 121.94 -47.90
CA TRP YA 262 14.22 120.87 -48.01
C TRP YA 262 14.81 119.46 -47.86
N ASN YA 263 16.06 119.29 -48.28
CA ASN YA 263 16.64 117.97 -48.18
C ASN YA 263 16.99 117.63 -46.75
N GLU YA 264 17.44 118.63 -46.00
CA GLU YA 264 17.77 118.39 -44.59
C GLU YA 264 16.50 118.06 -43.86
N LEU YA 265 15.44 118.81 -44.17
CA LEU YA 265 14.13 118.66 -43.54
C LEU YA 265 13.65 117.22 -43.57
N PHE YA 266 13.89 116.54 -44.67
CA PHE YA 266 13.44 115.16 -44.82
C PHE YA 266 14.42 114.10 -44.33
N LYS YA 267 15.54 114.53 -43.77
CA LYS YA 267 16.43 113.62 -43.10
C LYS YA 267 16.07 113.55 -41.61
N TYR YA 268 15.14 114.41 -41.17
CA TYR YA 268 14.64 114.40 -39.80
C TYR YA 268 13.61 113.29 -39.63
N PRO YA 269 13.41 112.83 -38.39
CA PRO YA 269 12.38 111.83 -38.08
C PRO YA 269 10.97 112.42 -37.90
N GLY YA 270 10.28 112.62 -39.01
CA GLY YA 270 8.91 113.11 -39.00
C GLY YA 270 7.91 112.07 -39.47
N VAL YA 271 6.65 112.48 -39.60
CA VAL YA 271 5.59 111.58 -40.04
C VAL YA 271 4.73 112.31 -41.07
N TYR YA 272 4.10 111.54 -41.97
CA TYR YA 272 3.19 112.15 -42.94
C TYR YA 272 1.75 112.10 -42.42
N VAL YA 273 1.00 113.16 -42.67
CA VAL YA 273 -0.41 113.21 -42.29
C VAL YA 273 -1.24 113.58 -43.50
N GLU YA 274 -2.12 112.68 -43.94
CA GLU YA 274 -2.96 112.90 -45.12
C GLU YA 274 -4.40 113.10 -44.69
N GLU YA 275 -4.70 112.73 -43.46
CA GLU YA 275 -6.09 112.63 -43.02
C GLU YA 275 -6.19 112.53 -41.50
N ASP YA 276 -7.42 112.67 -40.98
CA ASP YA 276 -7.69 112.52 -39.55
C ASP YA 276 -6.92 111.30 -39.04
N GLY YA 277 -6.23 111.43 -37.91
CA GLY YA 277 -5.53 110.30 -37.33
C GLY YA 277 -4.64 110.68 -36.16
N SER YA 278 -3.99 109.68 -35.56
CA SER YA 278 -3.03 109.93 -34.50
C SER YA 278 -1.60 110.06 -35.08
N PHE YA 279 -0.68 110.60 -34.29
CA PHE YA 279 0.71 110.77 -34.69
C PHE YA 279 1.63 110.69 -33.48
N GLU YA 280 2.87 110.31 -33.71
CA GLU YA 280 3.90 110.35 -32.67
C GLU YA 280 5.13 111.02 -33.25
N VAL YA 281 5.55 112.12 -32.64
CA VAL YA 281 6.77 112.80 -33.08
C VAL YA 281 7.73 112.97 -31.90
N LYS YA 282 9.01 112.66 -32.13
CA LYS YA 282 10.04 112.84 -31.11
C LYS YA 282 10.32 114.32 -30.91
N ILE YA 283 10.39 114.74 -29.65
CA ILE YA 283 10.78 116.11 -29.32
C ILE YA 283 12.27 116.25 -29.55
N ARG YA 284 12.64 117.08 -30.51
CA ARG YA 284 14.00 117.24 -30.95
C ARG YA 284 14.71 118.42 -30.25
N SER YA 285 15.84 118.14 -29.60
CA SER YA 285 16.55 119.20 -28.87
C SER YA 285 17.98 118.80 -28.55
N PRO YA 286 18.89 119.78 -28.52
CA PRO YA 286 20.31 119.60 -28.20
C PRO YA 286 20.46 119.01 -26.81
N TYR YA 287 19.44 119.18 -25.97
CA TYR YA 287 19.48 118.70 -24.59
C TYR YA 287 18.53 117.53 -24.39
N HIS YA 288 17.88 117.14 -25.48
CA HIS YA 288 16.91 116.03 -25.48
C HIS YA 288 15.60 116.38 -24.75
N ARG YA 289 15.58 117.58 -24.15
CA ARG YA 289 14.40 118.06 -23.46
C ARG YA 289 14.22 119.52 -23.85
N THR YA 290 12.98 120.02 -23.81
CA THR YA 290 12.70 121.44 -23.97
C THR YA 290 12.24 121.98 -22.61
N PRO YA 291 12.61 123.23 -22.30
CA PRO YA 291 12.22 123.80 -21.01
C PRO YA 291 10.71 123.99 -20.92
N ALA YA 292 10.18 123.83 -19.70
CA ALA YA 292 8.76 123.97 -19.40
C ALA YA 292 8.21 125.38 -19.56
N ARG YA 293 9.00 126.38 -19.19
CA ARG YA 293 8.59 127.78 -19.35
C ARG YA 293 9.70 128.64 -19.93
N LEU YA 294 9.35 129.84 -20.38
CA LEU YA 294 10.35 130.76 -20.94
C LEU YA 294 10.94 131.72 -19.90
N LEU YA 295 12.20 132.09 -20.09
CA LEU YA 295 12.80 133.18 -19.32
C LEU YA 295 12.63 134.45 -20.12
N ALA YA 296 12.99 135.59 -19.54
CA ALA YA 296 12.79 136.87 -20.22
C ALA YA 296 13.40 136.93 -21.62
N GLY YA 297 12.68 137.55 -22.55
CA GLY YA 297 13.18 137.77 -23.89
C GLY YA 297 13.38 136.53 -24.73
N GLN YA 298 12.94 135.39 -24.21
CA GLN YA 298 12.93 134.16 -25.01
C GLN YA 298 11.62 134.02 -25.74
N SER YA 299 11.62 133.15 -26.73
CA SER YA 299 10.46 132.98 -27.59
C SER YA 299 10.20 131.49 -27.70
N GLN YA 300 8.94 131.11 -27.90
CA GLN YA 300 8.67 129.69 -27.91
C GLN YA 300 9.41 129.00 -29.07
N ARG YA 301 9.75 129.77 -30.10
CA ARG YA 301 10.38 129.17 -31.26
C ARG YA 301 11.86 128.93 -31.02
N ASP YA 302 12.40 129.59 -30.01
CA ASP YA 302 13.80 129.41 -29.66
C ASP YA 302 14.08 127.99 -29.15
N MET YA 303 13.03 127.31 -28.69
CA MET YA 303 13.16 125.95 -28.15
C MET YA 303 12.66 124.88 -29.12
N SER YA 304 12.16 123.80 -28.55
CA SER YA 304 11.57 122.71 -29.34
C SER YA 304 10.13 123.03 -29.77
N SER YA 305 9.85 122.83 -31.06
CA SER YA 305 8.50 123.07 -31.59
C SER YA 305 8.03 121.87 -32.41
N LEU YA 306 6.72 121.77 -32.55
CA LEU YA 306 6.08 120.75 -33.38
C LEU YA 306 5.67 121.43 -34.67
N ASN YA 307 6.37 121.12 -35.77
CA ASN YA 307 6.19 121.85 -37.02
C ASN YA 307 5.34 121.15 -38.07
N PHE YA 308 4.40 121.88 -38.65
CA PHE YA 308 3.50 121.31 -39.64
C PHE YA 308 3.79 121.91 -41.00
N TYR YA 309 4.43 121.12 -41.86
CA TYR YA 309 4.82 121.54 -43.22
C TYR YA 309 3.82 121.02 -44.24
N ALA YA 310 3.17 121.94 -44.94
CA ALA YA 310 2.31 121.54 -46.05
C ALA YA 310 3.19 121.27 -47.25
N ILE YA 311 3.31 120.00 -47.64
CA ILE YA 311 4.22 119.63 -48.73
C ILE YA 311 3.49 119.34 -50.04
N ALA YA 312 2.17 119.12 -49.96
CA ALA YA 312 1.33 119.00 -51.15
C ALA YA 312 -0.07 119.54 -50.86
N GLY YA 313 -0.41 120.68 -51.45
CA GLY YA 313 -1.66 121.34 -51.11
C GLY YA 313 -1.49 122.38 -50.01
N PRO YA 314 -2.61 122.78 -49.40
CA PRO YA 314 -3.95 122.27 -49.66
C PRO YA 314 -4.49 122.61 -51.07
N ILE YA 315 -5.36 121.75 -51.57
CA ILE YA 315 -6.05 121.99 -52.83
C ILE YA 315 -7.55 121.97 -52.63
N ALA YA 316 -8.26 122.71 -53.46
CA ALA YA 316 -9.71 122.69 -53.48
C ALA YA 316 -10.18 123.10 -54.87
N PRO YA 317 -11.42 122.78 -55.19
CA PRO YA 317 -11.97 123.19 -56.50
C PRO YA 317 -12.12 124.70 -56.53
N SER YA 318 -12.16 125.31 -57.72
CA SER YA 318 -12.44 126.75 -57.74
C SER YA 318 -13.93 126.89 -57.61
N GLY YA 319 -14.38 128.00 -57.04
CA GLY YA 319 -13.51 128.99 -56.44
C GLY YA 319 -13.79 128.97 -54.95
N GLU YA 320 -13.09 128.08 -54.28
CA GLU YA 320 -13.09 128.07 -52.84
C GLU YA 320 -12.06 129.10 -52.37
N THR YA 321 -12.28 129.66 -51.18
CA THR YA 321 -11.40 130.70 -50.69
C THR YA 321 -10.97 130.44 -49.27
N ALA YA 322 -11.80 129.68 -48.54
CA ALA YA 322 -11.54 129.32 -47.15
C ALA YA 322 -10.15 128.71 -46.94
N GLN YA 323 -9.54 129.01 -45.81
CA GLN YA 323 -8.30 128.32 -45.45
C GLN YA 323 -8.62 126.90 -44.97
N LEU YA 324 -7.65 126.01 -45.04
CA LEU YA 324 -7.83 124.67 -44.51
C LEU YA 324 -7.29 124.62 -43.09
N PRO YA 325 -8.17 124.39 -42.11
CA PRO YA 325 -7.79 124.32 -40.70
C PRO YA 325 -7.37 122.91 -40.22
N ILE YA 326 -6.35 122.88 -39.37
CA ILE YA 326 -5.85 121.67 -38.72
C ILE YA 326 -6.04 121.87 -37.22
N VAL YA 327 -6.75 120.96 -36.56
CA VAL YA 327 -6.84 121.01 -35.11
C VAL YA 327 -5.98 119.92 -34.49
N VAL YA 328 -5.00 120.31 -33.69
CA VAL YA 328 -4.12 119.34 -33.04
C VAL YA 328 -4.48 119.08 -31.56
N GLN YA 329 -4.57 117.80 -31.18
CA GLN YA 329 -4.75 117.43 -29.77
C GLN YA 329 -3.55 116.65 -29.27
N ILE YA 330 -3.05 117.01 -28.09
CA ILE YA 330 -1.88 116.35 -27.53
C ILE YA 330 -2.32 115.48 -26.38
N ASP YA 331 -2.08 114.19 -26.50
CA ASP YA 331 -2.63 113.21 -25.55
C ASP YA 331 -1.65 112.86 -24.45
N GLU YA 332 -0.39 112.62 -24.81
CA GLU YA 332 0.61 112.43 -23.79
C GLU YA 332 2.03 112.53 -24.31
N ILE YA 333 2.98 112.65 -23.39
CA ILE YA 333 4.38 112.48 -23.72
C ILE YA 333 4.72 111.03 -23.41
N VAL YA 334 4.90 110.21 -24.45
CA VAL YA 334 5.21 108.80 -24.26
C VAL YA 334 6.70 108.63 -24.15
N ARG YA 335 7.13 107.62 -23.39
CA ARG YA 335 8.56 107.39 -23.20
C ARG YA 335 9.20 108.71 -22.78
N PRO YA 336 8.71 109.27 -21.67
CA PRO YA 336 9.06 110.63 -21.28
C PRO YA 336 10.45 110.72 -20.66
N ASP YA 337 11.17 111.78 -21.01
CA ASP YA 337 12.42 112.10 -20.35
C ASP YA 337 12.19 113.37 -19.57
N LEU YA 338 11.80 113.25 -18.30
CA LEU YA 338 11.47 114.43 -17.53
C LEU YA 338 12.67 115.05 -16.81
N SER YA 339 12.60 116.34 -16.57
CA SER YA 339 13.56 117.02 -15.72
C SER YA 339 13.21 116.79 -14.26
N LEU YA 340 14.01 117.36 -13.37
CA LEU YA 340 13.61 117.42 -11.98
C LEU YA 340 12.27 118.14 -11.86
N PRO YA 341 11.49 117.77 -10.82
CA PRO YA 341 10.35 118.62 -10.49
C PRO YA 341 10.85 120.04 -10.25
N SER YA 342 10.06 121.04 -10.62
CA SER YA 342 10.45 122.42 -10.37
C SER YA 342 10.37 122.79 -8.87
N PHE YA 343 9.43 122.17 -8.16
CA PHE YA 343 9.37 122.35 -6.69
C PHE YA 343 9.55 121.05 -5.93
N GLU YA 344 10.13 121.16 -4.74
CA GLU YA 344 10.29 120.00 -3.88
C GLU YA 344 9.15 120.00 -2.85
N ASP YA 345 9.11 118.99 -1.98
CA ASP YA 345 8.07 118.96 -0.96
C ASP YA 345 8.45 119.91 0.15
N ASP YA 346 8.27 121.19 -0.13
CA ASP YA 346 8.78 122.24 0.73
C ASP YA 346 7.75 123.34 0.84
N TYR YA 347 8.06 124.35 1.65
CA TYR YA 347 7.26 125.56 1.72
C TYR YA 347 7.42 126.38 0.45
N PHE YA 348 6.45 127.25 0.19
CA PHE YA 348 6.57 128.23 -0.86
C PHE YA 348 5.84 129.50 -0.44
N VAL YA 349 6.10 130.59 -1.13
CA VAL YA 349 5.58 131.87 -0.69
C VAL YA 349 4.09 132.00 -0.95
N TRP YA 350 3.36 132.36 0.08
CA TRP YA 350 1.95 132.70 -0.08
C TRP YA 350 1.84 134.22 -0.28
N VAL YA 351 2.30 134.99 0.70
CA VAL YA 351 2.15 136.43 0.65
C VAL YA 351 3.22 137.17 1.47
N ASP YA 352 3.65 138.31 0.98
CA ASP YA 352 4.47 139.24 1.76
C ASP YA 352 3.66 140.50 2.09
N PHE YA 353 3.64 140.89 3.36
CA PHE YA 353 3.09 142.19 3.75
C PHE YA 353 4.25 143.14 4.08
N SER YA 354 4.16 144.37 3.60
CA SER YA 354 5.24 145.33 3.82
C SER YA 354 4.71 146.76 3.82
N GLU YA 355 5.58 147.72 4.10
CA GLU YA 355 5.20 149.13 4.00
C GLU YA 355 3.93 149.43 4.78
N PHE YA 356 3.91 149.07 6.07
CA PHE YA 356 2.75 149.30 6.92
C PHE YA 356 2.60 150.79 7.25
N THR YA 357 1.37 151.29 7.21
CA THR YA 357 1.14 152.70 7.49
C THR YA 357 0.53 152.93 8.87
N LEU YA 358 -0.13 151.91 9.39
CA LEU YA 358 -0.69 151.96 10.73
C LEU YA 358 -0.03 150.95 11.63
N ASP YA 359 0.13 151.30 12.91
CA ASP YA 359 0.68 150.36 13.88
C ASP YA 359 -0.30 149.21 14.17
N LYS YA 360 -1.59 149.50 14.21
CA LYS YA 360 -2.60 148.44 14.36
C LYS YA 360 -3.04 147.95 12.97
N GLU YA 361 -2.73 146.69 12.68
CA GLU YA 361 -3.13 146.06 11.43
C GLU YA 361 -3.72 144.70 11.74
N GLU YA 362 -4.84 144.36 11.08
CA GLU YA 362 -5.42 143.03 11.26
C GLU YA 362 -5.83 142.37 9.94
N ILE YA 363 -5.12 141.31 9.58
CA ILE YA 363 -5.31 140.60 8.33
C ILE YA 363 -6.20 139.39 8.54
N GLU YA 364 -7.44 139.43 8.06
CA GLU YA 364 -8.34 138.29 8.18
C GLU YA 364 -8.09 137.25 7.12
N ILE YA 365 -7.91 136.00 7.54
CA ILE YA 365 -7.69 134.91 6.62
C ILE YA 365 -8.90 133.99 6.58
N GLY YA 366 -9.40 133.64 7.77
CA GLY YA 366 -10.59 132.83 7.91
C GLY YA 366 -10.31 131.37 7.63
N SER YA 367 -10.94 130.83 6.59
CA SER YA 367 -10.66 129.45 6.22
C SER YA 367 -10.25 129.35 4.74
N ARG YA 368 -9.84 130.47 4.15
CA ARG YA 368 -9.55 130.50 2.71
C ARG YA 368 -8.06 130.65 2.38
N PHE YA 369 -7.68 130.12 1.23
CA PHE YA 369 -6.41 130.48 0.62
C PHE YA 369 -6.74 131.35 -0.57
N PHE YA 370 -6.26 132.60 -0.57
CA PHE YA 370 -6.73 133.56 -1.56
C PHE YA 370 -5.78 134.76 -1.72
N ASP YA 371 -6.15 135.69 -2.60
CA ASP YA 371 -5.36 136.91 -2.78
C ASP YA 371 -5.82 138.02 -1.83
N PHE YA 372 -4.87 138.56 -1.07
CA PHE YA 372 -5.14 139.66 -0.14
C PHE YA 372 -5.19 141.02 -0.82
N THR YA 373 -5.92 141.95 -0.21
CA THR YA 373 -5.81 143.38 -0.56
C THR YA 373 -5.79 144.21 0.70
N SER YA 374 -5.08 145.33 0.66
CA SER YA 374 -5.04 146.24 1.82
C SER YA 374 -4.93 147.67 1.39
N ASN YA 375 -5.58 148.55 2.15
CA ASN YA 375 -5.51 149.99 1.93
C ASN YA 375 -4.41 150.59 2.78
N THR YA 376 -3.98 149.82 3.77
CA THR YA 376 -3.09 150.34 4.80
C THR YA 376 -1.69 149.76 4.71
N CYS YA 377 -1.50 148.81 3.81
CA CYS YA 377 -0.17 148.23 3.60
C CYS YA 377 -0.02 147.59 2.22
N ARG YA 378 1.21 147.24 1.88
CA ARG YA 378 1.49 146.67 0.58
C ARG YA 378 1.41 145.15 0.60
N VAL YA 379 0.54 144.60 -0.24
CA VAL YA 379 0.43 143.16 -0.37
C VAL YA 379 1.15 142.70 -1.62
N SER YA 380 2.01 141.69 -1.49
CA SER YA 380 2.68 141.07 -2.63
C SER YA 380 2.37 139.57 -2.64
N MET YA 381 1.59 139.13 -3.61
CA MET YA 381 1.16 137.75 -3.61
C MET YA 381 2.20 136.85 -4.30
N GLY YA 382 2.33 135.62 -3.85
CA GLY YA 382 3.23 134.66 -4.49
C GLY YA 382 2.57 134.05 -5.72
N GLU YA 383 3.35 133.73 -6.74
CA GLU YA 383 2.87 132.97 -7.90
C GLU YA 383 3.61 131.63 -8.01
N ASN YA 384 2.88 130.54 -7.89
CA ASN YA 384 3.44 129.20 -7.97
C ASN YA 384 2.38 128.17 -8.37
N PRO YA 385 2.78 126.94 -8.67
CA PRO YA 385 1.81 125.99 -9.21
C PRO YA 385 0.67 125.75 -8.23
N PHE YA 386 0.94 125.72 -6.94
CA PHE YA 386 -0.14 125.48 -6.01
C PHE YA 386 -1.25 126.53 -6.16
N ALA YA 387 -0.87 127.80 -6.20
CA ALA YA 387 -1.83 128.88 -6.34
C ALA YA 387 -2.61 128.76 -7.64
N ALA YA 388 -1.93 128.34 -8.70
CA ALA YA 388 -2.61 128.13 -9.98
C ALA YA 388 -3.61 126.97 -9.87
N MET YA 389 -3.22 125.90 -9.18
CA MET YA 389 -4.13 124.77 -9.01
C MET YA 389 -5.38 125.18 -8.24
N ILE YA 390 -5.22 126.06 -7.25
CA ILE YA 390 -6.36 126.59 -6.53
C ILE YA 390 -7.31 127.33 -7.48
N ALA YA 391 -6.71 128.06 -8.43
CA ALA YA 391 -7.45 128.88 -9.38
C ALA YA 391 -8.08 128.08 -10.50
N CYS YA 392 -7.53 126.89 -10.74
CA CYS YA 392 -7.97 126.08 -11.88
C CYS YA 392 -8.88 124.96 -11.49
N HIS YA 393 -9.42 125.02 -10.28
CA HIS YA 393 -10.44 124.06 -9.87
C HIS YA 393 -11.61 124.78 -9.24
N GLY YA 394 -12.79 124.19 -9.35
CA GLY YA 394 -13.99 124.76 -8.81
C GLY YA 394 -13.99 124.74 -7.30
N LEU YA 395 -13.50 123.63 -6.72
CA LEU YA 395 -13.44 123.46 -5.27
C LEU YA 395 -12.11 122.89 -4.82
N HIS YA 396 -11.70 123.21 -3.60
CA HIS YA 396 -10.50 122.61 -3.03
C HIS YA 396 -10.68 122.42 -1.52
N SER YA 397 -9.83 121.61 -0.92
CA SER YA 397 -9.86 121.40 0.53
C SER YA 397 -8.58 120.76 1.02
N GLY YA 398 -8.11 121.17 2.19
CA GLY YA 398 -6.92 120.60 2.76
C GLY YA 398 -6.40 121.39 3.94
N VAL YA 399 -5.19 121.08 4.37
CA VAL YA 399 -4.58 121.80 5.47
C VAL YA 399 -3.24 122.37 5.04
N LEU YA 400 -3.01 123.64 5.38
CA LEU YA 400 -1.73 124.28 5.07
C LEU YA 400 -0.92 124.50 6.33
N ASP YA 401 0.34 124.08 6.32
CA ASP YA 401 1.24 124.46 7.39
C ASP YA 401 1.81 125.82 7.03
N LEU YA 402 1.77 126.76 7.96
CA LEU YA 402 2.31 128.09 7.74
C LEU YA 402 3.63 128.37 8.51
N LYS YA 403 4.56 129.02 7.83
CA LYS YA 403 5.72 129.60 8.49
C LYS YA 403 5.62 131.09 8.34
N LEU YA 404 5.67 131.81 9.46
CA LEU YA 404 5.71 133.25 9.41
C LEU YA 404 7.14 133.71 9.73
N GLN YA 405 7.67 134.63 8.92
CA GLN YA 405 8.96 135.25 9.13
C GLN YA 405 8.87 136.76 9.04
N TRP YA 406 9.63 137.48 9.85
CA TRP YA 406 9.61 138.94 9.75
C TRP YA 406 10.93 139.56 10.16
N SER YA 407 11.23 140.73 9.59
CA SER YA 407 12.42 141.49 9.97
C SER YA 407 11.96 142.83 10.54
N LEU YA 408 12.77 143.45 11.38
CA LEU YA 408 12.41 144.74 11.99
C LEU YA 408 12.76 145.98 11.16
N ASN YA 409 11.93 147.00 11.32
CA ASN YA 409 12.13 148.30 10.68
C ASN YA 409 12.80 149.28 11.63
N THR YA 410 12.48 149.16 12.91
CA THR YA 410 13.10 149.97 13.96
C THR YA 410 14.29 149.25 14.60
N GLU YA 411 14.98 149.91 15.52
CA GLU YA 411 16.11 149.27 16.22
C GLU YA 411 15.63 148.13 17.13
N PHE YA 412 16.37 147.02 17.11
CA PHE YA 412 15.96 145.82 17.86
C PHE YA 412 15.73 146.12 19.34
N GLY YA 413 16.61 146.93 19.92
CA GLY YA 413 16.51 147.24 21.32
C GLY YA 413 15.30 148.06 21.70
N LYS YA 414 14.67 148.68 20.71
CA LYS YA 414 13.51 149.53 20.96
C LYS YA 414 12.21 148.78 20.74
N SER YA 415 12.33 147.57 20.19
CA SER YA 415 11.18 146.80 19.73
C SER YA 415 10.23 146.37 20.87
N SER YA 416 8.95 146.31 20.54
CA SER YA 416 7.94 145.82 21.47
C SER YA 416 6.78 145.22 20.67
N GLY YA 417 5.84 144.61 21.36
CA GLY YA 417 4.67 144.08 20.69
C GLY YA 417 4.84 142.68 20.12
N SER YA 418 3.97 142.33 19.17
CA SER YA 418 3.78 140.94 18.76
C SER YA 418 3.15 140.76 17.37
N VAL YA 419 3.46 139.62 16.77
CA VAL YA 419 2.65 139.03 15.72
C VAL YA 419 1.74 138.02 16.43
N THR YA 420 0.43 138.28 16.45
CA THR YA 420 -0.53 137.39 17.10
C THR YA 420 -1.36 136.64 16.08
N ILE YA 421 -1.46 135.32 16.25
CA ILE YA 421 -2.31 134.51 15.39
C ILE YA 421 -3.61 134.18 16.13
N THR YA 422 -4.70 134.81 15.74
CA THR YA 422 -6.00 134.48 16.34
C THR YA 422 -6.58 133.25 15.65
N LYS YA 423 -6.94 132.24 16.43
CA LYS YA 423 -7.58 131.05 15.87
C LYS YA 423 -8.93 130.81 16.54
N LEU YA 424 -9.99 130.86 15.75
CA LEU YA 424 -11.33 130.69 16.28
C LEU YA 424 -12.04 129.56 15.56
N VAL YA 425 -13.21 129.22 16.08
CA VAL YA 425 -14.15 128.39 15.34
C VAL YA 425 -15.44 129.17 15.31
N GLY YA 426 -15.85 129.56 14.11
CA GLY YA 426 -16.99 130.41 13.93
C GLY YA 426 -16.56 131.67 13.21
N ASP YA 427 -16.71 132.81 13.89
CA ASP YA 427 -16.31 134.12 13.36
C ASP YA 427 -15.88 135.01 14.49
N LYS YA 428 -15.40 136.21 14.14
CA LYS YA 428 -14.89 137.12 15.16
C LYS YA 428 -15.98 137.42 16.19
N ALA YA 429 -17.25 137.42 15.78
CA ALA YA 429 -18.35 137.84 16.64
C ALA YA 429 -18.85 136.82 17.67
N MET YA 430 -18.97 135.56 17.27
CA MET YA 430 -19.59 134.56 18.13
C MET YA 430 -18.77 133.28 18.23
N GLY YA 431 -17.52 133.33 17.81
CA GLY YA 431 -16.68 132.14 17.74
C GLY YA 431 -16.14 131.58 19.04
N LEU YA 432 -15.59 130.37 18.93
CA LEU YA 432 -14.95 129.68 20.03
C LEU YA 432 -13.45 129.85 19.90
N ASP YA 433 -12.73 129.81 21.02
CA ASP YA 433 -11.30 130.10 21.01
C ASP YA 433 -10.47 128.85 20.84
N GLY YA 434 -9.70 128.80 19.77
CA GLY YA 434 -8.81 127.67 19.54
C GLY YA 434 -7.36 127.93 19.95
N PRO YA 435 -6.41 127.35 19.19
CA PRO YA 435 -5.00 127.50 19.46
C PRO YA 435 -4.45 128.83 18.95
N SER YA 436 -5.04 129.93 19.44
CA SER YA 436 -4.50 131.29 19.22
C SER YA 436 -3.12 131.36 19.84
N HIS YA 437 -2.32 132.29 19.35
CA HIS YA 437 -0.89 132.18 19.59
C HIS YA 437 -0.23 133.56 19.53
N VAL YA 438 0.49 133.92 20.58
CA VAL YA 438 1.15 135.22 20.64
C VAL YA 438 2.65 135.09 20.45
N PHE YA 439 3.15 135.61 19.34
CA PHE YA 439 4.58 135.60 19.08
C PHE YA 439 5.11 136.97 19.41
N ALA YA 440 5.87 137.07 20.50
CA ALA YA 440 6.56 138.33 20.79
C ALA YA 440 7.34 138.75 19.54
N ILE YA 441 7.32 140.03 19.21
CA ILE YA 441 7.92 140.48 17.95
C ILE YA 441 9.40 140.08 17.84
N GLN YA 442 10.07 139.94 18.98
CA GLN YA 442 11.48 139.56 19.04
C GLN YA 442 11.76 138.10 18.61
N LYS YA 443 10.75 137.24 18.62
CA LYS YA 443 10.91 135.86 18.09
C LYS YA 443 11.29 135.88 16.60
N LEU YA 444 10.75 136.83 15.86
CA LEU YA 444 11.12 137.06 14.47
C LEU YA 444 10.66 135.94 13.52
N GLU YA 445 9.93 134.98 14.07
CA GLU YA 445 9.29 133.90 13.29
C GLU YA 445 8.30 133.11 14.11
N GLY YA 446 7.38 132.45 13.42
CA GLY YA 446 6.40 131.63 14.10
C GLY YA 446 5.73 130.67 13.13
N THR YA 447 5.04 129.66 13.67
CA THR YA 447 4.40 128.66 12.83
C THR YA 447 2.98 128.43 13.26
N THR YA 448 2.14 127.99 12.32
CA THR YA 448 0.76 127.66 12.63
C THR YA 448 0.18 126.75 11.52
N GLU YA 449 -0.96 126.11 11.78
CA GLU YA 449 -1.67 125.38 10.74
C GLU YA 449 -2.88 126.20 10.30
N LEU YA 450 -3.31 126.02 9.06
CA LEU YA 450 -4.53 126.66 8.58
C LEU YA 450 -5.43 125.65 7.89
N LEU YA 451 -6.66 125.49 8.38
CA LEU YA 451 -7.61 124.62 7.70
C LEU YA 451 -8.22 125.40 6.56
N VAL YA 452 -8.02 124.90 5.34
CA VAL YA 452 -8.66 125.45 4.14
C VAL YA 452 -9.83 124.54 3.79
N GLY YA 453 -11.01 124.94 4.25
CA GLY YA 453 -12.22 124.14 4.14
C GLY YA 453 -13.32 124.66 5.04
N ASN YA 454 -14.32 123.83 5.30
CA ASN YA 454 -15.45 124.22 6.13
C ASN YA 454 -16.36 123.03 6.39
N PHE YA 455 -17.44 123.25 7.12
CA PHE YA 455 -18.33 122.15 7.48
C PHE YA 455 -18.86 121.36 6.28
N ALA YA 456 -19.00 122.03 5.14
CA ALA YA 456 -19.50 121.36 3.94
C ALA YA 456 -18.45 120.46 3.29
N GLY YA 457 -17.18 120.82 3.42
CA GLY YA 457 -16.10 119.95 3.02
C GLY YA 457 -15.11 120.51 2.00
N ALA YA 458 -15.43 121.65 1.40
CA ALA YA 458 -14.58 122.23 0.37
C ALA YA 458 -14.84 123.72 0.16
N ASN YA 459 -13.87 124.44 -0.37
CA ASN YA 459 -14.03 125.87 -0.64
C ASN YA 459 -14.13 126.10 -2.14
N PRO YA 460 -15.02 127.00 -2.54
CA PRO YA 460 -15.03 127.53 -3.90
C PRO YA 460 -13.88 128.55 -4.03
N ASN YA 461 -13.57 128.94 -5.25
CA ASN YA 461 -12.50 129.92 -5.44
C ASN YA 461 -13.06 131.33 -5.50
N THR YA 462 -14.00 131.60 -4.60
CA THR YA 462 -14.64 132.90 -4.51
C THR YA 462 -14.83 133.19 -3.03
N ARG YA 463 -15.45 134.32 -2.72
CA ARG YA 463 -15.87 134.58 -1.34
C ARG YA 463 -17.15 133.77 -1.10
N PHE YA 464 -17.29 133.25 0.12
CA PHE YA 464 -18.41 132.41 0.51
C PHE YA 464 -18.52 132.54 2.04
N SER YA 465 -19.65 132.16 2.60
CA SER YA 465 -19.80 132.19 4.04
C SER YA 465 -20.30 130.84 4.56
N LEU YA 466 -19.37 129.98 4.96
CA LEU YA 466 -19.75 128.68 5.52
C LEU YA 466 -19.00 128.40 6.83
N TYR YA 467 -19.74 128.08 7.89
CA TYR YA 467 -19.17 127.84 9.22
C TYR YA 467 -17.92 126.98 9.16
N SER YA 468 -16.83 127.49 9.72
CA SER YA 468 -15.56 126.78 9.73
C SER YA 468 -14.66 127.35 10.81
N ARG YA 469 -13.44 126.83 10.88
CA ARG YA 469 -12.39 127.46 11.68
C ARG YA 469 -12.05 128.82 11.03
N TRP YA 470 -11.50 129.72 11.82
CA TRP YA 470 -11.29 131.10 11.39
C TRP YA 470 -9.93 131.60 11.90
N MET YA 471 -9.14 132.19 10.99
CA MET YA 471 -7.81 132.66 11.36
C MET YA 471 -7.57 134.12 11.02
N ALA YA 472 -6.80 134.81 11.86
CA ALA YA 472 -6.43 136.18 11.58
C ALA YA 472 -5.05 136.48 12.13
N ILE YA 473 -4.32 137.36 11.44
CA ILE YA 473 -3.01 137.81 11.91
C ILE YA 473 -3.18 139.22 12.45
N LYS YA 474 -2.74 139.46 13.68
CA LYS YA 474 -2.92 140.74 14.35
C LYS YA 474 -1.58 141.40 14.70
N LEU YA 475 -1.27 142.51 14.02
CA LEU YA 475 -0.10 143.31 14.32
C LEU YA 475 -0.45 144.49 15.24
N ASP YA 476 0.36 144.73 16.29
CA ASP YA 476 0.10 145.89 17.17
C ASP YA 476 1.18 146.96 17.05
N GLN YA 477 2.28 146.60 16.40
CA GLN YA 477 3.40 147.49 16.18
C GLN YA 477 3.90 147.37 14.76
N ALA YA 478 2.95 147.39 13.82
CA ALA YA 478 3.23 147.00 12.45
C ALA YA 478 4.27 147.88 11.79
N LYS YA 479 4.33 149.14 12.20
CA LYS YA 479 5.31 150.05 11.62
C LYS YA 479 6.75 149.66 11.99
N SER YA 480 6.90 148.82 13.00
CA SER YA 480 8.22 148.30 13.39
C SER YA 480 8.62 147.07 12.56
N ILE YA 481 7.77 146.69 11.61
CA ILE YA 481 8.06 145.54 10.78
C ILE YA 481 8.39 145.94 9.34
N LYS YA 482 9.54 145.51 8.83
CA LYS YA 482 9.91 145.85 7.46
C LYS YA 482 9.21 144.92 6.48
N VAL YA 483 9.06 143.66 6.88
CA VAL YA 483 8.35 142.68 6.07
C VAL YA 483 7.81 141.51 6.92
N LEU YA 484 6.58 141.10 6.64
CA LEU YA 484 6.00 139.91 7.23
C LEU YA 484 5.78 138.95 6.08
N ARG YA 485 6.52 137.86 6.05
CA ARG YA 485 6.37 136.87 5.00
C ARG YA 485 5.63 135.63 5.48
N VAL YA 486 4.66 135.17 4.70
CA VAL YA 486 3.93 133.96 5.04
C VAL YA 486 4.20 132.86 4.01
N LEU YA 487 4.84 131.78 4.43
CA LEU YA 487 5.06 130.62 3.59
C LEU YA 487 4.08 129.51 3.96
N CYS YA 488 3.67 128.72 2.99
CA CYS YA 488 2.83 127.56 3.30
C CYS YA 488 3.34 126.29 2.65
N LYS YA 489 2.92 125.15 3.20
CA LYS YA 489 3.31 123.82 2.71
C LYS YA 489 2.12 122.90 2.92
N PRO YA 490 1.42 122.54 1.83
CA PRO YA 490 0.22 121.74 1.93
C PRO YA 490 0.52 120.38 2.53
N ARG YA 491 -0.29 119.99 3.51
CA ARG YA 491 -0.23 118.63 4.04
C ARG YA 491 -0.74 117.66 3.03
N PRO YA 492 -0.20 116.45 3.03
CA PRO YA 492 -0.54 115.42 2.05
C PRO YA 492 -2.04 115.22 1.99
N GLY YA 493 -2.55 115.07 0.77
CA GLY YA 493 -3.98 114.89 0.59
C GLY YA 493 -4.74 116.18 0.36
N PHE YA 494 -4.02 117.26 0.05
CA PHE YA 494 -4.71 118.49 -0.32
C PHE YA 494 -5.43 118.24 -1.65
N SER YA 495 -6.74 118.44 -1.66
CA SER YA 495 -7.58 117.98 -2.78
C SER YA 495 -8.23 119.06 -3.61
N PHE YA 496 -8.33 118.79 -4.91
CA PHE YA 496 -8.96 119.70 -5.86
C PHE YA 496 -10.10 118.98 -6.58
N TYR YA 497 -11.20 119.70 -6.78
CA TYR YA 497 -12.38 119.14 -7.43
C TYR YA 497 -12.79 119.96 -8.66
N GLY YA 498 -13.04 119.25 -9.77
CA GLY YA 498 -13.56 119.86 -10.97
C GLY YA 498 -12.62 120.80 -11.71
N ARG YA 499 -11.84 120.26 -12.64
CA ARG YA 499 -10.89 121.07 -13.42
C ARG YA 499 -11.59 122.13 -14.25
N THR YA 500 -11.02 123.33 -14.25
CA THR YA 500 -11.56 124.49 -14.96
C THR YA 500 -10.43 125.49 -15.25
N SER YA 501 -10.80 126.72 -15.56
CA SER YA 501 -9.80 127.73 -15.90
C SER YA 501 -10.09 129.06 -15.19
N PHE YA 502 -9.20 130.02 -15.38
CA PHE YA 502 -9.27 131.25 -14.60
C PHE YA 502 -8.62 132.37 -15.37
N PRO YA 503 -9.42 133.13 -16.12
CA PRO YA 503 -8.94 134.29 -16.85
C PRO YA 503 -8.77 135.50 -15.95
N VAL YA 504 -7.62 136.16 -16.08
CA VAL YA 504 -7.35 137.45 -15.41
C VAL YA 504 -6.72 138.44 -16.38
N GLY ZA 1 -35.05 97.38 49.02
CA GLY ZA 1 -36.22 97.75 49.78
C GLY ZA 1 -36.52 99.23 49.70
N LEU ZA 2 -37.70 99.63 50.18
CA LEU ZA 2 -38.04 101.05 50.23
C LEU ZA 2 -37.07 101.81 51.14
N ALA ZA 3 -36.41 102.80 50.56
CA ALA ZA 3 -35.31 103.49 51.25
C ALA ZA 3 -35.71 104.87 51.75
N GLY ZA 4 -36.60 105.51 50.99
CA GLY ZA 4 -37.08 106.84 51.33
C GLY ZA 4 -38.30 107.20 50.52
N ARG ZA 5 -39.00 108.25 50.93
CA ARG ZA 5 -40.21 108.66 50.24
C ARG ZA 5 -40.48 110.14 50.40
N GLY ZA 6 -41.42 110.63 49.60
CA GLY ZA 6 -41.74 112.05 49.57
C GLY ZA 6 -43.04 112.26 48.84
N VAL ZA 7 -43.58 113.47 48.92
CA VAL ZA 7 -44.88 113.74 48.30
C VAL ZA 7 -44.81 114.98 47.43
N ILE ZA 8 -45.36 114.88 46.22
CA ILE ZA 8 -45.47 116.05 45.35
C ILE ZA 8 -46.93 116.47 45.29
N TYR ZA 9 -47.18 117.77 45.42
CA TYR ZA 9 -48.55 118.21 45.37
C TYR ZA 9 -48.93 118.86 43.99
N ILE ZA 10 -49.90 118.24 43.32
CA ILE ZA 10 -50.49 118.77 42.10
C ILE ZA 10 -51.71 119.62 42.47
N PRO ZA 11 -51.80 120.83 41.91
CA PRO ZA 11 -52.96 121.72 41.97
C PRO ZA 11 -54.04 121.28 40.95
N LYS ZA 12 -55.31 121.57 41.22
CA LYS ZA 12 -56.36 121.19 40.28
C LYS ZA 12 -56.18 121.81 38.90
N ASP ZA 13 -55.61 123.01 38.83
CA ASP ZA 13 -55.20 123.57 37.54
C ASP ZA 13 -53.68 123.46 37.37
N CYS ZA 14 -53.27 122.38 36.72
CA CYS ZA 14 -51.85 122.15 36.49
C CYS ZA 14 -51.52 122.66 35.10
N GLN ZA 15 -51.05 123.91 35.06
CA GLN ZA 15 -50.75 124.57 33.81
C GLN ZA 15 -49.31 124.25 33.44
N ALA ZA 16 -48.99 124.30 32.15
CA ALA ZA 16 -47.60 124.05 31.72
C ALA ZA 16 -46.68 125.00 32.45
N ASN ZA 17 -45.46 124.54 32.65
CA ASN ZA 17 -44.42 125.35 33.28
C ASN ZA 17 -44.61 125.59 34.77
N ARG ZA 18 -45.59 124.89 35.34
CA ARG ZA 18 -45.91 125.02 36.75
C ARG ZA 18 -44.89 124.25 37.61
N TYR ZA 19 -44.34 124.93 38.61
CA TYR ZA 19 -43.40 124.26 39.50
C TYR ZA 19 -44.16 123.49 40.59
N LEU ZA 20 -43.87 122.21 40.74
CA LEU ZA 20 -44.64 121.36 41.65
C LEU ZA 20 -43.93 121.10 42.97
N GLY ZA 21 -42.60 121.13 42.93
CA GLY ZA 21 -41.80 120.96 44.13
C GLY ZA 21 -40.47 120.28 43.91
N THR ZA 22 -39.65 120.30 44.96
CA THR ZA 22 -38.37 119.61 44.92
C THR ZA 22 -38.23 118.66 46.10
N LEU ZA 23 -37.80 117.43 45.82
CA LEU ZA 23 -37.52 116.49 46.90
C LEU ZA 23 -36.02 116.40 47.04
N ASN ZA 24 -35.56 116.35 48.28
CA ASN ZA 24 -34.15 116.22 48.53
C ASN ZA 24 -33.84 114.74 48.77
N ILE ZA 25 -33.06 114.13 47.87
CA ILE ZA 25 -32.86 112.67 47.89
C ILE ZA 25 -32.35 112.19 49.22
N ARG ZA 26 -31.42 112.93 49.82
CA ARG ZA 26 -30.87 112.44 51.07
C ARG ZA 26 -31.86 112.60 52.24
N ASP ZA 27 -32.59 113.71 52.25
CA ASP ZA 27 -33.66 113.90 53.22
C ASP ZA 27 -34.78 112.85 53.10
N MET ZA 28 -35.12 112.43 51.88
CA MET ZA 28 -36.11 111.38 51.71
C MET ZA 28 -35.70 110.11 52.45
N ILE ZA 29 -34.41 109.79 52.38
CA ILE ZA 29 -33.88 108.60 53.04
C ILE ZA 29 -33.76 108.80 54.55
N SER ZA 30 -33.31 109.97 54.97
CA SER ZA 30 -33.08 110.21 56.39
C SER ZA 30 -34.36 110.50 57.18
N ASP ZA 31 -35.38 111.07 56.54
CA ASP ZA 31 -36.64 111.35 57.23
C ASP ZA 31 -37.43 110.06 57.42
N PHE ZA 32 -37.23 109.14 56.48
CA PHE ZA 32 -37.89 107.84 56.52
C PHE ZA 32 -37.26 106.98 57.62
N LYS ZA 33 -35.97 106.68 57.51
CA LYS ZA 33 -35.15 106.30 58.66
C LYS ZA 33 -35.56 105.01 59.39
N GLY ZA 34 -35.89 103.94 58.67
CA GLY ZA 34 -35.38 103.59 57.36
C GLY ZA 34 -34.46 102.41 57.65
N VAL ZA 35 -34.79 101.19 57.23
CA VAL ZA 35 -33.81 100.09 57.35
C VAL ZA 35 -32.58 100.43 56.52
N GLN ZA 36 -32.81 101.00 55.34
CA GLN ZA 36 -31.73 101.39 54.46
C GLN ZA 36 -30.92 102.56 55.02
N TYR ZA 37 -31.59 103.53 55.62
CA TYR ZA 37 -30.91 104.64 56.25
C TYR ZA 37 -29.95 104.14 57.31
N GLU ZA 38 -30.40 103.19 58.12
CA GLU ZA 38 -29.54 102.68 59.17
C GLU ZA 38 -28.37 101.86 58.60
N LYS ZA 39 -28.57 101.12 57.52
CA LYS ZA 39 -27.46 100.43 56.87
C LYS ZA 39 -26.44 101.44 56.39
N TRP ZA 40 -26.94 102.63 56.04
CA TRP ZA 40 -26.14 103.68 55.44
C TRP ZA 40 -25.18 104.24 56.46
N ILE ZA 41 -25.68 104.52 57.66
CA ILE ZA 41 -24.85 105.01 58.75
C ILE ZA 41 -23.63 104.11 58.99
N THR ZA 42 -23.81 102.80 58.85
CA THR ZA 42 -22.70 101.87 59.07
C THR ZA 42 -21.73 101.84 57.90
N ALA ZA 43 -22.26 101.95 56.70
CA ALA ZA 43 -21.44 101.93 55.51
C ALA ZA 43 -20.56 103.19 55.46
N GLY ZA 44 -21.13 104.30 55.91
CA GLY ZA 44 -20.51 105.60 55.71
C GLY ZA 44 -20.81 106.13 54.33
N LEU ZA 45 -20.24 105.48 53.32
CA LEU ZA 45 -20.37 105.89 51.93
C LEU ZA 45 -21.22 104.92 51.14
N VAL ZA 46 -22.16 105.43 50.34
CA VAL ZA 46 -22.96 104.57 49.47
C VAL ZA 46 -22.97 105.09 48.01
N MET ZA 47 -22.99 104.18 47.04
CA MET ZA 47 -23.08 104.56 45.62
C MET ZA 47 -24.28 103.91 44.98
N PRO ZA 48 -25.48 104.22 45.47
CA PRO ZA 48 -26.68 103.39 45.23
C PRO ZA 48 -27.04 103.25 43.76
N THR ZA 49 -27.73 102.15 43.45
CA THR ZA 49 -28.56 102.13 42.26
C THR ZA 49 -30.00 102.25 42.75
N PHE ZA 50 -30.64 103.39 42.47
CA PHE ZA 50 -32.01 103.66 42.91
C PHE ZA 50 -33.00 103.21 41.87
N LYS ZA 51 -34.13 102.67 42.32
CA LYS ZA 51 -35.32 102.59 41.50
C LYS ZA 51 -36.22 103.71 42.02
N ILE ZA 52 -36.57 104.66 41.16
CA ILE ZA 52 -37.49 105.70 41.58
C ILE ZA 52 -38.84 105.33 41.06
N VAL ZA 53 -39.85 105.43 41.92
CA VAL ZA 53 -41.21 105.10 41.53
C VAL ZA 53 -42.12 106.26 41.90
N ILE ZA 54 -42.86 106.76 40.92
CA ILE ZA 54 -43.81 107.81 41.18
C ILE ZA 54 -45.21 107.24 41.06
N ARG ZA 55 -45.92 107.20 42.18
CA ARG ZA 55 -47.29 106.69 42.21
C ARG ZA 55 -48.33 107.78 42.01
N LEU ZA 56 -49.28 107.47 41.13
CA LEU ZA 56 -49.84 108.45 40.22
C LEU ZA 56 -51.02 107.74 39.58
N PRO ZA 57 -52.23 108.27 39.76
CA PRO ZA 57 -53.40 107.56 39.20
C PRO ZA 57 -53.47 107.75 37.70
N ALA ZA 58 -53.47 106.65 36.96
CA ALA ZA 58 -53.47 106.75 35.50
C ALA ZA 58 -54.74 107.42 34.99
N ASN ZA 59 -54.61 108.30 34.02
CA ASN ZA 59 -55.78 108.97 33.47
C ASN ZA 59 -55.56 109.46 32.03
N ALA ZA 60 -56.43 109.04 31.14
CA ALA ZA 60 -56.24 109.39 29.74
C ALA ZA 60 -57.01 110.65 29.33
N PHE ZA 61 -57.61 111.33 30.30
CA PHE ZA 61 -58.52 112.42 29.98
C PHE ZA 61 -58.02 113.80 30.40
N THR ZA 62 -56.71 113.94 30.60
CA THR ZA 62 -56.18 115.21 31.11
C THR ZA 62 -55.18 115.84 30.14
N GLY ZA 63 -54.30 115.02 29.56
CA GLY ZA 63 -53.26 115.54 28.70
C GLY ZA 63 -52.00 115.93 29.45
N LEU ZA 64 -52.04 115.73 30.77
CA LEU ZA 64 -50.93 116.10 31.65
C LEU ZA 64 -49.67 115.30 31.36
N THR ZA 65 -48.56 116.02 31.25
CA THR ZA 65 -47.24 115.41 31.20
C THR ZA 65 -46.30 116.19 32.13
N TRP ZA 66 -45.59 115.49 33.00
CA TRP ZA 66 -44.67 116.11 33.95
C TRP ZA 66 -43.25 115.72 33.62
N VAL ZA 67 -42.31 116.46 34.20
CA VAL ZA 67 -40.91 116.10 34.06
C VAL ZA 67 -40.25 115.94 35.42
N MET ZA 68 -39.63 114.79 35.65
CA MET ZA 68 -38.76 114.61 36.80
C MET ZA 68 -37.33 114.90 36.34
N SER ZA 69 -36.68 115.87 36.99
CA SER ZA 69 -35.33 116.28 36.63
C SER ZA 69 -34.42 115.92 37.78
N PHE ZA 70 -33.39 115.11 37.48
CA PHE ZA 70 -32.37 114.74 38.44
C PHE ZA 70 -31.24 115.79 38.45
N ASP ZA 71 -31.25 116.59 39.51
CA ASP ZA 71 -30.31 117.68 39.64
C ASP ZA 71 -29.32 117.40 40.77
N ALA ZA 72 -28.37 116.51 40.53
CA ALA ZA 72 -27.51 116.07 41.63
C ALA ZA 72 -26.62 117.19 42.17
N TYR ZA 73 -26.41 118.24 41.37
CA TYR ZA 73 -25.49 119.28 41.78
C TYR ZA 73 -26.14 120.63 41.97
N ASN ZA 74 -27.47 120.61 42.10
CA ASN ZA 74 -28.24 121.79 42.44
C ASN ZA 74 -28.00 122.98 41.51
N ARG ZA 75 -27.93 122.71 40.21
CA ARG ZA 75 -27.60 123.72 39.20
C ARG ZA 75 -28.82 124.50 38.66
N ILE ZA 76 -30.02 123.90 38.72
CA ILE ZA 76 -31.21 124.61 38.24
C ILE ZA 76 -32.28 125.01 39.26
N THR ZA 77 -32.15 124.53 40.49
CA THR ZA 77 -33.17 124.84 41.51
C THR ZA 77 -33.53 126.33 41.62
N SER ZA 78 -32.50 127.18 41.71
CA SER ZA 78 -32.67 128.63 41.86
C SER ZA 78 -33.61 129.22 40.80
N ARG ZA 79 -33.62 128.61 39.62
CA ARG ZA 79 -34.21 129.25 38.46
C ARG ZA 79 -35.57 128.68 38.06
N ILE ZA 80 -36.09 127.74 38.83
CA ILE ZA 80 -37.37 127.12 38.45
C ILE ZA 80 -38.48 127.19 39.49
N THR ZA 81 -38.17 127.70 40.68
CA THR ZA 81 -39.13 127.70 41.79
C THR ZA 81 -40.31 128.66 41.65
N ALA ZA 82 -40.19 129.64 40.77
CA ALA ZA 82 -41.30 130.54 40.51
C ALA ZA 82 -42.08 130.09 39.27
N SER ZA 83 -41.33 129.64 38.28
CA SER ZA 83 -41.88 129.05 37.06
C SER ZA 83 -40.78 128.24 36.39
N ALA ZA 84 -41.16 127.11 35.82
CA ALA ZA 84 -40.17 126.18 35.30
C ALA ZA 84 -40.15 126.15 33.77
N ASP ZA 85 -39.31 126.99 33.16
CA ASP ZA 85 -39.10 126.87 31.72
C ASP ZA 85 -38.53 125.48 31.38
N PRO ZA 86 -39.08 124.83 30.34
CA PRO ZA 86 -38.58 123.53 29.92
C PRO ZA 86 -37.09 123.54 29.55
N VAL ZA 87 -36.54 124.66 29.08
CA VAL ZA 87 -35.11 124.70 28.78
C VAL ZA 87 -34.25 124.34 29.99
N TYR ZA 88 -34.67 124.78 31.17
CA TYR ZA 88 -33.97 124.41 32.40
C TYR ZA 88 -34.25 122.95 32.75
N THR ZA 89 -35.53 122.58 32.80
CA THR ZA 89 -35.89 121.27 33.34
C THR ZA 89 -35.40 120.12 32.48
N LEU ZA 90 -35.12 120.39 31.21
CA LEU ZA 90 -34.63 119.35 30.29
C LEU ZA 90 -33.11 119.39 30.07
N SER ZA 91 -32.44 120.31 30.77
CA SER ZA 91 -31.00 120.50 30.59
C SER ZA 91 -30.16 119.57 31.47
N VAL ZA 92 -30.84 118.84 32.35
CA VAL ZA 92 -30.18 117.86 33.18
C VAL ZA 92 -30.85 116.52 32.92
N PRO ZA 93 -30.26 115.42 33.41
CA PRO ZA 93 -30.93 114.14 33.20
C PRO ZA 93 -32.39 114.19 33.67
N HIS ZA 94 -33.29 113.65 32.87
CA HIS ZA 94 -34.71 113.81 33.15
C HIS ZA 94 -35.58 112.74 32.49
N TRP ZA 95 -36.82 112.64 32.95
CA TRP ZA 95 -37.74 111.63 32.46
C TRP ZA 95 -39.11 112.24 32.23
N LEU ZA 96 -39.76 111.86 31.14
CA LEU ZA 96 -41.11 112.32 30.89
C LEU ZA 96 -42.09 111.41 31.62
N ILE ZA 97 -43.03 112.03 32.33
CA ILE ZA 97 -44.05 111.26 33.03
C ILE ZA 97 -45.42 111.52 32.42
N HIS ZA 98 -45.92 110.57 31.65
CA HIS ZA 98 -47.21 110.72 31.00
C HIS ZA 98 -48.37 110.25 31.86
N HIS ZA 99 -49.37 111.11 32.01
CA HIS ZA 99 -50.49 110.83 32.90
C HIS ZA 99 -51.27 109.61 32.42
N LYS ZA 100 -51.30 109.42 31.11
CA LYS ZA 100 -52.04 108.30 30.56
C LYS ZA 100 -51.44 106.96 30.98
N LEU ZA 101 -50.15 106.94 31.30
CA LEU ZA 101 -49.45 105.70 31.65
C LEU ZA 101 -49.48 105.34 33.14
N GLY ZA 102 -49.99 106.27 33.94
CA GLY ZA 102 -50.06 106.07 35.36
C GLY ZA 102 -48.71 105.97 36.06
N THR ZA 103 -48.62 105.03 36.99
CA THR ZA 103 -47.43 104.91 37.83
C THR ZA 103 -46.17 104.73 37.00
N PHE ZA 104 -45.16 105.50 37.37
CA PHE ZA 104 -43.93 105.63 36.58
C PHE ZA 104 -42.75 105.10 37.33
N SER ZA 105 -41.81 104.52 36.60
CA SER ZA 105 -40.60 104.00 37.23
C SER ZA 105 -39.37 104.20 36.36
N CYS ZA 106 -38.21 104.36 36.98
CA CYS ZA 106 -36.93 104.43 36.25
C CYS ZA 106 -35.76 104.09 37.17
N GLU ZA 107 -34.61 103.79 36.56
CA GLU ZA 107 -33.39 103.53 37.33
C GLU ZA 107 -32.43 104.69 37.27
N ILE ZA 108 -31.82 104.97 38.40
CA ILE ZA 108 -30.78 105.96 38.46
C ILE ZA 108 -29.54 105.26 39.00
N ASP ZA 109 -28.55 105.04 38.14
CA ASP ZA 109 -27.25 104.57 38.62
C ASP ZA 109 -26.50 105.81 39.13
N TYR ZA 110 -26.46 105.97 40.43
CA TYR ZA 110 -25.90 107.16 41.03
C TYR ZA 110 -24.42 107.27 40.67
N GLY ZA 111 -23.79 106.14 40.42
CA GLY ZA 111 -22.42 106.13 39.94
C GLY ZA 111 -22.22 106.89 38.64
N GLU ZA 112 -23.15 106.73 37.70
CA GLU ZA 112 -23.06 107.43 36.42
C GLU ZA 112 -23.67 108.82 36.47
N LEU ZA 113 -24.96 108.92 36.75
CA LEU ZA 113 -25.66 110.20 36.75
C LEU ZA 113 -25.13 111.22 37.76
N CYS ZA 114 -24.49 110.75 38.82
CA CYS ZA 114 -23.96 111.68 39.80
C CYS ZA 114 -22.42 111.67 39.86
N GLY ZA 115 -21.81 110.53 40.21
CA GLY ZA 115 -20.37 110.41 40.14
C GLY ZA 115 -19.60 110.37 41.44
N HIS ZA 116 -20.18 110.92 42.50
CA HIS ZA 116 -19.55 110.80 43.81
C HIS ZA 116 -20.44 110.11 44.85
N ALA ZA 117 -19.82 109.39 45.77
CA ALA ZA 117 -20.55 108.62 46.78
C ALA ZA 117 -21.11 109.49 47.89
N MET ZA 118 -22.26 109.09 48.42
CA MET ZA 118 -23.00 109.86 49.42
C MET ZA 118 -22.55 109.55 50.84
N TRP ZA 119 -22.24 110.60 51.58
CA TRP ZA 119 -21.76 110.47 52.96
C TRP ZA 119 -22.91 110.60 53.93
N PHE ZA 120 -23.04 109.64 54.83
CA PHE ZA 120 -24.24 109.55 55.67
C PHE ZA 120 -24.55 110.78 56.53
N LYS ZA 121 -23.50 111.49 56.96
CA LYS ZA 121 -23.70 112.54 57.96
C LYS ZA 121 -23.94 113.96 57.41
N SER ZA 122 -23.51 114.19 56.17
CA SER ZA 122 -23.66 115.52 55.57
C SER ZA 122 -23.42 115.54 54.08
N THR ZA 123 -23.94 116.58 53.45
CA THR ZA 123 -23.74 116.73 52.03
C THR ZA 123 -22.24 116.99 51.78
N THR ZA 124 -21.66 116.32 50.80
CA THR ZA 124 -20.26 116.53 50.46
C THR ZA 124 -20.08 117.76 49.56
N PHE ZA 125 -20.60 117.71 48.35
CA PHE ZA 125 -20.52 118.88 47.48
C PHE ZA 125 -21.80 119.69 47.53
N GLU ZA 126 -22.76 119.33 46.69
CA GLU ZA 126 -24.07 119.93 46.85
C GLU ZA 126 -25.05 118.81 47.10
N SER ZA 127 -26.24 119.19 47.57
CA SER ZA 127 -27.29 118.25 47.95
C SER ZA 127 -28.17 117.86 46.77
N PRO ZA 128 -28.19 116.56 46.42
CA PRO ZA 128 -28.89 116.03 45.23
C PRO ZA 128 -30.41 116.20 45.30
N ARG ZA 129 -31.01 116.77 44.27
CA ARG ZA 129 -32.44 117.02 44.26
C ARG ZA 129 -33.17 116.34 43.09
N LEU ZA 130 -34.46 116.01 43.33
CA LEU ZA 130 -35.38 115.69 42.25
C LEU ZA 130 -36.39 116.84 42.10
N HIS ZA 131 -36.48 117.41 40.90
CA HIS ZA 131 -37.47 118.45 40.61
C HIS ZA 131 -38.68 117.91 39.85
N PHE ZA 132 -39.88 118.34 40.25
CA PHE ZA 132 -41.07 117.94 39.52
C PHE ZA 132 -41.79 119.15 38.95
N THR ZA 133 -41.88 119.18 37.63
CA THR ZA 133 -42.44 120.30 36.89
C THR ZA 133 -43.47 119.80 35.91
N CYS ZA 134 -44.36 120.68 35.50
CA CYS ZA 134 -45.35 120.30 34.50
C CYS ZA 134 -44.93 120.74 33.09
N LEU ZA 135 -44.77 119.79 32.17
CA LEU ZA 135 -44.29 120.08 30.83
C LEU ZA 135 -45.41 120.54 29.89
N THR ZA 136 -46.51 119.77 29.89
CA THR ZA 136 -47.73 120.12 29.18
C THR ZA 136 -48.88 120.10 30.16
N GLY ZA 137 -49.72 121.13 30.11
CA GLY ZA 137 -50.80 121.28 31.09
C GLY ZA 137 -52.03 120.43 30.83
N ASN ZA 138 -52.96 120.44 31.79
CA ASN ZA 138 -54.22 119.73 31.59
C ASN ZA 138 -55.10 120.54 30.64
N ASN ZA 139 -55.99 119.86 29.94
CA ASN ZA 139 -56.81 120.49 28.92
C ASN ZA 139 -57.86 121.40 29.54
N LYS ZA 140 -58.27 121.04 30.75
CA LYS ZA 140 -59.18 121.83 31.57
C LYS ZA 140 -58.84 121.44 32.99
N GLU ZA 141 -59.16 122.28 33.96
CA GLU ZA 141 -58.76 121.93 35.32
C GLU ZA 141 -59.46 120.65 35.74
N LEU ZA 142 -58.88 119.96 36.71
CA LEU ZA 142 -59.48 118.75 37.27
C LEU ZA 142 -60.46 119.11 38.39
N ALA ZA 143 -61.06 118.11 39.00
CA ALA ZA 143 -62.09 118.36 39.98
C ALA ZA 143 -61.53 118.96 41.28
N ALA ZA 144 -60.33 118.56 41.69
CA ALA ZA 144 -59.77 119.03 42.96
C ALA ZA 144 -58.27 118.88 43.00
N ASP ZA 145 -57.63 119.52 43.98
CA ASP ZA 145 -56.21 119.31 44.22
C ASP ZA 145 -55.95 117.85 44.57
N TRP ZA 146 -54.77 117.35 44.21
CA TRP ZA 146 -54.40 115.99 44.55
C TRP ZA 146 -52.91 115.89 44.82
N GLN ZA 147 -52.43 114.67 45.05
CA GLN ZA 147 -51.00 114.45 45.27
C GLN ZA 147 -50.48 113.17 44.61
N ALA ZA 148 -49.17 113.15 44.37
CA ALA ZA 148 -48.50 111.95 43.88
C ALA ZA 148 -47.43 111.59 44.89
N VAL ZA 149 -47.12 110.30 44.99
CA VAL ZA 149 -46.12 109.84 45.95
C VAL ZA 149 -44.85 109.43 45.22
N VAL ZA 150 -43.70 109.89 45.71
CA VAL ZA 150 -42.40 109.53 45.14
C VAL ZA 150 -41.67 108.56 46.06
N GLU ZA 151 -41.20 107.44 45.54
CA GLU ZA 151 -40.53 106.43 46.38
C GLU ZA 151 -39.15 106.05 45.85
N LEU ZA 152 -38.18 105.94 46.74
CA LEU ZA 152 -36.82 105.48 46.39
C LEU ZA 152 -36.62 104.06 46.87
N TYR ZA 153 -36.31 103.15 45.95
CA TYR ZA 153 -36.01 101.77 46.31
C TYR ZA 153 -34.55 101.53 46.06
N ALA ZA 154 -33.86 100.89 46.99
CA ALA ZA 154 -32.44 100.64 46.86
C ALA ZA 154 -32.01 99.61 47.87
N GLU ZA 155 -30.95 98.87 47.56
CA GLU ZA 155 -30.28 98.04 48.54
C GLU ZA 155 -28.90 98.63 48.79
N LEU ZA 156 -28.82 99.54 49.75
CA LEU ZA 156 -27.58 100.26 50.03
C LEU ZA 156 -26.47 99.36 50.55
N GLU ZA 157 -25.30 99.41 49.91
CA GLU ZA 157 -24.13 98.72 50.44
C GLU ZA 157 -22.94 99.67 50.44
N GLU ZA 158 -21.94 99.35 51.25
CA GLU ZA 158 -20.81 100.24 51.43
C GLU ZA 158 -20.07 100.45 50.11
N ALA ZA 159 -19.77 101.71 49.83
CA ALA ZA 159 -19.05 102.09 48.63
C ALA ZA 159 -17.54 101.89 48.82
N THR ZA 160 -16.92 101.29 47.81
CA THR ZA 160 -15.50 100.97 47.84
C THR ZA 160 -14.62 102.19 47.48
N SER ZA 161 -15.12 103.06 46.59
CA SER ZA 161 -14.36 104.22 46.14
C SER ZA 161 -15.19 105.49 46.27
N PHE ZA 162 -14.54 106.65 46.33
CA PHE ZA 162 -15.26 107.93 46.38
C PHE ZA 162 -15.88 108.26 45.04
N LEU ZA 163 -15.12 108.03 43.98
CA LEU ZA 163 -15.54 108.41 42.63
C LEU ZA 163 -16.21 107.27 41.87
N GLY ZA 164 -17.21 107.61 41.06
CA GLY ZA 164 -17.81 106.65 40.13
C GLY ZA 164 -16.94 106.36 38.92
N LYS ZA 165 -17.56 105.94 37.84
CA LYS ZA 165 -16.84 105.81 36.58
C LYS ZA 165 -17.22 107.07 35.82
N PRO ZA 166 -16.26 107.64 35.07
CA PRO ZA 166 -16.49 108.93 34.40
C PRO ZA 166 -17.50 108.80 33.27
N THR ZA 167 -18.53 109.63 33.31
CA THR ZA 167 -19.52 109.75 32.24
C THR ZA 167 -18.87 110.10 30.90
N LEU ZA 168 -17.80 110.89 30.93
CA LEU ZA 168 -17.18 111.42 29.70
C LEU ZA 168 -15.66 111.61 29.84
N VAL ZA 169 -14.91 111.28 28.80
CA VAL ZA 169 -13.48 111.56 28.81
C VAL ZA 169 -13.12 112.44 27.63
N PHE ZA 170 -12.41 113.53 27.91
CA PHE ZA 170 -12.19 114.55 26.89
C PHE ZA 170 -11.44 114.04 25.69
N ASP ZA 171 -12.03 114.28 24.52
CA ASP ZA 171 -11.49 113.92 23.21
C ASP ZA 171 -12.18 114.77 22.13
N PRO ZA 172 -11.40 115.65 21.47
CA PRO ZA 172 -11.87 116.61 20.47
C PRO ZA 172 -12.46 115.91 19.28
N GLY ZA 173 -11.82 114.81 18.91
CA GLY ZA 173 -12.14 114.10 17.69
C GLY ZA 173 -13.22 113.05 17.90
N VAL ZA 174 -13.93 113.13 19.02
CA VAL ZA 174 -14.96 112.12 19.32
C VAL ZA 174 -16.28 112.68 19.87
N PHE ZA 175 -17.20 112.75 18.91
CA PHE ZA 175 -18.63 112.96 19.06
C PHE ZA 175 -19.25 111.90 18.16
N ASN ZA 176 -19.73 110.81 18.75
CA ASN ZA 176 -20.30 109.69 17.99
C ASN ZA 176 -21.45 110.12 17.08
N GLY ZA 177 -22.46 110.78 17.65
CA GLY ZA 177 -23.67 111.07 16.92
C GLY ZA 177 -24.87 110.53 17.67
N LYS ZA 178 -24.60 109.78 18.74
CA LYS ZA 178 -25.64 109.32 19.66
C LYS ZA 178 -25.87 110.33 20.81
N PHE ZA 179 -27.12 110.53 21.23
CA PHE ZA 179 -27.43 111.46 22.32
C PHE ZA 179 -28.12 110.74 23.48
N GLN ZA 180 -28.02 111.33 24.67
CA GLN ZA 180 -28.94 110.97 25.75
C GLN ZA 180 -29.55 112.23 26.31
N PHE ZA 181 -30.77 112.13 26.80
CA PHE ZA 181 -31.49 113.25 27.42
C PHE ZA 181 -31.60 114.51 26.56
N LEU ZA 182 -31.79 114.31 25.25
CA LEU ZA 182 -31.97 115.43 24.35
C LEU ZA 182 -33.45 115.50 24.06
N THR ZA 183 -34.14 116.36 24.79
CA THR ZA 183 -35.57 116.54 24.63
C THR ZA 183 -35.84 117.99 24.25
N CYS ZA 184 -36.59 118.19 23.18
CA CYS ZA 184 -36.96 119.53 22.73
C CYS ZA 184 -38.16 120.02 23.52
N PRO ZA 185 -38.16 121.30 23.91
CA PRO ZA 185 -39.36 121.89 24.53
C PRO ZA 185 -40.60 121.64 23.67
N PRO ZA 186 -41.77 121.60 24.32
CA PRO ZA 186 -43.02 121.23 23.63
C PRO ZA 186 -43.35 122.18 22.50
N ILE ZA 187 -43.85 121.62 21.41
CA ILE ZA 187 -44.34 122.35 20.24
C ILE ZA 187 -45.87 122.32 20.31
N PHE ZA 188 -46.54 123.45 20.03
CA PHE ZA 188 -48.00 123.52 20.20
C PHE ZA 188 -48.78 123.79 18.90
N PHE ZA 189 -49.91 123.10 18.74
CA PHE ZA 189 -50.78 123.32 17.58
C PHE ZA 189 -52.13 123.81 18.03
N ASP ZA 190 -52.62 124.87 17.39
CA ASP ZA 190 -53.94 125.42 17.74
C ASP ZA 190 -55.00 124.60 17.02
N LEU ZA 191 -56.16 124.41 17.64
CA LEU ZA 191 -57.22 123.70 16.93
C LEU ZA 191 -58.11 124.63 16.13
N THR ZA 192 -57.81 125.92 16.19
CA THR ZA 192 -58.52 126.93 15.41
C THR ZA 192 -57.82 127.14 14.08
N ALA ZA 193 -57.00 126.17 13.70
CA ALA ZA 193 -56.25 126.25 12.46
C ALA ZA 193 -56.34 124.96 11.64
N VAL ZA 194 -56.82 125.09 10.40
CA VAL ZA 194 -57.01 123.91 9.57
C VAL ZA 194 -55.70 123.18 9.21
N THR ZA 195 -54.64 123.94 8.96
CA THR ZA 195 -53.29 123.38 8.87
C THR ZA 195 -52.31 124.27 9.61
N ALA ZA 196 -51.08 123.78 9.81
CA ALA ZA 196 -50.09 124.61 10.48
C ALA ZA 196 -48.70 124.02 10.36
N LEU ZA 197 -47.70 124.87 10.54
CA LEU ZA 197 -46.33 124.42 10.54
C LEU ZA 197 -45.65 124.79 11.83
N ARG ZA 198 -44.87 123.86 12.37
CA ARG ZA 198 -43.96 124.19 13.47
C ARG ZA 198 -42.56 123.71 13.14
N SER ZA 199 -41.61 124.63 13.20
CA SER ZA 199 -40.21 124.30 12.92
C SER ZA 199 -39.42 123.98 14.17
N ALA ZA 200 -38.54 122.99 14.06
CA ALA ZA 200 -37.54 122.73 15.08
C ALA ZA 200 -36.18 122.86 14.43
N GLY ZA 201 -35.35 123.77 14.93
CA GLY ZA 201 -34.04 123.97 14.37
C GLY ZA 201 -33.13 122.76 14.58
N LEU ZA 202 -32.26 122.49 13.61
CA LEU ZA 202 -31.38 121.35 13.72
C LEU ZA 202 -29.94 121.79 13.93
N THR ZA 203 -29.78 123.08 14.23
CA THR ZA 203 -28.45 123.62 14.54
C THR ZA 203 -28.14 123.37 16.02
N LEU ZA 204 -27.85 122.10 16.34
CA LEU ZA 204 -27.89 121.60 17.71
C LEU ZA 204 -26.75 122.10 18.62
N GLY ZA 205 -25.74 122.74 18.05
CA GLY ZA 205 -24.65 123.25 18.85
C GLY ZA 205 -24.96 124.61 19.47
N GLN ZA 206 -26.08 125.18 19.06
CA GLN ZA 206 -26.53 126.49 19.54
C GLN ZA 206 -26.86 126.37 21.03
N VAL ZA 207 -26.45 127.33 21.84
CA VAL ZA 207 -26.76 127.28 23.26
C VAL ZA 207 -28.15 127.85 23.51
N PRO ZA 208 -29.02 127.07 24.16
CA PRO ZA 208 -30.42 127.42 24.42
C PRO ZA 208 -30.53 128.59 25.38
N MET ZA 209 -31.58 129.39 25.26
CA MET ZA 209 -31.71 130.54 26.14
C MET ZA 209 -33.07 130.67 26.79
N VAL ZA 210 -33.09 131.32 27.94
CA VAL ZA 210 -34.33 131.63 28.63
C VAL ZA 210 -34.23 133.10 28.98
N GLY ZA 211 -34.87 133.92 28.17
CA GLY ZA 211 -34.65 135.35 28.26
C GLY ZA 211 -33.20 135.69 27.91
N THR ZA 212 -32.51 136.36 28.83
CA THR ZA 212 -31.13 136.73 28.59
C THR ZA 212 -30.15 135.69 29.14
N THR ZA 213 -30.70 134.65 29.76
CA THR ZA 213 -29.89 133.63 30.41
C THR ZA 213 -29.50 132.51 29.46
N LYS ZA 214 -28.20 132.29 29.31
CA LYS ZA 214 -27.69 131.16 28.53
C LYS ZA 214 -27.71 129.89 29.39
N VAL ZA 215 -28.23 128.80 28.85
CA VAL ZA 215 -28.23 127.54 29.57
C VAL ZA 215 -27.28 126.53 28.90
N TYR ZA 216 -26.02 126.55 29.29
CA TYR ZA 216 -25.06 125.62 28.74
C TYR ZA 216 -25.46 124.21 29.13
N ASN ZA 217 -25.41 123.28 28.19
CA ASN ZA 217 -25.68 121.88 28.50
C ASN ZA 217 -24.80 120.95 27.71
N LEU ZA 218 -24.70 119.70 28.16
CA LEU ZA 218 -23.77 118.77 27.54
C LEU ZA 218 -24.07 118.48 26.08
N ASN ZA 219 -25.34 118.34 25.71
CA ASN ZA 219 -25.68 117.98 24.34
C ASN ZA 219 -25.24 119.02 23.32
N SER ZA 220 -25.60 120.28 23.54
CA SER ZA 220 -25.14 121.33 22.63
C SER ZA 220 -23.61 121.44 22.66
N THR ZA 221 -23.02 121.25 23.83
CA THR ZA 221 -21.57 121.24 23.93
C THR ZA 221 -20.94 120.15 23.04
N LEU ZA 222 -21.49 118.93 23.08
CA LEU ZA 222 -21.00 117.85 22.24
C LEU ZA 222 -21.11 118.19 20.76
N VAL ZA 223 -22.27 118.65 20.33
CA VAL ZA 223 -22.44 119.00 18.94
C VAL ZA 223 -21.42 120.07 18.49
N SER ZA 224 -21.10 121.00 19.39
CA SER ZA 224 -20.14 122.07 19.04
C SER ZA 224 -18.73 121.52 18.75
N CYS ZA 225 -18.47 120.27 19.13
CA CYS ZA 225 -17.18 119.61 18.90
C CYS ZA 225 -16.96 119.22 17.47
N VAL ZA 226 -17.95 119.51 16.65
CA VAL ZA 226 -17.95 119.17 15.24
C VAL ZA 226 -18.26 120.44 14.44
N LEU ZA 227 -17.94 120.46 13.15
CA LEU ZA 227 -18.23 121.66 12.34
C LEU ZA 227 -19.65 121.63 11.82
N GLY ZA 228 -20.17 120.43 11.61
CA GLY ZA 228 -21.52 120.25 11.11
C GLY ZA 228 -21.83 118.77 10.96
N MET ZA 229 -23.05 118.45 10.56
CA MET ZA 229 -23.52 117.06 10.54
C MET ZA 229 -24.63 116.88 9.52
N GLY ZA 230 -24.63 115.71 8.91
CA GLY ZA 230 -25.68 115.30 8.02
C GLY ZA 230 -26.08 113.90 8.40
N GLY ZA 231 -27.12 113.37 7.78
CA GLY ZA 231 -27.53 112.03 8.09
C GLY ZA 231 -29.01 111.97 8.39
N THR ZA 232 -29.40 110.97 9.16
CA THR ZA 232 -30.81 110.82 9.49
C THR ZA 232 -31.04 111.04 10.98
N VAL ZA 233 -32.01 111.89 11.31
CA VAL ZA 233 -32.42 112.13 12.68
C VAL ZA 233 -33.37 111.03 13.14
N ARG ZA 234 -32.95 110.22 14.12
CA ARG ZA 234 -33.80 109.19 14.71
C ARG ZA 234 -34.32 109.71 16.04
N GLY ZA 235 -35.63 109.75 16.20
CA GLY ZA 235 -36.19 110.24 17.43
C GLY ZA 235 -37.51 109.62 17.81
N ARG ZA 236 -38.14 110.18 18.84
CA ARG ZA 236 -39.47 109.76 19.23
C ARG ZA 236 -40.37 110.98 19.34
N VAL ZA 237 -41.64 110.80 19.01
CA VAL ZA 237 -42.61 111.87 19.12
C VAL ZA 237 -43.65 111.48 20.13
N HIS ZA 238 -43.94 112.38 21.06
CA HIS ZA 238 -45.02 112.14 22.01
C HIS ZA 238 -46.16 113.13 21.80
N ILE ZA 239 -47.36 112.59 21.65
CA ILE ZA 239 -48.54 113.42 21.54
C ILE ZA 239 -49.20 113.56 22.90
N CYS ZA 240 -49.11 114.77 23.47
CA CYS ZA 240 -49.43 115.00 24.87
C CYS ZA 240 -50.79 115.65 25.08
N ALA ZA 241 -51.84 114.92 24.72
CA ALA ZA 241 -53.19 115.41 24.86
C ALA ZA 241 -54.13 114.26 25.27
N PRO ZA 242 -55.35 114.62 25.68
CA PRO ZA 242 -56.39 113.64 26.05
C PRO ZA 242 -56.73 112.70 24.88
N ILE ZA 243 -57.26 111.49 25.14
CA ILE ZA 243 -57.62 110.54 24.06
C ILE ZA 243 -58.57 111.13 23.05
N PHE ZA 244 -59.34 112.14 23.46
CA PHE ZA 244 -60.32 112.75 22.57
C PHE ZA 244 -59.77 113.88 21.70
N TYR ZA 245 -58.48 114.19 21.85
CA TYR ZA 245 -57.73 115.01 20.90
C TYR ZA 245 -57.00 114.10 19.92
N SER ZA 246 -56.87 114.53 18.68
CA SER ZA 246 -56.09 113.76 17.72
C SER ZA 246 -55.58 114.61 16.56
N ILE ZA 247 -54.50 114.15 15.94
CA ILE ZA 247 -53.85 114.93 14.92
C ILE ZA 247 -53.11 114.02 13.96
N VAL ZA 248 -52.85 114.54 12.76
CA VAL ZA 248 -51.99 113.83 11.81
C VAL ZA 248 -50.94 114.77 11.29
N LEU ZA 249 -49.67 114.36 11.42
CA LEU ZA 249 -48.56 115.21 11.07
C LEU ZA 249 -47.77 114.67 9.90
N TRP ZA 250 -47.34 115.57 9.01
CA TRP ZA 250 -46.32 115.27 8.02
C TRP ZA 250 -45.01 115.85 8.55
N VAL ZA 251 -44.02 114.99 8.79
CA VAL ZA 251 -42.75 115.44 9.36
C VAL ZA 251 -41.62 115.31 8.36
N VAL ZA 252 -41.00 116.44 8.02
CA VAL ZA 252 -40.00 116.44 6.95
C VAL ZA 252 -38.94 117.49 7.17
N SER ZA 253 -37.79 117.31 6.55
CA SER ZA 253 -36.69 118.26 6.69
C SER ZA 253 -36.62 119.25 5.52
N GLU ZA 254 -36.41 120.54 5.83
CA GLU ZA 254 -36.29 121.55 4.79
C GLU ZA 254 -35.12 122.49 5.02
N TRP ZA 255 -34.60 123.04 3.92
CA TRP ZA 255 -33.45 123.92 3.99
C TRP ZA 255 -33.81 125.37 3.69
N ASN ZA 256 -33.38 126.26 4.59
CA ASN ZA 256 -33.53 127.70 4.40
C ASN ZA 256 -34.93 128.13 3.99
N GLY ZA 257 -35.83 128.16 4.95
CA GLY ZA 257 -37.22 128.47 4.67
C GLY ZA 257 -38.02 127.21 4.38
N THR ZA 258 -39.24 127.39 3.92
CA THR ZA 258 -40.08 126.26 3.63
C THR ZA 258 -40.75 126.51 2.30
N THR ZA 259 -41.12 125.44 1.60
CA THR ZA 259 -41.87 125.61 0.36
C THR ZA 259 -43.30 126.05 0.66
N MET ZA 260 -43.89 126.77 -0.29
CA MET ZA 260 -45.24 127.27 -0.09
C MET ZA 260 -46.22 126.42 -0.90
N ASP ZA 261 -45.68 125.47 -1.66
CA ASP ZA 261 -46.45 124.62 -2.55
C ASP ZA 261 -46.69 123.27 -1.94
N TRP ZA 262 -47.93 123.00 -1.56
CA TRP ZA 262 -48.30 121.72 -0.93
C TRP ZA 262 -47.86 120.51 -1.74
N ASN ZA 263 -47.85 120.64 -3.07
CA ASN ZA 263 -47.50 119.50 -3.89
C ASN ZA 263 -46.02 119.22 -3.84
N GLU ZA 264 -45.21 120.28 -3.80
CA GLU ZA 264 -43.77 120.09 -3.68
C GLU ZA 264 -43.47 119.45 -2.32
N LEU ZA 265 -44.14 119.96 -1.29
CA LEU ZA 265 -43.96 119.47 0.08
C LEU ZA 265 -44.04 117.95 0.18
N PHE ZA 266 -44.97 117.36 -0.57
CA PHE ZA 266 -45.17 115.91 -0.49
C PHE ZA 266 -44.34 115.11 -1.47
N LYS ZA 267 -43.47 115.79 -2.21
CA LYS ZA 267 -42.48 115.09 -3.02
C LYS ZA 267 -41.18 114.92 -2.22
N TYR ZA 268 -41.11 115.56 -1.06
CA TYR ZA 268 -39.98 115.39 -0.15
C TYR ZA 268 -40.09 114.07 0.59
N PRO ZA 269 -38.96 113.56 1.11
CA PRO ZA 269 -38.93 112.33 1.91
C PRO ZA 269 -39.23 112.57 3.40
N GLY ZA 270 -40.53 112.60 3.71
CA GLY ZA 270 -41.00 112.74 5.08
C GLY ZA 270 -41.71 111.50 5.60
N VAL ZA 271 -42.25 111.61 6.80
CA VAL ZA 271 -42.98 110.52 7.43
C VAL ZA 271 -44.27 111.05 8.05
N TYR ZA 272 -45.27 110.18 8.19
CA TYR ZA 272 -46.52 110.60 8.82
C TYR ZA 272 -46.47 110.18 10.29
N VAL ZA 273 -47.01 111.03 11.15
CA VAL ZA 273 -47.09 110.72 12.57
C VAL ZA 273 -48.53 110.91 12.99
N GLU ZA 274 -49.17 109.83 13.46
CA GLU ZA 274 -50.57 109.85 13.91
C GLU ZA 274 -50.65 109.68 15.41
N GLU ZA 275 -49.57 109.18 16.00
CA GLU ZA 275 -49.58 108.79 17.41
C GLU ZA 275 -48.17 108.67 17.98
N ASP ZA 276 -48.07 108.57 19.31
CA ASP ZA 276 -46.80 108.29 19.98
C ASP ZA 276 -46.02 107.26 19.16
N GLY ZA 277 -44.74 107.52 18.93
CA GLY ZA 277 -43.89 106.58 18.19
C GLY ZA 277 -42.53 107.14 17.84
N SER ZA 278 -41.70 106.30 17.23
CA SER ZA 278 -40.39 106.77 16.76
C SER ZA 278 -40.50 107.24 15.30
N PHE ZA 279 -39.47 107.94 14.82
CA PHE ZA 279 -39.43 108.45 13.45
C PHE ZA 279 -37.99 108.58 13.01
N GLU ZA 280 -37.77 108.48 11.70
CA GLU ZA 280 -36.47 108.78 11.10
C GLU ZA 280 -36.68 109.76 9.97
N VAL ZA 281 -36.02 110.90 10.02
CA VAL ZA 281 -36.08 111.85 8.91
C VAL ZA 281 -34.69 112.24 8.45
N LYS ZA 282 -34.48 112.24 7.13
CA LYS ZA 282 -33.20 112.64 6.55
C LYS ZA 282 -33.00 114.15 6.69
N ILE ZA 283 -31.82 114.56 7.17
CA ILE ZA 283 -31.45 115.96 7.21
C ILE ZA 283 -31.19 116.45 5.79
N ARG ZA 284 -32.02 117.39 5.36
CA ARG ZA 284 -32.02 117.85 3.98
C ARG ZA 284 -31.22 119.14 3.82
N SER ZA 285 -30.22 119.13 2.95
CA SER ZA 285 -29.37 120.31 2.77
C SER ZA 285 -28.59 120.26 1.47
N PRO ZA 286 -28.32 121.43 0.88
CA PRO ZA 286 -27.56 121.58 -0.36
C PRO ZA 286 -26.15 121.02 -0.23
N TYR ZA 287 -25.67 120.92 1.02
CA TYR ZA 287 -24.33 120.44 1.32
C TYR ZA 287 -24.38 119.08 2.02
N HIS ZA 288 -25.60 118.57 2.18
CA HIS ZA 288 -25.85 117.27 2.81
C HIS ZA 288 -25.62 117.30 4.31
N ARG ZA 289 -25.10 118.43 4.80
CA ARG ZA 289 -24.88 118.64 6.23
C ARG ZA 289 -25.42 120.03 6.60
N THR ZA 290 -25.77 120.20 7.88
CA THR ZA 290 -26.10 121.52 8.38
C THR ZA 290 -25.02 121.89 9.40
N PRO ZA 291 -24.63 123.17 9.44
CA PRO ZA 291 -23.58 123.59 10.37
C PRO ZA 291 -24.02 123.44 11.83
N ALA ZA 292 -23.04 123.14 12.67
CA ALA ZA 292 -23.25 122.92 14.10
C ALA ZA 292 -23.64 124.17 14.86
N ARG ZA 293 -23.11 125.33 14.49
CA ARG ZA 293 -23.47 126.57 15.17
C ARG ZA 293 -23.71 127.66 14.15
N LEU ZA 294 -24.30 128.77 14.60
CA LEU ZA 294 -24.56 129.90 13.72
C LEU ZA 294 -23.44 130.94 13.69
N LEU ZA 295 -23.26 131.54 12.52
CA LEU ZA 295 -22.46 132.74 12.42
C LEU ZA 295 -23.31 133.95 12.83
N ALA ZA 296 -22.67 135.10 12.88
CA ALA ZA 296 -23.35 136.33 13.24
C ALA ZA 296 -24.35 136.74 12.15
N GLY ZA 297 -25.55 137.10 12.58
CA GLY ZA 297 -26.59 137.46 11.63
C GLY ZA 297 -27.47 136.31 11.16
N GLN ZA 298 -26.98 135.08 11.23
CA GLN ZA 298 -27.78 133.96 10.76
C GLN ZA 298 -28.83 133.57 11.77
N SER ZA 299 -29.79 132.77 11.32
CA SER ZA 299 -30.89 132.27 12.13
C SER ZA 299 -30.93 130.78 11.94
N GLN ZA 300 -31.58 130.05 12.83
CA GLN ZA 300 -31.52 128.60 12.74
C GLN ZA 300 -32.34 128.04 11.58
N ARG ZA 301 -33.24 128.87 11.05
CA ARG ZA 301 -34.15 128.44 9.99
C ARG ZA 301 -33.51 128.59 8.64
N ASP ZA 302 -32.40 129.32 8.58
CA ASP ZA 302 -31.69 129.55 7.33
C ASP ZA 302 -30.95 128.28 6.95
N MET ZA 303 -30.80 127.37 7.92
CA MET ZA 303 -30.15 126.07 7.68
C MET ZA 303 -31.16 124.92 7.58
N SER ZA 304 -30.73 123.73 7.97
CA SER ZA 304 -31.60 122.56 7.97
C SER ZA 304 -32.49 122.52 9.23
N SER ZA 305 -33.79 122.31 9.02
CA SER ZA 305 -34.75 122.23 10.13
C SER ZA 305 -35.59 120.97 10.03
N LEU ZA 306 -36.12 120.53 11.18
CA LEU ZA 306 -37.05 119.43 11.25
C LEU ZA 306 -38.45 120.04 11.35
N ASN ZA 307 -39.23 119.91 10.28
CA ASN ZA 307 -40.52 120.58 10.19
C ASN ZA 307 -41.76 119.71 10.47
N PHE ZA 308 -42.65 120.21 11.33
CA PHE ZA 308 -43.84 119.46 11.70
C PHE ZA 308 -45.07 120.14 11.11
N TYR ZA 309 -45.63 119.51 10.08
CA TYR ZA 309 -46.81 120.04 9.39
C TYR ZA 309 -48.07 119.33 9.87
N ALA ZA 310 -48.99 120.07 10.46
CA ALA ZA 310 -50.29 119.52 10.78
C ALA ZA 310 -51.13 119.49 9.51
N ILE ZA 311 -51.39 118.31 8.98
CA ILE ZA 311 -52.11 118.19 7.71
C ILE ZA 311 -53.56 117.76 7.89
N ALA ZA 312 -53.89 117.21 9.05
CA ALA ZA 312 -55.27 116.92 9.41
C ALA ZA 312 -55.46 117.10 10.91
N GLY ZA 313 -56.19 118.15 11.28
CA GLY ZA 313 -56.32 118.50 12.68
C GLY ZA 313 -55.29 119.51 13.14
N PRO ZA 314 -55.10 119.60 14.47
CA PRO ZA 314 -55.75 118.79 15.50
C PRO ZA 314 -57.27 119.00 15.61
N ILE ZA 315 -57.98 117.97 16.04
CA ILE ZA 315 -59.39 118.10 16.33
C ILE ZA 315 -59.67 117.71 17.77
N ALA ZA 316 -60.75 118.26 18.32
CA ALA ZA 316 -61.23 117.88 19.64
C ALA ZA 316 -62.70 118.19 19.68
N PRO ZA 317 -63.42 117.60 20.64
CA PRO ZA 317 -64.85 117.90 20.83
C PRO ZA 317 -65.02 119.33 21.32
N SER ZA 318 -66.19 119.94 21.10
CA SER ZA 318 -66.39 121.28 21.67
C SER ZA 318 -66.74 121.05 23.12
N GLY ZA 319 -66.42 122.01 23.99
CA GLY ZA 319 -65.65 123.17 23.64
C GLY ZA 319 -64.32 123.06 24.35
N GLU ZA 320 -63.40 122.39 23.69
CA GLU ZA 320 -62.05 122.33 24.17
C GLU ZA 320 -61.33 123.54 23.62
N THR ZA 321 -60.30 124.01 24.32
CA THR ZA 321 -59.62 125.22 23.90
C THR ZA 321 -58.12 125.04 23.92
N ALA ZA 322 -57.68 124.08 24.73
CA ALA ZA 322 -56.26 123.79 24.89
C ALA ZA 322 -55.59 123.51 23.56
N GLN ZA 323 -54.33 123.92 23.42
CA GLN ZA 323 -53.55 123.55 22.25
C GLN ZA 323 -53.11 122.10 22.38
N LEU ZA 324 -52.82 121.44 21.27
CA LEU ZA 324 -52.29 120.09 21.28
C LEU ZA 324 -50.77 120.12 21.23
N PRO ZA 325 -50.11 119.67 22.30
CA PRO ZA 325 -48.64 119.71 22.37
C PRO ZA 325 -47.98 118.42 21.86
N ILE ZA 326 -46.84 118.60 21.20
CA ILE ZA 326 -45.99 117.53 20.69
C ILE ZA 326 -44.64 117.66 21.39
N VAL ZA 327 -44.19 116.60 22.04
CA VAL ZA 327 -42.85 116.63 22.61
C VAL ZA 327 -41.93 115.75 21.78
N VAL ZA 328 -40.87 116.34 21.23
CA VAL ZA 328 -39.92 115.60 20.42
C VAL ZA 328 -38.64 115.25 21.17
N GLN ZA 329 -38.21 113.99 21.05
CA GLN ZA 329 -36.91 113.57 21.60
C GLN ZA 329 -36.02 113.11 20.47
N ILE ZA 330 -34.76 113.56 20.48
CA ILE ZA 330 -33.82 113.17 19.45
C ILE ZA 330 -32.84 112.19 20.06
N ASP ZA 331 -32.78 111.00 19.48
CA ASP ZA 331 -32.00 109.89 20.05
C ASP ZA 331 -30.62 109.78 19.43
N GLU ZA 332 -30.55 109.84 18.11
CA GLU ZA 332 -29.25 109.87 17.45
C GLU ZA 332 -29.31 110.33 16.02
N ILE ZA 333 -28.14 110.64 15.46
CA ILE ZA 333 -27.98 110.80 14.03
C ILE ZA 333 -27.49 109.46 13.49
N VAL ZA 334 -28.36 108.73 12.80
CA VAL ZA 334 -28.00 107.42 12.27
C VAL ZA 334 -27.41 107.61 10.89
N ARG ZA 335 -26.51 106.71 10.50
CA ARG ZA 335 -25.84 106.84 9.21
C ARG ZA 335 -25.29 108.26 9.06
N PRO ZA 336 -24.45 108.68 10.00
CA PRO ZA 336 -24.05 110.08 10.12
C PRO ZA 336 -23.02 110.48 9.09
N ASP ZA 337 -23.19 111.68 8.53
CA ASP ZA 337 -22.19 112.29 7.68
C ASP ZA 337 -21.59 113.46 8.45
N LEU ZA 338 -20.52 113.22 9.19
CA LEU ZA 338 -19.97 114.27 10.02
C LEU ZA 338 -18.93 115.14 9.32
N SER ZA 339 -18.80 116.38 9.78
CA SER ZA 339 -17.75 117.25 9.31
C SER ZA 339 -16.48 116.94 10.06
N LEU ZA 340 -15.42 117.67 9.78
CA LEU ZA 340 -14.21 117.58 10.57
C LEU ZA 340 -14.57 117.94 11.98
N PRO ZA 341 -13.83 117.41 12.95
CA PRO ZA 341 -13.94 117.94 14.30
C PRO ZA 341 -13.65 119.44 14.26
N SER ZA 342 -14.32 120.23 15.08
CA SER ZA 342 -14.03 121.66 15.14
C SER ZA 342 -12.65 121.98 15.78
N PHE ZA 343 -12.21 121.12 16.70
CA PHE ZA 343 -10.89 121.26 17.31
C PHE ZA 343 -10.03 120.02 17.09
N GLU ZA 344 -8.72 120.26 16.96
CA GLU ZA 344 -7.77 119.16 16.84
C GLU ZA 344 -7.21 118.84 18.22
N ASP ZA 345 -6.35 117.83 18.32
CA ASP ZA 345 -5.70 117.55 19.60
C ASP ZA 345 -4.55 118.55 19.82
N ASP ZA 346 -4.93 119.75 20.22
CA ASP ZA 346 -4.02 120.86 20.25
C ASP ZA 346 -4.33 121.70 21.48
N TYR ZA 347 -3.54 122.74 21.68
CA TYR ZA 347 -3.80 123.70 22.73
C TYR ZA 347 -5.00 124.57 22.37
N PHE ZA 348 -5.61 125.19 23.37
CA PHE ZA 348 -6.63 126.20 23.14
C PHE ZA 348 -6.53 127.25 24.24
N VAL ZA 349 -7.14 128.39 24.02
CA VAL ZA 349 -6.98 129.50 24.95
C VAL ZA 349 -7.73 129.30 26.25
N TRP ZA 350 -7.03 129.43 27.36
CA TRP ZA 350 -7.64 129.42 28.68
C TRP ZA 350 -7.93 130.86 29.10
N VAL ZA 351 -6.91 131.71 29.12
CA VAL ZA 351 -7.10 133.08 29.57
C VAL ZA 351 -6.01 134.02 29.04
N ASP ZA 352 -6.41 135.26 28.76
CA ASP ZA 352 -5.47 136.35 28.46
C ASP ZA 352 -5.49 137.37 29.60
N PHE ZA 353 -4.33 137.72 30.12
CA PHE ZA 353 -4.23 138.85 31.04
C PHE ZA 353 -3.60 140.02 30.31
N SER ZA 354 -4.13 141.22 30.52
CA SER ZA 354 -3.65 142.40 29.83
C SER ZA 354 -3.94 143.63 30.65
N GLU ZA 355 -3.44 144.77 30.18
CA GLU ZA 355 -3.72 146.05 30.81
C GLU ZA 355 -3.40 146.03 32.31
N PHE ZA 356 -2.17 145.66 32.65
CA PHE ZA 356 -1.74 145.59 34.06
C PHE ZA 356 -1.57 146.98 34.66
N THR ZA 357 -2.03 147.18 35.88
CA THR ZA 357 -1.96 148.50 36.50
C THR ZA 357 -0.87 148.55 37.54
N LEU ZA 358 -0.51 147.39 38.08
CA LEU ZA 358 0.57 147.30 39.05
C LEU ZA 358 1.71 146.47 38.51
N ASP ZA 359 2.94 146.82 38.86
CA ASP ZA 359 4.10 146.00 38.48
C ASP ZA 359 4.10 144.63 39.19
N LYS ZA 360 3.73 144.62 40.46
CA LYS ZA 360 3.60 143.35 41.18
C LYS ZA 360 2.18 142.79 41.01
N GLU ZA 361 2.09 141.63 40.37
CA GLU ZA 361 0.81 140.96 40.15
C GLU ZA 361 0.99 139.48 40.48
N GLU ZA 362 0.03 138.89 41.19
CA GLU ZA 362 0.12 137.46 41.47
C GLU ZA 362 -1.22 136.78 41.25
N ILE ZA 363 -1.26 135.89 40.26
CA ILE ZA 363 -2.47 135.21 39.87
C ILE ZA 363 -2.50 133.82 40.48
N GLU ZA 364 -3.39 133.59 41.46
CA GLU ZA 364 -3.48 132.26 42.07
C GLU ZA 364 -4.35 131.33 41.25
N ILE ZA 365 -3.82 130.15 40.96
CA ILE ZA 365 -4.53 129.15 40.20
C ILE ZA 365 -4.93 128.00 41.11
N GLY ZA 366 -3.94 127.52 41.88
CA GLY ZA 366 -4.11 126.40 42.80
C GLY ZA 366 -4.18 125.08 42.07
N SER ZA 367 -5.33 124.41 42.17
CA SER ZA 367 -5.52 123.13 41.49
C SER ZA 367 -6.78 123.16 40.65
N ARG ZA 368 -7.26 124.36 40.31
CA ARG ZA 368 -8.54 124.50 39.59
C ARG ZA 368 -8.42 125.02 38.16
N PHE ZA 369 -9.35 124.61 37.31
CA PHE ZA 369 -9.54 125.27 36.03
C PHE ZA 369 -10.84 126.05 36.14
N PHE ZA 370 -10.77 127.36 35.98
CA PHE ZA 370 -11.91 128.21 36.33
C PHE ZA 370 -11.80 129.60 35.69
N ASP ZA 371 -12.81 130.44 35.95
CA ASP ZA 371 -12.81 131.82 35.46
C ASP ZA 371 -12.11 132.78 36.43
N PHE ZA 372 -11.13 133.52 35.92
CA PHE ZA 372 -10.38 134.48 36.73
C PHE ZA 372 -11.10 135.81 36.88
N THR ZA 373 -10.80 136.53 37.95
CA THR ZA 373 -11.21 137.94 38.08
C THR ZA 373 -10.06 138.74 38.66
N SER ZA 374 -9.96 140.00 38.26
CA SER ZA 374 -8.91 140.87 38.81
C SER ZA 374 -9.36 142.32 38.90
N ASN ZA 375 -8.93 142.98 39.97
CA ASN ZA 375 -9.19 144.39 40.17
C ASN ZA 375 -8.05 145.22 39.59
N THR ZA 376 -6.93 144.56 39.34
CA THR ZA 376 -5.71 145.25 38.97
C THR ZA 376 -5.32 145.02 37.51
N CYS ZA 377 -6.02 144.13 36.82
CA CYS ZA 377 -5.77 143.93 35.40
C CYS ZA 377 -6.99 143.38 34.67
N ARG ZA 378 -6.90 143.33 33.35
CA ARG ZA 378 -8.01 142.86 32.52
C ARG ZA 378 -7.92 141.36 32.24
N VAL ZA 379 -8.96 140.65 32.67
CA VAL ZA 379 -9.05 139.23 32.39
C VAL ZA 379 -9.96 138.98 31.19
N SER ZA 380 -9.48 138.21 30.22
CA SER ZA 380 -10.32 137.78 29.09
C SER ZA 380 -10.34 136.26 29.03
N MET ZA 381 -11.48 135.66 29.31
CA MET ZA 381 -11.52 134.21 29.38
C MET ZA 381 -11.80 133.58 28.02
N GLY ZA 382 -11.25 132.40 27.77
CA GLY ZA 382 -11.52 131.71 26.52
C GLY ZA 382 -12.85 130.98 26.59
N GLU ZA 383 -13.56 130.88 25.46
CA GLU ZA 383 -14.75 130.04 25.35
C GLU ZA 383 -14.54 128.92 24.31
N ASN ZA 384 -14.58 127.68 24.76
CA ASN ZA 384 -14.38 126.51 23.90
C ASN ZA 384 -15.06 125.30 24.52
N PRO ZA 385 -15.15 124.19 23.76
CA PRO ZA 385 -15.88 123.04 24.27
C PRO ZA 385 -15.33 122.53 25.59
N PHE ZA 386 -14.01 122.53 25.75
CA PHE ZA 386 -13.47 122.03 27.00
C PHE ZA 386 -14.01 122.80 28.21
N ALA ZA 387 -14.01 124.13 28.12
CA ALA ZA 387 -14.54 124.95 29.21
C ALA ZA 387 -16.01 124.63 29.47
N ALA ZA 388 -16.77 124.42 28.40
CA ALA ZA 388 -18.17 124.05 28.54
C ALA ZA 388 -18.31 122.70 29.22
N MET ZA 389 -17.47 121.74 28.84
CA MET ZA 389 -17.55 120.44 29.47
C MET ZA 389 -17.26 120.54 30.97
N ILE ZA 390 -16.36 121.43 31.34
CA ILE ZA 390 -16.04 121.62 32.75
C ILE ZA 390 -17.29 122.12 33.48
N ALA ZA 391 -18.03 122.98 32.78
CA ALA ZA 391 -19.20 123.63 33.35
C ALA ZA 391 -20.40 122.72 33.38
N CYS ZA 392 -20.40 121.71 32.52
CA CYS ZA 392 -21.58 120.87 32.36
C CYS ZA 392 -21.45 119.55 33.08
N HIS ZA 393 -20.49 119.46 34.00
CA HIS ZA 393 -20.36 118.26 34.83
C HIS ZA 393 -20.18 118.67 36.28
N GLY ZA 394 -20.64 117.80 37.18
CA GLY ZA 394 -20.52 118.03 38.60
C GLY ZA 394 -19.09 118.02 39.07
N LEU ZA 395 -18.31 117.05 38.60
CA LEU ZA 395 -16.90 116.89 38.98
C LEU ZA 395 -16.02 116.63 37.73
N HIS ZA 396 -14.75 116.99 37.81
CA HIS ZA 396 -13.80 116.68 36.75
C HIS ZA 396 -12.42 116.45 37.34
N SER ZA 397 -11.52 115.85 36.56
CA SER ZA 397 -10.17 115.61 37.04
C SER ZA 397 -9.25 115.29 35.89
N GLY ZA 398 -8.01 115.79 35.95
CA GLY ZA 398 -7.05 115.49 34.92
C GLY ZA 398 -5.82 116.37 35.01
N VAL ZA 399 -5.02 116.36 33.95
CA VAL ZA 399 -3.85 117.20 33.91
C VAL ZA 399 -3.85 118.06 32.66
N LEU ZA 400 -3.56 119.33 32.85
CA LEU ZA 400 -3.45 120.27 31.75
C LEU ZA 400 -2.00 120.66 31.47
N ASP ZA 401 -1.58 120.58 30.22
CA ASP ZA 401 -0.29 121.11 29.82
C ASP ZA 401 -0.51 122.57 29.47
N LEU ZA 402 0.29 123.45 30.04
CA LEU ZA 402 0.14 124.88 29.78
C LEU ZA 402 1.26 125.43 28.91
N LYS ZA 403 0.89 126.34 28.01
CA LYS ZA 403 1.85 127.15 27.29
C LYS ZA 403 1.57 128.60 27.67
N LEU ZA 404 2.59 129.30 28.15
CA LEU ZA 404 2.44 130.72 28.42
C LEU ZA 404 3.18 131.49 27.33
N GLN ZA 405 2.55 132.53 26.82
CA GLN ZA 405 3.18 133.42 25.85
C GLN ZA 405 2.95 134.85 26.27
N TRP ZA 406 3.92 135.71 26.01
CA TRP ZA 406 3.74 137.13 26.32
C TRP ZA 406 4.52 138.05 25.38
N SER ZA 407 4.00 139.27 25.20
CA SER ZA 407 4.69 140.28 24.40
C SER ZA 407 4.96 141.46 25.31
N LEU ZA 408 5.97 142.25 24.95
CA LEU ZA 408 6.39 143.38 25.79
C LEU ZA 408 5.63 144.68 25.50
N ASN ZA 409 5.45 145.46 26.56
CA ASN ZA 409 4.85 146.78 26.46
C ASN ZA 409 5.90 147.89 26.37
N THR ZA 410 7.02 147.68 27.08
CA THR ZA 410 8.16 148.58 27.02
C THR ZA 410 9.19 148.15 25.96
N GLU ZA 411 10.25 148.94 25.78
CA GLU ZA 411 11.30 148.58 24.83
C GLU ZA 411 12.07 147.34 25.29
N PHE ZA 412 12.36 146.44 24.36
CA PHE ZA 412 13.02 145.18 24.69
C PHE ZA 412 14.33 145.42 25.43
N GLY ZA 413 15.09 146.41 25.00
CA GLY ZA 413 16.38 146.70 25.60
C GLY ZA 413 16.29 147.13 27.05
N LYS ZA 414 15.11 147.60 27.47
CA LYS ZA 414 14.92 148.13 28.83
C LYS ZA 414 14.33 147.09 29.77
N SER ZA 415 13.92 145.95 29.20
CA SER ZA 415 13.18 144.94 29.94
C SER ZA 415 13.96 144.27 31.07
N SER ZA 416 13.24 143.90 32.11
CA SER ZA 416 13.84 143.19 33.23
C SER ZA 416 12.76 142.36 33.91
N GLY ZA 417 13.15 141.54 34.87
CA GLY ZA 417 12.18 140.72 35.61
C GLY ZA 417 11.78 139.41 34.95
N SER ZA 418 10.63 138.88 35.36
CA SER ZA 418 10.26 137.51 35.04
C SER ZA 418 8.77 137.21 35.12
N VAL ZA 419 8.37 136.18 34.39
CA VAL ZA 419 7.13 135.47 34.65
C VAL ZA 419 7.54 134.25 35.48
N THR ZA 420 7.13 134.19 36.74
CA THR ZA 420 7.50 133.07 37.60
C THR ZA 420 6.32 132.17 37.89
N ILE ZA 421 6.53 130.87 37.76
CA ILE ZA 421 5.50 129.88 38.06
C ILE ZA 421 5.82 129.22 39.39
N THR ZA 422 5.05 129.56 40.40
CA THR ZA 422 5.22 128.93 41.70
C THR ZA 422 4.46 127.61 41.74
N LYS ZA 423 5.17 126.53 42.02
CA LYS ZA 423 4.53 125.24 42.18
C LYS ZA 423 4.75 124.69 43.60
N LEU ZA 424 3.64 124.51 44.33
CA LEU ZA 424 3.70 124.02 45.70
C LEU ZA 424 2.87 122.76 45.85
N VAL ZA 425 2.99 122.13 47.01
CA VAL ZA 425 2.05 121.12 47.44
C VAL ZA 425 1.55 121.59 48.79
N GLY ZA 426 0.25 121.89 48.86
CA GLY ZA 426 -0.32 122.44 50.07
C GLY ZA 426 -0.95 123.77 49.75
N ASP ZA 427 -0.43 124.82 50.38
CA ASP ZA 427 -0.87 126.18 50.11
C ASP ZA 427 0.29 127.15 50.29
N LYS ZA 428 0.05 128.43 50.00
CA LYS ZA 428 1.11 129.43 50.07
C LYS ZA 428 1.73 129.44 51.47
N ALA ZA 429 0.94 129.17 52.51
CA ALA ZA 429 1.39 129.30 53.88
C ALA ZA 429 2.25 128.14 54.45
N MET ZA 430 1.92 126.90 54.14
CA MET ZA 430 2.58 125.77 54.77
C MET ZA 430 3.02 124.72 53.75
N GLY ZA 431 3.03 125.10 52.47
CA GLY ZA 431 3.30 124.18 51.38
C GLY ZA 431 4.72 123.69 51.20
N LEU ZA 432 4.87 122.63 50.42
CA LEU ZA 432 6.16 122.10 50.05
C LEU ZA 432 6.51 122.61 48.67
N ASP ZA 433 7.80 122.71 48.35
CA ASP ZA 433 8.23 123.33 47.10
C ASP ZA 433 8.44 122.32 45.99
N GLY ZA 434 7.71 122.49 44.91
CA GLY ZA 434 7.82 121.60 43.76
C GLY ZA 434 8.62 122.21 42.63
N PRO ZA 435 8.24 121.89 41.39
CA PRO ZA 435 8.94 122.38 40.19
C PRO ZA 435 8.56 123.84 39.84
N SER ZA 436 8.76 124.74 40.79
CA SER ZA 436 8.59 126.16 40.55
C SER ZA 436 9.60 126.54 39.48
N HIS ZA 437 9.35 127.64 38.79
CA HIS ZA 437 10.07 127.88 37.56
C HIS ZA 437 10.16 129.37 37.28
N VAL ZA 438 11.36 129.87 37.02
CA VAL ZA 438 11.57 131.29 36.77
C VAL ZA 438 11.86 131.51 35.29
N PHE ZA 439 10.93 132.14 34.59
CA PHE ZA 439 11.16 132.52 33.20
C PHE ZA 439 11.57 133.98 33.12
N ALA ZA 440 12.82 134.24 32.79
CA ALA ZA 440 13.24 135.61 32.55
C ALA ZA 440 12.28 136.21 31.51
N ILE ZA 441 11.84 137.44 31.73
CA ILE ZA 441 10.86 138.04 30.85
C ILE ZA 441 11.27 137.99 29.37
N GLN ZA 442 12.57 138.00 29.10
CA GLN ZA 442 13.08 137.98 27.74
C GLN ZA 442 12.86 136.67 27.01
N LYS ZA 443 12.55 135.61 27.75
CA LYS ZA 443 12.21 134.32 27.11
C LYS ZA 443 10.94 134.46 26.27
N LEU ZA 444 9.99 135.27 26.75
CA LEU ZA 444 8.79 135.59 26.00
C LEU ZA 444 7.82 134.42 25.86
N GLU ZA 445 8.16 133.30 26.51
CA GLU ZA 445 7.30 132.11 26.56
C GLU ZA 445 7.80 131.08 27.56
N GLY ZA 446 6.89 130.22 28.02
CA GLY ZA 446 7.25 129.18 28.97
C GLY ZA 446 6.19 128.09 29.02
N THR ZA 447 6.55 126.96 29.60
CA THR ZA 447 5.61 125.83 29.68
C THR ZA 447 5.56 125.25 31.08
N THR ZA 448 4.42 124.68 31.45
CA THR ZA 448 4.30 124.00 32.74
C THR ZA 448 3.12 123.03 32.70
N GLU ZA 449 3.06 122.11 33.66
CA GLU ZA 449 1.88 121.26 33.81
C GLU ZA 449 1.03 121.78 34.95
N LEU ZA 450 -0.26 121.52 34.92
CA LEU ZA 450 -1.15 121.85 36.04
C LEU ZA 450 -2.02 120.66 36.41
N LEU ZA 451 -1.94 120.21 37.66
CA LEU ZA 451 -2.85 119.17 38.11
C LEU ZA 451 -4.17 119.79 38.48
N VAL ZA 452 -5.23 119.39 37.77
CA VAL ZA 452 -6.59 119.78 38.10
C VAL ZA 452 -7.26 118.63 38.87
N GLY ZA 453 -7.21 118.74 40.18
CA GLY ZA 453 -7.65 117.66 41.03
C GLY ZA 453 -7.17 117.87 42.45
N ASN ZA 454 -7.21 116.82 43.26
CA ASN ZA 454 -6.83 116.92 44.67
C ASN ZA 454 -6.83 115.56 45.31
N PHE ZA 455 -6.51 115.50 46.59
CA PHE ZA 455 -6.38 114.21 47.28
C PHE ZA 455 -7.62 113.33 47.17
N ALA ZA 456 -8.79 113.96 47.08
CA ALA ZA 456 -10.05 113.22 46.99
C ALA ZA 456 -10.27 112.58 45.62
N GLY ZA 457 -9.77 113.23 44.57
CA GLY ZA 457 -9.78 112.65 43.25
C GLY ZA 457 -10.38 113.49 42.16
N ALA ZA 458 -11.10 114.55 42.52
CA ALA ZA 458 -11.85 115.33 41.54
C ALA ZA 458 -12.25 116.70 42.08
N ASN ZA 459 -12.47 117.65 41.19
CA ASN ZA 459 -12.86 119.01 41.56
C ASN ZA 459 -14.31 119.24 41.21
N PRO ZA 460 -15.05 119.90 42.11
CA PRO ZA 460 -16.38 120.42 41.77
C PRO ZA 460 -16.20 121.70 40.95
N ASN ZA 461 -17.27 122.17 40.33
CA ASN ZA 461 -17.15 123.38 39.51
C ASN ZA 461 -17.49 124.60 40.34
N THR ZA 462 -16.98 124.60 41.57
CA THR ZA 462 -17.15 125.71 42.50
C THR ZA 462 -15.82 125.93 43.23
N ARG ZA 463 -15.79 126.90 44.14
CA ARG ZA 463 -14.64 127.02 45.02
C ARG ZA 463 -14.79 125.93 46.08
N PHE ZA 464 -13.66 125.34 46.46
CA PHE ZA 464 -13.61 124.26 47.44
C PHE ZA 464 -12.20 124.33 48.06
N SER ZA 465 -12.01 123.68 49.20
CA SER ZA 465 -10.68 123.64 49.81
C SER ZA 465 -10.30 122.21 50.11
N LEU ZA 466 -9.54 121.58 49.22
CA LEU ZA 466 -9.06 120.23 49.45
C LEU ZA 466 -7.57 120.13 49.14
N TYR ZA 467 -6.80 119.58 50.07
CA TYR ZA 467 -5.34 119.48 49.93
C TYR ZA 467 -4.93 118.97 48.55
N SER ZA 468 -4.07 119.72 47.87
CA SER ZA 468 -3.59 119.32 46.55
C SER ZA 468 -2.32 120.07 46.18
N ARG ZA 469 -1.87 119.89 44.96
CA ARG ZA 469 -0.80 120.72 44.43
C ARG ZA 469 -1.35 122.11 44.20
N TRP ZA 470 -0.48 123.10 44.18
CA TRP ZA 470 -0.90 124.50 44.16
C TRP ZA 470 -0.02 125.30 43.20
N MET ZA 471 -0.65 126.07 42.32
CA MET ZA 471 0.09 126.85 41.34
C MET ZA 471 -0.26 128.35 41.34
N ALA ZA 472 0.73 129.16 41.03
CA ALA ZA 472 0.49 130.59 40.92
C ALA ZA 472 1.41 131.19 39.85
N ILE ZA 473 0.94 132.20 39.15
CA ILE ZA 473 1.79 132.95 38.27
C ILE ZA 473 2.15 134.29 38.95
N LYS ZA 474 3.45 134.59 39.02
CA LYS ZA 474 3.94 135.80 39.67
C LYS ZA 474 4.65 136.72 38.68
N LEU ZA 475 4.05 137.89 38.47
CA LEU ZA 475 4.69 138.94 37.69
C LEU ZA 475 5.39 139.96 38.62
N ASP ZA 476 6.59 140.40 38.24
CA ASP ZA 476 7.26 141.45 39.04
C ASP ZA 476 7.41 142.76 38.26
N GLN ZA 477 7.20 142.67 36.94
CA GLN ZA 477 7.31 143.82 36.04
C GLN ZA 477 6.13 143.81 35.09
N ALA ZA 478 4.94 143.62 35.66
CA ALA ZA 478 3.75 143.37 34.88
C ALA ZA 478 3.42 144.49 33.90
N LYS ZA 479 3.77 145.73 34.26
CA LYS ZA 479 3.48 146.87 33.40
C LYS ZA 479 4.29 146.83 32.11
N SER ZA 480 5.34 146.01 32.10
CA SER ZA 480 6.16 145.81 30.91
C SER ZA 480 5.58 144.74 29.98
N ILE ZA 481 4.46 144.13 30.37
CA ILE ZA 481 3.82 143.10 29.55
C ILE ZA 481 2.54 143.60 28.89
N LYS ZA 482 2.48 143.51 27.56
CA LYS ZA 482 1.27 143.94 26.85
C LYS ZA 482 0.18 142.90 26.99
N VAL ZA 483 0.57 141.62 26.93
CA VAL ZA 483 -0.37 140.53 27.12
C VAL ZA 483 0.33 139.26 27.60
N LEU ZA 484 -0.30 138.58 28.55
CA LEU ZA 484 0.13 137.27 28.99
C LEU ZA 484 -0.98 136.32 28.60
N ARG ZA 485 -0.69 135.41 27.67
CA ARG ZA 485 -1.67 134.44 27.23
C ARG ZA 485 -1.37 133.06 27.78
N VAL ZA 486 -2.40 132.40 28.30
CA VAL ZA 486 -2.25 131.03 28.80
C VAL ZA 486 -3.05 130.05 27.97
N LEU ZA 487 -2.37 129.15 27.27
CA LEU ZA 487 -3.05 128.09 26.54
C LEU ZA 487 -2.92 126.79 27.30
N CYS ZA 488 -3.91 125.91 27.16
CA CYS ZA 488 -3.87 124.58 27.77
C CYS ZA 488 -4.26 123.46 26.80
N LYS ZA 489 -3.83 122.24 27.12
CA LYS ZA 489 -4.05 121.07 26.28
C LYS ZA 489 -4.16 119.89 27.22
N PRO ZA 490 -5.40 119.39 27.41
CA PRO ZA 490 -5.63 118.31 28.36
C PRO ZA 490 -4.88 117.06 27.97
N ARG ZA 491 -4.17 116.47 28.91
CA ARG ZA 491 -3.56 115.17 28.72
C ARG ZA 491 -4.64 114.12 28.66
N PRO ZA 492 -4.38 113.06 27.90
CA PRO ZA 492 -5.34 111.98 27.65
C PRO ZA 492 -5.88 111.46 28.96
N GLY ZA 493 -7.19 111.22 29.01
CA GLY ZA 493 -7.81 110.70 30.21
C GLY ZA 493 -8.37 111.77 31.13
N PHE ZA 494 -8.52 112.99 30.62
CA PHE ZA 494 -9.15 114.05 31.41
C PHE ZA 494 -10.63 113.70 31.59
N SER ZA 495 -11.06 113.55 32.84
CA SER ZA 495 -12.34 112.91 33.15
C SER ZA 495 -13.42 113.81 33.72
N PHE ZA 496 -14.65 113.56 33.30
CA PHE ZA 496 -15.81 114.31 33.78
C PHE ZA 496 -16.82 113.37 34.40
N TYR ZA 497 -17.42 113.81 35.49
CA TYR ZA 497 -18.35 112.98 36.25
C TYR ZA 497 -19.68 113.68 36.39
N GLY ZA 498 -20.76 112.96 36.10
CA GLY ZA 498 -22.11 113.45 36.34
C GLY ZA 498 -22.57 114.60 35.46
N ARG ZA 499 -23.18 114.27 34.34
CA ARG ZA 499 -23.64 115.32 33.41
C ARG ZA 499 -24.69 116.22 34.05
N THR ZA 500 -24.58 117.51 33.80
CA THR ZA 500 -25.51 118.49 34.33
C THR ZA 500 -25.55 119.73 33.41
N SER ZA 501 -26.02 120.86 33.94
CA SER ZA 501 -26.05 122.08 33.15
C SER ZA 501 -25.55 123.27 33.94
N PHE ZA 502 -25.47 124.41 33.27
CA PHE ZA 502 -24.86 125.61 33.84
C PHE ZA 502 -25.46 126.89 33.28
N PRO ZA 503 -26.46 127.43 33.96
CA PRO ZA 503 -27.08 128.69 33.56
C PRO ZA 503 -26.24 129.88 33.96
N VAL ZA 504 -26.02 130.81 33.02
CA VAL ZA 504 -25.40 132.10 33.30
C VAL ZA 504 -26.16 133.25 32.63
N GLY AB 1 28.96 85.44 70.52
CA GLY AB 1 29.25 85.52 71.94
C GLY AB 1 29.04 86.90 72.54
N LEU AB 2 29.07 86.98 73.87
CA LEU AB 2 28.93 88.27 74.51
C LEU AB 2 30.06 89.22 74.09
N ALA AB 3 29.68 90.37 73.55
CA ALA AB 3 30.64 91.25 72.93
C ALA AB 3 30.88 92.52 73.76
N GLY AB 4 29.85 92.94 74.48
CA GLY AB 4 29.92 94.13 75.30
C GLY AB 4 28.76 94.21 76.24
N ARG AB 5 28.85 95.06 77.25
CA ARG AB 5 27.78 95.18 78.23
C ARG AB 5 27.75 96.55 78.87
N GLY AB 6 26.67 96.81 79.59
CA GLY AB 6 26.46 98.10 80.23
C GLY AB 6 25.33 98.04 81.22
N VAL AB 7 25.15 99.11 81.98
CA VAL AB 7 24.13 99.11 83.02
C VAL AB 7 23.27 100.36 82.94
N ILE AB 8 21.95 100.16 83.02
CA ILE AB 8 21.03 101.28 83.13
C ILE AB 8 20.48 101.36 84.55
N TYR AB 9 20.47 102.55 85.14
CA TYR AB 9 20.01 102.68 86.52
C TYR AB 9 18.61 103.21 86.61
N ILE AB 10 17.72 102.37 87.16
CA ILE AB 10 16.34 102.77 87.37
C ILE AB 10 16.15 103.37 88.77
N PRO AB 11 15.51 104.52 88.85
CA PRO AB 11 15.10 105.08 90.14
C PRO AB 11 13.85 104.36 90.70
N LYS AB 12 13.70 104.35 92.02
CA LYS AB 12 12.55 103.68 92.63
C LYS AB 12 11.23 104.27 92.11
N ASP AB 13 11.14 105.60 92.03
CA ASP AB 13 10.04 106.24 91.32
C ASP AB 13 10.50 106.56 89.90
N CYS AB 14 10.15 105.68 88.97
CA CYS AB 14 10.41 105.89 87.55
C CYS AB 14 9.16 106.47 86.86
N GLN AB 15 9.13 107.78 86.63
CA GLN AB 15 7.93 108.43 86.06
C GLN AB 15 7.99 108.47 84.56
N ALA AB 16 6.84 108.67 83.93
CA ALA AB 16 6.78 108.81 82.48
C ALA AB 16 7.71 109.92 82.00
N ASN AB 17 8.63 109.54 81.11
CA ASN AB 17 9.52 110.46 80.41
C ASN AB 17 10.89 110.65 81.06
N ARG AB 18 11.18 109.87 82.09
CA ARG AB 18 12.50 110.00 82.71
C ARG AB 18 13.55 109.46 81.76
N TYR AB 19 14.60 110.24 81.54
CA TYR AB 19 15.73 109.78 80.76
C TYR AB 19 16.59 108.92 81.70
N LEU AB 20 16.82 107.65 81.35
CA LEU AB 20 17.48 106.67 82.22
C LEU AB 20 18.98 106.55 81.97
N GLY AB 21 19.37 106.87 80.75
CA GLY AB 21 20.78 106.88 80.41
C GLY AB 21 21.04 106.57 78.95
N THR AB 22 22.29 106.72 78.54
CA THR AB 22 22.71 106.34 77.20
C THR AB 22 23.92 105.41 77.24
N LEU AB 23 23.87 104.33 76.49
CA LEU AB 23 25.03 103.46 76.37
C LEU AB 23 25.68 103.73 75.03
N ASN AB 24 26.99 103.79 75.00
CA ASN AB 24 27.69 103.96 73.76
C ASN AB 24 28.10 102.58 73.21
N ILE AB 25 27.53 102.18 72.09
CA ILE AB 25 27.71 100.80 71.60
C ILE AB 25 29.18 100.45 71.45
N ARG AB 26 29.99 101.38 70.94
CA ARG AB 26 31.37 101.02 70.73
C ARG AB 26 32.13 100.93 72.06
N ASP AB 27 31.83 101.84 72.98
CA ASP AB 27 32.41 101.74 74.33
C ASP AB 27 31.99 100.47 75.09
N MET AB 28 30.75 99.99 74.90
CA MET AB 28 30.35 98.74 75.53
C MET AB 28 31.27 97.60 75.13
N ILE AB 29 31.67 97.58 73.85
CA ILE AB 29 32.49 96.49 73.31
C ILE AB 29 33.95 96.69 73.71
N SER AB 30 34.42 97.94 73.70
CA SER AB 30 35.82 98.23 74.02
C SER AB 30 36.15 98.20 75.52
N ASP AB 31 35.19 98.56 76.37
CA ASP AB 31 35.41 98.50 77.81
C ASP AB 31 35.42 97.06 78.30
N PHE AB 32 34.64 96.23 77.62
CA PHE AB 32 34.56 94.82 77.94
C PHE AB 32 35.86 94.09 77.53
N LYS AB 33 36.17 94.12 76.23
CA LYS AB 33 37.55 93.91 75.79
C LYS AB 33 38.17 92.56 76.13
N GLY AB 34 37.45 91.44 75.96
CA GLY AB 34 36.42 91.23 74.98
C GLY AB 34 37.08 90.29 73.96
N VAL AB 35 36.63 89.04 73.83
CA VAL AB 35 37.13 88.21 72.72
C VAL AB 35 36.72 88.83 71.39
N GLN AB 36 35.50 89.35 71.35
CA GLN AB 36 34.97 89.99 70.15
C GLN AB 36 35.70 91.29 69.85
N TYR AB 37 35.96 92.10 70.89
CA TYR AB 37 36.74 93.33 70.72
C TYR AB 37 38.09 93.02 70.07
N GLU AB 38 38.74 91.98 70.54
CA GLU AB 38 40.03 91.65 69.99
C GLU AB 38 39.95 91.14 68.54
N LYS AB 39 38.88 90.43 68.19
CA LYS AB 39 38.67 90.01 66.80
C LYS AB 39 38.46 91.25 65.93
N TRP AB 40 37.88 92.27 66.54
CA TRP AB 40 37.55 93.51 65.86
C TRP AB 40 38.82 94.24 65.43
N ILE AB 41 39.77 94.38 66.34
CA ILE AB 41 41.05 95.04 66.04
C ILE AB 41 41.74 94.46 64.82
N THR AB 42 41.62 93.16 64.63
CA THR AB 42 42.24 92.49 63.49
C THR AB 42 41.45 92.69 62.21
N ALA AB 43 40.13 92.69 62.34
CA ALA AB 43 39.26 92.89 61.19
C ALA AB 43 39.42 94.32 60.65
N GLY AB 44 39.58 95.28 61.57
CA GLY AB 44 39.53 96.67 61.22
C GLY AB 44 38.09 97.17 61.13
N LEU AB 45 37.36 96.70 60.12
CA LEU AB 45 35.96 97.06 59.89
C LEU AB 45 34.99 95.94 60.21
N VAL AB 46 33.92 96.22 60.93
CA VAL AB 46 32.89 95.21 61.17
C VAL AB 46 31.48 95.73 60.84
N MET AB 47 30.62 94.87 60.33
CA MET AB 47 29.23 95.23 60.03
C MET AB 47 28.26 94.34 60.77
N PRO AB 48 28.33 94.35 62.11
CA PRO AB 48 27.76 93.28 62.93
C PRO AB 48 26.26 93.07 62.75
N THR AB 49 25.82 91.87 63.07
CA THR AB 49 24.43 91.67 63.42
C THR AB 49 24.42 91.45 64.92
N PHE AB 50 23.91 92.44 65.66
CA PHE AB 50 23.84 92.35 67.12
C PHE AB 50 22.55 91.69 67.59
N LYS AB 51 22.65 90.94 68.68
CA LYS AB 51 21.48 90.59 69.47
C LYS AB 51 21.63 91.42 70.72
N ILE AB 52 20.69 92.32 70.96
CA ILE AB 52 20.69 93.10 72.18
C ILE AB 52 19.77 92.41 73.18
N VAL AB 53 20.26 92.24 74.40
CA VAL AB 53 19.47 91.62 75.45
C VAL AB 53 19.44 92.51 76.66
N ILE AB 54 18.25 92.86 77.13
CA ILE AB 54 18.14 93.65 78.34
C ILE AB 54 17.63 92.78 79.47
N ARG AB 55 18.47 92.56 80.46
CA ARG AB 55 18.09 91.74 81.60
C ARG AB 55 17.48 92.56 82.72
N LEU AB 56 16.36 92.04 83.24
CA LEU AB 56 15.27 92.88 83.68
C LEU AB 56 14.34 91.92 84.40
N PRO AB 57 14.06 92.18 85.68
CA PRO AB 57 13.22 91.22 86.41
C PRO AB 57 11.76 91.42 86.02
N ALA AB 58 11.13 90.35 85.54
CA ALA AB 58 9.74 90.48 85.08
C ALA AB 58 8.82 90.84 86.24
N ASN AB 59 7.92 91.79 86.01
CA ASN AB 59 6.96 92.17 87.05
C ASN AB 59 5.64 92.69 86.49
N ALA AB 60 4.53 92.09 86.92
CA ALA AB 60 3.22 92.48 86.37
C ALA AB 60 2.52 93.56 87.20
N PHE AB 61 3.21 94.07 88.21
CA PHE AB 61 2.56 94.92 89.18
C PHE AB 61 3.02 96.38 89.17
N THR AB 62 3.63 96.82 88.07
CA THR AB 62 4.19 98.16 88.03
C THR AB 62 3.59 99.03 86.95
N GLY AB 63 3.34 98.47 85.78
CA GLY AB 63 2.82 99.24 84.66
C GLY AB 63 3.94 99.88 83.84
N LEU AB 64 5.18 99.64 84.25
CA LEU AB 64 6.37 100.22 83.61
C LEU AB 64 6.58 99.76 82.18
N THR AB 65 6.80 100.72 81.29
CA THR AB 65 7.19 100.42 79.92
C THR AB 65 8.31 101.37 79.52
N TRP AB 66 9.39 100.83 79.00
CA TRP AB 66 10.53 101.63 78.60
C TRP AB 66 10.70 101.59 77.10
N VAL AB 67 11.49 102.52 76.59
CA VAL AB 67 11.85 102.50 75.18
C VAL AB 67 13.38 102.48 74.99
N MET AB 68 13.88 101.49 74.26
CA MET AB 68 15.26 101.53 73.80
C MET AB 68 15.26 102.16 72.40
N SER AB 69 16.01 103.24 72.24
CA SER AB 69 16.07 103.94 70.95
C SER AB 69 17.47 103.77 70.37
N PHE AB 70 17.55 103.25 69.15
CA PHE AB 70 18.83 103.09 68.44
C PHE AB 70 19.16 104.35 67.65
N ASP AB 71 20.09 105.13 68.17
CA ASP AB 71 20.42 106.40 67.58
C ASP AB 71 21.83 106.33 67.03
N ALA AB 72 21.97 105.74 65.85
CA ALA AB 72 23.32 105.49 65.34
C ALA AB 72 24.07 106.76 64.96
N TYR AB 73 23.33 107.84 64.74
CA TYR AB 73 23.95 109.06 64.25
C TYR AB 73 23.82 110.22 65.24
N ASN AB 74 23.52 109.87 66.49
CA ASN AB 74 23.54 110.83 67.58
C ASN AB 74 22.66 112.05 67.33
N ARG AB 75 21.41 111.79 66.94
CA ARG AB 75 20.51 112.86 66.50
C ARG AB 75 19.54 113.36 67.60
N ILE AB 76 19.13 112.46 68.49
CA ILE AB 76 18.27 112.87 69.61
C ILE AB 76 18.95 113.03 70.99
N THR AB 77 20.26 112.79 71.07
CA THR AB 77 20.92 112.74 72.38
C THR AB 77 20.93 114.09 73.08
N SER AB 78 21.34 115.13 72.37
CA SER AB 78 21.34 116.48 72.93
C SER AB 78 20.00 116.85 73.54
N ARG AB 79 18.93 116.19 73.10
CA ARG AB 79 17.58 116.69 73.32
C ARG AB 79 16.79 115.90 74.34
N ILE AB 80 17.24 114.70 74.67
CA ILE AB 80 16.48 113.85 75.58
C ILE AB 80 17.12 113.78 76.94
N THR AB 81 18.21 114.54 77.12
CA THR AB 81 19.00 114.36 78.32
C THR AB 81 18.50 115.19 79.47
N ALA AB 82 17.64 116.17 79.20
CA ALA AB 82 16.88 116.76 80.29
C ALA AB 82 15.60 115.92 80.46
N SER AB 83 14.70 116.10 79.51
CA SER AB 83 13.49 115.30 79.49
C SER AB 83 13.27 114.74 78.08
N ALA AB 84 12.93 113.45 78.07
CA ALA AB 84 12.85 112.70 76.86
C ALA AB 84 11.41 112.59 76.45
N ASP AB 85 10.95 113.54 75.63
CA ASP AB 85 9.60 113.48 75.07
C ASP AB 85 9.51 112.26 74.17
N PRO AB 86 8.40 111.51 74.24
CA PRO AB 86 8.24 110.36 73.36
C PRO AB 86 8.39 110.71 71.87
N VAL AB 87 8.11 111.95 71.47
CA VAL AB 87 8.26 112.33 70.06
C VAL AB 87 9.70 112.18 69.59
N TYR AB 88 10.66 112.53 70.45
CA TYR AB 88 12.08 112.26 70.14
C TYR AB 88 12.43 110.76 70.20
N THR AB 89 12.08 110.10 71.30
CA THR AB 89 12.51 108.73 71.51
C THR AB 89 11.91 107.76 70.49
N LEU AB 90 10.76 108.11 69.91
CA LEU AB 90 10.11 107.24 68.92
C LEU AB 90 10.38 107.64 67.45
N SER AB 91 11.22 108.66 67.27
CA SER AB 91 11.53 109.18 65.94
C SER AB 91 12.71 108.47 65.26
N VAL AB 92 13.35 107.58 66.01
CA VAL AB 92 14.40 106.74 65.46
C VAL AB 92 14.03 105.28 65.68
N PRO AB 93 14.75 104.34 65.05
CA PRO AB 93 14.42 102.94 65.30
C PRO AB 93 14.40 102.66 66.80
N HIS AB 94 13.37 101.95 67.26
CA HIS AB 94 13.16 101.76 68.68
C HIS AB 94 12.32 100.55 69.00
N TRP AB 95 12.35 100.16 70.27
CA TRP AB 95 11.66 98.97 70.74
C TRP AB 95 10.98 99.22 72.08
N LEU AB 96 9.74 98.74 72.22
CA LEU AB 96 9.04 98.84 73.49
C LEU AB 96 9.45 97.72 74.41
N ILE AB 97 9.80 98.08 75.64
CA ILE AB 97 10.18 97.10 76.63
C ILE AB 97 9.16 97.06 77.74
N HIS AB 98 8.33 96.02 77.74
CA HIS AB 98 7.28 95.90 78.74
C HIS AB 98 7.80 95.16 79.97
N HIS AB 99 7.56 95.74 81.14
CA HIS AB 99 8.03 95.19 82.39
C HIS AB 99 7.39 93.84 82.68
N LYS AB 100 6.14 93.66 82.27
CA LYS AB 100 5.45 92.38 82.49
C LYS AB 100 6.12 91.20 81.77
N LEU AB 101 6.87 91.49 80.69
CA LEU AB 101 7.47 90.44 79.87
C LEU AB 101 8.90 90.09 80.30
N GLY AB 102 9.42 90.85 81.25
CA GLY AB 102 10.76 90.60 81.74
C GLY AB 102 11.85 90.83 80.71
N THR AB 103 12.81 89.89 80.69
CA THR AB 103 14.01 90.05 79.89
C THR AB 103 13.64 90.20 78.43
N PHE AB 104 14.26 91.18 77.77
CA PHE AB 104 13.89 91.59 76.43
C PHE AB 104 15.03 91.31 75.47
N SER AB 105 14.69 90.99 74.22
CA SER AB 105 15.71 90.75 73.21
C SER AB 105 15.26 91.24 71.82
N CYS AB 106 16.21 91.69 71.00
CA CYS AB 106 15.92 92.04 69.61
C CYS AB 106 17.18 91.96 68.77
N GLU AB 107 17.01 91.98 67.45
CA GLU AB 107 18.14 91.97 66.53
C GLU AB 107 18.32 93.31 65.87
N ILE AB 108 19.57 93.71 65.75
CA ILE AB 108 19.91 94.92 65.02
C ILE AB 108 20.87 94.54 63.91
N ASP AB 109 20.40 94.60 62.68
CA ASP AB 109 21.28 94.41 61.53
C ASP AB 109 21.91 95.76 61.28
N TYR AB 110 23.16 95.89 61.72
CA TYR AB 110 23.85 97.17 61.67
C TYR AB 110 23.98 97.66 60.22
N GLY AB 111 23.98 96.71 59.29
CA GLY AB 111 24.00 97.03 57.88
C GLY AB 111 22.79 97.81 57.41
N GLU AB 112 21.61 97.47 57.92
CA GLU AB 112 20.37 98.19 57.61
C GLU AB 112 20.13 99.43 58.49
N LEU AB 113 19.99 99.22 59.79
CA LEU AB 113 19.68 100.30 60.72
C LEU AB 113 20.74 101.40 60.80
N CYS AB 114 21.97 101.06 60.45
CA CYS AB 114 23.03 102.05 60.48
C CYS AB 114 23.61 102.40 59.10
N GLY AB 115 24.15 101.42 58.38
CA GLY AB 115 24.58 101.65 57.01
C GLY AB 115 26.07 101.75 56.75
N HIS AB 116 26.86 102.15 57.74
CA HIS AB 116 28.29 102.17 57.56
C HIS AB 116 28.99 101.26 58.56
N ALA AB 117 30.13 100.69 58.14
CA ALA AB 117 30.88 99.75 58.97
C ALA AB 117 31.70 100.44 60.06
N MET AB 118 31.86 99.76 61.19
CA MET AB 118 32.54 100.33 62.35
C MET AB 118 34.04 100.10 62.35
N TRP AB 119 34.77 101.18 62.54
CA TRP AB 119 36.23 101.15 62.51
C TRP AB 119 36.75 100.98 63.93
N PHE AB 120 37.60 99.99 64.13
CA PHE AB 120 38.05 99.62 65.47
C PHE AB 120 38.67 100.75 66.30
N LYS AB 121 39.40 101.66 65.66
CA LYS AB 121 40.20 102.63 66.40
C LYS AB 121 39.52 103.94 66.76
N SER AB 122 38.48 104.30 66.03
CA SER AB 122 37.81 105.56 66.26
C SER AB 122 36.46 105.65 65.56
N THR AB 123 35.62 106.55 66.06
CA THR AB 123 34.36 106.79 65.43
C THR AB 123 34.60 107.41 64.05
N THR AB 124 33.90 106.92 63.03
CA THR AB 124 34.02 107.46 61.69
C THR AB 124 33.17 108.71 61.53
N PHE AB 125 31.85 108.55 61.58
CA PHE AB 125 30.97 109.71 61.48
C PHE AB 125 30.53 110.21 62.84
N GLU AB 126 29.45 109.67 63.36
CA GLU AB 126 29.16 109.92 64.75
C GLU AB 126 29.15 108.61 65.50
N SER AB 127 29.21 108.69 66.83
CA SER AB 127 29.29 107.51 67.70
C SER AB 127 27.89 106.95 68.03
N PRO AB 128 27.63 105.69 67.64
CA PRO AB 128 26.33 105.02 67.79
C PRO AB 128 25.87 104.82 69.25
N ARG AB 129 24.68 105.27 69.59
CA ARG AB 129 24.18 105.18 70.95
C ARG AB 129 22.90 104.35 71.09
N LEU AB 130 22.71 103.77 72.26
CA LEU AB 130 21.42 103.25 72.68
C LEU AB 130 20.88 104.12 73.81
N HIS AB 131 19.69 104.71 73.63
CA HIS AB 131 19.06 105.50 74.68
C HIS AB 131 17.97 104.70 75.40
N PHE AB 132 17.93 104.83 76.73
CA PHE AB 132 16.88 104.19 77.50
C PHE AB 132 16.03 105.22 78.26
N THR AB 133 14.77 105.25 77.89
CA THR AB 133 13.81 106.19 78.46
C THR AB 133 12.58 105.47 78.97
N CYS AB 134 11.85 106.13 79.85
CA CYS AB 134 10.63 105.56 80.36
C CYS AB 134 9.42 106.13 79.62
N LEU AB 135 8.63 105.26 78.99
CA LEU AB 135 7.51 105.69 78.14
C LEU AB 135 6.26 105.88 78.97
N THR AB 136 5.97 104.88 79.83
CA THR AB 136 4.85 104.94 80.75
C THR AB 136 5.39 104.61 82.13
N GLY AB 137 5.02 105.42 83.12
CA GLY AB 137 5.59 105.30 84.46
C GLY AB 137 4.99 104.20 85.32
N ASN AB 138 5.62 103.96 86.46
CA ASN AB 138 5.07 103.00 87.42
C ASN AB 138 3.83 103.60 88.09
N ASN AB 139 2.94 102.73 88.54
CA ASN AB 139 1.66 103.17 89.07
C ASN AB 139 1.85 103.83 90.44
N LYS AB 140 2.88 103.38 91.14
CA LYS AB 140 3.31 103.89 92.43
C LYS AB 140 4.79 103.56 92.48
N GLU AB 141 5.57 104.29 93.28
CA GLU AB 141 7.00 104.02 93.30
C GLU AB 141 7.25 102.61 93.80
N LEU AB 142 8.39 102.04 93.41
CA LEU AB 142 8.77 100.71 93.88
C LEU AB 142 9.50 100.81 95.23
N ALA AB 143 9.92 99.69 95.76
CA ALA AB 143 10.51 99.69 97.09
C ALA AB 143 11.89 100.37 97.14
N ALA AB 144 12.68 100.25 96.08
CA ALA AB 144 14.04 100.80 96.07
C ALA AB 144 14.56 101.00 94.67
N ASP AB 145 15.66 101.76 94.55
CA ASP AB 145 16.37 101.89 93.28
C ASP AB 145 16.87 100.53 92.82
N TRP AB 146 16.95 100.32 91.51
CA TRP AB 146 17.47 99.08 90.95
C TRP AB 146 18.21 99.31 89.63
N GLN AB 147 18.67 98.23 89.01
CA GLN AB 147 19.34 98.35 87.73
C GLN AB 147 18.93 97.26 86.74
N ALA AB 148 19.13 97.54 85.47
CA ALA AB 148 18.97 96.56 84.42
C ALA AB 148 20.32 96.40 83.70
N VAL AB 149 20.57 95.21 83.15
CA VAL AB 149 21.81 94.98 82.43
C VAL AB 149 21.56 94.89 80.93
N VAL AB 150 22.34 95.63 80.15
CA VAL AB 150 22.26 95.59 78.68
C VAL AB 150 23.43 94.80 78.10
N GLU AB 151 23.15 93.83 77.24
CA GLU AB 151 24.21 92.98 76.67
C GLU AB 151 24.17 92.95 75.14
N LEU AB 152 25.34 93.09 74.51
CA LEU AB 152 25.48 92.92 73.05
C LEU AB 152 26.11 91.59 72.71
N TYR AB 153 25.40 90.77 71.94
CA TYR AB 153 25.91 89.51 71.45
C TYR AB 153 26.14 89.61 69.96
N ALA AB 154 27.29 89.13 69.49
CA ALA AB 154 27.65 89.22 68.08
C ALA AB 154 28.80 88.30 67.79
N GLU AB 155 28.88 87.84 66.55
CA GLU AB 155 30.07 87.17 66.08
C GLU AB 155 30.71 88.05 65.02
N LEU AB 156 31.60 88.93 65.46
CA LEU AB 156 32.22 89.92 64.58
C LEU AB 156 33.12 89.28 63.52
N GLU AB 157 32.86 89.60 62.26
CA GLU AB 157 33.77 89.22 61.21
C GLU AB 157 34.11 90.43 60.34
N GLU AB 158 35.23 90.35 59.62
CA GLU AB 158 35.71 91.47 58.83
C GLU AB 158 34.68 91.87 57.78
N ALA AB 159 34.42 93.17 57.70
CA ALA AB 159 33.51 93.74 56.71
C ALA AB 159 34.19 93.88 55.34
N THR AB 160 33.47 93.47 54.32
CA THR AB 160 33.99 93.48 52.96
C THR AB 160 33.86 94.88 52.31
N SER AB 161 32.81 95.62 52.65
CA SER AB 161 32.55 96.94 52.08
C SER AB 161 32.34 97.96 53.18
N PHE AB 162 32.53 99.24 52.85
CA PHE AB 162 32.27 100.30 53.82
C PHE AB 162 30.79 100.53 54.04
N LEU AB 163 30.03 100.47 52.95
CA LEU AB 163 28.61 100.79 52.98
C LEU AB 163 27.75 99.53 53.06
N GLY AB 164 26.62 99.64 53.78
CA GLY AB 164 25.60 98.61 53.84
C GLY AB 164 24.77 98.58 52.56
N LYS AB 165 23.58 97.99 52.65
CA LYS AB 165 22.62 98.07 51.57
C LYS AB 165 21.71 99.23 51.94
N PRO AB 166 21.28 100.02 50.95
CA PRO AB 166 20.49 101.23 51.23
C PRO AB 166 19.11 100.88 51.77
N THR AB 167 18.74 101.48 52.90
CA THR AB 167 17.41 101.36 53.51
C THR AB 167 16.33 101.86 52.52
N LEU AB 168 16.66 102.86 51.72
CA LEU AB 168 15.68 103.56 50.90
C LEU AB 168 16.30 104.09 49.62
N VAL AB 169 15.59 103.98 48.51
CA VAL AB 169 16.02 104.61 47.26
C VAL AB 169 14.95 105.58 46.78
N PHE AB 170 15.37 106.78 46.47
CA PHE AB 170 14.43 107.84 46.16
C PHE AB 170 13.57 107.55 44.95
N ASP AB 171 12.26 107.66 45.16
CA ASP AB 171 11.24 107.48 44.13
C ASP AB 171 9.96 108.16 44.61
N PRO AB 172 9.53 109.21 43.89
CA PRO AB 172 8.37 110.06 44.20
C PRO AB 172 7.10 109.25 44.19
N GLY AB 173 7.02 108.32 43.23
CA GLY AB 173 5.81 107.58 42.98
C GLY AB 173 5.72 106.32 43.81
N VAL AB 174 6.53 106.23 44.86
CA VAL AB 174 6.54 105.01 45.65
C VAL AB 174 6.59 105.24 47.17
N PHE AB 175 5.39 105.10 47.70
CA PHE AB 175 5.07 104.95 49.11
C PHE AB 175 4.08 103.79 49.14
N ASN AB 176 4.54 102.61 49.54
CA ASN AB 176 3.71 101.40 49.58
C ASN AB 176 2.46 101.56 50.44
N GLY AB 177 2.62 101.94 51.68
CA GLY AB 177 1.52 101.94 52.61
C GLY AB 177 1.88 101.12 53.83
N LYS AB 178 3.03 100.46 53.78
CA LYS AB 178 3.60 99.76 54.94
C LYS AB 178 4.57 100.67 55.73
N PHE AB 179 4.55 100.56 57.06
CA PHE AB 179 5.42 101.37 57.90
C PHE AB 179 6.30 100.50 58.77
N GLN AB 180 7.46 101.03 59.19
CA GLN AB 180 8.19 100.46 60.32
C GLN AB 180 8.45 101.55 61.34
N PHE AB 181 8.50 101.16 62.60
CA PHE AB 181 8.81 102.08 63.69
C PHE AB 181 7.89 103.28 63.78
N LEU AB 182 6.62 103.07 63.47
CA LEU AB 182 5.61 104.12 63.64
C LEU AB 182 4.83 103.87 64.92
N THR AB 183 5.28 104.54 65.99
CA THR AB 183 4.67 104.37 67.31
C THR AB 183 4.13 105.72 67.76
N CYS AB 184 2.87 105.74 68.17
CA CYS AB 184 2.25 106.98 68.65
C CYS AB 184 2.57 107.17 70.11
N PRO AB 185 2.85 108.41 70.52
CA PRO AB 185 3.03 108.69 71.95
C PRO AB 185 1.83 108.17 72.74
N PRO AB 186 2.05 107.84 74.01
CA PRO AB 186 1.03 107.21 74.85
C PRO AB 186 -0.18 108.11 74.99
N ILE AB 187 -1.34 107.45 74.97
CA ILE AB 187 -2.63 108.07 75.22
C ILE AB 187 -3.05 107.69 76.65
N PHE AB 188 -3.60 108.63 77.42
CA PHE AB 188 -3.92 108.32 78.83
C PHE AB 188 -5.41 108.43 79.19
N PHE AB 189 -5.87 107.50 80.02
CA PHE AB 189 -7.25 107.53 80.51
C PHE AB 189 -7.30 107.68 82.01
N ASP AB 190 -8.12 108.62 82.49
CA ASP AB 190 -8.27 108.86 83.93
C ASP AB 190 -9.24 107.84 84.46
N LEU AB 191 -9.01 107.38 85.68
CA LEU AB 191 -9.98 106.44 86.27
C LEU AB 191 -11.10 107.14 87.02
N THR AB 192 -11.01 108.46 87.09
CA THR AB 192 -12.06 109.27 87.69
C THR AB 192 -13.11 109.64 86.67
N ALA AB 193 -13.14 108.89 85.57
CA ALA AB 193 -14.07 109.20 84.49
C ALA AB 193 -14.79 107.95 84.04
N VAL AB 194 -16.12 108.00 84.06
CA VAL AB 194 -16.88 106.81 83.71
C VAL AB 194 -16.78 106.40 82.23
N THR AB 195 -16.70 107.39 81.32
CA THR AB 195 -16.32 107.15 79.93
C THR AB 195 -15.36 108.24 79.48
N ALA AB 196 -14.75 108.06 78.31
CA ALA AB 196 -13.84 109.08 77.81
C ALA AB 196 -13.50 108.85 76.36
N LEU AB 197 -13.05 109.91 75.71
CA LEU AB 197 -12.58 109.79 74.35
C LEU AB 197 -11.15 110.26 74.26
N ARG AB 198 -10.34 109.55 73.47
CA ARG AB 198 -9.02 110.04 73.07
C ARG AB 198 -8.84 109.93 71.56
N SER AB 199 -8.57 111.04 70.91
CA SER AB 199 -8.36 111.03 69.46
C SER AB 199 -6.89 110.88 69.10
N ALA AB 200 -6.64 110.11 68.05
CA ALA AB 200 -5.35 110.08 67.40
C ALA AB 200 -5.52 110.56 65.96
N GLY AB 201 -4.81 111.60 65.58
CA GLY AB 201 -4.94 112.13 64.23
C GLY AB 201 -4.40 111.15 63.21
N LEU AB 202 -5.01 111.12 62.03
CA LEU AB 202 -4.56 110.22 60.98
C LEU AB 202 -3.93 111.01 59.82
N THR AB 203 -3.63 112.27 60.07
CA THR AB 203 -2.98 113.10 59.07
C THR AB 203 -1.47 112.90 59.22
N LEU AB 204 -1.01 111.74 58.77
CA LEU AB 204 0.31 111.21 59.12
C LEU AB 204 1.49 111.92 58.49
N GLY AB 205 1.24 112.81 57.54
CA GLY AB 205 2.33 113.56 56.90
C GLY AB 205 2.74 114.81 57.69
N GLN AB 206 1.95 115.12 58.70
CA GLN AB 206 2.20 116.26 59.57
C GLN AB 206 3.51 116.02 60.32
N VAL AB 207 4.36 117.04 60.42
CA VAL AB 207 5.60 116.88 61.18
C VAL AB 207 5.39 117.12 62.66
N PRO AB 208 5.75 116.14 63.49
CA PRO AB 208 5.52 116.15 64.95
C PRO AB 208 6.29 117.28 65.60
N MET AB 209 5.79 117.80 66.71
CA MET AB 209 6.51 118.86 67.40
C MET AB 209 6.68 118.67 68.90
N VAL AB 210 7.75 119.27 69.41
CA VAL AB 210 8.00 119.28 70.84
C VAL AB 210 8.26 120.71 71.16
N GLY AB 211 7.25 121.40 71.66
CA GLY AB 211 7.35 122.81 71.87
C GLY AB 211 7.47 123.44 70.50
N THR AB 212 8.49 124.26 70.32
CA THR AB 212 8.67 124.95 69.04
C THR AB 212 9.57 124.17 68.11
N THR AB 213 10.05 123.02 68.57
CA THR AB 213 10.98 122.22 67.80
C THR AB 213 10.28 121.22 66.89
N LYS AB 214 10.59 121.30 65.59
CA LYS AB 214 10.07 120.35 64.60
C LYS AB 214 10.92 119.09 64.59
N VAL AB 215 10.31 117.92 64.65
CA VAL AB 215 11.07 116.67 64.63
C VAL AB 215 10.80 115.92 63.35
N TYR AB 216 11.57 116.22 62.31
CA TYR AB 216 11.44 115.56 61.02
C TYR AB 216 11.76 114.09 61.20
N ASN AB 217 10.92 113.21 60.63
CA ASN AB 217 11.20 111.79 60.69
C ASN AB 217 10.81 111.09 59.40
N LEU AB 218 11.33 109.90 59.17
CA LEU AB 218 11.09 109.21 57.90
C LEU AB 218 9.63 108.88 57.63
N ASN AB 219 8.89 108.43 58.65
CA ASN AB 219 7.49 108.06 58.45
C ASN AB 219 6.61 109.21 57.97
N SER AB 220 6.63 110.35 58.65
CA SER AB 220 5.85 111.47 58.16
C SER AB 220 6.34 111.91 56.80
N THR AB 221 7.65 111.83 56.58
CA THR AB 221 8.22 112.19 55.29
C THR AB 221 7.68 111.32 54.17
N LEU AB 222 7.60 110.01 54.42
CA LEU AB 222 7.02 109.08 53.45
C LEU AB 222 5.56 109.42 53.11
N VAL AB 223 4.73 109.59 54.14
CA VAL AB 223 3.34 109.93 53.92
C VAL AB 223 3.18 111.20 53.12
N SER AB 224 4.08 112.17 53.31
CA SER AB 224 4.03 113.44 52.57
C SER AB 224 4.24 113.26 51.05
N CYS AB 225 4.73 112.08 50.66
CA CYS AB 225 5.00 111.77 49.25
C CYS AB 225 3.74 111.48 48.47
N VAL AB 226 2.63 111.51 49.19
CA VAL AB 226 1.32 111.21 48.64
C VAL AB 226 0.38 112.40 48.97
N LEU AB 227 -0.74 112.53 48.24
CA LEU AB 227 -1.67 113.64 48.53
C LEU AB 227 -2.63 113.29 49.66
N GLY AB 228 -2.93 112.00 49.79
CA GLY AB 228 -3.81 111.51 50.83
C GLY AB 228 -3.95 110.01 50.72
N MET AB 229 -4.68 109.42 51.68
CA MET AB 229 -4.81 107.98 51.77
C MET AB 229 -6.14 107.56 52.38
N GLY AB 230 -6.67 106.45 51.90
CA GLY AB 230 -7.82 105.82 52.50
C GLY AB 230 -7.51 104.35 52.66
N GLY AB 231 -8.40 103.62 53.33
CA GLY AB 231 -8.18 102.20 53.50
C GLY AB 231 -8.33 101.79 54.94
N THR AB 232 -7.66 100.71 55.32
CA THR AB 232 -7.78 100.22 56.68
C THR AB 232 -6.45 100.36 57.43
N VAL AB 233 -6.52 100.91 58.64
CA VAL AB 233 -5.34 101.05 59.50
C VAL AB 233 -5.13 99.75 60.27
N ARG AB 234 -4.02 99.05 60.02
CA ARG AB 234 -3.71 97.82 60.77
C ARG AB 234 -2.66 98.19 61.79
N GLY AB 235 -2.90 97.87 63.05
CA GLY AB 235 -1.96 98.23 64.09
C GLY AB 235 -2.02 97.32 65.28
N ARG AB 236 -1.26 97.69 66.32
CA ARG AB 236 -1.27 96.97 67.58
C ARG AB 236 -1.55 97.95 68.72
N VAL AB 237 -2.27 97.49 69.73
CA VAL AB 237 -2.56 98.29 70.90
C VAL AB 237 -1.88 97.64 72.10
N HIS AB 238 -1.13 98.43 72.85
CA HIS AB 238 -0.58 97.97 74.11
C HIS AB 238 -1.21 98.65 75.32
N ILE AB 239 -1.70 97.85 76.25
CA ILE AB 239 -2.24 98.38 77.49
C ILE AB 239 -1.18 98.32 78.56
N CYS AB 240 -0.67 99.49 78.94
CA CYS AB 240 0.55 99.58 79.73
C CYS AB 240 0.26 99.91 81.17
N ALA AB 241 -0.35 98.96 81.88
CA ALA AB 241 -0.68 99.14 83.29
C ALA AB 241 -0.51 97.82 84.02
N PRO AB 242 -0.55 97.86 85.36
CA PRO AB 242 -0.50 96.65 86.20
C PRO AB 242 -1.65 95.68 85.91
N ILE AB 243 -1.50 94.38 86.19
CA ILE AB 243 -2.60 93.40 85.98
C ILE AB 243 -3.90 93.77 86.67
N PHE AB 244 -3.82 94.58 87.72
CA PHE AB 244 -5.01 94.94 88.46
C PHE AB 244 -5.73 96.18 87.91
N TYR AB 245 -5.18 96.76 86.83
CA TYR AB 245 -5.88 97.80 86.05
C TYR AB 245 -6.53 97.08 84.88
N SER AB 246 -7.67 97.57 84.42
CA SER AB 246 -8.30 96.99 83.24
C SER AB 246 -9.29 97.95 82.59
N ILE AB 247 -9.50 97.76 81.30
CA ILE AB 247 -10.29 98.71 80.53
C ILE AB 247 -10.93 98.02 79.33
N VAL AB 248 -12.01 98.59 78.81
CA VAL AB 248 -12.60 98.13 77.56
C VAL AB 248 -12.80 99.32 76.64
N LEU AB 249 -12.25 99.23 75.43
CA LEU AB 249 -12.27 100.33 74.48
C LEU AB 249 -13.10 99.99 73.25
N TRP AB 250 -13.82 101.00 72.75
CA TRP AB 250 -14.41 100.94 71.42
C TRP AB 250 -13.52 101.79 70.53
N VAL AB 251 -12.90 101.18 69.54
CA VAL AB 251 -11.98 101.91 68.66
C VAL AB 251 -12.58 102.07 67.28
N VAL AB 252 -12.76 103.31 66.86
CA VAL AB 252 -13.45 103.58 65.61
C VAL AB 252 -12.91 104.84 64.91
N SER AB 253 -13.16 104.96 63.61
CA SER AB 253 -12.71 106.14 62.86
C SER AB 253 -13.85 107.12 62.62
N GLU AB 254 -13.59 108.42 62.81
CA GLU AB 254 -14.60 109.46 62.61
C GLU AB 254 -14.08 110.63 61.82
N TRP AB 255 -14.98 111.31 61.12
CA TRP AB 255 -14.58 112.44 60.29
C TRP AB 255 -15.06 113.77 60.86
N ASN AB 256 -14.15 114.73 60.92
CA ASN AB 256 -14.45 116.10 61.34
C ASN AB 256 -15.30 116.21 62.61
N GLY AB 257 -14.67 115.98 63.76
CA GLY AB 257 -15.39 115.96 65.01
C GLY AB 257 -15.86 114.55 65.34
N THR AB 258 -16.70 114.45 66.36
CA THR AB 258 -17.19 113.15 66.78
C THR AB 258 -18.68 113.26 67.02
N THR AB 259 -19.39 112.14 66.89
CA THR AB 259 -20.81 112.17 67.20
C THR AB 259 -21.01 112.27 68.71
N MET AB 260 -22.15 112.86 69.09
CA MET AB 260 -22.44 113.04 70.51
C MET AB 260 -23.47 112.00 70.96
N ASP AB 261 -23.96 111.20 70.00
CA ASP AB 261 -24.99 110.21 70.24
C ASP AB 261 -24.39 108.81 70.35
N TRP AB 262 -24.40 108.25 71.56
CA TRP AB 262 -23.86 106.90 71.80
C TRP AB 262 -24.45 105.82 70.87
N ASN AB 263 -25.70 105.96 70.47
CA ASN AB 263 -26.29 104.98 69.59
C ASN AB 263 -25.76 105.08 68.18
N GLU AB 264 -25.53 106.31 67.71
CA GLU AB 264 -24.93 106.47 66.40
C GLU AB 264 -23.51 105.90 66.42
N LEU AB 265 -22.79 106.17 67.51
CA LEU AB 265 -21.40 105.72 67.66
C LEU AB 265 -21.25 104.23 67.42
N PHE AB 266 -22.22 103.45 67.89
CA PHE AB 266 -22.14 102.01 67.77
C PHE AB 266 -22.76 101.45 66.51
N LYS AB 267 -23.19 102.32 65.62
CA LYS AB 267 -23.60 101.89 64.30
C LYS AB 267 -22.42 102.01 63.33
N TYR AB 268 -21.32 102.61 63.78
CA TYR AB 268 -20.10 102.70 62.98
C TYR AB 268 -19.36 101.37 63.04
N PRO AB 269 -18.49 101.12 62.05
CA PRO AB 269 -17.64 99.93 62.02
C PRO AB 269 -16.34 100.06 62.83
N GLY AB 270 -16.46 99.77 64.13
CA GLY AB 270 -15.33 99.79 65.04
C GLY AB 270 -14.99 98.41 65.58
N VAL AB 271 -14.02 98.35 66.48
CA VAL AB 271 -13.61 97.10 67.10
C VAL AB 271 -13.46 97.31 68.60
N TYR AB 272 -13.64 96.24 69.39
CA TYR AB 272 -13.43 96.32 70.82
C TYR AB 272 -12.01 95.89 71.18
N VAL AB 273 -11.39 96.59 72.12
CA VAL AB 273 -10.07 96.23 72.61
C VAL AB 273 -10.13 96.07 74.13
N GLU AB 274 -9.86 94.87 74.62
CA GLU AB 274 -9.90 94.58 76.06
C GLU AB 274 -8.49 94.36 76.59
N GLU AB 275 -7.55 94.13 75.66
CA GLU AB 275 -6.20 93.72 76.04
C GLU AB 275 -5.20 93.92 74.92
N ASP AB 276 -3.91 93.82 75.25
CA ASP AB 276 -2.85 93.82 74.22
C ASP AB 276 -3.31 93.03 73.00
N GLY AB 277 -3.10 93.58 71.81
CA GLY AB 277 -3.45 92.88 70.58
C GLY AB 277 -3.38 93.74 69.34
N SER AB 278 -3.66 93.15 68.18
CA SER AB 278 -3.74 93.89 66.93
C SER AB 278 -5.18 94.33 66.63
N PHE AB 279 -5.35 95.29 65.71
CA PHE AB 279 -6.67 95.83 65.36
C PHE AB 279 -6.65 96.31 63.91
N GLU AB 280 -7.81 96.30 63.27
CA GLU AB 280 -7.97 96.88 61.94
C GLU AB 280 -9.17 97.79 61.96
N VAL AB 281 -8.99 99.06 61.63
CA VAL AB 281 -10.10 100.00 61.55
C VAL AB 281 -10.09 100.73 60.21
N LYS AB 282 -11.26 100.81 59.59
CA LYS AB 282 -11.41 101.48 58.30
C LYS AB 282 -11.32 102.98 58.52
N ILE AB 283 -10.54 103.64 57.66
CA ILE AB 283 -10.44 105.10 57.67
C ILE AB 283 -11.71 105.65 57.09
N ARG AB 284 -12.46 106.36 57.92
CA ARG AB 284 -13.78 106.87 57.56
C ARG AB 284 -13.74 108.33 57.07
N SER AB 285 -14.24 108.55 55.87
CA SER AB 285 -14.20 109.90 55.30
C SER AB 285 -15.19 110.06 54.14
N PRO AB 286 -15.74 111.26 54.00
CA PRO AB 286 -16.66 111.62 52.92
C PRO AB 286 -16.03 111.40 51.55
N TYR AB 287 -14.70 111.39 51.50
CA TYR AB 287 -13.95 111.22 50.26
C TYR AB 287 -13.25 109.86 50.21
N HIS AB 288 -13.48 109.07 51.25
CA HIS AB 288 -12.89 107.75 51.41
C HIS AB 288 -11.39 107.81 51.71
N ARG AB 289 -10.82 109.02 51.64
CA ARG AB 289 -9.41 109.26 51.94
C ARG AB 289 -9.31 110.47 52.86
N THR AB 290 -8.24 110.53 53.65
CA THR AB 290 -7.95 111.73 54.42
C THR AB 290 -6.65 112.32 53.86
N PRO AB 291 -6.55 113.66 53.83
CA PRO AB 291 -5.38 114.32 53.26
C PRO AB 291 -4.10 114.05 54.06
N ALA AB 292 -2.96 114.03 53.37
CA ALA AB 292 -1.67 113.68 53.95
C ALA AB 292 -1.15 114.76 54.86
N ARG AB 293 -1.42 116.02 54.52
CA ARG AB 293 -0.97 117.13 55.36
C ARG AB 293 -2.07 118.18 55.49
N LEU AB 294 -1.91 119.12 56.43
CA LEU AB 294 -2.90 120.15 56.65
C LEU AB 294 -2.62 121.42 55.90
N LEU AB 295 -3.68 122.19 55.61
CA LEU AB 295 -3.52 123.55 55.13
C LEU AB 295 -3.55 124.52 56.30
N ALA AB 296 -3.45 125.81 56.01
CA ALA AB 296 -3.37 126.81 57.08
C ALA AB 296 -4.69 126.84 57.80
N GLY AB 297 -4.63 126.84 59.14
CA GLY AB 297 -5.83 126.96 59.95
C GLY AB 297 -6.69 125.70 60.04
N GLN AB 298 -6.15 124.59 59.58
CA GLN AB 298 -6.81 123.32 59.75
C GLN AB 298 -6.23 122.62 60.96
N SER AB 299 -7.03 121.77 61.57
CA SER AB 299 -6.58 121.00 62.70
C SER AB 299 -6.66 119.55 62.28
N GLN AB 300 -5.92 118.69 62.97
CA GLN AB 300 -5.94 117.29 62.58
C GLN AB 300 -7.32 116.63 62.83
N ARG AB 301 -8.15 117.24 63.68
CA ARG AB 301 -9.45 116.65 64.01
C ARG AB 301 -10.52 116.99 62.99
N ASP AB 302 -10.25 117.96 62.13
CA ASP AB 302 -11.19 118.30 61.05
C ASP AB 302 -11.24 117.21 59.99
N MET AB 303 -10.29 116.29 60.04
CA MET AB 303 -10.22 115.20 59.06
C MET AB 303 -10.55 113.85 59.68
N SER AB 304 -9.94 112.79 59.15
CA SER AB 304 -10.15 111.45 59.66
C SER AB 304 -9.27 111.17 60.87
N SER AB 305 -9.86 110.63 61.93
CA SER AB 305 -9.11 110.32 63.16
C SER AB 305 -9.44 108.93 63.63
N LEU AB 306 -8.52 108.36 64.41
CA LEU AB 306 -8.68 107.05 64.99
C LEU AB 306 -9.07 107.28 66.44
N ASN AB 307 -10.32 107.01 66.78
CA ASN AB 307 -10.86 107.34 68.10
C ASN AB 307 -10.93 106.19 69.10
N PHE AB 308 -10.44 106.43 70.31
CA PHE AB 308 -10.44 105.43 71.35
C PHE AB 308 -11.42 105.81 72.45
N TYR AB 309 -12.53 105.11 72.49
CA TYR AB 309 -13.58 105.35 73.47
C TYR AB 309 -13.50 104.34 74.62
N ALA AB 310 -13.29 104.83 75.82
CA ALA AB 310 -13.38 103.94 76.98
C ALA AB 310 -14.84 103.78 77.31
N ILE AB 311 -15.36 102.56 77.11
CA ILE AB 311 -16.78 102.29 77.33
C ILE AB 311 -17.06 101.54 78.63
N ALA AB 312 -16.03 100.94 79.20
CA ALA AB 312 -16.13 100.33 80.52
C ALA AB 312 -14.78 100.40 81.23
N GLY AB 313 -14.71 101.21 82.28
CA GLY AB 313 -13.43 101.46 82.92
C GLY AB 313 -12.74 102.70 82.33
N PRO AB 314 -11.44 102.85 82.63
CA PRO AB 314 -10.63 101.89 83.38
C PRO AB 314 -11.05 101.73 84.84
N ILE AB 315 -10.80 100.55 85.39
CA ILE AB 315 -10.99 100.31 86.81
C ILE AB 315 -9.68 99.85 87.44
N ALA AB 316 -9.53 100.12 88.72
CA ALA AB 316 -8.42 99.61 89.50
C ALA AB 316 -8.84 99.55 90.95
N PRO AB 317 -8.09 98.82 91.78
CA PRO AB 317 -8.41 98.74 93.21
C PRO AB 317 -8.15 100.09 93.86
N SER AB 318 -8.74 100.37 95.01
CA SER AB 318 -8.37 101.61 95.69
C SER AB 318 -7.10 101.27 96.43
N GLY AB 319 -6.22 102.24 96.62
CA GLY AB 319 -6.40 103.58 96.09
C GLY AB 319 -5.29 103.79 95.09
N GLU AB 320 -5.55 103.35 93.88
CA GLU AB 320 -4.65 103.61 92.79
C GLU AB 320 -5.01 104.96 92.25
N THR AB 321 -4.04 105.65 91.65
CA THR AB 321 -4.28 107.01 91.17
C THR AB 321 -3.76 107.21 89.75
N ALA AB 322 -2.82 106.35 89.37
CA ALA AB 322 -2.21 106.39 88.05
C ALA AB 322 -3.25 106.32 86.93
N GLN AB 323 -2.96 107.01 85.82
CA GLN AB 323 -3.81 106.88 84.63
C GLN AB 323 -3.45 105.57 83.94
N LEU AB 324 -4.39 105.05 83.14
CA LEU AB 324 -4.11 103.85 82.36
C LEU AB 324 -3.66 104.27 80.97
N PRO AB 325 -2.41 103.94 80.61
CA PRO AB 325 -1.87 104.33 79.32
C PRO AB 325 -2.09 103.27 78.25
N ILE AB 326 -2.42 103.74 77.04
CA ILE AB 326 -2.53 102.92 75.84
C ILE AB 326 -1.43 103.35 74.85
N VAL AB 327 -0.61 102.41 74.38
CA VAL AB 327 0.36 102.75 73.34
C VAL AB 327 -0.08 102.15 72.02
N VAL AB 328 -0.26 102.98 71.01
CA VAL AB 328 -0.70 102.49 69.71
C VAL AB 328 0.43 102.44 68.69
N GLN AB 329 0.57 101.31 67.99
CA GLN AB 329 1.51 101.18 66.89
C GLN AB 329 0.77 100.97 65.59
N ILE AB 330 1.14 101.73 64.56
CA ILE AB 330 0.53 101.59 63.25
C ILE AB 330 1.45 100.85 62.30
N ASP AB 331 1.00 99.70 61.81
CA ASP AB 331 1.85 98.81 61.01
C ASP AB 331 1.70 99.05 59.52
N GLU AB 332 0.47 99.18 59.04
CA GLU AB 332 0.28 99.51 57.64
C GLU AB 332 -1.13 99.96 57.34
N ILE AB 333 -1.29 100.54 56.15
CA ILE AB 333 -2.59 100.77 55.58
C ILE AB 333 -2.88 99.61 54.64
N VAL AB 334 -3.76 98.70 55.06
CA VAL AB 334 -4.10 97.54 54.24
C VAL AB 334 -5.22 97.91 53.29
N ARG AB 335 -5.25 97.26 52.13
CA ARG AB 335 -6.26 97.56 51.12
C ARG AB 335 -6.30 99.07 50.92
N PRO AB 336 -5.16 99.66 50.55
CA PRO AB 336 -5.00 101.10 50.54
C PRO AB 336 -5.67 101.76 49.35
N ASP AB 337 -6.32 102.89 49.60
CA ASP AB 337 -6.83 103.73 48.54
C ASP AB 337 -5.99 105.00 48.51
N LEU AB 338 -4.95 105.01 47.68
CA LEU AB 338 -4.02 106.14 47.71
C LEU AB 338 -4.41 107.24 46.74
N SER AB 339 -4.04 108.47 47.07
CA SER AB 339 -4.18 109.58 46.14
C SER AB 339 -3.04 109.55 45.14
N LEU AB 340 -3.03 110.51 44.24
CA LEU AB 340 -1.85 110.72 43.41
C LEU AB 340 -0.64 110.97 44.30
N PRO AB 341 0.54 110.63 43.78
CA PRO AB 341 1.75 111.06 44.48
C PRO AB 341 1.72 112.59 44.55
N SER AB 342 2.25 113.19 45.60
CA SER AB 342 2.28 114.65 45.68
C SER AB 342 3.30 115.25 44.71
N PHE AB 343 4.39 114.52 44.44
CA PHE AB 343 5.35 114.96 43.43
C PHE AB 343 5.51 113.97 42.28
N GLU AB 344 5.78 114.50 41.09
CA GLU AB 344 6.05 113.66 39.92
C GLU AB 344 7.54 113.47 39.77
N ASP AB 345 7.96 112.70 38.76
CA ASP AB 345 9.39 112.55 38.53
C ASP AB 345 9.92 113.78 37.82
N ASP AB 346 10.11 114.85 38.58
CA ASP AB 346 10.37 116.15 38.03
C ASP AB 346 11.38 116.85 38.90
N TYR AB 347 11.79 118.05 38.48
CA TYR AB 347 12.63 118.90 39.29
C TYR AB 347 11.83 119.46 40.48
N PHE AB 348 12.56 119.88 41.51
CA PHE AB 348 11.96 120.64 42.58
C PHE AB 348 12.97 121.67 43.09
N VAL AB 349 12.50 122.62 43.87
CA VAL AB 349 13.35 123.72 44.26
C VAL AB 349 14.35 123.29 45.31
N TRP AB 350 15.63 123.57 45.04
CA TRP AB 350 16.67 123.40 46.04
C TRP AB 350 16.88 124.72 46.80
N VAL AB 351 17.17 125.79 46.07
CA VAL AB 351 17.46 127.07 46.72
C VAL AB 351 17.25 128.26 45.79
N ASP AB 352 16.76 129.36 46.34
CA ASP AB 352 16.75 130.64 45.63
C ASP AB 352 17.78 131.59 46.26
N PHE AB 353 18.62 132.20 45.44
CA PHE AB 353 19.46 133.30 45.89
C PHE AB 353 18.90 134.63 45.37
N SER AB 354 18.83 135.64 46.23
CA SER AB 354 18.28 136.93 45.83
C SER AB 354 18.87 138.04 46.65
N GLU AB 355 18.52 139.28 46.30
CA GLU AB 355 18.96 140.44 47.06
C GLU AB 355 20.49 140.47 47.25
N PHE AB 356 21.23 140.42 46.14
CA PHE AB 356 22.70 140.41 46.20
C PHE AB 356 23.23 141.80 46.57
N THR AB 357 24.22 141.85 47.45
CA THR AB 357 24.77 143.12 47.88
C THR AB 357 26.12 143.43 47.22
N LEU AB 358 26.82 142.37 46.82
CA LEU AB 358 28.09 142.52 46.12
C LEU AB 358 27.99 142.00 44.71
N ASP AB 359 28.70 142.62 43.77
CA ASP AB 359 28.72 142.13 42.40
C ASP AB 359 29.48 140.79 42.30
N LYS AB 360 30.55 140.64 43.09
CA LYS AB 360 31.27 139.37 43.14
C LYS AB 360 30.69 138.48 44.24
N GLU AB 361 30.12 137.35 43.85
CA GLU AB 361 29.56 136.41 44.80
C GLU AB 361 30.00 135.01 44.40
N GLU AB 362 30.43 134.19 45.36
CA GLU AB 362 30.81 132.81 45.05
C GLU AB 362 30.21 131.81 46.05
N ILE AB 363 29.31 130.98 45.55
CA ILE AB 363 28.59 130.03 46.37
C ILE AB 363 29.23 128.65 46.26
N GLU AB 364 29.86 128.19 47.34
CA GLU AB 364 30.50 126.86 47.32
C GLU AB 364 29.51 125.76 47.62
N ILE AB 365 29.49 124.74 46.77
CA ILE AB 365 28.58 123.64 46.94
C ILE AB 365 29.38 122.40 47.31
N GLY AB 366 30.46 122.16 46.57
CA GLY AB 366 31.31 121.02 46.82
C GLY AB 366 30.67 119.75 46.32
N SER AB 367 30.45 118.81 47.24
CA SER AB 367 29.82 117.55 46.87
C SER AB 367 28.62 117.28 47.77
N ARG AB 368 28.06 118.34 48.35
CA ARG AB 368 26.99 118.19 49.32
C ARG AB 368 25.66 118.74 48.85
N PHE AB 369 24.57 118.13 49.32
CA PHE AB 369 23.25 118.75 49.23
C PHE AB 369 22.89 119.21 50.63
N PHE AB 370 22.70 120.51 50.82
CA PHE AB 370 22.60 121.06 52.18
C PHE AB 370 21.96 122.45 52.21
N ASP AB 371 21.80 123.00 53.41
CA ASP AB 371 21.28 124.37 53.58
C ASP AB 371 22.37 125.45 53.48
N PHE AB 372 22.15 126.41 52.60
CA PHE AB 372 23.10 127.51 52.39
C PHE AB 372 22.92 128.63 53.41
N THR AB 373 23.99 129.38 53.66
CA THR AB 373 23.90 130.63 54.42
C THR AB 373 24.79 131.67 53.74
N SER AB 374 24.38 132.93 53.81
CA SER AB 374 25.17 134.02 53.22
C SER AB 374 25.03 135.30 54.00
N ASN AB 375 26.12 136.03 54.10
CA ASN AB 375 26.14 137.34 54.74
C ASN AB 375 25.93 138.42 53.70
N THR AB 376 26.09 138.04 52.44
CA THR AB 376 26.09 139.00 51.34
C THR AB 376 24.85 138.92 50.44
N CYS AB 377 24.01 137.93 50.67
CA CYS AB 377 22.77 137.79 49.92
C CYS AB 377 21.72 136.98 50.68
N ARG AB 378 20.51 136.96 50.14
CA ARG AB 378 19.40 136.29 50.80
C ARG AB 378 19.25 134.88 50.27
N VAL AB 379 19.36 133.91 51.17
CA VAL AB 379 19.14 132.52 50.84
C VAL AB 379 17.75 132.07 51.23
N SER AB 380 17.02 131.45 50.31
CA SER AB 380 15.72 130.87 50.60
C SER AB 380 15.76 129.40 50.23
N MET AB 381 15.73 128.53 51.24
CA MET AB 381 15.82 127.11 50.98
C MET AB 381 14.46 126.48 50.62
N GLY AB 382 14.46 125.46 49.76
CA GLY AB 382 13.23 124.77 49.44
C GLY AB 382 12.91 123.74 50.50
N GLU AB 383 11.62 123.51 50.75
CA GLU AB 383 11.18 122.43 51.63
C GLU AB 383 10.37 121.41 50.81
N ASN AB 384 10.87 120.17 50.71
CA ASN AB 384 10.18 119.08 50.00
C ASN AB 384 10.61 117.72 50.52
N PRO AB 385 9.92 116.65 50.10
CA PRO AB 385 10.21 115.33 50.67
C PRO AB 385 11.66 114.92 50.46
N PHE AB 386 12.25 115.27 49.33
CA PHE AB 386 13.65 114.90 49.11
C PHE AB 386 14.57 115.46 50.18
N ALA AB 387 14.44 116.75 50.46
CA ALA AB 387 15.24 117.40 51.50
C ALA AB 387 15.01 116.75 52.88
N ALA AB 388 13.77 116.38 53.17
CA ALA AB 388 13.45 115.67 54.40
C ALA AB 388 14.11 114.31 54.44
N MET AB 389 14.09 113.58 53.32
CA MET AB 389 14.78 112.31 53.28
C MET AB 389 16.27 112.42 53.53
N ILE AB 390 16.91 113.46 52.98
CA ILE AB 390 18.32 113.73 53.26
C ILE AB 390 18.55 113.91 54.76
N ALA AB 391 17.59 114.57 55.41
CA ALA AB 391 17.68 114.92 56.81
C ALA AB 391 17.40 113.75 57.73
N CYS AB 392 16.68 112.77 57.20
CA CYS AB 392 16.18 111.65 58.02
C CYS AB 392 16.96 110.39 57.79
N HIS AB 393 18.14 110.53 57.19
CA HIS AB 393 19.05 109.40 57.08
C HIS AB 393 20.45 109.82 57.49
N GLY AB 394 21.20 108.85 58.01
CA GLY AB 394 22.57 109.10 58.44
C GLY AB 394 23.49 109.42 57.28
N LEU AB 395 23.33 108.64 56.20
CA LEU AB 395 24.14 108.78 54.98
C LEU AB 395 23.29 108.74 53.72
N HIS AB 396 23.74 109.41 52.66
CA HIS AB 396 23.07 109.38 51.38
C HIS AB 396 24.13 109.49 50.28
N SER AB 397 23.73 109.15 49.06
CA SER AB 397 24.61 109.22 47.90
C SER AB 397 23.84 109.13 46.59
N GLY AB 398 24.25 109.93 45.61
CA GLY AB 398 23.58 109.92 44.34
C GLY AB 398 24.01 111.06 43.44
N VAL AB 399 23.29 111.24 42.35
CA VAL AB 399 23.58 112.33 41.45
C VAL AB 399 22.36 113.18 41.26
N LEU AB 400 22.54 114.50 41.32
CA LEU AB 400 21.46 115.44 41.09
C LEU AB 400 21.65 116.17 39.77
N ASP AB 401 20.63 116.18 38.94
CA ASP AB 401 20.62 117.06 37.79
C ASP AB 401 20.13 118.44 38.24
N LEU AB 402 20.86 119.48 37.88
CA LEU AB 402 20.49 120.83 38.26
C LEU AB 402 19.99 121.64 37.07
N LYS AB 403 18.95 122.44 37.31
CA LYS AB 403 18.55 123.50 36.40
C LYS AB 403 18.73 124.83 37.09
N LEU AB 404 19.46 125.74 36.47
CA LEU AB 404 19.62 127.08 37.02
C LEU AB 404 18.79 128.04 36.17
N GLN AB 405 18.04 128.91 36.83
CA GLN AB 405 17.25 129.94 36.14
C GLN AB 405 17.47 131.26 36.82
N TRP AB 406 17.52 132.34 36.05
CA TRP AB 406 17.66 133.65 36.66
C TRP AB 406 16.96 134.75 35.86
N SER AB 407 16.55 135.81 36.55
CA SER AB 407 15.97 136.99 35.91
C SER AB 407 16.85 138.18 36.21
N LEU AB 408 16.80 139.20 35.35
CA LEU AB 408 17.66 140.38 35.52
C LEU AB 408 17.06 141.47 36.40
N ASN AB 409 17.94 142.17 37.10
CA ASN AB 409 17.57 143.30 37.95
C ASN AB 409 17.77 144.62 37.21
N THR AB 410 18.78 144.67 36.35
CA THR AB 410 19.06 145.83 35.51
C THR AB 410 18.42 145.69 34.13
N GLU AB 411 18.58 146.70 33.27
CA GLU AB 411 18.03 146.64 31.92
C GLU AB 411 18.79 145.60 31.07
N PHE AB 412 18.05 144.81 30.29
CA PHE AB 412 18.65 143.74 29.51
C PHE AB 412 19.76 144.25 28.61
N GLY AB 413 19.55 145.42 28.00
CA GLY AB 413 20.53 145.95 27.08
C GLY AB 413 21.83 146.35 27.74
N LYS AB 414 21.80 146.52 29.07
CA LYS AB 414 22.98 146.98 29.79
C LYS AB 414 23.73 145.81 30.40
N SER AB 415 23.12 144.62 30.34
CA SER AB 415 23.64 143.45 31.02
C SER AB 415 25.02 142.98 30.52
N SER AB 416 25.81 142.46 31.45
CA SER AB 416 27.10 141.85 31.11
C SER AB 416 27.42 140.76 32.12
N GLY AB 417 28.48 139.99 31.87
CA GLY AB 417 28.94 139.00 32.84
C GLY AB 417 28.29 137.65 32.65
N SER AB 418 28.30 136.85 33.73
CA SER AB 418 27.99 135.42 33.63
C SER AB 418 27.59 134.79 34.96
N VAL AB 419 26.84 133.70 34.85
CA VAL AB 419 26.72 132.68 35.89
C VAL AB 419 27.71 131.57 35.50
N THR AB 420 28.75 131.37 36.31
CA THR AB 420 29.76 130.37 35.97
C THR AB 420 29.69 129.20 36.94
N ILE AB 421 29.69 128.00 36.40
CA ILE AB 421 29.70 126.82 37.24
C ILE AB 421 31.11 126.25 37.22
N THR AB 422 31.82 126.37 38.33
CA THR AB 422 33.14 125.77 38.45
C THR AB 422 33.02 124.30 38.83
N LYS AB 423 33.63 123.41 38.07
CA LYS AB 423 33.61 121.98 38.40
C LYS AB 423 35.04 121.48 38.54
N LEU AB 424 35.38 121.02 39.74
CA LEU AB 424 36.71 120.52 40.02
C LEU AB 424 36.65 119.10 40.54
N VAL AB 425 37.84 118.49 40.63
CA VAL AB 425 38.01 117.28 41.41
C VAL AB 425 39.10 117.58 42.41
N GLY AB 426 38.74 117.53 43.69
CA GLY AB 426 39.66 117.92 44.74
C GLY AB 426 39.09 119.09 45.53
N ASP AB 427 39.79 120.21 45.50
CA ASP AB 427 39.30 121.44 46.13
C ASP AB 427 39.79 122.66 45.35
N LYS AB 428 39.37 123.83 45.78
CA LYS AB 428 39.73 125.05 45.07
C LYS AB 428 41.26 125.18 44.95
N ALA AB 429 41.99 124.72 45.95
CA ALA AB 429 43.43 124.94 46.03
C ALA AB 429 44.31 124.02 45.16
N MET AB 430 43.96 122.73 45.07
CA MET AB 430 44.83 121.76 44.40
C MET AB 430 44.07 120.88 43.43
N GLY AB 431 42.84 121.26 43.11
CA GLY AB 431 41.98 120.43 42.28
C GLY AB 431 42.27 120.35 40.78
N LEU AB 432 41.65 119.37 40.14
CA LEU AB 432 41.75 119.18 38.71
C LEU AB 432 40.52 119.79 38.06
N ASP AB 433 40.63 120.22 36.81
CA ASP AB 433 39.54 120.92 36.17
C ASP AB 433 38.60 120.03 35.38
N GLY AB 434 37.33 120.02 35.76
CA GLY AB 434 36.33 119.21 35.08
C GLY AB 434 35.50 120.00 34.10
N PRO AB 435 34.21 119.65 33.96
CA PRO AB 435 33.30 120.29 33.02
C PRO AB 435 32.75 121.60 33.55
N SER AB 436 33.66 122.50 33.94
CA SER AB 436 33.32 123.88 34.31
C SER AB 436 32.62 124.54 33.13
N HIS AB 437 31.83 125.56 33.39
CA HIS AB 437 30.88 125.97 32.40
C HIS AB 437 30.57 127.45 32.58
N VAL AB 438 30.67 128.22 31.50
CA VAL AB 438 30.38 129.65 31.56
C VAL AB 438 29.07 129.99 30.85
N PHE AB 439 28.06 130.36 31.63
CA PHE AB 439 26.80 130.83 31.07
C PHE AB 439 26.78 132.35 31.00
N ALA AB 440 26.86 132.92 29.80
CA ALA AB 440 26.70 134.35 29.68
C ALA AB 440 25.38 134.72 30.34
N ILE AB 441 25.38 135.81 31.11
CA ILE AB 441 24.17 136.18 31.87
C ILE AB 441 22.90 136.25 31.01
N GLN AB 442 23.06 136.58 29.74
CA GLN AB 442 21.95 136.70 28.81
C GLN AB 442 21.27 135.38 28.48
N LYS AB 443 21.92 134.24 28.74
CA LYS AB 443 21.28 132.94 28.52
C LYS AB 443 20.07 132.79 29.45
N LEU AB 444 20.20 133.35 30.65
CA LEU AB 444 19.07 133.39 31.59
C LEU AB 444 18.71 132.02 32.16
N GLU AB 445 19.50 131.01 31.80
CA GLU AB 445 19.33 129.66 32.33
C GLU AB 445 20.50 128.75 31.96
N GLY AB 446 20.70 127.69 32.72
CA GLY AB 446 21.74 126.72 32.43
C GLY AB 446 21.53 125.44 33.19
N THR AB 447 22.23 124.38 32.76
CA THR AB 447 22.12 123.08 33.42
C THR AB 447 23.47 122.49 33.79
N THR AB 448 23.46 121.63 34.80
CA THR AB 448 24.67 120.92 35.20
C THR AB 448 24.31 119.70 36.06
N GLU AB 449 25.25 118.78 36.25
CA GLU AB 449 25.05 117.66 37.13
C GLU AB 449 25.83 117.94 38.39
N LEU AB 450 25.38 117.38 39.52
CA LEU AB 450 26.13 117.46 40.77
C LEU AB 450 26.27 116.08 41.39
N LEU AB 451 27.52 115.65 41.63
CA LEU AB 451 27.75 114.40 42.37
C LEU AB 451 27.62 114.66 43.86
N VAL AB 452 26.62 114.04 44.49
CA VAL AB 452 26.46 114.10 45.94
C VAL AB 452 27.05 112.81 46.49
N GLY AB 453 28.30 112.92 46.93
CA GLY AB 453 29.05 111.75 47.37
C GLY AB 453 30.54 112.04 47.45
N ASN AB 454 31.33 110.99 47.53
CA ASN AB 454 32.78 111.13 47.67
C ASN AB 454 33.47 109.78 47.55
N PHE AB 455 34.81 109.78 47.65
CA PHE AB 455 35.57 108.55 47.44
C PHE AB 455 35.13 107.42 48.36
N ALA AB 456 34.62 107.76 49.55
CA ALA AB 456 34.18 106.74 50.49
C ALA AB 456 32.85 106.10 50.12
N GLY AB 457 31.98 106.88 49.48
CA GLY AB 457 30.76 106.34 48.90
C GLY AB 457 29.46 107.02 49.28
N ALA AB 458 29.48 107.84 50.33
CA ALA AB 458 28.26 108.43 50.85
C ALA AB 458 28.56 109.66 51.70
N ASN AB 459 27.58 110.55 51.82
CA ASN AB 459 27.74 111.77 52.63
C ASN AB 459 26.94 111.67 53.91
N PRO AB 460 27.52 112.12 55.03
CA PRO AB 460 26.77 112.31 56.26
C PRO AB 460 25.95 113.59 56.10
N ASN AB 461 24.98 113.80 56.98
CA ASN AB 461 24.20 115.02 56.91
C ASN AB 461 24.81 116.15 57.74
N THR AB 462 26.13 116.25 57.70
CA THR AB 462 26.87 117.26 58.44
C THR AB 462 27.98 117.75 57.53
N ARG AB 463 28.81 118.67 58.02
CA ARG AB 463 30.01 119.06 57.28
C ARG AB 463 31.05 117.94 57.48
N PHE AB 464 31.81 117.66 56.43
CA PHE AB 464 32.80 116.60 56.45
C PHE AB 464 33.83 117.00 55.40
N SER AB 465 35.01 116.39 55.47
CA SER AB 465 36.02 116.64 54.46
C SER AB 465 36.51 115.33 53.85
N LEU AB 466 35.95 114.93 52.72
CA LEU AB 466 36.39 113.72 52.02
C LEU AB 466 36.58 113.99 50.52
N TYR AB 467 37.76 113.67 50.00
CA TYR AB 467 38.09 113.90 48.59
C TYR AB 467 36.94 113.51 47.66
N SER AB 468 36.54 114.44 46.79
CA SER AB 468 35.46 114.17 45.86
C SER AB 468 35.47 115.21 44.77
N ARG AB 469 34.47 115.18 43.90
CA ARG AB 469 34.26 116.26 42.94
C ARG AB 469 33.81 117.49 43.72
N TRP AB 470 33.96 118.67 43.12
CA TRP AB 470 33.76 119.91 43.84
C TRP AB 470 33.10 120.92 42.92
N MET AB 471 32.00 121.51 43.37
CA MET AB 471 31.26 122.47 42.55
C MET AB 471 31.09 123.83 43.23
N ALA AB 472 31.05 124.89 42.41
CA ALA AB 472 30.78 126.23 42.91
C ALA AB 472 30.08 127.05 41.85
N ILE AB 473 29.23 127.97 42.30
CA ILE AB 473 28.59 128.92 41.40
C ILE AB 473 29.25 130.27 41.61
N LYS AB 474 29.70 130.88 40.51
CA LYS AB 474 30.44 132.16 40.55
C LYS AB 474 29.69 133.26 39.80
N LEU AB 475 29.21 134.25 40.55
CA LEU AB 475 28.60 135.45 39.97
C LEU AB 475 29.62 136.60 39.86
N ASP AB 476 29.66 137.29 38.74
CA ASP AB 476 30.57 138.44 38.61
C ASP AB 476 29.79 139.77 38.49
N GLN AB 477 28.48 139.65 38.25
CA GLN AB 477 27.61 140.81 38.14
C GLN AB 477 26.34 140.55 38.93
N ALA AB 478 26.51 140.08 40.16
CA ALA AB 478 25.40 139.54 40.91
C ALA AB 478 24.29 140.57 41.16
N LYS AB 479 24.66 141.84 41.29
CA LYS AB 479 23.69 142.91 41.51
C LYS AB 479 22.75 143.10 40.31
N SER AB 480 23.11 142.52 39.17
CA SER AB 480 22.27 142.55 37.97
C SER AB 480 21.28 141.39 37.95
N ILE AB 481 21.29 140.57 38.99
CA ILE AB 481 20.39 139.43 39.06
C ILE AB 481 19.32 139.63 40.12
N LYS AB 482 18.05 139.53 39.73
CA LYS AB 482 16.97 139.69 40.69
C LYS AB 482 16.79 138.40 41.49
N VAL AB 483 16.96 137.27 40.82
CA VAL AB 483 16.90 135.97 41.48
C VAL AB 483 17.65 134.89 40.71
N LEU AB 484 18.38 134.06 41.43
CA LEU AB 484 19.00 132.88 40.85
C LEU AB 484 18.34 131.68 41.51
N ARG AB 485 17.59 130.91 40.74
CA ARG AB 485 16.92 129.74 41.28
C ARG AB 485 17.65 128.47 40.88
N VAL AB 486 17.81 127.55 41.82
CA VAL AB 486 18.42 126.25 41.53
C VAL AB 486 17.44 125.13 41.80
N LEU AB 487 17.03 124.43 40.75
CA LEU AB 487 16.19 123.24 40.86
C LEU AB 487 17.03 122.00 40.69
N CYS AB 488 16.62 120.91 41.34
CA CYS AB 488 17.30 119.64 41.16
C CYS AB 488 16.31 118.51 40.93
N LYS AB 489 16.81 117.41 40.36
CA LYS AB 489 16.04 116.21 40.04
C LYS AB 489 16.95 115.02 40.18
N PRO AB 490 16.77 114.25 41.24
CA PRO AB 490 17.67 113.14 41.53
C PRO AB 490 17.63 112.09 40.43
N ARG AB 491 18.80 111.68 39.94
CA ARG AB 491 18.88 110.55 39.02
C ARG AB 491 18.52 109.27 39.75
N PRO AB 492 17.95 108.32 39.01
CA PRO AB 492 17.45 107.07 39.58
C PRO AB 492 18.55 106.42 40.38
N GLY AB 493 18.19 105.87 41.54
CA GLY AB 493 19.18 105.20 42.36
C GLY AB 493 19.79 106.07 43.43
N PHE AB 494 19.21 107.24 43.67
CA PHE AB 494 19.69 108.07 44.75
C PHE AB 494 19.39 107.34 46.07
N SER AB 495 20.43 107.09 46.85
CA SER AB 495 20.30 106.15 47.96
C SER AB 495 20.44 106.76 49.34
N PHE AB 496 19.70 106.21 50.29
CA PHE AB 496 19.74 106.65 51.67
C PHE AB 496 20.09 105.48 52.57
N TYR AB 497 20.91 105.76 53.59
CA TYR AB 497 21.37 104.74 54.52
C TYR AB 497 21.03 105.10 55.97
N GLY AB 498 20.44 104.14 56.69
CA GLY AB 498 20.18 104.28 58.13
C GLY AB 498 19.13 105.31 58.54
N ARG AB 499 17.88 104.88 58.64
CA ARG AB 499 16.80 105.80 58.98
C ARG AB 499 17.00 106.38 60.38
N THR AB 500 16.72 107.67 60.51
CA THR AB 500 16.90 108.40 61.77
C THR AB 500 15.98 109.62 61.77
N SER AB 501 16.26 110.58 62.64
CA SER AB 501 15.42 111.79 62.69
C SER AB 501 16.25 113.04 62.73
N PHE AB 502 15.58 114.19 62.70
CA PHE AB 502 16.26 115.48 62.61
C PHE AB 502 15.46 116.60 63.28
N PRO AB 503 15.75 116.87 64.54
CA PRO AB 503 15.09 117.96 65.26
C PRO AB 503 15.69 119.32 64.90
N VAL AB 504 14.83 120.29 64.61
CA VAL AB 504 15.23 121.69 64.44
C VAL AB 504 14.28 122.63 65.19
N GLY BB 1 70.47 88.61 16.07
CA GLY BB 1 71.91 88.71 16.27
C GLY BB 1 72.35 89.99 16.96
N LEU BB 2 73.62 90.06 17.35
CA LEU BB 2 74.13 91.27 17.98
C LEU BB 2 74.03 92.44 17.01
N ALA BB 3 73.32 93.48 17.44
CA ALA BB 3 73.00 94.61 16.58
C ALA BB 3 73.82 95.84 16.91
N GLY BB 4 74.12 96.03 18.19
CA GLY BB 4 74.92 97.14 18.65
C GLY BB 4 75.44 96.93 20.07
N ARG BB 5 76.40 97.74 20.48
CA ARG BB 5 76.96 97.59 21.80
C ARG BB 5 77.51 98.90 22.34
N GLY BB 6 77.83 98.90 23.62
CA GLY BB 6 78.30 100.08 24.31
C GLY BB 6 78.86 99.73 25.68
N VAL BB 7 79.48 100.71 26.34
CA VAL BB 7 80.13 100.43 27.60
C VAL BB 7 79.74 101.46 28.66
N ILE BB 8 79.44 100.98 29.87
CA ILE BB 8 79.17 101.86 31.00
C ILE BB 8 80.32 101.77 31.99
N TYR BB 9 80.81 102.91 32.48
CA TYR BB 9 81.92 102.88 33.47
C TYR BB 9 81.43 103.07 34.91
N ILE BB 10 81.81 102.14 35.77
CA ILE BB 10 81.41 102.12 37.16
C ILE BB 10 82.63 102.54 37.95
N PRO BB 11 82.51 103.59 38.79
CA PRO BB 11 83.59 104.04 39.66
C PRO BB 11 83.75 103.10 40.86
N LYS BB 12 84.97 103.02 41.40
CA LYS BB 12 85.21 102.15 42.55
C LYS BB 12 84.34 102.49 43.77
N ASP BB 13 83.96 103.76 43.88
CA ASP BB 13 82.98 104.14 44.89
C ASP BB 13 81.68 104.53 44.18
N CYS BB 14 80.80 103.54 44.07
CA CYS BB 14 79.55 103.78 43.40
C CYS BB 14 78.48 104.04 44.47
N GLN BB 15 78.17 105.34 44.65
CA GLN BB 15 77.25 105.81 45.68
C GLN BB 15 75.82 105.88 45.14
N ALA BB 16 74.85 105.67 46.02
CA ALA BB 16 73.45 105.84 45.60
C ALA BB 16 73.28 107.13 44.80
N ASN BB 17 72.70 107.02 43.62
CA ASN BB 17 72.33 108.19 42.82
C ASN BB 17 73.39 108.72 41.88
N ARG BB 18 74.51 108.01 41.75
CA ARG BB 18 75.50 108.46 40.77
C ARG BB 18 75.02 108.18 39.36
N TYR BB 19 75.28 109.13 38.49
CA TYR BB 19 74.96 108.94 37.09
C TYR BB 19 76.14 108.23 36.44
N LEU BB 20 75.87 107.12 35.75
CA LEU BB 20 76.91 106.27 35.17
C LEU BB 20 77.14 106.51 33.68
N GLY BB 21 76.09 106.95 32.99
CA GLY BB 21 76.22 107.29 31.59
C GLY BB 21 74.95 107.03 30.82
N THR BB 22 74.92 107.52 29.57
CA THR BB 22 73.81 107.28 28.68
C THR BB 22 74.29 106.68 27.35
N LEU BB 23 73.59 105.65 26.89
CA LEU BB 23 73.92 105.07 25.61
C LEU BB 23 72.84 105.50 24.68
N ASN BB 24 73.23 105.86 23.47
CA ASN BB 24 72.25 106.22 22.46
C ASN BB 24 71.93 104.99 21.60
N ILE BB 25 70.68 104.50 21.65
CA ILE BB 25 70.34 103.22 21.01
C ILE BB 25 70.69 103.19 19.53
N ARG BB 26 70.43 104.29 18.84
CA ARG BB 26 70.69 104.27 17.42
C ARG BB 26 72.20 104.33 17.13
N ASP BB 27 72.93 105.10 17.91
CA ASP BB 27 74.39 105.12 17.79
C ASP BB 27 75.04 103.77 18.11
N MET BB 28 74.51 103.05 19.08
CA MET BB 28 75.04 101.71 19.38
C MET BB 28 74.99 100.81 18.14
N ILE BB 29 73.90 100.89 17.39
CA ILE BB 29 73.71 100.08 16.20
C ILE BB 29 74.57 100.60 15.06
N SER BB 30 74.64 101.92 14.89
CA SER BB 30 75.36 102.50 13.75
C SER BB 30 76.88 102.49 13.92
N ASP BB 31 77.36 102.62 15.15
CA ASP BB 31 78.81 102.59 15.39
C ASP BB 31 79.32 101.18 15.22
N PHE BB 32 78.46 100.22 15.50
CA PHE BB 32 78.82 98.81 15.41
C PHE BB 32 78.89 98.43 13.92
N LYS BB 33 77.77 98.56 13.21
CA LYS BB 33 77.80 98.68 11.75
C LYS BB 33 78.36 97.47 10.98
N GLY BB 34 78.04 96.24 11.34
CA GLY BB 34 76.79 95.83 11.94
C GLY BB 34 76.08 95.10 10.80
N VAL BB 35 75.87 93.78 10.88
CA VAL BB 35 75.04 93.09 9.87
C VAL BB 35 73.61 93.62 9.97
N GLN BB 36 73.16 93.85 11.20
CA GLN BB 36 71.84 94.39 11.43
C GLN BB 36 71.74 95.84 10.98
N TYR BB 37 72.77 96.64 11.24
CA TYR BB 37 72.78 98.02 10.74
C TYR BB 37 72.60 98.06 9.24
N GLU BB 38 73.31 97.20 8.53
CA GLU BB 38 73.20 97.19 7.08
C GLU BB 38 71.82 96.71 6.58
N LYS BB 39 71.19 95.77 7.29
CA LYS BB 39 69.84 95.34 6.97
C LYS BB 39 68.87 96.51 7.16
N TRP BB 40 69.21 97.39 8.10
CA TRP BB 40 68.38 98.53 8.47
C TRP BB 40 68.36 99.56 7.36
N ILE BB 41 69.54 99.88 6.81
CA ILE BB 41 69.62 100.81 5.68
C ILE BB 41 68.69 100.42 4.53
N THR BB 42 68.55 99.13 4.28
CA THR BB 42 67.70 98.65 3.20
C THR BB 42 66.22 98.69 3.54
N ALA BB 43 65.91 98.42 4.81
CA ALA BB 43 64.55 98.42 5.28
C ALA BB 43 64.02 99.85 5.29
N GLY BB 44 64.90 100.79 5.66
CA GLY BB 44 64.50 102.15 5.89
C GLY BB 44 63.91 102.30 7.28
N LEU BB 45 62.76 101.67 7.51
CA LEU BB 45 62.08 101.72 8.80
C LEU BB 45 62.13 100.40 9.56
N VAL BB 46 62.45 100.42 10.85
CA VAL BB 46 62.42 99.20 11.66
C VAL BB 46 61.63 99.41 12.95
N MET BB 47 60.89 98.40 13.40
CA MET BB 47 60.16 98.41 14.67
C MET BB 47 60.62 97.29 15.58
N PRO BB 48 61.90 97.29 15.96
CA PRO BB 48 62.57 96.10 16.50
C PRO BB 48 61.95 95.55 17.79
N THR BB 49 62.16 94.27 18.03
CA THR BB 49 62.05 93.75 19.38
C THR BB 49 63.48 93.48 19.82
N PHE BB 50 63.98 94.29 20.73
CA PHE BB 50 65.35 94.17 21.25
C PHE BB 50 65.42 93.22 22.44
N LYS BB 51 66.52 92.48 22.53
CA LYS BB 51 66.92 91.86 23.77
C LYS BB 51 68.10 92.69 24.22
N ILE BB 52 67.99 93.31 25.37
CA ILE BB 52 69.11 94.04 25.91
C ILE BB 52 69.81 93.17 26.92
N VAL BB 53 71.12 93.09 26.81
CA VAL BB 53 71.89 92.29 27.74
C VAL BB 53 72.98 93.14 28.36
N ILE BB 54 73.02 93.18 29.68
CA ILE BB 54 74.08 93.89 30.37
C ILE BB 54 75.02 92.89 30.99
N ARG BB 55 76.26 92.85 30.52
CA ARG BB 55 77.27 91.94 31.05
C ARG BB 55 78.12 92.56 32.15
N LEU BB 56 78.29 91.79 33.20
CA LEU BB 56 78.30 92.34 34.53
C LEU BB 56 78.72 91.17 35.42
N PRO BB 57 79.84 91.34 36.15
CA PRO BB 57 80.31 90.21 36.97
C PRO BB 57 79.46 90.07 38.23
N ALA BB 58 78.82 88.92 38.41
CA ALA BB 58 77.96 88.71 39.57
C ALA BB 58 78.75 88.79 40.85
N ASN BB 59 78.21 89.50 41.83
CA ASN BB 59 78.88 89.62 43.12
C ASN BB 59 77.90 89.86 44.27
N ALA BB 60 77.98 89.02 45.28
CA ALA BB 60 77.03 89.11 46.39
C ALA BB 60 77.54 89.98 47.55
N PHE BB 61 78.70 90.60 47.38
CA PHE BB 61 79.36 91.26 48.50
C PHE BB 61 79.43 92.77 48.39
N THR BB 62 78.56 93.36 47.56
CA THR BB 62 78.63 94.79 47.33
C THR BB 62 77.35 95.50 47.76
N GLY BB 63 76.20 94.91 47.47
CA GLY BB 63 74.94 95.58 47.74
C GLY BB 63 74.48 96.49 46.61
N LEU BB 64 75.29 96.57 45.55
CA LEU BB 64 75.01 97.43 44.40
C LEU BB 64 73.75 97.04 43.65
N THR BB 65 72.89 98.04 43.41
CA THR BB 65 71.75 97.88 42.52
C THR BB 65 71.69 99.07 41.57
N TRP BB 66 71.52 98.80 40.27
CA TRP BB 66 71.50 99.84 39.25
C TRP BB 66 70.14 99.89 38.59
N VAL BB 67 69.86 100.97 37.89
CA VAL BB 67 68.62 101.07 37.14
C VAL BB 67 68.95 101.42 35.69
N MET BB 68 68.48 100.59 34.76
CA MET BB 68 68.49 100.96 33.36
C MET BB 68 67.13 101.61 33.02
N SER BB 69 67.17 102.84 32.52
CA SER BB 69 65.95 103.57 32.22
C SER BB 69 65.82 103.78 30.72
N PHE BB 70 64.72 103.32 30.14
CA PHE BB 70 64.46 103.46 28.72
C PHE BB 70 63.74 104.78 28.45
N ASP BB 71 64.50 105.74 27.95
CA ASP BB 71 63.99 107.07 27.72
C ASP BB 71 63.90 107.34 26.23
N ALA BB 72 62.88 106.78 25.59
CA ALA BB 72 62.82 106.88 24.13
C ALA BB 72 62.64 108.31 23.62
N TYR BB 73 62.12 109.20 24.47
CA TYR BB 73 61.78 110.54 24.04
C TYR BB 73 62.62 111.62 24.71
N ASN BB 74 63.72 111.19 25.33
CA ASN BB 74 64.72 112.09 25.87
C ASN BB 74 64.13 113.06 26.89
N ARG BB 75 63.35 112.51 27.81
CA ARG BB 75 62.55 113.30 28.76
C ARG BB 75 63.23 113.51 30.11
N ILE BB 76 64.03 112.56 30.57
CA ILE BB 76 64.74 112.77 31.81
C ILE BB 76 66.25 113.08 31.71
N THR BB 77 66.84 112.88 30.54
CA THR BB 77 68.29 113.10 30.35
C THR BB 77 68.86 114.37 30.97
N SER BB 78 68.25 115.50 30.68
CA SER BB 78 68.73 116.83 31.11
C SER BB 78 68.82 117.00 32.64
N ARG BB 79 68.15 116.12 33.38
CA ARG BB 79 67.95 116.30 34.81
C ARG BB 79 68.68 115.24 35.65
N ILE BB 80 69.40 114.32 35.03
CA ILE BB 80 70.11 113.30 35.79
C ILE BB 80 71.61 113.28 35.55
N THR BB 81 72.10 114.08 34.62
CA THR BB 81 73.50 113.98 34.25
C THR BB 81 74.43 114.36 35.40
N ALA BB 82 73.94 115.16 36.34
CA ALA BB 82 74.77 115.57 37.48
C ALA BB 82 74.60 114.64 38.67
N SER BB 83 73.37 114.15 38.84
CA SER BB 83 73.01 113.27 39.94
C SER BB 83 71.59 112.80 39.70
N ALA BB 84 71.43 111.49 39.70
CA ALA BB 84 70.21 110.85 39.24
C ALA BB 84 69.23 110.53 40.37
N ASP BB 85 68.27 111.43 40.62
CA ASP BB 85 67.28 111.15 41.66
C ASP BB 85 66.44 109.98 41.16
N PRO BB 86 66.13 109.01 42.04
CA PRO BB 86 65.29 107.87 41.65
C PRO BB 86 63.90 108.26 41.11
N VAL BB 87 63.36 109.40 41.56
CA VAL BB 87 62.07 109.84 41.05
C VAL BB 87 62.09 110.03 39.53
N TYR BB 88 63.18 110.59 39.01
CA TYR BB 88 63.36 110.67 37.57
C TYR BB 88 63.59 109.30 36.91
N THR BB 89 64.60 108.57 37.40
CA THR BB 89 65.01 107.31 36.77
C THR BB 89 63.91 106.24 36.74
N LEU BB 90 62.97 106.31 37.69
CA LEU BB 90 61.88 105.34 37.77
C LEU BB 90 60.57 105.82 37.15
N SER BB 91 60.59 107.02 36.57
CA SER BB 91 59.39 107.62 36.00
C SER BB 91 59.17 107.21 34.55
N VAL BB 92 60.15 106.51 33.97
CA VAL BB 92 60.02 105.95 32.62
C VAL BB 92 60.20 104.45 32.70
N PRO BB 93 59.86 103.71 31.63
CA PRO BB 93 60.07 102.26 31.69
C PRO BB 93 61.50 101.94 32.13
N HIS BB 94 61.65 100.99 33.05
CA HIS BB 94 62.94 100.74 33.67
C HIS BB 94 63.05 99.34 34.26
N TRP BB 95 64.29 98.95 34.54
CA TRP BB 95 64.58 97.64 35.06
C TRP BB 95 65.60 97.72 36.19
N LEU BB 96 65.39 96.93 37.25
CA LEU BB 96 66.35 96.85 38.33
C LEU BB 96 67.44 95.84 38.01
N ILE BB 97 68.69 96.25 38.13
CA ILE BB 97 69.82 95.38 37.89
C ILE BB 97 70.54 95.07 39.19
N HIS BB 98 70.32 93.88 39.72
CA HIS BB 98 70.95 93.48 40.98
C HIS BB 98 72.34 92.86 40.77
N HIS BB 99 73.32 93.36 41.52
CA HIS BB 99 74.69 92.90 41.34
C HIS BB 99 74.83 91.43 41.70
N LYS BB 100 74.03 90.99 42.66
CA LYS BB 100 74.09 89.58 43.07
C LYS BB 100 73.69 88.62 41.94
N LEU BB 101 72.92 89.09 40.96
CA LEU BB 101 72.42 88.21 39.92
C LEU BB 101 73.31 88.19 38.68
N GLY BB 102 74.32 89.04 38.67
CA GLY BB 102 75.23 89.11 37.54
C GLY BB 102 74.57 89.59 36.25
N THR BB 103 74.95 88.94 35.16
CA THR BB 103 74.52 89.37 33.83
C THR BB 103 73.00 89.46 33.72
N PHE BB 104 72.53 90.58 33.17
CA PHE BB 104 71.12 90.94 33.16
C PHE BB 104 70.58 90.94 31.75
N SER BB 105 69.32 90.57 31.59
CA SER BB 105 68.70 90.59 30.27
C SER BB 105 67.22 90.99 30.33
N CYS BB 106 66.72 91.64 29.29
CA CYS BB 106 65.29 91.95 29.21
C CYS BB 106 64.88 92.19 27.77
N GLU BB 107 63.57 92.19 27.52
CA GLU BB 107 63.06 92.48 26.16
C GLU BB 107 62.40 93.84 26.08
N ILE BB 108 62.66 94.53 24.99
CA ILE BB 108 62.02 95.79 24.74
C ILE BB 108 61.29 95.67 23.43
N ASP BB 109 59.96 95.63 23.48
CA ASP BB 109 59.18 95.70 22.26
C ASP BB 109 59.08 97.16 21.89
N TYR BB 110 59.87 97.57 20.92
CA TYR BB 110 59.98 98.97 20.58
C TYR BB 110 58.64 99.49 20.09
N GLY BB 111 57.83 98.59 19.55
CA GLY BB 111 56.46 98.91 19.18
C GLY BB 111 55.57 99.41 20.30
N GLU BB 112 55.70 98.78 21.47
CA GLU BB 112 54.96 99.20 22.67
C GLU BB 112 55.65 100.32 23.44
N LEU BB 113 56.87 100.06 23.92
CA LEU BB 113 57.59 101.02 24.76
C LEU BB 113 57.93 102.33 24.07
N CYS BB 114 58.00 102.30 22.74
CA CYS BB 114 58.29 103.52 22.03
C CYS BB 114 57.14 104.00 21.15
N GLY BB 115 56.71 103.19 20.19
CA GLY BB 115 55.54 103.55 19.39
C GLY BB 115 55.76 104.03 17.97
N HIS BB 116 56.92 104.59 17.67
CA HIS BB 116 57.22 104.95 16.29
C HIS BB 116 58.44 104.19 15.72
N ALA BB 117 58.44 103.92 14.43
CA ALA BB 117 59.52 103.18 13.80
C ALA BB 117 60.76 104.04 13.54
N MET BB 118 61.92 103.40 13.64
CA MET BB 118 63.19 104.09 13.51
C MET BB 118 63.65 104.23 12.07
N TRP BB 119 64.01 105.45 11.70
CA TRP BB 119 64.48 105.75 10.35
C TRP BB 119 66.01 105.67 10.29
N PHE BB 120 66.52 104.92 9.32
CA PHE BB 120 67.94 104.63 9.29
C PHE BB 120 68.85 105.85 9.23
N LYS BB 121 68.40 106.91 8.56
CA LYS BB 121 69.30 108.03 8.28
C LYS BB 121 69.36 109.14 9.34
N SER BB 122 68.32 109.26 10.14
CA SER BB 122 68.27 110.33 11.13
C SER BB 122 67.18 110.12 12.16
N THR BB 123 67.34 110.77 13.30
CA THR BB 123 66.32 110.72 14.32
C THR BB 123 65.05 111.41 13.80
N THR BB 124 63.89 110.78 14.02
CA THR BB 124 62.63 111.34 13.58
C THR BB 124 62.11 112.36 14.61
N PHE BB 125 61.79 111.89 15.80
CA PHE BB 125 61.33 112.82 16.83
C PHE BB 125 62.46 113.20 17.79
N GLU BB 126 62.64 112.40 18.82
CA GLU BB 126 63.85 112.56 19.59
C GLU BB 126 64.63 111.25 19.55
N SER BB 127 65.89 111.31 19.97
CA SER BB 127 66.80 110.17 19.89
C SER BB 127 66.73 109.29 21.12
N PRO BB 128 66.37 108.01 20.96
CA PRO BB 128 66.11 107.06 22.05
C PRO BB 128 67.35 106.74 22.89
N ARG BB 129 67.24 106.87 24.21
CA ARG BB 129 68.38 106.65 25.10
C ARG BB 129 68.15 105.57 26.14
N LEU BB 130 69.24 104.93 26.56
CA LEU BB 130 69.25 104.09 27.73
C LEU BB 130 70.11 104.79 28.79
N HIS BB 131 69.53 105.07 29.95
CA HIS BB 131 70.28 105.67 31.06
C HIS BB 131 70.68 104.62 32.11
N PHE BB 132 71.92 104.70 32.58
CA PHE BB 132 72.36 103.82 33.65
C PHE BB 132 72.72 104.61 34.91
N THR BB 133 71.99 104.32 35.99
CA THR BB 133 72.16 105.03 37.23
C THR BB 133 72.28 104.03 38.37
N CYS BB 134 72.82 104.48 39.48
CA CYS BB 134 72.95 103.63 40.64
C CYS BB 134 71.84 103.90 41.67
N LEU BB 135 71.02 102.89 41.95
CA LEU BB 135 69.86 103.05 42.84
C LEU BB 135 70.26 102.92 44.31
N THR BB 136 70.97 101.85 44.63
CA THR BB 136 71.53 101.64 45.96
C THR BB 136 73.02 101.41 45.82
N GLY BB 137 73.81 102.11 46.62
CA GLY BB 137 75.26 102.11 46.49
C GLY BB 137 75.94 100.91 47.10
N ASN BB 138 77.25 100.81 46.87
CA ASN BB 138 78.03 99.72 47.44
C ASN BB 138 78.25 99.97 48.93
N ASN BB 139 78.40 98.91 49.70
CA ASN BB 139 78.49 99.04 51.16
C ASN BB 139 79.79 99.68 51.57
N LYS BB 140 80.82 99.46 50.75
CA LYS BB 140 82.16 100.06 50.88
C LYS BB 140 82.69 100.12 49.47
N GLU BB 141 83.65 101.00 49.20
CA GLU BB 141 84.13 101.06 47.83
C GLU BB 141 84.77 99.71 47.42
N LEU BB 142 84.80 99.44 46.12
CA LEU BB 142 85.44 98.24 45.59
C LEU BB 142 86.95 98.50 45.39
N ALA BB 143 87.64 97.49 44.88
CA ALA BB 143 89.10 97.59 44.76
C ALA BB 143 89.56 98.58 43.68
N ALA BB 144 88.80 98.67 42.59
CA ALA BB 144 89.19 99.53 41.49
C ALA BB 144 88.01 99.88 40.59
N ASP BB 145 88.21 100.86 39.71
CA ASP BB 145 87.22 101.19 38.68
C ASP BB 145 87.02 99.98 37.77
N TRP BB 146 85.82 99.84 37.22
CA TRP BB 146 85.54 98.76 36.29
C TRP BB 146 84.53 99.17 35.27
N GLN BB 147 84.16 98.26 34.37
CA GLN BB 147 83.14 98.55 33.38
C GLN BB 147 82.15 97.40 33.20
N ALA BB 148 80.98 97.74 32.66
CA ALA BB 148 79.99 96.75 32.23
C ALA BB 148 79.72 96.96 30.75
N VAL BB 149 79.33 95.88 30.05
CA VAL BB 149 79.09 95.98 28.62
C VAL BB 149 77.59 95.87 28.37
N VAL BB 150 77.06 96.76 27.54
CA VAL BB 150 75.65 96.70 27.15
C VAL BB 150 75.52 96.22 25.70
N GLU BB 151 74.68 95.21 25.46
CA GLU BB 151 74.54 94.68 24.11
C GLU BB 151 73.08 94.66 23.62
N LEU BB 152 72.85 95.04 22.37
CA LEU BB 152 71.53 94.99 21.76
C LEU BB 152 71.47 93.85 20.79
N TYR BB 153 70.54 92.93 20.99
CA TYR BB 153 70.33 91.80 20.07
C TYR BB 153 69.00 91.98 19.40
N ALA BB 154 68.96 91.79 18.08
CA ALA BB 154 67.73 91.99 17.34
C ALA BB 154 67.86 91.36 15.97
N GLU BB 155 66.73 90.97 15.39
CA GLU BB 155 66.70 90.61 13.97
C GLU BB 155 65.87 91.65 13.23
N LEU BB 156 66.53 92.71 12.75
CA LEU BB 156 65.83 93.83 12.14
C LEU BB 156 65.14 93.45 10.84
N GLU BB 157 63.85 93.74 10.75
CA GLU BB 157 63.17 93.60 9.47
C GLU BB 157 62.38 94.87 9.15
N GLU BB 158 62.05 95.04 7.86
CA GLU BB 158 61.39 96.26 7.42
C GLU BB 158 60.06 96.43 8.11
N ALA BB 159 59.83 97.64 8.62
CA ALA BB 159 58.58 97.99 9.26
C ALA BB 159 57.50 98.31 8.23
N THR BB 160 56.31 97.77 8.48
CA THR BB 160 55.18 97.92 7.57
C THR BB 160 54.44 99.27 7.81
N SER BB 161 54.39 99.72 9.06
CA SER BB 161 53.69 100.96 9.42
C SER BB 161 54.59 101.90 10.19
N PHE BB 162 54.26 103.19 10.20
CA PHE BB 162 55.04 104.15 10.99
C PHE BB 162 54.76 103.98 12.46
N LEU BB 163 53.50 103.75 12.80
CA LEU BB 163 53.06 103.74 14.18
C LEU BB 163 52.94 102.33 14.73
N GLY BB 164 53.24 102.16 16.01
CA GLY BB 164 53.03 100.91 16.70
C GLY BB 164 51.58 100.71 17.07
N LYS BB 165 51.33 99.87 18.06
CA LYS BB 165 50.00 99.74 18.62
C LYS BB 165 49.99 100.63 19.85
N PRO BB 166 48.88 101.34 20.10
CA PRO BB 166 48.82 102.30 21.19
C PRO BB 166 48.89 101.62 22.55
N THR BB 167 49.83 102.07 23.37
CA THR BB 167 49.97 101.65 24.76
C THR BB 167 48.67 101.92 25.56
N LEU BB 168 47.97 103.01 25.23
CA LEU BB 168 46.83 103.47 26.02
C LEU BB 168 45.76 104.16 25.15
N VAL BB 169 44.49 103.86 25.41
CA VAL BB 169 43.41 104.58 24.76
C VAL BB 169 42.54 105.27 25.78
N PHE BB 170 42.29 106.57 25.58
CA PHE BB 170 41.67 107.39 26.60
C PHE BB 170 40.27 106.92 26.92
N ASP BB 171 40.04 106.73 28.22
CA ASP BB 171 38.75 106.31 28.79
C ASP BB 171 38.75 106.63 30.28
N PRO BB 172 37.87 107.55 30.69
CA PRO BB 172 37.75 108.11 32.05
C PRO BB 172 37.40 107.03 33.04
N GLY BB 173 36.52 106.15 32.59
CA GLY BB 173 35.95 105.14 33.45
C GLY BB 173 36.77 103.86 33.50
N VAL BB 174 38.03 103.94 33.05
CA VAL BB 174 38.86 102.74 33.03
C VAL BB 174 40.31 102.93 33.52
N PHE BB 175 40.44 102.52 34.77
CA PHE BB 175 41.68 102.29 35.49
C PHE BB 175 41.45 100.92 36.14
N ASN BB 176 42.02 99.87 35.56
CA ASN BB 176 41.88 98.51 36.07
C ASN BB 176 42.28 98.34 37.54
N GLY BB 177 43.50 98.77 37.87
CA GLY BB 177 44.05 98.53 39.18
C GLY BB 177 45.38 97.79 39.06
N LYS BB 178 45.73 97.42 37.84
CA LYS BB 178 47.03 96.82 37.55
C LYS BB 178 48.04 97.91 37.12
N PHE BB 179 49.28 97.77 37.53
CA PHE BB 179 50.31 98.76 37.18
C PHE BB 179 51.45 98.10 36.42
N GLN BB 180 52.18 98.90 35.65
CA GLN BB 180 53.52 98.49 35.20
C GLN BB 180 54.50 99.58 35.55
N PHE BB 181 55.74 99.18 35.83
CA PHE BB 181 56.84 100.12 36.11
C PHE BB 181 56.56 101.07 37.28
N LEU BB 182 55.84 100.55 38.29
CA LEU BB 182 55.63 101.33 39.50
C LEU BB 182 56.62 100.90 40.57
N THR BB 183 57.73 101.62 40.65
CA THR BB 183 58.79 101.32 41.61
C THR BB 183 58.96 102.50 42.56
N CYS BB 184 58.93 102.23 43.86
CA CYS BB 184 59.14 103.25 44.89
C CYS BB 184 60.62 103.50 45.09
N PRO BB 185 61.02 104.76 45.23
CA PRO BB 185 62.42 105.04 45.60
C PRO BB 185 62.82 104.24 46.84
N PRO BB 186 64.12 103.95 46.97
CA PRO BB 186 64.62 103.08 48.05
C PRO BB 186 64.30 103.64 49.41
N ILE BB 187 63.93 102.74 50.32
CA ILE BB 187 63.72 103.02 51.73
C ILE BB 187 64.95 102.52 52.52
N PHE BB 188 65.47 103.29 53.47
CA PHE BB 188 66.73 102.90 54.13
C PHE BB 188 66.59 102.65 55.64
N PHE BB 189 67.27 101.61 56.13
CA PHE BB 189 67.28 101.31 57.58
C PHE BB 189 68.69 101.41 58.14
N ASP BB 190 68.84 102.13 59.25
CA ASP BB 190 70.15 102.29 59.89
C ASP BB 190 70.41 101.07 60.72
N LEU BB 191 71.65 100.63 60.82
CA LEU BB 191 71.96 99.50 61.69
C LEU BB 191 72.29 99.91 63.11
N THR BB 192 72.26 101.22 63.35
CA THR BB 192 72.46 101.76 64.68
C THR BB 192 71.12 101.92 65.41
N ALA BB 193 70.11 101.21 64.91
CA ALA BB 193 68.79 101.28 65.48
C ALA BB 193 68.17 99.91 65.71
N VAL BB 194 67.80 99.62 66.95
CA VAL BB 194 67.30 98.30 67.28
C VAL BB 194 65.96 97.97 66.62
N THR BB 195 65.08 98.96 66.50
CA THR BB 195 63.89 98.86 65.66
C THR BB 195 63.71 100.14 64.87
N ALA BB 196 62.81 100.12 63.89
CA ALA BB 196 62.58 101.32 63.08
C ALA BB 196 61.33 101.20 62.23
N LEU BB 197 60.78 102.34 61.86
CA LEU BB 197 59.63 102.37 60.98
C LEU BB 197 59.95 103.19 59.73
N ARG BB 198 59.52 102.70 58.58
CA ARG BB 198 59.55 103.51 57.37
C ARG BB 198 58.21 103.45 56.69
N SER BB 199 57.61 104.62 56.46
CA SER BB 199 56.31 104.68 55.80
C SER BB 199 56.43 104.89 54.30
N ALA BB 200 55.55 104.23 53.56
CA ALA BB 200 55.35 104.51 52.14
C ALA BB 200 53.90 104.94 51.96
N GLY BB 201 53.68 106.15 51.45
CA GLY BB 201 52.34 106.64 51.26
C GLY BB 201 51.60 105.84 50.20
N LEU BB 202 50.29 105.65 50.39
CA LEU BB 202 49.51 104.92 49.41
C LEU BB 202 48.57 105.84 48.64
N THR BB 203 48.80 107.14 48.75
CA THR BB 203 48.05 108.13 47.98
C THR BB 203 48.67 108.28 46.59
N LEU BB 204 48.50 107.24 45.79
CA LEU BB 204 49.26 107.06 44.56
C LEU BB 204 49.00 108.06 43.43
N GLY BB 205 47.97 108.89 43.55
CA GLY BB 205 47.66 109.86 42.51
C GLY BB 205 48.48 111.14 42.67
N GLN BB 206 49.17 111.22 43.80
CA GLN BB 206 49.98 112.38 44.12
C GLN BB 206 51.14 112.46 43.11
N VAL BB 207 51.44 113.66 42.62
CA VAL BB 207 52.55 113.78 41.69
C VAL BB 207 53.87 113.93 42.44
N PRO BB 208 54.84 113.08 42.12
CA PRO BB 208 56.13 113.01 42.81
C PRO BB 208 56.96 114.25 42.53
N MET BB 209 57.81 114.64 43.48
CA MET BB 209 58.61 115.82 43.27
C MET BB 209 60.08 115.63 43.57
N VAL BB 210 60.89 116.45 42.92
CA VAL BB 210 62.32 116.47 43.18
C VAL BB 210 62.65 117.94 43.37
N GLY BB 211 62.77 118.35 44.63
CA GLY BB 211 62.87 119.76 44.94
C GLY BB 211 61.58 120.47 44.55
N THR BB 212 61.69 121.49 43.72
CA THR BB 212 60.50 122.21 43.29
C THR BB 212 59.96 121.68 41.97
N THR BB 213 60.61 120.66 41.42
CA THR BB 213 60.24 120.09 40.13
C THR BB 213 59.18 118.97 40.25
N LYS BB 214 58.04 119.16 39.60
CA LYS BB 214 57.01 118.13 39.54
C LYS BB 214 57.39 117.12 38.45
N VAL BB 215 57.35 115.83 38.78
CA VAL BB 215 57.58 114.82 37.76
C VAL BB 215 56.30 114.04 37.39
N TYR BB 216 55.56 114.55 36.41
CA TYR BB 216 54.35 113.89 35.98
C TYR BB 216 54.70 112.54 35.39
N ASN BB 217 53.96 111.51 35.76
CA ASN BB 217 54.17 110.19 35.19
C ASN BB 217 52.87 109.44 35.00
N LEU BB 218 52.88 108.40 34.17
CA LEU BB 218 51.66 107.70 33.81
C LEU BB 218 50.95 107.04 34.99
N ASN BB 219 51.70 106.42 35.89
CA ASN BB 219 51.06 105.73 37.01
C ASN BB 219 50.27 106.65 37.90
N SER BB 220 50.87 107.74 38.38
CA SER BB 220 50.11 108.66 39.22
C SER BB 220 48.94 109.25 38.43
N THR BB 221 49.16 109.49 37.14
CA THR BB 221 48.09 109.97 36.29
C THR BB 221 46.91 109.00 36.23
N LEU BB 222 47.21 107.71 36.07
CA LEU BB 222 46.15 106.69 36.05
C LEU BB 222 45.37 106.70 37.34
N VAL BB 223 46.06 106.64 38.48
CA VAL BB 223 45.38 106.64 39.76
C VAL BB 223 44.47 107.86 39.92
N SER BB 224 44.88 108.99 39.34
CA SER BB 224 44.09 110.23 39.49
C SER BB 224 42.74 110.14 38.79
N CYS BB 225 42.59 109.11 37.95
CA CYS BB 225 41.35 108.89 37.19
C CYS BB 225 40.23 108.30 38.01
N VAL BB 226 40.55 108.08 39.28
CA VAL BB 226 39.65 107.48 40.21
C VAL BB 226 39.61 108.39 41.46
N LEU BB 227 38.56 108.27 42.28
CA LEU BB 227 38.47 109.14 43.47
C LEU BB 227 39.25 108.56 44.65
N GLY BB 228 39.35 107.23 44.68
CA GLY BB 228 40.06 106.52 45.73
C GLY BB 228 40.04 105.03 45.46
N MET BB 229 40.72 104.27 46.30
CA MET BB 229 40.85 102.85 46.08
C MET BB 229 41.06 102.11 47.39
N GLY BB 230 40.54 100.89 47.45
CA GLY BB 230 40.76 100.01 48.57
C GLY BB 230 41.10 98.66 48.00
N GLY BB 231 41.49 97.72 48.86
CA GLY BB 231 41.79 96.39 48.39
C GLY BB 231 43.12 95.95 48.91
N THR BB 232 43.75 95.03 48.20
CA THR BB 232 45.03 94.50 48.63
C THR BB 232 46.16 94.93 47.70
N VAL BB 233 47.23 95.47 48.27
CA VAL BB 233 48.42 95.83 47.50
C VAL BB 233 49.29 94.61 47.26
N ARG BB 234 49.45 94.20 46.01
CA ARG BB 234 50.34 93.08 45.68
C ARG BB 234 51.62 93.68 45.14
N GLY BB 235 52.75 93.31 45.70
CA GLY BB 235 54.01 93.85 45.24
C GLY BB 235 55.17 92.93 45.47
N ARG BB 236 56.37 93.44 45.21
CA ARG BB 236 57.60 92.69 45.47
C ARG BB 236 58.52 93.54 46.31
N VAL BB 237 59.28 92.91 47.19
CA VAL BB 237 60.27 93.61 48.00
C VAL BB 237 61.65 93.10 47.64
N HIS BB 238 62.56 94.03 47.41
CA HIS BB 238 63.95 93.66 47.16
C HIS BB 238 64.84 94.17 48.28
N ILE BB 239 65.61 93.27 48.86
CA ILE BB 239 66.58 93.65 49.87
C ILE BB 239 67.95 93.85 49.24
N CYS BB 240 68.38 95.11 49.18
CA CYS BB 240 69.52 95.49 48.36
C CYS BB 240 70.78 95.70 49.15
N ALA BB 241 71.29 94.61 49.72
CA ALA BB 241 72.50 94.68 50.52
C ALA BB 241 73.34 93.41 50.30
N PRO BB 242 74.59 93.42 50.78
CA PRO BB 242 75.48 92.25 50.72
C PRO BB 242 74.94 91.05 51.49
N ILE BB 243 75.30 89.80 51.12
CA ILE BB 243 74.81 88.59 51.83
C ILE BB 243 75.02 88.65 53.34
N PHE BB 244 75.98 89.46 53.78
CA PHE BB 244 76.31 89.49 55.21
C PHE BB 244 75.50 90.54 55.97
N TYR BB 245 74.63 91.26 55.28
CA TYR BB 245 73.59 92.09 55.90
C TYR BB 245 72.31 91.27 55.94
N SER BB 246 71.48 91.46 56.97
CA SER BB 246 70.18 90.78 56.98
C SER BB 246 69.19 91.49 57.87
N ILE BB 247 67.91 91.26 57.62
CA ILE BB 247 66.89 92.01 58.32
C ILE BB 247 65.61 91.21 58.37
N VAL BB 248 64.73 91.53 59.32
CA VAL BB 248 63.38 90.98 59.34
C VAL BB 248 62.38 92.11 59.48
N LEU BB 249 61.41 92.14 58.57
CA LEU BB 249 60.44 93.22 58.55
C LEU BB 249 59.03 92.70 58.83
N TRP BB 250 58.27 93.52 59.55
CA TRP BB 250 56.82 93.37 59.68
C TRP BB 250 56.24 94.44 58.77
N VAL BB 251 55.55 94.02 57.72
CA VAL BB 251 54.94 94.96 56.78
C VAL BB 251 53.41 94.98 56.90
N VAL BB 252 52.87 96.15 57.23
CA VAL BB 252 51.44 96.28 57.51
C VAL BB 252 50.90 97.63 57.11
N SER BB 253 49.59 97.70 56.86
CA SER BB 253 48.95 98.97 56.54
C SER BB 253 48.31 99.67 57.74
N GLU BB 254 48.51 100.98 57.85
CA GLU BB 254 47.92 101.74 58.94
C GLU BB 254 47.26 103.04 58.47
N TRP BB 255 46.28 103.50 59.23
CA TRP BB 255 45.55 104.71 58.87
C TRP BB 255 45.87 105.87 59.80
N ASN BB 256 46.18 107.02 59.21
CA ASN BB 256 46.36 108.27 59.94
C ASN BB 256 47.27 108.14 61.16
N GLY BB 257 48.58 108.07 60.91
CA GLY BB 257 49.52 107.85 61.97
C GLY BB 257 49.78 106.36 62.18
N THR BB 258 50.46 106.03 63.26
CA THR BB 258 50.80 104.65 63.55
C THR BB 258 50.55 104.42 65.01
N THR BB 259 50.27 103.17 65.37
CA THR BB 259 50.11 102.85 66.78
C THR BB 259 51.45 102.88 67.48
N MET BB 260 51.43 103.18 68.77
CA MET BB 260 52.65 103.25 69.53
C MET BB 260 52.80 101.98 70.38
N ASP BB 261 51.80 101.12 70.31
CA ASP BB 261 51.77 99.92 71.13
C ASP BB 261 52.15 98.69 70.31
N TRP BB 262 53.32 98.13 70.58
CA TRP BB 262 53.81 96.94 69.86
C TRP BB 262 52.82 95.79 69.83
N ASN BB 263 52.04 95.62 70.89
CA ASN BB 263 51.09 94.54 70.93
C ASN BB 263 49.92 94.78 69.98
N GLU BB 264 49.45 96.01 69.89
CA GLU BB 264 48.37 96.33 68.96
C GLU BB 264 48.87 96.11 67.53
N LEU BB 265 50.12 96.53 67.28
CA LEU BB 265 50.74 96.44 65.97
C LEU BB 265 50.68 95.04 65.41
N PHE BB 266 50.89 94.04 66.25
CA PHE BB 266 50.87 92.65 65.80
C PHE BB 266 49.50 91.97 65.83
N LYS BB 267 48.46 92.73 66.15
CA LYS BB 267 47.11 92.21 66.02
C LYS BB 267 46.59 92.60 64.63
N TYR BB 268 47.34 93.46 63.92
CA TYR BB 268 46.98 93.87 62.57
C TYR BB 268 47.32 92.77 61.59
N PRO BB 269 46.66 92.75 60.42
CA PRO BB 269 46.97 91.78 59.35
C PRO BB 269 48.14 92.20 58.47
N GLY BB 270 49.34 91.88 58.93
CA GLY BB 270 50.55 92.15 58.17
C GLY BB 270 51.25 90.88 57.71
N VAL BB 271 52.43 91.05 57.11
CA VAL BB 271 53.25 89.92 56.66
C VAL BB 271 54.70 90.12 57.04
N TYR BB 272 55.44 89.02 57.17
CA TYR BB 272 56.85 89.13 57.53
C TYR BB 272 57.66 89.05 56.24
N VAL BB 273 58.70 89.87 56.14
CA VAL BB 273 59.62 89.83 55.02
C VAL BB 273 61.04 89.64 55.53
N GLU BB 274 61.67 88.52 55.15
CA GLU BB 274 63.04 88.20 55.58
C GLU BB 274 63.99 88.31 54.39
N GLU BB 275 63.43 88.35 53.19
CA GLU BB 275 64.23 88.23 51.97
C GLU BB 275 63.46 88.67 50.73
N ASP BB 276 64.19 88.83 49.61
CA ASP BB 276 63.57 89.13 48.32
C ASP BB 276 62.31 88.27 48.18
N GLY BB 277 61.20 88.89 47.77
CA GLY BB 277 59.98 88.13 47.51
C GLY BB 277 58.77 89.02 47.25
N SER BB 278 57.63 88.39 47.00
CA SER BB 278 56.40 89.15 46.82
C SER BB 278 55.65 89.25 48.14
N PHE BB 279 54.66 90.14 48.20
CA PHE BB 279 53.86 90.36 49.41
C PHE BB 279 52.46 90.83 49.04
N GLU BB 280 51.48 90.55 49.89
CA GLU BB 280 50.14 91.12 49.74
C GLU BB 280 49.71 91.72 51.06
N VAL BB 281 49.39 93.01 51.07
CA VAL BB 281 48.92 93.64 52.29
C VAL BB 281 47.61 94.35 52.03
N LYS BB 282 46.64 94.14 52.92
CA LYS BB 282 45.35 94.82 52.81
C LYS BB 282 45.49 96.33 53.12
N ILE BB 283 44.93 97.17 52.27
CA ILE BB 283 44.86 98.61 52.54
C ILE BB 283 43.86 98.84 53.67
N ARG BB 284 44.37 99.35 54.78
CA ARG BB 284 43.58 99.51 55.97
C ARG BB 284 43.03 100.94 56.09
N SER BB 285 41.71 101.09 56.21
CA SER BB 285 41.09 102.40 56.31
C SER BB 285 39.66 102.36 56.87
N PRO BB 286 39.29 103.42 57.61
CA PRO BB 286 37.96 103.55 58.21
C PRO BB 286 36.88 103.50 57.14
N TYR BB 287 37.27 103.80 55.89
CA TYR BB 287 36.35 103.86 54.75
C TYR BB 287 36.60 102.71 53.78
N HIS BB 288 37.57 101.87 54.14
CA HIS BB 288 37.96 100.73 53.34
C HIS BB 288 38.70 101.13 52.06
N ARG BB 289 38.78 102.43 51.80
CA ARG BB 289 39.49 102.98 50.65
C ARG BB 289 40.31 104.15 51.13
N THR BB 290 41.40 104.46 50.43
CA THR BB 290 42.16 105.68 50.69
C THR BB 290 41.99 106.59 49.47
N PRO BB 291 41.91 107.90 49.69
CA PRO BB 291 41.71 108.83 48.56
C PRO BB 291 42.91 108.85 47.61
N ALA BB 292 42.60 109.06 46.34
CA ALA BB 292 43.55 109.08 45.25
C ALA BB 292 44.55 110.24 45.33
N ARG BB 293 44.08 111.42 45.75
CA ARG BB 293 44.94 112.58 45.86
C ARG BB 293 44.64 113.33 47.15
N LEU BB 294 45.53 114.25 47.52
CA LEU BB 294 45.35 115.03 48.73
C LEU BB 294 44.62 116.36 48.50
N LEU BB 295 43.92 116.81 49.53
CA LEU BB 295 43.39 118.16 49.54
C LEU BB 295 44.41 119.01 50.25
N ALA BB 296 44.14 120.31 50.32
CA ALA BB 296 45.10 121.24 50.91
C ALA BB 296 45.37 120.98 52.38
N GLY BB 297 46.66 121.05 52.73
CA GLY BB 297 47.10 120.88 54.09
C GLY BB 297 46.92 119.47 54.60
N GLN BB 298 46.67 118.54 53.71
CA GLN BB 298 46.63 117.13 54.08
C GLN BB 298 47.99 116.53 53.83
N SER BB 299 48.32 115.48 54.58
CA SER BB 299 49.58 114.77 54.42
C SER BB 299 49.31 113.38 53.94
N GLN BB 300 50.30 112.74 53.32
CA GLN BB 300 50.03 111.43 52.79
C GLN BB 300 49.89 110.40 53.91
N ARG BB 301 50.41 110.75 55.08
CA ARG BB 301 50.46 109.83 56.18
C ARG BB 301 49.16 109.91 56.94
N ASP BB 302 48.38 110.94 56.61
CA ASP BB 302 47.09 111.18 57.22
C ASP BB 302 46.09 110.15 56.77
N MET BB 303 46.38 109.52 55.64
CA MET BB 303 45.52 108.50 55.06
C MET BB 303 46.09 107.10 55.26
N SER BB 304 45.85 106.23 54.29
CA SER BB 304 46.36 104.86 54.34
C SER BB 304 47.82 104.78 53.85
N SER BB 305 48.66 104.11 54.64
CA SER BB 305 50.07 103.96 54.26
C SER BB 305 50.49 102.49 54.34
N LEU BB 306 51.55 102.16 53.62
CA LEU BB 306 52.16 100.84 53.68
C LEU BB 306 53.42 100.95 54.58
N ASN BB 307 53.36 100.36 55.77
CA ASN BB 307 54.42 100.58 56.77
C ASN BB 307 55.41 99.45 56.94
N PHE BB 308 56.69 99.79 56.92
CA PHE BB 308 57.75 98.80 57.01
C PHE BB 308 58.44 98.90 58.35
N TYR BB 309 58.15 97.96 59.23
CA TYR BB 309 58.73 97.94 60.58
C TYR BB 309 59.89 96.96 60.63
N ALA BB 310 61.08 97.48 60.94
CA ALA BB 310 62.22 96.63 61.20
C ALA BB 310 62.11 96.05 62.62
N ILE BB 311 61.80 94.76 62.73
CA ILE BB 311 61.58 94.16 64.06
C ILE BB 311 62.77 93.34 64.54
N ALA BB 312 63.68 93.01 63.64
CA ALA BB 312 64.92 92.34 64.03
C ALA BB 312 66.02 92.73 63.05
N GLY BB 313 66.98 93.53 63.52
CA GLY BB 313 67.99 94.09 62.64
C GLY BB 313 67.60 95.44 62.11
N PRO BB 314 68.26 95.89 61.03
CA PRO BB 314 69.28 95.13 60.30
C PRO BB 314 70.55 94.89 61.11
N ILE BB 315 71.23 93.78 60.81
CA ILE BB 315 72.53 93.48 61.39
C ILE BB 315 73.56 93.32 60.29
N ALA BB 316 74.81 93.63 60.64
CA ALA BB 316 75.92 93.39 59.74
C ALA BB 316 77.16 93.20 60.58
N PRO BB 317 78.22 92.63 60.00
CA PRO BB 317 79.47 92.46 60.75
C PRO BB 317 80.08 93.82 61.01
N SER BB 318 80.95 93.96 62.01
CA SER BB 318 81.66 95.23 62.14
C SER BB 318 82.77 95.21 61.12
N GLY BB 319 83.18 96.37 60.61
CA GLY BB 319 82.54 97.63 60.91
C GLY BB 319 81.94 98.10 59.61
N GLU BB 320 80.74 97.61 59.35
CA GLU BB 320 79.98 98.11 58.25
C GLU BB 320 79.23 99.36 58.73
N THR BB 321 78.92 100.26 57.80
CA THR BB 321 78.29 101.53 58.18
C THR BB 321 77.09 101.84 57.30
N ALA BB 322 77.10 101.26 56.10
CA ALA BB 322 76.06 101.50 55.11
C ALA BB 322 74.69 101.18 55.68
N GLN BB 323 73.68 101.92 55.23
CA GLN BB 323 72.31 101.59 55.60
C GLN BB 323 71.86 100.43 54.74
N LEU BB 324 70.83 99.70 55.19
CA LEU BB 324 70.27 98.60 54.43
C LEU BB 324 69.07 99.13 53.66
N PRO BB 325 69.16 99.13 52.32
CA PRO BB 325 68.07 99.64 51.47
C PRO BB 325 67.04 98.55 51.11
N ILE BB 326 65.76 98.95 51.08
CA ILE BB 326 64.66 98.12 50.64
C ILE BB 326 64.07 98.81 49.40
N VAL BB 327 63.99 98.09 48.27
CA VAL BB 327 63.27 98.65 47.11
C VAL BB 327 61.90 97.99 46.94
N VAL BB 328 60.82 98.76 47.01
CA VAL BB 328 59.48 98.22 46.85
C VAL BB 328 58.88 98.46 45.45
N GLN BB 329 58.32 97.41 44.87
CA GLN BB 329 57.57 97.54 43.62
C GLN BB 329 56.11 97.17 43.85
N ILE BB 330 55.21 98.03 43.38
CA ILE BB 330 53.79 97.74 43.47
C ILE BB 330 53.24 97.26 42.13
N ASP BB 331 52.72 96.04 42.12
CA ASP BB 331 52.29 95.42 40.86
C ASP BB 331 50.83 95.63 40.56
N GLU BB 332 49.97 95.46 41.55
CA GLU BB 332 48.56 95.74 41.37
C GLU BB 332 47.78 95.83 42.66
N ILE BB 333 46.59 96.41 42.56
CA ILE BB 333 45.61 96.33 43.63
C ILE BB 333 44.71 95.14 43.28
N VAL BB 334 44.87 94.04 44.02
CA VAL BB 334 44.07 92.84 43.80
C VAL BB 334 42.79 92.93 44.62
N ARG BB 335 41.72 92.32 44.10
CA ARG BB 335 40.43 92.38 44.77
C ARG BB 335 40.11 93.84 45.10
N PRO BB 336 40.08 94.68 44.07
CA PRO BB 336 40.03 96.13 44.25
C PRO BB 336 38.66 96.64 44.66
N ASP BB 337 38.64 97.60 45.56
CA ASP BB 337 37.41 98.30 45.89
C ASP BB 337 37.58 99.73 45.40
N LEU BB 338 37.15 100.00 44.18
CA LEU BB 338 37.37 101.32 43.61
C LEU BB 338 36.25 102.31 43.87
N SER BB 339 36.60 103.58 43.91
CA SER BB 339 35.63 104.65 44.01
C SER BB 339 35.05 104.90 42.66
N LEU BB 340 34.14 105.86 42.57
CA LEU BB 340 33.69 106.34 41.28
C LEU BB 340 34.90 106.83 40.52
N PRO BB 341 34.83 106.77 39.18
CA PRO BB 341 35.82 107.49 38.38
C PRO BB 341 35.77 108.98 38.75
N SER BB 342 36.90 109.66 38.75
CA SER BB 342 36.90 111.08 39.08
C SER BB 342 36.23 111.94 37.97
N PHE BB 343 36.37 111.50 36.73
CA PHE BB 343 35.72 112.18 35.60
C PHE BB 343 34.75 111.28 34.87
N GLU BB 344 33.68 111.87 34.34
CA GLU BB 344 32.72 111.11 33.55
C GLU BB 344 33.07 111.29 32.09
N ASP BB 345 32.30 110.67 31.19
CA ASP BB 345 32.54 110.85 29.76
C ASP BB 345 31.94 112.18 29.34
N ASP BB 346 32.66 113.24 29.65
CA ASP BB 346 32.14 114.58 29.53
C ASP BB 346 33.25 115.50 29.05
N TYR BB 347 32.89 116.76 28.82
CA TYR BB 347 33.88 117.76 28.49
C TYR BB 347 34.71 118.09 29.73
N PHE BB 348 35.88 118.65 29.50
CA PHE BB 348 36.67 119.24 30.58
C PHE BB 348 37.40 120.47 30.07
N VAL BB 349 37.95 121.27 30.98
CA VAL BB 349 38.51 122.55 30.58
C VAL BB 349 39.86 122.40 29.91
N TRP BB 350 39.98 122.98 28.72
CA TRP BB 350 41.26 123.03 28.03
C TRP BB 350 41.97 124.35 28.38
N VAL BB 351 41.31 125.47 28.10
CA VAL BB 351 41.92 126.77 28.35
C VAL BB 351 40.87 127.88 28.52
N ASP BB 352 41.17 128.84 29.38
CA ASP BB 352 40.42 130.09 29.47
C ASP BB 352 41.27 131.25 28.96
N PHE BB 353 40.72 132.05 28.07
CA PHE BB 353 41.36 133.32 27.70
C PHE BB 353 40.59 134.48 28.35
N SER BB 354 41.31 135.43 28.90
CA SER BB 354 40.67 136.56 29.58
C SER BB 354 41.56 137.79 29.53
N GLU BB 355 41.05 138.91 30.02
CA GLU BB 355 41.85 140.12 30.14
C GLU BB 355 42.50 140.52 28.81
N PHE BB 356 41.70 140.62 27.77
CA PHE BB 356 42.22 140.97 26.45
C PHE BB 356 42.63 142.43 26.39
N THR BB 357 43.77 142.70 25.77
CA THR BB 357 44.26 144.07 25.69
C THR BB 357 44.05 144.67 24.30
N LEU BB 358 43.94 143.82 23.30
CA LEU BB 358 43.69 144.28 21.95
C LEU BB 358 42.37 143.74 21.45
N ASP BB 359 41.66 144.54 20.67
CA ASP BB 359 40.39 144.08 20.06
C ASP BB 359 40.65 142.98 19.02
N LYS BB 360 41.74 143.09 18.27
CA LYS BB 360 42.10 142.03 17.32
C LYS BB 360 43.02 141.01 18.00
N GLU BB 361 42.53 139.80 18.15
CA GLU BB 361 43.31 138.72 18.76
C GLU BB 361 43.14 137.48 17.91
N GLU BB 362 44.24 136.76 17.65
CA GLU BB 362 44.19 135.53 16.87
C GLU BB 362 45.00 134.39 17.50
N ILE BB 363 44.30 133.37 17.96
CA ILE BB 363 44.89 132.27 18.70
C ILE BB 363 45.09 131.09 17.76
N GLU BB 364 46.34 130.79 17.40
CA GLU BB 364 46.61 129.65 16.52
C GLU BB 364 46.64 128.35 17.29
N ILE BB 365 45.89 127.37 16.81
CA ILE BB 365 45.85 126.07 17.45
C ILE BB 365 46.52 125.03 16.54
N GLY BB 366 46.18 125.08 15.27
CA GLY BB 366 46.75 124.18 14.28
C GLY BB 366 46.17 122.79 14.37
N SER BB 367 47.02 121.82 14.66
CA SER BB 367 46.57 120.44 14.86
C SER BB 367 47.03 119.89 16.21
N ARG BB 368 47.34 120.78 17.16
CA ARG BB 368 47.95 120.36 18.42
C ARG BB 368 47.05 120.59 19.64
N PHE BB 369 47.24 119.76 20.66
CA PHE BB 369 46.66 120.04 21.96
C PHE BB 369 47.82 120.38 22.85
N PHE BB 370 47.87 121.59 23.38
CA PHE BB 370 49.07 122.08 24.02
C PHE BB 370 48.80 123.25 24.95
N ASP BB 371 49.87 123.77 25.59
CA ASP BB 371 49.76 124.95 26.45
C ASP BB 371 49.95 126.27 25.68
N PHE BB 372 48.97 127.15 25.78
CA PHE BB 372 49.02 128.45 25.11
C PHE BB 372 49.87 129.48 25.86
N THR BB 373 50.40 130.45 25.13
CA THR BB 373 51.01 131.63 25.75
C THR BB 373 50.56 132.84 24.96
N SER BB 374 50.41 133.98 25.65
CA SER BB 374 50.04 135.23 24.98
C SER BB 374 50.66 136.44 25.65
N ASN BB 375 51.05 137.40 24.82
CA ASN BB 375 51.56 138.67 25.34
C ASN BB 375 50.43 139.67 25.47
N THR BB 376 49.32 139.39 24.82
CA THR BB 376 48.26 140.37 24.68
C THR BB 376 47.04 139.99 25.50
N CYS BB 377 47.03 138.80 26.10
CA CYS BB 377 45.94 138.39 26.97
C CYS BB 377 46.36 137.34 27.98
N ARG BB 378 45.48 137.07 28.94
CA ARG BB 378 45.78 136.12 30.01
C ARG BB 378 45.33 134.71 29.66
N VAL BB 379 46.30 133.79 29.63
CA VAL BB 379 46.00 132.39 29.38
C VAL BB 379 45.97 131.62 30.69
N SER BB 380 44.89 130.86 30.91
CA SER BB 380 44.80 130.00 32.10
C SER BB 380 44.55 128.58 31.63
N MET BB 381 45.54 127.72 31.78
CA MET BB 381 45.42 126.37 31.26
C MET BB 381 44.68 125.43 32.25
N GLY BB 382 43.95 124.46 31.73
CA GLY BB 382 43.33 123.48 32.58
C GLY BB 382 44.30 122.39 32.99
N GLU BB 383 44.13 121.86 34.20
CA GLU BB 383 44.86 120.67 34.63
C GLU BB 383 43.90 119.50 34.90
N ASN BB 384 44.04 118.42 34.12
CA ASN BB 384 43.22 117.22 34.27
C ASN BB 384 43.94 115.99 33.73
N PRO BB 385 43.39 114.80 33.98
CA PRO BB 385 44.12 113.58 33.60
C PRO BB 385 44.40 113.53 32.12
N PHE BB 386 43.49 113.98 31.28
CA PHE BB 386 43.77 113.95 29.85
C PHE BB 386 45.03 114.73 29.49
N ALA BB 387 45.16 115.94 30.01
CA ALA BB 387 46.34 116.77 29.76
C ALA BB 387 47.61 116.09 30.24
N ALA BB 388 47.52 115.43 31.40
CA ALA BB 388 48.65 114.67 31.90
C ALA BB 388 49.00 113.48 30.99
N MET BB 389 48.00 112.77 30.49
CA MET BB 389 48.26 111.66 29.59
C MET BB 389 48.92 112.15 28.30
N ILE BB 390 48.57 113.32 27.83
CA ILE BB 390 49.23 113.92 26.68
C ILE BB 390 50.71 114.14 26.96
N ALA BB 391 50.98 114.58 28.20
CA ALA BB 391 52.32 114.91 28.65
C ALA BB 391 53.15 113.67 28.97
N CYS BB 392 52.49 112.56 29.26
CA CYS BB 392 53.20 111.37 29.69
C CYS BB 392 53.32 110.32 28.63
N HIS BB 393 53.12 110.73 27.37
CA HIS BB 393 53.38 109.85 26.23
C HIS BB 393 54.18 110.57 25.16
N GLY BB 394 54.99 109.82 24.42
CA GLY BB 394 55.81 110.36 23.37
C GLY BB 394 54.97 110.87 22.22
N LEU BB 395 53.94 110.11 21.84
CA LEU BB 395 53.05 110.49 20.74
C LEU BB 395 51.57 110.30 21.10
N HIS BB 396 50.69 111.07 20.48
CA HIS BB 396 49.25 110.88 20.66
C HIS BB 396 48.53 111.21 19.37
N SER BB 397 47.28 110.79 19.26
CA SER BB 397 46.46 111.09 18.10
C SER BB 397 44.99 110.86 18.39
N GLY BB 398 44.14 111.73 17.85
CA GLY BB 398 42.70 111.57 18.00
C GLY BB 398 41.91 112.80 17.60
N VAL BB 399 40.64 112.81 17.97
CA VAL BB 399 39.82 113.96 17.66
C VAL BB 399 39.18 114.50 18.91
N LEU BB 400 39.24 115.83 19.07
CA LEU BB 400 38.61 116.54 20.19
C LEU BB 400 37.36 117.29 19.76
N ASP BB 401 36.25 117.07 20.44
CA ASP BB 401 35.10 117.93 20.24
C ASP BB 401 35.28 119.12 21.15
N LEU BB 402 35.11 120.31 20.59
CA LEU BB 402 35.26 121.54 21.38
C LEU BB 402 33.91 122.22 21.65
N LYS BB 403 33.78 122.76 22.86
CA LYS BB 403 32.70 123.70 23.17
C LYS BB 403 33.36 125.04 23.52
N LEU BB 404 32.95 126.09 22.86
CA LEU BB 404 33.41 127.41 23.23
C LEU BB 404 32.27 128.16 23.92
N GLN BB 405 32.59 128.76 25.06
CA GLN BB 405 31.65 129.60 25.80
C GLN BB 405 32.27 130.96 26.11
N TRP BB 406 31.48 132.02 26.10
CA TRP BB 406 32.01 133.33 26.45
C TRP BB 406 30.96 134.25 27.07
N SER BB 407 31.43 135.17 27.91
CA SER BB 407 30.57 136.18 28.51
C SER BB 407 31.06 137.56 28.10
N LEU BB 408 30.15 138.54 28.07
CA LEU BB 408 30.50 139.88 27.61
C LEU BB 408 31.09 140.79 28.69
N ASN BB 409 32.01 141.64 28.27
CA ASN BB 409 32.59 142.65 29.13
C ASN BB 409 31.89 144.01 29.02
N THR BB 410 31.38 144.31 27.82
CA THR BB 410 30.58 145.51 27.56
C THR BB 410 29.08 145.23 27.67
N GLU BB 411 28.25 146.26 27.53
CA GLU BB 411 26.80 146.08 27.54
C GLU BB 411 26.32 145.28 26.33
N PHE BB 412 25.40 144.34 26.57
CA PHE BB 412 24.93 143.45 25.51
C PHE BB 412 24.41 144.22 24.31
N GLY BB 413 23.72 145.33 24.58
CA GLY BB 413 23.11 146.13 23.55
C GLY BB 413 24.10 146.80 22.64
N LYS BB 414 25.33 146.93 23.12
CA LYS BB 414 26.38 147.63 22.38
C LYS BB 414 27.27 146.67 21.62
N SER BB 415 27.07 145.38 21.86
CA SER BB 415 27.94 144.33 21.32
C SER BB 415 27.93 144.20 19.79
N SER BB 416 29.09 143.84 19.25
CA SER BB 416 29.23 143.58 17.82
C SER BB 416 30.37 142.59 17.62
N GLY BB 417 30.55 142.15 16.38
CA GLY BB 417 31.64 141.25 16.06
C GLY BB 417 31.35 139.78 16.32
N SER BB 418 32.43 139.00 16.42
CA SER BB 418 32.34 137.55 16.38
C SER BB 418 33.51 136.81 17.03
N VAL BB 419 33.22 135.58 17.46
CA VAL BB 419 34.24 134.55 17.64
C VAL BB 419 34.24 133.74 16.34
N THR BB 420 35.34 133.80 15.59
CA THR BB 420 35.43 133.06 14.33
C THR BB 420 36.38 131.90 14.44
N ILE BB 421 35.95 130.74 13.97
CA ILE BB 421 36.80 129.55 13.95
C ILE BB 421 37.27 129.34 12.52
N THR BB 422 38.55 129.58 12.28
CA THR BB 422 39.13 129.31 10.96
C THR BB 422 39.56 127.85 10.89
N LYS BB 423 39.07 127.13 9.89
CA LYS BB 423 39.48 125.75 9.67
C LYS BB 423 40.10 125.60 8.28
N LEU BB 424 41.38 125.24 8.24
CA LEU BB 424 42.09 125.06 6.99
C LEU BB 424 42.62 123.66 6.89
N VAL BB 425 43.15 123.33 5.71
CA VAL BB 425 44.02 122.18 5.53
C VAL BB 425 45.30 122.73 4.94
N GLY BB 426 46.39 122.61 5.68
CA GLY BB 426 47.65 123.18 5.24
C GLY BB 426 48.12 124.16 6.29
N ASP BB 427 48.24 125.42 5.90
CA ASP BB 427 48.63 126.48 6.83
C ASP BB 427 47.96 127.77 6.42
N LYS BB 428 48.19 128.83 7.20
CA LYS BB 428 47.55 130.11 6.93
C LYS BB 428 47.91 130.60 5.53
N ALA BB 429 49.11 130.27 5.07
CA ALA BB 429 49.63 130.81 3.81
C ALA BB 429 49.13 130.16 2.51
N MET BB 430 49.01 128.83 2.50
CA MET BB 430 48.73 128.13 1.26
C MET BB 430 47.64 127.09 1.45
N GLY BB 431 46.90 127.19 2.54
CA GLY BB 431 45.92 126.19 2.89
C GLY BB 431 44.62 126.18 2.10
N LEU BB 432 43.87 125.09 2.25
CA LEU BB 432 42.56 124.94 1.66
C LEU BB 432 41.51 125.26 2.72
N ASP BB 433 40.31 125.67 2.29
CA ASP BB 433 39.29 126.13 3.23
C ASP BB 433 38.33 125.05 3.63
N GLY BB 434 38.28 124.74 4.91
CA GLY BB 434 37.35 123.72 5.41
C GLY BB 434 36.11 124.31 6.04
N PRO BB 435 35.63 123.68 7.11
CA PRO BB 435 34.40 124.12 7.80
C PRO BB 435 34.66 125.26 8.77
N SER BB 436 35.23 126.35 8.26
CA SER BB 436 35.39 127.59 9.03
C SER BB 436 34.00 128.08 9.45
N HIS BB 437 33.95 128.88 10.49
CA HIS BB 437 32.67 129.06 11.16
C HIS BB 437 32.66 130.41 11.88
N VAL BB 438 31.63 131.21 11.61
CA VAL BB 438 31.52 132.54 12.20
C VAL BB 438 30.42 132.56 13.23
N PHE BB 439 30.80 132.68 14.50
CA PHE BB 439 29.83 132.82 15.57
C PHE BB 439 29.65 134.29 15.94
N ALA BB 440 28.52 134.89 15.57
CA ALA BB 440 28.23 136.26 16.02
C ALA BB 440 28.41 136.31 17.53
N ILE BB 441 29.03 137.37 18.02
CA ILE BB 441 29.38 137.41 19.44
C ILE BB 441 28.17 137.18 20.35
N GLN BB 442 26.98 137.56 19.86
CA GLN BB 442 25.74 137.44 20.64
C GLN BB 442 25.30 136.00 20.84
N LYS BB 443 25.83 135.05 20.06
CA LYS BB 443 25.54 133.62 20.28
C LYS BB 443 26.05 133.16 21.64
N LEU BB 444 27.18 133.71 22.06
CA LEU BB 444 27.70 133.48 23.40
C LEU BB 444 28.20 132.06 23.61
N GLU BB 445 28.16 131.26 22.54
CA GLU BB 445 28.71 129.90 22.55
C GLU BB 445 28.81 129.30 21.14
N GLY BB 446 29.66 128.29 20.99
CA GLY BB 446 29.83 127.67 19.68
C GLY BB 446 30.51 126.34 19.85
N THR BB 447 30.39 125.48 18.83
CA THR BB 447 31.04 124.18 18.87
C THR BB 447 31.89 123.91 17.61
N THR BB 448 32.89 123.05 17.73
CA THR BB 448 33.69 122.64 16.59
C THR BB 448 34.47 121.35 16.91
N GLU BB 449 34.97 120.66 15.88
CA GLU BB 449 35.85 119.53 16.10
C GLU BB 449 37.29 119.99 15.86
N LEU BB 450 38.23 119.34 16.51
CA LEU BB 450 39.66 119.57 16.23
C LEU BB 450 40.38 118.25 15.99
N LEU BB 451 41.02 118.11 14.84
CA LEU BB 451 41.87 116.95 14.61
C LEU BB 451 43.22 117.17 15.30
N VAL BB 452 43.53 116.33 16.27
CA VAL BB 452 44.87 116.31 16.87
C VAL BB 452 45.67 115.18 16.23
N GLY BB 453 46.46 115.55 15.23
CA GLY BB 453 47.18 114.59 14.41
C GLY BB 453 47.69 115.24 13.14
N ASN BB 454 48.06 114.42 12.17
CA ASN BB 454 48.67 114.91 10.94
C ASN BB 454 48.88 113.78 9.97
N PHE BB 455 49.37 114.08 8.77
CA PHE BB 455 49.51 113.05 7.73
C PHE BB 455 50.28 111.82 8.19
N ALA BB 456 51.25 112.01 9.10
CA ALA BB 456 52.06 110.91 9.58
C ALA BB 456 51.32 110.00 10.53
N GLY BB 457 50.36 110.57 11.26
CA GLY BB 457 49.48 109.78 12.10
C GLY BB 457 49.42 110.12 13.58
N ALA BB 458 50.34 110.94 14.08
CA ALA BB 458 50.41 111.20 15.51
C ALA BB 458 51.26 112.43 15.79
N ASN BB 459 51.02 113.07 16.94
CA ASN BB 459 51.75 114.28 17.34
C ASN BB 459 52.69 113.99 18.49
N PRO BB 460 53.92 114.52 18.41
CA PRO BB 460 54.85 114.52 19.55
C PRO BB 460 54.38 115.58 20.52
N ASN BB 461 54.91 115.57 21.73
CA ASN BB 461 54.46 116.55 22.71
C ASN BB 461 55.39 117.76 22.69
N THR BB 462 55.75 118.17 21.49
CA THR BB 462 56.61 119.32 21.27
C THR BB 462 56.06 120.07 20.07
N ARG BB 463 56.72 121.16 19.70
CA ARG BB 463 56.37 121.81 18.45
C ARG BB 463 56.98 120.97 17.31
N PHE BB 464 56.25 120.86 16.20
CA PHE BB 464 56.67 120.08 15.05
C PHE BB 464 55.97 120.72 13.83
N SER BB 465 56.43 120.40 12.63
CA SER BB 465 55.76 120.92 11.45
C SER BB 465 55.44 119.80 10.48
N LEU BB 466 54.22 119.28 10.55
CA LEU BB 466 53.80 118.21 9.64
C LEU BB 466 52.43 118.51 9.05
N TYR BB 467 52.32 118.47 7.71
CA TYR BB 467 51.09 118.83 7.02
C TYR BB 467 49.87 118.19 7.67
N SER BB 468 48.86 119.00 7.97
CA SER BB 468 47.63 118.51 8.60
C SER BB 468 46.51 119.54 8.46
N ARG BB 469 45.40 119.28 9.11
CA ARG BB 469 44.37 120.30 9.22
C ARG BB 469 44.87 121.36 10.18
N TRP BB 470 44.29 122.55 10.10
CA TRP BB 470 44.81 123.72 10.82
C TRP BB 470 43.64 124.56 11.35
N MET BB 471 43.69 124.89 12.63
CA MET BB 471 42.62 125.66 13.25
C MET BB 471 43.11 126.92 13.98
N ALA BB 472 42.28 127.95 13.96
CA ALA BB 472 42.58 129.18 14.68
C ALA BB 472 41.31 129.83 15.17
N ILE BB 473 41.39 130.49 16.33
CA ILE BB 473 40.26 131.26 16.83
C ILE BB 473 40.57 132.72 16.58
N LYS BB 474 39.65 133.44 15.94
CA LYS BB 474 39.85 134.86 15.61
C LYS BB 474 38.84 135.76 16.31
N LEU BB 475 39.33 136.59 17.23
CA LEU BB 475 38.52 137.60 17.86
C LEU BB 475 38.66 138.96 17.16
N ASP BB 476 37.56 139.67 16.90
CA ASP BB 476 37.65 141.02 16.32
C ASP BB 476 37.22 142.12 17.30
N GLN BB 477 36.58 141.71 18.39
CA GLN BB 477 36.12 142.63 19.41
C GLN BB 477 36.46 142.04 20.77
N ALA BB 478 37.70 141.57 20.90
CA ALA BB 478 38.12 140.82 22.07
C ALA BB 478 37.94 141.56 23.39
N LYS BB 479 38.08 142.89 23.37
CA LYS BB 479 37.93 143.68 24.58
C LYS BB 479 36.50 143.66 25.11
N SER BB 480 35.55 143.25 24.27
CA SER BB 480 34.15 143.08 24.68
C SER BB 480 33.89 141.71 25.31
N ILE BB 481 34.93 140.89 25.43
CA ILE BB 481 34.79 139.57 26.01
C ILE BB 481 35.42 139.49 27.41
N LYS BB 482 34.64 139.10 28.41
CA LYS BB 482 35.21 138.96 29.75
C LYS BB 482 36.00 137.66 29.89
N VAL BB 483 35.51 136.61 29.24
CA VAL BB 483 36.23 135.34 29.22
C VAL BB 483 35.80 134.49 28.04
N LEU BB 484 36.77 133.86 27.39
CA LEU BB 484 36.49 132.86 26.37
C LEU BB 484 36.97 131.54 26.91
N ARG BB 485 36.05 130.61 27.18
CA ARG BB 485 36.42 129.29 27.70
C ARG BB 485 36.34 128.21 26.63
N VAL BB 486 37.37 127.39 26.52
CA VAL BB 486 37.37 126.28 25.59
C VAL BB 486 37.37 124.93 26.31
N LEU BB 487 36.29 124.17 26.18
CA LEU BB 487 36.21 122.82 26.74
C LEU BB 487 36.39 121.80 25.62
N CYS BB 488 36.95 120.65 25.95
CA CYS BB 488 37.08 119.57 24.97
C CYS BB 488 36.62 118.22 25.55
N LYS BB 489 36.30 117.30 24.65
CA LYS BB 489 35.81 115.98 25.00
C LYS BB 489 36.33 115.02 23.93
N PRO BB 490 37.32 114.22 24.27
CA PRO BB 490 37.96 113.35 23.28
C PRO BB 490 36.98 112.32 22.74
N ARG BB 491 36.93 112.19 21.42
CA ARG BB 491 36.14 111.15 20.79
C ARG BB 491 36.79 109.82 21.04
N PRO BB 492 35.97 108.77 21.10
CA PRO BB 492 36.41 107.43 21.46
C PRO BB 492 37.58 107.04 20.59
N GLY BB 493 38.60 106.44 21.16
CA GLY BB 493 39.74 105.98 20.38
C GLY BB 493 40.90 106.98 20.36
N PHE BB 494 40.86 107.95 21.25
CA PHE BB 494 41.98 108.86 21.33
C PHE BB 494 43.16 108.07 21.85
N SER BB 495 44.26 108.08 21.10
CA SER BB 495 45.35 107.14 21.34
C SER BB 495 46.66 107.75 21.82
N PHE BB 496 47.35 107.02 22.68
CA PHE BB 496 48.64 107.43 23.20
C PHE BB 496 49.68 106.35 22.91
N TYR BB 497 50.89 106.78 22.54
CA TYR BB 497 51.97 105.87 22.20
C TYR BB 497 53.24 106.14 23.03
N GLY BB 498 53.77 105.07 23.63
CA GLY BB 498 55.04 105.14 24.33
C GLY BB 498 55.03 105.88 25.66
N ARG BB 499 54.74 105.17 26.74
CA ARG BB 499 54.69 105.78 28.07
C ARG BB 499 56.04 106.37 28.46
N THR BB 500 55.98 107.56 29.05
CA THR BB 500 57.17 108.30 29.49
C THR BB 500 56.78 109.27 30.61
N SER BB 501 57.64 110.26 30.87
CA SER BB 501 57.35 111.23 31.93
C SER BB 501 57.59 112.65 31.48
N PHE BB 502 57.27 113.59 32.36
CA PHE BB 502 57.32 115.00 31.99
C PHE BB 502 57.61 115.88 33.19
N PRO BB 503 58.88 116.21 33.41
CA PRO BB 503 59.29 117.09 34.50
C PRO BB 503 59.06 118.54 34.16
N VAL BB 504 58.48 119.27 35.10
CA VAL BB 504 58.32 120.73 34.98
C VAL BB 504 58.66 121.40 36.31
N GLY CB 1 32.25 102.33 -39.23
CA GLY CB 1 32.89 102.79 -40.45
C GLY CB 1 33.64 104.10 -40.30
N LEU CB 2 34.43 104.45 -41.30
CA LEU CB 2 35.12 105.73 -41.29
C LEU CB 2 34.10 106.88 -41.22
N ALA CB 3 34.23 107.71 -40.21
CA ALA CB 3 33.23 108.73 -39.92
C ALA CB 3 33.73 110.13 -40.24
N GLY CB 4 35.04 110.31 -40.12
CA GLY CB 4 35.66 111.60 -40.38
C GLY CB 4 37.17 111.48 -40.45
N ARG CB 5 37.82 112.52 -40.96
CA ARG CB 5 39.25 112.49 -41.12
C ARG CB 5 39.85 113.89 -41.11
N GLY CB 6 41.17 113.93 -40.99
CA GLY CB 6 41.92 115.18 -40.90
C GLY CB 6 43.40 114.93 -41.07
N VAL CB 7 44.17 116.00 -41.17
CA VAL CB 7 45.58 115.88 -41.46
C VAL CB 7 46.40 116.75 -40.53
N ILE CB 8 47.46 116.17 -39.96
CA ILE CB 8 48.39 116.93 -39.13
C ILE CB 8 49.69 117.11 -39.92
N TYR CB 9 50.23 118.32 -39.91
CA TYR CB 9 51.45 118.60 -40.67
C TYR CB 9 52.67 118.68 -39.79
N ILE CB 10 53.54 117.71 -39.99
CA ILE CB 10 54.81 117.62 -39.29
C ILE CB 10 55.91 118.31 -40.07
N PRO CB 11 56.69 119.16 -39.41
CA PRO CB 11 57.85 119.87 -39.95
C PRO CB 11 59.07 118.96 -39.93
N LYS CB 12 60.00 119.18 -40.86
CA LYS CB 12 61.16 118.32 -40.94
C LYS CB 12 62.00 118.43 -39.66
N ASP CB 13 62.08 119.64 -39.09
CA ASP CB 13 62.60 119.72 -37.72
C ASP CB 13 61.43 119.91 -36.73
N CYS CB 14 61.07 118.80 -36.09
CA CYS CB 14 60.01 118.77 -35.09
C CYS CB 14 60.62 118.76 -33.68
N GLN CB 15 60.68 119.91 -33.03
CA GLN CB 15 61.30 120.01 -31.70
C GLN CB 15 60.31 119.69 -30.58
N ALA CB 16 60.81 119.38 -29.40
CA ALA CB 16 59.93 119.25 -28.25
C ALA CB 16 59.09 120.50 -28.11
N ASN CB 17 57.81 120.29 -27.80
CA ASN CB 17 56.88 121.35 -27.46
C ASN CB 17 56.27 122.08 -28.64
N ARG CB 18 56.45 121.57 -29.86
CA ARG CB 18 55.89 122.26 -31.01
C ARG CB 18 54.41 121.96 -31.06
N TYR CB 19 53.60 122.97 -31.36
CA TYR CB 19 52.18 122.75 -31.59
C TYR CB 19 51.97 122.34 -33.03
N LEU CB 20 51.43 121.14 -33.25
CA LEU CB 20 51.31 120.62 -34.61
C LEU CB 20 49.96 120.94 -35.24
N GLY CB 21 48.95 121.13 -34.42
CA GLY CB 21 47.65 121.52 -34.92
C GLY CB 21 46.51 121.02 -34.07
N THR CB 22 45.31 121.50 -34.36
CA THR CB 22 44.13 121.01 -33.68
C THR CB 22 43.09 120.56 -34.70
N LEU CB 23 42.49 119.41 -34.44
CA LEU CB 23 41.39 118.97 -35.30
C LEU CB 23 40.12 119.14 -34.51
N ASN CB 24 39.08 119.60 -35.19
CA ASN CB 24 37.80 119.73 -34.56
C ASN CB 24 36.97 118.46 -34.83
N ILE CB 25 36.66 117.69 -33.79
CA ILE CB 25 36.01 116.38 -33.99
C ILE CB 25 34.71 116.49 -34.78
N ARG CB 26 33.91 117.52 -34.51
CA ARG CB 26 32.66 117.59 -35.23
C ARG CB 26 32.86 118.02 -36.69
N ASP CB 27 33.80 118.94 -36.91
CA ASP CB 27 34.17 119.30 -38.28
C ASP CB 27 34.78 118.13 -39.09
N MET CB 28 35.56 117.27 -38.46
CA MET CB 28 36.08 116.09 -39.17
C MET CB 28 34.94 115.24 -39.72
N ILE CB 29 33.87 115.09 -38.95
CA ILE CB 29 32.74 114.26 -39.37
C ILE CB 29 31.86 114.99 -40.40
N SER CB 30 31.67 116.30 -40.22
CA SER CB 30 30.80 117.07 -41.13
C SER CB 30 31.46 117.45 -42.46
N ASP CB 31 32.78 117.64 -42.48
CA ASP CB 31 33.50 117.95 -43.71
C ASP CB 31 33.58 116.71 -44.59
N PHE CB 32 33.62 115.55 -43.93
CA PHE CB 32 33.70 114.28 -44.62
C PHE CB 32 32.35 113.94 -45.25
N LYS CB 33 31.32 113.80 -44.43
CA LYS CB 33 29.94 113.97 -44.90
C LYS CB 33 29.46 112.97 -45.96
N GLY CB 34 29.75 111.68 -45.84
CA GLY CB 34 29.95 110.98 -44.59
C GLY CB 34 28.69 110.13 -44.50
N VAL CB 35 28.76 108.80 -44.60
CA VAL CB 35 27.58 107.97 -44.31
C VAL CB 35 27.19 108.12 -42.86
N GLN CB 36 28.19 108.23 -41.98
CA GLN CB 36 27.95 108.41 -40.56
C GLN CB 36 27.40 109.81 -40.26
N TYR CB 37 27.94 110.83 -40.93
CA TYR CB 37 27.41 112.18 -40.79
C TYR CB 37 25.93 112.23 -41.11
N GLU CB 38 25.54 111.57 -42.19
CA GLU CB 38 24.13 111.55 -42.58
C GLU CB 38 23.26 110.76 -41.60
N LYS CB 39 23.78 109.69 -41.01
CA LYS CB 39 23.03 108.97 -39.99
C LYS CB 39 22.82 109.87 -38.79
N TRP CB 40 23.79 110.76 -38.58
CA TRP CB 40 23.80 111.66 -37.43
C TRP CB 40 22.65 112.67 -37.52
N ILE CB 41 22.52 113.27 -38.70
CA ILE CB 41 21.44 114.23 -38.92
C ILE CB 41 20.08 113.65 -38.55
N THR CB 42 19.88 112.37 -38.78
CA THR CB 42 18.60 111.74 -38.49
C THR CB 42 18.45 111.42 -37.01
N ALA CB 43 19.56 111.03 -36.41
CA ALA CB 43 19.57 110.70 -34.99
C ALA CB 43 19.32 111.97 -34.15
N GLY CB 44 19.87 113.09 -34.61
CA GLY CB 44 19.88 114.32 -33.84
C GLY CB 44 21.01 114.32 -32.82
N LEU CB 45 20.90 113.43 -31.83
CA LEU CB 45 21.91 113.26 -30.78
C LEU CB 45 22.70 111.96 -30.91
N VAL CB 46 24.02 112.03 -30.77
CA VAL CB 46 24.85 110.83 -30.76
C VAL CB 46 25.79 110.82 -29.54
N MET CB 47 26.04 109.63 -28.99
CA MET CB 47 26.99 109.45 -27.87
C MET CB 47 28.09 108.46 -28.23
N PRO CB 48 28.84 108.74 -29.30
CA PRO CB 48 29.61 107.72 -30.01
C PRO CB 48 30.63 107.00 -29.14
N THR CB 49 31.00 105.80 -29.56
CA THR CB 49 32.28 105.26 -29.15
C THR CB 49 33.19 105.33 -30.37
N PHE CB 50 34.19 106.21 -30.30
CA PHE CB 50 35.11 106.42 -31.42
C PHE CB 50 36.31 105.50 -31.31
N LYS CB 51 36.78 105.02 -32.46
CA LYS CB 51 38.14 104.49 -32.58
C LYS CB 51 38.92 105.54 -33.33
N ILE CB 52 39.93 106.12 -32.68
CA ILE CB 52 40.77 107.09 -33.35
C ILE CB 52 41.99 106.37 -33.87
N VAL CB 53 42.35 106.63 -35.12
CA VAL CB 53 43.51 106.00 -35.71
C VAL CB 53 44.38 107.08 -36.31
N ILE CB 54 45.64 107.11 -35.90
CA ILE CB 54 46.59 108.02 -36.49
C ILE CB 54 47.54 107.24 -37.38
N ARG CB 55 47.48 107.52 -38.68
CA ARG CB 55 48.37 106.89 -39.65
C ARG CB 55 49.66 107.67 -39.89
N LEU CB 56 50.76 106.93 -39.87
CA LEU CB 56 52.00 107.44 -39.33
C LEU CB 56 53.03 106.39 -39.70
N PRO CB 57 54.05 106.79 -40.47
CA PRO CB 57 55.03 105.78 -40.90
C PRO CB 57 55.95 105.42 -39.75
N ALA CB 58 56.01 104.13 -39.41
CA ALA CB 58 56.82 103.72 -38.27
C ALA CB 58 58.29 103.99 -38.52
N ASN CB 59 58.99 104.51 -37.53
CA ASN CB 59 60.42 104.75 -37.69
C ASN CB 59 61.17 104.70 -36.37
N ALA CB 60 62.21 103.87 -36.29
CA ALA CB 60 62.94 103.73 -35.05
C ALA CB 60 64.15 104.66 -34.93
N PHE CB 61 64.33 105.55 -35.91
CA PHE CB 61 65.55 106.34 -36.00
C PHE CB 61 65.38 107.83 -35.71
N THR CB 62 64.28 108.21 -35.06
CA THR CB 62 64.00 109.63 -34.86
C THR CB 62 63.94 110.02 -33.39
N GLY CB 63 63.30 109.19 -32.56
CA GLY CB 63 63.15 109.53 -31.16
C GLY CB 63 61.89 110.32 -30.89
N LEU CB 64 61.14 110.58 -31.96
CA LEU CB 64 59.92 111.38 -31.90
C LEU CB 64 58.82 110.70 -31.07
N THR CB 65 58.23 111.48 -30.16
CA THR CB 65 57.03 111.08 -29.46
C THR CB 65 56.07 112.25 -29.42
N TRP CB 66 54.81 111.97 -29.76
CA TRP CB 66 53.76 113.00 -29.81
C TRP CB 66 52.72 112.73 -28.77
N VAL CB 67 51.94 113.75 -28.45
CA VAL CB 67 50.79 113.59 -27.57
C VAL CB 67 49.48 114.02 -28.24
N MET CB 68 48.53 113.11 -28.32
CA MET CB 68 47.18 113.49 -28.71
C MET CB 68 46.41 113.80 -27.44
N SER CB 69 45.87 115.00 -27.34
CA SER CB 69 45.13 115.43 -26.16
C SER CB 69 43.67 115.62 -26.51
N PHE CB 70 42.78 114.93 -25.80
CA PHE CB 70 41.34 115.04 -26.02
C PHE CB 70 40.77 116.15 -25.14
N ASP CB 71 40.51 117.29 -25.76
CA ASP CB 71 40.05 118.48 -25.04
C ASP CB 71 38.59 118.74 -25.38
N ALA CB 72 37.67 117.97 -24.80
CA ALA CB 72 36.27 118.06 -25.21
C ALA CB 72 35.62 119.41 -24.86
N TYR CB 73 36.23 120.14 -23.92
CA TYR CB 73 35.62 121.38 -23.46
C TYR CB 73 36.46 122.61 -23.75
N ASN CB 74 37.42 122.45 -24.65
CA ASN CB 74 38.22 123.56 -25.16
C ASN CB 74 38.93 124.35 -24.06
N ARG CB 75 39.62 123.64 -23.18
CA ARG CB 75 40.16 124.27 -22.01
C ARG CB 75 41.65 124.61 -22.16
N ILE CB 76 42.36 123.87 -23.01
CA ILE CB 76 43.78 124.14 -23.21
C ILE CB 76 44.14 124.76 -24.57
N THR CB 77 43.16 124.91 -25.45
CA THR CB 77 43.45 125.38 -26.81
C THR CB 77 44.10 126.76 -26.88
N SER CB 78 43.48 127.76 -26.25
CA SER CB 78 44.00 129.14 -26.24
C SER CB 78 45.43 129.21 -25.73
N ARG CB 79 45.84 128.20 -24.99
CA ARG CB 79 47.05 128.28 -24.22
C ARG CB 79 48.16 127.49 -24.85
N ILE CB 80 47.82 126.56 -25.72
CA ILE CB 80 48.86 125.77 -26.37
C ILE CB 80 49.20 126.25 -27.77
N THR CB 81 48.50 127.26 -28.27
CA THR CB 81 48.67 127.59 -29.67
C THR CB 81 49.90 128.40 -30.03
N ALA CB 82 50.57 129.00 -29.03
CA ALA CB 82 51.95 129.49 -29.27
C ALA CB 82 52.96 128.40 -28.92
N SER CB 83 53.07 128.12 -27.62
CA SER CB 83 53.82 126.94 -27.20
C SER CB 83 53.02 126.04 -26.24
N ALA CB 84 53.11 124.76 -26.58
CA ALA CB 84 52.48 123.66 -25.90
C ALA CB 84 53.40 123.07 -24.82
N ASP CB 85 53.39 123.67 -23.63
CA ASP CB 85 54.08 123.10 -22.49
C ASP CB 85 53.41 121.76 -22.16
N PRO CB 86 54.20 120.69 -21.93
CA PRO CB 86 53.62 119.39 -21.56
C PRO CB 86 52.65 119.44 -20.37
N VAL CB 87 52.82 120.39 -19.46
CA VAL CB 87 51.89 120.54 -18.34
C VAL CB 87 50.46 120.75 -18.82
N TYR CB 88 50.27 121.56 -19.86
CA TYR CB 88 48.95 121.70 -20.48
C TYR CB 88 48.50 120.42 -21.20
N THR CB 89 49.36 119.90 -22.08
CA THR CB 89 48.94 118.83 -22.98
C THR CB 89 48.62 117.55 -22.24
N LEU CB 90 49.18 117.39 -21.04
CA LEU CB 90 49.00 116.17 -20.26
C LEU CB 90 47.93 116.35 -19.16
N SER CB 91 47.33 117.53 -19.10
CA SER CB 91 46.38 117.85 -18.04
C SER CB 91 44.95 117.42 -18.41
N VAL CB 92 44.77 116.97 -19.64
CA VAL CB 92 43.49 116.42 -20.06
C VAL CB 92 43.71 115.00 -20.56
N PRO CB 93 42.62 114.23 -20.77
CA PRO CB 93 42.84 112.87 -21.26
C PRO CB 93 43.74 112.89 -22.50
N HIS CB 94 44.70 111.96 -22.56
CA HIS CB 94 45.73 112.02 -23.60
C HIS CB 94 46.41 110.69 -23.84
N TRP CB 95 47.11 110.61 -24.96
CA TRP CB 95 47.77 109.37 -25.36
C TRP CB 95 49.13 109.66 -25.91
N LEU CB 96 50.11 108.83 -25.54
CA LEU CB 96 51.44 108.98 -26.11
C LEU CB 96 51.52 108.25 -27.44
N ILE CB 97 52.06 108.93 -28.44
CA ILE CB 97 52.23 108.34 -29.74
C ILE CB 97 53.72 108.19 -30.05
N HIS CB 98 54.21 106.96 -29.97
CA HIS CB 98 55.63 106.70 -30.23
C HIS CB 98 55.91 106.41 -31.69
N HIS CB 99 56.88 107.13 -32.25
CA HIS CB 99 57.18 107.01 -33.67
C HIS CB 99 57.65 105.58 -34.02
N LYS CB 100 58.29 104.92 -33.06
CA LYS CB 100 58.83 103.59 -33.33
C LYS CB 100 57.70 102.58 -33.56
N LEU CB 101 56.51 102.89 -33.04
CA LEU CB 101 55.40 101.94 -33.11
C LEU CB 101 54.51 102.13 -34.33
N GLY CB 102 54.77 103.19 -35.07
CA GLY CB 102 53.99 103.48 -36.25
C GLY CB 102 52.55 103.83 -35.96
N THR CB 103 51.66 103.30 -36.79
CA THR CB 103 50.26 103.67 -36.75
C THR CB 103 49.66 103.39 -35.38
N PHE CB 104 48.93 104.39 -34.87
CA PHE CB 104 48.43 104.39 -33.50
C PHE CB 104 46.93 104.33 -33.47
N SER CB 105 46.40 103.67 -32.44
CA SER CB 105 44.95 103.56 -32.28
C SER CB 105 44.51 103.62 -30.80
N CYS CB 106 43.35 104.20 -30.54
CA CYS CB 106 42.79 104.13 -29.20
C CYS CB 106 41.26 104.27 -29.23
N GLU CB 107 40.59 103.95 -28.12
CA GLU CB 107 39.14 104.13 -28.04
C GLU CB 107 38.77 105.31 -27.17
N ILE CB 108 37.78 106.06 -27.60
CA ILE CB 108 37.28 107.15 -26.80
C ILE CB 108 35.82 106.86 -26.62
N ASP CB 109 35.43 106.51 -25.39
CA ASP CB 109 34.01 106.42 -25.04
C ASP CB 109 33.54 107.84 -24.72
N TYR CB 110 32.86 108.46 -25.67
CA TYR CB 110 32.49 109.86 -25.55
C TYR CB 110 31.56 110.06 -24.34
N GLY CB 111 30.86 108.99 -23.95
CA GLY CB 111 30.03 109.02 -22.78
C GLY CB 111 30.81 109.28 -21.49
N GLU CB 112 31.97 108.66 -21.38
CA GLU CB 112 32.85 108.86 -20.22
C GLU CB 112 33.72 110.11 -20.36
N LEU CB 113 34.60 110.12 -21.36
CA LEU CB 113 35.57 111.19 -21.53
C LEU CB 113 34.96 112.57 -21.75
N CYS CB 114 33.71 112.58 -22.25
CA CYS CB 114 33.07 113.86 -22.49
C CYS CB 114 31.83 114.10 -21.62
N GLY CB 115 30.84 113.23 -21.70
CA GLY CB 115 29.68 113.32 -20.81
C GLY CB 115 28.37 113.85 -21.36
N HIS CB 116 28.42 114.64 -22.43
CA HIS CB 116 27.17 115.10 -23.05
C HIS CB 116 27.10 114.69 -24.51
N ALA CB 117 25.88 114.42 -25.00
CA ALA CB 117 25.68 113.97 -26.37
C ALA CB 117 25.78 115.09 -27.41
N MET CB 118 26.26 114.71 -28.60
CA MET CB 118 26.53 115.69 -29.65
C MET CB 118 25.32 115.97 -30.54
N TRP CB 119 25.03 117.26 -30.68
CA TRP CB 119 23.91 117.72 -31.48
C TRP CB 119 24.35 118.00 -32.91
N PHE CB 120 23.66 117.37 -33.86
CA PHE CB 120 24.09 117.42 -35.26
C PHE CB 120 24.27 118.83 -35.82
N LYS CB 121 23.44 119.78 -35.41
CA LYS CB 121 23.37 121.09 -36.08
C LYS CB 121 24.30 122.18 -35.53
N SER CB 122 24.73 122.02 -34.28
CA SER CB 122 25.56 123.02 -33.65
C SER CB 122 26.20 122.51 -32.37
N THR CB 123 27.28 123.17 -31.99
CA THR CB 123 27.94 122.86 -30.73
C THR CB 123 26.99 123.24 -29.58
N THR CB 124 26.85 122.37 -28.59
CA THR CB 124 26.01 122.64 -27.44
C THR CB 124 26.76 123.50 -26.41
N PHE CB 125 27.80 122.95 -25.82
CA PHE CB 125 28.57 123.72 -24.86
C PHE CB 125 29.81 124.31 -25.50
N GLU CB 126 30.89 123.56 -25.51
CA GLU CB 126 32.00 123.97 -26.34
C GLU CB 126 32.29 122.88 -27.35
N SER CB 127 33.08 123.25 -28.37
CA SER CB 127 33.39 122.36 -29.49
C SER CB 127 34.60 121.45 -29.20
N PRO CB 128 34.38 120.12 -29.19
CA PRO CB 128 35.38 119.11 -28.82
C PRO CB 128 36.57 119.05 -29.79
N ARG CB 129 37.79 119.18 -29.25
CA ARG CB 129 39.01 119.20 -30.06
C ARG CB 129 39.97 118.03 -29.78
N LEU CB 130 40.76 117.69 -30.78
CA LEU CB 130 41.93 116.86 -30.59
C LEU CB 130 43.18 117.72 -30.86
N HIS CB 131 44.07 117.83 -29.89
CA HIS CB 131 45.32 118.57 -30.08
C HIS CB 131 46.49 117.62 -30.33
N PHE CB 132 47.35 117.99 -31.27
CA PHE CB 132 48.54 117.21 -31.53
C PHE CB 132 49.78 118.04 -31.28
N THR CB 133 50.57 117.57 -30.32
CA THR CB 133 51.78 118.26 -29.90
C THR CB 133 52.97 117.29 -29.89
N CYS CB 134 54.17 117.84 -29.94
CA CYS CB 134 55.36 117.01 -29.89
C CYS CB 134 55.92 117.02 -28.46
N LEU CB 135 55.99 115.84 -27.86
CA LEU CB 135 56.45 115.69 -26.47
C LEU CB 135 57.98 115.61 -26.34
N THR CB 136 58.58 114.75 -27.16
CA THR CB 136 60.03 114.65 -27.30
C THR CB 136 60.40 114.82 -28.77
N GLY CB 137 61.41 115.65 -29.03
CA GLY CB 137 61.76 116.00 -30.40
C GLY CB 137 62.58 114.95 -31.13
N ASN CB 138 62.76 115.13 -32.44
CA ASN CB 138 63.63 114.25 -33.21
C ASN CB 138 65.09 114.55 -32.89
N ASN CB 139 65.95 113.55 -33.03
CA ASN CB 139 67.34 113.66 -32.59
C ASN CB 139 68.12 114.59 -33.50
N LYS CB 140 67.67 114.66 -34.75
CA LYS CB 140 68.19 115.54 -35.79
C LYS CB 140 67.03 115.72 -36.74
N GLU CB 141 67.02 116.78 -37.53
CA GLU CB 141 65.87 116.98 -38.39
C GLU CB 141 65.77 115.84 -39.40
N LEU CB 142 64.56 115.61 -39.90
CA LEU CB 142 64.35 114.62 -40.95
C LEU CB 142 64.65 115.22 -42.35
N ALA CB 143 64.44 114.43 -43.38
CA ALA CB 143 64.81 114.87 -44.72
C ALA CB 143 63.88 115.95 -45.26
N ALA CB 144 62.60 115.85 -44.93
CA ALA CB 144 61.60 116.81 -45.44
C ALA CB 144 60.34 116.89 -44.58
N ASP CB 145 59.54 117.93 -44.79
CA ASP CB 145 58.25 118.03 -44.14
C ASP CB 145 57.41 116.82 -44.54
N TRP CB 146 56.50 116.40 -43.66
CA TRP CB 146 55.57 115.31 -43.95
C TRP CB 146 54.24 115.48 -43.24
N GLN CB 147 53.37 114.49 -43.37
CA GLN CB 147 52.07 114.58 -42.72
C GLN CB 147 51.63 113.25 -42.16
N ALA CB 148 50.73 113.33 -41.19
CA ALA CB 148 50.08 112.15 -40.65
C ALA CB 148 48.58 112.32 -40.84
N VAL CB 149 47.86 111.21 -40.96
CA VAL CB 149 46.42 111.25 -41.16
C VAL CB 149 45.70 110.78 -39.90
N VAL CB 150 44.71 111.56 -39.47
CA VAL CB 150 43.87 111.18 -38.33
C VAL CB 150 42.50 110.71 -38.79
N GLU CB 151 42.06 109.55 -38.29
CA GLU CB 151 40.77 109.02 -38.72
C GLU CB 151 39.83 108.68 -37.54
N LEU CB 152 38.55 109.04 -37.68
CA LEU CB 152 37.55 108.67 -36.68
C LEU CB 152 36.69 107.55 -37.22
N TYR CB 153 36.64 106.44 -36.51
CA TYR CB 153 35.76 105.32 -36.86
C TYR CB 153 34.66 105.21 -35.81
N ALA CB 154 33.43 105.03 -36.25
CA ALA CB 154 32.32 104.95 -35.31
C ALA CB 154 31.10 104.41 -36.01
N GLU CB 155 30.23 103.75 -35.26
CA GLU CB 155 28.88 103.42 -35.76
C GLU CB 155 27.86 104.25 -35.00
N LEU CB 156 27.58 105.45 -35.51
CA LEU CB 156 26.70 106.38 -34.79
C LEU CB 156 25.28 105.84 -34.70
N GLU CB 157 24.76 105.83 -33.48
CA GLU CB 157 23.34 105.58 -33.31
C GLU CB 157 22.70 106.66 -32.42
N GLU CB 158 21.39 106.81 -32.53
CA GLU CB 158 20.68 107.83 -31.75
C GLU CB 158 20.91 107.67 -30.25
N ALA CB 159 21.24 108.79 -29.60
CA ALA CB 159 21.42 108.82 -28.16
C ALA CB 159 20.08 108.90 -27.41
N THR CB 160 19.96 108.07 -26.39
CA THR CB 160 18.72 107.96 -25.60
C THR CB 160 18.62 109.09 -24.55
N SER CB 161 19.75 109.51 -23.99
CA SER CB 161 19.80 110.55 -22.95
C SER CB 161 20.79 111.64 -23.31
N PHE CB 162 20.61 112.83 -22.73
CA PHE CB 162 21.56 113.92 -22.96
C PHE CB 162 22.88 113.67 -22.25
N LEU CB 163 22.79 113.14 -21.04
CA LEU CB 163 23.96 112.99 -20.18
C LEU CB 163 24.50 111.57 -20.24
N GLY CB 164 25.83 111.47 -20.15
CA GLY CB 164 26.51 110.18 -20.01
C GLY CB 164 26.38 109.62 -18.60
N LYS CB 165 27.30 108.74 -18.24
CA LYS CB 165 27.40 108.30 -16.86
C LYS CB 165 28.51 109.14 -16.24
N PRO CB 166 28.33 109.56 -14.98
CA PRO CB 166 29.29 110.46 -14.36
C PRO CB 166 30.65 109.80 -14.15
N THR CB 167 31.71 110.46 -14.63
CA THR CB 167 33.09 110.05 -14.39
C THR CB 167 33.39 109.96 -12.87
N LEU CB 168 32.79 110.86 -12.08
CA LEU CB 168 33.17 111.01 -10.68
C LEU CB 168 31.98 111.46 -9.83
N VAL CB 169 31.84 110.90 -8.64
CA VAL CB 169 30.83 111.37 -7.72
C VAL CB 169 31.47 111.83 -6.43
N PHE CB 170 31.14 113.04 -6.00
CA PHE CB 170 31.83 113.65 -4.87
C PHE CB 170 31.76 112.85 -3.58
N ASP CB 171 32.93 112.62 -3.00
CA ASP CB 171 33.08 111.90 -1.74
C ASP CB 171 34.46 112.19 -1.17
N PRO CB 172 34.50 112.88 -0.02
CA PRO CB 172 35.70 113.36 0.68
C PRO CB 172 36.59 112.21 1.08
N GLY CB 173 35.93 111.15 1.54
CA GLY CB 173 36.62 110.00 2.10
C GLY CB 173 37.02 108.95 1.06
N VAL CB 174 37.00 109.33 -0.21
CA VAL CB 174 37.31 108.36 -1.25
C VAL CB 174 38.21 108.88 -2.37
N PHE CB 175 39.47 108.48 -2.19
CA PHE CB 175 40.54 108.54 -3.15
C PHE CB 175 41.18 107.16 -3.04
N ASN CB 176 40.89 106.28 -4.00
CA ASN CB 176 41.39 104.90 -4.00
C ASN CB 176 42.91 104.80 -3.93
N GLY CB 177 43.58 105.48 -4.85
CA GLY CB 177 45.01 105.33 -4.98
C GLY CB 177 45.36 104.93 -6.38
N LYS CB 178 44.33 104.66 -7.19
CA LYS CB 178 44.53 104.40 -8.62
C LYS CB 178 44.38 105.71 -9.43
N PHE CB 179 45.18 105.87 -10.48
CA PHE CB 179 45.13 107.07 -11.31
C PHE CB 179 44.83 106.70 -12.75
N GLN CB 180 44.27 107.66 -13.50
CA GLN CB 180 44.31 107.58 -14.97
C GLN CB 180 44.90 108.88 -15.51
N PHE CB 181 45.58 108.77 -16.65
CA PHE CB 181 46.14 109.92 -17.35
C PHE CB 181 47.12 110.77 -16.53
N LEU CB 182 47.86 110.11 -15.64
CA LEU CB 182 48.87 110.82 -14.87
C LEU CB 182 50.22 110.59 -15.50
N THR CB 183 50.63 111.55 -16.32
CA THR CB 183 51.87 111.48 -17.06
C THR CB 183 52.76 112.65 -16.64
N CYS CB 184 54.00 112.36 -16.25
CA CYS CB 184 54.95 113.39 -15.89
C CYS CB 184 55.59 113.94 -17.14
N PRO CB 185 55.80 115.26 -17.18
CA PRO CB 185 56.60 115.83 -18.25
C PRO CB 185 57.95 115.13 -18.39
N PRO CB 186 58.52 115.18 -19.60
CA PRO CB 186 59.72 114.44 -19.93
C PRO CB 186 60.88 114.88 -19.07
N ILE CB 187 61.67 113.90 -18.64
CA ILE CB 187 62.92 114.10 -17.94
C ILE CB 187 64.08 113.88 -18.93
N PHE CB 188 65.10 114.74 -18.91
CA PHE CB 188 66.16 114.63 -19.92
C PHE CB 188 67.54 114.31 -19.36
N PHE CB 189 68.30 113.45 -20.07
CA PHE CB 189 69.67 113.15 -19.69
C PHE CB 189 70.65 113.55 -20.77
N ASP CB 190 71.71 114.25 -20.38
CA ASP CB 190 72.74 114.71 -21.32
C ASP CB 190 73.70 113.57 -21.55
N LEU CB 191 74.20 113.43 -22.78
CA LEU CB 191 75.16 112.37 -23.03
C LEU CB 191 76.61 112.82 -22.76
N THR CB 192 76.76 114.09 -22.39
CA THR CB 192 78.07 114.63 -22.03
C THR CB 192 78.32 114.44 -20.56
N ALA CB 193 77.55 113.54 -19.95
CA ALA CB 193 77.64 113.30 -18.52
C ALA CB 193 77.75 111.81 -18.21
N VAL CB 194 78.81 111.42 -17.52
CA VAL CB 194 79.04 110.00 -17.25
C VAL CB 194 78.01 109.37 -16.29
N THR CB 195 77.53 110.13 -15.31
CA THR CB 195 76.36 109.77 -14.52
C THR CB 195 75.50 111.00 -14.30
N ALA CB 196 74.25 110.79 -13.85
CA ALA CB 196 73.36 111.92 -13.59
C ALA CB 196 72.18 111.52 -12.73
N LEU CB 197 71.58 112.52 -12.08
CA LEU CB 197 70.39 112.30 -11.31
C LEU CB 197 69.28 113.20 -11.83
N ARG CB 198 68.07 112.65 -11.93
CA ARG CB 198 66.87 113.46 -12.15
C ARG CB 198 65.80 113.09 -11.16
N SER CB 199 65.31 114.09 -10.42
CA SER CB 199 64.28 113.85 -9.42
C SER CB 199 62.90 114.10 -9.99
N ALA CB 200 61.96 113.27 -9.56
CA ALA CB 200 60.55 113.54 -9.78
C ALA CB 200 59.89 113.64 -8.41
N GLY CB 201 59.27 114.77 -8.11
CA GLY CB 201 58.61 114.96 -6.83
C GLY CB 201 57.43 114.01 -6.68
N LEU CB 202 57.19 113.54 -5.46
CA LEU CB 202 56.06 112.67 -5.20
C LEU CB 202 54.97 113.36 -4.39
N THR CB 203 55.07 114.67 -4.27
CA THR CB 203 54.06 115.47 -3.59
C THR CB 203 52.95 115.80 -4.60
N LEU CB 204 52.18 114.77 -4.93
CA LEU CB 204 51.26 114.77 -6.08
C LEU CB 204 50.04 115.67 -5.99
N GLY CB 205 49.77 116.23 -4.81
CA GLY CB 205 48.65 117.15 -4.64
C GLY CB 205 48.99 118.60 -5.00
N GLN CB 206 50.27 118.84 -5.27
CA GLN CB 206 50.76 120.16 -5.64
C GLN CB 206 50.17 120.49 -7.01
N VAL CB 207 49.72 121.72 -7.19
CA VAL CB 207 49.20 122.14 -8.48
C VAL CB 207 50.34 122.56 -9.43
N PRO CB 208 50.38 121.94 -10.61
CA PRO CB 208 51.45 122.17 -11.60
C PRO CB 208 51.39 123.60 -12.12
N MET CB 209 52.54 124.13 -12.54
CA MET CB 209 52.51 125.48 -13.08
C MET CB 209 53.26 125.64 -14.39
N VAL CB 210 52.84 126.64 -15.14
CA VAL CB 210 53.53 127.03 -16.35
C VAL CB 210 53.72 128.52 -16.22
N GLY CB 211 54.94 128.91 -15.86
CA GLY CB 211 55.21 130.30 -15.54
C GLY CB 211 54.36 130.67 -14.34
N THR CB 212 53.55 131.71 -14.47
CA THR CB 212 52.71 132.15 -13.36
C THR CB 212 51.32 131.56 -13.43
N THR CB 213 51.07 130.73 -14.44
CA THR CB 213 49.77 130.12 -14.62
C THR CB 213 49.62 128.79 -13.88
N LYS CB 214 48.61 128.70 -13.01
CA LYS CB 214 48.26 127.46 -12.31
C LYS CB 214 47.40 126.56 -13.21
N VAL CB 215 47.77 125.29 -13.34
CA VAL CB 215 47.00 124.39 -14.16
C VAL CB 215 46.33 123.35 -13.28
N TYR CB 216 45.12 123.67 -12.81
CA TYR CB 216 44.35 122.75 -11.97
C TYR CB 216 44.01 121.52 -12.79
N ASN CB 217 44.19 120.34 -12.22
CA ASN CB 217 43.80 119.12 -12.92
C ASN CB 217 43.24 118.09 -11.97
N LEU CB 218 42.54 117.09 -12.51
CA LEU CB 218 41.85 116.13 -11.65
C LEU CB 218 42.78 115.33 -10.76
N ASN CB 219 43.91 114.89 -11.29
CA ASN CB 219 44.81 114.04 -10.50
C ASN CB 219 45.35 114.73 -9.25
N SER CB 220 45.85 115.94 -9.39
CA SER CB 220 46.36 116.63 -8.22
C SER CB 220 45.23 116.95 -7.27
N THR CB 221 44.07 117.25 -7.85
CA THR CB 221 42.87 117.49 -7.04
C THR CB 221 42.51 116.27 -6.18
N LEU CB 222 42.49 115.08 -6.80
CA LEU CB 222 42.25 113.85 -6.06
C LEU CB 222 43.25 113.65 -4.92
N VAL CB 223 44.53 113.73 -5.21
CA VAL CB 223 45.54 113.54 -4.17
C VAL CB 223 45.33 114.52 -3.00
N SER CB 224 44.89 115.73 -3.29
CA SER CB 224 44.66 116.73 -2.25
C SER CB 224 43.54 116.34 -1.26
N CYS CB 225 42.73 115.36 -1.65
CA CYS CB 225 41.64 114.84 -0.82
C CYS CB 225 42.13 113.99 0.36
N VAL CB 226 43.44 113.83 0.42
CA VAL CB 226 44.09 113.03 1.42
C VAL CB 226 45.19 113.90 2.08
N LEU CB 227 45.65 113.53 3.28
CA LEU CB 227 46.68 114.31 3.97
C LEU CB 227 48.08 113.90 3.50
N GLY CB 228 48.21 112.64 3.10
CA GLY CB 228 49.46 112.09 2.62
C GLY CB 228 49.31 110.64 2.24
N MET CB 229 50.37 110.04 1.73
CA MET CB 229 50.28 108.68 1.21
C MET CB 229 51.62 108.01 1.28
N GLY CB 230 51.60 106.69 1.50
CA GLY CB 230 52.80 105.89 1.46
C GLY CB 230 52.46 104.65 0.68
N GLY CB 231 53.45 103.82 0.40
CA GLY CB 231 53.17 102.60 -0.33
C GLY CB 231 54.10 102.44 -1.51
N THR CB 232 53.66 101.73 -2.54
CA THR CB 232 54.51 101.50 -3.69
C THR CB 232 53.96 102.19 -4.93
N VAL CB 233 54.82 102.94 -5.61
CA VAL CB 233 54.46 103.60 -6.87
C VAL CB 233 54.59 102.61 -8.03
N ARG CB 234 53.48 102.29 -8.70
CA ARG CB 234 53.51 101.41 -9.86
C ARG CB 234 53.36 102.30 -11.07
N GLY CB 235 54.28 102.20 -12.01
CA GLY CB 235 54.17 103.02 -13.20
C GLY CB 235 54.85 102.41 -14.40
N ARG CB 236 54.95 103.18 -15.48
CA ARG CB 236 55.65 102.76 -16.69
C ARG CB 236 56.70 103.78 -17.06
N VAL CB 237 57.80 103.32 -17.61
CA VAL CB 237 58.83 104.22 -18.09
C VAL CB 237 58.95 104.07 -19.60
N HIS CB 238 58.95 105.18 -20.31
CA HIS CB 238 59.22 105.15 -21.75
C HIS CB 238 60.55 105.83 -22.07
N ILE CB 239 61.39 105.12 -22.80
CA ILE CB 239 62.63 105.69 -23.27
C ILE CB 239 62.45 106.19 -24.70
N CYS CB 240 62.45 107.52 -24.85
CA CYS CB 240 62.01 108.15 -26.08
C CYS CB 240 63.16 108.65 -26.95
N ALA CB 241 63.94 107.70 -27.45
CA ALA CB 241 65.08 108.04 -28.29
C ALA CB 241 65.23 107.00 -29.39
N PRO CB 242 66.08 107.29 -30.36
CA PRO CB 242 66.36 106.37 -31.48
C PRO CB 242 66.95 105.04 -30.99
N ILE CB 243 66.79 103.93 -31.72
CA ILE CB 243 67.38 102.63 -31.32
C ILE CB 243 68.87 102.69 -31.03
N PHE CB 244 69.58 103.67 -31.60
CA PHE CB 244 71.02 103.77 -31.41
C PHE CB 244 71.42 104.58 -30.17
N TYR CB 245 70.43 105.09 -29.44
CA TYR CB 245 70.63 105.64 -28.11
C TYR CB 245 70.31 104.55 -27.10
N SER CB 246 71.00 104.53 -25.97
CA SER CB 246 70.66 103.59 -24.92
C SER CB 246 71.17 104.04 -23.54
N ILE CB 247 70.55 103.53 -22.50
CA ILE CB 247 70.84 103.99 -21.17
C ILE CB 247 70.49 102.91 -20.17
N VAL CB 248 71.08 103.00 -18.98
CA VAL CB 248 70.69 102.14 -17.86
C VAL CB 248 70.46 102.98 -16.62
N LEU CB 249 69.30 102.81 -16.03
CA LEU CB 249 68.90 103.64 -14.91
C LEU CB 249 68.75 102.82 -13.65
N TRP CB 250 69.13 103.42 -12.52
CA TRP CB 250 68.77 102.92 -11.20
C TRP CB 250 67.67 103.84 -10.71
N VAL CB 251 66.49 103.28 -10.49
CA VAL CB 251 65.34 104.06 -10.02
C VAL CB 251 64.99 103.74 -8.58
N VAL CB 252 65.04 104.75 -7.72
CA VAL CB 252 64.84 104.53 -6.31
C VAL CB 252 64.21 105.74 -5.61
N SER CB 253 63.60 105.52 -4.46
CA SER CB 253 62.99 106.61 -3.71
C SER CB 253 63.88 107.12 -2.58
N GLU CB 254 63.97 108.43 -2.41
CA GLU CB 254 64.78 109.02 -1.34
C GLU CB 254 64.06 110.13 -0.60
N TRP CB 255 64.44 110.36 0.65
CA TRP CB 255 63.77 111.36 1.46
C TRP CB 255 64.66 112.55 1.72
N ASN CB 256 64.14 113.75 1.49
CA ASN CB 256 64.81 114.99 1.85
C ASN CB 256 66.26 115.07 1.40
N GLY CB 257 66.45 115.29 0.12
CA GLY CB 257 67.80 115.27 -0.44
C GLY CB 257 68.14 113.88 -0.98
N THR CB 258 69.40 113.72 -1.33
CA THR CB 258 69.88 112.45 -1.85
C THR CB 258 71.20 112.13 -1.20
N THR CB 259 71.53 110.85 -1.14
CA THR CB 259 72.80 110.48 -0.57
C THR CB 259 73.86 110.78 -1.60
N MET CB 260 75.07 111.04 -1.10
CA MET CB 260 76.19 111.38 -1.97
C MET CB 260 77.13 110.19 -2.12
N ASP CB 261 76.84 109.13 -1.36
CA ASP CB 261 77.62 107.90 -1.35
C ASP CB 261 77.02 106.82 -2.25
N TRP CB 262 77.71 106.52 -3.35
CA TRP CB 262 77.25 105.52 -4.31
C TRP CB 262 76.98 104.16 -3.67
N ASN CB 263 77.74 103.82 -2.64
CA ASN CB 263 77.51 102.54 -2.00
C ASN CB 263 76.24 102.50 -1.17
N GLU CB 264 75.94 103.59 -0.47
CA GLU CB 264 74.70 103.69 0.26
C GLU CB 264 73.52 103.62 -0.72
N LEU CB 265 73.67 104.33 -1.84
CA LEU CB 265 72.63 104.40 -2.87
C LEU CB 265 72.17 103.02 -3.30
N PHE CB 266 73.11 102.09 -3.41
CA PHE CB 266 72.77 100.75 -3.87
C PHE CB 266 72.39 99.77 -2.76
N LYS CB 267 72.30 100.28 -1.54
CA LYS CB 267 71.75 99.49 -0.44
C LYS CB 267 70.26 99.78 -0.30
N TYR CB 268 69.76 100.74 -1.07
CA TYR CB 268 68.35 101.08 -1.07
C TYR CB 268 67.60 100.12 -1.96
N PRO CB 269 66.28 99.99 -1.76
CA PRO CB 269 65.44 99.12 -2.60
C PRO CB 269 64.94 99.82 -3.85
N GLY CB 270 65.76 99.76 -4.91
CA GLY CB 270 65.40 100.31 -6.20
C GLY CB 270 65.29 99.25 -7.28
N VAL CB 271 65.10 99.70 -8.52
CA VAL CB 271 64.98 98.79 -9.65
C VAL CB 271 65.80 99.32 -10.81
N TYR CB 272 66.21 98.43 -11.70
CA TYR CB 272 66.99 98.84 -12.86
C TYR CB 272 66.06 99.00 -14.05
N VAL CB 273 66.29 100.02 -14.86
CA VAL CB 273 65.50 100.21 -16.07
C VAL CB 273 66.44 100.37 -17.25
N GLU CB 274 66.33 99.47 -18.23
CA GLU CB 274 67.20 99.46 -19.41
C GLU CB 274 66.38 99.80 -20.66
N GLU CB 275 65.06 99.72 -20.53
CA GLU CB 275 64.17 99.81 -21.68
C GLU CB 275 62.71 100.08 -21.28
N ASP CB 276 61.90 100.47 -22.26
CA ASP CB 276 60.46 100.62 -22.03
C ASP CB 276 59.97 99.49 -21.13
N GLY CB 277 59.17 99.82 -20.13
CA GLY CB 277 58.59 98.82 -19.24
C GLY CB 277 57.90 99.40 -18.01
N SER CB 278 57.33 98.52 -17.18
CA SER CB 278 56.72 98.96 -15.94
C SER CB 278 57.73 98.88 -14.79
N PHE CB 279 57.44 99.52 -13.67
CA PHE CB 279 58.34 99.52 -12.50
C PHE CB 279 57.51 99.67 -11.25
N GLU CB 280 58.02 99.16 -10.12
CA GLU CB 280 57.40 99.40 -8.81
C GLU CB 280 58.50 99.86 -7.86
N VAL CB 281 58.32 101.02 -7.25
CA VAL CB 281 59.30 101.51 -6.28
C VAL CB 281 58.60 101.93 -4.99
N LYS CB 282 59.14 101.50 -3.85
CA LYS CB 282 58.55 101.82 -2.55
C LYS CB 282 58.81 103.29 -2.25
N ILE CB 283 57.77 104.01 -1.80
CA ILE CB 283 57.91 105.38 -1.33
C ILE CB 283 58.64 105.36 0.01
N ARG CB 284 59.81 105.96 0.02
CA ARG CB 284 60.69 105.92 1.17
C ARG CB 284 60.57 107.18 2.04
N SER CB 285 60.29 107.01 3.33
CA SER CB 285 60.10 108.16 4.20
C SER CB 285 60.16 107.76 5.67
N PRO CB 286 60.65 108.66 6.51
CA PRO CB 286 60.76 108.48 7.96
C PRO CB 286 59.41 108.17 8.59
N TYR CB 287 58.34 108.56 7.90
CA TYR CB 287 56.97 108.43 8.39
C TYR CB 287 56.19 107.41 7.57
N HIS CB 288 56.90 106.82 6.60
CA HIS CB 288 56.35 105.82 5.71
C HIS CB 288 55.38 106.41 4.70
N ARG CB 289 55.07 107.69 4.87
CA ARG CB 289 54.16 108.40 3.97
C ARG CB 289 54.81 109.74 3.62
N THR CB 290 54.48 110.30 2.46
CA THR CB 290 54.88 111.66 2.12
C THR CB 290 53.62 112.53 2.10
N PRO CB 291 53.72 113.79 2.52
CA PRO CB 291 52.55 114.66 2.57
C PRO CB 291 52.03 114.97 1.18
N ALA CB 292 50.71 115.15 1.09
CA ALA CB 292 50.01 115.38 -0.16
C ALA CB 292 50.30 116.75 -0.76
N ARG CB 293 50.49 117.75 0.08
CA ARG CB 293 50.80 119.10 -0.40
C ARG CB 293 51.89 119.75 0.45
N LEU CB 294 52.46 120.86 -0.05
CA LEU CB 294 53.53 121.54 0.66
C LEU CB 294 53.05 122.69 1.53
N LEU CB 295 53.85 122.95 2.55
CA LEU CB 295 53.68 124.14 3.37
C LEU CB 295 54.56 125.25 2.81
N ALA CB 296 54.43 126.44 3.38
CA ALA CB 296 55.12 127.60 2.85
C ALA CB 296 56.61 127.41 2.99
N GLY CB 297 57.37 127.73 1.94
CA GLY CB 297 58.82 127.60 1.96
C GLY CB 297 59.37 126.19 1.80
N GLN CB 298 58.50 125.18 1.94
CA GLN CB 298 58.90 123.81 1.65
C GLN CB 298 59.05 123.58 0.15
N SER CB 299 59.81 122.55 -0.20
CA SER CB 299 60.10 122.25 -1.59
C SER CB 299 59.72 120.81 -1.78
N GLN CB 300 59.50 120.39 -3.01
CA GLN CB 300 59.07 119.02 -3.23
C GLN CB 300 60.16 118.01 -2.88
N ARG CB 301 61.42 118.45 -2.89
CA ARG CB 301 62.54 117.53 -2.70
C ARG CB 301 62.82 117.29 -1.21
N ASP CB 302 62.21 118.11 -0.36
CA ASP CB 302 62.35 117.96 1.08
C ASP CB 302 61.55 116.76 1.59
N MET CB 303 60.68 116.24 0.72
CA MET CB 303 59.89 115.08 1.07
C MET CB 303 60.38 113.85 0.31
N SER CB 304 59.44 112.96 0.01
CA SER CB 304 59.72 111.75 -0.76
C SER CB 304 59.73 112.02 -2.26
N SER CB 305 60.79 111.56 -2.92
CA SER CB 305 60.91 111.73 -4.38
C SER CB 305 61.25 110.41 -5.06
N LEU CB 306 60.91 110.33 -6.35
CA LEU CB 306 61.21 109.18 -7.16
C LEU CB 306 62.41 109.58 -7.99
N ASN CB 307 63.57 108.98 -7.68
CA ASN CB 307 64.84 109.40 -8.29
C ASN CB 307 65.33 108.51 -9.42
N PHE CB 308 65.72 109.14 -10.53
CA PHE CB 308 66.22 108.41 -11.66
C PHE CB 308 67.71 108.67 -11.85
N TYR CB 309 68.51 107.65 -11.53
CA TYR CB 309 69.95 107.74 -11.61
C TYR CB 309 70.46 107.06 -12.90
N ALA CB 310 71.10 107.83 -13.76
CA ALA CB 310 71.75 107.23 -14.91
C ALA CB 310 73.08 106.65 -14.45
N ILE CB 311 73.19 105.31 -14.45
CA ILE CB 311 74.38 104.64 -13.95
C ILE CB 311 75.29 104.10 -15.06
N ALA CB 312 74.75 103.98 -16.26
CA ALA CB 312 75.54 103.63 -17.43
C ALA CB 312 74.93 104.30 -18.64
N GLY CB 313 75.63 105.28 -19.19
CA GLY CB 313 75.05 106.03 -20.29
C GLY CB 313 74.35 107.29 -19.80
N PRO CB 314 73.55 107.88 -20.69
CA PRO CB 314 73.24 107.39 -22.02
C PRO CB 314 74.43 107.39 -22.98
N ILE CB 315 74.40 106.48 -23.94
CA ILE CB 315 75.36 106.50 -25.02
C ILE CB 315 74.69 106.59 -26.36
N ALA CB 316 75.40 107.17 -27.33
CA ALA CB 316 74.95 107.23 -28.71
C ALA CB 316 76.16 107.31 -29.61
N PRO CB 317 75.99 107.02 -30.91
CA PRO CB 317 77.10 107.12 -31.86
C PRO CB 317 77.47 108.58 -32.04
N SER CB 318 78.66 108.90 -32.49
CA SER CB 318 78.95 110.31 -32.78
C SER CB 318 78.37 110.56 -34.15
N GLY CB 319 77.95 111.79 -34.44
CA GLY CB 319 77.94 112.87 -33.48
C GLY CB 319 76.48 113.21 -33.22
N GLU CB 320 75.89 112.48 -32.29
CA GLU CB 320 74.56 112.79 -31.84
C GLU CB 320 74.69 113.82 -30.75
N THR CB 321 73.68 114.66 -30.58
CA THR CB 321 73.77 115.73 -29.60
C THR CB 321 72.53 115.79 -28.74
N ALA CB 322 71.44 115.25 -29.27
CA ALA CB 322 70.16 115.23 -28.57
C ALA CB 322 70.27 114.61 -27.17
N GLN CB 323 69.52 115.13 -26.21
CA GLN CB 323 69.40 114.48 -24.91
C GLN CB 323 68.52 113.23 -25.02
N LEU CB 324 68.67 112.29 -24.10
CA LEU CB 324 67.81 111.12 -24.08
C LEU CB 324 66.69 111.38 -23.10
N PRO CB 325 65.44 111.44 -23.59
CA PRO CB 325 64.26 111.69 -22.76
C PRO CB 325 63.63 110.42 -22.19
N ILE CB 326 63.19 110.52 -20.94
CA ILE CB 326 62.46 109.48 -20.24
C ILE CB 326 61.06 110.03 -19.93
N VAL CB 327 60.01 109.35 -20.36
CA VAL CB 327 58.66 109.75 -19.94
C VAL CB 327 58.10 108.79 -18.89
N VAL CB 328 57.77 109.30 -17.72
CA VAL CB 328 57.24 108.44 -16.67
C VAL CB 328 55.73 108.56 -16.55
N GLN CB 329 55.04 107.43 -16.46
CA GLN CB 329 53.61 107.39 -16.16
C GLN CB 329 53.38 106.72 -14.82
N ILE CB 330 52.54 107.33 -13.98
CA ILE CB 330 52.20 106.74 -12.70
C ILE CB 330 50.80 106.17 -12.72
N ASP CB 331 50.69 104.87 -12.47
CA ASP CB 331 49.43 104.16 -12.66
C ASP CB 331 48.65 104.05 -11.36
N GLU CB 332 49.34 103.68 -10.28
CA GLU CB 332 48.68 103.64 -9.00
C GLU CB 332 49.65 103.53 -7.84
N ILE CB 333 49.15 103.80 -6.65
CA ILE CB 333 49.85 103.48 -5.42
C ILE CB 333 49.33 102.12 -4.94
N VAL CB 334 50.15 101.07 -5.11
CA VAL CB 334 49.74 99.73 -4.72
C VAL CB 334 50.08 99.50 -3.26
N ARG CB 335 49.29 98.69 -2.58
CA ARG CB 335 49.53 98.44 -1.17
C ARG CB 335 49.64 99.79 -0.45
N PRO CB 336 48.60 100.62 -0.58
CA PRO CB 336 48.68 102.01 -0.15
C PRO CB 336 48.59 102.17 1.35
N ASP CB 337 49.39 103.08 1.89
CA ASP CB 337 49.27 103.48 3.28
C ASP CB 337 48.77 104.91 3.31
N LEU CB 338 47.45 105.10 3.35
CA LEU CB 338 46.91 106.44 3.25
C LEU CB 338 46.77 107.14 4.60
N SER CB 339 46.86 108.47 4.58
CA SER CB 339 46.53 109.28 5.74
C SER CB 339 45.04 109.44 5.86
N LEU CB 340 44.62 110.18 6.88
CA LEU CB 340 43.21 110.54 6.99
C LEU CB 340 42.85 111.31 5.75
N PRO CB 341 41.57 111.26 5.36
CA PRO CB 341 41.11 112.21 4.34
C PRO CB 341 41.39 113.63 4.86
N SER CB 342 41.70 114.56 3.96
CA SER CB 342 41.93 115.94 4.40
C SER CB 342 40.62 116.64 4.82
N PHE CB 343 39.50 116.23 4.23
CA PHE CB 343 38.20 116.77 4.63
C PHE CB 343 37.25 115.68 5.07
N GLU CB 344 36.38 116.02 6.01
CA GLU CB 344 35.35 115.11 6.44
C GLU CB 344 34.05 115.39 5.69
N ASP CB 345 33.00 114.61 5.95
CA ASP CB 345 31.72 114.88 5.30
C ASP CB 345 31.04 116.04 6.01
N ASP CB 346 31.52 117.24 5.70
CA ASP CB 346 31.15 118.42 6.45
C ASP CB 346 30.99 119.56 5.49
N TYR CB 347 30.61 120.71 6.03
CA TYR CB 347 30.55 121.94 5.25
C TYR CB 347 31.97 122.44 4.94
N PHE CB 348 32.10 123.24 3.90
CA PHE CB 348 33.34 123.98 3.65
C PHE CB 348 32.99 125.34 3.07
N VAL CB 349 33.98 126.24 3.07
CA VAL CB 349 33.71 127.62 2.69
C VAL CB 349 33.54 127.77 1.18
N TRP CB 350 32.42 128.38 0.80
CA TRP CB 350 32.19 128.74 -0.58
C TRP CB 350 32.67 130.17 -0.77
N VAL CB 351 32.11 131.11 -0.02
CA VAL CB 351 32.45 132.51 -0.21
C VAL CB 351 32.22 133.37 1.04
N ASP CB 352 33.09 134.36 1.25
CA ASP CB 352 32.87 135.41 2.25
C ASP CB 352 32.58 136.74 1.56
N PHE CB 353 31.51 137.42 1.97
CA PHE CB 353 31.28 138.80 1.54
C PHE CB 353 31.55 139.74 2.72
N SER CB 354 32.25 140.83 2.44
CA SER CB 354 32.65 141.76 3.49
C SER CB 354 32.83 143.16 2.92
N GLU CB 355 33.08 144.12 3.81
CA GLU CB 355 33.37 145.48 3.40
C GLU CB 355 32.31 146.02 2.44
N PHE CB 356 31.05 145.99 2.87
CA PHE CB 356 29.94 146.46 2.05
C PHE CB 356 29.92 147.97 1.96
N THR CB 357 29.72 148.52 0.76
CA THR CB 357 29.73 149.97 0.59
C THR CB 357 28.33 150.55 0.49
N LEU CB 358 27.39 149.72 0.05
CA LEU CB 358 26.00 150.11 -0.05
C LEU CB 358 25.12 149.29 0.91
N ASP CB 359 24.08 149.92 1.44
CA ASP CB 359 23.15 149.21 2.31
C ASP CB 359 22.33 148.22 1.50
N LYS CB 360 21.97 148.57 0.27
CA LYS CB 360 21.23 147.65 -0.59
C LYS CB 360 22.21 146.86 -1.45
N GLU CB 361 22.25 145.55 -1.23
CA GLU CB 361 23.14 144.66 -1.96
C GLU CB 361 22.36 143.42 -2.38
N GLU CB 362 22.54 142.98 -3.62
CA GLU CB 362 21.85 141.78 -4.07
C GLU CB 362 22.77 140.88 -4.86
N ILE CB 363 23.06 139.72 -4.30
CA ILE CB 363 23.99 138.76 -4.88
C ILE CB 363 23.22 137.67 -5.62
N GLU CB 364 23.32 137.66 -6.95
CA GLU CB 364 22.64 136.63 -7.75
C GLU CB 364 23.47 135.36 -7.84
N ILE CB 365 22.83 134.24 -7.50
CA ILE CB 365 23.48 132.95 -7.56
C ILE CB 365 22.90 132.14 -8.72
N GLY CB 366 21.57 132.10 -8.79
CA GLY CB 366 20.86 131.39 -9.84
C GLY CB 366 20.87 129.90 -9.59
N SER CB 367 21.49 129.16 -10.49
CA SER CB 367 21.59 127.72 -10.31
C SER CB 367 23.03 127.26 -10.40
N ARG CB 368 23.97 128.18 -10.21
CA ARG CB 368 25.39 127.88 -10.42
C ARG CB 368 26.22 127.87 -9.15
N PHE CB 369 27.28 127.08 -9.17
CA PHE CB 369 28.32 127.19 -8.17
C PHE CB 369 29.52 127.78 -8.88
N PHE CB 370 29.93 128.98 -8.49
CA PHE CB 370 30.92 129.71 -9.28
C PHE CB 370 31.63 130.78 -8.47
N ASP CB 371 32.55 131.50 -9.11
CA ASP CB 371 33.30 132.59 -8.45
C ASP CB 371 32.56 133.93 -8.58
N PHE CB 372 32.32 134.58 -7.46
CA PHE CB 372 31.59 135.85 -7.46
C PHE CB 372 32.50 137.03 -7.74
N THR CB 373 31.92 138.12 -8.25
CA THR CB 373 32.64 139.41 -8.33
C THR CB 373 31.68 140.52 -7.92
N SER CB 374 32.22 141.57 -7.30
CA SER CB 374 31.39 142.70 -6.92
C SER CB 374 32.17 144.01 -6.98
N ASN CB 375 31.47 145.06 -7.40
CA ASN CB 375 32.04 146.40 -7.44
C ASN CB 375 31.72 147.12 -6.15
N THR CB 376 30.76 146.59 -5.40
CA THR CB 376 30.23 147.27 -4.23
C THR CB 376 30.63 146.62 -2.90
N CYS CB 377 31.28 145.46 -2.98
CA CYS CB 377 31.79 144.79 -1.78
C CYS CB 377 32.94 143.84 -2.09
N ARG CB 378 33.56 143.35 -1.01
CA ARG CB 378 34.72 142.47 -1.14
C ARG CB 378 34.32 141.02 -1.15
N VAL CB 379 34.65 140.35 -2.26
CA VAL CB 379 34.42 138.91 -2.36
C VAL CB 379 35.69 138.12 -2.07
N SER CB 380 35.59 137.14 -1.19
CA SER CB 380 36.72 136.25 -0.90
C SER CB 380 36.28 134.82 -1.14
N MET CB 381 36.79 134.21 -2.19
CA MET CB 381 36.36 132.88 -2.56
C MET CB 381 37.12 131.79 -1.78
N GLY CB 382 36.45 130.68 -1.49
CA GLY CB 382 37.11 129.56 -0.83
C GLY CB 382 37.84 128.70 -1.83
N GLU CB 383 38.96 128.12 -1.41
CA GLU CB 383 39.68 127.15 -2.25
C GLU CB 383 39.73 125.79 -1.54
N ASN CB 384 39.08 124.80 -2.16
CA ASN CB 384 39.03 123.44 -1.62
C ASN CB 384 38.84 122.42 -2.74
N PRO CB 385 38.99 121.13 -2.42
CA PRO CB 385 38.89 120.11 -3.47
C PRO CB 385 37.58 120.17 -4.23
N PHE CB 386 36.47 120.44 -3.54
CA PHE CB 386 35.21 120.48 -4.26
C PHE CB 386 35.23 121.53 -5.39
N ALA CB 387 35.71 122.72 -5.08
CA ALA CB 387 35.78 123.81 -6.08
C ALA CB 387 36.68 123.43 -7.24
N ALA CB 388 37.80 122.74 -6.93
CA ALA CB 388 38.69 122.23 -7.95
C ALA CB 388 38.02 121.18 -8.82
N MET CB 389 37.27 120.25 -8.20
CA MET CB 389 36.51 119.27 -8.99
C MET CB 389 35.51 119.90 -9.94
N ILE CB 390 34.85 120.96 -9.49
CA ILE CB 390 33.96 121.72 -10.36
C ILE CB 390 34.71 122.27 -11.57
N ALA CB 391 35.95 122.72 -11.32
CA ALA CB 391 36.78 123.34 -12.33
C ALA CB 391 37.38 122.35 -13.28
N CYS CB 392 37.51 121.11 -12.83
CA CYS CB 392 38.23 120.10 -13.60
C CYS CB 392 37.30 119.13 -14.30
N HIS CB 393 36.03 119.50 -14.43
CA HIS CB 393 35.09 118.72 -15.22
C HIS CB 393 34.30 119.63 -16.16
N GLY CB 394 33.89 119.07 -17.28
CA GLY CB 394 33.13 119.80 -18.28
C GLY CB 394 31.75 120.15 -17.76
N LEU CB 395 31.09 119.19 -17.11
CA LEU CB 395 29.75 119.37 -16.55
C LEU CB 395 29.63 118.83 -15.13
N HIS CB 396 28.71 119.39 -14.35
CA HIS CB 396 28.45 118.88 -13.01
C HIS CB 396 26.98 119.08 -12.68
N SER CB 397 26.51 118.41 -11.64
CA SER CB 397 25.12 118.52 -11.22
C SER CB 397 24.90 117.95 -9.83
N GLY CB 398 24.07 118.62 -9.04
CA GLY CB 398 23.83 118.15 -7.69
C GLY CB 398 23.10 119.15 -6.83
N VAL CB 399 23.02 118.86 -5.54
CA VAL CB 399 22.40 119.79 -4.62
C VAL CB 399 23.34 120.16 -3.50
N LEU CB 400 23.42 121.46 -3.20
CA LEU CB 400 24.27 121.97 -2.11
C LEU CB 400 23.43 122.43 -0.95
N ASP CB 401 23.76 121.96 0.25
CA ASP CB 401 23.16 122.52 1.45
C ASP CB 401 24.00 123.73 1.85
N LEU CB 402 23.35 124.86 2.09
CA LEU CB 402 24.07 126.07 2.46
C LEU CB 402 23.84 126.41 3.93
N LYS CB 403 24.90 126.90 4.56
CA LYS CB 403 24.79 127.54 5.86
C LYS CB 403 25.26 128.96 5.67
N LEU CB 404 24.43 129.92 6.07
CA LEU CB 404 24.84 131.31 6.07
C LEU CB 404 25.12 131.76 7.50
N GLN CB 405 26.27 132.42 7.71
CA GLN CB 405 26.59 133.00 9.01
C GLN CB 405 26.98 134.46 8.85
N TRP CB 406 26.62 135.31 9.79
CA TRP CB 406 27.09 136.69 9.70
C TRP CB 406 27.30 137.35 11.06
N SER CB 407 28.20 138.32 11.11
CA SER CB 407 28.43 139.09 12.34
C SER CB 407 28.10 140.55 12.08
N LEU CB 408 27.75 141.29 13.14
CA LEU CB 408 27.37 142.69 12.96
C LEU CB 408 28.53 143.68 12.97
N ASN CB 409 28.37 144.75 12.19
CA ASN CB 409 29.31 145.87 12.14
C ASN CB 409 28.90 147.02 13.07
N THR CB 410 27.58 147.22 13.20
CA THR CB 410 27.01 148.21 14.11
C THR CB 410 26.66 147.59 15.45
N GLU CB 411 26.18 148.41 16.39
CA GLU CB 411 25.77 147.89 17.69
C GLU CB 411 24.50 147.03 17.55
N PHE CB 412 24.48 145.90 18.27
CA PHE CB 412 23.39 144.95 18.17
C PHE CB 412 22.04 145.61 18.44
N GLY CB 413 22.01 146.51 19.42
CA GLY CB 413 20.78 147.17 19.84
C GLY CB 413 20.20 148.07 18.76
N LYS CB 414 21.03 148.46 17.80
CA LYS CB 414 20.64 149.39 16.76
C LYS CB 414 20.25 148.66 15.47
N SER CB 415 20.51 147.35 15.44
CA SER CB 415 20.36 146.57 14.23
C SER CB 415 18.91 146.46 13.71
N SER CB 416 18.78 146.37 12.39
CA SER CB 416 17.48 146.19 11.74
C SER CB 416 17.72 145.49 10.42
N GLY CB 417 16.64 145.10 9.75
CA GLY CB 417 16.77 144.52 8.44
C GLY CB 417 16.96 143.01 8.45
N SER CB 418 17.45 142.49 7.31
CA SER CB 418 17.44 141.05 7.07
C SER CB 418 18.43 140.58 6.02
N VAL CB 419 18.82 139.31 6.14
CA VAL CB 419 19.40 138.55 5.04
C VAL CB 419 18.25 137.77 4.44
N THR CB 420 17.89 138.08 3.20
CA THR CB 420 16.76 137.41 2.58
C THR CB 420 17.25 136.49 1.48
N ILE CB 421 16.75 135.26 1.46
CA ILE CB 421 17.09 134.35 0.39
C ILE CB 421 15.90 134.26 -0.56
N THR CB 422 16.06 134.83 -1.75
CA THR CB 422 15.02 134.71 -2.76
C THR CB 422 15.16 133.39 -3.53
N LYS CB 423 14.09 132.60 -3.54
CA LYS CB 423 14.09 131.35 -4.30
C LYS CB 423 12.98 131.36 -5.35
N LEU CB 424 13.38 131.30 -6.62
CA LEU CB 424 12.43 131.30 -7.73
C LEU CB 424 12.59 130.08 -8.60
N VAL CB 425 11.64 129.91 -9.52
CA VAL CB 425 11.82 128.98 -10.63
C VAL CB 425 11.63 129.80 -11.89
N GLY CB 426 12.69 129.94 -12.66
CA GLY CB 426 12.66 130.80 -13.83
C GLY CB 426 13.76 131.84 -13.71
N ASP CB 427 13.36 133.11 -13.67
CA ASP CB 427 14.29 134.21 -13.47
C ASP CB 427 13.61 135.34 -12.70
N LYS CB 428 14.36 136.38 -12.41
CA LYS CB 428 13.83 137.49 -11.63
C LYS CB 428 12.58 138.06 -12.31
N ALA CB 429 12.56 138.06 -13.63
CA ALA CB 429 11.52 138.73 -14.40
C ALA CB 429 10.17 138.00 -14.52
N MET CB 430 10.20 136.68 -14.71
CA MET CB 430 8.99 135.92 -15.02
C MET CB 430 8.83 134.68 -14.17
N GLY CB 431 9.61 134.59 -13.10
CA GLY CB 431 9.71 133.38 -12.31
C GLY CB 431 8.55 133.11 -11.38
N LEU CB 432 8.52 131.87 -10.90
CA LEU CB 432 7.55 131.44 -9.92
C LEU CB 432 8.21 131.50 -8.53
N ASP CB 433 7.40 131.68 -7.50
CA ASP CB 433 7.94 131.83 -6.15
C ASP CB 433 8.06 130.52 -5.38
N GLY CB 434 9.28 130.21 -4.96
CA GLY CB 434 9.56 129.01 -4.20
C GLY CB 434 9.71 129.28 -2.72
N PRO CB 435 10.57 128.51 -2.06
CA PRO CB 435 10.80 128.63 -0.61
C PRO CB 435 11.75 129.78 -0.29
N SER CB 436 11.38 130.98 -0.72
CA SER CB 436 12.09 132.20 -0.34
C SER CB 436 12.00 132.34 1.17
N HIS CB 437 12.93 133.09 1.75
CA HIS CB 437 13.12 132.98 3.18
C HIS CB 437 13.68 134.28 3.72
N VAL CB 438 13.05 134.84 4.75
CA VAL CB 438 13.51 136.08 5.35
C VAL CB 438 14.14 135.84 6.72
N PHE CB 439 15.45 136.04 6.80
CA PHE CB 439 16.16 135.92 8.07
C PHE CB 439 16.36 137.30 8.67
N ALA CB 440 15.62 137.62 9.72
CA ALA CB 440 15.88 138.88 10.42
C ALA CB 440 17.36 138.91 10.77
N ILE CB 441 18.00 140.07 10.58
CA ILE CB 441 19.44 140.18 10.76
C ILE CB 441 19.91 139.68 12.13
N GLN CB 442 19.05 139.81 13.14
CA GLN CB 442 19.39 139.37 14.49
C GLN CB 442 19.52 137.86 14.65
N LYS CB 443 18.99 137.08 13.71
CA LYS CB 443 19.19 135.61 13.74
C LYS CB 443 20.68 135.25 13.62
N LEU CB 444 21.41 136.02 12.82
CA LEU CB 444 22.86 135.90 12.74
C LEU CB 444 23.29 134.63 12.02
N GLU CB 445 22.33 133.88 11.51
CA GLU CB 445 22.58 132.68 10.71
C GLU CB 445 21.31 132.14 10.05
N GLY CB 446 21.49 131.36 8.99
CA GLY CB 446 20.38 130.76 8.29
C GLY CB 446 20.81 129.62 7.39
N THR CB 447 19.84 128.81 6.97
CA THR CB 447 20.15 127.69 6.09
C THR CB 447 19.24 127.64 4.86
N THR CB 448 19.73 127.04 3.78
CA THR CB 448 18.93 126.86 2.58
C THR CB 448 19.56 125.77 1.71
N GLU CB 449 18.81 125.26 0.74
CA GLU CB 449 19.36 124.33 -0.24
C GLU CB 449 19.58 125.09 -1.54
N LEU CB 450 20.53 124.65 -2.37
CA LEU CB 450 20.72 125.23 -3.70
C LEU CB 450 20.81 124.12 -4.73
N LEU CB 451 19.92 124.16 -5.73
CA LEU CB 451 20.03 123.24 -6.84
C LEU CB 451 21.09 123.74 -7.82
N VAL CB 452 22.14 122.95 -7.99
CA VAL CB 452 23.16 123.24 -9.00
C VAL CB 452 22.89 122.35 -10.19
N GLY CB 453 22.21 122.92 -11.19
CA GLY CB 453 21.74 122.18 -12.35
C GLY CB 453 20.66 122.95 -13.10
N ASN CB 454 19.92 122.25 -13.94
CA ASN CB 454 18.88 122.87 -14.75
C ASN CB 454 18.08 121.83 -15.49
N PHE CB 455 17.09 122.26 -16.28
CA PHE CB 455 16.21 121.32 -16.96
C PHE CB 455 16.95 120.30 -17.82
N ALA CB 456 18.09 120.68 -18.37
CA ALA CB 456 18.87 119.78 -19.22
C ALA CB 456 19.60 118.70 -18.42
N GLY CB 457 19.95 119.01 -17.18
CA GLY CB 457 20.50 118.03 -16.26
C GLY CB 457 21.86 118.32 -15.64
N ALA CB 458 22.60 119.28 -16.19
CA ALA CB 458 23.95 119.57 -15.71
C ALA CB 458 24.41 120.96 -16.10
N ASN CB 459 25.39 121.50 -15.38
CA ASN CB 459 25.90 122.83 -15.66
C ASN CB 459 27.29 122.73 -16.21
N PRO CB 460 27.61 123.54 -17.24
CA PRO CB 460 28.98 123.74 -17.70
C PRO CB 460 29.70 124.65 -16.71
N ASN CB 461 31.02 124.72 -16.81
CA ASN CB 461 31.76 125.56 -15.87
C ASN CB 461 31.97 126.93 -16.48
N THR CB 462 30.91 127.44 -17.11
CA THR CB 462 30.90 128.76 -17.71
C THR CB 462 29.55 129.40 -17.43
N ARG CB 463 29.33 130.62 -17.91
CA ARG CB 463 28.00 131.22 -17.84
C ARG CB 463 27.18 130.56 -18.96
N PHE CB 464 25.91 130.32 -18.67
CA PHE CB 464 24.99 129.67 -19.59
C PHE CB 464 23.59 130.15 -19.20
N SER CB 465 22.63 129.97 -20.09
CA SER CB 465 21.26 130.34 -19.77
C SER CB 465 20.33 129.16 -20.02
N LEU CB 466 20.01 128.40 -18.98
CA LEU CB 466 19.08 127.29 -19.13
C LEU CB 466 18.07 127.29 -17.99
N TYR CB 467 16.78 127.29 -18.34
CA TYR CB 467 15.68 127.34 -17.37
C TYR CB 467 15.93 126.43 -16.17
N SER CB 468 15.91 127.01 -14.97
CA SER CB 468 16.11 126.22 -13.75
C SER CB 468 15.58 126.96 -12.55
N ARG CB 469 15.81 126.43 -11.36
CA ARG CB 469 15.54 127.18 -10.15
C ARG CB 469 16.55 128.32 -10.04
N TRP CB 470 16.21 129.34 -9.26
CA TRP CB 470 16.99 130.57 -9.26
C TRP CB 470 17.08 131.12 -7.85
N MET CB 471 18.30 131.42 -7.40
CA MET CB 471 18.53 131.89 -6.04
C MET CB 471 19.26 133.22 -5.97
N ALA CB 472 18.92 134.02 -4.96
CA ALA CB 472 19.63 135.28 -4.76
C ALA CB 472 19.67 135.61 -3.27
N ILE CB 473 20.74 136.25 -2.83
CA ILE CB 473 20.82 136.76 -1.47
C ILE CB 473 20.61 138.27 -1.52
N LYS CB 474 19.69 138.77 -0.71
CA LYS CB 474 19.32 140.19 -0.70
C LYS CB 474 19.57 140.82 0.67
N LEU CB 475 20.52 141.75 0.70
CA LEU CB 475 20.81 142.51 1.91
C LEU CB 475 20.14 143.87 1.85
N ASP CB 476 19.52 144.31 2.94
CA ASP CB 476 18.90 145.64 2.95
C ASP CB 476 19.61 146.61 3.92
N GLN CB 477 20.48 146.06 4.76
CA GLN CB 477 21.24 146.82 5.72
C GLN CB 477 22.66 146.31 5.73
N ALA CB 478 23.21 146.16 4.52
CA ALA CB 478 24.48 145.47 4.36
C ALA CB 478 25.65 146.15 5.10
N LYS CB 479 25.59 147.46 5.25
CA LYS CB 479 26.64 148.17 5.97
C LYS CB 479 26.67 147.81 7.45
N SER CB 480 25.61 147.16 7.95
CA SER CB 480 25.56 146.70 9.33
C SER CB 480 26.15 145.30 9.48
N ILE CB 481 26.64 144.72 8.39
CA ILE CB 481 27.23 143.39 8.42
C ILE CB 481 28.76 143.43 8.26
N LYS CB 482 29.49 142.86 9.21
CA LYS CB 482 30.93 142.84 9.10
C LYS CB 482 31.40 141.76 8.13
N VAL CB 483 30.71 140.62 8.15
CA VAL CB 483 30.98 139.55 7.20
C VAL CB 483 29.78 138.62 7.02
N LEU CB 484 29.52 138.25 5.77
CA LEU CB 484 28.51 137.25 5.46
C LEU CB 484 29.25 136.06 4.89
N ARG CB 485 29.28 134.96 5.63
CA ARG CB 485 29.96 133.77 5.18
C ARG CB 485 28.97 132.73 4.66
N VAL CB 486 29.25 132.16 3.50
CA VAL CB 486 28.42 131.07 2.97
C VAL CB 486 29.19 129.75 2.88
N LEU CB 487 28.77 128.77 3.68
CA LEU CB 487 29.34 127.42 3.63
C LEU CB 487 28.40 126.50 2.87
N CYS CB 488 28.97 125.49 2.21
CA CYS CB 488 28.15 124.50 1.52
C CYS CB 488 28.64 123.09 1.82
N LYS CB 489 27.73 122.12 1.64
CA LYS CB 489 27.97 120.70 1.88
C LYS CB 489 27.18 119.92 0.84
N PRO CB 490 27.88 119.34 -0.14
CA PRO CB 490 27.20 118.65 -1.23
C PRO CB 490 26.40 117.45 -0.73
N ARG CB 491 25.14 117.35 -1.13
CA ARG CB 491 24.34 116.16 -0.86
C ARG CB 491 24.88 115.00 -1.67
N PRO CB 492 24.76 113.79 -1.12
CA PRO CB 492 25.31 112.58 -1.72
C PRO CB 492 24.87 112.48 -3.17
N GLY CB 493 25.80 112.10 -4.05
CA GLY CB 493 25.47 111.93 -5.45
C GLY CB 493 25.72 113.16 -6.28
N PHE CB 494 26.49 114.10 -5.75
CA PHE CB 494 26.88 115.25 -6.56
C PHE CB 494 27.82 114.75 -7.66
N SER CB 495 27.45 114.99 -8.91
CA SER CB 495 28.07 114.31 -10.04
C SER CB 495 28.89 115.20 -10.96
N PHE CB 496 29.97 114.63 -11.49
CA PHE CB 496 30.85 115.34 -12.41
C PHE CB 496 30.96 114.55 -13.69
N TYR CB 497 30.97 115.25 -14.81
CA TYR CB 497 31.07 114.62 -16.12
C TYR CB 497 32.25 115.14 -16.94
N GLY CB 498 33.00 114.22 -17.53
CA GLY CB 498 34.11 114.56 -18.42
C GLY CB 498 35.31 115.25 -17.78
N ARG CB 499 36.28 114.46 -17.31
CA ARG CB 499 37.47 115.03 -16.69
C ARG CB 499 38.24 115.90 -17.67
N THR CB 500 38.69 117.05 -17.17
CA THR CB 500 39.46 118.02 -17.95
C THR CB 500 40.35 118.87 -17.03
N SER CB 501 40.80 120.03 -17.51
CA SER CB 501 41.66 120.87 -16.68
C SER CB 501 41.21 122.31 -16.76
N PHE CB 502 41.87 123.16 -15.97
CA PHE CB 502 41.46 124.54 -15.83
C PHE CB 502 42.64 125.44 -15.50
N PRO CB 503 43.25 126.03 -16.54
CA PRO CB 503 44.35 126.97 -16.36
C PRO CB 503 43.87 128.35 -15.91
N VAL CB 504 44.51 128.91 -14.88
CA VAL CB 504 44.29 130.30 -14.47
C VAL CB 504 45.62 131.05 -14.21
N GLY DB 1 105.74 -9.71 -42.18
CA GLY DB 1 106.41 -10.69 -43.00
C GLY DB 1 107.92 -10.69 -42.84
N LEU DB 2 108.58 -11.73 -43.36
CA LEU DB 2 110.04 -11.75 -43.32
C LEU DB 2 110.65 -10.55 -44.06
N ALA DB 3 111.47 -9.79 -43.35
CA ALA DB 3 111.93 -8.51 -43.88
C ALA DB 3 113.40 -8.56 -44.25
N GLY DB 4 114.15 -9.37 -43.52
CA GLY DB 4 115.57 -9.52 -43.79
C GLY DB 4 116.12 -10.73 -43.06
N ARG DB 5 117.32 -11.15 -43.42
CA ARG DB 5 117.93 -12.33 -42.81
C ARG DB 5 119.44 -12.29 -42.86
N GLY DB 6 120.07 -13.18 -42.10
CA GLY DB 6 121.51 -13.20 -41.96
C GLY DB 6 121.94 -14.49 -41.31
N VAL DB 7 123.24 -14.75 -41.32
CA VAL DB 7 123.73 -16.01 -40.79
C VAL DB 7 124.85 -15.78 -39.80
N ILE DB 8 124.79 -16.46 -38.66
CA ILE DB 8 125.87 -16.42 -37.70
C ILE DB 8 126.55 -17.77 -37.73
N TYR DB 9 127.87 -17.72 -37.76
CA TYR DB 9 128.62 -18.94 -37.92
C TYR DB 9 129.30 -19.31 -36.60
N ILE DB 10 128.89 -20.45 -36.04
CA ILE DB 10 129.41 -20.94 -34.78
C ILE DB 10 130.51 -21.99 -35.00
N PRO DB 11 131.67 -21.80 -34.34
CA PRO DB 11 132.75 -22.78 -34.50
C PRO DB 11 132.52 -24.01 -33.60
N LYS DB 12 133.17 -25.13 -33.92
CA LYS DB 12 132.94 -26.33 -33.13
C LYS DB 12 133.37 -26.17 -31.67
N ASP DB 13 134.44 -25.41 -31.42
CA ASP DB 13 134.80 -25.05 -30.05
C ASP DB 13 134.38 -23.59 -29.70
N CYS DB 14 133.14 -23.42 -29.26
CA CYS DB 14 132.65 -22.10 -28.89
C CYS DB 14 132.89 -21.86 -27.40
N GLN DB 15 133.89 -21.03 -27.09
CA GLN DB 15 134.31 -20.77 -25.72
C GLN DB 15 133.72 -19.49 -25.24
N ALA DB 16 133.79 -19.24 -23.94
CA ALA DB 16 133.31 -17.97 -23.42
C ALA DB 16 134.09 -16.81 -24.05
N ASN DB 17 133.36 -15.76 -24.39
CA ASN DB 17 133.89 -14.49 -24.89
C ASN DB 17 134.19 -14.47 -26.39
N ARG DB 18 133.78 -15.52 -27.08
CA ARG DB 18 133.99 -15.65 -28.51
C ARG DB 18 133.11 -14.71 -29.31
N TYR DB 19 133.74 -13.88 -30.13
CA TYR DB 19 132.98 -13.05 -31.05
C TYR DB 19 132.52 -13.87 -32.27
N LEU DB 20 131.22 -13.89 -32.52
CA LEU DB 20 130.66 -14.78 -33.54
C LEU DB 20 130.37 -14.01 -34.83
N GLY DB 21 130.10 -12.73 -34.71
CA GLY DB 21 129.83 -11.87 -35.84
C GLY DB 21 128.86 -10.75 -35.57
N THR DB 22 128.76 -9.84 -36.54
CA THR DB 22 127.81 -8.74 -36.44
C THR DB 22 126.94 -8.70 -37.67
N LEU DB 23 125.64 -8.53 -37.47
CA LEU DB 23 124.75 -8.36 -38.60
C LEU DB 23 124.37 -6.91 -38.64
N ASN DB 24 124.32 -6.34 -39.84
CA ASN DB 24 123.87 -4.97 -40.01
C ASN DB 24 122.36 -4.92 -40.36
N ILE DB 25 121.54 -4.41 -39.45
CA ILE DB 25 120.08 -4.53 -39.59
C ILE DB 25 119.62 -3.98 -40.92
N ARG DB 26 120.22 -2.89 -41.37
CA ARG DB 26 119.67 -2.31 -42.59
C ARG DB 26 120.10 -3.13 -43.80
N ASP DB 27 121.32 -3.64 -43.77
CA ASP DB 27 121.81 -4.53 -44.82
C ASP DB 27 121.02 -5.85 -44.89
N MET DB 28 120.60 -6.40 -43.75
CA MET DB 28 119.76 -7.59 -43.75
C MET DB 28 118.51 -7.36 -44.56
N ILE DB 29 117.89 -6.19 -44.42
CA ILE DB 29 116.66 -5.88 -45.12
C ILE DB 29 116.93 -5.54 -46.59
N SER DB 30 118.02 -4.86 -46.88
CA SER DB 30 118.29 -4.44 -48.26
C SER DB 30 118.90 -5.54 -49.11
N ASP DB 31 119.65 -6.46 -48.50
CA ASP DB 31 120.22 -7.57 -49.27
C ASP DB 31 119.13 -8.57 -49.63
N PHE DB 32 118.14 -8.66 -48.75
CA PHE DB 32 117.03 -9.56 -48.95
C PHE DB 32 116.16 -9.03 -50.08
N LYS DB 33 115.58 -7.84 -49.88
CA LYS DB 33 115.10 -7.02 -51.00
C LYS DB 33 113.97 -7.62 -51.85
N GLY DB 34 112.95 -8.25 -51.27
CA GLY DB 34 112.38 -7.96 -49.98
C GLY DB 34 111.05 -7.27 -50.30
N VAL DB 35 109.90 -7.86 -49.99
CA VAL DB 35 108.65 -7.11 -50.12
C VAL DB 35 108.66 -5.92 -49.17
N GLN DB 36 109.19 -6.14 -47.96
CA GLN DB 36 109.28 -5.09 -46.96
C GLN DB 36 110.28 -4.01 -47.36
N TYR DB 37 111.42 -4.41 -47.93
CA TYR DB 37 112.41 -3.46 -48.42
C TYR DB 37 111.79 -2.53 -49.44
N GLU DB 38 111.00 -3.08 -50.34
CA GLU DB 38 110.39 -2.25 -51.37
C GLU DB 38 109.29 -1.34 -50.81
N LYS DB 39 108.57 -1.78 -49.79
CA LYS DB 39 107.60 -0.91 -49.12
C LYS DB 39 108.34 0.25 -48.45
N TRP DB 40 109.57 -0.03 -48.02
CA TRP DB 40 110.41 0.94 -47.31
C TRP DB 40 110.82 2.10 -48.23
N ILE DB 41 111.31 1.78 -49.41
CA ILE DB 41 111.66 2.79 -50.41
C ILE DB 41 110.55 3.80 -50.62
N THR DB 42 109.29 3.34 -50.59
CA THR DB 42 108.17 4.24 -50.82
C THR DB 42 107.85 5.08 -49.58
N ALA DB 43 107.96 4.46 -48.42
CA ALA DB 43 107.70 5.14 -47.18
C ALA DB 43 108.73 6.25 -46.94
N GLY DB 44 109.98 5.98 -47.32
CA GLY DB 44 111.09 6.86 -46.98
C GLY DB 44 111.60 6.58 -45.58
N LEU DB 45 110.77 6.90 -44.58
CA LEU DB 45 111.11 6.68 -43.18
C LEU DB 45 110.29 5.56 -42.55
N VAL DB 46 110.94 4.67 -41.80
CA VAL DB 46 110.20 3.63 -41.08
C VAL DB 46 110.61 3.60 -39.59
N MET DB 47 109.67 3.32 -38.69
CA MET DB 47 109.97 3.17 -37.26
C MET DB 47 109.54 1.81 -36.77
N PRO DB 48 110.12 0.74 -37.33
CA PRO DB 48 109.57 -0.61 -37.24
C PRO DB 48 109.40 -1.14 -35.84
N THR DB 49 108.46 -2.06 -35.66
CA THR DB 49 108.53 -2.96 -34.54
C THR DB 49 108.97 -4.30 -35.10
N PHE DB 50 110.21 -4.69 -34.81
CA PHE DB 50 110.77 -5.95 -35.32
C PHE DB 50 110.45 -7.11 -34.40
N LYS DB 51 110.25 -8.28 -34.99
CA LYS DB 51 110.37 -9.53 -34.26
C LYS DB 51 111.67 -10.14 -34.76
N ILE DB 52 112.63 -10.35 -33.87
CA ILE DB 52 113.86 -11.03 -34.26
C ILE DB 52 113.71 -12.48 -33.88
N VAL DB 53 114.08 -13.36 -34.81
CA VAL DB 53 114.04 -14.79 -34.55
C VAL DB 53 115.40 -15.40 -34.89
N ILE DB 54 115.97 -16.12 -33.93
CA ILE DB 54 117.22 -16.80 -34.18
C ILE DB 54 116.96 -18.28 -34.23
N ARG DB 55 117.17 -18.88 -35.39
CA ARG DB 55 116.93 -20.31 -35.57
C ARG DB 55 118.19 -21.13 -35.34
N LEU DB 56 118.02 -22.18 -34.57
CA LEU DB 56 119.04 -22.61 -33.64
C LEU DB 56 118.55 -23.96 -33.16
N PRO DB 57 119.33 -25.02 -33.37
CA PRO DB 57 118.85 -26.35 -32.98
C PRO DB 57 118.97 -26.52 -31.46
N ALA DB 58 117.84 -26.80 -30.81
CA ALA DB 58 117.83 -26.94 -29.35
C ALA DB 58 118.72 -28.08 -28.89
N ASN DB 59 119.50 -27.85 -27.84
CA ASN DB 59 120.36 -28.90 -27.33
C ASN DB 59 120.68 -28.74 -25.85
N ALA DB 60 120.39 -29.77 -25.06
CA ALA DB 60 120.62 -29.66 -23.61
C ALA DB 60 121.98 -30.20 -23.18
N PHE DB 61 122.83 -30.53 -24.13
CA PHE DB 61 124.07 -31.21 -23.79
C PHE DB 61 125.34 -30.40 -24.02
N THR DB 62 125.21 -29.08 -24.14
CA THR DB 62 126.36 -28.27 -24.48
C THR DB 62 126.69 -27.26 -23.41
N GLY DB 63 125.68 -26.63 -22.84
CA GLY DB 63 125.91 -25.58 -21.85
C GLY DB 63 126.08 -24.19 -22.47
N LEU DB 64 125.98 -24.13 -23.80
CA LEU DB 64 126.17 -22.90 -24.55
C LEU DB 64 125.10 -21.87 -24.25
N THR DB 65 125.55 -20.65 -23.96
CA THR DB 65 124.65 -19.50 -23.88
C THR DB 65 125.27 -18.35 -24.66
N TRP DB 66 124.48 -17.73 -25.53
CA TRP DB 66 124.95 -16.62 -26.34
C TRP DB 66 124.25 -15.32 -25.94
N VAL DB 67 124.81 -14.18 -26.34
CA VAL DB 67 124.16 -12.90 -26.13
C VAL DB 67 123.99 -12.18 -27.46
N MET DB 68 122.77 -11.78 -27.76
CA MET DB 68 122.50 -10.87 -28.86
C MET DB 68 122.45 -9.49 -28.27
N SER DB 69 123.29 -8.59 -28.79
CA SER DB 69 123.39 -7.22 -28.29
C SER DB 69 122.92 -6.25 -29.37
N PHE DB 70 121.91 -5.44 -29.04
CA PHE DB 70 121.36 -4.45 -29.97
C PHE DB 70 122.14 -3.15 -29.83
N ASP DB 71 123.01 -2.91 -30.79
CA ASP DB 71 123.88 -1.75 -30.74
C ASP DB 71 123.48 -0.73 -31.81
N ALA DB 72 122.42 0.01 -31.57
CA ALA DB 72 121.88 0.85 -32.64
C ALA DB 72 122.83 1.99 -33.03
N TYR DB 73 123.74 2.33 -32.13
CA TYR DB 73 124.58 3.49 -32.37
C TYR DB 73 126.05 3.13 -32.48
N ASN DB 74 126.29 1.85 -32.71
CA ASN DB 74 127.61 1.35 -33.03
C ASN DB 74 128.65 1.70 -31.97
N ARG DB 75 128.31 1.45 -30.71
CA ARG DB 75 129.15 1.94 -29.59
C ARG DB 75 130.12 0.89 -29.04
N ILE DB 76 129.74 -0.38 -29.12
CA ILE DB 76 130.65 -1.43 -28.64
C ILE DB 76 131.38 -2.26 -29.70
N THR DB 77 131.04 -2.10 -30.97
CA THR DB 77 131.66 -2.89 -32.06
C THR DB 77 133.19 -2.98 -32.02
N SER DB 78 133.84 -1.82 -32.13
CA SER DB 78 135.29 -1.69 -32.11
C SER DB 78 135.99 -2.57 -31.05
N ARG DB 79 135.36 -2.74 -29.91
CA ARG DB 79 136.01 -3.35 -28.76
C ARG DB 79 135.70 -4.84 -28.56
N ILE DB 80 134.84 -5.42 -29.39
CA ILE DB 80 134.50 -6.84 -29.23
C ILE DB 80 134.92 -7.75 -30.38
N THR DB 81 135.59 -7.23 -31.41
CA THR DB 81 135.79 -8.01 -32.64
C THR DB 81 136.87 -9.07 -32.55
N ALA DB 82 137.79 -8.88 -31.61
CA ALA DB 82 138.79 -9.91 -31.34
C ALA DB 82 138.31 -10.79 -30.21
N SER DB 83 137.71 -10.15 -29.21
CA SER DB 83 137.21 -10.87 -28.06
C SER DB 83 136.21 -10.01 -27.31
N ALA DB 84 135.06 -10.62 -27.06
CA ALA DB 84 133.94 -9.91 -26.48
C ALA DB 84 133.88 -10.09 -24.96
N ASP DB 85 134.37 -9.10 -24.21
CA ASP DB 85 134.16 -9.14 -22.77
C ASP DB 85 132.66 -8.94 -22.47
N PRO DB 86 132.08 -9.72 -21.54
CA PRO DB 86 130.67 -9.56 -21.21
C PRO DB 86 130.30 -8.14 -20.73
N VAL DB 87 131.26 -7.39 -20.18
CA VAL DB 87 130.98 -6.03 -19.72
C VAL DB 87 130.56 -5.16 -20.88
N TYR DB 88 131.18 -5.33 -22.04
CA TYR DB 88 130.73 -4.65 -23.25
C TYR DB 88 129.37 -5.15 -23.75
N THR DB 89 129.26 -6.47 -23.92
CA THR DB 89 128.12 -7.05 -24.59
C THR DB 89 126.84 -6.90 -23.81
N LEU DB 90 126.97 -6.76 -22.49
CA LEU DB 90 125.80 -6.55 -21.63
C LEU DB 90 125.49 -5.06 -21.31
N SER DB 91 126.28 -4.15 -21.87
CA SER DB 91 126.17 -2.72 -21.57
C SER DB 91 125.17 -2.00 -22.48
N VAL DB 92 124.66 -2.73 -23.46
CA VAL DB 92 123.60 -2.22 -24.33
C VAL DB 92 122.40 -3.15 -24.24
N PRO DB 93 121.23 -2.74 -24.76
CA PRO DB 93 120.10 -3.69 -24.71
C PRO DB 93 120.50 -5.06 -25.29
N HIS DB 94 120.10 -6.13 -24.63
CA HIS DB 94 120.60 -7.46 -24.99
C HIS DB 94 119.68 -8.56 -24.48
N TRP DB 95 119.90 -9.75 -25.04
CA TRP DB 95 119.06 -10.91 -24.74
C TRP DB 95 119.93 -12.15 -24.57
N LEU DB 96 119.60 -12.96 -23.56
CA LEU DB 96 120.31 -14.22 -23.38
C LEU DB 96 119.68 -15.30 -24.25
N ILE DB 97 120.52 -16.00 -24.98
CA ILE DB 97 120.04 -17.09 -25.81
C ILE DB 97 120.57 -18.41 -25.28
N HIS DB 98 119.69 -19.17 -24.63
CA HIS DB 98 120.07 -20.46 -24.08
C HIS DB 98 119.92 -21.60 -25.10
N HIS DB 99 120.97 -22.39 -25.25
CA HIS DB 99 120.97 -23.47 -26.22
C HIS DB 99 119.92 -24.52 -25.90
N LYS DB 100 119.65 -24.74 -24.62
CA LYS DB 100 118.66 -25.73 -24.22
C LYS DB 100 117.26 -25.37 -24.72
N LEU DB 101 117.00 -24.09 -24.96
CA LEU DB 101 115.67 -23.62 -25.34
C LEU DB 101 115.45 -23.57 -26.86
N GLY DB 102 116.51 -23.82 -27.61
CA GLY DB 102 116.44 -23.78 -29.05
C GLY DB 102 116.11 -22.42 -29.65
N THR DB 103 115.24 -22.42 -30.64
CA THR DB 103 114.92 -21.23 -31.40
C THR DB 103 114.43 -20.11 -30.49
N PHE DB 104 115.01 -18.92 -30.68
CA PHE DB 104 114.79 -17.78 -29.81
C PHE DB 104 114.07 -16.68 -30.53
N SER DB 105 113.26 -15.93 -29.78
CA SER DB 105 112.54 -14.82 -30.37
C SER DB 105 112.39 -13.64 -29.40
N CYS DB 106 112.40 -12.42 -29.91
CA CYS DB 106 112.11 -11.24 -29.07
C CYS DB 106 111.60 -10.09 -29.89
N GLU DB 107 111.04 -9.08 -29.23
CA GLU DB 107 110.56 -7.87 -29.92
C GLU DB 107 111.45 -6.68 -29.67
N ILE DB 108 111.67 -5.91 -30.72
CA ILE DB 108 112.46 -4.70 -30.62
C ILE DB 108 111.56 -3.59 -31.12
N ASP DB 109 111.10 -2.75 -30.21
CA ASP DB 109 110.41 -1.53 -30.62
C ASP DB 109 111.48 -0.53 -30.95
N TYR DB 110 111.73 -0.34 -32.24
CA TYR DB 110 112.82 0.52 -32.69
C TYR DB 110 112.60 1.96 -32.22
N GLY DB 111 111.34 2.33 -31.99
CA GLY DB 111 110.99 3.62 -31.45
C GLY DB 111 111.56 3.86 -30.07
N GLU DB 112 111.55 2.84 -29.22
CA GLU DB 112 112.14 2.91 -27.88
C GLU DB 112 113.64 2.62 -27.86
N LEU DB 113 114.02 1.41 -28.25
CA LEU DB 113 115.42 0.99 -28.18
C LEU DB 113 116.37 1.79 -29.06
N CYS DB 114 115.83 2.41 -30.10
CA CYS DB 114 116.68 3.21 -30.94
C CYS DB 114 116.36 4.72 -30.91
N GLY DB 115 115.14 5.10 -31.26
CA GLY DB 115 114.71 6.47 -31.10
C GLY DB 115 114.62 7.34 -32.36
N HIS DB 116 115.36 6.98 -33.40
CA HIS DB 116 115.22 7.71 -34.66
C HIS DB 116 114.80 6.80 -35.81
N ALA DB 117 114.03 7.34 -36.74
CA ALA DB 117 113.49 6.56 -37.84
C ALA DB 117 114.55 6.29 -38.93
N MET DB 118 114.42 5.12 -39.56
CA MET DB 118 115.38 4.69 -40.59
C MET DB 118 115.08 5.21 -42.01
N TRP DB 119 116.09 5.79 -42.62
CA TRP DB 119 115.96 6.35 -43.95
C TRP DB 119 116.40 5.32 -44.96
N PHE DB 120 115.55 5.07 -45.95
CA PHE DB 120 115.78 4.00 -46.90
C PHE DB 120 117.11 4.05 -47.65
N LYS DB 121 117.62 5.25 -47.94
CA LYS DB 121 118.75 5.36 -48.86
C LYS DB 121 120.13 5.37 -48.21
N SER DB 122 120.19 5.71 -46.94
CA SER DB 122 121.47 5.77 -46.24
C SER DB 122 121.32 5.85 -44.73
N THR DB 123 122.39 5.50 -44.04
CA THR DB 123 122.41 5.63 -42.61
C THR DB 123 122.36 7.11 -42.26
N THR DB 124 121.51 7.47 -41.30
CA THR DB 124 121.42 8.85 -40.82
C THR DB 124 122.52 9.17 -39.82
N PHE DB 125 122.49 8.54 -38.66
CA PHE DB 125 123.54 8.75 -37.68
C PHE DB 125 124.59 7.68 -37.74
N GLU DB 126 124.39 6.60 -37.00
CA GLU DB 126 125.25 5.46 -37.22
C GLU DB 126 124.39 4.28 -37.63
N SER DB 127 125.04 3.25 -38.17
CA SER DB 127 124.36 2.08 -38.72
C SER DB 127 124.09 1.02 -37.66
N PRO DB 128 122.81 0.71 -37.42
CA PRO DB 128 122.36 -0.19 -36.34
C PRO DB 128 122.85 -1.62 -36.50
N ARG DB 129 123.44 -2.20 -35.47
CA ARG DB 129 124.01 -3.55 -35.53
C ARG DB 129 123.40 -4.52 -34.52
N LEU DB 130 123.38 -5.81 -34.88
CA LEU DB 130 123.17 -6.89 -33.90
C LEU DB 130 124.50 -7.64 -33.72
N HIS DB 131 124.99 -7.72 -32.48
CA HIS DB 131 126.20 -8.49 -32.19
C HIS DB 131 125.87 -9.84 -31.57
N PHE DB 132 126.56 -10.88 -32.03
CA PHE DB 132 126.40 -12.20 -31.46
C PHE DB 132 127.70 -12.70 -30.82
N THR DB 133 127.64 -12.90 -29.52
CA THR DB 133 128.80 -13.30 -28.75
C THR DB 133 128.43 -14.50 -27.88
N CYS DB 134 129.45 -15.24 -27.45
CA CYS DB 134 129.23 -16.38 -26.60
C CYS DB 134 129.51 -16.02 -25.15
N LEU DB 135 128.48 -16.14 -24.29
CA LEU DB 135 128.56 -15.75 -22.88
C LEU DB 135 129.16 -16.84 -22.01
N THR DB 136 128.63 -18.05 -22.14
CA THR DB 136 129.19 -19.23 -21.50
C THR DB 136 129.49 -20.26 -22.56
N GLY DB 137 130.66 -20.88 -22.48
CA GLY DB 137 131.10 -21.81 -23.52
C GLY DB 137 130.53 -23.21 -23.44
N ASN DB 138 130.79 -24.01 -24.47
CA ASN DB 138 130.37 -25.40 -24.46
C ASN DB 138 131.28 -26.20 -23.53
N ASN DB 139 130.75 -27.26 -22.94
CA ASN DB 139 131.46 -28.02 -21.91
C ASN DB 139 132.61 -28.80 -22.52
N LYS DB 140 132.43 -29.16 -23.79
CA LYS DB 140 133.43 -29.82 -24.62
C LYS DB 140 133.10 -29.41 -26.04
N GLU DB 141 134.06 -29.43 -26.96
CA GLU DB 141 133.72 -29.02 -28.31
C GLU DB 141 132.63 -29.92 -28.90
N LEU DB 142 131.92 -29.39 -29.90
CA LEU DB 142 130.92 -30.18 -30.59
C LEU DB 142 131.57 -30.97 -31.75
N ALA DB 143 130.75 -31.70 -32.49
CA ALA DB 143 131.29 -32.57 -33.51
C ALA DB 143 131.82 -31.80 -34.72
N ALA DB 144 131.20 -30.67 -35.06
CA ALA DB 144 131.61 -29.91 -36.23
C ALA DB 144 131.14 -28.46 -36.18
N ASP DB 145 131.71 -27.63 -37.04
CA ASP DB 145 131.24 -26.25 -37.18
C ASP DB 145 129.78 -26.25 -37.61
N TRP DB 146 129.03 -25.23 -37.22
CA TRP DB 146 127.64 -25.11 -37.64
C TRP DB 146 127.24 -23.65 -37.81
N GLN DB 147 125.96 -23.40 -38.11
CA GLN DB 147 125.48 -22.04 -38.23
C GLN DB 147 124.07 -21.87 -37.66
N ALA DB 148 123.75 -20.63 -37.31
CA ALA DB 148 122.40 -20.27 -36.88
C ALA DB 148 121.89 -19.22 -37.85
N VAL DB 149 120.58 -19.16 -38.03
CA VAL DB 149 119.97 -18.18 -38.93
C VAL DB 149 119.25 -17.09 -38.15
N VAL DB 150 119.50 -15.83 -38.50
CA VAL DB 150 118.83 -14.70 -37.86
C VAL DB 150 117.80 -14.09 -38.80
N GLU DB 151 116.58 -13.92 -38.34
CA GLU DB 151 115.53 -13.39 -39.21
C GLU DB 151 114.80 -12.17 -38.61
N LEU DB 152 114.54 -11.16 -39.43
CA LEU DB 152 113.80 -9.97 -39.02
C LEU DB 152 112.42 -10.02 -39.62
N TYR DB 153 111.41 -9.99 -38.77
CA TYR DB 153 110.02 -9.93 -39.21
C TYR DB 153 109.48 -8.57 -38.85
N ALA DB 154 108.75 -7.96 -39.79
CA ALA DB 154 108.22 -6.62 -39.57
C ALA DB 154 107.17 -6.31 -40.62
N GLU DB 155 106.21 -5.47 -40.28
CA GLU DB 155 105.33 -4.88 -41.29
C GLU DB 155 105.63 -3.39 -41.37
N LEU DB 156 106.57 -3.03 -42.25
CA LEU DB 156 107.04 -1.65 -42.37
C LEU DB 156 105.96 -0.70 -42.88
N GLU DB 157 105.72 0.37 -42.14
CA GLU DB 157 104.86 1.42 -42.63
C GLU DB 157 105.55 2.78 -42.47
N GLU DB 158 105.09 3.77 -43.24
CA GLU DB 158 105.71 5.08 -43.24
C GLU DB 158 105.67 5.71 -41.87
N ALA DB 159 106.82 6.23 -41.44
CA ALA DB 159 106.95 6.91 -40.17
C ALA DB 159 106.44 8.35 -40.25
N THR DB 160 105.65 8.72 -39.25
CA THR DB 160 105.06 10.05 -39.20
C THR DB 160 106.04 11.12 -38.67
N SER DB 161 106.91 10.73 -37.74
CA SER DB 161 107.86 11.64 -37.12
C SER DB 161 109.29 11.12 -37.23
N PHE DB 162 110.28 12.00 -37.09
CA PHE DB 162 111.67 11.56 -37.11
C PHE DB 162 112.03 10.89 -35.79
N LEU DB 163 111.54 11.44 -34.70
CA LEU DB 163 111.93 11.00 -33.38
C LEU DB 163 110.90 10.07 -32.76
N GLY DB 164 111.38 9.10 -31.99
CA GLY DB 164 110.53 8.22 -31.23
C GLY DB 164 110.00 8.90 -29.99
N LYS DB 165 109.60 8.12 -29.00
CA LYS DB 165 109.27 8.65 -27.69
C LYS DB 165 110.54 8.48 -26.85
N PRO DB 166 110.84 9.48 -25.99
CA PRO DB 166 112.09 9.42 -25.23
C PRO DB 166 112.09 8.29 -24.20
N THR DB 167 113.14 7.47 -24.24
CA THR DB 167 113.39 6.43 -23.24
C THR DB 167 113.48 7.03 -21.82
N LEU DB 168 114.02 8.23 -21.69
CA LEU DB 168 114.32 8.82 -20.38
C LEU DB 168 114.20 10.34 -20.39
N VAL DB 169 113.62 10.91 -19.34
CA VAL DB 169 113.61 12.35 -19.21
C VAL DB 169 114.32 12.76 -17.93
N PHE DB 170 115.25 13.71 -18.05
CA PHE DB 170 116.14 14.06 -16.95
C PHE DB 170 115.42 14.58 -15.73
N ASP DB 171 115.70 13.95 -14.59
CA ASP DB 171 115.14 14.28 -13.29
C ASP DB 171 116.05 13.66 -12.22
N PRO DB 172 116.68 14.53 -11.43
CA PRO DB 172 117.65 14.18 -10.39
C PRO DB 172 116.99 13.36 -9.31
N GLY DB 173 115.75 13.74 -8.99
CA GLY DB 173 115.04 13.16 -7.86
C GLY DB 173 114.27 11.92 -8.24
N VAL DB 174 114.60 11.34 -9.41
CA VAL DB 174 113.86 10.16 -9.85
C VAL DB 174 114.72 9.04 -10.44
N PHE DB 175 114.92 8.07 -9.56
CA PHE DB 175 115.42 6.73 -9.81
C PHE DB 175 114.45 5.82 -9.07
N ASN DB 176 113.51 5.19 -9.78
CA ASN DB 176 112.51 4.32 -9.17
C ASN DB 176 113.08 3.20 -8.31
N GLY DB 177 113.97 2.41 -8.90
CA GLY DB 177 114.47 1.22 -8.24
C GLY DB 177 114.25 0.01 -9.14
N LYS DB 178 113.53 0.22 -10.25
CA LYS DB 178 113.37 -0.81 -11.28
C LYS DB 178 114.48 -0.69 -12.34
N PHE DB 179 114.99 -1.82 -12.81
CA PHE DB 179 116.02 -1.84 -13.86
C PHE DB 179 115.54 -2.55 -15.14
N GLN DB 180 116.15 -2.21 -16.26
CA GLN DB 180 116.08 -3.08 -17.43
C GLN DB 180 117.48 -3.37 -17.93
N PHE DB 181 117.68 -4.55 -18.50
CA PHE DB 181 118.95 -4.93 -19.07
C PHE DB 181 120.13 -4.86 -18.11
N LEU DB 182 119.87 -5.17 -16.85
CA LEU DB 182 120.95 -5.28 -15.87
C LEU DB 182 121.32 -6.74 -15.70
N THR DB 183 122.36 -7.17 -16.40
CA THR DB 183 122.85 -8.54 -16.36
C THR DB 183 124.30 -8.55 -15.87
N CYS DB 184 124.58 -9.35 -14.84
CA CYS DB 184 125.93 -9.49 -14.32
C CYS DB 184 126.73 -10.48 -15.16
N PRO DB 185 127.99 -10.16 -15.43
CA PRO DB 185 128.85 -11.15 -16.09
C PRO DB 185 128.80 -12.48 -15.36
N PRO DB 186 129.06 -13.56 -16.09
CA PRO DB 186 128.93 -14.91 -15.54
C PRO DB 186 129.85 -15.14 -14.35
N ILE DB 187 129.33 -15.85 -13.35
CA ILE DB 187 130.07 -16.29 -12.19
C ILE DB 187 130.37 -17.79 -12.37
N PHE DB 188 131.59 -18.24 -12.05
CA PHE DB 188 131.96 -19.63 -12.31
C PHE DB 188 132.28 -20.47 -11.06
N PHE DB 189 131.83 -21.72 -11.04
CA PHE DB 189 132.14 -22.67 -9.96
C PHE DB 189 132.95 -23.87 -10.46
N ASP DB 190 134.06 -24.17 -9.81
CA ASP DB 190 134.89 -25.30 -10.19
C ASP DB 190 134.29 -26.56 -9.61
N LEU DB 191 134.39 -27.67 -10.33
CA LEU DB 191 133.85 -28.90 -9.79
C LEU DB 191 134.88 -29.65 -8.96
N THR DB 192 136.07 -29.07 -8.89
CA THR DB 192 137.15 -29.64 -8.07
C THR DB 192 137.10 -29.08 -6.68
N ALA DB 193 135.97 -28.47 -6.33
CA ALA DB 193 135.82 -27.84 -5.03
C ALA DB 193 134.53 -28.28 -4.33
N VAL DB 194 134.66 -28.81 -3.12
CA VAL DB 194 133.49 -29.33 -2.42
C VAL DB 194 132.49 -28.26 -2.00
N THR DB 195 132.97 -27.07 -1.65
CA THR DB 195 132.12 -25.90 -1.48
C THR DB 195 132.86 -24.69 -2.04
N ALA DB 196 132.14 -23.58 -2.22
CA ALA DB 196 132.77 -22.38 -2.73
C ALA DB 196 131.90 -21.17 -2.53
N LEU DB 197 132.52 -20.01 -2.57
CA LEU DB 197 131.81 -18.74 -2.50
C LEU DB 197 132.12 -17.87 -3.70
N ARG DB 198 131.09 -17.22 -4.25
CA ARG DB 198 131.29 -16.18 -5.24
C ARG DB 198 130.50 -14.96 -4.87
N SER DB 199 131.19 -13.83 -4.76
CA SER DB 199 130.55 -12.58 -4.39
C SER DB 199 130.19 -11.75 -5.61
N ALA DB 200 129.05 -11.10 -5.51
CA ALA DB 200 128.66 -10.09 -6.48
C ALA DB 200 128.46 -8.80 -5.71
N GLY DB 201 129.19 -7.76 -6.08
CA GLY DB 201 129.07 -6.48 -5.42
C GLY DB 201 127.71 -5.85 -5.64
N LEU DB 202 127.20 -5.13 -4.65
CA LEU DB 202 125.90 -4.49 -4.78
C LEU DB 202 126.05 -2.98 -4.81
N THR DB 203 127.28 -2.51 -4.98
CA THR DB 203 127.54 -1.09 -5.14
C THR DB 203 127.35 -0.68 -6.62
N LEU DB 204 126.08 -0.66 -7.02
CA LEU DB 204 125.70 -0.66 -8.43
C LEU DB 204 126.00 0.61 -9.20
N GLY DB 205 126.35 1.68 -8.50
CA GLY DB 205 126.70 2.93 -9.18
C GLY DB 205 128.13 2.97 -9.68
N GLN DB 206 128.90 1.97 -9.29
CA GLN DB 206 130.29 1.84 -9.70
C GLN DB 206 130.33 1.63 -11.22
N VAL DB 207 131.24 2.31 -11.91
CA VAL DB 207 131.37 2.11 -13.36
C VAL DB 207 132.23 0.89 -13.69
N PRO DB 208 131.70 -0.05 -14.49
CA PRO DB 208 132.34 -1.33 -14.82
C PRO DB 208 133.58 -1.11 -15.64
N MET DB 209 134.57 -1.98 -15.52
CA MET DB 209 135.79 -1.80 -16.32
C MET DB 209 136.27 -3.04 -17.06
N VAL DB 210 136.98 -2.82 -18.14
CA VAL DB 210 137.58 -3.90 -18.90
C VAL DB 210 139.00 -3.44 -19.11
N GLY DB 211 139.90 -3.97 -18.29
CA GLY DB 211 141.27 -3.48 -18.25
C GLY DB 211 141.27 -2.05 -17.76
N THR DB 212 141.83 -1.14 -18.56
CA THR DB 212 141.88 0.26 -18.18
C THR DB 212 140.69 1.04 -18.74
N THR DB 213 139.84 0.34 -19.49
CA THR DB 213 138.70 0.97 -20.14
C THR DB 213 137.45 1.04 -19.26
N LYS DB 214 136.98 2.26 -19.02
CA LYS DB 214 135.71 2.49 -18.31
C LYS DB 214 134.53 2.28 -19.29
N VAL DB 215 133.56 1.46 -18.90
CA VAL DB 215 132.37 1.30 -19.72
C VAL DB 215 131.16 1.96 -19.07
N TYR DB 216 130.92 3.24 -19.37
CA TYR DB 216 129.77 3.93 -18.83
C TYR DB 216 128.50 3.31 -19.37
N ASN DB 217 127.52 3.06 -18.50
CA ASN DB 217 126.24 2.54 -18.96
C ASN DB 217 125.08 3.15 -18.19
N LEU DB 218 123.87 3.03 -18.74
CA LEU DB 218 122.72 3.70 -18.14
C LEU DB 218 122.38 3.20 -16.73
N ASN DB 219 122.50 1.89 -16.50
CA ASN DB 219 122.14 1.38 -15.17
C ASN DB 219 122.98 1.92 -14.03
N SER DB 220 124.31 1.88 -14.19
CA SER DB 220 125.18 2.41 -13.15
C SER DB 220 124.95 3.91 -13.01
N THR DB 221 124.72 4.57 -14.15
CA THR DB 221 124.45 5.99 -14.13
C THR DB 221 123.20 6.30 -13.31
N LEU DB 222 122.14 5.50 -13.48
CA LEU DB 222 120.91 5.68 -12.72
C LEU DB 222 121.14 5.54 -11.24
N VAL DB 223 121.80 4.46 -10.85
CA VAL DB 223 122.08 4.24 -9.44
C VAL DB 223 122.87 5.40 -8.85
N SER DB 224 123.78 6.00 -9.63
CA SER DB 224 124.60 7.10 -9.12
C SER DB 224 123.78 8.36 -8.79
N CYS DB 225 122.53 8.38 -9.25
CA CYS DB 225 121.59 9.47 -8.98
C CYS DB 225 121.05 9.47 -7.56
N VAL DB 226 121.49 8.49 -6.79
CA VAL DB 226 121.05 8.28 -5.43
C VAL DB 226 122.31 8.16 -4.54
N LEU DB 227 122.17 8.33 -3.22
CA LEU DB 227 123.35 8.24 -2.36
C LEU DB 227 123.59 6.80 -1.93
N GLY DB 228 122.51 6.03 -1.87
CA GLY DB 228 122.57 4.63 -1.48
C GLY DB 228 121.18 4.02 -1.49
N MET DB 229 121.11 2.71 -1.25
CA MET DB 229 119.86 1.98 -1.38
C MET DB 229 119.83 0.76 -0.47
N GLY DB 230 118.66 0.45 0.06
CA GLY DB 230 118.43 -0.73 0.84
C GLY DB 230 117.16 -1.35 0.31
N GLY DB 231 116.86 -2.55 0.76
CA GLY DB 231 115.63 -3.18 0.29
C GLY DB 231 115.90 -4.60 -0.11
N THR DB 232 115.04 -5.12 -0.97
CA THR DB 232 115.22 -6.49 -1.43
C THR DB 232 115.59 -6.52 -2.92
N VAL DB 233 116.65 -7.26 -3.24
CA VAL DB 233 117.05 -7.48 -4.62
C VAL DB 233 116.22 -8.58 -5.27
N ARG DB 234 115.41 -8.25 -6.27
CA ARG DB 234 114.62 -9.24 -7.01
C ARG DB 234 115.35 -9.50 -8.31
N GLY DB 235 115.67 -10.76 -8.56
CA GLY DB 235 116.37 -11.11 -9.78
C GLY DB 235 116.07 -12.48 -10.30
N ARG DB 236 116.82 -12.89 -11.33
CA ARG DB 236 116.69 -14.22 -11.89
C ARG DB 236 118.08 -14.84 -11.95
N VAL DB 237 118.14 -16.14 -11.75
CA VAL DB 237 119.39 -16.87 -11.82
C VAL DB 237 119.28 -17.86 -12.95
N HIS DB 238 120.28 -17.89 -13.83
CA HIS DB 238 120.34 -18.90 -14.89
C HIS DB 238 121.53 -19.82 -14.68
N ILE DB 239 121.25 -21.12 -14.64
CA ILE DB 239 122.32 -22.09 -14.55
C ILE DB 239 122.68 -22.59 -15.94
N CYS DB 240 123.86 -22.20 -16.41
CA CYS DB 240 124.23 -22.34 -17.82
C CYS DB 240 125.17 -23.50 -18.08
N ALA DB 241 124.68 -24.72 -17.85
CA ALA DB 241 125.47 -25.93 -18.04
C ALA DB 241 124.58 -27.03 -18.61
N PRO DB 242 125.21 -28.12 -19.08
CA PRO DB 242 124.50 -29.28 -19.61
C PRO DB 242 123.54 -29.91 -18.58
N ILE DB 243 122.48 -30.63 -18.98
CA ILE DB 243 121.56 -31.27 -18.02
C ILE DB 243 122.27 -32.19 -17.04
N PHE DB 244 123.46 -32.70 -17.42
CA PHE DB 244 124.20 -33.62 -16.56
C PHE DB 244 125.10 -32.94 -15.52
N TYR DB 245 125.13 -31.60 -15.54
CA TYR DB 245 125.75 -30.79 -14.49
C TYR DB 245 124.63 -30.36 -13.56
N SER DB 246 124.92 -30.22 -12.28
CA SER DB 246 123.92 -29.73 -11.34
C SER DB 246 124.56 -29.19 -10.09
N ILE DB 247 123.85 -28.28 -9.42
CA ILE DB 247 124.42 -27.59 -8.29
C ILE DB 247 123.33 -27.14 -7.36
N VAL DB 248 123.67 -26.89 -6.09
CA VAL DB 248 122.73 -26.28 -5.14
C VAL DB 248 123.40 -25.11 -4.49
N LEU DB 249 122.77 -23.96 -4.54
CA LEU DB 249 123.36 -22.74 -4.00
C LEU DB 249 122.55 -22.18 -2.82
N TRP DB 250 123.28 -21.66 -1.84
CA TRP DB 250 122.71 -20.82 -0.79
C TRP DB 250 123.05 -19.38 -1.17
N VAL DB 251 122.02 -18.56 -1.41
CA VAL DB 251 122.25 -17.21 -1.85
C VAL DB 251 121.83 -16.25 -0.75
N VAL DB 252 122.76 -15.44 -0.27
CA VAL DB 252 122.47 -14.56 0.84
C VAL DB 252 123.26 -13.27 0.77
N SER DB 253 122.79 -12.23 1.46
CA SER DB 253 123.52 -10.97 1.51
C SER DB 253 124.39 -10.83 2.77
N GLU DB 254 125.60 -10.30 2.61
CA GLU DB 254 126.49 -10.09 3.75
C GLU DB 254 127.16 -8.73 3.71
N TRP DB 255 127.57 -8.24 4.88
CA TRP DB 255 128.17 -6.92 4.97
C TRP DB 255 129.65 -7.01 5.33
N ASN DB 256 130.48 -6.30 4.58
CA ASN DB 256 131.92 -6.18 4.87
C ASN DB 256 132.60 -7.49 5.20
N GLY DB 257 132.88 -8.30 4.18
CA GLY DB 257 133.44 -9.61 4.38
C GLY DB 257 132.35 -10.66 4.50
N THR DB 258 132.75 -11.86 4.88
CA THR DB 258 131.81 -12.94 5.00
C THR DB 258 132.10 -13.67 6.28
N THR DB 259 131.11 -14.34 6.85
CA THR DB 259 131.35 -15.11 8.05
C THR DB 259 132.09 -16.38 7.67
N MET DB 260 132.86 -16.90 8.63
CA MET DB 260 133.64 -18.10 8.39
C MET DB 260 132.95 -19.31 9.04
N ASP DB 261 131.87 -19.04 9.75
CA ASP DB 261 131.14 -20.06 10.49
C ASP DB 261 129.89 -20.51 9.76
N TRP DB 262 129.92 -21.75 9.26
CA TRP DB 262 128.81 -22.31 8.50
C TRP DB 262 127.47 -22.23 9.23
N ASN DB 263 127.50 -22.33 10.56
CA ASN DB 263 126.25 -22.28 11.29
C ASN DB 263 125.69 -20.87 11.34
N GLU DB 264 126.55 -19.86 11.47
CA GLU DB 264 126.09 -18.48 11.44
C GLU DB 264 125.53 -18.17 10.05
N LEU DB 265 126.20 -18.66 9.02
CA LEU DB 265 125.78 -18.44 7.63
C LEU DB 265 124.32 -18.82 7.39
N PHE DB 266 123.87 -19.91 8.01
CA PHE DB 266 122.51 -20.39 7.77
C PHE DB 266 121.50 -19.84 8.75
N LYS DB 267 121.93 -18.92 9.60
CA LYS DB 267 120.99 -18.19 10.45
C LYS DB 267 120.60 -16.88 9.76
N TYR DB 268 121.27 -16.57 8.64
CA TYR DB 268 120.93 -15.41 7.81
C TYR DB 268 119.73 -15.71 6.95
N PRO DB 269 119.05 -14.67 6.48
CA PRO DB 269 117.90 -14.82 5.59
C PRO DB 269 118.28 -14.93 4.11
N GLY DB 270 118.59 -16.15 3.68
CA GLY DB 270 118.92 -16.42 2.30
C GLY DB 270 117.89 -17.32 1.62
N VAL DB 271 118.21 -17.73 0.41
CA VAL DB 271 117.34 -18.61 -0.37
C VAL DB 271 118.16 -19.68 -1.05
N TYR DB 272 117.53 -20.82 -1.33
CA TYR DB 272 118.22 -21.90 -2.03
C TYR DB 272 117.93 -21.82 -3.52
N VAL DB 273 118.95 -22.07 -4.35
CA VAL DB 273 118.75 -22.08 -5.79
C VAL DB 273 119.28 -23.42 -6.32
N GLU DB 274 118.40 -24.21 -6.92
CA GLU DB 274 118.77 -25.52 -7.46
C GLU DB 274 118.74 -25.48 -8.99
N GLU DB 275 118.10 -24.46 -9.54
CA GLU DB 275 117.77 -24.45 -10.96
C GLU DB 275 117.36 -23.06 -11.43
N ASP DB 276 117.30 -22.86 -12.75
CA ASP DB 276 116.84 -21.60 -13.34
C ASP DB 276 115.63 -21.11 -12.55
N GLY DB 277 115.57 -19.83 -12.23
CA GLY DB 277 114.44 -19.26 -11.51
C GLY DB 277 114.67 -17.86 -10.99
N SER DB 278 113.65 -17.26 -10.38
CA SER DB 278 113.79 -15.95 -9.78
C SER DB 278 114.13 -16.08 -8.30
N PHE DB 279 114.60 -14.99 -7.68
CA PHE DB 279 115.00 -14.99 -6.27
C PHE DB 279 114.77 -13.61 -5.68
N GLU DB 280 114.53 -13.54 -4.37
CA GLU DB 280 114.52 -12.27 -3.65
C GLU DB 280 115.42 -12.37 -2.43
N VAL DB 281 116.42 -11.50 -2.33
CA VAL DB 281 117.28 -11.49 -1.17
C VAL DB 281 117.33 -10.10 -0.56
N LYS DB 282 117.18 -10.01 0.76
CA LYS DB 282 117.27 -8.73 1.46
C LYS DB 282 118.72 -8.23 1.45
N ILE DB 283 118.92 -6.95 1.09
CA ILE DB 283 120.21 -6.29 1.22
C ILE DB 283 120.52 -6.10 2.70
N ARG DB 284 121.56 -6.77 3.16
CA ARG DB 284 121.96 -6.77 4.55
C ARG DB 284 123.05 -5.75 4.88
N SER DB 285 122.79 -4.85 5.84
CA SER DB 285 123.74 -3.79 6.17
C SER DB 285 123.42 -3.16 7.50
N PRO DB 286 124.46 -2.70 8.20
CA PRO DB 286 124.34 -2.07 9.52
C PRO DB 286 123.52 -0.78 9.45
N TYR DB 287 123.42 -0.22 8.24
CA TYR DB 287 122.69 1.01 7.99
C TYR DB 287 121.42 0.75 7.19
N HIS DB 288 121.16 -0.53 6.91
CA HIS DB 288 119.99 -0.95 6.15
C HIS DB 288 120.09 -0.59 4.68
N ARG DB 289 121.13 0.17 4.33
CA ARG DB 289 121.37 0.60 2.96
C ARG DB 289 122.84 0.38 2.66
N THR DB 290 123.18 0.19 1.38
CA THR DB 290 124.57 0.17 0.97
C THR DB 290 124.77 1.43 0.09
N PRO DB 291 125.97 2.03 0.16
CA PRO DB 291 126.23 3.24 -0.63
C PRO DB 291 126.30 2.94 -2.12
N ALA DB 292 125.87 3.94 -2.91
CA ALA DB 292 125.76 3.82 -4.35
C ALA DB 292 127.09 3.74 -5.04
N ARG DB 293 128.08 4.47 -4.53
CA ARG DB 293 129.44 4.41 -5.11
C ARG DB 293 130.50 4.32 -4.03
N LEU DB 294 131.73 4.02 -4.43
CA LEU DB 294 132.83 3.89 -3.47
C LEU DB 294 133.63 5.16 -3.27
N LEU DB 295 134.19 5.30 -2.08
CA LEU DB 295 135.16 6.36 -1.76
C LEU DB 295 136.54 5.82 -2.06
N ALA DB 296 137.56 6.67 -2.01
CA ALA DB 296 138.92 6.25 -2.37
C ALA DB 296 139.47 5.13 -1.48
N GLY DB 297 140.09 4.12 -2.09
CA GLY DB 297 140.63 2.98 -1.36
C GLY DB 297 139.63 2.05 -0.66
N GLN DB 298 138.33 2.27 -0.86
CA GLN DB 298 137.32 1.32 -0.44
C GLN DB 298 137.19 0.25 -1.51
N SER DB 299 136.59 -0.87 -1.15
CA SER DB 299 136.38 -1.96 -2.09
C SER DB 299 134.92 -2.36 -2.00
N GLN DB 300 134.34 -2.85 -3.09
CA GLN DB 300 132.93 -3.22 -3.09
C GLN DB 300 132.56 -4.24 -2.01
N ARG DB 301 133.56 -4.98 -1.52
CA ARG DB 301 133.29 -6.05 -0.55
C ARG DB 301 133.13 -5.48 0.85
N ASP DB 302 133.69 -4.31 1.09
CA ASP DB 302 133.55 -3.60 2.36
C ASP DB 302 132.11 -3.23 2.64
N MET DB 303 131.26 -3.28 1.61
CA MET DB 303 129.83 -2.96 1.76
C MET DB 303 128.93 -4.19 1.68
N SER DB 304 127.71 -3.97 1.20
CA SER DB 304 126.75 -5.06 1.06
C SER DB 304 126.99 -5.81 -0.25
N SER DB 305 127.02 -7.14 -0.17
CA SER DB 305 127.23 -7.98 -1.36
C SER DB 305 126.17 -9.09 -1.43
N LEU DB 306 125.94 -9.58 -2.64
CA LEU DB 306 125.05 -10.70 -2.87
C LEU DB 306 125.94 -11.93 -3.04
N ASN DB 307 125.92 -12.83 -2.06
CA ASN DB 307 126.85 -13.94 -2.04
C ASN DB 307 126.27 -15.28 -2.48
N PHE DB 308 126.99 -15.96 -3.35
CA PHE DB 308 126.54 -17.24 -3.86
C PHE DB 308 127.41 -18.35 -3.32
N TYR DB 309 126.87 -19.12 -2.38
CA TYR DB 309 127.58 -20.22 -1.76
C TYR DB 309 127.20 -21.56 -2.38
N ALA DB 310 128.18 -22.25 -2.97
CA ALA DB 310 127.93 -23.61 -3.43
C ALA DB 310 127.97 -24.54 -2.22
N ILE DB 311 126.82 -25.06 -1.82
CA ILE DB 311 126.74 -25.93 -0.66
C ILE DB 311 126.60 -27.43 -1.00
N ALA DB 312 126.25 -27.75 -2.22
CA ALA DB 312 126.29 -29.13 -2.70
C ALA DB 312 126.64 -29.14 -4.18
N GLY DB 313 127.85 -29.58 -4.52
CA GLY DB 313 128.27 -29.52 -5.91
C GLY DB 313 129.10 -28.28 -6.19
N PRO DB 314 129.27 -27.94 -7.48
CA PRO DB 314 128.69 -28.65 -8.63
C PRO DB 314 129.22 -30.07 -8.83
N ILE DB 315 128.38 -30.92 -9.41
CA ILE DB 315 128.81 -32.26 -9.79
C ILE DB 315 128.61 -32.48 -11.27
N ALA DB 316 129.44 -33.34 -11.86
CA ALA DB 316 129.24 -33.76 -13.24
C ALA DB 316 129.86 -35.12 -13.38
N PRO DB 317 129.51 -35.84 -14.45
CA PRO DB 317 130.11 -37.16 -14.71
C PRO DB 317 131.58 -37.00 -15.07
N SER DB 318 132.41 -38.03 -14.88
CA SER DB 318 133.79 -37.90 -15.34
C SER DB 318 133.72 -38.15 -16.81
N GLY DB 319 134.66 -37.57 -17.54
CA GLY DB 319 135.61 -36.62 -17.01
C GLY DB 319 135.27 -35.30 -17.67
N GLU DB 320 134.35 -34.59 -17.02
CA GLU DB 320 134.04 -33.25 -17.41
C GLU DB 320 135.04 -32.35 -16.73
N THR DB 321 135.31 -31.19 -17.31
CA THR DB 321 136.33 -30.31 -16.74
C THR DB 321 135.85 -28.87 -16.65
N ALA DB 322 134.87 -28.54 -17.49
CA ALA DB 322 134.30 -27.20 -17.54
C ALA DB 322 133.81 -26.74 -16.19
N GLN DB 323 133.93 -25.45 -15.93
CA GLN DB 323 133.32 -24.89 -14.74
C GLN DB 323 131.82 -24.74 -14.96
N LEU DB 324 131.05 -24.66 -13.87
CA LEU DB 324 129.62 -24.43 -14.00
C LEU DB 324 129.34 -22.95 -13.83
N PRO DB 325 128.81 -22.31 -14.87
CA PRO DB 325 128.54 -20.87 -14.84
C PRO DB 325 127.12 -20.54 -14.36
N ILE DB 326 127.00 -19.45 -13.61
CA ILE DB 326 125.74 -18.92 -13.13
C ILE DB 326 125.65 -17.50 -13.71
N VAL DB 327 124.56 -17.19 -14.40
CA VAL DB 327 124.34 -15.82 -14.88
C VAL DB 327 123.23 -15.18 -14.07
N VAL DB 328 123.54 -14.08 -13.39
CA VAL DB 328 122.54 -13.41 -12.56
C VAL DB 328 121.97 -12.16 -13.23
N GLN DB 329 120.66 -12.02 -13.22
CA GLN DB 329 120.02 -10.78 -13.67
C GLN DB 329 119.31 -10.11 -12.52
N ILE DB 330 119.49 -8.80 -12.38
CA ILE DB 330 118.83 -8.05 -11.34
C ILE DB 330 117.70 -7.24 -11.95
N ASP DB 331 116.49 -7.49 -11.46
CA ASP DB 331 115.30 -6.89 -12.07
C ASP DB 331 114.86 -5.62 -11.37
N GLU DB 332 114.82 -5.65 -10.05
CA GLU DB 332 114.52 -4.45 -9.29
C GLU DB 332 114.86 -4.56 -7.83
N ILE DB 333 114.87 -3.40 -7.16
CA ILE DB 333 114.91 -3.34 -5.72
C ILE DB 333 113.46 -3.20 -5.25
N VAL DB 334 112.92 -4.26 -4.67
CA VAL DB 334 111.53 -4.24 -4.22
C VAL DB 334 111.49 -3.77 -2.79
N ARG DB 335 110.40 -3.10 -2.42
CA ARG DB 335 110.27 -2.53 -1.08
C ARG DB 335 111.53 -1.72 -0.77
N PRO DB 336 111.82 -0.70 -1.59
CA PRO DB 336 113.11 0.00 -1.58
C PRO DB 336 113.22 0.96 -0.42
N ASP DB 337 114.39 0.99 0.19
CA ASP DB 337 114.71 2.00 1.19
C ASP DB 337 115.79 2.90 0.59
N LEU DB 338 115.38 3.98 -0.07
CA LEU DB 338 116.36 4.79 -0.78
C LEU DB 338 116.92 5.91 0.08
N SER DB 339 118.13 6.32 -0.24
CA SER DB 339 118.72 7.51 0.37
C SER DB 339 118.16 8.75 -0.30
N LEU DB 340 118.64 9.90 0.13
CA LEU DB 340 118.38 11.13 -0.59
C LEU DB 340 118.93 10.99 -1.99
N PRO DB 341 118.32 11.72 -2.93
CA PRO DB 341 118.95 11.82 -4.25
C PRO DB 341 120.35 12.41 -4.06
N SER DB 342 121.30 12.05 -4.91
CA SER DB 342 122.65 12.59 -4.78
C SER DB 342 122.71 14.05 -5.29
N PHE DB 343 121.83 14.39 -6.23
CA PHE DB 343 121.75 15.77 -6.71
C PHE DB 343 120.36 16.33 -6.54
N GLU DB 344 120.29 17.65 -6.30
CA GLU DB 344 119.01 18.33 -6.19
C GLU DB 344 118.68 18.96 -7.52
N ASP DB 345 117.51 19.60 -7.63
CA ASP DB 345 117.17 20.29 -8.87
C ASP DB 345 117.93 21.64 -8.93
N ASP DB 346 119.20 21.55 -9.28
CA ASP DB 346 120.09 22.65 -9.13
C ASP DB 346 121.08 22.61 -10.29
N TYR DB 347 121.95 23.61 -10.35
CA TYR DB 347 123.01 23.65 -11.33
C TYR DB 347 124.07 22.61 -10.99
N PHE DB 348 124.86 22.25 -11.99
CA PHE DB 348 126.07 21.45 -11.78
C PHE DB 348 127.14 21.87 -12.77
N VAL DB 349 128.37 21.50 -12.48
CA VAL DB 349 129.48 21.97 -13.29
C VAL DB 349 129.54 21.31 -14.64
N TRP DB 350 129.59 22.15 -15.68
CA TRP DB 350 129.79 21.66 -17.02
C TRP DB 350 131.29 21.71 -17.32
N VAL DB 351 131.88 22.88 -17.23
CA VAL DB 351 133.30 23.03 -17.57
C VAL DB 351 133.97 24.22 -16.88
N ASP DB 352 135.24 24.03 -16.53
CA ASP DB 352 136.07 25.13 -16.05
C ASP DB 352 137.16 25.44 -17.09
N PHE DB 353 137.28 26.71 -17.47
CA PHE DB 353 138.41 27.13 -18.29
C PHE DB 353 139.37 27.92 -17.42
N SER DB 354 140.67 27.62 -17.55
CA SER DB 354 141.68 28.29 -16.74
C SER DB 354 143.01 28.35 -17.47
N GLU DB 355 143.99 29.03 -16.87
CA GLU DB 355 145.34 29.06 -17.42
C GLU DB 355 145.36 29.50 -18.89
N PHE DB 356 144.76 30.65 -19.16
CA PHE DB 356 144.70 31.17 -20.54
C PHE DB 356 146.04 31.67 -20.98
N THR DB 357 146.42 31.38 -22.21
CA THR DB 357 147.73 31.80 -22.72
C THR DB 357 147.63 32.98 -23.69
N LEU DB 358 146.45 33.14 -24.28
CA LEU DB 358 146.20 34.27 -25.16
C LEU DB 358 145.11 35.15 -24.58
N ASP DB 359 145.20 36.45 -24.80
CA ASP DB 359 144.14 37.37 -24.38
C ASP DB 359 142.87 37.16 -25.22
N LYS DB 360 143.02 36.90 -26.52
CA LYS DB 360 141.88 36.60 -27.38
C LYS DB 360 141.60 35.09 -27.39
N GLU DB 361 140.46 34.72 -26.82
CA GLU DB 361 140.05 33.31 -26.78
C GLU DB 361 138.59 33.20 -27.23
N GLU DB 362 138.29 32.23 -28.07
CA GLU DB 362 136.89 32.04 -28.47
C GLU DB 362 136.47 30.58 -28.43
N ILE DB 363 135.58 30.26 -27.50
CA ILE DB 363 135.12 28.90 -27.27
C ILE DB 363 133.80 28.66 -27.99
N GLU DB 364 133.82 27.85 -29.05
CA GLU DB 364 132.59 27.55 -29.77
C GLU DB 364 131.82 26.42 -29.10
N ILE DB 365 130.53 26.65 -28.89
CA ILE DB 365 129.66 25.67 -28.26
C ILE DB 365 128.67 25.16 -29.30
N GLY DB 366 128.08 26.08 -30.04
CA GLY DB 366 127.11 25.75 -31.05
C GLY DB 366 125.78 25.36 -30.45
N SER DB 367 125.37 24.11 -30.71
CA SER DB 367 124.12 23.62 -30.15
C SER DB 367 124.35 22.33 -29.41
N ARG DB 368 125.60 22.07 -29.02
CA ARG DB 368 125.96 20.79 -28.39
C ARG DB 368 126.29 20.90 -26.91
N PHE DB 369 126.05 19.81 -26.18
CA PHE DB 369 126.63 19.64 -24.86
C PHE DB 369 127.69 18.57 -25.00
N PHE DB 370 128.95 18.89 -24.75
CA PHE DB 370 130.04 17.97 -25.09
C PHE DB 370 131.33 18.29 -24.34
N ASP DB 371 132.38 17.53 -24.61
CA ASP DB 371 133.69 17.76 -23.99
C ASP DB 371 134.55 18.73 -24.82
N PHE DB 372 135.02 19.79 -24.18
CA PHE DB 372 135.87 20.78 -24.84
C PHE DB 372 137.33 20.34 -24.91
N THR DB 373 138.04 20.87 -25.88
CA THR DB 373 139.50 20.77 -25.90
C THR DB 373 140.08 22.10 -26.32
N SER DB 374 141.26 22.42 -25.81
CA SER DB 374 141.93 23.67 -26.20
C SER DB 374 143.45 23.53 -26.21
N ASN DB 375 144.07 24.20 -27.17
CA ASN DB 375 145.52 24.28 -27.26
C ASN DB 375 146.04 25.49 -26.54
N THR DB 376 145.14 26.43 -26.26
CA THR DB 376 145.52 27.73 -25.74
C THR DB 376 145.11 27.93 -24.28
N CYS DB 377 144.35 26.99 -23.73
CA CYS DB 377 143.99 27.05 -22.31
C CYS DB 377 143.67 25.68 -21.73
N ARG DB 378 143.52 25.64 -20.42
CA ARG DB 378 143.23 24.39 -19.72
C ARG DB 378 141.74 24.14 -19.56
N VAL DB 379 141.28 23.03 -20.12
CA VAL DB 379 139.89 22.63 -19.98
C VAL DB 379 139.76 21.57 -18.88
N SER DB 380 138.84 21.79 -17.96
CA SER DB 380 138.54 20.79 -16.93
C SER DB 380 137.05 20.46 -16.99
N MET DB 381 136.73 19.25 -17.45
CA MET DB 381 135.35 18.90 -17.64
C MET DB 381 134.70 18.37 -16.35
N GLY DB 382 133.41 18.63 -16.17
CA GLY DB 382 132.68 18.12 -15.03
C GLY DB 382 132.25 16.69 -15.25
N GLU DB 383 132.25 15.89 -14.19
CA GLU DB 383 131.68 14.55 -14.25
C GLU DB 383 130.47 14.43 -13.30
N ASN DB 384 129.30 14.18 -13.87
CA ASN DB 384 128.07 14.03 -13.09
C ASN DB 384 127.05 13.16 -13.85
N PRO DB 385 125.94 12.78 -13.18
CA PRO DB 385 125.00 11.89 -13.85
C PRO DB 385 124.47 12.45 -15.17
N PHE DB 386 124.23 13.75 -15.22
CA PHE DB 386 123.70 14.30 -16.47
C PHE DB 386 124.64 14.03 -17.64
N ALA DB 387 125.93 14.30 -17.46
CA ALA DB 387 126.92 14.06 -18.50
C ALA DB 387 126.98 12.59 -18.91
N ALA DB 388 126.87 11.69 -17.93
CA ALA DB 388 126.80 10.27 -18.22
C ALA DB 388 125.53 9.93 -19.00
N MET DB 389 124.40 10.50 -18.63
CA MET DB 389 123.18 10.23 -19.39
C MET DB 389 123.30 10.67 -20.84
N ILE DB 390 124.00 11.78 -21.07
CA ILE DB 390 124.25 12.24 -22.44
C ILE DB 390 125.06 11.21 -23.20
N ALA DB 391 126.01 10.60 -22.51
CA ALA DB 391 126.94 9.63 -23.10
C ALA DB 391 126.31 8.26 -23.29
N CYS DB 392 125.28 7.96 -22.53
CA CYS DB 392 124.65 6.64 -22.54
C CYS DB 392 123.36 6.59 -23.34
N HIS DB 393 123.14 7.57 -24.21
CA HIS DB 393 122.02 7.55 -25.13
C HIS DB 393 122.49 7.94 -26.52
N GLY DB 394 121.78 7.42 -27.51
CA GLY DB 394 122.13 7.73 -28.88
C GLY DB 394 121.82 9.18 -29.24
N LEU DB 395 120.68 9.67 -28.79
CA LEU DB 395 120.23 11.03 -29.06
C LEU DB 395 119.71 11.72 -27.81
N HIS DB 396 119.82 13.03 -27.76
CA HIS DB 396 119.22 13.80 -26.68
C HIS DB 396 118.73 15.14 -27.21
N SER DB 397 117.90 15.80 -26.42
CA SER DB 397 117.42 17.14 -26.79
C SER DB 397 116.82 17.88 -25.58
N GLY DB 398 117.09 19.17 -25.48
CA GLY DB 398 116.51 19.98 -24.42
C GLY DB 398 117.12 21.36 -24.33
N VAL DB 399 116.82 22.03 -23.23
CA VAL DB 399 117.38 23.34 -23.00
C VAL DB 399 118.16 23.41 -21.70
N LEU DB 400 119.35 23.98 -21.74
CA LEU DB 400 120.19 24.16 -20.57
C LEU DB 400 120.23 25.61 -20.16
N ASP DB 401 119.94 25.87 -18.89
CA ASP DB 401 120.20 27.19 -18.34
C ASP DB 401 121.67 27.24 -17.88
N LEU DB 402 122.41 28.25 -18.32
CA LEU DB 402 123.80 28.41 -17.95
C LEU DB 402 124.05 29.54 -16.92
N LYS DB 403 124.94 29.27 -15.98
CA LYS DB 403 125.49 30.30 -15.12
C LYS DB 403 126.98 30.36 -15.39
N LEU DB 404 127.47 31.55 -15.73
CA LEU DB 404 128.91 31.75 -15.89
C LEU DB 404 129.44 32.53 -14.69
N GLN DB 405 130.55 32.08 -14.13
CA GLN DB 405 131.19 32.76 -13.03
C GLN DB 405 132.66 32.86 -13.33
N TRP DB 406 133.28 33.97 -12.94
CA TRP DB 406 134.73 34.09 -13.13
C TRP DB 406 135.40 34.95 -12.08
N SER DB 407 136.67 34.66 -11.81
CA SER DB 407 137.48 35.47 -10.90
C SER DB 407 138.64 36.06 -11.68
N LEU DB 408 139.17 37.18 -11.19
CA LEU DB 408 140.24 37.90 -11.86
C LEU DB 408 141.65 37.40 -11.52
N ASN DB 409 142.53 37.47 -12.53
CA ASN DB 409 143.94 37.15 -12.37
C ASN DB 409 144.79 38.41 -12.10
N THR DB 410 144.39 39.53 -12.69
CA THR DB 410 145.04 40.80 -12.49
C THR DB 410 144.32 41.61 -11.39
N GLU DB 411 144.84 42.80 -11.07
CA GLU DB 411 144.20 43.66 -10.07
C GLU DB 411 142.86 44.21 -10.58
N PHE DB 412 141.85 44.20 -9.73
CA PHE DB 412 140.52 44.62 -10.12
C PHE DB 412 140.50 45.98 -10.74
N GLY DB 413 141.26 46.91 -10.16
CA GLY DB 413 141.34 48.28 -10.65
C GLY DB 413 141.94 48.44 -12.04
N LYS DB 414 142.65 47.42 -12.50
CA LYS DB 414 143.30 47.45 -13.81
C LYS DB 414 142.47 46.75 -14.89
N SER DB 415 141.39 46.10 -14.46
CA SER DB 415 140.61 45.23 -15.32
C SER DB 415 139.89 45.98 -16.44
N SER DB 416 139.73 45.31 -17.57
CA SER DB 416 138.98 45.83 -18.71
C SER DB 416 138.47 44.65 -19.51
N GLY DB 417 137.64 44.93 -20.52
CA GLY DB 417 137.12 43.89 -21.40
C GLY DB 417 135.87 43.21 -20.88
N SER DB 418 135.61 42.01 -21.41
CA SER DB 418 134.31 41.35 -21.25
C SER DB 418 134.35 39.85 -21.50
N VAL DB 419 133.39 39.17 -20.88
CA VAL DB 419 132.96 37.84 -21.31
C VAL DB 419 131.74 38.06 -22.19
N THR DB 420 131.86 37.78 -23.49
CA THR DB 420 130.76 38.00 -24.42
C THR DB 420 130.15 36.69 -24.86
N ILE DB 421 128.82 36.59 -24.80
CA ILE DB 421 128.11 35.41 -25.28
C ILE DB 421 127.50 35.71 -26.64
N THR DB 422 128.09 35.17 -27.69
CA THR DB 422 127.50 35.30 -29.01
C THR DB 422 126.38 34.28 -29.22
N LYS DB 423 125.21 34.76 -29.60
CA LYS DB 423 124.08 33.89 -29.89
C LYS DB 423 123.61 34.12 -31.32
N LEU DB 424 123.75 33.10 -32.17
CA LEU DB 424 123.29 33.18 -33.55
C LEU DB 424 122.25 32.12 -33.87
N VAL DB 425 121.68 32.25 -35.06
CA VAL DB 425 120.93 31.15 -35.64
C VAL DB 425 121.59 30.87 -36.98
N GLY DB 426 122.16 29.68 -37.12
CA GLY DB 426 122.90 29.34 -38.33
C GLY DB 426 124.31 28.97 -37.96
N ASP DB 427 125.28 29.74 -38.45
CA ASP DB 427 126.69 29.59 -38.10
C ASP DB 427 127.39 30.93 -38.09
N LYS DB 428 128.66 30.93 -37.73
CA LYS DB 428 129.42 32.17 -37.64
C LYS DB 428 129.40 32.92 -38.98
N ALA DB 429 129.42 32.19 -40.08
CA ALA DB 429 129.52 32.77 -41.43
C ALA DB 429 128.26 33.43 -42.01
N MET DB 430 127.09 32.82 -41.82
CA MET DB 430 125.86 33.28 -42.47
C MET DB 430 124.68 33.41 -41.52
N GLY DB 431 124.96 33.35 -40.23
CA GLY DB 431 123.91 33.33 -39.22
C GLY DB 431 123.14 34.62 -38.96
N LEU DB 432 122.02 34.49 -38.26
CA LEU DB 432 121.22 35.61 -37.84
C LEU DB 432 121.54 35.90 -36.38
N ASP DB 433 121.33 37.14 -35.98
CA ASP DB 433 121.74 37.59 -34.65
C ASP DB 433 120.64 37.48 -33.60
N GLY DB 434 120.90 36.69 -32.57
CA GLY DB 434 119.94 36.49 -31.50
C GLY DB 434 120.30 37.30 -30.27
N PRO DB 435 119.97 36.75 -29.09
CA PRO DB 435 120.21 37.43 -27.81
C PRO DB 435 121.67 37.36 -27.35
N SER DB 436 122.58 37.82 -28.19
CA SER DB 436 124.00 37.93 -27.85
C SER DB 436 124.08 38.90 -26.69
N HIS DB 437 125.15 38.80 -25.92
CA HIS DB 437 125.16 39.42 -24.61
C HIS DB 437 126.60 39.77 -24.21
N VAL DB 438 126.83 41.03 -23.83
CA VAL DB 438 128.15 41.48 -23.42
C VAL DB 438 128.21 41.70 -21.93
N PHE DB 439 128.95 40.85 -21.22
CA PHE DB 439 129.17 41.00 -19.80
C PHE DB 439 130.51 41.71 -19.57
N ALA DB 440 130.47 42.94 -19.10
CA ALA DB 440 131.70 43.62 -18.72
C ALA DB 440 132.41 42.73 -17.73
N ILE DB 441 133.73 42.59 -17.86
CA ILE DB 441 134.47 41.65 -17.02
C ILE DB 441 134.26 41.88 -15.53
N GLN DB 442 133.97 43.13 -15.16
CA GLN DB 442 133.72 43.48 -13.75
C GLN DB 442 132.44 42.89 -13.16
N LYS DB 443 131.51 42.43 -14.01
CA LYS DB 443 130.28 41.81 -13.51
C LYS DB 443 130.62 40.54 -12.77
N LEU DB 444 131.66 39.86 -13.24
CA LEU DB 444 132.16 38.67 -12.57
C LEU DB 444 131.21 37.46 -12.64
N GLU DB 445 130.07 37.63 -13.32
CA GLU DB 445 129.12 36.54 -13.55
C GLU DB 445 128.09 36.92 -14.59
N GLY DB 446 127.46 35.92 -15.18
CA GLY DB 446 126.43 36.13 -16.18
C GLY DB 446 125.60 34.88 -16.39
N THR DB 447 124.44 35.04 -17.04
CA THR DB 447 123.56 33.89 -17.32
C THR DB 447 123.12 33.88 -18.77
N THR DB 448 122.80 32.69 -19.27
CA THR DB 448 122.26 32.55 -20.63
C THR DB 448 121.55 31.21 -20.76
N GLU DB 449 120.71 31.04 -21.79
CA GLU DB 449 120.16 29.74 -22.11
C GLU DB 449 120.94 29.11 -23.27
N LEU DB 450 120.98 27.79 -23.34
CA LEU DB 450 121.55 27.10 -24.51
C LEU DB 450 120.61 26.05 -25.05
N LEU DB 451 120.25 26.14 -26.33
CA LEU DB 451 119.43 25.10 -26.93
C LEU DB 451 120.36 23.97 -27.32
N VAL DB 452 120.12 22.79 -26.75
CA VAL DB 452 120.82 21.58 -27.15
C VAL DB 452 119.88 20.80 -28.05
N GLY DB 453 120.08 20.96 -29.34
CA GLY DB 453 119.20 20.39 -30.34
C GLY DB 453 119.41 21.03 -31.70
N ASN DB 454 118.46 20.83 -32.61
CA ASN DB 454 118.56 21.36 -33.96
C ASN DB 454 117.25 21.17 -34.70
N PHE DB 455 117.19 21.59 -35.97
CA PHE DB 455 115.95 21.52 -36.74
C PHE DB 455 115.37 20.12 -36.83
N ALA DB 456 116.23 19.10 -36.82
CA ALA DB 456 115.75 17.72 -36.87
C ALA DB 456 115.08 17.27 -35.56
N GLY DB 457 115.56 17.77 -34.42
CA GLY DB 457 114.89 17.55 -33.15
C GLY DB 457 115.76 16.99 -32.01
N ALA DB 458 116.95 16.51 -32.34
CA ALA DB 458 117.81 15.85 -31.35
C ALA DB 458 119.28 15.80 -31.79
N ASN DB 459 120.19 15.70 -30.84
CA ASN DB 459 121.62 15.62 -31.13
C ASN DB 459 122.16 14.22 -30.88
N PRO DB 460 123.01 13.75 -31.78
CA PRO DB 460 123.78 12.54 -31.51
C PRO DB 460 124.92 12.89 -30.57
N ASN DB 461 125.55 11.89 -29.98
CA ASN DB 461 126.64 12.17 -29.06
C ASN DB 461 127.98 12.19 -29.81
N THR DB 462 127.95 12.78 -31.00
CA THR DB 462 129.13 12.92 -31.82
C THR DB 462 129.12 14.33 -32.43
N ARG DB 463 130.12 14.64 -33.23
CA ARG DB 463 130.05 15.87 -34.02
C ARG DB 463 129.08 15.61 -35.19
N PHE DB 464 128.29 16.63 -35.51
CA PHE DB 464 127.30 16.56 -36.59
C PHE DB 464 127.14 17.99 -37.10
N SER DB 465 126.54 18.15 -38.28
CA SER DB 465 126.27 19.49 -38.79
C SER DB 465 124.81 19.63 -39.18
N LEU DB 466 123.99 20.17 -38.29
CA LEU DB 466 122.57 20.37 -38.60
C LEU DB 466 122.13 21.74 -38.16
N TYR DB 467 121.58 22.51 -39.11
CA TYR DB 467 121.12 23.88 -38.85
C TYR DB 467 120.44 24.02 -37.49
N SER DB 468 120.94 24.93 -36.68
CA SER DB 468 120.34 25.20 -35.37
C SER DB 468 120.77 26.56 -34.85
N ARG DB 469 120.38 26.88 -33.63
CA ARG DB 469 120.93 28.03 -32.94
C ARG DB 469 122.41 27.73 -32.65
N TRP DB 470 123.20 28.79 -32.41
CA TRP DB 470 124.66 28.66 -32.33
C TRP DB 470 125.20 29.59 -31.25
N MET DB 471 125.99 29.04 -30.33
CA MET DB 471 126.50 29.85 -29.24
C MET DB 471 128.03 29.80 -29.14
N ALA DB 472 128.62 30.90 -28.70
CA ALA DB 472 130.07 30.95 -28.49
C ALA DB 472 130.40 31.87 -27.31
N ILE DB 473 131.47 31.57 -26.60
CA ILE DB 473 131.91 32.47 -25.55
C ILE DB 473 133.15 33.13 -26.08
N LYS DB 474 133.19 34.47 -26.03
CA LYS DB 474 134.33 35.26 -26.52
C LYS DB 474 135.02 36.04 -25.40
N LEU DB 475 136.28 35.69 -25.13
CA LEU DB 475 137.11 36.44 -24.20
C LEU DB 475 138.04 37.40 -24.96
N ASP DB 476 138.18 38.63 -24.47
CA ASP DB 476 139.11 39.60 -25.11
C ASP DB 476 140.31 39.96 -24.21
N GLN DB 477 140.17 39.61 -22.93
CA GLN DB 477 141.20 39.86 -21.93
C GLN DB 477 141.36 38.62 -21.08
N ALA DB 478 141.51 37.48 -21.74
CA ALA DB 478 141.42 36.19 -21.09
C ALA DB 478 142.51 35.99 -20.06
N LYS DB 479 143.68 36.58 -20.30
CA LYS DB 479 144.79 36.47 -19.36
C LYS DB 479 144.47 37.13 -18.02
N SER DB 480 143.45 37.98 -17.98
CA SER DB 480 143.00 38.63 -16.75
C SER DB 480 142.01 37.77 -15.98
N ILE DB 481 141.73 36.58 -16.50
CA ILE DB 481 140.79 35.69 -15.83
C ILE DB 481 141.51 34.49 -15.23
N LYS DB 482 141.32 34.27 -13.93
CA LYS DB 482 141.94 33.11 -13.28
C LYS DB 482 141.15 31.84 -13.54
N VAL DB 483 139.84 31.97 -13.59
CA VAL DB 483 138.99 30.85 -13.97
C VAL DB 483 137.63 31.30 -14.51
N LEU DB 484 137.17 30.66 -15.58
CA LEU DB 484 135.83 30.84 -16.08
C LEU DB 484 135.09 29.54 -15.85
N ARG DB 485 134.07 29.55 -14.99
CA ARG DB 485 133.31 28.34 -14.71
C ARG DB 485 131.93 28.40 -15.36
N VAL DB 486 131.53 27.32 -16.02
CA VAL DB 486 130.21 27.27 -16.61
C VAL DB 486 129.39 26.17 -15.96
N LEU DB 487 128.33 26.56 -15.25
CA LEU DB 487 127.38 25.62 -14.68
C LEU DB 487 126.13 25.55 -15.54
N CYS DB 488 125.48 24.40 -15.53
CA CYS DB 488 124.23 24.25 -16.26
C CYS DB 488 123.16 23.58 -15.41
N LYS DB 489 121.90 23.78 -15.79
CA LYS DB 489 120.73 23.24 -15.10
C LYS DB 489 119.67 22.96 -16.15
N PRO DB 490 119.47 21.67 -16.49
CA PRO DB 490 118.52 21.31 -17.54
C PRO DB 490 117.10 21.72 -17.20
N ARG DB 491 116.44 22.37 -18.15
CA ARG DB 491 115.04 22.72 -18.00
C ARG DB 491 114.24 21.45 -18.13
N PRO DB 492 113.10 21.40 -17.44
CA PRO DB 492 112.24 20.23 -17.34
C PRO DB 492 111.96 19.71 -18.73
N GLY DB 493 112.01 18.40 -18.91
CA GLY DB 493 111.70 17.80 -20.19
C GLY DB 493 112.92 17.58 -21.06
N PHE DB 494 114.11 17.64 -20.46
CA PHE DB 494 115.31 17.31 -21.22
C PHE DB 494 115.27 15.81 -21.55
N SER DB 495 115.31 15.48 -22.84
CA SER DB 495 114.99 14.12 -23.26
C SER DB 495 116.15 13.32 -23.82
N PHE DB 496 116.12 12.02 -23.54
CA PHE DB 496 117.14 11.08 -24.04
C PHE DB 496 116.47 9.96 -24.83
N TYR DB 497 117.10 9.57 -25.93
CA TYR DB 497 116.56 8.57 -26.84
C TYR DB 497 117.55 7.43 -27.05
N GLY DB 498 117.06 6.20 -26.93
CA GLY DB 498 117.85 5.01 -27.20
C GLY DB 498 119.01 4.69 -26.26
N ARG DB 499 118.72 3.96 -25.19
CA ARG DB 499 119.75 3.63 -24.20
C ARG DB 499 120.89 2.84 -24.85
N THR DB 500 122.12 3.22 -24.50
CA THR DB 500 123.30 2.54 -25.00
C THR DB 500 124.45 2.69 -23.99
N SER DB 501 125.69 2.51 -24.46
CA SER DB 501 126.84 2.63 -23.57
C SER DB 501 127.95 3.44 -24.21
N PHE DB 502 128.99 3.70 -23.42
CA PHE DB 502 130.05 4.58 -23.85
C PHE DB 502 131.37 4.21 -23.21
N PRO DB 503 132.18 3.41 -23.92
CA PRO DB 503 133.51 3.04 -23.46
C PRO DB 503 134.52 4.15 -23.70
N VAL DB 504 135.33 4.45 -22.68
CA VAL DB 504 136.47 5.35 -22.80
C VAL DB 504 137.70 4.77 -22.10
N GLY EB 1 82.00 52.01 -59.54
CA GLY EB 1 82.07 52.47 -60.91
C GLY EB 1 83.50 52.60 -61.41
N LEU EB 2 83.67 52.80 -62.71
CA LEU EB 2 85.01 53.00 -63.25
C LEU EB 2 85.65 54.24 -62.62
N ALA EB 3 86.82 54.04 -62.02
CA ALA EB 3 87.45 55.08 -61.22
C ALA EB 3 88.67 55.68 -61.92
N GLY EB 4 89.33 54.85 -62.73
CA GLY EB 4 90.51 55.27 -63.47
C GLY EB 4 90.90 54.25 -64.52
N ARG EB 5 91.78 54.64 -65.43
CA ARG EB 5 92.21 53.73 -66.48
C ARG EB 5 93.60 54.03 -66.99
N GLY EB 6 94.12 53.12 -67.80
CA GLY EB 6 95.45 53.26 -68.34
C GLY EB 6 95.71 52.22 -69.42
N VAL EB 7 96.83 52.35 -70.11
CA VAL EB 7 97.09 51.50 -71.26
C VAL EB 7 98.48 50.91 -71.20
N ILE EB 8 98.60 49.62 -71.42
CA ILE EB 8 99.89 48.95 -71.51
C ILE EB 8 100.17 48.58 -72.96
N TYR EB 9 101.40 48.84 -73.43
CA TYR EB 9 101.71 48.55 -74.83
C TYR EB 9 102.56 47.30 -74.97
N ILE EB 10 101.97 46.27 -75.57
CA ILE EB 10 102.68 45.02 -75.84
C ILE EB 10 103.39 45.09 -77.18
N PRO EB 11 104.69 44.79 -77.21
CA PRO EB 11 105.47 44.58 -78.43
C PRO EB 11 105.07 43.29 -79.16
N LYS EB 12 105.11 43.30 -80.48
CA LYS EB 12 104.82 42.06 -81.23
C LYS EB 12 105.67 40.88 -80.81
N ASP EB 13 106.97 41.10 -80.57
CA ASP EB 13 107.80 40.07 -79.95
C ASP EB 13 107.93 40.34 -78.46
N CYS EB 14 107.09 39.68 -77.67
CA CYS EB 14 107.09 39.86 -76.23
C CYS EB 14 107.81 38.68 -75.55
N GLN EB 15 109.11 38.87 -75.28
CA GLN EB 15 109.97 37.83 -74.68
C GLN EB 15 109.90 37.84 -73.15
N ALA EB 16 110.22 36.73 -72.48
CA ALA EB 16 110.17 36.77 -71.01
C ALA EB 16 111.08 37.84 -70.47
N ASN EB 17 110.54 38.62 -69.55
CA ASN EB 17 111.29 39.63 -68.80
C ASN EB 17 111.22 41.04 -69.32
N ARG EB 18 110.50 41.22 -70.43
CA ARG EB 18 110.29 42.54 -71.00
C ARG EB 18 109.47 43.32 -70.00
N TYR EB 19 109.97 44.50 -69.65
CA TYR EB 19 109.20 45.43 -68.84
C TYR EB 19 108.22 46.06 -69.79
N LEU EB 20 106.96 46.10 -69.42
CA LEU EB 20 105.91 46.58 -70.31
C LEU EB 20 105.47 48.00 -69.95
N GLY EB 21 105.60 48.32 -68.67
CA GLY EB 21 105.28 49.66 -68.21
C GLY EB 21 104.78 49.69 -66.79
N THR EB 22 104.69 50.90 -66.25
CA THR EB 22 104.13 51.10 -64.91
C THR EB 22 102.99 52.09 -64.94
N LEU EB 23 101.89 51.76 -64.29
CA LEU EB 23 100.80 52.70 -64.15
C LEU EB 23 100.83 53.22 -62.75
N ASN EB 24 100.57 54.51 -62.59
CA ASN EB 24 100.51 55.12 -61.28
C ASN EB 24 99.03 55.18 -60.83
N ILE EB 25 98.69 54.42 -59.78
CA ILE EB 25 97.29 54.25 -59.40
C ILE EB 25 96.61 55.58 -59.15
N ARG EB 26 97.30 56.51 -58.52
CA ARG EB 26 96.65 57.77 -58.21
C ARG EB 26 96.49 58.64 -59.48
N ASP EB 27 97.49 58.60 -60.35
CA ASP EB 27 97.38 59.27 -61.64
C ASP EB 27 96.26 58.68 -62.51
N MET EB 28 96.05 57.36 -62.47
CA MET EB 28 94.95 56.76 -63.23
C MET EB 28 93.60 57.35 -62.84
N ILE EB 29 93.41 57.61 -61.55
CA ILE EB 29 92.16 58.15 -61.06
C ILE EB 29 92.06 59.65 -61.32
N SER EB 30 93.17 60.38 -61.17
CA SER EB 30 93.15 61.83 -61.34
C SER EB 30 93.16 62.28 -62.81
N ASP EB 31 93.78 61.51 -63.70
CA ASP EB 31 93.78 61.86 -65.12
C ASP EB 31 92.41 61.62 -65.72
N PHE EB 32 91.70 60.65 -65.15
CA PHE EB 32 90.38 60.27 -65.62
C PHE EB 32 89.37 61.35 -65.17
N LYS EB 33 89.23 61.52 -63.87
CA LYS EB 33 88.70 62.77 -63.32
C LYS EB 33 87.26 63.11 -63.69
N GLY EB 34 86.32 62.16 -63.71
CA GLY EB 34 86.30 61.01 -62.85
C GLY EB 34 85.19 61.35 -61.85
N VAL EB 35 84.04 60.68 -61.87
CA VAL EB 35 83.06 60.87 -60.79
C VAL EB 35 83.66 60.44 -59.46
N GLN EB 36 84.44 59.37 -59.47
CA GLN EB 36 85.09 58.88 -58.28
C GLN EB 36 86.20 59.82 -57.82
N TYR EB 37 86.97 60.36 -58.76
CA TYR EB 37 87.99 61.34 -58.41
C TYR EB 37 87.36 62.53 -57.68
N GLU EB 38 86.23 63.00 -58.17
CA GLU EB 38 85.61 64.15 -57.54
C GLU EB 38 85.03 63.81 -56.17
N LYS EB 39 84.53 62.59 -55.97
CA LYS EB 39 84.06 62.17 -54.64
C LYS EB 39 85.25 62.15 -53.69
N TRP EB 40 86.43 61.88 -54.24
CA TRP EB 40 87.68 61.73 -53.48
C TRP EB 40 88.11 63.06 -52.89
N ILE EB 41 88.09 64.11 -53.73
CA ILE EB 41 88.41 65.47 -53.28
C ILE EB 41 87.59 65.89 -52.06
N THR EB 42 86.35 65.47 -51.99
CA THR EB 42 85.49 65.81 -50.85
C THR EB 42 85.77 64.95 -49.63
N ALA EB 43 86.07 63.68 -49.86
CA ALA EB 43 86.39 62.76 -48.79
C ALA EB 43 87.71 63.16 -48.11
N GLY EB 44 88.66 63.57 -48.92
CA GLY EB 44 90.01 63.83 -48.45
C GLY EB 44 90.83 62.55 -48.44
N LEU EB 45 90.43 61.64 -47.56
CA LEU EB 45 91.09 60.34 -47.43
C LEU EB 45 90.21 59.21 -47.94
N VAL EB 46 90.79 58.28 -48.69
CA VAL EB 46 90.06 57.08 -49.10
C VAL EB 46 90.87 55.81 -48.83
N MET EB 47 90.18 54.73 -48.45
CA MET EB 47 90.81 53.40 -48.24
C MET EB 47 90.17 52.35 -49.15
N PRO EB 48 90.27 52.56 -50.47
CA PRO EB 48 89.40 51.86 -51.43
C PRO EB 48 89.50 50.34 -51.38
N THR EB 49 88.44 49.68 -51.81
CA THR EB 49 88.58 48.31 -52.29
C THR EB 49 88.46 48.38 -53.81
N PHE EB 50 89.57 48.17 -54.50
CA PHE EB 50 89.59 48.25 -55.96
C PHE EB 50 89.28 46.90 -56.58
N LYS EB 51 88.57 46.93 -57.71
CA LYS EB 51 88.55 45.82 -58.63
C LYS EB 51 89.42 46.26 -59.80
N ILE EB 52 90.51 45.54 -60.04
CA ILE EB 52 91.34 45.85 -61.19
C ILE EB 52 90.94 44.92 -62.31
N VAL EB 53 90.76 45.48 -63.51
CA VAL EB 53 90.39 44.69 -64.66
C VAL EB 53 91.36 44.98 -65.79
N ILE EB 54 91.99 43.94 -66.32
CA ILE EB 54 92.88 44.10 -67.47
C ILE EB 54 92.20 43.52 -68.70
N ARG EB 55 91.88 44.39 -69.66
CA ARG EB 55 91.23 43.96 -70.89
C ARG EB 55 92.23 43.66 -71.97
N LEU EB 56 92.01 42.53 -72.63
CA LEU EB 56 93.09 41.67 -73.09
C LEU EB 56 92.41 40.61 -73.95
N PRO EB 57 92.79 40.53 -75.23
CA PRO EB 57 92.10 39.57 -76.11
C PRO EB 57 92.58 38.16 -75.83
N ALA EB 58 91.66 37.27 -75.48
CA ALA EB 58 92.04 35.92 -75.14
C ALA EB 58 92.67 35.20 -76.33
N ASN EB 59 93.73 34.44 -76.09
CA ASN EB 59 94.39 33.70 -77.15
C ASN EB 59 95.16 32.50 -76.64
N ALA EB 60 94.87 31.33 -77.22
CA ALA EB 60 95.51 30.11 -76.72
C ALA EB 60 96.77 29.76 -77.53
N PHE EB 61 97.17 30.62 -78.45
CA PHE EB 61 98.21 30.24 -79.40
C PHE EB 61 99.53 30.99 -79.22
N THR EB 62 99.73 31.59 -78.04
CA THR EB 62 100.91 32.42 -77.85
C THR EB 62 101.83 31.92 -76.75
N GLY EB 63 101.25 31.44 -75.65
CA GLY EB 63 102.03 30.99 -74.51
C GLY EB 63 102.38 32.11 -73.55
N LEU EB 64 101.92 33.33 -73.89
CA LEU EB 64 102.19 34.52 -73.10
C LEU EB 64 101.59 34.47 -71.71
N THR EB 65 102.42 34.77 -70.70
CA THR EB 65 101.93 34.99 -69.34
C THR EB 65 102.58 36.25 -68.77
N TRP EB 66 101.77 37.13 -68.21
CA TRP EB 66 102.28 38.39 -67.68
C TRP EB 66 102.13 38.40 -66.19
N VAL EB 67 102.84 39.30 -65.52
CA VAL EB 67 102.64 39.51 -64.08
C VAL EB 67 102.28 40.95 -63.77
N MET EB 68 101.15 41.15 -63.10
CA MET EB 68 100.84 42.46 -62.51
C MET EB 68 101.37 42.49 -61.08
N SER EB 69 102.23 43.45 -60.77
CA SER EB 69 102.84 43.53 -59.45
C SER EB 69 102.34 44.80 -58.77
N PHE EB 70 101.74 44.66 -57.59
CA PHE EB 70 101.25 45.80 -56.81
C PHE EB 70 102.35 46.30 -55.88
N ASP EB 71 102.96 47.42 -56.26
CA ASP EB 71 104.09 47.96 -55.54
C ASP EB 71 103.69 49.26 -54.85
N ALA EB 72 102.99 49.16 -53.74
CA ALA EB 72 102.42 50.36 -53.13
C ALA EB 72 103.46 51.32 -52.60
N TYR EB 73 104.67 50.80 -52.37
CA TYR EB 73 105.71 51.59 -51.71
C TYR EB 73 106.92 51.78 -52.59
N ASN EB 74 106.74 51.57 -53.89
CA ASN EB 74 107.74 51.89 -54.89
C ASN EB 74 109.11 51.28 -54.59
N ARG EB 75 109.14 49.98 -54.34
CA ARG EB 75 110.35 49.29 -53.87
C ARG EB 75 111.12 48.57 -54.98
N ILE EB 76 110.44 48.12 -56.03
CA ILE EB 76 111.11 47.43 -57.12
C ILE EB 76 111.15 48.20 -58.46
N THR EB 77 110.56 49.39 -58.51
CA THR EB 77 110.50 50.12 -59.78
C THR EB 77 111.89 50.38 -60.34
N SER EB 78 112.76 51.00 -59.54
CA SER EB 78 114.13 51.29 -59.95
C SER EB 78 114.81 50.13 -60.67
N ARG EB 79 114.52 48.90 -60.27
CA ARG EB 79 115.26 47.72 -60.73
C ARG EB 79 114.64 46.94 -61.89
N ILE EB 80 113.38 47.20 -62.24
CA ILE EB 80 112.76 46.44 -63.31
C ILE EB 80 112.55 47.18 -64.62
N THR EB 81 113.03 48.41 -64.76
CA THR EB 81 112.66 49.17 -65.95
C THR EB 81 113.46 48.82 -67.19
N ALA EB 82 114.69 48.36 -67.03
CA ALA EB 82 115.47 47.93 -68.18
C ALA EB 82 115.02 46.53 -68.52
N SER EB 83 115.09 45.65 -67.54
CA SER EB 83 114.62 44.28 -67.67
C SER EB 83 114.11 43.83 -66.30
N ALA EB 84 113.06 43.01 -66.31
CA ALA EB 84 112.42 42.67 -65.07
C ALA EB 84 112.66 41.21 -64.72
N ASP EB 85 113.57 40.96 -63.78
CA ASP EB 85 113.78 39.60 -63.30
C ASP EB 85 112.52 39.19 -62.52
N PRO EB 86 112.06 37.95 -62.73
CA PRO EB 86 110.93 37.47 -61.93
C PRO EB 86 111.15 37.55 -60.42
N VAL EB 87 112.40 37.51 -59.94
CA VAL EB 87 112.65 37.58 -58.52
C VAL EB 87 112.14 38.91 -57.95
N TYR EB 88 112.29 39.99 -58.72
CA TYR EB 88 111.75 41.28 -58.30
C TYR EB 88 110.24 41.31 -58.41
N THR EB 89 109.73 40.96 -59.59
CA THR EB 89 108.30 41.11 -59.87
C THR EB 89 107.44 40.22 -59.01
N LEU EB 90 107.98 39.12 -58.49
CA LEU EB 90 107.21 38.21 -57.64
C LEU EB 90 107.42 38.42 -56.13
N SER EB 91 108.23 39.43 -55.79
CA SER EB 91 108.59 39.70 -54.41
C SER EB 91 107.59 40.60 -53.70
N VAL EB 92 106.63 41.12 -54.45
CA VAL EB 92 105.58 41.94 -53.87
C VAL EB 92 104.25 41.30 -54.26
N PRO EB 93 103.13 41.72 -53.64
CA PRO EB 93 101.85 41.13 -54.05
C PRO EB 93 101.67 41.19 -55.58
N HIS EB 94 101.19 40.11 -56.16
CA HIS EB 94 101.18 40.01 -57.61
C HIS EB 94 100.19 38.97 -58.11
N TRP EB 95 99.90 39.03 -59.41
CA TRP EB 95 98.92 38.16 -60.01
C TRP EB 95 99.41 37.68 -61.36
N LEU EB 96 99.21 36.39 -61.65
CA LEU EB 96 99.56 35.85 -62.96
C LEU EB 96 98.42 36.11 -63.94
N ILE EB 97 98.77 36.62 -65.11
CA ILE EB 97 97.80 36.89 -66.14
C ILE EB 97 98.07 36.00 -67.33
N HIS EB 98 97.23 34.98 -67.49
CA HIS EB 98 97.40 34.03 -68.58
C HIS EB 98 96.66 34.47 -69.84
N HIS EB 99 97.39 34.50 -70.95
CA HIS EB 99 96.81 34.97 -72.21
C HIS EB 99 95.64 34.08 -72.63
N LYS EB 100 95.71 32.78 -72.33
CA LYS EB 100 94.66 31.87 -72.73
C LYS EB 100 93.32 32.19 -72.05
N LEU EB 101 93.36 32.91 -70.93
CA LEU EB 101 92.14 33.18 -70.16
C LEU EB 101 91.50 34.52 -70.48
N GLY EB 102 92.19 35.29 -71.31
CA GLY EB 102 91.70 36.60 -71.71
C GLY EB 102 91.62 37.61 -70.58
N THR EB 103 90.54 38.39 -70.60
CA THR EB 103 90.35 39.49 -69.67
C THR EB 103 90.47 39.01 -68.22
N PHE EB 104 91.25 39.76 -67.43
CA PHE EB 104 91.65 39.37 -66.09
C PHE EB 104 91.07 40.31 -65.06
N SER EB 105 90.77 39.80 -63.89
CA SER EB 105 90.25 40.65 -62.83
C SER EB 105 90.72 40.18 -61.45
N CYS EB 106 90.90 41.12 -60.53
CA CYS EB 106 91.20 40.75 -59.14
C CYS EB 106 90.81 41.87 -58.19
N GLU EB 107 90.76 41.57 -56.90
CA GLU EB 107 90.45 42.58 -55.90
C GLU EB 107 91.67 42.98 -55.09
N ILE EB 108 91.79 44.28 -54.83
CA ILE EB 108 92.86 44.78 -54.01
C ILE EB 108 92.18 45.50 -52.86
N ASP EB 109 92.27 44.94 -51.66
CA ASP EB 109 91.83 45.66 -50.47
C ASP EB 109 92.99 46.53 -50.05
N TYR EB 110 92.89 47.82 -50.38
CA TYR EB 110 94.00 48.75 -50.15
C TYR EB 110 94.32 48.85 -48.67
N GLY EB 111 93.33 48.58 -47.83
CA GLY EB 111 93.55 48.50 -46.40
C GLY EB 111 94.56 47.45 -45.98
N GLU EB 112 94.52 46.28 -46.64
CA GLU EB 112 95.47 45.19 -46.35
C GLU EB 112 96.76 45.32 -47.14
N LEU EB 113 96.67 45.28 -48.46
CA LEU EB 113 97.85 45.29 -49.31
C LEU EB 113 98.69 46.55 -49.23
N CYS EB 114 98.07 47.63 -48.78
CA CYS EB 114 98.83 48.87 -48.66
C CYS EB 114 98.96 49.38 -47.21
N GLY EB 115 97.84 49.61 -46.52
CA GLY EB 115 97.90 49.96 -45.11
C GLY EB 115 97.66 51.41 -44.72
N HIS EB 116 97.94 52.35 -45.61
CA HIS EB 116 97.62 53.74 -45.31
C HIS EB 116 96.65 54.35 -46.32
N ALA EB 117 95.81 55.27 -45.86
CA ALA EB 117 94.79 55.88 -46.71
C ALA EB 117 95.38 56.94 -47.65
N MET EB 118 94.78 57.02 -48.85
CA MET EB 118 95.24 57.94 -49.89
C MET EB 118 94.68 59.36 -49.78
N TRP EB 119 95.59 60.34 -49.83
CA TRP EB 119 95.22 61.74 -49.68
C TRP EB 119 95.05 62.33 -51.06
N PHE EB 120 93.92 62.99 -51.28
CA PHE EB 120 93.54 63.45 -52.60
C PHE EB 120 94.55 64.38 -53.27
N LYS EB 121 95.24 65.21 -52.50
CA LYS EB 121 96.05 66.27 -53.10
C LYS EB 121 97.50 65.92 -53.41
N SER EB 122 98.03 64.91 -52.73
CA SER EB 122 99.42 64.54 -52.90
C SER EB 122 99.74 63.17 -52.32
N THR EB 123 100.83 62.60 -52.80
CA THR EB 123 101.32 61.35 -52.25
C THR EB 123 101.75 61.60 -50.79
N THR EB 124 101.36 60.73 -49.88
CA THR EB 124 101.79 60.82 -48.49
C THR EB 124 103.19 60.21 -48.32
N PHE EB 125 103.32 58.91 -48.50
CA PHE EB 125 104.65 58.29 -48.36
C PHE EB 125 105.29 58.11 -49.70
N GLU EB 126 105.02 57.00 -50.35
CA GLU EB 126 105.43 56.90 -51.73
C GLU EB 126 104.20 56.66 -52.58
N SER EB 127 104.37 56.84 -53.90
CA SER EB 127 103.27 56.77 -54.87
C SER EB 127 103.02 55.35 -55.37
N PRO EB 128 101.84 54.79 -55.09
CA PRO EB 128 101.49 53.40 -55.38
C PRO EB 128 101.47 53.07 -56.87
N ARG EB 129 102.21 52.05 -57.29
CA ARG EB 129 102.31 51.66 -58.69
C ARG EB 129 101.77 50.26 -59.00
N LEU EB 130 101.32 50.08 -60.24
CA LEU EB 130 101.12 48.75 -60.80
C LEU EB 130 102.17 48.51 -61.90
N HIS EB 131 102.99 47.47 -61.76
CA HIS EB 131 103.96 47.11 -62.80
C HIS EB 131 103.46 45.95 -63.68
N PHE EB 132 103.70 46.06 -64.98
CA PHE EB 132 103.34 44.99 -65.88
C PHE EB 132 104.56 44.44 -66.62
N THR EB 133 104.85 43.18 -66.37
CA THR EB 133 106.02 42.54 -66.93
C THR EB 133 105.60 41.24 -67.56
N CYS EB 134 106.44 40.74 -68.45
CA CYS EB 134 106.18 39.47 -69.11
C CYS EB 134 106.96 38.32 -68.44
N LEU EB 135 106.24 37.32 -67.91
CA LEU EB 135 106.85 36.23 -67.15
C LEU EB 135 107.36 35.14 -68.06
N THR EB 136 106.50 34.70 -68.97
CA THR EB 136 106.85 33.74 -70.02
C THR EB 136 106.53 34.36 -71.36
N GLY EB 137 107.46 34.26 -72.30
CA GLY EB 137 107.30 34.90 -73.58
C GLY EB 137 106.42 34.17 -74.59
N ASN EB 138 106.11 34.83 -75.70
CA ASN EB 138 105.36 34.20 -76.77
C ASN EB 138 106.25 33.21 -77.52
N ASN EB 139 105.63 32.18 -78.09
CA ASN EB 139 106.39 31.08 -78.69
C ASN EB 139 107.08 31.54 -79.98
N LYS EB 140 106.45 32.53 -80.60
CA LYS EB 140 106.96 33.18 -81.81
C LYS EB 140 106.33 34.55 -81.76
N GLU EB 141 106.91 35.53 -82.44
CA GLU EB 141 106.32 36.86 -82.37
C GLU EB 141 104.91 36.85 -82.96
N LEU EB 142 104.10 37.80 -82.52
CA LEU EB 142 102.76 37.97 -83.07
C LEU EB 142 102.79 38.82 -84.35
N ALA EB 143 101.62 39.08 -84.91
CA ALA EB 143 101.58 39.77 -86.20
C ALA EB 143 101.96 41.23 -86.08
N ALA EB 144 101.56 41.88 -84.99
CA ALA EB 144 101.83 43.31 -84.82
C ALA EB 144 101.81 43.74 -83.37
N ASP EB 145 102.33 44.95 -83.11
CA ASP EB 145 102.23 45.57 -81.78
C ASP EB 145 100.77 45.72 -81.41
N TRP EB 146 100.46 45.62 -80.11
CA TRP EB 146 99.10 45.79 -79.63
C TRP EB 146 99.07 46.44 -78.25
N GLN EB 147 97.88 46.57 -77.68
CA GLN EB 147 97.77 47.13 -76.34
C GLN EB 147 96.73 46.41 -75.49
N ALA EB 148 96.86 46.56 -74.18
CA ALA EB 148 95.86 46.09 -73.24
C ALA EB 148 95.39 47.28 -72.43
N VAL EB 149 94.15 47.22 -71.97
CA VAL EB 149 93.61 48.31 -71.15
C VAL EB 149 93.49 47.91 -69.67
N VAL EB 150 93.96 48.76 -68.77
CA VAL EB 150 93.84 48.50 -67.33
C VAL EB 150 92.80 49.43 -66.72
N GLU EB 151 91.85 48.87 -65.99
CA GLU EB 151 90.79 49.67 -65.41
C GLU EB 151 90.65 49.50 -63.88
N LEU EB 152 90.46 50.61 -63.17
CA LEU EB 152 90.20 50.59 -61.73
C LEU EB 152 88.73 50.85 -61.45
N TYR EB 153 88.08 49.91 -60.78
CA TYR EB 153 86.69 50.09 -60.37
C TYR EB 153 86.66 50.21 -58.86
N ALA EB 154 85.92 51.19 -58.35
CA ALA EB 154 85.83 51.41 -56.92
C ALA EB 154 84.65 52.30 -56.61
N GLU EB 155 84.11 52.16 -55.41
CA GLU EB 155 83.16 53.14 -54.88
C GLU EB 155 83.82 53.84 -53.71
N LEU EB 156 84.50 54.94 -54.00
CA LEU EB 156 85.28 55.66 -52.99
C LEU EB 156 84.40 56.28 -51.92
N GLU EB 157 84.72 56.00 -50.66
CA GLU EB 157 84.07 56.72 -49.59
C GLU EB 157 85.12 57.21 -48.59
N GLU EB 158 84.75 58.23 -47.81
CA GLU EB 158 85.69 58.84 -46.88
C GLU EB 158 86.22 57.82 -45.88
N ALA EB 159 87.54 57.84 -45.70
CA ALA EB 159 88.22 56.96 -44.75
C ALA EB 159 88.13 57.51 -43.34
N THR EB 160 87.81 56.63 -42.40
CA THR EB 160 87.62 57.00 -41.01
C THR EB 160 88.96 57.09 -40.25
N SER EB 161 89.95 56.28 -40.63
CA SER EB 161 91.25 56.24 -39.97
C SER EB 161 92.37 56.36 -40.97
N PHE EB 162 93.56 56.76 -40.50
CA PHE EB 162 94.71 56.83 -41.40
C PHE EB 162 95.24 55.44 -41.73
N LEU EB 163 95.24 54.58 -40.73
CA LEU EB 163 95.89 53.29 -40.85
C LEU EB 163 94.87 52.21 -41.09
N GLY EB 164 95.27 51.21 -41.88
CA GLY EB 164 94.49 50.02 -42.12
C GLY EB 164 94.54 49.07 -40.93
N LYS EB 165 94.24 47.79 -41.18
CA LYS EB 165 94.46 46.77 -40.17
C LYS EB 165 95.80 46.14 -40.53
N PRO EB 166 96.62 45.82 -39.52
CA PRO EB 166 97.98 45.34 -39.77
C PRO EB 166 97.97 43.97 -40.41
N THR EB 167 98.67 43.85 -41.55
CA THR EB 167 98.91 42.60 -42.23
C THR EB 167 99.60 41.56 -41.32
N LEU EB 168 100.44 42.00 -40.39
CA LEU EB 168 101.26 41.10 -39.61
C LEU EB 168 101.59 41.68 -38.24
N VAL EB 169 101.52 40.86 -37.20
CA VAL EB 169 101.95 41.29 -35.88
C VAL EB 169 103.11 40.42 -35.40
N PHE EB 170 104.18 41.06 -34.96
CA PHE EB 170 105.39 40.33 -34.63
C PHE EB 170 105.20 39.31 -33.52
N ASP EB 171 105.62 38.08 -33.82
CA ASP EB 171 105.59 36.95 -32.90
C ASP EB 171 106.55 35.89 -33.43
N PRO EB 172 107.61 35.61 -32.64
CA PRO EB 172 108.72 34.70 -32.98
C PRO EB 172 108.23 33.28 -33.14
N GLY EB 173 107.29 32.91 -32.27
CA GLY EB 173 106.79 31.57 -32.21
C GLY EB 173 105.61 31.30 -33.13
N VAL EB 174 105.38 32.19 -34.09
CA VAL EB 174 104.26 32.02 -35.01
C VAL EB 174 104.56 32.27 -36.49
N PHE EB 175 104.74 31.12 -37.14
CA PHE EB 175 104.77 30.90 -38.58
C PHE EB 175 103.88 29.69 -38.79
N ASN EB 176 102.65 29.93 -39.23
CA ASN EB 176 101.65 28.88 -39.43
C ASN EB 176 102.11 27.77 -40.37
N GLY EB 177 102.55 28.16 -41.56
CA GLY EB 177 102.85 27.20 -42.59
C GLY EB 177 102.05 27.49 -43.84
N LYS EB 178 101.14 28.46 -43.74
CA LYS EB 178 100.40 28.95 -44.91
C LYS EB 178 101.14 30.15 -45.53
N PHE EB 179 101.14 30.26 -46.86
CA PHE EB 179 101.79 31.36 -47.55
C PHE EB 179 100.81 32.12 -48.41
N GLN EB 180 101.11 33.40 -48.68
CA GLN EB 180 100.46 34.09 -49.80
C GLN EB 180 101.53 34.65 -50.72
N PHE EB 181 101.20 34.76 -52.00
CA PHE EB 181 102.12 35.35 -52.99
C PHE EB 181 103.49 34.70 -53.06
N LEU EB 182 103.56 33.39 -52.85
CA LEU EB 182 104.80 32.65 -53.00
C LEU EB 182 104.81 31.99 -54.35
N THR EB 183 105.43 32.64 -55.33
CA THR EB 183 105.50 32.15 -56.70
C THR EB 183 106.96 31.97 -57.09
N CYS EB 184 107.30 30.79 -57.60
CA CYS EB 184 108.64 30.49 -58.03
C CYS EB 184 108.84 31.00 -59.43
N PRO EB 185 110.01 31.58 -59.72
CA PRO EB 185 110.34 31.93 -61.10
C PRO EB 185 110.15 30.72 -62.02
N PRO EB 186 109.85 30.99 -63.29
CA PRO EB 186 109.55 29.96 -64.27
C PRO EB 186 110.67 28.96 -64.42
N ILE EB 187 110.27 27.70 -64.56
CA ILE EB 187 111.16 26.59 -64.85
C ILE EB 187 110.98 26.27 -66.34
N PHE EB 188 112.07 26.03 -67.08
CA PHE EB 188 111.96 25.76 -68.52
C PHE EB 188 112.41 24.36 -69.00
N PHE EB 189 111.64 23.77 -69.92
CA PHE EB 189 112.00 22.47 -70.51
C PHE EB 189 112.26 22.62 -72.00
N ASP EB 190 113.39 22.08 -72.47
CA ASP EB 190 113.73 22.12 -73.90
C ASP EB 190 112.99 21.01 -74.60
N LEU EB 191 112.56 21.25 -75.83
CA LEU EB 191 111.88 20.18 -76.55
C LEU EB 191 112.87 19.32 -77.34
N THR EB 192 114.14 19.70 -77.27
CA THR EB 192 115.20 18.91 -77.88
C THR EB 192 115.73 17.87 -76.92
N ALA EB 193 114.95 17.56 -75.91
CA ALA EB 193 115.36 16.60 -74.89
C ALA EB 193 114.27 15.59 -74.59
N VAL EB 194 114.59 14.31 -74.75
CA VAL EB 194 113.59 13.27 -74.56
C VAL EB 194 113.09 13.14 -73.11
N THR EB 195 113.97 13.36 -72.13
CA THR EB 195 113.57 13.52 -70.74
C THR EB 195 114.39 14.65 -70.11
N ALA EB 196 113.97 15.12 -68.94
CA ALA EB 196 114.73 16.16 -68.27
C ALA EB 196 114.33 16.31 -66.83
N LEU EB 197 115.23 16.91 -66.05
CA LEU EB 197 114.93 17.20 -64.66
C LEU EB 197 115.10 18.68 -64.40
N ARG EB 198 114.19 19.25 -63.60
CA ARG EB 198 114.37 20.58 -63.06
C ARG EB 198 114.10 20.59 -61.59
N SER EB 199 115.09 21.03 -60.81
CA SER EB 199 114.94 21.08 -59.35
C SER EB 199 114.45 22.44 -58.88
N ALA EB 200 113.60 22.42 -57.88
CA ALA EB 200 113.26 23.63 -57.16
C ALA EB 200 113.65 23.41 -55.70
N GLY EB 201 114.51 24.27 -55.16
CA GLY EB 201 114.94 24.14 -53.78
C GLY EB 201 113.79 24.34 -52.80
N LEU EB 202 113.82 23.61 -51.68
CA LEU EB 202 112.77 23.76 -50.68
C LEU EB 202 113.31 24.41 -49.40
N THR EB 203 114.51 24.97 -49.50
CA THR EB 203 115.11 25.72 -48.42
C THR EB 203 114.60 27.17 -48.46
N LEU EB 204 113.33 27.34 -48.07
CA LEU EB 204 112.56 28.53 -48.35
C LEU EB 204 112.96 29.78 -47.60
N GLY EB 205 113.82 29.64 -46.59
CA GLY EB 205 114.27 30.77 -45.81
C GLY EB 205 115.44 31.50 -46.46
N GLN EB 206 115.97 30.90 -47.50
CA GLN EB 206 117.09 31.47 -48.23
C GLN EB 206 116.62 32.77 -48.89
N VAL EB 207 117.44 33.82 -48.82
CA VAL EB 207 117.08 35.07 -49.51
C VAL EB 207 117.45 35.02 -50.99
N PRO EB 208 116.47 35.28 -51.86
CA PRO EB 208 116.63 35.19 -53.32
C PRO EB 208 117.59 36.26 -53.83
N MET EB 209 118.28 36.00 -54.93
CA MET EB 209 119.20 36.98 -55.44
C MET EB 209 119.09 37.22 -56.94
N VAL EB 210 119.47 38.42 -57.35
CA VAL EB 210 119.52 38.78 -58.74
C VAL EB 210 120.87 39.38 -58.91
N GLY EB 211 121.80 38.58 -59.45
CA GLY EB 211 123.20 38.96 -59.50
C GLY EB 211 123.76 39.09 -58.09
N THR EB 212 124.28 40.26 -57.76
CA THR EB 212 124.81 40.48 -56.42
C THR EB 212 123.78 41.12 -55.49
N THR EB 213 122.59 41.40 -56.02
CA THR EB 213 121.53 42.02 -55.24
C THR EB 213 120.65 41.05 -54.45
N LYS EB 214 120.61 41.20 -53.14
CA LYS EB 214 119.73 40.39 -52.30
C LYS EB 214 118.32 41.00 -52.36
N VAL EB 215 117.31 40.17 -52.55
CA VAL EB 215 115.93 40.65 -52.53
C VAL EB 215 115.15 40.12 -51.33
N TYR EB 216 115.22 40.83 -50.22
CA TYR EB 216 114.52 40.41 -49.02
C TYR EB 216 113.03 40.45 -49.28
N ASN EB 217 112.32 39.42 -48.85
CA ASN EB 217 110.87 39.42 -48.99
C ASN EB 217 110.21 38.76 -47.79
N LEU EB 218 108.90 38.99 -47.63
CA LEU EB 218 108.20 38.50 -46.45
C LEU EB 218 108.19 36.98 -46.33
N ASN EB 219 108.00 36.27 -47.43
CA ASN EB 219 107.92 34.82 -47.36
C ASN EB 219 109.19 34.16 -46.85
N SER EB 220 110.34 34.51 -47.43
CA SER EB 220 111.58 33.91 -46.95
C SER EB 220 111.85 34.36 -45.51
N THR EB 221 111.45 35.58 -45.19
CA THR EB 221 111.57 36.08 -43.82
C THR EB 221 110.73 35.26 -42.84
N LEU EB 222 109.50 34.93 -43.22
CA LEU EB 222 108.65 34.09 -42.38
C LEU EB 222 109.29 32.73 -42.15
N VAL EB 223 109.70 32.04 -43.21
CA VAL EB 223 110.34 30.74 -43.08
C VAL EB 223 111.58 30.77 -42.17
N SER EB 224 112.32 31.87 -42.21
CA SER EB 224 113.51 31.98 -41.36
C SER EB 224 113.19 32.02 -39.85
N CYS EB 225 111.91 32.21 -39.51
CA CYS EB 225 111.45 32.27 -38.12
C CYS EB 225 111.38 30.90 -37.48
N VAL EB 226 111.72 29.89 -38.27
CA VAL EB 226 111.64 28.50 -37.89
C VAL EB 226 113.02 27.84 -38.21
N LEU EB 227 113.36 26.72 -37.57
CA LEU EB 227 114.65 26.10 -37.80
C LEU EB 227 114.61 25.21 -39.03
N GLY EB 228 113.43 24.65 -39.29
CA GLY EB 228 113.19 23.79 -40.45
C GLY EB 228 111.75 23.32 -40.48
N MET EB 229 111.40 22.57 -41.52
CA MET EB 229 110.02 22.18 -41.73
C MET EB 229 109.94 20.88 -42.48
N GLY EB 230 108.92 20.10 -42.16
CA GLY EB 230 108.60 18.91 -42.91
C GLY EB 230 107.11 18.91 -43.17
N GLY EB 231 106.62 17.95 -43.95
CA GLY EB 231 105.21 17.88 -44.22
C GLY EB 231 104.94 17.80 -45.69
N THR EB 232 103.75 18.22 -46.10
CA THR EB 232 103.39 18.15 -47.50
C THR EB 232 103.30 19.55 -48.14
N VAL EB 233 103.95 19.73 -49.28
CA VAL EB 233 103.88 20.96 -50.05
C VAL EB 233 102.62 20.96 -50.92
N ARG EB 234 101.67 21.85 -50.64
CA ARG EB 234 100.48 22.01 -51.47
C ARG EB 234 100.71 23.22 -52.35
N GLY EB 235 100.59 23.02 -53.66
CA GLY EB 235 100.77 24.11 -54.59
C GLY EB 235 99.95 23.99 -55.86
N ARG EB 236 100.21 24.90 -56.79
CA ARG EB 236 99.57 24.85 -58.10
C ARG EB 236 100.65 24.90 -59.18
N VAL EB 237 100.41 24.20 -60.27
CA VAL EB 237 101.33 24.21 -61.40
C VAL EB 237 100.64 24.84 -62.59
N HIS EB 238 101.32 25.77 -63.24
CA HIS EB 238 100.78 26.35 -64.45
C HIS EB 238 101.66 26.01 -65.64
N ILE EB 239 101.05 25.44 -66.67
CA ILE EB 239 101.80 25.16 -67.89
C ILE EB 239 101.59 26.30 -68.87
N CYS EB 240 102.63 27.09 -69.08
CA CYS EB 240 102.53 28.36 -69.81
C CYS EB 240 103.01 28.27 -71.25
N ALA EB 241 102.28 27.53 -72.06
CA ALA EB 241 102.62 27.36 -73.47
C ALA EB 241 101.36 27.30 -74.30
N PRO EB 242 101.50 27.43 -75.63
CA PRO EB 242 100.36 27.33 -76.56
C PRO EB 242 99.63 25.96 -76.48
N ILE EB 243 98.34 25.87 -76.84
CA ILE EB 243 97.59 24.59 -76.77
C ILE EB 243 98.27 23.48 -77.54
N PHE EB 244 99.11 23.83 -78.50
CA PHE EB 244 99.79 22.83 -79.31
C PHE EB 244 101.11 22.32 -78.73
N TYR EB 245 101.49 22.85 -77.57
CA TYR EB 245 102.59 22.32 -76.76
C TYR EB 245 101.97 21.44 -75.70
N SER EB 246 102.66 20.38 -75.31
CA SER EB 246 102.15 19.54 -74.21
C SER EB 246 103.24 18.73 -73.55
N ILE EB 247 103.03 18.34 -72.31
CA ILE EB 247 104.06 17.69 -71.55
C ILE EB 247 103.46 16.82 -70.47
N VAL EB 248 104.22 15.83 -70.01
CA VAL EB 248 103.82 15.06 -68.83
C VAL EB 248 104.94 15.03 -67.82
N LEU EB 249 104.64 15.38 -66.58
CA LEU EB 249 105.66 15.51 -65.56
C LEU EB 249 105.42 14.52 -64.43
N TRP EB 250 106.52 13.96 -63.92
CA TRP EB 250 106.53 13.26 -62.64
C TRP EB 250 107.11 14.24 -61.62
N VAL EB 251 106.30 14.63 -60.63
CA VAL EB 251 106.75 15.58 -59.62
C VAL EB 251 106.94 14.89 -58.27
N VAL EB 252 108.16 14.92 -57.75
CA VAL EB 252 108.48 14.19 -56.54
C VAL EB 252 109.54 14.91 -55.71
N SER EB 253 109.62 14.59 -54.42
CA SER EB 253 110.65 15.18 -53.57
C SER EB 253 111.87 14.24 -53.36
N GLU EB 254 113.07 14.79 -53.40
CA GLU EB 254 114.27 14.00 -53.18
C GLU EB 254 115.26 14.68 -52.24
N TRP EB 255 116.08 13.89 -51.56
CA TRP EB 255 117.04 14.42 -50.60
C TRP EB 255 118.48 14.30 -51.10
N ASN EB 256 119.21 15.40 -51.03
CA ASN EB 256 120.64 15.42 -51.34
C ASN EB 256 121.01 14.73 -52.65
N GLY EB 257 120.76 15.40 -53.77
CA GLY EB 257 120.96 14.80 -55.08
C GLY EB 257 119.70 14.12 -55.58
N THR EB 258 119.85 13.36 -56.66
CA THR EB 258 118.73 12.65 -57.24
C THR EB 258 119.19 11.24 -57.59
N THR EB 259 118.25 10.31 -57.64
CA THR EB 259 118.60 8.96 -58.02
C THR EB 259 118.81 8.93 -59.51
N MET EB 260 119.63 7.98 -59.95
CA MET EB 260 119.96 7.88 -61.36
C MET EB 260 119.20 6.72 -61.98
N ASP EB 261 118.50 5.98 -61.12
CA ASP EB 261 117.75 4.80 -61.52
C ASP EB 261 116.26 5.10 -61.71
N TRP EB 262 115.80 5.07 -62.96
CA TRP EB 262 114.41 5.34 -63.27
C TRP EB 262 113.43 4.47 -62.50
N ASN EB 263 113.82 3.24 -62.21
CA ASN EB 263 112.91 2.38 -61.47
C ASN EB 263 112.79 2.79 -60.01
N GLU EB 264 113.90 3.23 -59.41
CA GLU EB 264 113.83 3.72 -58.03
C GLU EB 264 112.97 4.97 -57.98
N LEU EB 265 113.17 5.84 -58.97
CA LEU EB 265 112.43 7.11 -59.05
C LEU EB 265 110.94 6.91 -58.93
N PHE EB 266 110.42 5.85 -59.55
CA PHE EB 266 108.98 5.63 -59.54
C PHE EB 266 108.48 4.79 -58.39
N LYS EB 267 109.37 4.47 -57.45
CA LYS EB 267 108.95 3.82 -56.23
C LYS EB 267 108.74 4.89 -55.17
N TYR EB 268 109.11 6.15 -55.50
CA TYR EB 268 108.90 7.28 -54.59
C TYR EB 268 107.46 7.74 -54.68
N PRO EB 269 106.98 8.46 -53.65
CA PRO EB 269 105.63 9.02 -53.64
C PRO EB 269 105.55 10.37 -54.33
N GLY EB 270 105.39 10.34 -55.66
CA GLY EB 270 105.19 11.54 -56.46
C GLY EB 270 103.79 11.62 -57.05
N VAL EB 271 103.60 12.62 -57.92
CA VAL EB 271 102.34 12.82 -58.60
C VAL EB 271 102.61 13.15 -60.07
N TYR EB 272 101.64 12.87 -60.94
CA TYR EB 272 101.76 13.19 -62.35
C TYR EB 272 101.08 14.52 -62.64
N VAL EB 273 101.70 15.35 -63.48
CA VAL EB 273 101.10 16.62 -63.88
C VAL EB 273 101.07 16.69 -65.40
N GLU EB 274 99.86 16.78 -65.97
CA GLU EB 274 99.67 16.80 -67.43
C GLU EB 274 99.19 18.17 -67.84
N GLU EB 275 98.72 18.95 -66.86
CA GLU EB 275 98.04 20.20 -67.18
C GLU EB 275 97.94 21.10 -65.96
N ASP EB 276 97.57 22.37 -66.18
CA ASP EB 276 97.27 23.30 -65.08
C ASP EB 276 96.49 22.57 -63.96
N GLY EB 277 96.90 22.75 -62.72
CA GLY EB 277 96.24 22.13 -61.59
C GLY EB 277 97.00 22.25 -60.28
N SER EB 278 96.40 21.77 -59.20
CA SER EB 278 97.09 21.76 -57.92
C SER EB 278 97.82 20.43 -57.72
N PHE EB 279 98.73 20.38 -56.74
CA PHE EB 279 99.48 19.17 -56.44
C PHE EB 279 99.83 19.13 -54.95
N GLU EB 280 100.01 17.93 -54.40
CA GLU EB 280 100.54 17.76 -53.05
C GLU EB 280 101.70 16.78 -53.10
N VAL EB 281 102.88 17.21 -52.66
CA VAL EB 281 104.03 16.32 -52.59
C VAL EB 281 104.65 16.33 -51.20
N LYS EB 282 104.93 15.15 -50.66
CA LYS EB 282 105.53 15.04 -49.33
C LYS EB 282 106.98 15.48 -49.41
N ILE EB 283 107.41 16.29 -48.45
CA ILE EB 283 108.82 16.67 -48.31
C ILE EB 283 109.61 15.47 -47.80
N ARG EB 284 110.55 14.99 -48.62
CA ARG EB 284 111.27 13.77 -48.34
C ARG EB 284 112.63 14.06 -47.72
N SER EB 285 112.89 13.50 -46.53
CA SER EB 285 114.16 13.76 -45.85
C SER EB 285 114.45 12.77 -44.75
N PRO EB 286 115.73 12.47 -44.54
CA PRO EB 286 116.21 11.54 -43.52
C PRO EB 286 115.75 11.94 -42.15
N TYR EB 287 115.44 13.23 -42.00
CA TYR EB 287 115.05 13.81 -40.71
C TYR EB 287 113.59 14.23 -40.72
N HIS EB 288 112.93 13.96 -41.84
CA HIS EB 288 111.52 14.27 -42.03
C HIS EB 288 111.27 15.76 -42.21
N ARG EB 289 112.32 16.56 -42.01
CA ARG EB 289 112.25 18.01 -42.17
C ARG EB 289 113.45 18.45 -42.96
N THR EB 290 113.34 19.56 -43.68
CA THR EB 290 114.49 20.18 -44.32
C THR EB 290 114.77 21.50 -43.60
N PRO EB 291 116.05 21.86 -43.47
CA PRO EB 291 116.40 23.09 -42.75
C PRO EB 291 115.90 24.33 -43.46
N ALA EB 292 115.52 25.34 -42.67
CA ALA EB 292 115.01 26.62 -43.16
C ALA EB 292 116.04 27.44 -43.94
N ARG EB 293 117.31 27.42 -43.50
CA ARG EB 293 118.37 28.15 -44.20
C ARG EB 293 119.64 27.32 -44.32
N LEU EB 294 120.56 27.78 -45.16
CA LEU EB 294 121.80 27.05 -45.40
C LEU EB 294 122.94 27.51 -44.51
N LEU EB 295 123.85 26.59 -44.20
CA LEU EB 295 125.11 26.92 -43.56
C LEU EB 295 126.16 27.18 -44.63
N ALA EB 296 127.35 27.63 -44.21
CA ALA EB 296 128.41 27.95 -45.16
C ALA EB 296 128.80 26.71 -45.99
N GLY EB 297 128.85 26.87 -47.31
CA GLY EB 297 129.24 25.77 -48.17
C GLY EB 297 128.18 24.72 -48.47
N GLN EB 298 127.01 24.87 -47.88
CA GLN EB 298 125.88 24.04 -48.23
C GLN EB 298 125.18 24.58 -49.47
N SER EB 299 124.46 23.69 -50.15
CA SER EB 299 123.78 24.01 -51.39
C SER EB 299 122.31 23.66 -51.20
N GLN EB 300 121.43 24.30 -51.93
CA GLN EB 300 120.04 24.02 -51.68
C GLN EB 300 119.75 22.57 -52.05
N ARG EB 301 120.50 22.02 -52.99
CA ARG EB 301 120.23 20.66 -53.46
C ARG EB 301 120.79 19.65 -52.51
N ASP EB 302 121.62 20.10 -51.59
CA ASP EB 302 122.12 19.19 -50.56
C ASP EB 302 120.99 18.68 -49.64
N MET EB 303 119.88 19.42 -49.59
CA MET EB 303 118.75 19.11 -48.72
C MET EB 303 117.56 18.57 -49.51
N SER EB 304 116.35 18.85 -49.01
CA SER EB 304 115.11 18.43 -49.66
C SER EB 304 114.73 19.37 -50.82
N SER EB 305 114.42 18.79 -51.97
CA SER EB 305 114.03 19.59 -53.14
C SER EB 305 112.74 19.04 -53.74
N LEU EB 306 112.06 19.90 -54.49
CA LEU EB 306 110.85 19.52 -55.22
C LEU EB 306 111.28 19.33 -56.67
N ASN EB 307 111.26 18.10 -57.16
CA ASN EB 307 111.83 17.77 -58.46
C ASN EB 307 110.81 17.54 -59.57
N PHE EB 308 111.04 18.19 -60.70
CA PHE EB 308 110.12 18.09 -61.82
C PHE EB 308 110.77 17.35 -62.94
N TYR EB 309 110.33 16.11 -63.14
CA TYR EB 309 110.86 15.23 -64.17
C TYR EB 309 109.94 15.21 -65.38
N ALA EB 310 110.45 15.63 -66.53
CA ALA EB 310 109.72 15.47 -67.79
C ALA EB 310 109.86 14.03 -68.26
N ILE EB 311 108.78 13.26 -68.18
CA ILE EB 311 108.83 11.86 -68.55
C ILE EB 311 108.23 11.57 -69.92
N ALA EB 312 107.43 12.49 -70.44
CA ALA EB 312 106.93 12.41 -71.80
C ALA EB 312 106.80 13.80 -72.41
N GLY EB 313 107.67 14.12 -73.36
CA GLY EB 313 107.71 15.48 -73.86
C GLY EB 313 108.74 16.36 -73.18
N PRO EB 314 108.60 17.68 -73.34
CA PRO EB 314 107.54 18.34 -74.09
C PRO EB 314 107.57 18.06 -75.60
N ILE EB 315 106.40 18.08 -76.23
CA ILE EB 315 106.30 17.99 -77.68
C ILE EB 315 105.60 19.22 -78.25
N ALA EB 316 105.95 19.55 -79.48
CA ALA EB 316 105.27 20.61 -80.22
C ALA EB 316 105.41 20.31 -81.70
N PRO EB 317 104.58 20.95 -82.53
CA PRO EB 317 104.68 20.76 -83.97
C PRO EB 317 105.95 21.40 -84.48
N SER EB 318 106.48 20.99 -85.63
CA SER EB 318 107.64 21.71 -86.15
C SER EB 318 107.09 22.94 -86.81
N GLY EB 319 107.87 24.01 -86.85
CA GLY EB 319 109.17 24.05 -86.23
C GLY EB 319 109.03 25.08 -85.13
N GLU EB 320 108.58 24.62 -83.98
CA GLU EB 320 108.58 25.44 -82.79
C GLU EB 320 109.96 25.32 -82.14
N THR EB 321 110.38 26.35 -81.42
CA THR EB 321 111.73 26.34 -80.84
C THR EB 321 111.70 26.72 -79.38
N ALA EB 322 110.66 27.47 -79.00
CA ALA EB 322 110.47 27.94 -77.64
C ALA EB 322 110.54 26.80 -76.62
N GLN EB 323 111.10 27.08 -75.45
CA GLN EB 323 111.03 26.14 -74.35
C GLN EB 323 109.62 26.14 -73.75
N LEU EB 324 109.25 25.05 -73.08
CA LEU EB 324 107.96 25.00 -72.39
C LEU EB 324 108.16 25.38 -70.92
N PRO EB 325 107.55 26.50 -70.48
CA PRO EB 325 107.71 26.99 -69.12
C PRO EB 325 106.66 26.44 -68.17
N ILE EB 326 107.08 26.10 -66.95
CA ILE EB 326 106.21 25.68 -65.86
C ILE EB 326 106.34 26.74 -64.77
N VAL EB 327 105.23 27.31 -64.33
CA VAL EB 327 105.28 28.22 -63.18
C VAL EB 327 104.69 27.52 -61.96
N VAL EB 328 105.47 27.43 -60.88
CA VAL EB 328 104.99 26.77 -59.67
C VAL EB 328 104.65 27.77 -58.56
N GLN EB 329 103.47 27.59 -57.95
CA GLN EB 329 103.10 28.39 -56.79
C GLN EB 329 102.95 27.49 -55.58
N ILE EB 330 103.54 27.89 -54.47
CA ILE EB 330 103.44 27.13 -53.23
C ILE EB 330 102.45 27.78 -52.27
N ASP EB 331 101.41 27.05 -51.90
CA ASP EB 331 100.29 27.63 -51.15
C ASP EB 331 100.44 27.39 -49.67
N GLU EB 332 100.78 26.16 -49.29
CA GLU EB 332 101.06 25.92 -47.88
C GLU EB 332 101.81 24.63 -47.64
N ILE EB 333 102.33 24.49 -46.42
CA ILE EB 333 102.80 23.20 -45.94
C ILE EB 333 101.64 22.59 -45.13
N VAL EB 334 100.99 21.56 -45.68
CA VAL EB 334 99.86 20.94 -45.00
C VAL EB 334 100.38 19.82 -44.12
N ARG EB 335 99.68 19.56 -43.02
CA ARG EB 335 100.10 18.53 -42.08
C ARG EB 335 101.58 18.77 -41.76
N PRO EB 336 101.88 19.97 -41.24
CA PRO EB 336 103.26 20.42 -41.08
C PRO EB 336 103.97 19.78 -39.91
N ASP EB 337 105.23 19.43 -40.11
CA ASP EB 337 106.10 19.00 -39.03
C ASP EB 337 107.15 20.06 -38.83
N LEU EB 338 106.87 21.01 -37.94
CA LEU EB 338 107.79 22.14 -37.79
C LEU EB 338 108.88 21.91 -36.75
N SER EB 339 110.02 22.56 -36.93
CA SER EB 339 111.06 22.57 -35.92
C SER EB 339 110.71 23.56 -34.85
N LEU EB 340 111.60 23.70 -33.87
CA LEU EB 340 111.47 24.78 -32.92
C LEU EB 340 111.51 26.09 -33.66
N PRO EB 341 110.89 27.12 -33.09
CA PRO EB 341 111.11 28.47 -33.63
C PRO EB 341 112.60 28.76 -33.57
N SER EB 342 113.13 29.51 -34.52
CA SER EB 342 114.54 29.84 -34.46
C SER EB 342 114.85 30.86 -33.37
N PHE EB 343 113.88 31.73 -33.04
CA PHE EB 343 114.06 32.68 -31.95
C PHE EB 343 112.99 32.52 -30.89
N GLU EB 344 113.36 32.76 -29.65
CA GLU EB 344 112.40 32.73 -28.54
C GLU EB 344 111.87 34.13 -28.28
N ASP EB 345 110.96 34.29 -27.32
CA ASP EB 345 110.47 35.64 -26.98
C ASP EB 345 111.50 36.33 -26.11
N ASP EB 346 112.56 36.81 -26.76
CA ASP EB 346 113.73 37.29 -26.06
C ASP EB 346 114.26 38.49 -26.81
N TYR EB 347 115.33 39.07 -26.26
CA TYR EB 347 116.03 40.16 -26.90
C TYR EB 347 116.81 39.62 -28.09
N PHE EB 348 117.17 40.52 -28.99
CA PHE EB 348 118.09 40.21 -30.06
C PHE EB 348 118.92 41.47 -30.38
N VAL EB 349 120.01 41.28 -31.11
CA VAL EB 349 120.91 42.38 -31.36
C VAL EB 349 120.36 43.39 -32.38
N TRP EB 350 120.34 44.64 -31.97
CA TRP EB 350 120.02 45.71 -32.88
C TRP EB 350 121.30 46.25 -33.50
N VAL EB 351 122.22 46.70 -32.65
CA VAL EB 351 123.46 47.30 -33.15
C VAL EB 351 124.59 47.24 -32.13
N ASP EB 352 125.81 47.09 -32.64
CA ASP EB 352 127.02 47.26 -31.83
C ASP EB 352 127.78 48.50 -32.28
N PHE EB 353 128.15 49.37 -31.33
CA PHE EB 353 129.07 50.47 -31.62
C PHE EB 353 130.43 50.16 -31.02
N SER EB 354 131.48 50.42 -31.77
CA SER EB 354 132.83 50.08 -31.31
C SER EB 354 133.85 50.97 -31.98
N GLU EB 355 135.10 50.87 -31.53
CA GLU EB 355 136.19 51.59 -32.16
C GLU EB 355 135.94 53.09 -32.23
N PHE EB 356 135.61 53.70 -31.09
CA PHE EB 356 135.29 55.12 -31.05
C PHE EB 356 136.54 55.96 -31.25
N THR EB 357 136.43 57.04 -32.01
CA THR EB 357 137.60 57.88 -32.27
C THR EB 357 137.55 59.18 -31.47
N LEU EB 358 136.34 59.58 -31.08
CA LEU EB 358 136.17 60.80 -30.30
C LEU EB 358 135.57 60.45 -28.95
N ASP EB 359 135.98 61.16 -27.91
CA ASP EB 359 135.38 60.96 -26.59
C ASP EB 359 133.90 61.42 -26.56
N LYS EB 360 133.59 62.50 -27.27
CA LYS EB 360 132.19 62.95 -27.37
C LYS EB 360 131.53 62.32 -28.58
N GLU EB 361 130.52 61.50 -28.33
CA GLU EB 361 129.79 60.84 -29.41
C GLU EB 361 128.29 60.94 -29.10
N GLU EB 362 127.48 61.25 -30.11
CA GLU EB 362 126.03 61.31 -29.89
C GLU EB 362 125.26 60.65 -31.02
N ILE EB 363 124.62 59.54 -30.68
CA ILE EB 363 123.91 58.71 -31.64
C ILE EB 363 122.42 59.05 -31.61
N GLU EB 364 121.92 59.69 -32.65
CA GLU EB 364 120.49 60.01 -32.69
C GLU EB 364 119.65 58.86 -33.18
N ILE EB 365 118.61 58.53 -32.43
CA ILE EB 365 117.73 57.42 -32.79
C ILE EB 365 116.35 57.99 -33.16
N GLY EB 366 115.86 58.92 -32.35
CA GLY EB 366 114.59 59.54 -32.61
C GLY EB 366 113.44 58.61 -32.32
N SER EB 367 112.65 58.29 -33.34
CA SER EB 367 111.54 57.37 -33.12
C SER EB 367 111.61 56.23 -34.11
N ARG EB 368 112.80 55.96 -34.65
CA ARG EB 368 112.93 54.99 -35.74
C ARG EB 368 113.71 53.75 -35.34
N PHE EB 369 113.38 52.63 -35.96
CA PHE EB 369 114.26 51.46 -35.94
C PHE EB 369 114.91 51.35 -37.33
N PHE EB 370 116.23 51.44 -37.40
CA PHE EB 370 116.88 51.61 -38.70
C PHE EB 370 118.37 51.29 -38.65
N ASP EB 371 119.03 51.39 -39.80
CA ASP EB 371 120.47 51.14 -39.89
C ASP EB 371 121.28 52.42 -39.60
N PHE EB 372 122.19 52.33 -38.64
CA PHE EB 372 123.04 53.46 -38.29
C PHE EB 372 124.25 53.62 -39.22
N THR EB 373 124.75 54.84 -39.31
CA THR EB 373 126.07 55.07 -39.95
C THR EB 373 126.85 56.07 -39.11
N SER EB 374 128.17 55.93 -39.10
CA SER EB 374 129.01 56.89 -38.37
C SER EB 374 130.35 57.09 -39.04
N ASN EB 375 130.83 58.33 -38.99
CA ASN EB 375 132.15 58.68 -39.50
C ASN EB 375 133.19 58.58 -38.41
N THR EB 376 132.72 58.53 -37.16
CA THR EB 376 133.58 58.64 -36.01
C THR EB 376 133.69 57.34 -35.24
N CYS EB 377 132.89 56.34 -35.61
CA CYS EB 377 132.97 55.02 -34.96
C CYS EB 377 132.46 53.92 -35.87
N ARG EB 378 132.71 52.69 -35.46
CA ARG EB 378 132.29 51.51 -36.25
C ARG EB 378 130.91 51.01 -35.85
N VAL EB 379 130.02 51.01 -36.82
CA VAL EB 379 128.67 50.47 -36.62
C VAL EB 379 128.57 49.05 -37.17
N SER EB 380 128.07 48.14 -36.36
CA SER EB 380 127.81 46.77 -36.82
C SER EB 380 126.34 46.45 -36.59
N MET EB 381 125.59 46.35 -37.68
CA MET EB 381 124.17 46.15 -37.54
C MET EB 381 123.80 44.66 -37.36
N GLY EB 382 122.75 44.37 -36.61
CA GLY EB 382 122.31 43.00 -36.43
C GLY EB 382 121.44 42.58 -37.61
N GLU EB 383 121.51 41.30 -37.97
CA GLU EB 383 120.59 40.74 -38.97
C GLU EB 383 119.72 39.64 -38.34
N ASN EB 384 118.41 39.85 -38.32
CA ASN EB 384 117.46 38.89 -37.75
C ASN EB 384 116.09 39.05 -38.39
N PRO EB 385 115.17 38.11 -38.11
CA PRO EB 385 113.86 38.21 -38.74
C PRO EB 385 113.14 39.52 -38.45
N PHE EB 386 113.26 40.04 -37.23
CA PHE EB 386 112.56 41.28 -36.95
C PHE EB 386 113.01 42.40 -37.89
N ALA EB 387 114.31 42.56 -38.08
CA ALA EB 387 114.84 43.59 -38.98
C ALA EB 387 114.36 43.37 -40.41
N ALA EB 388 114.28 42.10 -40.81
CA ALA EB 388 113.76 41.78 -42.13
C ALA EB 388 112.30 42.16 -42.25
N MET EB 389 111.52 41.88 -41.22
CA MET EB 389 110.11 42.25 -41.24
C MET EB 389 109.91 43.76 -41.33
N ILE EB 390 110.78 44.53 -40.68
CA ILE EB 390 110.76 45.98 -40.78
C ILE EB 390 110.99 46.40 -42.24
N ALA EB 391 111.91 45.71 -42.91
CA ALA EB 391 112.30 46.02 -44.26
C ALA EB 391 111.28 45.57 -45.29
N CYS EB 392 110.44 44.60 -44.92
CA CYS EB 392 109.53 43.99 -45.88
C CYS EB 392 108.12 44.47 -45.71
N HIS EB 393 107.95 45.60 -45.03
CA HIS EB 393 106.64 46.21 -44.93
C HIS EB 393 106.76 47.71 -45.18
N GLY EB 394 105.68 48.29 -45.68
CA GLY EB 394 105.64 49.71 -45.99
C GLY EB 394 105.68 50.53 -44.72
N LEU EB 395 104.90 50.10 -43.73
CA LEU EB 395 104.80 50.81 -42.46
C LEU EB 395 104.89 49.86 -41.28
N HIS EB 396 105.36 50.35 -40.14
CA HIS EB 396 105.35 49.56 -38.92
C HIS EB 396 105.13 50.47 -37.74
N SER EB 397 104.78 49.88 -36.60
CA SER EB 397 104.60 50.65 -35.36
C SER EB 397 104.61 49.76 -34.13
N GLY EB 398 105.26 50.20 -33.07
CA GLY EB 398 105.26 49.43 -31.83
C GLY EB 398 106.19 50.02 -30.79
N VAL EB 399 106.44 49.25 -29.75
CA VAL EB 399 107.39 49.67 -28.74
C VAL EB 399 108.52 48.63 -28.57
N LEU EB 400 109.76 49.10 -28.52
CA LEU EB 400 110.91 48.22 -28.30
C LEU EB 400 111.48 48.42 -26.91
N ASP EB 401 111.66 47.34 -26.16
CA ASP EB 401 112.41 47.42 -24.92
C ASP EB 401 113.88 47.28 -25.26
N LEU EB 402 114.71 48.17 -24.74
CA LEU EB 402 116.14 48.14 -25.03
C LEU EB 402 116.95 47.69 -23.81
N LYS EB 403 118.00 46.90 -24.08
CA LYS EB 403 119.04 46.62 -23.10
C LYS EB 403 120.31 47.15 -23.70
N LEU EB 404 121.02 47.97 -22.93
CA LEU EB 404 122.34 48.45 -23.34
C LEU EB 404 123.38 47.74 -22.48
N GLN EB 405 124.43 47.24 -23.12
CA GLN EB 405 125.55 46.65 -22.41
C GLN EB 405 126.84 47.23 -22.96
N TRP EB 406 127.84 47.41 -22.10
CA TRP EB 406 129.13 47.88 -22.58
C TRP EB 406 130.28 47.37 -21.72
N SER EB 407 131.43 47.21 -22.36
CA SER EB 407 132.67 46.84 -21.66
C SER EB 407 133.68 47.99 -21.77
N LEU EB 408 134.61 48.07 -20.81
CA LEU EB 408 135.59 49.14 -20.82
C LEU EB 408 136.85 48.90 -21.65
N ASN EB 409 137.41 49.99 -22.18
CA ASN EB 409 138.63 49.95 -22.97
C ASN EB 409 139.83 50.35 -22.12
N THR EB 410 139.60 51.25 -21.17
CA THR EB 410 140.62 51.67 -20.23
C THR EB 410 140.49 50.90 -18.92
N GLU EB 411 141.39 51.15 -17.97
CA GLU EB 411 141.34 50.47 -16.66
C GLU EB 411 140.13 50.91 -15.86
N PHE EB 412 139.46 49.95 -15.22
CA PHE EB 412 138.23 50.24 -14.49
C PHE EB 412 138.42 51.34 -13.47
N GLY EB 413 139.55 51.32 -12.80
CA GLY EB 413 139.83 52.28 -11.75
C GLY EB 413 140.02 53.69 -12.25
N LYS EB 414 140.27 53.85 -13.54
CA LYS EB 414 140.49 55.17 -14.12
C LYS EB 414 139.21 55.70 -14.76
N SER EB 415 138.19 54.87 -14.85
CA SER EB 415 136.98 55.21 -15.60
C SER EB 415 136.18 56.37 -15.03
N SER EB 416 135.52 57.11 -15.92
CA SER EB 416 134.64 58.19 -15.53
C SER EB 416 133.59 58.39 -16.63
N GLY EB 417 132.61 59.25 -16.38
CA GLY EB 417 131.62 59.57 -17.38
C GLY EB 417 130.42 58.64 -17.38
N SER EB 418 129.71 58.62 -18.52
CA SER EB 418 128.39 57.99 -18.58
C SER EB 418 127.92 57.62 -19.98
N VAL EB 419 127.03 56.64 -20.03
CA VAL EB 419 126.16 56.44 -21.16
C VAL EB 419 124.84 57.13 -20.79
N THR EB 420 124.50 58.20 -21.49
CA THR EB 420 123.28 58.92 -21.19
C THR EB 420 122.21 58.70 -22.25
N ILE EB 421 121.00 58.39 -21.82
CA ILE EB 421 119.89 58.23 -22.75
C ILE EB 421 119.02 59.49 -22.67
N THR EB 422 119.08 60.32 -23.69
CA THR EB 422 118.20 61.49 -23.75
C THR EB 422 116.84 61.11 -24.32
N LYS EB 423 115.78 61.43 -23.60
CA LYS EB 423 114.42 61.13 -24.03
C LYS EB 423 113.60 62.42 -24.09
N LEU EB 424 113.19 62.81 -25.30
CA LEU EB 424 112.43 64.03 -25.49
C LEU EB 424 111.10 63.73 -26.14
N VAL EB 425 110.26 64.76 -26.21
CA VAL EB 425 109.09 64.72 -27.07
C VAL EB 425 109.24 65.94 -27.96
N GLY EB 426 109.38 65.72 -29.26
CA GLY EB 426 109.62 66.80 -30.19
C GLY EB 426 110.91 66.56 -30.92
N ASP EB 427 111.88 67.45 -30.71
CA ASP EB 427 113.21 67.31 -31.28
C ASP EB 427 114.23 67.95 -30.36
N LYS EB 428 115.50 67.83 -30.72
CA LYS EB 428 116.57 68.37 -29.88
C LYS EB 428 116.34 69.87 -29.62
N ALA EB 429 115.81 70.58 -30.61
CA ALA EB 429 115.69 72.04 -30.55
C ALA EB 429 114.56 72.61 -29.68
N MET EB 430 113.37 72.01 -29.75
CA MET EB 430 112.20 72.60 -29.10
C MET EB 430 111.43 71.58 -28.24
N GLY EB 431 112.04 70.43 -28.01
CA GLY EB 431 111.34 69.33 -27.35
C GLY EB 431 111.09 69.47 -25.87
N LEU EB 432 110.21 68.61 -25.36
CA LEU EB 432 109.93 68.48 -23.94
C LEU EB 432 110.76 67.35 -23.34
N ASP EB 433 111.04 67.43 -22.04
CA ASP EB 433 111.92 66.46 -21.40
C ASP EB 433 111.20 65.29 -20.78
N GLY EB 434 111.53 64.10 -21.24
CA GLY EB 434 110.91 62.88 -20.74
C GLY EB 434 111.79 62.14 -19.76
N PRO EB 435 111.70 60.80 -19.79
CA PRO EB 435 112.47 59.97 -18.86
C PRO EB 435 113.89 59.77 -19.36
N SER EB 436 114.62 60.86 -19.55
CA SER EB 436 116.06 60.85 -19.81
C SER EB 436 116.76 60.18 -18.64
N HIS EB 437 117.94 59.65 -18.87
CA HIS EB 437 118.49 58.70 -17.92
C HIS EB 437 120.01 58.71 -18.02
N VAL EB 438 120.68 58.86 -16.87
CA VAL EB 438 122.13 58.91 -16.84
C VAL EB 438 122.69 57.64 -16.21
N PHE EB 439 123.33 56.81 -17.02
CA PHE EB 439 124.00 55.62 -16.51
C PHE EB 439 125.48 55.91 -16.32
N ALA EB 440 125.93 56.03 -15.07
CA ALA EB 440 127.36 56.15 -14.83
C ALA EB 440 128.07 55.02 -15.55
N ILE EB 441 129.19 55.30 -16.20
CA ILE EB 441 129.85 54.28 -17.03
C ILE EB 441 130.14 52.97 -16.30
N GLN EB 442 130.32 53.06 -14.98
CA GLN EB 442 130.63 51.90 -14.14
C GLN EB 442 129.47 50.93 -13.99
N LYS EB 443 128.26 51.36 -14.32
CA LYS EB 443 127.09 50.47 -14.27
C LYS EB 443 127.26 49.35 -15.28
N LEU EB 444 127.85 49.68 -16.41
CA LEU EB 444 128.21 48.69 -17.44
C LEU EB 444 126.99 48.12 -18.16
N GLU EB 445 125.81 48.61 -17.81
CA GLU EB 445 124.55 48.25 -18.47
C GLU EB 445 123.40 49.18 -18.10
N GLY EB 446 122.40 49.24 -18.96
CA GLY EB 446 121.22 50.06 -18.69
C GLY EB 446 120.05 49.63 -19.55
N THR EB 447 118.84 50.03 -19.15
CA THR EB 447 117.65 49.70 -19.92
C THR EB 447 116.81 50.92 -20.24
N THR EB 448 116.03 50.85 -21.32
CA THR EB 448 115.10 51.91 -21.68
C THR EB 448 114.05 51.39 -22.67
N GLU EB 449 112.95 52.11 -22.83
CA GLU EB 449 111.98 51.78 -23.86
C GLU EB 449 112.18 52.73 -25.03
N LEU EB 450 111.82 52.30 -26.24
CA LEU EB 450 111.81 53.19 -27.40
C LEU EB 450 110.47 53.09 -28.14
N LEU EB 451 109.78 54.22 -28.30
CA LEU EB 451 108.59 54.23 -29.15
C LEU EB 451 109.01 54.30 -30.60
N VAL EB 452 108.64 53.27 -31.38
CA VAL EB 452 108.83 53.27 -32.82
C VAL EB 452 107.49 53.63 -33.45
N GLY EB 453 107.33 54.91 -33.77
CA GLY EB 453 106.07 55.45 -34.25
C GLY EB 453 106.04 56.97 -34.16
N ASN EB 454 104.85 57.54 -34.24
CA ASN EB 454 104.70 58.99 -34.26
C ASN EB 454 103.23 59.36 -34.19
N PHE EB 455 102.93 60.66 -34.15
CA PHE EB 455 101.55 61.13 -34.03
C PHE EB 455 100.60 60.53 -35.07
N ALA EB 456 101.12 60.25 -36.27
CA ALA EB 456 100.29 59.69 -37.34
C ALA EB 456 99.94 58.22 -37.11
N GLY EB 457 100.85 57.49 -36.48
CA GLY EB 457 100.56 56.13 -36.07
C GLY EB 457 101.50 55.03 -36.53
N ALA EB 458 102.35 55.34 -37.49
CA ALA EB 458 103.25 54.33 -38.05
C ALA EB 458 104.44 54.98 -38.76
N ASN EB 459 105.55 54.24 -38.89
CA ASN EB 459 106.75 54.74 -39.55
C ASN EB 459 106.92 54.04 -40.88
N PRO EB 460 107.33 54.80 -41.91
CA PRO EB 460 107.76 54.22 -43.18
C PRO EB 460 109.16 53.71 -43.00
N ASN EB 461 109.64 52.90 -43.93
CA ASN EB 461 110.99 52.37 -43.79
C ASN EB 461 112.00 53.29 -44.49
N THR EB 462 111.81 54.59 -44.34
CA THR EB 462 112.69 55.58 -44.91
C THR EB 462 112.86 56.68 -43.88
N ARG EB 463 113.62 57.71 -44.21
CA ARG EB 463 113.68 58.88 -43.34
C ARG EB 463 112.38 59.69 -43.55
N PHE EB 464 111.87 60.26 -42.47
CA PHE EB 464 110.62 61.01 -42.51
C PHE EB 464 110.71 61.99 -41.35
N SER EB 465 109.86 63.01 -41.35
CA SER EB 465 109.83 63.95 -40.23
C SER EB 465 108.41 64.11 -39.69
N LEU EB 466 108.07 63.37 -38.66
CA LEU EB 466 106.74 63.49 -38.05
C LEU EB 466 106.85 63.55 -36.54
N TYR EB 467 106.24 64.59 -35.95
CA TYR EB 467 106.30 64.81 -34.51
C TYR EB 467 106.11 63.54 -33.70
N SER EB 468 107.06 63.24 -32.83
CA SER EB 468 106.96 62.05 -31.99
C SER EB 468 107.89 62.19 -30.80
N ARG EB 469 108.01 61.12 -30.02
CA ARG EB 469 109.03 61.05 -29.00
C ARG EB 469 110.39 60.91 -29.69
N TRP EB 470 111.46 61.24 -28.98
CA TRP EB 470 112.77 61.37 -29.61
C TRP EB 470 113.85 60.86 -28.64
N MET EB 471 114.70 59.97 -29.12
CA MET EB 471 115.72 59.38 -28.28
C MET EB 471 117.12 59.53 -28.86
N ALA EB 472 118.10 59.63 -27.97
CA ALA EB 472 119.50 59.73 -28.36
C ALA EB 472 120.38 59.11 -27.30
N ILE EB 473 121.48 58.50 -27.72
CA ILE EB 473 122.48 57.99 -26.79
C ILE EB 473 123.64 58.95 -26.81
N LYS EB 474 124.07 59.41 -25.65
CA LYS EB 474 125.16 60.38 -25.53
C LYS EB 474 126.33 59.80 -24.74
N LEU EB 475 127.47 59.64 -25.43
CA LEU EB 475 128.72 59.23 -24.80
C LEU EB 475 129.62 60.43 -24.51
N ASP EB 476 130.20 60.51 -23.32
CA ASP EB 476 131.14 61.61 -23.02
C ASP EB 476 132.59 61.13 -22.86
N GLN EB 477 132.76 59.82 -22.74
CA GLN EB 477 134.06 59.19 -22.59
C GLN EB 477 134.11 57.96 -23.47
N ALA EB 478 133.68 58.13 -24.71
CA ALA EB 478 133.48 57.01 -25.61
C ALA EB 478 134.74 56.20 -25.86
N LYS EB 479 135.91 56.85 -25.80
CA LYS EB 479 137.17 56.16 -26.05
C LYS EB 479 137.48 55.17 -24.94
N SER EB 480 136.79 55.30 -23.81
CA SER EB 480 136.91 54.34 -22.71
C SER EB 480 135.98 53.12 -22.88
N ILE EB 481 135.23 53.07 -23.98
CA ILE EB 481 134.32 51.97 -24.21
C ILE EB 481 134.82 51.08 -25.33
N LYS EB 482 134.94 49.79 -25.06
CA LYS EB 482 135.41 48.87 -26.10
C LYS EB 482 134.28 48.49 -27.02
N VAL EB 483 133.07 48.35 -26.46
CA VAL EB 483 131.87 48.09 -27.24
C VAL EB 483 130.60 48.51 -26.50
N LEU EB 484 129.68 49.12 -27.25
CA LEU EB 484 128.38 49.45 -26.72
C LEU EB 484 127.40 48.63 -27.51
N ARG EB 485 126.74 47.67 -26.87
CA ARG EB 485 125.79 46.82 -27.57
C ARG EB 485 124.37 47.20 -27.23
N VAL EB 486 123.51 47.29 -28.24
CA VAL EB 486 122.11 47.58 -28.01
C VAL EB 486 121.24 46.39 -28.45
N LEU EB 487 120.59 45.75 -27.49
CA LEU EB 487 119.61 44.71 -27.79
C LEU EB 487 118.19 45.25 -27.66
N CYS EB 488 117.26 44.69 -28.42
CA CYS EB 488 115.86 45.09 -28.32
C CYS EB 488 114.96 43.87 -28.30
N LYS EB 489 113.75 44.05 -27.77
CA LYS EB 489 112.73 43.01 -27.60
C LYS EB 489 111.39 43.68 -27.78
N PRO EB 490 110.75 43.44 -28.93
CA PRO EB 490 109.47 44.10 -29.24
C PRO EB 490 108.40 43.72 -28.25
N ARG EB 491 107.69 44.71 -27.73
CA ARG EB 491 106.53 44.46 -26.89
C ARG EB 491 105.41 43.91 -27.75
N PRO EB 492 104.58 43.08 -27.14
CA PRO EB 492 103.48 42.41 -27.86
C PRO EB 492 102.65 43.42 -28.60
N GLY EB 493 102.29 43.11 -29.83
CA GLY EB 493 101.48 44.00 -30.63
C GLY EB 493 102.26 44.87 -31.58
N PHE EB 494 103.55 44.56 -31.76
CA PHE EB 494 104.34 45.30 -32.73
C PHE EB 494 103.80 45.00 -34.13
N SER EB 495 103.35 46.03 -34.84
CA SER EB 495 102.54 45.85 -36.05
C SER EB 495 103.22 46.27 -37.36
N PHE EB 496 102.92 45.52 -38.41
CA PHE EB 496 103.46 45.77 -39.74
C PHE EB 496 102.33 45.95 -40.72
N TYR EB 497 102.48 46.91 -41.63
CA TYR EB 497 101.42 47.24 -42.60
C TYR EB 497 101.94 47.13 -44.03
N GLY EB 498 101.20 46.43 -44.88
CA GLY EB 498 101.49 46.36 -46.31
C GLY EB 498 102.74 45.59 -46.72
N ARG EB 499 102.59 44.29 -46.95
CA ARG EB 499 103.74 43.44 -47.32
C ARG EB 499 104.37 43.87 -48.63
N THR EB 500 105.69 43.90 -48.64
CA THR EB 500 106.45 44.35 -49.82
C THR EB 500 107.84 43.72 -49.78
N SER EB 501 108.78 44.27 -50.54
CA SER EB 501 110.12 43.71 -50.54
C SER EB 501 111.17 44.80 -50.44
N PHE EB 502 112.43 44.37 -50.38
CA PHE EB 502 113.54 45.29 -50.11
C PHE EB 502 114.84 44.78 -50.73
N PRO EB 503 115.13 45.23 -51.95
CA PRO EB 503 116.38 44.91 -52.61
C PRO EB 503 117.54 45.74 -52.06
N VAL EB 504 118.65 45.06 -51.80
CA VAL EB 504 119.91 45.71 -51.46
C VAL EB 504 121.10 45.07 -52.19
N GLY FB 1 72.63 88.39 -1.98
CA GLY FB 1 72.46 89.82 -2.07
C GLY FB 1 73.66 90.55 -2.67
N LEU FB 2 73.47 91.82 -2.99
CA LEU FB 2 74.58 92.60 -3.52
C LEU FB 2 75.69 92.68 -2.49
N ALA FB 3 76.88 92.25 -2.87
CA ALA FB 3 77.97 92.10 -1.92
C ALA FB 3 79.03 93.17 -2.09
N GLY FB 4 79.19 93.65 -3.31
CA GLY FB 4 80.19 94.64 -3.62
C GLY FB 4 79.98 95.19 -5.00
N ARG FB 5 80.59 96.33 -5.31
CA ARG FB 5 80.42 96.95 -6.62
C ARG FB 5 81.64 97.76 -7.03
N GLY FB 6 81.64 98.17 -8.28
CA GLY FB 6 82.76 98.92 -8.84
C GLY FB 6 82.39 99.51 -10.20
N VAL FB 7 83.27 100.34 -10.74
CA VAL FB 7 82.92 101.05 -11.95
C VAL FB 7 84.05 100.95 -12.95
N ILE FB 8 83.72 100.63 -14.19
CA ILE FB 8 84.70 100.65 -15.28
C ILE FB 8 84.41 101.85 -16.19
N TYR FB 9 85.44 102.62 -16.53
CA TYR FB 9 85.26 103.77 -17.44
C TYR FB 9 85.56 103.43 -18.90
N ILE FB 10 84.63 103.75 -19.76
CA ILE FB 10 84.77 103.47 -21.16
C ILE FB 10 85.02 104.82 -21.82
N PRO FB 11 86.11 104.93 -22.58
CA PRO FB 11 86.43 106.13 -23.33
C PRO FB 11 85.56 106.21 -24.57
N LYS FB 12 85.37 107.43 -25.07
CA LYS FB 12 84.50 107.58 -26.21
C LYS FB 12 85.09 106.95 -27.46
N ASP FB 13 86.42 106.91 -27.58
CA ASP FB 13 87.06 106.11 -28.64
C ASP FB 13 87.63 104.83 -28.06
N CYS FB 14 86.77 103.82 -27.93
CA CYS FB 14 87.20 102.51 -27.43
C CYS FB 14 87.68 101.61 -28.56
N GLN FB 15 88.99 101.38 -28.60
CA GLN FB 15 89.67 100.69 -29.69
C GLN FB 15 90.10 99.30 -29.27
N ALA FB 16 90.19 98.36 -30.21
CA ALA FB 16 90.63 97.02 -29.82
C ALA FB 16 91.97 97.06 -29.05
N ASN FB 17 92.07 96.24 -28.01
CA ASN FB 17 93.31 96.05 -27.25
C ASN FB 17 93.60 97.17 -26.22
N ARG FB 18 92.56 97.95 -25.95
CA ARG FB 18 92.55 98.99 -24.93
C ARG FB 18 92.32 98.41 -23.54
N TYR FB 19 93.10 98.86 -22.56
CA TYR FB 19 92.88 98.42 -21.19
C TYR FB 19 91.93 99.41 -20.52
N LEU FB 20 90.89 98.90 -19.83
CA LEU FB 20 89.83 99.74 -19.29
C LEU FB 20 89.93 99.90 -17.77
N GLY FB 21 90.56 98.92 -17.13
CA GLY FB 21 90.78 98.97 -15.70
C GLY FB 21 90.70 97.63 -15.01
N THR FB 22 91.05 97.61 -13.74
CA THR FB 22 90.99 96.39 -12.94
C THR FB 22 90.22 96.64 -11.66
N LEU FB 23 89.34 95.72 -11.32
CA LEU FB 23 88.64 95.79 -10.06
C LEU FB 23 89.22 94.75 -9.15
N ASN FB 24 89.43 95.10 -7.90
CA ASN FB 24 89.90 94.15 -6.92
C ASN FB 24 88.70 93.52 -6.16
N ILE FB 25 88.47 92.22 -6.36
CA ILE FB 25 87.26 91.58 -5.83
C ILE FB 25 87.10 91.80 -4.34
N ARG FB 26 88.18 91.70 -3.58
CA ARG FB 26 88.01 91.84 -2.16
C ARG FB 26 87.76 93.29 -1.75
N ASP FB 27 88.40 94.23 -2.43
CA ASP FB 27 88.12 95.65 -2.22
C ASP FB 27 86.69 96.06 -2.60
N MET FB 28 86.13 95.47 -3.65
CA MET FB 28 84.73 95.73 -4.01
C MET FB 28 83.80 95.39 -2.86
N ILE FB 29 84.09 94.30 -2.15
CA ILE FB 29 83.24 93.86 -1.06
C ILE FB 29 83.49 94.68 0.19
N SER FB 30 84.75 95.01 0.45
CA SER FB 30 85.09 95.75 1.67
C SER FB 30 84.79 97.25 1.60
N ASP FB 31 84.89 97.84 0.41
CA ASP FB 31 84.60 99.26 0.26
C ASP FB 31 83.09 99.48 0.37
N PHE FB 32 82.34 98.48 -0.06
CA PHE FB 32 80.88 98.53 -0.02
C PHE FB 32 80.40 98.40 1.42
N LYS FB 33 80.69 97.27 2.07
CA LYS FB 33 80.74 97.20 3.52
C LYS FB 33 79.42 97.46 4.25
N GLY FB 34 78.29 96.93 3.80
CA GLY FB 34 78.16 95.68 3.09
C GLY FB 34 77.52 94.77 4.12
N VAL FB 35 76.29 94.31 3.92
CA VAL FB 35 75.76 93.25 4.80
C VAL FB 35 76.58 92.00 4.64
N GLN FB 36 76.97 91.70 3.41
CA GLN FB 36 77.77 90.52 3.12
C GLN FB 36 79.18 90.65 3.67
N TYR FB 37 79.77 91.84 3.57
CA TYR FB 37 81.10 92.10 4.15
C TYR FB 37 81.08 91.82 5.65
N GLU FB 38 80.04 92.27 6.33
CA GLU FB 38 79.97 92.06 7.77
C GLU FB 38 79.76 90.58 8.12
N LYS FB 39 79.02 89.84 7.29
CA LYS FB 39 78.85 88.40 7.53
C LYS FB 39 80.20 87.72 7.40
N TRP FB 40 81.03 88.28 6.52
CA TRP FB 40 82.34 87.74 6.16
C TRP FB 40 83.29 87.81 7.36
N ILE FB 41 83.35 88.97 8.00
CA ILE FB 41 84.16 89.17 9.20
C ILE FB 41 83.89 88.11 10.26
N THR FB 42 82.64 87.68 10.40
CA THR FB 42 82.28 86.67 11.38
C THR FB 42 82.66 85.27 10.92
N ALA FB 43 82.50 85.02 9.63
CA ALA FB 43 82.84 83.74 9.06
C ALA FB 43 84.34 83.50 9.14
N GLY FB 44 85.11 84.56 8.90
CA GLY FB 44 86.55 84.44 8.75
C GLY FB 44 86.90 84.02 7.34
N LEU FB 45 86.56 82.78 6.98
CA LEU FB 45 86.79 82.23 5.65
C LEU FB 45 85.51 82.09 4.82
N VAL FB 46 85.55 82.51 3.56
CA VAL FB 46 84.42 82.31 2.64
C VAL FB 46 84.85 81.67 1.32
N MET FB 47 84.02 80.79 0.75
CA MET FB 47 84.30 80.18 -0.55
C MET FB 47 83.17 80.45 -1.51
N PRO FB 48 82.93 81.73 -1.82
CA PRO FB 48 81.66 82.19 -2.39
C PRO FB 48 81.33 81.57 -3.73
N THR FB 49 80.04 81.52 -4.05
CA THR FB 49 79.63 81.44 -5.44
C THR FB 49 79.12 82.83 -5.79
N PHE FB 50 79.87 83.53 -6.63
CA PHE FB 50 79.50 84.88 -7.07
C PHE FB 50 78.62 84.86 -8.33
N LYS FB 51 77.67 85.78 -8.39
CA LYS FB 51 77.06 86.16 -9.65
C LYS FB 51 77.67 87.52 -9.95
N ILE FB 52 78.38 87.63 -11.06
CA ILE FB 52 78.89 88.92 -11.50
C ILE FB 52 77.94 89.50 -12.53
N VAL FB 53 77.58 90.76 -12.34
CA VAL FB 53 76.68 91.41 -13.26
C VAL FB 53 77.34 92.70 -13.72
N ILE FB 54 77.46 92.85 -15.04
CA ILE FB 54 77.98 94.09 -15.63
C ILE FB 54 76.84 94.87 -16.27
N ARG FB 55 76.52 96.02 -15.70
CA ARG FB 55 75.45 96.87 -16.20
C ARG FB 55 75.95 97.88 -17.22
N LEU FB 56 75.22 97.97 -18.32
CA LEU FB 56 75.84 98.23 -19.59
C LEU FB 56 74.66 98.50 -20.52
N PRO FB 57 74.62 99.69 -21.13
CA PRO FB 57 73.48 99.98 -22.02
C PRO FB 57 73.58 99.21 -23.35
N ALA FB 58 72.58 98.40 -23.66
CA ALA FB 58 72.65 97.60 -24.88
C ALA FB 58 72.67 98.50 -26.10
N ASN FB 59 73.52 98.16 -27.07
CA ASN FB 59 73.57 98.94 -28.29
C ASN FB 59 74.06 98.13 -29.48
N ALA FB 60 73.30 98.13 -30.55
CA ALA FB 60 73.65 97.32 -31.71
C ALA FB 60 74.46 98.08 -32.76
N PHE FB 61 74.80 99.33 -32.46
CA PHE FB 61 75.40 100.20 -33.45
C PHE FB 61 76.87 100.56 -33.23
N THR FB 62 77.59 99.77 -32.43
CA THR FB 62 78.96 100.10 -32.10
C THR FB 62 79.97 99.03 -32.54
N GLY FB 63 79.62 97.77 -32.39
CA GLY FB 63 80.56 96.70 -32.70
C GLY FB 63 81.44 96.33 -31.52
N LEU FB 64 81.25 97.01 -30.40
CA LEU FB 64 82.08 96.84 -29.22
C LEU FB 64 81.94 95.46 -28.61
N THR FB 65 83.07 94.82 -28.33
CA THR FB 65 83.11 93.61 -27.52
C THR FB 65 84.23 93.72 -26.49
N TRP FB 66 83.91 93.41 -25.24
CA TRP FB 66 84.88 93.50 -24.16
C TRP FB 66 85.18 92.13 -23.61
N VAL FB 67 86.26 92.01 -22.85
CA VAL FB 67 86.58 90.77 -22.17
C VAL FB 67 86.75 91.00 -20.67
N MET FB 68 85.98 90.27 -19.86
CA MET FB 68 86.22 90.26 -18.43
C MET FB 68 87.12 89.06 -18.17
N SER FB 69 88.27 89.29 -17.54
CA SER FB 69 89.24 88.24 -17.26
C SER FB 69 89.36 88.04 -15.75
N PHE FB 70 89.10 86.82 -15.28
CA PHE FB 70 89.19 86.50 -13.86
C PHE FB 70 90.60 86.07 -13.53
N ASP FB 71 91.35 86.96 -12.90
CA ASP FB 71 92.74 86.71 -12.62
C ASP FB 71 92.96 86.54 -11.13
N ALA FB 72 92.62 85.37 -10.59
CA ALA FB 72 92.61 85.20 -9.14
C ALA FB 72 94.00 85.24 -8.53
N TYR FB 73 95.01 85.00 -9.35
CA TYR FB 73 96.36 84.93 -8.84
C TYR FB 73 97.29 86.01 -9.39
N ASN FB 74 96.69 87.05 -9.95
CA ASN FB 74 97.38 88.25 -10.35
C ASN FB 74 98.52 87.95 -11.31
N ARG FB 75 98.21 87.23 -12.37
CA ARG FB 75 99.23 86.71 -13.25
C ARG FB 75 99.40 87.55 -14.51
N ILE FB 76 98.27 88.07 -15.02
CA ILE FB 76 98.32 88.90 -16.21
C ILE FB 76 98.19 90.42 -15.98
N THR FB 77 97.93 90.85 -14.73
CA THR FB 77 97.68 92.26 -14.47
C THR FB 77 98.75 93.19 -15.03
N SER FB 78 99.98 93.00 -14.60
CA SER FB 78 101.06 93.88 -14.98
C SER FB 78 101.31 93.86 -16.43
N ARG FB 79 101.27 92.73 -17.04
CA ARG FB 79 101.64 92.78 -18.41
C ARG FB 79 100.67 93.61 -19.16
N ILE FB 80 99.40 93.50 -18.84
CA ILE FB 80 98.37 94.26 -19.55
C ILE FB 80 98.34 95.75 -19.38
N THR FB 81 98.62 96.22 -18.18
CA THR FB 81 98.06 97.47 -17.78
C THR FB 81 98.47 98.55 -18.73
N ALA FB 82 99.69 98.59 -19.17
CA ALA FB 82 99.93 99.61 -20.14
C ALA FB 82 99.08 99.25 -21.32
N SER FB 83 99.05 97.97 -21.65
CA SER FB 83 98.13 97.48 -22.65
C SER FB 83 97.89 96.01 -22.60
N ALA FB 84 96.80 95.59 -23.22
CA ALA FB 84 96.46 94.19 -23.24
C ALA FB 84 96.32 93.71 -24.63
N ASP FB 85 97.13 92.75 -25.02
CA ASP FB 85 96.91 92.06 -26.26
C ASP FB 85 96.32 90.84 -25.74
N PRO FB 86 95.22 90.39 -26.28
CA PRO FB 86 94.47 89.40 -25.55
C PRO FB 86 95.33 88.22 -25.26
N VAL FB 87 96.05 87.69 -26.24
CA VAL FB 87 96.72 86.46 -25.77
C VAL FB 87 96.82 86.44 -24.24
N TYR FB 88 97.06 87.59 -23.61
CA TYR FB 88 97.05 87.67 -22.15
C TYR FB 88 95.64 87.55 -21.61
N THR FB 89 94.72 88.37 -22.15
CA THR FB 89 93.42 88.50 -21.55
C THR FB 89 92.59 87.22 -21.67
N LEU FB 90 92.91 86.40 -22.66
CA LEU FB 90 92.18 85.16 -22.86
C LEU FB 90 92.87 83.93 -22.28
N SER FB 91 94.00 84.14 -21.61
CA SER FB 91 94.82 83.04 -21.10
C SER FB 91 94.39 82.61 -19.68
N VAL FB 92 93.42 83.34 -19.12
CA VAL FB 92 92.85 83.00 -17.83
C VAL FB 92 91.35 82.87 -18.02
N PRO FB 93 90.64 82.33 -17.03
CA PRO FB 93 89.18 82.24 -17.21
C PRO FB 93 88.61 83.59 -17.58
N HIS FB 94 87.71 83.63 -18.56
CA HIS FB 94 87.23 84.89 -19.10
C HIS FB 94 85.88 84.78 -19.80
N TRP FB 95 85.25 85.91 -20.06
CA TRP FB 95 83.93 85.95 -20.63
C TRP FB 95 83.86 87.05 -21.67
N LEU FB 96 83.21 86.78 -22.79
CA LEU FB 96 83.01 87.81 -23.80
C LEU FB 96 81.77 88.62 -23.49
N ILE FB 97 81.91 89.94 -23.54
CA ILE FB 97 80.81 90.84 -23.28
C ILE FB 97 80.47 91.59 -24.55
N HIS FB 98 79.37 91.20 -25.18
CA HIS FB 98 78.92 91.83 -26.41
C HIS FB 98 78.00 93.02 -26.15
N HIS FB 99 78.31 94.14 -26.80
CA HIS FB 99 77.58 95.37 -26.55
C HIS FB 99 76.15 95.23 -27.01
N LYS FB 100 75.94 94.45 -28.07
CA LYS FB 100 74.58 94.30 -28.60
C LYS FB 100 73.65 93.62 -27.59
N LEU FB 101 74.21 92.86 -26.65
CA LEU FB 101 73.39 92.09 -25.69
C LEU FB 101 73.12 92.84 -24.39
N GLY FB 102 73.72 94.01 -24.25
CA GLY FB 102 73.56 94.80 -23.06
C GLY FB 102 74.08 94.17 -21.79
N THR FB 103 73.29 94.30 -20.72
CA THR FB 103 73.70 93.85 -19.38
C THR FB 103 74.08 92.37 -19.39
N PHE FB 104 75.23 92.09 -18.78
CA PHE FB 104 75.89 90.78 -18.82
C PHE FB 104 75.94 90.15 -17.46
N SER FB 105 75.85 88.82 -17.42
CA SER FB 105 75.91 88.13 -16.15
C SER FB 105 76.62 86.77 -16.28
N CYS FB 106 77.32 86.36 -15.24
CA CYS FB 106 77.89 85.02 -15.22
C CYS FB 106 78.12 84.53 -13.80
N GLU FB 107 78.37 83.22 -13.63
CA GLU FB 107 78.65 82.67 -12.31
C GLU FB 107 80.10 82.30 -12.16
N ILE FB 108 80.64 82.59 -10.98
CA ILE FB 108 81.99 82.21 -10.70
C ILE FB 108 81.94 81.38 -9.44
N ASP FB 109 82.18 80.09 -9.56
CA ASP FB 109 82.33 79.23 -8.39
C ASP FB 109 83.75 79.39 -7.92
N TYR FB 110 83.93 80.17 -6.87
CA TYR FB 110 85.26 80.52 -6.41
C TYR FB 110 86.02 79.27 -6.00
N GLY FB 111 85.29 78.25 -5.59
CA GLY FB 111 85.87 76.97 -5.27
C GLY FB 111 86.60 76.33 -6.43
N GLU FB 112 86.05 76.43 -7.62
CA GLU FB 112 86.67 75.90 -8.83
C GLU FB 112 87.68 76.85 -9.47
N LEU FB 113 87.21 78.00 -9.89
CA LEU FB 113 88.05 78.96 -10.59
C LEU FB 113 89.22 79.51 -9.77
N CYS FB 114 89.08 79.50 -8.45
CA CYS FB 114 90.16 79.98 -7.62
C CYS FB 114 90.83 78.87 -6.80
N GLY FB 115 90.09 78.21 -5.92
CA GLY FB 115 90.60 77.06 -5.18
C GLY FB 115 90.94 77.23 -3.71
N HIS FB 116 91.19 78.45 -3.27
CA HIS FB 116 91.40 78.72 -1.85
C HIS FB 116 90.40 79.73 -1.28
N ALA FB 117 90.05 79.56 -0.01
CA ALA FB 117 89.04 80.38 0.61
C ALA FB 117 89.57 81.76 1.03
N MET FB 118 88.69 82.76 0.98
CA MET FB 118 89.08 84.14 1.25
C MET FB 118 89.04 84.52 2.71
N TRP FB 119 90.13 85.08 3.19
CA TRP FB 119 90.26 85.47 4.58
C TRP FB 119 89.87 86.93 4.74
N PHE FB 120 88.96 87.20 5.68
CA PHE FB 120 88.36 88.53 5.80
C PHE FB 120 89.35 89.67 6.01
N LYS FB 121 90.43 89.42 6.74
CA LYS FB 121 91.30 90.50 7.17
C LYS FB 121 92.44 90.85 6.22
N SER FB 122 92.82 89.91 5.38
CA SER FB 122 93.95 90.13 4.47
C SER FB 122 94.04 89.11 3.36
N THR FB 123 94.72 89.49 2.30
CA THR FB 123 94.94 88.59 1.20
C THR FB 123 95.84 87.44 1.68
N THR FB 124 95.51 86.21 1.33
CA THR FB 124 96.31 85.06 1.73
C THR FB 124 97.47 84.86 0.78
N PHE FB 125 97.17 84.53 -0.47
CA PHE FB 125 98.24 84.37 -1.46
C PHE FB 125 98.42 85.63 -2.31
N GLU FB 126 97.67 85.72 -3.39
CA GLU FB 126 97.62 87.00 -4.07
C GLU FB 126 96.19 87.49 -4.07
N SER FB 127 96.02 88.77 -4.38
CA SER FB 127 94.72 89.44 -4.35
C SER FB 127 93.95 89.28 -5.68
N PRO FB 128 92.76 88.64 -5.61
CA PRO FB 128 91.96 88.30 -6.81
C PRO FB 128 91.44 89.53 -7.56
N ARG FB 129 91.68 89.60 -8.87
CA ARG FB 129 91.27 90.73 -9.70
C ARG FB 129 90.34 90.38 -10.85
N LEU FB 130 89.49 91.32 -11.22
CA LEU FB 130 88.75 91.25 -12.48
C LEU FB 130 89.31 92.31 -13.43
N HIS FB 131 89.76 91.91 -14.60
CA HIS FB 131 90.30 92.85 -15.59
C HIS FB 131 89.29 93.10 -16.70
N PHE FB 132 89.15 94.37 -17.09
CA PHE FB 132 88.26 94.71 -18.18
C PHE FB 132 89.04 95.33 -19.36
N THR FB 133 88.98 94.66 -20.49
CA THR FB 133 89.72 95.08 -21.66
C THR FB 133 88.80 95.06 -22.87
N CYS FB 134 89.19 95.78 -23.91
CA CYS FB 134 88.38 95.86 -25.11
C CYS FB 134 88.93 94.93 -26.19
N LEU FB 135 88.15 93.95 -26.61
CA LEU FB 135 88.61 92.91 -27.52
C LEU FB 135 88.49 93.37 -28.97
N THR FB 136 87.33 93.89 -29.32
CA THR FB 136 87.08 94.50 -30.64
C THR FB 136 86.54 95.91 -30.43
N GLY FB 137 87.08 96.86 -31.19
CA GLY FB 137 86.78 98.26 -30.95
C GLY FB 137 85.47 98.73 -31.54
N ASN FB 138 85.06 99.94 -31.19
CA ASN FB 138 83.90 100.55 -31.81
C ASN FB 138 84.22 100.96 -33.25
N ASN FB 139 83.22 100.97 -34.10
CA ASN FB 139 83.41 101.21 -35.52
C ASN FB 139 83.80 102.67 -35.80
N LYS FB 140 83.31 103.54 -34.92
CA LYS FB 140 83.61 104.96 -34.92
C LYS FB 140 83.45 105.37 -33.48
N GLU FB 141 84.06 106.48 -33.07
CA GLU FB 141 83.95 106.87 -31.67
C GLU FB 141 82.49 107.16 -31.32
N LEU FB 142 82.14 107.03 -30.05
CA LEU FB 142 80.80 107.34 -29.59
C LEU FB 142 80.71 108.83 -29.25
N ALA FB 143 79.56 109.26 -28.76
CA ALA FB 143 79.33 110.67 -28.56
C ALA FB 143 80.14 111.25 -27.39
N ALA FB 144 80.31 110.45 -26.35
CA ALA FB 144 80.99 110.91 -25.14
C ALA FB 144 81.53 109.77 -24.29
N ASP FB 145 82.42 110.08 -23.35
CA ASP FB 145 82.85 109.09 -22.36
C ASP FB 145 81.64 108.58 -21.58
N TRP FB 146 81.73 107.32 -21.13
CA TRP FB 146 80.68 106.73 -20.31
C TRP FB 146 81.23 105.73 -19.31
N GLN FB 147 80.35 105.11 -18.55
CA GLN FB 147 80.80 104.11 -17.58
C GLN FB 147 79.89 102.87 -17.57
N ALA FB 148 80.43 101.77 -17.07
CA ALA FB 148 79.65 100.57 -16.81
C ALA FB 148 79.79 100.23 -15.33
N VAL FB 149 78.76 99.62 -14.75
CA VAL FB 149 78.82 99.24 -13.35
C VAL FB 149 79.01 97.73 -13.21
N VAL FB 150 79.95 97.32 -12.36
CA VAL FB 150 80.17 95.90 -12.06
C VAL FB 150 79.64 95.55 -10.66
N GLU FB 151 78.83 94.50 -10.57
CA GLU FB 151 78.25 94.14 -9.29
C GLU FB 151 78.53 92.69 -8.93
N LEU FB 152 78.87 92.43 -7.65
CA LEU FB 152 79.03 91.08 -7.12
C LEU FB 152 77.84 90.72 -6.25
N TYR FB 153 77.16 89.63 -6.59
CA TYR FB 153 76.05 89.13 -5.78
C TYR FB 153 76.50 87.82 -5.19
N ALA FB 154 76.22 87.63 -3.90
CA ALA FB 154 76.64 86.40 -3.23
C ALA FB 154 75.93 86.28 -1.89
N GLU FB 155 75.71 85.05 -1.44
CA GLU FB 155 75.27 84.83 -0.07
C GLU FB 155 76.40 84.16 0.68
N LEU FB 156 77.29 84.97 1.25
CA LEU FB 156 78.47 84.43 1.92
C LEU FB 156 78.14 83.59 3.14
N GLU FB 157 78.71 82.39 3.19
CA GLU FB 157 78.63 81.60 4.39
C GLU FB 157 80.00 81.08 4.76
N GLU FB 158 80.17 80.69 6.02
CA GLU FB 158 81.47 80.27 6.52
C GLU FB 158 81.98 79.06 5.77
N ALA FB 159 83.25 79.12 5.35
CA ALA FB 159 83.88 78.02 4.64
C ALA FB 159 84.37 76.93 5.61
N THR FB 160 84.08 75.68 5.26
CA THR FB 160 84.41 74.54 6.09
C THR FB 160 85.90 74.12 5.92
N SER FB 161 86.44 74.27 4.72
CA SER FB 161 87.82 73.87 4.42
C SER FB 161 88.58 75.01 3.80
N PHE FB 162 89.91 74.95 3.86
CA PHE FB 162 90.71 75.98 3.18
C PHE FB 162 90.70 75.79 1.68
N LEU FB 163 90.78 74.54 1.25
CA LEU FB 163 90.96 74.23 -0.17
C LEU FB 163 89.65 73.85 -0.83
N GLY FB 164 89.51 74.20 -2.10
CA GLY FB 164 88.36 73.82 -2.91
C GLY FB 164 88.48 72.41 -3.38
N LYS FB 165 87.78 72.07 -4.47
CA LYS FB 165 87.99 70.80 -5.13
C LYS FB 165 88.97 71.07 -6.27
N PRO FB 166 89.88 70.14 -6.53
CA PRO FB 166 90.91 70.38 -7.54
C PRO FB 166 90.35 70.43 -8.94
N THR FB 167 90.64 71.51 -9.65
CA THR FB 167 90.28 71.68 -11.05
C THR FB 167 90.86 70.54 -11.91
N LEU FB 168 92.04 70.04 -11.54
CA LEU FB 168 92.77 69.08 -12.38
C LEU FB 168 93.61 68.13 -11.54
N VAL FB 169 93.64 66.86 -11.94
CA VAL FB 169 94.54 65.92 -11.28
C VAL FB 169 95.47 65.30 -12.30
N PHE FB 170 96.76 65.31 -11.99
CA PHE FB 170 97.75 64.92 -12.97
C PHE FB 170 97.63 63.50 -13.46
N ASP FB 171 97.57 63.36 -14.79
CA ASP FB 171 97.47 62.07 -15.46
C ASP FB 171 97.90 62.28 -16.92
N PRO FB 172 99.01 61.63 -17.32
CA PRO FB 172 99.66 61.74 -18.62
C PRO FB 172 98.74 61.25 -19.72
N GLY FB 173 98.03 60.18 -19.41
CA GLY FB 173 97.22 59.47 -20.39
C GLY FB 173 95.81 60.01 -20.49
N VAL FB 174 95.59 61.21 -19.95
CA VAL FB 174 94.24 61.78 -19.96
C VAL FB 174 94.16 63.27 -20.34
N PHE FB 175 93.80 63.43 -21.62
CA PHE FB 175 93.36 64.65 -22.26
C PHE FB 175 92.12 64.22 -23.03
N ASN FB 176 90.94 64.51 -22.51
CA ASN FB 176 89.67 64.14 -23.14
C ASN FB 176 89.52 64.62 -24.58
N GLY FB 177 89.69 65.92 -24.79
CA GLY FB 177 89.42 66.50 -26.08
C GLY FB 177 88.39 67.60 -25.93
N LYS FB 178 87.87 67.77 -24.72
CA LYS FB 178 87.00 68.90 -24.37
C LYS FB 178 87.81 70.07 -23.78
N PHE FB 179 87.44 71.30 -24.10
CA PHE FB 179 88.19 72.46 -23.63
C PHE FB 179 87.26 73.37 -22.85
N GLN FB 180 87.82 74.18 -21.95
CA GLN FB 180 87.11 75.37 -21.48
C GLN FB 180 88.00 76.59 -21.68
N PHE FB 181 87.36 77.74 -21.90
CA PHE FB 181 88.05 79.02 -22.01
C PHE FB 181 89.09 79.08 -23.13
N LEU FB 182 88.82 78.34 -24.21
CA LEU FB 182 89.72 78.39 -25.35
C LEU FB 182 89.15 79.36 -26.36
N THR FB 183 89.65 80.59 -26.32
CA THR FB 183 89.18 81.63 -27.24
C THR FB 183 90.38 82.08 -28.08
N CYS FB 184 90.20 82.12 -29.40
CA CYS FB 184 91.23 82.62 -30.31
C CYS FB 184 91.18 84.12 -30.43
N PRO FB 185 92.34 84.77 -30.50
CA PRO FB 185 92.34 86.22 -30.72
C PRO FB 185 91.54 86.58 -31.96
N PRO FB 186 90.99 87.79 -31.98
CA PRO FB 186 90.10 88.20 -33.06
C PRO FB 186 90.81 88.13 -34.41
N ILE FB 187 90.04 87.71 -35.41
CA ILE FB 187 90.45 87.69 -36.79
C ILE FB 187 89.76 88.87 -37.51
N PHE FB 188 90.48 89.59 -38.37
CA PHE FB 188 89.89 90.79 -38.99
C PHE FB 188 89.79 90.75 -40.53
N PHE FB 189 88.67 91.27 -41.04
CA PHE FB 189 88.43 91.31 -42.48
C PHE FB 189 88.28 92.75 -42.94
N ASP FB 190 89.04 93.13 -43.98
CA ASP FB 190 88.96 94.49 -44.54
C ASP FB 190 87.79 94.57 -45.46
N LEU FB 191 87.12 95.73 -45.50
CA LEU FB 191 85.99 95.85 -46.40
C LEU FB 191 86.42 96.39 -47.74
N THR FB 192 87.72 96.62 -47.87
CA THR FB 192 88.28 97.04 -49.14
C THR FB 192 88.73 95.84 -49.94
N ALA FB 193 88.23 94.67 -49.58
CA ALA FB 193 88.63 93.44 -50.26
C ALA FB 193 87.42 92.60 -50.65
N VAL FB 194 87.33 92.28 -51.93
CA VAL FB 194 86.18 91.53 -52.40
C VAL FB 194 86.09 90.11 -51.84
N THR FB 195 87.24 89.46 -51.67
CA THR FB 195 87.32 88.19 -50.94
C THR FB 195 88.55 88.21 -50.08
N ALA FB 196 88.66 87.25 -49.16
CA ALA FB 196 89.83 87.19 -48.30
C ALA FB 196 89.93 85.89 -47.53
N LEU FB 197 91.14 85.58 -47.10
CA LEU FB 197 91.36 84.38 -46.32
C LEU FB 197 91.99 84.75 -45.00
N ARG FB 198 91.52 84.13 -43.92
CA ARG FB 198 92.21 84.20 -42.64
C ARG FB 198 92.38 82.80 -42.07
N SER FB 199 93.64 82.44 -41.79
CA SER FB 199 93.96 81.13 -41.22
C SER FB 199 94.03 81.16 -39.68
N ALA FB 200 93.52 80.10 -39.07
CA ALA FB 200 93.74 79.88 -37.65
C ALA FB 200 94.45 78.54 -37.51
N GLY FB 201 95.60 78.52 -36.88
CA GLY FB 201 96.39 77.30 -36.78
C GLY FB 201 95.68 76.32 -35.86
N LEU FB 202 95.80 75.03 -36.15
CA LEU FB 202 95.18 74.01 -35.29
C LEU FB 202 96.22 73.22 -34.52
N THR FB 203 97.46 73.73 -34.54
CA THR FB 203 98.55 73.13 -33.76
C THR FB 203 98.47 73.65 -32.32
N LEU FB 204 97.48 73.15 -31.59
CA LEU FB 204 97.01 73.74 -30.32
C LEU FB 204 97.94 73.57 -29.13
N GLY FB 205 98.97 72.75 -29.26
CA GLY FB 205 99.95 72.60 -28.20
C GLY FB 205 101.06 73.64 -28.19
N GLN FB 206 101.12 74.42 -29.27
CA GLN FB 206 102.08 75.50 -29.40
C GLN FB 206 101.82 76.55 -28.29
N VAL FB 207 102.88 77.08 -27.70
CA VAL FB 207 102.70 78.12 -26.69
C VAL FB 207 102.58 79.48 -27.37
N PRO FB 208 101.50 80.22 -27.05
CA PRO FB 208 101.20 81.52 -27.65
C PRO FB 208 102.24 82.56 -27.26
N MET FB 209 102.46 83.57 -28.08
CA MET FB 209 103.44 84.57 -27.73
C MET FB 209 102.93 85.99 -27.91
N VAL FB 210 103.53 86.92 -27.17
CA VAL FB 210 103.28 88.33 -27.33
C VAL FB 210 104.68 88.92 -27.38
N GLY FB 211 105.16 89.14 -28.60
CA GLY FB 211 106.51 89.61 -28.78
C GLY FB 211 107.44 88.47 -28.42
N THR FB 212 108.38 88.73 -27.53
CA THR FB 212 109.32 87.71 -27.11
C THR FB 212 108.78 86.93 -25.90
N THR FB 213 107.61 87.34 -25.40
CA THR FB 213 107.06 86.77 -24.18
C THR FB 213 106.23 85.50 -24.43
N LYS FB 214 106.62 84.39 -23.84
CA LYS FB 214 105.82 83.18 -23.91
C LYS FB 214 104.68 83.25 -22.89
N VAL FB 215 103.46 82.91 -23.30
CA VAL FB 215 102.34 82.89 -22.37
C VAL FB 215 101.82 81.47 -22.16
N TYR FB 216 102.39 80.78 -21.18
CA TYR FB 216 101.99 79.41 -20.91
C TYR FB 216 100.59 79.43 -20.42
N ASN FB 217 99.75 78.53 -20.92
CA ASN FB 217 98.39 78.41 -20.43
C ASN FB 217 97.92 76.98 -20.39
N LEU FB 218 96.84 76.72 -19.66
CA LEU FB 218 96.38 75.35 -19.45
C LEU FB 218 95.96 74.61 -20.73
N ASN FB 219 95.25 75.29 -21.61
CA ASN FB 219 94.80 74.61 -22.83
C ASN FB 219 95.94 74.10 -23.70
N SER FB 220 96.90 74.95 -24.03
CA SER FB 220 98.02 74.47 -24.84
C SER FB 220 98.77 73.38 -24.08
N THR FB 221 98.86 73.54 -22.77
CA THR FB 221 99.53 72.54 -21.94
C THR FB 221 98.83 71.19 -22.06
N LEU FB 222 97.50 71.18 -21.94
CA LEU FB 222 96.75 69.94 -22.11
C LEU FB 222 97.00 69.29 -23.48
N VAL FB 223 96.84 70.05 -24.55
CA VAL FB 223 97.09 69.51 -25.88
C VAL FB 223 98.49 68.88 -25.98
N SER FB 224 99.47 69.47 -25.32
CA SER FB 224 100.85 68.98 -25.45
C SER FB 224 101.01 67.60 -24.82
N CYS FB 225 100.00 67.17 -24.06
CA CYS FB 225 99.97 65.86 -23.41
C CYS FB 225 99.70 64.71 -24.37
N VAL FB 226 99.51 65.08 -25.63
CA VAL FB 226 99.18 64.15 -26.69
C VAL FB 226 100.16 64.41 -27.86
N LEU FB 227 100.36 63.44 -28.74
CA LEU FB 227 101.28 63.62 -29.85
C LEU FB 227 100.62 64.37 -31.00
N GLY FB 228 99.31 64.20 -31.14
CA GLY FB 228 98.53 64.85 -32.18
C GLY FB 228 97.05 64.47 -32.07
N MET FB 229 96.22 65.05 -32.92
CA MET FB 229 94.79 64.85 -32.81
C MET FB 229 94.14 65.02 -34.16
N GLY FB 230 93.07 64.26 -34.38
CA GLY FB 230 92.22 64.39 -35.53
C GLY FB 230 90.78 64.40 -35.07
N GLY FB 231 89.85 64.67 -35.96
CA GLY FB 231 88.46 64.65 -35.56
C GLY FB 231 87.76 65.89 -36.04
N THR FB 232 86.71 66.27 -35.35
CA THR FB 232 85.96 67.44 -35.74
C THR FB 232 86.07 68.53 -34.70
N VAL FB 233 86.41 69.74 -35.14
CA VAL FB 233 86.45 70.91 -34.28
C VAL FB 233 85.04 71.46 -34.10
N ARG FB 234 84.52 71.42 -32.87
CA ARG FB 234 83.23 72.04 -32.55
C ARG FB 234 83.50 73.37 -31.86
N GLY FB 235 82.93 74.44 -32.38
CA GLY FB 235 83.13 75.74 -31.78
C GLY FB 235 82.01 76.71 -32.01
N ARG FB 236 82.24 77.97 -31.66
CA ARG FB 236 81.29 79.03 -31.89
C ARG FB 236 82.01 80.18 -32.58
N VAL FB 237 81.28 80.87 -33.44
CA VAL FB 237 81.79 82.04 -34.12
C VAL FB 237 80.99 83.26 -33.69
N HIS FB 238 81.66 84.34 -33.33
CA HIS FB 238 80.97 85.57 -33.04
C HIS FB 238 81.35 86.61 -34.05
N ILE FB 239 80.35 87.24 -34.65
CA ILE FB 239 80.59 88.35 -35.54
C ILE FB 239 80.45 89.67 -34.79
N CYS FB 240 81.58 90.34 -34.58
CA CYS FB 240 81.63 91.47 -33.65
C CYS FB 240 81.64 92.82 -34.34
N ALA FB 241 80.53 93.14 -35.00
CA ALA FB 241 80.39 94.40 -35.71
C ALA FB 241 78.96 94.93 -35.56
N PRO FB 242 78.75 96.20 -35.90
CA PRO FB 242 77.43 96.84 -35.88
C PRO FB 242 76.39 96.10 -36.76
N ILE FB 243 75.08 96.21 -36.48
CA ILE FB 243 74.06 95.52 -37.30
C ILE FB 243 74.17 95.87 -38.77
N PHE FB 244 74.77 97.01 -39.08
CA PHE FB 244 74.88 97.46 -40.48
C PHE FB 244 76.12 96.96 -41.22
N TYR FB 245 76.96 96.20 -40.53
CA TYR FB 245 78.01 95.40 -41.15
C TYR FB 245 77.47 93.99 -41.37
N SER FB 246 77.89 93.32 -42.44
CA SER FB 246 77.53 91.92 -42.61
C SER FB 246 78.49 91.18 -43.51
N ILE FB 247 78.52 89.86 -43.39
CA ILE FB 247 79.52 89.08 -44.09
C ILE FB 247 79.02 87.65 -44.26
N VAL FB 248 79.59 86.94 -45.24
CA VAL FB 248 79.34 85.52 -45.40
C VAL FB 248 80.65 84.79 -45.52
N LEU FB 249 80.85 83.78 -44.67
CA LEU FB 249 82.11 83.04 -44.64
C LEU FB 249 81.93 81.59 -45.04
N TRP FB 250 82.93 81.08 -45.76
CA TRP FB 250 83.07 79.65 -46.00
C TRP FB 250 84.17 79.21 -45.04
N VAL FB 251 83.83 78.34 -44.09
CA VAL FB 251 84.81 77.88 -43.11
C VAL FB 251 85.18 76.43 -43.36
N VAL FB 252 86.46 76.17 -43.61
CA VAL FB 252 86.90 74.83 -43.98
C VAL FB 252 88.32 74.54 -43.52
N SER FB 253 88.67 73.25 -43.38
CA SER FB 253 90.01 72.87 -42.95
C SER FB 253 90.90 72.50 -44.14
N GLU FB 254 92.13 72.97 -44.11
CA GLU FB 254 93.10 72.65 -45.17
C GLU FB 254 94.48 72.25 -44.64
N TRP FB 255 95.19 71.44 -45.44
CA TRP FB 255 96.49 70.93 -45.02
C TRP FB 255 97.61 71.55 -45.84
N ASN FB 256 98.62 72.06 -45.12
CA ASN FB 256 99.86 72.56 -45.73
C ASN FB 256 99.63 73.52 -46.88
N GLY FB 257 99.25 74.75 -46.55
CA GLY FB 257 98.89 75.72 -47.56
C GLY FB 257 97.41 75.71 -47.85
N THR FB 258 97.01 76.40 -48.92
CA THR FB 258 95.62 76.45 -49.30
C THR FB 258 95.53 76.28 -50.80
N THR FB 259 94.40 75.77 -51.28
CA THR FB 259 94.22 75.66 -52.72
C THR FB 259 94.01 77.04 -53.30
N MET FB 260 94.39 77.21 -54.56
CA MET FB 260 94.22 78.48 -55.25
C MET FB 260 93.01 78.44 -56.19
N ASP FB 261 92.37 77.27 -56.28
CA ASP FB 261 91.26 77.05 -57.18
C ASP FB 261 89.93 77.09 -56.44
N TRP FB 262 89.16 78.13 -56.66
CA TRP FB 262 87.88 78.30 -56.00
C TRP FB 262 86.96 77.09 -56.15
N ASN FB 263 87.04 76.39 -57.26
CA ASN FB 263 86.18 75.25 -57.46
C ASN FB 263 86.61 74.09 -56.59
N GLU FB 264 87.91 73.90 -56.41
CA GLU FB 264 88.39 72.84 -55.55
C GLU FB 264 87.98 73.15 -54.13
N LEU FB 265 88.13 74.42 -53.77
CA LEU FB 265 87.78 74.89 -52.42
C LEU FB 265 86.39 74.48 -51.98
N PHE FB 266 85.43 74.52 -52.91
CA PHE FB 266 84.05 74.19 -52.57
C PHE FB 266 83.68 72.74 -52.74
N LYS FB 267 84.68 71.92 -53.06
CA LYS FB 267 84.49 70.48 -53.08
C LYS FB 267 84.90 69.93 -51.71
N TYR FB 268 85.48 70.78 -50.87
CA TYR FB 268 85.85 70.38 -49.51
C TYR FB 268 84.63 70.42 -48.59
N PRO FB 269 84.68 69.68 -47.48
CA PRO FB 269 83.59 69.67 -46.50
C PRO FB 269 83.72 70.83 -45.52
N GLY FB 270 83.20 71.99 -45.91
CA GLY FB 270 83.14 73.14 -45.04
C GLY FB 270 81.71 73.53 -44.62
N VAL FB 271 81.58 74.67 -43.95
CA VAL FB 271 80.27 75.18 -43.52
C VAL FB 271 80.20 76.67 -43.79
N TYR FB 272 78.98 77.18 -43.98
CA TYR FB 272 78.79 78.61 -44.19
C TYR FB 272 78.45 79.27 -42.86
N VAL FB 273 79.01 80.46 -42.65
CA VAL FB 273 78.72 81.25 -41.46
C VAL FB 273 78.27 82.64 -41.88
N GLU FB 274 77.02 82.97 -41.55
CA GLU FB 274 76.44 84.27 -41.92
C GLU FB 274 76.27 85.12 -40.67
N GLU FB 275 76.32 84.49 -39.50
CA GLU FB 275 75.97 85.15 -38.25
C GLU FB 275 76.45 84.38 -37.03
N ASP FB 276 76.40 85.02 -35.85
CA ASP FB 276 76.71 84.36 -34.58
C ASP FB 276 76.12 82.94 -34.60
N GLY FB 277 76.91 81.95 -34.17
CA GLY FB 277 76.45 80.59 -34.09
C GLY FB 277 77.57 79.57 -33.83
N SER FB 278 77.19 78.30 -33.72
CA SER FB 278 78.18 77.24 -33.58
C SER FB 278 78.54 76.64 -34.95
N PHE FB 279 79.62 75.86 -35.01
CA PHE FB 279 80.06 75.25 -36.25
C PHE FB 279 80.80 73.96 -35.94
N GLU FB 280 80.81 73.02 -36.88
CA GLU FB 280 81.64 71.83 -36.78
C GLU FB 280 82.42 71.66 -38.07
N VAL FB 281 83.74 71.62 -37.99
CA VAL FB 281 84.55 71.39 -39.18
C VAL FB 281 85.51 70.23 -38.96
N LYS FB 282 85.58 69.31 -39.92
CA LYS FB 282 86.48 68.16 -39.83
C LYS FB 282 87.91 68.62 -40.02
N ILE FB 283 88.81 68.18 -39.14
CA ILE FB 283 90.24 68.45 -39.28
C ILE FB 283 90.74 67.62 -40.45
N ARG FB 284 91.23 68.32 -41.47
CA ARG FB 284 91.65 67.70 -42.72
C ARG FB 284 93.16 67.47 -42.76
N SER FB 285 93.58 66.23 -43.00
CA SER FB 285 95.02 65.91 -43.02
C SER FB 285 95.30 64.55 -43.66
N PRO FB 286 96.46 64.45 -44.32
CA PRO FB 286 96.93 63.23 -44.97
C PRO FB 286 97.06 62.08 -43.99
N TYR FB 287 97.14 62.41 -42.71
CA TYR FB 287 97.32 61.43 -41.65
C TYR FB 287 96.10 61.37 -40.76
N HIS FB 288 95.09 62.15 -41.14
CA HIS FB 288 93.82 62.23 -40.40
C HIS FB 288 93.96 62.93 -39.05
N ARG FB 289 95.21 63.21 -38.68
CA ARG FB 289 95.53 63.93 -37.45
C ARG FB 289 96.54 65.03 -37.77
N THR FB 290 96.56 66.09 -36.96
CA THR FB 290 97.59 67.11 -37.05
C THR FB 290 98.41 67.02 -35.78
N PRO FB 291 99.74 67.26 -35.87
CA PRO FB 291 100.62 67.16 -34.71
C PRO FB 291 100.32 68.23 -33.69
N ALA FB 292 100.54 67.88 -32.42
CA ALA FB 292 100.25 68.73 -31.26
C ALA FB 292 101.19 69.93 -31.15
N ARG FB 293 102.44 69.76 -31.52
CA ARG FB 293 103.41 70.85 -31.49
C ARG FB 293 104.30 70.84 -32.71
N LEU FB 294 105.04 71.92 -32.92
CA LEU FB 294 105.91 72.00 -34.10
C LEU FB 294 107.34 71.58 -33.82
N LEU FB 295 108.02 71.09 -34.85
CA LEU FB 295 109.45 70.86 -34.76
C LEU FB 295 110.18 72.11 -35.25
N ALA FB 296 111.50 72.07 -35.24
CA ALA FB 296 112.29 73.24 -35.58
C ALA FB 296 112.09 73.56 -37.04
N GLY FB 297 111.89 74.85 -37.34
CA GLY FB 297 111.73 75.30 -38.71
C GLY FB 297 110.36 75.09 -39.32
N GLN FB 298 109.46 74.44 -38.59
CA GLN FB 298 108.11 74.27 -39.07
C GLN FB 298 107.23 75.46 -38.71
N SER FB 299 106.19 75.66 -39.48
CA SER FB 299 105.26 76.76 -39.28
C SER FB 299 103.89 76.16 -39.04
N GLN FB 300 102.98 76.89 -38.42
CA GLN FB 300 101.71 76.26 -38.05
C GLN FB 300 100.84 76.02 -39.29
N ARG FB 301 101.14 76.75 -40.37
CA ARG FB 301 100.38 76.62 -41.60
C ARG FB 301 100.80 75.39 -42.40
N ASP FB 302 101.92 74.78 -42.01
CA ASP FB 302 102.43 73.60 -42.70
C ASP FB 302 101.60 72.38 -42.37
N MET FB 303 100.80 72.50 -41.31
CA MET FB 303 99.95 71.40 -40.85
C MET FB 303 98.47 71.68 -41.16
N SER FB 304 97.59 71.16 -40.31
CA SER FB 304 96.16 71.39 -40.44
C SER FB 304 95.76 72.75 -39.85
N SER FB 305 94.97 73.51 -40.60
CA SER FB 305 94.51 74.81 -40.14
C SER FB 305 93.00 74.94 -40.35
N LEU FB 306 92.39 75.83 -39.58
CA LEU FB 306 90.98 76.17 -39.69
C LEU FB 306 90.89 77.47 -40.48
N ASN FB 307 90.42 77.40 -41.73
CA ASN FB 307 90.47 78.57 -42.63
C ASN FB 307 89.15 79.32 -42.79
N PHE FB 308 89.21 80.62 -42.66
CA PHE FB 308 88.01 81.44 -42.77
C PHE FB 308 88.07 82.27 -44.04
N TYR FB 309 87.26 81.89 -45.02
CA TYR FB 309 87.23 82.54 -46.32
C TYR FB 309 86.04 83.47 -46.39
N ALA FB 310 86.29 84.76 -46.58
CA ALA FB 310 85.21 85.70 -46.83
C ALA FB 310 84.80 85.59 -48.28
N ILE FB 311 83.60 85.07 -48.53
CA ILE FB 311 83.15 84.82 -49.91
C ILE FB 311 82.15 85.87 -50.39
N ALA FB 312 81.56 86.61 -49.46
CA ALA FB 312 80.66 87.71 -49.79
C ALA FB 312 80.76 88.77 -48.72
N GLY FB 313 81.36 89.90 -49.06
CA GLY FB 313 81.62 90.90 -48.05
C GLY FB 313 83.01 90.78 -47.44
N PRO FB 314 83.22 91.45 -46.30
CA PRO FB 314 82.21 92.20 -45.57
C PRO FB 314 81.73 93.46 -46.30
N ILE FB 315 80.50 93.87 -46.01
CA ILE FB 315 79.98 95.13 -46.52
C ILE FB 315 79.52 96.02 -45.38
N ALA FB 316 79.60 97.31 -45.62
CA ALA FB 316 79.03 98.27 -44.70
C ALA FB 316 78.63 99.51 -45.48
N PRO FB 317 77.81 100.37 -44.89
CA PRO FB 317 77.44 101.64 -45.53
C PRO FB 317 78.64 102.56 -45.60
N SER FB 318 78.67 103.51 -46.53
CA SER FB 318 79.79 104.45 -46.51
C SER FB 318 79.46 105.46 -45.45
N GLY FB 319 80.46 106.08 -44.86
CA GLY FB 319 81.85 105.72 -45.07
C GLY FB 319 82.35 105.10 -43.78
N GLU FB 320 82.12 103.81 -43.64
CA GLU FB 320 82.68 103.07 -42.54
C GLU FB 320 84.09 102.66 -42.94
N THR FB 321 84.96 102.46 -41.96
CA THR FB 321 86.35 102.15 -42.27
C THR FB 321 86.85 100.98 -41.45
N ALA FB 322 86.21 100.76 -40.29
CA ALA FB 322 86.57 99.68 -39.38
C ALA FB 322 86.61 98.33 -40.07
N GLN FB 323 87.52 97.48 -39.65
CA GLN FB 323 87.52 96.10 -40.11
C GLN FB 323 86.40 95.33 -39.38
N LEU FB 324 85.95 94.23 -39.99
CA LEU FB 324 84.96 93.39 -39.35
C LEU FB 324 85.66 92.24 -38.64
N PRO FB 325 85.55 92.20 -37.29
CA PRO FB 325 86.20 91.18 -36.46
C PRO FB 325 85.35 89.93 -36.23
N ILE FB 326 86.01 88.79 -36.25
CA ILE FB 326 85.40 87.50 -35.99
C ILE FB 326 86.13 86.95 -34.78
N VAL FB 327 85.40 86.60 -33.73
CA VAL FB 327 86.04 85.93 -32.59
C VAL FB 327 85.65 84.46 -32.59
N VAL FB 328 86.64 83.57 -32.65
CA VAL FB 328 86.37 82.13 -32.65
C VAL FB 328 86.63 81.48 -31.30
N GLN FB 329 85.69 80.66 -30.84
CA GLN FB 329 85.88 79.85 -29.61
C GLN FB 329 85.87 78.38 -29.95
N ILE FB 330 86.85 77.62 -29.45
CA ILE FB 330 86.89 76.19 -29.70
C ILE FB 330 86.47 75.44 -28.46
N ASP FB 331 85.40 74.66 -28.58
CA ASP FB 331 84.76 74.01 -27.42
C ASP FB 331 85.23 72.60 -27.18
N GLU FB 332 85.30 71.82 -28.25
CA GLU FB 332 85.91 70.50 -28.14
C GLU FB 332 86.27 69.88 -29.46
N ILE FB 333 87.07 68.83 -29.39
CA ILE FB 333 87.29 67.95 -30.52
C ILE FB 333 86.30 66.79 -30.37
N VAL FB 334 85.27 66.78 -31.20
CA VAL FB 334 84.25 65.75 -31.13
C VAL FB 334 84.66 64.59 -32.00
N ARG FB 335 84.29 63.39 -31.60
CA ARG FB 335 84.67 62.20 -32.37
C ARG FB 335 86.17 62.25 -32.60
N PRO FB 336 86.93 62.30 -31.50
CA PRO FB 336 88.37 62.58 -31.57
C PRO FB 336 89.17 61.37 -32.01
N ASP FB 337 90.17 61.61 -32.84
CA ASP FB 337 91.13 60.59 -33.20
C ASP FB 337 92.47 60.98 -32.59
N LEU FB 338 92.73 60.51 -31.38
CA LEU FB 338 93.92 60.96 -30.68
C LEU FB 338 95.14 60.10 -30.97
N SER FB 339 96.32 60.72 -30.88
CA SER FB 339 97.57 59.98 -30.91
C SER FB 339 97.86 59.35 -29.56
N LEU FB 340 98.98 58.68 -29.46
CA LEU FB 340 99.46 58.24 -28.17
C LEU FB 340 99.64 59.44 -27.28
N PRO FB 341 99.51 59.23 -25.95
CA PRO FB 341 99.95 60.28 -25.03
C PRO FB 341 101.41 60.58 -25.31
N SER FB 342 101.84 61.83 -25.14
CA SER FB 342 103.24 62.15 -25.38
C SER FB 342 104.13 61.61 -24.26
N PHE FB 343 103.57 61.52 -23.05
CA PHE FB 343 104.28 60.92 -21.91
C PHE FB 343 103.57 59.72 -21.32
N GLU FB 344 104.35 58.76 -20.84
CA GLU FB 344 103.79 57.59 -20.17
C GLU FB 344 103.80 57.84 -18.67
N ASP FB 345 103.29 56.89 -17.88
CA ASP FB 345 103.31 57.06 -16.43
C ASP FB 345 104.70 56.71 -15.93
N ASP FB 346 105.60 57.65 -16.12
CA ASP FB 346 107.00 57.40 -15.92
C ASP FB 346 107.63 58.63 -15.29
N TYR FB 347 108.92 58.53 -14.99
CA TYR FB 347 109.68 59.67 -14.51
C TYR FB 347 109.90 60.65 -15.65
N PHE FB 348 110.20 61.90 -15.28
CA PHE FB 348 110.67 62.89 -16.24
C PHE FB 348 111.67 63.83 -15.57
N VAL FB 349 112.43 64.55 -16.37
CA VAL FB 349 113.51 65.35 -15.83
C VAL FB 349 113.01 66.58 -15.08
N TRP FB 350 113.45 66.72 -13.83
CA TRP FB 350 113.20 67.92 -13.07
C TRP FB 350 114.35 68.91 -13.26
N VAL FB 351 115.56 68.48 -12.95
CA VAL FB 351 116.70 69.37 -13.03
C VAL FB 351 118.02 68.59 -13.15
N ASP FB 352 118.95 69.16 -13.91
CA ASP FB 352 120.32 68.67 -13.95
C ASP FB 352 121.24 69.71 -13.28
N PHE FB 353 122.06 69.26 -12.34
CA PHE FB 353 123.17 70.08 -11.84
C PHE FB 353 124.52 69.65 -12.43
N SER FB 354 125.32 70.60 -12.87
CA SER FB 354 126.61 70.27 -13.48
C SER FB 354 127.59 71.40 -13.26
N GLU FB 355 128.84 71.18 -13.70
CA GLU FB 355 129.86 72.23 -13.68
C GLU FB 355 130.03 72.84 -12.29
N PHE FB 356 130.19 72.00 -11.27
CA PHE FB 356 130.34 72.46 -9.89
C PHE FB 356 131.68 73.16 -9.70
N THR FB 357 131.69 74.28 -9.01
CA THR FB 357 132.92 75.04 -8.79
C THR FB 357 133.47 74.85 -7.37
N LEU FB 358 132.59 74.48 -6.44
CA LEU FB 358 132.98 74.20 -5.07
C LEU FB 358 132.72 72.75 -4.72
N ASP FB 359 133.58 72.17 -3.89
CA ASP FB 359 133.37 70.81 -3.41
C ASP FB 359 132.17 70.71 -2.45
N LYS FB 360 131.97 71.72 -1.61
CA LYS FB 360 130.79 71.77 -0.75
C LYS FB 360 129.65 72.52 -1.45
N GLU FB 361 128.56 71.82 -1.71
CA GLU FB 361 127.43 72.42 -2.35
C GLU FB 361 126.18 71.94 -1.63
N GLU FB 362 125.24 72.83 -1.37
CA GLU FB 362 123.99 72.42 -0.73
C GLU FB 362 122.77 73.03 -1.39
N ILE FB 363 121.97 72.19 -2.01
CA ILE FB 363 120.80 72.60 -2.76
C ILE FB 363 119.54 72.46 -1.91
N GLU FB 364 118.95 73.58 -1.50
CA GLU FB 364 117.73 73.53 -0.70
C GLU FB 364 116.49 73.37 -1.56
N ILE FB 365 115.67 72.38 -1.23
CA ILE FB 365 114.45 72.14 -1.97
C ILE FB 365 113.24 72.51 -1.11
N GLY FB 366 113.26 72.06 0.15
CA GLY FB 366 112.21 72.36 1.10
C GLY FB 366 110.97 71.52 0.83
N SER FB 367 109.86 72.19 0.52
CA SER FB 367 108.66 71.47 0.17
C SER FB 367 108.11 71.92 -1.17
N ARG FB 368 108.96 72.50 -2.02
CA ARG FB 368 108.52 73.10 -3.29
C ARG FB 368 109.00 72.37 -4.53
N PHE FB 369 108.21 72.42 -5.59
CA PHE FB 369 108.68 72.07 -6.92
C PHE FB 369 108.84 73.36 -7.70
N PHE FB 370 110.06 73.69 -8.12
CA PHE FB 370 110.32 75.04 -8.62
C PHE FB 370 111.60 75.12 -9.43
N ASP FB 371 111.91 76.30 -9.96
CA ASP FB 371 113.13 76.48 -10.75
C ASP FB 371 114.30 76.87 -9.86
N PHE FB 372 115.40 76.14 -9.96
CA PHE FB 372 116.60 76.38 -9.15
C PHE FB 372 117.47 77.48 -9.75
N THR FB 373 118.26 78.14 -8.91
CA THR FB 373 119.33 79.02 -9.39
C THR FB 373 120.58 78.79 -8.54
N SER FB 374 121.75 78.94 -9.14
CA SER FB 374 123.01 78.79 -8.39
C SER FB 374 124.11 79.70 -8.92
N ASN FB 375 124.91 80.22 -8.01
CA ASN FB 375 126.08 81.02 -8.36
C ASN FB 375 127.29 80.13 -8.49
N THR FB 376 127.19 78.93 -7.95
CA THR FB 376 128.35 78.08 -7.80
C THR FB 376 128.30 76.86 -8.70
N CYS FB 377 127.19 76.67 -9.40
CA CYS FB 377 127.06 75.59 -10.38
C CYS FB 377 126.03 75.88 -11.47
N ARG FB 378 126.02 75.02 -12.49
CA ARG FB 378 125.12 75.22 -13.62
C ARG FB 378 123.82 74.46 -13.43
N VAL FB 379 122.72 75.20 -13.42
CA VAL FB 379 121.39 74.60 -13.31
C VAL FB 379 120.72 74.49 -14.67
N SER FB 380 120.25 73.30 -15.02
CA SER FB 380 119.50 73.14 -16.26
C SER FB 380 118.13 72.58 -15.91
N MET FB 381 117.09 73.37 -16.10
CA MET FB 381 115.78 72.94 -15.69
C MET FB 381 115.08 72.14 -16.81
N GLY FB 382 114.25 71.18 -16.43
CA GLY FB 382 113.51 70.42 -17.41
C GLY FB 382 112.25 71.16 -17.83
N GLU FB 383 111.88 71.02 -19.09
CA GLU FB 383 110.59 71.53 -19.57
C GLU FB 383 109.65 70.38 -20.01
N ASN FB 384 108.52 70.22 -19.31
CA ASN FB 384 107.55 69.18 -19.63
C ASN FB 384 106.16 69.58 -19.16
N PRO FB 385 105.14 68.81 -19.56
CA PRO FB 385 103.78 69.22 -19.20
C PRO FB 385 103.58 69.36 -17.70
N PHE FB 386 104.17 68.49 -16.90
CA PHE FB 386 103.96 68.63 -15.46
C PHE FB 386 104.41 70.01 -14.96
N ALA FB 387 105.60 70.43 -15.35
CA ALA FB 387 106.12 71.75 -14.96
C ALA FB 387 105.20 72.87 -15.43
N ALA FB 388 104.67 72.76 -16.64
CA ALA FB 388 103.72 73.75 -17.12
C ALA FB 388 102.46 73.75 -16.28
N MET FB 389 101.96 72.57 -15.93
CA MET FB 389 100.75 72.52 -15.10
C MET FB 389 100.97 73.16 -13.74
N ILE FB 390 102.17 73.02 -13.19
CA ILE FB 390 102.51 73.70 -11.94
C ILE FB 390 102.42 75.22 -12.12
N ALA FB 391 102.89 75.68 -13.28
CA ALA FB 391 102.94 77.10 -13.61
C ALA FB 391 101.58 77.67 -13.96
N CYS FB 392 100.66 76.83 -14.40
CA CYS FB 392 99.37 77.30 -14.88
C CYS FB 392 98.27 77.12 -13.88
N HIS FB 393 98.60 76.90 -12.61
CA HIS FB 393 97.60 76.84 -11.56
C HIS FB 393 98.07 77.67 -10.39
N GLY FB 394 97.12 78.20 -9.64
CA GLY FB 394 97.42 79.04 -8.49
C GLY FB 394 98.03 78.26 -7.36
N LEU FB 395 97.49 77.08 -7.10
CA LEU FB 395 97.98 76.19 -6.05
C LEU FB 395 98.11 74.74 -6.55
N HIS FB 396 99.01 73.99 -5.94
CA HIS FB 396 99.15 72.56 -6.23
C HIS FB 396 99.55 71.80 -4.96
N SER FB 397 99.40 70.49 -4.98
CA SER FB 397 99.78 69.65 -3.84
C SER FB 397 99.89 68.19 -4.23
N GLY FB 398 100.89 67.51 -3.69
CA GLY FB 398 101.06 66.11 -4.02
C GLY FB 398 102.38 65.56 -3.56
N VAL FB 399 102.67 64.33 -3.96
CA VAL FB 399 103.95 63.73 -3.62
C VAL FB 399 104.74 63.35 -4.86
N LEU FB 400 106.02 63.70 -4.87
CA LEU FB 400 106.89 63.33 -5.98
C LEU FB 400 107.86 62.24 -5.57
N ASP FB 401 107.93 61.17 -6.35
CA ASP FB 401 109.01 60.20 -6.18
C ASP FB 401 110.21 60.68 -6.99
N LEU FB 402 111.38 60.71 -6.36
CA LEU FB 402 112.58 61.22 -7.04
C LEU FB 402 113.55 60.08 -7.32
N LYS FB 403 114.17 60.14 -8.49
CA LYS FB 403 115.34 59.31 -8.80
C LYS FB 403 116.52 60.24 -9.01
N LEU FB 404 117.60 59.98 -8.30
CA LEU FB 404 118.82 60.76 -8.47
C LEU FB 404 119.83 59.87 -9.18
N GLN FB 405 120.46 60.42 -10.21
CA GLN FB 405 121.52 59.75 -10.95
C GLN FB 405 122.71 60.68 -11.08
N TRP FB 406 123.91 60.12 -11.04
CA TRP FB 406 125.10 60.93 -11.26
C TRP FB 406 126.27 60.15 -11.85
N SER FB 407 127.11 60.87 -12.59
CA SER FB 407 128.32 60.30 -13.16
C SER FB 407 129.53 60.99 -12.56
N LEU FB 408 130.68 60.33 -12.55
CA LEU FB 408 131.87 60.92 -11.97
C LEU FB 408 132.70 61.77 -12.92
N ASN FB 409 133.36 62.77 -12.35
CA ASN FB 409 134.27 63.66 -13.08
C ASN FB 409 135.71 63.24 -12.91
N THR FB 410 136.02 62.72 -11.73
CA THR FB 410 137.34 62.17 -11.43
C THR FB 410 137.39 60.65 -11.67
N GLU FB 411 138.57 60.04 -11.48
CA GLU FB 411 138.72 58.59 -11.62
C GLU FB 411 137.97 57.85 -10.52
N PHE FB 412 137.23 56.80 -10.90
CA PHE FB 412 136.40 56.04 -9.95
C PHE FB 412 137.20 55.57 -8.74
N GLY FB 413 138.42 55.12 -8.97
CA GLY FB 413 139.25 54.64 -7.89
C GLY FB 413 139.63 55.69 -6.86
N LYS FB 414 139.56 56.96 -7.25
CA LYS FB 414 139.97 58.06 -6.36
C LYS FB 414 138.77 58.66 -5.64
N SER FB 415 137.58 58.20 -5.98
CA SER FB 415 136.35 58.81 -5.51
C SER FB 415 136.11 58.66 -4.01
N SER FB 416 135.47 59.65 -3.41
CA SER FB 416 135.08 59.58 -2.01
C SER FB 416 133.87 60.49 -1.81
N GLY FB 417 133.32 60.48 -0.60
CA GLY FB 417 132.18 61.33 -0.29
C GLY FB 417 130.82 60.75 -0.66
N SER FB 418 129.82 61.64 -0.77
CA SER FB 418 128.43 61.24 -0.87
C SER FB 418 127.50 62.28 -1.47
N VAL FB 419 126.39 61.79 -2.00
CA VAL FB 419 125.22 62.60 -2.22
C VAL FB 419 124.33 62.34 -1.02
N THR FB 420 124.09 63.34 -0.20
CA THR FB 420 123.27 63.16 0.99
C THR FB 420 121.93 63.85 0.85
N ILE FB 421 120.86 63.15 1.19
CA ILE FB 421 119.54 63.74 1.19
C ILE FB 421 119.12 64.05 2.61
N THR FB 422 119.11 65.33 2.96
CA THR FB 422 118.62 65.72 4.27
C THR FB 422 117.10 65.85 4.26
N LYS FB 423 116.44 65.16 5.19
CA LYS FB 423 114.99 65.22 5.29
C LYS FB 423 114.63 65.68 6.69
N LEU FB 424 113.98 66.83 6.80
CA LEU FB 424 113.57 67.37 8.09
C LEU FB 424 112.09 67.63 8.11
N VAL FB 425 111.59 67.97 9.30
CA VAL FB 425 110.26 68.55 9.42
C VAL FB 425 110.45 69.84 10.15
N GLY FB 426 110.17 70.95 9.48
CA GLY FB 426 110.42 72.26 10.02
C GLY FB 426 111.34 73.02 9.09
N ASP FB 427 112.51 73.37 9.59
CA ASP FB 427 113.53 74.05 8.80
C ASP FB 427 114.92 73.64 9.29
N LYS FB 428 115.96 74.14 8.64
CA LYS FB 428 117.32 73.74 8.96
C LYS FB 428 117.62 74.08 10.42
N ALA FB 429 117.03 75.15 10.92
CA ALA FB 429 117.37 75.67 12.24
C ALA FB 429 116.74 74.94 13.44
N MET FB 430 115.46 74.57 13.34
CA MET FB 430 114.73 74.01 14.48
C MET FB 430 113.98 72.72 14.16
N GLY FB 431 114.28 72.13 13.00
CA GLY FB 431 113.55 70.98 12.52
C GLY FB 431 113.79 69.64 13.20
N LEU FB 432 112.90 68.70 12.90
CA LEU FB 432 112.99 67.35 13.39
C LEU FB 432 113.60 66.49 12.29
N ASP FB 433 114.28 65.42 12.66
CA ASP FB 433 114.98 64.60 11.68
C ASP FB 433 114.13 63.46 11.15
N GLY FB 434 113.92 63.45 9.84
CA GLY FB 434 113.20 62.38 9.17
C GLY FB 434 114.08 61.32 8.53
N PRO FB 435 113.63 60.79 7.39
CA PRO FB 435 114.36 59.75 6.66
C PRO FB 435 115.48 60.35 5.79
N SER FB 436 116.39 61.06 6.45
CA SER FB 436 117.60 61.54 5.80
C SER FB 436 118.40 60.33 5.35
N HIS FB 437 119.27 60.51 4.38
CA HIS FB 437 119.77 59.37 3.66
C HIS FB 437 121.14 59.71 3.05
N VAL FB 438 122.13 58.85 3.31
CA VAL FB 438 123.49 59.07 2.82
C VAL FB 438 123.81 58.09 1.71
N PHE FB 439 123.94 58.58 0.50
CA PHE FB 439 124.34 57.74 -0.62
C PHE FB 439 125.84 57.93 -0.83
N ALA FB 440 126.63 56.92 -0.52
CA ALA FB 440 128.03 56.95 -0.90
C ALA FB 440 128.15 57.26 -2.39
N ILE FB 441 129.07 58.15 -2.74
CA ILE FB 441 129.17 58.62 -4.14
C ILE FB 441 129.29 57.47 -5.14
N GLN FB 442 129.86 56.35 -4.71
CA GLN FB 442 130.05 55.17 -5.57
C GLN FB 442 128.74 54.44 -5.93
N LYS FB 443 127.66 54.69 -5.19
CA LYS FB 443 126.34 54.14 -5.55
C LYS FB 443 125.89 54.63 -6.92
N LEU FB 444 126.23 55.88 -7.24
CA LEU FB 444 125.95 56.47 -8.54
C LEU FB 444 124.46 56.70 -8.83
N GLU FB 445 123.61 56.41 -7.84
CA GLU FB 445 122.17 56.68 -7.94
C GLU FB 445 121.49 56.49 -6.58
N GLY FB 446 120.32 57.10 -6.45
CA GLY FB 446 119.58 57.01 -5.20
C GLY FB 446 118.14 57.46 -5.38
N THR FB 447 117.28 57.10 -4.43
CA THR FB 447 115.86 57.45 -4.54
C THR FB 447 115.33 58.08 -3.27
N THR FB 448 114.30 58.89 -3.40
CA THR FB 448 113.66 59.50 -2.24
C THR FB 448 112.26 60.01 -2.62
N GLU FB 449 111.41 60.28 -1.64
CA GLU FB 449 110.14 60.92 -1.92
C GLU FB 449 110.24 62.39 -1.53
N LEU FB 450 109.44 63.24 -2.15
CA LEU FB 450 109.34 64.65 -1.74
C LEU FB 450 107.90 65.07 -1.59
N LEU FB 451 107.55 65.59 -0.41
CA LEU FB 451 106.22 66.13 -0.22
C LEU FB 451 106.19 67.54 -0.76
N VAL FB 452 105.36 67.76 -1.78
CA VAL FB 452 105.11 69.10 -2.30
C VAL FB 452 103.81 69.61 -1.70
N GLY FB 453 103.94 70.42 -0.65
CA GLY FB 453 102.80 70.86 0.13
C GLY FB 453 103.21 71.37 1.49
N ASN FB 454 102.26 71.48 2.41
CA ASN FB 454 102.53 72.03 3.74
C ASN FB 454 101.32 71.91 4.63
N PHE FB 455 101.43 72.38 5.87
CA PHE FB 455 100.34 72.19 6.83
C PHE FB 455 99.01 72.74 6.34
N ALA FB 456 99.04 73.78 5.53
CA ALA FB 456 97.80 74.38 5.01
C ALA FB 456 97.15 73.53 3.94
N GLY FB 457 97.96 72.80 3.17
CA GLY FB 457 97.43 71.84 2.22
C GLY FB 457 97.84 71.97 0.77
N ALA FB 458 98.43 73.12 0.40
CA ALA FB 458 98.80 73.36 -0.99
C ALA FB 458 99.89 74.44 -1.10
N ASN FB 459 100.64 74.43 -2.21
CA ASN FB 459 101.69 75.44 -2.45
C ASN FB 459 101.28 76.39 -3.53
N PRO FB 460 101.56 77.66 -3.34
CA PRO FB 460 101.41 78.64 -4.42
C PRO FB 460 102.61 78.47 -5.34
N ASN FB 461 102.55 79.07 -6.53
CA ASN FB 461 103.68 78.99 -7.43
C ASN FB 461 104.67 80.14 -7.25
N THR FB 462 104.94 80.47 -6.00
CA THR FB 462 105.85 81.54 -5.63
C THR FB 462 106.62 81.07 -4.41
N ARG FB 463 107.49 81.92 -3.89
CA ARG FB 463 108.12 81.61 -2.61
C ARG FB 463 107.08 81.88 -1.52
N PHE FB 464 107.08 81.05 -0.48
CA PHE FB 464 106.16 81.21 0.65
C PHE FB 464 106.85 80.57 1.85
N SER FB 465 106.37 80.84 3.05
CA SER FB 465 106.93 80.22 4.23
C SER FB 465 105.84 79.59 5.10
N LEU FB 466 105.60 78.29 4.91
CA LEU FB 466 104.58 77.57 5.67
C LEU FB 466 105.14 76.25 6.18
N TYR FB 467 105.08 76.05 7.50
CA TYR FB 467 105.62 74.84 8.14
C TYR FB 467 105.29 73.58 7.35
N SER FB 468 106.32 72.80 7.05
CA SER FB 468 106.12 71.55 6.31
C SER FB 468 107.34 70.67 6.46
N ARG FB 469 107.38 69.58 5.72
CA ARG FB 469 108.60 68.79 5.60
C ARG FB 469 109.61 69.57 4.76
N TRP FB 470 110.89 69.26 4.93
CA TRP FB 470 111.94 70.07 4.34
C TRP FB 470 113.05 69.17 3.80
N MET FB 471 113.43 69.37 2.55
CA MET FB 471 114.44 68.54 1.94
C MET FB 471 115.62 69.36 1.40
N ALA FB 472 116.82 68.76 1.44
CA ALA FB 472 118.00 69.37 0.83
C ALA FB 472 118.93 68.31 0.29
N ILE FB 473 119.61 68.62 -0.80
CA ILE FB 473 120.66 67.74 -1.32
C ILE FB 473 122.02 68.32 -0.93
N LYS FB 474 122.86 67.51 -0.29
CA LYS FB 474 124.18 67.94 0.19
C LYS FB 474 125.31 67.20 -0.51
N LEU FB 475 126.07 67.93 -1.32
CA LEU FB 475 127.29 67.39 -1.91
C LEU FB 475 128.53 67.77 -1.08
N ASP FB 476 129.45 66.82 -0.86
CA ASP FB 476 130.70 67.14 -0.15
C ASP FB 476 131.93 67.03 -1.05
N GLN FB 477 131.74 66.42 -2.21
CA GLN FB 477 132.80 66.26 -3.18
C GLN FB 477 132.27 66.59 -4.55
N ALA FB 478 131.59 67.74 -4.65
CA ALA FB 478 130.83 68.07 -5.83
C ALA FB 478 131.66 68.17 -7.09
N LYS FB 479 132.92 68.57 -6.94
CA LYS FB 479 133.79 68.70 -8.10
C LYS FB 479 134.08 67.33 -8.74
N SER FB 480 133.84 66.25 -7.99
CA SER FB 480 134.01 64.89 -8.53
C SER FB 480 132.78 64.42 -9.31
N ILE FB 481 131.75 65.25 -9.40
CA ILE FB 481 130.54 64.87 -10.12
C ILE FB 481 130.43 65.62 -11.44
N LYS FB 482 130.25 64.87 -12.53
CA LYS FB 482 130.12 65.52 -13.84
C LYS FB 482 128.69 66.02 -14.03
N VAL FB 483 127.73 65.26 -13.51
CA VAL FB 483 126.34 65.67 -13.54
C VAL FB 483 125.52 64.98 -12.49
N LEU FB 484 124.61 65.71 -11.87
CA LEU FB 484 123.65 65.16 -10.93
C LEU FB 484 122.30 65.42 -11.54
N ARG FB 485 121.61 64.36 -11.92
CA ARG FB 485 120.30 64.51 -12.54
C ARG FB 485 119.20 64.10 -11.57
N VAL FB 486 118.16 64.93 -11.48
CA VAL FB 486 117.02 64.60 -10.65
C VAL FB 486 115.75 64.40 -11.48
N LEU FB 487 115.23 63.18 -11.47
CA LEU FB 487 113.97 62.86 -12.15
C LEU FB 487 112.87 62.71 -11.13
N CYS FB 488 111.65 63.04 -11.53
CA CYS FB 488 110.51 62.87 -10.64
C CYS FB 488 109.33 62.23 -11.36
N LYS FB 489 108.43 61.66 -10.55
CA LYS FB 489 107.26 60.93 -11.02
C LYS FB 489 106.16 61.14 -9.99
N PRO FB 490 105.21 62.01 -10.32
CA PRO FB 490 104.13 62.32 -9.38
C PRO FB 490 103.32 61.08 -9.01
N ARG FB 491 103.11 60.89 -7.72
CA ARG FB 491 102.22 59.86 -7.24
C ARG FB 491 100.79 60.24 -7.56
N PRO FB 492 99.95 59.24 -7.76
CA PRO FB 492 98.57 59.43 -8.20
C PRO FB 492 97.89 60.39 -7.27
N GLY FB 493 97.09 61.30 -7.81
CA GLY FB 493 96.36 62.26 -7.02
C GLY FB 493 97.07 63.59 -6.83
N PHE FB 494 98.11 63.85 -7.61
CA PHE FB 494 98.77 65.13 -7.54
C PHE FB 494 97.81 66.18 -8.06
N SER FB 495 97.48 67.16 -7.23
CA SER FB 495 96.34 68.03 -7.49
C SER FB 495 96.70 69.47 -7.82
N PHE FB 496 95.91 70.06 -8.72
CA PHE FB 496 96.08 71.48 -9.10
C PHE FB 496 94.80 72.26 -8.83
N TYR FB 497 94.95 73.49 -8.34
CA TYR FB 497 93.80 74.32 -7.99
C TYR FB 497 93.83 75.64 -8.73
N GLY FB 498 92.70 76.01 -9.33
CA GLY FB 498 92.55 77.32 -9.97
C GLY FB 498 93.38 77.57 -11.21
N ARG FB 499 92.81 77.24 -12.37
CA ARG FB 499 93.53 77.42 -13.63
C ARG FB 499 93.84 78.88 -13.90
N THR FB 500 95.06 79.14 -14.33
CA THR FB 500 95.52 80.48 -14.65
C THR FB 500 96.62 80.41 -15.73
N SER FB 501 97.42 81.46 -15.85
CA SER FB 501 98.51 81.47 -16.85
C SER FB 501 99.80 82.00 -16.27
N PHE FB 502 100.86 81.96 -17.08
CA PHE FB 502 102.19 82.27 -16.61
C PHE FB 502 103.05 82.82 -17.72
N PRO FB 503 103.08 84.15 -17.83
CA PRO FB 503 103.96 84.84 -18.80
C PRO FB 503 105.41 84.90 -18.34
N VAL FB 504 106.32 84.52 -19.23
CA VAL FB 504 107.76 84.68 -19.00
C VAL FB 504 108.44 85.26 -20.23
N GLY GB 1 90.24 48.82 51.00
CA GLY GB 1 90.40 49.43 52.31
C GLY GB 1 91.54 50.43 52.35
N LEU GB 2 91.63 51.18 53.45
CA LEU GB 2 92.74 52.11 53.62
C LEU GB 2 94.09 51.36 53.59
N ALA GB 3 94.94 51.77 52.66
CA ALA GB 3 96.15 51.03 52.39
C ALA GB 3 97.39 51.76 52.89
N GLY GB 4 97.33 53.09 52.85
CA GLY GB 4 98.45 53.91 53.30
C GLY GB 4 98.01 55.35 53.50
N ARG GB 5 98.83 56.14 54.18
CA ARG GB 5 98.48 57.53 54.43
C ARG GB 5 99.70 58.40 54.59
N GLY GB 6 99.47 59.71 54.57
CA GLY GB 6 100.54 60.69 54.65
C GLY GB 6 99.99 62.07 54.92
N VAL GB 7 100.87 63.02 55.23
CA VAL GB 7 100.42 64.34 55.59
C VAL GB 7 101.16 65.41 54.79
N ILE GB 8 100.43 66.38 54.26
CA ILE GB 8 101.04 67.52 53.59
C ILE GB 8 100.88 68.76 54.47
N TYR GB 9 101.95 69.53 54.62
CA TYR GB 9 101.90 70.73 55.48
C TYR GB 9 101.77 71.99 54.67
N ILE GB 10 100.68 72.70 54.92
CA ILE GB 10 100.40 73.95 54.20
C ILE GB 10 100.76 75.16 55.05
N PRO GB 11 101.57 76.07 54.50
CA PRO GB 11 101.94 77.32 55.16
C PRO GB 11 100.74 78.25 55.28
N LYS GB 12 100.71 79.11 56.29
CA LYS GB 12 99.62 80.06 56.39
C LYS GB 12 99.64 80.93 55.13
N ASP GB 13 100.82 81.37 54.73
CA ASP GB 13 100.89 82.06 53.45
C ASP GB 13 101.31 81.11 52.33
N CYS GB 14 100.31 80.59 51.64
CA CYS GB 14 100.54 79.69 50.53
C CYS GB 14 100.51 80.46 49.21
N GLN GB 15 101.70 80.87 48.77
CA GLN GB 15 101.86 81.64 47.53
C GLN GB 15 101.90 80.70 46.31
N ALA GB 16 101.54 81.20 45.13
CA ALA GB 16 101.64 80.34 43.96
C ALA GB 16 103.07 79.80 43.76
N ASN GB 17 103.12 78.55 43.34
CA ASN GB 17 104.37 77.83 43.05
C ASN GB 17 105.10 77.29 44.25
N ARG GB 18 104.49 77.36 45.44
CA ARG GB 18 105.10 76.73 46.61
C ARG GB 18 105.10 75.22 46.47
N TYR GB 19 106.26 74.64 46.67
CA TYR GB 19 106.37 73.19 46.82
C TYR GB 19 105.92 72.82 48.25
N LEU GB 20 104.93 71.95 48.36
CA LEU GB 20 104.32 71.59 49.65
C LEU GB 20 104.88 70.30 50.22
N GLY GB 21 105.35 69.42 49.33
CA GLY GB 21 105.95 68.17 49.75
C GLY GB 21 105.74 67.03 48.77
N THR GB 22 106.42 65.93 49.00
CA THR GB 22 106.25 64.76 48.17
C THR GB 22 105.97 63.55 49.05
N LEU GB 23 104.97 62.76 48.68
CA LEU GB 23 104.72 61.52 49.38
C LEU GB 23 105.22 60.39 48.54
N ASN GB 24 105.83 59.40 49.17
CA ASN GB 24 106.29 58.24 48.44
C ASN GB 24 105.23 57.13 48.54
N ILE GB 25 104.61 56.78 47.42
CA ILE GB 25 103.48 55.86 47.44
C ILE GB 25 103.79 54.57 48.15
N ARG GB 26 104.98 54.02 47.92
CA ARG GB 26 105.26 52.74 48.52
C ARG GB 26 105.52 52.88 50.03
N ASP GB 27 106.19 53.96 50.41
CA ASP GB 27 106.36 54.28 51.84
C ASP GB 27 105.04 54.53 52.59
N MET GB 28 104.07 55.18 51.93
CA MET GB 28 102.76 55.39 52.55
C MET GB 28 102.14 54.05 52.94
N ILE GB 29 102.29 53.05 52.09
CA ILE GB 29 101.69 51.75 52.35
C ILE GB 29 102.51 50.95 53.36
N SER GB 30 103.82 51.04 53.29
CA SER GB 30 104.66 50.26 54.19
C SER GB 30 104.79 50.84 55.60
N ASP GB 31 104.71 52.17 55.72
CA ASP GB 31 104.79 52.81 57.04
C ASP GB 31 103.50 52.55 57.80
N PHE GB 32 102.41 52.43 57.06
CA PHE GB 32 101.10 52.20 57.64
C PHE GB 32 101.04 50.76 58.13
N LYS GB 33 101.18 49.80 57.22
CA LYS GB 33 101.59 48.46 57.59
C LYS GB 33 100.63 47.67 58.50
N GLY GB 34 99.31 47.71 58.29
CA GLY GB 34 98.66 47.86 57.00
C GLY GB 34 98.10 46.47 56.72
N VAL GB 35 96.78 46.27 56.72
CA VAL GB 35 96.24 44.99 56.28
C VAL GB 35 96.61 44.78 54.82
N GLN GB 36 96.55 45.86 54.04
CA GLN GB 36 96.90 45.81 52.64
C GLN GB 36 98.38 45.57 52.42
N TYR GB 37 99.23 46.24 53.21
CA TYR GB 37 100.67 45.99 53.15
C TYR GB 37 101.02 44.52 53.37
N GLU GB 38 100.39 43.90 54.36
CA GLU GB 38 100.62 42.50 54.62
C GLU GB 38 100.11 41.55 53.51
N LYS GB 39 99.00 41.90 52.87
CA LYS GB 39 98.52 41.13 51.71
C LYS GB 39 99.55 41.22 50.59
N TRP GB 40 100.24 42.37 50.54
CA TRP GB 40 101.17 42.68 49.47
C TRP GB 40 102.39 41.78 49.57
N ILE GB 41 102.92 41.63 50.79
CA ILE GB 41 104.08 40.76 51.02
C ILE GB 41 103.85 39.35 50.51
N THR GB 42 102.62 38.87 50.62
CA THR GB 42 102.27 37.53 50.14
C THR GB 42 102.09 37.45 48.64
N ALA GB 43 101.52 38.51 48.07
CA ALA GB 43 101.32 38.60 46.64
C ALA GB 43 102.66 38.69 45.92
N GLY GB 44 103.57 39.45 46.51
CA GLY GB 44 104.84 39.75 45.86
C GLY GB 44 104.67 40.94 44.93
N LEU GB 45 103.93 40.73 43.85
CA LEU GB 45 103.65 41.79 42.88
C LEU GB 45 102.20 42.26 42.94
N VAL GB 46 101.98 43.58 42.92
CA VAL GB 46 100.63 44.14 42.85
C VAL GB 46 100.50 45.18 41.72
N MET GB 47 99.34 45.22 41.07
CA MET GB 47 99.06 46.23 40.05
C MET GB 47 97.81 47.02 40.42
N PRO GB 48 97.86 47.76 41.53
CA PRO GB 48 96.65 48.27 42.19
C PRO GB 48 95.82 49.22 41.35
N THR GB 49 94.54 49.28 41.66
CA THR GB 49 93.75 50.45 41.31
C THR GB 49 93.53 51.24 42.58
N PHE GB 50 94.22 52.37 42.70
CA PHE GB 50 94.13 53.21 43.89
C PHE GB 50 92.99 54.19 43.80
N LYS GB 51 92.36 54.46 44.94
CA LYS GB 51 91.53 55.65 45.09
C LYS GB 51 92.34 56.54 46.00
N ILE GB 52 92.73 57.72 45.51
CA ILE GB 52 93.44 58.68 46.31
C ILE GB 52 92.44 59.66 46.86
N VAL GB 53 92.51 59.91 48.16
CA VAL GB 53 91.62 60.87 48.78
C VAL GB 53 92.44 61.89 49.53
N ILE GB 54 92.23 63.17 49.22
CA ILE GB 54 92.89 64.24 49.96
C ILE GB 54 91.87 64.94 50.85
N ARG GB 55 92.08 64.83 52.16
CA ARG GB 55 91.17 65.44 53.12
C ARG GB 55 91.65 66.82 53.53
N LEU GB 56 90.70 67.75 53.54
CA LEU GB 56 90.97 69.10 53.13
C LEU GB 56 89.69 69.86 53.48
N PRO GB 57 89.81 70.87 54.36
CA PRO GB 57 88.60 71.59 54.74
C PRO GB 57 88.14 72.51 53.62
N ALA GB 58 86.92 72.34 53.15
CA ALA GB 58 86.43 73.18 52.07
C ALA GB 58 86.34 74.65 52.48
N ASN GB 59 86.73 75.53 51.59
CA ASN GB 59 86.68 76.95 51.89
C ASN GB 59 86.59 77.82 50.64
N ALA GB 60 85.57 78.65 50.57
CA ALA GB 60 85.38 79.44 49.36
C ALA GB 60 86.05 80.82 49.43
N PHE GB 61 86.80 81.07 50.49
CA PHE GB 61 87.28 82.42 50.73
C PHE GB 61 88.78 82.60 50.58
N THR GB 62 89.45 81.67 49.90
CA THR GB 62 90.91 81.69 49.82
C THR GB 62 91.42 81.85 48.39
N GLY GB 63 90.79 81.15 47.44
CA GLY GB 63 91.24 81.18 46.06
C GLY GB 63 92.29 80.13 45.77
N LEU GB 64 92.62 79.35 46.79
CA LEU GB 64 93.68 78.35 46.70
C LEU GB 64 93.34 77.22 45.74
N THR GB 65 94.28 76.90 44.86
CA THR GB 65 94.19 75.70 44.04
C THR GB 65 95.53 74.99 44.05
N TRP GB 66 95.52 73.68 44.28
CA TRP GB 66 96.74 72.89 44.35
C TRP GB 66 96.78 71.91 43.21
N VAL GB 67 97.95 71.34 42.96
CA VAL GB 67 98.09 70.30 41.96
C VAL GB 67 98.72 69.07 42.59
N MET GB 68 98.07 67.93 42.46
CA MET GB 68 98.69 66.64 42.76
C MET GB 68 99.25 66.06 41.47
N SER GB 69 100.54 65.79 41.45
CA SER GB 69 101.20 65.29 40.25
C SER GB 69 101.68 63.88 40.52
N PHE GB 70 101.19 62.94 39.71
CA PHE GB 70 101.62 61.55 39.80
C PHE GB 70 102.91 61.30 38.99
N ASP GB 71 104.02 61.21 39.70
CA ASP GB 71 105.32 61.07 39.08
C ASP GB 71 105.89 59.68 39.33
N ALA GB 72 105.40 58.68 38.60
CA ALA GB 72 105.75 57.31 38.93
C ALA GB 72 107.21 57.02 38.67
N TYR GB 73 107.84 57.82 37.82
CA TYR GB 73 109.21 57.53 37.42
C TYR GB 73 110.20 58.59 37.85
N ASN GB 74 109.77 59.40 38.81
CA ASN GB 74 110.64 60.33 39.50
C ASN GB 74 111.37 61.29 38.55
N ARG GB 75 110.63 61.90 37.63
CA ARG GB 75 111.22 62.69 36.56
C ARG GB 75 111.22 64.20 36.85
N ILE GB 76 110.24 64.68 37.61
CA ILE GB 76 110.22 66.10 37.96
C ILE GB 76 110.73 66.44 39.37
N THR GB 77 110.68 65.48 40.28
CA THR GB 77 111.03 65.73 41.68
C THR GB 77 112.20 66.69 41.91
N SER GB 78 113.35 66.39 41.31
CA SER GB 78 114.56 67.20 41.52
C SER GB 78 114.34 68.70 41.28
N ARG GB 79 113.60 69.04 40.23
CA ARG GB 79 113.46 70.44 39.84
C ARG GB 79 112.30 71.20 40.52
N ILE GB 80 111.44 70.52 41.27
CA ILE GB 80 110.35 71.23 41.93
C ILE GB 80 110.50 71.46 43.43
N THR GB 81 111.63 71.10 44.03
CA THR GB 81 111.69 71.13 45.50
C THR GB 81 111.98 72.51 46.07
N ALA GB 82 112.59 73.38 45.27
CA ALA GB 82 112.81 74.77 45.68
C ALA GB 82 111.57 75.61 45.35
N SER GB 83 111.20 75.58 44.09
CA SER GB 83 109.99 76.21 43.64
C SER GB 83 109.42 75.33 42.53
N ALA GB 84 108.10 75.28 42.46
CA ALA GB 84 107.44 74.36 41.56
C ALA GB 84 106.76 75.09 40.40
N ASP GB 85 107.46 75.20 39.27
CA ASP GB 85 106.88 75.84 38.10
C ASP GB 85 105.76 74.96 37.54
N PRO GB 86 104.61 75.58 37.21
CA PRO GB 86 103.52 74.78 36.67
C PRO GB 86 103.91 73.96 35.42
N VAL GB 87 104.88 74.42 34.62
CA VAL GB 87 105.28 73.64 33.44
C VAL GB 87 105.76 72.25 33.82
N TYR GB 88 106.48 72.13 34.93
CA TYR GB 88 106.87 70.82 35.46
C TYR GB 88 105.68 70.06 36.05
N THR GB 89 104.93 70.68 36.95
CA THR GB 89 103.89 69.97 37.68
C THR GB 89 102.76 69.49 36.79
N LEU GB 90 102.56 70.14 35.65
CA LEU GB 90 101.50 69.75 34.73
C LEU GB 90 101.97 68.87 33.57
N SER GB 91 103.24 68.51 33.58
CA SER GB 91 103.84 67.75 32.49
C SER GB 91 103.73 66.25 32.72
N VAL GB 92 103.21 65.86 33.87
CA VAL GB 92 102.92 64.45 34.15
C VAL GB 92 101.46 64.32 34.53
N PRO GB 93 100.91 63.10 34.57
CA PRO GB 93 99.50 62.99 34.98
C PRO GB 93 99.23 63.75 36.28
N HIS GB 94 98.15 64.52 36.33
CA HIS GB 94 97.91 65.41 37.45
C HIS GB 94 96.44 65.76 37.62
N TRP GB 95 96.12 66.33 38.77
CA TRP GB 95 94.75 66.66 39.11
C TRP GB 95 94.69 68.02 39.79
N LEU GB 96 93.71 68.84 39.42
CA LEU GB 96 93.52 70.12 40.09
C LEU GB 96 92.71 69.94 41.35
N ILE GB 97 93.19 70.50 42.44
CA ILE GB 97 92.46 70.42 43.70
C ILE GB 97 91.99 71.81 44.11
N HIS GB 98 90.69 72.05 43.96
CA HIS GB 98 90.13 73.36 44.29
C HIS GB 98 89.69 73.43 45.75
N HIS GB 99 90.13 74.48 46.44
CA HIS GB 99 89.85 74.61 47.85
C HIS GB 99 88.36 74.75 48.09
N LYS GB 100 87.66 75.38 47.17
CA LYS GB 100 86.22 75.58 47.33
C LYS GB 100 85.45 74.26 47.36
N LEU GB 101 86.01 73.21 46.77
CA LEU GB 101 85.33 71.90 46.68
C LEU GB 101 85.64 70.96 47.85
N GLY GB 102 86.55 71.37 48.71
CA GLY GB 102 86.92 70.55 49.84
C GLY GB 102 87.59 69.24 49.48
N THR GB 103 87.18 68.19 50.19
CA THR GB 103 87.82 66.89 50.08
C THR GB 103 87.80 66.37 48.64
N PHE GB 104 88.95 65.91 48.19
CA PHE GB 104 89.17 65.57 46.79
C PHE GB 104 89.41 64.08 46.64
N SER GB 105 88.97 63.52 45.52
CA SER GB 105 89.20 62.11 45.26
C SER GB 105 89.42 61.83 43.76
N CYS GB 106 90.26 60.85 43.46
CA CYS GB 106 90.43 60.40 42.07
C CYS GB 106 90.89 58.95 42.02
N GLU GB 107 90.82 58.33 40.84
CA GLU GB 107 91.30 56.98 40.66
C GLU GB 107 92.58 56.93 39.87
N ILE GB 108 93.49 56.08 40.29
CA ILE GB 108 94.72 55.88 39.56
C ILE GB 108 94.76 54.40 39.22
N ASP GB 109 94.59 54.07 37.94
CA ASP GB 109 94.82 52.71 37.49
C ASP GB 109 96.31 52.57 37.26
N TYR GB 110 96.98 51.96 38.23
CA TYR GB 110 98.43 51.88 38.21
C TYR GB 110 98.92 51.12 36.97
N GLY GB 111 98.06 50.24 36.45
CA GLY GB 111 98.35 49.56 35.20
C GLY GB 111 98.52 50.48 34.01
N GLU GB 112 97.70 51.53 33.94
CA GLU GB 112 97.80 52.52 32.87
C GLU GB 112 98.82 53.62 33.19
N LEU GB 113 98.56 54.40 34.23
CA LEU GB 113 99.39 55.54 34.55
C LEU GB 113 100.85 55.19 34.87
N CYS GB 114 101.09 53.95 35.27
CA CYS GB 114 102.45 53.56 35.59
C CYS GB 114 103.02 52.50 34.65
N GLY GB 115 102.37 51.34 34.58
CA GLY GB 115 102.74 50.32 33.61
C GLY GB 115 103.49 49.09 34.12
N HIS GB 116 104.20 49.23 35.23
CA HIS GB 116 104.85 48.06 35.81
C HIS GB 116 104.35 47.75 37.23
N ALA GB 117 104.33 46.47 37.58
CA ALA GB 117 103.83 46.04 38.88
C ALA GB 117 104.82 46.29 40.02
N MET GB 118 104.28 46.56 41.21
CA MET GB 118 105.09 46.93 42.35
C MET GB 118 105.56 45.71 43.14
N TRP GB 119 106.87 45.64 43.39
CA TRP GB 119 107.47 44.55 44.14
C TRP GB 119 107.55 44.92 45.62
N PHE GB 120 107.07 44.02 46.47
CA PHE GB 120 106.91 44.33 47.89
C PHE GB 120 108.21 44.74 48.60
N LYS GB 121 109.34 44.17 48.19
CA LYS GB 121 110.56 44.32 48.98
C LYS GB 121 111.42 45.52 48.61
N SER GB 122 111.28 46.01 47.38
CA SER GB 122 112.14 47.09 46.90
C SER GB 122 111.62 47.70 45.63
N THR GB 123 112.05 48.93 45.39
CA THR GB 123 111.72 49.62 44.16
C THR GB 123 112.37 48.89 42.99
N THR GB 124 111.62 48.67 41.92
CA THR GB 124 112.16 48.00 40.74
C THR GB 124 112.91 49.01 39.86
N PHE GB 125 112.18 49.97 39.30
CA PHE GB 125 112.83 50.96 38.48
C PHE GB 125 113.10 52.23 39.25
N GLU GB 126 112.12 53.12 39.28
CA GLU GB 126 112.24 54.22 40.20
C GLU GB 126 111.05 54.17 41.14
N SER GB 127 111.15 54.92 42.24
CA SER GB 127 110.15 54.93 43.31
C SER GB 127 109.05 55.95 43.05
N PRO GB 128 107.80 55.48 42.92
CA PRO GB 128 106.64 56.30 42.53
C PRO GB 128 106.28 57.37 43.55
N ARG GB 129 106.15 58.62 43.12
CA ARG GB 129 105.87 59.74 44.02
C ARG GB 129 104.56 60.48 43.69
N LEU GB 130 103.96 61.07 44.73
CA LEU GB 130 102.91 62.07 44.54
C LEU GB 130 103.47 63.44 44.97
N HIS GB 131 103.45 64.42 44.07
CA HIS GB 131 103.91 65.76 44.44
C HIS GB 131 102.73 66.69 44.70
N PHE GB 132 102.84 67.52 45.73
CA PHE GB 132 101.80 68.49 46.02
C PHE GB 132 102.33 69.91 45.93
N THR GB 133 101.80 70.67 44.99
CA THR GB 133 102.26 72.01 44.73
C THR GB 133 101.08 72.97 44.73
N CYS GB 134 101.35 74.26 44.88
CA CYS GB 134 100.28 75.23 44.85
C CYS GB 134 100.25 75.94 43.49
N LEU GB 135 99.12 75.84 42.78
CA LEU GB 135 99.00 76.35 41.41
C LEU GB 135 98.63 77.82 41.42
N THR GB 136 97.60 78.16 42.20
CA THR GB 136 97.17 79.54 42.43
C THR GB 136 97.15 79.79 43.92
N GLY GB 137 97.71 80.92 44.34
CA GLY GB 137 97.87 81.21 45.75
C GLY GB 137 96.63 81.75 46.43
N ASN GB 138 96.68 81.84 47.75
CA ASN GB 138 95.61 82.45 48.51
C ASN GB 138 95.61 83.96 48.32
N ASN GB 139 94.44 84.57 48.41
CA ASN GB 139 94.28 85.98 48.12
C ASN GB 139 94.97 86.85 49.18
N LYS GB 140 95.06 86.30 50.38
CA LYS GB 140 95.72 86.90 51.54
C LYS GB 140 96.08 85.70 52.40
N GLU GB 141 97.06 85.85 53.27
CA GLU GB 141 97.42 84.70 54.09
C GLU GB 141 96.25 84.28 54.99
N LEU GB 142 96.26 83.01 55.38
CA LEU GB 142 95.27 82.50 56.30
C LEU GB 142 95.69 82.77 57.76
N ALA GB 143 94.89 82.29 58.69
CA ALA GB 143 95.13 82.63 60.09
C ALA GB 143 96.33 81.90 60.66
N ALA GB 144 96.58 80.68 60.19
CA ALA GB 144 97.66 79.86 60.74
C ALA GB 144 98.05 78.73 59.81
N ASP GB 145 99.22 78.14 60.05
CA ASP GB 145 99.64 76.95 59.32
C ASP GB 145 98.60 75.83 59.55
N TRP GB 146 98.45 74.96 58.57
CA TRP GB 146 97.57 73.81 58.70
C TRP GB 146 98.08 72.60 57.93
N GLN GB 147 97.29 71.54 57.89
CA GLN GB 147 97.70 70.36 57.15
C GLN GB 147 96.53 69.71 56.43
N ALA GB 148 96.87 68.94 55.39
CA ALA GB 148 95.90 68.11 54.71
C ALA GB 148 96.35 66.65 54.80
N VAL GB 149 95.40 65.73 54.76
CA VAL GB 149 95.73 64.32 54.86
C VAL GB 149 95.53 63.64 53.53
N VAL GB 150 96.52 62.84 53.10
CA VAL GB 150 96.42 62.06 51.86
C VAL GB 150 96.23 60.59 52.17
N GLU GB 151 95.24 59.96 51.55
CA GLU GB 151 94.96 58.55 51.84
C GLU GB 151 94.89 57.70 50.58
N LEU GB 152 95.48 56.51 50.62
CA LEU GB 152 95.42 55.54 49.53
C LEU GB 152 94.46 54.43 49.89
N TYR GB 153 93.44 54.21 49.08
CA TYR GB 153 92.51 53.11 49.26
C TYR GB 153 92.73 52.14 48.13
N ALA GB 154 92.79 50.85 48.46
CA ALA GB 154 93.02 49.82 47.45
C ALA GB 154 92.68 48.45 48.01
N GLU GB 155 92.30 47.54 47.13
CA GLU GB 155 92.21 46.13 47.53
C GLU GB 155 93.27 45.37 46.77
N LEU GB 156 94.47 45.30 47.33
CA LEU GB 156 95.62 44.68 46.66
C LEU GB 156 95.42 43.19 46.41
N GLU GB 157 95.63 42.78 45.16
CA GLU GB 157 95.68 41.36 44.84
C GLU GB 157 96.89 41.06 43.98
N GLU GB 158 97.29 39.81 43.97
CA GLU GB 158 98.52 39.39 43.29
C GLU GB 158 98.42 39.69 41.81
N ALA GB 159 99.47 40.30 41.28
CA ALA GB 159 99.58 40.64 39.86
C ALA GB 159 99.99 39.42 39.03
N THR GB 160 99.28 39.22 37.93
CA THR GB 160 99.51 38.07 37.06
C THR GB 160 100.70 38.31 36.10
N SER GB 161 100.91 39.55 35.68
CA SER GB 161 101.98 39.90 34.74
C SER GB 161 102.83 41.04 35.29
N PHE GB 162 104.05 41.17 34.79
CA PHE GB 162 104.90 42.30 35.19
C PHE GB 162 104.44 43.60 34.56
N LEU GB 163 104.04 43.52 33.29
CA LEU GB 163 103.70 44.70 32.51
C LEU GB 163 102.20 44.94 32.45
N GLY GB 164 101.82 46.21 32.45
CA GLY GB 164 100.44 46.64 32.26
C GLY GB 164 100.02 46.53 30.81
N LYS GB 165 98.99 47.28 30.43
CA LYS GB 165 98.62 47.42 29.03
C LYS GB 165 99.23 48.72 28.58
N PRO GB 166 99.78 48.76 27.36
CA PRO GB 166 100.51 49.93 26.89
C PRO GB 166 99.59 51.12 26.75
N THR GB 167 99.97 52.24 27.35
CA THR GB 167 99.32 53.54 27.18
C THR GB 167 99.31 53.98 25.71
N LEU GB 168 100.37 53.66 24.97
CA LEU GB 168 100.53 54.16 23.60
C LEU GB 168 101.27 53.18 22.71
N VAL GB 169 100.83 53.04 21.46
CA VAL GB 169 101.56 52.21 20.51
C VAL GB 169 101.95 53.05 19.31
N PHE GB 170 103.22 52.98 18.93
CA PHE GB 170 103.75 53.90 17.95
C PHE GB 170 103.08 53.76 16.59
N ASP GB 171 102.63 54.90 16.07
CA ASP GB 171 102.01 55.01 14.76
C ASP GB 171 102.04 56.48 14.34
N PRO GB 172 102.76 56.79 13.25
CA PRO GB 172 103.04 58.12 12.73
C PRO GB 172 101.77 58.77 12.29
N GLY GB 173 100.91 57.96 11.69
CA GLY GB 173 99.70 58.44 11.06
C GLY GB 173 98.53 58.52 12.02
N VAL GB 174 98.81 58.45 13.32
CA VAL GB 174 97.71 58.47 14.29
C VAL GB 174 97.95 59.36 15.52
N PHE GB 175 97.29 60.52 15.39
CA PHE GB 175 97.07 61.50 16.43
C PHE GB 175 95.59 61.85 16.23
N ASN GB 176 94.73 61.30 17.09
CA ASN GB 176 93.28 61.51 17.01
C ASN GB 176 92.86 62.98 17.04
N GLY GB 177 93.29 63.69 18.07
CA GLY GB 177 92.82 65.05 18.27
C GLY GB 177 92.27 65.18 19.67
N LYS GB 178 92.15 64.05 20.38
CA LYS GB 178 91.79 64.04 21.80
C LYS GB 178 93.05 64.10 22.71
N PHE GB 179 92.96 64.83 23.82
CA PHE GB 179 94.09 64.94 24.74
C PHE GB 179 93.70 64.45 26.13
N GLN GB 180 94.70 64.03 26.90
CA GLN GB 180 94.52 63.90 28.35
C GLN GB 180 95.61 64.68 29.05
N PHE GB 181 95.28 65.22 30.22
CA PHE GB 181 96.23 65.93 31.05
C PHE GB 181 96.91 67.09 30.34
N LEU GB 182 96.15 67.78 29.49
CA LEU GB 182 96.65 69.01 28.87
C LEU GB 182 96.10 70.23 29.60
N THR GB 183 96.90 70.76 30.52
CA THR GB 183 96.50 71.88 31.36
C THR GB 183 97.48 73.03 31.13
N CYS GB 184 96.95 74.22 30.83
CA CYS GB 184 97.80 75.38 30.61
C CYS GB 184 98.13 76.01 31.93
N PRO GB 185 99.37 76.47 32.09
CA PRO GB 185 99.68 77.25 33.30
C PRO GB 185 98.72 78.41 33.48
N PRO GB 186 98.54 78.84 34.72
CA PRO GB 186 97.55 79.86 35.06
C PRO GB 186 97.80 81.15 34.31
N ILE GB 187 96.70 81.78 33.90
CA ILE GB 187 96.67 83.09 33.30
C ILE GB 187 96.14 84.08 34.34
N PHE GB 188 96.76 85.27 34.47
CA PHE GB 188 96.37 86.19 35.55
C PHE GB 188 95.84 87.53 35.07
N PHE GB 189 94.79 88.01 35.73
CA PHE GB 189 94.21 89.33 35.44
C PHE GB 189 94.34 90.28 36.62
N ASP GB 190 94.84 91.48 36.38
CA ASP GB 190 94.98 92.48 37.44
C ASP GB 190 93.63 93.15 37.65
N LEU GB 191 93.34 93.54 38.88
CA LEU GB 191 92.07 94.22 39.12
C LEU GB 191 92.23 95.72 39.03
N THR GB 192 93.46 96.15 38.74
CA THR GB 192 93.76 97.56 38.51
C THR GB 192 93.62 97.92 37.03
N ALA GB 193 92.94 97.05 36.30
CA ALA GB 193 92.76 97.23 34.88
C ALA GB 193 91.30 97.06 34.47
N VAL GB 194 90.75 98.09 33.83
CA VAL GB 194 89.35 98.05 33.42
C VAL GB 194 89.04 97.00 32.34
N THR GB 195 89.96 96.80 31.39
CA THR GB 195 89.89 95.64 30.49
C THR GB 195 91.30 95.06 30.34
N ALA GB 196 91.39 93.87 29.75
CA ALA GB 196 92.69 93.25 29.52
C ALA GB 196 92.62 92.10 28.56
N LEU GB 197 93.76 91.77 27.98
CA LEU GB 197 93.86 90.61 27.11
C LEU GB 197 94.94 89.66 27.59
N ARG GB 198 94.65 88.37 27.54
CA ARG GB 198 95.66 87.35 27.76
C ARG GB 198 95.61 86.32 26.65
N SER GB 199 96.72 86.14 25.97
CA SER GB 199 96.80 85.18 24.88
C SER GB 199 97.30 83.84 25.36
N ALA GB 200 96.72 82.78 24.80
CA ALA GB 200 97.26 81.46 24.96
C ALA GB 200 97.59 80.95 23.55
N GLY GB 201 98.84 80.59 23.31
CA GLY GB 201 99.23 80.08 22.00
C GLY GB 201 98.58 78.74 21.67
N LEU GB 202 98.29 78.51 20.39
CA LEU GB 202 97.65 77.26 20.01
C LEU GB 202 98.59 76.43 19.18
N THR GB 203 99.88 76.80 19.21
CA THR GB 203 100.92 76.05 18.51
C THR GB 203 101.42 74.94 19.45
N LEU GB 204 100.56 73.93 19.62
CA LEU GB 204 100.68 72.93 20.68
C LEU GB 204 101.85 71.94 20.56
N GLY GB 205 102.50 71.90 19.41
CA GLY GB 205 103.65 71.02 19.25
C GLY GB 205 104.93 71.61 19.81
N GLN GB 206 104.87 72.90 20.16
CA GLN GB 206 106.00 73.62 20.73
C GLN GB 206 106.37 72.99 22.08
N VAL GB 207 107.67 72.79 22.33
CA VAL GB 207 108.09 72.24 23.62
C VAL GB 207 108.20 73.36 24.66
N PRO GB 208 107.50 73.19 25.79
CA PRO GB 208 107.41 74.19 26.87
C PRO GB 208 108.75 74.35 27.53
N MET GB 209 109.03 75.54 28.08
CA MET GB 209 110.31 75.77 28.72
C MET GB 209 110.20 76.40 30.09
N VAL GB 210 111.21 76.14 30.92
CA VAL GB 210 111.34 76.79 32.20
C VAL GB 210 112.77 77.30 32.26
N GLY GB 211 112.95 78.58 31.96
CA GLY GB 211 114.27 79.15 31.79
C GLY GB 211 114.89 78.55 30.56
N THR GB 212 116.07 77.95 30.71
CA THR GB 212 116.76 77.31 29.60
C THR GB 212 116.47 75.83 29.50
N THR GB 213 115.67 75.31 30.44
CA THR GB 213 115.29 73.90 30.46
C THR GB 213 114.08 73.55 29.59
N LYS GB 214 114.28 72.67 28.61
CA LYS GB 214 113.19 72.14 27.80
C LYS GB 214 112.44 71.05 28.58
N VAL GB 215 111.11 71.11 28.62
CA VAL GB 215 110.35 70.07 29.27
C VAL GB 215 109.55 69.28 28.25
N TYR GB 216 110.14 68.22 27.70
CA TYR GB 216 109.46 67.35 26.75
C TYR GB 216 108.30 66.67 27.44
N ASN GB 217 107.14 66.65 26.78
CA ASN GB 217 105.98 65.97 27.33
C ASN GB 217 105.15 65.32 26.24
N LEU GB 218 104.32 64.33 26.62
CA LEU GB 218 103.60 63.55 25.64
C LEU GB 218 102.64 64.36 24.77
N ASN GB 219 101.96 65.34 25.34
CA ASN GB 219 101.01 66.12 24.55
C ASN GB 219 101.63 66.91 23.40
N SER GB 220 102.65 67.69 23.69
CA SER GB 220 103.33 68.41 22.62
C SER GB 220 103.96 67.43 21.63
N THR GB 221 104.51 66.32 22.13
CA THR GB 221 105.02 65.27 21.26
C THR GB 221 103.94 64.74 20.29
N LEU GB 222 102.75 64.46 20.80
CA LEU GB 222 101.64 64.00 19.95
C LEU GB 222 101.32 65.01 18.86
N VAL GB 223 101.16 66.27 19.24
CA VAL GB 223 100.84 67.30 18.26
C VAL GB 223 101.91 67.39 17.17
N SER GB 224 103.17 67.18 17.55
CA SER GB 224 104.26 67.28 16.57
C SER GB 224 104.17 66.21 15.48
N CYS GB 225 103.33 65.20 15.70
CA CYS GB 225 103.14 64.09 14.76
C CYS GB 225 102.30 64.47 13.56
N VAL GB 226 101.85 65.72 13.59
CA VAL GB 226 101.01 66.30 12.57
C VAL GB 226 101.68 67.59 12.03
N LEU GB 227 101.31 68.06 10.82
CA LEU GB 227 101.88 69.31 10.31
C LEU GB 227 101.15 70.56 10.85
N GLY GB 228 99.86 70.40 11.14
CA GLY GB 228 99.04 71.46 11.68
C GLY GB 228 97.64 70.96 11.94
N MET GB 229 96.78 71.82 12.47
CA MET GB 229 95.44 71.42 12.86
C MET GB 229 94.48 72.59 12.83
N GLY GB 230 93.24 72.28 12.49
CA GLY GB 230 92.18 73.28 12.53
C GLY GB 230 90.99 72.62 13.17
N GLY GB 231 89.95 73.39 13.43
CA GLY GB 231 88.78 72.81 14.07
C GLY GB 231 88.36 73.61 15.28
N THR GB 232 87.68 72.95 16.20
CA THR GB 232 87.21 73.62 17.39
C THR GB 232 87.88 73.10 18.66
N VAL GB 233 88.40 74.02 19.47
CA VAL GB 233 89.04 73.69 20.73
C VAL GB 233 87.95 73.52 21.80
N ARG GB 234 87.80 72.31 22.32
CA ARG GB 234 86.87 72.05 23.42
C ARG GB 234 87.70 71.98 24.69
N GLY GB 235 87.34 72.79 25.67
CA GLY GB 235 88.05 72.78 26.93
C GLY GB 235 87.22 73.17 28.13
N ARG GB 236 87.89 73.34 29.27
CA ARG GB 236 87.25 73.80 30.49
C ARG GB 236 88.01 74.99 31.04
N VAL GB 237 87.29 75.94 31.61
CA VAL GB 237 87.90 77.09 32.25
C VAL GB 237 87.61 77.04 33.74
N HIS GB 238 88.65 77.21 34.55
CA HIS GB 238 88.46 77.32 35.99
C HIS GB 238 88.83 78.71 36.50
N ILE GB 239 87.92 79.31 37.24
CA ILE GB 239 88.19 80.62 37.81
C ILE GB 239 88.61 80.42 39.26
N CYS GB 240 89.89 80.65 39.51
CA CYS GB 240 90.52 80.25 40.77
C CYS GB 240 90.69 81.39 41.74
N ALA GB 241 89.58 81.95 42.21
CA ALA GB 241 89.58 83.05 43.15
C ALA GB 241 88.48 82.85 44.19
N PRO GB 242 88.50 83.66 45.26
CA PRO GB 242 87.46 83.66 46.31
C PRO GB 242 86.06 84.04 45.76
N ILE GB 243 84.96 83.59 46.39
CA ILE GB 243 83.60 83.90 45.91
C ILE GB 243 83.39 85.39 45.71
N PHE GB 244 84.15 86.22 46.41
CA PHE GB 244 83.96 87.67 46.33
C PHE GB 244 84.78 88.34 45.22
N TYR GB 245 85.52 87.54 44.46
CA TYR GB 245 86.11 87.98 43.20
C TYR GB 245 85.19 87.52 42.06
N SER GB 246 85.15 88.27 40.97
CA SER GB 246 84.34 87.86 39.84
C SER GB 246 84.77 88.57 38.57
N ILE GB 247 84.47 87.94 37.45
CA ILE GB 247 84.96 88.45 36.19
C ILE GB 247 84.05 87.99 35.07
N VAL GB 248 84.08 88.69 33.94
CA VAL GB 248 83.40 88.23 32.72
C VAL GB 248 84.38 88.28 31.56
N LEU GB 249 84.50 87.16 30.86
CA LEU GB 249 85.46 87.04 29.78
C LEU GB 249 84.79 86.85 28.42
N TRP GB 250 85.36 87.46 27.39
CA TRP GB 250 85.06 87.14 26.00
C TRP GB 250 86.22 86.29 25.51
N VAL GB 251 85.95 85.05 25.17
CA VAL GB 251 86.99 84.14 24.72
C VAL GB 251 86.85 83.85 23.24
N VAL GB 252 87.88 84.19 22.46
CA VAL GB 252 87.81 84.09 21.02
C VAL GB 252 89.16 83.77 20.40
N SER GB 253 89.15 83.22 19.18
CA SER GB 253 90.40 82.93 18.48
C SER GB 253 90.79 84.03 17.46
N GLU GB 254 92.08 84.38 17.42
CA GLU GB 254 92.56 85.38 16.48
C GLU GB 254 93.84 84.96 15.79
N TRP GB 255 94.07 85.48 14.60
CA TRP GB 255 95.25 85.10 13.83
C TRP GB 255 96.23 86.26 13.70
N ASN GB 256 97.48 86.00 14.03
CA ASN GB 256 98.58 86.94 13.83
C ASN GB 256 98.31 88.33 14.40
N GLY GB 257 98.39 88.43 15.72
CA GLY GB 257 98.05 89.67 16.39
C GLY GB 257 96.59 89.68 16.82
N THR GB 258 96.14 90.84 17.25
CA THR GB 258 94.77 90.98 17.69
C THR GB 258 94.24 92.27 17.10
N THR GB 259 92.92 92.32 16.91
CA THR GB 259 92.30 93.56 16.47
C THR GB 259 92.30 94.60 17.59
N MET GB 260 92.34 95.86 17.20
CA MET GB 260 92.39 96.92 18.17
C MET GB 260 91.02 97.56 18.28
N ASP GB 261 90.09 97.13 17.42
CA ASP GB 261 88.74 97.67 17.35
C ASP GB 261 87.74 96.79 18.10
N TRP GB 262 87.24 97.29 19.22
CA TRP GB 262 86.30 96.52 20.03
C TRP GB 262 85.05 96.05 19.26
N ASN GB 263 84.62 96.82 18.26
CA ASN GB 263 83.46 96.41 17.50
C ASN GB 263 83.77 95.25 16.58
N GLU GB 264 84.97 95.24 16.00
CA GLU GB 264 85.36 94.11 15.17
C GLU GB 264 85.47 92.86 16.04
N LEU GB 265 86.06 93.04 17.23
CA LEU GB 265 86.26 91.93 18.17
C LEU GB 265 85.00 91.14 18.41
N PHE GB 266 83.88 91.85 18.54
CA PHE GB 266 82.59 91.22 18.85
C PHE GB 266 81.81 90.75 17.63
N LYS GB 267 82.40 90.89 16.46
CA LYS GB 267 81.83 90.31 15.26
C LYS GB 267 82.45 88.92 15.03
N TYR GB 268 83.45 88.58 15.84
CA TYR GB 268 84.06 87.26 15.77
C TYR GB 268 83.20 86.25 16.50
N PRO GB 269 83.38 84.96 16.21
CA PRO GB 269 82.66 83.88 16.89
C PRO GB 269 83.37 83.44 18.18
N GLY GB 270 83.08 84.13 19.26
CA GLY GB 270 83.60 83.77 20.58
C GLY GB 270 82.51 83.31 21.52
N VAL GB 271 82.88 83.13 22.79
CA VAL GB 271 81.94 82.73 23.83
C VAL GB 271 82.18 83.55 25.10
N TYR GB 272 81.16 83.73 25.91
CA TYR GB 272 81.35 84.43 27.18
C TYR GB 272 81.61 83.42 28.31
N VAL GB 273 82.49 83.77 29.22
CA VAL GB 273 82.77 82.94 30.39
C VAL GB 273 82.63 83.79 31.64
N GLU GB 274 81.67 83.44 32.49
CA GLU GB 274 81.40 84.16 33.74
C GLU GB 274 81.83 83.31 34.94
N GLU GB 275 82.03 82.01 34.72
CA GLU GB 275 82.24 81.07 35.80
C GLU GB 275 82.85 79.75 35.34
N ASP GB 276 83.33 78.93 36.28
CA ASP GB 276 83.79 77.58 35.97
C ASP GB 276 82.86 76.96 34.93
N GLY GB 277 83.44 76.35 33.89
CA GLY GB 277 82.66 75.65 32.89
C GLY GB 277 83.44 75.24 31.66
N SER GB 278 82.79 74.54 30.74
CA SER GB 278 83.42 74.15 29.49
C SER GB 278 83.17 75.23 28.42
N PHE GB 279 83.96 75.17 27.33
CA PHE GB 279 83.84 76.13 26.23
C PHE GB 279 84.27 75.48 24.93
N GLU GB 280 83.75 75.98 23.81
CA GLU GB 280 84.20 75.55 22.49
C GLU GB 280 84.49 76.79 21.68
N VAL GB 281 85.72 76.92 21.19
CA VAL GB 281 86.04 78.03 20.32
C VAL GB 281 86.67 77.54 19.02
N LYS GB 282 86.21 78.08 17.89
CA LYS GB 282 86.75 77.72 16.57
C LYS GB 282 88.13 78.30 16.41
N ILE GB 283 89.08 77.47 15.95
CA ILE GB 283 90.43 77.94 15.62
C ILE GB 283 90.37 78.78 14.36
N ARG GB 284 90.71 80.05 14.51
CA ARG GB 284 90.57 81.01 13.41
C ARG GB 284 91.87 81.21 12.64
N SER GB 285 91.83 80.99 11.34
CA SER GB 285 93.05 81.13 10.54
C SER GB 285 92.77 81.24 9.05
N PRO GB 286 93.61 81.99 8.33
CA PRO GB 286 93.50 82.21 6.88
C PRO GB 286 93.58 80.89 6.13
N TYR GB 287 94.15 79.88 6.77
CA TYR GB 287 94.33 78.56 6.18
C TYR GB 287 93.42 77.53 6.85
N HIS GB 288 92.62 78.01 7.80
CA HIS GB 288 91.70 77.16 8.55
C HIS GB 288 92.43 76.26 9.54
N ARG GB 289 93.75 76.24 9.48
CA ARG GB 289 94.56 75.42 10.37
C ARG GB 289 95.69 76.28 10.87
N THR GB 290 96.24 75.95 12.05
CA THR GB 290 97.47 76.59 12.53
C THR GB 290 98.55 75.52 12.52
N PRO GB 291 99.80 75.93 12.23
CA PRO GB 291 100.90 74.96 12.19
C PRO GB 291 101.19 74.37 13.56
N ALA GB 292 101.63 73.12 13.56
CA ALA GB 292 101.95 72.38 14.77
C ALA GB 292 103.18 72.91 15.51
N ARG GB 293 104.20 73.35 14.78
CA ARG GB 293 105.38 73.91 15.40
C ARG GB 293 105.85 75.17 14.69
N LEU GB 294 106.75 75.90 15.33
CA LEU GB 294 107.24 77.15 14.75
C LEU GB 294 108.50 76.94 13.92
N LEU GB 295 108.67 77.81 12.92
CA LEU GB 295 109.93 77.94 12.24
C LEU GB 295 110.74 79.02 12.92
N ALA GB 296 112.01 79.13 12.53
CA ALA GB 296 112.91 80.07 13.16
C ALA GB 296 112.45 81.50 12.91
N GLY GB 297 112.38 82.29 13.97
CA GLY GB 297 112.03 83.70 13.84
C GLY GB 297 110.56 83.98 14.03
N GLN GB 298 109.76 82.92 14.05
CA GLN GB 298 108.33 83.04 14.30
C GLN GB 298 108.01 82.93 15.77
N SER GB 299 106.88 83.52 16.14
CA SER GB 299 106.40 83.49 17.51
C SER GB 299 105.05 82.78 17.52
N GLN GB 300 104.57 82.38 18.69
CA GLN GB 300 103.30 81.65 18.73
C GLN GB 300 102.09 82.58 18.46
N ARG GB 301 102.29 83.88 18.58
CA ARG GB 301 101.21 84.83 18.34
C ARG GB 301 101.03 85.10 16.85
N ASP GB 302 102.10 84.91 16.08
CA ASP GB 302 102.04 85.03 14.63
C ASP GB 302 100.99 84.11 14.00
N MET GB 303 100.60 83.07 14.75
CA MET GB 303 99.63 82.09 14.26
C MET GB 303 98.27 82.23 14.96
N SER GB 304 97.59 81.10 15.10
CA SER GB 304 96.29 81.08 15.75
C SER GB 304 96.46 81.01 17.28
N SER GB 305 95.72 81.86 17.99
CA SER GB 305 95.77 81.89 19.45
C SER GB 305 94.37 81.87 20.04
N LEU GB 306 94.28 81.40 21.29
CA LEU GB 306 93.05 81.41 22.05
C LEU GB 306 93.12 82.62 23.00
N ASN GB 307 92.31 83.65 22.72
CA ASN GB 307 92.41 84.92 23.45
C ASN GB 307 91.36 85.16 24.52
N PHE GB 308 91.83 85.56 25.70
CA PHE GB 308 90.94 85.78 26.83
C PHE GB 308 90.85 87.27 27.13
N TYR GB 309 89.73 87.87 26.75
CA TYR GB 309 89.49 89.28 26.97
C TYR GB 309 88.63 89.51 28.21
N ALA GB 310 89.18 90.21 29.19
CA ALA GB 310 88.37 90.63 30.33
C ALA GB 310 87.54 91.84 29.93
N ILE GB 311 86.23 91.67 29.82
CA ILE GB 311 85.38 92.75 29.36
C ILE GB 311 84.59 93.42 30.51
N ALA GB 312 84.52 92.75 31.64
CA ALA GB 312 83.92 93.34 32.84
C ALA GB 312 84.60 92.78 34.08
N GLY GB 313 85.37 93.60 34.76
CA GLY GB 313 86.17 93.12 35.86
C GLY GB 313 87.58 92.74 35.43
N PRO GB 314 88.29 91.99 36.28
CA PRO GB 314 87.78 91.46 37.55
C PRO GB 314 87.49 92.53 38.59
N ILE GB 315 86.53 92.24 39.47
CA ILE GB 315 86.24 93.11 40.60
C ILE GB 315 86.41 92.35 41.89
N ALA GB 316 86.77 93.08 42.94
CA ALA GB 316 86.78 92.51 44.28
C ALA GB 316 86.56 93.64 45.28
N PRO GB 317 86.20 93.29 46.53
CA PRO GB 317 86.01 94.31 47.56
C PRO GB 317 87.36 94.92 47.90
N SER GB 318 87.39 96.13 48.44
CA SER GB 318 88.68 96.66 48.88
C SER GB 318 88.96 96.02 50.21
N GLY GB 319 90.24 95.87 50.56
CA GLY GB 319 91.35 96.18 49.69
C GLY GB 319 92.01 94.84 49.37
N GLU GB 320 91.44 94.16 48.40
CA GLU GB 320 92.07 92.98 47.87
C GLU GB 320 93.15 93.42 46.86
N THR GB 321 94.18 92.61 46.70
CA THR GB 321 95.26 93.01 45.82
C THR GB 321 95.66 91.90 44.87
N ALA GB 322 95.37 90.66 45.29
CA ALA GB 322 95.62 89.47 44.47
C ALA GB 322 95.09 89.58 43.04
N GLN GB 323 95.82 89.02 42.09
CA GLN GB 323 95.29 88.91 40.73
C GLN GB 323 94.26 87.78 40.67
N LEU GB 324 93.37 87.82 39.68
CA LEU GB 324 92.40 86.76 39.49
C LEU GB 324 92.94 85.79 38.46
N PRO GB 325 93.20 84.54 38.86
CA PRO GB 325 93.76 83.51 37.99
C PRO GB 325 92.70 82.68 37.26
N ILE GB 326 92.98 82.37 36.00
CA ILE GB 326 92.16 81.51 35.16
C ILE GB 326 93.00 80.31 34.77
N VAL GB 327 92.53 79.10 35.06
CA VAL GB 327 93.25 77.92 34.60
C VAL GB 327 92.49 77.27 33.46
N VAL GB 328 93.12 77.17 32.30
CA VAL GB 328 92.49 76.55 31.15
C VAL GB 328 92.93 75.12 30.89
N GLN GB 329 91.97 74.23 30.66
CA GLN GB 329 92.28 72.85 30.27
C GLN GB 329 91.76 72.60 28.88
N ILE GB 330 92.58 71.99 28.02
CA ILE GB 330 92.18 71.65 26.65
C ILE GB 330 91.92 70.16 26.54
N ASP GB 331 90.69 69.81 26.17
CA ASP GB 331 90.23 68.41 26.22
C ASP GB 331 90.35 67.75 24.86
N GLU GB 332 89.92 68.44 23.81
CA GLU GB 332 90.12 67.92 22.47
C GLU GB 332 89.91 68.94 21.37
N ILE GB 333 90.35 68.61 20.17
CA ILE GB 333 89.98 69.36 18.97
C ILE GB 333 88.80 68.63 18.34
N VAL GB 334 87.61 69.21 18.45
CA VAL GB 334 86.41 68.56 17.96
C VAL GB 334 86.20 68.99 16.53
N ARG GB 335 85.61 68.11 15.71
CA ARG GB 335 85.41 68.39 14.30
C ARG GB 335 86.74 68.83 13.70
N PRO GB 336 87.76 67.98 13.80
CA PRO GB 336 89.14 68.36 13.51
C PRO GB 336 89.43 68.44 12.02
N ASP GB 337 90.16 69.47 11.63
CA ASP GB 337 90.69 69.56 10.28
C ASP GB 337 92.20 69.37 10.37
N LEU GB 338 92.66 68.13 10.22
CA LEU GB 338 94.07 67.86 10.40
C LEU GB 338 94.87 67.98 9.11
N SER GB 339 96.13 68.32 9.25
CA SER GB 339 97.06 68.31 8.13
C SER GB 339 97.52 66.88 7.89
N LEU GB 340 98.39 66.69 6.92
CA LEU GB 340 99.08 65.43 6.76
C LEU GB 340 99.84 65.12 8.04
N PRO GB 341 100.04 63.83 8.30
CA PRO GB 341 101.00 63.46 9.35
C PRO GB 341 102.36 64.08 8.99
N SER GB 342 103.13 64.48 9.99
CA SER GB 342 104.45 65.02 9.70
C SER GB 342 105.43 63.93 9.23
N PHE GB 343 105.24 62.72 9.73
CA PHE GB 343 106.06 61.59 9.29
C PHE GB 343 105.24 60.48 8.68
N GLU GB 344 105.83 59.77 7.73
CA GLU GB 344 105.15 58.64 7.13
C GLU GB 344 105.64 57.37 7.81
N ASP GB 345 105.11 56.22 7.40
CA ASP GB 345 105.61 54.97 7.96
C ASP GB 345 106.94 54.62 7.30
N ASP GB 346 108.00 55.29 7.76
CA ASP GB 346 109.28 55.23 7.09
C ASP GB 346 110.36 55.23 8.14
N TYR GB 347 111.61 55.12 7.69
CA TYR GB 347 112.76 55.26 8.54
C TYR GB 347 112.92 56.72 8.96
N PHE GB 348 113.63 56.92 10.07
CA PHE GB 348 114.05 58.26 10.48
C PHE GB 348 115.42 58.16 11.15
N VAL GB 349 116.08 59.30 11.31
CA VAL GB 349 117.46 59.27 11.78
C VAL GB 349 117.53 58.98 13.26
N TRP GB 350 118.34 57.99 13.61
CA TRP GB 350 118.66 57.71 15.00
C TRP GB 350 119.95 58.45 15.37
N VAL GB 351 121.04 58.17 14.66
CA VAL GB 351 122.32 58.79 14.99
C VAL GB 351 123.26 58.84 13.81
N ASP GB 352 124.07 59.90 13.75
CA ASP GB 352 125.20 59.99 12.82
C ASP GB 352 126.50 59.94 13.59
N PHE GB 353 127.42 59.07 13.18
CA PHE GB 353 128.78 59.09 13.72
C PHE GB 353 129.70 59.66 12.66
N SER GB 354 130.60 60.55 13.06
CA SER GB 354 131.51 61.21 12.12
C SER GB 354 132.81 61.61 12.80
N GLU GB 355 133.75 62.11 12.01
CA GLU GB 355 134.99 62.65 12.58
C GLU GB 355 135.69 61.63 13.48
N PHE GB 356 135.94 60.42 12.97
CA PHE GB 356 136.58 59.38 13.76
C PHE GB 356 138.06 59.69 13.98
N THR GB 357 138.54 59.49 15.20
CA THR GB 357 139.95 59.75 15.49
C THR GB 357 140.80 58.47 15.55
N LEU GB 358 140.15 57.35 15.82
CA LEU GB 358 140.83 56.07 15.85
C LEU GB 358 140.29 55.16 14.77
N ASP GB 359 141.15 54.32 14.20
CA ASP GB 359 140.71 53.34 13.21
C ASP GB 359 139.85 52.25 13.86
N LYS GB 360 140.21 51.85 15.08
CA LYS GB 360 139.39 50.88 15.83
C LYS GB 360 138.33 51.61 16.68
N GLU GB 361 137.07 51.41 16.36
CA GLU GB 361 135.99 52.02 17.10
C GLU GB 361 134.92 50.98 17.35
N GLU GB 362 134.39 50.93 18.56
CA GLU GB 362 133.31 49.99 18.85
C GLU GB 362 132.18 50.63 19.65
N ILE GB 363 131.03 50.75 18.99
CA ILE GB 363 129.86 51.40 19.55
C ILE GB 363 128.91 50.37 20.14
N GLU GB 364 128.80 50.32 21.47
CA GLU GB 364 127.88 49.37 22.11
C GLU GB 364 126.46 49.90 22.14
N ILE GB 365 125.52 49.07 21.70
CA ILE GB 365 124.12 49.45 21.67
C ILE GB 365 123.35 48.60 22.68
N GLY GB 366 123.59 47.31 22.66
CA GLY GB 366 122.98 46.40 23.60
C GLY GB 366 121.54 46.13 23.20
N SER GB 367 120.63 46.49 24.09
CA SER GB 367 119.22 46.29 23.80
C SER GB 367 118.46 47.61 23.99
N ARG GB 368 119.19 48.73 23.94
CA ARG GB 368 118.57 50.04 24.24
C ARG GB 368 118.45 50.95 23.05
N PHE GB 369 117.43 51.80 23.07
CA PHE GB 369 117.39 52.95 22.17
C PHE GB 369 117.68 54.18 23.03
N PHE GB 370 118.78 54.88 22.75
CA PHE GB 370 119.26 55.92 23.65
C PHE GB 370 120.20 56.92 23.00
N ASP GB 371 120.70 57.87 23.77
CA ASP GB 371 121.65 58.87 23.27
C ASP GB 371 123.09 58.43 23.46
N PHE GB 372 123.86 58.40 22.37
CA PHE GB 372 125.27 57.98 22.40
C PHE GB 372 126.19 59.10 22.87
N THR GB 373 127.33 58.71 23.41
CA THR GB 373 128.43 59.65 23.65
C THR GB 373 129.73 58.98 23.27
N SER GB 374 130.68 59.75 22.77
CA SER GB 374 132.00 59.23 22.44
C SER GB 374 133.10 60.24 22.69
N ASN GB 375 134.25 59.73 23.15
CA ASN GB 375 135.44 60.55 23.32
C ASN GB 375 136.31 60.52 22.08
N THR GB 376 136.02 59.56 21.20
CA THR GB 376 136.89 59.28 20.07
C THR GB 376 136.26 59.65 18.74
N CYS GB 377 134.98 60.02 18.77
CA CYS GB 377 134.30 60.49 17.57
C CYS GB 377 133.12 61.40 17.86
N ARG GB 378 132.58 62.00 16.81
CA ARG GB 378 131.47 62.94 16.95
C ARG GB 378 130.12 62.27 16.79
N VAL GB 379 129.32 62.37 17.84
CA VAL GB 379 127.97 61.83 17.82
C VAL GB 379 126.96 62.93 17.55
N SER GB 380 126.08 62.72 16.58
CA SER GB 380 125.00 63.65 16.32
C SER GB 380 123.67 62.92 16.41
N MET GB 381 122.88 63.22 17.43
CA MET GB 381 121.66 62.48 17.67
C MET GB 381 120.49 63.06 16.88
N GLY GB 382 119.58 62.21 16.45
CA GLY GB 382 118.40 62.66 15.74
C GLY GB 382 117.35 63.12 16.72
N GLU GB 383 116.57 64.12 16.34
CA GLU GB 383 115.41 64.55 17.11
C GLU GB 383 114.13 64.36 16.29
N ASN GB 384 113.25 63.51 16.77
CA ASN GB 384 111.97 63.24 16.10
C ASN GB 384 110.95 62.75 17.11
N PRO GB 385 109.68 62.62 16.69
CA PRO GB 385 108.64 62.23 17.65
C PRO GB 385 108.92 60.89 18.32
N PHE GB 386 109.50 59.94 17.60
CA PHE GB 386 109.72 58.64 18.22
C PHE GB 386 110.63 58.77 19.44
N ALA GB 387 111.73 59.50 19.26
CA ALA GB 387 112.69 59.72 20.32
C ALA GB 387 112.06 60.43 21.51
N ALA GB 388 111.20 61.40 21.23
CA ALA GB 388 110.45 62.09 22.28
C ALA GB 388 109.50 61.11 23.00
N MET GB 389 108.80 60.25 22.26
CA MET GB 389 107.94 59.27 22.89
C MET GB 389 108.73 58.35 23.81
N ILE GB 390 109.93 57.96 23.39
CA ILE GB 390 110.80 57.15 24.25
C ILE GB 390 111.09 57.87 25.57
N ALA GB 391 111.28 59.18 25.47
CA ALA GB 391 111.65 60.02 26.60
C ALA GB 391 110.47 60.36 27.48
N CYS GB 392 109.26 60.24 26.93
CA CYS GB 392 108.07 60.67 27.66
C CYS GB 392 107.27 59.52 28.20
N HIS GB 393 107.90 58.37 28.30
CA HIS GB 393 107.29 57.23 28.95
C HIS GB 393 108.28 56.57 29.89
N GLY GB 394 107.75 55.93 30.93
CA GLY GB 394 108.56 55.23 31.89
C GLY GB 394 109.25 54.00 31.30
N LEU GB 395 108.47 53.22 30.54
CA LEU GB 395 108.99 52.02 29.89
C LEU GB 395 108.56 51.95 28.44
N HIS GB 396 109.35 51.23 27.64
CA HIS GB 396 108.98 50.97 26.25
C HIS GB 396 109.51 49.60 25.82
N SER GB 397 108.99 49.08 24.72
CA SER GB 397 109.45 47.80 24.19
C SER GB 397 109.00 47.58 22.76
N GLY GB 398 109.87 47.00 21.96
CA GLY GB 398 109.57 46.80 20.56
C GLY GB 398 110.76 46.36 19.74
N VAL GB 399 110.59 46.32 18.42
CA VAL GB 399 111.69 45.99 17.54
C VAL GB 399 111.94 47.09 16.54
N LEU GB 400 113.21 47.47 16.38
CA LEU GB 400 113.60 48.48 15.39
C LEU GB 400 114.31 47.85 14.21
N ASP GB 401 113.87 48.18 13.00
CA ASP GB 401 114.63 47.82 11.82
C ASP GB 401 115.64 48.93 11.58
N LEU GB 402 116.91 48.56 11.40
CA LEU GB 402 117.97 49.54 11.17
C LEU GB 402 118.46 49.52 9.72
N LYS GB 403 118.77 50.70 9.22
CA LYS GB 403 119.48 50.83 7.96
C LYS GB 403 120.75 51.56 8.29
N LEU GB 404 121.88 50.98 7.89
CA LEU GB 404 123.15 51.65 8.06
C LEU GB 404 123.64 52.15 6.71
N GLN GB 405 124.12 53.39 6.66
CA GLN GB 405 124.66 53.97 5.44
C GLN GB 405 125.95 54.68 5.78
N TRP GB 406 126.92 54.63 4.87
CA TRP GB 406 128.18 55.31 5.10
C TRP GB 406 128.85 55.77 3.81
N SER GB 407 129.63 56.85 3.90
CA SER GB 407 130.41 57.34 2.77
C SER GB 407 131.87 57.28 3.14
N LEU GB 408 132.75 57.18 2.14
CA LEU GB 408 134.18 57.07 2.40
C LEU GB 408 134.91 58.40 2.57
N ASN GB 409 135.93 58.39 3.42
CA ASN GB 409 136.81 59.54 3.63
C ASN GB 409 138.09 59.44 2.80
N THR GB 410 138.58 58.21 2.59
CA THR GB 410 139.71 57.94 1.71
C THR GB 410 139.27 57.58 0.28
N GLU GB 411 140.23 57.37 -0.62
CA GLU GB 411 139.89 56.98 -1.99
C GLU GB 411 139.31 55.57 -2.03
N PHE GB 412 138.27 55.38 -2.82
CA PHE GB 412 137.57 54.10 -2.87
C PHE GB 412 138.52 52.96 -3.19
N GLY GB 413 139.47 53.19 -4.09
CA GLY GB 413 140.37 52.15 -4.51
C GLY GB 413 141.31 51.71 -3.42
N LYS GB 414 141.43 52.52 -2.37
CA LYS GB 414 142.37 52.23 -1.29
C LYS GB 414 141.66 51.58 -0.12
N SER GB 415 140.34 51.52 -0.20
CA SER GB 415 139.53 51.11 0.94
C SER GB 415 139.69 49.66 1.34
N SER GB 416 139.57 49.41 2.64
CA SER GB 416 139.58 48.05 3.16
C SER GB 416 138.76 48.02 4.44
N GLY GB 417 138.59 46.82 5.01
CA GLY GB 417 137.89 46.69 6.27
C GLY GB 417 136.38 46.58 6.14
N SER GB 418 135.70 46.84 7.25
CA SER GB 418 134.28 46.54 7.38
C SER GB 418 133.55 47.34 8.45
N VAL GB 419 132.24 47.47 8.26
CA VAL GB 419 131.30 47.77 9.33
C VAL GB 419 130.74 46.42 9.75
N THR GB 420 131.02 46.02 10.99
CA THR GB 420 130.58 44.73 11.49
C THR GB 420 129.50 44.93 12.54
N ILE GB 421 128.40 44.20 12.40
CA ILE GB 421 127.35 44.20 13.41
C ILE GB 421 127.45 42.95 14.26
N THR GB 422 127.88 43.10 15.50
CA THR GB 422 127.91 41.98 16.43
C THR GB 422 126.55 41.80 17.07
N LYS GB 423 126.03 40.60 16.96
CA LYS GB 423 124.75 40.29 17.61
C LYS GB 423 124.92 39.11 18.58
N LEU GB 424 124.67 39.37 19.86
CA LEU GB 424 124.81 38.34 20.88
C LEU GB 424 123.51 38.16 21.64
N VAL GB 425 123.48 37.13 22.49
CA VAL GB 425 122.48 37.02 23.52
C VAL GB 425 123.23 36.89 24.83
N GLY GB 426 123.09 37.88 25.69
CA GLY GB 426 123.86 37.92 26.91
C GLY GB 426 124.64 39.20 26.96
N ASP GB 427 125.97 39.08 27.02
CA ASP GB 427 126.88 40.22 26.99
C ASP GB 427 128.17 39.86 26.26
N LYS GB 428 129.06 40.82 26.12
CA LYS GB 428 130.29 40.60 25.38
C LYS GB 428 131.07 39.43 26.01
N ALA GB 429 130.98 39.30 27.33
CA ALA GB 429 131.80 38.34 28.07
C ALA GB 429 131.36 36.88 28.02
N MET GB 430 130.06 36.61 28.11
CA MET GB 430 129.56 35.24 28.26
C MET GB 430 128.44 34.93 27.30
N GLY GB 431 128.24 35.78 26.30
CA GLY GB 431 127.09 35.67 25.43
C GLY GB 431 127.11 34.57 24.39
N LEU GB 432 125.95 34.31 23.81
CA LEU GB 432 125.80 33.38 22.70
C LEU GB 432 125.82 34.16 21.38
N ASP GB 433 126.23 33.50 20.30
CA ASP GB 433 126.37 34.19 19.03
C ASP GB 433 125.13 34.12 18.15
N GLY GB 434 124.57 35.29 17.83
CA GLY GB 434 123.41 35.37 16.95
C GLY GB 434 123.75 35.70 15.51
N PRO GB 435 122.84 36.44 14.85
CA PRO GB 435 123.02 36.83 13.45
C PRO GB 435 123.98 38.02 13.30
N SER GB 436 125.20 37.86 13.80
CA SER GB 436 126.27 38.82 13.59
C SER GB 436 126.53 38.91 12.10
N HIS GB 437 127.11 40.01 11.67
CA HIS GB 437 127.04 40.32 10.25
C HIS GB 437 128.23 41.21 9.85
N VAL GB 438 128.96 40.80 8.82
CA VAL GB 438 130.13 41.54 8.37
C VAL GB 438 129.85 42.23 7.03
N PHE GB 439 129.79 43.56 7.05
CA PHE GB 439 129.59 44.33 5.84
C PHE GB 439 130.93 44.86 5.38
N ALA GB 440 131.45 44.33 4.28
CA ALA GB 440 132.69 44.86 3.73
C ALA GB 440 132.46 46.36 3.52
N ILE GB 441 133.46 47.18 3.82
CA ILE GB 441 133.27 48.63 3.77
C ILE GB 441 132.78 49.12 2.41
N GLN GB 442 133.11 48.38 1.36
CA GLN GB 442 132.71 48.72 0.00
C GLN GB 442 131.21 48.58 -0.28
N LYS GB 443 130.49 47.83 0.56
CA LYS GB 443 129.04 47.73 0.42
C LYS GB 443 128.38 49.10 0.62
N LEU GB 444 128.94 49.90 1.51
CA LEU GB 444 128.49 51.29 1.71
C LEU GB 444 127.11 51.38 2.36
N GLU GB 445 126.55 50.22 2.72
CA GLU GB 445 125.28 50.18 3.44
C GLU GB 445 124.98 48.77 3.96
N GLY GB 446 124.13 48.69 4.96
CA GLY GB 446 123.73 47.41 5.52
C GLY GB 446 122.47 47.52 6.36
N THR GB 447 121.84 46.38 6.63
CA THR GB 447 120.61 46.38 7.43
C THR GB 447 120.68 45.37 8.56
N THR GB 448 119.94 45.65 9.64
CA THR GB 448 119.84 44.70 10.73
C THR GB 448 118.59 45.01 11.57
N GLU GB 449 118.18 44.08 12.43
CA GLU GB 449 117.10 44.36 13.37
C GLU GB 449 117.70 44.59 14.75
N LEU GB 450 117.01 45.36 15.59
CA LEU GB 450 117.43 45.56 16.98
C LEU GB 450 116.26 45.34 17.94
N LEU GB 451 116.43 44.44 18.91
CA LEU GB 451 115.39 44.22 19.88
C LEU GB 451 115.62 45.24 20.95
N VAL GB 452 114.63 46.12 21.15
CA VAL GB 452 114.63 47.06 22.26
C VAL GB 452 113.75 46.50 23.37
N GLY GB 453 114.37 45.84 24.35
CA GLY GB 453 113.67 45.15 25.40
C GLY GB 453 114.59 44.17 26.12
N ASN GB 454 114.01 43.22 26.84
CA ASN GB 454 114.79 42.27 27.62
C ASN GB 454 113.89 41.19 28.22
N PHE GB 455 114.48 40.24 28.94
CA PHE GB 455 113.68 39.15 29.50
C PHE GB 455 112.48 39.60 30.31
N ALA GB 456 112.56 40.77 30.95
CA ALA GB 456 111.46 41.24 31.78
C ALA GB 456 110.31 41.77 30.97
N GLY GB 457 110.63 42.32 29.80
CA GLY GB 457 109.63 42.74 28.83
C GLY GB 457 109.62 44.18 28.36
N ALA GB 458 110.40 45.03 29.01
CA ALA GB 458 110.41 46.46 28.69
C ALA GB 458 111.64 47.13 29.22
N ASN GB 459 112.03 48.25 28.59
CA ASN GB 459 113.18 49.04 29.02
C ASN GB 459 112.75 50.33 29.70
N PRO GB 460 113.42 50.70 30.79
CA PRO GB 460 113.30 52.03 31.36
C PRO GB 460 114.09 53.01 30.50
N ASN GB 461 113.88 54.29 30.69
CA ASN GB 461 114.60 55.27 29.89
C ASN GB 461 115.89 55.69 30.60
N THR GB 462 116.56 54.72 31.20
CA THR GB 462 117.80 54.94 31.94
C THR GB 462 118.71 53.77 31.62
N ARG GB 463 119.90 53.77 32.19
CA ARG GB 463 120.77 52.61 32.09
C ARG GB 463 120.22 51.56 33.07
N PHE GB 464 120.28 50.30 32.67
CA PHE GB 464 119.77 49.18 33.46
C PHE GB 464 120.57 47.96 33.01
N SER GB 465 120.53 46.88 33.80
CA SER GB 465 121.22 45.67 33.41
C SER GB 465 120.29 44.46 33.49
N LEU GB 466 119.66 44.10 32.38
CA LEU GB 466 118.75 42.96 32.37
C LEU GB 466 119.04 42.07 31.16
N TYR GB 467 119.24 40.78 31.41
CA TYR GB 467 119.60 39.83 30.36
C TYR GB 467 118.75 40.02 29.13
N SER GB 468 119.40 40.15 27.97
CA SER GB 468 118.68 40.33 26.71
C SER GB 468 119.61 40.07 25.54
N ARG GB 469 119.12 40.28 24.33
CA ARG GB 469 119.97 40.31 23.17
C ARG GB 469 120.89 41.55 23.25
N TRP GB 470 121.99 41.51 22.51
CA TRP GB 470 123.03 42.51 22.67
C TRP GB 470 123.64 42.83 21.33
N MET GB 471 123.75 44.12 21.00
CA MET GB 471 124.26 44.52 19.71
C MET GB 471 125.39 45.54 19.80
N ALA GB 472 126.31 45.47 18.86
CA ALA GB 472 127.41 46.42 18.82
C ALA GB 472 127.80 46.65 17.38
N ILE GB 473 128.24 47.87 17.07
CA ILE GB 473 128.80 48.17 15.76
C ILE GB 473 130.31 48.26 15.90
N LYS GB 474 131.04 47.51 15.09
CA LYS GB 474 132.51 47.47 15.15
C LYS GB 474 133.17 47.99 13.88
N LEU GB 475 133.86 49.11 13.98
CA LEU GB 475 134.63 49.66 12.87
C LEU GB 475 136.10 49.27 13.01
N ASP GB 476 136.75 48.87 11.92
CA ASP GB 476 138.19 48.54 11.97
C ASP GB 476 139.03 49.53 11.16
N GLN GB 477 138.35 50.31 10.33
CA GLN GB 477 139.00 51.30 9.49
C GLN GB 477 138.20 52.57 9.56
N ALA GB 478 137.86 52.98 10.78
CA ALA GB 478 136.91 54.04 10.98
C ALA GB 478 137.37 55.38 10.39
N LYS GB 479 138.68 55.60 10.31
CA LYS GB 479 139.20 56.85 9.75
C LYS GB 479 138.93 56.97 8.25
N SER GB 480 138.59 55.85 7.61
CA SER GB 480 138.23 55.83 6.18
C SER GB 480 136.74 56.14 5.97
N ILE GB 481 136.01 56.41 7.05
CA ILE GB 481 134.58 56.69 6.94
C ILE GB 481 134.29 58.16 7.24
N LYS GB 482 133.66 58.85 6.29
CA LYS GB 482 133.33 60.25 6.51
C LYS GB 482 132.12 60.38 7.42
N VAL GB 483 131.15 59.49 7.24
CA VAL GB 483 129.99 59.43 8.12
C VAL GB 483 129.37 58.03 8.14
N LEU GB 484 128.96 57.61 9.34
CA LEU GB 484 128.16 56.41 9.49
C LEU GB 484 126.78 56.84 10.00
N ARG GB 485 125.75 56.69 9.17
CA ARG GB 485 124.40 57.06 9.57
C ARG GB 485 123.56 55.84 9.91
N VAL GB 486 122.84 55.92 11.03
CA VAL GB 486 121.93 54.86 11.43
C VAL GB 486 120.47 55.34 11.43
N LEU GB 487 119.66 54.79 10.53
CA LEU GB 487 118.23 55.05 10.53
C LEU GB 487 117.48 53.86 11.12
N CYS GB 488 116.34 54.13 11.73
CA CYS GB 488 115.51 53.07 12.26
C CYS GB 488 114.05 53.28 11.89
N LYS GB 489 113.29 52.19 11.93
CA LYS GB 489 111.87 52.15 11.60
C LYS GB 489 111.19 51.14 12.49
N PRO GB 490 110.46 51.63 13.49
CA PRO GB 490 109.84 50.73 14.46
C PRO GB 490 108.87 49.77 13.77
N ARG GB 491 109.00 48.49 14.09
CA ARG GB 491 108.02 47.50 13.66
C ARG GB 491 106.72 47.70 14.42
N PRO GB 492 105.60 47.42 13.76
CA PRO GB 492 104.26 47.64 14.30
C PRO GB 492 104.16 47.03 15.68
N GLY GB 493 103.54 47.76 16.60
CA GLY GB 493 103.35 47.28 17.94
C GLY GB 493 104.44 47.72 18.90
N PHE GB 494 105.22 48.72 18.51
CA PHE GB 494 106.20 49.24 19.44
C PHE GB 494 105.42 49.94 20.55
N SER GB 495 105.67 49.51 21.78
CA SER GB 495 104.81 49.90 22.90
C SER GB 495 105.45 50.81 23.94
N PHE GB 496 104.65 51.73 24.47
CA PHE GB 496 105.08 52.65 25.52
C PHE GB 496 104.19 52.50 26.74
N TYR GB 497 104.81 52.54 27.93
CA TYR GB 497 104.08 52.37 29.17
C TYR GB 497 104.28 53.55 30.11
N GLY GB 498 103.19 54.05 30.67
CA GLY GB 498 103.24 55.10 31.67
C GLY GB 498 103.68 56.48 31.20
N ARG GB 499 102.73 57.30 30.76
CA ARG GB 499 103.09 58.63 30.27
C ARG GB 499 103.73 59.48 31.36
N THR GB 500 104.80 60.17 30.98
CA THR GB 500 105.50 61.06 31.90
C THR GB 500 106.19 62.20 31.13
N SER GB 501 107.17 62.84 31.75
CA SER GB 501 107.89 63.93 31.08
C SER GB 501 109.38 63.79 31.23
N PHE GB 502 110.11 64.68 30.56
CA PHE GB 502 111.57 64.58 30.50
C PHE GB 502 112.20 65.95 30.35
N PRO GB 503 112.58 66.56 31.48
CA PRO GB 503 113.29 67.83 31.47
C PRO GB 503 114.77 67.69 31.09
N VAL GB 504 115.25 68.54 30.18
CA VAL GB 504 116.67 68.64 29.86
C VAL GB 504 117.11 70.09 29.76
N GLY HB 1 110.68 -11.77 26.33
CA GLY HB 1 111.40 -12.69 27.19
C GLY HB 1 112.72 -12.15 27.68
N LEU HB 2 113.34 -12.83 28.65
CA LEU HB 2 114.66 -12.41 29.13
C LEU HB 2 115.70 -12.45 27.98
N ALA HB 3 116.36 -11.33 27.74
CA ALA HB 3 117.19 -11.18 26.55
C ALA HB 3 118.66 -11.14 26.90
N GLY HB 4 118.96 -10.62 28.08
CA GLY HB 4 120.33 -10.54 28.54
C GLY HB 4 120.37 -10.22 30.01
N ARG HB 5 121.53 -10.35 30.63
CA ARG HB 5 121.66 -10.08 32.06
C ARG HB 5 123.07 -9.70 32.43
N GLY HB 6 123.22 -9.20 33.65
CA GLY HB 6 124.50 -8.73 34.14
C GLY HB 6 124.46 -8.54 35.64
N VAL HB 7 125.61 -8.31 36.25
CA VAL HB 7 125.66 -8.17 37.69
C VAL HB 7 126.41 -6.91 38.11
N ILE HB 8 125.85 -6.17 39.05
CA ILE HB 8 126.54 -5.01 39.62
C ILE HB 8 127.00 -5.33 41.05
N TYR HB 9 128.23 -4.96 41.37
CA TYR HB 9 128.73 -5.24 42.72
C TYR HB 9 128.64 -4.03 43.64
N ILE HB 10 128.07 -4.25 44.82
CA ILE HB 10 127.93 -3.20 45.80
C ILE HB 10 128.84 -3.46 47.00
N PRO HB 11 129.69 -2.49 47.36
CA PRO HB 11 130.51 -2.58 48.57
C PRO HB 11 129.69 -2.38 49.85
N LYS HB 12 130.11 -3.06 50.92
CA LYS HB 12 129.43 -2.92 52.20
C LYS HB 12 129.38 -1.48 52.67
N ASP HB 13 130.35 -0.68 52.22
CA ASP HB 13 130.30 0.75 52.43
C ASP HB 13 130.10 1.46 51.10
N CYS HB 14 128.84 1.76 50.81
CA CYS HB 14 128.50 2.42 49.57
C CYS HB 14 128.31 3.91 49.83
N GLN HB 15 129.36 4.70 49.56
CA GLN HB 15 129.36 6.14 49.76
C GLN HB 15 128.82 6.87 48.53
N ALA HB 16 128.25 8.04 48.74
CA ALA HB 16 127.77 8.85 47.61
C ALA HB 16 128.86 9.06 46.55
N ASN HB 17 128.50 8.95 45.29
CA ASN HB 17 129.45 9.10 44.20
C ASN HB 17 130.31 7.92 43.86
N ARG HB 18 130.14 6.79 44.54
CA ARG HB 18 130.86 5.58 44.14
C ARG HB 18 130.44 5.14 42.73
N TYR HB 19 131.43 4.80 41.91
CA TYR HB 19 131.16 4.12 40.64
C TYR HB 19 131.01 2.62 40.90
N LEU HB 20 129.86 2.06 40.55
CA LEU HB 20 129.58 0.66 40.82
C LEU HB 20 129.88 -0.27 39.65
N GLY HB 21 129.80 0.27 38.43
CA GLY HB 21 130.14 -0.51 37.25
C GLY HB 21 129.36 -0.10 36.04
N THR HB 22 129.79 -0.59 34.88
CA THR HB 22 129.08 -0.36 33.62
C THR HB 22 128.72 -1.68 32.95
N LEU HB 23 127.48 -1.82 32.49
CA LEU HB 23 127.12 -2.98 31.72
C LEU HB 23 127.01 -2.54 30.27
N ASN HB 24 127.47 -3.40 29.37
CA ASN HB 24 127.37 -3.12 27.97
C ASN HB 24 126.13 -3.82 27.39
N ILE HB 25 125.14 -3.04 26.96
CA ILE HB 25 123.84 -3.61 26.60
C ILE HB 25 123.98 -4.70 25.57
N ARG HB 26 124.86 -4.52 24.60
CA ARG HB 26 124.92 -5.52 23.55
C ARG HB 26 125.62 -6.78 24.04
N ASP HB 27 126.65 -6.60 24.86
CA ASP HB 27 127.31 -7.73 25.52
C ASP HB 27 126.38 -8.51 26.47
N MET HB 28 125.49 -7.83 27.19
CA MET HB 28 124.51 -8.54 28.02
C MET HB 28 123.68 -9.52 27.20
N ILE HB 29 123.30 -9.12 25.99
CA ILE HB 29 122.47 -9.95 25.15
C ILE HB 29 123.32 -11.04 24.48
N SER HB 30 124.53 -10.70 24.07
CA SER HB 30 125.35 -11.68 23.35
C SER HB 30 126.05 -12.70 24.25
N ASP HB 31 126.37 -12.32 25.47
CA ASP HB 31 126.95 -13.26 26.42
C ASP HB 31 125.91 -14.26 26.91
N PHE HB 32 124.66 -13.83 26.96
CA PHE HB 32 123.56 -14.66 27.39
C PHE HB 32 123.24 -15.68 26.31
N LYS HB 33 122.85 -15.21 25.13
CA LYS HB 33 122.97 -16.01 23.91
C LYS HB 33 122.16 -17.30 23.87
N GLY HB 34 120.90 -17.31 24.31
CA GLY HB 34 119.96 -16.20 24.27
C GLY HB 34 118.98 -16.59 23.17
N VAL HB 35 117.70 -16.84 23.47
CA VAL HB 35 116.73 -17.02 22.40
C VAL HB 35 116.59 -15.74 21.62
N GLN HB 36 116.58 -14.63 22.34
CA GLN HB 36 116.49 -13.31 21.72
C GLN HB 36 117.74 -12.96 20.91
N TYR HB 37 118.92 -13.28 21.43
CA TYR HB 37 120.17 -13.07 20.68
C TYR HB 37 120.14 -13.80 19.34
N GLU HB 38 119.65 -15.03 19.35
CA GLU HB 38 119.58 -15.78 18.12
C GLU HB 38 118.55 -15.23 17.13
N LYS HB 39 117.43 -14.70 17.63
CA LYS HB 39 116.45 -14.02 16.78
C LYS HB 39 117.07 -12.78 16.15
N TRP HB 40 118.00 -12.17 16.88
CA TRP HB 40 118.67 -10.94 16.48
C TRP HB 40 119.57 -11.19 15.29
N ILE HB 41 120.37 -12.26 15.34
CA ILE HB 41 121.23 -12.63 14.21
C ILE HB 41 120.48 -12.74 12.89
N THR HB 42 119.27 -13.24 12.94
CA THR HB 42 118.46 -13.40 11.75
C THR HB 42 117.83 -12.10 11.28
N ALA HB 43 117.43 -11.26 12.24
CA ALA HB 43 116.87 -9.97 11.91
C ALA HB 43 117.92 -9.02 11.31
N GLY HB 44 119.15 -9.12 11.80
CA GLY HB 44 120.19 -8.19 11.43
C GLY HB 44 120.11 -6.93 12.26
N LEU HB 45 119.04 -6.15 12.02
CA LEU HB 45 118.77 -4.92 12.74
C LEU HB 45 117.61 -5.03 13.72
N VAL HB 46 117.78 -4.53 14.94
CA VAL HB 46 116.69 -4.48 15.90
C VAL HB 46 116.55 -3.09 16.52
N MET HB 47 115.30 -2.65 16.76
CA MET HB 47 115.00 -1.38 17.44
C MET HB 47 114.18 -1.63 18.69
N PRO HB 48 114.75 -2.35 19.65
CA PRO HB 48 113.98 -2.95 20.75
C PRO HB 48 113.22 -1.96 21.60
N THR HB 49 112.16 -2.45 22.23
CA THR HB 49 111.68 -1.80 23.43
C THR HB 49 112.07 -2.70 24.60
N PHE HB 50 113.03 -2.25 25.39
CA PHE HB 50 113.51 -3.01 26.53
C PHE HB 50 112.69 -2.74 27.80
N LYS HB 51 112.50 -3.77 28.61
CA LYS HB 51 112.14 -3.56 30.00
C LYS HB 51 113.41 -3.88 30.77
N ILE HB 52 113.93 -2.91 31.51
CA ILE HB 52 115.08 -3.17 32.34
C ILE HB 52 114.59 -3.43 33.73
N VAL HB 53 115.08 -4.50 34.33
CA VAL HB 53 114.72 -4.85 35.70
C VAL HB 53 115.99 -5.00 36.54
N ILE HB 54 116.07 -4.24 37.63
CA ILE HB 54 117.18 -4.41 38.57
C ILE HB 54 116.68 -5.11 39.81
N ARG HB 55 117.18 -6.33 40.05
CA ARG HB 55 116.82 -7.09 41.23
C ARG HB 55 117.76 -6.85 42.42
N LEU HB 56 117.15 -6.65 43.58
CA LEU HB 56 117.66 -5.72 44.54
C LEU HB 56 116.81 -5.97 45.77
N PRO HB 57 117.44 -6.33 46.91
CA PRO HB 57 116.64 -6.61 48.12
C PRO HB 57 116.16 -5.32 48.74
N ALA HB 58 114.85 -5.17 48.88
CA ALA HB 58 114.31 -3.92 49.43
C ALA HB 58 114.72 -3.73 50.88
N ASN HB 59 115.11 -2.52 51.23
CA ASN HB 59 115.52 -2.24 52.60
C ASN HB 59 115.32 -0.78 53.01
N ALA HB 60 114.61 -0.57 54.10
CA ALA HB 60 114.28 0.79 54.50
C ALA HB 60 115.28 1.37 55.46
N PHE HB 61 116.35 0.64 55.74
CA PHE HB 61 117.25 1.01 56.82
C PHE HB 61 118.64 1.44 56.36
N THR HB 62 118.78 1.84 55.10
CA THR HB 62 120.10 2.18 54.58
C THR HB 62 120.21 3.62 54.11
N GLY HB 63 119.17 4.11 53.44
CA GLY HB 63 119.22 5.45 52.86
C GLY HB 63 119.83 5.47 51.46
N LEU HB 64 120.23 4.29 50.98
CA LEU HB 64 120.88 4.15 49.68
C LEU HB 64 119.96 4.54 48.53
N THR HB 65 120.49 5.37 47.64
CA THR HB 65 119.83 5.65 46.36
C THR HB 65 120.86 5.57 45.24
N TRP HB 66 120.54 4.83 44.19
CA TRP HB 66 121.47 4.67 43.06
C TRP HB 66 120.91 5.34 41.83
N VAL HB 67 121.77 5.55 40.83
CA VAL HB 67 121.30 6.06 39.56
C VAL HB 67 121.72 5.14 38.44
N MET HB 68 120.75 4.64 37.67
CA MET HB 68 121.04 3.99 36.38
C MET HB 68 121.05 5.03 35.25
N SER HB 69 122.16 5.15 34.55
CA SER HB 69 122.31 6.16 33.51
C SER HB 69 122.41 5.47 32.16
N PHE HB 70 121.50 5.79 31.24
CA PHE HB 70 121.53 5.22 29.90
C PHE HB 70 122.40 6.08 28.99
N ASP HB 71 123.59 5.56 28.71
CA ASP HB 71 124.57 6.29 27.92
C ASP HB 71 124.76 5.64 26.57
N ALA HB 72 123.83 5.85 25.64
CA ALA HB 72 123.86 5.07 24.41
C ALA HB 72 125.04 5.44 23.52
N TYR HB 73 125.60 6.62 23.76
CA TYR HB 73 126.67 7.09 22.89
C TYR HB 73 128.01 7.24 23.60
N ASN HB 74 128.12 6.60 24.76
CA ASN HB 74 129.38 6.50 25.48
C ASN HB 74 130.01 7.85 25.79
N ARG HB 75 129.22 8.76 26.33
CA ARG HB 75 129.61 10.16 26.46
C ARG HB 75 130.17 10.49 27.85
N ILE HB 76 129.68 9.79 28.89
CA ILE HB 76 130.15 10.03 30.25
C ILE HB 76 131.08 8.96 30.87
N THR HB 77 131.26 7.82 30.21
CA THR HB 77 132.02 6.72 30.80
C THR HB 77 133.41 7.11 31.25
N SER HB 78 134.21 7.68 30.36
CA SER HB 78 135.58 8.09 30.69
C SER HB 78 135.67 8.91 31.96
N ARG HB 79 134.64 9.68 32.27
CA ARG HB 79 134.67 10.67 33.35
C ARG HB 79 134.03 10.25 34.69
N ILE HB 80 133.44 9.05 34.77
CA ILE HB 80 132.86 8.57 36.04
C ILE HB 80 133.54 7.37 36.70
N THR HB 81 134.44 6.69 35.99
CA THR HB 81 134.96 5.40 36.47
C THR HB 81 135.79 5.50 37.74
N ALA HB 82 136.43 6.64 37.98
CA ALA HB 82 137.13 6.88 39.25
C ALA HB 82 136.11 7.24 40.30
N SER HB 83 135.49 8.39 40.09
CA SER HB 83 134.37 8.85 40.89
C SER HB 83 133.28 9.43 40.01
N ALA HB 84 132.04 9.16 40.41
CA ALA HB 84 130.89 9.49 39.58
C ALA HB 84 130.10 10.71 40.09
N ASP HB 85 130.55 11.91 39.73
CA ASP HB 85 129.82 13.14 40.09
C ASP HB 85 128.40 13.13 39.51
N PRO HB 86 127.40 13.51 40.33
CA PRO HB 86 126.01 13.52 39.86
C PRO HB 86 125.75 14.39 38.62
N VAL HB 87 126.51 15.47 38.45
CA VAL HB 87 126.34 16.28 37.24
C VAL HB 87 126.50 15.45 35.97
N TYR HB 88 127.48 14.54 35.96
CA TYR HB 88 127.63 13.65 34.82
C TYR HB 88 126.52 12.61 34.73
N THR HB 89 126.27 11.91 35.83
CA THR HB 89 125.34 10.78 35.83
C THR HB 89 123.87 11.19 35.56
N LEU HB 90 123.54 12.45 35.83
CA LEU HB 90 122.18 12.96 35.58
C LEU HB 90 122.03 13.74 34.27
N SER HB 91 123.12 13.83 33.51
CA SER HB 91 123.15 14.58 32.25
C SER HB 91 122.66 13.78 31.04
N VAL HB 92 122.46 12.48 31.23
CA VAL HB 92 121.89 11.63 30.20
C VAL HB 92 120.62 10.99 30.75
N PRO HB 93 119.80 10.38 29.88
CA PRO HB 93 118.60 9.75 30.43
C PRO HB 93 118.95 8.83 31.61
N HIS HB 94 118.16 8.88 32.68
CA HIS HB 94 118.51 8.20 33.91
C HIS HB 94 117.31 7.96 34.78
N TRP HB 95 117.50 7.09 35.77
CA TRP HB 95 116.44 6.68 36.67
C TRP HB 95 116.96 6.58 38.10
N LEU HB 96 116.18 7.08 39.05
CA LEU HB 96 116.53 6.92 40.45
C LEU HB 96 116.08 5.57 40.99
N ILE HB 97 117.01 4.88 41.64
CA ILE HB 97 116.71 3.57 42.23
C ILE HB 97 116.76 3.65 43.75
N HIS HB 98 115.59 3.65 44.37
CA HIS HB 98 115.53 3.80 45.82
C HIS HB 98 115.57 2.43 46.48
N HIS HB 99 116.44 2.29 47.48
CA HIS HB 99 116.64 1.02 48.14
C HIS HB 99 115.39 0.60 48.88
N LYS HB 100 114.64 1.58 49.39
CA LYS HB 100 113.43 1.27 50.12
C LYS HB 100 112.37 0.58 49.25
N LEU HB 101 112.44 0.79 47.94
CA LEU HB 101 111.43 0.27 47.02
C LEU HB 101 111.78 -1.10 46.44
N GLY HB 102 112.99 -1.56 46.73
CA GLY HB 102 113.47 -2.83 46.25
C GLY HB 102 113.58 -2.94 44.74
N THR HB 103 113.13 -4.06 44.19
CA THR HB 103 113.30 -4.36 42.77
C THR HB 103 112.73 -3.26 41.89
N PHE HB 104 113.52 -2.83 40.93
CA PHE HB 104 113.21 -1.67 40.10
C PHE HB 104 112.99 -2.06 38.66
N SER HB 105 112.13 -1.34 37.97
CA SER HB 105 111.88 -1.63 36.58
C SER HB 105 111.58 -0.35 35.79
N CYS HB 106 111.98 -0.32 34.51
CA CYS HB 106 111.61 0.79 33.63
C CYS HB 106 111.63 0.35 32.18
N GLU HB 107 111.06 1.16 31.30
CA GLU HB 107 111.07 0.87 29.86
C GLU HB 107 111.99 1.82 29.12
N ILE HB 108 112.70 1.26 28.16
CA ILE HB 108 113.56 2.05 27.33
C ILE HB 108 113.10 1.79 25.90
N ASP HB 109 112.45 2.76 25.28
CA ASP HB 109 112.17 2.68 23.86
C ASP HB 109 113.44 3.08 23.10
N TYR HB 110 114.17 2.09 22.61
CA TYR HB 110 115.48 2.33 22.04
C TYR HB 110 115.37 3.24 20.82
N GLY HB 111 114.20 3.22 20.18
CA GLY HB 111 113.91 4.13 19.09
C GLY HB 111 114.00 5.59 19.50
N GLU HB 112 113.52 5.93 20.69
CA GLU HB 112 113.55 7.30 21.18
C GLU HB 112 114.87 7.65 21.90
N LEU HB 113 115.14 6.96 22.99
CA LEU HB 113 116.33 7.25 23.78
C LEU HB 113 117.64 7.07 23.04
N CYS HB 114 117.63 6.26 22.00
CA CYS HB 114 118.86 6.04 21.24
C CYS HB 114 118.79 6.57 19.82
N GLY HB 115 117.86 6.06 19.02
CA GLY HB 115 117.65 6.60 17.68
C GLY HB 115 118.17 5.80 16.48
N HIS HB 116 119.19 4.97 16.68
CA HIS HB 116 119.61 4.10 15.59
C HIS HB 116 119.48 2.61 15.96
N ALA HB 117 119.22 1.79 14.95
CA ALA HB 117 119.03 0.35 15.15
C ALA HB 117 120.33 -0.45 15.38
N MET HB 118 120.24 -1.50 16.18
CA MET HB 118 121.40 -2.26 16.57
C MET HB 118 121.75 -3.36 15.58
N TRP HB 119 122.99 -3.38 15.14
CA TRP HB 119 123.46 -4.38 14.20
C TRP HB 119 124.06 -5.58 14.93
N PHE HB 120 123.59 -6.76 14.61
CA PHE HB 120 123.97 -7.96 15.35
C PHE HB 120 125.48 -8.22 15.46
N LYS HB 121 126.26 -7.87 14.45
CA LYS HB 121 127.65 -8.32 14.37
C LYS HB 121 128.68 -7.37 14.97
N SER HB 122 128.32 -6.10 15.10
CA SER HB 122 129.26 -5.12 15.60
C SER HB 122 128.58 -3.82 15.94
N THR HB 123 129.24 -3.04 16.78
CA THR HB 123 128.76 -1.72 17.12
C THR HB 123 128.81 -0.84 15.86
N THR HB 124 127.76 -0.06 15.62
CA THR HB 124 127.74 0.84 14.47
C THR HB 124 128.42 2.15 14.80
N PHE HB 125 127.87 2.91 15.72
CA PHE HB 125 128.51 4.15 16.12
C PHE HB 125 129.33 3.99 17.37
N GLU HB 126 128.70 4.17 18.53
CA GLU HB 126 129.37 3.76 19.74
C GLU HB 126 128.54 2.70 20.44
N SER HB 127 129.17 2.00 21.38
CA SER HB 127 128.55 0.88 22.10
C SER HB 127 127.72 1.32 23.31
N PRO HB 128 126.41 1.08 23.29
CA PRO HB 128 125.46 1.53 24.31
C PRO HB 128 125.73 0.95 25.71
N ARG HB 129 125.83 1.82 26.72
CA ARG HB 129 126.13 1.38 28.08
C ARG HB 129 125.06 1.75 29.09
N LEU HB 130 124.97 0.95 30.16
CA LEU HB 130 124.23 1.32 31.35
C LEU HB 130 125.22 1.55 32.49
N HIS HB 131 125.22 2.74 33.07
CA HIS HB 131 126.10 3.01 34.21
C HIS HB 131 125.34 2.92 35.53
N PHE HB 132 125.97 2.32 36.54
CA PHE HB 132 125.39 2.29 37.86
C PHE HB 132 126.26 3.01 38.88
N THR HB 133 125.69 4.08 39.44
CA THR HB 133 126.40 4.92 40.40
C THR HB 133 125.57 5.12 41.66
N CYS HB 134 126.24 5.49 42.75
CA CYS HB 134 125.54 5.74 43.99
C CYS HB 134 125.29 7.25 44.19
N LEU HB 135 124.01 7.64 44.30
CA LEU HB 135 123.65 9.06 44.37
C LEU HB 135 123.71 9.57 45.79
N THR HB 136 123.08 8.84 46.70
CA THR HB 136 123.15 9.10 48.14
C THR HB 136 123.61 7.83 48.80
N GLY HB 137 124.55 7.97 49.74
CA GLY HB 137 125.18 6.81 50.37
C GLY HB 137 124.41 6.20 51.53
N ASN HB 138 124.86 5.04 51.99
CA ASN HB 138 124.26 4.41 53.16
C ASN HB 138 124.63 5.19 54.42
N ASN HB 139 123.75 5.14 55.42
CA ASN HB 139 123.91 5.94 56.62
C ASN HB 139 125.09 5.44 57.46
N LYS HB 140 125.32 4.13 57.36
CA LYS HB 140 126.44 3.44 57.97
C LYS HB 140 126.70 2.22 57.07
N GLU HB 141 127.90 1.66 57.10
CA GLU HB 141 128.16 0.55 56.20
C GLU HB 141 127.23 -0.62 56.52
N LEU HB 142 127.04 -1.49 55.54
CA LEU HB 142 126.21 -2.66 55.75
C LEU HB 142 127.08 -3.77 56.30
N ALA HB 143 126.50 -4.95 56.47
CA ALA HB 143 127.20 -6.05 57.10
C ALA HB 143 128.28 -6.66 56.19
N ALA HB 144 128.01 -6.71 54.88
CA ALA HB 144 128.94 -7.33 53.93
C ALA HB 144 128.73 -6.84 52.53
N ASP HB 145 129.71 -7.11 51.66
CA ASP HB 145 129.56 -6.83 50.23
C ASP HB 145 128.37 -7.62 49.69
N TRP HB 146 127.71 -7.09 48.67
CA TRP HB 146 126.61 -7.80 48.02
C TRP HB 146 126.54 -7.49 46.54
N GLN HB 147 125.54 -8.03 45.86
CA GLN HB 147 125.36 -7.75 44.44
C GLN HB 147 123.89 -7.53 44.07
N ALA HB 148 123.69 -6.84 42.95
CA ALA HB 148 122.37 -6.70 42.34
C ALA HB 148 122.42 -7.29 40.95
N VAL HB 149 121.29 -7.79 40.47
CA VAL HB 149 121.24 -8.38 39.14
C VAL HB 149 120.47 -7.45 38.20
N VAL HB 150 121.05 -7.18 37.02
CA VAL HB 150 120.38 -6.38 35.98
C VAL HB 150 119.88 -7.28 34.85
N GLU HB 151 118.61 -7.15 34.47
CA GLU HB 151 118.02 -7.99 33.43
C GLU HB 151 117.39 -7.17 32.29
N LEU HB 152 117.63 -7.59 31.04
CA LEU HB 152 116.97 -6.99 29.88
C LEU HB 152 115.91 -7.93 29.36
N TYR HB 153 114.68 -7.46 29.30
CA TYR HB 153 113.58 -8.22 28.71
C TYR HB 153 113.16 -7.52 27.43
N ALA HB 154 112.94 -8.30 26.38
CA ALA HB 154 112.59 -7.74 25.08
C ALA HB 154 112.07 -8.84 24.18
N GLU HB 155 111.22 -8.48 23.23
CA GLU HB 155 110.86 -9.37 22.14
C GLU HB 155 111.39 -8.81 20.84
N LEU HB 156 112.63 -9.18 20.51
CA LEU HB 156 113.33 -8.61 19.36
C LEU HB 156 112.68 -8.99 18.05
N GLU HB 157 112.40 -7.98 17.24
CA GLU HB 157 111.97 -8.23 15.87
C GLU HB 157 112.76 -7.35 14.89
N GLU HB 158 112.78 -7.78 13.64
CA GLU HB 158 113.60 -7.13 12.64
C GLU HB 158 113.17 -5.69 12.49
N ALA HB 159 114.15 -4.79 12.49
CA ALA HB 159 113.92 -3.37 12.27
C ALA HB 159 113.75 -3.03 10.78
N THR HB 160 112.72 -2.23 10.51
CA THR HB 160 112.36 -1.84 9.15
C THR HB 160 113.24 -0.68 8.62
N SER HB 161 113.66 0.22 9.52
CA SER HB 161 114.44 1.39 9.15
C SER HB 161 115.69 1.49 10.00
N PHE HB 162 116.71 2.21 9.53
CA PHE HB 162 117.91 2.42 10.32
C PHE HB 162 117.66 3.41 11.44
N LEU HB 163 116.88 4.43 11.14
CA LEU HB 163 116.68 5.54 12.06
C LEU HB 163 115.36 5.44 12.79
N GLY HB 164 115.36 5.89 14.05
CA GLY HB 164 114.16 6.00 14.86
C GLY HB 164 113.34 7.22 14.49
N LYS HB 165 112.49 7.66 15.40
CA LYS HB 165 111.79 8.92 15.20
C LYS HB 165 112.59 9.93 15.97
N PRO HB 166 112.75 11.14 15.43
CA PRO HB 166 113.60 12.15 16.06
C PRO HB 166 113.03 12.63 17.41
N THR HB 167 113.86 12.57 18.43
CA THR HB 167 113.55 13.11 19.74
C THR HB 167 113.23 14.61 19.68
N LEU HB 168 113.89 15.33 18.78
CA LEU HB 168 113.77 16.79 18.75
C LEU HB 168 113.93 17.34 17.33
N VAL HB 169 113.12 18.33 16.98
CA VAL HB 169 113.31 19.01 15.71
C VAL HB 169 113.57 20.49 15.93
N PHE HB 170 114.62 21.01 15.29
CA PHE HB 170 115.08 22.35 15.59
C PHE HB 170 114.05 23.43 15.29
N ASP HB 171 113.76 24.24 16.30
CA ASP HB 171 112.86 25.36 16.21
C ASP HB 171 113.16 26.33 17.36
N PRO HB 172 113.63 27.55 17.01
CA PRO HB 172 114.08 28.59 17.92
C PRO HB 172 112.97 29.05 18.82
N GLY HB 173 111.77 29.13 18.24
CA GLY HB 173 110.61 29.68 18.92
C GLY HB 173 109.84 28.64 19.72
N VAL HB 174 110.45 27.49 19.96
CA VAL HB 174 109.73 26.44 20.65
C VAL HB 174 110.54 25.71 21.74
N PHE HB 175 110.23 26.16 22.95
CA PHE HB 175 110.57 25.56 24.22
C PHE HB 175 109.26 25.60 25.01
N ASN HB 176 108.58 24.47 25.10
CA ASN HB 176 107.29 24.40 25.77
C ASN HB 176 107.33 24.87 27.22
N GLY HB 177 108.22 24.31 28.00
CA GLY HB 177 108.23 24.55 29.43
C GLY HB 177 108.13 23.24 30.19
N LYS HB 178 107.93 22.15 29.45
CA LYS HB 178 107.99 20.79 30.01
C LYS HB 178 109.42 20.20 29.89
N PHE HB 179 109.86 19.48 30.92
CA PHE HB 179 111.17 18.85 30.89
C PHE HB 179 111.07 17.32 31.02
N GLN HB 180 112.09 16.62 30.53
CA GLN HB 180 112.33 15.25 30.98
C GLN HB 180 113.76 15.12 31.47
N PHE HB 181 113.96 14.23 32.43
CA PHE HB 181 115.30 13.91 32.96
C PHE HB 181 116.02 15.12 33.52
N LEU HB 182 115.27 16.02 34.15
CA LEU HB 182 115.88 17.15 34.84
C LEU HB 182 115.91 16.86 36.33
N THR HB 183 117.05 16.35 36.79
CA THR HB 183 117.26 15.98 38.19
C THR HB 183 118.40 16.80 38.77
N CYS HB 184 118.15 17.44 39.91
CA CYS HB 184 119.17 18.26 40.57
C CYS HB 184 120.03 17.38 41.44
N PRO HB 185 121.34 17.63 41.44
CA PRO HB 185 122.20 16.89 42.37
C PRO HB 185 121.69 17.00 43.80
N PRO HB 186 122.00 16.02 44.64
CA PRO HB 186 121.45 15.94 45.99
C PRO HB 186 121.82 17.16 46.81
N ILE HB 187 120.86 17.62 47.60
CA ILE HB 187 121.03 18.67 48.59
C ILE HB 187 121.13 17.99 49.98
N PHE HB 188 122.04 18.45 50.84
CA PHE HB 188 122.25 17.76 52.13
C PHE HB 188 122.00 18.61 53.36
N PHE HB 189 121.38 18.02 54.38
CA PHE HB 189 121.09 18.72 55.63
C PHE HB 189 121.82 18.05 56.78
N ASP HB 190 122.56 18.82 57.57
CA ASP HB 190 123.25 18.27 58.74
C ASP HB 190 122.27 18.11 59.88
N LEU HB 191 122.44 17.08 60.70
CA LEU HB 191 121.53 16.93 61.85
C LEU HB 191 122.07 17.65 63.07
N THR HB 192 123.24 18.26 62.91
CA THR HB 192 123.83 19.05 63.98
C THR HB 192 123.39 20.50 63.90
N ALA HB 193 122.30 20.72 63.17
CA ALA HB 193 121.78 22.05 62.95
C ALA HB 193 120.29 22.14 63.18
N VAL HB 194 119.89 23.02 64.09
CA VAL HB 194 118.47 23.14 64.42
C VAL HB 194 117.56 23.65 63.28
N THR HB 195 118.09 24.58 62.48
CA THR HB 195 117.46 24.94 61.20
C THR HB 195 118.53 25.09 60.11
N ALA HB 196 118.09 25.17 58.86
CA ALA HB 196 119.07 25.34 57.79
C ALA HB 196 118.42 25.74 56.50
N LEU HB 197 119.22 26.36 55.63
CA LEU HB 197 118.73 26.72 54.30
C LEU HB 197 119.59 26.06 53.23
N ARG HB 198 118.95 25.54 52.19
CA ARG HB 198 119.66 25.13 51.00
C ARG HB 198 119.00 25.74 49.76
N SER HB 199 119.79 26.47 48.98
CA SER HB 199 119.30 27.10 47.77
C SER HB 199 119.51 26.23 46.53
N ALA HB 200 118.51 26.21 45.65
CA ALA HB 200 118.68 25.66 44.32
C ALA HB 200 118.44 26.77 43.30
N GLY HB 201 119.43 27.06 42.47
CA GLY HB 201 119.29 28.13 41.51
C GLY HB 201 118.23 27.80 40.48
N LEU HB 202 117.53 28.81 39.98
CA LEU HB 202 116.51 28.58 38.97
C LEU HB 202 116.90 29.18 37.63
N THR HB 203 118.16 29.56 37.52
CA THR HB 203 118.71 30.03 36.25
C THR HB 203 119.12 28.82 35.40
N LEU HB 204 118.11 28.12 34.87
CA LEU HB 204 118.26 26.79 34.31
C LEU HB 204 119.02 26.70 32.99
N GLY HB 205 119.32 27.82 32.37
CA GLY HB 205 120.07 27.81 31.12
C GLY HB 205 121.57 27.78 31.33
N GLN HB 206 121.97 27.94 32.59
CA GLN HB 206 123.37 27.91 32.98
C GLN HB 206 123.95 26.50 32.73
N VAL HB 207 125.16 26.42 32.17
CA VAL HB 207 125.74 25.11 31.93
C VAL HB 207 126.44 24.61 33.18
N PRO HB 208 126.11 23.38 33.62
CA PRO HB 208 126.59 22.81 34.87
C PRO HB 208 128.05 22.49 34.75
N MET HB 209 128.77 22.47 35.86
CA MET HB 209 130.21 22.22 35.80
C MET HB 209 130.69 21.24 36.83
N VAL HB 210 131.78 20.58 36.50
CA VAL HB 210 132.44 19.67 37.41
C VAL HB 210 133.89 20.05 37.35
N GLY HB 211 134.32 20.82 38.33
CA GLY HB 211 135.64 21.41 38.28
C GLY HB 211 135.70 22.42 37.14
N THR HB 212 136.67 22.24 36.27
CA THR HB 212 136.81 23.12 35.12
C THR HB 212 136.08 22.58 33.90
N THR HB 213 135.44 21.41 34.05
CA THR HB 213 134.73 20.76 32.94
C THR HB 213 133.28 21.22 32.80
N LYS HB 214 132.94 21.76 31.62
CA LYS HB 214 131.57 22.10 31.29
C LYS HB 214 130.82 20.85 30.82
N VAL HB 215 129.64 20.60 31.38
CA VAL HB 215 128.83 19.48 30.95
C VAL HB 215 127.57 19.96 30.22
N TYR HB 216 127.67 20.17 28.90
CA TYR HB 216 126.54 20.59 28.10
C TYR HB 216 125.49 19.51 28.14
N ASN HB 217 124.24 19.92 28.29
CA ASN HB 217 123.14 18.95 28.29
C ASN HB 217 121.89 19.54 27.67
N LEU HB 218 120.96 18.67 27.26
CA LEU HB 218 119.81 19.13 26.52
C LEU HB 218 118.92 20.09 27.30
N ASN HB 219 118.70 19.82 28.58
CA ASN HB 219 117.80 20.67 29.36
C ASN HB 219 118.25 22.12 29.47
N SER HB 220 119.51 22.34 29.84
CA SER HB 220 120.02 23.71 29.92
C SER HB 220 120.04 24.33 28.53
N THR HB 221 120.36 23.52 27.53
CA THR HB 221 120.31 24.01 26.16
C THR HB 221 118.91 24.50 25.78
N LEU HB 222 117.88 23.74 26.13
CA LEU HB 222 116.51 24.14 25.85
C LEU HB 222 116.18 25.46 26.51
N VAL HB 223 116.42 25.56 27.81
CA VAL HB 223 116.14 26.80 28.53
C VAL HB 223 116.86 27.99 27.88
N SER HB 224 118.06 27.77 27.34
CA SER HB 224 118.81 28.87 26.73
C SER HB 224 118.14 29.43 25.47
N CYS HB 225 117.14 28.71 24.98
CA CYS HB 225 116.40 29.11 23.78
C CYS HB 225 115.41 30.22 24.04
N VAL HB 226 115.34 30.60 25.30
CA VAL HB 226 114.40 31.61 25.78
C VAL HB 226 115.21 32.69 26.53
N LEU HB 227 114.64 33.88 26.72
CA LEU HB 227 115.37 34.94 27.43
C LEU HB 227 115.21 34.81 28.94
N GLY HB 228 114.08 34.26 29.34
CA GLY HB 228 113.76 34.03 30.74
C GLY HB 228 112.40 33.40 30.90
N MET HB 229 112.02 33.12 32.15
CA MET HB 229 110.79 32.38 32.42
C MET HB 229 110.23 32.70 33.79
N GLY HB 230 108.92 32.71 33.89
CA GLY HB 230 108.25 32.88 35.16
C GLY HB 230 107.16 31.83 35.19
N GLY HB 231 106.50 31.70 36.31
CA GLY HB 231 105.44 30.71 36.41
C GLY HB 231 105.63 29.85 37.62
N THR HB 232 105.06 28.65 37.58
CA THR HB 232 105.15 27.76 38.71
C THR HB 232 106.03 26.54 38.41
N VAL HB 233 106.98 26.26 39.31
CA VAL HB 233 107.83 25.09 39.19
C VAL HB 233 107.11 23.86 39.75
N ARG HB 234 106.77 22.90 38.89
CA ARG HB 234 106.18 21.63 39.34
C ARG HB 234 107.28 20.58 39.38
N GLY HB 235 107.46 19.96 40.53
CA GLY HB 235 108.47 18.93 40.65
C GLY HB 235 108.16 17.85 41.67
N ARG HB 236 109.16 17.03 41.94
CA ARG HB 236 109.02 15.99 42.95
C ARG HB 236 110.21 16.08 43.90
N VAL HB 237 109.98 15.77 45.17
CA VAL HB 237 111.03 15.76 46.16
C VAL HB 237 111.17 14.35 46.69
N HIS HB 238 112.41 13.87 46.72
CA HIS HB 238 112.71 12.57 47.32
C HIS HB 238 113.57 12.70 48.57
N ILE HB 239 113.10 12.13 49.67
CA ILE HB 239 113.87 12.16 50.89
C ILE HB 239 114.61 10.84 51.01
N CYS HB 240 115.92 10.91 50.83
CA CYS HB 240 116.77 9.72 50.65
C CYS HB 240 117.51 9.32 51.92
N ALA HB 241 116.77 8.90 52.92
CA ALA HB 241 117.36 8.49 54.17
C ALA HB 241 116.58 7.29 54.74
N PRO HB 242 117.15 6.64 55.77
CA PRO HB 242 116.48 5.52 56.45
C PRO HB 242 115.13 5.94 57.09
N ILE HB 243 114.18 5.01 57.29
CA ILE HB 243 112.90 5.34 57.94
C ILE HB 243 113.05 6.06 59.26
N PHE HB 244 114.19 5.88 59.93
CA PHE HB 244 114.40 6.45 61.25
C PHE HB 244 114.98 7.87 61.21
N TYR HB 245 115.25 8.38 60.01
CA TYR HB 245 115.54 9.80 59.79
C TYR HB 245 114.24 10.48 59.39
N SER HB 246 114.09 11.75 59.75
CA SER HB 246 112.91 12.49 59.32
C SER HB 246 113.11 14.00 59.39
N ILE HB 247 112.36 14.71 58.58
CA ILE HB 247 112.58 16.14 58.43
C ILE HB 247 111.28 16.84 58.03
N VAL HB 248 111.20 18.13 58.30
CA VAL HB 248 110.11 18.95 57.76
C VAL HB 248 110.69 20.18 57.08
N LEU HB 249 110.30 20.40 55.82
CA LEU HB 249 110.85 21.48 55.02
C LEU HB 249 109.78 22.49 54.64
N TRP HB 250 110.17 23.77 54.68
CA TRP HB 250 109.41 24.86 54.09
C TRP HB 250 110.08 25.19 52.78
N VAL HB 251 109.37 25.00 51.67
CA VAL HB 251 109.95 25.21 50.35
C VAL HB 251 109.32 26.40 49.66
N VAL HB 252 110.14 27.40 49.36
CA VAL HB 252 109.62 28.66 48.85
C VAL HB 252 110.60 29.34 47.89
N SER HB 253 110.09 30.21 47.03
CA SER HB 253 110.96 30.91 46.10
C SER HB 253 111.33 32.31 46.60
N GLU HB 254 112.59 32.71 46.41
CA GLU HB 254 113.03 34.04 46.83
C GLU HB 254 113.89 34.72 45.79
N TRP HB 255 113.90 36.05 45.82
CA TRP HB 255 114.66 36.82 44.83
C TRP HB 255 115.84 37.55 45.45
N ASN HB 256 117.00 37.38 44.83
CA ASN HB 256 118.22 38.08 45.22
C ASN HB 256 118.50 38.06 46.70
N GLY HB 257 118.97 36.93 47.19
CA GLY HB 257 119.21 36.77 48.60
C GLY HB 257 117.99 36.16 49.27
N THR HB 258 118.02 36.12 50.60
CA THR HB 258 116.92 35.54 51.36
C THR HB 258 116.62 36.49 52.48
N THR HB 259 115.39 36.43 52.98
CA THR HB 259 115.03 37.24 54.14
C THR HB 259 115.65 36.63 55.38
N MET HB 260 115.93 37.48 56.36
CA MET HB 260 116.53 37.02 57.61
C MET HB 260 115.48 36.93 58.70
N ASP HB 261 114.26 37.38 58.38
CA ASP HB 261 113.15 37.43 59.32
C ASP HB 261 112.20 36.24 59.14
N TRP HB 262 112.20 35.34 60.12
CA TRP HB 262 111.37 34.14 60.05
C TRP HB 262 109.90 34.45 59.81
N ASN HB 263 109.42 35.58 60.31
CA ASN HB 263 108.01 35.90 60.14
C ASN HB 263 107.71 36.33 58.73
N GLU HB 264 108.63 37.05 58.11
CA GLU HB 264 108.44 37.44 56.71
C GLU HB 264 108.46 36.17 55.85
N LEU HB 265 109.38 35.26 56.17
CA LEU HB 265 109.54 34.03 55.41
C LEU HB 265 108.24 33.28 55.26
N PHE HB 266 107.43 33.26 56.31
CA PHE HB 266 106.19 32.48 56.29
C PHE HB 266 105.00 33.26 55.79
N LYS HB 267 105.24 34.49 55.37
CA LYS HB 267 104.21 35.27 54.69
C LYS HB 267 104.31 35.04 53.17
N TYR HB 268 105.39 34.38 52.74
CA TYR HB 268 105.56 34.01 51.33
C TYR HB 268 104.71 32.79 51.00
N PRO HB 269 104.40 32.61 49.70
CA PRO HB 269 103.65 31.44 49.24
C PRO HB 269 104.55 30.23 48.99
N GLY HB 270 104.78 29.47 50.05
CA GLY HB 270 105.55 28.24 49.94
C GLY HB 270 104.72 27.01 50.27
N VAL HB 271 105.38 25.85 50.35
CA VAL HB 271 104.72 24.59 50.67
C VAL HB 271 105.54 23.81 51.68
N TYR HB 272 104.88 22.97 52.48
CA TYR HB 272 105.59 22.13 53.42
C TYR HB 272 105.87 20.76 52.80
N VAL HB 273 107.03 20.21 53.08
CA VAL HB 273 107.38 18.87 52.59
C VAL HB 273 107.82 18.04 53.77
N GLU HB 274 107.10 16.96 54.04
CA GLU HB 274 107.41 16.06 55.17
C GLU HB 274 107.92 14.73 54.65
N GLU HB 275 107.68 14.46 53.36
CA GLU HB 275 107.95 13.14 52.81
C GLU HB 275 108.01 13.15 51.29
N ASP HB 276 108.47 12.06 50.69
CA ASP HB 276 108.45 11.90 49.22
C ASP HB 276 107.14 12.44 48.69
N GLY HB 277 107.21 13.19 47.60
CA GLY HB 277 106.00 13.73 46.99
C GLY HB 277 106.26 14.79 45.92
N SER HB 278 105.19 15.29 45.31
CA SER HB 278 105.31 16.37 44.33
C SER HB 278 105.06 17.72 45.03
N PHE HB 279 105.46 18.81 44.37
CA PHE HB 279 105.31 20.15 44.90
C PHE HB 279 105.13 21.15 43.75
N GLU HB 280 104.44 22.25 44.03
CA GLU HB 280 104.36 23.38 43.11
C GLU HB 280 104.74 24.66 43.83
N VAL HB 281 105.75 25.36 43.35
CA VAL HB 281 106.12 26.64 43.93
C VAL HB 281 106.20 27.72 42.86
N LYS HB 282 105.60 28.87 43.15
CA LYS HB 282 105.62 30.02 42.23
C LYS HB 282 107.02 30.62 42.19
N ILE HB 283 107.53 30.87 40.98
CA ILE HB 283 108.79 31.57 40.79
C ILE HB 283 108.61 33.04 41.16
N ARG HB 284 109.29 33.47 42.21
CA ARG HB 284 109.11 34.80 42.77
C ARG HB 284 110.14 35.77 42.23
N SER HB 285 109.69 36.89 41.65
CA SER HB 285 110.60 37.86 41.06
C SER HB 285 109.95 39.21 40.82
N PRO HB 286 110.72 40.29 40.95
CA PRO HB 286 110.26 41.66 40.74
C PRO HB 286 109.73 41.85 39.32
N TYR HB 287 110.15 40.96 38.41
CA TYR HB 287 109.80 41.03 37.00
C TYR HB 287 108.90 39.87 36.61
N HIS HB 288 108.56 39.06 37.62
CA HIS HB 288 107.70 37.88 37.44
C HIS HB 288 108.38 36.77 36.67
N ARG HB 289 109.56 37.07 36.14
CA ARG HB 289 110.36 36.07 35.44
C ARG HB 289 111.79 36.16 35.95
N THR HB 290 112.54 35.05 35.86
CA THR HB 290 113.98 35.05 36.13
C THR HB 290 114.70 34.81 34.79
N PRO HB 291 115.86 35.47 34.60
CA PRO HB 291 116.59 35.32 33.34
C PRO HB 291 117.11 33.90 33.13
N ALA HB 292 117.16 33.47 31.88
CA ALA HB 292 117.59 32.13 31.50
C ALA HB 292 119.08 31.86 31.76
N ARG HB 293 119.92 32.86 31.54
CA ARG HB 293 121.34 32.71 31.79
C ARG HB 293 121.90 33.92 32.54
N LEU HB 294 123.10 33.79 33.07
CA LEU HB 294 123.75 34.89 33.77
C LEU HB 294 124.62 35.78 32.87
N LEU HB 295 124.71 37.06 33.23
CA LEU HB 295 125.68 37.99 32.65
C LEU HB 295 126.96 37.98 33.48
N ALA HB 296 128.00 38.67 33.00
CA ALA HB 296 129.30 38.62 33.67
C ALA HB 296 129.22 39.14 35.10
N GLY HB 297 129.77 38.35 36.04
CA GLY HB 297 129.77 38.74 37.44
C GLY HB 297 128.42 38.72 38.13
N GLN HB 298 127.46 38.05 37.54
CA GLN HB 298 126.20 37.76 38.21
C GLN HB 298 126.28 36.37 38.80
N SER HB 299 125.55 36.17 39.88
CA SER HB 299 125.52 34.88 40.55
C SER HB 299 124.07 34.40 40.51
N GLN HB 300 123.87 33.08 40.49
CA GLN HB 300 122.53 32.53 40.34
C GLN HB 300 121.62 32.92 41.48
N ARG HB 301 122.20 33.15 42.67
CA ARG HB 301 121.39 33.54 43.84
C ARG HB 301 120.87 34.97 43.71
N ASP HB 302 121.49 35.73 42.81
CA ASP HB 302 121.09 37.10 42.50
C ASP HB 302 119.68 37.14 41.91
N MET HB 303 119.25 36.04 41.31
CA MET HB 303 117.94 35.98 40.68
C MET HB 303 116.94 35.18 41.52
N SER HB 304 116.05 34.49 40.83
CA SER HB 304 115.05 33.66 41.49
C SER HB 304 115.64 32.29 41.84
N SER HB 305 115.40 31.85 43.07
CA SER HB 305 115.89 30.56 43.53
C SER HB 305 114.78 29.79 44.21
N LEU HB 306 114.92 28.45 44.20
CA LEU HB 306 114.01 27.53 44.90
C LEU HB 306 114.68 27.17 46.22
N ASN HB 307 114.13 27.67 47.33
CA ASN HB 307 114.78 27.55 48.65
C ASN HB 307 114.19 26.49 49.57
N PHE HB 308 115.07 25.65 50.12
CA PHE HB 308 114.64 24.57 50.99
C PHE HB 308 115.07 24.90 52.41
N TYR HB 309 114.09 25.24 53.23
CA TYR HB 309 114.34 25.57 54.63
C TYR HB 309 113.97 24.39 55.52
N ALA HB 310 114.94 23.87 56.25
CA ALA HB 310 114.65 22.85 57.28
C ALA HB 310 114.12 23.57 58.51
N ILE HB 311 112.83 23.39 58.79
CA ILE HB 311 112.21 24.06 59.92
C ILE HB 311 111.97 23.17 61.15
N ALA HB 312 112.06 21.86 60.93
CA ALA HB 312 112.02 20.90 62.03
C ALA HB 312 112.85 19.68 61.67
N GLY HB 313 113.98 19.50 62.34
CA GLY HB 313 114.92 18.45 61.97
C GLY HB 313 116.00 18.95 61.02
N PRO HB 314 116.66 18.00 60.34
CA PRO HB 314 116.41 16.57 60.44
C PRO HB 314 116.75 16.00 61.83
N ILE HB 315 116.05 14.93 62.20
CA ILE HB 315 116.36 14.18 63.42
C ILE HB 315 116.68 12.72 63.11
N ALA HB 316 117.52 12.12 63.94
CA ALA HB 316 117.80 10.71 63.84
C ALA HB 316 118.18 10.21 65.23
N PRO HB 317 118.13 8.89 65.43
CA PRO HB 317 118.53 8.32 66.73
C PRO HB 317 120.02 8.48 66.89
N SER HB 318 120.54 8.44 68.11
CA SER HB 318 122.00 8.48 68.25
C SER HB 318 122.47 7.06 67.99
N GLY HB 319 123.68 6.89 67.48
CA GLY HB 319 124.53 8.00 67.07
C GLY HB 319 124.68 7.89 65.57
N GLU HB 320 123.71 8.45 64.87
CA GLU HB 320 123.79 8.54 63.44
C GLU HB 320 124.59 9.80 63.14
N THR HB 321 125.28 9.80 62.00
CA THR HB 321 126.14 10.93 61.68
C THR HB 321 125.91 11.42 60.27
N ALA HB 322 125.35 10.54 59.44
CA ALA HB 322 125.07 10.86 58.03
C ALA HB 322 124.19 12.08 57.89
N GLN HB 323 124.44 12.86 56.84
CA GLN HB 323 123.55 13.94 56.47
C GLN HB 323 122.26 13.37 55.84
N LEU HB 324 121.18 14.13 55.89
CA LEU HB 324 119.93 13.73 55.25
C LEU HB 324 119.86 14.38 53.89
N PRO HB 325 119.88 13.57 52.82
CA PRO HB 325 119.87 14.07 51.43
C PRO HB 325 118.44 14.23 50.87
N ILE HB 326 118.24 15.30 50.11
CA ILE HB 326 117.02 15.58 49.38
C ILE HB 326 117.37 15.59 47.88
N VAL HB 327 116.69 14.78 47.09
CA VAL HB 327 116.90 14.84 45.64
C VAL HB 327 115.68 15.49 45.00
N VAL HB 328 115.90 16.60 44.30
CA VAL HB 328 114.80 17.31 43.65
C VAL HB 328 114.74 17.05 42.14
N GLN HB 329 113.55 16.74 41.65
CA GLN HB 329 113.33 16.63 40.21
C GLN HB 329 112.37 17.70 39.75
N ILE HB 330 112.70 18.36 38.64
CA ILE HB 330 111.85 19.40 38.08
C ILE HB 330 111.17 18.87 36.82
N ASP HB 331 109.84 18.85 36.86
CA ASP HB 331 109.06 18.23 35.79
C ASP HB 331 108.62 19.22 34.74
N GLU HB 332 108.09 20.36 35.18
CA GLU HB 332 107.74 21.41 34.23
C GLU HB 332 107.51 22.76 34.89
N ILE HB 333 107.49 23.79 34.05
CA ILE HB 333 106.99 25.09 34.45
C ILE HB 333 105.51 25.14 34.02
N VAL HB 334 104.61 25.03 34.98
CA VAL HB 334 103.17 25.08 34.71
C VAL HB 334 102.68 26.53 34.72
N ARG HB 335 101.67 26.80 33.91
CA ARG HB 335 101.16 28.16 33.78
C ARG HB 335 102.33 29.09 33.52
N PRO HB 336 103.08 28.83 32.43
CA PRO HB 336 104.37 29.49 32.18
C PRO HB 336 104.22 30.91 31.68
N ASP HB 337 105.05 31.80 32.19
CA ASP HB 337 105.14 33.15 31.67
C ASP HB 337 106.49 33.28 30.97
N LEU HB 338 106.53 33.02 29.67
CA LEU HB 338 107.82 32.98 28.99
C LEU HB 338 108.23 34.32 28.42
N SER HB 339 109.54 34.53 28.31
CA SER HB 339 110.07 35.66 27.59
C SER HB 339 110.01 35.41 26.09
N LEU HB 340 110.46 36.38 25.31
CA LEU HB 340 110.70 36.16 23.90
C LEU HB 340 111.69 35.03 23.75
N PRO HB 341 111.59 34.31 22.62
CA PRO HB 341 112.66 33.36 22.31
C PRO HB 341 113.97 34.15 22.21
N SER HB 342 115.10 33.53 22.57
CA SER HB 342 116.37 34.23 22.51
C SER HB 342 116.85 34.38 21.06
N PHE HB 343 116.47 33.44 20.21
CA PHE HB 343 116.78 33.56 18.79
C PHE HB 343 115.53 33.54 17.92
N GLU HB 344 115.60 34.23 16.79
CA GLU HB 344 114.51 34.20 15.84
C GLU HB 344 114.81 33.19 14.76
N ASP HB 345 113.92 33.02 13.79
CA ASP HB 345 114.17 32.09 12.70
C ASP HB 345 115.10 32.77 11.71
N ASP HB 346 116.36 32.79 12.06
CA ASP HB 346 117.33 33.59 11.34
C ASP HB 346 118.64 32.84 11.27
N TYR HB 347 119.61 33.46 10.61
CA TYR HB 347 120.94 32.90 10.56
C TYR HB 347 121.60 33.09 11.91
N PHE HB 348 122.64 32.29 12.18
CA PHE HB 348 123.53 32.52 13.31
C PHE HB 348 124.95 32.12 12.93
N VAL HB 349 125.91 32.55 13.73
CA VAL HB 349 127.28 32.33 13.38
C VAL HB 349 127.72 30.89 13.55
N TRP HB 350 128.28 30.31 12.51
CA TRP HB 350 128.90 29.01 12.60
C TRP HB 350 130.39 29.17 12.90
N VAL HB 351 131.11 29.90 12.04
CA VAL HB 351 132.55 30.04 12.20
C VAL HB 351 133.09 31.31 11.53
N ASP HB 352 134.10 31.93 12.15
CA ASP HB 352 134.88 32.98 11.52
C ASP HB 352 136.30 32.46 11.24
N PHE HB 353 136.79 32.66 10.02
CA PHE HB 353 138.20 32.44 9.71
C PHE HB 353 138.90 33.79 9.55
N SER HB 354 140.08 33.91 10.12
CA SER HB 354 140.81 35.18 10.10
C SER HB 354 142.29 34.93 10.22
N GLU HB 355 143.08 35.99 10.05
CA GLU HB 355 144.53 35.90 10.24
C GLU HB 355 145.15 34.79 9.38
N PHE HB 356 144.88 34.85 8.09
CA PHE HB 356 145.42 33.84 7.17
C PHE HB 356 146.91 34.02 6.98
N THR HB 357 147.66 32.92 7.00
CA THR HB 357 149.11 33.00 6.82
C THR HB 357 149.56 32.58 5.42
N LEU HB 358 148.73 31.80 4.74
CA LEU HB 358 149.02 31.38 3.39
C LEU HB 358 147.95 31.88 2.43
N ASP HB 359 148.36 32.21 1.20
CA ASP HB 359 147.40 32.67 0.20
C ASP HB 359 146.51 31.51 -0.25
N LYS HB 360 147.08 30.30 -0.36
CA LYS HB 360 146.29 29.12 -0.68
C LYS HB 360 145.77 28.45 0.61
N GLU HB 361 144.45 28.46 0.80
CA GLU HB 361 143.84 27.85 1.98
C GLU HB 361 142.66 27.02 1.52
N GLU HB 362 142.51 25.81 2.04
CA GLU HB 362 141.36 24.99 1.69
C GLU HB 362 140.71 24.35 2.91
N ILE HB 363 139.48 24.78 3.21
CA ILE HB 363 138.75 24.34 4.38
C ILE HB 363 137.77 23.23 3.99
N GLU HB 364 138.04 22.00 4.42
CA GLU HB 364 137.13 20.89 4.13
C GLU HB 364 135.98 20.85 5.14
N ILE HB 365 134.76 20.81 4.61
CA ILE HB 365 133.58 20.69 5.43
C ILE HB 365 132.96 19.28 5.28
N GLY HB 366 132.81 18.84 4.05
CA GLY HB 366 132.27 17.53 3.76
C GLY HB 366 130.78 17.52 3.92
N SER HB 367 130.30 16.70 4.86
CA SER HB 367 128.87 16.65 5.11
C SER HB 367 128.58 16.87 6.60
N ARG HB 368 129.53 17.50 7.30
CA ARG HB 368 129.42 17.63 8.76
C ARG HB 368 129.24 19.07 9.23
N PHE HB 369 128.55 19.22 10.36
CA PHE HB 369 128.56 20.46 11.10
C PHE HB 369 129.39 20.21 12.34
N PHE HB 370 130.50 20.94 12.48
CA PHE HB 370 131.49 20.60 13.50
C PHE HB 370 132.47 21.76 13.82
N ASP HB 371 133.37 21.52 14.77
CA ASP HB 371 134.38 22.53 15.12
C ASP HB 371 135.63 22.40 14.25
N PHE HB 372 136.02 23.50 13.63
CA PHE HB 372 137.19 23.55 12.75
C PHE HB 372 138.50 23.74 13.52
N THR HB 373 139.59 23.27 12.94
CA THR HB 373 140.91 23.60 13.46
C THR HB 373 141.81 23.92 12.27
N SER HB 374 142.77 24.81 12.47
CA SER HB 374 143.72 25.14 11.41
C SER HB 374 145.09 25.49 11.98
N ASN HB 375 146.13 25.10 11.25
CA ASN HB 375 147.48 25.47 11.60
C ASN HB 375 147.90 26.72 10.87
N THR HB 376 147.14 27.07 9.84
CA THR HB 376 147.53 28.13 8.93
C THR HB 376 146.68 29.40 9.08
N CYS HB 377 145.62 29.31 9.89
CA CYS HB 377 144.75 30.46 10.17
C CYS HB 377 144.00 30.33 11.48
N ARG HB 378 143.38 31.43 11.89
CA ARG HB 378 142.68 31.47 13.16
C ARG HB 378 141.21 31.10 13.00
N VAL HB 379 140.80 30.06 13.71
CA VAL HB 379 139.41 29.64 13.70
C VAL HB 379 138.72 30.17 14.93
N SER HB 380 137.57 30.82 14.77
CA SER HB 380 136.73 31.23 15.91
C SER HB 380 135.33 30.64 15.77
N MET HB 381 134.99 29.71 16.64
CA MET HB 381 133.75 28.99 16.47
C MET HB 381 132.62 29.72 17.17
N GLY HB 382 131.40 29.60 16.64
CA GLY HB 382 130.25 30.23 17.27
C GLY HB 382 129.70 29.35 18.35
N GLU HB 383 129.16 29.97 19.40
CA GLU HB 383 128.44 29.24 20.43
C GLU HB 383 126.96 29.70 20.48
N ASN HB 384 126.05 28.77 20.18
CA ASN HB 384 124.61 29.03 20.20
C ASN HB 384 123.82 27.75 20.45
N PRO HB 385 122.51 27.88 20.69
CA PRO HB 385 121.74 26.68 21.04
C PRO HB 385 121.82 25.60 19.96
N PHE HB 386 121.85 25.97 18.69
CA PHE HB 386 121.89 24.94 17.66
C PHE HB 386 123.15 24.06 17.83
N ALA HB 387 124.30 24.68 18.00
CA ALA HB 387 125.55 23.97 18.18
C ALA HB 387 125.47 23.06 19.40
N ALA HB 388 124.83 23.54 20.46
CA ALA HB 388 124.67 22.72 21.66
C ALA HB 388 123.77 21.54 21.36
N MET HB 389 122.71 21.77 20.60
CA MET HB 389 121.82 20.67 20.28
C MET HB 389 122.55 19.59 19.46
N ILE HB 390 123.45 20.01 18.60
CA ILE HB 390 124.24 19.06 17.83
C ILE HB 390 125.10 18.22 18.78
N ALA HB 391 125.62 18.86 19.81
CA ALA HB 391 126.50 18.21 20.76
C ALA HB 391 125.76 17.35 21.76
N CYS HB 392 124.48 17.61 21.95
CA CYS HB 392 123.71 16.92 22.97
C CYS HB 392 122.81 15.85 22.40
N HIS HB 393 123.09 15.41 21.17
CA HIS HB 393 122.39 14.28 20.60
C HIS HB 393 123.37 13.34 19.94
N GLY HB 394 123.01 12.06 19.92
CA GLY HB 394 123.87 11.04 19.34
C GLY HB 394 123.99 11.20 17.84
N LEU HB 395 122.86 11.46 17.19
CA LEU HB 395 122.81 11.63 15.75
C LEU HB 395 121.96 12.85 15.36
N HIS HB 396 122.28 13.46 14.21
CA HIS HB 396 121.48 14.56 13.69
C HIS HB 396 121.45 14.48 12.17
N SER HB 397 120.50 15.18 11.56
CA SER HB 397 120.41 15.25 10.11
C SER HB 397 119.54 16.40 9.63
N GLY HB 398 119.98 17.05 8.56
CA GLY HB 398 119.20 18.14 7.99
C GLY HB 398 119.95 18.92 6.92
N VAL HB 399 119.40 20.08 6.57
CA VAL HB 399 120.06 20.94 5.62
C VAL HB 399 120.29 22.32 6.20
N LEU HB 400 121.49 22.84 6.00
CA LEU HB 400 121.84 24.19 6.45
C LEU HB 400 121.98 25.13 5.27
N ASP HB 401 121.30 26.27 5.35
CA ASP HB 401 121.55 27.33 4.38
C ASP HB 401 122.72 28.14 4.90
N LEU HB 402 123.71 28.38 4.05
CA LEU HB 402 124.88 29.14 4.45
C LEU HB 402 124.91 30.54 3.82
N LYS HB 403 125.35 31.51 4.61
CA LYS HB 403 125.70 32.81 4.08
C LYS HB 403 127.17 33.04 4.36
N LEU HB 404 127.94 33.35 3.33
CA LEU HB 404 129.34 33.68 3.51
C LEU HB 404 129.51 35.19 3.34
N GLN HB 405 130.26 35.81 4.25
CA GLN HB 405 130.57 37.22 4.15
C GLN HB 405 132.04 37.43 4.40
N TRP HB 406 132.67 38.35 3.69
CA TRP HB 406 134.08 38.65 3.94
C TRP HB 406 134.46 40.13 3.69
N SER HB 407 135.50 40.60 4.37
CA SER HB 407 135.99 41.95 4.16
C SER HB 407 137.44 41.83 3.72
N LEU HB 408 137.94 42.85 3.01
CA LEU HB 408 139.31 42.79 2.48
C LEU HB 408 140.38 43.29 3.43
N ASN HB 409 141.56 42.68 3.30
CA ASN HB 409 142.74 43.08 4.06
C ASN HB 409 143.64 44.02 3.25
N THR HB 410 143.67 43.81 1.93
CA THR HB 410 144.38 44.69 1.01
C THR HB 410 143.46 45.76 0.40
N GLU HB 411 144.02 46.66 -0.41
CA GLU HB 411 143.22 47.71 -1.04
C GLU HB 411 142.28 47.08 -2.06
N PHE HB 412 141.04 47.55 -2.11
CA PHE HB 412 140.03 47.01 -3.00
C PHE HB 412 140.47 46.99 -4.46
N GLY HB 413 141.14 48.05 -4.89
CA GLY HB 413 141.57 48.19 -6.27
C GLY HB 413 142.65 47.21 -6.66
N LYS HB 414 143.33 46.62 -5.67
CA LYS HB 414 144.40 45.66 -5.93
C LYS HB 414 143.90 44.20 -5.85
N SER HB 415 142.66 44.03 -5.41
CA SER HB 415 142.11 42.68 -5.14
C SER HB 415 141.98 41.80 -6.36
N SER HB 416 142.17 40.50 -6.15
CA SER HB 416 141.99 39.51 -7.20
C SER HB 416 141.60 38.19 -6.53
N GLY HB 417 141.24 37.19 -7.34
CA GLY HB 417 140.94 35.87 -6.82
C GLY HB 417 139.50 35.68 -6.38
N SER HB 418 139.27 34.67 -5.54
CA SER HB 418 137.92 34.19 -5.25
C SER HB 418 137.78 33.44 -3.96
N VAL HB 419 136.54 33.42 -3.46
CA VAL HB 419 136.08 32.43 -2.49
C VAL HB 419 135.33 31.40 -3.33
N THR HB 420 135.89 30.19 -3.43
CA THR HB 420 135.25 29.13 -4.23
C THR HB 420 134.61 28.07 -3.34
N ILE HB 421 133.37 27.71 -3.64
CA ILE HB 421 132.70 26.64 -2.91
C ILE HB 421 132.68 25.40 -3.78
N THR HB 422 133.49 24.42 -3.45
CA THR HB 422 133.50 23.15 -4.17
C THR HB 422 132.40 22.21 -3.63
N LYS HB 423 131.53 21.75 -4.52
CA LYS HB 423 130.44 20.87 -4.11
C LYS HB 423 130.53 19.57 -4.88
N LEU HB 424 130.78 18.47 -4.19
CA LEU HB 424 130.93 17.18 -4.84
C LEU HB 424 129.93 16.19 -4.27
N VAL HB 425 129.85 15.03 -4.92
CA VAL HB 425 129.21 13.86 -4.32
C VAL HB 425 130.24 12.74 -4.29
N GLY HB 426 130.63 12.33 -3.10
CA GLY HB 426 131.71 11.38 -2.97
C GLY HB 426 132.80 11.99 -2.10
N ASP HB 427 133.98 12.14 -2.69
CA ASP HB 427 135.11 12.74 -2.01
C ASP HB 427 135.98 13.45 -3.03
N LYS HB 428 137.02 14.12 -2.54
CA LYS HB 428 137.89 14.90 -3.40
C LYS HB 428 138.47 14.01 -4.51
N ALA HB 429 138.75 12.75 -4.18
CA ALA HB 429 139.45 11.83 -5.09
C ALA HB 429 138.63 11.22 -6.24
N MET HB 430 137.39 10.82 -5.97
CA MET HB 430 136.58 10.08 -6.95
C MET HB 430 135.18 10.64 -7.10
N GLY HB 431 134.96 11.85 -6.57
CA GLY HB 431 133.62 12.44 -6.53
C GLY HB 431 133.02 12.93 -7.85
N LEU HB 432 131.73 13.20 -7.82
CA LEU HB 432 131.01 13.76 -8.95
C LEU HB 432 130.83 15.24 -8.69
N ASP HB 433 130.70 16.03 -9.75
CA ASP HB 433 130.66 17.48 -9.60
C ASP HB 433 129.24 18.04 -9.50
N GLY HB 434 128.96 18.72 -8.41
CA GLY HB 434 127.65 19.30 -8.18
C GLY HB 434 127.65 20.80 -8.45
N PRO HB 435 126.85 21.54 -7.69
CA PRO HB 435 126.72 23.01 -7.82
C PRO HB 435 127.88 23.77 -7.17
N SER HB 436 129.10 23.43 -7.58
CA SER HB 436 130.29 24.20 -7.19
C SER HB 436 130.11 25.63 -7.69
N HIS HB 437 130.82 26.57 -7.09
CA HIS HB 437 130.42 27.94 -7.24
C HIS HB 437 131.64 28.83 -7.00
N VAL HB 438 131.91 29.73 -7.94
CA VAL HB 438 133.06 30.63 -7.82
C VAL HB 438 132.60 32.05 -7.54
N PHE HB 439 132.89 32.55 -6.34
CA PHE HB 439 132.56 33.92 -6.01
C PHE HB 439 133.82 34.77 -6.17
N ALA HB 440 133.86 35.63 -7.17
CA ALA HB 440 134.98 36.56 -7.28
C ALA HB 440 135.09 37.29 -5.96
N ILE HB 441 136.31 37.48 -5.48
CA ILE HB 441 136.52 38.06 -4.16
C ILE HB 441 135.82 39.41 -3.98
N GLN HB 442 135.63 40.14 -5.08
CA GLN HB 442 134.96 41.44 -5.05
C GLN HB 442 133.48 41.38 -4.74
N LYS HB 443 132.85 40.21 -4.87
CA LYS HB 443 131.45 40.06 -4.49
C LYS HB 443 131.25 40.29 -3.00
N LEU HB 444 132.24 39.88 -2.21
CA LEU HB 444 132.28 40.17 -0.79
C LEU HB 444 131.25 39.39 0.00
N GLU HB 445 130.51 38.53 -0.69
CA GLU HB 445 129.53 37.64 -0.06
C GLU HB 445 129.01 36.58 -1.03
N GLY HB 446 128.48 35.50 -0.48
CA GLY HB 446 127.94 34.43 -1.29
C GLY HB 446 127.07 33.50 -0.46
N THR HB 447 126.26 32.69 -1.13
CA THR HB 447 125.37 31.76 -0.43
C THR HB 447 125.48 30.34 -0.98
N THR HB 448 125.19 29.36 -0.14
CA THR HB 448 125.16 27.97 -0.58
C THR HB 448 124.33 27.13 0.41
N GLU HB 449 123.93 25.93 0.00
CA GLU HB 449 123.30 24.99 0.92
C GLU HB 449 124.33 23.94 1.34
N LEU HB 450 124.16 23.39 2.54
CA LEU HB 450 125.00 22.26 2.99
C LEU HB 450 124.16 21.10 3.51
N LEU HB 451 124.33 19.92 2.92
CA LEU HB 451 123.63 18.75 3.43
C LEU HB 451 124.43 18.23 4.59
N VAL HB 452 123.81 18.24 5.78
CA VAL HB 452 124.40 17.59 6.95
C VAL HB 452 123.73 16.22 7.12
N GLY HB 453 124.42 15.18 6.65
CA GLY HB 453 123.87 13.84 6.58
C GLY HB 453 124.67 12.96 5.63
N ASN HB 454 124.09 11.84 5.22
CA ASN HB 454 124.78 10.89 4.35
C ASN HB 454 123.82 9.79 3.93
N PHE HB 455 124.31 8.84 3.13
CA PHE HB 455 123.44 7.79 2.62
C PHE HB 455 122.68 7.04 3.70
N ALA HB 456 123.29 6.89 4.87
CA ALA HB 456 122.66 6.17 5.96
C ALA HB 456 121.51 6.93 6.61
N GLY HB 457 121.60 8.26 6.61
CA GLY HB 457 120.51 9.10 7.03
C GLY HB 457 120.80 10.11 8.14
N ALA HB 458 121.92 9.97 8.83
CA ALA HB 458 122.23 10.83 9.97
C ALA HB 458 123.72 10.84 10.31
N ASN HB 459 124.18 11.89 10.97
CA ASN HB 459 125.59 12.00 11.34
C ASN HB 459 125.74 11.82 12.84
N PRO HB 460 126.77 11.09 13.26
CA PRO HB 460 127.20 11.07 14.65
C PRO HB 460 127.95 12.37 14.95
N ASN HB 461 128.16 12.66 16.22
CA ASN HB 461 128.86 13.88 16.56
C ASN HB 461 130.36 13.61 16.70
N THR HB 462 130.89 12.82 15.78
CA THR HB 462 132.30 12.47 15.75
C THR HB 462 132.74 12.47 14.29
N ARG HB 463 134.00 12.16 14.04
CA ARG HB 463 134.43 11.91 12.67
C ARG HB 463 133.91 10.51 12.26
N PHE HB 464 133.52 10.39 10.99
CA PHE HB 464 132.98 9.14 10.46
C PHE HB 464 133.24 9.21 8.97
N SER HB 465 133.16 8.08 8.29
CA SER HB 465 133.31 8.07 6.85
C SER HB 465 132.13 7.36 6.18
N LEU HB 466 131.12 8.13 5.75
CA LEU HB 466 129.99 7.55 5.04
C LEU HB 466 129.66 8.35 3.77
N TYR HB 467 129.57 7.65 2.63
CA TYR HB 467 129.32 8.29 1.34
C TYR HB 467 128.21 9.33 1.42
N SER HB 468 128.52 10.56 0.99
CA SER HB 468 127.53 11.63 0.99
C SER HB 468 127.96 12.73 0.03
N ARG HB 469 127.22 13.83 0.04
CA ARG HB 469 127.69 15.06 -0.60
C ARG HB 469 128.90 15.61 0.16
N TRP HB 470 129.72 16.39 -0.52
CA TRP HB 470 130.98 16.83 0.04
C TRP HB 470 131.23 18.29 -0.32
N MET HB 471 131.54 19.11 0.69
CA MET HB 471 131.75 20.54 0.46
C MET HB 471 133.10 21.03 0.95
N ALA HB 472 133.67 22.03 0.28
CA ALA HB 472 134.92 22.63 0.69
C ALA HB 472 134.97 24.10 0.30
N ILE HB 473 135.60 24.93 1.12
CA ILE HB 473 135.79 26.34 0.77
C ILE HB 473 137.24 26.51 0.35
N LYS HB 474 137.47 27.09 -0.82
CA LYS HB 474 138.82 27.24 -1.38
C LYS HB 474 139.19 28.70 -1.56
N LEU HB 475 140.17 29.16 -0.78
CA LEU HB 475 140.71 30.50 -0.93
C LEU HB 475 142.01 30.48 -1.77
N ASP HB 476 142.16 31.41 -2.70
CA ASP HB 476 143.40 31.49 -3.48
C ASP HB 476 144.21 32.75 -3.18
N GLN HB 477 143.58 33.68 -2.49
CA GLN HB 477 144.20 34.95 -2.12
C GLN HB 477 143.88 35.26 -0.69
N ALA HB 478 143.99 34.26 0.17
CA ALA HB 478 143.47 34.34 1.52
C ALA HB 478 144.08 35.47 2.31
N LYS HB 479 145.30 35.85 2.00
CA LYS HB 479 145.97 36.93 2.74
C LYS HB 479 145.29 38.30 2.49
N SER HB 480 144.50 38.36 1.43
CA SER HB 480 143.74 39.58 1.10
C SER HB 480 142.41 39.63 1.82
N ILE HB 481 142.14 38.63 2.66
CA ILE HB 481 140.88 38.60 3.40
C ILE HB 481 141.11 38.87 4.89
N LYS HB 482 140.39 39.85 5.43
CA LYS HB 482 140.56 40.16 6.85
C LYS HB 482 139.75 39.20 7.70
N VAL HB 483 138.59 38.81 7.19
CA VAL HB 483 137.74 37.83 7.86
C VAL HB 483 136.77 37.17 6.88
N LEU HB 484 136.62 35.87 7.01
CA LEU HB 484 135.62 35.11 6.28
C LEU HB 484 134.63 34.59 7.30
N ARG HB 485 133.41 35.10 7.30
CA ARG HB 485 132.41 34.66 8.25
C ARG HB 485 131.39 33.73 7.61
N VAL HB 486 131.07 32.63 8.28
CA VAL HB 486 130.08 31.69 7.77
C VAL HB 486 128.88 31.62 8.71
N LEU HB 487 127.73 32.11 8.25
CA LEU HB 487 126.49 31.96 9.01
C LEU HB 487 125.66 30.82 8.44
N CYS HB 488 124.86 30.18 9.29
CA CYS HB 488 123.96 29.14 8.82
C CYS HB 488 122.57 29.31 9.41
N LYS HB 489 121.59 28.75 8.71
CA LYS HB 489 120.18 28.77 9.11
C LYS HB 489 119.55 27.44 8.73
N PRO HB 490 119.26 26.62 9.73
CA PRO HB 490 118.74 25.27 9.48
C PRO HB 490 117.39 25.35 8.78
N ARG HB 491 117.23 24.59 7.71
CA ARG HB 491 115.94 24.41 7.07
C ARG HB 491 115.03 23.60 7.95
N PRO HB 492 113.74 23.87 7.86
CA PRO HB 492 112.73 23.26 8.71
C PRO HB 492 112.86 21.76 8.66
N GLY HB 493 112.75 21.11 9.81
CA GLY HB 493 112.85 19.66 9.87
C GLY HB 493 114.25 19.14 10.19
N PHE HB 494 115.13 20.02 10.65
CA PHE HB 494 116.46 19.57 11.04
C PHE HB 494 116.29 18.72 12.30
N SER HB 495 116.74 17.47 12.22
CA SER HB 495 116.37 16.47 13.22
C SER HB 495 117.51 16.01 14.10
N PHE HB 496 117.17 15.72 15.36
CA PHE HB 496 118.10 15.21 16.34
C PHE HB 496 117.61 13.89 16.91
N TYR HB 497 118.53 12.93 17.08
CA TYR HB 497 118.20 11.62 17.60
C TYR HB 497 118.98 11.27 18.86
N GLY HB 498 118.27 10.76 19.87
CA GLY HB 498 118.89 10.27 21.10
C GLY HB 498 119.55 11.32 21.99
N ARG HB 499 118.79 11.86 22.94
CA ARG HB 499 119.32 12.89 23.82
C ARG HB 499 120.47 12.35 24.67
N THR HB 500 121.53 13.15 24.80
CA THR HB 500 122.69 12.78 25.60
C THR HB 500 123.39 14.06 26.11
N SER HB 501 124.66 13.92 26.48
CA SER HB 501 125.42 15.08 26.96
C SER HB 501 126.81 15.13 26.35
N PHE HB 502 127.53 16.20 26.68
CA PHE HB 502 128.80 16.48 26.05
C PHE HB 502 129.72 17.27 26.95
N PRO HB 503 130.56 16.56 27.71
CA PRO HB 503 131.56 17.20 28.57
C PRO HB 503 132.78 17.71 27.79
N VAL HB 504 133.19 18.94 28.08
CA VAL HB 504 134.43 19.51 27.53
C VAL HB 504 135.19 20.24 28.63
#